data_9EUF
#
_entry.id   9EUF
#
_cell.length_a   1.00
_cell.length_b   1.00
_cell.length_c   1.00
_cell.angle_alpha   90.00
_cell.angle_beta   90.00
_cell.angle_gamma   90.00
#
_symmetry.space_group_name_H-M   'P 1'
#
loop_
_entity.id
_entity.type
_entity.pdbx_description
1 polymer 'DUF4815 domain-containing protein'
2 polymer 'Receptor binding protein'
3 polymer 'CBM-cenC domain-containing protein'
4 polymer 'NlpC/P60 domain-containing protein'
5 polymer 'GP-PDE domain-containing protein'
6 polymer 'Baseplate component'
7 polymer 'Peptidase C51 domain-containing protein'
8 polymer 'Baseplate component'
9 polymer TmpF
10 polymer 'Baseplate wedge subunit'
11 polymer 'Putative baseplate component'
12 polymer 'Major tail sheath protein'
13 polymer 'Capsid protein'
14 polymer 'Baseplate protein'
#
loop_
_entity_poly.entity_id
_entity_poly.type
_entity_poly.pdbx_seq_one_letter_code
_entity_poly.pdbx_strand_id
1 'polypeptide(L)'
;MAINFKGSPYLDRFDPSKDRTKVLFNPDRPLQQAELNEMQSIDQYYLKNLGDAIFKDGDKQSGLGFTLSEDNVLTVNPGY
VYINGKIRYYDNDDSVKITGVGKETIGIKLTERIVTPDEDASLLDQTSGVPSYFSKGADRLEEKMSLTVNDPTSATIYTF
MDGDLYIQSTNAEMDKINKVLAERTYDESGSYKVNGFELFSEGNAEDDDHVSVVVDAGKAYVKGFKVDKPVSTRISVPKS
YDLGTAENESTIFNKSNNSISLANSPVKEIRRVTGQVLIEKERVTRGAQGDGQDFLSNNTAFEIVKVWTETSPGVTTKEY
KQGEDFRLTDGQTIDWSPQGQEPSGGTSYYVSYKYNKRMEAGKDYEVTTQGEGLSKKWYINFTPSNGAKPIDQTVVLVDY
TYYLARKDSVFINKYGDIAILPGEPNIMRLVTPPLNTDPENLQLGTVTVLPDSDEAVCISFAITRLSMEDLQKVKTRVDN
LEYNQAVNALDDGAMEGQNPLTLRSVFSEGFISLDKADITHPDFGIVFSFEDAEATLAYTEAVNQPKIIPGDTTAHIWGR
LISAPFTEERTIYQGQASETLNVNPYNIPNKQGVLKLTPSEDNWIDTENVTITEQKTKKVTMKRFWRHNESYYGETEHYL
YSNLQLDAGQKWKGETYAYDREHGRTGTLLESGGQRTLEEMIEFIRIRDVSFEVKGLNPNDNNLYLLFDGVRCAITPATG
YRKGSEDGTIMTDAKGTAKGKFTIPAGIRCGNREVTLKNANSTSATTYTAQGRKKTAQDIIIRTRVTVNLVDPLAQSFQY
DENRTISSLGLYFASKGDKQSNVVIQIRGMGDQGYPNKTIYAETVMNADDIKVSNNASAETRVYFDDPMMAEGGKEYAIV
IITENSDYTMWVGTRTKPKIDKPNEVISGNPYLQGVLFSSSNASTWTPHQNSDLKFGIYTSKFNETATIEFEPIKDVSAD
RIVLMSTYLTPERTGCTWEMKLILDDMASSTTFDQLKWEPIGNYQDLDVLGLARQVKLRATFESNRYISPLMSSSDLTFT
TFLTELTGSYVGRAIDMTEAPYNTVRFSYEAFLPKGTKVVPKYSADDGKTWKTFTKSPTTTRANNEFTRYVIDEKVKSSG
TNTKLQVRLDLSTENSFLRPRVRRLMVTTRDE
;
0,1,2,3,4,h,i,j,k,l,m,z
2 'polypeptide(L)'
;MALNFTTITENNVIRDLTTQVNNIGEELTKERNIFDITDDLVYNFNKSQKIKLTDDKGLTKSYGNITALRDIKEPGYYYI
GARTLATLLDRPDMESLDVVLHVVPLDTSSKVVQHLYTLSTNNNQIKMLYRFVSGNSSSEWQFIQGLPSNKNAVISGTNI
LDIASPGVYFVMGMTGGMPSGVSSGFLDLSVDANDNRLARLTDAETGKEYTSIKKPTGTYTAWKKEFEPKDMEKYLLSSI
RDDGSASFPLLVYTSDSKTFQQAIIDHIDRTGQTTFTFYVQGGVSGSPMSNSCRGLFMSDTPNTSSLHGVYNAIGTDGRN
VTGSVVGSNWTSPKTSPSHKELWTGAQSFLSTGTTKNLSDDISNYSYVEVYTTHKTTEKTKGNDNTGTICHKFYLDGSGT
YVCSGTFVSGDRTDTKPPITEFYRVGVSFKGSTWTLVDSAVQNSKTQYVTRIIGINMP
;
5,6,7,n,o,p
3 'polypeptide(L)'
;MAFNYTPLTETQKLKDMYPKVNDIGNFLKTEVNLSDVKQISQPDFNNILASIPDSGNYYVTNSKGAPSGEATAGFVRLDK
RNVNYYKIYYSPYSSNKMYIKTYANGTVYDWISFKLDEGSLYNEGNTLNVKELTESTTQYATLVNPPKENLNTGWVNYKE
SKNGVSSLVEFNPVNSTSTFKMIRKLPVQEQKPNLLKDSLFVYPETSYSNIKTDNWDTPPFWGYSSNSGRSGVRFRGENT
VQIDDGSDTYPSVVSNRFKMGKELSVGDTVTVSVYAKINDPALLKDNLVYFELAGYDTVDDTSKNPYTGGRREITASEIT
TEWKKYSFTFTIPENTIGASGVKVNYVSLLLRMNCSSSKGNGAVVYYALPKLEKSSKVTPFITHENDVRKYDEIWSNWQE
VISKDELKGHSPVDIEYNDYFKYQWWKSEVNEKSLKDLAMTVPQGYHTFYCQGSIAGTPKGRSIRGTIQVDYDKCDPYRA
NKFVKLLFTDTEGIPYTLYYGGYNQGWKPLKQSETSTLLWKGTLDFGSTEAVNLNDSLDNYDLIEVTYWTRSAGHFSTKR
LDIKNTSNLLYIRDFNISNDSTGSSVDFFEGYCTFPTRTSVQPGMVKSITLDGSTNTTKVASWNEKERIKVYNIMGINRG
;
8,9,AA,q,r,s
4 'polypeptide(L)'
;MATDKEAKDVIDKFIDNVFNFDVLTKERIKEKDEEIKKITTDDMYEKVVYIRPYVGVIQSLNPQHVQYESFSNNGYDIEA
ELSFRKVSYLVDKGSIPTDSLSTLTVHLVERNQELLIDYFDEIQDVLYGEYMEEEYVFDEDVPLSTILALDLNDNLKSLS
NIKYMFKGAPKENPFGTDKDVYIDTYNLLYWLYLGEDEELAYPMNINYFFTEGRFFTIFGKGHKYKVDVSKFIVGDILFF
GRSDTNIGIYVGDGEFISMMGKFPKDETPIGKYKLDDYWNEFNGRVMRFDEEVYI
;
A
5 'polypeptide(L)'
;MVVRFQSSMGRSLKRVDSDDLNVKGLVLATVSKINYKYQSVEVKVNNLTLGSRIGDDGSLAVPYPKSFIGRTPEGSVFGT
KPLITEGSVVLIGFLNDDINSPIILSVYGDNEQNKMINTNPLDGGKFDTESVYKYSSSLYEILPSLNYKYDDGEGTSIRT
YNGKSFFSMTSGEEEKPQATDFYTGTEYQDLFTSYYGNKTLIEPRIQKAPNMLFKHQGVFYDDGTPDNHITTLFISERGD
IRASVLNTETQKRTTQEMSSDGSYRVIKQDDDLMLDEAQVWIEYGISEDNKFYIKNDKHKFEFTDEGIYIDDKPMLENLD
ESIAEAMKNLNEIQKELDDINYLLKGVGKDNLEELIESTKESIEASKKATSDVNRLTTQIAEVSGRTEGIITQFQKFRDE
TFKDFYEDASTVINEVNQNFPTMKTDVKTLKTKVDNLEKTEIPNIKTRLTELENNNNNADKIISDRGEHIGAMIQLEENV
TVPMRKYMPIPWSKVTYNNAEFWDSNNPTRLVVPKGITKVRVAGNVLWDSNATGQRMLRILKNGTYSIGLPYTRDVAIST
APQNGTSGVIPVKEGDYFEFEAFQDSEGDRQFRADPYTWFSIEAIELETETMEKDFMLIGHRGATGYTDEHTIKGYQMAL
DKGADYIELDLQLTKDNKLLCMHDSTIDRTTTGTGKVGDMTLSYIQTNFTSLNGEPIPSLDDVLNHFGTKVKYYIETKRP
FDANMDRELLTQLKAKGLIGIGSERFQVIIQSFARESLINIHNQFSNIPLAYLTSTFSESEMDDCLSYGFYAIAPKYTTI
TKELVDLAHSKGLKVHAWTVNTKEEMQSLIQMGVDGFFTNYLDEYKKI
;
B
6 'polypeptide(L)'
;MKTRKLTNILSKLIDKTMAGTSKITDFTPGSASRSLLEAVSLEIEQFYILTKENIDWGIQEGIIEAFDFQKRQSKRAYGD
VTIQFYQPLDMRMYIPAGTTFTSTRQEYPQQFETLVDYYAEPDSTEIVVEVYCKETGVAGNVPEGTINTIASGSSLIRSV
NNEYSFNTGTKEESQEDFKRRFHSFVESRGRATNKSVRYGALQIPDVEGVYVYEETGHITVFAHDRNGNLSDTLKEDIID
ALQDYRPSGIMLDVTGVEKEEVNVSATVTISNKSRIGDTLQKHIESVIRSYLNNLKTSDDLIITDLIQAIMNIDDVLIYD
VSFDNLDENIIVPPQGIIRAGEIKVELK
;
C,D,I,K
7 'polypeptide(L)'
;MRRIRRPKVRIEIVTDDNTFTLRFEDTRDYNGDEFGAKLLGFQTKNSMEDDSSVFQINMAGDTYWDKLVMANDIIRIFIT
PNDDPNDKEGKQERLIQVGMVSQVSKVGSYGNDQTQFRITGQSFVKPFMKFGLGVIQEVQAVLPEVGWLIDGDGDNEVKF
TGSSAHEVMTGIIRRFIPYMKYNYTEKTYNTIDNYLDYDDLSSWDEFEKLTEVSAFTNFDGSLKQLMDMVTARPFNELFF
KNSEKTPGKAQLVLRKTPFNPTEWRALDMIKVPTEDFIEEDVGKSDVETYSIFTATPAGMLKELNGDVFSKPQFHPELTD
RYGYTKFEVENIYLSTKSGSATEDSDSSGDDNGTERGTYSKIMKDLSNYGRDNISKGIDKYTSKLSSKYKNLKKAQAKKI
IEKFVKEGKVTEKEYEKITGNKVDDELTSDNRPKLTKDKLKSILKEKFKTQDDFNNSKKKKKAKTDALKELTTKYRFGNK
THATTLLDEYIKYKGEPPNDEAFDKYLKAIEGVSNVATDTGSDASDSPLVMFSRMLFNWYHGNPNFYAGDIIVLGDPKYD
LGKRLFIEDKQRGDTWEFYIESVEHKFDYKQGYYTTVGVTRGLKDAILEDGKGSPHRFAGLWNQSSDFMGGLMGEDTSKE
LKEKGVAEKQSSGDKDGGSDSGGAQDGGSLDSLKKYNGKLPKHDPSFVQPGNRHYKYQCTWYAYNRRGQLGIPVPLWGDA
ADWIGGAKGAGYGVGRTPKQGACVIWQRGVQGGSPQYGHVAFVEKVLDGGKKIFISEHNYATPNGYGTRTIDMSSAIGKN
AQFIYDKK
;
E
8 'polypeptide(L)'
;MNNFIPQPQGLLRFLNTLDTDLTSSHMNLLDEEVSFVSKFYTPQLQLSELAKKVLTNIKTDDIPVLEREFNDNTIIHKAN
DTLLKVQAPRMYMILQSIVLEAYAIVNCFVENPSSLKYLTEEDVSITRENLNYVADYLGNYDDYNSVVLDLRDLDLCFSA
IELQLPLIKKEANV
;
F,G
9 'polypeptide(L)'
;MANFLKNLHPLLRRDRNKKDNQDPNFALIDALNEEMNQVEKDAIESKLQSSLKTSTSEYLDKFGDWFGVYRKTDEKDDVY
RARIIKYLLLKRGTNNAIIDAIKDYLGRDDIDVSVYEPFTNIFYTNKSHLNGEDHLMGYYYRFAVINVSIGDYFPVEIID
VINEFKPAGVTLYVTYDGASTIRGGAIIKWLDGLPKIETYQEFDRFTGYDDTFYGHINMNQSKDTDNSSSDIFKTNHSLI
NSLDVLTGSSSVGRQYINYGYVTSYVYNPGMTSSVNQISASTEGRGQEVPTDYYMYTSTKNNNTVELSMQTTSGVSYLYN
NFNFRDYMSKYRPQVDLQSDEARRIVSDYIKELSIDYYLSAVIPPDESIEIKLQVYDFSINRWLTVSINNLSFYEKNIGS
NIGYIKDYLNSELNMFTRLEINAGKRDSVDIKVNYLDLMFYYYERGIYTIKPYKALIENYLDISRETYVEAFKIASLSNG
DIITKTGFQPIGYLKLVGNYENTIPSTINIVAKDTDNNPIESNELDVYNTVENRNLLQSYKGVNTIAREITSTKEFTVSG
WAKEIYSTNYLSKVLKPGKVYTLSFDMEITGNDPTLKSYSDNHGIYLYSNTKGIVVNGVKSMERTIGNKVSVTQTFTAPT
ITDHRLLIYTGRYTSDGKASTPPVFFNTVKITELKLTEGSSKLEYSPAPEDKPNVIEKGIKFNNILTNIQTLSINSDTIL
KNVTLYYSYYGDSWVELKTLGNISTGETTETNNLIDLYGLQTVDYSNINPMSKVSLRSIWNVKLGELNNQEGSLSNMPND
YFNAVWQDIDKLSDIELGSMRMVKDTEGGVFDGATGEIIKATLFNVGAYTDLDMLAYTLTNYTEPLTLGSSRLISELKEE
LLTSESFNVDNRIKVIDSIYEELPNTSIIKNGFVEREVTGSKYLDYGLYEPIEDGTRYKLIVEGEFKDNIEFISLYNSNP
NFNETFIYPSEIINGVAEKEFIAKPSTEDKPRLNTDVRIYIRPYDSTISKVRRVELRKV
;
H,J
10 'polypeptide(L)'
;MRFKKHVVQHEETMQAIAQRYYGDVSYWIDLVEHNNLKYPYLVETDEEKMKDPERLASTGDTLIIPIESDLTDVSAKEIN
SRDKDVLVELALGRDLNITADEKYFNEHGTSDNILAFSTNGNGDLDTVKGIDNMKQQLQARLLTPRGSLMLHPNYGSDLH
NLFGLNIPEQATLIEMEVLRTLTSDNRVKSANLIDWKIQGNVYSGQFSVEIKSVEESINFVLGQDEEGIFALFE
;
L,O
11 'polypeptide(L)'
;MPQSDGISNLHRIALRFPKEGGGYDMYRFKVNPENYTIDSPQRTTAIKTKSDIVIEDYGKDIEVINFTGTTGFRPVREAD
GLKTGKQKMEELQSRVSEYAMQGGSGNVSGSYLQFFNFTDDSYYKVHLAPQGLKITRSKDEPLLFRYEITLVVIGSLTEA
DRSAVTTEEFGNVKPNASQRVDEGIKELDKNARKTRDRNNQEISRRENTIPKSTGDNTNEGNRLKQSFPSSSIYNPRQST
NGLKGNIDNMALIIGYGDGGVSS
;
M,N
12 'polypeptide(L)'
;MAVEPFPRRPITRPHASIEVDTSGIGGSAGSSEKVFCLIGQAEGGEPNTVYELRNYSQAKRLFRSGELLDAIELAWGSNP
NYTAGRILAMRIEDAKPASAEIGGLKITSKIYGNVANNIQVGLEKNTLSDSLRLRVIFQDDRFNEVYDNIGNIFTIKYKG
EEANATFSVEHDEETQKASRLVLKVGDQEVKSYDLTGGAYDYTNAIITDINQLPDFEAKLSPFGDKNLESSKLDKIENAN
IKDKAVYVKAVFGDLEKQTAYNGIVSFEQLNAEGEVPSNVEVEAGEESATVTATSPIKTIEPFELTKLKGGTNGEPPATW
ADKLDKFAHEGGYYIVPLSSKQSVHAEVASFVKERSDAGEPMRAIVGGGFNESKEQLFGRQASLSNPRVSLVANSGTFVM
DDGRKNHVPAYMVAVALGGLASGLEIGESITFKPLRVSSLDQIYESIDLDELNENGIISIEFVRNRTNTFFRIVDDVTTF
NDKSDPVKAEMAVGEANDFLVSELKVQLEDQFIGTRTINTSASIIKDFIQSYLGRKKRDNEIQDFPAEDVQVIVEGNEAR
ISMTVYPIRSFKKISVSLVYKQQTLQA
;
P,Q,T,U,X,Y
13 'polypeptide(L)'
;MASEAKQTVHTGNTVLLMIKGKPVGRAQSASGQREYGTTGVYEIGSIMPQEHVYLRYEGTITVERLRMKKENFADLGYAS
LGEEILKKDIIDILVVDNLTKQVIISYHGCSANNYNETWQTNEIVTEEIEFSYLTASDKART
;
R,S,V,W,Z,a
14 'polypeptide(L)'
;MAIATYNSHVELAKYLVSKADSVYLTIGKSTPWSNETNPPQPDENATVLQEVIGYKKATKVTLVRPSKSPEDDNKNLISY
GNKSWVEVTPENAKAEGAKWVYLESSIVGDELPLGTYRQVGFVMDLVAKSGISKFNLVPSEVESTGTLLFFDNKQFQNRS
EQTTAKERFIVEVDPNSSSVDKLAAALEHHHHHH
;
b,c,d,e,f,g,t,u,v,w,x,y
#
# COMPACT_ATOMS: atom_id res chain seq x y z
N ILE A 3 87.22 1.85 37.63
CA ILE A 3 86.11 2.65 37.05
C ILE A 3 85.92 3.96 37.88
N ASN A 4 85.81 5.14 37.26
CA ASN A 4 85.71 6.46 37.92
C ASN A 4 84.60 7.34 37.31
N PHE A 5 83.44 7.45 37.97
CA PHE A 5 82.32 8.31 37.54
C PHE A 5 82.58 9.80 37.77
N LYS A 6 83.70 10.22 38.40
CA LYS A 6 84.11 11.61 38.25
C LYS A 6 84.50 11.90 36.78
N GLY A 7 84.87 10.87 36.01
CA GLY A 7 84.96 10.93 34.56
C GLY A 7 83.60 11.22 33.90
N SER A 8 83.61 11.92 32.77
CA SER A 8 82.39 12.29 32.02
C SER A 8 81.72 11.05 31.37
N PRO A 9 80.42 11.15 30.98
CA PRO A 9 79.53 12.28 31.23
C PRO A 9 79.11 12.34 32.72
N TYR A 10 79.34 11.26 33.46
CA TYR A 10 78.87 10.95 34.83
C TYR A 10 79.36 11.94 35.92
N LEU A 11 80.53 12.54 35.74
CA LEU A 11 81.10 13.69 36.45
C LEU A 11 81.30 13.66 37.99
N ASP A 12 80.46 13.00 38.78
CA ASP A 12 80.60 12.70 40.22
C ASP A 12 81.45 13.70 41.04
N ARG A 13 81.00 14.97 41.17
CA ARG A 13 81.74 16.06 41.87
C ARG A 13 81.56 16.03 43.39
N PHE A 14 81.19 14.87 43.95
CA PHE A 14 81.03 14.70 45.39
C PHE A 14 82.37 14.88 46.15
N ASP A 15 82.28 15.29 47.43
CA ASP A 15 83.37 15.54 48.36
C ASP A 15 83.02 15.04 49.77
N PRO A 16 83.64 13.94 50.24
CA PRO A 16 83.40 13.46 51.60
C PRO A 16 84.06 14.37 52.63
N SER A 17 85.18 14.99 52.30
CA SER A 17 85.96 15.81 53.21
C SER A 17 85.22 17.05 53.64
N LYS A 18 84.39 17.62 52.76
CA LYS A 18 83.44 18.67 53.11
C LYS A 18 82.27 18.21 53.97
N ASP A 19 82.06 16.91 54.16
CA ASP A 19 80.75 16.35 54.50
C ASP A 19 79.65 16.98 53.60
N ARG A 20 79.77 16.82 52.27
CA ARG A 20 78.59 17.03 51.41
C ARG A 20 77.52 16.04 51.89
N THR A 21 76.34 16.51 52.30
CA THR A 21 75.36 15.74 53.08
C THR A 21 74.05 15.43 52.37
N LYS A 22 73.61 16.20 51.38
CA LYS A 22 72.31 15.95 50.72
C LYS A 22 72.29 16.48 49.30
N VAL A 23 71.38 16.03 48.44
CA VAL A 23 71.15 16.61 47.12
C VAL A 23 69.78 17.24 47.04
N LEU A 24 69.76 18.48 46.56
CA LEU A 24 68.65 19.41 46.54
C LEU A 24 68.28 19.71 45.10
N PHE A 25 67.70 18.73 44.43
CA PHE A 25 67.37 18.80 43.00
C PHE A 25 66.43 19.99 42.70
N ASN A 26 66.49 20.57 41.49
CA ASN A 26 65.80 21.81 41.09
C ASN A 26 64.75 21.56 39.97
N PRO A 27 63.62 22.30 39.88
CA PRO A 27 62.36 21.83 39.24
C PRO A 27 62.34 21.66 37.69
N ASP A 28 61.42 20.81 37.15
CA ASP A 28 61.22 20.42 35.73
C ASP A 28 62.46 20.62 34.87
N ARG A 29 63.37 19.65 34.97
CA ARG A 29 64.77 19.91 34.76
C ARG A 29 65.43 19.27 33.54
N PRO A 30 65.87 20.05 32.53
CA PRO A 30 67.01 19.64 31.69
C PRO A 30 68.22 19.52 32.62
N LEU A 31 68.92 18.38 32.59
CA LEU A 31 69.72 17.92 33.73
C LEU A 31 71.13 17.50 33.31
N GLN A 32 72.13 17.99 34.03
CA GLN A 32 73.47 17.44 34.05
C GLN A 32 73.43 16.09 34.76
N GLN A 33 73.45 14.98 34.04
CA GLN A 33 73.50 13.68 34.71
C GLN A 33 74.78 13.49 35.55
N ALA A 34 75.74 14.39 35.34
CA ALA A 34 76.77 14.76 36.28
C ALA A 34 76.35 14.73 37.77
N GLU A 35 75.18 15.26 38.15
CA GLU A 35 74.80 15.30 39.58
C GLU A 35 74.70 13.89 40.18
N LEU A 36 74.31 12.95 39.35
CA LEU A 36 73.58 11.79 39.81
C LEU A 36 74.46 10.72 40.41
N ASN A 37 75.58 10.43 39.76
CA ASN A 37 76.61 9.55 40.31
C ASN A 37 76.98 10.09 41.68
N GLU A 38 77.13 11.40 41.75
CA GLU A 38 77.52 12.17 42.92
C GLU A 38 76.45 12.10 44.03
N MET A 39 75.14 12.07 43.73
CA MET A 39 74.14 11.79 44.76
C MET A 39 74.39 10.42 45.38
N GLN A 40 74.56 9.35 44.59
CA GLN A 40 74.79 8.04 45.22
C GLN A 40 76.14 8.05 45.95
N SER A 41 77.11 8.82 45.43
CA SER A 41 78.44 9.01 46.03
C SER A 41 78.35 9.62 47.43
N ILE A 42 77.46 10.63 47.62
CA ILE A 42 77.15 11.21 48.93
C ILE A 42 76.66 10.11 49.88
N ASP A 43 75.65 9.33 49.48
CA ASP A 43 75.13 8.24 50.32
C ASP A 43 76.18 7.15 50.56
N GLN A 44 77.03 6.90 49.58
CA GLN A 44 78.09 5.91 49.68
C GLN A 44 79.16 6.28 50.68
N TYR A 45 79.56 7.55 50.86
CA TYR A 45 80.47 7.95 51.95
C TYR A 45 79.90 7.57 53.32
N TYR A 46 78.73 8.07 53.72
CA TYR A 46 78.19 7.77 55.05
C TYR A 46 77.90 6.28 55.22
N LEU A 47 77.38 5.61 54.19
CA LEU A 47 77.21 4.16 54.22
C LEU A 47 78.55 3.47 54.48
N LYS A 48 79.56 3.81 53.68
CA LYS A 48 80.90 3.29 53.82
C LYS A 48 81.44 3.53 55.21
N ASN A 49 81.29 4.74 55.75
CA ASN A 49 81.77 5.07 57.08
C ASN A 49 81.13 4.15 58.13
N LEU A 50 79.83 3.92 58.03
CA LEU A 50 79.09 3.11 58.98
C LEU A 50 79.35 1.60 58.80
N GLY A 51 80.06 1.19 57.75
CA GLY A 51 80.68 -0.14 57.66
C GLY A 51 82.15 -0.15 58.11
N ASP A 52 82.98 0.70 57.52
CA ASP A 52 84.44 0.59 57.63
C ASP A 52 84.97 1.01 59.01
N ALA A 53 84.30 1.94 59.71
CA ALA A 53 84.61 2.26 61.10
C ALA A 53 84.27 1.08 62.06
N ILE A 54 83.76 -0.05 61.54
CA ILE A 54 83.23 -1.15 62.34
C ILE A 54 83.76 -2.53 61.90
N PHE A 55 84.06 -2.78 60.61
CA PHE A 55 84.45 -4.11 60.09
C PHE A 55 85.86 -4.18 59.47
N LYS A 56 86.25 -5.39 59.03
CA LYS A 56 87.41 -5.76 58.23
C LYS A 56 86.95 -6.60 57.04
N ASP A 57 87.52 -6.39 55.86
CA ASP A 57 87.18 -7.21 54.68
C ASP A 57 87.59 -8.66 54.91
N GLY A 58 86.64 -9.58 54.74
CA GLY A 58 86.80 -10.96 55.20
C GLY A 58 86.30 -11.19 56.65
N ASP A 59 85.66 -10.23 57.30
CA ASP A 59 84.74 -10.53 58.41
C ASP A 59 83.55 -11.34 57.88
N LYS A 60 83.56 -12.66 58.13
CA LYS A 60 82.50 -13.61 57.77
C LYS A 60 81.25 -13.35 58.62
N GLN A 61 80.06 -13.36 58.03
CA GLN A 61 78.84 -12.95 58.74
C GLN A 61 77.75 -14.03 58.79
N SER A 62 77.86 -15.08 57.98
CA SER A 62 76.93 -16.21 57.99
C SER A 62 77.59 -17.40 57.34
N GLY A 63 76.96 -18.58 57.48
CA GLY A 63 77.10 -19.68 56.52
C GLY A 63 78.40 -20.46 56.60
N LEU A 64 79.54 -19.79 56.62
CA LEU A 64 80.86 -20.21 56.14
C LEU A 64 81.59 -21.31 56.94
N GLY A 65 80.88 -22.35 57.39
CA GLY A 65 81.44 -23.71 57.60
C GLY A 65 81.98 -24.29 56.27
N PHE A 66 82.52 -25.51 56.21
CA PHE A 66 83.32 -25.92 55.03
C PHE A 66 83.42 -27.42 54.72
N THR A 67 83.87 -27.71 53.50
CA THR A 67 84.56 -28.95 53.11
C THR A 67 85.92 -28.58 52.51
N LEU A 68 87.04 -29.14 52.96
CA LEU A 68 88.24 -29.16 52.12
C LEU A 68 88.07 -30.30 51.12
N SER A 69 88.00 -30.01 49.81
CA SER A 69 88.16 -31.05 48.79
C SER A 69 89.55 -31.65 48.96
N GLU A 70 89.66 -32.97 48.92
CA GLU A 70 90.80 -33.63 49.57
C GLU A 70 92.02 -33.76 48.67
N ASP A 71 91.88 -33.27 47.45
CA ASP A 71 92.94 -32.76 46.58
C ASP A 71 93.49 -31.39 47.06
N ASN A 72 93.03 -30.88 48.20
CA ASN A 72 93.23 -29.54 48.71
C ASN A 72 92.51 -28.41 47.96
N VAL A 73 91.46 -28.63 47.16
CA VAL A 73 90.55 -27.52 46.78
C VAL A 73 89.64 -27.13 47.95
N LEU A 74 89.92 -26.05 48.67
CA LEU A 74 89.03 -25.69 49.76
C LEU A 74 87.68 -25.22 49.19
N THR A 75 86.59 -25.80 49.69
CA THR A 75 85.21 -25.47 49.33
C THR A 75 84.50 -24.98 50.57
N VAL A 76 84.67 -23.71 50.92
CA VAL A 76 83.92 -23.16 52.04
C VAL A 76 82.44 -23.18 51.65
N ASN A 77 81.61 -23.75 52.52
CA ASN A 77 80.18 -23.88 52.31
C ASN A 77 79.60 -22.45 52.45
N PRO A 78 79.08 -21.79 51.39
CA PRO A 78 78.97 -20.32 51.32
C PRO A 78 78.14 -19.58 52.39
N GLY A 79 78.38 -18.26 52.50
CA GLY A 79 77.69 -17.35 53.44
C GLY A 79 78.07 -15.87 53.26
N TYR A 80 77.54 -14.99 54.11
CA TYR A 80 77.85 -13.54 54.09
C TYR A 80 79.29 -13.22 54.47
N VAL A 81 79.76 -12.09 53.95
CA VAL A 81 81.07 -11.53 54.22
C VAL A 81 81.05 -10.00 54.22
N TYR A 82 81.97 -9.37 54.93
CA TYR A 82 82.30 -7.97 54.71
C TYR A 82 83.32 -7.84 53.56
N ILE A 83 83.12 -6.89 52.68
CA ILE A 83 84.21 -6.25 51.92
C ILE A 83 83.96 -4.73 52.08
N ASN A 84 84.92 -3.87 51.74
CA ASN A 84 84.88 -2.46 52.11
C ASN A 84 83.53 -1.78 51.86
N GLY A 85 83.24 -0.86 52.76
CA GLY A 85 82.00 -0.16 52.92
C GLY A 85 80.80 -1.02 53.34
N LYS A 86 80.77 -2.35 53.12
CA LYS A 86 79.50 -3.10 53.19
C LYS A 86 79.58 -4.61 53.42
N ILE A 87 78.66 -5.11 54.27
CA ILE A 87 78.29 -6.52 54.37
C ILE A 87 77.52 -6.92 53.11
N ARG A 88 77.86 -8.08 52.57
CA ARG A 88 77.38 -8.63 51.29
C ARG A 88 77.36 -10.15 51.38
N TYR A 89 76.49 -10.84 50.67
CA TYR A 89 76.64 -12.29 50.60
C TYR A 89 77.91 -12.58 49.81
N TYR A 90 78.81 -13.43 50.32
CA TYR A 90 79.88 -13.84 49.42
C TYR A 90 79.29 -14.66 48.27
N ASP A 91 79.56 -14.22 47.06
CA ASP A 91 78.82 -14.64 45.89
C ASP A 91 78.90 -16.14 45.59
N ASN A 92 79.95 -16.80 46.05
CA ASN A 92 80.33 -18.13 45.58
C ASN A 92 80.82 -19.03 46.72
N ASP A 93 81.08 -20.30 46.40
CA ASP A 93 82.10 -21.04 47.15
C ASP A 93 83.47 -20.76 46.49
N ASP A 94 83.50 -20.49 45.16
CA ASP A 94 84.69 -20.27 44.31
C ASP A 94 85.86 -21.18 44.70
N SER A 95 85.60 -22.47 44.89
CA SER A 95 86.55 -23.37 45.55
C SER A 95 87.86 -23.50 44.76
N VAL A 96 89.01 -23.27 45.39
CA VAL A 96 90.34 -23.26 44.73
C VAL A 96 91.36 -24.07 45.52
N LYS A 97 92.44 -24.46 44.82
CA LYS A 97 93.55 -25.25 45.37
C LYS A 97 94.34 -24.50 46.43
N ILE A 98 94.08 -24.81 47.69
CA ILE A 98 95.02 -24.54 48.77
C ILE A 98 96.15 -25.58 48.61
N THR A 99 97.38 -25.27 49.00
CA THR A 99 98.52 -26.21 48.89
C THR A 99 98.46 -27.37 49.88
N GLY A 100 97.71 -27.17 50.98
CA GLY A 100 97.74 -28.04 52.16
C GLY A 100 99.03 -27.95 53.00
N VAL A 101 99.91 -26.94 52.82
CA VAL A 101 101.15 -26.73 53.63
C VAL A 101 101.33 -25.27 54.08
N GLY A 102 101.74 -25.03 55.33
CA GLY A 102 101.89 -23.68 55.90
C GLY A 102 100.57 -22.91 55.99
N LYS A 103 100.59 -21.60 56.31
CA LYS A 103 99.38 -20.79 56.57
C LYS A 103 98.67 -20.38 55.28
N GLU A 104 97.80 -21.23 54.74
CA GLU A 104 97.07 -20.95 53.50
C GLU A 104 96.09 -19.76 53.62
N THR A 105 96.49 -18.51 53.33
CA THR A 105 95.66 -17.31 53.57
C THR A 105 94.51 -17.20 52.56
N ILE A 106 93.34 -17.73 52.90
CA ILE A 106 92.11 -17.69 52.11
C ILE A 106 91.46 -16.29 52.17
N GLY A 107 91.27 -15.61 51.04
CA GLY A 107 90.63 -14.29 51.07
C GLY A 107 90.15 -13.76 49.73
N ILE A 108 89.15 -12.89 49.80
CA ILE A 108 88.26 -12.53 48.68
C ILE A 108 88.67 -11.21 47.98
N LYS A 109 88.08 -10.99 46.80
CA LYS A 109 88.19 -9.82 45.91
C LYS A 109 86.88 -9.60 45.16
N LEU A 110 86.64 -8.41 44.62
CA LEU A 110 85.57 -8.18 43.61
C LEU A 110 86.03 -7.34 42.41
N THR A 111 85.19 -7.26 41.36
CA THR A 111 85.71 -7.07 39.98
C THR A 111 84.82 -6.23 39.08
N GLU A 112 85.20 -4.99 38.80
CA GLU A 112 84.37 -4.02 38.09
C GLU A 112 84.11 -4.30 36.59
N ARG A 113 82.98 -3.75 36.12
CA ARG A 113 82.37 -3.75 34.76
C ARG A 113 81.73 -2.39 34.43
N ILE A 114 81.29 -2.21 33.19
CA ILE A 114 80.17 -1.30 32.93
C ILE A 114 79.10 -2.06 32.14
N VAL A 115 77.86 -1.70 32.41
CA VAL A 115 76.68 -2.07 31.63
C VAL A 115 76.28 -0.82 30.86
N THR A 116 76.24 -0.89 29.55
CA THR A 116 75.67 0.14 28.68
C THR A 116 74.16 -0.08 28.45
N PRO A 117 73.48 0.85 27.75
CA PRO A 117 72.20 0.64 27.06
C PRO A 117 72.12 -0.55 26.09
N ASP A 118 73.07 -1.47 26.16
CA ASP A 118 73.34 -2.48 25.18
C ASP A 118 73.81 -3.77 25.89
N GLU A 119 74.53 -3.69 27.02
CA GLU A 119 74.52 -4.79 28.00
C GLU A 119 73.09 -5.02 28.53
N ASP A 120 72.38 -3.95 28.84
CA ASP A 120 70.94 -3.95 29.04
C ASP A 120 70.27 -3.19 27.91
N ALA A 121 69.41 -3.81 27.12
CA ALA A 121 68.62 -3.05 26.14
C ALA A 121 67.63 -2.04 26.79
N SER A 122 67.25 -2.26 28.05
CA SER A 122 66.26 -1.44 28.77
C SER A 122 66.70 0.00 28.96
N LEU A 123 67.97 0.35 28.71
CA LEU A 123 68.49 1.73 28.86
C LEU A 123 68.38 2.52 27.54
N LEU A 124 67.38 2.11 26.74
CA LEU A 124 66.93 2.73 25.52
C LEU A 124 65.47 3.22 25.62
N ASP A 125 65.09 4.20 24.79
CA ASP A 125 64.05 5.22 25.03
C ASP A 125 62.61 4.81 25.47
N GLN A 126 61.91 5.70 26.19
CA GLN A 126 60.44 5.68 26.35
C GLN A 126 59.68 7.02 26.23
N THR A 127 60.27 8.12 25.73
CA THR A 127 59.40 9.19 25.16
C THR A 127 58.56 8.59 24.02
N SER A 128 59.04 7.51 23.37
CA SER A 128 58.25 6.62 22.53
C SER A 128 58.44 5.10 22.78
N GLY A 129 59.61 4.49 22.50
CA GLY A 129 59.86 3.02 22.58
C GLY A 129 61.33 2.52 22.49
N VAL A 130 61.61 1.32 23.07
CA VAL A 130 62.93 0.89 23.62
C VAL A 130 64.02 0.43 22.58
N PRO A 131 64.16 -0.84 22.12
CA PRO A 131 65.45 -1.35 21.60
C PRO A 131 65.84 -0.92 20.17
N SER A 132 66.83 -0.04 20.06
CA SER A 132 67.30 0.56 18.81
C SER A 132 68.65 1.25 18.95
N TYR A 133 69.26 1.64 17.82
CA TYR A 133 70.24 2.73 17.82
C TYR A 133 69.59 4.07 18.25
N PHE A 134 70.41 5.10 18.54
CA PHE A 134 69.96 6.51 18.53
C PHE A 134 68.89 6.85 19.59
N SER A 135 68.93 6.22 20.76
CA SER A 135 67.78 6.19 21.69
C SER A 135 68.15 6.09 23.19
N LYS A 136 69.17 6.79 23.69
CA LYS A 136 69.93 6.35 24.89
C LYS A 136 69.76 7.17 26.20
N GLY A 137 69.72 6.43 27.33
CA GLY A 137 69.63 6.90 28.73
C GLY A 137 70.69 6.23 29.66
N ALA A 138 70.25 5.42 30.65
CA ALA A 138 71.10 4.89 31.74
C ALA A 138 72.31 3.98 31.34
N ASP A 139 73.16 3.63 32.31
CA ASP A 139 74.29 2.69 32.34
C ASP A 139 74.42 2.06 33.77
N ARG A 140 75.28 1.08 34.06
CA ARG A 140 75.59 0.62 35.46
C ARG A 140 77.07 0.36 35.68
N LEU A 141 77.48 0.40 36.95
CA LEU A 141 78.62 -0.35 37.46
C LEU A 141 78.14 -1.69 38.02
N GLU A 142 78.93 -2.73 37.82
CA GLU A 142 78.69 -4.05 38.36
C GLU A 142 80.01 -4.70 38.73
N GLU A 143 80.10 -5.48 39.82
CA GLU A 143 81.38 -5.68 40.52
C GLU A 143 81.55 -7.09 41.07
N LYS A 144 81.84 -8.07 40.19
CA LYS A 144 81.79 -9.51 40.49
C LYS A 144 82.80 -9.96 41.54
N MET A 145 82.28 -10.55 42.63
CA MET A 145 83.06 -11.18 43.69
C MET A 145 83.86 -12.41 43.20
N SER A 146 84.88 -12.79 43.97
CA SER A 146 85.84 -13.86 43.63
C SER A 146 86.74 -14.19 44.84
N LEU A 147 87.39 -15.34 44.82
CA LEU A 147 88.24 -15.82 45.91
C LEU A 147 89.71 -15.89 45.47
N THR A 148 90.63 -15.73 46.42
CA THR A 148 92.08 -15.91 46.29
C THR A 148 92.62 -16.70 47.49
N VAL A 149 93.83 -17.23 47.37
CA VAL A 149 94.55 -17.90 48.47
C VAL A 149 96.04 -17.53 48.45
N ASN A 150 96.66 -17.39 49.61
CA ASN A 150 98.06 -16.96 49.82
C ASN A 150 98.38 -15.51 49.42
N ASP A 151 97.35 -14.72 49.05
CA ASP A 151 97.35 -13.27 49.18
C ASP A 151 96.79 -12.88 50.57
N PRO A 152 97.62 -12.41 51.51
CA PRO A 152 97.15 -11.99 52.83
C PRO A 152 96.40 -10.63 52.79
N THR A 153 96.56 -9.86 51.71
CA THR A 153 95.96 -8.52 51.49
C THR A 153 94.65 -8.65 50.71
N SER A 154 94.34 -9.85 50.20
CA SER A 154 92.97 -10.22 49.90
C SER A 154 92.14 -10.17 51.17
N ALA A 155 90.82 -10.01 51.04
CA ALA A 155 89.88 -9.97 52.15
C ALA A 155 89.92 -11.30 52.95
N THR A 156 90.83 -11.43 53.92
CA THR A 156 91.30 -12.74 54.38
C THR A 156 90.34 -13.35 55.40
N ILE A 157 89.51 -14.29 54.92
CA ILE A 157 88.45 -14.95 55.69
C ILE A 157 88.95 -16.10 56.55
N TYR A 158 90.10 -16.67 56.22
CA TYR A 158 90.67 -17.81 56.92
C TYR A 158 92.17 -17.91 56.67
N THR A 159 92.88 -18.67 57.51
CA THR A 159 94.12 -19.31 57.07
C THR A 159 94.15 -20.79 57.42
N PHE A 160 94.46 -21.63 56.44
CA PHE A 160 94.50 -23.07 56.64
C PHE A 160 95.94 -23.53 56.86
N MET A 161 96.39 -23.62 58.12
CA MET A 161 97.70 -24.16 58.45
C MET A 161 97.81 -25.64 58.07
N ASP A 162 98.74 -26.01 57.19
CA ASP A 162 98.96 -27.40 56.77
C ASP A 162 97.67 -28.11 56.33
N GLY A 163 96.76 -27.32 55.74
CA GLY A 163 95.43 -27.76 55.31
C GLY A 163 94.44 -28.02 56.46
N ASP A 164 94.88 -28.02 57.72
CA ASP A 164 94.00 -27.77 58.87
C ASP A 164 93.38 -26.38 58.67
N LEU A 165 92.14 -26.12 59.13
CA LEU A 165 91.90 -24.71 59.50
C LEU A 165 92.84 -24.48 60.71
N TYR A 166 93.66 -23.43 60.68
CA TYR A 166 94.70 -23.24 61.71
C TYR A 166 94.13 -23.15 63.14
N ILE A 167 92.82 -22.89 63.24
CA ILE A 167 92.05 -22.60 64.46
C ILE A 167 90.57 -22.99 64.22
N GLN A 168 89.61 -22.56 65.05
CA GLN A 168 88.18 -22.41 64.65
C GLN A 168 87.43 -21.45 65.59
N SER A 169 87.85 -20.19 65.68
CA SER A 169 87.44 -19.21 66.70
C SER A 169 86.01 -18.65 66.53
N THR A 170 85.06 -19.46 66.11
CA THR A 170 83.88 -19.00 65.36
C THR A 170 82.72 -18.43 66.19
N ASN A 171 83.01 -17.82 67.34
CA ASN A 171 82.08 -16.86 67.98
C ASN A 171 82.80 -15.59 68.45
N ALA A 172 82.20 -14.42 68.23
CA ALA A 172 82.79 -13.12 68.53
C ALA A 172 82.84 -12.75 70.02
N GLU A 173 82.17 -13.50 70.89
CA GLU A 173 81.89 -13.09 72.27
C GLU A 173 82.12 -14.17 73.32
N MET A 174 81.51 -15.36 73.23
CA MET A 174 81.65 -16.41 74.28
C MET A 174 83.10 -16.89 74.41
N ASP A 175 83.80 -16.92 73.27
CA ASP A 175 85.24 -17.11 73.19
C ASP A 175 85.96 -16.01 73.98
N LYS A 176 85.58 -14.75 73.76
CA LYS A 176 86.22 -13.57 74.35
C LYS A 176 85.90 -13.44 75.85
N ILE A 177 84.69 -13.79 76.25
CA ILE A 177 84.22 -13.86 77.64
C ILE A 177 84.96 -14.98 78.38
N ASN A 178 85.15 -16.14 77.75
CA ASN A 178 85.99 -17.18 78.33
C ASN A 178 87.43 -16.68 78.51
N LYS A 179 87.98 -16.03 77.46
CA LYS A 179 89.26 -15.29 77.50
C LYS A 179 89.24 -14.09 78.45
N VAL A 180 88.13 -13.82 79.16
CA VAL A 180 88.11 -13.10 80.44
C VAL A 180 88.07 -14.10 81.61
N LEU A 181 86.98 -14.83 81.83
CA LEU A 181 86.75 -15.53 83.11
C LEU A 181 87.81 -16.59 83.41
N ALA A 182 88.03 -17.55 82.52
CA ALA A 182 89.02 -18.61 82.75
C ALA A 182 90.45 -18.04 82.70
N GLU A 183 90.65 -16.87 82.09
CA GLU A 183 91.91 -16.14 82.16
C GLU A 183 92.14 -15.56 83.55
N ARG A 184 91.14 -14.86 84.14
CA ARG A 184 91.16 -14.46 85.56
C ARG A 184 91.37 -15.65 86.46
N THR A 185 90.69 -16.74 86.13
CA THR A 185 90.85 -18.00 86.85
C THR A 185 92.29 -18.49 86.82
N TYR A 186 93.02 -18.40 85.69
CA TYR A 186 94.45 -18.66 85.70
C TYR A 186 95.15 -17.65 86.62
N ASP A 187 94.88 -16.36 86.43
CA ASP A 187 95.52 -15.27 87.17
C ASP A 187 95.46 -15.47 88.68
N GLU A 188 94.33 -15.95 89.19
CA GLU A 188 94.09 -16.18 90.61
C GLU A 188 94.26 -17.65 91.06
N SER A 189 94.30 -18.60 90.11
CA SER A 189 94.34 -20.05 90.33
C SER A 189 94.78 -20.81 89.05
N GLY A 190 96.07 -20.76 88.74
CA GLY A 190 96.66 -21.17 87.45
C GLY A 190 96.51 -22.63 87.04
N SER A 191 97.62 -23.35 86.89
CA SER A 191 97.59 -24.81 86.74
C SER A 191 97.61 -25.44 88.14
N TYR A 192 96.41 -25.75 88.63
CA TYR A 192 96.10 -26.17 90.00
C TYR A 192 94.98 -27.23 89.99
N LYS A 193 94.80 -27.93 91.11
CA LYS A 193 93.82 -29.00 91.33
C LYS A 193 92.69 -28.54 92.24
N VAL A 194 91.44 -28.90 91.96
CA VAL A 194 90.38 -28.93 92.98
C VAL A 194 90.38 -30.29 93.68
N ASN A 195 90.46 -31.38 92.92
CA ASN A 195 90.43 -32.73 93.46
C ASN A 195 90.99 -33.82 92.52
N GLY A 196 91.21 -35.00 93.07
CA GLY A 196 91.49 -36.21 92.31
C GLY A 196 92.91 -36.26 91.79
N PHE A 197 93.11 -36.82 90.59
CA PHE A 197 94.39 -36.87 89.89
C PHE A 197 95.54 -37.24 90.84
N GLU A 198 95.52 -38.43 91.42
CA GLU A 198 96.58 -38.86 92.33
C GLU A 198 97.19 -40.20 91.93
N LEU A 199 98.44 -40.31 92.34
CA LEU A 199 99.48 -41.09 91.69
C LEU A 199 99.69 -42.46 92.34
N PHE A 200 98.66 -43.30 92.21
CA PHE A 200 98.82 -44.74 92.27
C PHE A 200 99.26 -45.29 90.90
N SER A 201 99.09 -46.60 90.66
CA SER A 201 99.60 -47.26 89.44
C SER A 201 98.92 -48.62 89.22
N GLU A 202 99.20 -49.20 88.05
CA GLU A 202 98.72 -50.51 87.60
C GLU A 202 99.78 -51.08 86.62
N GLY A 203 100.01 -52.39 86.57
CA GLY A 203 101.05 -52.97 85.72
C GLY A 203 100.62 -53.19 84.28
N ASN A 204 101.51 -53.02 83.31
CA ASN A 204 101.21 -53.30 81.90
C ASN A 204 101.41 -54.78 81.58
N ALA A 205 100.64 -55.68 82.18
CA ALA A 205 100.72 -57.09 81.79
C ALA A 205 100.55 -57.30 80.27
N GLU A 206 99.86 -56.36 79.62
CA GLU A 206 99.71 -56.27 78.16
C GLU A 206 101.05 -56.09 77.42
N ASP A 207 102.02 -55.44 78.05
CA ASP A 207 103.29 -55.00 77.48
C ASP A 207 104.37 -54.91 78.57
N ASP A 208 104.69 -56.04 79.20
CA ASP A 208 105.20 -56.06 80.59
C ASP A 208 106.67 -55.64 80.78
N ASP A 209 107.23 -54.85 79.87
CA ASP A 209 108.30 -53.88 80.13
C ASP A 209 107.76 -52.49 80.53
N HIS A 210 106.46 -52.38 80.78
CA HIS A 210 105.74 -51.13 81.06
C HIS A 210 104.86 -51.19 82.32
N VAL A 211 104.62 -50.05 82.94
CA VAL A 211 103.44 -49.77 83.78
C VAL A 211 102.25 -49.46 82.85
N SER A 212 101.02 -49.74 83.27
CA SER A 212 99.75 -49.32 82.65
C SER A 212 98.98 -48.43 83.64
N VAL A 213 99.53 -47.27 83.95
CA VAL A 213 99.20 -46.39 85.07
C VAL A 213 97.69 -46.15 85.22
N VAL A 214 97.06 -46.74 86.24
CA VAL A 214 95.82 -46.18 86.77
C VAL A 214 96.18 -44.99 87.67
N VAL A 215 95.74 -43.81 87.26
CA VAL A 215 95.74 -42.57 88.08
C VAL A 215 94.31 -42.08 88.18
N ASP A 216 93.97 -41.46 89.32
CA ASP A 216 92.60 -41.07 89.62
C ASP A 216 91.99 -40.08 88.61
N ALA A 217 90.67 -40.13 88.44
CA ALA A 217 89.89 -39.02 87.90
C ALA A 217 90.01 -37.78 88.81
N GLY A 218 89.47 -36.61 88.45
CA GLY A 218 89.57 -35.38 89.25
C GLY A 218 89.14 -34.12 88.51
N LYS A 219 89.37 -32.95 89.11
CA LYS A 219 88.90 -31.66 88.60
C LYS A 219 89.83 -30.52 88.99
N ALA A 220 89.71 -29.41 88.27
CA ALA A 220 89.97 -28.03 88.69
C ALA A 220 89.58 -27.09 87.54
N TYR A 221 89.66 -25.78 87.73
CA TYR A 221 89.92 -24.93 86.58
C TYR A 221 91.43 -25.02 86.20
N VAL A 222 91.94 -26.22 85.86
CA VAL A 222 93.37 -26.47 85.54
C VAL A 222 93.79 -25.59 84.36
N LYS A 223 94.90 -24.85 84.48
CA LYS A 223 95.35 -23.81 83.55
C LYS A 223 94.31 -22.68 83.48
N GLY A 224 93.73 -22.28 84.62
CA GLY A 224 92.54 -21.42 84.70
C GLY A 224 91.27 -22.04 84.08
N PHE A 225 91.35 -23.24 83.50
CA PHE A 225 90.40 -23.75 82.51
C PHE A 225 89.69 -25.05 82.99
N LYS A 226 88.41 -25.17 82.64
CA LYS A 226 87.28 -25.99 83.17
C LYS A 226 87.42 -27.49 83.50
N VAL A 227 88.59 -27.97 83.83
CA VAL A 227 88.89 -29.39 83.93
C VAL A 227 88.03 -30.21 84.90
N ASP A 228 87.43 -31.26 84.34
CA ASP A 228 87.08 -32.51 85.00
C ASP A 228 87.55 -33.59 84.04
N LYS A 229 88.37 -34.55 84.47
CA LYS A 229 88.78 -35.69 83.64
C LYS A 229 88.32 -37.02 84.26
N PRO A 230 87.07 -37.44 84.01
CA PRO A 230 86.54 -38.73 84.48
C PRO A 230 86.85 -39.85 83.46
N VAL A 231 87.70 -40.83 83.81
CA VAL A 231 88.35 -41.74 82.84
C VAL A 231 88.57 -43.13 83.43
N SER A 232 88.57 -44.18 82.59
CA SER A 232 89.07 -45.52 82.92
C SER A 232 90.58 -45.66 82.68
N THR A 233 91.36 -44.83 83.40
CA THR A 233 92.79 -44.61 83.18
C THR A 233 93.62 -45.92 83.32
N ARG A 234 94.46 -46.32 82.33
CA ARG A 234 95.52 -47.40 82.40
C ARG A 234 96.70 -47.14 81.42
N ILE A 235 97.41 -46.02 81.57
CA ILE A 235 98.32 -45.45 80.55
C ILE A 235 99.69 -46.15 80.49
N SER A 236 100.18 -46.54 79.32
CA SER A 236 101.51 -47.18 79.17
C SER A 236 102.69 -46.22 79.41
N VAL A 237 103.62 -46.56 80.30
CA VAL A 237 104.93 -45.89 80.58
C VAL A 237 105.93 -47.01 80.91
N PRO A 238 107.26 -46.89 80.72
CA PRO A 238 108.20 -47.99 81.00
C PRO A 238 108.15 -48.51 82.45
N LYS A 239 108.68 -49.71 82.68
CA LYS A 239 109.03 -50.23 84.01
C LYS A 239 110.35 -49.68 84.50
N SER A 240 110.62 -49.81 85.80
CA SER A 240 112.01 -49.72 86.27
C SER A 240 112.62 -51.12 86.29
N TYR A 241 112.61 -51.74 85.11
CA TYR A 241 113.61 -52.73 84.70
C TYR A 241 114.97 -52.05 84.41
N ASP A 242 115.07 -50.75 84.65
CA ASP A 242 116.28 -49.94 84.78
C ASP A 242 117.23 -50.57 85.85
N LEU A 243 118.53 -50.76 85.56
CA LEU A 243 119.45 -51.58 86.39
C LEU A 243 120.73 -50.85 86.83
N GLY A 244 121.18 -51.23 88.02
CA GLY A 244 122.43 -50.84 88.65
C GLY A 244 123.21 -52.05 89.19
N THR A 245 124.30 -51.77 89.92
CA THR A 245 125.12 -52.79 90.62
C THR A 245 125.89 -52.19 91.82
N ALA A 246 126.02 -52.95 92.90
CA ALA A 246 126.55 -52.55 94.22
C ALA A 246 127.58 -53.56 94.75
N GLU A 247 128.81 -53.09 94.96
CA GLU A 247 129.97 -53.98 94.93
C GLU A 247 130.74 -53.95 96.25
N ASN A 248 131.29 -55.11 96.62
CA ASN A 248 131.87 -55.41 97.93
C ASN A 248 130.98 -54.91 99.11
N GLU A 249 129.64 -54.99 98.98
CA GLU A 249 128.67 -54.70 100.05
C GLU A 249 128.92 -55.63 101.25
N SER A 250 129.15 -55.06 102.43
CA SER A 250 129.93 -55.78 103.46
C SER A 250 129.12 -56.30 104.67
N THR A 251 129.69 -57.27 105.38
CA THR A 251 129.47 -57.50 106.81
C THR A 251 130.77 -58.07 107.39
N ILE A 252 131.09 -57.78 108.66
CA ILE A 252 132.08 -58.59 109.40
C ILE A 252 131.32 -59.88 109.70
N PHE A 253 131.34 -60.80 108.72
CA PHE A 253 130.27 -61.77 108.49
C PHE A 253 129.80 -62.49 109.74
N ASN A 254 128.50 -62.70 109.84
CA ASN A 254 127.93 -63.35 111.00
C ASN A 254 127.48 -64.76 110.62
N LYS A 255 128.03 -65.78 111.29
CA LYS A 255 127.69 -67.19 111.04
C LYS A 255 126.39 -67.65 111.72
N SER A 256 125.82 -66.82 112.59
CA SER A 256 124.46 -67.00 113.12
C SER A 256 123.43 -66.19 112.29
N ASN A 257 123.59 -64.88 112.19
CA ASN A 257 122.90 -64.03 111.21
C ASN A 257 123.54 -64.13 109.82
N ASN A 258 123.45 -65.31 109.22
CA ASN A 258 124.02 -65.56 107.88
C ASN A 258 123.44 -64.63 106.81
N SER A 259 122.14 -64.29 106.92
CA SER A 259 121.34 -63.32 106.12
C SER A 259 121.92 -61.91 106.22
N ILE A 260 123.03 -61.70 105.49
CA ILE A 260 123.72 -60.43 105.31
C ILE A 260 122.94 -59.57 104.30
N SER A 261 122.35 -58.46 104.78
CA SER A 261 121.39 -57.66 104.02
C SER A 261 122.01 -57.07 102.75
N LEU A 262 121.29 -57.17 101.62
CA LEU A 262 121.53 -56.41 100.39
C LEU A 262 120.47 -55.32 100.22
N ALA A 263 120.93 -54.08 100.16
CA ALA A 263 120.05 -52.92 100.21
C ALA A 263 119.54 -52.50 98.82
N ASN A 264 120.43 -52.46 97.82
CA ASN A 264 120.12 -52.00 96.47
C ASN A 264 119.25 -53.08 95.80
N SER A 265 118.05 -52.78 95.31
CA SER A 265 117.11 -53.88 95.03
C SER A 265 115.87 -53.54 94.17
N PRO A 266 115.15 -54.57 93.63
CA PRO A 266 115.43 -56.02 93.71
C PRO A 266 116.78 -56.43 93.16
N VAL A 267 117.43 -57.38 93.81
CA VAL A 267 118.69 -57.93 93.33
C VAL A 267 118.41 -58.72 92.03
N LYS A 268 119.17 -58.41 90.97
CA LYS A 268 119.11 -59.07 89.66
C LYS A 268 119.96 -60.33 89.66
N GLU A 269 121.23 -60.22 90.04
CA GLU A 269 122.12 -61.37 90.26
C GLU A 269 123.29 -61.03 91.17
N ILE A 270 123.91 -62.04 91.80
CA ILE A 270 125.16 -61.88 92.57
C ILE A 270 126.35 -62.30 91.70
N ARG A 271 127.31 -61.39 91.52
CA ARG A 271 128.46 -61.52 90.62
C ARG A 271 129.59 -62.33 91.25
N ARG A 272 130.01 -61.90 92.45
CA ARG A 272 131.27 -62.28 93.14
C ARG A 272 131.24 -61.84 94.60
N VAL A 273 131.75 -62.64 95.52
CA VAL A 273 131.79 -62.31 96.95
C VAL A 273 133.10 -62.82 97.54
N THR A 274 133.61 -62.25 98.64
CA THR A 274 134.90 -62.68 99.23
C THR A 274 134.87 -62.61 100.77
N GLY A 275 135.50 -63.58 101.47
CA GLY A 275 135.42 -63.64 102.93
C GLY A 275 136.33 -64.65 103.64
N GLN A 276 136.52 -64.44 104.94
CA GLN A 276 137.66 -64.89 105.77
C GLN A 276 137.54 -66.32 106.38
N VAL A 277 137.53 -67.36 105.54
CA VAL A 277 137.55 -68.81 105.93
C VAL A 277 138.93 -69.18 106.56
N LEU A 278 139.11 -70.30 107.28
CA LEU A 278 140.42 -70.72 107.87
C LEU A 278 140.95 -72.04 107.32
N ILE A 279 142.16 -72.01 106.75
CA ILE A 279 143.04 -73.18 106.64
C ILE A 279 143.66 -73.43 108.03
N GLU A 280 143.09 -74.38 108.76
CA GLU A 280 143.50 -74.74 110.13
C GLU A 280 144.96 -75.26 110.19
N LYS A 281 145.36 -76.05 109.17
CA LYS A 281 146.67 -76.69 108.96
C LYS A 281 146.64 -77.42 107.59
N GLU A 282 146.95 -76.75 106.48
CA GLU A 282 147.29 -77.46 105.23
C GLU A 282 148.65 -78.18 105.43
N ARG A 283 148.84 -79.39 104.87
CA ARG A 283 150.21 -79.87 104.66
C ARG A 283 150.83 -79.06 103.52
N VAL A 284 152.04 -78.55 103.75
CA VAL A 284 152.99 -78.18 102.69
C VAL A 284 154.31 -78.83 103.09
N THR A 285 155.03 -79.52 102.19
CA THR A 285 156.30 -80.18 102.54
C THR A 285 157.33 -80.07 101.42
N ARG A 286 158.60 -79.89 101.83
CA ARG A 286 159.61 -79.15 101.05
C ARG A 286 159.77 -79.70 99.63
N GLY A 287 159.83 -78.77 98.68
CA GLY A 287 160.04 -79.03 97.27
C GLY A 287 161.46 -79.49 96.90
N ALA A 288 161.87 -79.13 95.69
CA ALA A 288 163.17 -79.44 95.14
C ALA A 288 164.27 -78.47 95.65
N GLN A 289 164.83 -77.61 94.78
CA GLN A 289 166.01 -76.77 95.05
C GLN A 289 165.89 -76.04 96.39
N GLY A 290 166.91 -76.10 97.25
CA GLY A 290 167.02 -75.27 98.46
C GLY A 290 167.06 -73.80 98.09
N ASP A 291 166.38 -72.93 98.86
CA ASP A 291 166.08 -71.55 98.43
C ASP A 291 165.27 -71.48 97.11
N GLY A 292 164.62 -72.59 96.74
CA GLY A 292 163.62 -72.71 95.68
C GLY A 292 162.21 -72.45 96.22
N GLN A 293 161.24 -73.34 95.97
CA GLN A 293 159.82 -73.03 96.23
C GLN A 293 158.98 -74.23 96.73
N ASP A 294 157.86 -73.98 97.41
CA ASP A 294 156.74 -74.91 97.65
C ASP A 294 155.43 -74.23 97.19
N PHE A 295 154.24 -74.59 97.71
CA PHE A 295 152.98 -73.86 97.42
C PHE A 295 151.89 -73.93 98.51
N LEU A 296 151.12 -72.84 98.69
CA LEU A 296 149.96 -72.72 99.58
C LEU A 296 148.63 -73.14 98.92
N SER A 297 147.67 -73.58 99.73
CA SER A 297 146.29 -73.83 99.32
C SER A 297 145.55 -72.56 98.82
N ASN A 298 145.93 -71.33 99.23
CA ASN A 298 145.37 -70.05 98.74
C ASN A 298 146.44 -68.99 98.49
N ASN A 299 146.27 -68.19 97.45
CA ASN A 299 146.88 -66.87 97.37
C ASN A 299 146.29 -65.93 98.41
N THR A 300 144.98 -66.04 98.66
CA THR A 300 144.22 -65.21 99.60
C THR A 300 144.39 -65.59 101.06
N ALA A 301 145.42 -66.39 101.37
CA ALA A 301 145.91 -66.83 102.67
C ALA A 301 146.31 -65.69 103.65
N PHE A 302 145.51 -64.62 103.74
CA PHE A 302 145.89 -63.29 104.19
C PHE A 302 146.49 -63.27 105.61
N GLU A 303 146.01 -64.15 106.47
CA GLU A 303 146.44 -64.24 107.86
C GLU A 303 147.34 -65.47 108.08
N ILE A 304 148.56 -65.52 107.52
CA ILE A 304 149.51 -66.63 107.74
C ILE A 304 149.72 -66.86 109.25
N VAL A 305 149.01 -67.85 109.80
CA VAL A 305 149.09 -68.30 111.19
C VAL A 305 150.52 -68.78 111.42
N LYS A 306 151.05 -69.52 110.44
CA LYS A 306 152.38 -70.11 110.38
C LYS A 306 152.61 -70.76 109.01
N VAL A 307 153.84 -70.69 108.47
CA VAL A 307 154.42 -71.69 107.54
C VAL A 307 155.42 -72.46 108.42
N TRP A 308 155.13 -73.68 108.86
CA TRP A 308 155.88 -74.25 109.99
C TRP A 308 155.98 -75.77 110.07
N THR A 309 157.11 -76.24 110.58
CA THR A 309 157.16 -77.56 111.19
C THR A 309 156.45 -77.55 112.54
N GLU A 310 155.51 -78.47 112.73
CA GLU A 310 155.23 -78.97 114.07
C GLU A 310 156.10 -80.20 114.34
N THR A 311 155.96 -80.79 115.52
CA THR A 311 156.19 -82.23 115.69
C THR A 311 154.86 -82.94 115.42
N SER A 312 153.79 -82.43 116.06
CA SER A 312 152.42 -82.95 116.14
C SER A 312 151.51 -81.80 116.61
N PRO A 313 150.16 -81.91 116.60
CA PRO A 313 149.26 -80.75 116.76
C PRO A 313 149.60 -79.83 117.93
N GLY A 314 149.93 -78.57 117.60
CA GLY A 314 150.30 -77.52 118.55
C GLY A 314 151.75 -77.54 119.05
N VAL A 315 152.54 -78.57 118.75
CA VAL A 315 153.97 -78.66 119.12
C VAL A 315 154.82 -77.95 118.07
N THR A 316 155.10 -76.67 118.26
CA THR A 316 155.82 -75.84 117.29
C THR A 316 157.29 -76.24 117.23
N THR A 317 157.73 -76.86 116.13
CA THR A 317 159.13 -77.22 115.89
C THR A 317 159.90 -76.01 115.36
N LYS A 318 159.47 -75.46 114.23
CA LYS A 318 160.04 -74.25 113.60
C LYS A 318 159.01 -73.65 112.65
N GLU A 319 158.47 -72.48 113.00
CA GLU A 319 157.89 -71.61 111.96
C GLU A 319 159.02 -71.09 111.09
N TYR A 320 158.93 -71.42 109.81
CA TYR A 320 159.62 -70.69 108.77
C TYR A 320 158.95 -69.32 108.71
N LYS A 321 159.66 -68.30 109.16
CA LYS A 321 159.09 -66.95 109.20
C LYS A 321 158.90 -66.48 107.77
N GLN A 322 157.73 -65.88 107.49
CA GLN A 322 157.38 -65.25 106.22
C GLN A 322 158.30 -64.01 106.00
N GLY A 323 159.56 -64.26 105.63
CA GLY A 323 160.73 -63.42 105.92
C GLY A 323 162.00 -63.77 105.13
N GLU A 324 163.16 -63.93 105.80
CA GLU A 324 164.37 -64.43 105.10
C GLU A 324 164.29 -65.93 104.78
N ASP A 325 163.58 -66.74 105.56
CA ASP A 325 163.31 -68.15 105.25
C ASP A 325 162.69 -68.28 103.84
N PHE A 326 161.62 -67.53 103.57
CA PHE A 326 161.03 -67.43 102.23
C PHE A 326 160.22 -66.14 102.05
N ARG A 327 160.09 -65.70 100.80
CA ARG A 327 159.07 -64.72 100.36
C ARG A 327 157.79 -65.46 99.94
N LEU A 328 156.62 -64.89 100.17
CA LEU A 328 155.35 -65.48 99.72
C LEU A 328 154.99 -64.89 98.35
N THR A 329 155.74 -65.32 97.33
CA THR A 329 155.48 -65.02 95.91
C THR A 329 154.06 -65.52 95.49
N ASP A 330 153.38 -64.88 94.53
CA ASP A 330 151.96 -65.15 94.16
C ASP A 330 150.92 -64.93 95.27
N GLY A 331 151.34 -64.66 96.51
CA GLY A 331 150.55 -64.98 97.71
C GLY A 331 150.45 -66.47 98.05
N GLN A 332 151.02 -67.37 97.22
CA GLN A 332 150.93 -68.82 97.41
C GLN A 332 152.15 -69.65 97.00
N THR A 333 152.95 -69.26 96.00
CA THR A 333 154.27 -69.85 95.88
C THR A 333 155.13 -69.44 97.07
N ILE A 334 155.16 -70.27 98.11
CA ILE A 334 156.23 -70.25 99.11
C ILE A 334 157.56 -70.29 98.36
N ASP A 335 158.43 -69.32 98.56
CA ASP A 335 159.59 -69.08 97.70
C ASP A 335 160.80 -68.71 98.56
N TRP A 336 161.56 -69.73 98.94
CA TRP A 336 162.71 -69.74 99.85
C TRP A 336 163.92 -68.93 99.32
N SER A 337 163.83 -68.29 98.15
CA SER A 337 164.91 -67.54 97.47
C SER A 337 165.50 -66.31 98.23
N PRO A 338 164.92 -65.81 99.33
CA PRO A 338 165.60 -64.94 100.30
C PRO A 338 166.59 -65.65 101.27
N GLN A 339 166.73 -66.97 101.14
CA GLN A 339 167.92 -67.74 101.56
C GLN A 339 168.18 -67.90 103.05
N GLY A 340 167.15 -67.81 103.89
CA GLY A 340 167.20 -68.16 105.32
C GLY A 340 167.25 -69.67 105.55
N GLN A 341 166.29 -70.18 106.32
CA GLN A 341 166.17 -71.56 106.75
C GLN A 341 164.88 -72.19 106.21
N GLU A 342 164.83 -73.50 106.05
CA GLU A 342 163.70 -74.18 105.40
C GLU A 342 163.43 -75.58 106.03
N PRO A 343 162.22 -76.12 105.91
CA PRO A 343 161.87 -77.49 106.30
C PRO A 343 162.48 -78.48 105.33
N SER A 344 162.48 -79.75 105.73
CA SER A 344 162.82 -80.89 104.87
C SER A 344 161.59 -81.44 104.15
N GLY A 345 161.83 -82.27 103.14
CA GLY A 345 160.85 -83.29 102.79
C GLY A 345 160.81 -84.32 103.93
N GLY A 346 159.65 -84.51 104.54
CA GLY A 346 159.46 -85.44 105.66
C GLY A 346 159.77 -84.90 107.07
N THR A 347 160.24 -83.66 107.24
CA THR A 347 159.96 -82.96 108.52
C THR A 347 158.47 -82.67 108.57
N SER A 348 157.82 -82.90 109.70
CA SER A 348 156.39 -82.66 109.93
C SER A 348 156.01 -81.17 109.76
N TYR A 349 155.75 -80.72 108.52
CA TYR A 349 155.57 -79.31 108.14
C TYR A 349 154.29 -79.02 107.33
N TYR A 350 153.78 -77.81 107.48
CA TYR A 350 152.41 -77.37 107.23
C TYR A 350 152.35 -75.86 106.96
N VAL A 351 151.22 -75.35 106.45
CA VAL A 351 150.90 -73.91 106.51
C VAL A 351 149.48 -73.72 107.05
N SER A 352 149.19 -72.59 107.67
CA SER A 352 147.86 -72.26 108.19
C SER A 352 147.57 -70.77 108.07
N TYR A 353 146.29 -70.41 107.89
CA TYR A 353 145.82 -69.03 107.75
C TYR A 353 144.31 -68.89 107.63
N LYS A 354 143.72 -67.78 108.12
CA LYS A 354 142.48 -67.32 107.48
C LYS A 354 142.80 -66.89 106.04
N TYR A 355 141.98 -67.36 105.12
CA TYR A 355 142.04 -67.02 103.71
C TYR A 355 140.78 -66.28 103.30
N ASN A 356 140.92 -65.26 102.47
CA ASN A 356 139.79 -64.60 101.86
C ASN A 356 139.38 -65.43 100.65
N LYS A 357 138.65 -66.54 100.86
CA LYS A 357 138.05 -67.33 99.77
C LYS A 357 137.21 -66.41 98.87
N ARG A 358 137.25 -66.55 97.54
CA ARG A 358 136.12 -66.05 96.73
C ARG A 358 134.90 -66.89 97.09
N MET A 359 134.05 -66.34 97.95
CA MET A 359 132.83 -67.01 98.37
C MET A 359 131.94 -67.21 97.14
N GLU A 360 131.36 -68.39 97.00
CA GLU A 360 130.58 -68.82 95.82
C GLU A 360 129.04 -68.74 96.03
N ALA A 361 128.29 -68.42 94.97
CA ALA A 361 126.83 -68.27 95.04
C ALA A 361 126.10 -69.61 95.18
N GLY A 362 125.04 -69.64 95.99
CA GLY A 362 124.40 -70.84 96.53
C GLY A 362 125.28 -71.66 97.48
N LYS A 363 126.56 -71.86 97.13
CA LYS A 363 127.56 -72.62 97.89
C LYS A 363 127.93 -71.96 99.22
N ASP A 364 128.27 -70.68 99.19
CA ASP A 364 128.67 -69.88 100.34
C ASP A 364 127.72 -68.74 100.67
N TYR A 365 126.80 -68.38 99.78
CA TYR A 365 125.58 -67.63 100.10
C TYR A 365 124.38 -68.02 99.23
N GLU A 366 123.25 -68.43 99.81
CA GLU A 366 121.99 -68.30 99.08
C GLU A 366 121.53 -66.83 99.10
N VAL A 367 120.47 -66.49 98.38
CA VAL A 367 119.77 -65.21 98.60
C VAL A 367 118.32 -65.43 98.97
N THR A 368 117.83 -64.64 99.92
CA THR A 368 116.44 -64.67 100.41
C THR A 368 115.95 -63.24 100.67
N THR A 369 114.65 -63.01 100.82
CA THR A 369 114.09 -61.67 101.08
C THR A 369 113.42 -61.59 102.44
N GLN A 370 113.64 -60.48 103.16
CA GLN A 370 113.05 -60.17 104.49
C GLN A 370 112.66 -58.69 104.64
N GLY A 371 111.44 -58.42 105.07
CA GLY A 371 110.83 -57.11 104.91
C GLY A 371 110.30 -56.89 103.49
N GLU A 372 109.16 -56.20 103.36
CA GLU A 372 108.37 -56.03 102.11
C GLU A 372 107.67 -54.65 102.07
N GLY A 373 107.15 -54.24 100.90
CA GLY A 373 106.49 -52.94 100.70
C GLY A 373 107.45 -51.76 100.81
N LEU A 374 107.15 -50.79 101.67
CA LEU A 374 108.12 -49.78 102.13
C LEU A 374 109.43 -50.41 102.63
N SER A 375 109.40 -51.66 103.13
CA SER A 375 110.54 -52.41 103.68
C SER A 375 111.13 -53.53 102.78
N LYS A 376 110.83 -53.60 101.47
CA LYS A 376 111.30 -54.72 100.62
C LYS A 376 112.82 -54.79 100.46
N LYS A 377 113.43 -55.91 100.92
CA LYS A 377 114.88 -56.12 100.98
C LYS A 377 115.32 -57.57 100.74
N TRP A 378 116.56 -57.70 100.28
CA TRP A 378 117.26 -58.95 99.97
C TRP A 378 118.37 -59.24 100.98
N TYR A 379 118.80 -60.49 101.07
CA TYR A 379 119.75 -60.99 102.08
C TYR A 379 120.61 -62.08 101.46
N ILE A 380 121.91 -61.78 101.37
CA ILE A 380 123.00 -62.73 101.16
C ILE A 380 123.07 -63.60 102.39
N ASN A 381 122.29 -64.68 102.40
CA ASN A 381 122.33 -65.67 103.46
C ASN A 381 123.60 -66.51 103.27
N PHE A 382 124.69 -66.19 103.97
CA PHE A 382 125.92 -66.99 103.93
C PHE A 382 125.56 -68.44 104.24
N THR A 383 125.54 -69.25 103.19
CA THR A 383 124.65 -70.40 103.12
C THR A 383 124.49 -71.18 104.42
N PRO A 384 123.37 -70.96 105.15
CA PRO A 384 122.98 -71.86 106.24
C PRO A 384 122.81 -73.30 105.73
N SER A 385 122.40 -73.46 104.46
CA SER A 385 122.30 -74.74 103.72
C SER A 385 123.65 -75.42 103.34
N ASN A 386 124.70 -74.66 102.96
CA ASN A 386 125.88 -75.18 102.22
C ASN A 386 127.28 -74.61 102.65
N GLY A 387 127.33 -73.53 103.44
CA GLY A 387 128.42 -72.56 103.44
C GLY A 387 129.80 -73.08 103.88
N ALA A 388 130.82 -72.88 103.05
CA ALA A 388 132.22 -72.78 103.48
C ALA A 388 132.51 -71.34 103.98
N LYS A 389 131.69 -70.86 104.91
CA LYS A 389 131.64 -69.46 105.35
C LYS A 389 132.95 -69.01 106.01
N PRO A 390 133.18 -67.70 106.20
CA PRO A 390 134.25 -67.23 107.08
C PRO A 390 134.14 -67.78 108.51
N ILE A 391 135.12 -67.47 109.36
CA ILE A 391 134.95 -67.60 110.81
C ILE A 391 133.94 -66.54 111.27
N ASP A 392 133.15 -66.82 112.32
CA ASP A 392 132.14 -65.86 112.78
C ASP A 392 132.75 -64.50 113.20
N GLN A 393 132.15 -63.42 112.75
CA GLN A 393 132.68 -62.07 112.79
C GLN A 393 134.06 -61.94 112.12
N THR A 394 134.23 -62.58 110.94
CA THR A 394 135.33 -62.34 109.99
C THR A 394 134.73 -62.13 108.59
N VAL A 395 135.30 -61.20 107.82
CA VAL A 395 134.62 -60.42 106.78
C VAL A 395 133.94 -61.20 105.64
N VAL A 396 132.88 -60.60 105.11
CA VAL A 396 132.20 -60.85 103.82
C VAL A 396 132.06 -59.53 103.06
N LEU A 397 132.21 -59.57 101.73
CA LEU A 397 132.09 -58.44 100.80
C LEU A 397 131.38 -58.90 99.50
N VAL A 398 130.26 -58.29 99.08
CA VAL A 398 129.37 -58.78 97.99
C VAL A 398 129.27 -57.89 96.75
N ASP A 399 129.43 -58.46 95.54
CA ASP A 399 129.14 -57.83 94.25
C ASP A 399 127.84 -58.36 93.63
N TYR A 400 126.96 -57.48 93.15
CA TYR A 400 125.67 -57.87 92.56
C TYR A 400 125.09 -56.77 91.65
N THR A 401 124.40 -57.14 90.56
CA THR A 401 123.44 -56.22 89.92
C THR A 401 122.13 -56.22 90.67
N TYR A 402 121.39 -55.14 90.52
CA TYR A 402 120.05 -54.97 91.08
C TYR A 402 119.29 -53.92 90.24
N TYR A 403 117.97 -53.86 90.37
CA TYR A 403 117.16 -52.88 89.67
C TYR A 403 117.13 -51.53 90.37
N LEU A 404 117.40 -50.47 89.61
CA LEU A 404 117.04 -49.11 89.99
C LEU A 404 115.51 -49.05 90.13
N ALA A 405 114.98 -48.17 90.98
CA ALA A 405 113.60 -47.70 90.86
C ALA A 405 113.58 -46.53 89.85
N ARG A 406 112.40 -46.04 89.43
CA ARG A 406 112.33 -44.80 88.66
C ARG A 406 111.19 -43.92 89.17
N LYS A 407 111.44 -42.63 89.44
CA LYS A 407 110.49 -41.74 90.13
C LYS A 407 109.73 -40.88 89.14
N ASP A 408 108.78 -41.49 88.44
CA ASP A 408 108.15 -40.86 87.30
C ASP A 408 107.22 -39.75 87.77
N SER A 409 107.67 -38.50 87.68
CA SER A 409 106.83 -37.36 88.02
C SER A 409 105.65 -37.34 87.08
N VAL A 410 104.44 -37.28 87.62
CA VAL A 410 103.23 -37.25 86.80
C VAL A 410 102.48 -35.97 87.11
N PHE A 411 101.99 -35.33 86.05
CA PHE A 411 101.32 -34.05 86.11
C PHE A 411 100.10 -34.09 85.20
N ILE A 412 99.10 -33.25 85.42
CA ILE A 412 97.93 -33.15 84.55
C ILE A 412 97.64 -31.73 84.12
N ASN A 413 97.07 -31.59 82.93
CA ASN A 413 96.91 -30.30 82.25
C ASN A 413 95.44 -29.97 81.88
N LYS A 414 95.21 -28.83 81.21
CA LYS A 414 93.89 -28.25 80.83
C LYS A 414 92.85 -29.15 80.13
N TYR A 415 93.22 -30.35 79.68
CA TYR A 415 92.29 -31.43 79.29
C TYR A 415 92.91 -32.85 79.30
N GLY A 416 93.86 -33.15 80.21
CA GLY A 416 94.43 -34.50 80.36
C GLY A 416 95.53 -34.91 79.37
N ASP A 417 96.23 -33.97 78.74
CA ASP A 417 97.59 -34.15 78.19
C ASP A 417 98.60 -34.23 79.36
N ILE A 418 98.52 -35.35 80.10
CA ILE A 418 99.32 -35.61 81.29
C ILE A 418 100.81 -35.64 80.89
N ALA A 419 101.65 -34.87 81.58
CA ALA A 419 103.08 -35.14 81.58
C ALA A 419 103.30 -36.37 82.45
N ILE A 420 103.12 -37.54 81.86
CA ILE A 420 103.53 -38.84 82.42
C ILE A 420 105.04 -38.91 82.12
N LEU A 421 105.85 -38.27 82.96
CA LEU A 421 107.27 -38.04 82.72
C LEU A 421 108.16 -39.10 83.43
N PRO A 422 108.68 -40.11 82.71
CA PRO A 422 109.49 -41.17 83.33
C PRO A 422 110.71 -40.63 84.04
N GLY A 423 110.95 -41.16 85.24
CA GLY A 423 111.72 -40.50 86.28
C GLY A 423 113.24 -40.56 86.14
N GLU A 424 113.94 -40.05 87.14
CA GLU A 424 115.36 -40.34 87.30
C GLU A 424 115.48 -41.78 87.80
N PRO A 425 116.18 -42.68 87.09
CA PRO A 425 116.47 -44.00 87.61
C PRO A 425 117.52 -43.89 88.75
N ASN A 426 117.18 -44.41 89.93
CA ASN A 426 118.09 -44.68 91.04
C ASN A 426 117.39 -45.62 92.03
N ILE A 427 118.11 -46.26 92.95
CA ILE A 427 117.46 -47.08 93.98
C ILE A 427 116.45 -46.25 94.77
N MET A 428 115.40 -46.90 95.28
CA MET A 428 114.26 -46.25 95.96
C MET A 428 114.65 -45.28 97.10
N ARG A 429 115.81 -45.50 97.72
CA ARG A 429 116.47 -44.59 98.66
C ARG A 429 116.33 -43.13 98.25
N LEU A 430 116.81 -42.80 97.05
CA LEU A 430 116.60 -41.52 96.38
C LEU A 430 116.48 -41.71 94.89
N VAL A 431 115.51 -42.53 94.54
CA VAL A 431 114.86 -42.38 93.26
C VAL A 431 114.16 -41.01 93.26
N THR A 432 114.40 -40.21 92.22
CA THR A 432 114.26 -38.75 92.28
C THR A 432 113.44 -38.12 91.14
N PRO A 433 112.67 -37.06 91.44
CA PRO A 433 111.69 -36.54 90.49
C PRO A 433 112.36 -35.72 89.39
N PRO A 434 112.05 -35.95 88.09
CA PRO A 434 112.25 -34.92 87.08
C PRO A 434 111.23 -33.80 87.33
N LEU A 435 111.71 -32.62 87.72
CA LEU A 435 110.87 -31.52 88.21
C LEU A 435 110.35 -30.68 87.02
N ASN A 436 109.52 -31.28 86.16
CA ASN A 436 108.95 -30.63 84.97
C ASN A 436 108.23 -29.30 85.29
N THR A 437 108.40 -28.28 84.42
CA THR A 437 107.77 -26.95 84.57
C THR A 437 106.84 -26.55 83.40
N ASP A 438 106.30 -27.50 82.62
CA ASP A 438 105.20 -27.27 81.68
C ASP A 438 104.06 -26.48 82.39
N PRO A 439 103.75 -25.24 81.95
CA PRO A 439 102.87 -24.33 82.69
C PRO A 439 101.41 -24.77 82.70
N GLU A 440 101.07 -25.86 82.02
CA GLU A 440 99.77 -26.51 82.10
C GLU A 440 99.78 -27.71 83.04
N ASN A 441 100.86 -28.49 83.06
CA ASN A 441 100.92 -29.76 83.77
C ASN A 441 101.23 -29.57 85.26
N LEU A 442 100.20 -29.66 86.13
CA LEU A 442 100.24 -29.34 87.57
C LEU A 442 100.94 -30.41 88.43
N GLN A 443 101.62 -30.00 89.50
CA GLN A 443 102.37 -30.88 90.44
C GLN A 443 101.43 -31.78 91.27
N LEU A 444 101.12 -32.97 90.74
CA LEU A 444 100.47 -34.02 91.52
C LEU A 444 101.52 -34.65 92.44
N GLY A 445 102.63 -35.11 91.86
CA GLY A 445 103.73 -35.78 92.55
C GLY A 445 104.42 -36.79 91.61
N THR A 446 104.67 -38.03 92.07
CA THR A 446 105.31 -39.09 91.25
C THR A 446 104.63 -40.46 91.29
N VAL A 447 104.38 -41.03 90.11
CA VAL A 447 104.19 -42.48 89.94
C VAL A 447 105.58 -43.10 89.92
N THR A 448 106.19 -43.31 91.09
CA THR A 448 107.51 -43.97 91.16
C THR A 448 107.45 -45.43 90.71
N VAL A 449 107.58 -45.64 89.41
CA VAL A 449 107.64 -46.94 88.76
C VAL A 449 108.68 -47.80 89.48
N LEU A 450 108.19 -48.86 90.12
CA LEU A 450 108.97 -49.62 91.09
C LEU A 450 110.17 -50.40 90.50
N PRO A 451 111.22 -50.66 91.29
CA PRO A 451 112.37 -51.41 90.83
C PRO A 451 112.02 -52.88 90.54
N ASP A 452 112.55 -53.39 89.44
CA ASP A 452 112.13 -54.64 88.79
C ASP A 452 110.62 -54.72 88.53
N SER A 453 109.95 -53.57 88.45
CA SER A 453 108.50 -53.50 88.49
C SER A 453 107.98 -52.17 87.94
N ASP A 454 106.83 -51.71 88.42
CA ASP A 454 105.95 -50.87 87.63
C ASP A 454 105.35 -49.71 88.43
N GLU A 455 105.30 -49.80 89.75
CA GLU A 455 104.23 -49.12 90.50
C GLU A 455 104.48 -47.66 90.94
N ALA A 456 104.31 -47.29 92.23
CA ALA A 456 104.37 -45.88 92.65
C ALA A 456 104.85 -45.69 94.09
N VAL A 457 105.39 -44.49 94.37
CA VAL A 457 105.75 -43.91 95.70
C VAL A 457 105.75 -42.37 95.55
N CYS A 458 105.30 -41.59 96.56
CA CYS A 458 105.12 -40.12 96.50
C CYS A 458 105.81 -39.28 97.60
N ILE A 459 106.45 -39.84 98.62
CA ILE A 459 107.15 -39.05 99.65
C ILE A 459 108.20 -38.17 98.96
N SER A 460 108.09 -36.85 99.11
CA SER A 460 108.78 -35.85 98.26
C SER A 460 108.84 -34.45 98.91
N PHE A 461 109.70 -33.57 98.39
CA PHE A 461 109.48 -32.12 98.52
C PHE A 461 108.25 -31.64 97.73
N ALA A 462 107.87 -32.31 96.63
CA ALA A 462 106.80 -31.88 95.75
C ALA A 462 105.48 -31.50 96.48
N ILE A 463 104.99 -30.28 96.24
CA ILE A 463 103.80 -29.68 96.87
C ILE A 463 102.63 -29.65 95.87
N THR A 464 101.43 -30.09 96.27
CA THR A 464 100.22 -29.96 95.43
C THR A 464 99.36 -28.75 95.80
N ARG A 465 98.23 -28.56 95.11
CA ARG A 465 97.52 -27.27 94.94
C ARG A 465 97.50 -26.35 96.17
N LEU A 466 98.15 -25.19 96.05
CA LEU A 466 98.19 -24.06 97.01
C LEU A 466 98.31 -24.43 98.50
N SER A 467 99.02 -25.51 98.81
CA SER A 467 99.15 -26.12 100.14
C SER A 467 97.83 -26.39 100.87
N MET A 468 96.69 -26.57 100.19
CA MET A 468 95.44 -26.96 100.87
C MET A 468 95.46 -28.39 101.44
N GLU A 469 96.44 -29.19 101.02
CA GLU A 469 96.96 -30.37 101.73
C GLU A 469 97.15 -30.11 103.25
N ASP A 470 97.30 -28.85 103.68
CA ASP A 470 97.24 -28.39 105.08
C ASP A 470 96.10 -29.02 105.91
N LEU A 471 94.96 -29.27 105.28
CA LEU A 471 93.85 -29.97 105.91
C LEU A 471 94.28 -31.32 106.51
N GLN A 472 95.09 -32.08 105.79
CA GLN A 472 95.64 -33.35 106.26
C GLN A 472 96.94 -33.17 107.09
N LYS A 473 97.72 -32.11 106.89
CA LYS A 473 98.83 -31.79 107.82
C LYS A 473 98.32 -31.55 109.25
N VAL A 474 97.15 -30.92 109.38
CA VAL A 474 96.42 -30.74 110.64
C VAL A 474 95.81 -32.07 111.10
N LYS A 475 94.98 -32.72 110.28
CA LYS A 475 94.31 -33.97 110.66
C LYS A 475 95.29 -35.09 111.06
N THR A 476 96.49 -35.18 110.47
CA THR A 476 97.53 -36.15 110.88
C THR A 476 98.03 -35.92 112.32
N ARG A 477 98.31 -34.67 112.72
CA ARG A 477 98.77 -34.36 114.09
C ARG A 477 97.63 -34.40 115.10
N VAL A 478 96.40 -34.06 114.71
CA VAL A 478 95.20 -34.39 115.49
C VAL A 478 95.08 -35.91 115.69
N ASP A 479 95.18 -36.71 114.63
CA ASP A 479 95.03 -38.16 114.72
C ASP A 479 96.14 -38.86 115.49
N ASN A 480 97.36 -38.32 115.52
CA ASN A 480 98.37 -38.78 116.47
C ASN A 480 97.88 -38.61 117.93
N LEU A 481 97.18 -37.51 118.23
CA LEU A 481 96.53 -37.33 119.52
C LEU A 481 95.18 -38.07 119.61
N GLU A 482 94.61 -38.57 118.50
CA GLU A 482 93.58 -39.61 118.56
C GLU A 482 94.16 -41.00 118.92
N TYR A 483 95.41 -41.37 118.54
CA TYR A 483 96.06 -42.57 119.09
C TYR A 483 96.05 -42.49 120.62
N ASN A 484 96.44 -41.31 121.14
CA ASN A 484 96.48 -41.00 122.56
C ASN A 484 95.06 -40.98 123.16
N GLN A 485 94.08 -40.30 122.56
CA GLN A 485 92.71 -40.22 123.09
C GLN A 485 92.03 -41.59 123.18
N ALA A 486 92.23 -42.45 122.18
CA ALA A 486 91.72 -43.82 122.18
C ALA A 486 92.27 -44.68 123.32
N VAL A 487 93.53 -44.46 123.70
CA VAL A 487 94.17 -45.07 124.87
C VAL A 487 93.68 -44.40 126.16
N ASN A 488 93.95 -43.10 126.31
CA ASN A 488 93.67 -42.26 127.48
C ASN A 488 92.25 -42.42 128.01
N ALA A 489 91.27 -42.54 127.10
CA ALA A 489 89.87 -42.72 127.43
C ALA A 489 89.60 -43.85 128.43
N LEU A 490 90.42 -44.91 128.41
CA LEU A 490 90.45 -45.93 129.46
C LEU A 490 91.75 -45.85 130.30
N ASP A 491 92.93 -45.64 129.68
CA ASP A 491 94.23 -45.65 130.35
C ASP A 491 94.32 -44.71 131.57
N ASP A 492 93.81 -43.47 131.48
CA ASP A 492 93.98 -42.45 132.52
C ASP A 492 93.45 -42.91 133.90
N GLY A 493 92.35 -43.69 133.94
CA GLY A 493 91.77 -44.34 135.13
C GLY A 493 91.99 -45.86 135.17
N ALA A 494 92.55 -46.47 134.12
CA ALA A 494 93.03 -47.85 134.10
C ALA A 494 94.55 -47.98 134.37
N MET A 495 95.14 -46.96 134.99
CA MET A 495 96.58 -46.77 135.24
C MET A 495 97.23 -47.74 136.25
N GLU A 496 96.45 -48.54 137.01
CA GLU A 496 96.92 -49.58 137.95
C GLU A 496 97.96 -49.08 138.97
N GLY A 497 97.90 -47.81 139.35
CA GLY A 497 98.98 -47.08 140.00
C GLY A 497 98.50 -45.77 140.64
N GLN A 498 99.02 -44.62 140.18
CA GLN A 498 98.68 -43.25 140.64
C GLN A 498 98.76 -43.14 142.19
N ASN A 499 98.08 -42.15 142.78
CA ASN A 499 97.59 -42.32 144.13
C ASN A 499 96.33 -43.20 144.00
N PRO A 500 96.49 -44.53 144.04
CA PRO A 500 95.50 -45.52 143.65
C PRO A 500 94.50 -45.02 142.60
N LEU A 501 93.23 -44.84 142.97
CA LEU A 501 92.37 -43.84 142.32
C LEU A 501 91.65 -43.08 143.44
N THR A 502 92.43 -42.57 144.41
CA THR A 502 91.93 -41.83 145.59
C THR A 502 91.17 -40.56 145.15
N LEU A 503 91.59 -39.97 144.03
CA LEU A 503 90.81 -39.11 143.14
C LEU A 503 89.36 -39.62 143.04
N ARG A 504 88.44 -38.87 143.68
CA ARG A 504 87.02 -39.20 143.77
C ARG A 504 86.23 -38.62 142.59
N SER A 505 86.40 -37.31 142.37
CA SER A 505 85.79 -36.51 141.30
C SER A 505 86.51 -35.15 141.20
N VAL A 506 86.33 -34.36 140.13
CA VAL A 506 86.85 -32.97 140.02
C VAL A 506 85.68 -32.02 139.70
N PHE A 507 85.61 -30.87 140.36
CA PHE A 507 84.84 -29.74 139.84
C PHE A 507 85.81 -28.69 139.31
N SER A 508 85.45 -28.05 138.20
CA SER A 508 86.30 -27.04 137.60
C SER A 508 85.50 -25.99 136.84
N GLU A 509 86.07 -24.80 136.68
CA GLU A 509 85.49 -23.69 135.90
C GLU A 509 86.54 -23.04 134.99
N GLY A 510 86.15 -22.80 133.73
CA GLY A 510 86.94 -22.12 132.71
C GLY A 510 86.28 -20.83 132.18
N PHE A 511 85.04 -20.50 132.59
CA PHE A 511 84.35 -19.24 132.27
C PHE A 511 84.06 -19.02 130.77
N ILE A 512 83.95 -20.11 129.99
CA ILE A 512 83.61 -20.15 128.54
C ILE A 512 82.39 -21.09 128.27
N SER A 513 81.51 -21.31 129.26
CA SER A 513 80.34 -22.21 129.17
C SER A 513 79.07 -21.74 129.92
N LEU A 514 77.91 -22.33 129.56
CA LEU A 514 76.57 -22.05 130.10
C LEU A 514 76.06 -23.07 131.14
N ASP A 515 76.92 -23.88 131.73
CA ASP A 515 76.52 -24.98 132.64
C ASP A 515 77.02 -24.82 134.09
N LYS A 516 78.32 -24.89 134.34
CA LYS A 516 78.88 -25.06 135.70
C LYS A 516 78.68 -23.87 136.66
N ALA A 517 78.49 -22.65 136.16
CA ALA A 517 78.14 -21.49 136.98
C ALA A 517 76.81 -21.71 137.74
N ASP A 518 76.81 -21.48 139.05
CA ASP A 518 75.59 -21.39 139.87
C ASP A 518 75.25 -19.92 140.17
N ILE A 519 74.93 -19.13 139.13
CA ILE A 519 74.32 -17.78 139.28
C ILE A 519 73.04 -17.80 140.13
N THR A 520 72.42 -18.97 140.22
CA THR A 520 71.27 -19.38 141.02
C THR A 520 71.60 -19.74 142.48
N HIS A 521 72.88 -19.67 142.87
CA HIS A 521 73.40 -19.55 144.24
C HIS A 521 73.93 -18.09 144.43
N PRO A 522 73.05 -17.07 144.51
CA PRO A 522 73.37 -15.70 144.08
C PRO A 522 74.33 -14.89 144.98
N ASP A 523 75.06 -15.52 145.91
CA ASP A 523 76.38 -15.01 146.35
C ASP A 523 77.26 -14.80 145.11
N PHE A 524 77.05 -15.68 144.12
CA PHE A 524 77.49 -15.57 142.73
C PHE A 524 77.11 -14.21 142.10
N GLY A 525 78.09 -13.54 141.50
CA GLY A 525 77.91 -12.29 140.76
C GLY A 525 79.14 -11.97 139.93
N ILE A 526 79.58 -12.89 139.07
CA ILE A 526 80.60 -12.58 138.04
C ILE A 526 80.02 -12.49 136.62
N VAL A 527 80.81 -11.89 135.72
CA VAL A 527 80.64 -11.90 134.26
C VAL A 527 81.96 -12.32 133.62
N PHE A 528 81.90 -12.84 132.40
CA PHE A 528 82.86 -13.81 131.84
C PHE A 528 83.74 -13.23 130.72
N SER A 529 84.28 -14.09 129.86
CA SER A 529 84.87 -13.74 128.56
C SER A 529 84.89 -15.01 127.68
N PHE A 530 83.86 -15.16 126.83
CA PHE A 530 83.33 -16.46 126.37
C PHE A 530 84.19 -17.41 125.50
N GLU A 531 85.38 -17.02 125.06
CA GLU A 531 86.39 -17.97 124.50
C GLU A 531 87.82 -17.56 124.91
N ASP A 532 87.93 -16.78 125.99
CA ASP A 532 89.17 -16.18 126.49
C ASP A 532 89.45 -16.57 127.96
N ALA A 533 88.46 -17.17 128.63
CA ALA A 533 88.57 -17.93 129.87
C ALA A 533 88.91 -17.13 131.13
N GLU A 534 88.27 -15.98 131.35
CA GLU A 534 88.44 -15.18 132.57
C GLU A 534 87.16 -14.43 132.95
N ALA A 535 86.93 -14.28 134.26
CA ALA A 535 85.74 -13.68 134.83
C ALA A 535 86.05 -12.73 136.01
N THR A 536 85.12 -11.83 136.27
CA THR A 536 85.29 -10.74 137.25
C THR A 536 83.92 -10.27 137.73
N LEU A 537 83.87 -9.47 138.80
CA LEU A 537 82.64 -8.91 139.37
C LEU A 537 81.69 -8.39 138.28
N ALA A 538 80.46 -8.90 138.29
CA ALA A 538 79.37 -8.47 137.43
C ALA A 538 79.10 -6.97 137.63
N TYR A 539 78.52 -6.30 136.63
CA TYR A 539 78.42 -4.86 136.63
C TYR A 539 77.09 -4.27 136.15
N THR A 540 76.52 -3.40 136.98
CA THR A 540 75.43 -2.46 136.71
C THR A 540 75.78 -1.57 135.51
N GLU A 541 75.37 -2.04 134.33
CA GLU A 541 75.65 -1.44 133.02
C GLU A 541 74.70 -0.27 132.74
N ALA A 542 75.06 0.92 133.22
CA ALA A 542 74.43 2.19 132.87
C ALA A 542 74.65 2.53 131.37
N VAL A 543 73.92 1.88 130.46
CA VAL A 543 74.07 2.05 129.00
C VAL A 543 73.53 3.40 128.55
N ASN A 544 74.34 4.19 127.84
CA ASN A 544 73.94 5.50 127.35
C ASN A 544 74.02 5.60 125.82
N GLN A 545 73.16 6.44 125.27
CA GLN A 545 73.46 7.14 124.03
C GLN A 545 73.90 8.55 124.46
N PRO A 546 75.10 9.04 124.09
CA PRO A 546 75.42 10.46 124.18
C PRO A 546 74.39 11.29 123.38
N LYS A 547 74.41 12.61 123.51
CA LYS A 547 73.52 13.49 122.74
C LYS A 547 74.31 14.64 122.17
N ILE A 548 73.79 15.34 121.18
CA ILE A 548 74.53 16.38 120.47
C ILE A 548 74.22 17.75 121.06
N ILE A 549 75.26 18.52 121.41
CA ILE A 549 75.10 19.95 121.64
C ILE A 549 74.93 20.58 120.27
N PRO A 550 73.76 21.12 119.91
CA PRO A 550 73.38 21.29 118.52
C PRO A 550 74.31 22.12 117.64
N GLY A 551 74.61 23.37 118.01
CA GLY A 551 75.49 24.24 117.20
C GLY A 551 76.96 23.90 117.38
N ASP A 552 77.34 23.52 118.59
CA ASP A 552 78.69 23.11 118.92
C ASP A 552 79.09 21.83 118.19
N THR A 553 78.11 20.98 117.89
CA THR A 553 78.19 19.99 116.82
C THR A 553 78.10 20.72 115.47
N THR A 554 79.22 21.27 115.01
CA THR A 554 79.28 21.95 113.70
C THR A 554 79.03 20.98 112.54
N ALA A 555 79.21 19.68 112.78
CA ALA A 555 78.81 18.61 111.88
C ALA A 555 77.30 18.73 111.57
N HIS A 556 76.95 19.00 110.30
CA HIS A 556 75.57 19.24 109.92
C HIS A 556 74.69 18.00 110.17
N ILE A 557 73.66 18.12 110.98
CA ILE A 557 72.78 17.01 111.29
C ILE A 557 71.80 16.84 110.14
N TRP A 558 71.80 15.66 109.51
CA TRP A 558 71.02 15.29 108.32
C TRP A 558 70.01 14.19 108.68
N GLY A 559 68.71 14.49 108.77
CA GLY A 559 67.69 13.45 108.92
C GLY A 559 67.78 12.71 110.25
N ARG A 560 68.50 11.59 110.29
CA ARG A 560 68.99 10.98 111.55
C ARG A 560 70.51 10.84 111.57
N LEU A 561 71.15 10.74 110.39
CA LEU A 561 72.59 10.85 110.18
C LEU A 561 73.13 12.29 110.41
N ILE A 562 74.43 12.46 110.19
CA ILE A 562 75.18 13.70 110.34
C ILE A 562 76.23 13.73 109.22
N SER A 563 76.69 14.91 108.82
CA SER A 563 77.91 15.10 108.01
C SER A 563 78.76 16.20 108.65
N ALA A 564 79.85 16.61 108.03
CA ALA A 564 80.49 17.88 108.35
C ALA A 564 79.52 19.06 108.14
N PRO A 565 79.82 20.29 108.57
CA PRO A 565 79.17 21.44 107.97
C PRO A 565 79.42 21.40 106.44
N PHE A 566 78.51 21.98 105.66
CA PHE A 566 78.46 21.72 104.22
C PHE A 566 77.80 22.85 103.45
N THR A 567 78.02 22.82 102.13
CA THR A 567 77.49 23.75 101.14
C THR A 567 76.96 22.95 99.94
N GLU A 568 75.88 23.38 99.29
CA GLU A 568 75.28 22.66 98.12
C GLU A 568 75.90 23.06 96.76
N GLU A 569 75.97 22.11 95.83
CA GLU A 569 76.28 22.29 94.42
C GLU A 569 75.16 21.66 93.59
N ARG A 570 74.82 22.16 92.40
CA ARG A 570 74.14 21.34 91.38
C ARG A 570 75.22 20.56 90.63
N THR A 571 75.34 19.28 90.93
CA THR A 571 76.33 18.44 90.26
C THR A 571 75.86 17.91 88.91
N ILE A 572 74.54 17.79 88.65
CA ILE A 572 74.01 17.27 87.36
C ILE A 572 72.81 18.11 86.87
N TYR A 573 72.63 18.27 85.57
CA TYR A 573 71.45 18.94 85.01
C TYR A 573 71.06 18.43 83.64
N GLN A 574 69.76 18.50 83.34
CA GLN A 574 69.17 18.39 82.02
C GLN A 574 68.05 19.43 81.97
N GLY A 575 68.33 20.54 81.28
CA GLY A 575 67.47 21.72 81.18
C GLY A 575 66.51 21.75 79.99
N GLN A 576 66.26 20.61 79.34
CA GLN A 576 65.40 20.49 78.17
C GLN A 576 64.08 19.91 78.62
N ALA A 577 62.97 20.59 78.35
CA ALA A 577 61.65 19.98 78.31
C ALA A 577 61.08 20.19 76.90
N SER A 578 60.18 19.31 76.46
CA SER A 578 59.54 19.35 75.14
C SER A 578 58.09 18.84 75.18
N GLU A 579 57.65 18.27 76.31
CA GLU A 579 56.30 17.76 76.55
C GLU A 579 56.05 17.53 78.04
N THR A 580 54.79 17.38 78.47
CA THR A 580 54.54 16.85 79.83
C THR A 580 54.81 15.34 79.86
N LEU A 581 54.83 14.76 81.05
CA LEU A 581 54.48 13.35 81.23
C LEU A 581 53.77 13.13 82.58
N ASN A 582 52.54 12.59 82.56
CA ASN A 582 51.91 11.97 83.74
C ASN A 582 52.88 10.94 84.37
N VAL A 583 53.17 11.11 85.65
CA VAL A 583 54.12 10.27 86.44
C VAL A 583 53.66 8.80 86.57
N ASN A 584 52.43 8.48 86.17
CA ASN A 584 51.87 7.13 86.09
C ASN A 584 50.81 7.16 84.98
N PRO A 585 51.16 6.95 83.70
CA PRO A 585 50.26 7.14 82.57
C PRO A 585 49.11 6.11 82.55
N TYR A 586 49.31 4.95 83.15
CA TYR A 586 48.26 3.97 83.47
C TYR A 586 47.36 4.46 84.63
N ASN A 587 47.90 5.36 85.45
CA ASN A 587 47.49 5.83 86.78
C ASN A 587 47.12 4.69 87.76
N ILE A 588 47.94 3.64 87.79
CA ILE A 588 47.81 2.49 88.69
C ILE A 588 48.94 2.52 89.73
N PRO A 589 48.74 3.09 90.93
CA PRO A 589 49.69 3.00 92.05
C PRO A 589 49.48 1.69 92.85
N ASN A 590 50.24 1.55 93.94
CA ASN A 590 49.85 0.77 95.12
C ASN A 590 50.12 1.75 96.29
N LYS A 591 49.24 1.85 97.30
CA LYS A 591 49.43 2.84 98.37
C LYS A 591 50.47 2.37 99.42
N GLN A 592 51.74 2.33 99.02
CA GLN A 592 52.86 2.38 99.96
C GLN A 592 53.02 3.83 100.48
N GLY A 593 52.69 4.05 101.76
CA GLY A 593 52.99 5.31 102.43
C GLY A 593 54.28 5.19 103.22
N VAL A 594 55.23 6.10 103.08
CA VAL A 594 56.61 5.89 103.56
C VAL A 594 56.74 6.04 105.07
N LEU A 595 57.30 5.05 105.76
CA LEU A 595 57.39 4.92 107.23
C LEU A 595 58.83 5.09 107.74
N LYS A 596 59.00 5.70 108.91
CA LYS A 596 60.27 5.96 109.62
C LYS A 596 60.14 5.68 111.12
N LEU A 597 61.28 5.51 111.81
CA LEU A 597 61.39 5.28 113.26
C LEU A 597 62.19 6.40 113.96
N THR A 598 61.97 6.56 115.26
CA THR A 598 62.71 7.49 116.13
C THR A 598 62.71 6.99 117.58
N PRO A 599 63.86 6.61 118.19
CA PRO A 599 65.21 6.49 117.62
C PRO A 599 65.28 5.46 116.46
N SER A 600 66.47 5.20 115.94
CA SER A 600 66.69 4.28 114.82
C SER A 600 67.86 3.31 115.03
N GLU A 601 68.77 3.52 115.99
CA GLU A 601 69.88 2.59 116.27
C GLU A 601 70.26 2.46 117.75
N ASP A 602 71.07 1.45 118.11
CA ASP A 602 71.54 1.16 119.48
C ASP A 602 72.79 0.26 119.51
N ASN A 603 73.57 0.28 120.61
CA ASN A 603 74.58 -0.73 121.00
C ASN A 603 74.61 -0.75 122.56
N TRP A 604 74.33 -1.90 123.17
CA TRP A 604 74.12 -2.09 124.60
C TRP A 604 74.76 -3.40 125.09
N ILE A 605 74.65 -3.71 126.38
CA ILE A 605 75.16 -4.92 127.05
C ILE A 605 74.11 -5.37 128.11
N ASP A 606 74.19 -6.62 128.62
CA ASP A 606 73.29 -7.15 129.65
C ASP A 606 73.99 -8.20 130.56
N THR A 607 73.99 -7.99 131.88
CA THR A 607 74.31 -9.00 132.92
C THR A 607 73.15 -10.00 133.05
N GLU A 608 73.11 -10.98 132.15
CA GLU A 608 71.99 -11.93 131.99
C GLU A 608 71.82 -12.93 133.18
N ASN A 609 72.72 -12.87 134.17
CA ASN A 609 72.70 -13.66 135.40
C ASN A 609 71.32 -13.62 136.06
N LEU A 678 84.24 -14.82 122.62
CA LEU A 678 83.09 -14.59 121.70
C LEU A 678 82.26 -13.37 122.18
N GLU A 679 82.58 -12.15 121.70
CA GLU A 679 81.85 -10.90 122.01
C GLU A 679 80.48 -10.83 121.28
N GLU A 680 79.67 -11.88 121.46
CA GLU A 680 78.39 -12.11 120.78
C GLU A 680 77.37 -11.02 121.06
N MET A 681 76.38 -10.86 120.18
CA MET A 681 75.48 -9.69 120.18
C MET A 681 74.06 -10.05 120.63
N ILE A 682 73.44 -9.19 121.44
CA ILE A 682 72.39 -9.58 122.40
C ILE A 682 71.05 -10.00 121.76
N GLU A 683 70.59 -11.20 122.10
CA GLU A 683 69.33 -11.85 121.69
C GLU A 683 68.05 -11.16 122.14
N PHE A 684 68.17 -10.14 122.98
CA PHE A 684 67.21 -9.06 123.00
C PHE A 684 67.96 -7.77 122.70
N ILE A 685 67.54 -7.10 121.62
CA ILE A 685 67.73 -5.66 121.48
C ILE A 685 67.01 -5.01 122.68
N ARG A 686 67.70 -4.14 123.45
CA ARG A 686 67.16 -3.64 124.73
C ARG A 686 65.75 -3.04 124.58
N ILE A 687 64.89 -3.34 125.56
CA ILE A 687 63.45 -3.08 125.50
C ILE A 687 63.20 -1.57 125.59
N ARG A 688 62.75 -0.96 124.49
CA ARG A 688 62.85 0.48 124.26
C ARG A 688 61.66 0.97 123.49
N ASP A 689 61.11 2.11 123.86
CA ASP A 689 60.01 2.67 123.09
C ASP A 689 60.53 3.44 121.88
N VAL A 690 60.03 3.05 120.72
CA VAL A 690 60.36 3.65 119.43
C VAL A 690 59.11 4.32 118.87
N SER A 691 59.20 5.62 118.68
CA SER A 691 58.21 6.39 117.94
C SER A 691 58.35 6.12 116.44
N PHE A 692 57.30 6.42 115.69
CA PHE A 692 57.31 6.34 114.22
C PHE A 692 56.58 7.54 113.62
N GLU A 693 56.84 7.74 112.34
CA GLU A 693 56.04 8.60 111.46
C GLU A 693 55.89 7.90 110.11
N VAL A 694 54.73 8.03 109.46
CA VAL A 694 54.48 7.49 108.12
C VAL A 694 53.77 8.53 107.27
N LYS A 695 54.09 8.64 105.99
CA LYS A 695 53.59 9.67 105.04
C LYS A 695 52.83 9.04 103.89
N GLY A 696 51.78 9.69 103.42
CA GLY A 696 51.15 9.35 102.14
C GLY A 696 50.53 7.95 102.10
N LEU A 697 49.83 7.54 103.15
CA LEU A 697 48.82 6.48 103.13
C LEU A 697 47.49 7.06 102.55
N ASN A 698 46.35 6.40 102.67
CA ASN A 698 45.08 7.01 102.24
C ASN A 698 44.68 8.20 103.14
N PRO A 699 43.88 9.16 102.64
CA PRO A 699 43.25 10.20 103.46
C PRO A 699 42.38 9.65 104.62
N ASN A 700 42.82 9.84 105.86
CA ASN A 700 42.19 9.26 107.07
C ASN A 700 41.94 7.74 106.95
N ASP A 701 42.95 7.08 106.39
CA ASP A 701 43.15 5.65 106.46
C ASP A 701 43.19 5.18 107.92
N ASN A 702 42.79 3.94 108.17
CA ASN A 702 42.30 3.53 109.47
C ASN A 702 42.59 2.06 109.78
N ASN A 703 42.72 1.69 111.05
CA ASN A 703 43.10 0.34 111.48
C ASN A 703 44.55 -0.01 111.12
N LEU A 704 45.43 0.98 110.92
CA LEU A 704 46.81 0.80 110.44
C LEU A 704 47.68 0.16 111.52
N TYR A 705 47.78 -1.16 111.54
CA TYR A 705 48.60 -1.93 112.44
C TYR A 705 50.10 -1.76 112.15
N LEU A 706 50.86 -1.40 113.18
CA LEU A 706 52.32 -1.45 113.16
C LEU A 706 52.75 -2.90 113.45
N LEU A 707 53.59 -3.48 112.58
CA LEU A 707 54.15 -4.81 112.75
C LEU A 707 55.68 -4.73 112.85
N PHE A 708 56.21 -4.49 114.04
CA PHE A 708 57.64 -4.49 114.31
C PHE A 708 58.24 -5.86 113.95
N ASP A 709 59.28 -5.90 113.14
CA ASP A 709 59.81 -7.10 112.49
C ASP A 709 58.83 -7.90 111.62
N GLY A 710 57.67 -7.32 111.29
CA GLY A 710 56.50 -7.99 110.73
C GLY A 710 55.55 -8.60 111.80
N VAL A 711 55.82 -8.38 113.09
CA VAL A 711 55.03 -8.84 114.24
C VAL A 711 54.24 -7.68 114.85
N ARG A 712 52.92 -7.82 114.97
CA ARG A 712 52.02 -6.79 115.53
C ARG A 712 52.52 -6.24 116.86
N CYS A 713 52.78 -4.93 116.94
CA CYS A 713 53.12 -4.21 118.17
C CYS A 713 52.26 -2.94 118.31
N ALA A 714 51.73 -2.71 119.51
CA ALA A 714 50.68 -1.72 119.74
C ALA A 714 51.13 -0.28 119.51
N ILE A 715 50.48 0.37 118.55
CA ILE A 715 50.55 1.81 118.36
C ILE A 715 49.90 2.54 119.53
N THR A 716 50.71 3.38 120.17
CA THR A 716 50.23 4.58 120.84
C THR A 716 49.99 5.63 119.77
N PRO A 717 48.75 5.98 119.40
CA PRO A 717 48.52 6.95 118.33
C PRO A 717 48.81 8.35 118.89
N ALA A 718 49.71 9.07 118.21
CA ALA A 718 50.25 10.36 118.68
C ALA A 718 49.25 11.53 118.58
N THR A 719 49.74 12.74 118.85
CA THR A 719 49.05 14.01 118.58
C THR A 719 48.49 14.10 117.16
N GLY A 720 47.21 14.47 117.04
CA GLY A 720 46.48 14.60 115.77
C GLY A 720 45.88 13.30 115.25
N TYR A 721 46.38 12.16 115.67
CA TYR A 721 45.94 10.86 115.20
C TYR A 721 45.06 10.18 116.25
N ARG A 722 43.91 9.66 115.80
CA ARG A 722 43.12 8.71 116.56
C ARG A 722 43.84 7.38 116.57
N LYS A 723 43.42 6.47 117.44
CA LYS A 723 43.60 5.05 117.12
C LYS A 723 43.00 4.78 115.74
N GLY A 724 43.59 3.84 115.03
CA GLY A 724 42.82 3.13 114.02
C GLY A 724 41.70 2.44 114.80
N SER A 725 40.50 2.28 114.24
CA SER A 725 39.36 1.83 115.03
C SER A 725 39.57 0.47 115.73
N GLU A 726 40.37 -0.41 115.10
CA GLU A 726 41.16 -1.45 115.77
C GLU A 726 42.22 -0.83 116.72
N ASP A 727 42.05 -0.86 118.04
CA ASP A 727 43.06 -0.20 118.91
C ASP A 727 44.45 -0.88 118.90
N GLY A 728 45.49 -0.16 119.30
CA GLY A 728 46.89 -0.51 119.02
C GLY A 728 47.26 -0.28 117.57
N THR A 729 46.43 0.42 116.79
CA THR A 729 46.69 0.83 115.40
C THR A 729 46.41 2.32 115.27
N ILE A 730 46.61 2.91 114.08
CA ILE A 730 46.43 4.35 113.85
C ILE A 730 45.40 4.69 112.77
N MET A 731 44.78 5.85 112.91
CA MET A 731 44.05 6.51 111.83
C MET A 731 44.82 7.76 111.40
N THR A 732 45.14 7.87 110.11
CA THR A 732 45.92 8.98 109.55
C THR A 732 45.16 10.28 109.53
N ASP A 733 45.84 11.33 109.09
CA ASP A 733 45.19 12.51 108.56
C ASP A 733 44.87 12.36 107.07
N ALA A 734 44.28 13.39 106.49
CA ALA A 734 43.84 13.43 105.11
C ALA A 734 44.98 13.42 104.09
N LYS A 735 46.23 13.71 104.46
CA LYS A 735 47.40 13.43 103.59
C LYS A 735 47.82 11.96 103.62
N GLY A 736 47.24 11.18 104.52
CA GLY A 736 47.78 9.88 104.88
C GLY A 736 49.07 9.94 105.69
N THR A 737 49.32 11.03 106.45
CA THR A 737 50.34 11.00 107.50
C THR A 737 49.78 10.33 108.75
N ALA A 738 50.60 9.62 109.50
CA ALA A 738 50.30 9.13 110.84
C ALA A 738 51.58 9.07 111.68
N LYS A 739 51.45 9.20 112.99
CA LYS A 739 52.57 9.10 113.94
C LYS A 739 52.14 8.47 115.25
N GLY A 740 53.10 7.93 115.98
CA GLY A 740 52.81 7.19 117.20
C GLY A 740 54.08 6.60 117.78
N LYS A 741 53.92 5.56 118.59
CA LYS A 741 55.03 4.73 119.07
C LYS A 741 54.59 3.32 119.43
N PHE A 742 55.57 2.45 119.58
CA PHE A 742 55.44 1.11 120.13
C PHE A 742 56.71 0.79 120.96
N THR A 743 56.87 -0.45 121.42
CA THR A 743 58.05 -0.88 122.18
C THR A 743 58.75 -2.06 121.53
N ILE A 744 60.08 -1.95 121.37
CA ILE A 744 61.00 -3.06 121.08
C ILE A 744 60.81 -4.14 122.17
N PRO A 745 60.26 -5.33 121.86
CA PRO A 745 60.07 -6.40 122.83
C PRO A 745 61.37 -7.04 123.34
N ALA A 746 61.24 -8.11 124.14
CA ALA A 746 62.33 -9.01 124.55
C ALA A 746 62.44 -10.26 123.65
N GLY A 747 63.51 -11.05 123.78
CA GLY A 747 63.80 -12.19 122.89
C GLY A 747 64.00 -11.77 121.43
N ILE A 748 64.25 -10.49 121.22
CA ILE A 748 64.48 -9.85 119.92
C ILE A 748 65.92 -10.08 119.46
N ARG A 749 66.09 -11.07 118.57
CA ARG A 749 67.34 -11.38 117.84
C ARG A 749 68.03 -10.08 117.39
N CYS A 750 69.34 -9.91 117.58
CA CYS A 750 70.10 -8.66 117.35
C CYS A 750 70.07 -8.13 115.89
N GLY A 751 70.80 -7.08 115.57
CA GLY A 751 70.93 -6.59 114.20
C GLY A 751 69.80 -5.66 113.80
N ASN A 752 69.53 -5.55 112.50
CA ASN A 752 68.55 -4.59 112.01
C ASN A 752 67.10 -5.04 112.24
N ARG A 753 66.15 -4.11 112.36
CA ARG A 753 64.71 -4.41 112.43
C ARG A 753 63.99 -3.99 111.18
N GLU A 754 63.04 -4.80 110.77
CA GLU A 754 61.89 -4.29 110.03
C GLU A 754 60.99 -3.56 111.03
N VAL A 755 60.22 -2.58 110.59
CA VAL A 755 58.94 -2.29 111.25
C VAL A 755 57.95 -2.00 110.14
N THR A 756 56.88 -2.77 110.08
CA THR A 756 55.77 -2.55 109.18
C THR A 756 54.84 -1.45 109.70
N LEU A 757 54.18 -0.68 108.84
CA LEU A 757 52.97 0.04 109.25
C LEU A 757 51.96 0.08 108.13
N LYS A 758 50.93 -0.73 108.27
CA LYS A 758 49.97 -1.07 107.21
C LYS A 758 48.58 -1.33 107.76
N ASN A 759 47.58 -1.32 106.91
CA ASN A 759 46.37 -2.11 107.11
C ASN A 759 46.31 -3.01 105.84
N ALA A 760 45.14 -3.21 105.22
CA ALA A 760 45.07 -3.68 103.82
C ALA A 760 44.99 -2.56 102.77
N ASN A 761 44.61 -1.37 103.20
CA ASN A 761 44.25 -0.24 102.37
C ASN A 761 45.49 0.53 101.89
N SER A 762 46.49 0.62 102.77
CA SER A 762 47.84 1.13 102.52
C SER A 762 48.86 0.23 103.23
N THR A 763 50.13 0.35 102.89
CA THR A 763 51.17 -0.48 103.49
C THR A 763 52.53 0.20 103.59
N SER A 764 53.43 -0.32 104.44
CA SER A 764 54.78 0.23 104.64
C SER A 764 55.71 -0.71 105.39
N ALA A 765 57.00 -0.41 105.36
CA ALA A 765 58.10 -1.13 106.03
C ALA A 765 59.24 -0.15 106.37
N THR A 766 60.10 -0.41 107.36
CA THR A 766 61.12 0.56 107.78
C THR A 766 62.29 -0.05 108.58
N THR A 767 63.30 0.76 108.93
CA THR A 767 64.61 0.32 109.47
C THR A 767 64.88 0.71 110.93
N TYR A 768 65.36 -0.26 111.74
CA TYR A 768 66.16 -0.01 112.97
C TYR A 768 67.51 -0.76 112.88
N THR A 769 68.56 -0.38 113.62
CA THR A 769 69.89 -1.05 113.61
C THR A 769 70.44 -1.32 115.03
N ALA A 770 71.07 -2.47 115.29
CA ALA A 770 71.45 -2.85 116.66
C ALA A 770 72.64 -3.84 116.71
N GLN A 771 73.81 -3.50 117.28
CA GLN A 771 75.00 -4.38 117.29
C GLN A 771 75.87 -4.27 118.56
N GLY A 772 75.26 -4.35 119.75
CA GLY A 772 76.01 -4.35 121.02
C GLY A 772 76.90 -5.60 121.19
N ARG A 773 78.17 -5.43 121.61
CA ARG A 773 79.11 -6.54 121.89
C ARG A 773 78.96 -6.96 123.37
N LYS A 774 78.25 -8.07 123.65
CA LYS A 774 78.06 -8.65 125.00
C LYS A 774 79.39 -9.27 125.49
N LYS A 775 79.56 -9.44 126.81
CA LYS A 775 80.74 -10.13 127.40
C LYS A 775 80.60 -11.66 127.49
N THR A 776 79.40 -12.19 127.23
CA THR A 776 79.01 -13.58 127.57
C THR A 776 77.92 -14.07 126.60
N ALA A 777 77.81 -15.39 126.37
CA ALA A 777 76.82 -15.99 125.48
C ALA A 777 75.42 -16.21 126.13
N GLN A 778 74.77 -17.34 125.83
CA GLN A 778 73.33 -17.61 125.87
C GLN A 778 72.56 -16.68 124.94
N ASP A 779 72.57 -15.38 125.18
CA ASP A 779 72.05 -14.40 124.21
C ASP A 779 72.98 -14.26 122.99
N ILE A 780 72.48 -14.61 121.80
CA ILE A 780 73.13 -14.44 120.49
C ILE A 780 72.05 -14.02 119.43
N ILE A 781 72.18 -14.44 118.15
CA ILE A 781 71.20 -14.35 117.04
C ILE A 781 70.97 -12.93 116.45
N ILE A 782 70.51 -12.82 115.19
CA ILE A 782 70.14 -11.59 114.44
C ILE A 782 68.75 -11.75 113.69
N ARG A 783 68.05 -10.67 113.22
CA ARG A 783 66.84 -10.79 112.33
C ARG A 783 66.89 -10.06 110.98
N THR A 784 67.03 -8.73 110.92
CA THR A 784 67.21 -7.88 109.69
C THR A 784 66.01 -7.79 108.71
N ARG A 785 66.03 -6.83 107.74
CA ARG A 785 64.80 -6.18 107.15
C ARG A 785 64.48 -6.07 105.62
N VAL A 786 65.43 -5.74 104.71
CA VAL A 786 65.28 -5.50 103.22
C VAL A 786 64.39 -4.31 102.75
N THR A 787 64.58 -3.84 101.49
CA THR A 787 63.67 -2.88 100.80
C THR A 787 63.32 -3.35 99.37
N VAL A 788 62.04 -3.29 98.99
CA VAL A 788 61.48 -3.60 97.65
C VAL A 788 60.19 -2.79 97.45
N ASN A 789 59.83 -2.35 96.22
CA ASN A 789 58.44 -2.03 95.89
C ASN A 789 58.10 -2.06 94.38
N LEU A 790 56.81 -2.24 94.03
CA LEU A 790 56.30 -2.28 92.65
C LEU A 790 54.98 -1.50 92.52
N VAL A 791 54.81 -0.75 91.42
CA VAL A 791 53.56 -0.08 90.96
C VAL A 791 53.55 0.04 89.41
N ASP A 792 52.74 0.91 88.78
CA ASP A 792 52.87 1.26 87.35
C ASP A 792 53.55 2.64 87.12
N PRO A 793 54.78 2.89 87.60
CA PRO A 793 55.28 4.26 87.79
C PRO A 793 55.90 4.86 86.54
N LEU A 794 56.43 6.07 86.71
CA LEU A 794 57.54 6.59 85.92
C LEU A 794 58.88 6.24 86.58
N ALA A 795 59.95 6.15 85.78
CA ALA A 795 61.32 6.10 86.24
C ALA A 795 62.25 6.77 85.22
N GLN A 796 63.45 7.09 85.69
CA GLN A 796 64.51 7.76 84.96
C GLN A 796 65.86 7.14 85.35
N SER A 797 66.52 6.43 84.43
CA SER A 797 67.91 6.01 84.62
C SER A 797 68.83 7.23 84.73
N PHE A 798 69.88 7.15 85.55
CA PHE A 798 70.89 8.20 85.69
C PHE A 798 72.19 7.68 86.28
N GLN A 799 73.26 8.44 86.14
CA GLN A 799 74.60 8.11 86.64
C GLN A 799 75.27 9.25 87.40
N TYR A 800 76.12 8.89 88.35
CA TYR A 800 77.15 9.76 88.93
C TYR A 800 78.52 9.25 88.50
N ASP A 801 79.42 10.16 88.19
CA ASP A 801 80.76 9.83 87.72
C ASP A 801 81.84 10.08 88.78
N GLU A 802 81.56 10.95 89.75
CA GLU A 802 82.37 11.16 90.97
C GLU A 802 81.58 10.94 92.25
N ASN A 803 82.26 10.58 93.34
CA ASN A 803 81.67 10.53 94.68
C ASN A 803 81.16 11.92 95.09
N ARG A 804 79.89 12.01 95.51
CA ARG A 804 79.20 13.26 95.83
C ARG A 804 77.99 13.04 96.75
N THR A 805 77.83 13.79 97.84
CA THR A 805 76.69 13.57 98.76
C THR A 805 75.42 14.28 98.34
N ILE A 806 74.39 13.57 97.87
CA ILE A 806 73.14 14.18 97.40
C ILE A 806 72.43 14.90 98.53
N SER A 807 72.17 16.19 98.31
CA SER A 807 71.19 16.96 99.07
C SER A 807 69.78 16.75 98.49
N SER A 808 69.63 16.84 97.15
CA SER A 808 68.33 16.91 96.52
C SER A 808 68.36 16.74 95.01
N LEU A 809 67.18 16.50 94.43
CA LEU A 809 66.90 16.77 93.01
C LEU A 809 66.30 18.16 92.82
N GLY A 810 66.17 18.55 91.55
CA GLY A 810 65.15 19.46 91.06
C GLY A 810 64.52 18.86 89.79
N LEU A 811 63.21 19.07 89.60
CA LEU A 811 62.37 18.44 88.58
C LEU A 811 61.28 19.40 88.09
N TYR A 812 61.26 19.77 86.82
CA TYR A 812 60.25 20.71 86.32
C TYR A 812 58.90 20.02 86.15
N PHE A 813 57.81 20.70 86.52
CA PHE A 813 56.46 20.13 86.39
C PHE A 813 55.52 20.94 85.51
N ALA A 814 54.79 20.23 84.68
CA ALA A 814 53.67 20.75 83.93
C ALA A 814 52.45 20.90 84.83
N SER A 815 52.12 19.89 85.62
CA SER A 815 50.97 19.92 86.52
C SER A 815 51.19 19.03 87.74
N LYS A 816 50.45 19.32 88.81
CA LYS A 816 50.45 18.56 90.07
C LYS A 816 49.03 18.06 90.34
N GLY A 817 48.92 16.90 91.00
CA GLY A 817 47.64 16.25 91.30
C GLY A 817 46.79 17.07 92.29
N ASP A 818 46.92 16.77 93.57
CA ASP A 818 46.16 17.42 94.64
C ASP A 818 46.89 17.38 95.99
N LYS A 819 46.40 18.13 96.95
CA LYS A 819 47.05 18.34 98.26
C LYS A 819 47.10 17.08 99.15
N GLN A 820 46.41 15.99 98.82
CA GLN A 820 46.30 14.78 99.65
C GLN A 820 46.76 13.51 98.95
N SER A 821 46.73 13.48 97.61
CA SER A 821 47.69 12.64 96.87
C SER A 821 49.11 13.16 97.17
N ASN A 822 50.12 12.33 97.01
CA ASN A 822 51.50 12.70 97.30
C ASN A 822 52.45 11.75 96.59
N VAL A 823 53.09 12.25 95.52
CA VAL A 823 53.94 11.44 94.66
C VAL A 823 55.13 10.88 95.43
N VAL A 824 55.31 9.56 95.43
CA VAL A 824 56.49 9.00 96.08
C VAL A 824 57.64 9.08 95.09
N ILE A 825 58.65 9.89 95.40
CA ILE A 825 59.86 10.04 94.60
C ILE A 825 60.94 9.19 95.27
N GLN A 826 61.73 8.45 94.52
CA GLN A 826 62.63 7.41 95.05
C GLN A 826 63.93 7.32 94.26
N ILE A 827 65.03 6.96 94.93
CA ILE A 827 66.30 6.60 94.30
C ILE A 827 66.51 5.10 94.43
N ARG A 828 66.92 4.45 93.34
CA ARG A 828 67.12 3.01 93.21
C ARG A 828 68.42 2.70 92.45
N GLY A 829 68.91 1.47 92.58
CA GLY A 829 69.97 0.93 91.71
C GLY A 829 69.41 0.45 90.37
N MET A 830 70.15 -0.38 89.63
CA MET A 830 69.77 -0.84 88.29
C MET A 830 70.01 -2.32 88.07
N GLY A 831 69.04 -3.00 87.44
CA GLY A 831 69.12 -4.43 87.13
C GLY A 831 69.61 -4.73 85.71
N ASP A 832 69.54 -6.01 85.31
CA ASP A 832 69.52 -6.41 83.89
C ASP A 832 68.32 -5.85 83.13
N GLN A 833 67.33 -5.39 83.89
CA GLN A 833 66.36 -4.37 83.51
C GLN A 833 66.93 -3.38 82.46
N GLY A 834 68.09 -2.77 82.70
CA GLY A 834 68.40 -1.46 82.07
C GLY A 834 67.48 -0.34 82.58
N TYR A 835 66.80 -0.65 83.68
CA TYR A 835 65.77 0.09 84.40
C TYR A 835 65.98 -0.18 85.90
N PRO A 836 65.25 0.48 86.79
CA PRO A 836 65.49 0.41 88.23
C PRO A 836 65.56 -1.03 88.77
N ASN A 837 66.37 -1.26 89.81
CA ASN A 837 66.18 -2.38 90.73
C ASN A 837 64.95 -2.13 91.65
N LYS A 838 64.59 -3.06 92.55
CA LYS A 838 63.48 -2.85 93.52
C LYS A 838 63.88 -2.12 94.80
N THR A 839 65.16 -2.08 95.14
CA THR A 839 65.68 -1.48 96.39
C THR A 839 65.58 0.04 96.38
N ILE A 840 65.28 0.66 97.51
CA ILE A 840 65.18 2.13 97.60
C ILE A 840 66.26 2.67 98.56
N TYR A 841 66.85 3.80 98.20
CA TYR A 841 68.09 4.32 98.81
C TYR A 841 67.93 5.71 99.41
N ALA A 842 67.08 6.56 98.82
CA ALA A 842 66.53 7.77 99.43
C ALA A 842 65.19 8.10 98.77
N GLU A 843 64.25 8.74 99.47
CA GLU A 843 62.85 8.83 99.01
C GLU A 843 62.10 10.00 99.72
N THR A 844 60.99 10.47 99.14
CA THR A 844 60.08 11.51 99.69
C THR A 844 58.68 11.39 99.08
N VAL A 845 57.66 12.04 99.66
CA VAL A 845 56.21 11.74 99.44
C VAL A 845 55.42 13.05 99.30
N MET A 846 55.36 13.54 98.06
CA MET A 846 55.20 14.97 97.81
C MET A 846 53.80 15.29 97.25
N ASN A 847 53.02 16.03 98.03
CA ASN A 847 51.68 16.49 97.70
C ASN A 847 51.70 17.63 96.69
N ALA A 848 50.53 18.09 96.24
CA ALA A 848 50.43 19.35 95.52
C ALA A 848 50.91 20.55 96.38
N ASP A 849 51.02 20.41 97.70
CA ASP A 849 51.66 21.38 98.62
C ASP A 849 53.18 21.49 98.39
N ASP A 850 53.78 20.35 98.02
CA ASP A 850 55.22 20.12 97.85
C ASP A 850 55.69 20.27 96.39
N ILE A 851 54.78 20.08 95.42
CA ILE A 851 55.05 20.03 93.97
C ILE A 851 54.67 21.34 93.27
N LYS A 852 55.56 21.76 92.36
CA LYS A 852 55.81 23.15 91.96
C LYS A 852 55.94 23.19 90.44
N VAL A 853 55.00 23.84 89.77
CA VAL A 853 54.66 23.53 88.38
C VAL A 853 54.49 24.81 87.55
N SER A 854 54.46 24.67 86.22
CA SER A 854 54.66 25.74 85.23
C SER A 854 54.15 25.34 83.85
N ASN A 855 54.06 26.28 82.92
CA ASN A 855 53.47 26.06 81.59
C ASN A 855 54.46 25.73 80.47
N ASN A 856 55.75 25.71 80.81
CA ASN A 856 56.87 25.89 79.89
C ASN A 856 58.18 25.36 80.49
N ALA A 857 58.08 24.49 81.50
CA ALA A 857 59.21 24.02 82.32
C ALA A 857 60.05 25.14 82.95
N SER A 858 59.39 26.13 83.54
CA SER A 858 60.03 27.20 84.34
C SER A 858 60.00 26.96 85.85
N ALA A 859 59.05 26.17 86.39
CA ALA A 859 58.98 25.87 87.82
C ALA A 859 59.60 24.52 88.13
N GLU A 860 60.63 24.52 88.98
CA GLU A 860 61.33 23.32 89.39
C GLU A 860 60.87 22.91 90.79
N THR A 861 60.25 21.73 90.85
CA THR A 861 59.96 21.03 92.09
C THR A 861 61.27 20.52 92.68
N ARG A 862 61.59 20.88 93.93
CA ARG A 862 62.82 20.45 94.62
C ARG A 862 62.52 19.29 95.55
N VAL A 863 63.37 18.29 95.50
CA VAL A 863 63.12 16.99 96.12
C VAL A 863 64.30 16.66 97.02
N TYR A 864 64.24 17.12 98.26
CA TYR A 864 65.31 16.88 99.22
C TYR A 864 65.26 15.48 99.80
N PHE A 865 66.43 15.06 100.27
CA PHE A 865 66.61 13.84 101.02
C PHE A 865 67.18 14.19 102.39
N ASP A 866 66.97 13.27 103.34
CA ASP A 866 67.07 13.59 104.76
C ASP A 866 68.48 13.34 105.31
N ASP A 867 68.95 12.10 105.22
CA ASP A 867 70.34 11.72 105.52
C ASP A 867 71.30 12.25 104.42
N PRO A 868 72.60 12.42 104.71
CA PRO A 868 73.62 12.76 103.73
C PRO A 868 73.92 11.53 102.84
N MET A 869 73.12 11.27 101.78
CA MET A 869 73.29 10.11 100.87
C MET A 869 74.43 10.30 99.85
N MET A 870 75.54 9.56 99.95
CA MET A 870 76.64 9.67 98.99
C MET A 870 76.37 8.87 97.72
N ALA A 871 76.22 9.59 96.61
CA ALA A 871 76.20 9.07 95.25
C ALA A 871 77.63 8.78 94.79
N GLU A 872 77.95 7.50 94.68
CA GLU A 872 79.26 7.03 94.26
C GLU A 872 79.58 7.39 92.82
N GLY A 873 80.86 7.65 92.54
CA GLY A 873 81.33 7.90 91.19
C GLY A 873 81.46 6.63 90.35
N GLY A 874 81.16 6.74 89.06
CA GLY A 874 81.22 5.63 88.10
C GLY A 874 80.07 4.63 88.25
N LYS A 875 78.89 5.11 88.63
CA LYS A 875 77.72 4.28 88.99
C LYS A 875 76.44 4.75 88.29
N GLU A 876 75.61 3.81 87.89
CA GLU A 876 74.22 4.04 87.44
C GLU A 876 73.20 3.73 88.54
N TYR A 877 72.02 4.28 88.36
CA TYR A 877 70.89 4.34 89.29
C TYR A 877 69.61 4.50 88.46
N ALA A 878 68.45 4.36 89.05
CA ALA A 878 67.30 5.07 88.51
C ALA A 878 66.51 5.77 89.60
N ILE A 879 65.99 6.94 89.25
CA ILE A 879 64.88 7.54 89.98
C ILE A 879 63.65 6.69 89.70
N VAL A 880 62.84 6.36 90.70
CA VAL A 880 61.48 5.84 90.52
C VAL A 880 60.51 6.87 91.06
N ILE A 881 59.38 7.04 90.40
CA ILE A 881 58.44 8.10 90.72
C ILE A 881 57.00 7.56 90.58
N ILE A 882 56.32 7.45 91.71
CA ILE A 882 54.99 6.84 91.83
C ILE A 882 53.98 7.96 92.04
N THR A 883 53.02 8.10 91.13
CA THR A 883 51.83 8.90 91.41
C THR A 883 50.59 8.01 91.45
N GLU A 884 49.68 8.38 92.33
CA GLU A 884 48.28 7.92 92.38
C GLU A 884 47.32 8.85 91.63
N ASN A 885 47.75 10.08 91.31
CA ASN A 885 46.97 11.05 90.56
C ASN A 885 47.69 11.38 89.24
N SER A 886 47.00 11.14 88.11
CA SER A 886 47.54 11.33 86.76
C SER A 886 48.09 12.75 86.53
N ASP A 887 47.50 13.72 87.23
CA ASP A 887 47.72 15.13 86.96
C ASP A 887 48.95 15.65 87.68
N TYR A 888 49.70 14.79 88.37
CA TYR A 888 51.11 15.06 88.51
C TYR A 888 51.73 14.72 87.16
N THR A 889 51.86 15.72 86.31
CA THR A 889 52.59 15.58 85.05
C THR A 889 53.88 16.39 85.16
N MET A 890 55.04 15.74 85.02
CA MET A 890 56.30 16.46 84.90
C MET A 890 56.39 17.22 83.58
N TRP A 891 57.42 18.04 83.45
CA TRP A 891 57.96 18.47 82.18
C TRP A 891 59.17 17.61 81.85
N VAL A 892 59.22 17.05 80.65
CA VAL A 892 60.26 16.10 80.24
C VAL A 892 60.75 16.49 78.84
N GLY A 893 62.04 16.34 78.57
CA GLY A 893 62.69 16.64 77.30
C GLY A 893 62.86 15.38 76.46
N THR A 894 63.04 15.54 75.14
CA THR A 894 63.32 14.42 74.25
C THR A 894 64.22 14.81 73.07
N ARG A 895 65.06 13.87 72.63
CA ARG A 895 65.90 13.86 71.43
C ARG A 895 65.14 14.45 70.25
N THR A 896 65.80 15.28 69.45
CA THR A 896 65.23 16.07 68.35
C THR A 896 64.21 17.15 68.72
N LYS A 897 63.42 17.00 69.79
CA LYS A 897 62.12 17.68 69.81
C LYS A 897 62.20 19.19 70.05
N PRO A 898 61.33 20.00 69.42
CA PRO A 898 60.98 21.37 69.85
C PRO A 898 60.70 21.48 71.35
N LYS A 899 61.46 22.32 72.07
CA LYS A 899 61.30 22.45 73.53
C LYS A 899 59.93 23.03 73.88
N ILE A 900 59.39 22.69 75.04
CA ILE A 900 58.19 23.35 75.58
C ILE A 900 58.55 24.78 75.97
N ASP A 901 59.75 24.93 76.52
CA ASP A 901 60.38 26.19 76.84
C ASP A 901 60.50 27.08 75.59
N LYS A 902 60.86 26.47 74.45
CA LYS A 902 61.16 27.12 73.16
C LYS A 902 61.04 26.14 72.00
N PRO A 903 59.89 26.02 71.34
CA PRO A 903 59.73 25.03 70.25
C PRO A 903 60.71 25.26 69.08
N ASN A 904 61.08 26.52 68.85
CA ASN A 904 62.15 26.92 67.94
C ASN A 904 63.51 26.26 68.27
N GLU A 905 63.76 25.97 69.55
CA GLU A 905 64.85 25.08 69.95
C GLU A 905 64.40 23.64 69.78
N VAL A 906 64.79 23.02 68.67
CA VAL A 906 64.87 21.57 68.61
C VAL A 906 66.02 21.10 69.50
N ILE A 907 65.72 20.21 70.42
CA ILE A 907 66.68 19.50 71.24
C ILE A 907 67.60 18.65 70.32
N SER A 908 68.90 18.47 70.59
CA SER A 908 69.75 17.51 69.83
C SER A 908 69.61 16.08 70.35
N GLY A 909 70.45 15.67 71.29
CA GLY A 909 70.47 14.31 71.86
C GLY A 909 69.33 14.02 72.84
N ASN A 910 69.14 12.74 73.18
CA ASN A 910 68.32 12.35 74.34
C ASN A 910 68.83 13.19 75.51
N PRO A 911 68.00 14.01 76.16
CA PRO A 911 68.50 15.19 76.84
C PRO A 911 69.71 14.97 77.74
N TYR A 912 69.70 13.86 78.45
CA TYR A 912 70.71 13.34 79.34
C TYR A 912 70.90 11.85 78.98
N LEU A 913 71.61 11.59 77.89
CA LEU A 913 71.90 10.25 77.38
C LEU A 913 72.56 9.34 78.41
N GLN A 914 73.22 9.98 79.37
CA GLN A 914 73.67 9.47 80.66
C GLN A 914 72.50 8.96 81.54
N GLY A 915 71.37 8.61 80.92
CA GLY A 915 70.06 8.37 81.48
C GLY A 915 69.04 8.06 80.37
N VAL A 916 67.88 7.56 80.82
CA VAL A 916 66.76 7.10 79.99
C VAL A 916 65.46 7.30 80.75
N LEU A 917 64.39 7.73 80.09
CA LEU A 917 63.05 7.79 80.65
C LEU A 917 62.24 6.52 80.35
N PHE A 918 61.36 6.13 81.28
CA PHE A 918 60.40 5.06 81.04
C PHE A 918 59.24 5.08 82.03
N SER A 919 57.99 5.06 81.58
CA SER A 919 56.90 4.54 82.42
C SER A 919 56.99 3.01 82.49
N SER A 920 56.29 2.35 83.40
CA SER A 920 56.12 0.89 83.35
C SER A 920 54.75 0.45 83.82
N SER A 921 54.23 -0.62 83.25
CA SER A 921 53.00 -1.31 83.64
C SER A 921 53.06 -2.13 84.94
N ASN A 922 54.22 -2.23 85.61
CA ASN A 922 54.44 -3.04 86.82
C ASN A 922 55.84 -2.85 87.45
N ALA A 923 56.48 -1.70 87.17
CA ALA A 923 57.89 -1.41 87.46
C ALA A 923 58.86 -2.48 86.93
N SER A 924 58.57 -3.09 85.77
CA SER A 924 59.47 -4.00 85.04
C SER A 924 59.23 -4.01 83.52
N THR A 925 57.99 -4.02 83.04
CA THR A 925 57.70 -3.72 81.64
C THR A 925 57.78 -2.22 81.46
N TRP A 926 59.00 -1.70 81.52
CA TRP A 926 59.31 -0.31 81.29
C TRP A 926 59.14 0.06 79.81
N THR A 927 58.97 1.36 79.53
CA THR A 927 58.62 1.97 78.24
C THR A 927 59.80 2.84 77.79
N PRO A 928 60.94 2.27 77.39
CA PRO A 928 62.24 2.92 77.47
C PRO A 928 62.41 3.90 76.31
N HIS A 929 61.98 5.13 76.50
CA HIS A 929 62.41 6.21 75.65
C HIS A 929 63.78 6.66 76.14
N GLN A 930 64.76 5.92 75.66
CA GLN A 930 66.14 6.34 75.41
C GLN A 930 66.26 7.48 74.37
N ASN A 931 65.13 8.07 74.00
CA ASN A 931 65.02 9.40 73.42
C ASN A 931 64.77 10.49 74.47
N SER A 932 64.25 10.18 75.65
CA SER A 932 63.66 11.14 76.59
C SER A 932 64.32 11.13 77.95
N ASP A 933 64.24 12.28 78.64
CA ASP A 933 64.55 12.43 80.07
C ASP A 933 63.60 13.42 80.74
N LEU A 934 63.36 13.26 82.03
CA LEU A 934 62.77 14.29 82.87
C LEU A 934 63.53 15.60 82.69
N LYS A 935 62.91 16.78 82.71
CA LYS A 935 63.69 18.03 82.86
C LYS A 935 64.08 18.16 84.34
N PHE A 936 65.36 18.01 84.64
CA PHE A 936 65.85 17.73 85.99
C PHE A 936 67.22 18.34 86.25
N GLY A 937 67.62 18.40 87.50
CA GLY A 937 69.03 18.37 87.88
C GLY A 937 69.20 17.78 89.27
N ILE A 938 70.44 17.47 89.65
CA ILE A 938 70.76 16.85 90.93
C ILE A 938 71.81 17.69 91.65
N TYR A 939 71.71 17.72 92.97
CA TYR A 939 72.50 18.57 93.82
C TYR A 939 73.15 17.75 94.92
N THR A 940 74.38 18.10 95.27
CA THR A 940 75.19 17.40 96.26
C THR A 940 76.00 18.34 97.14
N SER A 941 76.71 17.82 98.13
CA SER A 941 77.40 18.62 99.14
C SER A 941 78.88 18.81 98.81
N LYS A 942 79.31 20.07 98.75
CA LYS A 942 80.69 20.44 99.09
C LYS A 942 80.77 20.59 100.60
N PHE A 943 81.33 19.60 101.29
CA PHE A 943 81.57 19.64 102.74
C PHE A 943 82.74 20.53 103.16
N ASN A 944 82.71 20.98 104.40
CA ASN A 944 83.90 21.31 105.16
C ASN A 944 84.71 20.02 105.42
N GLU A 945 86.04 20.03 105.31
CA GLU A 945 86.82 18.78 105.30
C GLU A 945 86.86 18.06 106.68
N THR A 946 86.37 18.70 107.75
CA THR A 946 86.25 18.16 109.12
C THR A 946 85.12 18.87 109.90
N ALA A 947 84.73 18.34 111.06
CA ALA A 947 83.72 18.94 111.92
C ALA A 947 83.80 18.50 113.39
N THR A 948 83.34 19.35 114.30
CA THR A 948 83.10 19.00 115.71
C THR A 948 81.75 18.31 115.92
N ILE A 949 81.71 17.39 116.87
CA ILE A 949 80.52 16.76 117.44
C ILE A 949 80.67 16.82 118.96
N GLU A 950 80.56 18.03 119.49
CA GLU A 950 80.54 18.30 120.93
C GLU A 950 79.27 17.68 121.56
N PHE A 951 79.41 16.63 122.38
CA PHE A 951 78.24 15.97 122.96
C PHE A 951 77.78 16.69 124.23
N GLU A 952 76.49 16.59 124.52
CA GLU A 952 75.85 17.16 125.70
C GLU A 952 76.32 16.40 126.94
N PRO A 953 76.54 17.05 128.09
CA PRO A 953 77.01 16.36 129.28
C PRO A 953 76.11 15.19 129.67
N ILE A 954 76.72 14.02 129.76
CA ILE A 954 76.16 12.79 130.30
C ILE A 954 76.45 12.80 131.82
N LYS A 955 75.79 13.70 132.58
CA LYS A 955 76.08 13.90 134.01
C LYS A 955 75.53 12.76 134.88
N ASP A 956 76.12 12.59 136.07
CA ASP A 956 75.78 11.56 137.08
C ASP A 956 75.82 10.11 136.53
N VAL A 957 76.81 9.87 135.68
CA VAL A 957 77.31 8.55 135.26
C VAL A 957 77.83 7.77 136.48
N SER A 958 78.64 8.43 137.32
CA SER A 958 79.35 7.88 138.48
C SER A 958 79.88 6.46 138.23
N ALA A 959 80.69 6.28 137.18
CA ALA A 959 81.08 4.97 136.65
C ALA A 959 82.55 4.62 136.90
N ASP A 960 82.79 3.35 137.23
CA ASP A 960 84.13 2.77 137.36
C ASP A 960 84.64 2.21 136.03
N ARG A 961 83.75 2.02 135.05
CA ARG A 961 84.08 1.49 133.72
C ARG A 961 83.20 2.11 132.67
N ILE A 962 83.66 2.13 131.42
CA ILE A 962 82.91 2.55 130.25
C ILE A 962 83.29 1.69 129.03
N VAL A 963 82.38 1.57 128.07
CA VAL A 963 82.53 0.85 126.78
C VAL A 963 81.91 1.75 125.73
N LEU A 964 82.74 2.49 125.00
CA LEU A 964 82.26 3.18 123.82
C LEU A 964 81.89 2.13 122.77
N MET A 965 80.65 2.18 122.26
CA MET A 965 80.18 1.38 121.10
C MET A 965 79.39 2.32 120.20
N SER A 966 80.00 3.42 119.79
CA SER A 966 79.34 4.42 118.94
C SER A 966 79.68 4.19 117.49
N THR A 967 78.72 4.36 116.61
CA THR A 967 78.80 3.86 115.24
C THR A 967 78.98 5.03 114.29
N TYR A 968 79.93 4.93 113.39
CA TYR A 968 80.29 5.99 112.46
C TYR A 968 80.98 5.32 111.28
N LEU A 969 80.32 5.03 110.16
CA LEU A 969 81.06 4.46 109.02
C LEU A 969 81.92 5.55 108.35
N THR A 970 83.24 5.38 108.25
CA THR A 970 84.20 6.46 107.90
C THR A 970 85.04 6.11 106.66
N PRO A 971 84.51 6.26 105.44
CA PRO A 971 85.29 6.24 104.20
C PRO A 971 86.61 7.03 104.27
N GLU A 972 87.60 6.70 103.46
CA GLU A 972 88.95 7.30 103.53
C GLU A 972 88.92 8.83 103.53
N ARG A 973 89.91 9.46 104.16
CA ARG A 973 89.91 10.88 104.58
C ARG A 973 88.83 11.18 105.63
N THR A 974 87.59 10.69 105.46
CA THR A 974 86.60 10.74 106.53
C THR A 974 87.02 9.87 107.70
N GLY A 975 86.54 10.22 108.89
CA GLY A 975 87.03 9.65 110.15
C GLY A 975 86.18 10.18 111.30
N CYS A 976 86.38 9.64 112.50
CA CYS A 976 85.67 10.09 113.68
C CYS A 976 86.58 9.92 114.91
N THR A 977 87.56 10.81 115.09
CA THR A 977 88.31 10.84 116.37
C THR A 977 87.34 11.13 117.51
N TRP A 978 87.58 10.53 118.66
CA TRP A 978 86.62 10.51 119.76
C TRP A 978 87.34 10.92 121.03
N GLU A 979 86.68 11.73 121.86
CA GLU A 979 87.32 12.46 122.96
C GLU A 979 86.44 12.53 124.21
N MET A 980 87.06 12.58 125.39
CA MET A 980 86.34 12.53 126.67
C MET A 980 86.79 13.63 127.65
N LYS A 981 85.82 14.09 128.44
CA LYS A 981 85.98 14.99 129.58
C LYS A 981 85.14 14.43 130.74
N LEU A 982 85.67 13.41 131.40
CA LEU A 982 85.02 12.80 132.56
C LEU A 982 85.29 13.63 133.83
N ILE A 983 84.29 14.31 134.39
CA ILE A 983 84.39 14.78 135.77
C ILE A 983 84.26 13.57 136.69
N LEU A 984 85.22 13.38 137.58
CA LEU A 984 85.25 12.22 138.47
C LEU A 984 84.53 12.49 139.80
N ASP A 985 83.92 11.48 140.41
CA ASP A 985 83.46 11.50 141.80
C ASP A 985 84.64 11.76 142.77
N ASP A 986 85.87 11.46 142.34
CA ASP A 986 87.13 11.71 143.07
C ASP A 986 87.88 13.01 142.65
N MET A 987 87.37 13.78 141.68
CA MET A 987 87.85 15.13 141.37
C MET A 987 87.37 16.17 142.41
N ALA A 988 87.87 17.40 142.34
CA ALA A 988 87.29 18.54 143.06
C ALA A 988 85.85 18.85 142.62
N SER A 989 85.05 19.44 143.49
CA SER A 989 83.67 19.86 143.19
C SER A 989 83.58 20.94 142.10
N SER A 990 84.66 21.70 141.90
CA SER A 990 84.82 22.71 140.83
C SER A 990 84.98 22.10 139.44
N THR A 991 85.52 20.88 139.31
CA THR A 991 85.94 20.35 138.01
C THR A 991 84.75 20.19 137.08
N THR A 992 84.84 20.80 135.90
CA THR A 992 83.88 20.73 134.80
C THR A 992 84.61 20.69 133.45
N PHE A 993 83.87 20.54 132.35
CA PHE A 993 84.39 20.27 131.01
C PHE A 993 85.16 21.46 130.38
N ASP A 994 85.14 22.60 131.04
CA ASP A 994 86.08 23.70 130.81
C ASP A 994 87.49 23.33 131.30
N GLN A 995 87.60 22.72 132.48
CA GLN A 995 88.86 22.36 133.13
C GLN A 995 89.45 21.02 132.64
N LEU A 996 88.58 20.10 132.22
CA LEU A 996 88.89 18.86 131.51
C LEU A 996 89.16 19.17 130.01
N LYS A 997 90.12 18.50 129.34
CA LYS A 997 90.47 18.72 127.91
C LYS A 997 90.14 17.48 127.07
N TRP A 998 89.97 17.67 125.76
CA TRP A 998 89.57 16.60 124.82
C TRP A 998 90.70 15.60 124.51
N GLU A 999 91.08 14.84 125.53
CA GLU A 999 91.90 13.64 125.40
C GLU A 999 91.09 12.52 124.70
N PRO A 1000 91.70 11.51 124.03
CA PRO A 1000 90.97 10.65 123.09
C PRO A 1000 90.49 9.29 123.66
N ILE A 1001 89.24 8.92 123.36
CA ILE A 1001 88.61 7.64 123.74
C ILE A 1001 88.36 6.76 122.52
N GLY A 1002 88.87 5.53 122.53
CA GLY A 1002 88.60 4.54 121.48
C GLY A 1002 87.29 3.75 121.69
N ASN A 1003 86.98 2.82 120.78
CA ASN A 1003 85.63 2.29 120.54
C ASN A 1003 85.57 0.75 120.34
N TYR A 1004 84.40 0.15 120.59
CA TYR A 1004 84.22 -1.30 120.82
C TYR A 1004 85.24 -1.85 121.84
N GLN A 1005 85.62 -0.97 122.78
CA GLN A 1005 86.79 -1.04 123.62
C GLN A 1005 86.36 -0.79 125.07
N ASP A 1006 86.84 -1.59 126.01
CA ASP A 1006 86.41 -1.59 127.43
C ASP A 1006 87.44 -0.88 128.32
N LEU A 1007 86.99 0.04 129.17
CA LEU A 1007 87.81 1.13 129.71
C LEU A 1007 87.42 1.45 131.17
N ASP A 1008 88.18 0.90 132.13
CA ASP A 1008 88.09 1.31 133.53
C ASP A 1008 88.52 2.77 133.68
N VAL A 1009 87.74 3.52 134.44
CA VAL A 1009 87.87 4.98 134.65
C VAL A 1009 89.06 5.39 135.52
N LEU A 1010 89.69 4.46 136.26
CA LEU A 1010 90.84 4.70 137.17
C LEU A 1010 90.52 5.75 138.23
N GLY A 1011 89.43 5.50 138.94
CA GLY A 1011 88.62 6.50 139.61
C GLY A 1011 87.16 6.18 139.33
N LEU A 1012 86.26 7.11 139.63
CA LEU A 1012 84.83 6.97 139.33
C LEU A 1012 84.33 8.22 138.61
N ALA A 1013 83.58 8.09 137.52
CA ALA A 1013 83.28 9.20 136.63
C ALA A 1013 81.95 9.87 136.97
N ARG A 1014 81.90 10.81 137.94
CA ARG A 1014 80.63 11.42 138.35
C ARG A 1014 79.83 11.92 137.18
N GLN A 1015 80.38 12.84 136.38
CA GLN A 1015 79.60 13.65 135.45
C GLN A 1015 80.41 13.85 134.19
N VAL A 1016 79.90 13.44 133.04
CA VAL A 1016 80.72 13.29 131.84
C VAL A 1016 80.32 14.31 130.78
N LYS A 1017 81.25 14.76 129.95
CA LYS A 1017 80.94 15.28 128.63
C LYS A 1017 81.87 14.57 127.66
N LEU A 1018 81.34 14.13 126.53
CA LEU A 1018 82.12 13.53 125.45
C LEU A 1018 82.19 14.49 124.26
N ARG A 1019 83.10 14.21 123.34
CA ARG A 1019 83.10 14.80 122.00
C ARG A 1019 83.46 13.72 120.99
N ALA A 1020 83.03 13.90 119.77
CA ALA A 1020 83.73 13.34 118.64
C ALA A 1020 84.10 14.46 117.68
N THR A 1021 85.07 14.18 116.82
CA THR A 1021 85.53 15.08 115.78
C THR A 1021 85.53 14.30 114.46
N PHE A 1022 84.57 14.61 113.60
CA PHE A 1022 84.47 14.03 112.27
C PHE A 1022 85.63 14.58 111.46
N GLU A 1023 86.49 13.70 111.01
CA GLU A 1023 87.21 13.95 109.77
C GLU A 1023 86.23 13.71 108.60
N SER A 1024 86.38 14.38 107.47
CA SER A 1024 85.52 14.23 106.29
C SER A 1024 86.36 14.48 105.04
N ASN A 1025 85.71 14.65 103.90
CA ASN A 1025 86.33 15.27 102.74
C ASN A 1025 85.26 16.06 102.00
N ARG A 1026 85.69 16.84 101.00
CA ARG A 1026 84.86 17.69 100.14
C ARG A 1026 83.53 17.06 99.67
N TYR A 1027 83.42 15.75 99.52
CA TYR A 1027 82.26 15.07 98.90
C TYR A 1027 81.54 14.06 99.81
N ILE A 1028 82.21 13.59 100.86
CA ILE A 1028 81.86 12.43 101.68
C ILE A 1028 82.06 12.78 103.18
N SER A 1029 81.18 12.30 104.07
CA SER A 1029 81.33 12.48 105.52
C SER A 1029 80.70 11.31 106.29
N PRO A 1030 81.18 10.95 107.51
CA PRO A 1030 80.89 9.64 108.10
C PRO A 1030 79.43 9.35 108.42
N LEU A 1031 79.03 8.07 108.35
CA LEU A 1031 77.70 7.62 108.71
C LEU A 1031 77.58 7.37 110.23
N MET A 1032 77.53 8.44 111.02
CA MET A 1032 77.01 8.40 112.39
C MET A 1032 75.60 8.97 112.42
N SER A 1033 74.65 8.20 112.93
CA SER A 1033 73.33 8.68 113.35
C SER A 1033 73.35 9.21 114.77
N SER A 1034 72.46 10.17 115.02
CA SER A 1034 71.91 10.55 116.32
C SER A 1034 71.52 9.39 117.25
N SER A 1035 71.30 8.17 116.75
CA SER A 1035 71.20 6.95 117.57
C SER A 1035 72.13 5.80 117.15
N ASP A 1036 73.02 5.98 116.17
CA ASP A 1036 74.27 5.22 116.14
C ASP A 1036 75.18 5.64 117.29
N LEU A 1037 74.88 6.79 117.90
CA LEU A 1037 75.63 7.45 118.94
C LEU A 1037 75.55 6.67 120.26
N THR A 1038 76.54 5.86 120.64
CA THR A 1038 76.37 4.95 121.79
C THR A 1038 77.60 4.71 122.67
N PHE A 1039 77.37 4.60 123.98
CA PHE A 1039 78.38 4.70 125.02
C PHE A 1039 77.90 4.04 126.32
N THR A 1040 78.31 2.80 126.58
CA THR A 1040 77.99 2.15 127.85
C THR A 1040 78.92 2.67 128.97
N THR A 1041 78.37 2.83 130.16
CA THR A 1041 79.11 3.17 131.39
C THR A 1041 78.66 2.19 132.47
N PHE A 1042 79.46 1.99 133.51
CA PHE A 1042 79.20 0.94 134.48
C PHE A 1042 79.50 1.34 135.93
N LEU A 1043 78.57 0.98 136.80
CA LEU A 1043 78.86 0.69 138.20
C LEU A 1043 79.21 -0.80 138.27
N THR A 1044 80.19 -1.21 139.05
CA THR A 1044 80.46 -2.63 139.33
C THR A 1044 80.02 -2.99 140.75
N GLU A 1045 79.44 -4.17 140.93
CA GLU A 1045 79.07 -4.74 142.24
C GLU A 1045 80.32 -5.02 143.11
N LEU A 1046 80.45 -4.45 144.33
CA LEU A 1046 81.65 -4.64 145.20
C LEU A 1046 81.83 -6.08 145.71
N THR A 1047 80.78 -6.92 145.70
CA THR A 1047 80.87 -8.36 145.95
C THR A 1047 79.99 -9.11 144.96
N GLY A 1048 80.50 -10.23 144.45
CA GLY A 1048 79.87 -10.95 143.35
C GLY A 1048 80.70 -12.18 143.01
N SER A 1049 80.55 -13.23 143.80
CA SER A 1049 81.39 -14.43 143.78
C SER A 1049 81.32 -15.23 142.48
N TYR A 1050 82.21 -16.21 142.34
CA TYR A 1050 81.86 -17.38 141.54
C TYR A 1050 81.31 -18.40 142.54
N VAL A 1051 80.21 -19.06 142.21
CA VAL A 1051 79.78 -20.28 142.88
C VAL A 1051 79.63 -21.36 141.79
N GLY A 1052 80.37 -22.47 141.86
CA GLY A 1052 80.13 -23.61 140.97
C GLY A 1052 78.91 -24.37 141.44
N ARG A 1053 78.17 -25.03 140.54
CA ARG A 1053 77.00 -25.85 140.93
C ARG A 1053 77.36 -26.99 141.89
N ALA A 1054 76.40 -27.34 142.74
CA ALA A 1054 76.57 -28.34 143.82
C ALA A 1054 77.00 -29.70 143.26
N ILE A 1055 77.71 -30.49 144.06
CA ILE A 1055 78.27 -31.78 143.67
C ILE A 1055 77.97 -32.82 144.75
N ASP A 1056 77.00 -33.68 144.48
CA ASP A 1056 76.87 -34.93 145.23
C ASP A 1056 78.20 -35.70 145.08
N MET A 1057 78.82 -36.01 146.20
CA MET A 1057 80.04 -36.80 146.32
C MET A 1057 79.78 -38.16 147.01
N THR A 1058 78.53 -38.63 147.09
CA THR A 1058 78.18 -39.93 147.69
C THR A 1058 78.66 -41.11 146.83
N GLU A 1059 78.77 -40.91 145.51
CA GLU A 1059 79.37 -41.90 144.59
C GLU A 1059 80.87 -42.10 144.85
N ALA A 1060 81.55 -41.05 145.27
CA ALA A 1060 82.98 -41.02 145.52
C ALA A 1060 83.24 -40.22 146.82
N PRO A 1061 82.90 -40.74 148.01
CA PRO A 1061 83.00 -40.01 149.27
C PRO A 1061 84.42 -39.44 149.46
N TYR A 1062 84.52 -38.13 149.74
CA TYR A 1062 85.79 -37.41 149.72
C TYR A 1062 86.25 -37.05 151.12
N ASN A 1063 87.42 -37.51 151.53
CA ASN A 1063 88.03 -37.08 152.79
C ASN A 1063 88.92 -35.83 152.58
N THR A 1064 89.35 -35.60 151.35
CA THR A 1064 90.11 -34.42 150.92
C THR A 1064 89.42 -33.70 149.77
N VAL A 1065 89.69 -32.42 149.67
CA VAL A 1065 89.68 -31.69 148.41
C VAL A 1065 91.05 -31.02 148.30
N ARG A 1066 91.68 -31.08 147.13
CA ARG A 1066 92.72 -30.12 146.79
C ARG A 1066 92.04 -29.07 145.92
N PHE A 1067 91.85 -27.89 146.47
CA PHE A 1067 91.17 -26.75 145.84
C PHE A 1067 92.26 -25.82 145.31
N SER A 1068 92.72 -26.05 144.08
CA SER A 1068 93.42 -24.99 143.37
C SER A 1068 92.42 -24.10 142.62
N TYR A 1069 92.83 -22.87 142.34
CA TYR A 1069 92.11 -21.94 141.45
C TYR A 1069 93.12 -20.93 140.89
N GLU A 1070 92.77 -20.18 139.85
CA GLU A 1070 93.65 -19.14 139.31
C GLU A 1070 93.00 -17.76 139.36
N ALA A 1071 93.71 -16.78 139.91
CA ALA A 1071 93.21 -15.41 140.03
C ALA A 1071 94.32 -14.37 139.83
N PHE A 1072 93.98 -13.21 139.29
CA PHE A 1072 94.71 -11.99 139.60
C PHE A 1072 93.81 -11.12 140.47
N LEU A 1073 94.30 -10.73 141.64
CA LEU A 1073 93.59 -9.85 142.57
C LEU A 1073 94.31 -8.49 142.55
N PRO A 1074 93.76 -7.44 141.92
CA PRO A 1074 94.23 -6.07 142.08
C PRO A 1074 94.28 -5.59 143.53
N LYS A 1075 94.84 -4.39 143.76
CA LYS A 1075 95.10 -3.82 145.09
C LYS A 1075 93.92 -4.02 146.05
N GLY A 1076 94.18 -4.68 147.18
CA GLY A 1076 93.22 -4.97 148.26
C GLY A 1076 92.13 -5.99 147.96
N THR A 1077 91.70 -6.14 146.71
CA THR A 1077 90.64 -7.07 146.29
C THR A 1077 90.90 -8.50 146.76
N LYS A 1078 89.83 -9.24 146.95
CA LYS A 1078 89.87 -10.58 147.54
C LYS A 1078 89.08 -11.58 146.73
N VAL A 1079 89.45 -12.83 146.93
CA VAL A 1079 88.64 -13.99 146.60
C VAL A 1079 88.64 -14.87 147.82
N VAL A 1080 87.47 -15.34 148.26
CA VAL A 1080 87.41 -16.33 149.35
C VAL A 1080 87.22 -17.72 148.74
N PRO A 1081 88.23 -18.60 148.73
CA PRO A 1081 88.08 -19.98 148.30
C PRO A 1081 87.27 -20.72 149.35
N LYS A 1082 86.19 -21.38 148.94
CA LYS A 1082 85.14 -21.90 149.83
C LYS A 1082 84.73 -23.31 149.43
N TYR A 1083 84.52 -24.17 150.43
CA TYR A 1083 83.67 -25.36 150.29
C TYR A 1083 82.50 -25.32 151.27
N SER A 1084 81.30 -25.39 150.73
CA SER A 1084 80.21 -25.98 151.51
C SER A 1084 80.54 -27.47 151.55
N ALA A 1085 80.57 -28.10 152.73
CA ALA A 1085 80.77 -29.55 152.85
C ALA A 1085 79.49 -30.36 152.48
N ASP A 1086 78.57 -29.76 151.73
CA ASP A 1086 77.15 -30.11 151.77
C ASP A 1086 76.26 -29.36 150.75
N ASP A 1087 76.61 -29.34 149.47
CA ASP A 1087 75.73 -28.82 148.39
C ASP A 1087 75.16 -27.40 148.60
N GLY A 1088 76.01 -26.49 149.09
CA GLY A 1088 75.74 -25.04 149.18
C GLY A 1088 75.23 -24.54 150.52
N LYS A 1089 75.39 -25.33 151.60
CA LYS A 1089 74.85 -25.06 152.94
C LYS A 1089 75.92 -24.51 153.89
N THR A 1090 76.67 -25.36 154.61
CA THR A 1090 77.72 -24.96 155.58
C THR A 1090 79.01 -24.55 154.88
N TRP A 1091 78.98 -23.35 154.30
CA TRP A 1091 80.10 -22.73 153.59
C TRP A 1091 81.30 -22.40 154.51
N LYS A 1092 82.18 -23.39 154.71
CA LYS A 1092 83.56 -23.19 155.16
C LYS A 1092 84.36 -22.42 154.09
N THR A 1093 85.24 -21.52 154.49
CA THR A 1093 86.42 -21.20 153.65
C THR A 1093 87.31 -22.45 153.55
N PHE A 1094 88.09 -22.64 152.49
CA PHE A 1094 89.20 -23.62 152.52
C PHE A 1094 90.13 -23.29 153.70
N THR A 1095 90.04 -24.09 154.74
CA THR A 1095 90.65 -23.86 156.05
C THR A 1095 92.19 -24.02 156.02
N LYS A 1096 92.72 -24.74 155.01
CA LYS A 1096 94.16 -24.87 154.69
C LYS A 1096 94.67 -23.64 153.86
N SER A 1097 95.96 -23.59 153.50
CA SER A 1097 96.58 -22.45 152.77
C SER A 1097 96.75 -22.71 151.26
N PRO A 1098 96.32 -21.78 150.38
CA PRO A 1098 96.58 -21.89 148.96
C PRO A 1098 98.05 -21.62 148.68
N THR A 1099 98.75 -22.55 148.02
CA THR A 1099 100.09 -22.29 147.45
C THR A 1099 99.93 -21.32 146.27
N THR A 1100 100.20 -20.04 146.53
CA THR A 1100 99.92 -18.91 145.63
C THR A 1100 101.00 -18.71 144.55
N THR A 1101 101.23 -19.74 143.73
CA THR A 1101 102.27 -19.75 142.68
C THR A 1101 101.94 -18.78 141.54
N ARG A 1102 102.89 -18.05 140.94
CA ARG A 1102 102.63 -17.31 139.68
C ARG A 1102 102.18 -18.25 138.58
N ALA A 1103 100.99 -17.99 138.05
CA ALA A 1103 100.26 -18.86 137.14
C ALA A 1103 100.72 -18.76 135.68
N ASN A 1104 100.83 -17.51 135.20
CA ASN A 1104 101.22 -17.14 133.83
C ASN A 1104 101.81 -15.72 133.87
N ASN A 1105 101.89 -15.04 132.72
CA ASN A 1105 102.41 -13.68 132.62
C ASN A 1105 101.75 -12.66 133.59
N GLU A 1106 100.50 -12.86 134.04
CA GLU A 1106 99.84 -12.06 135.09
C GLU A 1106 99.38 -12.83 136.33
N PHE A 1107 98.57 -13.88 136.18
CA PHE A 1107 97.80 -14.42 137.30
C PHE A 1107 98.68 -15.13 138.32
N THR A 1108 98.10 -15.38 139.48
CA THR A 1108 98.56 -16.34 140.49
C THR A 1108 97.58 -17.51 140.55
N ARG A 1109 98.07 -18.68 140.94
CA ARG A 1109 97.32 -19.92 141.10
C ARG A 1109 97.46 -20.36 142.54
N TYR A 1110 96.45 -20.99 143.09
CA TYR A 1110 96.18 -20.96 144.52
C TYR A 1110 95.82 -22.35 145.04
N VAL A 1111 96.82 -23.22 145.14
CA VAL A 1111 96.62 -24.64 145.49
C VAL A 1111 96.38 -24.84 146.99
N ILE A 1112 95.13 -24.87 147.48
CA ILE A 1112 94.85 -25.45 148.81
C ILE A 1112 94.89 -26.98 148.69
N ASP A 1113 95.58 -27.70 149.57
CA ASP A 1113 95.29 -29.13 149.81
C ASP A 1113 94.73 -29.31 151.21
N GLU A 1114 93.50 -29.82 151.31
CA GLU A 1114 92.71 -29.87 152.53
C GLU A 1114 91.97 -31.18 152.70
N LYS A 1115 92.24 -31.88 153.80
CA LYS A 1115 91.43 -33.03 154.19
C LYS A 1115 90.09 -32.56 154.81
N VAL A 1116 89.23 -31.99 153.95
CA VAL A 1116 87.92 -31.35 154.19
C VAL A 1116 86.95 -32.20 155.02
N LYS A 1117 87.20 -33.52 155.08
CA LYS A 1117 86.79 -34.39 156.16
C LYS A 1117 88.02 -35.21 156.57
N SER A 1118 88.76 -34.80 157.61
CA SER A 1118 90.09 -35.34 157.98
C SER A 1118 90.16 -36.88 158.07
N SER A 1119 89.10 -37.51 158.59
CA SER A 1119 88.86 -38.95 158.62
C SER A 1119 87.35 -39.20 158.57
N GLY A 1120 86.94 -40.34 158.01
CA GLY A 1120 85.62 -40.42 157.35
C GLY A 1120 85.60 -39.55 156.08
N THR A 1121 84.44 -39.28 155.51
CA THR A 1121 84.32 -38.57 154.22
C THR A 1121 83.14 -37.58 154.22
N ASN A 1122 83.28 -36.48 153.49
CA ASN A 1122 82.14 -35.69 153.01
C ASN A 1122 81.53 -36.41 151.77
N THR A 1123 80.26 -36.19 151.49
CA THR A 1123 79.52 -36.83 150.36
C THR A 1123 78.60 -35.87 149.61
N LYS A 1124 78.71 -34.58 149.88
CA LYS A 1124 78.00 -33.46 149.23
C LYS A 1124 78.92 -32.25 149.28
N LEU A 1125 78.85 -31.31 148.34
CA LEU A 1125 79.85 -30.26 148.17
C LEU A 1125 79.26 -29.07 147.40
N GLN A 1126 79.70 -27.84 147.69
CA GLN A 1126 79.67 -26.77 146.69
C GLN A 1126 80.94 -25.92 146.77
N VAL A 1127 81.44 -25.44 145.63
CA VAL A 1127 82.77 -24.81 145.44
C VAL A 1127 82.61 -23.33 145.06
N ARG A 1128 83.46 -22.43 145.56
CA ARG A 1128 83.17 -20.98 145.45
C ARG A 1128 84.40 -20.13 145.66
N LEU A 1129 84.35 -18.92 145.10
CA LEU A 1129 85.40 -17.90 145.11
C LEU A 1129 84.71 -16.55 145.38
N ASP A 1130 84.69 -16.05 146.62
CA ASP A 1130 84.02 -14.76 146.89
C ASP A 1130 84.84 -13.55 146.45
N LEU A 1131 84.75 -13.23 145.15
CA LEU A 1131 85.16 -11.95 144.62
C LEU A 1131 84.52 -10.83 145.44
N SER A 1132 85.37 -10.01 146.04
CA SER A 1132 85.00 -8.96 146.99
C SER A 1132 86.04 -7.82 146.95
N THR A 1133 85.61 -6.57 147.13
CA THR A 1133 86.49 -5.40 146.94
C THR A 1133 86.05 -4.13 147.68
N GLU A 1134 87.01 -3.24 147.82
CA GLU A 1134 86.96 -1.95 148.47
C GLU A 1134 86.39 -0.86 147.57
N ASN A 1135 86.59 -0.96 146.25
CA ASN A 1135 85.94 -0.08 145.27
C ASN A 1135 85.67 -0.78 143.93
N SER A 1136 84.72 -0.25 143.16
CA SER A 1136 84.18 -0.96 142.01
C SER A 1136 85.11 -0.95 140.80
N PHE A 1137 86.14 -0.11 140.79
CA PHE A 1137 87.22 -0.14 139.78
C PHE A 1137 88.36 -1.11 140.15
N LEU A 1138 88.53 -1.45 141.43
CA LEU A 1138 89.38 -2.55 141.91
C LEU A 1138 88.62 -3.89 141.79
N ARG A 1139 88.72 -4.63 140.67
CA ARG A 1139 87.97 -5.89 140.53
C ARG A 1139 88.88 -7.10 140.59
N PRO A 1140 88.68 -8.08 141.49
CA PRO A 1140 89.40 -9.35 141.42
C PRO A 1140 89.01 -10.09 140.13
N ARG A 1141 89.93 -10.88 139.60
CA ARG A 1141 89.78 -11.56 138.32
C ARG A 1141 90.18 -13.01 138.45
N VAL A 1142 89.42 -13.91 137.84
CA VAL A 1142 89.43 -15.35 138.16
C VAL A 1142 89.28 -16.22 136.92
N ARG A 1143 89.89 -17.41 136.98
CA ARG A 1143 89.83 -18.44 135.95
C ARG A 1143 90.28 -19.80 136.49
N ARG A 1144 90.08 -20.88 135.72
CA ARG A 1144 90.76 -22.17 135.95
C ARG A 1144 90.59 -22.69 137.38
N LEU A 1145 89.35 -22.70 137.88
CA LEU A 1145 89.01 -23.33 139.16
C LEU A 1145 89.27 -24.83 139.01
N MET A 1146 89.93 -25.44 139.98
CA MET A 1146 90.76 -26.62 139.76
C MET A 1146 90.73 -27.51 141.00
N VAL A 1147 89.55 -28.09 141.24
CA VAL A 1147 89.16 -28.67 142.53
C VAL A 1147 88.98 -30.18 142.46
N THR A 1148 90.06 -30.95 142.61
CA THR A 1148 89.93 -32.41 142.76
C THR A 1148 89.41 -32.73 144.17
N THR A 1149 88.29 -33.45 144.22
CA THR A 1149 87.77 -34.14 145.40
C THR A 1149 88.46 -35.51 145.51
N ARG A 1150 88.76 -35.92 146.72
CA ARG A 1150 89.88 -36.80 147.06
C ARG A 1150 89.59 -37.66 148.28
N ASP A 1151 90.22 -38.82 148.40
CA ASP A 1151 89.90 -39.74 149.50
C ASP A 1151 91.05 -40.71 149.80
N GLU A 1152 91.77 -40.43 150.88
CA GLU A 1152 93.17 -40.78 151.08
C GLU A 1152 93.49 -41.43 152.44
N ILE B 3 65.41 20.11 57.07
CA ILE B 3 64.92 21.40 56.51
C ILE B 3 63.60 21.19 55.75
N ASN B 4 62.79 22.24 55.61
CA ASN B 4 61.63 22.27 54.72
C ASN B 4 62.03 22.31 53.23
N PHE B 5 62.95 21.43 52.81
CA PHE B 5 63.32 21.26 51.40
C PHE B 5 62.08 20.92 50.53
N LYS B 6 60.93 20.60 51.14
CA LYS B 6 59.59 20.48 50.54
C LYS B 6 59.26 21.66 49.61
N GLY B 7 59.69 22.87 49.98
CA GLY B 7 59.53 24.03 49.13
C GLY B 7 60.44 23.99 47.90
N SER B 8 59.96 24.42 46.75
CA SER B 8 60.79 24.61 45.55
C SER B 8 61.92 25.63 45.83
N PRO B 9 63.07 25.55 45.12
CA PRO B 9 63.40 24.59 44.05
C PRO B 9 63.52 23.15 44.52
N TYR B 10 63.55 22.87 45.83
CA TYR B 10 63.94 21.55 46.35
C TYR B 10 62.81 20.54 46.56
N LEU B 11 61.52 20.92 46.50
CA LEU B 11 60.36 20.00 46.30
C LEU B 11 60.21 18.81 47.31
N ASP B 12 61.05 18.65 48.32
CA ASP B 12 61.35 17.39 49.01
C ASP B 12 60.17 16.82 49.83
N ARG B 13 59.39 15.92 49.25
CA ARG B 13 58.11 15.43 49.81
C ARG B 13 58.20 14.31 50.84
N PHE B 14 59.39 13.83 51.18
CA PHE B 14 59.53 12.64 52.03
C PHE B 14 58.84 12.80 53.39
N ASP B 15 58.23 11.69 53.85
CA ASP B 15 57.60 11.54 55.15
C ASP B 15 58.07 10.27 55.89
N PRO B 16 59.02 10.40 56.83
CA PRO B 16 59.45 9.33 57.73
C PRO B 16 58.29 8.65 58.46
N SER B 17 57.26 9.41 58.84
CA SER B 17 56.16 8.93 59.66
C SER B 17 55.05 8.26 58.86
N LYS B 18 54.96 8.49 57.55
CA LYS B 18 54.25 7.55 56.65
C LYS B 18 55.02 6.25 56.49
N ASP B 19 56.33 6.32 56.72
CA ASP B 19 57.29 5.30 56.34
C ASP B 19 57.12 4.98 54.83
N ARG B 20 57.24 6.04 54.02
CA ARG B 20 57.51 5.97 52.58
C ARG B 20 58.86 5.26 52.37
N THR B 21 58.98 4.44 51.32
CA THR B 21 60.15 3.53 51.19
C THR B 21 60.65 3.27 49.77
N LYS B 22 59.97 3.74 48.73
CA LYS B 22 60.53 3.80 47.37
C LYS B 22 59.78 4.78 46.50
N VAL B 23 60.38 5.27 45.43
CA VAL B 23 59.70 6.12 44.45
C VAL B 23 59.60 5.37 43.12
N LEU B 24 58.44 5.50 42.44
CA LEU B 24 57.98 4.51 41.46
C LEU B 24 57.43 5.20 40.20
N PHE B 25 58.18 5.19 39.11
CA PHE B 25 58.13 6.25 38.10
C PHE B 25 57.42 5.93 36.77
N ASN B 26 57.20 6.96 35.94
CA ASN B 26 56.60 6.90 34.58
C ASN B 26 57.38 7.66 33.46
N PRO B 27 57.46 7.11 32.24
CA PRO B 27 58.35 7.59 31.17
C PRO B 27 57.91 8.92 30.52
N ASP B 28 58.56 9.31 29.42
CA ASP B 28 58.19 10.45 28.52
C ASP B 28 58.16 11.81 29.29
N ARG B 29 58.99 11.89 30.33
CA ARG B 29 58.75 12.73 31.51
C ARG B 29 59.01 14.25 31.39
N PRO B 30 58.11 15.07 31.94
CA PRO B 30 58.37 16.41 32.50
C PRO B 30 58.63 16.26 34.02
N LEU B 31 59.61 16.96 34.59
CA LEU B 31 60.30 16.46 35.78
C LEU B 31 59.96 17.15 37.13
N GLN B 32 58.91 16.68 37.81
CA GLN B 32 58.48 17.08 39.16
C GLN B 32 59.38 16.56 40.31
N GLN B 33 60.68 16.87 40.27
CA GLN B 33 61.79 16.16 40.95
C GLN B 33 61.79 16.00 42.49
N ALA B 34 60.72 16.36 43.19
CA ALA B 34 60.47 15.97 44.57
C ALA B 34 60.91 14.54 44.85
N GLU B 35 60.57 13.66 43.91
CA GLU B 35 60.85 12.24 43.83
C GLU B 35 62.31 11.91 44.17
N LEU B 36 63.24 12.71 43.68
CA LEU B 36 64.67 12.47 43.82
C LEU B 36 65.15 12.90 45.19
N ASN B 37 64.78 14.13 45.56
CA ASN B 37 65.02 14.68 46.87
C ASN B 37 64.52 13.66 47.92
N GLU B 38 63.32 13.13 47.69
CA GLU B 38 62.59 12.21 48.54
C GLU B 38 63.18 10.81 48.58
N MET B 39 63.53 10.23 47.43
CA MET B 39 64.18 8.92 47.35
C MET B 39 65.46 8.88 48.18
N GLN B 40 66.29 9.93 48.11
CA GLN B 40 67.46 9.98 48.97
C GLN B 40 67.04 9.96 50.45
N SER B 41 66.15 10.88 50.85
CA SER B 41 65.86 11.06 52.27
C SER B 41 65.09 9.90 52.90
N ILE B 42 64.27 9.21 52.09
CA ILE B 42 63.63 7.93 52.41
C ILE B 42 64.67 7.04 53.08
N ASP B 43 65.73 6.68 52.36
CA ASP B 43 66.74 5.75 52.88
C ASP B 43 67.41 6.34 54.13
N GLN B 44 67.77 7.62 54.09
CA GLN B 44 68.54 8.26 55.15
C GLN B 44 67.80 8.20 56.50
N TYR B 45 66.47 8.20 56.51
CA TYR B 45 65.70 7.90 57.71
C TYR B 45 65.94 6.47 58.19
N TYR B 46 65.77 5.44 57.37
CA TYR B 46 66.01 4.07 57.87
C TYR B 46 67.47 3.84 58.26
N LEU B 47 68.40 4.51 57.57
CA LEU B 47 69.78 4.63 58.00
C LEU B 47 69.85 5.22 59.39
N LYS B 48 69.22 6.37 59.61
CA LYS B 48 69.24 7.04 60.90
C LYS B 48 68.77 6.10 62.00
N ASN B 49 67.60 5.51 61.83
CA ASN B 49 67.02 4.59 62.79
C ASN B 49 67.99 3.46 63.12
N LEU B 50 68.66 2.92 62.11
CA LEU B 50 69.58 1.81 62.30
C LEU B 50 70.90 2.24 62.99
N GLY B 51 71.49 3.36 62.61
CA GLY B 51 72.75 3.78 63.20
C GLY B 51 72.60 4.20 64.67
N ASP B 52 71.55 4.95 64.97
CA ASP B 52 71.36 5.53 66.30
C ASP B 52 71.01 4.48 67.37
N ALA B 53 70.69 3.25 66.97
CA ALA B 53 70.62 2.12 67.90
C ALA B 53 72.00 1.64 68.37
N ILE B 54 73.09 2.07 67.72
CA ILE B 54 74.46 1.67 68.04
C ILE B 54 75.25 2.76 68.80
N PHE B 55 74.99 4.05 68.56
CA PHE B 55 75.87 5.13 69.02
C PHE B 55 75.19 6.45 69.37
N LYS B 56 75.88 7.26 70.17
CA LYS B 56 75.65 8.68 70.44
C LYS B 56 76.46 9.56 69.48
N ASP B 57 75.90 10.75 69.18
CA ASP B 57 76.61 11.82 68.49
C ASP B 57 77.84 12.24 69.29
N GLY B 58 79.01 12.07 68.68
CA GLY B 58 80.31 12.24 69.31
C GLY B 58 80.99 10.90 69.67
N ASP B 59 80.42 9.74 69.33
CA ASP B 59 81.10 8.47 69.58
C ASP B 59 82.33 8.30 68.68
N LYS B 60 83.52 8.31 69.30
CA LYS B 60 84.84 8.28 68.66
C LYS B 60 85.21 6.86 68.18
N GLN B 61 85.68 6.71 66.94
CA GLN B 61 85.87 5.38 66.29
C GLN B 61 87.31 5.04 65.91
N SER B 62 88.02 5.95 65.22
CA SER B 62 89.39 5.69 64.76
C SER B 62 90.10 6.99 64.42
N GLY B 63 91.43 7.02 64.42
CA GLY B 63 92.16 8.29 64.53
C GLY B 63 91.95 8.82 65.96
N LEU B 64 91.56 10.08 66.19
CA LEU B 64 90.96 10.54 67.48
C LEU B 64 91.75 10.40 68.79
N GLY B 65 93.08 10.35 68.75
CA GLY B 65 93.91 10.64 69.94
C GLY B 65 93.77 12.12 70.36
N PHE B 66 94.57 12.62 71.30
CA PHE B 66 94.60 14.07 71.56
C PHE B 66 96.01 14.62 71.84
N THR B 67 96.12 15.94 71.75
CA THR B 67 97.34 16.74 71.92
C THR B 67 96.97 18.07 72.59
N LEU B 68 96.66 18.01 73.89
CA LEU B 68 96.31 19.18 74.66
C LEU B 68 97.53 20.08 74.86
N SER B 69 97.51 21.26 74.25
CA SER B 69 98.57 22.23 74.45
C SER B 69 98.59 22.78 75.87
N GLU B 70 99.68 23.45 76.19
CA GLU B 70 100.07 23.90 77.52
C GLU B 70 99.40 25.22 77.93
N ASP B 71 99.03 26.03 76.95
CA ASP B 71 98.06 27.12 77.13
C ASP B 71 96.61 26.60 77.21
N ASN B 72 96.41 25.31 76.93
CA ASN B 72 95.16 24.55 76.89
C ASN B 72 94.24 24.73 75.67
N VAL B 73 94.77 25.13 74.51
CA VAL B 73 94.14 24.71 73.24
C VAL B 73 94.25 23.19 73.13
N LEU B 74 93.12 22.51 73.27
CA LEU B 74 92.99 21.09 72.99
C LEU B 74 93.00 20.87 71.47
N THR B 75 94.11 20.42 70.92
CA THR B 75 94.05 19.68 69.65
C THR B 75 93.50 18.29 69.93
N VAL B 76 92.47 17.88 69.20
CA VAL B 76 92.13 16.47 69.07
C VAL B 76 92.68 16.00 67.72
N ASN B 77 93.34 14.85 67.73
CA ASN B 77 93.98 14.32 66.54
C ASN B 77 92.86 13.85 65.59
N PRO B 78 92.84 14.22 64.30
CA PRO B 78 91.77 13.89 63.34
C PRO B 78 91.29 12.41 63.34
N GLY B 79 90.01 12.12 62.98
CA GLY B 79 89.49 10.74 62.96
C GLY B 79 87.96 10.49 62.78
N TYR B 80 87.54 9.23 62.59
CA TYR B 80 86.13 8.85 62.42
C TYR B 80 85.35 9.04 63.73
N VAL B 81 84.23 9.76 63.67
CA VAL B 81 83.29 10.04 64.77
C VAL B 81 81.84 9.81 64.34
N TYR B 82 81.01 9.32 65.25
CA TYR B 82 79.58 9.14 65.01
C TYR B 82 78.79 10.44 65.16
N ILE B 83 77.79 10.69 64.30
CA ILE B 83 76.75 11.70 64.47
C ILE B 83 75.43 11.25 63.80
N ASN B 84 74.40 11.12 64.64
CA ASN B 84 72.97 11.29 64.35
C ASN B 84 72.48 10.49 63.14
N GLY B 85 72.67 9.20 63.22
CA GLY B 85 72.31 8.17 62.26
C GLY B 85 73.53 7.54 61.60
N LYS B 86 74.71 8.17 61.66
CA LYS B 86 75.79 7.90 60.71
C LYS B 86 77.17 8.09 61.34
N ILE B 87 78.22 7.60 60.69
CA ILE B 87 79.61 7.94 61.01
C ILE B 87 80.16 8.98 60.02
N ARG B 88 80.91 9.96 60.50
CA ARG B 88 81.49 11.09 59.75
C ARG B 88 82.97 11.17 60.09
N TYR B 89 83.84 11.67 59.22
CA TYR B 89 85.25 11.82 59.59
C TYR B 89 85.53 13.25 60.05
N TYR B 90 86.00 13.41 61.29
CA TYR B 90 86.54 14.67 61.81
C TYR B 90 87.90 14.84 61.16
N ASP B 91 87.84 15.29 59.91
CA ASP B 91 89.03 15.59 59.10
C ASP B 91 89.73 16.85 59.62
N ASN B 92 89.00 17.67 60.37
CA ASN B 92 89.54 18.77 61.11
C ASN B 92 90.52 18.25 62.17
N ASP B 93 91.56 19.01 62.44
CA ASP B 93 92.22 19.02 63.73
C ASP B 93 91.60 20.10 64.66
N ASP B 94 90.45 20.69 64.29
CA ASP B 94 89.89 21.92 64.86
C ASP B 94 89.98 21.95 66.40
N SER B 95 90.89 22.80 66.91
CA SER B 95 91.47 22.75 68.26
C SER B 95 91.02 23.93 69.14
N VAL B 96 90.49 23.62 70.32
CA VAL B 96 89.65 24.54 71.12
C VAL B 96 90.31 24.90 72.45
N LYS B 97 90.31 26.18 72.85
CA LYS B 97 90.80 26.57 74.18
C LYS B 97 89.86 26.05 75.26
N ILE B 98 90.25 24.96 75.92
CA ILE B 98 89.62 24.49 77.15
C ILE B 98 90.18 25.32 78.31
N THR B 99 89.39 25.52 79.36
CA THR B 99 89.79 26.33 80.53
C THR B 99 90.87 25.68 81.39
N GLY B 100 90.96 24.34 81.34
CA GLY B 100 91.76 23.55 82.27
C GLY B 100 91.25 23.60 83.73
N VAL B 101 90.01 24.03 83.99
CA VAL B 101 89.39 24.02 85.34
C VAL B 101 87.91 23.61 85.33
N GLY B 102 87.50 22.71 86.23
CA GLY B 102 86.21 22.02 86.17
C GLY B 102 86.08 21.13 84.93
N LYS B 103 84.87 20.64 84.64
CA LYS B 103 84.57 19.88 83.43
C LYS B 103 84.50 20.80 82.21
N GLU B 104 84.75 20.24 81.03
CA GLU B 104 84.90 20.94 79.74
C GLU B 104 84.22 20.14 78.61
N THR B 105 82.92 20.32 78.35
CA THR B 105 82.18 19.41 77.43
C THR B 105 82.62 19.61 75.98
N ILE B 106 83.67 18.92 75.53
CA ILE B 106 84.18 19.00 74.15
C ILE B 106 83.18 18.29 73.23
N GLY B 107 82.67 18.96 72.21
CA GLY B 107 81.73 18.35 71.28
C GLY B 107 81.53 19.13 70.01
N ILE B 108 80.98 18.46 69.00
CA ILE B 108 80.95 18.94 67.62
C ILE B 108 79.62 19.62 67.24
N LYS B 109 79.68 20.60 66.33
CA LYS B 109 78.58 21.00 65.46
C LYS B 109 78.86 20.55 64.02
N LEU B 110 78.02 19.71 63.40
CA LEU B 110 78.00 19.56 61.93
C LEU B 110 77.31 20.82 61.36
N THR B 111 77.90 21.42 60.34
CA THR B 111 77.72 22.87 60.11
C THR B 111 76.99 23.15 58.81
N GLU B 112 75.67 23.23 58.83
CA GLU B 112 74.86 23.31 57.60
C GLU B 112 75.26 24.45 56.67
N ARG B 113 75.46 24.11 55.40
CA ARG B 113 75.66 25.01 54.28
C ARG B 113 74.97 24.42 53.06
N ILE B 114 73.97 25.10 52.52
CA ILE B 114 73.33 24.73 51.24
C ILE B 114 74.23 25.21 50.09
N VAL B 115 74.27 24.42 49.03
CA VAL B 115 75.30 24.38 48.00
C VAL B 115 74.64 24.46 46.64
N THR B 116 74.41 25.66 46.11
CA THR B 116 74.15 25.73 44.68
C THR B 116 75.44 25.51 43.89
N PRO B 117 75.38 24.89 42.71
CA PRO B 117 76.41 25.03 41.67
C PRO B 117 76.76 26.49 41.32
N ASP B 118 75.96 27.44 41.80
CA ASP B 118 76.06 28.85 41.51
C ASP B 118 76.99 29.52 42.53
N GLU B 119 77.11 28.96 43.74
CA GLU B 119 78.34 29.13 44.51
C GLU B 119 79.46 28.29 43.90
N ASP B 120 79.17 27.02 43.68
CA ASP B 120 80.16 25.99 43.38
C ASP B 120 80.17 25.67 41.89
N ALA B 121 80.85 26.49 41.09
CA ALA B 121 80.97 26.25 39.66
C ALA B 121 81.60 24.88 39.33
N SER B 122 82.33 24.31 40.29
CA SER B 122 82.72 22.89 40.35
C SER B 122 81.57 21.90 40.15
N LEU B 123 80.32 22.33 40.23
CA LEU B 123 79.13 21.51 40.03
C LEU B 123 78.33 21.98 38.80
N LEU B 124 78.85 22.85 37.94
CA LEU B 124 78.18 23.30 36.71
C LEU B 124 78.67 22.48 35.50
N ASP B 125 77.83 21.59 34.98
CA ASP B 125 77.84 20.85 33.70
C ASP B 125 79.15 20.77 32.90
N GLN B 126 80.28 20.42 33.51
CA GLN B 126 81.56 20.35 32.79
C GLN B 126 81.64 19.20 31.77
N THR B 127 80.65 18.30 31.76
CA THR B 127 80.37 17.32 30.69
C THR B 127 79.98 18.04 29.37
N SER B 128 79.81 19.36 29.40
CA SER B 128 79.84 20.26 28.25
C SER B 128 80.58 21.56 28.66
N GLY B 129 80.23 22.71 28.11
CA GLY B 129 80.76 24.03 28.50
C GLY B 129 80.23 24.53 29.85
N VAL B 130 80.64 23.88 30.94
CA VAL B 130 80.49 24.27 32.36
C VAL B 130 79.07 24.78 32.73
N PRO B 131 78.68 26.08 32.71
CA PRO B 131 77.30 26.44 32.97
C PRO B 131 76.32 26.02 31.87
N SER B 132 76.74 25.35 30.79
CA SER B 132 75.87 24.79 29.72
C SER B 132 74.59 24.14 30.25
N TYR B 133 73.42 24.50 29.70
CA TYR B 133 72.17 24.22 30.43
C TYR B 133 71.85 22.74 30.51
N PHE B 134 71.62 22.34 31.76
CA PHE B 134 71.80 21.03 32.42
C PHE B 134 72.43 21.33 33.81
N SER B 135 73.34 22.31 33.87
CA SER B 135 74.15 22.79 35.02
C SER B 135 73.44 23.28 36.29
N LYS B 136 72.11 23.41 36.29
CA LYS B 136 71.29 23.65 37.49
C LYS B 136 70.41 22.44 37.83
N GLY B 137 70.85 21.22 37.48
CA GLY B 137 70.19 19.97 37.85
C GLY B 137 69.78 19.93 39.33
N ALA B 138 70.70 20.27 40.22
CA ALA B 138 70.50 20.18 41.65
C ALA B 138 71.48 21.07 42.41
N ASP B 139 71.16 21.34 43.65
CA ASP B 139 72.01 21.93 44.67
C ASP B 139 72.35 20.85 45.72
N ARG B 140 73.04 21.16 46.83
CA ARG B 140 73.39 20.17 47.89
C ARG B 140 73.16 20.78 49.26
N LEU B 141 73.10 19.96 50.30
CA LEU B 141 73.48 20.40 51.65
C LEU B 141 74.87 19.87 51.94
N GLU B 142 75.61 20.56 52.78
CA GLU B 142 76.89 20.16 53.33
C GLU B 142 76.92 20.52 54.81
N GLU B 143 77.55 19.70 55.64
CA GLU B 143 77.63 19.93 57.09
C GLU B 143 78.97 19.49 57.69
N LYS B 144 80.09 20.10 57.31
CA LYS B 144 81.36 19.69 57.93
C LYS B 144 81.34 19.97 59.43
N MET B 145 81.63 18.93 60.18
CA MET B 145 81.92 18.97 61.61
C MET B 145 82.92 20.08 61.99
N SER B 146 82.70 20.65 63.18
CA SER B 146 83.39 21.80 63.79
C SER B 146 83.32 21.66 65.30
N LEU B 147 84.28 22.19 66.07
CA LEU B 147 84.46 21.83 67.48
C LEU B 147 84.06 22.94 68.46
N THR B 148 83.56 22.51 69.61
CA THR B 148 82.95 23.35 70.64
C THR B 148 83.35 22.81 72.02
N VAL B 149 83.25 23.62 73.07
CA VAL B 149 83.46 23.23 74.48
C VAL B 149 82.42 23.87 75.40
N ASN B 150 81.94 23.11 76.39
CA ASN B 150 80.89 23.54 77.34
C ASN B 150 79.53 23.89 76.71
N ASP B 151 79.38 23.69 75.41
CA ASP B 151 78.10 23.37 74.80
C ASP B 151 77.87 21.87 74.96
N PRO B 152 77.04 21.41 75.90
CA PRO B 152 76.75 19.99 76.04
C PRO B 152 75.86 19.45 74.89
N THR B 153 75.05 20.33 74.31
CA THR B 153 74.11 20.07 73.21
C THR B 153 74.81 19.99 71.84
N SER B 154 76.10 20.28 71.77
CA SER B 154 76.98 19.79 70.71
C SER B 154 77.12 18.25 70.79
N ALA B 155 77.48 17.59 69.70
CA ALA B 155 77.83 16.15 69.65
C ALA B 155 79.09 15.90 70.54
N THR B 156 78.89 15.59 71.83
CA THR B 156 79.95 15.64 72.85
C THR B 156 80.92 14.44 72.79
N ILE B 157 82.15 14.68 72.34
CA ILE B 157 83.22 13.70 72.12
C ILE B 157 84.10 13.43 73.36
N TYR B 158 84.17 14.37 74.31
CA TYR B 158 85.03 14.28 75.49
C TYR B 158 84.50 15.21 76.59
N THR B 159 84.95 15.00 77.83
CA THR B 159 85.07 16.08 78.80
C THR B 159 86.42 16.04 79.49
N PHE B 160 87.02 17.22 79.67
CA PHE B 160 88.30 17.39 80.36
C PHE B 160 88.00 17.98 81.74
N MET B 161 88.54 17.37 82.78
CA MET B 161 88.35 17.77 84.16
C MET B 161 89.65 18.37 84.70
N ASP B 162 89.63 19.63 85.15
CA ASP B 162 90.82 20.28 85.72
C ASP B 162 92.08 20.15 84.83
N GLY B 163 91.89 20.17 83.51
CA GLY B 163 92.93 20.01 82.47
C GLY B 163 93.30 18.57 82.15
N ASP B 164 93.00 17.62 83.03
CA ASP B 164 93.05 16.20 82.69
C ASP B 164 92.01 15.93 81.61
N LEU B 165 92.25 15.01 80.69
CA LEU B 165 91.11 14.31 80.13
C LEU B 165 90.44 13.62 81.33
N TYR B 166 89.13 13.77 81.52
CA TYR B 166 88.50 13.35 82.77
C TYR B 166 88.45 11.80 82.92
N ILE B 167 88.35 11.08 81.80
CA ILE B 167 88.21 9.61 81.72
C ILE B 167 89.03 8.99 80.57
N GLN B 168 89.67 7.84 80.78
CA GLN B 168 90.70 7.29 79.87
C GLN B 168 90.44 5.88 79.31
N SER B 169 89.32 5.18 79.61
CA SER B 169 88.98 3.86 79.01
C SER B 169 88.45 3.98 77.56
N THR B 170 89.34 4.35 76.64
CA THR B 170 88.96 4.75 75.26
C THR B 170 88.15 3.69 74.52
N ASN B 171 88.57 2.43 74.65
CA ASN B 171 87.79 1.27 74.29
C ASN B 171 87.21 0.70 75.58
N ALA B 172 85.90 0.46 75.61
CA ALA B 172 85.19 0.51 76.88
C ALA B 172 84.31 -0.72 77.17
N GLU B 173 83.94 -1.55 76.20
CA GLU B 173 82.95 -2.62 76.48
C GLU B 173 83.50 -3.80 77.26
N MET B 174 84.83 -3.96 77.34
CA MET B 174 85.47 -4.78 78.35
C MET B 174 85.25 -4.19 79.75
N ASP B 175 85.10 -2.88 79.88
CA ASP B 175 85.05 -2.21 81.18
C ASP B 175 83.71 -2.48 81.92
N LYS B 176 82.60 -2.73 81.21
CA LYS B 176 81.38 -3.32 81.81
C LYS B 176 81.68 -4.68 82.42
N ILE B 177 82.38 -5.53 81.67
CA ILE B 177 82.74 -6.88 82.08
C ILE B 177 83.66 -6.80 83.30
N ASN B 178 84.66 -5.91 83.28
CA ASN B 178 85.52 -5.64 84.44
C ASN B 178 84.72 -5.18 85.67
N LYS B 179 83.89 -4.14 85.54
CA LYS B 179 83.03 -3.62 86.63
C LYS B 179 82.16 -4.71 87.24
N VAL B 180 81.57 -5.54 86.40
CA VAL B 180 80.82 -6.73 86.80
C VAL B 180 81.70 -7.69 87.58
N LEU B 181 82.77 -8.22 86.99
CA LEU B 181 83.57 -9.26 87.64
C LEU B 181 84.23 -8.82 88.95
N ALA B 182 84.80 -7.61 89.00
CA ALA B 182 85.36 -7.07 90.23
C ALA B 182 84.28 -6.97 91.30
N GLU B 183 83.11 -6.44 90.96
CA GLU B 183 81.99 -6.44 91.88
C GLU B 183 81.50 -7.87 92.22
N ARG B 184 81.59 -8.88 91.34
CA ARG B 184 81.34 -10.30 91.78
C ARG B 184 82.40 -10.75 92.78
N THR B 185 83.62 -10.25 92.61
CA THR B 185 84.69 -10.28 93.62
C THR B 185 84.42 -9.32 94.77
N TYR B 186 83.17 -8.85 94.93
CA TYR B 186 82.66 -8.10 96.09
C TYR B 186 81.32 -8.66 96.60
N ASP B 187 80.53 -9.28 95.75
CA ASP B 187 79.22 -9.82 96.04
C ASP B 187 79.23 -11.10 96.88
N GLU B 188 80.20 -12.01 96.68
CA GLU B 188 80.44 -13.04 97.69
C GLU B 188 81.07 -12.36 98.93
N SER B 189 82.18 -11.66 98.69
CA SER B 189 82.87 -10.71 99.57
C SER B 189 83.98 -10.05 98.73
N GLY B 190 84.60 -8.94 99.15
CA GLY B 190 85.59 -8.27 98.28
C GLY B 190 86.56 -7.26 98.87
N SER B 191 86.71 -7.15 100.18
CA SER B 191 87.77 -6.34 100.77
C SER B 191 88.73 -7.24 101.53
N TYR B 192 89.65 -7.84 100.78
CA TYR B 192 90.57 -8.84 101.29
C TYR B 192 91.98 -8.83 100.71
N LYS B 193 92.92 -9.00 101.65
CA LYS B 193 94.25 -9.61 101.53
C LYS B 193 94.07 -11.02 100.98
N VAL B 194 94.39 -11.20 99.69
CA VAL B 194 94.60 -12.54 99.10
C VAL B 194 95.98 -13.07 99.55
N ASN B 195 96.95 -12.17 99.69
CA ASN B 195 98.26 -12.41 100.31
C ASN B 195 98.89 -11.08 100.76
N GLY B 196 99.87 -11.13 101.67
CA GLY B 196 100.87 -10.07 101.88
C GLY B 196 100.45 -8.89 102.77
N PHE B 197 101.06 -7.72 102.51
CA PHE B 197 100.79 -6.41 103.13
C PHE B 197 101.00 -6.24 104.66
N GLU B 198 101.24 -7.30 105.45
CA GLU B 198 100.95 -7.25 106.90
C GLU B 198 101.80 -6.30 107.78
N LEU B 199 101.24 -5.94 108.93
CA LEU B 199 101.62 -4.72 109.65
C LEU B 199 102.85 -4.89 110.58
N PHE B 200 104.03 -4.92 109.94
CA PHE B 200 105.37 -4.84 110.57
C PHE B 200 105.75 -3.39 110.95
N SER B 201 107.00 -3.15 111.33
CA SER B 201 107.53 -1.80 111.58
C SER B 201 109.03 -1.68 111.32
N GLU B 202 109.48 -0.44 111.10
CA GLU B 202 110.88 -0.06 110.82
C GLU B 202 111.04 1.44 111.09
N GLY B 203 112.05 1.88 111.82
CA GLY B 203 112.32 3.31 111.90
C GLY B 203 112.82 3.86 110.56
N ASN B 204 112.22 4.94 110.06
CA ASN B 204 112.99 5.84 109.21
C ASN B 204 114.09 6.36 110.14
N ALA B 205 115.32 6.26 109.66
CA ALA B 205 116.54 6.67 110.35
C ALA B 205 117.27 7.77 109.56
N GLU B 206 116.92 7.90 108.29
CA GLU B 206 117.35 8.89 107.35
C GLU B 206 116.66 10.24 107.64
N ASP B 207 115.35 10.15 107.70
CA ASP B 207 114.45 10.98 108.47
C ASP B 207 114.26 10.22 109.79
N ASP B 208 115.12 10.44 110.79
CA ASP B 208 114.99 9.73 112.07
C ASP B 208 113.80 10.23 112.94
N ASP B 209 112.74 10.74 112.31
CA ASP B 209 111.54 11.26 112.99
C ASP B 209 110.27 10.52 112.57
N HIS B 210 110.39 9.50 111.74
CA HIS B 210 109.27 8.69 111.29
C HIS B 210 109.59 7.19 111.36
N VAL B 211 108.57 6.34 111.40
CA VAL B 211 108.63 4.91 111.10
C VAL B 211 108.61 4.79 109.57
N SER B 212 109.67 4.30 108.93
CA SER B 212 109.76 3.95 107.50
C SER B 212 109.06 2.60 107.29
N VAL B 213 107.74 2.51 107.46
CA VAL B 213 107.01 1.24 107.69
C VAL B 213 107.43 0.17 106.69
N VAL B 214 108.13 -0.85 107.17
CA VAL B 214 108.60 -1.96 106.35
C VAL B 214 107.41 -2.78 105.92
N VAL B 215 107.21 -2.98 104.62
CA VAL B 215 106.20 -3.91 104.08
C VAL B 215 106.71 -4.62 102.83
N ASP B 216 106.35 -5.90 102.70
CA ASP B 216 106.53 -6.77 101.54
C ASP B 216 105.54 -6.43 100.40
N ALA B 217 105.56 -7.21 99.32
CA ALA B 217 104.42 -7.36 98.42
C ALA B 217 103.11 -7.71 99.16
N GLY B 218 102.03 -7.46 98.43
CA GLY B 218 100.77 -8.15 98.58
C GLY B 218 99.99 -8.06 97.28
N LYS B 219 99.02 -8.95 97.15
CA LYS B 219 97.99 -8.94 96.10
C LYS B 219 96.66 -9.34 96.73
N ALA B 220 95.57 -8.87 96.15
CA ALA B 220 94.29 -8.77 96.85
C ALA B 220 93.18 -8.35 95.90
N TYR B 221 91.98 -8.25 96.45
CA TYR B 221 90.96 -7.34 95.92
C TYR B 221 90.37 -6.54 97.06
N VAL B 222 90.09 -5.26 96.82
CA VAL B 222 89.35 -4.39 97.73
C VAL B 222 88.27 -3.69 96.92
N LYS B 223 87.05 -3.58 97.47
CA LYS B 223 85.82 -3.35 96.67
C LYS B 223 85.59 -4.43 95.60
N GLY B 224 86.33 -5.54 95.69
CA GLY B 224 86.50 -6.52 94.64
C GLY B 224 87.31 -6.06 93.43
N PHE B 225 87.80 -4.82 93.40
CA PHE B 225 88.72 -4.33 92.37
C PHE B 225 90.13 -4.77 92.71
N LYS B 226 90.96 -5.01 91.68
CA LYS B 226 92.24 -5.71 91.86
C LYS B 226 93.25 -4.86 92.61
N VAL B 227 93.72 -5.39 93.73
CA VAL B 227 94.71 -4.75 94.59
C VAL B 227 96.04 -5.45 94.40
N ASP B 228 97.08 -4.72 93.99
CA ASP B 228 98.32 -5.35 93.55
C ASP B 228 99.53 -4.39 93.66
N LYS B 229 100.25 -4.49 94.79
CA LYS B 229 101.32 -3.56 95.23
C LYS B 229 102.56 -4.32 95.69
N PRO B 230 103.33 -4.92 94.78
CA PRO B 230 104.33 -5.93 95.15
C PRO B 230 105.60 -5.38 95.81
N VAL B 231 105.69 -4.10 96.13
CA VAL B 231 106.97 -3.44 96.39
C VAL B 231 107.56 -3.68 97.78
N SER B 232 108.90 -3.65 97.82
CA SER B 232 109.69 -3.41 99.02
C SER B 232 109.44 -2.00 99.57
N THR B 233 108.63 -1.94 100.62
CA THR B 233 108.01 -0.71 101.14
C THR B 233 108.75 -0.21 102.39
N ARG B 234 109.01 1.10 102.50
CA ARG B 234 109.50 1.85 103.69
C ARG B 234 108.88 3.26 103.66
N ILE B 235 107.64 3.44 104.17
CA ILE B 235 106.89 4.71 104.10
C ILE B 235 106.95 5.43 105.44
N SER B 236 107.38 6.70 105.50
CA SER B 236 107.43 7.50 106.75
C SER B 236 106.03 7.87 107.29
N VAL B 237 105.72 7.46 108.54
CA VAL B 237 104.67 8.08 109.43
C VAL B 237 105.37 8.48 110.74
N PRO B 238 104.99 9.56 111.44
CA PRO B 238 105.84 10.15 112.49
C PRO B 238 106.05 9.24 113.70
N LYS B 239 107.17 9.42 114.43
CA LYS B 239 107.43 8.73 115.70
C LYS B 239 106.41 9.09 116.75
N SER B 240 106.05 8.17 117.67
CA SER B 240 105.15 8.50 118.80
C SER B 240 105.90 9.22 119.90
N TYR B 241 106.51 10.33 119.49
CA TYR B 241 106.88 11.48 120.30
C TYR B 241 105.65 12.10 121.02
N ASP B 242 104.45 11.59 120.77
CA ASP B 242 103.22 11.81 121.53
C ASP B 242 103.41 11.48 123.02
N LEU B 243 102.83 12.30 123.92
CA LEU B 243 103.15 12.26 125.36
C LEU B 243 101.90 12.28 126.27
N GLY B 244 101.97 11.57 127.39
CA GLY B 244 101.03 11.68 128.51
C GLY B 244 101.67 12.36 129.71
N THR B 245 100.88 13.00 130.56
CA THR B 245 101.29 13.54 131.88
C THR B 245 100.95 12.54 133.01
N ALA B 246 101.58 12.69 134.17
CA ALA B 246 101.41 11.83 135.34
C ALA B 246 101.55 12.68 136.62
N GLU B 247 100.49 13.43 136.95
CA GLU B 247 100.51 14.50 137.96
C GLU B 247 99.81 14.09 139.27
N ASN B 248 100.47 14.31 140.41
CA ASN B 248 100.25 13.62 141.70
C ASN B 248 100.34 12.09 141.59
N GLU B 249 101.31 11.60 140.79
CA GLU B 249 101.87 10.26 140.93
C GLU B 249 102.44 10.15 142.37
N SER B 250 101.98 9.22 143.23
CA SER B 250 102.17 9.32 144.69
C SER B 250 103.13 8.27 145.28
N THR B 251 103.87 8.68 146.31
CA THR B 251 104.39 7.78 147.34
C THR B 251 104.43 8.52 148.67
N ILE B 252 103.73 8.03 149.69
CA ILE B 252 103.86 8.49 151.07
C ILE B 252 105.34 8.25 151.44
N PHE B 253 106.10 9.34 151.59
CA PHE B 253 107.53 9.37 151.32
C PHE B 253 108.39 8.23 151.87
N ASN B 254 108.81 7.34 150.98
CA ASN B 254 109.54 6.16 151.36
C ASN B 254 111.05 6.47 151.54
N LYS B 255 111.45 7.16 152.62
CA LYS B 255 112.87 7.53 152.83
C LYS B 255 113.81 6.33 153.00
N SER B 256 113.27 5.16 153.33
CA SER B 256 114.00 3.89 153.24
C SER B 256 114.18 3.45 151.77
N ASN B 257 113.12 3.21 150.99
CA ASN B 257 113.21 3.04 149.53
C ASN B 257 113.12 4.39 148.79
N ASN B 258 114.22 5.14 148.74
CA ASN B 258 114.24 6.46 148.11
C ASN B 258 113.87 6.44 146.63
N SER B 259 113.98 5.33 145.90
CA SER B 259 113.61 5.24 144.49
C SER B 259 112.09 5.30 144.30
N ILE B 260 111.53 6.51 144.21
CA ILE B 260 110.07 6.69 144.16
C ILE B 260 109.54 6.52 142.73
N SER B 261 108.84 5.42 142.48
CA SER B 261 108.49 4.92 141.14
C SER B 261 107.55 5.84 140.37
N LEU B 262 108.05 6.34 139.23
CA LEU B 262 107.31 7.00 138.16
C LEU B 262 106.97 5.96 137.10
N ALA B 263 105.81 5.35 137.27
CA ALA B 263 105.46 4.12 136.59
C ALA B 263 104.87 4.33 135.19
N ASN B 264 104.50 5.58 134.88
CA ASN B 264 104.27 6.04 133.52
C ASN B 264 105.64 6.36 132.85
N SER B 265 105.84 6.00 131.59
CA SER B 265 107.18 5.94 130.97
C SER B 265 107.10 5.67 129.46
N PRO B 266 108.17 5.91 128.67
CA PRO B 266 109.46 6.42 129.09
C PRO B 266 109.40 7.92 129.39
N VAL B 267 109.83 8.35 130.58
CA VAL B 267 109.63 9.74 131.05
C VAL B 267 110.49 10.70 130.25
N LYS B 268 109.81 11.61 129.54
CA LYS B 268 110.43 12.73 128.85
C LYS B 268 111.00 13.72 129.86
N GLU B 269 110.18 14.21 130.78
CA GLU B 269 110.51 15.36 131.65
C GLU B 269 109.71 15.39 132.96
N ILE B 270 110.37 15.80 134.05
CA ILE B 270 109.79 15.89 135.40
C ILE B 270 109.38 17.33 135.73
N ARG B 271 108.20 17.50 136.34
CA ARG B 271 107.52 18.80 136.50
C ARG B 271 107.41 19.29 137.94
N ARG B 272 107.13 18.41 138.91
CA ARG B 272 106.98 18.75 140.34
C ARG B 272 107.22 17.53 141.22
N VAL B 273 107.71 17.76 142.43
CA VAL B 273 107.44 16.88 143.59
C VAL B 273 107.00 17.76 144.76
N THR B 274 106.16 17.30 145.70
CA THR B 274 105.76 18.09 146.89
C THR B 274 105.44 17.18 148.07
N GLY B 275 105.99 17.48 149.25
CA GLY B 275 105.94 16.57 150.39
C GLY B 275 106.47 17.15 151.71
N GLN B 276 106.43 16.31 152.75
CA GLN B 276 106.40 16.71 154.17
C GLN B 276 107.79 16.81 154.88
N VAL B 277 108.69 17.68 154.42
CA VAL B 277 109.96 17.97 155.13
C VAL B 277 109.64 18.47 156.53
N LEU B 278 110.50 18.15 157.50
CA LEU B 278 110.46 18.74 158.84
C LEU B 278 111.58 19.81 159.00
N ILE B 279 111.19 21.04 159.35
CA ILE B 279 112.07 22.00 160.02
C ILE B 279 112.42 21.43 161.38
N GLU B 280 113.60 20.87 161.48
CA GLU B 280 114.09 20.30 162.74
C GLU B 280 114.24 21.39 163.83
N LYS B 281 114.70 22.59 163.47
CA LYS B 281 114.90 23.73 164.38
C LYS B 281 115.04 25.05 163.59
N GLU B 282 114.15 26.02 163.83
CA GLU B 282 114.06 27.35 163.21
C GLU B 282 113.90 28.46 164.26
N ARG B 283 114.65 29.57 164.16
CA ARG B 283 114.54 30.67 165.13
C ARG B 283 113.43 31.65 164.74
N VAL B 284 112.19 31.34 165.07
CA VAL B 284 111.17 32.38 165.19
C VAL B 284 111.46 33.18 166.46
N THR B 285 112.34 34.19 166.37
CA THR B 285 112.39 35.23 167.41
C THR B 285 111.04 35.96 167.43
N ARG B 286 110.54 36.27 168.61
CA ARG B 286 109.25 36.92 168.81
C ARG B 286 109.26 38.33 168.22
N GLY B 287 108.39 38.57 167.24
CA GLY B 287 108.05 39.91 166.80
C GLY B 287 107.22 40.64 167.86
N ALA B 288 107.09 41.97 167.79
CA ALA B 288 106.39 42.79 168.80
C ALA B 288 104.84 42.66 168.80
N GLN B 289 104.29 41.66 168.11
CA GLN B 289 102.85 41.37 168.01
C GLN B 289 102.34 40.67 169.30
N GLY B 290 102.70 41.16 170.49
CA GLY B 290 102.50 40.51 171.80
C GLY B 290 101.12 39.88 171.97
N ASP B 291 101.10 38.60 172.37
CA ASP B 291 99.97 37.69 172.24
C ASP B 291 99.28 37.78 170.85
N GLY B 292 100.01 37.39 169.80
CA GLY B 292 99.63 37.48 168.38
C GLY B 292 100.68 36.85 167.43
N GLN B 293 100.61 37.12 166.12
CA GLN B 293 101.41 36.48 165.06
C GLN B 293 102.92 36.62 165.23
N ASP B 294 103.67 35.61 164.77
CA ASP B 294 105.04 35.65 164.29
C ASP B 294 105.16 34.74 163.06
N PHE B 295 106.04 35.01 162.10
CA PHE B 295 106.00 34.36 160.79
C PHE B 295 107.08 33.28 160.58
N LEU B 296 106.68 32.14 160.02
CA LEU B 296 107.48 30.93 159.73
C LEU B 296 108.36 31.06 158.47
N SER B 297 109.29 30.13 158.22
CA SER B 297 109.95 30.00 156.90
C SER B 297 109.03 29.51 155.78
N ASN B 298 107.89 28.93 156.12
CA ASN B 298 106.97 28.30 155.19
C ASN B 298 105.54 28.74 155.44
N ASN B 299 104.79 29.04 154.39
CA ASN B 299 103.32 28.98 154.33
C ASN B 299 102.78 27.54 154.18
N THR B 300 103.65 26.61 153.75
CA THR B 300 103.35 25.18 153.64
C THR B 300 103.50 24.45 154.98
N ALA B 301 103.88 25.14 156.06
CA ALA B 301 103.90 24.55 157.40
C ALA B 301 102.50 24.08 157.79
N PHE B 302 102.39 22.85 158.27
CA PHE B 302 101.09 22.25 158.54
C PHE B 302 101.05 21.53 159.90
N GLU B 303 102.20 21.24 160.51
CA GLU B 303 102.28 20.43 161.71
C GLU B 303 103.46 20.87 162.58
N ILE B 304 103.21 21.59 163.67
CA ILE B 304 104.25 22.30 164.43
C ILE B 304 104.85 21.43 165.56
N VAL B 305 105.79 20.57 165.17
CA VAL B 305 106.58 19.65 166.01
C VAL B 305 106.97 20.23 167.38
N LYS B 306 107.48 21.46 167.45
CA LYS B 306 107.79 22.13 168.72
C LYS B 306 107.70 23.65 168.57
N VAL B 307 107.26 24.32 169.64
CA VAL B 307 107.40 25.77 169.81
C VAL B 307 107.93 26.04 171.21
N TRP B 308 109.06 26.74 171.36
CA TRP B 308 109.71 26.86 172.67
C TRP B 308 110.67 28.04 172.84
N THR B 309 110.60 28.67 174.01
CA THR B 309 111.65 29.59 174.46
C THR B 309 112.87 28.74 174.84
N GLU B 310 114.06 29.26 174.56
CA GLU B 310 115.29 28.48 174.76
C GLU B 310 115.97 28.86 176.06
N THR B 311 116.16 27.86 176.90
CA THR B 311 117.13 27.90 178.00
C THR B 311 118.54 27.79 177.40
N SER B 312 118.70 26.90 176.42
CA SER B 312 119.80 26.75 175.46
C SER B 312 119.26 25.97 174.24
N PRO B 313 120.01 25.68 173.17
CA PRO B 313 119.49 24.99 171.98
C PRO B 313 118.66 23.73 172.28
N GLY B 314 117.36 23.76 171.95
CA GLY B 314 116.36 22.72 172.22
C GLY B 314 116.00 22.53 173.72
N VAL B 315 116.93 22.82 174.66
CA VAL B 315 116.67 22.86 176.10
C VAL B 315 115.73 24.02 176.39
N THR B 316 114.56 23.70 176.92
CA THR B 316 113.40 24.57 176.78
C THR B 316 113.04 25.29 178.08
N THR B 317 112.83 26.61 177.97
CA THR B 317 112.32 27.50 179.03
C THR B 317 110.82 27.28 179.25
N LYS B 318 110.00 27.42 178.20
CA LYS B 318 108.63 26.90 178.10
C LYS B 318 108.46 26.26 176.73
N GLU B 319 107.90 25.06 176.65
CA GLU B 319 107.38 24.55 175.37
C GLU B 319 105.89 24.84 175.35
N TYR B 320 105.47 25.57 174.34
CA TYR B 320 104.17 26.18 174.25
C TYR B 320 103.14 25.22 173.66
N LYS B 321 101.89 25.38 174.08
CA LYS B 321 100.75 24.50 173.81
C LYS B 321 99.86 25.06 172.70
N GLN B 322 99.59 24.23 171.67
CA GLN B 322 99.03 24.65 170.38
C GLN B 322 97.50 24.84 170.37
N GLY B 323 97.08 26.08 170.59
CA GLY B 323 95.69 26.55 170.77
C GLY B 323 95.45 27.21 172.14
N GLU B 324 96.48 27.24 172.99
CA GLU B 324 96.42 27.76 174.35
C GLU B 324 97.42 28.88 174.59
N ASP B 325 98.64 28.70 174.10
CA ASP B 325 99.79 29.61 174.26
C ASP B 325 100.03 30.33 172.92
N PHE B 326 100.60 29.58 171.97
CA PHE B 326 100.48 29.87 170.55
C PHE B 326 99.29 29.10 169.96
N ARG B 327 99.05 29.30 168.67
CA ARG B 327 98.41 28.38 167.72
C ARG B 327 99.17 28.44 166.38
N LEU B 328 99.12 27.40 165.55
CA LEU B 328 99.48 27.62 164.14
C LEU B 328 98.40 28.55 163.56
N THR B 329 98.84 29.58 162.85
CA THR B 329 97.98 30.46 162.06
C THR B 329 98.55 30.56 160.63
N ASP B 330 97.73 30.89 159.64
CA ASP B 330 98.11 31.03 158.21
C ASP B 330 98.66 29.76 157.50
N GLY B 331 99.01 28.69 158.22
CA GLY B 331 100.05 27.75 157.77
C GLY B 331 101.43 28.42 157.68
N GLN B 332 101.56 29.65 158.20
CA GLN B 332 102.66 30.60 157.97
C GLN B 332 103.07 31.33 159.27
N THR B 333 102.38 31.15 160.39
CA THR B 333 102.68 31.85 161.64
C THR B 333 102.58 30.98 162.89
N ILE B 334 103.51 31.19 163.82
CA ILE B 334 103.32 30.84 165.24
C ILE B 334 102.65 32.03 165.92
N ASP B 335 101.45 31.83 166.45
CA ASP B 335 100.58 32.95 166.78
C ASP B 335 100.09 32.88 168.23
N TRP B 336 100.50 33.82 169.05
CA TRP B 336 100.28 33.88 170.50
C TRP B 336 98.93 34.52 170.89
N SER B 337 98.05 34.78 169.91
CA SER B 337 96.69 35.24 170.15
C SER B 337 95.81 34.30 171.01
N PRO B 338 96.12 33.01 171.25
CA PRO B 338 95.49 32.24 172.33
C PRO B 338 95.71 32.81 173.74
N GLN B 339 96.73 33.67 173.92
CA GLN B 339 96.98 34.48 175.13
C GLN B 339 97.21 33.68 176.44
N GLY B 340 97.83 32.50 176.34
CA GLY B 340 98.25 31.67 177.49
C GLY B 340 99.64 32.04 178.01
N GLN B 341 100.57 31.10 177.98
CA GLN B 341 102.00 31.40 177.99
C GLN B 341 102.41 31.96 176.61
N GLU B 342 103.42 32.84 176.54
CA GLU B 342 104.08 33.17 175.27
C GLU B 342 105.55 33.60 175.48
N PRO B 343 106.41 33.45 174.47
CA PRO B 343 107.57 34.31 174.29
C PRO B 343 106.96 35.71 174.01
N SER B 344 107.26 36.79 174.75
CA SER B 344 106.76 38.15 174.40
C SER B 344 107.80 38.99 173.67
N GLY B 345 107.40 40.16 173.15
CA GLY B 345 108.09 40.91 172.09
C GLY B 345 109.62 40.93 172.22
N GLY B 346 110.32 40.44 171.19
CA GLY B 346 111.79 40.39 171.11
C GLY B 346 112.47 39.19 171.77
N THR B 347 111.74 38.27 172.42
CA THR B 347 112.29 37.01 172.94
C THR B 347 112.72 36.06 171.81
N SER B 348 113.97 35.62 171.80
CA SER B 348 114.57 34.85 170.69
C SER B 348 114.30 33.34 170.82
N TYR B 349 113.02 32.97 170.89
CA TYR B 349 112.52 31.59 170.96
C TYR B 349 112.69 30.81 169.64
N TYR B 350 112.35 29.52 169.63
CA TYR B 350 112.58 28.59 168.53
C TYR B 350 111.35 27.72 168.21
N VAL B 351 111.37 27.15 167.01
CA VAL B 351 110.23 26.55 166.30
C VAL B 351 110.69 25.35 165.48
N SER B 352 109.80 24.39 165.25
CA SER B 352 110.06 23.17 164.47
C SER B 352 108.72 22.63 163.92
N TYR B 353 108.67 22.16 162.67
CA TYR B 353 107.41 21.77 162.00
C TYR B 353 107.55 20.95 160.70
N LYS B 354 106.63 20.02 160.39
CA LYS B 354 106.49 19.56 159.01
C LYS B 354 105.82 20.65 158.16
N TYR B 355 106.33 20.78 156.94
CA TYR B 355 105.82 21.64 155.90
C TYR B 355 105.79 20.89 154.57
N ASN B 356 104.75 21.13 153.78
CA ASN B 356 104.60 20.58 152.44
C ASN B 356 105.53 21.31 151.46
N LYS B 357 106.85 21.14 151.61
CA LYS B 357 107.84 21.66 150.67
C LYS B 357 107.54 21.13 149.26
N ARG B 358 107.61 21.98 148.23
CA ARG B 358 107.87 21.48 146.87
C ARG B 358 109.27 20.85 146.91
N MET B 359 109.35 19.54 147.13
CA MET B 359 110.61 18.80 147.11
C MET B 359 111.33 19.15 145.80
N GLU B 360 112.45 19.87 145.88
CA GLU B 360 112.90 20.70 144.78
C GLU B 360 113.40 19.91 143.58
N ALA B 361 113.15 20.46 142.39
CA ALA B 361 113.32 19.81 141.10
C ALA B 361 114.74 19.24 140.89
N GLY B 362 114.90 17.92 141.01
CA GLY B 362 116.17 17.16 140.97
C GLY B 362 117.05 17.39 142.21
N LYS B 363 116.92 18.54 142.84
CA LYS B 363 117.63 18.91 144.07
C LYS B 363 117.45 17.85 145.14
N ASP B 364 116.19 17.55 145.45
CA ASP B 364 115.76 16.62 146.51
C ASP B 364 115.73 15.15 146.03
N TYR B 365 116.09 14.90 144.77
CA TYR B 365 116.08 13.55 144.20
C TYR B 365 116.99 13.47 142.99
N GLU B 366 118.07 12.70 143.11
CA GLU B 366 118.63 12.05 141.93
C GLU B 366 117.58 11.13 141.28
N VAL B 367 117.85 10.59 140.10
CA VAL B 367 116.83 9.81 139.37
C VAL B 367 117.44 8.54 138.74
N THR B 368 116.71 7.44 138.74
CA THR B 368 117.11 6.15 138.14
C THR B 368 115.98 5.58 137.28
N THR B 369 116.25 4.62 136.40
CA THR B 369 115.20 3.98 135.57
C THR B 369 115.44 2.49 135.43
N GLN B 370 114.39 1.69 135.22
CA GLN B 370 114.47 0.23 135.06
C GLN B 370 113.37 -0.26 134.08
N GLY B 371 113.58 -1.32 133.30
CA GLY B 371 112.65 -1.77 132.23
C GLY B 371 112.90 -1.12 130.84
N GLU B 372 111.99 -1.28 129.87
CA GLU B 372 112.18 -0.84 128.47
C GLU B 372 110.91 -0.21 127.83
N GLY B 373 111.03 0.83 126.99
CA GLY B 373 109.89 1.46 126.30
C GLY B 373 108.77 1.86 127.26
N LEU B 374 107.52 1.51 126.96
CA LEU B 374 106.41 1.73 127.89
C LEU B 374 106.50 0.92 129.20
N SER B 375 107.16 -0.24 129.17
CA SER B 375 107.42 -1.09 130.34
C SER B 375 108.59 -0.61 131.21
N LYS B 376 109.36 0.37 130.74
CA LYS B 376 110.32 1.11 131.54
C LYS B 376 109.59 1.82 132.68
N LYS B 377 110.31 2.16 133.75
CA LYS B 377 109.85 2.95 134.89
C LYS B 377 110.97 3.92 135.24
N TRP B 378 110.63 5.16 135.58
CA TRP B 378 111.57 6.10 136.22
C TRP B 378 111.42 6.00 137.73
N TYR B 379 112.37 6.53 138.48
CA TYR B 379 112.34 6.55 139.93
C TYR B 379 113.01 7.82 140.42
N ILE B 380 112.24 8.62 141.15
CA ILE B 380 112.67 9.83 141.85
C ILE B 380 113.45 9.33 143.06
N ASN B 381 114.74 9.05 142.90
CA ASN B 381 115.62 8.57 143.97
C ASN B 381 115.98 9.72 144.91
N PHE B 382 115.27 9.85 146.03
CA PHE B 382 115.44 10.97 146.95
C PHE B 382 116.85 11.13 147.53
N THR B 383 117.43 12.27 147.18
CA THR B 383 118.64 12.84 147.77
C THR B 383 118.42 13.04 149.27
N PRO B 384 119.42 12.83 150.14
CA PRO B 384 119.31 13.04 151.58
C PRO B 384 119.88 14.38 152.09
N SER B 385 120.56 15.09 151.21
CA SER B 385 121.44 16.25 151.43
C SER B 385 120.69 17.60 151.58
N ASN B 386 121.23 18.70 151.03
CA ASN B 386 120.44 19.92 150.72
C ASN B 386 119.26 19.60 149.80
N GLY B 387 119.47 18.60 148.94
CA GLY B 387 118.40 17.76 148.45
C GLY B 387 117.61 17.15 149.60
N ALA B 388 116.58 17.85 150.05
CA ALA B 388 115.88 17.60 151.29
C ALA B 388 114.94 16.37 151.23
N LYS B 389 114.57 15.85 152.41
CA LYS B 389 113.67 14.68 152.59
C LYS B 389 112.48 15.01 153.50
N PRO B 390 111.25 14.58 153.15
CA PRO B 390 110.24 14.29 154.17
C PRO B 390 110.75 13.21 155.12
N ILE B 391 110.04 12.98 156.21
CA ILE B 391 110.28 11.84 157.10
C ILE B 391 109.70 10.57 156.43
N ASP B 392 110.19 9.37 156.76
CA ASP B 392 109.67 8.15 156.13
C ASP B 392 108.14 8.02 156.35
N GLN B 393 107.42 7.68 155.30
CA GLN B 393 105.96 7.64 155.21
C GLN B 393 105.27 8.95 155.63
N THR B 394 105.80 10.11 155.23
CA THR B 394 105.10 11.43 155.27
C THR B 394 104.95 11.95 153.83
N VAL B 395 103.80 12.51 153.41
CA VAL B 395 103.36 12.54 151.98
C VAL B 395 104.42 13.00 150.95
N VAL B 396 104.46 12.35 149.77
CA VAL B 396 105.10 12.85 148.53
C VAL B 396 104.18 12.61 147.31
N LEU B 397 104.00 13.63 146.45
CA LEU B 397 103.24 13.59 145.18
C LEU B 397 104.11 14.15 144.05
N VAL B 398 104.02 13.60 142.84
CA VAL B 398 104.96 13.82 141.72
C VAL B 398 104.25 14.14 140.39
N ASP B 399 104.85 14.97 139.53
CA ASP B 399 104.36 15.34 138.19
C ASP B 399 105.45 15.18 137.11
N TYR B 400 105.11 14.71 135.91
CA TYR B 400 106.03 14.51 134.76
C TYR B 400 105.28 14.17 133.45
N THR B 401 105.91 14.27 132.28
CA THR B 401 105.44 13.56 131.07
C THR B 401 106.34 12.42 130.66
N TYR B 402 105.75 11.51 129.91
CA TYR B 402 106.38 10.33 129.33
C TYR B 402 105.73 10.11 127.97
N TYR B 403 106.48 9.52 127.05
CA TYR B 403 106.00 9.23 125.69
C TYR B 403 104.98 8.09 125.67
N LEU B 404 104.18 8.03 124.64
CA LEU B 404 103.05 7.11 124.48
C LEU B 404 103.25 6.20 123.26
N ALA B 405 102.73 4.98 123.27
CA ALA B 405 102.51 4.29 122.01
C ALA B 405 101.40 5.01 121.22
N ARG B 406 101.27 4.68 119.94
CA ARG B 406 100.16 5.13 119.10
C ARG B 406 99.77 3.99 118.17
N LYS B 407 98.49 3.58 118.14
CA LYS B 407 98.10 2.28 117.56
C LYS B 407 97.88 2.36 116.06
N ASP B 408 98.98 2.64 115.40
CA ASP B 408 99.06 2.92 113.98
C ASP B 408 98.75 1.68 113.12
N SER B 409 98.45 1.88 111.84
CA SER B 409 98.28 0.82 110.83
C SER B 409 98.54 1.34 109.41
N VAL B 410 99.22 0.60 108.53
CA VAL B 410 98.95 0.74 107.09
C VAL B 410 97.51 0.31 106.86
N PHE B 411 96.66 1.26 106.51
CA PHE B 411 95.31 1.03 106.06
C PHE B 411 95.33 1.29 104.54
N ILE B 412 94.78 0.34 103.77
CA ILE B 412 95.14 0.19 102.36
C ILE B 412 93.97 -0.33 101.51
N ASN B 413 93.83 0.10 100.24
CA ASN B 413 92.50 0.19 99.57
C ASN B 413 92.24 -0.62 98.27
N LYS B 414 91.17 -0.26 97.52
CA LYS B 414 90.66 -0.86 96.26
C LYS B 414 91.63 -1.04 95.09
N TYR B 415 92.82 -0.42 95.13
CA TYR B 415 93.99 -0.81 94.31
C TYR B 415 95.27 -1.07 95.13
N GLY B 416 95.20 -0.78 96.43
CA GLY B 416 96.29 -0.84 97.38
C GLY B 416 96.96 0.50 97.65
N ASP B 417 96.32 1.61 97.29
CA ASP B 417 96.73 2.93 97.77
C ASP B 417 96.57 2.99 99.31
N ILE B 418 97.38 3.79 99.99
CA ILE B 418 97.54 3.71 101.45
C ILE B 418 97.09 4.99 102.17
N ALA B 419 96.10 4.85 103.04
CA ALA B 419 95.79 5.76 104.15
C ALA B 419 96.49 5.20 105.42
N ILE B 420 97.75 5.56 105.74
CA ILE B 420 98.34 5.12 107.04
C ILE B 420 97.59 5.80 108.19
N LEU B 421 97.06 4.98 109.11
CA LEU B 421 96.52 5.35 110.40
C LEU B 421 97.65 5.64 111.38
N PRO B 422 97.80 6.88 111.86
CA PRO B 422 98.38 7.09 113.18
C PRO B 422 97.23 6.81 114.18
N GLY B 423 97.40 5.86 115.10
CA GLY B 423 96.34 5.51 116.06
C GLY B 423 95.98 6.69 116.98
N GLU B 424 95.03 6.53 117.90
CA GLU B 424 95.03 7.44 119.07
C GLU B 424 96.29 7.16 119.93
N PRO B 425 96.96 8.16 120.54
CA PRO B 425 98.21 7.95 121.28
C PRO B 425 97.91 7.77 122.76
N ASN B 426 98.38 6.65 123.32
CA ASN B 426 98.16 6.18 124.68
C ASN B 426 99.23 5.14 125.06
N ILE B 427 99.36 4.84 126.36
CA ILE B 427 99.97 3.58 126.77
C ILE B 427 99.12 2.39 126.28
N MET B 428 99.67 1.16 126.31
CA MET B 428 99.05 -0.01 125.67
C MET B 428 97.64 -0.38 126.15
N ARG B 429 97.20 0.11 127.32
CA ARG B 429 95.82 -0.05 127.83
C ARG B 429 94.74 0.51 126.89
N LEU B 430 94.99 1.68 126.26
CA LEU B 430 93.99 2.47 125.52
C LEU B 430 94.39 2.87 124.09
N VAL B 431 95.57 2.47 123.65
CA VAL B 431 96.07 2.72 122.31
C VAL B 431 95.26 1.85 121.31
N THR B 432 94.61 2.48 120.32
CA THR B 432 93.37 2.04 119.62
C THR B 432 93.33 0.65 118.93
N PRO B 433 92.68 -0.38 119.52
CA PRO B 433 92.68 -1.76 119.02
C PRO B 433 91.80 -1.96 117.76
N PRO B 434 92.00 -3.07 117.00
CA PRO B 434 91.38 -3.28 115.69
C PRO B 434 89.89 -3.68 115.69
N LEU B 435 89.00 -2.71 115.45
CA LEU B 435 87.56 -2.88 115.14
C LEU B 435 87.10 -1.64 114.30
N ASN B 436 87.85 -1.29 113.24
CA ASN B 436 87.84 0.02 112.56
C ASN B 436 86.74 0.21 111.49
N THR B 437 86.35 1.46 111.24
CA THR B 437 85.16 1.88 110.48
C THR B 437 85.42 2.37 109.03
N ASP B 438 86.63 2.26 108.47
CA ASP B 438 86.88 2.62 107.06
C ASP B 438 86.57 1.44 106.09
N PRO B 439 85.56 1.55 105.21
CA PRO B 439 85.26 0.53 104.20
C PRO B 439 86.23 0.54 103.00
N GLU B 440 86.91 1.64 102.71
CA GLU B 440 87.88 1.72 101.62
C GLU B 440 89.20 1.09 101.99
N ASN B 441 89.68 1.29 103.22
CA ASN B 441 90.99 0.83 103.67
C ASN B 441 90.94 -0.32 104.70
N LEU B 442 91.80 -1.32 104.48
CA LEU B 442 91.75 -2.66 105.07
C LEU B 442 92.24 -2.78 106.53
N GLN B 443 91.41 -3.37 107.40
CA GLN B 443 91.78 -3.87 108.73
C GLN B 443 92.69 -5.11 108.63
N LEU B 444 93.98 -4.88 108.34
CA LEU B 444 95.04 -5.90 108.38
C LEU B 444 95.41 -6.29 109.82
N GLY B 445 95.84 -5.28 110.58
CA GLY B 445 96.48 -5.41 111.90
C GLY B 445 96.86 -4.03 112.43
N THR B 446 97.92 -3.91 113.25
CA THR B 446 98.50 -2.61 113.68
C THR B 446 100.05 -2.54 113.67
N VAL B 447 100.56 -1.40 113.18
CA VAL B 447 101.95 -0.90 113.13
C VAL B 447 102.38 -0.22 114.45
N THR B 448 101.41 0.27 115.24
CA THR B 448 101.52 0.53 116.70
C THR B 448 102.66 1.42 117.22
N VAL B 449 103.19 2.30 116.35
CA VAL B 449 104.23 3.31 116.60
C VAL B 449 104.54 3.61 118.08
N LEU B 450 105.71 3.13 118.57
CA LEU B 450 106.12 3.20 119.98
C LEU B 450 106.38 4.60 120.56
N PRO B 451 106.36 4.74 121.91
CA PRO B 451 106.81 5.94 122.61
C PRO B 451 108.18 6.37 122.13
N ASP B 452 108.30 7.65 121.82
CA ASP B 452 109.51 8.28 121.34
C ASP B 452 110.05 7.65 120.02
N SER B 453 109.26 6.78 119.37
CA SER B 453 109.75 5.72 118.47
C SER B 453 108.68 5.21 117.46
N ASP B 454 108.72 3.95 116.99
CA ASP B 454 108.23 3.51 115.68
C ASP B 454 107.45 2.18 115.62
N GLU B 455 107.49 1.33 116.66
CA GLU B 455 107.33 -0.13 116.41
C GLU B 455 105.99 -0.84 116.77
N ALA B 456 105.78 -2.06 116.23
CA ALA B 456 104.48 -2.75 116.12
C ALA B 456 104.14 -3.81 117.23
N VAL B 457 102.91 -3.76 117.77
CA VAL B 457 102.25 -4.76 118.68
C VAL B 457 100.74 -4.87 118.37
N CYS B 458 100.19 -6.09 118.29
CA CYS B 458 98.78 -6.34 117.93
C CYS B 458 98.16 -7.55 118.65
N ILE B 459 98.54 -7.78 119.91
CA ILE B 459 97.89 -8.75 120.78
C ILE B 459 96.50 -8.20 121.11
N SER B 460 95.55 -8.38 120.19
CA SER B 460 94.31 -7.60 120.12
C SER B 460 93.25 -8.31 119.27
N PHE B 461 91.97 -7.92 119.42
CA PHE B 461 90.88 -8.42 118.57
C PHE B 461 91.02 -7.98 117.09
N ALA B 462 90.37 -8.70 116.16
CA ALA B 462 90.58 -8.53 114.72
C ALA B 462 89.42 -9.10 113.87
N ILE B 463 89.44 -8.82 112.57
CA ILE B 463 88.46 -9.23 111.56
C ILE B 463 89.18 -9.69 110.29
N THR B 464 88.69 -10.70 109.56
CA THR B 464 89.26 -11.21 108.29
C THR B 464 88.19 -11.92 107.42
N ARG B 465 88.39 -11.98 106.09
CA ARG B 465 87.49 -12.67 105.13
C ARG B 465 87.24 -14.14 105.47
N LEU B 466 86.00 -14.63 105.34
CA LEU B 466 85.49 -15.98 105.73
C LEU B 466 86.00 -16.51 107.08
N SER B 467 86.48 -15.58 107.91
CA SER B 467 87.51 -15.77 108.92
C SER B 467 88.53 -16.88 108.61
N MET B 468 89.37 -16.66 107.59
CA MET B 468 90.66 -17.35 107.47
C MET B 468 91.49 -17.25 108.76
N GLU B 469 91.28 -16.17 109.52
CA GLU B 469 91.70 -16.04 110.91
C GLU B 469 91.16 -17.19 111.80
N ASP B 470 89.86 -17.43 111.94
CA ASP B 470 89.32 -18.55 112.74
C ASP B 470 89.80 -19.92 112.26
N LEU B 471 89.90 -20.09 110.95
CA LEU B 471 90.41 -21.32 110.34
C LEU B 471 91.89 -21.50 110.65
N GLN B 472 92.67 -20.42 110.77
CA GLN B 472 94.03 -20.47 111.33
C GLN B 472 94.01 -20.68 112.85
N LYS B 473 93.02 -20.19 113.63
CA LYS B 473 92.92 -20.55 115.07
C LYS B 473 92.84 -22.06 115.24
N VAL B 474 92.12 -22.78 114.36
CA VAL B 474 92.06 -24.26 114.42
C VAL B 474 93.46 -24.86 114.25
N LYS B 475 94.20 -24.46 113.21
CA LYS B 475 95.61 -24.83 113.03
C LYS B 475 96.47 -24.42 114.25
N THR B 476 96.25 -23.23 114.80
CA THR B 476 96.96 -22.69 115.96
C THR B 476 96.72 -23.53 117.22
N ARG B 477 95.47 -23.90 117.55
CA ARG B 477 95.18 -24.83 118.66
C ARG B 477 95.59 -26.27 118.36
N VAL B 478 95.83 -26.68 117.10
CA VAL B 478 96.54 -27.92 116.76
C VAL B 478 98.07 -27.79 116.88
N ASP B 479 98.63 -26.58 116.78
CA ASP B 479 99.98 -26.28 117.26
C ASP B 479 100.05 -26.34 118.81
N ASN B 480 99.05 -25.84 119.54
CA ASN B 480 98.96 -26.11 120.99
C ASN B 480 98.81 -27.60 121.27
N LEU B 481 97.92 -28.29 120.55
CA LEU B 481 97.77 -29.75 120.63
C LEU B 481 99.11 -30.43 120.35
N GLU B 482 99.95 -29.87 119.49
CA GLU B 482 101.32 -30.32 119.27
C GLU B 482 102.31 -29.97 120.39
N TYR B 483 102.17 -28.83 121.09
CA TYR B 483 102.91 -28.60 122.34
C TYR B 483 102.54 -29.66 123.37
N ASN B 484 101.24 -29.93 123.46
CA ASN B 484 100.68 -30.93 124.34
C ASN B 484 101.05 -32.35 123.89
N GLN B 485 101.18 -32.60 122.58
CA GLN B 485 101.72 -33.83 121.99
C GLN B 485 103.19 -34.02 122.35
N ALA B 486 104.00 -32.95 122.34
CA ALA B 486 105.37 -33.00 122.84
C ALA B 486 105.37 -33.26 124.36
N VAL B 487 104.56 -32.55 125.14
CA VAL B 487 104.41 -32.83 126.57
C VAL B 487 104.03 -34.28 126.83
N ASN B 488 103.07 -34.84 126.09
CA ASN B 488 102.69 -36.24 126.28
C ASN B 488 103.81 -37.17 125.76
N ALA B 489 104.12 -37.15 124.46
CA ALA B 489 105.09 -38.07 123.85
C ALA B 489 106.50 -37.97 124.47
N LEU B 490 106.89 -36.81 125.00
CA LEU B 490 108.19 -36.58 125.62
C LEU B 490 108.18 -36.52 127.16
N ASP B 491 107.16 -35.95 127.79
CA ASP B 491 107.10 -35.80 129.25
C ASP B 491 106.26 -36.92 129.90
N ASP B 492 105.18 -37.42 129.28
CA ASP B 492 104.68 -38.79 129.61
C ASP B 492 105.63 -39.86 129.07
N GLY B 493 106.38 -39.54 128.01
CA GLY B 493 107.56 -40.30 127.59
C GLY B 493 108.66 -40.41 128.66
N ALA B 494 108.73 -39.40 129.54
CA ALA B 494 109.64 -39.31 130.69
C ALA B 494 109.03 -39.76 132.05
N MET B 495 107.72 -39.90 132.18
CA MET B 495 106.99 -40.49 133.32
C MET B 495 107.36 -39.93 134.72
N GLU B 496 108.17 -40.66 135.50
CA GLU B 496 108.18 -40.60 136.98
C GLU B 496 106.76 -40.70 137.59
N GLY B 497 105.89 -41.40 136.86
CA GLY B 497 104.43 -41.34 137.00
C GLY B 497 103.79 -42.65 137.42
N GLN B 498 102.52 -42.86 137.02
CA GLN B 498 101.69 -44.03 137.38
C GLN B 498 101.91 -44.30 138.86
N ASN B 499 102.03 -45.56 139.23
CA ASN B 499 102.83 -45.95 140.36
C ASN B 499 104.00 -46.54 139.53
N PRO B 500 105.21 -45.98 139.56
CA PRO B 500 106.25 -45.96 138.52
C PRO B 500 106.10 -46.75 137.23
N LEU B 501 106.06 -48.07 137.33
CA LEU B 501 105.72 -48.96 136.24
C LEU B 501 104.98 -50.20 136.76
N THR B 502 103.99 -50.01 137.63
CA THR B 502 103.05 -51.07 138.03
C THR B 502 102.38 -51.61 136.77
N LEU B 503 101.62 -50.74 136.09
CA LEU B 503 101.31 -50.89 134.69
C LEU B 503 102.62 -50.94 133.88
N ARG B 504 102.81 -52.03 133.14
CA ARG B 504 103.87 -52.32 132.17
C ARG B 504 103.63 -51.68 130.79
N SER B 505 102.45 -51.88 130.19
CA SER B 505 102.18 -51.57 128.77
C SER B 505 100.66 -51.52 128.45
N VAL B 506 100.26 -51.00 127.28
CA VAL B 506 98.83 -50.88 126.88
C VAL B 506 98.52 -51.22 125.40
N PHE B 507 97.41 -51.96 125.19
CA PHE B 507 96.73 -52.25 123.93
C PHE B 507 95.37 -51.53 123.90
N SER B 508 94.97 -50.95 122.77
CA SER B 508 93.65 -50.30 122.59
C SER B 508 92.98 -50.64 121.24
N GLU B 509 91.65 -50.62 121.23
CA GLU B 509 90.83 -50.97 120.07
C GLU B 509 89.51 -50.18 120.12
N GLY B 510 89.32 -49.25 119.19
CA GLY B 510 88.02 -48.58 119.03
C GLY B 510 86.97 -49.45 118.32
N PHE B 511 87.36 -50.64 117.86
CA PHE B 511 86.67 -51.41 116.84
C PHE B 511 86.73 -50.70 115.48
N ILE B 512 87.98 -50.36 115.08
CA ILE B 512 88.28 -49.48 113.95
C ILE B 512 89.57 -49.78 113.15
N SER B 513 90.59 -50.45 113.70
CA SER B 513 91.92 -50.51 113.04
C SER B 513 92.31 -51.90 112.52
N LEU B 514 92.66 -51.97 111.23
CA LEU B 514 92.99 -53.25 110.56
C LEU B 514 94.22 -53.94 111.18
N ASP B 515 95.10 -53.18 111.81
CA ASP B 515 96.31 -53.69 112.47
C ASP B 515 96.07 -54.19 113.91
N LYS B 516 94.97 -53.83 114.58
CA LYS B 516 94.62 -54.39 115.90
C LYS B 516 93.48 -55.40 115.81
N ALA B 517 92.65 -55.37 114.77
CA ALA B 517 91.83 -56.51 114.38
C ALA B 517 92.67 -57.75 114.07
N ASP B 518 92.53 -58.85 114.81
CA ASP B 518 93.08 -60.13 114.38
C ASP B 518 92.14 -60.93 113.50
N ILE B 519 91.92 -60.45 112.29
CA ILE B 519 91.32 -61.22 111.20
C ILE B 519 92.16 -62.48 110.84
N THR B 520 93.44 -62.61 111.26
CA THR B 520 94.21 -63.86 111.09
C THR B 520 93.79 -64.94 112.10
N HIS B 521 93.02 -64.54 113.13
CA HIS B 521 92.04 -65.38 113.83
C HIS B 521 90.68 -65.17 113.10
N PRO B 522 90.43 -65.84 111.96
CA PRO B 522 89.20 -65.67 111.17
C PRO B 522 87.91 -66.08 111.90
N ASP B 523 88.05 -66.53 113.14
CA ASP B 523 87.12 -66.48 114.25
C ASP B 523 86.34 -65.14 114.33
N PHE B 524 86.90 -64.08 113.74
CA PHE B 524 86.41 -62.71 113.51
C PHE B 524 85.01 -62.57 112.81
N GLY B 525 83.95 -63.24 113.28
CA GLY B 525 82.53 -63.12 112.84
C GLY B 525 81.86 -61.84 113.33
N ILE B 526 82.55 -60.71 113.19
CA ILE B 526 82.18 -59.38 113.69
C ILE B 526 82.41 -58.33 112.58
N VAL B 527 81.78 -57.15 112.70
CA VAL B 527 82.02 -56.02 111.78
C VAL B 527 82.23 -54.75 112.58
N PHE B 528 83.21 -53.95 112.17
CA PHE B 528 83.52 -52.62 112.72
C PHE B 528 82.53 -51.51 112.28
N SER B 529 82.61 -50.36 112.94
CA SER B 529 82.25 -49.04 112.43
C SER B 529 83.38 -48.10 112.82
N PHE B 530 84.01 -47.49 111.82
CA PHE B 530 85.41 -47.10 111.90
C PHE B 530 85.66 -45.67 112.42
N GLU B 531 84.64 -44.82 112.47
CA GLU B 531 84.67 -43.53 113.19
C GLU B 531 83.53 -43.35 114.20
N ASP B 532 82.46 -44.15 114.14
CA ASP B 532 81.58 -44.40 115.29
C ASP B 532 82.35 -45.08 116.44
N ALA B 533 83.38 -45.86 116.10
CA ALA B 533 84.16 -46.70 117.01
C ALA B 533 83.31 -47.76 117.73
N GLU B 534 82.79 -48.73 116.97
CA GLU B 534 81.92 -49.82 117.47
C GLU B 534 82.08 -51.12 116.67
N ALA B 535 81.76 -52.27 117.25
CA ALA B 535 81.47 -53.47 116.47
C ALA B 535 80.24 -54.22 116.99
N THR B 536 79.72 -55.10 116.13
CA THR B 536 78.70 -56.08 116.48
C THR B 536 78.93 -57.33 115.63
N LEU B 537 78.03 -58.29 115.71
CA LEU B 537 78.09 -59.50 114.90
C LEU B 537 78.13 -59.16 113.40
N ALA B 538 78.93 -59.90 112.64
CA ALA B 538 78.97 -59.77 111.19
C ALA B 538 77.61 -60.12 110.57
N TYR B 539 77.36 -59.63 109.35
CA TYR B 539 76.06 -59.79 108.72
C TYR B 539 76.16 -60.30 107.28
N THR B 540 75.26 -61.20 106.94
CA THR B 540 74.94 -61.77 105.65
C THR B 540 74.28 -60.71 104.78
N GLU B 541 74.92 -60.30 103.70
CA GLU B 541 74.40 -59.35 102.70
C GLU B 541 73.30 -59.96 101.79
N ALA B 542 72.17 -60.33 102.40
CA ALA B 542 70.91 -60.83 101.79
C ALA B 542 70.16 -59.77 100.94
N VAL B 543 70.86 -59.05 100.04
CA VAL B 543 70.35 -57.91 99.23
C VAL B 543 68.95 -58.16 98.67
N ASN B 544 68.13 -57.11 98.63
CA ASN B 544 67.03 -57.02 97.68
C ASN B 544 67.30 -55.88 96.72
N GLN B 545 67.33 -56.16 95.42
CA GLN B 545 66.96 -55.18 94.41
C GLN B 545 65.42 -55.29 94.23
N PRO B 546 64.57 -54.35 94.70
CA PRO B 546 63.11 -54.44 94.57
C PRO B 546 62.61 -54.71 93.15
N LYS B 547 61.50 -55.44 93.05
CA LYS B 547 60.93 -55.95 91.80
C LYS B 547 59.51 -55.41 91.63
N ILE B 548 59.06 -55.10 90.41
CA ILE B 548 57.86 -54.25 90.19
C ILE B 548 56.58 -55.09 90.00
N ILE B 549 55.49 -54.72 90.69
CA ILE B 549 54.13 -55.13 90.30
C ILE B 549 53.70 -54.19 89.15
N PRO B 550 53.41 -54.70 87.93
CA PRO B 550 53.29 -53.92 86.69
C PRO B 550 52.41 -52.65 86.68
N GLY B 551 51.17 -52.67 86.19
CA GLY B 551 50.36 -51.44 86.03
C GLY B 551 50.10 -50.73 87.36
N ASP B 552 50.11 -51.50 88.45
CA ASP B 552 50.11 -51.05 89.83
C ASP B 552 51.24 -50.06 90.07
N THR B 553 52.44 -50.35 89.60
CA THR B 553 53.48 -49.35 89.38
C THR B 553 53.11 -48.46 88.18
N THR B 554 52.24 -47.47 88.35
CA THR B 554 51.82 -46.55 87.26
C THR B 554 53.00 -45.79 86.64
N ALA B 555 54.11 -45.64 87.34
CA ALA B 555 55.34 -45.02 86.83
C ALA B 555 55.74 -45.55 85.43
N HIS B 556 55.95 -44.66 84.45
CA HIS B 556 56.55 -45.01 83.17
C HIS B 556 58.07 -45.21 83.33
N ILE B 557 58.57 -46.38 82.95
CA ILE B 557 59.99 -46.71 83.01
C ILE B 557 60.65 -46.42 81.66
N TRP B 558 61.81 -45.78 81.71
CA TRP B 558 62.55 -45.27 80.56
C TRP B 558 63.96 -45.82 80.63
N GLY B 559 64.26 -46.85 79.83
CA GLY B 559 65.59 -47.45 79.80
C GLY B 559 66.00 -47.91 81.20
N ARG B 560 67.14 -47.39 81.69
CA ARG B 560 67.64 -47.70 83.04
C ARG B 560 66.91 -46.94 84.17
N LEU B 561 66.22 -45.82 83.89
CA LEU B 561 65.60 -44.95 84.91
C LEU B 561 64.05 -45.01 84.90
N ILE B 562 63.39 -44.50 85.94
CA ILE B 562 61.95 -44.68 86.18
C ILE B 562 61.29 -43.33 86.52
N SER B 563 60.17 -43.00 85.86
CA SER B 563 59.47 -41.70 85.98
C SER B 563 57.96 -41.91 86.17
N ALA B 564 57.18 -40.88 86.51
CA ALA B 564 55.73 -41.02 86.62
C ALA B 564 55.02 -41.53 85.34
N PRO B 565 53.73 -41.93 85.43
CA PRO B 565 52.88 -42.01 84.25
C PRO B 565 52.83 -40.61 83.60
N PHE B 566 52.67 -40.55 82.28
CA PHE B 566 52.56 -39.28 81.55
C PHE B 566 51.62 -39.37 80.33
N THR B 567 51.29 -38.18 79.81
CA THR B 567 50.66 -37.95 78.52
C THR B 567 51.69 -37.33 77.60
N GLU B 568 51.83 -37.84 76.38
CA GLU B 568 52.89 -37.45 75.44
C GLU B 568 52.42 -36.23 74.64
N GLU B 569 53.04 -35.08 74.90
CA GLU B 569 52.40 -33.80 74.75
C GLU B 569 53.21 -32.89 73.81
N ARG B 570 52.60 -32.54 72.67
CA ARG B 570 53.08 -31.86 71.46
C ARG B 570 53.53 -30.40 71.67
N THR B 571 54.37 -30.16 72.69
CA THR B 571 54.77 -28.81 73.17
C THR B 571 55.17 -27.81 72.09
N ILE B 572 55.79 -28.28 71.01
CA ILE B 572 56.32 -27.46 69.95
C ILE B 572 55.75 -27.95 68.64
N TYR B 573 55.35 -27.03 67.77
CA TYR B 573 55.30 -27.31 66.34
C TYR B 573 55.58 -26.06 65.55
N GLN B 574 56.86 -25.84 65.26
CA GLN B 574 57.20 -25.03 64.11
C GLN B 574 57.04 -25.95 62.90
N GLY B 575 55.85 -25.93 62.30
CA GLY B 575 55.52 -26.75 61.14
C GLY B 575 55.99 -26.18 59.81
N GLN B 576 56.76 -25.10 59.86
CA GLN B 576 57.36 -24.41 58.73
C GLN B 576 58.42 -25.26 58.01
N ALA B 577 58.35 -25.28 56.68
CA ALA B 577 59.41 -25.78 55.81
C ALA B 577 59.19 -25.18 54.42
N SER B 578 60.19 -25.28 53.55
CA SER B 578 60.08 -24.92 52.14
C SER B 578 60.97 -25.76 51.21
N GLU B 579 61.82 -26.65 51.72
CA GLU B 579 62.64 -27.58 50.92
C GLU B 579 63.06 -28.85 51.68
N THR B 580 63.32 -29.96 50.98
CA THR B 580 63.98 -31.12 51.60
C THR B 580 65.47 -30.80 51.79
N LEU B 581 66.18 -31.52 52.67
CA LEU B 581 67.64 -31.38 52.80
C LEU B 581 68.36 -32.66 53.21
N ASN B 582 69.25 -33.09 52.33
CA ASN B 582 70.33 -34.08 52.47
C ASN B 582 71.11 -34.00 53.81
N VAL B 583 71.16 -35.10 54.56
CA VAL B 583 71.52 -35.11 55.99
C VAL B 583 72.98 -35.52 56.25
N ASN B 584 73.68 -36.04 55.25
CA ASN B 584 75.14 -36.00 55.21
C ASN B 584 75.59 -35.84 53.74
N PRO B 585 75.62 -34.60 53.21
CA PRO B 585 76.01 -34.34 51.82
C PRO B 585 77.47 -34.71 51.53
N TYR B 586 78.35 -34.49 52.51
CA TYR B 586 79.75 -34.95 52.53
C TYR B 586 79.82 -36.47 52.37
N ASN B 587 78.80 -37.17 52.89
CA ASN B 587 78.56 -38.61 52.94
C ASN B 587 79.71 -39.43 53.59
N ILE B 588 80.31 -38.87 54.65
CA ILE B 588 81.47 -39.41 55.38
C ILE B 588 81.08 -39.85 56.82
N PRO B 589 81.30 -41.13 57.20
CA PRO B 589 80.78 -41.74 58.42
C PRO B 589 81.82 -41.96 59.53
N ASN B 590 81.31 -42.45 60.68
CA ASN B 590 82.00 -43.29 61.68
C ASN B 590 80.94 -44.23 62.29
N LYS B 591 81.32 -45.44 62.71
CA LYS B 591 80.39 -46.46 63.23
C LYS B 591 80.37 -46.56 64.76
N GLN B 592 80.34 -45.42 65.44
CA GLN B 592 79.88 -45.36 66.83
C GLN B 592 78.40 -45.75 66.87
N GLY B 593 78.10 -47.02 67.11
CA GLY B 593 76.77 -47.47 67.45
C GLY B 593 76.35 -47.02 68.85
N VAL B 594 75.23 -47.50 69.36
CA VAL B 594 74.59 -47.02 70.60
C VAL B 594 74.29 -48.18 71.55
N LEU B 595 74.68 -48.16 72.82
CA LEU B 595 74.76 -49.36 73.67
C LEU B 595 74.27 -49.14 75.11
N LYS B 596 73.58 -50.14 75.68
CA LYS B 596 73.10 -50.18 77.07
C LYS B 596 73.73 -51.34 77.82
N LEU B 597 74.44 -51.09 78.91
CA LEU B 597 74.50 -52.10 79.97
C LEU B 597 73.11 -52.23 80.59
N THR B 598 72.84 -53.42 81.10
CA THR B 598 71.49 -53.87 81.39
C THR B 598 71.57 -54.96 82.48
N PRO B 599 71.83 -54.64 83.77
CA PRO B 599 71.83 -53.35 84.48
C PRO B 599 73.00 -52.41 84.19
N SER B 600 72.84 -51.12 84.50
CA SER B 600 73.81 -50.06 84.19
C SER B 600 74.12 -49.13 85.37
N GLU B 601 73.67 -49.50 86.56
CA GLU B 601 73.93 -48.87 87.87
C GLU B 601 73.86 -49.97 88.96
N ASP B 602 74.17 -49.71 90.23
CA ASP B 602 74.07 -50.76 91.26
C ASP B 602 73.94 -50.30 92.73
N ASN B 603 73.28 -51.13 93.54
CA ASN B 603 73.54 -51.24 94.99
C ASN B 603 73.61 -52.73 95.35
N TRP B 604 74.58 -53.04 96.20
CA TRP B 604 75.11 -54.37 96.45
C TRP B 604 75.99 -54.27 97.70
N ILE B 605 76.62 -55.38 98.10
CA ILE B 605 77.91 -55.36 98.82
C ILE B 605 78.84 -56.29 98.09
N ASP B 606 80.11 -55.90 97.97
CA ASP B 606 81.17 -56.76 97.48
C ASP B 606 82.30 -56.77 98.53
N THR B 607 82.86 -57.95 98.76
CA THR B 607 83.46 -58.30 100.04
C THR B 607 84.91 -58.77 99.95
N GLU B 608 85.82 -58.03 100.59
CA GLU B 608 87.07 -58.58 101.14
C GLU B 608 86.79 -59.16 102.55
N ASN B 609 85.90 -58.50 103.28
CA ASN B 609 85.34 -58.87 104.60
C ASN B 609 85.18 -60.40 104.78
N LEU B 678 87.02 -43.73 108.07
CA LEU B 678 85.88 -42.79 108.15
C LEU B 678 84.56 -43.59 108.02
N GLU B 679 83.42 -42.99 107.62
CA GLU B 679 82.26 -43.76 107.09
C GLU B 679 82.21 -43.56 105.57
N GLU B 680 82.22 -44.66 104.81
CA GLU B 680 82.79 -44.65 103.45
C GLU B 680 82.03 -45.55 102.45
N MET B 681 82.17 -45.24 101.16
CA MET B 681 81.62 -46.03 100.04
C MET B 681 82.44 -47.33 99.78
N ILE B 682 81.98 -48.16 98.84
CA ILE B 682 82.39 -49.56 98.70
C ILE B 682 83.68 -49.70 97.84
N GLU B 683 84.69 -50.39 98.38
CA GLU B 683 86.00 -50.67 97.77
C GLU B 683 85.92 -51.33 96.38
N PHE B 684 84.83 -52.04 96.11
CA PHE B 684 84.62 -52.83 94.91
C PHE B 684 83.17 -52.75 94.38
N ILE B 685 82.93 -52.58 93.07
CA ILE B 685 81.64 -53.00 92.47
C ILE B 685 81.68 -54.50 92.21
N ARG B 686 80.62 -55.19 92.64
CA ARG B 686 80.45 -56.65 92.49
C ARG B 686 80.69 -57.16 91.08
N ILE B 687 81.08 -58.41 91.03
CA ILE B 687 81.01 -59.29 89.86
C ILE B 687 79.52 -59.61 89.56
N ARG B 688 78.75 -58.60 89.13
CA ARG B 688 77.39 -58.76 88.61
C ARG B 688 77.45 -59.24 87.16
N ASP B 689 76.55 -60.13 86.75
CA ASP B 689 76.29 -60.32 85.31
C ASP B 689 75.58 -59.08 84.78
N VAL B 690 76.09 -58.59 83.66
CA VAL B 690 75.53 -57.43 82.99
C VAL B 690 75.11 -57.87 81.61
N SER B 691 73.80 -57.93 81.38
CA SER B 691 73.29 -58.05 80.02
C SER B 691 73.57 -56.77 79.25
N PHE B 692 73.45 -56.80 77.93
CA PHE B 692 73.57 -55.58 77.14
C PHE B 692 72.85 -55.68 75.79
N GLU B 693 72.67 -54.50 75.19
CA GLU B 693 72.31 -54.33 73.79
C GLU B 693 73.11 -53.18 73.17
N VAL B 694 73.71 -53.42 72.00
CA VAL B 694 74.25 -52.39 71.09
C VAL B 694 73.43 -52.34 69.79
N LYS B 695 73.34 -51.17 69.17
CA LYS B 695 72.65 -50.84 67.89
C LYS B 695 73.62 -50.09 66.96
N GLY B 696 73.32 -50.04 65.67
CA GLY B 696 73.99 -49.10 64.77
C GLY B 696 75.49 -49.34 64.57
N LEU B 697 75.99 -50.58 64.73
CA LEU B 697 77.27 -51.05 64.18
C LEU B 697 77.14 -51.37 62.67
N ASN B 698 78.16 -51.91 61.98
CA ASN B 698 78.02 -52.29 60.56
C ASN B 698 77.05 -53.48 60.36
N PRO B 699 76.47 -53.67 59.17
CA PRO B 699 75.65 -54.84 58.86
C PRO B 699 76.37 -56.18 59.06
N ASN B 700 75.86 -57.00 59.98
CA ASN B 700 76.47 -58.25 60.48
C ASN B 700 77.96 -58.10 60.84
N ASP B 701 78.34 -56.98 61.44
CA ASP B 701 79.69 -56.75 61.93
C ASP B 701 80.12 -57.83 62.93
N ASN B 702 81.42 -58.08 63.03
CA ASN B 702 81.98 -59.35 63.50
C ASN B 702 83.21 -59.14 64.43
N ASN B 703 83.54 -60.11 65.27
CA ASN B 703 84.65 -60.03 66.24
C ASN B 703 84.49 -58.89 67.26
N LEU B 704 83.25 -58.52 67.56
CA LEU B 704 82.90 -57.45 68.50
C LEU B 704 83.23 -57.85 69.95
N TYR B 705 84.44 -57.56 70.43
CA TYR B 705 84.86 -57.75 71.82
C TYR B 705 84.20 -56.74 72.78
N LEU B 706 83.91 -57.20 73.99
CA LEU B 706 83.48 -56.32 75.07
C LEU B 706 84.67 -55.96 75.96
N LEU B 707 84.76 -54.68 76.29
CA LEU B 707 85.87 -53.96 76.89
C LEU B 707 85.34 -53.18 78.10
N PHE B 708 85.07 -53.86 79.20
CA PHE B 708 84.68 -53.21 80.46
C PHE B 708 85.82 -52.31 80.95
N ASP B 709 85.56 -51.03 81.21
CA ASP B 709 86.58 -50.01 81.52
C ASP B 709 87.77 -50.05 80.54
N GLY B 710 87.50 -50.40 79.28
CA GLY B 710 88.52 -50.61 78.27
C GLY B 710 89.46 -51.81 78.56
N VAL B 711 89.00 -52.77 79.37
CA VAL B 711 89.60 -54.09 79.65
C VAL B 711 88.76 -55.22 79.04
N ARG B 712 89.38 -56.11 78.28
CA ARG B 712 88.70 -57.21 77.59
C ARG B 712 87.97 -58.13 78.60
N CYS B 713 86.69 -58.39 78.34
CA CYS B 713 85.79 -59.25 79.13
C CYS B 713 84.95 -60.15 78.19
N ALA B 714 84.28 -61.20 78.69
CA ALA B 714 83.76 -62.30 77.86
C ALA B 714 82.26 -62.23 77.54
N ILE B 715 81.89 -62.07 76.26
CA ILE B 715 80.49 -61.96 75.82
C ILE B 715 79.83 -63.34 75.77
N THR B 716 78.57 -63.41 76.21
CA THR B 716 77.54 -64.37 75.79
C THR B 716 76.84 -63.82 74.56
N PRO B 717 77.08 -64.36 73.36
CA PRO B 717 76.32 -64.00 72.17
C PRO B 717 74.88 -64.53 72.35
N ALA B 718 73.87 -63.65 72.40
CA ALA B 718 72.47 -64.09 72.43
C ALA B 718 72.00 -64.48 71.02
N THR B 719 72.10 -65.75 70.67
CA THR B 719 72.04 -66.26 69.30
C THR B 719 70.87 -65.65 68.48
N GLY B 720 71.12 -65.42 67.19
CA GLY B 720 70.50 -64.37 66.38
C GLY B 720 71.51 -63.22 66.32
N TYR B 721 72.10 -62.90 67.48
CA TYR B 721 73.41 -62.27 67.68
C TYR B 721 74.41 -63.34 68.09
N ARG B 722 74.71 -64.24 67.15
CA ARG B 722 75.65 -65.36 67.33
C ARG B 722 77.07 -64.84 67.62
N LYS B 723 78.04 -65.71 67.89
CA LYS B 723 79.43 -65.27 68.11
C LYS B 723 79.95 -64.35 67.01
N GLY B 724 80.79 -63.41 67.40
CA GLY B 724 81.80 -62.93 66.47
C GLY B 724 82.83 -64.06 66.33
N SER B 725 83.49 -64.20 65.18
CA SER B 725 84.31 -65.38 64.86
C SER B 725 85.36 -65.69 65.94
N GLU B 726 85.95 -64.66 66.54
CA GLU B 726 86.59 -64.68 67.86
C GLU B 726 85.54 -64.93 68.97
N ASP B 727 85.13 -66.15 69.30
CA ASP B 727 84.08 -66.32 70.32
C ASP B 727 84.47 -65.74 71.70
N GLY B 728 83.48 -65.34 72.49
CA GLY B 728 83.61 -64.33 73.53
C GLY B 728 83.53 -62.90 72.98
N THR B 729 83.55 -62.74 71.64
CA THR B 729 82.98 -61.60 70.91
C THR B 729 81.60 -61.94 70.32
N ILE B 730 80.89 -60.94 69.79
CA ILE B 730 79.57 -61.11 69.16
C ILE B 730 79.60 -60.68 67.69
N MET B 731 78.61 -61.12 66.93
CA MET B 731 78.31 -60.60 65.61
C MET B 731 76.90 -60.00 65.61
N THR B 732 76.71 -58.90 64.90
CA THR B 732 75.41 -58.23 64.83
C THR B 732 74.43 -58.88 63.86
N ASP B 733 73.20 -58.36 63.82
CA ASP B 733 72.34 -58.45 62.64
C ASP B 733 72.75 -57.42 61.56
N ALA B 734 72.05 -57.41 60.44
CA ALA B 734 72.28 -56.47 59.35
C ALA B 734 72.04 -54.99 59.71
N LYS B 735 71.40 -54.66 60.84
CA LYS B 735 71.22 -53.27 61.30
C LYS B 735 72.35 -52.82 62.24
N GLY B 736 73.33 -53.69 62.49
CA GLY B 736 74.39 -53.42 63.46
C GLY B 736 73.95 -53.60 64.90
N THR B 737 72.89 -54.39 65.16
CA THR B 737 72.41 -54.70 66.53
C THR B 737 73.14 -55.92 67.07
N ALA B 738 73.57 -55.94 68.33
CA ALA B 738 74.11 -57.13 69.00
C ALA B 738 73.73 -57.12 70.50
N LYS B 739 73.47 -58.30 71.10
CA LYS B 739 72.90 -58.40 72.45
C LYS B 739 73.31 -59.69 73.18
N GLY B 740 73.10 -59.71 74.48
CA GLY B 740 73.39 -60.86 75.35
C GLY B 740 73.85 -60.40 76.73
N LYS B 741 75.03 -60.84 77.17
CA LYS B 741 75.65 -60.39 78.43
C LYS B 741 77.17 -60.51 78.46
N PHE B 742 77.76 -59.94 79.49
CA PHE B 742 79.04 -60.36 80.06
C PHE B 742 78.92 -60.33 81.61
N THR B 743 80.03 -60.34 82.33
CA THR B 743 80.07 -60.20 83.80
C THR B 743 81.09 -59.15 84.21
N ILE B 744 80.75 -58.25 85.13
CA ILE B 744 81.68 -57.25 85.67
C ILE B 744 82.91 -58.02 86.19
N PRO B 745 84.13 -57.77 85.68
CA PRO B 745 85.34 -58.39 86.18
C PRO B 745 85.73 -57.82 87.56
N ALA B 746 86.69 -58.47 88.20
CA ALA B 746 86.91 -58.43 89.64
C ALA B 746 86.90 -57.06 90.33
N GLY B 747 85.74 -56.68 90.85
CA GLY B 747 85.65 -55.78 92.00
C GLY B 747 86.05 -54.33 91.77
N ILE B 748 85.80 -53.72 90.61
CA ILE B 748 86.27 -52.34 90.41
C ILE B 748 85.33 -51.34 91.07
N ARG B 749 85.79 -50.75 92.18
CA ARG B 749 85.52 -49.41 92.77
C ARG B 749 84.15 -48.70 92.54
N CYS B 750 83.66 -47.93 93.51
CA CYS B 750 82.50 -47.03 93.31
C CYS B 750 82.71 -46.01 92.16
N GLY B 751 81.67 -45.26 91.80
CA GLY B 751 81.65 -44.48 90.56
C GLY B 751 81.45 -45.34 89.30
N ASN B 752 81.44 -44.71 88.13
CA ASN B 752 81.08 -45.39 86.87
C ASN B 752 82.17 -46.30 86.35
N ARG B 753 81.80 -47.54 86.05
CA ARG B 753 82.51 -48.32 85.02
C ARG B 753 82.10 -47.76 83.66
N GLU B 754 83.09 -47.43 82.85
CA GLU B 754 82.94 -47.50 81.40
C GLU B 754 82.69 -48.96 81.03
N VAL B 755 81.96 -49.25 79.96
CA VAL B 755 82.12 -50.50 79.22
C VAL B 755 81.93 -50.23 77.74
N THR B 756 82.76 -50.81 76.90
CA THR B 756 82.67 -50.69 75.45
C THR B 756 82.34 -52.04 74.83
N LEU B 757 81.55 -52.08 73.75
CA LEU B 757 81.47 -53.23 72.82
C LEU B 757 81.92 -52.77 71.44
N LYS B 758 82.99 -53.35 70.89
CA LYS B 758 83.59 -52.93 69.61
C LYS B 758 84.34 -54.06 68.93
N ASN B 759 84.59 -53.94 67.64
CA ASN B 759 85.71 -54.59 66.98
C ASN B 759 86.67 -53.48 66.49
N ALA B 760 87.34 -53.65 65.35
CA ALA B 760 87.86 -52.51 64.62
C ALA B 760 86.74 -51.72 63.88
N ASN B 761 85.84 -52.41 63.17
CA ASN B 761 84.92 -51.80 62.18
C ASN B 761 83.85 -50.88 62.80
N SER B 762 83.38 -51.18 64.01
CA SER B 762 82.43 -50.38 64.79
C SER B 762 82.77 -50.36 66.28
N THR B 763 82.18 -49.43 67.02
CA THR B 763 82.31 -49.33 68.48
C THR B 763 81.02 -48.80 69.12
N SER B 764 80.80 -49.07 70.40
CA SER B 764 79.90 -48.29 71.23
C SER B 764 80.26 -48.40 72.71
N ALA B 765 79.89 -47.42 73.53
CA ALA B 765 80.36 -47.26 74.90
C ALA B 765 79.20 -46.91 75.85
N THR B 766 79.23 -47.39 77.10
CA THR B 766 78.03 -47.45 77.98
C THR B 766 78.36 -47.60 79.48
N THR B 767 77.36 -47.41 80.35
CA THR B 767 77.55 -47.06 81.76
C THR B 767 77.27 -48.18 82.76
N TYR B 768 78.15 -48.36 83.76
CA TYR B 768 77.83 -49.05 85.02
C TYR B 768 78.06 -48.14 86.25
N THR B 769 77.06 -47.41 86.73
CA THR B 769 77.16 -46.41 87.84
C THR B 769 77.23 -47.03 89.26
N ALA B 770 77.86 -46.33 90.22
CA ALA B 770 77.87 -46.70 91.66
C ALA B 770 78.17 -45.56 92.65
N GLN B 771 77.64 -45.66 93.88
CA GLN B 771 77.94 -44.89 95.13
C GLN B 771 77.62 -45.83 96.32
N GLY B 772 77.65 -45.35 97.58
CA GLY B 772 77.03 -46.12 98.67
C GLY B 772 76.93 -45.46 100.06
N ARG B 773 76.08 -46.05 100.92
CA ARG B 773 76.00 -45.83 102.38
C ARG B 773 76.20 -47.16 103.15
N LYS B 774 77.26 -47.25 103.97
CA LYS B 774 77.52 -48.40 104.88
C LYS B 774 78.37 -48.02 106.10
N LYS B 775 78.11 -48.68 107.23
CA LYS B 775 78.90 -48.75 108.48
C LYS B 775 80.32 -49.34 108.28
N THR B 776 81.20 -48.68 107.52
CA THR B 776 82.56 -49.17 107.15
C THR B 776 83.51 -48.03 106.71
N ALA B 777 84.84 -48.24 106.82
CA ALA B 777 85.88 -47.39 106.23
C ALA B 777 86.60 -48.11 105.06
N GLN B 778 87.74 -48.76 105.34
CA GLN B 778 88.84 -49.04 104.40
C GLN B 778 89.30 -47.75 103.68
N ASP B 779 88.64 -47.39 102.57
CA ASP B 779 88.49 -46.03 102.05
C ASP B 779 87.29 -45.96 101.08
N ILE B 780 86.80 -44.74 100.75
CA ILE B 780 85.66 -44.52 99.82
C ILE B 780 85.84 -45.13 98.40
N ILE B 781 87.05 -45.06 97.81
CA ILE B 781 87.54 -45.84 96.65
C ILE B 781 86.64 -45.77 95.38
N ILE B 782 87.00 -44.92 94.40
CA ILE B 782 86.18 -44.63 93.18
C ILE B 782 87.03 -44.67 91.88
N ARG B 783 86.39 -44.95 90.71
CA ARG B 783 86.96 -44.77 89.34
C ARG B 783 85.85 -44.48 88.28
N THR B 784 86.11 -43.86 87.11
CA THR B 784 85.04 -43.26 86.25
C THR B 784 85.17 -43.37 84.70
N ARG B 785 84.36 -42.59 83.96
CA ARG B 785 83.89 -42.74 82.53
C ARG B 785 83.50 -41.37 81.86
N VAL B 786 83.47 -41.28 80.50
CA VAL B 786 82.91 -40.18 79.67
C VAL B 786 82.23 -40.37 78.26
N THR B 787 81.60 -39.37 77.61
CA THR B 787 80.90 -39.53 76.28
C THR B 787 80.90 -38.31 75.32
N VAL B 788 81.52 -38.47 74.14
CA VAL B 788 81.61 -37.52 72.98
C VAL B 788 81.75 -38.31 71.63
N ASN B 789 81.37 -37.78 70.46
CA ASN B 789 81.59 -38.45 69.16
C ASN B 789 81.41 -37.57 67.90
N LEU B 790 81.80 -38.06 66.70
CA LEU B 790 81.82 -37.31 65.42
C LEU B 790 81.42 -38.17 64.20
N VAL B 791 80.88 -37.53 63.15
CA VAL B 791 80.83 -37.97 61.71
C VAL B 791 80.92 -36.71 60.81
N ASP B 792 80.37 -36.68 59.59
CA ASP B 792 80.03 -35.45 58.85
C ASP B 792 78.51 -35.06 58.96
N PRO B 793 77.97 -34.72 60.15
CA PRO B 793 76.54 -34.58 60.46
C PRO B 793 75.85 -33.32 59.88
N LEU B 794 74.53 -33.28 60.06
CA LEU B 794 73.73 -32.05 60.11
C LEU B 794 73.29 -31.72 61.55
N ALA B 795 72.72 -30.54 61.79
CA ALA B 795 72.26 -30.09 63.10
C ALA B 795 71.23 -28.96 63.02
N GLN B 796 70.54 -28.69 64.12
CA GLN B 796 69.67 -27.55 64.34
C GLN B 796 69.91 -27.03 65.74
N SER B 797 70.36 -25.78 65.92
CA SER B 797 70.30 -25.22 67.28
C SER B 797 68.85 -24.94 67.66
N PHE B 798 68.46 -25.21 68.91
CA PHE B 798 67.10 -24.95 69.38
C PHE B 798 67.00 -24.90 70.90
N GLN B 799 65.97 -24.21 71.40
CA GLN B 799 65.71 -24.03 72.83
C GLN B 799 64.26 -24.38 73.19
N TYR B 800 64.04 -24.72 74.46
CA TYR B 800 62.72 -24.69 75.10
C TYR B 800 62.53 -23.37 75.86
N ASP B 801 61.28 -22.99 76.12
CA ASP B 801 60.95 -21.81 76.93
C ASP B 801 61.17 -22.06 78.42
N GLU B 802 60.93 -23.30 78.82
CA GLU B 802 60.80 -23.78 80.19
C GLU B 802 61.42 -25.18 80.31
N ASN B 803 61.64 -25.63 81.53
CA ASN B 803 62.06 -27.01 81.76
C ASN B 803 60.96 -27.98 81.30
N ARG B 804 61.31 -28.97 80.50
CA ARG B 804 60.41 -29.89 79.81
C ARG B 804 61.05 -31.24 79.53
N THR B 805 60.47 -32.33 80.00
CA THR B 805 60.95 -33.68 79.67
C THR B 805 60.59 -34.05 78.23
N ILE B 806 61.50 -33.90 77.25
CA ILE B 806 61.29 -34.32 75.85
C ILE B 806 61.21 -35.83 75.77
N SER B 807 60.06 -36.33 75.34
CA SER B 807 59.79 -37.73 75.06
C SER B 807 60.13 -38.08 73.60
N SER B 808 59.85 -37.19 72.64
CA SER B 808 60.23 -37.37 71.23
C SER B 808 60.13 -36.10 70.38
N LEU B 809 60.68 -36.17 69.16
CA LEU B 809 60.43 -35.23 68.07
C LEU B 809 59.41 -35.77 67.05
N GLY B 810 59.10 -34.96 66.04
CA GLY B 810 58.47 -35.30 64.75
C GLY B 810 59.17 -34.52 63.62
N LEU B 811 59.60 -35.23 62.58
CA LEU B 811 60.45 -34.76 61.48
C LEU B 811 60.00 -35.37 60.13
N TYR B 812 60.44 -34.86 58.99
CA TYR B 812 59.83 -35.14 57.67
C TYR B 812 60.88 -35.15 56.58
N PHE B 813 60.82 -36.07 55.63
CA PHE B 813 61.88 -36.23 54.61
C PHE B 813 61.29 -36.06 53.22
N ALA B 814 62.08 -35.80 52.19
CA ALA B 814 61.68 -36.18 50.83
C ALA B 814 62.32 -37.50 50.37
N SER B 815 63.38 -37.97 51.02
CA SER B 815 64.08 -39.21 50.62
C SER B 815 64.92 -39.75 51.77
N LYS B 816 65.37 -41.00 51.64
CA LYS B 816 66.02 -41.80 52.68
C LYS B 816 67.11 -42.71 52.08
N GLY B 817 68.05 -43.18 52.91
CA GLY B 817 69.09 -44.15 52.52
C GLY B 817 68.58 -45.59 52.39
N ASP B 818 69.43 -46.55 52.73
CA ASP B 818 69.09 -47.99 52.74
C ASP B 818 68.64 -48.48 54.12
N LYS B 819 68.14 -49.71 54.18
CA LYS B 819 67.56 -50.33 55.38
C LYS B 819 68.56 -50.76 56.45
N GLN B 820 69.85 -50.45 56.31
CA GLN B 820 70.94 -51.00 57.13
C GLN B 820 72.00 -49.95 57.51
N SER B 821 72.12 -48.85 56.76
CA SER B 821 72.58 -47.61 57.35
C SER B 821 71.54 -47.17 58.38
N ASN B 822 71.91 -46.36 59.37
CA ASN B 822 70.94 -45.75 60.27
C ASN B 822 71.45 -44.40 60.81
N VAL B 823 70.69 -43.37 60.47
CA VAL B 823 70.80 -42.04 61.06
C VAL B 823 70.78 -42.17 62.58
N VAL B 824 71.77 -41.63 63.27
CA VAL B 824 71.75 -41.48 64.73
C VAL B 824 71.42 -40.03 65.05
N ILE B 825 70.20 -39.79 65.48
CA ILE B 825 69.80 -38.49 66.01
C ILE B 825 70.36 -38.36 67.44
N GLN B 826 70.90 -37.19 67.79
CA GLN B 826 71.37 -36.86 69.13
C GLN B 826 70.94 -35.45 69.54
N ILE B 827 71.01 -35.15 70.83
CA ILE B 827 70.94 -33.78 71.37
C ILE B 827 72.28 -33.47 72.04
N ARG B 828 72.76 -32.24 71.87
CA ARG B 828 74.02 -31.72 72.42
C ARG B 828 73.84 -30.25 72.83
N GLY B 829 74.84 -29.64 73.49
CA GLY B 829 74.86 -28.19 73.76
C GLY B 829 75.66 -27.43 72.71
N MET B 830 76.26 -26.29 73.08
CA MET B 830 77.04 -25.43 72.17
C MET B 830 78.46 -25.15 72.69
N GLY B 831 79.42 -24.98 71.77
CA GLY B 831 80.82 -24.72 72.06
C GLY B 831 81.21 -23.27 71.75
N ASP B 832 82.45 -22.84 72.05
CA ASP B 832 82.97 -21.48 71.73
C ASP B 832 83.34 -21.24 70.26
N GLN B 833 83.25 -22.29 69.44
CA GLN B 833 82.98 -22.17 68.02
C GLN B 833 81.61 -21.51 67.73
N GLY B 834 80.75 -21.26 68.73
CA GLY B 834 79.33 -20.94 68.60
C GLY B 834 78.47 -22.18 68.28
N TYR B 835 78.99 -23.06 67.44
CA TYR B 835 78.29 -24.22 66.89
C TYR B 835 78.11 -25.38 67.90
N PRO B 836 77.29 -26.40 67.60
CA PRO B 836 76.99 -27.53 68.49
C PRO B 836 78.23 -28.18 69.09
N ASN B 837 78.28 -28.28 70.42
CA ASN B 837 79.32 -29.07 71.09
C ASN B 837 79.09 -30.58 70.88
N LYS B 838 80.08 -31.42 71.21
CA LYS B 838 80.16 -32.83 70.78
C LYS B 838 79.81 -33.87 71.87
N THR B 839 79.42 -33.43 73.07
CA THR B 839 78.92 -34.30 74.18
C THR B 839 77.52 -34.79 73.87
N ILE B 840 77.27 -36.11 73.94
CA ILE B 840 75.94 -36.66 73.67
C ILE B 840 75.05 -36.57 74.91
N TYR B 841 74.03 -35.71 74.86
CA TYR B 841 73.04 -35.59 75.93
C TYR B 841 71.92 -36.63 75.83
N ALA B 842 71.53 -36.98 74.61
CA ALA B 842 70.51 -37.99 74.33
C ALA B 842 70.66 -38.50 72.88
N GLU B 843 70.09 -39.66 72.54
CA GLU B 843 70.44 -40.38 71.31
C GLU B 843 69.38 -41.41 70.85
N THR B 844 69.13 -41.53 69.55
CA THR B 844 68.28 -42.58 68.92
C THR B 844 68.71 -42.96 67.48
N VAL B 845 68.48 -44.20 67.03
CA VAL B 845 69.06 -44.81 65.80
C VAL B 845 67.94 -45.16 64.80
N MET B 846 68.07 -44.79 63.51
CA MET B 846 66.97 -44.82 62.54
C MET B 846 67.45 -45.09 61.09
N ASN B 847 67.12 -46.27 60.55
CA ASN B 847 67.39 -46.73 59.16
C ASN B 847 66.36 -46.17 58.17
N ALA B 848 66.47 -46.49 56.87
CA ALA B 848 65.38 -46.24 55.90
C ALA B 848 64.06 -47.01 56.20
N ASP B 849 64.10 -48.00 57.09
CA ASP B 849 62.89 -48.60 57.66
C ASP B 849 62.10 -47.65 58.57
N ASP B 850 62.81 -46.74 59.23
CA ASP B 850 62.34 -45.94 60.37
C ASP B 850 61.87 -44.54 59.95
N ILE B 851 62.09 -44.16 58.69
CA ILE B 851 62.09 -42.78 58.17
C ILE B 851 60.99 -42.57 57.14
N LYS B 852 60.41 -41.36 57.08
CA LYS B 852 59.16 -41.09 56.37
C LYS B 852 59.24 -39.88 55.43
N VAL B 853 58.81 -40.08 54.19
CA VAL B 853 59.20 -39.24 53.04
C VAL B 853 57.99 -38.57 52.32
N SER B 854 58.23 -37.39 51.73
CA SER B 854 57.23 -36.37 51.37
C SER B 854 57.87 -35.25 50.53
N ASN B 855 57.17 -34.78 49.49
CA ASN B 855 57.66 -33.71 48.60
C ASN B 855 57.52 -32.28 49.17
N ASN B 856 57.13 -32.16 50.44
CA ASN B 856 56.54 -30.97 51.05
C ASN B 856 56.61 -31.06 52.58
N ALA B 857 57.60 -31.77 53.10
CA ALA B 857 57.76 -31.96 54.54
C ALA B 857 56.53 -32.59 55.24
N SER B 858 55.65 -33.34 54.56
CA SER B 858 54.41 -33.88 55.16
C SER B 858 54.48 -35.24 55.88
N ALA B 859 55.62 -35.93 55.88
CA ALA B 859 55.73 -37.26 56.43
C ALA B 859 56.37 -37.30 57.84
N GLU B 860 55.59 -37.16 58.92
CA GLU B 860 56.10 -37.07 60.30
C GLU B 860 56.67 -38.41 60.80
N THR B 861 57.95 -38.59 60.48
CA THR B 861 58.95 -39.43 61.11
C THR B 861 59.06 -39.09 62.62
N ARG B 862 58.66 -39.98 63.55
CA ARG B 862 58.71 -39.71 65.01
C ARG B 862 59.98 -40.26 65.65
N VAL B 863 60.57 -39.45 66.54
CA VAL B 863 61.95 -39.61 66.99
C VAL B 863 62.01 -39.76 68.50
N TYR B 864 61.81 -40.98 69.00
CA TYR B 864 61.79 -41.28 70.43
C TYR B 864 63.16 -41.57 71.04
N PHE B 865 63.27 -41.37 72.36
CA PHE B 865 64.51 -41.55 73.13
C PHE B 865 64.36 -42.45 74.36
N ASP B 866 65.31 -43.36 74.57
CA ASP B 866 65.25 -44.43 75.59
C ASP B 866 65.14 -43.87 77.02
N ASP B 867 65.88 -42.81 77.32
CA ASP B 867 65.63 -41.92 78.44
C ASP B 867 65.14 -40.57 77.86
N PRO B 868 64.04 -39.96 78.34
CA PRO B 868 63.51 -38.70 77.77
C PRO B 868 64.26 -37.48 78.31
N MET B 869 64.98 -36.79 77.43
CA MET B 869 65.89 -35.73 77.88
C MET B 869 65.08 -34.55 78.41
N MET B 870 65.41 -34.04 79.58
CA MET B 870 64.83 -32.78 80.08
C MET B 870 65.55 -31.57 79.46
N ALA B 871 64.86 -30.84 78.59
CA ALA B 871 65.31 -29.56 78.07
C ALA B 871 64.87 -28.46 79.04
N GLU B 872 65.83 -27.78 79.63
CA GLU B 872 65.64 -26.57 80.43
C GLU B 872 65.07 -25.42 79.57
N GLY B 873 64.52 -24.39 80.23
CA GLY B 873 64.05 -23.19 79.57
C GLY B 873 65.11 -22.11 79.32
N GLY B 874 65.13 -21.58 78.10
CA GLY B 874 66.00 -20.50 77.63
C GLY B 874 67.47 -20.89 77.44
N LYS B 875 67.70 -22.10 76.94
CA LYS B 875 69.02 -22.61 76.52
C LYS B 875 68.91 -23.18 75.12
N GLU B 876 69.73 -22.71 74.19
CA GLU B 876 69.88 -23.39 72.92
C GLU B 876 70.76 -24.64 73.08
N TYR B 877 70.13 -25.79 73.11
CA TYR B 877 70.77 -27.03 72.70
C TYR B 877 71.03 -26.98 71.19
N ALA B 878 71.52 -28.09 70.63
CA ALA B 878 71.26 -28.45 69.24
C ALA B 878 70.77 -29.89 69.11
N ILE B 879 69.86 -30.10 68.16
CA ILE B 879 69.66 -31.40 67.52
C ILE B 879 70.92 -31.64 66.69
N VAL B 880 71.63 -32.75 66.90
CA VAL B 880 72.81 -33.11 66.11
C VAL B 880 72.53 -34.45 65.46
N ILE B 881 72.53 -34.48 64.14
CA ILE B 881 72.17 -35.66 63.37
C ILE B 881 73.46 -36.28 62.83
N ILE B 882 73.96 -37.24 63.58
CA ILE B 882 74.95 -38.16 63.04
C ILE B 882 74.23 -38.96 61.94
N THR B 883 74.74 -38.92 60.72
CA THR B 883 74.49 -40.02 59.79
C THR B 883 75.69 -40.20 58.89
N GLU B 884 75.86 -41.43 58.43
CA GLU B 884 76.72 -41.79 57.32
C GLU B 884 76.28 -41.18 55.98
N ASN B 885 74.99 -40.88 55.77
CA ASN B 885 74.45 -40.85 54.41
C ASN B 885 73.61 -39.60 54.09
N SER B 886 73.88 -39.08 52.90
CA SER B 886 73.16 -38.02 52.22
C SER B 886 71.74 -38.33 51.84
N ASP B 887 71.46 -39.58 51.49
CA ASP B 887 70.19 -40.04 50.90
C ASP B 887 69.00 -39.82 51.80
N TYR B 888 69.24 -39.85 53.11
CA TYR B 888 68.37 -39.21 54.07
C TYR B 888 68.30 -37.71 53.78
N THR B 889 67.21 -37.25 53.20
CA THR B 889 66.97 -35.82 53.05
C THR B 889 65.75 -35.44 53.90
N MET B 890 65.94 -34.76 55.05
CA MET B 890 64.87 -34.28 55.94
C MET B 890 64.17 -33.04 55.33
N TRP B 891 63.51 -32.15 56.08
CA TRP B 891 62.89 -30.93 55.54
C TRP B 891 63.19 -29.70 56.36
N VAL B 892 63.39 -28.61 55.65
CA VAL B 892 64.00 -27.38 56.10
C VAL B 892 63.36 -26.25 55.31
N GLY B 893 63.75 -25.02 55.55
CA GLY B 893 63.19 -23.94 54.76
C GLY B 893 63.99 -22.64 54.85
N THR B 894 63.64 -21.69 53.98
CA THR B 894 64.16 -20.31 53.91
C THR B 894 63.12 -19.39 53.28
N ARG B 895 63.30 -18.08 53.44
CA ARG B 895 62.56 -17.02 52.78
C ARG B 895 61.95 -17.37 51.42
N THR B 896 60.72 -16.91 51.19
CA THR B 896 60.02 -16.81 49.88
C THR B 896 59.55 -18.08 49.19
N LYS B 897 60.19 -19.24 49.41
CA LYS B 897 60.10 -20.41 48.51
C LYS B 897 58.70 -21.08 48.42
N PRO B 898 57.98 -20.98 47.29
CA PRO B 898 56.60 -21.44 47.09
C PRO B 898 56.53 -22.92 46.67
N LYS B 899 55.55 -23.29 45.83
CA LYS B 899 55.16 -24.67 45.45
C LYS B 899 55.08 -24.91 43.93
N ILE B 900 54.92 -26.18 43.53
CA ILE B 900 54.90 -26.64 42.14
C ILE B 900 53.99 -27.87 41.90
N ASP B 901 53.09 -28.25 42.83
CA ASP B 901 51.99 -29.21 42.55
C ASP B 901 51.05 -28.68 41.45
N LYS B 902 50.88 -27.36 41.45
CA LYS B 902 50.59 -26.46 40.34
C LYS B 902 51.55 -25.26 40.52
N PRO B 903 52.09 -24.61 39.47
CA PRO B 903 53.29 -23.75 39.58
C PRO B 903 53.16 -22.43 40.40
N ASN B 904 52.10 -22.29 41.18
CA ASN B 904 51.56 -21.03 41.66
C ASN B 904 51.23 -21.04 43.16
N GLU B 905 51.05 -22.22 43.74
CA GLU B 905 50.69 -22.39 45.15
C GLU B 905 51.89 -22.05 46.05
N VAL B 906 51.67 -21.66 47.30
CA VAL B 906 52.70 -20.89 48.03
C VAL B 906 53.05 -21.41 49.41
N ILE B 907 54.30 -21.10 49.76
CA ILE B 907 55.08 -21.35 50.98
C ILE B 907 56.11 -20.18 51.00
N SER B 908 56.74 -19.83 52.14
CA SER B 908 57.84 -18.81 52.18
C SER B 908 58.78 -18.84 53.39
N GLY B 909 58.81 -19.94 54.15
CA GLY B 909 59.29 -19.92 55.53
C GLY B 909 60.68 -20.47 55.81
N ASN B 910 61.51 -19.64 56.43
CA ASN B 910 62.59 -20.15 57.27
C ASN B 910 61.98 -20.78 58.55
N PRO B 911 62.22 -22.07 58.87
CA PRO B 911 61.45 -22.75 59.90
C PRO B 911 61.56 -22.13 61.29
N TYR B 912 62.76 -21.72 61.69
CA TYR B 912 63.01 -21.50 63.11
C TYR B 912 64.21 -20.56 63.34
N LEU B 913 64.11 -19.35 62.82
CA LEU B 913 65.09 -18.26 62.79
C LEU B 913 65.88 -18.07 64.09
N GLN B 914 65.26 -18.47 65.20
CA GLN B 914 65.74 -18.41 66.57
C GLN B 914 66.86 -19.43 66.80
N GLY B 915 66.67 -20.61 66.24
CA GLY B 915 67.70 -21.57 65.90
C GLY B 915 68.45 -21.18 64.62
N VAL B 916 69.43 -22.01 64.26
CA VAL B 916 70.02 -22.09 62.93
C VAL B 916 70.23 -23.56 62.61
N LEU B 917 69.93 -23.98 61.37
CA LEU B 917 70.39 -25.24 60.80
C LEU B 917 71.90 -25.17 60.51
N PHE B 918 72.65 -26.22 60.81
CA PHE B 918 74.07 -26.33 60.47
C PHE B 918 74.39 -27.63 59.74
N SER B 919 75.42 -27.62 58.89
CA SER B 919 76.00 -28.85 58.30
C SER B 919 77.51 -28.87 58.50
N SER B 920 78.15 -30.01 58.75
CA SER B 920 79.60 -30.07 58.93
C SER B 920 80.26 -31.30 58.33
N SER B 921 81.35 -31.08 57.59
CA SER B 921 82.30 -32.09 57.13
C SER B 921 83.25 -32.67 58.22
N ASN B 922 82.98 -32.46 59.52
CA ASN B 922 83.66 -33.17 60.64
C ASN B 922 82.94 -33.04 62.01
N ALA B 923 81.65 -32.70 62.06
CA ALA B 923 80.95 -32.28 63.28
C ALA B 923 81.61 -31.08 64.00
N SER B 924 82.32 -30.21 63.26
CA SER B 924 82.88 -28.95 63.74
C SER B 924 82.94 -27.83 62.69
N THR B 925 83.18 -28.11 61.39
CA THR B 925 83.03 -27.20 60.21
C THR B 925 81.57 -26.73 59.97
N TRP B 926 80.80 -26.61 61.04
CA TRP B 926 79.37 -26.32 61.05
C TRP B 926 79.08 -25.03 60.29
N THR B 927 78.11 -25.15 59.40
CA THR B 927 77.81 -24.19 58.36
C THR B 927 76.56 -23.44 58.76
N PRO B 928 76.63 -22.28 59.44
CA PRO B 928 75.47 -21.71 60.10
C PRO B 928 74.54 -21.12 59.06
N HIS B 929 73.50 -21.86 58.70
CA HIS B 929 72.63 -21.54 57.58
C HIS B 929 71.65 -20.36 57.77
N GLN B 930 71.97 -19.36 58.59
CA GLN B 930 71.30 -18.06 58.61
C GLN B 930 69.78 -18.15 58.63
N ASN B 931 69.11 -17.64 57.61
CA ASN B 931 67.67 -17.77 57.38
C ASN B 931 67.25 -19.21 57.00
N SER B 932 67.86 -20.22 57.60
CA SER B 932 67.52 -21.62 57.37
C SER B 932 67.55 -22.40 58.66
N ASP B 933 66.55 -23.28 58.80
CA ASP B 933 66.37 -24.21 59.89
C ASP B 933 65.71 -25.46 59.33
N LEU B 934 65.88 -26.57 60.01
CA LEU B 934 65.07 -27.75 59.81
C LEU B 934 63.65 -27.52 60.39
N LYS B 935 62.60 -28.10 59.83
CA LYS B 935 61.21 -28.08 60.37
C LYS B 935 61.12 -29.00 61.58
N PHE B 936 60.28 -28.71 62.57
CA PHE B 936 60.01 -29.68 63.63
C PHE B 936 58.76 -29.42 64.47
N GLY B 937 58.14 -30.51 64.93
CA GLY B 937 57.36 -30.49 66.17
C GLY B 937 58.02 -31.37 67.21
N ILE B 938 57.86 -31.02 68.49
CA ILE B 938 58.56 -31.68 69.59
C ILE B 938 57.64 -31.82 70.80
N TYR B 939 57.83 -32.90 71.55
CA TYR B 939 56.84 -33.46 72.44
C TYR B 939 57.44 -33.92 73.77
N THR B 940 56.64 -33.93 74.85
CA THR B 940 57.11 -34.14 76.22
C THR B 940 56.28 -35.13 77.01
N SER B 941 56.84 -35.67 78.09
CA SER B 941 56.05 -36.20 79.20
C SER B 941 55.35 -35.03 79.92
N LYS B 942 54.10 -34.75 79.60
CA LYS B 942 53.18 -34.14 80.57
C LYS B 942 52.88 -35.20 81.60
N PHE B 943 53.70 -35.27 82.64
CA PHE B 943 53.53 -36.25 83.71
C PHE B 943 52.23 -36.01 84.45
N ASN B 944 51.67 -37.09 84.98
CA ASN B 944 50.80 -36.97 86.12
C ASN B 944 51.59 -36.40 87.31
N GLU B 945 50.97 -35.59 88.18
CA GLU B 945 51.67 -34.88 89.26
C GLU B 945 52.12 -35.79 90.42
N THR B 946 51.90 -37.10 90.32
CA THR B 946 52.39 -38.18 91.20
C THR B 946 52.45 -39.53 90.47
N ALA B 947 53.06 -40.54 91.10
CA ALA B 947 53.02 -41.92 90.63
C ALA B 947 52.98 -42.92 91.80
N THR B 948 52.40 -44.09 91.58
CA THR B 948 52.64 -45.28 92.39
C THR B 948 53.78 -46.13 91.81
N ILE B 949 54.60 -46.73 92.66
CA ILE B 949 55.64 -47.70 92.31
C ILE B 949 55.48 -48.88 93.28
N GLU B 950 54.39 -49.61 93.08
CA GLU B 950 54.03 -50.82 93.81
C GLU B 950 55.04 -51.92 93.49
N PHE B 951 56.10 -52.04 94.30
CA PHE B 951 56.98 -53.19 94.24
C PHE B 951 56.31 -54.41 94.87
N GLU B 952 56.80 -55.57 94.47
CA GLU B 952 56.30 -56.88 94.80
C GLU B 952 56.55 -57.27 96.25
N PRO B 953 55.69 -58.10 96.84
CA PRO B 953 56.11 -58.98 97.89
C PRO B 953 57.32 -59.80 97.42
N ILE B 954 58.50 -59.51 97.95
CA ILE B 954 59.55 -60.52 98.06
C ILE B 954 59.22 -61.41 99.27
N LYS B 955 59.56 -62.70 99.30
CA LYS B 955 59.08 -63.64 100.35
C LYS B 955 60.23 -64.31 101.11
N ASP B 956 59.94 -64.65 102.36
CA ASP B 956 60.81 -65.22 103.39
C ASP B 956 62.32 -64.95 103.20
N VAL B 957 62.65 -63.66 103.14
CA VAL B 957 64.02 -63.09 103.08
C VAL B 957 64.76 -63.41 104.38
N SER B 958 64.04 -63.43 105.50
CA SER B 958 64.58 -63.67 106.84
C SER B 958 65.68 -62.69 107.23
N ALA B 959 65.41 -61.39 107.04
CA ALA B 959 66.36 -60.30 107.27
C ALA B 959 66.05 -59.55 108.56
N ASP B 960 67.11 -59.30 109.35
CA ASP B 960 67.10 -58.44 110.53
C ASP B 960 67.72 -57.06 110.20
N ARG B 961 68.44 -56.91 109.08
CA ARG B 961 69.11 -55.65 108.73
C ARG B 961 68.82 -55.18 107.31
N ILE B 962 69.08 -53.89 107.04
CA ILE B 962 68.80 -53.27 105.75
C ILE B 962 69.80 -52.16 105.37
N VAL B 963 69.90 -51.83 104.08
CA VAL B 963 70.42 -50.57 103.55
C VAL B 963 69.42 -50.10 102.49
N LEU B 964 68.62 -49.06 102.72
CA LEU B 964 67.86 -48.48 101.60
C LEU B 964 68.80 -47.57 100.82
N MET B 965 69.31 -48.12 99.74
CA MET B 965 70.02 -47.41 98.70
C MET B 965 69.43 -47.90 97.38
N SER B 966 68.33 -47.28 96.96
CA SER B 966 67.97 -47.17 95.54
C SER B 966 68.75 -45.95 95.00
N THR B 967 68.36 -45.40 93.86
CA THR B 967 68.73 -44.02 93.50
C THR B 967 67.57 -43.33 92.80
N TYR B 968 66.62 -42.83 93.60
CA TYR B 968 65.48 -42.02 93.15
C TYR B 968 65.87 -40.58 92.79
N LEU B 969 66.69 -40.43 91.75
CA LEU B 969 67.23 -39.17 91.29
C LEU B 969 66.11 -38.17 90.89
N THR B 970 66.02 -37.04 91.60
CA THR B 970 64.81 -36.17 91.62
C THR B 970 65.07 -34.69 92.03
N PRO B 971 64.49 -33.70 91.32
CA PRO B 971 64.20 -32.36 91.84
C PRO B 971 62.94 -32.35 92.72
N GLU B 972 62.81 -31.37 93.62
CA GLU B 972 61.55 -31.16 94.33
C GLU B 972 60.46 -30.62 93.38
N ARG B 973 59.21 -30.44 93.84
CA ARG B 973 57.97 -30.41 93.03
C ARG B 973 57.72 -31.75 92.33
N THR B 974 58.74 -32.28 91.67
CA THR B 974 58.91 -33.72 91.49
C THR B 974 59.31 -34.30 92.85
N GLY B 975 59.34 -35.61 93.03
CA GLY B 975 59.71 -36.20 94.32
C GLY B 975 59.56 -37.70 94.37
N CYS B 976 60.08 -38.32 95.42
CA CYS B 976 59.96 -39.76 95.64
C CYS B 976 59.93 -40.05 97.15
N THR B 977 58.74 -40.33 97.66
CA THR B 977 58.57 -41.02 98.95
C THR B 977 58.85 -42.52 98.77
N TRP B 978 59.26 -43.19 99.84
CA TRP B 978 59.62 -44.61 99.79
C TRP B 978 59.06 -45.34 101.00
N GLU B 979 58.55 -46.56 100.84
CA GLU B 979 57.76 -47.26 101.85
C GLU B 979 57.96 -48.78 101.80
N MET B 980 57.60 -49.46 102.89
CA MET B 980 57.53 -50.92 102.96
C MET B 980 56.24 -51.39 103.62
N LYS B 981 55.94 -52.67 103.44
CA LYS B 981 54.89 -53.46 104.05
C LYS B 981 55.54 -54.80 104.36
N LEU B 982 56.00 -55.05 105.60
CA LEU B 982 56.81 -56.25 105.93
C LEU B 982 56.02 -57.26 106.78
N ILE B 983 55.84 -58.46 106.24
CA ILE B 983 55.46 -59.66 106.99
C ILE B 983 56.72 -60.20 107.68
N LEU B 984 56.70 -60.39 108.99
CA LEU B 984 57.87 -60.85 109.73
C LEU B 984 57.98 -62.37 109.86
N ASP B 985 59.17 -62.95 109.92
CA ASP B 985 59.39 -64.35 110.35
C ASP B 985 59.00 -64.55 111.84
N ASP B 986 58.76 -63.46 112.56
CA ASP B 986 58.19 -63.42 113.90
C ASP B 986 56.73 -62.90 113.96
N MET B 987 56.12 -62.58 112.80
CA MET B 987 54.67 -62.36 112.71
C MET B 987 53.89 -63.67 112.79
N ALA B 988 52.59 -63.60 113.05
CA ALA B 988 51.70 -64.74 112.87
C ALA B 988 51.75 -65.26 111.42
N SER B 989 51.42 -66.54 111.21
CA SER B 989 51.32 -67.13 109.88
C SER B 989 50.31 -66.39 108.99
N SER B 990 49.33 -65.74 109.62
CA SER B 990 48.24 -65.00 109.01
C SER B 990 48.55 -63.56 108.60
N THR B 991 49.61 -62.92 109.09
CA THR B 991 49.84 -61.49 108.82
C THR B 991 50.20 -61.22 107.36
N THR B 992 49.54 -60.28 106.68
CA THR B 992 49.66 -60.02 105.22
C THR B 992 49.60 -58.53 104.84
N PHE B 993 50.04 -58.14 103.65
CA PHE B 993 50.25 -56.74 103.23
C PHE B 993 48.97 -55.88 103.15
N ASP B 994 47.79 -56.47 103.12
CA ASP B 994 46.52 -55.77 103.33
C ASP B 994 46.37 -55.21 104.76
N GLN B 995 46.97 -55.90 105.73
CA GLN B 995 46.99 -55.51 107.15
C GLN B 995 48.08 -54.45 107.38
N LEU B 996 49.22 -54.62 106.70
CA LEU B 996 50.40 -53.76 106.74
C LEU B 996 50.10 -52.40 106.08
N LYS B 997 50.70 -51.33 106.57
CA LYS B 997 50.52 -49.97 106.03
C LYS B 997 51.72 -49.62 105.17
N TRP B 998 51.66 -48.58 104.34
CA TRP B 998 52.88 -48.11 103.69
C TRP B 998 53.81 -47.40 104.67
N GLU B 999 54.56 -48.22 105.39
CA GLU B 999 55.47 -47.91 106.47
C GLU B 999 56.72 -47.21 105.89
N PRO B 1000 56.94 -45.89 106.09
CA PRO B 1000 57.90 -45.13 105.28
C PRO B 1000 59.40 -45.31 105.64
N ILE B 1001 60.31 -44.97 104.71
CA ILE B 1001 61.78 -45.17 104.74
C ILE B 1001 62.49 -44.22 103.73
N GLY B 1002 63.82 -43.99 103.85
CA GLY B 1002 64.59 -43.08 102.97
C GLY B 1002 65.98 -43.58 102.53
N ASN B 1003 66.66 -42.83 101.66
CA ASN B 1003 68.00 -43.17 101.12
C ASN B 1003 69.13 -42.47 101.92
N TYR B 1004 70.40 -42.60 101.49
CA TYR B 1004 71.59 -42.24 102.28
C TYR B 1004 71.60 -43.02 103.60
N GLN B 1005 71.24 -44.31 103.53
CA GLN B 1005 70.61 -45.02 104.63
C GLN B 1005 71.10 -46.49 104.78
N ASP B 1006 72.14 -46.73 105.58
CA ASP B 1006 72.36 -48.03 106.25
C ASP B 1006 71.40 -48.12 107.48
N LEU B 1007 70.83 -49.30 107.79
CA LEU B 1007 69.56 -49.44 108.53
C LEU B 1007 69.35 -50.84 109.18
N ASP B 1008 68.31 -51.03 110.01
CA ASP B 1008 67.92 -52.33 110.61
C ASP B 1008 66.40 -52.62 110.51
N VAL B 1009 66.01 -53.88 110.27
CA VAL B 1009 64.61 -54.32 110.05
C VAL B 1009 63.85 -54.42 111.38
N LEU B 1010 64.53 -54.83 112.45
CA LEU B 1010 64.00 -55.33 113.73
C LEU B 1010 63.05 -56.52 113.61
N GLY B 1011 63.13 -57.42 114.59
CA GLY B 1011 62.64 -58.78 114.38
C GLY B 1011 63.30 -59.39 113.16
N LEU B 1012 62.56 -60.15 112.37
CA LEU B 1012 63.04 -60.66 111.10
C LEU B 1012 61.96 -60.48 110.05
N ALA B 1013 62.25 -59.91 108.88
CA ALA B 1013 61.25 -59.82 107.82
C ALA B 1013 61.26 -61.09 106.98
N ARG B 1014 60.15 -61.83 107.03
CA ARG B 1014 59.96 -62.94 106.10
C ARG B 1014 59.55 -62.34 104.77
N GLN B 1015 58.36 -61.79 104.64
CA GLN B 1015 57.89 -61.23 103.36
C GLN B 1015 57.88 -59.71 103.39
N VAL B 1016 58.01 -59.13 102.21
CA VAL B 1016 58.62 -57.82 102.02
C VAL B 1016 57.90 -57.22 100.81
N LYS B 1017 56.68 -56.69 100.95
CA LYS B 1017 56.11 -55.82 99.91
C LYS B 1017 56.72 -54.42 100.10
N LEU B 1018 57.12 -53.78 99.01
CA LEU B 1018 57.84 -52.50 99.03
C LEU B 1018 57.13 -51.50 98.13
N ARG B 1019 57.35 -50.21 98.34
CA ARG B 1019 56.83 -49.16 97.46
C ARG B 1019 57.76 -47.95 97.38
N ALA B 1020 57.66 -47.27 96.25
CA ALA B 1020 57.93 -45.84 96.16
C ALA B 1020 56.67 -45.12 95.68
N THR B 1021 56.50 -43.86 96.02
CA THR B 1021 55.40 -43.06 95.51
C THR B 1021 55.96 -41.70 95.11
N PHE B 1022 55.97 -41.42 93.81
CA PHE B 1022 56.55 -40.20 93.28
C PHE B 1022 55.61 -39.02 93.43
N GLU B 1023 56.21 -37.84 93.39
CA GLU B 1023 55.62 -36.58 92.96
C GLU B 1023 56.22 -36.17 91.61
N SER B 1024 55.50 -35.39 90.84
CA SER B 1024 55.99 -34.76 89.61
C SER B 1024 55.54 -33.31 89.61
N ASN B 1025 56.34 -32.42 89.04
CA ASN B 1025 55.71 -31.23 88.46
C ASN B 1025 55.15 -31.68 87.07
N ARG B 1026 54.39 -30.81 86.40
CA ARG B 1026 53.68 -31.19 85.16
C ARG B 1026 54.58 -31.78 84.07
N TYR B 1027 55.87 -31.46 84.07
CA TYR B 1027 56.79 -31.78 82.99
C TYR B 1027 58.00 -32.56 83.46
N ILE B 1028 58.10 -32.92 84.75
CA ILE B 1028 59.26 -33.62 85.32
C ILE B 1028 58.85 -34.43 86.58
N SER B 1029 59.27 -35.69 86.65
CA SER B 1029 59.19 -36.62 87.81
C SER B 1029 60.64 -36.95 88.28
N PRO B 1030 60.91 -37.86 89.24
CA PRO B 1030 62.20 -38.53 89.28
C PRO B 1030 62.52 -39.24 87.97
N LEU B 1031 63.79 -39.59 87.79
CA LEU B 1031 64.21 -40.70 86.94
C LEU B 1031 65.01 -41.66 87.83
N MET B 1032 64.29 -42.43 88.65
CA MET B 1032 64.87 -43.38 89.61
C MET B 1032 65.60 -44.52 88.91
N SER B 1033 66.85 -44.78 89.27
CA SER B 1033 67.60 -45.90 88.68
C SER B 1033 67.02 -47.24 89.12
N SER B 1034 66.70 -48.05 88.12
CA SER B 1034 66.26 -49.45 88.26
C SER B 1034 67.42 -50.42 88.53
N SER B 1035 68.66 -50.02 88.28
CA SER B 1035 69.84 -50.85 88.50
C SER B 1035 70.46 -50.57 89.89
N ASP B 1036 70.39 -49.33 90.39
CA ASP B 1036 70.75 -48.90 91.75
C ASP B 1036 69.72 -49.31 92.80
N LEU B 1037 68.48 -49.49 92.37
CA LEU B 1037 67.34 -49.93 93.13
C LEU B 1037 67.68 -51.00 94.18
N THR B 1038 67.93 -50.65 95.44
CA THR B 1038 67.93 -51.65 96.54
C THR B 1038 67.28 -51.20 97.83
N PHE B 1039 66.51 -52.13 98.40
CA PHE B 1039 66.22 -52.25 99.81
C PHE B 1039 67.14 -53.36 100.31
N THR B 1040 68.45 -53.12 100.33
CA THR B 1040 69.47 -54.16 100.50
C THR B 1040 69.31 -54.84 101.87
N THR B 1041 68.58 -55.95 101.92
CA THR B 1041 68.30 -56.74 103.13
C THR B 1041 69.52 -57.50 103.64
N PHE B 1042 69.49 -57.90 104.91
CA PHE B 1042 70.55 -58.66 105.56
C PHE B 1042 70.01 -59.60 106.63
N LEU B 1043 70.62 -60.77 106.73
CA LEU B 1043 70.68 -61.55 107.96
C LEU B 1043 71.93 -61.11 108.76
N THR B 1044 71.94 -61.26 110.09
CA THR B 1044 73.13 -61.16 110.92
C THR B 1044 73.56 -62.54 111.42
N GLU B 1045 74.85 -62.83 111.44
CA GLU B 1045 75.45 -64.01 112.07
C GLU B 1045 75.10 -64.06 113.58
N LEU B 1046 74.98 -65.26 114.19
CA LEU B 1046 74.73 -65.39 115.63
C LEU B 1046 76.01 -65.32 116.49
N THR B 1047 77.21 -65.45 115.91
CA THR B 1047 78.48 -65.47 116.65
C THR B 1047 79.67 -64.86 115.88
N GLY B 1048 80.64 -64.35 116.63
CA GLY B 1048 82.01 -64.07 116.17
C GLY B 1048 82.91 -63.87 117.38
N SER B 1049 84.08 -64.50 117.38
CA SER B 1049 85.18 -64.03 118.24
C SER B 1049 85.85 -62.86 117.56
N TYR B 1050 85.56 -61.62 118.01
CA TYR B 1050 86.58 -60.61 117.83
C TYR B 1050 87.83 -61.15 118.56
N VAL B 1051 88.97 -61.18 117.86
CA VAL B 1051 90.27 -61.43 118.46
C VAL B 1051 91.13 -60.21 118.12
N GLY B 1052 91.78 -59.58 119.10
CA GLY B 1052 92.71 -58.48 118.85
C GLY B 1052 94.12 -59.02 118.68
N ARG B 1053 94.94 -58.39 117.81
CA ARG B 1053 96.25 -58.93 117.40
C ARG B 1053 97.20 -59.21 118.57
N ALA B 1054 98.05 -60.22 118.41
CA ALA B 1054 98.95 -60.73 119.44
C ALA B 1054 99.76 -59.62 120.13
N ILE B 1055 99.83 -59.66 121.45
CA ILE B 1055 100.53 -58.69 122.27
C ILE B 1055 101.68 -59.39 123.00
N ASP B 1056 102.81 -59.57 122.31
CA ASP B 1056 104.08 -59.95 122.96
C ASP B 1056 104.39 -58.91 124.04
N MET B 1057 104.70 -59.40 125.23
CA MET B 1057 104.95 -58.62 126.42
C MET B 1057 106.28 -59.02 127.08
N THR B 1058 107.13 -59.78 126.39
CA THR B 1058 108.47 -60.15 126.84
C THR B 1058 109.31 -58.89 127.09
N GLU B 1059 108.95 -57.80 126.43
CA GLU B 1059 109.43 -56.42 126.51
C GLU B 1059 109.26 -55.78 127.90
N ALA B 1060 108.15 -56.07 128.58
CA ALA B 1060 107.81 -55.56 129.90
C ALA B 1060 106.86 -56.53 130.61
N PRO B 1061 107.30 -57.75 130.97
CA PRO B 1061 106.39 -58.82 131.36
C PRO B 1061 105.49 -58.37 132.50
N TYR B 1062 104.19 -58.51 132.24
CA TYR B 1062 103.11 -58.14 133.13
C TYR B 1062 102.49 -59.44 133.67
N ASN B 1063 101.46 -59.39 134.49
CA ASN B 1063 100.53 -60.50 134.60
C ASN B 1063 99.10 -60.07 134.91
N THR B 1064 98.85 -58.84 135.36
CA THR B 1064 97.52 -58.21 135.30
C THR B 1064 97.17 -57.85 133.86
N VAL B 1065 96.16 -58.48 133.28
CA VAL B 1065 95.35 -57.82 132.26
C VAL B 1065 94.37 -56.96 133.02
N ARG B 1066 94.41 -55.65 132.87
CA ARG B 1066 93.25 -54.79 133.14
C ARG B 1066 92.65 -54.43 131.81
N PHE B 1067 91.92 -55.43 131.34
CA PHE B 1067 90.95 -55.25 130.29
C PHE B 1067 89.93 -54.21 130.74
N SER B 1068 89.41 -53.46 129.80
CA SER B 1068 88.08 -52.89 129.92
C SER B 1068 87.49 -52.84 128.52
N TYR B 1069 86.18 -53.00 128.41
CA TYR B 1069 85.46 -52.83 127.15
C TYR B 1069 84.08 -52.28 127.45
N GLU B 1070 83.40 -51.70 126.47
CA GLU B 1070 81.98 -51.39 126.58
C GLU B 1070 81.15 -52.34 125.72
N ALA B 1071 80.10 -52.89 126.31
CA ALA B 1071 79.04 -53.51 125.55
C ALA B 1071 77.65 -53.18 126.09
N PHE B 1072 76.72 -52.80 125.21
CA PHE B 1072 75.30 -53.01 125.47
C PHE B 1072 74.98 -54.41 125.01
N LEU B 1073 74.42 -55.23 125.91
CA LEU B 1073 74.02 -56.60 125.58
C LEU B 1073 72.48 -56.65 125.57
N PRO B 1074 71.85 -56.70 124.38
CA PRO B 1074 70.44 -57.04 124.21
C PRO B 1074 70.11 -58.46 124.70
N LYS B 1075 68.82 -58.79 124.84
CA LYS B 1075 68.34 -60.10 125.31
C LYS B 1075 69.00 -61.25 124.57
N GLY B 1076 69.39 -62.29 125.28
CA GLY B 1076 70.01 -63.48 124.69
C GLY B 1076 71.39 -63.25 124.05
N THR B 1077 71.91 -62.01 124.04
CA THR B 1077 73.27 -61.72 123.57
C THR B 1077 74.27 -61.85 124.71
N LYS B 1078 75.50 -62.18 124.33
CA LYS B 1078 76.65 -62.30 125.21
C LYS B 1078 77.88 -61.74 124.49
N VAL B 1079 78.83 -61.30 125.27
CA VAL B 1079 80.24 -61.32 124.87
C VAL B 1079 80.95 -62.19 125.88
N VAL B 1080 81.62 -63.24 125.42
CA VAL B 1080 82.53 -64.00 126.27
C VAL B 1080 83.93 -63.43 126.10
N PRO B 1081 84.41 -62.55 127.00
CA PRO B 1081 85.76 -62.03 126.91
C PRO B 1081 86.76 -63.14 127.27
N LYS B 1082 87.86 -63.27 126.51
CA LYS B 1082 88.84 -64.34 126.64
C LYS B 1082 90.26 -63.85 126.42
N TYR B 1083 91.22 -64.59 126.96
CA TYR B 1083 92.64 -64.35 126.83
C TYR B 1083 93.43 -65.60 126.48
N SER B 1084 94.39 -65.40 125.59
CA SER B 1084 95.58 -66.20 125.49
C SER B 1084 96.60 -65.64 126.46
N ALA B 1085 97.26 -66.50 127.22
CA ALA B 1085 98.41 -66.14 128.04
C ALA B 1085 99.75 -66.38 127.31
N ASP B 1086 99.74 -66.35 125.98
CA ASP B 1086 100.77 -67.03 125.17
C ASP B 1086 100.86 -66.58 123.69
N ASP B 1087 100.27 -65.43 123.33
CA ASP B 1087 100.17 -64.89 121.95
C ASP B 1087 99.30 -65.76 120.98
N GLY B 1088 98.06 -66.06 121.41
CA GLY B 1088 96.96 -66.64 120.64
C GLY B 1088 96.70 -68.15 120.83
N LYS B 1089 97.38 -68.86 121.74
CA LYS B 1089 97.33 -70.33 121.78
C LYS B 1089 96.21 -70.83 122.69
N THR B 1090 96.23 -70.39 123.95
CA THR B 1090 95.13 -70.61 124.90
C THR B 1090 94.02 -69.60 124.67
N TRP B 1091 92.79 -69.93 125.09
CA TRP B 1091 91.68 -69.00 125.15
C TRP B 1091 90.89 -69.28 126.43
N LYS B 1092 91.47 -68.83 127.54
CA LYS B 1092 90.82 -68.77 128.86
C LYS B 1092 89.74 -67.68 128.86
N THR B 1093 88.52 -67.97 129.29
CA THR B 1093 87.58 -66.89 129.64
C THR B 1093 88.08 -66.17 130.90
N PHE B 1094 87.94 -64.85 130.97
CA PHE B 1094 88.42 -64.08 132.13
C PHE B 1094 87.83 -64.61 133.45
N THR B 1095 88.73 -64.90 134.39
CA THR B 1095 88.45 -65.55 135.66
C THR B 1095 88.03 -64.55 136.75
N LYS B 1096 88.43 -63.27 136.64
CA LYS B 1096 88.05 -62.16 137.54
C LYS B 1096 86.91 -61.32 136.95
N SER B 1097 86.27 -60.49 137.77
CA SER B 1097 85.08 -59.72 137.39
C SER B 1097 85.32 -58.88 136.13
N PRO B 1098 84.50 -59.02 135.06
CA PRO B 1098 84.50 -58.08 133.94
C PRO B 1098 83.74 -56.82 134.36
N THR B 1099 84.33 -56.09 135.33
CA THR B 1099 83.62 -55.25 136.32
C THR B 1099 82.60 -54.32 135.69
N THR B 1100 81.33 -54.68 135.88
CA THR B 1100 80.19 -54.32 135.05
C THR B 1100 79.61 -52.95 135.37
N THR B 1101 80.49 -51.95 135.49
CA THR B 1101 80.12 -50.53 135.65
C THR B 1101 79.24 -50.07 134.48
N ARG B 1102 78.11 -49.38 134.67
CA ARG B 1102 77.38 -48.88 133.49
C ARG B 1102 78.25 -47.84 132.79
N ALA B 1103 78.46 -48.00 131.49
CA ALA B 1103 79.39 -47.18 130.73
C ALA B 1103 78.92 -45.71 130.62
N ASN B 1104 77.63 -45.53 130.33
CA ASN B 1104 76.99 -44.24 130.10
C ASN B 1104 75.48 -44.38 130.34
N ASN B 1105 74.64 -43.58 129.67
CA ASN B 1105 73.18 -43.75 129.67
C ASN B 1105 72.69 -44.95 128.80
N GLU B 1106 73.57 -45.91 128.46
CA GLU B 1106 73.34 -46.97 127.48
C GLU B 1106 74.13 -48.27 127.78
N PHE B 1107 75.38 -48.39 127.30
CA PHE B 1107 76.21 -49.60 127.41
C PHE B 1107 76.56 -49.89 128.87
N THR B 1108 76.87 -51.14 129.19
CA THR B 1108 77.73 -51.43 130.34
C THR B 1108 79.20 -51.39 129.91
N ARG B 1109 80.11 -51.03 130.82
CA ARG B 1109 81.56 -51.11 130.71
C ARG B 1109 82.09 -52.14 131.70
N TYR B 1110 83.08 -52.90 131.27
CA TYR B 1110 83.43 -54.18 131.84
C TYR B 1110 84.92 -54.20 132.17
N VAL B 1111 85.31 -53.56 133.28
CA VAL B 1111 86.73 -53.50 133.70
C VAL B 1111 87.20 -54.87 134.19
N ILE B 1112 87.59 -55.75 133.27
CA ILE B 1112 88.15 -57.05 133.58
C ILE B 1112 89.59 -56.88 134.07
N ASP B 1113 89.76 -56.68 135.37
CA ASP B 1113 91.06 -56.51 136.01
C ASP B 1113 91.49 -57.82 136.70
N GLU B 1114 92.56 -58.44 136.21
CA GLU B 1114 92.82 -59.87 136.36
C GLU B 1114 94.30 -60.25 136.23
N LYS B 1115 94.86 -60.94 137.24
CA LYS B 1115 96.17 -61.60 137.12
C LYS B 1115 96.13 -62.85 136.22
N VAL B 1116 95.94 -62.66 134.92
CA VAL B 1116 95.91 -63.72 133.87
C VAL B 1116 97.16 -64.58 133.77
N LYS B 1117 98.27 -64.14 134.37
CA LYS B 1117 99.43 -64.98 134.58
C LYS B 1117 99.96 -64.87 136.00
N SER B 1118 99.08 -65.20 136.94
CA SER B 1118 99.45 -65.71 138.25
C SER B 1118 100.53 -66.80 138.19
N SER B 1119 100.55 -67.55 137.09
CA SER B 1119 101.58 -68.48 136.64
C SER B 1119 102.87 -67.79 136.14
N GLY B 1120 103.54 -67.03 137.02
CA GLY B 1120 104.81 -66.32 136.76
C GLY B 1120 104.59 -64.91 136.23
N THR B 1121 105.03 -64.61 135.00
CA THR B 1121 104.66 -63.36 134.32
C THR B 1121 104.21 -63.66 132.90
N ASN B 1122 103.17 -62.98 132.45
CA ASN B 1122 102.86 -62.85 131.05
C ASN B 1122 103.85 -61.91 130.36
N THR B 1123 104.89 -62.55 129.89
CA THR B 1123 105.66 -62.13 128.73
C THR B 1123 104.78 -62.14 127.47
N LYS B 1124 103.51 -62.56 127.55
CA LYS B 1124 102.68 -62.86 126.36
C LYS B 1124 101.22 -62.53 126.59
N LEU B 1125 100.46 -62.34 125.52
CA LEU B 1125 99.02 -62.08 125.57
C LEU B 1125 98.39 -62.17 124.17
N GLN B 1126 97.17 -62.69 124.10
CA GLN B 1126 96.24 -62.28 123.05
C GLN B 1126 94.83 -62.07 123.64
N VAL B 1127 94.05 -61.18 123.04
CA VAL B 1127 92.79 -60.67 123.61
C VAL B 1127 91.62 -61.04 122.72
N ARG B 1128 90.46 -61.35 123.30
CA ARG B 1128 89.29 -61.88 122.56
C ARG B 1128 87.98 -61.48 123.22
N LEU B 1129 86.94 -61.41 122.41
CA LEU B 1129 85.55 -61.15 122.78
C LEU B 1129 84.66 -62.02 121.88
N ASP B 1130 84.03 -63.06 122.42
CA ASP B 1130 83.09 -63.91 121.66
C ASP B 1130 81.67 -63.33 121.67
N LEU B 1131 81.46 -62.33 120.78
CA LEU B 1131 80.16 -61.77 120.46
C LEU B 1131 79.28 -62.94 120.02
N SER B 1132 78.14 -63.12 120.69
CA SER B 1132 77.30 -64.31 120.54
C SER B 1132 75.84 -63.99 120.89
N THR B 1133 74.87 -64.74 120.37
CA THR B 1133 73.45 -64.46 120.59
C THR B 1133 72.54 -65.66 120.26
N GLU B 1134 71.28 -65.57 120.68
CA GLU B 1134 70.20 -66.50 120.33
C GLU B 1134 69.51 -66.20 118.99
N ASN B 1135 69.39 -64.94 118.55
CA ASN B 1135 68.81 -64.61 117.23
C ASN B 1135 69.51 -63.41 116.59
N SER B 1136 69.39 -63.25 115.27
CA SER B 1136 70.22 -62.33 114.49
C SER B 1136 69.88 -60.84 114.67
N PHE B 1137 68.65 -60.49 115.07
CA PHE B 1137 68.27 -59.09 115.38
C PHE B 1137 68.66 -58.67 116.80
N LEU B 1138 68.92 -59.61 117.72
CA LEU B 1138 69.54 -59.32 119.00
C LEU B 1138 71.04 -59.51 118.90
N ARG B 1139 71.85 -58.45 118.95
CA ARG B 1139 73.31 -58.56 118.80
C ARG B 1139 74.01 -57.85 119.94
N PRO B 1140 75.08 -58.42 120.51
CA PRO B 1140 75.89 -57.68 121.44
C PRO B 1140 76.43 -56.45 120.70
N ARG B 1141 76.39 -55.29 121.33
CA ARG B 1141 76.86 -54.03 120.75
C ARG B 1141 78.11 -53.64 121.51
N VAL B 1142 79.27 -53.47 120.87
CA VAL B 1142 80.55 -53.28 121.57
C VAL B 1142 81.26 -52.03 121.11
N ARG B 1143 82.01 -51.39 122.00
CA ARG B 1143 82.84 -50.21 121.72
C ARG B 1143 83.93 -50.02 122.78
N ARG B 1144 84.91 -49.15 122.50
CA ARG B 1144 85.94 -48.70 123.46
C ARG B 1144 86.64 -49.85 124.20
N LEU B 1145 87.31 -50.75 123.49
CA LEU B 1145 88.13 -51.83 124.10
C LEU B 1145 89.54 -51.33 124.43
N MET B 1146 90.08 -51.79 125.56
CA MET B 1146 91.52 -51.79 125.87
C MET B 1146 91.92 -52.97 126.74
N VAL B 1147 93.23 -53.21 126.77
CA VAL B 1147 93.91 -53.81 127.91
C VAL B 1147 95.02 -52.86 128.33
N THR B 1148 94.93 -52.27 129.53
CA THR B 1148 96.16 -51.90 130.23
C THR B 1148 96.76 -53.16 130.86
N THR B 1149 98.07 -53.20 131.06
CA THR B 1149 98.72 -54.36 131.67
C THR B 1149 99.65 -53.94 132.80
N ARG B 1150 99.64 -54.67 133.93
CA ARG B 1150 100.53 -54.48 135.10
C ARG B 1150 101.22 -55.78 135.46
N ASP B 1151 102.41 -55.72 136.08
CA ASP B 1151 103.01 -56.90 136.69
C ASP B 1151 102.80 -56.87 138.21
N GLU B 1152 102.42 -58.01 138.77
CA GLU B 1152 102.01 -58.20 140.15
C GLU B 1152 102.19 -59.63 140.70
N ILE C 3 -26.89 69.44 61.06
CA ILE C 3 -26.98 68.48 62.19
C ILE C 3 -28.14 68.88 63.11
N ASN C 4 -28.80 67.94 63.79
CA ASN C 4 -29.81 68.26 64.78
C ASN C 4 -29.24 68.83 66.10
N PHE C 5 -28.34 69.81 66.04
CA PHE C 5 -27.79 70.50 67.24
C PHE C 5 -28.93 71.13 68.07
N LYS C 6 -30.14 71.25 67.53
CA LYS C 6 -31.38 71.56 68.24
C LYS C 6 -31.53 70.74 69.53
N GLY C 7 -31.10 69.47 69.52
CA GLY C 7 -31.14 68.60 70.69
C GLY C 7 -30.05 68.93 71.72
N SER C 8 -30.38 68.86 73.01
CA SER C 8 -29.40 69.05 74.10
C SER C 8 -28.27 68.00 73.98
N PRO C 9 -27.02 68.31 74.41
CA PRO C 9 -26.61 69.54 75.11
C PRO C 9 -26.65 70.81 74.26
N TYR C 10 -26.77 70.72 72.94
CA TYR C 10 -26.51 71.85 72.05
C TYR C 10 -27.70 72.78 71.76
N LEU C 11 -28.95 72.37 72.04
CA LEU C 11 -30.10 73.28 72.12
C LEU C 11 -30.42 74.16 70.85
N ASP C 12 -29.70 74.00 69.74
CA ASP C 12 -29.55 74.99 68.66
C ASP C 12 -30.84 75.29 67.85
N ARG C 13 -31.58 76.32 68.26
CA ARG C 13 -32.93 76.65 67.76
C ARG C 13 -33.01 77.50 66.48
N PHE C 14 -31.88 77.84 65.87
CA PHE C 14 -31.85 78.73 64.72
C PHE C 14 -32.77 78.26 63.57
N ASP C 15 -33.36 79.21 62.84
CA ASP C 15 -34.11 78.96 61.60
C ASP C 15 -33.73 79.97 60.49
N PRO C 16 -32.90 79.55 59.52
CA PRO C 16 -32.56 80.35 58.35
C PRO C 16 -33.78 80.81 57.56
N SER C 17 -34.84 80.01 57.52
CA SER C 17 -36.01 80.23 56.66
C SER C 17 -37.11 81.08 57.29
N LYS C 18 -37.09 81.23 58.63
CA LYS C 18 -37.68 82.41 59.27
C LYS C 18 -36.90 83.68 58.93
N ASP C 19 -35.63 83.52 58.60
CA ASP C 19 -34.61 84.57 58.59
C ASP C 19 -34.52 85.29 59.96
N ARG C 20 -34.30 84.48 61.02
CA ARG C 20 -33.86 84.95 62.35
C ARG C 20 -32.50 85.65 62.23
N THR C 21 -32.32 86.77 62.93
CA THR C 21 -31.17 87.68 62.71
C THR C 21 -30.56 88.30 63.96
N LYS C 22 -31.14 88.06 65.14
CA LYS C 22 -30.49 88.36 66.43
C LYS C 22 -31.16 87.61 67.57
N VAL C 23 -30.46 87.49 68.69
CA VAL C 23 -31.01 86.97 69.95
C VAL C 23 -31.03 88.07 71.04
N LEU C 24 -32.10 88.15 71.83
CA LEU C 24 -32.47 89.35 72.56
C LEU C 24 -32.78 89.05 74.03
N PHE C 25 -31.77 89.23 74.87
CA PHE C 25 -31.63 88.54 76.15
C PHE C 25 -32.24 89.27 77.37
N ASN C 26 -32.19 88.61 78.54
CA ASN C 26 -32.59 89.16 79.84
C ASN C 26 -31.61 88.81 80.98
N PRO C 27 -31.40 89.70 81.97
CA PRO C 27 -30.36 89.55 83.00
C PRO C 27 -30.71 88.49 84.04
N ASP C 28 -29.90 88.37 85.11
CA ASP C 28 -30.16 87.52 86.28
C ASP C 28 -30.27 86.00 85.93
N ARG C 29 -29.55 85.60 84.89
CA ARG C 29 -29.95 84.47 84.05
C ARG C 29 -29.63 83.02 84.52
N PRO C 30 -30.62 82.09 84.56
CA PRO C 30 -30.42 80.65 84.36
C PRO C 30 -30.34 80.35 82.86
N LEU C 31 -29.40 79.53 82.43
CA LEU C 31 -28.86 79.67 81.08
C LEU C 31 -29.35 78.64 80.04
N GLN C 32 -30.54 78.91 79.46
CA GLN C 32 -31.14 78.16 78.33
C GLN C 32 -30.39 78.34 76.97
N GLN C 33 -29.09 78.00 76.92
CA GLN C 33 -28.10 78.50 75.93
C GLN C 33 -28.29 78.20 74.42
N ALA C 34 -29.44 77.67 74.00
CA ALA C 34 -29.88 77.61 72.60
C ALA C 34 -29.50 78.88 71.83
N GLU C 35 -29.76 80.00 72.51
CA GLU C 35 -29.46 81.39 72.18
C GLU C 35 -28.05 81.62 71.60
N LEU C 36 -27.03 80.90 72.08
CA LEU C 36 -25.64 81.07 71.65
C LEU C 36 -25.32 80.25 70.41
N ASN C 37 -25.71 78.99 70.47
CA ASN C 37 -25.68 78.07 69.36
C ASN C 37 -26.36 78.69 68.14
N GLU C 38 -27.52 79.30 68.40
CA GLU C 38 -28.35 80.01 67.45
C GLU C 38 -27.71 81.32 66.99
N MET C 39 -27.26 82.20 67.89
CA MET C 39 -26.65 83.50 67.55
C MET C 39 -25.46 83.31 66.61
N GLN C 40 -24.62 82.30 66.83
CA GLN C 40 -23.60 81.98 65.85
C GLN C 40 -24.22 81.58 64.51
N SER C 41 -25.12 80.59 64.51
CA SER C 41 -25.60 80.01 63.26
C SER C 41 -26.43 80.99 62.40
N ILE C 42 -27.15 81.90 63.06
CA ILE C 42 -27.80 83.05 62.46
C ILE C 42 -26.88 83.74 61.45
N ASP C 43 -25.69 84.17 61.87
CA ASP C 43 -24.79 84.92 60.98
C ASP C 43 -24.24 84.05 59.85
N GLN C 44 -23.94 82.79 60.17
CA GLN C 44 -23.30 81.85 59.25
C GLN C 44 -24.18 81.50 58.05
N TYR C 45 -25.50 81.53 58.18
CA TYR C 45 -26.40 81.44 57.02
C TYR C 45 -26.28 82.66 56.08
N TYR C 46 -26.28 83.89 56.62
CA TYR C 46 -26.16 85.09 55.75
C TYR C 46 -24.78 85.15 55.10
N LEU C 47 -23.74 84.85 55.87
CA LEU C 47 -22.42 84.55 55.33
C LEU C 47 -22.52 83.56 54.18
N LYS C 48 -23.16 82.39 54.40
CA LYS C 48 -23.26 81.34 53.38
C LYS C 48 -23.90 81.90 52.12
N ASN C 49 -25.02 82.60 52.28
CA ASN C 49 -25.72 83.23 51.16
C ASN C 49 -24.76 84.17 50.40
N LEU C 50 -24.04 85.02 51.13
CA LEU C 50 -23.22 86.04 50.54
C LEU C 50 -21.95 85.50 49.88
N GLY C 51 -21.30 84.49 50.46
CA GLY C 51 -20.14 83.84 49.86
C GLY C 51 -20.49 83.01 48.63
N ASP C 52 -21.58 82.23 48.68
CA ASP C 52 -21.91 81.31 47.58
C ASP C 52 -22.40 82.02 46.32
N ALA C 53 -22.77 83.30 46.42
CA ALA C 53 -22.92 84.12 45.24
C ALA C 53 -21.59 84.31 44.49
N ILE C 54 -20.45 84.31 45.19
CA ILE C 54 -19.15 84.58 44.59
C ILE C 54 -18.50 83.32 44.01
N PHE C 55 -18.64 82.14 44.65
CA PHE C 55 -17.80 80.97 44.34
C PHE C 55 -18.49 79.59 44.44
N LYS C 56 -17.92 78.62 43.72
CA LYS C 56 -18.15 77.17 43.80
C LYS C 56 -17.19 76.51 44.78
N ASP C 57 -17.65 75.46 45.45
CA ASP C 57 -16.81 74.66 46.34
C ASP C 57 -15.65 74.03 45.55
N GLY C 58 -14.42 74.37 45.95
CA GLY C 58 -13.19 74.05 45.22
C GLY C 58 -12.60 75.24 44.44
N ASP C 59 -13.16 76.45 44.53
CA ASP C 59 -12.54 77.63 43.91
C ASP C 59 -11.22 78.06 44.58
N LYS C 60 -10.10 77.91 43.87
CA LYS C 60 -8.70 78.09 44.31
C LYS C 60 -8.30 79.57 44.37
N GLN C 61 -7.61 79.99 45.43
CA GLN C 61 -7.36 81.41 45.69
C GLN C 61 -5.88 81.80 45.74
N SER C 62 -5.07 81.21 46.63
CA SER C 62 -3.66 81.57 46.87
C SER C 62 -2.86 80.40 47.40
N GLY C 63 -1.55 80.36 47.22
CA GLY C 63 -0.79 79.13 47.40
C GLY C 63 -1.10 78.23 46.21
N LEU C 64 -1.55 77.00 46.41
CA LEU C 64 -2.27 76.20 45.39
C LEU C 64 -1.59 76.01 44.01
N GLY C 65 -0.26 76.04 43.92
CA GLY C 65 0.43 75.40 42.77
C GLY C 65 0.20 73.88 42.78
N PHE C 66 0.88 73.11 41.93
CA PHE C 66 0.86 71.65 42.08
C PHE C 66 2.20 70.98 41.78
N THR C 67 2.33 69.74 42.25
CA THR C 67 3.51 68.92 42.11
C THR C 67 3.03 67.49 41.89
N LEU C 68 2.70 67.17 40.64
CA LEU C 68 2.30 65.82 40.29
C LEU C 68 3.51 64.88 40.33
N SER C 69 3.51 63.91 41.25
CA SER C 69 4.57 62.91 41.28
C SER C 69 4.51 61.97 40.08
N GLU C 70 5.62 61.28 39.84
CA GLU C 70 5.82 60.38 38.70
C GLU C 70 4.99 59.08 38.78
N ASP C 71 4.78 58.54 39.97
CA ASP C 71 3.79 57.48 40.18
C ASP C 71 2.35 58.00 40.06
N ASN C 72 2.20 59.32 39.99
CA ASN C 72 0.96 60.09 39.88
C ASN C 72 0.16 60.32 41.16
N VAL C 73 0.76 60.20 42.34
CA VAL C 73 0.27 60.97 43.49
C VAL C 73 0.42 62.46 43.18
N LEU C 74 -0.70 63.12 42.91
CA LEU C 74 -0.78 64.56 42.81
C LEU C 74 -0.63 65.15 44.20
N THR C 75 0.52 65.76 44.47
CA THR C 75 0.56 66.83 45.47
C THR C 75 -0.06 68.06 44.85
N VAL C 76 -0.99 68.67 45.57
CA VAL C 76 -1.33 70.08 45.36
C VAL C 76 -0.63 70.88 46.44
N ASN C 77 0.04 71.95 46.04
CA ASN C 77 0.81 72.77 46.95
C ASN C 77 -0.21 73.46 47.90
N PRO C 78 -0.04 73.47 49.23
CA PRO C 78 -1.01 74.04 50.17
C PRO C 78 -1.54 75.47 49.84
N GLY C 79 -2.75 75.84 50.26
CA GLY C 79 -3.30 77.18 49.95
C GLY C 79 -4.79 77.45 50.28
N TYR C 80 -5.27 78.69 50.07
CA TYR C 80 -6.68 79.07 50.29
C TYR C 80 -7.62 78.53 49.20
N VAL C 81 -8.70 77.86 49.58
CA VAL C 81 -9.74 77.29 48.70
C VAL C 81 -11.16 77.55 49.22
N TYR C 82 -12.09 77.84 48.33
CA TYR C 82 -13.48 78.10 48.67
C TYR C 82 -14.27 76.83 48.97
N ILE C 83 -15.14 76.83 49.98
CA ILE C 83 -16.21 75.83 50.19
C ILE C 83 -17.47 76.45 50.83
N ASN C 84 -18.60 76.32 50.13
CA ASN C 84 -19.96 76.25 50.65
C ASN C 84 -20.30 77.35 51.67
N GLY C 85 -20.19 78.59 51.22
CA GLY C 85 -20.41 79.84 51.94
C GLY C 85 -19.14 80.63 52.24
N LYS C 86 -17.96 79.99 52.22
CA LYS C 86 -16.77 80.50 52.92
C LYS C 86 -15.48 80.10 52.23
N ILE C 87 -14.38 80.77 52.55
CA ILE C 87 -13.03 80.36 52.17
C ILE C 87 -12.37 79.63 53.34
N ARG C 88 -11.61 78.58 53.06
CA ARG C 88 -10.92 77.70 54.02
C ARG C 88 -9.49 77.46 53.54
N TYR C 89 -8.51 77.28 54.44
CA TYR C 89 -7.15 77.04 53.99
C TYR C 89 -6.90 75.54 53.91
N TYR C 90 -6.58 75.05 52.71
CA TYR C 90 -6.01 73.72 52.47
C TYR C 90 -4.56 73.79 52.94
N ASP C 91 -4.40 73.79 54.27
CA ASP C 91 -3.12 73.71 54.98
C ASP C 91 -2.43 72.37 54.75
N ASN C 92 -3.22 71.36 54.36
CA ASN C 92 -2.75 70.07 53.90
C ASN C 92 -1.93 70.25 52.62
N ASP C 93 -0.94 69.40 52.43
CA ASP C 93 -0.44 69.05 51.09
C ASP C 93 -1.10 67.76 50.55
N ASP C 94 -2.12 67.26 51.29
CA ASP C 94 -2.77 65.95 51.14
C ASP C 94 -2.85 65.50 49.68
N SER C 95 -1.97 64.56 49.33
CA SER C 95 -1.60 64.29 47.95
C SER C 95 -2.18 62.94 47.51
N VAL C 96 -2.86 62.91 46.36
CA VAL C 96 -3.76 61.82 45.93
C VAL C 96 -3.26 61.14 44.66
N LYS C 97 -3.19 59.80 44.60
CA LYS C 97 -2.95 59.05 43.35
C LYS C 97 -4.06 59.36 42.35
N ILE C 98 -3.73 60.16 41.34
CA ILE C 98 -4.50 60.24 40.11
C ILE C 98 -4.08 59.06 39.20
N THR C 99 -4.93 58.64 38.27
CA THR C 99 -4.64 57.55 37.32
C THR C 99 -3.65 57.94 36.22
N GLY C 100 -3.59 59.23 35.89
CA GLY C 100 -2.86 59.76 34.74
C GLY C 100 -3.46 59.36 33.38
N VAL C 101 -4.70 58.86 33.30
CA VAL C 101 -5.38 58.53 32.03
C VAL C 101 -6.86 58.97 32.04
N GLY C 102 -7.31 59.64 30.98
CA GLY C 102 -8.61 60.33 30.96
C GLY C 102 -8.64 61.48 31.97
N LYS C 103 -9.84 61.98 32.29
CA LYS C 103 -10.08 63.04 33.30
C LYS C 103 -10.01 62.50 34.74
N GLU C 104 -9.70 63.36 35.70
CA GLU C 104 -9.47 63.02 37.12
C GLU C 104 -10.06 64.10 38.02
N THR C 105 -11.31 63.97 38.50
CA THR C 105 -12.01 65.06 39.23
C THR C 105 -11.44 65.24 40.63
N ILE C 106 -10.39 66.04 40.79
CA ILE C 106 -9.74 66.30 42.08
C ILE C 106 -10.65 67.21 42.92
N GLY C 107 -11.00 66.85 44.15
CA GLY C 107 -11.87 67.69 44.97
C GLY C 107 -12.01 67.28 46.44
N ILE C 108 -12.41 68.22 47.28
CA ILE C 108 -12.28 68.12 48.74
C ILE C 108 -13.55 67.61 49.46
N LYS C 109 -13.37 67.02 50.67
CA LYS C 109 -14.36 66.84 51.76
C LYS C 109 -13.95 67.68 52.98
N LEU C 110 -14.80 68.57 53.52
CA LEU C 110 -14.60 69.16 54.86
C LEU C 110 -15.11 68.19 55.93
N THR C 111 -14.24 67.79 56.86
CA THR C 111 -14.36 66.47 57.53
C THR C 111 -14.90 66.56 58.97
N GLU C 112 -16.23 66.50 59.13
CA GLU C 112 -16.95 66.67 60.41
C GLU C 112 -16.45 65.80 61.56
N ARG C 113 -16.11 66.47 62.66
CA ARG C 113 -15.83 65.92 63.98
C ARG C 113 -16.47 66.83 65.03
N ILE C 114 -17.33 66.30 65.91
CA ILE C 114 -17.82 67.05 67.08
C ILE C 114 -16.81 66.88 68.22
N VAL C 115 -16.59 67.97 68.96
CA VAL C 115 -15.43 68.24 69.82
C VAL C 115 -15.91 68.57 71.22
N THR C 116 -15.98 67.62 72.14
CA THR C 116 -16.13 68.01 73.54
C THR C 116 -14.76 68.37 74.14
N PRO C 117 -14.70 69.30 75.11
CA PRO C 117 -13.53 69.46 75.98
C PRO C 117 -13.17 68.16 76.72
N ASP C 118 -14.10 67.22 76.80
CA ASP C 118 -13.97 65.92 77.43
C ASP C 118 -13.07 65.00 76.59
N GLU C 119 -13.14 65.11 75.26
CA GLU C 119 -12.06 64.65 74.39
C GLU C 119 -10.86 65.60 74.44
N ASP C 120 -11.11 66.90 74.39
CA ASP C 120 -10.09 67.95 74.25
C ASP C 120 -9.85 68.71 75.57
N ALA C 121 -9.06 68.16 76.50
CA ALA C 121 -8.78 68.81 77.80
C ALA C 121 -8.11 70.18 77.66
N SER C 122 -7.48 70.48 76.52
CA SER C 122 -7.06 71.85 76.19
C SER C 122 -8.21 72.85 76.20
N LEU C 123 -9.46 72.40 76.14
CA LEU C 123 -10.61 73.27 76.20
C LEU C 123 -11.28 73.25 77.59
N LEU C 124 -10.69 72.62 78.62
CA LEU C 124 -11.23 72.59 80.00
C LEU C 124 -10.62 73.70 80.88
N ASP C 125 -11.39 74.73 81.24
CA ASP C 125 -11.22 75.83 82.24
C ASP C 125 -9.83 76.07 82.86
N GLN C 126 -8.82 76.44 82.08
CA GLN C 126 -7.53 76.91 82.60
C GLN C 126 -7.54 78.30 83.35
N THR C 127 -8.68 78.84 83.81
CA THR C 127 -8.73 79.98 84.76
C THR C 127 -8.65 79.58 86.25
N SER C 128 -8.79 78.28 86.56
CA SER C 128 -8.70 77.71 87.91
C SER C 128 -8.18 76.26 87.80
N GLY C 129 -8.69 75.30 88.58
CA GLY C 129 -8.32 73.89 88.57
C GLY C 129 -8.71 73.08 87.32
N VAL C 130 -8.55 73.63 86.12
CA VAL C 130 -8.57 73.00 84.76
C VAL C 130 -9.90 72.32 84.34
N PRO C 131 -10.21 71.04 84.63
CA PRO C 131 -11.61 70.62 84.64
C PRO C 131 -12.47 71.36 85.69
N SER C 132 -11.93 72.27 86.52
CA SER C 132 -12.66 73.14 87.47
C SER C 132 -13.98 73.67 86.92
N TYR C 133 -15.10 73.48 87.64
CA TYR C 133 -16.36 73.43 86.92
C TYR C 133 -16.85 74.80 86.40
N PHE C 134 -16.82 74.90 85.07
CA PHE C 134 -16.93 76.03 84.11
C PHE C 134 -16.48 75.43 82.76
N SER C 135 -15.54 74.48 82.84
CA SER C 135 -14.87 73.67 81.83
C SER C 135 -15.74 72.91 80.80
N LYS C 136 -17.06 72.78 80.99
CA LYS C 136 -18.00 72.17 80.02
C LYS C 136 -18.92 73.23 79.41
N GLY C 137 -18.48 74.48 79.33
CA GLY C 137 -19.26 75.61 78.81
C GLY C 137 -19.88 75.31 77.44
N ALA C 138 -19.07 74.73 76.56
CA ALA C 138 -19.41 74.37 75.19
C ALA C 138 -18.46 73.30 74.63
N ASP C 139 -18.93 72.64 73.59
CA ASP C 139 -18.22 71.74 72.68
C ASP C 139 -18.05 72.46 71.34
N ARG C 140 -17.58 71.79 70.27
CA ARG C 140 -17.40 72.38 68.94
C ARG C 140 -17.81 71.40 67.84
N LEU C 141 -18.01 71.89 66.64
CA LEU C 141 -17.78 71.10 65.44
C LEU C 141 -16.42 71.51 64.89
N GLU C 142 -15.82 70.61 64.14
CA GLU C 142 -14.61 70.83 63.38
C GLU C 142 -14.72 70.09 62.04
N GLU C 143 -14.23 70.67 60.95
CA GLU C 143 -14.33 70.06 59.61
C GLU C 143 -13.09 70.35 58.76
N LYS C 144 -11.90 69.85 59.13
CA LYS C 144 -10.74 70.11 58.24
C LYS C 144 -10.98 69.45 56.88
N MET C 145 -10.73 70.22 55.83
CA MET C 145 -10.66 69.74 54.45
C MET C 145 -9.71 68.53 54.29
N SER C 146 -10.07 67.63 53.38
CA SER C 146 -9.33 66.42 52.97
C SER C 146 -9.58 66.16 51.48
N LEU C 147 -8.67 65.52 50.75
CA LEU C 147 -8.73 65.44 49.28
C LEU C 147 -9.28 64.11 48.73
N THR C 148 -9.89 64.16 47.54
CA THR C 148 -10.51 63.02 46.81
C THR C 148 -10.28 63.16 45.30
N VAL C 149 -10.46 62.08 44.50
CA VAL C 149 -10.38 62.10 43.02
C VAL C 149 -11.50 61.28 42.40
N ASN C 150 -12.07 61.74 41.29
CA ASN C 150 -13.20 61.11 40.57
C ASN C 150 -14.49 60.96 41.41
N ASP C 151 -14.56 61.60 42.57
CA ASP C 151 -15.81 62.02 43.21
C ASP C 151 -16.16 63.44 42.70
N PRO C 152 -17.02 63.60 41.69
CA PRO C 152 -17.35 64.94 41.17
C PRO C 152 -18.22 65.75 42.14
N THR C 153 -18.86 65.06 43.09
CA THR C 153 -19.62 65.68 44.18
C THR C 153 -18.73 66.16 45.31
N SER C 154 -17.45 65.79 45.38
CA SER C 154 -16.48 66.50 46.23
C SER C 154 -16.28 67.93 45.69
N ALA C 155 -15.84 68.84 46.56
CA ALA C 155 -15.53 70.24 46.25
C ALA C 155 -14.38 70.32 45.21
N THR C 156 -14.72 70.23 43.92
CA THR C 156 -13.80 69.90 42.84
C THR C 156 -12.88 71.08 42.48
N ILE C 157 -11.59 70.95 42.80
CA ILE C 157 -10.53 71.96 42.62
C ILE C 157 -9.88 71.92 41.23
N TYR C 158 -9.83 70.75 40.58
CA TYR C 158 -9.09 70.52 39.34
C TYR C 158 -9.66 69.33 38.57
N THR C 159 -9.33 69.20 37.28
CA THR C 159 -9.27 67.89 36.63
C THR C 159 -7.99 67.72 35.84
N PHE C 160 -7.42 66.54 35.91
CA PHE C 160 -6.18 66.22 35.21
C PHE C 160 -6.54 65.28 34.06
N MET C 161 -6.11 65.63 32.85
CA MET C 161 -6.37 64.88 31.63
C MET C 161 -5.11 64.13 31.17
N ASP C 162 -5.15 62.81 31.08
CA ASP C 162 -3.99 62.01 30.64
C ASP C 162 -2.68 62.33 31.39
N GLY C 163 -2.80 62.70 32.68
CA GLY C 163 -1.68 63.10 33.52
C GLY C 163 -1.21 64.56 33.33
N ASP C 164 -1.73 65.28 32.34
CA ASP C 164 -1.69 66.74 32.31
C ASP C 164 -2.66 67.30 33.37
N LEU C 165 -2.37 68.45 33.97
CA LEU C 165 -3.48 69.27 34.44
C LEU C 165 -4.29 69.60 33.17
N TYR C 166 -5.60 69.38 33.15
CA TYR C 166 -6.33 69.48 31.89
C TYR C 166 -6.40 70.93 31.34
N ILE C 167 -6.34 71.96 32.20
CA ILE C 167 -6.44 73.36 31.78
C ILE C 167 -5.55 74.28 32.63
N GLN C 168 -4.94 75.31 32.02
CA GLN C 168 -3.82 76.07 32.61
C GLN C 168 -4.02 77.60 32.73
N SER C 169 -5.13 78.20 32.28
CA SER C 169 -5.45 79.61 32.63
C SER C 169 -5.88 79.70 34.10
N THR C 170 -4.90 79.75 35.01
CA THR C 170 -5.18 79.74 36.44
C THR C 170 -5.99 80.96 36.85
N ASN C 171 -5.41 82.16 36.71
CA ASN C 171 -6.19 83.39 36.70
C ASN C 171 -6.96 83.40 35.38
N ALA C 172 -8.26 83.67 35.40
CA ALA C 172 -9.13 83.23 34.29
C ALA C 172 -10.16 84.26 33.81
N GLU C 173 -10.39 85.38 34.48
CA GLU C 173 -11.51 86.24 34.09
C GLU C 173 -11.20 87.02 32.81
N MET C 174 -9.93 87.38 32.63
CA MET C 174 -9.37 87.87 31.38
C MET C 174 -9.49 86.88 30.22
N ASP C 175 -9.68 85.59 30.47
CA ASP C 175 -9.78 84.63 29.38
C ASP C 175 -11.16 84.66 28.70
N LYS C 176 -12.23 85.06 29.40
CA LYS C 176 -13.55 85.35 28.80
C LYS C 176 -13.39 86.45 27.78
N ILE C 177 -12.76 87.53 28.23
CA ILE C 177 -12.39 88.67 27.42
C ILE C 177 -11.55 88.22 26.21
N ASN C 178 -10.53 87.39 26.42
CA ASN C 178 -9.67 86.88 25.33
C ASN C 178 -10.48 86.10 24.29
N LYS C 179 -11.25 85.10 24.74
CA LYS C 179 -12.12 84.27 23.88
C LYS C 179 -13.05 85.13 23.03
N VAL C 180 -13.63 86.14 23.67
CA VAL C 180 -14.45 87.18 23.04
C VAL C 180 -13.63 87.96 22.01
N LEU C 181 -12.54 88.65 22.37
CA LEU C 181 -11.82 89.51 21.42
C LEU C 181 -11.25 88.74 20.23
N ALA C 182 -10.61 87.59 20.46
CA ALA C 182 -10.10 86.73 19.39
C ALA C 182 -11.28 86.37 18.46
N GLU C 183 -12.42 85.96 19.02
CA GLU C 183 -13.61 85.72 18.20
C GLU C 183 -14.16 87.01 17.53
N ARG C 184 -14.04 88.22 18.11
CA ARG C 184 -14.36 89.46 17.36
C ARG C 184 -13.40 89.65 16.18
N THR C 185 -12.14 89.28 16.38
CA THR C 185 -11.12 89.07 15.32
C THR C 185 -11.47 87.87 14.43
N TYR C 186 -12.72 87.39 14.44
CA TYR C 186 -13.26 86.34 13.62
C TYR C 186 -14.67 86.66 13.12
N ASP C 187 -15.46 87.42 13.88
CA ASP C 187 -16.83 87.79 13.57
C ASP C 187 -16.97 88.72 12.35
N GLU C 188 -16.10 89.73 12.23
CA GLU C 188 -15.94 90.52 10.99
C GLU C 188 -15.32 89.60 9.92
N SER C 189 -14.10 89.14 10.21
CA SER C 189 -13.37 88.04 9.57
C SER C 189 -12.23 87.63 10.50
N GLY C 190 -11.63 86.46 10.33
CA GLY C 190 -10.53 86.02 11.21
C GLY C 190 -9.72 84.82 10.85
N SER C 191 -9.72 84.39 9.59
CA SER C 191 -8.78 83.37 9.14
C SER C 191 -7.90 83.95 8.06
N TYR C 192 -6.88 84.68 8.52
CA TYR C 192 -6.01 85.44 7.64
C TYR C 192 -4.53 85.53 8.03
N LYS C 193 -3.72 85.45 6.97
CA LYS C 193 -2.34 85.96 6.81
C LYS C 193 -2.35 87.47 7.01
N VAL C 194 -1.90 87.94 8.17
CA VAL C 194 -1.59 89.37 8.31
C VAL C 194 -0.29 89.66 7.55
N ASN C 195 0.72 88.79 7.69
CA ASN C 195 1.97 88.77 6.92
C ASN C 195 2.62 87.37 6.87
N GLY C 196 3.39 87.05 5.81
CA GLY C 196 4.29 85.89 5.74
C GLY C 196 3.71 84.57 5.17
N PHE C 197 4.27 83.45 5.64
CA PHE C 197 3.84 82.05 5.42
C PHE C 197 3.83 81.45 3.99
N GLU C 198 4.04 82.21 2.91
CA GLU C 198 3.63 81.72 1.57
C GLU C 198 4.37 80.48 1.01
N LEU C 199 3.72 79.83 0.03
CA LEU C 199 4.01 78.44 -0.31
C LEU C 199 5.13 78.31 -1.36
N PHE C 200 6.37 78.42 -0.88
CA PHE C 200 7.63 78.20 -1.61
C PHE C 200 7.93 76.68 -1.79
N SER C 201 9.20 76.31 -2.00
CA SER C 201 9.69 74.92 -1.88
C SER C 201 11.22 74.85 -1.58
N GLU C 202 11.70 73.67 -1.16
CA GLU C 202 13.11 73.26 -0.99
C GLU C 202 13.21 71.73 -0.81
N GLY C 203 14.08 71.02 -1.55
CA GLY C 203 14.29 69.58 -1.28
C GLY C 203 14.87 69.37 0.12
N ASN C 204 14.28 68.48 0.92
CA ASN C 204 15.05 67.77 1.92
C ASN C 204 16.06 66.96 1.09
N ALA C 205 17.31 66.98 1.53
CA ALA C 205 18.42 66.28 0.90
C ALA C 205 19.13 65.36 1.92
N GLU C 206 18.91 65.61 3.20
CA GLU C 206 19.33 64.83 4.36
C GLU C 206 18.51 63.53 4.43
N ASP C 207 17.20 63.72 4.42
CA ASP C 207 16.15 62.83 3.95
C ASP C 207 15.94 63.24 2.49
N ASP C 208 16.71 62.68 1.57
CA ASP C 208 16.57 63.05 0.16
C ASP C 208 15.27 62.51 -0.49
N ASP C 209 14.26 62.18 0.31
CA ASP C 209 12.99 61.64 -0.13
C ASP C 209 11.82 62.57 0.14
N HIS C 210 12.06 63.76 0.71
CA HIS C 210 11.02 64.74 1.00
C HIS C 210 11.40 66.13 0.49
N VAL C 211 10.40 66.99 0.31
CA VAL C 211 10.55 68.44 0.24
C VAL C 211 10.69 68.92 1.68
N SER C 212 11.83 69.52 2.07
CA SER C 212 12.07 70.31 3.28
C SER C 212 11.50 71.71 3.07
N VAL C 213 10.18 71.88 3.15
CA VAL C 213 9.50 73.10 2.65
C VAL C 213 10.08 74.36 3.29
N VAL C 214 10.81 75.17 2.50
CA VAL C 214 11.37 76.47 2.93
C VAL C 214 10.22 77.44 3.19
N VAL C 215 10.12 77.99 4.42
CA VAL C 215 9.18 79.07 4.76
C VAL C 215 9.85 80.10 5.67
N ASP C 216 9.53 81.38 5.46
CA ASP C 216 9.90 82.52 6.31
C ASP C 216 9.02 82.56 7.59
N ALA C 217 9.15 83.60 8.41
CA ALA C 217 8.13 84.02 9.36
C ALA C 217 6.76 84.24 8.73
N GLY C 218 5.74 84.24 9.59
CA GLY C 218 4.48 84.96 9.38
C GLY C 218 3.80 85.27 10.72
N LYS C 219 2.89 86.24 10.71
CA LYS C 219 1.99 86.57 11.82
C LYS C 219 0.61 86.90 11.26
N ALA C 220 -0.43 86.65 12.04
CA ALA C 220 -1.77 86.40 11.51
C ALA C 220 -2.81 86.28 12.62
N TYR C 221 -4.08 86.10 12.26
CA TYR C 221 -5.05 85.46 13.15
C TYR C 221 -5.82 84.41 12.34
N VAL C 222 -6.07 83.24 12.94
CA VAL C 222 -6.92 82.18 12.38
C VAL C 222 -7.87 81.72 13.48
N LYS C 223 -9.14 81.49 13.14
CA LYS C 223 -10.24 81.52 14.12
C LYS C 223 -10.29 82.83 14.92
N GLY C 224 -9.63 83.86 14.41
CA GLY C 224 -9.33 85.11 15.08
C GLY C 224 -8.39 84.99 16.29
N PHE C 225 -7.99 83.77 16.66
CA PHE C 225 -6.94 83.54 17.66
C PHE C 225 -5.58 83.82 17.03
N LYS C 226 -4.63 84.32 17.82
CA LYS C 226 -3.36 84.87 17.31
C LYS C 226 -2.49 83.78 16.70
N VAL C 227 -2.10 83.99 15.45
CA VAL C 227 -1.24 83.08 14.69
C VAL C 227 0.12 83.71 14.53
N ASP C 228 1.17 83.05 14.98
CA ASP C 228 2.48 83.68 15.11
C ASP C 228 3.62 82.65 15.08
N LYS C 229 4.14 82.36 13.87
CA LYS C 229 5.21 81.37 13.63
C LYS C 229 6.36 82.05 12.86
N PRO C 230 7.30 82.76 13.53
CA PRO C 230 8.32 83.57 12.87
C PRO C 230 9.51 82.81 12.26
N VAL C 231 9.52 81.48 12.25
CA VAL C 231 10.77 80.70 12.13
C VAL C 231 11.28 80.46 10.70
N SER C 232 12.60 80.45 10.55
CA SER C 232 13.34 79.82 9.44
C SER C 232 12.97 78.32 9.33
N THR C 233 12.02 77.99 8.45
CA THR C 233 11.33 76.69 8.34
C THR C 233 11.88 75.81 7.19
N ARG C 234 11.98 74.48 7.40
CA ARG C 234 12.30 73.40 6.42
C ARG C 234 11.60 72.08 6.87
N ILE C 235 10.31 71.90 6.52
CA ILE C 235 9.50 70.74 6.99
C ILE C 235 9.40 69.67 5.89
N SER C 236 9.74 68.40 6.16
CA SER C 236 9.67 67.30 5.18
C SER C 236 8.23 66.88 4.84
N VAL C 237 7.83 66.87 3.55
CA VAL C 237 6.71 66.07 2.99
C VAL C 237 7.25 65.27 1.79
N PRO C 238 6.80 64.05 1.45
CA PRO C 238 7.52 63.15 0.52
C PRO C 238 7.66 63.68 -0.92
N LYS C 239 8.71 63.31 -1.67
CA LYS C 239 8.84 63.65 -3.09
C LYS C 239 7.65 63.13 -3.88
N SER C 240 7.30 63.75 -5.01
CA SER C 240 6.31 63.14 -5.93
C SER C 240 6.95 62.12 -6.85
N TYR C 241 7.58 61.13 -6.20
CA TYR C 241 7.86 59.81 -6.74
C TYR C 241 6.56 59.06 -7.14
N ASP C 242 5.39 59.66 -6.91
CA ASP C 242 4.09 59.26 -7.46
C ASP C 242 4.14 59.13 -9.00
N LEU C 243 3.62 58.04 -9.57
CA LEU C 243 3.83 57.68 -10.98
C LEU C 243 2.52 57.39 -11.72
N GLY C 244 2.44 57.79 -12.98
CA GLY C 244 1.41 57.34 -13.93
C GLY C 244 1.96 56.30 -14.90
N THR C 245 1.11 55.36 -15.34
CA THR C 245 1.39 54.47 -16.50
C THR C 245 0.87 55.07 -17.81
N ALA C 246 1.42 54.71 -18.97
CA ALA C 246 1.08 55.29 -20.27
C ALA C 246 1.07 54.16 -21.32
N GLU C 247 0.01 53.36 -21.25
CA GLU C 247 -0.11 52.07 -21.92
C GLU C 247 -1.00 52.18 -23.18
N ASN C 248 -0.56 51.60 -24.28
CA ASN C 248 -0.98 51.95 -25.64
C ASN C 248 -0.91 53.47 -25.87
N GLU C 249 0.15 54.10 -25.37
CA GLU C 249 0.66 55.33 -25.99
C GLU C 249 0.94 55.03 -27.48
N SER C 250 0.33 55.76 -28.42
CA SER C 250 0.23 55.32 -29.82
C SER C 250 1.03 56.17 -30.79
N THR C 251 1.60 55.53 -31.80
CA THR C 251 1.86 56.17 -33.08
C THR C 251 1.58 55.12 -34.14
N ILE C 252 0.75 55.44 -35.11
CA ILE C 252 0.62 54.61 -36.29
C ILE C 252 1.97 54.77 -37.00
N PHE C 253 2.75 53.67 -37.05
CA PHE C 253 4.22 53.64 -37.09
C PHE C 253 4.88 54.64 -38.03
N ASN C 254 5.40 55.73 -37.49
CA ASN C 254 6.03 56.77 -38.27
C ASN C 254 7.45 56.36 -38.66
N LYS C 255 7.61 55.51 -39.67
CA LYS C 255 8.96 55.04 -40.07
C LYS C 255 9.82 56.16 -40.69
N SER C 256 9.22 57.27 -41.12
CA SER C 256 9.95 58.48 -41.50
C SER C 256 10.49 59.23 -40.29
N ASN C 257 9.64 59.74 -39.39
CA ASN C 257 10.06 60.19 -38.05
C ASN C 257 10.09 59.06 -37.01
N ASN C 258 11.24 58.38 -36.94
CA ASN C 258 11.41 57.26 -36.03
C ASN C 258 11.35 57.62 -34.54
N SER C 259 11.54 58.87 -34.12
CA SER C 259 11.49 59.29 -32.69
C SER C 259 10.04 59.27 -32.17
N ILE C 260 9.51 58.10 -31.81
CA ILE C 260 8.08 57.96 -31.43
C ILE C 260 7.82 58.45 -29.99
N SER C 261 7.13 59.59 -29.87
CA SER C 261 6.99 60.40 -28.66
C SER C 261 6.19 59.73 -27.54
N LEU C 262 6.85 59.57 -26.40
CA LEU C 262 6.29 59.26 -25.10
C LEU C 262 6.09 60.57 -24.34
N ALA C 263 4.90 61.14 -24.50
CA ALA C 263 4.65 62.51 -24.11
C ALA C 263 4.28 62.63 -22.61
N ASN C 264 3.83 61.56 -21.98
CA ASN C 264 3.76 61.50 -20.51
C ASN C 264 5.20 61.41 -19.96
N SER C 265 5.55 62.15 -18.91
CA SER C 265 6.96 62.27 -18.47
C SER C 265 7.06 62.90 -17.07
N PRO C 266 8.20 62.82 -16.36
CA PRO C 266 9.46 62.21 -16.77
C PRO C 266 9.38 60.68 -16.68
N VAL C 267 9.63 59.96 -17.79
CA VAL C 267 9.47 58.51 -17.85
C VAL C 267 10.45 57.82 -16.90
N LYS C 268 9.89 57.12 -15.93
CA LYS C 268 10.64 56.27 -15.03
C LYS C 268 11.11 55.02 -15.75
N GLU C 269 10.24 54.36 -16.54
CA GLU C 269 10.55 53.05 -17.14
C GLU C 269 9.64 52.63 -18.31
N ILE C 270 10.22 52.06 -19.38
CA ILE C 270 9.51 51.47 -20.56
C ILE C 270 9.04 50.04 -20.29
N ARG C 271 7.92 49.62 -20.89
CA ARG C 271 7.31 48.32 -20.65
C ARG C 271 7.05 47.46 -21.90
N ARG C 272 6.65 48.04 -23.03
CA ARG C 272 6.22 47.27 -24.22
C ARG C 272 6.09 48.17 -25.43
N VAL C 273 6.53 47.72 -26.59
CA VAL C 273 6.01 48.22 -27.87
C VAL C 273 5.46 47.05 -28.71
N THR C 274 4.42 47.24 -29.51
CA THR C 274 3.86 46.19 -30.40
C THR C 274 3.32 46.82 -31.69
N GLY C 275 3.48 46.15 -32.83
CA GLY C 275 3.16 46.75 -34.12
C GLY C 275 3.41 45.87 -35.34
N GLN C 276 3.12 46.43 -36.52
CA GLN C 276 2.74 45.72 -37.75
C GLN C 276 3.89 45.52 -38.75
N VAL C 277 4.90 44.74 -38.39
CA VAL C 277 5.92 44.27 -39.35
C VAL C 277 5.24 43.45 -40.46
N LEU C 278 5.80 43.48 -41.68
CA LEU C 278 5.38 42.64 -42.80
C LEU C 278 6.44 41.58 -43.08
N ILE C 279 6.05 40.31 -43.08
CA ILE C 279 6.78 39.27 -43.79
C ILE C 279 6.63 39.52 -45.27
N GLU C 280 7.69 40.01 -45.89
CA GLU C 280 7.68 40.29 -47.32
C GLU C 280 7.62 39.00 -48.15
N LYS C 281 8.30 37.93 -47.71
CA LYS C 281 8.35 36.62 -48.37
C LYS C 281 8.86 35.53 -47.43
N GLU C 282 8.04 34.53 -47.14
CA GLU C 282 8.30 33.41 -46.24
C GLU C 282 7.94 32.12 -46.93
N ARG C 283 8.77 31.10 -46.81
CA ARG C 283 8.43 29.78 -47.31
C ARG C 283 7.50 29.14 -46.32
N VAL C 284 6.25 28.97 -46.71
CA VAL C 284 5.40 27.95 -46.12
C VAL C 284 5.37 26.81 -47.12
N THR C 285 6.34 25.92 -47.03
CA THR C 285 6.18 24.66 -47.74
C THR C 285 4.98 23.92 -47.20
N ARG C 286 4.17 23.40 -48.10
CA ARG C 286 2.95 22.68 -47.80
C ARG C 286 3.26 21.45 -46.95
N GLY C 287 2.63 21.40 -45.79
CA GLY C 287 2.50 20.20 -44.99
C GLY C 287 1.47 19.23 -45.60
N ALA C 288 1.41 18.00 -45.08
CA ALA C 288 0.71 16.87 -45.71
C ALA C 288 -0.83 16.94 -45.76
N GLN C 289 -1.48 17.58 -44.80
CA GLN C 289 -2.94 17.58 -44.68
C GLN C 289 -3.62 18.44 -45.75
N GLY C 290 -3.74 17.90 -46.97
CA GLY C 290 -4.41 18.54 -48.10
C GLY C 290 -5.79 19.11 -47.72
N ASP C 291 -6.10 20.27 -48.27
CA ASP C 291 -7.24 21.07 -47.86
C ASP C 291 -7.24 21.35 -46.36
N GLY C 292 -6.19 21.95 -45.85
CA GLY C 292 -6.24 22.45 -44.50
C GLY C 292 -4.96 23.14 -44.11
N GLN C 293 -4.65 23.10 -42.83
CA GLN C 293 -3.62 23.90 -42.16
C GLN C 293 -2.16 23.68 -42.60
N ASP C 294 -1.40 24.78 -42.66
CA ASP C 294 0.06 24.92 -42.64
C ASP C 294 0.42 26.12 -41.77
N PHE C 295 1.58 26.14 -41.12
CA PHE C 295 1.82 27.05 -39.98
C PHE C 295 2.85 28.13 -40.30
N LEU C 296 2.55 29.36 -39.88
CA LEU C 296 3.30 30.60 -40.14
C LEU C 296 4.51 30.78 -39.20
N SER C 297 5.39 31.75 -39.45
CA SER C 297 6.41 32.16 -38.45
C SER C 297 5.85 32.92 -37.26
N ASN C 298 4.61 33.38 -37.36
CA ASN C 298 3.94 34.20 -36.37
C ASN C 298 2.59 33.58 -36.02
N ASN C 299 2.22 33.58 -34.76
CA ASN C 299 0.83 33.56 -34.31
C ASN C 299 0.19 34.95 -34.34
N THR C 300 1.01 36.00 -34.44
CA THR C 300 0.57 37.39 -34.52
C THR C 300 0.28 37.82 -35.96
N ALA C 301 0.30 36.91 -36.93
CA ALA C 301 -0.09 37.23 -38.32
C ALA C 301 -1.59 37.53 -38.36
N PHE C 302 -1.96 38.62 -39.03
CA PHE C 302 -3.33 39.13 -39.00
C PHE C 302 -3.81 39.63 -40.36
N GLU C 303 -2.93 39.69 -41.36
CA GLU C 303 -3.25 40.20 -42.68
C GLU C 303 -2.30 39.56 -43.73
N ILE C 304 -2.80 38.64 -44.55
CA ILE C 304 -1.96 37.85 -45.46
C ILE C 304 -1.86 38.53 -46.80
N VAL C 305 -0.74 39.21 -46.97
CA VAL C 305 -0.41 39.99 -48.15
C VAL C 305 -0.48 39.12 -49.42
N LYS C 306 0.22 37.98 -49.49
CA LYS C 306 0.26 37.09 -50.68
C LYS C 306 0.41 35.66 -50.25
N VAL C 307 -0.25 34.73 -50.93
CA VAL C 307 -0.01 33.29 -50.76
C VAL C 307 0.17 32.69 -52.15
N TRP C 308 1.26 32.00 -52.44
CA TRP C 308 1.53 31.58 -53.81
C TRP C 308 2.52 30.45 -53.96
N THR C 309 2.22 29.57 -54.91
CA THR C 309 3.17 28.57 -55.40
C THR C 309 4.13 29.27 -56.33
N GLU C 310 5.39 28.85 -56.28
CA GLU C 310 6.48 29.57 -56.91
C GLU C 310 6.92 28.87 -58.18
N THR C 311 6.70 29.56 -59.29
CA THR C 311 7.34 29.25 -60.56
C THR C 311 8.86 29.46 -60.39
N SER C 312 9.24 30.54 -59.71
CA SER C 312 10.53 30.79 -59.08
C SER C 312 10.29 31.85 -58.00
N PRO C 313 11.29 32.47 -57.35
CA PRO C 313 11.07 33.44 -56.27
C PRO C 313 10.13 34.62 -56.64
N GLY C 314 8.95 34.66 -56.00
CA GLY C 314 7.84 35.61 -56.25
C GLY C 314 7.09 35.35 -57.58
N VAL C 315 7.81 34.92 -58.63
CA VAL C 315 7.21 34.50 -59.91
C VAL C 315 6.24 33.36 -59.66
N THR C 316 4.97 33.63 -59.87
CA THR C 316 3.92 32.84 -59.23
C THR C 316 3.34 31.86 -60.23
N THR C 317 3.25 30.63 -59.76
CA THR C 317 2.42 29.59 -60.35
C THR C 317 0.96 29.98 -60.11
N LYS C 318 0.35 29.60 -58.98
CA LYS C 318 -0.95 30.10 -58.55
C LYS C 318 -0.73 31.05 -57.40
N GLU C 319 -1.27 32.25 -57.48
CA GLU C 319 -1.52 33.03 -56.26
C GLU C 319 -2.92 32.65 -55.80
N TYR C 320 -3.03 32.30 -54.54
CA TYR C 320 -4.25 31.76 -53.97
C TYR C 320 -5.16 32.84 -53.42
N LYS C 321 -6.45 32.54 -53.35
CA LYS C 321 -7.51 33.49 -53.01
C LYS C 321 -7.98 33.20 -51.58
N GLN C 322 -8.00 34.26 -50.75
CA GLN C 322 -8.17 34.16 -49.31
C GLN C 322 -9.65 34.00 -48.90
N GLY C 323 -9.99 32.83 -48.37
CA GLY C 323 -11.34 32.37 -48.06
C GLY C 323 -11.89 31.38 -49.09
N GLU C 324 -11.11 31.04 -50.12
CA GLU C 324 -11.56 30.24 -51.25
C GLU C 324 -10.60 29.08 -51.53
N ASP C 325 -9.33 29.41 -51.67
CA ASP C 325 -8.24 28.49 -51.86
C ASP C 325 -7.66 28.15 -50.48
N PHE C 326 -6.83 29.06 -49.96
CA PHE C 326 -6.51 29.14 -48.55
C PHE C 326 -7.47 30.09 -47.83
N ARG C 327 -7.38 30.15 -46.51
CA ARG C 327 -7.76 31.29 -45.67
C ARG C 327 -6.65 31.48 -44.64
N LEU C 328 -6.54 32.64 -44.01
CA LEU C 328 -5.82 32.71 -42.74
C LEU C 328 -6.62 31.96 -41.67
N THR C 329 -5.94 31.21 -40.82
CA THR C 329 -6.51 30.57 -39.64
C THR C 329 -5.56 30.79 -38.45
N ASP C 330 -6.02 30.69 -37.21
CA ASP C 330 -5.19 30.79 -35.98
C ASP C 330 -4.46 32.13 -35.73
N GLY C 331 -4.48 33.06 -36.68
CA GLY C 331 -3.39 34.03 -36.86
C GLY C 331 -2.01 33.37 -37.02
N GLN C 332 -1.98 32.06 -37.25
CA GLN C 332 -0.82 31.17 -37.14
C GLN C 332 -0.77 30.19 -38.32
N THR C 333 -1.76 30.16 -39.21
CA THR C 333 -1.77 29.20 -40.33
C THR C 333 -2.27 29.76 -41.65
N ILE C 334 -1.56 29.44 -42.74
CA ILE C 334 -2.19 29.40 -44.07
C ILE C 334 -2.97 28.08 -44.07
N ASP C 335 -4.20 28.11 -44.54
CA ASP C 335 -5.09 26.99 -44.31
C ASP C 335 -5.99 26.75 -45.51
N TRP C 336 -5.71 25.66 -46.20
CA TRP C 336 -6.33 25.26 -47.44
C TRP C 336 -7.69 24.59 -47.23
N SER C 337 -8.23 24.58 -46.01
CA SER C 337 -9.59 24.09 -45.75
C SER C 337 -10.73 24.84 -46.47
N PRO C 338 -10.54 26.00 -47.11
CA PRO C 338 -11.47 26.49 -48.12
C PRO C 338 -11.52 25.62 -49.39
N GLN C 339 -10.56 24.72 -49.58
CA GLN C 339 -10.62 23.61 -50.54
C GLN C 339 -10.66 24.02 -52.01
N GLY C 340 -10.36 25.27 -52.34
CA GLY C 340 -10.27 25.68 -53.73
C GLY C 340 -9.00 25.13 -54.37
N GLN C 341 -8.30 25.99 -55.11
CA GLN C 341 -6.92 25.71 -55.47
C GLN C 341 -6.10 25.53 -54.19
N GLU C 342 -5.06 24.70 -54.22
CA GLU C 342 -4.05 24.76 -53.15
C GLU C 342 -2.67 24.30 -53.66
N PRO C 343 -1.57 24.73 -53.02
CA PRO C 343 -0.36 23.94 -53.00
C PRO C 343 -0.76 22.67 -52.23
N SER C 344 -0.60 21.46 -52.77
CA SER C 344 -0.90 20.23 -52.02
C SER C 344 0.37 19.56 -51.45
N GLY C 345 0.19 18.57 -50.57
CA GLY C 345 1.20 18.01 -49.66
C GLY C 345 2.66 18.02 -50.19
N GLY C 346 3.52 18.78 -49.52
CA GLY C 346 4.95 18.89 -49.80
C GLY C 346 5.36 20.03 -50.75
N THR C 347 4.45 20.59 -51.55
CA THR C 347 4.77 21.71 -52.47
C THR C 347 5.38 22.89 -51.73
N SER C 348 6.53 23.38 -52.16
CA SER C 348 7.34 24.31 -51.37
C SER C 348 6.94 25.78 -51.51
N TYR C 349 5.64 26.07 -51.47
CA TYR C 349 5.10 27.40 -51.81
C TYR C 349 5.49 28.48 -50.79
N TYR C 350 5.08 29.71 -51.07
CA TYR C 350 5.48 30.91 -50.36
C TYR C 350 4.30 31.81 -49.97
N VAL C 351 4.61 32.67 -49.00
CA VAL C 351 3.67 33.39 -48.13
C VAL C 351 4.22 34.77 -47.79
N SER C 352 3.36 35.72 -47.48
CA SER C 352 3.74 37.08 -47.07
C SER C 352 2.61 37.73 -46.28
N TYR C 353 2.87 38.46 -45.17
CA TYR C 353 1.80 38.97 -44.29
C TYR C 353 2.22 40.01 -43.25
N LYS C 354 1.35 40.96 -42.84
CA LYS C 354 1.61 41.73 -41.62
C LYS C 354 1.27 40.88 -40.40
N TYR C 355 2.08 41.09 -39.37
CA TYR C 355 1.96 40.44 -38.08
C TYR C 355 2.27 41.43 -36.95
N ASN C 356 1.54 41.34 -35.85
CA ASN C 356 1.67 42.22 -34.69
C ASN C 356 2.86 41.75 -33.84
N LYS C 357 4.08 41.89 -34.36
CA LYS C 357 5.29 41.65 -33.58
C LYS C 357 5.23 42.52 -32.31
N ARG C 358 5.62 42.02 -31.14
CA ARG C 358 6.07 42.89 -30.03
C ARG C 358 7.37 43.58 -30.46
N MET C 359 7.29 44.81 -30.98
CA MET C 359 8.48 45.51 -31.43
C MET C 359 9.46 45.54 -30.25
N GLU C 360 10.64 44.96 -30.42
CA GLU C 360 11.36 44.39 -29.30
C GLU C 360 12.07 45.45 -28.46
N ALA C 361 12.10 45.20 -27.16
CA ALA C 361 12.46 46.16 -26.10
C ALA C 361 13.86 46.73 -26.35
N GLY C 362 13.92 47.97 -26.82
CA GLY C 362 15.15 48.65 -27.22
C GLY C 362 15.72 48.14 -28.55
N LYS C 363 15.55 46.84 -28.84
CA LYS C 363 16.01 46.18 -30.06
C LYS C 363 15.51 46.91 -31.30
N ASP C 364 14.21 47.13 -31.35
CA ASP C 364 13.56 47.77 -32.49
C ASP C 364 13.60 49.30 -32.36
N TYR C 365 14.15 49.83 -31.27
CA TYR C 365 14.21 51.26 -31.00
C TYR C 365 15.30 51.64 -30.00
N GLU C 366 16.31 52.33 -30.48
CA GLU C 366 17.02 53.24 -29.60
C GLU C 366 16.05 54.28 -29.00
N VAL C 367 16.45 55.05 -27.99
CA VAL C 367 15.53 55.99 -27.29
C VAL C 367 16.21 57.35 -27.09
N THR C 368 15.43 58.43 -27.13
CA THR C 368 15.93 59.79 -26.87
C THR C 368 14.98 60.56 -25.96
N THR C 369 15.39 61.69 -25.39
CA THR C 369 14.51 62.55 -24.56
C THR C 369 14.83 64.02 -24.76
N GLN C 370 13.81 64.87 -24.57
CA GLN C 370 13.88 66.31 -24.74
C GLN C 370 12.94 67.04 -23.73
N GLY C 371 13.30 68.23 -23.25
CA GLY C 371 12.59 68.98 -22.21
C GLY C 371 12.95 68.57 -20.75
N GLU C 372 12.25 69.12 -19.75
CA GLU C 372 12.62 69.00 -18.31
C GLU C 372 11.40 68.82 -17.37
N GLY C 373 11.49 67.99 -16.32
CA GLY C 373 10.37 67.67 -15.39
C GLY C 373 9.14 67.11 -16.11
N LEU C 374 7.92 67.53 -15.76
CA LEU C 374 6.70 67.22 -16.56
C LEU C 374 6.74 67.88 -17.97
N SER C 375 7.63 68.84 -18.22
CA SER C 375 7.91 69.42 -19.54
C SER C 375 8.98 68.62 -20.32
N LYS C 376 9.43 67.47 -19.82
CA LYS C 376 10.23 66.49 -20.59
C LYS C 376 9.35 65.58 -21.44
N LYS C 377 9.91 64.92 -22.45
CA LYS C 377 9.25 63.92 -23.29
C LYS C 377 10.31 62.86 -23.60
N TRP C 378 9.92 61.60 -23.68
CA TRP C 378 10.77 60.52 -24.18
C TRP C 378 10.40 60.22 -25.64
N TYR C 379 11.24 59.48 -26.36
CA TYR C 379 11.01 59.14 -27.76
C TYR C 379 11.61 57.77 -28.08
N ILE C 380 10.77 56.84 -28.49
CA ILE C 380 11.13 55.51 -28.98
C ILE C 380 11.61 55.69 -30.40
N ASN C 381 12.89 56.03 -30.55
CA ASN C 381 13.59 56.19 -31.81
C ASN C 381 13.79 54.85 -32.51
N PHE C 382 12.93 54.48 -33.46
CA PHE C 382 13.01 53.17 -34.12
C PHE C 382 14.34 52.88 -34.84
N THR C 383 15.01 51.85 -34.37
CA THR C 383 16.07 51.13 -35.06
C THR C 383 15.52 50.59 -36.38
N PRO C 384 16.30 50.56 -37.47
CA PRO C 384 15.83 50.04 -38.75
C PRO C 384 16.23 48.57 -39.02
N SER C 385 17.21 48.08 -38.26
CA SER C 385 18.02 46.89 -38.48
C SER C 385 17.28 45.55 -38.26
N ASN C 386 17.93 44.55 -37.66
CA ASN C 386 17.18 43.48 -36.98
C ASN C 386 16.30 44.03 -35.85
N GLY C 387 16.67 45.21 -35.33
CA GLY C 387 15.72 46.15 -34.73
C GLY C 387 14.66 46.51 -35.77
N ALA C 388 13.58 45.75 -35.77
CA ALA C 388 12.65 45.66 -36.89
C ALA C 388 11.71 46.86 -37.00
N LYS C 389 11.04 47.02 -38.15
CA LYS C 389 10.10 48.12 -38.42
C LYS C 389 8.76 47.60 -38.97
N PRO C 390 7.60 48.06 -38.47
CA PRO C 390 6.37 48.07 -39.26
C PRO C 390 6.55 48.91 -40.52
N ILE C 391 5.56 48.90 -41.40
CA ILE C 391 5.55 49.80 -42.56
C ILE C 391 5.09 51.19 -42.12
N ASP C 392 5.47 52.25 -42.82
CA ASP C 392 5.12 53.61 -42.41
C ASP C 392 3.60 53.74 -42.36
N GLN C 393 3.11 54.28 -41.25
CA GLN C 393 1.72 54.37 -40.88
C GLN C 393 0.98 53.02 -40.77
N THR C 394 1.64 51.97 -40.30
CA THR C 394 1.01 50.71 -39.81
C THR C 394 1.17 50.63 -38.29
N VAL C 395 0.19 50.14 -37.53
CA VAL C 395 0.04 50.43 -36.07
C VAL C 395 1.31 50.22 -35.22
N VAL C 396 1.57 51.14 -34.28
CA VAL C 396 2.47 50.93 -33.15
C VAL C 396 1.83 51.45 -31.85
N LEU C 397 1.96 50.69 -30.76
CA LEU C 397 1.45 51.03 -29.42
C LEU C 397 2.52 50.74 -28.38
N VAL C 398 2.63 51.59 -27.35
CA VAL C 398 3.72 51.64 -26.36
C VAL C 398 3.19 51.64 -24.91
N ASP C 399 3.95 51.09 -23.96
CA ASP C 399 3.68 51.11 -22.51
C ASP C 399 4.91 51.59 -21.69
N TYR C 400 4.70 52.33 -20.60
CA TYR C 400 5.73 52.86 -19.68
C TYR C 400 5.14 53.49 -18.38
N THR C 401 5.94 53.84 -17.36
CA THR C 401 5.53 54.87 -16.36
C THR C 401 6.42 56.09 -16.39
N TYR C 402 5.87 57.16 -15.85
CA TYR C 402 6.48 58.46 -15.66
C TYR C 402 6.00 59.09 -14.35
N TYR C 403 6.86 59.86 -13.69
CA TYR C 403 6.51 60.49 -12.43
C TYR C 403 5.45 61.58 -12.66
N LEU C 404 4.79 61.99 -11.58
CA LEU C 404 3.68 62.94 -11.53
C LEU C 404 4.01 64.12 -10.62
N ALA C 405 3.49 65.31 -10.88
CA ALA C 405 3.42 66.32 -9.83
C ALA C 405 2.39 65.89 -8.77
N ARG C 406 2.33 66.64 -7.67
CA ARG C 406 1.35 66.46 -6.60
C ARG C 406 1.08 67.83 -5.95
N LYS C 407 -0.19 68.29 -5.91
CA LYS C 407 -0.46 69.72 -5.67
C LYS C 407 -0.56 70.01 -4.18
N ASP C 408 0.61 69.95 -3.59
CA ASP C 408 0.85 70.06 -2.16
C ASP C 408 0.65 71.50 -1.62
N SER C 409 0.43 71.66 -0.31
CA SER C 409 0.38 72.95 0.38
C SER C 409 0.71 72.82 1.86
N VAL C 410 1.53 73.70 2.43
CA VAL C 410 1.42 74.04 3.85
C VAL C 410 0.04 74.64 4.11
N PHE C 411 -0.82 73.87 4.79
CA PHE C 411 -2.12 74.32 5.27
C PHE C 411 -1.97 74.52 6.78
N ILE C 412 -2.39 75.68 7.28
CA ILE C 412 -1.86 76.23 8.53
C ILE C 412 -2.94 76.98 9.33
N ASN C 413 -2.94 76.87 10.66
CA ASN C 413 -4.16 77.06 11.47
C ASN C 413 -4.20 78.21 12.51
N LYS C 414 -5.17 78.15 13.45
CA LYS C 414 -5.51 79.10 14.56
C LYS C 414 -4.39 79.55 15.51
N TYR C 415 -3.26 78.84 15.57
CA TYR C 415 -2.00 79.38 16.11
C TYR C 415 -0.87 79.38 15.08
N GLY C 416 -1.06 78.66 13.97
CA GLY C 416 -0.11 78.43 12.89
C GLY C 416 0.48 77.02 12.89
N ASP C 417 -0.12 76.09 13.61
CA ASP C 417 0.23 74.67 13.48
C ASP C 417 -0.19 74.18 12.09
N ILE C 418 0.57 73.22 11.55
CA ILE C 418 0.57 72.92 10.11
C ILE C 418 0.01 71.52 9.85
N ALA C 419 -1.02 71.44 9.01
CA ALA C 419 -1.49 70.24 8.31
C ALA C 419 -1.02 70.27 6.84
N ILE C 420 0.22 69.83 6.50
CA ILE C 420 0.68 69.83 5.09
C ILE C 420 -0.26 68.88 4.29
N LEU C 421 -0.89 69.44 3.27
CA LEU C 421 -1.55 68.77 2.16
C LEU C 421 -0.50 68.17 1.23
N PRO C 422 -0.37 66.84 1.06
CA PRO C 422 0.13 66.31 -0.20
C PRO C 422 -1.07 66.38 -1.16
N GLY C 423 -0.97 67.04 -2.32
CA GLY C 423 -2.09 67.14 -3.25
C GLY C 423 -2.46 65.76 -3.85
N GLU C 424 -3.49 65.71 -4.68
CA GLU C 424 -3.74 64.47 -5.44
C GLU C 424 -2.75 64.35 -6.61
N PRO C 425 -2.08 63.21 -6.84
CA PRO C 425 -0.89 63.17 -7.70
C PRO C 425 -1.27 62.91 -9.16
N ASN C 426 -0.76 63.75 -10.05
CA ASN C 426 -1.17 63.89 -11.44
C ASN C 426 -0.11 64.65 -12.24
N ILE C 427 -0.24 64.65 -13.56
CA ILE C 427 0.34 65.74 -14.36
C ILE C 427 -0.40 67.05 -14.07
N MET C 428 0.16 68.19 -14.49
CA MET C 428 -0.33 69.53 -14.14
C MET C 428 -1.80 69.78 -14.49
N ARG C 429 -2.34 69.06 -15.47
CA ARG C 429 -3.76 69.13 -15.86
C ARG C 429 -4.73 68.94 -14.70
N LEU C 430 -4.45 67.96 -13.83
CA LEU C 430 -5.39 67.53 -12.78
C LEU C 430 -4.89 67.64 -11.36
N VAL C 431 -3.59 67.87 -11.18
CA VAL C 431 -2.99 68.01 -9.85
C VAL C 431 -3.72 69.13 -9.05
N THR C 432 -4.33 68.82 -7.88
CA THR C 432 -5.46 69.56 -7.21
C THR C 432 -5.36 71.09 -6.99
N PRO C 433 -6.10 71.93 -7.74
CA PRO C 433 -5.99 73.39 -7.72
C PRO C 433 -6.73 74.08 -6.54
N PRO C 434 -6.35 75.32 -6.13
CA PRO C 434 -6.80 75.94 -4.87
C PRO C 434 -8.28 76.43 -4.79
N LEU C 435 -9.13 75.53 -4.33
CA LEU C 435 -10.46 75.73 -3.74
C LEU C 435 -10.46 74.59 -2.69
N ASN C 436 -10.37 74.86 -1.37
CA ASN C 436 -10.22 73.80 -0.32
C ASN C 436 -11.16 73.92 0.90
N THR C 437 -11.49 72.77 1.53
CA THR C 437 -12.61 72.59 2.48
C THR C 437 -12.24 72.54 3.96
N ASP C 438 -10.98 72.73 4.37
CA ASP C 438 -10.62 72.81 5.79
C ASP C 438 -10.91 74.21 6.38
N PRO C 439 -11.77 74.35 7.42
CA PRO C 439 -11.92 75.60 8.16
C PRO C 439 -10.77 75.90 9.15
N GLU C 440 -10.04 74.89 9.65
CA GLU C 440 -8.95 75.10 10.62
C GLU C 440 -7.68 75.62 9.97
N ASN C 441 -7.37 75.16 8.75
CA ASN C 441 -6.13 75.45 8.01
C ASN C 441 -6.35 76.36 6.78
N LEU C 442 -5.41 77.26 6.51
CA LEU C 442 -5.53 78.39 5.57
C LEU C 442 -5.17 78.11 4.09
N GLN C 443 -6.04 78.50 3.14
CA GLN C 443 -5.78 78.50 1.68
C GLN C 443 -4.81 79.62 1.26
N LEU C 444 -3.52 79.45 1.56
CA LEU C 444 -2.44 80.33 1.14
C LEU C 444 -2.19 80.25 -0.39
N GLY C 445 -1.71 79.09 -0.84
CA GLY C 445 -1.24 78.78 -2.19
C GLY C 445 -0.84 77.30 -2.28
N THR C 446 0.08 76.91 -3.17
CA THR C 446 0.52 75.49 -3.29
C THR C 446 2.04 75.32 -3.43
N VAL C 447 2.57 74.36 -2.67
CA VAL C 447 3.94 73.80 -2.63
C VAL C 447 4.18 72.79 -3.77
N THR C 448 3.11 72.17 -4.30
CA THR C 448 3.06 71.51 -5.63
C THR C 448 4.16 70.48 -5.97
N VAL C 449 4.65 69.75 -4.97
CA VAL C 449 5.70 68.73 -5.07
C VAL C 449 5.84 68.04 -6.45
N LEU C 450 6.95 68.31 -7.14
CA LEU C 450 7.20 67.86 -8.53
C LEU C 450 7.35 66.34 -8.74
N PRO C 451 7.20 65.85 -9.99
CA PRO C 451 7.60 64.50 -10.40
C PRO C 451 9.01 64.21 -9.93
N ASP C 452 9.18 63.05 -9.31
CA ASP C 452 10.47 62.55 -8.84
C ASP C 452 11.16 63.52 -7.86
N SER C 453 10.43 64.51 -7.32
CA SER C 453 11.00 65.74 -6.76
C SER C 453 10.01 66.52 -5.85
N ASP C 454 10.17 67.85 -5.70
CA ASP C 454 9.80 68.65 -4.50
C ASP C 454 9.06 69.99 -4.75
N GLU C 455 9.02 70.54 -5.96
CA GLU C 455 8.91 72.00 -6.11
C GLU C 455 7.61 72.66 -6.59
N ALA C 456 7.37 73.92 -6.17
CA ALA C 456 6.11 74.66 -6.23
C ALA C 456 5.71 75.27 -7.61
N VAL C 457 4.41 75.25 -7.96
CA VAL C 457 3.73 75.95 -9.10
C VAL C 457 2.25 76.19 -8.76
N CYS C 458 1.72 77.41 -8.94
CA CYS C 458 0.33 77.78 -8.57
C CYS C 458 -0.36 78.70 -9.60
N ILE C 459 -0.12 78.50 -10.90
CA ILE C 459 -0.80 79.24 -11.96
C ILE C 459 -2.25 78.72 -12.03
N SER C 460 -3.10 79.20 -11.13
CA SER C 460 -4.33 78.51 -10.71
C SER C 460 -5.30 79.47 -10.02
N PHE C 461 -6.58 79.08 -9.86
CA PHE C 461 -7.53 79.84 -9.04
C PHE C 461 -7.17 79.84 -7.53
N ALA C 462 -7.76 80.76 -6.77
CA ALA C 462 -7.35 81.09 -5.40
C ALA C 462 -8.43 81.92 -4.66
N ILE C 463 -8.31 82.07 -3.33
CA ILE C 463 -9.20 82.84 -2.43
C ILE C 463 -8.33 83.60 -1.38
N THR C 464 -8.75 84.79 -0.90
CA THR C 464 -8.04 85.60 0.15
C THR C 464 -8.99 86.58 0.88
N ARG C 465 -8.69 86.96 2.15
CA ARG C 465 -9.49 87.90 2.99
C ARG C 465 -9.71 89.26 2.31
N LEU C 466 -10.92 89.82 2.42
CA LEU C 466 -11.37 91.06 1.71
C LEU C 466 -10.95 91.14 0.23
N SER C 467 -10.63 89.99 -0.36
CA SER C 467 -9.70 89.84 -1.47
C SER C 467 -8.62 90.92 -1.58
N MET C 468 -7.68 90.95 -0.63
CA MET C 468 -6.37 91.61 -0.81
C MET C 468 -5.69 91.16 -2.10
N GLU C 469 -5.98 89.93 -2.52
CA GLU C 469 -5.69 89.39 -3.84
C GLU C 469 -6.29 90.25 -4.97
N ASP C 470 -7.60 90.53 -4.99
CA ASP C 470 -8.23 91.42 -5.99
C ASP C 470 -7.64 92.83 -5.94
N LEU C 471 -7.41 93.34 -4.75
CA LEU C 471 -6.79 94.65 -4.55
C LEU C 471 -5.36 94.67 -5.09
N GLN C 472 -4.67 93.55 -4.99
CA GLN C 472 -3.43 93.34 -5.72
C GLN C 472 -3.66 93.15 -7.23
N LYS C 473 -4.72 92.49 -7.71
CA LYS C 473 -5.00 92.44 -9.16
C LYS C 473 -5.11 93.83 -9.75
N VAL C 474 -5.76 94.77 -9.06
CA VAL C 474 -5.81 96.16 -9.52
C VAL C 474 -4.40 96.76 -9.64
N LYS C 475 -3.57 96.66 -8.59
CA LYS C 475 -2.16 97.07 -8.65
C LYS C 475 -1.42 96.36 -9.79
N THR C 476 -1.64 95.06 -9.95
CA THR C 476 -1.02 94.26 -11.01
C THR C 476 -1.42 94.75 -12.39
N ARG C 477 -2.71 95.02 -12.65
CA ARG C 477 -3.13 95.61 -13.92
C ARG C 477 -2.67 97.06 -14.05
N VAL C 478 -2.32 97.75 -12.97
CA VAL C 478 -1.60 99.02 -13.04
C VAL C 478 -0.11 98.83 -13.31
N ASP C 479 0.46 97.70 -12.95
CA ASP C 479 1.77 97.29 -13.46
C ASP C 479 1.68 96.95 -14.95
N ASN C 480 0.63 96.27 -15.42
CA ASN C 480 0.41 96.12 -16.85
C ASN C 480 0.22 97.49 -17.52
N LEU C 481 -0.57 98.37 -16.91
CA LEU C 481 -0.72 99.75 -17.32
C LEU C 481 0.64 100.44 -17.35
N GLU C 482 1.61 100.06 -16.51
CA GLU C 482 3.01 100.51 -16.55
C GLU C 482 3.84 99.82 -17.64
N TYR C 483 3.61 98.55 -18.01
CA TYR C 483 4.21 98.02 -19.23
C TYR C 483 3.75 98.89 -20.39
N ASN C 484 2.44 99.13 -20.45
CA ASN C 484 1.77 99.91 -21.47
C ASN C 484 2.17 101.40 -21.40
N GLN C 485 2.44 101.94 -20.21
CA GLN C 485 3.00 103.27 -20.04
C GLN C 485 4.42 103.33 -20.59
N ALA C 486 5.28 102.38 -20.28
CA ALA C 486 6.63 102.34 -20.83
C ALA C 486 6.59 102.20 -22.36
N VAL C 487 5.76 101.29 -22.88
CA VAL C 487 5.49 101.18 -24.31
C VAL C 487 5.01 102.51 -24.91
N ASN C 488 4.08 103.22 -24.28
CA ASN C 488 3.60 104.47 -24.86
C ASN C 488 4.66 105.58 -24.74
N ALA C 489 5.18 105.86 -23.54
CA ALA C 489 6.16 106.92 -23.30
C ALA C 489 7.48 106.70 -24.03
N LEU C 490 7.89 105.44 -24.21
CA LEU C 490 9.16 105.10 -24.84
C LEU C 490 9.01 104.61 -26.28
N ASP C 491 7.95 103.87 -26.62
CA ASP C 491 7.79 103.30 -27.96
C ASP C 491 6.91 104.18 -28.87
N ASP C 492 5.84 104.81 -28.38
CA ASP C 492 5.29 105.98 -29.10
C ASP C 492 6.28 107.15 -29.03
N GLY C 493 7.08 107.23 -27.94
CA GLY C 493 8.27 108.06 -27.80
C GLY C 493 9.23 107.90 -28.99
N ALA C 494 9.36 106.67 -29.46
CA ALA C 494 10.15 106.24 -30.61
C ALA C 494 9.40 106.34 -31.98
N MET C 495 8.08 106.60 -32.02
CA MET C 495 7.23 106.80 -33.20
C MET C 495 7.42 105.85 -34.39
N GLU C 496 8.09 106.30 -35.45
CA GLU C 496 7.94 105.81 -36.83
C GLU C 496 6.44 105.72 -37.23
N GLY C 497 5.63 106.68 -36.71
CA GLY C 497 4.16 106.64 -36.60
C GLY C 497 3.36 107.87 -37.13
N GLN C 498 2.09 108.06 -36.73
CA GLN C 498 1.17 109.06 -37.33
C GLN C 498 1.26 108.95 -38.86
N ASN C 499 1.25 110.08 -39.56
CA ASN C 499 1.92 110.23 -40.84
C ASN C 499 3.11 111.06 -40.33
N PRO C 500 4.35 110.53 -40.27
CA PRO C 500 5.44 110.88 -39.36
C PRO C 500 5.22 111.99 -38.34
N LEU C 501 5.16 113.25 -38.76
CA LEU C 501 4.80 114.36 -37.89
C LEU C 501 3.95 115.43 -38.62
N THR C 502 2.95 115.01 -39.40
CA THR C 502 1.95 115.92 -39.99
C THR C 502 1.33 116.77 -38.90
N LEU C 503 0.64 116.12 -37.97
CA LEU C 503 0.41 116.64 -36.63
C LEU C 503 1.78 116.93 -36.01
N ARG C 504 2.02 118.20 -35.68
CA ARG C 504 3.16 118.75 -34.97
C ARG C 504 3.09 118.55 -33.45
N SER C 505 1.92 118.83 -32.85
CA SER C 505 1.75 118.92 -31.39
C SER C 505 0.27 118.88 -30.95
N VAL C 506 -0.02 118.72 -29.65
CA VAL C 506 -1.39 118.63 -29.07
C VAL C 506 -1.53 119.41 -27.75
N PHE C 507 -2.70 120.01 -27.54
CA PHE C 507 -3.20 120.57 -26.28
C PHE C 507 -4.52 119.90 -25.91
N SER C 508 -4.79 119.70 -24.62
CA SER C 508 -6.04 119.09 -24.12
C SER C 508 -6.57 119.78 -22.86
N GLU C 509 -7.89 119.68 -22.63
CA GLU C 509 -8.59 120.29 -21.51
C GLU C 509 -9.87 119.51 -21.24
N GLY C 510 -9.97 118.92 -20.05
CA GLY C 510 -11.21 118.32 -19.55
C GLY C 510 -12.19 119.35 -18.98
N PHE C 511 -11.83 120.63 -18.95
CA PHE C 511 -12.43 121.63 -18.09
C PHE C 511 -12.24 121.22 -16.63
N ILE C 512 -10.97 120.98 -16.28
CA ILE C 512 -10.57 120.53 -14.94
C ILE C 512 -9.28 121.18 -14.39
N SER C 513 -8.31 121.61 -15.22
CA SER C 513 -6.93 121.83 -14.71
C SER C 513 -6.52 123.31 -14.59
N LEU C 514 -5.99 123.70 -13.42
CA LEU C 514 -5.58 125.10 -13.14
C LEU C 514 -4.49 125.62 -14.11
N ASP C 515 -3.66 124.73 -14.62
CA ASP C 515 -2.55 125.04 -15.51
C ASP C 515 -2.99 125.17 -16.97
N LYS C 516 -4.13 124.59 -17.38
CA LYS C 516 -4.64 124.76 -18.76
C LYS C 516 -5.79 125.76 -18.83
N ALA C 517 -6.51 126.00 -17.74
CA ALA C 517 -7.34 127.20 -17.59
C ALA C 517 -6.47 128.46 -17.77
N ASP C 518 -6.79 129.35 -18.70
CA ASP C 518 -6.31 130.73 -18.66
C ASP C 518 -7.25 131.70 -17.94
N ILE C 519 -7.32 131.55 -16.63
CA ILE C 519 -7.87 132.57 -15.74
C ILE C 519 -7.11 133.91 -15.81
N THR C 520 -5.88 133.96 -16.33
CA THR C 520 -5.15 135.23 -16.53
C THR C 520 -5.70 136.00 -17.72
N HIS C 521 -6.50 135.33 -18.56
CA HIS C 521 -7.58 135.92 -19.35
C HIS C 521 -8.86 135.88 -18.47
N PRO C 522 -9.09 136.84 -17.56
CA PRO C 522 -10.24 136.82 -16.65
C PRO C 522 -11.59 136.94 -17.37
N ASP C 523 -11.52 137.12 -18.69
CA ASP C 523 -12.50 136.73 -19.71
C ASP C 523 -13.18 135.39 -19.43
N PHE C 524 -12.51 134.52 -18.67
CA PHE C 524 -12.90 133.26 -18.03
C PHE C 524 -14.17 133.36 -17.15
N GLY C 525 -15.27 133.91 -17.67
CA GLY C 525 -16.63 133.95 -17.08
C GLY C 525 -17.31 132.58 -17.05
N ILE C 526 -16.57 131.52 -16.73
CA ILE C 526 -16.95 130.10 -16.82
C ILE C 526 -16.50 129.37 -15.54
N VAL C 527 -17.08 128.21 -15.23
CA VAL C 527 -16.79 127.42 -14.00
C VAL C 527 -16.65 125.94 -14.29
N PHE C 528 -15.51 125.38 -13.93
CA PHE C 528 -15.17 123.97 -14.13
C PHE C 528 -16.06 123.02 -13.30
N SER C 529 -16.07 121.75 -13.68
CA SER C 529 -16.33 120.62 -12.79
C SER C 529 -15.25 119.57 -13.02
N PHE C 530 -14.52 119.27 -11.94
CA PHE C 530 -13.13 118.83 -11.98
C PHE C 530 -12.91 117.32 -12.09
N GLU C 531 -13.92 116.52 -11.75
CA GLU C 531 -13.94 115.09 -12.07
C GLU C 531 -15.15 114.72 -12.92
N ASP C 532 -16.18 115.57 -13.01
CA ASP C 532 -17.17 115.46 -14.10
C ASP C 532 -16.55 115.75 -15.47
N ALA C 533 -15.48 116.57 -15.50
CA ALA C 533 -14.83 117.08 -16.70
C ALA C 533 -15.81 117.85 -17.61
N GLU C 534 -16.20 119.04 -17.15
CA GLU C 534 -17.13 119.93 -17.84
C GLU C 534 -16.89 121.38 -17.42
N ALA C 535 -17.35 122.34 -18.23
CA ALA C 535 -17.63 123.69 -17.74
C ALA C 535 -18.97 124.23 -18.25
N THR C 536 -19.42 125.29 -17.60
CA THR C 536 -20.48 126.16 -18.08
C THR C 536 -20.19 127.62 -17.68
N LEU C 537 -21.12 128.52 -17.95
CA LEU C 537 -21.06 129.93 -17.56
C LEU C 537 -20.91 130.08 -16.04
N ALA C 538 -20.07 131.03 -15.60
CA ALA C 538 -19.80 131.32 -14.18
C ALA C 538 -21.05 131.84 -13.48
N TYR C 539 -21.12 131.63 -12.17
CA TYR C 539 -22.33 131.96 -11.42
C TYR C 539 -22.09 132.83 -10.18
N THR C 540 -22.73 133.99 -10.18
CA THR C 540 -23.02 134.86 -9.05
C THR C 540 -23.62 134.09 -7.88
N GLU C 541 -22.86 133.97 -6.80
CA GLU C 541 -23.30 133.36 -5.55
C GLU C 541 -24.27 134.28 -4.78
N ALA C 542 -25.47 134.49 -5.35
CA ALA C 542 -26.60 135.25 -4.79
C ALA C 542 -27.27 134.58 -3.57
N VAL C 543 -26.51 134.20 -2.54
CA VAL C 543 -26.92 133.39 -1.38
C VAL C 543 -28.26 133.83 -0.76
N ASN C 544 -29.09 132.86 -0.38
CA ASN C 544 -30.07 133.02 0.69
C ASN C 544 -29.69 132.18 1.89
N GLN C 545 -29.50 132.81 3.05
CA GLN C 545 -29.76 132.14 4.32
C GLN C 545 -31.26 132.36 4.65
N PRO C 546 -32.16 131.35 4.53
CA PRO C 546 -33.60 131.49 4.80
C PRO C 546 -33.93 132.15 6.16
N LYS C 547 -35.03 132.90 6.21
CA LYS C 547 -35.39 133.78 7.34
C LYS C 547 -36.78 133.43 7.84
N ILE C 548 -37.05 133.49 9.13
CA ILE C 548 -38.18 132.75 9.72
C ILE C 548 -39.44 133.61 9.84
N ILE C 549 -40.59 133.09 9.38
CA ILE C 549 -41.91 133.58 9.81
C ILE C 549 -42.18 132.98 11.20
N PRO C 550 -42.33 133.78 12.28
CA PRO C 550 -42.19 133.31 13.67
C PRO C 550 -43.03 132.13 14.17
N GLY C 551 -44.28 132.30 14.58
CA GLY C 551 -45.10 131.20 15.13
C GLY C 551 -45.47 130.16 14.08
N ASP C 552 -45.53 130.61 12.83
CA ASP C 552 -45.69 129.83 11.60
C ASP C 552 -44.57 128.78 11.47
N THR C 553 -43.34 129.17 11.77
CA THR C 553 -42.26 128.25 12.13
C THR C 553 -42.50 127.72 13.54
N THR C 554 -43.40 126.74 13.70
CA THR C 554 -43.69 126.13 15.00
C THR C 554 -42.48 125.46 15.67
N ALA C 555 -41.40 125.17 14.93
CA ALA C 555 -40.13 124.72 15.51
C ALA C 555 -39.58 125.65 16.63
N HIS C 556 -39.33 125.10 17.82
CA HIS C 556 -38.66 125.80 18.90
C HIS C 556 -37.16 125.91 18.60
N ILE C 557 -36.64 127.13 18.57
CA ILE C 557 -35.21 127.39 18.36
C ILE C 557 -34.47 127.37 19.71
N TRP C 558 -33.23 126.87 19.70
CA TRP C 558 -32.38 126.64 20.87
C TRP C 558 -30.95 127.07 20.55
N GLY C 559 -30.59 128.29 20.95
CA GLY C 559 -29.31 128.90 20.59
C GLY C 559 -29.11 128.83 19.07
N ARG C 560 -27.97 128.28 18.64
CA ARG C 560 -27.59 128.17 17.23
C ARG C 560 -28.38 127.12 16.44
N LEU C 561 -29.09 126.19 17.08
CA LEU C 561 -29.78 125.05 16.46
C LEU C 561 -31.32 125.08 16.67
N ILE C 562 -32.10 124.39 15.83
CA ILE C 562 -33.56 124.52 15.70
C ILE C 562 -34.27 123.16 15.81
N SER C 563 -35.33 123.05 16.60
CA SER C 563 -36.02 121.79 16.94
C SER C 563 -37.54 121.95 16.85
N ALA C 564 -38.34 120.89 16.86
CA ALA C 564 -39.80 121.01 16.80
C ALA C 564 -40.40 121.90 17.90
N PRO C 565 -41.70 122.27 17.81
CA PRO C 565 -42.43 122.68 19.00
C PRO C 565 -42.37 121.53 20.02
N PHE C 566 -42.27 121.85 21.31
CA PHE C 566 -42.32 120.87 22.38
C PHE C 566 -43.07 121.41 23.59
N THR C 567 -43.40 120.46 24.46
CA THR C 567 -43.90 120.65 25.81
C THR C 567 -42.75 120.34 26.77
N GLU C 568 -42.41 121.28 27.64
CA GLU C 568 -41.26 121.17 28.56
C GLU C 568 -41.68 120.28 29.75
N GLU C 569 -41.17 119.04 29.76
CA GLU C 569 -41.81 117.89 30.41
C GLU C 569 -40.94 117.27 31.52
N ARG C 570 -41.47 117.26 32.75
CA ARG C 570 -40.85 116.87 34.04
C ARG C 570 -40.54 115.38 34.15
N THR C 571 -39.67 114.89 33.28
CA THR C 571 -39.35 113.45 33.15
C THR C 571 -38.90 112.76 34.43
N ILE C 572 -38.15 113.47 35.28
CA ILE C 572 -37.45 112.91 36.43
C ILE C 572 -37.81 113.74 37.65
N TYR C 573 -38.03 113.12 38.80
CA TYR C 573 -37.95 113.82 40.07
C TYR C 573 -37.59 112.86 41.20
N GLN C 574 -36.31 112.57 41.34
CA GLN C 574 -35.80 112.08 42.61
C GLN C 574 -35.77 113.28 43.57
N GLY C 575 -36.94 113.57 44.13
CA GLY C 575 -37.11 114.66 45.07
C GLY C 575 -36.48 114.39 46.43
N GLN C 576 -35.84 113.24 46.63
CA GLN C 576 -35.16 112.86 47.87
C GLN C 576 -34.01 113.81 48.24
N ALA C 577 -33.90 114.23 49.50
CA ALA C 577 -32.77 114.97 50.08
C ALA C 577 -32.86 114.85 51.61
N SER C 578 -31.78 115.14 52.33
CA SER C 578 -31.75 115.24 53.78
C SER C 578 -30.77 116.30 54.34
N GLU C 579 -29.93 116.93 53.51
CA GLU C 579 -29.02 118.01 53.92
C GLU C 579 -28.69 118.99 52.78
N THR C 580 -28.36 120.24 53.12
CA THR C 580 -27.74 121.18 52.18
C THR C 580 -26.29 120.73 51.93
N LEU C 581 -25.67 121.12 50.80
CA LEU C 581 -24.23 120.91 50.60
C LEU C 581 -23.54 122.00 49.78
N ASN C 582 -22.53 122.60 50.41
CA ASN C 582 -21.50 123.49 49.86
C ASN C 582 -20.89 122.98 48.54
N VAL C 583 -20.90 123.81 47.50
CA VAL C 583 -20.68 123.44 46.10
C VAL C 583 -19.25 123.68 45.60
N ASN C 584 -18.43 124.43 46.35
CA ASN C 584 -16.98 124.33 46.23
C ASN C 584 -16.37 124.50 47.62
N PRO C 585 -16.28 123.44 48.44
CA PRO C 585 -15.77 123.55 49.80
C PRO C 585 -14.27 123.88 49.83
N TYR C 586 -13.54 123.45 48.80
CA TYR C 586 -12.15 123.83 48.56
C TYR C 586 -12.04 125.33 48.21
N ASN C 587 -13.13 125.91 47.69
CA ASN C 587 -13.35 127.27 47.21
C ASN C 587 -12.31 127.76 46.17
N ILE C 588 -11.73 126.84 45.39
CA ILE C 588 -10.64 127.14 44.45
C ILE C 588 -11.16 127.18 42.99
N PRO C 589 -10.96 128.30 42.27
CA PRO C 589 -11.58 128.58 40.99
C PRO C 589 -10.62 128.43 39.79
N ASN C 590 -11.18 128.57 38.59
CA ASN C 590 -10.54 129.07 37.36
C ASN C 590 -11.63 129.83 36.58
N LYS C 591 -11.33 130.98 35.97
CA LYS C 591 -12.37 131.81 35.31
C LYS C 591 -12.59 131.48 33.82
N GLN C 592 -12.83 130.20 33.51
CA GLN C 592 -13.44 129.82 32.24
C GLN C 592 -14.91 130.25 32.26
N GLY C 593 -15.22 131.39 31.65
CA GLY C 593 -16.58 131.81 31.33
C GLY C 593 -17.19 131.01 30.15
N VAL C 594 -18.36 131.40 29.67
CA VAL C 594 -19.23 130.68 28.68
C VAL C 594 -19.63 131.61 27.52
N LEU C 595 -19.54 131.18 26.26
CA LEU C 595 -19.60 132.11 25.12
C LEU C 595 -20.26 131.52 23.86
N LYS C 596 -20.93 132.38 23.08
CA LYS C 596 -21.57 132.09 21.79
C LYS C 596 -21.02 132.98 20.69
N LEU C 597 -20.52 132.42 19.61
CA LEU C 597 -20.57 133.12 18.34
C LEU C 597 -22.01 133.11 17.85
N THR C 598 -22.36 134.13 17.09
CA THR C 598 -23.74 134.53 16.85
C THR C 598 -23.77 135.26 15.49
N PRO C 599 -23.71 134.61 14.29
CA PRO C 599 -23.75 133.17 13.95
C PRO C 599 -22.50 132.35 14.29
N SER C 600 -22.64 131.01 14.31
CA SER C 600 -21.65 130.03 14.82
C SER C 600 -21.49 128.78 13.92
N GLU C 601 -22.06 128.81 12.71
CA GLU C 601 -21.96 127.81 11.62
C GLU C 601 -22.15 128.54 10.27
N ASP C 602 -21.97 127.91 9.10
CA ASP C 602 -22.20 128.61 7.82
C ASP C 602 -22.54 127.75 6.58
N ASN C 603 -23.34 128.30 5.66
CA ASN C 603 -23.28 127.96 4.23
C ASN C 603 -23.24 129.27 3.46
N TRP C 604 -22.34 129.30 2.47
CA TRP C 604 -21.81 130.46 1.77
C TRP C 604 -21.03 129.97 0.54
N ILE C 605 -20.51 130.88 -0.29
CA ILE C 605 -19.30 130.61 -1.06
C ILE C 605 -18.31 131.74 -0.80
N ASP C 606 -17.03 131.39 -0.69
CA ASP C 606 -15.92 132.34 -0.70
C ASP C 606 -15.01 131.93 -1.86
N THR C 607 -14.44 132.92 -2.52
CA THR C 607 -14.06 132.84 -3.94
C THR C 607 -12.72 133.51 -4.20
N GLU C 608 -11.69 132.68 -4.42
CA GLU C 608 -10.53 133.05 -5.25
C GLU C 608 -10.97 133.22 -6.72
N ASN C 609 -12.00 132.48 -7.14
CA ASN C 609 -12.62 132.49 -8.48
C ASN C 609 -12.89 133.93 -8.99
N LEU C 678 -11.21 116.59 -7.48
CA LEU C 678 -12.34 115.68 -7.14
C LEU C 678 -13.69 116.44 -7.17
N GLU C 679 -14.72 116.07 -6.41
CA GLU C 679 -15.83 116.98 -6.00
C GLU C 679 -15.71 117.25 -4.48
N GLU C 680 -15.63 118.52 -4.09
CA GLU C 680 -14.92 118.92 -2.87
C GLU C 680 -15.60 120.06 -2.10
N MET C 681 -15.37 120.13 -0.79
CA MET C 681 -15.83 121.25 0.06
C MET C 681 -15.08 122.56 -0.29
N ILE C 682 -15.29 123.64 0.48
CA ILE C 682 -14.91 125.01 0.09
C ILE C 682 -13.54 125.43 0.70
N GLU C 683 -12.65 126.00 -0.14
CA GLU C 683 -11.28 126.40 0.22
C GLU C 683 -11.21 127.43 1.37
N PHE C 684 -12.23 128.27 1.50
CA PHE C 684 -12.28 129.35 2.47
C PHE C 684 -13.66 129.42 3.15
N ILE C 685 -13.77 129.55 4.47
CA ILE C 685 -14.97 130.19 5.06
C ILE C 685 -14.90 131.68 4.76
N ARG C 686 -16.03 132.30 4.37
CA ARG C 686 -16.11 133.75 4.16
C ARG C 686 -15.72 134.59 5.38
N ILE C 687 -15.31 135.82 5.13
CA ILE C 687 -15.17 136.90 6.12
C ILE C 687 -16.59 137.39 6.56
N ARG C 688 -17.39 136.53 7.22
CA ARG C 688 -18.74 136.87 7.77
C ARG C 688 -18.61 137.72 9.04
N ASP C 689 -19.52 138.68 9.27
CA ASP C 689 -19.64 139.31 10.59
C ASP C 689 -20.32 138.37 11.59
N VAL C 690 -19.69 138.21 12.74
CA VAL C 690 -20.09 137.31 13.81
C VAL C 690 -20.28 138.13 15.06
N SER C 691 -21.54 138.35 15.46
CA SER C 691 -21.82 138.85 16.80
C SER C 691 -21.49 137.79 17.85
N PHE C 692 -21.45 138.17 19.12
CA PHE C 692 -21.19 137.23 20.20
C PHE C 692 -21.76 137.72 21.54
N GLU C 693 -21.84 136.76 22.47
CA GLU C 693 -21.97 137.02 23.90
C GLU C 693 -21.04 136.08 24.69
N VAL C 694 -20.31 136.59 25.70
CA VAL C 694 -19.66 135.81 26.77
C VAL C 694 -20.31 136.16 28.11
N LYS C 695 -20.28 135.20 29.04
CA LYS C 695 -20.74 135.24 30.42
C LYS C 695 -19.65 134.70 31.36
N GLY C 696 -19.72 135.01 32.64
CA GLY C 696 -18.98 134.28 33.68
C GLY C 696 -17.46 134.46 33.70
N LEU C 697 -16.97 135.59 33.20
CA LEU C 697 -15.61 136.09 33.46
C LEU C 697 -15.55 136.80 34.85
N ASN C 698 -14.45 137.49 35.21
CA ASN C 698 -14.37 138.28 36.44
C ASN C 698 -15.30 139.52 36.42
N PRO C 699 -15.76 140.03 37.58
CA PRO C 699 -16.52 141.28 37.63
C PRO C 699 -15.75 142.46 36.99
N ASN C 700 -16.29 143.00 35.90
CA ASN C 700 -15.69 144.01 35.04
C ASN C 700 -14.27 143.66 34.55
N ASP C 701 -14.05 142.40 34.20
CA ASP C 701 -12.79 141.96 33.62
C ASP C 701 -12.46 142.69 32.32
N ASN C 702 -11.17 142.86 32.03
CA ASN C 702 -10.65 143.90 31.14
C ASN C 702 -9.61 143.34 30.14
N ASN C 703 -9.30 144.06 29.05
CA ASN C 703 -8.37 143.60 28.01
C ASN C 703 -8.77 142.25 27.38
N LEU C 704 -10.07 141.92 27.35
CA LEU C 704 -10.55 140.64 26.84
C LEU C 704 -10.45 140.62 25.32
N TYR C 705 -9.35 140.08 24.80
CA TYR C 705 -9.09 139.87 23.38
C TYR C 705 -9.83 138.66 22.81
N LEU C 706 -10.46 138.90 21.66
CA LEU C 706 -11.05 137.85 20.86
C LEU C 706 -9.97 137.23 19.99
N LEU C 707 -9.94 135.91 20.01
CA LEU C 707 -8.89 135.05 19.49
C LEU C 707 -9.55 134.00 18.58
N PHE C 708 -9.98 134.42 17.39
CA PHE C 708 -10.52 133.52 16.39
C PHE C 708 -9.46 132.50 16.01
N ASP C 709 -9.72 131.22 16.22
CA ASP C 709 -8.73 130.14 16.05
C ASP C 709 -7.44 130.42 16.86
N GLY C 710 -7.61 131.05 18.03
CA GLY C 710 -6.51 131.60 18.83
C GLY C 710 -5.96 132.94 18.28
N VAL C 711 -6.15 133.24 16.99
CA VAL C 711 -5.68 134.46 16.32
C VAL C 711 -6.45 135.68 16.79
N ARG C 712 -5.74 136.63 17.37
CA ARG C 712 -6.24 137.94 17.74
C ARG C 712 -7.00 138.62 16.58
N CYS C 713 -8.31 138.77 16.73
CA CYS C 713 -9.19 139.53 15.83
C CYS C 713 -9.61 140.88 16.49
N ALA C 714 -10.66 141.56 16.01
CA ALA C 714 -11.07 142.87 16.53
C ALA C 714 -12.53 142.87 17.05
N ILE C 715 -12.71 143.11 18.34
CA ILE C 715 -14.04 143.26 18.97
C ILE C 715 -14.59 144.65 18.73
N THR C 716 -15.86 144.69 18.32
CA THR C 716 -16.75 145.82 18.56
C THR C 716 -17.22 145.74 20.01
N PRO C 717 -16.76 146.58 20.94
CA PRO C 717 -17.25 146.58 22.31
C PRO C 717 -18.66 147.19 22.32
N ALA C 718 -19.71 146.39 22.60
CA ALA C 718 -21.07 146.91 22.70
C ALA C 718 -21.23 147.62 24.06
N THR C 719 -21.04 148.95 24.08
CA THR C 719 -20.87 149.79 25.28
C THR C 719 -21.89 149.48 26.38
N GLY C 720 -21.39 149.54 27.62
CA GLY C 720 -21.88 148.75 28.75
C GLY C 720 -20.92 147.57 28.89
N TYR C 721 -20.63 146.94 27.75
CA TYR C 721 -19.40 146.22 27.45
C TYR C 721 -18.50 147.11 26.60
N ARG C 722 -17.98 148.16 27.24
CA ARG C 722 -17.02 149.12 26.65
C ARG C 722 -15.70 148.41 26.29
N LYS C 723 -14.73 149.12 25.72
CA LYS C 723 -13.42 148.54 25.43
C LYS C 723 -12.81 147.87 26.63
N GLY C 724 -12.06 146.81 26.40
CA GLY C 724 -10.98 146.51 27.33
C GLY C 724 -9.90 147.55 27.04
N SER C 725 -9.09 147.94 28.03
CA SER C 725 -8.18 149.08 27.91
C SER C 725 -7.24 148.99 26.69
N GLU C 726 -6.87 147.78 26.32
CA GLU C 726 -6.38 147.43 24.98
C GLU C 726 -7.55 147.47 23.96
N ASP C 727 -7.98 148.63 23.43
CA ASP C 727 -9.20 148.65 22.60
C ASP C 727 -9.10 147.70 21.38
N GLY C 728 -10.23 147.19 20.91
CA GLY C 728 -10.32 145.98 20.10
C GLY C 728 -10.38 144.71 20.95
N THR C 729 -10.07 144.82 22.24
CA THR C 729 -10.59 143.96 23.30
C THR C 729 -11.85 144.59 23.93
N ILE C 730 -12.53 143.86 24.81
CA ILE C 730 -13.73 144.31 25.53
C ILE C 730 -13.51 144.23 27.05
N MET C 731 -14.32 144.96 27.81
CA MET C 731 -14.42 144.81 29.25
C MET C 731 -15.84 144.32 29.60
N THR C 732 -15.95 143.43 30.57
CA THR C 732 -17.26 142.94 31.02
C THR C 732 -18.01 143.92 31.91
N ASP C 733 -19.26 143.55 32.21
CA ASP C 733 -19.97 143.98 33.41
C ASP C 733 -19.48 143.21 34.65
N ALA C 734 -20.07 143.57 35.78
CA ALA C 734 -19.83 142.98 37.09
C ALA C 734 -20.20 141.48 37.19
N LYS C 735 -20.94 140.89 36.25
CA LYS C 735 -21.21 139.44 36.19
C LYS C 735 -20.17 138.69 35.34
N GLY C 736 -19.21 139.40 34.75
CA GLY C 736 -18.31 138.78 33.78
C GLY C 736 -19.00 138.54 32.42
N THR C 737 -20.02 139.32 32.08
CA THR C 737 -20.64 139.31 30.74
C THR C 737 -19.93 140.28 29.81
N ALA C 738 -19.67 139.94 28.55
CA ALA C 738 -19.25 140.91 27.52
C ALA C 738 -19.88 140.56 26.16
N LYS C 739 -20.26 141.55 25.35
CA LYS C 739 -21.02 141.33 24.11
C LYS C 739 -20.70 142.32 23.01
N GLY C 740 -20.97 141.94 21.76
CA GLY C 740 -20.76 142.76 20.57
C GLY C 740 -20.54 141.87 19.35
N LYS C 741 -19.52 142.15 18.55
CA LYS C 741 -19.15 141.35 17.36
C LYS C 741 -17.66 141.40 17.06
N PHE C 742 -17.24 140.55 16.14
CA PHE C 742 -16.04 140.70 15.31
C PHE C 742 -16.39 140.22 13.89
N THR C 743 -15.40 140.09 13.02
CA THR C 743 -15.57 139.50 11.69
C THR C 743 -14.55 138.40 11.50
N ILE C 744 -14.98 137.27 10.94
CA ILE C 744 -14.10 136.15 10.58
C ILE C 744 -12.93 136.69 9.74
N PRO C 745 -11.68 136.58 10.18
CA PRO C 745 -10.52 137.01 9.38
C PRO C 745 -10.29 136.08 8.17
N ALA C 746 -9.31 136.43 7.34
CA ALA C 746 -9.21 136.00 5.94
C ALA C 746 -9.39 134.48 5.68
N GLY C 747 -10.58 134.12 5.21
CA GLY C 747 -10.78 132.96 4.36
C GLY C 747 -10.44 131.60 4.99
N ILE C 748 -10.53 131.43 6.31
CA ILE C 748 -10.11 130.12 6.85
C ILE C 748 -11.13 129.01 6.60
N ARG C 749 -10.82 128.15 5.61
CA ARG C 749 -11.14 126.71 5.38
C ARG C 749 -12.42 126.11 5.98
N CYS C 750 -13.01 125.08 5.36
CA CYS C 750 -14.13 124.34 5.97
C CYS C 750 -13.78 123.76 7.36
N GLY C 751 -14.77 123.25 8.07
CA GLY C 751 -14.60 122.79 9.45
C GLY C 751 -14.79 123.90 10.48
N ASN C 752 -14.64 123.54 11.75
CA ASN C 752 -14.77 124.48 12.86
C ASN C 752 -13.61 125.46 12.94
N ARG C 753 -13.93 126.76 12.87
CA ARG C 753 -13.11 127.78 13.53
C ARG C 753 -13.38 127.65 15.02
N GLU C 754 -12.33 127.48 15.80
CA GLU C 754 -12.34 127.95 17.17
C GLU C 754 -12.56 129.47 17.14
N VAL C 755 -13.14 130.04 18.20
CA VAL C 755 -12.93 131.43 18.59
C VAL C 755 -12.92 131.48 20.12
N THR C 756 -12.00 132.24 20.70
CA THR C 756 -11.95 132.48 22.15
C THR C 756 -12.19 133.96 22.45
N LEU C 757 -12.78 134.30 23.59
CA LEU C 757 -12.79 135.66 24.12
C LEU C 757 -12.25 135.68 25.55
N LYS C 758 -11.03 136.20 25.73
CA LYS C 758 -10.27 136.09 26.97
C LYS C 758 -9.34 137.24 27.23
N ASN C 759 -8.92 137.43 28.46
CA ASN C 759 -7.64 138.06 28.77
C ASN C 759 -6.78 137.01 29.52
N ALA C 760 -5.81 137.42 30.33
CA ALA C 760 -5.13 136.53 31.27
C ALA C 760 -5.98 136.08 32.49
N ASN C 761 -6.88 136.94 32.95
CA ASN C 761 -7.66 136.76 34.17
C ASN C 761 -8.81 135.76 33.97
N SER C 762 -9.48 135.81 32.81
CA SER C 762 -10.60 134.94 32.42
C SER C 762 -10.52 134.52 30.96
N THR C 763 -11.26 133.48 30.59
CA THR C 763 -11.36 133.00 29.21
C THR C 763 -12.73 132.41 28.89
N SER C 764 -13.12 132.38 27.63
CA SER C 764 -14.16 131.47 27.16
C SER C 764 -13.96 131.12 25.69
N ALA C 765 -14.47 129.98 25.22
CA ALA C 765 -14.20 129.44 23.90
C ALA C 765 -15.48 128.94 23.22
N THR C 766 -15.57 129.11 21.89
CA THR C 766 -16.81 128.98 21.11
C THR C 766 -16.56 128.70 19.62
N THR C 767 -17.62 128.39 18.87
CA THR C 767 -17.53 127.67 17.60
C THR C 767 -17.94 128.49 16.38
N TYR C 768 -17.24 128.36 15.26
CA TYR C 768 -17.80 128.67 13.94
C TYR C 768 -17.69 127.46 12.99
N THR C 769 -18.76 126.67 12.81
CA THR C 769 -18.77 125.39 12.07
C THR C 769 -18.85 125.53 10.53
N ALA C 770 -18.29 124.56 9.77
CA ALA C 770 -18.46 124.48 8.31
C ALA C 770 -18.27 123.07 7.69
N GLN C 771 -18.94 122.79 6.57
CA GLN C 771 -18.83 121.68 5.59
C GLN C 771 -19.52 122.16 4.29
N GLY C 772 -19.43 121.47 3.14
CA GLY C 772 -20.13 121.92 1.92
C GLY C 772 -20.33 120.94 0.74
N ARG C 773 -21.24 121.29 -0.17
CA ARG C 773 -21.46 120.66 -1.48
C ARG C 773 -21.36 121.67 -2.63
N LYS C 774 -20.52 121.41 -3.64
CA LYS C 774 -20.39 122.24 -4.85
C LYS C 774 -19.75 121.46 -6.01
N LYS C 775 -20.16 121.76 -7.24
CA LYS C 775 -19.44 121.49 -8.52
C LYS C 775 -18.08 122.22 -8.59
N THR C 776 -17.04 121.71 -7.91
CA THR C 776 -15.65 122.23 -7.86
C THR C 776 -14.67 121.20 -7.23
N ALA C 777 -13.35 121.34 -7.47
CA ALA C 777 -12.29 120.69 -6.70
C ALA C 777 -11.46 121.73 -5.91
N GLN C 778 -10.45 122.33 -6.55
CA GLN C 778 -9.23 122.84 -5.90
C GLN C 778 -8.69 121.75 -4.94
N ASP C 779 -9.05 121.82 -3.65
CA ASP C 779 -9.12 120.68 -2.71
C ASP C 779 -10.17 120.94 -1.61
N ILE C 780 -10.65 119.89 -0.91
CA ILE C 780 -11.67 119.95 0.17
C ILE C 780 -11.38 121.01 1.26
N ILE C 781 -10.13 121.08 1.75
CA ILE C 781 -9.55 122.17 2.57
C ILE C 781 -10.33 122.52 3.88
N ILE C 782 -9.82 122.02 5.02
CA ILE C 782 -10.46 122.07 6.35
C ILE C 782 -9.45 122.45 7.45
N ARG C 783 -9.90 123.00 8.59
CA ARG C 783 -9.10 123.17 9.85
C ARG C 783 -9.97 123.25 11.12
N THR C 784 -9.51 122.89 12.34
CA THR C 784 -10.46 122.70 13.48
C THR C 784 -10.23 123.27 14.94
N ARG C 785 -10.77 122.63 16.02
CA ARG C 785 -11.08 123.18 17.38
C ARG C 785 -11.17 122.10 18.51
N VAL C 786 -11.01 122.45 19.83
CA VAL C 786 -11.45 121.61 21.00
C VAL C 786 -11.75 122.17 22.45
N THR C 787 -12.49 121.37 23.29
CA THR C 787 -13.09 121.80 24.58
C THR C 787 -12.99 120.78 25.75
N VAL C 788 -12.48 121.22 26.91
CA VAL C 788 -12.34 120.55 28.24
C VAL C 788 -12.19 121.65 29.32
N ASN C 789 -12.51 121.47 30.61
CA ASN C 789 -12.13 122.46 31.66
C ASN C 789 -12.18 121.99 33.14
N LEU C 790 -11.61 122.77 34.08
CA LEU C 790 -11.42 122.41 35.51
C LEU C 790 -11.62 123.58 36.52
N VAL C 791 -12.13 123.29 37.72
CA VAL C 791 -12.02 124.09 38.97
C VAL C 791 -11.87 123.11 40.14
N ASP C 792 -12.30 123.45 41.35
CA ASP C 792 -12.59 122.47 42.41
C ASP C 792 -14.13 122.21 42.56
N PRO C 793 -14.77 121.51 41.62
CA PRO C 793 -16.23 121.37 41.52
C PRO C 793 -16.85 120.32 42.47
N LEU C 794 -18.18 120.33 42.49
CA LEU C 794 -19.01 119.18 42.88
C LEU C 794 -19.60 118.49 41.64
N ALA C 795 -20.15 117.29 41.79
CA ALA C 795 -20.75 116.51 40.71
C ALA C 795 -21.73 115.45 41.21
N GLN C 796 -22.51 114.89 40.29
CA GLN C 796 -23.42 113.79 40.51
C GLN C 796 -23.33 112.88 39.31
N SER C 797 -22.88 111.64 39.43
CA SER C 797 -23.09 110.71 38.32
C SER C 797 -24.58 110.38 38.19
N PHE C 798 -25.12 110.36 36.96
CA PHE C 798 -26.53 110.06 36.72
C PHE C 798 -26.79 109.60 35.30
N GLN C 799 -27.89 108.87 35.10
CA GLN C 799 -28.32 108.35 33.81
C GLN C 799 -29.80 108.68 33.54
N TYR C 800 -30.15 108.72 32.25
CA TYR C 800 -31.52 108.54 31.78
C TYR C 800 -31.78 107.06 31.46
N ASP C 801 -33.03 106.60 31.53
CA ASP C 801 -33.39 105.24 31.11
C ASP C 801 -33.28 105.03 29.59
N GLU C 802 -33.56 106.10 28.86
CA GLU C 802 -33.90 106.14 27.44
C GLU C 802 -33.42 107.48 26.83
N ASN C 803 -33.35 107.56 25.50
CA ASN C 803 -32.93 108.79 24.85
C ASN C 803 -33.94 109.93 25.05
N ARG C 804 -33.47 111.10 25.50
CA ARG C 804 -34.28 112.24 25.99
C ARG C 804 -33.58 113.60 25.82
N THR C 805 -34.21 114.56 25.15
CA THR C 805 -33.70 115.94 25.03
C THR C 805 -33.93 116.78 26.29
N ILE C 806 -32.92 116.94 27.15
CA ILE C 806 -33.02 117.72 28.41
C ILE C 806 -33.07 119.23 28.13
N SER C 807 -34.21 119.85 28.39
CA SER C 807 -34.42 121.32 28.30
C SER C 807 -33.95 122.05 29.56
N SER C 808 -34.09 121.45 30.74
CA SER C 808 -33.56 122.00 31.98
C SER C 808 -33.53 120.99 33.13
N LEU C 809 -32.80 121.34 34.20
CA LEU C 809 -32.92 120.73 35.53
C LEU C 809 -33.79 121.59 36.46
N GLY C 810 -34.08 121.07 37.64
CA GLY C 810 -34.43 121.82 38.84
C GLY C 810 -33.61 121.31 40.03
N LEU C 811 -33.08 122.23 40.85
CA LEU C 811 -32.17 122.02 41.98
C LEU C 811 -32.49 122.95 43.17
N TYR C 812 -31.93 122.77 44.37
CA TYR C 812 -32.42 123.43 45.59
C TYR C 812 -31.26 123.71 46.55
N PHE C 813 -31.28 124.81 47.30
CA PHE C 813 -30.15 125.25 48.13
C PHE C 813 -30.61 125.52 49.55
N ALA C 814 -29.73 125.57 50.56
CA ALA C 814 -30.04 126.32 51.80
C ALA C 814 -29.41 127.72 51.82
N SER C 815 -28.37 127.98 51.01
CA SER C 815 -27.62 129.25 50.98
C SER C 815 -26.87 129.42 49.67
N LYS C 816 -26.41 130.65 49.39
CA LYS C 816 -25.81 131.04 48.11
C LYS C 816 -24.70 132.10 48.26
N GLY C 817 -23.84 132.21 47.25
CA GLY C 817 -22.77 133.21 47.18
C GLY C 817 -23.31 134.62 46.94
N ASP C 818 -22.53 135.43 46.24
CA ASP C 818 -22.86 136.80 45.84
C ASP C 818 -23.41 136.91 44.40
N LYS C 819 -23.87 138.11 44.03
CA LYS C 819 -24.54 138.36 42.75
C LYS C 819 -23.62 138.37 41.53
N GLN C 820 -22.32 138.15 41.69
CA GLN C 820 -21.30 138.43 40.67
C GLN C 820 -20.28 137.28 40.50
N SER C 821 -20.08 136.44 41.51
CA SER C 821 -19.66 135.06 41.25
C SER C 821 -20.80 134.35 40.52
N ASN C 822 -20.52 133.34 39.70
CA ASN C 822 -21.58 132.53 39.11
C ASN C 822 -21.13 131.08 38.92
N VAL C 823 -21.87 130.19 39.57
CA VAL C 823 -21.82 128.73 39.36
C VAL C 823 -21.99 128.48 37.87
N VAL C 824 -21.12 127.64 37.30
CA VAL C 824 -21.29 127.14 35.93
C VAL C 824 -21.69 125.67 36.01
N ILE C 825 -22.99 125.41 35.95
CA ILE C 825 -23.48 124.04 35.84
C ILE C 825 -23.06 123.49 34.48
N GLN C 826 -22.65 122.23 34.43
CA GLN C 826 -22.29 121.52 33.21
C GLN C 826 -22.81 120.07 33.25
N ILE C 827 -22.82 119.42 32.09
CA ILE C 827 -22.94 117.95 31.97
C ILE C 827 -21.68 117.41 31.28
N ARG C 828 -21.17 116.30 31.79
CA ARG C 828 -19.97 115.62 31.31
C ARG C 828 -20.15 114.10 31.38
N GLY C 829 -19.20 113.35 30.84
CA GLY C 829 -19.19 111.88 30.99
C GLY C 829 -18.34 111.43 32.18
N MET C 830 -17.84 110.21 32.12
CA MET C 830 -16.97 109.58 33.12
C MET C 830 -15.64 109.16 32.50
N GLY C 831 -14.54 109.23 33.24
CA GLY C 831 -13.23 108.74 32.80
C GLY C 831 -12.89 107.37 33.40
N ASP C 832 -11.72 106.80 33.08
CA ASP C 832 -11.28 105.52 33.67
C ASP C 832 -10.84 105.64 35.14
N GLN C 833 -10.76 106.86 35.66
CA GLN C 833 -10.87 107.14 37.09
C GLN C 833 -12.20 106.66 37.72
N GLY C 834 -13.23 106.29 36.94
CA GLY C 834 -14.61 106.01 37.38
C GLY C 834 -15.45 107.26 37.70
N TYR C 835 -14.77 108.37 37.96
CA TYR C 835 -15.32 109.69 38.29
C TYR C 835 -15.62 110.55 37.03
N PRO C 836 -16.28 111.73 37.13
CA PRO C 836 -16.59 112.57 35.98
C PRO C 836 -15.38 112.93 35.11
N ASN C 837 -15.45 112.68 33.79
CA ASN C 837 -14.47 113.22 32.84
C ASN C 837 -14.62 114.75 32.71
N LYS C 838 -13.75 115.39 31.92
CA LYS C 838 -13.63 116.85 31.91
C LYS C 838 -14.06 117.51 30.59
N THR C 839 -14.61 116.75 29.64
CA THR C 839 -15.22 117.29 28.43
C THR C 839 -16.57 117.92 28.76
N ILE C 840 -16.78 119.17 28.34
CA ILE C 840 -18.10 119.81 28.47
C ILE C 840 -19.02 119.30 27.36
N TYR C 841 -20.13 118.67 27.74
CA TYR C 841 -21.23 118.37 26.82
C TYR C 841 -22.20 119.55 26.72
N ALA C 842 -22.65 120.05 27.88
CA ALA C 842 -23.62 121.14 28.00
C ALA C 842 -23.30 122.03 29.23
N GLU C 843 -23.81 123.27 29.28
CA GLU C 843 -23.31 124.32 30.17
C GLU C 843 -24.28 125.51 30.40
N THR C 844 -24.45 126.00 31.64
CA THR C 844 -25.23 127.20 31.99
C THR C 844 -24.70 127.96 33.23
N VAL C 845 -24.80 129.30 33.24
CA VAL C 845 -24.13 130.23 34.21
C VAL C 845 -25.13 130.89 35.15
N MET C 846 -24.87 130.84 36.46
CA MET C 846 -25.83 131.16 37.51
C MET C 846 -25.17 131.81 38.73
N ASN C 847 -25.43 133.11 38.96
CA ASN C 847 -25.03 133.88 40.14
C ASN C 847 -25.95 133.61 41.33
N ALA C 848 -25.73 134.24 42.48
CA ALA C 848 -26.73 134.24 43.56
C ALA C 848 -28.10 134.78 43.11
N ASP C 849 -28.14 135.67 42.11
CA ASP C 849 -29.38 136.16 41.49
C ASP C 849 -30.26 135.03 40.93
N ASP C 850 -29.61 133.94 40.54
CA ASP C 850 -30.16 132.87 39.72
C ASP C 850 -30.47 131.62 40.55
N ILE C 851 -30.26 131.66 41.88
CA ILE C 851 -30.21 130.50 42.78
C ILE C 851 -31.19 130.64 43.94
N LYS C 852 -31.82 129.53 44.35
CA LYS C 852 -33.02 129.52 45.21
C LYS C 852 -32.87 128.61 46.43
N VAL C 853 -33.21 129.14 47.61
CA VAL C 853 -32.72 128.64 48.91
C VAL C 853 -33.89 128.23 49.84
N SER C 854 -33.62 127.28 50.73
CA SER C 854 -34.58 126.43 51.45
C SER C 854 -33.90 125.58 52.55
N ASN C 855 -34.51 125.46 53.73
CA ASN C 855 -33.97 124.71 54.88
C ASN C 855 -34.21 123.18 54.82
N ASN C 856 -34.58 122.71 53.64
CA ASN C 856 -35.20 121.39 53.42
C ASN C 856 -35.24 121.03 51.92
N ALA C 857 -34.31 121.54 51.11
CA ALA C 857 -34.26 121.30 49.67
C ALA C 857 -35.55 121.67 48.88
N SER C 858 -36.40 122.57 49.37
CA SER C 858 -37.69 122.90 48.72
C SER C 858 -37.62 123.91 47.56
N ALA C 859 -36.54 124.69 47.44
CA ALA C 859 -36.47 125.83 46.52
C ALA C 859 -35.95 125.47 45.11
N GLU C 860 -36.81 125.08 44.18
CA GLU C 860 -36.40 124.59 42.85
C GLU C 860 -35.86 125.69 41.92
N THR C 861 -34.59 126.00 42.13
CA THR C 861 -33.65 126.63 41.21
C THR C 861 -33.68 125.93 39.85
N ARG C 862 -34.42 126.45 38.86
CA ARG C 862 -34.45 125.88 37.49
C ARG C 862 -33.17 126.18 36.74
N VAL C 863 -32.73 125.22 35.94
CA VAL C 863 -31.42 125.21 35.31
C VAL C 863 -31.58 124.99 33.83
N TYR C 864 -31.87 126.05 33.10
CA TYR C 864 -32.08 125.96 31.66
C TYR C 864 -30.77 126.02 30.87
N PHE C 865 -30.77 125.36 29.71
CA PHE C 865 -29.65 125.31 28.77
C PHE C 865 -30.06 125.94 27.43
N ASP C 866 -29.11 126.66 26.84
CA ASP C 866 -29.29 127.39 25.56
C ASP C 866 -29.47 126.43 24.37
N ASP C 867 -28.74 125.31 24.34
CA ASP C 867 -29.06 124.09 23.57
C ASP C 867 -29.45 122.96 24.56
N PRO C 868 -30.58 122.25 24.37
CA PRO C 868 -31.03 121.21 25.28
C PRO C 868 -30.28 119.89 25.01
N MET C 869 -29.57 119.34 26.00
CA MET C 869 -28.69 118.18 25.79
C MET C 869 -29.48 116.87 25.69
N MET C 870 -29.36 116.14 24.59
CA MET C 870 -29.95 114.81 24.48
C MET C 870 -29.14 113.82 25.33
N ALA C 871 -29.74 113.37 26.43
CA ALA C 871 -29.24 112.28 27.26
C ALA C 871 -29.71 110.94 26.67
N GLU C 872 -28.77 110.12 26.21
CA GLU C 872 -28.99 108.73 25.81
C GLU C 872 -29.34 107.84 27.02
N GLY C 873 -30.09 106.76 26.80
CA GLY C 873 -30.48 105.81 27.84
C GLY C 873 -29.36 104.87 28.31
N GLY C 874 -29.35 104.55 29.59
CA GLY C 874 -28.41 103.61 30.25
C GLY C 874 -27.01 104.15 30.54
N LYS C 875 -26.61 105.27 29.92
CA LYS C 875 -25.33 105.92 30.20
C LYS C 875 -25.40 106.75 31.48
N GLU C 876 -24.52 106.49 32.44
CA GLU C 876 -24.21 107.49 33.46
C GLU C 876 -23.36 108.60 32.82
N TYR C 877 -23.95 109.78 32.69
CA TYR C 877 -23.27 111.07 32.66
C TYR C 877 -22.82 111.42 34.08
N ALA C 878 -22.29 112.63 34.24
CA ALA C 878 -22.40 113.33 35.50
C ALA C 878 -22.87 114.77 35.27
N ILE C 879 -23.71 115.25 36.18
CA ILE C 879 -23.81 116.69 36.43
C ILE C 879 -22.47 117.09 37.00
N VAL C 880 -21.85 118.11 36.45
CA VAL C 880 -20.62 118.68 37.00
C VAL C 880 -20.93 120.13 37.31
N ILE C 881 -20.68 120.56 38.53
CA ILE C 881 -20.91 121.93 38.97
C ILE C 881 -19.56 122.60 39.15
N ILE C 882 -19.10 123.27 38.10
CA ILE C 882 -18.02 124.23 38.24
C ILE C 882 -18.57 125.35 39.12
N THR C 883 -17.92 125.64 40.23
CA THR C 883 -18.04 126.96 40.83
C THR C 883 -16.76 127.33 41.53
N GLU C 884 -16.44 128.61 41.55
CA GLU C 884 -15.50 129.22 42.47
C GLU C 884 -15.83 129.00 43.95
N ASN C 885 -17.11 128.90 44.33
CA ASN C 885 -17.53 129.30 45.68
C ASN C 885 -18.40 128.28 46.45
N SER C 886 -18.01 128.06 47.70
CA SER C 886 -18.62 127.27 48.75
C SER C 886 -19.98 127.74 49.23
N ASP C 887 -20.21 129.04 49.18
CA ASP C 887 -21.38 129.71 49.73
C ASP C 887 -22.67 129.26 49.04
N TYR C 888 -22.56 128.89 47.77
CA TYR C 888 -23.53 128.06 47.07
C TYR C 888 -23.62 126.71 47.79
N THR C 889 -24.65 126.47 48.60
CA THR C 889 -24.89 125.16 49.22
C THR C 889 -26.19 124.58 48.63
N MET C 890 -26.11 123.64 47.69
CA MET C 890 -27.27 122.96 47.05
C MET C 890 -27.91 121.96 48.05
N TRP C 891 -28.62 120.91 47.64
CA TRP C 891 -29.20 119.90 48.55
C TRP C 891 -29.03 118.47 48.05
N VAL C 892 -28.77 117.62 49.03
CA VAL C 892 -28.24 116.27 48.89
C VAL C 892 -28.83 115.44 50.01
N GLY C 893 -28.49 114.16 50.14
CA GLY C 893 -28.96 113.39 51.27
C GLY C 893 -28.26 112.05 51.49
N THR C 894 -28.55 111.44 52.66
CA THR C 894 -28.10 110.13 53.13
C THR C 894 -29.15 109.53 54.09
N ARG C 895 -29.04 108.22 54.33
CA ARG C 895 -29.78 107.42 55.34
C ARG C 895 -30.17 108.21 56.60
N THR C 896 -31.35 107.95 57.14
CA THR C 896 -31.81 108.31 58.52
C THR C 896 -32.01 109.79 58.92
N LYS C 897 -31.47 110.78 58.19
CA LYS C 897 -31.34 112.19 58.67
C LYS C 897 -32.64 113.03 58.70
N PRO C 898 -33.19 113.40 59.88
CA PRO C 898 -34.54 113.96 60.06
C PRO C 898 -34.62 115.52 60.03
N LYS C 899 -35.72 116.09 60.57
CA LYS C 899 -36.12 117.52 60.48
C LYS C 899 -35.94 118.34 61.76
N ILE C 900 -36.30 119.64 61.69
CA ILE C 900 -36.19 120.66 62.75
C ILE C 900 -37.19 121.83 62.61
N ASP C 901 -38.30 121.72 61.88
CA ASP C 901 -39.42 122.70 61.99
C ASP C 901 -40.10 122.57 63.37
N LYS C 902 -40.17 121.34 63.86
CA LYS C 902 -40.20 120.92 65.27
C LYS C 902 -39.12 119.82 65.37
N PRO C 903 -38.31 119.70 66.45
CA PRO C 903 -37.07 118.90 66.49
C PRO C 903 -37.18 117.36 66.34
N ASN C 904 -38.26 116.86 65.75
CA ASN C 904 -38.79 115.52 65.92
C ASN C 904 -39.51 114.97 64.68
N GLU C 905 -39.80 115.79 63.67
CA GLU C 905 -40.32 115.33 62.38
C GLU C 905 -39.19 114.71 61.53
N VAL C 906 -39.48 113.86 60.54
CA VAL C 906 -38.45 112.95 59.96
C VAL C 906 -38.32 112.97 58.43
N ILE C 907 -37.10 112.67 58.00
CA ILE C 907 -36.57 112.47 56.64
C ILE C 907 -35.48 111.40 56.79
N SER C 908 -35.09 110.69 55.73
CA SER C 908 -34.07 109.64 55.84
C SER C 908 -33.27 109.32 54.56
N GLY C 909 -33.38 110.09 53.48
CA GLY C 909 -33.06 109.60 52.13
C GLY C 909 -31.70 109.99 51.55
N ASN C 910 -30.93 108.96 51.18
CA ASN C 910 -29.94 109.08 50.10
C ASN C 910 -30.66 109.34 48.75
N PRO C 911 -30.40 110.45 48.04
CA PRO C 911 -31.24 110.82 46.91
C PRO C 911 -31.28 109.78 45.78
N TYR C 912 -30.15 109.22 45.40
CA TYR C 912 -30.04 108.59 44.09
C TYR C 912 -28.92 107.54 44.02
N LEU C 913 -28.99 106.50 44.86
CA LEU C 913 -28.00 105.41 45.07
C LEU C 913 -27.39 104.82 43.77
N GLN C 914 -28.11 104.99 42.67
CA GLN C 914 -27.76 104.57 41.33
C GLN C 914 -26.67 105.48 40.73
N GLY C 915 -26.79 106.78 40.97
CA GLY C 915 -25.68 107.73 40.90
C GLY C 915 -24.77 107.66 42.14
N VAL C 916 -23.77 108.54 42.15
CA VAL C 916 -23.03 108.95 43.35
C VAL C 916 -22.81 110.48 43.26
N LEU C 917 -22.97 111.22 44.36
CA LEU C 917 -22.46 112.59 44.49
C LEU C 917 -20.93 112.55 44.63
N PHE C 918 -20.20 113.46 43.99
CA PHE C 918 -18.76 113.63 44.12
C PHE C 918 -18.38 115.07 44.45
N SER C 919 -17.22 115.25 45.06
CA SER C 919 -16.55 116.55 45.19
C SER C 919 -15.07 116.41 44.81
N SER C 920 -14.44 117.40 44.18
CA SER C 920 -13.01 117.34 43.89
C SER C 920 -12.27 118.66 44.07
N SER C 921 -11.12 118.60 44.74
CA SER C 921 -10.12 119.65 44.78
C SER C 921 -9.30 119.86 43.48
N ASN C 922 -9.72 119.33 42.32
CA ASN C 922 -9.15 119.65 40.99
C ASN C 922 -9.99 119.11 39.79
N ALA C 923 -11.31 118.93 39.97
CA ALA C 923 -12.17 118.22 39.02
C ALA C 923 -11.58 116.83 38.63
N SER C 924 -10.84 116.16 39.52
CA SER C 924 -10.30 114.79 39.34
C SER C 924 -10.08 114.00 40.65
N THR C 925 -9.70 114.62 41.77
CA THR C 925 -9.75 114.08 43.15
C THR C 925 -11.18 113.76 43.65
N TRP C 926 -12.08 113.34 42.77
CA TRP C 926 -13.51 113.19 43.02
C TRP C 926 -13.79 112.19 44.14
N THR C 927 -14.62 112.64 45.06
CA THR C 927 -14.85 112.06 46.38
C THR C 927 -16.16 111.28 46.33
N PRO C 928 -16.19 109.96 46.04
CA PRO C 928 -17.41 109.27 45.65
C PRO C 928 -18.29 108.99 46.85
N HIS C 929 -19.26 109.85 47.11
CA HIS C 929 -19.97 109.95 48.38
C HIS C 929 -20.97 108.83 48.69
N GLN C 930 -20.80 107.62 48.14
CA GLN C 930 -21.47 106.40 48.60
C GLN C 930 -22.99 106.50 48.70
N ASN C 931 -23.55 106.29 49.89
CA ASN C 931 -24.96 106.57 50.20
C ASN C 931 -25.28 108.09 50.22
N SER C 932 -24.68 108.85 49.31
CA SER C 932 -24.98 110.26 49.10
C SER C 932 -25.05 110.61 47.63
N ASP C 933 -26.05 111.43 47.33
CA ASP C 933 -26.33 112.01 46.04
C ASP C 933 -26.91 113.41 46.26
N LEU C 934 -26.77 114.29 45.27
CA LEU C 934 -27.54 115.52 45.17
C LEU C 934 -29.00 115.15 44.83
N LYS C 935 -29.98 115.92 45.30
CA LYS C 935 -31.39 115.80 44.88
C LYS C 935 -31.55 116.38 43.47
N PHE C 936 -32.50 115.88 42.67
CA PHE C 936 -32.88 116.56 41.44
C PHE C 936 -34.28 116.21 40.95
N GLY C 937 -34.82 117.09 40.12
CA GLY C 937 -35.81 116.72 39.11
C GLY C 937 -35.45 117.37 37.79
N ILE C 938 -35.75 116.72 36.68
CA ILE C 938 -35.15 117.03 35.38
C ILE C 938 -36.21 116.90 34.29
N TYR C 939 -36.10 117.73 33.27
CA TYR C 939 -37.16 118.01 32.33
C TYR C 939 -36.68 117.93 30.88
N THR C 940 -37.58 117.72 29.94
CA THR C 940 -37.23 117.49 28.53
C THR C 940 -38.15 118.21 27.56
N SER C 941 -37.68 118.43 26.32
CA SER C 941 -38.60 118.65 25.20
C SER C 941 -39.40 117.38 24.89
N LYS C 942 -40.63 117.24 25.43
CA LYS C 942 -41.64 116.36 24.83
C LYS C 942 -42.07 117.04 23.53
N PHE C 943 -41.37 116.74 22.44
CA PHE C 943 -41.65 117.33 21.14
C PHE C 943 -43.03 116.93 20.64
N ASN C 944 -43.61 117.81 19.84
CA ASN C 944 -44.62 117.39 18.89
C ASN C 944 -43.93 116.49 17.84
N GLU C 945 -44.61 115.45 17.36
CA GLU C 945 -44.00 114.41 16.51
C GLU C 945 -43.64 114.90 15.08
N THR C 946 -43.86 116.19 14.82
CA THR C 946 -43.48 116.96 13.61
C THR C 946 -43.28 118.46 13.95
N ALA C 947 -42.91 119.28 12.96
CA ALA C 947 -42.93 120.75 13.05
C ALA C 947 -43.14 121.41 11.68
N THR C 948 -43.53 122.67 11.69
CA THR C 948 -43.43 123.58 10.53
C THR C 948 -42.32 124.61 10.77
N ILE C 949 -41.60 124.94 9.71
CA ILE C 949 -40.52 125.93 9.67
C ILE C 949 -40.77 126.84 8.47
N GLU C 950 -41.90 127.54 8.53
CA GLU C 950 -42.36 128.52 7.55
C GLU C 950 -41.37 129.68 7.44
N PHE C 951 -40.44 129.62 6.50
CA PHE C 951 -39.57 130.74 6.21
C PHE C 951 -40.33 131.77 5.36
N GLU C 952 -39.85 132.99 5.44
CA GLU C 952 -40.41 134.16 4.81
C GLU C 952 -40.34 134.11 3.28
N PRO C 953 -41.26 134.81 2.59
CA PRO C 953 -40.97 135.32 1.26
C PRO C 953 -39.70 136.20 1.25
N ILE C 954 -38.59 135.71 0.70
CA ILE C 954 -37.53 136.57 0.19
C ILE C 954 -37.94 137.04 -1.24
N LYS C 955 -37.64 138.27 -1.71
CA LYS C 955 -38.27 138.87 -2.93
C LYS C 955 -37.26 139.34 -3.98
N ASP C 956 -37.62 139.14 -5.24
CA ASP C 956 -36.85 139.37 -6.49
C ASP C 956 -35.32 139.11 -6.41
N VAL C 957 -34.95 137.91 -5.92
CA VAL C 957 -33.58 137.33 -5.85
C VAL C 957 -32.98 137.16 -7.24
N SER C 958 -33.83 136.85 -8.22
CA SER C 958 -33.48 136.63 -9.63
C SER C 958 -32.40 135.56 -9.79
N ALA C 959 -32.65 134.38 -9.19
CA ALA C 959 -31.75 133.24 -9.21
C ALA C 959 -32.20 132.11 -10.14
N ASP C 960 -31.30 131.66 -11.00
CA ASP C 960 -31.44 130.45 -11.82
C ASP C 960 -30.79 129.23 -11.15
N ARG C 961 -29.90 129.41 -10.17
CA ARG C 961 -29.18 128.29 -9.52
C ARG C 961 -29.34 128.28 -8.01
N ILE C 962 -29.10 127.12 -7.41
CA ILE C 962 -29.24 126.92 -5.96
C ILE C 962 -28.24 125.90 -5.44
N VAL C 963 -27.83 126.04 -4.20
CA VAL C 963 -27.30 124.94 -3.40
C VAL C 963 -28.23 124.89 -2.17
N LEU C 964 -29.05 123.84 -1.97
CA LEU C 964 -29.66 123.66 -0.64
C LEU C 964 -28.60 122.99 0.23
N MET C 965 -27.94 123.80 1.04
CA MET C 965 -27.12 123.35 2.15
C MET C 965 -27.51 124.24 3.33
N SER C 966 -28.56 123.83 4.04
CA SER C 966 -28.71 124.14 5.46
C SER C 966 -27.85 123.12 6.23
N THR C 967 -28.17 122.82 7.49
CA THR C 967 -27.70 121.60 8.20
C THR C 967 -28.76 121.15 9.20
N TYR C 968 -29.74 120.36 8.73
CA TYR C 968 -30.89 119.90 9.52
C TYR C 968 -30.60 118.68 10.42
N LEU C 969 -29.48 118.72 11.14
CA LEU C 969 -28.91 117.61 11.93
C LEU C 969 -29.98 116.77 12.67
N THR C 970 -30.13 115.49 12.29
CA THR C 970 -31.32 114.70 12.63
C THR C 970 -31.10 113.16 12.58
N PRO C 971 -31.46 112.42 13.64
CA PRO C 971 -31.79 110.99 13.54
C PRO C 971 -33.16 110.77 12.88
N GLU C 972 -33.43 109.57 12.36
CA GLU C 972 -34.77 109.22 11.88
C GLU C 972 -35.75 109.02 13.06
N ARG C 973 -37.05 108.78 12.78
CA ARG C 973 -38.21 108.99 13.70
C ARG C 973 -38.40 110.48 13.99
N THR C 974 -37.31 111.15 14.34
CA THR C 974 -37.10 112.56 14.08
C THR C 974 -36.85 112.75 12.56
N GLY C 975 -36.78 113.98 12.04
CA GLY C 975 -36.55 114.20 10.61
C GLY C 975 -36.71 115.66 10.22
N CYS C 976 -36.34 116.00 8.98
CA CYS C 976 -36.53 117.33 8.39
C CYS C 976 -36.78 117.22 6.88
N THR C 977 -38.05 117.18 6.47
CA THR C 977 -38.37 117.51 5.08
C THR C 977 -38.07 118.99 4.81
N TRP C 978 -37.83 119.34 3.54
CA TRP C 978 -37.49 120.71 3.14
C TRP C 978 -38.22 121.10 1.84
N GLU C 979 -38.73 122.33 1.75
CA GLU C 979 -39.67 122.74 0.70
C GLU C 979 -39.48 124.21 0.27
N MET C 980 -40.01 124.57 -0.89
CA MET C 980 -40.05 125.94 -1.39
C MET C 980 -41.41 126.27 -2.02
N LYS C 981 -41.69 127.58 -2.14
CA LYS C 981 -42.79 128.23 -2.85
C LYS C 981 -42.19 129.44 -3.56
N LEU C 982 -41.79 129.29 -4.82
CA LEU C 982 -41.04 130.34 -5.53
C LEU C 982 -41.91 131.08 -6.54
N ILE C 983 -42.00 132.41 -6.43
CA ILE C 983 -42.55 133.25 -7.49
C ILE C 983 -41.41 133.51 -8.46
N LEU C 984 -41.51 133.07 -9.70
CA LEU C 984 -40.43 133.22 -10.69
C LEU C 984 -40.36 134.62 -11.30
N ASP C 985 -39.19 135.12 -11.71
CA ASP C 985 -39.12 136.33 -12.52
C ASP C 985 -39.88 136.12 -13.83
N ASP C 986 -39.92 134.88 -14.32
CA ASP C 986 -40.67 134.45 -15.50
C ASP C 986 -42.13 134.01 -15.23
N MET C 987 -42.57 133.93 -13.97
CA MET C 987 -44.00 133.72 -13.65
C MET C 987 -44.83 134.90 -14.11
N ALA C 988 -46.14 134.68 -14.27
CA ALA C 988 -47.06 135.80 -14.41
C ALA C 988 -46.95 136.77 -13.23
N SER C 989 -47.24 138.06 -13.45
CA SER C 989 -47.19 139.13 -12.42
C SER C 989 -48.09 138.83 -11.22
N SER C 990 -49.14 138.04 -11.44
CA SER C 990 -50.12 137.61 -10.45
C SER C 990 -49.68 136.46 -9.53
N THR C 991 -48.68 135.65 -9.88
CA THR C 991 -48.40 134.39 -9.17
C THR C 991 -47.87 134.63 -7.75
N THR C 992 -48.47 134.00 -6.73
CA THR C 992 -48.20 134.23 -5.30
C THR C 992 -48.26 132.93 -4.48
N PHE C 993 -47.64 132.90 -3.29
CA PHE C 993 -47.36 131.67 -2.51
C PHE C 993 -48.58 130.86 -2.04
N ASP C 994 -49.77 131.43 -2.11
CA ASP C 994 -51.08 130.75 -1.94
C ASP C 994 -51.47 129.86 -3.13
N GLN C 995 -50.90 130.14 -4.30
CA GLN C 995 -51.02 129.38 -5.54
C GLN C 995 -49.89 128.35 -5.67
N LEU C 996 -48.71 128.71 -5.19
CA LEU C 996 -47.52 127.85 -5.10
C LEU C 996 -47.73 126.73 -4.08
N LYS C 997 -47.15 125.56 -4.32
CA LYS C 997 -47.25 124.38 -3.44
C LYS C 997 -45.98 124.25 -2.60
N TRP C 998 -45.97 123.48 -1.51
CA TRP C 998 -44.70 123.16 -0.85
C TRP C 998 -43.88 122.17 -1.68
N GLU C 999 -43.21 122.72 -2.67
CA GLU C 999 -42.40 122.10 -3.69
C GLU C 999 -41.10 121.57 -3.04
N PRO C 1000 -40.93 120.25 -2.84
CA PRO C 1000 -39.86 119.70 -1.98
C PRO C 1000 -38.41 119.74 -2.55
N ILE C 1001 -37.41 119.60 -1.67
CA ILE C 1001 -35.96 119.75 -1.96
C ILE C 1001 -35.11 119.09 -0.83
N GLY C 1002 -33.79 118.87 -1.01
CA GLY C 1002 -32.92 118.20 -0.01
C GLY C 1002 -31.49 118.75 0.12
N ASN C 1003 -30.68 118.20 1.03
CA ASN C 1003 -29.29 118.60 1.30
C ASN C 1003 -28.29 117.59 0.66
N TYR C 1004 -26.97 117.83 0.81
CA TYR C 1004 -25.89 117.27 -0.04
C TYR C 1004 -26.13 117.67 -1.51
N GLN C 1005 -26.46 118.95 -1.71
CA GLN C 1005 -27.25 119.39 -2.85
C GLN C 1005 -26.80 120.73 -3.45
N ASP C 1006 -25.84 120.64 -4.39
CA ASP C 1006 -25.69 121.62 -5.47
C ASP C 1006 -26.81 121.35 -6.53
N LEU C 1007 -27.41 122.41 -7.09
CA LEU C 1007 -28.76 122.39 -7.67
C LEU C 1007 -29.04 123.56 -8.63
N ASP C 1008 -30.15 123.53 -9.36
CA ASP C 1008 -30.60 124.63 -10.22
C ASP C 1008 -32.10 124.96 -9.99
N VAL C 1009 -32.47 126.25 -9.98
CA VAL C 1009 -33.83 126.74 -9.72
C VAL C 1009 -34.78 126.44 -10.91
N LEU C 1010 -34.25 126.49 -12.14
CA LEU C 1010 -34.91 126.58 -13.45
C LEU C 1010 -35.85 127.78 -13.66
N GLY C 1011 -35.84 128.32 -14.88
CA GLY C 1011 -36.31 129.68 -15.06
C GLY C 1011 -35.47 130.62 -14.19
N LEU C 1012 -36.09 131.65 -13.63
CA LEU C 1012 -35.47 132.50 -12.62
C LEU C 1012 -36.42 132.67 -11.44
N ALA C 1013 -35.97 132.54 -10.19
CA ALA C 1013 -36.82 132.85 -9.04
C ALA C 1013 -36.72 134.32 -8.66
N ARG C 1014 -37.84 135.06 -8.76
CA ARG C 1014 -37.96 136.40 -8.23
C ARG C 1014 -38.21 136.28 -6.73
N GLN C 1015 -39.41 135.93 -6.31
CA GLN C 1015 -39.71 135.74 -4.89
C GLN C 1015 -39.64 134.26 -4.50
N VAL C 1016 -39.51 134.04 -3.21
CA VAL C 1016 -38.88 132.87 -2.66
C VAL C 1016 -39.44 132.69 -1.25
N LYS C 1017 -40.68 132.22 -1.08
CA LYS C 1017 -41.12 131.73 0.23
C LYS C 1017 -40.56 130.32 0.39
N LEU C 1018 -40.04 129.98 1.55
CA LEU C 1018 -39.34 128.71 1.78
C LEU C 1018 -39.91 127.99 3.02
N ARG C 1019 -39.67 126.69 3.16
CA ARG C 1019 -40.08 125.96 4.37
C ARG C 1019 -39.12 124.80 4.70
N ALA C 1020 -39.08 124.43 5.97
CA ALA C 1020 -38.78 123.06 6.37
C ALA C 1020 -39.97 122.48 7.16
N THR C 1021 -40.10 121.16 7.21
CA THR C 1021 -41.15 120.51 7.98
C THR C 1021 -40.54 119.30 8.69
N PHE C 1022 -40.34 119.42 10.00
CA PHE C 1022 -39.70 118.37 10.80
C PHE C 1022 -40.61 117.17 11.06
N GLU C 1023 -39.95 116.09 11.48
CA GLU C 1023 -40.48 114.98 12.23
C GLU C 1023 -39.74 114.92 13.56
N SER C 1024 -40.38 114.38 14.57
CA SER C 1024 -39.76 114.14 15.87
C SER C 1024 -40.19 112.77 16.34
N ASN C 1025 -39.35 112.09 17.12
CA ASN C 1025 -39.95 111.16 18.06
C ASN C 1025 -40.43 112.02 19.25
N ARG C 1026 -41.06 111.41 20.26
CA ARG C 1026 -41.62 112.15 21.39
C ARG C 1026 -40.61 112.96 22.22
N TYR C 1027 -39.31 112.69 22.12
CA TYR C 1027 -38.25 113.26 22.96
C TYR C 1027 -37.11 113.93 22.18
N ILE C 1028 -37.11 113.83 20.85
CA ILE C 1028 -36.04 114.27 19.96
C ILE C 1028 -36.61 114.65 18.59
N SER C 1029 -36.25 115.85 18.13
CA SER C 1029 -36.45 116.38 16.76
C SER C 1029 -35.07 116.55 16.08
N PRO C 1030 -34.93 117.12 14.86
CA PRO C 1030 -33.66 117.74 14.51
C PRO C 1030 -33.18 118.76 15.57
N LEU C 1031 -31.91 119.12 15.49
CA LEU C 1031 -31.43 120.43 15.94
C LEU C 1031 -30.75 121.09 14.73
N MET C 1032 -31.57 121.59 13.78
CA MET C 1032 -31.10 122.19 12.53
C MET C 1032 -30.30 123.47 12.81
N SER C 1033 -29.08 123.57 12.31
CA SER C 1033 -28.30 124.80 12.45
C SER C 1033 -29.01 125.97 11.75
N SER C 1034 -29.15 127.06 12.49
CA SER C 1034 -29.64 128.35 11.99
C SER C 1034 -28.54 129.18 11.32
N SER C 1035 -27.27 128.89 11.59
CA SER C 1035 -26.16 129.62 10.97
C SER C 1035 -25.69 128.93 9.66
N ASP C 1036 -25.78 127.61 9.55
CA ASP C 1036 -25.56 126.82 8.31
C ASP C 1036 -26.68 127.00 7.30
N LEU C 1037 -27.80 127.55 7.73
CA LEU C 1037 -29.09 127.53 7.06
C LEU C 1037 -29.03 128.20 5.67
N THR C 1038 -28.87 127.48 4.55
CA THR C 1038 -29.01 128.07 3.19
C THR C 1038 -29.77 127.28 2.13
N PHE C 1039 -30.65 128.01 1.47
CA PHE C 1039 -31.09 127.81 0.10
C PHE C 1039 -30.19 128.75 -0.70
N THR C 1040 -28.88 128.46 -0.79
CA THR C 1040 -27.90 129.39 -1.39
C THR C 1040 -28.22 129.62 -2.86
N THR C 1041 -28.99 130.67 -3.15
CA THR C 1041 -29.40 131.05 -4.50
C THR C 1041 -28.22 131.58 -5.31
N PHE C 1042 -28.36 131.55 -6.63
CA PHE C 1042 -27.37 132.05 -7.57
C PHE C 1042 -28.01 132.67 -8.78
N LEU C 1043 -27.40 133.73 -9.31
CA LEU C 1043 -27.51 134.09 -10.71
C LEU C 1043 -26.35 133.40 -11.48
N THR C 1044 -26.55 133.07 -12.75
CA THR C 1044 -25.45 132.73 -13.67
C THR C 1044 -25.19 133.88 -14.63
N GLU C 1045 -23.92 134.23 -14.84
CA GLU C 1045 -23.49 135.18 -15.85
C GLU C 1045 -23.95 134.74 -17.27
N LEU C 1046 -24.29 135.67 -18.16
CA LEU C 1046 -24.73 135.30 -19.52
C LEU C 1046 -23.55 135.00 -20.48
N THR C 1047 -22.31 135.36 -20.14
CA THR C 1047 -21.15 135.14 -21.02
C THR C 1047 -19.85 134.87 -20.27
N GLY C 1048 -18.95 134.15 -20.91
CA GLY C 1048 -17.59 133.93 -20.43
C GLY C 1048 -16.76 133.28 -21.52
N SER C 1049 -15.69 133.94 -21.91
CA SER C 1049 -14.68 133.26 -22.70
C SER C 1049 -13.92 132.33 -21.79
N TYR C 1050 -14.18 131.03 -21.86
CA TYR C 1050 -13.09 130.13 -21.51
C TYR C 1050 -11.93 130.47 -22.44
N VAL C 1051 -10.77 130.78 -21.89
CA VAL C 1051 -9.51 130.86 -22.61
C VAL C 1051 -8.62 129.79 -22.03
N GLY C 1052 -8.06 128.92 -22.84
CA GLY C 1052 -7.05 127.95 -22.41
C GLY C 1052 -5.66 128.57 -22.50
N ARG C 1053 -4.72 128.21 -21.63
CA ARG C 1053 -3.40 128.86 -21.54
C ARG C 1053 -2.62 128.82 -22.85
N ALA C 1054 -1.73 129.80 -23.02
CA ALA C 1054 -0.92 129.98 -24.21
C ALA C 1054 -0.21 128.67 -24.61
N ILE C 1055 -0.15 128.39 -25.91
CA ILE C 1055 0.56 127.25 -26.47
C ILE C 1055 1.56 127.78 -27.50
N ASP C 1056 2.76 128.16 -27.03
CA ASP C 1056 3.89 128.39 -27.92
C ASP C 1056 4.08 127.12 -28.77
N MET C 1057 4.35 127.33 -30.04
CA MET C 1057 4.50 126.27 -31.05
C MET C 1057 5.76 126.46 -31.90
N THR C 1058 6.65 127.39 -31.52
CA THR C 1058 7.96 127.63 -32.14
C THR C 1058 8.84 126.37 -32.12
N GLU C 1059 8.54 125.45 -31.23
CA GLU C 1059 9.09 124.11 -31.09
C GLU C 1059 8.81 123.23 -32.33
N ALA C 1060 7.59 123.34 -32.88
CA ALA C 1060 7.11 122.54 -34.01
C ALA C 1060 6.05 123.35 -34.79
N PRO C 1061 6.41 124.46 -35.45
CA PRO C 1061 5.42 125.37 -36.00
C PRO C 1061 4.46 124.66 -36.94
N TYR C 1062 3.18 124.83 -36.64
CA TYR C 1062 2.03 124.22 -37.29
C TYR C 1062 1.28 125.31 -38.06
N ASN C 1063 0.17 125.03 -38.70
CA ASN C 1063 -0.82 126.08 -38.97
C ASN C 1063 -2.26 125.54 -39.08
N THR C 1064 -2.48 124.22 -39.21
CA THR C 1064 -3.74 123.57 -38.83
C THR C 1064 -3.93 123.57 -37.31
N VAL C 1065 -4.83 124.39 -36.79
CA VAL C 1065 -5.50 124.01 -35.55
C VAL C 1065 -6.51 122.96 -35.98
N ARG C 1066 -6.34 121.69 -35.60
CA ARG C 1066 -7.49 120.79 -35.48
C ARG C 1066 -7.95 120.84 -34.04
N PHE C 1067 -8.71 121.89 -33.78
CA PHE C 1067 -9.52 121.97 -32.58
C PHE C 1067 -10.55 120.84 -32.61
N SER C 1068 -10.93 120.36 -31.45
CA SER C 1068 -12.23 119.73 -31.26
C SER C 1068 -12.69 119.96 -29.83
N TYR C 1069 -13.98 120.22 -29.67
CA TYR C 1069 -14.59 120.34 -28.35
C TYR C 1069 -15.97 119.72 -28.36
N GLU C 1070 -16.48 119.31 -27.21
CA GLU C 1070 -17.88 118.92 -27.08
C GLU C 1070 -18.65 120.05 -26.42
N ALA C 1071 -19.81 120.37 -26.97
CA ALA C 1071 -20.81 121.12 -26.27
C ALA C 1071 -22.19 120.50 -26.52
N PHE C 1072 -23.03 120.55 -25.51
CA PHE C 1072 -24.46 120.61 -25.75
C PHE C 1072 -24.91 122.06 -25.61
N LEU C 1073 -25.66 122.57 -26.57
CA LEU C 1073 -26.06 123.98 -26.58
C LEU C 1073 -27.58 124.05 -26.38
N PRO C 1074 -28.07 124.25 -25.15
CA PRO C 1074 -29.47 124.60 -24.89
C PRO C 1074 -29.99 125.79 -25.72
N LYS C 1075 -31.31 126.01 -25.68
CA LYS C 1075 -31.97 127.19 -26.29
C LYS C 1075 -31.23 128.49 -25.97
N GLY C 1076 -31.05 129.34 -26.98
CA GLY C 1076 -30.42 130.65 -26.86
C GLY C 1076 -28.91 130.64 -26.62
N THR C 1077 -28.35 129.55 -26.13
CA THR C 1077 -26.92 129.45 -25.87
C THR C 1077 -26.14 129.40 -27.16
N LYS C 1078 -24.89 129.84 -27.11
CA LYS C 1078 -23.87 129.65 -28.13
C LYS C 1078 -22.51 129.37 -27.48
N VAL C 1079 -21.60 128.79 -28.24
CA VAL C 1079 -20.16 128.99 -28.01
C VAL C 1079 -19.61 129.71 -29.24
N VAL C 1080 -18.87 130.81 -29.08
CA VAL C 1080 -18.08 131.40 -30.19
C VAL C 1080 -16.62 130.97 -30.01
N PRO C 1081 -16.18 129.91 -30.69
CA PRO C 1081 -14.85 129.41 -30.52
C PRO C 1081 -13.89 130.37 -31.24
N LYS C 1082 -12.76 130.66 -30.61
CA LYS C 1082 -11.78 131.67 -31.05
C LYS C 1082 -10.32 131.25 -30.84
N TYR C 1083 -9.45 131.87 -31.61
CA TYR C 1083 -8.01 131.68 -31.52
C TYR C 1083 -7.25 132.98 -31.54
N SER C 1084 -6.24 133.02 -30.69
CA SER C 1084 -5.04 133.80 -30.91
C SER C 1084 -4.13 133.00 -31.83
N ALA C 1085 -3.58 133.67 -32.83
CA ALA C 1085 -2.49 133.14 -33.65
C ALA C 1085 -1.11 133.62 -33.13
N ASP C 1086 -0.99 133.91 -31.83
CA ASP C 1086 0.07 134.77 -31.32
C ASP C 1086 0.30 134.69 -29.78
N ASP C 1087 -0.14 133.62 -29.10
CA ASP C 1087 -0.04 133.44 -27.65
C ASP C 1087 -0.83 134.50 -26.80
N GLY C 1088 -2.08 134.76 -27.22
CA GLY C 1088 -3.17 135.43 -26.47
C GLY C 1088 -3.56 136.85 -26.92
N LYS C 1089 -3.04 137.36 -28.05
CA LYS C 1089 -3.16 138.79 -28.41
C LYS C 1089 -4.37 139.06 -29.31
N THR C 1090 -4.49 138.28 -30.38
CA THR C 1090 -5.67 138.23 -31.24
C THR C 1090 -6.68 137.24 -30.72
N TRP C 1091 -7.93 137.38 -31.15
CA TRP C 1091 -9.00 136.44 -30.83
C TRP C 1091 -9.98 136.27 -32.01
N LYS C 1092 -9.43 135.81 -33.14
CA LYS C 1092 -10.18 135.48 -34.35
C LYS C 1092 -11.23 134.45 -34.00
N THR C 1093 -12.47 134.59 -34.46
CA THR C 1093 -13.40 133.43 -34.48
C THR C 1093 -12.90 132.43 -35.50
N PHE C 1094 -13.06 131.13 -35.23
CA PHE C 1094 -12.66 130.13 -36.23
C PHE C 1094 -13.39 130.33 -37.57
N THR C 1095 -12.60 130.36 -38.63
CA THR C 1095 -12.96 130.66 -40.01
C THR C 1095 -13.38 129.43 -40.84
N LYS C 1096 -13.15 128.20 -40.36
CA LYS C 1096 -13.56 126.90 -40.96
C LYS C 1096 -14.67 126.24 -40.12
N SER C 1097 -15.21 125.12 -40.57
CA SER C 1097 -16.26 124.39 -39.83
C SER C 1097 -15.80 123.89 -38.45
N PRO C 1098 -16.48 124.22 -37.34
CA PRO C 1098 -16.31 123.59 -36.04
C PRO C 1098 -17.01 122.23 -36.06
N THR C 1099 -16.49 121.31 -36.86
CA THR C 1099 -17.27 120.23 -37.49
C THR C 1099 -18.15 119.45 -36.54
N THR C 1100 -19.46 119.63 -36.71
CA THR C 1100 -20.53 119.42 -35.73
C THR C 1100 -21.01 117.97 -35.65
N THR C 1101 -20.06 117.04 -35.52
CA THR C 1101 -20.31 115.61 -35.32
C THR C 1101 -21.09 115.39 -34.01
N ARG C 1102 -22.22 114.67 -33.92
CA ARG C 1102 -22.80 114.41 -32.58
C ARG C 1102 -21.82 113.55 -31.76
N ALA C 1103 -21.47 114.01 -30.56
CA ALA C 1103 -20.38 113.48 -29.74
C ALA C 1103 -20.67 112.05 -29.26
N ASN C 1104 -21.84 111.91 -28.68
CA ASN C 1104 -22.36 110.75 -27.97
C ASN C 1104 -23.89 110.83 -28.05
N ASN C 1105 -24.59 110.12 -27.18
CA ASN C 1105 -26.04 110.21 -27.05
C ASN C 1105 -26.52 111.53 -26.39
N GLU C 1106 -25.75 112.64 -26.47
CA GLU C 1106 -26.06 113.93 -25.82
C GLU C 1106 -25.44 115.17 -26.50
N PHE C 1107 -24.15 115.44 -26.29
CA PHE C 1107 -23.48 116.65 -26.79
C PHE C 1107 -23.26 116.53 -28.30
N THR C 1108 -23.09 117.65 -28.96
CA THR C 1108 -22.34 117.67 -30.21
C THR C 1108 -20.86 117.86 -29.92
N ARG C 1109 -20.03 117.35 -30.82
CA ARG C 1109 -18.59 117.57 -30.90
C ARG C 1109 -18.30 118.38 -32.15
N TYR C 1110 -17.29 119.24 -32.06
CA TYR C 1110 -17.12 120.39 -32.92
C TYR C 1110 -15.68 120.44 -33.38
N VAL C 1111 -15.36 119.62 -34.37
CA VAL C 1111 -13.99 119.49 -34.85
C VAL C 1111 -13.61 120.69 -35.71
N ILE C 1112 -13.17 121.77 -35.07
CA ILE C 1112 -12.71 122.98 -35.74
C ILE C 1112 -11.32 122.76 -36.36
N ASP C 1113 -11.33 122.11 -37.52
CA ASP C 1113 -10.14 121.83 -38.32
C ASP C 1113 -9.88 122.95 -39.33
N GLU C 1114 -8.79 123.70 -39.11
CA GLU C 1114 -8.58 125.03 -39.65
C GLU C 1114 -7.11 125.40 -39.79
N LYS C 1115 -6.69 125.78 -41.00
CA LYS C 1115 -5.43 126.50 -41.20
C LYS C 1115 -5.52 127.93 -40.64
N VAL C 1116 -5.46 128.05 -39.31
CA VAL C 1116 -5.48 129.32 -38.56
C VAL C 1116 -4.32 130.25 -38.91
N LYS C 1117 -3.20 129.69 -39.41
CA LYS C 1117 -2.06 130.45 -39.92
C LYS C 1117 -1.66 130.02 -41.31
N SER C 1118 -2.60 130.16 -42.24
CA SER C 1118 -2.30 130.34 -43.66
C SER C 1118 -1.22 131.40 -43.90
N SER C 1119 -1.18 132.42 -43.05
CA SER C 1119 -0.16 133.47 -42.90
C SER C 1119 1.19 132.97 -42.34
N GLY C 1120 1.80 132.00 -43.02
CA GLY C 1120 3.12 131.43 -42.72
C GLY C 1120 3.02 130.10 -41.98
N THR C 1121 3.56 130.05 -40.77
CA THR C 1121 3.22 128.99 -39.80
C THR C 1121 2.89 129.63 -38.47
N ASN C 1122 1.94 129.06 -37.75
CA ASN C 1122 1.80 129.30 -36.33
C ASN C 1122 2.91 128.57 -35.55
N THR C 1123 3.97 129.33 -35.31
CA THR C 1123 4.86 129.20 -34.17
C THR C 1123 4.14 129.50 -32.84
N LYS C 1124 2.84 129.80 -32.85
CA LYS C 1124 2.09 130.38 -31.72
C LYS C 1124 0.62 129.94 -31.69
N LEU C 1125 -0.04 130.08 -30.55
CA LEU C 1125 -1.47 129.78 -30.37
C LEU C 1125 -1.97 130.22 -28.98
N GLN C 1126 -3.20 130.70 -28.91
CA GLN C 1126 -3.97 130.54 -27.69
C GLN C 1126 -5.42 130.23 -28.03
N VAL C 1127 -6.10 129.45 -27.19
CA VAL C 1127 -7.39 128.80 -27.52
C VAL C 1127 -8.53 129.39 -26.69
N ARG C 1128 -9.73 129.57 -27.28
CA ARG C 1128 -10.85 130.24 -26.61
C ARG C 1128 -12.21 129.71 -27.06
N LEU C 1129 -13.18 129.78 -26.17
CA LEU C 1129 -14.58 129.41 -26.36
C LEU C 1129 -15.46 130.45 -25.65
N ASP C 1130 -16.15 131.31 -26.39
CA ASP C 1130 -17.08 132.27 -25.79
C ASP C 1130 -18.42 131.60 -25.54
N LEU C 1131 -18.50 130.90 -24.42
CA LEU C 1131 -19.75 130.50 -23.81
C LEU C 1131 -20.62 131.75 -23.68
N SER C 1132 -21.83 131.71 -24.24
CA SER C 1132 -22.75 132.85 -24.29
C SER C 1132 -24.21 132.40 -24.34
N THR C 1133 -25.15 133.24 -23.89
CA THR C 1133 -26.57 132.90 -23.80
C THR C 1133 -27.50 134.10 -23.70
N GLU C 1134 -28.80 133.88 -23.92
CA GLU C 1134 -29.88 134.86 -23.75
C GLU C 1134 -30.43 134.97 -22.32
N ASN C 1135 -30.36 133.90 -21.50
CA ASN C 1135 -30.78 133.96 -20.10
C ASN C 1135 -29.95 133.01 -19.22
N SER C 1136 -29.82 133.32 -17.93
CA SER C 1136 -28.84 132.68 -17.05
C SER C 1136 -29.15 131.22 -16.73
N PHE C 1137 -30.40 130.79 -16.88
CA PHE C 1137 -30.78 129.41 -16.68
C PHE C 1137 -30.39 128.52 -17.87
N LEU C 1138 -30.44 129.03 -19.09
CA LEU C 1138 -29.94 128.33 -20.28
C LEU C 1138 -28.45 128.58 -20.44
N ARG C 1139 -27.60 127.55 -20.33
CA ARG C 1139 -26.14 127.75 -20.43
C ARG C 1139 -25.52 126.76 -21.40
N PRO C 1140 -24.55 127.17 -22.25
CA PRO C 1140 -23.80 126.23 -23.07
C PRO C 1140 -23.03 125.29 -22.14
N ARG C 1141 -23.15 124.00 -22.38
CA ARG C 1141 -22.59 122.96 -21.52
C ARG C 1141 -21.39 122.42 -22.27
N VAL C 1142 -20.16 122.54 -21.76
CA VAL C 1142 -18.94 122.23 -22.55
C VAL C 1142 -18.04 121.18 -21.88
N ARG C 1143 -17.36 120.35 -22.68
CA ARG C 1143 -16.47 119.29 -22.21
C ARG C 1143 -15.50 118.83 -23.30
N ARG C 1144 -14.49 118.04 -22.91
CA ARG C 1144 -13.55 117.30 -23.78
C ARG C 1144 -12.95 118.16 -24.91
N LEU C 1145 -12.29 119.25 -24.53
CA LEU C 1145 -11.61 120.18 -25.44
C LEU C 1145 -10.21 119.64 -25.78
N MET C 1146 -9.83 119.67 -27.05
CA MET C 1146 -8.44 119.62 -27.48
C MET C 1146 -8.17 120.53 -28.67
N VAL C 1147 -6.89 120.85 -28.88
CA VAL C 1147 -6.34 121.15 -30.20
C VAL C 1147 -5.27 120.13 -30.52
N THR C 1148 -5.49 119.27 -31.51
CA THR C 1148 -4.36 118.73 -32.26
C THR C 1148 -3.90 119.79 -33.25
N THR C 1149 -2.61 119.82 -33.57
CA THR C 1149 -2.06 120.77 -34.53
C THR C 1149 -1.23 120.08 -35.59
N ARG C 1150 -1.41 120.46 -36.87
CA ARG C 1150 -0.60 120.05 -38.02
C ARG C 1150 -0.03 121.28 -38.73
N ASP C 1151 1.12 121.12 -39.39
CA ASP C 1151 1.59 122.14 -40.34
C ASP C 1151 1.20 121.75 -41.75
N GLU C 1152 0.69 122.71 -42.51
CA GLU C 1152 0.17 122.55 -43.87
C GLU C 1152 0.31 123.83 -44.73
N ILE D 3 -2.83 92.64 71.68
CA ILE D 3 -3.72 91.97 72.69
C ILE D 3 -3.96 90.49 72.23
N ASN D 4 -3.91 89.50 73.14
CA ASN D 4 -4.18 88.08 72.86
C ASN D 4 -5.17 87.44 73.86
N PHE D 5 -6.37 87.09 73.39
CA PHE D 5 -7.42 86.46 74.22
C PHE D 5 -7.16 84.96 74.44
N LYS D 6 -6.04 84.41 73.97
CA LYS D 6 -5.48 83.15 74.46
C LYS D 6 -4.91 83.25 75.89
N GLY D 7 -4.56 84.44 76.36
CA GLY D 7 -4.22 84.66 77.77
C GLY D 7 -5.44 84.51 78.68
N SER D 8 -5.22 84.41 79.98
CA SER D 8 -6.30 84.37 80.98
C SER D 8 -7.07 85.71 81.09
N PRO D 9 -8.36 85.71 81.50
CA PRO D 9 -9.28 84.59 81.71
C PRO D 9 -9.92 84.12 80.38
N TYR D 10 -9.83 84.93 79.33
CA TYR D 10 -10.47 84.83 78.03
C TYR D 10 -10.10 83.58 77.22
N LEU D 11 -8.89 83.05 77.42
CA LEU D 11 -8.31 81.76 77.03
C LEU D 11 -8.34 81.28 75.56
N ASP D 12 -9.29 81.71 74.73
CA ASP D 12 -9.40 81.52 73.27
C ASP D 12 -8.60 80.30 72.71
N ARG D 13 -9.03 79.06 72.96
CA ARG D 13 -8.34 77.84 72.46
C ARG D 13 -8.80 77.38 71.07
N PHE D 14 -9.31 78.31 70.25
CA PHE D 14 -9.67 78.08 68.85
C PHE D 14 -8.44 77.64 68.01
N ASP D 15 -8.70 76.90 66.94
CA ASP D 15 -7.70 76.45 65.98
C ASP D 15 -8.23 76.55 64.53
N PRO D 16 -7.74 77.53 63.74
CA PRO D 16 -8.16 77.68 62.34
C PRO D 16 -7.56 76.57 61.48
N SER D 17 -6.38 76.06 61.84
CA SER D 17 -5.68 75.01 61.10
C SER D 17 -6.40 73.67 61.17
N LYS D 18 -7.16 73.40 62.24
CA LYS D 18 -8.13 72.27 62.32
C LYS D 18 -9.42 72.49 61.51
N ASP D 19 -9.69 73.70 61.03
CA ASP D 19 -11.05 74.16 60.72
C ASP D 19 -12.03 73.84 61.86
N ARG D 20 -11.76 74.29 63.10
CA ARG D 20 -12.80 74.30 64.15
C ARG D 20 -13.98 75.14 63.64
N THR D 21 -15.15 74.55 63.41
CA THR D 21 -16.20 75.14 62.56
C THR D 21 -17.36 75.78 63.30
N LYS D 22 -17.74 75.26 64.47
CA LYS D 22 -18.97 75.68 65.17
C LYS D 22 -18.84 75.53 66.67
N VAL D 23 -19.56 76.29 67.47
CA VAL D 23 -19.58 76.14 68.92
C VAL D 23 -20.89 75.54 69.37
N LEU D 24 -20.78 74.48 70.14
CA LEU D 24 -21.87 73.63 70.57
C LEU D 24 -22.00 73.78 72.09
N PHE D 25 -22.48 74.95 72.51
CA PHE D 25 -22.68 75.32 73.90
C PHE D 25 -23.55 74.30 74.66
N ASN D 26 -23.37 74.16 75.98
CA ASN D 26 -23.99 73.10 76.81
C ASN D 26 -24.91 73.68 77.93
N PRO D 27 -26.00 73.01 78.36
CA PRO D 27 -27.19 73.59 79.03
C PRO D 27 -26.96 74.16 80.45
N ASP D 28 -27.86 75.06 80.92
CA ASP D 28 -27.84 75.85 82.19
C ASP D 28 -26.47 75.86 82.88
N ARG D 29 -25.63 76.80 82.44
CA ARG D 29 -24.18 76.62 82.46
C ARG D 29 -23.34 77.62 83.28
N PRO D 30 -22.84 77.24 84.48
CA PRO D 30 -21.60 77.82 85.00
C PRO D 30 -20.52 77.57 83.96
N LEU D 31 -19.87 78.64 83.52
CA LEU D 31 -19.24 78.72 82.20
C LEU D 31 -17.82 79.22 82.29
N GLN D 32 -16.90 78.51 81.64
CA GLN D 32 -15.60 79.03 81.32
C GLN D 32 -15.80 80.10 80.25
N GLN D 33 -15.71 81.38 80.62
CA GLN D 33 -15.75 82.44 79.61
C GLN D 33 -14.57 82.35 78.62
N ALA D 34 -13.59 81.49 78.93
CA ALA D 34 -12.65 80.85 78.04
C ALA D 34 -13.26 80.44 76.68
N GLU D 35 -14.48 79.88 76.63
CA GLU D 35 -15.05 79.43 75.34
C GLU D 35 -15.25 80.59 74.34
N LEU D 36 -15.56 81.76 74.89
CA LEU D 36 -16.36 82.76 74.21
C LEU D 36 -15.58 83.58 73.20
N ASN D 37 -14.39 84.01 73.59
CA ASN D 37 -13.42 84.62 72.69
C ASN D 37 -13.22 83.67 71.52
N GLU D 38 -13.01 82.40 71.84
CA GLU D 38 -12.81 81.30 70.92
C GLU D 38 -14.01 81.07 69.96
N MET D 39 -15.26 81.39 70.35
CA MET D 39 -16.39 81.37 69.40
C MET D 39 -16.27 82.47 68.35
N GLN D 40 -16.03 83.71 68.75
CA GLN D 40 -15.88 84.76 67.76
C GLN D 40 -14.63 84.48 66.91
N SER D 41 -13.61 83.85 67.49
CA SER D 41 -12.37 83.41 66.84
C SER D 41 -12.63 82.43 65.68
N ILE D 42 -13.50 81.44 65.93
CA ILE D 42 -14.02 80.52 64.91
C ILE D 42 -14.64 81.31 63.74
N ASP D 43 -15.58 82.21 64.01
CA ASP D 43 -16.22 83.01 62.96
C ASP D 43 -15.24 83.94 62.27
N GLN D 44 -14.35 84.55 63.05
CA GLN D 44 -13.30 85.45 62.59
C GLN D 44 -12.41 84.78 61.57
N TYR D 45 -12.03 83.50 61.74
CA TYR D 45 -11.25 82.80 60.70
C TYR D 45 -11.97 82.82 59.36
N TYR D 46 -13.16 82.25 59.25
CA TYR D 46 -13.85 82.17 57.97
C TYR D 46 -14.17 83.54 57.38
N LEU D 47 -14.61 84.48 58.21
CA LEU D 47 -14.77 85.88 57.82
C LEU D 47 -13.47 86.41 57.24
N LYS D 48 -12.38 86.29 58.00
CA LYS D 48 -11.09 86.79 57.62
C LYS D 48 -10.68 86.18 56.30
N ASN D 49 -10.86 84.88 56.14
CA ASN D 49 -10.54 84.16 54.91
C ASN D 49 -11.27 84.76 53.72
N LEU D 50 -12.57 85.01 53.88
CA LEU D 50 -13.40 85.52 52.80
C LEU D 50 -13.07 86.98 52.44
N GLY D 51 -12.34 87.70 53.31
CA GLY D 51 -11.72 88.98 52.96
C GLY D 51 -10.33 88.82 52.37
N ASP D 52 -9.41 88.18 53.10
CA ASP D 52 -7.96 88.22 52.83
C ASP D 52 -7.52 87.38 51.63
N ALA D 53 -8.31 86.41 51.18
CA ALA D 53 -8.10 85.75 49.90
C ALA D 53 -8.49 86.64 48.69
N ILE D 54 -9.08 87.83 48.93
CA ILE D 54 -9.76 88.69 47.92
C ILE D 54 -9.21 90.13 47.85
N PHE D 55 -8.91 90.75 48.98
CA PHE D 55 -8.48 92.16 49.06
C PHE D 55 -7.00 92.36 49.47
N LYS D 56 -6.56 93.62 49.45
CA LYS D 56 -5.31 94.16 50.02
C LYS D 56 -5.66 95.27 51.04
N ASP D 57 -4.92 95.37 52.13
CA ASP D 57 -5.11 96.45 53.12
C ASP D 57 -4.75 97.81 52.53
N GLY D 58 -5.69 98.76 52.57
CA GLY D 58 -5.64 99.98 51.78
C GLY D 58 -6.40 99.89 50.45
N ASP D 59 -7.12 98.79 50.16
CA ASP D 59 -8.12 98.79 49.10
C ASP D 59 -9.25 99.75 49.50
N LYS D 60 -9.29 100.94 48.90
CA LYS D 60 -10.34 101.95 49.08
C LYS D 60 -11.64 101.44 48.48
N GLN D 61 -12.78 101.74 49.10
CA GLN D 61 -14.10 101.21 48.66
C GLN D 61 -15.17 102.29 48.50
N SER D 62 -14.97 103.48 49.06
CA SER D 62 -15.87 104.62 48.90
C SER D 62 -15.15 105.92 49.19
N GLY D 63 -15.75 107.07 48.87
CA GLY D 63 -15.49 108.38 49.46
C GLY D 63 -14.15 109.06 49.13
N LEU D 64 -13.03 108.33 49.12
CA LEU D 64 -11.62 108.77 49.21
C LEU D 64 -11.00 109.52 48.02
N GLY D 65 -11.74 110.49 47.49
CA GLY D 65 -11.12 111.64 46.82
C GLY D 65 -10.30 112.46 47.84
N PHE D 66 -9.72 113.62 47.48
CA PHE D 66 -8.78 114.28 48.40
C PHE D 66 -8.55 115.78 48.19
N THR D 67 -8.00 116.43 49.21
CA THR D 67 -7.27 117.70 49.14
C THR D 67 -5.86 117.45 49.62
N LEU D 68 -4.84 117.72 48.81
CA LEU D 68 -3.51 117.91 49.40
C LEU D 68 -3.47 119.32 49.98
N SER D 69 -3.47 119.45 51.30
CA SER D 69 -3.17 120.74 51.94
C SER D 69 -1.80 121.18 51.43
N GLU D 70 -1.68 122.44 51.05
CA GLU D 70 -0.67 122.88 50.10
C GLU D 70 0.69 123.23 50.75
N ASP D 71 0.75 123.13 52.06
CA ASP D 71 1.98 122.87 52.82
C ASP D 71 2.50 121.43 52.64
N ASN D 72 1.73 120.59 51.93
CA ASN D 72 1.81 119.14 51.82
C ASN D 72 1.16 118.32 52.94
N VAL D 73 0.24 118.83 53.77
CA VAL D 73 -0.57 117.94 54.63
C VAL D 73 -1.64 117.25 53.77
N LEU D 74 -1.50 115.97 53.45
CA LEU D 74 -2.52 115.30 52.65
C LEU D 74 -3.77 115.09 53.52
N THR D 75 -4.89 115.60 53.02
CA THR D 75 -6.22 115.46 53.61
C THR D 75 -7.08 114.69 52.64
N VAL D 76 -7.00 113.36 52.69
CA VAL D 76 -7.94 112.54 51.91
C VAL D 76 -9.35 112.79 52.48
N ASN D 77 -10.30 113.10 51.58
CA ASN D 77 -11.70 113.34 51.91
C ASN D 77 -12.29 111.95 52.23
N PRO D 78 -12.71 111.61 53.46
CA PRO D 78 -12.84 110.22 53.91
C PRO D 78 -13.81 109.28 53.16
N GLY D 79 -13.70 107.96 53.44
CA GLY D 79 -14.50 106.89 52.82
C GLY D 79 -14.16 105.48 53.33
N TYR D 80 -14.78 104.43 52.78
CA TYR D 80 -14.46 103.02 53.10
C TYR D 80 -13.06 102.56 52.66
N VAL D 81 -12.52 101.57 53.38
CA VAL D 81 -11.23 100.90 53.14
C VAL D 81 -11.26 99.42 53.54
N TYR D 82 -10.40 98.62 52.93
CA TYR D 82 -10.02 97.32 53.47
C TYR D 82 -8.86 97.48 54.46
N ILE D 83 -8.95 96.77 55.56
CA ILE D 83 -7.77 96.34 56.32
C ILE D 83 -8.00 94.85 56.59
N ASN D 84 -6.98 94.11 57.01
CA ASN D 84 -7.00 92.66 57.09
C ASN D 84 -8.32 92.06 57.63
N GLY D 85 -8.75 91.01 56.96
CA GLY D 85 -10.04 90.33 57.08
C GLY D 85 -11.27 91.06 56.55
N LYS D 86 -11.32 92.39 56.53
CA LYS D 86 -12.60 93.10 56.43
C LYS D 86 -12.57 94.49 55.77
N ILE D 87 -13.63 94.79 55.02
CA ILE D 87 -14.02 96.15 54.60
C ILE D 87 -14.65 96.92 55.78
N ARG D 88 -14.22 98.16 55.99
CA ARG D 88 -14.50 99.03 57.13
C ARG D 88 -14.54 100.48 56.66
N TYR D 89 -15.34 101.35 57.25
CA TYR D 89 -15.20 102.77 56.94
C TYR D 89 -13.85 103.28 57.43
N TYR D 90 -13.02 103.95 56.62
CA TYR D 90 -11.81 104.53 57.21
C TYR D 90 -12.22 105.69 58.12
N ASP D 91 -11.88 105.56 59.40
CA ASP D 91 -12.45 106.30 60.52
C ASP D 91 -12.31 107.83 60.43
N ASN D 92 -11.35 108.32 59.64
CA ASN D 92 -10.88 109.69 59.70
C ASN D 92 -10.47 110.21 58.30
N ASP D 93 -10.10 111.48 58.23
CA ASP D 93 -9.14 111.93 57.20
C ASP D 93 -7.73 111.70 57.78
N ASP D 94 -7.55 112.00 59.08
CA ASP D 94 -6.31 111.97 59.86
C ASP D 94 -5.12 112.74 59.20
N SER D 95 -5.37 113.93 58.64
CA SER D 95 -4.44 114.57 57.67
C SER D 95 -3.05 114.91 58.22
N VAL D 96 -2.01 114.44 57.54
CA VAL D 96 -0.60 114.48 57.99
C VAL D 96 0.31 115.01 56.89
N LYS D 97 1.48 115.55 57.27
CA LYS D 97 2.45 116.10 56.32
C LYS D 97 3.12 115.00 55.48
N ILE D 98 2.72 114.90 54.21
CA ILE D 98 3.54 114.27 53.16
C ILE D 98 4.69 115.23 52.84
N THR D 99 5.85 114.75 52.42
CA THR D 99 6.99 115.63 52.12
C THR D 99 6.79 116.45 50.85
N GLY D 100 5.99 115.94 49.91
CA GLY D 100 5.86 116.47 48.55
C GLY D 100 7.08 116.16 47.64
N VAL D 101 7.97 115.23 47.99
CA VAL D 101 9.11 114.80 47.16
C VAL D 101 9.34 113.27 47.21
N GLY D 102 9.48 112.62 46.05
CA GLY D 102 9.51 111.17 45.96
C GLY D 102 8.14 110.51 46.23
N LYS D 103 8.09 109.17 46.28
CA LYS D 103 6.84 108.39 46.40
C LYS D 103 6.30 108.44 47.82
N GLU D 104 5.40 109.38 48.10
CA GLU D 104 4.83 109.51 49.43
C GLU D 104 3.79 108.40 49.76
N THR D 105 4.21 107.27 50.33
CA THR D 105 3.34 106.11 50.51
C THR D 105 2.34 106.34 51.64
N ILE D 106 1.11 106.67 51.29
CA ILE D 106 0.04 106.97 52.23
C ILE D 106 -0.63 105.67 52.67
N GLY D 107 -0.71 105.35 53.95
CA GLY D 107 -1.36 104.12 54.36
C GLY D 107 -1.69 103.96 55.83
N ILE D 108 -2.75 103.19 56.08
CA ILE D 108 -3.51 103.15 57.34
C ILE D 108 -3.06 102.02 58.28
N LYS D 109 -3.53 102.10 59.53
CA LYS D 109 -3.24 101.22 60.67
C LYS D 109 -4.41 101.27 61.65
N LEU D 110 -4.55 100.29 62.54
CA LEU D 110 -5.49 100.39 63.67
C LEU D 110 -4.90 99.86 65.00
N THR D 111 -5.45 100.30 66.15
CA THR D 111 -4.69 100.43 67.41
C THR D 111 -5.47 99.95 68.65
N GLU D 112 -5.06 98.85 69.29
CA GLU D 112 -5.87 98.17 70.32
C GLU D 112 -5.98 98.84 71.71
N ARG D 113 -7.04 98.45 72.42
CA ARG D 113 -7.39 98.73 73.82
C ARG D 113 -8.21 97.58 74.39
N ILE D 114 -8.24 97.42 75.72
CA ILE D 114 -9.30 96.65 76.41
C ILE D 114 -10.24 97.57 77.18
N VAL D 115 -11.55 97.39 77.00
CA VAL D 115 -12.61 97.98 77.81
C VAL D 115 -12.93 97.03 78.96
N THR D 116 -12.58 97.38 80.19
CA THR D 116 -13.00 96.63 81.37
C THR D 116 -14.45 96.94 81.77
N PRO D 117 -15.05 96.23 82.75
CA PRO D 117 -16.21 96.70 83.52
C PRO D 117 -16.09 98.09 84.14
N ASP D 118 -14.92 98.74 84.02
CA ASP D 118 -14.52 99.95 84.71
C ASP D 118 -14.28 101.08 83.69
N GLU D 119 -13.87 100.74 82.47
CA GLU D 119 -14.03 101.62 81.33
C GLU D 119 -15.51 101.71 80.86
N ASP D 120 -16.25 100.59 80.78
CA ASP D 120 -17.71 100.60 80.74
C ASP D 120 -18.28 100.13 82.08
N ALA D 121 -18.96 101.00 82.81
CA ALA D 121 -19.66 100.57 84.02
C ALA D 121 -20.78 99.55 83.70
N SER D 122 -21.28 99.51 82.46
CA SER D 122 -22.33 98.57 82.02
C SER D 122 -21.93 97.09 82.12
N LEU D 123 -20.65 96.77 82.36
CA LEU D 123 -20.20 95.37 82.49
C LEU D 123 -20.19 94.90 83.96
N LEU D 124 -21.02 95.57 84.78
CA LEU D 124 -21.29 95.31 86.19
C LEU D 124 -22.77 94.88 86.40
N ASP D 125 -23.07 94.21 87.52
CA ASP D 125 -24.15 93.21 87.63
C ASP D 125 -25.60 93.58 87.24
N GLN D 126 -26.33 92.55 86.78
CA GLN D 126 -27.79 92.56 86.73
C GLN D 126 -28.49 91.27 87.25
N THR D 127 -27.85 90.37 88.02
CA THR D 127 -28.65 89.59 88.98
C THR D 127 -29.36 90.53 89.97
N SER D 128 -28.88 91.77 90.11
CA SER D 128 -29.71 92.92 90.52
C SER D 128 -29.43 94.20 89.73
N GLY D 129 -28.37 94.95 90.01
CA GLY D 129 -28.19 96.32 89.50
C GLY D 129 -26.72 96.75 89.39
N VAL D 130 -26.45 97.67 88.45
CA VAL D 130 -25.15 97.76 87.77
C VAL D 130 -23.94 98.30 88.58
N PRO D 131 -23.72 99.63 88.75
CA PRO D 131 -22.38 100.13 89.07
C PRO D 131 -21.96 99.89 90.53
N SER D 132 -20.97 99.03 90.76
CA SER D 132 -20.42 98.76 92.10
C SER D 132 -19.09 97.99 92.09
N TYR D 133 -18.56 97.83 93.31
CA TYR D 133 -17.69 96.75 93.78
C TYR D 133 -18.36 95.35 93.64
N PHE D 134 -17.56 94.29 93.47
CA PHE D 134 -17.96 92.85 93.56
C PHE D 134 -19.17 92.42 92.70
N SER D 135 -19.11 92.68 91.40
CA SER D 135 -20.28 92.65 90.52
C SER D 135 -19.99 92.40 89.04
N LYS D 136 -18.82 91.81 88.68
CA LYS D 136 -18.18 91.93 87.35
C LYS D 136 -18.57 90.87 86.31
N GLY D 137 -18.68 91.31 85.05
CA GLY D 137 -18.94 90.47 83.86
C GLY D 137 -18.05 90.83 82.67
N ALA D 138 -18.63 91.33 81.57
CA ALA D 138 -17.93 91.49 80.27
C ALA D 138 -16.71 92.43 80.26
N ASP D 139 -16.03 92.45 79.13
CA ASP D 139 -14.93 93.33 78.69
C ASP D 139 -15.04 93.52 77.15
N ARG D 140 -14.17 94.31 76.50
CA ARG D 140 -14.04 94.37 75.02
C ARG D 140 -12.60 94.50 74.56
N LEU D 141 -12.32 94.14 73.31
CA LEU D 141 -11.25 94.73 72.51
C LEU D 141 -11.81 95.91 71.71
N GLU D 142 -11.05 96.99 71.62
CA GLU D 142 -11.38 98.14 70.77
C GLU D 142 -10.12 98.66 70.09
N GLU D 143 -10.19 99.08 68.82
CA GLU D 143 -9.03 99.08 67.92
C GLU D 143 -8.96 100.28 66.97
N LYS D 144 -8.56 101.46 67.46
CA LYS D 144 -8.77 102.71 66.73
C LYS D 144 -7.98 102.84 65.45
N MET D 145 -8.65 103.12 64.33
CA MET D 145 -8.07 103.39 63.01
C MET D 145 -7.29 104.71 62.98
N SER D 146 -6.29 104.79 62.09
CA SER D 146 -5.27 105.84 62.00
C SER D 146 -4.54 105.82 60.66
N LEU D 147 -3.84 106.90 60.33
CA LEU D 147 -3.09 107.06 59.10
C LEU D 147 -1.56 107.16 59.37
N THR D 148 -0.78 106.76 58.36
CA THR D 148 0.69 106.87 58.28
C THR D 148 1.09 107.29 56.87
N VAL D 149 2.32 107.78 56.69
CA VAL D 149 2.89 108.06 55.37
C VAL D 149 4.35 107.62 55.35
N ASN D 150 4.87 107.21 54.19
CA ASN D 150 6.22 106.67 53.99
C ASN D 150 6.55 105.39 54.78
N ASP D 151 5.58 104.81 55.48
CA ASP D 151 5.53 103.38 55.76
C ASP D 151 4.83 102.71 54.57
N PRO D 152 5.54 101.97 53.71
CA PRO D 152 4.92 101.23 52.60
C PRO D 152 4.20 99.94 53.08
N THR D 153 4.50 99.50 54.31
CA THR D 153 3.96 98.29 54.92
C THR D 153 2.66 98.59 55.69
N SER D 154 2.41 99.87 55.92
CA SER D 154 1.07 100.35 56.24
C SER D 154 0.07 99.99 55.13
N ALA D 155 -1.23 100.03 55.45
CA ALA D 155 -2.31 99.73 54.52
C ALA D 155 -2.37 100.78 53.40
N THR D 156 -1.54 100.63 52.37
CA THR D 156 -1.12 101.75 51.50
C THR D 156 -2.18 102.09 50.46
N ILE D 157 -3.10 102.99 50.83
CA ILE D 157 -4.19 103.50 49.99
C ILE D 157 -3.72 104.26 48.75
N TYR D 158 -2.52 104.85 48.79
CA TYR D 158 -1.95 105.70 47.73
C TYR D 158 -0.42 105.83 47.83
N THR D 159 0.22 106.32 46.77
CA THR D 159 1.51 107.01 46.91
C THR D 159 1.49 108.32 46.15
N PHE D 160 2.08 109.36 46.75
CA PHE D 160 2.05 110.70 46.17
C PHE D 160 3.44 111.11 45.70
N MET D 161 3.81 110.64 44.50
CA MET D 161 5.09 110.95 43.84
C MET D 161 5.32 112.45 43.66
N ASP D 162 6.37 113.01 44.26
CA ASP D 162 6.67 114.45 44.19
C ASP D 162 5.47 115.33 44.61
N GLY D 163 4.59 114.78 45.47
CA GLY D 163 3.32 115.39 45.85
C GLY D 163 2.27 115.42 44.72
N ASP D 164 2.57 114.90 43.52
CA ASP D 164 1.56 114.39 42.62
C ASP D 164 0.88 113.22 43.32
N LEU D 165 -0.44 112.97 43.18
CA LEU D 165 -0.83 111.55 43.31
C LEU D 165 -0.07 110.86 42.17
N TYR D 166 0.66 109.78 42.44
CA TYR D 166 1.58 109.26 41.42
C TYR D 166 0.84 108.79 40.14
N ILE D 167 -0.46 108.52 40.25
CA ILE D 167 -1.37 108.04 39.20
C ILE D 167 -2.80 108.58 39.45
N GLN D 168 -3.87 108.03 38.85
CA GLN D 168 -5.23 108.11 39.44
C GLN D 168 -6.14 106.98 38.91
N SER D 169 -5.84 105.73 39.26
CA SER D 169 -6.40 104.49 38.69
C SER D 169 -7.81 104.10 39.18
N THR D 170 -8.66 105.07 39.49
CA THR D 170 -9.72 104.92 40.49
C THR D 170 -11.02 104.20 40.08
N ASN D 171 -10.99 103.39 39.02
CA ASN D 171 -12.01 102.34 38.76
C ASN D 171 -11.37 100.95 38.82
N ALA D 172 -12.14 99.92 39.20
CA ALA D 172 -11.64 98.55 39.25
C ALA D 172 -11.66 97.78 37.90
N GLU D 173 -12.44 98.23 36.91
CA GLU D 173 -12.78 97.42 35.72
C GLU D 173 -12.52 98.13 34.38
N MET D 174 -13.09 99.31 34.11
CA MET D 174 -13.01 99.98 32.80
C MET D 174 -11.55 100.26 32.40
N ASP D 175 -10.75 100.64 33.40
CA ASP D 175 -9.31 100.79 33.33
C ASP D 175 -8.62 99.47 32.90
N LYS D 176 -9.04 98.35 33.48
CA LYS D 176 -8.46 97.01 33.27
C LYS D 176 -8.83 96.48 31.89
N ILE D 177 -10.06 96.75 31.44
CA ILE D 177 -10.55 96.43 30.09
C ILE D 177 -9.85 97.31 29.03
N ASN D 178 -9.58 98.59 29.29
CA ASN D 178 -8.77 99.42 28.40
C ASN D 178 -7.34 98.89 28.28
N LYS D 179 -6.76 98.44 29.41
CA LYS D 179 -5.51 97.67 29.47
C LYS D 179 -5.58 96.30 28.77
N VAL D 180 -6.73 95.92 28.24
CA VAL D 180 -6.83 94.97 27.14
C VAL D 180 -6.93 95.70 25.79
N LEU D 181 -8.01 96.42 25.51
CA LEU D 181 -8.38 96.78 24.14
C LEU D 181 -7.39 97.71 23.46
N ALA D 182 -7.14 98.90 24.01
CA ALA D 182 -6.19 99.83 23.40
C ALA D 182 -4.80 99.20 23.37
N GLU D 183 -4.51 98.29 24.28
CA GLU D 183 -3.29 97.50 24.24
C GLU D 183 -3.24 96.57 23.01
N ARG D 184 -4.26 95.74 22.76
CA ARG D 184 -4.35 94.97 21.49
C ARG D 184 -4.24 95.87 20.30
N THR D 185 -4.84 97.04 20.41
CA THR D 185 -4.84 98.00 19.34
C THR D 185 -3.42 98.45 19.05
N TYR D 186 -2.56 98.63 20.05
CA TYR D 186 -1.15 98.86 19.79
C TYR D 186 -0.55 97.63 19.11
N ASP D 187 -0.81 96.45 19.69
CA ASP D 187 -0.23 95.18 19.23
C ASP D 187 -0.42 94.99 17.72
N GLU D 188 -1.63 95.28 17.24
CA GLU D 188 -2.01 95.14 15.83
C GLU D 188 -1.84 96.44 15.00
N SER D 189 -1.88 97.61 15.62
CA SER D 189 -1.87 98.93 14.98
C SER D 189 -1.29 100.01 15.92
N GLY D 190 0.03 100.00 16.11
CA GLY D 190 0.77 100.74 17.15
C GLY D 190 0.65 102.27 17.12
N SER D 191 1.76 102.95 16.89
CA SER D 191 1.79 104.40 16.67
C SER D 191 1.70 104.69 15.16
N TYR D 192 0.47 104.78 14.67
CA TYR D 192 0.10 104.82 13.25
C TYR D 192 -0.94 105.90 13.01
N LYS D 193 -1.18 106.27 11.75
CA LYS D 193 -2.19 107.26 11.37
C LYS D 193 -3.41 106.62 10.71
N VAL D 194 -4.62 107.01 11.11
CA VAL D 194 -5.83 106.84 10.29
C VAL D 194 -5.89 107.97 9.26
N ASN D 195 -5.78 109.23 9.68
CA ASN D 195 -5.83 110.37 8.75
C ASN D 195 -5.15 111.65 9.28
N GLY D 196 -4.88 112.59 8.35
CA GLY D 196 -4.55 113.99 8.67
C GLY D 196 -3.10 114.24 9.04
N PHE D 197 -2.88 115.12 10.01
CA PHE D 197 -1.60 115.39 10.67
C PHE D 197 -0.46 115.90 9.77
N GLU D 198 -0.72 116.27 8.51
CA GLU D 198 0.38 116.46 7.54
C GLU D 198 1.05 117.84 7.54
N LEU D 199 2.27 117.84 6.97
CA LEU D 199 3.42 118.70 7.26
C LEU D 199 3.64 119.89 6.30
N PHE D 200 2.63 120.75 6.20
CA PHE D 200 2.79 122.13 5.73
C PHE D 200 3.37 123.03 6.84
N SER D 201 3.10 124.34 6.80
CA SER D 201 3.66 125.29 7.77
C SER D 201 2.91 126.65 7.77
N GLU D 202 3.29 127.50 8.73
CA GLU D 202 2.90 128.92 8.89
C GLU D 202 4.05 129.64 9.63
N GLY D 203 4.36 130.90 9.33
CA GLY D 203 5.44 131.63 10.01
C GLY D 203 5.00 132.25 11.33
N ASN D 204 5.89 132.32 12.33
CA ASN D 204 5.56 132.92 13.63
C ASN D 204 5.69 134.45 13.60
N ALA D 205 4.82 135.16 12.87
CA ALA D 205 4.76 136.62 12.92
C ALA D 205 4.46 137.19 14.33
N GLU D 206 4.12 136.32 15.28
CA GLU D 206 3.98 136.60 16.72
C GLU D 206 5.30 136.53 17.51
N ASP D 207 6.31 135.83 16.98
CA ASP D 207 7.60 135.51 17.60
C ASP D 207 8.62 135.18 16.49
N ASP D 208 8.97 136.15 15.63
CA ASP D 208 9.49 135.89 14.28
C ASP D 208 10.96 135.44 14.19
N ASP D 209 11.47 134.81 15.23
CA ASP D 209 12.55 133.82 15.17
C ASP D 209 12.02 132.37 15.07
N HIS D 210 10.71 132.20 14.90
CA HIS D 210 10.02 130.92 14.92
C HIS D 210 9.14 130.69 13.67
N VAL D 211 8.91 129.43 13.31
CA VAL D 211 7.73 129.00 12.58
C VAL D 211 6.54 128.91 13.58
N SER D 212 5.31 129.17 13.15
CA SER D 212 4.08 128.94 13.91
C SER D 212 3.27 127.86 13.20
N VAL D 213 3.83 126.66 13.13
CA VAL D 213 3.43 125.54 12.26
C VAL D 213 1.92 125.30 12.25
N VAL D 214 1.24 125.67 11.17
CA VAL D 214 -0.03 125.02 10.84
C VAL D 214 0.27 123.66 10.23
N VAL D 215 -0.16 122.63 10.94
CA VAL D 215 -0.18 121.22 10.52
C VAL D 215 -1.62 120.74 10.70
N ASP D 216 -2.06 119.81 9.86
CA ASP D 216 -3.46 119.40 9.85
C ASP D 216 -3.94 118.80 11.21
N ALA D 217 -5.25 118.86 11.47
CA ALA D 217 -5.94 117.96 12.42
C ALA D 217 -5.84 116.49 11.92
N GLY D 218 -6.27 115.49 12.70
CA GLY D 218 -6.24 114.10 12.22
C GLY D 218 -6.54 113.07 13.32
N LYS D 219 -6.48 111.77 12.98
CA LYS D 219 -6.90 110.65 13.85
C LYS D 219 -6.07 109.39 13.64
N ALA D 220 -6.08 108.54 14.68
CA ALA D 220 -5.85 107.10 14.68
C ALA D 220 -6.13 106.54 16.09
N TYR D 221 -6.13 105.23 16.31
CA TYR D 221 -5.82 104.73 17.66
C TYR D 221 -4.30 104.87 17.90
N VAL D 222 -3.73 106.10 17.85
CA VAL D 222 -2.27 106.34 17.91
C VAL D 222 -1.70 105.79 19.23
N LYS D 223 -0.57 105.07 19.18
CA LYS D 223 -0.02 104.27 20.30
C LYS D 223 -1.07 103.27 20.80
N GLY D 224 -1.82 102.64 19.90
CA GLY D 224 -3.00 101.84 20.22
C GLY D 224 -4.18 102.62 20.83
N PHE D 225 -4.04 103.92 21.11
CA PHE D 225 -4.91 104.66 22.01
C PHE D 225 -5.71 105.72 21.26
N LYS D 226 -6.95 105.93 21.70
CA LYS D 226 -8.00 106.75 21.06
C LYS D 226 -7.59 108.18 20.71
N VAL D 227 -7.04 108.38 19.53
CA VAL D 227 -6.63 109.71 19.07
C VAL D 227 -7.53 110.26 17.97
N ASP D 228 -8.07 111.43 18.27
CA ASP D 228 -8.43 112.44 17.31
C ASP D 228 -7.80 113.69 17.90
N LYS D 229 -7.01 114.41 17.12
CA LYS D 229 -6.57 115.74 17.48
C LYS D 229 -7.18 116.74 16.48
N PRO D 230 -8.32 117.35 16.83
CA PRO D 230 -8.85 118.54 16.17
C PRO D 230 -8.33 119.82 16.86
N VAL D 231 -7.65 120.70 16.13
CA VAL D 231 -6.87 121.81 16.73
C VAL D 231 -6.85 123.03 15.81
N SER D 232 -6.72 124.24 16.37
CA SER D 232 -6.25 125.43 15.65
C SER D 232 -4.72 125.49 15.70
N THR D 233 -4.08 124.58 14.96
CA THR D 233 -2.63 124.33 15.00
C THR D 233 -1.85 125.54 14.47
N ARG D 234 -0.98 126.16 15.28
CA ARG D 234 0.00 127.19 14.84
C ARG D 234 1.28 127.15 15.72
N ILE D 235 1.90 125.98 15.81
CA ILE D 235 2.88 125.65 16.87
C ILE D 235 4.23 126.40 16.69
N SER D 236 4.70 127.07 17.74
CA SER D 236 6.03 127.70 17.77
C SER D 236 7.19 126.69 17.75
N VAL D 237 7.98 126.66 16.67
CA VAL D 237 9.29 125.96 16.54
C VAL D 237 10.29 126.96 15.97
N PRO D 238 11.62 126.86 16.19
CA PRO D 238 12.53 127.85 15.66
C PRO D 238 12.44 128.01 14.15
N LYS D 239 12.89 129.13 13.63
CA LYS D 239 13.25 129.30 12.22
C LYS D 239 14.55 128.62 11.88
N SER D 240 14.83 128.41 10.60
CA SER D 240 16.22 128.20 10.17
C SER D 240 16.88 129.55 9.91
N TYR D 241 16.87 130.39 10.95
CA TYR D 241 17.88 131.42 11.20
C TYR D 241 19.21 130.77 11.64
N ASP D 242 19.29 129.46 11.51
CA ASP D 242 20.50 128.63 11.57
C ASP D 242 21.44 129.00 10.41
N LEU D 243 22.73 129.06 10.66
CA LEU D 243 23.67 129.70 9.75
C LEU D 243 24.89 128.83 9.46
N GLY D 244 25.31 128.86 8.21
CA GLY D 244 26.54 128.28 7.72
C GLY D 244 27.34 129.30 6.94
N THR D 245 28.36 128.79 6.28
CA THR D 245 29.24 129.59 5.44
C THR D 245 29.81 128.74 4.32
N ALA D 246 30.01 129.36 3.15
CA ALA D 246 30.55 128.73 1.96
C ALA D 246 31.70 129.60 1.44
N GLU D 247 32.84 128.96 1.17
CA GLU D 247 34.12 129.66 1.14
C GLU D 247 34.83 129.46 -0.19
N ASN D 248 35.48 130.52 -0.67
CA ASN D 248 36.06 130.61 -1.98
C ASN D 248 35.11 130.20 -3.14
N GLU D 249 33.80 130.35 -2.99
CA GLU D 249 32.78 130.00 -3.99
C GLU D 249 33.05 130.70 -5.33
N SER D 250 33.17 129.91 -6.38
CA SER D 250 34.00 130.28 -7.54
C SER D 250 33.22 130.70 -8.78
N THR D 251 33.87 131.45 -9.64
CA THR D 251 33.61 131.47 -11.09
C THR D 251 34.93 131.78 -11.78
N ILE D 252 35.15 131.26 -12.98
CA ILE D 252 36.16 131.80 -13.89
C ILE D 252 35.54 133.13 -14.36
N PHE D 253 35.74 134.16 -13.52
CA PHE D 253 34.83 135.30 -13.34
C PHE D 253 34.40 135.91 -14.67
N ASN D 254 33.13 136.31 -14.77
CA ASN D 254 32.60 136.84 -16.00
C ASN D 254 32.34 138.35 -15.87
N LYS D 255 33.05 139.18 -16.66
CA LYS D 255 32.90 140.64 -16.60
C LYS D 255 31.61 141.14 -17.26
N SER D 256 30.90 140.28 -18.00
CA SER D 256 29.57 140.55 -18.56
C SER D 256 28.45 139.99 -17.66
N ASN D 257 28.52 138.70 -17.30
CA ASN D 257 27.75 138.07 -16.23
C ASN D 257 28.43 138.31 -14.87
N ASN D 258 28.57 139.58 -14.50
CA ASN D 258 29.20 140.00 -13.24
C ASN D 258 28.56 139.30 -12.05
N SER D 259 27.24 139.13 -12.09
CA SER D 259 26.41 138.29 -11.22
C SER D 259 26.88 136.83 -11.17
N ILE D 260 27.84 136.57 -10.28
CA ILE D 260 28.41 135.27 -9.93
C ILE D 260 27.57 134.63 -8.83
N SER D 261 26.98 133.47 -9.14
CA SER D 261 25.92 132.85 -8.35
C SER D 261 26.40 132.22 -7.04
N LEU D 262 25.96 132.79 -5.92
CA LEU D 262 26.06 132.17 -4.61
C LEU D 262 24.94 131.14 -4.43
N ALA D 263 25.29 129.88 -4.20
CA ALA D 263 24.31 128.79 -4.14
C ALA D 263 23.71 128.58 -2.74
N ASN D 264 24.53 128.68 -1.70
CA ASN D 264 24.18 128.41 -0.29
C ASN D 264 23.41 129.60 0.29
N SER D 265 22.17 129.48 0.76
CA SER D 265 21.33 130.69 0.86
C SER D 265 20.05 130.62 1.69
N PRO D 266 19.45 131.77 2.07
CA PRO D 266 19.86 133.15 1.81
C PRO D 266 21.26 133.51 2.30
N VAL D 267 22.00 134.30 1.52
CA VAL D 267 23.31 134.80 1.97
C VAL D 267 23.09 135.74 3.15
N LYS D 268 23.87 135.56 4.21
CA LYS D 268 23.85 136.41 5.41
C LYS D 268 24.84 137.57 5.25
N GLU D 269 26.11 137.30 4.95
CA GLU D 269 27.12 138.32 4.65
C GLU D 269 28.32 137.77 3.88
N ILE D 270 29.06 138.64 3.18
CA ILE D 270 30.28 138.28 2.44
C ILE D 270 31.52 138.66 3.25
N ARG D 271 32.36 137.68 3.56
CA ARG D 271 33.53 137.82 4.43
C ARG D 271 34.72 138.41 3.70
N ARG D 272 35.09 137.76 2.61
CA ARG D 272 36.35 137.92 1.86
C ARG D 272 36.12 137.38 0.45
N VAL D 273 36.83 137.89 -0.56
CA VAL D 273 36.81 137.31 -1.91
C VAL D 273 38.20 137.47 -2.54
N THR D 274 38.59 136.67 -3.52
CA THR D 274 39.89 136.81 -4.24
C THR D 274 39.69 136.60 -5.75
N GLY D 275 40.54 137.17 -6.59
CA GLY D 275 40.40 137.05 -8.06
C GLY D 275 41.48 137.76 -8.89
N GLN D 276 41.55 137.36 -10.16
CA GLN D 276 42.69 137.57 -11.08
C GLN D 276 42.73 138.96 -11.78
N VAL D 277 42.80 140.02 -10.99
CA VAL D 277 42.97 141.40 -11.48
C VAL D 277 44.33 141.52 -12.18
N LEU D 278 44.54 142.52 -13.03
CA LEU D 278 45.83 142.78 -13.67
C LEU D 278 46.49 144.06 -13.13
N ILE D 279 47.70 143.93 -12.55
CA ILE D 279 48.66 145.03 -12.47
C ILE D 279 49.19 145.22 -13.90
N GLU D 280 48.62 146.15 -14.64
CA GLU D 280 49.05 146.48 -16.01
C GLU D 280 50.51 146.92 -16.02
N LYS D 281 50.93 147.64 -14.96
CA LYS D 281 52.20 148.34 -14.81
C LYS D 281 52.27 148.99 -13.41
N GLU D 282 52.66 148.24 -12.38
CA GLU D 282 53.13 148.88 -11.15
C GLU D 282 54.47 149.52 -11.42
N ARG D 283 54.75 150.63 -10.77
CA ARG D 283 56.12 151.10 -10.70
C ARG D 283 56.89 150.30 -9.66
N VAL D 284 58.00 149.73 -10.10
CA VAL D 284 59.10 149.34 -9.23
C VAL D 284 60.33 150.01 -9.78
N THR D 285 61.16 150.66 -8.96
CA THR D 285 62.37 151.31 -9.49
C THR D 285 63.58 151.17 -8.56
N ARG D 286 64.77 150.93 -9.18
CA ARG D 286 65.89 150.18 -8.57
C ARG D 286 66.30 150.70 -7.19
N GLY D 287 66.45 149.74 -6.27
CA GLY D 287 67.02 149.91 -4.93
C GLY D 287 68.53 150.20 -4.92
N ALA D 288 69.18 150.02 -3.76
CA ALA D 288 70.50 150.59 -3.50
C ALA D 288 71.70 149.74 -3.99
N GLN D 289 71.92 148.55 -3.42
CA GLN D 289 73.02 147.65 -3.79
C GLN D 289 72.74 147.02 -5.17
N GLY D 290 73.67 147.07 -6.13
CA GLY D 290 73.57 146.31 -7.39
C GLY D 290 73.67 144.81 -7.15
N ASP D 291 72.80 144.01 -7.76
CA ASP D 291 72.53 142.62 -7.34
C ASP D 291 71.93 142.52 -5.92
N GLY D 292 71.30 143.59 -5.45
CA GLY D 292 70.52 143.65 -4.20
C GLY D 292 69.04 143.33 -4.43
N GLN D 293 68.12 144.18 -4.00
CA GLN D 293 66.67 143.91 -4.07
C GLN D 293 65.78 145.14 -4.38
N ASP D 294 64.60 144.90 -4.98
CA ASP D 294 63.43 145.82 -5.06
C ASP D 294 62.16 145.09 -4.52
N PHE D 295 60.94 145.63 -4.69
CA PHE D 295 59.72 144.94 -4.22
C PHE D 295 58.46 145.14 -5.08
N LEU D 296 57.67 144.08 -5.27
CA LEU D 296 56.40 144.05 -6.01
C LEU D 296 55.21 144.54 -5.18
N SER D 297 54.14 144.94 -5.87
CA SER D 297 52.83 145.28 -5.29
C SER D 297 52.07 144.06 -4.72
N ASN D 298 52.37 142.82 -5.17
CA ASN D 298 51.75 141.59 -4.67
C ASN D 298 52.76 140.46 -4.64
N ASN D 299 52.69 139.58 -3.64
CA ASN D 299 53.14 138.19 -3.73
C ASN D 299 52.14 137.37 -4.58
N THR D 300 50.85 137.74 -4.56
CA THR D 300 49.76 137.16 -5.36
C THR D 300 49.89 137.49 -6.86
N ALA D 301 50.99 138.12 -7.29
CA ALA D 301 51.41 138.51 -8.65
C ALA D 301 51.61 137.32 -9.60
N PHE D 302 50.65 136.42 -9.63
CA PHE D 302 50.82 135.04 -10.06
C PHE D 302 51.32 134.88 -11.51
N GLU D 303 50.97 135.84 -12.36
CA GLU D 303 51.27 135.85 -13.78
C GLU D 303 52.22 137.00 -14.10
N ILE D 304 53.51 136.95 -13.74
CA ILE D 304 54.46 138.03 -14.11
C ILE D 304 54.50 138.19 -15.63
N VAL D 305 53.81 139.22 -16.10
CA VAL D 305 53.79 139.69 -17.48
C VAL D 305 55.20 140.18 -17.84
N LYS D 306 55.80 140.98 -16.95
CA LYS D 306 57.12 141.59 -17.09
C LYS D 306 57.56 142.25 -15.78
N VAL D 307 58.81 142.07 -15.36
CA VAL D 307 59.56 143.05 -14.55
C VAL D 307 60.41 143.84 -15.55
N TRP D 308 60.08 145.09 -15.89
CA TRP D 308 60.69 145.70 -17.09
C TRP D 308 60.81 147.21 -17.11
N THR D 309 61.84 147.69 -17.82
CA THR D 309 61.84 149.06 -18.36
C THR D 309 60.93 149.13 -19.58
N GLU D 310 60.02 150.10 -19.57
CA GLU D 310 59.54 150.72 -20.81
C GLU D 310 60.42 151.93 -21.17
N THR D 311 60.07 152.63 -22.24
CA THR D 311 60.36 154.08 -22.37
C THR D 311 59.15 154.90 -21.88
N SER D 312 57.96 154.43 -22.26
CA SER D 312 56.63 155.02 -22.06
C SER D 312 55.58 153.92 -22.41
N PRO D 313 54.28 154.07 -22.10
CA PRO D 313 53.26 153.01 -22.21
C PRO D 313 53.31 152.13 -23.48
N GLY D 314 53.60 150.83 -23.29
CA GLY D 314 53.70 149.81 -24.34
C GLY D 314 55.07 149.72 -25.03
N VAL D 315 55.90 150.77 -24.97
CA VAL D 315 57.26 150.79 -25.53
C VAL D 315 58.20 149.97 -24.65
N THR D 316 58.30 148.66 -24.90
CA THR D 316 59.22 147.75 -24.17
C THR D 316 60.68 148.16 -24.42
N THR D 317 61.40 148.57 -23.36
CA THR D 317 62.84 148.84 -23.44
C THR D 317 63.61 147.57 -23.12
N LYS D 318 63.38 146.97 -21.94
CA LYS D 318 64.06 145.73 -21.48
C LYS D 318 63.20 145.06 -20.40
N GLU D 319 62.69 143.86 -20.65
CA GLU D 319 62.27 143.00 -19.53
C GLU D 319 63.51 142.47 -18.82
N TYR D 320 63.64 142.83 -17.55
CA TYR D 320 64.49 142.07 -16.66
C TYR D 320 63.83 140.70 -16.52
N LYS D 321 64.44 139.66 -17.07
CA LYS D 321 63.81 138.35 -17.10
C LYS D 321 63.78 137.82 -15.67
N GLN D 322 62.63 137.32 -15.22
CA GLN D 322 62.49 136.62 -13.95
C GLN D 322 63.44 135.39 -14.02
N GLY D 323 64.67 135.51 -13.51
CA GLY D 323 65.82 134.73 -14.01
C GLY D 323 67.18 135.13 -13.40
N GLU D 324 68.22 135.23 -14.22
CA GLU D 324 69.56 135.65 -13.76
C GLU D 324 69.66 137.16 -13.47
N ASP D 325 68.83 137.99 -14.10
CA ASP D 325 68.66 139.40 -13.73
C ASP D 325 68.25 139.51 -12.26
N PHE D 326 67.19 138.80 -11.85
CA PHE D 326 66.78 138.64 -10.45
C PHE D 326 65.95 137.37 -10.22
N ARG D 327 66.02 136.84 -8.99
CA ARG D 327 65.05 135.86 -8.46
C ARG D 327 63.85 136.57 -7.86
N LEU D 328 62.64 136.04 -7.99
CA LEU D 328 61.45 136.57 -7.30
C LEU D 328 61.30 135.87 -5.94
N THR D 329 62.13 136.30 -4.99
CA THR D 329 62.06 135.96 -3.56
C THR D 329 60.71 136.47 -2.98
N ASP D 330 60.09 135.79 -2.00
CA ASP D 330 58.74 136.11 -1.43
C ASP D 330 57.54 136.04 -2.39
N GLY D 331 57.73 135.81 -3.69
CA GLY D 331 56.74 136.24 -4.69
C GLY D 331 56.74 137.75 -4.90
N GLN D 332 57.53 138.53 -4.16
CA GLN D 332 57.51 139.99 -4.24
C GLN D 332 58.80 140.73 -3.88
N THR D 333 59.73 140.22 -3.07
CA THR D 333 61.09 140.81 -3.07
C THR D 333 61.81 140.44 -4.36
N ILE D 334 61.75 141.33 -5.33
CA ILE D 334 62.61 141.30 -6.50
C ILE D 334 64.05 141.30 -6.00
N ASP D 335 64.86 140.34 -6.42
CA ASP D 335 66.11 140.07 -5.72
C ASP D 335 67.19 139.71 -6.75
N TRP D 336 67.97 140.73 -7.12
CA TRP D 336 68.97 140.78 -8.20
C TRP D 336 70.27 140.01 -7.88
N SER D 337 70.33 139.36 -6.72
CA SER D 337 71.49 138.58 -6.25
C SER D 337 71.93 137.42 -7.16
N PRO D 338 71.17 136.93 -8.15
CA PRO D 338 71.71 136.06 -9.20
C PRO D 338 72.64 136.74 -10.24
N GLN D 339 72.80 138.06 -10.18
CA GLN D 339 73.90 138.83 -10.81
C GLN D 339 73.92 138.99 -12.34
N GLY D 340 72.75 138.92 -12.98
CA GLY D 340 72.53 139.24 -14.40
C GLY D 340 72.60 140.73 -14.73
N GLN D 341 71.53 141.27 -15.30
CA GLN D 341 71.37 142.70 -15.59
C GLN D 341 70.26 143.33 -14.72
N GLU D 342 70.20 144.65 -14.59
CA GLU D 342 69.18 145.31 -13.77
C GLU D 342 68.87 146.75 -14.25
N PRO D 343 67.68 147.29 -13.93
CA PRO D 343 67.31 148.67 -14.20
C PRO D 343 68.06 149.62 -13.27
N SER D 344 68.04 150.91 -13.59
CA SER D 344 68.52 151.97 -12.70
C SER D 344 67.42 152.49 -11.79
N GLY D 345 67.80 153.32 -10.82
CA GLY D 345 66.88 154.20 -10.09
C GLY D 345 66.57 155.48 -10.85
N GLY D 346 65.61 155.44 -11.78
CA GLY D 346 65.29 156.50 -12.74
C GLY D 346 65.41 156.08 -14.21
N THR D 347 65.77 154.82 -14.52
CA THR D 347 65.29 154.24 -15.78
C THR D 347 63.80 154.01 -15.63
N SER D 348 63.02 154.28 -16.67
CA SER D 348 61.56 154.08 -16.68
C SER D 348 61.16 152.61 -16.54
N TYR D 349 61.11 152.07 -15.31
CA TYR D 349 60.91 150.65 -14.99
C TYR D 349 59.78 150.38 -13.99
N TYR D 350 59.23 149.17 -14.12
CA TYR D 350 57.90 148.75 -13.73
C TYR D 350 57.86 147.24 -13.50
N VAL D 351 56.77 146.73 -12.89
CA VAL D 351 56.40 145.30 -12.97
C VAL D 351 54.93 145.15 -13.34
N SER D 352 54.54 144.05 -13.97
CA SER D 352 53.17 143.78 -14.38
C SER D 352 52.84 142.31 -14.24
N TYR D 353 51.59 142.03 -13.91
CA TYR D 353 51.04 140.70 -13.74
C TYR D 353 49.54 140.67 -13.50
N LYS D 354 48.85 139.60 -13.90
CA LYS D 354 47.65 139.28 -13.14
C LYS D 354 48.05 138.88 -11.72
N TYR D 355 47.39 139.50 -10.75
CA TYR D 355 47.48 139.20 -9.34
C TYR D 355 46.14 138.71 -8.85
N ASN D 356 46.16 137.76 -7.95
CA ASN D 356 44.97 137.37 -7.22
C ASN D 356 44.77 138.39 -6.10
N LYS D 357 44.20 139.56 -6.40
CA LYS D 357 43.82 140.57 -5.39
C LYS D 357 42.90 139.92 -4.37
N ARG D 358 42.93 140.33 -3.10
CA ARG D 358 41.71 140.21 -2.29
C ARG D 358 40.66 141.19 -2.83
N MET D 359 39.60 140.68 -3.43
CA MET D 359 38.47 141.45 -3.98
C MET D 359 37.62 141.97 -2.80
N GLU D 360 37.27 143.25 -2.81
CA GLU D 360 36.62 143.96 -1.70
C GLU D 360 35.10 144.11 -1.85
N ALA D 361 34.34 144.07 -0.75
CA ALA D 361 32.87 144.11 -0.77
C ALA D 361 32.30 145.48 -1.18
N GLY D 362 31.25 145.49 -2.00
CA GLY D 362 30.68 146.66 -2.71
C GLY D 362 31.62 147.27 -3.76
N LYS D 363 32.93 147.37 -3.47
CA LYS D 363 34.01 147.84 -4.34
C LYS D 363 34.24 146.93 -5.55
N ASP D 364 34.41 145.63 -5.33
CA ASP D 364 34.66 144.61 -6.34
C ASP D 364 33.50 143.63 -6.55
N TYR D 365 32.57 143.49 -5.60
CA TYR D 365 31.25 142.87 -5.80
C TYR D 365 30.14 143.57 -5.00
N GLU D 366 29.03 143.94 -5.64
CA GLU D 366 27.76 144.03 -4.91
C GLU D 366 27.13 142.61 -4.77
N VAL D 367 26.07 142.43 -3.98
CA VAL D 367 25.23 141.21 -4.05
C VAL D 367 23.85 141.57 -4.59
N THR D 368 23.25 140.69 -5.40
CA THR D 368 21.87 140.77 -5.86
C THR D 368 21.18 139.39 -5.84
N THR D 369 19.88 139.27 -6.13
CA THR D 369 19.15 137.99 -6.30
C THR D 369 18.45 137.87 -7.66
N GLN D 370 18.41 136.64 -8.19
CA GLN D 370 17.79 136.24 -9.46
C GLN D 370 17.30 134.79 -9.39
N GLY D 371 16.05 134.53 -9.78
CA GLY D 371 15.37 133.28 -9.42
C GLY D 371 14.82 133.35 -7.99
N GLU D 372 13.65 132.73 -7.79
CA GLU D 372 12.83 132.81 -6.56
C GLU D 372 12.01 131.52 -6.34
N GLY D 373 11.49 131.30 -5.12
CA GLY D 373 10.83 130.05 -4.72
C GLY D 373 11.82 128.89 -4.52
N LEU D 374 11.55 127.70 -5.10
CA LEU D 374 12.52 126.58 -5.18
C LEU D 374 13.83 126.96 -5.95
N SER D 375 13.79 128.06 -6.72
CA SER D 375 14.94 128.62 -7.45
C SER D 375 15.60 129.84 -6.78
N LYS D 376 15.23 130.23 -5.54
CA LYS D 376 15.73 131.47 -4.95
C LYS D 376 17.25 131.45 -4.79
N LYS D 377 17.93 132.40 -5.44
CA LYS D 377 19.39 132.45 -5.54
C LYS D 377 19.97 133.86 -5.44
N TRP D 378 21.23 133.92 -5.02
CA TRP D 378 22.00 135.13 -4.74
C TRP D 378 23.19 135.21 -5.69
N TYR D 379 23.68 136.40 -5.96
CA TYR D 379 24.67 136.68 -7.00
C TYR D 379 25.63 137.75 -6.47
N ILE D 380 26.87 137.36 -6.22
CA ILE D 380 28.02 138.24 -6.12
C ILE D 380 28.15 138.91 -7.48
N ASN D 381 27.54 140.08 -7.67
CA ASN D 381 27.69 140.86 -8.89
C ASN D 381 29.03 141.57 -8.83
N PHE D 382 30.08 141.04 -9.48
CA PHE D 382 31.42 141.66 -9.54
C PHE D 382 31.27 143.09 -10.06
N THR D 383 31.30 144.02 -9.10
CA THR D 383 30.61 145.30 -9.16
C THR D 383 30.52 145.93 -10.54
N PRO D 384 29.40 145.72 -11.27
CA PRO D 384 29.10 146.50 -12.46
C PRO D 384 29.18 148.01 -12.19
N SER D 385 28.86 148.42 -10.95
CA SER D 385 28.99 149.79 -10.46
C SER D 385 30.42 150.26 -10.18
N ASN D 386 31.33 149.40 -9.69
CA ASN D 386 32.56 149.83 -8.98
C ASN D 386 33.86 149.02 -9.30
N GLY D 387 33.78 147.86 -9.93
CA GLY D 387 34.78 146.79 -9.76
C GLY D 387 36.19 147.11 -10.25
N ALA D 388 37.22 146.83 -9.42
CA ALA D 388 38.57 146.49 -9.87
C ALA D 388 38.64 144.99 -10.23
N LYS D 389 37.67 144.50 -11.00
CA LYS D 389 37.37 143.06 -11.25
C LYS D 389 38.58 142.32 -11.83
N PRO D 390 38.61 140.98 -11.81
CA PRO D 390 39.55 140.25 -12.64
C PRO D 390 39.40 140.62 -14.11
N ILE D 391 40.27 140.07 -14.94
CA ILE D 391 40.05 140.08 -16.38
C ILE D 391 38.94 139.03 -16.70
N ASP D 392 38.16 139.24 -17.77
CA ASP D 392 37.04 138.35 -18.11
C ASP D 392 37.51 136.90 -18.31
N GLN D 393 36.75 135.96 -17.78
CA GLN D 393 37.12 134.57 -17.65
C GLN D 393 38.50 134.37 -16.97
N THR D 394 38.82 135.18 -15.95
CA THR D 394 39.91 134.96 -14.99
C THR D 394 39.33 135.05 -13.56
N VAL D 395 39.75 134.16 -12.68
CA VAL D 395 38.99 133.64 -11.52
C VAL D 395 38.48 134.66 -10.49
N VAL D 396 37.39 134.29 -9.82
CA VAL D 396 36.82 134.80 -8.56
C VAL D 396 36.55 133.64 -7.60
N LEU D 397 36.71 133.86 -6.30
CA LEU D 397 36.55 132.90 -5.20
C LEU D 397 36.01 133.59 -3.93
N VAL D 398 34.76 133.31 -3.49
CA VAL D 398 33.98 134.06 -2.47
C VAL D 398 33.82 133.34 -1.11
N ASP D 399 34.13 134.01 0.00
CA ASP D 399 33.75 133.61 1.36
C ASP D 399 32.52 134.36 1.83
N TYR D 400 31.54 133.65 2.37
CA TYR D 400 30.31 134.26 2.90
C TYR D 400 29.63 133.38 3.93
N THR D 401 28.95 133.96 4.91
CA THR D 401 27.91 133.21 5.62
C THR D 401 26.60 133.28 4.86
N TYR D 402 25.77 132.28 5.11
CA TYR D 402 24.43 132.13 4.57
C TYR D 402 23.59 131.30 5.54
N TYR D 403 22.27 131.38 5.45
CA TYR D 403 21.40 130.58 6.26
C TYR D 403 21.30 129.16 5.77
N LEU D 404 21.54 128.23 6.68
CA LEU D 404 21.11 126.85 6.53
C LEU D 404 19.59 126.84 6.45
N ALA D 405 19.02 125.85 5.77
CA ALA D 405 17.69 125.36 6.04
C ALA D 405 17.75 124.39 7.24
N ARG D 406 16.61 123.98 7.78
CA ARG D 406 16.55 122.90 8.77
C ARG D 406 15.40 121.93 8.45
N LYS D 407 15.64 120.61 8.38
CA LYS D 407 14.64 119.61 7.95
C LYS D 407 13.93 118.99 9.14
N ASP D 408 13.05 119.77 9.74
CA ASP D 408 12.43 119.41 11.01
C ASP D 408 11.50 118.21 10.80
N SER D 409 11.92 117.02 11.23
CA SER D 409 11.07 115.84 11.15
C SER D 409 9.93 115.98 12.14
N VAL D 410 8.68 115.89 11.68
CA VAL D 410 7.51 116.07 12.55
C VAL D 410 6.70 114.78 12.65
N PHE D 411 6.21 114.50 13.85
CA PHE D 411 5.58 113.23 14.24
C PHE D 411 4.51 113.49 15.30
N ILE D 412 3.54 112.60 15.46
CA ILE D 412 2.45 112.79 16.42
C ILE D 412 2.15 111.53 17.22
N ASN D 413 1.65 111.74 18.44
CA ASN D 413 1.60 110.76 19.53
C ASN D 413 0.18 110.63 20.14
N LYS D 414 0.05 109.74 21.15
CA LYS D 414 -1.21 109.35 21.81
C LYS D 414 -2.10 110.45 22.39
N TYR D 415 -1.62 111.70 22.48
CA TYR D 415 -2.46 112.88 22.71
C TYR D 415 -1.78 114.21 22.31
N GLY D 416 -1.09 114.24 21.16
CA GLY D 416 -0.57 115.50 20.60
C GLY D 416 0.67 116.10 21.31
N ASP D 417 1.44 115.29 22.02
CA ASP D 417 2.84 115.57 22.34
C ASP D 417 3.70 115.35 21.07
N ILE D 418 3.45 116.13 20.01
CA ILE D 418 4.09 116.01 18.69
C ILE D 418 5.61 116.13 18.87
N ALA D 419 6.39 115.18 18.34
CA ALA D 419 7.82 115.39 18.17
C ALA D 419 7.97 116.40 17.02
N ILE D 420 7.94 117.70 17.31
CA ILE D 420 8.06 118.76 16.29
C ILE D 420 9.53 118.95 15.87
N LEU D 421 10.29 117.84 15.86
CA LEU D 421 11.72 117.77 16.09
C LEU D 421 12.56 118.64 15.14
N PRO D 422 13.13 119.76 15.61
CA PRO D 422 13.88 120.66 14.75
C PRO D 422 15.11 119.97 14.15
N GLY D 423 15.27 120.12 12.83
CA GLY D 423 16.03 119.25 11.94
C GLY D 423 17.57 119.32 12.04
N GLU D 424 18.25 118.61 11.15
CA GLU D 424 19.67 118.83 10.84
C GLU D 424 19.81 120.15 10.04
N PRO D 425 20.54 121.16 10.53
CA PRO D 425 20.76 122.39 9.77
C PRO D 425 21.80 122.16 8.63
N ASN D 426 21.41 122.39 7.38
CA ASN D 426 22.24 122.41 6.15
C ASN D 426 21.56 123.28 5.11
N ILE D 427 22.22 123.72 4.04
CA ILE D 427 21.49 124.21 2.85
C ILE D 427 20.41 123.22 2.37
N MET D 428 19.35 123.72 1.73
CA MET D 428 18.19 122.90 1.33
C MET D 428 18.58 121.68 0.50
N ARG D 429 19.65 121.78 -0.31
CA ARG D 429 20.18 120.70 -1.18
C ARG D 429 20.14 119.32 -0.52
N LEU D 430 20.70 119.23 0.69
CA LEU D 430 20.53 118.11 1.60
C LEU D 430 20.46 118.61 3.03
N VAL D 431 19.48 119.48 3.27
CA VAL D 431 18.93 119.61 4.61
C VAL D 431 18.19 118.30 4.91
N THR D 432 18.41 117.71 6.07
CA THR D 432 18.22 116.24 6.27
C THR D 432 17.45 115.86 7.54
N PRO D 433 16.59 114.81 7.49
CA PRO D 433 15.65 114.49 8.56
C PRO D 433 16.35 113.87 9.78
N PRO D 434 16.15 114.40 11.00
CA PRO D 434 16.43 113.60 12.18
C PRO D 434 15.42 112.45 12.19
N LEU D 435 15.91 111.22 12.06
CA LEU D 435 15.07 110.03 11.92
C LEU D 435 14.62 109.50 13.29
N ASN D 436 13.83 110.30 14.01
CA ASN D 436 13.31 109.98 15.36
C ASN D 436 12.61 108.60 15.42
N THR D 437 12.82 107.88 16.53
CA THR D 437 12.20 106.56 16.79
C THR D 437 11.32 106.51 18.05
N ASP D 438 10.89 107.65 18.62
CA ASP D 438 9.97 107.71 19.77
C ASP D 438 8.76 106.80 19.46
N PRO D 439 8.51 105.78 20.30
CA PRO D 439 7.53 104.73 20.01
C PRO D 439 6.05 105.19 20.16
N GLU D 440 5.81 106.45 20.52
CA GLU D 440 4.50 107.11 20.41
C GLU D 440 4.38 107.98 19.16
N ASN D 441 5.46 108.68 18.77
CA ASN D 441 5.45 109.68 17.70
C ASN D 441 5.61 109.06 16.30
N LEU D 442 4.54 109.06 15.51
CA LEU D 442 4.47 108.38 14.21
C LEU D 442 5.09 109.16 13.04
N GLN D 443 5.68 108.48 12.06
CA GLN D 443 6.37 109.07 10.89
C GLN D 443 5.38 109.73 9.93
N LEU D 444 5.16 111.02 10.13
CA LEU D 444 4.46 111.85 9.15
C LEU D 444 5.44 112.18 8.01
N GLY D 445 6.59 112.79 8.34
CA GLY D 445 7.65 113.24 7.41
C GLY D 445 8.42 114.43 8.01
N THR D 446 8.64 115.50 7.25
CA THR D 446 9.30 116.73 7.73
C THR D 446 8.57 118.04 7.42
N VAL D 447 8.50 118.94 8.39
CA VAL D 447 8.31 120.39 8.21
C VAL D 447 9.70 121.01 8.03
N THR D 448 10.26 120.98 6.83
CA THR D 448 11.58 121.58 6.58
C THR D 448 11.56 123.10 6.68
N VAL D 449 11.76 123.62 7.90
CA VAL D 449 11.83 125.03 8.24
C VAL D 449 12.88 125.75 7.38
N LEU D 450 12.42 126.68 6.55
CA LEU D 450 13.20 127.20 5.42
C LEU D 450 14.37 128.13 5.82
N PRO D 451 15.40 128.31 4.97
CA PRO D 451 16.58 129.07 5.33
C PRO D 451 16.28 130.57 5.40
N ASP D 452 16.83 131.22 6.43
CA ASP D 452 16.50 132.57 6.91
C ASP D 452 14.98 132.73 7.13
N SER D 453 14.29 131.61 7.40
CA SER D 453 12.84 131.53 7.28
C SER D 453 12.27 130.33 8.07
N ASP D 454 11.14 129.75 7.63
CA ASP D 454 10.23 129.09 8.55
C ASP D 454 9.59 127.78 8.02
N GLU D 455 9.47 127.58 6.71
CA GLU D 455 8.37 126.75 6.17
C GLU D 455 8.56 125.20 6.04
N ALA D 456 8.26 124.55 4.90
CA ALA D 456 8.27 123.08 4.79
C ALA D 456 8.61 122.54 3.39
N VAL D 457 9.17 121.31 3.36
CA VAL D 457 9.49 120.42 2.20
C VAL D 457 9.52 118.95 2.71
N CYS D 458 9.14 117.94 1.89
CA CYS D 458 8.96 116.52 2.32
C CYS D 458 9.46 115.39 1.37
N ILE D 459 10.18 115.70 0.27
CA ILE D 459 10.79 114.69 -0.63
C ILE D 459 11.86 113.88 0.14
N SER D 460 11.63 112.58 0.38
CA SER D 460 12.34 111.77 1.40
C SER D 460 12.26 110.24 1.17
N PHE D 461 13.14 109.45 1.83
CA PHE D 461 12.91 108.00 2.04
C PHE D 461 11.72 107.70 2.99
N ALA D 462 11.36 108.64 3.87
CA ALA D 462 10.40 108.48 4.97
C ALA D 462 9.08 107.82 4.55
N ILE D 463 8.63 106.80 5.29
CA ILE D 463 7.44 105.97 5.03
C ILE D 463 6.33 106.26 6.07
N THR D 464 5.11 106.64 5.65
CA THR D 464 3.97 106.83 6.58
C THR D 464 3.03 105.61 6.68
N ARG D 465 1.93 105.70 7.44
CA ARG D 465 1.15 104.57 8.03
C ARG D 465 1.03 103.31 7.15
N LEU D 466 1.61 102.20 7.63
CA LEU D 466 1.56 100.82 7.12
C LEU D 466 1.68 100.63 5.60
N SER D 467 2.36 101.56 4.92
CA SER D 467 2.41 101.71 3.47
C SER D 467 1.03 101.83 2.79
N MET D 468 -0.06 102.22 3.46
CA MET D 468 -1.35 102.47 2.77
C MET D 468 -1.28 103.62 1.75
N GLU D 469 -0.23 104.43 1.83
CA GLU D 469 0.26 105.28 0.73
C GLU D 469 0.36 104.54 -0.63
N ASP D 470 0.39 103.20 -0.65
CA ASP D 470 0.11 102.35 -1.79
C ASP D 470 -1.06 102.82 -2.65
N LEU D 471 -2.18 103.24 -2.05
CA LEU D 471 -3.35 103.78 -2.77
C LEU D 471 -2.95 104.86 -3.79
N GLN D 472 -2.01 105.71 -3.39
CA GLN D 472 -1.45 106.78 -4.21
C GLN D 472 -0.24 106.35 -5.05
N LYS D 473 0.56 105.37 -4.63
CA LYS D 473 1.55 104.75 -5.54
C LYS D 473 0.87 104.24 -6.82
N VAL D 474 -0.29 103.60 -6.67
CA VAL D 474 -1.16 103.14 -7.76
C VAL D 474 -1.78 104.31 -8.51
N LYS D 475 -2.52 105.16 -7.81
CA LYS D 475 -3.23 106.28 -8.45
C LYS D 475 -2.30 107.24 -9.20
N THR D 476 -1.05 107.44 -8.74
CA THR D 476 -0.05 108.25 -9.46
C THR D 476 0.27 107.70 -10.85
N ARG D 477 0.60 106.40 -10.96
CA ARG D 477 0.99 105.81 -12.26
C ARG D 477 -0.25 105.69 -13.18
N VAL D 478 -1.45 105.47 -12.60
CA VAL D 478 -2.72 105.64 -13.32
C VAL D 478 -2.86 107.06 -13.85
N ASP D 479 -2.59 108.08 -13.04
CA ASP D 479 -2.72 109.46 -13.45
C ASP D 479 -1.69 109.88 -14.49
N ASN D 480 -0.48 109.31 -14.50
CA ASN D 480 0.42 109.51 -15.63
C ASN D 480 -0.25 109.03 -16.94
N LEU D 481 -1.06 107.97 -16.89
CA LEU D 481 -1.85 107.52 -18.02
C LEU D 481 -3.19 108.27 -18.14
N GLU D 482 -3.68 108.99 -17.11
CA GLU D 482 -4.71 110.02 -17.30
C GLU D 482 -4.22 111.22 -18.12
N TYR D 483 -2.92 111.57 -18.08
CA TYR D 483 -2.36 112.56 -19.03
C TYR D 483 -2.57 112.08 -20.49
N ASN D 484 -2.29 110.80 -20.70
CA ASN D 484 -2.39 110.15 -21.99
C ASN D 484 -3.87 110.02 -22.38
N GLN D 485 -4.74 109.51 -21.50
CA GLN D 485 -6.16 109.32 -21.77
C GLN D 485 -6.91 110.61 -22.12
N ALA D 486 -6.63 111.72 -21.42
CA ALA D 486 -7.24 113.01 -21.74
C ALA D 486 -6.84 113.53 -23.14
N VAL D 487 -5.70 113.09 -23.66
CA VAL D 487 -5.25 113.35 -25.02
C VAL D 487 -5.90 112.36 -25.99
N ASN D 488 -5.64 111.06 -25.80
CA ASN D 488 -6.04 109.95 -26.66
C ASN D 488 -7.54 109.96 -27.00
N ALA D 489 -8.39 110.37 -26.04
CA ALA D 489 -9.84 110.48 -26.20
C ALA D 489 -10.29 111.23 -27.48
N LEU D 490 -9.55 112.27 -27.91
CA LEU D 490 -9.75 112.95 -29.19
C LEU D 490 -8.58 112.73 -30.16
N ASP D 491 -7.34 112.68 -29.67
CA ASP D 491 -6.11 112.50 -30.47
C ASP D 491 -6.20 111.25 -31.38
N ASP D 492 -6.78 110.14 -30.88
CA ASP D 492 -6.80 108.86 -31.58
C ASP D 492 -7.54 108.85 -32.94
N GLY D 493 -8.42 109.81 -33.21
CA GLY D 493 -8.94 110.09 -34.56
C GLY D 493 -8.50 111.46 -35.10
N ALA D 494 -8.07 112.38 -34.24
CA ALA D 494 -7.57 113.71 -34.60
C ALA D 494 -6.07 113.74 -34.98
N MET D 495 -5.47 112.57 -35.27
CA MET D 495 -4.05 112.33 -35.58
C MET D 495 -3.48 113.01 -36.86
N GLU D 496 -4.34 113.60 -37.71
CA GLU D 496 -4.01 114.34 -38.95
C GLU D 496 -3.01 113.58 -39.86
N GLY D 497 -3.05 112.25 -39.89
CA GLY D 497 -1.98 111.38 -40.40
C GLY D 497 -2.47 109.94 -40.64
N GLN D 498 -1.83 108.94 -40.02
CA GLN D 498 -2.14 107.48 -40.06
C GLN D 498 -2.21 106.94 -41.52
N ASN D 499 -2.88 105.82 -41.81
CA ASN D 499 -3.46 105.68 -43.15
C ASN D 499 -4.71 106.57 -43.19
N PRO D 500 -4.57 107.84 -43.59
CA PRO D 500 -5.58 108.89 -43.37
C PRO D 500 -6.50 108.67 -42.16
N LEU D 501 -7.81 108.53 -42.37
CA LEU D 501 -8.66 107.78 -41.44
C LEU D 501 -9.47 106.76 -42.25
N THR D 502 -8.79 105.98 -43.10
CA THR D 502 -9.39 104.91 -43.95
C THR D 502 -10.06 103.85 -43.06
N LEU D 503 -9.47 103.59 -41.89
CA LEU D 503 -10.10 103.01 -40.70
C LEU D 503 -11.50 103.61 -40.53
N ARG D 504 -12.53 102.82 -40.79
CA ARG D 504 -13.92 103.24 -40.67
C ARG D 504 -14.41 103.10 -39.22
N SER D 505 -14.33 101.87 -38.72
CA SER D 505 -14.76 101.39 -37.38
C SER D 505 -14.12 100.03 -37.10
N VAL D 506 -14.17 99.51 -35.88
CA VAL D 506 -13.66 98.15 -35.55
C VAL D 506 -14.80 97.35 -34.91
N PHE D 507 -14.83 96.03 -35.09
CA PHE D 507 -15.53 95.15 -34.15
C PHE D 507 -14.50 94.22 -33.50
N SER D 508 -14.72 93.86 -32.25
CA SER D 508 -13.81 92.97 -31.53
C SER D 508 -14.51 92.16 -30.44
N GLU D 509 -13.88 91.04 -30.05
CA GLU D 509 -14.34 90.21 -28.93
C GLU D 509 -13.18 89.75 -28.04
N GLY D 510 -13.34 89.96 -26.73
CA GLY D 510 -12.41 89.53 -25.67
C GLY D 510 -12.99 88.49 -24.71
N PHE D 511 -14.24 88.03 -24.91
CA PHE D 511 -14.87 86.92 -24.19
C PHE D 511 -15.01 87.12 -22.66
N ILE D 512 -15.09 88.38 -22.21
CA ILE D 512 -15.27 88.79 -20.79
C ILE D 512 -16.41 89.79 -20.62
N SER D 513 -17.39 89.83 -21.54
CA SER D 513 -18.51 90.79 -21.51
C SER D 513 -19.81 90.20 -22.07
N LEU D 514 -20.95 90.75 -21.61
CA LEU D 514 -22.29 90.30 -22.00
C LEU D 514 -22.73 90.81 -23.38
N ASP D 515 -22.10 91.84 -23.92
CA ASP D 515 -22.69 92.72 -24.94
C ASP D 515 -22.45 92.29 -26.39
N LYS D 516 -21.18 92.13 -26.78
CA LYS D 516 -20.83 91.96 -28.19
C LYS D 516 -21.31 90.61 -28.76
N ALA D 517 -21.44 89.58 -27.93
CA ALA D 517 -21.87 88.26 -28.37
C ALA D 517 -23.32 88.23 -28.87
N ASP D 518 -23.51 87.95 -30.15
CA ASP D 518 -24.82 87.67 -30.72
C ASP D 518 -25.19 86.18 -30.56
N ILE D 519 -25.35 85.73 -29.31
CA ILE D 519 -26.00 84.42 -29.03
C ILE D 519 -27.37 84.35 -29.72
N THR D 520 -28.00 85.52 -29.89
CA THR D 520 -29.22 85.78 -30.65
C THR D 520 -29.05 85.71 -32.18
N HIS D 521 -27.88 85.27 -32.67
CA HIS D 521 -27.61 84.80 -34.03
C HIS D 521 -27.12 83.32 -33.96
N PRO D 522 -28.00 82.35 -33.62
CA PRO D 522 -27.67 81.09 -32.93
C PRO D 522 -26.91 80.00 -33.73
N ASP D 523 -26.29 80.35 -34.85
CA ASP D 523 -25.08 79.63 -35.30
C ASP D 523 -24.05 79.70 -34.16
N PHE D 524 -24.07 80.84 -33.47
CA PHE D 524 -23.44 81.08 -32.18
C PHE D 524 -23.70 79.92 -31.20
N GLY D 525 -22.63 79.38 -30.63
CA GLY D 525 -22.69 78.38 -29.57
C GLY D 525 -21.34 78.23 -28.86
N ILE D 526 -20.75 79.33 -28.37
CA ILE D 526 -19.63 79.27 -27.40
C ILE D 526 -20.04 79.59 -25.96
N VAL D 527 -19.16 79.23 -25.03
CA VAL D 527 -19.14 79.64 -23.62
C VAL D 527 -17.74 80.14 -23.27
N PHE D 528 -17.66 81.00 -22.27
CA PHE D 528 -16.57 81.97 -22.12
C PHE D 528 -15.60 81.63 -20.98
N SER D 529 -14.91 82.65 -20.45
CA SER D 529 -14.21 82.63 -19.16
C SER D 529 -14.06 84.09 -18.69
N PHE D 530 -14.94 84.50 -17.77
CA PHE D 530 -15.37 85.90 -17.64
C PHE D 530 -14.38 86.97 -17.15
N GLU D 531 -13.14 86.64 -16.82
CA GLU D 531 -12.07 87.68 -16.65
C GLU D 531 -10.69 87.11 -17.07
N ASP D 532 -10.74 86.09 -17.94
CA ASP D 532 -9.61 85.24 -18.36
C ASP D 532 -9.47 85.15 -19.90
N ALA D 533 -10.44 85.74 -20.63
CA ALA D 533 -10.41 86.09 -22.06
C ALA D 533 -10.15 84.92 -23.03
N GLU D 534 -10.90 83.84 -22.89
CA GLU D 534 -10.96 82.74 -23.86
C GLU D 534 -12.36 82.09 -23.87
N ALA D 535 -12.76 81.52 -25.01
CA ALA D 535 -14.03 80.83 -25.18
C ALA D 535 -13.91 79.56 -26.04
N THR D 536 -14.89 78.68 -25.97
CA THR D 536 -14.92 77.40 -26.70
C THR D 536 -16.35 76.94 -26.95
N LEU D 537 -16.55 75.85 -27.70
CA LEU D 537 -17.85 75.23 -27.92
C LEU D 537 -18.68 75.10 -26.62
N ALA D 538 -19.88 75.67 -26.64
CA ALA D 538 -20.86 75.54 -25.58
C ALA D 538 -21.22 74.05 -25.38
N TYR D 539 -21.69 73.70 -24.19
CA TYR D 539 -21.82 72.30 -23.78
C TYR D 539 -23.15 71.95 -23.09
N THR D 540 -23.75 70.84 -23.50
CA THR D 540 -24.85 70.11 -22.83
C THR D 540 -24.41 69.52 -21.49
N GLU D 541 -24.67 70.25 -20.41
CA GLU D 541 -24.25 69.95 -19.04
C GLU D 541 -25.22 68.93 -18.39
N ALA D 542 -24.93 67.65 -18.57
CA ALA D 542 -25.50 66.56 -17.80
C ALA D 542 -25.05 66.63 -16.31
N VAL D 543 -25.68 67.49 -15.50
CA VAL D 543 -25.43 67.61 -14.05
C VAL D 543 -25.95 66.40 -13.26
N ASN D 544 -25.14 65.80 -12.37
CA ASN D 544 -25.53 64.69 -11.51
C ASN D 544 -25.27 64.96 -10.04
N GLN D 545 -26.01 64.29 -9.17
CA GLN D 545 -25.55 64.00 -7.82
C GLN D 545 -25.17 62.50 -7.80
N PRO D 546 -23.91 62.14 -7.47
CA PRO D 546 -23.55 60.77 -7.20
C PRO D 546 -24.45 60.21 -6.08
N LYS D 547 -24.46 58.89 -5.88
CA LYS D 547 -25.30 58.22 -4.87
C LYS D 547 -24.49 57.16 -4.11
N ILE D 548 -24.89 56.76 -2.92
CA ILE D 548 -24.04 56.02 -1.98
C ILE D 548 -24.36 54.53 -2.01
N ILE D 549 -23.37 53.68 -2.34
CA ILE D 549 -23.54 52.25 -2.10
C ILE D 549 -23.56 52.09 -0.57
N PRO D 550 -24.64 51.61 0.04
CA PRO D 550 -24.87 51.75 1.47
C PRO D 550 -23.76 51.22 2.38
N GLY D 551 -23.58 49.90 2.54
CA GLY D 551 -22.59 49.36 3.48
C GLY D 551 -21.15 49.65 3.06
N ASP D 552 -20.90 49.61 1.76
CA ASP D 552 -19.63 49.90 1.13
C ASP D 552 -19.20 51.36 1.34
N THR D 553 -20.15 52.26 1.46
CA THR D 553 -19.93 53.50 2.17
C THR D 553 -19.86 53.18 3.66
N THR D 554 -18.70 52.75 4.15
CA THR D 554 -18.52 52.50 5.59
C THR D 554 -18.67 53.78 6.42
N ALA D 555 -18.53 54.95 5.79
CA ALA D 555 -18.85 56.24 6.39
C ALA D 555 -20.32 56.29 6.84
N HIS D 556 -20.58 56.30 8.15
CA HIS D 556 -21.92 56.23 8.71
C HIS D 556 -22.81 57.33 8.16
N ILE D 557 -23.98 56.99 7.63
CA ILE D 557 -24.89 57.99 7.09
C ILE D 557 -25.79 58.49 8.21
N TRP D 558 -25.65 59.76 8.55
CA TRP D 558 -26.32 60.43 9.66
C TRP D 558 -27.38 61.37 9.11
N GLY D 559 -28.68 61.11 9.30
CA GLY D 559 -29.70 62.05 8.82
C GLY D 559 -29.48 62.28 7.31
N ARG D 560 -29.16 63.51 6.91
CA ARG D 560 -28.73 63.81 5.52
C ARG D 560 -27.21 63.89 5.37
N LEU D 561 -26.48 64.23 6.43
CA LEU D 561 -25.01 64.18 6.52
C LEU D 561 -24.45 62.74 6.62
N ILE D 562 -23.15 62.64 6.73
CA ILE D 562 -22.38 61.41 6.84
C ILE D 562 -21.22 61.69 7.82
N SER D 563 -20.74 60.68 8.52
CA SER D 563 -19.45 60.69 9.25
C SER D 563 -18.65 59.45 8.86
N ALA D 564 -17.52 59.16 9.50
CA ALA D 564 -16.93 57.82 9.50
C ALA D 564 -17.91 56.78 10.10
N PRO D 565 -17.65 55.46 10.02
CA PRO D 565 -18.27 54.56 10.96
C PRO D 565 -17.93 55.00 12.38
N PHE D 566 -18.76 54.66 13.36
CA PHE D 566 -18.66 55.26 14.70
C PHE D 566 -19.21 54.39 15.83
N THR D 567 -18.77 54.69 17.05
CA THR D 567 -19.24 54.11 18.30
C THR D 567 -19.68 55.22 19.25
N GLU D 568 -20.71 55.00 20.06
CA GLU D 568 -21.18 56.00 21.03
C GLU D 568 -20.38 55.94 22.34
N GLU D 569 -20.22 57.10 22.96
CA GLU D 569 -19.73 57.31 24.34
C GLU D 569 -20.78 58.09 25.11
N ARG D 570 -20.97 57.88 26.42
CA ARG D 570 -21.46 58.99 27.25
C ARG D 570 -20.25 59.91 27.50
N THR D 571 -20.31 61.15 27.04
CA THR D 571 -19.28 62.17 27.31
C THR D 571 -19.58 63.04 28.51
N ILE D 572 -20.86 63.28 28.82
CA ILE D 572 -21.24 64.14 29.94
C ILE D 572 -22.33 63.48 30.76
N TYR D 573 -22.34 63.66 32.07
CA TYR D 573 -23.43 63.22 32.93
C TYR D 573 -23.63 64.15 34.14
N GLN D 574 -24.86 64.23 34.62
CA GLN D 574 -25.23 64.71 35.93
C GLN D 574 -26.31 63.74 36.43
N GLY D 575 -25.96 62.92 37.41
CA GLY D 575 -26.79 61.83 37.92
C GLY D 575 -27.56 62.14 39.20
N GLN D 576 -27.78 63.41 39.51
CA GLN D 576 -28.58 63.89 40.62
C GLN D 576 -29.96 64.31 40.11
N ALA D 577 -31.03 63.79 40.70
CA ALA D 577 -32.33 64.45 40.69
C ALA D 577 -32.74 64.72 42.14
N SER D 578 -33.57 65.73 42.38
CA SER D 578 -34.09 66.07 43.70
C SER D 578 -35.54 66.58 43.64
N GLU D 579 -36.08 66.83 42.45
CA GLU D 579 -37.47 67.22 42.22
C GLU D 579 -37.92 66.97 40.77
N THR D 580 -39.22 66.97 40.49
CA THR D 580 -39.69 67.06 39.09
C THR D 580 -39.46 68.48 38.56
N LEU D 581 -39.57 68.67 37.24
CA LEU D 581 -39.97 69.97 36.70
C LEU D 581 -40.81 69.80 35.43
N ASN D 582 -42.03 70.32 35.41
CA ASN D 582 -42.83 70.56 34.20
C ASN D 582 -41.99 71.37 33.20
N VAL D 583 -41.82 70.83 32.00
CA VAL D 583 -40.99 71.38 30.91
C VAL D 583 -41.50 72.73 30.37
N ASN D 584 -42.67 73.17 30.79
CA ASN D 584 -43.17 74.52 30.55
C ASN D 584 -44.09 74.80 31.74
N PRO D 585 -43.59 75.38 32.84
CA PRO D 585 -44.38 75.49 34.07
C PRO D 585 -45.59 76.44 33.93
N TYR D 586 -45.46 77.46 33.09
CA TYR D 586 -46.56 78.31 32.62
C TYR D 586 -47.55 77.49 31.75
N ASN D 587 -47.07 76.40 31.15
CA ASN D 587 -47.65 75.60 30.08
C ASN D 587 -48.18 76.43 28.89
N ILE D 588 -47.36 77.39 28.45
CA ILE D 588 -47.64 78.26 27.29
C ILE D 588 -46.64 77.96 26.15
N PRO D 589 -46.98 77.07 25.20
CA PRO D 589 -46.19 76.82 23.98
C PRO D 589 -46.57 77.80 22.85
N ASN D 590 -45.84 77.71 21.74
CA ASN D 590 -46.35 78.04 20.41
C ASN D 590 -46.12 76.78 19.57
N LYS D 591 -47.05 76.44 18.67
CA LYS D 591 -46.91 75.23 17.87
C LYS D 591 -45.98 75.47 16.68
N GLN D 592 -44.68 75.61 16.92
CA GLN D 592 -43.68 75.34 15.87
C GLN D 592 -43.58 73.82 15.70
N GLY D 593 -44.04 73.29 14.57
CA GLY D 593 -43.87 71.88 14.24
C GLY D 593 -42.69 71.73 13.28
N VAL D 594 -41.71 70.89 13.62
CA VAL D 594 -40.36 70.94 13.03
C VAL D 594 -40.32 70.42 11.59
N LEU D 595 -39.91 71.24 10.62
CA LEU D 595 -39.91 71.00 9.18
C LEU D 595 -38.50 70.67 8.63
N LYS D 596 -38.40 69.76 7.66
CA LYS D 596 -37.19 69.38 6.88
C LYS D 596 -37.48 69.30 5.38
N LEU D 597 -36.45 69.39 4.54
CA LEU D 597 -36.51 69.14 3.09
C LEU D 597 -35.88 67.78 2.70
N THR D 598 -36.11 67.36 1.45
CA THR D 598 -35.46 66.20 0.78
C THR D 598 -35.59 66.36 -0.74
N PRO D 599 -34.51 66.58 -1.53
CA PRO D 599 -33.11 66.81 -1.13
C PRO D 599 -32.90 68.13 -0.38
N SER D 600 -31.66 68.40 0.04
CA SER D 600 -31.31 69.60 0.81
C SER D 600 -30.20 70.46 0.19
N GLU D 601 -29.40 70.00 -0.78
CA GLU D 601 -28.31 70.80 -1.35
C GLU D 601 -28.09 70.58 -2.86
N ASP D 602 -27.31 71.46 -3.52
CA ASP D 602 -26.95 71.34 -4.96
C ASP D 602 -25.74 72.20 -5.39
N ASN D 603 -25.04 71.81 -6.47
CA ASN D 603 -24.10 72.62 -7.27
C ASN D 603 -24.28 72.21 -8.76
N TRP D 604 -24.37 73.18 -9.67
CA TRP D 604 -24.72 72.99 -11.09
C TRP D 604 -24.04 74.07 -11.93
N ILE D 605 -24.22 74.03 -13.25
CA ILE D 605 -23.76 75.03 -14.22
C ILE D 605 -24.90 75.27 -15.22
N ASP D 606 -24.90 76.37 -15.99
CA ASP D 606 -25.90 76.61 -17.05
C ASP D 606 -25.30 77.36 -18.26
N THR D 607 -25.41 76.78 -19.45
CA THR D 607 -25.28 77.47 -20.74
C THR D 607 -26.55 78.30 -20.97
N GLU D 608 -26.51 79.55 -20.53
CA GLU D 608 -27.70 80.42 -20.49
C GLU D 608 -28.15 80.89 -21.90
N ASN D 609 -27.23 80.81 -22.87
CA ASN D 609 -27.28 81.30 -24.26
C ASN D 609 -28.69 81.22 -24.88
N LEU D 678 -14.23 85.46 -13.62
CA LEU D 678 -15.30 85.63 -12.59
C LEU D 678 -16.20 84.37 -12.53
N GLU D 679 -15.84 83.34 -11.75
CA GLU D 679 -16.70 82.15 -11.57
C GLU D 679 -17.89 82.46 -10.64
N GLU D 680 -18.79 83.32 -11.13
CA GLU D 680 -20.03 83.78 -10.47
C GLU D 680 -21.04 82.62 -10.30
N MET D 681 -22.03 82.75 -9.41
CA MET D 681 -22.92 81.63 -9.02
C MET D 681 -24.40 81.87 -9.40
N ILE D 682 -25.09 80.81 -9.82
CA ILE D 682 -26.22 80.92 -10.75
C ILE D 682 -27.49 81.55 -10.15
N GLU D 683 -28.03 82.58 -10.81
CA GLU D 683 -29.24 83.33 -10.45
C GLU D 683 -30.54 82.53 -10.50
N PHE D 684 -30.51 81.30 -11.01
CA PHE D 684 -31.48 80.28 -10.68
C PHE D 684 -30.74 79.08 -10.09
N ILE D 685 -31.10 78.72 -8.87
CA ILE D 685 -30.86 77.38 -8.35
C ILE D 685 -31.66 76.42 -9.23
N ARG D 686 -31.00 75.40 -9.80
CA ARG D 686 -31.63 74.61 -10.87
C ARG D 686 -32.96 74.01 -10.44
N ILE D 687 -33.94 74.15 -11.31
CA ILE D 687 -35.34 73.87 -11.03
C ILE D 687 -35.44 72.39 -10.67
N ARG D 688 -36.00 72.08 -9.50
CA ARG D 688 -35.86 70.78 -8.87
C ARG D 688 -36.97 70.56 -7.87
N ASP D 689 -37.69 69.45 -7.97
CA ASP D 689 -38.67 69.13 -6.94
C ASP D 689 -38.01 68.79 -5.62
N VAL D 690 -38.64 69.25 -4.54
CA VAL D 690 -38.16 69.02 -3.18
C VAL D 690 -39.34 68.56 -2.33
N SER D 691 -39.20 67.37 -1.77
CA SER D 691 -40.11 66.85 -0.76
C SER D 691 -39.81 67.45 0.60
N PHE D 692 -40.77 67.35 1.51
CA PHE D 692 -40.67 67.79 2.89
C PHE D 692 -41.30 66.78 3.84
N GLU D 693 -40.89 66.84 5.09
CA GLU D 693 -41.59 66.27 6.24
C GLU D 693 -41.60 67.31 7.37
N VAL D 694 -42.71 67.39 8.10
CA VAL D 694 -42.84 68.24 9.26
C VAL D 694 -43.49 67.45 10.41
N LYS D 695 -42.99 67.62 11.64
CA LYS D 695 -43.49 66.94 12.86
C LYS D 695 -44.31 67.86 13.75
N GLY D 696 -45.09 67.28 14.67
CA GLY D 696 -45.59 67.94 15.88
C GLY D 696 -46.30 69.29 15.69
N LEU D 697 -47.00 69.49 14.58
CA LEU D 697 -48.00 70.55 14.45
C LEU D 697 -49.22 70.19 15.36
N ASN D 698 -50.36 70.85 15.24
CA ASN D 698 -51.57 70.38 15.93
C ASN D 698 -52.10 69.02 15.35
N PRO D 699 -52.81 68.20 16.14
CA PRO D 699 -53.55 67.03 15.65
C PRO D 699 -54.50 67.39 14.50
N ASN D 700 -54.26 66.82 13.32
CA ASN D 700 -55.00 67.11 12.08
C ASN D 700 -55.20 68.63 11.88
N ASP D 701 -54.13 69.38 12.11
CA ASP D 701 -54.01 70.76 11.68
C ASP D 701 -54.11 70.87 10.16
N ASN D 702 -54.58 72.01 9.66
CA ASN D 702 -55.18 72.11 8.34
C ASN D 702 -54.92 73.45 7.67
N ASN D 703 -54.92 73.50 6.33
CA ASN D 703 -54.56 74.67 5.52
C ASN D 703 -53.06 75.06 5.63
N LEU D 704 -52.19 74.11 5.98
CA LEU D 704 -50.78 74.34 6.21
C LEU D 704 -50.03 74.64 4.89
N TYR D 705 -49.91 75.90 4.50
CA TYR D 705 -49.18 76.36 3.32
C TYR D 705 -47.66 76.27 3.47
N LEU D 706 -47.01 75.64 2.49
CA LEU D 706 -45.56 75.72 2.31
C LEU D 706 -45.24 77.05 1.62
N LEU D 707 -44.25 77.79 2.11
CA LEU D 707 -43.78 79.04 1.52
C LEU D 707 -42.27 78.93 1.25
N PHE D 708 -41.88 78.36 0.11
CA PHE D 708 -40.48 78.28 -0.32
C PHE D 708 -39.86 79.69 -0.38
N ASP D 709 -38.73 79.95 0.27
CA ASP D 709 -38.17 81.28 0.53
C ASP D 709 -39.10 82.28 1.26
N GLY D 710 -40.22 81.82 1.84
CA GLY D 710 -41.33 82.67 2.27
C GLY D 710 -42.31 83.08 1.14
N VAL D 711 -42.24 82.43 -0.02
CA VAL D 711 -43.13 82.54 -1.21
C VAL D 711 -43.97 81.27 -1.37
N ARG D 712 -45.30 81.38 -1.40
CA ARG D 712 -46.24 80.25 -1.48
C ARG D 712 -45.94 79.35 -2.69
N CYS D 713 -45.60 78.08 -2.44
CA CYS D 713 -45.34 77.05 -3.46
C CYS D 713 -46.14 75.79 -3.14
N ALA D 714 -46.80 75.23 -4.15
CA ALA D 714 -47.91 74.33 -3.91
C ALA D 714 -47.51 72.99 -3.31
N ILE D 715 -48.04 72.67 -2.13
CA ILE D 715 -47.90 71.32 -1.55
C ILE D 715 -48.66 70.30 -2.39
N THR D 716 -47.90 69.34 -2.90
CA THR D 716 -48.34 67.98 -3.21
C THR D 716 -48.49 67.23 -1.89
N PRO D 717 -49.68 67.10 -1.27
CA PRO D 717 -49.81 66.46 0.03
C PRO D 717 -49.51 64.96 -0.17
N ALA D 718 -48.55 64.42 0.56
CA ALA D 718 -48.17 63.01 0.41
C ALA D 718 -49.22 62.04 0.95
N THR D 719 -48.97 60.74 0.74
CA THR D 719 -49.77 59.62 1.23
C THR D 719 -50.11 59.78 2.72
N GLY D 720 -51.35 59.48 3.09
CA GLY D 720 -51.85 59.66 4.46
C GLY D 720 -52.32 61.09 4.76
N TYR D 721 -51.85 62.10 4.02
CA TYR D 721 -52.23 63.50 4.22
C TYR D 721 -53.22 63.92 3.13
N ARG D 722 -54.31 64.53 3.56
CA ARG D 722 -55.15 65.34 2.67
C ARG D 722 -54.40 66.60 2.30
N LYS D 723 -54.86 67.30 1.26
CA LYS D 723 -54.59 68.74 1.20
C LYS D 723 -55.02 69.38 2.53
N GLY D 724 -54.39 70.46 2.91
CA GLY D 724 -55.08 71.37 3.79
C GLY D 724 -56.24 71.94 2.98
N SER D 725 -57.39 72.22 3.58
CA SER D 725 -58.60 72.47 2.79
C SER D 725 -58.46 73.62 1.78
N GLU D 726 -57.62 74.60 2.10
CA GLU D 726 -56.93 75.47 1.15
C GLU D 726 -55.96 74.65 0.26
N ASP D 727 -56.23 74.36 -1.01
CA ASP D 727 -55.31 73.48 -1.76
C ASP D 727 -53.95 74.14 -2.09
N GLY D 728 -52.93 73.30 -2.36
CA GLY D 728 -51.51 73.66 -2.32
C GLY D 728 -50.97 73.78 -0.87
N THR D 729 -51.72 73.28 0.11
CA THR D 729 -51.37 73.19 1.53
C THR D 729 -51.64 71.77 2.04
N ILE D 730 -51.33 71.45 3.30
CA ILE D 730 -51.50 70.09 3.86
C ILE D 730 -52.41 70.08 5.10
N MET D 731 -53.07 68.94 5.32
CA MET D 731 -53.67 68.58 6.60
C MET D 731 -52.87 67.47 7.27
N THR D 732 -52.43 67.65 8.50
CA THR D 732 -51.59 66.66 9.21
C THR D 732 -52.37 65.41 9.62
N ASP D 733 -51.66 64.45 10.21
CA ASP D 733 -52.24 63.41 11.06
C ASP D 733 -52.47 63.90 12.52
N ALA D 734 -53.02 63.04 13.39
CA ALA D 734 -53.35 63.36 14.78
C ALA D 734 -52.13 63.66 15.69
N LYS D 735 -50.89 63.37 15.29
CA LYS D 735 -49.72 63.84 16.04
C LYS D 735 -49.32 65.26 15.64
N GLY D 736 -49.85 65.73 14.50
CA GLY D 736 -49.34 66.90 13.79
C GLY D 736 -48.18 66.62 12.81
N THR D 737 -48.00 65.38 12.35
CA THR D 737 -47.04 65.06 11.26
C THR D 737 -47.68 65.35 9.90
N ALA D 738 -46.91 65.89 8.95
CA ALA D 738 -47.32 66.07 7.56
C ALA D 738 -46.12 65.92 6.63
N LYS D 739 -46.34 65.47 5.39
CA LYS D 739 -45.30 65.21 4.39
C LYS D 739 -45.81 65.52 2.98
N GLY D 740 -44.95 65.81 2.04
CA GLY D 740 -45.38 66.28 0.72
C GLY D 740 -44.22 66.81 -0.09
N LYS D 741 -44.49 67.59 -1.14
CA LYS D 741 -43.46 68.23 -1.95
C LYS D 741 -43.94 69.47 -2.70
N PHE D 742 -42.98 70.21 -3.25
CA PHE D 742 -43.16 71.35 -4.15
C PHE D 742 -42.01 71.37 -5.18
N THR D 743 -41.80 72.48 -5.89
CA THR D 743 -40.67 72.66 -6.82
C THR D 743 -39.88 73.95 -6.56
N ILE D 744 -38.54 73.89 -6.57
CA ILE D 744 -37.62 75.04 -6.63
C ILE D 744 -37.83 75.81 -7.95
N PRO D 745 -38.31 77.07 -7.96
CA PRO D 745 -38.55 77.85 -9.18
C PRO D 745 -37.28 78.27 -9.96
N ALA D 746 -37.46 78.94 -11.11
CA ALA D 746 -36.42 79.67 -11.83
C ALA D 746 -36.27 81.13 -11.34
N GLY D 747 -35.19 81.82 -11.75
CA GLY D 747 -34.87 83.18 -11.25
C GLY D 747 -34.53 83.24 -9.75
N ILE D 748 -34.33 82.07 -9.13
CA ILE D 748 -33.98 81.89 -7.72
C ILE D 748 -32.51 82.18 -7.49
N ARG D 749 -32.25 83.39 -6.98
CA ARG D 749 -30.97 83.86 -6.44
C ARG D 749 -30.25 82.72 -5.72
N CYS D 750 -28.97 82.48 -5.99
CA CYS D 750 -28.13 81.38 -5.49
C CYS D 750 -28.06 81.31 -3.94
N GLY D 751 -27.33 80.36 -3.37
CA GLY D 751 -27.12 80.25 -1.92
C GLY D 751 -28.32 79.64 -1.20
N ASN D 752 -28.35 79.73 0.12
CA ASN D 752 -29.29 78.94 0.92
C ASN D 752 -30.77 79.33 0.73
N ARG D 753 -31.72 78.40 0.90
CA ARG D 753 -33.17 78.66 0.85
C ARG D 753 -33.80 78.65 2.23
N GLU D 754 -34.76 79.54 2.44
CA GLU D 754 -35.85 79.25 3.40
C GLU D 754 -36.80 78.28 2.72
N VAL D 755 -37.52 77.49 3.51
CA VAL D 755 -38.83 77.01 3.11
C VAL D 755 -39.72 77.00 4.37
N THR D 756 -40.75 77.84 4.38
CA THR D 756 -41.76 77.88 5.45
C THR D 756 -42.71 76.69 5.29
N LEU D 757 -43.30 76.18 6.38
CA LEU D 757 -44.52 75.35 6.33
C LEU D 757 -45.40 75.67 7.53
N LYS D 758 -46.52 76.34 7.28
CA LYS D 758 -47.36 76.91 8.34
C LYS D 758 -48.79 77.09 7.88
N ASN D 759 -49.70 77.24 8.81
CA ASN D 759 -50.94 78.01 8.62
C ASN D 759 -50.85 79.17 9.63
N ALA D 760 -51.94 79.58 10.27
CA ALA D 760 -51.86 80.38 11.49
C ALA D 760 -51.76 79.54 12.78
N ASN D 761 -52.32 78.34 12.77
CA ASN D 761 -52.51 77.43 13.90
C ASN D 761 -51.21 76.78 14.39
N SER D 762 -50.32 76.41 13.45
CA SER D 762 -48.96 75.92 13.64
C SER D 762 -48.03 76.51 12.57
N THR D 763 -46.74 76.58 12.85
CA THR D 763 -45.77 77.23 11.94
C THR D 763 -44.42 76.51 11.83
N SER D 764 -43.65 76.76 10.77
CA SER D 764 -42.33 76.18 10.58
C SER D 764 -41.52 76.84 9.46
N ALA D 765 -40.20 76.61 9.44
CA ALA D 765 -39.19 77.15 8.51
C ALA D 765 -38.06 76.14 8.33
N THR D 766 -37.35 76.12 7.20
CA THR D 766 -36.34 75.08 6.95
C THR D 766 -35.32 75.43 5.87
N THR D 767 -34.29 74.57 5.70
CA THR D 767 -33.05 74.87 4.94
C THR D 767 -32.89 74.09 3.62
N TYR D 768 -32.36 74.78 2.60
CA TYR D 768 -31.67 74.18 1.43
C TYR D 768 -30.36 74.93 1.17
N THR D 769 -29.37 74.36 0.48
CA THR D 769 -28.05 75.01 0.20
C THR D 769 -27.66 74.90 -1.28
N ALA D 770 -27.00 75.92 -1.87
CA ALA D 770 -26.74 75.96 -3.33
C ALA D 770 -25.57 76.89 -3.77
N GLN D 771 -24.48 76.41 -4.41
CA GLN D 771 -23.30 77.24 -4.78
C GLN D 771 -22.54 76.80 -6.07
N GLY D 772 -23.22 76.48 -7.17
CA GLY D 772 -22.56 76.14 -8.45
C GLY D 772 -21.73 77.29 -9.06
N ARG D 773 -20.49 77.00 -9.46
CA ARG D 773 -19.56 77.96 -10.10
C ARG D 773 -19.85 78.02 -11.62
N LYS D 774 -20.52 79.07 -12.10
CA LYS D 774 -20.82 79.28 -13.55
C LYS D 774 -19.54 79.68 -14.31
N LYS D 775 -19.44 79.34 -15.62
CA LYS D 775 -18.33 79.76 -16.50
C LYS D 775 -18.44 81.22 -17.00
N THR D 776 -19.57 81.88 -16.76
CA THR D 776 -20.01 83.14 -17.44
C THR D 776 -20.95 83.95 -16.53
N ALA D 777 -21.06 85.28 -16.73
CA ALA D 777 -21.89 86.19 -15.91
C ALA D 777 -23.38 86.25 -16.38
N GLN D 778 -24.01 87.44 -16.30
CA GLN D 778 -25.45 87.67 -16.38
C GLN D 778 -26.19 87.06 -15.20
N ASP D 779 -26.33 85.74 -15.11
CA ASP D 779 -26.81 85.12 -13.88
C ASP D 779 -25.81 85.29 -12.70
N ILE D 780 -26.17 86.03 -11.64
CA ILE D 780 -25.41 86.18 -10.38
C ILE D 780 -26.44 86.12 -9.17
N ILE D 781 -26.21 86.82 -8.03
CA ILE D 781 -27.13 87.05 -6.86
C ILE D 781 -27.41 85.84 -5.91
N ILE D 782 -27.60 86.07 -4.58
CA ILE D 782 -27.90 85.07 -3.50
C ILE D 782 -29.14 85.44 -2.63
N ARG D 783 -29.77 84.52 -1.86
CA ARG D 783 -30.90 84.81 -0.91
C ARG D 783 -30.67 84.47 0.58
N THR D 784 -30.60 83.19 0.99
CA THR D 784 -30.32 82.70 2.38
C THR D 784 -31.45 82.87 3.43
N ARG D 785 -31.38 82.25 4.65
CA ARG D 785 -32.58 81.81 5.45
C ARG D 785 -32.77 82.08 6.98
N VAL D 786 -31.73 82.08 7.84
CA VAL D 786 -31.74 82.20 9.35
C VAL D 786 -32.54 81.15 10.18
N THR D 787 -32.33 81.03 11.51
CA THR D 787 -33.19 80.27 12.47
C THR D 787 -33.46 81.07 13.76
N VAL D 788 -34.69 81.07 14.31
CA VAL D 788 -35.10 81.70 15.59
C VAL D 788 -36.38 81.04 16.14
N ASN D 789 -36.63 80.97 17.47
CA ASN D 789 -38.00 80.86 18.02
C ASN D 789 -38.17 81.26 19.51
N LEU D 790 -39.40 81.59 19.95
CA LEU D 790 -39.80 81.95 21.33
C LEU D 790 -41.14 81.30 21.79
N VAL D 791 -41.21 80.84 23.04
CA VAL D 791 -42.38 80.29 23.78
C VAL D 791 -42.20 80.55 25.30
N ASP D 792 -42.88 79.87 26.24
CA ASP D 792 -42.55 79.89 27.69
C ASP D 792 -41.81 78.59 28.18
N PRO D 793 -40.68 78.16 27.60
CA PRO D 793 -40.16 76.79 27.74
C PRO D 793 -39.37 76.58 29.03
N LEU D 794 -38.91 75.35 29.23
CA LEU D 794 -37.71 75.05 30.01
C LEU D 794 -36.43 75.21 29.17
N ALA D 795 -35.30 75.49 29.81
CA ALA D 795 -33.98 75.38 29.21
C ALA D 795 -32.89 75.02 30.23
N GLN D 796 -31.76 74.55 29.71
CA GLN D 796 -30.61 74.06 30.46
C GLN D 796 -29.33 74.51 29.77
N SER D 797 -28.61 75.47 30.34
CA SER D 797 -27.25 75.79 29.92
C SER D 797 -26.33 74.57 30.05
N PHE D 798 -25.41 74.39 29.12
CA PHE D 798 -24.39 73.35 29.20
C PHE D 798 -23.14 73.69 28.40
N GLN D 799 -21.99 73.10 28.74
CA GLN D 799 -20.74 73.28 28.03
C GLN D 799 -20.04 71.98 27.67
N TYR D 800 -19.37 72.02 26.51
CA TYR D 800 -18.37 71.04 26.05
C TYR D 800 -17.00 71.70 26.11
N ASP D 801 -16.03 70.99 26.70
CA ASP D 801 -14.64 71.46 26.82
C ASP D 801 -13.70 70.81 25.79
N GLU D 802 -14.20 69.83 25.04
CA GLU D 802 -13.52 69.20 23.90
C GLU D 802 -14.45 69.08 22.70
N ASN D 803 -13.87 68.99 21.51
CA ASN D 803 -14.60 68.62 20.31
C ASN D 803 -15.13 67.19 20.42
N ARG D 804 -16.43 66.98 20.17
CA ARG D 804 -17.17 65.71 20.29
C ARG D 804 -18.48 65.72 19.50
N THR D 805 -18.69 64.74 18.64
CA THR D 805 -19.92 64.67 17.83
C THR D 805 -21.12 64.08 18.58
N ILE D 806 -22.13 64.86 18.95
CA ILE D 806 -23.30 64.36 19.70
C ILE D 806 -24.10 63.37 18.87
N SER D 807 -24.33 62.18 19.44
CA SER D 807 -25.39 61.27 19.01
C SER D 807 -26.70 61.66 19.67
N SER D 808 -26.67 61.87 20.99
CA SER D 808 -27.90 61.93 21.77
C SER D 808 -27.72 62.47 23.19
N LEU D 809 -28.84 62.83 23.81
CA LEU D 809 -28.94 62.98 25.27
C LEU D 809 -29.49 61.70 25.90
N GLY D 810 -29.43 61.67 27.22
CA GLY D 810 -30.35 60.96 28.08
C GLY D 810 -30.87 61.92 29.16
N LEU D 811 -32.15 61.81 29.50
CA LEU D 811 -32.85 62.70 30.42
C LEU D 811 -33.81 61.90 31.30
N TYR D 812 -33.75 62.02 32.62
CA TYR D 812 -34.69 61.29 33.48
C TYR D 812 -36.04 61.98 33.55
N PHE D 813 -37.15 61.25 33.50
CA PHE D 813 -38.49 61.86 33.58
C PHE D 813 -39.29 61.39 34.78
N ALA D 814 -40.00 62.33 35.40
CA ALA D 814 -40.96 62.09 36.47
C ALA D 814 -42.37 61.79 35.93
N SER D 815 -42.75 62.35 34.78
CA SER D 815 -44.02 62.04 34.09
C SER D 815 -43.95 62.49 32.62
N LYS D 816 -44.83 61.99 31.75
CA LYS D 816 -44.96 62.39 30.32
C LYS D 816 -46.38 62.93 30.02
N GLY D 817 -46.51 63.85 29.07
CA GLY D 817 -47.78 64.44 28.64
C GLY D 817 -48.71 63.41 27.96
N ASP D 818 -48.81 63.43 26.63
CA ASP D 818 -49.73 62.56 25.88
C ASP D 818 -49.22 62.19 24.48
N LYS D 819 -49.85 61.22 23.84
CA LYS D 819 -49.44 60.63 22.56
C LYS D 819 -49.71 61.51 21.33
N GLN D 820 -50.05 62.79 21.48
CA GLN D 820 -50.27 63.73 20.36
C GLN D 820 -49.74 65.13 20.64
N SER D 821 -49.52 65.47 21.91
CA SER D 821 -48.49 66.43 22.25
C SER D 821 -47.13 65.79 21.95
N ASN D 822 -46.10 66.59 21.71
CA ASN D 822 -44.77 66.09 21.40
C ASN D 822 -43.76 67.17 21.76
N VAL D 823 -43.00 66.94 22.83
CA VAL D 823 -42.05 67.92 23.38
C VAL D 823 -40.93 68.19 22.37
N VAL D 824 -40.81 69.44 21.95
CA VAL D 824 -39.74 69.84 21.05
C VAL D 824 -38.49 70.09 21.90
N ILE D 825 -37.61 69.10 21.94
CA ILE D 825 -36.26 69.21 22.49
C ILE D 825 -35.39 69.91 21.45
N GLN D 826 -34.51 70.82 21.87
CA GLN D 826 -33.67 71.63 21.00
C GLN D 826 -32.30 71.89 21.63
N ILE D 827 -31.29 72.10 20.80
CA ILE D 827 -29.99 72.64 21.18
C ILE D 827 -29.85 74.03 20.59
N ARG D 828 -29.39 74.97 21.43
CA ARG D 828 -29.20 76.39 21.14
C ARG D 828 -27.85 76.87 21.66
N GLY D 829 -27.41 78.03 21.19
CA GLY D 829 -26.25 78.72 21.72
C GLY D 829 -26.63 79.52 22.96
N MET D 830 -25.84 80.53 23.31
CA MET D 830 -26.04 81.39 24.48
C MET D 830 -25.89 82.87 24.15
N GLY D 831 -26.78 83.71 24.69
CA GLY D 831 -26.62 85.16 24.66
C GLY D 831 -25.99 85.72 25.95
N ASP D 832 -25.82 87.05 26.00
CA ASP D 832 -25.64 87.79 27.26
C ASP D 832 -26.76 87.55 28.25
N GLN D 833 -27.88 87.01 27.77
CA GLN D 833 -28.81 86.18 28.51
C GLN D 833 -28.15 85.51 29.73
N GLY D 834 -27.02 84.82 29.55
CA GLY D 834 -26.63 83.73 30.46
C GLY D 834 -27.59 82.53 30.34
N TYR D 835 -28.36 82.50 29.26
CA TYR D 835 -29.48 81.63 28.91
C TYR D 835 -29.47 81.45 27.36
N PRO D 836 -30.29 80.57 26.78
CA PRO D 836 -30.23 80.27 25.34
C PRO D 836 -30.26 81.49 24.40
N ASN D 837 -29.51 81.43 23.30
CA ASN D 837 -29.80 82.25 22.11
C ASN D 837 -31.10 81.76 21.41
N LYS D 838 -31.49 82.37 20.29
CA LYS D 838 -32.70 81.93 19.55
C LYS D 838 -32.42 80.91 18.44
N THR D 839 -31.18 80.77 18.01
CA THR D 839 -30.78 79.83 16.93
C THR D 839 -30.90 78.38 17.40
N ILE D 840 -31.35 77.48 16.52
CA ILE D 840 -31.48 76.05 16.84
C ILE D 840 -30.50 75.26 15.99
N TYR D 841 -29.90 74.24 16.59
CA TYR D 841 -28.70 73.56 16.09
C TYR D 841 -28.95 72.08 15.83
N ALA D 842 -29.63 71.40 16.75
CA ALA D 842 -30.20 70.06 16.57
C ALA D 842 -31.46 69.97 17.44
N GLU D 843 -32.43 69.12 17.10
CA GLU D 843 -33.78 69.16 17.67
C GLU D 843 -34.58 67.86 17.42
N THR D 844 -35.54 67.50 18.28
CA THR D 844 -36.46 66.36 18.10
C THR D 844 -37.79 66.57 18.86
N VAL D 845 -38.86 65.84 18.49
CA VAL D 845 -40.27 66.20 18.72
C VAL D 845 -40.99 65.01 19.34
N MET D 846 -40.92 64.92 20.66
CA MET D 846 -41.09 63.64 21.38
C MET D 846 -42.42 63.54 22.15
N ASN D 847 -43.34 62.72 21.65
CA ASN D 847 -44.65 62.38 22.21
C ASN D 847 -44.51 61.56 23.51
N ALA D 848 -45.62 61.27 24.19
CA ALA D 848 -45.64 60.22 25.22
C ALA D 848 -45.31 58.83 24.65
N ASP D 849 -45.38 58.65 23.33
CA ASP D 849 -44.81 57.51 22.64
C ASP D 849 -43.28 57.42 22.77
N ASP D 850 -42.63 58.56 22.84
CA ASP D 850 -41.18 58.71 22.76
C ASP D 850 -40.53 58.91 24.13
N ILE D 851 -41.32 59.27 25.15
CA ILE D 851 -40.84 59.68 26.48
C ILE D 851 -41.07 58.55 27.52
N LYS D 852 -40.13 58.45 28.48
CA LYS D 852 -39.78 57.24 29.26
C LYS D 852 -39.43 57.64 30.70
N VAL D 853 -40.27 57.27 31.69
CA VAL D 853 -40.42 58.02 32.96
C VAL D 853 -40.44 57.09 34.18
N SER D 854 -40.23 57.65 35.38
CA SER D 854 -39.89 56.95 36.63
C SER D 854 -40.23 57.76 37.88
N ASN D 855 -40.18 57.14 39.06
CA ASN D 855 -40.67 57.75 40.31
C ASN D 855 -39.56 58.43 41.15
N ASN D 856 -38.32 58.31 40.70
CA ASN D 856 -37.10 58.40 41.52
C ASN D 856 -35.85 58.72 40.66
N ALA D 857 -36.08 59.23 39.43
CA ALA D 857 -35.06 59.42 38.40
C ALA D 857 -34.21 58.17 38.09
N SER D 858 -34.89 57.07 37.76
CA SER D 858 -34.31 55.80 37.28
C SER D 858 -34.58 55.46 35.79
N ALA D 859 -35.63 56.04 35.18
CA ALA D 859 -35.91 55.92 33.75
C ALA D 859 -35.33 57.10 32.99
N GLU D 860 -34.43 56.85 32.06
CA GLU D 860 -33.84 57.88 31.24
C GLU D 860 -34.46 57.82 29.84
N THR D 861 -35.22 58.85 29.48
CA THR D 861 -35.67 59.13 28.10
C THR D 861 -34.42 59.42 27.25
N ARG D 862 -34.23 58.72 26.12
CA ARG D 862 -33.08 58.92 25.23
C ARG D 862 -33.48 59.73 24.00
N VAL D 863 -32.67 60.73 23.66
CA VAL D 863 -33.04 61.82 22.74
C VAL D 863 -31.97 61.91 21.65
N TYR D 864 -32.19 61.32 20.50
CA TYR D 864 -31.18 61.24 19.43
C TYR D 864 -31.35 62.28 18.34
N PHE D 865 -30.22 62.81 17.86
CA PHE D 865 -30.14 63.77 16.77
C PHE D 865 -29.66 63.10 15.48
N ASP D 866 -29.91 63.73 14.34
CA ASP D 866 -29.94 62.98 13.06
C ASP D 866 -28.63 63.05 12.30
N ASP D 867 -28.20 64.28 11.99
CA ASP D 867 -26.88 64.59 11.42
C ASP D 867 -25.77 64.43 12.48
N PRO D 868 -24.50 64.22 12.09
CA PRO D 868 -23.39 64.20 13.02
C PRO D 868 -23.11 65.66 13.48
N MET D 869 -23.78 66.15 14.53
CA MET D 869 -23.56 67.48 15.12
C MET D 869 -22.29 67.49 15.99
N MET D 870 -21.23 68.25 15.67
CA MET D 870 -20.00 68.31 16.49
C MET D 870 -20.10 69.40 17.56
N ALA D 871 -20.24 69.00 18.83
CA ALA D 871 -20.12 69.87 20.00
C ALA D 871 -18.65 70.24 20.19
N GLU D 872 -18.34 71.49 19.87
CA GLU D 872 -17.02 72.09 19.94
C GLU D 872 -16.50 72.17 21.38
N GLY D 873 -15.18 72.05 21.54
CA GLY D 873 -14.52 72.24 22.82
C GLY D 873 -14.28 73.70 23.20
N GLY D 874 -14.56 74.02 24.46
CA GLY D 874 -14.38 75.34 25.07
C GLY D 874 -15.62 76.24 24.95
N LYS D 875 -16.79 75.64 24.76
CA LYS D 875 -18.00 76.32 24.32
C LYS D 875 -19.16 76.10 25.27
N GLU D 876 -20.03 77.09 25.37
CA GLU D 876 -21.32 77.08 26.06
C GLU D 876 -22.51 77.08 25.09
N TYR D 877 -23.64 76.56 25.56
CA TYR D 877 -24.84 76.20 24.83
C TYR D 877 -26.02 76.20 25.79
N ALA D 878 -27.25 76.16 25.29
CA ALA D 878 -28.34 75.66 26.11
C ALA D 878 -29.27 74.73 25.34
N ILE D 879 -29.73 73.70 26.04
CA ILE D 879 -30.88 72.92 25.63
C ILE D 879 -32.12 73.81 25.77
N VAL D 880 -33.00 73.91 24.78
CA VAL D 880 -34.35 74.48 24.95
C VAL D 880 -35.36 73.36 24.80
N ILE D 881 -36.36 73.33 25.67
CA ILE D 881 -37.27 72.19 25.74
C ILE D 881 -38.69 72.73 25.82
N ILE D 882 -39.41 72.64 24.71
CA ILE D 882 -40.76 73.16 24.58
C ILE D 882 -41.72 72.01 24.83
N THR D 883 -42.50 72.06 25.91
CA THR D 883 -43.72 71.25 26.04
C THR D 883 -44.95 72.11 25.90
N GLU D 884 -45.94 71.59 25.21
CA GLU D 884 -47.32 72.09 25.19
C GLU D 884 -48.18 71.49 26.31
N ASN D 885 -47.73 70.41 26.95
CA ASN D 885 -48.44 69.68 27.98
C ASN D 885 -47.64 69.70 29.28
N SER D 886 -48.26 70.16 30.36
CA SER D 886 -47.58 70.33 31.67
C SER D 886 -47.01 69.02 32.22
N ASP D 887 -47.59 67.88 31.82
CA ASP D 887 -47.32 66.58 32.43
C ASP D 887 -46.15 65.87 31.76
N TYR D 888 -45.45 66.53 30.84
CA TYR D 888 -44.04 66.22 30.66
C TYR D 888 -43.26 66.91 31.77
N THR D 889 -43.15 66.24 32.93
CA THR D 889 -42.28 66.70 34.01
C THR D 889 -41.00 65.87 34.00
N MET D 890 -39.84 66.52 33.81
CA MET D 890 -38.56 65.85 33.98
C MET D 890 -38.28 65.51 35.45
N TRP D 891 -37.21 64.78 35.70
CA TRP D 891 -36.48 64.77 36.96
C TRP D 891 -35.29 65.71 36.87
N VAL D 892 -35.09 66.58 37.86
CA VAL D 892 -34.00 67.57 37.86
C VAL D 892 -33.36 67.64 39.26
N GLY D 893 -32.04 67.83 39.32
CA GLY D 893 -31.23 67.87 40.53
C GLY D 893 -30.90 69.31 40.92
N THR D 894 -30.61 69.56 42.19
CA THR D 894 -30.28 70.90 42.70
C THR D 894 -29.34 70.87 43.90
N ARG D 895 -28.44 71.87 43.97
CA ARG D 895 -27.48 72.20 45.03
C ARG D 895 -28.11 72.03 46.42
N THR D 896 -27.38 71.49 47.38
CA THR D 896 -27.85 71.17 48.76
C THR D 896 -29.00 70.15 48.89
N LYS D 897 -29.83 69.93 47.87
CA LYS D 897 -31.14 69.28 48.08
C LYS D 897 -31.06 67.76 48.29
N PRO D 898 -31.83 67.20 49.24
CA PRO D 898 -32.22 65.79 49.28
C PRO D 898 -32.57 65.22 47.89
N LYS D 899 -31.87 64.18 47.41
CA LYS D 899 -32.16 63.59 46.08
C LYS D 899 -33.57 63.00 46.03
N ILE D 900 -34.18 62.89 44.86
CA ILE D 900 -35.45 62.15 44.67
C ILE D 900 -35.15 60.65 44.73
N ASP D 901 -34.01 60.30 44.15
CA ASP D 901 -33.36 59.02 44.21
C ASP D 901 -33.15 58.58 45.69
N LYS D 902 -32.59 59.49 46.51
CA LYS D 902 -32.27 59.33 47.96
C LYS D 902 -32.35 60.66 48.73
N PRO D 903 -33.44 61.02 49.41
CA PRO D 903 -33.54 62.29 50.15
C PRO D 903 -32.50 62.44 51.27
N ASN D 904 -32.13 61.33 51.89
CA ASN D 904 -31.02 61.23 52.83
C ASN D 904 -29.66 61.65 52.24
N GLU D 905 -29.47 61.52 50.92
CA GLU D 905 -28.40 62.20 50.18
C GLU D 905 -28.83 63.63 49.91
N VAL D 906 -28.35 64.58 50.71
CA VAL D 906 -28.27 65.95 50.24
C VAL D 906 -27.24 66.03 49.13
N ILE D 907 -27.66 66.53 47.97
CA ILE D 907 -26.76 66.92 46.89
C ILE D 907 -25.78 67.98 47.43
N SER D 908 -24.53 67.97 46.96
CA SER D 908 -23.59 69.06 47.21
C SER D 908 -23.81 70.23 46.24
N GLY D 909 -23.01 70.33 45.17
CA GLY D 909 -23.02 71.46 44.25
C GLY D 909 -24.26 71.51 43.37
N ASN D 910 -24.46 72.65 42.69
CA ASN D 910 -25.37 72.69 41.53
C ASN D 910 -24.94 71.53 40.62
N PRO D 911 -25.82 70.57 40.30
CA PRO D 911 -25.40 69.23 39.90
C PRO D 911 -24.28 69.17 38.85
N TYR D 912 -24.34 70.09 37.89
CA TYR D 912 -23.46 70.33 36.78
C TYR D 912 -23.30 71.85 36.66
N LEU D 913 -22.51 72.45 37.56
CA LEU D 913 -22.21 73.88 37.60
C LEU D 913 -21.71 74.45 36.27
N GLN D 914 -21.17 73.57 35.45
CA GLN D 914 -20.86 73.73 34.05
C GLN D 914 -22.13 73.95 33.19
N GLY D 915 -23.20 74.50 33.77
CA GLY D 915 -24.59 74.45 33.32
C GLY D 915 -25.52 75.11 34.34
N VAL D 916 -26.75 75.43 33.91
CA VAL D 916 -27.77 76.14 34.70
C VAL D 916 -29.15 75.75 34.18
N LEU D 917 -30.10 75.42 35.07
CA LEU D 917 -31.51 75.25 34.73
C LEU D 917 -32.34 76.54 34.81
N PHE D 918 -33.32 76.68 33.92
CA PHE D 918 -34.29 77.78 33.96
C PHE D 918 -35.54 77.48 33.13
N SER D 919 -36.75 77.70 33.68
CA SER D 919 -37.93 78.01 32.85
C SER D 919 -37.88 79.46 32.39
N SER D 920 -38.63 79.85 31.37
CA SER D 920 -38.85 81.26 31.06
C SER D 920 -40.27 81.58 30.67
N SER D 921 -40.75 82.74 31.06
CA SER D 921 -42.02 83.31 30.67
C SER D 921 -42.12 83.70 29.18
N ASN D 922 -41.03 83.67 28.40
CA ASN D 922 -41.00 84.14 27.00
C ASN D 922 -39.68 83.78 26.26
N ALA D 923 -38.97 82.74 26.73
CA ALA D 923 -37.60 82.39 26.34
C ALA D 923 -36.58 83.57 26.47
N SER D 924 -36.82 84.54 27.38
CA SER D 924 -35.85 85.59 27.80
C SER D 924 -35.92 85.98 29.27
N THR D 925 -37.08 86.14 29.91
CA THR D 925 -37.19 86.15 31.39
C THR D 925 -37.11 84.73 31.89
N TRP D 926 -35.92 84.16 31.81
CA TRP D 926 -35.55 82.87 32.39
C TRP D 926 -35.52 82.93 33.92
N THR D 927 -35.60 81.77 34.56
CA THR D 927 -35.74 81.58 36.02
C THR D 927 -34.47 80.90 36.52
N PRO D 928 -33.33 81.61 36.63
CA PRO D 928 -31.99 81.01 36.58
C PRO D 928 -31.61 80.37 37.90
N HIS D 929 -32.11 79.17 38.12
CA HIS D 929 -31.59 78.33 39.17
C HIS D 929 -30.25 77.79 38.72
N GLN D 930 -29.23 78.64 38.84
CA GLN D 930 -27.82 78.28 38.97
C GLN D 930 -27.54 77.47 40.28
N ASN D 931 -28.60 76.95 40.90
CA ASN D 931 -28.58 75.85 41.87
C ASN D 931 -28.93 74.51 41.21
N SER D 932 -29.55 74.48 40.04
CA SER D 932 -30.24 73.31 39.48
C SER D 932 -29.73 72.91 38.09
N ASP D 933 -29.88 71.62 37.77
CA ASP D 933 -29.75 71.06 36.44
C ASP D 933 -30.78 69.95 36.22
N LEU D 934 -31.17 69.73 34.97
CA LEU D 934 -31.84 68.50 34.54
C LEU D 934 -31.06 67.27 35.01
N LYS D 935 -31.65 66.15 35.44
CA LYS D 935 -30.87 64.91 35.57
C LYS D 935 -30.67 64.37 34.17
N PHE D 936 -29.43 64.42 33.69
CA PHE D 936 -29.12 64.29 32.27
C PHE D 936 -27.77 63.60 32.04
N GLY D 937 -27.54 63.09 30.85
CA GLY D 937 -26.19 62.98 30.29
C GLY D 937 -26.20 63.20 28.79
N ILE D 938 -25.02 63.43 28.22
CA ILE D 938 -24.85 63.64 26.79
C ILE D 938 -23.86 62.60 26.24
N TYR D 939 -24.17 62.12 25.04
CA TYR D 939 -23.46 61.09 24.35
C TYR D 939 -22.99 61.56 22.99
N THR D 940 -21.79 61.14 22.61
CA THR D 940 -21.11 61.58 21.39
C THR D 940 -20.42 60.40 20.69
N SER D 941 -19.79 60.65 19.55
CA SER D 941 -19.18 59.64 18.72
C SER D 941 -17.68 59.52 18.93
N LYS D 942 -17.23 58.33 19.38
CA LYS D 942 -15.88 57.87 19.05
C LYS D 942 -15.97 57.29 17.64
N PHE D 943 -15.56 58.09 16.67
CA PHE D 943 -15.45 57.65 15.27
C PHE D 943 -14.35 56.62 15.07
N ASN D 944 -14.47 55.90 13.97
CA ASN D 944 -13.33 55.33 13.27
C ASN D 944 -12.55 56.47 12.58
N GLU D 945 -11.22 56.46 12.58
CA GLU D 945 -10.42 57.63 12.13
C GLU D 945 -10.54 57.90 10.62
N THR D 946 -11.03 56.97 9.81
CA THR D 946 -11.25 57.14 8.36
C THR D 946 -12.34 56.20 7.85
N ALA D 947 -12.86 56.46 6.64
CA ALA D 947 -13.93 55.69 6.04
C ALA D 947 -13.94 55.72 4.49
N THR D 948 -14.56 54.71 3.87
CA THR D 948 -14.95 54.69 2.44
C THR D 948 -16.32 55.28 2.19
N ILE D 949 -16.50 55.87 1.02
CA ILE D 949 -17.77 56.32 0.46
C ILE D 949 -17.79 55.80 -0.97
N GLU D 950 -17.95 54.50 -1.12
CA GLU D 950 -18.09 53.87 -2.43
C GLU D 950 -19.41 54.34 -3.07
N PHE D 951 -19.36 55.17 -4.12
CA PHE D 951 -20.57 55.64 -4.79
C PHE D 951 -21.10 54.60 -5.76
N GLU D 952 -22.40 54.66 -5.96
CA GLU D 952 -23.13 53.84 -6.90
C GLU D 952 -22.65 54.15 -8.34
N PRO D 953 -22.50 53.14 -9.21
CA PRO D 953 -22.22 53.41 -10.61
C PRO D 953 -23.19 54.40 -11.24
N ILE D 954 -22.67 55.55 -11.66
CA ILE D 954 -23.32 56.51 -12.55
C ILE D 954 -23.16 55.97 -14.00
N LYS D 955 -23.84 54.87 -14.35
CA LYS D 955 -23.80 54.26 -15.70
C LYS D 955 -24.61 55.04 -16.75
N ASP D 956 -24.07 55.15 -17.96
CA ASP D 956 -24.66 55.89 -19.08
C ASP D 956 -24.62 57.42 -18.87
N VAL D 957 -23.43 57.90 -18.49
CA VAL D 957 -22.95 59.32 -18.49
C VAL D 957 -22.62 59.75 -19.93
N SER D 958 -21.82 58.94 -20.64
CA SER D 958 -21.35 59.17 -22.02
C SER D 958 -20.78 60.58 -22.28
N ALA D 959 -19.84 61.04 -21.45
CA ALA D 959 -19.43 62.44 -21.40
C ALA D 959 -18.02 62.68 -21.94
N ASP D 960 -17.81 63.83 -22.59
CA ASP D 960 -16.48 64.31 -23.03
C ASP D 960 -15.79 65.20 -21.99
N ARG D 961 -16.53 65.68 -20.98
CA ARG D 961 -16.02 66.50 -19.88
C ARG D 961 -16.79 66.19 -18.61
N ILE D 962 -16.18 66.45 -17.46
CA ILE D 962 -16.84 66.40 -16.14
C ILE D 962 -16.33 67.55 -15.25
N VAL D 963 -17.14 67.98 -14.28
CA VAL D 963 -16.83 69.00 -13.26
C VAL D 963 -17.33 68.44 -11.94
N LEU D 964 -16.44 68.00 -11.08
CA LEU D 964 -16.84 67.70 -9.70
C LEU D 964 -17.12 69.05 -8.98
N MET D 965 -18.26 69.14 -8.30
CA MET D 965 -18.61 70.24 -7.39
C MET D 965 -19.32 69.64 -6.18
N SER D 966 -18.70 68.65 -5.56
CA SER D 966 -19.27 68.04 -4.36
C SER D 966 -18.89 68.86 -3.12
N THR D 967 -19.52 68.62 -1.98
CA THR D 967 -19.38 69.48 -0.80
C THR D 967 -19.11 68.63 0.44
N TYR D 968 -18.06 68.96 1.20
CA TYR D 968 -17.57 68.14 2.31
C TYR D 968 -16.72 69.04 3.21
N LEU D 969 -17.27 69.69 4.23
CA LEU D 969 -16.42 70.51 5.09
C LEU D 969 -15.48 69.60 5.91
N THR D 970 -14.17 69.80 5.84
CA THR D 970 -13.17 68.89 6.38
C THR D 970 -12.22 69.59 7.39
N PRO D 971 -12.64 69.80 8.66
CA PRO D 971 -11.74 70.14 9.77
C PRO D 971 -10.45 69.30 9.75
N GLU D 972 -9.36 69.81 10.33
CA GLU D 972 -8.04 69.15 10.31
C GLU D 972 -8.09 67.67 10.76
N ARG D 973 -7.17 66.84 10.27
CA ARG D 973 -7.21 65.35 10.31
C ARG D 973 -8.38 64.77 9.54
N THR D 974 -9.58 65.33 9.65
CA THR D 974 -10.65 65.05 8.71
C THR D 974 -10.30 65.54 7.30
N GLY D 975 -10.93 64.95 6.28
CA GLY D 975 -10.57 65.11 4.88
C GLY D 975 -11.51 64.29 4.02
N CYS D 976 -11.53 64.53 2.72
CA CYS D 976 -12.33 63.75 1.80
C CYS D 976 -11.57 63.62 0.50
N THR D 977 -10.66 62.64 0.42
CA THR D 977 -10.08 62.27 -0.88
C THR D 977 -11.18 61.73 -1.79
N TRP D 978 -11.04 61.92 -3.09
CA TRP D 978 -12.08 61.64 -4.08
C TRP D 978 -11.49 60.88 -5.26
N GLU D 979 -12.20 59.89 -5.78
CA GLU D 979 -11.68 58.87 -6.71
C GLU D 979 -12.68 58.49 -7.80
N MET D 980 -12.19 58.06 -8.96
CA MET D 980 -13.02 57.75 -10.12
C MET D 980 -12.65 56.42 -10.77
N LYS D 981 -13.67 55.78 -11.35
CA LYS D 981 -13.59 54.65 -12.24
C LYS D 981 -14.56 54.94 -13.40
N LEU D 982 -14.06 55.51 -14.49
CA LEU D 982 -14.88 55.84 -15.66
C LEU D 982 -14.71 54.74 -16.71
N ILE D 983 -15.79 54.04 -17.08
CA ILE D 983 -15.79 53.22 -18.29
C ILE D 983 -16.11 54.14 -19.45
N LEU D 984 -15.31 54.09 -20.51
CA LEU D 984 -15.46 54.94 -21.67
C LEU D 984 -16.32 54.30 -22.76
N ASP D 985 -17.11 55.09 -23.48
CA ASP D 985 -17.79 54.65 -24.70
C ASP D 985 -16.78 54.07 -25.72
N ASP D 986 -15.54 54.53 -25.69
CA ASP D 986 -14.43 54.05 -26.52
C ASP D 986 -13.60 52.90 -25.88
N MET D 987 -13.82 52.58 -24.60
CA MET D 987 -13.18 51.42 -23.96
C MET D 987 -13.73 50.10 -24.51
N ALA D 988 -13.06 48.99 -24.20
CA ALA D 988 -13.60 47.66 -24.45
C ALA D 988 -14.88 47.41 -23.63
N SER D 989 -15.79 46.59 -24.15
CA SER D 989 -17.04 46.18 -23.46
C SER D 989 -16.78 45.28 -22.25
N SER D 990 -15.56 44.78 -22.12
CA SER D 990 -15.08 44.15 -20.91
C SER D 990 -14.78 45.17 -19.80
N THR D 991 -14.42 46.43 -20.09
CA THR D 991 -13.93 47.36 -19.07
C THR D 991 -15.02 47.74 -18.08
N THR D 992 -14.80 47.42 -16.81
CA THR D 992 -15.72 47.72 -15.71
C THR D 992 -14.96 48.17 -14.48
N PHE D 993 -15.66 48.58 -13.42
CA PHE D 993 -15.05 49.18 -12.23
C PHE D 993 -14.12 48.22 -11.43
N ASP D 994 -14.00 46.95 -11.84
CA ASP D 994 -12.95 46.03 -11.39
C ASP D 994 -11.63 46.39 -12.05
N GLN D 995 -11.65 46.56 -13.37
CA GLN D 995 -10.48 46.84 -14.21
C GLN D 995 -10.00 48.28 -14.08
N LEU D 996 -10.95 49.20 -13.86
CA LEU D 996 -10.66 50.57 -13.47
C LEU D 996 -10.27 50.60 -11.98
N LYS D 997 -9.28 51.41 -11.58
CA LYS D 997 -8.83 51.54 -10.18
C LYS D 997 -9.31 52.87 -9.59
N TRP D 998 -9.33 52.99 -8.26
CA TRP D 998 -9.52 54.30 -7.63
C TRP D 998 -8.26 55.14 -7.85
N GLU D 999 -8.16 55.73 -9.03
CA GLU D 999 -7.41 56.96 -9.25
C GLU D 999 -8.18 58.14 -8.68
N PRO D 1000 -7.53 59.27 -8.38
CA PRO D 1000 -8.18 60.37 -7.69
C PRO D 1000 -8.78 61.43 -8.65
N ILE D 1001 -9.89 62.05 -8.24
CA ILE D 1001 -10.56 63.18 -8.91
C ILE D 1001 -10.62 64.37 -7.93
N GLY D 1002 -10.39 65.59 -8.41
CA GLY D 1002 -10.42 66.83 -7.62
C GLY D 1002 -11.64 67.72 -7.93
N ASN D 1003 -11.85 68.78 -7.15
CA ASN D 1003 -13.17 69.39 -6.96
C ASN D 1003 -13.21 70.92 -7.18
N TYR D 1004 -14.37 71.43 -7.61
CA TYR D 1004 -14.49 72.75 -8.27
C TYR D 1004 -13.56 72.86 -9.48
N GLN D 1005 -13.38 71.73 -10.18
CA GLN D 1005 -12.30 71.49 -11.14
C GLN D 1005 -12.88 70.90 -12.43
N ASP D 1006 -12.40 71.33 -13.60
CA ASP D 1006 -12.97 71.01 -14.92
C ASP D 1006 -12.06 70.04 -15.70
N LEU D 1007 -12.62 68.94 -16.20
CA LEU D 1007 -11.91 67.70 -16.51
C LEU D 1007 -12.44 67.01 -17.79
N ASP D 1008 -11.75 67.23 -18.91
CA ASP D 1008 -12.00 66.50 -20.17
C ASP D 1008 -11.61 65.03 -20.03
N VAL D 1009 -12.49 64.16 -20.51
CA VAL D 1009 -12.43 62.70 -20.34
C VAL D 1009 -11.33 62.04 -21.18
N LEU D 1010 -10.78 62.74 -22.18
CA LEU D 1010 -9.79 62.23 -23.15
C LEU D 1010 -10.29 60.97 -23.88
N GLY D 1011 -11.50 61.08 -24.40
CA GLY D 1011 -12.37 59.98 -24.77
C GLY D 1011 -13.80 60.39 -24.44
N LEU D 1012 -14.71 59.43 -24.31
CA LEU D 1012 -16.09 59.68 -23.90
C LEU D 1012 -16.51 58.69 -22.80
N ALA D 1013 -17.14 59.10 -21.70
CA ALA D 1013 -17.28 58.27 -20.48
C ALA D 1013 -18.61 57.51 -20.40
N ARG D 1014 -18.79 56.36 -21.08
CA ARG D 1014 -20.08 55.66 -21.08
C ARG D 1014 -20.66 55.44 -19.70
N GLN D 1015 -19.95 54.79 -18.80
CA GLN D 1015 -20.56 54.24 -17.60
C GLN D 1015 -19.60 54.37 -16.44
N VAL D 1016 -20.00 55.02 -15.37
CA VAL D 1016 -19.07 55.53 -14.35
C VAL D 1016 -19.35 54.85 -13.02
N LYS D 1017 -18.32 54.72 -12.18
CA LYS D 1017 -18.45 54.62 -10.72
C LYS D 1017 -17.47 55.60 -10.11
N LEU D 1018 -17.91 56.30 -9.06
CA LEU D 1018 -17.06 57.19 -8.27
C LEU D 1018 -16.82 56.59 -6.87
N ARG D 1019 -15.83 57.12 -6.17
CA ARG D 1019 -15.67 56.92 -4.75
C ARG D 1019 -15.21 58.23 -4.10
N ALA D 1020 -15.46 58.36 -2.81
CA ALA D 1020 -14.67 59.21 -1.96
C ALA D 1020 -14.20 58.41 -0.75
N THR D 1021 -13.19 58.94 -0.10
CA THR D 1021 -12.63 58.36 1.09
C THR D 1021 -12.53 59.47 2.15
N PHE D 1022 -13.35 59.37 3.21
CA PHE D 1022 -13.35 60.29 4.34
C PHE D 1022 -12.12 60.02 5.19
N GLU D 1023 -11.22 60.98 5.28
CA GLU D 1023 -10.38 61.10 6.46
C GLU D 1023 -11.22 61.75 7.57
N SER D 1024 -11.02 61.35 8.82
CA SER D 1024 -11.76 61.84 10.00
C SER D 1024 -10.79 62.02 11.17
N ASN D 1025 -11.31 62.09 12.39
CA ASN D 1025 -10.58 61.76 13.60
C ASN D 1025 -11.56 61.24 14.63
N ARG D 1026 -11.07 60.82 15.80
CA ARG D 1026 -11.83 60.24 16.89
C ARG D 1026 -13.12 60.99 17.26
N TYR D 1027 -13.22 62.30 17.06
CA TYR D 1027 -14.32 63.14 17.58
C TYR D 1027 -15.08 63.94 16.51
N ILE D 1028 -14.50 64.05 15.31
CA ILE D 1028 -14.94 64.93 14.22
C ILE D 1028 -14.85 64.20 12.86
N SER D 1029 -15.82 64.38 11.97
CA SER D 1029 -15.82 63.80 10.62
C SER D 1029 -16.47 64.77 9.62
N PRO D 1030 -16.09 64.78 8.33
CA PRO D 1030 -16.45 65.84 7.38
C PRO D 1030 -17.94 65.98 7.07
N LEU D 1031 -18.36 67.23 6.85
CA LEU D 1031 -19.74 67.57 6.55
C LEU D 1031 -20.05 67.36 5.06
N MET D 1032 -20.12 66.11 4.61
CA MET D 1032 -20.74 65.79 3.32
C MET D 1032 -22.16 65.27 3.54
N SER D 1033 -23.14 65.93 2.93
CA SER D 1033 -24.51 65.45 2.78
C SER D 1033 -24.69 64.60 1.54
N SER D 1034 -25.60 63.66 1.64
CA SER D 1034 -26.29 62.96 0.54
C SER D 1034 -26.78 63.86 -0.62
N SER D 1035 -26.92 65.18 -0.44
CA SER D 1035 -27.13 66.13 -1.55
C SER D 1035 -26.14 67.31 -1.62
N ASP D 1036 -25.19 67.43 -0.67
CA ASP D 1036 -23.91 68.10 -0.93
C ASP D 1036 -23.09 67.34 -1.99
N LEU D 1037 -23.39 66.04 -2.12
CA LEU D 1037 -22.84 65.10 -3.07
C LEU D 1037 -23.13 65.53 -4.52
N THR D 1038 -22.21 66.21 -5.22
CA THR D 1038 -22.49 66.73 -6.59
C THR D 1038 -21.36 66.66 -7.63
N PHE D 1039 -21.71 66.35 -8.87
CA PHE D 1039 -20.82 65.96 -9.97
C PHE D 1039 -21.45 66.20 -11.34
N THR D 1040 -21.05 67.29 -11.99
CA THR D 1040 -21.49 67.57 -13.35
C THR D 1040 -20.72 66.72 -14.37
N THR D 1041 -21.39 66.29 -15.44
CA THR D 1041 -20.82 65.64 -16.62
C THR D 1041 -21.31 66.39 -17.86
N PHE D 1042 -20.64 66.28 -19.00
CA PHE D 1042 -20.99 67.07 -20.17
C PHE D 1042 -20.89 66.33 -21.49
N LEU D 1043 -21.90 66.55 -22.32
CA LEU D 1043 -21.77 66.47 -23.77
C LEU D 1043 -21.36 67.89 -24.24
N THR D 1044 -20.44 68.03 -25.18
CA THR D 1044 -20.14 69.32 -25.84
C THR D 1044 -20.69 69.37 -27.27
N GLU D 1045 -21.23 70.50 -27.68
CA GLU D 1045 -21.79 70.68 -29.03
C GLU D 1045 -20.69 70.63 -30.11
N LEU D 1046 -20.87 69.85 -31.19
CA LEU D 1046 -19.84 69.65 -32.23
C LEU D 1046 -19.68 70.85 -33.19
N THR D 1047 -20.62 71.78 -33.17
CA THR D 1047 -20.49 73.10 -33.78
C THR D 1047 -21.15 74.10 -32.86
N GLY D 1048 -20.65 75.33 -32.84
CA GLY D 1048 -21.10 76.34 -31.88
C GLY D 1048 -20.26 77.60 -32.00
N SER D 1049 -20.57 78.42 -33.00
CA SER D 1049 -19.75 79.55 -33.42
C SER D 1049 -19.60 80.66 -32.39
N TYR D 1050 -18.72 81.61 -32.65
CA TYR D 1050 -18.92 82.96 -32.14
C TYR D 1050 -19.56 83.74 -33.28
N VAL D 1051 -20.62 84.48 -32.99
CA VAL D 1051 -21.18 85.52 -33.87
C VAL D 1051 -21.16 86.83 -33.09
N GLY D 1052 -20.40 87.82 -33.53
CA GLY D 1052 -20.50 89.17 -32.94
C GLY D 1052 -21.81 89.80 -33.36
N ARG D 1053 -22.35 90.74 -32.59
CA ARG D 1053 -23.52 91.54 -32.98
C ARG D 1053 -23.28 92.34 -34.25
N ALA D 1054 -24.35 92.55 -35.02
CA ALA D 1054 -24.31 93.28 -36.28
C ALA D 1054 -23.73 94.70 -36.11
N ILE D 1055 -23.18 95.28 -37.18
CA ILE D 1055 -22.57 96.62 -37.21
C ILE D 1055 -23.04 97.40 -38.43
N ASP D 1056 -23.89 98.41 -38.21
CA ASP D 1056 -24.19 99.40 -39.23
C ASP D 1056 -22.87 100.14 -39.54
N MET D 1057 -22.47 100.13 -40.80
CA MET D 1057 -21.29 100.79 -41.31
C MET D 1057 -21.63 101.94 -42.25
N THR D 1058 -22.87 102.43 -42.29
CA THR D 1058 -23.32 103.57 -43.14
C THR D 1058 -22.64 104.89 -42.77
N GLU D 1059 -22.37 105.10 -41.49
CA GLU D 1059 -21.60 106.26 -41.01
C GLU D 1059 -20.13 106.22 -41.45
N ALA D 1060 -19.56 105.05 -41.74
CA ALA D 1060 -18.16 104.85 -42.16
C ALA D 1060 -18.11 103.72 -43.21
N PRO D 1061 -18.62 103.94 -44.43
CA PRO D 1061 -18.80 102.88 -45.41
C PRO D 1061 -17.49 102.16 -45.74
N TYR D 1062 -17.45 100.82 -45.65
CA TYR D 1062 -16.20 100.07 -45.66
C TYR D 1062 -16.00 99.34 -46.98
N ASN D 1063 -14.92 99.62 -47.71
CA ASN D 1063 -14.55 98.83 -48.89
C ASN D 1063 -13.70 97.61 -48.50
N THR D 1064 -13.05 97.65 -47.33
CA THR D 1064 -12.24 96.59 -46.75
C THR D 1064 -12.70 96.22 -45.33
N VAL D 1065 -12.43 94.99 -44.92
CA VAL D 1065 -12.23 94.64 -43.51
C VAL D 1065 -10.89 93.90 -43.42
N ARG D 1066 -10.10 94.19 -42.38
CA ARG D 1066 -8.96 93.35 -41.98
C ARG D 1066 -9.35 92.52 -40.76
N PHE D 1067 -9.97 91.38 -41.00
CA PHE D 1067 -10.46 90.49 -39.97
C PHE D 1067 -9.29 89.70 -39.42
N SER D 1068 -8.66 90.18 -38.37
CA SER D 1068 -7.83 89.30 -37.56
C SER D 1068 -8.67 88.64 -36.45
N TYR D 1069 -8.20 87.52 -35.93
CA TYR D 1069 -8.72 86.83 -34.75
C TYR D 1069 -7.62 85.93 -34.17
N GLU D 1070 -7.76 85.44 -32.93
CA GLU D 1070 -6.79 84.53 -32.31
C GLU D 1070 -7.44 83.22 -31.86
N ALA D 1071 -6.83 82.08 -32.20
CA ALA D 1071 -7.35 80.76 -31.84
C ALA D 1071 -6.25 79.71 -31.67
N PHE D 1072 -6.46 78.78 -30.75
CA PHE D 1072 -5.84 77.48 -30.80
C PHE D 1072 -6.91 76.47 -31.20
N LEU D 1073 -6.62 75.69 -32.24
CA LEU D 1073 -7.51 74.67 -32.73
C LEU D 1073 -6.83 73.30 -32.45
N PRO D 1074 -7.33 72.46 -31.51
CA PRO D 1074 -6.91 71.07 -31.36
C PRO D 1074 -7.11 70.23 -32.63
N LYS D 1075 -6.65 68.98 -32.60
CA LYS D 1075 -6.66 68.04 -33.73
C LYS D 1075 -7.97 68.13 -34.51
N GLY D 1076 -7.85 68.37 -35.81
CA GLY D 1076 -8.95 68.45 -36.79
C GLY D 1076 -9.94 69.61 -36.60
N THR D 1077 -10.13 70.13 -35.39
CA THR D 1077 -11.08 71.20 -35.07
C THR D 1077 -10.87 72.44 -35.95
N LYS D 1078 -11.93 73.21 -36.18
CA LYS D 1078 -11.95 74.35 -37.13
C LYS D 1078 -12.69 75.56 -36.58
N VAL D 1079 -12.36 76.73 -37.13
CA VAL D 1079 -13.07 77.99 -37.00
C VAL D 1079 -13.27 78.53 -38.41
N VAL D 1080 -14.47 79.00 -38.75
CA VAL D 1080 -14.71 79.68 -40.03
C VAL D 1080 -14.81 81.19 -39.78
N PRO D 1081 -13.82 81.99 -40.19
CA PRO D 1081 -13.89 83.45 -40.08
C PRO D 1081 -14.87 83.99 -41.13
N LYS D 1082 -15.90 84.72 -40.70
CA LYS D 1082 -17.06 85.08 -41.54
C LYS D 1082 -17.43 86.55 -41.42
N TYR D 1083 -17.82 87.17 -42.55
CA TYR D 1083 -18.60 88.40 -42.57
C TYR D 1083 -19.92 88.21 -43.30
N SER D 1084 -21.01 88.57 -42.67
CA SER D 1084 -22.17 89.00 -43.44
C SER D 1084 -21.84 90.41 -43.90
N ALA D 1085 -22.01 90.73 -45.17
CA ALA D 1085 -21.82 92.10 -45.68
C ALA D 1085 -22.99 93.04 -45.35
N ASP D 1086 -23.81 92.69 -44.35
CA ASP D 1086 -25.19 93.11 -44.27
C ASP D 1086 -25.90 92.66 -42.98
N ASP D 1087 -25.36 92.96 -41.81
CA ASP D 1087 -26.05 92.77 -40.52
C ASP D 1087 -26.62 91.34 -40.29
N GLY D 1088 -25.88 90.32 -40.68
CA GLY D 1088 -26.16 88.90 -40.41
C GLY D 1088 -26.99 88.16 -41.48
N LYS D 1089 -26.89 88.58 -42.76
CA LYS D 1089 -27.77 88.07 -43.83
C LYS D 1089 -27.08 87.26 -44.93
N THR D 1090 -26.08 87.82 -45.61
CA THR D 1090 -25.26 87.13 -46.62
C THR D 1090 -23.89 86.82 -46.04
N TRP D 1091 -23.86 85.84 -45.15
CA TRP D 1091 -22.65 85.36 -44.49
C TRP D 1091 -21.64 84.76 -45.46
N LYS D 1092 -20.74 85.61 -45.96
CA LYS D 1092 -19.49 85.21 -46.60
C LYS D 1092 -18.56 84.68 -45.54
N THR D 1093 -17.80 83.64 -45.83
CA THR D 1093 -16.50 83.46 -45.17
C THR D 1093 -15.64 84.66 -45.56
N PHE D 1094 -14.66 85.04 -44.76
CA PHE D 1094 -13.58 85.89 -45.25
C PHE D 1094 -12.90 85.18 -46.43
N THR D 1095 -13.16 85.69 -47.62
CA THR D 1095 -12.78 85.08 -48.89
C THR D 1095 -11.27 85.20 -49.16
N LYS D 1096 -10.58 86.13 -48.47
CA LYS D 1096 -9.11 86.27 -48.46
C LYS D 1096 -8.46 85.44 -47.36
N SER D 1097 -7.18 85.13 -47.52
CA SER D 1097 -6.44 84.26 -46.60
C SER D 1097 -6.13 84.95 -45.25
N PRO D 1098 -6.30 84.27 -44.11
CA PRO D 1098 -5.71 84.72 -42.86
C PRO D 1098 -4.20 84.49 -42.88
N THR D 1099 -3.43 85.52 -42.55
CA THR D 1099 -2.02 85.37 -42.17
C THR D 1099 -1.98 84.67 -40.82
N THR D 1100 -1.78 83.36 -40.83
CA THR D 1100 -1.81 82.49 -39.65
C THR D 1100 -0.51 82.61 -38.82
N THR D 1101 -0.19 83.83 -38.36
CA THR D 1101 0.99 84.10 -37.53
C THR D 1101 0.89 83.39 -36.19
N ARG D 1102 1.93 82.73 -35.70
CA ARG D 1102 1.91 82.22 -34.32
C ARG D 1102 1.69 83.39 -33.35
N ALA D 1103 0.60 83.30 -32.58
CA ALA D 1103 0.18 84.34 -31.66
C ALA D 1103 1.14 84.43 -30.46
N ASN D 1104 1.25 83.31 -29.74
CA ASN D 1104 2.06 83.17 -28.53
C ASN D 1104 2.63 81.74 -28.46
N ASN D 1105 3.08 81.31 -27.30
CA ASN D 1105 3.59 79.95 -27.11
C ASN D 1105 2.56 78.84 -27.44
N GLU D 1106 1.24 79.09 -27.47
CA GLU D 1106 0.23 78.15 -27.97
C GLU D 1106 -0.56 78.63 -29.20
N PHE D 1107 -1.28 79.75 -29.10
CA PHE D 1107 -2.26 80.16 -30.10
C PHE D 1107 -1.61 80.57 -31.40
N THR D 1108 -2.41 80.59 -32.44
CA THR D 1108 -2.15 81.26 -33.71
C THR D 1108 -3.10 82.44 -33.81
N ARG D 1109 -2.70 83.45 -34.57
CA ARG D 1109 -3.51 84.61 -34.93
C ARG D 1109 -3.65 84.62 -36.44
N TYR D 1110 -4.74 85.16 -36.95
CA TYR D 1110 -5.24 84.82 -38.28
C TYR D 1110 -5.69 86.09 -39.00
N VAL D 1111 -4.75 86.84 -39.54
CA VAL D 1111 -5.04 88.16 -40.12
C VAL D 1111 -5.53 88.02 -41.56
N ILE D 1112 -6.84 87.94 -41.81
CA ILE D 1112 -7.35 88.22 -43.16
C ILE D 1112 -7.26 89.74 -43.40
N ASP D 1113 -6.72 90.18 -44.52
CA ASP D 1113 -7.03 91.52 -45.07
C ASP D 1113 -7.85 91.38 -46.36
N GLU D 1114 -9.05 91.96 -46.41
CA GLU D 1114 -10.03 91.69 -47.46
C GLU D 1114 -10.80 92.93 -47.92
N LYS D 1115 -10.70 93.30 -49.20
CA LYS D 1115 -11.57 94.31 -49.80
C LYS D 1115 -12.96 93.71 -50.01
N VAL D 1116 -13.68 93.55 -48.90
CA VAL D 1116 -15.02 92.94 -48.75
C VAL D 1116 -16.08 93.58 -49.64
N LYS D 1117 -15.93 94.87 -49.98
CA LYS D 1117 -16.58 95.49 -51.14
C LYS D 1117 -15.48 96.10 -52.03
N SER D 1118 -15.08 95.36 -53.06
CA SER D 1118 -13.83 95.61 -53.81
C SER D 1118 -13.72 97.03 -54.37
N SER D 1119 -14.84 97.64 -54.70
CA SER D 1119 -14.96 99.04 -55.07
C SER D 1119 -16.36 99.54 -54.73
N GLY D 1120 -16.49 100.83 -54.40
CA GLY D 1120 -17.57 101.21 -53.51
C GLY D 1120 -17.43 100.52 -52.14
N THR D 1121 -18.46 100.52 -51.32
CA THR D 1121 -18.38 100.19 -49.88
C THR D 1121 -19.55 99.35 -49.39
N ASN D 1122 -19.32 98.45 -48.44
CA ASN D 1122 -20.37 97.90 -47.59
C ASN D 1122 -20.78 98.97 -46.55
N THR D 1123 -22.01 98.91 -46.05
CA THR D 1123 -22.55 99.87 -45.05
C THR D 1123 -23.36 99.17 -43.94
N LYS D 1124 -23.32 97.85 -43.88
CA LYS D 1124 -23.90 96.98 -42.86
C LYS D 1124 -22.99 95.75 -42.73
N LEU D 1125 -22.94 95.09 -41.58
CA LEU D 1125 -21.94 94.03 -41.32
C LEU D 1125 -22.41 93.08 -40.22
N GLN D 1126 -21.98 91.82 -40.25
CA GLN D 1126 -21.83 91.00 -39.03
C GLN D 1126 -20.55 90.17 -39.10
N VAL D 1127 -19.98 89.77 -37.97
CA VAL D 1127 -18.65 89.13 -37.88
C VAL D 1127 -18.72 87.82 -37.09
N ARG D 1128 -17.96 86.77 -37.46
CA ARG D 1128 -18.22 85.40 -36.96
C ARG D 1128 -17.03 84.46 -37.09
N LEU D 1129 -17.03 83.41 -36.27
CA LEU D 1129 -16.03 82.37 -36.15
C LEU D 1129 -16.78 81.03 -35.97
N ASP D 1130 -16.93 80.19 -37.00
CA ASP D 1130 -17.62 78.90 -36.82
C ASP D 1130 -16.73 77.82 -36.20
N LEU D 1131 -16.60 77.85 -34.87
CA LEU D 1131 -16.09 76.72 -34.10
C LEU D 1131 -16.84 75.45 -34.51
N SER D 1132 -16.06 74.43 -34.89
CA SER D 1132 -16.56 73.19 -35.47
C SER D 1132 -15.56 72.03 -35.25
N THR D 1133 -16.04 70.78 -35.14
CA THR D 1133 -15.20 69.63 -34.74
C THR D 1133 -15.77 68.27 -35.15
N GLU D 1134 -14.94 67.23 -35.10
CA GLU D 1134 -15.27 65.84 -35.36
C GLU D 1134 -15.74 65.05 -34.13
N ASN D 1135 -15.39 65.48 -32.93
CA ASN D 1135 -15.90 64.91 -31.68
C ASN D 1135 -15.93 65.97 -30.57
N SER D 1136 -16.68 65.70 -29.50
CA SER D 1136 -17.01 66.71 -28.49
C SER D 1136 -15.91 66.96 -27.44
N PHE D 1137 -14.90 66.10 -27.29
CA PHE D 1137 -13.71 66.40 -26.49
C PHE D 1137 -12.69 67.25 -27.28
N LEU D 1138 -12.60 67.08 -28.60
CA LEU D 1138 -11.87 68.00 -29.49
C LEU D 1138 -12.62 69.33 -29.58
N ARG D 1139 -12.22 70.37 -28.84
CA ARG D 1139 -12.86 71.70 -28.91
C ARG D 1139 -11.91 72.80 -29.41
N PRO D 1140 -12.21 73.51 -30.50
CA PRO D 1140 -11.46 74.70 -30.89
C PRO D 1140 -11.64 75.80 -29.84
N ARG D 1141 -10.65 76.66 -29.70
CA ARG D 1141 -10.56 77.64 -28.61
C ARG D 1141 -10.14 79.00 -29.15
N VAL D 1142 -10.75 80.07 -28.64
CA VAL D 1142 -10.73 81.37 -29.33
C VAL D 1142 -10.66 82.55 -28.35
N ARG D 1143 -10.05 83.64 -28.81
CA ARG D 1143 -9.94 84.92 -28.09
C ARG D 1143 -9.60 86.05 -29.07
N ARG D 1144 -9.70 87.31 -28.65
CA ARG D 1144 -9.09 88.47 -29.36
C ARG D 1144 -9.51 88.57 -30.85
N LEU D 1145 -10.82 88.52 -31.12
CA LEU D 1145 -11.38 88.87 -32.44
C LEU D 1145 -11.09 90.37 -32.69
N MET D 1146 -10.58 90.71 -33.88
CA MET D 1146 -9.70 91.88 -34.09
C MET D 1146 -9.94 92.49 -35.48
N VAL D 1147 -11.12 93.09 -35.67
CA VAL D 1147 -11.73 93.32 -36.99
C VAL D 1147 -11.87 94.82 -37.32
N THR D 1148 -10.83 95.46 -37.86
CA THR D 1148 -10.99 96.82 -38.39
C THR D 1148 -11.74 96.78 -39.72
N THR D 1149 -12.87 97.48 -39.79
CA THR D 1149 -13.58 97.90 -41.01
C THR D 1149 -12.90 99.15 -41.61
N ARG D 1150 -12.83 99.19 -42.93
CA ARG D 1150 -11.76 99.89 -43.65
C ARG D 1150 -12.22 100.40 -45.00
N ASP D 1151 -11.57 101.42 -45.51
CA ASP D 1151 -12.04 102.08 -46.74
C ASP D 1151 -10.92 102.86 -47.43
N GLU D 1152 -10.39 102.27 -48.51
CA GLU D 1152 -9.04 102.51 -49.05
C GLU D 1152 -8.99 102.81 -50.55
N ILE E 3 -36.41 98.16 64.41
CA ILE E 3 -36.20 98.03 65.88
C ILE E 3 -34.91 98.74 66.29
N ASN E 4 -34.91 99.56 67.35
CA ASN E 4 -33.68 100.17 67.89
C ASN E 4 -33.14 99.44 69.13
N PHE E 5 -32.20 98.52 68.90
CA PHE E 5 -31.69 97.62 69.93
C PHE E 5 -30.84 98.25 71.04
N LYS E 6 -30.53 99.55 70.98
CA LYS E 6 -29.81 100.29 72.04
C LYS E 6 -30.70 100.66 73.22
N GLY E 7 -32.01 100.54 73.06
CA GLY E 7 -32.94 100.47 74.19
C GLY E 7 -32.84 99.10 74.89
N SER E 8 -33.01 99.09 76.22
CA SER E 8 -32.83 97.91 77.05
C SER E 8 -33.92 96.83 76.81
N PRO E 9 -33.74 95.58 77.29
CA PRO E 9 -32.56 95.05 77.99
C PRO E 9 -31.38 94.84 77.05
N TYR E 10 -31.63 94.74 75.74
CA TYR E 10 -30.61 94.46 74.73
C TYR E 10 -29.53 95.56 74.71
N LEU E 11 -29.92 96.83 74.90
CA LEU E 11 -29.05 97.90 75.42
C LEU E 11 -27.70 98.03 74.68
N ASP E 12 -27.70 97.69 73.39
CA ASP E 12 -26.52 97.29 72.62
C ASP E 12 -25.67 98.52 72.24
N ARG E 13 -24.67 98.86 73.07
CA ARG E 13 -23.90 100.11 72.92
C ARG E 13 -22.86 100.11 71.80
N PHE E 14 -22.85 99.09 70.95
CA PHE E 14 -22.05 99.12 69.74
C PHE E 14 -22.48 100.27 68.83
N ASP E 15 -21.50 100.86 68.14
CA ASP E 15 -21.66 102.03 67.30
C ASP E 15 -20.41 102.07 66.41
N PRO E 16 -20.51 101.86 65.10
CA PRO E 16 -19.37 101.36 64.33
C PRO E 16 -18.06 102.16 64.47
N SER E 17 -18.10 103.49 64.51
CA SER E 17 -16.89 104.32 64.72
C SER E 17 -16.35 104.34 66.15
N LYS E 18 -16.79 103.44 67.04
CA LYS E 18 -16.00 103.06 68.24
C LYS E 18 -14.81 102.20 67.90
N ASP E 19 -14.90 101.43 66.81
CA ASP E 19 -13.91 100.43 66.43
C ASP E 19 -13.80 99.30 67.49
N ARG E 20 -14.91 98.95 68.16
CA ARG E 20 -15.00 97.71 68.96
C ARG E 20 -14.89 96.48 68.06
N THR E 21 -14.23 95.43 68.53
CA THR E 21 -13.89 94.28 67.69
C THR E 21 -14.13 92.92 68.34
N LYS E 22 -14.01 92.82 69.68
CA LYS E 22 -14.18 91.58 70.44
C LYS E 22 -14.88 91.83 71.75
N VAL E 23 -15.67 90.88 72.22
CA VAL E 23 -16.15 90.88 73.61
C VAL E 23 -15.30 89.88 74.40
N LEU E 24 -14.89 90.27 75.62
CA LEU E 24 -14.09 89.47 76.57
C LEU E 24 -14.79 89.49 77.94
N PHE E 25 -14.31 88.79 78.98
CA PHE E 25 -15.24 88.30 80.02
C PHE E 25 -14.72 87.99 81.43
N ASN E 26 -15.68 87.95 82.37
CA ASN E 26 -15.74 87.19 83.63
C ASN E 26 -16.92 86.17 83.57
N PRO E 27 -16.88 85.03 84.28
CA PRO E 27 -17.64 83.79 83.94
C PRO E 27 -19.16 83.82 84.19
N ASP E 28 -19.90 82.76 83.86
CA ASP E 28 -21.36 82.70 84.08
C ASP E 28 -21.73 82.78 85.57
N ARG E 29 -22.76 83.58 85.82
CA ARG E 29 -23.53 83.84 87.04
C ARG E 29 -24.97 84.10 86.57
N PRO E 30 -25.96 84.24 87.46
CA PRO E 30 -27.10 85.08 87.12
C PRO E 30 -26.55 86.50 86.87
N LEU E 31 -26.71 87.05 85.65
CA LEU E 31 -25.79 88.12 85.22
C LEU E 31 -26.42 89.25 84.37
N GLN E 32 -25.75 89.69 83.30
CA GLN E 32 -25.88 91.07 82.80
C GLN E 32 -26.39 91.26 81.37
N GLN E 33 -25.95 90.44 80.42
CA GLN E 33 -26.33 90.40 78.99
C GLN E 33 -26.22 91.66 78.11
N ALA E 34 -26.49 92.89 78.56
CA ALA E 34 -26.53 94.11 77.74
C ALA E 34 -25.25 94.32 76.91
N GLU E 35 -24.12 94.01 77.53
CA GLU E 35 -22.76 94.12 76.98
C GLU E 35 -22.56 93.26 75.73
N LEU E 36 -23.34 92.20 75.59
CA LEU E 36 -23.04 91.05 74.75
C LEU E 36 -23.83 91.07 73.44
N ASN E 37 -24.97 91.75 73.41
CA ASN E 37 -25.66 92.16 72.17
C ASN E 37 -24.64 92.77 71.20
N GLU E 38 -23.67 93.50 71.74
CA GLU E 38 -22.58 94.14 70.99
C GLU E 38 -21.77 93.16 70.15
N MET E 39 -21.60 91.89 70.52
CA MET E 39 -20.80 90.94 69.73
C MET E 39 -21.41 90.75 68.34
N GLN E 40 -22.66 90.29 68.30
CA GLN E 40 -23.35 90.14 67.02
C GLN E 40 -23.53 91.49 66.31
N SER E 41 -23.59 92.59 67.05
CA SER E 41 -23.61 93.95 66.49
C SER E 41 -22.33 94.29 65.73
N ILE E 42 -21.17 94.10 66.37
CA ILE E 42 -19.83 94.32 65.83
C ILE E 42 -19.70 93.49 64.54
N ASP E 43 -20.04 92.21 64.61
CA ASP E 43 -19.98 91.28 63.49
C ASP E 43 -20.85 91.71 62.30
N GLN E 44 -22.08 92.14 62.58
CA GLN E 44 -23.03 92.45 61.52
C GLN E 44 -22.77 93.79 60.83
N TYR E 45 -22.13 94.77 61.49
CA TYR E 45 -21.61 95.95 60.79
C TYR E 45 -20.76 95.50 59.60
N TYR E 46 -19.85 94.57 59.86
CA TYR E 46 -19.02 93.99 58.81
C TYR E 46 -19.80 93.15 57.80
N LEU E 47 -20.72 92.28 58.24
CA LEU E 47 -21.56 91.51 57.31
C LEU E 47 -22.18 92.43 56.24
N LYS E 48 -22.62 93.64 56.63
CA LYS E 48 -23.14 94.65 55.71
C LYS E 48 -22.05 95.41 54.93
N ASN E 49 -20.96 95.83 55.57
CA ASN E 49 -19.85 96.52 54.92
C ASN E 49 -19.33 95.81 53.66
N LEU E 50 -19.10 94.51 53.76
CA LEU E 50 -18.54 93.72 52.65
C LEU E 50 -19.61 93.49 51.57
N GLY E 51 -20.87 93.30 51.95
CA GLY E 51 -21.96 93.16 50.99
C GLY E 51 -22.08 94.41 50.11
N ASP E 52 -22.13 95.58 50.74
CA ASP E 52 -22.38 96.85 50.03
C ASP E 52 -21.20 97.28 49.13
N ALA E 53 -19.98 96.83 49.40
CA ALA E 53 -18.87 97.10 48.51
C ALA E 53 -19.03 96.33 47.17
N ILE E 54 -19.75 95.20 47.17
CA ILE E 54 -19.93 94.29 46.02
C ILE E 54 -21.28 94.48 45.35
N PHE E 55 -22.36 94.35 46.12
CA PHE E 55 -23.75 94.42 45.69
C PHE E 55 -24.38 95.77 46.03
N LYS E 56 -25.52 96.02 45.38
CA LYS E 56 -26.46 97.10 45.64
C LYS E 56 -27.80 96.44 46.01
N ASP E 57 -28.58 97.10 46.86
CA ASP E 57 -29.92 96.60 47.19
C ASP E 57 -30.78 96.45 45.93
N GLY E 58 -31.39 95.26 45.78
CA GLY E 58 -32.17 94.89 44.62
C GLY E 58 -31.40 94.13 43.54
N ASP E 59 -30.13 93.77 43.78
CA ASP E 59 -29.42 92.85 42.90
C ASP E 59 -30.02 91.45 43.01
N LYS E 60 -30.82 91.07 42.03
CA LYS E 60 -31.37 89.72 41.90
C LYS E 60 -30.24 88.74 41.64
N GLN E 61 -30.45 87.45 41.95
CA GLN E 61 -29.39 86.44 41.92
C GLN E 61 -29.81 85.08 41.35
N SER E 62 -31.04 84.62 41.55
CA SER E 62 -31.53 83.33 41.02
C SER E 62 -33.05 83.37 40.88
N GLY E 63 -33.64 82.40 40.17
CA GLY E 63 -35.10 82.29 40.01
C GLY E 63 -35.73 83.52 39.33
N LEU E 64 -36.84 84.04 39.87
CA LEU E 64 -37.43 85.35 39.52
C LEU E 64 -37.93 85.61 38.07
N GLY E 65 -37.72 84.71 37.09
CA GLY E 65 -38.20 84.80 35.69
C GLY E 65 -39.72 84.89 35.54
N PHE E 66 -40.23 86.11 35.36
CA PHE E 66 -41.57 86.50 35.81
C PHE E 66 -42.72 85.49 35.62
N THR E 67 -43.58 85.35 36.63
CA THR E 67 -44.98 84.97 36.43
C THR E 67 -45.80 86.28 36.40
N LEU E 68 -45.50 87.10 35.39
CA LEU E 68 -46.27 88.28 35.00
C LEU E 68 -47.63 87.82 34.44
N SER E 69 -48.60 88.72 34.33
CA SER E 69 -49.96 88.39 33.88
C SER E 69 -50.67 89.57 33.23
N GLU E 70 -51.73 89.26 32.51
CA GLU E 70 -52.69 90.21 31.92
C GLU E 70 -53.38 91.06 32.99
N ASP E 71 -53.67 90.42 34.13
CA ASP E 71 -54.08 91.04 35.39
C ASP E 71 -53.02 92.06 35.89
N ASN E 72 -51.83 92.03 35.29
CA ASN E 72 -50.65 92.78 35.65
C ASN E 72 -50.12 92.45 37.05
N VAL E 73 -50.60 91.35 37.65
CA VAL E 73 -49.87 90.64 38.70
C VAL E 73 -48.53 90.21 38.14
N LEU E 74 -47.45 90.58 38.82
CA LEU E 74 -46.21 89.82 38.72
C LEU E 74 -46.07 89.00 40.01
N THR E 75 -46.29 87.69 39.93
CA THR E 75 -45.86 86.78 41.00
C THR E 75 -44.36 86.59 40.82
N VAL E 76 -43.59 87.32 41.59
CA VAL E 76 -42.14 87.37 41.49
C VAL E 76 -41.60 86.03 41.99
N ASN E 77 -41.11 85.20 41.06
CA ASN E 77 -40.86 83.78 41.28
C ASN E 77 -39.76 83.57 42.33
N PRO E 78 -39.94 82.76 43.39
CA PRO E 78 -38.91 82.53 44.41
C PRO E 78 -37.48 82.32 43.87
N GLY E 79 -36.51 82.91 44.55
CA GLY E 79 -35.12 83.08 44.08
C GLY E 79 -34.31 84.00 45.03
N TYR E 80 -32.99 84.06 44.90
CA TYR E 80 -32.16 84.93 45.72
C TYR E 80 -32.13 86.41 45.29
N VAL E 81 -31.95 87.31 46.26
CA VAL E 81 -31.76 88.76 46.06
C VAL E 81 -30.80 89.33 47.11
N TYR E 82 -30.09 90.42 46.81
CA TYR E 82 -29.35 91.18 47.82
C TYR E 82 -30.21 92.32 48.34
N ILE E 83 -30.47 92.36 49.65
CA ILE E 83 -31.18 93.45 50.33
C ILE E 83 -30.58 93.70 51.72
N ASN E 84 -30.42 94.97 52.09
CA ASN E 84 -29.99 95.42 53.40
C ASN E 84 -28.78 94.63 53.92
N GLY E 85 -27.67 94.72 53.19
CA GLY E 85 -26.41 94.11 53.61
C GLY E 85 -26.26 92.62 53.31
N LYS E 86 -27.33 91.94 52.89
CA LYS E 86 -27.40 90.47 52.95
C LYS E 86 -28.00 89.90 51.68
N ILE E 87 -27.48 88.75 51.23
CA ILE E 87 -28.17 87.92 50.23
C ILE E 87 -29.20 87.06 50.94
N ARG E 88 -30.40 87.05 50.41
CA ARG E 88 -31.62 86.57 51.08
C ARG E 88 -32.42 85.74 50.10
N TYR E 89 -32.84 84.55 50.51
CA TYR E 89 -33.66 83.75 49.61
C TYR E 89 -35.11 84.23 49.70
N TYR E 90 -35.65 84.79 48.62
CA TYR E 90 -37.06 85.19 48.56
C TYR E 90 -37.95 84.00 48.25
N ASP E 91 -38.87 83.72 49.18
CA ASP E 91 -39.65 82.48 49.28
C ASP E 91 -41.13 82.73 49.55
N ASN E 92 -41.57 83.97 49.39
CA ASN E 92 -42.96 84.34 49.44
C ASN E 92 -43.71 83.99 48.15
N ASP E 93 -45.01 84.30 48.12
CA ASP E 93 -45.89 84.16 46.96
C ASP E 93 -46.82 85.38 46.82
N ASP E 94 -46.41 86.53 47.36
CA ASP E 94 -47.19 87.78 47.33
C ASP E 94 -47.33 88.35 45.92
N SER E 95 -48.57 88.36 45.42
CA SER E 95 -48.92 88.84 44.10
C SER E 95 -49.39 90.30 44.13
N VAL E 96 -48.57 91.20 43.61
CA VAL E 96 -48.91 92.62 43.44
C VAL E 96 -49.25 92.92 41.99
N LYS E 97 -50.31 93.70 41.72
CA LYS E 97 -50.70 94.10 40.37
C LYS E 97 -50.24 95.49 39.96
N ILE E 98 -49.83 95.62 38.70
CA ILE E 98 -49.54 96.91 38.07
C ILE E 98 -50.69 97.43 37.21
N THR E 99 -50.58 98.66 36.70
CA THR E 99 -51.59 99.32 35.85
C THR E 99 -51.37 99.08 34.35
N GLY E 100 -50.13 98.90 33.93
CA GLY E 100 -49.79 98.81 32.51
C GLY E 100 -49.69 100.14 31.78
N VAL E 101 -49.58 101.26 32.49
CA VAL E 101 -49.32 102.57 31.87
C VAL E 101 -48.16 103.29 32.58
N GLY E 102 -47.29 103.96 31.83
CA GLY E 102 -46.18 104.73 32.44
C GLY E 102 -45.11 103.85 33.09
N LYS E 103 -44.17 104.49 33.82
CA LYS E 103 -43.15 103.76 34.60
C LYS E 103 -43.75 103.10 35.83
N GLU E 104 -43.55 101.80 35.96
CA GLU E 104 -43.89 101.05 37.18
C GLU E 104 -42.67 100.29 37.70
N THR E 105 -42.30 100.47 38.96
CA THR E 105 -41.16 99.78 39.57
C THR E 105 -41.62 98.76 40.60
N ILE E 106 -41.17 97.51 40.46
CA ILE E 106 -41.44 96.42 41.41
C ILE E 106 -40.26 96.34 42.35
N GLY E 107 -40.52 96.28 43.65
CA GLY E 107 -39.46 96.20 44.62
C GLY E 107 -39.82 95.50 45.91
N ILE E 108 -38.82 94.88 46.51
CA ILE E 108 -38.97 94.19 47.78
C ILE E 108 -38.79 95.18 48.92
N LYS E 109 -39.63 95.07 49.95
CA LYS E 109 -39.45 95.75 51.22
C LYS E 109 -39.33 94.75 52.36
N LEU E 110 -38.24 94.79 53.12
CA LEU E 110 -38.09 94.04 54.37
C LEU E 110 -38.68 94.80 55.57
N THR E 111 -39.23 94.07 56.53
CA THR E 111 -39.79 94.62 57.78
C THR E 111 -39.25 93.78 58.94
N GLU E 112 -38.91 94.43 60.06
CA GLU E 112 -38.35 93.76 61.22
C GLU E 112 -39.35 93.46 62.34
N ARG E 113 -39.01 92.50 63.20
CA ARG E 113 -39.73 92.19 64.45
C ARG E 113 -38.83 91.79 65.62
N ILE E 114 -39.25 92.09 66.84
CA ILE E 114 -38.88 91.29 68.03
C ILE E 114 -39.94 90.20 68.15
N VAL E 115 -39.55 88.95 68.39
CA VAL E 115 -40.49 87.83 68.62
C VAL E 115 -40.12 87.11 69.91
N THR E 116 -41.12 86.75 70.73
CA THR E 116 -40.90 86.33 72.13
C THR E 116 -41.29 84.87 72.39
N PRO E 117 -40.71 84.20 73.42
CA PRO E 117 -41.09 82.84 73.81
C PRO E 117 -42.58 82.67 74.23
N ASP E 118 -43.29 83.76 74.49
CA ASP E 118 -44.72 83.74 74.69
C ASP E 118 -45.47 83.32 73.41
N GLU E 119 -45.02 83.85 72.29
CA GLU E 119 -45.54 83.57 70.94
C GLU E 119 -45.01 82.23 70.39
N ASP E 120 -43.82 81.83 70.87
CA ASP E 120 -42.94 80.78 70.33
C ASP E 120 -42.63 79.68 71.35
N ALA E 121 -43.33 78.53 71.33
CA ALA E 121 -42.96 77.41 72.21
C ALA E 121 -41.55 76.87 71.90
N SER E 122 -40.98 77.22 70.74
CA SER E 122 -39.59 76.96 70.37
C SER E 122 -38.56 77.72 71.18
N LEU E 123 -38.89 78.89 71.78
CA LEU E 123 -37.96 79.67 72.59
C LEU E 123 -37.99 79.29 74.10
N LEU E 124 -38.45 78.07 74.41
CA LEU E 124 -38.72 77.55 75.75
C LEU E 124 -37.81 76.37 76.12
N ASP E 125 -36.49 76.61 76.05
CA ASP E 125 -35.47 75.93 76.87
C ASP E 125 -35.38 74.38 76.89
N GLN E 126 -34.46 73.81 76.11
CA GLN E 126 -34.08 72.39 76.19
C GLN E 126 -33.03 72.05 77.28
N THR E 127 -32.64 73.01 78.16
CA THR E 127 -32.10 72.65 79.50
C THR E 127 -33.21 72.03 80.37
N SER E 128 -34.47 72.16 79.92
CA SER E 128 -35.68 72.06 80.72
C SER E 128 -36.81 71.29 80.00
N GLY E 129 -37.86 70.98 80.75
CA GLY E 129 -39.19 70.84 80.17
C GLY E 129 -39.70 72.21 79.72
N VAL E 130 -40.46 72.26 78.63
CA VAL E 130 -40.86 73.52 77.99
C VAL E 130 -41.65 74.47 78.91
N PRO E 131 -42.78 74.06 79.50
CA PRO E 131 -43.76 75.02 80.04
C PRO E 131 -43.50 75.44 81.50
N SER E 132 -42.26 75.82 81.85
CA SER E 132 -41.84 75.99 83.25
C SER E 132 -40.93 77.21 83.50
N TYR E 133 -40.57 77.46 84.76
CA TYR E 133 -39.47 78.35 85.18
C TYR E 133 -38.16 77.95 84.44
N PHE E 134 -37.15 78.81 84.41
CA PHE E 134 -36.09 78.93 83.38
C PHE E 134 -36.57 79.29 81.97
N SER E 135 -37.65 78.67 81.50
CA SER E 135 -37.83 78.44 80.06
C SER E 135 -37.96 79.67 79.14
N LYS E 136 -38.70 80.71 79.57
CA LYS E 136 -39.04 81.90 78.77
C LYS E 136 -37.92 82.94 78.73
N GLY E 137 -36.78 82.54 78.19
CA GLY E 137 -35.55 83.35 78.10
C GLY E 137 -35.63 84.46 77.02
N ALA E 138 -34.59 84.56 76.18
CA ALA E 138 -34.49 85.60 75.16
C ALA E 138 -35.59 85.60 74.08
N ASP E 139 -35.86 86.78 73.54
CA ASP E 139 -36.63 87.05 72.32
C ASP E 139 -35.71 87.01 71.08
N ARG E 140 -36.21 87.32 69.89
CA ARG E 140 -35.42 87.28 68.62
C ARG E 140 -35.69 88.44 67.70
N LEU E 141 -34.66 88.98 67.05
CA LEU E 141 -34.89 89.76 65.84
C LEU E 141 -35.18 88.82 64.71
N GLU E 142 -36.01 89.29 63.78
CA GLU E 142 -36.23 88.63 62.51
C GLU E 142 -36.48 89.70 61.45
N GLU E 143 -36.14 89.40 60.20
CA GLU E 143 -36.18 90.33 59.06
C GLU E 143 -36.73 89.62 57.80
N LYS E 144 -37.97 89.88 57.42
CA LYS E 144 -38.62 89.21 56.27
C LYS E 144 -39.09 90.18 55.20
N MET E 145 -39.10 89.67 53.97
CA MET E 145 -39.35 90.38 52.71
C MET E 145 -40.85 90.43 52.32
N SER E 146 -41.25 91.47 51.58
CA SER E 146 -42.60 91.61 51.00
C SER E 146 -42.55 92.35 49.66
N LEU E 147 -43.50 92.09 48.75
CA LEU E 147 -43.50 92.69 47.41
C LEU E 147 -44.30 94.01 47.42
N THR E 148 -43.84 95.01 46.68
CA THR E 148 -44.42 96.36 46.68
C THR E 148 -44.39 96.97 45.29
N VAL E 149 -45.25 97.95 45.00
CA VAL E 149 -45.34 98.65 43.71
C VAL E 149 -45.10 100.15 43.89
N ASN E 150 -44.21 100.72 43.08
CA ASN E 150 -43.83 102.14 43.07
C ASN E 150 -43.17 102.70 44.35
N ASP E 151 -42.94 101.88 45.37
CA ASP E 151 -42.40 102.34 46.64
C ASP E 151 -40.90 102.71 46.55
N PRO E 152 -40.50 103.99 46.66
CA PRO E 152 -39.09 104.37 46.54
C PRO E 152 -38.22 103.69 47.60
N THR E 153 -38.79 103.32 48.76
CA THR E 153 -38.08 102.62 49.85
C THR E 153 -37.66 101.21 49.45
N SER E 154 -38.42 100.60 48.53
CA SER E 154 -38.22 99.21 48.17
C SER E 154 -36.97 99.03 47.32
N ALA E 155 -36.29 97.92 47.54
CA ALA E 155 -35.21 97.48 46.67
C ALA E 155 -35.81 97.06 45.32
N THR E 156 -35.68 97.89 44.28
CA THR E 156 -36.34 97.66 42.98
C THR E 156 -35.65 96.55 42.18
N ILE E 157 -36.43 95.54 41.80
CA ILE E 157 -36.01 94.27 41.18
C ILE E 157 -36.53 94.08 39.74
N TYR E 158 -37.55 94.83 39.34
CA TYR E 158 -38.01 94.97 37.95
C TYR E 158 -38.54 96.39 37.72
N THR E 159 -38.43 96.91 36.50
CA THR E 159 -39.05 98.17 36.11
C THR E 159 -39.71 98.04 34.75
N PHE E 160 -40.90 98.62 34.66
CA PHE E 160 -41.86 98.45 33.59
C PHE E 160 -42.22 99.79 32.97
N MET E 161 -42.56 99.79 31.69
CA MET E 161 -42.99 100.96 30.93
C MET E 161 -44.12 100.56 29.98
N ASP E 162 -45.34 101.09 30.17
CA ASP E 162 -46.48 100.67 29.35
C ASP E 162 -46.71 99.14 29.35
N GLY E 163 -46.46 98.49 30.50
CA GLY E 163 -46.55 97.04 30.68
C GLY E 163 -45.40 96.23 30.08
N ASP E 164 -44.52 96.87 29.31
CA ASP E 164 -43.25 96.28 28.92
C ASP E 164 -42.36 96.08 30.14
N LEU E 165 -41.78 94.89 30.34
CA LEU E 165 -40.52 94.84 31.04
C LEU E 165 -39.45 95.37 30.09
N TYR E 166 -39.36 96.70 30.01
CA TYR E 166 -38.52 97.36 29.03
C TYR E 166 -37.03 97.19 29.35
N ILE E 167 -36.70 97.09 30.65
CA ILE E 167 -35.41 96.65 31.17
C ILE E 167 -35.19 95.14 30.96
N GLN E 168 -33.99 94.70 30.58
CA GLN E 168 -33.58 93.36 30.98
C GLN E 168 -32.06 93.30 31.10
N SER E 169 -31.59 93.44 32.34
CA SER E 169 -30.19 93.39 32.74
C SER E 169 -29.71 91.94 32.89
N THR E 170 -29.64 91.19 31.79
CA THR E 170 -29.34 89.74 31.83
C THR E 170 -27.87 89.43 32.18
N ASN E 171 -26.96 90.40 32.25
CA ASN E 171 -25.61 90.13 32.75
C ASN E 171 -25.01 91.28 33.57
N ALA E 172 -24.21 90.93 34.56
CA ALA E 172 -23.26 91.85 35.19
C ALA E 172 -21.95 91.98 34.39
N GLU E 173 -21.60 90.99 33.56
CA GLU E 173 -20.30 90.91 32.89
C GLU E 173 -20.38 91.11 31.36
N MET E 174 -20.75 90.09 30.57
CA MET E 174 -20.73 90.17 29.10
C MET E 174 -21.60 91.31 28.52
N ASP E 175 -22.68 91.70 29.23
CA ASP E 175 -23.43 92.94 28.99
C ASP E 175 -22.54 94.20 29.09
N LYS E 176 -21.89 94.37 30.24
CA LYS E 176 -21.02 95.51 30.56
C LYS E 176 -19.81 95.55 29.62
N ILE E 177 -19.30 94.37 29.28
CA ILE E 177 -18.21 94.18 28.32
C ILE E 177 -18.65 94.60 26.92
N ASN E 178 -19.77 94.10 26.38
CA ASN E 178 -20.14 94.51 25.03
C ASN E 178 -20.54 95.99 24.96
N LYS E 179 -21.03 96.56 26.06
CA LYS E 179 -21.19 98.01 26.21
C LYS E 179 -19.87 98.77 26.12
N VAL E 180 -18.72 98.10 26.16
CA VAL E 180 -17.46 98.59 25.59
C VAL E 180 -17.32 98.19 24.11
N LEU E 181 -17.38 96.91 23.75
CA LEU E 181 -16.85 96.41 22.46
C LEU E 181 -17.61 96.87 21.22
N ALA E 182 -18.88 96.52 21.04
CA ALA E 182 -19.61 96.98 19.86
C ALA E 182 -19.67 98.52 19.83
N GLU E 183 -19.63 99.15 21.01
CA GLU E 183 -19.51 100.60 21.11
C GLU E 183 -18.16 101.12 20.55
N ARG E 184 -17.01 100.54 20.91
CA ARG E 184 -15.75 100.83 20.20
C ARG E 184 -15.85 100.55 18.71
N THR E 185 -16.69 99.59 18.34
CA THR E 185 -16.99 99.25 16.93
C THR E 185 -17.90 100.28 16.27
N TYR E 186 -18.45 101.24 17.00
CA TYR E 186 -18.95 102.50 16.48
C TYR E 186 -17.77 103.46 16.32
N ASP E 187 -17.00 103.62 17.40
CA ASP E 187 -16.21 104.81 17.77
C ASP E 187 -15.02 105.23 16.85
N GLU E 188 -13.78 105.30 17.36
CA GLU E 188 -12.69 106.05 16.69
C GLU E 188 -12.30 105.50 15.31
N SER E 189 -12.75 104.29 15.03
CA SER E 189 -13.06 103.81 13.70
C SER E 189 -14.17 102.77 13.82
N GLY E 190 -15.23 102.90 13.02
CA GLY E 190 -16.39 102.00 13.11
C GLY E 190 -17.69 102.52 12.50
N SER E 191 -18.79 101.93 12.96
CA SER E 191 -20.18 102.33 12.75
C SER E 191 -20.81 102.03 11.37
N TYR E 192 -20.28 101.07 10.59
CA TYR E 192 -20.53 101.00 9.14
C TYR E 192 -21.09 99.67 8.58
N LYS E 193 -21.60 99.74 7.33
CA LYS E 193 -21.91 98.60 6.44
C LYS E 193 -20.67 97.75 6.18
N VAL E 194 -20.64 96.50 6.64
CA VAL E 194 -19.55 95.58 6.26
C VAL E 194 -19.84 94.99 4.87
N ASN E 195 -21.02 94.41 4.67
CA ASN E 195 -21.41 93.77 3.41
C ASN E 195 -22.94 93.62 3.24
N GLY E 196 -23.39 93.52 2.00
CA GLY E 196 -24.79 93.20 1.68
C GLY E 196 -25.78 94.36 1.92
N PHE E 197 -27.03 94.00 2.20
CA PHE E 197 -28.19 94.89 2.41
C PHE E 197 -28.57 95.79 1.21
N GLU E 198 -28.07 95.53 0.00
CA GLU E 198 -28.37 96.38 -1.16
C GLU E 198 -29.79 96.21 -1.73
N LEU E 199 -30.13 97.14 -2.62
CA LEU E 199 -31.49 97.55 -2.92
C LEU E 199 -31.91 97.15 -4.33
N PHE E 200 -33.07 96.51 -4.43
CA PHE E 200 -33.64 96.01 -5.67
C PHE E 200 -35.16 96.26 -5.68
N SER E 201 -35.79 96.23 -6.85
CA SER E 201 -37.26 96.29 -6.95
C SER E 201 -37.82 95.17 -7.82
N GLU E 202 -39.01 94.74 -7.47
CA GLU E 202 -39.83 93.74 -8.16
C GLU E 202 -41.31 93.89 -7.76
N GLY E 203 -42.22 93.22 -8.49
CA GLY E 203 -43.63 93.59 -8.52
C GLY E 203 -44.40 93.37 -7.22
N ASN E 204 -45.25 94.33 -6.84
CA ASN E 204 -46.32 94.12 -5.86
C ASN E 204 -47.68 94.43 -6.49
N ALA E 205 -48.53 93.41 -6.47
CA ALA E 205 -49.98 93.50 -6.57
C ALA E 205 -50.64 92.74 -5.38
N GLU E 206 -49.88 91.88 -4.72
CA GLU E 206 -50.15 91.31 -3.40
C GLU E 206 -50.57 92.44 -2.44
N ASP E 207 -49.82 93.54 -2.49
CA ASP E 207 -50.26 94.88 -2.16
C ASP E 207 -50.08 95.78 -3.39
N ASP E 208 -51.14 95.96 -4.20
CA ASP E 208 -51.09 96.82 -5.38
C ASP E 208 -51.05 98.33 -5.09
N ASP E 209 -50.84 98.73 -3.84
CA ASP E 209 -50.41 100.09 -3.52
C ASP E 209 -48.90 100.18 -3.27
N HIS E 210 -48.15 99.08 -3.40
CA HIS E 210 -46.73 98.99 -3.05
C HIS E 210 -45.83 98.45 -4.18
N VAL E 211 -44.54 98.76 -4.22
CA VAL E 211 -43.49 97.96 -4.87
C VAL E 211 -43.12 96.82 -3.92
N SER E 212 -42.69 95.67 -4.43
CA SER E 212 -42.07 94.62 -3.63
C SER E 212 -40.56 94.87 -3.69
N VAL E 213 -40.06 95.67 -2.76
CA VAL E 213 -38.63 95.95 -2.66
C VAL E 213 -37.93 94.70 -2.16
N VAL E 214 -36.83 94.27 -2.78
CA VAL E 214 -35.93 93.31 -2.13
C VAL E 214 -34.80 94.11 -1.50
N VAL E 215 -34.63 93.96 -0.19
CA VAL E 215 -33.42 94.43 0.51
C VAL E 215 -32.56 93.20 0.78
N ASP E 216 -31.31 93.20 0.33
CA ASP E 216 -30.45 92.03 0.33
C ASP E 216 -30.14 91.45 1.72
N ALA E 217 -29.71 90.20 1.76
CA ALA E 217 -28.94 89.67 2.88
C ALA E 217 -27.72 90.56 3.16
N GLY E 218 -27.22 90.61 4.39
CA GLY E 218 -25.96 91.30 4.68
C GLY E 218 -25.53 91.18 6.12
N LYS E 219 -24.38 91.79 6.46
CA LYS E 219 -23.89 91.97 7.83
C LYS E 219 -23.14 93.30 7.97
N ALA E 220 -23.15 93.89 9.15
CA ALA E 220 -22.56 95.21 9.37
C ALA E 220 -22.40 95.53 10.87
N TYR E 221 -21.69 96.62 11.15
CA TYR E 221 -21.65 97.24 12.48
C TYR E 221 -22.23 98.66 12.44
N VAL E 222 -23.39 98.84 11.82
CA VAL E 222 -24.10 100.13 11.81
C VAL E 222 -24.31 100.60 13.26
N LYS E 223 -24.05 101.86 13.56
CA LYS E 223 -24.07 102.39 14.96
C LYS E 223 -23.15 101.58 15.91
N GLY E 224 -22.14 100.92 15.35
CA GLY E 224 -21.20 100.00 15.97
C GLY E 224 -21.74 98.63 16.32
N PHE E 225 -23.05 98.42 16.20
CA PHE E 225 -23.70 97.21 16.65
C PHE E 225 -24.00 96.28 15.48
N LYS E 226 -23.98 94.97 15.75
CA LYS E 226 -24.03 93.92 14.72
C LYS E 226 -25.39 93.84 14.03
N VAL E 227 -25.51 94.47 12.86
CA VAL E 227 -26.57 94.18 11.91
C VAL E 227 -26.32 92.80 11.35
N ASP E 228 -27.34 91.96 11.31
CA ASP E 228 -27.24 90.63 10.72
C ASP E 228 -28.62 90.11 10.28
N LYS E 229 -28.96 90.35 9.02
CA LYS E 229 -30.22 89.91 8.38
C LYS E 229 -29.83 89.17 7.11
N PRO E 230 -29.58 87.86 7.21
CA PRO E 230 -28.96 87.08 6.14
C PRO E 230 -29.99 86.59 5.13
N VAL E 231 -31.12 87.30 4.95
CA VAL E 231 -32.12 86.96 3.94
C VAL E 231 -32.42 88.17 3.05
N SER E 232 -32.33 88.00 1.73
CA SER E 232 -32.75 89.03 0.78
C SER E 232 -34.28 89.10 0.82
N THR E 233 -34.83 90.17 1.40
CA THR E 233 -36.18 90.21 1.95
C THR E 233 -37.13 91.00 1.06
N ARG E 234 -38.25 90.41 0.65
CA ARG E 234 -39.35 91.12 -0.03
C ARG E 234 -40.12 92.02 0.94
N ILE E 235 -40.39 93.26 0.55
CA ILE E 235 -41.11 94.25 1.37
C ILE E 235 -42.12 95.03 0.52
N SER E 236 -43.36 95.17 1.00
CA SER E 236 -44.33 96.15 0.46
C SER E 236 -43.90 97.56 0.87
N VAL E 237 -43.43 98.36 -0.09
CA VAL E 237 -43.10 99.80 0.07
C VAL E 237 -43.96 100.62 -0.90
N PRO E 238 -44.60 101.74 -0.55
CA PRO E 238 -45.68 102.27 -1.39
C PRO E 238 -45.24 102.66 -2.82
N LYS E 239 -46.11 102.45 -3.81
CA LYS E 239 -45.92 102.82 -5.22
C LYS E 239 -45.79 104.34 -5.33
N SER E 240 -45.18 104.84 -6.40
CA SER E 240 -45.20 106.28 -6.69
C SER E 240 -46.53 106.70 -7.35
N TYR E 241 -47.64 106.45 -6.66
CA TYR E 241 -48.99 106.92 -6.99
C TYR E 241 -49.18 108.43 -6.69
N ASP E 242 -48.10 109.08 -6.26
CA ASP E 242 -47.86 110.52 -6.21
C ASP E 242 -48.08 111.21 -7.59
N LEU E 243 -48.62 112.44 -7.66
CA LEU E 243 -49.02 113.10 -8.93
C LEU E 243 -48.60 114.59 -9.03
N GLY E 244 -48.17 115.00 -10.23
CA GLY E 244 -47.71 116.35 -10.60
C GLY E 244 -48.47 116.91 -11.78
N THR E 245 -48.60 118.23 -11.87
CA THR E 245 -49.30 118.91 -12.96
C THR E 245 -48.31 119.41 -14.03
N ALA E 246 -48.80 119.67 -15.24
CA ALA E 246 -48.07 120.18 -16.41
C ALA E 246 -48.98 121.14 -17.18
N GLU E 247 -49.23 122.29 -16.55
CA GLU E 247 -50.18 123.28 -17.02
C GLU E 247 -49.44 124.31 -17.89
N ASN E 248 -50.01 124.65 -19.05
CA ASN E 248 -49.27 125.18 -20.20
C ASN E 248 -48.02 124.35 -20.53
N GLU E 249 -48.17 123.02 -20.61
CA GLU E 249 -47.31 122.23 -21.46
C GLU E 249 -47.50 122.77 -22.90
N SER E 250 -46.65 123.71 -23.31
CA SER E 250 -46.86 124.55 -24.49
C SER E 250 -45.96 124.12 -25.64
N THR E 251 -46.53 123.93 -26.84
CA THR E 251 -45.85 123.52 -28.07
C THR E 251 -46.43 124.29 -29.24
N ILE E 252 -45.69 124.53 -30.32
CA ILE E 252 -46.32 124.99 -31.57
C ILE E 252 -47.17 123.86 -32.17
N PHE E 253 -48.48 124.07 -32.32
CA PHE E 253 -49.24 123.26 -33.24
C PHE E 253 -48.73 123.54 -34.64
N ASN E 254 -48.56 122.47 -35.38
CA ASN E 254 -47.94 122.41 -36.68
C ASN E 254 -48.68 121.24 -37.34
N LYS E 255 -49.12 121.36 -38.58
CA LYS E 255 -49.97 120.33 -39.20
C LYS E 255 -49.24 119.07 -39.70
N SER E 256 -47.98 118.91 -39.32
CA SER E 256 -47.29 117.61 -39.19
C SER E 256 -47.17 117.17 -37.72
N ASN E 257 -47.12 118.13 -36.78
CA ASN E 257 -47.29 117.96 -35.33
C ASN E 257 -48.77 117.74 -34.95
N ASN E 258 -49.42 116.82 -35.66
CA ASN E 258 -50.75 116.35 -35.30
C ASN E 258 -50.66 115.35 -34.13
N SER E 259 -49.87 115.68 -33.11
CA SER E 259 -49.50 114.84 -31.96
C SER E 259 -48.69 115.68 -30.97
N ILE E 260 -49.30 116.65 -30.28
CA ILE E 260 -48.56 117.39 -29.25
C ILE E 260 -48.35 116.53 -28.02
N SER E 261 -47.09 116.20 -27.75
CA SER E 261 -46.65 115.28 -26.70
C SER E 261 -46.76 115.90 -25.31
N LEU E 262 -47.12 115.06 -24.35
CA LEU E 262 -47.30 115.36 -22.93
C LEU E 262 -46.15 114.71 -22.14
N ALA E 263 -45.01 115.40 -22.17
CA ALA E 263 -43.69 114.84 -21.85
C ALA E 263 -43.49 114.46 -20.38
N ASN E 264 -44.15 115.16 -19.46
CA ASN E 264 -44.29 114.72 -18.07
C ASN E 264 -45.21 113.50 -18.08
N SER E 265 -44.82 112.39 -17.48
CA SER E 265 -45.55 111.12 -17.68
C SER E 265 -45.17 110.07 -16.63
N PRO E 266 -45.96 108.99 -16.48
CA PRO E 266 -47.20 108.71 -17.21
C PRO E 266 -48.33 109.68 -16.87
N VAL E 267 -49.00 110.23 -17.88
CA VAL E 267 -50.14 111.15 -17.69
C VAL E 267 -51.30 110.40 -17.07
N LYS E 268 -51.83 110.96 -15.98
CA LYS E 268 -53.05 110.48 -15.36
C LYS E 268 -54.29 111.10 -16.04
N GLU E 269 -54.33 112.42 -16.25
CA GLU E 269 -55.51 113.13 -16.76
C GLU E 269 -55.24 114.53 -17.32
N ILE E 270 -55.89 114.91 -18.43
CA ILE E 270 -55.81 116.25 -19.05
C ILE E 270 -56.80 117.20 -18.37
N ARG E 271 -56.44 118.49 -18.21
CA ARG E 271 -57.37 119.55 -17.78
C ARG E 271 -57.86 120.42 -18.93
N ARG E 272 -56.96 120.74 -19.87
CA ARG E 272 -57.18 121.71 -20.94
C ARG E 272 -56.27 121.50 -22.13
N VAL E 273 -56.72 121.90 -23.31
CA VAL E 273 -55.84 122.34 -24.40
C VAL E 273 -56.37 123.66 -24.94
N THR E 274 -55.50 124.59 -25.31
CA THR E 274 -55.89 125.87 -25.92
C THR E 274 -54.88 126.22 -27.03
N GLY E 275 -55.26 126.90 -28.11
CA GLY E 275 -54.33 127.10 -29.21
C GLY E 275 -54.87 127.89 -30.38
N GLN E 276 -53.94 128.31 -31.24
CA GLN E 276 -54.10 129.47 -32.11
C GLN E 276 -54.82 129.15 -33.44
N VAL E 277 -56.12 128.84 -33.41
CA VAL E 277 -57.00 128.71 -34.59
C VAL E 277 -57.29 130.09 -35.24
N LEU E 278 -57.83 130.11 -36.46
CA LEU E 278 -58.45 131.28 -37.09
C LEU E 278 -59.97 131.11 -37.15
N ILE E 279 -60.76 132.07 -36.64
CA ILE E 279 -62.17 132.21 -37.04
C ILE E 279 -62.16 132.78 -38.47
N GLU E 280 -62.78 132.06 -39.40
CA GLU E 280 -62.46 132.18 -40.82
C GLU E 280 -63.20 133.32 -41.53
N LYS E 281 -64.54 133.33 -41.46
CA LYS E 281 -65.45 134.28 -42.15
C LYS E 281 -66.80 134.32 -41.42
N GLU E 282 -66.81 134.99 -40.29
CA GLU E 282 -67.96 135.23 -39.42
C GLU E 282 -68.77 136.45 -39.89
N ARG E 283 -70.00 136.27 -40.36
CA ARG E 283 -70.86 137.42 -40.71
C ARG E 283 -71.51 138.01 -39.46
N VAL E 284 -70.80 138.91 -38.82
CA VAL E 284 -71.35 139.76 -37.78
C VAL E 284 -72.46 140.66 -38.37
N THR E 285 -73.39 141.16 -37.54
CA THR E 285 -74.25 142.30 -37.93
C THR E 285 -73.83 143.54 -37.17
N ARG E 286 -73.56 144.59 -37.93
CA ARG E 286 -73.21 145.93 -37.49
C ARG E 286 -74.28 146.46 -36.54
N GLY E 287 -73.91 146.87 -35.33
CA GLY E 287 -74.79 147.55 -34.40
C GLY E 287 -75.33 148.84 -35.00
N ALA E 288 -76.48 149.32 -34.55
CA ALA E 288 -77.10 150.51 -35.13
C ALA E 288 -76.30 151.80 -34.86
N GLN E 289 -75.47 151.83 -33.81
CA GLN E 289 -74.64 152.98 -33.46
C GLN E 289 -73.51 153.20 -34.48
N GLY E 290 -73.75 154.04 -35.49
CA GLY E 290 -72.80 154.36 -36.57
C GLY E 290 -71.43 154.82 -36.03
N ASP E 291 -70.35 154.37 -36.67
CA ASP E 291 -68.99 154.34 -36.12
C ASP E 291 -68.97 153.89 -34.62
N GLY E 292 -69.25 152.61 -34.34
CA GLY E 292 -69.44 152.04 -33.01
C GLY E 292 -69.28 150.51 -32.89
N GLN E 293 -69.68 149.94 -31.75
CA GLN E 293 -69.45 148.53 -31.35
C GLN E 293 -70.34 147.46 -32.02
N ASP E 294 -69.74 146.31 -32.37
CA ASP E 294 -70.44 145.04 -32.63
C ASP E 294 -69.58 143.81 -32.27
N PHE E 295 -70.18 142.69 -31.83
CA PHE E 295 -69.43 141.57 -31.24
C PHE E 295 -68.81 140.53 -32.22
N LEU E 296 -67.70 139.94 -31.76
CA LEU E 296 -67.08 138.69 -32.23
C LEU E 296 -67.77 137.44 -31.64
N SER E 297 -67.41 136.25 -32.11
CA SER E 297 -67.65 135.00 -31.36
C SER E 297 -66.59 134.66 -30.33
N ASN E 298 -65.31 134.84 -30.67
CA ASN E 298 -64.20 134.39 -29.83
C ASN E 298 -63.17 135.45 -29.47
N ASN E 299 -63.57 136.28 -28.51
CA ASN E 299 -62.83 137.03 -27.49
C ASN E 299 -61.33 136.77 -27.27
N THR E 300 -60.80 135.57 -27.51
CA THR E 300 -59.35 135.34 -27.53
C THR E 300 -58.71 135.80 -28.85
N ALA E 301 -59.45 136.58 -29.66
CA ALA E 301 -59.14 137.10 -30.99
C ALA E 301 -57.88 137.98 -31.03
N PHE E 302 -56.72 137.34 -30.88
CA PHE E 302 -55.44 138.00 -30.71
C PHE E 302 -54.96 138.72 -31.97
N GLU E 303 -55.56 138.52 -33.14
CA GLU E 303 -55.54 139.52 -34.23
C GLU E 303 -56.68 139.33 -35.24
N ILE E 304 -57.23 140.43 -35.77
CA ILE E 304 -58.36 140.41 -36.70
C ILE E 304 -57.88 140.42 -38.15
N VAL E 305 -57.58 139.22 -38.66
CA VAL E 305 -57.12 138.90 -40.02
C VAL E 305 -57.78 139.74 -41.13
N LYS E 306 -59.11 139.84 -41.18
CA LYS E 306 -59.91 140.57 -42.20
C LYS E 306 -61.17 141.11 -41.55
N VAL E 307 -61.65 142.27 -41.97
CA VAL E 307 -63.06 142.66 -41.75
C VAL E 307 -63.59 143.29 -43.03
N TRP E 308 -64.76 142.89 -43.53
CA TRP E 308 -65.19 143.32 -44.86
C TRP E 308 -66.69 143.22 -45.08
N THR E 309 -67.29 144.29 -45.62
CA THR E 309 -68.65 144.24 -46.18
C THR E 309 -68.60 143.45 -47.47
N GLU E 310 -69.62 142.65 -47.75
CA GLU E 310 -69.78 142.03 -49.05
C GLU E 310 -71.14 142.36 -49.65
N THR E 311 -71.17 142.54 -50.98
CA THR E 311 -72.39 142.72 -51.78
C THR E 311 -73.13 141.37 -51.95
N SER E 312 -72.33 140.31 -52.13
CA SER E 312 -72.71 138.91 -52.24
C SER E 312 -71.45 138.07 -51.99
N PRO E 313 -71.53 136.75 -51.73
CA PRO E 313 -70.40 135.96 -51.24
C PRO E 313 -69.13 136.08 -52.10
N GLY E 314 -68.08 136.67 -51.53
CA GLY E 314 -66.79 136.94 -52.17
C GLY E 314 -66.66 138.30 -52.86
N VAL E 315 -67.77 139.00 -53.10
CA VAL E 315 -67.79 140.34 -53.66
C VAL E 315 -67.55 141.38 -52.55
N THR E 316 -66.28 141.59 -52.21
CA THR E 316 -65.85 142.55 -51.17
C THR E 316 -66.30 143.97 -51.57
N THR E 317 -67.30 144.49 -50.85
CA THR E 317 -67.78 145.87 -50.97
C THR E 317 -66.70 146.84 -50.49
N LYS E 318 -66.18 146.58 -49.30
CA LYS E 318 -65.03 147.25 -48.71
C LYS E 318 -64.39 146.33 -47.68
N GLU E 319 -63.13 145.96 -47.86
CA GLU E 319 -62.33 145.41 -46.76
C GLU E 319 -61.80 146.56 -45.90
N TYR E 320 -62.21 146.55 -44.64
CA TYR E 320 -61.83 147.44 -43.56
C TYR E 320 -60.54 146.96 -42.86
N LYS E 321 -59.89 147.85 -42.11
CA LYS E 321 -58.60 147.58 -41.42
C LYS E 321 -58.63 147.92 -39.91
N GLN E 322 -57.81 147.19 -39.15
CA GLN E 322 -57.82 147.15 -37.67
C GLN E 322 -57.04 148.34 -37.10
N GLY E 323 -57.70 149.49 -37.07
CA GLY E 323 -57.34 150.63 -36.22
C GLY E 323 -57.98 151.95 -36.66
N GLU E 324 -58.60 152.01 -37.84
CA GLU E 324 -59.13 153.24 -38.42
C GLU E 324 -60.55 153.03 -38.92
N ASP E 325 -60.73 152.14 -39.89
CA ASP E 325 -62.03 151.73 -40.38
C ASP E 325 -62.82 151.07 -39.24
N PHE E 326 -62.32 149.94 -38.74
CA PHE E 326 -62.67 149.44 -37.41
C PHE E 326 -61.44 149.49 -36.50
N ARG E 327 -61.58 149.01 -35.26
CA ARG E 327 -60.49 148.48 -34.42
C ARG E 327 -61.00 147.23 -33.70
N LEU E 328 -60.10 146.40 -33.17
CA LEU E 328 -60.48 145.43 -32.15
C LEU E 328 -60.84 146.17 -30.83
N THR E 329 -61.98 145.82 -30.25
CA THR E 329 -62.47 146.26 -28.93
C THR E 329 -62.93 145.01 -28.13
N ASP E 330 -62.99 145.06 -26.80
CA ASP E 330 -63.35 143.94 -25.90
C ASP E 330 -62.49 142.67 -26.00
N GLY E 331 -61.51 142.63 -26.91
CA GLY E 331 -61.00 141.41 -27.56
C GLY E 331 -62.08 140.61 -28.31
N GLN E 332 -63.32 141.09 -28.29
CA GLN E 332 -64.59 140.36 -28.43
C GLN E 332 -65.63 141.21 -29.20
N THR E 333 -65.25 142.38 -29.71
CA THR E 333 -66.03 143.26 -30.60
C THR E 333 -65.16 143.84 -31.73
N ILE E 334 -65.72 143.91 -32.94
CA ILE E 334 -65.33 144.89 -33.95
C ILE E 334 -65.88 146.26 -33.53
N ASP E 335 -65.17 147.34 -33.82
CA ASP E 335 -65.60 148.67 -33.39
C ASP E 335 -65.24 149.73 -34.42
N TRP E 336 -66.25 150.33 -35.02
CA TRP E 336 -66.16 151.31 -36.11
C TRP E 336 -65.91 152.74 -35.61
N SER E 337 -65.90 152.94 -34.29
CA SER E 337 -65.65 154.26 -33.67
C SER E 337 -64.27 154.89 -33.84
N PRO E 338 -63.22 154.26 -34.42
CA PRO E 338 -62.06 154.99 -34.94
C PRO E 338 -62.35 155.76 -36.24
N GLN E 339 -63.52 155.54 -36.85
CA GLN E 339 -64.18 156.42 -37.84
C GLN E 339 -63.47 156.54 -39.22
N GLY E 340 -62.94 155.45 -39.74
CA GLY E 340 -62.64 155.25 -41.17
C GLY E 340 -63.93 154.85 -41.93
N GLN E 341 -63.83 154.02 -42.97
CA GLN E 341 -65.03 153.45 -43.61
C GLN E 341 -65.68 152.40 -42.68
N GLU E 342 -67.00 152.21 -42.73
CA GLU E 342 -67.70 151.22 -41.93
C GLU E 342 -68.81 150.50 -42.73
N PRO E 343 -69.19 149.28 -42.34
CA PRO E 343 -70.54 148.79 -42.57
C PRO E 343 -71.50 149.80 -41.91
N SER E 344 -72.53 150.26 -42.62
CA SER E 344 -73.53 151.20 -42.09
C SER E 344 -74.37 150.56 -40.97
N GLY E 345 -74.81 151.32 -39.97
CA GLY E 345 -75.46 150.81 -38.75
C GLY E 345 -76.65 149.88 -39.00
N GLY E 346 -76.49 148.57 -38.73
CA GLY E 346 -77.50 147.52 -39.00
C GLY E 346 -77.22 146.58 -40.20
N THR E 347 -76.15 146.79 -40.97
CA THR E 347 -75.70 145.87 -42.07
C THR E 347 -75.04 144.58 -41.56
N SER E 348 -75.17 143.46 -42.27
CA SER E 348 -74.34 142.26 -41.99
C SER E 348 -73.08 142.29 -42.86
N TYR E 349 -71.96 141.90 -42.27
CA TYR E 349 -70.64 141.98 -42.88
C TYR E 349 -69.70 140.93 -42.26
N TYR E 350 -68.65 140.55 -42.97
CA TYR E 350 -67.77 139.46 -42.58
C TYR E 350 -66.57 139.88 -41.74
N VAL E 351 -66.13 138.96 -40.88
CA VAL E 351 -65.08 139.11 -39.88
C VAL E 351 -64.20 137.86 -39.86
N SER E 352 -62.89 138.01 -39.69
CA SER E 352 -61.91 136.91 -39.66
C SER E 352 -60.84 137.21 -38.61
N TYR E 353 -60.44 136.28 -37.75
CA TYR E 353 -59.52 136.58 -36.64
C TYR E 353 -58.81 135.37 -36.03
N LYS E 354 -57.50 135.48 -35.83
CA LYS E 354 -56.70 134.50 -35.10
C LYS E 354 -57.10 134.57 -33.63
N TYR E 355 -57.30 133.45 -32.98
CA TYR E 355 -57.79 133.40 -31.61
C TYR E 355 -57.22 132.15 -30.92
N ASN E 356 -57.03 132.21 -29.61
CA ASN E 356 -56.60 131.06 -28.82
C ASN E 356 -57.81 130.20 -28.42
N LYS E 357 -58.35 129.40 -29.35
CA LYS E 357 -59.45 128.45 -29.09
C LYS E 357 -59.08 127.50 -27.95
N ARG E 358 -59.98 127.21 -27.03
CA ARG E 358 -59.89 125.99 -26.23
C ARG E 358 -60.14 124.75 -27.13
N MET E 359 -59.04 124.21 -27.66
CA MET E 359 -58.96 122.97 -28.43
C MET E 359 -59.51 121.76 -27.62
N GLU E 360 -60.25 120.83 -28.22
CA GLU E 360 -60.98 119.78 -27.48
C GLU E 360 -60.87 118.33 -27.97
N ALA E 361 -61.05 117.40 -27.03
CA ALA E 361 -60.86 115.97 -27.22
C ALA E 361 -61.93 115.36 -28.13
N GLY E 362 -61.51 114.68 -29.20
CA GLY E 362 -62.30 114.27 -30.35
C GLY E 362 -62.73 115.42 -31.28
N LYS E 363 -62.36 116.67 -30.97
CA LYS E 363 -62.65 117.85 -31.80
C LYS E 363 -61.45 118.23 -32.62
N ASP E 364 -60.47 118.83 -31.95
CA ASP E 364 -59.21 119.36 -32.47
C ASP E 364 -58.04 118.41 -32.22
N TYR E 365 -58.24 117.37 -31.39
CA TYR E 365 -57.35 116.23 -31.22
C TYR E 365 -58.10 115.02 -30.66
N GLU E 366 -57.70 113.81 -31.02
CA GLU E 366 -57.91 112.65 -30.18
C GLU E 366 -56.78 112.59 -29.14
N VAL E 367 -57.06 112.40 -27.84
CA VAL E 367 -55.97 112.14 -26.87
C VAL E 367 -55.53 110.70 -27.05
N THR E 368 -54.23 110.48 -27.10
CA THR E 368 -53.53 109.21 -27.40
C THR E 368 -52.31 109.05 -26.48
N THR E 369 -51.46 108.04 -26.74
CA THR E 369 -50.06 108.03 -26.28
C THR E 369 -49.16 107.57 -27.42
N GLN E 370 -47.86 107.84 -27.32
CA GLN E 370 -46.81 107.17 -28.11
C GLN E 370 -45.61 106.84 -27.19
N GLY E 371 -44.99 105.67 -27.38
CA GLY E 371 -43.89 105.15 -26.54
C GLY E 371 -44.31 104.18 -25.43
N GLU E 372 -43.36 103.39 -24.91
CA GLU E 372 -43.55 102.43 -23.82
C GLU E 372 -43.67 103.08 -22.44
N GLY E 373 -44.41 102.52 -21.49
CA GLY E 373 -44.31 102.81 -20.04
C GLY E 373 -44.09 104.28 -19.63
N LEU E 374 -42.83 104.71 -19.52
CA LEU E 374 -42.39 106.10 -19.23
C LEU E 374 -42.02 106.94 -20.46
N SER E 375 -41.54 106.30 -21.52
CA SER E 375 -41.40 106.90 -22.84
C SER E 375 -42.77 107.19 -23.48
N LYS E 376 -43.85 106.56 -22.97
CA LYS E 376 -45.28 106.75 -23.21
C LYS E 376 -45.72 108.16 -22.81
N LYS E 377 -45.38 109.15 -23.62
CA LYS E 377 -45.98 110.46 -23.46
C LYS E 377 -47.42 110.33 -23.95
N TRP E 378 -48.36 111.03 -23.35
CA TRP E 378 -49.68 111.18 -23.94
C TRP E 378 -49.57 112.17 -25.10
N TYR E 379 -50.39 112.07 -26.15
CA TYR E 379 -50.31 112.99 -27.28
C TYR E 379 -51.70 113.45 -27.71
N ILE E 380 -51.77 114.76 -27.90
CA ILE E 380 -52.88 115.53 -28.44
C ILE E 380 -52.84 115.36 -29.96
N ASN E 381 -53.34 114.23 -30.47
CA ASN E 381 -53.19 113.91 -31.89
C ASN E 381 -54.29 114.61 -32.70
N PHE E 382 -53.93 115.58 -33.55
CA PHE E 382 -54.91 116.55 -34.06
C PHE E 382 -55.95 116.00 -35.06
N THR E 383 -57.09 115.50 -34.56
CA THR E 383 -58.36 115.51 -35.28
C THR E 383 -58.55 116.93 -35.86
N PRO E 384 -58.71 117.16 -37.17
CA PRO E 384 -59.07 118.48 -37.72
C PRO E 384 -60.61 118.74 -37.77
N SER E 385 -61.40 117.73 -37.37
CA SER E 385 -62.77 117.50 -37.83
C SER E 385 -63.84 118.26 -37.06
N ASN E 386 -64.13 117.88 -35.80
CA ASN E 386 -65.14 118.57 -34.97
C ASN E 386 -64.59 119.86 -34.31
N GLY E 387 -63.30 120.13 -34.48
CA GLY E 387 -62.61 121.37 -34.17
C GLY E 387 -61.37 121.52 -35.05
N ALA E 388 -61.06 122.73 -35.54
CA ALA E 388 -59.97 122.91 -36.49
C ALA E 388 -58.58 122.60 -35.89
N LYS E 389 -57.65 122.13 -36.73
CA LYS E 389 -56.21 122.33 -36.47
C LYS E 389 -55.90 123.83 -36.36
N PRO E 390 -55.12 124.29 -35.36
CA PRO E 390 -54.68 125.68 -35.28
C PRO E 390 -54.02 126.16 -36.59
N ILE E 391 -53.85 127.47 -36.72
CA ILE E 391 -53.08 128.08 -37.81
C ILE E 391 -51.73 127.37 -37.82
N ASP E 392 -51.23 127.00 -38.99
CA ASP E 392 -50.03 126.15 -39.00
C ASP E 392 -48.82 126.85 -38.40
N GLN E 393 -48.03 126.11 -37.62
CA GLN E 393 -46.88 126.62 -36.87
C GLN E 393 -47.25 127.73 -35.82
N THR E 394 -48.37 127.58 -35.10
CA THR E 394 -48.86 128.54 -34.08
C THR E 394 -49.25 127.84 -32.78
N VAL E 395 -49.27 128.56 -31.66
CA VAL E 395 -49.14 127.96 -30.32
C VAL E 395 -50.33 127.10 -29.87
N VAL E 396 -50.04 126.04 -29.11
CA VAL E 396 -50.97 125.20 -28.34
C VAL E 396 -50.45 125.00 -26.91
N LEU E 397 -51.38 124.92 -25.97
CA LEU E 397 -51.23 125.20 -24.53
C LEU E 397 -51.93 124.09 -23.70
N VAL E 398 -51.26 122.97 -23.43
CA VAL E 398 -51.90 121.79 -22.79
C VAL E 398 -51.78 121.85 -21.26
N ASP E 399 -52.73 121.25 -20.55
CA ASP E 399 -52.71 121.03 -19.10
C ASP E 399 -52.99 119.57 -18.75
N TYR E 400 -52.30 118.98 -17.78
CA TYR E 400 -52.56 117.62 -17.31
C TYR E 400 -51.89 117.29 -15.95
N THR E 401 -52.33 116.25 -15.21
CA THR E 401 -51.42 115.54 -14.29
C THR E 401 -50.88 114.26 -14.87
N TYR E 402 -49.73 113.89 -14.33
CA TYR E 402 -48.94 112.70 -14.54
C TYR E 402 -48.42 112.26 -13.18
N TYR E 403 -48.04 111.01 -13.06
CA TYR E 403 -47.47 110.55 -11.80
C TYR E 403 -46.05 111.10 -11.58
N LEU E 404 -45.70 111.35 -10.33
CA LEU E 404 -44.36 111.68 -9.87
C LEU E 404 -43.58 110.40 -9.55
N ALA E 405 -42.26 110.43 -9.67
CA ALA E 405 -41.41 109.49 -8.94
C ALA E 405 -41.37 109.87 -7.46
N ARG E 406 -40.72 109.02 -6.67
CA ARG E 406 -40.36 109.28 -5.28
C ARG E 406 -38.98 108.64 -5.06
N LYS E 407 -38.09 109.23 -4.27
CA LYS E 407 -36.65 108.88 -4.16
C LYS E 407 -36.30 108.33 -2.78
N ASP E 408 -37.13 107.39 -2.33
CA ASP E 408 -37.09 106.80 -0.99
C ASP E 408 -35.73 106.23 -0.62
N SER E 409 -35.01 106.93 0.26
CA SER E 409 -33.87 106.32 0.93
C SER E 409 -34.41 105.17 1.77
N VAL E 410 -34.00 103.95 1.41
CA VAL E 410 -34.07 102.80 2.31
C VAL E 410 -32.88 102.91 3.25
N PHE E 411 -33.10 102.50 4.49
CA PHE E 411 -32.11 102.49 5.52
C PHE E 411 -32.16 101.19 6.29
N ILE E 412 -31.17 100.89 7.12
CA ILE E 412 -31.27 99.75 8.05
C ILE E 412 -30.77 100.08 9.44
N ASN E 413 -31.52 99.74 10.48
CA ASN E 413 -31.08 100.07 11.83
C ASN E 413 -29.92 99.16 12.30
N LYS E 414 -29.35 99.46 13.45
CA LYS E 414 -28.21 98.74 14.05
C LYS E 414 -28.37 97.23 14.34
N TYR E 415 -29.57 96.64 14.18
CA TYR E 415 -29.77 95.18 14.18
C TYR E 415 -30.58 94.69 12.97
N GLY E 416 -31.45 95.52 12.39
CA GLY E 416 -32.05 95.32 11.07
C GLY E 416 -33.30 96.15 10.74
N ASP E 417 -33.71 97.09 11.60
CA ASP E 417 -35.05 97.69 11.59
C ASP E 417 -35.19 98.82 10.55
N ILE E 418 -35.32 98.44 9.28
CA ILE E 418 -35.33 99.31 8.10
C ILE E 418 -36.32 100.50 8.19
N ALA E 419 -35.80 101.72 8.11
CA ALA E 419 -36.57 102.93 7.74
C ALA E 419 -36.60 103.10 6.22
N ILE E 420 -37.64 103.74 5.68
CA ILE E 420 -37.79 104.00 4.24
C ILE E 420 -38.37 105.43 4.10
N LEU E 421 -37.53 106.44 4.28
CA LEU E 421 -37.93 107.86 4.16
C LEU E 421 -38.01 108.24 2.67
N PRO E 422 -39.16 108.75 2.18
CA PRO E 422 -39.27 109.17 0.79
C PRO E 422 -38.34 110.34 0.44
N GLY E 423 -37.56 110.21 -0.62
CA GLY E 423 -37.02 111.37 -1.33
C GLY E 423 -38.20 112.05 -1.98
N GLU E 424 -38.56 113.26 -1.55
CA GLU E 424 -39.94 113.74 -1.64
C GLU E 424 -40.50 113.76 -3.09
N PRO E 425 -41.79 113.46 -3.27
CA PRO E 425 -42.33 113.11 -4.59
C PRO E 425 -42.20 114.22 -5.62
N ASN E 426 -41.59 113.88 -6.77
CA ASN E 426 -41.40 114.70 -7.97
C ASN E 426 -41.05 113.75 -9.13
N ILE E 427 -41.15 114.15 -10.41
CA ILE E 427 -40.48 113.37 -11.46
C ILE E 427 -38.95 113.48 -11.30
N MET E 428 -38.21 112.73 -12.11
CA MET E 428 -36.86 112.25 -11.78
C MET E 428 -35.76 113.32 -11.52
N ARG E 429 -35.99 114.61 -11.78
CA ARG E 429 -35.07 115.71 -11.35
C ARG E 429 -35.13 116.02 -9.85
N LEU E 430 -36.21 116.63 -9.38
CA LEU E 430 -36.33 117.10 -8.00
C LEU E 430 -36.95 116.08 -7.06
N VAL E 431 -37.06 114.83 -7.49
CA VAL E 431 -37.34 113.72 -6.59
C VAL E 431 -36.14 113.57 -5.64
N THR E 432 -36.31 113.89 -4.35
CA THR E 432 -35.18 114.38 -3.53
C THR E 432 -34.09 113.33 -3.24
N PRO E 433 -32.77 113.57 -3.47
CA PRO E 433 -31.68 112.67 -3.06
C PRO E 433 -31.31 112.81 -1.56
N PRO E 434 -31.76 111.91 -0.66
CA PRO E 434 -31.58 112.04 0.78
C PRO E 434 -30.25 111.39 1.23
N LEU E 435 -29.10 112.01 0.94
CA LEU E 435 -27.81 111.63 1.52
C LEU E 435 -27.75 112.22 2.96
N ASN E 436 -28.14 111.39 3.94
CA ASN E 436 -28.75 111.77 5.22
C ASN E 436 -27.82 111.74 6.48
N THR E 437 -28.20 112.40 7.59
CA THR E 437 -27.43 112.44 8.89
C THR E 437 -27.74 111.32 9.90
N ASP E 438 -28.78 110.51 9.74
CA ASP E 438 -29.26 109.60 10.80
C ASP E 438 -28.18 108.59 11.28
N PRO E 439 -27.89 108.49 12.60
CA PRO E 439 -27.09 107.41 13.16
C PRO E 439 -27.83 106.06 13.30
N GLU E 440 -29.13 106.04 13.56
CA GLU E 440 -29.89 104.81 13.87
C GLU E 440 -29.95 103.88 12.68
N ASN E 441 -30.46 104.40 11.56
CA ASN E 441 -30.76 103.68 10.34
C ASN E 441 -29.72 104.12 9.29
N LEU E 442 -28.87 103.19 8.86
CA LEU E 442 -27.83 103.44 7.84
C LEU E 442 -28.49 103.89 6.55
N GLN E 443 -28.09 105.00 5.93
CA GLN E 443 -28.52 105.33 4.57
C GLN E 443 -27.97 104.30 3.57
N LEU E 444 -28.75 103.28 3.22
CA LEU E 444 -28.35 102.23 2.29
C LEU E 444 -28.27 102.74 0.86
N GLY E 445 -29.20 103.63 0.50
CA GLY E 445 -29.36 104.19 -0.83
C GLY E 445 -30.84 104.44 -1.14
N THR E 446 -31.16 104.92 -2.35
CA THR E 446 -32.54 105.29 -2.72
C THR E 446 -33.24 104.26 -3.63
N VAL E 447 -34.29 103.63 -3.12
CA VAL E 447 -35.29 102.91 -3.94
C VAL E 447 -36.17 103.99 -4.55
N THR E 448 -35.75 104.56 -5.68
CA THR E 448 -36.50 105.63 -6.31
C THR E 448 -37.74 105.08 -7.03
N VAL E 449 -38.83 104.93 -6.27
CA VAL E 449 -40.09 104.41 -6.78
C VAL E 449 -40.55 105.23 -7.98
N LEU E 450 -40.82 104.51 -9.06
CA LEU E 450 -41.13 105.10 -10.35
C LEU E 450 -42.59 105.54 -10.41
N PRO E 451 -42.89 106.56 -11.25
CA PRO E 451 -44.22 107.15 -11.36
C PRO E 451 -45.29 106.14 -11.81
N ASP E 452 -46.41 106.11 -11.07
CA ASP E 452 -47.50 105.12 -11.18
C ASP E 452 -47.04 103.66 -10.95
N SER E 453 -45.88 103.44 -10.31
CA SER E 453 -45.18 102.17 -10.45
C SER E 453 -44.83 101.43 -9.17
N ASP E 454 -44.87 100.11 -9.34
CA ASP E 454 -44.55 99.01 -8.44
C ASP E 454 -43.06 98.62 -8.60
N GLU E 455 -42.24 99.59 -9.00
CA GLU E 455 -40.90 99.45 -9.59
C GLU E 455 -40.05 100.65 -9.14
N ALA E 456 -38.71 100.53 -9.09
CA ALA E 456 -37.85 101.62 -8.62
C ALA E 456 -36.44 101.63 -9.24
N VAL E 457 -35.86 102.82 -9.39
CA VAL E 457 -34.42 103.03 -9.70
C VAL E 457 -33.62 103.08 -8.39
N CYS E 458 -32.84 102.04 -8.10
CA CYS E 458 -32.28 101.81 -6.75
C CYS E 458 -30.94 102.54 -6.47
N ILE E 459 -30.74 103.79 -6.93
CA ILE E 459 -29.43 104.50 -6.88
C ILE E 459 -28.97 104.83 -5.45
N SER E 460 -27.78 104.34 -5.09
CA SER E 460 -27.12 104.59 -3.80
C SER E 460 -26.15 105.78 -3.87
N PHE E 461 -26.70 106.99 -3.94
CA PHE E 461 -25.97 108.26 -3.76
C PHE E 461 -25.50 108.38 -2.30
N ALA E 462 -24.39 107.72 -1.97
CA ALA E 462 -23.96 107.35 -0.61
C ALA E 462 -22.46 107.01 -0.61
N ILE E 463 -21.84 106.83 0.57
CA ILE E 463 -20.42 106.49 0.73
C ILE E 463 -20.21 105.33 1.74
N THR E 464 -19.44 104.29 1.37
CA THR E 464 -19.37 102.97 2.08
C THR E 464 -18.08 102.74 2.89
N ARG E 465 -18.24 102.41 4.18
CA ARG E 465 -17.20 102.19 5.22
C ARG E 465 -15.94 103.08 5.08
N LEU E 466 -14.70 102.56 4.99
CA LEU E 466 -13.46 103.37 4.94
C LEU E 466 -13.21 104.04 3.56
N SER E 467 -14.26 104.61 2.99
CA SER E 467 -14.43 104.85 1.56
C SER E 467 -13.92 103.70 0.69
N MET E 468 -14.17 102.47 1.15
CA MET E 468 -14.01 101.24 0.36
C MET E 468 -14.94 101.26 -0.86
N GLU E 469 -16.00 102.07 -0.74
CA GLU E 469 -16.70 102.75 -1.83
C GLU E 469 -15.86 103.00 -3.10
N ASP E 470 -14.64 103.53 -2.93
CA ASP E 470 -13.72 104.02 -3.98
C ASP E 470 -13.04 102.90 -4.77
N LEU E 471 -12.93 101.70 -4.18
CA LEU E 471 -11.89 100.75 -4.58
C LEU E 471 -12.35 99.88 -5.76
N GLN E 472 -13.64 99.60 -5.90
CA GLN E 472 -14.18 99.14 -7.18
C GLN E 472 -14.14 100.23 -8.25
N LYS E 473 -14.23 101.51 -7.90
CA LYS E 473 -14.12 102.60 -8.91
C LYS E 473 -12.75 102.55 -9.58
N VAL E 474 -11.69 102.34 -8.79
CA VAL E 474 -10.35 102.12 -9.34
C VAL E 474 -10.33 100.91 -10.26
N LYS E 475 -10.79 99.73 -9.82
CA LYS E 475 -10.88 98.53 -10.66
C LYS E 475 -11.69 98.80 -11.95
N THR E 476 -12.78 99.54 -11.86
CA THR E 476 -13.62 99.92 -13.00
C THR E 476 -12.88 100.84 -13.97
N ARG E 477 -12.18 101.86 -13.47
CA ARG E 477 -11.36 102.76 -14.29
C ARG E 477 -10.22 101.98 -14.95
N VAL E 478 -9.55 101.12 -14.19
CA VAL E 478 -8.49 100.25 -14.69
C VAL E 478 -9.04 99.35 -15.80
N ASP E 479 -10.12 98.62 -15.58
CA ASP E 479 -10.78 97.84 -16.64
C ASP E 479 -11.16 98.72 -17.83
N ASN E 480 -11.66 99.94 -17.61
CA ASN E 480 -12.00 100.83 -18.70
C ASN E 480 -10.75 101.21 -19.52
N LEU E 481 -9.68 101.75 -18.92
CA LEU E 481 -8.55 102.26 -19.70
C LEU E 481 -7.53 101.18 -20.10
N GLU E 482 -7.45 100.06 -19.37
CA GLU E 482 -6.77 98.86 -19.86
C GLU E 482 -7.59 98.17 -20.94
N TYR E 483 -8.91 98.02 -20.83
CA TYR E 483 -9.68 97.27 -21.83
C TYR E 483 -10.11 98.11 -23.05
N ASN E 484 -10.22 99.43 -22.95
CA ASN E 484 -10.13 100.30 -24.14
C ASN E 484 -8.76 100.12 -24.82
N GLN E 485 -7.67 100.06 -24.05
CA GLN E 485 -6.34 99.78 -24.58
C GLN E 485 -6.21 98.34 -25.17
N ALA E 486 -6.89 97.34 -24.59
CA ALA E 486 -7.01 96.02 -25.20
C ALA E 486 -7.81 96.10 -26.50
N VAL E 487 -8.93 96.83 -26.53
CA VAL E 487 -9.69 97.10 -27.76
C VAL E 487 -8.80 97.76 -28.82
N ASN E 488 -7.92 98.70 -28.46
CA ASN E 488 -6.94 99.24 -29.41
C ASN E 488 -6.05 98.13 -29.99
N ALA E 489 -5.62 97.15 -29.20
CA ALA E 489 -4.93 95.98 -29.74
C ALA E 489 -5.83 95.13 -30.66
N LEU E 490 -7.14 95.10 -30.44
CA LEU E 490 -8.09 94.42 -31.33
C LEU E 490 -8.38 95.26 -32.61
N ASP E 491 -8.16 96.58 -32.59
CA ASP E 491 -7.98 97.36 -33.81
C ASP E 491 -6.66 96.94 -34.49
N ASP E 492 -5.55 96.92 -33.75
CA ASP E 492 -4.18 97.01 -34.29
C ASP E 492 -3.66 95.82 -35.11
N GLY E 493 -4.32 94.65 -35.08
CA GLY E 493 -4.11 93.63 -36.10
C GLY E 493 -4.63 94.02 -37.50
N ALA E 494 -5.31 95.16 -37.59
CA ALA E 494 -6.27 95.50 -38.65
C ALA E 494 -6.37 97.03 -38.98
N MET E 495 -6.02 97.89 -38.02
CA MET E 495 -6.08 99.36 -37.85
C MET E 495 -5.85 100.37 -38.99
N GLU E 496 -5.50 99.95 -40.21
CA GLU E 496 -5.10 100.84 -41.31
C GLU E 496 -3.88 101.74 -41.01
N GLY E 497 -2.68 101.22 -41.30
CA GLY E 497 -1.41 101.94 -41.18
C GLY E 497 -0.93 102.14 -39.75
N GLN E 498 -1.78 102.74 -38.90
CA GLN E 498 -1.52 103.32 -37.56
C GLN E 498 -0.47 104.46 -37.63
N ASN E 499 0.69 104.06 -38.10
CA ASN E 499 1.66 104.85 -38.84
C ASN E 499 1.07 105.18 -40.24
N PRO E 500 1.85 105.62 -41.25
CA PRO E 500 1.47 105.37 -42.64
C PRO E 500 1.45 103.85 -42.87
N LEU E 501 2.57 103.20 -42.49
CA LEU E 501 2.78 101.81 -42.02
C LEU E 501 4.30 101.59 -41.80
N THR E 502 4.98 102.57 -41.22
CA THR E 502 6.44 102.57 -41.22
C THR E 502 7.04 101.76 -40.07
N LEU E 503 6.49 101.81 -38.85
CA LEU E 503 7.01 101.10 -37.65
C LEU E 503 7.54 99.70 -37.91
N ARG E 504 8.82 99.45 -37.61
CA ARG E 504 9.35 98.09 -37.35
C ARG E 504 9.01 97.64 -35.92
N SER E 505 9.93 97.77 -34.96
CA SER E 505 9.70 97.47 -33.54
C SER E 505 10.62 98.31 -32.65
N VAL E 506 10.33 98.43 -31.35
CA VAL E 506 11.11 99.27 -30.43
C VAL E 506 11.86 98.43 -29.39
N PHE E 507 13.10 98.80 -29.09
CA PHE E 507 13.76 98.45 -27.83
C PHE E 507 13.78 99.70 -26.93
N SER E 508 13.49 99.56 -25.64
CA SER E 508 13.38 100.68 -24.70
C SER E 508 13.76 100.27 -23.27
N GLU E 509 14.08 101.23 -22.41
CA GLU E 509 14.55 100.96 -21.03
C GLU E 509 14.16 102.11 -20.07
N GLY E 510 13.86 101.74 -18.83
CA GLY E 510 13.45 102.63 -17.73
C GLY E 510 14.27 102.44 -16.44
N PHE E 511 15.24 101.51 -16.39
CA PHE E 511 16.23 101.37 -15.30
C PHE E 511 15.63 100.99 -13.92
N ILE E 512 14.62 100.11 -13.91
CA ILE E 512 14.16 99.35 -12.72
C ILE E 512 14.19 97.82 -12.93
N SER E 513 15.01 97.31 -13.88
CA SER E 513 14.98 95.89 -14.30
C SER E 513 16.28 95.38 -14.94
N LEU E 514 16.49 94.06 -14.89
CA LEU E 514 17.65 93.37 -15.48
C LEU E 514 17.37 92.82 -16.88
N ASP E 515 16.12 92.84 -17.33
CA ASP E 515 15.65 92.12 -18.53
C ASP E 515 16.18 92.70 -19.85
N LYS E 516 16.10 94.02 -20.06
CA LYS E 516 16.68 94.68 -21.23
C LYS E 516 18.18 94.98 -21.04
N ALA E 517 18.68 94.94 -19.81
CA ALA E 517 20.09 95.13 -19.50
C ALA E 517 20.95 93.93 -19.92
N ASP E 518 21.99 94.17 -20.73
CA ASP E 518 23.01 93.17 -21.02
C ASP E 518 24.18 93.26 -20.05
N ILE E 519 23.90 92.89 -18.81
CA ILE E 519 24.92 92.64 -17.80
C ILE E 519 25.91 91.53 -18.21
N THR E 520 25.56 90.69 -19.18
CA THR E 520 26.43 89.59 -19.63
C THR E 520 27.53 90.09 -20.54
N HIS E 521 27.26 91.18 -21.28
CA HIS E 521 28.28 92.10 -21.78
C HIS E 521 29.06 92.61 -20.54
N PRO E 522 30.34 92.24 -20.34
CA PRO E 522 30.99 92.43 -19.03
C PRO E 522 31.39 93.89 -18.75
N ASP E 523 31.54 94.67 -19.82
CA ASP E 523 31.70 96.11 -19.88
C ASP E 523 30.45 96.87 -19.42
N PHE E 524 29.32 96.19 -19.26
CA PHE E 524 28.16 96.77 -18.61
C PHE E 524 28.51 97.18 -17.18
N GLY E 525 27.91 98.26 -16.66
CA GLY E 525 28.25 98.75 -15.31
C GLY E 525 27.41 99.93 -14.83
N ILE E 526 26.09 99.82 -14.85
CA ILE E 526 25.19 100.82 -14.26
C ILE E 526 24.44 100.30 -13.04
N VAL E 527 23.79 101.23 -12.34
CA VAL E 527 23.07 101.01 -11.07
C VAL E 527 21.71 101.69 -11.14
N PHE E 528 20.89 101.14 -12.03
CA PHE E 528 19.43 101.20 -11.95
C PHE E 528 18.94 101.23 -10.50
N SER E 529 17.94 102.06 -10.26
CA SER E 529 17.39 102.40 -8.96
C SER E 529 15.89 102.09 -9.07
N PHE E 530 15.48 101.00 -8.39
CA PHE E 530 14.34 100.16 -8.77
C PHE E 530 12.87 100.56 -8.50
N GLU E 531 12.59 101.73 -7.96
CA GLU E 531 11.31 102.42 -8.21
C GLU E 531 11.53 103.82 -8.82
N ASP E 532 12.78 104.23 -8.80
CA ASP E 532 13.34 105.54 -9.08
C ASP E 532 13.65 105.74 -10.57
N ALA E 533 13.60 104.66 -11.36
CA ALA E 533 13.56 104.61 -12.83
C ALA E 533 14.67 105.41 -13.53
N GLU E 534 15.87 105.39 -12.94
CA GLU E 534 17.09 106.01 -13.45
C GLU E 534 18.32 105.26 -12.94
N ALA E 535 19.41 105.37 -13.67
CA ALA E 535 20.67 104.76 -13.29
C ALA E 535 21.82 105.77 -13.39
N THR E 536 22.94 105.41 -12.75
CA THR E 536 24.25 106.01 -12.97
C THR E 536 25.33 104.91 -13.07
N LEU E 537 26.62 105.27 -13.12
CA LEU E 537 27.75 104.32 -13.14
C LEU E 537 27.78 103.45 -11.87
N ALA E 538 28.14 102.18 -12.02
CA ALA E 538 28.21 101.22 -10.93
C ALA E 538 29.22 101.66 -9.85
N TYR E 539 29.03 101.12 -8.63
CA TYR E 539 29.79 101.53 -7.46
C TYR E 539 30.49 100.38 -6.74
N THR E 540 31.68 100.70 -6.26
CA THR E 540 32.48 100.05 -5.22
C THR E 540 31.87 100.27 -3.83
N GLU E 541 31.03 99.36 -3.34
CA GLU E 541 30.57 99.44 -1.94
C GLU E 541 31.77 99.28 -0.99
N ALA E 542 31.79 100.11 0.06
CA ALA E 542 32.83 100.21 1.08
C ALA E 542 32.15 100.35 2.47
N VAL E 543 31.47 99.30 2.95
CA VAL E 543 30.76 99.23 4.25
C VAL E 543 31.75 99.39 5.40
N ASN E 544 31.43 100.22 6.40
CA ASN E 544 32.23 100.33 7.64
C ASN E 544 31.33 100.29 8.87
N GLN E 545 31.65 99.48 9.89
CA GLN E 545 31.12 99.64 11.25
C GLN E 545 32.15 100.46 12.03
N PRO E 546 31.85 101.73 12.42
CA PRO E 546 32.69 102.54 13.29
C PRO E 546 33.16 101.86 14.59
N LYS E 547 34.19 102.44 15.23
CA LYS E 547 34.93 101.93 16.40
C LYS E 547 35.03 103.04 17.44
N ILE E 548 35.03 102.75 18.74
CA ILE E 548 34.68 103.74 19.78
C ILE E 548 35.90 104.19 20.62
N ILE E 549 36.14 105.50 20.76
CA ILE E 549 37.13 106.10 21.69
C ILE E 549 36.50 106.10 23.08
N PRO E 550 36.80 105.16 24.00
CA PRO E 550 35.87 104.88 25.12
C PRO E 550 35.88 105.87 26.29
N GLY E 551 36.92 106.71 26.45
CA GLY E 551 36.94 107.79 27.46
C GLY E 551 36.16 109.04 27.01
N ASP E 552 36.55 109.59 25.86
CA ASP E 552 35.86 110.70 25.19
C ASP E 552 34.39 110.37 24.90
N THR E 553 34.11 109.11 24.60
CA THR E 553 32.76 108.55 24.59
C THR E 553 32.25 108.53 26.01
N THR E 554 31.61 109.62 26.42
CA THR E 554 30.95 109.69 27.73
C THR E 554 29.83 108.66 27.86
N ALA E 555 29.26 108.19 26.75
CA ALA E 555 28.27 107.11 26.75
C ALA E 555 28.80 105.85 27.48
N HIS E 556 28.00 105.24 28.37
CA HIS E 556 28.25 103.87 28.82
C HIS E 556 27.96 102.88 27.68
N ILE E 557 28.94 102.05 27.31
CA ILE E 557 28.77 101.02 26.29
C ILE E 557 28.01 99.83 26.93
N TRP E 558 26.67 99.89 26.93
CA TRP E 558 25.73 98.92 27.53
C TRP E 558 25.77 97.57 26.80
N GLY E 559 26.79 96.77 27.07
CA GLY E 559 26.97 95.46 26.45
C GLY E 559 27.32 95.59 24.96
N ARG E 560 26.51 95.02 24.06
CA ARG E 560 26.56 95.31 22.61
C ARG E 560 26.02 96.71 22.31
N LEU E 561 25.07 97.19 23.11
CA LEU E 561 24.47 98.51 22.99
C LEU E 561 25.44 99.59 23.52
N ILE E 562 25.07 100.83 23.26
CA ILE E 562 25.76 102.05 23.65
C ILE E 562 24.68 102.99 24.17
N SER E 563 24.91 103.67 25.29
CA SER E 563 23.89 104.34 26.12
C SER E 563 24.50 105.54 26.86
N ALA E 564 23.76 106.54 27.31
CA ALA E 564 24.38 107.72 27.96
C ALA E 564 25.27 107.36 29.17
N PRO E 565 26.15 108.26 29.63
CA PRO E 565 26.73 108.15 30.95
C PRO E 565 25.60 108.05 32.00
N PHE E 566 25.73 107.16 32.97
CA PHE E 566 24.75 107.00 34.05
C PHE E 566 25.43 106.67 35.38
N THR E 567 24.76 107.00 36.49
CA THR E 567 24.92 106.23 37.73
C THR E 567 23.84 105.16 37.78
N GLU E 568 23.87 104.23 38.72
CA GLU E 568 22.63 103.58 39.12
C GLU E 568 21.84 104.45 40.11
N GLU E 569 20.59 104.07 40.35
CA GLU E 569 19.89 104.37 41.59
C GLU E 569 19.11 103.12 42.03
N ARG E 570 18.85 102.86 43.32
CA ARG E 570 17.88 101.79 43.69
C ARG E 570 16.47 102.33 43.47
N THR E 571 15.87 102.06 42.31
CA THR E 571 14.52 102.55 42.01
C THR E 571 13.44 101.89 42.87
N ILE E 572 13.58 100.62 43.26
CA ILE E 572 12.56 99.88 44.03
C ILE E 572 13.25 99.08 45.12
N TYR E 573 12.60 98.83 46.26
CA TYR E 573 13.03 97.79 47.18
C TYR E 573 11.90 97.32 48.13
N GLN E 574 11.75 96.00 48.30
CA GLN E 574 10.97 95.36 49.37
C GLN E 574 11.94 94.64 50.30
N GLY E 575 11.92 95.01 51.58
CA GLY E 575 12.91 94.62 52.58
C GLY E 575 12.49 93.53 53.56
N GLN E 576 11.32 92.94 53.38
CA GLN E 576 10.70 92.02 54.33
C GLN E 576 10.78 90.60 53.80
N ALA E 577 11.81 89.84 54.17
CA ALA E 577 11.79 88.39 54.01
C ALA E 577 11.32 87.72 55.32
N SER E 578 10.68 86.56 55.24
CA SER E 578 10.25 85.71 56.36
C SER E 578 10.77 84.27 56.29
N GLU E 579 11.29 83.80 55.15
CA GLU E 579 11.87 82.45 55.04
C GLU E 579 12.77 82.30 53.82
N THR E 580 13.58 81.23 53.75
CA THR E 580 14.35 80.99 52.53
C THR E 580 13.40 80.70 51.38
N LEU E 581 13.88 80.75 50.13
CA LEU E 581 13.24 79.90 49.14
C LEU E 581 14.19 79.18 48.19
N ASN E 582 14.32 77.88 48.44
CA ASN E 582 14.74 76.84 47.51
C ASN E 582 14.06 77.05 46.14
N VAL E 583 14.82 77.42 45.11
CA VAL E 583 14.28 77.87 43.81
C VAL E 583 13.72 76.73 42.94
N ASN E 584 14.20 75.52 43.14
CA ASN E 584 13.71 74.35 42.43
C ASN E 584 13.66 73.17 43.42
N PRO E 585 12.64 73.08 44.28
CA PRO E 585 12.54 72.01 45.28
C PRO E 585 12.21 70.67 44.62
N TYR E 586 11.64 70.72 43.42
CA TYR E 586 11.50 69.64 42.46
C TYR E 586 12.89 69.08 42.11
N ASN E 587 13.89 69.97 42.12
CA ASN E 587 15.30 69.82 41.80
C ASN E 587 15.53 69.31 40.36
N ILE E 588 14.66 69.74 39.40
CA ILE E 588 14.59 69.23 38.02
C ILE E 588 15.08 70.22 36.94
N PRO E 589 16.00 69.82 36.05
CA PRO E 589 16.60 70.69 35.04
C PRO E 589 15.78 70.81 33.75
N ASN E 590 16.23 71.75 32.94
CA ASN E 590 16.11 71.76 31.48
C ASN E 590 17.36 72.49 30.98
N LYS E 591 18.21 71.82 30.21
CA LYS E 591 19.60 72.25 30.04
C LYS E 591 19.79 73.28 28.93
N GLN E 592 19.18 74.45 29.05
CA GLN E 592 19.54 75.61 28.22
C GLN E 592 20.63 76.45 28.91
N GLY E 593 21.88 76.29 28.48
CA GLY E 593 22.91 77.29 28.73
C GLY E 593 22.64 78.57 27.92
N VAL E 594 23.46 79.60 28.06
CA VAL E 594 23.11 80.96 27.60
C VAL E 594 24.15 81.57 26.67
N LEU E 595 23.86 81.63 25.37
CA LEU E 595 24.75 82.09 24.29
C LEU E 595 24.70 83.63 24.13
N LYS E 596 25.83 84.25 23.74
CA LYS E 596 26.02 85.68 23.34
C LYS E 596 26.72 85.79 21.98
N LEU E 597 26.31 86.74 21.14
CA LEU E 597 26.82 86.93 19.76
C LEU E 597 27.59 88.25 19.65
N THR E 598 28.79 88.20 19.08
CA THR E 598 29.75 89.33 19.00
C THR E 598 30.49 89.30 17.66
N PRO E 599 29.99 89.96 16.60
CA PRO E 599 28.80 90.82 16.56
C PRO E 599 27.48 90.07 16.71
N SER E 600 26.45 90.76 17.17
CA SER E 600 25.08 90.26 17.26
C SER E 600 24.19 90.74 16.11
N GLU E 601 24.62 91.71 15.32
CA GLU E 601 23.86 92.21 14.18
C GLU E 601 24.76 92.61 12.99
N ASP E 602 24.16 92.92 11.84
CA ASP E 602 24.87 93.46 10.67
C ASP E 602 24.14 94.63 10.00
N ASN E 603 24.90 95.53 9.38
CA ASN E 603 24.45 96.45 8.33
C ASN E 603 25.49 96.35 7.18
N TRP E 604 25.05 96.19 5.93
CA TRP E 604 25.92 95.86 4.80
C TRP E 604 25.23 96.10 3.46
N ILE E 605 26.00 96.02 2.37
CA ILE E 605 25.51 95.93 0.99
C ILE E 605 26.40 94.91 0.25
N ASP E 606 25.83 94.21 -0.75
CA ASP E 606 26.44 93.03 -1.35
C ASP E 606 26.09 92.92 -2.84
N THR E 607 27.10 92.93 -3.72
CA THR E 607 27.04 92.54 -5.14
C THR E 607 26.82 91.02 -5.25
N GLU E 608 25.57 90.63 -5.00
CA GLU E 608 25.08 89.27 -4.79
C GLU E 608 25.05 88.38 -6.06
N ASN E 609 25.94 88.63 -7.00
CA ASN E 609 25.77 88.30 -8.42
C ASN E 609 26.87 87.36 -8.94
N LEU E 678 13.17 95.96 -6.91
CA LEU E 678 12.88 97.08 -5.96
C LEU E 678 14.12 97.48 -5.15
N GLU E 679 14.09 98.60 -4.42
CA GLU E 679 15.17 99.10 -3.54
C GLU E 679 15.25 98.28 -2.22
N GLU E 680 15.53 96.99 -2.37
CA GLU E 680 15.14 95.91 -1.45
C GLU E 680 15.90 95.89 -0.12
N MET E 681 15.34 95.13 0.82
CA MET E 681 16.09 94.53 1.92
C MET E 681 17.35 93.77 1.44
N ILE E 682 18.28 93.51 2.35
CA ILE E 682 19.67 93.16 2.01
C ILE E 682 19.91 91.66 1.67
N GLU E 683 18.97 91.02 0.99
CA GLU E 683 19.15 89.78 0.21
C GLU E 683 19.77 88.59 0.96
N PHE E 684 21.06 88.28 0.82
CA PHE E 684 21.72 87.38 1.79
C PHE E 684 22.54 88.21 2.78
N ILE E 685 22.53 87.79 4.04
CA ILE E 685 23.54 88.27 5.00
C ILE E 685 24.92 87.87 4.47
N ARG E 686 25.81 88.84 4.28
CA ARG E 686 27.18 88.54 3.87
C ARG E 686 27.82 87.50 4.81
N ILE E 687 28.57 86.54 4.26
CA ILE E 687 29.20 85.46 5.03
C ILE E 687 30.24 86.06 5.99
N ARG E 688 29.96 86.06 7.29
CA ARG E 688 30.65 86.89 8.29
C ARG E 688 30.91 86.09 9.57
N ASP E 689 32.00 86.35 10.29
CA ASP E 689 32.32 85.58 11.49
C ASP E 689 31.91 86.27 12.79
N VAL E 690 31.23 85.50 13.63
CA VAL E 690 30.70 85.89 14.94
C VAL E 690 31.50 85.20 16.03
N SER E 691 32.09 85.97 16.93
CA SER E 691 32.62 85.48 18.20
C SER E 691 31.49 85.30 19.23
N PHE E 692 31.68 84.48 20.26
CA PHE E 692 30.63 84.14 21.21
C PHE E 692 31.17 83.81 22.59
N GLU E 693 30.26 83.84 23.56
CA GLU E 693 30.34 83.07 24.80
C GLU E 693 29.01 82.33 25.00
N VAL E 694 29.05 81.16 25.60
CA VAL E 694 27.91 80.46 26.15
C VAL E 694 28.23 80.03 27.59
N LYS E 695 27.25 80.05 28.50
CA LYS E 695 27.41 79.77 29.95
C LYS E 695 26.46 78.70 30.49
N GLY E 696 26.82 78.11 31.64
CA GLY E 696 25.95 77.26 32.47
C GLY E 696 25.53 75.93 31.82
N LEU E 697 26.25 75.48 30.79
CA LEU E 697 26.09 74.16 30.16
C LEU E 697 26.55 73.04 31.13
N ASN E 698 26.67 71.79 30.70
CA ASN E 698 27.25 70.76 31.55
C ASN E 698 28.72 71.07 31.95
N PRO E 699 29.25 70.58 33.08
CA PRO E 699 30.69 70.60 33.35
C PRO E 699 31.54 69.89 32.28
N ASN E 700 32.36 70.65 31.56
CA ASN E 700 33.12 70.19 30.38
C ASN E 700 32.21 69.52 29.34
N ASP E 701 31.04 70.11 29.13
CA ASP E 701 30.11 69.80 28.06
C ASP E 701 30.86 69.78 26.72
N ASN E 702 30.62 68.74 25.92
CA ASN E 702 31.49 68.29 24.84
C ASN E 702 30.72 68.09 23.54
N ASN E 703 31.35 68.32 22.39
CA ASN E 703 30.73 68.22 21.06
C ASN E 703 29.67 69.30 20.79
N LEU E 704 29.68 70.41 21.52
CA LEU E 704 28.73 71.51 21.33
C LEU E 704 28.93 72.13 19.95
N TYR E 705 28.23 71.68 18.93
CA TYR E 705 28.25 72.30 17.62
C TYR E 705 27.36 73.54 17.62
N LEU E 706 27.29 74.25 16.49
CA LEU E 706 26.48 75.46 16.36
C LEU E 706 25.62 75.45 15.09
N LEU E 707 24.35 75.83 15.18
CA LEU E 707 23.47 76.01 14.01
C LEU E 707 22.99 77.47 13.88
N PHE E 708 23.30 78.17 12.79
CA PHE E 708 22.96 79.60 12.57
C PHE E 708 21.84 79.72 11.56
N ASP E 709 20.77 80.45 11.88
CA ASP E 709 19.46 80.27 11.24
C ASP E 709 19.01 78.80 11.21
N GLY E 710 19.48 78.02 12.19
CA GLY E 710 19.30 76.57 12.22
C GLY E 710 20.07 75.78 11.13
N VAL E 711 21.10 76.36 10.53
CA VAL E 711 22.01 75.71 9.55
C VAL E 711 23.37 75.42 10.20
N ARG E 712 23.89 74.19 10.13
CA ARG E 712 25.12 73.77 10.81
C ARG E 712 26.36 74.56 10.37
N CYS E 713 26.99 75.23 11.33
CA CYS E 713 28.23 76.01 11.22
C CYS E 713 29.41 75.22 11.80
N ALA E 714 30.63 75.76 11.71
CA ALA E 714 31.80 75.23 12.40
C ALA E 714 32.33 76.24 13.42
N ILE E 715 32.33 75.88 14.71
CA ILE E 715 33.01 76.63 15.79
C ILE E 715 34.53 76.49 15.71
N THR E 716 35.22 77.56 16.04
CA THR E 716 36.59 77.56 16.51
C THR E 716 36.61 77.97 17.98
N PRO E 717 37.09 77.12 18.92
CA PRO E 717 37.20 77.48 20.32
C PRO E 717 38.07 78.72 20.53
N ALA E 718 37.72 79.57 21.48
CA ALA E 718 38.63 80.50 22.11
C ALA E 718 39.43 79.77 23.20
N THR E 719 40.54 80.39 23.61
CA THR E 719 41.37 79.96 24.72
C THR E 719 40.57 79.78 26.02
N GLY E 720 41.00 78.84 26.86
CA GLY E 720 40.18 78.26 27.93
C GLY E 720 39.36 77.06 27.44
N TYR E 721 39.16 76.92 26.13
CA TYR E 721 38.30 75.90 25.54
C TYR E 721 39.01 75.07 24.47
N ARG E 722 38.66 73.79 24.45
CA ARG E 722 39.05 72.82 23.43
C ARG E 722 37.96 72.72 22.37
N LYS E 723 38.22 72.03 21.26
CA LYS E 723 37.10 71.49 20.45
C LYS E 723 36.30 70.49 21.28
N GLY E 724 35.17 70.00 20.77
CA GLY E 724 34.57 68.79 21.31
C GLY E 724 35.46 67.55 21.10
N SER E 725 34.93 66.33 21.17
CA SER E 725 35.51 65.19 20.44
C SER E 725 35.20 65.33 18.94
N GLU E 726 33.95 65.69 18.63
CA GLU E 726 33.51 66.34 17.39
C GLU E 726 34.20 67.71 17.20
N ASP E 727 34.38 68.21 15.98
CA ASP E 727 34.86 69.58 15.75
C ASP E 727 33.97 70.35 14.77
N GLY E 728 34.22 71.64 14.65
CA GLY E 728 33.18 72.60 14.32
C GLY E 728 32.34 72.81 15.60
N THR E 729 32.90 72.43 16.75
CA THR E 729 32.28 72.32 18.07
C THR E 729 33.26 72.70 19.17
N ILE E 730 32.76 72.93 20.37
CA ILE E 730 33.56 73.27 21.55
C ILE E 730 33.36 72.27 22.68
N MET E 731 34.38 72.08 23.51
CA MET E 731 34.22 71.56 24.86
C MET E 731 34.42 72.70 25.89
N THR E 732 33.45 72.87 26.78
CA THR E 732 33.43 73.93 27.81
C THR E 732 34.51 73.73 28.85
N ASP E 733 34.59 74.66 29.79
CA ASP E 733 35.14 74.40 31.13
C ASP E 733 34.09 73.73 32.03
N ALA E 734 34.48 73.51 33.29
CA ALA E 734 33.64 72.85 34.28
C ALA E 734 32.34 73.59 34.63
N LYS E 735 32.19 74.89 34.31
CA LYS E 735 30.90 75.58 34.55
C LYS E 735 29.88 75.36 33.42
N GLY E 736 30.27 74.63 32.38
CA GLY E 736 29.61 74.76 31.09
C GLY E 736 29.79 76.16 30.51
N THR E 737 30.94 76.81 30.69
CA THR E 737 31.30 77.99 29.88
C THR E 737 32.01 77.55 28.62
N ALA E 738 31.71 78.12 27.46
CA ALA E 738 32.47 77.94 26.24
C ALA E 738 32.50 79.28 25.51
N LYS E 739 33.61 79.59 24.84
CA LYS E 739 33.78 80.84 24.09
C LYS E 739 34.51 80.54 22.80
N GLY E 740 34.36 81.38 21.78
CA GLY E 740 35.01 81.14 20.49
C GLY E 740 34.47 82.03 19.37
N LYS E 741 34.56 81.55 18.13
CA LYS E 741 33.92 82.17 16.97
C LYS E 741 33.52 81.15 15.91
N PHE E 742 32.57 81.49 15.05
CA PHE E 742 32.08 80.66 13.95
C PHE E 742 31.75 81.54 12.74
N THR E 743 31.48 80.94 11.57
CA THR E 743 31.11 81.64 10.34
C THR E 743 29.62 81.54 10.02
N ILE E 744 28.97 82.68 9.79
CA ILE E 744 27.62 82.81 9.25
C ILE E 744 27.58 82.23 7.82
N PRO E 745 26.81 81.16 7.53
CA PRO E 745 26.81 80.48 6.23
C PRO E 745 26.36 81.32 5.03
N ALA E 746 26.62 80.82 3.82
CA ALA E 746 25.95 81.30 2.60
C ALA E 746 24.51 80.77 2.55
N GLY E 747 23.65 81.38 1.72
CA GLY E 747 22.22 81.06 1.71
C GLY E 747 21.48 81.53 2.98
N ILE E 748 22.13 82.29 3.84
CA ILE E 748 21.53 82.92 5.01
C ILE E 748 20.81 84.17 4.50
N ARG E 749 19.50 84.05 4.37
CA ARG E 749 18.63 85.13 3.88
C ARG E 749 18.69 86.33 4.83
N CYS E 750 18.49 87.55 4.35
CA CYS E 750 18.43 88.75 5.18
C CYS E 750 17.36 88.59 6.28
N GLY E 751 17.48 89.34 7.37
CA GLY E 751 16.60 89.30 8.56
C GLY E 751 17.28 88.79 9.83
N ASN E 752 16.49 88.60 10.89
CA ASN E 752 16.96 87.98 12.13
C ASN E 752 17.10 86.46 12.00
N ARG E 753 18.06 85.83 12.69
CA ARG E 753 18.46 84.42 12.50
C ARG E 753 18.69 83.76 13.85
N GLU E 754 18.33 82.49 14.03
CA GLU E 754 18.56 81.83 15.33
C GLU E 754 19.85 81.05 15.35
N VAL E 755 20.70 81.41 16.30
CA VAL E 755 22.03 80.86 16.50
C VAL E 755 22.00 79.91 17.68
N THR E 756 22.46 78.68 17.47
CA THR E 756 22.00 77.51 18.21
C THR E 756 23.20 76.69 18.67
N LEU E 757 23.93 77.19 19.68
CA LEU E 757 25.13 76.52 20.22
C LEU E 757 24.67 75.35 21.10
N LYS E 758 24.80 74.11 20.63
CA LYS E 758 24.25 72.94 21.31
C LYS E 758 24.93 71.63 20.99
N ASN E 759 24.57 70.64 21.79
CA ASN E 759 24.58 69.22 21.45
C ASN E 759 23.26 68.65 22.03
N ALA E 760 23.16 67.36 22.33
CA ALA E 760 22.04 66.83 23.11
C ALA E 760 22.18 67.05 24.64
N ASN E 761 23.40 67.22 25.11
CA ASN E 761 23.77 67.32 26.52
C ASN E 761 23.23 68.62 27.12
N SER E 762 23.53 69.76 26.48
CA SER E 762 22.89 71.06 26.68
C SER E 762 22.41 71.60 25.32
N THR E 763 21.28 72.30 25.29
CA THR E 763 21.03 73.30 24.23
C THR E 763 21.53 74.69 24.66
N SER E 764 21.72 75.58 23.70
CA SER E 764 21.66 77.02 23.90
C SER E 764 21.25 77.67 22.59
N ALA E 765 20.52 78.79 22.66
CA ALA E 765 20.23 79.60 21.49
C ALA E 765 20.09 81.09 21.78
N THR E 766 20.35 81.93 20.77
CA THR E 766 20.01 83.36 20.76
C THR E 766 20.03 83.92 19.32
N THR E 767 19.46 85.11 19.10
CA THR E 767 19.18 85.66 17.76
C THR E 767 20.27 86.61 17.25
N TYR E 768 20.74 86.42 16.01
CA TYR E 768 21.45 87.45 15.26
C TYR E 768 20.48 88.37 14.50
N THR E 769 20.84 89.63 14.21
CA THR E 769 19.95 90.60 13.53
C THR E 769 20.55 91.19 12.24
N ALA E 770 19.76 91.36 11.16
CA ALA E 770 20.29 91.86 9.90
C ALA E 770 19.19 92.48 8.99
N GLN E 771 18.99 93.82 8.98
CA GLN E 771 17.95 94.50 8.15
C GLN E 771 18.34 95.95 7.74
N GLY E 772 17.92 96.40 6.55
CA GLY E 772 18.21 97.73 5.94
C GLY E 772 17.88 97.79 4.43
N ARG E 773 18.54 98.62 3.59
CA ARG E 773 18.26 98.68 2.12
C ARG E 773 19.51 98.72 1.20
N LYS E 774 19.46 97.99 0.06
CA LYS E 774 20.35 98.12 -1.13
C LYS E 774 19.79 99.18 -2.11
N LYS E 775 20.63 99.92 -2.85
CA LYS E 775 20.20 100.89 -3.90
C LYS E 775 19.95 100.26 -5.30
N THR E 776 20.32 98.99 -5.49
CA THR E 776 20.12 98.23 -6.73
C THR E 776 19.67 96.79 -6.35
N ALA E 777 18.76 96.17 -7.11
CA ALA E 777 17.90 95.06 -6.64
C ALA E 777 18.53 93.63 -6.57
N GLN E 778 18.55 92.91 -7.70
CA GLN E 778 18.54 91.44 -7.79
C GLN E 778 17.35 90.80 -7.02
N ASP E 779 17.57 90.14 -5.88
CA ASP E 779 16.53 89.38 -5.16
C ASP E 779 16.30 89.87 -3.71
N ILE E 780 15.08 89.72 -3.18
CA ILE E 780 14.70 90.34 -1.89
C ILE E 780 15.20 89.50 -0.69
N ILE E 781 14.85 88.21 -0.66
CA ILE E 781 15.44 87.15 0.18
C ILE E 781 15.39 87.36 1.73
N ILE E 782 14.41 86.76 2.44
CA ILE E 782 14.34 86.68 3.93
C ILE E 782 13.81 85.29 4.41
N ARG E 783 14.23 84.79 5.62
CA ARG E 783 13.78 83.51 6.27
C ARG E 783 13.41 83.60 7.78
N THR E 784 13.86 84.63 8.50
CA THR E 784 13.54 84.89 9.93
C THR E 784 13.86 83.70 10.88
N ARG E 785 13.35 83.62 12.13
CA ARG E 785 13.73 82.67 13.24
C ARG E 785 12.75 82.84 14.47
N VAL E 786 12.80 82.07 15.58
CA VAL E 786 12.03 82.40 16.84
C VAL E 786 12.67 81.90 18.19
N THR E 787 12.52 82.57 19.37
CA THR E 787 13.24 82.28 20.68
C THR E 787 12.39 82.30 22.00
N VAL E 788 12.51 81.29 22.89
CA VAL E 788 11.74 81.02 24.17
C VAL E 788 12.49 79.97 25.06
N ASN E 789 12.17 79.79 26.37
CA ASN E 789 12.58 78.60 27.17
C ASN E 789 11.75 78.24 28.46
N LEU E 790 11.97 77.05 29.06
CA LEU E 790 11.24 76.40 30.20
C LEU E 790 12.19 75.64 31.20
N VAL E 791 11.74 75.28 32.44
CA VAL E 791 12.50 74.59 33.54
C VAL E 791 11.53 74.01 34.61
N ASP E 792 12.00 73.61 35.81
CA ASP E 792 11.21 73.57 37.07
C ASP E 792 11.59 74.72 38.05
N PRO E 793 11.31 76.00 37.75
CA PRO E 793 11.96 77.14 38.37
C PRO E 793 11.09 77.87 39.42
N LEU E 794 11.67 78.90 40.03
CA LEU E 794 10.93 79.94 40.73
C LEU E 794 10.64 81.09 39.76
N ALA E 795 9.66 81.93 40.05
CA ALA E 795 9.38 83.15 39.30
C ALA E 795 8.80 84.22 40.24
N GLN E 796 8.80 85.47 39.83
CA GLN E 796 8.29 86.57 40.63
C GLN E 796 7.79 87.69 39.72
N SER E 797 6.47 87.90 39.67
CA SER E 797 5.94 89.10 39.03
C SER E 797 6.41 90.32 39.81
N PHE E 798 6.77 91.37 39.10
CA PHE E 798 7.08 92.67 39.68
C PHE E 798 6.74 93.72 38.64
N GLN E 799 6.23 94.87 39.06
CA GLN E 799 5.99 95.95 38.10
C GLN E 799 7.13 96.97 38.02
N TYR E 800 7.07 97.79 36.98
CA TYR E 800 7.61 99.15 36.99
C TYR E 800 6.44 100.10 36.71
N ASP E 801 6.54 101.30 37.27
CA ASP E 801 5.44 102.25 37.38
C ASP E 801 5.57 103.45 36.41
N GLU E 802 6.81 103.76 36.02
CA GLU E 802 7.23 104.67 34.96
C GLU E 802 8.36 104.00 34.19
N ASN E 803 8.63 104.47 32.97
CA ASN E 803 9.65 103.86 32.13
C ASN E 803 11.06 104.16 32.68
N ARG E 804 11.80 103.11 33.06
CA ARG E 804 13.17 103.13 33.60
C ARG E 804 14.08 102.04 33.01
N THR E 805 15.34 102.36 32.72
CA THR E 805 16.28 101.39 32.12
C THR E 805 16.94 100.50 33.17
N ILE E 806 16.34 99.36 33.53
CA ILE E 806 16.93 98.45 34.53
C ILE E 806 18.36 98.10 34.17
N SER E 807 19.24 98.39 35.11
CA SER E 807 20.66 98.04 35.06
C SER E 807 20.92 96.75 35.83
N SER E 808 20.30 96.57 37.01
CA SER E 808 20.35 95.31 37.75
C SER E 808 19.27 95.18 38.82
N LEU E 809 19.02 93.95 39.29
CA LEU E 809 18.29 93.71 40.54
C LEU E 809 19.27 93.62 41.73
N GLY E 810 18.74 93.54 42.94
CA GLY E 810 19.44 93.12 44.15
C GLY E 810 18.56 92.18 44.99
N LEU E 811 19.13 91.12 45.54
CA LEU E 811 18.45 89.97 46.16
C LEU E 811 19.28 89.42 47.32
N TYR E 812 18.76 88.48 48.12
CA TYR E 812 19.51 87.92 49.26
C TYR E 812 19.26 86.42 49.36
N PHE E 813 20.30 85.62 49.60
CA PHE E 813 20.14 84.17 49.76
C PHE E 813 20.37 83.72 51.19
N ALA E 814 19.68 82.64 51.56
CA ALA E 814 19.98 81.86 52.75
C ALA E 814 21.12 80.87 52.50
N SER E 815 21.12 80.25 51.32
CA SER E 815 22.10 79.24 50.92
C SER E 815 22.17 79.07 49.40
N LYS E 816 23.21 78.40 48.91
CA LYS E 816 23.49 78.24 47.48
C LYS E 816 24.03 76.84 47.17
N GLY E 817 23.89 76.41 45.91
CA GLY E 817 24.42 75.14 45.40
C GLY E 817 25.94 75.19 45.12
N ASP E 818 26.38 74.44 44.12
CA ASP E 818 27.76 74.38 43.62
C ASP E 818 28.12 75.46 42.57
N LYS E 819 29.37 75.48 42.11
CA LYS E 819 29.92 76.52 41.21
C LYS E 819 29.60 76.36 39.71
N GLN E 820 28.85 75.34 39.31
CA GLN E 820 28.71 74.93 37.90
C GLN E 820 27.23 74.71 37.51
N SER E 821 26.36 74.32 38.45
CA SER E 821 24.94 74.67 38.36
C SER E 821 24.78 76.18 38.53
N ASN E 822 23.60 76.72 38.27
CA ASN E 822 23.37 78.15 38.39
C ASN E 822 21.87 78.45 38.51
N VAL E 823 21.56 79.64 38.99
CA VAL E 823 20.33 80.32 38.62
C VAL E 823 20.60 81.03 37.30
N VAL E 824 19.69 80.99 36.36
CA VAL E 824 19.64 82.03 35.33
C VAL E 824 18.48 82.94 35.67
N ILE E 825 18.70 84.24 35.77
CA ILE E 825 17.55 85.14 35.77
C ILE E 825 17.20 85.42 34.33
N GLN E 826 15.98 85.08 33.94
CA GLN E 826 15.32 85.82 32.87
C GLN E 826 14.41 86.90 33.46
N ILE E 827 14.13 87.90 32.63
CA ILE E 827 12.93 88.72 32.79
C ILE E 827 12.02 88.46 31.59
N ARG E 828 10.72 88.51 31.85
CA ARG E 828 9.62 88.11 30.98
C ARG E 828 8.43 89.06 31.20
N GLY E 829 7.41 88.97 30.36
CA GLY E 829 6.10 89.61 30.64
C GLY E 829 5.17 88.66 31.38
N MET E 830 3.86 88.86 31.27
CA MET E 830 2.82 88.06 31.93
C MET E 830 1.81 87.47 30.93
N GLY E 831 1.37 86.24 31.15
CA GLY E 831 0.32 85.59 30.37
C GLY E 831 -1.04 85.60 31.09
N ASP E 832 -2.12 85.27 30.37
CA ASP E 832 -3.49 85.08 30.91
C ASP E 832 -3.67 83.79 31.74
N GLN E 833 -2.57 83.19 32.20
CA GLN E 833 -2.59 82.34 33.39
C GLN E 833 -2.53 83.20 34.66
N GLY E 834 -2.24 84.48 34.52
CA GLY E 834 -1.71 85.38 35.55
C GLY E 834 -0.22 85.16 35.85
N TYR E 835 0.35 84.05 35.38
CA TYR E 835 1.78 83.71 35.50
C TYR E 835 2.64 84.42 34.45
N PRO E 836 3.98 84.32 34.47
CA PRO E 836 4.82 84.91 33.43
C PRO E 836 4.41 84.44 32.02
N ASN E 837 4.66 85.27 31.00
CA ASN E 837 4.74 84.81 29.62
C ASN E 837 6.04 84.00 29.40
N LYS E 838 6.28 83.47 28.20
CA LYS E 838 7.49 82.70 27.89
C LYS E 838 8.63 83.51 27.24
N THR E 839 8.44 84.81 27.04
CA THR E 839 9.34 85.63 26.19
C THR E 839 10.65 85.97 26.89
N ILE E 840 11.78 85.81 26.19
CA ILE E 840 13.10 86.24 26.68
C ILE E 840 13.20 87.78 26.58
N TYR E 841 12.89 88.52 27.65
CA TYR E 841 13.14 89.96 27.66
C TYR E 841 14.62 90.25 27.95
N ALA E 842 15.15 89.59 28.97
CA ALA E 842 16.51 89.73 29.49
C ALA E 842 17.00 88.40 30.05
N GLU E 843 18.31 88.12 30.11
CA GLU E 843 18.83 86.84 30.62
C GLU E 843 20.22 87.00 31.29
N THR E 844 20.57 86.23 32.33
CA THR E 844 21.88 86.31 33.02
C THR E 844 22.16 85.08 33.89
N VAL E 845 23.36 84.48 33.81
CA VAL E 845 23.69 83.19 34.48
C VAL E 845 24.49 83.41 35.76
N MET E 846 24.07 82.74 36.84
CA MET E 846 24.47 83.00 38.21
C MET E 846 24.71 81.68 38.98
N ASN E 847 25.94 81.19 38.96
CA ASN E 847 26.43 80.03 39.71
C ASN E 847 26.56 80.35 41.20
N ALA E 848 26.90 79.40 42.07
CA ALA E 848 27.17 79.70 43.48
C ALA E 848 28.36 80.68 43.68
N ASP E 849 29.27 80.79 42.73
CA ASP E 849 30.28 81.85 42.71
C ASP E 849 29.64 83.24 42.70
N ASP E 850 28.52 83.36 41.98
CA ASP E 850 27.83 84.60 41.64
C ASP E 850 26.82 85.04 42.73
N ILE E 851 26.60 84.22 43.75
CA ILE E 851 25.49 84.33 44.72
C ILE E 851 26.03 84.51 46.15
N LYS E 852 25.36 85.37 46.93
CA LYS E 852 25.80 85.82 48.26
C LYS E 852 24.80 85.40 49.34
N VAL E 853 25.24 84.84 50.47
CA VAL E 853 24.33 84.22 51.47
C VAL E 853 24.41 84.91 52.84
N SER E 854 23.30 84.90 53.56
CA SER E 854 23.01 85.70 54.76
C SER E 854 21.97 85.00 55.62
N ASN E 855 22.07 85.12 56.93
CA ASN E 855 21.11 84.47 57.83
C ASN E 855 19.83 85.31 58.03
N ASN E 856 19.82 86.54 57.49
CA ASN E 856 18.88 87.62 57.79
C ASN E 856 18.58 88.47 56.53
N ALA E 857 18.57 87.81 55.38
CA ALA E 857 18.31 88.33 54.04
C ALA E 857 19.00 89.69 53.74
N SER E 858 20.33 89.71 53.79
CA SER E 858 21.14 90.93 53.65
C SER E 858 22.30 90.83 52.66
N ALA E 859 22.62 89.64 52.19
CA ALA E 859 23.70 89.41 51.25
C ALA E 859 23.30 89.83 49.83
N GLU E 860 23.45 91.12 49.52
CA GLU E 860 22.95 91.82 48.33
C GLU E 860 23.51 91.28 46.99
N THR E 861 22.92 90.17 46.55
CA THR E 861 23.17 89.46 45.31
C THR E 861 22.61 90.28 44.14
N ARG E 862 23.48 90.88 43.33
CA ARG E 862 23.12 91.82 42.26
C ARG E 862 23.00 91.16 40.90
N VAL E 863 21.78 91.15 40.36
CA VAL E 863 21.46 90.52 39.07
C VAL E 863 21.71 91.51 37.95
N TYR E 864 22.93 91.57 37.42
CA TYR E 864 23.21 92.40 36.26
C TYR E 864 22.99 91.65 34.95
N PHE E 865 22.30 92.31 34.02
CA PHE E 865 22.09 91.86 32.66
C PHE E 865 23.17 92.42 31.73
N ASP E 866 23.24 91.90 30.50
CA ASP E 866 24.39 92.14 29.62
C ASP E 866 24.34 93.53 28.95
N ASP E 867 23.25 93.82 28.24
CA ASP E 867 22.77 95.19 28.08
C ASP E 867 21.70 95.43 29.20
N PRO E 868 21.05 96.60 29.35
CA PRO E 868 20.00 96.77 30.35
C PRO E 868 18.72 96.06 29.88
N MET E 869 17.64 96.21 30.63
CA MET E 869 16.30 95.99 30.12
C MET E 869 15.47 97.21 30.44
N MET E 870 14.71 97.76 29.50
CA MET E 870 13.82 98.88 29.84
C MET E 870 12.50 98.39 30.44
N ALA E 871 12.34 98.58 31.74
CA ALA E 871 11.08 98.33 32.43
C ALA E 871 10.19 99.55 32.24
N GLU E 872 9.27 99.45 31.30
CA GLU E 872 8.19 100.40 31.14
C GLU E 872 7.38 100.54 32.43
N GLY E 873 6.77 101.71 32.59
CA GLY E 873 5.81 101.96 33.65
C GLY E 873 4.48 101.23 33.45
N GLY E 874 3.63 101.29 34.48
CA GLY E 874 2.27 100.73 34.46
C GLY E 874 2.17 99.23 34.14
N LYS E 875 3.23 98.44 34.35
CA LYS E 875 3.30 97.05 33.86
C LYS E 875 3.99 96.12 34.82
N GLU E 876 3.38 94.97 35.08
CA GLU E 876 4.06 93.79 35.61
C GLU E 876 4.91 93.11 34.55
N TYR E 877 6.20 93.01 34.83
CA TYR E 877 7.10 92.00 34.30
C TYR E 877 6.98 90.76 35.19
N ALA E 878 7.73 89.73 34.85
CA ALA E 878 8.16 88.77 35.85
C ALA E 878 9.64 88.49 35.72
N ILE E 879 10.26 88.26 36.87
CA ILE E 879 11.48 87.48 36.94
C ILE E 879 11.11 86.01 36.74
N VAL E 880 11.77 85.31 35.83
CA VAL E 880 11.86 83.85 35.90
C VAL E 880 13.25 83.52 36.43
N ILE E 881 13.28 82.68 37.45
CA ILE E 881 14.44 82.39 38.26
C ILE E 881 14.76 80.94 37.93
N ILE E 882 15.27 80.76 36.72
CA ILE E 882 15.57 79.48 36.11
C ILE E 882 16.58 78.78 37.01
N THR E 883 16.29 77.58 37.47
CA THR E 883 17.36 76.65 37.81
C THR E 883 16.90 75.21 37.76
N GLU E 884 17.84 74.32 37.59
CA GLU E 884 17.84 72.89 37.86
C GLU E 884 17.97 72.56 39.36
N ASN E 885 18.50 73.46 40.17
CA ASN E 885 19.00 73.14 41.50
C ASN E 885 18.17 73.77 42.65
N SER E 886 17.68 72.94 43.56
CA SER E 886 17.03 73.35 44.82
C SER E 886 17.90 74.22 45.73
N ASP E 887 19.20 73.98 45.69
CA ASP E 887 20.14 74.42 46.73
C ASP E 887 20.47 75.91 46.67
N TYR E 888 20.07 76.57 45.58
CA TYR E 888 19.84 77.99 45.59
C TYR E 888 18.59 78.29 46.42
N THR E 889 18.76 78.61 47.72
CA THR E 889 17.65 78.96 48.61
C THR E 889 17.69 80.46 48.91
N MET E 890 16.82 81.24 48.27
CA MET E 890 16.76 82.70 48.39
C MET E 890 16.19 83.15 49.75
N TRP E 891 15.62 84.35 49.87
CA TRP E 891 14.85 84.81 51.01
C TRP E 891 13.55 85.51 50.58
N VAL E 892 12.43 84.81 50.65
CA VAL E 892 11.10 85.36 50.39
C VAL E 892 10.45 85.90 51.66
N GLY E 893 9.54 86.84 51.49
CA GLY E 893 8.56 87.24 52.48
C GLY E 893 7.16 86.72 52.13
N THR E 894 6.35 86.43 53.15
CA THR E 894 5.00 85.88 53.01
C THR E 894 4.04 86.34 54.12
N ARG E 895 2.76 86.37 53.79
CA ARG E 895 1.60 86.82 54.56
C ARG E 895 1.69 86.58 56.09
N THR E 896 1.74 87.69 56.85
CA THR E 896 1.74 87.75 58.34
C THR E 896 2.77 86.86 59.05
N LYS E 897 3.89 86.55 58.38
CA LYS E 897 4.97 85.77 58.98
C LYS E 897 6.00 86.62 59.70
N PRO E 898 6.48 86.18 60.86
CA PRO E 898 7.79 86.53 61.40
C PRO E 898 8.87 86.74 60.32
N LYS E 899 9.45 87.94 60.25
CA LYS E 899 10.49 88.32 59.29
C LYS E 899 11.84 87.70 59.71
N ILE E 900 12.67 87.24 58.79
CA ILE E 900 13.88 86.51 59.19
C ILE E 900 14.87 87.33 60.05
N ASP E 901 15.11 88.61 59.73
CA ASP E 901 16.08 89.45 60.47
C ASP E 901 15.66 89.65 61.93
N LYS E 902 14.37 89.86 62.11
CA LYS E 902 13.74 90.31 63.33
C LYS E 902 12.35 89.63 63.36
N PRO E 903 12.33 88.36 63.80
CA PRO E 903 11.14 87.51 63.73
C PRO E 903 10.06 87.89 64.73
N ASN E 904 10.34 88.78 65.68
CA ASN E 904 9.26 89.35 66.48
C ASN E 904 8.25 90.03 65.56
N GLU E 905 8.70 90.48 64.38
CA GLU E 905 7.92 91.36 63.53
C GLU E 905 7.37 90.64 62.30
N VAL E 906 6.12 90.89 61.89
CA VAL E 906 5.45 90.06 60.88
C VAL E 906 5.00 90.84 59.64
N ILE E 907 4.99 90.16 58.49
CA ILE E 907 4.79 90.73 57.14
C ILE E 907 3.34 91.20 56.89
N SER E 908 3.15 91.97 55.82
CA SER E 908 1.87 92.30 55.15
C SER E 908 1.16 91.03 54.61
N GLY E 909 0.48 91.09 53.46
CA GLY E 909 0.17 89.91 52.65
C GLY E 909 1.38 89.48 51.83
N ASN E 910 1.28 89.66 50.52
CA ASN E 910 2.46 89.89 49.68
C ASN E 910 3.31 91.04 50.31
N PRO E 911 4.61 90.83 50.59
CA PRO E 911 5.52 91.90 50.97
C PRO E 911 5.43 93.10 50.02
N TYR E 912 5.23 92.81 48.75
CA TYR E 912 5.28 93.73 47.63
C TYR E 912 4.12 93.37 46.72
N LEU E 913 2.89 93.70 47.15
CA LEU E 913 1.64 93.38 46.44
C LEU E 913 1.57 93.94 45.00
N GLN E 914 2.52 94.81 44.64
CA GLN E 914 2.89 95.26 43.30
C GLN E 914 3.76 94.21 42.54
N GLY E 915 3.51 92.94 42.83
CA GLY E 915 4.28 91.76 42.45
C GLY E 915 3.62 90.48 43.02
N VAL E 916 4.04 89.30 42.56
CA VAL E 916 3.58 87.99 43.03
C VAL E 916 4.66 86.94 42.83
N LEU E 917 5.01 86.20 43.88
CA LEU E 917 5.88 85.03 43.80
C LEU E 917 5.20 83.86 43.08
N PHE E 918 5.99 83.01 42.42
CA PHE E 918 5.54 81.71 41.93
C PHE E 918 6.63 80.62 42.04
N SER E 919 6.25 79.38 42.28
CA SER E 919 7.15 78.21 42.21
C SER E 919 6.52 77.13 41.33
N SER E 920 7.27 76.46 40.43
CA SER E 920 6.67 75.47 39.51
C SER E 920 7.54 74.28 39.12
N SER E 921 6.99 73.09 39.33
CA SER E 921 7.44 71.78 38.81
C SER E 921 7.25 71.59 37.27
N ASN E 922 7.08 72.66 36.45
CA ASN E 922 7.30 72.63 34.98
C ASN E 922 7.30 74.04 34.28
N ALA E 923 7.53 75.13 35.02
CA ALA E 923 7.31 76.53 34.60
C ALA E 923 5.87 76.81 34.12
N SER E 924 4.88 76.11 34.68
CA SER E 924 3.42 76.31 34.46
C SER E 924 2.55 75.89 35.67
N THR E 925 2.94 74.89 36.46
CA THR E 925 2.30 74.49 37.76
C THR E 925 2.36 75.60 38.82
N TRP E 926 2.67 76.83 38.42
CA TRP E 926 3.05 78.00 39.23
C TRP E 926 2.13 78.19 40.42
N THR E 927 2.69 78.18 41.61
CA THR E 927 1.98 78.54 42.83
C THR E 927 1.59 80.01 42.75
N PRO E 928 0.30 80.38 42.63
CA PRO E 928 -0.12 81.76 42.77
C PRO E 928 0.06 82.25 44.21
N HIS E 929 1.15 82.96 44.51
CA HIS E 929 1.27 83.63 45.79
C HIS E 929 0.62 85.01 45.80
N GLN E 930 -0.70 85.01 45.99
CA GLN E 930 -1.40 86.13 46.62
C GLN E 930 -1.07 86.20 48.14
N ASN E 931 0.00 85.53 48.57
CA ASN E 931 0.56 85.54 49.91
C ASN E 931 2.01 86.08 49.99
N SER E 932 2.77 86.24 48.90
CA SER E 932 4.25 86.23 49.00
C SER E 932 5.01 86.95 47.90
N ASP E 933 6.24 87.39 48.20
CA ASP E 933 7.23 87.96 47.27
C ASP E 933 8.68 87.68 47.70
N LEU E 934 9.64 87.73 46.77
CA LEU E 934 11.08 87.84 47.09
C LEU E 934 11.33 89.04 48.01
N LYS E 935 12.32 88.99 48.90
CA LYS E 935 12.98 90.22 49.36
C LYS E 935 14.00 90.67 48.31
N PHE E 936 13.88 91.90 47.84
CA PHE E 936 14.66 92.40 46.71
C PHE E 936 14.71 93.92 46.67
N GLY E 937 15.65 94.45 45.90
CA GLY E 937 15.57 95.79 45.32
C GLY E 937 15.88 95.74 43.82
N ILE E 938 15.57 96.81 43.11
CA ILE E 938 15.83 96.94 41.67
C ILE E 938 16.41 98.32 41.40
N TYR E 939 17.31 98.41 40.42
CA TYR E 939 18.12 99.58 40.14
C TYR E 939 18.12 99.86 38.64
N THR E 940 18.13 101.14 38.24
CA THR E 940 18.17 101.50 36.81
C THR E 940 19.32 102.45 36.51
N SER E 941 19.72 102.54 35.24
CA SER E 941 20.61 103.59 34.75
C SER E 941 19.99 104.96 34.97
N LYS E 942 20.44 105.63 36.02
CA LYS E 942 20.27 107.04 36.27
C LYS E 942 21.16 107.79 35.28
N PHE E 943 20.73 107.83 34.02
CA PHE E 943 21.41 108.52 32.93
C PHE E 943 21.54 110.02 33.19
N ASN E 944 22.59 110.58 32.64
CA ASN E 944 22.77 112.01 32.48
C ASN E 944 22.19 112.42 31.12
N GLU E 945 21.81 113.69 30.96
CA GLU E 945 20.83 114.09 29.94
C GLU E 945 21.36 114.08 28.51
N THR E 946 22.63 113.74 28.30
CA THR E 946 23.27 113.69 26.98
C THR E 946 24.41 112.69 26.99
N ALA E 947 24.92 112.34 25.81
CA ALA E 947 26.16 111.58 25.66
C ALA E 947 26.93 111.95 24.39
N THR E 948 28.22 111.73 24.44
CA THR E 948 29.11 111.70 23.29
C THR E 948 29.48 110.24 22.99
N ILE E 949 29.35 109.81 21.74
CA ILE E 949 29.86 108.51 21.26
C ILE E 949 30.95 108.86 20.26
N GLU E 950 32.12 109.18 20.77
CA GLU E 950 33.27 109.65 20.00
C GLU E 950 33.95 108.46 19.32
N PHE E 951 33.67 108.27 18.04
CA PHE E 951 34.26 107.18 17.28
C PHE E 951 35.71 107.50 16.91
N GLU E 952 36.53 106.47 16.96
CA GLU E 952 37.79 106.40 16.25
C GLU E 952 37.52 106.56 14.75
N PRO E 953 38.32 107.33 13.99
CA PRO E 953 38.05 107.48 12.57
C PRO E 953 38.06 106.16 11.77
N ILE E 954 37.31 106.15 10.67
CA ILE E 954 37.63 105.30 9.50
C ILE E 954 38.77 106.01 8.75
N LYS E 955 39.78 105.32 8.20
CA LYS E 955 40.97 105.92 7.57
C LYS E 955 41.38 105.23 6.26
N ASP E 956 42.03 106.00 5.37
CA ASP E 956 42.17 105.75 3.92
C ASP E 956 40.84 105.33 3.28
N VAL E 957 39.80 106.10 3.62
CA VAL E 957 38.39 105.82 3.34
C VAL E 957 38.13 105.73 1.83
N SER E 958 38.74 106.64 1.07
CA SER E 958 38.92 106.61 -0.40
C SER E 958 37.64 106.33 -1.20
N ALA E 959 36.56 107.03 -0.80
CA ALA E 959 35.19 106.82 -1.23
C ALA E 959 34.48 108.16 -1.51
N ASP E 960 34.01 108.38 -2.73
CA ASP E 960 33.26 109.58 -3.11
C ASP E 960 31.80 109.62 -2.59
N ARG E 961 31.30 108.57 -1.93
CA ARG E 961 29.91 108.47 -1.44
C ARG E 961 29.83 107.83 -0.06
N ILE E 962 28.69 107.99 0.63
CA ILE E 962 28.47 107.56 2.03
C ILE E 962 27.03 107.14 2.33
N VAL E 963 26.86 106.38 3.41
CA VAL E 963 25.56 105.98 3.98
C VAL E 963 25.71 106.00 5.50
N LEU E 964 24.66 106.42 6.23
CA LEU E 964 24.48 105.92 7.58
C LEU E 964 23.38 104.87 7.54
N MET E 965 23.79 103.67 7.96
CA MET E 965 22.91 102.59 8.40
C MET E 965 23.51 102.03 9.69
N SER E 966 23.58 102.90 10.70
CA SER E 966 23.68 102.48 12.08
C SER E 966 22.28 102.06 12.56
N THR E 967 22.14 101.51 13.76
CA THR E 967 20.78 101.27 14.30
C THR E 967 20.75 101.38 15.82
N TYR E 968 19.64 101.92 16.32
CA TYR E 968 19.38 102.24 17.71
C TYR E 968 17.88 102.45 17.87
N LEU E 969 17.38 102.42 19.10
CA LEU E 969 16.14 103.12 19.44
C LEU E 969 16.54 104.43 20.11
N THR E 970 15.97 105.55 19.70
CA THR E 970 15.75 106.71 20.56
C THR E 970 14.33 106.58 21.15
N PRO E 971 14.16 106.18 22.42
CA PRO E 971 12.91 106.39 23.13
C PRO E 971 12.43 107.85 23.02
N GLU E 972 11.18 108.09 23.36
CA GLU E 972 10.69 109.42 23.70
C GLU E 972 11.59 110.10 24.75
N ARG E 973 11.71 111.42 24.74
CA ARG E 973 12.69 112.15 25.61
C ARG E 973 14.15 111.71 25.41
N THR E 974 14.49 111.26 24.22
CA THR E 974 15.87 110.96 23.82
C THR E 974 16.09 111.40 22.38
N GLY E 975 17.35 111.43 21.97
CA GLY E 975 17.77 111.80 20.61
C GLY E 975 19.11 111.17 20.30
N CYS E 976 19.35 110.83 19.03
CA CYS E 976 20.59 110.24 18.56
C CYS E 976 21.03 111.06 17.35
N THR E 977 21.74 112.17 17.58
CA THR E 977 22.37 112.87 16.48
C THR E 977 23.53 112.05 15.98
N TRP E 978 23.74 112.07 14.66
CA TRP E 978 24.82 111.32 14.04
C TRP E 978 25.68 112.28 13.22
N GLU E 979 27.00 112.28 13.41
CA GLU E 979 27.94 113.21 12.79
C GLU E 979 29.27 112.56 12.38
N MET E 980 29.95 113.25 11.48
CA MET E 980 31.34 113.04 11.10
C MET E 980 32.13 114.35 11.13
N LYS E 981 33.44 114.21 11.22
CA LYS E 981 34.43 115.18 10.80
C LYS E 981 35.12 114.47 9.64
N LEU E 982 34.88 114.93 8.42
CA LEU E 982 35.41 114.33 7.19
C LEU E 982 36.72 114.99 6.73
N ILE E 983 37.85 114.33 6.97
CA ILE E 983 39.07 114.55 6.22
C ILE E 983 38.90 113.84 4.87
N LEU E 984 39.22 114.48 3.75
CA LEU E 984 39.00 113.92 2.41
C LEU E 984 40.32 113.57 1.71
N ASP E 985 40.28 112.57 0.84
CA ASP E 985 41.29 112.40 -0.21
C ASP E 985 41.23 113.59 -1.19
N ASP E 986 40.10 114.27 -1.27
CA ASP E 986 40.01 115.60 -1.88
C ASP E 986 40.83 116.68 -1.13
N MET E 987 41.09 116.52 0.19
CA MET E 987 41.63 117.59 1.06
C MET E 987 43.15 117.68 1.11
N ALA E 988 43.62 118.85 1.59
CA ALA E 988 45.01 119.10 1.97
C ALA E 988 45.44 118.37 3.28
N SER E 989 46.73 118.49 3.60
CA SER E 989 47.41 117.72 4.65
C SER E 989 47.15 118.21 6.07
N SER E 990 47.16 119.52 6.31
CA SER E 990 46.92 120.08 7.65
C SER E 990 45.45 119.99 8.09
N THR E 991 44.53 119.83 7.11
CA THR E 991 43.09 119.65 7.45
C THR E 991 42.97 118.56 8.51
N THR E 992 42.44 118.90 9.69
CA THR E 992 42.34 117.92 10.81
C THR E 992 40.93 117.98 11.40
N PHE E 993 40.46 116.87 11.99
CA PHE E 993 39.12 116.86 12.64
C PHE E 993 38.97 118.11 13.51
N ASP E 994 40.06 118.56 14.14
CA ASP E 994 40.06 119.82 14.89
C ASP E 994 39.58 121.02 14.05
N GLN E 995 39.89 121.06 12.75
CA GLN E 995 39.40 122.11 11.85
C GLN E 995 38.01 121.79 11.30
N LEU E 996 37.70 120.51 11.16
CA LEU E 996 36.39 120.01 10.74
C LEU E 996 35.35 120.22 11.86
N LYS E 997 34.07 120.27 11.50
CA LYS E 997 32.94 120.41 12.45
C LYS E 997 32.24 119.06 12.55
N TRP E 998 31.41 118.89 13.58
CA TRP E 998 30.53 117.73 13.61
C TRP E 998 29.40 117.85 12.59
N GLU E 999 29.73 117.46 11.37
CA GLU E 999 28.92 117.42 10.17
C GLU E 999 27.92 116.25 10.27
N PRO E 1000 26.60 116.50 10.43
CA PRO E 1000 25.65 115.42 10.68
C PRO E 1000 25.33 114.56 9.43
N ILE E 1001 24.89 113.30 9.64
CA ILE E 1001 24.43 112.33 8.61
C ILE E 1001 23.09 111.68 8.99
N GLY E 1002 22.20 111.53 8.01
CA GLY E 1002 20.88 110.88 8.16
C GLY E 1002 20.92 109.36 7.93
N ASN E 1003 20.21 108.63 8.78
CA ASN E 1003 20.17 107.16 8.78
C ASN E 1003 19.24 106.61 7.69
N TYR E 1004 19.48 105.38 7.26
CA TYR E 1004 18.63 104.66 6.28
C TYR E 1004 18.35 105.45 5.01
N GLN E 1005 19.32 106.28 4.61
CA GLN E 1005 19.24 107.14 3.44
C GLN E 1005 20.67 107.35 2.90
N ASP E 1006 20.84 107.46 1.58
CA ASP E 1006 22.16 107.65 0.95
C ASP E 1006 22.72 109.06 1.26
N LEU E 1007 24.04 109.27 1.17
CA LEU E 1007 24.67 110.58 1.21
C LEU E 1007 25.97 110.64 0.36
N ASP E 1008 26.40 111.82 -0.09
CA ASP E 1008 27.52 111.99 -1.04
C ASP E 1008 28.77 112.59 -0.35
N VAL E 1009 29.97 112.18 -0.77
CA VAL E 1009 31.23 112.89 -0.48
C VAL E 1009 31.66 113.79 -1.68
N LEU E 1010 31.12 113.53 -2.88
CA LEU E 1010 31.41 114.24 -4.13
C LEU E 1010 32.92 114.30 -4.42
N GLY E 1011 33.57 113.16 -4.26
CA GLY E 1011 35.01 113.01 -4.28
C GLY E 1011 35.51 112.44 -2.96
N LEU E 1012 36.66 111.78 -3.03
CA LEU E 1012 36.95 110.72 -2.07
C LEU E 1012 37.19 111.25 -0.65
N ALA E 1013 36.61 110.58 0.34
CA ALA E 1013 37.00 110.71 1.74
C ALA E 1013 38.44 110.18 1.96
N ARG E 1014 39.10 110.52 3.08
CA ARG E 1014 40.29 109.78 3.55
C ARG E 1014 40.37 109.53 5.04
N GLN E 1015 39.80 110.36 5.90
CA GLN E 1015 39.44 109.91 7.24
C GLN E 1015 38.07 110.44 7.62
N VAL E 1016 37.23 109.61 8.22
CA VAL E 1016 35.96 110.05 8.82
C VAL E 1016 36.11 109.87 10.32
N LYS E 1017 36.46 110.91 11.10
CA LYS E 1017 36.20 110.81 12.54
C LYS E 1017 34.70 110.95 12.69
N LEU E 1018 34.11 110.23 13.63
CA LEU E 1018 32.66 110.21 13.77
C LEU E 1018 32.29 110.49 15.22
N ARG E 1019 31.15 111.13 15.45
CA ARG E 1019 30.49 111.05 16.74
C ARG E 1019 29.00 111.01 16.52
N ALA E 1020 28.32 110.13 17.26
CA ALA E 1020 26.91 110.33 17.52
C ALA E 1020 26.78 111.11 18.84
N THR E 1021 25.95 112.14 18.92
CA THR E 1021 25.60 112.73 20.23
C THR E 1021 24.26 112.21 20.65
N PHE E 1022 24.17 111.63 21.84
CA PHE E 1022 22.87 111.35 22.43
C PHE E 1022 22.34 112.57 23.17
N GLU E 1023 21.02 112.67 23.18
CA GLU E 1023 20.23 113.43 24.14
C GLU E 1023 19.36 112.41 24.89
N SER E 1024 19.03 112.65 26.15
CA SER E 1024 18.53 111.64 27.08
C SER E 1024 17.66 112.27 28.17
N ASN E 1025 17.24 111.47 29.13
CA ASN E 1025 16.53 111.89 30.35
C ASN E 1025 17.08 111.10 31.55
N ARG E 1026 16.69 111.43 32.79
CA ARG E 1026 17.24 110.81 34.01
C ARG E 1026 17.27 109.27 34.02
N TYR E 1027 16.33 108.58 33.40
CA TYR E 1027 16.15 107.12 33.53
C TYR E 1027 16.27 106.34 32.22
N ILE E 1028 16.29 107.04 31.08
CA ILE E 1028 16.25 106.47 29.72
C ILE E 1028 17.13 107.31 28.77
N SER E 1029 17.72 106.64 27.78
CA SER E 1029 18.69 107.17 26.81
C SER E 1029 18.52 106.39 25.49
N PRO E 1030 18.96 106.87 24.33
CA PRO E 1030 19.03 106.01 23.17
C PRO E 1030 19.92 104.80 23.47
N LEU E 1031 19.71 103.72 22.73
CA LEU E 1031 20.48 102.50 22.86
C LEU E 1031 20.88 102.03 21.46
N MET E 1032 22.16 102.18 21.10
CA MET E 1032 22.72 101.84 19.77
C MET E 1032 23.64 100.61 19.82
N SER E 1033 23.41 99.55 19.03
CA SER E 1033 24.39 98.45 19.00
C SER E 1033 25.61 98.81 18.16
N SER E 1034 26.78 98.57 18.73
CA SER E 1034 28.09 98.56 18.07
C SER E 1034 28.21 97.55 16.91
N SER E 1035 27.19 96.72 16.66
CA SER E 1035 27.05 95.96 15.39
C SER E 1035 25.70 96.13 14.66
N ASP E 1036 24.77 96.90 15.17
CA ASP E 1036 23.76 97.59 14.35
C ASP E 1036 24.41 98.67 13.46
N LEU E 1037 25.61 99.08 13.85
CA LEU E 1037 26.38 100.26 13.46
C LEU E 1037 26.99 100.19 12.05
N THR E 1038 26.55 101.01 11.08
CA THR E 1038 27.42 101.42 9.98
C THR E 1038 27.38 102.89 9.67
N PHE E 1039 28.57 103.44 9.46
CA PHE E 1039 28.80 104.58 8.61
C PHE E 1039 29.45 103.98 7.36
N THR E 1040 28.62 103.60 6.40
CA THR E 1040 29.09 102.97 5.17
C THR E 1040 29.60 104.05 4.20
N THR E 1041 30.48 103.66 3.29
CA THR E 1041 31.11 104.53 2.29
C THR E 1041 31.05 103.83 0.93
N PHE E 1042 31.31 104.53 -0.18
CA PHE E 1042 31.41 103.97 -1.53
C PHE E 1042 32.42 104.73 -2.41
N LEU E 1043 33.10 104.01 -3.30
CA LEU E 1043 33.73 104.58 -4.49
C LEU E 1043 32.82 104.33 -5.70
N THR E 1044 32.70 105.25 -6.65
CA THR E 1044 32.03 104.98 -7.93
C THR E 1044 33.04 104.62 -9.03
N GLU E 1045 32.64 103.84 -10.03
CA GLU E 1045 33.51 103.48 -11.17
C GLU E 1045 33.63 104.63 -12.21
N LEU E 1046 34.68 104.65 -13.04
CA LEU E 1046 34.80 105.66 -14.10
C LEU E 1046 34.16 105.26 -15.45
N THR E 1047 33.90 103.97 -15.68
CA THR E 1047 33.18 103.48 -16.87
C THR E 1047 32.37 102.23 -16.57
N GLY E 1048 31.25 102.06 -17.24
CA GLY E 1048 30.28 101.00 -16.93
C GLY E 1048 29.01 101.19 -17.76
N SER E 1049 29.00 100.64 -18.97
CA SER E 1049 27.97 100.94 -19.96
C SER E 1049 26.58 100.42 -19.54
N TYR E 1050 25.52 101.04 -20.04
CA TYR E 1050 24.29 100.29 -20.25
C TYR E 1050 24.39 99.67 -21.63
N VAL E 1051 24.94 98.47 -21.70
CA VAL E 1051 24.78 97.69 -22.92
C VAL E 1051 23.37 97.10 -22.87
N GLY E 1052 22.46 97.47 -23.77
CA GLY E 1052 21.17 96.78 -23.88
C GLY E 1052 21.37 95.38 -24.46
N ARG E 1053 20.50 94.41 -24.21
CA ARG E 1053 20.61 93.05 -24.79
C ARG E 1053 20.32 93.05 -26.29
N ALA E 1054 20.75 91.98 -26.95
CA ALA E 1054 20.51 91.79 -28.37
C ALA E 1054 19.00 91.67 -28.63
N ILE E 1055 18.58 92.24 -29.75
CA ILE E 1055 17.19 92.43 -30.14
C ILE E 1055 16.95 91.68 -31.45
N ASP E 1056 16.00 90.74 -31.46
CA ASP E 1056 15.53 90.17 -32.72
C ASP E 1056 14.70 91.22 -33.47
N MET E 1057 14.88 91.26 -34.77
CA MET E 1057 14.10 92.07 -35.69
C MET E 1057 13.63 91.28 -36.89
N THR E 1058 13.78 89.96 -36.90
CA THR E 1058 13.31 89.09 -37.97
C THR E 1058 11.80 89.26 -38.18
N GLU E 1059 11.09 89.63 -37.12
CA GLU E 1059 9.68 90.02 -37.06
C GLU E 1059 9.34 91.30 -37.87
N ALA E 1060 10.31 92.19 -38.07
CA ALA E 1060 10.16 93.47 -38.77
C ALA E 1060 11.54 94.04 -39.18
N PRO E 1061 12.28 93.42 -40.10
CA PRO E 1061 13.68 93.78 -40.35
C PRO E 1061 13.86 95.27 -40.65
N TYR E 1062 14.96 95.85 -40.18
CA TYR E 1062 15.13 97.28 -40.11
C TYR E 1062 16.31 97.73 -40.96
N ASN E 1063 16.11 98.67 -41.86
CA ASN E 1063 17.24 99.37 -42.48
C ASN E 1063 17.73 100.53 -41.58
N THR E 1064 16.90 101.00 -40.65
CA THR E 1064 17.07 102.23 -39.89
C THR E 1064 16.86 102.01 -38.39
N VAL E 1065 17.50 102.83 -37.55
CA VAL E 1065 17.23 102.92 -36.11
C VAL E 1065 17.12 104.37 -35.73
N ARG E 1066 16.10 104.69 -34.96
CA ARG E 1066 16.01 105.92 -34.17
C ARG E 1066 16.58 105.64 -32.80
N PHE E 1067 17.87 105.85 -32.54
CA PHE E 1067 18.38 105.70 -31.18
C PHE E 1067 18.08 106.93 -30.35
N SER E 1068 16.80 107.16 -30.09
CA SER E 1068 16.37 108.15 -29.11
C SER E 1068 16.62 107.62 -27.69
N TYR E 1069 17.20 108.45 -26.81
CA TYR E 1069 17.48 108.11 -25.42
C TYR E 1069 17.57 109.37 -24.56
N GLU E 1070 17.59 109.22 -23.23
CA GLU E 1070 17.63 110.35 -22.30
C GLU E 1070 18.78 110.20 -21.29
N ALA E 1071 19.58 111.26 -21.12
CA ALA E 1071 20.71 111.32 -20.19
C ALA E 1071 21.00 112.74 -19.68
N PHE E 1072 20.91 112.98 -18.37
CA PHE E 1072 21.68 114.07 -17.80
C PHE E 1072 23.12 113.65 -17.63
N LEU E 1073 24.02 114.38 -18.27
CA LEU E 1073 25.45 114.18 -18.11
C LEU E 1073 25.96 115.35 -17.25
N PRO E 1074 26.45 115.14 -16.01
CA PRO E 1074 27.27 116.12 -15.29
C PRO E 1074 28.48 116.56 -16.15
N LYS E 1075 29.12 117.68 -15.76
CA LYS E 1075 30.28 118.27 -16.45
C LYS E 1075 31.25 117.19 -16.93
N GLY E 1076 31.61 117.22 -18.20
CA GLY E 1076 32.58 116.30 -18.83
C GLY E 1076 32.20 114.83 -18.95
N THR E 1077 31.27 114.33 -18.13
CA THR E 1077 30.82 112.93 -18.23
C THR E 1077 30.23 112.68 -19.63
N LYS E 1078 30.22 111.41 -20.06
CA LYS E 1078 29.71 111.01 -21.37
C LYS E 1078 28.82 109.78 -21.32
N VAL E 1079 27.98 109.69 -22.32
CA VAL E 1079 27.47 108.45 -22.89
C VAL E 1079 28.02 108.45 -24.31
N VAL E 1080 28.50 107.30 -24.81
CA VAL E 1080 28.57 107.11 -26.26
C VAL E 1080 27.32 106.33 -26.68
N PRO E 1081 26.45 106.86 -27.54
CA PRO E 1081 25.33 106.10 -28.05
C PRO E 1081 25.85 105.17 -29.16
N LYS E 1082 25.53 103.87 -29.10
CA LYS E 1082 26.07 102.87 -30.04
C LYS E 1082 25.06 101.80 -30.45
N TYR E 1083 25.27 101.25 -31.64
CA TYR E 1083 24.68 99.98 -32.09
C TYR E 1083 25.78 98.97 -32.33
N SER E 1084 25.41 97.72 -32.25
CA SER E 1084 26.13 96.63 -32.86
C SER E 1084 25.03 95.83 -33.52
N ALA E 1085 24.64 96.23 -34.73
CA ALA E 1085 23.64 95.52 -35.51
C ALA E 1085 23.98 94.03 -35.65
N ASP E 1086 25.27 93.74 -35.68
CA ASP E 1086 25.88 92.45 -35.39
C ASP E 1086 25.80 92.10 -33.90
N ASP E 1087 24.59 92.10 -33.33
CA ASP E 1087 24.23 91.65 -31.99
C ASP E 1087 25.34 91.75 -30.91
N GLY E 1088 25.86 92.95 -30.71
CA GLY E 1088 26.82 93.23 -29.65
C GLY E 1088 28.23 92.70 -29.91
N LYS E 1089 28.58 92.41 -31.17
CA LYS E 1089 29.96 92.34 -31.66
C LYS E 1089 30.57 93.75 -31.82
N THR E 1090 30.62 94.31 -33.03
CA THR E 1090 31.25 95.63 -33.25
C THR E 1090 30.34 96.76 -32.80
N TRP E 1091 30.71 97.39 -31.71
CA TRP E 1091 30.00 98.52 -31.17
C TRP E 1091 30.33 99.80 -31.93
N LYS E 1092 29.55 99.98 -33.00
CA LYS E 1092 29.49 101.12 -33.91
C LYS E 1092 28.84 102.31 -33.18
N THR E 1093 29.50 103.45 -33.08
CA THR E 1093 28.80 104.67 -32.64
C THR E 1093 27.74 105.03 -33.69
N PHE E 1094 26.56 105.51 -33.25
CA PHE E 1094 25.52 105.97 -34.18
C PHE E 1094 26.06 107.10 -35.06
N THR E 1095 26.31 106.77 -36.33
CA THR E 1095 26.98 107.61 -37.32
C THR E 1095 26.15 108.85 -37.68
N LYS E 1096 24.84 108.84 -37.40
CA LYS E 1096 23.94 109.99 -37.59
C LYS E 1096 23.66 110.57 -36.21
N SER E 1097 23.86 111.88 -36.04
CA SER E 1097 23.85 112.51 -34.70
C SER E 1097 22.47 112.59 -34.04
N PRO E 1098 22.41 112.57 -32.69
CA PRO E 1098 21.16 112.76 -31.94
C PRO E 1098 20.65 114.21 -31.98
N THR E 1099 19.34 114.41 -32.08
CA THR E 1099 18.73 115.70 -31.73
C THR E 1099 18.77 115.85 -30.23
N THR E 1100 19.73 116.62 -29.73
CA THR E 1100 20.01 116.75 -28.30
C THR E 1100 19.06 117.77 -27.62
N THR E 1101 17.75 117.54 -27.68
CA THR E 1101 16.70 118.40 -27.07
C THR E 1101 16.75 118.33 -25.54
N ARG E 1102 16.53 119.41 -24.78
CA ARG E 1102 16.30 119.25 -23.32
C ARG E 1102 15.01 118.46 -23.10
N ALA E 1103 15.09 117.46 -22.24
CA ALA E 1103 14.05 116.47 -22.04
C ALA E 1103 12.93 116.98 -21.14
N ASN E 1104 13.32 117.65 -20.06
CA ASN E 1104 12.51 118.14 -18.96
C ASN E 1104 13.31 119.21 -18.19
N ASN E 1105 12.90 119.55 -16.98
CA ASN E 1105 13.67 120.31 -16.00
C ASN E 1105 14.91 119.56 -15.41
N GLU E 1106 15.62 118.76 -16.20
CA GLU E 1106 17.05 118.44 -16.02
C GLU E 1106 17.73 117.87 -17.28
N PHE E 1107 17.26 116.70 -17.73
CA PHE E 1107 17.93 115.80 -18.67
C PHE E 1107 17.99 116.37 -20.11
N THR E 1108 18.87 115.80 -20.93
CA THR E 1108 18.84 115.88 -22.40
C THR E 1108 18.25 114.61 -22.97
N ARG E 1109 17.43 114.71 -24.00
CA ARG E 1109 16.97 113.63 -24.87
C ARG E 1109 17.70 113.76 -26.19
N TYR E 1110 18.09 112.64 -26.77
CA TYR E 1110 19.12 112.55 -27.79
C TYR E 1110 18.55 111.74 -28.95
N VAL E 1111 17.79 112.36 -29.84
CA VAL E 1111 17.05 111.62 -30.88
C VAL E 1111 17.97 111.29 -32.08
N ILE E 1112 18.80 110.23 -32.02
CA ILE E 1112 19.42 109.69 -33.24
C ILE E 1112 18.31 109.22 -34.16
N ASP E 1113 18.47 109.41 -35.46
CA ASP E 1113 17.82 108.56 -36.45
C ASP E 1113 18.78 108.25 -37.62
N GLU E 1114 18.85 106.99 -38.07
CA GLU E 1114 20.03 106.47 -38.78
C GLU E 1114 19.73 105.24 -39.65
N LYS E 1115 20.06 105.23 -40.95
CA LYS E 1115 19.98 104.02 -41.80
C LYS E 1115 21.12 103.02 -41.51
N VAL E 1116 21.06 102.41 -40.33
CA VAL E 1116 22.04 101.47 -39.76
C VAL E 1116 22.36 100.26 -40.64
N LYS E 1117 21.42 99.73 -41.43
CA LYS E 1117 21.71 98.90 -42.61
C LYS E 1117 21.44 99.78 -43.83
N SER E 1118 22.50 100.29 -44.43
CA SER E 1118 22.41 101.14 -45.62
C SER E 1118 21.76 100.44 -46.83
N SER E 1119 21.64 99.12 -46.77
CA SER E 1119 21.54 98.20 -47.89
C SER E 1119 20.58 97.05 -47.56
N GLY E 1120 19.29 97.29 -47.79
CA GLY E 1120 18.21 96.45 -47.26
C GLY E 1120 18.13 96.51 -45.75
N THR E 1121 17.79 95.40 -45.10
CA THR E 1121 17.51 95.40 -43.66
C THR E 1121 18.49 94.52 -42.88
N ASN E 1122 18.80 94.96 -41.66
CA ASN E 1122 19.22 94.10 -40.57
C ASN E 1122 18.00 93.30 -40.08
N THR E 1123 18.13 92.00 -39.89
CA THR E 1123 17.13 91.18 -39.20
C THR E 1123 17.44 91.03 -37.70
N LYS E 1124 18.56 91.54 -37.20
CA LYS E 1124 18.96 91.39 -35.78
C LYS E 1124 19.91 92.51 -35.32
N LEU E 1125 20.09 92.72 -34.01
CA LEU E 1125 20.65 93.96 -33.44
C LEU E 1125 21.17 93.82 -31.99
N GLN E 1126 21.94 94.82 -31.55
CA GLN E 1126 22.09 95.23 -30.16
C GLN E 1126 22.28 96.77 -30.09
N VAL E 1127 21.87 97.45 -29.01
CA VAL E 1127 22.06 98.92 -28.82
C VAL E 1127 22.46 99.32 -27.38
N ARG E 1128 23.15 100.47 -27.21
CA ARG E 1128 24.03 100.72 -26.05
C ARG E 1128 24.27 102.21 -25.71
N LEU E 1129 24.55 102.46 -24.43
CA LEU E 1129 24.99 103.75 -23.85
C LEU E 1129 26.30 103.55 -23.07
N ASP E 1130 27.43 104.09 -23.56
CA ASP E 1130 28.70 103.94 -22.84
C ASP E 1130 28.88 105.03 -21.80
N LEU E 1131 28.23 104.84 -20.65
CA LEU E 1131 28.45 105.69 -19.49
C LEU E 1131 29.95 105.72 -19.11
N SER E 1132 30.52 106.91 -19.00
CA SER E 1132 31.95 107.13 -18.82
C SER E 1132 32.24 108.52 -18.25
N THR E 1133 33.32 108.68 -17.50
CA THR E 1133 33.62 109.93 -16.79
C THR E 1133 35.11 110.09 -16.50
N GLU E 1134 35.50 111.32 -16.16
CA GLU E 1134 36.81 111.68 -15.64
C GLU E 1134 37.00 111.27 -14.17
N ASN E 1135 35.96 111.38 -13.32
CA ASN E 1135 36.05 111.06 -11.90
C ASN E 1135 34.76 110.47 -11.34
N SER E 1136 34.88 109.76 -10.21
CA SER E 1136 33.82 108.95 -9.60
C SER E 1136 32.69 109.76 -8.95
N PHE E 1137 32.61 111.06 -9.20
CA PHE E 1137 31.63 111.96 -8.61
C PHE E 1137 31.03 112.91 -9.64
N LEU E 1138 31.64 113.08 -10.80
CA LEU E 1138 30.96 113.42 -12.05
C LEU E 1138 30.34 112.12 -12.58
N ARG E 1139 29.10 111.83 -12.23
CA ARG E 1139 28.45 110.54 -12.52
C ARG E 1139 27.36 110.69 -13.60
N PRO E 1140 27.55 110.20 -14.83
CA PRO E 1140 26.55 110.31 -15.91
C PRO E 1140 25.26 109.57 -15.51
N ARG E 1141 24.09 110.11 -15.84
CA ARG E 1141 22.79 109.58 -15.40
C ARG E 1141 21.82 109.37 -16.54
N VAL E 1142 21.09 108.26 -16.54
CA VAL E 1142 20.42 107.72 -17.75
C VAL E 1142 19.04 107.17 -17.48
N ARG E 1143 18.12 107.34 -18.44
CA ARG E 1143 16.73 106.86 -18.42
C ARG E 1143 16.06 106.90 -19.81
N ARG E 1144 14.81 106.42 -19.92
CA ARG E 1144 13.89 106.65 -21.06
C ARG E 1144 14.45 106.33 -22.45
N LEU E 1145 15.08 105.18 -22.61
CA LEU E 1145 15.59 104.75 -23.90
C LEU E 1145 14.40 104.44 -24.85
N MET E 1146 14.40 104.95 -26.09
CA MET E 1146 13.25 105.03 -27.02
C MET E 1146 13.61 104.56 -28.43
N VAL E 1147 14.06 103.33 -28.61
CA VAL E 1147 14.77 102.94 -29.84
C VAL E 1147 13.84 102.24 -30.83
N THR E 1148 13.11 102.96 -31.69
CA THR E 1148 12.51 102.31 -32.86
C THR E 1148 13.64 101.82 -33.74
N THR E 1149 13.60 100.53 -34.01
CA THR E 1149 14.15 100.00 -35.26
C THR E 1149 13.11 100.43 -36.32
N ARG E 1150 13.58 100.66 -37.53
CA ARG E 1150 12.89 101.40 -38.57
C ARG E 1150 13.26 100.87 -39.95
N ASP E 1151 12.45 101.13 -40.95
CA ASP E 1151 12.77 100.65 -42.28
C ASP E 1151 12.34 101.65 -43.33
N GLU E 1152 13.22 102.63 -43.51
CA GLU E 1152 13.04 103.92 -44.20
C GLU E 1152 14.34 104.34 -44.88
N MET F 1 -66.80 25.77 103.42
CA MET F 1 -66.28 26.35 104.69
C MET F 1 -67.24 27.44 105.21
N ALA F 2 -67.37 27.63 106.54
CA ALA F 2 -68.19 28.72 107.15
C ALA F 2 -68.00 28.93 108.68
N LEU F 3 -67.70 30.17 109.11
CA LEU F 3 -67.67 30.57 110.52
C LEU F 3 -69.09 30.58 111.13
N ASN F 4 -69.23 30.18 112.41
CA ASN F 4 -70.41 30.47 113.23
C ASN F 4 -70.08 31.65 114.19
N PHE F 5 -70.75 32.79 114.02
CA PHE F 5 -70.47 34.03 114.76
C PHE F 5 -71.76 34.76 115.17
N THR F 6 -71.83 35.27 116.41
CA THR F 6 -72.95 36.11 116.90
C THR F 6 -72.43 37.45 117.42
N THR F 7 -72.95 38.56 116.87
CA THR F 7 -72.46 39.92 117.19
C THR F 7 -72.61 40.23 118.66
N ILE F 8 -71.56 40.79 119.25
CA ILE F 8 -71.44 41.08 120.67
C ILE F 8 -71.82 42.54 120.95
N THR F 9 -72.86 42.76 121.75
CA THR F 9 -73.36 44.07 122.14
C THR F 9 -72.71 44.53 123.45
N GLU F 10 -72.77 45.82 123.78
CA GLU F 10 -72.23 46.40 125.03
C GLU F 10 -72.78 45.78 126.31
N ASN F 11 -73.97 45.18 126.23
CA ASN F 11 -74.62 44.47 127.33
C ASN F 11 -74.06 43.06 127.57
N ASN F 12 -73.30 42.48 126.63
CA ASN F 12 -72.71 41.15 126.78
C ASN F 12 -71.53 41.16 127.77
N VAL F 13 -71.51 40.18 128.67
CA VAL F 13 -70.40 39.99 129.61
C VAL F 13 -69.18 39.38 128.91
N ILE F 14 -68.04 39.39 129.61
CA ILE F 14 -66.76 38.93 129.07
C ILE F 14 -66.79 37.46 128.58
N ARG F 15 -67.56 36.58 129.25
CA ARG F 15 -67.83 35.20 128.83
C ARG F 15 -68.35 35.08 127.39
N ASP F 16 -69.29 35.94 127.00
CA ASP F 16 -69.86 35.91 125.65
C ASP F 16 -68.80 36.27 124.60
N LEU F 17 -67.99 37.29 124.90
CA LEU F 17 -66.88 37.75 124.07
C LEU F 17 -65.84 36.64 123.90
N THR F 18 -65.51 35.96 124.99
CA THR F 18 -64.69 34.75 125.02
C THR F 18 -65.24 33.62 124.14
N THR F 19 -66.54 33.33 124.18
CA THR F 19 -67.16 32.29 123.32
C THR F 19 -67.00 32.60 121.83
N GLN F 20 -67.23 33.86 121.41
CA GLN F 20 -67.07 34.24 120.00
C GLN F 20 -65.61 34.20 119.53
N VAL F 21 -64.68 34.69 120.35
CA VAL F 21 -63.25 34.60 120.03
C VAL F 21 -62.85 33.13 119.88
N ASN F 22 -63.29 32.24 120.77
CA ASN F 22 -63.04 30.81 120.60
C ASN F 22 -63.61 30.27 119.27
N ASN F 23 -64.83 30.67 118.87
CA ASN F 23 -65.43 30.22 117.59
C ASN F 23 -64.56 30.62 116.40
N ILE F 24 -64.16 31.89 116.33
CA ILE F 24 -63.29 32.42 115.27
C ILE F 24 -61.94 31.69 115.25
N GLY F 25 -61.33 31.51 116.42
CA GLY F 25 -60.07 30.81 116.54
C GLY F 25 -60.17 29.36 116.05
N GLU F 26 -61.19 28.61 116.48
CA GLU F 26 -61.35 27.22 116.09
C GLU F 26 -61.59 27.07 114.56
N GLU F 27 -62.49 27.83 113.92
CA GLU F 27 -62.72 27.76 112.45
C GLU F 27 -61.44 28.07 111.66
N LEU F 28 -60.67 29.07 112.10
CA LEU F 28 -59.42 29.47 111.43
C LEU F 28 -58.23 28.56 111.78
N THR F 29 -58.38 27.56 112.65
CA THR F 29 -57.29 26.65 113.03
C THR F 29 -57.57 25.15 112.90
N LYS F 30 -58.79 24.76 112.56
CA LYS F 30 -59.13 23.35 112.29
C LYS F 30 -58.29 22.73 111.13
N GLU F 31 -58.29 21.40 110.99
CA GLU F 31 -57.66 20.68 109.85
C GLU F 31 -58.24 21.16 108.51
N ARG F 32 -57.40 21.30 107.46
CA ARG F 32 -57.82 21.86 106.15
C ARG F 32 -58.57 23.21 106.28
N ASN F 33 -58.15 24.08 107.18
CA ASN F 33 -58.73 25.44 107.32
C ASN F 33 -58.54 26.29 106.04
N ILE F 34 -59.20 27.46 105.97
CA ILE F 34 -59.17 28.38 104.82
C ILE F 34 -57.74 28.71 104.33
N PHE F 35 -56.78 28.81 105.24
CA PHE F 35 -55.39 29.06 104.88
C PHE F 35 -54.81 27.88 104.11
N ASP F 36 -54.89 26.66 104.64
CA ASP F 36 -54.36 25.47 103.96
C ASP F 36 -54.92 25.32 102.54
N ILE F 37 -56.25 25.48 102.38
CA ILE F 37 -56.89 25.31 101.07
C ILE F 37 -56.43 26.39 100.11
N THR F 38 -56.21 27.61 100.60
CA THR F 38 -55.69 28.67 99.73
C THR F 38 -54.22 28.42 99.36
N ASP F 39 -53.38 27.90 100.28
CA ASP F 39 -52.00 27.51 99.94
C ASP F 39 -51.95 26.36 98.90
N ASP F 40 -52.88 25.41 98.98
CA ASP F 40 -53.09 24.41 97.92
C ASP F 40 -53.39 25.10 96.58
N LEU F 41 -54.34 26.03 96.52
CA LEU F 41 -54.70 26.72 95.29
C LEU F 41 -53.53 27.48 94.68
N VAL F 42 -52.79 28.26 95.45
CA VAL F 42 -51.62 29.00 94.94
C VAL F 42 -50.62 28.04 94.29
N TYR F 43 -50.29 26.95 94.98
CA TYR F 43 -49.32 25.95 94.50
C TYR F 43 -49.76 25.27 93.21
N ASN F 44 -51.08 25.11 93.04
CA ASN F 44 -51.67 24.67 91.78
C ASN F 44 -51.73 25.77 90.70
N PHE F 45 -52.22 26.97 90.95
CA PHE F 45 -52.42 27.96 89.87
C PHE F 45 -51.09 28.41 89.25
N ASN F 46 -50.01 28.44 90.03
CA ASN F 46 -48.68 28.75 89.52
C ASN F 46 -48.23 27.84 88.35
N LYS F 47 -48.80 26.63 88.24
CA LYS F 47 -48.45 25.60 87.25
C LYS F 47 -49.30 25.62 85.97
N SER F 48 -50.42 26.34 85.97
CA SER F 48 -51.38 26.39 84.85
C SER F 48 -50.89 27.13 83.58
N GLN F 49 -51.65 27.00 82.50
CA GLN F 49 -51.61 27.93 81.38
C GLN F 49 -52.29 29.26 81.77
N LYS F 50 -51.50 30.31 82.01
CA LYS F 50 -52.00 31.54 82.67
C LYS F 50 -52.73 32.54 81.78
N ILE F 51 -52.63 32.47 80.45
CA ILE F 51 -53.45 33.28 79.52
C ILE F 51 -54.07 32.42 78.43
N LYS F 52 -55.19 32.87 77.88
CA LYS F 52 -56.09 32.10 77.02
C LYS F 52 -55.49 31.74 75.65
N LEU F 53 -55.46 30.46 75.30
CA LEU F 53 -55.38 30.02 73.90
C LEU F 53 -56.77 29.86 73.28
N THR F 54 -57.77 29.55 74.10
CA THR F 54 -59.19 29.39 73.74
C THR F 54 -60.03 30.18 74.71
N ASP F 55 -61.29 30.40 74.37
CA ASP F 55 -62.25 30.82 75.39
C ASP F 55 -62.47 29.72 76.44
N ASP F 56 -63.24 30.06 77.48
CA ASP F 56 -63.53 29.22 78.64
C ASP F 56 -64.40 27.97 78.32
N LYS F 57 -64.83 27.78 77.07
CA LYS F 57 -65.58 26.60 76.59
C LYS F 57 -64.76 25.75 75.63
N GLY F 58 -63.64 26.28 75.13
CA GLY F 58 -62.76 25.65 74.15
C GLY F 58 -62.74 26.33 72.78
N LEU F 59 -63.55 27.34 72.54
CA LEU F 59 -63.71 27.95 71.21
C LEU F 59 -62.66 29.02 70.94
N THR F 60 -62.61 29.51 69.70
CA THR F 60 -61.75 30.63 69.33
C THR F 60 -62.00 31.85 70.21
N LYS F 61 -60.91 32.57 70.49
CA LYS F 61 -60.84 33.81 71.26
C LYS F 61 -61.47 34.97 70.49
N SER F 62 -61.75 36.06 71.21
CA SER F 62 -62.10 37.36 70.61
C SER F 62 -60.84 38.20 70.26
N TYR F 63 -60.94 39.01 69.20
CA TYR F 63 -59.90 39.97 68.78
C TYR F 63 -60.53 41.34 68.46
N GLY F 64 -59.78 42.40 68.76
CA GLY F 64 -60.10 43.77 68.38
C GLY F 64 -59.79 44.09 66.91
N ASN F 65 -59.86 45.36 66.54
CA ASN F 65 -59.72 45.77 65.14
C ASN F 65 -58.31 45.44 64.60
N ILE F 66 -58.27 44.69 63.50
CA ILE F 66 -57.07 44.42 62.70
C ILE F 66 -57.26 44.89 61.26
N THR F 67 -56.20 45.50 60.74
CA THR F 67 -56.05 45.82 59.33
C THR F 67 -55.47 44.63 58.56
N ALA F 68 -54.66 43.83 59.24
CA ALA F 68 -53.83 42.79 58.65
C ALA F 68 -53.66 41.63 59.65
N LEU F 69 -53.48 40.41 59.14
CA LEU F 69 -53.29 39.20 59.93
C LEU F 69 -52.06 39.33 60.84
N ARG F 70 -51.03 40.04 60.39
CA ARG F 70 -49.83 40.36 61.18
C ARG F 70 -50.12 41.16 62.46
N ASP F 71 -51.28 41.80 62.56
CA ASP F 71 -51.66 42.58 63.73
C ASP F 71 -51.95 41.68 64.93
N ILE F 72 -52.50 40.47 64.72
CA ILE F 72 -52.72 39.51 65.81
C ILE F 72 -51.39 38.86 66.19
N LYS F 73 -50.94 39.15 67.42
CA LYS F 73 -49.64 38.72 67.95
C LYS F 73 -49.72 37.94 69.28
N GLU F 74 -50.91 37.79 69.85
CA GLU F 74 -51.16 36.87 70.98
C GLU F 74 -51.24 35.39 70.55
N PRO F 75 -50.73 34.43 71.36
CA PRO F 75 -50.95 33.01 71.12
C PRO F 75 -52.42 32.64 71.35
N GLY F 76 -52.96 31.79 70.48
CA GLY F 76 -54.35 31.33 70.54
C GLY F 76 -54.99 31.08 69.19
N TYR F 77 -56.28 30.73 69.22
CA TYR F 77 -57.11 30.47 68.05
C TYR F 77 -58.11 31.61 67.84
N TYR F 78 -58.25 32.08 66.61
CA TYR F 78 -59.17 33.16 66.22
C TYR F 78 -59.91 32.77 64.94
N TYR F 79 -61.22 32.98 64.89
CA TYR F 79 -62.02 32.69 63.69
C TYR F 79 -62.02 33.92 62.78
N ILE F 80 -61.86 33.74 61.48
CA ILE F 80 -61.89 34.84 60.51
C ILE F 80 -62.79 34.42 59.34
N GLY F 81 -63.99 35.01 59.28
CA GLY F 81 -64.94 34.76 58.20
C GLY F 81 -64.49 35.34 56.87
N ALA F 82 -65.06 34.84 55.77
CA ALA F 82 -64.69 35.21 54.41
C ALA F 82 -64.78 36.72 54.15
N ARG F 83 -65.86 37.36 54.60
CA ARG F 83 -66.04 38.81 54.42
C ARG F 83 -64.94 39.60 55.09
N THR F 84 -64.50 39.18 56.29
CA THR F 84 -63.34 39.78 56.98
C THR F 84 -62.05 39.53 56.19
N LEU F 85 -61.75 38.25 55.88
CA LEU F 85 -60.50 37.85 55.21
C LEU F 85 -60.21 38.63 53.92
N ALA F 86 -61.23 38.82 53.09
CA ALA F 86 -61.11 39.57 51.84
C ALA F 86 -60.55 40.99 52.02
N THR F 87 -60.76 41.60 53.19
CA THR F 87 -60.33 42.96 53.50
C THR F 87 -58.95 43.07 54.15
N LEU F 88 -58.31 41.96 54.56
CA LEU F 88 -57.06 41.99 55.32
C LEU F 88 -55.83 42.27 54.43
N LEU F 89 -55.04 43.31 54.71
CA LEU F 89 -54.05 43.84 53.76
C LEU F 89 -52.91 42.87 53.37
N ASP F 90 -52.67 41.85 54.19
CA ASP F 90 -51.63 40.82 54.02
C ASP F 90 -52.22 39.41 53.79
N ARG F 91 -53.51 39.29 53.39
CA ARG F 91 -54.16 38.02 53.06
C ARG F 91 -53.43 37.21 51.97
N PRO F 92 -53.56 35.87 51.93
CA PRO F 92 -53.10 35.07 50.80
C PRO F 92 -53.96 35.33 49.54
N ASP F 93 -53.33 35.31 48.35
CA ASP F 93 -54.00 35.39 47.03
C ASP F 93 -54.73 34.09 46.67
N MET F 94 -56.01 34.03 46.98
CA MET F 94 -56.87 32.89 46.67
C MET F 94 -58.34 33.35 46.63
N GLU F 95 -59.23 32.46 46.22
CA GLU F 95 -60.67 32.58 46.51
C GLU F 95 -60.92 32.79 48.03
N SER F 96 -61.74 33.79 48.41
CA SER F 96 -61.99 34.11 49.83
C SER F 96 -62.91 33.09 50.51
N LEU F 97 -62.52 32.61 51.69
CA LEU F 97 -63.15 31.49 52.42
C LEU F 97 -63.18 31.80 53.92
N ASP F 98 -64.04 31.13 54.69
CA ASP F 98 -63.86 31.15 56.15
C ASP F 98 -62.55 30.45 56.53
N VAL F 99 -61.87 30.96 57.56
CA VAL F 99 -60.61 30.41 58.09
C VAL F 99 -60.59 30.48 59.61
N VAL F 100 -59.83 29.58 60.22
CA VAL F 100 -59.26 29.81 61.56
C VAL F 100 -57.84 30.30 61.40
N LEU F 101 -57.45 31.27 62.22
CA LEU F 101 -56.08 31.63 62.47
C LEU F 101 -55.64 30.97 63.78
N HIS F 102 -54.60 30.16 63.73
CA HIS F 102 -53.85 29.78 64.93
C HIS F 102 -52.54 30.55 64.94
N VAL F 103 -52.20 31.12 66.09
CA VAL F 103 -51.00 31.94 66.29
C VAL F 103 -50.01 31.17 67.17
N VAL F 104 -48.75 31.06 66.73
CA VAL F 104 -47.67 30.37 67.44
C VAL F 104 -46.72 31.39 68.07
N PRO F 105 -46.42 31.26 69.37
CA PRO F 105 -45.54 32.19 70.08
C PRO F 105 -44.06 31.95 69.76
N LEU F 106 -43.24 32.98 69.85
CA LEU F 106 -41.79 32.99 69.57
C LEU F 106 -40.98 33.52 70.77
N ASP F 107 -39.70 33.87 70.54
CA ASP F 107 -38.86 34.59 71.50
C ASP F 107 -39.43 35.95 71.92
N THR F 108 -40.32 36.53 71.11
CA THR F 108 -40.80 37.90 71.25
C THR F 108 -42.26 38.03 70.83
N SER F 109 -42.93 39.08 71.32
CA SER F 109 -44.32 39.40 71.00
C SER F 109 -44.46 40.13 69.66
N SER F 110 -43.47 40.92 69.26
CA SER F 110 -43.46 41.66 67.98
C SER F 110 -43.34 40.74 66.75
N LYS F 111 -43.09 39.45 66.94
CA LYS F 111 -42.89 38.42 65.91
C LYS F 111 -43.80 37.23 66.19
N VAL F 112 -44.38 36.61 65.16
CA VAL F 112 -45.20 35.40 65.34
C VAL F 112 -45.16 34.51 64.11
N VAL F 113 -45.37 33.20 64.29
CA VAL F 113 -45.71 32.32 63.18
C VAL F 113 -47.21 32.14 63.16
N GLN F 114 -47.79 32.22 61.98
CA GLN F 114 -49.23 32.15 61.75
C GLN F 114 -49.60 30.95 60.87
N HIS F 115 -50.59 30.18 61.31
CA HIS F 115 -51.17 29.09 60.53
C HIS F 115 -52.63 29.41 60.19
N LEU F 116 -52.96 29.30 58.91
CA LEU F 116 -54.31 29.52 58.40
C LEU F 116 -54.86 28.23 57.80
N TYR F 117 -56.03 27.81 58.24
CA TYR F 117 -56.74 26.66 57.71
C TYR F 117 -58.07 27.10 57.14
N THR F 118 -58.27 26.86 55.85
CA THR F 118 -59.52 27.17 55.16
C THR F 118 -60.60 26.17 55.52
N LEU F 119 -61.80 26.69 55.73
CA LEU F 119 -62.97 25.98 56.25
C LEU F 119 -64.02 25.85 55.14
N SER F 120 -63.85 24.83 54.29
CA SER F 120 -64.77 24.48 53.21
C SER F 120 -64.94 22.97 53.12
N THR F 121 -66.16 22.47 52.94
CA THR F 121 -66.45 21.05 52.67
C THR F 121 -66.22 20.68 51.21
N ASN F 122 -65.55 21.53 50.45
CA ASN F 122 -65.12 21.27 49.09
C ASN F 122 -63.60 21.00 49.04
N ASN F 123 -63.19 19.80 48.62
CA ASN F 123 -61.79 19.35 48.63
C ASN F 123 -60.87 20.22 47.76
N ASN F 124 -61.44 20.89 46.77
CA ASN F 124 -60.71 21.73 45.81
C ASN F 124 -60.39 23.12 46.41
N GLN F 125 -61.14 23.52 47.44
CA GLN F 125 -60.93 24.77 48.18
C GLN F 125 -60.09 24.59 49.44
N ILE F 126 -60.28 23.48 50.16
CA ILE F 126 -59.56 23.25 51.40
C ILE F 126 -58.04 23.12 51.16
N LYS F 127 -57.27 23.98 51.83
CA LYS F 127 -55.83 24.26 51.70
C LYS F 127 -55.24 24.56 53.08
N MET F 128 -53.91 24.50 53.18
CA MET F 128 -53.15 24.92 54.36
C MET F 128 -52.17 26.01 53.94
N LEU F 129 -51.99 27.03 54.77
CA LEU F 129 -51.03 28.10 54.53
C LEU F 129 -50.31 28.46 55.83
N TYR F 130 -49.03 28.84 55.75
CA TYR F 130 -48.32 29.39 56.92
C TYR F 130 -47.32 30.47 56.52
N ARG F 131 -46.89 31.27 57.49
CA ARG F 131 -45.80 32.27 57.34
C ARG F 131 -45.15 32.65 58.67
N PHE F 132 -43.96 33.25 58.58
CA PHE F 132 -43.30 33.95 59.67
C PHE F 132 -43.46 35.48 59.55
N VAL F 133 -43.73 36.17 60.67
CA VAL F 133 -43.98 37.62 60.76
C VAL F 133 -42.98 38.26 61.71
N SER F 134 -42.49 39.46 61.38
CA SER F 134 -41.60 40.29 62.22
C SER F 134 -41.90 41.79 62.08
N GLY F 135 -42.35 42.45 63.16
CA GLY F 135 -42.80 43.84 63.09
C GLY F 135 -43.99 43.96 62.13
N ASN F 136 -43.87 44.83 61.13
CA ASN F 136 -44.82 44.90 60.00
C ASN F 136 -44.45 43.95 58.83
N SER F 137 -43.23 43.42 58.75
CA SER F 137 -42.78 42.52 57.67
C SER F 137 -43.16 41.05 57.90
N SER F 138 -43.07 40.23 56.86
CA SER F 138 -43.24 38.78 56.93
C SER F 138 -42.58 38.09 55.73
N SER F 139 -42.48 36.76 55.72
CA SER F 139 -42.44 36.03 54.44
C SER F 139 -43.79 36.14 53.72
N GLU F 140 -43.86 35.78 52.44
CA GLU F 140 -45.12 35.47 51.77
C GLU F 140 -45.84 34.31 52.47
N TRP F 141 -47.15 34.19 52.26
CA TRP F 141 -47.86 32.95 52.59
C TRP F 141 -47.29 31.80 51.76
N GLN F 142 -46.85 30.76 52.46
CA GLN F 142 -46.40 29.53 51.84
C GLN F 142 -47.61 28.60 51.63
N PHE F 143 -47.99 28.37 50.37
CA PHE F 143 -48.97 27.34 50.03
C PHE F 143 -48.31 25.96 50.11
N ILE F 144 -48.99 25.00 50.72
CA ILE F 144 -48.47 23.64 50.89
C ILE F 144 -49.30 22.65 50.09
N GLN F 145 -48.65 21.90 49.21
CA GLN F 145 -49.37 20.98 48.32
C GLN F 145 -49.72 19.69 49.03
N GLY F 146 -50.86 19.14 48.68
CA GLY F 146 -51.41 17.93 49.28
C GLY F 146 -52.29 17.12 48.34
N LEU F 147 -52.54 15.87 48.68
CA LEU F 147 -53.30 14.94 47.88
C LEU F 147 -54.66 14.67 48.56
N PRO F 148 -55.81 15.07 47.99
CA PRO F 148 -57.11 14.71 48.52
C PRO F 148 -57.31 13.20 48.43
N SER F 149 -57.71 12.55 49.52
CA SER F 149 -57.84 11.09 49.57
C SER F 149 -56.60 10.37 49.03
N ASN F 150 -55.41 10.93 49.29
CA ASN F 150 -54.14 10.43 48.78
C ASN F 150 -54.01 10.38 47.25
N LYS F 151 -54.92 10.99 46.47
CA LYS F 151 -54.86 11.03 45.01
C LYS F 151 -54.50 12.41 44.49
N ASN F 152 -54.00 12.47 43.26
CA ASN F 152 -53.94 13.73 42.52
C ASN F 152 -55.35 14.27 42.29
N ALA F 153 -55.54 15.58 42.43
CA ALA F 153 -56.86 16.20 42.31
C ALA F 153 -57.44 16.10 40.89
N VAL F 154 -58.77 16.11 40.80
CA VAL F 154 -59.54 15.98 39.55
C VAL F 154 -60.18 17.33 39.21
N ILE F 155 -59.95 17.85 38.01
CA ILE F 155 -60.51 19.13 37.55
C ILE F 155 -61.25 18.91 36.22
N SER F 156 -62.38 19.58 36.04
CA SER F 156 -63.28 19.35 34.89
C SER F 156 -64.16 20.55 34.56
N GLY F 157 -64.80 20.53 33.38
CA GLY F 157 -65.78 21.53 32.96
C GLY F 157 -65.20 22.89 32.59
N THR F 158 -63.88 23.00 32.46
CA THR F 158 -63.15 24.26 32.26
C THR F 158 -62.26 24.21 31.02
N ASN F 159 -61.95 25.37 30.45
CA ASN F 159 -60.80 25.50 29.57
C ASN F 159 -59.53 25.14 30.36
N ILE F 160 -58.67 24.29 29.83
CA ILE F 160 -57.45 23.89 30.54
C ILE F 160 -56.49 25.08 30.75
N LEU F 161 -56.42 26.04 29.82
CA LEU F 161 -55.45 27.14 29.92
C LEU F 161 -55.73 28.12 31.06
N ASP F 162 -56.93 28.08 31.64
CA ASP F 162 -57.32 28.87 32.82
C ASP F 162 -56.75 28.29 34.13
N ILE F 163 -56.44 27.00 34.15
CA ILE F 163 -55.76 26.37 35.28
C ILE F 163 -54.37 26.99 35.40
N ALA F 164 -54.04 27.46 36.60
CA ALA F 164 -52.84 28.24 36.87
C ALA F 164 -51.98 27.69 38.03
N SER F 165 -52.57 26.95 38.97
CA SER F 165 -51.86 26.45 40.15
C SER F 165 -50.84 25.39 39.75
N PRO F 166 -49.55 25.53 40.11
CA PRO F 166 -48.59 24.46 39.94
C PRO F 166 -49.01 23.16 40.63
N GLY F 167 -48.68 22.02 40.04
CA GLY F 167 -48.96 20.69 40.59
C GLY F 167 -49.33 19.67 39.53
N VAL F 168 -49.89 18.54 39.99
CA VAL F 168 -50.34 17.45 39.12
C VAL F 168 -51.81 17.11 39.40
N TYR F 169 -52.57 16.98 38.33
CA TYR F 169 -54.01 16.74 38.32
C TYR F 169 -54.38 15.66 37.31
N PHE F 170 -55.57 15.11 37.43
CA PHE F 170 -56.24 14.52 36.29
C PHE F 170 -57.22 15.56 35.75
N VAL F 171 -57.19 15.79 34.45
CA VAL F 171 -58.06 16.77 33.79
C VAL F 171 -58.97 16.05 32.81
N MET F 172 -60.28 16.29 32.91
CA MET F 172 -61.30 15.58 32.12
C MET F 172 -62.54 16.42 31.85
N GLY F 173 -63.24 16.13 30.76
CA GLY F 173 -64.39 16.92 30.32
C GLY F 173 -64.03 18.38 30.03
N MET F 174 -62.77 18.68 29.68
CA MET F 174 -62.29 20.04 29.45
C MET F 174 -63.00 20.67 28.26
N THR F 175 -63.50 21.89 28.41
CA THR F 175 -64.31 22.54 27.37
C THR F 175 -63.45 23.01 26.22
N GLY F 176 -62.20 23.40 26.49
CA GLY F 176 -61.30 24.02 25.53
C GLY F 176 -59.85 24.10 26.01
N GLY F 177 -58.97 24.55 25.11
CA GLY F 177 -57.53 24.71 25.34
C GLY F 177 -56.69 23.41 25.23
N MET F 178 -57.31 22.23 25.21
CA MET F 178 -56.62 20.96 25.10
C MET F 178 -55.85 20.81 23.79
N PRO F 179 -54.82 19.95 23.75
CA PRO F 179 -54.29 19.45 22.49
C PRO F 179 -55.38 18.83 21.63
N SER F 180 -55.25 19.00 20.31
CA SER F 180 -56.15 18.36 19.36
C SER F 180 -56.13 16.84 19.55
N GLY F 181 -57.28 16.17 19.44
CA GLY F 181 -57.35 14.71 19.51
C GLY F 181 -57.05 14.10 20.89
N VAL F 182 -57.17 14.88 21.97
CA VAL F 182 -57.07 14.42 23.36
C VAL F 182 -58.39 14.69 24.09
N SER F 183 -58.81 13.77 24.96
CA SER F 183 -60.11 13.83 25.63
C SER F 183 -60.05 13.76 27.16
N SER F 184 -58.97 13.23 27.74
CA SER F 184 -58.61 13.37 29.16
C SER F 184 -57.15 13.02 29.35
N GLY F 185 -56.55 13.36 30.49
CA GLY F 185 -55.14 13.09 30.72
C GLY F 185 -54.63 13.50 32.09
N PHE F 186 -53.44 13.05 32.46
CA PHE F 186 -52.69 13.66 33.55
C PHE F 186 -52.06 14.96 33.07
N LEU F 187 -52.33 16.02 33.81
CA LEU F 187 -51.72 17.32 33.64
C LEU F 187 -50.68 17.51 34.73
N ASP F 188 -49.46 17.82 34.33
CA ASP F 188 -48.40 18.36 35.18
C ASP F 188 -48.20 19.83 34.79
N LEU F 189 -48.35 20.74 35.74
CA LEU F 189 -48.26 22.18 35.52
C LEU F 189 -47.20 22.76 36.47
N SER F 190 -46.34 23.63 35.94
CA SER F 190 -45.42 24.49 36.69
C SER F 190 -45.57 25.94 36.22
N VAL F 191 -45.60 26.88 37.16
CA VAL F 191 -45.80 28.32 36.93
C VAL F 191 -44.95 29.10 37.92
N ASP F 192 -44.27 30.16 37.53
CA ASP F 192 -43.30 30.85 38.41
C ASP F 192 -43.77 32.25 38.87
N ALA F 193 -42.94 32.90 39.69
CA ALA F 193 -43.11 34.29 40.11
C ALA F 193 -43.04 35.35 38.98
N ASN F 194 -42.70 34.99 37.73
CA ASN F 194 -42.69 35.86 36.55
C ASN F 194 -43.84 35.56 35.57
N ASP F 195 -44.68 34.55 35.87
CA ASP F 195 -45.69 33.98 34.98
C ASP F 195 -45.15 33.37 33.68
N ASN F 196 -43.94 32.81 33.75
CA ASN F 196 -43.56 31.70 32.89
C ASN F 196 -44.44 30.50 33.27
N ARG F 197 -44.76 29.62 32.31
CA ARG F 197 -45.44 28.34 32.60
C ARG F 197 -44.87 27.20 31.78
N LEU F 198 -44.95 26.01 32.32
CA LEU F 198 -44.80 24.74 31.63
C LEU F 198 -46.04 23.88 31.94
N ALA F 199 -46.75 23.42 30.91
CA ALA F 199 -47.76 22.39 31.06
C ALA F 199 -47.32 21.15 30.27
N ARG F 200 -47.11 20.02 30.95
CA ARG F 200 -46.92 18.72 30.32
C ARG F 200 -48.16 17.88 30.53
N LEU F 201 -48.87 17.63 29.45
CA LEU F 201 -50.09 16.84 29.45
C LEU F 201 -49.81 15.53 28.74
N THR F 202 -50.23 14.41 29.33
CA THR F 202 -50.21 13.11 28.64
C THR F 202 -51.63 12.65 28.34
N ASP F 203 -51.92 12.25 27.11
CA ASP F 203 -53.21 11.67 26.72
C ASP F 203 -53.48 10.35 27.47
N ALA F 204 -54.59 10.26 28.19
CA ALA F 204 -54.94 9.08 28.97
C ALA F 204 -55.04 7.80 28.14
N GLU F 205 -55.31 7.90 26.83
CA GLU F 205 -55.43 6.74 25.98
C GLU F 205 -54.08 6.25 25.44
N THR F 206 -53.40 7.06 24.62
CA THR F 206 -52.17 6.65 23.91
C THR F 206 -50.91 6.66 24.76
N GLY F 207 -50.86 7.48 25.81
CA GLY F 207 -49.59 7.76 26.48
C GLY F 207 -48.67 8.71 25.70
N LYS F 208 -49.14 9.40 24.65
CA LYS F 208 -48.42 10.57 24.09
C LYS F 208 -48.47 11.76 25.03
N GLU F 209 -47.33 12.41 25.23
CA GLU F 209 -47.20 13.72 25.85
C GLU F 209 -47.32 14.88 24.85
N TYR F 210 -47.74 16.03 25.38
CA TYR F 210 -47.76 17.33 24.74
C TYR F 210 -47.24 18.37 25.75
N THR F 211 -46.47 19.34 25.28
CA THR F 211 -45.91 20.44 26.08
C THR F 211 -46.44 21.78 25.61
N SER F 212 -46.88 22.66 26.51
CA SER F 212 -47.07 24.07 26.16
C SER F 212 -46.35 24.98 27.16
N ILE F 213 -45.93 26.14 26.68
CA ILE F 213 -45.30 27.17 27.48
C ILE F 213 -46.05 28.49 27.36
N LYS F 214 -45.96 29.32 28.39
CA LYS F 214 -46.43 30.71 28.40
C LYS F 214 -45.28 31.60 28.84
N LYS F 215 -45.02 32.67 28.10
CA LYS F 215 -44.05 33.73 28.45
C LYS F 215 -44.70 34.78 29.37
N PRO F 216 -43.96 35.55 30.17
CA PRO F 216 -44.51 36.46 31.18
C PRO F 216 -45.71 37.30 30.71
N THR F 217 -45.60 37.98 29.57
CA THR F 217 -46.61 38.87 28.99
C THR F 217 -47.35 38.26 27.79
N GLY F 218 -47.46 36.94 27.72
CA GLY F 218 -48.23 36.24 26.68
C GLY F 218 -49.29 35.30 27.26
N THR F 219 -50.16 34.78 26.39
CA THR F 219 -50.89 33.51 26.62
C THR F 219 -49.93 32.33 26.44
N TYR F 220 -50.42 31.11 26.65
CA TYR F 220 -49.70 29.92 26.20
C TYR F 220 -49.45 29.94 24.67
N THR F 221 -48.46 29.16 24.23
CA THR F 221 -48.36 28.60 22.87
C THR F 221 -49.37 27.47 22.66
N ALA F 222 -49.56 27.04 21.41
CA ALA F 222 -50.17 25.74 21.16
C ALA F 222 -49.37 24.62 21.84
N TRP F 223 -49.96 23.44 21.91
CA TRP F 223 -49.32 22.24 22.45
C TRP F 223 -48.33 21.60 21.46
N LYS F 224 -47.04 21.69 21.76
CA LYS F 224 -45.94 20.98 21.10
C LYS F 224 -45.98 19.50 21.48
N LYS F 225 -46.35 18.64 20.55
CA LYS F 225 -46.41 17.18 20.70
C LYS F 225 -45.03 16.55 20.94
N GLU F 226 -44.96 15.41 21.63
CA GLU F 226 -43.73 14.60 21.70
C GLU F 226 -43.23 14.15 20.32
N PHE F 227 -41.94 13.84 20.21
CA PHE F 227 -41.33 13.38 18.97
C PHE F 227 -41.85 11.99 18.56
N GLU F 228 -42.33 11.88 17.32
CA GLU F 228 -42.84 10.64 16.73
C GLU F 228 -42.04 10.23 15.48
N PRO F 229 -41.98 8.93 15.15
CA PRO F 229 -41.37 8.47 13.89
C PRO F 229 -41.80 9.25 12.64
N LYS F 230 -43.09 9.57 12.47
CA LYS F 230 -43.56 10.29 11.27
C LYS F 230 -43.06 11.74 11.18
N ASP F 231 -42.49 12.31 12.24
CA ASP F 231 -41.89 13.65 12.23
C ASP F 231 -40.67 13.78 11.29
N MET F 232 -40.17 12.64 10.78
CA MET F 232 -39.12 12.55 9.78
C MET F 232 -39.61 12.40 8.34
N GLU F 233 -40.90 12.15 8.10
CA GLU F 233 -41.35 11.65 6.79
C GLU F 233 -41.13 12.67 5.64
N LYS F 234 -40.90 13.95 5.97
CA LYS F 234 -40.48 14.97 5.00
C LYS F 234 -39.16 14.65 4.28
N TYR F 235 -38.31 13.78 4.84
CA TYR F 235 -36.97 13.46 4.30
C TYR F 235 -36.82 12.00 3.85
N LEU F 236 -37.58 11.07 4.42
CA LEU F 236 -37.40 9.63 4.20
C LEU F 236 -37.57 9.24 2.74
N LEU F 237 -36.79 8.28 2.25
CA LEU F 237 -37.12 7.63 0.97
C LEU F 237 -38.41 6.82 1.01
N SER F 238 -38.82 6.40 2.20
CA SER F 238 -39.99 5.55 2.44
C SER F 238 -41.06 6.28 3.22
N SER F 239 -42.31 6.02 2.89
CA SER F 239 -43.43 6.37 3.76
C SER F 239 -43.49 5.43 4.97
N ILE F 240 -44.26 5.88 5.97
CA ILE F 240 -44.63 5.13 7.17
C ILE F 240 -46.15 4.85 7.11
N ARG F 241 -46.55 3.61 6.80
CA ARG F 241 -47.97 3.19 6.81
C ARG F 241 -48.53 3.14 8.23
N ASP F 242 -49.85 3.09 8.37
CA ASP F 242 -50.58 3.24 9.64
C ASP F 242 -50.17 2.21 10.72
N ASP F 243 -49.82 1.00 10.30
CA ASP F 243 -49.32 -0.12 11.09
C ASP F 243 -47.83 0.04 11.46
N GLY F 244 -47.14 1.05 10.92
CA GLY F 244 -45.69 1.27 11.05
C GLY F 244 -44.85 0.59 9.97
N SER F 245 -45.44 -0.14 9.03
CA SER F 245 -44.70 -0.76 7.92
C SER F 245 -44.24 0.28 6.91
N ALA F 246 -43.05 0.07 6.36
CA ALA F 246 -42.46 0.93 5.33
C ALA F 246 -43.09 0.68 3.96
N SER F 247 -43.12 1.71 3.10
CA SER F 247 -43.47 1.58 1.68
C SER F 247 -42.94 2.74 0.87
N PHE F 248 -43.23 2.77 -0.42
CA PHE F 248 -42.89 3.93 -1.23
C PHE F 248 -43.86 5.09 -0.96
N PRO F 249 -43.35 6.33 -0.91
CA PRO F 249 -44.14 7.54 -0.74
C PRO F 249 -44.91 7.91 -2.02
N LEU F 250 -44.50 7.42 -3.20
CA LEU F 250 -45.27 7.55 -4.43
C LEU F 250 -45.63 6.18 -5.01
N LEU F 251 -46.91 5.92 -5.18
CA LEU F 251 -47.42 4.74 -5.91
C LEU F 251 -48.31 5.20 -7.05
N VAL F 252 -47.92 4.90 -8.29
CA VAL F 252 -48.63 5.35 -9.49
C VAL F 252 -49.23 4.16 -10.20
N TYR F 253 -50.54 4.17 -10.37
CA TYR F 253 -51.31 3.08 -10.95
C TYR F 253 -52.08 3.56 -12.19
N THR F 254 -52.33 2.68 -13.15
CA THR F 254 -53.10 3.03 -14.35
C THR F 254 -54.53 3.49 -14.03
N SER F 255 -55.09 2.99 -12.92
CA SER F 255 -56.37 3.41 -12.35
C SER F 255 -56.41 4.87 -11.85
N ASP F 256 -55.25 5.52 -11.65
CA ASP F 256 -55.20 6.93 -11.25
C ASP F 256 -55.47 7.90 -12.42
N SER F 257 -55.35 7.41 -13.66
CA SER F 257 -55.50 8.21 -14.89
C SER F 257 -54.62 9.47 -14.91
N LYS F 258 -53.41 9.37 -14.35
CA LYS F 258 -52.42 10.46 -14.28
C LYS F 258 -51.09 10.07 -14.92
N THR F 259 -50.44 11.00 -15.61
CA THR F 259 -49.12 10.75 -16.19
C THR F 259 -48.08 10.66 -15.08
N PHE F 260 -46.97 9.97 -15.33
CA PHE F 260 -45.84 9.94 -14.40
C PHE F 260 -45.34 11.35 -14.02
N GLN F 261 -45.22 12.24 -14.99
CA GLN F 261 -44.85 13.63 -14.76
C GLN F 261 -45.84 14.29 -13.80
N GLN F 262 -47.16 14.14 -14.03
CA GLN F 262 -48.15 14.75 -13.12
C GLN F 262 -48.12 14.12 -11.73
N ALA F 263 -47.98 12.79 -11.64
CA ALA F 263 -47.87 12.09 -10.38
C ALA F 263 -46.67 12.59 -9.56
N ILE F 264 -45.50 12.80 -10.20
CA ILE F 264 -44.31 13.40 -9.57
C ILE F 264 -44.63 14.81 -9.08
N ILE F 265 -45.17 15.66 -9.94
CA ILE F 265 -45.51 17.05 -9.56
C ILE F 265 -46.45 17.06 -8.36
N ASP F 266 -47.55 16.29 -8.43
CA ASP F 266 -48.52 16.18 -7.34
C ASP F 266 -47.87 15.71 -6.04
N HIS F 267 -47.00 14.71 -6.12
CA HIS F 267 -46.32 14.19 -4.93
C HIS F 267 -45.45 15.25 -4.27
N ILE F 268 -44.69 16.01 -5.05
CA ILE F 268 -43.83 17.07 -4.52
C ILE F 268 -44.71 18.18 -3.94
N ASP F 269 -45.77 18.60 -4.63
CA ASP F 269 -46.70 19.61 -4.11
C ASP F 269 -47.37 19.21 -2.79
N ARG F 270 -47.77 17.94 -2.66
CA ARG F 270 -48.45 17.40 -1.48
C ARG F 270 -47.54 17.21 -0.28
N THR F 271 -46.22 17.12 -0.46
CA THR F 271 -45.31 16.67 0.63
C THR F 271 -44.08 17.54 0.84
N GLY F 272 -43.64 18.30 -0.16
CA GLY F 272 -42.37 19.01 -0.12
C GLY F 272 -41.13 18.11 -0.04
N GLN F 273 -41.26 16.79 -0.23
CA GLN F 273 -40.11 15.91 -0.44
C GLN F 273 -39.35 16.35 -1.71
N THR F 274 -38.03 16.12 -1.77
CA THR F 274 -37.21 16.39 -2.97
C THR F 274 -36.49 15.15 -3.50
N THR F 275 -36.22 14.18 -2.63
CA THR F 275 -35.63 12.90 -3.03
C THR F 275 -36.45 11.77 -2.43
N PHE F 276 -37.00 10.86 -3.24
CA PHE F 276 -37.98 9.88 -2.79
C PHE F 276 -38.12 8.69 -3.76
N THR F 277 -38.58 7.55 -3.26
CA THR F 277 -38.82 6.36 -4.10
C THR F 277 -40.23 6.31 -4.67
N PHE F 278 -40.38 5.57 -5.75
CA PHE F 278 -41.64 5.41 -6.44
C PHE F 278 -41.81 4.03 -7.07
N TYR F 279 -43.07 3.62 -7.20
CA TYR F 279 -43.51 2.53 -8.06
C TYR F 279 -44.43 3.09 -9.14
N VAL F 280 -44.20 2.67 -10.38
CA VAL F 280 -45.06 2.96 -11.51
C VAL F 280 -45.52 1.64 -12.11
N GLN F 281 -46.83 1.44 -12.14
CA GLN F 281 -47.45 0.31 -12.82
C GLN F 281 -47.18 0.36 -14.33
N GLY F 282 -47.03 -0.79 -14.99
CA GLY F 282 -46.96 -0.84 -16.44
C GLY F 282 -48.26 -0.34 -17.08
N GLY F 283 -48.13 0.43 -18.16
CA GLY F 283 -49.23 1.09 -18.86
C GLY F 283 -49.56 2.52 -18.38
N VAL F 284 -48.88 3.05 -17.36
CA VAL F 284 -49.01 4.47 -16.99
C VAL F 284 -48.42 5.35 -18.07
N SER F 285 -49.21 6.31 -18.53
CA SER F 285 -48.78 7.28 -19.54
C SER F 285 -47.56 8.07 -19.05
N GLY F 286 -46.62 8.38 -19.94
CA GLY F 286 -45.43 9.17 -19.63
C GLY F 286 -44.44 8.50 -18.66
N SER F 287 -44.71 7.26 -18.28
CA SER F 287 -43.78 6.39 -17.52
C SER F 287 -42.39 6.31 -18.15
N PRO F 288 -41.30 6.17 -17.37
CA PRO F 288 -39.98 5.86 -17.90
C PRO F 288 -39.99 4.71 -18.92
N MET F 289 -40.87 3.70 -18.76
CA MET F 289 -40.92 2.50 -19.61
C MET F 289 -42.33 1.89 -19.67
N SER F 290 -42.57 0.98 -20.62
CA SER F 290 -43.87 0.29 -20.81
C SER F 290 -44.26 -0.67 -19.66
N ASN F 291 -43.31 -1.45 -19.15
CA ASN F 291 -43.51 -2.40 -18.05
C ASN F 291 -43.71 -1.69 -16.70
N SER F 292 -44.13 -2.42 -15.68
CA SER F 292 -44.05 -1.95 -14.30
C SER F 292 -42.57 -1.73 -13.88
N CYS F 293 -42.33 -0.68 -13.12
CA CYS F 293 -40.98 -0.27 -12.69
C CYS F 293 -41.00 0.40 -11.31
N ARG F 294 -39.82 0.42 -10.69
CA ARG F 294 -39.52 1.09 -9.43
C ARG F 294 -38.37 2.04 -9.66
N GLY F 295 -38.27 3.14 -8.93
CA GLY F 295 -37.09 3.99 -9.04
C GLY F 295 -36.92 5.03 -7.94
N LEU F 296 -35.82 5.76 -8.02
CA LEU F 296 -35.50 6.89 -7.15
C LEU F 296 -35.55 8.20 -7.96
N PHE F 297 -36.28 9.20 -7.45
CA PHE F 297 -36.24 10.56 -7.96
C PHE F 297 -35.33 11.41 -7.08
N MET F 298 -34.47 12.24 -7.65
CA MET F 298 -33.56 13.13 -6.91
C MET F 298 -33.70 14.58 -7.37
N SER F 299 -33.84 15.49 -6.41
CA SER F 299 -33.77 16.95 -6.56
C SER F 299 -33.36 17.59 -5.25
N ASP F 300 -32.92 18.84 -5.30
CA ASP F 300 -32.47 19.61 -4.15
C ASP F 300 -33.48 20.69 -3.71
N THR F 301 -34.55 20.93 -4.48
CA THR F 301 -35.46 22.09 -4.33
C THR F 301 -36.87 21.72 -4.79
N PRO F 302 -37.92 21.75 -3.94
CA PRO F 302 -39.29 21.29 -4.25
C PRO F 302 -40.16 22.33 -5.00
N ASN F 303 -39.56 23.07 -5.92
CA ASN F 303 -40.28 24.07 -6.72
C ASN F 303 -40.91 23.44 -7.98
N THR F 304 -42.16 22.98 -7.89
CA THR F 304 -42.86 22.35 -9.03
C THR F 304 -43.16 23.31 -10.18
N SER F 305 -43.18 24.63 -9.94
CA SER F 305 -43.24 25.65 -11.01
C SER F 305 -41.92 25.81 -11.80
N SER F 306 -40.81 25.22 -11.35
CA SER F 306 -39.57 25.14 -12.12
C SER F 306 -38.71 24.00 -11.59
N LEU F 307 -39.21 22.80 -11.81
CA LEU F 307 -38.64 21.59 -11.24
C LEU F 307 -37.30 21.25 -11.91
N HIS F 308 -36.27 21.07 -11.11
CA HIS F 308 -34.99 20.53 -11.55
C HIS F 308 -34.71 19.23 -10.82
N GLY F 309 -34.33 18.18 -11.55
CA GLY F 309 -34.10 16.86 -10.97
C GLY F 309 -33.85 15.76 -11.99
N VAL F 310 -33.63 14.55 -11.48
CA VAL F 310 -33.29 13.35 -12.25
C VAL F 310 -34.02 12.15 -11.68
N TYR F 311 -34.12 11.08 -12.46
CA TYR F 311 -34.61 9.79 -11.98
C TYR F 311 -33.80 8.64 -12.53
N ASN F 312 -33.78 7.57 -11.74
CA ASN F 312 -33.28 6.27 -12.13
C ASN F 312 -34.36 5.24 -11.85
N ALA F 313 -34.74 4.42 -12.84
CA ALA F 313 -35.79 3.40 -12.74
C ALA F 313 -35.30 2.04 -13.24
N ILE F 314 -35.80 0.96 -12.63
CA ILE F 314 -35.54 -0.43 -13.02
C ILE F 314 -36.88 -1.13 -13.31
N GLY F 315 -36.95 -1.89 -14.40
CA GLY F 315 -38.15 -2.65 -14.77
C GLY F 315 -38.19 -4.05 -14.16
N THR F 316 -39.33 -4.72 -14.28
CA THR F 316 -39.48 -6.15 -13.91
C THR F 316 -38.57 -7.13 -14.66
N ASP F 317 -37.95 -6.73 -15.78
CA ASP F 317 -36.97 -7.52 -16.53
C ASP F 317 -35.51 -7.15 -16.17
N GLY F 318 -35.33 -6.21 -15.24
CA GLY F 318 -34.02 -5.72 -14.88
C GLY F 318 -33.43 -4.71 -15.89
N ARG F 319 -34.21 -4.17 -16.86
CA ARG F 319 -33.76 -3.03 -17.67
C ARG F 319 -33.49 -1.81 -16.82
N ASN F 320 -32.61 -0.93 -17.25
CA ASN F 320 -32.37 0.35 -16.57
C ASN F 320 -32.75 1.55 -17.44
N VAL F 321 -33.48 2.52 -16.87
CA VAL F 321 -33.88 3.77 -17.54
C VAL F 321 -33.59 4.98 -16.65
N THR F 322 -33.00 6.01 -17.27
CA THR F 322 -32.65 7.27 -16.60
C THR F 322 -33.16 8.48 -17.38
N GLY F 323 -33.34 9.61 -16.69
CA GLY F 323 -33.86 10.81 -17.30
C GLY F 323 -33.85 11.99 -16.34
N SER F 324 -34.27 13.15 -16.83
CA SER F 324 -34.16 14.41 -16.10
C SER F 324 -35.32 15.36 -16.39
N VAL F 325 -35.54 16.25 -15.43
CA VAL F 325 -36.41 17.40 -15.56
C VAL F 325 -35.56 18.64 -15.32
N VAL F 326 -35.57 19.56 -16.28
CA VAL F 326 -34.87 20.84 -16.19
C VAL F 326 -35.91 21.95 -16.37
N GLY F 327 -36.12 22.78 -15.35
CA GLY F 327 -37.13 23.84 -15.37
C GLY F 327 -38.54 23.38 -15.70
N SER F 328 -38.99 22.25 -15.13
CA SER F 328 -40.26 21.60 -15.49
C SER F 328 -40.40 21.27 -17.00
N ASN F 329 -39.30 21.07 -17.70
CA ASN F 329 -39.26 20.39 -18.99
C ASN F 329 -38.63 19.00 -18.82
N TRP F 330 -39.27 17.95 -19.34
CA TRP F 330 -38.84 16.56 -19.16
C TRP F 330 -38.08 16.06 -20.40
N THR F 331 -36.89 15.51 -20.21
CA THR F 331 -36.07 14.92 -21.29
C THR F 331 -36.60 13.53 -21.71
N SER F 332 -36.27 13.08 -22.93
CA SER F 332 -36.58 11.71 -23.37
C SER F 332 -35.85 10.66 -22.52
N PRO F 333 -36.52 9.58 -22.08
CA PRO F 333 -35.91 8.58 -21.21
C PRO F 333 -34.83 7.80 -21.95
N LYS F 334 -33.70 7.59 -21.27
CA LYS F 334 -32.49 7.00 -21.82
C LYS F 334 -32.32 5.54 -21.38
N THR F 335 -32.92 4.63 -22.14
CA THR F 335 -32.83 3.19 -21.87
C THR F 335 -31.41 2.69 -22.13
N SER F 336 -30.76 2.10 -21.11
CA SER F 336 -29.48 1.39 -21.30
C SER F 336 -29.71 0.09 -22.06
N PRO F 337 -28.82 -0.31 -22.98
CA PRO F 337 -28.73 -1.70 -23.40
C PRO F 337 -28.11 -2.55 -22.29
N SER F 338 -28.12 -3.87 -22.47
CA SER F 338 -27.37 -4.81 -21.62
C SER F 338 -26.83 -5.99 -22.43
N HIS F 339 -25.88 -6.70 -21.85
CA HIS F 339 -25.26 -7.85 -22.50
C HIS F 339 -24.86 -8.96 -21.53
N LYS F 340 -24.60 -10.14 -22.08
CA LYS F 340 -23.93 -11.27 -21.41
C LYS F 340 -22.99 -12.00 -22.38
N GLU F 341 -21.82 -12.42 -21.92
CA GLU F 341 -21.01 -13.37 -22.67
C GLU F 341 -21.66 -14.77 -22.65
N LEU F 342 -22.03 -15.31 -23.82
CA LEU F 342 -22.68 -16.61 -23.92
C LEU F 342 -21.74 -17.77 -24.25
N TRP F 343 -20.73 -17.57 -25.08
CA TRP F 343 -19.69 -18.58 -25.24
C TRP F 343 -18.35 -17.96 -25.67
N THR F 344 -17.22 -18.58 -25.29
CA THR F 344 -15.87 -18.27 -25.79
C THR F 344 -15.08 -19.55 -26.01
N GLY F 345 -14.12 -19.48 -26.91
CA GLY F 345 -13.24 -20.59 -27.22
C GLY F 345 -12.63 -20.40 -28.60
N ALA F 346 -12.46 -21.49 -29.32
CA ALA F 346 -11.99 -21.48 -30.68
C ALA F 346 -12.57 -22.68 -31.39
N GLN F 347 -13.63 -22.48 -32.16
CA GLN F 347 -14.18 -23.54 -32.99
C GLN F 347 -13.78 -23.30 -34.44
N SER F 348 -13.11 -24.28 -35.05
CA SER F 348 -12.70 -24.23 -36.44
C SER F 348 -13.90 -24.18 -37.36
N PHE F 349 -13.85 -23.31 -38.36
CA PHE F 349 -14.85 -23.25 -39.43
C PHE F 349 -15.07 -24.61 -40.12
N LEU F 350 -14.11 -25.54 -40.04
CA LEU F 350 -14.22 -26.88 -40.64
C LEU F 350 -14.82 -27.92 -39.69
N SER F 351 -15.39 -27.51 -38.56
CA SER F 351 -16.09 -28.38 -37.62
C SER F 351 -17.62 -28.33 -37.77
N THR F 352 -18.15 -28.27 -39.00
CA THR F 352 -19.59 -28.17 -39.27
C THR F 352 -20.38 -29.37 -38.72
N GLY F 353 -21.58 -29.13 -38.17
CA GLY F 353 -22.41 -30.10 -37.44
C GLY F 353 -22.09 -30.21 -35.93
N THR F 354 -21.05 -29.53 -35.46
CA THR F 354 -20.68 -29.48 -34.02
C THR F 354 -21.58 -28.50 -33.25
N THR F 355 -22.02 -28.90 -32.06
CA THR F 355 -22.83 -28.07 -31.15
C THR F 355 -22.10 -27.85 -29.83
N LYS F 356 -22.18 -26.64 -29.26
CA LYS F 356 -21.56 -26.26 -27.98
C LYS F 356 -22.57 -25.54 -27.08
N ASN F 357 -22.37 -25.58 -25.77
CA ASN F 357 -23.24 -24.92 -24.81
C ASN F 357 -23.05 -23.39 -24.86
N LEU F 358 -24.13 -22.67 -24.56
CA LEU F 358 -24.10 -21.26 -24.17
C LEU F 358 -24.12 -21.17 -22.64
N SER F 359 -23.83 -20.01 -22.08
CA SER F 359 -24.00 -19.73 -20.65
C SER F 359 -25.44 -19.40 -20.26
N ASP F 360 -26.34 -19.19 -21.23
CA ASP F 360 -27.73 -18.81 -21.00
C ASP F 360 -28.61 -19.27 -22.17
N ASP F 361 -29.93 -19.29 -21.99
CA ASP F 361 -30.88 -19.55 -23.07
C ASP F 361 -30.99 -18.36 -24.04
N ILE F 362 -30.77 -18.62 -25.33
CA ILE F 362 -30.76 -17.58 -26.36
C ILE F 362 -32.06 -16.76 -26.42
N SER F 363 -33.18 -17.34 -25.99
CA SER F 363 -34.46 -16.63 -25.93
C SER F 363 -34.50 -15.49 -24.90
N ASN F 364 -33.52 -15.40 -24.00
CA ASN F 364 -33.39 -14.22 -23.13
C ASN F 364 -32.90 -12.97 -23.89
N TYR F 365 -32.45 -13.09 -25.14
CA TYR F 365 -31.83 -12.01 -25.89
C TYR F 365 -32.62 -11.65 -27.13
N SER F 366 -32.63 -10.38 -27.48
CA SER F 366 -33.18 -9.93 -28.76
C SER F 366 -32.14 -9.75 -29.85
N TYR F 367 -30.87 -9.66 -29.49
CA TYR F 367 -29.78 -9.49 -30.43
C TYR F 367 -28.59 -10.36 -30.02
N VAL F 368 -27.76 -10.77 -30.98
CA VAL F 368 -26.53 -11.56 -30.72
C VAL F 368 -25.34 -11.01 -31.49
N GLU F 369 -24.17 -10.99 -30.87
CA GLU F 369 -22.90 -10.73 -31.53
C GLU F 369 -22.10 -12.02 -31.64
N VAL F 370 -21.69 -12.35 -32.85
CA VAL F 370 -20.85 -13.50 -33.17
C VAL F 370 -19.46 -12.99 -33.53
N TYR F 371 -18.42 -13.44 -32.82
CA TYR F 371 -17.05 -13.02 -33.07
C TYR F 371 -16.29 -14.13 -33.79
N THR F 372 -15.55 -13.72 -34.79
CA THR F 372 -14.72 -14.62 -35.57
C THR F 372 -13.34 -14.06 -35.73
N THR F 373 -12.38 -14.96 -35.76
CA THR F 373 -10.95 -14.66 -35.76
C THR F 373 -10.36 -15.35 -36.97
N HIS F 374 -9.59 -14.61 -37.77
CA HIS F 374 -9.14 -15.09 -39.08
C HIS F 374 -7.65 -14.91 -39.30
N LYS F 375 -7.05 -15.83 -40.07
CA LYS F 375 -5.71 -15.72 -40.66
C LYS F 375 -5.86 -15.64 -42.18
N THR F 376 -5.41 -14.56 -42.79
CA THR F 376 -5.64 -14.27 -44.22
C THR F 376 -4.80 -15.16 -45.14
N THR F 377 -5.24 -15.32 -46.40
CA THR F 377 -4.58 -16.15 -47.42
C THR F 377 -3.11 -15.78 -47.63
N GLU F 378 -2.82 -14.47 -47.73
CA GLU F 378 -1.47 -13.91 -47.87
C GLU F 378 -1.14 -12.90 -46.77
N LYS F 379 0.15 -12.76 -46.45
CA LYS F 379 0.66 -11.78 -45.48
C LYS F 379 0.56 -10.35 -46.02
N THR F 380 0.23 -9.45 -45.11
CA THR F 380 0.23 -7.99 -45.22
C THR F 380 1.39 -7.44 -44.40
N LYS F 381 2.35 -6.72 -45.01
CA LYS F 381 3.62 -6.24 -44.38
C LYS F 381 4.46 -7.29 -43.63
N GLY F 382 4.08 -8.57 -43.67
CA GLY F 382 4.62 -9.60 -42.78
C GLY F 382 3.67 -10.35 -41.85
N ASN F 383 2.47 -9.82 -41.65
CA ASN F 383 1.44 -10.36 -40.73
C ASN F 383 0.26 -10.93 -41.55
N ASP F 384 -0.44 -11.95 -41.06
CA ASP F 384 -1.69 -12.44 -41.65
C ASP F 384 -2.88 -12.50 -40.67
N ASN F 385 -2.69 -12.11 -39.40
CA ASN F 385 -3.78 -12.05 -38.41
C ASN F 385 -4.71 -10.85 -38.62
N THR F 386 -6.01 -11.06 -38.37
CA THR F 386 -7.04 -10.04 -38.60
C THR F 386 -7.52 -9.28 -37.36
N GLY F 387 -7.20 -9.77 -36.16
CA GLY F 387 -7.90 -9.42 -34.93
C GLY F 387 -9.12 -10.33 -34.72
N THR F 388 -10.08 -9.92 -33.90
CA THR F 388 -11.30 -10.69 -33.63
C THR F 388 -12.55 -9.86 -33.90
N ILE F 389 -13.27 -10.22 -34.96
CA ILE F 389 -14.21 -9.36 -35.65
C ILE F 389 -15.64 -9.70 -35.24
N CYS F 390 -16.42 -8.68 -34.91
CA CYS F 390 -17.83 -8.77 -34.56
C CYS F 390 -18.76 -9.08 -35.78
N HIS F 391 -19.91 -9.72 -35.54
CA HIS F 391 -21.03 -9.83 -36.48
C HIS F 391 -22.34 -9.84 -35.70
N LYS F 392 -23.07 -8.72 -35.74
CA LYS F 392 -24.26 -8.47 -34.91
C LYS F 392 -25.53 -8.76 -35.70
N PHE F 393 -26.43 -9.56 -35.11
CA PHE F 393 -27.68 -9.97 -35.73
C PHE F 393 -28.88 -9.78 -34.81
N TYR F 394 -29.98 -9.24 -35.34
CA TYR F 394 -31.27 -9.38 -34.70
C TYR F 394 -31.74 -10.84 -34.79
N LEU F 395 -32.24 -11.41 -33.70
CA LEU F 395 -32.61 -12.84 -33.59
C LEU F 395 -33.98 -13.16 -34.20
N ASP F 396 -34.12 -12.93 -35.50
CA ASP F 396 -35.32 -13.16 -36.31
C ASP F 396 -35.78 -14.63 -36.46
N GLY F 397 -35.27 -15.55 -35.66
CA GLY F 397 -35.67 -16.96 -35.73
C GLY F 397 -35.23 -17.66 -37.01
N SER F 398 -34.23 -17.13 -37.73
CA SER F 398 -33.57 -17.86 -38.83
C SER F 398 -32.95 -19.16 -38.33
N GLY F 399 -33.05 -20.22 -39.13
CA GLY F 399 -32.33 -21.47 -38.86
C GLY F 399 -30.81 -21.35 -39.05
N THR F 400 -30.31 -20.32 -39.72
CA THR F 400 -28.88 -20.05 -39.80
C THR F 400 -28.63 -18.55 -39.90
N TYR F 401 -27.97 -18.01 -38.89
CA TYR F 401 -27.39 -16.69 -38.99
C TYR F 401 -26.08 -16.83 -39.74
N VAL F 402 -25.87 -15.97 -40.71
CA VAL F 402 -24.80 -16.10 -41.69
C VAL F 402 -23.83 -14.95 -41.51
N CYS F 403 -22.65 -15.24 -40.97
CA CYS F 403 -21.54 -14.31 -41.12
C CYS F 403 -21.02 -14.45 -42.55
N SER F 404 -20.92 -13.36 -43.30
CA SER F 404 -20.23 -13.34 -44.59
C SER F 404 -19.67 -11.95 -44.87
N GLY F 405 -18.59 -11.86 -45.64
CA GLY F 405 -17.83 -10.62 -45.81
C GLY F 405 -16.53 -10.83 -46.58
N THR F 406 -15.64 -9.83 -46.56
CA THR F 406 -14.35 -9.87 -47.28
C THR F 406 -13.18 -9.39 -46.46
N PHE F 407 -12.06 -10.07 -46.65
CA PHE F 407 -10.74 -9.61 -46.27
C PHE F 407 -9.92 -9.32 -47.54
N VAL F 408 -9.36 -8.12 -47.67
CA VAL F 408 -8.30 -7.89 -48.65
C VAL F 408 -7.02 -8.51 -48.11
N SER F 409 -6.43 -9.48 -48.81
CA SER F 409 -5.24 -10.21 -48.35
C SER F 409 -4.03 -10.05 -49.28
N GLY F 410 -2.83 -10.18 -48.74
CA GLY F 410 -1.63 -9.70 -49.41
C GLY F 410 -1.57 -8.17 -49.48
N ASP F 411 -0.54 -7.68 -50.17
CA ASP F 411 -0.34 -6.27 -50.50
C ASP F 411 0.02 -6.14 -51.98
N ARG F 412 -0.39 -5.05 -52.61
CA ARG F 412 -0.15 -4.73 -54.03
C ARG F 412 1.30 -4.27 -54.23
N THR F 413 2.24 -5.15 -53.87
CA THR F 413 3.66 -4.84 -53.61
C THR F 413 4.57 -6.01 -53.98
N ASP F 414 5.89 -5.83 -53.93
CA ASP F 414 6.92 -6.83 -54.28
C ASP F 414 6.84 -7.23 -55.77
N THR F 415 5.95 -8.14 -56.12
CA THR F 415 5.28 -8.30 -57.42
C THR F 415 4.13 -9.29 -57.22
N LYS F 416 3.00 -8.77 -56.76
CA LYS F 416 1.93 -9.54 -56.11
C LYS F 416 0.65 -8.71 -56.13
N PRO F 417 -0.49 -9.25 -56.55
CA PRO F 417 -1.76 -8.56 -56.42
C PRO F 417 -2.31 -8.71 -54.98
N PRO F 418 -3.14 -7.76 -54.50
CA PRO F 418 -3.85 -7.91 -53.23
C PRO F 418 -5.01 -8.88 -53.44
N ILE F 419 -4.76 -10.17 -53.23
CA ILE F 419 -5.79 -11.19 -53.38
C ILE F 419 -6.91 -11.01 -52.36
N THR F 420 -8.04 -10.49 -52.82
CA THR F 420 -9.30 -10.42 -52.07
C THR F 420 -9.79 -11.82 -51.75
N GLU F 421 -10.27 -12.06 -50.54
CA GLU F 421 -11.03 -13.26 -50.22
C GLU F 421 -12.36 -12.92 -49.57
N PHE F 422 -13.39 -13.62 -50.02
CA PHE F 422 -14.68 -13.68 -49.35
C PHE F 422 -14.61 -14.73 -48.26
N TYR F 423 -15.58 -14.76 -47.36
CA TYR F 423 -15.82 -15.90 -46.48
C TYR F 423 -17.30 -16.03 -46.14
N ARG F 424 -17.70 -17.22 -45.67
CA ARG F 424 -18.97 -17.43 -44.94
C ARG F 424 -18.79 -18.40 -43.78
N VAL F 425 -19.50 -18.17 -42.70
CA VAL F 425 -19.86 -19.23 -41.74
C VAL F 425 -21.31 -19.09 -41.36
N GLY F 426 -22.03 -20.21 -41.31
CA GLY F 426 -23.42 -20.30 -40.90
C GLY F 426 -23.50 -20.95 -39.53
N VAL F 427 -24.26 -20.35 -38.62
CA VAL F 427 -24.41 -20.82 -37.24
C VAL F 427 -25.87 -20.79 -36.82
N SER F 428 -26.24 -21.58 -35.81
CA SER F 428 -27.61 -21.62 -35.32
C SER F 428 -27.65 -21.78 -33.80
N PHE F 429 -28.80 -21.47 -33.20
CA PHE F 429 -28.99 -21.42 -31.75
C PHE F 429 -30.24 -22.19 -31.36
N LYS F 430 -30.17 -22.98 -30.28
CA LYS F 430 -31.30 -23.75 -29.73
C LYS F 430 -31.23 -23.79 -28.21
N GLY F 431 -32.15 -23.09 -27.55
CA GLY F 431 -32.08 -22.88 -26.10
C GLY F 431 -30.67 -22.47 -25.67
N SER F 432 -30.09 -23.22 -24.73
CA SER F 432 -28.73 -22.98 -24.21
C SER F 432 -27.64 -23.68 -25.02
N THR F 433 -27.76 -23.76 -26.35
CA THR F 433 -26.73 -24.33 -27.23
C THR F 433 -26.62 -23.59 -28.56
N TRP F 434 -25.45 -23.67 -29.20
CA TRP F 434 -25.21 -23.16 -30.55
C TRP F 434 -24.44 -24.16 -31.40
N THR F 435 -24.73 -24.18 -32.70
CA THR F 435 -24.18 -25.14 -33.65
C THR F 435 -23.49 -24.42 -34.78
N LEU F 436 -22.30 -24.89 -35.16
CA LEU F 436 -21.64 -24.47 -36.39
C LEU F 436 -22.26 -25.26 -37.57
N VAL F 437 -23.11 -24.64 -38.37
CA VAL F 437 -23.93 -25.33 -39.38
C VAL F 437 -23.19 -25.51 -40.69
N ASP F 438 -22.49 -24.49 -41.18
CA ASP F 438 -21.79 -24.56 -42.48
C ASP F 438 -20.67 -23.51 -42.55
N SER F 439 -19.75 -23.64 -43.50
CA SER F 439 -18.71 -22.64 -43.75
C SER F 439 -18.19 -22.65 -45.19
N ALA F 440 -17.58 -21.54 -45.62
CA ALA F 440 -16.95 -21.39 -46.93
C ALA F 440 -15.70 -20.52 -46.79
N VAL F 441 -14.54 -21.11 -47.08
CA VAL F 441 -13.20 -20.52 -46.87
C VAL F 441 -12.37 -20.69 -48.13
N GLN F 442 -11.51 -19.71 -48.43
CA GLN F 442 -10.81 -19.60 -49.72
C GLN F 442 -9.30 -19.89 -49.64
N ASN F 443 -8.80 -20.44 -48.52
CA ASN F 443 -7.39 -20.78 -48.30
C ASN F 443 -7.21 -21.93 -47.31
N SER F 444 -5.96 -22.29 -47.05
CA SER F 444 -5.56 -23.47 -46.28
C SER F 444 -5.22 -23.23 -44.80
N LYS F 445 -5.65 -22.09 -44.23
CA LYS F 445 -5.43 -21.72 -42.84
C LYS F 445 -6.71 -21.85 -42.02
N THR F 446 -6.61 -22.31 -40.79
CA THR F 446 -7.77 -22.44 -39.90
C THR F 446 -8.37 -21.07 -39.59
N GLN F 447 -9.70 -20.96 -39.67
CA GLN F 447 -10.48 -19.78 -39.30
C GLN F 447 -11.43 -20.17 -38.18
N TYR F 448 -11.73 -19.27 -37.25
CA TYR F 448 -12.45 -19.66 -36.04
C TYR F 448 -13.64 -18.77 -35.68
N VAL F 449 -14.67 -19.38 -35.12
CA VAL F 449 -15.62 -18.71 -34.24
C VAL F 449 -15.00 -18.70 -32.84
N THR F 450 -14.99 -17.55 -32.15
CA THR F 450 -14.24 -17.38 -30.88
C THR F 450 -15.03 -16.77 -29.74
N ARG F 451 -16.08 -15.99 -29.99
CA ARG F 451 -16.96 -15.47 -28.93
C ARG F 451 -18.40 -15.35 -29.42
N ILE F 452 -19.37 -15.48 -28.53
CA ILE F 452 -20.79 -15.22 -28.79
C ILE F 452 -21.37 -14.42 -27.60
N ILE F 453 -21.82 -13.19 -27.84
CA ILE F 453 -22.37 -12.27 -26.80
C ILE F 453 -23.87 -12.13 -27.04
N GLY F 454 -24.69 -12.29 -26.01
CA GLY F 454 -26.13 -12.01 -26.03
C GLY F 454 -26.42 -10.57 -25.64
N ILE F 455 -27.21 -9.86 -26.46
CA ILE F 455 -27.48 -8.44 -26.34
C ILE F 455 -28.99 -8.20 -26.17
N ASN F 456 -29.34 -7.33 -25.23
CA ASN F 456 -30.67 -6.75 -25.12
C ASN F 456 -30.62 -5.24 -25.32
N MET F 457 -31.50 -4.77 -26.20
CA MET F 457 -31.77 -3.35 -26.42
C MET F 457 -33.27 -3.12 -26.18
N PRO F 458 -33.70 -3.06 -24.90
CA PRO F 458 -35.10 -3.12 -24.47
C PRO F 458 -35.95 -1.87 -24.78
N MET G 1 -61.42 42.02 99.17
CA MET G 1 -61.74 41.72 100.58
C MET G 1 -60.68 42.35 101.49
N ALA G 2 -61.06 42.83 102.69
CA ALA G 2 -60.13 43.45 103.64
C ALA G 2 -60.74 43.66 105.05
N LEU G 3 -60.12 43.02 106.05
CA LEU G 3 -60.40 43.23 107.46
C LEU G 3 -59.88 44.60 107.95
N ASN G 4 -60.76 45.40 108.59
CA ASN G 4 -60.44 46.65 109.30
C ASN G 4 -60.13 46.40 110.78
N PHE G 5 -58.97 45.82 111.07
CA PHE G 5 -58.55 45.55 112.44
C PHE G 5 -57.83 46.77 113.06
N THR G 6 -57.58 46.74 114.36
CA THR G 6 -56.67 47.66 115.08
C THR G 6 -56.16 46.95 116.33
N THR G 7 -54.86 46.72 116.40
CA THR G 7 -54.21 45.98 117.51
C THR G 7 -54.59 46.61 118.84
N ILE G 8 -55.13 45.79 119.74
CA ILE G 8 -55.63 46.22 121.04
C ILE G 8 -54.47 46.34 122.03
N THR G 9 -54.54 47.36 122.87
CA THR G 9 -53.49 47.77 123.80
C THR G 9 -54.05 47.94 125.22
N GLU G 10 -53.17 48.14 126.21
CA GLU G 10 -53.50 48.46 127.60
C GLU G 10 -54.26 49.80 127.80
N ASN G 11 -54.37 50.62 126.76
CA ASN G 11 -55.19 51.86 126.74
C ASN G 11 -56.58 51.64 126.11
N ASN G 12 -56.94 50.41 125.75
CA ASN G 12 -58.25 50.11 125.17
C ASN G 12 -59.21 49.54 126.22
N VAL G 13 -60.42 50.08 126.26
CA VAL G 13 -61.51 49.57 127.10
C VAL G 13 -62.20 48.36 126.47
N ILE G 14 -62.95 47.58 127.25
CA ILE G 14 -63.55 46.31 126.76
C ILE G 14 -64.45 46.52 125.50
N ARG G 15 -65.11 47.67 125.34
CA ARG G 15 -65.86 48.06 124.12
C ARG G 15 -65.03 48.06 122.84
N ASP G 16 -63.74 48.40 122.90
CA ASP G 16 -62.81 48.39 121.75
C ASP G 16 -62.44 46.95 121.36
N LEU G 17 -62.15 46.11 122.35
CA LEU G 17 -61.91 44.67 122.17
C LEU G 17 -63.12 43.98 121.52
N THR G 18 -64.31 44.24 122.06
CA THR G 18 -65.59 43.84 121.48
C THR G 18 -65.76 44.28 120.03
N THR G 19 -65.52 45.56 119.74
CA THR G 19 -65.65 46.13 118.39
C THR G 19 -64.74 45.38 117.40
N GLN G 20 -63.50 45.09 117.76
CA GLN G 20 -62.61 44.32 116.89
C GLN G 20 -63.11 42.88 116.67
N VAL G 21 -63.64 42.21 117.70
CA VAL G 21 -64.20 40.87 117.55
C VAL G 21 -65.44 40.86 116.64
N ASN G 22 -66.27 41.91 116.72
CA ASN G 22 -67.35 42.14 115.76
C ASN G 22 -66.84 42.40 114.34
N ASN G 23 -65.82 43.26 114.15
CA ASN G 23 -65.20 43.49 112.84
C ASN G 23 -64.69 42.19 112.18
N ILE G 24 -63.99 41.34 112.94
CA ILE G 24 -63.50 40.03 112.47
C ILE G 24 -64.65 39.08 112.11
N GLY G 25 -65.58 38.85 113.04
CA GLY G 25 -66.69 37.93 112.81
C GLY G 25 -67.55 38.33 111.62
N GLU G 26 -67.85 39.62 111.47
CA GLU G 26 -68.58 40.17 110.32
C GLU G 26 -67.82 39.99 109.00
N GLU G 27 -66.54 40.36 108.90
CA GLU G 27 -65.76 40.22 107.66
C GLU G 27 -65.69 38.74 107.20
N LEU G 28 -65.61 37.80 108.15
CA LEU G 28 -65.60 36.37 107.87
C LEU G 28 -66.99 35.74 107.62
N THR G 29 -68.09 36.44 107.92
CA THR G 29 -69.46 35.91 107.74
C THR G 29 -70.33 36.69 106.77
N LYS G 30 -69.85 37.81 106.20
CA LYS G 30 -70.61 38.60 105.22
C LYS G 30 -70.93 37.86 103.91
N GLU G 31 -71.74 38.49 103.06
CA GLU G 31 -72.06 37.98 101.71
C GLU G 31 -70.81 37.88 100.82
N ARG G 32 -70.65 36.76 100.10
CA ARG G 32 -69.42 36.42 99.37
C ARG G 32 -68.18 36.63 100.22
N ASN G 33 -68.21 36.12 101.44
CA ASN G 33 -67.03 36.06 102.30
C ASN G 33 -65.93 35.16 101.71
N ILE G 34 -64.75 35.23 102.31
CA ILE G 34 -63.56 34.54 101.87
C ILE G 34 -63.73 33.02 101.74
N PHE G 35 -64.58 32.40 102.55
CA PHE G 35 -64.85 30.97 102.45
C PHE G 35 -65.57 30.63 101.13
N ASP G 36 -66.63 31.35 100.80
CA ASP G 36 -67.42 31.13 99.57
C ASP G 36 -66.56 31.27 98.29
N ILE G 37 -65.81 32.37 98.20
CA ILE G 37 -64.97 32.65 97.05
C ILE G 37 -63.91 31.55 96.87
N THR G 38 -63.36 31.03 97.97
CA THR G 38 -62.35 29.98 97.88
C THR G 38 -62.96 28.66 97.43
N ASP G 39 -64.16 28.30 97.90
CA ASP G 39 -64.87 27.11 97.42
C ASP G 39 -65.18 27.20 95.90
N ASP G 40 -65.55 28.38 95.40
CA ASP G 40 -65.74 28.65 93.95
C ASP G 40 -64.44 28.45 93.14
N LEU G 41 -63.32 28.97 93.64
CA LEU G 41 -62.02 28.77 92.99
C LEU G 41 -61.68 27.29 92.89
N VAL G 42 -61.76 26.52 93.98
CA VAL G 42 -61.45 25.07 93.97
C VAL G 42 -62.23 24.37 92.87
N TYR G 43 -63.52 24.64 92.78
CA TYR G 43 -64.38 24.03 91.76
C TYR G 43 -63.96 24.39 90.32
N ASN G 44 -63.71 25.66 90.01
CA ASN G 44 -63.37 26.03 88.65
C ASN G 44 -61.94 25.67 88.26
N PHE G 45 -61.00 25.59 89.23
CA PHE G 45 -59.62 25.27 88.91
C PHE G 45 -59.43 23.87 88.33
N ASN G 46 -60.18 22.86 88.78
CA ASN G 46 -59.96 21.48 88.32
C ASN G 46 -60.14 21.29 86.80
N LYS G 47 -60.99 22.13 86.18
CA LYS G 47 -61.25 22.16 84.73
C LYS G 47 -60.12 22.76 83.88
N SER G 48 -59.27 23.61 84.45
CA SER G 48 -58.29 24.43 83.71
C SER G 48 -57.25 23.60 82.96
N GLN G 49 -56.57 24.24 82.03
CA GLN G 49 -55.29 23.74 81.57
C GLN G 49 -54.26 23.88 82.70
N LYS G 50 -54.21 22.86 83.57
CA LYS G 50 -53.41 22.82 84.83
C LYS G 50 -51.88 22.83 84.63
N ILE G 51 -51.41 22.57 83.40
CA ILE G 51 -49.98 22.56 83.05
C ILE G 51 -49.71 23.50 81.85
N LYS G 52 -48.59 24.24 81.89
CA LYS G 52 -48.21 25.29 80.93
C LYS G 52 -48.09 24.81 79.47
N LEU G 53 -48.53 25.65 78.53
CA LEU G 53 -48.31 25.50 77.08
C LEU G 53 -47.53 26.67 76.46
N THR G 54 -47.70 27.88 76.99
CA THR G 54 -46.77 29.02 76.89
C THR G 54 -46.11 29.27 78.24
N ASP G 55 -45.28 30.31 78.37
CA ASP G 55 -44.98 30.89 79.68
C ASP G 55 -46.15 31.76 80.19
N ASP G 56 -46.01 32.31 81.40
CA ASP G 56 -47.05 33.09 82.11
C ASP G 56 -47.51 34.36 81.36
N LYS G 57 -46.69 34.87 80.43
CA LYS G 57 -46.93 36.09 79.65
C LYS G 57 -47.45 35.80 78.25
N GLY G 58 -47.20 34.59 77.75
CA GLY G 58 -47.60 34.11 76.43
C GLY G 58 -46.43 33.68 75.53
N LEU G 59 -45.18 33.85 75.96
CA LEU G 59 -43.99 33.53 75.17
C LEU G 59 -43.74 32.02 75.18
N THR G 60 -42.74 31.55 74.45
CA THR G 60 -42.35 30.12 74.46
C THR G 60 -41.88 29.65 75.85
N LYS G 61 -42.29 28.45 76.26
CA LYS G 61 -41.76 27.74 77.43
C LYS G 61 -40.25 27.56 77.30
N SER G 62 -39.57 27.61 78.43
CA SER G 62 -38.16 27.24 78.52
C SER G 62 -38.00 25.72 78.60
N TYR G 63 -36.78 25.26 78.36
CA TYR G 63 -36.40 23.86 78.34
C TYR G 63 -35.27 23.58 79.35
N GLY G 64 -35.25 22.38 79.91
CA GLY G 64 -34.19 21.91 80.80
C GLY G 64 -32.90 21.57 80.05
N ASN G 65 -32.02 20.81 80.71
CA ASN G 65 -30.74 20.40 80.14
C ASN G 65 -30.94 19.38 79.00
N ILE G 66 -30.49 19.72 77.79
CA ILE G 66 -30.61 18.90 76.57
C ILE G 66 -29.27 18.86 75.80
N THR G 67 -29.12 17.84 74.94
CA THR G 67 -28.08 17.76 73.90
C THR G 67 -28.70 17.76 72.51
N ALA G 68 -29.98 17.47 72.44
CA ALA G 68 -30.72 17.21 71.24
C ALA G 68 -32.18 17.60 71.44
N LEU G 69 -32.87 17.98 70.38
CA LEU G 69 -34.29 18.29 70.38
C LEU G 69 -35.12 17.09 70.87
N ARG G 70 -34.73 15.85 70.53
CA ARG G 70 -35.39 14.61 71.01
C ARG G 70 -35.29 14.35 72.53
N ASP G 71 -34.58 15.20 73.25
CA ASP G 71 -34.58 15.19 74.69
C ASP G 71 -35.81 15.92 75.27
N ILE G 72 -36.43 16.87 74.56
CA ILE G 72 -37.64 17.59 75.01
C ILE G 72 -38.86 16.68 74.78
N LYS G 73 -39.69 16.47 75.83
CA LYS G 73 -40.81 15.48 75.82
C LYS G 73 -42.12 16.02 76.45
N GLU G 74 -42.04 17.15 77.12
CA GLU G 74 -43.17 17.90 77.67
C GLU G 74 -43.82 18.74 76.55
N PRO G 75 -45.16 18.87 76.49
CA PRO G 75 -45.85 19.58 75.40
C PRO G 75 -45.64 21.11 75.44
N GLY G 76 -46.01 21.76 74.34
CA GLY G 76 -46.01 23.23 74.21
C GLY G 76 -44.92 23.74 73.28
N TYR G 77 -44.69 25.05 73.33
CA TYR G 77 -43.81 25.76 72.40
C TYR G 77 -42.50 26.21 73.04
N TYR G 78 -41.37 25.91 72.39
CA TYR G 78 -40.01 26.30 72.78
C TYR G 78 -39.40 27.15 71.65
N TYR G 79 -38.88 28.34 71.91
CA TYR G 79 -38.01 29.01 70.94
C TYR G 79 -36.60 28.49 71.10
N ILE G 80 -35.88 28.30 70.00
CA ILE G 80 -34.46 27.97 70.03
C ILE G 80 -33.75 28.87 69.01
N GLY G 81 -32.73 29.59 69.45
CA GLY G 81 -31.92 30.42 68.58
C GLY G 81 -30.95 29.59 67.73
N ALA G 82 -30.53 30.10 66.58
CA ALA G 82 -29.67 29.41 65.61
C ALA G 82 -28.34 28.93 66.20
N ARG G 83 -27.76 29.66 67.16
CA ARG G 83 -26.52 29.30 67.87
C ARG G 83 -26.73 28.11 68.78
N THR G 84 -27.82 28.10 69.55
CA THR G 84 -28.24 26.93 70.33
C THR G 84 -28.51 25.76 69.40
N LEU G 85 -29.35 25.95 68.38
CA LEU G 85 -29.70 24.91 67.41
C LEU G 85 -28.46 24.33 66.70
N ALA G 86 -27.47 25.16 66.37
CA ALA G 86 -26.18 24.72 65.82
C ALA G 86 -25.45 23.75 66.77
N THR G 87 -25.46 24.01 68.08
CA THR G 87 -24.84 23.06 69.03
C THR G 87 -25.64 21.75 69.19
N LEU G 88 -26.97 21.74 69.04
CA LEU G 88 -27.80 20.54 69.25
C LEU G 88 -27.56 19.46 68.17
N LEU G 89 -27.52 18.18 68.56
CA LEU G 89 -27.00 17.11 67.70
C LEU G 89 -27.95 16.63 66.59
N ASP G 90 -29.25 16.58 66.87
CA ASP G 90 -30.30 16.05 66.00
C ASP G 90 -31.15 17.15 65.34
N ARG G 91 -30.66 18.40 65.34
CA ARG G 91 -31.20 19.48 64.50
C ARG G 91 -31.43 18.95 63.08
N PRO G 92 -32.47 19.39 62.36
CA PRO G 92 -32.59 19.03 60.96
C PRO G 92 -31.39 19.57 60.17
N ASP G 93 -30.95 18.80 59.18
CA ASP G 93 -29.82 19.20 58.35
C ASP G 93 -30.24 20.32 57.39
N MET G 94 -29.84 21.55 57.71
CA MET G 94 -30.06 22.79 56.97
C MET G 94 -29.06 23.86 57.44
N GLU G 95 -29.07 25.05 56.85
CA GLU G 95 -28.45 26.20 57.53
C GLU G 95 -29.08 26.41 58.92
N SER G 96 -28.29 26.81 59.92
CA SER G 96 -28.84 27.15 61.24
C SER G 96 -29.58 28.47 61.15
N LEU G 97 -30.91 28.37 61.12
CA LEU G 97 -31.85 29.48 61.28
C LEU G 97 -32.39 29.51 62.71
N ASP G 98 -32.97 30.63 63.12
CA ASP G 98 -33.77 30.61 64.34
C ASP G 98 -35.04 29.77 64.11
N VAL G 99 -35.55 29.15 65.18
CA VAL G 99 -36.67 28.20 65.07
C VAL G 99 -37.62 28.32 66.25
N VAL G 100 -38.85 27.84 66.03
CA VAL G 100 -39.75 27.42 67.09
C VAL G 100 -40.05 25.93 66.94
N LEU G 101 -40.05 25.23 68.08
CA LEU G 101 -40.38 23.83 68.24
C LEU G 101 -41.75 23.70 68.91
N HIS G 102 -42.68 22.96 68.31
CA HIS G 102 -43.96 22.62 68.93
C HIS G 102 -43.98 21.12 69.28
N VAL G 103 -44.15 20.80 70.57
CA VAL G 103 -44.12 19.44 71.09
C VAL G 103 -45.51 18.95 71.38
N VAL G 104 -45.85 17.80 70.80
CA VAL G 104 -47.19 17.20 70.86
C VAL G 104 -47.17 15.97 71.76
N PRO G 105 -48.10 15.86 72.71
CA PRO G 105 -48.15 14.77 73.66
C PRO G 105 -48.83 13.52 73.12
N LEU G 106 -48.60 12.39 73.79
CA LEU G 106 -49.36 11.13 73.65
C LEU G 106 -49.86 10.69 75.04
N ASP G 107 -50.30 9.43 75.22
CA ASP G 107 -50.98 8.96 76.45
C ASP G 107 -50.07 8.36 77.56
N THR G 108 -48.74 8.25 77.36
CA THR G 108 -47.76 7.82 78.39
C THR G 108 -46.41 8.57 78.25
N SER G 109 -45.57 8.48 79.31
CA SER G 109 -44.31 9.22 79.59
C SER G 109 -43.55 9.89 78.42
N SER G 110 -42.52 9.26 77.88
CA SER G 110 -41.46 9.88 77.05
C SER G 110 -41.77 10.00 75.54
N LYS G 111 -43.04 9.89 75.12
CA LYS G 111 -43.45 9.76 73.71
C LYS G 111 -44.03 11.07 73.17
N VAL G 112 -43.57 11.55 72.01
CA VAL G 112 -44.05 12.81 71.41
C VAL G 112 -43.90 12.84 69.89
N VAL G 113 -44.66 13.72 69.26
CA VAL G 113 -44.39 14.22 67.90
C VAL G 113 -43.77 15.62 68.03
N GLN G 114 -42.63 15.86 67.38
CA GLN G 114 -42.00 17.19 67.34
C GLN G 114 -42.20 17.82 65.99
N HIS G 115 -42.82 18.99 65.98
CA HIS G 115 -42.88 19.88 64.82
C HIS G 115 -41.84 21.00 64.98
N LEU G 116 -41.15 21.36 63.89
CA LEU G 116 -40.25 22.52 63.87
C LEU G 116 -40.63 23.45 62.71
N TYR G 117 -40.56 24.76 62.94
CA TYR G 117 -40.84 25.78 61.93
C TYR G 117 -39.71 26.80 61.95
N THR G 118 -39.11 27.06 60.79
CA THR G 118 -37.97 27.96 60.71
C THR G 118 -38.41 29.40 60.68
N LEU G 119 -37.61 30.26 61.31
CA LEU G 119 -37.88 31.66 61.42
C LEU G 119 -36.99 32.39 60.41
N SER G 120 -37.57 32.68 59.25
CA SER G 120 -36.99 33.60 58.29
C SER G 120 -38.11 34.33 57.55
N THR G 121 -37.90 35.58 57.19
CA THR G 121 -38.77 36.27 56.23
C THR G 121 -38.53 35.80 54.79
N ASN G 122 -37.39 35.13 54.51
CA ASN G 122 -37.03 34.70 53.15
C ASN G 122 -37.84 33.50 52.66
N ASN G 123 -38.42 33.61 51.47
CA ASN G 123 -39.43 32.68 50.95
C ASN G 123 -38.88 31.29 50.54
N ASN G 124 -37.55 31.12 50.48
CA ASN G 124 -36.89 29.81 50.31
C ASN G 124 -36.54 29.16 51.68
N GLN G 125 -36.05 29.98 52.61
CA GLN G 125 -35.55 29.55 53.93
C GLN G 125 -36.66 29.16 54.92
N ILE G 126 -37.89 29.62 54.70
CA ILE G 126 -39.06 29.17 55.43
C ILE G 126 -39.29 27.67 55.18
N LYS G 127 -39.19 26.89 56.25
CA LYS G 127 -39.25 25.43 56.26
C LYS G 127 -40.06 24.98 57.46
N MET G 128 -40.71 23.83 57.31
CA MET G 128 -41.62 23.20 58.27
C MET G 128 -41.32 21.70 58.34
N LEU G 129 -41.24 21.13 59.53
CA LEU G 129 -40.66 19.79 59.72
C LEU G 129 -41.38 18.97 60.79
N TYR G 130 -41.26 17.64 60.75
CA TYR G 130 -41.74 16.77 61.84
C TYR G 130 -40.97 15.44 62.05
N ARG G 131 -41.08 14.80 63.24
CA ARG G 131 -40.62 13.42 63.59
C ARG G 131 -41.04 12.90 65.01
N PHE G 132 -40.60 11.69 65.43
CA PHE G 132 -41.09 10.91 66.61
C PHE G 132 -40.03 10.05 67.36
N VAL G 133 -40.27 9.63 68.64
CA VAL G 133 -39.41 8.78 69.50
C VAL G 133 -40.18 7.95 70.56
N SER G 134 -39.47 7.06 71.28
CA SER G 134 -39.91 6.22 72.43
C SER G 134 -40.79 5.03 72.04
N GLY G 135 -40.90 4.05 72.94
CA GLY G 135 -41.55 2.75 72.70
C GLY G 135 -40.50 1.66 72.46
N ASN G 136 -39.77 1.71 71.34
CA ASN G 136 -38.51 0.95 71.17
C ASN G 136 -37.53 1.42 70.04
N SER G 137 -37.93 2.25 69.05
CA SER G 137 -37.06 2.82 67.97
C SER G 137 -37.66 4.12 67.36
N SER G 138 -36.89 4.89 66.57
CA SER G 138 -37.27 6.24 66.07
C SER G 138 -36.98 6.50 64.58
N SER G 139 -37.60 7.53 64.00
CA SER G 139 -37.52 7.88 62.56
C SER G 139 -37.02 9.32 62.30
N GLU G 140 -36.97 9.75 61.03
CA GLU G 140 -36.25 10.96 60.55
C GLU G 140 -37.09 12.25 60.48
N TRP G 141 -36.42 13.42 60.47
CA TRP G 141 -37.02 14.71 60.11
C TRP G 141 -37.56 14.76 58.69
N GLN G 142 -38.87 14.75 58.52
CA GLN G 142 -39.48 15.06 57.23
C GLN G 142 -39.51 16.56 57.01
N PHE G 143 -39.20 17.04 55.81
CA PHE G 143 -39.20 18.46 55.43
C PHE G 143 -40.38 18.71 54.49
N ILE G 144 -41.17 19.74 54.78
CA ILE G 144 -42.33 20.09 53.97
C ILE G 144 -42.00 21.34 53.14
N GLN G 145 -42.29 21.28 51.84
CA GLN G 145 -42.00 22.33 50.86
C GLN G 145 -43.04 23.46 50.92
N GLY G 146 -42.81 24.56 50.20
CA GLY G 146 -43.79 25.64 50.03
C GLY G 146 -43.77 26.26 48.64
N LEU G 147 -44.94 26.51 48.07
CA LEU G 147 -45.11 27.34 46.87
C LEU G 147 -45.35 28.78 47.31
N PRO G 148 -44.36 29.68 47.22
CA PRO G 148 -44.55 31.08 47.61
C PRO G 148 -45.62 31.73 46.74
N SER G 149 -46.71 32.19 47.38
CA SER G 149 -47.92 32.70 46.72
C SER G 149 -48.40 31.80 45.57
N ASN G 150 -48.42 30.47 45.76
CA ASN G 150 -48.90 29.52 44.75
C ASN G 150 -48.14 29.62 43.42
N LYS G 151 -46.86 30.02 43.47
CA LYS G 151 -45.91 29.93 42.36
C LYS G 151 -44.83 28.92 42.71
N ASN G 152 -44.26 28.27 41.71
CA ASN G 152 -42.94 27.67 41.86
C ASN G 152 -41.94 28.77 42.22
N ALA G 153 -41.08 28.47 43.19
CA ALA G 153 -40.03 29.36 43.65
C ALA G 153 -39.02 29.65 42.52
N VAL G 154 -38.20 30.68 42.71
CA VAL G 154 -37.12 31.07 41.77
C VAL G 154 -35.76 30.89 42.44
N ILE G 155 -34.89 30.09 41.83
CA ILE G 155 -33.49 29.94 42.25
C ILE G 155 -32.58 30.79 41.36
N SER G 156 -31.55 31.36 41.95
CA SER G 156 -30.52 32.17 41.29
C SER G 156 -29.23 32.21 42.10
N GLY G 157 -28.16 32.77 41.54
CA GLY G 157 -26.94 33.06 42.31
C GLY G 157 -26.16 31.81 42.77
N THR G 158 -26.31 30.70 42.06
CA THR G 158 -25.55 29.46 42.26
C THR G 158 -25.33 28.72 40.94
N ASN G 159 -24.37 27.81 40.91
CA ASN G 159 -24.35 26.74 39.93
C ASN G 159 -25.59 25.88 40.15
N ILE G 160 -26.35 25.61 39.09
CA ILE G 160 -27.56 24.78 39.15
C ILE G 160 -27.26 23.38 39.72
N LEU G 161 -26.09 22.82 39.42
CA LEU G 161 -25.73 21.46 39.83
C LEU G 161 -25.59 21.32 41.36
N ASP G 162 -25.26 22.42 42.05
CA ASP G 162 -24.98 22.46 43.48
C ASP G 162 -26.24 22.62 44.36
N ILE G 163 -27.43 22.82 43.75
CA ILE G 163 -28.70 22.73 44.47
C ILE G 163 -28.84 21.28 44.95
N ALA G 164 -28.96 21.08 46.27
CA ALA G 164 -29.09 19.73 46.85
C ALA G 164 -30.55 19.31 47.12
N SER G 165 -31.43 20.24 47.49
CA SER G 165 -32.82 19.93 47.85
C SER G 165 -33.68 19.56 46.63
N PRO G 166 -34.43 18.45 46.66
CA PRO G 166 -35.49 18.15 45.70
C PRO G 166 -36.51 19.28 45.53
N GLY G 167 -37.39 19.13 44.55
CA GLY G 167 -38.55 20.02 44.33
C GLY G 167 -38.49 20.77 43.01
N VAL G 168 -39.57 21.48 42.72
CA VAL G 168 -39.73 22.20 41.45
C VAL G 168 -39.41 23.66 41.65
N TYR G 169 -38.48 24.15 40.85
CA TYR G 169 -38.01 25.51 40.91
C TYR G 169 -37.97 26.09 39.50
N PHE G 170 -38.38 27.33 39.33
CA PHE G 170 -37.82 28.10 38.23
C PHE G 170 -36.34 28.43 38.58
N VAL G 171 -35.49 28.61 37.58
CA VAL G 171 -34.07 28.95 37.70
C VAL G 171 -33.74 30.13 36.79
N MET G 172 -32.87 31.05 37.24
CA MET G 172 -32.36 32.19 36.46
C MET G 172 -31.03 32.69 37.03
N GLY G 173 -30.24 33.40 36.23
CA GLY G 173 -28.96 33.98 36.70
C GLY G 173 -27.93 32.96 37.17
N MET G 174 -28.11 31.67 36.84
CA MET G 174 -27.31 30.57 37.33
C MET G 174 -25.89 30.66 36.81
N THR G 175 -24.92 30.51 37.72
CA THR G 175 -23.52 30.87 37.46
C THR G 175 -22.72 29.81 36.68
N GLY G 176 -23.35 28.68 36.37
CA GLY G 176 -22.76 27.60 35.60
C GLY G 176 -23.67 26.37 35.62
N GLY G 177 -23.25 25.30 34.94
CA GLY G 177 -23.97 24.03 34.93
C GLY G 177 -25.25 23.99 34.10
N MET G 178 -25.84 25.13 33.76
CA MET G 178 -26.90 25.22 32.76
C MET G 178 -26.40 24.70 31.40
N PRO G 179 -27.28 24.20 30.53
CA PRO G 179 -26.98 24.08 29.11
C PRO G 179 -26.58 25.47 28.56
N SER G 180 -25.54 25.51 27.72
CA SER G 180 -24.96 26.78 27.25
C SER G 180 -26.01 27.62 26.51
N GLY G 181 -26.26 28.83 27.02
CA GLY G 181 -27.24 29.79 26.48
C GLY G 181 -28.58 29.83 27.23
N VAL G 182 -28.93 28.83 28.05
CA VAL G 182 -30.21 28.78 28.78
C VAL G 182 -30.14 29.72 29.99
N SER G 183 -30.67 30.94 29.85
CA SER G 183 -30.59 32.01 30.86
C SER G 183 -31.60 31.89 32.01
N SER G 184 -32.67 31.12 31.81
CA SER G 184 -33.65 30.75 32.83
C SER G 184 -34.52 29.57 32.38
N GLY G 185 -35.23 28.92 33.31
CA GLY G 185 -36.07 27.77 32.98
C GLY G 185 -36.78 27.16 34.19
N PHE G 186 -37.59 26.12 33.99
CA PHE G 186 -38.08 25.27 35.09
C PHE G 186 -37.15 24.07 35.28
N LEU G 187 -36.52 23.99 36.45
CA LEU G 187 -35.82 22.83 36.95
C LEU G 187 -36.77 22.03 37.85
N ASP G 188 -37.01 20.79 37.47
CA ASP G 188 -37.52 19.77 38.38
C ASP G 188 -36.32 18.94 38.87
N LEU G 189 -36.05 19.02 40.17
CA LEU G 189 -34.92 18.38 40.81
C LEU G 189 -35.41 17.24 41.70
N SER G 190 -34.80 16.07 41.54
CA SER G 190 -34.96 14.96 42.47
C SER G 190 -33.60 14.50 42.94
N VAL G 191 -33.43 14.35 44.25
CA VAL G 191 -32.19 13.95 44.90
C VAL G 191 -32.45 12.99 46.06
N ASP G 192 -31.82 11.83 46.10
CA ASP G 192 -32.02 10.82 47.15
C ASP G 192 -30.93 10.81 48.24
N ALA G 193 -31.13 9.96 49.26
CA ALA G 193 -30.18 9.75 50.36
C ALA G 193 -28.77 9.35 49.91
N ASN G 194 -28.64 8.68 48.77
CA ASN G 194 -27.37 8.20 48.24
C ASN G 194 -26.69 9.19 47.28
N ASP G 195 -27.27 10.37 47.03
CA ASP G 195 -26.80 11.34 46.03
C ASP G 195 -26.95 10.93 44.55
N ASN G 196 -27.99 10.17 44.23
CA ASN G 196 -28.59 10.21 42.89
C ASN G 196 -29.17 11.62 42.70
N ARG G 197 -29.04 12.23 41.52
CA ARG G 197 -29.65 13.52 41.19
C ARG G 197 -30.21 13.55 39.78
N LEU G 198 -31.53 13.58 39.62
CA LEU G 198 -32.20 13.86 38.34
C LEU G 198 -32.54 15.34 38.27
N ALA G 199 -32.01 16.00 37.24
CA ALA G 199 -32.41 17.33 36.88
C ALA G 199 -33.09 17.27 35.50
N ARG G 200 -34.36 17.66 35.42
CA ARG G 200 -34.93 18.09 34.14
C ARG G 200 -35.02 19.61 34.14
N LEU G 201 -34.45 20.25 33.15
CA LEU G 201 -34.50 21.70 32.95
C LEU G 201 -35.20 22.01 31.63
N THR G 202 -36.29 22.77 31.68
CA THR G 202 -36.96 23.28 30.47
C THR G 202 -36.65 24.75 30.31
N ASP G 203 -36.06 25.14 29.19
CA ASP G 203 -35.86 26.55 28.86
C ASP G 203 -37.21 27.26 28.82
N ALA G 204 -37.37 28.33 29.60
CA ALA G 204 -38.60 29.08 29.62
C ALA G 204 -38.95 29.66 28.25
N GLU G 205 -37.93 30.06 27.48
CA GLU G 205 -38.11 30.82 26.24
C GLU G 205 -38.45 29.92 25.04
N THR G 206 -37.60 28.94 24.73
CA THR G 206 -37.87 28.01 23.61
C THR G 206 -38.83 26.89 23.98
N GLY G 207 -38.91 26.52 25.27
CA GLY G 207 -39.62 25.33 25.72
C GLY G 207 -38.87 24.01 25.51
N LYS G 208 -37.61 24.01 25.04
CA LYS G 208 -36.83 22.76 24.94
C LYS G 208 -36.57 22.18 26.34
N GLU G 209 -36.60 20.86 26.45
CA GLU G 209 -36.21 20.12 27.66
C GLU G 209 -34.78 19.56 27.56
N TYR G 210 -34.03 19.70 28.66
CA TYR G 210 -32.72 19.10 28.89
C TYR G 210 -32.75 18.24 30.16
N THR G 211 -32.12 17.07 30.10
CA THR G 211 -31.96 16.14 31.20
C THR G 211 -30.49 15.88 31.46
N SER G 212 -30.07 16.02 32.71
CA SER G 212 -28.74 15.63 33.19
C SER G 212 -28.90 14.82 34.46
N ILE G 213 -28.08 13.80 34.63
CA ILE G 213 -28.14 12.93 35.78
C ILE G 213 -26.80 12.88 36.48
N LYS G 214 -26.85 12.82 37.80
CA LYS G 214 -25.71 12.45 38.64
C LYS G 214 -26.04 11.15 39.35
N LYS G 215 -25.15 10.17 39.29
CA LYS G 215 -25.22 9.00 40.17
C LYS G 215 -24.50 9.29 41.49
N PRO G 216 -24.74 8.51 42.56
CA PRO G 216 -24.10 8.63 43.86
C PRO G 216 -22.62 9.01 43.78
N THR G 217 -21.80 8.14 43.21
CA THR G 217 -20.36 8.35 43.05
C THR G 217 -20.01 9.13 41.78
N GLY G 218 -20.88 9.06 40.76
CA GLY G 218 -20.65 9.66 39.45
C GLY G 218 -20.88 11.17 39.40
N THR G 219 -20.46 11.78 38.30
CA THR G 219 -20.57 13.23 38.01
C THR G 219 -21.84 13.56 37.25
N TYR G 220 -22.24 14.84 37.20
CA TYR G 220 -23.36 15.25 36.37
C TYR G 220 -23.04 15.09 34.89
N THR G 221 -23.94 14.46 34.13
CA THR G 221 -23.73 14.13 32.70
C THR G 221 -23.92 15.32 31.76
N ALA G 222 -23.35 15.20 30.55
CA ALA G 222 -23.58 16.16 29.48
C ALA G 222 -25.08 16.23 29.17
N TRP G 223 -25.64 17.43 29.05
CA TRP G 223 -27.08 17.62 28.97
C TRP G 223 -27.67 16.88 27.77
N LYS G 224 -28.45 15.84 28.05
CA LYS G 224 -29.24 15.17 27.01
C LYS G 224 -30.45 16.03 26.69
N LYS G 225 -30.45 16.61 25.50
CA LYS G 225 -31.58 17.36 24.92
C LYS G 225 -32.72 16.41 24.51
N GLU G 226 -33.96 16.91 24.39
CA GLU G 226 -35.10 16.23 23.74
C GLU G 226 -34.80 15.73 22.29
N PHE G 227 -35.59 14.81 21.73
CA PHE G 227 -35.26 14.23 20.40
C PHE G 227 -35.76 15.07 19.22
N GLU G 228 -34.94 15.26 18.17
CA GLU G 228 -35.19 16.21 17.06
C GLU G 228 -34.71 15.70 15.68
N PRO G 229 -35.22 16.23 14.55
CA PRO G 229 -34.74 15.91 13.21
C PRO G 229 -33.25 16.17 12.96
N LYS G 230 -32.64 17.18 13.58
CA LYS G 230 -31.18 17.39 13.48
C LYS G 230 -30.36 16.34 14.26
N ASP G 231 -31.00 15.43 14.96
CA ASP G 231 -30.36 14.17 15.37
C ASP G 231 -30.17 13.26 14.14
N MET G 232 -31.08 13.32 13.16
CA MET G 232 -31.13 12.44 11.97
C MET G 232 -30.45 12.97 10.70
N GLU G 233 -30.09 14.26 10.60
CA GLU G 233 -29.32 14.77 9.45
C GLU G 233 -28.05 13.96 9.16
N LYS G 234 -27.39 13.40 10.18
CA LYS G 234 -26.21 12.53 10.06
C LYS G 234 -26.45 11.21 9.29
N TYR G 235 -27.69 10.86 8.95
CA TYR G 235 -28.02 9.55 8.34
C TYR G 235 -29.01 9.63 7.18
N LEU G 236 -29.73 10.73 6.99
CA LEU G 236 -30.61 10.95 5.84
C LEU G 236 -29.82 11.19 4.54
N LEU G 237 -30.46 10.95 3.39
CA LEU G 237 -29.98 11.35 2.07
C LEU G 237 -30.05 12.85 1.82
N SER G 238 -30.85 13.56 2.59
CA SER G 238 -31.11 14.99 2.44
C SER G 238 -30.56 15.76 3.64
N SER G 239 -30.05 16.96 3.43
CA SER G 239 -29.88 17.94 4.50
C SER G 239 -31.19 18.61 4.86
N ILE G 240 -31.36 19.06 6.09
CA ILE G 240 -32.50 19.88 6.44
C ILE G 240 -32.01 21.32 6.49
N ARG G 241 -32.50 22.18 5.59
CA ARG G 241 -32.27 23.64 5.64
C ARG G 241 -33.03 24.22 6.82
N ASP G 242 -32.64 25.39 7.33
CA ASP G 242 -33.21 25.87 8.62
C ASP G 242 -34.71 26.25 8.58
N ASP G 243 -35.27 26.50 7.41
CA ASP G 243 -36.72 26.54 7.13
C ASP G 243 -37.37 25.13 7.04
N GLY G 244 -36.68 24.07 7.41
CA GLY G 244 -37.13 22.69 7.31
C GLY G 244 -37.15 22.12 5.89
N SER G 245 -36.80 22.89 4.86
CA SER G 245 -36.80 22.38 3.48
C SER G 245 -35.67 21.34 3.26
N ALA G 246 -35.92 20.34 2.40
CA ALA G 246 -35.02 19.19 2.20
C ALA G 246 -34.13 19.31 0.95
N SER G 247 -32.82 19.34 1.12
CA SER G 247 -31.90 19.59 0.02
C SER G 247 -30.79 18.56 -0.06
N PHE G 248 -29.89 18.63 -1.04
CA PHE G 248 -28.74 17.75 -1.04
C PHE G 248 -27.70 18.16 0.01
N PRO G 249 -27.11 17.21 0.75
CA PRO G 249 -26.09 17.46 1.77
C PRO G 249 -24.73 17.83 1.17
N LEU G 250 -24.50 17.53 -0.11
CA LEU G 250 -23.31 17.96 -0.83
C LEU G 250 -23.63 18.74 -2.11
N LEU G 251 -23.40 20.05 -2.10
CA LEU G 251 -23.44 20.90 -3.29
C LEU G 251 -22.01 21.34 -3.63
N VAL G 252 -21.53 20.99 -4.82
CA VAL G 252 -20.16 21.28 -5.27
C VAL G 252 -20.21 22.20 -6.49
N TYR G 253 -19.48 23.31 -6.39
CA TYR G 253 -19.46 24.37 -7.39
C TYR G 253 -18.04 24.61 -7.91
N THR G 254 -17.91 25.08 -9.15
CA THR G 254 -16.59 25.42 -9.72
C THR G 254 -15.90 26.51 -8.94
N SER G 255 -16.66 27.40 -8.29
CA SER G 255 -16.17 28.45 -7.39
C SER G 255 -15.41 27.91 -6.16
N ASP G 256 -15.69 26.67 -5.75
CA ASP G 256 -15.06 26.04 -4.59
C ASP G 256 -13.60 25.70 -4.85
N SER G 257 -13.19 25.58 -6.11
CA SER G 257 -11.84 25.18 -6.55
C SER G 257 -11.41 23.79 -6.04
N LYS G 258 -12.37 22.92 -5.68
CA LYS G 258 -12.13 21.56 -5.15
C LYS G 258 -12.59 20.48 -6.10
N THR G 259 -11.82 19.40 -6.22
CA THR G 259 -12.28 18.23 -7.01
C THR G 259 -13.47 17.59 -6.35
N PHE G 260 -14.25 16.86 -7.14
CA PHE G 260 -15.32 16.04 -6.62
C PHE G 260 -14.80 15.10 -5.51
N GLN G 261 -13.65 14.49 -5.72
CA GLN G 261 -13.03 13.56 -4.78
C GLN G 261 -12.72 14.25 -3.45
N GLN G 262 -12.19 15.47 -3.48
CA GLN G 262 -11.93 16.20 -2.25
C GLN G 262 -13.22 16.67 -1.57
N ALA G 263 -14.22 17.17 -2.31
CA ALA G 263 -15.47 17.60 -1.71
C ALA G 263 -16.19 16.45 -0.99
N ILE G 264 -16.17 15.24 -1.57
CA ILE G 264 -16.64 14.01 -0.93
C ILE G 264 -15.89 13.75 0.37
N ILE G 265 -14.55 13.78 0.33
CA ILE G 265 -13.71 13.57 1.51
C ILE G 265 -14.03 14.59 2.63
N ASP G 266 -14.08 15.88 2.31
CA ASP G 266 -14.43 16.94 3.26
C ASP G 266 -15.85 16.75 3.81
N HIS G 267 -16.80 16.37 2.95
CA HIS G 267 -18.19 16.13 3.35
C HIS G 267 -18.31 15.00 4.37
N ILE G 268 -17.62 13.89 4.13
CA ILE G 268 -17.58 12.73 5.02
C ILE G 268 -16.91 13.11 6.35
N ASP G 269 -15.75 13.79 6.31
CA ASP G 269 -15.06 14.23 7.52
C ASP G 269 -15.91 15.14 8.42
N ARG G 270 -16.60 16.11 7.81
CA ARG G 270 -17.45 17.07 8.51
C ARG G 270 -18.69 16.43 9.12
N THR G 271 -19.33 15.48 8.44
CA THR G 271 -20.69 15.00 8.80
C THR G 271 -20.74 13.57 9.34
N GLY G 272 -19.74 12.75 9.05
CA GLY G 272 -19.78 11.30 9.27
C GLY G 272 -20.83 10.55 8.43
N GLN G 273 -21.49 11.21 7.47
CA GLN G 273 -22.40 10.55 6.52
C GLN G 273 -21.62 9.62 5.59
N THR G 274 -22.18 8.44 5.31
CA THR G 274 -21.56 7.45 4.42
C THR G 274 -22.33 7.28 3.12
N THR G 275 -23.65 7.42 3.20
CA THR G 275 -24.59 7.34 2.07
C THR G 275 -25.38 8.65 1.95
N PHE G 276 -25.21 9.36 0.84
CA PHE G 276 -25.74 10.72 0.69
C PHE G 276 -25.86 11.15 -0.77
N THR G 277 -26.74 12.11 -1.04
CA THR G 277 -26.91 12.70 -2.38
C THR G 277 -26.05 13.94 -2.60
N PHE G 278 -25.80 14.27 -3.86
CA PHE G 278 -24.98 15.40 -4.25
C PHE G 278 -25.46 16.08 -5.54
N TYR G 279 -25.17 17.39 -5.64
CA TYR G 279 -25.17 18.16 -6.87
C TYR G 279 -23.74 18.58 -7.15
N VAL G 280 -23.29 18.34 -8.37
CA VAL G 280 -22.00 18.81 -8.87
C VAL G 280 -22.23 19.71 -10.08
N GLN G 281 -21.75 20.96 -10.02
CA GLN G 281 -21.81 21.88 -11.15
C GLN G 281 -20.92 21.38 -12.30
N GLY G 282 -21.38 21.52 -13.54
CA GLY G 282 -20.57 21.21 -14.71
C GLY G 282 -19.25 21.96 -14.69
N GLY G 283 -18.15 21.28 -15.01
CA GLY G 283 -16.80 21.87 -14.92
C GLY G 283 -16.11 21.72 -13.57
N VAL G 284 -16.72 21.07 -12.57
CA VAL G 284 -15.97 20.67 -11.37
C VAL G 284 -14.94 19.61 -11.72
N SER G 285 -13.69 19.81 -11.30
CA SER G 285 -12.60 18.90 -11.64
C SER G 285 -12.79 17.51 -11.02
N GLY G 286 -12.63 16.47 -11.85
CA GLY G 286 -12.84 15.08 -11.43
C GLY G 286 -14.32 14.68 -11.29
N SER G 287 -15.26 15.53 -11.68
CA SER G 287 -16.70 15.24 -11.67
C SER G 287 -17.00 13.97 -12.48
N PRO G 288 -18.02 13.17 -12.09
CA PRO G 288 -18.50 12.04 -12.90
C PRO G 288 -18.70 12.38 -14.38
N MET G 289 -19.16 13.58 -14.70
CA MET G 289 -19.29 14.04 -16.07
C MET G 289 -19.06 15.54 -16.21
N SER G 290 -18.83 16.01 -17.42
CA SER G 290 -18.55 17.42 -17.73
C SER G 290 -19.75 18.36 -17.52
N ASN G 291 -20.98 17.89 -17.74
CA ASN G 291 -22.22 18.64 -17.46
C ASN G 291 -22.58 18.60 -15.98
N SER G 292 -23.40 19.56 -15.54
CA SER G 292 -23.99 19.51 -14.21
C SER G 292 -24.74 18.20 -14.01
N CYS G 293 -24.58 17.60 -12.85
CA CYS G 293 -25.12 16.29 -12.55
C CYS G 293 -25.48 16.15 -11.09
N ARG G 294 -26.45 15.28 -10.85
CA ARG G 294 -26.96 14.94 -9.53
C ARG G 294 -26.67 13.46 -9.31
N GLY G 295 -26.52 13.03 -8.06
CA GLY G 295 -26.28 11.61 -7.82
C GLY G 295 -26.28 11.23 -6.35
N LEU G 296 -26.06 9.92 -6.14
CA LEU G 296 -25.96 9.24 -4.85
C LEU G 296 -24.55 8.66 -4.67
N PHE G 297 -23.90 8.96 -3.55
CA PHE G 297 -22.68 8.29 -3.12
C PHE G 297 -23.03 7.27 -2.04
N MET G 298 -22.55 6.03 -2.16
CA MET G 298 -22.78 4.96 -1.18
C MET G 298 -21.48 4.45 -0.56
N SER G 299 -21.42 4.45 0.77
CA SER G 299 -20.35 3.78 1.53
C SER G 299 -20.87 3.30 2.88
N ASP G 300 -20.18 2.35 3.50
CA ASP G 300 -20.54 1.75 4.80
C ASP G 300 -19.67 2.25 5.96
N THR G 301 -18.60 3.02 5.70
CA THR G 301 -17.56 3.41 6.68
C THR G 301 -17.05 4.81 6.33
N PRO G 302 -17.07 5.80 7.26
CA PRO G 302 -16.67 7.18 7.00
C PRO G 302 -15.13 7.42 7.09
N ASN G 303 -14.31 6.37 6.96
CA ASN G 303 -12.85 6.49 6.91
C ASN G 303 -12.41 7.13 5.59
N THR G 304 -12.06 8.41 5.64
CA THR G 304 -11.53 9.15 4.48
C THR G 304 -10.05 8.85 4.16
N SER G 305 -9.27 8.32 5.11
CA SER G 305 -7.86 7.93 4.91
C SER G 305 -7.68 6.60 4.18
N SER G 306 -8.74 5.80 4.01
CA SER G 306 -8.76 4.60 3.15
C SER G 306 -10.16 4.31 2.62
N LEU G 307 -10.70 5.28 1.88
CA LEU G 307 -12.12 5.34 1.58
C LEU G 307 -12.56 4.21 0.64
N HIS G 308 -13.64 3.51 0.96
CA HIS G 308 -14.25 2.48 0.09
C HIS G 308 -15.72 2.80 -0.21
N GLY G 309 -16.08 2.99 -1.47
CA GLY G 309 -17.42 3.46 -1.84
C GLY G 309 -17.66 3.51 -3.35
N VAL G 310 -18.89 3.79 -3.73
CA VAL G 310 -19.33 3.87 -5.14
C VAL G 310 -20.25 5.07 -5.33
N TYR G 311 -20.46 5.48 -6.58
CA TYR G 311 -21.45 6.49 -6.91
C TYR G 311 -22.20 6.18 -8.19
N ASN G 312 -23.43 6.72 -8.28
CA ASN G 312 -24.25 6.75 -9.48
C ASN G 312 -24.74 8.19 -9.69
N ALA G 313 -24.63 8.69 -10.92
CA ALA G 313 -24.95 10.07 -11.27
C ALA G 313 -25.72 10.13 -12.59
N ILE G 314 -26.51 11.19 -12.77
CA ILE G 314 -27.32 11.44 -13.96
C ILE G 314 -27.11 12.90 -14.39
N GLY G 315 -26.93 13.11 -15.69
CA GLY G 315 -26.70 14.43 -16.27
C GLY G 315 -27.98 15.17 -16.60
N THR G 316 -27.86 16.46 -16.93
CA THR G 316 -28.97 17.26 -17.46
C THR G 316 -29.53 16.75 -18.79
N ASP G 317 -28.85 15.85 -19.49
CA ASP G 317 -29.34 15.20 -20.72
C ASP G 317 -29.97 13.81 -20.45
N GLY G 318 -29.91 13.32 -19.22
CA GLY G 318 -30.34 11.96 -18.90
C GLY G 318 -29.29 10.86 -19.19
N ARG G 319 -28.01 11.19 -19.48
CA ARG G 319 -26.92 10.18 -19.48
C ARG G 319 -26.71 9.59 -18.07
N ASN G 320 -26.26 8.34 -17.98
CA ASN G 320 -25.91 7.71 -16.69
C ASN G 320 -24.41 7.43 -16.59
N VAL G 321 -23.85 7.66 -15.41
CA VAL G 321 -22.44 7.41 -15.10
C VAL G 321 -22.32 6.68 -13.76
N THR G 322 -21.35 5.79 -13.64
CA THR G 322 -21.01 5.11 -12.38
C THR G 322 -19.49 5.03 -12.18
N GLY G 323 -19.06 4.88 -10.93
CA GLY G 323 -17.66 4.71 -10.58
C GLY G 323 -17.45 4.33 -9.12
N SER G 324 -16.21 4.19 -8.71
CA SER G 324 -15.86 3.67 -7.40
C SER G 324 -14.59 4.29 -6.81
N VAL G 325 -14.48 4.22 -5.50
CA VAL G 325 -13.28 4.53 -4.74
C VAL G 325 -12.96 3.32 -3.88
N VAL G 326 -11.69 2.92 -3.86
CA VAL G 326 -11.20 1.71 -3.20
C VAL G 326 -9.88 2.03 -2.51
N GLY G 327 -9.87 2.05 -1.17
CA GLY G 327 -8.72 2.47 -0.36
C GLY G 327 -8.22 3.90 -0.63
N SER G 328 -9.13 4.83 -0.94
CA SER G 328 -8.83 6.17 -1.46
C SER G 328 -8.17 6.24 -2.85
N ASN G 329 -7.98 5.13 -3.54
CA ASN G 329 -7.77 5.14 -4.99
C ASN G 329 -9.11 5.36 -5.71
N TRP G 330 -9.15 6.18 -6.75
CA TRP G 330 -10.35 6.50 -7.54
C TRP G 330 -10.30 5.85 -8.93
N THR G 331 -11.35 5.16 -9.35
CA THR G 331 -11.45 4.59 -10.71
C THR G 331 -11.98 5.61 -11.73
N SER G 332 -11.69 5.43 -13.02
CA SER G 332 -12.25 6.27 -14.09
C SER G 332 -13.78 6.15 -14.15
N PRO G 333 -14.55 7.23 -14.40
CA PRO G 333 -16.00 7.16 -14.55
C PRO G 333 -16.41 6.34 -15.79
N LYS G 334 -17.42 5.48 -15.63
CA LYS G 334 -17.96 4.62 -16.69
C LYS G 334 -19.25 5.23 -17.18
N THR G 335 -19.34 5.59 -18.46
CA THR G 335 -20.53 6.23 -19.06
C THR G 335 -21.32 5.19 -19.81
N SER G 336 -22.62 5.08 -19.55
CA SER G 336 -23.51 4.09 -20.20
C SER G 336 -24.10 4.64 -21.51
N PRO G 337 -24.12 3.86 -22.60
CA PRO G 337 -24.83 4.25 -23.82
C PRO G 337 -26.34 4.11 -23.66
N SER G 338 -27.09 4.63 -24.62
CA SER G 338 -28.55 4.48 -24.67
C SER G 338 -29.10 4.36 -26.09
N HIS G 339 -30.34 3.89 -26.22
CA HIS G 339 -30.95 3.61 -27.51
C HIS G 339 -32.46 3.84 -27.52
N LYS G 340 -33.03 3.98 -28.73
CA LYS G 340 -34.47 3.87 -28.98
C LYS G 340 -34.75 3.21 -30.34
N GLU G 341 -35.74 2.34 -30.43
CA GLU G 341 -36.19 1.80 -31.73
C GLU G 341 -36.88 2.91 -32.54
N LEU G 342 -36.28 3.32 -33.64
CA LEU G 342 -36.82 4.42 -34.42
C LEU G 342 -37.81 3.95 -35.48
N TRP G 343 -37.57 2.82 -36.14
CA TRP G 343 -38.53 2.30 -37.09
C TRP G 343 -38.45 0.78 -37.21
N THR G 344 -39.58 0.12 -37.50
CA THR G 344 -39.62 -1.31 -37.83
C THR G 344 -40.66 -1.61 -38.89
N GLY G 345 -40.35 -2.59 -39.74
CA GLY G 345 -41.20 -3.01 -40.85
C GLY G 345 -40.48 -4.00 -41.79
N ALA G 346 -40.75 -3.92 -43.09
CA ALA G 346 -40.12 -4.78 -44.11
C ALA G 346 -40.08 -4.09 -45.48
N GLN G 347 -39.34 -2.98 -45.60
CA GLN G 347 -39.24 -2.25 -46.86
C GLN G 347 -38.34 -2.99 -47.85
N SER G 348 -38.87 -3.29 -49.03
CA SER G 348 -38.09 -3.86 -50.12
C SER G 348 -37.01 -2.89 -50.60
N PHE G 349 -35.80 -3.40 -50.84
CA PHE G 349 -34.71 -2.65 -51.46
C PHE G 349 -35.13 -2.03 -52.80
N LEU G 350 -36.09 -2.60 -53.52
CA LEU G 350 -36.50 -2.08 -54.82
C LEU G 350 -37.36 -0.82 -54.72
N SER G 351 -37.97 -0.54 -53.56
CA SER G 351 -38.88 0.58 -53.32
C SER G 351 -38.18 1.97 -53.28
N THR G 352 -37.08 2.15 -54.03
CA THR G 352 -36.25 3.35 -53.99
C THR G 352 -37.07 4.63 -54.21
N GLY G 353 -36.75 5.67 -53.44
CA GLY G 353 -37.53 6.91 -53.32
C GLY G 353 -38.56 6.91 -52.18
N THR G 354 -38.90 5.74 -51.62
CA THR G 354 -39.87 5.62 -50.53
C THR G 354 -39.35 6.21 -49.23
N THR G 355 -40.20 6.97 -48.53
CA THR G 355 -39.92 7.60 -47.24
C THR G 355 -40.87 7.05 -46.17
N LYS G 356 -40.35 6.89 -44.96
CA LYS G 356 -41.06 6.39 -43.78
C LYS G 356 -40.71 7.24 -42.56
N ASN G 357 -41.59 7.25 -41.57
CA ASN G 357 -41.39 8.03 -40.34
C ASN G 357 -40.39 7.34 -39.39
N LEU G 358 -39.92 8.09 -38.40
CA LEU G 358 -39.19 7.61 -37.23
C LEU G 358 -40.02 7.94 -35.96
N SER G 359 -39.90 7.12 -34.91
CA SER G 359 -40.55 7.36 -33.61
C SER G 359 -39.98 8.55 -32.84
N ASP G 360 -38.82 9.08 -33.26
CA ASP G 360 -38.15 10.27 -32.70
C ASP G 360 -37.21 10.94 -33.73
N ASP G 361 -36.90 12.21 -33.55
CA ASP G 361 -36.06 12.98 -34.46
C ASP G 361 -34.60 12.45 -34.48
N ILE G 362 -34.03 12.25 -35.67
CA ILE G 362 -32.68 11.68 -35.82
C ILE G 362 -31.59 12.53 -35.14
N SER G 363 -31.81 13.83 -34.96
CA SER G 363 -30.86 14.71 -34.26
C SER G 363 -30.72 14.40 -32.76
N ASN G 364 -31.65 13.68 -32.16
CA ASN G 364 -31.52 13.18 -30.78
C ASN G 364 -30.58 11.95 -30.68
N TYR G 365 -29.77 11.66 -31.71
CA TYR G 365 -28.85 10.52 -31.73
C TYR G 365 -27.50 10.92 -32.33
N SER G 366 -26.45 10.17 -32.02
CA SER G 366 -25.13 10.36 -32.63
C SER G 366 -24.71 9.17 -33.51
N TYR G 367 -25.34 8.03 -33.33
CA TYR G 367 -25.04 6.82 -34.06
C TYR G 367 -26.34 6.18 -34.50
N VAL G 368 -26.32 5.40 -35.57
CA VAL G 368 -27.48 4.64 -36.06
C VAL G 368 -27.09 3.22 -36.44
N GLU G 369 -27.96 2.28 -36.08
CA GLU G 369 -27.91 0.92 -36.57
C GLU G 369 -29.08 0.68 -37.53
N VAL G 370 -28.77 0.29 -38.75
CA VAL G 370 -29.73 -0.06 -39.80
C VAL G 370 -29.66 -1.56 -40.01
N TYR G 371 -30.81 -2.23 -39.97
CA TYR G 371 -30.88 -3.68 -40.10
C TYR G 371 -31.44 -4.14 -41.44
N THR G 372 -30.73 -5.07 -42.05
CA THR G 372 -31.06 -5.63 -43.36
C THR G 372 -31.19 -7.14 -43.31
N THR G 373 -32.23 -7.68 -43.93
CA THR G 373 -32.60 -9.11 -43.90
C THR G 373 -32.58 -9.66 -45.32
N HIS G 374 -31.73 -10.65 -45.58
CA HIS G 374 -31.41 -11.07 -46.94
C HIS G 374 -31.68 -12.53 -47.22
N LYS G 375 -32.11 -12.80 -48.45
CA LYS G 375 -32.15 -14.13 -49.04
C LYS G 375 -31.06 -14.27 -50.07
N THR G 376 -30.21 -15.27 -49.92
CA THR G 376 -29.12 -15.56 -50.85
C THR G 376 -29.60 -16.11 -52.18
N THR G 377 -28.83 -15.88 -53.24
CA THR G 377 -29.12 -16.34 -54.61
C THR G 377 -29.36 -17.85 -54.69
N GLU G 378 -28.52 -18.64 -54.01
CA GLU G 378 -28.66 -20.09 -53.87
C GLU G 378 -28.89 -20.47 -52.42
N LYS G 379 -29.56 -21.60 -52.18
CA LYS G 379 -29.68 -22.20 -50.85
C LYS G 379 -28.36 -22.81 -50.42
N THR G 380 -28.12 -22.86 -49.12
CA THR G 380 -27.02 -23.58 -48.47
C THR G 380 -27.65 -24.56 -47.48
N LYS G 381 -27.34 -25.86 -47.58
CA LYS G 381 -27.92 -26.96 -46.76
C LYS G 381 -29.45 -26.92 -46.68
N GLY G 382 -30.09 -26.37 -47.72
CA GLY G 382 -31.55 -26.21 -47.83
C GLY G 382 -32.16 -24.94 -47.22
N ASN G 383 -31.36 -23.96 -46.80
CA ASN G 383 -31.83 -22.63 -46.34
C ASN G 383 -31.23 -21.51 -47.21
N ASP G 384 -31.95 -20.41 -47.46
CA ASP G 384 -31.38 -19.20 -48.11
C ASP G 384 -31.49 -17.95 -47.26
N ASN G 385 -32.00 -18.06 -46.03
CA ASN G 385 -32.10 -16.93 -45.10
C ASN G 385 -30.76 -16.67 -44.42
N THR G 386 -30.34 -15.41 -44.41
CA THR G 386 -29.10 -14.97 -43.75
C THR G 386 -29.26 -14.64 -42.26
N GLY G 387 -30.48 -14.47 -41.77
CA GLY G 387 -30.76 -13.74 -40.52
C GLY G 387 -30.98 -12.25 -40.77
N THR G 388 -30.87 -11.40 -39.74
CA THR G 388 -31.05 -9.94 -39.88
C THR G 388 -29.84 -9.19 -39.36
N ILE G 389 -29.12 -8.56 -40.28
CA ILE G 389 -27.74 -8.08 -40.15
C ILE G 389 -27.73 -6.62 -39.76
N CYS G 390 -26.94 -6.27 -38.74
CA CYS G 390 -26.62 -4.89 -38.38
C CYS G 390 -25.65 -4.24 -39.36
N HIS G 391 -25.91 -2.98 -39.70
CA HIS G 391 -24.92 -1.98 -40.14
C HIS G 391 -24.92 -0.86 -39.12
N LYS G 392 -23.79 -0.51 -38.50
CA LYS G 392 -23.70 0.63 -37.57
C LYS G 392 -22.92 1.81 -38.19
N PHE G 393 -23.48 3.01 -38.11
CA PHE G 393 -22.90 4.26 -38.62
C PHE G 393 -22.81 5.36 -37.58
N TYR G 394 -21.77 6.18 -37.66
CA TYR G 394 -21.76 7.49 -37.01
C TYR G 394 -22.46 8.53 -37.90
N LEU G 395 -23.31 9.37 -37.31
CA LEU G 395 -24.19 10.29 -38.06
C LEU G 395 -23.45 11.58 -38.45
N ASP G 396 -22.57 11.47 -39.43
CA ASP G 396 -21.67 12.52 -39.93
C ASP G 396 -22.36 13.65 -40.75
N GLY G 397 -23.65 13.54 -41.06
CA GLY G 397 -24.34 14.49 -41.94
C GLY G 397 -24.35 14.11 -43.44
N SER G 398 -23.95 12.89 -43.80
CA SER G 398 -24.05 12.38 -45.16
C SER G 398 -25.48 12.39 -45.69
N GLY G 399 -25.65 12.73 -46.96
CA GLY G 399 -26.92 12.58 -47.68
C GLY G 399 -27.33 11.13 -47.94
N THR G 400 -26.39 10.18 -47.96
CA THR G 400 -26.66 8.74 -48.06
C THR G 400 -25.80 7.97 -47.04
N TYR G 401 -26.42 7.10 -46.25
CA TYR G 401 -25.75 6.08 -45.47
C TYR G 401 -25.88 4.78 -46.26
N VAL G 402 -24.76 4.11 -46.49
CA VAL G 402 -24.66 3.02 -47.45
C VAL G 402 -24.41 1.71 -46.73
N CYS G 403 -25.46 0.93 -46.55
CA CYS G 403 -25.30 -0.49 -46.24
C CYS G 403 -24.88 -1.18 -47.54
N SER G 404 -23.75 -1.88 -47.56
CA SER G 404 -23.30 -2.68 -48.69
C SER G 404 -22.62 -3.92 -48.14
N GLY G 405 -22.45 -4.96 -48.94
CA GLY G 405 -21.73 -6.15 -48.52
C GLY G 405 -21.87 -7.29 -49.49
N THR G 406 -21.57 -8.47 -48.98
CA THR G 406 -21.37 -9.66 -49.79
C THR G 406 -21.99 -10.89 -49.16
N PHE G 407 -22.47 -11.81 -49.97
CA PHE G 407 -22.77 -13.16 -49.53
C PHE G 407 -22.11 -14.18 -50.42
N VAL G 408 -21.72 -15.30 -49.82
CA VAL G 408 -21.35 -16.55 -50.51
C VAL G 408 -22.49 -17.53 -50.32
N SER G 409 -22.93 -18.25 -51.34
CA SER G 409 -24.10 -19.13 -51.27
C SER G 409 -24.01 -20.32 -52.20
N GLY G 410 -24.91 -21.28 -52.03
CA GLY G 410 -24.81 -22.60 -52.64
C GLY G 410 -24.17 -23.62 -51.71
N ASP G 411 -24.26 -24.89 -52.07
CA ASP G 411 -23.45 -25.95 -51.48
C ASP G 411 -22.38 -26.37 -52.47
N ARG G 412 -21.11 -26.39 -52.02
CA ARG G 412 -19.99 -26.84 -52.86
C ARG G 412 -20.24 -28.27 -53.32
N THR G 413 -20.04 -28.50 -54.60
CA THR G 413 -19.99 -29.83 -55.19
C THR G 413 -18.66 -30.00 -55.92
N ASP G 414 -18.33 -31.24 -56.23
CA ASP G 414 -17.13 -31.62 -56.98
C ASP G 414 -17.04 -30.96 -58.38
N THR G 415 -18.13 -30.42 -58.91
CA THR G 415 -18.22 -29.73 -60.21
C THR G 415 -18.65 -28.26 -60.11
N LYS G 416 -19.10 -27.77 -58.96
CA LYS G 416 -19.64 -26.41 -58.80
C LYS G 416 -19.24 -25.79 -57.46
N PRO G 417 -18.41 -24.72 -57.44
CA PRO G 417 -18.08 -24.01 -56.22
C PRO G 417 -19.27 -23.15 -55.74
N PRO G 418 -19.33 -22.79 -54.45
CA PRO G 418 -20.26 -21.78 -53.99
C PRO G 418 -20.11 -20.49 -54.80
N ILE G 419 -21.23 -19.83 -55.07
CA ILE G 419 -21.27 -18.54 -55.76
C ILE G 419 -21.12 -17.38 -54.77
N THR G 420 -20.91 -16.18 -55.30
CA THR G 420 -20.99 -14.96 -54.47
C THR G 420 -21.88 -13.90 -55.11
N GLU G 421 -22.31 -12.97 -54.29
CA GLU G 421 -23.05 -11.81 -54.70
C GLU G 421 -22.70 -10.61 -53.84
N PHE G 422 -22.82 -9.45 -54.44
CA PHE G 422 -22.77 -8.17 -53.78
C PHE G 422 -24.20 -7.67 -53.53
N TYR G 423 -24.38 -6.77 -52.57
CA TYR G 423 -25.60 -6.00 -52.37
C TYR G 423 -25.33 -4.57 -51.89
N ARG G 424 -26.28 -3.65 -52.13
CA ARG G 424 -26.32 -2.33 -51.52
C ARG G 424 -27.74 -1.88 -51.23
N VAL G 425 -27.95 -1.19 -50.11
CA VAL G 425 -29.05 -0.25 -49.94
C VAL G 425 -28.51 1.07 -49.39
N GLY G 426 -28.91 2.17 -50.00
CA GLY G 426 -28.65 3.53 -49.53
C GLY G 426 -29.89 4.05 -48.82
N VAL G 427 -29.71 4.61 -47.63
CA VAL G 427 -30.76 5.25 -46.83
C VAL G 427 -30.34 6.67 -46.46
N SER G 428 -31.31 7.53 -46.20
CA SER G 428 -31.06 8.88 -45.70
C SER G 428 -32.02 9.22 -44.56
N PHE G 429 -31.64 10.21 -43.76
CA PHE G 429 -32.43 10.66 -42.62
C PHE G 429 -32.66 12.15 -42.70
N LYS G 430 -33.86 12.57 -42.31
CA LYS G 430 -34.20 13.98 -42.11
C LYS G 430 -35.25 14.13 -41.03
N GLY G 431 -34.86 14.75 -39.91
CA GLY G 431 -35.72 14.94 -38.75
C GLY G 431 -36.34 13.63 -38.30
N SER G 432 -37.66 13.57 -38.18
CA SER G 432 -38.42 12.35 -37.85
C SER G 432 -38.73 11.43 -39.05
N THR G 433 -37.87 11.35 -40.08
CA THR G 433 -38.09 10.51 -41.28
C THR G 433 -36.81 9.88 -41.82
N TRP G 434 -37.00 8.80 -42.58
CA TRP G 434 -35.94 8.16 -43.33
C TRP G 434 -36.40 7.78 -44.73
N THR G 435 -35.49 7.80 -45.71
CA THR G 435 -35.78 7.52 -47.13
C THR G 435 -34.85 6.46 -47.68
N LEU G 436 -35.39 5.43 -48.35
CA LEU G 436 -34.62 4.41 -49.09
C LEU G 436 -34.16 5.00 -50.43
N VAL G 437 -32.99 5.62 -50.46
CA VAL G 437 -32.53 6.43 -51.58
C VAL G 437 -32.20 5.57 -52.80
N ASP G 438 -31.55 4.42 -52.63
CA ASP G 438 -31.07 3.62 -53.74
C ASP G 438 -30.81 2.17 -53.31
N SER G 439 -30.66 1.24 -54.25
CA SER G 439 -30.19 -0.12 -53.97
C SER G 439 -29.50 -0.77 -55.16
N ALA G 440 -28.70 -1.80 -54.89
CA ALA G 440 -28.23 -2.77 -55.88
C ALA G 440 -28.45 -4.20 -55.34
N VAL G 441 -29.09 -5.07 -56.12
CA VAL G 441 -29.35 -6.48 -55.81
C VAL G 441 -28.97 -7.36 -57.01
N GLN G 442 -28.27 -8.47 -56.79
CA GLN G 442 -27.75 -9.35 -57.86
C GLN G 442 -28.56 -10.64 -58.08
N ASN G 443 -29.78 -10.72 -57.55
CA ASN G 443 -30.67 -11.88 -57.63
C ASN G 443 -32.15 -11.46 -57.66
N SER G 444 -33.05 -12.37 -58.02
CA SER G 444 -34.51 -12.14 -58.12
C SER G 444 -35.31 -12.21 -56.79
N LYS G 445 -34.63 -12.27 -55.63
CA LYS G 445 -35.24 -12.42 -54.31
C LYS G 445 -35.29 -11.08 -53.59
N THR G 446 -36.42 -10.78 -52.98
CA THR G 446 -36.64 -9.52 -52.29
C THR G 446 -35.79 -9.43 -51.03
N GLN G 447 -34.91 -8.42 -50.96
CA GLN G 447 -34.05 -8.10 -49.82
C GLN G 447 -34.69 -6.95 -49.03
N TYR G 448 -34.69 -6.93 -47.70
CA TYR G 448 -35.47 -5.94 -46.94
C TYR G 448 -34.67 -5.13 -45.93
N VAL G 449 -34.99 -3.84 -45.80
CA VAL G 449 -34.66 -3.05 -44.59
C VAL G 449 -35.78 -3.31 -43.59
N THR G 450 -35.42 -3.58 -42.33
CA THR G 450 -36.38 -4.14 -41.37
C THR G 450 -36.41 -3.45 -40.01
N ARG G 451 -35.31 -2.87 -39.54
CA ARG G 451 -35.25 -2.15 -38.27
C ARG G 451 -34.28 -0.98 -38.33
N ILE G 452 -34.56 0.12 -37.64
CA ILE G 452 -33.64 1.24 -37.47
C ILE G 452 -33.63 1.62 -35.98
N ILE G 453 -32.45 1.67 -35.39
CA ILE G 453 -32.24 1.97 -33.96
C ILE G 453 -31.37 3.22 -33.82
N GLY G 454 -31.85 4.24 -33.14
CA GLY G 454 -31.06 5.41 -32.80
C GLY G 454 -30.23 5.12 -31.56
N ILE G 455 -28.95 5.47 -31.59
CA ILE G 455 -27.99 5.17 -30.52
C ILE G 455 -27.27 6.44 -30.03
N ASN G 456 -27.12 6.56 -28.72
CA ASN G 456 -26.32 7.58 -28.07
C ASN G 456 -25.18 6.97 -27.25
N MET G 457 -23.97 7.44 -27.50
CA MET G 457 -22.75 7.07 -26.77
C MET G 457 -22.11 8.35 -26.20
N PRO G 458 -22.78 9.00 -25.22
CA PRO G 458 -22.52 10.38 -24.81
C PRO G 458 -21.10 10.60 -24.28
N MET H 1 -49.68 30.07 105.05
CA MET H 1 -50.51 30.92 105.95
C MET H 1 -51.03 30.09 107.14
N ALA H 2 -51.17 30.65 108.35
CA ALA H 2 -51.58 29.91 109.56
C ALA H 2 -51.81 30.83 110.79
N LEU H 3 -52.98 30.76 111.42
CA LEU H 3 -53.24 31.39 112.72
C LEU H 3 -52.67 30.58 113.90
N ASN H 4 -51.95 31.24 114.84
CA ASN H 4 -51.68 30.70 116.17
C ASN H 4 -52.77 31.17 117.17
N PHE H 5 -53.65 30.27 117.61
CA PHE H 5 -54.76 30.54 118.53
C PHE H 5 -54.81 29.56 119.70
N THR H 6 -54.98 30.04 120.93
CA THR H 6 -55.22 29.20 122.12
C THR H 6 -56.61 29.44 122.70
N THR H 7 -57.37 28.37 122.93
CA THR H 7 -58.74 28.43 123.50
C THR H 7 -58.75 29.08 124.88
N ILE H 8 -59.67 30.03 125.08
CA ILE H 8 -59.72 30.90 126.27
C ILE H 8 -60.73 30.35 127.26
N THR H 9 -60.30 30.17 128.51
CA THR H 9 -61.05 29.54 129.62
C THR H 9 -61.54 30.59 130.64
N GLU H 10 -62.34 30.18 131.63
CA GLU H 10 -62.86 31.06 132.68
C GLU H 10 -61.77 31.75 133.50
N ASN H 11 -60.62 31.08 133.65
CA ASN H 11 -59.47 31.53 134.44
C ASN H 11 -58.66 32.63 133.74
N ASN H 12 -58.81 32.80 132.43
CA ASN H 12 -58.04 33.73 131.64
C ASN H 12 -58.48 35.18 131.88
N VAL H 13 -57.51 36.06 132.11
CA VAL H 13 -57.72 37.51 132.27
C VAL H 13 -57.87 38.21 130.93
N ILE H 14 -58.44 39.42 130.95
CA ILE H 14 -58.77 40.20 129.74
C ILE H 14 -57.55 40.41 128.83
N ARG H 15 -56.35 40.47 129.40
CA ARG H 15 -55.09 40.47 128.64
C ARG H 15 -54.99 39.25 127.71
N ASP H 16 -55.28 38.03 128.18
CA ASP H 16 -55.15 36.78 127.38
C ASP H 16 -56.14 36.74 126.20
N LEU H 17 -57.39 37.12 126.46
CA LEU H 17 -58.39 37.35 125.42
C LEU H 17 -57.89 38.40 124.41
N THR H 18 -57.28 39.48 124.89
CA THR H 18 -56.69 40.52 124.03
C THR H 18 -55.57 39.96 123.16
N THR H 19 -54.69 39.11 123.71
CA THR H 19 -53.64 38.42 122.95
C THR H 19 -54.21 37.59 121.81
N GLN H 20 -55.25 36.80 122.06
CA GLN H 20 -55.84 36.00 120.99
C GLN H 20 -56.50 36.87 119.92
N VAL H 21 -57.23 37.93 120.29
CA VAL H 21 -57.84 38.85 119.31
C VAL H 21 -56.76 39.54 118.47
N ASN H 22 -55.66 39.96 119.09
CA ASN H 22 -54.48 40.47 118.37
C ASN H 22 -53.89 39.40 117.41
N ASN H 23 -53.69 38.15 117.85
CA ASN H 23 -53.18 37.09 116.97
C ASN H 23 -54.08 36.90 115.72
N ILE H 24 -55.40 36.84 115.91
CA ILE H 24 -56.38 36.71 114.81
C ILE H 24 -56.29 37.90 113.86
N GLY H 25 -56.43 39.11 114.40
CA GLY H 25 -56.42 40.32 113.58
C GLY H 25 -55.11 40.51 112.81
N GLU H 26 -53.96 40.20 113.42
CA GLU H 26 -52.66 40.26 112.74
C GLU H 26 -52.58 39.28 111.57
N GLU H 27 -52.89 37.99 111.79
CA GLU H 27 -52.83 37.01 110.70
C GLU H 27 -53.74 37.37 109.53
N LEU H 28 -54.92 37.90 109.85
CA LEU H 28 -55.87 38.30 108.82
C LEU H 28 -55.54 39.64 108.15
N THR H 29 -54.74 40.53 108.77
CA THR H 29 -54.40 41.82 108.16
C THR H 29 -52.98 41.94 107.63
N LYS H 30 -52.06 41.02 107.98
CA LYS H 30 -50.65 41.09 107.57
C LYS H 30 -50.51 41.32 106.05
N GLU H 31 -49.49 42.06 105.63
CA GLU H 31 -49.42 42.47 104.22
C GLU H 31 -49.34 41.24 103.30
N ARG H 32 -50.15 41.21 102.23
CA ARG H 32 -50.42 40.00 101.42
C ARG H 32 -51.05 38.84 102.21
N ASN H 33 -52.01 39.17 103.07
CA ASN H 33 -52.90 38.25 103.79
C ASN H 33 -53.75 37.35 102.88
N ILE H 34 -54.54 36.49 103.51
CA ILE H 34 -55.49 35.58 102.86
C ILE H 34 -56.39 36.27 101.84
N PHE H 35 -56.87 37.47 102.15
CA PHE H 35 -57.78 38.23 101.30
C PHE H 35 -57.08 38.66 100.00
N ASP H 36 -55.94 39.36 100.13
CA ASP H 36 -55.14 39.80 98.99
C ASP H 36 -54.78 38.62 98.07
N ILE H 37 -54.31 37.51 98.65
CA ILE H 37 -53.92 36.32 97.89
C ILE H 37 -55.13 35.73 97.15
N THR H 38 -56.31 35.72 97.78
CA THR H 38 -57.51 35.19 97.14
C THR H 38 -58.05 36.12 96.04
N ASP H 39 -58.04 37.45 96.23
CA ASP H 39 -58.39 38.40 95.16
C ASP H 39 -57.43 38.33 93.96
N ASP H 40 -56.13 38.16 94.21
CA ASP H 40 -55.17 37.84 93.18
C ASP H 40 -55.51 36.51 92.48
N LEU H 41 -55.81 35.44 93.21
CA LEU H 41 -56.17 34.16 92.62
C LEU H 41 -57.40 34.29 91.72
N VAL H 42 -58.47 34.93 92.16
CA VAL H 42 -59.66 35.17 91.31
C VAL H 42 -59.28 35.92 90.04
N TYR H 43 -58.53 37.01 90.16
CA TYR H 43 -58.21 37.83 89.01
C TYR H 43 -57.37 37.07 87.97
N ASN H 44 -56.43 36.26 88.46
CA ASN H 44 -55.73 35.23 87.70
C ASN H 44 -56.69 34.24 87.04
N PHE H 45 -57.66 33.70 87.78
CA PHE H 45 -58.53 32.65 87.26
C PHE H 45 -59.50 33.13 86.18
N ASN H 46 -60.00 34.36 86.24
CA ASN H 46 -60.83 34.95 85.18
C ASN H 46 -60.05 35.05 83.86
N LYS H 47 -58.76 35.43 83.90
CA LYS H 47 -57.84 35.43 82.75
C LYS H 47 -57.56 34.01 82.21
N SER H 48 -57.57 33.01 83.07
CA SER H 48 -56.94 31.71 82.79
C SER H 48 -57.51 30.96 81.59
N GLN H 49 -56.72 30.01 81.06
CA GLN H 49 -57.16 28.95 80.14
C GLN H 49 -57.99 27.93 80.92
N LYS H 50 -59.28 28.24 81.11
CA LYS H 50 -60.20 27.45 81.95
C LYS H 50 -60.55 26.07 81.39
N ILE H 51 -60.02 25.67 80.23
CA ILE H 51 -60.27 24.34 79.64
C ILE H 51 -58.96 23.63 79.26
N LYS H 52 -58.90 22.32 79.54
CA LYS H 52 -57.79 21.42 79.21
C LYS H 52 -57.66 21.23 77.69
N LEU H 53 -56.45 21.38 77.17
CA LEU H 53 -56.01 20.85 75.88
C LEU H 53 -55.14 19.58 76.05
N THR H 54 -54.56 19.37 77.25
CA THR H 54 -53.84 18.16 77.66
C THR H 54 -54.36 17.68 79.01
N ASP H 55 -54.09 16.43 79.38
CA ASP H 55 -54.38 15.92 80.72
C ASP H 55 -53.48 16.57 81.81
N ASP H 56 -53.74 16.23 83.06
CA ASP H 56 -53.08 16.78 84.25
C ASP H 56 -51.58 16.50 84.33
N LYS H 57 -51.09 15.51 83.56
CA LYS H 57 -49.66 15.17 83.40
C LYS H 57 -49.02 15.85 82.18
N GLY H 58 -49.83 16.54 81.36
CA GLY H 58 -49.44 17.05 80.05
C GLY H 58 -49.64 16.05 78.91
N LEU H 59 -50.26 14.90 79.14
CA LEU H 59 -50.47 13.83 78.16
C LEU H 59 -51.80 14.00 77.39
N THR H 60 -52.09 13.17 76.39
CA THR H 60 -53.32 13.30 75.58
C THR H 60 -54.58 13.18 76.43
N LYS H 61 -55.62 13.93 76.05
CA LYS H 61 -56.97 13.72 76.60
C LYS H 61 -57.49 12.38 76.09
N SER H 62 -58.12 11.60 76.96
CA SER H 62 -59.03 10.53 76.51
C SER H 62 -60.37 11.17 76.07
N TYR H 63 -61.42 10.37 75.88
CA TYR H 63 -62.66 10.78 75.21
C TYR H 63 -63.84 9.88 75.60
N GLY H 64 -65.05 10.24 75.15
CA GLY H 64 -66.30 9.48 75.37
C GLY H 64 -66.54 8.28 74.44
N ASN H 65 -67.80 7.85 74.31
CA ASN H 65 -68.20 6.82 73.33
C ASN H 65 -68.23 7.41 71.91
N ILE H 66 -67.66 6.69 70.94
CA ILE H 66 -67.58 7.14 69.54
C ILE H 66 -67.84 6.02 68.54
N THR H 67 -68.03 6.45 67.29
CA THR H 67 -68.30 5.69 66.07
C THR H 67 -67.53 6.27 64.87
N ALA H 68 -67.06 7.51 64.99
CA ALA H 68 -66.32 8.24 63.97
C ALA H 68 -65.34 9.22 64.62
N LEU H 69 -64.25 9.58 63.94
CA LEU H 69 -63.27 10.54 64.44
C LEU H 69 -63.89 11.95 64.59
N ARG H 70 -64.87 12.31 63.76
CA ARG H 70 -65.70 13.54 63.89
C ARG H 70 -66.56 13.59 65.16
N ASP H 71 -66.68 12.51 65.90
CA ASP H 71 -67.41 12.52 67.16
C ASP H 71 -66.62 13.30 68.22
N ILE H 72 -65.29 13.16 68.25
CA ILE H 72 -64.43 14.00 69.08
C ILE H 72 -64.43 15.43 68.50
N LYS H 73 -65.04 16.38 69.19
CA LYS H 73 -65.07 17.81 68.79
C LYS H 73 -64.61 18.76 69.87
N GLU H 74 -64.46 18.26 71.08
CA GLU H 74 -63.73 18.94 72.13
C GLU H 74 -62.28 19.16 71.65
N PRO H 75 -61.68 20.35 71.85
CA PRO H 75 -60.31 20.59 71.40
C PRO H 75 -59.32 19.80 72.25
N GLY H 76 -58.21 19.40 71.64
CA GLY H 76 -57.15 18.69 72.35
C GLY H 76 -56.40 17.70 71.48
N TYR H 77 -55.49 16.99 72.12
CA TYR H 77 -54.75 15.87 71.54
C TYR H 77 -55.31 14.55 72.07
N TYR H 78 -55.57 13.61 71.16
CA TYR H 78 -56.18 12.32 71.42
C TYR H 78 -55.38 11.22 70.74
N TYR H 79 -55.31 10.04 71.36
CA TYR H 79 -54.50 8.93 70.86
C TYR H 79 -55.24 7.57 71.01
N ILE H 80 -54.92 6.57 70.17
CA ILE H 80 -55.62 5.26 70.08
C ILE H 80 -54.64 4.10 70.13
N GLY H 81 -54.99 3.07 70.91
CA GLY H 81 -54.34 1.76 70.93
C GLY H 81 -54.97 0.78 69.95
N ALA H 82 -55.59 -0.25 70.53
CA ALA H 82 -55.95 -1.52 69.92
C ALA H 82 -56.55 -1.46 68.49
N ARG H 83 -56.04 -2.32 67.60
CA ARG H 83 -56.66 -2.63 66.28
C ARG H 83 -58.14 -3.02 66.46
N THR H 84 -58.48 -3.73 67.54
CA THR H 84 -59.86 -4.05 67.96
C THR H 84 -60.76 -2.82 67.97
N LEU H 85 -60.26 -1.65 68.36
CA LEU H 85 -61.00 -0.39 68.33
C LEU H 85 -60.90 0.31 66.96
N ALA H 86 -59.67 0.42 66.41
CA ALA H 86 -59.22 1.40 65.40
C ALA H 86 -59.88 1.33 63.99
N THR H 87 -60.99 0.62 63.94
CA THR H 87 -61.80 0.15 62.82
C THR H 87 -62.64 1.21 62.09
N LEU H 88 -62.74 2.44 62.60
CA LEU H 88 -63.82 3.38 62.25
C LEU H 88 -63.70 3.98 60.84
N LEU H 89 -64.84 4.43 60.35
CA LEU H 89 -65.17 4.48 58.93
C LEU H 89 -64.74 5.78 58.24
N ASP H 90 -64.61 6.88 59.00
CA ASP H 90 -64.22 8.22 58.51
C ASP H 90 -62.72 8.50 58.65
N ARG H 91 -61.95 7.45 58.92
CA ARG H 91 -60.49 7.46 58.86
C ARG H 91 -60.00 7.74 57.42
N PRO H 92 -58.77 8.20 57.25
CA PRO H 92 -58.22 8.39 55.92
C PRO H 92 -58.01 7.08 55.15
N ASP H 93 -57.91 7.17 53.83
CA ASP H 93 -57.70 6.02 52.91
C ASP H 93 -56.21 5.64 52.77
N MET H 94 -55.73 4.79 53.69
CA MET H 94 -54.49 3.99 53.68
C MET H 94 -54.64 2.84 54.71
N GLU H 95 -53.73 1.87 54.77
CA GLU H 95 -53.88 0.70 55.69
C GLU H 95 -53.89 1.06 57.20
N SER H 96 -54.07 0.06 58.07
CA SER H 96 -53.95 0.24 59.52
C SER H 96 -52.51 0.66 59.89
N LEU H 97 -52.32 1.92 60.29
CA LEU H 97 -51.02 2.50 60.60
C LEU H 97 -50.99 3.28 61.94
N ASP H 98 -52.12 3.37 62.65
CA ASP H 98 -52.33 3.99 64.00
C ASP H 98 -51.93 5.45 64.15
N VAL H 99 -52.54 6.23 65.07
CA VAL H 99 -52.49 7.71 64.96
C VAL H 99 -52.64 8.50 66.26
N VAL H 100 -52.17 9.76 66.24
CA VAL H 100 -52.64 10.86 67.10
C VAL H 100 -53.53 11.78 66.29
N LEU H 101 -54.65 12.19 66.91
CA LEU H 101 -55.56 13.19 66.41
C LEU H 101 -55.37 14.47 67.23
N HIS H 102 -55.11 15.58 66.55
CA HIS H 102 -55.31 16.90 67.14
C HIS H 102 -56.61 17.51 66.61
N VAL H 103 -57.39 18.10 67.49
CA VAL H 103 -58.64 18.78 67.16
C VAL H 103 -58.48 20.29 67.39
N VAL H 104 -58.48 21.05 66.29
CA VAL H 104 -58.40 22.51 66.26
C VAL H 104 -59.79 23.13 66.49
N PRO H 105 -59.92 24.08 67.45
CA PRO H 105 -61.15 24.81 67.66
C PRO H 105 -61.35 25.94 66.65
N LEU H 106 -62.63 26.25 66.36
CA LEU H 106 -63.09 27.27 65.41
C LEU H 106 -64.01 28.29 66.12
N ASP H 107 -64.94 28.92 65.41
CA ASP H 107 -66.02 29.70 66.00
C ASP H 107 -66.96 28.84 66.88
N THR H 108 -67.49 27.72 66.38
CA THR H 108 -68.56 26.95 67.07
C THR H 108 -68.15 25.51 67.39
N SER H 109 -68.65 24.95 68.50
CA SER H 109 -68.24 23.61 69.01
C SER H 109 -68.65 22.45 68.10
N SER H 110 -69.68 22.65 67.29
CA SER H 110 -70.10 21.74 66.24
C SER H 110 -69.09 21.62 65.08
N LYS H 111 -68.11 22.54 64.94
CA LYS H 111 -67.14 22.55 63.84
C LYS H 111 -65.71 22.54 64.34
N VAL H 112 -64.84 21.77 63.68
CA VAL H 112 -63.42 21.65 64.04
C VAL H 112 -62.56 21.33 62.81
N VAL H 113 -61.27 21.66 62.85
CA VAL H 113 -60.29 21.08 61.91
C VAL H 113 -59.56 19.95 62.62
N GLN H 114 -59.39 18.83 61.95
CA GLN H 114 -58.78 17.65 62.50
C GLN H 114 -57.46 17.35 61.79
N HIS H 115 -56.42 17.06 62.56
CA HIS H 115 -55.05 16.84 62.09
C HIS H 115 -54.59 15.45 62.53
N LEU H 116 -53.93 14.70 61.64
CA LEU H 116 -53.62 13.29 61.85
C LEU H 116 -52.14 12.98 61.52
N TYR H 117 -51.47 12.22 62.41
CA TYR H 117 -50.07 11.80 62.29
C TYR H 117 -49.90 10.35 62.88
N THR H 118 -49.00 9.47 62.37
CA THR H 118 -49.07 7.99 62.61
C THR H 118 -48.12 7.32 63.66
N LEU H 119 -48.42 6.12 64.22
CA LEU H 119 -47.82 5.55 65.46
C LEU H 119 -47.77 4.00 65.63
N SER H 120 -47.54 3.55 66.87
CA SER H 120 -47.34 2.20 67.46
C SER H 120 -45.92 1.62 67.40
N THR H 121 -45.34 1.43 66.20
CA THR H 121 -43.98 0.87 66.03
C THR H 121 -43.41 1.13 64.62
N ASN H 122 -42.11 0.87 64.41
CA ASN H 122 -41.38 1.00 63.12
C ASN H 122 -41.27 2.46 62.59
N ASN H 123 -40.88 2.61 61.32
CA ASN H 123 -40.15 3.79 60.82
C ASN H 123 -40.85 4.66 59.76
N ASN H 124 -40.97 4.13 58.53
CA ASN H 124 -41.10 4.94 57.30
C ASN H 124 -42.54 5.36 56.95
N GLN H 125 -43.54 4.57 57.35
CA GLN H 125 -44.87 4.56 56.72
C GLN H 125 -45.68 5.85 56.91
N ILE H 126 -45.36 6.64 57.93
CA ILE H 126 -46.14 7.78 58.38
C ILE H 126 -46.50 8.77 57.27
N LYS H 127 -47.61 9.45 57.49
CA LYS H 127 -48.01 10.66 56.79
C LYS H 127 -48.46 11.71 57.78
N MET H 128 -48.59 12.93 57.28
CA MET H 128 -49.38 13.96 57.92
C MET H 128 -50.65 14.20 57.09
N LEU H 129 -51.80 14.38 57.74
CA LEU H 129 -53.09 14.64 57.09
C LEU H 129 -53.89 15.75 57.83
N TYR H 130 -54.86 16.35 57.15
CA TYR H 130 -55.84 17.26 57.77
C TYR H 130 -57.22 17.24 57.10
N ARG H 131 -58.27 17.69 57.80
CA ARG H 131 -59.62 17.94 57.25
C ARG H 131 -60.45 18.92 58.08
N PHE H 132 -61.55 19.40 57.51
CA PHE H 132 -62.53 20.30 58.14
C PHE H 132 -63.87 19.59 58.39
N VAL H 133 -64.42 19.66 59.60
CA VAL H 133 -65.62 18.94 60.07
C VAL H 133 -66.68 19.92 60.56
N SER H 134 -67.96 19.72 60.25
CA SER H 134 -69.05 20.66 60.57
C SER H 134 -70.41 19.98 60.87
N GLY H 135 -70.78 19.88 62.14
CA GLY H 135 -71.96 19.15 62.61
C GLY H 135 -71.71 17.64 62.65
N ASN H 136 -71.95 16.99 61.53
CA ASN H 136 -71.49 15.61 61.25
C ASN H 136 -70.60 15.61 59.98
N SER H 137 -70.93 16.44 59.00
CA SER H 137 -70.28 16.57 57.68
C SER H 137 -68.80 16.95 57.76
N SER H 138 -68.06 16.83 56.65
CA SER H 138 -66.65 17.24 56.55
C SER H 138 -66.15 17.41 55.11
N SER H 139 -64.95 17.98 54.94
CA SER H 139 -64.11 17.68 53.78
C SER H 139 -63.59 16.24 53.81
N GLU H 140 -63.11 15.74 52.69
CA GLU H 140 -62.23 14.56 52.72
C GLU H 140 -60.87 14.93 53.34
N TRP H 141 -60.14 13.92 53.77
CA TRP H 141 -58.77 14.07 54.25
C TRP H 141 -57.86 14.58 53.15
N GLN H 142 -56.98 15.51 53.51
CA GLN H 142 -55.93 16.07 52.66
C GLN H 142 -54.56 15.60 53.17
N PHE H 143 -53.79 14.95 52.31
CA PHE H 143 -52.59 14.22 52.70
C PHE H 143 -51.38 15.08 52.32
N ILE H 144 -50.41 15.27 53.22
CA ILE H 144 -49.19 16.04 52.96
C ILE H 144 -47.97 15.12 52.91
N GLN H 145 -47.18 15.21 51.85
CA GLN H 145 -45.90 14.52 51.74
C GLN H 145 -44.78 15.32 52.43
N GLY H 146 -43.72 14.65 52.89
CA GLY H 146 -42.52 15.32 53.43
C GLY H 146 -41.22 14.57 53.12
N LEU H 147 -40.18 15.30 52.67
CA LEU H 147 -38.90 14.70 52.32
C LEU H 147 -38.17 14.21 53.58
N PRO H 148 -37.95 12.90 53.78
CA PRO H 148 -37.18 12.44 54.93
C PRO H 148 -35.74 12.93 54.83
N SER H 149 -35.23 13.53 55.90
CA SER H 149 -33.86 14.06 55.99
C SER H 149 -33.46 14.93 54.78
N ASN H 150 -34.39 15.78 54.30
CA ASN H 150 -34.22 16.66 53.14
C ASN H 150 -33.96 15.93 51.80
N LYS H 151 -34.22 14.63 51.72
CA LYS H 151 -33.91 13.78 50.56
C LYS H 151 -35.15 13.05 50.05
N ASN H 152 -35.14 12.66 48.78
CA ASN H 152 -36.09 11.68 48.28
C ASN H 152 -35.90 10.36 49.03
N ALA H 153 -37.03 9.78 49.44
CA ALA H 153 -37.09 8.46 50.04
C ALA H 153 -36.50 7.39 49.10
N VAL H 154 -35.99 6.32 49.68
CA VAL H 154 -35.55 5.14 48.94
C VAL H 154 -36.52 4.01 49.20
N ILE H 155 -37.08 3.44 48.15
CA ILE H 155 -37.93 2.24 48.21
C ILE H 155 -37.20 1.09 47.53
N SER H 156 -37.18 -0.07 48.20
CA SER H 156 -36.52 -1.28 47.73
C SER H 156 -37.24 -2.52 48.24
N GLY H 157 -37.02 -3.67 47.60
CA GLY H 157 -37.62 -4.93 48.03
C GLY H 157 -39.12 -5.05 47.76
N THR H 158 -39.65 -4.33 46.77
CA THR H 158 -41.06 -4.40 46.37
C THR H 158 -41.22 -4.33 44.84
N ASN H 159 -42.34 -4.79 44.30
CA ASN H 159 -42.69 -4.55 42.90
C ASN H 159 -43.11 -3.09 42.74
N ILE H 160 -42.52 -2.40 41.77
CA ILE H 160 -42.76 -0.97 41.60
C ILE H 160 -44.24 -0.63 41.32
N LEU H 161 -45.01 -1.56 40.77
CA LEU H 161 -46.42 -1.33 40.45
C LEU H 161 -47.33 -1.37 41.68
N ASP H 162 -46.92 -2.05 42.76
CA ASP H 162 -47.74 -2.20 43.97
C ASP H 162 -47.76 -0.93 44.84
N ILE H 163 -46.83 0.00 44.63
CA ILE H 163 -46.87 1.33 45.24
C ILE H 163 -48.10 2.07 44.67
N ALA H 164 -49.02 2.54 45.52
CA ALA H 164 -50.21 3.27 45.10
C ALA H 164 -50.15 4.79 45.33
N SER H 165 -49.31 5.27 46.24
CA SER H 165 -49.23 6.69 46.55
C SER H 165 -48.56 7.48 45.43
N PRO H 166 -49.16 8.58 44.94
CA PRO H 166 -48.47 9.57 44.14
C PRO H 166 -47.18 10.11 44.78
N GLY H 167 -46.33 10.76 44.00
CA GLY H 167 -45.10 11.39 44.49
C GLY H 167 -43.80 10.81 43.92
N VAL H 168 -42.69 11.40 44.35
CA VAL H 168 -41.34 11.12 43.84
C VAL H 168 -40.55 10.31 44.85
N TYR H 169 -39.94 9.23 44.38
CA TYR H 169 -39.13 8.30 45.16
C TYR H 169 -37.85 7.98 44.38
N PHE H 170 -36.81 7.48 45.06
CA PHE H 170 -35.80 6.69 44.37
C PHE H 170 -36.06 5.20 44.61
N VAL H 171 -36.08 4.43 43.53
CA VAL H 171 -36.42 3.01 43.51
C VAL H 171 -35.22 2.19 43.08
N MET H 172 -34.86 1.18 43.86
CA MET H 172 -33.82 0.20 43.50
C MET H 172 -34.01 -1.11 44.25
N GLY H 173 -33.47 -2.22 43.72
CA GLY H 173 -33.72 -3.53 44.31
C GLY H 173 -35.21 -3.91 44.31
N MET H 174 -35.97 -3.42 43.32
CA MET H 174 -37.39 -3.72 43.18
C MET H 174 -37.55 -5.19 42.79
N THR H 175 -38.44 -5.91 43.46
CA THR H 175 -38.59 -7.35 43.18
C THR H 175 -39.18 -7.61 41.79
N GLY H 176 -39.81 -6.61 41.17
CA GLY H 176 -40.41 -6.74 39.84
C GLY H 176 -41.03 -5.45 39.28
N GLY H 177 -41.59 -5.59 38.08
CA GLY H 177 -42.34 -4.56 37.33
C GLY H 177 -41.51 -3.71 36.37
N MET H 178 -40.20 -3.59 36.60
CA MET H 178 -39.28 -2.70 35.89
C MET H 178 -39.13 -2.98 34.37
N PRO H 179 -38.69 -1.98 33.56
CA PRO H 179 -38.24 -2.22 32.19
C PRO H 179 -36.97 -3.10 32.12
N SER H 180 -36.69 -3.66 30.94
CA SER H 180 -35.53 -4.53 30.67
C SER H 180 -34.20 -3.85 30.99
N GLY H 181 -33.36 -4.51 31.77
CA GLY H 181 -32.04 -4.02 32.20
C GLY H 181 -32.08 -2.84 33.18
N VAL H 182 -33.22 -2.17 33.33
CA VAL H 182 -33.37 -1.05 34.25
C VAL H 182 -33.45 -1.59 35.68
N SER H 183 -32.40 -1.35 36.45
CA SER H 183 -32.26 -1.77 37.84
C SER H 183 -32.81 -0.79 38.87
N SER H 184 -32.87 0.50 38.52
CA SER H 184 -33.17 1.57 39.47
C SER H 184 -33.57 2.88 38.80
N GLY H 185 -34.08 3.83 39.58
CA GLY H 185 -34.43 5.15 39.05
C GLY H 185 -35.05 6.09 40.06
N PHE H 186 -35.36 7.31 39.63
CA PHE H 186 -36.46 8.03 40.26
C PHE H 186 -37.77 7.51 39.67
N LEU H 187 -38.74 7.26 40.53
CA LEU H 187 -40.13 7.02 40.13
C LEU H 187 -40.96 8.25 40.50
N ASP H 188 -41.64 8.82 39.52
CA ASP H 188 -42.74 9.76 39.73
C ASP H 188 -44.03 9.04 39.35
N LEU H 189 -44.88 8.80 40.34
CA LEU H 189 -46.16 8.14 40.15
C LEU H 189 -47.29 9.16 40.30
N SER H 190 -48.28 9.08 39.41
CA SER H 190 -49.54 9.83 39.50
C SER H 190 -50.76 8.92 39.45
N VAL H 191 -51.74 9.18 40.31
CA VAL H 191 -52.97 8.38 40.47
C VAL H 191 -54.16 9.29 40.80
N ASP H 192 -55.31 9.05 40.19
CA ASP H 192 -56.53 9.83 40.44
C ASP H 192 -57.59 9.03 41.23
N ALA H 193 -58.80 9.56 41.37
CA ALA H 193 -59.94 8.89 42.00
C ALA H 193 -60.59 7.78 41.13
N ASN H 194 -60.49 7.83 39.80
CA ASN H 194 -60.99 6.79 38.90
C ASN H 194 -60.05 5.56 38.88
N ASP H 195 -58.83 5.69 39.37
CA ASP H 195 -57.71 4.77 39.20
C ASP H 195 -57.12 4.75 37.78
N ASN H 196 -57.19 5.88 37.06
CA ASN H 196 -56.16 6.12 36.05
C ASN H 196 -54.81 6.24 36.76
N ARG H 197 -53.73 5.84 36.10
CA ARG H 197 -52.38 6.10 36.58
C ARG H 197 -51.44 6.48 35.47
N LEU H 198 -50.47 7.30 35.83
CA LEU H 198 -49.29 7.63 35.04
C LEU H 198 -48.05 7.39 35.90
N ALA H 199 -47.35 6.30 35.65
CA ALA H 199 -46.02 6.07 36.18
C ALA H 199 -44.98 6.59 35.19
N ARG H 200 -44.11 7.50 35.63
CA ARG H 200 -42.84 7.81 34.96
C ARG H 200 -41.72 7.19 35.79
N LEU H 201 -40.95 6.28 35.20
CA LEU H 201 -39.66 5.85 35.71
C LEU H 201 -38.54 6.46 34.86
N THR H 202 -37.48 6.95 35.49
CA THR H 202 -36.26 7.35 34.80
C THR H 202 -35.11 6.45 35.22
N ASP H 203 -34.46 5.77 34.29
CA ASP H 203 -33.25 4.98 34.61
C ASP H 203 -32.13 5.90 35.12
N ALA H 204 -31.80 5.76 36.41
CA ALA H 204 -30.73 6.52 37.04
C ALA H 204 -29.35 6.26 36.42
N GLU H 205 -29.14 5.17 35.70
CA GLU H 205 -27.83 4.86 35.14
C GLU H 205 -27.51 5.69 33.89
N THR H 206 -28.51 6.03 33.09
CA THR H 206 -28.32 6.59 31.74
C THR H 206 -29.10 7.86 31.46
N GLY H 207 -30.17 8.12 32.22
CA GLY H 207 -31.18 9.09 31.83
C GLY H 207 -31.99 8.60 30.63
N LYS H 208 -32.71 7.47 30.77
CA LYS H 208 -33.78 7.03 29.85
C LYS H 208 -35.14 6.94 30.55
N GLU H 209 -36.15 7.59 30.01
CA GLU H 209 -37.51 7.62 30.58
C GLU H 209 -38.33 6.43 30.08
N TYR H 210 -39.01 5.76 31.00
CA TYR H 210 -39.94 4.69 30.73
C TYR H 210 -41.25 5.00 31.42
N THR H 211 -42.29 5.17 30.62
CA THR H 211 -43.61 5.55 31.06
C THR H 211 -44.56 4.40 30.85
N SER H 212 -45.44 4.18 31.82
CA SER H 212 -46.51 3.21 31.73
C SER H 212 -47.75 3.74 32.44
N ILE H 213 -48.91 3.40 31.92
CA ILE H 213 -50.20 3.90 32.40
C ILE H 213 -51.08 2.73 32.83
N LYS H 214 -51.89 2.93 33.87
CA LYS H 214 -52.90 1.96 34.30
C LYS H 214 -54.28 2.56 34.12
N LYS H 215 -55.15 1.83 33.41
CA LYS H 215 -56.58 2.11 33.28
C LYS H 215 -57.33 1.14 34.22
N PRO H 216 -58.64 1.27 34.43
CA PRO H 216 -59.46 0.34 35.21
C PRO H 216 -59.31 -1.19 34.95
N THR H 217 -58.51 -1.64 33.98
CA THR H 217 -58.10 -3.04 33.75
C THR H 217 -57.53 -3.74 34.98
N GLY H 218 -56.77 -3.02 35.82
CA GLY H 218 -55.87 -3.66 36.78
C GLY H 218 -54.42 -3.78 36.29
N THR H 219 -54.15 -3.69 34.98
CA THR H 219 -52.78 -3.77 34.42
C THR H 219 -52.21 -2.41 33.99
N TYR H 220 -50.97 -2.18 34.37
CA TYR H 220 -50.15 -1.18 33.72
C TYR H 220 -49.84 -1.62 32.29
N THR H 221 -49.70 -0.67 31.37
CA THR H 221 -49.22 -0.94 30.00
C THR H 221 -47.74 -1.38 29.99
N ALA H 222 -47.26 -1.80 28.81
CA ALA H 222 -45.83 -1.92 28.55
C ALA H 222 -45.07 -0.60 28.83
N TRP H 223 -43.74 -0.70 28.94
CA TRP H 223 -42.86 0.45 29.15
C TRP H 223 -42.61 1.22 27.85
N LYS H 224 -43.41 2.26 27.60
CA LYS H 224 -43.14 3.22 26.54
C LYS H 224 -41.88 4.01 26.91
N LYS H 225 -40.78 3.74 26.21
CA LYS H 225 -39.53 4.50 26.32
C LYS H 225 -39.71 5.92 25.76
N GLU H 226 -38.83 6.86 26.09
CA GLU H 226 -38.50 8.03 25.24
C GLU H 226 -38.04 7.63 23.81
N PHE H 227 -37.77 8.59 22.89
CA PHE H 227 -37.27 8.27 21.52
C PHE H 227 -35.72 8.34 21.37
N GLU H 228 -35.15 7.54 20.44
CA GLU H 228 -33.71 7.32 20.24
C GLU H 228 -33.34 7.03 18.77
N PRO H 229 -32.04 7.15 18.37
CA PRO H 229 -31.61 7.01 16.97
C PRO H 229 -31.96 5.65 16.34
N LYS H 230 -31.83 4.56 17.12
CA LYS H 230 -32.02 3.17 16.64
C LYS H 230 -33.42 2.84 16.13
N ASP H 231 -34.43 3.64 16.45
CA ASP H 231 -35.84 3.29 16.25
C ASP H 231 -36.38 3.66 14.85
N MET H 232 -35.69 4.54 14.14
CA MET H 232 -35.98 4.95 12.75
C MET H 232 -35.42 4.00 11.66
N GLU H 233 -34.46 3.13 11.99
CA GLU H 233 -33.62 2.39 11.00
C GLU H 233 -34.42 1.46 10.09
N LYS H 234 -35.63 1.07 10.48
CA LYS H 234 -36.55 0.27 9.67
C LYS H 234 -36.99 0.98 8.38
N TYR H 235 -36.94 2.31 8.35
CA TYR H 235 -37.25 3.12 7.16
C TYR H 235 -35.99 3.56 6.40
N LEU H 236 -34.88 3.76 7.10
CA LEU H 236 -33.68 4.48 6.60
C LEU H 236 -32.69 3.61 5.82
N LEU H 237 -31.90 4.22 4.94
CA LEU H 237 -30.98 3.46 4.08
C LEU H 237 -29.79 2.84 4.82
N SER H 238 -29.43 3.38 5.98
CA SER H 238 -28.26 3.01 6.76
C SER H 238 -28.64 2.36 8.08
N SER H 239 -27.82 1.44 8.55
CA SER H 239 -27.83 1.05 9.97
C SER H 239 -27.14 2.11 10.82
N ILE H 240 -27.34 2.02 12.13
CA ILE H 240 -26.59 2.78 13.11
C ILE H 240 -25.83 1.79 14.01
N ARG H 241 -24.50 1.88 14.04
CA ARG H 241 -23.67 1.10 14.96
C ARG H 241 -23.73 1.68 16.38
N ASP H 242 -23.31 0.94 17.40
CA ASP H 242 -23.43 1.38 18.81
C ASP H 242 -22.69 2.68 19.14
N ASP H 243 -21.60 2.97 18.44
CA ASP H 243 -20.84 4.23 18.50
C ASP H 243 -21.53 5.39 17.75
N GLY H 244 -22.75 5.17 17.22
CA GLY H 244 -23.53 6.12 16.42
C GLY H 244 -23.08 6.27 14.97
N SER H 245 -22.10 5.49 14.53
CA SER H 245 -21.63 5.57 13.14
C SER H 245 -22.64 4.95 12.19
N ALA H 246 -22.80 5.57 11.02
CA ALA H 246 -23.63 5.05 9.95
C ALA H 246 -22.92 3.88 9.24
N SER H 247 -23.68 2.90 8.77
CA SER H 247 -23.19 1.79 7.93
C SER H 247 -24.28 1.20 7.05
N PHE H 248 -24.00 0.19 6.24
CA PHE H 248 -25.07 -0.51 5.52
C PHE H 248 -25.84 -1.45 6.47
N PRO H 249 -27.17 -1.58 6.27
CA PRO H 249 -28.00 -2.52 7.00
C PRO H 249 -27.83 -3.96 6.48
N LEU H 250 -27.43 -4.19 5.23
CA LEU H 250 -27.11 -5.53 4.73
C LEU H 250 -25.65 -5.67 4.32
N LEU H 251 -24.92 -6.48 5.07
CA LEU H 251 -23.57 -6.90 4.72
C LEU H 251 -23.62 -8.40 4.43
N VAL H 252 -23.06 -8.84 3.32
CA VAL H 252 -22.98 -10.25 2.93
C VAL H 252 -21.53 -10.62 2.63
N TYR H 253 -20.99 -11.60 3.34
CA TYR H 253 -19.61 -12.07 3.23
C TYR H 253 -19.56 -13.53 2.81
N THR H 254 -18.53 -13.96 2.07
CA THR H 254 -18.40 -15.36 1.62
C THR H 254 -18.37 -16.35 2.79
N SER H 255 -17.75 -15.97 3.91
CA SER H 255 -17.75 -16.72 5.17
C SER H 255 -19.15 -17.05 5.69
N ASP H 256 -20.16 -16.23 5.38
CA ASP H 256 -21.58 -16.45 5.77
C ASP H 256 -22.20 -17.68 5.07
N SER H 257 -21.58 -18.19 4.00
CA SER H 257 -22.07 -19.37 3.30
C SER H 257 -23.54 -19.22 2.89
N LYS H 258 -23.91 -18.03 2.40
CA LYS H 258 -25.25 -17.71 1.92
C LYS H 258 -25.25 -16.98 0.58
N THR H 259 -26.18 -17.34 -0.30
CA THR H 259 -26.36 -16.68 -1.59
C THR H 259 -26.90 -15.27 -1.40
N PHE H 260 -26.66 -14.40 -2.37
CA PHE H 260 -27.19 -13.05 -2.34
C PHE H 260 -28.72 -13.02 -2.19
N GLN H 261 -29.39 -13.92 -2.90
CA GLN H 261 -30.84 -14.06 -2.81
C GLN H 261 -31.27 -14.39 -1.37
N GLN H 262 -30.65 -15.39 -0.75
CA GLN H 262 -31.06 -15.78 0.58
C GLN H 262 -30.77 -14.68 1.60
N ALA H 263 -29.63 -14.00 1.47
CA ALA H 263 -29.28 -12.91 2.34
C ALA H 263 -30.34 -11.80 2.31
N ILE H 264 -30.85 -11.47 1.12
CA ILE H 264 -31.95 -10.50 1.00
C ILE H 264 -33.21 -11.01 1.73
N ILE H 265 -33.63 -12.25 1.51
CA ILE H 265 -34.83 -12.81 2.16
C ILE H 265 -34.68 -12.80 3.68
N ASP H 266 -33.55 -13.29 4.20
CA ASP H 266 -33.26 -13.25 5.63
C ASP H 266 -33.32 -11.83 6.16
N HIS H 267 -32.72 -10.88 5.44
CA HIS H 267 -32.66 -9.49 5.86
C HIS H 267 -34.06 -8.85 5.96
N ILE H 268 -34.93 -9.07 4.97
CA ILE H 268 -36.30 -8.55 5.01
C ILE H 268 -37.06 -9.23 6.15
N ASP H 269 -36.98 -10.54 6.29
CA ASP H 269 -37.66 -11.28 7.37
C ASP H 269 -37.29 -10.77 8.77
N ARG H 270 -36.02 -10.45 9.00
CA ARG H 270 -35.51 -9.98 10.29
C ARG H 270 -35.94 -8.54 10.60
N THR H 271 -35.87 -7.65 9.61
CA THR H 271 -35.94 -6.19 9.85
C THR H 271 -37.29 -5.57 9.51
N GLY H 272 -38.01 -6.16 8.55
CA GLY H 272 -39.13 -5.49 7.88
C GLY H 272 -38.73 -4.26 7.03
N GLN H 273 -37.44 -4.01 6.75
CA GLN H 273 -36.99 -3.00 5.78
C GLN H 273 -37.42 -3.35 4.37
N THR H 274 -37.73 -2.34 3.55
CA THR H 274 -38.17 -2.53 2.15
C THR H 274 -37.25 -1.83 1.14
N THR H 275 -36.62 -0.73 1.51
CA THR H 275 -35.57 -0.09 0.71
C THR H 275 -34.32 0.06 1.56
N PHE H 276 -33.19 -0.44 1.10
CA PHE H 276 -31.98 -0.48 1.92
C PHE H 276 -30.74 -0.66 1.06
N THR H 277 -29.59 -0.25 1.59
CA THR H 277 -28.28 -0.43 0.95
C THR H 277 -27.60 -1.72 1.38
N PHE H 278 -26.66 -2.19 0.55
CA PHE H 278 -25.93 -3.43 0.79
C PHE H 278 -24.47 -3.39 0.33
N TYR H 279 -23.63 -4.19 0.99
CA TYR H 279 -22.32 -4.66 0.52
C TYR H 279 -22.36 -6.18 0.35
N VAL H 280 -21.98 -6.67 -0.82
CA VAL H 280 -21.78 -8.09 -1.08
C VAL H 280 -20.30 -8.29 -1.40
N GLN H 281 -19.64 -9.20 -0.69
CA GLN H 281 -18.26 -9.58 -0.96
C GLN H 281 -18.12 -10.34 -2.29
N GLY H 282 -17.04 -10.14 -3.04
CA GLY H 282 -16.75 -10.93 -4.23
C GLY H 282 -16.70 -12.42 -3.92
N GLY H 283 -17.15 -13.25 -4.86
CA GLY H 283 -17.25 -14.70 -4.69
C GLY H 283 -18.48 -15.20 -3.91
N VAL H 284 -19.34 -14.33 -3.40
CA VAL H 284 -20.66 -14.74 -2.90
C VAL H 284 -21.50 -15.30 -4.05
N SER H 285 -22.05 -16.49 -3.89
CA SER H 285 -22.89 -17.15 -4.90
C SER H 285 -24.19 -16.37 -5.19
N GLY H 286 -24.58 -16.29 -6.46
CA GLY H 286 -25.77 -15.55 -6.86
C GLY H 286 -25.66 -14.03 -6.74
N SER H 287 -24.48 -13.50 -6.40
CA SER H 287 -24.19 -12.06 -6.39
C SER H 287 -24.46 -11.42 -7.77
N PRO H 288 -24.89 -10.15 -7.84
CA PRO H 288 -25.07 -9.44 -9.09
C PRO H 288 -23.86 -9.56 -10.02
N MET H 289 -22.67 -9.56 -9.44
CA MET H 289 -21.41 -9.65 -10.16
C MET H 289 -20.36 -10.39 -9.34
N SER H 290 -19.30 -10.86 -9.99
CA SER H 290 -18.24 -11.69 -9.40
C SER H 290 -17.39 -10.94 -8.36
N ASN H 291 -17.07 -9.67 -8.64
CA ASN H 291 -16.35 -8.79 -7.71
C ASN H 291 -17.21 -8.43 -6.49
N SER H 292 -16.58 -7.89 -5.46
CA SER H 292 -17.34 -7.19 -4.42
C SER H 292 -18.19 -6.09 -5.06
N CYS H 293 -19.38 -5.85 -4.52
CA CYS H 293 -20.22 -4.75 -4.98
C CYS H 293 -20.96 -4.07 -3.83
N ARG H 294 -21.30 -2.81 -4.07
CA ARG H 294 -22.21 -2.04 -3.21
C ARG H 294 -23.43 -1.68 -4.02
N GLY H 295 -24.59 -1.62 -3.40
CA GLY H 295 -25.81 -1.29 -4.11
C GLY H 295 -26.98 -0.95 -3.22
N LEU H 296 -28.09 -0.71 -3.89
CA LEU H 296 -29.36 -0.34 -3.31
C LEU H 296 -30.41 -1.36 -3.75
N PHE H 297 -31.15 -1.91 -2.79
CA PHE H 297 -32.35 -2.71 -3.02
C PHE H 297 -33.58 -1.84 -2.73
N MET H 298 -34.54 -1.83 -3.64
CA MET H 298 -35.79 -1.09 -3.51
C MET H 298 -36.97 -2.05 -3.58
N SER H 299 -37.87 -1.97 -2.60
CA SER H 299 -39.19 -2.62 -2.60
C SER H 299 -40.16 -1.82 -1.72
N ASP H 300 -41.46 -2.09 -1.89
CA ASP H 300 -42.55 -1.34 -1.27
C ASP H 300 -43.35 -2.17 -0.23
N THR H 301 -43.14 -3.49 -0.18
CA THR H 301 -43.92 -4.46 0.62
C THR H 301 -42.99 -5.59 1.11
N PRO H 302 -42.83 -5.85 2.42
CA PRO H 302 -41.84 -6.80 2.96
C PRO H 302 -42.32 -8.27 2.94
N ASN H 303 -43.12 -8.67 1.95
CA ASN H 303 -43.62 -10.05 1.84
C ASN H 303 -42.60 -10.98 1.16
N THR H 304 -41.76 -11.66 1.95
CA THR H 304 -40.76 -12.61 1.44
C THR H 304 -41.35 -13.89 0.82
N SER H 305 -42.63 -14.19 1.07
CA SER H 305 -43.35 -15.31 0.44
C SER H 305 -43.88 -14.97 -0.95
N SER H 306 -43.81 -13.71 -1.37
CA SER H 306 -44.05 -13.27 -2.75
C SER H 306 -43.34 -11.95 -3.00
N LEU H 307 -42.00 -11.95 -2.87
CA LEU H 307 -41.23 -10.72 -2.88
C LEU H 307 -41.27 -10.05 -4.25
N HIS H 308 -41.48 -8.74 -4.29
CA HIS H 308 -41.37 -7.95 -5.51
C HIS H 308 -40.43 -6.77 -5.27
N GLY H 309 -39.42 -6.60 -6.12
CA GLY H 309 -38.36 -5.62 -5.87
C GLY H 309 -37.26 -5.61 -6.92
N VAL H 310 -36.40 -4.60 -6.82
CA VAL H 310 -35.30 -4.33 -7.74
C VAL H 310 -34.02 -4.04 -6.97
N TYR H 311 -32.87 -4.23 -7.61
CA TYR H 311 -31.61 -3.71 -7.12
C TYR H 311 -30.79 -3.07 -8.23
N ASN H 312 -30.00 -2.09 -7.82
CA ASN H 312 -28.97 -1.48 -8.64
C ASN H 312 -27.64 -1.59 -7.90
N ALA H 313 -26.63 -2.16 -8.55
CA ALA H 313 -25.34 -2.46 -7.93
C ALA H 313 -24.21 -1.92 -8.78
N ILE H 314 -23.15 -1.50 -8.10
CA ILE H 314 -21.94 -0.96 -8.72
C ILE H 314 -20.74 -1.76 -8.20
N GLY H 315 -19.89 -2.19 -9.13
CA GLY H 315 -18.70 -2.96 -8.79
C GLY H 315 -17.54 -2.08 -8.34
N THR H 316 -16.50 -2.73 -7.82
CA THR H 316 -15.22 -2.08 -7.55
C THR H 316 -14.54 -1.52 -8.80
N ASP H 317 -14.80 -2.04 -10.00
CA ASP H 317 -14.35 -1.47 -11.30
C ASP H 317 -15.27 -0.38 -11.86
N GLY H 318 -16.37 -0.07 -11.18
CA GLY H 318 -17.36 0.90 -11.62
C GLY H 318 -18.41 0.34 -12.57
N ARG H 319 -18.39 -0.96 -12.91
CA ARG H 319 -19.46 -1.55 -13.73
C ARG H 319 -20.80 -1.34 -13.07
N ASN H 320 -21.84 -1.18 -13.88
CA ASN H 320 -23.21 -1.10 -13.39
C ASN H 320 -23.99 -2.36 -13.76
N VAL H 321 -24.72 -2.88 -12.77
CA VAL H 321 -25.61 -4.02 -12.92
C VAL H 321 -26.96 -3.69 -12.28
N THR H 322 -28.04 -4.11 -12.92
CA THR H 322 -29.40 -4.02 -12.40
C THR H 322 -30.10 -5.36 -12.47
N GLY H 323 -31.01 -5.58 -11.54
CA GLY H 323 -31.81 -6.80 -11.55
C GLY H 323 -33.04 -6.67 -10.68
N SER H 324 -33.84 -7.74 -10.67
CA SER H 324 -35.16 -7.76 -10.05
C SER H 324 -35.57 -9.14 -9.52
N VAL H 325 -36.48 -9.12 -8.55
CA VAL H 325 -37.19 -10.28 -7.99
C VAL H 325 -38.69 -10.05 -8.13
N VAL H 326 -39.44 -11.06 -8.57
CA VAL H 326 -40.85 -10.94 -8.99
C VAL H 326 -41.66 -12.15 -8.54
N GLY H 327 -42.50 -11.99 -7.53
CA GLY H 327 -43.11 -13.13 -6.85
C GLY H 327 -42.07 -14.09 -6.26
N SER H 328 -41.00 -13.55 -5.68
CA SER H 328 -39.80 -14.26 -5.19
C SER H 328 -38.87 -14.88 -6.25
N ASN H 329 -39.24 -14.96 -7.52
CA ASN H 329 -38.36 -15.46 -8.59
C ASN H 329 -37.33 -14.39 -8.98
N TRP H 330 -36.06 -14.76 -9.14
CA TRP H 330 -34.95 -13.82 -9.36
C TRP H 330 -34.49 -13.78 -10.80
N THR H 331 -34.50 -12.59 -11.38
CA THR H 331 -34.16 -12.37 -12.80
C THR H 331 -32.65 -12.37 -13.04
N SER H 332 -32.21 -12.68 -14.26
CA SER H 332 -30.79 -12.66 -14.63
C SER H 332 -30.22 -11.24 -14.59
N PRO H 333 -29.08 -11.00 -13.92
CA PRO H 333 -28.52 -9.67 -13.73
C PRO H 333 -28.09 -9.03 -15.05
N LYS H 334 -28.68 -7.87 -15.37
CA LYS H 334 -28.41 -7.12 -16.61
C LYS H 334 -27.19 -6.25 -16.37
N THR H 335 -26.14 -6.47 -17.15
CA THR H 335 -24.93 -5.65 -17.04
C THR H 335 -24.93 -4.57 -18.13
N SER H 336 -24.75 -3.31 -17.74
CA SER H 336 -24.69 -2.20 -18.69
C SER H 336 -23.29 -2.10 -19.28
N PRO H 337 -23.11 -1.99 -20.60
CA PRO H 337 -21.84 -1.63 -21.20
C PRO H 337 -21.48 -0.16 -20.90
N SER H 338 -20.23 0.21 -21.17
CA SER H 338 -19.77 1.59 -21.03
C SER H 338 -18.70 1.94 -22.06
N HIS H 339 -18.51 3.23 -22.34
CA HIS H 339 -17.62 3.67 -23.41
C HIS H 339 -16.89 4.97 -23.08
N LYS H 340 -15.78 5.22 -23.77
CA LYS H 340 -15.14 6.54 -23.84
C LYS H 340 -14.66 6.82 -25.26
N GLU H 341 -14.84 8.04 -25.75
CA GLU H 341 -14.25 8.43 -27.04
C GLU H 341 -12.73 8.59 -26.85
N LEU H 342 -11.94 7.79 -27.56
CA LEU H 342 -10.49 7.78 -27.41
C LEU H 342 -9.81 8.72 -28.41
N TRP H 343 -10.28 8.76 -29.65
CA TRP H 343 -9.78 9.68 -30.67
C TRP H 343 -10.85 9.99 -31.74
N THR H 344 -10.77 11.17 -32.33
CA THR H 344 -11.51 11.57 -33.54
C THR H 344 -10.65 12.45 -34.44
N GLY H 345 -10.97 12.48 -35.73
CA GLY H 345 -10.29 13.33 -36.72
C GLY H 345 -10.46 12.79 -38.14
N ALA H 346 -9.44 12.95 -38.99
CA ALA H 346 -9.42 12.43 -40.35
C ALA H 346 -8.01 11.96 -40.75
N GLN H 347 -7.72 10.69 -40.52
CA GLN H 347 -6.45 10.09 -40.92
C GLN H 347 -6.62 9.28 -42.21
N SER H 348 -5.94 9.71 -43.26
CA SER H 348 -6.06 9.10 -44.59
C SER H 348 -5.56 7.67 -44.56
N PHE H 349 -6.21 6.75 -45.27
CA PHE H 349 -5.74 5.37 -45.44
C PHE H 349 -4.34 5.28 -46.04
N LEU H 350 -3.91 6.28 -46.81
CA LEU H 350 -2.57 6.29 -47.38
C LEU H 350 -1.49 6.65 -46.33
N SER H 351 -1.86 7.24 -45.17
CA SER H 351 -0.95 7.67 -44.08
C SER H 351 -0.40 6.51 -43.23
N THR H 352 0.02 5.41 -43.87
CA THR H 352 0.57 4.21 -43.22
C THR H 352 1.90 4.51 -42.50
N GLY H 353 2.09 3.96 -41.29
CA GLY H 353 3.20 4.27 -40.38
C GLY H 353 2.99 5.52 -39.51
N THR H 354 1.78 6.09 -39.48
CA THR H 354 1.43 7.27 -38.65
C THR H 354 0.82 6.82 -37.32
N THR H 355 1.32 7.39 -36.21
CA THR H 355 0.85 7.11 -34.84
C THR H 355 0.18 8.35 -34.24
N LYS H 356 -0.91 8.15 -33.47
CA LYS H 356 -1.67 9.22 -32.82
C LYS H 356 -2.14 8.82 -31.41
N ASN H 357 -2.35 9.82 -30.56
CA ASN H 357 -2.70 9.62 -29.16
C ASN H 357 -4.20 9.39 -28.98
N LEU H 358 -4.49 8.36 -28.19
CA LEU H 358 -5.77 8.13 -27.53
C LEU H 358 -5.91 9.06 -26.31
N SER H 359 -7.14 9.29 -25.87
CA SER H 359 -7.47 10.05 -24.64
C SER H 359 -7.31 9.23 -23.34
N ASP H 360 -7.10 7.92 -23.46
CA ASP H 360 -6.98 6.94 -22.37
C ASP H 360 -6.10 5.75 -22.84
N ASP H 361 -5.65 4.90 -21.93
CA ASP H 361 -4.91 3.68 -22.25
C ASP H 361 -5.84 2.59 -22.80
N ILE H 362 -5.48 1.97 -23.91
CA ILE H 362 -6.26 0.86 -24.46
C ILE H 362 -6.51 -0.27 -23.45
N SER H 363 -5.64 -0.47 -22.43
CA SER H 363 -5.85 -1.51 -21.39
C SER H 363 -7.05 -1.27 -20.47
N ASN H 364 -7.61 -0.06 -20.49
CA ASN H 364 -8.88 0.23 -19.83
C ASN H 364 -10.08 -0.19 -20.68
N TYR H 365 -9.90 -0.96 -21.75
CA TYR H 365 -10.96 -1.45 -22.61
C TYR H 365 -10.80 -2.92 -22.95
N SER H 366 -11.91 -3.55 -23.28
CA SER H 366 -11.95 -4.96 -23.74
C SER H 366 -12.36 -5.08 -25.21
N TYR H 367 -12.96 -4.03 -25.75
CA TYR H 367 -13.43 -3.98 -27.11
C TYR H 367 -13.17 -2.59 -27.66
N VAL H 368 -13.05 -2.49 -28.98
CA VAL H 368 -12.83 -1.23 -29.66
C VAL H 368 -13.72 -1.14 -30.88
N GLU H 369 -14.28 0.03 -31.11
CA GLU H 369 -14.88 0.36 -32.40
C GLU H 369 -13.91 1.29 -33.13
N VAL H 370 -13.60 0.95 -34.37
CA VAL H 370 -12.87 1.79 -35.30
C VAL H 370 -13.86 2.25 -36.36
N TYR H 371 -13.84 3.55 -36.69
CA TYR H 371 -14.70 4.13 -37.71
C TYR H 371 -13.92 4.58 -38.93
N THR H 372 -14.52 4.36 -40.09
CA THR H 372 -13.95 4.74 -41.39
C THR H 372 -14.98 5.50 -42.21
N THR H 373 -14.54 6.52 -42.95
CA THR H 373 -15.40 7.38 -43.76
C THR H 373 -14.89 7.38 -45.17
N HIS H 374 -15.77 7.04 -46.12
CA HIS H 374 -15.37 6.72 -47.49
C HIS H 374 -15.98 7.64 -48.53
N LYS H 375 -15.37 7.60 -49.72
CA LYS H 375 -15.98 7.92 -51.02
C LYS H 375 -15.87 6.73 -51.97
N THR H 376 -16.99 6.31 -52.55
CA THR H 376 -17.03 5.27 -53.58
C THR H 376 -16.46 5.78 -54.90
N THR H 377 -16.05 4.85 -55.74
CA THR H 377 -15.43 5.08 -57.05
C THR H 377 -16.38 5.86 -57.94
N GLU H 378 -17.56 5.32 -58.19
CA GLU H 378 -18.60 6.01 -58.93
C GLU H 378 -19.57 6.71 -58.00
N LYS H 379 -20.38 7.62 -58.57
CA LYS H 379 -21.54 8.24 -57.90
C LYS H 379 -22.80 7.44 -58.19
N THR H 380 -23.61 7.25 -57.16
CA THR H 380 -24.95 6.69 -57.25
C THR H 380 -25.93 7.80 -56.95
N LYS H 381 -26.89 8.02 -57.85
CA LYS H 381 -27.81 9.17 -57.82
C LYS H 381 -27.08 10.48 -57.43
N GLY H 382 -25.93 10.71 -58.06
CA GLY H 382 -25.12 11.93 -57.92
C GLY H 382 -24.23 12.03 -56.68
N ASN H 383 -24.26 11.05 -55.77
CA ASN H 383 -23.49 11.04 -54.51
C ASN H 383 -22.52 9.84 -54.44
N ASP H 384 -21.33 10.05 -53.90
CA ASP H 384 -20.32 9.00 -53.67
C ASP H 384 -19.98 8.79 -52.19
N ASN H 385 -20.51 9.59 -51.27
CA ASN H 385 -20.27 9.38 -49.83
C ASN H 385 -20.99 8.12 -49.33
N THR H 386 -20.43 7.50 -48.29
CA THR H 386 -21.00 6.29 -47.68
C THR H 386 -21.69 6.53 -46.34
N GLY H 387 -21.41 7.67 -45.69
CA GLY H 387 -21.52 7.77 -44.24
C GLY H 387 -20.40 7.00 -43.51
N THR H 388 -20.24 7.22 -42.21
CA THR H 388 -19.07 6.75 -41.44
C THR H 388 -19.33 5.40 -40.80
N ILE H 389 -18.62 4.36 -41.25
CA ILE H 389 -18.90 2.93 -41.00
C ILE H 389 -18.06 2.40 -39.85
N CYS H 390 -18.75 1.74 -38.91
CA CYS H 390 -18.15 1.09 -37.77
C CYS H 390 -17.43 -0.21 -38.14
N HIS H 391 -16.37 -0.55 -37.40
CA HIS H 391 -15.73 -1.86 -37.32
C HIS H 391 -15.50 -2.15 -35.84
N LYS H 392 -16.20 -3.15 -35.26
CA LYS H 392 -16.04 -3.51 -33.84
C LYS H 392 -15.15 -4.76 -33.70
N PHE H 393 -14.20 -4.69 -32.78
CA PHE H 393 -13.28 -5.77 -32.48
C PHE H 393 -13.19 -6.05 -30.98
N TYR H 394 -12.95 -7.31 -30.64
CA TYR H 394 -12.42 -7.71 -29.33
C TYR H 394 -10.90 -7.51 -29.29
N LEU H 395 -10.33 -7.04 -28.16
CA LEU H 395 -8.89 -6.75 -28.05
C LEU H 395 -8.06 -8.01 -27.72
N ASP H 396 -7.91 -8.90 -28.71
CA ASP H 396 -7.22 -10.20 -28.64
C ASP H 396 -5.69 -10.18 -28.60
N GLY H 397 -5.06 -9.00 -28.60
CA GLY H 397 -3.60 -8.86 -28.65
C GLY H 397 -2.95 -9.08 -30.03
N SER H 398 -3.70 -9.11 -31.13
CA SER H 398 -3.13 -9.08 -32.49
C SER H 398 -2.20 -7.88 -32.73
N GLY H 399 -1.18 -8.02 -33.59
CA GLY H 399 -0.35 -6.89 -34.07
C GLY H 399 -1.01 -6.03 -35.14
N THR H 400 -2.10 -6.50 -35.77
CA THR H 400 -2.94 -5.67 -36.64
C THR H 400 -4.42 -6.00 -36.40
N TYR H 401 -5.28 -4.99 -36.36
CA TYR H 401 -6.74 -5.11 -36.41
C TYR H 401 -7.21 -4.65 -37.79
N VAL H 402 -7.98 -5.50 -38.49
CA VAL H 402 -8.20 -5.35 -39.94
C VAL H 402 -9.62 -4.93 -40.25
N CYS H 403 -9.80 -3.65 -40.55
CA CYS H 403 -11.03 -3.12 -41.14
C CYS H 403 -11.02 -3.45 -42.64
N SER H 404 -11.99 -4.22 -43.13
CA SER H 404 -12.04 -4.61 -44.55
C SER H 404 -13.48 -4.79 -45.00
N GLY H 405 -13.75 -4.53 -46.29
CA GLY H 405 -15.10 -4.58 -46.83
C GLY H 405 -15.19 -4.17 -48.29
N THR H 406 -16.40 -3.91 -48.76
CA THR H 406 -16.69 -3.59 -50.17
C THR H 406 -17.74 -2.51 -50.28
N PHE H 407 -17.88 -1.99 -51.51
CA PHE H 407 -19.02 -1.20 -51.96
C PHE H 407 -19.44 -1.66 -53.36
N VAL H 408 -20.72 -1.48 -53.68
CA VAL H 408 -21.25 -1.43 -55.07
C VAL H 408 -21.49 0.05 -55.42
N SER H 409 -21.05 0.59 -56.55
CA SER H 409 -21.26 2.02 -56.88
C SER H 409 -21.60 2.24 -58.35
N GLY H 410 -22.15 3.42 -58.66
CA GLY H 410 -22.73 3.72 -59.98
C GLY H 410 -24.27 3.60 -60.02
N ASP H 411 -24.85 4.01 -61.15
CA ASP H 411 -26.23 3.69 -61.56
C ASP H 411 -26.19 2.75 -62.78
N ARG H 412 -26.96 1.66 -62.78
CA ARG H 412 -26.98 0.68 -63.87
C ARG H 412 -27.57 1.25 -65.15
N THR H 413 -26.76 1.45 -66.19
CA THR H 413 -27.25 1.73 -67.55
C THR H 413 -27.20 0.48 -68.40
N ASP H 414 -27.70 0.55 -69.63
CA ASP H 414 -27.57 -0.53 -70.60
C ASP H 414 -26.09 -0.85 -70.91
N THR H 415 -25.24 0.17 -71.10
CA THR H 415 -23.81 0.01 -71.43
C THR H 415 -22.90 -0.18 -70.22
N LYS H 416 -23.34 0.21 -69.02
CA LYS H 416 -22.49 0.30 -67.83
C LYS H 416 -23.18 -0.25 -66.57
N PRO H 417 -22.83 -1.47 -66.12
CA PRO H 417 -23.33 -2.00 -64.86
C PRO H 417 -22.75 -1.17 -63.67
N PRO H 418 -23.33 -1.22 -62.46
CA PRO H 418 -22.67 -0.71 -61.27
C PRO H 418 -21.35 -1.44 -61.00
N ILE H 419 -20.29 -0.71 -60.70
CA ILE H 419 -19.01 -1.32 -60.37
C ILE H 419 -19.01 -1.85 -58.93
N THR H 420 -18.05 -2.71 -58.63
CA THR H 420 -17.75 -3.18 -57.27
C THR H 420 -16.34 -2.77 -56.88
N GLU H 421 -16.13 -2.45 -55.60
CA GLU H 421 -14.81 -2.15 -55.08
C GLU H 421 -14.61 -2.81 -53.72
N PHE H 422 -13.34 -2.95 -53.35
CA PHE H 422 -12.84 -3.44 -52.08
C PHE H 422 -12.03 -2.36 -51.36
N TYR H 423 -11.99 -2.41 -50.03
CA TYR H 423 -11.09 -1.58 -49.23
C TYR H 423 -10.55 -2.31 -48.01
N ARG H 424 -9.38 -1.87 -47.53
CA ARG H 424 -8.83 -2.27 -46.24
C ARG H 424 -8.07 -1.14 -45.58
N VAL H 425 -8.12 -1.11 -44.26
CA VAL H 425 -7.13 -0.45 -43.41
C VAL H 425 -6.81 -1.35 -42.22
N GLY H 426 -5.54 -1.48 -41.88
CA GLY H 426 -5.07 -2.19 -40.69
C GLY H 426 -4.56 -1.23 -39.64
N VAL H 427 -5.01 -1.33 -38.39
CA VAL H 427 -4.54 -0.47 -37.27
C VAL H 427 -3.91 -1.33 -36.19
N SER H 428 -3.12 -0.72 -35.32
CA SER H 428 -2.64 -1.34 -34.08
C SER H 428 -2.76 -0.37 -32.91
N PHE H 429 -2.77 -0.88 -31.69
CA PHE H 429 -2.84 -0.10 -30.46
C PHE H 429 -1.66 -0.45 -29.55
N LYS H 430 -1.21 0.52 -28.77
CA LYS H 430 -0.17 0.34 -27.74
C LYS H 430 -0.33 1.40 -26.68
N GLY H 431 -0.69 1.01 -25.46
CA GLY H 431 -0.96 1.94 -24.36
C GLY H 431 -1.99 3.00 -24.75
N SER H 432 -1.64 4.28 -24.59
CA SER H 432 -2.48 5.41 -25.01
C SER H 432 -2.27 5.82 -26.48
N THR H 433 -1.77 4.96 -27.37
CA THR H 433 -1.50 5.31 -28.77
C THR H 433 -2.01 4.30 -29.77
N TRP H 434 -2.35 4.76 -30.97
CA TRP H 434 -2.80 3.91 -32.08
C TRP H 434 -2.01 4.24 -33.35
N THR H 435 -1.77 3.25 -34.20
CA THR H 435 -0.98 3.40 -35.44
C THR H 435 -1.72 2.85 -36.66
N LEU H 436 -1.78 3.61 -37.74
CA LEU H 436 -2.30 3.11 -39.02
C LEU H 436 -1.20 2.29 -39.70
N VAL H 437 -1.32 0.96 -39.70
CA VAL H 437 -0.28 0.02 -40.16
C VAL H 437 -0.24 -0.14 -41.68
N ASP H 438 -1.39 -0.35 -42.34
CA ASP H 438 -1.48 -0.66 -43.77
C ASP H 438 -2.86 -0.32 -44.37
N SER H 439 -2.98 -0.33 -45.70
CA SER H 439 -4.27 -0.16 -46.37
C SER H 439 -4.30 -0.73 -47.80
N ALA H 440 -5.50 -0.86 -48.35
CA ALA H 440 -5.72 -1.00 -49.78
C ALA H 440 -6.93 -0.17 -50.22
N VAL H 441 -6.83 0.51 -51.36
CA VAL H 441 -7.88 1.36 -51.95
C VAL H 441 -7.99 1.03 -53.43
N GLN H 442 -9.19 0.87 -53.96
CA GLN H 442 -9.45 0.58 -55.39
C GLN H 442 -9.92 1.81 -56.20
N ASN H 443 -9.68 3.03 -55.73
CA ASN H 443 -9.89 4.28 -56.48
C ASN H 443 -8.88 5.36 -56.04
N SER H 444 -8.86 6.51 -56.73
CA SER H 444 -7.97 7.67 -56.48
C SER H 444 -8.45 8.70 -55.43
N LYS H 445 -9.65 8.51 -54.86
CA LYS H 445 -10.22 9.41 -53.84
C LYS H 445 -9.54 9.21 -52.50
N THR H 446 -9.90 9.98 -51.47
CA THR H 446 -9.33 9.82 -50.12
C THR H 446 -10.33 9.19 -49.15
N GLN H 447 -9.92 8.10 -48.52
CA GLN H 447 -10.64 7.32 -47.51
C GLN H 447 -9.99 7.59 -46.15
N TYR H 448 -10.75 7.73 -45.07
CA TYR H 448 -10.18 8.11 -43.77
C TYR H 448 -10.65 7.26 -42.60
N VAL H 449 -9.75 6.98 -41.65
CA VAL H 449 -10.09 6.59 -40.27
C VAL H 449 -10.49 7.86 -39.55
N THR H 450 -11.61 7.85 -38.83
CA THR H 450 -12.20 9.10 -38.31
C THR H 450 -12.62 9.06 -36.84
N ARG H 451 -12.90 7.89 -36.24
CA ARG H 451 -13.22 7.75 -34.81
C ARG H 451 -12.70 6.44 -34.22
N ILE H 452 -12.21 6.46 -32.99
CA ILE H 452 -11.87 5.27 -32.21
C ILE H 452 -12.60 5.35 -30.86
N ILE H 453 -13.46 4.38 -30.54
CA ILE H 453 -14.22 4.36 -29.28
C ILE H 453 -13.80 3.15 -28.45
N GLY H 454 -13.36 3.38 -27.21
CA GLY H 454 -13.01 2.32 -26.27
C GLY H 454 -14.26 1.82 -25.56
N ILE H 455 -14.52 0.52 -25.67
CA ILE H 455 -15.75 -0.11 -25.17
C ILE H 455 -15.42 -1.11 -24.08
N ASN H 456 -16.22 -1.05 -23.01
CA ASN H 456 -16.31 -2.09 -22.02
C ASN H 456 -17.67 -2.79 -22.10
N MET H 457 -17.63 -4.10 -22.23
CA MET H 457 -18.75 -5.01 -22.00
C MET H 457 -18.33 -5.94 -20.86
N PRO H 458 -18.42 -5.48 -19.58
CA PRO H 458 -17.96 -6.22 -18.41
C PRO H 458 -18.97 -7.31 -18.00
N MET I 1 -14.01 124.10 83.52
CA MET I 1 -14.53 125.38 82.98
C MET I 1 -14.67 126.43 84.10
N ALA I 2 -14.25 127.67 83.83
CA ALA I 2 -14.60 128.84 84.66
C ALA I 2 -16.11 129.18 84.47
N PHE I 3 -16.81 129.62 85.52
CA PHE I 3 -18.29 129.76 85.46
C PHE I 3 -18.75 131.08 84.79
N ASN I 4 -19.16 131.04 83.51
CA ASN I 4 -19.51 132.25 82.76
C ASN I 4 -20.96 132.73 82.96
N TYR I 5 -21.24 133.26 84.13
CA TYR I 5 -22.54 133.82 84.51
C TYR I 5 -22.92 135.12 83.78
N THR I 6 -24.23 135.37 83.60
CA THR I 6 -24.78 136.72 83.29
C THR I 6 -25.75 137.11 84.40
N PRO I 7 -25.57 138.26 85.07
CA PRO I 7 -26.52 138.78 86.05
C PRO I 7 -27.97 138.83 85.56
N LEU I 8 -28.91 138.50 86.45
CA LEU I 8 -30.34 138.68 86.27
C LEU I 8 -30.74 140.17 86.30
N THR I 9 -31.75 140.54 85.52
CA THR I 9 -32.38 141.87 85.55
C THR I 9 -33.76 141.82 86.23
N GLU I 10 -34.42 142.96 86.40
CA GLU I 10 -35.79 143.08 86.98
C GLU I 10 -36.91 142.69 85.98
N THR I 11 -36.68 142.78 84.67
CA THR I 11 -37.64 142.33 83.62
C THR I 11 -37.69 140.82 83.44
N GLN I 12 -36.89 140.09 84.22
CA GLN I 12 -36.87 138.65 84.27
C GLN I 12 -37.72 138.18 85.46
N LYS I 13 -38.82 137.47 85.16
CA LYS I 13 -39.76 136.92 86.16
C LYS I 13 -39.12 135.76 86.92
N LEU I 14 -39.84 135.16 87.87
CA LEU I 14 -39.36 133.98 88.62
C LEU I 14 -38.98 132.78 87.70
N LYS I 15 -39.69 132.58 86.59
CA LYS I 15 -39.38 131.60 85.53
C LYS I 15 -37.95 131.73 84.98
N ASP I 16 -37.38 132.93 84.94
CA ASP I 16 -36.06 133.18 84.37
C ASP I 16 -34.91 133.13 85.40
N MET I 17 -35.20 133.10 86.71
CA MET I 17 -34.17 132.96 87.75
C MET I 17 -33.85 131.49 88.08
N TYR I 18 -34.84 130.59 88.10
CA TYR I 18 -34.60 129.19 88.41
C TYR I 18 -33.53 128.53 87.49
N PRO I 19 -33.46 128.76 86.16
CA PRO I 19 -32.43 128.14 85.31
C PRO I 19 -31.02 128.57 85.71
N LYS I 20 -30.84 129.82 86.18
CA LYS I 20 -29.54 130.34 86.64
C LYS I 20 -29.16 129.81 88.02
N VAL I 21 -30.13 129.58 88.92
CA VAL I 21 -29.87 128.82 90.15
C VAL I 21 -29.53 127.36 89.81
N ASN I 22 -30.23 126.72 88.86
CA ASN I 22 -29.91 125.36 88.41
C ASN I 22 -28.50 125.27 87.83
N ASP I 23 -28.13 126.14 86.90
CA ASP I 23 -26.77 126.18 86.35
C ASP I 23 -25.72 126.31 87.44
N ILE I 24 -25.90 127.25 88.38
CA ILE I 24 -24.98 127.41 89.53
C ILE I 24 -24.92 126.08 90.31
N GLY I 25 -26.08 125.53 90.66
CA GLY I 25 -26.15 124.35 91.52
C GLY I 25 -25.56 123.11 90.85
N ASN I 26 -25.82 122.91 89.57
CA ASN I 26 -25.19 121.88 88.75
C ASN I 26 -23.68 122.16 88.61
N PHE I 27 -23.25 123.39 88.34
CA PHE I 27 -21.83 123.73 88.27
C PHE I 27 -21.12 123.34 89.56
N LEU I 28 -21.64 123.75 90.72
CA LEU I 28 -21.06 123.34 92.00
C LEU I 28 -21.02 121.82 92.15
N LYS I 29 -22.06 121.09 91.74
CA LYS I 29 -22.12 119.64 91.83
C LYS I 29 -21.17 118.93 90.84
N THR I 30 -20.88 119.50 89.67
CA THR I 30 -20.17 118.80 88.58
C THR I 30 -18.74 119.27 88.29
N GLU I 31 -18.37 120.51 88.63
CA GLU I 31 -17.05 121.11 88.31
C GLU I 31 -16.22 121.44 89.57
N VAL I 32 -16.84 121.54 90.75
CA VAL I 32 -16.23 122.06 91.97
C VAL I 32 -16.19 120.98 93.07
N ASN I 33 -15.07 120.87 93.78
CA ASN I 33 -14.84 119.92 94.89
C ASN I 33 -15.11 118.44 94.53
N LEU I 34 -14.55 117.99 93.41
CA LEU I 34 -14.81 116.65 92.86
C LEU I 34 -14.13 115.55 93.67
N SER I 35 -14.86 114.45 93.93
CA SER I 35 -14.33 113.32 94.71
C SER I 35 -13.23 112.57 93.96
N ASP I 36 -13.50 112.21 92.72
CA ASP I 36 -12.48 111.76 91.79
C ASP I 36 -11.96 112.94 90.97
N VAL I 37 -10.68 112.94 90.57
CA VAL I 37 -10.20 113.89 89.56
C VAL I 37 -10.86 113.61 88.19
N LYS I 38 -11.08 114.63 87.36
CA LYS I 38 -11.76 114.50 86.06
C LYS I 38 -10.87 113.73 85.08
N GLN I 39 -11.46 112.77 84.35
CA GLN I 39 -10.71 111.83 83.52
C GLN I 39 -10.73 112.30 82.06
N ILE I 40 -9.55 112.55 81.48
CA ILE I 40 -9.36 113.06 80.12
C ILE I 40 -8.61 112.01 79.28
N SER I 41 -9.26 111.46 78.26
CA SER I 41 -8.71 110.42 77.38
C SER I 41 -8.11 111.04 76.11
N GLN I 42 -7.00 110.48 75.62
CA GLN I 42 -6.27 110.98 74.45
C GLN I 42 -5.83 112.47 74.46
N PRO I 43 -5.48 113.09 75.60
CA PRO I 43 -4.87 114.42 75.56
C PRO I 43 -3.47 114.35 74.97
N ASP I 44 -3.03 115.41 74.29
CA ASP I 44 -1.63 115.55 73.91
C ASP I 44 -0.93 116.49 74.90
N PHE I 45 0.01 115.96 75.69
CA PHE I 45 0.77 116.77 76.64
C PHE I 45 1.58 117.90 75.96
N ASN I 46 1.95 117.73 74.68
CA ASN I 46 2.63 118.77 73.90
C ASN I 46 1.67 119.86 73.39
N ASN I 47 0.35 119.72 73.60
CA ASN I 47 -0.70 120.73 73.40
C ASN I 47 -1.85 120.55 74.42
N ILE I 48 -1.49 120.52 75.71
CA ILE I 48 -2.46 120.14 76.75
C ILE I 48 -3.59 121.16 76.90
N LEU I 49 -3.31 122.42 76.61
CA LEU I 49 -4.32 123.48 76.74
C LEU I 49 -5.55 123.23 75.86
N ALA I 50 -5.42 122.52 74.74
CA ALA I 50 -6.56 122.23 73.86
C ALA I 50 -7.55 121.22 74.48
N SER I 51 -7.04 120.20 75.17
CA SER I 51 -7.84 119.17 75.86
C SER I 51 -8.20 119.58 77.30
N ILE I 52 -7.32 120.34 77.95
CA ILE I 52 -7.40 120.77 79.34
C ILE I 52 -6.95 122.25 79.40
N PRO I 53 -7.85 123.20 79.10
CA PRO I 53 -7.51 124.64 79.04
C PRO I 53 -7.33 125.32 80.41
N ASP I 54 -7.77 124.69 81.49
CA ASP I 54 -7.85 125.27 82.84
C ASP I 54 -6.84 124.63 83.80
N SER I 55 -6.24 125.44 84.67
CA SER I 55 -5.44 124.94 85.79
C SER I 55 -6.24 123.98 86.68
N GLY I 56 -5.69 122.80 87.03
CA GLY I 56 -6.42 121.78 87.81
C GLY I 56 -5.74 120.40 87.90
N ASN I 57 -6.32 119.50 88.71
CA ASN I 57 -5.93 118.09 88.82
C ASN I 57 -6.89 117.22 88.00
N TYR I 58 -6.31 116.34 87.20
CA TYR I 58 -6.98 115.49 86.22
C TYR I 58 -6.40 114.07 86.32
N TYR I 59 -7.11 113.09 85.78
CA TYR I 59 -6.51 111.80 85.46
C TYR I 59 -6.59 111.61 83.94
N VAL I 60 -5.62 110.92 83.35
CA VAL I 60 -5.53 110.74 81.90
C VAL I 60 -5.29 109.29 81.52
N THR I 61 -5.73 108.94 80.31
CA THR I 61 -5.46 107.65 79.66
C THR I 61 -5.21 107.87 78.17
N ASN I 62 -4.55 106.90 77.51
CA ASN I 62 -4.12 107.00 76.12
C ASN I 62 -3.38 108.32 75.79
N SER I 63 -2.78 108.99 76.78
CA SER I 63 -2.17 110.31 76.59
C SER I 63 -0.97 110.27 75.65
N LYS I 64 -0.84 111.28 74.79
CA LYS I 64 0.32 111.46 73.91
C LYS I 64 1.35 112.35 74.60
N GLY I 65 2.63 112.09 74.33
CA GLY I 65 3.73 112.89 74.87
C GLY I 65 3.96 112.70 76.37
N ALA I 66 3.59 111.53 76.93
CA ALA I 66 4.02 111.13 78.28
C ALA I 66 5.56 110.97 78.37
N PRO I 67 6.16 111.12 79.57
CA PRO I 67 7.60 110.96 79.79
C PRO I 67 8.22 109.66 79.23
N SER I 68 9.52 109.67 78.96
CA SER I 68 10.25 108.48 78.50
C SER I 68 10.18 107.31 79.50
N GLY I 69 9.97 106.09 79.01
CA GLY I 69 9.91 104.88 79.84
C GLY I 69 8.68 104.81 80.77
N GLU I 70 7.51 105.32 80.36
CA GLU I 70 6.30 105.38 81.20
C GLU I 70 4.98 105.05 80.49
N ALA I 71 3.97 104.68 81.30
CA ALA I 71 2.57 104.46 80.89
C ALA I 71 1.96 105.76 80.31
N THR I 72 1.03 105.60 79.37
CA THR I 72 0.22 106.69 78.81
C THR I 72 -0.99 107.05 79.69
N ALA I 73 -1.08 106.48 80.91
CA ALA I 73 -2.16 106.72 81.87
C ALA I 73 -1.66 107.04 83.28
N GLY I 74 -2.31 107.99 83.95
CA GLY I 74 -1.83 108.52 85.21
C GLY I 74 -2.44 109.85 85.61
N PHE I 75 -2.03 110.35 86.76
CA PHE I 75 -2.50 111.61 87.30
C PHE I 75 -1.77 112.79 86.69
N VAL I 76 -2.49 113.88 86.44
CA VAL I 76 -1.99 115.14 85.88
C VAL I 76 -2.36 116.32 86.76
N ARG I 77 -1.47 117.31 86.85
CA ARG I 77 -1.79 118.67 87.26
C ARG I 77 -1.39 119.66 86.17
N LEU I 78 -2.19 120.72 86.02
CA LEU I 78 -1.86 121.90 85.24
C LEU I 78 -1.79 123.15 86.12
N ASP I 79 -0.68 123.89 86.09
CA ASP I 79 -0.56 125.26 86.62
C ASP I 79 -0.30 126.25 85.47
N LYS I 80 -1.22 127.19 85.21
CA LYS I 80 -1.16 128.06 84.02
C LYS I 80 -1.28 129.53 84.42
N ARG I 81 -0.32 130.38 84.02
CA ARG I 81 -0.37 131.85 84.17
C ARG I 81 -1.06 132.51 82.99
N ASN I 82 -0.82 131.98 81.79
CA ASN I 82 -1.52 132.28 80.53
C ASN I 82 -1.05 131.28 79.48
N VAL I 83 -1.37 131.52 78.21
CA VAL I 83 -0.98 130.65 77.09
C VAL I 83 0.54 130.65 76.78
N ASN I 84 1.32 131.62 77.27
CA ASN I 84 2.78 131.65 77.10
C ASN I 84 3.56 131.10 78.31
N TYR I 85 2.93 130.93 79.47
CA TYR I 85 3.58 130.49 80.71
C TYR I 85 2.69 129.50 81.47
N TYR I 86 3.06 128.22 81.47
CA TYR I 86 2.38 127.18 82.25
C TYR I 86 3.28 125.97 82.50
N LYS I 87 2.91 125.17 83.50
CA LYS I 87 3.63 123.98 83.95
C LYS I 87 2.69 122.79 84.10
N ILE I 88 3.12 121.63 83.61
CA ILE I 88 2.40 120.36 83.70
C ILE I 88 3.17 119.43 84.64
N TYR I 89 2.46 118.72 85.50
CA TYR I 89 3.02 117.71 86.39
C TYR I 89 2.31 116.39 86.10
N TYR I 90 3.04 115.28 86.02
CA TYR I 90 2.47 113.98 85.68
C TYR I 90 2.96 112.88 86.62
N SER I 91 2.08 111.97 87.04
CA SER I 91 2.45 110.76 87.78
C SER I 91 1.71 109.55 87.21
N PRO I 92 2.42 108.67 86.49
CA PRO I 92 1.90 107.40 85.99
C PRO I 92 1.13 106.65 87.06
N TYR I 93 0.04 106.01 86.66
CA TYR I 93 -0.79 105.26 87.60
C TYR I 93 -0.02 104.11 88.28
N SER I 94 1.03 103.60 87.62
CA SER I 94 1.77 102.38 87.96
C SER I 94 3.17 102.60 88.54
N SER I 95 3.45 103.76 89.16
CA SER I 95 4.72 103.98 89.90
C SER I 95 4.65 105.14 90.89
N ASN I 96 5.61 105.22 91.81
CA ASN I 96 5.81 106.40 92.65
C ASN I 96 6.49 107.57 91.93
N LYS I 97 6.70 107.52 90.61
CA LYS I 97 7.38 108.60 89.90
C LYS I 97 6.47 109.81 89.69
N MET I 98 7.04 111.01 89.78
CA MET I 98 6.39 112.30 89.50
C MET I 98 7.29 113.12 88.56
N TYR I 99 6.71 113.73 87.54
CA TYR I 99 7.38 114.45 86.46
C TYR I 99 6.86 115.87 86.31
N ILE I 100 7.70 116.78 85.82
CA ILE I 100 7.35 118.16 85.45
C ILE I 100 7.80 118.51 84.03
N LYS I 101 7.01 119.36 83.38
CA LYS I 101 7.32 120.05 82.13
C LYS I 101 6.93 121.52 82.28
N THR I 102 7.69 122.44 81.67
CA THR I 102 7.46 123.90 81.77
C THR I 102 7.47 124.56 80.40
N TYR I 103 6.47 125.38 80.12
CA TYR I 103 6.38 126.20 78.92
C TYR I 103 6.68 127.64 79.30
N ALA I 104 7.60 128.27 78.58
CA ALA I 104 8.09 129.62 78.84
C ALA I 104 8.34 130.35 77.52
N ASN I 105 7.35 131.11 77.05
CA ASN I 105 7.51 132.12 75.98
C ASN I 105 8.08 131.61 74.65
N GLY I 106 7.89 130.33 74.34
CA GLY I 106 8.46 129.67 73.16
C GLY I 106 9.70 128.79 73.43
N THR I 107 10.10 128.65 74.69
CA THR I 107 10.97 127.58 75.17
C THR I 107 10.14 126.57 75.98
N VAL I 108 10.39 125.28 75.78
CA VAL I 108 9.80 124.19 76.56
C VAL I 108 10.92 123.49 77.33
N TYR I 109 10.82 123.44 78.65
CA TYR I 109 11.69 122.60 79.47
C TYR I 109 10.99 121.26 79.67
N ASP I 110 11.54 120.24 79.03
CA ASP I 110 10.86 118.96 78.76
C ASP I 110 10.58 118.15 80.03
N TRP I 111 9.89 117.01 79.92
CA TRP I 111 9.63 116.14 81.06
C TRP I 111 10.89 115.75 81.81
N ILE I 112 10.91 116.01 83.11
CA ILE I 112 11.88 115.43 84.04
C ILE I 112 11.19 114.96 85.32
N SER I 113 11.60 113.80 85.85
CA SER I 113 11.13 113.32 87.15
C SER I 113 11.95 113.87 88.30
N PHE I 114 11.27 114.16 89.40
CA PHE I 114 11.93 114.32 90.68
C PHE I 114 12.51 112.98 91.13
N LYS I 115 13.70 113.03 91.73
CA LYS I 115 14.44 111.84 92.17
C LYS I 115 13.84 111.29 93.46
N LEU I 116 13.87 109.97 93.62
CA LEU I 116 13.41 109.28 94.83
C LEU I 116 14.61 108.92 95.69
N ASP I 117 14.50 109.14 96.99
CA ASP I 117 15.59 108.89 97.94
C ASP I 117 15.66 107.42 98.37
N GLU I 118 16.57 106.67 97.76
CA GLU I 118 16.74 105.24 98.00
C GLU I 118 17.64 104.91 99.22
N GLY I 119 17.80 105.87 100.14
CA GLY I 119 18.44 105.70 101.46
C GLY I 119 19.97 105.63 101.39
N SER I 120 20.59 105.45 102.56
CA SER I 120 22.02 105.18 102.63
C SER I 120 22.38 103.68 102.79
N LEU I 121 21.44 102.80 103.21
CA LEU I 121 21.69 101.35 103.25
C LEU I 121 21.56 100.73 101.87
N TYR I 122 22.49 99.85 101.48
CA TYR I 122 22.53 99.28 100.13
C TYR I 122 21.73 97.99 99.96
N ASN I 123 21.40 97.69 98.70
CA ASN I 123 20.57 96.56 98.30
C ASN I 123 21.30 95.22 98.53
N GLU I 124 20.55 94.26 99.08
CA GLU I 124 21.09 93.01 99.61
C GLU I 124 21.10 91.90 98.55
N GLY I 125 20.78 90.64 98.88
CA GLY I 125 21.21 89.43 98.17
C GLY I 125 20.79 89.19 96.70
N ASN I 126 20.31 90.19 95.95
CA ASN I 126 19.88 90.06 94.56
C ASN I 126 21.01 89.86 93.50
N THR I 127 22.15 89.27 93.89
CA THR I 127 23.25 88.81 93.02
C THR I 127 23.90 89.90 92.16
N LEU I 128 25.02 89.54 91.53
CA LEU I 128 25.60 90.31 90.45
C LEU I 128 26.34 89.47 89.40
N ASN I 129 26.55 90.04 88.22
CA ASN I 129 27.68 89.67 87.38
C ASN I 129 28.28 90.89 86.67
N VAL I 130 29.43 90.71 86.02
CA VAL I 130 30.19 91.79 85.40
C VAL I 130 29.87 91.97 83.90
N LYS I 131 30.32 93.08 83.32
CA LYS I 131 29.67 93.75 82.18
C LYS I 131 28.22 94.02 82.54
N GLU I 132 28.14 95.06 83.32
CA GLU I 132 27.03 95.51 84.11
C GLU I 132 25.90 96.13 83.25
N LEU I 133 24.73 96.41 83.87
CA LEU I 133 23.67 97.21 83.27
C LEU I 133 24.20 98.60 82.88
N THR I 134 23.43 99.36 82.09
CA THR I 134 23.71 100.73 81.65
C THR I 134 23.57 101.73 82.80
N GLU I 135 24.20 101.43 83.93
CA GLU I 135 23.95 102.00 85.25
C GLU I 135 25.19 101.81 86.16
N SER I 136 25.17 102.48 87.29
CA SER I 136 26.14 102.38 88.36
C SER I 136 25.41 101.92 89.63
N THR I 137 25.78 100.79 90.25
CA THR I 137 25.20 100.27 91.52
C THR I 137 26.32 100.00 92.53
N THR I 138 25.97 100.00 93.82
CA THR I 138 26.77 99.39 94.89
C THR I 138 25.91 98.31 95.56
N GLN I 139 26.52 97.21 95.94
CA GLN I 139 25.81 95.96 96.18
C GLN I 139 26.43 95.17 97.34
N TYR I 140 25.61 94.53 98.17
CA TYR I 140 26.06 93.44 99.04
C TYR I 140 25.25 92.17 98.76
N ALA I 141 25.90 91.18 98.18
CA ALA I 141 25.33 89.86 97.87
C ALA I 141 26.47 88.88 97.56
N THR I 142 26.30 88.06 96.51
CA THR I 142 27.34 87.20 95.93
C THR I 142 27.39 87.36 94.41
N LEU I 143 28.60 87.36 93.86
CA LEU I 143 28.89 87.50 92.44
C LEU I 143 28.75 86.18 91.67
N VAL I 144 28.81 86.27 90.34
CA VAL I 144 28.93 85.12 89.44
C VAL I 144 30.34 84.97 88.82
N ASN I 145 31.00 86.06 88.43
CA ASN I 145 32.42 86.05 88.01
C ASN I 145 33.33 86.66 89.10
N PRO I 146 33.80 85.88 90.09
CA PRO I 146 34.72 86.38 91.10
C PRO I 146 36.17 86.41 90.61
N PRO I 147 37.07 87.08 91.34
CA PRO I 147 38.51 86.98 91.13
C PRO I 147 39.03 85.57 91.49
N LYS I 148 38.56 85.00 92.60
CA LYS I 148 38.82 83.60 93.02
C LYS I 148 37.49 82.93 93.39
N GLU I 149 37.28 81.66 93.06
CA GLU I 149 35.96 81.00 93.12
C GLU I 149 35.28 81.06 94.50
N ASN I 150 36.05 80.87 95.57
CA ASN I 150 35.62 80.90 96.97
C ASN I 150 35.41 82.31 97.52
N LEU I 151 35.94 83.33 96.85
CA LEU I 151 35.84 84.73 97.25
C LEU I 151 34.62 85.44 96.64
N ASN I 152 33.61 84.72 96.19
CA ASN I 152 32.52 85.35 95.45
C ASN I 152 31.48 86.13 96.28
N THR I 153 31.54 86.14 97.61
CA THR I 153 30.58 86.86 98.48
C THR I 153 31.17 88.17 99.02
N GLY I 154 30.52 89.32 98.87
CA GLY I 154 31.06 90.58 99.38
C GLY I 154 30.41 91.87 98.90
N TRP I 155 31.01 92.97 99.35
CA TRP I 155 30.68 94.35 98.99
C TRP I 155 31.21 94.70 97.60
N VAL I 156 30.38 95.30 96.74
CA VAL I 156 30.72 95.66 95.35
C VAL I 156 30.37 97.12 95.10
N ASN I 157 31.23 97.85 94.39
CA ASN I 157 30.98 99.20 93.88
C ASN I 157 31.34 99.32 92.39
N TYR I 158 30.41 99.76 91.55
CA TYR I 158 30.57 99.84 90.11
C TYR I 158 30.21 101.24 89.61
N LYS I 159 31.08 101.87 88.84
CA LYS I 159 30.87 103.21 88.27
C LYS I 159 30.97 103.19 86.75
N GLU I 160 29.99 103.78 86.07
CA GLU I 160 29.84 103.76 84.60
C GLU I 160 29.79 105.19 84.03
N SER I 161 30.43 105.44 82.88
CA SER I 161 30.48 106.79 82.27
C SER I 161 29.34 107.00 81.24
N LYS I 162 28.88 108.24 81.05
CA LYS I 162 27.68 108.55 80.23
C LYS I 162 27.68 108.10 78.78
N ASN I 163 28.83 107.92 78.12
CA ASN I 163 28.90 107.29 76.77
C ASN I 163 29.62 105.94 76.80
N GLY I 164 29.73 105.30 77.97
CA GLY I 164 30.40 104.02 78.10
C GLY I 164 31.89 104.09 77.80
N VAL I 165 32.50 105.28 77.85
CA VAL I 165 33.94 105.46 77.60
C VAL I 165 34.78 104.62 78.56
N SER I 166 34.32 104.46 79.81
CA SER I 166 34.99 103.62 80.79
C SER I 166 34.08 103.20 81.94
N SER I 167 34.52 102.19 82.69
CA SER I 167 33.97 101.87 83.99
C SER I 167 35.05 101.45 84.98
N LEU I 168 34.70 101.52 86.26
CA LEU I 168 35.51 101.06 87.37
C LEU I 168 34.67 100.16 88.29
N VAL I 169 35.18 98.97 88.59
CA VAL I 169 34.64 98.01 89.57
C VAL I 169 35.59 97.91 90.76
N GLU I 170 35.03 97.82 91.96
CA GLU I 170 35.74 97.47 93.18
C GLU I 170 34.93 96.44 93.96
N PHE I 171 35.61 95.45 94.53
CA PHE I 171 35.03 94.33 95.26
C PHE I 171 35.84 94.01 96.54
N ASN I 172 35.14 93.72 97.65
CA ASN I 172 35.72 93.32 98.93
C ASN I 172 34.99 92.09 99.46
N PRO I 173 35.56 90.89 99.28
CA PRO I 173 34.92 89.66 99.71
C PRO I 173 34.77 89.64 101.22
N VAL I 174 33.66 89.14 101.76
CA VAL I 174 33.41 89.15 103.21
C VAL I 174 34.43 88.33 104.00
N ASN I 175 34.99 87.31 103.37
CA ASN I 175 35.96 86.39 103.95
C ASN I 175 37.42 86.73 103.56
N SER I 176 37.72 87.86 102.91
CA SER I 176 39.08 88.24 102.51
C SER I 176 39.47 89.66 102.94
N THR I 177 40.72 89.82 103.32
CA THR I 177 41.32 91.13 103.60
C THR I 177 41.61 91.94 102.34
N SER I 178 41.61 91.34 101.14
CA SER I 178 41.97 92.04 99.90
C SER I 178 40.84 92.89 99.33
N THR I 179 41.22 93.86 98.49
CA THR I 179 40.32 94.60 97.58
C THR I 179 40.62 94.17 96.14
N PHE I 180 39.59 93.99 95.32
CA PHE I 180 39.75 93.68 93.90
C PHE I 180 39.18 94.79 93.04
N LYS I 181 40.00 95.40 92.20
CA LYS I 181 39.58 96.44 91.26
C LYS I 181 39.63 95.94 89.81
N MET I 182 38.73 96.43 88.96
CA MET I 182 38.77 96.18 87.52
C MET I 182 38.33 97.46 86.77
N ILE I 183 38.95 97.81 85.64
CA ILE I 183 38.58 98.98 84.81
C ILE I 183 38.24 98.49 83.39
N ARG I 184 37.10 98.92 82.83
CA ARG I 184 36.94 98.86 81.37
C ARG I 184 37.71 100.05 80.79
N LYS I 185 38.88 99.79 80.20
CA LYS I 185 39.78 100.82 79.66
C LYS I 185 39.28 101.46 78.37
N LEU I 186 38.50 100.72 77.58
CA LEU I 186 38.05 101.12 76.25
C LEU I 186 36.50 101.13 76.17
N PRO I 187 35.92 101.93 75.27
CA PRO I 187 34.52 101.82 74.90
C PRO I 187 34.16 100.42 74.40
N VAL I 188 32.91 100.00 74.60
CA VAL I 188 32.33 98.77 74.00
C VAL I 188 32.44 98.85 72.47
N GLN I 189 33.18 97.93 71.84
CA GLN I 189 33.57 98.02 70.42
C GLN I 189 33.91 96.62 69.86
N GLU I 190 34.10 96.53 68.54
CA GLU I 190 34.51 95.30 67.87
C GLU I 190 35.84 94.75 68.45
N GLN I 191 35.90 93.44 68.66
CA GLN I 191 37.13 92.70 69.01
C GLN I 191 37.01 91.25 68.50
N LYS I 192 37.89 90.83 67.60
CA LYS I 192 38.04 89.41 67.23
C LYS I 192 38.91 88.67 68.25
N PRO I 193 38.78 87.34 68.42
CA PRO I 193 39.72 86.53 69.22
C PRO I 193 41.13 86.49 68.61
N ASN I 194 42.07 85.82 69.30
CA ASN I 194 43.42 85.56 68.82
C ASN I 194 43.65 84.05 68.69
N LEU I 195 44.15 83.63 67.54
CA LEU I 195 44.52 82.23 67.30
C LEU I 195 45.89 81.86 67.91
N LEU I 196 46.75 82.84 68.25
CA LEU I 196 48.05 82.57 68.87
C LEU I 196 47.95 82.35 70.38
N LYS I 197 48.10 81.08 70.76
CA LYS I 197 48.35 80.65 72.12
C LYS I 197 49.65 81.24 72.65
N ASP I 198 49.68 81.55 73.93
CA ASP I 198 50.80 82.14 74.66
C ASP I 198 51.39 83.40 74.02
N SER I 199 50.56 84.33 73.58
CA SER I 199 51.03 85.65 73.10
C SER I 199 51.64 86.53 74.23
N LEU I 200 51.60 86.06 75.48
CA LEU I 200 52.26 86.63 76.66
C LEU I 200 53.54 85.87 77.05
N PHE I 201 53.96 84.90 76.25
CA PHE I 201 55.25 84.20 76.30
C PHE I 201 55.59 83.49 77.62
N VAL I 202 54.58 83.13 78.41
CA VAL I 202 54.72 82.58 79.77
C VAL I 202 55.31 81.18 79.80
N TYR I 203 55.11 80.38 78.75
CA TYR I 203 55.65 79.02 78.75
C TYR I 203 57.19 79.01 78.60
N PRO I 204 57.83 77.93 79.11
CA PRO I 204 59.24 77.59 78.91
C PRO I 204 59.80 77.81 77.50
N GLU I 205 61.10 78.05 77.41
CA GLU I 205 61.78 78.20 76.11
C GLU I 205 62.06 76.90 75.38
N THR I 206 62.11 76.97 74.05
CA THR I 206 62.58 75.87 73.21
C THR I 206 63.23 76.40 71.92
N SER I 207 64.08 75.59 71.27
CA SER I 207 64.76 75.97 70.01
C SER I 207 63.75 76.16 68.89
N TYR I 208 64.00 77.06 67.95
CA TYR I 208 63.10 77.18 66.80
C TYR I 208 63.07 75.93 65.92
N SER I 209 64.04 75.01 66.05
CA SER I 209 63.96 73.67 65.46
C SER I 209 62.76 72.86 65.98
N ASN I 210 62.36 73.06 67.23
CA ASN I 210 61.39 72.23 67.94
C ASN I 210 59.95 72.75 67.84
N ILE I 211 59.74 73.89 67.18
CA ILE I 211 58.40 74.38 66.85
C ILE I 211 58.03 74.18 65.38
N LYS I 212 58.84 73.39 64.66
CA LYS I 212 58.51 72.84 63.34
C LYS I 212 57.48 71.69 63.44
N THR I 213 56.36 71.96 64.10
CA THR I 213 55.23 71.03 64.32
C THR I 213 53.92 71.81 64.30
N ASP I 214 52.81 71.15 63.98
CA ASP I 214 51.47 71.72 64.16
C ASP I 214 50.82 71.26 65.48
N ASN I 215 51.57 70.67 66.42
CA ASN I 215 51.09 70.40 67.78
C ASN I 215 50.80 71.70 68.58
N TRP I 216 49.59 72.25 68.47
CA TRP I 216 49.10 73.31 69.36
C TRP I 216 48.34 72.76 70.58
N ASP I 217 48.28 71.45 70.78
CA ASP I 217 47.60 70.86 71.93
C ASP I 217 48.43 70.99 73.23
N THR I 218 49.77 70.93 73.11
CA THR I 218 50.70 70.97 74.24
C THR I 218 51.81 72.01 74.02
N PRO I 219 52.09 72.86 75.01
CA PRO I 219 53.14 73.86 74.93
C PRO I 219 54.54 73.20 74.93
N PRO I 220 55.61 73.97 74.71
CA PRO I 220 55.62 75.39 74.37
C PRO I 220 55.12 75.64 72.97
N PHE I 221 54.61 76.85 72.74
CA PHE I 221 54.09 77.26 71.44
C PHE I 221 55.01 78.25 70.71
N TRP I 222 56.09 78.68 71.36
CA TRP I 222 57.08 79.58 70.79
C TRP I 222 58.46 78.96 70.85
N GLY I 223 59.23 79.21 69.80
CA GLY I 223 60.62 78.82 69.71
C GLY I 223 61.50 80.01 69.36
N TYR I 224 62.75 79.86 69.75
CA TYR I 224 63.73 80.92 69.76
C TYR I 224 64.91 80.54 68.89
N SER I 225 65.34 81.43 67.99
CA SER I 225 66.63 81.24 67.33
C SER I 225 67.80 81.60 68.24
N SER I 226 69.01 81.24 67.81
CA SER I 226 70.23 81.96 68.20
C SER I 226 70.00 83.48 68.14
N ASN I 227 70.52 84.21 69.13
CA ASN I 227 70.33 85.66 69.26
C ASN I 227 68.86 86.10 69.45
N SER I 228 68.09 85.32 70.22
CA SER I 228 66.75 85.68 70.68
C SER I 228 66.44 85.06 72.05
N GLY I 229 65.37 85.51 72.71
CA GLY I 229 64.83 84.86 73.92
C GLY I 229 63.66 85.65 74.50
N ARG I 230 62.97 85.12 75.52
CA ARG I 230 62.06 85.91 76.39
C ARG I 230 62.84 86.98 77.13
N SER I 231 62.42 88.22 76.98
CA SER I 231 63.17 89.33 77.55
C SER I 231 62.93 89.47 79.05
N GLY I 232 63.85 90.15 79.73
CA GLY I 232 63.61 90.74 81.03
C GLY I 232 62.93 92.14 81.00
N VAL I 233 62.49 92.63 79.83
CA VAL I 233 61.75 93.90 79.67
C VAL I 233 60.26 93.63 79.48
N ARG I 234 59.39 94.37 80.19
CA ARG I 234 57.94 94.18 80.19
C ARG I 234 57.18 95.25 79.40
N PHE I 235 55.96 94.92 79.00
CA PHE I 235 54.96 95.88 78.49
C PHE I 235 53.67 95.71 79.30
N ARG I 236 53.18 96.78 79.94
CA ARG I 236 51.89 96.80 80.66
C ARG I 236 51.76 95.65 81.67
N GLY I 237 52.86 95.34 82.36
CA GLY I 237 52.97 94.25 83.34
C GLY I 237 53.38 92.90 82.76
N GLU I 238 53.13 92.66 81.48
CA GLU I 238 53.32 91.37 80.83
C GLU I 238 54.72 91.21 80.17
N ASN I 239 55.09 89.95 79.90
CA ASN I 239 56.36 89.63 79.26
C ASN I 239 56.44 90.12 77.82
N THR I 240 57.65 90.14 77.27
CA THR I 240 57.94 90.44 75.87
C THR I 240 59.06 89.53 75.38
N VAL I 241 59.40 89.59 74.10
CA VAL I 241 60.55 88.85 73.55
C VAL I 241 61.55 89.80 72.91
N GLN I 242 62.82 89.41 72.92
CA GLN I 242 63.90 90.21 72.33
C GLN I 242 64.67 89.45 71.25
N ILE I 243 65.00 90.18 70.18
CA ILE I 243 65.87 89.77 69.08
C ILE I 243 67.13 90.63 69.14
N ASP I 244 68.31 90.02 69.17
CA ASP I 244 69.58 90.74 69.19
C ASP I 244 70.22 90.68 67.80
N ASP I 245 70.87 91.75 67.32
CA ASP I 245 71.63 91.72 66.05
C ASP I 245 72.98 90.94 66.11
N GLY I 246 73.02 89.83 66.85
CA GLY I 246 74.19 88.97 66.99
C GLY I 246 74.50 88.12 65.76
N SER I 247 75.12 86.96 65.97
CA SER I 247 75.75 86.15 64.91
C SER I 247 74.78 85.67 63.82
N ASP I 248 73.49 85.50 64.11
CA ASP I 248 72.48 85.08 63.14
C ASP I 248 72.20 86.17 62.09
N THR I 249 72.06 85.76 60.82
CA THR I 249 71.68 86.64 59.72
C THR I 249 70.20 87.01 59.78
N TYR I 250 69.37 86.15 60.36
CA TYR I 250 67.93 86.40 60.49
C TYR I 250 67.37 85.98 61.86
N PRO I 251 67.86 86.50 62.99
CA PRO I 251 67.42 86.09 64.31
C PRO I 251 65.92 86.35 64.46
N SER I 252 65.23 85.37 65.03
CA SER I 252 63.80 85.22 64.96
C SER I 252 63.19 84.61 66.23
N VAL I 253 61.97 85.02 66.58
CA VAL I 253 61.07 84.28 67.47
C VAL I 253 59.90 83.78 66.65
N VAL I 254 59.62 82.49 66.77
CA VAL I 254 58.81 81.74 65.81
C VAL I 254 57.77 80.89 66.50
N SER I 255 56.54 80.93 66.03
CA SER I 255 55.44 80.14 66.58
C SER I 255 55.46 78.71 66.05
N ASN I 256 54.67 77.81 66.63
CA ASN I 256 54.25 76.58 65.95
C ASN I 256 53.60 76.86 64.57
N ARG I 257 53.32 75.81 63.80
CA ARG I 257 52.72 75.92 62.45
C ARG I 257 51.22 75.61 62.50
N PHE I 258 50.38 76.47 61.95
CA PHE I 258 49.00 76.11 61.61
C PHE I 258 48.96 75.27 60.34
N LYS I 259 48.00 74.35 60.23
CA LYS I 259 47.77 73.50 59.06
C LYS I 259 46.49 73.92 58.36
N MET I 260 46.55 74.16 57.05
CA MET I 260 45.42 74.67 56.28
C MET I 260 44.31 73.62 56.10
N GLY I 261 43.12 73.96 56.58
CA GLY I 261 41.98 73.04 56.79
C GLY I 261 41.61 72.85 58.27
N LYS I 262 42.45 73.29 59.22
CA LYS I 262 42.16 73.31 60.67
C LYS I 262 41.61 74.67 61.10
N GLU I 263 42.35 75.46 61.85
CA GLU I 263 41.94 76.80 62.34
C GLU I 263 41.93 77.88 61.26
N LEU I 264 42.61 77.62 60.15
CA LEU I 264 42.82 78.51 59.01
C LEU I 264 42.63 77.71 57.72
N SER I 265 42.36 78.37 56.62
CA SER I 265 42.30 77.75 55.29
C SER I 265 42.75 78.70 54.18
N VAL I 266 43.21 78.17 53.05
CA VAL I 266 43.55 78.97 51.88
C VAL I 266 42.32 79.75 51.43
N GLY I 267 42.48 81.06 51.24
CA GLY I 267 41.37 82.00 50.98
C GLY I 267 40.81 82.70 52.22
N ASP I 268 41.24 82.32 53.42
CA ASP I 268 40.96 83.11 54.61
C ASP I 268 41.67 84.47 54.53
N THR I 269 41.03 85.53 55.07
CA THR I 269 41.66 86.84 55.26
C THR I 269 41.98 87.07 56.72
N VAL I 270 43.24 87.38 57.00
CA VAL I 270 43.79 87.44 58.35
C VAL I 270 44.60 88.69 58.54
N THR I 271 44.68 89.15 59.78
CA THR I 271 45.52 90.29 60.18
C THR I 271 46.54 89.81 61.21
N VAL I 272 47.79 90.24 61.06
CA VAL I 272 48.81 90.09 62.09
C VAL I 272 49.18 91.47 62.62
N SER I 273 49.25 91.61 63.94
CA SER I 273 49.69 92.85 64.58
C SER I 273 50.53 92.58 65.81
N VAL I 274 51.46 93.50 66.09
CA VAL I 274 52.39 93.43 67.21
C VAL I 274 52.63 94.84 67.74
N TYR I 275 52.85 94.99 69.04
CA TYR I 275 53.62 96.13 69.52
C TYR I 275 55.10 95.85 69.27
N ALA I 276 55.87 96.85 68.81
CA ALA I 276 57.33 96.73 68.68
C ALA I 276 58.07 98.02 69.10
N LYS I 277 59.25 97.85 69.70
CA LYS I 277 60.20 98.92 70.03
C LYS I 277 61.65 98.43 69.94
N ILE I 278 62.60 99.33 69.78
CA ILE I 278 64.03 99.03 69.70
C ILE I 278 64.77 99.69 70.86
N ASN I 279 65.85 99.09 71.33
CA ASN I 279 66.71 99.68 72.36
C ASN I 279 67.33 101.03 71.95
N ASP I 280 67.75 101.16 70.70
CA ASP I 280 68.25 102.40 70.12
C ASP I 280 68.17 102.35 68.57
N PRO I 281 67.29 103.13 67.92
CA PRO I 281 67.12 103.11 66.48
C PRO I 281 68.40 103.32 65.67
N ALA I 282 69.36 104.08 66.21
CA ALA I 282 70.62 104.40 65.52
C ALA I 282 71.54 103.18 65.35
N LEU I 283 71.33 102.11 66.13
CA LEU I 283 72.13 100.88 66.04
C LEU I 283 71.69 99.94 64.92
N LEU I 284 70.46 100.10 64.42
CA LEU I 284 69.94 99.21 63.38
C LEU I 284 70.68 99.39 62.03
N LYS I 285 71.15 100.62 61.73
CA LYS I 285 71.87 100.96 60.50
C LYS I 285 71.05 100.53 59.26
N ASP I 286 71.65 99.76 58.36
CA ASP I 286 70.99 99.19 57.18
C ASP I 286 70.32 97.81 57.45
N ASN I 287 70.16 97.35 58.69
CA ASN I 287 69.34 96.16 59.00
C ASN I 287 67.83 96.46 58.95
N LEU I 288 67.02 95.42 58.78
CA LEU I 288 65.56 95.54 58.63
C LEU I 288 64.82 94.76 59.72
N VAL I 289 63.99 95.46 60.49
CA VAL I 289 63.08 94.81 61.44
C VAL I 289 61.85 94.36 60.66
N TYR I 290 61.44 93.10 60.80
CA TYR I 290 60.24 92.60 60.13
C TYR I 290 59.62 91.36 60.76
N PHE I 291 58.32 91.24 60.54
CA PHE I 291 57.53 90.10 60.95
C PHE I 291 56.68 89.60 59.79
N GLU I 292 56.48 88.28 59.70
CA GLU I 292 55.86 87.68 58.54
C GLU I 292 55.15 86.36 58.87
N LEU I 293 54.10 86.04 58.09
CA LEU I 293 53.36 84.78 58.16
C LEU I 293 53.80 83.86 57.04
N ALA I 294 54.99 83.26 57.22
CA ALA I 294 55.60 82.39 56.24
C ALA I 294 54.74 81.16 55.95
N GLY I 295 54.86 80.64 54.73
CA GLY I 295 54.10 79.51 54.23
C GLY I 295 54.99 78.34 53.87
N TYR I 296 54.47 77.14 54.03
CA TYR I 296 55.26 75.92 53.88
C TYR I 296 54.42 74.79 53.28
N ASP I 297 55.08 73.93 52.50
CA ASP I 297 54.45 72.75 51.92
C ASP I 297 54.40 71.60 52.93
N THR I 298 55.42 71.48 53.76
CA THR I 298 55.51 70.44 54.80
C THR I 298 55.69 71.06 56.17
N VAL I 299 55.21 70.38 57.20
CA VAL I 299 55.29 70.89 58.58
C VAL I 299 56.74 71.07 59.07
N ASP I 300 57.62 70.19 58.59
CA ASP I 300 59.04 70.13 58.95
C ASP I 300 59.93 71.01 58.05
N ASP I 301 59.36 71.75 57.10
CA ASP I 301 60.09 72.36 55.98
C ASP I 301 61.31 73.19 56.42
N THR I 302 62.47 72.87 55.84
CA THR I 302 63.81 73.47 56.08
C THR I 302 64.18 74.65 55.15
N SER I 303 63.30 75.04 54.22
CA SER I 303 63.45 76.23 53.37
C SER I 303 63.48 77.54 54.18
N LYS I 304 63.98 78.64 53.60
CA LYS I 304 64.02 80.00 54.21
C LYS I 304 62.63 80.62 54.33
N ASN I 305 61.77 79.98 55.11
CA ASN I 305 60.47 80.50 55.55
C ASN I 305 59.70 81.24 54.43
N PRO I 306 59.30 80.55 53.33
CA PRO I 306 58.79 81.16 52.10
C PRO I 306 57.71 82.23 52.32
N TYR I 307 57.86 83.34 51.60
CA TYR I 307 56.96 84.48 51.66
C TYR I 307 55.60 84.14 51.06
N THR I 308 54.55 84.61 51.70
CA THR I 308 53.16 84.35 51.31
C THR I 308 52.46 85.60 50.77
N GLY I 309 53.11 86.75 50.76
CA GLY I 309 52.45 88.05 50.68
C GLY I 309 52.24 88.70 52.06
N GLY I 310 52.06 87.91 53.13
CA GLY I 310 51.80 88.39 54.50
C GLY I 310 53.07 88.76 55.30
N ARG I 311 53.45 90.04 55.29
CA ARG I 311 54.62 90.65 55.99
C ARG I 311 54.36 92.13 56.32
N ARG I 312 55.05 92.65 57.32
CA ARG I 312 55.32 94.10 57.51
C ARG I 312 56.81 94.30 57.78
N GLU I 313 57.39 95.30 57.11
CA GLU I 313 58.79 95.70 57.27
C GLU I 313 58.87 97.08 57.91
N ILE I 314 59.85 97.28 58.78
CA ILE I 314 60.01 98.48 59.59
C ILE I 314 61.45 98.98 59.42
N THR I 315 61.63 100.23 59.01
CA THR I 315 62.93 100.88 58.79
C THR I 315 63.48 101.53 60.07
N ALA I 316 64.79 101.77 60.15
CA ALA I 316 65.45 102.40 61.30
C ALA I 316 64.87 103.77 61.68
N SER I 317 64.39 104.51 60.69
CA SER I 317 63.73 105.80 60.85
C SER I 317 62.32 105.69 61.46
N GLU I 318 61.59 104.60 61.19
CA GLU I 318 60.19 104.47 61.63
C GLU I 318 60.12 104.05 63.10
N ILE I 319 60.91 103.04 63.48
CA ILE I 319 60.90 102.43 64.80
C ILE I 319 61.46 103.40 65.86
N THR I 320 61.03 103.24 67.12
CA THR I 320 61.41 104.10 68.24
C THR I 320 61.71 103.29 69.50
N THR I 321 62.24 103.95 70.54
CA THR I 321 62.39 103.38 71.91
C THR I 321 61.07 103.35 72.69
N GLU I 322 59.93 103.42 72.02
CA GLU I 322 58.61 103.47 72.62
C GLU I 322 57.66 102.44 71.98
N TRP I 323 56.75 101.89 72.79
CA TRP I 323 55.83 100.84 72.35
C TRP I 323 54.73 101.37 71.42
N LYS I 324 54.82 101.05 70.11
CA LYS I 324 53.81 101.37 69.08
C LYS I 324 53.32 100.09 68.40
N LYS I 325 52.09 100.07 67.91
CA LYS I 325 51.54 98.92 67.17
C LYS I 325 51.74 99.04 65.67
N TYR I 326 52.21 97.97 65.04
CA TYR I 326 52.41 97.80 63.59
C TYR I 326 51.65 96.54 63.13
N SER I 327 51.26 96.46 61.86
CA SER I 327 50.42 95.34 61.38
C SER I 327 50.49 95.14 59.87
N PHE I 328 49.97 93.99 59.42
CA PHE I 328 49.57 93.75 58.04
C PHE I 328 48.34 92.84 57.96
N THR I 329 47.64 92.91 56.83
CA THR I 329 46.44 92.13 56.54
C THR I 329 46.53 91.57 55.14
N PHE I 330 46.17 90.30 54.97
CA PHE I 330 46.21 89.66 53.67
C PHE I 330 45.32 88.41 53.60
N THR I 331 45.16 87.90 52.39
CA THR I 331 44.45 86.64 52.13
C THR I 331 45.45 85.52 51.89
N ILE I 332 45.31 84.43 52.65
CA ILE I 332 46.21 83.28 52.54
C ILE I 332 46.13 82.73 51.10
N PRO I 333 47.23 82.70 50.33
CA PRO I 333 47.25 82.18 48.96
C PRO I 333 47.37 80.65 48.94
N GLU I 334 47.12 80.03 47.79
CA GLU I 334 47.39 78.61 47.60
C GLU I 334 48.91 78.30 47.53
N ASN I 335 49.70 79.19 46.91
CA ASN I 335 51.15 79.04 46.71
C ASN I 335 51.94 80.28 47.15
N THR I 336 53.20 80.04 47.53
CA THR I 336 54.15 81.04 48.01
C THR I 336 54.73 81.92 46.88
N ILE I 337 55.20 83.10 47.25
CA ILE I 337 55.50 84.24 46.38
C ILE I 337 57.01 84.53 46.42
N GLY I 338 57.56 85.02 45.32
CA GLY I 338 59.00 85.12 45.12
C GLY I 338 59.59 83.81 44.60
N ALA I 339 60.82 83.48 44.98
CA ALA I 339 61.58 82.41 44.32
C ALA I 339 61.08 80.99 44.58
N SER I 340 60.47 80.71 45.74
CA SER I 340 60.17 79.34 46.19
C SER I 340 59.03 78.65 45.43
N GLY I 341 57.91 79.34 45.22
CA GLY I 341 56.73 78.87 44.45
C GLY I 341 55.95 77.70 45.07
N VAL I 342 56.38 77.18 46.22
CA VAL I 342 55.81 75.99 46.90
C VAL I 342 54.38 76.22 47.38
N LYS I 343 53.62 75.14 47.54
CA LYS I 343 52.26 75.14 48.09
C LYS I 343 52.26 75.59 49.55
N VAL I 344 51.23 76.34 49.94
CA VAL I 344 50.90 76.64 51.33
C VAL I 344 49.99 75.52 51.87
N ASN I 345 50.57 74.58 52.62
CA ASN I 345 49.84 73.65 53.48
C ASN I 345 49.90 74.04 54.96
N TYR I 346 50.90 74.83 55.34
CA TYR I 346 51.11 75.28 56.70
C TYR I 346 51.55 76.73 56.73
N VAL I 347 51.34 77.40 57.86
CA VAL I 347 51.88 78.75 58.09
C VAL I 347 52.31 78.95 59.53
N SER I 348 53.28 79.83 59.76
CA SER I 348 53.79 80.17 61.09
C SER I 348 54.23 81.62 61.13
N LEU I 349 53.99 82.27 62.26
CA LEU I 349 54.40 83.63 62.47
C LEU I 349 55.88 83.64 62.85
N LEU I 350 56.64 84.48 62.16
CA LEU I 350 57.96 84.88 62.59
C LEU I 350 58.00 86.36 62.94
N LEU I 351 58.62 86.65 64.08
CA LEU I 351 59.09 87.96 64.47
C LEU I 351 60.59 87.95 64.22
N ARG I 352 61.14 88.90 63.46
CA ARG I 352 62.50 88.78 62.90
C ARG I 352 63.29 90.08 62.84
N MET I 353 64.60 89.95 62.70
CA MET I 353 65.47 91.02 62.22
C MET I 353 66.36 90.45 61.12
N ASN I 354 66.50 91.18 60.02
CA ASN I 354 67.41 90.85 58.94
C ASN I 354 68.77 91.53 59.18
N CYS I 355 69.69 90.83 59.81
CA CYS I 355 71.04 91.31 60.08
C CYS I 355 71.99 91.17 58.88
N SER I 356 71.47 90.87 57.68
CA SER I 356 72.35 90.64 56.51
C SER I 356 73.18 91.88 56.15
N SER I 357 72.73 93.08 56.49
CA SER I 357 73.51 94.29 56.21
C SER I 357 74.60 94.58 57.23
N SER I 358 74.39 94.28 58.52
CA SER I 358 75.43 94.38 59.55
C SER I 358 75.07 93.54 60.78
N LYS I 359 76.09 93.17 61.56
CA LYS I 359 75.96 92.37 62.79
C LYS I 359 76.77 93.00 63.92
N GLY I 360 76.37 92.73 65.16
CA GLY I 360 77.12 93.13 66.36
C GLY I 360 77.21 94.64 66.55
N ASN I 361 76.25 95.40 66.00
CA ASN I 361 76.16 96.83 66.27
C ASN I 361 75.60 97.09 67.69
N GLY I 362 74.70 96.20 68.16
CA GLY I 362 74.02 96.27 69.44
C GLY I 362 72.51 96.46 69.35
N ALA I 363 71.90 96.40 68.16
CA ALA I 363 70.46 96.54 68.03
C ALA I 363 69.70 95.37 68.69
N VAL I 364 68.82 95.70 69.64
CA VAL I 364 67.90 94.76 70.30
C VAL I 364 66.48 95.24 70.09
N VAL I 365 65.67 94.39 69.47
CA VAL I 365 64.27 94.68 69.18
C VAL I 365 63.40 93.92 70.15
N TYR I 366 62.45 94.61 70.76
CA TYR I 366 61.42 94.03 71.61
C TYR I 366 60.09 93.94 70.86
N TYR I 367 59.47 92.77 70.90
CA TYR I 367 58.12 92.54 70.40
C TYR I 367 57.19 92.24 71.58
N ALA I 368 55.97 92.77 71.54
CA ALA I 368 54.90 92.49 72.51
C ALA I 368 53.53 92.24 71.83
N LEU I 369 52.69 91.46 72.51
CA LEU I 369 51.27 91.20 72.18
C LEU I 369 51.00 90.90 70.69
N PRO I 370 51.59 89.82 70.14
CA PRO I 370 51.37 89.34 68.77
C PRO I 370 50.01 88.69 68.59
N LYS I 371 49.15 89.30 67.77
CA LYS I 371 47.82 88.77 67.46
C LYS I 371 47.75 88.23 66.05
N LEU I 372 47.18 87.04 65.89
CA LEU I 372 46.69 86.52 64.62
C LEU I 372 45.19 86.30 64.73
N GLU I 373 44.45 86.92 63.83
CA GLU I 373 42.98 86.98 63.84
C GLU I 373 42.45 86.78 62.43
N LYS I 374 41.31 86.10 62.32
CA LYS I 374 40.52 86.07 61.07
C LYS I 374 39.76 87.38 60.96
N SER I 375 40.46 88.41 60.45
CA SER I 375 39.95 89.77 60.30
C SER I 375 40.59 90.48 59.10
N SER I 376 39.82 91.34 58.46
CA SER I 376 40.25 92.25 57.39
C SER I 376 40.91 93.53 57.90
N LYS I 377 41.06 93.70 59.22
CA LYS I 377 41.60 94.90 59.87
C LYS I 377 42.07 94.61 61.29
N VAL I 378 42.82 95.52 61.89
CA VAL I 378 43.22 95.43 63.30
C VAL I 378 42.00 95.61 64.21
N THR I 379 41.95 94.82 65.28
CA THR I 379 40.98 94.99 66.38
C THR I 379 41.74 94.90 67.72
N PRO I 380 41.19 95.31 68.87
CA PRO I 380 41.91 95.33 70.15
C PRO I 380 42.56 93.98 70.46
N PHE I 381 43.72 93.99 71.10
CA PHE I 381 44.42 92.77 71.46
C PHE I 381 43.68 92.01 72.59
N ILE I 382 43.73 90.68 72.53
CA ILE I 382 43.30 89.79 73.59
C ILE I 382 44.13 88.51 73.56
N THR I 383 44.31 87.86 74.70
CA THR I 383 44.91 86.52 74.78
C THR I 383 43.99 85.43 74.25
N HIS I 384 44.57 84.35 73.74
CA HIS I 384 43.81 83.15 73.46
C HIS I 384 43.11 82.62 74.72
N GLU I 385 41.87 82.17 74.57
CA GLU I 385 40.98 81.80 75.67
C GLU I 385 41.54 80.74 76.63
N ASN I 386 42.41 79.83 76.16
CA ASN I 386 43.02 78.79 76.98
C ASN I 386 44.42 79.11 77.51
N ASP I 387 44.94 80.30 77.25
CA ASP I 387 46.19 80.75 77.89
C ASP I 387 46.01 80.81 79.43
N VAL I 388 47.00 80.40 80.24
CA VAL I 388 46.88 80.44 81.73
C VAL I 388 46.83 81.87 82.29
N ARG I 389 47.66 82.74 81.72
CA ARG I 389 47.76 84.16 82.03
C ARG I 389 46.97 84.91 80.95
N LYS I 390 45.98 85.69 81.36
CA LYS I 390 45.13 86.44 80.42
C LYS I 390 45.64 87.87 80.24
N TYR I 391 45.33 88.48 79.11
CA TYR I 391 45.35 89.95 78.98
C TYR I 391 44.34 90.40 77.91
N ASP I 392 43.78 91.60 78.07
CA ASP I 392 42.74 92.19 77.20
C ASP I 392 43.00 93.70 77.08
N GLU I 393 42.97 94.27 75.88
CA GLU I 393 43.01 95.72 75.75
C GLU I 393 41.70 96.42 76.20
N ILE I 394 40.55 95.74 76.26
CA ILE I 394 39.28 96.33 76.71
C ILE I 394 39.18 96.28 78.23
N TRP I 395 39.01 95.11 78.82
CA TRP I 395 38.99 94.96 80.27
C TRP I 395 40.40 94.86 80.82
N SER I 396 40.68 95.49 81.97
CA SER I 396 41.81 95.08 82.80
C SER I 396 41.64 93.63 83.27
N ASN I 397 42.69 93.09 83.89
CA ASN I 397 42.54 91.95 84.81
C ASN I 397 42.03 92.45 86.18
N TRP I 398 41.55 91.52 87.03
CA TRP I 398 41.25 91.82 88.45
C TRP I 398 42.55 92.25 89.16
N GLN I 399 42.72 93.54 89.43
CA GLN I 399 43.81 94.06 90.25
C GLN I 399 43.53 93.76 91.72
N GLU I 400 44.18 92.75 92.28
CA GLU I 400 44.16 92.56 93.73
C GLU I 400 45.08 93.59 94.42
N VAL I 401 44.62 94.18 95.52
CA VAL I 401 45.40 95.04 96.43
C VAL I 401 45.32 94.41 97.82
N ILE I 402 46.46 94.36 98.52
CA ILE I 402 46.66 93.50 99.71
C ILE I 402 46.99 94.31 100.98
N SER I 403 46.61 93.80 102.15
CA SER I 403 46.90 94.47 103.42
C SER I 403 48.36 94.28 103.87
N LYS I 404 48.83 95.16 104.75
CA LYS I 404 50.20 95.12 105.28
C LYS I 404 50.52 93.84 106.04
N ASP I 405 49.54 93.22 106.69
CA ASP I 405 49.68 91.90 107.33
C ASP I 405 50.04 90.81 106.30
N GLU I 406 49.36 90.83 105.15
CA GLU I 406 49.69 89.90 104.07
C GLU I 406 51.09 90.18 103.50
N LEU I 407 51.42 91.46 103.25
CA LEU I 407 52.75 91.86 102.80
C LEU I 407 53.84 91.45 103.80
N LYS I 408 53.58 91.51 105.11
CA LYS I 408 54.48 91.05 106.17
C LYS I 408 54.75 89.54 106.05
N GLY I 409 53.75 88.74 105.69
CA GLY I 409 53.94 87.32 105.39
C GLY I 409 54.97 87.11 104.28
N HIS I 410 54.86 87.85 103.19
CA HIS I 410 55.77 87.80 102.05
C HIS I 410 57.17 88.41 102.33
N SER I 411 57.26 89.46 103.15
CA SER I 411 58.49 90.26 103.34
C SER I 411 59.66 89.52 104.01
N PRO I 412 60.93 89.81 103.63
CA PRO I 412 62.10 89.26 104.31
C PRO I 412 62.38 89.85 105.69
N VAL I 413 61.73 90.95 106.07
CA VAL I 413 61.92 91.68 107.35
C VAL I 413 60.57 92.01 107.98
N ASP I 414 60.52 92.20 109.31
CA ASP I 414 59.27 92.60 109.97
C ASP I 414 58.97 94.09 109.78
N ILE I 415 58.22 94.37 108.72
CA ILE I 415 57.80 95.72 108.30
C ILE I 415 56.91 96.44 109.31
N GLU I 416 56.27 95.75 110.26
CA GLU I 416 55.45 96.37 111.32
C GLU I 416 56.28 96.78 112.56
N TYR I 417 57.56 96.41 112.57
CA TYR I 417 58.48 96.55 113.69
C TYR I 417 59.79 97.14 113.15
N ASN I 418 59.65 98.16 112.28
CA ASN I 418 60.74 98.94 111.69
C ASN I 418 61.80 98.10 110.94
N ASP I 419 61.38 97.06 110.23
CA ASP I 419 62.26 96.23 109.39
C ASP I 419 63.28 95.38 110.16
N TYR I 420 63.02 95.12 111.44
CA TYR I 420 63.82 94.20 112.23
C TYR I 420 63.68 92.74 111.77
N PHE I 421 64.58 91.89 112.28
CA PHE I 421 64.69 90.48 111.91
C PHE I 421 63.33 89.80 111.94
N LYS I 422 63.01 89.15 110.82
CA LYS I 422 61.82 88.32 110.69
C LYS I 422 61.85 87.21 111.76
N TYR I 423 63.02 86.62 112.06
CA TYR I 423 63.15 85.65 113.16
C TYR I 423 64.22 86.03 114.18
N GLN I 424 63.81 86.33 115.41
CA GLN I 424 64.72 86.59 116.54
C GLN I 424 64.57 85.51 117.62
N TRP I 425 65.69 84.87 118.00
CA TRP I 425 65.69 83.72 118.92
C TRP I 425 66.51 84.00 120.19
N TRP I 426 65.84 83.98 121.34
CA TRP I 426 66.36 84.20 122.70
C TRP I 426 66.22 82.96 123.57
N LYS I 427 67.26 82.59 124.33
CA LYS I 427 67.42 81.26 124.95
C LYS I 427 66.27 80.85 125.90
N SER I 428 65.58 81.81 126.51
CA SER I 428 64.38 81.58 127.34
C SER I 428 63.11 81.23 126.55
N GLU I 429 63.13 81.35 125.22
CA GLU I 429 61.92 81.32 124.37
C GLU I 429 61.78 80.09 123.46
N VAL I 430 62.78 79.20 123.44
CA VAL I 430 63.03 78.25 122.34
C VAL I 430 62.78 76.77 122.67
N ASN I 431 62.14 76.41 123.79
CA ASN I 431 61.87 75.02 124.20
C ASN I 431 63.13 74.13 124.18
N GLU I 432 64.28 74.70 124.60
CA GLU I 432 65.61 74.05 124.58
C GLU I 432 66.10 73.57 123.19
N LYS I 433 65.44 74.00 122.11
CA LYS I 433 65.83 73.72 120.72
C LYS I 433 67.25 74.20 120.43
N SER I 434 67.93 73.51 119.53
CA SER I 434 69.15 74.08 118.94
C SER I 434 68.81 75.06 117.82
N LEU I 435 69.80 75.82 117.35
CA LEU I 435 69.67 76.70 116.17
C LEU I 435 69.03 75.97 114.97
N LYS I 436 69.40 74.70 114.75
CA LYS I 436 68.90 73.82 113.67
C LYS I 436 67.41 73.49 113.82
N ASP I 437 66.99 73.12 115.02
CA ASP I 437 65.58 72.78 115.27
C ASP I 437 64.66 74.02 115.19
N LEU I 438 65.20 75.23 115.44
CA LEU I 438 64.53 76.50 115.13
C LEU I 438 64.46 76.73 113.63
N ALA I 439 65.53 76.43 112.91
CA ALA I 439 65.54 76.54 111.46
C ALA I 439 64.53 75.61 110.76
N MET I 440 64.11 74.50 111.37
CA MET I 440 63.08 73.65 110.80
C MET I 440 61.66 74.24 110.82
N THR I 441 61.37 75.24 111.66
CA THR I 441 60.00 75.78 111.85
C THR I 441 59.65 77.02 110.99
N VAL I 442 60.67 77.67 110.42
CA VAL I 442 60.52 78.79 109.47
C VAL I 442 59.74 78.35 108.21
N PRO I 443 58.81 79.16 107.69
CA PRO I 443 58.03 78.81 106.50
C PRO I 443 58.79 78.98 105.18
N GLN I 444 58.24 78.39 104.12
CA GLN I 444 58.70 78.66 102.77
C GLN I 444 58.80 80.18 102.52
N GLY I 445 59.86 80.60 101.83
CA GLY I 445 60.17 82.00 101.58
C GLY I 445 61.60 82.34 101.95
N TYR I 446 61.90 83.63 101.85
CA TYR I 446 63.23 84.17 102.09
C TYR I 446 63.21 85.22 103.20
N HIS I 447 63.95 84.98 104.28
CA HIS I 447 63.75 85.68 105.57
C HIS I 447 65.06 86.12 106.22
N THR I 448 65.00 87.09 107.15
CA THR I 448 66.12 87.61 107.96
C THR I 448 66.06 87.17 109.42
N PHE I 449 67.20 86.88 110.06
CA PHE I 449 67.22 86.33 111.42
C PHE I 449 68.38 86.80 112.31
N TYR I 450 68.13 86.70 113.62
CA TYR I 450 69.07 86.87 114.72
C TYR I 450 68.96 85.67 115.69
N CYS I 451 70.10 85.14 116.15
CA CYS I 451 70.15 84.12 117.20
C CYS I 451 71.15 84.50 118.31
N GLN I 452 70.73 84.42 119.57
CA GLN I 452 71.54 84.65 120.77
C GLN I 452 72.61 83.57 120.97
N GLY I 453 73.85 83.96 121.24
CA GLY I 453 75.01 83.04 121.32
C GLY I 453 74.94 81.96 122.42
N SER I 454 73.97 82.02 123.33
CA SER I 454 73.74 80.99 124.34
C SER I 454 72.90 79.80 123.85
N ILE I 455 72.24 79.91 122.70
CA ILE I 455 71.51 78.80 122.08
C ILE I 455 72.51 77.75 121.56
N ALA I 456 72.19 76.47 121.74
CA ALA I 456 73.04 75.36 121.30
C ALA I 456 73.19 75.30 119.76
N GLY I 457 74.39 74.96 119.29
CA GLY I 457 74.72 74.90 117.86
C GLY I 457 75.19 76.23 117.23
N THR I 458 75.16 77.35 117.95
CA THR I 458 75.78 78.61 117.46
C THR I 458 77.30 78.45 117.36
N PRO I 459 77.99 79.18 116.45
CA PRO I 459 79.44 79.14 116.36
C PRO I 459 80.14 79.92 117.49
N LYS I 460 81.08 79.25 118.17
CA LYS I 460 82.04 79.84 119.14
C LYS I 460 81.36 80.60 120.30
N GLY I 461 80.09 80.27 120.58
CA GLY I 461 79.23 80.92 121.59
C GLY I 461 78.87 82.38 121.28
N ARG I 462 79.05 82.83 120.04
CA ARG I 462 78.76 84.21 119.60
C ARG I 462 77.32 84.36 119.14
N SER I 463 76.70 85.51 119.36
CA SER I 463 75.44 85.83 118.68
C SER I 463 75.67 85.97 117.17
N ILE I 464 74.66 85.61 116.38
CA ILE I 464 74.74 85.59 114.91
C ILE I 464 73.55 86.31 114.26
N ARG I 465 73.82 86.91 113.11
CA ARG I 465 72.89 87.69 112.29
C ARG I 465 72.95 87.16 110.86
N GLY I 466 71.81 86.98 110.18
CA GLY I 466 71.81 86.37 108.85
C GLY I 466 70.47 86.26 108.16
N THR I 467 70.41 85.31 107.24
CA THR I 467 69.22 85.04 106.40
C THR I 467 68.99 83.56 106.22
N ILE I 468 67.74 83.20 105.96
CA ILE I 468 67.29 81.83 105.82
C ILE I 468 66.39 81.72 104.60
N GLN I 469 66.61 80.68 103.82
CA GLN I 469 65.84 80.31 102.64
C GLN I 469 65.25 78.93 102.91
N VAL I 470 63.94 78.81 102.77
CA VAL I 470 63.23 77.55 103.00
C VAL I 470 62.37 77.25 101.79
N ASP I 471 62.30 75.98 101.40
CA ASP I 471 61.40 75.52 100.36
C ASP I 471 60.92 74.09 100.66
N TYR I 472 59.78 73.74 100.08
CA TYR I 472 59.35 72.37 99.89
C TYR I 472 59.58 71.94 98.45
N ASP I 473 59.99 70.69 98.23
CA ASP I 473 60.26 70.22 96.87
C ASP I 473 59.02 70.44 95.99
N LYS I 474 59.25 71.02 94.81
CA LYS I 474 58.22 71.42 93.84
C LYS I 474 57.08 72.30 94.40
N CYS I 475 57.34 73.08 95.45
CA CYS I 475 56.36 73.89 96.14
C CYS I 475 55.15 73.10 96.70
N ASP I 476 55.32 71.83 97.05
CA ASP I 476 54.24 71.04 97.64
C ASP I 476 54.47 70.83 99.13
N PRO I 477 53.90 71.69 99.98
CA PRO I 477 54.14 71.61 101.41
C PRO I 477 53.36 70.50 102.12
N TYR I 478 52.43 69.83 101.42
CA TYR I 478 51.56 68.82 102.02
C TYR I 478 52.16 67.42 101.85
N ARG I 479 52.83 67.15 100.71
CA ARG I 479 53.44 65.84 100.43
C ARG I 479 54.98 65.86 100.40
N ALA I 480 55.63 66.97 100.03
CA ALA I 480 57.05 66.97 99.69
C ALA I 480 58.05 67.01 100.86
N ASN I 481 59.31 66.81 100.50
CA ASN I 481 60.49 67.07 101.34
C ASN I 481 60.60 68.57 101.66
N LYS I 482 61.11 68.93 102.85
CA LYS I 482 61.49 70.31 103.21
C LYS I 482 62.99 70.50 103.12
N PHE I 483 63.44 71.62 102.56
CA PHE I 483 64.84 72.04 102.50
C PHE I 483 65.01 73.34 103.26
N VAL I 484 66.18 73.49 103.86
CA VAL I 484 66.55 74.74 104.55
C VAL I 484 67.99 75.08 104.20
N LYS I 485 68.26 76.36 103.92
CA LYS I 485 69.59 76.93 103.74
C LYS I 485 69.70 78.14 104.67
N LEU I 486 70.80 78.25 105.40
CA LEU I 486 71.15 79.41 106.21
C LEU I 486 72.54 79.95 105.84
N LEU I 487 72.62 81.28 105.78
CA LEU I 487 73.84 82.04 105.55
C LEU I 487 73.90 83.09 106.67
N PHE I 488 74.93 83.07 107.53
CA PHE I 488 74.98 83.97 108.71
C PHE I 488 76.39 84.35 109.17
N THR I 489 76.45 85.43 109.96
CA THR I 489 77.67 86.11 110.39
C THR I 489 77.66 86.38 111.91
N ASP I 490 78.81 86.21 112.56
CA ASP I 490 79.00 86.40 114.00
C ASP I 490 79.48 87.81 114.38
N THR I 491 79.67 88.08 115.67
CA THR I 491 80.15 89.37 116.19
C THR I 491 81.54 89.79 115.71
N GLU I 492 82.31 88.89 115.10
CA GLU I 492 83.65 89.18 114.54
C GLU I 492 83.62 89.31 113.01
N GLY I 493 82.43 89.20 112.40
CA GLY I 493 82.26 89.30 110.96
C GLY I 493 82.48 88.00 110.17
N ILE I 494 82.76 86.87 110.82
CA ILE I 494 83.07 85.62 110.11
C ILE I 494 81.80 85.08 109.43
N PRO I 495 81.82 84.73 108.14
CA PRO I 495 80.70 84.09 107.46
C PRO I 495 80.69 82.54 107.56
N TYR I 496 79.50 81.99 107.85
CA TYR I 496 79.21 80.56 107.95
C TYR I 496 78.03 80.19 107.05
N THR I 497 77.96 78.96 106.55
CA THR I 497 76.74 78.36 105.97
C THR I 497 76.27 77.16 106.77
N LEU I 498 74.96 76.90 106.77
CA LEU I 498 74.37 75.71 107.36
C LEU I 498 73.21 75.23 106.47
N TYR I 499 73.11 73.93 106.22
CA TYR I 499 72.19 73.37 105.21
C TYR I 499 71.49 72.12 105.71
N TYR I 500 70.18 72.07 105.45
CA TYR I 500 69.35 70.90 105.61
C TYR I 500 68.91 70.38 104.25
N GLY I 501 69.25 69.12 103.99
CA GLY I 501 68.76 68.38 102.85
C GLY I 501 67.46 67.65 103.15
N GLY I 502 66.51 67.77 102.23
CA GLY I 502 65.31 66.94 102.18
C GLY I 502 65.62 65.46 101.94
N TYR I 503 64.59 64.66 101.65
CA TYR I 503 64.69 63.20 101.48
C TYR I 503 65.33 62.50 102.69
N ASN I 504 65.08 63.04 103.90
CA ASN I 504 65.70 62.66 105.18
C ASN I 504 67.25 62.75 105.22
N GLN I 505 67.93 63.48 104.29
CA GLN I 505 69.38 63.76 104.39
C GLN I 505 69.72 64.56 105.63
N GLY I 506 68.78 65.40 106.07
CA GLY I 506 68.96 66.13 107.31
C GLY I 506 70.10 67.14 107.20
N TRP I 507 70.69 67.44 108.34
CA TRP I 507 71.71 68.48 108.45
C TRP I 507 73.10 68.04 108.03
N LYS I 508 73.64 68.75 107.05
CA LYS I 508 75.07 68.74 106.75
C LYS I 508 75.83 69.47 107.85
N PRO I 509 77.09 69.11 108.13
CA PRO I 509 77.94 69.79 109.11
C PRO I 509 78.09 71.31 108.90
N LEU I 510 78.31 72.05 109.99
CA LEU I 510 78.55 73.50 109.95
C LEU I 510 79.83 73.77 109.13
N LYS I 511 79.74 74.73 108.20
CA LYS I 511 80.82 75.11 107.29
C LYS I 511 81.25 76.57 107.52
N GLN I 512 82.24 76.82 108.38
CA GLN I 512 82.86 78.14 108.44
C GLN I 512 83.60 78.42 107.13
N SER I 513 83.51 79.63 106.57
CA SER I 513 84.30 80.01 105.38
C SER I 513 85.68 80.52 105.80
N GLU I 514 86.77 79.96 105.27
CA GLU I 514 88.12 80.41 105.66
C GLU I 514 88.33 81.85 105.20
N THR I 515 88.76 82.73 106.11
CA THR I 515 88.98 84.16 105.82
C THR I 515 90.34 84.63 106.28
N SER I 516 90.95 85.51 105.50
CA SER I 516 92.32 85.94 105.71
C SER I 516 92.47 87.45 105.74
N THR I 517 93.44 87.90 106.53
CA THR I 517 93.79 89.29 106.73
C THR I 517 95.32 89.41 106.82
N LEU I 518 95.96 90.14 105.91
CA LEU I 518 97.40 90.46 105.96
C LEU I 518 97.76 91.06 107.32
N LEU I 519 98.74 90.47 107.99
CA LEU I 519 99.28 90.99 109.25
C LEU I 519 100.62 91.70 109.04
N TRP I 520 101.47 91.26 108.12
CA TRP I 520 102.66 92.02 107.74
C TRP I 520 103.18 91.69 106.35
N LYS I 521 103.94 92.62 105.76
CA LYS I 521 104.64 92.46 104.47
C LYS I 521 105.96 93.24 104.45
N GLY I 522 106.97 92.72 103.76
CA GLY I 522 108.28 93.33 103.62
C GLY I 522 109.36 92.34 103.17
N THR I 523 110.53 92.35 103.82
CA THR I 523 111.63 91.38 103.66
C THR I 523 112.28 91.06 105.02
N LEU I 524 111.63 90.20 105.81
CA LEU I 524 112.15 89.76 107.12
C LEU I 524 113.16 88.62 106.94
N ASP I 525 114.43 88.98 106.93
CA ASP I 525 115.52 88.00 106.91
C ASP I 525 115.76 87.42 108.30
N PHE I 526 115.83 86.09 108.44
CA PHE I 526 116.04 85.48 109.74
C PHE I 526 117.45 85.75 110.28
N GLY I 527 118.36 86.26 109.44
CA GLY I 527 119.66 86.79 109.84
C GLY I 527 119.64 88.22 110.37
N SER I 528 118.54 88.97 110.19
CA SER I 528 118.38 90.29 110.82
C SER I 528 118.17 90.16 112.34
N THR I 529 118.12 91.29 113.06
CA THR I 529 117.91 91.29 114.52
C THR I 529 116.71 92.12 114.99
N GLU I 530 116.10 92.95 114.14
CA GLU I 530 114.91 93.73 114.51
C GLU I 530 113.63 92.89 114.56
N ALA I 531 112.71 93.27 115.45
CA ALA I 531 111.34 92.81 115.39
C ALA I 531 110.53 93.58 114.31
N VAL I 532 109.42 92.99 113.90
CA VAL I 532 108.42 93.62 113.03
C VAL I 532 107.05 93.56 113.69
N ASN I 533 106.23 94.60 113.50
CA ASN I 533 104.93 94.73 114.15
C ASN I 533 103.81 94.32 113.21
N LEU I 534 102.95 93.42 113.70
CA LEU I 534 101.76 92.90 113.05
C LEU I 534 100.58 93.88 113.13
N ASN I 535 99.82 94.03 112.05
CA ASN I 535 98.73 95.01 111.96
C ASN I 535 97.48 94.64 112.78
N ASP I 536 97.33 93.39 113.22
CA ASP I 536 96.29 92.99 114.18
C ASP I 536 96.82 91.88 115.10
N SER I 537 96.19 91.68 116.26
CA SER I 537 96.63 90.66 117.22
C SER I 537 96.41 89.27 116.66
N LEU I 538 97.45 88.44 116.83
CA LEU I 538 97.42 87.02 116.56
C LEU I 538 96.24 86.32 117.26
N ASP I 539 95.77 86.83 118.40
CA ASP I 539 94.66 86.23 119.15
C ASP I 539 93.30 86.28 118.43
N ASN I 540 93.13 87.18 117.46
CA ASN I 540 91.95 87.23 116.58
C ASN I 540 91.96 86.14 115.49
N TYR I 541 93.04 85.34 115.37
CA TYR I 541 93.24 84.39 114.27
C TYR I 541 93.46 82.95 114.77
N ASP I 542 93.08 82.00 113.94
CA ASP I 542 93.11 80.57 114.22
C ASP I 542 94.31 79.85 113.59
N LEU I 543 94.89 80.47 112.56
CA LEU I 543 96.18 80.12 111.98
C LEU I 543 96.90 81.42 111.57
N ILE I 544 98.21 81.33 111.38
CA ILE I 544 98.93 82.22 110.47
C ILE I 544 99.56 81.42 109.34
N GLU I 545 99.79 82.09 108.22
CA GLU I 545 100.63 81.57 107.14
C GLU I 545 101.71 82.58 106.78
N VAL I 546 102.93 82.10 106.51
CA VAL I 546 104.04 82.93 106.06
C VAL I 546 104.57 82.44 104.72
N THR I 547 104.88 83.37 103.82
CA THR I 547 105.60 83.04 102.59
C THR I 547 107.07 83.21 102.84
N TYR I 548 107.86 82.23 102.43
CA TYR I 548 109.29 82.21 102.67
C TYR I 548 110.10 81.77 101.46
N TRP I 549 111.40 82.02 101.56
CA TRP I 549 112.44 81.71 100.58
C TRP I 549 113.67 81.15 101.26
N THR I 550 114.48 80.42 100.50
CA THR I 550 115.83 80.00 100.91
C THR I 550 116.83 80.23 99.80
N ARG I 551 118.12 80.34 100.17
CA ARG I 551 119.20 80.81 99.27
C ARG I 551 119.36 79.97 98.00
N SER I 552 119.17 78.66 98.11
CA SER I 552 119.46 77.71 97.04
C SER I 552 118.42 77.69 95.91
N ALA I 553 118.92 77.83 94.68
CA ALA I 553 118.18 77.84 93.42
C ALA I 553 117.00 78.84 93.35
N GLY I 554 116.83 79.71 94.36
CA GLY I 554 115.70 80.63 94.51
C GLY I 554 114.38 79.92 94.85
N HIS I 555 114.39 78.91 95.71
CA HIS I 555 113.17 78.25 96.16
C HIS I 555 112.25 79.22 96.93
N PHE I 556 110.94 79.25 96.61
CA PHE I 556 109.87 79.95 97.38
C PHE I 556 108.74 79.00 97.81
N SER I 557 108.13 79.22 98.98
CA SER I 557 107.18 78.30 99.60
C SER I 557 106.30 79.00 100.64
N THR I 558 105.30 78.31 101.20
CA THR I 558 104.64 78.76 102.43
C THR I 558 104.73 77.76 103.58
N LYS I 559 104.62 78.27 104.80
CA LYS I 559 104.55 77.52 106.07
C LYS I 559 103.37 78.06 106.89
N ARG I 560 102.53 77.17 107.44
CA ARG I 560 101.36 77.46 108.28
C ARG I 560 101.62 77.12 109.75
N LEU I 561 101.15 77.96 110.66
CA LEU I 561 101.29 77.81 112.11
C LEU I 561 99.94 78.04 112.81
N ASP I 562 99.56 77.11 113.67
CA ASP I 562 98.32 77.17 114.45
C ASP I 562 98.53 77.89 115.77
N ILE I 563 98.09 79.14 115.80
CA ILE I 563 98.43 80.06 116.89
C ILE I 563 97.80 79.65 118.24
N LYS I 564 96.72 78.85 118.22
CA LYS I 564 96.07 78.34 119.44
C LYS I 564 96.73 77.06 119.94
N ASN I 565 97.67 76.48 119.19
CA ASN I 565 98.39 75.24 119.50
C ASN I 565 99.84 75.35 118.98
N THR I 566 100.69 76.09 119.69
CA THR I 566 102.08 76.40 119.29
C THR I 566 103.00 76.58 120.50
N SER I 567 104.31 76.33 120.34
CA SER I 567 105.37 76.74 121.29
C SER I 567 105.71 78.25 121.20
N ASN I 568 104.96 79.03 120.42
CA ASN I 568 105.21 80.44 120.13
C ASN I 568 106.54 80.71 119.37
N LEU I 569 107.08 79.68 118.70
CA LEU I 569 108.20 79.76 117.76
C LEU I 569 107.75 79.41 116.33
N LEU I 570 107.89 80.37 115.42
CA LEU I 570 107.67 80.17 114.00
C LEU I 570 108.95 79.60 113.41
N TYR I 571 109.02 78.29 113.30
CA TYR I 571 110.14 77.58 112.70
C TYR I 571 110.02 77.49 111.17
N ILE I 572 111.14 77.66 110.46
CA ILE I 572 111.28 77.32 109.05
C ILE I 572 112.37 76.28 108.91
N ARG I 573 112.08 75.24 108.13
CA ARG I 573 113.00 74.15 107.79
C ARG I 573 112.91 73.84 106.29
N ASP I 574 114.05 73.71 105.62
CA ASP I 574 114.16 73.43 104.18
C ASP I 574 115.54 72.86 103.80
N PHE I 575 115.66 72.15 102.68
CA PHE I 575 116.92 71.59 102.17
C PHE I 575 117.04 71.76 100.64
N ASN I 576 118.24 71.68 100.07
CA ASN I 576 118.47 71.68 98.63
C ASN I 576 119.51 70.61 98.23
N ILE I 577 119.19 69.74 97.27
CA ILE I 577 120.20 68.91 96.61
C ILE I 577 120.81 69.60 95.38
N SER I 578 122.05 69.24 95.06
CA SER I 578 122.71 69.66 93.81
C SER I 578 121.81 69.40 92.57
N ASN I 579 121.75 70.36 91.65
CA ASN I 579 120.85 70.35 90.48
C ASN I 579 121.58 70.02 89.15
N ASP I 580 122.20 68.84 89.07
CA ASP I 580 122.94 68.28 87.92
C ASP I 580 123.03 66.74 88.01
N SER I 581 123.36 66.06 86.91
CA SER I 581 123.35 64.59 86.80
C SER I 581 124.49 63.85 87.52
N THR I 582 125.29 64.52 88.37
CA THR I 582 126.54 63.98 88.95
C THR I 582 126.76 64.26 90.44
N GLY I 583 126.34 65.42 90.95
CA GLY I 583 126.62 65.77 92.35
C GLY I 583 125.77 64.97 93.35
N SER I 584 126.32 64.67 94.52
CA SER I 584 125.60 64.05 95.62
C SER I 584 125.49 64.95 96.86
N SER I 585 125.97 66.20 96.81
CA SER I 585 125.90 67.15 97.93
C SER I 585 124.47 67.60 98.25
N VAL I 586 124.24 67.91 99.52
CA VAL I 586 122.97 68.36 100.08
C VAL I 586 123.24 69.57 100.97
N ASP I 587 122.38 70.59 100.93
CA ASP I 587 122.38 71.74 101.86
C ASP I 587 121.11 71.74 102.72
N PHE I 588 121.22 72.08 104.00
CA PHE I 588 120.11 72.22 104.93
C PHE I 588 120.04 73.66 105.44
N PHE I 589 118.83 74.16 105.64
CA PHE I 589 118.54 75.46 106.24
C PHE I 589 117.54 75.29 107.38
N GLU I 590 117.78 75.98 108.49
CA GLU I 590 116.81 76.03 109.59
C GLU I 590 116.93 77.36 110.33
N GLY I 591 115.80 77.85 110.82
CA GLY I 591 115.76 79.03 111.66
C GLY I 591 114.37 79.28 112.21
N TYR I 592 114.26 80.14 113.23
CA TYR I 592 112.96 80.49 113.78
C TYR I 592 112.85 81.96 114.17
N CYS I 593 111.61 82.41 114.17
CA CYS I 593 111.24 83.67 114.80
C CYS I 593 110.42 83.41 116.06
N THR I 594 110.71 84.17 117.09
CA THR I 594 109.89 84.26 118.30
C THR I 594 108.68 85.18 118.03
N PHE I 595 107.67 85.13 118.90
CA PHE I 595 106.76 86.25 119.08
C PHE I 595 107.09 86.99 120.40
N PRO I 596 107.75 88.17 120.38
CA PRO I 596 107.91 88.99 121.59
C PRO I 596 106.59 89.48 122.17
N THR I 597 105.59 89.73 121.33
CA THR I 597 104.21 90.09 121.72
C THR I 597 103.23 89.41 120.75
N ARG I 598 101.93 89.31 121.11
CA ARG I 598 100.86 88.81 120.22
C ARG I 598 100.57 89.70 118.99
N THR I 599 101.36 90.78 118.82
CA THR I 599 101.32 91.75 117.71
C THR I 599 102.71 91.96 117.10
N SER I 600 103.67 91.04 117.30
CA SER I 600 105.03 91.21 116.76
C SER I 600 105.77 89.89 116.54
N VAL I 601 106.81 89.95 115.70
CA VAL I 601 107.68 88.83 115.31
C VAL I 601 109.13 89.28 115.43
N GLN I 602 110.05 88.44 115.90
CA GLN I 602 111.48 88.72 115.84
C GLN I 602 112.34 87.47 115.49
N PRO I 603 113.31 87.56 114.55
CA PRO I 603 114.27 86.50 114.26
C PRO I 603 115.13 86.02 115.43
N GLY I 604 114.83 84.83 115.95
CA GLY I 604 115.58 84.22 117.04
C GLY I 604 116.89 83.57 116.61
N MET I 605 116.91 82.88 115.46
CA MET I 605 118.07 82.11 114.97
C MET I 605 117.94 81.76 113.49
N VAL I 606 119.04 81.82 112.73
CA VAL I 606 119.18 81.16 111.41
C VAL I 606 120.53 80.49 111.22
N LYS I 607 120.51 79.29 110.64
CA LYS I 607 121.69 78.47 110.45
C LYS I 607 121.60 77.77 109.11
N SER I 608 122.73 77.36 108.57
CA SER I 608 122.75 76.35 107.50
C SER I 608 123.91 75.39 107.64
N ILE I 609 123.77 74.20 107.06
CA ILE I 609 124.77 73.12 107.04
C ILE I 609 124.87 72.61 105.59
N THR I 610 126.06 72.30 105.10
CA THR I 610 126.24 71.54 103.85
C THR I 610 126.76 70.15 104.17
N LEU I 611 126.11 69.09 103.67
CA LEU I 611 126.72 67.78 103.46
C LEU I 611 127.49 67.83 102.14
N ASP I 612 128.82 67.88 102.24
CA ASP I 612 129.69 67.76 101.10
C ASP I 612 129.70 66.29 100.62
N GLY I 613 129.29 66.07 99.38
CA GLY I 613 129.23 64.75 98.75
C GLY I 613 130.59 64.22 98.29
N SER I 614 131.61 65.07 98.18
CA SER I 614 132.93 64.67 97.69
C SER I 614 133.81 64.04 98.79
N THR I 615 133.87 64.68 99.96
CA THR I 615 134.56 64.19 101.19
C THR I 615 133.68 63.32 102.08
N ASN I 616 132.36 63.36 101.87
CA ASN I 616 131.32 62.80 102.75
C ASN I 616 131.44 63.34 104.19
N THR I 617 131.42 64.68 104.32
CA THR I 617 131.45 65.37 105.62
C THR I 617 130.46 66.53 105.65
N THR I 618 129.77 66.73 106.78
CA THR I 618 128.97 67.95 106.96
C THR I 618 129.85 69.12 107.45
N LYS I 619 129.46 70.36 107.11
CA LYS I 619 130.06 71.62 107.63
C LYS I 619 128.98 72.67 107.90
N VAL I 620 129.18 73.58 108.83
CA VAL I 620 128.29 74.75 109.02
C VAL I 620 128.56 75.73 107.89
N ALA I 621 127.58 75.94 107.02
CA ALA I 621 127.64 76.87 105.90
C ALA I 621 127.20 78.30 106.26
N SER I 622 126.48 78.50 107.38
CA SER I 622 126.28 79.81 108.03
C SER I 622 125.82 79.71 109.51
N TRP I 623 126.19 80.68 110.34
CA TRP I 623 125.56 80.97 111.65
C TRP I 623 125.15 82.44 111.82
N ASN I 624 123.85 82.68 112.06
CA ASN I 624 123.23 84.00 112.19
C ASN I 624 123.67 84.99 111.09
N GLU I 625 123.62 84.53 109.83
CA GLU I 625 123.85 85.34 108.62
C GLU I 625 122.56 85.64 107.87
N LYS I 626 122.47 86.87 107.34
CA LYS I 626 121.45 87.23 106.34
C LYS I 626 121.60 86.43 105.05
N GLU I 627 120.60 86.56 104.18
CA GLU I 627 120.51 85.98 102.85
C GLU I 627 120.41 84.44 102.89
N ARG I 628 119.84 83.86 103.96
CA ARG I 628 119.74 82.39 104.19
C ARG I 628 118.32 81.86 104.28
N ILE I 629 117.47 82.50 105.09
CA ILE I 629 116.02 82.27 105.14
C ILE I 629 115.33 83.64 105.21
N LYS I 630 114.26 83.84 104.45
CA LYS I 630 113.53 85.12 104.41
C LYS I 630 112.03 84.86 104.44
N VAL I 631 111.29 85.70 105.17
CA VAL I 631 109.83 85.81 105.15
C VAL I 631 109.38 87.14 104.56
N TYR I 632 108.55 87.10 103.52
CA TYR I 632 108.08 88.32 102.85
C TYR I 632 106.72 88.78 103.35
N ASN I 633 105.88 87.85 103.81
CA ASN I 633 104.54 88.18 104.27
C ASN I 633 104.09 87.25 105.40
N ILE I 634 103.16 87.76 106.22
CA ILE I 634 102.50 87.04 107.31
C ILE I 634 101.00 87.34 107.22
N MET I 635 100.19 86.28 107.20
CA MET I 635 98.73 86.35 107.08
C MET I 635 98.06 85.84 108.35
N GLY I 636 97.07 86.55 108.87
CA GLY I 636 96.13 86.04 109.86
C GLY I 636 95.01 85.28 109.15
N ILE I 637 94.65 84.10 109.64
CA ILE I 637 93.66 83.21 109.02
C ILE I 637 92.63 82.76 110.08
N ASN I 638 91.35 82.85 109.71
CA ASN I 638 90.24 82.23 110.42
C ASN I 638 89.83 80.93 109.71
N ARG I 639 89.64 79.87 110.50
CA ARG I 639 89.15 78.54 110.11
C ARG I 639 88.19 77.94 111.16
N GLY I 640 87.51 76.85 110.82
CA GLY I 640 86.60 76.11 111.72
C GLY I 640 87.28 75.23 112.76
N MET J 1 -9.93 134.36 97.61
CA MET J 1 -10.83 134.67 98.74
C MET J 1 -11.83 133.55 98.97
N ALA J 2 -12.24 133.37 100.23
CA ALA J 2 -13.45 132.62 100.59
C ALA J 2 -14.73 133.46 100.32
N PHE J 3 -15.84 132.84 99.91
CA PHE J 3 -17.11 133.54 99.69
C PHE J 3 -17.74 133.97 101.01
N ASN J 4 -18.44 135.11 101.03
CA ASN J 4 -19.23 135.57 102.19
C ASN J 4 -20.72 135.63 101.82
N TYR J 5 -21.56 134.91 102.58
CA TYR J 5 -22.99 134.75 102.32
C TYR J 5 -23.85 134.83 103.59
N THR J 6 -25.02 135.47 103.47
CA THR J 6 -26.02 135.57 104.54
C THR J 6 -27.39 135.08 104.02
N PRO J 7 -28.06 134.13 104.69
CA PRO J 7 -29.34 133.56 104.24
C PRO J 7 -30.51 134.55 104.03
N LEU J 8 -31.41 134.23 103.09
CA LEU J 8 -32.67 134.95 102.81
C LEU J 8 -33.76 134.68 103.88
N THR J 9 -34.72 135.61 104.00
CA THR J 9 -35.95 135.52 104.83
C THR J 9 -37.23 135.52 103.97
N GLU J 10 -38.31 134.86 104.40
CA GLU J 10 -39.50 134.65 103.55
C GLU J 10 -40.14 135.96 103.06
N THR J 11 -40.00 137.04 103.83
CA THR J 11 -40.50 138.39 103.51
C THR J 11 -39.60 139.17 102.54
N GLN J 12 -38.39 138.69 102.23
CA GLN J 12 -37.57 139.25 101.16
C GLN J 12 -38.12 138.82 99.79
N LYS J 13 -38.50 139.81 98.97
CA LYS J 13 -39.24 139.60 97.71
C LYS J 13 -38.34 139.02 96.62
N LEU J 14 -38.91 138.71 95.46
CA LEU J 14 -38.20 138.29 94.25
C LEU J 14 -37.04 139.26 93.90
N LYS J 15 -37.32 140.55 94.08
CA LYS J 15 -36.42 141.71 93.93
C LYS J 15 -35.20 141.71 94.87
N ASP J 16 -35.24 140.95 95.97
CA ASP J 16 -34.11 140.76 96.89
C ASP J 16 -33.33 139.46 96.62
N MET J 17 -33.95 138.46 95.99
CA MET J 17 -33.25 137.22 95.62
C MET J 17 -32.37 137.39 94.36
N TYR J 18 -32.78 138.17 93.35
CA TYR J 18 -31.94 138.37 92.15
C TYR J 18 -30.55 139.00 92.44
N PRO J 19 -30.37 139.98 93.36
CA PRO J 19 -29.06 140.43 93.79
C PRO J 19 -28.23 139.35 94.50
N LYS J 20 -28.82 138.54 95.38
CA LYS J 20 -28.06 137.44 96.04
C LYS J 20 -27.67 136.30 95.07
N VAL J 21 -28.52 135.92 94.12
CA VAL J 21 -28.13 135.00 93.03
C VAL J 21 -27.06 135.63 92.12
N ASN J 22 -27.15 136.94 91.82
CA ASN J 22 -26.09 137.65 91.10
C ASN J 22 -24.75 137.67 91.84
N ASP J 23 -24.75 137.97 93.14
CA ASP J 23 -23.53 137.92 93.95
C ASP J 23 -22.89 136.53 93.94
N ILE J 24 -23.70 135.48 94.09
CA ILE J 24 -23.25 134.10 93.96
C ILE J 24 -22.63 133.86 92.57
N GLY J 25 -23.35 134.19 91.50
CA GLY J 25 -22.88 133.96 90.13
C GLY J 25 -21.60 134.74 89.81
N ASN J 26 -21.53 136.00 90.21
CA ASN J 26 -20.32 136.80 90.07
C ASN J 26 -19.14 136.24 90.88
N PHE J 27 -19.35 135.71 92.09
CA PHE J 27 -18.27 135.07 92.85
C PHE J 27 -17.76 133.82 92.11
N LEU J 28 -18.66 132.92 91.71
CA LEU J 28 -18.31 131.73 90.94
C LEU J 28 -17.47 132.11 89.71
N LYS J 29 -17.88 133.17 89.00
CA LYS J 29 -17.19 133.70 87.81
C LYS J 29 -15.81 134.32 88.11
N THR J 30 -15.69 135.13 89.16
CA THR J 30 -14.47 135.90 89.44
C THR J 30 -13.43 135.17 90.29
N GLU J 31 -13.80 134.07 90.95
CA GLU J 31 -12.97 133.39 91.95
C GLU J 31 -12.92 131.85 91.84
N VAL J 32 -13.91 131.18 91.23
CA VAL J 32 -14.01 129.70 91.28
C VAL J 32 -13.58 129.05 89.96
N ASN J 33 -12.71 128.02 90.03
CA ASN J 33 -12.13 127.30 88.88
C ASN J 33 -11.55 128.26 87.84
N LEU J 34 -10.64 129.13 88.29
CA LEU J 34 -9.96 130.07 87.42
C LEU J 34 -9.00 129.34 86.47
N SER J 35 -9.15 129.62 85.17
CA SER J 35 -8.36 128.97 84.13
C SER J 35 -6.86 129.22 84.33
N ASP J 36 -6.54 130.47 84.62
CA ASP J 36 -5.19 130.92 84.90
C ASP J 36 -5.04 131.19 86.40
N VAL J 37 -3.97 130.72 87.02
CA VAL J 37 -3.69 130.89 88.46
C VAL J 37 -3.48 132.35 88.83
N LYS J 38 -3.91 132.76 90.04
CA LYS J 38 -3.96 134.19 90.38
C LYS J 38 -2.54 134.77 90.46
N GLN J 39 -2.30 135.81 89.66
CA GLN J 39 -1.05 136.57 89.64
C GLN J 39 -0.92 137.51 90.84
N ILE J 40 0.15 137.36 91.63
CA ILE J 40 0.47 138.21 92.77
C ILE J 40 1.77 138.98 92.49
N SER J 41 1.77 140.30 92.72
CA SER J 41 2.90 141.20 92.44
C SER J 41 3.60 141.64 93.72
N GLN J 42 4.93 141.50 93.75
CA GLN J 42 5.80 141.83 94.88
C GLN J 42 5.35 141.23 96.25
N PRO J 43 5.03 139.92 96.34
CA PRO J 43 4.91 139.25 97.64
C PRO J 43 6.29 139.01 98.27
N ASP J 44 6.36 138.91 99.60
CA ASP J 44 7.60 138.60 100.31
C ASP J 44 7.57 137.13 100.76
N PHE J 45 8.48 136.30 100.27
CA PHE J 45 8.60 134.90 100.68
C PHE J 45 9.14 134.68 102.10
N ASN J 46 9.43 135.74 102.86
CA ASN J 46 9.66 135.64 104.31
C ASN J 46 8.37 135.88 105.14
N ASN J 47 7.32 136.43 104.53
CA ASN J 47 6.05 136.72 105.20
C ASN J 47 4.86 136.58 104.23
N ILE J 48 4.86 135.49 103.46
CA ILE J 48 4.07 135.34 102.24
C ILE J 48 2.57 135.59 102.46
N LEU J 49 2.06 135.23 103.64
CA LEU J 49 0.65 135.34 103.98
C LEU J 49 0.14 136.78 103.97
N ALA J 50 1.02 137.75 104.15
CA ALA J 50 0.64 139.14 104.01
C ALA J 50 0.18 139.52 102.58
N SER J 51 0.53 138.73 101.56
CA SER J 51 0.12 138.94 100.17
C SER J 51 -0.72 137.77 99.60
N ILE J 52 -0.52 136.55 100.10
CA ILE J 52 -1.19 135.32 99.69
C ILE J 52 -1.90 134.67 100.90
N PRO J 53 -3.08 135.16 101.31
CA PRO J 53 -3.70 134.72 102.56
C PRO J 53 -4.42 133.35 102.48
N ASP J 54 -4.69 132.83 101.28
CA ASP J 54 -5.44 131.58 101.07
C ASP J 54 -4.59 130.44 100.45
N SER J 55 -4.81 129.20 100.90
CA SER J 55 -4.25 127.99 100.27
C SER J 55 -4.78 127.82 98.86
N GLY J 56 -3.92 127.37 97.95
CA GLY J 56 -4.25 127.30 96.55
C GLY J 56 -3.01 127.44 95.67
N ASN J 57 -3.24 127.71 94.39
CA ASN J 57 -2.20 127.89 93.39
C ASN J 57 -2.21 129.32 92.82
N TYR J 58 -1.02 129.88 92.70
CA TYR J 58 -0.74 131.28 92.38
C TYR J 58 0.39 131.37 91.36
N TYR J 59 0.52 132.52 90.72
CA TYR J 59 1.77 132.90 90.07
C TYR J 59 2.29 134.14 90.80
N VAL J 60 3.61 134.30 90.95
CA VAL J 60 4.21 135.45 91.61
C VAL J 60 5.17 136.18 90.68
N THR J 61 5.27 137.50 90.83
CA THR J 61 6.21 138.35 90.06
C THR J 61 6.96 139.30 90.98
N ASN J 62 8.24 139.58 90.68
CA ASN J 62 9.06 140.58 91.39
C ASN J 62 9.11 140.39 92.93
N SER J 63 8.93 139.14 93.36
CA SER J 63 8.91 138.69 94.76
C SER J 63 10.23 139.00 95.49
N LYS J 64 10.18 139.08 96.82
CA LYS J 64 11.37 139.21 97.68
C LYS J 64 11.64 137.89 98.42
N GLY J 65 12.89 137.50 98.56
CA GLY J 65 13.26 136.26 99.27
C GLY J 65 13.01 134.96 98.50
N ALA J 66 12.99 135.01 97.17
CA ALA J 66 12.99 133.80 96.32
C ALA J 66 14.32 133.02 96.47
N PRO J 67 14.38 131.74 96.06
CA PRO J 67 15.63 130.99 96.03
C PRO J 67 16.76 131.75 95.33
N SER J 68 17.96 131.66 95.87
CA SER J 68 19.06 132.55 95.48
C SER J 68 19.42 132.41 94.00
N GLY J 69 19.55 133.55 93.32
CA GLY J 69 19.87 133.66 91.90
C GLY J 69 18.72 133.29 90.94
N GLU J 70 17.78 132.46 91.37
CA GLU J 70 16.62 132.11 90.56
C GLU J 70 15.77 133.33 90.24
N ALA J 71 14.91 133.16 89.24
CA ALA J 71 13.91 134.15 88.87
C ALA J 71 13.08 134.58 90.08
N THR J 72 12.77 135.88 90.16
CA THR J 72 11.83 136.42 91.16
C THR J 72 10.36 136.22 90.75
N ALA J 73 10.10 135.46 89.69
CA ALA J 73 8.78 135.09 89.21
C ALA J 73 8.67 133.58 88.98
N GLY J 74 7.43 133.08 88.99
CA GLY J 74 7.13 131.67 88.81
C GLY J 74 5.86 131.26 89.54
N PHE J 75 5.62 129.96 89.57
CA PHE J 75 4.39 129.36 90.09
C PHE J 75 4.56 129.05 91.56
N VAL J 76 3.50 129.28 92.35
CA VAL J 76 3.49 129.06 93.79
C VAL J 76 2.26 128.26 94.18
N ARG J 77 2.46 127.19 94.93
CA ARG J 77 1.38 126.54 95.69
C ARG J 77 1.57 126.83 97.16
N LEU J 78 0.49 127.17 97.84
CA LEU J 78 0.44 127.31 99.28
C LEU J 78 -0.46 126.23 99.88
N ASP J 79 0.08 125.41 100.76
CA ASP J 79 -0.70 124.58 101.69
C ASP J 79 -0.63 125.21 103.09
N LYS J 80 -1.67 125.92 103.51
CA LYS J 80 -1.77 126.56 104.82
C LYS J 80 -2.85 125.85 105.64
N ARG J 81 -2.49 125.32 106.81
CA ARG J 81 -3.46 124.86 107.82
C ARG J 81 -3.99 126.07 108.56
N ASN J 82 -3.10 126.96 109.00
CA ASN J 82 -3.38 128.28 109.55
C ASN J 82 -2.05 129.08 109.49
N VAL J 83 -2.05 130.32 109.98
CA VAL J 83 -0.87 131.21 109.95
C VAL J 83 0.40 130.61 110.58
N ASN J 84 0.27 129.67 111.53
CA ASN J 84 1.41 129.04 112.21
C ASN J 84 1.95 127.81 111.47
N TYR J 85 1.16 127.22 110.57
CA TYR J 85 1.55 126.01 109.88
C TYR J 85 1.24 126.15 108.39
N TYR J 86 2.27 126.32 107.57
CA TYR J 86 2.11 126.37 106.12
C TYR J 86 3.36 125.92 105.35
N LYS J 87 3.17 125.42 104.12
CA LYS J 87 4.23 125.02 103.20
C LYS J 87 4.09 125.74 101.88
N ILE J 88 5.19 126.33 101.40
CA ILE J 88 5.25 127.02 100.12
C ILE J 88 6.05 126.15 99.15
N TYR J 89 5.44 125.81 98.01
CA TYR J 89 6.10 125.17 96.89
C TYR J 89 6.23 126.20 95.78
N TYR J 90 7.44 126.42 95.28
CA TYR J 90 7.74 127.44 94.26
C TYR J 90 8.48 126.85 93.07
N SER J 91 8.09 127.21 91.84
CA SER J 91 8.76 126.79 90.62
C SER J 91 9.05 127.97 89.68
N PRO J 92 10.33 128.31 89.39
CA PRO J 92 10.69 129.35 88.42
C PRO J 92 10.08 129.13 87.05
N TYR J 93 9.66 130.20 86.37
CA TYR J 93 9.08 130.11 85.03
C TYR J 93 10.08 129.59 83.98
N SER J 94 11.39 129.79 84.18
CA SER J 94 12.47 129.50 83.22
C SER J 94 13.30 128.24 83.54
N SER J 95 12.84 127.39 84.47
CA SER J 95 13.42 126.06 84.70
C SER J 95 12.38 125.07 85.27
N ASN J 96 12.63 123.77 85.12
CA ASN J 96 11.81 122.73 85.74
C ASN J 96 11.98 122.65 87.27
N LYS J 97 12.89 123.40 87.88
CA LYS J 97 13.16 123.28 89.32
C LYS J 97 11.90 123.54 90.13
N MET J 98 11.83 122.89 91.28
CA MET J 98 10.81 123.12 92.29
C MET J 98 11.48 123.20 93.65
N TYR J 99 11.04 124.14 94.46
CA TYR J 99 11.56 124.44 95.77
C TYR J 99 10.46 124.28 96.81
N ILE J 100 10.84 123.95 98.04
CA ILE J 100 9.93 123.89 99.19
C ILE J 100 10.47 124.70 100.36
N LYS J 101 9.55 125.36 101.07
CA LYS J 101 9.77 126.09 102.32
C LYS J 101 8.65 125.76 103.32
N THR J 102 8.99 125.51 104.59
CA THR J 102 8.04 125.05 105.61
C THR J 102 8.08 125.97 106.82
N TYR J 103 6.91 126.47 107.22
CA TYR J 103 6.65 127.18 108.47
C TYR J 103 5.84 126.28 109.39
N ALA J 104 6.29 126.13 110.64
CA ALA J 104 5.81 125.10 111.55
C ALA J 104 5.90 125.55 113.02
N ASN J 105 4.87 126.24 113.51
CA ASN J 105 4.84 126.81 114.86
C ASN J 105 6.08 127.68 115.19
N GLY J 106 6.36 128.69 114.35
CA GLY J 106 7.47 129.64 114.55
C GLY J 106 8.85 129.18 114.06
N THR J 107 9.04 127.88 113.83
CA THR J 107 10.23 127.37 113.11
C THR J 107 10.12 127.66 111.63
N VAL J 108 11.21 128.10 111.00
CA VAL J 108 11.29 128.21 109.53
C VAL J 108 12.34 127.26 108.95
N TYR J 109 11.90 126.33 108.11
CA TYR J 109 12.77 125.60 107.19
C TYR J 109 12.71 126.32 105.85
N ASP J 110 13.79 127.03 105.52
CA ASP J 110 13.90 127.86 104.32
C ASP J 110 13.98 127.03 103.02
N TRP J 111 14.18 127.69 101.87
CA TRP J 111 14.25 127.06 100.55
C TRP J 111 15.34 125.99 100.38
N ILE J 112 14.91 124.82 99.87
CA ILE J 112 15.73 123.76 99.29
C ILE J 112 14.97 123.18 98.08
N SER J 113 15.64 122.68 97.06
CA SER J 113 14.96 122.07 95.91
C SER J 113 14.77 120.56 96.04
N PHE J 114 13.83 120.01 95.28
CA PHE J 114 13.80 118.58 94.99
C PHE J 114 14.82 118.28 93.88
N LYS J 115 15.69 117.29 94.07
CA LYS J 115 16.69 116.91 93.08
C LYS J 115 16.03 116.26 91.86
N LEU J 116 16.44 116.67 90.65
CA LEU J 116 15.98 116.10 89.39
C LEU J 116 16.68 114.77 89.11
N ASP J 117 15.99 113.83 88.44
CA ASP J 117 16.58 112.54 88.08
C ASP J 117 17.12 112.55 86.63
N GLU J 118 18.45 112.44 86.50
CA GLU J 118 19.15 112.44 85.21
C GLU J 118 19.73 111.03 84.82
N GLY J 119 19.57 110.01 85.67
CA GLY J 119 20.10 108.64 85.49
C GLY J 119 21.53 108.40 86.03
N SER J 120 21.88 107.16 86.41
CA SER J 120 23.06 106.84 87.26
C SER J 120 24.44 106.81 86.57
N LEU J 121 24.57 107.33 85.36
CA LEU J 121 25.86 107.36 84.67
C LEU J 121 26.63 108.64 85.00
N TYR J 122 27.92 108.49 85.29
CA TYR J 122 28.78 109.62 85.66
C TYR J 122 29.21 110.46 84.47
N ASN J 123 29.35 111.75 84.73
CA ASN J 123 29.86 112.70 83.76
C ASN J 123 31.29 112.36 83.37
N GLU J 124 31.63 112.75 82.13
CA GLU J 124 32.86 112.39 81.46
C GLU J 124 33.34 113.54 80.57
N GLY J 125 34.62 113.52 80.22
CA GLY J 125 35.19 114.49 79.29
C GLY J 125 35.44 115.87 79.90
N ASN J 126 35.14 116.09 81.19
CA ASN J 126 35.55 117.30 81.90
C ASN J 126 37.06 117.35 82.16
N THR J 127 37.60 118.55 82.15
CA THR J 127 38.98 118.84 82.53
C THR J 127 38.98 119.50 83.90
N LEU J 128 39.60 118.88 84.92
CA LEU J 128 39.40 119.24 86.33
C LEU J 128 40.69 119.77 86.97
N ASN J 129 40.57 120.75 87.87
CA ASN J 129 41.67 121.14 88.75
C ASN J 129 41.30 120.82 90.21
N VAL J 130 41.72 119.65 90.70
CA VAL J 130 41.36 119.09 92.02
C VAL J 130 41.79 119.95 93.21
N LYS J 131 42.84 120.77 93.09
CA LYS J 131 43.26 121.68 94.15
C LYS J 131 42.27 122.83 94.40
N GLU J 132 41.42 123.12 93.43
CA GLU J 132 40.45 124.21 93.48
C GLU J 132 38.98 123.73 93.58
N LEU J 133 38.69 122.42 93.42
CA LEU J 133 37.30 121.91 93.35
C LEU J 133 36.48 122.24 94.61
N THR J 134 35.29 122.81 94.38
CA THR J 134 34.43 123.39 95.40
C THR J 134 33.31 122.47 95.90
N GLU J 135 32.92 121.50 95.10
CA GLU J 135 31.86 120.52 95.37
C GLU J 135 32.43 119.11 95.24
N SER J 136 31.98 118.14 96.04
CA SER J 136 32.38 116.74 95.84
C SER J 136 31.89 116.26 94.47
N THR J 137 32.60 115.33 93.83
CA THR J 137 32.17 114.77 92.54
C THR J 137 32.80 113.40 92.25
N THR J 138 32.26 112.66 91.28
CA THR J 138 32.98 111.54 90.65
C THR J 138 32.72 111.51 89.15
N GLN J 139 33.77 111.38 88.34
CA GLN J 139 33.68 111.57 86.89
C GLN J 139 34.78 110.76 86.20
N TYR J 140 34.60 110.45 84.92
CA TYR J 140 35.72 110.05 84.08
C TYR J 140 36.32 111.29 83.41
N ALA J 141 37.43 111.79 83.94
CA ALA J 141 37.88 113.14 83.68
C ALA J 141 39.39 113.24 83.46
N THR J 142 39.81 114.36 82.88
CA THR J 142 41.21 114.67 82.65
C THR J 142 41.71 115.67 83.70
N LEU J 143 42.69 115.28 84.50
CA LEU J 143 43.28 116.17 85.49
C LEU J 143 44.19 117.21 84.83
N VAL J 144 44.10 118.44 85.29
CA VAL J 144 45.06 119.52 84.98
C VAL J 144 46.36 119.33 85.78
N ASN J 145 46.26 118.86 87.03
CA ASN J 145 47.39 118.62 87.93
C ASN J 145 47.49 117.14 88.32
N PRO J 146 47.82 116.25 87.37
CA PRO J 146 47.89 114.81 87.60
C PRO J 146 49.05 114.43 88.50
N PRO J 147 49.02 113.21 89.06
CA PRO J 147 50.16 112.68 89.78
C PRO J 147 51.43 112.64 88.93
N LYS J 148 51.29 112.37 87.63
CA LYS J 148 52.34 112.33 86.61
C LYS J 148 51.77 112.87 85.29
N GLU J 149 52.52 113.64 84.51
CA GLU J 149 51.99 114.38 83.35
C GLU J 149 51.25 113.48 82.34
N ASN J 150 51.79 112.29 82.07
CA ASN J 150 51.25 111.33 81.12
C ASN J 150 50.13 110.40 81.68
N LEU J 151 49.81 110.44 82.98
CA LEU J 151 48.74 109.64 83.58
C LEU J 151 47.37 110.37 83.63
N ASN J 152 47.16 111.42 82.85
CA ASN J 152 46.19 112.45 83.23
C ASN J 152 44.69 112.13 83.12
N THR J 153 44.23 111.13 82.36
CA THR J 153 42.78 110.84 82.23
C THR J 153 42.38 109.55 82.95
N GLY J 154 41.27 109.58 83.68
CA GLY J 154 40.77 108.40 84.38
C GLY J 154 39.53 108.71 85.23
N TRP J 155 39.10 107.71 86.02
CA TRP J 155 38.11 107.94 87.06
C TRP J 155 38.69 108.79 88.19
N VAL J 156 38.14 109.98 88.35
CA VAL J 156 38.43 110.91 89.44
C VAL J 156 37.28 110.88 90.45
N ASN J 157 37.62 110.82 91.73
CA ASN J 157 36.69 111.01 92.84
C ASN J 157 37.25 112.13 93.72
N TYR J 158 36.41 113.10 94.10
CA TYR J 158 36.79 114.22 94.95
C TYR J 158 35.77 114.40 96.07
N LYS J 159 36.21 114.45 97.33
CA LYS J 159 35.35 114.64 98.51
C LYS J 159 35.67 115.95 99.22
N GLU J 160 34.68 116.81 99.46
CA GLU J 160 34.89 118.16 100.02
C GLU J 160 34.05 118.37 101.29
N SER J 161 34.67 118.86 102.37
CA SER J 161 33.96 119.07 103.64
C SER J 161 33.23 120.42 103.70
N LYS J 162 32.15 120.52 104.50
CA LYS J 162 31.19 121.65 104.48
C LYS J 162 31.74 123.07 104.72
N ASN J 163 32.91 123.24 105.32
CA ASN J 163 33.57 124.55 105.38
C ASN J 163 35.01 124.49 104.81
N GLY J 164 35.28 123.48 103.99
CA GLY J 164 36.56 123.29 103.34
C GLY J 164 37.68 122.86 104.28
N VAL J 165 37.37 122.38 105.47
CA VAL J 165 38.38 121.96 106.46
C VAL J 165 39.33 120.89 105.89
N SER J 166 38.83 119.96 105.06
CA SER J 166 39.67 118.99 104.36
C SER J 166 39.00 118.48 103.08
N SER J 167 39.80 117.93 102.18
CA SER J 167 39.32 117.15 101.04
C SER J 167 40.19 115.93 100.79
N LEU J 168 39.64 114.97 100.05
CA LEU J 168 40.35 113.79 99.60
C LEU J 168 40.10 113.59 98.11
N VAL J 169 41.17 113.35 97.37
CA VAL J 169 41.16 112.98 95.95
C VAL J 169 41.62 111.53 95.80
N GLU J 170 40.88 110.76 95.02
CA GLU J 170 41.29 109.43 94.54
C GLU J 170 41.19 109.42 93.02
N PHE J 171 42.20 108.84 92.38
CA PHE J 171 42.32 108.80 90.93
C PHE J 171 42.76 107.43 90.45
N ASN J 172 42.17 106.98 89.35
CA ASN J 172 42.56 105.73 88.69
C ASN J 172 42.77 106.07 87.20
N PRO J 173 44.00 106.41 86.78
CA PRO J 173 44.31 106.69 85.39
C PRO J 173 43.92 105.51 84.51
N VAL J 174 43.24 105.74 83.38
CA VAL J 174 42.83 104.65 82.48
C VAL J 174 44.03 103.88 81.90
N ASN J 175 45.18 104.52 81.82
CA ASN J 175 46.42 103.95 81.31
C ASN J 175 47.35 103.35 82.40
N SER J 176 46.81 103.06 83.59
CA SER J 176 47.58 102.49 84.72
C SER J 176 46.77 101.44 85.50
N THR J 177 47.42 100.45 86.12
CA THR J 177 46.83 99.56 87.14
C THR J 177 46.78 100.20 88.52
N SER J 178 47.45 101.34 88.70
CA SER J 178 47.61 101.98 90.01
C SER J 178 46.44 102.89 90.38
N THR J 179 46.08 102.86 91.66
CA THR J 179 45.29 103.91 92.30
C THR J 179 46.23 105.04 92.78
N PHE J 180 45.78 106.28 92.82
CA PHE J 180 46.47 107.40 93.48
C PHE J 180 45.53 108.10 94.49
N LYS J 181 46.05 108.47 95.66
CA LYS J 181 45.32 109.20 96.71
C LYS J 181 46.06 110.46 97.19
N MET J 182 45.32 111.50 97.52
CA MET J 182 45.89 112.78 97.94
C MET J 182 44.93 113.50 98.88
N ILE J 183 45.42 113.93 100.05
CA ILE J 183 44.59 114.59 101.08
C ILE J 183 44.99 116.05 101.18
N ARG J 184 43.99 116.94 101.22
CA ARG J 184 44.16 118.30 101.71
C ARG J 184 44.10 118.25 103.23
N LYS J 185 45.26 118.24 103.87
CA LYS J 185 45.40 118.05 105.32
C LYS J 185 44.90 119.24 106.11
N LEU J 186 45.02 120.44 105.53
CA LEU J 186 44.76 121.74 106.12
C LEU J 186 43.66 122.48 105.33
N PRO J 187 42.89 123.38 105.94
CA PRO J 187 42.03 124.30 105.19
C PRO J 187 42.79 125.15 104.17
N VAL J 188 42.12 125.55 103.09
CA VAL J 188 42.68 126.52 102.12
C VAL J 188 43.09 127.80 102.87
N GLN J 189 44.37 128.15 102.82
CA GLN J 189 44.95 129.33 103.46
C GLN J 189 46.26 129.76 102.81
N GLU J 190 46.68 130.97 103.13
CA GLU J 190 47.93 131.56 102.68
C GLU J 190 49.14 130.63 102.88
N GLN J 191 49.94 130.47 101.81
CA GLN J 191 51.14 129.64 101.80
C GLN J 191 52.28 130.35 101.03
N LYS J 192 53.20 131.00 101.74
CA LYS J 192 54.38 131.62 101.11
C LYS J 192 55.30 130.55 100.52
N PRO J 193 56.12 130.90 99.52
CA PRO J 193 57.18 130.04 99.01
C PRO J 193 58.32 129.84 100.03
N ASN J 194 59.19 128.87 99.74
CA ASN J 194 60.45 128.68 100.45
C ASN J 194 61.61 129.17 99.57
N LEU J 195 62.52 129.94 100.14
CA LEU J 195 63.76 130.41 99.50
C LEU J 195 64.90 129.37 99.50
N LEU J 196 64.90 128.44 100.46
CA LEU J 196 65.91 127.38 100.55
C LEU J 196 65.65 126.35 99.46
N LYS J 197 66.55 126.25 98.50
CA LYS J 197 66.63 125.04 97.68
C LYS J 197 66.97 123.84 98.56
N ASP J 198 66.53 122.68 98.13
CA ASP J 198 66.87 121.39 98.70
C ASP J 198 66.67 121.22 100.22
N SER J 199 65.58 121.76 100.75
CA SER J 199 65.21 121.52 102.15
C SER J 199 64.91 120.05 102.45
N LEU J 200 64.71 119.22 101.42
CA LEU J 200 64.60 117.77 101.56
C LEU J 200 65.98 117.07 101.48
N PHE J 201 67.09 117.81 101.41
CA PHE J 201 68.48 117.34 101.46
C PHE J 201 68.87 116.27 100.42
N VAL J 202 68.24 116.26 99.24
CA VAL J 202 68.40 115.23 98.20
C VAL J 202 69.71 115.34 97.44
N TYR J 203 70.29 116.54 97.27
CA TYR J 203 71.58 116.67 96.57
C TYR J 203 72.73 116.21 97.46
N PRO J 204 73.89 115.89 96.84
CA PRO J 204 74.92 115.11 97.50
C PRO J 204 75.57 115.84 98.69
N GLU J 205 76.14 115.09 99.64
CA GLU J 205 76.85 115.71 100.76
C GLU J 205 78.16 116.38 100.32
N THR J 206 78.50 117.53 100.93
CA THR J 206 79.79 118.22 100.80
C THR J 206 80.24 118.88 102.12
N SER J 207 81.52 119.16 102.30
CA SER J 207 82.03 119.85 103.49
C SER J 207 81.44 121.26 103.61
N TYR J 208 81.13 121.71 104.82
CA TYR J 208 80.63 123.08 105.02
C TYR J 208 81.64 124.18 104.63
N SER J 209 82.92 123.83 104.45
CA SER J 209 83.93 124.73 103.86
C SER J 209 83.67 125.05 102.37
N ASN J 210 82.93 124.21 101.64
CA ASN J 210 82.64 124.43 100.22
C ASN J 210 81.39 125.34 99.98
N ILE J 211 80.55 125.54 101.01
CA ILE J 211 79.28 126.30 100.88
C ILE J 211 79.38 127.78 101.28
N LYS J 212 80.59 128.27 101.57
CA LYS J 212 80.86 129.72 101.74
C LYS J 212 80.88 130.42 100.36
N THR J 213 79.75 130.37 99.68
CA THR J 213 79.46 130.88 98.33
C THR J 213 77.99 131.30 98.23
N ASP J 214 77.63 132.22 97.33
CA ASP J 214 76.23 132.57 97.04
C ASP J 214 75.68 131.87 95.78
N ASN J 215 76.38 130.87 95.26
CA ASN J 215 75.96 130.15 94.05
C ASN J 215 74.79 129.22 94.37
N TRP J 216 73.57 129.66 94.10
CA TRP J 216 72.34 128.86 94.18
C TRP J 216 71.95 128.19 92.87
N ASP J 217 72.65 128.48 91.77
CA ASP J 217 72.42 127.79 90.51
C ASP J 217 72.89 126.33 90.59
N THR J 218 74.09 126.08 91.14
CA THR J 218 74.71 124.75 91.12
C THR J 218 74.70 124.10 92.52
N PRO J 219 74.04 122.95 92.68
CA PRO J 219 74.04 122.21 93.94
C PRO J 219 75.40 121.55 94.23
N PRO J 220 75.63 121.06 95.47
CA PRO J 220 74.72 121.12 96.60
C PRO J 220 74.60 122.53 97.19
N PHE J 221 73.54 122.72 97.96
CA PHE J 221 73.20 124.00 98.59
C PHE J 221 73.32 124.00 100.12
N TRP J 222 73.73 122.85 100.67
CA TRP J 222 73.85 122.55 102.09
C TRP J 222 75.18 121.86 102.36
N GLY J 223 75.89 122.29 103.41
CA GLY J 223 77.20 121.77 103.77
C GLY J 223 77.25 121.27 105.21
N TYR J 224 77.95 120.17 105.39
CA TYR J 224 77.98 119.39 106.61
C TYR J 224 79.30 119.64 107.32
N SER J 225 79.24 119.96 108.61
CA SER J 225 80.43 120.00 109.45
C SER J 225 80.91 118.61 109.82
N SER J 226 82.03 118.54 110.54
CA SER J 226 82.24 117.43 111.46
C SER J 226 81.01 117.28 112.36
N ASN J 227 80.64 116.05 112.71
CA ASN J 227 79.51 115.78 113.60
C ASN J 227 78.13 116.31 113.09
N SER J 228 77.91 116.24 111.76
CA SER J 228 76.60 116.33 111.11
C SER J 228 76.52 115.48 109.83
N GLY J 229 75.31 115.18 109.32
CA GLY J 229 75.11 114.45 108.04
C GLY J 229 73.62 114.19 107.72
N ARG J 230 73.28 113.73 106.50
CA ARG J 230 71.91 113.25 106.16
C ARG J 230 71.65 111.97 106.94
N SER J 231 70.56 111.94 107.71
CA SER J 231 70.29 110.85 108.63
C SER J 231 69.67 109.62 107.96
N GLY J 232 69.83 108.46 108.57
CA GLY J 232 68.97 107.30 108.29
C GLY J 232 67.50 107.54 108.67
N VAL J 233 67.20 108.48 109.58
CA VAL J 233 65.82 108.80 110.03
C VAL J 233 65.08 109.66 108.99
N ARG J 234 63.79 109.36 108.76
CA ARG J 234 62.90 110.07 107.84
C ARG J 234 61.61 110.54 108.51
N PHE J 235 61.19 111.76 108.17
CA PHE J 235 60.05 112.45 108.75
C PHE J 235 58.89 112.52 107.76
N ARG J 236 57.74 111.95 108.11
CA ARG J 236 56.58 111.69 107.23
C ARG J 236 56.87 110.79 106.01
N GLY J 237 58.14 110.56 105.66
CA GLY J 237 58.61 109.96 104.41
C GLY J 237 59.86 110.69 103.88
N GLU J 238 60.01 111.99 104.13
CA GLU J 238 61.10 112.80 103.56
C GLU J 238 62.44 112.66 104.32
N ASN J 239 63.56 113.03 103.69
CA ASN J 239 64.86 112.99 104.37
C ASN J 239 64.98 114.04 105.49
N THR J 240 65.95 113.81 106.36
CA THR J 240 66.33 114.72 107.46
C THR J 240 67.86 114.81 107.57
N VAL J 241 68.35 115.84 108.26
CA VAL J 241 69.77 115.94 108.64
C VAL J 241 69.89 115.85 110.15
N GLN J 242 70.97 115.24 110.63
CA GLN J 242 71.26 115.12 112.04
C GLN J 242 72.47 115.96 112.41
N ILE J 243 72.42 116.53 113.62
CA ILE J 243 73.56 117.11 114.31
C ILE J 243 73.92 116.18 115.46
N ASP J 244 75.22 115.90 115.65
CA ASP J 244 75.72 115.14 116.80
C ASP J 244 76.49 116.06 117.76
N ASP J 245 76.31 115.91 119.08
CA ASP J 245 77.05 116.63 120.13
C ASP J 245 78.54 116.24 120.31
N GLY J 246 79.22 115.90 119.21
CA GLY J 246 80.59 115.39 119.21
C GLY J 246 81.69 116.45 119.44
N SER J 247 82.81 116.29 118.74
CA SER J 247 84.03 117.08 118.95
C SER J 247 83.86 118.57 118.65
N ASP J 248 83.04 118.94 117.66
CA ASP J 248 82.83 120.33 117.26
C ASP J 248 82.14 121.14 118.40
N THR J 249 82.53 122.39 118.62
CA THR J 249 81.84 123.26 119.59
C THR J 249 80.48 123.73 119.06
N TYR J 250 80.35 123.85 117.75
CA TYR J 250 79.14 124.33 117.07
C TYR J 250 78.81 123.49 115.82
N PRO J 251 78.58 122.16 115.94
CA PRO J 251 78.26 121.31 114.80
C PRO J 251 76.98 121.82 114.12
N SER J 252 76.98 121.75 112.79
CA SER J 252 76.02 122.48 111.98
C SER J 252 75.73 121.78 110.65
N VAL J 253 74.56 122.06 110.09
CA VAL J 253 74.31 122.00 108.64
C VAL J 253 73.99 123.40 108.14
N VAL J 254 74.73 123.85 107.13
CA VAL J 254 74.81 125.27 106.75
C VAL J 254 74.48 125.45 105.29
N SER J 255 73.57 126.37 104.98
CA SER J 255 73.24 126.63 103.59
C SER J 255 74.34 127.44 102.88
N ASN J 256 74.32 127.43 101.56
CA ASN J 256 74.94 128.50 100.78
C ASN J 256 74.49 129.88 101.30
N ARG J 257 75.32 130.90 101.11
CA ARG J 257 74.93 132.26 101.46
C ARG J 257 73.89 132.79 100.48
N PHE J 258 73.02 133.69 100.93
CA PHE J 258 72.19 134.54 100.08
C PHE J 258 72.82 135.93 100.07
N LYS J 259 73.03 136.54 98.89
CA LYS J 259 73.43 137.95 98.81
C LYS J 259 72.20 138.83 99.05
N MET J 260 72.35 139.92 99.79
CA MET J 260 71.31 140.94 99.90
C MET J 260 71.10 141.62 98.53
N GLY J 261 69.85 141.84 98.12
CA GLY J 261 69.49 142.35 96.80
C GLY J 261 69.28 141.29 95.70
N LYS J 262 69.17 140.00 96.06
CA LYS J 262 68.78 138.88 95.16
C LYS J 262 67.40 138.32 95.53
N GLU J 263 67.34 137.23 96.28
CA GLU J 263 66.08 136.68 96.84
C GLU J 263 65.78 137.16 98.27
N LEU J 264 66.76 137.80 98.91
CA LEU J 264 66.64 138.45 100.22
C LEU J 264 67.20 139.86 100.15
N SER J 265 66.70 140.75 101.00
CA SER J 265 67.22 142.09 101.23
C SER J 265 67.12 142.49 102.70
N VAL J 266 68.03 143.37 103.14
CA VAL J 266 67.90 144.08 104.41
C VAL J 266 66.53 144.77 104.46
N GLY J 267 65.86 144.72 105.61
CA GLY J 267 64.49 145.21 105.78
C GLY J 267 63.38 144.21 105.38
N ASP J 268 63.71 143.06 104.80
CA ASP J 268 62.76 141.95 104.69
C ASP J 268 62.44 141.35 106.06
N THR J 269 61.17 141.35 106.45
CA THR J 269 60.71 140.50 107.53
C THR J 269 60.65 139.06 107.03
N VAL J 270 61.38 138.16 107.68
CA VAL J 270 61.44 136.74 107.31
C VAL J 270 61.07 135.87 108.48
N THR J 271 60.46 134.74 108.18
CA THR J 271 60.29 133.64 109.12
C THR J 271 61.16 132.47 108.70
N VAL J 272 61.85 131.88 109.66
CA VAL J 272 62.48 130.58 109.50
C VAL J 272 61.67 129.56 110.28
N SER J 273 61.34 128.43 109.67
CA SER J 273 60.75 127.28 110.38
C SER J 273 61.45 125.97 110.02
N VAL J 274 61.58 125.08 111.00
CA VAL J 274 62.10 123.72 110.84
C VAL J 274 61.24 122.78 111.68
N TYR J 275 61.13 121.54 111.26
CA TYR J 275 60.83 120.48 112.21
C TYR J 275 62.10 120.08 112.95
N ALA J 276 62.01 119.87 114.27
CA ALA J 276 63.07 119.29 115.06
C ALA J 276 62.52 118.21 116.01
N LYS J 277 63.38 117.25 116.35
CA LYS J 277 63.26 116.35 117.49
C LYS J 277 64.64 115.92 117.98
N ILE J 278 64.75 115.42 119.20
CA ILE J 278 66.01 114.86 119.72
C ILE J 278 65.89 113.34 119.90
N ASN J 279 67.00 112.62 119.84
CA ASN J 279 66.98 111.20 120.21
C ASN J 279 66.53 110.96 121.66
N ASP J 280 66.95 111.81 122.60
CA ASP J 280 66.56 111.72 124.01
C ASP J 280 66.81 113.06 124.74
N PRO J 281 65.79 113.73 125.32
CA PRO J 281 65.96 115.06 125.94
C PRO J 281 66.98 115.12 127.09
N ALA J 282 67.16 114.03 127.83
CA ALA J 282 68.12 113.97 128.92
C ALA J 282 69.59 114.11 128.48
N LEU J 283 69.93 113.75 127.23
CA LEU J 283 71.30 113.77 126.71
C LEU J 283 71.79 115.19 126.39
N LEU J 284 70.89 116.14 126.17
CA LEU J 284 71.25 117.53 125.86
C LEU J 284 71.90 118.29 127.06
N LYS J 285 71.57 117.93 128.30
CA LYS J 285 72.09 118.60 129.52
C LYS J 285 71.86 120.12 129.43
N ASP J 286 72.94 120.87 129.45
CA ASP J 286 72.99 122.33 129.34
C ASP J 286 73.65 122.80 128.03
N ASN J 287 73.78 121.91 127.04
CA ASN J 287 73.99 122.33 125.64
C ASN J 287 72.73 123.00 125.08
N LEU J 288 72.87 123.66 123.93
CA LEU J 288 71.76 124.44 123.38
C LEU J 288 71.43 124.03 121.94
N VAL J 289 70.14 123.80 121.65
CA VAL J 289 69.68 123.42 120.30
C VAL J 289 69.14 124.66 119.65
N TYR J 290 69.69 125.03 118.50
CA TYR J 290 69.36 126.32 117.93
C TYR J 290 69.60 126.37 116.42
N PHE J 291 68.90 127.29 115.78
CA PHE J 291 69.09 127.58 114.38
C PHE J 291 69.03 129.08 114.17
N GLU J 292 69.81 129.59 113.23
CA GLU J 292 70.01 131.03 113.07
C GLU J 292 70.31 131.46 111.63
N LEU J 293 69.97 132.70 111.29
CA LEU J 293 70.23 133.29 109.97
C LEU J 293 71.46 134.22 110.01
N ALA J 294 72.65 133.65 110.16
CA ALA J 294 73.92 134.37 110.34
C ALA J 294 74.26 135.31 109.17
N GLY J 295 74.78 136.50 109.46
CA GLY J 295 75.09 137.56 108.49
C GLY J 295 76.58 137.78 108.29
N TYR J 296 76.99 138.27 107.12
CA TYR J 296 78.40 138.40 106.76
C TYR J 296 78.69 139.63 105.88
N ASP J 297 79.89 140.19 106.00
CA ASP J 297 80.34 141.35 105.22
C ASP J 297 80.81 140.95 103.81
N THR J 298 81.35 139.74 103.65
CA THR J 298 81.72 139.15 102.34
C THR J 298 81.23 137.70 102.22
N VAL J 299 81.21 137.17 100.99
CA VAL J 299 80.70 135.82 100.66
C VAL J 299 81.61 134.68 101.18
N ASP J 300 82.90 134.97 101.35
CA ASP J 300 83.95 134.11 101.85
C ASP J 300 84.35 134.41 103.32
N ASP J 301 83.63 135.31 104.00
CA ASP J 301 83.97 135.77 105.36
C ASP J 301 84.14 134.60 106.35
N THR J 302 85.32 134.56 106.96
CA THR J 302 85.79 133.52 107.88
C THR J 302 85.36 133.74 109.35
N SER J 303 84.61 134.80 109.66
CA SER J 303 84.09 135.07 111.02
C SER J 303 83.16 133.94 111.54
N LYS J 304 82.95 133.88 112.87
CA LYS J 304 82.12 132.87 113.58
C LYS J 304 80.60 133.04 113.33
N ASN J 305 80.19 133.17 112.08
CA ASN J 305 78.79 133.22 111.64
C ASN J 305 77.93 134.27 112.41
N PRO J 306 78.28 135.57 112.31
CA PRO J 306 77.72 136.65 113.14
C PRO J 306 76.19 136.68 113.23
N TYR J 307 75.71 136.95 114.45
CA TYR J 307 74.28 136.97 114.79
C TYR J 307 73.56 138.17 114.17
N THR J 308 72.36 137.97 113.64
CA THR J 308 71.51 139.00 113.01
C THR J 308 70.24 139.33 113.82
N GLY J 309 70.09 138.74 115.01
CA GLY J 309 68.82 138.68 115.71
C GLY J 309 67.88 137.58 115.18
N GLY J 310 68.18 136.94 114.05
CA GLY J 310 67.47 135.74 113.60
C GLY J 310 68.03 134.49 114.26
N ARG J 311 67.44 134.06 115.38
CA ARG J 311 67.72 132.77 116.05
C ARG J 311 66.46 132.28 116.78
N ARG J 312 66.34 130.96 116.96
CA ARG J 312 65.55 130.33 118.04
C ARG J 312 66.47 129.43 118.85
N GLU J 313 66.43 129.50 120.17
CA GLU J 313 67.18 128.60 121.07
C GLU J 313 66.21 127.75 121.88
N ILE J 314 66.35 126.42 121.79
CA ILE J 314 65.48 125.41 122.36
C ILE J 314 66.23 124.74 123.50
N THR J 315 65.62 124.67 124.68
CA THR J 315 66.20 124.02 125.87
C THR J 315 65.79 122.55 125.99
N ALA J 316 66.50 121.77 126.82
CA ALA J 316 66.16 120.37 127.09
C ALA J 316 64.75 120.19 127.68
N SER J 317 64.27 121.20 128.41
CA SER J 317 62.91 121.30 128.94
C SER J 317 61.83 121.70 127.91
N GLU J 318 62.18 121.80 126.62
CA GLU J 318 61.27 122.21 125.55
C GLU J 318 61.22 121.23 124.35
N ILE J 319 62.34 120.54 124.06
CA ILE J 319 62.49 119.51 123.00
C ILE J 319 61.99 118.12 123.44
N THR J 320 61.57 117.28 122.49
CA THR J 320 61.02 115.93 122.71
C THR J 320 61.45 114.94 121.61
N THR J 321 61.20 113.63 121.80
CA THR J 321 61.37 112.61 120.74
C THR J 321 60.37 112.75 119.59
N GLU J 322 59.19 113.32 119.86
CA GLU J 322 58.13 113.62 118.89
C GLU J 322 58.42 114.86 118.02
N TRP J 323 58.21 114.74 116.72
CA TRP J 323 58.42 115.84 115.78
C TRP J 323 57.54 117.03 116.12
N LYS J 324 58.19 118.18 116.34
CA LYS J 324 57.56 119.45 116.65
C LYS J 324 58.18 120.51 115.77
N LYS J 325 57.36 121.39 115.21
CA LYS J 325 57.84 122.52 114.43
C LYS J 325 58.30 123.60 115.38
N TYR J 326 59.40 124.25 115.06
CA TYR J 326 59.91 125.40 115.78
C TYR J 326 60.19 126.50 114.76
N SER J 327 60.32 127.73 115.20
CA SER J 327 60.55 128.85 114.28
C SER J 327 61.06 130.09 115.01
N PHE J 328 61.50 131.08 114.23
CA PHE J 328 61.60 132.47 114.67
C PHE J 328 61.15 133.41 113.55
N THR J 329 60.49 134.52 113.91
CA THR J 329 60.19 135.63 112.98
C THR J 329 61.05 136.83 113.33
N PHE J 330 61.75 137.40 112.36
CA PHE J 330 62.61 138.58 112.55
C PHE J 330 62.85 139.35 111.24
N THR J 331 63.34 140.58 111.34
CA THR J 331 63.68 141.39 110.17
C THR J 331 65.18 141.40 109.95
N ILE J 332 65.63 141.17 108.71
CA ILE J 332 67.05 141.21 108.38
C ILE J 332 67.61 142.62 108.64
N PRO J 333 68.55 142.81 109.59
CA PRO J 333 69.11 144.13 109.90
C PRO J 333 70.28 144.49 108.97
N GLU J 334 70.65 145.77 108.88
CA GLU J 334 71.79 146.22 108.05
C GLU J 334 73.15 145.73 108.57
N ASN J 335 73.25 145.52 109.88
CA ASN J 335 74.46 145.12 110.60
C ASN J 335 74.12 144.06 111.65
N THR J 336 75.07 143.19 111.97
CA THR J 336 74.93 142.13 112.96
C THR J 336 74.87 142.66 114.39
N ILE J 337 74.47 141.81 115.33
CA ILE J 337 74.03 142.15 116.70
C ILE J 337 74.89 141.39 117.73
N GLY J 338 75.13 141.99 118.89
CA GLY J 338 76.24 141.61 119.76
C GLY J 338 77.57 142.15 119.22
N ALA J 339 78.69 141.70 119.79
CA ALA J 339 79.97 142.38 119.64
C ALA J 339 80.49 142.48 118.19
N SER J 340 80.09 141.59 117.27
CA SER J 340 80.62 141.59 115.90
C SER J 340 80.32 142.89 115.16
N GLY J 341 79.07 143.33 115.15
CA GLY J 341 78.64 144.58 114.49
C GLY J 341 78.82 144.64 112.97
N VAL J 342 79.42 143.62 112.34
CA VAL J 342 79.74 143.62 110.91
C VAL J 342 78.49 143.73 110.04
N LYS J 343 78.65 144.36 108.88
CA LYS J 343 77.59 144.59 107.90
C LYS J 343 77.00 143.27 107.38
N VAL J 344 75.71 143.30 107.02
CA VAL J 344 75.01 142.18 106.39
C VAL J 344 74.93 142.43 104.88
N ASN J 345 75.94 141.97 104.13
CA ASN J 345 75.88 141.87 102.66
C ASN J 345 75.49 140.47 102.18
N TYR J 346 75.67 139.47 103.05
CA TYR J 346 75.25 138.08 102.86
C TYR J 346 74.59 137.54 104.13
N VAL J 347 73.73 136.52 103.99
CA VAL J 347 73.25 135.70 105.13
C VAL J 347 73.33 134.21 104.81
N SER J 348 73.35 133.33 105.81
CA SER J 348 73.21 131.88 105.64
C SER J 348 72.45 131.29 106.82
N LEU J 349 71.58 130.33 106.55
CA LEU J 349 70.83 129.58 107.56
C LEU J 349 71.73 128.45 108.10
N LEU J 350 71.91 128.43 109.42
CA LEU J 350 72.65 127.40 110.12
C LEU J 350 71.73 126.63 111.05
N LEU J 351 71.65 125.31 110.85
CA LEU J 351 70.97 124.37 111.73
C LEU J 351 72.03 123.75 112.64
N ARG J 352 71.98 123.95 113.95
CA ARG J 352 73.16 123.81 114.83
C ARG J 352 72.89 123.07 116.13
N MET J 353 73.94 122.75 116.86
CA MET J 353 73.87 122.58 118.30
C MET J 353 75.06 123.33 118.91
N ASN J 354 74.89 123.95 120.08
CA ASN J 354 75.98 124.55 120.85
C ASN J 354 76.41 123.57 121.93
N CYS J 355 77.65 123.12 121.83
CA CYS J 355 78.22 122.10 122.68
C CYS J 355 79.27 122.69 123.63
N SER J 356 79.19 123.99 123.94
CA SER J 356 80.14 124.65 124.83
C SER J 356 79.99 124.25 126.31
N SER J 357 78.82 123.75 126.75
CA SER J 357 78.56 123.29 128.14
C SER J 357 78.95 121.83 128.40
N SER J 358 78.89 120.95 127.38
CA SER J 358 79.36 119.56 127.41
C SER J 358 79.51 118.98 125.99
N LYS J 359 80.24 117.87 125.84
CA LYS J 359 80.47 117.17 124.56
C LYS J 359 80.42 115.65 124.72
N GLY J 360 80.16 114.97 123.60
CA GLY J 360 80.20 113.52 123.46
C GLY J 360 79.12 112.77 124.23
N ASN J 361 78.07 113.45 124.71
CA ASN J 361 77.05 112.82 125.56
C ASN J 361 76.16 111.85 124.76
N GLY J 362 76.12 112.00 123.42
CA GLY J 362 75.25 111.25 122.53
C GLY J 362 73.97 112.01 122.17
N ALA J 363 73.85 113.31 122.46
CA ALA J 363 72.69 114.09 122.02
C ALA J 363 72.70 114.25 120.50
N VAL J 364 71.77 113.57 119.82
CA VAL J 364 71.55 113.70 118.38
C VAL J 364 70.23 114.43 118.17
N VAL J 365 70.30 115.57 117.48
CA VAL J 365 69.12 116.35 117.08
C VAL J 365 68.91 116.21 115.57
N TYR J 366 67.66 115.99 115.18
CA TYR J 366 67.24 115.75 113.80
C TYR J 366 66.46 116.98 113.33
N TYR J 367 66.79 117.47 112.14
CA TYR J 367 66.11 118.60 111.52
C TYR J 367 65.48 118.21 110.20
N ALA J 368 64.28 118.70 109.97
CA ALA J 368 63.49 118.40 108.79
C ALA J 368 62.75 119.66 108.28
N LEU J 369 62.43 119.67 106.98
CA LEU J 369 61.64 120.70 106.28
C LEU J 369 62.07 122.16 106.55
N PRO J 370 63.37 122.54 106.50
CA PRO J 370 63.78 123.90 106.78
C PRO J 370 63.21 124.85 105.73
N LYS J 371 62.44 125.83 106.18
CA LYS J 371 61.84 126.89 105.38
C LYS J 371 62.41 128.24 105.77
N LEU J 372 62.77 129.04 104.78
CA LEU J 372 62.98 130.48 104.92
C LEU J 372 61.94 131.16 104.02
N GLU J 373 61.07 131.98 104.59
CA GLU J 373 59.95 132.60 103.86
C GLU J 373 59.83 134.09 104.17
N LYS J 374 59.55 134.91 103.16
CA LYS J 374 59.34 136.35 103.30
C LYS J 374 57.94 136.61 103.84
N SER J 375 57.83 136.72 105.16
CA SER J 375 56.58 136.65 105.93
C SER J 375 56.72 137.23 107.34
N SER J 376 55.59 137.56 107.98
CA SER J 376 55.46 137.91 109.40
C SER J 376 55.02 136.75 110.30
N LYS J 377 54.87 135.54 109.73
CA LYS J 377 54.42 134.31 110.40
C LYS J 377 54.99 133.08 109.69
N VAL J 378 54.99 131.95 110.39
CA VAL J 378 55.12 130.64 109.73
C VAL J 378 53.95 130.43 108.79
N THR J 379 54.18 129.97 107.55
CA THR J 379 53.10 129.40 106.72
C THR J 379 53.40 127.96 106.40
N PRO J 380 52.35 127.16 106.12
CA PRO J 380 52.50 125.75 105.72
C PRO J 380 53.68 125.51 104.78
N PHE J 381 54.47 124.48 105.06
CA PHE J 381 55.71 124.25 104.34
C PHE J 381 55.42 123.97 102.89
N ILE J 382 56.38 124.34 102.04
CA ILE J 382 56.47 123.89 100.67
C ILE J 382 57.96 123.85 100.28
N THR J 383 58.35 122.95 99.40
CA THR J 383 59.67 122.96 98.77
C THR J 383 59.86 124.17 97.85
N HIS J 384 61.11 124.54 97.55
CA HIS J 384 61.38 125.54 96.52
C HIS J 384 60.91 125.02 95.15
N GLU J 385 60.44 125.91 94.29
CA GLU J 385 59.81 125.51 93.02
C GLU J 385 60.78 124.70 92.13
N ASN J 386 62.05 125.08 92.12
CA ASN J 386 63.11 124.35 91.41
C ASN J 386 63.68 123.14 92.18
N ASP J 387 63.06 122.69 93.28
CA ASP J 387 63.38 121.38 93.90
C ASP J 387 62.77 120.20 93.12
N VAL J 388 63.56 119.16 92.86
CA VAL J 388 63.13 117.97 92.07
C VAL J 388 62.09 117.15 92.83
N ARG J 389 62.39 116.82 94.09
CA ARG J 389 61.51 116.11 95.03
C ARG J 389 60.61 117.14 95.70
N LYS J 390 59.35 117.20 95.31
CA LYS J 390 58.41 118.14 95.92
C LYS J 390 57.88 117.63 97.26
N TYR J 391 57.50 118.57 98.11
CA TYR J 391 56.63 118.34 99.26
C TYR J 391 55.83 119.62 99.56
N ASP J 392 54.62 119.47 100.09
CA ASP J 392 53.68 120.55 100.45
C ASP J 392 52.89 120.13 101.71
N GLU J 393 52.66 121.04 102.65
CA GLU J 393 51.90 120.71 103.85
C GLU J 393 50.39 120.82 103.70
N ILE J 394 49.89 121.66 102.80
CA ILE J 394 48.44 121.79 102.60
C ILE J 394 47.90 120.55 101.90
N TRP J 395 48.63 120.10 100.88
CA TRP J 395 48.31 118.95 100.05
C TRP J 395 49.41 117.91 100.11
N SER J 396 49.05 116.66 100.41
CA SER J 396 50.02 115.56 100.38
C SER J 396 50.66 115.43 99.00
N ASN J 397 51.78 114.73 98.91
CA ASN J 397 52.14 114.13 97.62
C ASN J 397 51.11 113.05 97.23
N TRP J 398 50.97 112.78 95.93
CA TRP J 398 50.11 111.71 95.42
C TRP J 398 50.62 110.35 95.83
N GLN J 399 49.89 109.71 96.75
CA GLN J 399 50.19 108.39 97.26
C GLN J 399 49.76 107.34 96.25
N GLU J 400 50.70 106.77 95.52
CA GLU J 400 50.41 105.65 94.62
C GLU J 400 50.15 104.37 95.42
N VAL J 401 49.16 103.57 95.01
CA VAL J 401 48.88 102.21 95.53
C VAL J 401 48.79 101.23 94.35
N ILE J 402 49.78 100.33 94.27
CA ILE J 402 49.95 99.32 93.20
C ILE J 402 49.06 98.07 93.41
N SER J 403 49.15 97.10 92.50
CA SER J 403 48.49 95.78 92.59
C SER J 403 49.46 94.64 92.98
N LYS J 404 48.92 93.49 93.41
CA LYS J 404 49.69 92.29 93.80
C LYS J 404 50.61 91.82 92.67
N ASP J 405 50.19 91.96 91.42
CA ASP J 405 50.97 91.57 90.26
C ASP J 405 52.23 92.45 90.08
N GLU J 406 52.11 93.76 90.30
CA GLU J 406 53.27 94.66 90.33
C GLU J 406 54.16 94.36 91.55
N LEU J 407 53.54 94.10 92.70
CA LEU J 407 54.22 93.72 93.93
C LEU J 407 55.05 92.42 93.73
N LYS J 408 54.51 91.42 93.03
CA LYS J 408 55.25 90.21 92.66
C LYS J 408 56.47 90.55 91.78
N GLY J 409 56.35 91.50 90.87
CA GLY J 409 57.49 92.00 90.11
C GLY J 409 58.63 92.40 91.04
N HIS J 410 58.32 93.19 92.07
CA HIS J 410 59.34 93.66 93.02
C HIS J 410 59.87 92.56 93.97
N SER J 411 59.02 91.65 94.45
CA SER J 411 59.38 90.69 95.52
C SER J 411 60.46 89.68 95.11
N PRO J 412 61.38 89.26 96.00
CA PRO J 412 62.43 88.29 95.69
C PRO J 412 61.93 86.85 95.57
N VAL J 413 60.64 86.59 95.77
CA VAL J 413 59.99 85.26 95.79
C VAL J 413 58.62 85.32 95.11
N ASP J 414 58.05 84.18 94.71
CA ASP J 414 56.73 84.13 94.10
C ASP J 414 55.59 84.21 95.15
N ILE J 415 55.14 85.43 95.45
CA ILE J 415 54.03 85.70 96.36
C ILE J 415 52.68 85.12 95.91
N GLU J 416 52.52 84.76 94.62
CA GLU J 416 51.32 84.11 94.07
C GLU J 416 51.40 82.58 94.15
N TYR J 417 52.58 82.03 94.46
CA TYR J 417 52.78 80.59 94.61
C TYR J 417 53.47 80.27 95.93
N ASN J 418 52.86 80.69 97.04
CA ASN J 418 53.31 80.32 98.39
C ASN J 418 54.80 80.65 98.65
N ASP J 419 55.29 81.80 98.18
CA ASP J 419 56.66 82.29 98.37
C ASP J 419 57.78 81.35 97.86
N TYR J 420 57.50 80.57 96.82
CA TYR J 420 58.51 79.76 96.13
C TYR J 420 59.59 80.62 95.45
N PHE J 421 60.59 79.97 94.84
CA PHE J 421 61.63 80.65 94.09
C PHE J 421 61.04 81.53 92.97
N LYS J 422 61.49 82.79 92.91
CA LYS J 422 61.08 83.75 91.87
C LYS J 422 61.43 83.25 90.47
N TYR J 423 62.57 82.56 90.34
CA TYR J 423 62.96 81.85 89.15
C TYR J 423 63.27 80.38 89.48
N GLN J 424 62.72 79.48 88.68
CA GLN J 424 62.91 78.04 88.80
C GLN J 424 63.22 77.49 87.42
N TRP J 425 64.22 76.62 87.35
CA TRP J 425 64.75 76.12 86.09
C TRP J 425 64.88 74.59 86.15
N TRP J 426 64.34 73.93 85.13
CA TRP J 426 64.19 72.49 85.03
C TRP J 426 64.63 72.02 83.64
N LYS J 427 65.30 70.87 83.54
CA LYS J 427 66.06 70.48 82.35
C LYS J 427 65.19 70.25 81.10
N SER J 428 63.89 70.07 81.25
CA SER J 428 62.94 70.06 80.14
C SER J 428 62.54 71.46 79.60
N GLU J 429 63.04 72.56 80.17
CA GLU J 429 62.42 73.89 80.04
C GLU J 429 63.36 75.01 79.60
N VAL J 430 64.64 74.77 79.36
CA VAL J 430 65.65 75.85 79.29
C VAL J 430 66.29 76.07 77.91
N ASN J 431 65.75 75.54 76.81
CA ASN J 431 66.38 75.62 75.46
C ASN J 431 67.89 75.25 75.48
N GLU J 432 68.24 74.26 76.30
CA GLU J 432 69.60 73.76 76.50
C GLU J 432 70.62 74.83 76.94
N LYS J 433 70.13 75.94 77.50
CA LYS J 433 70.93 76.96 78.19
C LYS J 433 71.66 76.38 79.40
N SER J 434 72.90 76.75 79.59
CA SER J 434 73.57 76.51 80.86
C SER J 434 73.01 77.41 81.97
N LEU J 435 73.42 77.15 83.20
CA LEU J 435 73.22 78.04 84.35
C LEU J 435 73.58 79.52 84.04
N LYS J 436 74.78 79.74 83.49
CA LYS J 436 75.28 81.06 83.08
C LYS J 436 74.32 81.74 82.11
N ASP J 437 73.89 81.02 81.09
CA ASP J 437 72.97 81.58 80.11
C ASP J 437 71.59 81.91 80.71
N LEU J 438 71.08 81.10 81.65
CA LEU J 438 69.83 81.40 82.37
C LEU J 438 69.98 82.68 83.16
N ALA J 439 71.10 82.80 83.87
CA ALA J 439 71.44 84.01 84.60
C ALA J 439 71.36 85.26 83.72
N MET J 440 71.74 85.19 82.43
CA MET J 440 71.68 86.35 81.54
C MET J 440 70.27 86.85 81.16
N THR J 441 69.22 86.06 81.36
CA THR J 441 67.85 86.49 80.98
C THR J 441 67.11 87.25 82.08
N VAL J 442 67.49 87.07 83.34
CA VAL J 442 66.80 87.64 84.52
C VAL J 442 66.78 89.18 84.47
N PRO J 443 65.69 89.85 84.91
CA PRO J 443 65.61 91.32 84.97
C PRO J 443 66.41 91.94 86.12
N GLN J 444 66.68 93.24 86.01
CA GLN J 444 67.37 94.01 87.04
C GLN J 444 66.73 93.80 88.43
N GLY J 445 67.53 93.79 89.48
CA GLY J 445 67.07 93.54 90.84
C GLY J 445 67.64 92.27 91.47
N TYR J 446 67.09 91.95 92.64
CA TYR J 446 67.48 90.82 93.48
C TYR J 446 66.42 89.73 93.38
N HIS J 447 66.80 88.48 93.11
CA HIS J 447 65.84 87.38 92.96
C HIS J 447 66.36 86.09 93.60
N THR J 448 65.48 85.34 94.27
CA THR J 448 65.75 83.95 94.61
C THR J 448 65.73 83.08 93.36
N PHE J 449 66.51 82.00 93.35
CA PHE J 449 66.41 80.99 92.32
C PHE J 449 66.69 79.56 92.79
N TYR J 450 66.09 78.62 92.05
CA TYR J 450 66.37 77.19 92.08
C TYR J 450 66.81 76.73 90.69
N CYS J 451 67.82 75.86 90.61
CA CYS J 451 68.25 75.23 89.37
C CYS J 451 68.45 73.71 89.55
N GLN J 452 67.89 72.89 88.66
CA GLN J 452 68.05 71.42 88.66
C GLN J 452 69.47 70.98 88.27
N GLY J 453 70.12 70.13 89.06
CA GLY J 453 71.54 69.79 88.88
C GLY J 453 71.92 69.08 87.58
N SER J 454 70.95 68.56 86.83
CA SER J 454 71.20 68.02 85.50
C SER J 454 71.56 69.13 84.48
N ILE J 455 71.14 70.37 84.71
CA ILE J 455 71.45 71.50 83.82
C ILE J 455 72.97 71.74 83.81
N ALA J 456 73.49 72.08 82.63
CA ALA J 456 74.90 72.32 82.40
C ALA J 456 75.46 73.48 83.22
N GLY J 457 76.70 73.33 83.66
CA GLY J 457 77.45 74.31 84.47
C GLY J 457 77.21 74.23 85.97
N THR J 458 76.21 73.47 86.45
CA THR J 458 75.94 73.33 87.89
C THR J 458 77.09 72.60 88.63
N PRO J 459 77.53 73.09 89.81
CA PRO J 459 78.70 72.55 90.50
C PRO J 459 78.45 71.11 90.93
N LYS J 460 79.39 70.24 90.56
CA LYS J 460 79.34 68.81 90.89
C LYS J 460 78.01 68.15 90.52
N GLY J 461 77.31 68.70 89.50
CA GLY J 461 76.03 68.21 89.01
C GLY J 461 74.87 68.29 90.00
N ARG J 462 75.03 69.00 91.12
CA ARG J 462 74.02 69.07 92.18
C ARG J 462 72.97 70.15 91.87
N SER J 463 71.74 69.97 92.36
CA SER J 463 70.73 71.03 92.33
C SER J 463 71.13 72.18 93.26
N ILE J 464 71.10 73.40 92.75
CA ILE J 464 71.58 74.58 93.46
C ILE J 464 70.43 75.51 93.83
N ARG J 465 70.50 76.01 95.06
CA ARG J 465 69.62 77.05 95.59
C ARG J 465 70.46 78.31 95.72
N GLY J 466 69.95 79.47 95.33
CA GLY J 466 70.67 80.71 95.61
C GLY J 466 69.93 81.99 95.27
N THR J 467 70.69 83.08 95.21
CA THR J 467 70.20 84.42 94.88
C THR J 467 71.07 85.07 93.82
N ILE J 468 70.39 85.68 92.85
CA ILE J 468 70.99 86.37 91.73
C ILE J 468 70.69 87.85 91.86
N GLN J 469 71.72 88.66 91.66
CA GLN J 469 71.62 90.11 91.65
C GLN J 469 72.00 90.60 90.25
N VAL J 470 71.12 91.38 89.63
CA VAL J 470 71.27 91.83 88.24
C VAL J 470 71.20 93.35 88.17
N ASP J 471 72.06 93.96 87.35
CA ASP J 471 72.02 95.40 87.11
C ASP J 471 72.46 95.76 85.71
N TYR J 472 71.98 96.90 85.21
CA TYR J 472 72.56 97.57 84.05
C TYR J 472 73.44 98.75 84.48
N ASP J 473 74.53 98.98 83.73
CA ASP J 473 75.46 100.08 83.97
C ASP J 473 74.71 101.43 84.09
N LYS J 474 74.76 102.05 85.26
CA LYS J 474 74.01 103.27 85.62
C LYS J 474 72.48 103.14 85.48
N CYS J 475 71.93 101.95 85.77
CA CYS J 475 70.49 101.61 85.76
C CYS J 475 69.80 101.74 84.39
N ASP J 476 70.54 101.93 83.30
CA ASP J 476 69.97 102.16 81.98
C ASP J 476 69.97 100.88 81.13
N PRO J 477 68.82 100.20 80.98
CA PRO J 477 68.76 98.96 80.20
C PRO J 477 68.84 99.20 78.69
N TYR J 478 68.78 100.45 78.20
CA TYR J 478 68.66 100.78 76.78
C TYR J 478 69.95 101.27 76.13
N ARG J 479 70.84 101.90 76.92
CA ARG J 479 72.17 102.39 76.47
C ARG J 479 73.31 101.93 77.39
N ALA J 480 73.22 100.72 77.93
CA ALA J 480 74.22 100.23 78.87
C ALA J 480 74.39 98.69 78.96
N ASN J 481 75.55 98.29 79.46
CA ASN J 481 75.99 96.91 79.61
C ASN J 481 75.38 96.25 80.84
N LYS J 482 74.97 94.99 80.72
CA LYS J 482 74.42 94.21 81.82
C LYS J 482 75.50 93.64 82.73
N PHE J 483 75.16 93.39 84.00
CA PHE J 483 75.99 92.74 85.01
C PHE J 483 75.19 91.78 85.86
N VAL J 484 75.85 90.68 86.25
CA VAL J 484 75.20 89.60 86.96
C VAL J 484 76.11 89.08 88.06
N LYS J 485 75.53 88.80 89.23
CA LYS J 485 76.20 88.17 90.36
C LYS J 485 75.29 87.06 90.91
N LEU J 486 75.89 85.93 91.27
CA LEU J 486 75.20 84.80 91.88
C LEU J 486 75.97 84.34 93.12
N LEU J 487 75.22 84.10 94.20
CA LEU J 487 75.65 83.38 95.40
C LEU J 487 74.67 82.21 95.64
N PHE J 488 75.19 80.98 95.62
CA PHE J 488 74.37 79.77 95.64
C PHE J 488 75.09 78.61 96.34
N THR J 489 74.29 77.67 96.82
CA THR J 489 74.75 76.58 97.65
C THR J 489 74.20 75.29 97.05
N ASP J 490 75.00 74.22 97.08
CA ASP J 490 74.60 72.90 96.61
C ASP J 490 73.96 72.02 97.71
N THR J 491 73.67 70.76 97.39
CA THR J 491 73.13 69.79 98.35
C THR J 491 74.17 69.30 99.40
N GLU J 492 75.40 69.80 99.40
CA GLU J 492 76.38 69.58 100.49
C GLU J 492 76.66 70.87 101.29
N GLY J 493 75.83 71.91 101.14
CA GLY J 493 75.97 73.14 101.91
C GLY J 493 77.15 74.02 101.49
N ILE J 494 77.83 73.68 100.40
CA ILE J 494 79.03 74.40 99.96
C ILE J 494 78.63 75.70 99.27
N PRO J 495 79.19 76.87 99.64
CA PRO J 495 78.93 78.14 98.96
C PRO J 495 79.80 78.32 97.70
N TYR J 496 79.17 78.86 96.66
CA TYR J 496 79.78 79.20 95.39
C TYR J 496 79.35 80.61 94.98
N THR J 497 80.29 81.37 94.42
CA THR J 497 79.98 82.64 93.73
C THR J 497 80.31 82.54 92.26
N LEU J 498 79.50 83.22 91.46
CA LEU J 498 79.72 83.33 90.03
C LEU J 498 79.27 84.72 89.54
N TYR J 499 80.03 85.31 88.63
CA TYR J 499 79.88 86.71 88.26
C TYR J 499 80.12 86.92 86.77
N TYR J 500 79.30 87.78 86.17
CA TYR J 500 79.46 88.26 84.81
C TYR J 500 79.72 89.75 84.81
N GLY J 501 80.82 90.17 84.19
CA GLY J 501 81.09 91.56 83.85
C GLY J 501 80.57 91.90 82.45
N GLY J 502 79.92 93.07 82.32
CA GLY J 502 79.65 93.74 81.05
C GLY J 502 80.93 94.14 80.30
N TYR J 503 80.77 94.86 79.20
CA TYR J 503 81.88 95.32 78.36
C TYR J 503 82.81 94.17 77.95
N ASN J 504 82.21 93.02 77.61
CA ASN J 504 82.90 91.79 77.20
C ASN J 504 83.88 91.21 78.24
N GLN J 505 83.85 91.67 79.50
CA GLN J 505 84.56 91.00 80.62
C GLN J 505 84.09 89.54 80.77
N GLY J 506 82.82 89.28 80.47
CA GLY J 506 82.26 87.94 80.50
C GLY J 506 82.18 87.37 81.89
N TRP J 507 82.02 86.06 81.93
CA TRP J 507 82.05 85.29 83.15
C TRP J 507 83.45 85.25 83.77
N LYS J 508 83.55 85.64 85.04
CA LYS J 508 84.68 85.26 85.89
C LYS J 508 84.55 83.78 86.27
N PRO J 509 85.63 83.15 86.74
CA PRO J 509 85.59 81.75 87.13
C PRO J 509 84.53 81.47 88.21
N LEU J 510 84.04 80.24 88.27
CA LEU J 510 83.27 79.75 89.41
C LEU J 510 84.17 79.68 90.65
N LYS J 511 83.91 80.53 91.63
CA LYS J 511 84.61 80.52 92.92
C LYS J 511 83.83 79.67 93.91
N GLN J 512 84.29 78.46 94.22
CA GLN J 512 83.88 77.78 95.46
C GLN J 512 84.57 78.46 96.66
N SER J 513 83.86 78.63 97.78
CA SER J 513 84.48 79.07 99.04
C SER J 513 85.13 77.92 99.78
N GLU J 514 86.37 78.12 100.26
CA GLU J 514 87.04 77.14 101.11
C GLU J 514 86.35 77.14 102.46
N THR J 515 85.97 75.97 102.92
CA THR J 515 85.29 75.81 104.20
C THR J 515 85.91 74.70 104.99
N SER J 516 85.85 74.83 106.31
CA SER J 516 86.52 73.93 107.24
C SER J 516 85.64 73.53 108.41
N THR J 517 85.75 72.26 108.79
CA THR J 517 85.02 71.62 109.90
C THR J 517 86.01 70.84 110.73
N LEU J 518 85.94 70.92 112.05
CA LEU J 518 86.76 70.12 112.95
C LEU J 518 86.32 68.65 112.94
N LEU J 519 87.21 67.75 112.55
CA LEU J 519 86.98 66.31 112.63
C LEU J 519 87.49 65.71 113.93
N TRP J 520 88.57 66.22 114.50
CA TRP J 520 89.05 65.75 115.81
C TRP J 520 89.96 66.75 116.52
N LYS J 521 90.09 66.64 117.85
CA LYS J 521 90.97 67.45 118.69
C LYS J 521 91.50 66.68 119.91
N GLY J 522 92.76 66.91 120.30
CA GLY J 522 93.43 66.24 121.43
C GLY J 522 94.96 66.30 121.37
N THR J 523 95.65 65.17 121.59
CA THR J 523 97.11 65.03 121.40
C THR J 523 97.53 63.62 120.96
N LEU J 524 97.46 63.34 119.67
CA LEU J 524 97.72 62.02 119.08
C LEU J 524 99.22 61.79 118.88
N ASP J 525 99.89 61.17 119.85
CA ASP J 525 101.28 60.75 119.69
C ASP J 525 101.40 59.59 118.71
N PHE J 526 102.26 59.70 117.72
CA PHE J 526 102.46 58.64 116.73
C PHE J 526 103.08 57.37 117.35
N GLY J 527 103.76 57.47 118.50
CA GLY J 527 104.20 56.31 119.25
C GLY J 527 103.08 55.67 120.08
N SER J 528 101.89 56.26 120.17
CA SER J 528 100.73 55.60 120.79
C SER J 528 100.19 54.50 119.89
N THR J 529 99.35 53.62 120.44
CA THR J 529 98.89 52.39 119.78
C THR J 529 97.37 52.32 119.65
N GLU J 530 96.72 53.47 119.81
CA GLU J 530 95.28 53.62 119.93
C GLU J 530 94.75 54.45 118.75
N ALA J 531 93.54 54.13 118.30
CA ALA J 531 92.82 54.99 117.36
C ALA J 531 92.15 56.18 118.08
N VAL J 532 91.76 57.23 117.33
CA VAL J 532 90.83 58.29 117.79
C VAL J 532 89.71 58.49 116.78
N ASN J 533 88.48 58.67 117.26
CA ASN J 533 87.33 58.84 116.39
C ASN J 533 87.33 60.24 115.76
N LEU J 534 86.79 60.30 114.55
CA LEU J 534 86.50 61.52 113.81
C LEU J 534 85.01 61.82 113.86
N ASN J 535 84.65 63.08 114.06
CA ASN J 535 83.26 63.49 114.24
C ASN J 535 82.40 63.30 112.99
N ASP J 536 82.98 63.04 111.82
CA ASP J 536 82.27 62.80 110.56
C ASP J 536 83.12 61.92 109.60
N SER J 537 82.52 61.29 108.59
CA SER J 537 83.24 60.45 107.61
C SER J 537 84.22 61.24 106.75
N LEU J 538 85.40 60.70 106.51
CA LEU J 538 86.39 61.26 105.58
C LEU J 538 85.80 61.49 104.18
N ASP J 539 84.80 60.70 103.77
CA ASP J 539 84.22 60.75 102.43
C ASP J 539 83.43 62.04 102.15
N ASN J 540 83.10 62.85 103.15
CA ASN J 540 82.42 64.13 102.94
C ASN J 540 83.38 65.30 102.62
N TYR J 541 84.70 65.10 102.68
CA TYR J 541 85.71 66.17 102.60
C TYR J 541 86.65 65.99 101.41
N ASP J 542 87.24 67.08 100.94
CA ASP J 542 88.18 67.10 99.82
C ASP J 542 89.64 67.04 100.29
N LEU J 543 89.92 67.61 101.45
CA LEU J 543 91.19 67.49 102.13
C LEU J 543 90.97 67.22 103.62
N ILE J 544 92.04 66.75 104.27
CA ILE J 544 92.26 66.97 105.71
C ILE J 544 93.50 67.82 105.94
N GLU J 545 93.47 68.60 107.00
CA GLU J 545 94.65 69.31 107.51
C GLU J 545 94.80 69.05 109.00
N VAL J 546 96.04 68.93 109.47
CA VAL J 546 96.34 68.63 110.87
C VAL J 546 97.37 69.61 111.41
N THR J 547 97.18 70.09 112.63
CA THR J 547 98.28 70.68 113.41
C THR J 547 99.09 69.59 114.07
N TYR J 548 100.42 69.71 114.02
CA TYR J 548 101.32 68.72 114.58
C TYR J 548 102.55 69.34 115.24
N TRP J 549 103.21 68.53 116.06
CA TRP J 549 104.46 68.80 116.73
C TRP J 549 105.47 67.70 116.42
N THR J 550 106.75 68.05 116.44
CA THR J 550 107.86 67.11 116.37
C THR J 550 108.88 67.43 117.47
N ARG J 551 109.46 66.37 118.03
CA ARG J 551 110.32 66.41 119.22
C ARG J 551 111.36 67.52 119.17
N SER J 552 112.21 67.50 118.15
CA SER J 552 113.42 68.31 118.13
C SER J 552 113.10 69.80 118.09
N ALA J 553 113.55 70.48 119.16
CA ALA J 553 113.36 71.90 119.43
C ALA J 553 111.90 72.37 119.60
N GLY J 554 110.97 71.49 120.00
CA GLY J 554 109.60 71.90 120.34
C GLY J 554 108.83 72.52 119.18
N HIS J 555 109.07 72.03 117.96
CA HIS J 555 108.48 72.54 116.73
C HIS J 555 106.96 72.28 116.67
N PHE J 556 106.19 73.26 116.19
CA PHE J 556 104.78 73.08 115.80
C PHE J 556 104.55 73.56 114.36
N SER J 557 103.63 72.93 113.63
CA SER J 557 103.40 73.15 112.19
C SER J 557 102.02 72.59 111.76
N THR J 558 101.61 72.78 110.50
CA THR J 558 100.44 72.06 109.93
C THR J 558 100.80 71.23 108.67
N LYS J 559 100.11 70.11 108.47
CA LYS J 559 100.27 69.19 107.32
C LYS J 559 98.92 69.00 106.63
N ARG J 560 98.88 68.99 105.30
CA ARG J 560 97.67 68.73 104.49
C ARG J 560 97.76 67.42 103.71
N LEU J 561 96.64 66.71 103.64
CA LEU J 561 96.44 65.49 102.87
C LEU J 561 95.16 65.58 102.05
N ASP J 562 95.28 65.25 100.78
CA ASP J 562 94.16 65.09 99.86
C ASP J 562 93.50 63.73 100.09
N ILE J 563 92.21 63.69 100.41
CA ILE J 563 91.55 62.41 100.76
C ILE J 563 91.22 61.59 99.49
N LYS J 564 91.12 62.27 98.33
CA LYS J 564 90.72 61.68 97.04
C LYS J 564 91.93 61.09 96.30
N ASN J 565 93.08 61.77 96.37
CA ASN J 565 94.38 61.41 95.78
C ASN J 565 95.39 61.00 96.90
N THR J 566 95.30 59.75 97.40
CA THR J 566 96.05 59.27 98.59
C THR J 566 96.32 57.77 98.56
N SER J 567 97.24 57.33 99.43
CA SER J 567 97.48 55.94 99.84
C SER J 567 96.70 55.53 101.11
N ASN J 568 95.85 56.41 101.65
CA ASN J 568 95.18 56.23 102.95
C ASN J 568 96.20 55.98 104.08
N LEU J 569 97.33 56.70 104.02
CA LEU J 569 98.35 56.76 105.06
C LEU J 569 98.72 58.22 105.30
N LEU J 570 98.24 58.85 106.37
CA LEU J 570 98.67 60.20 106.75
C LEU J 570 100.11 60.11 107.23
N TYR J 571 101.07 60.48 106.41
CA TYR J 571 102.46 60.62 106.84
C TYR J 571 102.68 62.03 107.38
N ILE J 572 103.57 62.14 108.36
CA ILE J 572 104.32 63.35 108.73
C ILE J 572 105.79 63.09 108.47
N ARG J 573 106.44 64.02 107.77
CA ARG J 573 107.90 64.09 107.61
C ARG J 573 108.36 65.48 108.08
N ASP J 574 109.50 65.54 108.75
CA ASP J 574 110.14 66.77 109.21
C ASP J 574 111.63 66.51 109.50
N PHE J 575 112.48 67.53 109.58
CA PHE J 575 113.87 67.35 110.03
C PHE J 575 114.37 68.54 110.86
N ASN J 576 115.38 68.30 111.71
CA ASN J 576 115.95 69.30 112.62
C ASN J 576 117.48 69.26 112.55
N ILE J 577 118.15 70.38 112.33
CA ILE J 577 119.60 70.51 112.46
C ILE J 577 120.02 70.95 113.86
N SER J 578 121.24 70.62 114.26
CA SER J 578 121.84 71.05 115.55
C SER J 578 121.69 72.57 115.80
N ASN J 579 121.06 72.96 116.91
CA ASN J 579 120.80 74.35 117.25
C ASN J 579 121.95 74.96 118.09
N ASP J 580 123.12 75.13 117.45
CA ASP J 580 124.32 75.81 117.99
C ASP J 580 125.22 76.29 116.84
N SER J 581 126.22 77.13 117.10
CA SER J 581 127.05 77.70 116.02
C SER J 581 128.04 76.74 115.35
N THR J 582 128.29 75.56 115.93
CA THR J 582 129.37 74.64 115.52
C THR J 582 128.89 73.28 115.01
N GLY J 583 127.79 72.74 115.53
CA GLY J 583 127.29 71.40 115.15
C GLY J 583 126.89 71.28 113.68
N SER J 584 127.07 70.09 113.09
CA SER J 584 126.77 69.85 111.67
C SER J 584 125.91 68.59 111.47
N SER J 585 125.32 68.06 112.55
CA SER J 585 124.37 66.94 112.50
C SER J 585 123.01 67.37 111.96
N VAL J 586 122.30 66.40 111.39
CA VAL J 586 120.89 66.51 110.99
C VAL J 586 120.09 65.33 111.53
N ASP J 587 118.96 65.59 112.17
CA ASP J 587 118.02 64.57 112.61
C ASP J 587 116.77 64.58 111.71
N PHE J 588 116.29 63.40 111.35
CA PHE J 588 115.13 63.21 110.47
C PHE J 588 113.99 62.56 111.24
N PHE J 589 112.76 62.93 110.91
CA PHE J 589 111.54 62.37 111.47
C PHE J 589 110.58 61.94 110.36
N GLU J 590 110.06 60.73 110.48
CA GLU J 590 109.00 60.24 109.63
C GLU J 590 108.02 59.47 110.52
N GLY J 591 106.73 59.57 110.26
CA GLY J 591 105.74 58.71 110.88
C GLY J 591 104.41 58.76 110.18
N TYR J 592 103.57 57.75 110.35
CA TYR J 592 102.26 57.73 109.72
C TYR J 592 101.16 57.16 110.59
N CYS J 593 99.94 57.48 110.18
CA CYS J 593 98.71 56.92 110.68
C CYS J 593 97.93 56.26 109.52
N THR J 594 97.30 55.12 109.79
CA THR J 594 96.27 54.53 108.90
C THR J 594 94.90 55.08 109.26
N PHE J 595 93.89 54.84 108.42
CA PHE J 595 92.48 55.12 108.73
C PHE J 595 91.71 53.78 108.84
N PRO J 596 91.72 53.07 109.98
CA PRO J 596 91.15 51.72 110.09
C PRO J 596 89.68 51.63 109.64
N THR J 597 88.96 52.74 109.74
CA THR J 597 87.65 53.00 109.17
C THR J 597 87.65 54.39 108.52
N ARG J 598 86.65 54.74 107.71
CA ARG J 598 86.43 56.13 107.21
C ARG J 598 86.07 57.16 108.31
N THR J 599 86.04 56.74 109.56
CA THR J 599 85.65 57.54 110.74
C THR J 599 86.66 57.44 111.88
N SER J 600 87.89 56.97 111.64
CA SER J 600 88.95 56.88 112.66
C SER J 600 90.38 57.01 112.09
N VAL J 601 91.32 57.40 112.95
CA VAL J 601 92.76 57.49 112.64
C VAL J 601 93.54 56.69 113.69
N GLN J 602 94.56 55.92 113.29
CA GLN J 602 95.40 55.16 114.21
C GLN J 602 96.89 55.26 113.81
N PRO J 603 97.84 55.50 114.74
CA PRO J 603 99.26 55.44 114.40
C PRO J 603 99.66 54.08 113.86
N GLY J 604 100.50 54.06 112.82
CA GLY J 604 101.05 52.85 112.20
C GLY J 604 102.57 52.74 112.30
N MET J 605 103.28 53.86 112.20
CA MET J 605 104.72 53.88 112.39
C MET J 605 105.21 55.25 112.86
N VAL J 606 106.30 55.29 113.63
CA VAL J 606 107.15 56.47 113.75
C VAL J 606 108.63 56.07 113.86
N LYS J 607 109.52 56.77 113.17
CA LYS J 607 110.96 56.51 113.14
C LYS J 607 111.74 57.82 113.10
N SER J 608 112.95 57.80 113.63
CA SER J 608 113.91 58.89 113.43
C SER J 608 115.32 58.37 113.15
N ILE J 609 116.10 59.19 112.47
CA ILE J 609 117.49 58.93 112.09
C ILE J 609 118.33 60.16 112.40
N THR J 610 119.58 59.95 112.83
CA THR J 610 120.55 61.01 113.00
C THR J 610 121.68 60.82 112.01
N LEU J 611 121.91 61.79 111.13
CA LEU J 611 123.23 62.01 110.55
C LEU J 611 124.09 62.77 111.55
N ASP J 612 125.02 62.06 112.19
CA ASP J 612 125.94 62.67 113.14
C ASP J 612 127.04 63.41 112.39
N GLY J 613 127.09 64.74 112.54
CA GLY J 613 128.10 65.59 111.93
C GLY J 613 129.47 65.58 112.63
N SER J 614 129.57 64.97 113.83
CA SER J 614 130.85 64.84 114.56
C SER J 614 131.72 63.68 114.06
N THR J 615 131.09 62.59 113.61
CA THR J 615 131.73 61.40 113.01
C THR J 615 131.51 61.30 111.49
N ASN J 616 130.54 62.06 110.97
CA ASN J 616 129.94 61.95 109.63
C ASN J 616 129.28 60.59 109.38
N THR J 617 128.48 60.11 110.34
CA THR J 617 127.86 58.76 110.29
C THR J 617 126.36 58.78 110.57
N THR J 618 125.59 57.98 109.85
CA THR J 618 124.15 57.83 110.12
C THR J 618 123.84 56.72 111.13
N LYS J 619 122.75 56.89 111.90
CA LYS J 619 122.23 55.88 112.84
C LYS J 619 120.71 56.00 113.04
N VAL J 620 120.05 54.87 113.31
CA VAL J 620 118.64 54.84 113.71
C VAL J 620 118.52 55.42 115.11
N ALA J 621 117.83 56.56 115.26
CA ALA J 621 117.69 57.23 116.55
C ALA J 621 116.41 56.83 117.30
N SER J 622 115.33 56.45 116.61
CA SER J 622 114.16 55.84 117.26
C SER J 622 113.35 54.96 116.31
N TRP J 623 112.62 54.00 116.85
CA TRP J 623 111.66 53.15 116.11
C TRP J 623 110.46 52.84 117.02
N ASN J 624 109.25 53.22 116.60
CA ASN J 624 107.99 53.11 117.36
C ASN J 624 108.13 53.58 118.83
N GLU J 625 108.52 54.84 118.99
CA GLU J 625 108.64 55.54 120.28
C GLU J 625 107.65 56.70 120.38
N LYS J 626 107.11 56.89 121.58
CA LYS J 626 106.39 58.11 121.94
C LYS J 626 107.34 59.31 121.95
N GLU J 627 106.77 60.51 122.01
CA GLU J 627 107.46 61.80 122.06
C GLU J 627 108.34 62.08 120.81
N ARG J 628 107.93 61.64 119.62
CA ARG J 628 108.61 61.92 118.33
C ARG J 628 107.80 62.82 117.41
N ILE J 629 106.55 62.47 117.16
CA ILE J 629 105.58 63.22 116.33
C ILE J 629 104.18 63.19 117.00
N LYS J 630 103.46 64.32 117.07
CA LYS J 630 102.13 64.44 117.70
C LYS J 630 101.18 65.29 116.88
N VAL J 631 99.89 64.97 116.81
CA VAL J 631 98.83 65.79 116.16
C VAL J 631 97.79 66.31 117.16
N TYR J 632 97.46 67.60 117.13
CA TYR J 632 96.57 68.24 118.10
C TYR J 632 95.14 68.45 117.60
N ASN J 633 94.96 68.60 116.29
CA ASN J 633 93.65 68.69 115.67
C ASN J 633 93.69 68.16 114.24
N ILE J 634 92.54 67.69 113.76
CA ILE J 634 92.29 67.25 112.38
C ILE J 634 91.06 68.02 111.86
N MET J 635 91.25 68.78 110.78
CA MET J 635 90.19 69.53 110.10
C MET J 635 89.84 68.82 108.80
N GLY J 636 88.56 68.60 108.55
CA GLY J 636 88.06 68.27 107.21
C GLY J 636 87.83 69.57 106.45
N ILE J 637 88.27 69.63 105.20
CA ILE J 637 88.22 70.83 104.38
C ILE J 637 87.51 70.53 103.07
N ASN J 638 86.65 71.46 102.64
CA ASN J 638 86.03 71.47 101.33
C ASN J 638 86.62 72.59 100.45
N ARG J 639 86.94 72.26 99.20
CA ARG J 639 87.54 73.19 98.20
C ARG J 639 87.06 72.87 96.77
N GLY J 640 87.30 73.80 95.83
CA GLY J 640 86.84 73.74 94.43
C GLY J 640 87.07 72.40 93.72
N ALA K 2 129.61 -53.25 55.81
CA ALA K 2 129.20 -52.03 56.50
C ALA K 2 127.73 -52.11 56.95
N THR K 3 127.31 -51.27 57.89
CA THR K 3 125.88 -50.97 58.06
C THR K 3 125.40 -50.15 56.87
N ASP K 4 124.40 -50.65 56.14
CA ASP K 4 123.93 -50.03 54.88
C ASP K 4 123.39 -48.60 55.08
N LYS K 5 123.00 -48.28 56.31
CA LYS K 5 122.83 -46.92 56.82
C LYS K 5 123.93 -45.95 56.37
N GLU K 6 125.19 -46.35 56.40
CA GLU K 6 126.30 -45.47 56.00
C GLU K 6 126.17 -44.96 54.57
N ALA K 7 125.48 -45.70 53.71
CA ALA K 7 124.93 -45.17 52.47
C ALA K 7 123.56 -44.52 52.68
N LYS K 8 122.56 -45.25 53.19
CA LYS K 8 121.15 -44.85 53.12
C LYS K 8 120.81 -43.60 53.92
N ASP K 9 121.61 -43.26 54.92
CA ASP K 9 121.58 -41.97 55.64
C ASP K 9 121.89 -40.76 54.75
N VAL K 10 122.67 -40.97 53.68
CA VAL K 10 123.12 -39.92 52.74
C VAL K 10 122.52 -40.10 51.36
N ILE K 11 122.10 -41.32 51.00
CA ILE K 11 121.10 -41.48 49.95
C ILE K 11 119.83 -40.73 50.37
N ASP K 12 119.51 -40.59 51.65
CA ASP K 12 118.45 -39.67 52.05
C ASP K 12 118.71 -38.20 51.65
N LYS K 13 119.97 -37.74 51.64
CA LYS K 13 120.29 -36.45 51.03
C LYS K 13 119.98 -36.49 49.54
N PHE K 14 120.38 -37.56 48.87
CA PHE K 14 120.07 -37.77 47.46
C PHE K 14 118.55 -37.76 47.21
N ILE K 15 117.74 -38.35 48.10
CA ILE K 15 116.27 -38.26 48.07
C ILE K 15 115.84 -36.80 48.18
N ASP K 16 116.16 -36.13 49.29
CA ASP K 16 115.63 -34.80 49.52
C ASP K 16 116.13 -33.80 48.47
N ASN K 17 117.33 -34.01 47.94
CA ASN K 17 117.90 -33.19 46.87
C ASN K 17 117.39 -33.53 45.46
N VAL K 18 116.54 -34.55 45.28
CA VAL K 18 116.05 -34.97 43.96
C VAL K 18 114.56 -35.34 43.94
N PHE K 19 114.11 -36.23 44.81
CA PHE K 19 112.75 -36.80 44.79
C PHE K 19 111.74 -36.01 45.62
N ASN K 20 112.20 -34.94 46.28
CA ASN K 20 111.39 -34.02 47.05
C ASN K 20 111.71 -32.57 46.70
N PHE K 21 110.69 -31.75 46.48
CA PHE K 21 110.88 -30.32 46.26
C PHE K 21 109.73 -29.46 46.77
N ASP K 22 109.05 -29.90 47.84
CA ASP K 22 108.38 -29.02 48.82
C ASP K 22 107.51 -27.87 48.26
N VAL K 23 108.13 -26.70 48.01
CA VAL K 23 107.72 -25.73 46.99
C VAL K 23 108.98 -25.34 46.25
N LEU K 24 108.95 -25.31 44.92
CA LEU K 24 110.16 -25.56 44.16
C LEU K 24 110.65 -24.32 43.37
N THR K 25 111.85 -23.82 43.69
CA THR K 25 112.44 -22.55 43.18
C THR K 25 113.97 -22.60 43.18
N LYS K 26 114.65 -21.61 42.55
CA LYS K 26 116.13 -21.47 42.58
C LYS K 26 116.74 -21.64 43.97
N GLU K 27 116.08 -21.11 44.99
CA GLU K 27 116.55 -21.16 46.37
C GLU K 27 116.50 -22.58 46.94
N ARG K 28 115.43 -23.35 46.72
CA ARG K 28 115.41 -24.78 47.06
C ARG K 28 116.52 -25.50 46.29
N ILE K 29 116.67 -25.19 45.00
CA ILE K 29 117.63 -25.82 44.09
C ILE K 29 119.09 -25.59 44.56
N LYS K 30 119.42 -24.40 45.03
CA LYS K 30 120.78 -24.01 45.46
C LYS K 30 121.41 -24.94 46.51
N GLU K 31 120.67 -25.23 47.58
CA GLU K 31 121.12 -26.19 48.61
C GLU K 31 121.01 -27.64 48.13
N LYS K 32 119.94 -27.96 47.39
CA LYS K 32 119.72 -29.29 46.81
C LYS K 32 120.66 -29.61 45.62
N ASP K 33 121.58 -28.69 45.30
CA ASP K 33 122.80 -28.92 44.51
C ASP K 33 124.01 -29.11 45.43
N GLU K 34 124.33 -28.13 46.27
CA GLU K 34 125.53 -28.18 47.10
C GLU K 34 125.56 -29.42 47.99
N GLU K 35 124.44 -29.81 48.60
CA GLU K 35 124.37 -30.98 49.45
C GLU K 35 124.63 -32.30 48.70
N ILE K 36 124.56 -32.29 47.36
CA ILE K 36 125.00 -33.41 46.52
C ILE K 36 126.51 -33.38 46.25
N LYS K 37 127.12 -32.19 46.11
CA LYS K 37 128.56 -32.01 45.78
C LYS K 37 129.54 -32.48 46.87
N LYS K 38 129.03 -33.00 47.98
CA LYS K 38 129.78 -33.69 49.05
C LYS K 38 129.69 -35.22 48.94
N ILE K 39 128.88 -35.75 48.02
CA ILE K 39 128.46 -37.17 48.03
C ILE K 39 128.26 -37.80 46.65
N THR K 40 128.06 -37.06 45.56
CA THR K 40 128.23 -37.66 44.23
C THR K 40 129.69 -38.01 43.98
N THR K 41 129.92 -38.81 42.96
CA THR K 41 131.16 -38.75 42.19
C THR K 41 131.08 -37.41 41.46
N ASP K 42 131.38 -36.33 42.15
CA ASP K 42 130.84 -34.97 41.95
C ASP K 42 130.79 -34.33 40.56
N ASP K 43 131.53 -34.80 39.58
CA ASP K 43 131.19 -34.51 38.17
C ASP K 43 129.71 -34.82 37.87
N MET K 44 129.19 -35.85 38.55
CA MET K 44 127.84 -36.35 38.47
C MET K 44 126.79 -35.40 39.02
N TYR K 45 127.13 -34.40 39.83
CA TYR K 45 126.14 -33.40 40.25
C TYR K 45 125.59 -32.64 39.02
N GLU K 46 126.42 -32.36 38.01
CA GLU K 46 125.95 -31.77 36.75
C GLU K 46 125.00 -32.73 36.05
N LYS K 47 125.31 -34.02 36.10
CA LYS K 47 124.46 -35.07 35.55
C LYS K 47 123.09 -35.09 36.25
N VAL K 48 123.01 -34.60 37.50
CA VAL K 48 121.76 -34.35 38.23
C VAL K 48 121.12 -33.01 37.82
N VAL K 49 121.89 -31.96 37.54
CA VAL K 49 121.36 -30.69 36.99
C VAL K 49 120.63 -30.90 35.67
N TYR K 50 121.08 -31.86 34.88
CA TYR K 50 120.42 -32.27 33.66
C TYR K 50 119.15 -33.11 33.86
N ILE K 51 118.47 -33.00 35.02
CA ILE K 51 117.08 -33.49 35.20
C ILE K 51 116.08 -32.41 35.68
N ARG K 52 116.51 -31.16 35.83
CA ARG K 52 115.82 -30.20 36.71
C ARG K 52 114.44 -29.69 36.24
N PRO K 53 113.54 -29.27 37.17
CA PRO K 53 112.22 -28.64 36.92
C PRO K 53 112.43 -27.29 36.22
N TYR K 54 111.43 -26.91 35.43
CA TYR K 54 111.32 -25.63 34.77
C TYR K 54 110.17 -24.85 35.41
N VAL K 55 110.52 -23.97 36.34
CA VAL K 55 109.53 -23.33 37.21
C VAL K 55 108.58 -22.46 36.39
N GLY K 56 107.35 -22.32 36.88
CA GLY K 56 106.24 -21.71 36.14
C GLY K 56 105.44 -22.78 35.41
N VAL K 57 106.15 -23.75 34.86
CA VAL K 57 105.57 -25.01 34.44
C VAL K 57 105.51 -25.99 35.63
N ILE K 58 106.57 -26.01 36.44
CA ILE K 58 106.77 -27.00 37.49
C ILE K 58 106.71 -26.39 38.89
N GLN K 59 106.24 -27.23 39.81
CA GLN K 59 106.27 -27.02 41.26
C GLN K 59 106.67 -28.34 41.96
N SER K 60 106.23 -28.60 43.19
CA SER K 60 106.86 -29.65 43.98
C SER K 60 106.55 -31.10 43.57
N LEU K 61 107.63 -31.85 43.36
CA LEU K 61 107.64 -33.29 43.08
C LEU K 61 108.19 -34.02 44.31
N ASN K 62 107.45 -35.00 44.81
CA ASN K 62 107.47 -35.37 46.23
C ASN K 62 107.51 -36.90 46.44
N PRO K 63 108.20 -37.40 47.46
CA PRO K 63 108.74 -38.77 47.46
C PRO K 63 107.82 -39.84 48.07
N GLN K 64 106.52 -39.55 48.28
CA GLN K 64 105.69 -40.34 49.21
C GLN K 64 105.56 -41.82 48.82
N HIS K 65 105.41 -42.71 49.82
CA HIS K 65 105.76 -44.15 49.76
C HIS K 65 107.26 -44.32 49.48
N VAL K 66 108.08 -43.97 50.48
CA VAL K 66 109.55 -43.90 50.39
C VAL K 66 110.19 -45.30 50.47
N GLN K 67 109.66 -46.27 49.74
CA GLN K 67 110.07 -47.67 49.75
C GLN K 67 111.48 -47.90 49.22
N TYR K 68 112.15 -48.89 49.79
CA TYR K 68 113.44 -49.38 49.31
C TYR K 68 113.68 -50.83 49.73
N GLU K 69 114.62 -51.50 49.05
CA GLU K 69 114.69 -52.96 49.11
C GLU K 69 116.13 -53.49 49.16
N SER K 70 116.57 -54.21 48.13
CA SER K 70 117.78 -55.05 48.16
C SER K 70 119.11 -54.28 48.01
N PHE K 71 120.19 -54.94 48.41
CA PHE K 71 121.58 -54.47 48.32
C PHE K 71 122.47 -55.60 47.76
N SER K 72 123.65 -55.25 47.26
CA SER K 72 124.80 -56.15 47.21
C SER K 72 126.09 -55.36 47.40
N ASN K 73 127.08 -55.92 48.09
CA ASN K 73 128.19 -55.16 48.65
C ASN K 73 129.51 -55.90 48.40
N ASN K 74 130.51 -55.25 47.80
CA ASN K 74 131.85 -55.85 47.65
C ASN K 74 132.61 -56.01 48.98
N GLY K 75 132.04 -55.44 50.05
CA GLY K 75 132.61 -55.27 51.38
C GLY K 75 132.40 -53.84 51.86
N TYR K 76 132.72 -52.85 51.01
CA TYR K 76 132.67 -51.42 51.36
C TYR K 76 132.21 -50.50 50.20
N ASP K 77 132.08 -51.04 48.98
CA ASP K 77 131.49 -50.42 47.81
C ASP K 77 130.24 -51.21 47.39
N ILE K 78 129.13 -50.50 47.24
CA ILE K 78 127.80 -51.07 47.41
C ILE K 78 126.86 -50.68 46.27
N GLU K 79 126.12 -51.64 45.74
CA GLU K 79 124.96 -51.43 44.86
C GLU K 79 123.66 -51.64 45.64
N ALA K 80 122.66 -50.79 45.43
CA ALA K 80 121.38 -50.92 46.12
C ALA K 80 120.22 -50.49 45.21
N GLU K 81 119.08 -51.19 45.28
CA GLU K 81 117.82 -50.81 44.62
C GLU K 81 116.86 -50.19 45.64
N LEU K 82 116.26 -49.06 45.29
CA LEU K 82 115.37 -48.32 46.18
C LEU K 82 114.15 -47.81 45.41
N SER K 83 112.99 -48.45 45.58
CA SER K 83 111.77 -48.10 44.85
C SER K 83 111.02 -46.89 45.45
N PHE K 84 111.70 -45.74 45.52
CA PHE K 84 111.19 -44.50 46.11
C PHE K 84 110.08 -43.85 45.24
N ARG K 85 108.82 -44.20 45.48
CA ARG K 85 107.66 -43.74 44.69
C ARG K 85 107.50 -42.22 44.65
N LYS K 86 106.67 -41.72 43.73
CA LYS K 86 106.41 -40.28 43.55
C LYS K 86 104.95 -39.92 43.68
N VAL K 87 104.73 -38.76 44.29
CA VAL K 87 103.53 -37.92 44.24
C VAL K 87 103.99 -36.57 43.67
N SER K 88 103.12 -35.83 42.98
CA SER K 88 103.55 -34.59 42.34
C SER K 88 102.40 -33.68 41.91
N TYR K 89 102.49 -32.43 42.34
CA TYR K 89 101.47 -31.40 42.15
C TYR K 89 102.18 -30.16 41.69
N LEU K 90 102.02 -29.83 40.41
CA LEU K 90 103.04 -29.08 39.71
C LEU K 90 102.42 -27.87 38.99
N VAL K 91 102.21 -26.79 39.75
CA VAL K 91 101.50 -25.58 39.29
C VAL K 91 100.08 -25.95 38.84
N ASP K 92 99.64 -25.50 37.67
CA ASP K 92 98.36 -25.86 37.03
C ASP K 92 98.32 -27.34 36.56
N LYS K 93 99.46 -28.07 36.53
CA LYS K 93 99.50 -29.56 36.58
C LYS K 93 99.23 -30.01 38.02
N GLY K 94 98.12 -29.47 38.50
CA GLY K 94 97.41 -29.66 39.74
C GLY K 94 95.90 -29.48 39.51
N SER K 95 95.47 -28.88 38.38
CA SER K 95 94.12 -29.08 37.81
C SER K 95 93.87 -30.56 37.49
N ILE K 96 94.93 -31.27 37.08
CA ILE K 96 95.13 -32.71 37.29
C ILE K 96 96.58 -32.86 37.78
N PRO K 97 96.90 -33.65 38.83
CA PRO K 97 98.27 -33.81 39.32
C PRO K 97 99.13 -34.62 38.35
N THR K 98 100.34 -35.00 38.77
CA THR K 98 101.12 -36.06 38.15
C THR K 98 101.48 -37.12 39.20
N ASP K 99 101.75 -38.36 38.76
CA ASP K 99 102.12 -39.48 39.62
C ASP K 99 103.26 -40.32 39.00
N SER K 100 103.99 -41.08 39.83
CA SER K 100 104.96 -42.05 39.33
C SER K 100 105.15 -43.26 40.24
N LEU K 101 105.43 -44.39 39.59
CA LEU K 101 106.21 -45.48 40.16
C LEU K 101 107.70 -45.19 39.86
N SER K 102 108.60 -45.69 40.69
CA SER K 102 110.01 -45.32 40.65
C SER K 102 110.89 -46.45 41.14
N THR K 103 112.09 -46.57 40.59
CA THR K 103 113.02 -47.66 40.86
C THR K 103 114.42 -47.24 40.47
N LEU K 104 115.34 -47.32 41.44
CA LEU K 104 116.64 -46.68 41.43
C LEU K 104 117.69 -47.65 41.95
N THR K 105 118.50 -48.21 41.05
CA THR K 105 119.70 -48.97 41.45
C THR K 105 120.89 -48.02 41.49
N VAL K 106 121.06 -47.39 42.65
CA VAL K 106 122.21 -46.54 42.93
C VAL K 106 123.43 -47.42 43.19
N HIS K 107 124.61 -46.90 42.91
CA HIS K 107 125.87 -47.50 43.34
C HIS K 107 126.73 -46.46 44.04
N LEU K 108 127.58 -46.92 44.96
CA LEU K 108 128.36 -46.11 45.88
C LEU K 108 129.72 -46.72 46.15
N VAL K 109 130.70 -45.87 46.48
CA VAL K 109 132.05 -46.30 46.84
C VAL K 109 132.58 -45.55 48.05
N GLU K 110 133.50 -46.19 48.78
CA GLU K 110 134.14 -45.64 49.96
C GLU K 110 135.61 -45.32 49.70
N ARG K 111 136.00 -44.03 49.78
CA ARG K 111 137.38 -43.56 49.55
C ARG K 111 137.82 -42.63 50.67
N ASN K 112 138.93 -42.94 51.35
CA ASN K 112 139.41 -42.20 52.54
C ASN K 112 138.29 -41.99 53.58
N GLN K 113 137.55 -43.06 53.86
CA GLN K 113 136.31 -43.11 54.64
C GLN K 113 135.14 -42.27 54.08
N GLU K 114 135.39 -41.27 53.24
CA GLU K 114 134.38 -40.47 52.58
C GLU K 114 133.59 -41.30 51.56
N LEU K 115 132.29 -41.02 51.45
CA LEU K 115 131.41 -41.70 50.49
C LEU K 115 131.36 -40.98 49.15
N LEU K 116 131.13 -41.72 48.07
CA LEU K 116 130.66 -41.16 46.81
C LEU K 116 129.52 -42.01 46.27
N ILE K 117 128.80 -41.44 45.31
CA ILE K 117 127.65 -42.01 44.63
C ILE K 117 127.93 -42.03 43.13
N ASP K 118 127.63 -43.13 42.47
CA ASP K 118 128.35 -43.54 41.26
C ASP K 118 127.46 -43.88 40.07
N TYR K 119 126.44 -44.70 40.26
CA TYR K 119 125.41 -44.82 39.23
C TYR K 119 124.36 -43.76 39.55
N PHE K 120 124.29 -42.69 38.76
CA PHE K 120 123.05 -41.97 38.73
C PHE K 120 122.01 -42.88 38.09
N ASP K 121 120.86 -43.03 38.72
CA ASP K 121 119.82 -43.89 38.17
C ASP K 121 118.46 -43.58 38.77
N GLU K 122 117.51 -43.28 37.89
CA GLU K 122 116.10 -43.52 38.12
C GLU K 122 115.53 -44.15 36.85
N ILE K 123 114.61 -45.09 37.03
CA ILE K 123 113.71 -45.53 35.99
C ILE K 123 112.31 -45.09 36.41
N GLN K 124 111.93 -43.91 35.93
CA GLN K 124 110.58 -43.41 36.12
C GLN K 124 109.62 -44.38 35.44
N ASP K 125 108.59 -44.77 36.17
CA ASP K 125 107.69 -45.82 35.77
C ASP K 125 106.24 -45.33 35.83
N VAL K 126 105.46 -45.74 34.84
CA VAL K 126 104.32 -44.96 34.37
C VAL K 126 103.08 -45.84 34.28
N LEU K 127 101.99 -45.32 34.86
CA LEU K 127 100.68 -45.96 34.99
C LEU K 127 99.56 -44.91 34.80
N TYR K 128 99.84 -43.83 34.05
CA TYR K 128 99.05 -42.60 34.02
C TYR K 128 99.06 -41.99 32.62
N PRO K 143 93.00 -42.44 8.17
CA PRO K 143 93.81 -43.44 8.85
C PRO K 143 93.22 -44.84 8.88
N LEU K 144 91.90 -44.98 8.91
CA LEU K 144 91.24 -46.13 9.53
C LEU K 144 91.72 -47.48 9.01
N SER K 145 91.73 -47.66 7.69
CA SER K 145 92.20 -48.90 7.11
C SER K 145 93.67 -49.15 7.44
N THR K 146 94.51 -48.16 7.24
CA THR K 146 95.94 -48.26 7.52
C THR K 146 96.18 -48.64 8.96
N ILE K 147 95.49 -48.02 9.91
CA ILE K 147 95.71 -48.30 11.32
C ILE K 147 95.42 -49.77 11.62
N LEU K 148 94.32 -50.30 11.10
CA LEU K 148 94.00 -51.72 11.28
C LEU K 148 95.07 -52.62 10.66
N ALA K 149 95.66 -52.19 9.56
CA ALA K 149 96.78 -52.91 8.95
C ALA K 149 98.05 -52.84 9.82
N LEU K 150 98.39 -51.68 10.38
CA LEU K 150 99.57 -51.57 11.24
C LEU K 150 99.38 -52.40 12.51
N ASP K 151 98.22 -52.35 13.15
CA ASP K 151 97.95 -53.22 14.30
C ASP K 151 98.23 -54.67 13.97
N LEU K 152 97.68 -55.14 12.85
CA LEU K 152 97.92 -56.51 12.42
C LEU K 152 99.40 -56.77 12.20
N ASN K 153 100.14 -55.84 11.57
CA ASN K 153 101.58 -56.00 11.41
C ASN K 153 102.27 -56.12 12.77
N ASP K 154 101.90 -55.26 13.73
CA ASP K 154 102.56 -55.28 15.02
C ASP K 154 102.28 -56.58 15.77
N ASN K 155 101.07 -57.12 15.62
CA ASN K 155 100.67 -58.36 16.29
C ASN K 155 100.86 -59.60 15.44
N LEU K 156 101.47 -59.47 14.25
CA LEU K 156 101.61 -60.61 13.36
C LEU K 156 102.39 -61.75 14.00
N LYS K 157 103.35 -61.45 14.86
CA LYS K 157 104.21 -62.52 15.35
C LYS K 157 103.52 -63.30 16.47
N SER K 158 102.55 -62.68 17.14
CA SER K 158 101.78 -63.29 18.21
C SER K 158 100.54 -64.03 17.72
N LEU K 159 100.22 -63.97 16.42
CA LEU K 159 99.03 -64.62 15.87
C LEU K 159 99.34 -66.00 15.27
N SER K 160 100.34 -66.70 15.80
CA SER K 160 100.71 -68.02 15.28
C SER K 160 99.63 -69.08 15.52
N ASN K 161 98.66 -68.81 16.40
CA ASN K 161 97.56 -69.75 16.61
C ASN K 161 96.65 -69.89 15.41
N ILE K 162 96.54 -68.83 14.60
CA ILE K 162 95.73 -68.87 13.39
C ILE K 162 96.44 -69.71 12.33
N LYS K 163 95.70 -70.63 11.71
CA LYS K 163 96.23 -71.57 10.69
C LYS K 163 95.53 -71.40 9.37
N TYR K 164 96.17 -71.82 8.30
CA TYR K 164 95.65 -71.70 6.95
C TYR K 164 94.71 -72.85 6.55
N MET K 165 93.66 -72.53 5.82
CA MET K 165 92.81 -73.53 5.16
C MET K 165 92.18 -72.90 3.93
N PHE K 166 91.62 -73.70 3.04
CA PHE K 166 91.07 -73.17 1.79
C PHE K 166 89.85 -72.25 2.00
N LYS K 167 88.90 -72.69 2.80
CA LYS K 167 87.66 -71.96 3.08
C LYS K 167 87.27 -72.11 4.55
N GLY K 168 88.26 -71.91 5.43
CA GLY K 168 88.00 -71.91 6.86
C GLY K 168 87.04 -70.80 7.26
N ALA K 169 85.84 -71.17 7.69
CA ALA K 169 84.85 -70.22 8.22
C ALA K 169 84.45 -70.67 9.63
N PRO K 170 85.32 -70.51 10.63
CA PRO K 170 85.02 -70.89 12.00
C PRO K 170 84.07 -69.91 12.65
N LYS K 171 83.29 -70.39 13.61
CA LYS K 171 82.35 -69.53 14.32
C LYS K 171 82.94 -68.85 15.54
N GLU K 172 84.17 -69.19 15.91
CA GLU K 172 84.89 -68.61 17.04
C GLU K 172 85.82 -67.49 16.56
N ASN K 173 85.88 -66.38 17.27
CA ASN K 173 86.76 -65.29 16.88
C ASN K 173 88.21 -65.69 17.19
N PRO K 174 89.15 -65.57 16.26
CA PRO K 174 90.51 -65.99 16.53
C PRO K 174 91.18 -65.14 17.62
N PHE K 175 90.88 -63.84 17.66
CA PHE K 175 91.57 -62.97 18.62
C PHE K 175 91.04 -63.11 20.04
N GLY K 176 89.81 -63.59 20.20
CA GLY K 176 89.19 -63.82 21.49
C GLY K 176 89.44 -65.24 22.05
N THR K 177 90.38 -66.00 21.50
CA THR K 177 90.64 -67.36 21.95
C THR K 177 92.12 -67.74 21.78
N ASP K 178 92.71 -68.31 22.81
CA ASP K 178 94.08 -68.85 22.72
C ASP K 178 94.13 -70.16 21.91
N LYS K 179 93.00 -70.79 21.62
CA LYS K 179 93.00 -72.06 20.88
C LYS K 179 93.27 -71.83 19.40
N ASP K 180 93.99 -72.74 18.78
CA ASP K 180 94.25 -72.67 17.35
C ASP K 180 92.98 -72.80 16.51
N VAL K 181 92.98 -72.17 15.35
CA VAL K 181 91.78 -72.09 14.51
C VAL K 181 92.18 -71.88 13.06
N TYR K 182 91.48 -72.50 12.13
CA TYR K 182 91.84 -72.41 10.73
C TYR K 182 90.99 -71.36 10.03
N ILE K 183 91.63 -70.28 9.58
CA ILE K 183 90.95 -69.16 8.94
C ILE K 183 91.64 -68.86 7.62
N ASP K 184 90.88 -68.54 6.59
CA ASP K 184 91.42 -68.01 5.34
C ASP K 184 91.44 -66.47 5.32
N THR K 185 91.94 -65.90 4.24
CA THR K 185 92.15 -64.46 4.16
C THR K 185 90.86 -63.66 4.23
N TYR K 186 89.80 -64.08 3.53
CA TYR K 186 88.53 -63.37 3.62
C TYR K 186 87.94 -63.39 5.03
N ASN K 187 87.95 -64.55 5.70
CA ASN K 187 87.41 -64.56 7.07
C ASN K 187 88.32 -63.75 8.00
N LEU K 188 89.64 -63.79 7.78
CA LEU K 188 90.57 -63.00 8.57
C LEU K 188 90.21 -61.52 8.48
N LEU K 189 90.01 -61.03 7.24
CA LEU K 189 89.60 -59.63 7.02
C LEU K 189 88.30 -59.32 7.76
N TYR K 190 87.35 -60.23 7.68
CA TYR K 190 86.06 -60.04 8.33
C TYR K 190 86.25 -59.93 9.85
N TRP K 191 87.00 -60.83 10.45
CA TRP K 191 87.24 -60.76 11.89
C TRP K 191 88.01 -59.49 12.27
N LEU K 192 88.96 -59.06 11.44
CA LEU K 192 89.74 -57.86 11.73
C LEU K 192 88.86 -56.62 11.72
N TYR K 193 87.97 -56.50 10.76
CA TYR K 193 87.07 -55.37 10.70
C TYR K 193 85.96 -55.48 11.73
N LEU K 194 85.55 -56.69 12.12
CA LEU K 194 84.46 -56.85 13.06
C LEU K 194 84.83 -56.38 14.46
N GLY K 195 86.12 -56.31 14.80
CA GLY K 195 86.54 -55.89 16.13
C GLY K 195 86.10 -54.46 16.46
N GLU K 196 85.96 -53.61 15.44
CA GLU K 196 85.57 -52.20 15.56
C GLU K 196 84.06 -51.96 15.37
N ASP K 197 83.65 -50.71 15.16
CA ASP K 197 82.23 -50.33 15.00
C ASP K 197 81.59 -50.91 13.73
N GLU K 198 82.38 -51.31 12.72
CA GLU K 198 81.89 -51.88 11.45
C GLU K 198 81.63 -53.39 11.52
N GLU K 199 80.72 -53.91 10.70
CA GLU K 199 80.30 -55.31 10.72
C GLU K 199 80.54 -56.07 9.44
N LEU K 200 80.35 -55.46 8.26
CA LEU K 200 80.39 -56.17 6.97
C LEU K 200 79.39 -57.34 6.91
N ALA K 201 79.61 -58.35 6.05
CA ALA K 201 78.66 -59.46 5.91
C ALA K 201 79.33 -60.79 5.55
N TYR K 202 79.15 -61.78 6.41
CA TYR K 202 79.78 -63.10 6.35
C TYR K 202 79.25 -63.99 5.22
N PRO K 203 79.99 -64.98 4.71
CA PRO K 203 81.41 -65.23 4.86
C PRO K 203 82.31 -64.23 4.14
N MET K 204 81.77 -63.23 3.44
CA MET K 204 82.58 -62.33 2.62
C MET K 204 83.38 -63.09 1.56
N ASN K 205 82.74 -64.06 0.90
CA ASN K 205 83.23 -64.57 -0.37
C ASN K 205 83.31 -63.42 -1.41
N ILE K 206 83.98 -63.69 -2.52
CA ILE K 206 84.36 -62.68 -3.52
C ILE K 206 83.25 -61.70 -3.90
N ASN K 207 81.98 -62.12 -3.83
CA ASN K 207 80.85 -61.27 -4.13
C ASN K 207 80.88 -59.93 -3.42
N TYR K 208 81.20 -59.92 -2.12
CA TYR K 208 80.97 -58.76 -1.27
C TYR K 208 81.62 -57.51 -1.85
N PHE K 209 82.83 -57.64 -2.39
CA PHE K 209 83.57 -56.52 -2.95
C PHE K 209 82.86 -55.79 -4.09
N PHE K 210 81.89 -56.43 -4.73
CA PHE K 210 81.16 -55.88 -5.84
C PHE K 210 79.80 -55.36 -5.41
N THR K 211 78.97 -56.22 -4.84
CA THR K 211 77.58 -55.87 -4.55
C THR K 211 77.39 -55.22 -3.18
N GLU K 212 78.39 -55.24 -2.28
CA GLU K 212 78.27 -54.69 -0.93
C GLU K 212 78.95 -53.32 -0.77
N GLY K 213 79.40 -52.70 -1.86
CA GLY K 213 79.54 -51.24 -1.98
C GLY K 213 80.60 -50.52 -1.14
N ARG K 214 81.19 -51.18 -0.15
CA ARG K 214 82.20 -50.60 0.74
C ARG K 214 83.49 -50.16 0.04
N PHE K 215 83.70 -50.60 -1.19
CA PHE K 215 84.97 -50.42 -1.90
C PHE K 215 84.81 -49.67 -3.21
N PHE K 216 85.86 -48.98 -3.62
CA PHE K 216 85.98 -48.35 -4.93
C PHE K 216 87.33 -48.74 -5.51
N THR K 217 87.33 -49.15 -6.78
CA THR K 217 88.53 -49.73 -7.34
C THR K 217 89.59 -48.65 -7.55
N ILE K 218 90.85 -49.01 -7.34
CA ILE K 218 92.00 -48.14 -7.56
C ILE K 218 92.67 -48.46 -8.90
N PHE K 219 92.85 -49.75 -9.18
CA PHE K 219 93.48 -50.22 -10.42
C PHE K 219 92.64 -51.39 -10.88
N GLY K 220 92.37 -51.45 -12.22
CA GLY K 220 91.60 -52.54 -12.77
C GLY K 220 92.43 -53.76 -13.10
N LYS K 221 91.72 -54.88 -13.26
CA LYS K 221 92.38 -56.12 -13.64
C LYS K 221 92.82 -56.06 -15.10
N GLY K 222 93.94 -56.74 -15.40
CA GLY K 222 94.35 -56.98 -16.78
C GLY K 222 95.57 -56.20 -17.20
N HIS K 223 96.10 -55.36 -16.32
CA HIS K 223 97.31 -54.58 -16.55
C HIS K 223 98.18 -54.70 -15.31
N LYS K 224 99.50 -54.66 -15.50
CA LYS K 224 100.39 -55.07 -14.44
C LYS K 224 101.69 -54.26 -14.60
N TYR K 225 101.78 -53.16 -13.84
CA TYR K 225 102.90 -52.23 -13.91
C TYR K 225 103.67 -52.30 -12.60
N LYS K 226 105.00 -52.44 -12.71
CA LYS K 226 105.84 -52.59 -11.53
C LYS K 226 106.35 -51.26 -10.98
N VAL K 227 106.23 -50.19 -11.77
CA VAL K 227 106.65 -48.87 -11.32
C VAL K 227 105.58 -48.18 -10.48
N ASP K 228 104.30 -48.42 -10.77
CA ASP K 228 103.19 -47.81 -10.05
C ASP K 228 102.82 -48.59 -8.79
N VAL K 229 103.70 -49.47 -8.29
CA VAL K 229 103.44 -50.13 -7.02
C VAL K 229 103.78 -49.20 -5.87
N SER K 230 104.77 -48.33 -6.07
CA SER K 230 105.19 -47.42 -5.01
C SER K 230 104.07 -46.45 -4.61
N LYS K 231 103.14 -46.16 -5.51
CA LYS K 231 102.09 -45.19 -5.20
C LYS K 231 101.04 -45.76 -4.26
N PHE K 232 101.01 -47.09 -4.08
CA PHE K 232 100.06 -47.72 -3.17
C PHE K 232 100.24 -47.23 -1.73
N ILE K 233 99.24 -47.51 -0.89
CA ILE K 233 99.23 -47.17 0.54
C ILE K 233 98.90 -48.38 1.41
N VAL K 234 99.44 -48.39 2.62
CA VAL K 234 99.24 -49.48 3.58
C VAL K 234 97.76 -49.72 3.86
N GLY K 235 97.33 -50.98 3.78
CA GLY K 235 95.94 -51.39 3.94
C GLY K 235 95.18 -51.61 2.64
N ASP K 236 95.74 -51.25 1.48
CA ASP K 236 95.15 -51.59 0.17
C ASP K 236 94.94 -53.12 0.03
N ILE K 237 93.79 -53.59 -0.43
CA ILE K 237 93.56 -55.04 -0.56
C ILE K 237 94.15 -55.53 -1.87
N LEU K 238 95.09 -56.49 -1.81
CA LEU K 238 95.73 -57.05 -2.98
C LEU K 238 95.16 -58.41 -3.32
N PHE K 239 94.62 -58.57 -4.53
CA PHE K 239 94.10 -59.84 -5.00
C PHE K 239 95.22 -60.74 -5.51
N PHE K 240 94.90 -62.01 -5.67
CA PHE K 240 95.82 -62.99 -6.23
C PHE K 240 95.02 -64.06 -6.95
N GLY K 241 95.62 -64.62 -7.99
CA GLY K 241 95.05 -65.74 -8.71
C GLY K 241 94.25 -65.31 -9.92
N ARG K 242 94.07 -66.25 -10.85
CA ARG K 242 93.40 -65.87 -12.08
C ARG K 242 91.89 -65.80 -11.91
N SER K 243 91.35 -66.47 -10.89
CA SER K 243 89.94 -66.49 -10.59
C SER K 243 89.66 -66.01 -9.17
N ASP K 244 90.44 -65.01 -8.73
CA ASP K 244 90.32 -64.38 -7.42
C ASP K 244 90.45 -65.36 -6.24
N THR K 245 91.37 -66.32 -6.37
CA THR K 245 91.52 -67.45 -5.45
C THR K 245 91.86 -67.01 -4.04
N ASN K 246 92.66 -65.96 -3.92
CA ASN K 246 93.13 -65.46 -2.65
C ASN K 246 93.31 -63.95 -2.74
N ILE K 247 93.35 -63.30 -1.59
CA ILE K 247 93.56 -61.86 -1.44
C ILE K 247 94.53 -61.63 -0.30
N GLY K 248 94.94 -60.39 -0.14
CA GLY K 248 95.99 -59.97 0.75
C GLY K 248 95.82 -58.51 1.11
N ILE K 249 96.59 -58.10 2.09
CA ILE K 249 96.63 -56.73 2.60
C ILE K 249 98.02 -56.18 2.35
N TYR K 250 98.10 -54.98 1.78
CA TYR K 250 99.38 -54.39 1.44
C TYR K 250 99.97 -53.71 2.67
N VAL K 251 101.30 -53.84 2.82
CA VAL K 251 102.05 -53.14 3.85
C VAL K 251 103.27 -52.51 3.17
N GLY K 252 103.84 -51.47 3.79
CA GLY K 252 104.86 -50.77 3.06
C GLY K 252 106.15 -51.57 2.90
N ASP K 253 107.12 -50.93 2.24
CA ASP K 253 108.40 -51.53 1.91
C ASP K 253 108.23 -52.69 0.94
N GLY K 254 107.23 -52.62 0.07
CA GLY K 254 107.03 -53.63 -0.95
C GLY K 254 106.74 -55.02 -0.43
N GLU K 255 105.84 -55.12 0.56
CA GLU K 255 105.46 -56.42 1.11
C GLU K 255 103.95 -56.52 1.21
N PHE K 256 103.46 -57.72 1.54
CA PHE K 256 102.03 -57.94 1.73
C PHE K 256 101.83 -59.06 2.74
N ILE K 257 100.68 -59.05 3.40
CA ILE K 257 100.34 -60.00 4.45
C ILE K 257 99.28 -60.94 3.91
N SER K 258 99.52 -62.25 3.97
CA SER K 258 98.59 -63.26 3.46
C SER K 258 98.93 -64.62 4.04
N MET K 259 98.11 -65.62 3.80
CA MET K 259 98.50 -66.98 4.10
C MET K 259 98.82 -67.75 2.82
N MET K 260 99.93 -68.46 2.81
CA MET K 260 100.38 -69.24 1.66
C MET K 260 100.81 -70.62 2.13
N GLY K 261 100.41 -71.66 1.39
CA GLY K 261 100.73 -73.01 1.78
C GLY K 261 100.05 -73.97 0.83
N LYS K 262 100.39 -75.25 0.99
CA LYS K 262 99.78 -76.27 0.14
C LYS K 262 98.27 -76.29 0.35
N PHE K 263 97.55 -76.72 -0.69
CA PHE K 263 96.10 -76.62 -0.68
C PHE K 263 95.43 -77.46 0.41
N PRO K 264 95.70 -78.77 0.55
CA PRO K 264 94.90 -79.56 1.50
C PRO K 264 95.20 -79.23 2.96
N LYS K 265 94.68 -78.12 3.46
CA LYS K 265 94.74 -77.70 4.86
C LYS K 265 96.19 -77.71 5.37
N ASP K 266 96.98 -76.75 4.93
CA ASP K 266 98.36 -76.66 5.40
C ASP K 266 98.42 -76.17 6.85
N GLU K 267 99.36 -76.70 7.61
CA GLU K 267 99.59 -76.27 8.99
C GLU K 267 100.43 -74.98 9.10
N THR K 268 100.76 -74.31 8.00
CA THR K 268 101.61 -73.14 8.10
C THR K 268 100.81 -71.98 8.67
N PRO K 269 101.37 -71.21 9.61
CA PRO K 269 100.60 -70.11 10.20
C PRO K 269 100.67 -68.88 9.31
N ILE K 270 99.97 -67.82 9.71
CA ILE K 270 99.97 -66.59 8.94
C ILE K 270 101.39 -65.99 8.94
N GLY K 271 101.75 -65.36 7.82
CA GLY K 271 103.09 -64.82 7.69
C GLY K 271 103.19 -63.81 6.56
N LYS K 272 104.27 -63.04 6.57
CA LYS K 272 104.48 -61.97 5.61
C LYS K 272 105.58 -62.34 4.63
N TYR K 273 105.32 -62.13 3.35
CA TYR K 273 106.20 -62.52 2.26
C TYR K 273 106.55 -61.31 1.41
N LYS K 274 107.69 -61.37 0.74
CA LYS K 274 108.06 -60.31 -0.18
C LYS K 274 107.17 -60.33 -1.43
N LEU K 275 106.99 -59.18 -2.04
CA LEU K 275 106.16 -59.07 -3.23
C LEU K 275 106.87 -59.47 -4.51
N ASP K 276 108.21 -59.63 -4.47
CA ASP K 276 108.95 -59.88 -5.71
C ASP K 276 108.58 -61.22 -6.33
N ASP K 277 108.53 -62.28 -5.52
CA ASP K 277 108.24 -63.60 -6.08
C ASP K 277 106.77 -63.73 -6.42
N TYR K 278 105.88 -63.08 -5.67
CA TYR K 278 104.45 -63.22 -5.90
C TYR K 278 103.92 -62.19 -6.90
N TRP K 279 104.81 -61.29 -7.39
CA TRP K 279 104.37 -60.24 -8.29
C TRP K 279 103.80 -60.80 -9.59
N ASN K 280 104.23 -62.00 -9.99
CA ASN K 280 103.69 -62.60 -11.21
C ASN K 280 102.18 -62.83 -11.11
N GLU K 281 101.71 -63.30 -9.95
CA GLU K 281 100.30 -63.66 -9.74
C GLU K 281 99.54 -62.56 -9.02
N PHE K 282 99.75 -61.30 -9.40
CA PHE K 282 99.12 -60.17 -8.71
C PHE K 282 97.82 -59.75 -9.37
N ASN K 283 97.75 -59.83 -10.70
CA ASN K 283 96.55 -59.62 -11.52
C ASN K 283 96.08 -58.17 -11.56
N GLY K 284 96.80 -57.24 -10.93
CA GLY K 284 96.54 -55.82 -11.07
C GLY K 284 95.31 -55.27 -10.38
N ARG K 285 94.47 -56.10 -9.75
CA ARG K 285 93.26 -55.59 -9.13
C ARG K 285 93.59 -55.04 -7.75
N VAL K 286 93.12 -53.82 -7.44
CA VAL K 286 93.39 -53.18 -6.16
C VAL K 286 92.13 -52.42 -5.75
N MET K 287 91.76 -52.51 -4.47
CA MET K 287 90.58 -51.87 -3.89
C MET K 287 90.88 -51.22 -2.54
N ARG K 288 90.00 -50.29 -2.14
CA ARG K 288 90.19 -49.51 -0.92
C ARG K 288 88.87 -49.31 -0.19
N PHE K 289 88.93 -49.17 1.12
CA PHE K 289 87.77 -49.00 1.99
C PHE K 289 87.27 -47.55 2.08
N ASP K 290 86.00 -47.35 2.44
CA ASP K 290 85.37 -46.06 2.65
C ASP K 290 84.19 -46.25 3.58
N GLU K 291 84.21 -45.55 4.71
CA GLU K 291 83.26 -45.76 5.80
C GLU K 291 82.42 -44.52 6.13
N GLU K 292 82.88 -43.31 5.80
CA GLU K 292 82.16 -42.10 6.17
C GLU K 292 80.80 -42.01 5.48
N VAL K 293 80.74 -42.27 4.17
CA VAL K 293 79.53 -42.03 3.41
C VAL K 293 78.59 -43.23 3.41
N TYR K 294 79.09 -44.46 3.66
CA TYR K 294 78.23 -45.64 3.65
C TYR K 294 77.21 -45.55 4.78
N ILE K 295 75.95 -45.76 4.40
CA ILE K 295 74.77 -45.66 5.28
C ILE K 295 74.83 -44.49 6.25
N MET L 1 -15.80 117.53 100.25
CA MET L 1 -17.21 117.17 99.98
C MET L 1 -17.68 117.75 98.65
N ALA L 2 -18.42 116.95 97.87
CA ALA L 2 -19.06 117.38 96.63
C ALA L 2 -20.48 117.98 96.86
N PHE L 3 -20.83 119.11 96.23
CA PHE L 3 -22.11 119.82 96.43
C PHE L 3 -23.32 119.04 95.95
N ASN L 4 -24.34 118.92 96.79
CA ASN L 4 -25.39 117.93 96.59
C ASN L 4 -26.69 118.55 96.04
N TYR L 5 -26.59 119.19 94.88
CA TYR L 5 -27.72 119.88 94.24
C TYR L 5 -28.81 118.96 93.66
N THR L 6 -30.04 119.48 93.62
CA THR L 6 -31.20 118.92 92.91
C THR L 6 -31.95 120.05 92.19
N PRO L 7 -32.17 119.99 90.87
CA PRO L 7 -32.78 121.09 90.12
C PRO L 7 -34.14 121.57 90.63
N LEU L 8 -34.33 122.89 90.61
CA LEU L 8 -35.63 123.55 90.71
C LEU L 8 -36.49 123.27 89.46
N THR L 9 -37.80 123.28 89.65
CA THR L 9 -38.83 123.06 88.61
C THR L 9 -39.51 124.37 88.19
N GLU L 10 -40.29 124.35 87.10
CA GLU L 10 -41.03 125.55 86.66
C GLU L 10 -42.18 125.95 87.59
N THR L 11 -42.77 125.02 88.34
CA THR L 11 -43.98 125.27 89.16
C THR L 11 -43.68 125.74 90.58
N GLN L 12 -42.46 125.53 91.08
CA GLN L 12 -42.02 125.91 92.42
C GLN L 12 -42.13 127.44 92.66
N LYS L 13 -42.78 127.84 93.76
CA LYS L 13 -43.00 129.26 94.14
C LYS L 13 -41.75 129.87 94.77
N LEU L 14 -41.78 131.18 95.04
CA LEU L 14 -40.68 131.93 95.65
C LEU L 14 -40.21 131.37 97.00
N LYS L 15 -41.12 130.72 97.70
CA LYS L 15 -40.91 130.00 98.97
C LYS L 15 -40.02 128.74 98.85
N ASP L 16 -39.89 128.18 97.66
CA ASP L 16 -39.16 126.93 97.41
C ASP L 16 -37.70 127.16 96.94
N MET L 17 -37.40 128.36 96.43
CA MET L 17 -36.10 128.73 95.84
C MET L 17 -35.12 129.35 96.83
N TYR L 18 -35.59 130.16 97.81
CA TYR L 18 -34.71 130.74 98.85
C TYR L 18 -33.92 129.66 99.64
N PRO L 19 -34.46 128.46 99.99
CA PRO L 19 -33.70 127.40 100.65
C PRO L 19 -32.51 126.93 99.80
N LYS L 20 -32.67 126.77 98.48
CA LYS L 20 -31.55 126.34 97.62
C LYS L 20 -30.55 127.48 97.38
N VAL L 21 -30.99 128.74 97.26
CA VAL L 21 -30.05 129.89 97.21
C VAL L 21 -29.28 130.00 98.52
N ASN L 22 -29.90 129.68 99.66
CA ASN L 22 -29.21 129.55 100.95
C ASN L 22 -28.22 128.39 100.99
N ASP L 23 -28.57 127.18 100.54
CA ASP L 23 -27.66 126.04 100.48
C ASP L 23 -26.44 126.29 99.58
N ILE L 24 -26.64 126.89 98.39
CA ILE L 24 -25.58 127.29 97.46
C ILE L 24 -24.64 128.31 98.11
N GLY L 25 -25.16 129.41 98.63
CA GLY L 25 -24.35 130.44 99.26
C GLY L 25 -23.61 129.93 100.50
N ASN L 26 -24.24 129.07 101.30
CA ASN L 26 -23.60 128.38 102.41
C ASN L 26 -22.45 127.46 101.95
N PHE L 27 -22.67 126.63 100.93
CA PHE L 27 -21.63 125.74 100.42
C PHE L 27 -20.40 126.50 99.90
N LEU L 28 -20.61 127.57 99.12
CA LEU L 28 -19.52 128.44 98.69
C LEU L 28 -18.73 129.04 99.87
N LYS L 29 -19.44 129.42 100.94
CA LYS L 29 -18.87 130.00 102.16
C LYS L 29 -18.07 128.98 103.00
N THR L 30 -18.53 127.74 103.09
CA THR L 30 -17.96 126.74 104.01
C THR L 30 -17.15 125.61 103.34
N GLU L 31 -17.21 125.40 102.02
CA GLU L 31 -16.51 124.31 101.32
C GLU L 31 -15.64 124.76 100.10
N VAL L 32 -15.81 125.96 99.52
CA VAL L 32 -15.09 126.41 98.29
C VAL L 32 -14.13 127.57 98.56
N ASN L 33 -12.97 127.54 97.89
CA ASN L 33 -11.86 128.52 98.00
C ASN L 33 -11.28 128.68 99.42
N LEU L 34 -11.21 127.59 100.17
CA LEU L 34 -10.86 127.65 101.58
C LEU L 34 -9.45 128.20 101.81
N SER L 35 -9.38 129.22 102.67
CA SER L 35 -8.14 129.87 103.08
C SER L 35 -7.16 128.87 103.70
N ASP L 36 -7.70 127.95 104.51
CA ASP L 36 -6.98 126.89 105.18
C ASP L 36 -7.34 125.54 104.54
N VAL L 37 -6.39 124.62 104.34
CA VAL L 37 -6.73 123.25 103.92
C VAL L 37 -7.50 122.52 105.03
N LYS L 38 -8.47 121.68 104.65
CA LYS L 38 -9.38 121.00 105.60
C LYS L 38 -8.62 120.02 106.51
N GLN L 39 -8.82 120.13 107.82
CA GLN L 39 -8.15 119.24 108.76
C GLN L 39 -8.95 117.96 108.95
N ILE L 40 -8.25 116.84 109.10
CA ILE L 40 -8.82 115.50 109.28
C ILE L 40 -8.13 114.80 110.46
N SER L 41 -8.90 114.09 111.29
CA SER L 41 -8.36 113.48 112.52
C SER L 41 -8.25 111.97 112.44
N GLN L 42 -7.09 111.46 112.88
CA GLN L 42 -6.71 110.05 113.01
C GLN L 42 -6.78 109.18 111.73
N PRO L 43 -6.48 109.69 110.51
CA PRO L 43 -6.60 108.86 109.31
C PRO L 43 -5.55 107.76 109.30
N ASP L 44 -5.95 106.60 108.81
CA ASP L 44 -5.05 105.50 108.51
C ASP L 44 -4.74 105.56 107.01
N PHE L 45 -3.49 105.84 106.66
CA PHE L 45 -3.06 105.92 105.27
C PHE L 45 -3.26 104.60 104.48
N ASN L 46 -3.39 103.45 105.16
CA ASN L 46 -3.74 102.16 104.55
C ASN L 46 -5.27 101.93 104.40
N ASN L 47 -6.12 102.80 104.95
CA ASN L 47 -7.55 102.85 104.69
C ASN L 47 -8.02 104.30 104.49
N ILE L 48 -7.25 105.08 103.71
CA ILE L 48 -7.42 106.54 103.65
C ILE L 48 -8.83 106.92 103.18
N LEU L 49 -9.40 106.15 102.27
CA LEU L 49 -10.70 106.43 101.65
C LEU L 49 -11.89 106.36 102.62
N ALA L 50 -11.75 105.74 103.79
CA ALA L 50 -12.77 105.82 104.84
C ALA L 50 -12.86 107.24 105.44
N SER L 51 -11.71 107.88 105.65
CA SER L 51 -11.57 109.20 106.25
C SER L 51 -11.64 110.33 105.21
N ILE L 52 -10.81 110.23 104.16
CA ILE L 52 -10.60 111.25 103.12
C ILE L 52 -11.10 110.67 101.78
N PRO L 53 -12.42 110.66 101.52
CA PRO L 53 -12.98 110.05 100.31
C PRO L 53 -12.77 110.88 99.04
N ASP L 54 -12.46 112.18 99.16
CA ASP L 54 -12.36 113.12 98.03
C ASP L 54 -10.91 113.49 97.69
N SER L 55 -10.58 113.57 96.40
CA SER L 55 -9.33 114.16 95.92
C SER L 55 -9.17 115.60 96.42
N GLY L 56 -7.97 115.98 96.82
CA GLY L 56 -7.72 117.32 97.34
C GLY L 56 -6.48 117.44 98.22
N ASN L 57 -6.37 118.60 98.88
CA ASN L 57 -5.28 118.95 99.80
C ASN L 57 -5.82 119.10 101.23
N TYR L 58 -5.09 118.53 102.20
CA TYR L 58 -5.55 118.29 103.57
C TYR L 58 -4.41 118.46 104.56
N TYR L 59 -4.77 118.59 105.83
CA TYR L 59 -3.85 118.45 106.95
C TYR L 59 -4.40 117.37 107.88
N VAL L 60 -3.55 116.53 108.42
CA VAL L 60 -3.97 115.40 109.24
C VAL L 60 -3.37 115.48 110.62
N THR L 61 -4.09 114.96 111.61
CA THR L 61 -3.62 114.88 112.99
C THR L 61 -3.63 113.42 113.47
N ASN L 62 -2.66 113.02 114.31
CA ASN L 62 -2.57 111.70 114.93
C ASN L 62 -2.48 110.49 113.97
N SER L 63 -2.13 110.71 112.69
CA SER L 63 -2.27 109.72 111.60
C SER L 63 -1.52 108.39 111.81
N LYS L 64 -2.04 107.33 111.17
CA LYS L 64 -1.56 105.93 111.24
C LYS L 64 -1.11 105.47 109.85
N GLY L 65 -0.08 104.65 109.79
CA GLY L 65 0.61 104.32 108.54
C GLY L 65 1.33 105.52 107.89
N ALA L 66 1.70 106.56 108.65
CA ALA L 66 2.65 107.59 108.19
C ALA L 66 4.05 106.97 107.96
N PRO L 67 4.95 107.61 107.19
CA PRO L 67 6.34 107.15 107.11
C PRO L 67 6.91 106.89 108.52
N SER L 68 7.61 105.77 108.69
CA SER L 68 8.14 105.37 110.00
C SER L 68 9.26 106.32 110.47
N GLY L 69 9.25 106.70 111.75
CA GLY L 69 10.21 107.68 112.28
C GLY L 69 9.97 109.11 111.78
N GLU L 70 8.72 109.45 111.43
CA GLU L 70 8.27 110.81 111.07
C GLU L 70 7.00 111.18 111.84
N ALA L 71 6.71 112.47 111.88
CA ALA L 71 5.55 113.00 112.61
C ALA L 71 4.21 112.39 112.15
N THR L 72 3.25 112.30 113.08
CA THR L 72 1.87 111.87 112.80
C THR L 72 0.93 113.00 112.43
N ALA L 73 1.36 114.26 112.54
CA ALA L 73 0.66 115.44 112.04
C ALA L 73 1.41 116.13 110.88
N GLY L 74 0.70 116.60 109.87
CA GLY L 74 1.32 117.12 108.65
C GLY L 74 0.33 117.42 107.54
N PHE L 75 0.88 117.90 106.43
CA PHE L 75 0.13 118.10 105.18
C PHE L 75 0.04 116.81 104.35
N VAL L 76 -1.12 116.60 103.74
CA VAL L 76 -1.41 115.49 102.83
C VAL L 76 -2.01 116.03 101.54
N ARG L 77 -1.67 115.40 100.42
CA ARG L 77 -2.48 115.44 99.20
C ARG L 77 -2.94 114.02 98.85
N LEU L 78 -4.17 113.92 98.35
CA LEU L 78 -4.72 112.74 97.68
C LEU L 78 -5.08 113.11 96.23
N ASP L 79 -4.54 112.36 95.26
CA ASP L 79 -5.10 112.32 93.91
C ASP L 79 -5.77 110.97 93.68
N LYS L 80 -7.09 110.95 93.42
CA LYS L 80 -7.90 109.73 93.31
C LYS L 80 -8.70 109.74 92.01
N ARG L 81 -8.50 108.73 91.17
CA ARG L 81 -9.26 108.50 89.91
C ARG L 81 -10.51 107.69 90.22
N ASN L 82 -10.33 106.72 91.09
CA ASN L 82 -11.37 105.92 91.71
C ASN L 82 -10.78 105.31 92.98
N VAL L 83 -11.57 104.52 93.69
CA VAL L 83 -11.18 103.91 94.97
C VAL L 83 -10.02 102.89 94.91
N ASN L 84 -9.46 102.61 93.72
CA ASN L 84 -8.36 101.65 93.53
C ASN L 84 -7.18 102.20 92.70
N TYR L 85 -7.36 103.29 91.95
CA TYR L 85 -6.30 104.09 91.32
C TYR L 85 -6.21 105.43 92.06
N TYR L 86 -5.20 105.60 92.91
CA TYR L 86 -4.98 106.85 93.65
C TYR L 86 -3.54 106.96 94.22
N LYS L 87 -3.15 108.19 94.61
CA LYS L 87 -1.82 108.55 95.11
C LYS L 87 -1.92 109.45 96.33
N ILE L 88 -1.08 109.20 97.34
CA ILE L 88 -0.98 109.98 98.58
C ILE L 88 0.41 110.63 98.67
N TYR L 89 0.47 111.93 98.89
CA TYR L 89 1.74 112.66 99.04
C TYR L 89 1.75 113.27 100.44
N TYR L 90 2.71 112.94 101.30
CA TYR L 90 2.75 113.39 102.70
C TYR L 90 3.99 114.24 103.02
N SER L 91 3.77 115.41 103.60
CA SER L 91 4.85 116.20 104.15
C SER L 91 4.63 116.39 105.65
N PRO L 92 5.47 115.78 106.52
CA PRO L 92 5.46 116.02 107.95
C PRO L 92 5.49 117.52 108.26
N TYR L 93 4.74 117.96 109.27
CA TYR L 93 4.66 119.39 109.53
C TYR L 93 6.02 120.00 109.87
N SER L 94 6.92 119.20 110.48
CA SER L 94 8.20 119.62 111.06
C SER L 94 9.43 119.47 110.17
N SER L 95 9.29 119.31 108.85
CA SER L 95 10.44 119.22 107.93
C SER L 95 10.11 119.64 106.49
N ASN L 96 11.13 119.89 105.68
CA ASN L 96 10.99 120.02 104.21
C ASN L 96 10.81 118.66 103.48
N LYS L 97 10.71 117.51 104.16
CA LYS L 97 10.52 116.20 103.51
C LYS L 97 9.13 116.04 102.89
N MET L 98 9.06 115.42 101.72
CA MET L 98 7.82 115.03 101.05
C MET L 98 7.93 113.57 100.60
N TYR L 99 6.93 112.77 100.94
CA TYR L 99 6.85 111.34 100.67
C TYR L 99 5.69 111.05 99.71
N ILE L 100 5.82 110.02 98.86
CA ILE L 100 4.76 109.53 97.97
C ILE L 100 4.50 108.04 98.22
N LYS L 101 3.23 107.68 98.08
CA LYS L 101 2.73 106.32 98.10
C LYS L 101 1.63 106.18 97.05
N THR L 102 1.60 105.07 96.31
CA THR L 102 0.65 104.88 95.20
C THR L 102 -0.15 103.60 95.40
N TYR L 103 -1.40 103.62 94.96
CA TYR L 103 -2.28 102.47 94.87
C TYR L 103 -2.71 102.29 93.42
N ALA L 104 -2.47 101.09 92.89
CA ALA L 104 -2.79 100.74 91.51
C ALA L 104 -3.49 99.38 91.43
N ASN L 105 -4.81 99.39 91.58
CA ASN L 105 -5.71 98.24 91.40
C ASN L 105 -5.43 97.04 92.33
N GLY L 106 -4.69 97.25 93.43
CA GLY L 106 -4.20 96.22 94.35
C GLY L 106 -2.69 96.32 94.62
N THR L 107 -1.88 96.74 93.64
CA THR L 107 -0.44 96.93 93.82
C THR L 107 -0.15 98.20 94.61
N VAL L 108 0.58 98.04 95.72
CA VAL L 108 0.97 99.14 96.60
C VAL L 108 2.43 99.49 96.36
N TYR L 109 2.75 100.77 96.19
CA TYR L 109 4.12 101.27 96.11
C TYR L 109 4.35 102.10 97.39
N ASP L 110 4.80 101.47 98.48
CA ASP L 110 4.82 102.06 99.82
C ASP L 110 5.75 103.30 99.96
N TRP L 111 5.60 104.05 101.05
CA TRP L 111 6.22 105.35 101.26
C TRP L 111 7.69 105.41 100.88
N ILE L 112 7.99 106.36 99.99
CA ILE L 112 9.35 106.80 99.64
C ILE L 112 9.39 108.33 99.65
N SER L 113 10.47 108.95 100.12
CA SER L 113 10.64 110.40 99.98
C SER L 113 11.22 110.78 98.62
N PHE L 114 10.80 111.91 98.08
CA PHE L 114 11.60 112.57 97.05
C PHE L 114 12.98 112.92 97.66
N LYS L 115 14.02 112.94 96.83
CA LYS L 115 15.39 113.29 97.24
C LYS L 115 15.59 114.80 97.21
N LEU L 116 15.63 115.45 98.36
CA LEU L 116 16.00 116.86 98.43
C LEU L 116 17.46 116.99 98.03
N ASP L 117 17.78 118.04 97.27
CA ASP L 117 19.15 118.32 96.83
C ASP L 117 19.97 118.95 97.98
N GLU L 118 20.35 118.12 98.95
CA GLU L 118 21.21 118.51 100.09
C GLU L 118 22.67 118.79 99.69
N GLY L 119 22.95 118.93 98.38
CA GLY L 119 24.27 119.28 97.85
C GLY L 119 25.28 118.14 97.97
N SER L 120 26.52 118.40 97.53
CA SER L 120 27.57 117.38 97.52
C SER L 120 28.56 117.46 98.70
N LEU L 121 28.52 118.53 99.52
CA LEU L 121 29.45 118.74 100.64
C LEU L 121 29.21 117.76 101.79
N TYR L 122 30.28 117.21 102.34
CA TYR L 122 30.25 116.28 103.46
C TYR L 122 30.43 116.95 104.81
N ASN L 123 29.78 116.40 105.83
CA ASN L 123 29.88 116.88 107.21
C ASN L 123 31.31 116.81 107.77
N GLU L 124 31.58 117.64 108.78
CA GLU L 124 32.91 117.79 109.40
C GLU L 124 32.83 118.06 110.91
N GLY L 125 33.87 117.66 111.65
CA GLY L 125 34.09 117.93 113.09
C GLY L 125 33.42 116.98 114.08
N ASN L 126 32.58 116.07 113.60
CA ASN L 126 31.91 115.07 114.43
C ASN L 126 32.89 113.96 114.91
N THR L 127 32.49 113.25 115.95
CA THR L 127 33.15 112.05 116.44
C THR L 127 32.29 110.82 116.17
N LEU L 128 32.88 109.72 115.69
CA LEU L 128 32.17 108.54 115.20
C LEU L 128 32.69 107.23 115.82
N ASN L 129 31.79 106.35 116.29
CA ASN L 129 32.10 104.96 116.60
C ASN L 129 31.60 104.03 115.49
N VAL L 130 32.51 103.64 114.59
CA VAL L 130 32.18 102.79 113.42
C VAL L 130 31.77 101.36 113.75
N LYS L 131 31.95 100.88 115.00
CA LYS L 131 31.33 99.61 115.40
C LYS L 131 29.84 99.75 115.71
N GLU L 132 29.35 100.96 115.93
CA GLU L 132 27.95 101.25 116.29
C GLU L 132 27.17 102.12 115.28
N LEU L 133 27.76 102.57 114.17
CA LEU L 133 27.01 103.30 113.14
C LEU L 133 25.92 102.43 112.47
N THR L 134 24.74 103.01 112.20
CA THR L 134 23.57 102.31 111.60
C THR L 134 23.16 102.83 110.21
N GLU L 135 23.88 103.79 109.65
CA GLU L 135 23.65 104.37 108.33
C GLU L 135 24.99 104.49 107.61
N SER L 136 25.02 104.28 106.29
CA SER L 136 26.23 104.55 105.52
C SER L 136 26.53 106.04 105.57
N THR L 137 27.80 106.43 105.68
CA THR L 137 28.16 107.85 105.76
C THR L 137 29.53 108.11 105.16
N THR L 138 29.77 109.34 104.75
CA THR L 138 31.13 109.83 104.47
C THR L 138 31.28 111.20 105.11
N GLN L 139 32.34 111.39 105.89
CA GLN L 139 32.56 112.60 106.66
C GLN L 139 34.05 112.83 106.87
N TYR L 140 34.39 114.07 107.20
CA TYR L 140 35.64 114.36 107.88
C TYR L 140 35.44 114.30 109.39
N ALA L 141 35.99 113.31 110.07
CA ALA L 141 35.58 112.95 111.42
C ALA L 141 36.70 112.35 112.27
N THR L 142 36.44 112.27 113.57
CA THR L 142 37.33 111.56 114.49
C THR L 142 36.74 110.22 114.92
N LEU L 143 37.51 109.15 114.77
CA LEU L 143 37.12 107.83 115.24
C LEU L 143 37.28 107.71 116.76
N VAL L 144 36.24 107.20 117.41
CA VAL L 144 36.28 106.77 118.81
C VAL L 144 37.19 105.55 118.97
N ASN L 145 37.17 104.62 118.01
CA ASN L 145 37.93 103.36 118.03
C ASN L 145 38.85 103.23 116.78
N PRO L 146 39.93 104.02 116.73
CA PRO L 146 40.81 104.12 115.56
C PRO L 146 41.61 102.82 115.32
N PRO L 147 42.19 102.63 114.12
CA PRO L 147 43.07 101.49 113.85
C PRO L 147 44.34 101.49 114.71
N LYS L 148 44.81 102.68 115.08
CA LYS L 148 45.92 102.97 116.00
C LYS L 148 45.63 104.30 116.71
N GLU L 149 46.09 104.48 117.94
CA GLU L 149 45.76 105.66 118.75
C GLU L 149 46.21 106.99 118.12
N ASN L 150 47.37 107.01 117.46
CA ASN L 150 47.84 108.21 116.76
C ASN L 150 47.06 108.52 115.46
N LEU L 151 46.23 107.59 114.97
CA LEU L 151 45.54 107.66 113.69
C LEU L 151 44.03 107.72 113.92
N ASN L 152 43.53 108.86 114.44
CA ASN L 152 42.14 108.96 114.88
C ASN L 152 41.28 109.96 114.10
N THR L 153 41.83 111.01 113.50
CA THR L 153 41.02 111.99 112.73
C THR L 153 41.28 111.85 111.24
N GLY L 154 40.25 111.88 110.41
CA GLY L 154 40.40 111.91 108.95
C GLY L 154 39.11 111.70 108.16
N TRP L 155 39.22 111.37 106.88
CA TRP L 155 38.08 110.98 106.04
C TRP L 155 37.60 109.56 106.36
N VAL L 156 36.37 109.44 106.83
CA VAL L 156 35.69 108.17 107.13
C VAL L 156 34.62 107.89 106.07
N ASN L 157 34.58 106.69 105.50
CA ASN L 157 33.50 106.14 104.65
C ASN L 157 32.97 104.82 105.24
N TYR L 158 31.71 104.80 105.66
CA TYR L 158 31.02 103.63 106.20
C TYR L 158 29.92 103.18 105.24
N LYS L 159 29.84 101.88 104.97
CA LYS L 159 28.80 101.20 104.19
C LYS L 159 28.08 100.16 105.04
N GLU L 160 26.77 100.09 104.94
CA GLU L 160 25.92 99.19 105.74
C GLU L 160 24.84 98.54 104.85
N SER L 161 24.63 97.23 104.98
CA SER L 161 23.59 96.53 104.19
C SER L 161 22.20 96.68 104.83
N LYS L 162 21.12 96.73 104.03
CA LYS L 162 19.81 97.20 104.55
C LYS L 162 19.13 96.38 105.65
N ASN L 163 19.53 95.14 105.91
CA ASN L 163 19.09 94.37 107.09
C ASN L 163 20.25 93.95 108.01
N GLY L 164 21.41 94.62 107.91
CA GLY L 164 22.53 94.42 108.84
C GLY L 164 23.34 93.14 108.61
N VAL L 165 23.29 92.54 107.43
CA VAL L 165 24.10 91.34 107.11
C VAL L 165 25.59 91.64 107.24
N SER L 166 26.02 92.79 106.72
CA SER L 166 27.42 93.21 106.75
C SER L 166 27.58 94.73 106.78
N SER L 167 28.75 95.18 107.21
CA SER L 167 29.24 96.53 106.93
C SER L 167 30.69 96.51 106.50
N LEU L 168 31.07 97.58 105.79
CA LEU L 168 32.43 97.88 105.40
C LEU L 168 32.74 99.32 105.80
N VAL L 169 33.86 99.52 106.47
CA VAL L 169 34.44 100.82 106.79
C VAL L 169 35.72 101.00 105.99
N GLU L 170 35.91 102.16 105.40
CA GLU L 170 37.21 102.61 104.94
C GLU L 170 37.54 103.93 105.62
N PHE L 171 38.77 104.09 106.08
CA PHE L 171 39.24 105.25 106.81
C PHE L 171 40.60 105.75 106.31
N ASN L 172 40.75 107.06 106.21
CA ASN L 172 41.93 107.74 105.72
C ASN L 172 42.36 108.80 106.75
N PRO L 173 43.20 108.44 107.74
CA PRO L 173 43.65 109.37 108.78
C PRO L 173 44.42 110.55 108.18
N VAL L 174 44.12 111.78 108.62
CA VAL L 174 44.74 113.00 108.07
C VAL L 174 46.26 112.99 108.25
N ASN L 175 46.75 112.42 109.36
CA ASN L 175 48.18 112.28 109.65
C ASN L 175 48.78 110.95 109.20
N SER L 176 48.28 110.37 108.09
CA SER L 176 48.86 109.17 107.49
C SER L 176 48.74 109.16 105.96
N THR L 177 49.64 108.44 105.29
CA THR L 177 49.55 108.08 103.87
C THR L 177 48.67 106.85 103.65
N SER L 178 48.47 105.99 104.65
CA SER L 178 47.72 104.73 104.52
C SER L 178 46.22 104.95 104.32
N THR L 179 45.55 103.87 103.96
CA THR L 179 44.10 103.69 104.11
C THR L 179 43.88 102.49 105.02
N PHE L 180 42.80 102.49 105.79
CA PHE L 180 42.40 101.37 106.64
C PHE L 180 41.03 100.87 106.23
N LYS L 181 40.79 99.57 106.29
CA LYS L 181 39.48 98.96 106.05
C LYS L 181 39.08 98.06 107.22
N MET L 182 37.79 97.97 107.53
CA MET L 182 37.26 97.00 108.49
C MET L 182 35.89 96.50 108.06
N ILE L 183 35.57 95.24 108.32
CA ILE L 183 34.34 94.62 107.87
C ILE L 183 33.63 94.00 109.07
N ARG L 184 32.33 94.25 109.22
CA ARG L 184 31.48 93.38 110.03
C ARG L 184 31.08 92.19 109.18
N LYS L 185 31.68 91.03 109.47
CA LYS L 185 31.51 89.82 108.66
C LYS L 185 30.13 89.21 108.84
N LEU L 186 29.60 89.28 110.07
CA LEU L 186 28.39 88.57 110.49
C LEU L 186 27.26 89.56 110.84
N PRO L 187 25.99 89.18 110.69
CA PRO L 187 24.91 89.87 111.38
C PRO L 187 25.11 89.83 112.90
N VAL L 188 24.57 90.83 113.59
CA VAL L 188 24.67 90.94 115.05
C VAL L 188 24.02 89.71 115.74
N GLN L 189 24.77 89.04 116.61
CA GLN L 189 24.36 87.82 117.31
C GLN L 189 25.21 87.58 118.57
N GLU L 190 24.77 86.65 119.43
CA GLU L 190 25.47 86.21 120.64
C GLU L 190 26.92 85.74 120.37
N GLN L 191 27.84 86.01 121.31
CA GLN L 191 29.23 85.56 121.24
C GLN L 191 29.80 85.44 122.66
N LYS L 192 29.92 84.23 123.20
CA LYS L 192 30.56 83.98 124.50
C LYS L 192 32.09 84.20 124.42
N PRO L 193 32.75 84.62 125.51
CA PRO L 193 34.21 84.82 125.53
C PRO L 193 34.92 83.47 125.42
N ASN L 194 36.21 83.52 125.11
CA ASN L 194 37.05 82.34 125.08
C ASN L 194 37.90 82.27 126.35
N LEU L 195 37.72 81.22 127.14
CA LEU L 195 38.51 80.99 128.36
C LEU L 195 39.98 80.72 128.03
N LEU L 196 40.32 80.35 126.79
CA LEU L 196 41.69 80.05 126.35
C LEU L 196 42.42 81.31 125.87
N LYS L 197 43.47 81.66 126.61
CA LYS L 197 44.45 82.70 126.28
C LYS L 197 45.41 82.25 125.17
N ASP L 198 45.94 83.21 124.42
CA ASP L 198 46.79 83.00 123.24
C ASP L 198 46.22 82.01 122.22
N SER L 199 44.92 82.10 121.91
CA SER L 199 44.30 81.22 120.91
C SER L 199 44.71 81.57 119.47
N LEU L 200 45.90 82.16 119.32
CA LEU L 200 46.62 82.46 118.08
C LEU L 200 48.12 82.04 118.14
N PHE L 201 48.53 81.37 119.23
CA PHE L 201 49.86 80.79 119.43
C PHE L 201 51.03 81.78 119.22
N VAL L 202 50.83 83.08 119.47
CA VAL L 202 51.87 84.08 119.18
C VAL L 202 53.09 83.91 120.08
N TYR L 203 52.92 83.35 121.27
CA TYR L 203 53.98 83.36 122.27
C TYR L 203 55.14 82.39 121.94
N PRO L 204 56.31 82.61 122.58
CA PRO L 204 57.42 81.67 122.68
C PRO L 204 57.01 80.21 122.91
N GLU L 205 57.88 79.27 122.56
CA GLU L 205 57.63 77.84 122.87
C GLU L 205 58.08 77.48 124.31
N THR L 206 57.45 76.45 124.90
CA THR L 206 57.92 75.77 126.12
C THR L 206 57.49 74.30 126.09
N SER L 207 58.17 73.42 126.82
CA SER L 207 57.81 72.00 126.84
C SER L 207 56.40 71.82 127.42
N TYR L 208 55.64 70.82 126.97
CA TYR L 208 54.38 70.46 127.64
C TYR L 208 54.54 70.06 129.12
N SER L 209 55.73 69.65 129.56
CA SER L 209 56.02 69.49 131.00
C SER L 209 55.80 70.80 131.76
N ASN L 210 56.14 71.96 131.17
CA ASN L 210 56.20 73.23 131.88
C ASN L 210 54.82 73.88 132.05
N ILE L 211 53.86 73.52 131.21
CA ILE L 211 52.48 74.01 131.28
C ILE L 211 51.59 73.22 132.28
N LYS L 212 52.19 72.32 133.06
CA LYS L 212 51.56 71.71 134.25
C LYS L 212 51.46 72.74 135.40
N THR L 213 50.79 73.86 135.12
CA THR L 213 50.59 75.02 136.00
C THR L 213 49.21 75.63 135.74
N ASP L 214 48.57 76.19 136.78
CA ASP L 214 47.35 76.98 136.66
C ASP L 214 47.64 78.49 136.64
N ASN L 215 48.89 78.87 136.49
CA ASN L 215 49.19 80.22 136.08
C ASN L 215 48.49 80.46 134.74
N TRP L 216 47.67 81.51 134.66
CA TRP L 216 47.15 82.05 133.40
C TRP L 216 47.41 83.57 133.30
N ASP L 217 48.21 84.10 134.20
CA ASP L 217 48.55 85.52 134.25
C ASP L 217 49.81 85.83 133.44
N THR L 218 50.68 84.83 133.26
CA THR L 218 51.94 84.98 132.53
C THR L 218 52.10 83.90 131.46
N PRO L 219 52.33 84.28 130.18
CA PRO L 219 52.56 83.33 129.09
C PRO L 219 53.94 82.65 129.20
N PRO L 220 54.20 81.59 128.43
CA PRO L 220 53.31 80.98 127.44
C PRO L 220 52.18 80.18 128.10
N PHE L 221 51.07 80.03 127.37
CA PHE L 221 49.87 79.32 127.84
C PHE L 221 49.63 77.98 127.13
N TRP L 222 50.57 77.59 126.26
CA TRP L 222 50.55 76.34 125.49
C TRP L 222 51.95 75.70 125.50
N GLY L 223 52.03 74.39 125.68
CA GLY L 223 53.28 73.64 125.72
C GLY L 223 53.26 72.47 124.76
N TYR L 224 54.46 72.08 124.32
CA TYR L 224 54.66 71.24 123.13
C TYR L 224 55.29 69.89 123.49
N SER L 225 54.81 68.81 122.88
CA SER L 225 55.40 67.47 122.97
C SER L 225 56.51 67.27 121.90
N SER L 226 57.11 66.08 121.86
CA SER L 226 57.71 65.54 120.63
C SER L 226 56.65 65.35 119.55
N ASN L 227 57.03 65.51 118.29
CA ASN L 227 56.10 65.48 117.15
C ASN L 227 54.99 66.57 117.25
N SER L 228 55.29 67.71 117.93
CA SER L 228 54.50 68.96 117.88
C SER L 228 55.34 70.26 118.07
N GLY L 229 54.80 71.37 117.55
CA GLY L 229 55.39 72.73 117.59
C GLY L 229 54.50 73.70 116.81
N ARG L 230 54.70 75.02 116.95
CA ARG L 230 54.00 76.05 116.15
C ARG L 230 54.41 75.85 114.68
N SER L 231 53.45 75.50 113.83
CA SER L 231 53.71 75.22 112.41
C SER L 231 54.11 76.50 111.68
N GLY L 232 54.89 76.37 110.61
CA GLY L 232 54.99 77.47 109.66
C GLY L 232 53.69 77.73 108.88
N VAL L 233 52.82 76.72 108.80
CA VAL L 233 51.49 76.81 108.13
C VAL L 233 50.55 77.75 108.91
N ARG L 234 49.76 78.54 108.17
CA ARG L 234 48.86 79.58 108.69
C ARG L 234 47.40 79.33 108.29
N PHE L 235 46.48 79.75 109.15
CA PHE L 235 45.05 79.79 108.88
C PHE L 235 44.59 81.25 108.90
N ARG L 236 44.03 81.75 107.79
CA ARG L 236 43.48 83.13 107.73
C ARG L 236 44.50 84.21 108.14
N GLY L 237 45.78 83.99 107.82
CA GLY L 237 46.91 84.85 108.18
C GLY L 237 47.42 84.69 109.62
N GLU L 238 46.64 84.06 110.49
CA GLU L 238 47.01 83.74 111.87
C GLU L 238 47.79 82.41 111.97
N ASN L 239 48.56 82.23 113.05
CA ASN L 239 49.40 81.04 113.25
C ASN L 239 48.59 79.76 113.57
N THR L 240 49.25 78.61 113.44
CA THR L 240 48.69 77.30 113.81
C THR L 240 49.77 76.41 114.43
N VAL L 241 49.37 75.31 115.09
CA VAL L 241 50.29 74.28 115.59
C VAL L 241 50.12 73.00 114.76
N GLN L 242 51.17 72.20 114.64
CA GLN L 242 51.09 70.90 113.95
C GLN L 242 51.41 69.71 114.87
N ILE L 243 50.72 68.60 114.64
CA ILE L 243 50.87 67.30 115.32
C ILE L 243 51.25 66.27 114.26
N ASP L 244 52.35 65.54 114.42
CA ASP L 244 52.87 64.57 113.43
C ASP L 244 52.78 63.12 113.95
N ASP L 245 52.41 62.13 113.10
CA ASP L 245 52.23 60.71 113.49
C ASP L 245 53.54 59.92 113.75
N GLY L 246 54.50 60.59 114.37
CA GLY L 246 55.86 60.10 114.57
C GLY L 246 56.01 59.02 115.66
N SER L 247 57.12 59.10 116.37
CA SER L 247 57.49 58.17 117.44
C SER L 247 56.58 58.25 118.67
N ASP L 248 56.12 59.44 119.07
CA ASP L 248 55.18 59.59 120.19
C ASP L 248 53.86 58.87 119.87
N THR L 249 53.33 58.10 120.81
CA THR L 249 52.04 57.44 120.59
C THR L 249 50.87 58.42 120.68
N TYR L 250 51.01 59.53 121.41
CA TYR L 250 49.91 60.50 121.60
C TYR L 250 50.39 61.96 121.49
N PRO L 251 51.02 62.37 120.38
CA PRO L 251 51.60 63.70 120.22
C PRO L 251 50.52 64.77 120.40
N SER L 252 50.92 65.85 121.08
CA SER L 252 49.98 66.79 121.64
C SER L 252 50.52 68.22 121.66
N VAL L 253 49.60 69.20 121.63
CA VAL L 253 49.80 70.55 122.16
C VAL L 253 48.80 70.76 123.30
N VAL L 254 49.28 71.27 124.42
CA VAL L 254 48.57 71.20 125.70
C VAL L 254 48.50 72.60 126.30
N SER L 255 47.30 73.04 126.67
CA SER L 255 47.13 74.32 127.37
C SER L 255 47.61 74.24 128.82
N ASN L 256 47.77 75.38 129.48
CA ASN L 256 47.86 75.42 130.95
C ASN L 256 46.63 74.74 131.60
N ARG L 257 46.69 74.49 132.92
CA ARG L 257 45.65 73.78 133.64
C ARG L 257 44.69 74.78 134.29
N PHE L 258 43.43 74.76 133.94
CA PHE L 258 42.39 75.46 134.70
C PHE L 258 42.26 74.83 136.09
N LYS L 259 41.87 75.62 137.09
CA LYS L 259 41.64 75.13 138.44
C LYS L 259 40.16 75.25 138.77
N MET L 260 39.56 74.18 139.29
CA MET L 260 38.17 74.20 139.72
C MET L 260 37.96 75.27 140.81
N GLY L 261 36.92 76.08 140.67
CA GLY L 261 36.63 77.23 141.51
C GLY L 261 37.07 78.58 140.92
N LYS L 262 37.95 78.61 139.90
CA LYS L 262 38.30 79.86 139.19
C LYS L 262 37.27 80.16 138.10
N GLU L 263 37.60 79.95 136.83
CA GLU L 263 36.70 80.17 135.68
C GLU L 263 35.66 79.03 135.59
N LEU L 264 36.12 77.81 135.87
CA LEU L 264 35.39 76.54 135.79
C LEU L 264 35.22 75.93 137.19
N SER L 265 34.14 75.19 137.42
CA SER L 265 33.86 74.42 138.64
C SER L 265 33.26 73.05 138.31
N VAL L 266 33.32 72.11 139.25
CA VAL L 266 32.65 70.81 139.07
C VAL L 266 31.16 71.03 138.81
N GLY L 267 30.62 70.33 137.80
CA GLY L 267 29.25 70.50 137.34
C GLY L 267 29.01 71.61 136.32
N ASP L 268 30.03 72.36 135.89
CA ASP L 268 29.85 73.31 134.77
C ASP L 268 29.64 72.56 133.44
N THR L 269 28.60 72.92 132.69
CA THR L 269 28.49 72.57 131.26
C THR L 269 29.35 73.52 130.42
N VAL L 270 30.11 72.96 129.49
CA VAL L 270 31.07 73.70 128.67
C VAL L 270 31.07 73.16 127.25
N THR L 271 31.43 74.02 126.31
CA THR L 271 31.67 73.66 124.91
C THR L 271 33.12 73.91 124.52
N VAL L 272 33.73 72.92 123.87
CA VAL L 272 35.05 73.05 123.25
C VAL L 272 34.91 72.95 121.74
N SER L 273 35.60 73.82 121.00
CA SER L 273 35.65 73.77 119.53
C SER L 273 37.01 74.19 119.00
N VAL L 274 37.35 73.73 117.80
CA VAL L 274 38.60 74.06 117.10
C VAL L 274 38.36 74.18 115.60
N TYR L 275 39.26 74.84 114.90
CA TYR L 275 39.49 74.51 113.49
C TYR L 275 40.57 73.43 113.38
N ALA L 276 40.38 72.45 112.49
CA ALA L 276 41.36 71.39 112.19
C ALA L 276 41.45 71.07 110.69
N LYS L 277 42.60 70.51 110.26
CA LYS L 277 42.84 69.87 108.95
C LYS L 277 43.96 68.82 109.03
N ILE L 278 44.01 67.91 108.06
CA ILE L 278 45.09 66.92 107.92
C ILE L 278 45.87 67.12 106.60
N ASN L 279 47.15 66.76 106.54
CA ASN L 279 47.95 66.88 105.31
C ASN L 279 47.48 65.98 104.19
N ASP L 280 47.09 64.75 104.53
CA ASP L 280 46.52 63.79 103.59
C ASP L 280 45.65 62.78 104.37
N PRO L 281 44.31 62.79 104.22
CA PRO L 281 43.44 61.84 104.91
C PRO L 281 43.83 60.38 104.69
N ALA L 282 44.47 60.08 103.56
CA ALA L 282 44.93 58.74 103.20
C ALA L 282 46.12 58.23 104.03
N LEU L 283 46.83 59.11 104.75
CA LEU L 283 47.92 58.69 105.63
C LEU L 283 47.47 58.44 107.07
N LEU L 284 46.26 58.83 107.44
CA LEU L 284 45.78 58.69 108.82
C LEU L 284 45.48 57.23 109.20
N LYS L 285 44.91 56.42 108.28
CA LYS L 285 44.49 55.03 108.56
C LYS L 285 43.58 54.94 109.81
N ASP L 286 43.77 53.92 110.66
CA ASP L 286 43.04 53.70 111.92
C ASP L 286 43.61 54.48 113.13
N ASN L 287 44.48 55.46 112.91
CA ASN L 287 44.75 56.47 113.94
C ASN L 287 43.50 57.30 114.18
N LEU L 288 43.50 58.12 115.23
CA LEU L 288 42.34 58.94 115.57
C LEU L 288 42.71 60.37 115.93
N VAL L 289 42.00 61.33 115.35
CA VAL L 289 42.34 62.75 115.51
C VAL L 289 41.38 63.31 116.54
N TYR L 290 41.91 63.91 117.59
CA TYR L 290 41.07 64.20 118.73
C TYR L 290 41.63 65.31 119.61
N PHE L 291 40.72 65.97 120.31
CA PHE L 291 41.03 66.98 121.31
C PHE L 291 40.12 66.78 122.51
N GLU L 292 40.64 67.02 123.70
CA GLU L 292 39.96 66.68 124.94
C GLU L 292 40.30 67.62 126.10
N LEU L 293 39.35 67.75 127.02
CA LEU L 293 39.48 68.49 128.29
C LEU L 293 39.86 67.52 129.43
N ALA L 294 41.14 67.10 129.49
CA ALA L 294 41.61 66.17 130.50
C ALA L 294 41.49 66.75 131.91
N GLY L 295 41.50 65.87 132.93
CA GLY L 295 41.34 66.24 134.34
C GLY L 295 42.43 65.70 135.27
N TYR L 296 42.64 66.39 136.40
CA TYR L 296 43.69 66.09 137.35
C TYR L 296 43.29 66.41 138.80
N ASP L 297 43.85 65.66 139.75
CA ASP L 297 43.70 65.94 141.18
C ASP L 297 44.71 66.99 141.69
N THR L 298 45.89 67.11 141.07
CA THR L 298 46.94 68.08 141.42
C THR L 298 47.40 68.87 140.19
N VAL L 299 47.86 70.11 140.39
CA VAL L 299 48.30 70.98 139.27
C VAL L 299 49.50 70.39 138.52
N ASP L 300 50.43 69.83 139.28
CA ASP L 300 51.65 69.21 138.80
C ASP L 300 51.45 67.77 138.31
N ASP L 301 50.25 67.18 138.49
CA ASP L 301 49.96 65.75 138.30
C ASP L 301 50.60 65.18 137.03
N THR L 302 51.52 64.23 137.24
CA THR L 302 52.32 63.58 136.21
C THR L 302 51.62 62.38 135.57
N SER L 303 50.40 62.04 135.99
CA SER L 303 49.61 60.96 135.39
C SER L 303 49.31 61.21 133.90
N LYS L 304 48.87 60.17 133.18
CA LYS L 304 48.61 60.18 131.73
C LYS L 304 47.33 60.93 131.34
N ASN L 305 47.24 62.20 131.73
CA ASN L 305 46.20 63.18 131.37
C ASN L 305 44.76 62.63 131.47
N PRO L 306 44.30 62.23 132.66
CA PRO L 306 43.08 61.44 132.86
C PRO L 306 41.85 61.92 132.07
N TYR L 307 41.21 60.98 131.38
CA TYR L 307 40.08 61.23 130.50
C TYR L 307 38.84 61.67 131.30
N THR L 308 38.18 62.77 130.93
CA THR L 308 36.99 63.30 131.63
C THR L 308 35.66 62.93 130.95
N GLY L 309 35.68 62.25 129.81
CA GLY L 309 34.52 62.16 128.93
C GLY L 309 34.42 63.33 127.94
N GLY L 310 34.97 64.50 128.28
CA GLY L 310 35.01 65.70 127.43
C GLY L 310 36.05 65.58 126.32
N ARG L 311 35.72 64.85 125.24
CA ARG L 311 36.55 64.65 124.04
C ARG L 311 35.69 64.67 122.79
N ARG L 312 36.24 65.22 121.70
CA ARG L 312 35.75 64.96 120.33
C ARG L 312 36.78 64.08 119.60
N GLU L 313 36.31 63.01 118.98
CA GLU L 313 37.12 62.11 118.14
C GLU L 313 36.67 62.20 116.68
N ILE L 314 37.60 62.52 115.77
CA ILE L 314 37.36 62.80 114.34
C ILE L 314 37.97 61.65 113.50
N THR L 315 37.15 61.07 112.62
CA THR L 315 37.54 59.93 111.76
C THR L 315 38.20 60.37 110.44
N ALA L 316 38.93 59.47 109.78
CA ALA L 316 39.61 59.75 108.50
C ALA L 316 38.67 60.25 107.39
N SER L 317 37.44 59.73 107.35
CA SER L 317 36.40 60.20 106.42
C SER L 317 35.97 61.65 106.67
N GLU L 318 36.08 62.15 107.91
CA GLU L 318 35.51 63.42 108.37
C GLU L 318 36.53 64.57 108.55
N ILE L 319 37.82 64.32 108.36
CA ILE L 319 38.86 65.36 108.32
C ILE L 319 39.38 65.54 106.88
N THR L 320 39.43 66.78 106.38
CA THR L 320 39.89 67.08 105.01
C THR L 320 41.27 67.73 105.00
N THR L 321 41.84 67.94 103.81
CA THR L 321 43.02 68.81 103.64
C THR L 321 42.71 70.29 103.86
N GLU L 322 41.44 70.69 103.99
CA GLU L 322 41.01 72.09 104.19
C GLU L 322 40.41 72.31 105.58
N TRP L 323 40.77 73.44 106.18
CA TRP L 323 40.40 73.81 107.53
C TRP L 323 38.86 73.75 107.75
N LYS L 324 38.40 72.92 108.69
CA LYS L 324 36.97 72.81 109.07
C LYS L 324 36.81 72.80 110.59
N LYS L 325 35.67 73.31 111.08
CA LYS L 325 35.35 73.45 112.51
C LYS L 325 34.80 72.14 113.10
N TYR L 326 35.18 71.84 114.33
CA TYR L 326 34.77 70.64 115.08
C TYR L 326 34.58 70.95 116.56
N SER L 327 33.74 70.19 117.27
CA SER L 327 33.35 70.53 118.65
C SER L 327 32.85 69.35 119.50
N PHE L 328 32.84 69.55 120.83
CA PHE L 328 32.01 68.78 121.77
C PHE L 328 31.44 69.69 122.86
N THR L 329 30.35 69.26 123.49
CA THR L 329 29.74 69.87 124.67
C THR L 329 29.55 68.78 125.74
N PHE L 330 29.88 69.07 126.99
CA PHE L 330 29.70 68.13 128.11
C PHE L 330 29.67 68.86 129.46
N THR L 331 29.39 68.13 130.54
CA THR L 331 29.44 68.65 131.92
C THR L 331 30.65 68.09 132.67
N ILE L 332 31.43 68.96 133.34
CA ILE L 332 32.64 68.56 134.08
C ILE L 332 32.28 67.68 135.30
N PRO L 333 32.69 66.40 135.32
CA PRO L 333 32.37 65.48 136.41
C PRO L 333 33.24 65.75 137.63
N GLU L 334 32.82 65.25 138.79
CA GLU L 334 33.60 65.28 140.03
C GLU L 334 34.86 64.41 139.97
N ASN L 335 34.78 63.25 139.31
CA ASN L 335 35.88 62.33 139.06
C ASN L 335 36.12 62.10 137.56
N THR L 336 37.38 61.96 137.19
CA THR L 336 37.79 61.51 135.85
C THR L 336 37.22 60.12 135.55
N ILE L 337 36.99 59.82 134.28
CA ILE L 337 36.43 58.54 133.84
C ILE L 337 37.53 57.48 133.82
N GLY L 338 37.12 56.23 134.01
CA GLY L 338 37.99 55.08 133.83
C GLY L 338 38.94 54.84 135.01
N ALA L 339 39.94 54.00 134.78
CA ALA L 339 40.79 53.42 135.81
C ALA L 339 41.57 54.45 136.66
N SER L 340 41.67 55.72 136.23
CA SER L 340 42.27 56.79 137.04
C SER L 340 41.38 57.17 138.21
N GLY L 341 40.09 57.39 137.96
CA GLY L 341 39.11 57.72 138.99
C GLY L 341 39.37 59.01 139.79
N VAL L 342 40.51 59.68 139.59
CA VAL L 342 40.96 60.82 140.39
C VAL L 342 40.00 61.98 140.28
N LYS L 343 39.92 62.75 141.37
CA LYS L 343 39.11 63.96 141.48
C LYS L 343 39.52 64.97 140.39
N VAL L 344 38.56 65.67 139.82
CA VAL L 344 38.81 66.81 138.94
C VAL L 344 38.96 68.07 139.79
N ASN L 345 40.19 68.40 140.18
CA ASN L 345 40.53 69.70 140.77
C ASN L 345 41.13 70.66 139.73
N TYR L 346 41.68 70.11 138.64
CA TYR L 346 42.25 70.86 137.52
C TYR L 346 41.89 70.19 136.19
N VAL L 347 41.90 70.96 135.11
CA VAL L 347 41.64 70.45 133.75
C VAL L 347 42.53 71.14 132.74
N SER L 348 42.77 70.54 131.58
CA SER L 348 43.50 71.19 130.47
C SER L 348 42.99 70.72 129.12
N LEU L 349 42.97 71.61 128.14
CA LEU L 349 42.69 71.23 126.78
C LEU L 349 43.96 70.64 126.16
N LEU L 350 43.84 69.42 125.66
CA LEU L 350 44.82 68.79 124.77
C LEU L 350 44.31 68.71 123.33
N LEU L 351 45.15 69.16 122.41
CA LEU L 351 45.02 68.98 120.96
C LEU L 351 45.96 67.83 120.58
N ARG L 352 45.45 66.72 120.02
CA ARG L 352 46.18 65.43 120.01
C ARG L 352 46.03 64.65 118.69
N MET L 353 46.85 63.61 118.53
CA MET L 353 46.60 62.52 117.56
C MET L 353 46.95 61.15 118.13
N ASN L 354 46.05 60.16 118.06
CA ASN L 354 46.29 58.84 118.65
C ASN L 354 46.97 57.97 117.60
N CYS L 355 48.23 57.65 117.88
CA CYS L 355 49.11 56.91 117.00
C CYS L 355 49.44 55.52 117.59
N SER L 356 48.48 54.90 118.28
CA SER L 356 48.56 53.51 118.73
C SER L 356 48.30 52.48 117.63
N SER L 357 47.46 52.80 116.64
CA SER L 357 47.10 51.88 115.55
C SER L 357 48.19 51.76 114.47
N SER L 358 48.82 52.89 114.12
CA SER L 358 49.94 52.93 113.19
C SER L 358 50.80 54.19 113.42
N LYS L 359 52.06 54.17 113.00
CA LYS L 359 53.01 55.28 113.12
C LYS L 359 53.86 55.40 111.87
N GLY L 360 54.44 56.58 111.64
CA GLY L 360 55.36 56.78 110.52
C GLY L 360 54.70 56.58 109.15
N ASN L 361 53.37 56.77 109.05
CA ASN L 361 52.68 56.82 107.77
C ASN L 361 52.93 58.17 107.08
N GLY L 362 53.18 59.23 107.86
CA GLY L 362 53.41 60.59 107.39
C GLY L 362 52.25 61.55 107.69
N ALA L 363 51.24 61.14 108.46
CA ALA L 363 50.10 62.00 108.79
C ALA L 363 50.52 63.19 109.68
N VAL L 364 50.15 64.41 109.27
CA VAL L 364 50.33 65.67 110.01
C VAL L 364 48.97 66.33 110.14
N VAL L 365 48.56 66.67 111.36
CA VAL L 365 47.32 67.40 111.65
C VAL L 365 47.66 68.80 112.14
N TYR L 366 46.87 69.78 111.74
CA TYR L 366 47.08 71.19 112.04
C TYR L 366 45.86 71.70 112.81
N TYR L 367 46.07 72.54 113.82
CA TYR L 367 45.00 73.06 114.66
C TYR L 367 45.05 74.59 114.76
N ALA L 368 43.89 75.22 114.76
CA ALA L 368 43.74 76.67 114.80
C ALA L 368 42.49 77.12 115.60
N LEU L 369 42.50 78.36 116.11
CA LEU L 369 41.40 79.06 116.81
C LEU L 369 40.64 78.18 117.84
N PRO L 370 41.34 77.59 118.83
CA PRO L 370 40.68 76.76 119.85
C PRO L 370 39.81 77.63 120.75
N LYS L 371 38.56 77.22 120.99
CA LYS L 371 37.64 77.92 121.87
C LYS L 371 37.09 77.02 122.95
N LEU L 372 37.03 77.56 124.17
CA LEU L 372 36.37 76.95 125.31
C LEU L 372 35.47 78.03 125.94
N GLU L 373 34.21 77.72 126.18
CA GLU L 373 33.19 78.68 126.59
C GLU L 373 32.16 78.03 127.53
N LYS L 374 31.65 78.76 128.54
CA LYS L 374 30.59 78.27 129.45
C LYS L 374 29.24 78.34 128.78
N SER L 375 29.04 77.44 127.82
CA SER L 375 27.89 77.39 126.93
C SER L 375 27.56 75.94 126.58
N SER L 376 26.28 75.66 126.38
CA SER L 376 25.79 74.38 125.85
C SER L 376 25.82 74.33 124.32
N LYS L 377 26.13 75.45 123.65
CA LYS L 377 26.35 75.52 122.21
C LYS L 377 27.65 76.23 121.84
N VAL L 378 28.19 75.91 120.66
CA VAL L 378 29.27 76.66 120.01
C VAL L 378 28.78 78.09 119.67
N THR L 379 29.64 79.11 119.84
CA THR L 379 29.35 80.49 119.42
C THR L 379 30.57 81.11 118.72
N PRO L 380 30.41 82.16 117.86
CA PRO L 380 31.51 82.77 117.10
C PRO L 380 32.82 82.90 117.89
N PHE L 381 33.95 82.45 117.34
CA PHE L 381 35.26 82.54 117.99
C PHE L 381 35.68 84.00 118.26
N ILE L 382 36.38 84.23 119.36
CA ILE L 382 37.07 85.49 119.64
C ILE L 382 38.30 85.21 120.53
N THR L 383 39.32 86.06 120.50
CA THR L 383 40.47 86.02 121.42
C THR L 383 40.11 86.39 122.87
N HIS L 384 40.87 85.91 123.85
CA HIS L 384 40.69 86.32 125.25
C HIS L 384 40.99 87.81 125.36
N GLU L 385 40.30 88.53 126.25
CA GLU L 385 40.50 89.98 126.43
C GLU L 385 41.93 90.39 126.81
N ASN L 386 42.70 89.49 127.42
CA ASN L 386 44.09 89.72 127.79
C ASN L 386 45.10 89.19 126.74
N ASP L 387 44.63 88.69 125.61
CA ASP L 387 45.49 88.37 124.47
C ASP L 387 46.05 89.64 123.82
N VAL L 388 47.35 89.67 123.50
CA VAL L 388 48.00 90.83 122.88
C VAL L 388 47.62 90.99 121.41
N ARG L 389 47.39 89.87 120.71
CA ARG L 389 46.85 89.81 119.37
C ARG L 389 45.36 89.50 119.48
N LYS L 390 44.53 90.29 118.79
CA LYS L 390 43.08 90.13 118.77
C LYS L 390 42.65 89.47 117.45
N TYR L 391 41.67 88.57 117.49
CA TYR L 391 40.94 88.12 116.29
C TYR L 391 39.49 87.83 116.66
N ASP L 392 38.56 88.15 115.76
CA ASP L 392 37.11 88.06 115.98
C ASP L 392 36.38 87.50 114.74
N GLU L 393 35.44 86.57 114.92
CA GLU L 393 34.56 86.11 113.85
C GLU L 393 33.45 87.11 113.47
N ILE L 394 33.02 88.06 114.31
CA ILE L 394 31.99 89.05 113.96
C ILE L 394 32.56 90.29 113.22
N TRP L 395 33.62 90.90 113.73
CA TRP L 395 34.34 92.00 113.08
C TRP L 395 35.75 91.60 112.68
N SER L 396 36.22 92.09 111.53
CA SER L 396 37.63 92.00 111.19
C SER L 396 38.49 92.88 112.11
N ASN L 397 39.78 92.55 112.22
CA ASN L 397 40.80 93.54 112.56
C ASN L 397 40.81 94.62 111.47
N TRP L 398 41.29 95.82 111.80
CA TRP L 398 41.61 96.81 110.77
C TRP L 398 42.68 96.26 109.81
N GLN L 399 42.44 96.44 108.51
CA GLN L 399 43.34 96.06 107.44
C GLN L 399 43.98 97.31 106.83
N GLU L 400 45.31 97.39 106.80
CA GLU L 400 46.01 98.59 106.37
C GLU L 400 46.57 98.43 104.95
N VAL L 401 46.28 99.39 104.08
CA VAL L 401 46.86 99.49 102.74
C VAL L 401 47.83 100.66 102.76
N ILE L 402 49.12 100.38 102.50
CA ILE L 402 50.16 101.42 102.43
C ILE L 402 50.33 101.96 101.00
N SER L 403 51.02 103.08 100.84
CA SER L 403 51.45 103.57 99.52
C SER L 403 52.77 102.95 99.05
N LYS L 404 53.07 103.06 97.75
CA LYS L 404 54.34 102.62 97.15
C LYS L 404 55.56 103.31 97.77
N ASP L 405 55.47 104.58 98.14
CA ASP L 405 56.60 105.26 98.80
C ASP L 405 56.95 104.64 100.16
N GLU L 406 55.95 104.20 100.94
CA GLU L 406 56.20 103.47 102.20
C GLU L 406 56.77 102.07 101.92
N LEU L 407 56.21 101.36 100.94
CA LEU L 407 56.72 100.08 100.47
C LEU L 407 58.18 100.18 99.98
N LYS L 408 58.58 101.30 99.37
CA LYS L 408 59.94 101.59 98.92
C LYS L 408 60.93 101.67 100.07
N GLY L 409 60.48 102.03 101.27
CA GLY L 409 61.31 101.91 102.47
C GLY L 409 61.59 100.46 102.84
N HIS L 410 60.53 99.64 102.91
CA HIS L 410 60.62 98.24 103.33
C HIS L 410 61.39 97.33 102.36
N SER L 411 61.32 97.63 101.07
CA SER L 411 61.91 96.79 100.02
C SER L 411 63.45 96.70 100.10
N PRO L 412 64.06 95.55 99.74
CA PRO L 412 65.51 95.44 99.59
C PRO L 412 66.04 96.17 98.34
N VAL L 413 65.18 96.70 97.46
CA VAL L 413 65.52 97.31 96.16
C VAL L 413 64.73 98.59 95.91
N ASP L 414 65.19 99.45 95.00
CA ASP L 414 64.44 100.66 94.65
C ASP L 414 63.30 100.35 93.70
N ILE L 415 62.15 100.03 94.29
CA ILE L 415 60.92 99.72 93.58
C ILE L 415 60.37 100.88 92.74
N GLU L 416 60.90 102.09 92.86
CA GLU L 416 60.62 103.16 91.89
C GLU L 416 61.62 103.11 90.72
N TYR L 417 62.92 103.03 91.04
CA TYR L 417 63.95 103.04 90.03
C TYR L 417 64.29 101.65 89.51
N ASN L 418 63.34 101.04 88.79
CA ASN L 418 63.52 99.78 88.02
C ASN L 418 64.22 98.67 88.82
N ASP L 419 63.83 98.52 90.09
CA ASP L 419 64.41 97.58 91.06
C ASP L 419 65.97 97.64 91.17
N TYR L 420 66.58 98.82 90.99
CA TYR L 420 68.03 99.03 91.17
C TYR L 420 68.46 98.88 92.64
N PHE L 421 69.77 98.94 92.89
CA PHE L 421 70.35 98.89 94.25
C PHE L 421 69.67 99.86 95.19
N LYS L 422 69.19 99.40 96.35
CA LYS L 422 68.53 100.29 97.34
C LYS L 422 69.43 101.45 97.75
N TYR L 423 70.74 101.22 97.75
CA TYR L 423 71.73 102.28 97.88
C TYR L 423 72.81 102.19 96.81
N GLN L 424 73.25 103.34 96.34
CA GLN L 424 74.33 103.50 95.38
C GLN L 424 75.24 104.60 95.90
N TRP L 425 76.57 104.43 95.82
CA TRP L 425 77.54 105.41 96.30
C TRP L 425 78.61 105.68 95.24
N TRP L 426 78.88 106.97 95.02
CA TRP L 426 79.79 107.49 93.99
C TRP L 426 80.77 108.47 94.64
N LYS L 427 82.05 108.44 94.25
CA LYS L 427 83.13 109.24 94.84
C LYS L 427 82.84 110.74 94.80
N SER L 428 82.06 111.19 93.82
CA SER L 428 81.62 112.58 93.70
C SER L 428 80.45 112.99 94.63
N GLU L 429 79.94 112.12 95.52
CA GLU L 429 78.70 112.37 96.28
C GLU L 429 78.75 112.15 97.82
N VAL L 430 79.91 111.80 98.38
CA VAL L 430 80.01 111.15 99.71
C VAL L 430 80.78 111.96 100.78
N ASN L 431 81.13 113.24 100.57
CA ASN L 431 81.89 114.09 101.52
C ASN L 431 83.15 113.40 102.09
N GLU L 432 83.90 112.69 101.23
CA GLU L 432 85.06 111.85 101.58
C GLU L 432 84.81 110.72 102.60
N LYS L 433 83.54 110.30 102.80
CA LYS L 433 83.19 109.14 103.63
C LYS L 433 83.70 107.84 103.01
N SER L 434 84.30 106.99 103.83
CA SER L 434 84.70 105.65 103.43
C SER L 434 83.48 104.73 103.39
N LEU L 435 83.64 103.55 102.78
CA LEU L 435 82.66 102.47 102.87
C LEU L 435 82.13 102.28 104.31
N LYS L 436 83.01 102.26 105.32
CA LYS L 436 82.63 102.10 106.74
C LYS L 436 81.68 103.21 107.16
N ASP L 437 82.05 104.46 106.92
CA ASP L 437 81.19 105.59 107.29
C ASP L 437 79.85 105.58 106.54
N LEU L 438 79.88 105.30 105.24
CA LEU L 438 78.67 105.20 104.42
C LEU L 438 77.74 104.12 104.97
N ALA L 439 78.28 102.96 105.35
CA ALA L 439 77.51 101.87 105.96
C ALA L 439 76.81 102.29 107.27
N MET L 440 77.34 103.28 108.01
CA MET L 440 76.67 103.81 109.21
C MET L 440 75.53 104.79 108.92
N THR L 441 75.42 105.34 107.71
CA THR L 441 74.27 106.16 107.30
C THR L 441 73.01 105.34 106.95
N VAL L 442 73.13 104.03 106.73
CA VAL L 442 72.04 103.17 106.27
C VAL L 442 71.03 102.88 107.39
N PRO L 443 69.71 102.86 107.10
CA PRO L 443 68.65 102.54 108.07
C PRO L 443 68.43 101.03 108.30
N GLN L 444 67.70 100.69 109.38
CA GLN L 444 67.41 99.29 109.76
C GLN L 444 66.75 98.51 108.62
N GLY L 445 67.07 97.22 108.54
CA GLY L 445 66.49 96.31 107.56
C GLY L 445 67.53 95.48 106.84
N TYR L 446 67.26 95.23 105.56
CA TYR L 446 68.02 94.37 104.67
C TYR L 446 67.96 94.95 103.25
N HIS L 447 69.09 95.48 102.77
CA HIS L 447 69.13 96.35 101.60
C HIS L 447 70.17 95.88 100.59
N THR L 448 69.91 96.11 99.30
CA THR L 448 70.89 95.92 98.22
C THR L 448 71.72 97.18 98.00
N PHE L 449 73.00 97.03 97.69
CA PHE L 449 73.89 98.17 97.47
C PHE L 449 74.97 97.96 96.41
N TYR L 450 75.42 99.08 95.85
CA TYR L 450 76.58 99.25 94.99
C TYR L 450 77.49 100.33 95.57
N CYS L 451 78.82 100.16 95.51
CA CYS L 451 79.77 101.22 95.84
C CYS L 451 80.87 101.34 94.77
N GLN L 452 81.24 102.56 94.40
CA GLN L 452 82.31 102.86 93.43
C GLN L 452 83.73 102.57 93.99
N GLY L 453 84.56 101.84 93.24
CA GLY L 453 85.91 101.43 93.65
C GLY L 453 86.95 102.54 93.91
N SER L 454 86.64 103.79 93.56
CA SER L 454 87.44 104.97 93.94
C SER L 454 87.10 105.52 95.34
N ILE L 455 86.02 105.05 95.99
CA ILE L 455 85.73 105.31 97.40
C ILE L 455 86.67 104.50 98.30
N ALA L 456 87.23 105.17 99.31
CA ALA L 456 88.07 104.54 100.31
C ALA L 456 87.35 103.39 101.06
N GLY L 457 88.05 102.26 101.21
CA GLY L 457 87.57 101.06 101.92
C GLY L 457 86.94 99.97 101.04
N THR L 458 86.74 100.24 99.75
CA THR L 458 86.50 99.19 98.76
C THR L 458 87.74 98.29 98.62
N PRO L 459 87.59 96.96 98.42
CA PRO L 459 88.72 96.05 98.34
C PRO L 459 89.52 96.30 97.06
N LYS L 460 90.84 96.44 97.19
CA LYS L 460 91.80 96.52 96.08
C LYS L 460 91.47 97.59 95.01
N GLY L 461 90.72 98.64 95.36
CA GLY L 461 90.33 99.71 94.44
C GLY L 461 89.32 99.29 93.36
N ARG L 462 88.50 98.26 93.58
CA ARG L 462 87.45 97.75 92.66
C ARG L 462 86.03 98.11 93.14
N SER L 463 85.12 98.42 92.21
CA SER L 463 83.69 98.60 92.53
C SER L 463 83.06 97.30 93.04
N ILE L 464 82.12 97.44 93.98
CA ILE L 464 81.50 96.34 94.72
C ILE L 464 79.99 96.34 94.60
N ARG L 465 79.44 95.14 94.48
CA ARG L 465 78.01 94.82 94.49
C ARG L 465 77.72 93.94 95.70
N GLY L 466 76.72 94.25 96.52
CA GLY L 466 76.43 93.45 97.72
C GLY L 466 75.10 93.76 98.42
N THR L 467 74.92 93.18 99.61
CA THR L 467 73.77 93.40 100.51
C THR L 467 74.22 93.74 101.92
N ILE L 468 73.45 94.62 102.56
CA ILE L 468 73.72 95.17 103.87
C ILE L 468 72.54 94.84 104.77
N GLN L 469 72.86 94.54 106.02
CA GLN L 469 71.92 94.19 107.07
C GLN L 469 72.26 95.05 108.30
N VAL L 470 71.33 95.89 108.72
CA VAL L 470 71.51 96.87 109.81
C VAL L 470 70.42 96.65 110.85
N ASP L 471 70.76 96.68 112.12
CA ASP L 471 69.79 96.55 113.22
C ASP L 471 70.18 97.41 114.42
N TYR L 472 69.20 97.69 115.27
CA TYR L 472 69.43 98.29 116.58
C TYR L 472 69.00 97.31 117.65
N ASP L 473 69.69 97.32 118.79
CA ASP L 473 69.47 96.27 119.78
C ASP L 473 68.02 96.26 120.27
N LYS L 474 67.37 95.10 120.21
CA LYS L 474 65.95 94.89 120.54
C LYS L 474 64.97 95.72 119.70
N CYS L 475 65.40 96.31 118.59
CA CYS L 475 64.64 97.27 117.77
C CYS L 475 64.25 98.54 118.54
N ASP L 476 65.26 99.34 118.87
CA ASP L 476 65.07 100.71 119.33
C ASP L 476 66.17 101.63 118.76
N PRO L 477 65.92 102.35 117.65
CA PRO L 477 66.92 103.14 116.96
C PRO L 477 67.20 104.50 117.63
N TYR L 478 66.54 104.80 118.75
CA TYR L 478 66.75 106.03 119.52
C TYR L 478 67.69 105.78 120.70
N ARG L 479 67.40 104.76 121.51
CA ARG L 479 68.13 104.49 122.75
C ARG L 479 69.19 103.40 122.64
N ALA L 480 69.02 102.41 121.77
CA ALA L 480 69.87 101.22 121.73
C ALA L 480 71.13 101.38 120.87
N ASN L 481 71.99 100.38 120.97
CA ASN L 481 73.17 100.24 120.13
C ASN L 481 72.78 99.94 118.67
N LYS L 482 73.67 100.29 117.72
CA LYS L 482 73.58 99.97 116.30
C LYS L 482 74.56 98.86 115.94
N PHE L 483 74.12 97.90 115.12
CA PHE L 483 74.96 96.86 114.52
C PHE L 483 74.85 96.89 112.99
N VAL L 484 75.95 96.63 112.30
CA VAL L 484 75.98 96.63 110.84
C VAL L 484 76.74 95.42 110.31
N LYS L 485 76.21 94.73 109.30
CA LYS L 485 76.83 93.62 108.58
C LYS L 485 76.74 93.86 107.09
N LEU L 486 77.81 93.62 106.35
CA LEU L 486 77.82 93.67 104.88
C LEU L 486 78.36 92.37 104.30
N LEU L 487 77.82 91.98 103.15
CA LEU L 487 78.40 90.96 102.27
C LEU L 487 78.39 91.53 100.84
N PHE L 488 79.50 91.40 100.11
CA PHE L 488 79.66 91.99 98.78
C PHE L 488 80.77 91.31 97.97
N THR L 489 80.75 91.56 96.66
CA THR L 489 81.61 90.94 95.66
C THR L 489 82.19 92.02 94.75
N ASP L 490 83.48 91.90 94.40
CA ASP L 490 84.17 92.84 93.50
C ASP L 490 84.00 92.45 92.03
N THR L 491 84.56 93.24 91.10
CA THR L 491 84.54 92.93 89.66
C THR L 491 85.24 91.62 89.27
N GLU L 492 86.01 90.95 90.15
CA GLU L 492 86.60 89.63 89.84
C GLU L 492 85.73 88.48 90.34
N GLY L 493 84.62 88.76 91.01
CA GLY L 493 83.79 87.72 91.62
C GLY L 493 84.33 87.23 92.97
N ILE L 494 85.26 87.93 93.64
CA ILE L 494 85.74 87.55 94.98
C ILE L 494 84.75 88.01 96.06
N PRO L 495 84.30 87.15 97.00
CA PRO L 495 83.47 87.54 98.13
C PRO L 495 84.24 88.02 99.37
N TYR L 496 83.62 88.93 100.12
CA TYR L 496 84.17 89.56 101.31
C TYR L 496 83.07 89.88 102.34
N THR L 497 83.38 89.89 103.65
CA THR L 497 82.49 90.42 104.70
C THR L 497 83.14 91.53 105.53
N LEU L 498 82.27 92.42 106.02
CA LEU L 498 82.62 93.51 106.93
C LEU L 498 81.51 93.63 108.01
N TYR L 499 81.89 94.00 109.24
CA TYR L 499 80.98 94.04 110.37
C TYR L 499 81.30 95.18 111.35
N TYR L 500 80.26 95.74 111.95
CA TYR L 500 80.30 96.67 113.08
C TYR L 500 79.57 96.07 114.27
N GLY L 501 80.27 95.93 115.39
CA GLY L 501 79.69 95.59 116.68
C GLY L 501 79.19 96.83 117.42
N GLY L 502 77.94 96.79 117.88
CA GLY L 502 77.43 97.66 118.94
C GLY L 502 78.16 97.40 120.27
N TYR L 503 77.72 98.10 121.34
CA TYR L 503 78.38 98.03 122.65
C TYR L 503 79.86 98.42 122.54
N ASN L 504 80.11 99.50 121.79
CA ASN L 504 81.39 100.15 121.48
C ASN L 504 82.49 99.24 120.86
N GLN L 505 82.20 97.98 120.53
CA GLN L 505 83.14 97.12 119.83
C GLN L 505 83.58 97.69 118.48
N GLY L 506 82.72 98.46 117.83
CA GLY L 506 83.07 99.17 116.61
C GLY L 506 83.31 98.25 115.42
N TRP L 507 84.07 98.75 114.45
CA TRP L 507 84.47 98.00 113.26
C TRP L 507 85.36 96.79 113.55
N LYS L 508 85.18 95.74 112.74
CA LYS L 508 86.12 94.61 112.63
C LYS L 508 86.96 94.75 111.35
N PRO L 509 88.16 94.14 111.27
CA PRO L 509 88.99 94.12 110.04
C PRO L 509 88.24 93.50 108.85
N LEU L 510 88.51 93.93 107.59
CA LEU L 510 87.90 93.34 106.39
C LEU L 510 88.31 91.86 106.23
N LYS L 511 87.34 90.95 106.02
CA LYS L 511 87.58 89.50 105.93
C LYS L 511 87.33 88.97 104.50
N GLN L 512 88.38 88.88 103.68
CA GLN L 512 88.24 88.23 102.38
C GLN L 512 87.96 86.74 102.59
N SER L 513 87.02 86.14 101.84
CA SER L 513 86.91 84.68 101.83
C SER L 513 88.00 84.06 100.96
N GLU L 514 88.66 83.02 101.45
CA GLU L 514 89.54 82.21 100.63
C GLU L 514 88.68 81.40 99.66
N THR L 515 89.00 81.51 98.37
CA THR L 515 88.25 80.85 97.30
C THR L 515 89.17 80.16 96.32
N SER L 516 88.73 79.02 95.80
CA SER L 516 89.54 78.10 95.00
C SER L 516 88.87 77.69 93.70
N THR L 517 89.70 77.48 92.69
CA THR L 517 89.31 77.04 91.35
C THR L 517 90.30 75.98 90.86
N LEU L 518 89.80 74.92 90.23
CA LEU L 518 90.65 73.87 89.65
C LEU L 518 91.18 74.29 88.26
N LEU L 519 92.49 74.48 88.15
CA LEU L 519 93.17 74.98 86.95
C LEU L 519 93.53 73.87 85.97
N TRP L 520 93.85 72.69 86.50
CA TRP L 520 94.23 71.51 85.76
C TRP L 520 94.14 70.27 86.65
N LYS L 521 93.97 69.09 86.06
CA LYS L 521 93.99 67.79 86.76
C LYS L 521 94.54 66.69 85.86
N GLY L 522 95.19 65.68 86.45
CA GLY L 522 95.83 64.63 85.66
C GLY L 522 96.90 63.91 86.48
N THR L 523 98.03 63.58 85.85
CA THR L 523 99.25 63.03 86.50
C THR L 523 100.52 63.62 85.86
N LEU L 524 100.91 64.83 86.30
CA LEU L 524 102.11 65.53 85.84
C LEU L 524 103.35 64.96 86.54
N ASP L 525 103.99 63.96 85.94
CA ASP L 525 105.25 63.38 86.43
C ASP L 525 106.42 64.35 86.19
N PHE L 526 107.22 64.66 87.21
CA PHE L 526 108.35 65.55 87.00
C PHE L 526 109.46 64.97 86.10
N GLY L 527 109.47 63.66 85.87
CA GLY L 527 110.31 63.03 84.86
C GLY L 527 109.83 63.27 83.42
N SER L 528 108.57 63.68 83.24
CA SER L 528 108.07 64.15 81.96
C SER L 528 108.69 65.49 81.56
N THR L 529 108.55 65.88 80.29
CA THR L 529 109.11 67.13 79.75
C THR L 529 108.04 68.09 79.30
N GLU L 530 106.83 67.59 79.09
CA GLU L 530 105.78 68.27 78.35
C GLU L 530 105.19 69.39 79.19
N ALA L 531 104.97 70.55 78.56
CA ALA L 531 104.14 71.55 79.19
C ALA L 531 102.66 71.10 79.21
N VAL L 532 101.91 71.60 80.19
CA VAL L 532 100.44 71.55 80.23
C VAL L 532 99.90 72.99 80.22
N ASN L 533 98.70 73.21 79.65
CA ASN L 533 98.06 74.53 79.60
C ASN L 533 96.96 74.64 80.66
N LEU L 534 96.99 75.71 81.45
CA LEU L 534 96.03 75.96 82.54
C LEU L 534 94.80 76.69 82.05
N ASN L 535 93.66 76.40 82.69
CA ASN L 535 92.35 76.96 82.35
C ASN L 535 92.25 78.50 82.58
N ASP L 536 93.03 79.07 83.52
CA ASP L 536 93.01 80.50 83.86
C ASP L 536 94.42 80.99 84.23
N SER L 537 94.66 82.29 84.06
CA SER L 537 95.97 82.88 84.32
C SER L 537 96.29 82.80 85.79
N LEU L 538 97.50 82.34 86.09
CA LEU L 538 98.09 82.38 87.41
C LEU L 538 98.14 83.81 88.01
N ASP L 539 98.10 84.87 87.20
CA ASP L 539 97.97 86.25 87.71
C ASP L 539 96.67 86.50 88.50
N ASN L 540 95.60 85.79 88.18
CA ASN L 540 94.31 85.91 88.87
C ASN L 540 94.32 85.20 90.24
N TYR L 541 95.42 84.56 90.66
CA TYR L 541 95.50 83.84 91.94
C TYR L 541 96.65 84.36 92.79
N ASP L 542 96.43 84.37 94.11
CA ASP L 542 97.43 84.81 95.10
C ASP L 542 98.35 83.65 95.50
N LEU L 543 97.79 82.43 95.50
CA LEU L 543 98.51 81.17 95.66
C LEU L 543 98.07 80.14 94.63
N ILE L 544 98.91 79.14 94.41
CA ILE L 544 98.45 77.82 94.00
C ILE L 544 98.69 76.83 95.13
N GLU L 545 97.95 75.74 95.07
CA GLU L 545 98.25 74.51 95.79
C GLU L 545 98.30 73.35 94.79
N VAL L 546 99.20 72.38 95.01
CA VAL L 546 99.27 71.17 94.19
C VAL L 546 99.34 69.91 95.07
N THR L 547 98.49 68.92 94.82
CA THR L 547 98.60 67.59 95.44
C THR L 547 99.66 66.79 94.72
N TYR L 548 100.54 66.19 95.50
CA TYR L 548 101.69 65.48 95.02
C TYR L 548 101.92 64.16 95.76
N TRP L 549 102.81 63.38 95.18
CA TRP L 549 103.26 62.08 95.66
C TRP L 549 104.74 61.92 95.37
N THR L 550 105.39 61.04 96.11
CA THR L 550 106.74 60.56 95.83
C THR L 550 106.79 59.04 95.93
N ARG L 551 107.65 58.42 95.12
CA ARG L 551 107.73 56.96 94.94
C ARG L 551 107.81 56.20 96.26
N SER L 552 108.70 56.63 97.15
CA SER L 552 109.01 55.92 98.40
C SER L 552 107.76 55.85 99.29
N ALA L 553 107.37 54.62 99.66
CA ALA L 553 106.26 54.28 100.56
C ALA L 553 104.86 54.83 100.20
N GLY L 554 104.68 55.39 99.01
CA GLY L 554 103.41 55.97 98.61
C GLY L 554 102.99 57.14 99.52
N HIS L 555 103.91 58.04 99.83
CA HIS L 555 103.56 59.33 100.44
C HIS L 555 102.65 60.13 99.50
N PHE L 556 101.60 60.75 100.05
CA PHE L 556 100.82 61.78 99.36
C PHE L 556 100.69 63.02 100.22
N SER L 557 100.80 64.20 99.62
CA SER L 557 100.81 65.47 100.34
C SER L 557 100.51 66.66 99.43
N THR L 558 100.37 67.86 99.99
CA THR L 558 100.11 69.08 99.20
C THR L 558 101.18 70.15 99.42
N LYS L 559 101.57 70.82 98.33
CA LYS L 559 102.48 71.97 98.33
C LYS L 559 101.66 73.21 98.01
N ARG L 560 101.88 74.29 98.75
CA ARG L 560 101.37 75.65 98.43
C ARG L 560 102.51 76.53 97.93
N LEU L 561 102.23 77.38 96.95
CA LEU L 561 103.14 78.40 96.43
C LEU L 561 102.39 79.74 96.31
N ASP L 562 102.96 80.82 96.84
CA ASP L 562 102.59 82.19 96.50
C ASP L 562 103.05 82.50 95.07
N ILE L 563 102.14 82.95 94.20
CA ILE L 563 102.45 83.16 92.78
C ILE L 563 102.79 84.62 92.43
N LYS L 564 102.89 85.47 93.46
CA LYS L 564 103.43 86.84 93.41
C LYS L 564 104.91 86.85 93.84
N ASN L 565 105.19 86.46 95.10
CA ASN L 565 106.53 86.36 95.71
C ASN L 565 107.23 85.03 95.36
N THR L 566 107.66 84.87 94.11
CA THR L 566 108.22 83.61 93.62
C THR L 566 109.27 83.86 92.53
N SER L 567 110.21 82.93 92.39
CA SER L 567 111.16 82.81 91.28
C SER L 567 110.49 82.31 89.97
N ASN L 568 109.16 82.11 89.96
CA ASN L 568 108.39 81.45 88.89
C ASN L 568 108.81 79.99 88.67
N LEU L 569 109.23 79.31 89.75
CA LEU L 569 109.62 77.90 89.79
C LEU L 569 108.88 77.16 90.91
N LEU L 570 107.99 76.23 90.54
CA LEU L 570 107.29 75.39 91.49
C LEU L 570 108.18 74.20 91.84
N TYR L 571 108.95 74.31 92.91
CA TYR L 571 109.70 73.18 93.45
C TYR L 571 108.80 72.21 94.21
N ILE L 572 109.23 70.95 94.21
CA ILE L 572 108.86 69.99 95.24
C ILE L 572 110.14 69.39 95.77
N ARG L 573 110.19 69.26 97.08
CA ARG L 573 111.28 68.70 97.87
C ARG L 573 110.68 67.78 98.91
N ASP L 574 111.24 66.61 99.06
CA ASP L 574 110.76 65.59 99.99
C ASP L 574 111.94 64.65 100.29
N PHE L 575 111.84 63.87 101.34
CA PHE L 575 112.82 62.84 101.62
C PHE L 575 112.12 61.66 102.26
N ASN L 576 112.68 60.47 102.16
CA ASN L 576 112.13 59.28 102.79
C ASN L 576 113.24 58.60 103.58
N ILE L 577 112.90 58.06 104.75
CA ILE L 577 113.80 57.20 105.49
C ILE L 577 113.34 55.75 105.41
N SER L 578 114.31 54.85 105.34
CA SER L 578 114.11 53.41 105.46
C SER L 578 113.05 53.04 106.51
N ASN L 579 111.91 52.47 106.12
CA ASN L 579 110.74 52.23 106.98
C ASN L 579 110.82 50.95 107.84
N ASP L 580 112.01 50.60 108.33
CA ASP L 580 112.27 49.39 109.11
C ASP L 580 113.20 49.70 110.29
N SER L 581 113.36 48.76 111.22
CA SER L 581 114.14 48.96 112.45
C SER L 581 115.66 49.02 112.26
N THR L 582 116.19 48.87 111.04
CA THR L 582 117.61 48.54 110.81
C THR L 582 118.34 49.47 109.84
N GLY L 583 117.72 49.88 108.74
CA GLY L 583 118.34 50.81 107.79
C GLY L 583 118.55 52.19 108.42
N SER L 584 119.68 52.85 108.16
CA SER L 584 119.90 54.28 108.53
C SER L 584 120.01 55.21 107.31
N SER L 585 119.79 54.68 106.11
CA SER L 585 119.88 55.44 104.86
C SER L 585 118.76 56.48 104.75
N VAL L 586 119.04 57.58 104.05
CA VAL L 586 118.04 58.63 103.76
C VAL L 586 118.01 58.93 102.25
N ASP L 587 116.81 58.92 101.66
CA ASP L 587 116.59 59.21 100.24
C ASP L 587 116.03 60.61 100.07
N PHE L 588 116.68 61.43 99.25
CA PHE L 588 116.29 62.81 98.97
C PHE L 588 115.65 62.86 97.58
N PHE L 589 114.47 63.47 97.45
CA PHE L 589 113.76 63.70 96.18
C PHE L 589 113.56 65.20 95.96
N GLU L 590 114.03 65.73 94.83
CA GLU L 590 113.80 67.12 94.46
C GLU L 590 113.45 67.22 92.97
N GLY L 591 112.66 68.22 92.62
CA GLY L 591 112.40 68.60 91.25
C GLY L 591 111.64 69.91 91.20
N TYR L 592 111.44 70.47 90.02
CA TYR L 592 110.60 71.66 89.86
C TYR L 592 109.83 71.64 88.56
N CYS L 593 108.72 72.35 88.55
CA CYS L 593 108.12 72.92 87.36
C CYS L 593 108.58 74.38 87.16
N THR L 594 108.40 74.83 85.92
CA THR L 594 108.59 76.19 85.42
C THR L 594 107.29 76.68 84.81
N PHE L 595 107.11 78.00 84.71
CA PHE L 595 105.94 78.61 84.06
C PHE L 595 106.38 79.39 82.80
N PRO L 596 106.49 78.73 81.61
CA PRO L 596 106.78 79.41 80.36
C PRO L 596 105.76 80.50 80.02
N THR L 597 104.50 80.33 80.41
CA THR L 597 103.42 81.34 80.32
C THR L 597 102.58 81.31 81.59
N ARG L 598 101.86 82.39 81.89
CA ARG L 598 100.93 82.43 83.04
C ARG L 598 99.69 81.55 82.86
N THR L 599 99.54 80.93 81.68
CA THR L 599 98.61 79.83 81.41
C THR L 599 99.32 78.51 81.07
N SER L 600 100.58 78.28 81.48
CA SER L 600 101.22 76.96 81.27
C SER L 600 102.27 76.60 82.30
N VAL L 601 102.48 75.29 82.46
CA VAL L 601 103.38 74.68 83.44
C VAL L 601 104.25 73.64 82.74
N GLN L 602 105.54 73.58 83.05
CA GLN L 602 106.45 72.63 82.41
C GLN L 602 107.50 72.09 83.40
N PRO L 603 107.56 70.76 83.65
CA PRO L 603 108.58 70.15 84.49
C PRO L 603 109.99 70.45 83.99
N GLY L 604 110.80 71.11 84.82
CA GLY L 604 112.20 71.43 84.51
C GLY L 604 113.18 70.32 84.87
N MET L 605 112.92 69.56 85.94
CA MET L 605 113.87 68.60 86.51
C MET L 605 113.24 67.69 87.58
N VAL L 606 113.70 66.43 87.66
CA VAL L 606 113.62 65.59 88.87
C VAL L 606 114.93 64.84 89.13
N LYS L 607 115.33 64.78 90.40
CA LYS L 607 116.55 64.09 90.86
C LYS L 607 116.34 63.44 92.22
N SER L 608 116.98 62.29 92.44
CA SER L 608 117.06 61.70 93.78
C SER L 608 118.48 61.28 94.16
N ILE L 609 118.82 61.41 95.43
CA ILE L 609 120.13 61.05 96.02
C ILE L 609 119.86 60.10 97.19
N THR L 610 120.74 59.13 97.40
CA THR L 610 120.74 58.28 98.60
C THR L 610 121.96 58.59 99.46
N LEU L 611 121.75 58.91 100.74
CA LEU L 611 122.76 58.80 101.78
C LEU L 611 122.76 57.36 102.30
N ASP L 612 123.83 56.63 101.97
CA ASP L 612 124.02 55.23 102.33
C ASP L 612 124.55 55.09 103.76
N GLY L 613 123.72 54.56 104.63
CA GLY L 613 124.03 54.39 106.04
C GLY L 613 124.89 53.18 106.41
N SER L 614 125.37 52.42 105.44
CA SER L 614 126.29 51.30 105.69
C SER L 614 127.76 51.66 105.42
N THR L 615 128.02 52.61 104.50
CA THR L 615 129.37 53.17 104.19
C THR L 615 129.56 54.60 104.72
N ASN L 616 128.46 55.31 105.04
CA ASN L 616 128.41 56.73 105.39
C ASN L 616 128.84 57.64 104.21
N THR L 617 128.24 57.41 103.04
CA THR L 617 128.56 58.13 101.80
C THR L 617 127.29 58.51 101.04
N THR L 618 127.38 59.48 100.12
CA THR L 618 126.23 60.01 99.36
C THR L 618 126.33 59.68 97.87
N LYS L 619 125.20 59.39 97.18
CA LYS L 619 125.20 59.03 95.75
C LYS L 619 123.94 59.49 94.99
N VAL L 620 124.06 59.77 93.69
CA VAL L 620 122.90 59.99 92.78
C VAL L 620 122.19 58.65 92.54
N ALA L 621 120.91 58.59 92.89
CA ALA L 621 120.04 57.42 92.70
C ALA L 621 119.12 57.54 91.46
N SER L 622 118.71 58.76 91.06
CA SER L 622 117.99 59.04 89.78
C SER L 622 118.22 60.44 89.25
N TRP L 623 118.02 60.59 87.94
CA TRP L 623 118.10 61.85 87.20
C TRP L 623 117.13 61.82 86.01
N ASN L 624 116.10 62.66 86.04
CA ASN L 624 115.07 62.81 85.00
C ASN L 624 114.40 61.49 84.55
N GLU L 625 114.41 60.48 85.41
CA GLU L 625 113.54 59.31 85.33
C GLU L 625 112.08 59.72 85.58
N LYS L 626 111.12 59.06 84.93
CA LYS L 626 109.72 59.10 85.39
C LYS L 626 109.53 58.23 86.63
N GLU L 627 108.38 58.36 87.28
CA GLU L 627 107.95 57.60 88.46
C GLU L 627 108.59 58.01 89.80
N ARG L 628 109.23 59.19 89.89
CA ARG L 628 109.87 59.67 91.14
C ARG L 628 108.97 60.64 91.92
N ILE L 629 108.51 61.73 91.28
CA ILE L 629 107.64 62.78 91.85
C ILE L 629 106.48 63.02 90.87
N LYS L 630 105.25 63.12 91.35
CA LYS L 630 104.07 63.31 90.49
C LYS L 630 103.09 64.32 91.08
N VAL L 631 102.54 65.20 90.25
CA VAL L 631 101.51 66.20 90.63
C VAL L 631 100.17 65.86 89.98
N TYR L 632 99.12 65.69 90.79
CA TYR L 632 97.81 65.22 90.32
C TYR L 632 96.78 66.32 90.03
N ASN L 633 96.98 67.52 90.60
CA ASN L 633 96.10 68.66 90.39
C ASN L 633 96.84 69.99 90.56
N ILE L 634 96.26 71.05 90.01
CA ILE L 634 96.66 72.41 90.34
C ILE L 634 95.41 73.23 90.67
N MET L 635 95.35 73.72 91.90
CA MET L 635 94.30 74.63 92.40
C MET L 635 94.86 76.04 92.39
N GLY L 636 94.14 76.97 91.77
CA GLY L 636 94.33 78.40 91.98
C GLY L 636 93.53 78.84 93.20
N ILE L 637 94.12 79.64 94.07
CA ILE L 637 93.50 80.14 95.31
C ILE L 637 93.65 81.66 95.40
N ASN L 638 92.59 82.33 95.88
CA ASN L 638 92.61 83.74 96.25
C ASN L 638 92.63 83.92 97.77
N ARG L 639 93.45 84.84 98.30
CA ARG L 639 93.55 85.17 99.75
C ARG L 639 93.77 86.68 100.00
N GLY L 640 93.51 87.14 101.24
CA GLY L 640 93.54 88.56 101.64
C GLY L 640 94.88 89.09 102.15
N MET M 1 69.14 -26.80 -71.44
CA MET M 1 68.19 -26.40 -72.53
C MET M 1 66.86 -27.16 -72.39
N VAL M 2 66.00 -27.09 -73.42
CA VAL M 2 64.67 -27.69 -73.32
C VAL M 2 64.77 -29.21 -73.15
N VAL M 3 65.73 -29.85 -73.82
CA VAL M 3 65.77 -31.31 -73.81
C VAL M 3 66.37 -31.85 -72.52
N ARG M 4 67.15 -31.04 -71.80
CA ARG M 4 67.83 -31.50 -70.59
C ARG M 4 66.87 -31.88 -69.47
N PHE M 5 65.60 -31.48 -69.55
CA PHE M 5 64.64 -31.69 -68.46
C PHE M 5 64.27 -33.16 -68.47
N GLN M 6 65.14 -33.97 -67.85
CA GLN M 6 64.94 -35.41 -67.70
C GLN M 6 65.33 -35.80 -66.28
N SER M 7 65.18 -37.08 -65.97
CA SER M 7 65.59 -37.57 -64.66
C SER M 7 67.08 -37.38 -64.47
N SER M 8 67.45 -36.66 -63.42
CA SER M 8 68.85 -36.40 -63.10
C SER M 8 68.99 -36.26 -61.58
N MET M 9 70.22 -36.43 -61.11
CA MET M 9 70.52 -36.39 -59.70
C MET M 9 72.01 -36.07 -59.54
N GLY M 10 72.32 -35.50 -58.39
CA GLY M 10 73.65 -35.11 -58.00
C GLY M 10 73.98 -33.66 -58.31
N ARG M 11 75.03 -33.17 -57.64
CA ARG M 11 75.52 -31.84 -58.00
C ARG M 11 76.10 -31.86 -59.40
N SER M 12 76.75 -32.94 -59.78
CA SER M 12 77.25 -33.12 -61.14
C SER M 12 76.19 -33.85 -61.94
N LEU M 13 76.10 -33.54 -63.22
CA LEU M 13 75.01 -34.10 -64.01
C LEU M 13 75.23 -35.58 -64.23
N LYS M 14 74.20 -36.37 -63.96
CA LYS M 14 74.30 -37.82 -64.08
C LYS M 14 72.97 -38.33 -64.58
N ARG M 15 72.99 -39.24 -65.55
CA ARG M 15 71.74 -39.76 -66.09
C ARG M 15 71.24 -40.81 -65.11
N VAL M 16 70.12 -40.50 -64.45
CA VAL M 16 69.45 -41.46 -63.59
C VAL M 16 68.68 -42.43 -64.48
N ASP M 17 68.81 -43.72 -64.20
CA ASP M 17 68.20 -44.74 -65.02
C ASP M 17 67.98 -46.00 -64.19
N SER M 18 67.89 -47.16 -64.83
CA SER M 18 67.73 -48.43 -64.12
C SER M 18 69.00 -48.89 -63.42
N ASP M 19 70.10 -48.15 -63.53
CA ASP M 19 71.26 -48.45 -62.70
C ASP M 19 71.05 -47.93 -61.29
N ASP M 20 70.45 -46.75 -61.15
CA ASP M 20 70.26 -46.17 -59.83
C ASP M 20 69.32 -47.02 -58.96
N LEU M 21 68.38 -47.73 -59.60
CA LEU M 21 67.47 -48.60 -58.85
C LEU M 21 68.23 -49.72 -58.15
N ASN M 22 69.30 -50.21 -58.78
CA ASN M 22 70.07 -51.30 -58.19
C ASN M 22 70.88 -50.79 -57.02
N VAL M 23 70.79 -51.50 -55.89
CA VAL M 23 71.53 -51.12 -54.69
C VAL M 23 73.00 -51.48 -54.91
N LYS M 24 73.90 -50.70 -54.31
CA LYS M 24 75.32 -51.03 -54.27
C LYS M 24 75.72 -51.34 -52.83
N GLY M 25 76.06 -52.59 -52.58
CA GLY M 25 76.66 -52.99 -51.33
C GLY M 25 75.73 -53.76 -50.41
N LEU M 26 76.05 -53.73 -49.12
CA LEU M 26 75.35 -54.46 -48.08
C LEU M 26 74.68 -53.45 -47.15
N VAL M 27 73.54 -53.85 -46.58
CA VAL M 27 72.75 -52.99 -45.70
C VAL M 27 72.36 -53.79 -44.47
N LEU M 28 72.05 -53.08 -43.38
CA LEU M 28 71.66 -53.72 -42.14
C LEU M 28 70.16 -53.60 -41.90
N ALA M 29 69.64 -54.53 -41.10
CA ALA M 29 68.22 -54.60 -40.80
C ALA M 29 68.05 -55.28 -39.44
N THR M 30 66.82 -55.22 -38.93
CA THR M 30 66.48 -55.88 -37.67
C THR M 30 65.44 -56.96 -37.90
N VAL M 31 65.57 -58.05 -37.13
CA VAL M 31 64.67 -59.19 -37.23
C VAL M 31 63.40 -58.86 -36.47
N SER M 32 62.29 -58.67 -37.19
CA SER M 32 61.00 -58.38 -36.57
C SER M 32 60.19 -59.65 -36.32
N LYS M 33 60.12 -60.56 -37.29
CA LYS M 33 59.31 -61.76 -37.19
C LYS M 33 60.07 -62.94 -37.78
N ILE M 34 59.83 -64.13 -37.22
CA ILE M 34 60.51 -65.34 -37.65
C ILE M 34 59.45 -66.39 -37.99
N ASN M 35 59.70 -67.16 -39.03
CA ASN M 35 58.87 -68.30 -39.43
C ASN M 35 59.54 -69.53 -38.85
N TYR M 36 59.03 -69.98 -37.70
CA TYR M 36 59.68 -71.05 -36.95
C TYR M 36 59.62 -72.38 -37.70
N LYS M 37 58.59 -72.60 -38.52
CA LYS M 37 58.47 -73.88 -39.19
C LYS M 37 59.53 -74.03 -40.26
N TYR M 38 59.77 -72.96 -41.01
CA TYR M 38 60.77 -72.91 -42.07
C TYR M 38 62.08 -72.26 -41.63
N GLN M 39 62.09 -71.62 -40.44
CA GLN M 39 63.27 -70.92 -39.94
C GLN M 39 63.79 -69.93 -40.97
N SER M 40 62.88 -69.14 -41.53
CA SER M 40 63.22 -68.07 -42.45
C SER M 40 62.58 -66.79 -41.92
N VAL M 41 63.40 -65.78 -41.63
CA VAL M 41 62.90 -64.57 -40.99
C VAL M 41 62.49 -63.53 -42.02
N GLU M 42 61.83 -62.47 -41.54
CA GLU M 42 61.59 -61.26 -42.32
C GLU M 42 62.21 -60.10 -41.55
N VAL M 43 63.07 -59.37 -42.22
CA VAL M 43 63.84 -58.29 -41.62
C VAL M 43 63.17 -56.97 -41.98
N LYS M 44 63.24 -56.00 -41.07
CA LYS M 44 62.65 -54.68 -41.27
C LYS M 44 63.76 -53.67 -41.55
N VAL M 45 63.58 -52.90 -42.62
CA VAL M 45 64.40 -51.72 -42.89
C VAL M 45 63.82 -50.62 -42.02
N ASN M 46 64.52 -49.48 -41.90
CA ASN M 46 64.11 -48.38 -41.03
C ASN M 46 62.67 -47.94 -41.24
N ASN M 47 62.18 -48.04 -42.49
CA ASN M 47 60.80 -47.72 -42.81
C ASN M 47 60.31 -48.61 -43.95
N LEU M 48 60.74 -49.87 -43.98
CA LEU M 48 60.30 -50.84 -44.97
C LEU M 48 60.56 -52.23 -44.42
N THR M 49 59.78 -53.19 -44.88
CA THR M 49 59.97 -54.59 -44.48
C THR M 49 60.22 -55.45 -45.71
N LEU M 50 61.34 -56.17 -45.71
CA LEU M 50 61.75 -57.06 -46.79
C LEU M 50 61.18 -58.46 -46.55
N GLY M 51 61.38 -59.33 -47.52
CA GLY M 51 60.73 -60.63 -47.50
C GLY M 51 59.23 -60.45 -47.53
N SER M 52 58.57 -61.12 -46.58
CA SER M 52 57.21 -60.82 -46.14
C SER M 52 56.21 -60.58 -47.29
N ARG M 53 55.97 -61.62 -48.10
CA ARG M 53 54.93 -61.60 -49.13
C ARG M 53 53.66 -62.35 -48.65
N ILE M 54 52.70 -62.58 -49.56
CA ILE M 54 51.46 -63.30 -49.25
C ILE M 54 51.76 -64.72 -48.76
N GLY M 55 52.77 -65.38 -49.33
CA GLY M 55 53.28 -66.62 -48.80
C GLY M 55 53.58 -66.58 -47.31
N ASP M 56 52.92 -67.48 -46.56
CA ASP M 56 53.04 -67.53 -45.11
C ASP M 56 54.48 -67.73 -44.66
N ASP M 57 55.09 -68.84 -45.08
CA ASP M 57 56.42 -69.19 -44.59
C ASP M 57 57.27 -69.90 -45.64
N GLY M 58 56.72 -70.83 -46.43
CA GLY M 58 57.61 -71.60 -47.29
C GLY M 58 58.01 -71.00 -48.63
N SER M 59 57.04 -70.48 -49.41
CA SER M 59 57.33 -70.18 -50.80
C SER M 59 58.08 -68.86 -51.00
N LEU M 60 58.08 -67.98 -50.01
CA LEU M 60 58.88 -66.75 -50.02
C LEU M 60 59.31 -66.44 -48.58
N ALA M 61 60.58 -66.08 -48.40
CA ALA M 61 61.13 -65.62 -47.13
C ALA M 61 62.61 -65.27 -47.35
N VAL M 62 63.30 -64.85 -46.30
CA VAL M 62 64.74 -64.58 -46.33
C VAL M 62 65.46 -65.79 -45.74
N PRO M 63 66.38 -66.44 -46.47
CA PRO M 63 67.18 -67.54 -45.89
C PRO M 63 68.13 -67.09 -44.79
N TYR M 64 68.51 -68.06 -43.92
CA TYR M 64 69.44 -67.76 -42.82
C TYR M 64 70.69 -68.63 -42.93
N PRO M 65 71.88 -68.16 -42.53
CA PRO M 65 73.07 -69.01 -42.68
C PRO M 65 73.01 -70.24 -41.78
N LYS M 66 73.58 -71.33 -42.28
CA LYS M 66 73.68 -72.60 -41.58
C LYS M 66 75.14 -72.98 -41.36
N SER M 67 75.43 -73.62 -40.24
CA SER M 67 76.77 -74.13 -39.98
C SER M 67 77.21 -75.12 -41.05
N PHE M 68 76.34 -76.07 -41.38
CA PHE M 68 76.57 -77.09 -42.40
C PHE M 68 75.28 -77.87 -42.62
N ILE M 69 75.09 -78.35 -43.84
CA ILE M 69 73.88 -79.08 -44.21
C ILE M 69 74.23 -79.97 -45.39
N GLY M 70 73.64 -81.16 -45.44
CA GLY M 70 73.86 -82.04 -46.57
C GLY M 70 72.98 -83.28 -46.48
N ARG M 71 73.28 -84.25 -47.34
CA ARG M 71 72.61 -85.54 -47.37
C ARG M 71 73.67 -86.63 -47.46
N THR M 72 73.41 -87.72 -46.74
CA THR M 72 74.26 -88.90 -46.71
C THR M 72 74.00 -89.78 -47.92
N PRO M 73 74.92 -90.69 -48.26
CA PRO M 73 74.66 -91.63 -49.36
C PRO M 73 73.40 -92.46 -49.19
N GLU M 74 73.04 -92.81 -47.95
CA GLU M 74 71.82 -93.56 -47.72
C GLU M 74 70.59 -92.76 -48.13
N GLY M 75 70.68 -91.43 -48.08
CA GLY M 75 69.62 -90.50 -48.44
C GLY M 75 69.18 -89.59 -47.32
N SER M 76 69.47 -89.94 -46.07
CA SER M 76 68.94 -89.18 -44.95
C SER M 76 69.59 -87.80 -44.89
N VAL M 77 68.80 -86.78 -44.53
CA VAL M 77 69.30 -85.42 -44.57
C VAL M 77 69.82 -85.06 -43.20
N PHE M 78 70.91 -84.29 -43.15
CA PHE M 78 71.49 -83.86 -41.89
C PHE M 78 71.88 -82.41 -42.03
N GLY M 79 71.98 -81.72 -40.90
CA GLY M 79 72.32 -80.31 -40.95
C GLY M 79 72.31 -79.71 -39.56
N THR M 80 72.10 -78.39 -39.52
CA THR M 80 72.02 -77.70 -38.24
C THR M 80 70.92 -76.65 -38.30
N LYS M 81 70.43 -76.27 -37.13
CA LYS M 81 69.45 -75.18 -36.97
C LYS M 81 70.03 -74.21 -35.95
N PRO M 82 70.84 -73.24 -36.37
CA PRO M 82 71.37 -72.27 -35.41
C PRO M 82 70.26 -71.41 -34.82
N LEU M 83 70.43 -71.06 -33.55
CA LEU M 83 69.44 -70.24 -32.84
C LEU M 83 69.17 -68.93 -33.58
N ILE M 84 67.89 -68.55 -33.61
CA ILE M 84 67.43 -67.31 -34.22
C ILE M 84 66.83 -66.43 -33.13
N THR M 85 67.09 -65.14 -33.20
CA THR M 85 66.70 -64.19 -32.16
C THR M 85 66.02 -62.98 -32.76
N GLU M 86 64.95 -62.52 -32.10
CA GLU M 86 64.22 -61.36 -32.58
C GLU M 86 64.90 -60.06 -32.11
N GLY M 87 64.85 -59.04 -32.96
CA GLY M 87 65.47 -57.77 -32.68
C GLY M 87 66.99 -57.75 -32.77
N SER M 88 67.62 -58.79 -33.30
CA SER M 88 69.05 -58.75 -33.55
C SER M 88 69.38 -58.10 -34.89
N VAL M 89 70.59 -57.54 -34.98
CA VAL M 89 71.03 -56.84 -36.18
C VAL M 89 71.68 -57.86 -37.11
N VAL M 90 71.26 -57.87 -38.38
CA VAL M 90 71.77 -58.84 -39.34
C VAL M 90 72.21 -58.14 -40.62
N LEU M 91 73.38 -58.52 -41.13
CA LEU M 91 73.90 -58.03 -42.39
C LEU M 91 73.26 -58.78 -43.55
N ILE M 92 72.93 -58.06 -44.63
CA ILE M 92 72.18 -58.58 -45.75
C ILE M 92 72.92 -58.27 -47.04
N GLY M 93 72.94 -59.24 -47.95
CA GLY M 93 73.53 -59.08 -49.26
C GLY M 93 72.57 -59.50 -50.36
N PHE M 94 72.15 -58.55 -51.19
CA PHE M 94 71.17 -58.80 -52.22
C PHE M 94 71.80 -59.57 -53.39
N LEU M 95 71.02 -60.48 -53.98
CA LEU M 95 71.51 -61.21 -55.14
C LEU M 95 71.57 -60.33 -56.37
N ASN M 96 72.71 -60.35 -57.04
CA ASN M 96 72.98 -59.56 -58.25
C ASN M 96 72.68 -58.08 -58.03
N ASP M 97 72.88 -57.61 -56.79
CA ASP M 97 72.59 -56.23 -56.37
C ASP M 97 71.19 -55.80 -56.79
N ASP M 98 70.21 -56.70 -56.64
CA ASP M 98 68.81 -56.42 -56.92
C ASP M 98 68.03 -56.23 -55.62
N ILE M 99 67.35 -55.09 -55.46
CA ILE M 99 66.41 -55.01 -54.35
C ILE M 99 65.23 -55.91 -54.70
N ASN M 100 64.59 -56.46 -53.66
CA ASN M 100 63.71 -57.63 -53.73
C ASN M 100 64.49 -58.90 -54.14
N SER M 101 65.57 -59.18 -53.41
CA SER M 101 66.36 -60.42 -53.49
C SER M 101 67.30 -60.55 -52.27
N PRO M 102 66.76 -60.54 -51.03
CA PRO M 102 67.61 -60.50 -49.84
C PRO M 102 68.15 -61.86 -49.38
N ILE M 103 69.34 -61.84 -48.75
CA ILE M 103 69.86 -62.97 -47.98
C ILE M 103 70.60 -62.44 -46.76
N ILE M 104 70.52 -63.14 -45.62
CA ILE M 104 71.27 -62.77 -44.41
C ILE M 104 72.65 -63.42 -44.46
N LEU M 105 73.69 -62.60 -44.25
CA LEU M 105 75.07 -63.08 -44.26
C LEU M 105 75.52 -63.55 -42.88
N SER M 106 75.21 -62.78 -41.84
CA SER M 106 75.66 -63.08 -40.47
C SER M 106 74.90 -62.18 -39.51
N VAL M 107 75.11 -62.43 -38.22
CA VAL M 107 74.43 -61.70 -37.14
C VAL M 107 75.48 -61.04 -36.27
N TYR M 108 75.39 -59.72 -36.16
CA TYR M 108 76.31 -58.90 -35.40
C TYR M 108 75.57 -58.23 -34.23
N GLY M 109 76.17 -58.32 -33.04
CA GLY M 109 75.58 -57.75 -31.85
C GLY M 109 76.02 -56.33 -31.59
N ASP M 110 75.34 -55.69 -30.63
CA ASP M 110 75.64 -54.31 -30.32
C ASP M 110 76.90 -54.23 -29.44
N ASN M 111 77.49 -53.04 -29.41
CA ASN M 111 78.70 -52.85 -28.61
C ASN M 111 78.44 -53.13 -27.13
N GLU M 112 77.30 -52.66 -26.62
CA GLU M 112 76.93 -52.97 -25.25
C GLU M 112 76.77 -54.46 -25.03
N GLN M 113 76.01 -55.13 -25.91
CA GLN M 113 75.81 -56.57 -25.76
C GLN M 113 77.14 -57.31 -25.79
N ASN M 114 78.04 -56.93 -26.69
CA ASN M 114 79.34 -57.59 -26.78
C ASN M 114 80.17 -57.34 -25.53
N LYS M 115 80.05 -56.14 -24.97
CA LYS M 115 80.78 -55.79 -23.76
C LYS M 115 80.24 -56.53 -22.55
N MET M 116 78.98 -56.97 -22.61
CA MET M 116 78.35 -57.61 -21.47
C MET M 116 78.69 -59.10 -21.40
N ILE M 117 78.88 -59.72 -22.56
CA ILE M 117 79.00 -61.16 -22.74
C ILE M 117 80.45 -61.58 -22.91
N ASN M 118 81.39 -60.76 -22.41
CA ASN M 118 82.81 -61.09 -22.38
C ASN M 118 83.40 -60.81 -21.01
N THR M 119 84.26 -61.72 -20.56
CA THR M 119 84.98 -61.60 -19.29
C THR M 119 86.44 -61.21 -19.44
N ASN M 120 86.83 -60.63 -20.57
CA ASN M 120 88.22 -60.27 -20.76
C ASN M 120 88.43 -58.87 -20.18
N PRO M 121 89.30 -58.69 -19.18
CA PRO M 121 89.50 -57.36 -18.61
C PRO M 121 90.55 -56.51 -19.34
N LEU M 122 91.38 -57.15 -20.17
CA LEU M 122 92.41 -56.43 -20.90
C LEU M 122 91.80 -55.44 -21.89
N ASP M 123 92.30 -54.21 -21.88
CA ASP M 123 91.83 -53.24 -22.87
C ASP M 123 92.37 -53.56 -24.26
N GLY M 124 93.60 -54.05 -24.34
CA GLY M 124 94.26 -54.25 -25.62
C GLY M 124 95.62 -54.86 -25.41
N GLY M 125 96.23 -55.28 -26.51
CA GLY M 125 97.53 -55.94 -26.49
C GLY M 125 97.63 -56.98 -27.60
N LYS M 126 98.86 -57.19 -28.08
CA LYS M 126 99.10 -58.15 -29.13
C LYS M 126 98.74 -59.55 -28.65
N PHE M 127 98.16 -60.35 -29.55
CA PHE M 127 97.73 -61.69 -29.21
C PHE M 127 98.91 -62.63 -28.96
N ASP M 128 100.08 -62.31 -29.50
CA ASP M 128 101.27 -63.17 -29.35
C ASP M 128 101.87 -63.13 -27.95
N THR M 129 101.45 -62.25 -27.06
CA THR M 129 102.02 -62.18 -25.72
C THR M 129 101.51 -63.35 -24.90
N GLU M 130 102.41 -63.97 -24.14
CA GLU M 130 102.02 -65.14 -23.33
C GLU M 130 100.95 -64.77 -22.32
N SER M 131 101.10 -63.63 -21.64
CA SER M 131 100.14 -63.24 -20.61
C SER M 131 98.77 -62.95 -21.24
N VAL M 132 98.76 -62.19 -22.33
CA VAL M 132 97.52 -61.89 -23.05
C VAL M 132 96.88 -63.17 -23.57
N TYR M 133 97.66 -64.21 -23.86
CA TYR M 133 97.08 -65.46 -24.34
C TYR M 133 96.19 -66.11 -23.29
N LYS M 134 96.46 -65.86 -22.00
CA LYS M 134 95.68 -66.47 -20.94
C LYS M 134 94.23 -66.02 -20.96
N TYR M 135 94.00 -64.74 -21.27
CA TYR M 135 92.68 -64.13 -21.28
C TYR M 135 92.08 -64.00 -22.67
N SER M 136 92.88 -63.64 -23.67
CA SER M 136 92.35 -63.47 -25.01
C SER M 136 91.78 -64.78 -25.52
N SER M 137 92.58 -65.85 -25.44
CA SER M 137 92.23 -67.18 -25.93
C SER M 137 91.15 -67.82 -25.06
N SER M 138 89.89 -67.46 -25.31
CA SER M 138 88.78 -67.95 -24.50
C SER M 138 87.56 -68.06 -25.40
N LEU M 139 87.27 -69.28 -25.84
CA LEU M 139 86.02 -69.61 -26.52
C LEU M 139 84.90 -69.57 -25.49
N TYR M 140 84.42 -68.36 -25.23
CA TYR M 140 83.37 -68.09 -24.27
C TYR M 140 82.05 -68.05 -25.04
N GLU M 141 81.10 -68.90 -24.64
CA GLU M 141 79.81 -69.01 -25.30
C GLU M 141 78.72 -69.19 -24.24
N ILE M 142 77.54 -68.64 -24.50
CA ILE M 142 76.39 -68.76 -23.60
C ILE M 142 75.23 -69.29 -24.44
N LEU M 143 74.62 -70.38 -23.95
CA LEU M 143 73.47 -70.98 -24.60
C LEU M 143 72.26 -70.04 -24.49
N PRO M 144 71.17 -70.29 -25.25
CA PRO M 144 69.89 -69.66 -24.86
C PRO M 144 69.54 -69.80 -23.39
N SER M 145 69.69 -70.98 -22.79
CA SER M 145 69.69 -71.07 -21.33
C SER M 145 70.88 -70.34 -20.75
N LEU M 146 70.65 -69.64 -19.62
CA LEU M 146 71.67 -68.77 -19.06
C LEU M 146 72.85 -69.53 -18.49
N ASN M 147 72.79 -70.86 -18.44
CA ASN M 147 73.97 -71.66 -18.15
C ASN M 147 74.86 -71.68 -19.39
N TYR M 148 76.15 -71.49 -19.17
CA TYR M 148 77.10 -71.21 -20.24
C TYR M 148 78.12 -72.33 -20.35
N LYS M 149 78.92 -72.23 -21.40
CA LYS M 149 80.02 -73.14 -21.68
C LYS M 149 81.26 -72.29 -21.90
N TYR M 150 82.42 -72.77 -21.43
CA TYR M 150 83.63 -71.97 -21.45
C TYR M 150 84.80 -72.88 -21.79
N ASP M 151 85.71 -72.36 -22.60
CA ASP M 151 86.97 -73.03 -22.88
C ASP M 151 88.04 -71.95 -22.94
N ASP M 152 89.31 -72.36 -22.78
CA ASP M 152 90.40 -71.40 -22.74
C ASP M 152 91.66 -72.04 -23.29
N GLY M 153 92.63 -71.20 -23.66
CA GLY M 153 93.89 -71.73 -24.13
C GLY M 153 94.67 -72.43 -23.03
N GLU M 154 94.41 -72.06 -21.78
CA GLU M 154 94.99 -72.76 -20.64
C GLU M 154 94.15 -74.01 -20.41
N GLY M 155 94.45 -74.72 -19.33
CA GLY M 155 93.79 -75.99 -19.05
C GLY M 155 92.44 -75.84 -18.39
N THR M 156 92.10 -74.63 -17.96
CA THR M 156 90.76 -74.40 -17.43
C THR M 156 89.70 -74.61 -18.51
N SER M 157 88.62 -75.29 -18.12
CA SER M 157 87.44 -75.43 -18.96
C SER M 157 86.26 -75.65 -18.02
N ILE M 158 85.18 -74.89 -18.22
CA ILE M 158 84.03 -74.85 -17.32
C ILE M 158 82.75 -75.03 -18.13
N ARG M 159 81.84 -75.86 -17.61
CA ARG M 159 80.52 -76.05 -18.20
C ARG M 159 79.49 -76.00 -17.08
N THR M 160 78.33 -75.43 -17.39
CA THR M 160 77.28 -75.19 -16.41
C THR M 160 75.98 -75.82 -16.88
N TYR M 161 75.13 -76.16 -15.90
CA TYR M 161 73.83 -76.76 -16.16
C TYR M 161 72.81 -76.09 -15.23
N ASN M 162 71.61 -76.66 -15.18
CA ASN M 162 70.51 -76.04 -14.44
C ASN M 162 70.84 -75.89 -12.96
N GLY M 163 70.35 -74.80 -12.37
CA GLY M 163 70.77 -74.44 -11.03
C GLY M 163 72.24 -74.08 -11.01
N LYS M 164 72.86 -74.26 -9.85
CA LYS M 164 74.26 -73.94 -9.64
C LYS M 164 75.18 -75.10 -10.01
N SER M 165 74.65 -76.14 -10.64
CA SER M 165 75.47 -77.30 -10.96
C SER M 165 76.41 -76.93 -12.09
N PHE M 166 77.60 -77.50 -12.06
CA PHE M 166 78.59 -77.22 -13.09
C PHE M 166 79.56 -78.37 -13.19
N PHE M 167 80.30 -78.36 -14.29
CA PHE M 167 81.41 -79.27 -14.52
C PHE M 167 82.64 -78.42 -14.84
N SER M 168 83.78 -78.80 -14.27
CA SER M 168 85.00 -78.01 -14.44
C SER M 168 86.21 -78.92 -14.42
N MET M 169 87.29 -78.43 -15.05
CA MET M 169 88.56 -79.12 -15.05
C MET M 169 89.69 -78.11 -15.15
N THR M 170 90.84 -78.46 -14.58
CA THR M 170 92.02 -77.61 -14.62
C THR M 170 93.21 -78.41 -14.11
N SER M 171 94.41 -77.90 -14.41
CA SER M 171 95.67 -78.56 -14.07
C SER M 171 96.62 -77.72 -13.25
N GLY M 172 96.64 -76.39 -13.43
CA GLY M 172 97.55 -75.56 -12.66
C GLY M 172 97.17 -75.56 -11.19
N GLU M 173 98.20 -75.62 -10.33
CA GLU M 173 97.95 -75.54 -8.89
C GLU M 173 97.39 -74.17 -8.52
N GLU M 174 97.81 -73.11 -9.22
CA GLU M 174 97.23 -71.80 -8.96
C GLU M 174 95.70 -71.82 -9.14
N GLU M 175 95.23 -72.47 -10.20
CA GLU M 175 93.83 -72.58 -10.52
C GLU M 175 93.12 -73.72 -9.80
N LYS M 176 93.82 -74.44 -8.92
CA LYS M 176 93.22 -75.58 -8.22
C LYS M 176 91.91 -75.28 -7.52
N PRO M 177 91.69 -74.10 -6.90
CA PRO M 177 90.36 -73.84 -6.32
C PRO M 177 89.21 -73.93 -7.32
N GLN M 178 89.44 -73.56 -8.58
CA GLN M 178 88.34 -73.50 -9.55
C GLN M 178 87.68 -74.85 -9.73
N ALA M 179 88.44 -75.94 -9.59
CA ALA M 179 87.93 -77.30 -9.75
C ALA M 179 88.45 -78.17 -8.59
N THR M 180 88.06 -77.80 -7.38
CA THR M 180 88.38 -78.53 -6.17
C THR M 180 87.11 -79.09 -5.55
N ASP M 181 87.28 -80.05 -4.64
CA ASP M 181 86.17 -80.64 -3.91
C ASP M 181 86.46 -80.71 -2.41
N PHE M 182 87.30 -79.79 -1.91
CA PHE M 182 87.61 -79.77 -0.48
C PHE M 182 86.40 -79.29 0.30
N TYR M 183 86.09 -79.99 1.39
CA TYR M 183 84.97 -79.66 2.26
C TYR M 183 83.67 -79.75 1.46
N THR M 184 83.04 -78.61 1.15
CA THR M 184 81.81 -78.61 0.36
C THR M 184 82.06 -78.43 -1.13
N GLY M 185 83.30 -78.16 -1.54
CA GLY M 185 83.61 -77.83 -2.92
C GLY M 185 83.58 -76.34 -3.17
N THR M 186 84.04 -75.97 -4.37
CA THR M 186 84.07 -74.58 -4.76
C THR M 186 82.68 -74.08 -5.09
N GLU M 187 82.37 -72.85 -4.68
CA GLU M 187 81.05 -72.30 -4.96
C GLU M 187 81.00 -71.81 -6.40
N TYR M 188 79.77 -71.64 -6.89
CA TYR M 188 79.58 -71.16 -8.26
C TYR M 188 80.01 -69.70 -8.41
N GLN M 189 79.92 -68.94 -7.33
CA GLN M 189 80.29 -67.54 -7.27
C GLN M 189 81.82 -67.36 -7.26
N ASP M 190 82.58 -68.39 -6.90
CA ASP M 190 84.04 -68.27 -6.91
C ASP M 190 84.60 -68.25 -8.32
N LEU M 191 83.88 -68.84 -9.29
CA LEU M 191 84.39 -68.89 -10.66
C LEU M 191 84.24 -67.52 -11.32
N PHE M 192 85.33 -67.01 -11.85
CA PHE M 192 85.25 -65.66 -12.40
C PHE M 192 84.53 -65.65 -13.76
N THR M 193 84.45 -66.80 -14.45
CA THR M 193 83.67 -66.86 -15.68
C THR M 193 82.17 -66.76 -15.44
N SER M 194 81.71 -66.94 -14.21
CA SER M 194 80.28 -66.89 -13.91
C SER M 194 79.71 -65.48 -13.82
N TYR M 195 80.50 -64.45 -14.12
CA TYR M 195 80.03 -63.07 -14.14
C TYR M 195 79.98 -62.48 -15.54
N TYR M 196 78.96 -61.67 -15.80
CA TYR M 196 78.93 -60.74 -16.91
C TYR M 196 80.05 -59.72 -16.81
N GLY M 197 80.38 -59.11 -17.94
CA GLY M 197 81.46 -58.13 -18.06
C GLY M 197 81.31 -56.93 -17.14
N ASN M 198 80.07 -56.54 -16.84
CA ASN M 198 79.79 -55.35 -16.03
C ASN M 198 79.52 -55.70 -14.58
N LYS M 199 80.31 -56.67 -14.10
CA LYS M 199 80.35 -57.31 -12.77
C LYS M 199 79.00 -57.70 -12.16
N THR M 200 78.12 -58.22 -12.98
CA THR M 200 76.87 -58.83 -12.53
C THR M 200 77.00 -60.35 -12.58
N LEU M 201 76.52 -61.09 -11.59
CA LEU M 201 76.54 -62.55 -11.66
C LEU M 201 75.63 -63.07 -12.79
N ILE M 202 76.06 -64.12 -13.49
CA ILE M 202 75.31 -64.82 -14.52
C ILE M 202 74.34 -65.77 -13.82
N GLU M 203 73.15 -65.29 -13.52
CA GLU M 203 72.13 -66.13 -12.90
C GLU M 203 71.74 -67.26 -13.85
N PRO M 204 71.59 -68.50 -13.39
CA PRO M 204 70.91 -69.49 -14.21
C PRO M 204 69.43 -69.19 -14.34
N ARG M 205 68.88 -69.51 -15.52
CA ARG M 205 67.46 -69.27 -15.78
C ARG M 205 66.60 -70.17 -14.92
N ILE M 206 66.99 -71.44 -14.80
CA ILE M 206 66.23 -72.45 -14.07
C ILE M 206 67.03 -72.83 -12.83
N GLN M 207 66.42 -72.65 -11.67
CA GLN M 207 67.07 -72.94 -10.39
C GLN M 207 66.79 -74.34 -9.86
N LYS M 208 65.82 -75.05 -10.44
CA LYS M 208 65.52 -76.41 -10.00
C LYS M 208 66.64 -77.36 -10.42
N ALA M 209 66.94 -78.31 -9.54
CA ALA M 209 68.06 -79.19 -9.81
C ALA M 209 67.72 -80.15 -10.94
N PRO M 210 68.72 -80.49 -11.80
CA PRO M 210 68.44 -81.42 -12.91
C PRO M 210 68.53 -82.87 -12.47
N ASN M 211 68.24 -83.79 -13.39
CA ASN M 211 68.45 -85.22 -13.17
C ASN M 211 69.08 -85.80 -14.42
N MET M 212 70.30 -86.31 -14.27
CA MET M 212 71.08 -86.81 -15.39
C MET M 212 70.97 -88.32 -15.50
N LEU M 213 71.35 -88.83 -16.66
CA LEU M 213 71.37 -90.27 -16.93
C LEU M 213 72.14 -90.52 -18.22
N PHE M 214 72.87 -91.63 -18.25
CA PHE M 214 73.67 -92.05 -19.41
C PHE M 214 73.18 -93.43 -19.80
N LYS M 215 72.16 -93.47 -20.66
CA LYS M 215 71.56 -94.72 -21.07
C LYS M 215 72.31 -95.27 -22.27
N HIS M 216 72.59 -96.57 -22.22
CA HIS M 216 73.41 -97.25 -23.21
C HIS M 216 72.69 -98.52 -23.68
N GLN M 217 72.67 -98.73 -24.99
CA GLN M 217 71.98 -99.87 -25.58
C GLN M 217 72.35 -99.95 -27.05
N GLY M 218 72.02 -101.08 -27.67
CA GLY M 218 72.24 -101.26 -29.10
C GLY M 218 71.20 -102.16 -29.75
N VAL M 219 71.60 -102.79 -30.86
CA VAL M 219 70.73 -103.66 -31.64
C VAL M 219 71.42 -105.00 -31.90
N PHE M 220 72.63 -104.96 -32.45
CA PHE M 220 73.37 -106.18 -32.71
C PHE M 220 74.86 -105.86 -32.76
N TYR M 221 75.67 -106.89 -33.01
CA TYR M 221 77.11 -106.73 -33.08
C TYR M 221 77.65 -107.84 -33.98
N ASP M 222 78.97 -107.87 -34.17
CA ASP M 222 79.56 -108.78 -35.15
C ASP M 222 79.33 -110.25 -34.82
N ASP M 223 79.04 -110.59 -33.56
CA ASP M 223 78.74 -111.98 -33.25
C ASP M 223 77.45 -112.45 -33.87
N GLY M 224 76.54 -111.53 -34.21
CA GLY M 224 75.28 -111.83 -34.82
C GLY M 224 74.11 -111.95 -33.86
N THR M 225 74.37 -112.13 -32.58
CA THR M 225 73.28 -112.28 -31.62
C THR M 225 72.65 -110.91 -31.34
N PRO M 226 71.33 -110.87 -31.10
CA PRO M 226 70.69 -109.60 -30.71
C PRO M 226 71.24 -109.01 -29.42
N ASP M 227 71.43 -107.69 -29.46
CA ASP M 227 71.90 -106.92 -28.32
C ASP M 227 70.74 -106.62 -27.38
N ASN M 228 70.93 -106.94 -26.10
CA ASN M 228 69.90 -106.79 -25.09
C ASN M 228 70.47 -106.38 -23.73
N HIS M 229 71.68 -105.82 -23.71
CA HIS M 229 72.31 -105.32 -22.51
C HIS M 229 72.01 -103.83 -22.39
N ILE M 230 71.35 -103.45 -21.30
CA ILE M 230 71.03 -102.06 -20.99
C ILE M 230 71.68 -101.69 -19.67
N THR M 231 72.33 -100.52 -19.66
CA THR M 231 72.98 -99.95 -18.50
C THR M 231 72.75 -98.45 -18.47
N THR M 232 72.69 -97.91 -17.24
CA THR M 232 72.34 -96.53 -17.00
C THR M 232 73.21 -95.98 -15.89
N LEU M 233 73.33 -94.65 -15.86
CA LEU M 233 74.05 -93.93 -14.81
C LEU M 233 73.17 -92.79 -14.31
N PHE M 234 71.95 -93.15 -13.90
CA PHE M 234 70.94 -92.16 -13.55
C PHE M 234 71.33 -91.41 -12.28
N ILE M 235 71.07 -90.11 -12.29
CA ILE M 235 71.25 -89.24 -11.12
C ILE M 235 69.96 -88.47 -10.94
N SER M 236 69.44 -88.49 -9.71
CA SER M 236 68.16 -87.89 -9.41
C SER M 236 68.34 -86.45 -8.95
N GLU M 237 67.22 -85.73 -8.88
CA GLU M 237 67.27 -84.35 -8.40
C GLU M 237 67.60 -84.25 -6.91
N ARG M 238 67.32 -85.31 -6.15
CA ARG M 238 67.58 -85.34 -4.72
C ARG M 238 68.99 -85.84 -4.40
N GLY M 239 69.87 -85.97 -5.39
CA GLY M 239 71.25 -86.35 -5.16
C GLY M 239 71.53 -87.83 -5.24
N ASP M 240 70.53 -88.67 -5.49
CA ASP M 240 70.76 -90.09 -5.59
C ASP M 240 71.60 -90.43 -6.82
N ILE M 241 72.35 -91.53 -6.71
CA ILE M 241 73.16 -92.07 -7.80
C ILE M 241 72.82 -93.54 -7.97
N ARG M 242 72.55 -93.96 -9.21
CA ARG M 242 72.20 -95.35 -9.51
C ARG M 242 72.93 -95.81 -10.76
N ALA M 243 73.94 -96.67 -10.57
CA ALA M 243 74.59 -97.35 -11.68
C ALA M 243 73.99 -98.76 -11.76
N SER M 244 73.44 -99.09 -12.93
CA SER M 244 72.76 -100.36 -13.13
C SER M 244 73.14 -100.98 -14.46
N VAL M 245 73.18 -102.31 -14.48
CA VAL M 245 73.33 -103.12 -15.69
C VAL M 245 72.11 -104.02 -15.79
N LEU M 246 71.54 -104.10 -16.98
CA LEU M 246 70.29 -104.82 -17.20
C LEU M 246 70.34 -105.67 -18.46
N ASN M 247 69.73 -106.85 -18.36
CA ASN M 247 69.39 -107.69 -19.50
C ASN M 247 67.87 -107.86 -19.51
N THR M 248 67.18 -107.18 -20.44
CA THR M 248 65.72 -107.13 -20.34
C THR M 248 65.08 -108.44 -20.79
N GLU M 249 65.62 -109.08 -21.85
CA GLU M 249 65.00 -110.31 -22.33
C GLU M 249 65.09 -111.42 -21.30
N THR M 250 66.22 -111.50 -20.59
CA THR M 250 66.43 -112.54 -19.59
C THR M 250 65.88 -112.18 -18.22
N GLN M 251 65.42 -110.94 -18.03
CA GLN M 251 64.81 -110.50 -16.77
C GLN M 251 65.81 -110.58 -15.61
N LYS M 252 66.96 -109.95 -15.81
CA LYS M 252 68.04 -109.90 -14.82
C LYS M 252 68.59 -108.48 -14.72
N ARG M 253 68.99 -108.10 -13.50
CA ARG M 253 69.47 -106.74 -13.24
C ARG M 253 70.41 -106.77 -12.05
N THR M 254 71.41 -105.89 -12.09
CA THR M 254 72.29 -105.63 -10.94
C THR M 254 72.47 -104.12 -10.83
N THR M 255 72.03 -103.56 -9.70
CA THR M 255 72.08 -102.12 -9.47
C THR M 255 73.00 -101.77 -8.31
N GLN M 256 73.75 -100.68 -8.47
CA GLN M 256 74.46 -100.04 -7.37
C GLN M 256 73.81 -98.68 -7.14
N GLU M 257 73.11 -98.56 -6.00
CA GLU M 257 72.28 -97.40 -5.68
C GLU M 257 72.85 -96.62 -4.52
N MET M 258 72.76 -95.29 -4.62
CA MET M 258 73.08 -94.37 -3.54
C MET M 258 71.85 -93.52 -3.24
N SER M 259 71.48 -93.45 -1.97
CA SER M 259 70.34 -92.65 -1.53
C SER M 259 70.77 -91.24 -1.15
N SER M 260 69.80 -90.33 -1.14
CA SER M 260 70.08 -88.96 -0.75
C SER M 260 70.51 -88.87 0.71
N ASP M 261 69.91 -89.70 1.57
CA ASP M 261 70.34 -89.77 2.97
C ASP M 261 71.74 -90.33 3.14
N GLY M 262 72.31 -90.95 2.11
CA GLY M 262 73.66 -91.47 2.16
C GLY M 262 73.73 -92.96 2.47
N SER M 263 72.99 -93.77 1.72
CA SER M 263 72.87 -95.20 1.97
C SER M 263 73.51 -95.94 0.80
N TYR M 264 74.63 -96.59 1.08
CA TYR M 264 75.26 -97.45 0.08
C TYR M 264 74.45 -98.72 -0.03
N ARG M 265 74.16 -99.15 -1.25
CA ARG M 265 73.35 -100.33 -1.47
C ARG M 265 73.63 -100.87 -2.87
N VAL M 266 73.95 -102.17 -2.93
CA VAL M 266 74.11 -102.90 -4.18
C VAL M 266 73.12 -104.04 -4.15
N ILE M 267 72.33 -104.16 -5.21
CA ILE M 267 71.25 -105.13 -5.33
C ILE M 267 71.45 -105.91 -6.64
N LYS M 268 71.25 -107.22 -6.57
CA LYS M 268 71.28 -108.09 -7.74
C LYS M 268 69.97 -108.86 -7.79
N GLN M 269 69.39 -108.96 -8.98
CA GLN M 269 68.11 -109.62 -9.21
C GLN M 269 68.26 -110.62 -10.34
N ASP M 270 67.46 -111.70 -10.26
CA ASP M 270 67.54 -112.80 -11.21
C ASP M 270 66.28 -112.99 -12.05
N ASP M 271 65.13 -112.49 -11.60
CA ASP M 271 63.86 -112.77 -12.25
C ASP M 271 62.91 -111.57 -12.25
N ASP M 272 63.40 -110.37 -11.96
CA ASP M 272 62.61 -109.15 -11.96
C ASP M 272 63.51 -107.95 -12.15
N LEU M 273 63.18 -107.13 -13.16
CA LEU M 273 63.96 -105.93 -13.44
C LEU M 273 63.65 -104.81 -12.45
N MET M 274 62.38 -104.64 -12.10
CA MET M 274 62.00 -103.67 -11.09
C MET M 274 62.54 -104.09 -9.73
N LEU M 275 62.96 -103.10 -8.93
CA LEU M 275 63.43 -103.36 -7.59
C LEU M 275 62.31 -103.83 -6.68
N ASP M 276 61.08 -103.40 -6.95
CA ASP M 276 59.95 -103.77 -6.11
C ASP M 276 59.45 -105.16 -6.45
N GLU M 277 59.08 -105.91 -5.42
CA GLU M 277 58.53 -107.26 -5.58
C GLU M 277 59.54 -108.19 -6.25
N ALA M 278 60.70 -108.32 -5.60
CA ALA M 278 61.75 -109.23 -6.02
C ALA M 278 61.77 -110.48 -5.14
N GLN M 279 61.76 -111.66 -5.75
CA GLN M 279 61.81 -112.90 -4.99
C GLN M 279 63.24 -113.35 -4.71
N VAL M 280 64.03 -113.56 -5.76
CA VAL M 280 65.41 -113.99 -5.64
C VAL M 280 66.31 -112.78 -5.81
N TRP M 281 67.05 -112.46 -4.76
CA TRP M 281 67.91 -111.29 -4.79
C TRP M 281 68.87 -111.33 -3.60
N ILE M 282 69.92 -110.52 -3.71
CA ILE M 282 70.92 -110.38 -2.67
C ILE M 282 71.28 -108.90 -2.55
N GLU M 283 71.51 -108.45 -1.32
CA GLU M 283 71.81 -107.05 -1.07
C GLU M 283 72.98 -106.97 -0.08
N TYR M 284 73.73 -105.87 -0.14
CA TYR M 284 74.82 -105.62 0.79
C TYR M 284 75.24 -104.17 0.67
N GLY M 285 75.46 -103.54 1.81
CA GLY M 285 75.84 -102.14 1.81
C GLY M 285 75.58 -101.50 3.16
N ILE M 286 75.32 -100.19 3.10
CA ILE M 286 75.09 -99.37 4.28
C ILE M 286 73.69 -98.79 4.19
N SER M 287 72.86 -99.12 5.17
CA SER M 287 71.49 -98.65 5.22
C SER M 287 71.47 -97.18 5.66
N GLU M 288 70.29 -96.57 5.61
CA GLU M 288 70.13 -95.19 6.09
C GLU M 288 70.58 -95.04 7.53
N ASP M 289 70.43 -96.09 8.34
CA ASP M 289 71.01 -96.16 9.67
C ASP M 289 72.38 -96.84 9.60
N ASN M 290 73.26 -96.47 10.53
CA ASN M 290 74.65 -96.93 10.56
C ASN M 290 74.74 -98.41 10.91
N LYS M 291 74.52 -99.26 9.92
CA LYS M 291 74.53 -100.72 10.08
C LYS M 291 74.99 -101.36 8.78
N PHE M 292 76.12 -102.06 8.83
CA PHE M 292 76.67 -102.79 7.69
C PHE M 292 76.00 -104.15 7.66
N TYR M 293 75.53 -104.57 6.48
CA TYR M 293 74.75 -105.81 6.45
C TYR M 293 74.87 -106.49 5.11
N ILE M 294 74.67 -107.81 5.12
CA ILE M 294 74.48 -108.60 3.91
C ILE M 294 73.25 -109.46 4.11
N LYS M 295 72.26 -109.29 3.24
CA LYS M 295 70.95 -109.91 3.40
C LYS M 295 70.49 -110.52 2.09
N ASN M 296 69.68 -111.57 2.21
CA ASN M 296 69.10 -112.26 1.06
C ASN M 296 67.73 -112.78 1.48
N ASP M 297 67.23 -113.80 0.76
CA ASP M 297 65.96 -114.40 1.14
C ASP M 297 66.07 -115.09 2.49
N LYS M 298 67.21 -115.74 2.76
CA LYS M 298 67.46 -116.28 4.09
C LYS M 298 67.83 -115.14 5.05
N HIS M 299 67.89 -115.48 6.33
CA HIS M 299 68.29 -114.52 7.36
C HIS M 299 69.65 -113.92 7.05
N LYS M 300 69.81 -112.65 7.42
CA LYS M 300 70.93 -111.82 6.98
C LYS M 300 72.14 -111.96 7.90
N PHE M 301 73.26 -111.38 7.46
CA PHE M 301 74.46 -111.20 8.26
C PHE M 301 74.67 -109.71 8.44
N GLU M 302 74.62 -109.26 9.70
CA GLU M 302 74.64 -107.84 10.06
C GLU M 302 75.82 -107.58 10.95
N PHE M 303 76.36 -106.37 10.86
CA PHE M 303 77.47 -105.91 11.69
C PHE M 303 77.10 -104.52 12.19
N THR M 304 76.47 -104.48 13.37
CA THR M 304 76.07 -103.23 13.99
C THR M 304 77.31 -102.50 14.49
N ASP M 305 77.12 -101.27 14.96
CA ASP M 305 78.24 -100.50 15.51
C ASP M 305 78.92 -101.23 16.66
N GLU M 306 78.19 -102.11 17.36
CA GLU M 306 78.77 -102.93 18.42
C GLU M 306 78.25 -104.36 18.33
N GLY M 307 79.18 -105.31 18.29
CA GLY M 307 78.84 -106.71 18.22
C GLY M 307 78.60 -107.23 16.82
N ILE M 308 78.38 -108.55 16.77
CA ILE M 308 78.10 -109.28 15.54
C ILE M 308 76.79 -110.05 15.73
N TYR M 309 75.86 -109.89 14.82
CA TYR M 309 74.54 -110.53 14.92
C TYR M 309 74.30 -111.27 13.63
N ILE M 310 73.47 -112.32 13.68
CA ILE M 310 72.99 -112.96 12.45
C ILE M 310 71.46 -113.07 12.52
N MET N 1 -2.98 -41.39 -77.33
CA MET N 1 -1.58 -41.85 -77.53
C MET N 1 -1.50 -43.38 -77.35
N LYS N 2 -1.39 -44.09 -78.49
CA LYS N 2 -1.51 -45.55 -78.56
C LYS N 2 -0.49 -46.08 -79.55
N THR N 3 -0.11 -47.35 -79.40
CA THR N 3 0.76 -47.97 -80.39
C THR N 3 0.05 -48.03 -81.74
N ARG N 4 0.83 -47.95 -82.81
CA ARG N 4 0.39 -48.41 -84.11
C ARG N 4 1.50 -49.18 -84.79
N LYS N 5 1.28 -50.48 -84.97
CA LYS N 5 2.27 -51.36 -85.58
C LYS N 5 2.51 -50.97 -87.04
N LEU N 6 3.78 -51.20 -87.46
CA LEU N 6 4.30 -50.80 -88.77
C LEU N 6 3.29 -51.02 -89.89
N THR N 7 2.80 -52.26 -90.04
CA THR N 7 1.92 -52.58 -91.17
C THR N 7 0.63 -51.75 -91.13
N ASN N 8 0.15 -51.39 -89.93
CA ASN N 8 -1.05 -50.55 -89.85
C ASN N 8 -0.76 -49.16 -90.42
N ILE N 9 0.39 -48.60 -90.05
CA ILE N 9 0.79 -47.29 -90.55
C ILE N 9 0.96 -47.36 -92.06
N LEU N 10 1.80 -48.30 -92.52
CA LEU N 10 2.08 -48.50 -93.94
C LEU N 10 0.80 -48.65 -94.77
N SER N 11 -0.16 -49.41 -94.27
CA SER N 11 -1.43 -49.56 -94.99
C SER N 11 -2.19 -48.24 -95.07
N LYS N 12 -2.32 -47.54 -93.93
CA LYS N 12 -3.01 -46.24 -93.95
C LYS N 12 -2.33 -45.30 -94.94
N LEU N 13 -1.00 -45.32 -94.95
CA LEU N 13 -0.21 -44.47 -95.83
C LEU N 13 -0.46 -44.79 -97.30
N ILE N 14 -0.42 -46.07 -97.70
CA ILE N 14 -0.65 -46.41 -99.10
C ILE N 14 -2.11 -46.12 -99.50
N ASP N 15 -3.06 -46.42 -98.61
CA ASP N 15 -4.48 -46.15 -98.83
C ASP N 15 -4.72 -44.67 -99.11
N LYS N 16 -4.12 -43.79 -98.31
CA LYS N 16 -4.19 -42.36 -98.59
C LYS N 16 -3.48 -42.02 -99.90
N THR N 17 -2.34 -42.67 -100.17
CA THR N 17 -1.53 -42.31 -101.34
C THR N 17 -2.28 -42.57 -102.64
N MET N 18 -3.05 -43.65 -102.68
CA MET N 18 -3.73 -44.03 -103.91
C MET N 18 -4.91 -43.14 -104.26
N ALA N 19 -5.27 -42.18 -103.41
CA ALA N 19 -6.39 -41.31 -103.70
C ALA N 19 -6.00 -40.32 -104.79
N GLY N 20 -6.83 -40.23 -105.82
CA GLY N 20 -6.65 -39.24 -106.85
C GLY N 20 -5.84 -39.70 -108.04
N THR N 21 -5.26 -40.89 -107.99
CA THR N 21 -4.55 -41.46 -109.12
C THR N 21 -4.48 -42.97 -109.00
N SER N 22 -4.13 -43.62 -110.11
CA SER N 22 -3.98 -45.06 -110.17
C SER N 22 -2.73 -45.46 -110.97
N LYS N 23 -1.68 -44.63 -110.93
CA LYS N 23 -0.38 -44.91 -111.52
C LYS N 23 0.70 -45.21 -110.48
N ILE N 24 0.31 -45.86 -109.38
CA ILE N 24 1.24 -46.19 -108.31
C ILE N 24 1.06 -47.62 -107.80
N THR N 25 -0.10 -48.21 -108.03
CA THR N 25 -0.45 -49.47 -107.37
C THR N 25 0.40 -50.62 -107.90
N ASP N 26 1.66 -50.66 -107.46
CA ASP N 26 2.53 -51.82 -107.67
C ASP N 26 3.55 -51.79 -106.54
N PHE N 27 3.33 -52.63 -105.52
CA PHE N 27 4.12 -52.59 -104.30
C PHE N 27 4.70 -53.97 -104.01
N THR N 28 5.45 -54.50 -104.96
CA THR N 28 6.25 -55.68 -104.71
C THR N 28 7.46 -55.30 -103.85
N PRO N 29 8.12 -56.27 -103.20
CA PRO N 29 9.31 -55.91 -102.40
C PRO N 29 10.38 -55.19 -103.19
N GLY N 30 10.53 -55.53 -104.48
CA GLY N 30 11.50 -54.83 -105.31
C GLY N 30 11.23 -53.35 -105.51
N SER N 31 9.96 -52.94 -105.43
CA SER N 31 9.64 -51.52 -105.61
C SER N 31 10.39 -50.64 -104.61
N ALA N 32 10.83 -49.47 -105.09
CA ALA N 32 11.55 -48.53 -104.22
C ALA N 32 10.57 -47.72 -103.37
N SER N 33 9.38 -47.44 -103.90
CA SER N 33 8.38 -46.71 -103.14
C SER N 33 7.94 -47.49 -101.92
N ARG N 34 7.76 -48.80 -102.09
CA ARG N 34 7.47 -49.64 -100.93
C ARG N 34 8.60 -49.56 -99.91
N SER N 35 9.85 -49.58 -100.36
CA SER N 35 10.95 -49.54 -99.41
C SER N 35 10.96 -48.24 -98.62
N LEU N 36 10.74 -47.11 -99.32
CA LEU N 36 10.69 -45.82 -98.64
C LEU N 36 9.56 -45.78 -97.62
N LEU N 37 8.38 -46.28 -98.01
CA LEU N 37 7.24 -46.19 -97.11
C LEU N 37 7.36 -47.18 -95.96
N GLU N 38 8.01 -48.33 -96.19
CA GLU N 38 8.37 -49.23 -95.10
C GLU N 38 9.33 -48.56 -94.12
N ALA N 39 10.27 -47.76 -94.64
CA ALA N 39 11.25 -47.14 -93.74
C ALA N 39 10.60 -46.02 -92.91
N VAL N 40 9.70 -45.27 -93.54
CA VAL N 40 8.96 -44.23 -92.85
C VAL N 40 8.06 -44.84 -91.77
N SER N 41 7.33 -45.90 -92.12
CA SER N 41 6.51 -46.55 -91.11
C SER N 41 7.33 -47.22 -90.00
N LEU N 42 8.51 -47.77 -90.32
CA LEU N 42 9.41 -48.25 -89.27
C LEU N 42 9.77 -47.13 -88.31
N GLU N 43 10.17 -45.98 -88.85
CA GLU N 43 10.56 -44.87 -88.00
C GLU N 43 9.38 -44.36 -87.16
N ILE N 44 8.19 -44.30 -87.75
CA ILE N 44 7.03 -43.85 -86.96
C ILE N 44 6.71 -44.85 -85.86
N GLU N 45 6.81 -46.15 -86.16
CA GLU N 45 6.59 -47.16 -85.12
C GLU N 45 7.59 -46.97 -83.98
N GLN N 46 8.88 -46.82 -84.32
CA GLN N 46 9.88 -46.64 -83.28
C GLN N 46 9.61 -45.38 -82.47
N PHE N 47 9.14 -44.33 -83.14
CA PHE N 47 8.83 -43.09 -82.44
C PHE N 47 7.73 -43.31 -81.40
N TYR N 48 6.66 -44.00 -81.80
CA TYR N 48 5.57 -44.29 -80.87
C TYR N 48 6.06 -45.08 -79.66
N ILE N 49 6.86 -46.11 -79.91
CA ILE N 49 7.35 -46.98 -78.83
C ILE N 49 8.24 -46.18 -77.88
N LEU N 50 9.19 -45.41 -78.43
CA LEU N 50 10.05 -44.59 -77.58
C LEU N 50 9.24 -43.52 -76.85
N THR N 51 8.19 -43.00 -77.49
CA THR N 51 7.33 -42.03 -76.81
C THR N 51 6.67 -42.68 -75.60
N LYS N 52 6.15 -43.90 -75.77
CA LYS N 52 5.44 -44.55 -74.68
C LYS N 52 6.39 -44.87 -73.52
N GLU N 53 7.61 -45.33 -73.86
CA GLU N 53 8.63 -45.64 -72.86
C GLU N 53 9.04 -44.38 -72.11
N ASN N 54 9.22 -43.28 -72.84
CA ASN N 54 9.62 -42.01 -72.24
C ASN N 54 8.49 -41.45 -71.39
N ILE N 55 7.24 -41.71 -71.76
CA ILE N 55 6.13 -41.30 -70.92
C ILE N 55 6.21 -42.04 -69.60
N ASP N 56 6.40 -43.36 -69.64
CA ASP N 56 6.54 -44.16 -68.42
C ASP N 56 7.69 -43.65 -67.55
N TRP N 57 8.81 -43.34 -68.18
CA TRP N 57 9.97 -42.82 -67.46
C TRP N 57 9.65 -41.46 -66.83
N GLY N 58 8.88 -40.64 -67.55
CA GLY N 58 8.47 -39.35 -67.00
C GLY N 58 7.55 -39.50 -65.81
N ILE N 59 6.64 -40.47 -65.88
CA ILE N 59 5.75 -40.74 -64.75
C ILE N 59 6.59 -41.12 -63.53
N GLN N 60 7.52 -42.05 -63.72
CA GLN N 60 8.43 -42.49 -62.66
C GLN N 60 9.22 -41.30 -62.09
N GLU N 61 9.74 -40.44 -62.97
CA GLU N 61 10.53 -39.29 -62.51
C GLU N 61 9.66 -38.30 -61.74
N GLY N 62 8.41 -38.08 -62.17
CA GLY N 62 7.57 -37.18 -61.42
C GLY N 62 7.25 -37.76 -60.05
N ILE N 63 7.10 -39.08 -60.00
CA ILE N 63 6.83 -39.75 -58.72
C ILE N 63 8.02 -39.60 -57.80
N ILE N 64 9.22 -39.65 -58.38
CA ILE N 64 10.44 -39.36 -57.64
C ILE N 64 10.38 -37.94 -57.09
N GLU N 65 10.13 -36.98 -57.97
CA GLU N 65 10.28 -35.56 -57.63
C GLU N 65 9.23 -35.11 -56.62
N ALA N 66 8.00 -35.62 -56.71
CA ALA N 66 6.90 -35.10 -55.91
C ALA N 66 7.14 -35.36 -54.42
N PHE N 67 7.41 -36.61 -54.07
CA PHE N 67 7.57 -37.03 -52.69
C PHE N 67 9.02 -37.16 -52.25
N ASP N 68 9.98 -36.91 -53.14
CA ASP N 68 11.40 -36.98 -52.82
C ASP N 68 11.81 -38.37 -52.33
N PHE N 69 11.18 -39.41 -52.86
CA PHE N 69 11.51 -40.80 -52.50
C PHE N 69 12.45 -41.39 -53.56
N GLN N 70 13.69 -40.94 -53.50
CA GLN N 70 14.68 -41.33 -54.49
C GLN N 70 14.95 -42.83 -54.44
N LYS N 71 15.22 -43.41 -55.60
CA LYS N 71 15.56 -44.83 -55.67
C LYS N 71 16.86 -45.11 -54.94
N ARG N 72 16.91 -46.28 -54.30
CA ARG N 72 18.12 -46.70 -53.62
C ARG N 72 19.21 -46.98 -54.65
N GLN N 73 20.40 -46.45 -54.36
CA GLN N 73 21.57 -46.60 -55.22
C GLN N 73 22.21 -47.96 -54.96
N SER N 74 23.45 -48.18 -55.41
CA SER N 74 24.13 -49.43 -55.11
C SER N 74 24.47 -49.52 -53.63
N LYS N 75 24.24 -50.70 -53.07
CA LYS N 75 24.33 -50.94 -51.63
C LYS N 75 25.61 -51.72 -51.38
N ARG N 76 26.40 -51.26 -50.43
CA ARG N 76 27.66 -51.91 -50.14
C ARG N 76 27.41 -53.31 -49.57
N ALA N 77 28.42 -54.17 -49.71
CA ALA N 77 28.44 -55.51 -49.14
C ALA N 77 29.30 -55.50 -47.88
N TYR N 78 28.81 -56.14 -46.83
CA TYR N 78 29.53 -56.18 -45.57
C TYR N 78 29.16 -57.46 -44.83
N GLY N 79 29.94 -57.75 -43.80
CA GLY N 79 29.84 -58.92 -42.96
C GLY N 79 30.85 -58.83 -41.83
N ASP N 80 31.26 -60.00 -41.36
CA ASP N 80 32.09 -60.20 -40.18
C ASP N 80 33.22 -61.15 -40.50
N VAL N 81 34.40 -60.93 -39.91
CA VAL N 81 35.55 -61.81 -40.07
C VAL N 81 36.15 -62.09 -38.70
N THR N 82 36.85 -63.22 -38.60
CA THR N 82 37.50 -63.70 -37.39
C THR N 82 39.00 -63.54 -37.54
N ILE N 83 39.63 -62.89 -36.57
CA ILE N 83 41.08 -62.75 -36.52
C ILE N 83 41.63 -63.78 -35.55
N GLN N 84 42.68 -64.50 -35.96
CA GLN N 84 43.25 -65.57 -35.15
C GLN N 84 44.70 -65.24 -34.85
N PHE N 85 45.03 -65.19 -33.57
CA PHE N 85 46.39 -64.91 -33.13
C PHE N 85 47.17 -66.20 -32.96
N TYR N 86 48.50 -66.09 -33.06
CA TYR N 86 49.43 -67.19 -32.80
C TYR N 86 49.34 -67.63 -31.35
N GLN N 87 49.23 -66.69 -30.42
CA GLN N 87 49.14 -66.92 -28.99
C GLN N 87 48.08 -65.98 -28.42
N PRO N 88 47.61 -66.24 -27.20
CA PRO N 88 46.76 -65.24 -26.54
C PRO N 88 47.52 -63.95 -26.27
N LEU N 89 46.79 -62.83 -26.30
CA LEU N 89 47.40 -61.51 -26.47
C LEU N 89 48.05 -60.97 -25.18
N ASP N 90 49.08 -60.13 -25.30
CA ASP N 90 49.87 -59.66 -24.16
C ASP N 90 49.69 -58.18 -23.82
N MET N 91 48.95 -57.42 -24.62
CA MET N 91 48.73 -55.99 -24.42
C MET N 91 47.40 -55.58 -25.08
N ARG N 92 46.81 -54.45 -24.70
CA ARG N 92 45.52 -53.99 -25.25
C ARG N 92 45.68 -53.47 -26.69
N MET N 93 46.03 -54.35 -27.62
CA MET N 93 46.34 -54.01 -29.00
C MET N 93 45.10 -53.57 -29.79
N TYR N 94 45.33 -52.84 -30.89
CA TYR N 94 44.30 -52.04 -31.54
C TYR N 94 44.34 -52.19 -33.05
N ILE N 95 43.18 -52.20 -33.68
CA ILE N 95 43.00 -52.13 -35.14
C ILE N 95 42.35 -50.79 -35.48
N PRO N 96 42.94 -49.95 -36.33
CA PRO N 96 42.30 -48.73 -36.78
C PRO N 96 41.25 -49.01 -37.85
N ALA N 97 40.22 -48.17 -37.91
CA ALA N 97 39.29 -48.12 -39.01
C ALA N 97 40.04 -47.91 -40.34
N GLY N 98 39.53 -48.52 -41.40
CA GLY N 98 40.14 -48.46 -42.73
C GLY N 98 41.28 -49.45 -42.95
N THR N 99 41.41 -50.46 -42.10
CA THR N 99 42.35 -51.56 -42.34
C THR N 99 41.81 -52.46 -43.45
N THR N 100 42.68 -52.87 -44.37
CA THR N 100 42.27 -53.59 -45.56
C THR N 100 42.28 -55.08 -45.32
N PHE N 101 41.34 -55.78 -45.95
CA PHE N 101 41.28 -57.22 -46.01
C PHE N 101 41.12 -57.62 -47.45
N THR N 102 41.87 -58.63 -47.87
CA THR N 102 41.91 -59.09 -49.26
C THR N 102 41.91 -60.60 -49.26
N SER N 103 41.26 -61.17 -50.28
CA SER N 103 41.17 -62.62 -50.45
C SER N 103 42.28 -63.06 -51.41
N THR N 104 43.01 -64.09 -51.00
CA THR N 104 44.14 -64.57 -51.79
C THR N 104 43.66 -65.28 -53.07
N ARG N 105 42.41 -65.70 -53.10
CA ARG N 105 41.88 -66.39 -54.28
C ARG N 105 41.85 -65.44 -55.47
N GLN N 106 42.32 -65.95 -56.63
CA GLN N 106 42.37 -65.14 -57.83
C GLN N 106 40.98 -64.88 -58.40
N GLU N 107 40.01 -65.73 -58.08
CA GLU N 107 38.66 -65.56 -58.61
C GLU N 107 37.89 -64.45 -57.91
N TYR N 108 38.30 -64.05 -56.72
CA TYR N 108 37.63 -62.99 -55.96
C TYR N 108 38.69 -61.98 -55.53
N PRO N 109 39.12 -61.11 -56.45
CA PRO N 109 40.15 -60.12 -56.09
C PRO N 109 39.59 -58.90 -55.36
N GLN N 110 38.29 -58.84 -55.10
CA GLN N 110 37.73 -57.69 -54.40
C GLN N 110 38.27 -57.56 -52.99
N GLN N 111 38.49 -56.30 -52.60
CA GLN N 111 39.01 -55.88 -51.30
C GLN N 111 37.89 -55.52 -50.34
N PHE N 112 38.23 -55.42 -49.06
CA PHE N 112 37.33 -55.02 -48.00
C PHE N 112 38.06 -54.11 -47.04
N GLU N 113 37.31 -53.23 -46.36
CA GLU N 113 37.88 -52.31 -45.39
C GLU N 113 36.94 -52.11 -44.21
N THR N 114 37.50 -51.86 -43.03
CA THR N 114 36.75 -51.60 -41.81
C THR N 114 36.31 -50.13 -41.72
N LEU N 115 35.29 -49.82 -40.92
CA LEU N 115 34.81 -48.45 -40.73
C LEU N 115 34.94 -47.92 -39.31
N VAL N 116 34.86 -48.76 -38.29
CA VAL N 116 35.01 -48.36 -36.89
C VAL N 116 36.15 -49.12 -36.26
N ASP N 117 36.84 -48.48 -35.33
CA ASP N 117 37.99 -49.10 -34.68
C ASP N 117 37.58 -50.31 -33.83
N TYR N 118 38.58 -51.10 -33.44
CA TYR N 118 38.40 -52.07 -32.36
C TYR N 118 39.68 -52.16 -31.53
N TYR N 119 39.53 -52.39 -30.24
CA TYR N 119 40.61 -52.77 -29.34
C TYR N 119 40.43 -54.24 -28.97
N ALA N 120 41.46 -55.06 -29.16
CA ALA N 120 41.48 -56.42 -28.64
C ALA N 120 41.82 -56.37 -27.14
N GLU N 121 41.07 -57.12 -26.33
CA GLU N 121 41.32 -57.14 -24.90
C GLU N 121 42.58 -57.98 -24.58
N PRO N 122 43.38 -57.61 -23.58
CA PRO N 122 44.55 -58.37 -23.23
C PRO N 122 44.17 -59.78 -22.78
N ASP N 123 45.05 -60.74 -23.06
CA ASP N 123 44.82 -62.17 -22.89
C ASP N 123 43.68 -62.74 -23.72
N SER N 124 43.12 -62.01 -24.69
CA SER N 124 42.14 -62.61 -25.57
C SER N 124 42.83 -63.44 -26.65
N THR N 125 42.03 -64.18 -27.44
CA THR N 125 42.56 -65.11 -28.42
C THR N 125 41.91 -65.00 -29.79
N GLU N 126 40.66 -64.55 -29.86
CA GLU N 126 40.02 -64.23 -31.13
C GLU N 126 39.21 -62.95 -30.97
N ILE N 127 38.81 -62.37 -32.08
CA ILE N 127 37.99 -61.16 -32.12
C ILE N 127 37.21 -61.19 -33.42
N VAL N 128 35.99 -60.66 -33.38
CA VAL N 128 35.11 -60.54 -34.54
C VAL N 128 34.95 -59.05 -34.85
N VAL N 129 35.22 -58.68 -36.09
CA VAL N 129 35.16 -57.31 -36.55
C VAL N 129 34.39 -57.25 -37.85
N GLU N 130 33.77 -56.10 -38.13
CA GLU N 130 32.98 -55.95 -39.34
C GLU N 130 33.81 -55.29 -40.43
N VAL N 131 33.64 -55.80 -41.66
CA VAL N 131 34.35 -55.34 -42.84
C VAL N 131 33.35 -54.92 -43.91
N TYR N 132 33.63 -53.81 -44.59
CA TYR N 132 32.74 -53.28 -45.60
C TYR N 132 33.47 -53.33 -46.94
N CYS N 133 32.76 -53.73 -47.99
CA CYS N 133 33.36 -53.93 -49.30
C CYS N 133 33.39 -52.61 -50.07
N LYS N 134 34.56 -52.27 -50.63
CA LYS N 134 34.67 -51.05 -51.43
C LYS N 134 33.80 -51.14 -52.68
N GLU N 135 33.94 -52.22 -53.43
CA GLU N 135 33.05 -52.44 -54.57
C GLU N 135 31.63 -52.72 -54.09
N THR N 136 30.65 -52.32 -54.90
CA THR N 136 29.24 -52.54 -54.62
C THR N 136 28.60 -53.25 -55.80
N GLY N 137 27.89 -54.34 -55.52
CA GLY N 137 27.17 -55.06 -56.57
C GLY N 137 27.12 -56.54 -56.24
N VAL N 138 27.30 -57.39 -57.27
CA VAL N 138 27.28 -58.83 -57.06
C VAL N 138 28.62 -59.36 -56.60
N ALA N 139 29.70 -58.61 -56.82
CA ALA N 139 31.05 -59.08 -56.57
C ALA N 139 31.38 -59.14 -55.08
N GLY N 140 30.60 -58.44 -54.24
CA GLY N 140 30.77 -58.51 -52.81
C GLY N 140 30.23 -59.78 -52.18
N ASN N 141 29.34 -60.50 -52.88
CA ASN N 141 28.73 -61.72 -52.36
C ASN N 141 29.68 -62.90 -52.57
N VAL N 142 30.81 -62.86 -51.88
CA VAL N 142 31.79 -63.92 -52.02
C VAL N 142 31.31 -65.18 -51.31
N PRO N 143 31.80 -66.39 -51.67
CA PRO N 143 31.40 -67.60 -50.92
C PRO N 143 31.97 -67.63 -49.52
N GLU N 144 31.80 -68.77 -48.84
CA GLU N 144 32.34 -68.94 -47.50
C GLU N 144 33.84 -69.22 -47.56
N GLY N 145 34.55 -68.76 -46.52
CA GLY N 145 35.98 -68.92 -46.42
C GLY N 145 36.75 -68.37 -47.61
N THR N 146 36.48 -67.12 -47.98
CA THR N 146 37.11 -66.46 -49.12
C THR N 146 38.21 -65.49 -48.69
N ILE N 147 38.00 -64.74 -47.61
CA ILE N 147 38.94 -63.74 -47.15
C ILE N 147 40.01 -64.45 -46.31
N ASN N 148 41.18 -64.68 -46.89
CA ASN N 148 42.21 -65.49 -46.27
C ASN N 148 43.23 -64.65 -45.49
N THR N 149 43.59 -63.49 -46.02
CA THR N 149 44.67 -62.64 -45.52
C THR N 149 44.15 -61.22 -45.27
N ILE N 150 44.91 -60.47 -44.47
CA ILE N 150 44.68 -59.04 -44.17
C ILE N 150 45.48 -58.10 -45.07
N ALA N 151 46.36 -58.62 -45.92
CA ALA N 151 47.11 -57.80 -46.88
C ALA N 151 47.91 -56.69 -46.18
N SER N 152 48.61 -57.06 -45.11
CA SER N 152 49.43 -56.11 -44.37
C SER N 152 50.60 -56.89 -43.78
N GLY N 153 51.15 -56.41 -42.66
CA GLY N 153 52.25 -57.11 -42.02
C GLY N 153 51.82 -58.39 -41.34
N SER N 154 50.72 -58.33 -40.58
CA SER N 154 50.12 -59.49 -39.92
C SER N 154 51.12 -60.26 -39.05
N SER N 155 51.83 -59.52 -38.22
CA SER N 155 52.91 -60.09 -37.42
C SER N 155 52.34 -61.03 -36.36
N LEU N 156 51.27 -60.60 -35.67
CA LEU N 156 50.61 -61.36 -34.59
C LEU N 156 49.39 -62.14 -35.07
N ILE N 157 49.02 -62.03 -36.35
CA ILE N 157 47.87 -62.72 -36.94
C ILE N 157 48.37 -63.93 -37.73
N ARG N 158 47.74 -65.07 -37.53
CA ARG N 158 48.08 -66.29 -38.27
C ARG N 158 47.27 -66.38 -39.57
N SER N 159 45.95 -66.41 -39.44
CA SER N 159 45.07 -66.50 -40.59
C SER N 159 43.75 -65.81 -40.26
N VAL N 160 43.02 -65.41 -41.31
CA VAL N 160 41.71 -64.81 -41.15
C VAL N 160 40.72 -65.58 -42.00
N ASN N 161 39.52 -65.80 -41.47
CA ASN N 161 38.48 -66.48 -42.23
C ASN N 161 37.10 -65.99 -41.80
N ASN N 162 36.14 -66.22 -42.69
CA ASN N 162 34.74 -65.82 -42.49
C ASN N 162 33.89 -67.08 -42.52
N GLU N 163 33.02 -67.21 -41.52
CA GLU N 163 32.20 -68.41 -41.35
C GLU N 163 30.89 -68.34 -42.10
N TYR N 164 30.48 -67.14 -42.54
CA TYR N 164 29.21 -66.92 -43.21
C TYR N 164 29.47 -66.17 -44.50
N SER N 165 28.53 -66.29 -45.42
CA SER N 165 28.62 -65.70 -46.74
C SER N 165 28.07 -64.29 -46.70
N PHE N 166 28.45 -63.51 -47.70
CA PHE N 166 27.97 -62.14 -47.84
C PHE N 166 26.76 -62.16 -48.76
N ASN N 167 25.63 -61.65 -48.25
CA ASN N 167 24.38 -61.60 -49.00
C ASN N 167 23.88 -60.18 -49.18
N THR N 168 24.46 -59.18 -48.49
CA THR N 168 23.93 -57.82 -48.57
C THR N 168 24.33 -57.11 -49.85
N GLY N 169 25.37 -57.59 -50.53
CA GLY N 169 25.74 -57.06 -51.82
C GLY N 169 24.67 -57.28 -52.88
N THR N 170 24.01 -56.20 -53.31
CA THR N 170 22.87 -56.28 -54.21
C THR N 170 22.99 -55.19 -55.27
N LYS N 171 22.34 -55.43 -56.41
CA LYS N 171 22.36 -54.50 -57.53
C LYS N 171 21.29 -53.44 -57.33
N GLU N 172 21.18 -52.50 -58.27
CA GLU N 172 20.27 -51.39 -58.08
C GLU N 172 18.83 -51.90 -58.16
N GLU N 173 17.95 -51.28 -57.36
CA GLU N 173 16.58 -51.77 -57.26
C GLU N 173 15.85 -51.59 -58.58
N SER N 174 15.09 -52.60 -58.97
CA SER N 174 14.36 -52.55 -60.22
C SER N 174 13.13 -51.67 -60.07
N GLN N 175 12.40 -51.50 -61.18
CA GLN N 175 11.18 -50.71 -61.15
C GLN N 175 10.14 -51.32 -60.23
N GLU N 176 10.02 -52.64 -60.25
CA GLU N 176 8.98 -53.29 -59.46
C GLU N 176 9.22 -53.06 -57.97
N ASP N 177 10.45 -53.28 -57.50
CA ASP N 177 10.79 -53.00 -56.11
C ASP N 177 10.49 -51.56 -55.73
N PHE N 178 10.75 -50.62 -56.65
CA PHE N 178 10.49 -49.22 -56.31
C PHE N 178 9.00 -48.96 -56.20
N LYS N 179 8.22 -49.62 -57.04
CA LYS N 179 6.76 -49.46 -56.99
C LYS N 179 6.20 -50.03 -55.70
N ARG N 180 6.72 -51.20 -55.29
CA ARG N 180 6.29 -51.82 -54.01
C ARG N 180 6.62 -50.90 -52.84
N ARG N 181 7.85 -50.41 -52.80
CA ARG N 181 8.25 -49.46 -51.77
C ARG N 181 7.38 -48.22 -51.76
N PHE N 182 7.01 -47.72 -52.94
CA PHE N 182 6.24 -46.49 -53.01
C PHE N 182 4.79 -46.74 -52.59
N HIS N 183 4.24 -47.92 -52.90
CA HIS N 183 2.88 -48.19 -52.46
C HIS N 183 2.81 -48.34 -50.95
N SER N 184 3.85 -48.91 -50.33
CA SER N 184 3.88 -48.92 -48.87
C SER N 184 4.04 -47.50 -48.32
N PHE N 185 4.84 -46.67 -49.00
CA PHE N 185 5.00 -45.29 -48.57
C PHE N 185 3.69 -44.51 -48.64
N VAL N 186 2.90 -44.74 -49.69
CA VAL N 186 1.62 -44.06 -49.83
C VAL N 186 0.64 -44.55 -48.77
N GLU N 187 0.70 -45.83 -48.45
CA GLU N 187 -0.19 -46.40 -47.45
C GLU N 187 0.30 -46.18 -46.02
N SER N 188 1.48 -45.58 -45.85
CA SER N 188 2.10 -45.39 -44.54
C SER N 188 2.07 -43.94 -44.08
N ARG N 189 1.23 -43.10 -44.68
CA ARG N 189 1.21 -41.71 -44.30
C ARG N 189 0.49 -41.53 -42.97
N GLY N 190 -0.52 -42.37 -42.71
CA GLY N 190 -1.15 -42.41 -41.41
C GLY N 190 -0.34 -43.24 -40.44
N ARG N 191 0.08 -42.61 -39.35
CA ARG N 191 0.85 -43.25 -38.29
C ARG N 191 -0.06 -44.02 -37.33
N ALA N 192 0.57 -44.77 -36.43
CA ALA N 192 -0.13 -45.70 -35.56
C ALA N 192 -0.91 -46.74 -36.37
N THR N 193 -0.19 -47.42 -37.26
CA THR N 193 -0.72 -48.58 -37.96
C THR N 193 0.45 -49.54 -38.20
N ASN N 194 0.14 -50.85 -38.22
CA ASN N 194 1.17 -51.83 -38.50
C ASN N 194 1.79 -51.60 -39.88
N LYS N 195 0.96 -51.38 -40.90
CA LYS N 195 1.47 -51.09 -42.23
C LYS N 195 2.31 -49.83 -42.24
N SER N 196 2.01 -48.89 -41.33
CA SER N 196 2.83 -47.70 -41.19
C SER N 196 4.16 -48.02 -40.53
N VAL N 197 4.14 -48.85 -39.49
CA VAL N 197 5.39 -49.20 -38.79
C VAL N 197 6.29 -49.99 -39.72
N ARG N 198 5.71 -50.80 -40.61
CA ARG N 198 6.47 -51.49 -41.64
C ARG N 198 7.34 -50.51 -42.42
N TYR N 199 6.79 -49.43 -42.96
CA TYR N 199 7.60 -48.46 -43.68
C TYR N 199 8.53 -47.71 -42.73
N GLY N 200 8.02 -47.29 -41.58
CA GLY N 200 8.80 -46.75 -40.48
C GLY N 200 10.13 -47.42 -40.21
N ALA N 201 10.11 -48.75 -40.24
CA ALA N 201 11.29 -49.54 -39.91
C ALA N 201 12.02 -50.01 -41.16
N LEU N 202 11.37 -49.96 -42.31
CA LEU N 202 11.98 -50.28 -43.59
C LEU N 202 12.69 -49.10 -44.23
N GLN N 203 12.53 -47.88 -43.71
CA GLN N 203 13.12 -46.71 -44.36
C GLN N 203 14.64 -46.79 -44.39
N ILE N 204 15.26 -47.42 -43.40
CA ILE N 204 16.72 -47.58 -43.44
C ILE N 204 17.07 -48.39 -44.68
N PRO N 205 18.05 -47.98 -45.51
CA PRO N 205 18.32 -48.77 -46.72
C PRO N 205 18.83 -50.17 -46.44
N ASP N 206 19.61 -50.36 -45.38
CA ASP N 206 20.23 -51.66 -45.15
C ASP N 206 19.21 -52.73 -44.80
N VAL N 207 18.07 -52.36 -44.26
CA VAL N 207 17.10 -53.36 -43.81
C VAL N 207 16.40 -53.93 -45.04
N GLU N 208 16.26 -55.26 -45.04
CA GLU N 208 15.56 -56.01 -46.10
C GLU N 208 14.31 -56.72 -45.56
N GLY N 209 14.47 -57.56 -44.53
CA GLY N 209 13.36 -58.22 -43.86
C GLY N 209 12.93 -57.46 -42.62
N VAL N 210 11.63 -57.37 -42.39
CA VAL N 210 11.04 -56.63 -41.29
C VAL N 210 9.62 -57.11 -41.04
N TYR N 211 9.31 -57.33 -39.78
CA TYR N 211 8.00 -57.75 -39.31
C TYR N 211 7.72 -57.13 -37.95
N VAL N 212 6.45 -56.87 -37.69
CA VAL N 212 5.98 -56.22 -36.46
C VAL N 212 4.94 -57.12 -35.82
N TYR N 213 5.13 -57.43 -34.55
CA TYR N 213 4.19 -58.21 -33.76
C TYR N 213 3.56 -57.34 -32.69
N GLU N 214 2.23 -57.39 -32.59
CA GLU N 214 1.44 -56.55 -31.72
C GLU N 214 0.77 -57.38 -30.64
N GLU N 215 0.50 -56.73 -29.50
CA GLU N 215 -0.23 -57.33 -28.40
C GLU N 215 -1.05 -56.24 -27.73
N THR N 216 -1.63 -56.54 -26.56
CA THR N 216 -2.65 -55.65 -26.02
C THR N 216 -2.08 -54.29 -25.63
N GLY N 217 -0.87 -54.25 -25.05
CA GLY N 217 -0.28 -53.01 -24.59
C GLY N 217 1.21 -52.94 -24.83
N HIS N 218 1.67 -53.46 -25.96
CA HIS N 218 3.09 -53.37 -26.32
C HIS N 218 3.25 -53.68 -27.80
N ILE N 219 4.17 -52.95 -28.45
CA ILE N 219 4.56 -53.19 -29.83
C ILE N 219 6.01 -53.65 -29.88
N THR N 220 6.27 -54.65 -30.73
CA THR N 220 7.60 -55.21 -30.93
C THR N 220 7.92 -55.23 -32.42
N VAL N 221 9.19 -54.96 -32.75
CA VAL N 221 9.66 -54.91 -34.12
C VAL N 221 10.74 -55.97 -34.31
N PHE N 222 10.59 -56.82 -35.31
CA PHE N 222 11.58 -57.82 -35.70
C PHE N 222 12.11 -57.44 -37.08
N ALA N 223 13.43 -57.24 -37.20
CA ALA N 223 14.02 -56.95 -38.49
C ALA N 223 15.43 -57.52 -38.56
N HIS N 224 15.92 -57.67 -39.79
CA HIS N 224 17.27 -58.14 -40.02
C HIS N 224 17.72 -57.76 -41.43
N ASP N 225 19.01 -57.92 -41.67
CA ASP N 225 19.57 -57.67 -43.00
C ASP N 225 19.41 -58.93 -43.85
N ARG N 226 19.96 -58.94 -45.06
CA ARG N 226 19.92 -60.14 -45.89
C ARG N 226 20.69 -61.31 -45.27
N ASN N 227 21.77 -61.04 -44.55
CA ASN N 227 22.49 -62.13 -43.88
C ASN N 227 21.62 -62.78 -42.80
N GLY N 228 20.86 -61.96 -42.08
CA GLY N 228 19.99 -62.45 -41.01
C GLY N 228 20.62 -62.36 -39.65
N ASN N 229 21.13 -61.18 -39.32
CA ASN N 229 21.79 -60.94 -38.05
C ASN N 229 21.62 -59.47 -37.70
N LEU N 230 20.93 -59.19 -36.60
CA LEU N 230 20.76 -57.82 -36.14
C LEU N 230 22.01 -57.32 -35.43
N SER N 231 22.25 -56.01 -35.58
CA SER N 231 23.38 -55.29 -35.04
C SER N 231 22.90 -54.15 -34.16
N ASP N 232 23.74 -53.78 -33.19
CA ASP N 232 23.34 -52.75 -32.23
C ASP N 232 23.31 -51.37 -32.89
N THR N 233 24.24 -51.12 -33.82
CA THR N 233 24.23 -49.85 -34.53
C THR N 233 22.96 -49.71 -35.35
N LEU N 234 22.52 -50.80 -35.98
CA LEU N 234 21.29 -50.74 -36.75
C LEU N 234 20.08 -50.46 -35.87
N LYS N 235 20.05 -51.09 -34.68
CA LYS N 235 18.98 -50.84 -33.72
C LYS N 235 18.98 -49.39 -33.29
N GLU N 236 20.15 -48.84 -32.96
CA GLU N 236 20.23 -47.43 -32.61
C GLU N 236 19.75 -46.54 -33.73
N ASP N 237 20.21 -46.78 -34.96
CA ASP N 237 19.79 -45.97 -36.10
C ASP N 237 18.29 -46.08 -36.33
N ILE N 238 17.72 -47.27 -36.12
CA ILE N 238 16.28 -47.45 -36.27
C ILE N 238 15.55 -46.60 -35.25
N ILE N 239 16.01 -46.64 -33.99
CA ILE N 239 15.38 -45.84 -32.94
C ILE N 239 15.50 -44.36 -33.25
N ASP N 240 16.65 -43.92 -33.76
CA ASP N 240 16.84 -42.50 -34.05
C ASP N 240 15.92 -42.03 -35.16
N ALA N 241 15.86 -42.79 -36.25
CA ALA N 241 15.12 -42.37 -37.44
C ALA N 241 13.62 -42.58 -37.32
N LEU N 242 13.17 -43.49 -36.44
CA LEU N 242 11.79 -43.93 -36.43
C LEU N 242 10.90 -43.06 -35.54
N GLN N 243 11.46 -42.03 -34.91
CA GLN N 243 10.69 -41.20 -33.99
C GLN N 243 9.46 -40.58 -34.65
N ASP N 244 9.55 -40.28 -35.96
CA ASP N 244 8.45 -39.62 -36.66
C ASP N 244 7.29 -40.55 -37.02
N TYR N 245 7.35 -41.84 -36.69
CA TYR N 245 6.29 -42.79 -36.99
C TYR N 245 5.89 -43.64 -35.79
N ARG N 246 6.57 -43.50 -34.66
CA ARG N 246 6.28 -44.29 -33.47
C ARG N 246 4.93 -43.87 -32.89
N PRO N 247 4.10 -44.82 -32.43
CA PRO N 247 2.88 -44.42 -31.73
C PRO N 247 3.20 -43.64 -30.46
N SER N 248 2.39 -42.62 -30.18
CA SER N 248 2.67 -41.74 -29.07
C SER N 248 2.50 -42.45 -27.72
N GLY N 249 1.32 -43.02 -27.50
CA GLY N 249 0.94 -43.58 -26.22
C GLY N 249 1.25 -45.04 -25.96
N ILE N 250 2.11 -45.67 -26.77
CA ILE N 250 2.41 -47.10 -26.66
C ILE N 250 3.91 -47.26 -26.82
N MET N 251 4.53 -48.04 -25.94
CA MET N 251 5.95 -48.30 -26.01
C MET N 251 6.29 -49.14 -27.24
N LEU N 252 7.55 -49.05 -27.67
CA LEU N 252 8.06 -49.80 -28.80
C LEU N 252 9.41 -50.40 -28.46
N ASP N 253 9.67 -51.60 -28.99
CA ASP N 253 10.91 -52.32 -28.79
C ASP N 253 11.35 -52.92 -30.12
N VAL N 254 12.64 -52.79 -30.44
CA VAL N 254 13.22 -53.30 -31.69
C VAL N 254 14.30 -54.30 -31.30
N THR N 255 13.96 -55.59 -31.30
CA THR N 255 14.88 -56.67 -30.97
C THR N 255 14.18 -58.00 -31.26
N GLY N 256 14.98 -59.06 -31.41
CA GLY N 256 14.40 -60.39 -31.57
C GLY N 256 14.50 -61.12 -32.90
N VAL N 257 15.39 -62.10 -33.02
CA VAL N 257 15.63 -62.80 -34.28
C VAL N 257 16.22 -64.16 -33.98
N GLU N 258 15.69 -65.18 -34.62
CA GLU N 258 16.12 -66.57 -34.46
C GLU N 258 16.06 -67.28 -35.81
N LYS N 259 17.05 -68.11 -36.06
CA LYS N 259 17.17 -68.88 -37.30
C LYS N 259 16.44 -70.22 -37.18
N GLU N 260 15.26 -70.34 -37.79
CA GLU N 260 14.54 -71.60 -37.76
C GLU N 260 15.14 -72.55 -38.81
N GLU N 261 15.38 -73.79 -38.41
CA GLU N 261 16.07 -74.78 -39.23
C GLU N 261 15.09 -75.83 -39.73
N VAL N 262 15.21 -76.20 -40.99
CA VAL N 262 14.44 -77.27 -41.59
C VAL N 262 15.27 -77.96 -42.66
N ASN N 263 15.11 -79.27 -42.77
CA ASN N 263 15.83 -80.09 -43.73
C ASN N 263 14.88 -80.43 -44.87
N VAL N 264 15.27 -80.09 -46.10
CA VAL N 264 14.43 -80.28 -47.28
C VAL N 264 14.94 -81.48 -48.07
N SER N 265 14.08 -82.45 -48.28
CA SER N 265 14.38 -83.65 -49.08
C SER N 265 13.39 -83.75 -50.21
N ALA N 266 13.90 -83.77 -51.45
CA ALA N 266 13.05 -83.79 -52.63
C ALA N 266 13.54 -84.88 -53.57
N THR N 267 12.62 -85.34 -54.43
CA THR N 267 12.90 -86.38 -55.43
C THR N 267 12.54 -85.82 -56.79
N VAL N 268 13.51 -85.83 -57.72
CA VAL N 268 13.38 -85.20 -59.02
C VAL N 268 13.57 -86.28 -60.08
N THR N 269 12.63 -86.35 -61.04
CA THR N 269 12.74 -87.35 -62.10
C THR N 269 13.05 -86.59 -63.39
N ILE N 270 14.31 -86.62 -63.80
CA ILE N 270 14.72 -85.85 -64.97
C ILE N 270 14.19 -86.53 -66.21
N SER N 271 13.76 -85.74 -67.21
CA SER N 271 13.17 -86.38 -68.37
C SER N 271 14.22 -87.19 -69.13
N ASN N 272 15.42 -86.64 -69.27
CA ASN N 272 16.52 -87.37 -69.90
C ASN N 272 17.06 -88.41 -68.93
N LYS N 273 16.95 -89.69 -69.29
CA LYS N 273 17.52 -90.74 -68.45
C LYS N 273 19.04 -90.62 -68.38
N SER N 274 19.66 -90.11 -69.43
CA SER N 274 21.09 -89.83 -69.41
C SER N 274 21.35 -88.53 -68.66
N ARG N 275 22.59 -88.37 -68.20
CA ARG N 275 23.04 -87.14 -67.52
C ARG N 275 22.23 -86.93 -66.25
N ILE N 276 22.33 -87.91 -65.35
CA ILE N 276 21.68 -87.89 -64.05
C ILE N 276 22.78 -88.02 -63.01
N GLY N 277 23.90 -87.30 -63.23
CA GLY N 277 25.00 -87.33 -62.29
C GLY N 277 24.92 -86.18 -61.30
N ASP N 278 25.62 -86.37 -60.19
CA ASP N 278 25.65 -85.51 -59.02
C ASP N 278 26.11 -84.07 -59.32
N THR N 279 26.63 -83.80 -60.52
CA THR N 279 26.98 -82.42 -60.87
C THR N 279 25.71 -81.56 -60.97
N LEU N 280 24.71 -82.06 -61.68
CA LEU N 280 23.46 -81.31 -61.76
C LEU N 280 22.82 -81.20 -60.38
N GLN N 281 22.92 -82.26 -59.58
CA GLN N 281 22.41 -82.22 -58.21
C GLN N 281 23.08 -81.14 -57.37
N LYS N 282 24.39 -80.95 -57.52
CA LYS N 282 25.07 -79.83 -56.86
C LYS N 282 24.46 -78.49 -57.28
N HIS N 283 24.22 -78.32 -58.58
CA HIS N 283 23.59 -77.08 -59.01
C HIS N 283 22.19 -76.92 -58.42
N ILE N 284 21.43 -78.00 -58.32
CA ILE N 284 20.06 -77.92 -57.82
C ILE N 284 20.07 -77.60 -56.32
N GLU N 285 21.04 -78.18 -55.60
CA GLU N 285 21.18 -77.86 -54.18
C GLU N 285 21.56 -76.41 -53.98
N SER N 286 22.41 -75.87 -54.87
CA SER N 286 22.84 -74.49 -54.73
C SER N 286 21.69 -73.54 -55.05
N VAL N 287 20.84 -73.93 -56.00
CA VAL N 287 19.67 -73.10 -56.30
C VAL N 287 18.70 -73.13 -55.12
N ILE N 288 18.48 -74.30 -54.52
CA ILE N 288 17.57 -74.40 -53.38
C ILE N 288 18.10 -73.58 -52.21
N ARG N 289 19.40 -73.67 -51.95
CA ARG N 289 20.02 -72.84 -50.90
C ARG N 289 19.78 -71.36 -51.18
N SER N 290 20.05 -70.90 -52.40
CA SER N 290 19.86 -69.48 -52.74
C SER N 290 18.40 -69.06 -52.54
N TYR N 291 17.46 -69.94 -52.90
CA TYR N 291 16.07 -69.61 -52.72
C TYR N 291 15.75 -69.48 -51.24
N LEU N 292 16.07 -70.51 -50.46
CA LEU N 292 15.67 -70.53 -49.05
C LEU N 292 16.34 -69.41 -48.26
N ASN N 293 17.60 -69.14 -48.55
CA ASN N 293 18.31 -68.10 -47.83
C ASN N 293 17.78 -66.71 -48.17
N ASN N 294 17.09 -66.54 -49.31
CA ASN N 294 16.57 -65.23 -49.72
C ASN N 294 15.28 -64.84 -48.96
N LEU N 295 14.56 -65.80 -48.38
CA LEU N 295 13.36 -65.47 -47.61
C LEU N 295 13.70 -64.52 -46.45
N LYS N 296 12.66 -63.89 -45.93
CA LYS N 296 12.75 -63.00 -44.76
C LYS N 296 11.79 -63.43 -43.67
N THR N 297 11.83 -62.78 -42.51
CA THR N 297 10.89 -63.10 -41.43
C THR N 297 9.42 -62.99 -41.83
N SER N 298 9.07 -62.00 -42.64
CA SER N 298 7.67 -61.80 -43.03
C SER N 298 7.18 -62.85 -44.03
N ASP N 299 8.07 -63.44 -44.82
CA ASP N 299 7.77 -64.59 -45.65
C ASP N 299 7.74 -65.86 -44.78
N ASP N 300 7.09 -66.87 -45.33
CA ASP N 300 6.91 -68.19 -44.74
C ASP N 300 7.09 -69.26 -45.83
N LEU N 301 7.71 -70.39 -45.45
CA LEU N 301 7.93 -71.47 -46.37
C LEU N 301 6.59 -71.99 -46.92
N ILE N 302 6.48 -72.04 -48.24
CA ILE N 302 5.34 -72.64 -48.91
C ILE N 302 5.81 -73.72 -49.90
N ILE N 303 5.12 -74.85 -49.92
CA ILE N 303 5.49 -75.92 -50.83
C ILE N 303 5.38 -75.44 -52.27
N THR N 304 4.28 -74.78 -52.63
CA THR N 304 4.05 -74.38 -54.02
C THR N 304 5.04 -73.33 -54.46
N ASP N 305 5.40 -72.40 -53.59
CA ASP N 305 6.42 -71.42 -53.91
C ASP N 305 7.78 -72.10 -54.14
N LEU N 306 8.16 -73.06 -53.29
CA LEU N 306 9.39 -73.81 -53.50
C LEU N 306 9.34 -74.53 -54.85
N ILE N 307 8.18 -75.13 -55.17
CA ILE N 307 8.01 -75.84 -56.44
C ILE N 307 8.19 -74.88 -57.60
N GLN N 308 7.56 -73.71 -57.54
CA GLN N 308 7.79 -72.74 -58.61
C GLN N 308 9.28 -72.39 -58.70
N ALA N 309 9.93 -72.08 -57.58
CA ALA N 309 11.32 -71.65 -57.60
C ALA N 309 12.24 -72.71 -58.22
N ILE N 310 12.08 -73.97 -57.79
CA ILE N 310 12.96 -75.01 -58.33
C ILE N 310 12.61 -75.35 -59.79
N MET N 311 11.34 -75.22 -60.17
CA MET N 311 10.90 -75.46 -61.54
C MET N 311 11.13 -74.27 -62.48
N ASN N 312 11.86 -73.25 -62.08
CA ASN N 312 12.27 -72.20 -63.01
C ASN N 312 13.10 -72.77 -64.16
N ILE N 313 13.91 -73.80 -63.87
CA ILE N 313 14.56 -74.64 -64.87
C ILE N 313 13.51 -75.10 -65.89
N ASP N 314 13.94 -75.29 -67.14
CA ASP N 314 13.02 -75.61 -68.22
C ASP N 314 12.30 -76.94 -67.99
N ASP N 315 10.98 -76.92 -68.16
CA ASP N 315 10.19 -78.10 -67.85
C ASP N 315 10.48 -79.30 -68.75
N VAL N 316 11.23 -79.11 -69.84
CA VAL N 316 11.62 -80.24 -70.67
C VAL N 316 12.68 -81.08 -69.96
N LEU N 317 13.57 -80.42 -69.21
CA LEU N 317 14.59 -81.14 -68.46
C LEU N 317 13.94 -81.85 -67.28
N ILE N 318 13.52 -81.09 -66.27
CA ILE N 318 12.88 -81.66 -65.09
C ILE N 318 11.41 -81.89 -65.41
N TYR N 319 10.96 -83.13 -65.30
CA TYR N 319 9.61 -83.54 -65.66
C TYR N 319 8.70 -83.62 -64.45
N ASP N 320 9.26 -83.96 -63.30
CA ASP N 320 8.47 -84.19 -62.09
C ASP N 320 9.34 -83.84 -60.89
N VAL N 321 8.71 -83.22 -59.89
CA VAL N 321 9.34 -82.98 -58.59
C VAL N 321 8.36 -83.38 -57.48
N SER N 322 8.89 -84.01 -56.43
CA SER N 322 8.09 -84.40 -55.27
C SER N 322 8.91 -84.30 -54.01
N PHE N 323 8.25 -84.16 -52.87
CA PHE N 323 8.90 -84.08 -51.56
C PHE N 323 8.58 -85.32 -50.75
N ASP N 324 9.60 -85.95 -50.18
CA ASP N 324 9.37 -87.13 -49.36
C ASP N 324 9.00 -86.77 -47.92
N ASN N 325 9.49 -85.64 -47.42
CA ASN N 325 9.24 -85.19 -46.06
C ASN N 325 8.18 -84.09 -45.99
N LEU N 326 8.26 -83.09 -46.85
CA LEU N 326 7.38 -81.93 -46.83
C LEU N 326 6.01 -82.24 -47.44
N ASP N 327 4.95 -82.20 -46.63
CA ASP N 327 3.58 -82.49 -47.07
C ASP N 327 2.56 -81.40 -46.69
N GLU N 328 2.95 -80.46 -45.85
CA GLU N 328 2.08 -79.36 -45.45
C GLU N 328 2.90 -78.07 -45.31
N ASN N 329 2.26 -76.93 -45.51
CA ASN N 329 2.89 -75.63 -45.28
C ASN N 329 3.34 -75.44 -43.82
N ILE N 330 4.52 -74.87 -43.65
CA ILE N 330 5.05 -74.58 -42.33
C ILE N 330 4.81 -73.11 -42.01
N ILE N 331 4.27 -72.85 -40.83
CA ILE N 331 4.00 -71.49 -40.39
C ILE N 331 5.18 -71.05 -39.52
N VAL N 332 5.84 -69.97 -39.91
CA VAL N 332 6.96 -69.43 -39.13
C VAL N 332 6.46 -68.57 -37.97
N PRO N 333 6.94 -68.75 -36.73
CA PRO N 333 6.60 -67.81 -35.68
C PRO N 333 7.10 -66.41 -36.03
N PRO N 334 6.50 -65.34 -35.50
CA PRO N 334 6.85 -63.99 -35.90
C PRO N 334 8.32 -63.64 -35.64
N GLN N 335 8.93 -64.14 -34.56
CA GLN N 335 10.31 -63.79 -34.23
C GLN N 335 11.31 -64.56 -35.08
N GLY N 336 11.06 -65.86 -35.31
CA GLY N 336 11.92 -66.71 -36.11
C GLY N 336 11.82 -66.45 -37.62
N ILE N 337 12.80 -66.99 -38.34
CA ILE N 337 12.87 -66.92 -39.81
C ILE N 337 13.22 -68.31 -40.32
N ILE N 338 12.52 -68.80 -41.33
CA ILE N 338 12.88 -70.08 -41.92
C ILE N 338 14.06 -69.91 -42.87
N ARG N 339 15.02 -70.84 -42.79
CA ARG N 339 16.10 -70.91 -43.78
C ARG N 339 16.65 -72.31 -43.92
N ALA N 340 17.45 -72.50 -44.96
CA ALA N 340 18.02 -73.80 -45.26
C ALA N 340 18.94 -74.29 -44.15
N GLY N 341 18.82 -75.57 -43.82
CA GLY N 341 19.75 -76.23 -42.92
C GLY N 341 20.76 -77.01 -43.72
N GLU N 342 20.70 -78.34 -43.59
CA GLU N 342 21.50 -79.26 -44.39
C GLU N 342 20.56 -79.94 -45.39
N ILE N 343 20.77 -79.67 -46.69
CA ILE N 343 19.85 -80.11 -47.74
C ILE N 343 20.37 -81.40 -48.34
N LYS N 344 19.46 -82.32 -48.66
CA LYS N 344 19.81 -83.57 -49.34
C LYS N 344 18.90 -83.74 -50.54
N VAL N 345 19.52 -83.89 -51.72
CA VAL N 345 18.82 -84.04 -52.99
C VAL N 345 19.32 -85.30 -53.66
N GLU N 346 18.40 -86.09 -54.21
CA GLU N 346 18.74 -87.32 -54.92
C GLU N 346 17.75 -87.51 -56.06
N LEU N 347 18.14 -88.34 -57.01
CA LEU N 347 17.31 -88.62 -58.19
C LEU N 347 16.10 -89.45 -57.80
N LYS N 348 16.36 -90.64 -57.26
CA LYS N 348 15.34 -91.51 -56.66
C LYS N 348 16.02 -92.42 -55.65
N MET O 1 35.12 10.84 -30.81
CA MET O 1 33.89 11.64 -30.55
C MET O 1 32.68 10.72 -30.41
N LYS O 2 31.52 11.32 -30.19
CA LYS O 2 30.28 10.58 -30.04
C LYS O 2 30.02 9.71 -31.26
N THR O 3 29.52 8.50 -31.01
CA THR O 3 29.28 7.52 -32.05
C THR O 3 27.94 7.80 -32.72
N ARG O 4 27.94 7.82 -34.04
CA ARG O 4 26.74 8.08 -34.85
C ARG O 4 26.39 6.82 -35.62
N LYS O 5 25.15 6.36 -35.46
CA LYS O 5 24.69 5.14 -36.11
C LYS O 5 24.16 5.45 -37.51
N LEU O 6 23.93 4.39 -38.27
CA LEU O 6 23.51 4.53 -39.66
C LEU O 6 22.19 5.26 -39.77
N THR O 7 21.22 4.91 -38.93
CA THR O 7 19.87 5.46 -39.09
C THR O 7 19.86 6.97 -38.89
N ASN O 8 20.61 7.47 -37.90
CA ASN O 8 20.67 8.90 -37.65
C ASN O 8 21.32 9.63 -38.83
N ILE O 9 22.46 9.14 -39.32
CA ILE O 9 23.12 9.76 -40.47
C ILE O 9 22.21 9.73 -41.70
N LEU O 10 21.48 8.63 -41.89
CA LEU O 10 20.58 8.54 -43.04
C LEU O 10 19.45 9.54 -42.91
N SER O 11 18.89 9.67 -41.71
CA SER O 11 17.83 10.66 -41.50
C SER O 11 18.35 12.08 -41.72
N LYS O 12 19.60 12.33 -41.31
CA LYS O 12 20.13 13.69 -41.43
C LYS O 12 20.39 14.01 -42.90
N LEU O 13 20.89 13.03 -43.65
CA LEU O 13 21.09 13.19 -45.09
C LEU O 13 19.75 13.41 -45.80
N ILE O 14 18.73 12.62 -45.44
CA ILE O 14 17.42 12.78 -46.06
C ILE O 14 16.88 14.18 -45.78
N ASP O 15 17.06 14.67 -44.56
CA ASP O 15 16.52 15.98 -44.20
C ASP O 15 17.27 17.10 -44.90
N LYS O 16 18.59 16.96 -45.05
CA LYS O 16 19.35 17.95 -45.81
C LYS O 16 18.97 17.94 -47.28
N THR O 17 18.75 16.74 -47.85
CA THR O 17 18.33 16.66 -49.25
C THR O 17 16.96 17.28 -49.45
N MET O 18 16.01 17.00 -48.55
CA MET O 18 14.70 17.61 -48.69
C MET O 18 14.79 19.12 -48.53
N ALA O 19 15.50 19.59 -47.51
CA ALA O 19 15.58 21.03 -47.29
C ALA O 19 16.43 21.74 -48.34
N GLY O 20 17.21 21.00 -49.14
CA GLY O 20 18.14 21.59 -50.08
C GLY O 20 17.54 21.97 -51.41
N THR O 21 16.29 22.44 -51.40
CA THR O 21 15.58 22.84 -52.62
C THR O 21 15.48 21.65 -53.58
N SER O 22 14.74 20.62 -53.12
CA SER O 22 14.56 19.39 -53.86
C SER O 22 13.27 18.78 -53.33
N LYS O 23 12.20 18.89 -54.12
CA LYS O 23 10.95 18.20 -53.85
C LYS O 23 10.74 17.02 -54.76
N ILE O 24 11.39 16.99 -55.92
CA ILE O 24 11.19 15.90 -56.86
C ILE O 24 11.70 14.61 -56.25
N THR O 25 12.86 14.68 -55.57
CA THR O 25 13.53 13.49 -55.05
C THR O 25 12.68 12.75 -54.03
N ASP O 26 12.78 11.42 -54.05
CA ASP O 26 12.09 10.56 -53.11
C ASP O 26 13.10 9.54 -52.56
N PHE O 27 12.86 9.09 -51.34
CA PHE O 27 13.71 8.17 -50.61
C PHE O 27 12.95 6.91 -50.29
N THR O 28 12.18 6.39 -51.26
CA THR O 28 11.60 5.06 -51.06
C THR O 28 12.67 3.98 -51.13
N PRO O 29 12.41 2.76 -50.65
CA PRO O 29 13.45 1.74 -50.75
C PRO O 29 13.53 1.19 -52.17
N GLY O 30 14.70 0.64 -52.50
CA GLY O 30 15.01 0.26 -53.87
C GLY O 30 15.55 1.35 -54.77
N SER O 31 15.53 2.61 -54.35
CA SER O 31 16.03 3.68 -55.19
C SER O 31 17.56 3.71 -55.16
N ALA O 32 18.15 4.35 -56.19
CA ALA O 32 19.60 4.48 -56.22
C ALA O 32 20.08 5.51 -55.20
N SER O 33 19.34 6.60 -55.03
CA SER O 33 19.78 7.62 -54.09
C SER O 33 19.73 7.11 -52.67
N ARG O 34 18.73 6.28 -52.35
CA ARG O 34 18.63 5.76 -50.98
C ARG O 34 19.77 4.79 -50.70
N SER O 35 20.13 3.97 -51.69
CA SER O 35 21.22 3.02 -51.52
C SER O 35 22.55 3.75 -51.36
N LEU O 36 22.76 4.80 -52.16
CA LEU O 36 24.00 5.58 -52.02
C LEU O 36 24.05 6.27 -50.67
N LEU O 37 22.92 6.82 -50.22
CA LEU O 37 22.91 7.47 -48.91
C LEU O 37 23.25 6.49 -47.80
N GLU O 38 22.63 5.30 -47.85
CA GLU O 38 22.89 4.27 -46.85
C GLU O 38 24.34 3.83 -46.85
N ALA O 39 24.90 3.60 -48.05
CA ALA O 39 26.32 3.27 -48.15
C ALA O 39 27.21 4.35 -47.52
N VAL O 40 26.97 5.63 -47.85
CA VAL O 40 27.77 6.70 -47.27
C VAL O 40 27.65 6.70 -45.76
N SER O 41 26.42 6.50 -45.26
CA SER O 41 26.19 6.48 -43.83
C SER O 41 26.97 5.34 -43.15
N LEU O 42 26.98 4.17 -43.80
CA LEU O 42 27.72 3.04 -43.26
C LEU O 42 29.22 3.30 -43.30
N GLU O 43 29.70 4.02 -44.30
CA GLU O 43 31.11 4.38 -44.34
C GLU O 43 31.45 5.30 -43.17
N ILE O 44 30.64 6.33 -42.94
CA ILE O 44 30.85 7.22 -41.81
C ILE O 44 30.78 6.46 -40.48
N GLU O 45 29.85 5.51 -40.36
CA GLU O 45 29.79 4.67 -39.16
C GLU O 45 31.08 3.90 -38.97
N GLN O 46 31.55 3.25 -40.04
CA GLN O 46 32.82 2.53 -39.99
C GLN O 46 33.94 3.45 -39.54
N PHE O 47 33.94 4.68 -40.05
CA PHE O 47 35.01 5.62 -39.74
C PHE O 47 34.96 5.99 -38.27
N TYR O 48 33.76 6.19 -37.73
CA TYR O 48 33.63 6.54 -36.32
C TYR O 48 34.03 5.38 -35.41
N ILE O 49 33.66 4.15 -35.79
CA ILE O 49 34.01 2.99 -34.97
C ILE O 49 35.52 2.77 -34.99
N LEU O 50 36.13 2.84 -36.17
CA LEU O 50 37.59 2.73 -36.26
C LEU O 50 38.29 3.87 -35.55
N THR O 51 37.70 5.08 -35.56
CA THR O 51 38.28 6.18 -34.79
C THR O 51 38.26 5.88 -33.31
N LYS O 52 37.17 5.31 -32.81
CA LYS O 52 37.09 5.01 -31.38
C LYS O 52 38.08 3.91 -31.01
N GLU O 53 38.22 2.91 -31.87
CA GLU O 53 39.18 1.85 -31.62
C GLU O 53 40.61 2.40 -31.70
N ASN O 54 40.87 3.30 -32.64
CA ASN O 54 42.20 3.91 -32.66
C ASN O 54 42.45 4.78 -31.45
N ILE O 55 41.42 5.43 -30.89
CA ILE O 55 41.62 6.23 -29.70
C ILE O 55 41.98 5.33 -28.52
N ASP O 56 41.30 4.19 -28.38
CA ASP O 56 41.65 3.24 -27.33
C ASP O 56 43.08 2.72 -27.51
N TRP O 57 43.43 2.29 -28.74
CA TRP O 57 44.79 1.83 -28.97
C TRP O 57 45.81 2.91 -28.68
N GLY O 58 45.50 4.15 -29.07
CA GLY O 58 46.40 5.26 -28.79
C GLY O 58 46.59 5.49 -27.30
N ILE O 59 45.51 5.38 -26.53
CA ILE O 59 45.63 5.54 -25.08
C ILE O 59 46.55 4.48 -24.51
N GLN O 60 46.33 3.21 -24.91
CA GLN O 60 47.18 2.14 -24.43
C GLN O 60 48.64 2.36 -24.83
N GLU O 61 48.89 2.76 -26.08
CA GLU O 61 50.26 2.92 -26.55
C GLU O 61 50.93 4.13 -25.90
N GLY O 62 50.18 5.19 -25.61
CA GLY O 62 50.76 6.31 -24.90
C GLY O 62 51.10 5.96 -23.48
N ILE O 63 50.32 5.08 -22.85
CA ILE O 63 50.58 4.72 -21.47
C ILE O 63 51.80 3.81 -21.41
N ILE O 64 51.94 2.96 -22.42
CA ILE O 64 53.13 2.12 -22.57
C ILE O 64 54.37 2.99 -22.75
N GLU O 65 54.32 3.96 -23.67
CA GLU O 65 55.46 4.83 -23.95
C GLU O 65 55.80 5.71 -22.77
N ALA O 66 54.78 6.22 -22.06
CA ALA O 66 54.93 6.94 -20.81
C ALA O 66 55.63 6.10 -19.75
N PHE O 67 56.31 6.78 -18.82
CA PHE O 67 57.12 6.12 -17.79
C PHE O 67 58.15 5.18 -18.44
N ASP O 68 58.44 4.04 -17.83
CA ASP O 68 59.24 2.94 -18.40
C ASP O 68 58.56 1.59 -18.11
N PHE O 69 57.28 1.65 -17.77
CA PHE O 69 56.49 0.53 -17.29
C PHE O 69 55.91 -0.20 -18.49
N GLN O 70 56.34 -1.44 -18.69
CA GLN O 70 55.89 -2.25 -19.82
C GLN O 70 55.63 -3.68 -19.35
N LYS O 71 54.75 -4.37 -20.09
CA LYS O 71 54.42 -5.75 -19.78
C LYS O 71 55.58 -6.67 -20.14
N ARG O 72 55.67 -7.79 -19.43
CA ARG O 72 56.70 -8.79 -19.64
C ARG O 72 56.20 -9.88 -20.57
N GLN O 73 57.15 -10.63 -21.12
CA GLN O 73 56.81 -11.60 -22.16
C GLN O 73 56.28 -12.89 -21.55
N SER O 74 55.83 -13.77 -22.43
CA SER O 74 55.23 -15.04 -22.04
C SER O 74 56.29 -16.00 -21.52
N LYS O 75 55.84 -16.98 -20.72
CA LYS O 75 56.70 -18.05 -20.22
C LYS O 75 56.50 -19.34 -21.00
N ARG O 76 57.63 -19.98 -21.36
CA ARG O 76 57.58 -21.25 -22.06
C ARG O 76 57.03 -22.33 -21.13
N ALA O 77 56.18 -23.19 -21.67
CA ALA O 77 55.66 -24.32 -20.91
C ALA O 77 56.79 -25.31 -20.61
N TYR O 78 56.69 -25.99 -19.47
CA TYR O 78 57.64 -27.03 -19.12
C TYR O 78 56.97 -28.06 -18.23
N GLY O 79 57.57 -29.25 -18.20
CA GLY O 79 57.03 -30.31 -17.37
C GLY O 79 57.89 -31.54 -17.39
N ASP O 80 57.37 -32.59 -16.76
CA ASP O 80 58.10 -33.85 -16.58
C ASP O 80 57.54 -34.90 -17.53
N VAL O 81 58.44 -35.75 -18.04
CA VAL O 81 58.10 -36.80 -19.00
C VAL O 81 58.72 -38.09 -18.50
N THR O 82 58.00 -39.21 -18.65
CA THR O 82 58.35 -40.45 -17.99
C THR O 82 58.68 -41.47 -19.06
N ILE O 83 59.81 -42.17 -18.86
CA ILE O 83 60.32 -43.16 -19.79
C ILE O 83 60.20 -44.54 -19.19
N GLN O 84 59.65 -45.47 -19.97
CA GLN O 84 59.43 -46.85 -19.58
C GLN O 84 60.22 -47.74 -20.55
N PHE O 85 61.08 -48.58 -20.01
CA PHE O 85 61.96 -49.46 -20.77
C PHE O 85 61.40 -50.88 -20.69
N TYR O 86 61.77 -51.72 -21.66
CA TYR O 86 61.34 -53.12 -21.66
C TYR O 86 61.93 -53.89 -20.48
N GLN O 87 63.16 -53.54 -20.08
CA GLN O 87 63.89 -54.25 -19.05
C GLN O 87 64.84 -53.26 -18.39
N PRO O 88 65.25 -53.50 -17.15
CA PRO O 88 66.21 -52.60 -16.52
C PRO O 88 67.54 -52.62 -17.27
N LEU O 89 68.14 -51.43 -17.40
CA LEU O 89 69.37 -51.30 -18.18
C LEU O 89 70.51 -52.06 -17.52
N ASP O 90 71.26 -52.81 -18.34
CA ASP O 90 72.41 -53.56 -17.84
C ASP O 90 73.65 -52.69 -17.69
N MET O 91 73.80 -51.66 -18.52
CA MET O 91 74.90 -50.72 -18.40
C MET O 91 74.37 -49.30 -18.45
N ARG O 92 75.21 -48.35 -18.01
CA ARG O 92 74.85 -46.94 -18.01
C ARG O 92 74.76 -46.40 -19.43
N MET O 93 73.67 -45.68 -19.70
CA MET O 93 73.40 -45.08 -20.99
C MET O 93 73.40 -43.56 -20.89
N TYR O 94 73.80 -42.89 -21.98
CA TYR O 94 73.81 -41.44 -22.05
C TYR O 94 72.76 -40.99 -23.06
N ILE O 95 71.98 -40.00 -22.66
CA ILE O 95 70.98 -39.38 -23.52
C ILE O 95 71.64 -38.15 -24.16
N PRO O 96 71.75 -38.08 -25.50
CA PRO O 96 72.26 -36.85 -26.13
C PRO O 96 71.40 -35.63 -25.82
N ALA O 97 72.09 -34.52 -25.57
CA ALA O 97 71.45 -33.23 -25.31
C ALA O 97 70.58 -32.80 -26.50
N GLY O 98 69.56 -32.00 -26.21
CA GLY O 98 68.68 -31.61 -27.30
C GLY O 98 67.86 -32.73 -27.93
N THR O 99 67.52 -33.75 -27.16
CA THR O 99 66.59 -34.77 -27.61
C THR O 99 65.18 -34.18 -27.73
N THR O 100 64.51 -34.50 -28.84
CA THR O 100 63.22 -33.91 -29.17
C THR O 100 62.09 -34.83 -28.74
N PHE O 101 61.18 -34.30 -27.92
CA PHE O 101 59.96 -35.01 -27.51
C PHE O 101 58.78 -34.37 -28.20
N THR O 102 57.92 -35.20 -28.80
CA THR O 102 56.76 -34.73 -29.57
C THR O 102 55.57 -35.66 -29.31
N SER O 103 54.47 -35.37 -29.97
CA SER O 103 53.25 -36.18 -29.95
C SER O 103 52.77 -36.49 -31.36
N THR O 104 51.82 -37.43 -31.43
CA THR O 104 51.25 -37.91 -32.68
C THR O 104 49.83 -37.42 -32.95
N ARG O 105 49.13 -36.90 -31.95
CA ARG O 105 47.80 -36.35 -32.16
C ARG O 105 47.87 -35.07 -32.97
N GLN O 106 46.92 -34.88 -33.89
CA GLN O 106 46.94 -33.69 -34.72
C GLN O 106 46.60 -32.43 -33.94
N GLU O 107 45.98 -32.57 -32.77
CA GLU O 107 45.59 -31.39 -32.00
C GLU O 107 46.80 -30.72 -31.36
N TYR O 108 47.85 -31.50 -31.04
CA TYR O 108 49.03 -30.99 -30.37
C TYR O 108 50.27 -31.46 -31.11
N PRO O 109 50.66 -30.75 -32.19
CA PRO O 109 51.90 -31.06 -32.91
C PRO O 109 53.07 -30.23 -32.40
N GLN O 110 52.97 -29.68 -31.19
CA GLN O 110 54.02 -28.83 -30.67
C GLN O 110 55.18 -29.65 -30.14
N GLN O 111 56.39 -29.18 -30.41
CA GLN O 111 57.59 -29.91 -30.08
C GLN O 111 58.08 -29.54 -28.67
N PHE O 112 59.03 -30.33 -28.18
CA PHE O 112 59.67 -30.10 -26.90
C PHE O 112 61.13 -30.47 -27.05
N GLU O 113 61.95 -30.04 -26.10
CA GLU O 113 63.37 -30.32 -26.19
C GLU O 113 63.97 -30.14 -24.81
N THR O 114 64.97 -30.97 -24.51
CA THR O 114 65.69 -30.93 -23.24
C THR O 114 66.84 -29.94 -23.27
N LEU O 115 67.16 -29.40 -22.09
CA LEU O 115 68.18 -28.36 -21.96
C LEU O 115 69.50 -28.84 -21.40
N VAL O 116 69.51 -29.92 -20.62
CA VAL O 116 70.70 -30.38 -19.92
C VAL O 116 70.90 -31.87 -20.20
N ASP O 117 72.10 -32.34 -19.88
CA ASP O 117 72.44 -33.74 -20.04
C ASP O 117 71.68 -34.62 -19.03
N TYR O 118 71.46 -35.88 -19.40
CA TYR O 118 70.92 -36.86 -18.44
C TYR O 118 71.55 -38.22 -18.70
N TYR O 119 71.61 -39.03 -17.65
CA TYR O 119 72.30 -40.32 -17.66
C TYR O 119 71.43 -41.41 -17.05
N ALA O 120 71.28 -42.54 -17.75
CA ALA O 120 70.35 -43.59 -17.32
C ALA O 120 71.18 -44.70 -16.69
N GLU O 121 71.30 -44.67 -15.37
CA GLU O 121 72.14 -45.62 -14.68
C GLU O 121 71.57 -47.03 -14.81
N PRO O 122 72.40 -48.06 -14.71
CA PRO O 122 71.89 -49.42 -14.90
C PRO O 122 70.97 -49.82 -13.76
N ASP O 123 70.22 -50.90 -13.98
CA ASP O 123 69.28 -51.43 -12.99
C ASP O 123 68.23 -50.37 -12.63
N SER O 124 67.80 -49.60 -13.62
CA SER O 124 66.76 -48.59 -13.46
C SER O 124 65.75 -48.76 -14.59
N THR O 125 64.52 -49.12 -14.24
CA THR O 125 63.49 -49.37 -15.25
C THR O 125 62.77 -48.12 -15.72
N GLU O 126 63.12 -46.95 -15.21
CA GLU O 126 62.44 -45.73 -15.61
C GLU O 126 63.33 -44.55 -15.29
N ILE O 127 63.19 -43.50 -16.09
CA ILE O 127 63.91 -42.24 -15.88
C ILE O 127 62.98 -41.11 -16.26
N VAL O 128 63.06 -40.02 -15.49
CA VAL O 128 62.25 -38.82 -15.69
C VAL O 128 63.18 -37.65 -15.95
N VAL O 129 62.94 -36.92 -17.03
CA VAL O 129 63.70 -35.73 -17.39
C VAL O 129 62.76 -34.58 -17.72
N GLU O 130 63.16 -33.37 -17.33
CA GLU O 130 62.37 -32.18 -17.58
C GLU O 130 62.51 -31.73 -19.03
N VAL O 131 61.50 -31.01 -19.53
CA VAL O 131 61.36 -30.68 -20.95
C VAL O 131 60.76 -29.29 -21.01
N TYR O 132 61.13 -28.54 -22.05
CA TYR O 132 60.66 -27.17 -22.23
C TYR O 132 60.06 -27.02 -23.62
N CYS O 133 58.93 -26.34 -23.68
CA CYS O 133 58.17 -26.17 -24.91
C CYS O 133 58.84 -25.09 -25.75
N LYS O 134 59.20 -25.43 -26.98
CA LYS O 134 59.93 -24.47 -27.79
C LYS O 134 59.03 -23.32 -28.24
N GLU O 135 57.77 -23.61 -28.56
CA GLU O 135 56.82 -22.57 -28.92
C GLU O 135 56.36 -21.80 -27.67
N THR O 136 56.31 -20.48 -27.78
CA THR O 136 55.99 -19.61 -26.65
C THR O 136 54.50 -19.29 -26.70
N GLY O 137 53.71 -20.08 -26.00
CA GLY O 137 52.27 -19.91 -26.01
C GLY O 137 51.63 -20.94 -25.11
N VAL O 138 50.29 -20.86 -25.04
CA VAL O 138 49.50 -21.79 -24.23
C VAL O 138 49.34 -23.15 -24.88
N ALA O 139 49.85 -23.36 -26.09
CA ALA O 139 49.69 -24.67 -26.70
C ALA O 139 50.47 -25.76 -25.99
N GLY O 140 51.48 -25.39 -25.19
CA GLY O 140 52.24 -26.38 -24.46
C GLY O 140 51.49 -27.01 -23.30
N ASN O 141 50.35 -26.47 -22.91
CA ASN O 141 49.60 -27.01 -21.77
C ASN O 141 48.79 -28.23 -22.19
N VAL O 142 49.50 -29.28 -22.60
CA VAL O 142 48.85 -30.45 -23.19
C VAL O 142 48.19 -31.29 -22.10
N PRO O 143 47.04 -31.93 -22.37
CA PRO O 143 46.45 -32.82 -21.36
C PRO O 143 47.30 -34.05 -21.10
N GLU O 144 46.86 -34.89 -20.16
CA GLU O 144 47.58 -36.08 -19.79
C GLU O 144 47.67 -37.06 -20.97
N GLY O 145 48.78 -37.79 -21.03
CA GLY O 145 49.02 -38.77 -22.07
C GLY O 145 48.96 -38.25 -23.49
N THR O 146 49.67 -37.14 -23.73
CA THR O 146 49.78 -36.53 -25.05
C THR O 146 51.15 -36.74 -25.67
N ILE O 147 52.21 -36.45 -24.91
CA ILE O 147 53.59 -36.53 -25.41
C ILE O 147 54.01 -37.99 -25.48
N ASN O 148 53.69 -38.66 -26.59
CA ASN O 148 54.00 -40.09 -26.73
C ASN O 148 54.97 -40.34 -27.87
N THR O 149 56.05 -39.57 -27.96
CA THR O 149 57.05 -39.80 -29.01
C THR O 149 58.41 -39.26 -28.57
N ILE O 150 59.47 -39.95 -28.95
CA ILE O 150 60.85 -39.57 -28.64
C ILE O 150 61.70 -39.73 -29.89
N ALA O 151 62.51 -38.72 -30.19
CA ALA O 151 63.51 -38.78 -31.24
C ALA O 151 64.83 -39.34 -30.70
N SER O 152 65.62 -39.88 -31.63
CA SER O 152 66.90 -40.55 -31.34
C SER O 152 66.84 -41.45 -30.11
N GLY O 153 65.80 -42.27 -30.04
CA GLY O 153 65.60 -43.18 -28.92
C GLY O 153 66.05 -44.59 -29.29
N SER O 154 66.68 -45.25 -28.33
CA SER O 154 67.15 -46.62 -28.55
C SER O 154 65.97 -47.58 -28.54
N SER O 155 66.27 -48.86 -28.80
CA SER O 155 65.24 -49.89 -28.78
C SER O 155 64.80 -50.25 -27.36
N LEU O 156 65.63 -49.96 -26.37
CA LEU O 156 65.30 -50.26 -24.99
C LEU O 156 63.99 -49.60 -24.55
N ILE O 157 63.75 -48.36 -24.98
CA ILE O 157 62.53 -47.63 -24.58
C ILE O 157 61.29 -48.42 -25.00
N ARG O 158 60.39 -48.67 -24.10
CA ARG O 158 59.09 -49.32 -24.32
C ARG O 158 57.96 -48.30 -24.49
N SER O 159 57.85 -47.28 -23.63
CA SER O 159 56.74 -46.34 -23.71
C SER O 159 57.20 -44.97 -23.24
N VAL O 160 56.61 -43.93 -23.83
CA VAL O 160 56.81 -42.54 -23.42
C VAL O 160 55.46 -41.96 -23.04
N ASN O 161 55.39 -41.34 -21.85
CA ASN O 161 54.14 -40.83 -21.31
C ASN O 161 54.43 -39.75 -20.27
N ASN O 162 53.66 -38.67 -20.28
CA ASN O 162 53.68 -37.69 -19.19
C ASN O 162 52.60 -38.02 -18.18
N GLU O 163 52.97 -38.10 -16.90
CA GLU O 163 52.02 -38.49 -15.86
C GLU O 163 51.04 -37.36 -15.54
N TYR O 164 51.41 -36.12 -15.81
CA TYR O 164 50.58 -34.98 -15.42
C TYR O 164 50.63 -33.91 -16.50
N SER O 165 49.48 -33.28 -16.74
CA SER O 165 49.44 -32.18 -17.71
C SER O 165 50.29 -31.02 -17.20
N PHE O 166 50.84 -30.25 -18.13
CA PHE O 166 51.76 -29.18 -17.76
C PHE O 166 51.01 -28.10 -17.01
N ASN O 167 50.08 -27.43 -17.69
CA ASN O 167 49.30 -26.34 -17.11
C ASN O 167 50.21 -25.26 -16.56
N THR O 168 51.28 -24.95 -17.31
CA THR O 168 52.26 -23.96 -16.90
C THR O 168 52.47 -22.92 -17.98
N GLY O 169 52.27 -23.28 -19.25
CA GLY O 169 52.42 -22.30 -20.31
C GLY O 169 51.43 -21.17 -20.13
N THR O 170 51.80 -20.00 -20.66
CA THR O 170 50.94 -18.83 -20.62
C THR O 170 51.10 -18.03 -21.90
N LYS O 171 50.09 -17.21 -22.19
CA LYS O 171 50.11 -16.28 -23.30
C LYS O 171 50.75 -14.97 -22.83
N GLU O 172 50.67 -13.92 -23.65
CA GLU O 172 51.16 -12.61 -23.24
C GLU O 172 50.38 -12.10 -22.03
N GLU O 173 51.06 -11.26 -21.24
CA GLU O 173 50.53 -10.79 -19.97
C GLU O 173 49.16 -10.15 -20.14
N SER O 174 48.27 -10.51 -19.23
CA SER O 174 46.86 -10.16 -19.28
C SER O 174 46.72 -8.66 -19.12
N GLN O 175 45.72 -8.09 -19.80
CA GLN O 175 45.50 -6.65 -19.69
C GLN O 175 45.15 -6.27 -18.26
N GLU O 176 44.40 -7.12 -17.56
CA GLU O 176 43.98 -6.78 -16.20
C GLU O 176 45.16 -6.84 -15.23
N ASP O 177 46.02 -7.85 -15.36
CA ASP O 177 47.17 -7.97 -14.47
C ASP O 177 48.17 -6.83 -14.71
N PHE O 178 48.37 -6.46 -15.97
CA PHE O 178 49.18 -5.29 -16.28
C PHE O 178 48.57 -4.04 -15.66
N LYS O 179 47.25 -3.86 -15.85
CA LYS O 179 46.57 -2.71 -15.28
C LYS O 179 46.74 -2.66 -13.75
N ARG O 180 46.64 -3.81 -13.09
CA ARG O 180 46.80 -3.85 -11.64
C ARG O 180 48.22 -3.55 -11.21
N ARG O 181 49.20 -4.11 -11.92
CA ARG O 181 50.59 -3.79 -11.59
C ARG O 181 50.89 -2.33 -11.84
N PHE O 182 50.24 -1.73 -12.84
CA PHE O 182 50.49 -0.31 -13.08
C PHE O 182 49.84 0.53 -11.99
N HIS O 183 48.69 0.09 -11.49
CA HIS O 183 48.09 0.76 -10.33
C HIS O 183 49.03 0.69 -9.13
N SER O 184 49.52 -0.51 -8.81
CA SER O 184 50.56 -0.64 -7.78
C SER O 184 51.71 0.34 -7.98
N PHE O 185 52.21 0.48 -9.22
CA PHE O 185 53.31 1.40 -9.45
C PHE O 185 52.90 2.85 -9.21
N VAL O 186 51.69 3.23 -9.64
CA VAL O 186 51.24 4.61 -9.46
C VAL O 186 51.03 4.91 -7.97
N GLU O 187 50.39 4.01 -7.24
CA GLU O 187 50.22 4.25 -5.80
C GLU O 187 51.56 4.23 -5.08
N SER O 188 52.56 3.56 -5.64
CA SER O 188 53.88 3.42 -5.01
C SER O 188 54.82 4.58 -5.32
N ARG O 189 54.38 5.63 -6.01
CA ARG O 189 55.27 6.76 -6.24
C ARG O 189 55.61 7.47 -4.95
N GLY O 190 54.64 7.70 -4.06
CA GLY O 190 54.97 8.17 -2.72
C GLY O 190 55.69 7.09 -1.92
N ARG O 191 57.00 7.27 -1.76
CA ARG O 191 57.85 6.33 -1.05
C ARG O 191 57.47 6.30 0.44
N ALA O 192 58.11 5.43 1.22
CA ALA O 192 57.90 5.25 2.65
C ALA O 192 56.42 5.02 2.97
N THR O 193 55.93 3.88 2.51
CA THR O 193 54.59 3.43 2.87
C THR O 193 54.46 1.96 2.49
N ASN O 194 53.38 1.34 2.99
CA ASN O 194 53.13 -0.08 2.74
C ASN O 194 53.12 -0.41 1.24
N LYS O 195 52.46 0.44 0.45
CA LYS O 195 52.34 0.16 -0.98
C LYS O 195 53.66 0.34 -1.69
N SER O 196 54.50 1.26 -1.19
CA SER O 196 55.80 1.48 -1.82
C SER O 196 56.69 0.25 -1.64
N VAL O 197 56.78 -0.23 -0.40
CA VAL O 197 57.46 -1.49 -0.10
C VAL O 197 56.88 -2.63 -0.92
N ARG O 198 55.54 -2.65 -1.07
CA ARG O 198 54.90 -3.72 -1.82
C ARG O 198 55.38 -3.74 -3.27
N TYR O 199 55.37 -2.58 -3.93
CA TYR O 199 55.82 -2.53 -5.31
C TYR O 199 57.32 -2.81 -5.42
N GLY O 200 58.12 -2.33 -4.46
CA GLY O 200 59.53 -2.58 -4.53
C GLY O 200 59.87 -4.05 -4.38
N ALA O 201 59.00 -4.80 -3.70
CA ALA O 201 59.19 -6.23 -3.53
C ALA O 201 58.67 -6.98 -4.75
N LEU O 202 57.58 -6.49 -5.36
CA LEU O 202 56.94 -7.19 -6.46
C LEU O 202 57.60 -6.95 -7.81
N GLN O 203 58.47 -5.95 -7.92
CA GLN O 203 59.04 -5.59 -9.23
C GLN O 203 60.05 -6.60 -9.75
N ILE O 204 60.49 -7.54 -8.92
CA ILE O 204 61.41 -8.58 -9.38
C ILE O 204 60.58 -9.63 -10.14
N PRO O 205 60.99 -10.07 -11.34
CA PRO O 205 60.12 -10.99 -12.08
C PRO O 205 60.00 -12.38 -11.42
N ASP O 206 60.99 -12.80 -10.63
CA ASP O 206 60.92 -14.14 -10.04
C ASP O 206 59.91 -14.21 -8.90
N VAL O 207 59.93 -13.22 -8.00
CA VAL O 207 59.08 -13.26 -6.82
C VAL O 207 57.62 -13.08 -7.23
N GLU O 208 56.71 -13.70 -6.47
CA GLU O 208 55.29 -13.66 -6.75
C GLU O 208 54.50 -13.73 -5.45
N GLY O 209 53.55 -12.80 -5.31
CA GLY O 209 52.66 -12.71 -4.17
C GLY O 209 53.36 -12.52 -2.84
N VAL O 210 53.95 -11.34 -2.64
CA VAL O 210 54.59 -11.01 -1.38
C VAL O 210 53.54 -10.47 -0.40
N TYR O 211 53.94 -10.32 0.87
CA TYR O 211 53.10 -9.72 1.89
C TYR O 211 53.98 -8.87 2.83
N VAL O 212 53.36 -7.85 3.45
CA VAL O 212 54.04 -6.93 4.37
C VAL O 212 53.29 -6.93 5.70
N TYR O 213 54.04 -6.98 6.82
CA TYR O 213 53.50 -7.01 8.17
C TYR O 213 54.31 -5.95 8.93
N GLU O 214 53.62 -4.91 9.43
CA GLU O 214 54.27 -3.70 9.96
C GLU O 214 54.08 -3.61 11.48
N GLU O 215 55.05 -4.16 12.22
CA GLU O 215 55.24 -4.09 13.64
C GLU O 215 55.99 -2.80 13.98
N THR O 216 55.87 -2.34 15.23
CA THR O 216 56.32 -0.99 15.58
C THR O 216 57.81 -0.83 15.34
N GLY O 217 58.15 0.08 14.42
CA GLY O 217 59.52 0.27 14.03
C GLY O 217 60.13 -0.91 13.30
N HIS O 218 59.31 -1.82 12.76
CA HIS O 218 59.80 -3.14 12.38
C HIS O 218 58.99 -3.70 11.21
N ILE O 219 59.42 -3.37 9.98
CA ILE O 219 58.84 -3.97 8.78
C ILE O 219 59.28 -5.43 8.70
N THR O 220 58.40 -6.30 8.20
CA THR O 220 58.80 -7.60 7.70
C THR O 220 58.06 -7.90 6.39
N VAL O 221 58.80 -8.45 5.42
CA VAL O 221 58.27 -8.76 4.10
C VAL O 221 58.38 -10.27 3.91
N PHE O 222 57.25 -10.91 3.60
CA PHE O 222 57.15 -12.36 3.44
C PHE O 222 57.09 -12.65 1.94
N ALA O 223 58.26 -12.92 1.37
CA ALA O 223 58.44 -13.11 -0.08
C ALA O 223 58.80 -14.56 -0.40
N HIS O 224 58.23 -15.03 -1.51
CA HIS O 224 58.43 -16.37 -2.02
C HIS O 224 58.33 -16.36 -3.54
N ASP O 225 58.93 -17.35 -4.18
CA ASP O 225 58.85 -17.56 -5.62
C ASP O 225 57.68 -18.48 -5.95
N ARG O 226 57.49 -18.70 -7.26
CA ARG O 226 56.38 -19.52 -7.74
C ARG O 226 56.40 -20.93 -7.16
N ASN O 227 57.59 -21.44 -6.81
CA ASN O 227 57.74 -22.71 -6.12
C ASN O 227 57.53 -22.63 -4.61
N GLY O 228 57.37 -21.43 -4.04
CA GLY O 228 57.21 -21.30 -2.61
C GLY O 228 58.48 -21.25 -1.80
N ASN O 229 59.65 -21.18 -2.44
CA ASN O 229 60.94 -21.14 -1.77
C ASN O 229 61.52 -19.72 -1.83
N LEU O 230 62.60 -19.50 -1.08
CA LEU O 230 63.34 -18.23 -1.17
C LEU O 230 64.84 -18.49 -1.00
N SER O 231 65.52 -18.67 -2.13
CA SER O 231 66.97 -18.74 -2.22
C SER O 231 67.65 -17.49 -1.66
N ASP O 232 68.90 -17.67 -1.21
CA ASP O 232 69.62 -16.58 -0.57
C ASP O 232 69.95 -15.46 -1.54
N THR O 233 70.35 -15.81 -2.77
CA THR O 233 70.68 -14.77 -3.73
C THR O 233 69.47 -13.91 -4.07
N LEU O 234 68.33 -14.54 -4.32
CA LEU O 234 67.11 -13.78 -4.59
C LEU O 234 66.66 -12.99 -3.37
N LYS O 235 66.89 -13.52 -2.16
CA LYS O 235 66.52 -12.77 -0.97
C LYS O 235 67.36 -11.50 -0.83
N GLU O 236 68.67 -11.64 -1.07
CA GLU O 236 69.55 -10.47 -1.03
C GLU O 236 69.22 -9.49 -2.15
N ASP O 237 68.85 -9.98 -3.34
CA ASP O 237 68.44 -9.08 -4.42
C ASP O 237 67.19 -8.28 -4.05
N ILE O 238 66.21 -8.94 -3.42
CA ILE O 238 65.02 -8.25 -2.95
C ILE O 238 65.38 -7.21 -1.91
N ILE O 239 66.29 -7.55 -0.98
CA ILE O 239 66.68 -6.61 0.07
C ILE O 239 67.36 -5.39 -0.55
N ASP O 240 68.25 -5.63 -1.52
CA ASP O 240 68.95 -4.52 -2.17
C ASP O 240 67.98 -3.63 -2.93
N ALA O 241 67.03 -4.25 -3.64
CA ALA O 241 66.02 -3.46 -4.36
C ALA O 241 65.20 -2.62 -3.39
N LEU O 242 64.78 -3.22 -2.27
CA LEU O 242 63.95 -2.49 -1.31
C LEU O 242 64.74 -1.41 -0.57
N GLN O 243 66.07 -1.52 -0.52
CA GLN O 243 66.90 -0.51 0.13
C GLN O 243 66.62 0.89 -0.40
N ASP O 244 66.57 1.05 -1.72
CA ASP O 244 66.13 2.32 -2.30
C ASP O 244 64.72 2.71 -1.85
N TYR O 245 63.81 1.73 -1.75
CA TYR O 245 62.40 2.01 -1.47
C TYR O 245 62.05 1.94 0.01
N ARG O 246 62.98 1.50 0.86
CA ARG O 246 62.70 1.28 2.27
C ARG O 246 62.57 2.62 3.01
N PRO O 247 61.57 2.80 3.87
CA PRO O 247 61.56 4.02 4.70
C PRO O 247 62.81 4.12 5.56
N SER O 248 63.38 5.32 5.63
CA SER O 248 64.62 5.50 6.36
C SER O 248 64.39 5.43 7.87
N GLY O 249 65.40 4.93 8.57
CA GLY O 249 65.34 4.87 10.02
C GLY O 249 64.26 3.96 10.58
N ILE O 250 64.11 2.77 10.00
CA ILE O 250 63.16 1.79 10.48
C ILE O 250 63.63 0.42 10.00
N MET O 251 63.46 -0.60 10.86
CA MET O 251 64.02 -1.92 10.61
C MET O 251 63.21 -2.65 9.53
N LEU O 252 63.93 -3.40 8.69
CA LEU O 252 63.35 -4.30 7.69
C LEU O 252 64.00 -5.67 7.85
N ASP O 253 63.19 -6.73 7.74
CA ASP O 253 63.71 -8.08 7.79
C ASP O 253 62.79 -9.02 7.00
N VAL O 254 63.35 -10.16 6.58
CA VAL O 254 62.63 -11.11 5.74
C VAL O 254 63.04 -12.52 6.15
N THR O 255 62.09 -13.46 6.01
CA THR O 255 62.17 -14.80 6.59
C THR O 255 61.30 -15.79 5.83
N GLY O 256 61.12 -15.56 4.53
CA GLY O 256 60.37 -16.45 3.65
C GLY O 256 58.95 -16.66 4.12
N VAL O 257 58.48 -17.89 3.96
CA VAL O 257 57.10 -18.24 4.25
C VAL O 257 57.06 -19.73 4.59
N GLU O 258 56.14 -20.08 5.48
CA GLU O 258 55.96 -21.46 5.97
C GLU O 258 54.73 -22.05 5.29
N LYS O 259 54.93 -23.18 4.61
CA LYS O 259 53.85 -23.83 3.87
C LYS O 259 52.92 -24.59 4.79
N GLU O 260 51.69 -24.85 4.33
CA GLU O 260 50.75 -25.67 5.07
C GLU O 260 50.03 -26.59 4.11
N GLU O 261 49.72 -27.79 4.58
CA GLU O 261 49.11 -28.85 3.79
C GLU O 261 47.69 -29.12 4.29
N VAL O 262 46.72 -29.12 3.37
CA VAL O 262 45.36 -29.54 3.66
C VAL O 262 44.86 -30.43 2.53
N ASN O 263 44.08 -31.43 2.88
CA ASN O 263 43.48 -32.36 1.92
C ASN O 263 42.04 -31.95 1.65
N VAL O 264 41.73 -31.61 0.39
CA VAL O 264 40.39 -31.13 0.07
C VAL O 264 39.41 -32.29 -0.02
N SER O 265 39.80 -33.40 -0.65
CA SER O 265 38.92 -34.57 -0.76
C SER O 265 37.66 -34.22 -1.56
N ALA O 266 37.81 -33.45 -2.63
CA ALA O 266 36.64 -32.89 -3.29
C ALA O 266 35.81 -33.99 -3.96
N THR O 267 34.53 -33.70 -4.18
CA THR O 267 33.62 -34.58 -4.89
C THR O 267 32.85 -33.79 -5.92
N VAL O 268 32.69 -34.36 -7.12
CA VAL O 268 32.09 -33.67 -8.25
C VAL O 268 31.04 -34.56 -8.90
N THR O 269 29.94 -33.94 -9.31
CA THR O 269 28.79 -34.56 -9.96
C THR O 269 28.83 -34.19 -11.45
N ILE O 270 28.73 -35.20 -12.30
CA ILE O 270 28.94 -35.05 -13.74
C ILE O 270 27.66 -35.41 -14.47
N SER O 271 27.18 -34.51 -15.33
CA SER O 271 25.91 -34.74 -16.03
C SER O 271 26.01 -35.94 -16.97
N ASN O 272 27.05 -35.97 -17.79
CA ASN O 272 27.24 -36.94 -18.86
C ASN O 272 27.80 -38.22 -18.26
N LYS O 273 27.01 -39.30 -18.24
CA LYS O 273 27.55 -40.51 -17.63
C LYS O 273 28.59 -41.18 -18.52
N SER O 274 28.48 -41.02 -19.84
CA SER O 274 29.45 -41.63 -20.75
C SER O 274 30.81 -40.98 -20.64
N ARG O 275 30.85 -39.65 -20.54
CA ARG O 275 32.12 -38.93 -20.50
C ARG O 275 32.93 -39.20 -19.23
N ILE O 276 32.33 -39.77 -18.18
CA ILE O 276 33.07 -40.04 -16.96
C ILE O 276 34.17 -41.07 -17.25
N GLY O 277 35.37 -40.79 -16.77
CA GLY O 277 36.48 -41.71 -16.95
C GLY O 277 37.67 -41.29 -16.12
N ASP O 278 38.67 -42.19 -16.08
CA ASP O 278 39.86 -41.92 -15.28
C ASP O 278 40.60 -40.69 -15.78
N THR O 279 40.58 -40.46 -17.09
CA THR O 279 41.29 -39.30 -17.65
C THR O 279 40.75 -38.00 -17.09
N LEU O 280 39.41 -37.86 -17.07
CA LEU O 280 38.79 -36.66 -16.51
C LEU O 280 39.10 -36.51 -15.02
N GLN O 281 39.14 -37.62 -14.28
CA GLN O 281 39.53 -37.56 -12.87
C GLN O 281 40.93 -37.01 -12.73
N LYS O 282 41.85 -37.50 -13.54
CA LYS O 282 43.23 -37.02 -13.45
C LYS O 282 43.32 -35.55 -13.81
N HIS O 283 42.52 -35.13 -14.79
CA HIS O 283 42.52 -33.72 -15.21
C HIS O 283 41.96 -32.83 -14.10
N ILE O 284 40.95 -33.31 -13.39
CA ILE O 284 40.38 -32.54 -12.30
C ILE O 284 41.36 -32.45 -11.15
N GLU O 285 42.04 -33.56 -10.85
CA GLU O 285 43.04 -33.56 -9.79
C GLU O 285 44.18 -32.58 -10.11
N SER O 286 44.65 -32.60 -11.35
CA SER O 286 45.75 -31.71 -11.75
C SER O 286 45.31 -30.26 -11.72
N VAL O 287 44.08 -29.98 -12.16
CA VAL O 287 43.56 -28.61 -12.13
C VAL O 287 43.46 -28.11 -10.70
N ILE O 288 42.96 -28.96 -9.80
CA ILE O 288 42.80 -28.52 -8.41
C ILE O 288 44.17 -28.28 -7.78
N ARG O 289 45.10 -29.22 -7.96
CA ARG O 289 46.45 -29.08 -7.42
C ARG O 289 47.14 -27.84 -7.99
N SER O 290 46.91 -27.53 -9.26
CA SER O 290 47.52 -26.35 -9.83
C SER O 290 46.91 -25.08 -9.23
N TYR O 291 45.59 -25.13 -9.00
CA TYR O 291 44.92 -24.01 -8.34
C TYR O 291 45.51 -23.76 -6.96
N LEU O 292 45.80 -24.85 -6.25
CA LEU O 292 46.42 -24.75 -4.93
C LEU O 292 47.78 -24.04 -4.99
N ASN O 293 48.57 -24.31 -6.02
CA ASN O 293 49.81 -23.58 -6.23
C ASN O 293 49.52 -22.23 -6.92
N ASN O 294 50.56 -21.41 -7.07
CA ASN O 294 50.41 -20.07 -7.63
C ASN O 294 49.37 -19.27 -6.85
N LEU O 295 49.38 -19.41 -5.53
CA LEU O 295 48.51 -18.66 -4.63
C LEU O 295 49.36 -17.79 -3.71
N LYS O 296 48.94 -16.52 -3.54
CA LYS O 296 49.71 -15.57 -2.76
C LYS O 296 49.52 -15.79 -1.26
N THR O 297 50.36 -15.09 -0.49
CA THR O 297 50.41 -15.25 0.96
C THR O 297 49.30 -14.46 1.64
N SER O 298 48.85 -14.97 2.80
CA SER O 298 47.89 -14.28 3.65
C SER O 298 46.58 -14.04 2.89
N ASP O 299 45.92 -15.15 2.55
CA ASP O 299 44.57 -15.15 2.01
C ASP O 299 43.88 -16.42 2.46
N ASP O 300 42.62 -16.30 2.88
CA ASP O 300 41.89 -17.45 3.37
C ASP O 300 41.58 -18.43 2.24
N LEU O 301 41.44 -19.70 2.61
CA LEU O 301 41.10 -20.76 1.66
C LEU O 301 39.63 -20.61 1.27
N ILE O 302 39.37 -19.66 0.38
CA ILE O 302 38.01 -19.41 -0.08
C ILE O 302 37.59 -20.57 -0.97
N ILE O 303 36.39 -21.10 -0.71
CA ILE O 303 35.88 -22.24 -1.47
C ILE O 303 35.07 -21.80 -2.69
N THR O 304 34.46 -20.61 -2.63
CA THR O 304 33.67 -20.12 -3.76
C THR O 304 34.54 -19.97 -5.00
N ASP O 305 35.73 -19.39 -4.83
CA ASP O 305 36.63 -19.24 -5.97
C ASP O 305 37.14 -20.59 -6.47
N LEU O 306 37.38 -21.53 -5.55
CA LEU O 306 37.76 -22.88 -5.96
C LEU O 306 36.69 -23.52 -6.84
N ILE O 307 35.43 -23.44 -6.42
CA ILE O 307 34.37 -24.11 -7.18
C ILE O 307 34.12 -23.38 -8.49
N GLN O 308 34.26 -22.05 -8.50
CA GLN O 308 34.10 -21.32 -9.76
C GLN O 308 35.25 -21.64 -10.71
N ALA O 309 36.44 -21.88 -10.17
CA ALA O 309 37.60 -22.20 -11.00
C ALA O 309 37.46 -23.59 -11.61
N ILE O 310 36.96 -24.55 -10.85
CA ILE O 310 36.87 -25.91 -11.39
C ILE O 310 35.64 -26.04 -12.29
N MET O 311 34.57 -25.29 -12.01
CA MET O 311 33.44 -25.22 -12.93
C MET O 311 33.74 -24.45 -14.22
N ASN O 312 34.76 -23.60 -14.22
CA ASN O 312 35.18 -22.87 -15.42
C ASN O 312 35.58 -23.81 -16.55
N ILE O 313 36.02 -25.03 -16.22
CA ILE O 313 36.46 -25.96 -17.26
C ILE O 313 35.30 -26.28 -18.20
N ASP O 314 34.15 -26.65 -17.64
CA ASP O 314 32.95 -26.86 -18.44
C ASP O 314 31.73 -26.57 -17.58
N ASP O 315 30.98 -25.53 -17.95
CA ASP O 315 29.77 -25.19 -17.20
C ASP O 315 28.71 -26.28 -17.37
N VAL O 316 28.59 -26.86 -18.56
CA VAL O 316 27.49 -27.79 -18.79
C VAL O 316 27.86 -29.19 -18.31
N LEU O 317 29.06 -29.66 -18.64
CA LEU O 317 29.46 -31.01 -18.28
C LEU O 317 29.50 -31.21 -16.78
N ILE O 318 30.09 -30.26 -16.06
CA ILE O 318 30.22 -30.32 -14.61
C ILE O 318 28.95 -29.72 -14.01
N TYR O 319 28.29 -30.49 -13.14
CA TYR O 319 26.98 -30.18 -12.60
C TYR O 319 27.07 -29.42 -11.27
N ASP O 320 27.76 -30.01 -10.29
CA ASP O 320 27.84 -29.50 -8.93
C ASP O 320 29.08 -30.06 -8.28
N VAL O 321 29.52 -29.40 -7.21
CA VAL O 321 30.71 -29.80 -6.45
C VAL O 321 30.40 -29.56 -4.98
N SER O 322 30.88 -30.46 -4.12
CA SER O 322 30.65 -30.32 -2.69
C SER O 322 31.91 -30.76 -1.95
N PHE O 323 31.94 -30.50 -0.64
CA PHE O 323 33.11 -30.77 0.18
C PHE O 323 32.65 -31.37 1.50
N ASP O 324 33.59 -32.03 2.19
CA ASP O 324 33.27 -32.75 3.42
C ASP O 324 33.62 -31.94 4.66
N ASN O 325 34.87 -31.46 4.76
CA ASN O 325 35.31 -30.81 5.99
C ASN O 325 35.64 -29.34 5.80
N LEU O 326 36.19 -28.96 4.65
CA LEU O 326 36.57 -27.58 4.38
C LEU O 326 35.42 -26.87 3.65
N ASP O 327 34.34 -26.67 4.40
CA ASP O 327 33.23 -25.84 3.95
C ASP O 327 33.32 -24.43 4.50
N GLU O 328 34.04 -24.28 5.62
CA GLU O 328 34.38 -23.00 6.22
C GLU O 328 35.76 -22.57 5.79
N ASN O 329 35.89 -21.28 5.49
CA ASN O 329 37.16 -20.75 4.99
C ASN O 329 38.22 -20.82 6.08
N ILE O 330 39.39 -21.32 5.72
CA ILE O 330 40.50 -21.49 6.65
C ILE O 330 41.33 -20.21 6.64
N ILE O 331 41.35 -19.51 7.77
CA ILE O 331 42.13 -18.27 7.84
C ILE O 331 43.60 -18.63 8.00
N VAL O 332 44.42 -18.06 7.13
CA VAL O 332 45.87 -18.31 7.05
C VAL O 332 46.60 -17.19 7.79
N PRO O 333 47.69 -17.46 8.53
CA PRO O 333 48.41 -16.36 9.18
C PRO O 333 49.27 -15.59 8.20
N PRO O 334 49.92 -14.50 8.64
CA PRO O 334 50.76 -13.72 7.72
C PRO O 334 51.89 -14.52 7.11
N GLN O 335 52.40 -15.54 7.83
CA GLN O 335 53.51 -16.36 7.37
C GLN O 335 53.07 -17.75 6.92
N GLY O 336 51.81 -17.91 6.55
CA GLY O 336 51.28 -19.16 6.05
C GLY O 336 50.93 -19.04 4.58
N ILE O 337 51.22 -20.09 3.83
CA ILE O 337 50.84 -20.19 2.42
C ILE O 337 50.27 -21.58 2.20
N ILE O 338 49.13 -21.65 1.53
CA ILE O 338 48.46 -22.91 1.26
C ILE O 338 48.90 -23.36 -0.13
N ARG O 339 49.86 -24.29 -0.16
CA ARG O 339 50.39 -24.80 -1.41
C ARG O 339 50.37 -26.32 -1.49
N ALA O 340 50.78 -27.02 -0.44
CA ALA O 340 50.68 -28.48 -0.49
C ALA O 340 49.23 -28.91 -0.29
N GLY O 341 48.97 -30.19 -0.54
CA GLY O 341 47.66 -30.78 -0.31
C GLY O 341 47.37 -31.95 -1.23
N GLU O 342 46.88 -33.04 -0.67
CA GLU O 342 46.55 -34.24 -1.43
C GLU O 342 45.07 -34.21 -1.78
N ILE O 343 44.76 -34.46 -3.05
CA ILE O 343 43.42 -34.35 -3.64
C ILE O 343 42.91 -35.74 -3.97
N LYS O 344 41.78 -36.12 -3.38
CA LYS O 344 41.05 -37.34 -3.72
C LYS O 344 39.68 -36.99 -4.28
N VAL O 345 39.41 -37.46 -5.49
CA VAL O 345 38.16 -37.20 -6.19
C VAL O 345 37.19 -38.33 -5.88
N GLU O 346 35.99 -37.98 -5.40
CA GLU O 346 34.95 -38.94 -5.05
C GLU O 346 33.70 -38.63 -5.87
N LEU O 347 33.64 -39.19 -7.07
CA LEU O 347 32.52 -38.94 -7.96
C LEU O 347 31.26 -39.63 -7.43
N LYS O 348 30.14 -38.93 -7.49
CA LYS O 348 28.88 -39.45 -6.99
C LYS O 348 28.29 -40.46 -7.97
N MET P 1 44.01 -27.57 -106.78
CA MET P 1 44.04 -26.30 -106.00
C MET P 1 44.96 -26.47 -104.80
N ARG P 2 45.60 -25.39 -104.38
CA ARG P 2 46.47 -25.38 -103.20
C ARG P 2 45.70 -24.91 -101.98
N ARG P 3 45.88 -25.61 -100.87
CA ARG P 3 45.23 -25.26 -99.62
C ARG P 3 45.76 -23.93 -99.09
N ILE P 4 44.89 -23.20 -98.39
CA ILE P 4 45.23 -21.94 -97.73
C ILE P 4 45.09 -22.14 -96.23
N ARG P 5 46.03 -21.58 -95.47
CA ARG P 5 46.09 -21.76 -94.03
C ARG P 5 46.33 -20.41 -93.36
N ARG P 6 45.58 -20.14 -92.29
CA ARG P 6 45.65 -18.91 -91.53
C ARG P 6 45.71 -19.28 -90.04
N PRO P 7 46.90 -19.54 -89.51
CA PRO P 7 46.98 -19.99 -88.11
C PRO P 7 46.65 -18.85 -87.16
N LYS P 8 46.05 -19.20 -86.04
CA LYS P 8 45.63 -18.22 -85.03
C LYS P 8 45.78 -18.90 -83.67
N VAL P 9 46.86 -18.58 -82.97
CA VAL P 9 47.18 -19.22 -81.70
C VAL P 9 46.49 -18.44 -80.58
N ARG P 10 45.97 -19.18 -79.60
CA ARG P 10 45.43 -18.63 -78.38
C ARG P 10 46.23 -19.22 -77.22
N ILE P 11 46.31 -18.47 -76.12
CA ILE P 11 46.93 -18.95 -74.89
C ILE P 11 46.06 -18.55 -73.71
N GLU P 12 45.84 -19.48 -72.78
CA GLU P 12 45.09 -19.28 -71.55
C GLU P 12 45.96 -19.69 -70.36
N ILE P 13 45.98 -18.84 -69.33
CA ILE P 13 46.78 -19.06 -68.13
C ILE P 13 45.92 -18.90 -66.88
N VAL P 14 46.20 -19.74 -65.89
CA VAL P 14 45.55 -19.71 -64.59
C VAL P 14 46.62 -19.81 -63.50
N THR P 15 46.49 -18.99 -62.47
CA THR P 15 47.45 -18.96 -61.37
C THR P 15 47.12 -20.02 -60.33
N TYR P 30 48.27 -11.31 -64.00
CA TYR P 30 48.21 -10.78 -65.35
C TYR P 30 47.27 -11.64 -66.20
N ASN P 31 46.49 -10.99 -67.05
CA ASN P 31 45.50 -11.70 -67.85
C ASN P 31 46.16 -12.60 -68.89
N GLY P 32 45.49 -13.71 -69.19
CA GLY P 32 46.02 -14.63 -70.18
C GLY P 32 45.96 -14.11 -71.61
N ASP P 33 44.94 -13.32 -71.93
CA ASP P 33 44.80 -12.80 -73.29
C ASP P 33 45.91 -11.81 -73.62
N GLU P 34 46.39 -11.07 -72.62
CA GLU P 34 47.52 -10.18 -72.86
C GLU P 34 48.82 -10.96 -72.98
N PHE P 35 48.94 -12.06 -72.24
CA PHE P 35 50.10 -12.93 -72.36
C PHE P 35 50.17 -13.57 -73.74
N GLY P 36 49.03 -14.04 -74.26
CA GLY P 36 49.03 -14.66 -75.57
C GLY P 36 49.35 -13.70 -76.70
N ALA P 37 49.07 -12.41 -76.49
CA ALA P 37 49.26 -11.44 -77.55
C ALA P 37 50.74 -11.29 -77.90
N LYS P 38 51.61 -11.31 -76.90
CA LYS P 38 53.05 -11.21 -77.07
C LYS P 38 53.70 -12.57 -77.39
N LEU P 39 52.97 -13.51 -77.96
CA LEU P 39 53.58 -14.75 -78.39
C LEU P 39 54.43 -14.54 -79.65
N LEU P 40 55.53 -15.29 -79.74
CA LEU P 40 56.40 -15.24 -80.92
C LEU P 40 56.72 -16.65 -81.43
N GLY P 41 56.77 -17.63 -80.55
CA GLY P 41 57.11 -18.98 -80.95
C GLY P 41 57.22 -19.89 -79.75
N PHE P 42 57.04 -21.20 -79.97
CA PHE P 42 57.15 -22.16 -78.88
C PHE P 42 57.55 -23.51 -79.44
N GLN P 43 57.99 -24.38 -78.54
CA GLN P 43 58.36 -25.77 -78.85
C GLN P 43 57.72 -26.68 -77.82
N THR P 44 57.38 -27.89 -78.25
CA THR P 44 56.71 -28.87 -77.39
C THR P 44 57.28 -30.26 -77.66
N LYS P 45 58.36 -30.59 -76.97
CA LYS P 45 58.96 -31.93 -77.05
C LYS P 45 58.17 -32.91 -76.20
N ASN P 46 57.44 -33.82 -76.84
CA ASN P 46 56.71 -34.90 -76.19
C ASN P 46 57.15 -36.22 -76.81
N SER P 47 57.52 -37.18 -75.97
CA SER P 47 58.13 -38.42 -76.47
C SER P 47 57.97 -39.52 -75.44
N MET P 48 57.43 -40.66 -75.88
CA MET P 48 57.29 -41.84 -75.04
C MET P 48 58.61 -42.57 -74.82
N GLU P 49 59.62 -42.31 -75.67
CA GLU P 49 60.91 -42.96 -75.51
C GLU P 49 61.56 -42.61 -74.17
N ASP P 50 61.53 -41.33 -73.81
CA ASP P 50 62.08 -40.86 -72.55
C ASP P 50 60.95 -40.73 -71.52
N ASP P 51 61.34 -40.60 -70.25
CA ASP P 51 60.39 -40.52 -69.14
C ASP P 51 60.16 -39.08 -68.73
N SER P 52 59.96 -38.17 -69.69
CA SER P 52 59.75 -36.78 -69.36
C SER P 52 59.31 -36.01 -70.60
N SER P 53 58.27 -35.22 -70.49
CA SER P 53 57.77 -34.40 -71.58
C SER P 53 58.01 -32.94 -71.23
N VAL P 54 58.58 -32.18 -72.17
CA VAL P 54 59.02 -30.82 -71.91
C VAL P 54 58.66 -29.94 -73.10
N PHE P 55 58.36 -28.68 -72.80
CA PHE P 55 57.95 -27.70 -73.80
C PHE P 55 58.62 -26.37 -73.49
N GLN P 56 58.82 -25.55 -74.53
CA GLN P 56 59.41 -24.23 -74.39
C GLN P 56 58.57 -23.21 -75.13
N ILE P 57 58.55 -21.98 -74.60
CA ILE P 57 57.80 -20.86 -75.16
C ILE P 57 58.75 -19.68 -75.24
N ASN P 58 58.76 -19.01 -76.40
CA ASN P 58 59.50 -17.78 -76.62
C ASN P 58 58.54 -16.61 -76.48
N MET P 59 58.92 -15.63 -75.66
CA MET P 59 58.11 -14.44 -75.45
C MET P 59 58.87 -13.17 -75.85
N ALA P 60 58.12 -12.18 -76.32
CA ALA P 60 58.64 -10.88 -76.67
C ALA P 60 59.06 -10.09 -75.43
N GLY P 61 59.93 -9.10 -75.65
CA GLY P 61 60.51 -8.29 -74.61
C GLY P 61 59.77 -7.02 -74.30
N ASP P 62 58.51 -6.90 -74.74
CA ASP P 62 57.76 -5.67 -74.56
C ASP P 62 57.54 -5.39 -73.08
N THR P 63 57.25 -6.43 -72.30
CA THR P 63 57.00 -6.32 -70.87
C THR P 63 57.98 -7.17 -70.08
N TYR P 64 58.24 -6.71 -68.86
CA TYR P 64 59.18 -7.36 -67.94
C TYR P 64 58.50 -8.59 -67.34
N TRP P 65 58.69 -9.74 -67.99
CA TRP P 65 57.98 -10.94 -67.57
C TRP P 65 58.59 -11.54 -66.31
N ASP P 66 59.87 -11.24 -66.03
CA ASP P 66 60.54 -11.76 -64.86
C ASP P 66 59.82 -11.43 -63.56
N LYS P 67 59.19 -10.25 -63.47
CA LYS P 67 58.51 -9.82 -62.27
C LYS P 67 57.08 -10.32 -62.19
N LEU P 68 56.54 -10.84 -63.30
CA LEU P 68 55.13 -11.19 -63.40
C LEU P 68 54.87 -12.69 -63.24
N VAL P 69 55.33 -13.48 -64.21
CA VAL P 69 55.13 -14.93 -64.24
C VAL P 69 55.88 -15.66 -63.13
N MET P 70 55.19 -15.92 -62.02
CA MET P 70 55.73 -16.74 -60.95
C MET P 70 55.79 -18.20 -61.39
N ALA P 71 56.76 -18.91 -60.84
CA ALA P 71 57.03 -20.29 -61.19
C ALA P 71 55.82 -21.17 -60.88
N ASN P 72 55.77 -22.33 -61.55
CA ASN P 72 54.81 -23.39 -61.27
C ASN P 72 53.39 -23.04 -61.73
N ASP P 73 53.24 -21.99 -62.52
CA ASP P 73 51.95 -21.66 -63.11
C ASP P 73 51.63 -22.62 -64.26
N ILE P 74 50.33 -22.70 -64.56
CA ILE P 74 49.81 -23.57 -65.60
C ILE P 74 49.44 -22.73 -66.82
N ILE P 75 49.96 -23.14 -67.98
CA ILE P 75 49.75 -22.45 -69.24
C ILE P 75 49.07 -23.43 -70.20
N ARG P 76 47.96 -23.00 -70.80
CA ARG P 76 47.26 -23.76 -71.83
C ARG P 76 47.41 -23.06 -73.17
N ILE P 77 47.63 -23.86 -74.21
CA ILE P 77 47.89 -23.37 -75.56
C ILE P 77 46.82 -23.94 -76.49
N PHE P 78 46.23 -23.07 -77.32
CA PHE P 78 45.25 -23.51 -78.31
C PHE P 78 45.66 -22.97 -79.67
N ILE P 79 45.56 -23.82 -80.69
CA ILE P 79 46.01 -23.52 -82.05
C ILE P 79 44.82 -23.66 -82.98
N THR P 80 44.61 -22.63 -83.81
CA THR P 80 43.57 -22.66 -84.83
C THR P 80 44.17 -23.21 -86.12
N PRO P 81 43.78 -24.41 -86.60
CA PRO P 81 44.41 -24.95 -87.82
C PRO P 81 44.13 -24.14 -89.08
N ASN P 82 42.86 -23.90 -89.41
CA ASN P 82 42.53 -23.23 -90.68
C ASN P 82 41.43 -22.19 -90.42
N ASP P 83 40.82 -21.72 -91.50
CA ASP P 83 39.93 -20.56 -91.46
C ASP P 83 38.62 -20.89 -90.76
N ASP P 84 38.15 -19.96 -89.93
CA ASP P 84 36.87 -20.23 -89.28
C ASP P 84 35.74 -20.34 -90.30
N PRO P 85 35.37 -19.26 -91.03
CA PRO P 85 34.09 -19.28 -91.79
C PRO P 85 34.01 -20.36 -92.86
N ASN P 86 35.14 -20.76 -93.45
CA ASN P 86 35.15 -21.90 -94.40
C ASN P 86 34.46 -23.18 -93.92
N ASP P 87 34.24 -23.38 -92.61
CA ASP P 87 33.55 -24.58 -92.11
C ASP P 87 34.36 -25.83 -92.45
N LYS P 88 35.67 -25.75 -92.25
CA LYS P 88 36.56 -26.89 -92.39
C LYS P 88 36.53 -27.74 -91.12
N GLU P 89 36.87 -29.03 -91.27
CA GLU P 89 36.99 -29.93 -90.11
C GLU P 89 38.05 -29.48 -89.13
N GLY P 90 38.96 -28.59 -89.54
CA GLY P 90 40.02 -28.17 -88.65
C GLY P 90 39.57 -27.17 -87.61
N LYS P 91 38.42 -26.53 -87.82
CA LYS P 91 37.84 -25.60 -86.85
C LYS P 91 37.36 -26.44 -85.65
N GLN P 92 38.30 -26.72 -84.74
CA GLN P 92 38.02 -27.46 -83.52
C GLN P 92 38.65 -26.85 -82.27
N GLU P 93 39.50 -25.83 -82.39
CA GLU P 93 40.33 -25.28 -81.30
C GLU P 93 40.90 -26.40 -80.41
N ARG P 94 41.55 -27.38 -81.04
CA ARG P 94 42.12 -28.48 -80.29
C ARG P 94 43.31 -27.99 -79.47
N LEU P 95 43.32 -28.33 -78.19
CA LEU P 95 44.47 -28.04 -77.34
C LEU P 95 45.67 -28.87 -77.77
N ILE P 96 46.84 -28.24 -77.80
CA ILE P 96 48.05 -28.88 -78.29
C ILE P 96 48.90 -29.41 -77.13
N GLN P 97 49.02 -28.64 -76.05
CA GLN P 97 49.75 -29.09 -74.87
C GLN P 97 49.38 -28.24 -73.66
N VAL P 98 49.44 -28.86 -72.48
CA VAL P 98 49.27 -28.15 -71.22
C VAL P 98 50.31 -28.67 -70.23
N GLY P 99 50.88 -27.77 -69.44
CA GLY P 99 51.91 -28.16 -68.49
C GLY P 99 52.22 -27.08 -67.49
N MET P 100 53.20 -27.38 -66.62
CA MET P 100 53.59 -26.52 -65.52
C MET P 100 54.93 -25.88 -65.85
N VAL P 101 54.97 -24.55 -65.85
CA VAL P 101 56.23 -23.86 -66.08
C VAL P 101 57.17 -24.14 -64.92
N SER P 102 58.47 -24.15 -65.23
CA SER P 102 59.48 -24.37 -64.20
C SER P 102 60.76 -23.56 -64.42
N GLN P 103 60.74 -22.58 -65.32
CA GLN P 103 61.92 -21.77 -65.55
C GLN P 103 61.55 -20.57 -66.43
N VAL P 104 62.06 -19.40 -66.07
CA VAL P 104 61.88 -18.17 -66.86
C VAL P 104 63.18 -17.37 -66.82
N SER P 105 63.66 -16.94 -67.99
CA SER P 105 64.98 -16.33 -68.07
C SER P 105 65.02 -15.27 -69.14
N LYS P 106 65.70 -14.16 -68.84
CA LYS P 106 65.97 -13.16 -69.85
C LYS P 106 66.92 -13.75 -70.89
N VAL P 107 66.77 -13.33 -72.14
CA VAL P 107 67.66 -13.74 -73.21
C VAL P 107 67.84 -12.57 -74.14
N GLY P 108 69.07 -12.36 -74.60
CA GLY P 108 69.31 -11.28 -75.54
C GLY P 108 70.76 -11.10 -75.95
N SER P 109 70.98 -11.02 -77.26
CA SER P 109 72.28 -10.69 -77.83
C SER P 109 72.21 -9.25 -78.34
N TYR P 110 72.69 -8.32 -77.51
CA TYR P 110 72.68 -6.90 -77.83
C TYR P 110 73.58 -6.53 -79.00
N GLY P 111 74.58 -7.36 -79.32
CA GLY P 111 75.23 -7.26 -80.61
C GLY P 111 74.24 -7.29 -81.76
N ASN P 112 73.25 -8.19 -81.71
CA ASN P 112 72.29 -8.20 -82.82
C ASN P 112 71.10 -7.28 -82.56
N ASP P 113 71.08 -6.57 -81.43
CA ASP P 113 70.02 -5.62 -81.09
C ASP P 113 68.66 -6.32 -81.03
N GLN P 114 68.58 -7.32 -80.15
CA GLN P 114 67.33 -8.06 -80.00
C GLN P 114 67.37 -8.85 -78.69
N THR P 115 66.23 -8.93 -78.01
CA THR P 115 66.12 -9.64 -76.74
C THR P 115 64.80 -10.39 -76.73
N GLN P 116 64.75 -11.45 -75.93
CA GLN P 116 63.54 -12.25 -75.80
C GLN P 116 63.51 -12.88 -74.41
N PHE P 117 62.32 -13.29 -74.00
CA PHE P 117 62.12 -14.04 -72.76
C PHE P 117 61.64 -15.45 -73.07
N ARG P 118 62.26 -16.43 -72.41
CA ARG P 118 62.04 -17.84 -72.67
C ARG P 118 61.47 -18.52 -71.43
N ILE P 119 60.38 -19.27 -71.61
CA ILE P 119 59.72 -20.01 -70.55
C ILE P 119 59.59 -21.46 -70.99
N THR P 120 59.87 -22.39 -70.07
CA THR P 120 59.83 -23.82 -70.36
C THR P 120 59.26 -24.55 -69.15
N GLY P 121 58.64 -25.70 -69.41
CA GLY P 121 57.95 -26.48 -68.42
C GLY P 121 57.70 -27.88 -68.94
N GLN P 122 57.05 -28.68 -68.09
CA GLN P 122 56.76 -30.09 -68.37
C GLN P 122 55.29 -30.37 -68.09
N SER P 123 54.77 -31.38 -68.79
CA SER P 123 53.33 -31.66 -68.80
C SER P 123 52.97 -32.50 -67.58
N PHE P 124 52.89 -31.82 -66.43
CA PHE P 124 52.43 -32.40 -65.17
C PHE P 124 53.35 -33.52 -64.67
N VAL P 125 54.56 -33.61 -65.21
CA VAL P 125 55.57 -34.52 -64.65
C VAL P 125 56.33 -33.88 -63.50
N LYS P 126 56.25 -32.56 -63.36
CA LYS P 126 56.97 -31.88 -62.27
C LYS P 126 56.52 -32.30 -60.87
N PRO P 127 55.22 -32.41 -60.54
CA PRO P 127 54.85 -32.75 -59.15
C PRO P 127 55.42 -34.09 -58.71
N PHE P 128 55.22 -35.13 -59.53
CA PHE P 128 55.64 -36.47 -59.16
C PHE P 128 57.16 -36.54 -59.07
N MET P 129 57.84 -36.05 -60.11
CA MET P 129 59.31 -36.11 -60.17
C MET P 129 59.95 -35.41 -58.99
N LYS P 130 59.39 -34.28 -58.55
CA LYS P 130 59.97 -33.56 -57.43
C LYS P 130 59.62 -34.18 -56.08
N PHE P 131 58.43 -34.75 -55.94
CA PHE P 131 57.98 -35.33 -54.68
C PHE P 131 58.79 -36.59 -54.39
N GLY P 132 59.83 -36.47 -53.57
CA GLY P 132 60.65 -37.59 -53.20
C GLY P 132 60.20 -38.21 -51.88
N LEU P 133 59.80 -39.48 -51.93
CA LEU P 133 59.46 -40.21 -50.71
C LEU P 133 60.71 -40.45 -49.88
N GLY P 134 61.06 -39.53 -49.00
CA GLY P 134 62.26 -39.68 -48.21
C GLY P 134 62.05 -40.67 -47.08
N VAL P 135 63.10 -40.83 -46.28
CA VAL P 135 63.18 -41.81 -45.21
C VAL P 135 63.51 -41.06 -43.93
N ILE P 136 62.78 -41.36 -42.86
CA ILE P 136 63.01 -40.78 -41.55
C ILE P 136 63.65 -41.87 -40.69
N GLN P 137 64.77 -41.54 -40.05
CA GLN P 137 65.60 -42.57 -39.44
C GLN P 137 65.31 -42.75 -37.95
N GLU P 138 65.11 -41.66 -37.20
CA GLU P 138 65.06 -41.75 -35.75
C GLU P 138 63.71 -41.40 -35.15
N VAL P 139 62.63 -42.10 -35.52
CA VAL P 139 61.31 -41.87 -34.93
C VAL P 139 60.71 -43.21 -34.50
N GLN P 140 60.46 -43.34 -33.21
CA GLN P 140 59.89 -44.54 -32.60
C GLN P 140 58.37 -44.58 -32.73
N ALA P 141 57.69 -43.51 -32.31
CA ALA P 141 56.23 -43.41 -32.32
C ALA P 141 55.60 -44.55 -31.50
N VAL P 142 55.86 -44.52 -30.20
CA VAL P 142 55.35 -45.53 -29.26
C VAL P 142 54.12 -44.99 -28.54
N LEU P 143 53.47 -45.85 -27.76
CA LEU P 143 52.30 -45.48 -26.98
C LEU P 143 52.29 -46.25 -25.67
N PRO P 144 51.72 -45.66 -24.60
CA PRO P 144 51.78 -46.32 -23.29
C PRO P 144 50.82 -47.49 -23.15
N GLU P 145 51.36 -48.71 -23.08
CA GLU P 145 50.56 -49.94 -22.89
C GLU P 145 49.47 -50.16 -23.94
N VAL P 146 49.70 -49.70 -25.17
CA VAL P 146 48.82 -49.90 -26.33
C VAL P 146 49.71 -50.10 -27.55
N GLY P 147 49.24 -50.84 -28.55
CA GLY P 147 49.98 -50.97 -29.80
C GLY P 147 49.09 -51.45 -30.94
N TRP P 148 49.57 -51.29 -32.16
CA TRP P 148 48.79 -51.60 -33.36
C TRP P 148 48.97 -53.05 -33.75
N LEU P 149 47.87 -53.73 -34.08
CA LEU P 149 47.93 -55.15 -34.39
C LEU P 149 48.59 -55.43 -35.74
N ILE P 150 48.36 -54.56 -36.73
CA ILE P 150 49.08 -54.64 -38.00
C ILE P 150 50.54 -54.23 -37.79
N ASP P 151 51.47 -54.93 -38.45
CA ASP P 151 52.87 -54.53 -38.37
C ASP P 151 53.11 -53.41 -39.37
N GLY P 152 54.32 -52.86 -39.35
CA GLY P 152 54.58 -51.71 -40.20
C GLY P 152 53.79 -50.50 -39.77
N ASP P 153 53.52 -50.37 -38.48
CA ASP P 153 52.85 -49.22 -37.89
C ASP P 153 53.76 -48.56 -36.84
N GLY P 154 53.55 -47.27 -36.62
CA GLY P 154 54.43 -46.40 -35.83
C GLY P 154 55.49 -45.79 -36.71
N ASP P 155 56.10 -46.62 -37.55
CA ASP P 155 57.05 -46.21 -38.57
C ASP P 155 56.28 -45.74 -39.80
N ASN P 156 56.99 -45.04 -40.69
CA ASN P 156 56.37 -44.46 -41.87
C ASN P 156 56.12 -45.48 -42.99
N GLU P 157 56.30 -46.78 -42.73
CA GLU P 157 55.98 -47.79 -43.75
C GLU P 157 54.52 -47.71 -44.17
N VAL P 158 54.28 -47.79 -45.48
CA VAL P 158 52.96 -47.87 -46.08
C VAL P 158 52.99 -48.99 -47.12
N LYS P 159 51.97 -49.85 -47.13
CA LYS P 159 51.87 -50.98 -48.05
C LYS P 159 50.67 -50.78 -48.94
N PHE P 160 50.86 -51.00 -50.24
CA PHE P 160 49.80 -50.91 -51.24
C PHE P 160 49.53 -52.31 -51.76
N THR P 161 48.26 -52.71 -51.79
CA THR P 161 47.87 -54.04 -52.23
C THR P 161 46.76 -53.95 -53.26
N GLY P 162 46.87 -54.76 -54.31
CA GLY P 162 45.87 -54.88 -55.35
C GLY P 162 46.19 -56.05 -56.26
N SER P 163 45.16 -56.56 -56.94
CA SER P 163 45.30 -57.68 -57.87
C SER P 163 45.50 -57.22 -59.32
N SER P 164 45.67 -55.91 -59.55
CA SER P 164 45.92 -55.41 -60.89
C SER P 164 46.56 -54.05 -60.80
N ALA P 165 47.12 -53.60 -61.92
CA ALA P 165 47.80 -52.32 -61.97
C ALA P 165 46.84 -51.17 -61.72
N HIS P 166 45.62 -51.25 -62.26
CA HIS P 166 44.67 -50.17 -62.04
C HIS P 166 44.22 -50.12 -60.60
N GLU P 167 44.24 -51.25 -59.90
CA GLU P 167 43.93 -51.22 -58.47
C GLU P 167 45.09 -50.65 -57.69
N VAL P 168 46.31 -51.08 -58.01
CA VAL P 168 47.48 -50.57 -57.28
C VAL P 168 47.68 -49.10 -57.59
N MET P 169 47.65 -48.73 -58.88
CA MET P 169 47.96 -47.37 -59.28
C MET P 169 46.95 -46.39 -58.71
N THR P 170 45.69 -46.81 -58.59
CA THR P 170 44.70 -45.96 -57.93
C THR P 170 45.13 -45.66 -56.50
N GLY P 171 45.51 -46.70 -55.76
CA GLY P 171 45.96 -46.52 -54.39
C GLY P 171 47.22 -45.69 -54.27
N ILE P 172 48.16 -45.87 -55.21
CA ILE P 172 49.40 -45.11 -55.19
C ILE P 172 49.12 -43.63 -55.42
N ILE P 173 48.37 -43.31 -56.48
CA ILE P 173 48.11 -41.92 -56.82
C ILE P 173 47.25 -41.29 -55.73
N ARG P 174 46.18 -41.98 -55.33
CA ARG P 174 45.27 -41.42 -54.34
C ARG P 174 45.91 -41.19 -52.98
N ARG P 175 47.03 -41.89 -52.69
CA ARG P 175 47.66 -41.76 -51.39
C ARG P 175 48.24 -40.37 -51.18
N PHE P 176 48.85 -39.81 -52.23
CA PHE P 176 49.61 -38.55 -52.13
C PHE P 176 49.00 -37.37 -52.89
N ILE P 177 48.14 -37.63 -53.88
CA ILE P 177 47.66 -36.53 -54.74
C ILE P 177 46.90 -35.43 -54.00
N PRO P 178 45.99 -35.70 -53.05
CA PRO P 178 45.20 -34.56 -52.54
C PRO P 178 46.04 -33.57 -51.76
N TYR P 179 46.90 -34.10 -50.89
CA TYR P 179 47.73 -33.31 -50.01
C TYR P 179 48.78 -32.48 -50.74
N MET P 180 49.02 -32.74 -52.02
CA MET P 180 49.95 -31.93 -52.81
C MET P 180 49.21 -30.65 -53.15
N LYS P 181 49.30 -29.69 -52.23
CA LYS P 181 48.50 -28.47 -52.33
C LYS P 181 49.30 -27.37 -52.99
N TYR P 182 48.58 -26.48 -53.66
CA TYR P 182 49.17 -25.35 -54.34
C TYR P 182 48.22 -24.17 -54.21
N ASN P 183 48.65 -23.02 -54.73
CA ASN P 183 47.97 -21.76 -54.50
C ASN P 183 46.99 -21.40 -55.62
N TYR P 184 46.38 -22.40 -56.25
CA TYR P 184 45.43 -22.14 -57.33
C TYR P 184 44.19 -21.42 -56.80
N THR P 185 43.83 -20.31 -57.45
CA THR P 185 42.71 -19.50 -56.96
C THR P 185 41.41 -20.30 -56.96
N GLU P 186 41.20 -21.15 -57.96
CA GLU P 186 39.96 -21.90 -58.10
C GLU P 186 39.97 -23.14 -57.22
N ASN P 190 41.35 -25.75 -55.97
CA ASN P 190 41.56 -27.06 -56.58
C ASN P 190 43.03 -27.48 -56.54
N THR P 191 43.31 -28.70 -56.98
CA THR P 191 44.68 -29.21 -57.02
C THR P 191 44.80 -30.11 -58.26
N ILE P 192 45.86 -30.94 -58.28
CA ILE P 192 46.16 -31.78 -59.43
C ILE P 192 45.07 -32.82 -59.70
N ASP P 193 44.20 -33.11 -58.72
CA ASP P 193 43.25 -34.21 -58.92
C ASP P 193 42.11 -33.78 -59.82
N ASN P 194 41.79 -32.49 -59.81
CA ASN P 194 40.77 -31.96 -60.72
C ASN P 194 41.30 -31.86 -62.15
N TYR P 195 42.58 -31.51 -62.32
CA TYR P 195 43.16 -31.34 -63.64
C TYR P 195 43.66 -32.63 -64.26
N LEU P 196 43.87 -33.68 -63.47
CA LEU P 196 44.32 -34.98 -63.96
C LEU P 196 43.24 -36.00 -63.62
N ASP P 197 42.71 -36.66 -64.66
CA ASP P 197 41.65 -37.64 -64.47
C ASP P 197 42.19 -38.92 -63.83
N TYR P 198 43.33 -39.42 -64.35
CA TYR P 198 44.00 -40.67 -63.98
C TYR P 198 43.00 -41.82 -63.78
N ASP P 199 42.03 -41.91 -64.68
CA ASP P 199 40.96 -42.91 -64.66
C ASP P 199 41.00 -43.71 -65.97
N ASP P 200 40.12 -44.71 -66.05
CA ASP P 200 40.04 -45.59 -67.23
C ASP P 200 41.35 -46.36 -67.41
N LEU P 201 41.96 -46.74 -66.29
CA LEU P 201 43.15 -47.58 -66.26
C LEU P 201 42.77 -49.06 -66.29
N SER P 202 43.64 -49.86 -66.89
CA SER P 202 43.44 -51.30 -67.02
C SER P 202 44.80 -51.96 -67.21
N SER P 203 44.82 -53.27 -67.09
CA SER P 203 46.02 -54.08 -67.26
C SER P 203 45.61 -55.55 -67.30
N TRP P 204 46.59 -56.44 -67.25
CA TRP P 204 46.36 -57.89 -67.30
C TRP P 204 45.99 -58.36 -65.90
N ASP P 205 44.70 -58.21 -65.57
CA ASP P 205 44.20 -58.61 -64.26
C ASP P 205 44.22 -60.13 -64.10
N GLU P 206 43.92 -60.86 -65.18
CA GLU P 206 43.78 -62.31 -65.09
C GLU P 206 45.13 -62.97 -64.81
N PHE P 207 46.20 -62.49 -65.46
CA PHE P 207 47.51 -63.14 -65.32
C PHE P 207 48.29 -62.65 -64.11
N GLU P 208 47.94 -61.49 -63.55
CA GLU P 208 48.66 -60.91 -62.42
C GLU P 208 47.97 -61.29 -61.12
N LYS P 209 48.75 -61.78 -60.16
CA LYS P 209 48.21 -62.21 -58.88
C LYS P 209 48.04 -61.01 -57.96
N LEU P 210 47.99 -61.24 -56.65
CA LEU P 210 47.94 -60.15 -55.68
C LEU P 210 49.34 -59.64 -55.40
N THR P 211 49.46 -58.34 -55.17
CA THR P 211 50.73 -57.64 -55.06
C THR P 211 50.82 -57.00 -53.69
N GLU P 212 52.05 -56.88 -53.19
CA GLU P 212 52.35 -56.22 -51.94
C GLU P 212 53.41 -55.14 -52.15
N VAL P 213 53.19 -54.26 -53.13
CA VAL P 213 54.23 -53.32 -53.50
C VAL P 213 54.44 -52.31 -52.38
N SER P 214 55.69 -52.15 -51.99
CA SER P 214 56.07 -51.29 -50.88
C SER P 214 56.24 -49.85 -51.33
N ALA P 215 55.89 -48.92 -50.43
CA ALA P 215 56.09 -47.50 -50.69
C ALA P 215 57.56 -47.17 -50.93
N PHE P 216 58.43 -47.62 -50.03
CA PHE P 216 59.84 -47.22 -50.03
C PHE P 216 60.73 -48.21 -50.77
N THR P 217 60.26 -48.76 -51.89
CA THR P 217 61.06 -49.69 -52.68
C THR P 217 62.32 -49.01 -53.20
N ASN P 218 62.26 -47.70 -53.42
CA ASN P 218 63.37 -46.88 -53.90
C ASN P 218 63.76 -45.87 -52.82
N PHE P 219 65.04 -45.87 -52.46
CA PHE P 219 65.53 -45.06 -51.36
C PHE P 219 65.46 -43.60 -51.76
N ASP P 220 64.59 -42.83 -51.08
CA ASP P 220 64.39 -41.39 -51.30
C ASP P 220 64.17 -41.04 -52.77
N GLY P 221 63.52 -41.95 -53.52
CA GLY P 221 63.26 -41.69 -54.92
C GLY P 221 61.97 -40.93 -55.12
N SER P 222 61.71 -40.60 -56.39
CA SER P 222 60.54 -39.81 -56.72
C SER P 222 59.36 -40.75 -56.95
N LEU P 223 58.16 -40.16 -56.97
CA LEU P 223 57.00 -40.99 -57.28
C LEU P 223 57.09 -41.57 -58.69
N LYS P 224 57.78 -40.89 -59.60
CA LYS P 224 57.96 -41.45 -60.94
C LYS P 224 58.79 -42.72 -60.89
N GLN P 225 59.83 -42.75 -60.05
CA GLN P 225 60.61 -43.97 -59.87
C GLN P 225 59.74 -45.09 -59.30
N LEU P 226 58.85 -44.75 -58.38
CA LEU P 226 57.97 -45.76 -57.80
C LEU P 226 56.85 -46.10 -58.77
N MET P 227 56.47 -45.13 -59.62
CA MET P 227 55.47 -45.39 -60.66
C MET P 227 55.99 -46.39 -61.69
N ASP P 228 57.30 -46.37 -61.96
CA ASP P 228 57.84 -47.29 -62.96
C ASP P 228 57.72 -48.74 -62.52
N MET P 229 58.03 -49.01 -61.25
CA MET P 229 57.89 -50.35 -60.70
C MET P 229 56.47 -50.87 -60.86
N VAL P 230 55.48 -50.03 -60.54
CA VAL P 230 54.08 -50.44 -60.67
C VAL P 230 53.75 -50.73 -62.13
N THR P 231 54.30 -49.92 -63.04
CA THR P 231 53.99 -50.09 -64.45
C THR P 231 54.41 -51.47 -64.97
N ALA P 232 55.60 -51.93 -64.57
CA ALA P 232 56.15 -53.18 -65.05
C ALA P 232 56.27 -53.14 -66.57
N ARG P 233 57.10 -52.22 -67.03
CA ARG P 233 57.35 -52.07 -68.45
C ARG P 233 58.15 -53.26 -68.98
N PRO P 234 58.01 -53.60 -70.26
CA PRO P 234 57.20 -52.98 -71.31
C PRO P 234 55.77 -53.54 -71.41
N PHE P 235 55.36 -54.42 -70.49
CA PHE P 235 54.03 -55.02 -70.58
C PHE P 235 52.89 -54.00 -70.42
N ASN P 236 53.16 -52.80 -69.91
CA ASN P 236 52.13 -51.76 -69.79
C ASN P 236 52.72 -50.41 -70.12
N GLU P 237 51.92 -49.55 -70.74
CA GLU P 237 52.43 -48.34 -71.39
C GLU P 237 51.94 -47.16 -70.56
N LEU P 238 52.85 -46.32 -70.08
CA LEU P 238 52.50 -45.18 -69.26
C LEU P 238 53.03 -43.90 -69.89
N PHE P 239 52.18 -42.89 -69.98
CA PHE P 239 52.55 -41.61 -70.57
C PHE P 239 51.48 -40.58 -70.22
N PHE P 240 51.82 -39.31 -70.41
CA PHE P 240 50.93 -38.18 -70.19
C PHE P 240 50.57 -37.58 -71.54
N LYS P 241 49.27 -37.36 -71.74
CA LYS P 241 48.74 -36.90 -73.03
C LYS P 241 47.44 -36.15 -72.75
N ASN P 242 47.04 -35.36 -73.74
CA ASN P 242 45.82 -34.56 -73.64
C ASN P 242 44.61 -35.48 -73.63
N SER P 243 43.54 -35.04 -72.94
CA SER P 243 42.30 -35.79 -72.84
C SER P 243 41.37 -35.36 -73.97
N GLU P 244 41.34 -36.13 -75.06
CA GLU P 244 40.45 -35.82 -76.17
C GLU P 244 38.99 -35.95 -75.75
N LYS P 245 38.68 -36.94 -74.91
CA LYS P 245 37.28 -37.11 -74.53
C LYS P 245 36.77 -35.95 -73.70
N THR P 246 37.67 -35.29 -72.95
CA THR P 246 37.34 -34.15 -72.09
C THR P 246 38.35 -33.05 -72.39
N PRO P 247 38.16 -32.29 -73.47
CA PRO P 247 39.10 -31.21 -73.79
C PRO P 247 39.20 -30.19 -72.67
N GLY P 248 40.39 -29.62 -72.53
CA GLY P 248 40.66 -28.62 -71.52
C GLY P 248 41.41 -29.13 -70.30
N LYS P 249 41.81 -30.39 -70.29
CA LYS P 249 42.46 -30.96 -69.12
C LYS P 249 43.25 -32.21 -69.53
N ALA P 250 44.23 -32.57 -68.71
CA ALA P 250 45.13 -33.65 -69.03
C ALA P 250 44.65 -34.97 -68.42
N GLN P 251 45.31 -36.06 -68.80
CA GLN P 251 44.93 -37.40 -68.37
C GLN P 251 46.17 -38.26 -68.26
N LEU P 252 46.23 -39.04 -67.18
CA LEU P 252 47.27 -40.04 -66.96
C LEU P 252 46.77 -41.38 -67.49
N VAL P 253 47.51 -41.96 -68.44
CA VAL P 253 47.14 -43.20 -69.12
C VAL P 253 47.98 -44.34 -68.57
N LEU P 254 47.32 -45.44 -68.21
CA LEU P 254 47.99 -46.67 -67.82
C LEU P 254 47.17 -47.83 -68.39
N ARG P 255 47.62 -48.37 -69.51
CA ARG P 255 46.92 -49.43 -70.20
C ARG P 255 47.90 -50.50 -70.65
N LYS P 256 47.39 -51.71 -70.87
CA LYS P 256 48.19 -52.79 -71.42
C LYS P 256 48.69 -52.42 -72.82
N THR P 257 49.79 -53.05 -73.22
CA THR P 257 50.47 -52.59 -74.44
C THR P 257 49.60 -52.89 -75.66
N PRO P 258 49.56 -52.00 -76.66
CA PRO P 258 48.67 -52.22 -77.80
C PRO P 258 49.16 -53.24 -78.82
N PHE P 259 50.28 -53.94 -78.58
CA PHE P 259 50.77 -54.92 -79.54
C PHE P 259 49.88 -56.15 -79.61
N ASN P 260 48.91 -56.31 -78.72
CA ASN P 260 47.97 -57.42 -78.85
C ASN P 260 47.08 -57.20 -80.07
N PRO P 261 46.63 -58.27 -80.75
CA PRO P 261 45.80 -58.07 -81.96
C PRO P 261 44.53 -57.27 -81.73
N THR P 262 43.68 -57.67 -80.78
CA THR P 262 42.43 -56.95 -80.55
C THR P 262 42.68 -55.57 -79.95
N GLU P 263 43.72 -55.43 -79.13
CA GLU P 263 44.00 -54.13 -78.55
C GLU P 263 44.58 -53.19 -79.59
N TRP P 264 45.29 -53.75 -80.57
CA TRP P 264 45.79 -52.95 -81.67
C TRP P 264 44.64 -52.36 -82.48
N ARG P 265 43.64 -53.19 -82.81
CA ARG P 265 42.45 -52.69 -83.48
C ARG P 265 41.66 -51.69 -82.64
N ALA P 266 41.81 -51.71 -81.30
CA ALA P 266 41.05 -50.77 -80.48
C ALA P 266 41.58 -49.34 -80.57
N LEU P 267 42.83 -49.18 -81.01
CA LEU P 267 43.34 -47.82 -81.16
C LEU P 267 42.66 -47.07 -82.29
N ASP P 268 42.37 -45.80 -82.06
CA ASP P 268 41.78 -44.96 -83.10
C ASP P 268 42.79 -44.73 -84.22
N MET P 269 42.29 -44.83 -85.45
CA MET P 269 43.09 -44.59 -86.65
C MET P 269 43.10 -43.11 -87.01
N ILE P 270 44.20 -42.68 -87.62
CA ILE P 270 44.38 -41.32 -88.10
C ILE P 270 44.95 -41.39 -89.50
N LYS P 271 44.36 -40.63 -90.43
CA LYS P 271 44.84 -40.58 -91.81
C LYS P 271 45.66 -39.31 -92.06
N VAL P 272 46.65 -39.46 -92.93
CA VAL P 272 47.45 -38.34 -93.42
C VAL P 272 47.98 -38.70 -94.81
N PRO P 273 47.68 -37.95 -95.86
CA PRO P 273 48.28 -38.25 -97.16
C PRO P 273 49.67 -37.62 -97.28
N THR P 274 50.42 -38.10 -98.28
CA THR P 274 51.69 -37.48 -98.68
C THR P 274 51.64 -35.96 -98.85
N GLU P 275 50.45 -35.36 -99.03
CA GLU P 275 50.40 -33.94 -99.35
C GLU P 275 50.82 -33.06 -98.19
N ASP P 276 50.93 -33.60 -96.97
CA ASP P 276 51.37 -32.88 -95.79
C ASP P 276 52.78 -33.24 -95.33
N PHE P 277 53.55 -33.95 -96.16
CA PHE P 277 54.87 -34.44 -95.77
C PHE P 277 55.95 -33.45 -96.19
N ILE P 278 56.70 -32.94 -95.22
CA ILE P 278 57.82 -32.02 -95.50
C ILE P 278 59.13 -32.78 -95.67
N GLU P 279 59.43 -33.71 -94.76
CA GLU P 279 60.62 -34.55 -94.88
C GLU P 279 60.36 -35.85 -94.13
N GLU P 280 61.10 -36.88 -94.54
CA GLU P 280 60.93 -38.22 -93.99
C GLU P 280 62.29 -38.89 -93.85
N ASP P 281 62.43 -39.72 -92.80
CA ASP P 281 63.64 -40.49 -92.54
C ASP P 281 63.21 -41.78 -91.82
N VAL P 282 62.83 -42.79 -92.60
CA VAL P 282 62.25 -44.02 -92.08
C VAL P 282 62.88 -45.22 -92.78
N GLY P 283 63.15 -46.28 -92.02
CA GLY P 283 63.85 -47.42 -92.58
C GLY P 283 63.91 -48.55 -91.59
N LYS P 284 64.29 -49.72 -92.09
CA LYS P 284 64.52 -50.86 -91.23
C LYS P 284 65.78 -50.65 -90.37
N SER P 285 65.97 -51.52 -89.39
CA SER P 285 67.18 -51.54 -88.59
C SER P 285 67.26 -52.85 -87.84
N ASP P 286 68.48 -53.35 -87.66
CA ASP P 286 68.77 -54.50 -86.80
C ASP P 286 69.48 -54.07 -85.53
N VAL P 287 69.07 -52.96 -84.93
CA VAL P 287 69.61 -52.58 -83.63
C VAL P 287 69.03 -53.46 -82.53
N GLU P 288 67.71 -53.68 -82.56
CA GLU P 288 67.12 -54.61 -81.59
C GLU P 288 67.00 -55.98 -82.24
N THR P 289 67.57 -57.00 -81.60
CA THR P 289 67.48 -58.37 -82.11
C THR P 289 67.65 -59.34 -80.95
N TYR P 290 66.59 -60.09 -80.64
CA TYR P 290 66.60 -61.15 -79.64
C TYR P 290 65.88 -62.37 -80.18
N SER P 291 66.29 -63.53 -79.69
CA SER P 291 65.85 -64.88 -80.05
C SER P 291 65.03 -65.53 -78.95
N ILE P 292 65.44 -65.41 -77.69
CA ILE P 292 64.78 -66.03 -76.55
C ILE P 292 64.13 -64.92 -75.72
N PHE P 293 62.86 -65.10 -75.37
CA PHE P 293 62.11 -64.13 -74.57
C PHE P 293 61.54 -64.83 -73.35
N THR P 294 61.64 -64.18 -72.19
CA THR P 294 61.15 -64.75 -70.94
C THR P 294 60.74 -63.62 -70.01
N ALA P 295 59.79 -63.93 -69.12
CA ALA P 295 59.26 -63.00 -68.12
C ALA P 295 59.45 -63.65 -66.75
N THR P 296 60.60 -63.38 -66.12
CA THR P 296 60.89 -63.93 -64.81
C THR P 296 59.96 -63.33 -63.74
N PRO P 297 59.64 -64.06 -62.67
CA PRO P 297 58.85 -63.42 -61.61
C PRO P 297 59.75 -62.59 -60.71
N ALA P 298 59.14 -61.91 -59.74
CA ALA P 298 59.85 -61.01 -58.82
C ALA P 298 61.10 -61.68 -58.23
N GLY P 299 62.20 -60.93 -58.28
CA GLY P 299 63.55 -61.45 -58.08
C GLY P 299 63.92 -62.10 -56.76
N MET P 300 62.98 -62.21 -55.82
CA MET P 300 63.26 -62.96 -54.59
C MET P 300 63.31 -64.46 -54.87
N LEU P 301 62.39 -64.94 -55.70
CA LEU P 301 62.32 -66.36 -55.99
C LEU P 301 63.50 -66.77 -56.86
N LYS P 302 64.22 -67.81 -56.43
CA LYS P 302 65.49 -68.16 -57.03
C LYS P 302 65.64 -69.67 -57.16
N GLU P 303 66.23 -70.10 -58.29
CA GLU P 303 66.08 -71.46 -58.78
C GLU P 303 66.56 -72.51 -57.79
N LEU P 304 67.53 -72.17 -56.93
CA LEU P 304 68.16 -73.16 -56.07
C LEU P 304 67.47 -73.33 -54.73
N ASN P 305 66.36 -72.62 -54.47
CA ASN P 305 65.69 -72.65 -53.17
C ASN P 305 64.17 -72.60 -53.29
N GLY P 306 63.59 -73.14 -54.36
CA GLY P 306 62.14 -73.12 -54.50
C GLY P 306 61.55 -73.64 -55.81
N ASP P 307 60.37 -73.12 -56.16
CA ASP P 307 59.55 -73.58 -57.27
C ASP P 307 60.12 -73.10 -58.62
N VAL P 308 59.43 -73.46 -59.72
CA VAL P 308 59.88 -73.22 -61.11
C VAL P 308 60.30 -71.77 -61.33
N PHE P 309 61.53 -71.57 -61.81
CA PHE P 309 62.17 -70.26 -61.89
C PHE P 309 61.72 -69.48 -63.14
N SER P 310 61.64 -70.12 -64.29
CA SER P 310 61.36 -69.41 -65.54
C SER P 310 60.98 -70.42 -66.62
N LYS P 311 60.44 -69.91 -67.74
CA LYS P 311 59.91 -70.77 -68.81
C LYS P 311 59.96 -70.04 -70.15
N PRO P 312 61.16 -70.02 -70.82
CA PRO P 312 61.32 -69.19 -72.03
C PRO P 312 60.69 -69.78 -73.30
N GLN P 313 60.83 -69.06 -74.42
CA GLN P 313 60.23 -69.41 -75.72
C GLN P 313 61.14 -68.92 -76.84
N PHE P 314 61.23 -69.72 -77.90
CA PHE P 314 62.11 -69.44 -79.02
C PHE P 314 61.55 -70.09 -80.30
N HIS P 315 62.00 -69.57 -81.46
CA HIS P 315 61.71 -70.18 -82.75
C HIS P 315 62.93 -70.96 -83.27
N PRO P 316 62.79 -72.19 -83.81
CA PRO P 316 64.01 -72.92 -84.24
C PRO P 316 64.71 -72.27 -85.42
N GLU P 317 63.94 -71.69 -86.35
CA GLU P 317 64.58 -71.05 -87.49
C GLU P 317 65.26 -69.74 -87.08
N LEU P 318 64.67 -69.01 -86.14
CA LEU P 318 65.21 -67.70 -85.79
C LEU P 318 66.60 -67.79 -85.16
N THR P 319 66.83 -68.81 -84.32
CA THR P 319 68.08 -68.88 -83.57
C THR P 319 69.28 -69.21 -84.44
N ASP P 320 69.08 -69.63 -85.68
CA ASP P 320 70.21 -69.93 -86.55
C ASP P 320 71.03 -68.67 -86.82
N ARG P 321 70.36 -67.57 -87.15
CA ARG P 321 71.08 -66.33 -87.46
C ARG P 321 71.63 -65.71 -86.18
N TYR P 322 70.83 -65.70 -85.12
CA TYR P 322 71.17 -65.09 -83.81
C TYR P 322 70.97 -66.14 -82.73
N GLY P 323 72.06 -66.81 -82.34
CA GLY P 323 71.95 -67.96 -81.45
C GLY P 323 71.89 -67.57 -79.98
N TYR P 324 70.87 -68.10 -79.28
CA TYR P 324 70.77 -67.99 -77.82
C TYR P 324 70.74 -66.53 -77.35
N THR P 325 70.22 -65.61 -78.17
CA THR P 325 70.11 -64.20 -77.79
C THR P 325 68.92 -64.03 -76.85
N LYS P 326 69.19 -63.85 -75.57
CA LYS P 326 68.17 -63.77 -74.56
C LYS P 326 67.65 -62.35 -74.32
N PHE P 327 66.41 -62.27 -73.86
CA PHE P 327 65.73 -61.04 -73.50
C PHE P 327 64.93 -61.33 -72.24
N GLU P 328 65.36 -60.75 -71.12
CA GLU P 328 64.76 -60.99 -69.80
C GLU P 328 64.12 -59.72 -69.26
N VAL P 329 62.97 -59.90 -68.61
CA VAL P 329 62.26 -58.81 -67.93
C VAL P 329 61.73 -59.36 -66.62
N GLU P 330 62.02 -58.67 -65.52
CA GLU P 330 61.42 -58.96 -64.23
C GLU P 330 60.05 -58.30 -64.17
N ASN P 331 59.06 -59.05 -63.70
CA ASN P 331 57.72 -58.53 -63.44
C ASN P 331 57.42 -58.66 -61.95
N ILE P 332 57.28 -57.51 -61.29
CA ILE P 332 56.98 -57.41 -59.87
C ILE P 332 55.68 -58.16 -59.52
N TYR P 333 54.75 -58.25 -60.48
CA TYR P 333 53.40 -58.72 -60.16
C TYR P 333 53.35 -60.20 -59.79
N LEU P 334 53.99 -61.05 -60.61
CA LEU P 334 53.79 -62.50 -60.55
C LEU P 334 54.30 -63.08 -59.23
N THR P 358 53.92 -112.93 -50.92
CA THR P 358 55.25 -112.62 -51.44
C THR P 358 56.27 -112.69 -50.30
N TYR P 359 56.12 -113.67 -49.41
CA TYR P 359 57.06 -113.84 -48.31
C TYR P 359 58.46 -114.11 -48.82
N SER P 360 58.58 -114.98 -49.81
CA SER P 360 59.89 -115.37 -50.34
C SER P 360 60.62 -114.14 -50.91
N LYS P 361 59.95 -113.42 -51.81
CA LYS P 361 60.53 -112.25 -52.45
C LYS P 361 60.96 -111.19 -51.44
N ILE P 362 60.15 -110.97 -50.40
CA ILE P 362 60.52 -110.00 -49.36
C ILE P 362 61.79 -110.45 -48.65
N MET P 363 61.84 -111.72 -48.30
CA MET P 363 63.01 -112.24 -47.60
C MET P 363 64.24 -112.20 -48.52
N LYS P 364 64.09 -112.61 -49.79
CA LYS P 364 65.19 -112.54 -50.74
C LYS P 364 65.73 -111.12 -50.86
N ASP P 365 64.83 -110.12 -50.92
CA ASP P 365 65.28 -108.74 -51.05
C ASP P 365 66.15 -108.33 -49.87
N LEU P 366 65.72 -108.65 -48.65
CA LEU P 366 66.53 -108.35 -47.47
C LEU P 366 67.87 -109.08 -47.52
N SER P 367 67.87 -110.31 -48.03
CA SER P 367 69.11 -111.07 -48.15
C SER P 367 69.99 -110.55 -49.27
N ASN P 368 69.44 -109.74 -50.19
CA ASN P 368 70.21 -109.24 -51.32
C ASN P 368 71.05 -108.05 -50.89
N TYR P 369 70.44 -107.12 -50.16
CA TYR P 369 71.20 -106.00 -49.62
C TYR P 369 72.08 -106.44 -48.47
N GLY P 370 71.59 -107.34 -47.62
CA GLY P 370 72.33 -107.81 -46.47
C GLY P 370 72.10 -106.97 -45.23
N ARG P 371 72.31 -107.59 -44.08
CA ARG P 371 72.03 -106.89 -42.81
C ARG P 371 72.99 -105.73 -42.58
N ASP P 372 74.20 -105.81 -43.12
CA ASP P 372 75.14 -104.71 -42.96
C ASP P 372 74.68 -103.47 -43.73
N ASN P 373 74.16 -103.65 -44.93
CA ASN P 373 73.70 -102.54 -45.75
C ASN P 373 72.35 -102.02 -45.28
N ILE P 374 71.46 -102.92 -44.86
CA ILE P 374 70.12 -102.51 -44.44
C ILE P 374 70.19 -101.79 -43.11
N SER P 375 71.15 -102.15 -42.25
CA SER P 375 71.25 -101.53 -40.94
C SER P 375 71.57 -100.04 -41.01
N LYS P 376 72.08 -99.57 -42.16
CA LYS P 376 72.40 -98.17 -42.40
C LYS P 376 71.27 -97.54 -43.22
N GLY P 377 70.20 -97.13 -42.55
CA GLY P 377 69.16 -96.38 -43.21
C GLY P 377 67.92 -97.22 -43.33
N ILE P 378 67.49 -97.77 -42.18
CA ILE P 378 66.35 -98.68 -42.19
C ILE P 378 65.09 -97.95 -42.61
N ASP P 379 64.97 -96.66 -42.29
CA ASP P 379 63.76 -95.93 -42.65
C ASP P 379 63.64 -95.79 -44.17
N LYS P 380 64.76 -95.52 -44.85
CA LYS P 380 64.68 -95.28 -46.29
C LYS P 380 64.78 -96.58 -47.09
N TYR P 381 65.56 -97.55 -46.61
CA TYR P 381 65.50 -98.86 -47.24
C TYR P 381 64.11 -99.48 -47.12
N THR P 382 63.43 -99.24 -45.99
CA THR P 382 62.02 -99.61 -45.87
C THR P 382 61.18 -99.03 -47.01
N SER P 383 61.46 -97.79 -47.42
CA SER P 383 60.68 -97.19 -48.50
C SER P 383 60.92 -97.90 -49.83
N LYS P 384 62.08 -98.54 -50.00
CA LYS P 384 62.33 -99.30 -51.23
C LYS P 384 61.37 -100.48 -51.33
N LEU P 385 61.22 -101.25 -50.25
CA LEU P 385 60.31 -102.39 -50.25
C LEU P 385 58.85 -101.94 -50.43
N SER P 386 58.44 -100.89 -49.71
CA SER P 386 57.06 -100.42 -49.81
C SER P 386 56.80 -99.78 -51.18
N SER P 387 57.83 -99.25 -51.83
CA SER P 387 57.64 -98.69 -53.17
C SER P 387 57.39 -99.79 -54.20
N LYS P 388 58.15 -100.88 -54.08
CA LYS P 388 58.09 -101.99 -55.04
C LYS P 388 56.74 -102.71 -54.94
N TYR P 389 56.24 -102.90 -53.72
CA TYR P 389 55.00 -103.62 -53.45
C TYR P 389 54.09 -102.70 -52.65
N LYS P 390 52.94 -102.34 -53.23
CA LYS P 390 51.99 -101.49 -52.54
C LYS P 390 51.07 -102.27 -51.59
N ASN P 391 51.34 -103.55 -51.36
CA ASN P 391 50.57 -104.30 -50.37
C ASN P 391 51.00 -103.96 -48.95
N LEU P 392 52.26 -103.56 -48.76
CA LEU P 392 52.80 -103.23 -47.45
C LEU P 392 52.82 -101.72 -47.24
N LYS P 393 52.27 -101.28 -46.11
CA LYS P 393 52.35 -99.89 -45.69
C LYS P 393 53.69 -99.63 -44.99
N LYS P 394 53.96 -98.35 -44.76
CA LYS P 394 55.23 -97.94 -44.15
C LYS P 394 55.42 -98.60 -42.79
N ALA P 395 54.37 -98.72 -41.99
CA ALA P 395 54.54 -99.31 -40.66
C ALA P 395 54.85 -100.80 -40.77
N GLN P 396 54.17 -101.49 -41.71
CA GLN P 396 54.33 -102.94 -41.84
C GLN P 396 55.74 -103.31 -42.27
N ALA P 397 56.28 -102.60 -43.26
CA ALA P 397 57.64 -102.86 -43.72
C ALA P 397 58.70 -102.31 -42.77
N LYS P 398 58.34 -101.34 -41.93
CA LYS P 398 59.27 -100.85 -40.91
C LYS P 398 59.52 -101.90 -39.84
N LYS P 399 58.46 -102.60 -39.43
CA LYS P 399 58.58 -103.56 -38.34
C LYS P 399 59.30 -104.83 -38.77
N ILE P 400 59.05 -105.33 -39.98
CA ILE P 400 59.71 -106.55 -40.44
C ILE P 400 61.22 -106.35 -40.54
N ILE P 401 61.68 -105.16 -40.95
CA ILE P 401 63.11 -104.95 -41.09
C ILE P 401 63.78 -104.93 -39.72
N GLU P 402 63.16 -104.26 -38.75
CA GLU P 402 63.69 -104.25 -37.38
C GLU P 402 63.81 -105.66 -36.83
N LYS P 403 62.79 -106.50 -37.05
CA LYS P 403 62.86 -107.89 -36.63
C LYS P 403 63.91 -108.67 -37.40
N PHE P 404 64.14 -108.32 -38.67
CA PHE P 404 65.16 -109.00 -39.46
C PHE P 404 66.56 -108.70 -38.93
N VAL P 405 66.87 -107.43 -38.71
CA VAL P 405 68.23 -107.06 -38.33
C VAL P 405 68.57 -107.59 -36.94
N LYS P 406 67.64 -107.51 -36.00
CA LYS P 406 67.94 -107.88 -34.62
C LYS P 406 68.09 -109.39 -34.48
N GLU P 407 67.11 -110.14 -34.98
CA GLU P 407 67.17 -111.60 -34.92
C GLU P 407 68.12 -112.17 -35.95
N GLY P 408 68.31 -111.50 -37.07
CA GLY P 408 69.13 -112.00 -38.16
C GLY P 408 68.41 -112.85 -39.18
N LYS P 409 67.15 -113.22 -38.93
CA LYS P 409 66.36 -113.93 -39.92
C LYS P 409 64.89 -113.67 -39.62
N VAL P 410 64.06 -113.96 -40.63
CA VAL P 410 62.61 -113.82 -40.55
C VAL P 410 61.98 -115.13 -41.00
N THR P 411 61.06 -115.66 -40.19
CA THR P 411 60.37 -116.91 -40.41
C THR P 411 58.91 -116.62 -40.78
N GLU P 412 58.16 -117.69 -41.07
CA GLU P 412 56.74 -117.55 -41.39
C GLU P 412 55.91 -117.10 -40.20
N LYS P 413 56.38 -117.32 -38.97
CA LYS P 413 55.68 -116.82 -37.78
C LYS P 413 55.81 -115.31 -37.68
N GLU P 414 57.00 -114.78 -37.98
CA GLU P 414 57.18 -113.33 -37.95
C GLU P 414 56.35 -112.64 -39.01
N TYR P 415 56.32 -113.20 -40.23
CA TYR P 415 55.61 -112.57 -41.33
C TYR P 415 54.11 -112.47 -41.01
N GLU P 416 53.49 -113.60 -40.67
CA GLU P 416 52.06 -113.61 -40.39
C GLU P 416 51.71 -112.74 -39.18
N LYS P 417 52.61 -112.68 -38.20
CA LYS P 417 52.37 -111.80 -37.06
C LYS P 417 52.32 -110.34 -37.48
N ILE P 418 53.15 -109.93 -38.44
CA ILE P 418 53.12 -108.55 -38.91
C ILE P 418 51.80 -108.23 -39.57
N THR P 419 51.29 -109.15 -40.40
CA THR P 419 50.02 -108.97 -41.07
C THR P 419 49.49 -110.34 -41.47
N GLY P 420 48.18 -110.53 -41.36
CA GLY P 420 47.61 -111.80 -41.73
C GLY P 420 47.69 -112.02 -43.22
N ASN P 421 48.51 -112.99 -43.64
CA ASN P 421 48.56 -113.40 -45.03
C ASN P 421 48.68 -114.91 -45.11
N LYS P 422 48.25 -115.45 -46.24
CA LYS P 422 48.43 -116.86 -46.60
C LYS P 422 49.87 -117.01 -47.09
N VAL P 423 50.75 -117.43 -46.20
CA VAL P 423 52.14 -117.62 -46.62
C VAL P 423 52.27 -118.94 -47.39
N ASP P 424 51.49 -119.94 -47.00
CA ASP P 424 51.49 -121.25 -47.64
C ASP P 424 50.55 -121.26 -48.84
N ASP P 425 50.79 -120.37 -49.81
CA ASP P 425 49.97 -120.31 -51.02
C ASP P 425 50.80 -119.68 -52.12
N GLU P 426 51.24 -120.50 -53.09
CA GLU P 426 52.11 -120.04 -54.17
C GLU P 426 51.37 -119.94 -55.50
N LEU P 427 50.09 -120.33 -55.56
CA LEU P 427 49.26 -120.14 -56.74
C LEU P 427 49.30 -118.72 -57.29
N THR P 428 49.10 -117.73 -56.41
CA THR P 428 48.64 -116.41 -56.85
C THR P 428 49.62 -115.71 -57.80
N SER P 429 50.94 -115.89 -57.64
CA SER P 429 51.83 -115.08 -58.47
C SER P 429 51.81 -115.51 -59.93
N ASP P 430 51.60 -116.80 -60.21
CA ASP P 430 51.45 -117.26 -61.58
C ASP P 430 50.02 -117.07 -62.09
N ASN P 431 49.03 -117.57 -61.34
CA ASN P 431 47.63 -117.55 -61.74
C ASN P 431 46.77 -117.10 -60.57
N ARG P 432 45.83 -116.17 -60.82
CA ARG P 432 44.86 -115.76 -59.81
C ARG P 432 43.47 -115.64 -60.44
N PRO P 433 42.41 -116.19 -59.81
CA PRO P 433 41.12 -116.36 -60.52
C PRO P 433 40.43 -115.06 -60.92
N LYS P 434 39.55 -115.19 -61.92
CA LYS P 434 38.96 -114.06 -62.64
C LYS P 434 37.96 -113.25 -61.79
N LEU P 435 37.17 -113.90 -60.93
CA LEU P 435 36.08 -113.28 -60.16
C LEU P 435 35.01 -112.66 -61.09
N THR P 436 34.43 -113.50 -61.95
CA THR P 436 33.26 -113.08 -62.70
C THR P 436 32.08 -112.88 -61.75
N LYS P 437 31.06 -112.19 -62.26
CA LYS P 437 29.96 -111.64 -61.44
C LYS P 437 29.35 -112.66 -60.49
N ASP P 438 29.11 -113.89 -60.95
CA ASP P 438 28.48 -114.88 -60.09
C ASP P 438 29.38 -115.28 -58.91
N LYS P 439 30.71 -115.14 -59.06
CA LYS P 439 31.58 -115.44 -57.95
C LYS P 439 31.46 -114.39 -56.86
N LEU P 440 31.41 -113.11 -57.25
CA LEU P 440 31.18 -112.04 -56.28
C LEU P 440 29.83 -112.27 -55.60
N LYS P 441 28.81 -112.58 -56.39
CA LYS P 441 27.49 -112.83 -55.80
C LYS P 441 27.57 -113.95 -54.75
N SER P 442 28.36 -114.99 -55.05
CA SER P 442 28.56 -116.07 -54.08
C SER P 442 29.39 -115.62 -52.86
N ILE P 443 30.45 -114.81 -53.05
CA ILE P 443 31.26 -114.43 -51.89
C ILE P 443 30.46 -113.51 -50.95
N LEU P 444 29.60 -112.64 -51.48
CA LEU P 444 28.74 -111.85 -50.61
C LEU P 444 27.76 -112.73 -49.83
N LYS P 445 27.29 -113.83 -50.44
CA LYS P 445 26.39 -114.72 -49.71
C LYS P 445 27.13 -115.48 -48.59
N GLU P 446 28.46 -115.62 -48.68
CA GLU P 446 29.23 -116.19 -47.56
C GLU P 446 29.45 -115.15 -46.47
N LYS P 447 29.88 -113.94 -46.84
CA LYS P 447 30.19 -112.91 -45.86
C LYS P 447 28.95 -112.39 -45.13
N PHE P 448 27.77 -112.45 -45.74
CA PHE P 448 26.52 -112.02 -45.09
C PHE P 448 25.51 -113.17 -45.16
N LYS P 449 25.41 -113.94 -44.05
CA LYS P 449 24.56 -115.13 -43.98
C LYS P 449 23.31 -114.94 -43.13
N THR P 450 23.27 -113.88 -42.31
CA THR P 450 22.15 -113.61 -41.42
C THR P 450 21.82 -112.12 -41.49
N GLN P 451 20.56 -111.80 -41.18
CA GLN P 451 20.08 -110.43 -41.35
C GLN P 451 20.56 -109.50 -40.25
N ASP P 452 20.96 -110.03 -39.08
CA ASP P 452 21.39 -109.16 -37.99
C ASP P 452 22.65 -108.37 -38.34
N ASP P 453 23.45 -108.87 -39.29
CA ASP P 453 24.69 -108.18 -39.66
C ASP P 453 24.40 -106.76 -40.13
N PHE P 454 23.32 -106.57 -40.91
CA PHE P 454 22.92 -105.22 -41.32
C PHE P 454 22.54 -104.38 -40.11
N ASN P 455 21.85 -104.99 -39.14
CA ASN P 455 21.38 -104.23 -37.98
C ASN P 455 22.50 -103.93 -36.99
N ASN P 456 23.46 -104.85 -36.84
CA ASN P 456 24.55 -104.70 -35.89
C ASN P 456 25.76 -104.20 -36.66
N SER P 457 26.09 -102.92 -36.49
CA SER P 457 27.13 -102.30 -37.31
C SER P 457 28.51 -102.85 -36.98
N LYS P 458 28.74 -103.17 -35.70
CA LYS P 458 30.04 -103.60 -35.20
C LYS P 458 30.57 -104.80 -35.96
N LYS P 459 29.75 -105.84 -36.11
CA LYS P 459 30.15 -106.99 -36.90
C LYS P 459 30.16 -106.67 -38.39
N LYS P 460 29.29 -105.75 -38.83
CA LYS P 460 29.28 -105.36 -40.24
C LYS P 460 30.63 -104.80 -40.69
N LYS P 461 31.27 -103.98 -39.84
CA LYS P 461 32.62 -103.50 -40.14
C LYS P 461 33.60 -104.66 -40.25
N LYS P 462 33.50 -105.63 -39.34
CA LYS P 462 34.38 -106.81 -39.42
C LYS P 462 34.10 -107.60 -40.70
N ALA P 463 32.83 -107.81 -41.02
CA ALA P 463 32.47 -108.58 -42.20
C ALA P 463 33.01 -107.93 -43.48
N LYS P 464 32.74 -106.63 -43.66
CA LYS P 464 33.12 -105.97 -44.91
C LYS P 464 34.63 -105.90 -45.07
N THR P 465 35.37 -105.75 -43.97
CA THR P 465 36.83 -105.71 -44.05
C THR P 465 37.37 -107.05 -44.49
N ASP P 466 36.75 -108.13 -44.02
CA ASP P 466 37.13 -109.49 -44.43
C ASP P 466 36.79 -109.75 -45.88
N ALA P 467 35.68 -109.18 -46.35
CA ALA P 467 35.34 -109.28 -47.76
C ALA P 467 36.38 -108.57 -48.61
N LEU P 468 36.69 -107.32 -48.25
CA LEU P 468 37.64 -106.54 -49.02
C LEU P 468 39.05 -107.12 -48.93
N LYS P 469 39.40 -107.72 -47.78
CA LYS P 469 40.73 -108.27 -47.62
C LYS P 469 40.99 -109.41 -48.61
N GLU P 470 40.03 -110.32 -48.78
CA GLU P 470 40.19 -111.36 -49.79
C GLU P 470 39.89 -110.84 -51.19
N LEU P 471 38.83 -110.02 -51.33
CA LEU P 471 38.38 -109.60 -52.65
C LEU P 471 39.42 -108.70 -53.35
N THR P 472 40.16 -107.86 -52.61
CA THR P 472 41.17 -107.04 -53.29
C THR P 472 42.39 -107.87 -53.69
N THR P 473 42.81 -108.83 -52.86
CA THR P 473 44.07 -109.55 -53.04
C THR P 473 43.94 -110.81 -53.90
N LYS P 474 42.99 -111.69 -53.56
CA LYS P 474 43.02 -113.07 -54.03
C LYS P 474 42.80 -113.20 -55.55
N TYR P 475 42.04 -112.28 -56.15
CA TYR P 475 41.55 -112.38 -57.53
C TYR P 475 42.30 -111.41 -58.44
N ARG P 476 41.95 -111.46 -59.75
CA ARG P 476 42.67 -110.69 -60.76
C ARG P 476 42.70 -109.20 -60.46
N PHE P 477 41.57 -108.63 -60.03
CA PHE P 477 41.42 -107.18 -59.95
C PHE P 477 40.97 -106.76 -58.56
N GLY P 478 41.67 -105.77 -57.96
CA GLY P 478 41.29 -105.18 -56.67
C GLY P 478 41.27 -103.66 -56.55
N ASN P 479 40.20 -103.10 -55.97
CA ASN P 479 40.11 -101.67 -55.68
C ASN P 479 39.27 -101.42 -54.42
N LYS P 480 39.77 -100.57 -53.51
CA LYS P 480 39.03 -100.26 -52.28
C LYS P 480 37.78 -99.43 -52.55
N THR P 481 37.94 -98.23 -53.13
CA THR P 481 36.81 -97.30 -53.24
C THR P 481 35.69 -97.89 -54.09
N HIS P 482 36.02 -98.58 -55.18
CA HIS P 482 34.99 -99.22 -56.00
C HIS P 482 34.26 -100.29 -55.21
N ALA P 483 35.02 -101.18 -54.58
CA ALA P 483 34.41 -102.26 -53.79
C ALA P 483 33.61 -101.69 -52.63
N THR P 484 34.10 -100.62 -52.02
CA THR P 484 33.34 -99.93 -50.97
C THR P 484 31.98 -99.46 -51.48
N THR P 485 31.97 -98.76 -52.63
CA THR P 485 30.73 -98.30 -53.25
C THR P 485 29.71 -99.42 -53.39
N LEU P 486 30.15 -100.57 -53.93
CA LEU P 486 29.25 -101.72 -54.05
C LEU P 486 28.73 -102.14 -52.68
N LEU P 487 29.61 -102.16 -51.67
CA LEU P 487 29.20 -102.60 -50.34
C LEU P 487 28.20 -101.63 -49.71
N ASP P 488 28.30 -100.35 -50.06
CA ASP P 488 27.42 -99.36 -49.44
C ASP P 488 26.03 -99.44 -50.04
N GLU P 489 25.95 -99.73 -51.33
CA GLU P 489 24.69 -99.99 -52.00
C GLU P 489 24.10 -101.32 -51.55
N TYR P 490 24.94 -102.36 -51.49
CA TYR P 490 24.52 -103.68 -51.01
C TYR P 490 23.91 -103.61 -49.61
N ILE P 491 24.62 -102.95 -48.68
CA ILE P 491 24.12 -102.79 -47.31
C ILE P 491 22.79 -102.04 -47.30
N LYS P 492 22.69 -100.94 -48.05
CA LYS P 492 21.49 -100.11 -48.04
C LYS P 492 20.28 -100.88 -48.54
N TYR P 493 20.45 -101.66 -49.60
CA TYR P 493 19.35 -102.46 -50.14
C TYR P 493 19.18 -103.81 -49.45
N LYS P 494 19.85 -104.02 -48.32
CA LYS P 494 19.70 -105.25 -47.53
C LYS P 494 20.10 -106.49 -48.34
N GLY P 495 21.09 -106.33 -49.21
CA GLY P 495 21.60 -107.45 -49.98
C GLY P 495 20.76 -107.89 -51.15
N GLU P 496 19.70 -107.18 -51.51
CA GLU P 496 18.94 -107.46 -52.73
C GLU P 496 18.52 -106.13 -53.36
N PRO P 497 19.43 -105.50 -54.10
CA PRO P 497 19.10 -104.23 -54.76
C PRO P 497 18.13 -104.42 -55.91
N PRO P 498 17.46 -103.34 -56.36
CA PRO P 498 16.44 -103.48 -57.41
C PRO P 498 16.99 -103.73 -58.81
N ASN P 499 18.30 -103.85 -59.00
CA ASN P 499 18.90 -104.05 -60.31
C ASN P 499 20.19 -104.85 -60.18
N ASP P 500 20.49 -105.67 -61.19
CA ASP P 500 21.70 -106.47 -61.17
C ASP P 500 22.95 -105.62 -61.43
N GLU P 501 22.77 -104.35 -61.82
CA GLU P 501 23.89 -103.43 -62.01
C GLU P 501 24.76 -103.30 -60.76
N ALA P 502 24.19 -103.53 -59.58
CA ALA P 502 24.96 -103.47 -58.34
C ALA P 502 26.08 -104.50 -58.35
N PHE P 503 25.85 -105.64 -59.03
CA PHE P 503 26.87 -106.67 -59.16
C PHE P 503 27.71 -106.50 -60.43
N ASP P 504 27.18 -105.84 -61.46
CA ASP P 504 28.00 -105.38 -62.59
C ASP P 504 29.04 -104.35 -62.18
N LYS P 505 28.64 -103.37 -61.36
CA LYS P 505 29.37 -102.13 -61.12
C LYS P 505 30.86 -102.36 -60.86
N TYR P 506 31.19 -103.24 -59.91
CA TYR P 506 32.60 -103.50 -59.63
C TYR P 506 33.29 -104.17 -60.81
N LEU P 507 32.56 -104.99 -61.57
CA LEU P 507 33.19 -105.64 -62.71
C LEU P 507 33.39 -104.65 -63.86
N LYS P 508 32.40 -103.77 -64.14
CA LYS P 508 32.63 -102.82 -65.23
C LYS P 508 33.54 -101.68 -64.80
N ALA P 509 33.58 -101.35 -63.51
CA ALA P 509 34.46 -100.29 -63.03
C ALA P 509 35.91 -100.74 -62.84
N ILE P 510 36.24 -102.03 -62.97
CA ILE P 510 37.60 -102.52 -62.79
C ILE P 510 38.04 -103.28 -64.04
N GLU P 511 39.34 -103.23 -64.30
CA GLU P 511 39.88 -103.49 -65.61
C GLU P 511 41.12 -104.37 -65.56
N SER P 527 50.55 -71.49 -66.08
CA SER P 527 49.86 -70.94 -67.24
C SER P 527 50.18 -69.44 -67.46
N PRO P 528 50.20 -68.63 -66.39
CA PRO P 528 50.74 -67.26 -66.55
C PRO P 528 52.17 -67.22 -67.05
N LEU P 529 53.02 -68.17 -66.63
CA LEU P 529 54.40 -68.17 -67.10
C LEU P 529 54.46 -68.44 -68.60
N VAL P 530 53.69 -69.41 -69.07
CA VAL P 530 53.68 -69.74 -70.49
C VAL P 530 53.08 -68.59 -71.29
N MET P 531 51.98 -68.02 -70.80
CA MET P 531 51.30 -66.97 -71.54
C MET P 531 52.18 -65.73 -71.68
N PHE P 532 52.82 -65.32 -70.57
CA PHE P 532 53.69 -64.15 -70.63
C PHE P 532 54.86 -64.39 -71.57
N SER P 533 55.47 -65.58 -71.52
CA SER P 533 56.60 -65.84 -72.41
C SER P 533 56.14 -65.93 -73.86
N ARG P 534 54.95 -66.46 -74.11
CA ARG P 534 54.44 -66.51 -75.47
C ARG P 534 54.19 -65.10 -76.04
N MET P 535 53.38 -64.30 -75.33
CA MET P 535 53.03 -62.98 -75.85
C MET P 535 54.27 -62.09 -75.98
N LEU P 536 55.24 -62.27 -75.09
CA LEU P 536 56.46 -61.48 -75.16
C LEU P 536 57.23 -61.79 -76.45
N PHE P 537 57.28 -63.07 -76.84
CA PHE P 537 57.89 -63.43 -78.11
C PHE P 537 57.13 -62.83 -79.28
N ASN P 538 55.79 -62.79 -79.18
CA ASN P 538 54.96 -62.31 -80.27
C ASN P 538 55.22 -60.83 -80.57
N TRP P 539 55.39 -60.03 -79.53
CA TRP P 539 55.58 -58.59 -79.76
C TRP P 539 56.94 -58.33 -80.38
N TYR P 540 57.99 -58.79 -79.72
CA TYR P 540 59.33 -58.31 -79.99
C TYR P 540 60.19 -59.23 -80.86
N HIS P 541 59.67 -60.33 -81.38
CA HIS P 541 60.48 -61.10 -82.31
C HIS P 541 60.62 -60.39 -83.66
N GLY P 542 59.62 -59.59 -84.02
CA GLY P 542 59.56 -59.02 -85.35
C GLY P 542 60.20 -57.65 -85.44
N ASN P 543 61.12 -57.32 -84.53
CA ASN P 543 61.83 -56.04 -84.62
C ASN P 543 62.46 -55.82 -85.99
N PRO P 544 63.28 -56.73 -86.52
CA PRO P 544 63.69 -56.60 -87.92
C PRO P 544 62.50 -56.75 -88.86
N ASN P 545 62.60 -56.07 -90.00
CA ASN P 545 61.60 -55.97 -91.07
C ASN P 545 60.53 -54.90 -90.78
N PHE P 546 60.53 -54.29 -89.61
CA PHE P 546 59.65 -53.18 -89.28
C PHE P 546 60.34 -51.86 -89.65
N TYR P 547 59.54 -50.81 -89.75
CA TYR P 547 60.00 -49.48 -90.14
C TYR P 547 59.87 -48.52 -88.95
N ALA P 548 60.88 -47.70 -88.73
CA ALA P 548 60.86 -46.73 -87.64
C ALA P 548 61.71 -45.51 -87.96
N GLY P 549 61.20 -44.33 -87.61
CA GLY P 549 61.97 -43.11 -87.80
C GLY P 549 61.35 -41.86 -87.21
N ASP P 550 61.41 -40.77 -87.97
CA ASP P 550 60.79 -39.50 -87.63
C ASP P 550 60.24 -38.85 -88.89
N ILE P 551 59.02 -38.33 -88.81
CA ILE P 551 58.32 -37.76 -89.96
C ILE P 551 57.90 -36.33 -89.60
N ILE P 552 58.14 -35.40 -90.52
CA ILE P 552 57.75 -34.00 -90.36
C ILE P 552 56.50 -33.71 -91.19
N VAL P 553 55.34 -34.09 -90.67
CA VAL P 553 54.06 -33.79 -91.32
C VAL P 553 53.73 -32.31 -91.17
N LEU P 554 52.65 -31.87 -91.80
CA LEU P 554 52.28 -30.46 -91.71
C LEU P 554 51.68 -30.20 -90.33
N GLY P 555 51.95 -29.02 -89.79
CA GLY P 555 51.57 -28.68 -88.44
C GLY P 555 50.09 -28.63 -88.08
N ASP P 556 49.58 -29.69 -87.48
CA ASP P 556 48.16 -29.82 -87.16
C ASP P 556 48.01 -30.48 -85.79
N PRO P 557 46.94 -30.18 -85.04
CA PRO P 557 46.79 -30.73 -83.70
C PRO P 557 46.15 -32.11 -83.62
N LYS P 558 45.78 -32.69 -84.77
CA LYS P 558 45.10 -34.00 -84.81
C LYS P 558 46.00 -35.12 -84.31
N TYR P 559 47.30 -35.00 -84.49
CA TYR P 559 48.28 -36.04 -84.18
C TYR P 559 48.58 -36.01 -82.69
N ASP P 560 48.53 -37.17 -82.03
CA ASP P 560 48.82 -37.18 -80.60
C ASP P 560 49.54 -38.47 -80.24
N LEU P 561 50.22 -38.44 -79.10
CA LEU P 561 51.04 -39.56 -78.66
C LEU P 561 50.19 -40.81 -78.43
N GLY P 562 50.71 -41.94 -78.89
CA GLY P 562 50.06 -43.22 -78.72
C GLY P 562 49.01 -43.53 -79.77
N LYS P 563 48.82 -42.66 -80.75
CA LYS P 563 47.77 -42.82 -81.74
C LYS P 563 48.30 -43.52 -82.98
N ARG P 564 47.44 -44.33 -83.59
CA ARG P 564 47.85 -45.12 -84.75
C ARG P 564 47.80 -44.26 -86.00
N LEU P 565 48.84 -44.37 -86.82
CA LEU P 565 49.04 -43.47 -87.96
C LEU P 565 48.92 -44.27 -89.25
N PHE P 566 48.07 -43.80 -90.15
CA PHE P 566 47.87 -44.42 -91.46
C PHE P 566 48.36 -43.46 -92.53
N ILE P 567 49.20 -43.95 -93.43
CA ILE P 567 49.78 -43.16 -94.51
C ILE P 567 49.50 -43.86 -95.83
N GLU P 568 49.11 -43.08 -96.85
CA GLU P 568 48.90 -43.59 -98.20
C GLU P 568 49.88 -42.91 -99.13
N ASP P 569 50.74 -43.70 -99.76
CA ASP P 569 51.77 -43.19 -100.65
C ASP P 569 51.19 -43.04 -102.05
N LYS P 570 51.20 -41.80 -102.56
CA LYS P 570 50.77 -41.48 -103.91
C LYS P 570 51.88 -41.66 -104.94
N GLN P 571 53.13 -41.79 -104.50
CA GLN P 571 54.26 -41.94 -105.40
C GLN P 571 54.11 -43.19 -106.25
N ARG P 572 53.72 -44.32 -105.62
CA ARG P 572 53.56 -45.59 -106.32
C ARG P 572 52.33 -46.35 -105.86
N GLY P 573 51.33 -45.65 -105.32
CA GLY P 573 50.12 -46.34 -104.88
C GLY P 573 50.34 -47.36 -103.79
N ASP P 574 51.15 -47.02 -102.79
CA ASP P 574 51.43 -47.88 -101.66
C ASP P 574 50.80 -47.31 -100.39
N THR P 575 50.70 -48.17 -99.37
CA THR P 575 49.99 -47.94 -98.13
C THR P 575 50.94 -48.30 -96.99
N TRP P 576 50.97 -47.46 -95.94
CA TRP P 576 51.84 -47.69 -94.80
C TRP P 576 51.09 -47.50 -93.50
N GLU P 577 51.49 -48.29 -92.50
CA GLU P 577 50.94 -48.26 -91.16
C GLU P 577 52.06 -48.08 -90.16
N PHE P 578 51.78 -47.28 -89.11
CA PHE P 578 52.79 -46.90 -88.13
C PHE P 578 52.12 -46.77 -86.76
N TYR P 579 52.96 -46.63 -85.74
CA TYR P 579 52.52 -46.44 -84.35
C TYR P 579 53.29 -45.25 -83.82
N ILE P 580 52.59 -44.25 -83.30
CA ILE P 580 53.22 -43.01 -82.87
C ILE P 580 53.75 -43.20 -81.45
N GLU P 581 55.02 -42.85 -81.26
CA GLU P 581 55.68 -42.88 -79.95
C GLU P 581 56.19 -41.53 -79.51
N SER P 582 56.26 -40.54 -80.41
CA SER P 582 56.80 -39.23 -80.04
C SER P 582 56.35 -38.21 -81.07
N VAL P 583 56.05 -37.00 -80.60
CA VAL P 583 55.70 -35.87 -81.44
C VAL P 583 56.39 -34.62 -80.89
N GLU P 584 56.97 -33.82 -81.79
CA GLU P 584 57.66 -32.59 -81.40
C GLU P 584 57.13 -31.46 -82.28
N HIS P 585 56.45 -30.52 -81.66
CA HIS P 585 55.84 -29.37 -82.33
C HIS P 585 56.83 -28.22 -82.46
N LYS P 586 56.64 -27.40 -83.49
CA LYS P 586 57.47 -26.21 -83.70
C LYS P 586 56.64 -25.12 -84.37
N PHE P 587 56.41 -24.03 -83.64
CA PHE P 587 55.64 -22.89 -84.12
C PHE P 587 56.51 -21.64 -84.04
N ASP P 588 56.57 -20.90 -85.15
CA ASP P 588 57.31 -19.65 -85.21
C ASP P 588 56.87 -18.88 -86.45
N TYR P 589 56.62 -17.58 -86.27
CA TYR P 589 56.23 -16.72 -87.39
C TYR P 589 57.37 -16.59 -88.41
N LYS P 590 58.62 -16.80 -87.98
CA LYS P 590 59.75 -16.62 -88.87
C LYS P 590 59.72 -17.61 -90.04
N GLN P 591 59.22 -18.83 -89.80
CA GLN P 591 59.18 -19.83 -90.88
C GLN P 591 58.12 -20.88 -90.52
N GLY P 592 56.90 -20.63 -90.97
CA GLY P 592 55.86 -21.62 -91.02
C GLY P 592 55.49 -22.20 -89.66
N TYR P 593 55.03 -23.45 -89.69
CA TYR P 593 54.60 -24.15 -88.47
C TYR P 593 54.62 -25.64 -88.78
N TYR P 594 55.50 -26.37 -88.08
CA TYR P 594 55.82 -27.76 -88.36
C TYR P 594 55.43 -28.63 -87.17
N THR P 595 55.28 -29.93 -87.43
CA THR P 595 54.99 -30.89 -86.37
C THR P 595 55.67 -32.21 -86.69
N THR P 596 56.61 -32.62 -85.82
CA THR P 596 57.27 -33.91 -85.98
C THR P 596 56.38 -35.03 -85.44
N VAL P 597 56.45 -36.18 -86.10
CA VAL P 597 55.70 -37.38 -85.73
C VAL P 597 56.70 -38.54 -85.70
N GLY P 598 57.23 -38.86 -84.53
CA GLY P 598 58.04 -40.06 -84.40
C GLY P 598 57.17 -41.30 -84.46
N VAL P 599 57.67 -42.32 -85.17
CA VAL P 599 56.95 -43.56 -85.40
C VAL P 599 57.87 -44.77 -85.18
N THR P 600 57.24 -45.89 -84.84
CA THR P 600 57.96 -47.16 -84.68
C THR P 600 57.03 -48.31 -85.06
N ARG P 601 57.64 -49.47 -85.36
CA ARG P 601 56.94 -50.71 -85.63
C ARG P 601 56.07 -50.58 -86.89
N GLY P 602 56.66 -50.01 -87.93
CA GLY P 602 55.93 -49.72 -89.15
C GLY P 602 55.91 -50.88 -90.13
N LEU P 603 54.80 -51.01 -90.85
CA LEU P 603 54.68 -52.04 -91.87
C LEU P 603 53.84 -51.51 -93.04
N LYS P 604 53.98 -52.19 -94.19
CA LYS P 604 53.38 -51.79 -95.45
C LYS P 604 52.03 -52.51 -95.63
N ASP P 605 51.46 -52.40 -96.83
CA ASP P 605 50.20 -53.03 -97.26
C ASP P 605 49.12 -52.97 -96.17
N ALA P 606 48.79 -51.74 -95.78
CA ALA P 606 47.79 -51.48 -94.78
C ALA P 606 46.38 -51.49 -95.38
N ILE P 607 45.40 -51.75 -94.53
CA ILE P 607 43.98 -51.74 -94.87
C ILE P 607 43.27 -50.77 -93.94
N LEU P 608 42.30 -50.04 -94.47
CA LEU P 608 41.60 -48.99 -93.73
C LEU P 608 40.34 -49.46 -93.03
N GLU P 609 39.77 -50.58 -93.47
CA GLU P 609 38.43 -50.97 -93.03
C GLU P 609 38.45 -51.40 -91.56
N ASP P 610 37.75 -50.66 -90.71
CA ASP P 610 37.60 -51.02 -89.30
C ASP P 610 38.94 -51.10 -88.57
N GLY P 611 39.94 -50.34 -89.02
CA GLY P 611 41.23 -50.43 -88.37
C GLY P 611 41.90 -51.78 -88.53
N LYS P 612 41.66 -52.47 -89.65
CA LYS P 612 42.26 -53.78 -89.86
C LYS P 612 43.77 -53.69 -89.91
N GLY P 613 44.29 -52.63 -90.53
CA GLY P 613 45.73 -52.51 -90.65
C GLY P 613 46.28 -53.49 -91.67
N SER P 614 47.58 -53.73 -91.54
CA SER P 614 48.28 -54.60 -92.47
C SER P 614 48.06 -56.07 -92.10
N PRO P 615 47.58 -56.94 -93.01
CA PRO P 615 47.34 -58.33 -92.59
C PRO P 615 48.63 -59.10 -92.37
N HIS P 616 49.72 -58.63 -92.98
CA HIS P 616 51.03 -59.23 -92.83
C HIS P 616 51.68 -58.93 -91.48
N ARG P 617 51.08 -58.09 -90.65
CA ARG P 617 51.63 -57.83 -89.32
C ARG P 617 51.64 -59.10 -88.49
N PHE P 618 50.56 -59.88 -88.54
CA PHE P 618 50.48 -61.16 -87.86
C PHE P 618 50.99 -62.23 -88.82
N ALA P 619 52.32 -62.34 -88.90
CA ALA P 619 52.93 -63.23 -89.86
C ALA P 619 52.79 -64.67 -89.39
N GLY P 620 53.32 -65.59 -90.20
CA GLY P 620 53.31 -67.02 -89.88
C GLY P 620 54.16 -67.43 -88.70
N LEU P 621 55.03 -66.53 -88.23
CA LEU P 621 55.90 -66.77 -87.08
C LEU P 621 55.39 -66.10 -85.82
N TRP P 622 54.24 -65.41 -85.90
CA TRP P 622 53.69 -64.71 -84.74
C TRP P 622 53.40 -65.67 -83.60
N ASN P 623 52.62 -66.72 -83.86
CA ASN P 623 52.16 -67.65 -82.84
C ASN P 623 52.89 -68.98 -82.85
N GLN P 624 53.26 -69.48 -84.04
CA GLN P 624 54.02 -70.72 -84.15
C GLN P 624 55.38 -70.58 -83.47
N SER P 625 55.65 -71.43 -82.50
CA SER P 625 56.88 -71.39 -81.71
C SER P 625 56.95 -72.71 -80.93
N SER P 626 57.79 -72.76 -79.90
CA SER P 626 58.00 -73.97 -79.14
C SER P 626 58.86 -73.66 -77.92
N ASP P 627 58.80 -74.53 -76.91
CA ASP P 627 59.54 -74.31 -75.68
C ASP P 627 61.04 -74.39 -75.90
N PHE P 628 61.79 -73.57 -75.15
CA PHE P 628 63.24 -73.45 -75.31
C PHE P 628 63.99 -74.37 -74.36
N MET P 629 64.90 -75.17 -74.93
CA MET P 629 65.74 -76.08 -74.17
C MET P 629 67.06 -76.27 -74.92
N GLY P 630 68.00 -76.94 -74.27
CA GLY P 630 69.26 -77.26 -74.90
C GLY P 630 69.14 -78.38 -75.92
N GLY P 631 70.29 -78.90 -76.30
CA GLY P 631 70.36 -79.90 -77.36
C GLY P 631 70.36 -79.34 -78.76
N LEU P 632 70.41 -78.01 -78.91
CA LEU P 632 70.39 -77.41 -80.24
C LEU P 632 71.79 -77.23 -80.80
N MET P 633 72.75 -76.84 -79.96
CA MET P 633 74.11 -76.56 -80.42
C MET P 633 75.09 -76.96 -79.33
N GLY P 634 75.91 -77.99 -79.61
CA GLY P 634 77.02 -78.34 -78.76
C GLY P 634 76.67 -79.27 -77.62
N GLU P 635 75.44 -79.17 -77.12
CA GLU P 635 74.96 -80.03 -76.05
C GLU P 635 74.67 -81.45 -76.55
N ASP P 636 74.26 -81.60 -77.81
CA ASP P 636 73.87 -82.90 -78.33
C ASP P 636 75.04 -83.72 -78.89
N THR P 637 76.20 -83.11 -79.11
CA THR P 637 77.28 -83.80 -79.81
C THR P 637 77.89 -84.89 -78.94
N SER P 638 77.90 -84.69 -77.61
CA SER P 638 78.44 -85.69 -76.71
C SER P 638 77.48 -86.86 -76.49
N LYS P 639 76.17 -86.67 -76.69
CA LYS P 639 75.18 -87.70 -76.37
C LYS P 639 74.87 -88.63 -77.55
N GLU P 640 75.69 -88.64 -78.60
CA GLU P 640 75.51 -89.57 -79.72
C GLU P 640 76.16 -90.91 -79.36
N LEU P 641 75.49 -91.63 -78.47
CA LEU P 641 75.95 -92.94 -78.07
C LEU P 641 75.63 -93.98 -79.14
N LEU P 673 107.84 -114.87 -61.68
CA LEU P 673 108.92 -115.43 -60.84
C LEU P 673 109.96 -114.33 -60.60
N LYS P 674 110.09 -113.54 -61.64
CA LYS P 674 110.50 -112.15 -61.59
C LYS P 674 109.51 -111.38 -60.67
N LYS P 675 108.29 -111.90 -60.43
CA LYS P 675 107.39 -111.40 -59.36
C LYS P 675 107.88 -111.69 -57.92
N TYR P 676 108.85 -112.59 -57.74
CA TYR P 676 109.60 -112.76 -56.49
C TYR P 676 110.75 -111.77 -56.33
N ASN P 677 110.85 -110.77 -57.19
CA ASN P 677 111.94 -109.78 -57.21
C ASN P 677 113.33 -110.43 -57.11
N GLY P 678 113.52 -111.57 -57.76
CA GLY P 678 114.81 -112.24 -57.78
C GLY P 678 115.20 -112.95 -56.47
N LYS P 679 114.28 -113.09 -55.49
CA LYS P 679 114.46 -114.15 -54.48
C LYS P 679 114.11 -115.50 -55.09
N LEU P 680 114.97 -116.51 -54.95
CA LEU P 680 114.65 -117.86 -55.42
C LEU P 680 114.05 -118.70 -54.31
N PRO P 681 112.86 -119.30 -54.52
CA PRO P 681 112.23 -120.21 -53.55
C PRO P 681 113.05 -121.49 -53.36
N LYS P 682 112.58 -122.35 -52.46
CA LYS P 682 113.46 -123.27 -51.73
C LYS P 682 114.36 -124.15 -52.60
N HIS P 683 115.62 -124.20 -52.20
CA HIS P 683 116.59 -125.26 -52.44
C HIS P 683 116.04 -126.61 -51.98
N ASP P 684 116.40 -127.70 -52.64
CA ASP P 684 115.67 -128.96 -52.44
C ASP P 684 116.50 -130.22 -52.73
N PRO P 685 116.91 -130.93 -51.68
CA PRO P 685 117.55 -132.24 -51.82
C PRO P 685 116.64 -133.38 -52.33
N SER P 686 115.30 -133.27 -52.21
CA SER P 686 114.42 -134.47 -52.16
C SER P 686 113.14 -134.43 -53.02
N PHE P 687 112.86 -133.32 -53.71
CA PHE P 687 111.71 -133.19 -54.63
C PHE P 687 111.64 -134.29 -55.71
N VAL P 688 110.45 -134.53 -56.29
CA VAL P 688 110.32 -135.42 -57.44
C VAL P 688 109.25 -134.98 -58.44
N GLN P 689 109.71 -134.72 -59.66
CA GLN P 689 108.87 -134.47 -60.82
C GLN P 689 108.21 -135.75 -61.38
N PRO P 690 107.06 -135.64 -62.06
CA PRO P 690 106.51 -136.72 -62.89
C PRO P 690 107.25 -136.87 -64.23
N GLY P 691 108.03 -135.86 -64.64
CA GLY P 691 108.90 -135.91 -65.81
C GLY P 691 110.18 -136.70 -65.51
N ASN P 692 110.12 -138.03 -65.54
CA ASN P 692 111.10 -138.87 -64.81
C ASN P 692 111.73 -139.99 -65.64
N ARG P 693 111.61 -139.93 -66.96
CA ARG P 693 111.71 -141.11 -67.84
C ARG P 693 113.07 -141.82 -67.84
N HIS P 694 114.16 -141.13 -67.56
CA HIS P 694 115.54 -141.68 -67.56
C HIS P 694 116.11 -141.85 -66.14
N TYR P 695 117.30 -142.42 -66.02
CA TYR P 695 117.97 -142.69 -64.74
C TYR P 695 117.86 -141.50 -63.77
N LYS P 696 117.32 -141.72 -62.57
CA LYS P 696 117.05 -140.67 -61.55
C LYS P 696 118.30 -140.10 -60.87
N TYR P 697 119.47 -140.22 -61.49
CA TYR P 697 120.78 -139.94 -60.89
C TYR P 697 121.72 -139.23 -61.86
N GLN P 698 121.21 -138.87 -63.03
CA GLN P 698 121.94 -138.12 -64.05
C GLN P 698 122.09 -136.65 -63.63
N CYS P 699 123.16 -135.99 -64.08
CA CYS P 699 123.27 -134.53 -64.02
C CYS P 699 122.02 -133.86 -64.60
N THR P 700 121.64 -134.32 -65.79
CA THR P 700 120.42 -133.91 -66.48
C THR P 700 119.13 -134.21 -65.69
N TRP P 701 119.10 -135.24 -64.84
CA TRP P 701 117.94 -135.49 -63.99
C TRP P 701 117.81 -134.52 -62.84
N TYR P 702 118.91 -134.32 -62.11
CA TYR P 702 118.95 -133.26 -61.10
C TYR P 702 118.53 -131.92 -61.73
N ALA P 703 118.93 -131.68 -62.98
CA ALA P 703 118.49 -130.50 -63.72
C ALA P 703 116.97 -130.46 -63.97
N TYR P 704 116.33 -131.46 -64.61
CA TYR P 704 114.88 -131.30 -64.83
C TYR P 704 114.11 -131.25 -63.51
N ASN P 705 114.61 -131.95 -62.47
CA ASN P 705 113.96 -131.96 -61.14
C ASN P 705 114.08 -130.59 -60.44
N ARG P 706 115.29 -130.03 -60.33
CA ARG P 706 115.47 -128.73 -59.67
C ARG P 706 114.86 -127.59 -60.46
N ARG P 707 114.77 -127.69 -61.78
CA ARG P 707 113.93 -126.79 -62.59
C ARG P 707 112.43 -126.86 -62.20
N GLY P 708 112.01 -127.92 -61.52
CA GLY P 708 110.74 -128.00 -60.82
C GLY P 708 110.65 -127.23 -59.52
N GLN P 709 111.75 -126.84 -58.85
CA GLN P 709 111.65 -125.89 -57.72
C GLN P 709 111.22 -124.50 -58.22
N LEU P 710 111.51 -124.17 -59.48
CA LEU P 710 110.96 -123.04 -60.23
C LEU P 710 109.61 -123.37 -60.89
N GLY P 711 109.10 -124.59 -60.70
CA GLY P 711 107.82 -125.00 -61.28
C GLY P 711 107.76 -124.96 -62.81
N ILE P 712 108.88 -125.23 -63.50
CA ILE P 712 108.90 -125.21 -64.97
C ILE P 712 109.54 -126.48 -65.56
N PRO P 713 108.82 -127.61 -65.62
CA PRO P 713 109.32 -128.87 -66.14
C PRO P 713 109.51 -128.88 -67.67
N VAL P 714 110.35 -129.79 -68.16
CA VAL P 714 110.71 -129.97 -69.59
C VAL P 714 110.67 -131.45 -70.02
N PRO P 715 110.38 -131.76 -71.30
CA PRO P 715 110.42 -133.12 -71.82
C PRO P 715 111.87 -133.60 -71.89
N LEU P 716 112.12 -134.86 -71.60
CA LEU P 716 113.46 -135.29 -71.28
C LEU P 716 114.32 -135.57 -72.52
N TRP P 717 115.59 -135.21 -72.40
CA TRP P 717 116.68 -135.71 -73.22
C TRP P 717 117.77 -136.17 -72.26
N GLY P 718 118.42 -137.30 -72.55
CA GLY P 718 119.48 -137.83 -71.70
C GLY P 718 120.79 -137.07 -71.91
N ASP P 719 121.12 -136.82 -73.17
CA ASP P 719 122.21 -135.95 -73.58
C ASP P 719 121.85 -134.47 -73.34
N ALA P 720 122.66 -133.73 -72.57
CA ALA P 720 122.42 -132.30 -72.35
C ALA P 720 122.44 -131.49 -73.65
N ALA P 721 123.27 -131.91 -74.62
CA ALA P 721 123.33 -131.19 -75.91
C ALA P 721 121.99 -131.25 -76.67
N ASP P 722 121.27 -132.37 -76.54
CA ASP P 722 119.96 -132.54 -77.16
C ASP P 722 118.96 -131.51 -76.65
N TRP P 723 119.18 -130.94 -75.47
CA TRP P 723 118.23 -129.97 -74.91
C TRP P 723 118.16 -128.72 -75.78
N ILE P 724 119.24 -128.37 -76.50
CA ILE P 724 119.25 -127.19 -77.36
C ILE P 724 118.29 -127.38 -78.54
N GLY P 725 118.48 -128.44 -79.32
CA GLY P 725 117.58 -128.76 -80.42
C GLY P 725 116.16 -129.08 -79.93
N GLY P 726 116.07 -129.84 -78.83
CA GLY P 726 114.78 -130.09 -78.16
C GLY P 726 114.05 -128.82 -77.75
N ALA P 727 114.76 -127.81 -77.20
CA ALA P 727 114.17 -126.53 -76.85
C ALA P 727 113.62 -125.78 -78.07
N LYS P 728 114.28 -125.89 -79.23
CA LYS P 728 113.70 -125.34 -80.46
C LYS P 728 112.44 -126.10 -80.86
N GLY P 729 112.43 -127.43 -80.76
CA GLY P 729 111.23 -128.23 -81.10
C GLY P 729 110.06 -128.01 -80.12
N ALA P 730 110.34 -127.94 -78.82
CA ALA P 730 109.35 -127.76 -77.74
C ALA P 730 108.82 -126.30 -77.60
N GLY P 731 109.35 -125.36 -78.38
CA GLY P 731 108.85 -124.00 -78.47
C GLY P 731 109.45 -123.04 -77.43
N TYR P 732 110.71 -123.26 -77.01
CA TYR P 732 111.38 -122.36 -76.08
C TYR P 732 112.26 -121.36 -76.83
N GLY P 733 112.72 -120.32 -76.12
CA GLY P 733 113.81 -119.46 -76.60
C GLY P 733 115.18 -120.02 -76.22
N VAL P 734 116.23 -119.62 -76.93
CA VAL P 734 117.61 -120.05 -76.64
C VAL P 734 118.58 -118.91 -76.93
N GLY P 735 119.66 -118.84 -76.16
CA GLY P 735 120.76 -117.90 -76.40
C GLY P 735 121.77 -117.98 -75.26
N ARG P 736 122.44 -116.86 -74.93
CA ARG P 736 123.49 -116.84 -73.90
C ARG P 736 123.12 -116.01 -72.67
N THR P 737 121.86 -115.56 -72.54
CA THR P 737 121.43 -114.58 -71.53
C THR P 737 121.19 -115.20 -70.16
N PRO P 738 121.85 -114.72 -69.09
CA PRO P 738 121.58 -115.17 -67.73
C PRO P 738 120.28 -114.64 -67.14
N LYS P 739 119.57 -115.50 -66.43
CA LYS P 739 118.46 -115.16 -65.52
C LYS P 739 118.57 -116.04 -64.30
N GLN P 740 118.04 -115.60 -63.17
CA GLN P 740 118.18 -116.35 -61.93
C GLN P 740 117.57 -117.77 -62.08
N GLY P 741 118.26 -118.76 -61.54
CA GLY P 741 117.91 -120.18 -61.53
C GLY P 741 118.10 -120.90 -62.87
N ALA P 742 117.65 -120.30 -63.98
CA ALA P 742 117.51 -120.96 -65.27
C ALA P 742 118.78 -121.73 -65.71
N CYS P 743 118.59 -122.88 -66.35
CA CYS P 743 119.68 -123.80 -66.67
C CYS P 743 120.73 -123.18 -67.58
N VAL P 744 121.98 -123.56 -67.31
CA VAL P 744 123.06 -123.45 -68.30
C VAL P 744 123.42 -124.82 -68.83
N ILE P 745 123.50 -124.92 -70.15
CA ILE P 745 123.88 -126.13 -70.86
C ILE P 745 125.29 -125.94 -71.40
N TRP P 746 126.22 -126.81 -71.02
CA TRP P 746 127.40 -126.99 -71.86
C TRP P 746 127.05 -127.99 -72.95
N GLN P 747 127.22 -127.55 -74.19
CA GLN P 747 127.30 -128.46 -75.33
C GLN P 747 128.40 -129.53 -75.12
N ARG P 748 128.28 -130.66 -75.81
CA ARG P 748 129.24 -131.78 -75.68
C ARG P 748 130.64 -131.41 -76.17
N GLY P 749 131.65 -131.58 -75.32
CA GLY P 749 133.05 -131.49 -75.74
C GLY P 749 133.54 -130.05 -75.95
N VAL P 750 133.45 -129.22 -74.91
CA VAL P 750 133.93 -127.82 -74.85
C VAL P 750 134.56 -127.53 -73.48
N GLN P 751 135.31 -126.43 -73.27
CA GLN P 751 135.74 -126.16 -71.89
C GLN P 751 134.54 -125.99 -70.98
N GLY P 752 134.45 -126.83 -69.94
CA GLY P 752 133.31 -126.87 -69.00
C GLY P 752 132.31 -128.03 -69.11
N GLY P 753 132.39 -128.91 -70.13
CA GLY P 753 131.43 -130.03 -70.25
C GLY P 753 131.89 -131.20 -71.14
N SER P 754 131.91 -132.41 -70.58
CA SER P 754 132.41 -133.65 -71.20
C SER P 754 131.78 -134.00 -72.54
N PRO P 755 132.47 -134.75 -73.42
CA PRO P 755 131.99 -135.06 -74.76
C PRO P 755 130.91 -136.14 -74.80
N GLN P 756 130.82 -137.04 -73.82
CA GLN P 756 129.92 -138.20 -73.90
C GLN P 756 128.43 -137.80 -73.92
N TYR P 757 128.02 -136.95 -72.99
CA TYR P 757 126.60 -136.73 -72.69
C TYR P 757 126.24 -135.27 -72.40
N GLY P 758 127.19 -134.34 -72.51
CA GLY P 758 127.00 -132.94 -72.15
C GLY P 758 126.82 -132.73 -70.65
N HIS P 759 126.82 -131.48 -70.19
CA HIS P 759 126.79 -131.18 -68.76
C HIS P 759 126.00 -129.90 -68.49
N VAL P 760 125.46 -129.76 -67.28
CA VAL P 760 124.41 -128.78 -66.96
C VAL P 760 124.62 -128.16 -65.56
N ALA P 761 124.08 -126.96 -65.34
CA ALA P 761 123.93 -126.43 -63.97
C ALA P 761 122.70 -125.52 -63.81
N PHE P 762 122.25 -125.37 -62.56
CA PHE P 762 121.17 -124.46 -62.17
C PHE P 762 121.78 -123.25 -61.48
N VAL P 763 121.31 -122.04 -61.83
CA VAL P 763 122.06 -120.80 -61.58
C VAL P 763 121.47 -119.95 -60.45
N GLU P 764 121.68 -120.33 -59.19
CA GLU P 764 121.04 -119.71 -58.01
C GLU P 764 121.02 -118.19 -58.07
N LYS P 765 122.17 -117.55 -58.29
CA LYS P 765 122.28 -116.09 -58.26
C LYS P 765 123.16 -115.61 -59.42
N VAL P 766 122.80 -114.50 -60.06
CA VAL P 766 123.63 -113.84 -61.06
C VAL P 766 124.38 -112.70 -60.40
N LEU P 767 125.70 -112.80 -60.45
CA LEU P 767 126.61 -111.91 -59.75
C LEU P 767 127.04 -110.80 -60.73
N ASP P 768 127.46 -109.66 -60.21
CA ASP P 768 127.80 -108.45 -60.97
C ASP P 768 126.66 -107.84 -61.81
N GLY P 769 125.72 -108.64 -62.31
CA GLY P 769 124.85 -108.27 -63.43
C GLY P 769 125.34 -108.83 -64.78
N GLY P 770 126.16 -109.87 -64.77
CA GLY P 770 126.48 -110.63 -65.98
C GLY P 770 127.74 -111.49 -65.89
N LYS P 771 128.84 -110.95 -65.36
CA LYS P 771 130.18 -111.51 -65.64
C LYS P 771 130.55 -112.75 -64.81
N LYS P 772 129.88 -112.88 -63.68
CA LYS P 772 129.94 -114.04 -62.79
C LYS P 772 128.54 -114.62 -62.66
N ILE P 773 128.41 -115.94 -62.57
CA ILE P 773 127.16 -116.57 -62.09
C ILE P 773 127.49 -117.61 -61.03
N PHE P 774 126.60 -117.75 -60.05
CA PHE P 774 126.73 -118.78 -59.02
C PHE P 774 125.83 -119.93 -59.44
N ILE P 775 126.37 -121.15 -59.38
CA ILE P 775 125.67 -122.34 -59.86
C ILE P 775 125.70 -123.45 -58.84
N SER P 776 124.77 -124.36 -59.02
CA SER P 776 124.40 -125.40 -58.06
C SER P 776 123.87 -126.62 -58.81
N GLU P 777 123.67 -127.72 -58.08
CA GLU P 777 123.20 -129.03 -58.61
C GLU P 777 124.16 -129.64 -59.64
N HIS P 778 125.38 -129.13 -59.66
CA HIS P 778 126.26 -129.25 -60.82
C HIS P 778 127.13 -130.50 -60.74
N ASN P 779 127.03 -131.36 -61.76
CA ASN P 779 127.98 -132.44 -62.02
C ASN P 779 128.87 -132.10 -63.23
N TYR P 780 130.19 -132.21 -63.05
CA TYR P 780 131.22 -131.72 -63.98
C TYR P 780 132.51 -132.53 -63.80
N ALA P 781 132.35 -133.84 -63.55
CA ALA P 781 133.26 -134.66 -62.75
C ALA P 781 133.07 -134.31 -61.27
N THR P 782 131.90 -134.71 -60.75
CA THR P 782 131.54 -134.60 -59.34
C THR P 782 130.75 -135.85 -59.00
N PRO P 783 131.33 -136.76 -58.22
CA PRO P 783 130.68 -138.02 -57.92
C PRO P 783 129.53 -137.71 -56.98
N ASN P 784 128.31 -138.05 -57.40
CA ASN P 784 127.08 -137.44 -56.89
C ASN P 784 127.12 -135.89 -57.01
N GLY P 785 126.60 -135.34 -58.10
CA GLY P 785 126.72 -133.94 -58.50
C GLY P 785 125.99 -132.91 -57.65
N TYR P 786 125.80 -133.15 -56.35
CA TYR P 786 125.57 -132.02 -55.46
C TYR P 786 126.84 -131.22 -55.22
N GLY P 787 126.74 -129.90 -55.28
CA GLY P 787 127.86 -128.98 -55.25
C GLY P 787 127.49 -127.64 -55.85
N THR P 788 128.43 -126.71 -55.73
CA THR P 788 128.26 -125.32 -56.10
C THR P 788 129.56 -124.74 -56.63
N ARG P 789 129.45 -123.77 -57.54
CA ARG P 789 130.65 -123.13 -58.14
C ARG P 789 130.31 -121.72 -58.61
N THR P 790 131.32 -120.87 -58.77
CA THR P 790 131.16 -119.60 -59.46
C THR P 790 131.76 -119.70 -60.85
N ILE P 791 131.01 -119.32 -61.89
CA ILE P 791 131.50 -119.37 -63.28
C ILE P 791 131.77 -117.96 -63.79
N ASP P 792 132.98 -117.74 -64.29
CA ASP P 792 133.26 -116.57 -65.10
C ASP P 792 132.64 -116.71 -66.49
N MET P 793 131.69 -115.83 -66.78
CA MET P 793 131.21 -115.61 -68.15
C MET P 793 132.14 -114.69 -68.96
N SER P 794 133.15 -114.13 -68.31
CA SER P 794 134.28 -113.47 -68.92
C SER P 794 135.21 -114.44 -69.65
N SER P 795 135.35 -115.68 -69.16
CA SER P 795 136.28 -116.70 -69.66
C SER P 795 135.55 -117.89 -70.32
N ALA P 796 136.33 -118.82 -70.90
CA ALA P 796 135.81 -119.87 -71.79
C ALA P 796 134.67 -120.70 -71.20
N ILE P 797 134.70 -121.01 -69.90
CA ILE P 797 133.68 -121.84 -69.26
C ILE P 797 132.30 -121.22 -69.44
N GLY P 798 132.11 -119.97 -69.02
CA GLY P 798 130.80 -119.32 -69.17
C GLY P 798 130.49 -118.86 -70.59
N LYS P 799 131.50 -118.55 -71.43
CA LYS P 799 131.23 -118.23 -72.84
C LYS P 799 130.79 -119.44 -73.67
N ASN P 800 131.24 -120.65 -73.33
CA ASN P 800 130.83 -121.85 -74.04
C ASN P 800 129.39 -122.27 -73.73
N ALA P 801 128.89 -122.01 -72.52
CA ALA P 801 127.55 -122.42 -72.12
C ALA P 801 126.43 -121.75 -72.93
N GLN P 802 125.21 -122.27 -72.78
CA GLN P 802 123.97 -121.74 -73.38
C GLN P 802 122.82 -121.73 -72.37
N PHE P 803 121.93 -120.75 -72.49
CA PHE P 803 120.70 -120.66 -71.72
C PHE P 803 119.52 -120.95 -72.62
N ILE P 804 118.56 -121.72 -72.12
CA ILE P 804 117.18 -121.67 -72.61
C ILE P 804 116.49 -120.48 -71.95
N TYR P 805 115.52 -119.90 -72.64
CA TYR P 805 114.54 -119.00 -72.03
C TYR P 805 113.18 -119.69 -72.09
N ASP P 806 112.57 -119.96 -70.94
CA ASP P 806 111.38 -120.80 -70.96
C ASP P 806 110.12 -120.02 -71.37
N LYS P 807 109.18 -120.76 -71.97
CA LYS P 807 107.84 -120.24 -72.25
C LYS P 807 106.97 -120.14 -70.97
N LYS P 808 105.78 -119.59 -71.20
CA LYS P 808 104.60 -119.36 -70.36
C LYS P 808 103.94 -120.69 -69.98
N ASN Q 2 31.05 -72.57 -79.01
CA ASN Q 2 31.12 -73.68 -78.06
C ASN Q 2 32.56 -74.15 -77.88
N ASN Q 3 33.30 -74.18 -79.00
CA ASN Q 3 34.68 -74.65 -78.95
C ASN Q 3 35.58 -73.69 -78.18
N PHE Q 4 35.34 -72.39 -78.32
CA PHE Q 4 36.24 -71.38 -77.77
C PHE Q 4 35.84 -70.94 -76.36
N ILE Q 5 34.62 -70.45 -76.20
CA ILE Q 5 34.19 -69.81 -74.94
C ILE Q 5 32.85 -70.41 -74.51
N PRO Q 6 32.47 -70.26 -73.21
CA PRO Q 6 31.18 -70.79 -72.76
C PRO Q 6 30.03 -69.89 -73.16
N GLN Q 7 28.82 -70.24 -72.73
CA GLN Q 7 27.65 -69.40 -72.99
C GLN Q 7 26.80 -69.29 -71.73
N PRO Q 8 25.95 -68.25 -71.64
CA PRO Q 8 25.11 -68.09 -70.44
C PRO Q 8 24.15 -69.27 -70.25
N GLN Q 9 23.79 -69.51 -68.99
CA GLN Q 9 22.87 -70.59 -68.65
C GLN Q 9 21.47 -70.30 -69.17
N GLY Q 10 21.02 -69.05 -69.08
CA GLY Q 10 19.67 -68.73 -69.51
C GLY Q 10 19.48 -68.96 -71.01
N LEU Q 11 20.52 -68.65 -71.80
CA LEU Q 11 20.39 -68.77 -73.24
C LEU Q 11 20.40 -70.23 -73.66
N LEU Q 12 21.24 -71.02 -72.99
CA LEU Q 12 21.24 -72.47 -73.22
C LEU Q 12 19.89 -73.08 -72.85
N ARG Q 13 19.31 -72.63 -71.74
CA ARG Q 13 18.01 -73.16 -71.32
C ARG Q 13 16.89 -72.73 -72.26
N PHE Q 14 16.96 -71.49 -72.77
CA PHE Q 14 15.95 -70.99 -73.69
C PHE Q 14 16.03 -71.67 -75.05
N LEU Q 15 17.24 -71.98 -75.50
CA LEU Q 15 17.41 -72.41 -76.89
C LEU Q 15 17.13 -73.89 -77.07
N ASN Q 16 17.41 -74.71 -76.05
CA ASN Q 16 17.22 -76.14 -76.19
C ASN Q 16 15.75 -76.54 -76.26
N THR Q 17 14.83 -75.65 -75.89
CA THR Q 17 13.40 -75.94 -75.93
C THR Q 17 13.06 -77.10 -75.01
N SER Q 35 -3.76 -69.02 -84.85
CA SER Q 35 -4.56 -68.95 -86.08
C SER Q 35 -4.53 -67.55 -86.75
N PHE Q 36 -3.72 -66.64 -86.18
CA PHE Q 36 -3.55 -65.28 -86.70
C PHE Q 36 -3.05 -65.27 -88.15
N VAL Q 37 -3.40 -64.21 -88.89
CA VAL Q 37 -2.90 -63.94 -90.23
C VAL Q 37 -2.54 -62.46 -90.38
N SER Q 38 -1.42 -62.21 -91.07
CA SER Q 38 -0.94 -60.90 -91.51
C SER Q 38 -1.39 -60.58 -92.93
N LYS Q 39 -1.49 -59.29 -93.23
CA LYS Q 39 -1.84 -58.85 -94.58
C LYS Q 39 -0.64 -58.86 -95.54
N PHE Q 40 0.61 -59.00 -95.05
CA PHE Q 40 1.81 -58.94 -95.90
C PHE Q 40 2.68 -60.20 -95.88
N TYR Q 41 2.56 -61.11 -94.90
CA TYR Q 41 3.55 -62.16 -94.68
C TYR Q 41 2.91 -63.52 -94.43
N THR Q 42 3.63 -64.60 -94.77
CA THR Q 42 3.32 -65.99 -94.36
C THR Q 42 4.62 -66.75 -94.11
N PRO Q 43 4.71 -67.57 -93.05
CA PRO Q 43 5.96 -68.29 -92.76
C PRO Q 43 6.06 -69.63 -93.48
N GLN Q 44 7.23 -70.26 -93.34
CA GLN Q 44 7.37 -71.71 -93.45
C GLN Q 44 8.46 -72.15 -92.49
N LEU Q 45 8.18 -73.18 -91.69
CA LEU Q 45 8.99 -73.53 -90.53
C LEU Q 45 10.24 -74.35 -90.87
N GLN Q 46 11.02 -73.91 -91.84
CA GLN Q 46 12.20 -74.65 -92.27
C GLN Q 46 13.33 -74.43 -91.27
N LEU Q 47 13.90 -75.51 -90.75
CA LEU Q 47 15.20 -75.39 -90.10
C LEU Q 47 16.33 -75.26 -91.14
N SER Q 48 17.12 -74.20 -91.01
CA SER Q 48 18.30 -74.04 -91.85
C SER Q 48 19.27 -75.17 -91.58
N GLU Q 49 20.04 -75.54 -92.62
CA GLU Q 49 20.97 -76.66 -92.50
C GLU Q 49 21.96 -76.43 -91.35
N LEU Q 50 22.42 -75.19 -91.18
CA LEU Q 50 23.32 -74.89 -90.08
C LEU Q 50 22.60 -74.99 -88.74
N ALA Q 51 21.37 -74.51 -88.66
CA ALA Q 51 20.58 -74.70 -87.43
C ALA Q 51 20.41 -76.18 -87.11
N LYS Q 52 20.32 -77.03 -88.13
CA LYS Q 52 20.03 -78.45 -87.89
C LYS Q 52 21.17 -79.13 -87.12
N LYS Q 53 22.41 -78.72 -87.37
CA LYS Q 53 23.55 -79.40 -86.78
C LYS Q 53 24.03 -78.69 -85.52
N VAL Q 54 23.91 -77.37 -85.47
CA VAL Q 54 24.21 -76.63 -84.26
C VAL Q 54 23.19 -76.94 -83.16
N LEU Q 55 21.91 -77.15 -83.52
CA LEU Q 55 20.92 -77.43 -82.49
C LEU Q 55 21.20 -78.74 -81.75
N THR Q 56 21.71 -79.75 -82.46
CA THR Q 56 22.07 -80.99 -81.80
C THR Q 56 23.16 -80.78 -80.75
N ASN Q 57 24.17 -79.96 -81.08
CA ASN Q 57 25.23 -79.69 -80.12
C ASN Q 57 24.70 -78.99 -78.89
N ILE Q 58 23.76 -78.05 -79.07
CA ILE Q 58 23.17 -77.38 -77.91
C ILE Q 58 22.41 -78.37 -77.04
N LYS Q 59 21.76 -79.34 -77.67
CA LYS Q 59 20.93 -80.28 -76.94
C LYS Q 59 21.78 -81.24 -76.12
N THR Q 60 22.95 -81.60 -76.65
CA THR Q 60 23.93 -82.43 -75.97
C THR Q 60 24.68 -81.62 -74.93
N ASP Q 61 25.30 -82.31 -73.99
CA ASP Q 61 26.02 -81.64 -72.92
C ASP Q 61 27.41 -81.14 -73.34
N ASP Q 62 27.89 -81.51 -74.53
CA ASP Q 62 29.24 -81.19 -74.95
C ASP Q 62 29.29 -79.73 -75.39
N ILE Q 63 29.28 -78.85 -74.38
CA ILE Q 63 29.39 -77.41 -74.58
C ILE Q 63 29.80 -76.78 -73.26
N PRO Q 64 30.77 -75.85 -73.20
CA PRO Q 64 31.00 -75.20 -71.90
C PRO Q 64 29.85 -74.26 -71.59
N VAL Q 65 29.69 -73.97 -70.29
CA VAL Q 65 28.62 -73.10 -69.83
C VAL Q 65 29.08 -72.41 -68.56
N LEU Q 66 28.52 -71.24 -68.30
CA LEU Q 66 28.97 -70.37 -67.24
C LEU Q 66 28.18 -70.63 -65.97
N GLU Q 67 28.76 -70.29 -64.82
CA GLU Q 67 28.12 -70.53 -63.54
C GLU Q 67 27.38 -69.31 -63.00
N ARG Q 68 27.16 -68.30 -63.84
CA ARG Q 68 26.52 -67.07 -63.40
C ARG Q 68 25.99 -66.34 -64.61
N GLU Q 69 25.03 -65.43 -64.38
CA GLU Q 69 24.36 -64.73 -65.47
C GLU Q 69 24.35 -63.23 -65.21
N PHE Q 70 24.52 -62.45 -66.28
CA PHE Q 70 24.45 -60.99 -66.22
C PHE Q 70 23.74 -60.50 -67.48
N ASN Q 71 23.71 -59.18 -67.64
CA ASN Q 71 23.10 -58.55 -68.81
C ASN Q 71 21.61 -58.81 -68.86
N ASP Q 72 20.86 -58.35 -67.85
CA ASP Q 72 19.45 -58.68 -67.79
C ASP Q 72 18.62 -57.95 -68.85
N ASN Q 73 19.23 -56.99 -69.57
CA ASN Q 73 18.57 -56.23 -70.61
C ASN Q 73 18.48 -56.95 -71.95
N THR Q 74 19.00 -58.17 -72.07
CA THR Q 74 18.96 -58.87 -73.34
C THR Q 74 17.53 -59.23 -73.72
N ILE Q 75 17.34 -59.54 -75.00
CA ILE Q 75 16.02 -59.88 -75.52
C ILE Q 75 15.50 -61.18 -74.93
N ILE Q 76 16.41 -62.06 -74.49
CA ILE Q 76 15.98 -63.38 -73.99
C ILE Q 76 15.16 -63.21 -72.71
N HIS Q 77 15.71 -62.45 -71.75
CA HIS Q 77 14.96 -62.21 -70.52
C HIS Q 77 13.63 -61.50 -70.79
N LYS Q 78 13.60 -60.63 -71.81
CA LYS Q 78 12.35 -59.94 -72.12
C LYS Q 78 11.26 -60.96 -72.49
N ALA Q 79 11.59 -61.90 -73.39
CA ALA Q 79 10.65 -62.95 -73.79
C ALA Q 79 10.22 -63.79 -72.60
N ASN Q 80 11.16 -64.09 -71.70
CA ASN Q 80 10.91 -64.91 -70.52
C ASN Q 80 9.92 -64.24 -69.57
N ASP Q 81 10.10 -62.94 -69.34
CA ASP Q 81 9.25 -62.18 -68.42
C ASP Q 81 7.80 -62.15 -68.88
N THR Q 82 7.57 -61.95 -70.18
CA THR Q 82 6.20 -61.94 -70.68
C THR Q 82 5.66 -63.35 -70.70
N LEU Q 83 4.33 -63.45 -70.55
CA LEU Q 83 3.58 -64.70 -70.64
C LEU Q 83 3.43 -65.22 -72.09
N LEU Q 84 4.26 -64.79 -73.04
CA LEU Q 84 4.13 -65.23 -74.43
C LEU Q 84 4.17 -66.76 -74.56
N LYS Q 85 4.81 -67.45 -73.62
CA LYS Q 85 4.91 -68.91 -73.68
C LYS Q 85 3.54 -69.57 -73.63
N VAL Q 86 2.69 -69.13 -72.70
CA VAL Q 86 1.39 -69.75 -72.48
C VAL Q 86 0.31 -69.08 -73.31
N GLN Q 87 0.45 -67.77 -73.57
CA GLN Q 87 -0.57 -67.06 -74.33
C GLN Q 87 -0.50 -67.41 -75.81
N ALA Q 88 0.70 -67.59 -76.35
CA ALA Q 88 0.91 -67.81 -77.77
C ALA Q 88 2.14 -68.69 -77.96
N PRO Q 89 2.04 -69.98 -77.60
CA PRO Q 89 3.21 -70.86 -77.75
C PRO Q 89 3.65 -71.06 -79.20
N ARG Q 90 2.75 -70.92 -80.17
CA ARG Q 90 3.18 -70.94 -81.56
C ARG Q 90 4.21 -69.86 -81.82
N MET Q 91 3.86 -68.61 -81.53
CA MET Q 91 4.77 -67.51 -81.77
C MET Q 91 5.99 -67.56 -80.86
N TYR Q 92 5.85 -68.17 -79.67
CA TYR Q 92 7.02 -68.41 -78.85
C TYR Q 92 7.99 -69.36 -79.55
N MET Q 93 7.44 -70.36 -80.25
CA MET Q 93 8.26 -71.30 -81.01
C MET Q 93 9.03 -70.58 -82.12
N ILE Q 94 8.33 -69.73 -82.89
CA ILE Q 94 8.98 -69.02 -83.99
C ILE Q 94 10.14 -68.18 -83.48
N LEU Q 95 9.96 -67.48 -82.36
CA LEU Q 95 11.05 -66.70 -81.78
C LEU Q 95 12.26 -67.58 -81.44
N GLN Q 96 12.02 -68.82 -80.98
CA GLN Q 96 13.17 -69.70 -80.74
C GLN Q 96 13.87 -70.03 -82.05
N SER Q 97 13.11 -70.25 -83.11
CA SER Q 97 13.68 -70.50 -84.43
C SER Q 97 14.49 -69.30 -84.91
N ILE Q 98 13.99 -68.09 -84.69
CA ILE Q 98 14.72 -66.90 -85.11
C ILE Q 98 16.05 -66.83 -84.36
N VAL Q 99 16.01 -67.09 -83.05
CA VAL Q 99 17.22 -67.00 -82.23
C VAL Q 99 18.19 -68.12 -82.61
N LEU Q 100 17.66 -69.26 -83.04
CA LEU Q 100 18.53 -70.38 -83.38
C LEU Q 100 19.36 -70.06 -84.63
N GLU Q 101 18.72 -69.58 -85.69
CA GLU Q 101 19.47 -69.17 -86.86
C GLU Q 101 20.37 -67.99 -86.53
N ALA Q 102 19.84 -66.99 -85.81
CA ALA Q 102 20.61 -65.79 -85.50
C ALA Q 102 21.82 -66.12 -84.62
N TYR Q 103 21.67 -67.09 -83.72
CA TYR Q 103 22.78 -67.47 -82.84
C TYR Q 103 23.87 -68.16 -83.64
N ALA Q 104 23.51 -69.03 -84.58
CA ALA Q 104 24.51 -69.81 -85.28
C ALA Q 104 25.37 -68.95 -86.19
N ILE Q 105 24.74 -68.00 -86.91
CA ILE Q 105 25.47 -67.16 -87.85
C ILE Q 105 26.38 -66.15 -87.15
N VAL Q 106 26.25 -66.00 -85.83
CA VAL Q 106 27.21 -65.23 -85.04
C VAL Q 106 28.42 -66.09 -84.71
N ASN Q 107 28.23 -67.41 -84.58
CA ASN Q 107 29.31 -68.27 -84.12
C ASN Q 107 30.37 -68.47 -85.19
N CYS Q 108 29.95 -68.61 -86.45
CA CYS Q 108 30.88 -69.04 -87.50
C CYS Q 108 31.92 -67.96 -87.82
N PHE Q 109 31.51 -66.69 -87.87
CA PHE Q 109 32.46 -65.62 -88.17
C PHE Q 109 33.52 -65.48 -87.07
N VAL Q 110 33.12 -65.58 -85.80
CA VAL Q 110 34.08 -65.34 -84.72
C VAL Q 110 34.96 -66.57 -84.48
N GLU Q 111 34.45 -67.77 -84.74
CA GLU Q 111 35.25 -68.96 -84.60
C GLU Q 111 34.67 -70.05 -85.48
N ASN Q 112 35.46 -71.12 -85.65
CA ASN Q 112 35.12 -72.24 -86.51
C ASN Q 112 34.64 -71.80 -87.89
N PRO Q 113 35.54 -71.31 -88.77
CA PRO Q 113 35.08 -70.99 -90.13
C PRO Q 113 34.68 -72.20 -90.96
N SER Q 114 35.00 -73.42 -90.51
CA SER Q 114 34.68 -74.61 -91.29
C SER Q 114 33.17 -74.82 -91.42
N SER Q 115 32.38 -74.22 -90.52
CA SER Q 115 30.93 -74.25 -90.60
C SER Q 115 30.36 -73.49 -91.79
N LEU Q 116 31.18 -72.74 -92.55
CA LEU Q 116 30.67 -72.03 -93.72
C LEU Q 116 30.27 -73.04 -94.81
N LYS Q 117 29.80 -72.53 -95.96
CA LYS Q 117 29.19 -73.32 -97.03
C LYS Q 117 28.20 -74.36 -96.49
N TYR Q 118 27.46 -73.96 -95.46
CA TYR Q 118 26.30 -74.69 -94.94
C TYR Q 118 25.15 -73.74 -94.66
N LEU Q 119 25.19 -72.51 -95.18
CA LEU Q 119 24.11 -71.53 -95.06
C LEU Q 119 23.87 -70.90 -96.43
N THR Q 120 22.59 -70.77 -96.82
CA THR Q 120 22.20 -70.21 -98.11
C THR Q 120 21.23 -69.06 -97.92
N GLU Q 121 21.28 -68.12 -98.87
CA GLU Q 121 20.46 -66.90 -98.82
C GLU Q 121 18.98 -67.20 -98.65
N GLU Q 122 18.51 -68.35 -99.16
CA GLU Q 122 17.11 -68.72 -98.96
C GLU Q 122 16.82 -68.98 -97.48
N ASP Q 123 17.74 -69.68 -96.80
CA ASP Q 123 17.55 -69.93 -95.38
C ASP Q 123 17.54 -68.62 -94.60
N VAL Q 124 18.43 -67.68 -94.96
CA VAL Q 124 18.46 -66.42 -94.24
C VAL Q 124 17.28 -65.55 -94.60
N SER Q 125 16.79 -65.66 -95.85
CA SER Q 125 15.67 -64.84 -96.29
C SER Q 125 14.40 -65.14 -95.49
N ILE Q 126 14.02 -66.42 -95.40
CA ILE Q 126 12.79 -66.78 -94.72
C ILE Q 126 12.77 -66.40 -93.24
N THR Q 127 13.91 -66.03 -92.66
CA THR Q 127 13.90 -65.60 -91.26
C THR Q 127 13.21 -64.25 -91.12
N ARG Q 128 13.37 -63.38 -92.12
CA ARG Q 128 12.66 -62.11 -92.15
C ARG Q 128 11.16 -62.33 -92.31
N GLU Q 129 10.78 -63.28 -93.16
CA GLU Q 129 9.38 -63.69 -93.28
C GLU Q 129 8.82 -64.07 -91.91
N ASN Q 130 9.49 -64.97 -91.21
CA ASN Q 130 9.09 -65.36 -89.87
C ASN Q 130 9.19 -64.22 -88.88
N LEU Q 131 10.21 -63.35 -89.02
CA LEU Q 131 10.35 -62.24 -88.08
C LEU Q 131 9.20 -61.25 -88.21
N ASN Q 132 8.79 -60.92 -89.43
CA ASN Q 132 7.69 -59.97 -89.59
C ASN Q 132 6.34 -60.64 -89.35
N TYR Q 133 6.20 -61.91 -89.71
CA TYR Q 133 4.99 -62.65 -89.37
C TYR Q 133 4.75 -62.71 -87.87
N VAL Q 134 5.81 -62.75 -87.05
CA VAL Q 134 5.62 -62.61 -85.60
C VAL Q 134 5.53 -61.15 -85.18
N ALA Q 135 6.24 -60.23 -85.86
CA ALA Q 135 6.18 -58.82 -85.47
C ALA Q 135 4.77 -58.24 -85.57
N ASP Q 136 3.99 -58.57 -86.60
CA ASP Q 136 2.61 -58.12 -86.62
C ASP Q 136 1.85 -58.66 -85.42
N TYR Q 137 2.01 -59.95 -85.12
CA TYR Q 137 1.29 -60.54 -84.01
C TYR Q 137 1.64 -59.84 -82.71
N LEU Q 138 2.94 -59.57 -82.49
CA LEU Q 138 3.35 -58.89 -81.29
C LEU Q 138 2.72 -57.51 -81.19
N GLY Q 139 2.47 -56.85 -82.34
CA GLY Q 139 1.85 -55.54 -82.33
C GLY Q 139 0.43 -55.50 -81.78
N ASN Q 140 -0.25 -56.66 -81.68
CA ASN Q 140 -1.63 -56.67 -81.22
C ASN Q 140 -1.76 -56.61 -79.70
N TYR Q 141 -0.67 -56.76 -78.95
CA TYR Q 141 -0.69 -56.78 -77.49
C TYR Q 141 0.53 -55.96 -77.03
N ASP Q 142 0.31 -54.73 -76.57
CA ASP Q 142 1.43 -53.85 -76.23
C ASP Q 142 2.01 -54.13 -74.84
N ASP Q 143 1.95 -55.40 -74.40
CA ASP Q 143 2.89 -55.89 -73.39
C ASP Q 143 4.28 -56.05 -73.98
N TYR Q 144 4.38 -56.63 -75.17
CA TYR Q 144 5.61 -57.11 -75.77
C TYR Q 144 6.42 -56.01 -76.46
N ASN Q 145 6.08 -54.71 -76.25
CA ASN Q 145 6.75 -53.61 -76.95
C ASN Q 145 8.27 -53.70 -76.86
N SER Q 146 8.80 -54.06 -75.69
CA SER Q 146 10.24 -54.16 -75.53
C SER Q 146 10.84 -55.16 -76.51
N VAL Q 147 10.17 -56.30 -76.73
CA VAL Q 147 10.65 -57.27 -77.71
C VAL Q 147 10.46 -56.76 -79.14
N VAL Q 148 9.29 -56.15 -79.42
CA VAL Q 148 9.02 -55.62 -80.76
C VAL Q 148 10.16 -54.70 -81.17
N LEU Q 149 10.50 -53.77 -80.29
CA LEU Q 149 11.53 -52.79 -80.57
C LEU Q 149 12.85 -53.46 -80.94
N ASP Q 150 13.17 -54.56 -80.26
CA ASP Q 150 14.41 -55.29 -80.52
C ASP Q 150 14.39 -55.96 -81.89
N LEU Q 151 13.36 -56.77 -82.16
CA LEU Q 151 13.32 -57.57 -83.38
C LEU Q 151 13.35 -56.71 -84.64
N ARG Q 152 12.70 -55.54 -84.60
CA ARG Q 152 12.76 -54.63 -85.74
C ARG Q 152 14.18 -54.22 -86.09
N ASP Q 153 15.06 -54.08 -85.11
CA ASP Q 153 16.43 -53.73 -85.47
C ASP Q 153 17.11 -54.87 -86.22
N LEU Q 154 16.80 -56.09 -85.82
CA LEU Q 154 17.46 -57.22 -86.46
C LEU Q 154 16.93 -57.49 -87.88
N ASP Q 155 15.72 -57.01 -88.17
CA ASP Q 155 15.08 -57.23 -89.47
C ASP Q 155 15.89 -56.59 -90.59
N LEU Q 156 16.51 -55.44 -90.34
CA LEU Q 156 17.47 -54.86 -91.27
C LEU Q 156 18.88 -55.43 -91.13
N CYS Q 157 19.22 -56.02 -89.99
CA CYS Q 157 20.50 -56.68 -89.80
C CYS Q 157 20.65 -57.85 -90.78
N PHE Q 158 19.62 -58.66 -90.92
CA PHE Q 158 19.72 -59.87 -91.73
C PHE Q 158 19.81 -59.55 -93.21
N SER Q 159 19.02 -58.58 -93.69
CA SER Q 159 19.03 -58.24 -95.11
C SER Q 159 20.43 -57.91 -95.61
N ALA Q 160 21.24 -57.23 -94.79
CA ALA Q 160 22.62 -56.97 -95.19
C ALA Q 160 23.41 -58.27 -95.35
N ILE Q 161 23.16 -59.24 -94.48
CA ILE Q 161 23.90 -60.51 -94.54
C ILE Q 161 23.50 -61.29 -95.78
N GLU Q 162 22.24 -61.16 -96.21
CA GLU Q 162 21.78 -61.91 -97.37
C GLU Q 162 22.48 -61.43 -98.63
N LEU Q 163 22.68 -60.13 -98.75
CA LEU Q 163 23.32 -59.57 -99.94
C LEU Q 163 24.79 -59.93 -99.98
N GLN Q 164 25.45 -59.98 -98.83
CA GLN Q 164 26.88 -60.23 -98.72
C GLN Q 164 27.23 -61.71 -98.57
N LEU Q 165 26.27 -62.56 -98.21
CA LEU Q 165 26.59 -63.96 -97.94
C LEU Q 165 27.05 -64.70 -99.19
N PRO Q 166 26.39 -64.60 -100.36
CA PRO Q 166 26.99 -65.20 -101.55
C PRO Q 166 28.34 -64.61 -101.90
N LEU Q 167 28.55 -63.32 -101.64
CA LEU Q 167 29.81 -62.68 -101.98
C LEU Q 167 30.90 -63.08 -100.99
N ILE Q 168 30.56 -63.11 -99.70
CA ILE Q 168 31.54 -63.47 -98.68
C ILE Q 168 32.01 -64.91 -98.85
N LYS Q 169 31.06 -65.81 -99.15
CA LYS Q 169 31.38 -67.23 -99.32
C LYS Q 169 32.42 -67.45 -100.41
N LYS Q 170 32.31 -66.72 -101.52
CA LYS Q 170 33.32 -66.87 -102.56
C LYS Q 170 34.65 -66.29 -102.12
N GLU Q 171 34.63 -65.20 -101.35
CA GLU Q 171 35.86 -64.61 -100.86
C GLU Q 171 36.59 -65.58 -99.93
N ALA Q 172 35.84 -66.27 -99.08
CA ALA Q 172 36.44 -67.16 -98.08
C ALA Q 172 36.61 -68.57 -98.64
N ASN R 3 31.67 -37.13 -42.74
CA ASN R 3 32.68 -36.16 -43.22
C ASN R 3 32.25 -34.72 -42.86
N PHE R 4 32.55 -34.34 -41.63
CA PHE R 4 32.29 -33.00 -41.12
C PHE R 4 33.49 -32.55 -40.30
N ILE R 5 33.99 -31.35 -40.61
CA ILE R 5 35.04 -30.75 -39.77
C ILE R 5 34.53 -30.59 -38.35
N PRO R 6 35.30 -30.95 -37.31
CA PRO R 6 34.82 -30.70 -35.94
C PRO R 6 34.66 -29.21 -35.69
N GLN R 7 33.73 -28.89 -34.83
CA GLN R 7 33.22 -27.56 -34.55
C GLN R 7 33.87 -27.04 -33.27
N PRO R 8 34.06 -25.73 -33.07
CA PRO R 8 34.68 -25.31 -31.81
C PRO R 8 33.68 -25.49 -30.68
N GLN R 9 34.22 -25.69 -29.47
CA GLN R 9 33.36 -25.83 -28.29
C GLN R 9 32.51 -24.59 -28.10
N GLY R 10 33.13 -23.42 -28.28
CA GLY R 10 32.40 -22.17 -28.13
C GLY R 10 31.19 -22.09 -29.05
N LEU R 11 31.44 -22.22 -30.35
CA LEU R 11 30.38 -22.15 -31.35
C LEU R 11 29.32 -23.22 -31.11
N LEU R 12 29.73 -24.42 -30.71
CA LEU R 12 28.76 -25.48 -30.49
C LEU R 12 27.85 -25.16 -29.31
N ARG R 13 28.42 -24.63 -28.21
CA ARG R 13 27.60 -24.20 -27.09
C ARG R 13 26.69 -23.03 -27.47
N PHE R 14 27.21 -22.10 -28.27
CA PHE R 14 26.43 -20.93 -28.66
C PHE R 14 25.25 -21.33 -29.54
N LEU R 15 25.47 -22.26 -30.46
CA LEU R 15 24.48 -22.58 -31.48
C LEU R 15 23.36 -23.47 -30.94
N ASN R 16 23.64 -24.27 -29.91
CA ASN R 16 22.63 -25.18 -29.34
C ASN R 16 21.80 -24.45 -28.29
N THR R 17 21.06 -23.44 -28.75
CA THR R 17 20.17 -22.65 -27.91
C THR R 17 20.95 -22.00 -26.77
N SER R 35 7.90 -1.54 -26.89
CA SER R 35 9.33 -1.82 -26.85
C SER R 35 10.02 -1.17 -28.04
N PHE R 36 11.35 -1.28 -28.08
CA PHE R 36 12.12 -0.72 -29.17
C PHE R 36 11.74 -1.39 -30.50
N VAL R 37 11.75 -0.60 -31.57
CA VAL R 37 11.41 -1.09 -32.90
C VAL R 37 12.01 -0.10 -33.91
N SER R 38 12.59 -0.63 -34.98
CA SER R 38 13.21 0.23 -35.99
C SER R 38 12.25 0.53 -37.14
N LYS R 39 12.36 1.75 -37.69
CA LYS R 39 11.38 2.16 -38.69
C LYS R 39 11.68 1.62 -40.08
N PHE R 40 12.95 1.36 -40.38
CA PHE R 40 13.34 0.93 -41.72
C PHE R 40 13.16 -0.56 -41.89
N TYR R 41 13.84 -1.37 -41.06
CA TYR R 41 13.77 -2.81 -41.15
C TYR R 41 13.30 -3.40 -39.83
N THR R 42 12.46 -4.43 -39.93
CA THR R 42 11.86 -5.15 -38.82
C THR R 42 12.01 -6.66 -39.00
N PRO R 43 12.07 -7.42 -37.90
CA PRO R 43 12.22 -8.88 -38.00
C PRO R 43 10.88 -9.59 -38.04
N GLN R 44 10.93 -10.88 -38.39
CA GLN R 44 9.76 -11.74 -38.38
C GLN R 44 9.97 -13.07 -37.65
N LEU R 45 11.19 -13.39 -37.22
CA LEU R 45 11.47 -14.63 -36.48
C LEU R 45 11.04 -15.86 -37.28
N GLN R 46 11.49 -15.92 -38.53
CA GLN R 46 11.19 -17.02 -39.45
C GLN R 46 12.48 -17.75 -39.73
N LEU R 47 12.44 -19.07 -39.66
CA LEU R 47 13.61 -19.90 -39.89
C LEU R 47 13.49 -20.60 -41.23
N SER R 48 14.64 -20.82 -41.87
CA SER R 48 14.67 -21.49 -43.15
C SER R 48 14.60 -23.00 -42.97
N GLU R 49 14.13 -23.68 -44.01
CA GLU R 49 14.07 -25.13 -44.01
C GLU R 49 15.45 -25.73 -43.84
N LEU R 50 16.44 -25.17 -44.55
CA LEU R 50 17.81 -25.65 -44.44
C LEU R 50 18.34 -25.42 -43.03
N ALA R 51 18.00 -24.28 -42.42
CA ALA R 51 18.43 -24.02 -41.05
C ALA R 51 17.75 -24.95 -40.05
N LYS R 52 16.52 -25.38 -40.36
CA LYS R 52 15.82 -26.30 -39.48
C LYS R 52 16.52 -27.66 -39.47
N LYS R 53 16.86 -28.18 -40.66
CA LYS R 53 17.49 -29.49 -40.76
C LYS R 53 18.83 -29.52 -40.04
N VAL R 54 19.62 -28.46 -40.14
CA VAL R 54 20.92 -28.46 -39.47
C VAL R 54 20.71 -28.49 -37.96
N LEU R 55 19.83 -27.62 -37.44
CA LEU R 55 19.53 -27.56 -36.02
C LEU R 55 19.18 -28.94 -35.45
N THR R 56 18.36 -29.73 -36.16
CA THR R 56 18.00 -31.06 -35.70
C THR R 56 19.22 -31.99 -35.67
N ASN R 57 20.04 -31.94 -36.74
CA ASN R 57 21.28 -32.70 -36.81
C ASN R 57 22.19 -32.44 -35.62
N ILE R 58 22.33 -31.18 -35.23
CA ILE R 58 23.23 -30.90 -34.12
C ILE R 58 22.56 -31.29 -32.81
N LYS R 59 21.23 -31.15 -32.74
CA LYS R 59 20.51 -31.49 -31.53
C LYS R 59 20.58 -32.98 -31.22
N THR R 60 20.42 -33.82 -32.25
CA THR R 60 20.37 -35.27 -32.08
C THR R 60 21.76 -35.90 -32.16
N ASP R 61 22.44 -35.74 -33.29
CA ASP R 61 23.69 -36.46 -33.50
C ASP R 61 24.84 -35.73 -32.81
N ASP R 62 25.79 -36.51 -32.30
CA ASP R 62 26.92 -35.96 -31.58
C ASP R 62 28.02 -35.65 -32.59
N ILE R 63 28.01 -34.43 -33.10
CA ILE R 63 28.98 -34.02 -34.11
C ILE R 63 30.36 -33.97 -33.45
N PRO R 64 31.45 -34.30 -34.15
CA PRO R 64 32.78 -34.10 -33.57
C PRO R 64 33.03 -32.62 -33.26
N VAL R 65 33.89 -32.38 -32.27
CA VAL R 65 34.17 -31.04 -31.76
C VAL R 65 35.66 -30.91 -31.47
N LEU R 66 36.19 -29.69 -31.60
CA LEU R 66 37.61 -29.51 -31.31
C LEU R 66 37.83 -29.32 -29.81
N GLU R 67 39.11 -29.32 -29.44
CA GLU R 67 39.54 -29.06 -28.07
C GLU R 67 40.27 -27.74 -27.91
N ARG R 68 40.94 -27.23 -28.94
CA ARG R 68 41.60 -25.94 -28.84
C ARG R 68 40.65 -24.79 -29.09
N GLU R 69 41.09 -23.59 -28.71
CA GLU R 69 40.32 -22.36 -28.89
C GLU R 69 41.28 -21.22 -29.19
N PHE R 70 42.20 -21.48 -30.12
CA PHE R 70 43.19 -20.47 -30.49
C PHE R 70 42.54 -19.26 -31.15
N ASN R 71 41.59 -19.49 -32.06
CA ASN R 71 40.97 -18.43 -32.84
C ASN R 71 40.15 -17.55 -31.90
N ASP R 72 40.71 -16.39 -31.56
CA ASP R 72 40.02 -15.41 -30.71
C ASP R 72 39.29 -14.39 -31.58
N ASN R 73 38.28 -14.87 -32.30
CA ASN R 73 37.47 -14.00 -33.14
C ASN R 73 36.01 -14.40 -32.96
N THR R 74 35.17 -13.95 -33.88
CA THR R 74 33.73 -14.23 -33.93
C THR R 74 33.09 -14.24 -32.53
N ILE R 75 32.34 -15.28 -32.15
CA ILE R 75 31.63 -15.26 -30.87
C ILE R 75 32.57 -15.39 -29.67
N ILE R 76 33.87 -15.59 -29.91
CA ILE R 76 34.83 -15.83 -28.84
C ILE R 76 35.10 -14.48 -28.16
N HIS R 77 34.54 -14.30 -26.97
CA HIS R 77 34.76 -13.11 -26.14
C HIS R 77 34.17 -11.84 -26.73
N LYS R 78 33.23 -11.97 -27.66
CA LYS R 78 32.54 -10.84 -28.27
C LYS R 78 31.03 -10.97 -28.14
N ALA R 79 30.48 -12.11 -28.54
CA ALA R 79 29.05 -12.34 -28.44
C ALA R 79 28.66 -12.81 -27.05
N ASN R 80 29.56 -13.54 -26.37
CA ASN R 80 29.35 -13.94 -24.99
C ASN R 80 29.81 -12.90 -23.98
N ASP R 81 30.81 -12.08 -24.33
CA ASP R 81 31.30 -11.05 -23.42
C ASP R 81 30.27 -9.92 -23.27
N THR R 82 29.61 -9.55 -24.35
CA THR R 82 28.64 -8.46 -24.30
C THR R 82 27.49 -8.79 -23.36
N LEU R 83 26.91 -7.75 -22.78
CA LEU R 83 25.77 -7.86 -21.89
C LEU R 83 24.44 -8.02 -22.63
N LEU R 84 24.46 -8.12 -23.96
CA LEU R 84 23.22 -8.35 -24.71
C LEU R 84 22.57 -9.67 -24.36
N LYS R 85 23.34 -10.63 -23.83
CA LYS R 85 22.78 -11.93 -23.51
C LYS R 85 21.80 -11.82 -22.34
N VAL R 86 22.13 -11.00 -21.34
CA VAL R 86 21.28 -10.88 -20.17
C VAL R 86 20.29 -9.72 -20.31
N GLN R 87 20.70 -8.62 -20.95
CA GLN R 87 19.86 -7.44 -21.04
C GLN R 87 18.72 -7.65 -22.04
N ALA R 88 19.03 -8.13 -23.24
CA ALA R 88 18.08 -8.25 -24.34
C ALA R 88 18.14 -9.68 -24.86
N PRO R 89 17.45 -10.62 -24.21
CA PRO R 89 17.47 -12.00 -24.71
C PRO R 89 16.75 -12.18 -26.03
N ARG R 90 15.67 -11.43 -26.28
CA ARG R 90 15.04 -11.44 -27.59
C ARG R 90 16.02 -11.04 -28.69
N MET R 91 16.77 -9.96 -28.49
CA MET R 91 17.81 -9.58 -29.46
C MET R 91 18.85 -10.69 -29.59
N TYR R 92 19.18 -11.37 -28.49
CA TYR R 92 20.10 -12.49 -28.54
C TYR R 92 19.55 -13.66 -29.36
N MET R 93 18.24 -13.74 -29.52
CA MET R 93 17.64 -14.79 -30.33
C MET R 93 17.78 -14.48 -31.81
N ILE R 94 17.78 -13.19 -32.16
CA ILE R 94 18.07 -12.82 -33.53
C ILE R 94 19.49 -13.20 -33.90
N LEU R 95 20.47 -12.85 -33.04
CA LEU R 95 21.86 -13.18 -33.35
C LEU R 95 22.08 -14.67 -33.56
N GLN R 96 21.43 -15.51 -32.75
CA GLN R 96 21.56 -16.95 -32.95
C GLN R 96 21.01 -17.37 -34.31
N SER R 97 19.86 -16.81 -34.69
CA SER R 97 19.26 -17.18 -35.98
C SER R 97 20.18 -16.83 -37.14
N ILE R 98 20.85 -15.67 -37.05
CA ILE R 98 21.74 -15.24 -38.12
C ILE R 98 22.96 -16.16 -38.20
N VAL R 99 23.47 -16.58 -37.06
CA VAL R 99 24.59 -17.52 -37.00
C VAL R 99 24.20 -18.86 -37.61
N LEU R 100 23.03 -19.38 -37.21
CA LEU R 100 22.54 -20.61 -37.80
C LEU R 100 22.34 -20.47 -39.31
N GLU R 101 21.73 -19.36 -39.74
CA GLU R 101 21.59 -19.11 -41.17
C GLU R 101 22.93 -18.84 -41.83
N ALA R 102 23.87 -18.21 -41.11
CA ALA R 102 25.19 -18.04 -41.68
C ALA R 102 25.98 -19.35 -41.71
N TYR R 103 25.78 -20.20 -40.70
CA TYR R 103 26.48 -21.47 -40.65
C TYR R 103 25.85 -22.50 -41.58
N ALA R 104 24.56 -22.35 -41.89
CA ALA R 104 23.89 -23.28 -42.81
C ALA R 104 24.39 -23.10 -44.22
N ILE R 105 24.49 -21.85 -44.69
CA ILE R 105 24.92 -21.63 -46.07
C ILE R 105 26.39 -22.02 -46.24
N VAL R 106 27.20 -21.82 -45.20
CA VAL R 106 28.62 -22.20 -45.29
C VAL R 106 28.76 -23.71 -45.25
N ASN R 107 27.79 -24.41 -44.67
CA ASN R 107 27.87 -25.86 -44.55
C ASN R 107 27.83 -26.54 -45.91
N CYS R 108 26.80 -26.23 -46.70
CA CYS R 108 26.59 -26.93 -47.97
C CYS R 108 27.73 -26.69 -48.96
N PHE R 109 28.12 -25.42 -49.15
CA PHE R 109 29.08 -25.08 -50.21
C PHE R 109 30.44 -25.73 -49.95
N VAL R 110 30.92 -25.68 -48.71
CA VAL R 110 32.20 -26.28 -48.37
C VAL R 110 32.15 -27.80 -48.51
N GLU R 111 31.11 -28.43 -47.97
CA GLU R 111 31.02 -29.87 -48.02
C GLU R 111 29.55 -30.30 -48.00
N ASN R 112 29.28 -31.42 -48.64
CA ASN R 112 27.96 -32.02 -48.76
C ASN R 112 27.04 -31.00 -49.43
N PRO R 113 27.18 -30.76 -50.73
CA PRO R 113 26.34 -29.78 -51.41
C PRO R 113 24.90 -30.23 -51.63
N SER R 114 24.53 -31.45 -51.20
CA SER R 114 23.21 -31.96 -51.49
C SER R 114 22.12 -31.20 -50.75
N SER R 115 22.48 -30.44 -49.72
CA SER R 115 21.53 -29.73 -48.88
C SER R 115 21.21 -28.34 -49.40
N LEU R 116 21.95 -27.86 -50.41
CA LEU R 116 21.68 -26.60 -51.08
C LEU R 116 20.41 -26.62 -51.92
N LYS R 117 19.70 -27.75 -51.99
CA LYS R 117 18.46 -27.75 -52.75
C LYS R 117 17.33 -27.06 -52.01
N TYR R 118 17.39 -27.07 -50.68
CA TYR R 118 16.32 -26.52 -49.86
C TYR R 118 16.41 -25.02 -49.68
N LEU R 119 17.54 -24.40 -50.01
CA LEU R 119 17.69 -22.97 -49.84
C LEU R 119 17.05 -22.22 -51.01
N THR R 120 16.47 -21.06 -50.69
CA THR R 120 15.76 -20.23 -51.65
C THR R 120 16.09 -18.77 -51.37
N GLU R 121 15.56 -17.88 -52.23
CA GLU R 121 15.86 -16.46 -52.13
C GLU R 121 15.34 -15.86 -50.83
N GLU R 122 14.06 -16.10 -50.51
CA GLU R 122 13.44 -15.54 -49.32
C GLU R 122 14.16 -15.95 -48.03
N ASP R 123 14.91 -17.06 -48.07
CA ASP R 123 15.60 -17.50 -46.86
C ASP R 123 16.67 -16.49 -46.43
N VAL R 124 17.38 -15.92 -47.39
CA VAL R 124 18.43 -14.96 -47.10
C VAL R 124 17.86 -13.54 -46.99
N SER R 125 16.75 -13.25 -47.69
CA SER R 125 16.13 -11.94 -47.62
C SER R 125 15.76 -11.59 -46.18
N ILE R 126 15.07 -12.50 -45.50
CA ILE R 126 14.60 -12.23 -44.14
C ILE R 126 15.80 -12.16 -43.19
N THR R 127 16.87 -12.90 -43.49
CA THR R 127 18.02 -12.89 -42.60
C THR R 127 18.68 -11.52 -42.56
N ARG R 128 18.80 -10.87 -43.71
CA ARG R 128 19.41 -9.54 -43.75
C ARG R 128 18.58 -8.52 -42.99
N GLU R 129 17.25 -8.56 -43.17
CA GLU R 129 16.35 -7.67 -42.44
C GLU R 129 16.50 -7.83 -40.93
N ASN R 130 16.63 -9.07 -40.46
CA ASN R 130 16.92 -9.34 -39.05
C ASN R 130 18.29 -8.82 -38.66
N LEU R 131 19.26 -8.90 -39.56
CA LEU R 131 20.59 -8.35 -39.32
C LEU R 131 20.54 -6.84 -39.13
N ASN R 132 19.80 -6.15 -40.00
CA ASN R 132 19.76 -4.68 -39.94
C ASN R 132 19.12 -4.20 -38.64
N TYR R 133 18.11 -4.94 -38.15
CA TYR R 133 17.40 -4.50 -36.96
C TYR R 133 18.27 -4.64 -35.73
N VAL R 134 18.89 -5.81 -35.55
CA VAL R 134 19.77 -6.00 -34.40
C VAL R 134 20.98 -5.07 -34.50
N ALA R 135 21.47 -4.81 -35.72
CA ALA R 135 22.63 -3.95 -35.93
C ALA R 135 22.29 -2.52 -35.53
N ASP R 136 21.11 -2.03 -35.92
CA ASP R 136 20.69 -0.68 -35.57
C ASP R 136 20.55 -0.53 -34.06
N TYR R 137 20.00 -1.55 -33.39
CA TYR R 137 19.83 -1.49 -31.94
C TYR R 137 21.19 -1.45 -31.23
N LEU R 138 22.15 -2.26 -31.72
CA LEU R 138 23.50 -2.24 -31.15
C LEU R 138 24.23 -0.92 -31.37
N GLY R 139 23.78 -0.11 -32.33
CA GLY R 139 24.43 1.17 -32.54
C GLY R 139 24.20 2.14 -31.41
N ASN R 140 23.13 1.97 -30.63
CA ASN R 140 22.90 2.82 -29.47
C ASN R 140 24.00 2.64 -28.44
N TYR R 141 24.40 1.39 -28.18
CA TYR R 141 25.45 1.11 -27.22
C TYR R 141 26.81 1.53 -27.81
N ASP R 142 27.58 2.28 -27.01
CA ASP R 142 28.90 2.74 -27.45
C ASP R 142 30.01 1.76 -27.14
N ASP R 143 29.76 0.77 -26.28
CA ASP R 143 30.84 -0.15 -25.92
C ASP R 143 30.97 -1.24 -26.97
N TYR R 144 29.82 -1.81 -27.36
CA TYR R 144 29.70 -3.04 -28.11
C TYR R 144 29.71 -2.83 -29.63
N ASN R 145 30.34 -1.75 -30.11
CA ASN R 145 30.42 -1.53 -31.55
C ASN R 145 31.28 -2.58 -32.25
N SER R 146 32.11 -3.33 -31.50
CA SER R 146 32.93 -4.37 -32.12
C SER R 146 32.04 -5.44 -32.77
N VAL R 147 30.93 -5.79 -32.14
CA VAL R 147 30.04 -6.79 -32.75
C VAL R 147 29.47 -6.24 -34.05
N VAL R 148 29.11 -4.96 -34.07
CA VAL R 148 28.52 -4.38 -35.27
C VAL R 148 29.52 -4.38 -36.42
N LEU R 149 30.81 -4.24 -36.09
CA LEU R 149 31.88 -4.18 -37.09
C LEU R 149 31.85 -5.41 -38.00
N ASP R 150 31.67 -6.59 -37.41
CA ASP R 150 31.58 -7.81 -38.21
C ASP R 150 30.23 -7.96 -38.89
N LEU R 151 29.16 -7.48 -38.25
CA LEU R 151 27.82 -7.68 -38.80
C LEU R 151 27.62 -6.90 -40.08
N ARG R 152 28.17 -5.69 -40.17
CA ARG R 152 28.05 -4.91 -41.39
C ARG R 152 28.79 -5.57 -42.55
N ASP R 153 29.96 -6.14 -42.28
CA ASP R 153 30.66 -6.91 -43.30
C ASP R 153 29.86 -8.16 -43.69
N LEU R 154 29.30 -8.86 -42.70
CA LEU R 154 28.44 -10.00 -42.98
C LEU R 154 27.16 -9.58 -43.70
N ASP R 155 26.69 -8.36 -43.47
CA ASP R 155 25.43 -7.92 -44.07
C ASP R 155 25.53 -7.90 -45.60
N LEU R 156 26.63 -7.39 -46.13
CA LEU R 156 26.85 -7.33 -47.57
C LEU R 156 27.21 -8.70 -48.13
N CYS R 157 27.63 -9.63 -47.28
CA CYS R 157 27.90 -10.99 -47.74
C CYS R 157 26.61 -11.71 -48.09
N PHE R 158 25.58 -11.55 -47.27
CA PHE R 158 24.30 -12.21 -47.54
C PHE R 158 23.66 -11.65 -48.81
N SER R 159 23.85 -10.35 -49.06
CA SER R 159 23.23 -9.73 -50.22
C SER R 159 23.81 -10.27 -51.52
N ALA R 160 25.11 -10.58 -51.53
CA ALA R 160 25.71 -11.18 -52.73
C ALA R 160 25.17 -12.59 -52.97
N ILE R 161 24.93 -13.36 -51.90
CA ILE R 161 24.26 -14.65 -52.08
C ILE R 161 22.83 -14.42 -52.54
N GLU R 162 22.16 -13.41 -52.00
CA GLU R 162 20.76 -13.16 -52.35
C GLU R 162 20.62 -12.88 -53.84
N LEU R 163 21.52 -12.05 -54.39
CA LEU R 163 21.51 -11.71 -55.80
C LEU R 163 22.26 -12.71 -56.68
N GLN R 164 22.71 -13.83 -56.13
CA GLN R 164 23.48 -14.83 -56.88
C GLN R 164 23.02 -16.26 -56.64
N LEU R 165 22.25 -16.53 -55.59
CA LEU R 165 21.83 -17.90 -55.32
C LEU R 165 20.92 -18.49 -56.40
N PRO R 166 20.01 -17.75 -57.03
CA PRO R 166 19.17 -18.39 -58.06
C PRO R 166 19.96 -18.83 -59.29
N LEU R 167 21.09 -18.19 -59.58
CA LEU R 167 21.90 -18.60 -60.71
C LEU R 167 22.74 -19.83 -60.40
N ILE R 168 23.15 -20.01 -59.14
CA ILE R 168 24.05 -21.11 -58.80
C ILE R 168 23.34 -22.45 -58.95
N LYS R 169 22.09 -22.55 -58.46
CA LYS R 169 21.38 -23.81 -58.53
C LYS R 169 21.11 -24.23 -59.97
N LYS R 170 20.73 -23.28 -60.83
CA LYS R 170 20.49 -23.60 -62.23
C LYS R 170 21.79 -23.98 -62.94
N GLU R 171 22.91 -23.37 -62.55
CA GLU R 171 24.19 -23.72 -63.14
C GLU R 171 24.62 -25.13 -62.72
N ALA R 172 24.42 -25.47 -61.45
CA ALA R 172 24.79 -26.78 -60.92
C ALA R 172 23.66 -27.80 -61.10
N ALA S 2 7.41 -28.21 -86.74
CA ALA S 2 7.45 -29.37 -87.69
C ALA S 2 6.48 -29.15 -88.85
N ASN S 3 7.00 -29.06 -90.08
CA ASN S 3 6.22 -28.62 -91.26
C ASN S 3 6.88 -29.21 -92.52
N PHE S 4 6.44 -30.42 -92.88
CA PHE S 4 7.05 -31.17 -93.98
C PHE S 4 7.01 -30.41 -95.32
N LEU S 5 6.09 -29.45 -95.48
CA LEU S 5 6.07 -28.65 -96.71
C LEU S 5 7.02 -27.46 -96.66
N LYS S 6 7.35 -26.99 -95.47
CA LYS S 6 8.52 -26.13 -95.28
C LYS S 6 9.74 -27.05 -95.33
N ASN S 7 10.91 -26.54 -94.95
CA ASN S 7 11.94 -27.38 -94.37
C ASN S 7 12.40 -28.50 -95.33
N LEU S 8 12.34 -28.26 -96.64
CA LEU S 8 12.58 -29.30 -97.66
C LEU S 8 13.24 -28.69 -98.90
N HIS S 9 13.82 -29.58 -99.72
CA HIS S 9 14.46 -29.30 -101.01
C HIS S 9 13.65 -28.35 -101.88
N PRO S 10 14.18 -27.17 -102.27
CA PRO S 10 13.28 -26.17 -102.88
C PRO S 10 12.61 -26.56 -104.19
N LEU S 11 13.15 -27.50 -104.97
CA LEU S 11 12.60 -27.75 -106.30
C LEU S 11 11.40 -28.68 -106.31
N LEU S 12 11.28 -29.58 -105.33
CA LEU S 12 10.12 -30.48 -105.30
C LEU S 12 8.83 -29.68 -105.15
N ARG S 13 7.96 -29.78 -106.16
CA ARG S 13 6.79 -28.92 -106.27
C ARG S 13 5.82 -29.15 -105.11
N ARG S 14 5.30 -28.06 -104.55
CA ARG S 14 4.70 -28.06 -103.21
C ARG S 14 3.18 -27.86 -103.20
N ASP S 15 2.55 -27.78 -104.37
CA ASP S 15 1.10 -27.84 -104.56
C ASP S 15 0.78 -28.25 -105.99
N ARG S 16 -0.34 -28.99 -106.12
CA ARG S 16 -0.59 -29.86 -107.26
C ARG S 16 -0.63 -29.08 -108.58
N ASN S 17 -0.40 -29.82 -109.67
CA ASN S 17 -0.51 -29.30 -111.02
C ASN S 17 -1.96 -29.10 -111.41
N LYS S 18 -2.34 -27.86 -111.74
CA LYS S 18 -3.67 -27.62 -112.32
C LYS S 18 -3.74 -28.04 -113.78
N LYS S 19 -2.61 -28.40 -114.40
CA LYS S 19 -2.59 -28.57 -115.84
C LYS S 19 -3.17 -29.90 -116.31
N ASP S 20 -3.20 -30.92 -115.45
CA ASP S 20 -3.77 -32.22 -115.84
C ASP S 20 -4.30 -32.93 -114.59
N ASN S 21 -5.07 -33.99 -114.82
CA ASN S 21 -5.90 -34.56 -113.76
C ASN S 21 -5.11 -35.24 -112.65
N GLN S 22 -4.11 -36.07 -113.00
CA GLN S 22 -3.49 -37.00 -112.05
C GLN S 22 -2.05 -36.60 -111.77
N ASP S 23 -1.72 -36.40 -110.49
CA ASP S 23 -0.43 -35.85 -110.08
C ASP S 23 0.14 -36.75 -108.98
N PRO S 24 0.87 -37.82 -109.34
CA PRO S 24 1.43 -38.70 -108.30
C PRO S 24 2.35 -38.00 -107.32
N ASN S 25 3.15 -37.05 -107.81
CA ASN S 25 4.02 -36.26 -106.95
C ASN S 25 3.23 -35.68 -105.76
N PHE S 26 2.14 -34.96 -106.08
CA PHE S 26 1.37 -34.34 -105.02
C PHE S 26 0.66 -35.37 -104.15
N ALA S 27 0.22 -36.48 -104.74
CA ALA S 27 -0.42 -37.53 -103.94
C ALA S 27 0.52 -38.06 -102.88
N LEU S 28 1.79 -38.23 -103.26
CA LEU S 28 2.80 -38.71 -102.32
C LEU S 28 3.05 -37.69 -101.22
N ILE S 29 3.32 -36.44 -101.63
CA ILE S 29 3.57 -35.39 -100.64
C ILE S 29 2.37 -35.22 -99.69
N ASP S 30 1.15 -35.36 -100.22
CA ASP S 30 -0.02 -35.17 -99.38
C ASP S 30 -0.18 -36.32 -98.39
N ALA S 31 0.01 -37.56 -98.86
CA ALA S 31 -0.01 -38.71 -97.96
C ALA S 31 1.00 -38.57 -96.83
N LEU S 32 2.24 -38.20 -97.17
CA LEU S 32 3.32 -38.09 -96.18
C LEU S 32 3.05 -36.95 -95.22
N ASN S 33 2.53 -35.83 -95.73
CA ASN S 33 2.23 -34.70 -94.88
C ASN S 33 1.08 -35.03 -93.94
N GLU S 34 0.09 -35.78 -94.44
CA GLU S 34 -1.02 -36.24 -93.60
C GLU S 34 -0.53 -37.17 -92.50
N GLU S 35 0.32 -38.14 -92.86
CA GLU S 35 0.82 -39.08 -91.86
C GLU S 35 1.57 -38.34 -90.75
N MET S 36 2.48 -37.42 -91.12
CA MET S 36 3.27 -36.78 -90.08
C MET S 36 2.49 -35.69 -89.35
N ASN S 37 1.45 -35.10 -89.97
CA ASN S 37 0.57 -34.20 -89.24
C ASN S 37 -0.24 -34.97 -88.20
N GLN S 38 -0.70 -36.15 -88.57
CA GLN S 38 -1.43 -37.03 -87.67
C GLN S 38 -0.53 -37.46 -86.52
N VAL S 39 0.75 -37.72 -86.82
CA VAL S 39 1.72 -38.01 -85.77
C VAL S 39 1.86 -36.81 -84.83
N GLU S 40 2.00 -35.61 -85.40
CA GLU S 40 2.11 -34.39 -84.59
C GLU S 40 0.90 -34.23 -83.68
N LYS S 41 -0.29 -34.49 -84.21
CA LYS S 41 -1.51 -34.35 -83.42
C LYS S 41 -1.55 -35.37 -82.29
N ASP S 42 -1.07 -36.60 -82.54
CA ASP S 42 -0.96 -37.55 -81.44
C ASP S 42 0.02 -37.05 -80.38
N ALA S 43 1.14 -36.48 -80.81
CA ALA S 43 2.19 -36.04 -79.87
C ALA S 43 1.76 -34.80 -79.09
N ILE S 44 0.86 -34.01 -79.65
CA ILE S 44 0.24 -32.91 -78.90
C ILE S 44 -0.83 -33.46 -77.98
N GLU S 45 -1.64 -34.38 -78.49
CA GLU S 45 -2.69 -34.99 -77.66
C GLU S 45 -2.13 -35.72 -76.45
N SER S 46 -0.86 -36.12 -76.47
CA SER S 46 -0.26 -36.81 -75.34
C SER S 46 0.00 -35.92 -74.13
N LYS S 47 -0.30 -34.61 -74.24
CA LYS S 47 -0.20 -33.73 -73.08
C LYS S 47 -1.15 -34.16 -71.97
N LEU S 48 -2.39 -34.48 -72.33
CA LEU S 48 -3.38 -34.83 -71.33
C LEU S 48 -3.02 -36.18 -70.71
N GLN S 49 -2.50 -37.10 -71.52
CA GLN S 49 -2.14 -38.41 -70.98
C GLN S 49 -0.94 -38.32 -70.05
N SER S 50 -0.10 -37.29 -70.20
CA SER S 50 1.13 -37.17 -69.42
C SER S 50 0.91 -36.59 -68.03
N SER S 51 -0.32 -36.29 -67.63
CA SER S 51 -0.64 -35.72 -66.32
C SER S 51 -1.73 -36.53 -65.65
N LEU S 52 -1.55 -36.79 -64.35
CA LEU S 52 -2.54 -37.53 -63.59
C LEU S 52 -3.91 -36.86 -63.62
N LYS S 53 -3.94 -35.53 -63.74
CA LYS S 53 -5.21 -34.83 -63.64
C LYS S 53 -6.11 -35.12 -64.84
N THR S 54 -5.54 -35.56 -65.98
CA THR S 54 -6.29 -35.85 -67.19
C THR S 54 -5.97 -37.21 -67.82
N SER S 55 -5.10 -38.03 -67.22
CA SER S 55 -4.77 -39.33 -67.79
C SER S 55 -6.01 -40.23 -67.85
N THR S 56 -6.13 -40.99 -68.94
CA THR S 56 -7.26 -41.88 -69.14
C THR S 56 -6.80 -43.20 -69.75
N SER S 57 -7.68 -44.18 -69.64
CA SER S 57 -7.56 -45.55 -70.13
C SER S 57 -6.32 -46.23 -69.51
N GLU S 58 -5.31 -46.57 -70.32
CA GLU S 58 -4.17 -47.33 -69.82
C GLU S 58 -3.31 -46.50 -68.89
N TYR S 59 -3.15 -45.21 -69.19
CA TYR S 59 -2.25 -44.36 -68.42
C TYR S 59 -2.78 -44.13 -67.02
N LEU S 60 -4.10 -44.01 -66.87
CA LEU S 60 -4.67 -43.90 -65.54
C LEU S 60 -4.50 -45.20 -64.75
N ASP S 61 -4.59 -46.35 -65.44
CA ASP S 61 -4.34 -47.61 -64.75
C ASP S 61 -2.87 -47.70 -64.33
N LYS S 62 -1.97 -47.18 -65.17
CA LYS S 62 -0.56 -47.09 -64.77
C LYS S 62 -0.37 -46.22 -63.53
N PHE S 63 -1.01 -45.05 -63.51
CA PHE S 63 -0.93 -44.17 -62.35
C PHE S 63 -1.44 -44.87 -61.09
N GLY S 64 -2.55 -45.58 -61.22
CA GLY S 64 -3.17 -46.25 -60.09
C GLY S 64 -2.34 -47.42 -59.60
N ASP S 65 -1.62 -48.08 -60.52
CA ASP S 65 -0.68 -49.11 -60.10
C ASP S 65 0.53 -48.50 -59.41
N TRP S 66 0.99 -47.34 -59.90
CA TRP S 66 2.09 -46.64 -59.25
C TRP S 66 1.75 -46.29 -57.81
N PHE S 67 0.62 -45.61 -57.62
CA PHE S 67 0.14 -45.22 -56.30
C PHE S 67 -0.39 -46.39 -55.48
N GLY S 68 -0.56 -47.57 -56.09
CA GLY S 68 -1.02 -48.75 -55.40
C GLY S 68 -2.53 -48.91 -55.35
N VAL S 69 -3.29 -47.92 -55.80
CA VAL S 69 -4.75 -47.98 -55.74
C VAL S 69 -5.23 -48.71 -56.98
N TYR S 70 -5.81 -49.89 -56.79
CA TYR S 70 -6.18 -50.77 -57.89
C TYR S 70 -7.56 -50.39 -58.41
N ARG S 71 -7.72 -50.46 -59.72
CA ARG S 71 -9.00 -50.10 -60.34
C ARG S 71 -10.07 -51.13 -60.00
N LYS S 72 -11.23 -50.65 -59.60
CA LYS S 72 -12.37 -51.51 -59.35
C LYS S 72 -13.07 -51.87 -60.66
N THR S 73 -13.69 -53.05 -60.68
CA THR S 73 -14.37 -53.54 -61.87
C THR S 73 -15.56 -52.64 -62.24
N ASP S 74 -15.55 -52.17 -63.49
CA ASP S 74 -16.58 -51.28 -64.06
C ASP S 74 -16.54 -49.90 -63.42
N GLU S 75 -15.32 -49.43 -63.15
CA GLU S 75 -15.08 -48.12 -62.56
C GLU S 75 -14.66 -47.13 -63.63
N LYS S 76 -15.29 -45.95 -63.63
CA LYS S 76 -14.98 -44.91 -64.59
C LYS S 76 -13.83 -44.04 -64.07
N ASP S 77 -13.16 -43.39 -65.01
CA ASP S 77 -11.96 -42.62 -64.70
C ASP S 77 -12.25 -41.46 -63.75
N ASP S 78 -13.43 -40.84 -63.88
CA ASP S 78 -13.74 -39.67 -63.07
C ASP S 78 -13.79 -40.01 -61.59
N VAL S 79 -14.44 -41.12 -61.25
CA VAL S 79 -14.51 -41.53 -59.84
C VAL S 79 -13.19 -42.19 -59.40
N TYR S 80 -12.48 -42.81 -60.34
CA TYR S 80 -11.24 -43.49 -59.98
C TYR S 80 -10.16 -42.48 -59.60
N ARG S 81 -10.09 -41.35 -60.32
CA ARG S 81 -9.13 -40.32 -59.97
C ARG S 81 -9.41 -39.78 -58.57
N ALA S 82 -10.68 -39.43 -58.31
CA ALA S 82 -11.06 -38.90 -57.00
C ALA S 82 -10.79 -39.91 -55.89
N ARG S 83 -11.04 -41.19 -56.16
CA ARG S 83 -10.71 -42.22 -55.19
C ARG S 83 -9.22 -42.22 -54.88
N ILE S 84 -8.39 -42.17 -55.92
CA ILE S 84 -6.94 -42.20 -55.75
C ILE S 84 -6.50 -41.01 -54.91
N ILE S 85 -7.03 -39.82 -55.22
CA ILE S 85 -6.67 -38.61 -54.49
C ILE S 85 -7.05 -38.75 -53.03
N LYS S 86 -8.23 -39.30 -52.77
CA LYS S 86 -8.67 -39.46 -51.39
C LYS S 86 -7.80 -40.46 -50.64
N TYR S 87 -7.44 -41.56 -51.31
CA TYR S 87 -6.70 -42.63 -50.64
C TYR S 87 -5.28 -42.18 -50.36
N LEU S 88 -4.71 -41.35 -51.23
CA LEU S 88 -3.38 -40.81 -50.98
C LEU S 88 -3.33 -39.91 -49.74
N LEU S 89 -4.45 -39.27 -49.43
CA LEU S 89 -4.65 -38.36 -48.30
C LEU S 89 -5.60 -39.03 -47.32
N LEU S 90 -5.29 -40.28 -46.97
CA LEU S 90 -6.14 -41.03 -46.06
C LEU S 90 -5.97 -40.50 -44.64
N LYS S 91 -7.09 -40.47 -43.91
CA LYS S 91 -7.19 -39.90 -42.59
C LYS S 91 -7.59 -41.03 -41.63
N ARG S 92 -6.62 -41.61 -40.95
CA ARG S 92 -6.89 -42.76 -40.10
C ARG S 92 -5.84 -42.85 -39.00
N GLY S 93 -6.27 -43.28 -37.82
CA GLY S 93 -5.42 -43.42 -36.66
C GLY S 93 -6.10 -42.91 -35.41
N THR S 94 -7.00 -41.94 -35.58
CA THR S 94 -7.75 -41.39 -34.46
C THR S 94 -9.11 -42.04 -34.38
N ASN S 95 -9.65 -42.13 -33.15
CA ASN S 95 -10.92 -42.80 -32.95
C ASN S 95 -12.02 -42.15 -33.77
N ASN S 96 -12.03 -40.81 -33.84
CA ASN S 96 -12.99 -40.11 -34.69
C ASN S 96 -12.70 -40.40 -36.16
N ALA S 97 -11.42 -40.43 -36.56
CA ALA S 97 -11.05 -40.73 -37.93
C ALA S 97 -11.41 -42.17 -38.30
N ILE S 98 -11.26 -43.09 -37.34
CA ILE S 98 -11.58 -44.50 -37.58
C ILE S 98 -13.09 -44.66 -37.72
N ILE S 99 -13.84 -43.92 -36.92
CA ILE S 99 -15.28 -43.95 -37.03
C ILE S 99 -15.70 -43.34 -38.37
N ASP S 100 -15.17 -42.14 -38.66
CA ASP S 100 -15.43 -41.45 -39.91
C ASP S 100 -15.02 -42.26 -41.14
N ALA S 101 -14.08 -43.20 -40.99
CA ALA S 101 -13.72 -44.10 -42.07
C ALA S 101 -14.81 -45.13 -42.37
N ILE S 102 -15.83 -45.23 -41.53
CA ILE S 102 -16.97 -46.10 -41.80
C ILE S 102 -17.70 -45.72 -43.08
N LYS S 103 -17.58 -44.47 -43.55
CA LYS S 103 -18.27 -44.11 -44.78
C LYS S 103 -17.80 -44.95 -45.97
N ASP S 104 -16.54 -45.37 -45.96
CA ASP S 104 -15.96 -46.21 -47.01
C ASP S 104 -16.26 -47.69 -46.78
N TYR S 105 -16.95 -48.04 -45.68
CA TYR S 105 -17.30 -49.41 -45.32
C TYR S 105 -18.81 -49.57 -45.12
N LEU S 106 -19.61 -48.60 -45.56
CA LEU S 106 -21.06 -48.63 -45.35
C LEU S 106 -21.77 -49.15 -46.59
N PHE S 213 -90.42 -69.44 9.10
CA PHE S 213 -91.74 -68.80 9.26
C PHE S 213 -91.63 -67.42 9.89
N TYR S 214 -92.73 -66.69 9.92
CA TYR S 214 -92.77 -65.36 10.51
C TYR S 214 -94.07 -65.12 11.29
N GLY S 215 -94.02 -64.15 12.21
CA GLY S 215 -95.19 -63.71 12.98
C GLY S 215 -96.26 -63.13 12.08
N HIS S 216 -97.51 -63.56 12.25
CA HIS S 216 -98.56 -63.26 11.28
C HIS S 216 -99.92 -63.50 11.92
N ILE S 217 -100.63 -62.43 12.30
CA ILE S 217 -101.91 -62.54 13.02
C ILE S 217 -102.98 -61.60 12.41
N ASN S 218 -102.75 -61.13 11.18
CA ASN S 218 -103.32 -59.87 10.68
C ASN S 218 -104.79 -59.98 10.26
N MET S 219 -105.51 -58.87 10.37
CA MET S 219 -106.92 -58.72 9.95
C MET S 219 -107.05 -58.66 8.42
N TYR S 259 -107.09 -56.77 16.03
CA TYR S 259 -108.15 -55.84 16.48
C TYR S 259 -107.61 -54.42 16.62
N GLY S 260 -108.48 -53.40 16.61
CA GLY S 260 -108.10 -51.99 16.73
C GLY S 260 -109.24 -51.09 17.25
N TYR S 261 -108.88 -49.96 17.86
CA TYR S 261 -109.82 -49.10 18.59
C TYR S 261 -109.37 -47.63 18.67
N VAL S 262 -110.32 -46.70 18.83
CA VAL S 262 -110.09 -45.24 18.91
C VAL S 262 -110.76 -44.62 20.13
N THR S 263 -110.04 -43.80 20.88
CA THR S 263 -110.61 -42.88 21.88
C THR S 263 -109.61 -41.79 22.32
N SER S 264 -110.05 -40.54 22.44
CA SER S 264 -109.26 -39.49 23.10
C SER S 264 -109.20 -39.69 24.61
N TYR S 265 -110.10 -40.48 25.19
CA TYR S 265 -110.17 -40.79 26.63
C TYR S 265 -109.36 -42.07 26.92
N VAL S 266 -109.56 -42.71 28.07
CA VAL S 266 -108.67 -43.79 28.54
C VAL S 266 -109.40 -44.90 29.30
N TYR S 267 -108.82 -46.09 29.24
CA TYR S 267 -108.97 -47.19 30.22
C TYR S 267 -107.61 -47.89 30.37
N ASN S 268 -107.37 -48.53 31.51
CA ASN S 268 -106.07 -49.11 31.85
C ASN S 268 -106.22 -50.36 32.73
N PRO S 269 -106.03 -51.58 32.20
CA PRO S 269 -106.30 -52.84 32.90
C PRO S 269 -105.09 -53.33 33.73
N GLY S 270 -105.26 -54.48 34.38
CA GLY S 270 -104.14 -55.34 34.75
C GLY S 270 -103.69 -56.26 33.60
N MET S 271 -102.71 -57.15 33.83
CA MET S 271 -102.19 -58.08 32.81
C MET S 271 -103.18 -59.20 32.40
N THR S 272 -104.47 -59.10 32.74
CA THR S 272 -105.50 -60.15 32.55
C THR S 272 -106.71 -59.74 31.72
N SER S 273 -106.76 -58.52 31.17
CA SER S 273 -107.86 -58.12 30.27
C SER S 273 -107.64 -58.58 28.83
N SER S 274 -108.71 -59.05 28.18
CA SER S 274 -108.70 -59.58 26.81
C SER S 274 -109.09 -58.54 25.75
N VAL S 275 -108.87 -58.87 24.47
CA VAL S 275 -108.92 -57.99 23.26
C VAL S 275 -110.05 -56.96 23.26
N ASN S 276 -111.27 -57.39 23.58
CA ASN S 276 -112.44 -56.54 23.45
C ASN S 276 -112.50 -55.43 24.51
N GLN S 277 -111.75 -55.50 25.62
CA GLN S 277 -111.88 -54.56 26.74
C GLN S 277 -111.48 -53.12 26.45
N ILE S 278 -110.94 -52.81 25.26
CA ILE S 278 -110.84 -51.41 24.81
C ILE S 278 -112.22 -50.80 24.53
N SER S 279 -113.16 -51.63 24.05
CA SER S 279 -114.51 -51.19 23.71
C SER S 279 -115.37 -50.98 24.95
N ALA S 280 -115.69 -52.04 25.71
CA ALA S 280 -116.64 -52.02 26.83
C ALA S 280 -116.28 -51.03 27.95
N SER S 281 -115.00 -50.66 28.04
CA SER S 281 -114.47 -49.76 29.04
C SER S 281 -114.67 -48.27 28.72
N THR S 282 -114.60 -47.86 27.45
CA THR S 282 -114.43 -46.45 27.05
C THR S 282 -115.73 -45.62 26.98
N GLU S 283 -116.67 -45.93 27.87
CA GLU S 283 -117.80 -45.07 28.34
C GLU S 283 -118.81 -44.54 27.29
N GLY S 284 -118.94 -45.16 26.11
CA GLY S 284 -119.68 -44.50 25.01
C GLY S 284 -118.93 -43.29 24.44
N ARG S 285 -117.59 -43.37 24.47
CA ARG S 285 -116.59 -42.38 24.02
C ARG S 285 -115.43 -43.07 23.31
N GLY S 286 -115.75 -44.04 22.47
CA GLY S 286 -114.78 -44.77 21.65
C GLY S 286 -115.41 -45.52 20.47
N GLN S 287 -114.55 -46.01 19.57
CA GLN S 287 -114.93 -46.44 18.22
C GLN S 287 -114.15 -47.69 17.73
N GLU S 288 -114.86 -48.60 17.04
CA GLU S 288 -114.31 -49.77 16.33
C GLU S 288 -113.57 -49.37 15.02
N VAL S 289 -112.45 -50.03 14.66
CA VAL S 289 -111.85 -49.86 13.33
C VAL S 289 -112.64 -50.59 12.22
N PRO S 290 -113.01 -49.92 11.12
CA PRO S 290 -114.05 -50.40 10.20
C PRO S 290 -113.54 -51.42 9.18
N THR S 291 -114.45 -51.97 8.36
CA THR S 291 -114.19 -52.92 7.27
C THR S 291 -113.01 -52.51 6.38
N ASP S 292 -112.88 -51.22 6.04
CA ASP S 292 -111.73 -50.68 5.29
C ASP S 292 -110.40 -50.98 6.00
N TYR S 293 -110.30 -50.62 7.28
CA TYR S 293 -109.13 -50.89 8.12
C TYR S 293 -108.91 -52.38 8.34
N TYR S 294 -110.00 -53.14 8.54
CA TYR S 294 -110.01 -54.59 8.72
C TYR S 294 -109.49 -55.35 7.48
N MET S 295 -109.67 -54.81 6.27
CA MET S 295 -109.46 -55.55 5.01
C MET S 295 -108.42 -54.95 4.05
N TYR S 296 -108.41 -53.64 3.77
CA TYR S 296 -107.37 -53.07 2.89
C TYR S 296 -105.97 -53.22 3.48
N THR S 297 -105.80 -52.98 4.78
CA THR S 297 -104.48 -52.90 5.46
C THR S 297 -103.78 -54.24 5.66
N SER S 298 -104.43 -55.32 5.25
CA SER S 298 -104.00 -56.71 5.43
C SER S 298 -102.62 -57.04 4.84
N THR S 299 -102.24 -56.42 3.71
CA THR S 299 -100.91 -56.53 3.05
C THR S 299 -100.54 -55.25 2.29
N LYS S 300 -99.27 -55.08 1.90
CA LYS S 300 -98.80 -53.88 1.19
C LYS S 300 -99.60 -53.70 -0.11
N ASN S 301 -100.33 -52.59 -0.26
CA ASN S 301 -101.04 -52.23 -1.50
C ASN S 301 -101.23 -50.71 -1.64
N ASN S 302 -102.17 -50.25 -2.47
CA ASN S 302 -102.37 -48.83 -2.78
C ASN S 302 -103.76 -48.26 -2.47
N ASN S 303 -104.79 -49.08 -2.23
CA ASN S 303 -106.09 -48.56 -1.77
C ASN S 303 -106.04 -48.29 -0.26
N THR S 304 -105.45 -47.14 0.10
CA THR S 304 -105.34 -46.69 1.48
C THR S 304 -106.70 -46.43 2.11
N VAL S 305 -106.84 -46.81 3.38
CA VAL S 305 -107.92 -46.38 4.27
C VAL S 305 -107.81 -44.87 4.49
N GLU S 306 -108.92 -44.14 4.67
CA GLU S 306 -108.89 -42.84 5.37
C GLU S 306 -110.05 -42.74 6.39
N LEU S 307 -109.74 -42.34 7.63
CA LEU S 307 -110.71 -42.31 8.74
C LEU S 307 -110.50 -41.11 9.65
N SER S 308 -111.60 -40.62 10.20
CA SER S 308 -111.64 -39.51 11.15
C SER S 308 -111.16 -39.91 12.54
N MET S 309 -110.84 -38.91 13.38
CA MET S 309 -110.36 -39.13 14.73
C MET S 309 -110.89 -38.06 15.68
N GLN S 310 -111.71 -38.46 16.65
CA GLN S 310 -112.17 -37.58 17.72
C GLN S 310 -110.96 -37.09 18.52
N THR S 311 -110.92 -35.80 18.89
CA THR S 311 -109.68 -35.15 19.39
C THR S 311 -109.96 -33.99 20.34
N THR S 312 -108.99 -33.65 21.21
CA THR S 312 -108.94 -32.34 21.89
C THR S 312 -108.29 -31.32 20.94
N SER S 313 -107.33 -30.50 21.37
CA SER S 313 -106.58 -29.56 20.50
C SER S 313 -105.60 -30.23 19.51
N GLY S 314 -106.03 -31.31 18.85
CA GLY S 314 -105.29 -32.13 17.88
C GLY S 314 -104.87 -33.49 18.43
N VAL S 315 -104.55 -33.57 19.72
CA VAL S 315 -104.19 -34.81 20.43
C VAL S 315 -105.34 -35.83 20.40
N SER S 316 -105.04 -37.11 20.20
CA SER S 316 -105.93 -38.24 20.51
C SER S 316 -105.18 -39.58 20.57
N TYR S 317 -105.84 -40.70 20.93
CA TYR S 317 -105.17 -42.00 21.07
C TYR S 317 -105.79 -43.14 20.25
N LEU S 318 -104.94 -43.75 19.40
CA LEU S 318 -105.29 -44.90 18.55
C LEU S 318 -104.67 -46.16 19.16
N TYR S 319 -105.49 -47.14 19.51
CA TYR S 319 -105.09 -48.34 20.24
C TYR S 319 -105.22 -49.56 19.32
N ASN S 320 -104.14 -50.31 19.10
CA ASN S 320 -104.16 -51.53 18.29
C ASN S 320 -103.71 -52.72 19.09
N ASN S 321 -104.17 -53.91 18.69
CA ASN S 321 -104.33 -54.96 19.68
C ASN S 321 -104.44 -56.35 19.07
N PHE S 322 -103.68 -57.28 19.63
CA PHE S 322 -103.69 -58.69 19.24
C PHE S 322 -103.42 -59.59 20.44
N ASN S 323 -103.86 -60.85 20.34
CA ASN S 323 -103.60 -61.89 21.32
C ASN S 323 -102.82 -63.06 20.70
N PHE S 324 -101.66 -63.41 21.26
CA PHE S 324 -100.76 -64.45 20.74
C PHE S 324 -101.23 -65.88 21.02
N ARG S 325 -102.25 -66.06 21.86
CA ARG S 325 -102.99 -67.33 21.98
C ARG S 325 -103.66 -67.71 20.66
N ASP S 326 -104.12 -66.72 19.88
CA ASP S 326 -104.54 -66.92 18.47
C ASP S 326 -103.34 -67.32 17.62
N TYR S 327 -102.18 -66.68 17.77
CA TYR S 327 -101.02 -67.01 16.93
C TYR S 327 -100.66 -68.50 17.02
N MET S 328 -100.55 -69.08 18.22
CA MET S 328 -100.25 -70.52 18.35
C MET S 328 -101.38 -71.35 17.74
N SER S 329 -102.60 -71.14 18.23
CA SER S 329 -103.76 -71.95 17.86
C SER S 329 -104.03 -71.95 16.37
N LYS S 330 -103.93 -70.78 15.74
CA LYS S 330 -104.31 -70.56 14.35
C LYS S 330 -103.12 -70.68 13.41
N TYR S 331 -101.87 -70.56 13.88
CA TYR S 331 -100.71 -70.47 12.99
C TYR S 331 -99.52 -71.33 13.39
N ARG S 332 -99.26 -71.56 14.70
CA ARG S 332 -98.08 -72.30 15.21
C ARG S 332 -98.49 -73.30 16.29
N PRO S 333 -99.10 -74.43 15.91
CA PRO S 333 -99.88 -75.23 16.85
C PRO S 333 -99.08 -75.89 17.97
N GLN S 334 -97.81 -76.24 17.74
CA GLN S 334 -97.02 -77.02 18.69
C GLN S 334 -96.71 -76.32 20.03
N VAL S 335 -96.83 -74.99 20.08
CA VAL S 335 -96.32 -74.17 21.20
C VAL S 335 -97.13 -74.33 22.49
N ASP S 336 -96.45 -74.37 23.65
CA ASP S 336 -97.08 -74.45 24.97
C ASP S 336 -97.89 -73.18 25.33
N LEU S 337 -99.20 -73.29 25.61
CA LEU S 337 -100.09 -72.15 25.91
C LEU S 337 -100.43 -71.92 27.39
N GLN S 338 -100.43 -72.97 28.22
CA GLN S 338 -101.26 -72.99 29.45
C GLN S 338 -100.50 -72.69 30.75
N SER S 339 -99.76 -71.57 30.81
CA SER S 339 -99.34 -70.95 32.07
C SER S 339 -98.87 -69.52 31.83
N ASP S 340 -98.73 -68.72 32.89
CA ASP S 340 -98.25 -67.33 32.80
C ASP S 340 -96.86 -67.22 32.16
N GLU S 341 -96.05 -68.28 32.24
CA GLU S 341 -94.75 -68.37 31.58
C GLU S 341 -94.86 -68.20 30.07
N ALA S 342 -96.04 -68.40 29.47
CA ALA S 342 -96.24 -68.28 28.03
C ALA S 342 -95.80 -66.91 27.51
N ARG S 343 -96.03 -65.85 28.29
CA ARG S 343 -95.55 -64.49 27.96
C ARG S 343 -94.05 -64.50 27.64
N ARG S 344 -93.27 -65.06 28.59
CA ARG S 344 -91.81 -65.18 28.50
C ARG S 344 -91.39 -66.17 27.42
N ILE S 345 -91.85 -67.42 27.48
CA ILE S 345 -91.36 -68.51 26.61
C ILE S 345 -91.68 -68.22 25.13
N VAL S 346 -92.84 -67.63 24.84
CA VAL S 346 -93.15 -67.15 23.48
C VAL S 346 -92.18 -66.05 23.08
N SER S 347 -91.95 -65.06 23.94
CA SER S 347 -90.95 -64.01 23.69
C SER S 347 -89.52 -64.55 23.48
N ASP S 348 -89.08 -65.50 24.30
CA ASP S 348 -87.78 -66.18 24.21
C ASP S 348 -87.59 -66.86 22.85
N TYR S 349 -88.65 -67.41 22.26
CA TYR S 349 -88.62 -67.95 20.91
C TYR S 349 -88.66 -66.85 19.87
N ILE S 350 -89.54 -65.85 20.05
CA ILE S 350 -89.84 -64.77 19.11
C ILE S 350 -88.63 -63.86 18.82
N LYS S 351 -87.72 -63.66 19.78
CA LYS S 351 -86.62 -62.68 19.68
C LYS S 351 -87.17 -61.26 19.51
N GLU S 352 -86.54 -60.43 18.67
CA GLU S 352 -86.89 -59.02 18.49
C GLU S 352 -88.08 -58.85 17.54
N LEU S 353 -89.29 -58.80 18.08
CA LEU S 353 -90.48 -58.55 17.28
C LEU S 353 -90.54 -57.07 16.88
N SER S 354 -91.04 -56.81 15.68
CA SER S 354 -91.37 -55.48 15.21
C SER S 354 -92.86 -55.35 14.94
N ILE S 355 -93.41 -54.17 15.14
CA ILE S 355 -94.72 -53.83 14.60
C ILE S 355 -94.48 -52.90 13.42
N ASP S 356 -95.10 -53.15 12.25
CA ASP S 356 -95.06 -52.22 11.12
C ASP S 356 -96.46 -51.79 10.71
N TYR S 357 -96.56 -50.52 10.37
CA TYR S 357 -97.83 -49.81 10.29
C TYR S 357 -97.66 -48.49 9.53
N TYR S 358 -98.17 -48.45 8.30
CA TYR S 358 -97.91 -47.38 7.34
C TYR S 358 -99.13 -46.47 7.23
N LEU S 359 -98.90 -45.16 7.33
CA LEU S 359 -99.96 -44.15 7.41
C LEU S 359 -99.55 -42.83 6.77
N SER S 360 -100.50 -41.92 6.57
CA SER S 360 -100.21 -40.56 6.11
C SER S 360 -101.25 -39.54 6.65
N ALA S 361 -100.83 -38.27 6.81
CA ALA S 361 -101.69 -37.23 7.38
C ALA S 361 -102.57 -36.51 6.34
N VAL S 362 -103.72 -35.98 6.76
CA VAL S 362 -104.65 -35.20 5.89
C VAL S 362 -104.29 -33.70 5.92
N ILE S 363 -103.04 -33.40 5.56
CA ILE S 363 -102.41 -32.08 5.47
C ILE S 363 -101.39 -32.09 4.32
N PRO S 364 -100.92 -30.93 3.82
CA PRO S 364 -99.91 -30.84 2.76
C PRO S 364 -98.64 -31.72 2.89
N PRO S 365 -97.89 -31.94 1.80
CA PRO S 365 -96.61 -32.65 1.85
C PRO S 365 -95.54 -31.95 2.71
N ASP S 366 -95.61 -30.62 2.86
CA ASP S 366 -94.73 -29.81 3.71
C ASP S 366 -95.31 -29.54 5.11
N GLU S 367 -96.59 -29.23 5.25
CA GLU S 367 -97.26 -29.11 6.57
C GLU S 367 -97.10 -30.41 7.38
N SER S 368 -96.89 -30.31 8.69
CA SER S 368 -96.45 -31.47 9.48
C SER S 368 -96.99 -31.51 10.91
N ILE S 369 -97.00 -32.72 11.49
CA ILE S 369 -97.52 -33.02 12.82
C ILE S 369 -96.60 -33.95 13.63
N GLU S 370 -96.80 -33.95 14.94
CA GLU S 370 -95.97 -34.60 15.98
C GLU S 370 -96.75 -35.73 16.69
N ILE S 371 -96.23 -36.95 16.73
CA ILE S 371 -96.94 -38.16 17.19
C ILE S 371 -95.99 -39.12 17.90
N LYS S 372 -96.49 -39.97 18.80
CA LYS S 372 -95.68 -40.86 19.66
C LYS S 372 -96.26 -42.26 19.77
N LEU S 373 -95.42 -43.30 19.76
CA LEU S 373 -95.82 -44.66 20.10
C LEU S 373 -95.86 -44.82 21.62
N GLN S 374 -96.95 -45.38 22.14
CA GLN S 374 -96.99 -45.96 23.47
C GLN S 374 -97.40 -47.44 23.40
N VAL S 375 -96.84 -48.27 24.29
CA VAL S 375 -97.31 -49.63 24.52
C VAL S 375 -97.52 -49.82 26.01
N TYR S 376 -98.64 -50.41 26.42
CA TYR S 376 -98.89 -50.62 27.83
C TYR S 376 -97.89 -51.65 28.33
N ASP S 377 -97.13 -51.33 29.36
CA ASP S 377 -96.10 -52.26 29.85
C ASP S 377 -96.76 -53.43 30.57
N PHE S 378 -96.77 -54.61 29.95
CA PHE S 378 -97.17 -55.86 30.60
C PHE S 378 -95.96 -56.49 31.32
N SER S 379 -95.51 -55.74 32.31
CA SER S 379 -94.80 -56.20 33.51
C SER S 379 -95.13 -55.33 34.72
N ILE S 380 -95.35 -54.01 34.54
CA ILE S 380 -95.69 -53.07 35.63
C ILE S 380 -96.97 -52.25 35.42
N ASN S 381 -97.64 -52.39 34.27
CA ASN S 381 -98.88 -51.68 33.90
C ASN S 381 -98.70 -50.14 33.84
N ARG S 382 -97.71 -49.64 33.08
CA ARG S 382 -97.49 -48.20 32.78
C ARG S 382 -97.35 -47.97 31.28
N TRP S 383 -97.78 -46.82 30.76
CA TRP S 383 -97.64 -46.54 29.32
C TRP S 383 -96.20 -46.26 28.93
N LEU S 384 -95.60 -47.20 28.18
CA LEU S 384 -94.22 -47.15 27.73
C LEU S 384 -94.11 -46.36 26.41
N THR S 385 -93.61 -45.12 26.45
CA THR S 385 -93.28 -44.34 25.23
C THR S 385 -91.83 -44.58 24.81
N VAL S 386 -91.60 -45.37 23.76
CA VAL S 386 -90.24 -45.76 23.31
C VAL S 386 -90.01 -45.62 21.80
N SER S 387 -90.93 -45.00 21.06
CA SER S 387 -90.61 -44.39 19.75
C SER S 387 -91.49 -43.15 19.48
N ILE S 388 -90.97 -42.17 18.73
CA ILE S 388 -91.59 -40.87 18.49
C ILE S 388 -91.38 -40.46 17.02
N ASN S 389 -92.39 -39.83 16.42
CA ASN S 389 -92.51 -39.64 14.98
C ASN S 389 -93.08 -38.26 14.61
N ASN S 390 -92.82 -37.83 13.38
CA ASN S 390 -93.41 -36.65 12.73
C ASN S 390 -93.76 -36.97 11.27
N LEU S 391 -94.73 -36.29 10.69
CA LEU S 391 -95.44 -36.78 9.49
C LEU S 391 -95.86 -35.63 8.55
N SER S 392 -96.17 -35.95 7.29
CA SER S 392 -96.91 -35.09 6.36
C SER S 392 -97.83 -35.95 5.47
N PHE S 393 -98.26 -35.45 4.30
CA PHE S 393 -99.02 -36.24 3.34
C PHE S 393 -98.30 -37.52 2.88
N TYR S 394 -96.98 -37.65 3.08
CA TYR S 394 -96.27 -38.87 2.69
C TYR S 394 -96.61 -40.06 3.59
N GLU S 395 -96.73 -41.22 2.95
CA GLU S 395 -96.77 -42.52 3.63
C GLU S 395 -95.57 -42.62 4.58
N LYS S 396 -95.81 -43.12 5.79
CA LYS S 396 -94.80 -43.34 6.82
C LYS S 396 -95.13 -44.56 7.66
N ASN S 397 -94.14 -45.42 7.88
CA ASN S 397 -94.22 -46.37 8.99
C ASN S 397 -94.20 -45.59 10.30
N ILE S 398 -95.13 -45.82 11.22
CA ILE S 398 -94.96 -45.42 12.63
C ILE S 398 -94.87 -46.62 13.60
N GLY S 399 -94.86 -47.83 13.04
CA GLY S 399 -94.32 -49.00 13.72
C GLY S 399 -92.80 -48.95 13.88
N SER S 400 -92.25 -49.93 14.57
CA SER S 400 -90.83 -50.07 14.86
C SER S 400 -90.52 -51.49 15.33
N ASN S 401 -89.24 -51.84 15.39
CA ASN S 401 -88.78 -52.84 16.33
C ASN S 401 -89.21 -52.44 17.75
N ILE S 402 -89.80 -53.38 18.48
CA ILE S 402 -90.11 -53.28 19.92
C ILE S 402 -89.48 -54.43 20.71
N GLY S 403 -88.77 -55.32 20.02
CA GLY S 403 -87.83 -56.23 20.60
C GLY S 403 -88.46 -57.43 21.28
N TYR S 404 -87.80 -57.98 22.29
CA TYR S 404 -88.38 -59.00 23.16
C TYR S 404 -89.72 -58.51 23.75
N ILE S 405 -90.81 -59.25 23.50
CA ILE S 405 -92.19 -58.90 23.89
C ILE S 405 -92.63 -59.42 25.27
N LYS S 406 -91.70 -59.95 26.08
CA LYS S 406 -91.89 -60.39 27.48
C LYS S 406 -92.48 -59.30 28.38
N ASP S 407 -92.22 -58.05 28.00
CA ASP S 407 -92.68 -56.80 28.62
C ASP S 407 -94.04 -56.32 28.10
N TYR S 408 -94.65 -57.01 27.12
CA TYR S 408 -95.90 -56.60 26.45
C TYR S 408 -96.95 -57.73 26.26
N LEU S 409 -96.56 -59.01 26.25
CA LEU S 409 -97.55 -60.10 26.36
C LEU S 409 -98.16 -60.11 27.75
N ASN S 410 -99.44 -59.78 27.86
CA ASN S 410 -100.18 -60.00 29.10
C ASN S 410 -100.43 -61.51 29.30
N SER S 411 -100.89 -61.98 30.46
CA SER S 411 -101.03 -63.44 30.66
C SER S 411 -102.22 -64.04 29.89
N GLU S 412 -103.18 -63.24 29.41
CA GLU S 412 -104.16 -63.69 28.39
C GLU S 412 -103.50 -63.91 27.01
N LEU S 413 -102.24 -63.49 26.85
CA LEU S 413 -101.45 -63.30 25.63
C LEU S 413 -101.92 -62.13 24.74
N ASN S 414 -102.81 -61.29 25.26
CA ASN S 414 -103.22 -60.01 24.69
C ASN S 414 -102.16 -58.90 24.88
N MET S 415 -102.07 -57.97 23.93
CA MET S 415 -101.29 -56.71 24.04
C MET S 415 -102.07 -55.50 23.52
N PHE S 416 -102.06 -54.36 24.24
CA PHE S 416 -102.66 -53.08 23.82
C PHE S 416 -101.61 -51.99 23.59
N THR S 417 -101.57 -51.39 22.39
CA THR S 417 -100.83 -50.13 22.17
C THR S 417 -101.73 -48.92 22.41
N ARG S 418 -101.12 -47.72 22.43
CA ARG S 418 -101.80 -46.50 22.02
C ARG S 418 -100.86 -45.49 21.36
N LEU S 419 -101.34 -44.79 20.34
CA LEU S 419 -100.55 -43.90 19.51
C LEU S 419 -101.06 -42.47 19.67
N GLU S 420 -100.18 -41.52 19.92
CA GLU S 420 -100.53 -40.12 20.10
C GLU S 420 -100.84 -39.42 18.77
N ILE S 421 -102.07 -39.53 18.30
CA ILE S 421 -102.60 -38.87 17.11
C ILE S 421 -102.52 -37.34 17.24
N ASN S 422 -102.22 -36.64 16.14
CA ASN S 422 -102.08 -35.19 16.15
C ASN S 422 -102.45 -34.53 14.80
N ALA S 423 -102.76 -33.23 14.86
CA ALA S 423 -103.36 -32.43 13.78
C ALA S 423 -102.89 -30.95 13.77
N GLY S 424 -102.13 -30.52 14.78
CA GLY S 424 -101.90 -29.11 15.09
C GLY S 424 -103.05 -28.46 15.84
N LYS S 425 -102.99 -27.13 16.01
CA LYS S 425 -104.01 -26.30 16.69
C LYS S 425 -105.29 -26.14 15.82
N ARG S 426 -105.99 -27.24 15.60
CA ARG S 426 -107.19 -27.38 14.76
C ARG S 426 -108.28 -28.20 15.48
N ASP S 427 -109.52 -28.11 15.01
CA ASP S 427 -110.71 -28.48 15.80
C ASP S 427 -111.19 -29.94 15.60
N SER S 428 -110.83 -30.62 14.51
CA SER S 428 -110.97 -32.08 14.33
C SER S 428 -110.00 -32.61 13.26
N VAL S 429 -109.84 -33.94 13.11
CA VAL S 429 -108.77 -34.52 12.28
C VAL S 429 -109.18 -35.82 11.57
N ASP S 430 -108.47 -36.12 10.48
CA ASP S 430 -108.58 -37.32 9.65
C ASP S 430 -107.19 -37.88 9.30
N ILE S 431 -107.07 -39.22 9.18
CA ILE S 431 -105.79 -39.94 9.00
C ILE S 431 -105.94 -41.09 7.98
N LYS S 432 -104.89 -41.33 7.18
CA LYS S 432 -104.82 -42.33 6.09
C LYS S 432 -103.97 -43.52 6.53
N VAL S 433 -104.39 -44.78 6.28
CA VAL S 433 -103.69 -46.00 6.74
C VAL S 433 -103.62 -47.09 5.66
N ASN S 434 -102.48 -47.80 5.54
CA ASN S 434 -102.20 -48.72 4.44
C ASN S 434 -101.88 -50.16 4.87
N TYR S 435 -101.54 -50.38 6.14
CA TYR S 435 -100.88 -51.62 6.56
C TYR S 435 -101.15 -51.95 8.03
N LEU S 436 -100.98 -53.22 8.40
CA LEU S 436 -101.22 -53.74 9.74
C LEU S 436 -100.48 -55.08 9.94
N ASP S 437 -99.33 -55.09 10.64
CA ASP S 437 -98.48 -56.29 10.68
C ASP S 437 -97.64 -56.38 11.97
N LEU S 438 -97.79 -57.48 12.70
CA LEU S 438 -96.98 -57.85 13.86
C LEU S 438 -95.99 -58.91 13.40
N MET S 439 -94.70 -58.67 13.57
CA MET S 439 -93.69 -59.22 12.67
C MET S 439 -92.46 -59.72 13.43
N PHE S 440 -92.23 -61.03 13.44
CA PHE S 440 -90.99 -61.65 13.94
C PHE S 440 -90.54 -62.83 13.07
N TYR S 441 -89.31 -63.32 13.24
CA TYR S 441 -88.71 -64.45 12.52
C TYR S 441 -88.54 -65.68 13.42
N TYR S 442 -88.98 -66.86 12.99
CA TYR S 442 -88.33 -68.12 13.41
C TYR S 442 -88.52 -69.20 12.35
N TYR S 443 -87.58 -70.13 12.15
CA TYR S 443 -87.49 -70.97 10.94
C TYR S 443 -87.08 -72.41 11.26
N LYS T 2 16.25 -43.13 -74.95
CA LYS T 2 14.98 -42.38 -74.76
C LYS T 2 14.61 -41.59 -76.02
N THR T 3 15.54 -40.76 -76.50
CA THR T 3 15.32 -39.93 -77.68
C THR T 3 16.46 -40.16 -78.68
N ARG T 4 16.04 -40.31 -79.92
CA ARG T 4 16.91 -40.40 -81.08
C ARG T 4 17.30 -38.99 -81.52
N LYS T 5 18.24 -38.94 -82.46
CA LYS T 5 18.89 -37.73 -82.98
C LYS T 5 19.04 -37.85 -84.50
N LEU T 6 19.40 -36.74 -85.12
CA LEU T 6 19.39 -36.58 -86.58
C LEU T 6 20.04 -37.77 -87.28
N THR T 7 21.34 -37.96 -87.10
CA THR T 7 22.07 -38.97 -87.87
C THR T 7 21.58 -40.35 -87.52
N ASN T 8 21.14 -40.53 -86.27
CA ASN T 8 20.65 -41.80 -85.77
C ASN T 8 19.50 -42.33 -86.64
N ILE T 9 18.58 -41.42 -86.97
CA ILE T 9 17.37 -41.72 -87.72
C ILE T 9 17.67 -41.77 -89.21
N LEU T 10 18.41 -40.77 -89.69
CA LEU T 10 18.76 -40.70 -91.11
C LEU T 10 19.51 -41.95 -91.58
N SER T 11 20.40 -42.45 -90.73
CA SER T 11 21.19 -43.64 -91.05
C SER T 11 20.34 -44.91 -91.06
N LYS T 12 19.48 -45.11 -90.05
CA LYS T 12 18.45 -46.15 -90.09
C LYS T 12 17.70 -46.13 -91.42
N LEU T 13 17.34 -44.94 -91.86
CA LEU T 13 16.38 -44.79 -92.94
C LEU T 13 17.06 -45.14 -94.26
N ILE T 14 18.32 -44.72 -94.41
CA ILE T 14 19.07 -45.07 -95.61
C ILE T 14 19.33 -46.58 -95.63
N ASP T 15 19.65 -47.18 -94.48
CA ASP T 15 19.89 -48.62 -94.46
C ASP T 15 18.66 -49.40 -94.87
N LYS T 16 17.50 -49.04 -94.33
CA LYS T 16 16.27 -49.72 -94.71
C LYS T 16 15.94 -49.50 -96.19
N THR T 17 16.17 -48.28 -96.69
CA THR T 17 15.94 -48.01 -98.11
C THR T 17 16.80 -48.92 -98.98
N MET T 18 18.09 -49.03 -98.65
CA MET T 18 18.98 -49.90 -99.42
C MET T 18 18.55 -51.36 -99.32
N ALA T 19 18.13 -51.79 -98.13
CA ALA T 19 17.82 -53.20 -97.93
C ALA T 19 16.54 -53.59 -98.65
N GLY T 20 15.55 -52.72 -98.64
CA GLY T 20 14.26 -53.07 -99.23
C GLY T 20 14.31 -53.19 -100.74
N THR T 21 15.03 -52.29 -101.42
CA THR T 21 15.03 -52.23 -102.87
C THR T 21 16.46 -52.13 -103.41
N SER T 22 16.67 -52.70 -104.59
CA SER T 22 17.92 -52.61 -105.32
C SER T 22 17.91 -51.50 -106.37
N LYS T 23 16.81 -50.77 -106.52
CA LYS T 23 16.64 -49.77 -107.57
C LYS T 23 17.32 -48.44 -107.25
N ILE T 24 17.73 -48.22 -106.01
CA ILE T 24 18.38 -46.98 -105.57
C ILE T 24 19.74 -47.34 -105.01
N THR T 25 20.77 -46.62 -105.47
CA THR T 25 22.14 -46.80 -104.97
C THR T 25 22.86 -45.48 -104.75
N ASP T 26 22.29 -44.36 -105.18
CA ASP T 26 22.90 -43.04 -105.04
C ASP T 26 22.30 -42.32 -103.83
N PHE T 27 23.17 -41.82 -102.95
CA PHE T 27 22.78 -41.05 -101.78
C PHE T 27 23.70 -39.84 -101.61
N THR T 28 24.03 -39.20 -102.72
CA THR T 28 24.83 -37.97 -102.75
C THR T 28 24.03 -36.77 -102.25
N PRO T 29 24.69 -35.65 -101.94
CA PRO T 29 23.94 -34.41 -101.70
C PRO T 29 23.10 -34.08 -102.93
N GLY T 30 21.93 -33.50 -102.77
CA GLY T 30 21.08 -33.13 -103.91
C GLY T 30 20.25 -34.27 -104.51
N SER T 31 20.41 -35.51 -104.04
CA SER T 31 19.43 -36.57 -104.32
C SER T 31 18.03 -36.24 -103.77
N ALA T 32 16.96 -36.40 -104.56
CA ALA T 32 15.60 -36.23 -104.05
C ALA T 32 15.30 -37.22 -102.94
N SER T 33 15.87 -38.43 -103.02
CA SER T 33 15.61 -39.40 -101.96
C SER T 33 16.30 -38.99 -100.66
N ARG T 34 17.58 -38.62 -100.73
CA ARG T 34 18.28 -38.20 -99.51
C ARG T 34 17.65 -36.93 -98.95
N SER T 35 17.21 -36.04 -99.83
CA SER T 35 16.49 -34.85 -99.39
C SER T 35 15.22 -35.20 -98.64
N LEU T 36 14.40 -36.08 -99.24
CA LEU T 36 13.16 -36.51 -98.59
C LEU T 36 13.46 -37.13 -97.24
N LEU T 37 14.49 -37.99 -97.20
CA LEU T 37 14.86 -38.68 -95.98
C LEU T 37 15.30 -37.72 -94.89
N GLU T 38 16.07 -36.70 -95.29
CA GLU T 38 16.53 -35.69 -94.37
C GLU T 38 15.37 -34.88 -93.81
N ALA T 39 14.42 -34.48 -94.67
CA ALA T 39 13.25 -33.78 -94.17
C ALA T 39 12.45 -34.66 -93.22
N VAL T 40 12.37 -35.98 -93.51
CA VAL T 40 11.61 -36.86 -92.62
C VAL T 40 12.29 -36.94 -91.25
N SER T 41 13.57 -37.29 -91.26
CA SER T 41 14.39 -37.34 -90.05
C SER T 41 14.29 -36.07 -89.21
N LEU T 42 14.39 -34.91 -89.85
CA LEU T 42 14.36 -33.64 -89.12
C LEU T 42 12.98 -33.40 -88.50
N GLU T 43 11.92 -33.74 -89.24
CA GLU T 43 10.58 -33.69 -88.68
C GLU T 43 10.44 -34.60 -87.45
N ILE T 44 11.00 -35.81 -87.55
CA ILE T 44 10.86 -36.77 -86.47
C ILE T 44 11.65 -36.30 -85.25
N GLU T 45 12.81 -35.71 -85.47
CA GLU T 45 13.57 -35.13 -84.37
C GLU T 45 12.79 -34.03 -83.68
N GLN T 46 12.08 -33.21 -84.45
CA GLN T 46 11.22 -32.18 -83.85
C GLN T 46 10.14 -32.79 -82.97
N PHE T 47 9.49 -33.86 -83.44
CA PHE T 47 8.50 -34.55 -82.61
C PHE T 47 9.14 -35.14 -81.36
N TYR T 48 10.37 -35.65 -81.48
CA TYR T 48 11.04 -36.24 -80.32
C TYR T 48 11.35 -35.18 -79.26
N ILE T 49 11.81 -34.01 -79.70
CA ILE T 49 12.07 -32.92 -78.77
C ILE T 49 10.77 -32.37 -78.20
N LEU T 50 9.69 -32.38 -79.00
CA LEU T 50 8.41 -31.96 -78.47
C LEU T 50 7.96 -32.90 -77.35
N THR T 51 8.11 -34.21 -77.59
CA THR T 51 7.78 -35.20 -76.57
C THR T 51 8.64 -35.02 -75.32
N LYS T 52 9.94 -34.76 -75.52
CA LYS T 52 10.83 -34.58 -74.37
C LYS T 52 10.41 -33.37 -73.54
N GLU T 53 10.15 -32.25 -74.19
CA GLU T 53 9.73 -31.05 -73.47
C GLU T 53 8.40 -31.26 -72.76
N ASN T 54 7.48 -32.00 -73.39
CA ASN T 54 6.16 -32.18 -72.79
C ASN T 54 6.25 -33.10 -71.58
N ILE T 55 7.15 -34.08 -71.64
CA ILE T 55 7.37 -34.98 -70.51
C ILE T 55 8.06 -34.22 -69.39
N ASP T 56 8.99 -33.32 -69.75
CA ASP T 56 9.64 -32.49 -68.74
C ASP T 56 8.62 -31.64 -68.00
N TRP T 57 7.69 -31.04 -68.74
CA TRP T 57 6.65 -30.22 -68.13
C TRP T 57 5.76 -31.06 -67.23
N GLY T 58 5.43 -32.27 -67.69
CA GLY T 58 4.62 -33.16 -66.87
C GLY T 58 5.32 -33.53 -65.57
N ILE T 59 6.63 -33.78 -65.65
CA ILE T 59 7.39 -34.09 -64.44
C ILE T 59 7.39 -32.89 -63.50
N GLN T 60 7.50 -31.69 -64.06
CA GLN T 60 7.62 -30.49 -63.23
C GLN T 60 6.30 -30.15 -62.54
N GLU T 61 5.17 -30.27 -63.27
CA GLU T 61 3.90 -29.71 -62.80
C GLU T 61 2.74 -30.69 -62.81
N GLY T 62 2.70 -31.65 -63.75
CA GLY T 62 1.49 -32.42 -63.96
C GLY T 62 1.13 -33.30 -62.76
N ILE T 63 2.13 -33.93 -62.14
CA ILE T 63 1.84 -34.92 -61.12
C ILE T 63 1.24 -34.28 -59.87
N ILE T 64 1.60 -33.02 -59.58
CA ILE T 64 1.13 -32.35 -58.37
C ILE T 64 -0.10 -31.50 -58.65
N GLU T 65 -0.34 -31.14 -59.92
CA GLU T 65 -1.44 -30.22 -60.21
C GLU T 65 -2.80 -30.86 -60.00
N ALA T 66 -2.86 -32.19 -59.87
CA ALA T 66 -4.11 -32.90 -59.73
C ALA T 66 -4.78 -32.62 -58.39
N PHE T 67 -4.03 -32.09 -57.42
CA PHE T 67 -4.54 -31.77 -56.10
C PHE T 67 -5.04 -30.34 -56.01
N ASP T 68 -5.41 -29.72 -57.15
CA ASP T 68 -5.96 -28.38 -57.25
C ASP T 68 -4.92 -27.27 -57.03
N PHE T 69 -3.64 -27.60 -56.86
CA PHE T 69 -2.61 -26.60 -56.61
C PHE T 69 -2.01 -26.21 -57.96
N GLN T 70 -2.14 -24.93 -58.30
CA GLN T 70 -1.70 -24.37 -59.57
C GLN T 70 -0.42 -23.58 -59.39
N LYS T 71 0.48 -23.68 -60.36
CA LYS T 71 1.74 -22.94 -60.34
C LYS T 71 1.61 -21.59 -61.02
N ARG T 72 2.30 -20.60 -60.46
CA ARG T 72 2.29 -19.24 -60.97
C ARG T 72 3.30 -19.12 -62.11
N GLN T 73 2.84 -18.63 -63.27
CA GLN T 73 3.65 -18.58 -64.48
C GLN T 73 3.78 -17.14 -64.92
N SER T 74 5.00 -16.70 -65.23
CA SER T 74 5.21 -15.31 -65.57
C SER T 74 4.56 -15.00 -66.92
N LYS T 75 3.75 -13.94 -66.96
CA LYS T 75 3.04 -13.57 -68.17
C LYS T 75 2.96 -12.06 -68.33
N ARG T 76 2.74 -11.62 -69.56
CA ARG T 76 2.62 -10.20 -69.81
C ARG T 76 1.33 -9.67 -69.22
N ALA T 77 1.40 -8.54 -68.52
CA ALA T 77 0.20 -7.85 -68.07
C ALA T 77 -0.66 -7.46 -69.27
N TYR T 78 -1.98 -7.58 -69.10
CA TYR T 78 -2.90 -7.32 -70.20
C TYR T 78 -4.25 -6.88 -69.68
N GLY T 79 -4.96 -6.12 -70.51
CA GLY T 79 -6.33 -5.80 -70.20
C GLY T 79 -6.95 -4.95 -71.27
N ASP T 80 -8.22 -4.61 -71.07
CA ASP T 80 -9.00 -3.92 -72.08
C ASP T 80 -8.77 -2.41 -72.00
N VAL T 81 -8.63 -1.78 -73.18
CA VAL T 81 -8.40 -0.35 -73.30
C VAL T 81 -9.45 0.21 -74.25
N THR T 82 -10.06 1.34 -73.87
CA THR T 82 -11.12 1.99 -74.64
C THR T 82 -10.56 3.25 -75.30
N ILE T 83 -10.86 3.42 -76.58
CA ILE T 83 -10.43 4.58 -77.35
C ILE T 83 -11.68 5.35 -77.77
N GLN T 84 -11.64 6.67 -77.57
CA GLN T 84 -12.71 7.57 -77.96
C GLN T 84 -12.22 8.46 -79.10
N PHE T 85 -13.13 8.71 -80.05
CA PHE T 85 -12.88 9.54 -81.22
C PHE T 85 -13.53 10.91 -81.04
N TYR T 86 -12.99 11.91 -81.74
CA TYR T 86 -13.58 13.24 -81.75
C TYR T 86 -14.99 13.22 -82.31
N GLN T 87 -15.18 12.51 -83.42
CA GLN T 87 -16.40 12.46 -84.18
C GLN T 87 -16.61 11.04 -84.69
N PRO T 88 -17.80 10.69 -85.17
CA PRO T 88 -18.01 9.34 -85.68
C PRO T 88 -17.26 9.09 -86.97
N LEU T 89 -16.66 7.91 -87.06
CA LEU T 89 -15.82 7.55 -88.19
C LEU T 89 -16.61 7.57 -89.49
N ASP T 90 -15.91 7.85 -90.58
CA ASP T 90 -16.46 7.87 -91.92
C ASP T 90 -15.86 6.79 -92.81
N MET T 91 -14.64 6.35 -92.52
CA MET T 91 -13.96 5.31 -93.27
C MET T 91 -13.33 4.32 -92.30
N ARG T 92 -13.15 3.09 -92.77
CA ARG T 92 -12.57 2.05 -91.92
C ARG T 92 -11.12 2.40 -91.59
N MET T 93 -10.84 2.46 -90.30
CA MET T 93 -9.55 2.92 -89.79
C MET T 93 -8.68 1.72 -89.50
N TYR T 94 -7.36 1.92 -89.63
CA TYR T 94 -6.41 0.83 -89.47
C TYR T 94 -5.43 1.10 -88.33
N ILE T 95 -5.30 0.09 -87.47
CA ILE T 95 -4.53 0.09 -86.23
C ILE T 95 -3.60 -1.12 -86.28
N PRO T 96 -2.33 -0.99 -86.69
CA PRO T 96 -1.46 -2.17 -86.77
C PRO T 96 -1.08 -2.72 -85.40
N ALA T 97 -0.74 -4.01 -85.38
CA ALA T 97 -0.04 -4.59 -84.25
C ALA T 97 1.27 -3.85 -84.01
N GLY T 98 1.69 -3.81 -82.76
CA GLY T 98 2.81 -3.00 -82.37
C GLY T 98 2.50 -1.54 -82.16
N THR T 99 1.23 -1.14 -82.35
CA THR T 99 0.82 0.20 -81.95
C THR T 99 1.09 0.37 -80.46
N THR T 100 1.84 1.41 -80.14
CA THR T 100 2.57 1.52 -78.89
C THR T 100 1.92 2.58 -77.99
N PHE T 101 2.02 2.36 -76.68
CA PHE T 101 1.30 3.11 -75.66
C PHE T 101 2.22 3.55 -74.53
N THR T 102 2.05 4.80 -74.08
CA THR T 102 2.90 5.41 -73.06
C THR T 102 2.07 6.24 -72.09
N SER T 103 2.53 6.33 -70.83
CA SER T 103 1.79 7.03 -69.78
C SER T 103 2.38 8.41 -69.54
N THR T 104 1.54 9.43 -69.64
CA THR T 104 1.98 10.81 -69.42
C THR T 104 2.21 11.13 -67.95
N ARG T 105 1.72 10.29 -67.04
CA ARG T 105 1.93 10.52 -65.62
C ARG T 105 3.40 10.37 -65.28
N GLN T 106 3.94 11.28 -64.46
CA GLN T 106 5.37 11.23 -64.24
C GLN T 106 5.78 10.08 -63.34
N GLU T 107 4.86 9.53 -62.56
CA GLU T 107 5.17 8.45 -61.63
C GLU T 107 5.06 7.07 -62.25
N TYR T 108 4.61 6.98 -63.50
CA TYR T 108 4.35 5.70 -64.17
C TYR T 108 5.06 5.66 -65.52
N PRO T 109 6.29 5.15 -65.55
CA PRO T 109 7.00 4.97 -66.82
C PRO T 109 6.62 3.71 -67.59
N GLN T 110 5.51 3.07 -67.26
CA GLN T 110 5.14 1.84 -67.91
C GLN T 110 4.76 2.08 -69.37
N GLN T 111 4.89 1.04 -70.20
CA GLN T 111 4.51 1.12 -71.60
C GLN T 111 3.82 -0.17 -72.03
N PHE T 112 2.89 -0.04 -72.99
CA PHE T 112 2.18 -1.20 -73.51
C PHE T 112 2.21 -1.19 -75.03
N GLU T 113 1.88 -2.33 -75.63
CA GLU T 113 1.73 -2.43 -77.07
C GLU T 113 0.69 -3.50 -77.40
N THR T 114 0.18 -3.43 -78.63
CA THR T 114 -0.77 -4.42 -79.14
C THR T 114 -0.07 -5.58 -79.86
N LEU T 115 -0.59 -6.80 -79.65
CA LEU T 115 -0.03 -7.99 -80.29
C LEU T 115 -0.59 -8.26 -81.68
N VAL T 116 -1.88 -7.99 -81.92
CA VAL T 116 -2.53 -8.37 -83.15
C VAL T 116 -3.18 -7.12 -83.78
N ASP T 117 -3.44 -7.20 -85.07
CA ASP T 117 -4.06 -6.09 -85.79
C ASP T 117 -5.53 -5.95 -85.41
N TYR T 118 -5.97 -4.70 -85.23
CA TYR T 118 -7.38 -4.38 -85.05
C TYR T 118 -7.82 -3.30 -86.04
N TYR T 119 -9.11 -3.32 -86.35
CA TYR T 119 -9.73 -2.39 -87.29
C TYR T 119 -10.98 -1.79 -86.67
N ALA T 120 -11.23 -0.52 -86.99
CA ALA T 120 -12.44 0.19 -86.59
C ALA T 120 -13.37 0.39 -87.79
N GLU T 121 -14.60 -0.11 -87.67
CA GLU T 121 -15.53 -0.03 -88.79
C GLU T 121 -16.02 1.41 -88.97
N PRO T 122 -16.34 1.80 -90.22
CA PRO T 122 -16.81 3.18 -90.44
C PRO T 122 -18.00 3.58 -89.59
N ASP T 123 -18.90 2.65 -89.28
CA ASP T 123 -20.08 2.99 -88.50
C ASP T 123 -19.78 3.10 -87.02
N SER T 124 -18.74 2.41 -86.55
CA SER T 124 -18.42 2.42 -85.13
C SER T 124 -17.97 3.81 -84.69
N THR T 125 -18.07 4.05 -83.37
CA THR T 125 -17.60 5.30 -82.77
C THR T 125 -16.78 5.08 -81.51
N GLU T 126 -16.79 3.89 -80.91
CA GLU T 126 -16.02 3.59 -79.72
C GLU T 126 -15.54 2.15 -79.82
N ILE T 127 -14.23 1.95 -79.65
CA ILE T 127 -13.58 0.67 -79.88
C ILE T 127 -12.80 0.30 -78.64
N VAL T 128 -12.87 -0.98 -78.27
CA VAL T 128 -12.09 -1.54 -77.18
C VAL T 128 -11.03 -2.45 -77.80
N VAL T 129 -9.78 -2.20 -77.45
CA VAL T 129 -8.63 -2.95 -77.93
C VAL T 129 -7.79 -3.36 -76.72
N GLU T 130 -7.34 -4.60 -76.72
CA GLU T 130 -6.43 -5.12 -75.71
C GLU T 130 -5.01 -4.68 -76.00
N VAL T 131 -4.22 -4.54 -74.93
CA VAL T 131 -2.81 -4.17 -75.02
C VAL T 131 -2.02 -5.07 -74.06
N TYR T 132 -0.72 -5.20 -74.34
CA TYR T 132 0.18 -6.05 -73.58
C TYR T 132 1.43 -5.26 -73.21
N CYS T 133 1.83 -5.37 -71.94
CA CYS T 133 2.98 -4.64 -71.44
C CYS T 133 4.25 -5.06 -72.18
N LYS T 134 5.20 -4.13 -72.28
CA LYS T 134 6.51 -4.42 -72.86
C LYS T 134 7.47 -5.05 -71.86
N GLU T 135 7.06 -5.26 -70.61
CA GLU T 135 7.92 -5.85 -69.59
C GLU T 135 7.13 -6.89 -68.81
N THR T 136 7.82 -7.94 -68.38
CA THR T 136 7.22 -9.05 -67.66
C THR T 136 7.15 -8.74 -66.17
N GLY T 137 6.42 -9.59 -65.44
CA GLY T 137 6.26 -9.41 -64.01
C GLY T 137 5.22 -8.35 -63.66
N VAL T 138 5.34 -7.88 -62.42
CA VAL T 138 4.43 -6.89 -61.84
C VAL T 138 4.74 -5.48 -62.30
N ALA T 139 5.77 -5.29 -63.14
CA ALA T 139 6.07 -3.95 -63.61
C ALA T 139 4.95 -3.42 -64.49
N GLY T 140 4.36 -4.29 -65.31
CA GLY T 140 3.19 -3.93 -66.10
C GLY T 140 1.98 -3.42 -65.34
N ASN T 141 1.84 -3.79 -64.05
CA ASN T 141 0.64 -3.39 -63.33
C ASN T 141 0.53 -1.88 -63.25
N VAL T 142 -0.70 -1.37 -63.34
CA VAL T 142 -0.95 0.07 -63.37
C VAL T 142 -2.37 0.37 -62.88
N PRO T 143 -2.64 1.47 -62.18
CA PRO T 143 -4.03 1.79 -61.82
C PRO T 143 -4.82 2.34 -63.01
N GLU T 144 -6.13 2.44 -62.81
CA GLU T 144 -7.02 2.86 -63.88
C GLU T 144 -6.77 4.30 -64.30
N GLY T 145 -6.79 4.52 -65.62
CA GLY T 145 -6.58 5.80 -66.25
C GLY T 145 -5.16 6.29 -66.13
N THR T 146 -4.23 5.63 -66.82
CA THR T 146 -2.81 5.97 -66.69
C THR T 146 -2.14 6.16 -68.04
N ILE T 147 -2.67 5.54 -69.10
CA ILE T 147 -2.04 5.64 -70.41
C ILE T 147 -2.25 7.07 -70.95
N ASN T 148 -3.50 7.45 -71.25
CA ASN T 148 -3.87 8.79 -71.69
C ASN T 148 -3.30 9.20 -73.05
N THR T 149 -2.63 8.30 -73.77
CA THR T 149 -1.92 8.66 -74.99
C THR T 149 -1.78 7.44 -75.88
N ILE T 150 -1.66 7.71 -77.18
CA ILE T 150 -1.35 6.72 -78.22
C ILE T 150 -0.19 7.24 -79.07
N ALA T 151 0.74 6.35 -79.41
CA ALA T 151 1.91 6.67 -80.23
C ALA T 151 1.63 6.85 -81.73
N SER T 152 0.52 6.37 -82.28
CA SER T 152 0.34 6.43 -83.73
C SER T 152 -0.11 7.80 -84.24
N GLY T 153 -0.41 8.75 -83.36
CA GLY T 153 -0.71 10.11 -83.76
C GLY T 153 -1.87 10.36 -84.70
N SER T 154 -2.81 9.43 -84.87
CA SER T 154 -3.93 9.68 -85.78
C SER T 154 -4.92 10.62 -85.11
N SER T 155 -5.15 11.77 -85.74
CA SER T 155 -5.86 12.86 -85.07
C SER T 155 -7.33 12.56 -84.84
N LEU T 156 -7.87 11.45 -85.39
CA LEU T 156 -9.25 11.10 -85.09
C LEU T 156 -9.45 10.72 -83.62
N ILE T 157 -8.41 10.14 -83.00
CA ILE T 157 -8.54 9.63 -81.64
C ILE T 157 -8.57 10.81 -80.68
N ARG T 158 -9.54 10.81 -79.77
CA ARG T 158 -9.71 11.91 -78.81
C ARG T 158 -8.95 11.63 -77.51
N SER T 159 -9.27 10.52 -76.86
CA SER T 159 -8.62 10.12 -75.62
C SER T 159 -8.60 8.61 -75.53
N VAL T 160 -7.68 8.07 -74.73
CA VAL T 160 -7.54 6.63 -74.53
C VAL T 160 -7.36 6.38 -73.04
N ASN T 161 -7.92 5.28 -72.55
CA ASN T 161 -7.77 4.95 -71.14
C ASN T 161 -8.15 3.49 -70.90
N ASN T 162 -7.42 2.86 -70.00
CA ASN T 162 -7.69 1.49 -69.58
C ASN T 162 -8.77 1.48 -68.51
N GLU T 163 -9.87 0.77 -68.78
CA GLU T 163 -11.03 0.81 -67.88
C GLU T 163 -10.76 0.09 -66.56
N TYR T 164 -9.87 -0.89 -66.55
CA TYR T 164 -9.58 -1.72 -65.39
C TYR T 164 -8.07 -1.85 -65.21
N SER T 165 -7.65 -1.96 -63.95
CA SER T 165 -6.23 -2.07 -63.68
C SER T 165 -5.71 -3.43 -64.12
N PHE T 166 -4.46 -3.45 -64.57
CA PHE T 166 -3.78 -4.68 -64.97
C PHE T 166 -3.21 -5.34 -63.72
N ASN T 167 -3.53 -6.62 -63.52
CA ASN T 167 -3.04 -7.37 -62.37
C ASN T 167 -2.58 -8.77 -62.75
N THR T 168 -2.39 -9.07 -64.02
CA THR T 168 -2.05 -10.40 -64.49
C THR T 168 -0.54 -10.61 -64.65
N GLY T 169 0.27 -9.60 -64.30
CA GLY T 169 1.70 -9.73 -64.39
C GLY T 169 2.32 -10.51 -63.24
N THR T 170 2.05 -11.81 -63.21
CA THR T 170 2.46 -12.64 -62.08
C THR T 170 3.98 -12.73 -62.01
N LYS T 171 4.49 -12.84 -60.78
CA LYS T 171 5.92 -12.98 -60.58
C LYS T 171 6.38 -14.41 -60.87
N GLU T 172 7.71 -14.57 -60.92
CA GLU T 172 8.35 -15.86 -61.17
C GLU T 172 8.70 -16.53 -59.84
N GLU T 173 8.14 -17.71 -59.60
CA GLU T 173 8.38 -18.46 -58.37
C GLU T 173 8.96 -19.83 -58.75
N SER T 174 10.11 -20.15 -58.18
CA SER T 174 10.73 -21.45 -58.44
C SER T 174 9.90 -22.57 -57.82
N GLN T 175 10.07 -23.78 -58.35
CA GLN T 175 9.30 -24.92 -57.84
C GLN T 175 9.73 -25.36 -56.44
N GLU T 176 10.84 -24.85 -55.91
CA GLU T 176 11.27 -25.21 -54.57
C GLU T 176 10.22 -24.84 -53.54
N ASP T 177 9.71 -23.60 -53.60
CA ASP T 177 8.69 -23.19 -52.64
C ASP T 177 7.41 -24.00 -52.80
N PHE T 178 6.99 -24.25 -54.04
CA PHE T 178 5.83 -25.12 -54.29
C PHE T 178 6.01 -26.49 -53.65
N LYS T 179 7.16 -27.11 -53.89
CA LYS T 179 7.43 -28.43 -53.34
C LYS T 179 7.44 -28.39 -51.81
N ARG T 180 8.03 -27.34 -51.24
CA ARG T 180 8.08 -27.20 -49.80
C ARG T 180 6.67 -27.13 -49.23
N ARG T 181 5.83 -26.26 -49.80
CA ARG T 181 4.47 -26.08 -49.28
C ARG T 181 3.64 -27.36 -49.44
N PHE T 182 3.80 -28.06 -50.57
CA PHE T 182 3.11 -29.34 -50.77
C PHE T 182 3.54 -30.36 -49.72
N HIS T 183 4.84 -30.45 -49.45
CA HIS T 183 5.33 -31.39 -48.46
C HIS T 183 4.83 -31.02 -47.07
N SER T 184 4.76 -29.73 -46.77
CA SER T 184 4.23 -29.29 -45.48
C SER T 184 2.75 -29.66 -45.33
N PHE T 185 1.99 -29.48 -46.41
CA PHE T 185 0.58 -29.89 -46.40
C PHE T 185 0.46 -31.39 -46.21
N VAL T 186 1.36 -32.16 -46.82
CA VAL T 186 1.26 -33.62 -46.75
C VAL T 186 1.65 -34.10 -45.36
N GLU T 187 2.60 -33.42 -44.71
CA GLU T 187 3.03 -33.82 -43.37
C GLU T 187 2.02 -33.41 -42.32
N SER T 188 1.25 -32.35 -42.55
CA SER T 188 0.26 -31.91 -41.59
C SER T 188 -0.94 -32.85 -41.47
N ARG T 189 -1.11 -33.80 -42.40
CA ARG T 189 -2.23 -34.74 -42.33
C ARG T 189 -1.93 -35.95 -41.46
N GLY T 190 -0.72 -36.09 -40.95
CA GLY T 190 -0.42 -37.21 -40.08
C GLY T 190 -1.23 -37.16 -38.80
N ARG T 191 -1.59 -38.35 -38.32
CA ARG T 191 -2.42 -38.50 -37.13
C ARG T 191 -1.71 -39.42 -36.15
N ALA T 192 -1.97 -39.22 -34.86
CA ALA T 192 -1.35 -40.03 -33.81
C ALA T 192 0.18 -40.01 -33.91
N THR T 193 0.72 -38.81 -33.79
CA THR T 193 2.16 -38.60 -33.77
C THR T 193 2.47 -37.43 -32.84
N ASN T 194 3.65 -37.48 -32.22
CA ASN T 194 4.07 -36.40 -31.32
C ASN T 194 4.13 -35.06 -32.05
N LYS T 195 4.78 -35.03 -33.21
CA LYS T 195 4.98 -33.76 -33.90
C LYS T 195 3.65 -33.24 -34.45
N SER T 196 2.79 -34.14 -34.92
CA SER T 196 1.50 -33.73 -35.44
C SER T 196 0.59 -33.19 -34.32
N VAL T 197 0.56 -33.89 -33.18
CA VAL T 197 -0.17 -33.39 -32.03
C VAL T 197 0.34 -32.01 -31.61
N ARG T 198 1.66 -31.84 -31.54
CA ARG T 198 2.23 -30.54 -31.19
C ARG T 198 1.79 -29.47 -32.18
N TYR T 199 1.84 -29.79 -33.47
CA TYR T 199 1.41 -28.85 -34.52
C TYR T 199 -0.05 -28.49 -34.34
N GLY T 200 -0.89 -29.48 -34.01
CA GLY T 200 -2.30 -29.23 -33.86
C GLY T 200 -2.64 -28.37 -32.66
N ALA T 201 -1.79 -28.39 -31.63
CA ALA T 201 -2.01 -27.50 -30.50
C ALA T 201 -1.72 -26.04 -30.82
N LEU T 202 -1.10 -25.75 -31.98
CA LEU T 202 -0.74 -24.39 -32.31
C LEU T 202 -1.87 -23.58 -32.94
N GLN T 203 -2.98 -24.24 -33.29
CA GLN T 203 -4.08 -23.54 -33.95
C GLN T 203 -4.70 -22.46 -33.05
N ILE T 204 -4.78 -22.72 -31.76
CA ILE T 204 -5.32 -21.74 -30.84
C ILE T 204 -4.36 -20.56 -30.75
N PRO T 205 -4.81 -19.29 -30.85
CA PRO T 205 -3.82 -18.19 -30.82
C PRO T 205 -3.08 -18.07 -29.49
N ASP T 206 -3.70 -18.45 -28.37
CA ASP T 206 -3.07 -18.29 -27.07
C ASP T 206 -2.15 -19.43 -26.68
N VAL T 207 -2.09 -20.50 -27.49
CA VAL T 207 -1.22 -21.63 -27.21
C VAL T 207 0.09 -21.42 -27.95
N GLU T 208 1.15 -21.11 -27.20
CA GLU T 208 2.46 -20.78 -27.76
C GLU T 208 3.54 -21.74 -27.28
N GLY T 209 3.73 -21.88 -25.97
CA GLY T 209 4.80 -22.71 -25.43
C GLY T 209 4.39 -24.15 -25.18
N VAL T 210 4.18 -24.90 -26.26
CA VAL T 210 3.81 -26.31 -26.16
C VAL T 210 5.08 -27.12 -25.93
N TYR T 211 5.04 -27.99 -24.92
CA TYR T 211 6.13 -28.93 -24.64
C TYR T 211 5.58 -30.36 -24.60
N VAL T 212 6.29 -31.26 -25.27
CA VAL T 212 5.84 -32.64 -25.46
C VAL T 212 6.43 -33.51 -24.36
N TYR T 213 5.59 -34.33 -23.73
CA TYR T 213 6.00 -35.33 -22.75
C TYR T 213 5.24 -36.63 -23.01
N GLU T 214 5.90 -37.76 -22.75
CA GLU T 214 5.35 -39.08 -23.05
C GLU T 214 5.38 -39.98 -21.81
N GLU T 215 4.27 -40.69 -21.57
CA GLU T 215 4.16 -41.63 -20.46
C GLU T 215 3.03 -42.60 -20.77
N THR T 216 3.35 -43.91 -20.72
CA THR T 216 2.37 -44.93 -21.08
C THR T 216 1.19 -44.94 -20.11
N GLY T 217 1.45 -44.74 -18.81
CA GLY T 217 0.38 -44.74 -17.84
C GLY T 217 -0.60 -43.60 -18.04
N HIS T 218 -0.08 -42.40 -18.27
CA HIS T 218 -0.92 -41.22 -18.51
C HIS T 218 -0.10 -40.23 -19.31
N ILE T 219 -0.30 -40.21 -20.64
CA ILE T 219 0.39 -39.24 -21.47
C ILE T 219 -0.07 -37.83 -21.13
N THR T 220 0.83 -36.87 -21.24
CA THR T 220 0.52 -35.48 -20.92
C THR T 220 1.30 -34.56 -21.85
N VAL T 221 0.71 -33.41 -22.16
CA VAL T 221 1.35 -32.38 -22.97
C VAL T 221 1.02 -31.05 -22.33
N PHE T 222 2.04 -30.22 -22.17
CA PHE T 222 1.94 -28.97 -21.42
C PHE T 222 1.99 -27.78 -22.36
N ALA T 223 1.18 -26.76 -22.07
CA ALA T 223 1.15 -25.55 -22.87
C ALA T 223 0.65 -24.39 -22.03
N HIS T 224 1.08 -23.19 -22.40
CA HIS T 224 0.80 -21.98 -21.64
C HIS T 224 0.76 -20.80 -22.59
N ASP T 225 0.15 -19.71 -22.13
CA ASP T 225 0.04 -18.46 -22.89
C ASP T 225 0.96 -17.41 -22.30
N ARG T 226 1.12 -16.31 -23.05
CA ARG T 226 2.00 -15.23 -22.59
C ARG T 226 1.38 -14.44 -21.45
N ASN T 227 0.06 -14.29 -21.43
CA ASN T 227 -0.58 -13.48 -20.40
C ASN T 227 -0.34 -14.08 -19.02
N GLY T 228 -0.50 -15.39 -18.90
CA GLY T 228 -0.16 -16.07 -17.67
C GLY T 228 0.02 -17.54 -17.83
N ASN T 229 -0.33 -18.29 -16.78
CA ASN T 229 -0.05 -19.71 -16.79
C ASN T 229 -1.04 -20.42 -17.69
N LEU T 230 -2.27 -20.58 -17.23
CA LEU T 230 -3.33 -21.22 -18.00
C LEU T 230 -4.68 -20.83 -17.41
N SER T 231 -5.67 -20.70 -18.27
CA SER T 231 -7.06 -20.51 -17.84
C SER T 231 -7.87 -21.79 -18.03
N ASP T 232 -9.06 -21.79 -17.42
CA ASP T 232 -9.95 -22.94 -17.46
C ASP T 232 -10.63 -23.07 -18.82
N THR T 233 -11.12 -21.95 -19.36
CA THR T 233 -11.78 -21.99 -20.66
C THR T 233 -10.80 -22.37 -21.75
N LEU T 234 -9.60 -21.79 -21.72
CA LEU T 234 -8.57 -22.16 -22.69
C LEU T 234 -8.17 -23.61 -22.55
N LYS T 235 -8.07 -24.10 -21.30
CA LYS T 235 -7.68 -25.49 -21.10
C LYS T 235 -8.73 -26.43 -21.65
N GLU T 236 -10.02 -26.09 -21.45
CA GLU T 236 -11.08 -26.92 -22.00
C GLU T 236 -11.06 -26.86 -23.53
N ASP T 237 -10.78 -25.69 -24.09
CA ASP T 237 -10.71 -25.55 -25.55
C ASP T 237 -9.56 -26.35 -26.12
N ILE T 238 -8.44 -26.40 -25.41
CA ILE T 238 -7.28 -27.19 -25.81
C ILE T 238 -7.60 -28.67 -25.76
N ILE T 239 -8.27 -29.11 -24.69
CA ILE T 239 -8.65 -30.52 -24.59
C ILE T 239 -9.55 -30.89 -25.76
N ASP T 240 -10.56 -30.06 -26.03
CA ASP T 240 -11.54 -30.40 -27.07
C ASP T 240 -10.94 -30.30 -28.47
N ALA T 241 -10.04 -29.33 -28.70
CA ALA T 241 -9.45 -29.12 -30.02
C ALA T 241 -8.34 -30.11 -30.36
N LEU T 242 -7.65 -30.66 -29.35
CA LEU T 242 -6.56 -31.57 -29.64
C LEU T 242 -7.04 -32.95 -30.12
N GLN T 243 -8.31 -33.29 -29.86
CA GLN T 243 -8.82 -34.62 -30.26
C GLN T 243 -8.71 -34.88 -31.76
N ASP T 244 -8.56 -33.85 -32.59
CA ASP T 244 -8.47 -34.03 -34.03
C ASP T 244 -7.19 -34.76 -34.46
N TYR T 245 -6.16 -34.81 -33.61
CA TYR T 245 -4.89 -35.46 -33.94
C TYR T 245 -4.40 -36.33 -32.78
N ARG T 246 -5.23 -36.63 -31.79
CA ARG T 246 -4.79 -37.51 -30.72
C ARG T 246 -4.93 -38.96 -31.16
N PRO T 247 -4.21 -39.89 -30.53
CA PRO T 247 -4.48 -41.31 -30.81
C PRO T 247 -5.79 -41.78 -30.18
N SER T 248 -6.11 -43.06 -30.32
CA SER T 248 -7.38 -43.58 -29.84
C SER T 248 -7.43 -43.58 -28.32
N GLY T 249 -8.59 -43.27 -27.77
CA GLY T 249 -8.85 -43.32 -26.35
C GLY T 249 -8.80 -41.96 -25.65
N ILE T 250 -7.96 -41.03 -26.13
CA ILE T 250 -7.94 -39.66 -25.62
C ILE T 250 -7.64 -39.67 -24.13
N MET T 251 -6.47 -40.19 -23.75
CA MET T 251 -6.10 -40.31 -22.33
C MET T 251 -5.17 -39.15 -21.94
N LEU T 252 -5.72 -37.95 -22.13
CA LEU T 252 -5.00 -36.70 -21.93
C LEU T 252 -5.69 -35.87 -20.86
N ASP T 253 -4.89 -35.25 -19.99
CA ASP T 253 -5.42 -34.17 -19.15
C ASP T 253 -4.33 -33.11 -18.99
N VAL T 254 -4.48 -32.00 -19.72
CA VAL T 254 -3.48 -30.94 -19.71
C VAL T 254 -3.71 -30.03 -18.50
N THR T 255 -2.64 -29.83 -17.75
CA THR T 255 -2.53 -29.03 -16.55
C THR T 255 -1.61 -27.85 -16.81
N GLY T 256 -1.95 -26.70 -16.22
CA GLY T 256 -1.17 -25.51 -16.48
C GLY T 256 0.08 -25.46 -15.64
N VAL T 257 1.15 -24.93 -16.26
CA VAL T 257 2.49 -24.99 -15.68
C VAL T 257 2.50 -24.36 -14.29
N GLU T 258 3.13 -25.05 -13.33
CA GLU T 258 3.14 -24.59 -11.94
C GLU T 258 4.33 -23.67 -11.72
N LYS T 259 4.09 -22.38 -11.92
CA LYS T 259 5.11 -21.37 -11.67
C LYS T 259 5.53 -21.35 -10.20
N GLU T 260 6.83 -21.12 -9.99
CA GLU T 260 7.43 -20.99 -8.67
C GLU T 260 8.34 -19.78 -8.69
N GLU T 261 8.44 -19.11 -7.55
CA GLU T 261 9.19 -17.87 -7.40
C GLU T 261 10.44 -18.16 -6.56
N VAL T 262 11.49 -17.40 -6.83
CA VAL T 262 12.78 -17.55 -6.15
C VAL T 262 13.10 -16.22 -5.48
N ASN T 263 13.55 -16.28 -4.23
CA ASN T 263 13.93 -15.11 -3.45
C ASN T 263 15.30 -15.36 -2.83
N VAL T 264 16.21 -14.41 -3.03
CA VAL T 264 17.61 -14.56 -2.67
C VAL T 264 18.10 -13.27 -2.02
N SER T 265 18.85 -13.43 -0.92
CA SER T 265 19.32 -12.38 -0.05
C SER T 265 20.85 -12.29 -0.07
N ALA T 266 21.45 -12.59 -1.22
CA ALA T 266 22.89 -12.88 -1.31
C ALA T 266 23.76 -11.75 -0.76
N THR T 267 24.80 -12.11 0.00
CA THR T 267 25.80 -11.17 0.51
C THR T 267 27.06 -11.30 -0.33
N VAL T 268 27.52 -10.18 -0.90
CA VAL T 268 28.57 -10.16 -1.92
C VAL T 268 29.76 -9.37 -1.40
N THR T 269 30.94 -10.01 -1.41
CA THR T 269 32.17 -9.48 -0.83
C THR T 269 33.04 -8.92 -1.94
N ILE T 270 33.40 -7.64 -1.81
CA ILE T 270 34.10 -6.89 -2.85
C ILE T 270 35.40 -6.33 -2.26
N SER T 271 36.52 -6.61 -2.94
CA SER T 271 37.84 -6.14 -2.55
C SER T 271 38.29 -4.94 -3.34
N ASN T 272 37.42 -3.93 -3.46
CA ASN T 272 37.72 -2.74 -4.25
C ASN T 272 36.93 -1.60 -3.65
N LYS T 273 37.65 -0.58 -3.18
CA LYS T 273 37.09 0.51 -2.39
C LYS T 273 36.76 1.73 -3.22
N SER T 274 36.77 1.63 -4.54
CA SER T 274 36.41 2.70 -5.45
C SER T 274 35.26 2.31 -6.37
N ARG T 275 35.34 1.13 -6.98
CA ARG T 275 34.25 0.66 -7.83
C ARG T 275 33.00 0.34 -7.01
N ILE T 276 33.15 0.16 -5.69
CA ILE T 276 32.05 0.01 -4.74
C ILE T 276 30.98 1.07 -4.99
N GLY T 277 29.80 0.61 -5.38
CA GLY T 277 28.72 1.47 -5.82
C GLY T 277 27.43 0.77 -6.17
N ASP T 278 26.33 1.52 -6.13
CA ASP T 278 25.03 0.99 -6.49
C ASP T 278 24.94 0.58 -7.96
N THR T 279 25.85 1.07 -8.81
CA THR T 279 25.88 0.58 -10.19
C THR T 279 26.16 -0.93 -10.22
N LEU T 280 27.21 -1.37 -9.51
CA LEU T 280 27.56 -2.79 -9.45
C LEU T 280 26.43 -3.61 -8.82
N GLN T 281 25.85 -3.08 -7.75
CA GLN T 281 24.71 -3.73 -7.10
C GLN T 281 23.60 -4.00 -8.10
N LYS T 282 23.22 -2.96 -8.86
CA LYS T 282 22.13 -3.09 -9.84
C LYS T 282 22.51 -4.06 -10.95
N HIS T 283 23.77 -4.02 -11.40
CA HIS T 283 24.21 -4.93 -12.46
C HIS T 283 24.13 -6.38 -12.01
N ILE T 284 24.57 -6.67 -10.79
CA ILE T 284 24.53 -8.05 -10.31
C ILE T 284 23.08 -8.51 -10.15
N GLU T 285 22.21 -7.63 -9.63
CA GLU T 285 20.80 -7.97 -9.50
C GLU T 285 20.16 -8.24 -10.85
N SER T 286 20.50 -7.45 -11.87
CA SER T 286 19.95 -7.69 -13.21
C SER T 286 20.48 -9.00 -13.77
N VAL T 287 21.77 -9.29 -13.54
CA VAL T 287 22.35 -10.52 -14.05
C VAL T 287 21.66 -11.73 -13.41
N ILE T 288 21.51 -11.71 -12.08
CA ILE T 288 20.86 -12.83 -11.38
C ILE T 288 19.42 -12.98 -11.87
N ARG T 289 18.70 -11.87 -12.02
CA ARG T 289 17.31 -11.97 -12.47
C ARG T 289 17.23 -12.56 -13.89
N SER T 290 18.16 -12.16 -14.76
CA SER T 290 18.12 -12.68 -16.12
C SER T 290 18.48 -14.16 -16.16
N TYR T 291 19.48 -14.56 -15.37
CA TYR T 291 19.88 -15.96 -15.30
C TYR T 291 18.73 -16.81 -14.78
N LEU T 292 18.06 -16.33 -13.72
CA LEU T 292 16.84 -16.98 -13.25
C LEU T 292 15.78 -17.09 -14.35
N ASN T 293 15.63 -16.04 -15.14
CA ASN T 293 14.70 -16.09 -16.27
C ASN T 293 15.21 -16.97 -17.40
N ASN T 294 16.52 -17.15 -17.51
CA ASN T 294 17.11 -17.88 -18.63
C ASN T 294 17.12 -19.40 -18.42
N LEU T 295 16.43 -19.91 -17.41
CA LEU T 295 16.50 -21.35 -17.13
C LEU T 295 15.57 -22.10 -18.06
N LYS T 296 15.97 -23.33 -18.42
CA LYS T 296 15.19 -24.18 -19.30
C LYS T 296 14.15 -25.03 -18.57
N THR T 297 13.62 -24.55 -17.45
CA THR T 297 12.49 -25.12 -16.71
C THR T 297 12.57 -26.64 -16.57
N SER T 298 13.76 -27.12 -16.22
CA SER T 298 13.95 -28.57 -16.01
C SER T 298 15.21 -28.73 -15.16
N ASP T 299 15.03 -28.64 -13.84
CA ASP T 299 16.07 -28.96 -12.86
C ASP T 299 17.36 -28.19 -13.15
N ASP T 300 17.23 -26.91 -13.49
CA ASP T 300 18.38 -26.08 -13.83
C ASP T 300 18.89 -25.23 -12.66
N LEU T 301 18.18 -25.22 -11.53
CA LEU T 301 18.50 -24.29 -10.45
C LEU T 301 19.38 -25.00 -9.43
N ILE T 302 20.58 -24.47 -9.22
CA ILE T 302 21.50 -25.00 -8.23
C ILE T 302 22.37 -23.85 -7.73
N ILE T 303 22.80 -23.94 -6.48
CA ILE T 303 23.56 -22.85 -5.87
C ILE T 303 24.91 -22.70 -6.55
N THR T 304 25.56 -23.83 -6.89
CA THR T 304 26.86 -23.76 -7.56
C THR T 304 26.81 -22.95 -8.85
N ASP T 305 25.78 -23.14 -9.67
CA ASP T 305 25.68 -22.42 -10.93
C ASP T 305 25.55 -20.93 -10.68
N LEU T 306 24.76 -20.57 -9.67
CA LEU T 306 24.58 -19.17 -9.32
C LEU T 306 25.90 -18.54 -8.85
N ILE T 307 26.68 -19.30 -8.07
CA ILE T 307 28.00 -18.86 -7.65
C ILE T 307 28.91 -18.68 -8.85
N GLN T 308 28.83 -19.60 -9.81
CA GLN T 308 29.70 -19.50 -10.99
C GLN T 308 29.33 -18.31 -11.84
N ALA T 309 28.02 -18.04 -11.94
CA ALA T 309 27.55 -16.86 -12.68
C ALA T 309 28.04 -15.59 -12.01
N ILE T 310 27.94 -15.51 -10.68
CA ILE T 310 28.45 -14.34 -9.96
C ILE T 310 29.95 -14.22 -10.15
N MET T 311 30.66 -15.34 -10.17
CA MET T 311 32.11 -15.32 -10.34
C MET T 311 32.56 -15.16 -11.78
N ASN T 312 31.64 -15.11 -12.75
CA ASN T 312 32.02 -14.73 -14.11
C ASN T 312 32.60 -13.33 -14.17
N ILE T 313 32.30 -12.49 -13.18
CA ILE T 313 32.95 -11.19 -13.11
C ILE T 313 34.39 -11.41 -12.69
N ASP T 314 35.29 -10.51 -13.10
CA ASP T 314 36.71 -10.70 -12.84
C ASP T 314 36.97 -10.83 -11.34
N ASP T 315 37.79 -11.82 -10.97
CA ASP T 315 38.03 -12.13 -9.56
C ASP T 315 38.81 -11.03 -8.84
N VAL T 316 39.35 -10.05 -9.56
CA VAL T 316 40.07 -8.97 -8.90
C VAL T 316 39.11 -8.17 -8.03
N LEU T 317 37.89 -7.94 -8.54
CA LEU T 317 36.88 -7.19 -7.81
C LEU T 317 36.07 -8.09 -6.89
N ILE T 318 35.43 -9.12 -7.45
CA ILE T 318 34.60 -10.04 -6.68
C ILE T 318 35.51 -10.97 -5.88
N TYR T 319 35.25 -11.07 -4.58
CA TYR T 319 36.02 -11.93 -3.69
C TYR T 319 35.20 -13.12 -3.21
N ASP T 320 34.03 -12.88 -2.62
CA ASP T 320 33.23 -13.95 -2.03
C ASP T 320 31.76 -13.60 -2.06
N VAL T 321 30.92 -14.58 -2.35
CA VAL T 321 29.47 -14.48 -2.20
C VAL T 321 28.99 -15.62 -1.32
N SER T 322 28.16 -15.29 -0.34
CA SER T 322 27.65 -16.24 0.65
C SER T 322 26.13 -16.25 0.59
N PHE T 323 25.57 -17.24 -0.12
CA PHE T 323 24.13 -17.44 -0.11
C PHE T 323 23.66 -17.79 1.29
N ASP T 324 22.44 -17.36 1.67
CA ASP T 324 21.91 -17.78 2.96
C ASP T 324 20.49 -18.30 2.86
N ASN T 325 19.68 -17.74 1.95
CA ASN T 325 18.30 -18.18 1.81
C ASN T 325 18.22 -19.51 1.05
N LEU T 326 19.10 -19.74 0.08
CA LEU T 326 19.16 -21.02 -0.61
C LEU T 326 19.80 -22.03 0.35
N ASP T 327 18.93 -22.76 1.07
CA ASP T 327 19.35 -23.82 1.98
C ASP T 327 19.38 -25.20 1.33
N GLU T 328 18.91 -25.33 0.10
CA GLU T 328 18.91 -26.60 -0.62
C GLU T 328 18.81 -26.30 -2.10
N ASN T 329 19.03 -27.34 -2.89
CA ASN T 329 18.97 -27.22 -4.34
C ASN T 329 17.54 -27.54 -4.77
N ILE T 330 16.83 -26.49 -5.20
CA ILE T 330 15.44 -26.63 -5.61
C ILE T 330 15.39 -27.23 -7.01
N ILE T 331 14.65 -28.32 -7.16
CA ILE T 331 14.57 -29.08 -8.42
C ILE T 331 13.09 -29.26 -8.72
N VAL T 332 12.49 -28.25 -9.36
CA VAL T 332 11.07 -28.33 -9.72
C VAL T 332 10.85 -29.51 -10.66
N PRO T 333 9.75 -30.26 -10.57
CA PRO T 333 9.50 -31.33 -11.57
C PRO T 333 9.22 -30.75 -12.95
N PRO T 334 9.06 -31.60 -13.98
CA PRO T 334 8.73 -31.07 -15.33
C PRO T 334 7.36 -30.43 -15.43
N GLN T 335 6.46 -30.67 -14.46
CA GLN T 335 5.20 -29.93 -14.49
C GLN T 335 5.48 -28.46 -14.20
N GLY T 336 6.23 -28.15 -13.14
CA GLY T 336 6.37 -26.76 -12.76
C GLY T 336 7.48 -26.05 -13.52
N ILE T 337 7.60 -24.76 -13.24
CA ILE T 337 8.62 -23.90 -13.83
C ILE T 337 9.11 -22.94 -12.75
N ILE T 338 10.44 -22.75 -12.69
CA ILE T 338 11.08 -21.88 -11.72
C ILE T 338 11.56 -20.63 -12.45
N ARG T 339 11.29 -19.47 -11.87
CA ARG T 339 11.54 -18.17 -12.48
C ARG T 339 12.06 -17.20 -11.42
N ALA T 340 12.43 -16.00 -11.86
CA ALA T 340 13.02 -15.02 -10.97
C ALA T 340 11.94 -14.47 -10.02
N GLY T 341 12.38 -13.69 -9.03
CA GLY T 341 11.49 -13.11 -8.04
C GLY T 341 12.07 -11.82 -7.50
N GLU T 342 12.00 -11.63 -6.17
CA GLU T 342 12.71 -10.53 -5.52
C GLU T 342 14.12 -11.00 -5.18
N ILE T 343 15.10 -10.28 -5.71
CA ILE T 343 16.50 -10.68 -5.74
C ILE T 343 17.32 -9.50 -5.23
N LYS T 344 18.12 -9.72 -4.19
CA LYS T 344 18.94 -8.68 -3.56
C LYS T 344 20.43 -9.00 -3.58
N VAL T 345 21.21 -7.92 -3.68
CA VAL T 345 22.66 -7.92 -3.53
C VAL T 345 22.96 -6.94 -2.39
N GLU T 346 23.57 -7.43 -1.31
CA GLU T 346 24.08 -6.57 -0.24
C GLU T 346 25.60 -6.70 -0.17
N LEU T 347 26.27 -5.56 -0.09
CA LEU T 347 27.71 -5.50 -0.26
C LEU T 347 28.42 -5.72 1.07
N LYS T 348 29.59 -6.33 0.99
CA LYS T 348 30.34 -6.80 2.16
C LYS T 348 31.84 -6.59 1.98
N ALA U 2 41.74 18.86 -47.78
CA ALA U 2 40.84 18.93 -48.97
C ALA U 2 39.40 18.70 -48.53
N ASN U 3 38.46 19.00 -49.42
CA ASN U 3 37.05 18.82 -49.13
C ASN U 3 36.34 18.39 -50.41
N PHE U 4 35.25 17.62 -50.22
CA PHE U 4 34.52 16.89 -51.25
C PHE U 4 34.21 17.69 -52.52
N LEU U 5 34.10 19.02 -52.40
CA LEU U 5 33.86 19.84 -53.57
C LEU U 5 35.08 19.87 -54.50
N LYS U 6 36.27 20.01 -53.93
CA LYS U 6 37.46 20.37 -54.71
C LYS U 6 37.91 19.23 -55.64
N ASN U 7 37.83 18.00 -55.16
CA ASN U 7 38.27 16.78 -55.84
C ASN U 7 37.24 16.18 -56.78
N LEU U 8 35.94 16.42 -56.54
CA LEU U 8 34.90 15.78 -57.32
C LEU U 8 34.98 16.17 -58.79
N HIS U 9 34.70 15.18 -59.69
CA HIS U 9 34.72 15.16 -61.16
C HIS U 9 34.72 16.59 -61.75
N PRO U 10 35.81 17.06 -62.38
CA PRO U 10 35.88 18.49 -62.74
C PRO U 10 34.89 19.02 -63.77
N LEU U 11 34.01 18.21 -64.37
CA LEU U 11 32.98 18.78 -65.23
C LEU U 11 31.67 19.05 -64.49
N LEU U 12 31.49 18.54 -63.27
CA LEU U 12 30.24 18.76 -62.56
C LEU U 12 30.16 20.16 -61.97
N ARG U 13 28.92 20.61 -61.73
CA ARG U 13 28.67 21.93 -61.18
C ARG U 13 29.20 22.05 -59.75
N ARG U 14 29.33 23.31 -59.30
CA ARG U 14 29.83 23.65 -57.97
C ARG U 14 29.01 24.73 -57.27
N ASP U 15 27.85 25.11 -57.80
CA ASP U 15 27.11 26.26 -57.27
C ASP U 15 25.67 26.22 -57.77
N ARG U 16 24.80 26.93 -57.06
CA ARG U 16 23.36 26.95 -57.35
C ARG U 16 23.07 27.42 -58.78
N ASN U 17 22.10 26.74 -59.41
CA ASN U 17 21.62 27.13 -60.72
C ASN U 17 20.66 28.33 -60.59
N LYS U 18 20.80 29.33 -61.48
CA LYS U 18 19.92 30.48 -61.50
C LYS U 18 18.70 30.30 -62.41
N LYS U 19 18.69 29.27 -63.26
CA LYS U 19 17.55 28.99 -64.14
C LYS U 19 16.31 28.53 -63.37
N ASP U 20 16.49 27.73 -62.32
CA ASP U 20 15.36 27.21 -61.56
C ASP U 20 15.75 27.14 -60.09
N ASN U 21 14.74 27.08 -59.21
CA ASN U 21 15.03 27.07 -57.77
C ASN U 21 15.40 25.68 -57.27
N GLN U 22 14.77 24.65 -57.85
CA GLN U 22 14.98 23.27 -57.46
C GLN U 22 16.21 22.72 -58.18
N ASP U 23 17.19 22.26 -57.41
CA ASP U 23 18.43 21.69 -57.94
C ASP U 23 18.77 20.42 -57.16
N PRO U 24 18.28 19.24 -57.61
CA PRO U 24 18.68 17.99 -56.93
C PRO U 24 20.19 17.78 -56.91
N ASN U 25 20.89 18.16 -57.99
CA ASN U 25 22.35 18.12 -57.99
C ASN U 25 22.91 18.90 -56.80
N PHE U 26 22.47 20.15 -56.66
CA PHE U 26 22.99 21.01 -55.61
C PHE U 26 22.59 20.47 -54.24
N ALA U 27 21.39 19.89 -54.12
CA ALA U 27 20.98 19.31 -52.84
C ALA U 27 21.89 18.16 -52.45
N LEU U 28 22.18 17.26 -53.40
CA LEU U 28 23.01 16.11 -53.08
C LEU U 28 24.41 16.56 -52.67
N ILE U 29 25.03 17.42 -53.48
CA ILE U 29 26.39 17.86 -53.21
C ILE U 29 26.46 18.64 -51.89
N ASP U 30 25.46 19.51 -51.64
CA ASP U 30 25.41 20.23 -50.37
C ASP U 30 25.32 19.28 -49.19
N ALA U 31 24.41 18.29 -49.25
CA ALA U 31 24.27 17.34 -48.14
C ALA U 31 25.56 16.59 -47.88
N LEU U 32 26.22 16.13 -48.95
CA LEU U 32 27.45 15.35 -48.77
C LEU U 32 28.58 16.24 -48.24
N ASN U 33 28.67 17.47 -48.75
CA ASN U 33 29.63 18.44 -48.25
C ASN U 33 29.41 18.71 -46.76
N GLU U 34 28.17 18.95 -46.37
CA GLU U 34 27.85 19.27 -44.99
C GLU U 34 28.19 18.11 -44.06
N GLU U 35 27.84 16.88 -44.46
CA GLU U 35 28.16 15.71 -43.66
C GLU U 35 29.66 15.53 -43.50
N MET U 36 30.41 15.68 -44.58
CA MET U 36 31.83 15.38 -44.50
C MET U 36 32.62 16.50 -43.82
N ASN U 37 32.12 17.73 -43.90
CA ASN U 37 32.71 18.80 -43.09
C ASN U 37 32.33 18.67 -41.61
N GLN U 38 31.17 18.11 -41.28
CA GLN U 38 30.88 17.88 -39.88
C GLN U 38 31.77 16.78 -39.33
N VAL U 39 31.99 15.73 -40.14
CA VAL U 39 32.91 14.66 -39.74
C VAL U 39 34.32 15.21 -39.59
N GLU U 40 34.71 16.14 -40.46
CA GLU U 40 36.02 16.76 -40.35
C GLU U 40 36.16 17.53 -39.04
N LYS U 41 35.14 18.32 -38.69
CA LYS U 41 35.17 19.03 -37.42
C LYS U 41 35.28 18.06 -36.25
N ASP U 42 34.53 16.95 -36.31
CA ASP U 42 34.60 15.95 -35.25
C ASP U 42 36.01 15.36 -35.13
N ALA U 43 36.62 15.05 -36.26
CA ALA U 43 37.97 14.49 -36.29
C ALA U 43 39.01 15.48 -35.81
N ILE U 44 38.87 16.77 -36.12
CA ILE U 44 39.80 17.72 -35.51
C ILE U 44 39.59 17.76 -34.00
N GLU U 45 38.35 17.70 -33.51
CA GLU U 45 38.13 17.75 -32.07
C GLU U 45 38.61 16.47 -31.37
N SER U 46 38.81 15.39 -32.12
CA SER U 46 39.29 14.14 -31.52
C SER U 46 40.69 14.27 -30.92
N LYS U 47 41.49 15.23 -31.39
CA LYS U 47 42.84 15.43 -30.87
C LYS U 47 42.82 15.78 -29.38
N LEU U 48 41.80 16.51 -28.92
CA LEU U 48 41.71 16.88 -27.52
C LEU U 48 41.42 15.68 -26.63
N GLN U 49 40.67 14.70 -27.12
CA GLN U 49 40.35 13.55 -26.30
C GLN U 49 41.54 12.62 -26.09
N SER U 50 42.56 12.72 -26.94
CA SER U 50 43.76 11.91 -26.82
C SER U 50 44.73 12.42 -25.76
N SER U 51 44.45 13.57 -25.15
CA SER U 51 45.31 14.16 -24.13
C SER U 51 44.52 14.29 -22.84
N LEU U 52 45.17 13.98 -21.73
CA LEU U 52 44.52 14.07 -20.42
C LEU U 52 44.17 15.51 -20.09
N LYS U 53 44.91 16.47 -20.68
CA LYS U 53 44.69 17.88 -20.38
C LYS U 53 43.34 18.39 -20.87
N THR U 54 42.72 17.70 -21.86
CA THR U 54 41.45 18.11 -22.42
C THR U 54 40.46 16.95 -22.58
N SER U 55 40.81 15.74 -22.14
CA SER U 55 39.89 14.62 -22.27
C SER U 55 38.68 14.83 -21.37
N THR U 56 37.51 14.42 -21.85
CA THR U 56 36.26 14.64 -21.17
C THR U 56 35.38 13.40 -21.27
N SER U 57 34.51 13.23 -20.27
CA SER U 57 33.47 12.19 -20.26
C SER U 57 34.13 10.81 -20.26
N GLU U 58 33.96 10.00 -21.31
CA GLU U 58 34.41 8.62 -21.27
C GLU U 58 35.92 8.50 -21.33
N TYR U 59 36.60 9.47 -21.96
CA TYR U 59 38.04 9.38 -22.13
C TYR U 59 38.74 9.81 -20.85
N LEU U 60 38.14 10.76 -20.14
CA LEU U 60 38.62 11.10 -18.81
C LEU U 60 38.41 9.93 -17.85
N ASP U 61 37.29 9.23 -17.98
CA ASP U 61 37.06 8.04 -17.17
C ASP U 61 38.11 6.97 -17.46
N LYS U 62 38.40 6.74 -18.75
CA LYS U 62 39.46 5.79 -19.10
C LYS U 62 40.79 6.19 -18.47
N PHE U 63 41.15 7.46 -18.58
CA PHE U 63 42.39 7.96 -17.98
C PHE U 63 42.42 7.70 -16.48
N GLY U 64 41.32 8.04 -15.80
CA GLY U 64 41.24 7.77 -14.37
C GLY U 64 41.39 6.31 -14.02
N ASP U 65 40.72 5.45 -14.79
CA ASP U 65 40.73 4.01 -14.54
C ASP U 65 42.13 3.46 -14.71
N TRP U 66 42.83 3.95 -15.74
CA TRP U 66 44.23 3.56 -15.95
C TRP U 66 45.13 4.06 -14.82
N PHE U 67 44.94 5.31 -14.40
CA PHE U 67 45.62 5.80 -13.20
C PHE U 67 45.05 5.27 -11.89
N GLY U 68 43.95 4.52 -11.91
CA GLY U 68 43.40 3.98 -10.69
C GLY U 68 42.48 4.90 -9.92
N VAL U 69 42.27 6.13 -10.40
CA VAL U 69 41.37 7.09 -9.75
C VAL U 69 40.06 7.04 -10.52
N TYR U 70 39.09 6.34 -9.93
CA TYR U 70 37.76 6.19 -10.50
C TYR U 70 36.89 7.38 -10.14
N ARG U 71 35.77 7.49 -10.84
CA ARG U 71 34.93 8.67 -10.74
C ARG U 71 33.95 8.52 -9.58
N LYS U 72 33.91 9.54 -8.73
CA LYS U 72 32.98 9.57 -7.63
C LYS U 72 31.58 9.92 -8.13
N THR U 73 30.56 9.38 -7.46
CA THR U 73 29.18 9.60 -7.84
C THR U 73 28.84 11.08 -7.86
N ASP U 74 28.20 11.55 -8.94
CA ASP U 74 27.90 12.97 -9.11
C ASP U 74 29.16 13.81 -8.96
N GLU U 75 30.17 13.47 -9.75
CA GLU U 75 31.41 14.22 -9.84
C GLU U 75 31.57 14.75 -11.26
N LYS U 76 31.78 16.05 -11.40
CA LYS U 76 31.94 16.68 -12.69
C LYS U 76 33.35 16.42 -13.23
N ASP U 77 33.53 16.73 -14.51
CA ASP U 77 34.76 16.40 -15.20
C ASP U 77 35.96 17.17 -14.64
N ASP U 78 35.78 18.45 -14.29
CA ASP U 78 36.92 19.27 -13.91
C ASP U 78 37.53 18.79 -12.59
N VAL U 79 36.70 18.58 -11.58
CA VAL U 79 37.23 18.16 -10.29
C VAL U 79 37.81 16.76 -10.40
N TYR U 80 37.23 15.93 -11.28
CA TYR U 80 37.69 14.55 -11.40
C TYR U 80 39.05 14.52 -12.08
N ARG U 81 39.24 15.37 -13.10
CA ARG U 81 40.53 15.52 -13.73
C ARG U 81 41.56 16.07 -12.74
N ALA U 82 41.15 17.07 -11.94
CA ALA U 82 42.08 17.67 -11.00
C ALA U 82 42.57 16.66 -9.97
N ARG U 83 41.66 15.85 -9.44
CA ARG U 83 42.04 14.80 -8.51
C ARG U 83 42.92 13.75 -9.17
N ILE U 84 42.62 13.38 -10.42
CA ILE U 84 43.43 12.41 -11.13
C ILE U 84 44.87 12.92 -11.26
N ILE U 85 45.02 14.18 -11.69
CA ILE U 85 46.36 14.73 -11.85
C ILE U 85 47.07 14.81 -10.49
N LYS U 86 46.39 15.40 -9.50
CA LYS U 86 46.94 15.52 -8.15
C LYS U 86 47.33 14.19 -7.54
N TYR U 87 46.69 13.09 -7.94
CA TYR U 87 46.89 11.80 -7.27
C TYR U 87 48.32 11.30 -7.39
N LEU U 88 49.02 11.68 -8.45
CA LEU U 88 50.41 11.26 -8.63
C LEU U 88 51.31 11.85 -7.55
N LEU U 89 51.01 13.04 -7.06
CA LEU U 89 51.91 13.83 -6.23
C LEU U 89 51.61 13.62 -4.74
N LEU U 90 51.47 12.36 -4.31
CA LEU U 90 51.08 12.08 -2.94
C LEU U 90 52.15 12.53 -1.95
N LYS U 91 53.42 12.38 -2.31
CA LYS U 91 54.58 12.60 -1.44
C LYS U 91 54.32 12.05 -0.03
N ARG U 92 53.80 10.82 -0.01
CA ARG U 92 53.44 10.16 1.24
C ARG U 92 54.66 9.92 2.11
N GLY U 93 54.43 9.91 3.42
CA GLY U 93 55.44 9.62 4.43
C GLY U 93 55.86 10.83 5.23
N THR U 94 55.75 12.02 4.65
CA THR U 94 56.08 13.25 5.34
C THR U 94 54.93 13.65 6.27
N ASN U 95 55.28 14.30 7.38
CA ASN U 95 54.27 14.74 8.32
C ASN U 95 53.34 15.76 7.70
N ASN U 96 53.89 16.73 6.96
CA ASN U 96 53.04 17.72 6.31
C ASN U 96 52.24 17.12 5.16
N ALA U 97 52.82 16.17 4.42
CA ALA U 97 52.01 15.32 3.54
C ALA U 97 50.81 14.70 4.26
N ILE U 98 51.03 14.10 5.43
CA ILE U 98 49.93 13.46 6.14
C ILE U 98 48.89 14.50 6.55
N ILE U 99 49.35 15.68 6.96
CA ILE U 99 48.43 16.77 7.32
C ILE U 99 47.62 17.19 6.09
N ASP U 100 48.27 17.27 4.92
CA ASP U 100 47.54 17.58 3.70
C ASP U 100 46.51 16.52 3.37
N ALA U 101 46.87 15.25 3.57
CA ALA U 101 45.93 14.16 3.30
C ALA U 101 44.76 14.20 4.26
N ILE U 102 44.97 14.69 5.47
CA ILE U 102 43.87 14.77 6.43
C ILE U 102 42.97 15.95 6.07
N LYS U 103 43.58 17.06 5.65
CA LYS U 103 42.81 18.20 5.17
C LYS U 103 41.98 17.83 3.96
N ASP U 104 42.55 17.05 3.04
CA ASP U 104 41.76 16.54 1.92
C ASP U 104 40.63 15.65 2.42
N TYR U 105 40.93 14.78 3.38
CA TYR U 105 39.91 13.87 3.89
C TYR U 105 38.84 14.62 4.67
N LEU U 106 39.21 15.72 5.32
CA LEU U 106 38.27 16.51 6.09
C LEU U 106 37.31 17.22 5.16
N PHE U 213 5.23 50.37 81.76
CA PHE U 213 5.23 51.68 82.43
C PHE U 213 6.32 52.61 81.88
N TYR U 214 5.98 53.88 81.71
CA TYR U 214 6.90 54.89 81.16
C TYR U 214 7.86 55.48 82.21
N GLY U 215 8.12 56.79 82.08
CA GLY U 215 8.71 57.63 83.10
C GLY U 215 8.93 59.03 82.58
N HIS U 216 8.28 60.03 83.17
CA HIS U 216 8.17 61.42 82.70
C HIS U 216 8.11 62.39 83.91
N ILE U 217 8.01 63.70 83.66
CA ILE U 217 7.38 64.68 84.55
C ILE U 217 6.24 65.40 83.82
N ASN U 218 5.01 65.34 84.37
CA ASN U 218 3.77 65.85 83.75
C ASN U 218 2.84 66.51 84.78
N MET U 219 1.93 67.38 84.32
CA MET U 219 1.11 68.26 85.16
C MET U 219 -0.40 67.97 85.00
N TYR U 259 5.54 74.13 89.81
CA TYR U 259 6.06 75.39 90.40
C TYR U 259 7.41 75.74 89.79
N GLY U 260 7.56 76.99 89.33
CA GLY U 260 8.84 77.56 88.96
C GLY U 260 8.80 79.08 89.02
N TYR U 261 9.94 79.72 89.18
CA TYR U 261 10.04 81.11 89.59
C TYR U 261 11.12 81.88 88.82
N VAL U 262 10.68 82.89 88.06
CA VAL U 262 11.54 83.84 87.35
C VAL U 262 12.14 84.82 88.35
N THR U 263 13.44 85.09 88.29
CA THR U 263 14.06 86.06 89.20
C THR U 263 15.44 86.53 88.73
N SER U 264 15.95 87.62 89.32
CA SER U 264 17.38 88.00 89.30
C SER U 264 18.17 87.48 90.51
N TYR U 265 17.51 86.88 91.50
CA TYR U 265 18.07 86.62 92.83
C TYR U 265 18.88 85.31 92.94
N VAL U 266 19.80 85.25 93.91
CA VAL U 266 20.62 84.07 94.23
C VAL U 266 20.21 83.47 95.57
N TYR U 267 19.79 82.21 95.54
CA TYR U 267 19.16 81.53 96.68
C TYR U 267 19.53 80.06 96.73
N ASN U 268 19.47 79.48 97.92
CA ASN U 268 19.53 78.04 98.14
C ASN U 268 18.30 77.57 98.92
N PRO U 269 17.70 76.40 98.61
CA PRO U 269 16.89 75.69 99.57
C PRO U 269 17.74 75.15 100.74
N GLY U 270 17.07 74.65 101.77
CA GLY U 270 17.61 73.66 102.71
C GLY U 270 17.21 72.24 102.29
N MET U 271 17.72 71.22 102.98
CA MET U 271 17.51 69.79 102.65
C MET U 271 16.05 69.33 102.68
N THR U 272 15.12 70.20 103.05
CA THR U 272 13.71 69.88 103.29
C THR U 272 12.70 70.85 102.66
N SER U 273 13.15 71.95 102.00
CA SER U 273 12.31 73.14 101.77
C SER U 273 10.99 72.90 101.04
N SER U 274 9.92 73.54 101.51
CA SER U 274 8.61 73.58 100.82
C SER U 274 8.62 74.55 99.63
N VAL U 275 7.68 74.32 98.72
CA VAL U 275 7.82 74.70 97.30
C VAL U 275 8.03 76.22 97.10
N ASN U 276 7.26 77.04 97.79
CA ASN U 276 7.27 78.48 97.57
C ASN U 276 8.42 79.21 98.29
N GLN U 277 9.22 78.53 99.14
CA GLN U 277 10.20 79.20 100.01
C GLN U 277 11.19 80.09 99.25
N ILE U 278 11.46 79.73 98.00
CA ILE U 278 12.10 80.59 97.01
C ILE U 278 11.59 82.03 97.08
N SER U 279 10.30 82.28 96.86
CA SER U 279 9.84 83.62 96.49
C SER U 279 10.02 84.63 97.62
N ALA U 280 9.62 84.26 98.85
CA ALA U 280 9.77 85.12 100.01
C ALA U 280 11.25 85.32 100.40
N SER U 281 12.05 84.24 100.39
CA SER U 281 13.46 84.32 100.74
C SER U 281 14.26 85.15 99.73
N THR U 282 13.85 85.14 98.46
CA THR U 282 14.36 86.02 97.41
C THR U 282 13.78 87.44 97.45
N GLU U 283 13.28 87.87 98.62
CA GLU U 283 12.73 89.21 98.87
C GLU U 283 11.54 89.59 97.96
N GLY U 284 10.86 88.59 97.38
CA GLY U 284 9.84 88.81 96.36
C GLY U 284 10.38 89.40 95.05
N ARG U 285 11.70 89.37 94.82
CA ARG U 285 12.39 89.97 93.65
C ARG U 285 12.33 89.05 92.43
N GLY U 286 11.12 88.66 92.07
CA GLY U 286 10.83 87.67 91.05
C GLY U 286 9.33 87.45 90.89
N GLN U 287 8.97 86.38 90.19
CA GLN U 287 7.62 86.11 89.71
C GLN U 287 7.47 84.60 89.45
N GLU U 288 6.53 83.94 90.14
CA GLU U 288 6.20 82.55 89.79
C GLU U 288 5.68 82.51 88.35
N VAL U 289 6.04 81.49 87.57
CA VAL U 289 5.66 81.37 86.16
C VAL U 289 4.15 81.55 85.95
N PRO U 290 3.71 82.16 84.84
CA PRO U 290 2.29 82.31 84.56
C PRO U 290 1.63 80.93 84.42
N THR U 291 0.35 80.81 84.80
CA THR U 291 -0.37 79.53 84.96
C THR U 291 -0.23 78.62 83.72
N ASP U 292 -0.22 79.25 82.56
CA ASP U 292 0.03 78.71 81.24
C ASP U 292 1.20 77.72 81.19
N TYR U 293 2.24 77.93 81.99
CA TYR U 293 3.35 76.99 82.13
C TYR U 293 2.84 75.60 82.53
N TYR U 294 2.03 75.50 83.57
CA TYR U 294 1.43 74.25 84.01
C TYR U 294 0.46 73.71 82.93
N MET U 295 -0.30 74.60 82.30
CA MET U 295 -1.38 74.22 81.39
C MET U 295 -0.87 73.61 80.07
N TYR U 296 0.15 74.19 79.44
CA TYR U 296 0.51 73.90 78.03
C TYR U 296 1.94 73.38 77.86
N THR U 297 2.96 74.00 78.47
CA THR U 297 4.38 73.57 78.34
C THR U 297 4.71 72.24 79.03
N SER U 298 3.72 71.63 79.68
CA SER U 298 3.70 70.24 80.20
C SER U 298 3.40 69.19 79.12
N THR U 299 3.31 69.59 77.85
CA THR U 299 3.36 68.75 76.63
C THR U 299 4.04 69.52 75.50
N LYS U 300 4.70 68.89 74.54
CA LYS U 300 5.20 69.65 73.39
C LYS U 300 4.02 70.02 72.49
N ASN U 301 3.87 71.31 72.20
CA ASN U 301 2.84 71.86 71.33
C ASN U 301 3.32 73.20 70.74
N ASN U 302 2.40 74.05 70.31
CA ASN U 302 2.74 75.30 69.62
C ASN U 302 2.19 76.53 70.35
N ASN U 303 1.77 76.38 71.62
CA ASN U 303 1.30 77.47 72.47
C ASN U 303 2.45 77.99 73.36
N THR U 304 3.63 78.30 72.78
CA THR U 304 4.87 78.63 73.53
C THR U 304 4.60 79.72 74.57
N VAL U 305 4.79 79.42 75.85
CA VAL U 305 4.62 80.41 76.93
C VAL U 305 5.89 81.23 77.01
N GLU U 306 6.02 82.08 76.00
CA GLU U 306 7.09 83.02 75.78
C GLU U 306 7.20 83.99 76.96
N LEU U 307 8.43 84.31 77.39
CA LEU U 307 8.70 85.16 78.57
C LEU U 307 9.84 86.16 78.29
N SER U 308 9.83 87.27 79.02
CA SER U 308 10.74 88.41 78.86
C SER U 308 11.61 88.64 80.10
N MET U 309 12.86 89.01 79.90
CA MET U 309 13.93 88.85 80.87
C MET U 309 14.68 90.16 81.12
N GLN U 310 15.29 90.28 82.29
CA GLN U 310 16.16 91.39 82.69
C GLN U 310 17.51 90.86 83.22
N THR U 311 18.65 91.23 82.62
CA THR U 311 20.00 90.77 83.02
C THR U 311 21.15 91.50 82.32
N THR U 312 22.16 91.87 83.10
CA THR U 312 23.55 92.17 82.73
C THR U 312 24.34 92.42 84.01
N SER U 313 24.05 93.49 84.77
CA SER U 313 24.65 93.71 86.12
C SER U 313 24.07 92.78 87.18
N GLY U 314 22.80 92.41 87.06
CA GLY U 314 22.25 91.19 87.64
C GLY U 314 22.27 90.05 86.63
N VAL U 315 22.50 88.82 87.08
CA VAL U 315 22.19 87.61 86.31
C VAL U 315 20.66 87.35 86.36
N SER U 316 20.18 86.28 85.74
CA SER U 316 18.81 85.82 85.98
C SER U 316 18.69 84.31 85.97
N TYR U 317 17.60 83.85 86.55
CA TYR U 317 17.27 82.46 86.69
C TYR U 317 15.78 82.18 86.46
N LEU U 318 15.51 80.92 86.11
CA LEU U 318 14.23 80.27 86.34
C LEU U 318 14.46 79.05 87.22
N TYR U 319 14.00 79.11 88.47
CA TYR U 319 14.01 77.97 89.40
C TYR U 319 12.80 77.04 89.15
N ASN U 320 12.87 75.74 89.47
CA ASN U 320 11.82 74.75 89.19
C ASN U 320 11.74 73.66 90.27
N ASN U 321 10.57 73.04 90.41
CA ASN U 321 10.27 71.98 91.38
C ASN U 321 10.03 70.60 90.75
N PHE U 322 10.45 69.55 91.46
CA PHE U 322 10.42 68.15 91.04
C PHE U 322 9.97 67.25 92.20
N ASN U 323 8.80 67.55 92.78
CA ASN U 323 8.31 66.82 93.92
C ASN U 323 7.81 65.42 93.57
N PHE U 324 8.69 64.43 93.64
CA PHE U 324 8.37 63.06 93.30
C PHE U 324 7.18 62.51 94.09
N ARG U 325 6.95 63.02 95.31
CA ARG U 325 5.73 62.70 96.06
C ARG U 325 4.44 63.01 95.32
N ASP U 326 4.38 64.07 94.51
CA ASP U 326 3.21 64.36 93.67
C ASP U 326 2.85 63.16 92.79
N TYR U 327 3.89 62.43 92.37
CA TYR U 327 3.91 61.56 91.20
C TYR U 327 3.98 60.08 91.57
N MET U 328 4.97 59.68 92.36
CA MET U 328 5.12 58.28 92.76
C MET U 328 3.98 57.83 93.68
N SER U 329 3.40 58.72 94.48
CA SER U 329 2.20 58.40 95.27
C SER U 329 0.95 58.16 94.40
N LYS U 330 0.95 58.65 93.15
CA LYS U 330 -0.14 58.56 92.16
C LYS U 330 0.03 57.36 91.25
N TYR U 331 1.16 57.32 90.56
CA TYR U 331 1.48 56.29 89.57
C TYR U 331 2.09 55.04 90.20
N ARG U 332 2.65 55.14 91.41
CA ARG U 332 3.31 54.03 92.11
C ARG U 332 2.86 53.88 93.58
N PRO U 333 1.55 53.85 93.86
CA PRO U 333 1.03 53.76 95.23
C PRO U 333 1.36 52.44 95.94
N GLN U 334 1.89 51.44 95.23
CA GLN U 334 2.45 50.19 95.76
C GLN U 334 3.99 50.22 95.93
N VAL U 335 4.57 51.41 96.12
CA VAL U 335 6.00 51.64 96.44
C VAL U 335 6.13 52.62 97.62
N ASP U 336 6.99 52.32 98.61
CA ASP U 336 7.16 53.15 99.82
C ASP U 336 7.81 54.52 99.54
N LEU U 337 7.20 55.56 100.12
CA LEU U 337 7.59 56.96 99.93
C LEU U 337 7.62 57.72 101.27
N GLN U 338 7.86 57.03 102.38
CA GLN U 338 7.79 57.63 103.72
C GLN U 338 8.86 57.13 104.70
N SER U 339 9.43 55.94 104.46
CA SER U 339 10.54 55.39 105.23
C SER U 339 11.80 56.29 105.16
N ASP U 340 12.65 56.26 106.19
CA ASP U 340 13.62 57.35 106.41
C ASP U 340 14.81 57.37 105.42
N GLU U 341 15.02 56.26 104.69
CA GLU U 341 15.86 56.23 103.50
C GLU U 341 15.03 55.81 102.26
N ALA U 342 13.75 56.15 102.19
CA ALA U 342 12.94 55.92 100.98
C ALA U 342 13.55 56.54 99.72
N ARG U 343 14.36 57.60 99.87
CA ARG U 343 15.17 58.20 98.79
C ARG U 343 16.01 57.16 98.04
N ARG U 344 16.42 56.09 98.73
CA ARG U 344 17.04 54.92 98.12
C ARG U 344 16.11 54.30 97.10
N ILE U 345 14.91 53.93 97.51
CA ILE U 345 13.91 53.38 96.57
C ILE U 345 13.58 54.41 95.49
N VAL U 346 13.52 55.70 95.79
CA VAL U 346 13.28 56.72 94.75
C VAL U 346 14.31 56.60 93.63
N SER U 347 15.62 56.72 93.91
CA SER U 347 16.61 56.61 92.83
C SER U 347 16.78 55.18 92.31
N ASP U 348 16.71 54.16 93.17
CA ASP U 348 16.88 52.76 92.79
C ASP U 348 15.68 52.20 92.02
N TYR U 349 14.53 52.88 92.04
CA TYR U 349 13.39 52.57 91.18
C TYR U 349 13.41 53.41 89.90
N ILE U 350 13.68 54.71 90.02
CA ILE U 350 13.82 55.61 88.88
C ILE U 350 14.94 55.17 87.93
N LYS U 351 16.00 54.59 88.49
CA LYS U 351 17.24 54.26 87.80
C LYS U 351 17.97 55.55 87.37
N GLU U 352 18.43 55.58 86.13
CA GLU U 352 18.94 56.79 85.50
C GLU U 352 17.84 57.85 85.33
N LEU U 353 18.24 59.06 84.96
CA LEU U 353 17.34 60.08 84.43
C LEU U 353 18.01 60.84 83.27
N SER U 354 17.21 61.53 82.47
CA SER U 354 17.59 62.31 81.28
C SER U 354 16.48 63.28 80.94
N ILE U 355 16.74 64.25 80.06
CA ILE U 355 15.88 65.42 79.89
C ILE U 355 15.54 65.65 78.42
N ASP U 356 14.28 65.99 78.15
CA ASP U 356 13.84 66.77 76.99
C ASP U 356 13.43 68.18 77.42
N TYR U 357 13.93 69.19 76.73
CA TYR U 357 13.43 70.56 76.87
C TYR U 357 13.69 71.29 75.56
N TYR U 358 12.63 71.67 74.86
CA TYR U 358 12.73 72.43 73.62
C TYR U 358 12.37 73.90 73.81
N LEU U 359 13.16 74.78 73.20
CA LEU U 359 12.94 76.23 73.15
C LEU U 359 13.71 76.87 71.99
N SER U 360 13.30 78.08 71.56
CA SER U 360 14.02 78.91 70.59
C SER U 360 14.19 80.34 71.10
N ALA U 361 15.17 81.09 70.58
CA ALA U 361 15.16 82.53 70.74
C ALA U 361 14.14 83.19 69.79
N VAL U 362 14.04 84.52 69.88
CA VAL U 362 13.56 85.38 68.81
C VAL U 362 14.62 86.43 68.43
N ILE U 363 15.75 86.45 69.14
CA ILE U 363 16.95 87.23 68.78
C ILE U 363 17.61 86.65 67.51
N PRO U 364 18.46 87.42 66.81
CA PRO U 364 18.74 87.19 65.40
C PRO U 364 19.14 85.77 64.98
N PRO U 365 18.91 85.41 63.70
CA PRO U 365 19.53 84.27 63.02
C PRO U 365 21.07 84.23 63.04
N ASP U 366 21.71 85.28 63.55
CA ASP U 366 23.16 85.47 63.52
C ASP U 366 23.72 86.12 64.81
N GLU U 367 22.93 86.19 65.90
CA GLU U 367 23.38 86.59 67.26
C GLU U 367 22.70 85.73 68.33
N SER U 368 23.36 85.48 69.46
CA SER U 368 22.95 84.41 70.39
C SER U 368 23.13 84.73 71.87
N ILE U 369 22.50 83.93 72.73
CA ILE U 369 22.55 84.02 74.20
C ILE U 369 22.91 82.68 74.88
N GLU U 370 23.20 82.72 76.17
CA GLU U 370 23.78 81.62 76.96
C GLU U 370 22.83 81.10 78.05
N ILE U 371 22.59 79.79 78.12
CA ILE U 371 21.81 79.20 79.21
C ILE U 371 22.44 77.92 79.80
N LYS U 372 22.53 77.90 81.13
CA LYS U 372 23.22 76.85 81.90
C LYS U 372 22.22 76.10 82.78
N LEU U 373 22.08 74.81 82.56
CA LEU U 373 21.19 73.97 83.37
C LEU U 373 21.87 73.60 84.68
N GLN U 374 21.15 73.74 85.80
CA GLN U 374 21.69 73.51 87.14
C GLN U 374 20.77 72.72 88.06
N VAL U 375 21.32 71.86 88.91
CA VAL U 375 20.56 70.90 89.73
C VAL U 375 21.03 70.96 91.16
N TYR U 376 20.13 71.02 92.15
CA TYR U 376 20.58 71.06 93.53
C TYR U 376 21.09 69.69 94.01
N ASP U 377 22.36 69.64 94.38
CA ASP U 377 23.04 68.54 95.03
C ASP U 377 23.21 68.87 96.52
N PHE U 378 22.63 68.02 97.38
CA PHE U 378 22.61 68.20 98.82
C PHE U 378 23.83 67.59 99.53
N SER U 379 24.91 67.27 98.81
CA SER U 379 26.23 67.01 99.39
C SER U 379 26.94 68.34 99.67
N ILE U 380 27.69 68.90 98.70
CA ILE U 380 28.32 70.24 98.82
C ILE U 380 27.33 71.41 98.69
N ASN U 381 26.03 71.13 98.69
CA ASN U 381 24.94 72.11 98.74
C ASN U 381 25.03 73.12 97.58
N ARG U 382 24.82 72.65 96.36
CA ARG U 382 24.92 73.49 95.16
C ARG U 382 23.94 73.12 94.07
N TRP U 383 23.44 74.13 93.38
CA TRP U 383 22.87 74.03 92.03
C TRP U 383 23.98 73.72 91.02
N LEU U 384 24.52 72.50 91.06
CA LEU U 384 25.62 72.03 90.23
C LEU U 384 25.47 72.50 88.78
N THR U 385 26.54 73.03 88.16
CA THR U 385 26.55 73.36 86.72
C THR U 385 26.61 72.06 85.90
N VAL U 386 25.45 71.55 85.45
CA VAL U 386 25.38 70.24 84.78
C VAL U 386 25.60 70.32 83.27
N SER U 387 25.08 71.33 82.56
CA SER U 387 25.27 71.44 81.11
C SER U 387 24.99 72.85 80.57
N ILE U 388 25.51 73.17 79.38
CA ILE U 388 25.34 74.45 78.69
C ILE U 388 24.95 74.24 77.24
N ASN U 389 24.13 75.16 76.74
CA ASN U 389 23.88 75.37 75.33
C ASN U 389 23.81 76.87 75.04
N ASN U 390 23.97 77.24 73.77
CA ASN U 390 23.90 78.63 73.31
C ASN U 390 22.91 78.76 72.15
N LEU U 391 22.22 79.90 72.09
CA LEU U 391 20.93 80.03 71.43
C LEU U 391 20.86 81.31 70.59
N SER U 392 21.06 81.19 69.28
CA SER U 392 20.54 82.13 68.28
C SER U 392 19.07 81.83 67.97
N PHE U 393 18.48 82.44 66.92
CA PHE U 393 17.08 82.29 66.59
C PHE U 393 16.49 80.88 66.73
N TYR U 394 17.05 79.89 66.02
CA TYR U 394 16.46 78.56 65.94
C TYR U 394 16.48 77.76 67.25
N GLU U 395 15.51 76.84 67.35
CA GLU U 395 15.32 75.97 68.49
C GLU U 395 16.52 75.05 68.76
N LYS U 396 16.63 74.55 69.99
CA LYS U 396 17.32 73.29 70.30
C LYS U 396 16.53 72.51 71.35
N ASN U 397 16.62 71.18 71.31
CA ASN U 397 16.32 70.36 72.48
C ASN U 397 17.51 70.43 73.44
N ILE U 398 17.53 71.44 74.30
CA ILE U 398 18.64 71.74 75.22
C ILE U 398 18.71 70.79 76.40
N GLY U 399 17.76 69.88 76.56
CA GLY U 399 17.83 68.82 77.54
C GLY U 399 19.08 67.93 77.35
N SER U 400 19.49 67.26 78.42
CA SER U 400 20.70 66.44 78.49
C SER U 400 20.44 65.10 79.20
N ASN U 401 21.29 64.11 78.99
CA ASN U 401 21.49 63.01 79.92
C ASN U 401 22.20 63.52 81.21
N ILE U 402 22.00 62.86 82.35
CA ILE U 402 22.39 63.37 83.68
C ILE U 402 22.88 62.32 84.69
N GLY U 403 22.58 61.03 84.51
CA GLY U 403 22.99 59.95 85.42
C GLY U 403 21.93 59.62 86.47
N TYR U 404 22.35 59.08 87.62
CA TYR U 404 21.51 58.85 88.80
C TYR U 404 21.41 60.09 89.70
N ILE U 405 20.46 60.08 90.64
CA ILE U 405 19.93 61.30 91.27
C ILE U 405 19.89 61.33 92.80
N LYS U 406 20.36 60.29 93.51
CA LYS U 406 20.23 60.19 94.98
C LYS U 406 20.78 61.44 95.71
N ASP U 407 21.91 61.95 95.23
CA ASP U 407 22.57 63.18 95.64
C ASP U 407 21.64 64.41 95.66
N TYR U 408 20.66 64.42 94.77
CA TYR U 408 19.73 65.53 94.60
C TYR U 408 18.49 65.41 95.51
N LEU U 409 18.27 64.29 96.19
CA LEU U 409 16.97 64.00 96.79
C LEU U 409 16.73 64.75 98.10
N ASN U 410 15.88 65.76 98.04
CA ASN U 410 15.38 66.54 99.16
C ASN U 410 14.36 65.73 99.97
N SER U 411 14.32 65.91 101.30
CA SER U 411 13.76 64.96 102.29
C SER U 411 12.29 64.63 102.13
N GLU U 412 11.52 65.54 101.54
CA GLU U 412 10.08 65.34 101.31
C GLU U 412 9.82 64.32 100.21
N LEU U 413 10.89 63.81 99.61
CA LEU U 413 10.94 63.06 98.37
C LEU U 413 10.64 64.00 97.20
N ASN U 414 11.57 64.93 97.06
CA ASN U 414 11.45 66.13 96.28
C ASN U 414 12.84 66.55 95.76
N MET U 415 12.87 67.46 94.80
CA MET U 415 14.08 68.03 94.24
C MET U 415 13.78 69.41 93.64
N PHE U 416 14.81 70.26 93.53
CA PHE U 416 14.73 71.55 92.86
C PHE U 416 15.94 71.76 91.94
N THR U 417 15.69 72.35 90.77
CA THR U 417 16.69 72.59 89.71
C THR U 417 16.38 73.94 89.06
N ARG U 418 17.28 74.50 88.26
CA ARG U 418 17.10 75.83 87.68
C ARG U 418 17.87 76.06 86.39
N LEU U 419 17.46 77.07 85.65
CA LEU U 419 18.19 77.58 84.50
C LEU U 419 18.92 78.84 84.92
N GLU U 420 20.21 78.94 84.63
CA GLU U 420 20.96 80.18 84.77
C GLU U 420 21.10 80.88 83.41
N ILE U 421 20.64 82.13 83.32
CA ILE U 421 20.48 82.89 82.08
C ILE U 421 21.56 83.96 81.99
N ASN U 422 22.19 84.08 80.82
CA ASN U 422 23.05 85.22 80.47
C ASN U 422 22.90 85.62 78.98
N ALA U 423 23.11 86.90 78.67
CA ALA U 423 22.58 87.53 77.46
C ALA U 423 23.62 88.26 76.57
N GLY U 424 24.91 87.99 76.75
CA GLY U 424 25.97 88.76 76.11
C GLY U 424 26.03 90.16 76.71
N LYS U 425 25.44 91.16 76.04
CA LYS U 425 25.24 92.53 76.58
C LYS U 425 23.76 92.99 76.61
N ARG U 426 22.81 92.11 76.29
CA ARG U 426 21.39 92.45 76.04
C ARG U 426 20.58 92.51 77.34
N ASP U 427 20.32 93.74 77.75
CA ASP U 427 19.79 94.09 79.07
C ASP U 427 18.34 93.61 79.32
N SER U 428 17.53 93.49 78.27
CA SER U 428 16.24 92.80 78.31
C SER U 428 15.89 92.07 77.00
N VAL U 429 15.34 90.86 77.10
CA VAL U 429 15.26 89.85 76.01
C VAL U 429 14.04 88.94 76.17
N ASP U 430 13.47 88.42 75.08
CA ASP U 430 12.46 87.34 75.09
C ASP U 430 13.05 85.94 74.89
N ILE U 431 12.40 84.91 75.42
CA ILE U 431 12.69 83.50 75.07
C ILE U 431 11.40 82.76 74.74
N LYS U 432 11.39 82.04 73.61
CA LYS U 432 10.31 81.10 73.25
C LYS U 432 10.63 79.72 73.82
N VAL U 433 10.40 79.62 75.13
CA VAL U 433 10.14 78.37 75.84
C VAL U 433 9.00 77.60 75.15
N ASN U 434 9.21 76.33 74.81
CA ASN U 434 8.13 75.44 74.40
C ASN U 434 7.71 74.51 75.53
N TYR U 435 8.54 73.51 75.89
CA TYR U 435 8.11 72.44 76.80
C TYR U 435 9.29 71.67 77.42
N LEU U 436 9.03 71.01 78.57
CA LEU U 436 10.02 70.25 79.36
C LEU U 436 9.45 68.91 79.90
N ASP U 437 10.25 67.83 79.84
CA ASP U 437 9.97 66.49 80.42
C ASP U 437 11.27 65.67 80.74
N LEU U 438 11.21 64.71 81.69
CA LEU U 438 12.35 63.98 82.29
C LEU U 438 12.09 62.47 82.29
N MET U 439 13.01 61.65 81.77
CA MET U 439 12.62 60.37 81.18
C MET U 439 13.16 59.10 81.88
N PHE U 440 12.30 58.06 82.04
CA PHE U 440 12.61 56.76 82.66
C PHE U 440 11.63 55.62 82.27
N TYR U 441 11.81 54.37 82.72
CA TYR U 441 10.97 53.18 82.40
C TYR U 441 10.60 52.38 83.65
N TYR U 442 9.49 51.62 83.58
CA TYR U 442 9.32 50.39 84.36
C TYR U 442 8.27 49.41 83.77
N TYR U 443 8.04 48.25 84.38
CA TYR U 443 7.56 47.04 83.70
C TYR U 443 6.36 46.37 84.38
N LYS V 2 41.91 0.13 -37.21
CA LYS V 2 43.07 0.85 -37.84
C LYS V 2 42.76 1.42 -39.22
N THR V 3 43.62 2.33 -39.67
CA THR V 3 43.38 3.05 -40.93
C THR V 3 43.29 2.08 -42.10
N ARG V 4 42.40 2.40 -43.05
CA ARG V 4 42.22 1.64 -44.27
C ARG V 4 42.46 2.53 -45.48
N LYS V 5 42.92 1.93 -46.57
CA LYS V 5 43.51 2.70 -47.66
C LYS V 5 42.39 3.11 -48.61
N LEU V 6 42.76 3.79 -49.69
CA LEU V 6 41.79 4.18 -50.72
C LEU V 6 41.08 2.98 -51.31
N THR V 7 41.84 1.92 -51.62
CA THR V 7 41.29 0.80 -52.37
C THR V 7 40.18 0.09 -51.59
N ASN V 8 40.36 -0.10 -50.27
CA ASN V 8 39.38 -0.89 -49.54
C ASN V 8 38.06 -0.14 -49.42
N ILE V 9 38.13 1.16 -49.11
CA ILE V 9 36.93 1.98 -49.04
C ILE V 9 36.21 2.02 -50.38
N LEU V 10 36.93 2.26 -51.47
CA LEU V 10 36.27 2.29 -52.77
C LEU V 10 35.64 0.94 -53.11
N SER V 11 36.34 -0.16 -52.82
CA SER V 11 35.76 -1.48 -53.10
C SER V 11 34.52 -1.73 -52.25
N LYS V 12 34.54 -1.34 -50.96
CA LYS V 12 33.34 -1.48 -50.15
C LYS V 12 32.18 -0.65 -50.69
N LEU V 13 32.46 0.59 -51.10
CA LEU V 13 31.42 1.43 -51.69
C LEU V 13 30.83 0.80 -52.95
N ILE V 14 31.69 0.28 -53.83
CA ILE V 14 31.20 -0.35 -55.06
C ILE V 14 30.31 -1.54 -54.71
N ASP V 15 30.78 -2.39 -53.81
CA ASP V 15 30.05 -3.62 -53.49
C ASP V 15 28.71 -3.31 -52.84
N LYS V 16 28.67 -2.27 -51.99
CA LYS V 16 27.41 -1.91 -51.35
C LYS V 16 26.46 -1.22 -52.31
N THR V 17 26.99 -0.46 -53.28
CA THR V 17 26.13 0.12 -54.30
C THR V 17 25.48 -0.98 -55.14
N MET V 18 26.29 -1.94 -55.59
CA MET V 18 25.76 -3.05 -56.38
C MET V 18 24.77 -3.87 -55.57
N ALA V 19 25.01 -4.04 -54.26
CA ALA V 19 24.04 -4.76 -53.45
C ALA V 19 22.74 -3.99 -53.32
N GLY V 20 22.82 -2.70 -53.02
CA GLY V 20 21.64 -1.88 -52.93
C GLY V 20 21.02 -1.53 -54.27
N THR V 21 21.80 -0.89 -55.13
CA THR V 21 21.28 -0.28 -56.35
C THR V 21 21.28 -1.28 -57.50
N SER V 22 20.12 -1.45 -58.15
CA SER V 22 20.02 -2.16 -59.41
C SER V 22 20.05 -1.27 -60.62
N LYS V 23 19.83 0.03 -60.44
CA LYS V 23 19.86 0.96 -61.55
C LYS V 23 21.26 1.07 -62.15
N ILE V 24 22.29 0.99 -61.32
CA ILE V 24 23.65 1.35 -61.70
C ILE V 24 24.44 0.08 -61.98
N THR V 25 25.12 0.04 -63.14
CA THR V 25 25.90 -1.12 -63.57
C THR V 25 27.22 -0.74 -64.24
N ASP V 26 27.35 0.48 -64.78
CA ASP V 26 28.57 0.96 -65.42
C ASP V 26 29.44 1.64 -64.38
N PHE V 27 30.71 1.22 -64.34
CA PHE V 27 31.73 1.78 -63.43
C PHE V 27 33.03 2.08 -64.17
N THR V 28 32.94 2.40 -65.46
CA THR V 28 34.11 2.77 -66.21
C THR V 28 34.74 4.02 -65.60
N PRO V 29 36.05 4.24 -65.81
CA PRO V 29 36.65 5.51 -65.38
C PRO V 29 36.08 6.65 -66.21
N GLY V 30 35.26 7.49 -65.57
CA GLY V 30 34.47 8.50 -66.23
C GLY V 30 33.02 8.55 -65.81
N SER V 31 32.47 7.50 -65.18
CA SER V 31 31.13 7.61 -64.63
C SER V 31 31.09 8.67 -63.56
N ALA V 32 30.06 9.53 -63.63
CA ALA V 32 29.80 10.48 -62.56
C ALA V 32 29.68 9.77 -61.21
N SER V 33 29.10 8.56 -61.22
CA SER V 33 28.89 7.84 -59.97
C SER V 33 30.19 7.27 -59.42
N ARG V 34 31.06 6.74 -60.29
CA ARG V 34 32.31 6.18 -59.82
C ARG V 34 33.20 7.28 -59.24
N SER V 35 33.25 8.44 -59.89
CA SER V 35 34.12 9.49 -59.37
C SER V 35 33.47 10.19 -58.17
N LEU V 36 32.14 10.17 -58.09
CA LEU V 36 31.46 10.59 -56.88
C LEU V 36 31.91 9.72 -55.70
N LEU V 37 31.99 8.42 -55.94
CA LEU V 37 32.44 7.51 -54.90
C LEU V 37 33.93 7.68 -54.62
N GLU V 38 34.73 7.98 -55.65
CA GLU V 38 36.15 8.18 -55.44
C GLU V 38 36.42 9.42 -54.60
N ALA V 39 35.68 10.50 -54.88
CA ALA V 39 35.77 11.71 -54.07
C ALA V 39 35.42 11.42 -52.61
N VAL V 40 34.31 10.70 -52.40
CA VAL V 40 33.94 10.32 -51.03
C VAL V 40 35.06 9.53 -50.37
N SER V 41 35.62 8.57 -51.10
CA SER V 41 36.65 7.70 -50.53
C SER V 41 37.91 8.49 -50.19
N LEU V 42 38.34 9.39 -51.09
CA LEU V 42 39.49 10.24 -50.81
C LEU V 42 39.30 11.06 -49.54
N GLU V 43 38.11 11.66 -49.35
CA GLU V 43 37.90 12.45 -48.14
C GLU V 43 37.94 11.56 -46.90
N ILE V 44 37.38 10.35 -47.01
CA ILE V 44 37.41 9.41 -45.89
C ILE V 44 38.85 9.01 -45.54
N GLU V 45 39.66 8.70 -46.55
CA GLU V 45 41.06 8.38 -46.31
C GLU V 45 41.82 9.54 -45.67
N GLN V 46 41.53 10.77 -46.10
CA GLN V 46 42.16 11.93 -45.48
C GLN V 46 41.75 12.09 -44.02
N PHE V 47 40.49 11.83 -43.70
CA PHE V 47 40.08 11.87 -42.30
C PHE V 47 40.76 10.77 -41.50
N TYR V 48 40.97 9.62 -42.14
CA TYR V 48 41.69 8.54 -41.47
C TYR V 48 43.13 8.95 -41.17
N ILE V 49 43.78 9.61 -42.12
CA ILE V 49 45.15 10.08 -41.89
C ILE V 49 45.17 11.17 -40.83
N LEU V 50 44.12 12.03 -40.80
CA LEU V 50 44.00 13.02 -39.75
C LEU V 50 43.93 12.36 -38.37
N THR V 51 43.08 11.36 -38.22
CA THR V 51 43.02 10.64 -36.95
C THR V 51 44.36 9.97 -36.64
N LYS V 52 45.03 9.43 -37.66
CA LYS V 52 46.33 8.80 -37.46
C LYS V 52 47.34 9.78 -36.88
N GLU V 53 47.42 10.98 -37.48
CA GLU V 53 48.34 12.00 -36.99
C GLU V 53 47.96 12.45 -35.57
N ASN V 54 46.66 12.60 -35.31
CA ASN V 54 46.23 12.97 -33.95
C ASN V 54 46.64 11.92 -32.94
N ILE V 55 46.48 10.64 -33.29
CA ILE V 55 46.88 9.56 -32.39
C ILE V 55 48.38 9.59 -32.17
N ASP V 56 49.14 9.86 -33.23
CA ASP V 56 50.60 9.91 -33.12
C ASP V 56 51.02 11.01 -32.16
N TRP V 57 50.42 12.20 -32.29
CA TRP V 57 50.69 13.28 -31.35
C TRP V 57 50.30 12.89 -29.94
N GLY V 58 49.18 12.19 -29.80
CA GLY V 58 48.70 11.84 -28.47
C GLY V 58 49.67 10.90 -27.79
N ILE V 59 50.05 9.83 -28.48
CA ILE V 59 50.97 8.87 -27.89
C ILE V 59 52.32 9.52 -27.63
N GLN V 60 52.73 10.47 -28.48
CA GLN V 60 54.05 11.08 -28.32
C GLN V 60 54.11 12.03 -27.13
N GLU V 61 53.16 12.97 -27.00
CA GLU V 61 53.20 13.94 -25.90
C GLU V 61 51.85 14.28 -25.25
N GLY V 62 50.74 13.71 -25.72
CA GLY V 62 49.45 14.16 -25.25
C GLY V 62 49.18 13.78 -23.81
N ILE V 63 49.62 12.59 -23.39
CA ILE V 63 49.44 12.19 -22.01
C ILE V 63 50.28 13.04 -21.08
N ILE V 64 51.49 13.42 -21.49
CA ILE V 64 52.38 14.18 -20.62
C ILE V 64 51.94 15.64 -20.58
N GLU V 65 51.18 16.12 -21.58
CA GLU V 65 50.85 17.55 -21.62
C GLU V 65 50.08 18.01 -20.38
N ALA V 66 49.19 17.16 -19.84
CA ALA V 66 48.51 17.44 -18.58
C ALA V 66 49.48 17.95 -17.52
N PHE V 67 50.51 17.16 -17.19
CA PHE V 67 51.46 17.55 -16.16
C PHE V 67 52.27 18.75 -16.62
N ASP V 68 52.54 19.68 -15.73
CA ASP V 68 53.02 20.98 -16.15
C ASP V 68 54.46 20.94 -16.66
N PHE V 69 54.59 20.73 -17.95
CA PHE V 69 55.75 21.05 -18.74
C PHE V 69 55.33 21.46 -20.16
N GLN V 70 56.22 22.14 -20.85
CA GLN V 70 55.95 22.80 -22.13
C GLN V 70 56.71 22.07 -23.24
N LYS V 71 56.07 21.97 -24.42
CA LYS V 71 56.65 21.37 -25.61
C LYS V 71 57.02 22.46 -26.61
N ARG V 72 58.06 22.19 -27.40
CA ARG V 72 58.58 23.13 -28.39
C ARG V 72 58.48 22.48 -29.77
N GLN V 73 58.07 23.27 -30.76
CA GLN V 73 57.83 22.78 -32.12
C GLN V 73 58.57 23.62 -33.17
N SER V 74 59.77 24.10 -32.85
CA SER V 74 60.64 24.77 -33.83
C SER V 74 59.96 25.99 -34.43
N LYS V 75 59.17 26.72 -33.64
CA LYS V 75 58.50 27.90 -34.15
C LYS V 75 59.54 28.98 -34.43
N ARG V 76 59.48 29.55 -35.62
CA ARG V 76 60.41 30.60 -36.01
C ARG V 76 60.15 31.87 -35.18
N ALA V 77 61.22 32.63 -34.98
CA ALA V 77 61.16 33.80 -34.11
C ALA V 77 60.29 34.89 -34.74
N TYR V 78 59.51 35.57 -33.90
CA TYR V 78 58.69 36.69 -34.37
C TYR V 78 58.57 37.74 -33.28
N GLY V 79 58.25 38.96 -33.68
CA GLY V 79 58.12 40.07 -32.76
C GLY V 79 57.53 41.29 -33.42
N ASP V 80 56.96 42.16 -32.59
CA ASP V 80 56.37 43.40 -33.09
C ASP V 80 57.44 44.36 -33.59
N VAL V 81 57.17 45.01 -34.72
CA VAL V 81 58.05 46.02 -35.29
C VAL V 81 57.26 47.24 -35.74
N THR V 82 57.83 48.44 -35.56
CA THR V 82 57.14 49.69 -35.82
C THR V 82 57.90 50.46 -36.88
N ILE V 83 57.16 51.12 -37.77
CA ILE V 83 57.70 51.93 -38.85
C ILE V 83 57.21 53.36 -38.69
N GLN V 84 58.03 54.32 -39.12
CA GLN V 84 57.77 55.75 -39.00
C GLN V 84 57.90 56.43 -40.36
N PHE V 85 57.19 57.54 -40.57
CA PHE V 85 57.27 58.26 -41.84
C PHE V 85 57.58 59.73 -41.57
N TYR V 86 58.07 60.40 -42.62
CA TYR V 86 58.45 61.81 -42.50
C TYR V 86 57.24 62.66 -42.12
N GLN V 87 56.13 62.50 -42.84
CA GLN V 87 54.91 63.27 -42.68
C GLN V 87 53.75 62.28 -42.59
N PRO V 88 52.61 62.70 -42.01
CA PRO V 88 51.41 61.86 -42.08
C PRO V 88 51.02 61.55 -43.53
N LEU V 89 50.49 60.34 -43.72
CA LEU V 89 50.14 59.87 -45.05
C LEU V 89 48.87 60.55 -45.55
N ASP V 90 48.68 60.51 -46.87
CA ASP V 90 47.47 60.99 -47.54
C ASP V 90 46.99 59.96 -48.55
N MET V 91 47.19 58.67 -48.26
CA MET V 91 46.77 57.59 -49.14
C MET V 91 46.93 56.28 -48.38
N ARG V 92 46.14 55.28 -48.79
CA ARG V 92 46.19 53.96 -48.17
C ARG V 92 47.32 53.18 -48.82
N MET V 93 48.51 53.30 -48.22
CA MET V 93 49.68 52.62 -48.75
C MET V 93 49.57 51.11 -48.55
N TYR V 94 50.13 50.37 -49.49
CA TYR V 94 50.09 48.91 -49.48
C TYR V 94 51.39 48.32 -48.94
N ILE V 95 51.25 47.26 -48.15
CA ILE V 95 52.38 46.55 -47.55
C ILE V 95 52.26 45.06 -47.88
N PRO V 96 52.92 44.58 -48.94
CA PRO V 96 52.68 43.19 -49.36
C PRO V 96 53.20 42.16 -48.36
N ALA V 97 52.50 41.04 -48.30
CA ALA V 97 53.05 39.84 -47.67
C ALA V 97 54.31 39.43 -48.42
N GLY V 98 55.28 38.89 -47.69
CA GLY V 98 56.56 38.52 -48.25
C GLY V 98 57.58 39.63 -48.28
N THR V 99 57.23 40.82 -47.80
CA THR V 99 58.19 41.92 -47.69
C THR V 99 59.29 41.55 -46.72
N THR V 100 60.52 41.86 -47.12
CA THR V 100 61.73 41.52 -46.40
C THR V 100 62.23 42.74 -45.63
N PHE V 101 62.48 42.55 -44.34
CA PHE V 101 63.09 43.56 -43.46
C PHE V 101 64.52 43.09 -43.20
N THR V 102 65.47 43.66 -43.93
CA THR V 102 66.87 43.26 -43.80
C THR V 102 67.55 43.92 -42.60
N SER V 103 68.49 43.19 -42.01
CA SER V 103 69.31 43.70 -40.92
C SER V 103 70.11 44.92 -41.37
N THR V 104 70.11 45.96 -40.51
CA THR V 104 70.94 47.13 -40.78
C THR V 104 72.39 46.87 -40.40
N ARG V 105 72.61 46.10 -39.34
CA ARG V 105 73.97 45.72 -38.96
C ARG V 105 74.53 44.70 -39.95
N GLN V 106 75.75 44.97 -40.40
CA GLN V 106 76.47 44.09 -41.33
C GLN V 106 76.76 42.73 -40.70
N GLU V 107 77.06 42.71 -39.40
CA GLU V 107 77.45 41.46 -38.74
C GLU V 107 76.29 40.48 -38.56
N TYR V 108 75.05 40.95 -38.68
CA TYR V 108 73.87 40.11 -38.46
C TYR V 108 73.29 39.70 -39.81
N PRO V 109 73.47 38.46 -40.28
CA PRO V 109 72.84 38.05 -41.53
C PRO V 109 71.37 37.67 -41.43
N GLN V 110 70.75 37.89 -40.27
CA GLN V 110 69.36 37.51 -40.09
C GLN V 110 68.44 38.36 -40.96
N GLN V 111 67.36 37.75 -41.43
CA GLN V 111 66.35 38.40 -42.26
C GLN V 111 64.95 37.98 -41.80
N PHE V 112 63.95 38.81 -42.09
CA PHE V 112 62.58 38.57 -41.62
C PHE V 112 61.60 38.90 -42.75
N GLU V 113 60.43 38.24 -42.69
CA GLU V 113 59.38 38.36 -43.70
C GLU V 113 58.00 38.46 -43.06
N THR V 114 57.08 39.10 -43.79
CA THR V 114 55.77 39.50 -43.29
C THR V 114 54.75 38.54 -43.89
N LEU V 115 54.07 37.80 -43.03
CA LEU V 115 53.23 36.72 -43.53
C LEU V 115 51.93 37.23 -44.15
N VAL V 116 51.40 38.36 -43.65
CA VAL V 116 50.09 38.88 -44.02
C VAL V 116 50.20 40.34 -44.42
N ASP V 117 49.39 40.72 -45.40
CA ASP V 117 49.35 42.08 -45.90
C ASP V 117 48.76 43.04 -44.87
N TYR V 118 49.28 44.26 -44.85
CA TYR V 118 48.78 45.33 -43.99
C TYR V 118 48.52 46.56 -44.86
N TYR V 119 47.46 47.29 -44.52
CA TYR V 119 47.07 48.51 -45.23
C TYR V 119 47.17 49.69 -44.26
N ALA V 120 48.15 50.58 -44.50
CA ALA V 120 48.27 51.82 -43.76
C ALA V 120 46.97 52.61 -43.77
N GLU V 121 46.71 53.30 -42.66
CA GLU V 121 45.53 54.14 -42.54
C GLU V 121 45.68 55.37 -43.43
N PRO V 122 44.62 56.17 -43.58
CA PRO V 122 44.75 57.35 -44.45
C PRO V 122 45.70 58.39 -43.90
N ASP V 123 45.72 58.56 -42.56
CA ASP V 123 46.45 59.65 -41.92
C ASP V 123 47.25 59.24 -40.69
N SER V 124 47.44 57.95 -40.41
CA SER V 124 48.20 57.55 -39.24
C SER V 124 49.69 57.71 -39.53
N THR V 125 50.40 58.34 -38.59
CA THR V 125 51.82 58.64 -38.72
C THR V 125 52.72 57.47 -38.35
N GLU V 126 52.17 56.34 -37.89
CA GLU V 126 52.91 55.22 -37.34
C GLU V 126 52.01 54.00 -37.31
N ILE V 127 52.62 52.85 -37.58
CA ILE V 127 51.91 51.58 -37.59
C ILE V 127 52.87 50.48 -37.12
N VAL V 128 52.32 49.54 -36.35
CA VAL V 128 53.07 48.39 -35.83
C VAL V 128 52.55 47.13 -36.49
N VAL V 129 53.47 46.28 -36.94
CA VAL V 129 53.15 45.01 -37.60
C VAL V 129 53.99 43.90 -37.01
N GLU V 130 53.54 42.66 -37.24
CA GLU V 130 54.24 41.46 -36.77
C GLU V 130 55.05 40.88 -37.92
N VAL V 131 56.31 40.54 -37.65
CA VAL V 131 57.23 40.01 -38.65
C VAL V 131 57.85 38.71 -38.13
N TYR V 132 57.91 37.69 -38.98
CA TYR V 132 58.48 36.41 -38.61
C TYR V 132 59.82 36.20 -39.30
N CYS V 133 60.76 35.58 -38.57
CA CYS V 133 62.09 35.34 -39.11
C CYS V 133 62.07 34.20 -40.12
N LYS V 134 63.08 34.21 -41.01
CA LYS V 134 63.16 33.16 -42.03
C LYS V 134 63.78 31.89 -41.45
N GLU V 135 64.72 32.07 -40.51
CA GLU V 135 65.53 31.00 -39.95
C GLU V 135 64.96 30.59 -38.60
N THR V 136 64.76 29.29 -38.41
CA THR V 136 64.28 28.77 -37.14
C THR V 136 65.44 28.64 -36.16
N GLY V 137 65.13 28.23 -34.92
CA GLY V 137 66.16 27.97 -33.94
C GLY V 137 66.45 29.14 -33.03
N VAL V 138 67.54 29.00 -32.26
CA VAL V 138 67.93 30.14 -31.42
C VAL V 138 68.63 31.19 -32.26
N ALA V 139 69.21 30.77 -33.39
CA ALA V 139 69.93 31.68 -34.26
C ALA V 139 69.08 32.85 -34.76
N GLY V 140 67.75 32.73 -34.74
CA GLY V 140 66.89 33.81 -35.16
C GLY V 140 66.71 34.91 -34.14
N ASN V 141 67.23 34.74 -32.94
CA ASN V 141 67.14 35.79 -31.95
C ASN V 141 68.06 36.96 -32.32
N VAL V 142 67.58 38.18 -32.08
CA VAL V 142 68.31 39.40 -32.43
C VAL V 142 68.20 40.38 -31.27
N PRO V 143 69.24 41.15 -30.95
CA PRO V 143 69.10 42.13 -29.87
C PRO V 143 68.24 43.31 -30.32
N GLU V 144 67.91 44.15 -29.36
CA GLU V 144 67.07 45.31 -29.61
C GLU V 144 67.80 46.34 -30.46
N GLY V 145 67.05 46.99 -31.35
CA GLY V 145 67.58 48.08 -32.13
C GLY V 145 68.51 47.55 -33.21
N THR V 146 68.09 46.50 -33.90
CA THR V 146 68.85 45.92 -35.00
C THR V 146 68.12 46.02 -36.33
N ILE V 147 66.81 45.86 -36.33
CA ILE V 147 66.00 45.89 -37.55
C ILE V 147 65.67 47.34 -37.87
N ASN V 148 66.41 47.94 -38.80
CA ASN V 148 66.18 49.32 -39.20
C ASN V 148 66.33 49.51 -40.71
N THR V 149 65.97 48.51 -41.51
CA THR V 149 65.99 48.63 -42.96
C THR V 149 64.86 47.79 -43.54
N ILE V 150 64.29 48.29 -44.64
CA ILE V 150 63.21 47.65 -45.36
C ILE V 150 63.62 47.57 -46.83
N ALA V 151 63.40 46.42 -47.44
CA ALA V 151 63.78 46.20 -48.84
C ALA V 151 62.91 47.02 -49.77
N SER V 152 61.59 46.99 -49.58
CA SER V 152 60.66 47.76 -50.40
C SER V 152 60.54 49.19 -49.84
N GLY V 153 61.64 49.92 -49.96
CA GLY V 153 61.69 51.26 -49.42
C GLY V 153 60.81 52.23 -50.19
N SER V 154 60.57 53.39 -49.57
CA SER V 154 59.77 54.42 -50.20
C SER V 154 60.23 55.78 -49.69
N SER V 155 59.82 56.82 -50.40
CA SER V 155 60.14 58.18 -50.01
C SER V 155 59.53 58.55 -48.67
N LEU V 156 58.29 58.11 -48.43
CA LEU V 156 57.57 58.48 -47.23
C LEU V 156 58.18 57.81 -46.00
N ILE V 157 58.69 56.59 -46.18
CA ILE V 157 59.26 55.81 -45.09
C ILE V 157 60.53 56.51 -44.60
N ARG V 158 60.65 56.69 -43.28
CA ARG V 158 61.83 57.33 -42.68
C ARG V 158 62.79 56.28 -42.16
N SER V 159 62.35 55.48 -41.20
CA SER V 159 63.19 54.52 -40.52
C SER V 159 62.30 53.47 -39.87
N VAL V 160 62.91 52.36 -39.45
CA VAL V 160 62.21 51.27 -38.78
C VAL V 160 62.95 50.97 -37.49
N ASN V 161 62.21 50.53 -36.46
CA ASN V 161 62.82 50.14 -35.19
C ASN V 161 61.91 49.14 -34.51
N ASN V 162 62.54 48.31 -33.66
CA ASN V 162 61.87 47.32 -32.83
C ASN V 162 62.19 47.64 -31.38
N GLU V 163 61.20 48.19 -30.65
CA GLU V 163 61.43 48.56 -29.26
C GLU V 163 61.69 47.33 -28.39
N TYR V 164 60.90 46.28 -28.57
CA TYR V 164 61.00 45.06 -27.79
C TYR V 164 61.83 44.02 -28.55
N SER V 165 62.61 43.25 -27.78
CA SER V 165 63.51 42.25 -28.33
C SER V 165 62.74 40.97 -28.68
N PHE V 166 63.29 40.22 -29.62
CA PHE V 166 62.68 38.98 -30.06
C PHE V 166 62.95 37.87 -29.05
N ASN V 167 61.92 37.54 -28.26
CA ASN V 167 62.01 36.53 -27.20
C ASN V 167 61.43 35.18 -27.60
N THR V 168 60.64 35.13 -28.67
CA THR V 168 59.93 33.92 -29.09
C THR V 168 60.80 32.98 -29.91
N GLY V 169 62.12 33.11 -29.84
CA GLY V 169 62.97 32.13 -30.48
C GLY V 169 62.88 30.79 -29.77
N THR V 170 62.71 29.73 -30.56
CA THR V 170 62.40 28.39 -30.05
C THR V 170 63.19 27.34 -30.81
N LYS V 171 63.65 26.32 -30.08
CA LYS V 171 64.40 25.19 -30.61
C LYS V 171 63.79 23.90 -30.10
N GLU V 172 63.65 22.90 -30.99
CA GLU V 172 62.97 21.66 -30.64
C GLU V 172 63.98 20.55 -30.39
N GLU V 173 63.81 19.84 -29.28
CA GLU V 173 64.64 18.72 -28.88
C GLU V 173 63.93 17.40 -29.21
N SER V 174 64.60 16.29 -28.89
CA SER V 174 64.04 14.98 -29.18
C SER V 174 63.10 14.52 -28.07
N GLN V 175 62.33 13.48 -28.39
CA GLN V 175 61.38 12.93 -27.42
C GLN V 175 62.06 12.52 -26.12
N GLU V 176 63.29 12.01 -26.21
CA GLU V 176 64.04 11.65 -25.02
C GLU V 176 64.27 12.85 -24.10
N ASP V 177 64.59 14.04 -24.59
CA ASP V 177 64.93 15.14 -23.67
C ASP V 177 63.73 15.68 -22.89
N PHE V 178 62.57 15.70 -23.54
CA PHE V 178 61.30 15.99 -22.91
C PHE V 178 60.92 14.89 -21.90
N LYS V 179 60.99 13.62 -22.30
CA LYS V 179 60.70 12.47 -21.42
C LYS V 179 61.62 12.46 -20.19
N ARG V 180 62.89 12.81 -20.37
CA ARG V 180 63.86 12.95 -19.28
C ARG V 180 63.49 14.09 -18.34
N ARG V 181 63.06 15.25 -18.84
CA ARG V 181 62.64 16.38 -17.99
C ARG V 181 61.47 15.98 -17.10
N PHE V 182 60.44 15.39 -17.66
CA PHE V 182 59.33 14.88 -16.84
C PHE V 182 59.79 13.83 -15.84
N HIS V 183 60.64 12.87 -16.22
CA HIS V 183 61.19 11.90 -15.26
C HIS V 183 61.89 12.56 -14.10
N SER V 184 62.64 13.61 -14.41
CA SER V 184 63.35 14.37 -13.40
C SER V 184 62.37 14.93 -12.36
N PHE V 185 61.20 15.36 -12.80
CA PHE V 185 60.15 15.78 -11.88
C PHE V 185 59.50 14.61 -11.13
N VAL V 186 59.16 13.52 -11.81
CA VAL V 186 58.58 12.33 -11.16
C VAL V 186 59.49 11.80 -10.07
N GLU V 187 60.78 11.71 -10.37
CA GLU V 187 61.78 11.26 -9.42
C GLU V 187 61.97 12.27 -8.29
N SER V 188 61.87 13.57 -8.58
CA SER V 188 61.89 14.59 -7.53
C SER V 188 60.76 14.42 -6.52
N ARG V 189 59.63 13.83 -6.92
CA ARG V 189 58.51 13.54 -6.02
C ARG V 189 58.72 12.31 -5.14
N GLY V 190 59.95 11.87 -4.94
CA GLY V 190 60.34 10.96 -3.85
C GLY V 190 60.68 11.69 -2.55
N ARG V 191 60.30 11.11 -1.40
CA ARG V 191 60.51 11.60 -0.02
C ARG V 191 60.85 10.45 0.92
N ALA V 192 61.36 10.73 2.12
CA ALA V 192 61.56 9.76 3.21
C ALA V 192 62.39 8.57 2.74
N THR V 193 63.43 8.83 1.95
CA THR V 193 64.41 7.81 1.60
C THR V 193 65.81 8.42 1.55
N ASN V 194 66.81 7.55 1.62
CA ASN V 194 68.21 7.98 1.60
C ASN V 194 68.53 8.77 0.33
N LYS V 195 68.18 8.19 -0.83
CA LYS V 195 68.42 8.84 -2.11
C LYS V 195 67.66 10.15 -2.21
N SER V 196 66.39 10.15 -1.78
CA SER V 196 65.59 11.37 -1.87
C SER V 196 66.16 12.41 -0.92
N VAL V 197 66.56 12.01 0.29
CA VAL V 197 67.16 12.96 1.21
C VAL V 197 68.43 13.55 0.61
N ARG V 198 69.23 12.73 -0.07
CA ARG V 198 70.48 13.18 -0.65
C ARG V 198 70.22 14.16 -1.78
N TYR V 199 69.23 13.88 -2.62
CA TYR V 199 68.88 14.82 -3.68
C TYR V 199 68.38 16.11 -3.07
N GLY V 200 67.53 16.05 -2.05
CA GLY V 200 66.97 17.27 -1.50
C GLY V 200 68.02 18.12 -0.82
N ALA V 201 69.02 17.49 -0.22
CA ALA V 201 70.15 18.25 0.30
C ALA V 201 70.95 18.86 -0.84
N LEU V 202 71.21 18.11 -1.91
CA LEU V 202 71.98 18.64 -3.02
C LEU V 202 71.24 19.70 -3.81
N GLN V 203 69.92 19.82 -3.65
CA GLN V 203 69.12 20.87 -4.29
C GLN V 203 69.66 22.22 -3.90
N ILE V 204 69.80 22.44 -2.61
CA ILE V 204 70.25 23.75 -2.11
C ILE V 204 71.70 23.99 -2.54
N PRO V 205 72.12 25.22 -2.88
CA PRO V 205 73.52 25.39 -3.31
C PRO V 205 74.46 25.25 -2.12
N ASP V 206 75.74 25.10 -2.41
CA ASP V 206 76.76 24.88 -1.37
C ASP V 206 76.46 23.59 -0.61
N VAL V 207 76.10 22.54 -1.35
CA VAL V 207 75.94 21.20 -0.82
C VAL V 207 76.57 20.24 -1.82
N GLU V 208 77.66 19.58 -1.41
CA GLU V 208 78.35 18.61 -2.24
C GLU V 208 79.01 17.59 -1.32
N GLY V 209 79.16 16.37 -1.81
CA GLY V 209 79.70 15.29 -1.02
C GLY V 209 79.03 15.09 0.33
N VAL V 210 77.70 15.12 0.32
CA VAL V 210 76.93 14.83 1.53
C VAL V 210 76.94 13.33 1.79
N TYR V 211 77.20 12.95 3.04
CA TYR V 211 77.17 11.56 3.47
C TYR V 211 76.05 11.37 4.49
N VAL V 212 75.34 10.25 4.37
CA VAL V 212 74.20 9.93 5.21
C VAL V 212 74.51 8.64 5.96
N TYR V 213 74.29 8.65 7.27
CA TYR V 213 74.45 7.48 8.13
C TYR V 213 73.08 7.20 8.74
N GLU V 214 72.63 5.96 8.63
CA GLU V 214 71.26 5.58 8.99
C GLU V 214 71.30 4.63 10.17
N GLU V 215 70.40 4.85 11.12
CA GLU V 215 70.24 3.94 12.24
C GLU V 215 68.78 4.01 12.70
N THR V 216 68.24 2.86 13.10
CA THR V 216 66.91 2.74 13.69
C THR V 216 66.57 3.83 14.71
N GLY V 217 67.57 4.28 15.48
CA GLY V 217 67.37 5.26 16.52
C GLY V 217 67.35 6.67 15.95
N HIS V 218 68.42 7.04 15.26
CA HIS V 218 68.66 8.41 14.83
C HIS V 218 69.18 8.38 13.40
N ILE V 219 68.99 9.50 12.69
CA ILE V 219 69.53 9.68 11.34
C ILE V 219 70.43 10.91 11.38
N THR V 220 71.68 10.73 10.96
CA THR V 220 72.74 11.71 11.13
C THR V 220 73.34 12.02 9.76
N VAL V 221 73.37 13.31 9.43
CA VAL V 221 73.85 13.78 8.13
C VAL V 221 74.96 14.79 8.38
N PHE V 222 76.08 14.61 7.69
CA PHE V 222 77.23 15.50 7.82
C PHE V 222 77.90 15.62 6.47
N ALA V 223 78.47 16.79 6.19
CA ALA V 223 79.03 17.07 4.87
C ALA V 223 80.19 18.05 5.01
N HIS V 224 81.08 18.01 4.01
CA HIS V 224 82.18 18.96 3.89
C HIS V 224 81.95 19.79 2.63
N ASP V 225 80.79 20.44 2.54
CA ASP V 225 80.41 21.04 1.27
C ASP V 225 81.24 22.29 0.96
N ARG V 226 81.40 23.18 1.95
CA ARG V 226 81.98 24.50 1.72
C ARG V 226 83.46 24.48 2.09
N ASN V 227 84.32 24.45 1.07
CA ASN V 227 85.77 24.47 1.22
C ASN V 227 86.27 23.50 2.30
N GLY V 228 85.68 22.30 2.33
CA GLY V 228 86.06 21.28 3.29
C GLY V 228 85.54 21.47 4.70
N ASN V 229 84.67 22.45 4.93
CA ASN V 229 84.16 22.75 6.27
C ASN V 229 82.69 23.11 6.17
N LEU V 230 82.00 22.89 7.28
CA LEU V 230 80.57 23.14 7.41
C LEU V 230 80.37 24.29 8.38
N SER V 231 79.48 25.24 8.03
CA SER V 231 79.21 26.37 8.92
C SER V 231 77.90 26.16 9.68
N ASP V 232 77.79 26.84 10.82
CA ASP V 232 76.57 26.71 11.62
C ASP V 232 75.35 27.22 10.87
N THR V 233 75.51 28.33 10.12
CA THR V 233 74.37 28.89 9.40
C THR V 233 73.83 27.91 8.37
N LEU V 234 74.74 27.21 7.68
CA LEU V 234 74.32 26.24 6.68
C LEU V 234 73.62 25.05 7.35
N LYS V 235 74.07 24.67 8.54
CA LYS V 235 73.39 23.63 9.30
C LYS V 235 71.96 24.05 9.64
N GLU V 236 71.78 25.29 10.11
CA GLU V 236 70.44 25.77 10.42
C GLU V 236 69.56 25.73 9.17
N ASP V 237 70.11 26.23 8.05
CA ASP V 237 69.33 26.31 6.82
C ASP V 237 68.93 24.93 6.34
N ILE V 238 69.84 23.97 6.44
CA ILE V 238 69.58 22.66 5.84
C ILE V 238 68.71 21.82 6.76
N ILE V 239 68.78 22.05 8.08
CA ILE V 239 67.85 21.40 8.99
C ILE V 239 66.42 21.78 8.62
N ASP V 240 66.17 23.07 8.37
CA ASP V 240 64.79 23.44 8.06
C ASP V 240 64.35 22.85 6.72
N ALA V 241 65.23 22.85 5.71
CA ALA V 241 64.88 22.29 4.41
C ALA V 241 64.55 20.80 4.47
N LEU V 242 65.29 20.02 5.27
CA LEU V 242 65.13 18.57 5.27
C LEU V 242 63.91 18.11 6.05
N GLN V 243 63.14 19.03 6.65
CA GLN V 243 61.97 18.63 7.42
C GLN V 243 60.96 17.96 6.51
N ASP V 244 60.75 18.51 5.30
CA ASP V 244 59.87 17.89 4.33
C ASP V 244 60.37 16.51 3.87
N TYR V 245 61.67 16.26 3.95
CA TYR V 245 62.30 15.05 3.48
C TYR V 245 62.40 13.96 4.54
N ARG V 246 62.40 14.29 5.84
CA ARG V 246 62.65 13.29 6.87
C ARG V 246 61.42 12.39 7.05
N PRO V 247 61.60 11.15 7.51
CA PRO V 247 60.43 10.30 7.79
C PRO V 247 59.66 10.80 9.00
N SER V 248 58.36 10.54 8.98
CA SER V 248 57.49 10.96 10.06
C SER V 248 57.75 10.12 11.32
N GLY V 249 57.97 10.77 12.45
CA GLY V 249 58.22 10.08 13.70
C GLY V 249 59.64 9.61 13.90
N ILE V 250 60.53 9.87 12.94
CA ILE V 250 61.96 9.54 13.03
C ILE V 250 62.74 10.81 13.27
N MET V 251 63.66 10.76 14.24
CA MET V 251 64.50 11.90 14.55
C MET V 251 65.50 12.15 13.43
N LEU V 252 65.81 13.41 13.23
CA LEU V 252 66.80 13.87 12.27
C LEU V 252 67.83 14.72 13.01
N ASP V 253 69.10 14.48 12.70
CA ASP V 253 70.22 15.17 13.30
C ASP V 253 71.24 15.57 12.24
N VAL V 254 71.82 16.75 12.41
CA VAL V 254 72.84 17.26 11.49
C VAL V 254 74.07 17.65 12.32
N THR V 255 75.24 17.21 11.88
CA THR V 255 76.50 17.46 12.58
C THR V 255 77.58 17.77 11.55
N GLY V 256 78.75 18.21 12.03
CA GLY V 256 79.86 18.53 11.16
C GLY V 256 80.72 17.30 10.87
N VAL V 257 81.78 17.54 10.11
CA VAL V 257 82.73 16.52 9.68
C VAL V 257 84.07 16.76 10.37
N GLU V 258 84.64 15.71 10.96
CA GLU V 258 85.96 15.75 11.59
C GLU V 258 86.96 14.96 10.74
N LYS V 259 88.23 15.17 11.05
CA LYS V 259 89.33 14.51 10.36
C LYS V 259 90.33 13.95 11.38
N GLU V 260 91.02 12.88 10.98
CA GLU V 260 92.03 12.23 11.81
C GLU V 260 93.33 12.20 11.02
N GLU V 261 94.31 13.01 11.44
CA GLU V 261 95.60 13.03 10.76
C GLU V 261 96.41 11.80 11.16
N VAL V 262 96.96 11.13 10.16
CA VAL V 262 97.74 9.91 10.36
C VAL V 262 99.22 10.27 10.27
N ASN V 263 100.01 9.68 11.14
CA ASN V 263 101.47 9.81 11.14
C ASN V 263 102.04 8.46 10.76
N VAL V 264 102.93 8.46 9.78
CA VAL V 264 103.47 7.23 9.22
C VAL V 264 104.93 7.49 8.82
N SER V 265 105.80 6.57 9.18
CA SER V 265 107.20 6.59 8.76
C SER V 265 107.50 5.21 8.16
N ALA V 266 107.35 5.12 6.84
CA ALA V 266 107.50 3.87 6.12
C ALA V 266 108.93 3.68 5.65
N THR V 267 109.28 2.42 5.38
CA THR V 267 110.59 2.05 4.85
C THR V 267 110.39 1.21 3.60
N VAL V 268 111.23 1.46 2.59
CA VAL V 268 111.13 0.77 1.31
C VAL V 268 112.51 0.25 0.93
N THR V 269 112.57 -1.03 0.57
CA THR V 269 113.77 -1.64 0.02
C THR V 269 113.69 -1.65 -1.50
N ILE V 270 114.76 -1.22 -2.15
CA ILE V 270 114.87 -1.16 -3.60
C ILE V 270 115.88 -2.20 -4.06
N SER V 271 115.53 -2.94 -5.12
CA SER V 271 116.48 -3.93 -5.64
C SER V 271 117.78 -3.30 -6.12
N ASN V 272 117.70 -2.18 -6.85
CA ASN V 272 118.86 -1.53 -7.44
C ASN V 272 119.14 -0.27 -6.63
N LYS V 273 120.06 -0.36 -5.68
CA LYS V 273 120.35 0.78 -4.81
C LYS V 273 120.99 1.94 -5.58
N SER V 274 121.58 1.69 -6.75
CA SER V 274 122.16 2.80 -7.50
C SER V 274 121.12 3.82 -7.98
N ARG V 275 119.85 3.44 -8.06
CA ARG V 275 118.79 4.31 -8.57
C ARG V 275 118.32 5.35 -7.55
N ILE V 276 118.63 5.17 -6.27
CA ILE V 276 118.06 6.02 -5.23
C ILE V 276 118.51 7.47 -5.42
N GLY V 277 117.64 8.39 -5.04
CA GLY V 277 117.98 9.79 -5.03
C GLY V 277 116.89 10.61 -4.38
N ASP V 278 117.22 11.89 -4.16
CA ASP V 278 116.28 12.81 -3.52
C ASP V 278 114.95 12.87 -4.28
N THR V 279 115.03 12.94 -5.61
CA THR V 279 113.81 13.01 -6.42
C THR V 279 112.93 11.78 -6.23
N LEU V 280 113.55 10.59 -6.15
CA LEU V 280 112.76 9.37 -6.02
C LEU V 280 112.01 9.33 -4.71
N GLN V 281 112.69 9.63 -3.59
CA GLN V 281 111.99 9.61 -2.31
C GLN V 281 110.97 10.74 -2.23
N LYS V 282 111.27 11.91 -2.82
CA LYS V 282 110.27 12.97 -2.84
C LYS V 282 109.01 12.52 -3.59
N HIS V 283 109.18 11.92 -4.76
CA HIS V 283 108.03 11.43 -5.51
C HIS V 283 107.26 10.37 -4.75
N ILE V 284 107.98 9.49 -4.05
CA ILE V 284 107.30 8.46 -3.26
C ILE V 284 106.48 9.11 -2.16
N GLU V 285 107.06 10.10 -1.47
CA GLU V 285 106.31 10.77 -0.42
C GLU V 285 105.11 11.51 -0.98
N SER V 286 105.24 12.11 -2.17
CA SER V 286 104.10 12.81 -2.76
C SER V 286 103.00 11.84 -3.13
N VAL V 287 103.38 10.68 -3.67
CA VAL V 287 102.38 9.68 -4.04
C VAL V 287 101.67 9.18 -2.79
N ILE V 288 102.42 8.94 -1.72
CA ILE V 288 101.81 8.42 -0.49
C ILE V 288 100.83 9.44 0.07
N ARG V 289 101.24 10.71 0.12
CA ARG V 289 100.39 11.73 0.73
C ARG V 289 99.17 12.02 -0.13
N SER V 290 99.30 11.94 -1.47
CA SER V 290 98.12 12.09 -2.33
C SER V 290 97.16 10.93 -2.16
N TYR V 291 97.69 9.71 -2.04
CA TYR V 291 96.84 8.53 -1.83
C TYR V 291 96.13 8.61 -0.49
N LEU V 292 96.82 9.06 0.55
CA LEU V 292 96.22 9.15 1.87
C LEU V 292 95.23 10.31 1.94
N ASN V 293 95.43 11.35 1.12
CA ASN V 293 94.48 12.44 1.10
C ASN V 293 93.16 12.02 0.47
N ASN V 294 93.21 11.26 -0.62
CA ASN V 294 91.99 10.93 -1.36
C ASN V 294 91.36 9.67 -0.77
N LEU V 295 90.75 9.85 0.40
CA LEU V 295 90.03 8.79 1.09
C LEU V 295 88.56 9.17 1.28
N LYS V 296 87.68 8.19 1.12
CA LYS V 296 86.24 8.45 1.14
C LYS V 296 85.81 8.57 2.60
N THR V 297 84.65 9.19 2.82
CA THR V 297 84.15 9.33 4.17
C THR V 297 83.87 7.96 4.80
N SER V 298 84.29 7.81 6.07
CA SER V 298 84.09 6.58 6.83
C SER V 298 84.82 5.40 6.19
N ASP V 299 85.97 5.67 5.56
CA ASP V 299 86.79 4.65 4.92
C ASP V 299 87.91 4.28 5.88
N ASP V 300 87.91 3.02 6.33
CA ASP V 300 88.96 2.54 7.22
C ASP V 300 90.29 2.46 6.48
N LEU V 301 91.36 2.88 7.16
CA LEU V 301 92.69 2.88 6.57
C LEU V 301 93.26 1.47 6.68
N ILE V 302 92.96 0.63 5.70
CA ILE V 302 93.50 -0.72 5.65
C ILE V 302 94.96 -0.69 5.20
N ILE V 303 95.84 -1.28 6.00
CA ILE V 303 97.26 -1.35 5.66
C ILE V 303 97.44 -2.12 4.36
N THR V 304 96.56 -3.07 4.06
CA THR V 304 96.71 -3.86 2.86
C THR V 304 96.59 -3.01 1.61
N ASP V 305 95.58 -2.12 1.56
CA ASP V 305 95.45 -1.23 0.41
C ASP V 305 96.65 -0.29 0.32
N LEU V 306 97.16 0.20 1.46
CA LEU V 306 98.32 1.08 1.41
C LEU V 306 99.53 0.36 0.83
N ILE V 307 99.68 -0.92 1.20
CA ILE V 307 100.79 -1.71 0.70
C ILE V 307 100.68 -1.92 -0.80
N GLN V 308 99.47 -2.26 -1.26
CA GLN V 308 99.21 -2.40 -2.68
C GLN V 308 99.50 -1.11 -3.43
N ALA V 309 98.99 0.01 -2.90
CA ALA V 309 99.16 1.31 -3.53
C ALA V 309 100.63 1.70 -3.64
N ILE V 310 101.39 1.52 -2.56
CA ILE V 310 102.79 1.96 -2.57
C ILE V 310 103.63 1.02 -3.40
N MET V 311 103.29 -0.27 -3.46
CA MET V 311 104.06 -1.22 -4.24
C MET V 311 103.75 -1.11 -5.73
N ASN V 312 102.56 -0.65 -6.08
CA ASN V 312 102.15 -0.58 -7.48
C ASN V 312 102.84 0.54 -8.23
N ILE V 313 103.69 1.33 -7.57
CA ILE V 313 104.45 2.34 -8.30
C ILE V 313 105.39 1.67 -9.29
N ASP V 314 106.10 0.62 -8.87
CA ASP V 314 106.93 -0.08 -9.85
C ASP V 314 107.30 -1.40 -9.20
N ASP V 315 106.92 -2.52 -9.82
CA ASP V 315 107.12 -3.81 -9.18
C ASP V 315 108.60 -4.19 -9.18
N VAL V 316 109.33 -3.81 -10.22
CA VAL V 316 110.76 -4.14 -10.30
C VAL V 316 111.55 -3.33 -9.30
N LEU V 317 111.24 -2.04 -9.18
CA LEU V 317 111.93 -1.17 -8.23
C LEU V 317 111.82 -1.69 -6.80
N ILE V 318 110.60 -1.79 -6.29
CA ILE V 318 110.35 -2.12 -4.89
C ILE V 318 110.52 -3.62 -4.71
N TYR V 319 111.22 -4.00 -3.64
CA TYR V 319 111.43 -5.40 -3.25
C TYR V 319 110.78 -5.74 -1.92
N ASP V 320 110.86 -4.85 -0.93
CA ASP V 320 110.25 -5.03 0.38
C ASP V 320 109.76 -3.70 0.91
N VAL V 321 108.68 -3.74 1.71
CA VAL V 321 108.14 -2.53 2.33
C VAL V 321 107.71 -2.87 3.76
N SER V 322 107.77 -1.88 4.64
CA SER V 322 107.35 -2.07 6.02
C SER V 322 107.04 -0.70 6.60
N PHE V 323 106.30 -0.69 7.70
CA PHE V 323 105.96 0.54 8.43
C PHE V 323 106.46 0.47 9.87
N ASP V 324 107.41 1.34 10.19
CA ASP V 324 107.89 1.47 11.56
C ASP V 324 106.77 1.82 12.54
N ASN V 325 105.95 2.84 12.22
CA ASN V 325 104.99 3.41 13.17
C ASN V 325 103.55 3.24 12.69
N LEU V 326 103.21 2.04 12.24
CA LEU V 326 101.83 1.69 11.91
C LEU V 326 101.63 0.24 12.27
N ASP V 327 100.89 -0.03 13.34
CA ASP V 327 100.74 -1.39 13.82
C ASP V 327 99.76 -2.18 12.96
N GLU V 328 98.49 -1.76 12.92
CA GLU V 328 97.52 -2.46 12.09
C GLU V 328 96.68 -1.42 11.35
N ASN V 329 95.58 -1.88 10.76
CA ASN V 329 94.65 -0.97 10.11
C ASN V 329 93.98 -0.09 11.15
N ILE V 330 93.73 1.15 10.76
CA ILE V 330 93.12 2.15 11.64
C ILE V 330 91.64 2.28 11.29
N ILE V 331 90.78 2.05 12.30
CA ILE V 331 89.34 2.18 12.19
C ILE V 331 88.93 3.60 12.55
N VAL V 332 87.97 4.14 11.82
CA VAL V 332 87.59 5.54 11.90
C VAL V 332 86.10 5.57 12.15
N PRO V 333 85.55 6.54 12.87
CA PRO V 333 84.10 6.62 13.01
C PRO V 333 83.44 6.94 11.67
N PRO V 334 82.11 7.02 11.63
CA PRO V 334 81.47 7.41 10.35
C PRO V 334 81.78 8.84 9.94
N GLN V 335 81.92 9.75 10.92
CA GLN V 335 82.13 11.15 10.63
C GLN V 335 83.60 11.50 10.39
N GLY V 336 84.54 10.56 10.61
CA GLY V 336 85.95 10.85 10.43
C GLY V 336 86.43 10.61 9.02
N ILE V 337 87.40 11.43 8.59
CA ILE V 337 88.05 11.29 7.29
C ILE V 337 89.56 11.28 7.48
N ILE V 338 90.26 10.45 6.72
CA ILE V 338 91.71 10.30 6.83
C ILE V 338 92.40 11.49 6.18
N ARG V 339 93.46 12.00 6.82
CA ARG V 339 94.25 13.07 6.24
C ARG V 339 95.71 12.76 6.50
N ALA V 340 96.59 13.33 5.67
CA ALA V 340 98.03 13.19 5.83
C ALA V 340 98.55 14.28 6.78
N GLY V 341 98.94 13.89 8.00
CA GLY V 341 99.57 14.83 8.90
C GLY V 341 101.07 14.98 8.74
N GLU V 342 101.80 13.86 8.79
CA GLU V 342 103.26 13.86 8.64
C GLU V 342 103.67 12.52 8.06
N ILE V 343 104.40 12.53 6.94
CA ILE V 343 104.80 11.34 6.22
C ILE V 343 106.29 11.40 6.01
N LYS V 344 106.96 10.27 6.22
CA LYS V 344 108.39 10.15 5.98
C LYS V 344 108.69 8.79 5.37
N VAL V 345 109.62 8.76 4.40
CA VAL V 345 109.96 7.54 3.67
C VAL V 345 111.46 7.30 3.75
N GLU V 346 111.83 6.14 4.30
CA GLU V 346 113.22 5.69 4.33
C GLU V 346 113.49 4.71 3.19
N LEU V 347 114.68 4.82 2.61
CA LEU V 347 115.16 3.96 1.55
C LEU V 347 116.25 3.04 2.07
N LYS V 348 116.09 1.74 1.81
CA LYS V 348 117.04 0.71 2.24
C LYS V 348 117.67 0.00 1.06
N ARG W 2 36.64 -49.26 -110.62
CA ARG W 2 36.51 -48.62 -111.95
C ARG W 2 37.07 -49.50 -113.07
N PHE W 3 36.76 -49.16 -114.32
CA PHE W 3 37.09 -50.03 -115.45
C PHE W 3 37.20 -49.25 -116.74
N LYS W 4 37.81 -49.89 -117.75
CA LYS W 4 37.84 -49.41 -119.12
C LYS W 4 37.08 -50.37 -120.04
N LYS W 5 36.39 -49.80 -121.01
CA LYS W 5 35.65 -50.54 -122.03
C LYS W 5 36.62 -50.97 -123.15
N HIS W 6 36.28 -52.05 -123.84
CA HIS W 6 37.06 -52.53 -124.98
C HIS W 6 36.15 -53.40 -125.86
N VAL W 7 36.58 -53.69 -127.11
CA VAL W 7 35.87 -54.61 -128.01
C VAL W 7 36.83 -55.62 -128.65
N VAL W 8 36.29 -56.81 -128.91
CA VAL W 8 36.97 -57.92 -129.57
C VAL W 8 37.20 -57.60 -131.04
N GLN W 9 38.47 -57.67 -131.47
CA GLN W 9 38.87 -57.44 -132.84
C GLN W 9 39.13 -58.76 -133.57
N HIS W 10 39.17 -58.69 -134.91
CA HIS W 10 39.32 -59.86 -135.78
C HIS W 10 40.55 -60.67 -135.38
N GLU W 11 40.33 -61.91 -134.93
CA GLU W 11 41.41 -62.83 -134.54
C GLU W 11 42.42 -62.21 -133.56
N GLU W 12 41.94 -61.42 -132.60
CA GLU W 12 42.74 -61.03 -131.45
C GLU W 12 42.65 -62.10 -130.35
N THR W 13 43.81 -62.49 -129.81
CA THR W 13 43.87 -63.49 -128.75
C THR W 13 43.76 -62.81 -127.40
N MET W 14 43.24 -63.56 -126.41
CA MET W 14 43.06 -63.00 -125.07
C MET W 14 44.40 -62.63 -124.43
N GLN W 15 45.48 -63.33 -124.77
CA GLN W 15 46.80 -62.90 -124.33
C GLN W 15 47.10 -61.45 -124.71
N ALA W 16 46.76 -61.08 -125.95
CA ALA W 16 47.19 -59.80 -126.52
C ALA W 16 46.63 -58.59 -125.75
N ILE W 17 45.44 -58.73 -125.18
CA ILE W 17 44.76 -57.61 -124.53
C ILE W 17 45.45 -57.28 -123.21
N ALA W 18 45.62 -58.29 -122.36
CA ALA W 18 46.27 -58.11 -121.07
C ALA W 18 47.66 -57.51 -121.22
N GLN W 19 48.41 -58.00 -122.22
CA GLN W 19 49.75 -57.48 -122.46
C GLN W 19 49.72 -56.00 -122.87
N ARG W 20 48.77 -55.61 -123.72
CA ARG W 20 48.77 -54.23 -124.20
C ARG W 20 48.34 -53.26 -123.11
N TYR W 21 47.35 -53.62 -122.27
CA TYR W 21 46.89 -52.66 -121.28
C TYR W 21 47.68 -52.74 -119.96
N TYR W 22 47.96 -53.93 -119.42
CA TYR W 22 48.59 -54.07 -118.12
C TYR W 22 50.09 -54.35 -118.21
N GLY W 23 50.65 -54.40 -119.42
CA GLY W 23 52.06 -54.70 -119.57
C GLY W 23 52.40 -56.18 -119.64
N ASP W 24 52.30 -56.89 -118.52
CA ASP W 24 52.62 -58.30 -118.51
C ASP W 24 51.48 -59.15 -119.10
N VAL W 25 51.85 -60.07 -120.00
CA VAL W 25 50.88 -61.04 -120.54
C VAL W 25 50.34 -61.94 -119.44
N SER W 26 51.12 -62.13 -118.38
CA SER W 26 50.82 -63.10 -117.32
C SER W 26 49.42 -62.91 -116.74
N TYR W 27 48.91 -61.67 -116.74
CA TYR W 27 47.66 -61.31 -116.08
C TYR W 27 46.40 -61.76 -116.81
N TRP W 28 46.49 -62.31 -118.03
CA TRP W 28 45.26 -62.66 -118.75
C TRP W 28 44.42 -63.65 -117.95
N ILE W 29 45.09 -64.53 -117.21
CA ILE W 29 44.45 -65.62 -116.49
C ILE W 29 43.40 -65.11 -115.51
N ASP W 30 43.76 -64.13 -114.67
CA ASP W 30 42.76 -63.49 -113.82
C ASP W 30 41.80 -62.63 -114.64
N LEU W 31 42.23 -62.17 -115.82
CA LEU W 31 41.38 -61.24 -116.57
C LEU W 31 40.17 -61.93 -117.22
N VAL W 32 40.25 -63.25 -117.47
CA VAL W 32 39.12 -63.94 -118.09
C VAL W 32 37.99 -64.12 -117.09
N GLU W 33 38.31 -64.27 -115.80
CA GLU W 33 37.27 -64.45 -114.80
C GLU W 33 36.37 -63.22 -114.69
N HIS W 34 36.93 -62.04 -114.93
CA HIS W 34 36.12 -60.82 -114.88
C HIS W 34 35.05 -60.81 -115.95
N ASN W 35 35.41 -61.25 -117.16
CA ASN W 35 34.47 -61.37 -118.26
C ASN W 35 33.81 -62.75 -118.30
N ASN W 36 33.92 -63.54 -117.22
CA ASN W 36 33.10 -64.74 -117.00
C ASN W 36 33.17 -65.73 -118.17
N LEU W 37 34.31 -65.82 -118.85
CA LEU W 37 34.41 -66.52 -120.12
C LEU W 37 34.69 -68.01 -119.92
N LYS W 38 34.02 -68.86 -120.70
CA LYS W 38 34.42 -70.25 -120.85
C LYS W 38 35.70 -70.32 -121.67
N TYR W 39 36.37 -71.51 -121.62
CA TYR W 39 37.69 -71.73 -122.21
C TYR W 39 37.90 -71.04 -123.58
N PRO W 40 36.95 -71.13 -124.54
CA PRO W 40 37.16 -70.47 -125.84
C PRO W 40 37.08 -68.95 -125.78
N TYR W 41 37.82 -68.37 -124.84
CA TYR W 41 37.55 -67.06 -124.22
C TYR W 41 37.13 -65.99 -125.21
N LEU W 42 37.91 -65.84 -126.28
CA LEU W 42 37.55 -65.07 -127.46
C LEU W 42 37.56 -66.01 -128.66
N VAL W 43 36.49 -65.97 -129.45
CA VAL W 43 36.32 -66.84 -130.62
C VAL W 43 35.76 -66.01 -131.77
N GLU W 44 36.25 -66.26 -132.98
CA GLU W 44 35.99 -65.34 -134.09
C GLU W 44 34.51 -65.31 -134.50
N THR W 45 33.87 -66.48 -134.51
CA THR W 45 32.61 -66.66 -135.24
C THR W 45 31.39 -66.49 -134.32
N ASP W 46 30.35 -65.82 -134.81
CA ASP W 46 29.14 -65.65 -134.01
C ASP W 46 28.28 -66.91 -134.01
N GLU W 47 28.23 -67.66 -135.11
CA GLU W 47 27.52 -68.93 -135.07
C GLU W 47 28.19 -69.92 -134.11
N GLU W 48 29.42 -69.65 -133.69
CA GLU W 48 30.08 -70.38 -132.61
C GLU W 48 29.73 -69.79 -131.25
N LYS W 49 29.54 -68.47 -131.17
CA LYS W 49 28.98 -67.89 -129.95
C LYS W 49 27.58 -68.42 -129.68
N MET W 50 26.85 -68.78 -130.74
CA MET W 50 25.50 -69.33 -130.59
C MET W 50 25.49 -70.65 -129.82
N LYS W 51 26.66 -71.24 -129.56
CA LYS W 51 26.79 -72.46 -128.78
C LYS W 51 26.18 -72.31 -127.38
N ASP W 52 26.54 -71.25 -126.67
CA ASP W 52 26.01 -70.94 -125.34
C ASP W 52 26.27 -69.46 -125.11
N PRO W 53 25.42 -68.56 -125.64
CA PRO W 53 25.84 -67.17 -125.86
C PRO W 53 26.39 -66.44 -124.64
N GLU W 54 25.86 -66.65 -123.43
CA GLU W 54 26.26 -65.71 -122.38
C GLU W 54 27.69 -65.91 -121.89
N ARG W 55 28.28 -67.09 -122.11
CA ARG W 55 29.58 -67.43 -121.52
C ARG W 55 30.75 -67.23 -122.48
N LEU W 56 30.60 -66.41 -123.53
CA LEU W 56 31.68 -66.22 -124.50
C LEU W 56 31.68 -64.78 -125.00
N ALA W 57 32.77 -64.43 -125.68
CA ALA W 57 32.87 -63.19 -126.46
C ALA W 57 33.37 -63.54 -127.86
N SER W 58 32.84 -62.83 -128.87
CA SER W 58 33.29 -62.97 -130.25
C SER W 58 33.44 -61.60 -130.91
N THR W 59 33.88 -61.62 -132.16
CA THR W 59 34.32 -60.41 -132.88
C THR W 59 33.23 -59.36 -132.90
N GLY W 60 33.56 -58.19 -132.37
CA GLY W 60 32.63 -57.09 -132.21
C GLY W 60 31.99 -56.98 -130.85
N ASP W 61 32.14 -57.98 -129.98
CA ASP W 61 31.58 -57.86 -128.64
C ASP W 61 32.43 -56.99 -127.73
N THR W 62 31.77 -56.35 -126.77
CA THR W 62 32.47 -55.58 -125.73
C THR W 62 33.24 -56.50 -124.79
N LEU W 63 34.19 -55.90 -124.06
CA LEU W 63 34.90 -56.53 -122.96
C LEU W 63 35.07 -55.51 -121.83
N ILE W 64 35.32 -56.03 -120.61
CA ILE W 64 35.59 -55.21 -119.42
C ILE W 64 37.06 -55.34 -119.05
N ILE W 65 37.67 -54.22 -118.69
CA ILE W 65 39.09 -54.14 -118.36
C ILE W 65 39.24 -53.38 -117.05
N PRO W 66 39.35 -54.08 -115.88
CA PRO W 66 39.59 -53.40 -114.59
C PRO W 66 40.82 -52.51 -114.54
N ILE W 67 40.89 -51.61 -113.56
CA ILE W 67 42.18 -51.04 -113.18
C ILE W 67 42.94 -52.08 -112.37
N GLU W 68 44.27 -51.94 -112.38
CA GLU W 68 45.15 -52.97 -111.86
C GLU W 68 44.94 -53.23 -110.37
N SER W 69 44.51 -52.21 -109.62
CA SER W 69 44.26 -52.40 -108.19
C SER W 69 43.06 -53.32 -107.97
N ASP W 70 42.01 -53.16 -108.78
CA ASP W 70 40.84 -54.03 -108.67
C ASP W 70 40.99 -55.35 -109.42
N LEU W 71 42.10 -55.55 -110.13
CA LEU W 71 42.31 -56.78 -110.88
C LEU W 71 42.34 -57.98 -109.95
N THR W 72 43.04 -57.85 -108.81
CA THR W 72 43.20 -58.98 -107.90
C THR W 72 42.06 -59.14 -106.92
N ASP W 73 41.17 -58.16 -106.81
CA ASP W 73 40.08 -58.25 -105.83
C ASP W 73 39.08 -59.31 -106.28
N VAL W 74 38.78 -60.25 -105.37
CA VAL W 74 37.81 -61.30 -105.68
C VAL W 74 36.41 -60.72 -105.79
N SER W 75 36.09 -59.69 -104.99
CA SER W 75 34.77 -59.08 -105.10
C SER W 75 34.57 -58.41 -106.45
N ALA W 76 35.60 -57.72 -106.95
CA ALA W 76 35.52 -57.12 -108.27
C ALA W 76 35.34 -58.19 -109.34
N LYS W 77 35.95 -59.36 -109.13
CA LYS W 77 35.81 -60.45 -110.09
C LYS W 77 34.37 -60.95 -110.12
N GLU W 78 33.83 -61.24 -108.93
CA GLU W 78 32.46 -61.74 -108.81
C GLU W 78 31.44 -60.77 -109.38
N ILE W 79 31.62 -59.47 -109.12
CA ILE W 79 30.65 -58.47 -109.57
C ILE W 79 30.74 -58.30 -111.09
N ASN W 80 31.96 -58.20 -111.62
CA ASN W 80 32.12 -58.00 -113.06
C ASN W 80 31.72 -59.25 -113.84
N SER W 81 31.73 -60.42 -113.20
CA SER W 81 31.40 -61.66 -113.90
C SER W 81 29.97 -61.63 -114.44
N ARG W 82 29.02 -61.25 -113.60
CA ARG W 82 27.61 -61.39 -113.89
C ARG W 82 26.94 -60.07 -114.24
N ASP W 83 27.37 -58.96 -113.66
CA ASP W 83 26.64 -57.72 -113.90
C ASP W 83 26.75 -57.29 -115.37
N LYS W 84 27.93 -57.44 -115.96
CA LYS W 84 28.19 -57.05 -117.35
C LYS W 84 27.79 -55.59 -117.61
N ASP W 85 26.76 -55.34 -118.44
CA ASP W 85 26.43 -53.97 -118.82
C ASP W 85 25.89 -53.15 -117.66
N VAL W 86 25.40 -53.80 -116.59
CA VAL W 86 24.91 -53.08 -115.42
C VAL W 86 26.03 -52.41 -114.63
N LEU W 87 27.29 -52.65 -115.00
CA LEU W 87 28.44 -51.93 -114.45
C LEU W 87 28.27 -50.43 -114.49
N VAL W 88 28.15 -49.86 -115.70
CA VAL W 88 28.06 -48.40 -115.83
C VAL W 88 26.98 -47.82 -114.94
N GLU W 89 25.83 -48.50 -114.87
CA GLU W 89 24.70 -47.94 -114.14
C GLU W 89 24.99 -47.88 -112.65
N LEU W 90 25.49 -48.99 -112.10
CA LEU W 90 25.91 -49.08 -110.70
C LEU W 90 27.05 -48.12 -110.41
N ALA W 91 27.95 -47.90 -111.38
CA ALA W 91 29.16 -47.13 -111.10
C ALA W 91 28.90 -45.63 -111.10
N LEU W 92 27.88 -45.15 -111.83
CA LEU W 92 27.49 -43.74 -111.83
C LEU W 92 26.16 -43.46 -111.11
N GLY W 93 25.46 -44.49 -110.64
CA GLY W 93 24.35 -44.39 -109.70
C GLY W 93 22.93 -44.46 -110.29
N ARG W 94 21.99 -44.87 -109.44
CA ARG W 94 20.53 -44.87 -109.67
C ARG W 94 19.79 -44.10 -108.58
N ASP W 95 18.80 -43.30 -108.99
CA ASP W 95 17.93 -42.52 -108.11
C ASP W 95 16.61 -42.19 -108.84
N LEU W 96 15.61 -41.66 -108.15
CA LEU W 96 14.33 -41.22 -108.70
C LEU W 96 14.49 -40.15 -109.78
N ASN W 97 13.70 -40.21 -110.84
CA ASN W 97 13.63 -39.15 -111.84
C ASN W 97 12.63 -38.07 -111.37
N ILE W 98 13.09 -36.83 -111.30
CA ILE W 98 12.29 -35.64 -111.02
C ILE W 98 12.23 -34.63 -112.18
N THR W 99 12.86 -34.95 -113.31
CA THR W 99 12.77 -34.17 -114.56
C THR W 99 11.49 -34.53 -115.33
N ALA W 100 10.35 -34.45 -114.65
CA ALA W 100 9.07 -34.85 -115.22
C ALA W 100 8.69 -33.92 -116.36
N ASP W 101 8.86 -32.62 -116.15
CA ASP W 101 8.48 -31.58 -117.08
C ASP W 101 9.77 -30.98 -117.63
N GLU W 102 10.36 -31.66 -118.61
CA GLU W 102 11.63 -31.17 -119.18
C GLU W 102 11.40 -29.88 -119.96
N LYS W 103 10.30 -29.78 -120.69
CA LYS W 103 9.99 -28.55 -121.37
C LYS W 103 9.79 -27.39 -120.40
N TYR W 104 9.27 -27.66 -119.21
CA TYR W 104 8.86 -26.63 -118.26
C TYR W 104 9.98 -26.09 -117.37
N PHE W 105 10.84 -26.95 -116.80
CA PHE W 105 11.81 -26.42 -115.83
C PHE W 105 12.79 -25.47 -116.50
N ASN W 106 12.94 -25.59 -117.79
CA ASN W 106 13.71 -24.69 -118.63
C ASN W 106 12.97 -23.42 -119.04
N GLU W 107 11.85 -23.10 -118.36
CA GLU W 107 11.18 -21.81 -118.49
C GLU W 107 11.22 -20.97 -117.22
N HIS W 108 11.69 -21.51 -116.06
CA HIS W 108 11.64 -20.75 -114.83
C HIS W 108 12.82 -20.98 -113.87
N GLY W 109 13.99 -21.40 -114.37
CA GLY W 109 15.13 -21.67 -113.50
C GLY W 109 15.54 -20.54 -112.56
N THR W 110 16.15 -20.91 -111.42
CA THR W 110 16.40 -20.05 -110.26
C THR W 110 15.13 -19.62 -109.55
N SER W 111 14.00 -20.26 -109.86
CA SER W 111 12.78 -20.17 -109.08
C SER W 111 12.50 -21.54 -108.46
N ASP W 112 11.81 -21.53 -107.33
CA ASP W 112 11.56 -22.79 -106.63
C ASP W 112 10.32 -23.50 -107.19
N ASN W 113 10.00 -24.66 -106.60
CA ASN W 113 8.84 -25.50 -106.90
C ASN W 113 8.86 -26.07 -108.31
N ILE W 114 10.02 -26.16 -108.95
CA ILE W 114 10.07 -26.42 -110.39
C ILE W 114 10.13 -27.91 -110.76
N LEU W 115 10.62 -28.80 -109.91
CA LEU W 115 10.77 -30.22 -110.23
C LEU W 115 9.74 -31.09 -109.52
N ALA W 116 9.59 -32.33 -109.96
CA ALA W 116 8.45 -33.11 -109.49
C ALA W 116 8.67 -34.56 -109.90
N PHE W 117 8.19 -35.47 -109.05
CA PHE W 117 8.25 -36.88 -109.38
C PHE W 117 7.42 -37.19 -110.62
N SER W 118 7.75 -38.30 -111.28
CA SER W 118 7.01 -38.75 -112.45
C SER W 118 6.87 -40.26 -112.37
N THR W 119 6.22 -40.83 -113.39
CA THR W 119 5.91 -42.25 -113.40
C THR W 119 6.31 -42.83 -114.75
N ASN W 120 7.09 -43.90 -114.71
CA ASN W 120 7.44 -44.67 -115.89
C ASN W 120 7.23 -46.14 -115.60
N GLY W 121 6.92 -46.91 -116.65
CA GLY W 121 6.66 -48.32 -116.47
C GLY W 121 5.21 -48.52 -116.06
N ASN W 122 5.00 -48.97 -114.83
CA ASN W 122 3.63 -49.08 -114.29
C ASN W 122 3.64 -49.26 -112.79
N GLY W 123 2.97 -48.36 -112.08
CA GLY W 123 2.82 -48.49 -110.64
C GLY W 123 4.08 -48.24 -109.84
N ASP W 124 5.07 -47.57 -110.42
CA ASP W 124 6.32 -47.29 -109.73
C ASP W 124 6.84 -45.92 -110.15
N LEU W 125 7.36 -45.18 -109.18
CA LEU W 125 7.98 -43.88 -109.46
C LEU W 125 9.12 -44.06 -110.45
N ASP W 126 9.28 -43.07 -111.33
CA ASP W 126 10.32 -43.13 -112.33
C ASP W 126 11.70 -42.99 -111.69
N THR W 127 12.67 -43.67 -112.29
CA THR W 127 14.06 -43.65 -111.84
C THR W 127 14.98 -43.39 -113.03
N VAL W 128 16.12 -42.76 -112.77
CA VAL W 128 17.14 -42.47 -113.75
C VAL W 128 18.44 -43.10 -113.29
N LYS W 129 19.29 -43.41 -114.26
CA LYS W 129 20.51 -44.21 -114.12
C LYS W 129 21.63 -43.71 -115.04
N GLY W 130 22.88 -44.01 -114.69
CA GLY W 130 24.01 -43.80 -115.59
C GLY W 130 24.16 -42.35 -116.02
N ILE W 131 24.42 -42.10 -117.30
CA ILE W 131 24.66 -40.75 -117.77
C ILE W 131 23.50 -39.82 -117.46
N ASP W 132 22.27 -40.30 -117.58
CA ASP W 132 21.12 -39.46 -117.31
C ASP W 132 20.98 -39.16 -115.82
N ASN W 133 21.48 -40.04 -114.95
CA ASN W 133 21.60 -39.72 -113.53
C ASN W 133 22.42 -38.45 -113.37
N MET W 134 23.52 -38.37 -114.11
CA MET W 134 24.36 -37.19 -114.10
C MET W 134 23.68 -35.97 -114.74
N LYS W 135 22.98 -36.11 -115.86
CA LYS W 135 22.28 -34.97 -116.45
C LYS W 135 21.26 -34.38 -115.49
N GLN W 136 20.51 -35.23 -114.79
CA GLN W 136 19.57 -34.77 -113.78
C GLN W 136 20.26 -33.98 -112.66
N GLN W 137 21.20 -34.61 -111.96
CA GLN W 137 21.79 -33.98 -110.78
C GLN W 137 22.50 -32.68 -111.13
N LEU W 138 23.25 -32.65 -112.22
CA LEU W 138 23.90 -31.42 -112.65
C LEU W 138 22.86 -30.33 -112.92
N GLN W 139 21.82 -30.63 -113.69
CA GLN W 139 20.84 -29.62 -114.04
C GLN W 139 20.15 -29.06 -112.80
N ALA W 140 19.76 -29.91 -111.85
CA ALA W 140 19.16 -29.48 -110.61
C ALA W 140 20.12 -28.67 -109.73
N ARG W 141 21.32 -29.20 -109.47
CA ARG W 141 22.36 -28.59 -108.66
C ARG W 141 22.70 -27.20 -109.16
N LEU W 142 22.84 -27.07 -110.48
CA LEU W 142 23.15 -25.80 -111.11
C LEU W 142 22.05 -24.79 -110.85
N LEU W 143 20.81 -25.23 -110.94
CA LEU W 143 19.64 -24.42 -110.67
C LEU W 143 19.21 -24.49 -109.20
N THR W 144 20.14 -24.39 -108.25
CA THR W 144 19.82 -24.34 -106.82
C THR W 144 20.70 -23.28 -106.15
N PRO W 145 20.15 -22.37 -105.32
CA PRO W 145 21.00 -21.34 -104.71
C PRO W 145 21.85 -21.84 -103.54
N ARG W 146 23.06 -21.28 -103.45
CA ARG W 146 24.20 -21.78 -102.66
C ARG W 146 23.93 -22.22 -101.22
N GLY W 147 22.84 -21.77 -100.59
CA GLY W 147 22.64 -22.10 -99.18
C GLY W 147 21.21 -22.47 -98.88
N SER W 148 20.57 -23.23 -99.76
CA SER W 148 19.13 -23.45 -99.67
C SER W 148 18.71 -24.90 -99.40
N LEU W 149 19.63 -25.87 -99.36
CA LEU W 149 19.30 -27.20 -98.88
C LEU W 149 19.48 -27.24 -97.37
N MET W 150 18.57 -27.95 -96.68
CA MET W 150 18.46 -27.87 -95.23
C MET W 150 19.63 -28.48 -94.49
N LEU W 151 20.50 -29.23 -95.16
CA LEU W 151 21.73 -29.72 -94.57
C LEU W 151 22.80 -29.57 -95.64
N HIS W 152 24.05 -29.82 -95.26
CA HIS W 152 25.25 -29.69 -96.10
C HIS W 152 25.14 -28.47 -97.04
N PRO W 153 25.00 -27.25 -96.49
CA PRO W 153 24.97 -26.04 -97.31
C PRO W 153 26.33 -25.75 -97.92
N ASN W 154 26.47 -24.60 -98.59
CA ASN W 154 27.55 -24.39 -99.55
C ASN W 154 27.46 -25.44 -100.65
N TYR W 155 26.24 -25.62 -101.13
CA TYR W 155 25.85 -26.47 -102.23
C TYR W 155 24.99 -25.62 -103.17
N GLY W 156 25.22 -25.71 -104.48
CA GLY W 156 24.53 -24.85 -105.44
C GLY W 156 25.42 -23.78 -106.01
N SER W 157 24.79 -22.69 -106.45
CA SER W 157 25.44 -21.64 -107.23
C SER W 157 24.87 -20.28 -106.85
N ASP W 158 25.62 -19.22 -107.20
CA ASP W 158 25.11 -17.86 -107.14
C ASP W 158 24.58 -17.38 -108.49
N LEU W 159 24.09 -18.30 -109.32
CA LEU W 159 23.56 -17.93 -110.64
C LEU W 159 22.37 -16.98 -110.53
N HIS W 160 21.61 -17.09 -109.43
CA HIS W 160 20.50 -16.18 -109.18
C HIS W 160 20.96 -14.77 -108.81
N ASN W 161 22.27 -14.59 -108.58
CA ASN W 161 22.82 -13.33 -108.10
C ASN W 161 23.62 -12.58 -109.16
N LEU W 162 23.91 -13.23 -110.29
CA LEU W 162 24.85 -12.75 -111.28
C LEU W 162 24.19 -11.95 -112.41
N PHE W 163 22.90 -11.68 -112.33
CA PHE W 163 22.23 -10.89 -113.36
C PHE W 163 22.77 -9.46 -113.39
N GLY W 164 23.30 -9.05 -114.54
CA GLY W 164 23.95 -7.75 -114.66
C GLY W 164 23.94 -7.21 -116.07
N LEU W 165 24.68 -6.13 -116.30
CA LEU W 165 24.61 -5.28 -117.50
C LEU W 165 25.13 -5.95 -118.82
N ASN W 166 25.30 -7.27 -118.87
CA ASN W 166 25.78 -8.04 -120.03
C ASN W 166 27.10 -7.55 -120.64
N ILE W 167 27.87 -6.73 -119.93
CA ILE W 167 29.24 -6.42 -120.33
C ILE W 167 30.13 -7.65 -120.11
N PRO W 168 31.23 -7.85 -120.86
CA PRO W 168 31.92 -9.16 -120.83
C PRO W 168 32.44 -9.63 -119.48
N GLU W 169 32.72 -8.71 -118.55
CA GLU W 169 33.25 -9.15 -117.26
C GLU W 169 32.21 -9.95 -116.51
N GLN W 170 30.94 -9.54 -116.63
CA GLN W 170 29.84 -10.32 -116.07
C GLN W 170 29.74 -11.69 -116.75
N ALA W 171 30.12 -11.78 -118.02
CA ALA W 171 30.00 -13.04 -118.74
C ALA W 171 31.10 -13.99 -118.31
N THR W 172 32.32 -13.46 -118.11
CA THR W 172 33.39 -14.30 -117.56
C THR W 172 33.06 -14.73 -116.14
N LEU W 173 32.51 -13.83 -115.33
CA LEU W 173 32.06 -14.22 -113.99
C LEU W 173 31.05 -15.37 -114.03
N ILE W 174 30.07 -15.29 -114.93
CA ILE W 174 29.08 -16.37 -115.05
C ILE W 174 29.76 -17.66 -115.49
N GLU W 175 30.68 -17.57 -116.45
CA GLU W 175 31.45 -18.72 -116.91
C GLU W 175 32.17 -19.39 -115.75
N MET W 176 32.86 -18.59 -114.94
CA MET W 176 33.61 -19.15 -113.82
C MET W 176 32.68 -19.79 -112.79
N GLU W 177 31.54 -19.16 -112.51
CA GLU W 177 30.60 -19.77 -111.57
C GLU W 177 30.10 -21.12 -112.11
N VAL W 178 29.74 -21.18 -113.39
CA VAL W 178 29.26 -22.43 -113.95
C VAL W 178 30.35 -23.49 -113.88
N LEU W 179 31.60 -23.11 -114.16
CA LEU W 179 32.69 -24.08 -114.13
C LEU W 179 32.94 -24.58 -112.71
N ARG W 180 32.93 -23.68 -111.74
CA ARG W 180 33.04 -24.08 -110.35
C ARG W 180 31.92 -25.03 -109.96
N THR W 181 30.69 -24.67 -110.34
CA THR W 181 29.48 -25.49 -110.13
C THR W 181 29.69 -26.90 -110.62
N LEU W 182 30.04 -27.03 -111.88
CA LEU W 182 30.19 -28.32 -112.51
C LEU W 182 31.34 -29.11 -111.89
N THR W 183 32.50 -28.47 -111.66
CA THR W 183 33.67 -29.17 -111.14
C THR W 183 33.57 -29.49 -109.66
N SER W 184 32.47 -29.14 -109.00
CA SER W 184 32.31 -29.46 -107.59
C SER W 184 32.25 -30.96 -107.37
N ASP W 185 31.45 -31.69 -108.16
CA ASP W 185 31.32 -33.16 -108.05
C ASP W 185 32.61 -33.84 -108.47
N ASN W 186 33.20 -34.64 -107.57
CA ASN W 186 34.48 -35.27 -107.79
C ASN W 186 34.45 -36.23 -108.98
N ARG W 187 33.27 -36.76 -109.34
CA ARG W 187 33.07 -37.68 -110.48
C ARG W 187 33.39 -37.07 -111.85
N VAL W 188 33.37 -35.75 -111.95
CA VAL W 188 33.69 -35.03 -113.18
C VAL W 188 35.11 -34.49 -113.07
N LYS W 189 35.91 -34.67 -114.12
CA LYS W 189 37.33 -34.40 -114.11
C LYS W 189 37.60 -32.90 -114.20
N SER W 190 37.09 -32.30 -115.27
CA SER W 190 37.24 -30.89 -115.58
C SER W 190 36.02 -30.43 -116.36
N ALA W 191 35.78 -29.12 -116.35
CA ALA W 191 34.93 -28.52 -117.35
C ALA W 191 35.74 -27.42 -118.03
N ASN W 192 35.34 -27.12 -119.26
CA ASN W 192 35.85 -25.95 -119.98
C ASN W 192 34.78 -25.39 -120.90
N LEU W 193 34.81 -24.08 -121.05
CA LEU W 193 33.94 -23.43 -122.00
C LEU W 193 34.46 -23.65 -123.42
N ILE W 194 33.51 -23.77 -124.34
CA ILE W 194 33.80 -23.82 -125.77
C ILE W 194 33.12 -22.69 -126.53
N ASP W 195 32.08 -22.07 -125.97
CA ASP W 195 31.48 -20.89 -126.58
C ASP W 195 30.78 -20.05 -125.53
N TRP W 196 30.94 -18.73 -125.61
CA TRP W 196 30.00 -17.81 -124.99
C TRP W 196 29.60 -16.77 -126.02
N LYS W 197 28.33 -16.38 -125.96
CA LYS W 197 27.64 -15.69 -127.05
C LYS W 197 26.53 -14.85 -126.42
N ILE W 198 26.26 -13.68 -127.02
CA ILE W 198 25.34 -12.69 -126.45
C ILE W 198 24.31 -12.33 -127.51
N GLN W 199 23.06 -12.07 -127.06
CA GLN W 199 21.94 -11.65 -127.91
C GLN W 199 21.19 -10.59 -127.10
N GLY W 200 21.76 -9.39 -127.05
CA GLY W 200 21.14 -8.30 -126.32
C GLY W 200 21.03 -8.53 -124.83
N ASN W 201 19.84 -8.88 -124.35
CA ASN W 201 19.60 -9.24 -122.96
C ASN W 201 19.58 -10.75 -122.72
N VAL W 202 20.07 -11.55 -123.66
CA VAL W 202 20.13 -13.02 -123.54
C VAL W 202 21.59 -13.46 -123.60
N TYR W 203 22.02 -14.21 -122.57
CA TYR W 203 23.27 -14.95 -122.59
C TYR W 203 23.05 -16.29 -123.28
N SER W 204 24.06 -16.77 -124.01
CA SER W 204 24.09 -18.16 -124.44
C SER W 204 25.53 -18.65 -124.53
N GLY W 205 25.72 -19.93 -124.25
CA GLY W 205 27.04 -20.54 -124.22
C GLY W 205 26.92 -22.03 -123.94
N GLN W 206 28.05 -22.73 -124.13
CA GLN W 206 28.09 -24.17 -123.87
C GLN W 206 29.42 -24.59 -123.27
N PHE W 207 29.37 -25.65 -122.48
CA PHE W 207 30.48 -26.18 -121.70
C PHE W 207 30.67 -27.66 -122.00
N SER W 208 31.92 -28.08 -122.14
CA SER W 208 32.29 -29.49 -122.29
C SER W 208 32.85 -30.03 -120.97
N VAL W 209 32.27 -31.13 -120.51
CA VAL W 209 32.67 -31.78 -119.26
C VAL W 209 33.27 -33.15 -119.52
N GLU W 210 34.36 -33.46 -118.83
CA GLU W 210 35.09 -34.72 -118.97
C GLU W 210 34.63 -35.65 -117.85
N ILE W 211 33.71 -36.56 -118.13
CA ILE W 211 33.25 -37.52 -117.14
C ILE W 211 34.19 -38.73 -117.18
N LYS W 212 34.54 -39.26 -116.02
CA LYS W 212 35.39 -40.43 -115.91
C LYS W 212 34.71 -41.64 -116.57
N SER W 213 35.51 -42.36 -117.36
CA SER W 213 35.12 -43.47 -118.23
C SER W 213 33.86 -44.25 -117.86
N PRO X 2 41.18 -10.31 -125.25
CA PRO X 2 41.27 -9.28 -126.28
C PRO X 2 42.52 -8.42 -126.23
N GLN X 3 42.91 -7.92 -127.40
CA GLN X 3 43.92 -6.88 -127.50
C GLN X 3 43.36 -5.80 -128.40
N SER X 4 44.22 -4.94 -128.92
CA SER X 4 43.78 -3.93 -129.88
C SER X 4 43.80 -4.46 -131.30
N ASP X 5 44.13 -5.75 -131.52
CA ASP X 5 44.42 -6.24 -132.86
C ASP X 5 43.31 -7.10 -133.42
N GLY X 6 42.87 -6.75 -134.63
CA GLY X 6 41.67 -7.27 -135.28
C GLY X 6 40.34 -7.25 -134.54
N ILE X 7 40.34 -7.58 -133.26
CA ILE X 7 39.16 -7.60 -132.42
C ILE X 7 38.92 -6.21 -131.85
N SER X 8 37.76 -5.99 -131.24
CA SER X 8 37.42 -4.69 -130.68
C SER X 8 38.30 -4.40 -129.47
N ASN X 9 38.09 -3.20 -128.88
CA ASN X 9 39.04 -2.63 -127.93
C ASN X 9 39.23 -3.53 -126.72
N LEU X 10 40.50 -3.71 -126.32
CA LEU X 10 40.83 -4.60 -125.23
C LEU X 10 40.14 -4.16 -123.95
N HIS X 11 39.97 -5.11 -123.03
CA HIS X 11 39.44 -4.83 -121.71
C HIS X 11 40.59 -4.83 -120.70
N ARG X 12 40.58 -3.83 -119.82
CA ARG X 12 41.63 -3.65 -118.83
C ARG X 12 41.62 -4.81 -117.83
N ILE X 13 42.67 -4.85 -117.00
CA ILE X 13 42.78 -5.89 -115.98
C ILE X 13 41.94 -5.48 -114.78
N ALA X 14 41.33 -6.47 -114.13
CA ALA X 14 40.42 -6.23 -113.02
C ALA X 14 40.78 -7.14 -111.85
N LEU X 15 40.48 -6.66 -110.64
CA LEU X 15 40.73 -7.39 -109.41
C LEU X 15 39.43 -7.50 -108.63
N ARG X 16 39.14 -8.71 -108.16
CA ARG X 16 37.93 -9.00 -107.39
C ARG X 16 38.32 -9.32 -105.95
N PHE X 17 37.75 -8.57 -105.00
CA PHE X 17 38.00 -8.71 -103.58
C PHE X 17 36.75 -9.23 -102.89
N PRO X 18 36.84 -9.68 -101.62
CA PRO X 18 35.65 -10.27 -100.98
C PRO X 18 34.93 -9.32 -100.04
N LYS X 19 33.63 -9.14 -100.24
CA LYS X 19 32.87 -8.22 -99.42
C LYS X 19 32.60 -8.84 -98.05
N GLU X 20 32.81 -8.04 -97.01
CA GLU X 20 32.56 -8.51 -95.65
C GLU X 20 31.12 -8.97 -95.48
N GLY X 21 30.19 -8.17 -95.98
CA GLY X 21 28.78 -8.37 -95.75
C GLY X 21 28.08 -9.25 -96.78
N GLY X 22 28.78 -10.20 -97.39
CA GLY X 22 28.21 -10.97 -98.47
C GLY X 22 28.27 -10.27 -99.82
N GLY X 23 28.33 -11.08 -100.87
CA GLY X 23 28.57 -10.54 -102.20
C GLY X 23 30.05 -10.28 -102.42
N TYR X 24 30.35 -9.47 -103.44
CA TYR X 24 31.73 -9.24 -103.86
C TYR X 24 31.86 -7.83 -104.38
N ASP X 25 33.06 -7.27 -104.23
CA ASP X 25 33.47 -5.99 -104.79
C ASP X 25 34.72 -6.16 -105.64
N MET X 26 34.79 -5.36 -106.71
CA MET X 26 35.80 -5.49 -107.75
C MET X 26 36.52 -4.16 -107.94
N TYR X 27 37.66 -4.23 -108.62
CA TYR X 27 38.50 -3.06 -108.87
C TYR X 27 39.12 -3.19 -110.25
N ARG X 28 38.80 -2.28 -111.17
CA ARG X 28 39.39 -2.31 -112.50
C ARG X 28 40.38 -1.16 -112.61
N PHE X 29 41.51 -1.46 -113.24
CA PHE X 29 42.60 -0.51 -113.45
C PHE X 29 42.26 0.34 -114.66
N LYS X 30 42.32 1.67 -114.49
CA LYS X 30 42.07 2.55 -115.62
C LYS X 30 43.25 2.56 -116.59
N VAL X 31 44.45 2.26 -116.12
CA VAL X 31 45.68 2.27 -116.90
C VAL X 31 46.34 0.91 -116.76
N ASN X 32 46.58 0.24 -117.90
CA ASN X 32 47.19 -1.08 -117.88
C ASN X 32 48.64 -1.02 -117.36
N PRO X 33 49.13 -2.10 -116.76
CA PRO X 33 50.43 -2.03 -116.08
C PRO X 33 51.59 -1.84 -117.05
N GLU X 34 52.64 -1.15 -116.56
CA GLU X 34 53.82 -0.89 -117.38
C GLU X 34 54.59 -2.18 -117.61
N ASN X 35 54.69 -3.02 -116.59
CA ASN X 35 55.36 -4.31 -116.68
C ASN X 35 54.45 -5.39 -116.14
N TYR X 36 54.53 -6.57 -116.75
CA TYR X 36 53.72 -7.71 -116.34
C TYR X 36 54.59 -8.95 -116.54
N THR X 37 54.98 -9.57 -115.43
CA THR X 37 55.83 -10.75 -115.40
C THR X 37 55.07 -11.88 -114.71
N ILE X 38 55.24 -13.09 -115.23
CA ILE X 38 54.66 -14.30 -114.65
C ILE X 38 55.79 -15.32 -114.57
N ASP X 39 56.12 -15.74 -113.35
CA ASP X 39 57.13 -16.78 -113.16
C ASP X 39 56.46 -18.10 -112.83
N SER X 40 56.82 -19.15 -113.57
CA SER X 40 56.25 -20.49 -113.41
C SER X 40 57.37 -21.51 -113.28
N PRO X 41 58.08 -21.51 -112.15
CA PRO X 41 59.23 -22.42 -112.03
C PRO X 41 58.79 -23.86 -111.89
N GLN X 42 59.74 -24.77 -111.77
CA GLN X 42 59.48 -26.18 -111.57
C GLN X 42 60.32 -26.67 -110.40
N ARG X 43 59.73 -27.55 -109.60
CA ARG X 43 60.42 -28.17 -108.46
C ARG X 43 60.97 -29.50 -108.95
N THR X 44 62.20 -29.47 -109.44
CA THR X 44 62.88 -30.66 -109.94
C THR X 44 64.38 -30.46 -109.74
N THR X 45 65.06 -31.56 -109.42
CA THR X 45 66.50 -31.54 -109.16
C THR X 45 67.17 -32.61 -110.01
N ALA X 46 68.36 -32.29 -110.53
CA ALA X 46 69.11 -33.20 -111.38
C ALA X 46 70.49 -33.43 -110.77
N ILE X 47 70.82 -34.70 -110.50
CA ILE X 47 72.09 -35.08 -109.89
C ILE X 47 72.64 -36.26 -110.68
N LYS X 48 73.83 -36.07 -111.26
CA LYS X 48 74.48 -37.10 -112.05
C LYS X 48 75.25 -38.07 -111.17
N THR X 49 75.17 -39.36 -111.51
CA THR X 49 75.98 -40.41 -110.89
C THR X 49 77.22 -40.65 -111.76
N LYS X 50 77.92 -41.78 -111.54
CA LYS X 50 79.20 -42.01 -112.18
C LYS X 50 79.09 -42.06 -113.70
N SER X 51 77.99 -42.62 -114.20
CA SER X 51 77.80 -42.88 -115.63
C SER X 51 76.33 -42.82 -116.04
N ASP X 52 75.52 -42.04 -115.34
CA ASP X 52 74.11 -41.88 -115.69
C ASP X 52 73.62 -40.56 -115.10
N ILE X 53 72.46 -40.10 -115.59
CA ILE X 53 71.84 -38.89 -115.09
C ILE X 53 70.48 -39.24 -114.51
N VAL X 54 70.26 -38.83 -113.26
CA VAL X 54 69.01 -39.06 -112.52
C VAL X 54 68.22 -37.76 -112.47
N ILE X 55 66.99 -37.81 -112.98
CA ILE X 55 66.04 -36.70 -112.96
C ILE X 55 64.85 -37.11 -112.11
N GLU X 56 64.50 -36.26 -111.14
CA GLU X 56 63.32 -36.43 -110.30
C GLU X 56 62.54 -35.13 -110.27
N ASP X 57 61.21 -35.24 -110.29
CA ASP X 57 60.30 -34.11 -110.25
C ASP X 57 59.20 -34.37 -109.23
N TYR X 58 58.64 -33.29 -108.68
CA TYR X 58 57.58 -33.35 -107.68
C TYR X 58 56.54 -32.27 -107.96
N GLY X 59 56.03 -32.21 -109.19
CA GLY X 59 54.89 -31.38 -109.47
C GLY X 59 55.24 -29.98 -109.90
N LYS X 60 54.18 -29.20 -110.12
CA LYS X 60 54.28 -27.81 -110.56
C LYS X 60 54.56 -26.90 -109.39
N ASP X 61 55.40 -25.89 -109.62
CA ASP X 61 55.73 -24.92 -108.57
C ASP X 61 54.73 -23.77 -108.57
N ILE X 62 54.79 -22.96 -107.51
CA ILE X 62 53.93 -21.79 -107.41
C ILE X 62 54.18 -20.87 -108.59
N GLU X 63 53.10 -20.47 -109.26
CA GLU X 63 53.17 -19.56 -110.40
C GLU X 63 53.08 -18.13 -109.87
N VAL X 64 54.21 -17.42 -109.85
CA VAL X 64 54.28 -16.09 -109.25
C VAL X 64 53.97 -15.04 -110.31
N ILE X 65 52.99 -14.19 -110.00
CA ILE X 65 52.53 -13.12 -110.86
C ILE X 65 53.00 -11.80 -110.25
N ASN X 66 53.63 -10.96 -111.06
CA ASN X 66 54.13 -9.66 -110.64
C ASN X 66 53.93 -8.70 -111.80
N PHE X 67 53.43 -7.53 -111.51
CA PHE X 67 53.15 -6.46 -112.46
C PHE X 67 53.23 -5.09 -111.81
N THR X 68 53.58 -4.09 -112.62
CA THR X 68 53.75 -2.71 -112.19
C THR X 68 52.91 -1.80 -113.06
N GLY X 69 52.18 -0.87 -112.43
CA GLY X 69 51.31 0.05 -113.14
C GLY X 69 51.26 1.40 -112.45
N THR X 70 50.64 2.37 -113.15
CA THR X 70 50.37 3.68 -112.58
C THR X 70 48.89 4.01 -112.72
N THR X 71 48.50 5.20 -112.24
CA THR X 71 47.14 5.72 -112.36
C THR X 71 47.14 7.05 -113.12
N GLY X 72 46.20 7.20 -114.05
CA GLY X 72 46.11 8.42 -114.84
C GLY X 72 45.76 9.64 -114.03
N PHE X 73 46.15 10.81 -114.56
CA PHE X 73 45.82 12.06 -113.91
C PHE X 73 44.45 12.60 -114.33
N ARG X 74 44.03 12.30 -115.55
CA ARG X 74 42.69 12.67 -115.97
C ARG X 74 41.65 11.99 -115.07
N PRO X 75 40.51 12.61 -114.82
CA PRO X 75 39.38 11.83 -114.29
C PRO X 75 38.71 11.04 -115.38
N VAL X 76 37.82 10.14 -114.97
CA VAL X 76 37.10 9.27 -115.88
C VAL X 76 35.81 8.85 -115.20
N ARG X 77 34.79 8.54 -116.00
CA ARG X 77 33.53 8.09 -115.43
C ARG X 77 33.70 6.78 -114.66
N GLU X 78 32.87 6.60 -113.63
CA GLU X 78 32.88 5.44 -112.76
C GLU X 78 31.46 4.93 -112.61
N ALA X 79 31.31 3.83 -111.85
CA ALA X 79 29.98 3.28 -111.62
C ALA X 79 29.21 4.15 -110.64
N ASP X 80 29.92 4.85 -109.75
CA ASP X 80 29.29 5.75 -108.77
C ASP X 80 30.31 6.82 -108.43
N GLY X 81 29.99 8.07 -108.77
CA GLY X 81 30.86 9.18 -108.43
C GLY X 81 31.88 9.44 -109.52
N LEU X 82 32.75 10.42 -109.25
CA LEU X 82 33.85 10.81 -110.14
C LEU X 82 35.15 10.71 -109.35
N LYS X 83 35.87 9.62 -109.57
CA LYS X 83 37.09 9.31 -108.83
C LYS X 83 38.34 9.51 -109.70
N THR X 84 39.27 10.34 -109.23
CA THR X 84 40.48 10.62 -109.98
C THR X 84 41.54 9.55 -109.65
N GLY X 85 42.75 9.70 -110.21
CA GLY X 85 43.75 8.64 -110.05
C GLY X 85 44.17 8.47 -108.60
N LYS X 86 44.22 9.57 -107.86
CA LYS X 86 44.66 9.62 -106.46
C LYS X 86 43.66 8.84 -105.61
N GLN X 87 42.38 9.13 -105.80
CA GLN X 87 41.31 8.42 -105.10
C GLN X 87 41.33 6.95 -105.46
N LYS X 88 41.59 6.64 -106.73
CA LYS X 88 41.65 5.26 -107.17
C LYS X 88 42.76 4.50 -106.45
N MET X 89 43.93 5.11 -106.36
CA MET X 89 45.06 4.47 -105.71
C MET X 89 44.85 4.37 -104.19
N GLU X 90 44.23 5.40 -103.59
CA GLU X 90 43.87 5.33 -102.18
C GLU X 90 42.89 4.20 -101.91
N GLU X 91 41.89 4.01 -102.79
CA GLU X 91 40.95 2.92 -102.61
C GLU X 91 41.64 1.57 -102.74
N LEU X 92 42.57 1.46 -103.70
CA LEU X 92 43.37 0.24 -103.84
C LEU X 92 44.14 -0.05 -102.55
N GLN X 93 44.83 0.96 -102.02
CA GLN X 93 45.55 0.81 -100.76
C GLN X 93 44.64 0.34 -99.63
N SER X 94 43.45 0.96 -99.52
CA SER X 94 42.55 0.61 -98.43
C SER X 94 42.05 -0.82 -98.59
N ARG X 95 41.78 -1.24 -99.84
CA ARG X 95 41.34 -2.60 -100.09
C ARG X 95 42.42 -3.62 -99.73
N VAL X 96 43.65 -3.38 -100.21
CA VAL X 96 44.75 -4.26 -99.82
C VAL X 96 44.95 -4.30 -98.32
N SER X 97 44.75 -3.17 -97.65
CA SER X 97 44.98 -3.15 -96.21
C SER X 97 43.87 -3.86 -95.47
N GLU X 98 42.66 -3.81 -96.00
CA GLU X 98 41.55 -4.58 -95.46
C GLU X 98 41.78 -6.08 -95.65
N TYR X 99 42.41 -6.45 -96.78
CA TYR X 99 42.64 -7.87 -97.02
C TYR X 99 43.84 -8.40 -96.23
N ALA X 100 44.80 -7.53 -95.90
CA ALA X 100 46.07 -7.92 -95.29
C ALA X 100 46.14 -7.69 -93.78
N MET X 101 45.63 -6.55 -93.30
CA MET X 101 45.84 -6.14 -91.92
C MET X 101 45.03 -7.01 -90.97
N GLN X 102 43.77 -7.29 -91.33
CA GLN X 102 42.89 -8.18 -90.60
C GLN X 102 42.83 -9.55 -91.25
N GLY X 103 43.94 -10.02 -91.83
CA GLY X 103 44.01 -11.36 -92.37
C GLY X 103 44.41 -12.35 -91.31
N GLY X 104 45.58 -12.13 -90.71
CA GLY X 104 46.02 -12.97 -89.60
C GLY X 104 45.30 -12.70 -88.30
N SER X 105 44.78 -11.50 -88.12
CA SER X 105 43.99 -11.11 -86.95
C SER X 105 42.54 -10.91 -87.35
N GLY X 106 41.64 -11.10 -86.38
CA GLY X 106 40.22 -11.01 -86.67
C GLY X 106 39.82 -12.14 -87.60
N ASN X 107 39.15 -11.76 -88.68
CA ASN X 107 38.65 -12.70 -89.68
C ASN X 107 38.27 -11.97 -90.95
N VAL X 108 38.54 -12.61 -92.08
CA VAL X 108 38.18 -12.13 -93.43
C VAL X 108 37.28 -13.17 -94.06
N SER X 109 36.18 -12.72 -94.66
CA SER X 109 35.20 -13.65 -95.22
C SER X 109 35.80 -14.44 -96.38
N GLY X 110 36.46 -13.77 -97.32
CA GLY X 110 37.01 -14.47 -98.45
C GLY X 110 38.26 -15.25 -98.07
N SER X 111 38.42 -16.43 -98.68
CA SER X 111 39.62 -17.23 -98.51
C SER X 111 40.69 -16.95 -99.57
N TYR X 112 40.39 -16.17 -100.61
CA TYR X 112 41.32 -16.00 -101.72
C TYR X 112 40.83 -14.84 -102.58
N LEU X 113 41.62 -14.51 -103.62
CA LEU X 113 41.35 -13.35 -104.47
C LEU X 113 41.36 -13.85 -105.91
N GLN X 114 40.42 -13.36 -106.71
CA GLN X 114 40.26 -13.77 -108.10
C GLN X 114 40.91 -12.71 -108.97
N PHE X 115 41.86 -13.11 -109.81
CA PHE X 115 42.67 -12.18 -110.62
C PHE X 115 42.32 -12.42 -112.09
N PHE X 116 41.75 -11.42 -112.75
CA PHE X 116 41.18 -11.56 -114.08
C PHE X 116 42.08 -10.84 -115.08
N ASN X 117 42.55 -11.55 -116.10
CA ASN X 117 43.37 -10.98 -117.16
C ASN X 117 42.57 -11.04 -118.44
N PHE X 118 41.69 -10.05 -118.63
CA PHE X 118 40.93 -10.02 -119.87
C PHE X 118 41.84 -9.82 -121.06
N THR X 119 42.92 -9.04 -120.90
CA THR X 119 43.79 -8.77 -122.04
C THR X 119 44.55 -10.03 -122.47
N ASP X 120 44.99 -10.82 -121.49
CA ASP X 120 45.73 -12.06 -121.74
C ASP X 120 44.85 -13.29 -121.84
N ASP X 121 43.56 -13.15 -121.53
CA ASP X 121 42.56 -14.22 -121.60
C ASP X 121 42.95 -15.37 -120.68
N SER X 122 43.24 -15.02 -119.43
CA SER X 122 43.70 -15.96 -118.42
C SER X 122 43.11 -15.56 -117.07
N TYR X 123 42.86 -16.56 -116.22
CA TYR X 123 42.24 -16.34 -114.91
C TYR X 123 42.93 -17.21 -113.88
N TYR X 124 43.10 -16.67 -112.67
CA TYR X 124 43.71 -17.41 -111.57
C TYR X 124 43.19 -16.88 -110.25
N LYS X 125 43.33 -17.72 -109.23
CA LYS X 125 43.01 -17.43 -107.84
C LYS X 125 44.33 -17.16 -107.13
N VAL X 126 44.46 -15.97 -106.52
CA VAL X 126 45.76 -15.47 -106.06
C VAL X 126 45.67 -15.05 -104.61
N HIS X 127 46.84 -14.98 -103.98
CA HIS X 127 46.99 -14.50 -102.61
C HIS X 127 48.21 -13.60 -102.57
N LEU X 128 48.19 -12.64 -101.64
CA LEU X 128 49.28 -11.68 -101.53
C LEU X 128 50.60 -12.41 -101.32
N ALA X 129 51.61 -12.02 -102.09
CA ALA X 129 52.93 -12.64 -101.99
C ALA X 129 53.61 -12.24 -100.67
N PRO X 130 54.76 -12.84 -100.36
CA PRO X 130 55.54 -12.34 -99.21
C PRO X 130 56.13 -10.96 -99.46
N GLN X 131 56.48 -10.62 -100.70
CA GLN X 131 56.98 -9.26 -100.96
C GLN X 131 55.90 -8.23 -100.72
N GLY X 132 54.68 -8.46 -101.19
CA GLY X 132 53.58 -7.59 -100.81
C GLY X 132 53.58 -6.32 -101.61
N LEU X 133 52.58 -5.48 -101.33
CA LEU X 133 52.38 -4.26 -102.09
C LEU X 133 53.52 -3.29 -101.83
N LYS X 134 53.83 -2.49 -102.85
CA LYS X 134 54.93 -1.52 -102.79
C LYS X 134 54.51 -0.33 -103.62
N ILE X 135 54.34 0.82 -102.97
CA ILE X 135 53.93 2.06 -103.59
C ILE X 135 55.09 3.04 -103.53
N THR X 136 55.27 3.80 -104.60
CA THR X 136 56.34 4.78 -104.67
C THR X 136 56.01 5.90 -105.65
N ARG X 137 56.34 7.14 -105.29
CA ARG X 137 56.14 8.36 -106.08
C ARG X 137 57.49 9.07 -106.22
N SER X 138 57.78 9.60 -107.41
CA SER X 138 59.11 10.04 -107.80
C SER X 138 59.11 11.41 -108.47
N LYS X 139 60.26 12.07 -108.33
CA LYS X 139 60.63 13.36 -108.92
C LYS X 139 59.98 13.61 -110.29
N ASP X 140 60.26 12.75 -111.24
CA ASP X 140 59.82 12.88 -112.62
C ASP X 140 58.43 12.32 -112.84
N GLU X 141 57.62 12.26 -111.77
CA GLU X 141 56.21 11.96 -111.83
C GLU X 141 55.47 12.75 -110.74
N PRO X 142 55.54 14.09 -110.74
CA PRO X 142 54.99 14.87 -109.61
C PRO X 142 53.51 14.64 -109.32
N LEU X 143 52.71 14.32 -110.33
CA LEU X 143 51.27 14.17 -110.17
C LEU X 143 50.81 12.73 -110.06
N LEU X 144 51.65 11.76 -110.46
CA LEU X 144 51.22 10.38 -110.60
C LEU X 144 51.52 9.56 -109.34
N PHE X 145 51.12 8.29 -109.40
CA PHE X 145 51.35 7.32 -108.32
C PHE X 145 51.54 5.94 -108.93
N ARG X 146 52.66 5.30 -108.60
CA ARG X 146 53.05 4.02 -109.15
C ARG X 146 52.91 2.95 -108.07
N TYR X 147 52.46 1.76 -108.47
CA TYR X 147 52.22 0.65 -107.56
C TYR X 147 52.93 -0.58 -108.11
N GLU X 148 53.41 -1.43 -107.21
CA GLU X 148 54.12 -2.66 -107.56
C GLU X 148 53.61 -3.74 -106.62
N ILE X 149 53.07 -4.81 -107.20
CA ILE X 149 52.42 -5.87 -106.44
C ILE X 149 52.92 -7.20 -106.95
N THR X 150 53.12 -8.15 -106.04
CA THR X 150 53.49 -9.52 -106.38
C THR X 150 52.45 -10.45 -105.79
N LEU X 151 52.15 -11.52 -106.51
CA LEU X 151 51.08 -12.45 -106.16
C LEU X 151 51.56 -13.88 -106.35
N VAL X 152 50.88 -14.79 -105.67
CA VAL X 152 51.13 -16.22 -105.77
C VAL X 152 49.81 -16.91 -106.10
N VAL X 153 49.84 -17.79 -107.09
CA VAL X 153 48.62 -18.36 -107.64
C VAL X 153 48.19 -19.56 -106.81
N ILE X 154 47.01 -19.49 -106.20
CA ILE X 154 46.51 -20.66 -105.49
C ILE X 154 46.14 -21.77 -106.47
N GLY X 155 45.55 -21.41 -107.60
CA GLY X 155 45.17 -22.40 -108.60
C GLY X 155 44.27 -21.78 -109.63
N SER X 156 43.88 -22.62 -110.59
CA SER X 156 42.98 -22.18 -111.64
C SER X 156 41.61 -21.79 -111.09
N LEU X 157 41.06 -20.71 -111.62
CA LEU X 157 39.76 -20.20 -111.18
C LEU X 157 38.61 -21.09 -111.65
N THR X 158 38.81 -21.87 -112.72
CA THR X 158 37.73 -22.70 -113.22
C THR X 158 37.42 -23.87 -112.28
N GLU X 159 38.43 -24.37 -111.56
CA GLU X 159 38.19 -25.46 -110.63
C GLU X 159 37.48 -24.96 -109.37
N ALA X 160 36.88 -25.90 -108.65
CA ALA X 160 36.07 -25.58 -107.49
C ALA X 160 36.95 -25.62 -106.24
N ASP X 161 36.41 -25.11 -105.14
CA ASP X 161 37.19 -25.01 -103.91
C ASP X 161 37.32 -26.38 -103.25
N ARG X 162 38.46 -26.57 -102.55
CA ARG X 162 38.73 -27.85 -101.89
C ARG X 162 37.61 -28.24 -100.94
N SER X 163 37.12 -27.28 -100.16
CA SER X 163 36.10 -27.52 -99.15
C SER X 163 34.71 -27.65 -99.75
N ALA X 164 34.54 -27.30 -101.03
CA ALA X 164 33.26 -27.34 -101.73
C ALA X 164 33.26 -28.44 -102.78
N VAL X 165 33.91 -29.58 -102.46
CA VAL X 165 34.01 -30.73 -103.35
C VAL X 165 33.15 -31.85 -102.78
N THR X 166 32.46 -32.56 -103.67
CA THR X 166 31.60 -33.68 -103.31
C THR X 166 32.19 -34.96 -103.89
N THR X 167 32.41 -35.94 -103.03
CA THR X 167 32.92 -37.26 -103.38
C THR X 167 31.80 -38.10 -103.98
N GLU X 168 32.14 -39.34 -104.35
CA GLU X 168 31.15 -40.24 -104.93
C GLU X 168 30.06 -40.58 -103.92
N GLU X 169 30.46 -41.11 -102.76
CA GLU X 169 29.57 -41.32 -101.62
C GLU X 169 28.41 -42.27 -101.97
N PHE X 170 28.63 -43.24 -102.86
CA PHE X 170 27.62 -44.24 -103.12
C PHE X 170 27.32 -45.04 -101.86
N GLY X 171 26.06 -45.38 -101.71
CA GLY X 171 25.58 -46.12 -100.56
C GLY X 171 25.62 -45.29 -99.29
N ASN X 172 25.30 -45.97 -98.18
CA ASN X 172 25.29 -45.27 -96.90
C ASN X 172 26.70 -44.89 -96.50
N VAL X 173 26.85 -43.67 -96.01
CA VAL X 173 28.14 -43.19 -95.51
C VAL X 173 28.31 -43.47 -94.02
N LYS X 174 27.24 -43.63 -93.23
CA LYS X 174 27.35 -43.97 -91.80
C LYS X 174 26.93 -45.41 -91.52
N PRO X 175 27.82 -46.27 -91.00
CA PRO X 175 27.49 -47.66 -90.66
C PRO X 175 26.66 -47.72 -89.38
N ASN X 176 25.33 -47.67 -89.54
CA ASN X 176 24.41 -47.50 -88.43
C ASN X 176 24.49 -48.58 -87.36
N ALA X 177 24.83 -49.81 -87.73
CA ALA X 177 25.02 -50.88 -86.77
C ALA X 177 26.14 -50.54 -85.78
N SER X 178 27.33 -50.18 -86.25
CA SER X 178 28.41 -49.80 -85.34
C SER X 178 27.99 -48.61 -84.48
N GLN X 179 27.36 -47.61 -85.12
CA GLN X 179 26.97 -46.39 -84.41
C GLN X 179 25.91 -46.65 -83.32
N ARG X 180 25.07 -47.67 -83.48
CA ARG X 180 24.10 -48.07 -82.45
C ARG X 180 24.56 -49.20 -81.54
N VAL X 181 25.63 -49.90 -81.88
CA VAL X 181 26.33 -50.80 -80.95
C VAL X 181 26.96 -49.99 -79.83
N ASP X 182 27.62 -48.89 -80.18
CA ASP X 182 28.07 -47.88 -79.22
C ASP X 182 26.91 -47.45 -78.30
N GLU X 183 25.74 -47.16 -78.88
CA GLU X 183 24.53 -46.80 -78.14
C GLU X 183 24.03 -47.92 -77.22
N GLY X 184 23.94 -49.15 -77.70
CA GLY X 184 23.52 -50.29 -76.87
C GLY X 184 24.52 -50.58 -75.75
N ILE X 185 25.81 -50.40 -76.03
CA ILE X 185 26.89 -50.58 -75.06
C ILE X 185 26.82 -49.59 -73.91
N LYS X 186 26.32 -48.36 -74.14
CA LYS X 186 26.19 -47.33 -73.11
C LYS X 186 25.45 -47.82 -71.86
N GLU X 187 24.46 -48.69 -72.06
CA GLU X 187 23.60 -49.21 -71.00
C GLU X 187 24.20 -50.38 -70.20
N LEU X 188 25.24 -51.05 -70.70
CA LEU X 188 25.68 -52.34 -70.14
C LEU X 188 26.22 -52.23 -68.70
N ASP X 189 26.05 -53.30 -67.92
CA ASP X 189 26.57 -53.32 -66.55
C ASP X 189 28.07 -53.62 -66.52
N LYS X 190 28.67 -53.31 -65.36
CA LYS X 190 30.12 -53.42 -65.20
C LYS X 190 30.61 -54.85 -65.45
N ASN X 191 29.92 -55.84 -64.87
CA ASN X 191 30.24 -57.25 -65.10
C ASN X 191 30.10 -57.63 -66.57
N ALA X 192 29.07 -57.13 -67.25
CA ALA X 192 28.92 -57.43 -68.67
C ALA X 192 30.12 -56.91 -69.46
N ARG X 193 30.55 -55.67 -69.19
CA ARG X 193 31.71 -55.12 -69.87
C ARG X 193 32.97 -55.90 -69.52
N LYS X 194 33.12 -56.34 -68.27
CA LYS X 194 34.34 -57.05 -67.91
C LYS X 194 34.41 -58.39 -68.62
N THR X 195 33.25 -59.07 -68.72
CA THR X 195 33.20 -60.33 -69.43
C THR X 195 33.41 -60.15 -70.92
N ARG X 196 32.94 -59.02 -71.46
CA ARG X 196 33.19 -58.67 -72.85
C ARG X 196 34.70 -58.57 -73.08
N ASP X 197 35.38 -57.82 -72.22
CA ASP X 197 36.82 -57.68 -72.33
C ASP X 197 37.53 -59.03 -72.23
N ARG X 198 37.12 -59.87 -71.27
CA ARG X 198 37.77 -61.18 -71.13
C ARG X 198 37.55 -62.04 -72.37
N ASN X 199 36.32 -62.06 -72.90
CA ASN X 199 36.04 -62.84 -74.10
C ASN X 199 36.89 -62.34 -75.27
N ASN X 200 36.99 -61.02 -75.42
CA ASN X 200 37.80 -60.42 -76.47
C ASN X 200 39.26 -60.84 -76.37
N GLN X 201 39.82 -60.80 -75.15
CA GLN X 201 41.16 -61.31 -74.92
C GLN X 201 41.28 -62.78 -75.30
N GLU X 202 40.26 -63.58 -74.96
CA GLU X 202 40.35 -65.02 -75.19
C GLU X 202 40.33 -65.33 -76.69
N ILE X 203 39.49 -64.63 -77.44
CA ILE X 203 39.48 -64.79 -78.89
C ILE X 203 40.80 -64.30 -79.48
N SER X 204 41.30 -63.18 -78.97
CA SER X 204 42.49 -62.55 -79.52
C SER X 204 43.71 -63.46 -79.44
N ARG X 205 43.94 -64.06 -78.27
CA ARG X 205 45.16 -64.85 -78.04
C ARG X 205 45.15 -66.22 -78.72
N ARG X 206 44.16 -66.53 -79.56
CA ARG X 206 44.11 -67.81 -80.27
C ARG X 206 43.62 -67.62 -81.70
N GLU X 207 44.12 -66.57 -82.36
CA GLU X 207 43.70 -66.26 -83.73
C GLU X 207 44.53 -67.06 -84.75
N ASN X 208 45.84 -66.85 -84.76
CA ASN X 208 46.68 -67.55 -85.73
C ASN X 208 46.74 -69.04 -85.41
N THR X 209 46.51 -69.87 -86.43
CA THR X 209 46.64 -71.31 -86.28
C THR X 209 46.75 -72.00 -87.65
N ILE X 233 31.21 -45.17 -96.96
CA ILE X 233 30.74 -45.88 -98.15
C ILE X 233 30.27 -47.27 -97.73
N TYR X 234 29.32 -47.33 -96.80
CA TYR X 234 28.73 -48.59 -96.36
C TYR X 234 27.59 -48.97 -97.32
N ASN X 235 27.70 -50.16 -97.90
CA ASN X 235 26.68 -50.68 -98.80
C ASN X 235 26.71 -52.20 -98.76
N PRO X 236 25.64 -52.89 -98.35
CA PRO X 236 25.69 -54.36 -98.37
C PRO X 236 25.65 -54.94 -99.76
N ARG X 237 25.23 -54.16 -100.76
CA ARG X 237 25.28 -54.62 -102.14
C ARG X 237 26.67 -54.36 -102.69
N GLN X 238 27.18 -55.31 -103.48
CA GLN X 238 28.44 -55.18 -104.21
C GLN X 238 29.57 -54.64 -103.30
N SER X 239 29.65 -55.25 -102.11
CA SER X 239 30.68 -54.91 -101.11
C SER X 239 30.45 -55.70 -99.82
N THR X 240 31.57 -55.91 -99.12
CA THR X 240 31.70 -56.67 -97.88
C THR X 240 32.46 -55.89 -96.81
N ASN X 241 32.52 -54.56 -96.92
CA ASN X 241 33.26 -53.78 -95.93
C ASN X 241 32.54 -53.76 -94.59
N GLY X 242 31.21 -53.62 -94.60
CA GLY X 242 30.45 -53.56 -93.36
C GLY X 242 29.94 -54.91 -92.87
N LEU X 243 30.84 -55.90 -92.76
CA LEU X 243 30.44 -57.22 -92.34
C LEU X 243 30.35 -57.33 -90.82
N LYS X 244 31.48 -57.14 -90.14
CA LYS X 244 31.51 -57.34 -88.69
C LYS X 244 30.63 -56.33 -87.96
N GLY X 245 30.36 -55.15 -88.51
CA GLY X 245 29.53 -54.14 -87.83
C GLY X 245 28.11 -54.63 -87.52
N ASN X 246 27.47 -55.29 -88.49
CA ASN X 246 26.15 -55.89 -88.30
C ASN X 246 26.20 -57.09 -87.34
N ILE X 247 27.27 -57.88 -87.35
CA ILE X 247 27.40 -58.97 -86.40
C ILE X 247 27.45 -58.45 -84.97
N ASP X 248 28.11 -57.33 -84.71
CA ASP X 248 28.27 -56.90 -83.32
C ASP X 248 26.92 -56.61 -82.68
N ASN X 249 26.10 -55.85 -83.38
CA ASN X 249 24.74 -55.55 -82.98
C ASN X 249 23.97 -56.83 -82.68
N MET X 250 23.99 -57.78 -83.61
CA MET X 250 23.25 -59.02 -83.47
C MET X 250 23.76 -59.86 -82.31
N ALA X 251 25.07 -59.79 -82.04
CA ALA X 251 25.66 -60.55 -80.95
C ALA X 251 25.37 -59.90 -79.61
N LEU X 252 25.27 -58.56 -79.62
CA LEU X 252 24.95 -57.75 -78.45
C LEU X 252 23.49 -57.96 -78.03
N ILE X 253 22.57 -57.86 -78.98
CA ILE X 253 21.15 -57.94 -78.67
C ILE X 253 20.76 -59.38 -78.33
N ILE X 254 21.33 -60.35 -79.05
CA ILE X 254 20.99 -61.75 -78.80
C ILE X 254 21.78 -62.28 -77.60
N GLY X 255 23.08 -62.00 -77.54
CA GLY X 255 23.83 -62.33 -76.35
C GLY X 255 24.76 -63.53 -76.41
N TYR X 256 25.94 -63.37 -77.02
CA TYR X 256 26.92 -64.43 -77.14
C TYR X 256 27.85 -64.21 -75.97
N GLY X 257 27.60 -64.92 -74.87
CA GLY X 257 28.25 -64.61 -73.62
C GLY X 257 27.50 -63.54 -72.87
N ASP X 258 28.11 -63.09 -71.78
CA ASP X 258 27.45 -62.12 -70.92
C ASP X 258 27.45 -60.73 -71.54
N GLY X 259 28.58 -60.34 -72.13
CA GLY X 259 28.66 -59.11 -72.88
C GLY X 259 28.51 -59.33 -74.37
N GLY X 260 29.38 -60.17 -74.94
CA GLY X 260 29.44 -60.31 -76.38
C GLY X 260 30.86 -60.61 -76.83
N VAL X 261 31.09 -60.67 -78.14
CA VAL X 261 32.41 -60.93 -78.71
C VAL X 261 32.62 -59.98 -79.89
N SER X 262 33.80 -59.37 -79.96
CA SER X 262 34.17 -58.47 -81.06
C SER X 262 33.30 -57.23 -81.07
N PRO Y 2 46.37 17.60 -100.00
CA PRO Y 2 46.10 17.59 -101.45
C PRO Y 2 47.36 17.88 -102.25
N GLN Y 3 47.45 17.26 -103.42
CA GLN Y 3 48.48 17.57 -104.41
C GLN Y 3 48.02 18.75 -105.28
N SER Y 4 48.95 19.32 -106.04
CA SER Y 4 48.56 20.34 -107.01
C SER Y 4 47.77 19.66 -108.12
N ASP Y 5 46.44 19.84 -108.09
CA ASP Y 5 45.55 19.22 -109.05
C ASP Y 5 44.70 20.21 -109.82
N GLY Y 6 45.01 21.51 -109.75
CA GLY Y 6 44.17 22.53 -110.31
C GLY Y 6 42.95 22.87 -109.51
N ILE Y 7 42.71 22.20 -108.38
CA ILE Y 7 41.58 22.50 -107.52
C ILE Y 7 42.03 23.01 -106.15
N SER Y 8 43.19 22.57 -105.64
CA SER Y 8 43.70 23.06 -104.37
C SER Y 8 45.22 23.19 -104.51
N ASN Y 9 45.82 24.12 -103.76
CA ASN Y 9 47.28 24.24 -103.80
C ASN Y 9 47.95 23.11 -103.02
N LEU Y 10 49.19 22.81 -103.41
CA LEU Y 10 50.02 21.81 -102.72
C LEU Y 10 50.13 22.09 -101.24
N HIS Y 11 50.19 21.05 -100.38
CA HIS Y 11 50.56 21.17 -98.96
C HIS Y 11 51.61 20.12 -98.56
N ARG Y 12 52.49 20.49 -97.63
CA ARG Y 12 53.79 19.82 -97.40
C ARG Y 12 53.92 19.23 -96.00
N ILE Y 13 54.77 18.21 -95.87
CA ILE Y 13 54.81 17.30 -94.72
C ILE Y 13 55.30 17.99 -93.45
N ALA Y 14 54.74 17.55 -92.33
CA ALA Y 14 55.07 17.99 -90.97
C ALA Y 14 55.04 16.81 -90.00
N LEU Y 15 55.93 16.85 -89.02
CA LEU Y 15 56.21 15.74 -88.10
C LEU Y 15 56.08 16.22 -86.67
N ARG Y 16 55.26 15.54 -85.88
CA ARG Y 16 55.09 15.91 -84.49
C ARG Y 16 55.95 15.03 -83.62
N PHE Y 17 56.64 15.66 -82.69
CA PHE Y 17 57.61 15.08 -81.77
C PHE Y 17 57.13 15.31 -80.35
N PRO Y 18 57.36 14.40 -79.42
CA PRO Y 18 57.14 14.66 -78.01
C PRO Y 18 58.08 15.76 -77.51
N LYS Y 19 57.55 16.80 -76.87
CA LYS Y 19 58.32 17.80 -76.13
C LYS Y 19 58.78 17.20 -74.81
N GLU Y 20 60.02 17.45 -74.41
CA GLU Y 20 60.61 16.78 -73.25
C GLU Y 20 59.98 17.19 -71.90
N GLY Y 21 59.30 18.34 -71.86
CA GLY Y 21 58.47 18.79 -70.74
C GLY Y 21 57.01 18.32 -70.80
N GLY Y 22 56.66 17.38 -71.69
CA GLY Y 22 55.27 17.04 -72.04
C GLY Y 22 54.67 18.00 -73.08
N GLY Y 23 53.64 17.57 -73.81
CA GLY Y 23 53.23 18.25 -75.04
C GLY Y 23 54.16 17.93 -76.20
N TYR Y 24 54.28 18.83 -77.18
CA TYR Y 24 54.93 18.50 -78.45
C TYR Y 24 55.72 19.64 -79.10
N ASP Y 25 56.67 19.27 -79.95
CA ASP Y 25 57.10 20.12 -81.07
C ASP Y 25 56.45 19.63 -82.38
N MET Y 26 56.32 20.51 -83.37
CA MET Y 26 55.59 20.28 -84.63
C MET Y 26 56.38 20.85 -85.81
N TYR Y 27 57.43 20.14 -86.24
CA TYR Y 27 58.31 20.53 -87.34
C TYR Y 27 57.62 20.40 -88.70
N ARG Y 28 58.00 21.20 -89.71
CA ARG Y 28 57.48 21.09 -91.09
C ARG Y 28 58.53 21.39 -92.16
N PHE Y 29 58.49 20.65 -93.27
CA PHE Y 29 59.40 20.82 -94.41
C PHE Y 29 58.96 21.94 -95.34
N LYS Y 30 59.92 22.68 -95.89
CA LYS Y 30 59.70 23.79 -96.82
C LYS Y 30 59.98 23.43 -98.28
N VAL Y 31 60.63 22.30 -98.56
CA VAL Y 31 60.60 21.67 -99.88
C VAL Y 31 60.33 20.18 -99.67
N ASN Y 32 59.36 19.65 -100.42
CA ASN Y 32 58.89 18.28 -100.27
C ASN Y 32 59.91 17.26 -100.80
N PRO Y 33 59.75 15.96 -100.54
CA PRO Y 33 60.73 14.93 -100.93
C PRO Y 33 60.84 14.70 -102.44
N GLU Y 34 62.03 14.33 -102.91
CA GLU Y 34 62.30 14.08 -104.33
C GLU Y 34 61.94 12.65 -104.70
N ASN Y 35 62.27 11.70 -103.82
CA ASN Y 35 61.83 10.32 -103.91
C ASN Y 35 61.00 9.99 -102.68
N TYR Y 36 59.94 9.21 -102.87
CA TYR Y 36 59.06 8.75 -101.81
C TYR Y 36 58.68 7.31 -102.10
N THR Y 37 58.99 6.42 -101.19
CA THR Y 37 58.76 4.98 -101.33
C THR Y 37 58.08 4.47 -100.07
N ILE Y 38 57.14 3.54 -100.24
CA ILE Y 38 56.44 2.88 -99.14
C ILE Y 38 56.35 1.39 -99.45
N ASP Y 39 56.81 0.56 -98.52
CA ASP Y 39 56.79 -0.89 -98.65
C ASP Y 39 55.77 -1.49 -97.70
N SER Y 40 55.13 -2.58 -98.13
CA SER Y 40 54.14 -3.29 -97.34
C SER Y 40 54.45 -4.78 -97.43
N PRO Y 41 55.40 -5.27 -96.64
CA PRO Y 41 55.74 -6.70 -96.69
C PRO Y 41 54.71 -7.56 -95.98
N GLN Y 42 54.60 -8.79 -96.47
CA GLN Y 42 53.67 -9.77 -95.90
C GLN Y 42 54.46 -10.91 -95.27
N ARG Y 43 53.90 -11.46 -94.21
CA ARG Y 43 54.49 -12.60 -93.49
C ARG Y 43 54.11 -13.94 -94.11
N THR Y 44 53.69 -13.97 -95.37
CA THR Y 44 53.29 -15.24 -95.97
C THR Y 44 54.52 -16.09 -96.20
N THR Y 45 54.36 -17.40 -96.01
CA THR Y 45 55.43 -18.35 -96.23
C THR Y 45 54.92 -19.50 -97.09
N ALA Y 46 55.83 -20.10 -97.85
CA ALA Y 46 55.52 -21.20 -98.77
C ALA Y 46 56.45 -22.36 -98.48
N ILE Y 47 55.87 -23.52 -98.21
CA ILE Y 47 56.60 -24.77 -98.02
C ILE Y 47 56.12 -25.80 -99.02
N LYS Y 48 57.03 -26.63 -99.53
CA LYS Y 48 56.71 -27.52 -100.65
C LYS Y 48 56.78 -28.94 -100.11
N THR Y 49 55.61 -29.57 -99.96
CA THR Y 49 55.51 -30.96 -99.55
C THR Y 49 55.65 -31.87 -100.77
N LYS Y 50 55.91 -33.15 -100.49
CA LYS Y 50 56.30 -34.10 -101.54
C LYS Y 50 55.21 -34.29 -102.59
N SER Y 51 53.96 -33.96 -102.28
CA SER Y 51 52.85 -34.15 -103.18
C SER Y 51 51.94 -32.95 -103.37
N ASP Y 52 52.15 -31.86 -102.63
CA ASP Y 52 51.32 -30.66 -102.70
C ASP Y 52 52.10 -29.47 -102.19
N ILE Y 53 51.62 -28.29 -102.58
CA ILE Y 53 52.12 -27.02 -102.07
C ILE Y 53 51.17 -26.56 -100.99
N VAL Y 54 51.72 -25.93 -99.95
CA VAL Y 54 50.93 -25.46 -98.82
C VAL Y 54 51.19 -23.98 -98.69
N ILE Y 55 50.13 -23.17 -98.74
CA ILE Y 55 50.21 -21.73 -98.61
C ILE Y 55 49.70 -21.34 -97.24
N GLU Y 56 50.54 -20.62 -96.48
CA GLU Y 56 50.23 -20.21 -95.12
C GLU Y 56 50.56 -18.74 -94.94
N ASP Y 57 49.64 -18.03 -94.29
CA ASP Y 57 49.77 -16.60 -94.04
C ASP Y 57 49.52 -16.33 -92.57
N TYR Y 58 50.19 -15.29 -92.07
CA TYR Y 58 50.08 -14.88 -90.69
C TYR Y 58 49.66 -13.42 -90.52
N GLY Y 59 49.46 -12.69 -91.62
CA GLY Y 59 48.92 -11.35 -91.61
C GLY Y 59 49.96 -10.31 -91.97
N LYS Y 60 49.55 -9.05 -91.81
CA LYS Y 60 50.36 -7.91 -92.24
C LYS Y 60 51.63 -7.82 -91.40
N ASP Y 61 52.72 -7.41 -92.05
CA ASP Y 61 54.05 -7.26 -91.48
C ASP Y 61 54.38 -5.77 -91.31
N ILE Y 62 55.54 -5.48 -90.73
CA ILE Y 62 55.81 -4.09 -90.39
C ILE Y 62 56.14 -3.33 -91.67
N GLU Y 63 55.40 -2.26 -91.93
CA GLU Y 63 55.62 -1.45 -93.12
C GLU Y 63 56.87 -0.61 -92.97
N VAL Y 64 57.42 -0.18 -94.11
CA VAL Y 64 58.60 0.66 -94.15
C VAL Y 64 58.27 1.89 -94.99
N ILE Y 65 58.69 3.06 -94.50
CA ILE Y 65 58.54 4.34 -95.20
C ILE Y 65 59.94 4.90 -95.41
N ASN Y 66 60.28 5.23 -96.66
CA ASN Y 66 61.58 5.80 -96.98
C ASN Y 66 61.41 6.88 -98.04
N PHE Y 67 62.00 8.05 -97.81
CA PHE Y 67 61.94 9.16 -98.76
C PHE Y 67 63.21 10.01 -98.72
N THR Y 68 63.48 10.71 -99.82
CA THR Y 68 64.73 11.45 -100.00
C THR Y 68 64.41 12.78 -100.66
N GLY Y 69 65.09 13.83 -100.22
CA GLY Y 69 64.85 15.17 -100.71
C GLY Y 69 65.97 16.12 -100.35
N THR Y 70 65.80 17.37 -100.80
CA THR Y 70 66.78 18.44 -100.62
C THR Y 70 66.11 19.66 -100.01
N THR Y 71 66.80 20.28 -99.04
CA THR Y 71 66.32 21.51 -98.44
C THR Y 71 66.59 22.69 -99.39
N GLY Y 72 65.62 23.60 -99.50
CA GLY Y 72 65.75 24.73 -100.40
C GLY Y 72 66.92 25.64 -100.05
N PHE Y 73 67.35 26.42 -101.05
CA PHE Y 73 68.51 27.30 -100.93
C PHE Y 73 68.11 28.69 -100.43
N ARG Y 74 67.18 29.32 -101.13
CA ARG Y 74 66.89 30.72 -100.94
C ARG Y 74 66.19 30.93 -99.59
N PRO Y 75 66.42 32.05 -98.90
CA PRO Y 75 65.79 32.21 -97.59
C PRO Y 75 64.28 32.28 -97.72
N VAL Y 76 63.59 31.75 -96.70
CA VAL Y 76 62.14 31.63 -96.71
C VAL Y 76 61.62 31.97 -95.33
N ARG Y 77 60.60 32.81 -95.26
CA ARG Y 77 60.07 33.21 -93.95
C ARG Y 77 59.49 32.02 -93.21
N GLU Y 78 59.53 32.12 -91.89
CA GLU Y 78 59.08 31.09 -90.97
C GLU Y 78 58.02 31.68 -90.04
N ALA Y 79 57.12 30.82 -89.57
CA ALA Y 79 56.11 31.15 -88.58
C ALA Y 79 56.66 31.72 -87.27
N ASP Y 80 57.99 31.78 -87.06
CA ASP Y 80 58.45 32.58 -85.93
C ASP Y 80 59.89 33.04 -86.13
N GLY Y 81 60.26 33.32 -87.37
CA GLY Y 81 61.63 33.66 -87.68
C GLY Y 81 61.85 33.79 -89.18
N LEU Y 82 63.13 34.00 -89.54
CA LEU Y 82 63.56 33.85 -90.92
C LEU Y 82 64.70 32.84 -90.94
N LYS Y 83 64.39 31.58 -91.26
CA LYS Y 83 65.36 30.50 -91.14
C LYS Y 83 65.78 30.04 -92.54
N THR Y 84 67.08 29.82 -92.72
CA THR Y 84 67.62 29.37 -94.00
C THR Y 84 67.62 27.85 -94.06
N GLY Y 85 67.96 27.32 -95.23
CA GLY Y 85 67.94 25.87 -95.42
C GLY Y 85 68.92 25.15 -94.51
N LYS Y 86 70.07 25.76 -94.26
CA LYS Y 86 71.08 25.12 -93.42
C LYS Y 86 70.60 25.06 -91.98
N GLN Y 87 69.98 26.15 -91.50
CA GLN Y 87 69.41 26.14 -90.16
C GLN Y 87 68.30 25.10 -90.05
N LYS Y 88 67.48 24.97 -91.09
CA LYS Y 88 66.41 23.99 -91.07
C LYS Y 88 66.98 22.57 -90.99
N MET Y 89 68.01 22.29 -91.81
CA MET Y 89 68.61 20.96 -91.79
C MET Y 89 69.26 20.67 -90.44
N GLU Y 90 69.92 21.68 -89.84
CA GLU Y 90 70.56 21.49 -88.54
C GLU Y 90 69.53 21.26 -87.45
N GLU Y 91 68.42 22.02 -87.49
CA GLU Y 91 67.31 21.78 -86.56
C GLU Y 91 66.79 20.35 -86.68
N LEU Y 92 66.68 19.87 -87.91
CA LEU Y 92 66.20 18.52 -88.12
C LEU Y 92 67.18 17.52 -87.51
N GLN Y 93 68.48 17.69 -87.78
CA GLN Y 93 69.48 16.79 -87.23
C GLN Y 93 69.47 16.79 -85.70
N SER Y 94 69.20 17.92 -85.09
CA SER Y 94 69.23 18.06 -83.65
C SER Y 94 67.99 17.45 -83.01
N ARG Y 95 66.81 17.61 -83.65
CA ARG Y 95 65.59 16.92 -83.21
C ARG Y 95 65.82 15.43 -83.24
N VAL Y 96 66.32 14.95 -84.36
CA VAL Y 96 66.49 13.53 -84.55
C VAL Y 96 67.51 12.99 -83.54
N SER Y 97 68.63 13.69 -83.35
CA SER Y 97 69.63 13.27 -82.37
C SER Y 97 69.04 13.21 -80.97
N GLU Y 98 68.20 14.18 -80.63
CA GLU Y 98 67.65 14.24 -79.28
C GLU Y 98 66.65 13.12 -79.05
N TYR Y 99 65.83 12.82 -80.06
CA TYR Y 99 64.88 11.73 -80.01
C TYR Y 99 65.58 10.38 -79.93
N ALA Y 100 66.65 10.17 -80.69
CA ALA Y 100 67.37 8.92 -80.65
C ALA Y 100 68.10 8.72 -79.32
N MET Y 101 68.73 9.78 -78.79
CA MET Y 101 69.59 9.59 -77.64
C MET Y 101 68.79 9.33 -76.37
N GLN Y 102 67.64 9.99 -76.22
CA GLN Y 102 66.83 9.83 -75.01
C GLN Y 102 66.17 8.47 -74.90
N GLY Y 103 66.19 7.67 -75.96
CA GLY Y 103 65.56 6.36 -75.94
C GLY Y 103 66.40 5.23 -75.34
N GLY Y 104 67.22 5.54 -74.35
CA GLY Y 104 68.14 4.58 -73.79
C GLY Y 104 67.58 3.71 -72.68
N SER Y 105 66.25 3.71 -72.49
CA SER Y 105 65.58 2.86 -71.52
C SER Y 105 64.71 1.82 -72.20
N GLY Y 106 65.17 1.27 -73.32
CA GLY Y 106 64.37 0.29 -74.05
C GLY Y 106 63.41 0.92 -75.04
N ASN Y 107 62.55 1.82 -74.55
CA ASN Y 107 61.60 2.51 -75.40
C ASN Y 107 61.03 3.70 -74.64
N VAL Y 108 60.82 4.81 -75.33
CA VAL Y 108 60.24 6.01 -74.74
C VAL Y 108 58.84 5.70 -74.23
N SER Y 109 58.52 6.10 -73.00
CA SER Y 109 57.17 5.88 -72.47
C SER Y 109 56.13 6.77 -73.13
N GLY Y 110 56.59 7.88 -73.72
CA GLY Y 110 55.78 8.89 -74.38
C GLY Y 110 55.45 8.52 -75.82
N SER Y 111 55.38 9.54 -76.68
CA SER Y 111 54.96 9.36 -78.07
C SER Y 111 56.07 8.79 -78.94
N TYR Y 112 55.66 7.92 -79.87
CA TYR Y 112 56.37 7.74 -81.14
C TYR Y 112 56.26 9.02 -81.98
N LEU Y 113 56.94 9.12 -83.12
CA LEU Y 113 56.75 10.28 -83.99
C LEU Y 113 55.41 10.19 -84.72
N GLN Y 114 54.69 11.31 -84.80
CA GLN Y 114 53.39 11.37 -85.47
C GLN Y 114 53.57 12.03 -86.82
N PHE Y 115 53.18 11.33 -87.88
CA PHE Y 115 53.44 11.73 -89.26
C PHE Y 115 52.17 12.14 -89.96
N PHE Y 116 52.16 13.32 -90.54
CA PHE Y 116 51.05 13.78 -91.36
C PHE Y 116 51.47 13.84 -92.81
N ASN Y 117 50.87 13.00 -93.64
CA ASN Y 117 51.02 13.15 -95.07
C ASN Y 117 50.06 14.22 -95.59
N PHE Y 118 50.49 15.47 -95.55
CA PHE Y 118 49.73 16.58 -96.11
C PHE Y 118 49.57 16.54 -97.62
N THR Y 119 50.27 15.64 -98.30
CA THR Y 119 50.18 15.56 -99.73
C THR Y 119 49.09 14.57 -100.14
N ASP Y 120 49.28 13.24 -100.02
CA ASP Y 120 48.18 12.30 -100.22
C ASP Y 120 47.62 11.92 -98.85
N ASP Y 121 46.30 12.04 -98.71
CA ASP Y 121 45.64 11.91 -97.42
C ASP Y 121 45.94 10.57 -96.74
N SER Y 122 46.85 10.57 -95.77
CA SER Y 122 47.18 9.37 -95.00
C SER Y 122 48.00 9.78 -93.79
N TYR Y 123 47.82 9.06 -92.68
CA TYR Y 123 48.44 9.42 -91.41
C TYR Y 123 48.96 8.16 -90.74
N TYR Y 124 50.14 8.25 -90.14
CA TYR Y 124 50.84 7.11 -89.56
C TYR Y 124 51.53 7.52 -88.27
N LYS Y 125 51.75 6.53 -87.40
CA LYS Y 125 52.67 6.63 -86.26
C LYS Y 125 53.92 5.81 -86.59
N VAL Y 126 55.08 6.40 -86.38
CA VAL Y 126 56.32 5.89 -86.95
C VAL Y 126 57.48 5.99 -85.99
N HIS Y 127 58.51 5.21 -86.30
CA HIS Y 127 59.73 5.15 -85.51
C HIS Y 127 60.94 5.13 -86.45
N LEU Y 128 62.04 5.69 -85.97
CA LEU Y 128 63.28 5.75 -86.73
C LEU Y 128 63.73 4.35 -87.15
N ALA Y 129 63.95 4.15 -88.44
CA ALA Y 129 64.41 2.86 -88.93
C ALA Y 129 65.90 2.70 -88.62
N PRO Y 130 66.43 1.48 -88.74
CA PRO Y 130 67.87 1.30 -88.50
C PRO Y 130 68.76 1.89 -89.58
N GLN Y 131 68.21 2.48 -90.63
CA GLN Y 131 69.04 3.23 -91.57
C GLN Y 131 69.36 4.61 -91.02
N GLY Y 132 68.41 5.23 -90.32
CA GLY Y 132 68.64 6.50 -89.67
C GLY Y 132 68.72 7.66 -90.64
N LEU Y 133 69.06 8.81 -90.09
CA LEU Y 133 69.12 10.07 -90.84
C LEU Y 133 70.52 10.19 -91.46
N LYS Y 134 70.62 9.79 -92.72
CA LYS Y 134 71.82 9.86 -93.53
C LYS Y 134 71.85 11.19 -94.25
N ILE Y 135 72.88 12.00 -94.00
CA ILE Y 135 73.00 13.33 -94.56
C ILE Y 135 74.28 13.37 -95.40
N THR Y 136 74.18 13.94 -96.59
CA THR Y 136 75.32 14.01 -97.50
C THR Y 136 75.21 15.27 -98.35
N ARG Y 137 76.36 15.67 -98.89
CA ARG Y 137 76.45 16.85 -99.76
C ARG Y 137 77.65 16.62 -100.67
N SER Y 138 77.38 16.22 -101.91
CA SER Y 138 78.41 15.93 -102.90
C SER Y 138 78.87 17.20 -103.61
N LYS Y 139 79.80 17.01 -104.56
CA LYS Y 139 80.30 18.11 -105.37
C LYS Y 139 79.17 18.74 -106.18
N ASP Y 140 78.35 17.91 -106.82
CA ASP Y 140 77.19 18.43 -107.55
C ASP Y 140 76.21 19.05 -106.58
N GLU Y 141 75.69 20.22 -106.94
CA GLU Y 141 74.81 20.99 -106.07
C GLU Y 141 75.55 21.32 -104.77
N PRO Y 142 76.59 22.16 -104.82
CA PRO Y 142 77.39 22.40 -103.60
C PRO Y 142 76.61 23.05 -102.47
N LEU Y 143 75.68 23.94 -102.77
CA LEU Y 143 74.97 24.73 -101.78
C LEU Y 143 73.61 24.16 -101.41
N LEU Y 144 73.28 22.94 -101.84
CA LEU Y 144 72.04 22.26 -101.50
C LEU Y 144 72.35 21.04 -100.65
N PHE Y 145 71.70 20.96 -99.49
CA PHE Y 145 71.76 19.73 -98.68
C PHE Y 145 70.72 18.73 -99.15
N ARG Y 146 71.02 17.45 -98.89
CA ARG Y 146 70.17 16.31 -99.17
C ARG Y 146 70.01 15.47 -97.91
N TYR Y 147 68.83 14.90 -97.70
CA TYR Y 147 68.60 14.09 -96.52
C TYR Y 147 67.86 12.82 -96.94
N GLU Y 148 68.20 11.71 -96.29
CA GLU Y 148 67.61 10.40 -96.54
C GLU Y 148 67.08 9.88 -95.21
N ILE Y 149 65.78 9.62 -95.12
CA ILE Y 149 65.10 9.15 -93.90
C ILE Y 149 64.34 7.89 -94.20
N THR Y 150 64.49 6.91 -93.32
CA THR Y 150 63.76 5.65 -93.41
C THR Y 150 63.05 5.42 -92.08
N LEU Y 151 61.81 4.99 -92.06
CA LEU Y 151 60.98 4.81 -90.89
C LEU Y 151 60.23 3.51 -91.03
N VAL Y 152 59.73 3.04 -89.90
CA VAL Y 152 58.90 1.85 -89.76
C VAL Y 152 57.58 2.27 -89.13
N VAL Y 153 56.48 1.70 -89.61
CA VAL Y 153 55.15 2.15 -89.21
C VAL Y 153 54.72 1.29 -88.02
N ILE Y 154 54.27 1.94 -86.95
CA ILE Y 154 53.72 1.20 -85.80
C ILE Y 154 52.23 0.98 -85.98
N GLY Y 155 51.51 2.00 -86.42
CA GLY Y 155 50.09 1.87 -86.64
C GLY Y 155 49.50 3.18 -87.09
N SER Y 156 48.23 3.12 -87.50
CA SER Y 156 47.53 4.32 -87.93
C SER Y 156 47.38 5.27 -86.75
N LEU Y 157 47.48 6.56 -87.05
CA LEU Y 157 47.33 7.63 -86.07
C LEU Y 157 45.88 7.76 -85.59
N THR Y 158 44.92 7.19 -86.32
CA THR Y 158 43.52 7.23 -85.93
C THR Y 158 43.25 6.41 -84.67
N GLU Y 159 44.03 5.35 -84.45
CA GLU Y 159 43.84 4.42 -83.34
C GLU Y 159 44.76 4.76 -82.17
N ALA Y 160 44.15 4.82 -80.98
CA ALA Y 160 44.91 5.11 -79.77
C ALA Y 160 45.74 3.89 -79.39
N ASP Y 161 46.54 4.04 -78.34
CA ASP Y 161 47.48 3.00 -77.96
C ASP Y 161 46.74 1.74 -77.54
N ARG Y 162 47.40 0.60 -77.75
CA ARG Y 162 46.76 -0.69 -77.49
C ARG Y 162 46.46 -0.84 -76.00
N SER Y 163 47.51 -0.75 -75.17
CA SER Y 163 47.34 -0.97 -73.73
C SER Y 163 46.52 0.12 -73.07
N ALA Y 164 46.46 1.33 -73.65
CA ALA Y 164 45.76 2.44 -73.02
C ALA Y 164 44.25 2.40 -73.18
N VAL Y 165 43.71 1.46 -73.96
CA VAL Y 165 42.26 1.40 -74.22
C VAL Y 165 41.53 1.10 -72.91
N THR Y 166 40.47 1.85 -72.64
CA THR Y 166 39.68 1.67 -71.43
C THR Y 166 38.72 0.50 -71.63
N THR Y 167 38.95 -0.58 -70.89
CA THR Y 167 38.11 -1.76 -70.97
C THR Y 167 36.77 -1.50 -70.28
N GLU Y 168 35.86 -2.45 -70.46
CA GLU Y 168 34.50 -2.33 -69.91
C GLU Y 168 34.53 -2.13 -68.39
N GLU Y 169 35.18 -3.05 -67.67
CA GLU Y 169 35.40 -2.91 -66.24
C GLU Y 169 34.08 -2.79 -65.45
N PHE Y 170 33.02 -3.44 -65.94
CA PHE Y 170 31.76 -3.43 -65.22
C PHE Y 170 31.85 -4.33 -64.00
N GLY Y 171 31.00 -4.05 -63.01
CA GLY Y 171 31.06 -4.73 -61.74
C GLY Y 171 32.15 -4.15 -60.86
N ASN Y 172 33.18 -4.93 -60.54
CA ASN Y 172 34.27 -4.46 -59.70
C ASN Y 172 35.49 -5.31 -59.96
N VAL Y 173 36.58 -4.69 -60.43
CA VAL Y 173 37.82 -5.43 -60.64
C VAL Y 173 38.61 -5.58 -59.35
N LYS Y 174 38.31 -4.77 -58.32
CA LYS Y 174 39.11 -4.77 -57.09
C LYS Y 174 38.22 -5.20 -55.93
N PRO Y 175 37.84 -6.48 -55.84
CA PRO Y 175 36.87 -6.89 -54.81
C PRO Y 175 37.41 -6.74 -53.40
N ASN Y 176 36.51 -6.30 -52.49
CA ASN Y 176 36.88 -6.13 -51.09
C ASN Y 176 36.97 -7.46 -50.36
N ALA Y 177 36.28 -8.49 -50.87
CA ALA Y 177 36.27 -9.79 -50.22
C ALA Y 177 37.67 -10.37 -50.08
N SER Y 178 38.44 -10.33 -51.17
CA SER Y 178 39.81 -10.84 -51.12
C SER Y 178 40.65 -10.06 -50.11
N GLN Y 179 40.46 -8.75 -50.09
CA GLN Y 179 41.27 -7.86 -49.24
C GLN Y 179 41.01 -8.15 -47.78
N ARG Y 180 39.73 -8.26 -47.41
CA ARG Y 180 39.41 -8.44 -46.00
C ARG Y 180 39.64 -9.88 -45.57
N VAL Y 181 39.57 -10.82 -46.51
CA VAL Y 181 39.97 -12.19 -46.21
C VAL Y 181 41.44 -12.22 -45.83
N ASP Y 182 42.29 -11.68 -46.72
CA ASP Y 182 43.73 -11.57 -46.46
C ASP Y 182 44.05 -10.85 -45.15
N GLU Y 183 43.31 -9.78 -44.85
CA GLU Y 183 43.53 -9.09 -43.58
C GLU Y 183 43.17 -9.98 -42.40
N GLY Y 184 42.02 -10.66 -42.47
CA GLY Y 184 41.66 -11.64 -41.46
C GLY Y 184 42.75 -12.68 -41.24
N ILE Y 185 43.21 -13.30 -42.33
CA ILE Y 185 44.18 -14.39 -42.22
C ILE Y 185 45.52 -13.84 -41.69
N LYS Y 186 45.90 -12.62 -42.06
CA LYS Y 186 47.07 -12.02 -41.42
C LYS Y 186 46.84 -11.89 -39.92
N GLU Y 187 45.63 -11.50 -39.52
CA GLU Y 187 45.35 -11.26 -38.11
C GLU Y 187 45.23 -12.55 -37.31
N LEU Y 188 45.09 -13.69 -37.97
CA LEU Y 188 44.96 -14.96 -37.26
C LEU Y 188 46.26 -15.36 -36.57
N ASP Y 189 46.13 -16.18 -35.54
CA ASP Y 189 47.28 -16.74 -34.82
C ASP Y 189 47.86 -17.92 -35.60
N LYS Y 190 49.19 -18.08 -35.49
CA LYS Y 190 49.91 -19.17 -36.17
C LYS Y 190 49.25 -20.53 -35.97
N ASN Y 191 48.79 -20.84 -34.75
CA ASN Y 191 48.04 -22.07 -34.54
C ASN Y 191 46.72 -22.05 -35.32
N ALA Y 192 46.07 -20.89 -35.40
CA ALA Y 192 44.83 -20.80 -36.15
C ALA Y 192 45.04 -21.19 -37.62
N ARG Y 193 46.07 -20.60 -38.24
CA ARG Y 193 46.39 -20.87 -39.63
C ARG Y 193 46.84 -22.32 -39.82
N LYS Y 194 47.57 -22.86 -38.84
CA LYS Y 194 47.98 -24.26 -38.92
C LYS Y 194 46.75 -25.18 -38.96
N THR Y 195 45.77 -24.90 -38.10
CA THR Y 195 44.54 -25.68 -38.11
C THR Y 195 43.75 -25.46 -39.39
N ARG Y 196 43.77 -24.26 -39.94
CA ARG Y 196 43.11 -24.00 -41.22
C ARG Y 196 43.77 -24.83 -42.32
N ASP Y 197 45.10 -24.92 -42.30
CA ASP Y 197 45.82 -25.77 -43.25
C ASP Y 197 45.41 -27.23 -43.08
N ARG Y 198 45.28 -27.69 -41.82
CA ARG Y 198 44.85 -29.06 -41.59
C ARG Y 198 43.45 -29.31 -42.14
N ASN Y 199 42.54 -28.36 -41.95
CA ASN Y 199 41.17 -28.53 -42.44
C ASN Y 199 41.14 -28.54 -43.97
N ASN Y 200 41.93 -27.66 -44.59
CA ASN Y 200 42.05 -27.67 -46.05
C ASN Y 200 42.57 -29.01 -46.54
N GLN Y 201 43.60 -29.54 -45.88
CA GLN Y 201 44.13 -30.84 -46.29
C GLN Y 201 43.11 -31.95 -46.12
N GLU Y 202 42.31 -31.87 -45.05
CA GLU Y 202 41.28 -32.88 -44.83
C GLU Y 202 40.22 -32.82 -45.93
N ILE Y 203 39.78 -31.60 -46.27
CA ILE Y 203 38.79 -31.43 -47.33
C ILE Y 203 39.33 -31.97 -48.65
N SER Y 204 40.58 -31.63 -48.98
CA SER Y 204 41.24 -32.16 -50.18
C SER Y 204 41.28 -33.69 -50.17
N ARG Y 205 41.43 -34.29 -48.99
CA ARG Y 205 41.38 -35.75 -48.91
C ARG Y 205 39.97 -36.26 -49.25
N ARG Y 206 38.95 -35.52 -48.82
CA ARG Y 206 37.56 -35.92 -49.02
C ARG Y 206 37.02 -35.51 -50.40
N GLU Y 207 37.89 -35.14 -51.34
CA GLU Y 207 37.41 -34.78 -52.67
C GLU Y 207 36.74 -35.97 -53.35
N ASN Y 208 37.36 -37.16 -53.26
CA ASN Y 208 36.73 -38.35 -53.82
C ASN Y 208 37.40 -39.58 -53.22
N THR Y 209 36.60 -40.63 -53.03
CA THR Y 209 37.08 -41.88 -52.44
C THR Y 209 37.60 -41.61 -51.04
N ILE Y 233 35.42 -7.77 -64.14
CA ILE Y 233 34.64 -8.85 -64.72
C ILE Y 233 33.69 -9.37 -63.62
N TYR Y 234 34.21 -9.41 -62.41
CA TYR Y 234 33.43 -9.80 -61.25
C TYR Y 234 32.23 -8.89 -61.06
N ASN Y 235 31.07 -9.49 -60.77
CA ASN Y 235 29.87 -8.73 -60.50
C ASN Y 235 29.10 -9.47 -59.41
N PRO Y 236 28.55 -8.77 -58.39
CA PRO Y 236 27.67 -9.46 -57.43
C PRO Y 236 26.37 -9.95 -58.02
N ARG Y 237 26.03 -9.52 -59.23
CA ARG Y 237 24.79 -9.83 -59.90
C ARG Y 237 25.14 -10.59 -61.18
N GLN Y 238 24.29 -11.57 -61.54
CA GLN Y 238 24.42 -12.33 -62.79
C GLN Y 238 25.86 -12.75 -63.11
N SER Y 239 26.54 -13.29 -62.09
CA SER Y 239 27.88 -13.82 -62.24
C SER Y 239 28.17 -14.81 -61.11
N THR Y 240 28.85 -15.90 -61.45
CA THR Y 240 29.26 -16.94 -60.52
C THR Y 240 30.75 -16.96 -60.20
N ASN Y 241 31.59 -16.21 -60.91
CA ASN Y 241 33.03 -16.25 -60.66
C ASN Y 241 33.39 -15.80 -59.24
N GLY Y 242 32.63 -14.85 -58.69
CA GLY Y 242 32.87 -14.34 -57.36
C GLY Y 242 32.16 -15.10 -56.25
N LEU Y 243 31.68 -16.31 -56.53
CA LEU Y 243 30.99 -17.09 -55.51
C LEU Y 243 31.93 -17.43 -54.35
N LYS Y 244 33.14 -17.88 -54.69
CA LYS Y 244 34.10 -18.26 -53.66
C LYS Y 244 34.48 -17.09 -52.75
N GLY Y 245 34.53 -15.87 -53.29
CA GLY Y 245 34.90 -14.74 -52.47
C GLY Y 245 33.92 -14.46 -51.35
N ASN Y 246 32.62 -14.67 -51.61
CA ASN Y 246 31.62 -14.50 -50.57
C ASN Y 246 31.70 -15.62 -49.55
N ILE Y 247 31.97 -16.85 -50.00
CA ILE Y 247 32.09 -17.98 -49.08
C ILE Y 247 33.42 -17.91 -48.34
N ASP Y 248 34.49 -17.50 -49.02
CA ASP Y 248 35.78 -17.40 -48.34
C ASP Y 248 35.74 -16.31 -47.27
N ASN Y 249 34.96 -15.26 -47.49
CA ASN Y 249 34.77 -14.22 -46.48
C ASN Y 249 34.10 -14.76 -45.23
N MET Y 250 33.25 -15.78 -45.38
CA MET Y 250 32.66 -16.46 -44.23
C MET Y 250 33.66 -17.49 -43.71
N ALA Y 251 33.28 -18.13 -42.59
CA ALA Y 251 34.12 -19.08 -41.85
C ALA Y 251 35.18 -18.33 -41.03
N LEU Y 252 35.01 -17.02 -40.85
CA LEU Y 252 35.81 -16.19 -39.95
C LEU Y 252 34.93 -15.33 -39.07
N ILE Y 253 33.85 -14.77 -39.61
CA ILE Y 253 32.83 -14.15 -38.77
C ILE Y 253 32.06 -15.24 -38.02
N ILE Y 254 31.92 -16.42 -38.63
CA ILE Y 254 31.37 -17.60 -37.96
C ILE Y 254 32.50 -18.62 -37.83
N GLY Y 255 32.66 -19.15 -36.63
CA GLY Y 255 33.68 -20.12 -36.29
C GLY Y 255 33.53 -21.48 -36.95
N TYR Y 256 33.48 -21.53 -38.28
CA TYR Y 256 33.42 -22.81 -38.97
C TYR Y 256 34.78 -23.46 -38.86
N GLY Y 257 35.11 -24.00 -37.68
CA GLY Y 257 36.39 -24.63 -37.49
C GLY Y 257 37.42 -23.59 -37.10
N ASP Y 258 38.47 -24.04 -36.41
CA ASP Y 258 39.42 -23.08 -35.86
C ASP Y 258 40.24 -22.43 -36.97
N GLY Y 259 39.60 -21.54 -37.74
CA GLY Y 259 40.18 -20.99 -38.94
C GLY Y 259 39.31 -21.20 -40.16
N GLY Y 260 39.47 -20.35 -41.17
CA GLY Y 260 38.68 -20.43 -42.38
C GLY Y 260 39.03 -21.65 -43.22
N VAL Y 261 38.29 -21.78 -44.32
CA VAL Y 261 38.40 -22.92 -45.24
C VAL Y 261 38.48 -22.38 -46.66
N SER Y 262 39.49 -22.83 -47.41
CA SER Y 262 39.69 -22.37 -48.78
C SER Y 262 39.98 -20.88 -48.81
N ARG Z 2 28.56 -12.40 -76.39
CA ARG Z 2 27.68 -11.37 -77.04
C ARG Z 2 26.82 -12.02 -78.16
N PHE Z 3 25.96 -11.23 -78.82
CA PHE Z 3 24.83 -11.75 -79.58
C PHE Z 3 24.63 -10.99 -80.89
N LYS Z 4 23.69 -11.51 -81.69
CA LYS Z 4 23.16 -10.85 -82.89
C LYS Z 4 21.63 -10.87 -82.89
N LYS Z 5 21.02 -9.81 -83.44
CA LYS Z 5 19.58 -9.78 -83.67
C LYS Z 5 19.22 -10.54 -84.95
N HIS Z 6 17.96 -10.99 -85.01
CA HIS Z 6 17.38 -11.55 -86.22
C HIS Z 6 15.92 -11.13 -86.30
N VAL Z 7 15.38 -11.00 -87.52
CA VAL Z 7 13.95 -10.76 -87.72
C VAL Z 7 13.33 -11.95 -88.47
N VAL Z 8 12.25 -12.51 -87.89
CA VAL Z 8 11.58 -13.68 -88.47
C VAL Z 8 10.93 -13.28 -89.79
N GLN Z 9 11.15 -14.10 -90.82
CA GLN Z 9 10.61 -13.90 -92.15
C GLN Z 9 9.45 -14.88 -92.44
N HIS Z 10 8.77 -14.67 -93.58
CA HIS Z 10 7.59 -15.45 -93.97
C HIS Z 10 7.92 -16.93 -93.99
N GLU Z 11 7.06 -17.73 -93.33
CA GLU Z 11 7.17 -19.17 -93.21
C GLU Z 11 8.61 -19.60 -92.90
N GLU Z 12 9.33 -18.82 -92.11
CA GLU Z 12 10.75 -19.08 -91.89
C GLU Z 12 10.93 -20.37 -91.12
N THR Z 13 11.69 -21.28 -91.72
CA THR Z 13 12.04 -22.54 -91.09
C THR Z 13 13.00 -22.30 -89.93
N MET Z 14 12.65 -22.81 -88.74
CA MET Z 14 13.47 -22.62 -87.55
C MET Z 14 14.89 -23.13 -87.78
N GLN Z 15 15.02 -24.31 -88.39
CA GLN Z 15 16.33 -24.86 -88.70
C GLN Z 15 17.10 -23.99 -89.69
N ALA Z 16 16.40 -23.21 -90.51
CA ALA Z 16 17.13 -22.39 -91.46
C ALA Z 16 17.92 -21.28 -90.75
N ILE Z 17 17.38 -20.77 -89.63
CA ILE Z 17 18.10 -19.76 -88.84
C ILE Z 17 19.43 -20.33 -88.38
N ALA Z 18 19.36 -21.49 -87.69
CA ALA Z 18 20.56 -22.10 -87.12
C ALA Z 18 21.60 -22.41 -88.20
N GLN Z 19 21.15 -22.92 -89.34
CA GLN Z 19 22.07 -23.19 -90.46
C GLN Z 19 22.67 -21.90 -90.97
N ARG Z 20 21.82 -20.90 -91.15
CA ARG Z 20 22.21 -19.67 -91.83
C ARG Z 20 23.29 -18.93 -91.06
N TYR Z 21 23.33 -19.11 -89.73
CA TYR Z 21 24.35 -18.43 -88.91
C TYR Z 21 25.37 -19.34 -88.23
N TYR Z 22 25.23 -20.67 -88.32
CA TYR Z 22 26.19 -21.60 -87.71
C TYR Z 22 26.64 -22.74 -88.63
N GLY Z 23 26.11 -22.85 -89.84
CA GLY Z 23 26.59 -23.86 -90.79
C GLY Z 23 26.06 -25.27 -90.60
N ASP Z 24 26.05 -25.78 -89.38
CA ASP Z 24 25.32 -27.00 -89.05
C ASP Z 24 23.89 -26.67 -88.65
N VAL Z 25 23.01 -27.64 -88.88
CA VAL Z 25 21.61 -27.49 -88.52
C VAL Z 25 21.37 -27.77 -87.03
N SER Z 26 22.22 -28.59 -86.42
CA SER Z 26 21.84 -29.28 -85.18
C SER Z 26 21.81 -28.38 -83.96
N TYR Z 27 22.32 -27.15 -84.04
CA TYR Z 27 22.30 -26.24 -82.90
C TYR Z 27 20.97 -25.52 -82.70
N TRP Z 28 19.92 -25.89 -83.42
CA TRP Z 28 18.65 -25.21 -83.21
C TRP Z 28 18.02 -25.57 -81.85
N ILE Z 29 18.33 -26.76 -81.31
CA ILE Z 29 17.90 -27.12 -79.95
C ILE Z 29 18.45 -26.09 -78.97
N ASP Z 30 19.71 -25.65 -79.14
CA ASP Z 30 20.27 -24.69 -78.18
C ASP Z 30 19.67 -23.30 -78.39
N LEU Z 31 19.47 -22.91 -79.65
CA LEU Z 31 18.96 -21.57 -79.95
C LEU Z 31 17.56 -21.37 -79.35
N VAL Z 32 16.69 -22.38 -79.47
CA VAL Z 32 15.32 -22.21 -78.98
C VAL Z 32 15.30 -22.22 -77.46
N GLU Z 33 16.25 -22.91 -76.83
CA GLU Z 33 16.41 -22.80 -75.38
C GLU Z 33 16.93 -21.42 -74.98
N HIS Z 34 17.74 -20.79 -75.82
CA HIS Z 34 18.24 -19.45 -75.49
C HIS Z 34 17.12 -18.42 -75.55
N ASN Z 35 16.08 -18.68 -76.34
CA ASN Z 35 14.99 -17.75 -76.55
C ASN Z 35 13.70 -18.15 -75.84
N ASN Z 36 13.73 -19.19 -74.98
CA ASN Z 36 12.59 -19.58 -74.14
C ASN Z 36 11.32 -19.86 -74.95
N LEU Z 37 11.49 -20.53 -76.09
CA LEU Z 37 10.35 -20.89 -76.95
C LEU Z 37 9.74 -22.22 -76.53
N LYS Z 38 8.41 -22.34 -76.71
CA LYS Z 38 7.74 -23.64 -76.69
C LYS Z 38 7.95 -24.32 -78.04
N TYR Z 39 7.38 -25.52 -78.19
CA TYR Z 39 7.53 -26.29 -79.43
C TYR Z 39 7.11 -25.52 -80.67
N PRO Z 40 5.96 -24.83 -80.71
CA PRO Z 40 5.72 -23.97 -81.88
C PRO Z 40 6.71 -22.81 -81.89
N TYR Z 41 7.87 -23.04 -82.51
CA TYR Z 41 8.96 -22.08 -82.44
C TYR Z 41 8.65 -20.83 -83.24
N LEU Z 42 8.07 -21.00 -84.43
CA LEU Z 42 7.65 -19.88 -85.26
C LEU Z 42 6.28 -20.22 -85.85
N VAL Z 43 5.40 -19.23 -86.03
CA VAL Z 43 4.08 -19.50 -86.61
C VAL Z 43 3.70 -18.37 -87.58
N GLU Z 44 3.04 -18.76 -88.67
CA GLU Z 44 2.59 -17.84 -89.71
C GLU Z 44 1.54 -16.86 -89.18
N THR Z 45 0.50 -17.38 -88.54
CA THR Z 45 -0.63 -16.60 -88.09
C THR Z 45 -0.25 -15.86 -86.81
N ASP Z 46 -0.59 -14.56 -86.75
CA ASP Z 46 -0.27 -13.78 -85.56
C ASP Z 46 -1.32 -13.92 -84.48
N GLU Z 47 -2.51 -14.43 -84.82
CA GLU Z 47 -3.53 -14.65 -83.81
C GLU Z 47 -3.15 -15.80 -82.88
N GLU Z 48 -2.34 -16.73 -83.35
CA GLU Z 48 -1.91 -17.82 -82.50
C GLU Z 48 -0.99 -17.32 -81.39
N LYS Z 49 -0.26 -16.23 -81.66
CA LYS Z 49 0.62 -15.70 -80.63
C LYS Z 49 -0.18 -15.16 -79.44
N MET Z 50 -1.42 -14.70 -79.68
CA MET Z 50 -2.27 -14.17 -78.60
C MET Z 50 -2.36 -15.11 -77.38
N LYS Z 51 -2.26 -16.42 -77.61
CA LYS Z 51 -2.55 -17.39 -76.55
C LYS Z 51 -1.42 -17.42 -75.53
N ASP Z 52 -0.19 -17.50 -76.02
CA ASP Z 52 1.02 -17.50 -75.19
C ASP Z 52 2.00 -16.53 -75.84
N PRO Z 53 1.79 -15.21 -75.71
CA PRO Z 53 2.68 -14.26 -76.40
C PRO Z 53 4.17 -14.44 -76.05
N GLU Z 54 4.53 -14.48 -74.77
CA GLU Z 54 5.94 -14.54 -74.39
C GLU Z 54 6.62 -15.82 -74.88
N ARG Z 55 5.91 -16.94 -74.99
CA ARG Z 55 6.51 -18.22 -75.34
C ARG Z 55 6.22 -18.65 -76.77
N LEU Z 56 5.84 -17.73 -77.66
CA LEU Z 56 5.43 -18.04 -79.01
C LEU Z 56 5.75 -16.85 -79.89
N ALA Z 57 6.54 -17.08 -80.93
CA ALA Z 57 6.97 -16.04 -81.86
C ALA Z 57 6.33 -16.23 -83.22
N SER Z 58 6.21 -15.12 -83.97
CA SER Z 58 5.54 -15.10 -85.28
C SER Z 58 6.33 -14.21 -86.23
N THR Z 59 5.86 -14.15 -87.48
CA THR Z 59 6.52 -13.38 -88.54
C THR Z 59 6.78 -11.93 -88.11
N GLY Z 60 7.99 -11.46 -88.35
CA GLY Z 60 8.38 -10.11 -87.98
C GLY Z 60 8.82 -9.94 -86.54
N ASP Z 61 8.65 -10.95 -85.70
CA ASP Z 61 9.19 -10.93 -84.36
C ASP Z 61 10.72 -11.01 -84.39
N THR Z 62 11.35 -10.65 -83.27
CA THR Z 62 12.81 -10.58 -83.14
C THR Z 62 13.29 -11.74 -82.28
N LEU Z 63 14.36 -12.43 -82.73
CA LEU Z 63 15.03 -13.47 -81.97
C LEU Z 63 16.47 -13.09 -81.66
N ILE Z 64 17.04 -13.72 -80.61
CA ILE Z 64 18.39 -13.44 -80.16
C ILE Z 64 19.28 -14.62 -80.57
N ILE Z 65 20.36 -14.32 -81.27
CA ILE Z 65 21.31 -15.32 -81.76
C ILE Z 65 22.59 -15.17 -80.93
N PRO Z 66 22.99 -16.18 -80.16
CA PRO Z 66 24.30 -16.12 -79.47
C PRO Z 66 25.45 -16.16 -80.45
N ILE Z 67 26.67 -15.83 -79.97
CA ILE Z 67 27.86 -16.25 -80.72
C ILE Z 67 28.18 -17.67 -80.27
N GLU Z 68 28.97 -18.35 -81.10
CA GLU Z 68 29.20 -19.79 -80.97
C GLU Z 68 29.74 -20.20 -79.60
N SER Z 69 30.52 -19.33 -78.95
CA SER Z 69 31.21 -19.76 -77.75
C SER Z 69 30.26 -19.86 -76.56
N ASP Z 70 29.27 -18.97 -76.49
CA ASP Z 70 28.26 -18.97 -75.44
C ASP Z 70 27.04 -19.82 -75.78
N LEU Z 71 27.17 -20.79 -76.68
CA LEU Z 71 26.02 -21.54 -77.16
C LEU Z 71 25.50 -22.49 -76.09
N THR Z 72 26.40 -23.26 -75.47
CA THR Z 72 26.02 -24.31 -74.54
C THR Z 72 26.15 -23.88 -73.08
N ASP Z 73 26.43 -22.60 -72.80
CA ASP Z 73 26.58 -22.14 -71.42
C ASP Z 73 25.19 -21.93 -70.83
N VAL Z 74 24.86 -22.72 -69.80
CA VAL Z 74 23.55 -22.65 -69.17
C VAL Z 74 23.32 -21.28 -68.55
N SER Z 75 24.37 -20.67 -68.00
CA SER Z 75 24.22 -19.35 -67.41
C SER Z 75 23.89 -18.31 -68.47
N ALA Z 76 24.57 -18.37 -69.62
CA ALA Z 76 24.21 -17.48 -70.72
C ALA Z 76 22.78 -17.75 -71.18
N LYS Z 77 22.38 -19.02 -71.23
CA LYS Z 77 21.00 -19.34 -71.58
C LYS Z 77 20.02 -18.72 -70.58
N GLU Z 78 20.36 -18.77 -69.29
CA GLU Z 78 19.52 -18.16 -68.27
C GLU Z 78 19.45 -16.64 -68.43
N ILE Z 79 20.60 -15.98 -68.51
CA ILE Z 79 20.61 -14.52 -68.68
C ILE Z 79 19.95 -14.13 -70.00
N ASN Z 80 20.26 -14.85 -71.09
CA ASN Z 80 19.62 -14.56 -72.37
C ASN Z 80 18.10 -14.85 -72.36
N SER Z 81 17.61 -15.60 -71.38
CA SER Z 81 16.17 -15.75 -71.20
C SER Z 81 15.53 -14.59 -70.44
N ARG Z 82 16.32 -13.79 -69.73
CA ARG Z 82 15.84 -12.60 -69.03
C ARG Z 82 15.87 -11.37 -69.94
N ASP Z 83 17.05 -11.00 -70.46
CA ASP Z 83 17.20 -9.79 -71.24
C ASP Z 83 16.69 -9.87 -72.68
N LYS Z 84 15.49 -10.41 -72.91
CA LYS Z 84 14.99 -10.56 -74.27
C LYS Z 84 14.67 -9.20 -74.89
N ASP Z 85 15.29 -8.94 -76.05
CA ASP Z 85 15.33 -7.62 -76.72
C ASP Z 85 15.62 -6.47 -75.75
N VAL Z 86 16.43 -6.72 -74.73
CA VAL Z 86 17.04 -5.64 -73.96
C VAL Z 86 18.51 -5.93 -73.67
N LEU Z 87 19.01 -7.07 -74.18
CA LEU Z 87 20.37 -7.55 -73.97
C LEU Z 87 21.47 -6.50 -74.22
N VAL Z 88 21.21 -5.51 -75.10
CA VAL Z 88 22.12 -4.39 -75.33
C VAL Z 88 22.56 -3.78 -74.00
N GLU Z 89 21.62 -3.68 -73.05
CA GLU Z 89 21.87 -3.04 -71.77
C GLU Z 89 23.00 -3.72 -70.99
N LEU Z 90 23.29 -4.99 -71.25
CA LEU Z 90 24.34 -5.65 -70.50
C LEU Z 90 25.71 -5.26 -71.02
N ALA Z 91 25.82 -4.90 -72.30
CA ALA Z 91 27.12 -4.52 -72.84
C ALA Z 91 27.42 -3.03 -72.66
N LEU Z 92 26.47 -2.17 -73.02
CA LEU Z 92 26.68 -0.74 -72.94
C LEU Z 92 26.49 -0.20 -71.52
N GLY Z 93 25.60 -0.80 -70.71
CA GLY Z 93 25.46 -0.47 -69.31
C GLY Z 93 24.41 0.58 -68.98
N ARG Z 94 24.27 0.82 -67.66
CA ARG Z 94 23.42 1.88 -67.12
C ARG Z 94 24.26 2.79 -66.22
N ASP Z 95 23.98 4.09 -66.28
CA ASP Z 95 24.71 5.10 -65.54
C ASP Z 95 23.77 6.28 -65.24
N LEU Z 96 24.21 7.18 -64.36
CA LEU Z 96 23.42 8.35 -64.00
C LEU Z 96 23.46 9.41 -65.10
N ASN Z 97 22.32 10.07 -65.31
CA ASN Z 97 22.23 11.17 -66.26
C ASN Z 97 22.84 12.41 -65.63
N ILE Z 98 23.77 13.05 -66.36
CA ILE Z 98 24.28 14.37 -65.99
C ILE Z 98 24.12 15.40 -67.10
N THR Z 99 23.51 15.04 -68.23
CA THR Z 99 23.23 15.99 -69.30
C THR Z 99 21.82 16.55 -69.08
N ALA Z 100 21.73 17.55 -68.19
CA ALA Z 100 20.43 18.09 -67.82
C ALA Z 100 19.83 18.93 -68.95
N ASP Z 101 20.66 19.60 -69.74
CA ASP Z 101 20.19 20.34 -70.91
C ASP Z 101 21.32 20.38 -71.93
N GLU Z 102 21.12 19.74 -73.09
CA GLU Z 102 22.08 19.89 -74.17
C GLU Z 102 22.04 21.29 -74.77
N LYS Z 103 21.03 22.07 -74.42
CA LYS Z 103 20.98 23.47 -74.80
C LYS Z 103 21.93 24.33 -73.98
N TYR Z 104 22.47 23.80 -72.87
CA TYR Z 104 23.33 24.59 -71.97
C TYR Z 104 24.80 24.36 -72.35
N PHE Z 105 25.34 23.16 -72.08
CA PHE Z 105 26.79 22.97 -72.14
C PHE Z 105 27.35 23.12 -73.55
N ASN Z 106 26.54 22.89 -74.59
CA ASN Z 106 27.05 23.03 -75.94
C ASN Z 106 27.40 24.48 -76.28
N GLU Z 107 26.82 25.45 -75.57
CA GLU Z 107 27.14 26.86 -75.79
C GLU Z 107 28.23 27.38 -74.85
N HIS Z 108 28.71 26.59 -73.88
CA HIS Z 108 29.82 26.98 -73.01
C HIS Z 108 31.09 26.15 -73.18
N GLY Z 109 31.00 24.89 -73.58
CA GLY Z 109 32.22 24.17 -73.95
C GLY Z 109 33.22 23.94 -72.82
N THR Z 110 34.49 23.75 -73.20
CA THR Z 110 35.51 23.34 -72.24
C THR Z 110 35.71 24.29 -71.04
N SER Z 111 35.14 23.91 -69.88
CA SER Z 111 35.24 24.70 -68.66
C SER Z 111 34.93 23.85 -67.43
N ASP Z 112 35.27 24.41 -66.27
CA ASP Z 112 34.78 23.92 -64.98
C ASP Z 112 33.29 24.24 -64.87
N ASN Z 113 32.60 23.54 -63.95
CA ASN Z 113 31.24 23.91 -63.51
C ASN Z 113 30.21 23.86 -64.64
N ILE Z 114 30.09 22.69 -65.30
CA ILE Z 114 29.21 22.50 -66.47
C ILE Z 114 28.07 21.54 -66.12
N LEU Z 115 28.34 20.23 -66.05
CA LEU Z 115 27.29 19.20 -66.08
C LEU Z 115 26.68 18.98 -64.68
N ALA Z 116 25.47 18.37 -64.63
CA ALA Z 116 24.87 18.11 -63.33
C ALA Z 116 23.83 16.98 -63.37
N PHE Z 117 23.72 16.25 -62.25
CA PHE Z 117 22.65 15.26 -62.06
C PHE Z 117 21.26 15.89 -62.14
N SER Z 118 20.29 15.14 -62.69
CA SER Z 118 18.92 15.60 -62.87
C SER Z 118 17.94 14.45 -62.67
N THR Z 119 16.63 14.75 -62.70
CA THR Z 119 15.57 13.82 -62.30
C THR Z 119 14.47 13.75 -63.35
N ASN Z 120 14.24 12.55 -63.88
CA ASN Z 120 13.20 12.28 -64.87
C ASN Z 120 12.03 11.59 -64.18
N GLY Z 121 10.82 12.07 -64.42
CA GLY Z 121 9.63 11.49 -63.81
C GLY Z 121 9.39 12.06 -62.44
N ASN Z 122 9.47 11.22 -61.41
CA ASN Z 122 9.29 11.67 -60.03
C ASN Z 122 10.01 10.72 -59.09
N GLY Z 123 10.71 11.27 -58.12
CA GLY Z 123 11.31 10.49 -57.07
C GLY Z 123 12.52 9.62 -57.42
N ASP Z 124 12.43 8.87 -58.52
CA ASP Z 124 13.54 8.03 -58.97
C ASP Z 124 14.58 8.87 -59.70
N LEU Z 125 15.83 8.75 -59.27
CA LEU Z 125 16.86 9.60 -59.85
C LEU Z 125 17.13 9.14 -61.27
N ASP Z 126 17.41 10.07 -62.18
CA ASP Z 126 17.41 9.72 -63.61
C ASP Z 126 18.63 8.85 -63.92
N THR Z 127 18.37 7.60 -64.27
CA THR Z 127 19.37 6.66 -64.77
C THR Z 127 19.25 6.51 -66.28
N VAL Z 128 20.36 6.74 -66.99
CA VAL Z 128 20.37 6.78 -68.46
C VAL Z 128 21.16 5.59 -68.97
N LYS Z 129 20.60 4.90 -69.97
CA LYS Z 129 20.86 3.49 -70.18
C LYS Z 129 21.09 3.17 -71.66
N GLY Z 130 21.83 2.07 -71.89
CA GLY Z 130 22.09 1.58 -73.24
C GLY Z 130 22.74 2.62 -74.14
N ILE Z 131 22.23 2.71 -75.37
CA ILE Z 131 22.74 3.67 -76.36
C ILE Z 131 22.78 5.07 -75.77
N ASP Z 132 21.78 5.42 -74.95
CA ASP Z 132 21.79 6.74 -74.34
C ASP Z 132 22.87 6.86 -73.26
N ASN Z 133 23.28 5.75 -72.62
CA ASN Z 133 24.47 5.79 -71.79
C ASN Z 133 25.71 6.02 -72.64
N MET Z 134 25.76 5.37 -73.80
CA MET Z 134 26.94 5.47 -74.67
C MET Z 134 27.12 6.89 -75.20
N LYS Z 135 26.02 7.56 -75.57
CA LYS Z 135 26.07 8.98 -75.93
C LYS Z 135 26.78 9.78 -74.83
N GLN Z 136 26.29 9.65 -73.60
CA GLN Z 136 26.87 10.38 -72.49
C GLN Z 136 28.34 10.00 -72.26
N GLN Z 137 28.64 8.71 -72.30
CA GLN Z 137 30.00 8.30 -71.97
C GLN Z 137 31.01 8.59 -73.06
N LEU Z 138 30.58 8.98 -74.27
CA LEU Z 138 31.51 9.61 -75.22
C LEU Z 138 31.57 11.12 -75.00
N GLN Z 139 30.41 11.75 -74.81
CA GLN Z 139 30.34 13.21 -74.71
C GLN Z 139 31.09 13.72 -73.49
N ALA Z 140 30.75 13.19 -72.30
CA ALA Z 140 31.38 13.59 -71.05
C ALA Z 140 32.87 13.27 -71.02
N ARG Z 141 33.28 12.20 -71.70
CA ARG Z 141 34.70 11.91 -71.80
C ARG Z 141 35.39 13.00 -72.61
N LEU Z 142 34.89 13.26 -73.83
CA LEU Z 142 35.61 14.13 -74.75
C LEU Z 142 35.69 15.56 -74.24
N LEU Z 143 34.67 16.03 -73.51
CA LEU Z 143 34.74 17.39 -72.99
C LEU Z 143 35.78 17.56 -71.87
N THR Z 144 36.27 16.47 -71.26
CA THR Z 144 37.20 16.59 -70.14
C THR Z 144 38.63 16.75 -70.66
N PRO Z 145 39.43 17.67 -70.10
CA PRO Z 145 40.83 17.75 -70.53
C PRO Z 145 41.66 16.61 -69.93
N ARG Z 146 42.67 16.17 -70.70
CA ARG Z 146 43.32 14.87 -70.48
C ARG Z 146 43.80 14.67 -69.05
N GLY Z 147 44.48 15.66 -68.49
CA GLY Z 147 45.06 15.61 -67.16
C GLY Z 147 44.05 15.56 -66.04
N SER Z 148 42.80 15.95 -66.31
CA SER Z 148 41.86 16.42 -65.29
C SER Z 148 41.61 15.51 -64.09
N LEU Z 149 41.06 14.31 -64.32
CA LEU Z 149 40.33 13.60 -63.27
C LEU Z 149 41.26 13.06 -62.19
N MET Z 150 40.75 13.07 -60.95
CA MET Z 150 41.50 12.90 -59.70
C MET Z 150 41.85 11.44 -59.39
N LEU Z 151 41.51 10.50 -60.25
CA LEU Z 151 42.11 9.17 -60.24
C LEU Z 151 42.14 8.72 -61.69
N HIS Z 152 42.97 7.67 -61.98
CA HIS Z 152 43.24 7.16 -63.33
C HIS Z 152 43.43 8.31 -64.31
N PRO Z 153 44.57 9.01 -64.27
CA PRO Z 153 44.82 10.04 -65.28
C PRO Z 153 45.02 9.41 -66.66
N ASN Z 154 45.23 10.29 -67.66
CA ASN Z 154 45.12 9.98 -69.09
C ASN Z 154 43.67 9.63 -69.44
N TYR Z 155 42.74 10.22 -68.70
CA TYR Z 155 41.35 10.34 -69.11
C TYR Z 155 41.29 11.43 -70.19
N GLY Z 156 40.10 11.87 -70.59
CA GLY Z 156 39.91 13.13 -71.28
C GLY Z 156 40.57 13.23 -72.65
N SER Z 157 40.80 14.47 -73.10
CA SER Z 157 41.42 14.75 -74.39
C SER Z 157 42.30 15.99 -74.32
N ASP Z 158 43.19 16.17 -75.29
CA ASP Z 158 43.99 17.39 -75.46
C ASP Z 158 43.21 18.51 -76.18
N LEU Z 159 41.89 18.36 -76.41
CA LEU Z 159 41.15 19.26 -77.30
C LEU Z 159 41.33 20.74 -76.96
N HIS Z 160 41.43 21.06 -75.67
CA HIS Z 160 41.51 22.47 -75.29
C HIS Z 160 42.82 23.12 -75.74
N ASN Z 161 43.85 22.32 -76.04
CA ASN Z 161 45.10 22.89 -76.50
C ASN Z 161 45.02 23.43 -77.93
N LEU Z 162 44.06 22.94 -78.70
CA LEU Z 162 44.13 22.93 -80.15
C LEU Z 162 43.60 24.19 -80.83
N PHE Z 163 43.27 25.25 -80.09
CA PHE Z 163 42.75 26.48 -80.68
C PHE Z 163 43.88 27.34 -81.23
N GLY Z 164 44.68 26.79 -82.17
CA GLY Z 164 45.68 27.54 -82.89
C GLY Z 164 45.16 28.27 -84.13
N LEU Z 165 46.09 28.50 -85.06
CA LEU Z 165 45.78 29.18 -86.30
C LEU Z 165 44.83 28.34 -87.15
N ASN Z 166 43.86 29.00 -87.83
CA ASN Z 166 42.78 28.35 -88.58
C ASN Z 166 43.25 27.59 -89.89
N ILE Z 167 44.55 27.38 -90.11
CA ILE Z 167 45.11 26.90 -91.37
C ILE Z 167 44.97 25.36 -91.44
N PRO Z 168 44.93 24.75 -92.65
CA PRO Z 168 44.49 23.34 -92.80
C PRO Z 168 45.15 22.28 -91.90
N GLU Z 169 46.47 22.37 -91.70
CA GLU Z 169 47.19 21.40 -90.86
C GLU Z 169 46.58 21.35 -89.46
N GLN Z 170 46.24 22.51 -88.94
CA GLN Z 170 45.69 22.56 -87.59
C GLN Z 170 44.33 21.87 -87.54
N ALA Z 171 43.55 21.98 -88.61
CA ALA Z 171 42.27 21.29 -88.68
C ALA Z 171 42.46 19.77 -88.64
N THR Z 172 43.45 19.26 -89.39
CA THR Z 172 43.72 17.83 -89.30
C THR Z 172 44.21 17.43 -87.91
N LEU Z 173 44.92 18.31 -87.21
CA LEU Z 173 45.33 18.00 -85.85
C LEU Z 173 44.11 17.85 -84.94
N ILE Z 174 43.07 18.65 -85.16
CA ILE Z 174 41.85 18.51 -84.37
C ILE Z 174 41.16 17.19 -84.71
N GLU Z 175 41.15 16.82 -86.00
CA GLU Z 175 40.63 15.51 -86.39
C GLU Z 175 41.36 14.39 -85.65
N MET Z 176 42.70 14.47 -85.63
CA MET Z 176 43.47 13.42 -84.99
C MET Z 176 43.17 13.30 -83.49
N GLU Z 177 43.11 14.42 -82.76
CA GLU Z 177 42.80 14.29 -81.33
C GLU Z 177 41.39 13.75 -81.13
N VAL Z 178 40.44 14.12 -81.98
CA VAL Z 178 39.09 13.56 -81.81
C VAL Z 178 39.12 12.06 -82.03
N LEU Z 179 39.74 11.61 -83.12
CA LEU Z 179 39.85 10.18 -83.40
C LEU Z 179 40.52 9.42 -82.26
N ARG Z 180 41.64 9.96 -81.78
CA ARG Z 180 42.40 9.39 -80.68
C ARG Z 180 41.54 9.28 -79.43
N THR Z 181 40.78 10.33 -79.11
CA THR Z 181 39.96 10.31 -77.91
C THR Z 181 38.83 9.29 -78.01
N LEU Z 182 38.20 9.19 -79.19
CA LEU Z 182 37.00 8.37 -79.32
C LEU Z 182 37.33 6.89 -79.37
N THR Z 183 38.39 6.49 -80.09
CA THR Z 183 38.77 5.07 -80.13
C THR Z 183 39.42 4.59 -78.83
N SER Z 184 39.55 5.45 -77.82
CA SER Z 184 40.19 5.06 -76.57
C SER Z 184 39.33 4.19 -75.65
N ASP Z 185 38.03 4.02 -75.92
CA ASP Z 185 37.13 3.22 -75.09
C ASP Z 185 36.75 1.97 -75.89
N ASN Z 186 36.87 0.80 -75.25
CA ASN Z 186 36.61 -0.51 -75.88
C ASN Z 186 35.20 -0.68 -76.43
N ARG Z 187 34.22 0.11 -75.98
CA ARG Z 187 32.85 -0.04 -76.45
C ARG Z 187 32.68 0.34 -77.92
N VAL Z 188 33.64 1.08 -78.49
CA VAL Z 188 33.66 1.48 -79.89
C VAL Z 188 34.77 0.68 -80.58
N LYS Z 189 34.44 0.06 -81.72
CA LYS Z 189 35.45 -0.64 -82.50
C LYS Z 189 36.47 0.33 -83.09
N SER Z 190 35.99 1.33 -83.82
CA SER Z 190 36.85 2.22 -84.60
C SER Z 190 36.09 3.50 -84.93
N ALA Z 191 36.79 4.45 -85.54
CA ALA Z 191 36.23 5.74 -85.94
C ALA Z 191 36.91 6.21 -87.22
N ASN Z 192 36.21 7.06 -87.98
CA ASN Z 192 36.81 7.73 -89.13
C ASN Z 192 36.00 8.97 -89.49
N LEU Z 193 36.66 9.92 -90.15
CA LEU Z 193 36.07 11.20 -90.49
C LEU Z 193 35.24 11.10 -91.77
N ILE Z 194 34.02 11.66 -91.74
CA ILE Z 194 33.21 11.77 -92.96
C ILE Z 194 33.54 13.08 -93.68
N ASP Z 195 33.49 14.22 -92.99
CA ASP Z 195 33.60 15.52 -93.64
C ASP Z 195 34.08 16.56 -92.63
N TRP Z 196 34.68 17.64 -93.16
CA TRP Z 196 35.01 18.80 -92.33
C TRP Z 196 34.89 20.09 -93.13
N LYS Z 197 34.68 21.18 -92.38
CA LYS Z 197 34.27 22.47 -92.94
C LYS Z 197 34.90 23.55 -92.08
N ILE Z 198 35.85 24.31 -92.62
CA ILE Z 198 36.51 25.40 -91.92
C ILE Z 198 35.84 26.69 -92.34
N GLN Z 199 35.07 27.28 -91.43
CA GLN Z 199 34.54 28.62 -91.59
C GLN Z 199 35.65 29.59 -91.15
N GLY Z 200 35.36 30.89 -91.18
CA GLY Z 200 36.38 31.88 -90.86
C GLY Z 200 36.97 31.73 -89.46
N ASN Z 201 36.16 31.30 -88.50
CA ASN Z 201 36.68 30.98 -87.17
C ASN Z 201 35.92 29.83 -86.53
N VAL Z 202 35.09 29.11 -87.28
CA VAL Z 202 34.33 27.96 -86.80
C VAL Z 202 34.87 26.72 -87.51
N TYR Z 203 35.33 25.74 -86.72
CA TYR Z 203 35.58 24.39 -87.18
C TYR Z 203 34.25 23.64 -87.10
N SER Z 204 33.93 22.93 -88.17
CA SER Z 204 32.85 21.95 -88.17
C SER Z 204 33.36 20.70 -88.86
N GLY Z 205 33.07 19.56 -88.24
CA GLY Z 205 33.43 18.27 -88.82
C GLY Z 205 32.58 17.19 -88.21
N GLN Z 206 32.39 16.10 -88.97
CA GLN Z 206 31.52 15.01 -88.52
C GLN Z 206 32.16 13.65 -88.75
N PHE Z 207 32.01 12.78 -87.74
CA PHE Z 207 32.75 11.55 -87.54
C PHE Z 207 31.79 10.39 -87.32
N SER Z 208 32.15 9.22 -87.84
CA SER Z 208 31.44 7.97 -87.60
C SER Z 208 32.11 7.21 -86.46
N VAL Z 209 31.31 6.48 -85.66
CA VAL Z 209 31.87 5.54 -84.69
C VAL Z 209 31.10 4.23 -84.71
N GLU Z 210 31.83 3.12 -84.66
CA GLU Z 210 31.25 1.80 -84.65
C GLU Z 210 31.04 1.36 -83.19
N ILE Z 211 29.91 1.79 -82.61
CA ILE Z 211 29.45 1.21 -81.36
C ILE Z 211 29.20 -0.27 -81.62
N LYS Z 212 29.51 -1.09 -80.63
CA LYS Z 212 29.21 -2.50 -80.68
C LYS Z 212 27.74 -2.77 -80.34
N SER Z 213 27.15 -3.67 -81.11
CA SER Z 213 25.76 -4.17 -81.07
C SER Z 213 24.72 -3.12 -81.47
N THR AA 12 28.67 34.47 -78.77
CA THR AA 12 29.31 34.70 -77.49
C THR AA 12 30.76 34.17 -77.51
N ARG AA 13 31.33 33.95 -76.32
CA ARG AA 13 32.71 33.55 -76.06
C ARG AA 13 33.18 32.29 -76.81
N PRO AA 14 34.50 32.09 -76.95
CA PRO AA 14 35.01 30.83 -77.51
C PRO AA 14 34.56 29.60 -76.74
N HIS AA 15 34.36 28.49 -77.46
CA HIS AA 15 33.87 27.24 -76.88
C HIS AA 15 33.99 26.08 -77.87
N ALA AA 16 33.69 24.87 -77.37
CA ALA AA 16 33.57 23.65 -78.17
C ALA AA 16 32.24 22.94 -77.92
N SER AA 17 31.71 22.29 -78.95
CA SER AA 17 30.39 21.66 -78.94
C SER AA 17 30.48 20.26 -79.52
N ILE AA 18 29.65 19.35 -79.00
CA ILE AA 18 29.54 17.97 -79.49
C ILE AA 18 28.06 17.61 -79.46
N GLU AA 19 27.45 17.47 -80.65
CA GLU AA 19 26.07 17.02 -80.76
C GLU AA 19 26.04 15.58 -81.26
N VAL AA 20 25.40 14.72 -80.49
CA VAL AA 20 25.27 13.30 -80.76
C VAL AA 20 24.09 13.07 -81.72
N ASP AA 21 24.14 13.71 -82.89
CA ASP AA 21 23.01 13.90 -83.79
C ASP AA 21 22.23 12.62 -84.07
N THR AA 22 20.92 12.67 -83.82
CA THR AA 22 20.00 11.57 -84.10
C THR AA 22 19.54 11.50 -85.55
N SER AA 23 20.02 12.41 -86.41
CA SER AA 23 19.70 12.39 -87.83
C SER AA 23 19.94 11.01 -88.45
N GLY AA 24 18.96 10.54 -89.22
CA GLY AA 24 19.03 9.22 -89.83
C GLY AA 24 19.16 8.08 -88.85
N ILE AA 25 18.68 8.26 -87.62
CA ILE AA 25 18.70 7.26 -86.53
C ILE AA 25 20.01 6.48 -86.44
N SER AA 32 23.19 8.22 -104.49
CA SER AA 32 22.41 9.27 -103.84
C SER AA 32 21.92 10.30 -104.86
N GLU AA 33 21.99 9.97 -106.15
CA GLU AA 33 21.97 11.00 -107.18
C GLU AA 33 20.55 11.51 -107.49
N LYS AA 34 19.60 10.62 -107.81
CA LYS AA 34 18.27 11.01 -108.29
C LYS AA 34 17.37 11.53 -107.15
N VAL AA 35 16.20 12.09 -107.51
CA VAL AA 35 15.21 12.64 -106.58
C VAL AA 35 13.89 11.89 -106.75
N PHE AA 36 13.17 11.67 -105.64
CA PHE AA 36 11.92 10.89 -105.55
C PHE AA 36 10.77 11.74 -105.00
N CYS AA 37 9.59 11.64 -105.61
CA CYS AA 37 8.45 12.51 -105.32
C CYS AA 37 7.26 11.72 -104.78
N LEU AA 38 6.72 12.16 -103.63
CA LEU AA 38 5.58 11.56 -102.97
C LEU AA 38 4.50 12.61 -102.67
N ILE AA 39 3.26 12.33 -103.08
CA ILE AA 39 2.10 13.13 -102.73
C ILE AA 39 1.07 12.20 -102.11
N GLY AA 40 0.67 12.50 -100.87
CA GLY AA 40 -0.25 11.66 -100.15
C GLY AA 40 -0.89 12.37 -98.97
N GLN AA 41 -1.52 11.56 -98.12
CA GLN AA 41 -2.31 12.05 -96.99
C GLN AA 41 -1.55 11.84 -95.67
N ALA AA 42 -1.46 12.90 -94.88
CA ALA AA 42 -0.82 12.89 -93.57
C ALA AA 42 -1.28 14.13 -92.83
N GLU AA 43 -1.18 14.09 -91.50
CA GLU AA 43 -1.88 15.04 -90.65
C GLU AA 43 -0.92 16.01 -89.95
N GLY AA 44 -0.21 16.81 -90.76
CA GLY AA 44 0.67 17.87 -90.29
C GLY AA 44 1.34 18.51 -91.50
N GLY AA 45 2.05 19.62 -91.25
CA GLY AA 45 2.71 20.37 -92.31
C GLY AA 45 1.82 21.33 -93.08
N GLU AA 46 2.33 22.53 -93.43
CA GLU AA 46 1.51 23.55 -94.07
C GLU AA 46 1.13 23.12 -95.49
N PRO AA 47 -0.12 23.29 -95.92
CA PRO AA 47 -0.55 22.69 -97.19
C PRO AA 47 -0.17 23.47 -98.45
N ASN AA 48 -0.14 22.75 -99.57
CA ASN AA 48 0.03 23.27 -100.93
C ASN AA 48 1.40 23.93 -101.17
N THR AA 49 2.43 23.54 -100.41
CA THR AA 49 3.82 23.91 -100.69
C THR AA 49 4.71 22.67 -100.63
N VAL AA 50 5.63 22.53 -101.59
CA VAL AA 50 6.55 21.40 -101.63
C VAL AA 50 7.64 21.55 -100.55
N TYR AA 51 8.13 20.40 -100.07
CA TYR AA 51 9.25 20.32 -99.16
C TYR AA 51 10.26 19.29 -99.68
N GLU AA 52 11.55 19.53 -99.41
CA GLU AA 52 12.62 18.57 -99.68
C GLU AA 52 13.04 17.94 -98.35
N LEU AA 53 12.94 16.61 -98.28
CA LEU AA 53 13.34 15.85 -97.11
C LEU AA 53 14.64 15.11 -97.38
N ARG AA 54 15.62 15.37 -96.53
CA ARG AA 54 16.96 14.83 -96.60
C ARG AA 54 17.28 13.95 -95.40
N ASN AA 55 16.36 13.83 -94.43
CA ASN AA 55 16.62 13.20 -93.15
C ASN AA 55 15.29 12.73 -92.56
N TYR AA 56 15.20 11.43 -92.24
CA TYR AA 56 13.99 10.90 -91.59
C TYR AA 56 13.65 11.68 -90.33
N SER AA 57 14.64 11.98 -89.48
CA SER AA 57 14.35 12.73 -88.28
C SER AA 57 13.81 14.13 -88.56
N GLN AA 58 13.97 14.65 -89.79
CA GLN AA 58 13.34 15.91 -90.13
C GLN AA 58 11.89 15.70 -90.54
N ALA AA 59 11.59 14.54 -91.15
CA ALA AA 59 10.23 14.22 -91.56
C ALA AA 59 9.31 14.02 -90.36
N LYS AA 60 9.82 13.46 -89.25
CA LYS AA 60 9.05 13.29 -88.03
C LYS AA 60 8.67 14.61 -87.35
N ARG AA 61 9.17 15.74 -87.85
CA ARG AA 61 9.07 17.04 -87.24
C ARG AA 61 8.36 18.03 -88.15
N LEU AA 62 8.62 17.96 -89.45
CA LEU AA 62 7.77 18.64 -90.42
C LEU AA 62 6.37 18.04 -90.41
N PHE AA 63 6.28 16.71 -90.49
CA PHE AA 63 5.03 15.98 -90.43
C PHE AA 63 4.91 15.32 -89.05
N ARG AA 64 3.88 14.47 -88.88
CA ARG AA 64 3.61 13.81 -87.62
C ARG AA 64 3.19 12.36 -87.81
N SER AA 65 2.14 12.12 -88.61
CA SER AA 65 1.44 10.84 -88.57
C SER AA 65 0.88 10.48 -89.95
N GLY AA 66 0.65 9.18 -90.15
CA GLY AA 66 -0.05 8.68 -91.32
C GLY AA 66 0.82 8.32 -92.51
N GLU AA 67 0.13 8.01 -93.62
CA GLU AA 67 0.73 7.36 -94.79
C GLU AA 67 1.94 8.09 -95.36
N LEU AA 68 1.87 9.42 -95.56
CA LEU AA 68 3.02 10.12 -96.16
C LEU AA 68 4.29 9.91 -95.34
N LEU AA 69 4.17 9.80 -94.02
CA LEU AA 69 5.36 9.59 -93.20
C LEU AA 69 5.74 8.11 -93.16
N ASP AA 70 4.76 7.22 -92.99
CA ASP AA 70 5.08 5.79 -93.04
C ASP AA 70 5.60 5.39 -94.41
N ALA AA 71 5.17 6.09 -95.46
CA ALA AA 71 5.73 5.87 -96.79
C ALA AA 71 7.22 6.23 -96.83
N ILE AA 72 7.58 7.39 -96.26
CA ILE AA 72 8.97 7.82 -96.27
C ILE AA 72 9.81 6.92 -95.37
N GLU AA 73 9.29 6.57 -94.19
CA GLU AA 73 9.99 5.62 -93.33
C GLU AA 73 10.21 4.27 -94.01
N LEU AA 74 9.38 3.93 -95.00
CA LEU AA 74 9.55 2.72 -95.78
C LEU AA 74 10.49 2.94 -96.97
N ALA AA 75 10.36 4.08 -97.66
CA ALA AA 75 11.15 4.34 -98.86
C ALA AA 75 12.65 4.30 -98.57
N TRP AA 76 13.10 4.95 -97.49
CA TRP AA 76 14.50 4.97 -97.10
C TRP AA 76 14.93 3.72 -96.32
N GLY AA 77 14.17 2.63 -96.35
CA GLY AA 77 14.62 1.40 -95.72
C GLY AA 77 14.28 0.08 -96.41
N SER AA 78 13.87 0.13 -97.68
CA SER AA 78 13.35 -1.07 -98.33
C SER AA 78 14.44 -2.08 -98.74
N ASN AA 79 15.73 -1.74 -98.64
CA ASN AA 79 16.82 -2.68 -98.93
C ASN AA 79 17.97 -2.40 -97.97
N PRO AA 80 18.70 -3.43 -97.52
CA PRO AA 80 19.68 -3.21 -96.44
C PRO AA 80 20.95 -2.48 -96.87
N ASN AA 81 21.21 -2.39 -98.18
CA ASN AA 81 22.43 -1.83 -98.73
C ASN AA 81 22.15 -0.62 -99.63
N TYR AA 82 21.18 -0.73 -100.54
CA TYR AA 82 20.72 0.39 -101.35
C TYR AA 82 19.65 1.17 -100.61
N THR AA 83 19.49 2.46 -100.95
CA THR AA 83 18.35 3.22 -100.46
C THR AA 83 18.09 4.45 -101.33
N ALA AA 84 16.87 4.98 -101.20
CA ALA AA 84 16.38 6.08 -102.03
C ALA AA 84 17.16 7.37 -101.78
N GLY AA 85 17.12 8.25 -102.77
CA GLY AA 85 17.77 9.55 -102.68
C GLY AA 85 17.01 10.55 -101.84
N ARG AA 86 17.15 11.84 -102.15
CA ARG AA 86 16.35 12.86 -101.48
C ARG AA 86 14.91 12.81 -101.99
N ILE AA 87 13.97 13.11 -101.08
CA ILE AA 87 12.54 12.95 -101.33
C ILE AA 87 11.89 14.34 -101.33
N LEU AA 88 10.99 14.55 -102.30
CA LEU AA 88 10.11 15.71 -102.35
C LEU AA 88 8.71 15.29 -101.94
N ALA AA 89 8.10 16.10 -101.07
CA ALA AA 89 6.83 15.76 -100.44
C ALA AA 89 5.78 16.84 -100.73
N MET AA 90 4.52 16.42 -100.75
CA MET AA 90 3.39 17.33 -100.69
C MET AA 90 2.22 16.65 -99.97
N ARG AA 91 1.53 17.44 -99.14
CA ARG AA 91 0.33 17.02 -98.43
C ARG AA 91 -0.91 17.26 -99.27
N ILE AA 92 -1.83 16.29 -99.26
CA ILE AA 92 -3.02 16.32 -100.11
C ILE AA 92 -4.25 16.75 -99.31
N GLU AA 93 -4.09 17.77 -98.46
CA GLU AA 93 -5.20 18.29 -97.66
C GLU AA 93 -5.12 19.81 -97.63
N ASP AA 94 -6.27 20.45 -97.47
CA ASP AA 94 -6.35 21.89 -97.26
C ASP AA 94 -6.57 22.23 -95.79
N ALA AA 95 -5.60 21.80 -94.98
CA ALA AA 95 -5.68 21.94 -93.53
C ALA AA 95 -5.67 23.41 -93.12
N LYS AA 96 -6.69 23.81 -92.37
CA LYS AA 96 -6.70 25.10 -91.70
C LYS AA 96 -5.83 25.05 -90.44
N PRO AA 97 -5.28 26.19 -90.01
CA PRO AA 97 -4.62 26.24 -88.70
C PRO AA 97 -5.62 26.53 -87.59
N ALA AA 98 -5.38 25.92 -86.42
CA ALA AA 98 -6.25 26.16 -85.27
C ALA AA 98 -5.98 27.55 -84.69
N SER AA 99 -7.05 28.26 -84.39
CA SER AA 99 -6.96 29.64 -83.95
C SER AA 99 -8.12 29.96 -83.04
N ALA AA 100 -8.06 31.15 -82.43
CA ALA AA 100 -9.16 31.70 -81.66
C ALA AA 100 -8.93 33.20 -81.52
N GLU AA 101 -10.01 33.93 -81.28
CA GLU AA 101 -9.97 35.30 -80.82
C GLU AA 101 -10.36 35.23 -79.35
N ILE AA 102 -9.39 35.49 -78.47
CA ILE AA 102 -9.62 35.48 -77.04
C ILE AA 102 -8.91 36.71 -76.45
N GLY AA 103 -9.64 37.49 -75.66
CA GLY AA 103 -9.09 38.77 -75.29
C GLY AA 103 -9.02 39.66 -76.52
N GLY AA 104 -8.03 40.55 -76.52
CA GLY AA 104 -7.76 41.39 -77.68
C GLY AA 104 -6.69 40.85 -78.61
N LEU AA 105 -6.48 39.54 -78.62
CA LEU AA 105 -5.40 38.89 -79.35
C LEU AA 105 -6.00 37.89 -80.33
N LYS AA 106 -5.46 37.87 -81.55
CA LYS AA 106 -5.66 36.76 -82.48
C LYS AA 106 -4.54 35.75 -82.20
N ILE AA 107 -4.93 34.58 -81.71
CA ILE AA 107 -4.00 33.48 -81.46
C ILE AA 107 -4.14 32.50 -82.62
N THR AA 108 -3.02 32.23 -83.30
CA THR AA 108 -2.98 31.32 -84.44
C THR AA 108 -1.81 30.38 -84.25
N SER AA 109 -2.04 29.10 -84.49
CA SER AA 109 -1.06 28.06 -84.28
C SER AA 109 -0.29 27.76 -85.56
N LYS AA 110 1.03 27.58 -85.41
CA LYS AA 110 1.87 27.28 -86.57
C LYS AA 110 1.57 25.89 -87.13
N ILE AA 111 0.93 25.03 -86.34
CA ILE AA 111 0.49 23.74 -86.85
C ILE AA 111 -0.77 23.94 -87.69
N TYR AA 112 -0.90 23.16 -88.76
CA TYR AA 112 -2.07 23.14 -89.65
C TYR AA 112 -2.69 21.76 -89.51
N GLY AA 113 -3.94 21.69 -89.06
CA GLY AA 113 -4.71 20.46 -88.98
C GLY AA 113 -5.44 20.32 -87.67
N ASN AA 114 -6.10 19.16 -87.52
CA ASN AA 114 -6.92 18.90 -86.35
C ASN AA 114 -6.09 18.82 -85.06
N VAL AA 115 -4.88 18.25 -85.16
CA VAL AA 115 -3.99 18.08 -84.01
C VAL AA 115 -3.83 19.37 -83.23
N ALA AA 116 -3.82 20.51 -83.93
CA ALA AA 116 -3.61 21.80 -83.29
C ALA AA 116 -4.74 22.18 -82.33
N ASN AA 117 -5.88 21.50 -82.40
CA ASN AA 117 -6.99 21.79 -81.49
C ASN AA 117 -6.65 21.47 -80.03
N ASN AA 118 -5.65 20.61 -79.81
CA ASN AA 118 -5.26 20.27 -78.44
C ASN AA 118 -4.53 21.41 -77.73
N ILE AA 119 -4.21 22.50 -78.43
CA ILE AA 119 -3.40 23.56 -77.85
C ILE AA 119 -4.22 24.35 -76.84
N GLN AA 120 -3.54 24.83 -75.79
CA GLN AA 120 -4.14 25.61 -74.72
C GLN AA 120 -3.31 26.86 -74.48
N VAL AA 121 -3.97 28.01 -74.33
CA VAL AA 121 -3.32 29.28 -74.02
C VAL AA 121 -4.10 30.00 -72.93
N GLY AA 122 -3.36 30.65 -72.02
CA GLY AA 122 -3.96 31.41 -70.95
C GLY AA 122 -3.09 32.58 -70.56
N LEU AA 123 -3.67 33.52 -69.81
CA LEU AA 123 -2.94 34.67 -69.32
C LEU AA 123 -3.44 35.05 -67.93
N GLU AA 124 -2.51 35.46 -67.06
CA GLU AA 124 -2.82 35.89 -65.72
C GLU AA 124 -1.89 37.04 -65.35
N LYS AA 125 -2.36 37.94 -64.49
CA LYS AA 125 -1.60 39.12 -64.11
C LYS AA 125 -1.03 38.94 -62.70
N ASN AA 126 0.27 39.24 -62.56
CA ASN AA 126 0.96 39.11 -61.29
C ASN AA 126 0.85 40.42 -60.52
N THR AA 127 0.46 40.33 -59.25
CA THR AA 127 0.37 41.53 -58.43
C THR AA 127 1.75 42.01 -58.00
N LEU AA 128 2.68 41.08 -57.74
CA LEU AA 128 4.00 41.45 -57.25
C LEU AA 128 4.89 42.10 -58.30
N SER AA 129 4.49 42.10 -59.59
CA SER AA 129 5.25 42.83 -60.61
C SER AA 129 4.39 43.61 -61.61
N ASP AA 130 3.07 43.70 -61.41
CA ASP AA 130 2.15 44.43 -62.30
C ASP AA 130 2.38 44.09 -63.78
N SER AA 131 2.49 42.79 -64.06
CA SER AA 131 2.74 42.28 -65.41
C SER AA 131 1.90 41.03 -65.63
N LEU AA 132 1.94 40.54 -66.87
CA LEU AA 132 1.23 39.34 -67.26
C LEU AA 132 2.14 38.12 -67.13
N ARG AA 133 1.51 36.95 -66.98
CA ARG AA 133 2.20 35.66 -67.01
C ARG AA 133 1.52 34.79 -68.05
N LEU AA 134 2.30 34.32 -69.02
CA LEU AA 134 1.78 33.61 -70.18
C LEU AA 134 2.11 32.12 -70.07
N ARG AA 135 1.14 31.28 -70.44
CA ARG AA 135 1.30 29.83 -70.44
C ARG AA 135 0.74 29.25 -71.73
N VAL AA 136 1.51 28.37 -72.36
CA VAL AA 136 1.11 27.65 -73.57
C VAL AA 136 1.34 26.17 -73.30
N ILE AA 137 0.38 25.34 -73.69
CA ILE AA 137 0.41 23.90 -73.45
C ILE AA 137 -0.02 23.18 -74.73
N PHE AA 138 0.69 22.09 -75.06
CA PHE AA 138 0.31 21.18 -76.11
C PHE AA 138 0.78 19.79 -75.74
N GLN AA 139 -0.08 18.81 -75.96
CA GLN AA 139 0.09 17.50 -75.33
C GLN AA 139 1.14 16.65 -76.03
N ASP AA 140 0.90 16.31 -77.31
CA ASP AA 140 1.68 15.28 -77.98
C ASP AA 140 3.17 15.60 -78.09
N ASP AA 141 3.58 16.88 -78.09
CA ASP AA 141 5.00 17.23 -78.06
C ASP AA 141 5.52 17.46 -76.65
N ARG AA 142 4.71 17.16 -75.62
CA ARG AA 142 5.06 17.38 -74.21
C ARG AA 142 5.56 18.80 -73.99
N PHE AA 143 4.80 19.78 -74.47
CA PHE AA 143 5.19 21.19 -74.40
C PHE AA 143 4.31 21.88 -73.36
N ASN AA 144 4.94 22.46 -72.35
CA ASN AA 144 4.20 23.09 -71.24
C ASN AA 144 5.19 23.99 -70.50
N GLU AA 145 5.26 25.26 -70.94
CA GLU AA 145 6.22 26.22 -70.44
C GLU AA 145 5.54 27.56 -70.19
N VAL AA 146 6.19 28.41 -69.40
CA VAL AA 146 5.61 29.66 -68.92
C VAL AA 146 6.59 30.80 -69.20
N TYR AA 147 6.06 31.96 -69.56
CA TYR AA 147 6.81 33.20 -69.71
C TYR AA 147 6.18 34.24 -68.80
N ASP AA 148 7.03 35.00 -68.10
CA ASP AA 148 6.61 35.87 -67.02
C ASP AA 148 7.24 37.24 -67.20
N ASN AA 149 6.80 38.19 -66.37
CA ASN AA 149 7.31 39.56 -66.40
C ASN AA 149 7.18 40.15 -67.80
N ILE AA 150 5.97 40.04 -68.35
CA ILE AA 150 5.70 40.46 -69.72
C ILE AA 150 5.45 41.96 -69.66
N GLY AA 151 6.26 42.73 -70.39
CA GLY AA 151 6.36 44.15 -70.16
C GLY AA 151 7.57 44.46 -69.28
N ASN AA 152 7.40 45.40 -68.34
CA ASN AA 152 8.44 45.73 -67.35
C ASN AA 152 9.75 46.15 -68.03
N ILE AA 153 9.63 46.73 -69.24
CA ILE AA 153 10.75 46.81 -70.17
C ILE AA 153 11.91 47.65 -69.61
N PHE AA 154 11.62 48.70 -68.83
CA PHE AA 154 12.64 49.31 -67.98
C PHE AA 154 11.98 50.25 -66.97
N THR AA 155 12.75 50.58 -65.93
CA THR AA 155 12.31 51.37 -64.78
C THR AA 155 13.00 52.72 -64.79
N ILE AA 156 12.38 53.70 -64.12
CA ILE AA 156 12.98 55.01 -63.89
C ILE AA 156 12.81 55.34 -62.41
N LYS AA 157 13.81 55.97 -61.81
CA LYS AA 157 13.63 56.71 -60.57
C LYS AA 157 14.25 58.10 -60.73
N TYR AA 158 13.45 59.12 -60.44
CA TYR AA 158 13.92 60.49 -60.38
C TYR AA 158 14.54 60.79 -59.03
N LYS AA 159 15.59 61.63 -59.03
CA LYS AA 159 16.40 61.85 -57.84
C LYS AA 159 16.55 63.31 -57.42
N GLY AA 160 16.04 64.28 -58.19
CA GLY AA 160 16.04 65.65 -57.76
C GLY AA 160 15.13 65.86 -56.56
N GLU AA 161 15.27 67.04 -55.92
CA GLU AA 161 14.55 67.35 -54.68
C GLU AA 161 13.41 68.36 -54.87
N GLU AA 162 12.89 68.54 -56.08
CA GLU AA 162 11.57 69.16 -56.18
C GLU AA 162 10.53 68.23 -55.55
N ALA AA 163 9.34 68.77 -55.31
CA ALA AA 163 8.34 68.08 -54.49
C ALA AA 163 7.96 66.72 -55.09
N ASN AA 164 7.56 66.70 -56.35
CA ASN AA 164 7.12 65.44 -56.96
C ASN AA 164 7.19 65.54 -58.48
N ALA AA 165 8.00 64.67 -59.09
CA ALA AA 165 8.24 64.66 -60.53
C ALA AA 165 7.62 63.44 -61.19
N THR AA 166 7.34 63.54 -62.50
CA THR AA 166 6.71 62.47 -63.25
C THR AA 166 7.37 62.33 -64.63
N PHE AA 167 6.88 61.35 -65.40
CA PHE AA 167 7.19 61.20 -66.83
C PHE AA 167 5.90 60.93 -67.59
N SER AA 168 5.98 61.02 -68.91
CA SER AA 168 4.85 60.72 -69.78
C SER AA 168 5.34 60.12 -71.10
N VAL AA 169 4.45 59.36 -71.75
CA VAL AA 169 4.74 58.69 -73.02
C VAL AA 169 3.46 58.78 -73.84
N GLU AA 170 3.50 59.55 -74.93
CA GLU AA 170 2.34 59.86 -75.75
C GLU AA 170 2.37 59.06 -77.05
N HIS AA 171 1.19 58.65 -77.51
CA HIS AA 171 1.07 57.91 -78.76
C HIS AA 171 1.05 58.85 -79.97
N ASP AA 172 1.28 58.23 -81.13
CA ASP AA 172 0.94 58.79 -82.44
C ASP AA 172 -0.51 58.43 -82.65
N GLU AA 173 -1.41 59.41 -82.51
CA GLU AA 173 -2.84 59.13 -82.51
C GLU AA 173 -3.32 58.57 -83.84
N GLU AA 174 -2.56 58.79 -84.92
CA GLU AA 174 -2.92 58.23 -86.21
C GLU AA 174 -2.68 56.71 -86.27
N THR AA 175 -1.76 56.19 -85.46
CA THR AA 175 -1.29 54.82 -85.59
C THR AA 175 -1.15 54.06 -84.27
N GLN AA 176 -1.37 54.70 -83.13
CA GLN AA 176 -1.19 54.08 -81.83
C GLN AA 176 0.25 53.59 -81.59
N LYS AA 177 1.21 54.24 -82.22
CA LYS AA 177 2.63 54.01 -82.02
C LYS AA 177 3.17 55.05 -81.05
N ALA AA 178 4.31 54.74 -80.42
CA ALA AA 178 4.88 55.67 -79.45
C ALA AA 178 5.45 56.89 -80.14
N SER AA 179 5.16 58.08 -79.60
CA SER AA 179 5.57 59.31 -80.29
C SER AA 179 6.63 60.11 -79.52
N ARG AA 180 6.44 60.36 -78.23
CA ARG AA 180 7.45 61.01 -77.41
C ARG AA 180 7.53 60.34 -76.05
N LEU AA 181 8.71 60.48 -75.42
CA LEU AA 181 8.92 60.24 -73.99
C LEU AA 181 9.38 61.55 -73.38
N VAL AA 182 8.70 61.99 -72.33
CA VAL AA 182 8.92 63.30 -71.73
C VAL AA 182 9.07 63.15 -70.21
N LEU AA 183 9.94 63.97 -69.64
CA LEU AA 183 10.17 64.02 -68.20
C LEU AA 183 9.65 65.36 -67.69
N LYS AA 184 8.81 65.34 -66.64
CA LYS AA 184 8.20 66.54 -66.09
C LYS AA 184 8.45 66.64 -64.60
N VAL AA 185 9.13 67.71 -64.19
CA VAL AA 185 9.29 68.11 -62.79
C VAL AA 185 8.28 69.24 -62.56
N GLY AA 186 7.21 68.93 -61.83
CA GLY AA 186 6.10 69.87 -61.81
C GLY AA 186 5.58 70.09 -63.21
N ASP AA 187 5.44 71.37 -63.59
CA ASP AA 187 4.97 71.72 -64.91
C ASP AA 187 6.10 71.82 -65.96
N GLN AA 188 7.37 71.76 -65.57
CA GLN AA 188 8.47 71.98 -66.50
C GLN AA 188 8.86 70.66 -67.15
N GLU AA 189 8.88 70.65 -68.49
CA GLU AA 189 9.51 69.59 -69.28
C GLU AA 189 11.03 69.62 -69.08
N VAL AA 190 11.55 68.67 -68.31
CA VAL AA 190 12.99 68.59 -68.08
C VAL AA 190 13.72 68.22 -69.37
N LYS AA 191 13.19 67.24 -70.11
CA LYS AA 191 13.83 66.69 -71.29
C LYS AA 191 12.75 65.98 -72.10
N SER AA 192 13.04 65.71 -73.37
CA SER AA 192 12.13 64.89 -74.16
C SER AA 192 12.87 64.24 -75.32
N TYR AA 193 12.31 63.14 -75.82
CA TYR AA 193 12.86 62.36 -76.91
C TYR AA 193 11.76 61.94 -77.86
N ASP AA 194 12.01 62.03 -79.18
CA ASP AA 194 11.10 61.47 -80.16
C ASP AA 194 11.25 59.97 -80.25
N LEU AA 195 10.13 59.28 -80.45
CA LEU AA 195 10.09 57.83 -80.57
C LEU AA 195 9.56 57.33 -81.91
N THR AA 196 9.08 58.21 -82.80
CA THR AA 196 8.69 57.79 -84.15
C THR AA 196 9.90 57.55 -85.07
N GLY AA 197 10.96 56.92 -84.57
CA GLY AA 197 12.23 56.95 -85.24
C GLY AA 197 12.95 58.27 -85.06
N GLY AA 198 14.28 58.23 -85.06
CA GLY AA 198 15.10 59.41 -84.84
C GLY AA 198 16.51 59.00 -84.48
N ALA AA 199 16.94 59.35 -83.26
CA ALA AA 199 18.13 58.75 -82.69
C ALA AA 199 17.82 57.47 -81.92
N TYR AA 200 16.57 57.28 -81.49
CA TYR AA 200 16.23 56.32 -80.45
C TYR AA 200 15.48 55.09 -80.95
N ASP AA 201 15.76 54.64 -82.18
CA ASP AA 201 15.00 53.54 -82.76
C ASP AA 201 15.15 52.23 -81.98
N TYR AA 202 16.32 51.95 -81.39
CA TYR AA 202 16.46 50.87 -80.42
C TYR AA 202 16.50 51.48 -79.02
N THR AA 203 15.83 50.84 -78.05
CA THR AA 203 15.70 51.38 -76.68
C THR AA 203 17.05 51.66 -76.01
N ASN AA 204 18.16 51.10 -76.52
CA ASN AA 204 19.47 51.27 -75.89
C ASN AA 204 19.83 52.74 -75.70
N ALA AA 205 19.56 53.59 -76.68
CA ALA AA 205 19.95 54.99 -76.58
C ALA AA 205 19.12 55.75 -75.54
N ILE AA 206 17.91 55.29 -75.22
CA ILE AA 206 17.20 55.88 -74.09
C ILE AA 206 17.88 55.51 -72.77
N ILE AA 207 18.39 54.28 -72.69
CA ILE AA 207 19.02 53.80 -71.46
C ILE AA 207 20.32 54.55 -71.14
N THR AA 208 20.93 55.24 -72.10
CA THR AA 208 22.02 56.18 -71.82
C THR AA 208 21.50 57.58 -71.55
N ASP AA 209 20.62 58.07 -72.42
CA ASP AA 209 20.22 59.46 -72.47
C ASP AA 209 19.25 59.90 -71.38
N ILE AA 210 18.75 58.97 -70.55
CA ILE AA 210 18.14 59.36 -69.28
C ILE AA 210 19.22 59.43 -68.20
N ASN AA 211 20.02 58.36 -68.09
CA ASN AA 211 21.02 58.27 -67.03
C ASN AA 211 22.00 59.44 -67.06
N GLN AA 212 22.36 59.92 -68.25
CA GLN AA 212 23.35 60.98 -68.41
C GLN AA 212 22.89 62.36 -67.92
N LEU AA 213 21.61 62.52 -67.63
CA LEU AA 213 21.11 63.76 -67.05
C LEU AA 213 21.36 63.77 -65.54
N PRO AA 214 21.34 64.95 -64.87
CA PRO AA 214 21.58 64.94 -63.42
C PRO AA 214 20.46 64.33 -62.58
N ASP AA 215 19.22 64.73 -62.79
CA ASP AA 215 18.11 64.46 -61.87
C ASP AA 215 17.41 63.10 -62.07
N PHE AA 216 17.81 62.28 -63.05
CA PHE AA 216 17.11 61.03 -63.32
C PHE AA 216 18.09 59.89 -63.53
N GLU AA 217 17.68 58.66 -63.12
CA GLU AA 217 18.37 57.43 -63.48
C GLU AA 217 17.37 56.33 -63.82
N ALA AA 218 17.72 55.52 -64.82
CA ALA AA 218 16.88 54.49 -65.41
C ALA AA 218 17.69 53.22 -65.57
N LYS AA 219 17.09 52.06 -65.23
CA LYS AA 219 17.81 50.79 -65.29
C LYS AA 219 16.90 49.64 -65.72
N LEU AA 220 17.52 48.67 -66.39
CA LEU AA 220 16.88 47.53 -67.01
C LEU AA 220 16.56 46.42 -66.00
N SER AA 221 15.57 45.60 -66.34
CA SER AA 221 15.32 44.38 -65.60
C SER AA 221 16.39 43.35 -65.97
N PRO AA 222 16.81 42.48 -65.04
CA PRO AA 222 17.90 41.54 -65.37
C PRO AA 222 17.50 40.34 -66.21
N PHE AA 223 16.21 40.15 -66.49
CA PHE AA 223 15.74 38.92 -67.14
C PHE AA 223 15.83 39.08 -68.66
N GLY AA 224 17.05 38.91 -69.17
CA GLY AA 224 17.29 38.89 -70.60
C GLY AA 224 17.41 40.28 -71.20
N ASP AA 225 18.03 40.33 -72.37
CA ASP AA 225 18.19 41.58 -73.12
C ASP AA 225 16.93 41.85 -73.91
N LYS AA 226 16.17 42.86 -73.51
CA LYS AA 226 14.95 43.22 -74.23
C LYS AA 226 15.28 44.14 -75.41
N ASN AA 227 15.69 45.38 -75.12
CA ASN AA 227 16.20 46.34 -76.11
C ASN AA 227 15.26 46.47 -77.32
N LEU AA 228 13.97 46.63 -77.02
CA LEU AA 228 12.92 46.65 -78.03
C LEU AA 228 13.02 47.88 -78.95
N GLU AA 229 12.32 47.80 -80.08
CA GLU AA 229 12.14 48.94 -80.97
C GLU AA 229 11.22 49.97 -80.31
N SER AA 230 11.67 51.21 -80.25
CA SER AA 230 11.06 52.20 -79.34
C SER AA 230 9.61 52.54 -79.69
N SER AA 231 9.17 52.33 -80.94
CA SER AA 231 7.78 52.65 -81.30
C SER AA 231 6.73 51.76 -80.63
N LYS AA 232 7.11 50.80 -79.79
CA LYS AA 232 6.19 49.81 -79.25
C LYS AA 232 5.73 50.11 -77.82
N LEU AA 233 6.11 51.24 -77.23
CA LEU AA 233 5.66 51.58 -75.88
C LEU AA 233 4.17 51.96 -75.89
N ASP AA 234 3.59 52.02 -74.70
CA ASP AA 234 2.16 52.28 -74.51
C ASP AA 234 1.96 53.65 -73.88
N LYS AA 235 0.76 54.21 -74.12
CA LYS AA 235 0.43 55.57 -73.72
C LYS AA 235 0.28 55.70 -72.20
N ILE AA 236 1.14 56.52 -71.58
CA ILE AA 236 1.08 56.81 -70.15
C ILE AA 236 1.34 58.30 -69.99
N GLU AA 237 0.73 58.90 -68.97
CA GLU AA 237 0.87 60.32 -68.68
C GLU AA 237 1.11 60.51 -67.19
N ASN AA 238 2.19 61.22 -66.84
CA ASN AA 238 2.39 61.77 -65.50
C ASN AA 238 2.34 60.70 -64.42
N ALA AA 239 3.27 59.75 -64.51
CA ALA AA 239 3.44 58.71 -63.50
C ALA AA 239 4.54 59.12 -62.52
N ASN AA 240 4.22 59.13 -61.23
CA ASN AA 240 5.18 59.50 -60.19
C ASN AA 240 6.34 58.51 -60.18
N ILE AA 241 7.56 59.04 -60.12
CA ILE AA 241 8.76 58.21 -60.00
C ILE AA 241 9.75 58.83 -59.03
N LYS AA 242 9.25 59.40 -57.94
CA LYS AA 242 10.06 59.80 -56.79
C LYS AA 242 9.80 58.90 -55.59
N ASP AA 243 8.54 58.65 -55.31
CA ASP AA 243 8.15 57.71 -54.26
C ASP AA 243 8.33 56.26 -54.70
N LYS AA 244 8.43 56.00 -56.00
CA LYS AA 244 8.52 54.64 -56.53
C LYS AA 244 9.48 54.58 -57.72
N ALA AA 245 9.98 53.37 -57.98
CA ALA AA 245 10.72 53.07 -59.21
C ALA AA 245 9.81 52.28 -60.14
N VAL AA 246 8.88 53.01 -60.75
CA VAL AA 246 7.82 52.45 -61.59
C VAL AA 246 8.39 51.94 -62.91
N TYR AA 247 7.75 50.88 -63.44
CA TYR AA 247 8.07 50.31 -64.73
C TYR AA 247 7.47 51.14 -65.87
N VAL AA 248 8.16 51.15 -67.01
CA VAL AA 248 7.49 51.35 -68.29
C VAL AA 248 7.09 49.98 -68.80
N LYS AA 249 5.92 49.90 -69.42
CA LYS AA 249 5.23 48.64 -69.60
C LYS AA 249 5.48 48.05 -71.00
N ALA AA 250 4.81 48.57 -72.02
CA ALA AA 250 4.95 48.07 -73.39
C ALA AA 250 4.63 46.58 -73.46
N VAL AA 251 3.38 46.25 -73.15
CA VAL AA 251 3.05 44.86 -72.83
C VAL AA 251 2.93 44.01 -74.09
N PHE AA 252 2.44 44.57 -75.19
CA PHE AA 252 2.21 43.74 -76.38
C PHE AA 252 3.52 43.42 -77.08
N GLY AA 253 4.36 44.42 -77.35
CA GLY AA 253 5.52 44.12 -78.17
C GLY AA 253 6.56 43.28 -77.46
N ASP AA 254 6.47 43.15 -76.14
CA ASP AA 254 7.37 42.28 -75.41
C ASP AA 254 7.11 40.80 -75.72
N LEU AA 255 5.92 40.46 -76.21
CA LEU AA 255 5.60 39.06 -76.47
C LEU AA 255 6.48 38.49 -77.57
N GLU AA 256 6.86 39.31 -78.54
CA GLU AA 256 7.72 38.84 -79.64
C GLU AA 256 9.09 38.45 -79.11
N LYS AA 257 9.69 39.32 -78.31
CA LYS AA 257 10.97 38.98 -77.68
C LYS AA 257 10.86 37.77 -76.76
N GLN AA 258 9.66 37.54 -76.20
CA GLN AA 258 9.51 36.49 -75.20
C GLN AA 258 9.37 35.10 -75.83
N THR AA 259 8.71 35.00 -77.01
CA THR AA 259 8.19 33.72 -77.49
C THR AA 259 8.25 33.51 -78.99
N ALA AA 260 8.73 34.47 -79.78
CA ALA AA 260 8.53 34.39 -81.22
C ALA AA 260 9.32 33.23 -81.83
N TYR AA 261 10.53 33.00 -81.35
CA TYR AA 261 11.44 32.04 -81.97
C TYR AA 261 11.16 30.59 -81.58
N ASN AA 262 10.25 30.35 -80.64
CA ASN AA 262 10.08 29.04 -80.03
C ASN AA 262 8.64 28.57 -80.15
N GLY AA 263 8.47 27.26 -80.06
CA GLY AA 263 7.19 26.66 -79.77
C GLY AA 263 6.23 26.56 -80.93
N ILE AA 264 4.95 26.67 -80.61
CA ILE AA 264 3.88 26.23 -81.49
C ILE AA 264 2.89 27.33 -81.81
N VAL AA 265 2.86 28.43 -81.04
CA VAL AA 265 1.81 29.45 -81.13
C VAL AA 265 2.41 30.79 -81.56
N SER AA 266 1.58 31.61 -82.21
CA SER AA 266 1.91 32.99 -82.56
C SER AA 266 0.74 33.90 -82.16
N PHE AA 267 1.03 35.18 -81.95
CA PHE AA 267 0.05 36.14 -81.45
C PHE AA 267 -0.01 37.34 -82.39
N GLU AA 268 -1.21 37.84 -82.61
CA GLU AA 268 -1.45 39.00 -83.47
C GLU AA 268 -2.58 39.84 -82.88
N GLN AA 269 -2.53 41.14 -83.13
CA GLN AA 269 -3.41 42.11 -82.48
C GLN AA 269 -4.56 42.48 -83.40
N LEU AA 270 -5.75 42.62 -82.83
CA LEU AA 270 -6.93 43.02 -83.57
C LEU AA 270 -6.85 44.48 -84.04
N LYS AA 298 -7.01 48.00 -79.85
CA LYS AA 298 -7.61 47.15 -78.85
C LYS AA 298 -6.61 46.84 -77.73
N THR AA 299 -7.12 46.46 -76.56
CA THR AA 299 -6.33 46.33 -75.35
C THR AA 299 -6.14 44.84 -75.02
N ILE AA 300 -4.90 44.49 -74.66
CA ILE AA 300 -4.60 43.13 -74.24
C ILE AA 300 -5.16 42.92 -72.84
N GLU AA 301 -5.82 41.77 -72.63
CA GLU AA 301 -6.53 41.48 -71.39
C GLU AA 301 -6.25 40.05 -70.93
N PRO AA 302 -6.15 39.82 -69.62
CA PRO AA 302 -6.02 38.44 -69.12
C PRO AA 302 -7.23 37.59 -69.49
N PHE AA 303 -7.01 36.27 -69.49
CA PHE AA 303 -8.10 35.31 -69.68
C PHE AA 303 -7.68 33.94 -69.17
N GLU AA 304 -8.68 33.10 -68.91
CA GLU AA 304 -8.43 31.75 -68.41
C GLU AA 304 -7.69 30.91 -69.45
N LEU AA 305 -7.09 29.82 -68.99
CA LEU AA 305 -6.41 28.87 -69.84
C LEU AA 305 -7.45 28.17 -70.72
N THR AA 306 -7.46 28.47 -72.02
CA THR AA 306 -8.54 28.11 -72.92
C THR AA 306 -7.99 27.41 -74.15
N LYS AA 307 -8.81 26.52 -74.73
CA LYS AA 307 -8.40 25.79 -75.92
C LYS AA 307 -8.63 26.64 -77.17
N LEU AA 308 -7.99 26.22 -78.26
CA LEU AA 308 -8.23 26.86 -79.55
C LEU AA 308 -9.38 26.15 -80.26
N LYS AA 309 -9.66 26.56 -81.49
CA LYS AA 309 -10.72 25.95 -82.28
C LYS AA 309 -10.36 26.08 -83.75
N GLY AA 310 -11.13 25.36 -84.57
CA GLY AA 310 -11.05 25.52 -86.00
C GLY AA 310 -9.98 24.69 -86.70
N GLY AA 311 -9.08 24.06 -85.94
CA GLY AA 311 -8.15 23.13 -86.55
C GLY AA 311 -8.89 22.01 -87.27
N THR AA 312 -8.80 22.01 -88.59
CA THR AA 312 -9.60 21.15 -89.46
C THR AA 312 -8.77 20.71 -90.65
N ASN AA 313 -8.62 19.38 -90.83
CA ASN AA 313 -7.97 18.85 -92.03
C ASN AA 313 -8.86 19.03 -93.25
N GLY AA 314 -10.17 19.10 -93.06
CA GLY AA 314 -11.10 19.31 -94.14
C GLY AA 314 -11.39 18.03 -94.89
N GLU AA 315 -12.35 18.14 -95.81
CA GLU AA 315 -12.70 17.06 -96.71
C GLU AA 315 -11.48 16.71 -97.57
N PRO AA 316 -11.29 15.45 -97.95
CA PRO AA 316 -10.26 15.16 -98.94
C PRO AA 316 -10.61 15.77 -100.27
N PRO AA 317 -9.63 16.17 -101.07
CA PRO AA 317 -9.97 16.84 -102.35
C PRO AA 317 -10.50 15.85 -103.37
N ALA AA 318 -11.46 16.32 -104.18
CA ALA AA 318 -12.06 15.50 -105.22
C ALA AA 318 -11.16 15.27 -106.43
N THR AA 319 -10.04 15.99 -106.54
CA THR AA 319 -9.11 15.82 -107.65
C THR AA 319 -7.72 16.17 -107.16
N TRP AA 320 -6.70 15.51 -107.72
CA TRP AA 320 -5.32 15.74 -107.30
C TRP AA 320 -4.49 16.54 -108.31
N ALA AA 321 -4.99 16.77 -109.52
CA ALA AA 321 -4.17 17.41 -110.55
C ALA AA 321 -3.74 18.82 -110.16
N ASP AA 322 -4.63 19.58 -109.50
CA ASP AA 322 -4.32 20.98 -109.25
C ASP AA 322 -3.10 21.10 -108.34
N LYS AA 323 -2.95 20.19 -107.38
CA LYS AA 323 -1.76 20.18 -106.54
C LYS AA 323 -0.60 19.44 -107.20
N LEU AA 324 -0.89 18.43 -108.02
CA LEU AA 324 0.15 17.74 -108.79
C LEU AA 324 0.88 18.69 -109.74
N ASP AA 325 0.26 19.81 -110.09
CA ASP AA 325 0.90 20.79 -110.96
C ASP AA 325 2.21 21.32 -110.37
N LYS AA 326 2.33 21.33 -109.03
CA LYS AA 326 3.48 21.99 -108.42
C LYS AA 326 4.78 21.20 -108.60
N PHE AA 327 4.73 19.88 -108.82
CA PHE AA 327 5.99 19.14 -109.03
C PHE AA 327 6.63 19.44 -110.39
N ALA AA 328 6.03 20.29 -111.23
CA ALA AA 328 6.43 20.40 -112.63
C ALA AA 328 7.86 20.88 -112.81
N HIS AA 329 8.42 21.62 -111.83
CA HIS AA 329 9.72 22.25 -111.97
C HIS AA 329 10.59 22.08 -110.72
N GLU AA 330 10.30 21.10 -109.87
CA GLU AA 330 11.09 20.87 -108.68
C GLU AA 330 12.22 19.87 -108.88
N GLY AA 331 12.30 19.23 -110.06
CA GLY AA 331 13.43 18.39 -110.41
C GLY AA 331 13.29 16.92 -110.11
N GLY AA 332 12.07 16.42 -109.92
CA GLY AA 332 11.84 15.01 -109.70
C GLY AA 332 12.13 14.13 -110.90
N TYR AA 333 12.01 12.81 -110.72
CA TYR AA 333 12.03 11.87 -111.85
C TYR AA 333 10.97 10.79 -111.65
N TYR AA 334 10.92 10.20 -110.46
CA TYR AA 334 9.97 9.15 -110.11
C TYR AA 334 8.93 9.70 -109.14
N ILE AA 335 7.65 9.46 -109.44
CA ILE AA 335 6.52 10.01 -108.68
C ILE AA 335 5.54 8.89 -108.37
N VAL AA 336 5.00 8.90 -107.14
CA VAL AA 336 4.01 7.91 -106.71
C VAL AA 336 2.90 8.63 -105.95
N PRO AA 337 1.62 8.47 -106.32
CA PRO AA 337 0.54 8.96 -105.47
C PRO AA 337 0.09 7.92 -104.46
N LEU AA 338 -0.14 8.36 -103.22
CA LEU AA 338 -0.47 7.45 -102.12
C LEU AA 338 -1.99 7.28 -101.99
N SER AA 339 -2.58 6.64 -102.99
CA SER AA 339 -4.03 6.40 -103.00
C SER AA 339 -4.38 5.39 -104.09
N SER AA 340 -5.38 4.56 -103.79
CA SER AA 340 -5.92 3.57 -104.72
C SER AA 340 -6.96 4.11 -105.69
N LYS AA 341 -7.38 5.37 -105.60
CA LYS AA 341 -8.49 5.84 -106.42
C LYS AA 341 -8.09 5.90 -107.90
N GLN AA 342 -9.00 5.45 -108.78
CA GLN AA 342 -8.69 5.35 -110.20
C GLN AA 342 -8.57 6.72 -110.85
N SER AA 343 -9.25 7.72 -110.32
CA SER AA 343 -9.17 9.05 -110.90
C SER AA 343 -7.77 9.62 -110.72
N VAL AA 344 -7.16 9.36 -109.55
CA VAL AA 344 -5.82 9.84 -109.26
C VAL AA 344 -4.81 9.17 -110.17
N HIS AA 345 -5.04 7.89 -110.49
CA HIS AA 345 -4.09 7.16 -111.32
C HIS AA 345 -4.14 7.68 -112.75
N ALA AA 346 -5.33 8.07 -113.22
CA ALA AA 346 -5.45 8.60 -114.57
C ALA AA 346 -4.89 10.02 -114.65
N GLU AA 347 -5.07 10.81 -113.60
CA GLU AA 347 -4.56 12.18 -113.61
C GLU AA 347 -3.04 12.19 -113.57
N VAL AA 348 -2.44 11.32 -112.74
CA VAL AA 348 -1.00 11.28 -112.63
C VAL AA 348 -0.39 10.77 -113.93
N ALA AA 349 -0.99 9.74 -114.52
CA ALA AA 349 -0.53 9.22 -115.80
C ALA AA 349 -0.56 10.29 -116.88
N SER AA 350 -1.67 11.04 -116.96
CA SER AA 350 -1.72 12.09 -117.98
C SER AA 350 -0.74 13.21 -117.64
N PHE AA 351 -0.52 13.48 -116.35
CA PHE AA 351 0.45 14.49 -115.97
C PHE AA 351 1.86 14.10 -116.38
N VAL AA 352 2.23 12.83 -116.20
CA VAL AA 352 3.58 12.39 -116.55
C VAL AA 352 3.80 12.51 -118.05
N LYS AA 353 2.76 12.24 -118.84
CA LYS AA 353 2.92 12.35 -120.29
C LYS AA 353 3.07 13.81 -120.71
N GLU AA 354 2.37 14.72 -120.02
CA GLU AA 354 2.47 16.13 -120.33
C GLU AA 354 3.85 16.68 -119.99
N ARG AA 355 4.44 16.20 -118.89
CA ARG AA 355 5.80 16.62 -118.55
C ARG AA 355 6.80 16.08 -119.57
N SER AA 356 6.63 14.82 -119.98
CA SER AA 356 7.56 14.22 -120.92
C SER AA 356 7.53 14.93 -122.28
N ASP AA 357 6.40 15.52 -122.65
CA ASP AA 357 6.33 16.28 -123.89
C ASP AA 357 7.08 17.60 -123.81
N ALA AA 358 7.40 18.08 -122.60
CA ALA AA 358 7.96 19.40 -122.37
C ALA AA 358 9.40 19.34 -121.85
N GLY AA 359 10.14 18.32 -122.28
CA GLY AA 359 11.56 18.26 -122.04
C GLY AA 359 11.96 17.63 -120.72
N GLU AA 360 11.00 17.24 -119.88
CA GLU AA 360 11.26 16.65 -118.56
C GLU AA 360 10.70 15.23 -118.55
N PRO AA 361 11.52 14.20 -118.70
CA PRO AA 361 10.99 12.83 -118.59
C PRO AA 361 10.62 12.49 -117.15
N MET AA 362 9.57 11.68 -117.00
CA MET AA 362 9.11 11.25 -115.69
C MET AA 362 8.47 9.88 -115.81
N ARG AA 363 8.33 9.21 -114.67
CA ARG AA 363 7.77 7.86 -114.60
C ARG AA 363 7.02 7.70 -113.29
N ALA AA 364 5.89 7.03 -113.39
CA ALA AA 364 4.95 6.80 -112.29
C ALA AA 364 4.85 5.31 -112.04
N ILE AA 365 4.88 4.94 -110.76
CA ILE AA 365 4.60 3.58 -110.30
C ILE AA 365 3.38 3.64 -109.38
N VAL AA 366 2.41 2.77 -109.63
CA VAL AA 366 1.11 2.83 -108.98
C VAL AA 366 0.72 1.43 -108.51
N GLY AA 367 0.08 1.39 -107.34
CA GLY AA 367 -0.59 0.21 -106.82
C GLY AA 367 -2.09 0.44 -106.69
N GLY AA 368 -2.78 -0.60 -106.21
CA GLY AA 368 -4.22 -0.55 -106.07
C GLY AA 368 -4.84 -1.44 -105.01
N GLY AA 369 -5.54 -0.84 -104.05
CA GLY AA 369 -6.38 -1.57 -103.13
C GLY AA 369 -5.66 -2.47 -102.15
N PHE AA 370 -6.46 -3.29 -101.47
CA PHE AA 370 -6.01 -4.36 -100.59
C PHE AA 370 -6.27 -5.73 -101.24
N ASN AA 371 -5.23 -6.34 -101.82
CA ASN AA 371 -5.26 -7.67 -102.42
C ASN AA 371 -6.31 -7.77 -103.52
N GLU AA 372 -6.01 -7.11 -104.62
CA GLU AA 372 -6.90 -7.04 -105.78
C GLU AA 372 -6.90 -8.33 -106.60
N SER AA 373 -8.02 -8.57 -107.31
CA SER AA 373 -8.20 -9.70 -108.20
C SER AA 373 -7.66 -9.39 -109.60
N LYS AA 374 -7.40 -10.46 -110.37
CA LYS AA 374 -7.00 -10.32 -111.77
C LYS AA 374 -7.96 -9.45 -112.56
N GLU AA 375 -9.26 -9.68 -112.38
CA GLU AA 375 -10.26 -8.92 -113.13
C GLU AA 375 -10.14 -7.44 -112.84
N GLN AA 376 -9.91 -7.08 -111.58
CA GLN AA 376 -9.73 -5.68 -111.22
C GLN AA 376 -8.44 -5.14 -111.81
N LEU AA 377 -7.36 -5.91 -111.70
CA LEU AA 377 -6.06 -5.45 -112.19
C LEU AA 377 -6.07 -5.23 -113.70
N PHE AA 378 -6.51 -6.22 -114.47
CA PHE AA 378 -6.55 -6.04 -115.92
C PHE AA 378 -7.57 -4.97 -116.31
N GLY AA 379 -8.60 -4.75 -115.47
CA GLY AA 379 -9.44 -3.59 -115.67
C GLY AA 379 -8.74 -2.27 -115.46
N ARG AA 380 -7.78 -2.21 -114.54
CA ARG AA 380 -7.03 -0.98 -114.33
C ARG AA 380 -5.96 -0.82 -115.38
N GLN AA 381 -5.39 -1.93 -115.85
CA GLN AA 381 -4.36 -1.88 -116.87
C GLN AA 381 -4.96 -1.43 -118.21
N ALA AA 382 -6.11 -2.00 -118.56
CA ALA AA 382 -6.73 -1.68 -119.85
C ALA AA 382 -7.14 -0.22 -119.93
N SER AA 383 -7.53 0.38 -118.82
CA SER AA 383 -7.87 1.80 -118.78
C SER AA 383 -6.65 2.71 -118.74
N LEU AA 384 -5.44 2.16 -118.59
CA LEU AA 384 -4.25 2.94 -118.27
C LEU AA 384 -3.04 2.38 -119.00
N SER AA 385 -3.24 1.96 -120.25
CA SER AA 385 -2.25 1.23 -121.02
C SER AA 385 -1.22 2.10 -121.73
N ASN AA 386 -0.83 3.24 -121.13
CA ASN AA 386 0.16 4.12 -121.73
C ASN AA 386 1.54 3.88 -121.12
N PRO AA 387 2.62 4.20 -121.82
CA PRO AA 387 3.96 3.96 -121.26
C PRO AA 387 4.30 5.01 -120.20
N ARG AA 388 5.48 4.85 -119.61
CA ARG AA 388 5.95 5.66 -118.49
C ARG AA 388 5.07 5.49 -117.24
N VAL AA 389 4.40 4.36 -117.15
CA VAL AA 389 3.59 3.99 -116.00
C VAL AA 389 3.88 2.52 -115.74
N SER AA 390 3.89 2.12 -114.47
CA SER AA 390 4.01 0.72 -114.10
C SER AA 390 3.07 0.40 -112.94
N LEU AA 391 2.39 -0.74 -113.03
CA LEU AA 391 1.37 -1.16 -112.08
C LEU AA 391 1.86 -2.34 -111.23
N VAL AA 392 1.61 -2.26 -109.92
CA VAL AA 392 2.02 -3.26 -108.93
C VAL AA 392 0.79 -3.89 -108.29
N ALA AA 393 0.81 -5.23 -108.16
CA ALA AA 393 -0.35 -5.98 -107.67
C ALA AA 393 -0.37 -6.12 -106.15
N ASN AA 394 0.69 -6.70 -105.56
CA ASN AA 394 0.62 -7.25 -104.20
C ASN AA 394 0.42 -6.17 -103.14
N SER AA 395 -0.07 -6.58 -101.97
CA SER AA 395 -0.09 -5.79 -100.74
C SER AA 395 0.64 -6.57 -99.66
N GLY AA 396 1.70 -5.99 -99.10
CA GLY AA 396 2.59 -6.69 -98.20
C GLY AA 396 2.39 -6.33 -96.75
N THR AA 397 3.31 -6.84 -95.91
CA THR AA 397 3.47 -6.43 -94.53
C THR AA 397 4.94 -6.09 -94.29
N PHE AA 398 5.19 -5.03 -93.50
CA PHE AA 398 6.54 -4.56 -93.20
C PHE AA 398 6.72 -4.41 -91.69
N VAL AA 399 7.91 -4.76 -91.19
CA VAL AA 399 8.26 -4.50 -89.79
C VAL AA 399 8.70 -3.04 -89.69
N MET AA 400 7.76 -2.17 -89.38
CA MET AA 400 8.05 -0.75 -89.25
C MET AA 400 8.83 -0.51 -87.95
N ASP AA 401 9.84 0.37 -88.03
CA ASP AA 401 10.88 0.44 -87.02
C ASP AA 401 10.37 0.81 -85.62
N ASP AA 402 9.12 1.24 -85.47
CA ASP AA 402 8.52 1.29 -84.14
C ASP AA 402 8.36 -0.08 -83.49
N GLY AA 403 8.64 -1.17 -84.19
CA GLY AA 403 8.21 -2.48 -83.76
C GLY AA 403 6.81 -2.81 -84.23
N ARG AA 404 6.36 -2.14 -85.28
CA ARG AA 404 4.96 -2.06 -85.69
C ARG AA 404 4.80 -2.91 -86.95
N LYS AA 405 4.22 -4.11 -86.79
CA LYS AA 405 4.11 -5.13 -87.83
C LYS AA 405 3.04 -4.73 -88.84
N ASN AA 406 3.33 -3.70 -89.61
CA ASN AA 406 2.33 -3.01 -90.42
C ASN AA 406 1.91 -3.82 -91.64
N HIS AA 407 0.63 -4.18 -91.71
CA HIS AA 407 0.01 -4.66 -92.95
C HIS AA 407 -0.28 -3.47 -93.85
N VAL AA 408 0.21 -3.52 -95.08
CA VAL AA 408 0.42 -2.31 -95.89
C VAL AA 408 -0.18 -2.45 -97.28
N PRO AA 409 -0.95 -1.46 -97.79
CA PRO AA 409 -1.64 -1.64 -99.08
C PRO AA 409 -0.70 -1.61 -100.28
N ALA AA 410 -1.28 -1.88 -101.47
CA ALA AA 410 -0.47 -2.03 -102.68
C ALA AA 410 0.19 -0.71 -103.09
N TYR AA 411 -0.53 0.42 -102.98
CA TYR AA 411 0.09 1.68 -103.37
C TYR AA 411 1.26 2.08 -102.49
N MET AA 412 1.43 1.43 -101.35
CA MET AA 412 2.59 1.62 -100.49
C MET AA 412 3.73 0.65 -100.82
N VAL AA 413 3.43 -0.56 -101.30
CA VAL AA 413 4.49 -1.40 -101.87
C VAL AA 413 5.10 -0.69 -103.07
N ALA AA 414 4.28 0.06 -103.81
CA ALA AA 414 4.79 0.85 -104.92
C ALA AA 414 5.80 1.89 -104.44
N VAL AA 415 5.62 2.42 -103.22
CA VAL AA 415 6.62 3.34 -102.67
C VAL AA 415 7.91 2.58 -102.38
N ALA AA 416 7.79 1.46 -101.67
CA ALA AA 416 8.96 0.65 -101.35
C ALA AA 416 9.72 0.27 -102.61
N LEU AA 417 8.99 -0.10 -103.65
CA LEU AA 417 9.60 -0.42 -104.92
C LEU AA 417 10.20 0.82 -105.58
N GLY AA 418 9.39 1.87 -105.76
CA GLY AA 418 9.88 3.07 -106.41
C GLY AA 418 11.10 3.67 -105.73
N GLY AA 419 11.14 3.61 -104.40
CA GLY AA 419 12.30 4.05 -103.65
C GLY AA 419 13.56 3.31 -104.03
N LEU AA 420 13.51 1.97 -104.01
CA LEU AA 420 14.66 1.18 -104.42
C LEU AA 420 15.08 1.50 -105.85
N ALA AA 421 14.12 1.48 -106.78
CA ALA AA 421 14.43 1.72 -108.19
C ALA AA 421 15.07 3.08 -108.39
N SER AA 422 14.64 4.07 -107.62
CA SER AA 422 15.17 5.42 -107.77
C SER AA 422 16.61 5.53 -107.28
N GLY AA 423 16.99 4.77 -106.25
CA GLY AA 423 18.29 4.97 -105.64
C GLY AA 423 19.47 4.39 -106.41
N LEU AA 424 19.24 3.35 -107.19
CA LEU AA 424 20.31 2.63 -107.86
C LEU AA 424 20.92 3.51 -108.96
N GLU AA 425 22.10 3.12 -109.40
CA GLU AA 425 22.79 3.79 -110.50
C GLU AA 425 21.94 3.69 -111.77
N ILE AA 426 22.12 4.68 -112.67
CA ILE AA 426 21.34 4.73 -113.90
C ILE AA 426 21.62 3.47 -114.72
N GLY AA 427 20.56 2.91 -115.30
CA GLY AA 427 20.68 1.78 -116.20
C GLY AA 427 20.61 0.41 -115.54
N GLU AA 428 20.63 0.34 -114.21
CA GLU AA 428 20.32 -0.90 -113.52
C GLU AA 428 18.81 -1.09 -113.48
N SER AA 429 18.38 -2.33 -113.25
CA SER AA 429 16.97 -2.68 -113.16
C SER AA 429 16.65 -3.26 -111.79
N ILE AA 430 15.39 -3.09 -111.39
CA ILE AA 430 14.84 -3.81 -110.23
C ILE AA 430 14.80 -5.33 -110.47
N THR AA 431 14.92 -5.77 -111.72
CA THR AA 431 14.95 -7.17 -112.13
C THR AA 431 15.80 -8.03 -111.20
N PHE AA 432 15.14 -8.99 -110.54
CA PHE AA 432 15.74 -9.99 -109.67
C PHE AA 432 16.47 -9.38 -108.46
N LYS AA 433 16.14 -8.12 -108.07
CA LYS AA 433 16.62 -7.57 -106.80
C LYS AA 433 15.69 -7.98 -105.65
N PRO AA 434 16.23 -8.14 -104.43
CA PRO AA 434 15.39 -8.46 -103.28
C PRO AA 434 14.81 -7.21 -102.60
N LEU AA 435 13.68 -7.39 -101.91
CA LEU AA 435 13.03 -6.34 -101.14
C LEU AA 435 12.84 -6.80 -99.69
N ARG AA 436 12.96 -5.85 -98.74
CA ARG AA 436 12.94 -6.22 -97.32
C ARG AA 436 11.50 -6.32 -96.75
N VAL AA 437 10.53 -6.81 -97.54
CA VAL AA 437 9.16 -7.02 -97.06
C VAL AA 437 9.07 -8.26 -96.18
N SER AA 438 8.17 -8.22 -95.20
CA SER AA 438 8.06 -9.26 -94.19
C SER AA 438 7.21 -10.44 -94.69
N SER AA 439 5.97 -10.17 -95.08
CA SER AA 439 5.08 -11.20 -95.61
C SER AA 439 4.10 -10.54 -96.57
N LEU AA 440 3.41 -11.37 -97.36
CA LEU AA 440 2.53 -10.90 -98.43
C LEU AA 440 1.11 -11.43 -98.24
N ASP AA 441 0.13 -10.57 -98.49
CA ASP AA 441 -1.28 -10.94 -98.64
C ASP AA 441 -1.51 -11.09 -100.14
N GLN AA 442 -1.40 -12.33 -100.64
CA GLN AA 442 -1.20 -12.56 -102.08
C GLN AA 442 -1.95 -13.78 -102.59
N ILE AA 443 -2.36 -13.70 -103.86
CA ILE AA 443 -2.85 -14.86 -104.62
C ILE AA 443 -1.74 -15.44 -105.50
N TYR AA 444 -0.93 -14.57 -106.11
CA TYR AA 444 -0.22 -14.92 -107.34
C TYR AA 444 1.04 -15.74 -107.08
N GLU AA 445 1.19 -16.82 -107.87
CA GLU AA 445 2.31 -17.74 -107.78
C GLU AA 445 2.85 -18.01 -109.19
N SER AA 446 3.69 -19.04 -109.38
CA SER AA 446 4.54 -19.16 -110.57
C SER AA 446 3.79 -19.07 -111.89
N ILE AA 447 2.65 -19.76 -112.02
CA ILE AA 447 1.95 -19.68 -113.30
C ILE AA 447 1.28 -18.32 -113.45
N ASP AA 448 0.77 -17.75 -112.35
CA ASP AA 448 0.25 -16.38 -112.40
C ASP AA 448 1.35 -15.39 -112.72
N LEU AA 449 2.59 -15.68 -112.31
CA LEU AA 449 3.73 -14.83 -112.61
C LEU AA 449 4.23 -14.98 -114.04
N ASP AA 450 3.54 -15.80 -114.85
CA ASP AA 450 3.53 -15.62 -116.30
C ASP AA 450 2.41 -14.67 -116.70
N GLU AA 451 1.18 -14.99 -116.29
CA GLU AA 451 0.00 -14.24 -116.73
C GLU AA 451 0.13 -12.75 -116.48
N LEU AA 452 0.41 -12.36 -115.23
CA LEU AA 452 0.42 -10.95 -114.88
C LEU AA 452 1.59 -10.23 -115.56
N ASN AA 453 2.78 -10.83 -115.52
CA ASN AA 453 3.97 -10.18 -116.07
C ASN AA 453 3.85 -10.04 -117.59
N GLU AA 454 3.32 -11.08 -118.23
CA GLU AA 454 3.11 -11.06 -119.67
C GLU AA 454 2.15 -9.95 -120.10
N ASN AA 455 1.19 -9.61 -119.24
CA ASN AA 455 0.27 -8.50 -119.48
C ASN AA 455 0.77 -7.18 -118.91
N GLY AA 456 2.04 -7.11 -118.49
CA GLY AA 456 2.62 -5.83 -118.11
C GLY AA 456 2.32 -5.35 -116.71
N ILE AA 457 2.12 -6.25 -115.76
CA ILE AA 457 1.88 -5.92 -114.36
C ILE AA 457 3.00 -6.54 -113.52
N ILE AA 458 3.57 -5.75 -112.60
CA ILE AA 458 4.70 -6.21 -111.79
C ILE AA 458 4.16 -6.94 -110.56
N SER AA 459 4.94 -7.89 -110.05
CA SER AA 459 4.64 -8.63 -108.83
C SER AA 459 5.92 -9.22 -108.23
N ILE AA 460 5.83 -9.51 -106.92
CA ILE AA 460 6.93 -9.98 -106.07
C ILE AA 460 6.83 -11.49 -105.91
N GLU AA 461 7.96 -12.21 -106.03
CA GLU AA 461 7.97 -13.67 -106.00
C GLU AA 461 8.65 -14.22 -104.74
N PHE AA 462 8.08 -15.30 -104.20
CA PHE AA 462 8.53 -15.98 -102.98
C PHE AA 462 9.59 -17.03 -103.34
N VAL AA 463 10.80 -16.86 -102.82
CA VAL AA 463 11.91 -17.80 -102.97
C VAL AA 463 12.31 -18.24 -101.56
N ARG AA 464 12.30 -19.56 -101.32
CA ARG AA 464 12.12 -20.06 -99.96
C ARG AA 464 13.30 -19.75 -99.02
N ASN AA 465 14.50 -19.45 -99.52
CA ASN AA 465 15.61 -19.30 -98.58
C ASN AA 465 16.83 -18.61 -99.19
N ARG AA 466 17.75 -18.24 -98.27
CA ARG AA 466 19.08 -17.67 -98.47
C ARG AA 466 19.11 -16.31 -99.16
N THR AA 467 18.36 -16.12 -100.24
CA THR AA 467 18.15 -14.78 -100.79
C THR AA 467 17.52 -13.91 -99.71
N ASN AA 468 18.20 -12.80 -99.36
CA ASN AA 468 18.07 -12.08 -98.10
C ASN AA 468 16.69 -12.17 -97.42
N THR AA 469 15.63 -11.64 -98.05
CA THR AA 469 14.30 -11.61 -97.42
C THR AA 469 13.34 -12.70 -97.87
N PHE AA 470 13.80 -13.71 -98.63
CA PHE AA 470 12.98 -14.71 -99.30
C PHE AA 470 12.15 -14.13 -100.45
N PHE AA 471 12.27 -12.84 -100.78
CA PHE AA 471 11.40 -12.19 -101.76
C PHE AA 471 12.23 -11.36 -102.73
N ARG AA 472 12.00 -11.57 -104.02
CA ARG AA 472 12.62 -10.85 -105.11
C ARG AA 472 11.55 -10.52 -106.13
N ILE AA 473 11.76 -9.44 -106.89
CA ILE AA 473 10.76 -8.89 -107.80
C ILE AA 473 11.06 -9.35 -109.22
N VAL AA 474 10.03 -9.84 -109.93
CA VAL AA 474 10.30 -10.71 -111.07
C VAL AA 474 10.82 -9.92 -112.28
N ASP AA 475 10.29 -8.73 -112.52
CA ASP AA 475 10.53 -8.02 -113.77
C ASP AA 475 10.40 -6.52 -113.54
N ASP AA 476 10.72 -5.75 -114.59
CA ASP AA 476 10.48 -4.32 -114.62
C ASP AA 476 9.62 -3.90 -115.82
N VAL AA 477 8.66 -4.74 -116.20
CA VAL AA 477 7.78 -4.43 -117.32
C VAL AA 477 6.85 -3.26 -117.00
N THR AA 478 6.55 -2.45 -118.02
CA THR AA 478 5.65 -1.31 -117.88
C THR AA 478 4.22 -1.69 -118.29
N THR AA 479 3.31 -0.73 -118.11
CA THR AA 479 1.90 -0.89 -118.43
C THR AA 479 1.59 -0.75 -119.93
N PHE AA 480 2.59 -0.45 -120.76
CA PHE AA 480 2.34 -0.30 -122.19
C PHE AA 480 1.94 -1.64 -122.80
N ASN AA 481 1.07 -1.58 -123.81
CA ASN AA 481 0.49 -2.80 -124.37
C ASN AA 481 1.52 -3.63 -125.13
N ASP AA 482 2.24 -3.01 -126.08
CA ASP AA 482 3.12 -3.74 -126.98
C ASP AA 482 4.50 -3.91 -126.34
N LYS AA 483 4.87 -5.16 -126.07
CA LYS AA 483 6.14 -5.49 -125.42
C LYS AA 483 7.32 -5.59 -126.39
N SER AA 484 7.09 -5.53 -127.70
CA SER AA 484 8.17 -5.79 -128.65
C SER AA 484 9.28 -4.75 -128.50
N ASP AA 485 8.93 -3.47 -128.27
CA ASP AA 485 9.97 -2.44 -128.22
C ASP AA 485 10.52 -2.35 -126.80
N PRO AA 486 11.84 -2.50 -126.56
CA PRO AA 486 12.30 -2.49 -125.16
C PRO AA 486 12.34 -1.12 -124.50
N VAL AA 487 12.47 -0.03 -125.26
CA VAL AA 487 12.49 1.30 -124.67
C VAL AA 487 11.13 1.62 -124.03
N LYS AA 488 10.04 1.37 -124.76
CA LYS AA 488 8.71 1.50 -124.17
C LYS AA 488 8.48 0.43 -123.11
N ALA AA 489 8.82 -0.81 -123.42
CA ALA AA 489 8.33 -1.94 -122.63
C ALA AA 489 8.98 -2.00 -121.25
N GLU AA 490 10.31 -2.02 -121.20
CA GLU AA 490 11.04 -2.37 -119.99
C GLU AA 490 11.63 -1.11 -119.33
N MET AA 491 11.36 -0.94 -118.04
CA MET AA 491 11.60 0.33 -117.35
C MET AA 491 13.07 0.76 -117.40
N ALA AA 492 13.98 -0.16 -117.07
CA ALA AA 492 15.39 0.22 -116.94
C ALA AA 492 15.96 0.75 -118.25
N VAL AA 493 15.57 0.14 -119.37
CA VAL AA 493 16.06 0.60 -120.67
C VAL AA 493 15.57 2.02 -120.93
N GLY AA 494 14.31 2.28 -120.63
CA GLY AA 494 13.80 3.63 -120.72
C GLY AA 494 14.55 4.59 -119.79
N GLU AA 495 14.83 4.16 -118.57
CA GLU AA 495 15.48 5.06 -117.61
C GLU AA 495 16.90 5.38 -118.02
N ALA AA 496 17.55 4.50 -118.79
CA ALA AA 496 18.87 4.81 -119.33
C ALA AA 496 18.76 5.70 -120.55
N ASN AA 497 17.78 5.42 -121.42
CA ASN AA 497 17.52 6.25 -122.60
C ASN AA 497 17.24 7.70 -122.21
N ASP AA 498 16.35 7.94 -121.24
CA ASP AA 498 15.86 9.29 -120.98
C ASP AA 498 16.98 10.25 -120.57
N PHE AA 499 17.97 9.78 -119.81
CA PHE AA 499 19.05 10.68 -119.40
C PHE AA 499 20.13 10.76 -120.49
N LEU AA 500 20.39 9.66 -121.20
CA LEU AA 500 21.27 9.74 -122.35
C LEU AA 500 20.76 10.72 -123.41
N VAL AA 501 19.45 10.69 -123.66
CA VAL AA 501 18.85 11.57 -124.67
C VAL AA 501 19.01 13.02 -124.25
N SER AA 502 18.65 13.34 -123.01
CA SER AA 502 18.80 14.69 -122.47
C SER AA 502 20.22 15.22 -122.65
N GLU AA 503 21.23 14.37 -122.43
CA GLU AA 503 22.61 14.82 -122.58
C GLU AA 503 22.96 15.10 -124.04
N LEU AA 504 22.51 14.24 -124.96
CA LEU AA 504 22.72 14.52 -126.38
C LEU AA 504 22.04 15.82 -126.78
N LYS AA 505 20.83 16.06 -126.25
CA LYS AA 505 20.12 17.30 -126.50
C LYS AA 505 20.93 18.50 -126.00
N VAL AA 506 21.32 18.47 -124.73
CA VAL AA 506 21.95 19.63 -124.11
C VAL AA 506 23.30 19.93 -124.77
N GLN AA 507 24.06 18.90 -125.13
CA GLN AA 507 25.37 19.12 -125.74
C GLN AA 507 25.25 19.59 -127.19
N LEU AA 508 24.29 19.07 -127.95
CA LEU AA 508 24.06 19.60 -129.30
C LEU AA 508 23.62 21.06 -129.26
N GLU AA 509 22.92 21.45 -128.19
CA GLU AA 509 22.25 22.74 -128.17
C GLU AA 509 23.23 23.90 -128.31
N ASP AA 510 24.20 23.99 -127.39
CA ASP AA 510 25.14 25.11 -127.37
C ASP AA 510 26.19 25.00 -128.47
N GLN AA 511 26.43 23.78 -128.99
CA GLN AA 511 27.38 23.64 -130.09
C GLN AA 511 26.77 24.11 -131.41
N PHE AA 512 25.46 23.90 -131.61
CA PHE AA 512 24.82 24.13 -132.91
C PHE AA 512 23.55 24.98 -132.86
N ILE AA 513 22.61 24.67 -131.95
CA ILE AA 513 21.30 25.34 -131.97
C ILE AA 513 21.42 26.82 -131.60
N GLY AA 514 22.51 27.20 -130.94
CA GLY AA 514 22.95 28.55 -130.70
C GLY AA 514 23.12 29.36 -131.97
N THR AA 515 23.32 28.67 -133.11
CA THR AA 515 23.37 29.28 -134.43
C THR AA 515 24.55 30.26 -134.53
N ARG AA 516 25.70 29.80 -134.05
CA ARG AA 516 26.87 30.68 -134.00
C ARG AA 516 27.37 31.04 -135.41
N THR AA 517 27.18 30.14 -136.38
CA THR AA 517 27.44 30.44 -137.79
C THR AA 517 26.96 29.29 -138.66
N ILE AA 518 26.54 29.61 -139.88
CA ILE AA 518 26.18 28.55 -140.84
C ILE AA 518 27.41 27.86 -141.40
N ASN AA 519 28.57 28.51 -141.36
CA ASN AA 519 29.78 27.99 -142.01
C ASN AA 519 30.38 26.87 -141.13
N THR AA 520 29.62 25.77 -141.02
CA THR AA 520 30.02 24.58 -140.28
C THR AA 520 29.09 23.45 -140.73
N SER AA 521 29.35 22.92 -141.92
CA SER AA 521 28.46 22.01 -142.64
C SER AA 521 28.35 20.66 -141.92
N ALA AA 522 27.76 19.68 -142.63
CA ALA AA 522 27.33 18.44 -142.00
C ALA AA 522 28.49 17.50 -141.70
N SER AA 523 29.61 17.66 -142.40
CA SER AA 523 30.79 16.86 -142.13
C SER AA 523 31.31 17.11 -140.72
N ILE AA 524 31.18 18.32 -140.22
CA ILE AA 524 31.63 18.63 -138.86
C ILE AA 524 30.70 17.98 -137.85
N ILE AA 525 29.41 17.87 -138.18
CA ILE AA 525 28.46 17.22 -137.29
C ILE AA 525 28.82 15.77 -137.09
N LYS AA 526 29.30 15.09 -138.14
CA LYS AA 526 29.75 13.72 -138.00
C LYS AA 526 30.97 13.64 -137.07
N ASP AA 527 31.85 14.64 -137.15
CA ASP AA 527 33.01 14.67 -136.26
C ASP AA 527 32.57 14.85 -134.81
N PHE AA 528 31.63 15.76 -134.56
CA PHE AA 528 31.19 16.01 -133.19
C PHE AA 528 30.44 14.80 -132.62
N ILE AA 529 29.59 14.18 -133.43
CA ILE AA 529 28.75 13.09 -132.93
C ILE AA 529 29.57 11.82 -132.70
N GLN AA 530 30.53 11.53 -133.60
CA GLN AA 530 31.38 10.37 -133.36
C GLN AA 530 32.25 10.58 -132.12
N SER AA 531 32.75 11.80 -131.93
CA SER AA 531 33.43 12.13 -130.68
C SER AA 531 32.50 11.95 -129.48
N TYR AA 532 31.25 12.36 -129.62
CA TYR AA 532 30.30 12.21 -128.52
C TYR AA 532 30.03 10.74 -128.23
N LEU AA 533 29.80 9.94 -129.28
CA LEU AA 533 29.55 8.52 -129.08
C LEU AA 533 30.79 7.80 -128.54
N GLY AA 534 31.97 8.22 -128.96
CA GLY AA 534 33.20 7.62 -128.45
C GLY AA 534 33.37 7.80 -126.96
N ARG AA 535 32.88 8.93 -126.43
CA ARG AA 535 32.92 9.13 -124.98
C ARG AA 535 31.95 8.20 -124.27
N LYS AA 536 30.76 7.99 -124.84
CA LYS AA 536 29.75 7.19 -124.15
C LYS AA 536 30.16 5.73 -124.09
N LYS AA 537 30.78 5.22 -125.16
CA LYS AA 537 31.32 3.87 -125.12
C LYS AA 537 32.43 3.77 -124.08
N ARG AA 538 33.29 4.78 -124.01
CA ARG AA 538 34.39 4.75 -123.05
C ARG AA 538 33.86 4.83 -121.62
N ASP AA 539 32.78 5.58 -121.42
CA ASP AA 539 32.21 5.78 -120.11
C ASP AA 539 31.21 4.69 -119.70
N ASN AA 540 30.99 3.68 -120.54
CA ASN AA 540 30.12 2.53 -120.28
C ASN AA 540 28.64 2.87 -120.28
N GLU AA 541 28.27 4.10 -120.66
CA GLU AA 541 26.86 4.46 -120.68
C GLU AA 541 26.13 3.81 -121.86
N ILE AA 542 26.85 3.32 -122.86
CA ILE AA 542 26.30 2.49 -123.93
C ILE AA 542 27.19 1.27 -124.07
N GLN AA 543 26.64 0.19 -124.65
CA GLN AA 543 27.44 -1.01 -124.82
C GLN AA 543 28.48 -0.81 -125.92
N ASP AA 544 28.05 -0.40 -127.11
CA ASP AA 544 28.96 -0.18 -128.23
C ASP AA 544 28.17 0.54 -129.31
N PHE AA 545 28.89 1.09 -130.30
CA PHE AA 545 28.26 1.77 -131.42
C PHE AA 545 29.11 1.64 -132.68
N PRO AA 546 28.49 1.58 -133.88
CA PRO AA 546 29.29 1.60 -135.11
C PRO AA 546 29.57 3.02 -135.58
N ALA AA 547 30.84 3.36 -135.80
CA ALA AA 547 31.19 4.74 -136.10
C ALA AA 547 30.90 5.10 -137.55
N GLU AA 548 31.15 4.16 -138.47
CA GLU AA 548 30.92 4.38 -139.90
C GLU AA 548 29.53 3.98 -140.35
N ASP AA 549 28.53 4.21 -139.50
CA ASP AA 549 27.12 4.09 -139.86
C ASP AA 549 26.35 5.27 -139.29
N VAL AA 550 26.81 6.47 -139.67
CA VAL AA 550 26.20 7.74 -139.28
C VAL AA 550 25.93 8.50 -140.58
N GLN AA 551 24.71 9.00 -140.73
CA GLN AA 551 24.29 9.77 -141.90
C GLN AA 551 23.74 11.11 -141.46
N VAL AA 552 24.20 12.18 -142.09
CA VAL AA 552 23.80 13.55 -141.79
C VAL AA 552 23.39 14.24 -143.08
N ILE AA 553 22.29 15.00 -143.03
CA ILE AA 553 21.74 15.76 -144.15
C ILE AA 553 21.38 17.14 -143.62
N VAL AA 554 21.51 18.16 -144.48
CA VAL AA 554 21.40 19.55 -144.05
C VAL AA 554 20.87 20.38 -145.20
N GLU AA 555 20.14 21.45 -144.84
CA GLU AA 555 19.60 22.39 -145.81
C GLU AA 555 19.78 23.84 -145.36
N GLY AA 556 20.60 24.10 -144.34
CA GLY AA 556 20.90 25.43 -143.85
C GLY AA 556 19.93 25.95 -142.81
N ASN AA 557 18.63 25.75 -143.07
CA ASN AA 557 17.61 26.05 -142.09
C ASN AA 557 17.38 24.89 -141.11
N GLU AA 558 17.72 23.67 -141.49
CA GLU AA 558 17.54 22.49 -140.65
C GLU AA 558 18.60 21.46 -141.01
N ALA AA 559 19.14 20.81 -139.98
CA ALA AA 559 20.00 19.63 -140.13
C ALA AA 559 19.26 18.38 -139.67
N ARG AA 560 19.53 17.28 -140.35
CA ARG AA 560 18.98 15.97 -140.05
C ARG AA 560 20.11 15.00 -139.75
N ILE AA 561 19.90 14.13 -138.77
CA ILE AA 561 20.90 13.23 -138.21
C ILE AA 561 20.35 11.82 -138.15
N SER AA 562 21.21 10.84 -138.41
CA SER AA 562 20.91 9.42 -138.20
C SER AA 562 22.10 8.73 -137.58
N MET AA 563 21.84 7.91 -136.57
CA MET AA 563 22.88 7.23 -135.81
C MET AA 563 22.29 5.95 -135.22
N THR AA 564 23.16 4.97 -135.00
CA THR AA 564 22.81 3.71 -134.36
C THR AA 564 23.63 3.52 -133.10
N VAL AA 565 23.00 2.97 -132.06
CA VAL AA 565 23.65 2.65 -130.79
C VAL AA 565 23.22 1.25 -130.37
N TYR AA 566 24.17 0.50 -129.79
CA TYR AA 566 23.89 -0.83 -129.27
C TYR AA 566 23.65 -0.76 -127.75
N PRO AA 567 22.46 -1.01 -127.21
CA PRO AA 567 22.19 -0.61 -125.82
C PRO AA 567 22.77 -1.57 -124.79
N ILE AA 568 22.69 -1.13 -123.53
CA ILE AA 568 23.15 -1.89 -122.36
C ILE AA 568 21.94 -2.09 -121.45
N ARG AA 569 21.69 -3.34 -121.07
CA ARG AA 569 20.54 -3.66 -120.24
C ARG AA 569 20.80 -5.01 -119.55
N SER AA 570 20.09 -5.20 -118.44
CA SER AA 570 20.27 -6.39 -117.60
C SER AA 570 20.02 -7.68 -118.38
N PHE AA 571 20.83 -8.70 -118.08
CA PHE AA 571 20.51 -10.04 -118.56
C PHE AA 571 19.13 -10.43 -118.05
N LYS AA 572 18.42 -11.24 -118.84
CA LYS AA 572 17.13 -11.78 -118.40
C LYS AA 572 16.91 -13.25 -118.76
N LYS AA 573 17.54 -13.77 -119.80
CA LYS AA 573 17.52 -15.19 -120.14
C LYS AA 573 18.97 -15.69 -120.15
N ILE AA 574 19.24 -16.74 -119.39
CA ILE AA 574 20.54 -17.42 -119.42
C ILE AA 574 20.29 -18.86 -119.84
N SER AA 575 20.73 -19.17 -121.06
CA SER AA 575 20.68 -20.51 -121.65
C SER AA 575 22.12 -21.05 -121.69
N VAL AA 576 22.48 -21.92 -120.74
CA VAL AA 576 23.80 -22.52 -120.64
C VAL AA 576 23.63 -23.99 -121.01
N SER AA 577 24.34 -24.46 -122.02
CA SER AA 577 24.23 -25.86 -122.47
C SER AA 577 25.39 -26.71 -121.97
N LEU AA 578 25.13 -28.01 -121.86
CA LEU AA 578 26.09 -29.03 -121.51
C LEU AA 578 26.33 -29.97 -122.69
N VAL AA 579 27.59 -30.33 -122.90
CA VAL AA 579 28.01 -31.47 -123.71
C VAL AA 579 29.10 -32.21 -122.99
N TYR AA 580 29.34 -33.43 -123.43
CA TYR AA 580 30.36 -34.29 -122.85
C TYR AA 580 30.90 -35.23 -123.92
N LYS AA 581 32.08 -35.77 -123.72
CA LYS AA 581 32.67 -36.78 -124.59
C LYS AA 581 32.53 -38.18 -124.02
N GLN AA 582 31.58 -38.38 -123.08
CA GLN AA 582 31.17 -39.71 -122.63
C GLN AA 582 32.34 -40.56 -122.13
N THR BA 12 96.12 48.10 -73.18
CA THR BA 12 95.58 47.26 -72.13
C THR BA 12 96.48 46.04 -71.90
N ARG BA 13 96.70 45.76 -70.62
CA ARG BA 13 97.43 44.58 -70.18
C ARG BA 13 96.82 43.34 -70.85
N PRO BA 14 97.64 42.37 -71.26
CA PRO BA 14 97.09 41.16 -71.89
C PRO BA 14 96.69 40.14 -70.84
N HIS BA 15 95.39 39.83 -70.75
CA HIS BA 15 94.79 39.06 -69.64
C HIS BA 15 93.44 38.44 -70.02
N ALA BA 16 92.94 37.53 -69.19
CA ALA BA 16 91.57 37.00 -69.24
C ALA BA 16 90.66 37.66 -68.19
N SER BA 17 89.34 37.44 -68.26
CA SER BA 17 88.37 37.81 -67.22
C SER BA 17 87.08 36.97 -67.28
N ILE BA 18 86.35 36.85 -66.18
CA ILE BA 18 85.25 35.91 -65.96
C ILE BA 18 84.13 36.58 -65.14
N GLU BA 19 82.86 36.27 -65.41
CA GLU BA 19 81.71 36.79 -64.65
C GLU BA 19 80.64 35.73 -64.38
N VAL BA 20 80.06 35.79 -63.18
CA VAL BA 20 78.79 35.15 -62.83
C VAL BA 20 77.68 36.19 -63.02
N ASP BA 21 77.21 36.37 -64.25
CA ASP BA 21 76.27 37.43 -64.60
C ASP BA 21 74.88 37.30 -63.97
N THR BA 22 74.21 38.44 -63.87
CA THR BA 22 72.89 38.60 -63.24
C THR BA 22 71.85 39.23 -64.19
N SER BA 23 72.26 39.74 -65.34
CA SER BA 23 71.38 40.50 -66.24
C SER BA 23 70.45 39.65 -67.11
N GLY BA 24 70.29 38.38 -66.79
CA GLY BA 24 69.31 37.48 -67.39
C GLY BA 24 68.03 37.26 -66.58
N ILE BA 25 68.04 37.57 -65.29
CA ILE BA 25 66.94 37.30 -64.38
C ILE BA 25 65.77 38.27 -64.57
N SER BA 32 59.82 39.29 -77.88
CA SER BA 32 59.88 39.32 -79.33
C SER BA 32 59.78 40.78 -79.86
N GLU BA 33 59.69 40.90 -81.17
CA GLU BA 33 59.82 42.13 -81.92
C GLU BA 33 58.87 43.24 -81.48
N LYS BA 34 57.59 42.93 -81.19
CA LYS BA 34 56.61 43.97 -80.90
C LYS BA 34 56.91 44.76 -79.60
N VAL BA 35 57.55 45.92 -79.73
CA VAL BA 35 57.94 46.74 -78.58
C VAL BA 35 56.74 47.16 -77.72
N PHE BA 36 56.97 47.28 -76.41
CA PHE BA 36 55.96 47.37 -75.35
C PHE BA 36 56.27 48.54 -74.41
N CYS BA 37 55.24 49.35 -74.09
CA CYS BA 37 55.40 50.62 -73.37
C CYS BA 37 54.65 50.66 -72.04
N LEU BA 38 55.32 51.19 -71.02
CA LEU BA 38 54.79 51.42 -69.68
C LEU BA 38 55.03 52.85 -69.20
N ILE BA 39 54.09 53.42 -68.44
CA ILE BA 39 54.30 54.72 -67.79
C ILE BA 39 53.66 54.68 -66.40
N GLY BA 40 54.44 55.07 -65.39
CA GLY BA 40 53.99 54.99 -64.02
C GLY BA 40 54.99 55.59 -63.05
N GLN BA 41 54.69 55.44 -61.76
CA GLN BA 41 55.46 56.07 -60.68
C GLN BA 41 56.57 55.13 -60.19
N ALA BA 42 57.73 55.72 -59.87
CA ALA BA 42 58.83 55.00 -59.26
C ALA BA 42 59.82 56.02 -58.73
N GLU BA 43 60.47 55.69 -57.61
CA GLU BA 43 61.43 56.59 -56.99
C GLU BA 43 62.79 56.56 -57.68
N GLY BA 44 62.85 56.80 -58.99
CA GLY BA 44 64.12 56.88 -59.68
C GLY BA 44 63.96 57.35 -61.12
N GLY BA 45 65.11 57.66 -61.73
CA GLY BA 45 65.18 58.05 -63.13
C GLY BA 45 64.90 59.51 -63.43
N GLU BA 46 65.61 60.06 -64.41
CA GLU BA 46 65.39 61.43 -64.85
C GLU BA 46 64.03 61.55 -65.57
N PRO BA 47 63.25 62.60 -65.34
CA PRO BA 47 61.87 62.62 -65.82
C PRO BA 47 61.71 62.92 -67.33
N ASN BA 48 60.49 62.70 -67.81
CA ASN BA 48 59.99 62.93 -69.18
C ASN BA 48 60.66 62.08 -70.27
N THR BA 49 61.95 61.81 -70.19
CA THR BA 49 62.63 60.97 -71.17
C THR BA 49 62.14 59.53 -71.13
N VAL BA 50 62.01 58.91 -72.31
CA VAL BA 50 61.74 57.47 -72.39
C VAL BA 50 63.04 56.71 -72.22
N TYR BA 51 63.00 55.64 -71.43
CA TYR BA 51 64.08 54.68 -71.30
C TYR BA 51 63.76 53.44 -72.12
N GLU BA 52 64.81 52.74 -72.54
CA GLU BA 52 64.69 51.42 -73.14
C GLU BA 52 65.38 50.42 -72.21
N LEU BA 53 64.65 49.35 -71.89
CA LEU BA 53 65.04 48.37 -70.88
C LEU BA 53 65.03 47.00 -71.54
N ARG BA 54 66.08 46.21 -71.29
CA ARG BA 54 66.22 44.90 -71.91
C ARG BA 54 66.28 43.73 -70.93
N ASN BA 55 66.62 43.97 -69.66
CA ASN BA 55 66.31 43.04 -68.59
C ASN BA 55 66.27 43.81 -67.27
N TYR BA 56 65.45 43.37 -66.31
CA TYR BA 56 65.24 44.20 -65.13
C TYR BA 56 66.45 44.31 -64.22
N SER BA 57 67.49 43.51 -64.31
CA SER BA 57 68.70 43.86 -63.54
C SER BA 57 69.23 45.25 -63.91
N GLN BA 58 69.05 45.65 -65.17
CA GLN BA 58 69.37 46.98 -65.66
C GLN BA 58 68.39 48.00 -65.08
N ALA BA 59 67.09 47.71 -65.14
CA ALA BA 59 66.04 48.65 -64.73
C ALA BA 59 66.11 48.94 -63.23
N LYS BA 60 66.38 47.90 -62.44
CA LYS BA 60 66.45 47.99 -60.99
C LYS BA 60 67.54 48.96 -60.52
N ARG BA 61 68.52 49.23 -61.36
CA ARG BA 61 69.61 50.16 -61.05
C ARG BA 61 69.20 51.61 -61.27
N LEU BA 62 68.29 51.85 -62.22
CA LEU BA 62 67.99 53.18 -62.72
C LEU BA 62 66.68 53.73 -62.16
N PHE BA 63 65.70 52.86 -61.96
CA PHE BA 63 64.55 53.15 -61.10
C PHE BA 63 64.90 52.73 -59.68
N ARG BA 64 63.90 52.57 -58.80
CA ARG BA 64 64.14 52.01 -57.48
C ARG BA 64 63.11 50.93 -57.20
N SER BA 65 61.85 51.31 -57.00
CA SER BA 65 60.75 50.38 -56.72
C SER BA 65 59.44 51.10 -57.06
N GLY BA 66 58.33 50.55 -56.59
CA GLY BA 66 57.02 51.07 -56.91
C GLY BA 66 56.39 50.38 -58.10
N GLU BA 67 55.21 50.90 -58.48
CA GLU BA 67 54.32 50.23 -59.43
C GLU BA 67 55.02 49.91 -60.75
N LEU BA 68 55.80 50.84 -61.28
CA LEU BA 68 56.43 50.61 -62.59
C LEU BA 68 57.37 49.41 -62.57
N LEU BA 69 58.17 49.27 -61.51
CA LEU BA 69 59.10 48.14 -61.43
C LEU BA 69 58.39 46.88 -60.94
N ASP BA 70 57.29 47.02 -60.20
CA ASP BA 70 56.43 45.87 -59.97
C ASP BA 70 55.90 45.33 -61.29
N ALA BA 71 55.49 46.23 -62.18
CA ALA BA 71 54.94 45.83 -63.47
C ALA BA 71 56.01 45.18 -64.36
N ILE BA 72 57.20 45.77 -64.44
CA ILE BA 72 58.22 45.28 -65.36
C ILE BA 72 58.67 43.87 -64.99
N GLU BA 73 59.04 43.65 -63.71
CA GLU BA 73 59.46 42.32 -63.27
C GLU BA 73 58.37 41.28 -63.52
N LEU BA 74 57.11 41.72 -63.54
CA LEU BA 74 55.99 40.86 -63.86
C LEU BA 74 55.80 40.72 -65.35
N ALA BA 75 56.03 41.80 -66.11
CA ALA BA 75 55.76 41.80 -67.54
C ALA BA 75 56.56 40.73 -68.29
N TRP BA 76 57.79 40.46 -67.86
CA TRP BA 76 58.64 39.46 -68.51
C TRP BA 76 58.45 38.04 -67.98
N GLY BA 77 57.74 37.85 -66.86
CA GLY BA 77 57.55 36.54 -66.27
C GLY BA 77 56.21 35.86 -66.52
N SER BA 78 55.26 36.57 -67.12
CA SER BA 78 53.85 36.19 -67.04
C SER BA 78 53.49 34.87 -67.74
N ASN BA 79 54.35 34.31 -68.60
CA ASN BA 79 54.03 33.00 -69.20
C ASN BA 79 55.33 32.25 -69.52
N PRO BA 80 55.40 30.94 -69.25
CA PRO BA 80 56.71 30.25 -69.33
C PRO BA 80 57.33 30.18 -70.73
N ASN BA 81 56.55 30.26 -71.80
CA ASN BA 81 57.06 30.14 -73.16
C ASN BA 81 56.95 31.46 -73.95
N TYR BA 82 56.20 32.43 -73.46
CA TYR BA 82 55.94 33.68 -74.18
C TYR BA 82 56.19 34.88 -73.26
N THR BA 83 56.95 35.87 -73.75
CA THR BA 83 57.32 37.05 -72.99
C THR BA 83 57.62 38.22 -73.93
N ALA BA 84 57.39 39.44 -73.43
CA ALA BA 84 57.69 40.67 -74.16
C ALA BA 84 59.19 40.80 -74.43
N GLY BA 85 59.51 41.51 -75.50
CA GLY BA 85 60.88 41.81 -75.86
C GLY BA 85 61.38 43.08 -75.21
N ARG BA 86 61.95 43.97 -76.01
CA ARG BA 86 62.36 45.29 -75.56
C ARG BA 86 61.17 46.03 -74.95
N ILE BA 87 61.37 46.59 -73.76
CA ILE BA 87 60.39 47.40 -73.05
C ILE BA 87 60.86 48.84 -73.03
N LEU BA 88 59.91 49.76 -73.21
CA LEU BA 88 60.11 51.19 -73.06
C LEU BA 88 59.31 51.70 -71.88
N ALA BA 89 59.96 52.54 -71.06
CA ALA BA 89 59.43 52.93 -69.76
C ALA BA 89 59.67 54.42 -69.54
N MET BA 90 58.82 55.04 -68.71
CA MET BA 90 58.93 56.44 -68.37
C MET BA 90 58.33 56.71 -66.99
N ARG BA 91 58.95 57.64 -66.27
CA ARG BA 91 58.50 58.10 -64.96
C ARG BA 91 57.53 59.28 -65.12
N ILE BA 92 56.36 59.16 -64.47
CA ILE BA 92 55.35 60.23 -64.47
C ILE BA 92 55.48 61.04 -63.17
N GLU BA 93 56.59 61.77 -63.04
CA GLU BA 93 56.85 62.63 -61.90
C GLU BA 93 57.69 63.82 -62.35
N ASP BA 94 57.47 64.95 -61.68
CA ASP BA 94 58.27 66.17 -61.83
C ASP BA 94 59.33 66.27 -60.72
N ALA BA 95 60.24 65.31 -60.71
CA ALA BA 95 61.18 65.17 -59.62
C ALA BA 95 62.30 66.19 -59.71
N LYS BA 96 62.88 66.53 -58.56
CA LYS BA 96 64.06 67.38 -58.45
C LYS BA 96 65.08 66.69 -57.55
N PRO BA 97 66.38 66.93 -57.74
CA PRO BA 97 67.38 66.24 -56.93
C PRO BA 97 67.64 66.94 -55.61
N ALA BA 98 68.29 66.20 -54.70
CA ALA BA 98 68.77 66.77 -53.46
C ALA BA 98 70.09 67.50 -53.69
N SER BA 99 70.26 68.62 -52.99
CA SER BA 99 71.46 69.45 -53.15
C SER BA 99 71.76 70.19 -51.86
N ALA BA 100 73.01 70.61 -51.75
CA ALA BA 100 73.52 71.46 -50.68
C ALA BA 100 74.59 72.38 -51.23
N GLU BA 101 74.96 73.36 -50.41
CA GLU BA 101 76.01 74.34 -50.72
C GLU BA 101 76.88 74.54 -49.48
N ILE BA 102 78.19 74.43 -49.66
CA ILE BA 102 79.12 74.74 -48.58
C ILE BA 102 80.51 74.90 -49.16
N GLY BA 103 81.28 75.80 -48.57
CA GLY BA 103 82.59 76.15 -49.07
C GLY BA 103 82.41 76.88 -50.39
N GLY BA 104 83.26 76.55 -51.35
CA GLY BA 104 83.08 77.02 -52.72
C GLY BA 104 82.39 76.01 -53.60
N LEU BA 105 81.70 75.04 -53.00
CA LEU BA 105 81.18 73.87 -53.68
C LEU BA 105 79.67 73.79 -53.53
N LYS BA 106 78.97 73.51 -54.63
CA LYS BA 106 77.57 73.09 -54.59
C LYS BA 106 77.52 71.60 -54.90
N ILE BA 107 76.76 70.86 -54.09
CA ILE BA 107 76.66 69.42 -54.19
C ILE BA 107 75.33 69.09 -54.85
N THR BA 108 75.35 68.18 -55.82
CA THR BA 108 74.13 67.74 -56.51
C THR BA 108 74.13 66.21 -56.62
N SER BA 109 73.03 65.59 -56.21
CA SER BA 109 72.88 64.15 -56.30
C SER BA 109 72.41 63.75 -57.70
N LYS BA 110 72.90 62.59 -58.17
CA LYS BA 110 72.55 62.12 -59.52
C LYS BA 110 71.13 61.54 -59.56
N ILE BA 111 70.67 60.94 -58.46
CA ILE BA 111 69.34 60.34 -58.39
C ILE BA 111 68.34 61.42 -58.01
N TYR BA 112 67.12 61.30 -58.57
CA TYR BA 112 66.04 62.26 -58.37
C TYR BA 112 64.92 61.60 -57.57
N GLY BA 113 64.79 62.02 -56.32
CA GLY BA 113 63.70 61.59 -55.46
C GLY BA 113 64.11 61.74 -54.02
N ASN BA 114 63.13 61.58 -53.12
CA ASN BA 114 63.39 61.79 -51.69
C ASN BA 114 64.46 60.83 -51.15
N VAL BA 115 64.61 59.67 -51.78
CA VAL BA 115 65.66 58.71 -51.40
C VAL BA 115 67.02 59.39 -51.36
N ALA BA 116 67.27 60.31 -52.31
CA ALA BA 116 68.55 61.01 -52.34
C ALA BA 116 68.80 61.83 -51.08
N ASN BA 117 67.75 62.24 -50.36
CA ASN BA 117 67.93 63.06 -49.16
C ASN BA 117 68.71 62.33 -48.07
N ASN BA 118 68.67 60.98 -48.07
CA ASN BA 118 69.41 60.20 -47.09
C ASN BA 118 70.93 60.20 -47.33
N ILE BA 119 71.38 60.52 -48.56
CA ILE BA 119 72.80 60.50 -48.84
C ILE BA 119 73.49 61.62 -48.07
N GLN BA 120 74.65 61.33 -47.49
CA GLN BA 120 75.43 62.30 -46.73
C GLN BA 120 76.85 62.43 -47.30
N VAL BA 121 77.39 63.63 -47.21
CA VAL BA 121 78.75 63.94 -47.62
C VAL BA 121 79.38 64.88 -46.60
N GLY BA 122 80.66 64.65 -46.32
CA GLY BA 122 81.45 65.59 -45.53
C GLY BA 122 82.87 65.64 -46.06
N LEU BA 123 83.59 66.69 -45.66
CA LEU BA 123 85.02 66.80 -45.92
C LEU BA 123 85.75 66.91 -44.59
N GLU BA 124 86.61 65.95 -44.31
CA GLU BA 124 87.53 65.99 -43.18
C GLU BA 124 88.95 66.14 -43.70
N LYS BA 125 89.91 66.38 -42.79
CA LYS BA 125 91.27 66.70 -43.16
C LYS BA 125 92.27 65.98 -42.28
N ASN BA 126 93.41 65.61 -42.89
CA ASN BA 126 94.52 64.93 -42.22
C ASN BA 126 95.69 65.90 -42.14
N THR BA 127 96.06 66.29 -40.92
CA THR BA 127 97.11 67.28 -40.74
C THR BA 127 98.49 66.73 -41.09
N LEU BA 128 98.69 65.42 -40.96
CA LEU BA 128 100.01 64.84 -41.21
C LEU BA 128 100.40 64.93 -42.68
N SER BA 129 99.50 64.52 -43.58
CA SER BA 129 99.72 64.66 -45.01
C SER BA 129 99.11 65.95 -45.58
N ASP BA 130 98.35 66.69 -44.78
CA ASP BA 130 97.70 67.95 -45.20
C ASP BA 130 96.80 67.72 -46.42
N SER BA 131 96.14 66.58 -46.46
CA SER BA 131 95.24 66.16 -47.53
C SER BA 131 93.82 66.07 -46.99
N LEU BA 132 92.84 66.11 -47.88
CA LEU BA 132 91.44 66.16 -47.48
C LEU BA 132 90.79 64.77 -47.61
N ARG BA 133 90.07 64.38 -46.56
CA ARG BA 133 89.35 63.10 -46.54
C ARG BA 133 87.90 63.36 -46.96
N LEU BA 134 87.51 62.81 -48.11
CA LEU BA 134 86.14 62.91 -48.62
C LEU BA 134 85.42 61.60 -48.33
N ARG BA 135 84.23 61.69 -47.74
CA ARG BA 135 83.44 60.50 -47.42
C ARG BA 135 82.00 60.69 -47.87
N VAL BA 136 81.48 59.66 -48.53
CA VAL BA 136 80.07 59.54 -48.90
C VAL BA 136 79.47 58.45 -48.01
N ILE BA 137 78.29 58.70 -47.45
CA ILE BA 137 77.51 57.70 -46.73
C ILE BA 137 76.13 57.61 -47.38
N PHE BA 138 75.70 56.38 -47.70
CA PHE BA 138 74.36 56.11 -48.21
C PHE BA 138 73.97 54.71 -47.73
N GLN BA 139 73.51 54.64 -46.47
CA GLN BA 139 73.16 53.38 -45.81
C GLN BA 139 72.22 52.50 -46.63
N ASP BA 140 71.31 53.11 -47.40
CA ASP BA 140 70.24 52.36 -48.06
C ASP BA 140 70.74 51.41 -49.15
N ASP BA 141 71.96 51.61 -49.64
CA ASP BA 141 72.67 50.70 -50.53
C ASP BA 141 73.85 50.06 -49.82
N ARG BA 142 74.05 50.39 -48.53
CA ARG BA 142 75.30 50.22 -47.78
C ARG BA 142 76.50 50.82 -48.53
N PHE BA 143 76.25 51.79 -49.43
CA PHE BA 143 77.31 52.42 -50.19
C PHE BA 143 78.04 53.41 -49.30
N ASN BA 144 79.33 53.17 -49.12
CA ASN BA 144 80.13 53.94 -48.18
C ASN BA 144 81.56 53.94 -48.70
N GLU BA 145 82.07 55.12 -49.11
CA GLU BA 145 83.38 55.23 -49.74
C GLU BA 145 84.12 56.43 -49.19
N VAL BA 146 85.42 56.24 -48.96
CA VAL BA 146 86.30 57.25 -48.36
C VAL BA 146 87.42 57.52 -49.35
N TYR BA 147 87.42 58.73 -49.93
CA TYR BA 147 88.47 59.18 -50.81
C TYR BA 147 89.38 60.11 -50.01
N ASP BA 148 90.66 59.77 -50.01
CA ASP BA 148 91.72 60.48 -49.30
C ASP BA 148 92.86 60.76 -50.27
N ASN BA 149 93.80 61.59 -49.79
CA ASN BA 149 94.91 62.15 -50.56
C ASN BA 149 94.43 63.15 -51.61
N ILE BA 150 93.24 63.73 -51.41
CA ILE BA 150 92.78 64.83 -52.25
C ILE BA 150 93.56 66.07 -51.87
N GLY BA 151 94.16 66.70 -52.87
CA GLY BA 151 95.26 67.61 -52.67
C GLY BA 151 96.56 66.90 -52.94
N ASN BA 152 97.64 67.66 -52.97
CA ASN BA 152 98.97 67.14 -53.25
C ASN BA 152 99.01 66.44 -54.63
N ILE BA 153 99.01 67.24 -55.70
CA ILE BA 153 99.08 66.65 -57.04
C ILE BA 153 100.51 66.20 -57.35
N PHE BA 154 101.50 67.07 -57.14
CA PHE BA 154 102.89 66.71 -57.32
C PHE BA 154 103.76 67.62 -56.48
N THR BA 155 105.00 67.18 -56.23
CA THR BA 155 105.94 67.89 -55.36
C THR BA 155 107.01 68.60 -56.18
N ILE BA 156 107.42 69.78 -55.70
CA ILE BA 156 108.58 70.52 -56.19
C ILE BA 156 109.67 70.39 -55.14
N LYS BA 157 110.93 70.28 -55.58
CA LYS BA 157 112.06 70.18 -54.66
C LYS BA 157 113.29 70.83 -55.31
N TYR BA 158 114.22 71.26 -54.46
CA TYR BA 158 115.33 72.13 -54.85
C TYR BA 158 116.67 71.52 -54.43
N LYS BA 159 117.69 71.69 -55.27
CA LYS BA 159 119.00 71.06 -55.09
C LYS BA 159 120.18 72.02 -55.18
N GLY BA 160 119.97 73.28 -55.59
CA GLY BA 160 121.08 74.20 -55.74
C GLY BA 160 121.64 74.66 -54.40
N GLU BA 161 122.80 75.33 -54.48
CA GLU BA 161 123.52 75.78 -53.29
C GLU BA 161 123.17 77.22 -52.88
N GLU BA 162 122.41 77.95 -53.70
CA GLU BA 162 122.20 79.37 -53.45
C GLU BA 162 121.34 79.59 -52.20
N ALA BA 163 120.93 80.83 -51.95
CA ALA BA 163 120.45 81.21 -50.63
C ALA BA 163 119.07 80.65 -50.38
N ASN BA 164 118.11 81.02 -51.24
CA ASN BA 164 116.71 80.68 -51.07
C ASN BA 164 116.08 80.39 -52.43
N ALA BA 165 115.14 79.45 -52.43
CA ALA BA 165 114.40 79.05 -53.64
C ALA BA 165 112.91 79.06 -53.34
N THR BA 166 112.14 79.70 -54.22
CA THR BA 166 110.69 79.78 -54.08
C THR BA 166 110.04 79.59 -55.46
N PHE BA 167 108.71 79.43 -55.44
CA PHE BA 167 107.91 79.24 -56.65
C PHE BA 167 106.58 79.95 -56.42
N SER BA 168 105.77 80.03 -57.48
CA SER BA 168 104.39 80.50 -57.33
C SER BA 168 103.56 80.08 -58.54
N VAL BA 169 102.27 79.86 -58.29
CA VAL BA 169 101.23 79.78 -59.31
C VAL BA 169 100.51 81.11 -59.31
N GLU BA 170 100.07 81.56 -60.49
CA GLU BA 170 99.31 82.78 -60.65
C GLU BA 170 97.97 82.48 -61.31
N HIS BA 171 96.93 83.17 -60.85
CA HIS BA 171 95.60 83.10 -61.42
C HIS BA 171 95.29 84.47 -62.01
N ASP BA 172 94.94 84.50 -63.29
CA ASP BA 172 94.39 85.70 -63.89
C ASP BA 172 92.90 85.75 -63.60
N GLU BA 173 92.42 86.89 -63.12
CA GLU BA 173 91.05 86.97 -62.63
C GLU BA 173 90.04 86.73 -63.75
N GLU BA 174 90.32 87.24 -64.95
CA GLU BA 174 89.40 87.08 -66.07
C GLU BA 174 89.30 85.65 -66.61
N THR BA 175 90.01 84.69 -66.03
CA THR BA 175 89.91 83.28 -66.44
C THR BA 175 89.76 82.34 -65.25
N GLN BA 176 90.21 82.76 -64.05
CA GLN BA 176 90.19 81.91 -62.87
C GLN BA 176 90.89 80.59 -63.17
N LYS BA 177 92.08 80.70 -63.76
CA LYS BA 177 92.85 79.55 -64.20
C LYS BA 177 94.33 79.87 -64.11
N ALA BA 178 95.13 78.83 -63.94
CA ALA BA 178 96.58 78.96 -63.81
C ALA BA 178 97.17 79.74 -64.98
N SER BA 179 97.44 81.03 -64.77
CA SER BA 179 97.99 81.86 -65.84
C SER BA 179 99.49 81.67 -65.98
N ARG BA 180 100.19 81.46 -64.86
CA ARG BA 180 101.64 81.30 -64.87
C ARG BA 180 102.05 80.29 -63.81
N LEU BA 181 103.21 79.67 -64.02
CA LEU BA 181 103.95 79.00 -62.97
C LEU BA 181 105.40 79.44 -63.09
N VAL BA 182 105.99 79.74 -61.94
CA VAL BA 182 107.25 80.46 -61.85
C VAL BA 182 108.13 79.74 -60.85
N LEU BA 183 109.43 79.64 -61.17
CA LEU BA 183 110.46 79.21 -60.23
C LEU BA 183 111.47 80.33 -60.06
N LYS BA 184 112.01 80.45 -58.85
CA LYS BA 184 112.96 81.49 -58.51
C LYS BA 184 114.15 80.91 -57.76
N VAL BA 185 115.30 81.56 -57.90
CA VAL BA 185 116.47 81.31 -57.07
C VAL BA 185 116.97 82.67 -56.60
N GLY BA 186 117.19 82.80 -55.30
CA GLY BA 186 117.57 84.08 -54.72
C GLY BA 186 116.42 85.06 -54.79
N ASP BA 187 116.43 85.94 -55.81
CA ASP BA 187 115.34 86.89 -56.03
C ASP BA 187 115.07 87.07 -57.52
N GLN BA 188 115.36 86.05 -58.32
CA GLN BA 188 115.28 86.15 -59.78
C GLN BA 188 114.65 84.89 -60.35
N GLU BA 189 113.78 85.07 -61.33
CA GLU BA 189 113.10 83.96 -61.97
C GLU BA 189 114.06 83.16 -62.84
N VAL BA 190 113.85 81.85 -62.87
CA VAL BA 190 114.70 80.92 -63.61
C VAL BA 190 113.94 80.18 -64.73
N LYS BA 191 112.60 80.16 -64.68
CA LYS BA 191 111.81 79.55 -65.74
C LYS BA 191 110.36 80.04 -65.61
N SER BA 192 109.58 79.80 -66.66
CA SER BA 192 108.18 80.18 -66.67
C SER BA 192 107.38 79.18 -67.48
N TYR BA 193 106.07 79.17 -67.26
CA TYR BA 193 105.16 78.24 -67.93
C TYR BA 193 103.81 78.92 -68.09
N ASP BA 194 103.34 78.96 -69.34
CA ASP BA 194 102.03 79.51 -69.69
C ASP BA 194 101.00 78.39 -69.68
N LEU BA 195 100.41 78.18 -68.49
CA LEU BA 195 99.53 77.03 -68.28
C LEU BA 195 98.09 77.27 -68.73
N THR BA 196 97.74 78.45 -69.24
CA THR BA 196 96.43 78.58 -69.84
C THR BA 196 96.34 77.74 -71.11
N GLY BA 197 97.35 77.84 -71.97
CA GLY BA 197 97.31 77.23 -73.28
C GLY BA 197 98.67 77.09 -73.94
N GLY BA 198 99.11 75.86 -74.17
CA GLY BA 198 100.32 75.56 -74.93
C GLY BA 198 100.91 74.21 -74.50
N ALA BA 199 102.25 74.19 -74.55
CA ALA BA 199 103.02 72.97 -74.33
C ALA BA 199 102.71 72.33 -72.99
N TYR BA 200 102.56 73.14 -71.94
CA TYR BA 200 102.51 72.70 -70.56
C TYR BA 200 101.08 72.46 -70.07
N ASP BA 201 100.12 72.25 -70.99
CA ASP BA 201 98.72 72.09 -70.62
C ASP BA 201 98.49 70.85 -69.75
N TYR BA 202 99.42 69.90 -69.77
CA TYR BA 202 99.33 68.66 -69.00
C TYR BA 202 100.50 68.64 -68.04
N THR BA 203 100.26 68.19 -66.81
CA THR BA 203 101.31 68.24 -65.80
C THR BA 203 102.49 67.33 -66.13
N ASN BA 204 102.35 66.44 -67.12
CA ASN BA 204 103.48 65.61 -67.53
C ASN BA 204 104.62 66.46 -68.04
N ALA BA 205 104.30 67.53 -68.77
CA ALA BA 205 105.33 68.36 -69.39
C ALA BA 205 106.02 69.21 -68.34
N ILE BA 206 105.26 69.67 -67.34
CA ILE BA 206 105.85 70.46 -66.26
C ILE BA 206 106.82 69.60 -65.46
N ILE BA 207 106.44 68.35 -65.19
CA ILE BA 207 107.28 67.47 -64.39
C ILE BA 207 108.60 67.18 -65.09
N THR BA 208 108.53 66.93 -66.40
CA THR BA 208 109.75 66.64 -67.16
C THR BA 208 110.63 67.88 -67.26
N ASP BA 209 110.02 69.04 -67.50
CA ASP BA 209 110.79 70.26 -67.72
C ASP BA 209 111.28 70.91 -66.44
N ILE BA 210 110.75 70.52 -65.28
CA ILE BA 210 111.38 70.89 -64.01
C ILE BA 210 112.57 69.99 -63.74
N ASN BA 211 112.42 68.69 -63.99
CA ASN BA 211 113.49 67.75 -63.69
C ASN BA 211 114.72 68.03 -64.55
N GLN BA 212 114.50 68.49 -65.79
CA GLN BA 212 115.61 68.82 -66.69
C GLN BA 212 116.57 69.84 -66.08
N LEU BA 213 116.08 70.72 -65.22
CA LEU BA 213 116.96 71.74 -64.64
C LEU BA 213 117.85 71.07 -63.60
N PRO BA 214 119.19 71.14 -63.71
CA PRO BA 214 120.04 70.47 -62.70
C PRO BA 214 119.79 70.88 -61.27
N ASP BA 215 119.46 72.16 -61.01
CA ASP BA 215 119.33 72.62 -59.63
C ASP BA 215 118.01 72.24 -58.97
N PHE BA 216 117.05 71.70 -59.73
CA PHE BA 216 115.69 71.49 -59.23
C PHE BA 216 115.30 70.01 -59.33
N GLU BA 217 114.19 69.67 -58.69
CA GLU BA 217 113.63 68.33 -58.81
C GLU BA 217 112.13 68.39 -58.60
N ALA BA 218 111.43 67.40 -59.14
CA ALA BA 218 109.99 67.28 -58.98
C ALA BA 218 109.60 65.81 -59.06
N LYS BA 219 108.59 65.42 -58.28
CA LYS BA 219 108.21 64.03 -58.10
C LYS BA 219 106.69 63.95 -57.95
N LEU BA 220 106.10 62.91 -58.53
CA LEU BA 220 104.65 62.77 -58.59
C LEU BA 220 104.14 61.85 -57.50
N SER BA 221 102.96 62.17 -56.98
CA SER BA 221 102.37 61.46 -55.85
C SER BA 221 102.13 59.98 -56.21
N PRO BA 222 102.21 59.06 -55.24
CA PRO BA 222 102.13 57.64 -55.58
C PRO BA 222 100.73 57.08 -55.68
N PHE BA 223 99.67 57.84 -55.37
CA PHE BA 223 98.34 57.24 -55.27
C PHE BA 223 97.68 57.15 -56.65
N GLY BA 224 98.26 56.27 -57.46
CA GLY BA 224 97.96 56.04 -58.87
C GLY BA 224 98.14 57.31 -59.70
N ASP BA 225 97.32 57.41 -60.74
CA ASP BA 225 97.46 58.53 -61.67
C ASP BA 225 96.88 59.80 -61.06
N LYS BA 226 97.41 60.94 -61.51
CA LYS BA 226 96.80 62.24 -61.31
C LYS BA 226 96.97 63.00 -62.62
N ASN BA 227 98.14 63.63 -62.83
CA ASN BA 227 98.55 64.20 -64.11
C ASN BA 227 97.47 65.11 -64.70
N LEU BA 228 96.95 65.99 -63.85
CA LEU BA 228 95.88 66.90 -64.22
C LEU BA 228 96.27 67.81 -65.37
N GLU BA 229 95.25 68.31 -66.07
CA GLU BA 229 95.45 69.48 -66.92
C GLU BA 229 95.89 70.65 -66.05
N SER BA 230 97.05 71.22 -66.38
CA SER BA 230 97.68 72.22 -65.53
C SER BA 230 96.88 73.51 -65.40
N SER BA 231 95.82 73.69 -66.19
CA SER BA 231 95.03 74.92 -66.06
C SER BA 231 94.25 74.96 -64.76
N LYS BA 232 93.98 73.80 -64.15
CA LYS BA 232 93.18 73.69 -62.94
C LYS BA 232 94.03 73.54 -61.67
N LEU BA 233 95.27 74.01 -61.66
CA LEU BA 233 96.00 74.13 -60.40
C LEU BA 233 95.33 75.22 -59.56
N ASP BA 234 95.73 75.31 -58.28
CA ASP BA 234 95.25 76.36 -57.38
C ASP BA 234 96.37 77.31 -56.98
N LYS BA 235 95.99 78.49 -56.46
CA LYS BA 235 96.96 79.58 -56.32
C LYS BA 235 97.76 79.43 -55.03
N ILE BA 236 98.97 78.88 -55.16
CA ILE BA 236 99.96 78.76 -54.09
C ILE BA 236 101.14 79.66 -54.47
N GLU BA 237 101.63 80.43 -53.50
CA GLU BA 237 102.66 81.42 -53.76
C GLU BA 237 103.71 81.43 -52.64
N ASN BA 238 104.98 81.45 -53.05
CA ASN BA 238 106.08 81.92 -52.21
C ASN BA 238 106.38 80.97 -51.04
N ALA BA 239 106.45 79.67 -51.31
CA ALA BA 239 106.87 78.68 -50.32
C ALA BA 239 108.33 78.28 -50.56
N ASN BA 240 109.06 78.03 -49.48
CA ASN BA 240 110.50 77.82 -49.56
C ASN BA 240 110.75 76.37 -49.98
N ILE BA 241 111.31 76.19 -51.19
CA ILE BA 241 111.57 74.87 -51.73
C ILE BA 241 112.80 74.25 -51.07
N LYS BA 242 113.81 75.07 -50.75
CA LYS BA 242 115.01 74.53 -50.11
C LYS BA 242 114.68 74.01 -48.72
N ASP BA 243 113.64 74.54 -48.10
CA ASP BA 243 113.21 74.09 -46.78
C ASP BA 243 112.28 72.88 -46.88
N LYS BA 244 111.38 72.85 -47.87
CA LYS BA 244 110.35 71.81 -47.96
C LYS BA 244 110.25 71.24 -49.37
N ALA BA 245 109.96 69.94 -49.42
CA ALA BA 245 109.51 69.27 -50.65
C ALA BA 245 108.03 69.62 -50.89
N VAL BA 246 107.78 70.88 -51.28
CA VAL BA 246 106.43 71.44 -51.24
C VAL BA 246 105.52 70.75 -52.25
N TYR BA 247 104.29 70.49 -51.81
CA TYR BA 247 103.19 70.06 -52.66
C TYR BA 247 102.57 71.26 -53.42
N VAL BA 248 102.24 71.06 -54.71
CA VAL BA 248 101.16 71.82 -55.34
C VAL BA 248 99.89 71.02 -55.14
N LYS BA 249 98.79 71.70 -54.78
CA LYS BA 249 97.61 70.98 -54.29
C LYS BA 249 96.64 70.59 -55.39
N ALA BA 250 96.11 71.57 -56.12
CA ALA BA 250 95.09 71.35 -57.15
C ALA BA 250 93.89 70.53 -56.62
N VAL BA 251 93.25 71.03 -55.55
CA VAL BA 251 92.20 70.26 -54.89
C VAL BA 251 91.04 69.95 -55.84
N PHE BA 252 90.55 70.95 -56.58
CA PHE BA 252 89.39 70.64 -57.44
C PHE BA 252 89.75 69.70 -58.57
N GLY BA 253 91.03 69.63 -58.94
CA GLY BA 253 91.44 68.64 -59.92
C GLY BA 253 91.28 67.22 -59.40
N ASP BA 254 91.62 67.01 -58.12
CA ASP BA 254 91.44 65.68 -57.53
C ASP BA 254 89.97 65.33 -57.37
N LEU BA 255 89.12 66.30 -57.00
CA LEU BA 255 87.69 66.04 -56.94
C LEU BA 255 87.14 65.51 -58.25
N GLU BA 256 87.51 66.12 -59.39
CA GLU BA 256 87.07 65.59 -60.67
C GLU BA 256 87.66 64.21 -60.93
N LYS BA 257 88.99 64.07 -60.84
CA LYS BA 257 89.68 62.82 -61.11
C LYS BA 257 89.14 61.67 -60.27
N GLN BA 258 88.83 61.94 -58.99
CA GLN BA 258 88.40 60.88 -58.08
C GLN BA 258 86.89 60.80 -57.87
N THR BA 259 86.09 61.72 -58.47
CA THR BA 259 84.62 61.65 -58.32
C THR BA 259 83.89 62.08 -59.59
N ALA BA 260 84.53 61.98 -60.77
CA ALA BA 260 83.79 62.17 -62.01
C ALA BA 260 82.87 60.98 -62.28
N TYR BA 261 83.47 59.84 -62.59
CA TYR BA 261 82.74 58.61 -62.91
C TYR BA 261 82.67 57.64 -61.74
N ASN BA 262 82.99 58.10 -60.51
CA ASN BA 262 83.35 57.24 -59.40
C ASN BA 262 82.42 57.39 -58.18
N GLY BA 263 81.15 57.78 -58.37
CA GLY BA 263 80.31 58.10 -57.21
C GLY BA 263 78.85 58.30 -57.54
N ILE BA 264 78.05 58.39 -56.48
CA ILE BA 264 76.61 58.67 -56.57
C ILE BA 264 76.32 60.17 -56.56
N VAL BA 265 77.26 61.02 -56.15
CA VAL BA 265 77.04 62.44 -55.96
C VAL BA 265 78.15 63.21 -56.65
N SER BA 266 77.78 64.35 -57.26
CA SER BA 266 78.67 65.20 -58.04
C SER BA 266 78.88 66.54 -57.33
N PHE BA 267 79.90 67.28 -57.78
CA PHE BA 267 80.25 68.59 -57.27
C PHE BA 267 80.33 69.59 -58.43
N GLU BA 268 80.00 70.85 -58.14
CA GLU BA 268 80.16 71.96 -59.08
C GLU BA 268 80.70 73.19 -58.36
N GLN BA 269 81.63 73.89 -59.03
CA GLN BA 269 82.51 74.88 -58.41
C GLN BA 269 81.95 76.28 -58.63
N LEU BA 270 81.69 76.98 -57.53
CA LEU BA 270 81.09 78.33 -57.59
C LEU BA 270 82.15 79.31 -58.08
N LYS BA 298 86.30 81.76 -53.57
CA LYS BA 298 85.77 80.49 -54.06
C LYS BA 298 86.59 79.38 -53.38
N THR BA 299 87.17 79.66 -52.20
CA THR BA 299 88.08 78.71 -51.56
C THR BA 299 87.30 77.55 -50.95
N ILE BA 300 87.95 76.39 -50.88
CA ILE BA 300 87.37 75.14 -50.39
C ILE BA 300 87.99 74.86 -49.03
N GLU BA 301 87.18 74.41 -48.08
CA GLU BA 301 87.66 74.05 -46.75
C GLU BA 301 86.81 72.92 -46.21
N PRO BA 302 87.30 72.19 -45.19
CA PRO BA 302 86.52 71.05 -44.68
C PRO BA 302 85.28 71.49 -43.92
N PHE BA 303 84.36 70.55 -43.76
CA PHE BA 303 83.06 70.78 -43.15
C PHE BA 303 82.59 69.42 -42.64
N GLU BA 304 81.67 69.47 -41.70
CA GLU BA 304 81.21 68.27 -41.02
C GLU BA 304 80.35 67.41 -41.95
N LEU BA 305 79.98 66.22 -41.47
CA LEU BA 305 79.08 65.36 -42.22
C LEU BA 305 77.69 66.00 -42.29
N THR BA 306 77.11 66.05 -43.49
CA THR BA 306 75.87 66.77 -43.74
C THR BA 306 74.94 65.95 -44.61
N LYS BA 307 73.64 66.14 -44.39
CA LYS BA 307 72.58 65.48 -45.12
C LYS BA 307 72.10 66.42 -46.22
N LEU BA 308 71.86 65.86 -47.41
CA LEU BA 308 71.43 66.66 -48.54
C LEU BA 308 69.93 66.94 -48.43
N LYS BA 309 69.51 68.04 -49.05
CA LYS BA 309 68.14 68.53 -48.92
C LYS BA 309 67.62 68.97 -50.28
N GLY BA 310 66.30 69.14 -50.34
CA GLY BA 310 65.60 69.56 -51.53
C GLY BA 310 65.07 68.44 -52.40
N GLY BA 311 65.55 67.21 -52.22
CA GLY BA 311 65.09 66.08 -53.00
C GLY BA 311 63.61 65.83 -52.84
N THR BA 312 62.88 65.78 -53.96
CA THR BA 312 61.43 65.75 -53.95
C THR BA 312 60.93 64.89 -55.10
N ASN BA 313 60.04 63.94 -54.82
CA ASN BA 313 59.40 63.18 -55.88
C ASN BA 313 58.45 64.06 -56.68
N GLY BA 314 57.69 64.90 -56.00
CA GLY BA 314 56.73 65.77 -56.65
C GLY BA 314 55.34 65.17 -56.71
N GLU BA 315 54.33 65.96 -56.34
CA GLU BA 315 52.94 65.54 -56.34
C GLU BA 315 52.51 65.07 -57.73
N PRO BA 316 51.48 64.24 -57.86
CA PRO BA 316 51.03 63.87 -59.21
C PRO BA 316 50.50 65.09 -59.92
N PRO BA 317 50.57 65.12 -61.26
CA PRO BA 317 50.03 66.25 -62.00
C PRO BA 317 48.53 66.13 -62.20
N ALA BA 318 47.95 67.20 -62.75
CA ALA BA 318 46.54 67.17 -63.16
C ALA BA 318 46.32 66.21 -64.32
N THR BA 319 47.26 66.19 -65.27
CA THR BA 319 47.07 65.45 -66.52
C THR BA 319 48.37 64.79 -66.94
N TRP BA 320 48.24 63.78 -67.82
CA TRP BA 320 49.39 63.09 -68.37
C TRP BA 320 49.69 63.50 -69.82
N ALA BA 321 48.91 64.40 -70.40
CA ALA BA 321 48.83 64.54 -71.85
C ALA BA 321 50.15 64.95 -72.52
N ASP BA 322 50.74 66.09 -72.15
CA ASP BA 322 51.98 66.52 -72.80
C ASP BA 322 53.23 65.83 -72.27
N LYS BA 323 53.08 64.69 -71.59
CA LYS BA 323 54.16 63.78 -71.24
C LYS BA 323 53.94 62.40 -71.84
N LEU BA 324 52.68 62.00 -71.94
CA LEU BA 324 52.26 60.75 -72.59
C LEU BA 324 52.60 60.77 -74.08
N ASP BA 325 52.61 61.95 -74.69
CA ASP BA 325 52.91 62.08 -76.12
C ASP BA 325 54.29 61.55 -76.47
N LYS BA 326 55.24 61.60 -75.51
CA LYS BA 326 56.64 61.45 -75.83
C LYS BA 326 57.02 60.05 -76.32
N PHE BA 327 56.18 59.03 -76.09
CA PHE BA 327 56.49 57.69 -76.59
C PHE BA 327 56.38 57.57 -78.11
N ALA BA 328 55.79 58.55 -78.80
CA ALA BA 328 55.29 58.40 -80.16
C ALA BA 328 56.25 57.73 -81.14
N HIS BA 329 57.45 58.32 -81.23
CA HIS BA 329 58.49 58.00 -82.21
C HIS BA 329 59.52 56.96 -81.76
N GLU BA 330 59.38 56.42 -80.56
CA GLU BA 330 60.15 55.23 -80.17
C GLU BA 330 59.51 53.94 -80.72
N GLY BA 331 58.29 54.02 -81.26
CA GLY BA 331 57.75 53.01 -82.18
C GLY BA 331 57.03 51.84 -81.54
N GLY BA 332 56.75 51.92 -80.24
CA GLY BA 332 56.02 50.91 -79.51
C GLY BA 332 54.61 50.70 -80.06
N TYR BA 333 54.13 49.47 -79.94
CA TYR BA 333 52.82 49.06 -80.43
C TYR BA 333 51.78 48.92 -79.31
N TYR BA 334 52.14 48.26 -78.20
CA TYR BA 334 51.28 48.12 -77.03
C TYR BA 334 51.68 49.14 -75.97
N ILE BA 335 50.68 49.78 -75.35
CA ILE BA 335 50.89 50.75 -74.29
C ILE BA 335 49.88 50.49 -73.19
N VAL BA 336 50.27 50.72 -71.94
CA VAL BA 336 49.37 50.58 -70.79
C VAL BA 336 49.60 51.75 -69.84
N PRO BA 337 48.56 52.46 -69.35
CA PRO BA 337 48.77 53.43 -68.28
C PRO BA 337 48.57 52.81 -66.90
N LEU BA 338 49.53 52.98 -66.01
CA LEU BA 338 49.52 52.34 -64.69
C LEU BA 338 48.72 53.15 -63.68
N SER BA 339 47.44 53.38 -63.95
CA SER BA 339 46.57 54.07 -63.00
C SER BA 339 45.12 53.71 -63.27
N SER BA 340 44.20 54.20 -62.44
CA SER BA 340 42.79 53.81 -62.47
C SER BA 340 41.78 54.98 -62.52
N LYS BA 341 42.22 56.25 -62.51
CA LYS BA 341 41.32 57.41 -62.65
C LYS BA 341 40.89 57.65 -64.10
N GLN BA 342 39.59 57.87 -64.29
CA GLN BA 342 38.95 57.81 -65.60
C GLN BA 342 39.52 58.81 -66.60
N SER BA 343 39.96 59.96 -66.10
CA SER BA 343 40.60 61.02 -66.88
C SER BA 343 41.79 60.49 -67.67
N VAL BA 344 42.66 59.69 -67.04
CA VAL BA 344 43.85 59.21 -67.74
C VAL BA 344 43.45 58.31 -68.89
N HIS BA 345 42.41 57.51 -68.70
CA HIS BA 345 41.95 56.59 -69.72
C HIS BA 345 41.44 57.37 -70.94
N ALA BA 346 40.88 58.55 -70.73
CA ALA BA 346 40.37 59.35 -71.84
C ALA BA 346 41.50 59.99 -72.62
N GLU BA 347 42.62 60.29 -71.94
CA GLU BA 347 43.76 60.88 -72.65
C GLU BA 347 44.51 59.81 -73.44
N VAL BA 348 44.60 58.59 -72.90
CA VAL BA 348 45.21 57.49 -73.65
C VAL BA 348 44.36 57.16 -74.87
N ALA BA 349 43.03 57.18 -74.72
CA ALA BA 349 42.15 56.92 -75.85
C ALA BA 349 42.35 57.94 -76.96
N SER BA 350 42.43 59.22 -76.58
CA SER BA 350 42.67 60.29 -77.53
C SER BA 350 44.04 60.13 -78.16
N PHE BA 351 45.02 59.71 -77.36
CA PHE BA 351 46.38 59.55 -77.85
C PHE BA 351 46.44 58.46 -78.92
N VAL BA 352 45.90 57.28 -78.62
CA VAL BA 352 45.92 56.16 -79.57
C VAL BA 352 45.16 56.54 -80.84
N LYS BA 353 44.07 57.29 -80.69
CA LYS BA 353 43.34 57.79 -81.86
C LYS BA 353 44.22 58.73 -82.68
N GLU BA 354 44.96 59.60 -82.00
CA GLU BA 354 45.80 60.58 -82.68
C GLU BA 354 46.91 59.92 -83.48
N ARG BA 355 47.52 58.86 -82.93
CA ARG BA 355 48.61 58.21 -83.64
C ARG BA 355 48.08 57.32 -84.77
N SER BA 356 47.04 56.53 -84.49
CA SER BA 356 46.57 55.57 -85.48
C SER BA 356 46.00 56.26 -86.72
N ASP BA 357 45.30 57.39 -86.54
CA ASP BA 357 44.81 58.13 -87.69
C ASP BA 357 45.95 58.65 -88.56
N ALA BA 358 47.15 58.79 -87.99
CA ALA BA 358 48.31 59.29 -88.70
C ALA BA 358 49.04 58.24 -89.53
N GLY BA 359 48.57 56.99 -89.53
CA GLY BA 359 49.37 55.91 -90.06
C GLY BA 359 50.41 55.38 -89.10
N GLU BA 360 50.26 55.67 -87.81
CA GLU BA 360 51.19 55.27 -86.75
C GLU BA 360 50.40 54.41 -85.76
N PRO BA 361 50.13 53.15 -86.10
CA PRO BA 361 49.14 52.38 -85.32
C PRO BA 361 49.62 52.08 -83.91
N MET BA 362 48.67 52.06 -82.97
CA MET BA 362 48.95 51.66 -81.60
C MET BA 362 47.68 51.05 -80.99
N ARG BA 363 47.85 50.27 -79.93
CA ARG BA 363 46.75 49.69 -79.18
C ARG BA 363 47.05 49.76 -77.68
N ALA BA 364 46.02 50.06 -76.90
CA ALA BA 364 46.12 50.27 -75.47
C ALA BA 364 45.37 49.17 -74.72
N ILE BA 365 45.92 48.74 -73.58
CA ILE BA 365 45.26 47.85 -72.64
C ILE BA 365 45.08 48.62 -71.34
N VAL BA 366 43.87 48.56 -70.76
CA VAL BA 366 43.44 49.39 -69.61
C VAL BA 366 42.72 48.54 -68.56
N GLY BA 367 43.01 48.74 -67.27
CA GLY BA 367 42.40 48.01 -66.18
C GLY BA 367 42.12 48.87 -64.96
N GLY BA 368 40.85 48.99 -64.56
CA GLY BA 368 40.42 49.90 -63.49
C GLY BA 368 40.33 49.27 -62.11
N GLY BA 369 41.24 49.61 -61.21
CA GLY BA 369 41.06 49.48 -59.76
C GLY BA 369 41.09 48.05 -59.21
N PHE BA 370 40.36 47.80 -58.14
CA PHE BA 370 40.24 46.47 -57.53
C PHE BA 370 38.75 46.14 -57.40
N ASN BA 371 38.41 44.85 -57.44
CA ASN BA 371 37.13 44.32 -56.97
C ASN BA 371 35.91 44.91 -57.69
N GLU BA 372 36.03 45.73 -58.74
CA GLU BA 372 34.90 46.58 -59.13
C GLU BA 372 33.72 45.76 -59.69
N SER BA 373 32.52 46.07 -59.20
CA SER BA 373 31.33 45.28 -59.49
C SER BA 373 30.60 45.74 -60.74
N LYS BA 374 29.76 44.86 -61.25
CA LYS BA 374 29.33 44.78 -62.65
C LYS BA 374 28.91 46.13 -63.23
N GLU BA 375 28.00 46.82 -62.56
CA GLU BA 375 27.44 48.05 -63.10
C GLU BA 375 28.45 49.20 -63.13
N GLN BA 376 29.47 49.19 -62.26
CA GLN BA 376 30.57 50.15 -62.38
C GLN BA 376 31.32 49.97 -63.69
N LEU BA 377 31.51 48.72 -64.11
CA LEU BA 377 32.24 48.37 -65.32
C LEU BA 377 31.57 48.98 -66.55
N PHE BA 378 30.27 48.80 -66.69
CA PHE BA 378 29.51 49.44 -67.77
C PHE BA 378 29.61 50.97 -67.65
N GLY BA 379 29.52 51.48 -66.42
CA GLY BA 379 29.73 52.90 -66.14
C GLY BA 379 31.04 53.40 -66.74
N ARG BA 380 32.10 52.59 -66.70
CA ARG BA 380 33.31 52.88 -67.49
C ARG BA 380 33.04 52.70 -68.99
N GLN BA 381 32.77 51.47 -69.40
CA GLN BA 381 32.91 51.04 -70.78
C GLN BA 381 32.08 51.89 -71.75
N ALA BA 382 30.84 52.19 -71.39
CA ALA BA 382 29.96 52.91 -72.28
C ALA BA 382 30.47 54.34 -72.56
N SER BA 383 31.26 54.88 -71.64
CA SER BA 383 31.87 56.20 -71.78
C SER BA 383 33.08 56.22 -72.72
N LEU BA 384 33.54 55.05 -73.16
CA LEU BA 384 34.93 54.86 -73.52
C LEU BA 384 35.12 53.98 -74.77
N SER BA 385 34.05 53.67 -75.49
CA SER BA 385 33.98 52.50 -76.38
C SER BA 385 34.62 52.63 -77.76
N ASN BA 386 35.66 53.45 -77.96
CA ASN BA 386 36.40 53.40 -79.24
C ASN BA 386 37.16 52.08 -79.39
N PRO BA 387 37.55 51.71 -80.67
CA PRO BA 387 38.39 50.51 -80.81
C PRO BA 387 39.83 50.84 -80.43
N ARG BA 388 40.76 49.87 -80.57
CA ARG BA 388 42.16 50.01 -80.19
C ARG BA 388 42.37 50.21 -78.69
N VAL BA 389 41.34 50.01 -77.88
CA VAL BA 389 41.43 49.97 -76.42
C VAL BA 389 40.79 48.65 -76.00
N SER BA 390 41.40 47.94 -75.05
CA SER BA 390 40.86 46.69 -74.52
C SER BA 390 40.85 46.72 -73.00
N LEU BA 391 39.69 47.02 -72.43
CA LEU BA 391 39.49 47.01 -70.98
C LEU BA 391 39.59 45.60 -70.41
N VAL BA 392 40.43 45.42 -69.39
CA VAL BA 392 40.62 44.20 -68.60
C VAL BA 392 40.09 44.44 -67.19
N ALA BA 393 39.24 43.56 -66.68
CA ALA BA 393 38.48 43.87 -65.48
C ALA BA 393 38.87 43.12 -64.21
N ASN BA 394 39.54 41.96 -64.25
CA ASN BA 394 39.78 41.30 -62.97
C ASN BA 394 40.87 41.97 -62.14
N SER BA 395 40.95 41.54 -60.87
CA SER BA 395 42.00 41.89 -59.91
C SER BA 395 42.37 40.65 -59.11
N GLY BA 396 43.61 40.59 -58.60
CA GLY BA 396 44.08 39.38 -57.92
C GLY BA 396 45.41 39.46 -57.20
N THR BA 397 46.28 38.45 -57.39
CA THR BA 397 47.59 38.38 -56.74
C THR BA 397 48.65 37.90 -57.71
N PHE BA 398 49.91 38.25 -57.39
CA PHE BA 398 51.10 37.84 -58.14
C PHE BA 398 52.23 37.66 -57.13
N VAL BA 399 53.28 36.91 -57.52
CA VAL BA 399 54.40 36.59 -56.63
C VAL BA 399 55.71 36.81 -57.41
N MET BA 400 56.45 37.85 -57.02
CA MET BA 400 57.77 38.11 -57.58
C MET BA 400 58.80 37.11 -57.04
N ASP BA 401 59.85 36.88 -57.83
CA ASP BA 401 60.78 35.78 -57.57
C ASP BA 401 61.57 35.95 -56.27
N ASP BA 402 61.60 37.17 -55.69
CA ASP BA 402 62.17 37.37 -54.37
C ASP BA 402 61.35 36.76 -53.24
N GLY BA 403 60.17 36.20 -53.54
CA GLY BA 403 59.28 35.65 -52.54
C GLY BA 403 58.08 36.52 -52.20
N ARG BA 404 58.06 37.76 -52.69
CA ARG BA 404 57.08 38.76 -52.28
C ARG BA 404 55.75 38.56 -53.01
N LYS BA 405 54.65 38.45 -52.25
CA LYS BA 405 53.32 38.36 -52.82
C LYS BA 405 52.80 39.76 -53.14
N ASN BA 406 51.60 39.83 -53.73
CA ASN BA 406 51.01 41.10 -54.10
C ASN BA 406 49.49 41.00 -54.13
N HIS BA 407 48.85 42.12 -53.79
CA HIS BA 407 47.42 42.38 -54.00
C HIS BA 407 47.34 43.41 -55.14
N VAL BA 408 46.77 42.99 -56.27
CA VAL BA 408 47.12 43.49 -57.60
C VAL BA 408 45.95 44.33 -58.13
N PRO BA 409 46.16 45.60 -58.51
CA PRO BA 409 45.11 46.33 -59.25
C PRO BA 409 44.99 45.86 -60.69
N ALA BA 410 43.84 46.14 -61.29
CA ALA BA 410 43.51 45.62 -62.62
C ALA BA 410 44.44 46.11 -63.72
N TYR BA 411 45.05 47.30 -63.56
CA TYR BA 411 46.01 47.72 -64.59
C TYR BA 411 47.28 46.90 -64.57
N MET BA 412 47.63 46.32 -63.42
CA MET BA 412 48.76 45.40 -63.41
C MET BA 412 48.41 44.09 -64.12
N VAL BA 413 47.18 43.59 -63.96
CA VAL BA 413 46.77 42.40 -64.69
C VAL BA 413 46.76 42.69 -66.19
N ALA BA 414 46.36 43.90 -66.58
CA ALA BA 414 46.42 44.30 -67.98
C ALA BA 414 47.86 44.25 -68.50
N VAL BA 415 48.83 44.66 -67.68
CA VAL BA 415 50.23 44.61 -68.11
C VAL BA 415 50.70 43.16 -68.21
N ALA BA 416 50.44 42.35 -67.18
CA ALA BA 416 50.82 40.95 -67.22
C ALA BA 416 50.25 40.28 -68.47
N LEU BA 417 49.01 40.59 -68.79
CA LEU BA 417 48.40 40.11 -70.01
C LEU BA 417 49.05 40.72 -71.25
N GLY BA 418 49.35 42.03 -71.20
CA GLY BA 418 50.08 42.66 -72.29
C GLY BA 418 51.41 42.00 -72.59
N GLY BA 419 52.06 41.47 -71.56
CA GLY BA 419 53.29 40.72 -71.77
C GLY BA 419 53.09 39.52 -72.67
N LEU BA 420 51.93 38.89 -72.60
CA LEU BA 420 51.61 37.81 -73.53
C LEU BA 420 51.29 38.38 -74.92
N ALA BA 421 50.46 39.43 -74.95
CA ALA BA 421 50.03 40.01 -76.21
C ALA BA 421 51.22 40.50 -77.05
N SER BA 422 52.24 41.05 -76.39
CA SER BA 422 53.44 41.50 -77.08
C SER BA 422 54.35 40.34 -77.43
N GLY BA 423 54.51 39.38 -76.53
CA GLY BA 423 55.44 38.29 -76.76
C GLY BA 423 55.01 37.29 -77.83
N LEU BA 424 53.71 37.12 -78.05
CA LEU BA 424 53.29 36.20 -79.10
C LEU BA 424 53.68 36.72 -80.48
N GLU BA 425 54.03 35.79 -81.37
CA GLU BA 425 54.45 36.14 -82.72
C GLU BA 425 53.23 36.64 -83.49
N ILE BA 426 53.43 37.62 -84.35
CA ILE BA 426 52.41 38.49 -84.93
C ILE BA 426 51.19 37.70 -85.42
N GLY BA 427 50.03 38.19 -85.02
CA GLY BA 427 48.75 37.67 -85.42
C GLY BA 427 48.12 36.65 -84.49
N GLU BA 428 48.94 35.89 -83.76
CA GLU BA 428 48.42 34.84 -82.89
C GLU BA 428 47.79 35.44 -81.64
N SER BA 429 46.72 34.81 -81.14
CA SER BA 429 45.91 35.39 -80.09
C SER BA 429 46.28 34.93 -78.68
N ILE BA 430 46.05 35.82 -77.72
CA ILE BA 430 46.10 35.53 -76.29
C ILE BA 430 45.06 34.49 -75.85
N THR BA 431 43.97 34.33 -76.61
CA THR BA 431 42.82 33.49 -76.23
C THR BA 431 43.24 32.10 -75.77
N PHE BA 432 42.62 31.64 -74.67
CA PHE BA 432 42.79 30.35 -73.99
C PHE BA 432 44.21 30.03 -73.52
N LYS BA 433 45.17 30.96 -73.63
CA LYS BA 433 46.50 30.72 -73.10
C LYS BA 433 46.50 30.80 -71.57
N PRO BA 434 47.44 30.14 -70.89
CA PRO BA 434 47.48 30.24 -69.42
C PRO BA 434 48.23 31.49 -68.98
N LEU BA 435 47.69 32.15 -67.95
CA LEU BA 435 48.14 33.49 -67.57
C LEU BA 435 49.03 33.54 -66.33
N ARG BA 436 49.27 32.42 -65.65
CA ARG BA 436 50.21 32.33 -64.53
C ARG BA 436 49.85 33.25 -63.35
N VAL BA 437 48.64 33.81 -63.31
CA VAL BA 437 48.21 34.62 -62.16
C VAL BA 437 47.95 33.70 -60.97
N SER BA 438 48.49 34.09 -59.81
CA SER BA 438 48.58 33.18 -58.68
C SER BA 438 47.22 32.98 -58.01
N SER BA 439 46.47 34.06 -57.82
CA SER BA 439 45.10 33.96 -57.33
C SER BA 439 44.31 35.18 -57.78
N LEU BA 440 42.99 35.00 -57.83
CA LEU BA 440 42.08 35.99 -58.39
C LEU BA 440 40.92 36.27 -57.45
N ASP BA 441 40.44 37.52 -57.45
CA ASP BA 441 39.31 37.94 -56.63
C ASP BA 441 38.00 37.54 -57.32
N GLN BA 442 37.80 36.22 -57.45
CA GLN BA 442 36.81 35.66 -58.36
C GLN BA 442 35.37 35.89 -57.94
N ILE BA 443 34.69 36.75 -58.70
CA ILE BA 443 33.24 36.91 -58.66
C ILE BA 443 32.60 36.52 -60.00
N TYR BA 444 33.41 36.35 -61.05
CA TYR BA 444 33.02 36.44 -62.44
C TYR BA 444 32.69 35.04 -62.94
N GLU BA 445 31.44 34.63 -62.74
CA GLU BA 445 31.01 33.27 -62.99
C GLU BA 445 30.77 33.04 -64.48
N SER BA 446 30.36 31.80 -64.80
CA SER BA 446 30.06 31.40 -66.15
C SER BA 446 29.12 32.37 -66.88
N ILE BA 447 28.00 32.74 -66.24
CA ILE BA 447 27.09 33.73 -66.85
C ILE BA 447 27.81 35.05 -67.08
N ASP BA 448 28.69 35.46 -66.16
CA ASP BA 448 29.37 36.74 -66.35
C ASP BA 448 30.31 36.68 -67.55
N LEU BA 449 30.85 35.51 -67.84
CA LEU BA 449 31.69 35.30 -69.03
C LEU BA 449 30.86 35.23 -70.31
N ASP BA 450 29.53 35.37 -70.23
CA ASP BA 450 28.71 35.73 -71.38
C ASP BA 450 28.44 37.23 -71.41
N GLU BA 451 28.13 37.83 -70.27
CA GLU BA 451 27.75 39.23 -70.19
C GLU BA 451 28.94 40.15 -70.42
N LEU BA 452 29.98 39.99 -69.62
CA LEU BA 452 31.20 40.76 -69.75
C LEU BA 452 31.76 40.59 -71.15
N ASN BA 453 31.80 39.36 -71.66
CA ASN BA 453 32.49 39.16 -72.91
C ASN BA 453 31.67 39.67 -74.11
N GLU BA 454 30.34 39.44 -74.09
CA GLU BA 454 29.54 39.89 -75.23
C GLU BA 454 29.45 41.41 -75.30
N ASN BA 455 29.66 42.09 -74.17
CA ASN BA 455 29.75 43.54 -74.07
C ASN BA 455 31.22 44.03 -73.97
N GLY BA 456 32.15 43.32 -74.62
CA GLY BA 456 33.47 43.88 -74.93
C GLY BA 456 34.42 44.11 -73.74
N ILE BA 457 34.35 43.28 -72.70
CA ILE BA 457 35.32 43.29 -71.59
C ILE BA 457 36.05 41.96 -71.51
N ILE BA 458 37.37 42.00 -71.52
CA ILE BA 458 38.22 40.82 -71.31
C ILE BA 458 38.14 40.37 -69.85
N SER BA 459 38.20 39.05 -69.66
CA SER BA 459 38.21 38.43 -68.34
C SER BA 459 38.95 37.10 -68.34
N ILE BA 460 39.35 36.69 -67.13
CA ILE BA 460 40.00 35.42 -66.86
C ILE BA 460 38.97 34.52 -66.18
N GLU BA 461 38.85 33.29 -66.67
CA GLU BA 461 37.96 32.31 -66.08
C GLU BA 461 38.73 31.48 -65.06
N PHE BA 462 38.13 31.22 -63.89
CA PHE BA 462 38.74 30.16 -63.08
C PHE BA 462 38.47 28.84 -63.78
N VAL BA 463 39.52 28.07 -64.01
CA VAL BA 463 39.43 26.86 -64.82
C VAL BA 463 40.20 25.76 -64.12
N ARG BA 464 39.55 24.61 -63.94
CA ARG BA 464 40.06 23.42 -63.26
C ARG BA 464 40.78 22.46 -64.21
N ASN BA 465 41.34 22.96 -65.31
CA ASN BA 465 42.11 22.17 -66.27
C ASN BA 465 43.49 21.92 -65.68
N ARG BA 466 43.59 20.81 -64.94
CA ARG BA 466 44.75 20.54 -64.09
C ARG BA 466 46.08 20.36 -64.84
N THR BA 467 46.07 20.17 -66.17
CA THR BA 467 47.32 19.76 -66.84
C THR BA 467 48.38 20.86 -66.82
N ASN BA 468 48.01 22.10 -66.51
CA ASN BA 468 48.95 23.23 -66.46
C ASN BA 468 48.49 24.14 -65.33
N THR BA 469 49.09 25.32 -65.20
CA THR BA 469 48.61 26.28 -64.22
C THR BA 469 47.17 26.69 -64.59
N PHE BA 470 46.34 26.88 -63.57
CA PHE BA 470 44.89 26.81 -63.77
C PHE BA 470 44.32 27.93 -64.65
N PHE BA 471 44.47 29.19 -64.24
CA PHE BA 471 43.74 30.29 -64.86
C PHE BA 471 44.03 30.43 -66.35
N ARG BA 472 42.99 30.74 -67.15
CA ARG BA 472 43.18 31.09 -68.55
C ARG BA 472 42.21 32.18 -69.02
N ILE BA 473 42.68 32.99 -69.96
CA ILE BA 473 41.91 34.10 -70.53
C ILE BA 473 40.86 33.56 -71.48
N VAL BA 474 39.64 34.13 -71.41
CA VAL BA 474 38.54 33.62 -72.24
C VAL BA 474 38.65 34.11 -73.68
N ASP BA 475 38.98 35.38 -73.91
CA ASP BA 475 38.81 35.97 -75.23
C ASP BA 475 39.81 37.11 -75.40
N ASP BA 476 39.88 37.62 -76.64
CA ASP BA 476 40.72 38.74 -77.05
C ASP BA 476 39.92 39.95 -77.56
N VAL BA 477 38.70 40.14 -77.05
CA VAL BA 477 37.79 41.17 -77.57
C VAL BA 477 38.20 42.56 -77.12
N THR BA 478 37.94 43.56 -77.97
CA THR BA 478 38.19 44.97 -77.69
C THR BA 478 36.98 45.64 -76.99
N THR BA 479 37.16 46.90 -76.60
CA THR BA 479 36.17 47.72 -75.85
C THR BA 479 35.07 48.33 -76.72
N PHE BA 480 35.15 48.20 -78.04
CA PHE BA 480 34.14 48.74 -78.96
C PHE BA 480 32.84 47.94 -78.94
N ASN BA 481 31.73 48.65 -79.08
CA ASN BA 481 30.44 48.13 -78.71
C ASN BA 481 29.87 47.11 -79.72
N ASP BA 482 30.33 47.14 -80.96
CA ASP BA 482 29.67 46.41 -82.05
C ASP BA 482 30.42 45.12 -82.39
N LYS BA 483 29.70 43.99 -82.33
CA LYS BA 483 30.24 42.66 -82.63
C LYS BA 483 30.65 42.49 -84.09
N SER BA 484 30.00 43.21 -85.01
CA SER BA 484 29.97 42.79 -86.42
C SER BA 484 31.36 42.76 -87.06
N ASP BA 485 32.08 43.89 -87.07
CA ASP BA 485 33.34 43.98 -87.79
C ASP BA 485 34.47 43.33 -86.97
N PRO BA 486 35.09 42.24 -87.44
CA PRO BA 486 36.15 41.62 -86.62
C PRO BA 486 37.42 42.44 -86.48
N VAL BA 487 37.71 43.31 -87.45
CA VAL BA 487 38.90 44.17 -87.37
C VAL BA 487 38.78 45.13 -86.19
N LYS BA 488 37.58 45.61 -85.89
CA LYS BA 488 37.35 46.40 -84.69
C LYS BA 488 37.26 45.50 -83.46
N ALA BA 489 36.54 44.39 -83.57
CA ALA BA 489 36.15 43.61 -82.40
C ALA BA 489 37.32 42.82 -81.80
N GLU BA 490 38.15 42.17 -82.62
CA GLU BA 490 39.09 41.15 -82.15
C GLU BA 490 40.53 41.65 -82.28
N MET BA 491 41.25 41.63 -81.16
CA MET BA 491 42.61 42.18 -81.11
C MET BA 491 43.55 41.40 -82.01
N ALA BA 492 43.39 40.07 -82.09
CA ALA BA 492 44.24 39.26 -82.96
C ALA BA 492 43.95 39.46 -84.45
N VAL BA 493 42.84 40.12 -84.80
CA VAL BA 493 42.58 40.48 -86.21
C VAL BA 493 43.13 41.87 -86.52
N GLY BA 494 42.86 42.83 -85.62
CA GLY BA 494 43.36 44.18 -85.82
C GLY BA 494 44.87 44.22 -85.96
N GLU BA 495 45.57 43.32 -85.26
CA GLU BA 495 47.03 43.33 -85.31
C GLU BA 495 47.53 42.96 -86.71
N ALA BA 496 47.04 41.85 -87.26
CA ALA BA 496 47.45 41.46 -88.61
C ALA BA 496 46.98 42.48 -89.64
N ASN BA 497 45.80 43.07 -89.43
CA ASN BA 497 45.36 44.16 -90.30
C ASN BA 497 46.36 45.30 -90.35
N ASP BA 498 46.79 45.78 -89.17
CA ASP BA 498 47.69 46.92 -89.10
C ASP BA 498 49.01 46.64 -89.83
N PHE BA 499 49.57 45.46 -89.63
CA PHE BA 499 50.86 45.17 -90.22
C PHE BA 499 50.78 44.88 -91.73
N LEU BA 500 49.67 44.37 -92.23
CA LEU BA 500 49.51 44.20 -93.67
C LEU BA 500 49.26 45.56 -94.33
N VAL BA 501 48.40 46.38 -93.73
CA VAL BA 501 48.14 47.73 -94.24
C VAL BA 501 49.44 48.49 -94.39
N SER BA 502 50.23 48.52 -93.31
CA SER BA 502 51.45 49.33 -93.28
C SER BA 502 52.47 48.84 -94.32
N GLU BA 503 52.61 47.52 -94.47
CA GLU BA 503 53.60 47.02 -95.43
C GLU BA 503 53.16 47.30 -96.86
N LEU BA 504 51.89 47.08 -97.18
CA LEU BA 504 51.39 47.41 -98.51
C LEU BA 504 51.49 48.92 -98.78
N LYS BA 505 51.37 49.74 -97.75
CA LYS BA 505 51.56 51.17 -97.88
C LYS BA 505 52.99 51.44 -98.32
N VAL BA 506 53.97 50.90 -97.62
CA VAL BA 506 55.36 51.17 -97.97
C VAL BA 506 55.74 50.60 -99.35
N GLN BA 507 55.27 49.40 -99.72
CA GLN BA 507 55.57 48.87 -101.05
C GLN BA 507 55.05 49.80 -102.15
N LEU BA 508 53.83 50.33 -102.00
CA LEU BA 508 53.29 51.22 -103.01
C LEU BA 508 54.03 52.56 -103.01
N GLU BA 509 54.47 53.06 -101.85
CA GLU BA 509 55.29 54.26 -101.84
C GLU BA 509 56.55 54.00 -102.67
N ASP BA 510 57.22 52.90 -102.38
CA ASP BA 510 58.47 52.53 -102.98
C ASP BA 510 58.38 52.32 -104.49
N GLN BA 511 57.42 51.53 -104.96
CA GLN BA 511 57.37 51.19 -106.38
C GLN BA 511 56.82 52.32 -107.24
N PHE BA 512 55.82 53.07 -106.75
CA PHE BA 512 55.05 53.96 -107.62
C PHE BA 512 55.07 55.45 -107.22
N ILE BA 513 54.76 55.79 -105.97
CA ILE BA 513 54.64 57.20 -105.59
C ILE BA 513 56.00 57.89 -105.51
N GLY BA 514 57.10 57.14 -105.65
CA GLY BA 514 58.38 57.74 -105.99
C GLY BA 514 58.41 58.38 -107.38
N THR BA 515 57.34 58.20 -108.15
CA THR BA 515 56.96 58.98 -109.33
C THR BA 515 58.07 59.02 -110.39
N ARG BA 516 58.45 57.85 -110.91
CA ARG BA 516 59.33 57.90 -112.08
C ARG BA 516 58.57 58.38 -113.31
N THR BA 517 57.32 57.90 -113.51
CA THR BA 517 56.54 58.29 -114.69
C THR BA 517 55.05 57.97 -114.49
N ILE BA 518 54.22 58.66 -115.28
CA ILE BA 518 52.83 58.26 -115.52
C ILE BA 518 52.73 57.09 -116.49
N ASN BA 519 53.73 56.86 -117.32
CA ASN BA 519 53.66 55.82 -118.34
C ASN BA 519 53.90 54.44 -117.71
N THR BA 520 52.96 54.04 -116.83
CA THR BA 520 52.94 52.71 -116.24
C THR BA 520 51.49 52.49 -115.81
N SER BA 521 50.75 51.74 -116.62
CA SER BA 521 49.30 51.66 -116.52
C SER BA 521 48.81 51.09 -115.19
N ALA BA 522 47.52 51.33 -114.94
CA ALA BA 522 46.72 50.54 -114.01
C ALA BA 522 46.98 49.04 -114.14
N SER BA 523 47.05 48.55 -115.38
CA SER BA 523 47.24 47.13 -115.61
C SER BA 523 48.54 46.61 -115.02
N ILE BA 524 49.59 47.43 -114.98
CA ILE BA 524 50.83 46.99 -114.35
C ILE BA 524 50.72 47.10 -112.83
N ILE BA 525 49.90 48.02 -112.31
CA ILE BA 525 49.67 48.06 -110.87
C ILE BA 525 48.93 46.81 -110.43
N LYS BA 526 47.94 46.38 -111.22
CA LYS BA 526 47.26 45.11 -110.99
C LYS BA 526 48.26 43.95 -110.94
N ASP BA 527 49.23 43.96 -111.85
CA ASP BA 527 50.25 42.91 -111.88
C ASP BA 527 51.15 42.97 -110.65
N PHE BA 528 51.62 44.16 -110.28
CA PHE BA 528 52.47 44.30 -109.10
C PHE BA 528 51.75 43.83 -107.84
N ILE BA 529 50.50 44.25 -107.66
CA ILE BA 529 49.74 43.90 -106.46
C ILE BA 529 49.51 42.39 -106.39
N GLN BA 530 49.24 41.74 -107.53
CA GLN BA 530 49.09 40.30 -107.52
C GLN BA 530 50.42 39.59 -107.27
N SER BA 531 51.51 40.13 -107.81
CA SER BA 531 52.83 39.63 -107.43
C SER BA 531 53.03 39.70 -105.92
N TYR BA 532 52.76 40.86 -105.34
CA TYR BA 532 52.94 41.06 -103.92
C TYR BA 532 52.11 40.07 -103.09
N LEU BA 533 50.80 39.98 -103.38
CA LEU BA 533 49.97 39.05 -102.60
C LEU BA 533 50.38 37.60 -102.84
N GLY BA 534 51.03 37.32 -103.97
CA GLY BA 534 51.61 36.00 -104.17
C GLY BA 534 52.61 35.64 -103.10
N ARG BA 535 53.42 36.61 -102.66
CA ARG BA 535 54.36 36.36 -101.58
C ARG BA 535 53.65 36.18 -100.24
N LYS BA 536 52.55 36.92 -100.02
CA LYS BA 536 51.79 36.76 -98.80
C LYS BA 536 51.09 35.40 -98.75
N LYS BA 537 50.66 34.89 -99.90
CA LYS BA 537 50.17 33.52 -99.97
C LYS BA 537 51.29 32.50 -99.85
N ARG BA 538 52.47 32.78 -100.40
CA ARG BA 538 53.57 31.82 -100.31
C ARG BA 538 54.10 31.74 -98.88
N ASP BA 539 54.20 32.88 -98.19
CA ASP BA 539 54.86 32.94 -96.89
C ASP BA 539 53.90 32.80 -95.70
N ASN BA 540 52.64 32.48 -95.94
CA ASN BA 540 51.69 32.06 -94.91
C ASN BA 540 51.39 33.17 -93.89
N GLU BA 541 50.88 34.28 -94.39
CA GLU BA 541 50.23 35.29 -93.55
C GLU BA 541 48.79 35.60 -93.94
N ILE BA 542 48.34 35.18 -95.10
CA ILE BA 542 46.95 35.26 -95.52
C ILE BA 542 46.52 33.88 -95.97
N GLN BA 543 45.24 33.55 -95.77
CA GLN BA 543 44.77 32.21 -96.14
C GLN BA 543 44.75 32.05 -97.65
N ASP BA 544 44.23 33.05 -98.35
CA ASP BA 544 44.15 33.03 -99.81
C ASP BA 544 43.80 34.45 -100.25
N PHE BA 545 43.92 34.69 -101.54
CA PHE BA 545 43.33 35.88 -102.15
C PHE BA 545 42.77 35.54 -103.52
N PRO BA 546 41.49 35.87 -103.83
CA PRO BA 546 41.00 35.61 -105.18
C PRO BA 546 41.57 36.66 -106.13
N ALA BA 547 42.70 36.32 -106.78
CA ALA BA 547 43.43 37.28 -107.61
C ALA BA 547 42.54 37.94 -108.65
N GLU BA 548 41.54 37.22 -109.18
CA GLU BA 548 40.62 37.81 -110.14
C GLU BA 548 39.85 38.99 -109.57
N ASP BA 549 39.65 39.06 -108.25
CA ASP BA 549 38.91 40.17 -107.69
C ASP BA 549 39.61 41.51 -107.82
N VAL BA 550 40.93 41.55 -108.04
CA VAL BA 550 41.61 42.84 -107.93
C VAL BA 550 41.17 43.75 -109.07
N GLN BA 551 40.56 44.89 -108.75
CA GLN BA 551 40.07 45.85 -109.74
C GLN BA 551 40.84 47.16 -109.56
N VAL BA 552 41.38 47.69 -110.67
CA VAL BA 552 42.30 48.83 -110.68
C VAL BA 552 41.81 49.87 -111.67
N ILE BA 553 41.87 51.14 -111.27
CA ILE BA 553 41.56 52.29 -112.12
C ILE BA 553 42.64 53.35 -111.92
N VAL BA 554 42.94 54.09 -113.00
CA VAL BA 554 43.91 55.19 -113.00
C VAL BA 554 43.24 56.43 -113.58
N GLU BA 555 43.52 57.58 -112.97
CA GLU BA 555 42.87 58.85 -113.21
C GLU BA 555 43.93 59.94 -113.40
N GLY BA 556 44.98 59.63 -114.17
CA GLY BA 556 46.05 60.58 -114.45
C GLY BA 556 47.19 60.47 -113.43
N ASN BA 557 47.37 61.50 -112.61
CA ASN BA 557 48.40 61.50 -111.59
C ASN BA 557 47.95 60.82 -110.27
N GLU BA 558 46.94 59.95 -110.32
CA GLU BA 558 46.41 59.21 -109.17
C GLU BA 558 45.87 57.88 -109.68
N ALA BA 559 45.89 56.86 -108.81
CA ALA BA 559 45.25 55.58 -109.13
C ALA BA 559 44.56 55.00 -107.90
N ARG BA 560 43.69 54.01 -108.12
CA ARG BA 560 42.86 53.43 -107.06
C ARG BA 560 42.63 51.94 -107.29
N ILE BA 561 42.53 51.17 -106.20
CA ILE BA 561 42.46 49.71 -106.25
C ILE BA 561 41.35 49.19 -105.32
N SER BA 562 40.73 48.07 -105.69
CA SER BA 562 39.91 47.26 -104.80
C SER BA 562 40.36 45.81 -104.87
N MET BA 563 40.30 45.12 -103.73
CA MET BA 563 40.81 43.75 -103.60
C MET BA 563 40.06 43.02 -102.49
N THR BA 564 40.24 41.70 -102.46
CA THR BA 564 39.71 40.82 -101.42
C THR BA 564 40.82 39.92 -100.88
N VAL BA 565 40.79 39.69 -99.57
CA VAL BA 565 41.75 38.82 -98.88
C VAL BA 565 40.97 38.03 -97.83
N TYR BA 566 41.32 36.75 -97.67
CA TYR BA 566 40.72 35.91 -96.64
C TYR BA 566 41.67 35.89 -95.44
N PRO BA 567 41.36 36.56 -94.32
CA PRO BA 567 42.34 36.69 -93.24
C PRO BA 567 42.61 35.40 -92.49
N ILE BA 568 43.81 35.31 -91.91
CA ILE BA 568 44.13 34.26 -90.94
C ILE BA 568 43.58 34.68 -89.58
N ARG BA 569 43.06 33.69 -88.85
CA ARG BA 569 42.48 33.93 -87.54
C ARG BA 569 42.82 32.72 -86.67
N SER BA 570 42.58 32.85 -85.36
CA SER BA 570 42.53 31.67 -84.54
C SER BA 570 41.19 30.97 -84.75
N PHE BA 571 41.14 29.69 -84.44
CA PHE BA 571 39.86 29.06 -84.22
C PHE BA 571 39.24 29.64 -82.96
N LYS BA 572 37.89 29.69 -82.92
CA LYS BA 572 37.18 30.10 -81.71
C LYS BA 572 35.97 29.24 -81.36
N LYS BA 573 35.29 28.61 -82.33
CA LYS BA 573 34.29 27.59 -82.06
C LYS BA 573 34.74 26.30 -82.74
N ILE BA 574 34.79 25.20 -81.97
CA ILE BA 574 34.99 23.86 -82.52
C ILE BA 574 33.69 23.08 -82.32
N SER BA 575 33.10 22.63 -83.42
CA SER BA 575 31.86 21.85 -83.39
C SER BA 575 32.11 20.48 -84.01
N VAL BA 576 31.78 19.44 -83.27
CA VAL BA 576 31.90 18.04 -83.68
C VAL BA 576 30.50 17.46 -83.73
N SER BA 577 30.18 16.74 -84.81
CA SER BA 577 28.98 15.92 -84.88
C SER BA 577 29.39 14.46 -84.92
N LEU BA 578 28.76 13.66 -84.06
CA LEU BA 578 29.17 12.29 -83.74
C LEU BA 578 28.00 11.35 -84.03
N VAL BA 579 28.19 10.42 -84.97
CA VAL BA 579 27.11 9.64 -85.57
C VAL BA 579 27.40 8.13 -85.47
N TYR BA 580 26.33 7.34 -85.34
CA TYR BA 580 26.36 5.89 -85.06
C TYR BA 580 26.05 5.03 -86.29
N LYS BA 581 26.37 3.73 -86.17
CA LYS BA 581 26.35 2.76 -87.27
C LYS BA 581 25.81 1.40 -86.82
N GLN BA 582 25.51 0.57 -87.82
CA GLN BA 582 24.93 -0.79 -87.71
C GLN BA 582 23.89 -0.92 -86.59
N ALA CA 2 43.83 25.49 -163.21
CA ALA CA 2 43.22 26.81 -163.33
C ALA CA 2 42.35 27.15 -162.15
N SER CA 3 41.05 26.88 -162.23
CA SER CA 3 40.13 27.24 -161.19
C SER CA 3 40.08 26.25 -160.01
N GLU CA 4 39.64 26.82 -158.93
CA GLU CA 4 39.39 26.27 -157.59
C GLU CA 4 38.69 24.91 -157.64
N ALA CA 5 37.55 24.82 -158.32
CA ALA CA 5 36.82 23.56 -158.34
C ALA CA 5 37.50 22.50 -159.20
N LYS CA 6 38.40 22.89 -160.10
CA LYS CA 6 38.90 21.99 -161.13
C LYS CA 6 40.37 21.56 -160.95
N GLN CA 7 41.15 22.23 -160.09
CA GLN CA 7 42.45 21.69 -159.73
C GLN CA 7 42.28 20.35 -159.02
N THR CA 8 43.38 19.55 -158.94
CA THR CA 8 43.34 18.34 -158.13
C THR CA 8 44.58 18.20 -157.24
N VAL CA 9 45.04 19.31 -156.66
CA VAL CA 9 46.02 19.33 -155.57
C VAL CA 9 45.62 20.45 -154.62
N HIS CA 10 45.80 20.23 -153.32
CA HIS CA 10 45.54 21.23 -152.29
C HIS CA 10 46.68 22.24 -152.22
N THR CA 11 46.38 23.45 -152.65
CA THR CA 11 47.18 24.64 -152.40
C THR CA 11 46.84 25.20 -151.03
N GLY CA 12 47.77 25.89 -150.38
CA GLY CA 12 47.49 26.51 -149.08
C GLY CA 12 46.27 27.42 -149.08
N ASN CA 13 45.87 27.91 -150.25
CA ASN CA 13 44.65 28.69 -150.41
C ASN CA 13 43.39 27.90 -150.01
N THR CA 14 43.26 26.63 -150.39
CA THR CA 14 41.98 25.94 -150.30
C THR CA 14 41.80 25.14 -149.00
N VAL CA 15 42.61 25.38 -147.98
CA VAL CA 15 42.54 24.66 -146.71
C VAL CA 15 42.28 25.66 -145.59
N LEU CA 16 41.22 25.42 -144.83
CA LEU CA 16 41.00 26.06 -143.54
C LEU CA 16 41.53 25.16 -142.42
N LEU CA 17 41.97 25.81 -141.36
CA LEU CA 17 42.40 25.18 -140.12
C LEU CA 17 41.44 25.59 -139.02
N MET CA 18 40.79 24.62 -138.39
CA MET CA 18 39.77 24.85 -137.38
C MET CA 18 40.13 24.15 -136.09
N ILE CA 19 39.72 24.76 -134.97
CA ILE CA 19 40.14 24.34 -133.63
C ILE CA 19 39.12 24.85 -132.60
N LYS CA 20 38.65 23.96 -131.73
CA LYS CA 20 37.55 24.20 -130.80
C LYS CA 20 36.35 24.79 -131.54
N GLY CA 21 36.06 24.20 -132.70
CA GLY CA 21 34.90 24.58 -133.50
C GLY CA 21 34.90 26.02 -133.96
N LYS CA 22 36.05 26.57 -134.32
CA LYS CA 22 36.20 27.97 -134.71
C LYS CA 22 37.36 28.09 -135.69
N PRO CA 23 37.23 28.91 -136.75
CA PRO CA 23 38.37 29.08 -137.67
C PRO CA 23 39.45 29.97 -137.07
N VAL CA 24 40.71 29.76 -137.49
CA VAL CA 24 41.86 30.50 -136.98
C VAL CA 24 42.23 31.60 -137.96
N GLY CA 25 42.48 32.79 -137.42
CA GLY CA 25 43.06 33.87 -138.20
C GLY CA 25 44.57 33.90 -138.12
N ARG CA 26 45.20 34.03 -139.29
CA ARG CA 26 46.63 34.29 -139.45
C ARG CA 26 47.46 33.13 -138.92
N ALA CA 27 46.99 31.91 -139.12
CA ALA CA 27 47.84 30.74 -138.96
C ALA CA 27 48.77 30.59 -140.16
N GLN CA 28 49.89 29.90 -139.95
CA GLN CA 28 50.95 29.79 -140.94
C GLN CA 28 51.21 28.34 -141.36
N SER CA 29 51.71 27.48 -140.46
CA SER CA 29 51.96 26.08 -140.78
C SER CA 29 51.17 25.20 -139.84
N ALA CA 30 50.88 23.98 -140.29
CA ALA CA 30 50.08 23.00 -139.60
C ALA CA 30 50.64 21.62 -139.96
N SER CA 31 51.85 21.36 -139.45
CA SER CA 31 52.58 20.12 -139.75
C SER CA 31 52.14 19.02 -138.79
N GLY CA 32 51.72 17.88 -139.35
CA GLY CA 32 51.28 16.73 -138.59
C GLY CA 32 52.12 15.49 -138.84
N GLN CA 33 52.86 15.06 -137.82
CA GLN CA 33 53.84 13.99 -137.93
C GLN CA 33 53.41 12.79 -137.09
N ARG CA 34 53.68 11.59 -137.59
CA ARG CA 34 53.29 10.33 -136.95
C ARG CA 34 54.43 9.33 -137.02
N GLU CA 35 54.58 8.57 -135.94
CA GLU CA 35 55.52 7.46 -135.84
C GLU CA 35 54.82 6.28 -135.15
N TYR CA 36 54.71 5.15 -135.86
CA TYR CA 36 54.13 3.93 -135.30
C TYR CA 36 55.19 2.99 -134.77
N GLY CA 37 56.31 3.53 -134.30
CA GLY CA 37 57.44 2.81 -133.76
C GLY CA 37 57.79 1.47 -134.39
N THR CA 38 57.62 1.34 -135.71
CA THR CA 38 57.70 0.04 -136.36
C THR CA 38 59.13 -0.46 -136.31
N THR CA 39 59.32 -1.70 -135.86
CA THR CA 39 60.67 -2.26 -135.84
C THR CA 39 60.52 -3.79 -135.88
N GLY CA 40 60.75 -4.37 -137.06
CA GLY CA 40 60.41 -5.76 -137.26
C GLY CA 40 61.32 -6.69 -136.47
N VAL CA 41 60.83 -7.89 -136.21
CA VAL CA 41 61.55 -8.84 -135.37
C VAL CA 41 62.72 -9.41 -136.16
N TYR CA 42 63.94 -9.16 -135.67
CA TYR CA 42 65.09 -9.94 -136.14
C TYR CA 42 65.15 -11.26 -135.36
N GLU CA 43 65.90 -12.20 -135.92
CA GLU CA 43 65.73 -13.63 -135.64
C GLU CA 43 67.03 -14.37 -135.97
N ILE CA 44 67.63 -15.02 -134.96
CA ILE CA 44 68.91 -15.68 -135.18
C ILE CA 44 68.72 -16.86 -136.12
N GLY CA 45 69.61 -16.99 -137.11
CA GLY CA 45 69.44 -17.92 -138.21
C GLY CA 45 69.07 -17.26 -139.51
N SER CA 46 68.68 -15.98 -139.51
CA SER CA 46 68.56 -15.30 -140.79
C SER CA 46 68.91 -13.82 -140.69
N ILE CA 47 69.31 -13.28 -141.85
CA ILE CA 47 69.79 -11.90 -141.95
C ILE CA 47 68.69 -10.85 -141.93
N MET CA 48 67.45 -11.20 -142.25
CA MET CA 48 66.40 -10.26 -142.61
C MET CA 48 65.19 -10.35 -141.67
N PRO CA 49 64.43 -9.26 -141.52
CA PRO CA 49 63.32 -9.25 -140.55
C PRO CA 49 62.15 -10.09 -141.04
N GLN CA 50 61.54 -10.83 -140.11
CA GLN CA 50 60.50 -11.79 -140.51
C GLN CA 50 59.18 -11.10 -140.81
N GLU CA 51 58.81 -10.10 -140.01
CA GLU CA 51 57.62 -9.29 -140.25
C GLU CA 51 57.79 -7.99 -139.49
N HIS CA 52 57.23 -6.92 -140.07
CA HIS CA 52 57.35 -5.60 -139.47
C HIS CA 52 56.14 -5.31 -138.59
N VAL CA 53 56.39 -4.93 -137.34
CA VAL CA 53 55.36 -4.91 -136.31
C VAL CA 53 55.47 -3.61 -135.50
N TYR CA 54 54.33 -3.18 -134.98
CA TYR CA 54 54.17 -1.84 -134.41
C TYR CA 54 54.32 -1.88 -132.90
N LEU CA 55 55.11 -0.93 -132.36
CA LEU CA 55 55.55 -0.93 -130.97
C LEU CA 55 55.08 0.25 -130.13
N ARG CA 56 54.73 1.40 -130.72
CA ARG CA 56 54.06 2.48 -129.99
C ARG CA 56 53.61 3.61 -130.91
N TYR CA 57 52.32 3.92 -130.90
CA TYR CA 57 51.82 5.09 -131.62
C TYR CA 57 52.40 6.38 -131.04
N GLU CA 58 52.67 7.34 -131.92
CA GLU CA 58 53.12 8.69 -131.59
C GLU CA 58 52.58 9.67 -132.61
N GLY CA 59 51.87 10.69 -132.12
CA GLY CA 59 51.25 11.71 -132.95
C GLY CA 59 51.50 13.13 -132.46
N THR CA 60 52.13 13.95 -133.32
CA THR CA 60 52.43 15.35 -133.06
C THR CA 60 51.86 16.21 -134.17
N ILE CA 61 51.19 17.30 -133.80
CA ILE CA 61 50.71 18.32 -134.73
C ILE CA 61 51.26 19.66 -134.25
N THR CA 62 52.02 20.35 -135.10
CA THR CA 62 52.58 21.66 -134.79
C THR CA 62 51.82 22.73 -135.57
N VAL CA 63 51.43 23.80 -134.86
CA VAL CA 63 50.76 24.94 -135.45
C VAL CA 63 51.57 26.17 -135.10
N GLU CA 64 51.82 27.02 -136.10
CA GLU CA 64 52.56 28.27 -135.99
C GLU CA 64 51.66 29.38 -136.55
N ARG CA 65 51.67 30.50 -135.84
CA ARG CA 65 50.75 31.62 -135.99
C ARG CA 65 51.37 32.97 -135.65
N LEU CA 66 50.99 34.00 -136.42
CA LEU CA 66 51.38 35.37 -136.15
C LEU CA 66 50.58 35.81 -134.93
N ARG CA 67 51.19 36.51 -133.98
CA ARG CA 67 50.46 36.80 -132.73
C ARG CA 67 49.42 37.88 -133.00
N MET CA 68 48.14 37.51 -132.92
CA MET CA 68 47.11 38.52 -133.07
C MET CA 68 46.86 39.27 -131.75
N LYS CA 69 46.38 40.51 -131.90
CA LYS CA 69 46.23 41.43 -130.78
C LYS CA 69 45.22 40.90 -129.77
N LYS CA 70 44.15 40.24 -130.26
CA LYS CA 70 43.19 39.54 -129.44
C LYS CA 70 43.05 38.14 -130.02
N GLU CA 71 42.32 37.27 -129.33
CA GLU CA 71 42.08 35.87 -129.73
C GLU CA 71 43.39 35.18 -130.15
N ASN CA 72 44.42 35.40 -129.35
CA ASN CA 72 45.61 34.57 -129.38
C ASN CA 72 45.29 33.21 -128.74
N PHE CA 73 46.21 32.24 -128.85
CA PHE CA 73 45.91 30.91 -128.35
C PHE CA 73 45.77 30.84 -126.82
N ALA CA 74 46.16 31.88 -126.07
CA ALA CA 74 45.76 31.98 -124.66
C ALA CA 74 44.33 32.49 -124.50
N ASP CA 75 43.92 33.46 -125.32
CA ASP CA 75 42.57 33.98 -125.26
C ASP CA 75 41.57 32.97 -125.77
N LEU CA 76 41.89 32.25 -126.84
CA LEU CA 76 41.04 31.16 -127.25
C LEU CA 76 41.12 29.97 -126.30
N GLY CA 77 41.98 30.02 -125.28
CA GLY CA 77 41.98 29.09 -124.17
C GLY CA 77 42.86 27.87 -124.34
N TYR CA 78 43.48 27.69 -125.50
CA TYR CA 78 44.24 26.48 -125.78
C TYR CA 78 45.53 26.43 -124.97
N ALA CA 79 46.37 27.45 -125.13
CA ALA CA 79 47.63 27.59 -124.44
C ALA CA 79 47.40 28.16 -123.03
N SER CA 80 48.39 27.99 -122.16
CA SER CA 80 48.31 28.59 -120.85
C SER CA 80 49.68 28.62 -120.17
N LEU CA 81 49.75 29.44 -119.13
CA LEU CA 81 50.98 29.78 -118.43
C LEU CA 81 50.87 29.33 -116.97
N GLY CA 82 51.92 28.67 -116.47
CA GLY CA 82 52.00 28.13 -115.12
C GLY CA 82 51.09 26.93 -114.84
N GLU CA 83 50.82 26.73 -113.54
CA GLU CA 83 50.02 25.60 -113.06
C GLU CA 83 48.65 25.49 -113.73
N GLU CA 84 48.12 26.59 -114.25
CA GLU CA 84 46.74 26.66 -114.76
C GLU CA 84 46.43 25.61 -115.82
N ILE CA 85 47.46 25.00 -116.40
CA ILE CA 85 47.31 23.97 -117.42
C ILE CA 85 46.56 22.77 -116.90
N LEU CA 86 46.77 22.43 -115.63
CA LEU CA 86 46.06 21.30 -115.08
C LEU CA 86 44.54 21.50 -115.17
N LYS CA 87 44.08 22.75 -115.16
CA LYS CA 87 42.65 22.99 -115.34
C LYS CA 87 42.19 22.78 -116.77
N LYS CA 88 43.10 22.63 -117.74
CA LYS CA 88 42.69 22.55 -119.13
C LYS CA 88 42.19 21.14 -119.47
N ASP CA 89 41.50 21.05 -120.62
CA ASP CA 89 40.90 19.83 -121.11
C ASP CA 89 41.35 19.55 -122.54
N ILE CA 90 40.94 18.37 -123.03
CA ILE CA 90 41.29 17.85 -124.34
C ILE CA 90 40.79 18.82 -125.42
N ILE CA 91 41.72 19.48 -126.12
CA ILE CA 91 41.42 20.37 -127.24
C ILE CA 91 41.20 19.52 -128.50
N ASP CA 92 40.55 20.12 -129.53
CA ASP CA 92 40.08 19.38 -130.69
C ASP CA 92 40.28 20.18 -131.98
N ILE CA 93 40.86 19.54 -133.03
CA ILE CA 93 41.42 20.24 -134.20
C ILE CA 93 40.97 19.56 -135.49
N LEU CA 94 40.70 20.37 -136.54
CA LEU CA 94 40.27 19.89 -137.86
C LEU CA 94 40.97 20.65 -139.00
N VAL CA 95 41.09 19.96 -140.15
CA VAL CA 95 41.62 20.49 -141.42
C VAL CA 95 40.51 20.35 -142.47
N VAL CA 96 40.13 21.46 -143.12
CA VAL CA 96 38.86 21.53 -143.87
C VAL CA 96 39.04 22.16 -145.25
N ASP CA 97 38.24 21.69 -146.23
CA ASP CA 97 38.11 22.23 -147.57
C ASP CA 97 37.53 23.64 -147.51
N ASN CA 98 38.32 24.67 -147.84
CA ASN CA 98 37.80 26.03 -147.79
C ASN CA 98 36.64 26.23 -148.77
N LEU CA 99 36.65 25.51 -149.90
CA LEU CA 99 35.66 25.71 -150.95
C LEU CA 99 34.30 25.10 -150.62
N THR CA 100 34.23 24.10 -149.72
CA THR CA 100 32.98 23.42 -149.40
C THR CA 100 32.75 23.19 -147.89
N LYS CA 101 33.70 23.55 -147.03
CA LYS CA 101 33.62 23.38 -145.57
C LYS CA 101 33.41 21.90 -145.18
N GLN CA 102 34.03 21.04 -145.94
CA GLN CA 102 34.11 19.57 -145.83
C GLN CA 102 35.42 19.15 -145.14
N VAL CA 103 35.29 18.31 -144.07
CA VAL CA 103 36.48 17.92 -143.31
C VAL CA 103 37.38 17.04 -144.18
N ILE CA 104 38.68 17.30 -144.11
CA ILE CA 104 39.71 16.43 -144.70
C ILE CA 104 40.16 15.44 -143.64
N ILE CA 105 40.57 15.94 -142.47
CA ILE CA 105 40.97 15.08 -141.35
C ILE CA 105 40.71 15.77 -140.02
N SER CA 106 40.55 14.95 -138.97
CA SER CA 106 40.39 15.40 -137.59
C SER CA 106 41.45 14.78 -136.70
N TYR CA 107 41.76 15.49 -135.60
CA TYR CA 107 42.65 15.06 -134.53
C TYR CA 107 41.85 15.01 -133.21
N HIS CA 108 41.34 13.83 -132.84
CA HIS CA 108 40.24 13.74 -131.88
C HIS CA 108 40.65 13.83 -130.40
N GLY CA 109 41.88 14.22 -130.09
CA GLY CA 109 42.22 14.54 -128.72
C GLY CA 109 43.66 14.97 -128.52
N CYS CA 110 43.86 16.23 -128.13
CA CYS CA 110 45.19 16.84 -128.08
C CYS CA 110 45.50 17.48 -126.73
N SER CA 111 46.78 17.73 -126.52
CA SER CA 111 47.33 18.49 -125.39
C SER CA 111 48.62 19.15 -125.82
N ALA CA 112 48.95 20.28 -125.18
CA ALA CA 112 50.13 21.06 -125.56
C ALA CA 112 51.41 20.41 -125.05
N ASN CA 113 52.47 20.44 -125.87
CA ASN CA 113 53.82 20.19 -125.37
C ASN CA 113 54.49 21.50 -124.98
N ASN CA 114 54.50 22.48 -125.89
CA ASN CA 114 55.20 23.73 -125.65
C ASN CA 114 54.56 24.88 -126.41
N TYR CA 115 54.89 26.11 -125.97
CA TYR CA 115 54.20 27.33 -126.40
C TYR CA 115 55.25 28.41 -126.73
N ASN CA 116 56.15 28.08 -127.66
CA ASN CA 116 57.28 28.94 -128.01
C ASN CA 116 56.82 30.27 -128.62
N GLU CA 117 57.49 31.36 -128.23
CA GLU CA 117 57.14 32.71 -128.68
C GLU CA 117 58.40 33.55 -128.97
N THR CA 118 58.31 34.45 -129.96
CA THR CA 118 59.42 35.33 -130.34
C THR CA 118 58.96 36.76 -130.61
N TRP CA 119 59.64 37.73 -129.98
CA TRP CA 119 59.58 39.14 -130.34
C TRP CA 119 60.96 39.48 -130.89
N GLN CA 120 61.01 40.22 -132.00
CA GLN CA 120 62.27 40.59 -132.64
C GLN CA 120 62.15 41.93 -133.37
N THR CA 121 63.30 42.59 -133.55
CA THR CA 121 63.35 43.97 -134.07
C THR CA 121 62.87 44.05 -135.52
N ASN CA 122 61.81 44.84 -135.73
CA ASN CA 122 61.23 45.08 -137.05
C ASN CA 122 60.64 43.81 -137.65
N GLU CA 123 60.19 42.88 -136.81
CA GLU CA 123 59.59 41.65 -137.26
C GLU CA 123 58.22 41.43 -136.60
N ILE CA 124 57.41 40.60 -137.23
CA ILE CA 124 56.09 40.26 -136.71
C ILE CA 124 56.24 39.17 -135.65
N VAL CA 125 55.51 39.33 -134.55
CA VAL CA 125 55.56 38.39 -133.43
C VAL CA 125 54.83 37.12 -133.82
N THR CA 126 55.21 35.98 -133.22
CA THR CA 126 54.55 34.72 -133.48
C THR CA 126 54.29 33.90 -132.22
N GLU CA 127 53.20 33.14 -132.26
CA GLU CA 127 52.99 31.97 -131.42
C GLU CA 127 53.42 30.72 -132.18
N GLU CA 128 53.88 29.74 -131.44
CA GLU CA 128 54.09 28.38 -131.90
C GLU CA 128 53.53 27.44 -130.84
N ILE CA 129 52.82 26.40 -131.29
CA ILE CA 129 52.38 25.32 -130.40
C ILE CA 129 52.71 23.99 -131.06
N GLU CA 130 53.30 23.10 -130.28
CA GLU CA 130 53.53 21.70 -130.64
C GLU CA 130 52.58 20.84 -129.80
N PHE CA 131 51.39 20.57 -130.33
CA PHE CA 131 50.45 19.69 -129.65
C PHE CA 131 50.86 18.23 -129.84
N SER CA 132 50.66 17.40 -128.82
CA SER CA 132 50.61 15.96 -128.97
C SER CA 132 49.16 15.53 -129.04
N TYR CA 133 48.89 14.39 -129.70
CA TYR CA 133 47.52 13.95 -129.85
C TYR CA 133 47.41 12.42 -129.84
N LEU CA 134 46.23 11.96 -129.40
CA LEU CA 134 45.95 10.52 -129.27
C LEU CA 134 45.73 9.87 -130.63
N THR CA 135 44.71 10.32 -131.38
CA THR CA 135 44.28 9.65 -132.59
C THR CA 135 43.90 10.69 -133.64
N ALA CA 136 43.93 10.27 -134.90
CA ALA CA 136 43.44 11.04 -136.04
C ALA CA 136 42.51 10.17 -136.88
N SER CA 137 41.44 10.77 -137.41
CA SER CA 137 40.47 10.02 -138.17
C SER CA 137 39.74 10.97 -139.10
N ASP CA 138 38.89 10.41 -139.96
CA ASP CA 138 38.18 11.20 -140.96
C ASP CA 138 36.99 10.42 -141.52
N LYS CA 139 35.94 11.16 -141.89
CA LYS CA 139 34.78 10.63 -142.59
C LYS CA 139 34.39 11.61 -143.68
N ALA CA 140 34.06 11.09 -144.86
CA ALA CA 140 33.68 11.90 -146.01
C ALA CA 140 34.75 12.92 -146.36
N ALA DA 2 47.08 48.59 -141.23
CA ALA DA 2 48.09 49.59 -141.66
C ALA DA 2 48.53 50.49 -140.49
N SER DA 3 47.56 51.18 -139.88
CA SER DA 3 47.84 52.06 -138.77
C SER DA 3 47.95 51.29 -137.46
N GLU DA 4 48.63 51.90 -136.49
CA GLU DA 4 48.77 51.31 -135.18
C GLU DA 4 47.42 51.13 -134.49
N ALA DA 5 46.52 52.11 -134.65
CA ALA DA 5 45.21 52.14 -134.03
C ALA DA 5 44.23 51.12 -134.61
N LYS DA 6 44.61 50.40 -135.67
CA LYS DA 6 43.70 49.47 -136.34
C LYS DA 6 44.32 48.13 -136.71
N GLN DA 7 45.63 47.95 -136.62
CA GLN DA 7 46.22 46.68 -137.02
C GLN DA 7 45.86 45.56 -136.05
N THR DA 8 45.80 44.35 -136.62
CA THR DA 8 45.36 43.14 -135.93
C THR DA 8 46.51 42.31 -135.35
N VAL DA 9 47.76 42.66 -135.64
CA VAL DA 9 48.91 41.82 -135.35
C VAL DA 9 49.90 42.60 -134.51
N HIS DA 10 50.61 41.90 -133.61
CA HIS DA 10 51.69 42.51 -132.85
C HIS DA 10 53.00 42.45 -133.64
N THR DA 11 53.81 43.48 -133.45
CA THR DA 11 55.04 43.73 -134.19
C THR DA 11 56.11 44.16 -133.21
N GLY DA 12 57.36 44.13 -133.68
CA GLY DA 12 58.47 44.63 -132.89
C GLY DA 12 58.33 46.09 -132.50
N ASN DA 13 57.67 46.90 -133.33
CA ASN DA 13 57.58 48.33 -133.04
C ASN DA 13 56.44 48.68 -132.07
N THR DA 14 55.46 47.80 -131.83
CA THR DA 14 54.35 48.11 -130.91
C THR DA 14 54.50 47.54 -129.50
N VAL DA 15 55.65 46.94 -129.16
CA VAL DA 15 55.82 46.27 -127.87
C VAL DA 15 56.99 46.91 -127.13
N LEU DA 16 56.86 47.00 -125.81
CA LEU DA 16 57.94 47.40 -124.91
C LEU DA 16 58.19 46.28 -123.91
N LEU DA 17 59.47 46.08 -123.60
CA LEU DA 17 59.93 45.08 -122.65
C LEU DA 17 60.34 45.76 -121.36
N MET DA 18 59.60 45.53 -120.28
CA MET DA 18 59.79 46.22 -119.02
C MET DA 18 60.37 45.26 -117.97
N ILE DA 19 61.52 45.66 -117.42
CA ILE DA 19 62.25 44.93 -116.39
C ILE DA 19 62.36 45.84 -115.17
N LYS DA 20 61.91 45.34 -114.02
CA LYS DA 20 61.95 46.04 -112.74
C LYS DA 20 61.43 47.48 -112.85
N GLY DA 21 60.36 47.67 -113.63
CA GLY DA 21 59.67 48.93 -113.75
C GLY DA 21 60.23 49.91 -114.77
N LYS DA 22 61.29 49.53 -115.51
CA LYS DA 22 61.92 50.38 -116.52
C LYS DA 22 61.84 49.73 -117.90
N PRO DA 23 61.81 50.50 -119.00
CA PRO DA 23 61.87 49.87 -120.33
C PRO DA 23 63.30 49.45 -120.67
N VAL DA 24 63.43 48.26 -121.28
CA VAL DA 24 64.73 47.83 -121.80
C VAL DA 24 65.04 48.63 -123.05
N GLY DA 25 66.28 49.13 -123.12
CA GLY DA 25 66.72 49.90 -124.26
C GLY DA 25 67.53 49.06 -125.22
N ARG DA 26 67.18 49.13 -126.50
CA ARG DA 26 68.04 48.65 -127.58
C ARG DA 26 68.27 47.14 -127.54
N ALA DA 27 67.23 46.42 -127.12
CA ALA DA 27 67.12 44.98 -127.34
C ALA DA 27 67.02 44.69 -128.83
N GLN DA 28 67.30 43.42 -129.18
CA GLN DA 28 67.17 42.92 -130.55
C GLN DA 28 66.13 41.83 -130.67
N SER DA 29 66.11 40.86 -129.75
CA SER DA 29 65.02 39.90 -129.69
C SER DA 29 64.87 39.35 -128.29
N ALA DA 30 63.63 38.98 -127.98
CA ALA DA 30 63.27 38.23 -126.79
C ALA DA 30 62.46 37.01 -127.21
N SER DA 31 62.83 35.83 -126.72
CA SER DA 31 62.13 34.61 -127.10
C SER DA 31 61.97 33.75 -125.86
N GLY DA 32 60.79 33.15 -125.73
CA GLY DA 32 60.41 32.37 -124.57
C GLY DA 32 59.89 31.00 -124.94
N GLN DA 33 60.50 29.97 -124.35
CA GLN DA 33 60.03 28.60 -124.47
C GLN DA 33 59.48 28.14 -123.14
N ARG DA 34 58.28 27.57 -123.18
CA ARG DA 34 57.63 26.94 -122.05
C ARG DA 34 57.21 25.56 -122.52
N GLU DA 35 57.76 24.53 -121.88
CA GLU DA 35 57.46 23.14 -122.20
C GLU DA 35 57.03 22.44 -120.92
N TYR DA 36 55.92 21.73 -121.00
CA TYR DA 36 55.32 21.03 -119.88
C TYR DA 36 55.85 19.63 -119.71
N GLY DA 37 56.76 19.20 -120.57
CA GLY DA 37 57.22 17.84 -120.56
C GLY DA 37 56.12 16.83 -120.86
N THR DA 38 55.04 17.26 -121.51
CA THR DA 38 53.86 16.43 -121.75
C THR DA 38 54.21 15.08 -122.36
N THR DA 39 53.66 14.01 -121.78
CA THR DA 39 53.98 12.65 -122.16
C THR DA 39 52.71 11.79 -122.11
N GLY DA 40 52.58 10.87 -123.08
CA GLY DA 40 51.43 9.98 -123.09
C GLY DA 40 51.65 8.75 -122.21
N VAL DA 41 50.55 8.20 -121.69
CA VAL DA 41 50.58 7.02 -120.83
C VAL DA 41 50.18 5.82 -121.69
N TYR DA 42 51.12 4.90 -121.94
CA TYR DA 42 50.85 3.70 -122.72
C TYR DA 42 50.53 2.51 -121.83
N GLU DA 43 50.28 1.37 -122.48
CA GLU DA 43 49.52 0.27 -121.92
C GLU DA 43 49.87 -1.02 -122.65
N ILE DA 44 49.96 -2.13 -121.92
CA ILE DA 44 50.09 -3.43 -122.57
C ILE DA 44 48.78 -3.74 -123.30
N GLY DA 45 48.88 -4.42 -124.43
CA GLY DA 45 47.73 -4.86 -125.19
C GLY DA 45 47.18 -3.84 -126.17
N SER DA 46 47.35 -2.55 -125.91
CA SER DA 46 46.92 -1.50 -126.83
C SER DA 46 48.10 -0.61 -127.16
N ILE DA 47 48.29 -0.35 -128.45
CA ILE DA 47 49.50 0.30 -128.92
C ILE DA 47 49.47 1.81 -128.69
N MET DA 48 48.29 2.41 -128.54
CA MET DA 48 48.21 3.87 -128.48
C MET DA 48 48.02 4.37 -127.05
N PRO DA 49 48.51 5.56 -126.72
CA PRO DA 49 48.37 6.07 -125.35
C PRO DA 49 46.95 6.56 -125.09
N GLN DA 50 46.53 6.44 -123.82
CA GLN DA 50 45.13 6.69 -123.47
C GLN DA 50 44.88 8.04 -122.78
N GLU DA 51 45.93 8.74 -122.34
CA GLU DA 51 45.85 10.14 -121.98
C GLU DA 51 47.26 10.69 -122.03
N HIS DA 52 47.38 12.02 -121.97
CA HIS DA 52 48.65 12.67 -121.68
C HIS DA 52 48.65 13.13 -120.22
N VAL DA 53 49.86 13.29 -119.68
CA VAL DA 53 50.06 13.89 -118.38
C VAL DA 53 51.24 14.86 -118.50
N TYR DA 54 51.34 15.76 -117.54
CA TYR DA 54 52.32 16.85 -117.54
C TYR DA 54 53.34 16.63 -116.43
N LEU DA 55 54.63 16.82 -116.77
CA LEU DA 55 55.73 16.51 -115.86
C LEU DA 55 56.31 17.74 -115.17
N ARG DA 56 57.14 18.55 -115.84
CA ARG DA 56 57.87 19.65 -115.21
C ARG DA 56 57.68 20.93 -116.01
N TYR DA 57 57.40 22.04 -115.30
CA TYR DA 57 57.22 23.33 -115.97
C TYR DA 57 58.60 23.89 -116.34
N GLU DA 58 59.09 23.46 -117.49
CA GLU DA 58 60.37 23.93 -118.04
C GLU DA 58 60.15 25.25 -118.76
N GLY DA 59 60.32 26.36 -118.02
CA GLY DA 59 60.02 27.70 -118.50
C GLY DA 59 61.21 28.65 -118.61
N THR DA 60 61.43 29.23 -119.79
CA THR DA 60 62.63 30.01 -120.09
C THR DA 60 62.31 31.22 -120.95
N ILE DA 61 63.09 32.30 -120.79
CA ILE DA 61 63.10 33.44 -121.72
C ILE DA 61 64.54 33.86 -121.94
N THR DA 62 64.89 34.11 -123.21
CA THR DA 62 66.19 34.64 -123.60
C THR DA 62 66.01 36.10 -124.00
N VAL DA 63 66.97 36.94 -123.64
CA VAL DA 63 66.99 38.35 -124.02
C VAL DA 63 68.32 38.61 -124.72
N GLU DA 64 68.27 39.15 -125.94
CA GLU DA 64 69.45 39.53 -126.69
C GLU DA 64 69.42 41.05 -126.90
N ARG DA 65 70.54 41.72 -126.65
CA ARG DA 65 70.56 43.16 -126.56
C ARG DA 65 71.89 43.71 -127.03
N LEU DA 66 71.85 44.93 -127.58
CA LEU DA 66 73.07 45.65 -127.95
C LEU DA 66 73.55 46.44 -126.74
N ARG DA 67 74.87 46.44 -126.53
CA ARG DA 67 75.39 46.91 -125.25
C ARG DA 67 75.26 48.42 -125.17
N MET DA 68 74.44 48.89 -124.24
CA MET DA 68 74.38 50.32 -123.95
C MET DA 68 75.73 50.76 -123.40
N LYS DA 69 76.13 52.00 -123.73
CA LYS DA 69 77.47 52.46 -123.37
C LYS DA 69 77.71 52.36 -121.88
N LYS DA 70 76.69 52.66 -121.08
CA LYS DA 70 76.66 52.29 -119.67
C LYS DA 70 75.27 51.78 -119.35
N GLU DA 71 74.95 51.56 -118.07
CA GLU DA 71 73.66 51.03 -117.59
C GLU DA 71 73.24 49.76 -118.33
N ASN DA 72 74.20 48.89 -118.64
CA ASN DA 72 73.83 47.58 -119.15
C ASN DA 72 73.29 46.73 -117.99
N PHE DA 73 72.97 45.46 -118.28
CA PHE DA 73 72.37 44.59 -117.27
C PHE DA 73 73.25 44.50 -116.03
N ALA DA 74 74.53 44.13 -116.20
CA ALA DA 74 75.42 43.98 -115.05
C ALA DA 74 75.61 45.29 -114.32
N ASP DA 75 75.91 46.36 -115.05
CA ASP DA 75 76.13 47.68 -114.43
C ASP DA 75 74.91 48.14 -113.66
N LEU DA 76 73.73 48.07 -114.30
CA LEU DA 76 72.53 48.59 -113.65
C LEU DA 76 71.99 47.66 -112.56
N GLY DA 77 72.42 46.40 -112.53
CA GLY DA 77 72.12 45.52 -111.42
C GLY DA 77 71.05 44.48 -111.68
N TYR DA 78 71.12 43.80 -112.83
CA TYR DA 78 70.32 42.61 -113.09
C TYR DA 78 71.21 41.40 -113.36
N ALA DA 79 72.12 41.47 -114.33
CA ALA DA 79 73.10 40.41 -114.47
C ALA DA 79 74.14 40.50 -113.35
N SER DA 80 75.00 39.49 -113.28
CA SER DA 80 75.97 39.41 -112.20
C SER DA 80 77.19 38.62 -112.63
N LEU DA 81 78.24 38.70 -111.80
CA LEU DA 81 79.51 38.05 -112.10
C LEU DA 81 80.08 37.46 -110.80
N GLY DA 82 80.59 36.24 -110.86
CA GLY DA 82 81.20 35.65 -109.67
C GLY DA 82 80.17 35.35 -108.59
N GLU DA 83 80.57 35.54 -107.32
CA GLU DA 83 79.65 35.39 -106.20
C GLU DA 83 78.73 36.61 -106.03
N GLU DA 84 78.57 37.45 -107.05
CA GLU DA 84 77.48 38.42 -107.06
C GLU DA 84 76.14 37.77 -107.35
N ILE DA 85 76.15 36.67 -108.13
CA ILE DA 85 74.96 35.90 -108.49
C ILE DA 85 74.16 35.62 -107.23
N LEU DA 86 74.90 35.27 -106.19
CA LEU DA 86 74.39 35.10 -104.87
C LEU DA 86 73.37 36.15 -104.42
N LYS DA 87 73.81 37.40 -104.41
CA LYS DA 87 73.06 38.47 -103.76
C LYS DA 87 71.85 38.93 -104.58
N LYS DA 88 71.88 38.72 -105.90
CA LYS DA 88 70.85 39.23 -106.81
C LYS DA 88 69.55 38.47 -106.60
N ASP DA 89 68.65 39.01 -105.78
CA ASP DA 89 67.38 38.35 -105.49
C ASP DA 89 66.52 38.29 -106.75
N ILE DA 90 65.34 37.68 -106.60
CA ILE DA 90 64.44 37.41 -107.73
C ILE DA 90 64.09 38.73 -108.44
N ILE DA 91 64.00 38.68 -109.78
CA ILE DA 91 63.69 39.82 -110.65
C ILE DA 91 62.42 39.49 -111.43
N ASP DA 92 61.63 40.54 -111.74
CA ASP DA 92 60.37 40.42 -112.47
C ASP DA 92 60.46 41.12 -113.83
N ILE DA 93 59.86 40.51 -114.85
CA ILE DA 93 59.84 41.03 -116.22
C ILE DA 93 58.41 41.01 -116.76
N LEU DA 94 58.08 42.02 -117.57
CA LEU DA 94 56.77 42.24 -118.18
C LEU DA 94 56.96 42.58 -119.66
N VAL DA 95 56.03 42.12 -120.49
CA VAL DA 95 55.92 42.48 -121.91
C VAL DA 95 54.66 43.31 -122.09
N VAL DA 96 54.83 44.50 -122.67
CA VAL DA 96 53.92 45.62 -122.50
C VAL DA 96 53.49 46.15 -123.87
N ASP DA 97 52.19 46.43 -124.01
CA ASP DA 97 51.58 46.98 -125.21
C ASP DA 97 51.77 48.49 -125.27
N ASN DA 98 52.48 48.96 -126.30
CA ASN DA 98 53.12 50.28 -126.31
C ASN DA 98 52.16 51.42 -125.95
N LEU DA 99 51.07 51.59 -126.69
CA LEU DA 99 50.23 52.78 -126.51
C LEU DA 99 49.65 52.83 -125.09
N THR DA 100 48.92 51.79 -124.70
CA THR DA 100 48.21 51.80 -123.42
C THR DA 100 49.07 51.33 -122.24
N LYS DA 101 50.21 50.70 -122.52
CA LYS DA 101 50.98 49.91 -121.55
C LYS DA 101 50.09 48.99 -120.74
N GLN DA 102 49.14 48.36 -121.42
CA GLN DA 102 48.44 47.19 -120.89
C GLN DA 102 49.40 46.00 -120.87
N VAL DA 103 49.24 45.09 -119.92
CA VAL DA 103 50.09 43.90 -119.90
C VAL DA 103 49.74 43.02 -121.10
N ILE DA 104 50.77 42.46 -121.76
CA ILE DA 104 50.57 41.40 -122.75
C ILE DA 104 50.78 40.07 -122.02
N ILE DA 105 51.94 39.89 -121.40
CA ILE DA 105 52.20 38.76 -120.51
C ILE DA 105 53.23 39.19 -119.48
N SER DA 106 53.37 38.43 -118.40
CA SER DA 106 54.32 38.72 -117.34
C SER DA 106 54.97 37.43 -116.82
N TYR DA 107 56.13 37.60 -116.21
CA TYR DA 107 56.96 36.52 -115.68
C TYR DA 107 57.21 36.76 -114.19
N HIS DA 108 56.39 36.16 -113.31
CA HIS DA 108 56.66 36.20 -111.88
C HIS DA 108 57.98 35.51 -111.58
N GLY DA 109 58.98 36.30 -111.20
CA GLY DA 109 60.23 35.82 -110.68
C GLY DA 109 61.17 35.06 -111.59
N CYS DA 110 61.92 35.80 -112.40
CA CYS DA 110 62.94 35.21 -113.25
C CYS DA 110 64.21 34.88 -112.45
N SER DA 111 65.12 34.17 -113.11
CA SER DA 111 66.42 33.82 -112.53
C SER DA 111 67.38 33.50 -113.66
N ALA DA 112 68.62 33.98 -113.55
CA ALA DA 112 69.60 33.82 -114.62
C ALA DA 112 70.09 32.39 -114.76
N ASN DA 113 70.35 32.01 -116.03
CA ASN DA 113 70.99 30.77 -116.41
C ASN DA 113 72.37 31.03 -116.97
N ASN DA 114 72.47 31.77 -118.09
CA ASN DA 114 73.75 32.02 -118.73
C ASN DA 114 73.78 33.45 -119.24
N TYR DA 115 74.98 34.02 -119.28
CA TYR DA 115 75.20 35.42 -119.66
C TYR DA 115 76.37 35.45 -120.62
N ASN DA 116 76.15 35.99 -121.82
CA ASN DA 116 77.12 35.98 -122.92
C ASN DA 116 77.25 37.41 -123.42
N GLU DA 117 78.44 37.99 -123.26
CA GLU DA 117 78.81 39.28 -123.86
C GLU DA 117 79.76 39.01 -125.00
N THR DA 118 79.50 39.61 -126.18
CA THR DA 118 80.20 39.23 -127.40
C THR DA 118 80.79 40.49 -128.03
N TRP DA 119 82.13 40.54 -128.10
CA TRP DA 119 82.82 41.57 -128.88
C TRP DA 119 83.35 40.97 -130.17
N GLN DA 120 83.31 41.73 -131.26
CA GLN DA 120 83.78 41.26 -132.56
C GLN DA 120 84.37 42.42 -133.34
N THR DA 121 85.19 42.08 -134.35
CA THR DA 121 85.81 43.07 -135.21
C THR DA 121 84.80 44.04 -135.83
N ASN DA 122 85.05 45.34 -135.63
CA ASN DA 122 84.28 46.44 -136.20
C ASN DA 122 82.89 46.62 -135.56
N GLU DA 123 82.13 45.53 -135.45
CA GLU DA 123 80.68 45.58 -135.32
C GLU DA 123 80.24 46.01 -133.92
N ILE DA 124 78.92 46.14 -133.75
CA ILE DA 124 78.34 46.50 -132.46
C ILE DA 124 78.49 45.33 -131.49
N VAL DA 125 78.78 45.65 -130.23
CA VAL DA 125 78.83 44.67 -129.16
C VAL DA 125 77.41 44.19 -128.85
N THR DA 126 77.24 42.89 -128.73
CA THR DA 126 75.96 42.27 -128.45
C THR DA 126 76.02 41.48 -127.15
N GLU DA 127 74.87 41.40 -126.47
CA GLU DA 127 74.76 40.72 -125.18
C GLU DA 127 73.61 39.72 -125.23
N GLU DA 128 73.79 38.56 -124.59
CA GLU DA 128 72.77 37.53 -124.48
C GLU DA 128 72.62 37.11 -123.03
N ILE DA 129 71.38 37.01 -122.56
CA ILE DA 129 71.05 36.43 -121.26
C ILE DA 129 69.90 35.47 -121.45
N GLU DA 130 69.96 34.35 -120.72
CA GLU DA 130 68.90 33.34 -120.66
C GLU DA 130 68.38 33.25 -119.22
N PHE DA 131 67.08 33.49 -119.05
CA PHE DA 131 66.40 33.49 -117.76
C PHE DA 131 65.43 32.31 -117.68
N SER DA 132 65.36 31.67 -116.50
CA SER DA 132 64.32 30.70 -116.18
C SER DA 132 63.45 31.25 -115.04
N TYR DA 133 62.13 31.08 -115.14
CA TYR DA 133 61.17 31.72 -114.26
C TYR DA 133 60.26 30.70 -113.57
N LEU DA 134 59.73 31.10 -112.41
CA LEU DA 134 58.86 30.26 -111.59
C LEU DA 134 57.49 30.04 -112.25
N THR DA 135 56.78 31.12 -112.59
CA THR DA 135 55.49 31.00 -113.28
C THR DA 135 55.27 32.21 -114.18
N ALA DA 136 55.00 31.96 -115.46
CA ALA DA 136 54.45 32.99 -116.33
C ALA DA 136 52.96 33.19 -116.06
N SER DA 137 52.47 34.42 -116.25
CA SER DA 137 51.08 34.76 -115.98
C SER DA 137 50.70 36.07 -116.68
N ASP DA 138 49.39 36.36 -116.71
CA ASP DA 138 48.88 37.61 -117.27
C ASP DA 138 47.51 37.95 -116.69
N LYS DA 139 47.11 39.22 -116.90
CA LYS DA 139 45.74 39.71 -116.60
C LYS DA 139 45.31 40.68 -117.70
N ALA DA 140 44.43 40.21 -118.59
CA ALA DA 140 43.97 40.94 -119.76
C ALA DA 140 45.14 41.55 -120.55
N THR EA 12 46.33 66.07 -99.80
CA THR EA 12 46.85 66.62 -101.05
C THR EA 12 48.38 66.48 -101.08
N ARG EA 13 49.07 66.26 -99.94
CA ARG EA 13 50.47 65.79 -99.94
C ARG EA 13 50.51 64.39 -100.57
N PRO EA 14 51.57 64.01 -101.26
CA PRO EA 14 51.65 62.66 -101.85
C PRO EA 14 51.69 61.60 -100.75
N HIS EA 15 50.73 60.69 -100.80
CA HIS EA 15 50.54 59.68 -99.78
C HIS EA 15 49.82 58.47 -100.35
N ALA EA 16 49.95 57.36 -99.65
CA ALA EA 16 49.18 56.16 -99.88
C ALA EA 16 48.41 55.81 -98.62
N SER EA 17 47.26 55.18 -98.78
CA SER EA 17 46.46 54.74 -97.65
C SER EA 17 45.64 53.53 -98.09
N ILE EA 18 45.18 52.76 -97.11
CA ILE EA 18 44.46 51.51 -97.37
C ILE EA 18 43.04 51.59 -96.79
N SER EA 32 31.78 46.34 -121.46
CA SER EA 32 31.43 46.04 -122.85
C SER EA 32 30.79 47.24 -123.57
N GLU EA 33 30.65 47.09 -124.89
CA GLU EA 33 30.27 48.23 -125.72
C GLU EA 33 28.81 48.63 -125.49
N LYS EA 34 27.91 47.67 -125.37
CA LYS EA 34 26.48 47.97 -125.36
C LYS EA 34 26.08 48.48 -123.97
N VAL EA 35 26.10 49.80 -123.84
CA VAL EA 35 25.71 50.48 -122.60
C VAL EA 35 24.26 50.11 -122.27
N PHE EA 36 23.95 50.10 -120.97
CA PHE EA 36 22.68 49.63 -120.43
C PHE EA 36 22.06 50.69 -119.53
N CYS EA 37 20.73 50.80 -119.54
CA CYS EA 37 19.99 51.78 -118.76
C CYS EA 37 19.02 51.10 -117.80
N LEU EA 38 18.76 51.75 -116.65
CA LEU EA 38 17.75 51.32 -115.68
C LEU EA 38 17.02 52.54 -115.15
N ILE EA 39 15.71 52.41 -114.93
CA ILE EA 39 14.91 53.51 -114.40
C ILE EA 39 13.71 52.95 -113.63
N GLY EA 40 13.51 53.44 -112.42
CA GLY EA 40 12.45 52.94 -111.55
C GLY EA 40 12.41 53.68 -110.22
N GLN EA 41 11.61 53.14 -109.28
CA GLN EA 41 11.30 53.78 -108.00
C GLN EA 41 12.13 53.15 -106.86
N ALA EA 42 12.91 53.96 -106.16
CA ALA EA 42 13.68 53.53 -104.99
C ALA EA 42 14.05 54.76 -104.16
N GLU EA 43 14.56 54.51 -102.95
CA GLU EA 43 14.94 55.57 -102.02
C GLU EA 43 16.38 56.05 -102.26
N GLY EA 44 16.56 57.37 -102.28
CA GLY EA 44 17.87 58.01 -102.37
C GLY EA 44 18.08 58.72 -103.70
N GLY EA 45 19.18 59.46 -103.75
CA GLY EA 45 19.63 60.16 -104.95
C GLY EA 45 18.86 61.42 -105.34
N GLU EA 46 19.49 62.29 -106.12
CA GLU EA 46 18.89 63.55 -106.54
C GLU EA 46 17.72 63.29 -107.50
N PRO EA 47 16.65 64.09 -107.43
CA PRO EA 47 15.54 63.90 -108.37
C PRO EA 47 15.91 64.38 -109.78
N ASN EA 48 15.48 63.61 -110.79
CA ASN EA 48 15.67 63.96 -112.19
C ASN EA 48 17.16 64.15 -112.54
N THR EA 49 17.95 63.09 -112.31
CA THR EA 49 19.32 63.00 -112.81
C THR EA 49 19.67 61.55 -113.15
N VAL EA 50 20.60 61.39 -114.12
CA VAL EA 50 21.16 60.09 -114.49
C VAL EA 50 22.51 59.90 -113.80
N TYR EA 51 22.72 58.72 -113.21
CA TYR EA 51 23.98 58.37 -112.55
C TYR EA 51 24.68 57.24 -113.30
N GLU EA 52 25.98 57.42 -113.53
CA GLU EA 52 26.87 56.42 -114.11
C GLU EA 52 27.35 55.50 -112.99
N LEU EA 53 26.57 54.45 -112.74
CA LEU EA 53 26.98 53.43 -111.78
C LEU EA 53 27.94 52.44 -112.42
N ARG EA 54 28.98 52.08 -111.66
CA ARG EA 54 29.96 51.13 -112.14
C ARG EA 54 30.40 50.10 -111.08
N ASN EA 55 29.83 50.10 -109.87
CA ASN EA 55 30.13 49.07 -108.88
C ASN EA 55 28.99 49.00 -107.86
N TYR EA 56 28.87 47.82 -107.22
CA TYR EA 56 27.85 47.57 -106.19
C TYR EA 56 27.87 48.62 -105.06
N SER EA 57 29.05 48.95 -104.52
CA SER EA 57 29.09 49.88 -103.39
C SER EA 57 28.68 51.28 -103.82
N GLN EA 58 28.97 51.67 -105.06
CA GLN EA 58 28.51 52.96 -105.56
C GLN EA 58 26.99 53.00 -105.59
N ALA EA 59 26.36 51.87 -105.92
CA ALA EA 59 24.90 51.81 -105.91
C ALA EA 59 24.33 51.99 -104.51
N LYS EA 60 24.79 51.17 -103.55
CA LYS EA 60 24.29 51.30 -102.18
C LYS EA 60 24.59 52.64 -101.53
N ARG EA 61 25.61 53.39 -101.99
CA ARG EA 61 25.81 54.74 -101.47
C ARG EA 61 24.75 55.68 -102.03
N LEU EA 62 24.37 55.50 -103.30
CA LEU EA 62 23.39 56.36 -103.94
C LEU EA 62 21.98 56.01 -103.48
N PHE EA 63 21.60 54.72 -103.53
CA PHE EA 63 20.26 54.30 -103.18
C PHE EA 63 20.30 53.39 -101.95
N ARG EA 64 19.16 53.29 -101.25
CA ARG EA 64 19.07 52.55 -100.00
C ARG EA 64 18.13 51.34 -100.06
N SER EA 65 16.93 51.45 -100.63
CA SER EA 65 16.05 50.29 -100.83
C SER EA 65 15.14 50.54 -102.02
N GLY EA 66 14.72 49.46 -102.67
CA GLY EA 66 13.78 49.51 -103.77
C GLY EA 66 14.19 48.61 -104.93
N GLU EA 67 13.22 48.30 -105.80
CA GLU EA 67 13.46 47.40 -106.92
C GLU EA 67 14.54 47.91 -107.87
N LEU EA 68 14.79 49.22 -107.92
CA LEU EA 68 15.90 49.71 -108.74
C LEU EA 68 17.23 49.13 -108.27
N LEU EA 69 17.43 49.00 -106.95
CA LEU EA 69 18.70 48.48 -106.45
C LEU EA 69 18.84 46.98 -106.73
N ASP EA 70 17.77 46.21 -106.51
CA ASP EA 70 17.82 44.80 -106.88
C ASP EA 70 18.10 44.63 -108.37
N ALA EA 71 17.50 45.49 -109.19
CA ALA EA 71 17.74 45.44 -110.62
C ALA EA 71 19.21 45.74 -110.96
N ILE EA 72 19.81 46.75 -110.32
CA ILE EA 72 21.22 47.03 -110.53
C ILE EA 72 22.06 45.81 -110.16
N GLU EA 73 21.90 45.33 -108.92
CA GLU EA 73 22.69 44.20 -108.45
C GLU EA 73 22.38 42.93 -109.24
N LEU EA 74 21.16 42.82 -109.77
CA LEU EA 74 20.84 41.70 -110.66
C LEU EA 74 21.57 41.81 -112.00
N ALA EA 75 21.74 43.04 -112.51
CA ALA EA 75 22.33 43.23 -113.83
C ALA EA 75 23.75 42.68 -113.89
N TRP EA 76 24.53 42.89 -112.82
CA TRP EA 76 25.89 42.36 -112.74
C TRP EA 76 25.94 40.97 -112.09
N GLY EA 77 24.81 40.26 -111.99
CA GLY EA 77 24.77 38.92 -111.43
C GLY EA 77 23.61 38.08 -111.94
N SER EA 78 23.13 38.38 -113.15
CA SER EA 78 22.18 37.49 -113.80
C SER EA 78 22.85 36.22 -114.31
N ASN EA 79 24.13 36.29 -114.66
CA ASN EA 79 24.91 35.11 -115.02
C ASN EA 79 26.36 35.36 -114.62
N PRO EA 80 27.08 34.38 -114.07
CA PRO EA 80 28.47 34.69 -113.66
C PRO EA 80 29.39 34.90 -114.84
N ASN EA 81 29.14 34.20 -115.96
CA ASN EA 81 30.03 34.31 -117.11
C ASN EA 81 29.73 35.55 -117.94
N TYR EA 82 28.45 35.82 -118.22
CA TYR EA 82 28.06 37.00 -118.98
C TYR EA 82 27.41 38.02 -118.06
N THR EA 83 27.86 39.26 -118.17
CA THR EA 83 27.46 40.35 -117.28
C THR EA 83 27.38 41.65 -118.07
N ALA EA 84 26.56 42.55 -117.55
CA ALA EA 84 26.29 43.83 -118.19
C ALA EA 84 27.50 44.76 -118.09
N GLY EA 85 27.52 45.79 -118.96
CA GLY EA 85 28.48 46.87 -118.86
C GLY EA 85 28.01 47.96 -117.94
N ARG EA 86 28.42 49.17 -118.21
CA ARG EA 86 28.04 50.39 -117.50
C ARG EA 86 26.52 50.44 -117.31
N ILE EA 87 26.11 51.00 -116.17
CA ILE EA 87 24.71 51.10 -115.80
C ILE EA 87 24.37 52.56 -115.60
N LEU EA 88 23.40 53.06 -116.37
CA LEU EA 88 22.86 54.41 -116.21
C LEU EA 88 21.54 54.28 -115.45
N ALA EA 89 21.57 54.67 -114.18
CA ALA EA 89 20.44 54.54 -113.26
C ALA EA 89 19.74 55.88 -113.11
N MET EA 90 18.40 55.83 -113.00
CA MET EA 90 17.59 57.01 -112.72
C MET EA 90 16.49 56.67 -111.72
N ARG EA 91 16.30 57.54 -110.72
CA ARG EA 91 15.33 57.37 -109.65
C ARG EA 91 14.19 58.37 -109.89
N ILE EA 92 13.01 57.85 -110.24
CA ILE EA 92 11.94 58.69 -110.79
C ILE EA 92 10.87 59.00 -109.73
N GLU EA 93 11.16 59.99 -108.89
CA GLU EA 93 10.25 60.56 -107.91
C GLU EA 93 10.55 62.05 -107.79
N ASP EA 94 9.51 62.88 -107.64
CA ASP EA 94 9.70 64.31 -107.39
C ASP EA 94 9.99 64.56 -105.91
N ALA EA 95 11.12 64.03 -105.45
CA ALA EA 95 11.50 64.02 -104.05
C ALA EA 95 11.99 65.40 -103.58
N LYS EA 96 11.77 65.68 -102.29
CA LYS EA 96 12.16 66.93 -101.65
C LYS EA 96 13.21 66.70 -100.55
N PRO EA 97 14.14 67.64 -100.33
CA PRO EA 97 15.09 67.48 -99.22
C PRO EA 97 14.48 67.94 -97.89
N ALA EA 98 14.80 67.20 -96.83
CA ALA EA 98 14.24 67.53 -95.52
C ALA EA 98 14.97 68.72 -94.93
N SER EA 99 14.20 69.73 -94.48
CA SER EA 99 14.75 70.93 -93.92
C SER EA 99 13.90 71.42 -92.75
N ALA EA 100 14.51 72.28 -91.92
CA ALA EA 100 13.85 72.94 -90.79
C ALA EA 100 14.67 74.15 -90.39
N GLU EA 101 14.05 75.33 -90.46
CA GLU EA 101 14.73 76.58 -90.14
C GLU EA 101 14.61 76.85 -88.64
N ILE EA 102 15.77 76.85 -87.97
CA ILE EA 102 15.87 76.91 -86.51
C ILE EA 102 17.19 77.59 -86.18
N GLY EA 103 17.26 78.23 -85.02
CA GLY EA 103 18.44 78.96 -84.60
C GLY EA 103 18.77 80.12 -85.51
N GLY EA 104 19.77 79.96 -86.38
CA GLY EA 104 20.06 80.92 -87.42
C GLY EA 104 20.49 80.22 -88.70
N LEU EA 105 20.00 78.99 -88.95
CA LEU EA 105 20.46 78.19 -90.08
C LEU EA 105 19.30 77.65 -90.92
N LYS EA 106 19.52 77.70 -92.24
CA LYS EA 106 18.71 76.99 -93.24
C LYS EA 106 19.21 75.54 -93.34
N ILE EA 107 18.87 74.75 -92.32
CA ILE EA 107 19.33 73.37 -92.29
C ILE EA 107 18.65 72.58 -93.38
N THR EA 108 19.44 71.94 -94.23
CA THR EA 108 18.96 71.16 -95.37
C THR EA 108 19.78 69.87 -95.47
N SER EA 109 19.11 68.78 -95.83
CA SER EA 109 19.73 67.48 -96.00
C SER EA 109 20.05 67.22 -97.47
N LYS EA 110 21.16 66.52 -97.70
CA LYS EA 110 21.54 66.14 -99.07
C LYS EA 110 20.59 65.09 -99.64
N ILE EA 111 20.05 64.21 -98.80
CA ILE EA 111 19.33 63.03 -99.25
C ILE EA 111 17.85 63.38 -99.42
N TYR EA 112 17.38 63.38 -100.67
CA TYR EA 112 16.01 63.73 -101.02
C TYR EA 112 15.07 62.56 -100.70
N GLY EA 113 13.97 62.82 -99.98
CA GLY EA 113 12.87 61.90 -99.83
C GLY EA 113 12.39 61.71 -98.40
N ASN EA 114 11.45 60.75 -98.26
CA ASN EA 114 10.86 60.38 -96.97
C ASN EA 114 11.93 60.13 -95.92
N VAL EA 115 12.97 59.37 -96.29
CA VAL EA 115 14.00 58.87 -95.37
C VAL EA 115 14.59 59.99 -94.53
N ALA EA 116 14.77 61.18 -95.11
CA ALA EA 116 15.52 62.21 -94.42
C ALA EA 116 14.84 62.74 -93.16
N ASN EA 117 13.56 62.45 -92.93
CA ASN EA 117 12.92 62.84 -91.67
C ASN EA 117 13.55 62.16 -90.46
N ASN EA 118 14.29 61.07 -90.67
CA ASN EA 118 14.97 60.34 -89.60
C ASN EA 118 16.25 61.03 -89.11
N ILE EA 119 16.69 62.12 -89.76
CA ILE EA 119 17.87 62.84 -89.32
C ILE EA 119 17.55 63.66 -88.07
N GLN EA 120 18.53 63.82 -87.17
CA GLN EA 120 18.45 64.74 -86.04
C GLN EA 120 19.70 65.60 -85.95
N VAL EA 121 19.51 66.86 -85.58
CA VAL EA 121 20.59 67.86 -85.46
C VAL EA 121 20.41 68.64 -84.18
N GLY EA 122 21.53 68.92 -83.50
CA GLY EA 122 21.58 69.80 -82.36
C GLY EA 122 22.88 70.58 -82.22
N LEU EA 123 22.80 71.84 -81.80
CA LEU EA 123 23.96 72.69 -81.57
C LEU EA 123 23.99 73.07 -80.09
N GLU EA 124 24.95 72.52 -79.37
CA GLU EA 124 25.07 72.63 -77.92
C GLU EA 124 26.18 73.62 -77.58
N LYS EA 125 25.91 74.56 -76.67
CA LYS EA 125 26.96 75.48 -76.26
C LYS EA 125 27.91 74.77 -75.30
N ASN EA 126 29.21 74.95 -75.53
CA ASN EA 126 30.26 74.33 -74.73
C ASN EA 126 31.08 75.42 -74.04
N THR EA 127 31.15 75.36 -72.71
CA THR EA 127 31.58 76.51 -71.91
C THR EA 127 33.10 76.66 -71.82
N LEU EA 128 33.88 75.58 -71.69
CA LEU EA 128 35.33 75.75 -71.66
C LEU EA 128 35.85 76.39 -72.94
N SER EA 129 35.17 76.19 -74.07
CA SER EA 129 35.54 76.86 -75.30
C SER EA 129 34.74 78.14 -75.53
N ASP EA 130 33.64 78.33 -74.80
CA ASP EA 130 32.66 79.39 -75.07
C ASP EA 130 32.24 79.35 -76.54
N SER EA 131 32.16 78.13 -77.10
CA SER EA 131 31.83 77.88 -78.48
C SER EA 131 30.50 77.15 -78.60
N LEU EA 132 30.12 76.86 -79.84
CA LEU EA 132 29.11 75.87 -80.14
C LEU EA 132 29.78 74.53 -80.45
N ARG EA 133 28.99 73.46 -80.33
CA ARG EA 133 29.39 72.10 -80.70
C ARG EA 133 28.23 71.49 -81.48
N LEU EA 134 28.54 70.78 -82.56
CA LEU EA 134 27.54 70.17 -83.43
C LEU EA 134 27.54 68.65 -83.25
N ARG EA 135 26.33 68.08 -83.12
CA ARG EA 135 26.11 66.64 -83.23
C ARG EA 135 25.03 66.36 -84.26
N VAL EA 136 25.37 65.54 -85.25
CA VAL EA 136 24.47 65.15 -86.34
C VAL EA 136 24.27 63.64 -86.24
N ILE EA 137 23.00 63.22 -86.24
CA ILE EA 137 22.62 61.82 -86.07
C ILE EA 137 21.66 61.43 -87.19
N PHE EA 138 21.83 60.20 -87.70
CA PHE EA 138 20.99 59.61 -88.73
C PHE EA 138 21.13 58.11 -88.55
N GLN EA 139 20.02 57.43 -88.24
CA GLN EA 139 20.12 56.08 -87.69
C GLN EA 139 20.49 55.02 -88.72
N ASP EA 140 20.09 55.13 -90.00
CA ASP EA 140 20.38 54.06 -90.94
C ASP EA 140 21.88 53.87 -91.15
N ASP EA 141 22.65 54.96 -91.22
CA ASP EA 141 24.11 54.87 -91.23
C ASP EA 141 24.72 55.06 -89.84
N ARG EA 142 23.89 55.21 -88.80
CA ARG EA 142 24.33 55.42 -87.42
C ARG EA 142 25.41 56.50 -87.33
N PHE EA 143 25.23 57.59 -88.11
CA PHE EA 143 26.32 58.50 -88.43
C PHE EA 143 27.03 59.04 -87.18
N ASN EA 144 26.36 59.90 -86.41
CA ASN EA 144 26.67 60.17 -85.01
C ASN EA 144 28.10 60.72 -84.73
N GLU EA 145 28.82 61.32 -85.67
CA GLU EA 145 30.06 62.03 -85.34
C GLU EA 145 29.76 63.45 -84.83
N VAL EA 146 30.79 64.07 -84.22
CA VAL EA 146 30.66 65.37 -83.54
C VAL EA 146 31.74 66.33 -84.08
N TYR EA 147 31.35 67.59 -84.27
CA TYR EA 147 32.22 68.68 -84.68
C TYR EA 147 32.27 69.69 -83.56
N ASP EA 148 33.48 70.04 -83.11
CA ASP EA 148 33.69 70.69 -81.82
C ASP EA 148 34.60 71.91 -81.93
N ASN EA 149 34.51 72.76 -80.89
CA ASN EA 149 35.18 74.05 -80.84
C ASN EA 149 34.85 74.87 -82.10
N ILE EA 150 33.54 74.94 -82.38
CA ILE EA 150 33.03 75.61 -83.55
C ILE EA 150 33.10 77.12 -83.33
N GLY EA 151 33.88 77.80 -84.16
CA GLY EA 151 34.27 79.18 -83.94
C GLY EA 151 35.70 79.20 -83.47
N ASN EA 152 36.02 80.07 -82.51
CA ASN EA 152 37.30 80.12 -81.80
C ASN EA 152 38.50 79.97 -82.74
N ILE EA 153 38.59 80.88 -83.72
CA ILE EA 153 39.50 80.63 -84.85
C ILE EA 153 40.97 80.93 -84.50
N PHE EA 154 41.26 81.94 -83.69
CA PHE EA 154 42.61 82.24 -83.24
C PHE EA 154 42.58 83.18 -82.03
N THR EA 155 43.73 83.36 -81.41
CA THR EA 155 43.88 84.07 -80.14
C THR EA 155 44.89 85.22 -80.24
N ILE EA 156 44.70 86.31 -79.48
CA ILE EA 156 45.52 87.55 -79.51
C ILE EA 156 45.96 87.96 -78.10
N LYS EA 157 47.12 88.60 -77.97
CA LYS EA 157 47.72 89.15 -76.75
C LYS EA 157 48.43 90.48 -77.06
N TYR EA 158 48.64 91.33 -76.04
CA TYR EA 158 49.57 92.47 -76.11
C TYR EA 158 50.46 92.58 -74.87
N LYS EA 159 51.76 92.84 -75.07
CA LYS EA 159 52.76 92.84 -73.98
C LYS EA 159 53.10 94.19 -73.38
N GLY EA 160 52.90 95.28 -74.11
CA GLY EA 160 53.51 96.58 -73.76
C GLY EA 160 53.04 97.19 -72.42
N GLU EA 161 53.74 98.22 -71.98
CA GLU EA 161 53.46 98.94 -70.72
C GLU EA 161 52.23 99.85 -70.79
N GLU EA 162 51.66 100.09 -71.98
CA GLU EA 162 50.43 100.84 -72.12
C GLU EA 162 49.27 100.18 -71.35
N ALA EA 163 48.54 100.94 -70.55
CA ALA EA 163 47.53 100.38 -69.66
C ALA EA 163 46.29 99.92 -70.43
N ASN EA 164 45.86 100.69 -71.42
CA ASN EA 164 44.68 100.36 -72.24
C ASN EA 164 45.08 99.96 -73.65
N ALA EA 165 44.71 98.75 -74.07
CA ALA EA 165 44.83 98.28 -75.43
C ALA EA 165 43.65 97.37 -75.78
N THR EA 166 43.18 97.43 -77.02
CA THR EA 166 41.96 96.78 -77.48
C THR EA 166 41.88 96.77 -79.02
N PHE EA 167 40.69 96.71 -79.60
CA PHE EA 167 40.43 96.10 -80.89
C PHE EA 167 39.10 96.59 -81.47
N SER EA 168 38.86 96.47 -82.77
CA SER EA 168 37.52 96.46 -83.34
C SER EA 168 37.41 95.74 -84.69
N VAL EA 169 36.23 95.23 -85.00
CA VAL EA 169 35.74 94.98 -86.36
C VAL EA 169 35.05 96.23 -86.90
N GLU EA 170 35.16 96.48 -88.19
CA GLU EA 170 34.30 97.40 -88.92
C GLU EA 170 33.59 96.67 -90.07
N HIS EA 171 32.36 97.10 -90.37
CA HIS EA 171 31.47 96.43 -91.30
C HIS EA 171 31.32 97.16 -92.64
N ASP EA 172 31.21 96.34 -93.68
CA ASP EA 172 30.48 96.72 -94.87
C ASP EA 172 29.01 96.76 -94.47
N GLU EA 173 28.44 97.94 -94.22
CA GLU EA 173 27.05 98.00 -93.77
C GLU EA 173 26.07 97.48 -94.81
N GLU EA 174 26.49 97.32 -96.06
CA GLU EA 174 25.60 96.86 -97.14
C GLU EA 174 25.48 95.34 -97.18
N THR EA 175 26.30 94.61 -96.44
CA THR EA 175 26.18 93.16 -96.23
C THR EA 175 26.24 92.75 -94.76
N GLN EA 176 26.65 93.64 -93.88
CA GLN EA 176 27.03 93.33 -92.49
C GLN EA 176 28.12 92.24 -92.39
N LYS EA 177 28.91 92.08 -93.46
CA LYS EA 177 30.20 91.40 -93.40
C LYS EA 177 31.23 92.38 -92.87
N ALA EA 178 32.33 91.86 -92.32
CA ALA EA 178 33.47 92.70 -92.03
C ALA EA 178 34.03 93.32 -93.32
N SER EA 179 34.69 94.46 -93.19
CA SER EA 179 35.48 95.09 -94.27
C SER EA 179 36.83 95.63 -93.79
N ARG EA 180 36.96 95.95 -92.49
CA ARG EA 180 38.21 96.29 -91.82
C ARG EA 180 38.21 95.73 -90.39
N LEU EA 181 39.38 95.64 -89.80
CA LEU EA 181 39.56 95.39 -88.36
C LEU EA 181 40.71 96.25 -87.84
N VAL EA 182 40.57 96.87 -86.68
CA VAL EA 182 41.56 97.77 -86.11
C VAL EA 182 42.07 97.31 -84.76
N LEU EA 183 43.33 97.60 -84.47
CA LEU EA 183 43.96 97.46 -83.16
C LEU EA 183 44.11 98.82 -82.49
N LYS EA 184 43.82 98.93 -81.19
CA LYS EA 184 44.00 100.15 -80.40
C LYS EA 184 45.01 99.95 -79.28
N VAL EA 185 45.90 100.90 -79.06
CA VAL EA 185 46.89 100.88 -77.97
C VAL EA 185 47.06 102.28 -77.41
N GLY EA 186 47.25 102.45 -76.09
CA GLY EA 186 47.30 103.78 -75.52
C GLY EA 186 46.08 104.60 -75.86
N ASP EA 187 44.94 103.94 -75.98
CA ASP EA 187 43.65 104.54 -76.29
C ASP EA 187 43.66 105.32 -77.62
N GLN EA 188 44.27 104.76 -78.66
CA GLN EA 188 44.02 105.19 -80.04
C GLN EA 188 44.28 104.07 -81.05
N GLU EA 189 43.64 104.17 -82.21
CA GLU EA 189 43.79 103.23 -83.34
C GLU EA 189 45.24 103.22 -83.86
N VAL EA 190 45.95 102.12 -83.66
CA VAL EA 190 47.35 101.94 -84.09
C VAL EA 190 47.47 101.40 -85.51
N LYS EA 191 46.62 100.44 -85.91
CA LYS EA 191 46.57 99.95 -87.28
C LYS EA 191 45.21 99.37 -87.65
N SER EA 192 44.79 99.49 -88.92
CA SER EA 192 43.75 98.67 -89.53
C SER EA 192 44.32 97.58 -90.43
N TYR EA 193 43.53 96.52 -90.56
CA TYR EA 193 43.68 95.45 -91.51
C TYR EA 193 42.51 95.53 -92.48
N ASP EA 194 42.82 95.47 -93.77
CA ASP EA 194 41.97 96.01 -94.81
C ASP EA 194 41.37 94.84 -95.59
N LEU EA 195 40.25 94.33 -95.10
CA LEU EA 195 39.78 92.95 -95.30
C LEU EA 195 39.09 92.69 -96.65
N THR EA 196 39.41 93.53 -97.62
CA THR EA 196 39.04 93.40 -99.03
C THR EA 196 40.21 93.76 -99.97
N GLY EA 197 41.37 94.18 -99.42
CA GLY EA 197 42.38 94.86 -100.18
C GLY EA 197 43.71 94.12 -100.29
N GLY EA 198 43.74 92.80 -100.03
CA GLY EA 198 44.98 92.06 -100.19
C GLY EA 198 44.90 90.66 -99.62
N ALA EA 199 46.07 90.18 -99.15
CA ALA EA 199 46.22 88.85 -98.56
C ALA EA 199 45.33 88.61 -97.33
N TYR EA 200 44.78 89.69 -96.76
CA TYR EA 200 43.88 89.72 -95.62
C TYR EA 200 42.52 89.11 -95.98
N ASP EA 201 42.36 88.64 -97.24
CA ASP EA 201 41.27 87.74 -97.55
C ASP EA 201 41.24 86.56 -96.59
N TYR EA 202 42.41 85.99 -96.26
CA TYR EA 202 42.52 84.81 -95.41
C TYR EA 202 43.02 85.16 -94.02
N THR EA 203 42.41 84.61 -92.99
CA THR EA 203 42.73 84.93 -91.60
C THR EA 203 44.24 84.87 -91.30
N ASN EA 204 44.94 83.92 -91.90
CA ASN EA 204 46.36 83.72 -91.63
C ASN EA 204 47.14 85.03 -91.71
N ALA EA 205 46.78 85.88 -92.68
CA ALA EA 205 47.52 87.10 -92.97
C ALA EA 205 47.48 88.09 -91.80
N ILE EA 206 46.45 88.02 -90.96
CA ILE EA 206 46.40 88.83 -89.76
C ILE EA 206 47.37 88.22 -88.74
N ILE EA 207 47.36 86.90 -88.61
CA ILE EA 207 48.15 86.24 -87.56
C ILE EA 207 49.64 86.41 -87.83
N THR EA 208 50.08 86.23 -89.09
CA THR EA 208 51.47 86.48 -89.43
C THR EA 208 51.84 87.93 -89.13
N ASP EA 209 51.05 88.87 -89.66
CA ASP EA 209 51.40 90.28 -89.60
C ASP EA 209 51.39 90.80 -88.16
N ILE EA 210 50.50 90.29 -87.32
CA ILE EA 210 50.59 90.55 -85.89
C ILE EA 210 51.93 90.05 -85.36
N ASN EA 211 52.37 88.85 -85.78
CA ASN EA 211 53.62 88.27 -85.28
C ASN EA 211 54.85 89.03 -85.75
N GLN EA 212 54.73 89.92 -86.75
CA GLN EA 212 55.80 90.86 -87.08
C GLN EA 212 55.88 92.10 -86.18
N LEU EA 213 54.83 92.46 -85.43
CA LEU EA 213 54.80 93.71 -84.65
C LEU EA 213 55.75 93.68 -83.44
N PRO EA 214 56.18 94.84 -82.89
CA PRO EA 214 57.05 94.88 -81.71
C PRO EA 214 56.50 94.21 -80.46
N ASP EA 215 55.24 94.47 -80.07
CA ASP EA 215 54.71 93.99 -78.80
C ASP EA 215 53.32 93.37 -78.88
N PHE EA 216 52.65 93.39 -80.03
CA PHE EA 216 51.42 92.62 -80.24
C PHE EA 216 51.75 91.19 -80.60
N GLU EA 217 50.88 90.25 -80.23
CA GLU EA 217 51.13 88.83 -80.49
C GLU EA 217 49.80 88.12 -80.76
N ALA EA 218 49.88 87.04 -81.57
CA ALA EA 218 48.72 86.22 -81.90
C ALA EA 218 49.15 84.79 -82.21
N LYS EA 219 48.24 83.84 -81.94
CA LYS EA 219 48.52 82.42 -82.12
C LYS EA 219 47.30 81.68 -82.70
N LEU EA 220 47.56 80.86 -83.72
CA LEU EA 220 46.52 80.10 -84.43
C LEU EA 220 45.95 79.00 -83.54
N SER EA 221 44.69 78.64 -83.84
CA SER EA 221 43.98 77.63 -83.07
C SER EA 221 44.76 76.32 -83.06
N PRO EA 222 44.84 75.62 -81.92
CA PRO EA 222 45.47 74.30 -81.93
C PRO EA 222 44.55 73.17 -82.39
N PHE EA 223 43.33 73.50 -82.83
CA PHE EA 223 42.33 72.51 -83.17
C PHE EA 223 42.38 72.06 -84.64
N GLY EA 224 43.08 72.76 -85.53
CA GLY EA 224 43.27 72.25 -86.87
C GLY EA 224 43.52 73.31 -87.93
N ASP EA 225 43.45 72.85 -89.19
CA ASP EA 225 43.72 73.61 -90.41
C ASP EA 225 42.52 74.50 -90.79
N LYS EA 226 42.24 75.48 -89.94
CA LYS EA 226 41.04 76.29 -90.12
C LYS EA 226 41.13 77.16 -91.38
N ASN EA 227 42.13 78.05 -91.46
CA ASN EA 227 42.39 78.96 -92.60
C ASN EA 227 41.12 79.51 -93.26
N LEU EA 228 40.26 80.12 -92.44
CA LEU EA 228 39.02 80.73 -92.90
C LEU EA 228 39.27 82.12 -93.48
N GLU EA 229 38.35 82.57 -94.33
CA GLU EA 229 38.40 83.94 -94.82
C GLU EA 229 38.08 84.93 -93.72
N SER EA 230 38.49 86.20 -93.91
CA SER EA 230 38.10 87.38 -93.10
C SER EA 230 36.70 87.92 -93.41
N SER EA 231 36.20 87.67 -94.61
CA SER EA 231 34.83 87.99 -95.01
C SER EA 231 33.77 87.45 -94.04
N LYS EA 232 34.06 86.31 -93.40
CA LYS EA 232 33.15 85.57 -92.53
C LYS EA 232 33.43 85.77 -91.04
N LEU EA 233 34.15 86.83 -90.67
CA LEU EA 233 34.27 87.28 -89.28
C LEU EA 233 32.90 87.59 -88.66
N ASP EA 234 32.81 87.64 -87.33
CA ASP EA 234 31.63 88.07 -86.60
C ASP EA 234 31.71 89.53 -86.13
N LYS EA 235 30.55 90.18 -85.94
CA LYS EA 235 30.50 91.57 -85.48
C LYS EA 235 31.00 91.65 -84.03
N ILE EA 236 32.13 92.31 -83.79
CA ILE EA 236 32.66 92.52 -82.44
C ILE EA 236 33.59 93.72 -82.37
N GLU EA 237 33.48 94.51 -81.31
CA GLU EA 237 34.25 95.73 -81.11
C GLU EA 237 34.69 95.90 -79.66
N ASN EA 238 35.79 96.62 -79.46
CA ASN EA 238 36.34 96.96 -78.16
C ASN EA 238 36.55 95.75 -77.24
N ALA EA 239 37.12 94.66 -77.77
CA ALA EA 239 37.55 93.52 -76.96
C ALA EA 239 38.79 93.92 -76.15
N ASN EA 240 38.64 94.24 -74.87
CA ASN EA 240 39.75 94.75 -74.06
C ASN EA 240 40.80 93.66 -73.87
N ILE EA 241 42.01 93.86 -74.41
CA ILE EA 241 43.05 92.85 -74.50
C ILE EA 241 44.40 93.47 -74.17
N LYS EA 242 45.07 92.92 -73.16
CA LYS EA 242 46.55 92.92 -73.09
C LYS EA 242 47.04 91.68 -72.39
N ASP EA 243 46.76 91.55 -71.10
CA ASP EA 243 47.08 90.36 -70.32
C ASP EA 243 45.98 89.29 -70.43
N LYS EA 244 45.69 88.89 -71.67
CA LYS EA 244 44.68 87.89 -72.03
C LYS EA 244 45.12 87.14 -73.28
N ALA EA 245 44.39 86.07 -73.60
CA ALA EA 245 44.47 85.36 -74.87
C ALA EA 245 43.07 85.23 -75.49
N VAL EA 246 42.45 86.36 -75.83
CA VAL EA 246 41.05 86.39 -76.29
C VAL EA 246 40.91 85.76 -77.66
N TYR EA 247 39.87 84.95 -77.83
CA TYR EA 247 39.55 84.34 -79.11
C TYR EA 247 38.80 85.30 -80.04
N VAL EA 248 39.18 85.34 -81.31
CA VAL EA 248 38.30 85.79 -82.38
C VAL EA 248 37.47 84.58 -82.80
N LYS EA 249 36.20 84.77 -83.16
CA LYS EA 249 35.30 83.62 -83.34
C LYS EA 249 35.02 83.27 -84.80
N ALA EA 250 34.32 84.13 -85.55
CA ALA EA 250 33.94 83.83 -86.95
C ALA EA 250 33.11 82.54 -87.06
N VAL EA 251 32.01 82.47 -86.31
CA VAL EA 251 31.30 81.21 -86.12
C VAL EA 251 30.76 80.65 -87.43
N PHE EA 252 30.01 81.43 -88.24
CA PHE EA 252 29.34 80.81 -89.38
C PHE EA 252 30.35 80.24 -90.37
N GLY EA 253 31.38 80.99 -90.72
CA GLY EA 253 32.38 80.49 -91.66
C GLY EA 253 33.08 79.24 -91.15
N ASP EA 254 33.28 79.15 -89.83
CA ASP EA 254 33.85 77.93 -89.27
C ASP EA 254 32.90 76.75 -89.40
N LEU EA 255 31.58 76.99 -89.30
CA LEU EA 255 30.61 75.92 -89.53
C LEU EA 255 30.73 75.36 -90.94
N GLU EA 256 30.86 76.23 -91.94
CA GLU EA 256 31.01 75.76 -93.31
C GLU EA 256 32.29 74.97 -93.49
N LYS EA 257 33.42 75.59 -93.14
CA LYS EA 257 34.73 74.98 -93.38
C LYS EA 257 34.89 73.63 -92.68
N GLN EA 258 34.54 73.56 -91.39
CA GLN EA 258 34.81 72.34 -90.63
C GLN EA 258 33.73 71.27 -90.76
N THR EA 259 32.54 71.57 -91.33
CA THR EA 259 31.44 70.59 -91.35
C THR EA 259 30.74 70.46 -92.70
N ALA EA 260 30.51 71.56 -93.42
CA ALA EA 260 29.65 71.51 -94.60
C ALA EA 260 30.20 70.61 -95.69
N TYR EA 261 31.51 70.37 -95.69
CA TYR EA 261 32.14 69.55 -96.72
C TYR EA 261 32.07 68.05 -96.43
N ASN EA 262 31.31 67.61 -95.42
CA ASN EA 262 31.27 66.21 -95.04
C ASN EA 262 29.87 65.86 -94.53
N GLY EA 263 29.57 64.55 -94.52
CA GLY EA 263 28.33 64.04 -93.94
C GLY EA 263 27.06 64.31 -94.74
N ILE EA 264 25.93 64.17 -94.03
CA ILE EA 264 24.61 64.14 -94.64
C ILE EA 264 24.00 65.55 -94.77
N VAL EA 265 24.29 66.46 -93.84
CA VAL EA 265 23.51 67.68 -93.64
C VAL EA 265 24.34 68.88 -94.06
N SER EA 266 23.66 69.89 -94.60
CA SER EA 266 24.28 71.11 -95.11
C SER EA 266 23.61 72.34 -94.50
N PHE EA 267 24.41 73.39 -94.28
CA PHE EA 267 24.01 74.57 -93.53
C PHE EA 267 24.22 75.83 -94.36
N GLU EA 268 23.23 76.73 -94.33
CA GLU EA 268 23.35 78.10 -94.84
C GLU EA 268 22.77 79.06 -93.81
N GLN EA 269 23.36 80.25 -93.73
CA GLN EA 269 22.94 81.26 -92.77
C GLN EA 269 21.86 82.16 -93.36
N LEU EA 270 20.79 82.38 -92.60
CA LEU EA 270 19.72 83.29 -92.97
C LEU EA 270 20.28 84.70 -93.09
N LYS EA 298 19.50 87.96 -88.21
CA LYS EA 298 19.49 86.54 -87.88
C LYS EA 298 20.91 86.08 -87.47
N THR EA 299 21.05 85.57 -86.24
CA THR EA 299 22.35 85.15 -85.70
C THR EA 299 22.28 83.72 -85.18
N ILE EA 300 23.30 82.93 -85.51
CA ILE EA 300 23.39 81.51 -85.15
C ILE EA 300 23.62 81.35 -83.65
N GLU EA 301 22.77 80.57 -82.99
CA GLU EA 301 22.88 80.39 -81.54
C GLU EA 301 22.32 79.02 -81.14
N PRO EA 302 22.62 78.55 -79.92
CA PRO EA 302 22.34 77.14 -79.57
C PRO EA 302 20.86 76.75 -79.61
N PHE EA 303 20.61 75.45 -79.87
CA PHE EA 303 19.27 74.86 -79.79
C PHE EA 303 19.35 73.34 -79.61
N GLU EA 304 18.25 72.78 -79.13
CA GLU EA 304 18.17 71.38 -78.72
C GLU EA 304 18.18 70.42 -79.93
N LEU EA 305 18.58 69.16 -79.66
CA LEU EA 305 18.59 68.05 -80.61
C LEU EA 305 17.18 67.72 -81.14
N THR EA 306 16.94 67.93 -82.45
CA THR EA 306 15.60 67.88 -83.02
C THR EA 306 15.64 67.30 -84.44
N LYS EA 307 14.49 66.74 -84.86
CA LYS EA 307 14.32 66.15 -86.19
C LYS EA 307 14.27 67.21 -87.29
N LEU EA 308 14.70 66.81 -88.50
CA LEU EA 308 14.38 67.54 -89.71
C LEU EA 308 13.02 67.08 -90.25
N LYS EA 309 12.40 67.92 -91.07
CA LYS EA 309 10.99 67.75 -91.46
C LYS EA 309 10.83 67.92 -92.97
N GLY EA 310 9.64 67.51 -93.45
CA GLY EA 310 9.18 67.78 -94.80
C GLY EA 310 9.81 66.98 -95.91
N GLY EA 311 10.82 66.16 -95.63
CA GLY EA 311 11.38 65.29 -96.64
C GLY EA 311 10.34 64.34 -97.18
N THR EA 312 10.05 64.40 -98.47
CA THR EA 312 8.93 63.67 -99.05
C THR EA 312 9.30 63.21 -100.44
N ASN EA 313 8.77 62.04 -100.85
CA ASN EA 313 9.03 61.50 -102.18
C ASN EA 313 8.13 62.09 -103.27
N GLY EA 314 6.93 62.51 -102.93
CA GLY EA 314 5.98 63.01 -103.92
C GLY EA 314 5.05 61.94 -104.44
N GLU EA 315 4.27 62.31 -105.48
CA GLU EA 315 3.24 61.42 -106.00
C GLU EA 315 3.82 60.45 -107.02
N PRO EA 316 3.16 59.30 -107.24
CA PRO EA 316 3.63 58.36 -108.26
C PRO EA 316 3.67 59.02 -109.64
N PRO EA 317 4.75 58.83 -110.42
CA PRO EA 317 4.89 59.61 -111.67
C PRO EA 317 3.83 59.27 -112.71
N ALA EA 318 3.22 60.33 -113.26
CA ALA EA 318 2.13 60.19 -114.22
C ALA EA 318 2.65 59.96 -115.64
N THR EA 319 3.74 60.64 -116.00
CA THR EA 319 4.38 60.50 -117.30
C THR EA 319 5.89 60.52 -117.12
N TRP EA 320 6.59 59.61 -117.80
CA TRP EA 320 8.03 59.48 -117.70
C TRP EA 320 8.76 60.06 -118.90
N ALA EA 321 8.04 60.65 -119.87
CA ALA EA 321 8.67 61.04 -121.13
C ALA EA 321 9.66 62.18 -120.95
N ASP EA 322 9.25 63.25 -120.26
CA ASP EA 322 10.12 64.42 -120.12
C ASP EA 322 11.31 64.15 -119.23
N LYS EA 323 11.32 63.04 -118.49
CA LYS EA 323 12.52 62.59 -117.78
C LYS EA 323 13.30 61.55 -118.58
N LEU EA 324 12.67 60.89 -119.54
CA LEU EA 324 13.38 60.02 -120.46
C LEU EA 324 14.23 60.80 -121.47
N ASP EA 325 14.10 62.13 -121.50
CA ASP EA 325 14.95 62.94 -122.35
C ASP EA 325 16.41 62.88 -121.93
N LYS EA 326 16.69 62.46 -120.69
CA LYS EA 326 18.05 62.55 -120.17
C LYS EA 326 18.95 61.47 -120.76
N PHE EA 327 18.37 60.44 -121.37
CA PHE EA 327 19.12 59.41 -122.06
C PHE EA 327 19.42 59.76 -123.52
N ALA EA 328 18.99 60.93 -124.00
CA ALA EA 328 19.04 61.22 -125.42
C ALA EA 328 20.46 61.46 -125.94
N HIS EA 329 21.45 61.58 -125.06
CA HIS EA 329 22.82 61.87 -125.45
C HIS EA 329 23.84 60.93 -124.83
N GLU EA 330 23.42 59.97 -123.99
CA GLU EA 330 24.32 58.95 -123.47
C GLU EA 330 24.36 57.70 -124.35
N GLY EA 331 23.41 57.55 -125.26
CA GLY EA 331 23.46 56.45 -126.22
C GLY EA 331 23.29 55.06 -125.66
N GLY EA 332 22.61 54.89 -124.53
CA GLY EA 332 22.39 53.57 -124.02
C GLY EA 332 21.43 52.78 -124.91
N TYR EA 333 21.91 51.64 -125.40
CA TYR EA 333 21.22 50.93 -126.47
C TYR EA 333 20.03 50.14 -125.92
N TYR EA 334 20.26 49.29 -124.92
CA TYR EA 334 19.20 48.57 -124.24
C TYR EA 334 18.73 49.38 -123.04
N ILE EA 335 17.43 49.34 -122.79
CA ILE EA 335 16.79 50.04 -121.68
C ILE EA 335 15.68 49.15 -121.13
N VAL EA 336 15.62 49.02 -119.82
CA VAL EA 336 14.64 48.18 -119.14
C VAL EA 336 13.86 49.05 -118.16
N PRO EA 337 12.74 49.65 -118.56
CA PRO EA 337 11.94 50.40 -117.58
C PRO EA 337 11.35 49.44 -116.55
N LEU EA 338 11.49 49.78 -115.27
CA LEU EA 338 10.84 49.03 -114.21
C LEU EA 338 9.39 49.47 -114.00
N SER EA 339 8.86 50.31 -114.91
CA SER EA 339 7.49 50.77 -114.85
C SER EA 339 6.50 49.61 -114.80
N SER EA 340 5.43 49.81 -114.04
CA SER EA 340 4.43 48.75 -113.89
C SER EA 340 3.36 48.82 -114.99
N LYS EA 341 2.86 50.02 -115.26
CA LYS EA 341 1.61 50.17 -116.01
C LYS EA 341 1.86 50.14 -117.52
N GLN EA 342 0.80 49.73 -118.26
CA GLN EA 342 0.88 49.72 -119.73
C GLN EA 342 1.03 51.12 -120.30
N SER EA 343 0.57 52.13 -119.58
CA SER EA 343 0.65 53.50 -120.07
C SER EA 343 2.09 53.96 -120.25
N VAL EA 344 2.98 53.57 -119.31
CA VAL EA 344 4.38 53.99 -119.38
C VAL EA 344 5.13 53.16 -120.40
N HIS EA 345 4.71 51.90 -120.59
CA HIS EA 345 5.31 51.06 -121.62
C HIS EA 345 5.10 51.67 -123.00
N ALA EA 346 3.90 52.20 -123.26
CA ALA EA 346 3.64 52.90 -124.51
C ALA EA 346 4.50 54.14 -124.65
N GLU EA 347 4.80 54.79 -123.53
CA GLU EA 347 5.66 55.98 -123.59
C GLU EA 347 7.08 55.59 -123.95
N VAL EA 348 7.59 54.52 -123.33
CA VAL EA 348 8.91 54.00 -123.67
C VAL EA 348 8.95 53.59 -125.14
N ALA EA 349 7.87 52.95 -125.61
CA ALA EA 349 7.82 52.55 -127.02
C ALA EA 349 7.86 53.77 -127.93
N SER EA 350 7.13 54.83 -127.56
CA SER EA 350 7.17 56.07 -128.32
C SER EA 350 8.56 56.69 -128.27
N PHE EA 351 9.22 56.63 -127.11
CA PHE EA 351 10.56 57.20 -126.97
C PHE EA 351 11.55 56.47 -127.87
N VAL EA 352 11.54 55.14 -127.85
CA VAL EA 352 12.45 54.38 -128.69
C VAL EA 352 12.16 54.63 -130.16
N LYS EA 353 10.89 54.82 -130.51
CA LYS EA 353 10.57 55.15 -131.90
C LYS EA 353 11.13 56.52 -132.26
N GLU EA 354 11.01 57.47 -131.35
CA GLU EA 354 11.49 58.82 -131.61
C GLU EA 354 13.01 58.88 -131.74
N ARG EA 355 13.72 58.07 -130.94
CA ARG EA 355 15.18 58.01 -131.07
C ARG EA 355 15.59 57.29 -132.35
N SER EA 356 14.78 56.33 -132.80
CA SER EA 356 15.05 55.68 -134.08
C SER EA 356 14.92 56.67 -135.23
N ASP EA 357 13.88 57.52 -135.19
CA ASP EA 357 13.74 58.53 -136.23
C ASP EA 357 14.88 59.54 -136.17
N ALA EA 358 15.44 59.78 -134.98
CA ALA EA 358 16.59 60.65 -134.84
C ALA EA 358 17.89 60.02 -135.36
N GLY EA 359 17.86 58.74 -135.75
CA GLY EA 359 19.02 58.07 -136.27
C GLY EA 359 19.80 57.28 -135.23
N GLU EA 360 19.37 57.33 -133.95
CA GLU EA 360 20.07 56.70 -132.84
C GLU EA 360 19.41 55.36 -132.53
N PRO EA 361 20.15 54.24 -132.51
CA PRO EA 361 19.49 52.94 -132.25
C PRO EA 361 19.27 52.69 -130.77
N MET EA 362 18.07 52.26 -130.41
CA MET EA 362 17.77 51.87 -129.04
C MET EA 362 16.70 50.79 -129.08
N ARG EA 363 16.67 49.98 -128.02
CA ARG EA 363 15.70 48.90 -127.90
C ARG EA 363 15.28 48.77 -126.44
N ALA EA 364 13.99 48.45 -126.24
CA ALA EA 364 13.41 48.35 -124.91
C ALA EA 364 12.93 46.93 -124.66
N ILE EA 365 13.20 46.43 -123.45
CA ILE EA 365 12.73 45.12 -122.99
C ILE EA 365 11.80 45.33 -121.80
N VAL EA 366 10.64 44.66 -121.81
CA VAL EA 366 9.51 45.06 -120.98
C VAL EA 366 8.86 43.79 -120.45
N GLY EA 367 8.35 43.87 -119.23
CA GLY EA 367 7.63 42.79 -118.60
C GLY EA 367 6.19 43.17 -118.28
N GLY EA 368 5.42 42.17 -117.83
CA GLY EA 368 4.02 42.39 -117.51
C GLY EA 368 3.54 41.63 -116.28
N GLY EA 369 3.13 42.39 -115.25
CA GLY EA 369 2.46 41.89 -114.05
C GLY EA 369 2.98 40.67 -113.34
N PHE EA 370 2.13 40.06 -112.52
CA PHE EA 370 2.35 38.74 -111.93
C PHE EA 370 1.33 37.79 -112.51
N ASN EA 371 1.77 36.56 -112.83
CA ASN EA 371 0.86 35.46 -113.15
C ASN EA 371 -0.07 35.82 -114.31
N GLU EA 372 0.50 36.43 -115.34
CA GLU EA 372 -0.29 36.85 -116.49
C GLU EA 372 -0.68 35.64 -117.32
N SER EA 373 -1.88 35.68 -117.89
CA SER EA 373 -2.30 34.65 -118.82
C SER EA 373 -1.84 35.01 -120.23
N LYS EA 374 -1.92 34.02 -121.12
CA LYS EA 374 -1.60 34.21 -122.53
C LYS EA 374 -2.31 35.41 -123.12
N GLU EA 375 -3.58 35.57 -122.77
CA GLU EA 375 -4.42 36.57 -123.40
C GLU EA 375 -4.11 37.97 -122.88
N GLN EA 376 -3.89 38.11 -121.57
CA GLN EA 376 -3.43 39.40 -121.07
C GLN EA 376 -2.13 39.82 -121.74
N LEU EA 377 -1.24 38.87 -122.01
CA LEU EA 377 0.00 39.20 -122.70
C LEU EA 377 -0.25 39.51 -124.18
N PHE EA 378 -1.23 38.87 -124.80
CA PHE EA 378 -1.61 39.25 -126.16
C PHE EA 378 -2.17 40.66 -126.19
N GLY EA 379 -2.87 41.08 -125.13
CA GLY EA 379 -3.37 42.43 -125.09
C GLY EA 379 -2.26 43.45 -125.03
N ARG EA 380 -1.18 43.12 -124.29
CA ARG EA 380 -0.03 44.00 -124.27
C ARG EA 380 0.68 43.96 -125.62
N GLN EA 381 0.83 42.76 -126.19
CA GLN EA 381 1.52 42.60 -127.47
C GLN EA 381 0.85 43.43 -128.57
N ALA EA 382 -0.48 43.39 -128.64
CA ALA EA 382 -1.17 44.19 -129.65
C ALA EA 382 -1.03 45.68 -129.38
N SER EA 383 -1.11 46.09 -128.12
CA SER EA 383 -1.00 47.51 -127.77
C SER EA 383 0.44 48.02 -127.79
N LEU EA 384 1.43 47.15 -127.91
CA LEU EA 384 2.84 47.51 -127.97
C LEU EA 384 3.43 46.96 -129.26
N SER EA 385 2.93 47.47 -130.40
CA SER EA 385 3.08 46.75 -131.66
C SER EA 385 4.45 46.90 -132.32
N ASN EA 386 5.12 48.02 -132.13
CA ASN EA 386 6.24 48.35 -133.02
C ASN EA 386 7.48 47.53 -132.69
N PRO EA 387 8.40 47.38 -133.63
CA PRO EA 387 9.66 46.70 -133.32
C PRO EA 387 10.53 47.57 -132.43
N ARG EA 388 11.65 46.97 -131.99
CA ARG EA 388 12.54 47.54 -130.97
C ARG EA 388 11.92 47.58 -129.59
N VAL EA 389 10.83 46.85 -129.36
CA VAL EA 389 10.25 46.68 -128.03
C VAL EA 389 10.04 45.19 -127.80
N SER EA 390 10.50 44.68 -126.67
CA SER EA 390 10.59 43.26 -126.41
C SER EA 390 9.83 42.94 -125.14
N LEU EA 391 8.80 42.12 -125.26
CA LEU EA 391 7.93 41.77 -124.14
C LEU EA 391 8.38 40.46 -123.49
N VAL EA 392 8.51 40.49 -122.16
CA VAL EA 392 8.92 39.36 -121.34
C VAL EA 392 7.69 38.85 -120.59
N ALA EA 393 7.63 37.55 -120.38
CA ALA EA 393 6.45 36.91 -119.81
C ALA EA 393 6.45 36.83 -118.29
N ASN EA 394 7.13 35.82 -117.76
CA ASN EA 394 6.84 35.27 -116.44
C ASN EA 394 7.48 36.10 -115.30
N SER EA 395 7.00 35.85 -114.08
CA SER EA 395 7.45 36.51 -112.85
C SER EA 395 7.87 35.42 -111.86
N GLY EA 396 9.11 35.49 -111.39
CA GLY EA 396 9.71 34.50 -110.51
C GLY EA 396 10.45 35.09 -109.32
N THR EA 397 11.57 34.45 -108.98
CA THR EA 397 12.36 34.73 -107.81
C THR EA 397 13.84 34.65 -108.18
N PHE EA 398 14.65 35.43 -107.45
CA PHE EA 398 16.09 35.44 -107.60
C PHE EA 398 16.74 35.47 -106.23
N VAL EA 399 17.92 34.88 -106.14
CA VAL EA 399 18.70 34.90 -104.90
C VAL EA 399 19.54 36.17 -104.90
N MET EA 400 19.10 37.16 -104.14
CA MET EA 400 19.73 38.46 -104.14
C MET EA 400 20.93 38.45 -103.18
N ASP EA 401 21.72 39.51 -103.24
CA ASP EA 401 22.90 39.75 -102.43
C ASP EA 401 22.73 39.36 -100.95
N ASP EA 402 21.54 39.59 -100.41
CA ASP EA 402 21.28 39.30 -98.99
C ASP EA 402 21.33 37.81 -98.66
N GLY EA 403 21.24 36.94 -99.66
CA GLY EA 403 20.84 35.57 -99.44
C GLY EA 403 19.36 35.39 -99.18
N ARG EA 404 18.53 36.31 -99.67
CA ARG EA 404 17.09 36.30 -99.42
C ARG EA 404 16.35 35.86 -100.68
N LYS EA 405 15.20 35.19 -100.47
CA LYS EA 405 14.43 34.58 -101.54
C LYS EA 405 13.48 35.60 -102.17
N ASN EA 406 14.09 36.62 -102.79
CA ASN EA 406 13.34 37.78 -103.25
C ASN EA 406 12.33 37.41 -104.33
N HIS EA 407 11.09 37.86 -104.15
CA HIS EA 407 10.07 37.72 -105.18
C HIS EA 407 10.24 38.81 -106.23
N VAL EA 408 10.07 38.45 -107.50
CA VAL EA 408 10.45 39.30 -108.63
C VAL EA 408 9.27 39.40 -109.59
N PRO EA 409 8.75 40.60 -109.88
CA PRO EA 409 7.75 40.71 -110.95
C PRO EA 409 8.41 40.68 -112.32
N ALA EA 410 7.60 40.47 -113.35
CA ALA EA 410 8.08 40.49 -114.72
C ALA EA 410 8.77 41.82 -115.06
N TYR EA 411 8.40 42.89 -114.35
CA TYR EA 411 9.07 44.18 -114.54
C TYR EA 411 10.55 44.07 -114.22
N MET EA 412 10.91 43.24 -113.23
CA MET EA 412 12.31 43.03 -112.88
C MET EA 412 12.93 41.83 -113.59
N VAL EA 413 12.13 40.80 -113.92
CA VAL EA 413 12.66 39.70 -114.72
C VAL EA 413 13.12 40.19 -116.09
N ALA EA 414 12.51 41.27 -116.59
CA ALA EA 414 13.02 41.90 -117.81
C ALA EA 414 14.48 42.33 -117.63
N VAL EA 415 14.85 42.74 -116.42
CA VAL EA 415 16.23 43.16 -116.18
C VAL EA 415 17.20 42.01 -116.39
N ALA EA 416 16.77 40.78 -116.11
CA ALA EA 416 17.68 39.64 -116.27
C ALA EA 416 18.08 39.46 -117.72
N LEU EA 417 17.14 39.65 -118.66
CA LEU EA 417 17.48 39.57 -120.07
C LEU EA 417 18.23 40.80 -120.54
N GLY EA 418 17.88 41.97 -120.00
CA GLY EA 418 18.60 43.19 -120.33
C GLY EA 418 20.06 43.13 -119.94
N GLY EA 419 20.34 42.64 -118.74
CA GLY EA 419 21.71 42.44 -118.31
C GLY EA 419 22.46 41.40 -119.13
N LEU EA 420 21.73 40.49 -119.78
CA LEU EA 420 22.35 39.45 -120.59
C LEU EA 420 22.66 39.98 -121.98
N ALA EA 421 21.68 40.63 -122.61
CA ALA EA 421 21.86 41.09 -123.97
C ALA EA 421 22.90 42.19 -124.07
N SER EA 422 23.07 42.96 -122.98
CA SER EA 422 24.10 44.01 -122.97
C SER EA 422 25.48 43.41 -122.73
N GLY EA 423 25.56 42.28 -122.04
CA GLY EA 423 26.84 41.63 -121.81
C GLY EA 423 27.36 40.89 -123.01
N LEU EA 424 26.47 40.28 -123.80
CA LEU EA 424 26.89 39.45 -124.91
C LEU EA 424 27.55 40.28 -126.00
N GLU EA 425 28.32 39.59 -126.86
CA GLU EA 425 28.98 40.25 -127.97
C GLU EA 425 27.95 40.77 -128.95
N ILE EA 426 28.35 41.77 -129.75
CA ILE EA 426 27.42 42.37 -130.70
C ILE EA 426 27.13 41.36 -131.81
N GLY EA 427 25.84 41.26 -132.18
CA GLY EA 427 25.37 40.22 -133.09
C GLY EA 427 25.10 38.86 -132.50
N GLU EA 428 25.49 38.61 -131.25
CA GLU EA 428 25.24 37.31 -130.64
C GLU EA 428 23.78 37.17 -130.24
N SER EA 429 23.26 35.95 -130.34
CA SER EA 429 21.87 35.66 -130.02
C SER EA 429 21.70 35.41 -128.53
N ILE EA 430 20.62 35.96 -127.96
CA ILE EA 430 20.27 35.68 -126.57
C ILE EA 430 19.69 34.27 -126.38
N THR EA 431 19.26 33.64 -127.47
CA THR EA 431 18.64 32.31 -127.43
C THR EA 431 19.46 31.28 -126.66
N PHE EA 432 18.76 30.49 -125.83
CA PHE EA 432 19.22 29.28 -125.15
C PHE EA 432 20.35 29.50 -124.14
N LYS EA 433 20.67 30.74 -123.79
CA LYS EA 433 21.64 30.99 -122.73
C LYS EA 433 20.98 30.79 -121.36
N PRO EA 434 21.77 30.46 -120.32
CA PRO EA 434 21.16 30.26 -119.00
C PRO EA 434 20.54 31.55 -118.48
N LEU EA 435 19.69 31.40 -117.47
CA LEU EA 435 18.96 32.52 -116.89
C LEU EA 435 19.09 32.64 -115.38
N ARG EA 436 19.45 31.57 -114.68
CA ARG EA 436 19.84 31.63 -113.27
C ARG EA 436 18.69 32.16 -112.41
N VAL EA 437 17.60 31.39 -112.39
CA VAL EA 437 16.35 31.78 -111.73
C VAL EA 437 16.02 30.71 -110.70
N SER EA 438 15.67 31.15 -109.50
CA SER EA 438 15.53 30.20 -108.39
C SER EA 438 14.20 29.46 -108.44
N SER EA 439 13.13 30.20 -108.71
CA SER EA 439 11.77 29.70 -108.90
C SER EA 439 10.98 30.69 -109.73
N LEU EA 440 10.09 30.16 -110.56
CA LEU EA 440 9.45 30.99 -111.56
C LEU EA 440 8.08 30.40 -111.89
N ASP EA 441 7.10 31.29 -112.07
CA ASP EA 441 5.76 30.91 -112.48
C ASP EA 441 5.84 30.53 -113.96
N GLN EA 442 6.13 29.25 -114.20
CA GLN EA 442 6.61 28.77 -115.49
C GLN EA 442 5.92 27.47 -115.91
N ILE EA 443 4.61 27.35 -115.67
CA ILE EA 443 3.95 26.10 -116.02
C ILE EA 443 3.84 25.91 -117.54
N TYR EA 444 3.97 27.00 -118.32
CA TYR EA 444 3.74 26.93 -119.76
C TYR EA 444 4.65 25.87 -120.39
N GLU EA 445 4.04 25.06 -121.24
CA GLU EA 445 4.63 23.87 -121.83
C GLU EA 445 5.15 24.15 -123.24
N SER EA 446 5.75 23.12 -123.84
CA SER EA 446 6.39 23.24 -125.16
C SER EA 446 5.44 23.80 -126.21
N ILE EA 447 4.17 23.35 -126.22
CA ILE EA 447 3.23 23.93 -127.16
C ILE EA 447 2.90 25.37 -126.78
N ASP EA 448 2.91 25.70 -125.49
CA ASP EA 448 2.70 27.09 -125.11
C ASP EA 448 3.85 27.98 -125.58
N LEU EA 449 5.08 27.45 -125.52
CA LEU EA 449 6.24 28.19 -125.99
C LEU EA 449 6.12 28.54 -127.46
N ASP EA 450 5.61 27.60 -128.27
CA ASP EA 450 5.39 27.88 -129.68
C ASP EA 450 4.33 28.95 -129.88
N GLU EA 451 3.29 28.95 -129.06
CA GLU EA 451 2.23 29.96 -129.19
C GLU EA 451 2.71 31.32 -128.70
N LEU EA 452 3.43 31.37 -127.58
CA LEU EA 452 3.98 32.65 -127.14
C LEU EA 452 5.04 33.17 -128.09
N ASN EA 453 5.89 32.27 -128.61
CA ASN EA 453 6.98 32.71 -129.49
C ASN EA 453 6.45 33.21 -130.83
N GLU EA 454 5.50 32.49 -131.43
CA GLU EA 454 4.97 32.89 -132.72
C GLU EA 454 4.33 34.27 -132.64
N ASN EA 455 3.64 34.55 -131.54
CA ASN EA 455 2.99 35.83 -131.28
C ASN EA 455 3.97 36.90 -130.81
N GLY EA 456 5.25 36.55 -130.63
CA GLY EA 456 6.28 37.54 -130.36
C GLY EA 456 6.46 37.86 -128.90
N ILE EA 457 6.33 36.87 -128.02
CA ILE EA 457 6.40 37.06 -126.58
C ILE EA 457 7.53 36.16 -126.08
N ILE EA 458 8.51 36.77 -125.41
CA ILE EA 458 9.68 36.04 -124.93
C ILE EA 458 9.26 35.15 -123.77
N SER EA 459 9.65 33.88 -123.83
CA SER EA 459 9.29 32.87 -122.84
C SER EA 459 10.54 32.22 -122.25
N ILE EA 460 10.31 31.37 -121.24
CA ILE EA 460 11.35 30.68 -120.49
C ILE EA 460 10.96 29.21 -120.42
N GLU EA 461 11.98 28.34 -120.33
CA GLU EA 461 11.80 26.89 -120.37
C GLU EA 461 12.63 26.19 -119.29
N PHE EA 462 12.07 25.13 -118.72
CA PHE EA 462 12.77 24.22 -117.84
C PHE EA 462 13.43 23.10 -118.65
N VAL EA 463 14.71 22.83 -118.36
CA VAL EA 463 15.51 21.84 -119.08
C VAL EA 463 16.25 20.99 -118.08
N ARG EA 464 16.30 19.68 -118.34
CA ARG EA 464 16.91 18.71 -117.43
C ARG EA 464 18.20 18.22 -118.07
N ASN EA 465 19.31 18.35 -117.35
CA ASN EA 465 20.58 17.82 -117.81
C ASN EA 465 20.64 16.35 -117.39
N ARG EA 466 21.84 15.77 -117.27
CA ARG EA 466 21.95 14.42 -116.73
C ARG EA 466 21.36 14.34 -115.33
N THR EA 467 21.90 15.13 -114.41
CA THR EA 467 21.37 15.28 -113.07
C THR EA 467 21.08 16.73 -112.70
N ASN EA 468 21.94 17.66 -113.08
CA ASN EA 468 21.67 19.08 -112.85
C ASN EA 468 20.51 19.54 -113.72
N THR EA 469 19.95 20.70 -113.37
CA THR EA 469 18.93 21.35 -114.17
C THR EA 469 19.26 22.83 -114.33
N PHE EA 470 18.63 23.45 -115.32
CA PHE EA 470 18.79 24.88 -115.54
C PHE EA 470 17.64 25.39 -116.41
N PHE EA 471 17.48 26.70 -116.41
CA PHE EA 471 16.42 27.40 -117.14
C PHE EA 471 17.06 28.29 -118.21
N ARG EA 472 16.64 28.13 -119.46
CA ARG EA 472 17.16 28.90 -120.57
C ARG EA 472 16.01 29.56 -121.34
N ILE EA 473 16.35 30.60 -122.10
CA ILE EA 473 15.38 31.44 -122.79
C ILE EA 473 15.33 30.95 -124.23
N VAL EA 474 14.11 30.78 -124.77
CA VAL EA 474 13.94 29.87 -125.91
C VAL EA 474 14.04 30.52 -127.29
N ASP EA 475 14.02 31.84 -127.38
CA ASP EA 475 14.12 32.47 -128.69
C ASP EA 475 14.40 33.96 -128.53
N ASP EA 476 15.22 34.48 -129.44
CA ASP EA 476 15.51 35.92 -129.55
C ASP EA 476 14.46 36.70 -130.34
N VAL EA 477 13.16 36.39 -130.19
CA VAL EA 477 12.13 37.05 -130.98
C VAL EA 477 11.80 38.41 -130.38
N THR EA 478 11.27 39.31 -131.22
CA THR EA 478 10.72 40.60 -130.78
C THR EA 478 9.20 40.54 -130.77
N THR EA 479 8.56 41.68 -130.47
CA THR EA 479 7.11 41.81 -130.53
C THR EA 479 6.58 42.01 -131.95
N PHE EA 480 7.45 41.96 -132.97
CA PHE EA 480 7.05 42.25 -134.34
C PHE EA 480 6.38 41.06 -135.01
N ASN EA 481 5.51 41.36 -135.96
CA ASN EA 481 4.58 40.43 -136.58
C ASN EA 481 5.20 39.57 -137.68
N ASP EA 482 5.87 40.19 -138.65
CA ASP EA 482 6.21 39.53 -139.91
C ASP EA 482 7.27 38.46 -139.69
N LYS EA 483 7.00 37.26 -140.20
CA LYS EA 483 7.91 36.14 -140.05
C LYS EA 483 9.03 36.12 -141.10
N SER EA 484 8.87 36.83 -142.21
CA SER EA 484 9.86 36.89 -143.28
C SER EA 484 10.80 38.09 -143.18
N ASP EA 485 10.79 38.81 -142.05
CA ASP EA 485 11.56 40.05 -141.88
C ASP EA 485 12.40 39.93 -140.62
N PRO EA 486 13.47 39.12 -140.65
CA PRO EA 486 14.22 38.83 -139.41
C PRO EA 486 14.96 40.02 -138.83
N VAL EA 487 15.31 41.03 -139.65
CA VAL EA 487 15.83 42.30 -139.15
C VAL EA 487 14.91 42.97 -138.12
N LYS EA 488 13.59 42.77 -138.23
CA LYS EA 488 12.64 43.29 -137.24
C LYS EA 488 12.13 42.21 -136.28
N ALA EA 489 12.02 40.97 -136.74
CA ALA EA 489 11.48 39.88 -135.92
C ALA EA 489 12.48 39.29 -134.94
N GLU EA 490 13.77 39.54 -135.10
CA GLU EA 490 14.80 38.92 -134.26
C GLU EA 490 15.68 40.01 -133.69
N MET EA 491 15.78 40.04 -132.37
CA MET EA 491 16.49 41.11 -131.68
C MET EA 491 17.97 41.15 -132.05
N ALA EA 492 18.61 39.98 -132.21
CA ALA EA 492 20.03 39.97 -132.51
C ALA EA 492 20.31 40.37 -133.95
N VAL EA 493 19.40 40.09 -134.88
CA VAL EA 493 19.59 40.50 -136.25
C VAL EA 493 19.39 42.01 -136.38
N GLY EA 494 18.31 42.53 -135.77
CA GLY EA 494 18.14 43.98 -135.69
C GLY EA 494 19.35 44.70 -135.12
N GLU EA 495 19.97 44.11 -134.09
CA GLU EA 495 21.15 44.71 -133.47
C GLU EA 495 22.31 44.75 -134.46
N ALA EA 496 22.62 43.61 -135.07
CA ALA EA 496 23.61 43.56 -136.13
C ALA EA 496 23.34 44.57 -137.24
N ASN EA 497 22.07 44.84 -137.55
CA ASN EA 497 21.75 45.86 -138.54
C ASN EA 497 22.01 47.26 -138.00
N ASP EA 498 21.54 47.53 -136.79
CA ASP EA 498 21.72 48.84 -136.17
C ASP EA 498 23.20 49.22 -136.08
N PHE EA 499 24.01 48.34 -135.49
CA PHE EA 499 25.41 48.69 -135.28
C PHE EA 499 26.17 48.85 -136.60
N LEU EA 500 25.78 48.07 -137.61
CA LEU EA 500 26.31 48.25 -138.96
C LEU EA 500 25.90 49.62 -139.52
N VAL EA 501 24.62 49.95 -139.42
CA VAL EA 501 24.11 51.19 -140.00
C VAL EA 501 24.70 52.41 -139.28
N SER EA 502 25.00 52.30 -137.99
CA SER EA 502 25.57 53.44 -137.29
C SER EA 502 26.95 53.78 -137.84
N GLU EA 503 27.72 52.78 -138.30
CA GLU EA 503 29.00 53.09 -138.94
C GLU EA 503 28.85 53.49 -140.40
N LEU EA 504 27.96 52.78 -141.11
CA LEU EA 504 27.78 53.02 -142.54
C LEU EA 504 27.35 54.46 -142.80
N LYS EA 505 26.55 55.03 -141.89
CA LYS EA 505 26.24 56.46 -141.90
C LYS EA 505 27.52 57.29 -141.88
N VAL EA 506 28.33 57.18 -140.85
CA VAL EA 506 29.46 58.11 -140.66
C VAL EA 506 30.43 58.02 -141.83
N GLN EA 507 30.73 56.82 -142.29
CA GLN EA 507 31.64 56.66 -143.42
C GLN EA 507 31.05 57.26 -144.69
N LEU EA 508 29.73 57.20 -144.89
CA LEU EA 508 29.09 57.96 -145.96
C LEU EA 508 29.23 59.47 -145.74
N GLU EA 509 28.86 59.96 -144.57
CA GLU EA 509 28.73 61.40 -144.30
C GLU EA 509 30.04 62.15 -144.52
N ASP EA 510 31.14 61.66 -143.95
CA ASP EA 510 32.45 62.33 -144.09
C ASP EA 510 33.10 62.14 -145.47
N GLN EA 511 32.56 61.28 -146.34
CA GLN EA 511 33.06 61.10 -147.71
C GLN EA 511 32.20 61.82 -148.75
N PHE EA 512 30.94 61.42 -148.91
CA PHE EA 512 30.09 62.04 -149.92
C PHE EA 512 29.40 63.31 -149.44
N ILE EA 513 29.01 63.41 -148.16
CA ILE EA 513 28.73 64.71 -147.52
C ILE EA 513 30.06 65.42 -147.12
N GLY EA 514 31.18 64.95 -147.68
CA GLY EA 514 32.35 65.79 -147.93
C GLY EA 514 32.07 66.78 -149.08
N THR EA 515 31.02 66.51 -149.87
CA THR EA 515 30.30 67.41 -150.79
C THR EA 515 31.02 67.95 -152.01
N ARG EA 516 32.37 67.95 -152.00
CA ARG EA 516 33.24 68.90 -152.72
C ARG EA 516 32.73 69.37 -154.08
N THR EA 517 32.31 68.45 -154.93
CA THR EA 517 31.96 68.79 -156.30
C THR EA 517 30.97 67.81 -156.91
N ILE EA 518 30.09 68.32 -157.77
CA ILE EA 518 29.28 67.50 -158.67
C ILE EA 518 30.10 66.78 -159.75
N ASN EA 519 31.43 66.97 -159.81
CA ASN EA 519 32.30 66.04 -160.54
C ASN EA 519 32.18 64.60 -160.01
N THR EA 520 31.80 64.42 -158.75
CA THR EA 520 31.68 63.10 -158.15
C THR EA 520 30.48 62.34 -158.71
N SER EA 521 30.71 61.44 -159.67
CA SER EA 521 29.59 60.75 -160.32
C SER EA 521 29.31 59.42 -159.63
N ALA EA 522 28.20 58.79 -160.06
CA ALA EA 522 27.65 57.67 -159.31
C ALA EA 522 28.59 56.47 -159.30
N SER EA 523 29.43 56.32 -160.34
CA SER EA 523 30.43 55.27 -160.37
C SER EA 523 31.34 55.30 -159.14
N ILE EA 524 31.58 56.49 -158.62
CA ILE EA 524 32.49 56.68 -157.50
C ILE EA 524 31.84 56.12 -156.25
N ILE EA 525 30.57 56.42 -156.06
CA ILE EA 525 29.81 55.86 -154.94
C ILE EA 525 29.70 54.34 -155.10
N LYS EA 526 29.51 53.85 -156.34
CA LYS EA 526 29.48 52.42 -156.62
C LYS EA 526 30.77 51.75 -156.19
N ASP EA 527 31.91 52.43 -156.35
CA ASP EA 527 33.17 51.89 -155.86
C ASP EA 527 33.23 51.88 -154.34
N PHE EA 528 32.87 53.00 -153.73
CA PHE EA 528 33.04 53.18 -152.30
C PHE EA 528 32.31 52.09 -151.52
N ILE EA 529 31.12 51.74 -152.00
CA ILE EA 529 30.32 50.68 -151.41
C ILE EA 529 31.05 49.34 -151.50
N GLN EA 530 31.71 49.05 -152.62
CA GLN EA 530 32.52 47.85 -152.72
C GLN EA 530 33.61 47.83 -151.65
N SER EA 531 34.20 48.99 -151.34
CA SER EA 531 35.20 49.04 -150.29
C SER EA 531 34.59 48.72 -148.93
N TYR EA 532 33.39 49.25 -148.66
CA TYR EA 532 32.75 49.06 -147.37
C TYR EA 532 32.29 47.61 -147.21
N LEU EA 533 31.73 47.03 -148.27
CA LEU EA 533 31.27 45.65 -148.18
C LEU EA 533 32.45 44.68 -148.13
N GLY EA 534 33.60 45.07 -148.69
CA GLY EA 534 34.78 44.24 -148.57
C GLY EA 534 35.40 44.33 -147.19
N ARG EA 535 35.37 45.51 -146.58
CA ARG EA 535 35.90 45.64 -145.23
C ARG EA 535 35.03 44.93 -144.22
N LYS EA 536 33.71 44.91 -144.45
CA LYS EA 536 32.80 44.26 -143.52
C LYS EA 536 32.74 42.76 -143.72
N LYS EA 537 33.03 42.27 -144.92
CA LYS EA 537 33.22 40.84 -145.11
C LYS EA 537 34.51 40.38 -144.45
N ARG EA 538 35.57 41.20 -144.57
CA ARG EA 538 36.86 40.90 -143.96
C ARG EA 538 36.72 40.66 -142.45
N ASP EA 539 35.96 41.51 -141.76
CA ASP EA 539 35.72 41.30 -140.33
C ASP EA 539 34.59 40.32 -140.06
N ASN EA 540 34.08 39.63 -141.08
CA ASN EA 540 33.05 38.60 -140.98
C ASN EA 540 31.74 39.13 -140.41
N GLU EA 541 31.51 40.45 -140.49
CA GLU EA 541 30.23 41.00 -140.04
C GLU EA 541 29.10 40.70 -141.03
N ILE EA 542 29.43 40.36 -142.28
CA ILE EA 542 28.47 39.92 -143.28
C ILE EA 542 28.97 38.59 -143.85
N GLN EA 543 28.03 37.71 -144.20
CA GLN EA 543 28.43 36.43 -144.79
C GLN EA 543 28.93 36.62 -146.21
N ASP EA 544 28.17 37.38 -147.01
CA ASP EA 544 28.50 37.54 -148.42
C ASP EA 544 27.70 38.71 -148.99
N PHE EA 545 28.10 39.16 -150.18
CA PHE EA 545 27.40 40.22 -150.87
C PHE EA 545 27.66 40.02 -152.37
N PRO EA 546 26.68 40.28 -153.25
CA PRO EA 546 26.94 40.22 -154.70
C PRO EA 546 27.53 41.54 -155.18
N ALA EA 547 28.80 41.49 -155.61
CA ALA EA 547 29.48 42.70 -156.06
C ALA EA 547 28.85 43.30 -157.31
N GLU EA 548 28.06 42.53 -158.05
CA GLU EA 548 27.42 43.01 -159.26
C GLU EA 548 26.20 43.89 -158.99
N ASP EA 549 25.63 43.85 -157.79
CA ASP EA 549 24.28 44.34 -157.54
C ASP EA 549 24.24 45.75 -156.95
N VAL EA 550 25.32 46.51 -157.05
CA VAL EA 550 25.36 47.88 -156.58
C VAL EA 550 24.87 48.80 -157.70
N GLN EA 551 23.76 49.48 -157.48
CA GLN EA 551 23.21 50.47 -158.40
C GLN EA 551 23.12 51.81 -157.69
N VAL EA 552 23.58 52.88 -158.36
CA VAL EA 552 23.54 54.22 -157.79
C VAL EA 552 23.17 55.21 -158.89
N ILE EA 553 22.32 56.18 -158.55
CA ILE EA 553 21.93 57.27 -159.43
C ILE EA 553 22.17 58.57 -158.67
N VAL EA 554 22.71 59.57 -159.36
CA VAL EA 554 22.96 60.89 -158.81
C VAL EA 554 22.22 61.91 -159.68
N GLU EA 555 21.61 62.90 -159.03
CA GLU EA 555 20.85 63.95 -159.73
C GLU EA 555 21.04 65.26 -158.97
N GLY EA 556 21.84 66.16 -159.52
CA GLY EA 556 22.26 67.37 -158.85
C GLY EA 556 22.86 67.08 -157.50
N ASN EA 557 22.22 67.56 -156.42
CA ASN EA 557 22.74 67.40 -155.07
C ASN EA 557 22.26 66.12 -154.40
N GLU EA 558 21.49 65.27 -155.11
CA GLU EA 558 20.78 64.15 -154.52
C GLU EA 558 21.33 62.86 -155.12
N ALA EA 559 21.53 61.83 -154.30
CA ALA EA 559 21.89 60.50 -154.79
C ALA EA 559 20.99 59.44 -154.16
N ARG EA 560 20.77 58.36 -154.91
CA ARG EA 560 19.98 57.23 -154.47
C ARG EA 560 20.77 55.94 -154.69
N ILE EA 561 20.77 55.07 -153.67
CA ILE EA 561 21.60 53.87 -153.63
C ILE EA 561 20.71 52.66 -153.40
N SER EA 562 21.15 51.53 -153.95
CA SER EA 562 20.54 50.21 -153.73
C SER EA 562 21.64 49.16 -153.74
N MET EA 563 21.45 48.10 -152.96
CA MET EA 563 22.43 47.03 -152.88
C MET EA 563 21.78 45.81 -152.25
N THR EA 564 22.59 44.76 -152.07
CA THR EA 564 22.14 43.46 -151.57
C THR EA 564 23.22 42.90 -150.65
N VAL EA 565 22.78 42.21 -149.61
CA VAL EA 565 23.69 41.59 -148.64
C VAL EA 565 23.14 40.22 -148.28
N TYR EA 566 24.03 39.23 -148.24
CA TYR EA 566 23.72 37.92 -147.66
C TYR EA 566 24.05 37.94 -146.17
N PRO EA 567 23.06 38.06 -145.28
CA PRO EA 567 23.38 38.01 -143.85
C PRO EA 567 23.76 36.61 -143.41
N ILE EA 568 24.48 36.55 -142.28
CA ILE EA 568 24.88 35.26 -141.73
C ILE EA 568 23.63 34.46 -141.37
N ARG EA 569 23.54 33.26 -141.92
CA ARG EA 569 22.36 32.41 -141.73
C ARG EA 569 22.45 31.66 -140.41
N SER EA 570 21.29 31.43 -139.80
CA SER EA 570 21.21 30.72 -138.53
C SER EA 570 21.17 29.20 -138.79
N PHE EA 571 20.88 28.45 -137.73
CA PHE EA 571 20.99 26.98 -137.73
C PHE EA 571 19.96 26.41 -136.74
N LYS EA 572 18.73 26.90 -136.82
CA LYS EA 572 17.82 26.90 -135.68
C LYS EA 572 17.30 25.51 -135.34
N LYS EA 573 17.05 24.65 -136.34
CA LYS EA 573 16.43 23.36 -136.10
C LYS EA 573 17.41 22.22 -136.32
N ILE EA 574 17.30 21.19 -135.46
CA ILE EA 574 18.05 19.94 -135.62
C ILE EA 574 17.07 18.81 -135.33
N SER EA 575 17.01 17.82 -136.23
CA SER EA 575 16.22 16.62 -136.06
C SER EA 575 17.15 15.41 -136.03
N VAL EA 576 16.76 14.39 -135.27
CA VAL EA 576 17.58 13.18 -135.11
C VAL EA 576 16.70 11.96 -135.32
N SER EA 577 17.30 10.90 -135.86
CA SER EA 577 16.66 9.59 -135.98
C SER EA 577 17.57 8.58 -135.30
N LEU EA 578 17.21 8.21 -134.07
CA LEU EA 578 18.04 7.43 -133.16
C LEU EA 578 17.47 6.02 -133.07
N VAL EA 579 18.27 5.01 -133.44
CA VAL EA 579 17.81 3.63 -133.54
C VAL EA 579 18.65 2.73 -132.64
N TYR EA 580 18.00 1.73 -132.04
CA TYR EA 580 18.65 0.73 -131.20
C TYR EA 580 18.58 -0.63 -131.88
N LYS EA 581 19.71 -1.36 -131.91
CA LYS EA 581 19.81 -2.66 -132.60
C LYS EA 581 20.39 -3.74 -131.70
N GLN EA 582 20.04 -5.00 -132.00
CA GLN EA 582 20.74 -6.10 -131.33
C GLN EA 582 22.21 -6.10 -131.77
N GLN EA 583 23.01 -6.83 -131.01
CA GLN EA 583 24.46 -6.93 -131.16
C GLN EA 583 24.95 -8.29 -130.67
N THR EA 584 26.00 -8.80 -131.29
CA THR EA 584 26.68 -10.02 -130.87
C THR EA 584 28.04 -9.70 -130.26
N LEU EA 585 28.39 -10.42 -129.19
CA LEU EA 585 29.73 -10.48 -128.65
C LEU EA 585 30.03 -11.95 -128.42
N GLN EA 586 31.26 -12.39 -128.68
CA GLN EA 586 31.54 -13.83 -128.64
C GLN EA 586 32.94 -14.12 -128.12
N ALA EA 587 33.05 -15.31 -127.53
CA ALA EA 587 34.34 -15.96 -127.24
C ALA EA 587 35.25 -15.94 -128.47
N THR FA 12 113.59 64.64 -106.35
CA THR FA 12 112.34 63.92 -106.27
C THR FA 12 112.46 62.71 -107.22
N ARG FA 13 113.45 61.85 -106.95
CA ARG FA 13 113.69 60.67 -107.76
C ARG FA 13 112.49 59.73 -107.66
N PRO FA 14 112.19 58.94 -108.70
CA PRO FA 14 110.94 58.16 -108.71
C PRO FA 14 110.86 57.15 -107.57
N HIS FA 15 109.66 56.98 -107.01
CA HIS FA 15 109.50 56.17 -105.80
C HIS FA 15 108.05 55.76 -105.57
N ALA FA 16 107.89 54.83 -104.63
CA ALA FA 16 106.62 54.51 -103.98
C ALA FA 16 106.65 55.02 -102.53
N SER FA 17 105.63 55.77 -102.13
CA SER FA 17 105.49 56.29 -100.78
C SER FA 17 104.17 55.84 -100.18
N ILE FA 18 104.21 55.41 -98.92
CA ILE FA 18 103.14 54.62 -98.32
C ILE FA 18 102.85 55.11 -96.91
N SER FA 32 79.27 63.41 -109.46
CA SER FA 32 77.99 64.12 -109.36
C SER FA 32 78.11 65.52 -109.95
N GLU FA 33 77.18 65.84 -110.86
CA GLU FA 33 77.22 67.11 -111.59
C GLU FA 33 76.65 68.29 -110.80
N LYS FA 34 75.85 68.04 -109.77
CA LYS FA 34 75.26 69.08 -108.95
C LYS FA 34 76.17 69.38 -107.76
N VAL FA 35 77.02 70.40 -107.92
CA VAL FA 35 77.92 70.84 -106.87
C VAL FA 35 77.12 71.46 -105.73
N PHE FA 36 77.63 71.29 -104.50
CA PHE FA 36 76.95 71.69 -103.28
C PHE FA 36 77.83 72.67 -102.52
N CYS FA 37 77.22 73.76 -102.02
CA CYS FA 37 77.97 74.80 -101.33
C CYS FA 37 77.51 74.93 -99.88
N LEU FA 38 78.41 75.43 -99.03
CA LEU FA 38 78.21 75.60 -97.61
C LEU FA 38 78.89 76.88 -97.15
N ILE FA 39 78.35 77.51 -96.12
CA ILE FA 39 79.01 78.66 -95.48
C ILE FA 39 78.63 78.71 -94.01
N GLY FA 40 79.63 78.69 -93.14
CA GLY FA 40 79.39 78.71 -91.71
C GLY FA 40 80.66 78.96 -90.92
N GLN FA 41 80.59 78.66 -89.63
CA GLN FA 41 81.73 78.76 -88.70
C GLN FA 41 82.62 77.54 -88.86
N ALA FA 42 83.91 77.73 -88.59
CA ALA FA 42 84.90 76.67 -88.52
C ALA FA 42 86.17 77.23 -87.87
N GLU FA 43 86.84 76.40 -87.08
CA GLU FA 43 88.11 76.78 -86.44
C GLU FA 43 89.29 76.39 -87.33
N GLY FA 44 89.28 76.82 -88.59
CA GLY FA 44 90.41 76.54 -89.45
C GLY FA 44 90.19 76.92 -90.90
N GLY FA 45 91.29 77.18 -91.60
CA GLY FA 45 91.24 77.65 -92.97
C GLY FA 45 91.15 79.16 -93.04
N GLU FA 46 91.81 79.75 -94.03
CA GLU FA 46 91.75 81.19 -94.18
C GLU FA 46 90.37 81.60 -94.67
N PRO FA 47 89.78 82.66 -94.12
CA PRO FA 47 88.44 83.06 -94.55
C PRO FA 47 88.49 83.87 -95.85
N ASN FA 48 87.30 84.06 -96.42
CA ASN FA 48 87.13 84.84 -97.65
C ASN FA 48 87.76 84.13 -98.86
N THR FA 49 87.77 82.80 -98.84
CA THR FA 49 88.22 82.00 -99.98
C THR FA 49 87.43 80.71 -100.00
N VAL FA 50 86.82 80.41 -101.14
CA VAL FA 50 86.02 79.19 -101.27
C VAL FA 50 86.95 78.04 -101.58
N TYR FA 51 86.92 77.01 -100.74
CA TYR FA 51 87.73 75.82 -100.87
C TYR FA 51 86.91 74.71 -101.51
N GLU FA 52 87.60 73.83 -102.24
CA GLU FA 52 87.00 72.60 -102.77
C GLU FA 52 87.63 71.43 -102.04
N LEU FA 53 86.78 70.60 -101.42
CA LEU FA 53 87.21 69.57 -100.48
C LEU FA 53 87.16 68.23 -101.21
N ARG FA 54 88.34 67.66 -101.49
CA ARG FA 54 88.40 66.47 -102.33
C ARG FA 54 87.96 65.21 -101.58
N ASN FA 55 88.12 65.20 -100.25
CA ASN FA 55 87.84 64.00 -99.47
C ASN FA 55 87.73 64.43 -98.01
N TYR FA 56 86.75 63.87 -97.29
CA TYR FA 56 86.51 64.29 -95.91
C TYR FA 56 87.72 64.06 -95.01
N SER FA 57 88.67 63.21 -95.42
CA SER FA 57 89.96 63.18 -94.75
C SER FA 57 90.68 64.52 -94.89
N GLN FA 58 90.49 65.20 -96.02
CA GLN FA 58 91.10 66.52 -96.22
C GLN FA 58 90.25 67.63 -95.60
N ALA FA 59 88.94 67.41 -95.47
CA ALA FA 59 88.08 68.37 -94.78
C ALA FA 59 88.56 68.61 -93.36
N LYS FA 60 88.72 67.54 -92.59
CA LYS FA 60 89.19 67.66 -91.21
C LYS FA 60 90.56 68.32 -91.13
N ARG FA 61 91.41 68.11 -92.13
CA ARG FA 61 92.74 68.72 -92.12
C ARG FA 61 92.67 70.23 -92.33
N LEU FA 62 91.63 70.73 -93.00
CA LEU FA 62 91.45 72.15 -93.23
C LEU FA 62 90.50 72.76 -92.20
N PHE FA 63 89.29 72.21 -92.10
CA PHE FA 63 88.28 72.65 -91.15
C PHE FA 63 88.37 71.76 -89.93
N ARG FA 64 89.13 72.24 -88.93
CA ARG FA 64 89.46 71.41 -87.77
C ARG FA 64 88.24 71.06 -86.96
N SER FA 65 87.37 72.04 -86.72
CA SER FA 65 86.30 71.91 -85.76
C SER FA 65 85.25 72.96 -86.04
N GLY FA 66 84.05 72.71 -85.56
CA GLY FA 66 82.94 73.62 -85.70
C GLY FA 66 81.82 73.00 -86.48
N GLU FA 67 80.76 73.80 -86.66
CA GLU FA 67 79.53 73.30 -87.29
C GLU FA 67 79.77 72.88 -88.74
N LEU FA 68 80.69 73.57 -89.44
CA LEU FA 68 80.94 73.25 -90.84
C LEU FA 68 81.45 71.82 -91.03
N LEU FA 69 82.24 71.31 -90.08
CA LEU FA 69 82.73 69.95 -90.20
C LEU FA 69 81.59 68.93 -90.08
N ASP FA 70 80.75 69.10 -89.07
CA ASP FA 70 79.58 68.23 -88.93
C ASP FA 70 78.65 68.36 -90.13
N ALA FA 71 78.60 69.55 -90.74
CA ALA FA 71 77.74 69.75 -91.90
C ALA FA 71 78.28 69.02 -93.11
N ILE FA 72 79.61 68.94 -93.23
CA ILE FA 72 80.22 68.24 -94.36
C ILE FA 72 80.04 66.73 -94.20
N GLU FA 73 80.37 66.21 -93.03
CA GLU FA 73 80.31 64.76 -92.82
C GLU FA 73 78.87 64.25 -92.70
N LEU FA 74 77.95 65.10 -92.25
CA LEU FA 74 76.55 64.73 -92.28
C LEU FA 74 76.05 64.64 -93.72
N ALA FA 75 76.48 65.57 -94.58
CA ALA FA 75 75.99 65.62 -95.96
C ALA FA 75 76.46 64.40 -96.75
N TRP FA 76 77.74 64.07 -96.65
CA TRP FA 76 78.28 62.92 -97.37
C TRP FA 76 77.83 61.60 -96.74
N GLY FA 77 77.46 61.60 -95.47
CA GLY FA 77 76.98 60.42 -94.78
C GLY FA 77 75.47 60.29 -94.64
N SER FA 78 74.69 61.18 -95.24
CA SER FA 78 73.25 61.26 -94.96
C SER FA 78 72.46 60.01 -95.36
N ASN FA 79 73.00 59.15 -96.23
CA ASN FA 79 72.28 57.96 -96.71
C ASN FA 79 73.33 57.01 -97.27
N PRO FA 80 73.16 55.68 -97.11
CA PRO FA 80 74.26 54.78 -97.53
C PRO FA 80 74.56 54.77 -99.03
N ASN FA 81 73.70 55.33 -99.88
CA ASN FA 81 73.90 55.28 -101.33
C ASN FA 81 73.68 56.64 -102.01
N TYR FA 82 72.71 57.43 -101.55
CA TYR FA 82 72.49 58.75 -102.14
C TYR FA 82 73.45 59.78 -101.53
N THR FA 83 74.76 59.53 -101.68
CA THR FA 83 75.78 60.40 -101.09
C THR FA 83 75.88 61.72 -101.83
N ALA FA 84 76.35 62.76 -101.12
CA ALA FA 84 76.44 64.09 -101.72
C ALA FA 84 77.59 64.20 -102.70
N GLY FA 85 77.50 65.21 -103.58
CA GLY FA 85 78.53 65.45 -104.57
C GLY FA 85 79.69 66.28 -104.04
N ARG FA 86 80.35 66.95 -104.97
CA ARG FA 86 81.53 67.75 -104.71
C ARG FA 86 81.12 68.96 -103.90
N ILE FA 87 81.76 69.16 -102.75
CA ILE FA 87 81.39 70.21 -101.81
C ILE FA 87 82.34 71.39 -101.98
N LEU FA 88 81.78 72.59 -101.88
CA LEU FA 88 82.52 73.83 -101.76
C LEU FA 88 82.13 74.45 -100.42
N ALA FA 89 83.10 75.02 -99.70
CA ALA FA 89 82.81 75.58 -98.40
C ALA FA 89 83.73 76.74 -98.09
N MET FA 90 83.30 77.57 -97.14
CA MET FA 90 84.09 78.69 -96.64
C MET FA 90 83.79 78.95 -95.18
N ARG FA 91 84.86 79.24 -94.43
CA ARG FA 91 84.76 79.77 -93.08
C ARG FA 91 84.38 81.25 -93.17
N ILE FA 92 83.25 81.63 -92.56
CA ILE FA 92 82.86 83.04 -92.48
C ILE FA 92 83.22 83.53 -91.09
N GLU FA 93 84.34 84.22 -90.99
CA GLU FA 93 84.79 84.83 -89.75
C GLU FA 93 85.69 86.01 -90.09
N ASP FA 94 85.88 86.89 -89.11
CA ASP FA 94 86.83 87.99 -89.19
C ASP FA 94 88.13 87.63 -88.49
N ALA FA 95 88.62 86.41 -88.71
CA ALA FA 95 89.75 85.92 -87.95
C ALA FA 95 91.04 86.54 -88.45
N LYS FA 96 92.04 86.59 -87.57
CA LYS FA 96 93.37 87.08 -87.90
C LYS FA 96 94.40 86.18 -87.24
N PRO FA 97 95.65 86.22 -87.72
CA PRO FA 97 96.66 85.28 -87.22
C PRO FA 97 97.29 85.71 -85.91
N ALA FA 98 97.95 84.73 -85.29
CA ALA FA 98 98.85 84.99 -84.16
C ALA FA 98 100.27 85.20 -84.65
N SER FA 99 100.98 86.14 -84.03
CA SER FA 99 102.32 86.50 -84.48
C SER FA 99 103.12 87.04 -83.31
N ALA FA 100 104.43 87.17 -83.54
CA ALA FA 100 105.35 87.74 -82.58
C ALA FA 100 106.57 88.29 -83.33
N GLU FA 101 107.23 89.28 -82.73
CA GLU FA 101 108.41 89.92 -83.29
C GLU FA 101 109.46 89.99 -82.19
N ILE FA 102 110.55 89.23 -82.37
CA ILE FA 102 111.52 89.03 -81.31
C ILE FA 102 112.83 88.59 -81.93
N GLY FA 103 113.93 88.89 -81.25
CA GLY FA 103 115.24 88.66 -81.84
C GLY FA 103 115.34 89.51 -83.08
N GLY FA 104 115.59 88.85 -84.22
CA GLY FA 104 115.66 89.49 -85.52
C GLY FA 104 114.56 89.05 -86.47
N LEU FA 105 113.55 88.34 -85.96
CA LEU FA 105 112.60 87.61 -86.79
C LEU FA 105 111.17 87.97 -86.40
N LYS FA 106 110.34 88.25 -87.40
CA LYS FA 106 108.90 88.24 -87.23
C LYS FA 106 108.40 86.81 -87.49
N ILE FA 107 107.66 86.26 -86.52
CA ILE FA 107 107.14 84.89 -86.58
C ILE FA 107 105.62 84.99 -86.71
N THR FA 108 105.07 84.33 -87.72
CA THR FA 108 103.66 84.40 -88.06
C THR FA 108 103.10 82.99 -88.26
N SER FA 109 101.79 82.85 -88.00
CA SER FA 109 101.11 81.56 -87.98
C SER FA 109 100.19 81.47 -89.19
N LYS FA 110 100.22 80.33 -89.88
CA LYS FA 110 99.30 80.09 -90.99
C LYS FA 110 97.91 79.69 -90.54
N ILE FA 111 97.75 79.23 -89.30
CA ILE FA 111 96.42 79.01 -88.74
C ILE FA 111 95.87 80.36 -88.27
N TYR FA 112 94.62 80.66 -88.62
CA TYR FA 112 93.93 81.87 -88.19
C TYR FA 112 92.84 81.48 -87.22
N GLY FA 113 92.88 82.08 -86.02
CA GLY FA 113 91.92 81.78 -84.98
C GLY FA 113 92.53 81.69 -83.60
N ASN FA 114 91.71 81.32 -82.62
CA ASN FA 114 92.20 81.15 -81.26
C ASN FA 114 93.19 80.01 -81.15
N VAL FA 115 93.10 79.01 -82.02
CA VAL FA 115 93.98 77.85 -81.95
C VAL FA 115 95.45 78.27 -82.09
N ALA FA 116 95.72 79.26 -82.95
CA ALA FA 116 97.06 79.83 -83.08
C ALA FA 116 97.66 80.32 -81.78
N ASN FA 117 96.85 80.72 -80.79
CA ASN FA 117 97.43 81.14 -79.52
C ASN FA 117 98.13 80.01 -78.77
N ASN FA 118 97.91 78.76 -79.14
CA ASN FA 118 98.59 77.63 -78.51
C ASN FA 118 99.99 77.40 -79.05
N ILE FA 119 100.35 78.01 -80.19
CA ILE FA 119 101.67 77.82 -80.77
C ILE FA 119 102.73 78.39 -79.83
N GLN FA 120 103.86 77.70 -79.74
CA GLN FA 120 105.03 78.20 -79.00
C GLN FA 120 106.28 77.94 -79.83
N VAL FA 121 107.24 78.86 -79.75
CA VAL FA 121 108.50 78.76 -80.49
C VAL FA 121 109.61 79.26 -79.57
N GLY FA 122 110.78 78.65 -79.69
CA GLY FA 122 111.94 79.08 -78.93
C GLY FA 122 113.24 78.63 -79.59
N LEU FA 123 114.28 79.45 -79.49
CA LEU FA 123 115.57 79.18 -80.11
C LEU FA 123 116.62 78.87 -79.05
N GLU FA 124 117.68 78.21 -79.49
CA GLU FA 124 118.91 78.07 -78.73
C GLU FA 124 120.09 78.19 -79.68
N LYS FA 125 121.24 78.52 -79.13
CA LYS FA 125 122.52 78.35 -79.81
C LYS FA 125 123.31 77.29 -79.06
N ASN FA 126 123.78 76.28 -79.81
CA ASN FA 126 124.33 75.05 -79.26
C ASN FA 126 125.84 75.09 -79.42
N THR FA 127 126.55 75.07 -78.28
CA THR FA 127 128.01 75.05 -78.30
C THR FA 127 128.59 73.72 -78.78
N LEU FA 128 127.78 72.66 -78.90
CA LEU FA 128 128.30 71.41 -79.43
C LEU FA 128 128.53 71.51 -80.94
N SER FA 129 127.73 72.34 -81.61
CA SER FA 129 127.75 72.52 -83.05
C SER FA 129 128.09 73.93 -83.51
N ASP FA 130 128.10 74.90 -82.59
CA ASP FA 130 128.18 76.32 -82.92
C ASP FA 130 127.05 76.76 -83.87
N SER FA 131 125.93 76.04 -83.87
CA SER FA 131 124.76 76.34 -84.69
C SER FA 131 123.64 76.92 -83.84
N LEU FA 132 122.58 77.36 -84.53
CA LEU FA 132 121.31 77.65 -83.92
C LEU FA 132 120.46 76.38 -83.84
N ARG FA 133 119.51 76.38 -82.90
CA ARG FA 133 118.54 75.30 -82.74
C ARG FA 133 117.17 75.91 -82.55
N LEU FA 134 116.16 75.28 -83.14
CA LEU FA 134 114.77 75.75 -83.11
C LEU FA 134 113.86 74.64 -82.59
N ARG FA 135 112.82 75.03 -81.87
CA ARG FA 135 111.80 74.09 -81.39
C ARG FA 135 110.42 74.70 -81.55
N VAL FA 136 109.49 73.94 -82.11
CA VAL FA 136 108.10 74.32 -82.33
C VAL FA 136 107.23 73.29 -81.62
N ILE FA 137 106.25 73.76 -80.86
CA ILE FA 137 105.29 72.93 -80.13
C ILE FA 137 103.87 73.34 -80.49
N PHE FA 138 102.97 72.33 -80.58
CA PHE FA 138 101.57 72.55 -80.93
C PHE FA 138 100.78 71.36 -80.37
N GLN FA 139 100.39 71.46 -79.10
CA GLN FA 139 99.78 70.33 -78.40
C GLN FA 139 98.40 69.97 -78.93
N ASP FA 140 97.71 70.85 -79.67
CA ASP FA 140 96.36 70.54 -80.12
C ASP FA 140 96.38 69.32 -81.05
N ASP FA 141 97.28 69.31 -82.02
CA ASP FA 141 97.45 68.17 -82.91
C ASP FA 141 98.47 67.16 -82.38
N ARG FA 142 98.89 67.30 -81.12
CA ARG FA 142 99.95 66.47 -80.54
C ARG FA 142 101.20 66.52 -81.43
N PHE FA 143 101.49 67.70 -81.93
CA PHE FA 143 102.54 67.96 -82.92
C PHE FA 143 103.71 68.67 -82.23
N ASN FA 144 104.93 68.21 -82.51
CA ASN FA 144 106.12 68.76 -81.90
C ASN FA 144 107.30 68.46 -82.82
N GLU FA 145 108.26 69.40 -82.88
CA GLU FA 145 109.41 69.30 -83.77
C GLU FA 145 110.61 70.04 -83.17
N VAL FA 146 111.81 69.59 -83.54
CA VAL FA 146 113.07 70.25 -83.19
C VAL FA 146 113.95 70.27 -84.42
N TYR FA 147 114.56 71.43 -84.69
CA TYR FA 147 115.50 71.62 -85.79
C TYR FA 147 116.85 72.02 -85.23
N ASP FA 148 117.89 71.30 -85.63
CA ASP FA 148 119.27 71.51 -85.18
C ASP FA 148 120.18 71.65 -86.37
N ASN FA 149 121.40 72.12 -86.10
CA ASN FA 149 122.36 72.50 -87.13
C ASN FA 149 121.78 73.56 -88.06
N ILE FA 150 121.06 74.52 -87.48
CA ILE FA 150 120.49 75.62 -88.24
C ILE FA 150 121.61 76.61 -88.54
N GLY FA 151 121.73 76.99 -89.82
CA GLY FA 151 122.86 77.76 -90.28
C GLY FA 151 124.04 76.85 -90.57
N ASN FA 152 125.24 77.46 -90.59
CA ASN FA 152 126.51 76.75 -90.73
C ASN FA 152 126.51 75.84 -91.95
N ILE FA 153 126.37 76.49 -93.13
CA ILE FA 153 126.06 75.79 -94.38
C ILE FA 153 127.15 74.78 -94.76
N PHE FA 154 128.40 75.24 -94.96
CA PHE FA 154 129.45 74.36 -95.47
C PHE FA 154 130.79 74.79 -94.90
N THR FA 155 131.78 73.87 -94.92
CA THR FA 155 133.07 74.13 -94.29
C THR FA 155 134.10 74.69 -95.28
N ILE FA 156 135.02 75.52 -94.78
CA ILE FA 156 136.22 75.97 -95.47
C ILE FA 156 137.44 75.65 -94.59
N LYS FA 157 138.58 75.31 -95.22
CA LYS FA 157 139.82 75.06 -94.51
C LYS FA 157 140.97 75.24 -95.50
N TYR FA 158 142.22 75.33 -94.98
CA TYR FA 158 143.43 75.45 -95.80
C TYR FA 158 144.46 74.39 -95.42
N LYS FA 159 145.06 73.77 -96.45
CA LYS FA 159 146.06 72.72 -96.28
C LYS FA 159 147.41 73.00 -96.97
N GLY FA 160 147.55 74.07 -97.73
CA GLY FA 160 148.78 74.37 -98.42
C GLY FA 160 149.89 74.73 -97.43
N GLU FA 161 151.09 74.93 -97.98
CA GLU FA 161 152.31 75.06 -97.18
C GLU FA 161 152.31 76.30 -96.28
N GLU FA 162 151.63 77.39 -96.69
CA GLU FA 162 151.70 78.67 -95.99
C GLU FA 162 151.37 78.57 -94.50
N ALA FA 163 151.88 79.55 -93.75
CA ALA FA 163 151.69 79.67 -92.31
C ALA FA 163 150.33 80.26 -91.93
N ASN FA 164 149.67 81.00 -92.84
CA ASN FA 164 148.39 81.65 -92.56
C ASN FA 164 147.43 81.47 -93.73
N ALA FA 165 146.15 81.30 -93.41
CA ALA FA 165 145.06 81.43 -94.37
C ALA FA 165 143.83 81.98 -93.66
N THR FA 166 142.99 82.70 -94.42
CA THR FA 166 141.69 83.21 -93.94
C THR FA 166 140.75 83.28 -95.15
N PHE FA 167 139.63 84.00 -95.01
CA PHE FA 167 138.67 84.21 -96.09
C PHE FA 167 137.82 85.42 -95.73
N SER FA 168 136.98 85.86 -96.68
CA SER FA 168 135.99 86.89 -96.37
C SER FA 168 134.76 86.77 -97.27
N VAL FA 169 133.66 87.35 -96.80
CA VAL FA 169 132.39 87.47 -97.50
C VAL FA 169 131.88 88.88 -97.26
N GLU FA 170 131.38 89.56 -98.31
CA GLU FA 170 130.96 90.95 -98.22
C GLU FA 170 129.58 91.16 -98.84
N HIS FA 171 128.95 92.28 -98.48
CA HIS FA 171 127.60 92.63 -98.94
C HIS FA 171 127.62 93.71 -100.01
N ASP FA 172 126.49 93.80 -100.70
CA ASP FA 172 126.06 95.03 -101.35
C ASP FA 172 125.64 96.04 -100.29
N GLU FA 173 126.19 97.26 -100.38
CA GLU FA 173 125.90 98.26 -99.35
C GLU FA 173 124.43 98.63 -99.31
N GLU FA 174 123.71 98.47 -100.43
CA GLU FA 174 122.31 98.87 -100.51
C GLU FA 174 121.38 97.74 -100.05
N THR FA 175 121.29 96.66 -100.83
CA THR FA 175 120.35 95.58 -100.50
C THR FA 175 120.79 94.77 -99.29
N GLN FA 176 122.08 94.77 -98.95
CA GLN FA 176 122.64 93.91 -97.91
C GLN FA 176 122.53 92.42 -98.26
N LYS FA 177 122.39 92.12 -99.55
CA LYS FA 177 122.66 90.79 -100.07
C LYS FA 177 124.17 90.59 -100.20
N ALA FA 178 124.62 89.34 -100.13
CA ALA FA 178 126.04 89.08 -100.32
C ALA FA 178 126.42 89.35 -101.77
N SER FA 179 127.66 89.82 -101.98
CA SER FA 179 128.14 90.21 -103.29
C SER FA 179 129.50 89.59 -103.64
N ARG FA 180 130.39 89.42 -102.65
CA ARG FA 180 131.71 88.82 -102.87
C ARG FA 180 131.94 87.71 -101.85
N LEU FA 181 132.65 86.65 -102.29
CA LEU FA 181 133.31 85.71 -101.39
C LEU FA 181 134.73 85.49 -101.90
N VAL FA 182 135.69 85.46 -100.98
CA VAL FA 182 137.11 85.47 -101.32
C VAL FA 182 137.88 84.53 -100.39
N LEU FA 183 138.73 83.68 -100.98
CA LEU FA 183 139.78 82.98 -100.26
C LEU FA 183 140.96 83.91 -100.06
N LYS FA 184 141.58 83.87 -98.87
CA LYS FA 184 142.76 84.68 -98.55
C LYS FA 184 143.96 83.82 -98.18
N VAL FA 185 145.08 84.05 -98.85
CA VAL FA 185 146.38 83.56 -98.41
C VAL FA 185 146.91 84.55 -97.37
N GLY FA 186 146.98 84.10 -96.13
CA GLY FA 186 147.08 84.97 -95.00
C GLY FA 186 146.03 86.08 -95.01
N ASP FA 187 146.50 87.30 -95.23
CA ASP FA 187 145.68 88.49 -95.20
C ASP FA 187 145.11 88.88 -96.56
N GLN FA 188 145.57 88.26 -97.66
CA GLN FA 188 145.38 88.81 -99.01
C GLN FA 188 144.50 87.94 -99.90
N GLU FA 189 143.66 88.60 -100.68
CA GLU FA 189 142.65 87.98 -101.55
C GLU FA 189 143.30 87.16 -102.67
N VAL FA 190 142.95 85.86 -102.76
CA VAL FA 190 143.46 84.98 -103.81
C VAL FA 190 142.55 85.04 -105.03
N LYS FA 191 141.28 84.66 -104.86
CA LYS FA 191 140.30 84.68 -105.95
C LYS FA 191 138.92 84.99 -105.38
N SER FA 192 138.09 85.61 -106.21
CA SER FA 192 136.77 86.14 -105.88
C SER FA 192 135.69 85.41 -106.69
N TYR FA 193 134.52 85.21 -106.08
CA TYR FA 193 133.34 84.66 -106.74
C TYR FA 193 132.23 85.72 -106.81
N ASP FA 194 131.69 85.94 -108.01
CA ASP FA 194 130.71 86.98 -108.30
C ASP FA 194 129.32 86.55 -107.80
N LEU FA 195 129.08 86.78 -106.51
CA LEU FA 195 127.76 86.49 -105.94
C LEU FA 195 126.68 87.45 -106.42
N THR FA 196 127.05 88.53 -107.12
CA THR FA 196 126.06 89.44 -107.69
C THR FA 196 125.28 88.83 -108.86
N GLY FA 197 125.79 87.77 -109.47
CA GLY FA 197 125.11 87.12 -110.58
C GLY FA 197 125.92 86.11 -111.37
N GLY FA 198 125.25 85.17 -112.03
CA GLY FA 198 125.90 84.25 -112.94
C GLY FA 198 126.10 82.84 -112.45
N ALA FA 199 127.23 82.21 -112.83
CA ALA FA 199 127.40 80.79 -112.55
C ALA FA 199 127.44 80.48 -111.05
N TYR FA 200 127.77 81.46 -110.21
CA TYR FA 200 127.99 81.24 -108.79
C TYR FA 200 126.80 81.63 -107.92
N ASP FA 201 125.61 81.80 -108.52
CA ASP FA 201 124.42 82.11 -107.74
C ASP FA 201 124.02 80.99 -106.77
N TYR FA 202 124.43 79.74 -107.01
CA TYR FA 202 124.17 78.63 -106.11
C TYR FA 202 125.47 78.21 -105.44
N THR FA 203 125.45 78.07 -104.10
CA THR FA 203 126.69 77.83 -103.35
C THR FA 203 127.37 76.51 -103.75
N ASN FA 204 126.65 75.59 -104.40
CA ASN FA 204 127.28 74.36 -104.90
C ASN FA 204 128.46 74.66 -105.83
N ALA FA 205 128.33 75.66 -106.71
CA ALA FA 205 129.43 76.03 -107.60
C ALA FA 205 130.68 76.42 -106.81
N ILE FA 206 130.51 77.11 -105.68
CA ILE FA 206 131.67 77.50 -104.88
C ILE FA 206 132.19 76.30 -104.08
N ILE FA 207 131.28 75.42 -103.63
CA ILE FA 207 131.73 74.19 -102.96
C ILE FA 207 132.55 73.34 -103.91
N THR FA 208 132.25 73.37 -105.21
CA THR FA 208 133.12 72.71 -106.18
C THR FA 208 134.39 73.51 -106.43
N ASP FA 209 134.28 74.81 -106.73
CA ASP FA 209 135.45 75.55 -107.23
C ASP FA 209 136.47 75.92 -106.15
N ILE FA 210 136.10 75.91 -104.87
CA ILE FA 210 137.15 76.00 -103.85
C ILE FA 210 138.09 74.81 -103.96
N ASN FA 211 137.53 73.64 -104.28
CA ASN FA 211 138.32 72.46 -104.62
C ASN FA 211 138.64 72.44 -106.12
N GLN FA 212 138.90 73.62 -106.68
CA GLN FA 212 139.71 73.81 -107.87
C GLN FA 212 140.84 74.80 -107.62
N LEU FA 213 141.07 75.14 -106.35
CA LEU FA 213 142.27 75.84 -105.87
C LEU FA 213 142.85 75.00 -104.75
N PRO FA 214 143.35 73.78 -105.08
CA PRO FA 214 143.42 72.69 -104.08
C PRO FA 214 144.33 72.90 -102.89
N ASP FA 215 145.01 74.05 -102.77
CA ASP FA 215 145.68 74.37 -101.52
C ASP FA 215 144.66 74.60 -100.42
N PHE FA 216 143.51 75.16 -100.76
CA PHE FA 216 142.39 75.31 -99.85
C PHE FA 216 141.55 74.03 -99.88
N GLU FA 217 140.59 73.98 -98.95
CA GLU FA 217 139.57 72.95 -98.92
C GLU FA 217 138.21 73.59 -98.72
N ALA FA 218 137.19 72.97 -99.29
CA ALA FA 218 135.81 73.12 -98.87
C ALA FA 218 135.21 71.73 -98.78
N LYS FA 219 134.33 71.52 -97.79
CA LYS FA 219 133.59 70.28 -97.71
C LYS FA 219 132.19 70.51 -97.18
N LEU FA 220 131.28 69.63 -97.60
CA LEU FA 220 129.84 69.75 -97.42
C LEU FA 220 129.43 69.39 -95.99
N SER FA 221 128.24 69.85 -95.60
CA SER FA 221 127.66 69.45 -94.34
C SER FA 221 127.12 68.02 -94.46
N PRO FA 222 127.17 67.21 -93.40
CA PRO FA 222 126.50 65.91 -93.48
C PRO FA 222 125.00 65.98 -93.24
N PHE FA 223 124.49 67.06 -92.69
CA PHE FA 223 123.15 67.12 -92.12
C PHE FA 223 122.11 67.56 -93.16
N GLY FA 224 121.93 66.74 -94.21
CA GLY FA 224 120.88 66.95 -95.19
C GLY FA 224 121.21 68.03 -96.22
N ASP FA 225 120.29 68.20 -97.18
CA ASP FA 225 120.53 69.04 -98.34
C ASP FA 225 120.38 70.52 -97.98
N LYS FA 226 121.08 71.39 -98.74
CA LYS FA 226 121.09 72.81 -98.47
C LYS FA 226 120.93 73.74 -99.69
N ASN FA 227 121.76 73.56 -100.73
CA ASN FA 227 121.63 74.20 -102.04
C ASN FA 227 121.26 75.69 -101.95
N LEU FA 228 121.97 76.41 -101.08
CA LEU FA 228 121.61 77.79 -100.78
C LEU FA 228 122.05 78.72 -101.92
N GLU FA 229 121.16 79.66 -102.29
CA GLU FA 229 121.57 80.71 -103.21
C GLU FA 229 122.57 81.63 -102.52
N SER FA 230 123.74 81.80 -103.13
CA SER FA 230 124.87 82.43 -102.46
C SER FA 230 124.60 83.89 -102.09
N SER FA 231 123.65 84.55 -102.72
CA SER FA 231 123.29 85.92 -102.35
C SER FA 231 122.73 86.01 -100.92
N LYS FA 232 122.29 84.90 -100.34
CA LYS FA 232 121.70 84.88 -99.00
C LYS FA 232 122.74 84.69 -97.88
N LEU FA 233 124.03 84.53 -98.22
CA LEU FA 233 125.08 84.43 -97.22
C LEU FA 233 125.25 85.76 -96.48
N ASP FA 234 125.97 85.72 -95.34
CA ASP FA 234 126.18 86.89 -94.48
C ASP FA 234 127.66 87.26 -94.39
N LYS FA 235 127.91 88.58 -94.29
CA LYS FA 235 129.23 89.19 -94.38
C LYS FA 235 130.13 88.83 -93.19
N ILE FA 236 131.36 88.38 -93.50
CA ILE FA 236 132.31 87.86 -92.52
C ILE FA 236 133.72 88.19 -93.01
N GLU FA 237 134.67 88.28 -92.07
CA GLU FA 237 136.08 88.58 -92.37
C GLU FA 237 137.06 87.83 -91.49
N ASN FA 238 138.21 87.46 -92.10
CA ASN FA 238 139.49 87.21 -91.44
C ASN FA 238 139.47 86.17 -90.31
N ALA FA 239 138.64 85.13 -90.40
CA ALA FA 239 138.75 84.00 -89.48
C ALA FA 239 140.09 83.25 -89.70
N ASN FA 240 140.79 82.95 -88.60
CA ASN FA 240 142.16 82.43 -88.60
C ASN FA 240 142.22 80.93 -88.92
N ILE FA 241 142.88 80.53 -90.05
CA ILE FA 241 142.77 79.17 -90.60
C ILE FA 241 144.11 78.56 -91.00
N LYS FA 242 144.22 77.25 -90.73
CA LYS FA 242 145.08 76.26 -91.37
C LYS FA 242 144.59 74.91 -90.83
N ASP FA 243 144.93 74.61 -89.58
CA ASP FA 243 144.39 73.45 -88.89
C ASP FA 243 142.87 73.48 -88.84
N LYS FA 244 142.30 74.64 -88.52
CA LYS FA 244 140.87 74.81 -88.28
C LYS FA 244 140.04 74.63 -89.55
N ALA FA 245 138.78 74.20 -89.37
CA ALA FA 245 137.72 74.26 -90.39
C ALA FA 245 136.61 75.17 -89.89
N VAL FA 246 136.17 76.11 -90.74
CA VAL FA 246 135.21 77.14 -90.35
C VAL FA 246 134.06 77.19 -91.36
N TYR FA 247 132.84 77.40 -90.86
CA TYR FA 247 131.68 77.50 -91.73
C TYR FA 247 131.43 78.95 -92.16
N VAL FA 248 130.73 79.11 -93.30
CA VAL FA 248 129.96 80.32 -93.54
C VAL FA 248 128.59 80.08 -92.92
N LYS FA 249 128.01 81.09 -92.26
CA LYS FA 249 127.01 80.82 -91.23
C LYS FA 249 125.57 81.04 -91.67
N ALA FA 250 125.27 82.15 -92.37
CA ALA FA 250 124.09 82.33 -93.22
C ALA FA 250 122.78 81.81 -92.59
N VAL FA 251 122.53 82.15 -91.33
CA VAL FA 251 121.50 81.45 -90.54
C VAL FA 251 120.11 81.60 -91.17
N PHE FA 252 119.74 82.80 -91.65
CA PHE FA 252 118.40 82.94 -92.21
C PHE FA 252 118.28 82.22 -93.55
N GLY FA 253 119.38 82.13 -94.30
CA GLY FA 253 119.33 81.41 -95.55
C GLY FA 253 119.06 79.93 -95.33
N ASP FA 254 119.59 79.38 -94.24
CA ASP FA 254 119.31 78.00 -93.89
C ASP FA 254 117.89 77.83 -93.35
N LEU FA 255 117.40 78.80 -92.56
CA LEU FA 255 116.07 78.69 -92.01
C LEU FA 255 115.01 78.62 -93.10
N GLU FA 256 115.22 79.32 -94.23
CA GLU FA 256 114.29 79.17 -95.35
C GLU FA 256 114.24 77.73 -95.84
N LYS FA 257 115.36 77.01 -95.77
CA LYS FA 257 115.32 75.59 -96.13
C LYS FA 257 114.61 74.79 -95.05
N GLN FA 258 114.92 75.04 -93.78
CA GLN FA 258 114.30 74.29 -92.70
C GLN FA 258 112.81 74.57 -92.55
N THR FA 259 112.27 75.61 -93.18
CA THR FA 259 110.85 75.98 -93.06
C THR FA 259 110.09 75.88 -94.38
N ALA FA 260 110.67 75.24 -95.39
CA ALA FA 260 110.11 75.19 -96.74
C ALA FA 260 108.66 74.69 -96.76
N TYR FA 261 108.39 73.59 -96.04
CA TYR FA 261 107.08 72.95 -96.06
C TYR FA 261 106.57 72.64 -94.65
N ASN FA 262 107.18 73.20 -93.61
CA ASN FA 262 107.20 72.61 -92.29
C ASN FA 262 106.17 73.25 -91.36
N GLY FA 263 105.29 72.43 -90.81
CA GLY FA 263 104.45 72.81 -89.68
C GLY FA 263 103.41 73.87 -90.00
N ILE FA 264 103.23 74.78 -89.04
CA ILE FA 264 102.17 75.77 -89.07
C ILE FA 264 102.71 77.19 -89.27
N VAL FA 265 103.99 77.42 -89.06
CA VAL FA 265 104.55 78.74 -88.79
C VAL FA 265 105.43 79.17 -89.97
N SER FA 266 105.50 80.48 -90.19
CA SER FA 266 106.43 81.06 -91.14
C SER FA 266 107.16 82.25 -90.51
N PHE FA 267 108.26 82.64 -91.15
CA PHE FA 267 109.23 83.58 -90.59
C PHE FA 267 109.55 84.70 -91.58
N GLU FA 268 109.77 85.91 -91.05
CA GLU FA 268 110.23 87.04 -91.85
C GLU FA 268 111.30 87.79 -91.06
N GLN FA 269 112.43 88.07 -91.72
CA GLN FA 269 113.51 88.81 -91.11
C GLN FA 269 113.22 90.31 -91.14
N LEU FA 270 113.50 90.98 -90.04
CA LEU FA 270 113.33 92.42 -89.99
C LEU FA 270 114.44 93.09 -90.78
N LYS FA 298 118.17 94.57 -89.35
CA LYS FA 298 118.24 93.99 -88.01
C LYS FA 298 118.91 92.61 -88.07
N THR FA 299 119.28 92.07 -86.90
CA THR FA 299 120.12 90.88 -86.81
C THR FA 299 119.47 89.83 -85.91
N ILE FA 300 119.54 88.58 -86.35
CA ILE FA 300 118.91 87.46 -85.65
C ILE FA 300 119.71 87.10 -84.40
N GLU FA 301 118.99 86.66 -83.37
CA GLU FA 301 119.58 86.23 -82.11
C GLU FA 301 118.63 85.23 -81.47
N PRO FA 302 119.12 84.30 -80.64
CA PRO FA 302 118.20 83.39 -79.94
C PRO FA 302 117.31 84.10 -78.94
N PHE FA 303 116.37 83.32 -78.40
CA PHE FA 303 115.32 83.79 -77.50
C PHE FA 303 114.62 82.61 -76.84
N GLU FA 304 114.18 82.86 -75.61
CA GLU FA 304 113.50 81.84 -74.81
C GLU FA 304 112.17 81.45 -75.46
N LEU FA 305 111.68 80.28 -75.05
CA LEU FA 305 110.39 79.79 -75.53
C LEU FA 305 109.25 80.75 -75.15
N THR FA 306 108.47 81.17 -76.16
CA THR FA 306 107.42 82.17 -76.01
C THR FA 306 106.25 81.83 -76.93
N LYS FA 307 105.02 82.07 -76.45
CA LYS FA 307 103.81 81.85 -77.24
C LYS FA 307 103.62 82.91 -78.32
N LEU FA 308 103.18 82.46 -79.49
CA LEU FA 308 102.68 83.38 -80.50
C LEU FA 308 101.29 83.88 -80.10
N LYS FA 309 101.17 85.19 -79.96
CA LYS FA 309 99.98 85.84 -79.44
C LYS FA 309 99.21 86.53 -80.56
N GLY FA 310 98.05 87.05 -80.21
CA GLY FA 310 97.19 87.70 -81.19
C GLY FA 310 96.39 86.78 -82.06
N GLY FA 311 96.21 85.52 -81.65
CA GLY FA 311 95.29 84.64 -82.36
C GLY FA 311 93.87 85.03 -82.08
N THR FA 312 93.07 85.17 -83.13
CA THR FA 312 91.76 85.81 -83.02
C THR FA 312 90.79 85.16 -83.98
N ASN FA 313 89.74 84.52 -83.44
CA ASN FA 313 88.64 84.08 -84.28
C ASN FA 313 87.91 85.27 -84.89
N GLY FA 314 87.84 86.37 -84.15
CA GLY FA 314 87.24 87.59 -84.64
C GLY FA 314 85.77 87.71 -84.28
N GLU FA 315 85.26 88.94 -84.38
CA GLU FA 315 83.86 89.20 -84.08
C GLU FA 315 82.97 88.53 -85.13
N PRO FA 316 81.74 88.15 -84.77
CA PRO FA 316 80.81 87.62 -85.79
C PRO FA 316 80.59 88.62 -86.92
N PRO FA 317 80.21 88.15 -88.10
CA PRO FA 317 79.98 89.07 -89.23
C PRO FA 317 78.70 89.86 -89.05
N ALA FA 318 78.77 91.16 -89.35
CA ALA FA 318 77.55 91.98 -89.30
C ALA FA 318 76.61 91.66 -90.45
N THR FA 319 77.15 91.25 -91.60
CA THR FA 319 76.35 90.91 -92.76
C THR FA 319 77.16 89.92 -93.60
N TRP FA 320 76.47 88.98 -94.24
CA TRP FA 320 77.17 87.90 -94.94
C TRP FA 320 77.45 88.21 -96.42
N ALA FA 321 77.02 89.36 -96.92
CA ALA FA 321 76.90 89.56 -98.35
C ALA FA 321 78.27 89.63 -99.01
N ASP FA 322 79.20 90.39 -98.43
CA ASP FA 322 80.48 90.57 -99.10
C ASP FA 322 81.37 89.33 -99.03
N LYS FA 323 81.04 88.36 -98.17
CA LYS FA 323 81.74 87.08 -98.11
C LYS FA 323 80.97 85.95 -98.79
N LEU FA 324 79.65 86.11 -98.97
CA LEU FA 324 78.87 85.20 -99.80
C LEU FA 324 79.09 85.39 -101.28
N ASP FA 325 79.53 86.57 -101.71
CA ASP FA 325 79.75 86.84 -103.14
C ASP FA 325 80.81 85.93 -103.75
N LYS FA 326 81.70 85.35 -102.94
CA LYS FA 326 82.76 84.53 -103.49
C LYS FA 326 82.23 83.23 -104.11
N PHE FA 327 81.01 82.81 -103.76
CA PHE FA 327 80.37 81.65 -104.36
C PHE FA 327 79.68 81.95 -105.69
N ALA FA 328 79.81 83.18 -106.21
CA ALA FA 328 79.10 83.55 -107.43
C ALA FA 328 79.42 82.62 -108.59
N HIS FA 329 80.69 82.56 -108.95
CA HIS FA 329 81.18 81.95 -110.19
C HIS FA 329 81.81 80.58 -109.98
N GLU FA 330 81.46 79.88 -108.91
CA GLU FA 330 82.13 78.65 -108.53
C GLU FA 330 81.35 77.39 -108.92
N GLY FA 331 80.28 77.53 -109.70
CA GLY FA 331 79.55 76.38 -110.20
C GLY FA 331 78.67 75.61 -109.24
N GLY FA 332 78.39 76.16 -108.06
CA GLY FA 332 77.43 75.52 -107.20
C GLY FA 332 76.03 75.57 -107.79
N TYR FA 333 75.16 74.71 -107.25
CA TYR FA 333 73.74 74.74 -107.56
C TYR FA 333 72.88 74.76 -106.29
N TYR FA 334 73.27 74.01 -105.26
CA TYR FA 334 72.64 74.06 -103.94
C TYR FA 334 73.59 74.72 -102.96
N ILE FA 335 73.11 75.75 -102.26
CA ILE FA 335 73.90 76.48 -101.27
C ILE FA 335 73.06 76.62 -100.02
N VAL FA 336 73.67 76.41 -98.85
CA VAL FA 336 72.98 76.40 -97.57
C VAL FA 336 73.75 77.29 -96.60
N PRO FA 337 73.09 78.17 -95.86
CA PRO FA 337 73.75 78.86 -94.74
C PRO FA 337 73.62 78.09 -93.44
N LEU FA 338 74.71 78.09 -92.66
CA LEU FA 338 74.74 77.45 -91.34
C LEU FA 338 74.54 78.51 -90.26
N SER FA 339 73.30 78.98 -90.15
CA SER FA 339 72.97 80.06 -89.24
C SER FA 339 71.46 80.21 -89.16
N SER FA 340 71.00 80.83 -88.07
CA SER FA 340 69.58 80.92 -87.76
C SER FA 340 68.98 82.29 -88.04
N LYS FA 341 69.79 83.35 -88.13
CA LYS FA 341 69.26 84.70 -88.24
C LYS FA 341 68.51 84.88 -89.56
N GLN FA 342 67.33 85.51 -89.49
CA GLN FA 342 66.52 85.69 -90.68
C GLN FA 342 67.20 86.61 -91.69
N SER FA 343 67.94 87.62 -91.21
CA SER FA 343 68.62 88.54 -92.12
C SER FA 343 69.60 87.80 -93.04
N VAL FA 344 70.35 86.84 -92.48
CA VAL FA 344 71.26 86.05 -93.31
C VAL FA 344 70.48 85.27 -94.35
N HIS FA 345 69.31 84.76 -93.96
CA HIS FA 345 68.46 83.99 -94.87
C HIS FA 345 67.91 84.88 -95.98
N ALA FA 346 67.53 86.11 -95.66
CA ALA FA 346 67.11 87.05 -96.70
C ALA FA 346 68.25 87.36 -97.65
N GLU FA 347 69.48 87.48 -97.13
CA GLU FA 347 70.63 87.76 -97.98
C GLU FA 347 70.92 86.59 -98.92
N VAL FA 348 70.81 85.36 -98.40
CA VAL FA 348 71.05 84.17 -99.22
C VAL FA 348 70.01 84.09 -100.33
N ALA FA 349 68.73 84.33 -99.99
CA ALA FA 349 67.68 84.44 -100.99
C ALA FA 349 68.04 85.49 -102.03
N SER FA 350 68.59 86.63 -101.59
CA SER FA 350 68.95 87.68 -102.53
C SER FA 350 70.11 87.25 -103.41
N PHE FA 351 71.13 86.60 -102.84
CA PHE FA 351 72.25 86.14 -103.64
C PHE FA 351 71.80 85.10 -104.66
N VAL FA 352 70.90 84.20 -104.26
CA VAL FA 352 70.43 83.17 -105.18
C VAL FA 352 69.67 83.80 -106.33
N LYS FA 353 68.90 84.85 -106.06
CA LYS FA 353 68.19 85.55 -107.12
C LYS FA 353 69.15 86.26 -108.05
N GLU FA 354 70.17 86.92 -107.48
CA GLU FA 354 71.12 87.67 -108.28
C GLU FA 354 71.86 86.78 -109.26
N ARG FA 355 72.24 85.57 -108.84
CA ARG FA 355 72.93 84.66 -109.75
C ARG FA 355 71.98 84.06 -110.77
N SER FA 356 70.77 83.70 -110.36
CA SER FA 356 69.85 83.03 -111.27
C SER FA 356 69.34 83.98 -112.35
N ASP FA 357 69.03 85.22 -111.98
CA ASP FA 357 68.61 86.20 -112.97
C ASP FA 357 69.71 86.49 -113.98
N ALA FA 358 70.97 86.27 -113.62
CA ALA FA 358 72.08 86.38 -114.56
C ALA FA 358 72.30 85.13 -115.38
N GLY FA 359 71.40 84.15 -115.34
CA GLY FA 359 71.50 82.97 -116.17
C GLY FA 359 72.17 81.78 -115.50
N GLU FA 360 72.63 81.94 -114.25
CA GLU FA 360 73.40 80.91 -113.54
C GLU FA 360 72.53 80.35 -112.43
N PRO FA 361 71.80 79.25 -112.66
CA PRO FA 361 70.75 78.87 -111.70
C PRO FA 361 71.31 78.31 -110.40
N MET FA 362 70.59 78.58 -109.31
CA MET FA 362 71.02 78.25 -107.96
C MET FA 362 69.80 78.19 -107.07
N ARG FA 363 69.88 77.37 -106.04
CA ARG FA 363 68.80 77.20 -105.08
C ARG FA 363 69.40 77.00 -103.70
N ALA FA 364 68.55 77.22 -102.69
CA ALA FA 364 68.95 77.20 -101.29
C ALA FA 364 67.90 76.49 -100.44
N ILE FA 365 68.39 75.80 -99.40
CA ILE FA 365 67.57 75.14 -98.41
C ILE FA 365 67.99 75.68 -97.05
N VAL FA 366 67.01 76.08 -96.25
CA VAL FA 366 67.23 76.91 -95.06
C VAL FA 366 66.40 76.36 -93.91
N GLY FA 367 66.95 76.42 -92.71
CA GLY FA 367 66.18 76.15 -91.51
C GLY FA 367 66.64 77.02 -90.36
N GLY FA 368 65.71 77.33 -89.47
CA GLY FA 368 65.92 78.31 -88.42
C GLY FA 368 65.99 77.66 -87.05
N GLY FA 369 66.93 78.16 -86.24
CA GLY FA 369 67.11 77.82 -84.83
C GLY FA 369 66.90 76.37 -84.43
N PHE FA 370 66.17 76.22 -83.32
CA PHE FA 370 65.91 74.96 -82.65
C PHE FA 370 64.44 74.87 -82.27
N ASN FA 371 63.77 73.76 -82.62
CA ASN FA 371 62.41 73.47 -82.15
C ASN FA 371 61.45 74.62 -82.48
N GLU FA 372 61.51 75.12 -83.70
CA GLU FA 372 60.66 76.26 -84.05
C GLU FA 372 59.20 75.85 -84.10
N SER FA 373 58.33 76.79 -83.73
CA SER FA 373 56.90 76.57 -83.68
C SER FA 373 56.23 77.04 -84.98
N LYS FA 374 54.94 76.73 -85.10
CA LYS FA 374 54.20 76.99 -86.35
C LYS FA 374 54.20 78.47 -86.70
N GLU FA 375 53.95 79.31 -85.71
CA GLU FA 375 53.85 80.75 -85.94
C GLU FA 375 55.14 81.29 -86.49
N GLN FA 376 56.27 80.76 -86.02
CA GLN FA 376 57.57 81.19 -86.51
C GLN FA 376 57.80 80.72 -87.95
N LEU FA 377 57.29 79.52 -88.30
CA LEU FA 377 57.48 79.03 -89.66
C LEU FA 377 56.65 79.85 -90.66
N PHE FA 378 55.39 80.14 -90.33
CA PHE FA 378 54.58 80.95 -91.23
C PHE FA 378 55.17 82.36 -91.38
N GLY FA 379 55.51 83.00 -90.25
CA GLY FA 379 56.09 84.34 -90.32
C GLY FA 379 57.40 84.39 -91.07
N ARG FA 380 58.16 83.30 -91.04
CA ARG FA 380 59.44 83.25 -91.75
C ARG FA 380 59.26 82.88 -93.21
N GLN FA 381 58.25 82.07 -93.51
CA GLN FA 381 57.91 81.75 -94.89
C GLN FA 381 57.43 82.99 -95.63
N ALA FA 382 56.57 83.77 -94.97
CA ALA FA 382 56.06 85.02 -95.53
C ALA FA 382 57.19 86.03 -95.73
N SER FA 383 58.24 85.95 -94.91
CA SER FA 383 59.42 86.79 -95.07
C SER FA 383 60.47 86.19 -95.99
N LEU FA 384 60.19 85.04 -96.63
CA LEU FA 384 61.17 84.33 -97.43
C LEU FA 384 60.53 83.73 -98.69
N SER FA 385 59.53 84.43 -99.25
CA SER FA 385 58.51 83.82 -100.11
C SER FA 385 59.00 83.46 -101.51
N ASN FA 386 60.13 84.00 -101.96
CA ASN FA 386 60.50 83.82 -103.37
C ASN FA 386 60.82 82.36 -103.67
N PRO FA 387 60.71 81.94 -104.95
CA PRO FA 387 61.10 80.55 -105.29
C PRO FA 387 62.61 80.37 -105.20
N ARG FA 388 63.11 79.20 -105.57
CA ARG FA 388 64.52 78.84 -105.42
C ARG FA 388 64.97 78.88 -103.97
N VAL FA 389 64.04 78.78 -103.02
CA VAL FA 389 64.36 78.72 -101.60
C VAL FA 389 63.41 77.71 -100.97
N SER FA 390 63.95 76.87 -100.09
CA SER FA 390 63.19 75.89 -99.34
C SER FA 390 63.37 76.12 -97.84
N LEU FA 391 62.29 75.97 -97.07
CA LEU FA 391 62.33 76.12 -95.61
C LEU FA 391 62.05 74.76 -94.96
N VAL FA 392 62.89 74.36 -94.01
CA VAL FA 392 62.79 73.10 -93.26
C VAL FA 392 62.17 73.37 -91.90
N ALA FA 393 61.27 72.49 -91.50
CA ALA FA 393 60.40 72.74 -90.34
C ALA FA 393 60.80 71.98 -89.09
N ASN FA 394 61.62 70.93 -89.19
CA ASN FA 394 61.86 69.99 -88.10
C ASN FA 394 63.34 69.94 -87.72
N SER FA 395 63.61 69.69 -86.44
CA SER FA 395 64.92 69.44 -85.88
C SER FA 395 64.99 67.98 -85.42
N GLY FA 396 66.16 67.55 -84.95
CA GLY FA 396 66.32 66.16 -84.55
C GLY FA 396 67.69 65.88 -83.98
N THR FA 397 68.06 64.58 -83.97
CA THR FA 397 69.37 64.13 -83.54
C THR FA 397 70.00 63.23 -84.60
N PHE FA 398 71.32 63.37 -84.79
CA PHE FA 398 72.11 62.57 -85.72
C PHE FA 398 73.28 61.93 -84.98
N VAL FA 399 73.70 60.75 -85.46
CA VAL FA 399 74.77 59.96 -84.87
C VAL FA 399 75.99 60.07 -85.78
N MET FA 400 77.16 60.30 -85.16
CA MET FA 400 78.44 60.31 -85.85
C MET FA 400 79.39 59.32 -85.19
N ASP FA 401 80.38 58.90 -85.98
CA ASP FA 401 81.29 57.81 -85.64
C ASP FA 401 82.07 58.04 -84.35
N ASP FA 402 82.11 59.28 -83.84
CA ASP FA 402 82.79 59.56 -82.57
C ASP FA 402 82.05 59.02 -81.35
N GLY FA 403 80.84 58.49 -81.51
CA GLY FA 403 80.05 58.06 -80.38
C GLY FA 403 79.17 59.15 -79.79
N ARG FA 404 78.74 60.10 -80.62
CA ARG FA 404 78.04 61.31 -80.22
C ARG FA 404 76.63 61.29 -80.77
N LYS FA 405 75.71 61.90 -80.02
CA LYS FA 405 74.35 62.18 -80.48
C LYS FA 405 74.19 63.69 -80.46
N ASN FA 406 74.18 64.30 -81.64
CA ASN FA 406 74.06 65.74 -81.72
C ASN FA 406 72.63 66.17 -81.45
N HIS FA 407 72.48 67.43 -81.04
CA HIS FA 407 71.22 68.14 -81.10
C HIS FA 407 71.28 69.05 -82.32
N VAL FA 408 70.47 68.74 -83.32
CA VAL FA 408 70.68 69.19 -84.69
C VAL FA 408 69.78 70.42 -84.91
N PRO FA 409 70.32 71.59 -85.23
CA PRO FA 409 69.44 72.72 -85.59
C PRO FA 409 68.76 72.47 -86.93
N ALA FA 410 67.78 73.33 -87.22
CA ALA FA 410 67.00 73.19 -88.45
C ALA FA 410 67.87 73.38 -89.69
N TYR FA 411 68.91 74.21 -89.61
CA TYR FA 411 69.74 74.43 -90.80
C TYR FA 411 70.70 73.28 -91.03
N MET FA 412 70.91 72.44 -90.02
CA MET FA 412 71.69 71.23 -90.22
C MET FA 412 70.84 70.11 -90.81
N VAL FA 413 69.54 70.12 -90.55
CA VAL FA 413 68.64 69.21 -91.25
C VAL FA 413 68.52 69.64 -92.71
N ALA FA 414 68.59 70.95 -93.00
CA ALA FA 414 68.63 71.40 -94.39
C ALA FA 414 69.87 70.87 -95.10
N VAL FA 415 71.02 70.92 -94.42
CA VAL FA 415 72.25 70.37 -94.98
C VAL FA 415 72.07 68.89 -95.31
N ALA FA 416 71.53 68.12 -94.35
CA ALA FA 416 71.26 66.71 -94.61
C ALA FA 416 70.37 66.55 -95.83
N LEU FA 417 69.30 67.32 -95.91
CA LEU FA 417 68.47 67.33 -97.08
C LEU FA 417 69.20 67.83 -98.33
N GLY FA 418 69.98 68.89 -98.22
CA GLY FA 418 70.70 69.41 -99.37
C GLY FA 418 71.72 68.42 -99.92
N GLY FA 419 72.37 67.65 -99.04
CA GLY FA 419 73.28 66.62 -99.50
C GLY FA 419 72.57 65.52 -100.26
N LEU FA 420 71.36 65.15 -99.84
CA LEU FA 420 70.55 64.20 -100.58
C LEU FA 420 70.16 64.78 -101.92
N ALA FA 421 69.67 66.01 -101.94
CA ALA FA 421 69.23 66.64 -103.18
C ALA FA 421 70.36 66.68 -104.22
N SER FA 422 71.61 66.79 -103.76
CA SER FA 422 72.75 66.83 -104.67
C SER FA 422 73.19 65.44 -105.13
N GLY FA 423 73.02 64.45 -104.26
CA GLY FA 423 73.32 63.06 -104.59
C GLY FA 423 72.40 62.44 -105.63
N LEU FA 424 71.13 62.81 -105.64
CA LEU FA 424 70.21 62.29 -106.63
C LEU FA 424 70.46 62.89 -108.02
N GLU FA 425 70.49 62.02 -109.01
CA GLU FA 425 70.72 62.40 -110.41
C GLU FA 425 69.63 63.36 -110.87
N ILE FA 426 69.98 64.21 -111.85
CA ILE FA 426 69.18 65.37 -112.25
C ILE FA 426 67.74 64.96 -112.55
N GLY FA 427 66.79 65.74 -112.01
CA GLY FA 427 65.39 65.59 -112.27
C GLY FA 427 64.60 64.73 -111.29
N GLU FA 428 65.27 63.89 -110.49
CA GLU FA 428 64.56 63.04 -109.54
C GLU FA 428 64.24 63.79 -108.25
N SER FA 429 63.07 63.50 -107.68
CA SER FA 429 62.58 64.20 -106.51
C SER FA 429 63.20 63.64 -105.22
N ILE FA 430 63.38 64.50 -104.21
CA ILE FA 430 63.75 64.15 -102.83
C ILE FA 430 62.61 63.46 -102.06
N THR FA 431 61.43 63.40 -102.65
CA THR FA 431 60.28 62.70 -102.08
C THR FA 431 60.65 61.32 -101.60
N PHE FA 432 60.20 61.02 -100.39
CA PHE FA 432 60.24 59.73 -99.74
C PHE FA 432 61.62 59.12 -99.51
N LYS FA 433 62.72 59.84 -99.75
CA LYS FA 433 64.04 59.25 -99.54
C LYS FA 433 64.32 59.04 -98.04
N PRO FA 434 64.86 57.88 -97.64
CA PRO FA 434 65.24 57.64 -96.26
C PRO FA 434 66.32 58.61 -95.76
N LEU FA 435 66.20 59.06 -94.51
CA LEU FA 435 67.18 59.92 -93.83
C LEU FA 435 68.00 59.18 -92.76
N ARG FA 436 69.10 59.80 -92.32
CA ARG FA 436 69.96 59.29 -91.25
C ARG FA 436 69.40 59.46 -89.84
N VAL FA 437 68.28 60.17 -89.64
CA VAL FA 437 67.80 60.61 -88.31
C VAL FA 437 67.74 59.46 -87.31
N SER FA 438 68.29 59.66 -86.12
CA SER FA 438 68.20 58.68 -85.03
C SER FA 438 67.03 58.95 -84.07
N SER FA 439 66.69 60.21 -83.87
CA SER FA 439 65.49 60.63 -83.15
C SER FA 439 65.06 62.01 -83.61
N LEU FA 440 63.79 62.16 -83.97
CA LEU FA 440 63.17 63.37 -84.50
C LEU FA 440 62.53 64.20 -83.38
N ASP FA 441 62.57 65.50 -83.53
CA ASP FA 441 62.10 66.47 -82.57
C ASP FA 441 60.96 67.27 -83.18
N GLN FA 442 59.76 67.19 -82.60
CA GLN FA 442 58.56 67.54 -83.36
C GLN FA 442 57.39 67.93 -82.47
N ILE FA 443 56.55 68.81 -83.04
CA ILE FA 443 55.17 69.01 -82.62
C ILE FA 443 54.34 69.05 -83.91
N TYR FA 444 54.45 68.01 -84.73
CA TYR FA 444 53.83 67.96 -86.06
C TYR FA 444 53.24 66.59 -86.28
N GLU FA 445 51.92 66.53 -86.41
CA GLU FA 445 51.15 65.31 -86.53
C GLU FA 445 50.81 65.08 -88.00
N SER FA 446 49.82 64.23 -88.29
CA SER FA 446 49.38 64.00 -89.66
C SER FA 446 48.91 65.29 -90.32
N ILE FA 447 47.92 65.97 -89.74
CA ILE FA 447 47.30 67.10 -90.43
C ILE FA 447 48.30 68.24 -90.59
N ASP FA 448 49.13 68.47 -89.58
CA ASP FA 448 50.21 69.46 -89.64
C ASP FA 448 51.04 69.30 -90.90
N LEU FA 449 51.39 68.06 -91.25
CA LEU FA 449 52.17 67.82 -92.44
C LEU FA 449 51.41 68.27 -93.69
N ASP FA 450 50.09 68.15 -93.70
CA ASP FA 450 49.32 68.71 -94.80
C ASP FA 450 49.40 70.22 -94.82
N GLU FA 451 49.27 70.86 -93.64
CA GLU FA 451 49.32 72.31 -93.53
C GLU FA 451 50.64 72.84 -94.11
N LEU FA 452 51.75 72.34 -93.60
CA LEU FA 452 53.05 72.90 -93.93
C LEU FA 452 53.54 72.44 -95.29
N ASN FA 453 53.03 71.30 -95.79
CA ASN FA 453 53.28 70.93 -97.18
C ASN FA 453 52.53 71.87 -98.13
N GLU FA 454 51.26 72.15 -97.82
CA GLU FA 454 50.47 73.01 -98.68
C GLU FA 454 50.99 74.44 -98.65
N ASN FA 455 51.52 74.86 -97.50
CA ASN FA 455 52.16 76.16 -97.37
C ASN FA 455 53.66 76.12 -97.73
N GLY FA 456 54.12 75.02 -98.33
CA GLY FA 456 55.39 75.01 -99.02
C GLY FA 456 56.62 74.80 -98.14
N ILE FA 457 56.43 74.32 -96.92
CA ILE FA 457 57.52 74.06 -95.98
C ILE FA 457 57.83 72.56 -96.00
N ILE FA 458 59.10 72.22 -96.08
CA ILE FA 458 59.55 70.85 -96.07
C ILE FA 458 59.39 70.26 -94.66
N SER FA 459 58.96 69.00 -94.57
CA SER FA 459 58.97 68.25 -93.32
C SER FA 459 59.26 66.76 -93.50
N ILE FA 460 59.85 66.18 -92.48
CA ILE FA 460 60.07 64.76 -92.29
C ILE FA 460 58.80 64.13 -91.70
N GLU FA 461 58.52 62.90 -92.06
CA GLU FA 461 57.48 62.11 -91.42
C GLU FA 461 58.12 60.83 -90.88
N PHE FA 462 57.63 60.38 -89.75
CA PHE FA 462 57.93 59.09 -89.19
C PHE FA 462 57.02 58.04 -89.80
N VAL FA 463 57.56 56.94 -90.31
CA VAL FA 463 56.80 55.89 -90.99
C VAL FA 463 56.93 54.59 -90.24
N ARG FA 464 55.84 53.83 -90.19
CA ARG FA 464 55.68 52.65 -89.32
C ARG FA 464 55.39 51.41 -90.18
N ASN FA 465 56.43 50.86 -90.80
CA ASN FA 465 56.37 49.60 -91.57
C ASN FA 465 56.14 48.40 -90.63
N ARG FA 466 56.06 47.16 -91.16
CA ARG FA 466 55.80 45.92 -90.43
C ARG FA 466 56.63 45.82 -89.14
N THR FA 467 57.93 45.83 -89.33
CA THR FA 467 58.92 45.82 -88.26
C THR FA 467 59.50 47.20 -88.11
N ASN FA 468 60.12 47.68 -89.18
CA ASN FA 468 60.93 48.86 -89.13
C ASN FA 468 60.08 50.11 -88.97
N THR FA 469 60.56 51.05 -88.18
CA THR FA 469 60.21 52.45 -88.37
C THR FA 469 61.33 53.09 -89.16
N PHE FA 470 61.06 54.14 -89.90
CA PHE FA 470 62.12 54.98 -90.45
C PHE FA 470 61.61 56.37 -90.77
N PHE FA 471 62.54 57.30 -90.98
CA PHE FA 471 62.22 58.68 -91.32
C PHE FA 471 62.44 58.90 -92.80
N ARG FA 472 61.42 59.43 -93.48
CA ARG FA 472 61.49 59.75 -94.89
C ARG FA 472 60.75 61.04 -95.17
N ILE FA 473 61.37 61.90 -95.96
CA ILE FA 473 60.88 63.27 -96.12
C ILE FA 473 59.75 63.33 -97.14
N VAL FA 474 58.77 64.23 -96.95
CA VAL FA 474 57.50 64.16 -97.70
C VAL FA 474 57.66 64.49 -99.19
N ASP FA 475 57.88 65.73 -99.59
CA ASP FA 475 57.79 66.15 -101.00
C ASP FA 475 58.66 67.37 -101.29
N ASP FA 476 59.13 67.53 -102.51
CA ASP FA 476 60.15 68.53 -102.87
C ASP FA 476 59.57 69.96 -103.06
N VAL FA 477 58.49 70.30 -102.35
CA VAL FA 477 57.85 71.61 -102.51
C VAL FA 477 58.76 72.72 -101.98
N THR FA 478 58.72 73.87 -102.66
CA THR FA 478 59.50 75.05 -102.29
C THR FA 478 58.68 76.03 -101.43
N THR FA 479 59.30 77.16 -101.10
CA THR FA 479 58.65 78.14 -100.22
C THR FA 479 57.52 78.88 -100.92
N PHE FA 480 57.52 78.93 -102.25
CA PHE FA 480 56.43 79.61 -102.97
C PHE FA 480 55.11 78.87 -102.74
N ASN FA 481 54.07 79.64 -102.40
CA ASN FA 481 52.86 79.09 -101.79
C ASN FA 481 51.85 78.65 -102.85
N ASP FA 482 51.69 79.45 -103.90
CA ASP FA 482 50.62 79.26 -104.85
C ASP FA 482 50.83 77.95 -105.60
N LYS FA 483 50.08 76.90 -105.24
CA LYS FA 483 50.27 75.58 -105.81
C LYS FA 483 49.51 75.38 -107.13
N SER FA 484 49.03 76.43 -107.78
CA SER FA 484 48.57 76.29 -109.17
C SER FA 484 49.75 76.19 -110.13
N ASP FA 485 50.93 76.67 -109.72
CA ASP FA 485 52.11 76.75 -110.56
C ASP FA 485 53.12 75.70 -110.09
N PRO FA 486 53.02 74.44 -110.54
CA PRO FA 486 53.98 73.43 -110.06
C PRO FA 486 55.39 73.65 -110.56
N VAL FA 487 55.60 74.51 -111.56
CA VAL FA 487 56.94 74.76 -112.06
C VAL FA 487 57.75 75.52 -111.02
N LYS FA 488 57.09 76.43 -110.29
CA LYS FA 488 57.76 77.12 -109.19
C LYS FA 488 57.70 76.30 -107.90
N ALA FA 489 56.58 75.60 -107.65
CA ALA FA 489 56.35 75.01 -106.34
C ALA FA 489 57.29 73.82 -106.07
N GLU FA 490 57.41 72.90 -107.01
CA GLU FA 490 58.16 71.66 -106.80
C GLU FA 490 59.61 71.85 -107.26
N MET FA 491 60.55 71.70 -106.32
CA MET FA 491 61.97 71.99 -106.60
C MET FA 491 62.50 71.12 -107.73
N ALA FA 492 62.17 69.82 -107.75
CA ALA FA 492 62.71 68.95 -108.79
C ALA FA 492 62.17 69.34 -110.17
N VAL FA 493 60.92 69.80 -110.24
CA VAL FA 493 60.41 70.30 -111.50
C VAL FA 493 61.21 71.53 -111.93
N GLY FA 494 61.53 72.39 -110.97
CA GLY FA 494 62.34 73.56 -111.28
C GLY FA 494 63.74 73.20 -111.72
N GLU FA 495 64.32 72.17 -111.12
CA GLU FA 495 65.66 71.73 -111.52
C GLU FA 495 65.64 71.21 -112.96
N ALA FA 496 64.69 70.33 -113.28
CA ALA FA 496 64.55 69.86 -114.65
C ALA FA 496 64.36 71.01 -115.62
N ASN FA 497 63.55 72.01 -115.24
CA ASN FA 497 63.32 73.15 -116.13
C ASN FA 497 64.60 73.97 -116.29
N ASP FA 498 65.28 74.26 -115.19
CA ASP FA 498 66.51 75.06 -115.22
C ASP FA 498 67.54 74.46 -116.16
N PHE FA 499 67.75 73.14 -116.08
CA PHE FA 499 68.76 72.53 -116.94
C PHE FA 499 68.26 72.38 -118.37
N LEU FA 500 66.96 72.23 -118.59
CA LEU FA 500 66.48 72.21 -119.97
C LEU FA 500 66.65 73.58 -120.63
N VAL FA 501 66.16 74.64 -119.98
CA VAL FA 501 66.26 75.97 -120.57
C VAL FA 501 67.73 76.39 -120.76
N SER FA 502 68.61 75.97 -119.86
CA SER FA 502 70.02 76.33 -120.02
C SER FA 502 70.62 75.66 -121.25
N GLU FA 503 70.31 74.39 -121.46
CA GLU FA 503 70.81 73.69 -122.64
C GLU FA 503 70.20 74.27 -123.92
N LEU FA 504 68.92 74.60 -123.86
CA LEU FA 504 68.27 75.31 -124.97
C LEU FA 504 68.93 76.66 -125.20
N LYS FA 505 69.13 77.43 -124.15
CA LYS FA 505 69.73 78.76 -124.29
C LYS FA 505 71.13 78.66 -124.87
N VAL FA 506 71.90 77.66 -124.43
CA VAL FA 506 73.25 77.45 -124.93
C VAL FA 506 73.23 77.13 -126.43
N GLN FA 507 72.51 76.09 -126.84
CA GLN FA 507 72.59 75.71 -128.25
C GLN FA 507 71.97 76.74 -129.20
N LEU FA 508 71.08 77.61 -128.70
CA LEU FA 508 70.64 78.72 -129.53
C LEU FA 508 71.73 79.76 -129.76
N GLU FA 509 72.77 79.79 -128.92
CA GLU FA 509 73.89 80.69 -129.16
C GLU FA 509 74.64 80.31 -130.43
N ASP FA 510 75.11 79.07 -130.47
CA ASP FA 510 75.87 78.56 -131.61
C ASP FA 510 75.09 78.68 -132.91
N GLN FA 511 73.79 78.36 -132.88
CA GLN FA 511 73.03 78.22 -134.11
C GLN FA 511 72.68 79.57 -134.72
N PHE FA 512 72.19 80.52 -133.91
CA PHE FA 512 71.66 81.79 -134.40
C PHE FA 512 72.36 83.00 -133.80
N ILE FA 513 72.60 83.02 -132.49
CA ILE FA 513 73.19 84.18 -131.81
C ILE FA 513 74.68 84.30 -132.13
N GLY FA 514 75.24 83.37 -132.90
CA GLY FA 514 76.54 83.60 -133.51
C GLY FA 514 76.58 84.71 -134.53
N THR FA 515 75.42 85.22 -134.96
CA THR FA 515 75.25 86.46 -135.71
C THR FA 515 75.68 86.37 -137.17
N ARG FA 516 75.72 85.19 -137.78
CA ARG FA 516 76.42 85.06 -139.05
C ARG FA 516 75.72 85.83 -140.17
N THR FA 517 74.39 85.86 -140.17
CA THR FA 517 73.65 86.67 -141.13
C THR FA 517 72.20 86.75 -140.69
N ILE FA 518 71.48 87.73 -141.25
CA ILE FA 518 70.03 87.83 -141.06
C ILE FA 518 69.28 86.92 -142.02
N ASN FA 519 69.94 86.39 -143.05
CA ASN FA 519 69.29 85.65 -144.13
C ASN FA 519 68.95 84.21 -143.75
N THR FA 520 68.89 83.89 -142.46
CA THR FA 520 68.35 82.63 -141.95
C THR FA 520 67.05 83.00 -141.25
N SER FA 521 65.92 82.78 -141.92
CA SER FA 521 64.69 83.45 -141.50
C SER FA 521 64.03 82.71 -140.33
N ALA FA 522 62.73 82.91 -140.14
CA ALA FA 522 62.07 82.47 -138.91
C ALA FA 522 61.49 81.06 -139.05
N SER FA 523 61.26 80.63 -140.29
CA SER FA 523 60.87 79.25 -140.56
C SER FA 523 61.98 78.24 -140.32
N ILE FA 524 63.23 78.70 -140.28
CA ILE FA 524 64.35 77.83 -139.94
C ILE FA 524 64.50 77.72 -138.42
N ILE FA 525 64.26 78.84 -137.71
CA ILE FA 525 64.32 78.81 -136.25
C ILE FA 525 63.21 77.93 -135.70
N LYS FA 526 62.02 78.01 -136.28
CA LYS FA 526 60.93 77.12 -135.86
C LYS FA 526 61.33 75.67 -136.08
N ASP FA 527 61.95 75.38 -137.21
CA ASP FA 527 62.41 74.03 -137.53
C ASP FA 527 63.48 73.57 -136.54
N PHE FA 528 64.41 74.46 -136.18
CA PHE FA 528 65.47 74.07 -135.26
C PHE FA 528 64.94 73.75 -133.88
N ILE FA 529 63.92 74.48 -133.42
CA ILE FA 529 63.36 74.19 -132.11
C ILE FA 529 62.57 72.90 -132.15
N GLN FA 530 61.98 72.58 -133.29
CA GLN FA 530 61.30 71.29 -133.45
C GLN FA 530 62.31 70.15 -133.43
N SER FA 531 63.35 70.23 -134.28
CA SER FA 531 64.48 69.31 -134.20
C SER FA 531 64.95 69.06 -132.76
N TYR FA 532 65.20 70.14 -132.00
CA TYR FA 532 65.79 69.94 -130.67
C TYR FA 532 64.79 69.35 -129.70
N LEU FA 533 63.52 69.73 -129.82
CA LEU FA 533 62.51 69.07 -128.98
C LEU FA 533 62.42 67.59 -129.32
N GLY FA 534 62.67 67.25 -130.59
CA GLY FA 534 62.77 65.85 -130.96
C GLY FA 534 63.88 65.13 -130.23
N ARG FA 535 65.04 65.78 -130.07
CA ARG FA 535 66.16 65.11 -129.42
C ARG FA 535 65.89 64.90 -127.94
N LYS FA 536 65.23 65.86 -127.29
CA LYS FA 536 64.90 65.69 -125.88
C LYS FA 536 63.74 64.71 -125.70
N LYS FA 537 62.85 64.63 -126.70
CA LYS FA 537 61.84 63.58 -126.69
C LYS FA 537 62.48 62.21 -126.83
N ARG FA 538 63.55 62.11 -127.63
CA ARG FA 538 64.24 60.84 -127.79
C ARG FA 538 64.77 60.35 -126.45
N ASP FA 539 65.31 61.26 -125.64
CA ASP FA 539 65.80 60.94 -124.31
C ASP FA 539 64.71 60.99 -123.24
N ASN FA 540 63.44 61.07 -123.62
CA ASN FA 540 62.27 60.98 -122.75
C ASN FA 540 62.19 62.08 -121.69
N GLU FA 541 63.03 63.11 -121.76
CA GLU FA 541 63.00 64.16 -120.75
C GLU FA 541 61.78 65.08 -120.87
N ILE FA 542 61.13 65.08 -122.03
CA ILE FA 542 59.83 65.73 -122.25
C ILE FA 542 59.01 64.69 -123.00
N GLN FA 543 57.72 64.58 -122.67
CA GLN FA 543 56.96 63.45 -123.20
C GLN FA 543 56.62 63.66 -124.68
N ASP FA 544 56.06 64.81 -125.02
CA ASP FA 544 55.77 65.16 -126.41
C ASP FA 544 55.53 66.66 -126.50
N PHE FA 545 55.55 67.16 -127.73
CA PHE FA 545 55.40 68.58 -128.02
C PHE FA 545 54.45 68.83 -129.19
N PRO FA 546 53.50 69.81 -129.09
CA PRO FA 546 52.66 70.10 -130.25
C PRO FA 546 53.36 71.00 -131.24
N ALA FA 547 53.96 70.42 -132.28
CA ALA FA 547 54.73 71.22 -133.22
C ALA FA 547 53.85 72.22 -133.96
N GLU FA 548 52.54 71.97 -134.06
CA GLU FA 548 51.67 72.92 -134.75
C GLU FA 548 51.52 74.21 -133.96
N ASP FA 549 51.60 74.15 -132.63
CA ASP FA 549 51.38 75.30 -131.77
C ASP FA 549 52.69 76.03 -131.42
N VAL FA 550 53.67 76.01 -132.33
CA VAL FA 550 54.92 76.76 -132.21
C VAL FA 550 54.89 77.86 -133.26
N GLN FA 551 55.18 79.09 -132.83
CA GLN FA 551 55.14 80.27 -133.68
C GLN FA 551 56.39 81.12 -133.45
N VAL FA 552 56.80 81.84 -134.49
CA VAL FA 552 57.97 82.71 -134.45
C VAL FA 552 57.61 84.03 -135.12
N ILE FA 553 58.12 85.12 -134.55
CA ILE FA 553 57.97 86.46 -135.10
C ILE FA 553 59.37 87.09 -135.08
N VAL FA 554 59.72 87.85 -136.12
CA VAL FA 554 61.05 88.43 -136.24
C VAL FA 554 60.92 89.90 -136.64
N GLU FA 555 61.71 90.75 -135.98
CA GLU FA 555 61.75 92.18 -136.22
C GLU FA 555 63.17 92.67 -136.07
N GLY FA 556 63.71 93.27 -137.12
CA GLY FA 556 65.11 93.67 -137.10
C GLY FA 556 65.99 92.46 -136.85
N ASN FA 557 66.73 92.51 -135.75
CA ASN FA 557 67.62 91.44 -135.32
C ASN FA 557 67.14 90.83 -134.01
N GLU FA 558 65.80 90.71 -133.85
CA GLU FA 558 65.21 90.08 -132.67
C GLU FA 558 64.11 89.13 -133.13
N ALA FA 559 64.10 87.93 -132.56
CA ALA FA 559 63.07 86.93 -132.78
C ALA FA 559 62.27 86.67 -131.50
N ARG FA 560 60.95 86.55 -131.64
CA ARG FA 560 60.06 86.18 -130.55
C ARG FA 560 59.36 84.87 -130.88
N ILE FA 561 59.37 83.93 -129.92
CA ILE FA 561 58.97 82.54 -130.15
C ILE FA 561 58.00 82.12 -129.05
N SER FA 562 56.91 81.46 -129.45
CA SER FA 562 55.99 80.79 -128.53
C SER FA 562 56.00 79.28 -128.80
N MET FA 563 55.73 78.52 -127.75
CA MET FA 563 55.90 77.06 -127.73
C MET FA 563 55.06 76.46 -126.60
N THR FA 564 55.02 75.14 -126.57
CA THR FA 564 54.32 74.35 -125.56
C THR FA 564 55.05 73.02 -125.40
N VAL FA 565 55.13 72.52 -124.17
CA VAL FA 565 55.79 71.27 -123.82
C VAL FA 565 54.86 70.48 -122.91
N TYR FA 566 54.84 69.15 -123.07
CA TYR FA 566 54.17 68.26 -122.13
C TYR FA 566 55.22 67.73 -121.15
N PRO FA 567 55.18 68.09 -119.87
CA PRO FA 567 56.20 67.59 -118.93
C PRO FA 567 55.98 66.12 -118.61
N ILE FA 568 57.05 65.46 -118.15
CA ILE FA 568 56.91 64.08 -117.66
C ILE FA 568 56.00 64.10 -116.43
N ARG FA 569 54.78 63.58 -116.61
CA ARG FA 569 53.73 63.73 -115.61
C ARG FA 569 54.02 62.87 -114.38
N SER FA 570 53.94 63.48 -113.19
CA SER FA 570 54.24 62.84 -111.92
C SER FA 570 53.03 62.04 -111.40
N PHE FA 571 53.23 61.33 -110.29
CA PHE FA 571 52.25 60.38 -109.75
C PHE FA 571 52.13 60.60 -108.24
N LYS FA 572 51.06 61.29 -107.81
CA LYS FA 572 50.98 61.83 -106.45
C LYS FA 572 50.44 60.84 -105.42
N LYS FA 573 49.36 60.10 -105.72
CA LYS FA 573 48.58 59.45 -104.68
C LYS FA 573 48.03 58.10 -105.15
N ILE FA 574 47.85 57.19 -104.18
CA ILE FA 574 47.14 55.92 -104.35
C ILE FA 574 46.29 55.71 -103.10
N SER FA 575 45.12 55.08 -103.24
CA SER FA 575 44.41 54.52 -102.11
C SER FA 575 43.76 53.20 -102.48
N VAL FA 576 43.78 52.26 -101.52
CA VAL FA 576 43.43 50.86 -101.73
C VAL FA 576 42.30 50.52 -100.76
N SER FA 577 41.17 50.05 -101.31
CA SER FA 577 40.10 49.48 -100.50
C SER FA 577 40.36 47.99 -100.34
N LEU FA 578 40.68 47.56 -99.12
CA LEU FA 578 40.91 46.16 -98.79
C LEU FA 578 39.74 45.66 -97.97
N VAL FA 579 39.04 44.63 -98.49
CA VAL FA 579 37.84 44.07 -97.86
C VAL FA 579 38.13 42.62 -97.49
N TYR FA 580 37.81 42.24 -96.25
CA TYR FA 580 37.94 40.85 -95.81
C TYR FA 580 36.65 40.07 -96.09
N LYS FA 581 36.81 38.85 -96.59
CA LYS FA 581 35.72 37.91 -96.79
C LYS FA 581 36.15 36.53 -96.30
N GLN FA 582 35.15 35.63 -96.16
CA GLN FA 582 35.35 34.26 -95.73
C GLN FA 582 34.66 33.34 -96.73
N GLN FA 583 35.28 32.20 -97.03
CA GLN FA 583 34.60 31.11 -97.74
C GLN FA 583 35.19 29.79 -97.29
N THR FA 584 34.33 28.77 -97.22
CA THR FA 584 34.68 27.55 -96.51
C THR FA 584 35.69 26.70 -97.28
N LEU FA 585 36.68 26.18 -96.55
CA LEU FA 585 37.45 25.03 -96.98
C LEU FA 585 36.70 23.77 -96.60
N GLN FA 586 36.81 22.73 -97.43
CA GLN FA 586 35.98 21.54 -97.32
C GLN FA 586 36.77 20.29 -97.65
N ALA FA 587 36.29 19.14 -97.15
CA ALA FA 587 36.85 17.83 -97.50
C ALA FA 587 35.80 16.72 -97.54
N ALA GA 2 40.24 61.05 -184.06
CA ALA GA 2 39.18 62.11 -184.10
C ALA GA 2 38.77 62.48 -182.66
N SER GA 3 37.49 62.73 -182.39
CA SER GA 3 37.09 63.23 -181.08
C SER GA 3 37.36 62.20 -179.97
N GLU GA 4 37.37 62.69 -178.73
CA GLU GA 4 37.52 61.82 -177.56
C GLU GA 4 36.29 60.98 -177.27
N ALA GA 5 35.23 61.09 -178.07
CA ALA GA 5 33.99 60.35 -177.94
C ALA GA 5 33.91 59.18 -178.92
N LYS GA 6 34.95 58.97 -179.74
CA LYS GA 6 35.01 57.88 -180.71
C LYS GA 6 36.24 57.00 -180.55
N GLN GA 7 37.36 57.52 -180.02
CA GLN GA 7 38.60 56.75 -180.04
C GLN GA 7 38.51 55.51 -179.17
N THR GA 8 38.98 54.40 -179.71
CA THR GA 8 38.77 53.07 -179.16
C THR GA 8 39.72 52.71 -178.02
N VAL GA 9 40.74 53.52 -177.76
CA VAL GA 9 41.83 53.18 -176.85
C VAL GA 9 41.91 54.25 -175.75
N HIS GA 10 42.18 53.81 -174.52
CA HIS GA 10 42.36 54.78 -173.46
C HIS GA 10 43.70 55.50 -173.61
N THR GA 11 43.71 56.77 -173.25
CA THR GA 11 44.89 57.62 -173.34
C THR GA 11 45.06 58.35 -172.02
N GLY GA 12 46.32 58.64 -171.69
CA GLY GA 12 46.58 59.52 -170.55
C GLY GA 12 45.94 60.88 -170.70
N ASN GA 13 45.62 61.28 -171.93
CA ASN GA 13 44.95 62.54 -172.18
C ASN GA 13 43.62 62.63 -171.47
N THR GA 14 42.78 61.60 -171.59
CA THR GA 14 41.45 61.61 -171.00
C THR GA 14 41.42 61.04 -169.60
N VAL GA 15 42.38 60.19 -169.24
CA VAL GA 15 42.32 59.48 -167.96
C VAL GA 15 42.68 60.46 -166.84
N LEU GA 16 41.85 60.48 -165.81
CA LEU GA 16 42.12 61.19 -164.57
C LEU GA 16 42.50 60.20 -163.48
N LEU GA 17 43.10 60.73 -162.41
CA LEU GA 17 43.52 59.93 -161.26
C LEU GA 17 42.98 60.54 -159.98
N MET GA 18 42.54 59.69 -159.07
CA MET GA 18 41.95 60.12 -157.81
C MET GA 18 42.48 59.34 -156.65
N ILE GA 19 42.33 59.91 -155.47
CA ILE GA 19 42.77 59.27 -154.24
C ILE GA 19 41.91 59.81 -153.11
N LYS GA 20 41.29 58.97 -152.29
CA LYS GA 20 40.39 59.43 -151.20
C LYS GA 20 39.40 60.52 -151.66
N GLY GA 21 38.62 60.21 -152.70
CA GLY GA 21 37.54 61.07 -153.17
C GLY GA 21 38.00 62.36 -153.84
N LYS GA 22 39.30 62.55 -154.11
CA LYS GA 22 39.87 63.79 -154.64
C LYS GA 22 40.72 63.55 -155.90
N PRO GA 23 40.72 64.45 -156.89
CA PRO GA 23 41.57 64.31 -158.08
C PRO GA 23 42.99 64.76 -157.80
N VAL GA 24 43.96 64.11 -158.42
CA VAL GA 24 45.38 64.44 -158.29
C VAL GA 24 45.78 65.41 -159.38
N GLY GA 25 46.45 66.49 -158.99
CA GLY GA 25 46.96 67.46 -159.95
C GLY GA 25 48.38 67.14 -160.39
N ARG GA 26 48.63 67.29 -161.69
CA ARG GA 26 49.97 67.14 -162.27
C ARG GA 26 50.56 65.76 -161.99
N ALA GA 27 49.73 64.72 -162.08
CA ALA GA 27 50.23 63.35 -162.06
C ALA GA 27 50.86 62.99 -163.41
N GLN GA 28 52.11 62.54 -163.36
CA GLN GA 28 52.85 62.19 -164.57
C GLN GA 28 52.63 60.75 -165.04
N SER GA 29 52.81 59.74 -164.18
CA SER GA 29 52.75 58.35 -164.61
C SER GA 29 52.34 57.43 -163.47
N ALA GA 30 51.89 56.22 -163.84
CA ALA GA 30 51.40 55.28 -162.84
C ALA GA 30 51.65 53.88 -163.37
N SER GA 31 52.25 53.03 -162.54
CA SER GA 31 52.49 51.62 -162.85
C SER GA 31 51.64 50.73 -161.96
N GLY GA 32 50.94 49.77 -162.54
CA GLY GA 32 50.21 48.71 -161.83
C GLY GA 32 50.72 47.33 -162.21
N GLN GA 33 51.37 46.64 -161.28
CA GLN GA 33 51.92 45.28 -161.42
C GLN GA 33 51.13 44.29 -160.56
N ARG GA 34 50.87 43.09 -161.08
CA ARG GA 34 50.04 42.07 -160.42
C ARG GA 34 50.55 40.67 -160.69
N GLU GA 35 50.57 39.83 -159.67
CA GLU GA 35 51.20 38.51 -159.66
C GLU GA 35 50.45 37.54 -158.76
N TYR GA 36 50.68 36.26 -158.94
CA TYR GA 36 49.84 35.20 -158.35
C TYR GA 36 50.65 34.01 -157.80
N GLY GA 37 51.98 34.12 -157.85
CA GLY GA 37 52.92 33.05 -157.51
C GLY GA 37 52.83 31.86 -158.46
N THR GA 38 52.41 32.08 -159.72
CA THR GA 38 52.04 31.02 -160.65
C THR GA 38 53.11 29.95 -160.75
N THR GA 39 52.77 28.69 -160.47
CA THR GA 39 53.75 27.61 -160.24
C THR GA 39 53.33 26.30 -160.88
N GLY GA 40 54.30 25.52 -161.36
CA GLY GA 40 53.97 24.32 -162.13
C GLY GA 40 54.09 23.07 -161.28
N VAL GA 41 53.11 22.18 -161.39
CA VAL GA 41 53.09 20.91 -160.68
C VAL GA 41 53.73 19.87 -161.59
N TYR GA 42 54.96 19.48 -161.25
CA TYR GA 42 55.78 18.60 -162.06
C TYR GA 42 55.83 17.21 -161.42
N GLU GA 43 56.29 16.23 -162.20
CA GLU GA 43 55.94 14.84 -162.02
C GLU GA 43 57.16 13.94 -162.17
N ILE GA 44 56.99 12.69 -161.72
CA ILE GA 44 57.81 11.57 -162.20
C ILE GA 44 56.97 10.77 -163.19
N GLY GA 45 57.59 10.39 -164.30
CA GLY GA 45 56.91 9.76 -165.41
C GLY GA 45 56.45 10.68 -166.52
N SER GA 46 56.62 12.00 -166.37
CA SER GA 46 56.33 12.93 -167.45
C SER GA 46 57.13 14.20 -167.28
N ILE GA 47 57.54 14.79 -168.40
CA ILE GA 47 58.41 15.96 -168.37
C ILE GA 47 57.58 17.25 -168.24
N MET GA 48 56.36 17.25 -168.74
CA MET GA 48 55.52 18.44 -168.76
C MET GA 48 54.86 18.68 -167.41
N PRO GA 49 54.34 19.88 -167.16
CA PRO GA 49 53.56 20.09 -165.94
C PRO GA 49 52.17 19.49 -166.07
N GLN GA 50 51.67 18.92 -164.98
CA GLN GA 50 50.32 18.35 -165.01
C GLN GA 50 49.26 19.44 -164.92
N GLU GA 51 49.53 20.50 -164.17
CA GLU GA 51 48.69 21.68 -164.16
C GLU GA 51 49.45 22.80 -163.47
N HIS GA 52 49.07 24.03 -163.79
CA HIS GA 52 49.54 25.24 -163.12
C HIS GA 52 48.62 25.58 -161.98
N VAL GA 53 49.14 26.27 -160.97
CA VAL GA 53 48.36 26.74 -159.83
C VAL GA 53 48.82 28.12 -159.37
N TYR GA 54 48.00 28.76 -158.55
CA TYR GA 54 48.25 30.04 -157.89
C TYR GA 54 48.42 29.82 -156.39
N LEU GA 55 49.20 30.64 -155.68
CA LEU GA 55 49.47 30.38 -154.27
C LEU GA 55 49.63 31.62 -153.40
N ARG GA 56 50.11 32.74 -153.96
CA ARG GA 56 50.19 34.04 -153.25
C ARG GA 56 49.96 35.19 -154.22
N TYR GA 57 48.90 35.95 -153.97
CA TYR GA 57 48.66 37.18 -154.70
C TYR GA 57 49.70 38.20 -154.31
N GLU GA 58 50.15 39.01 -155.25
CA GLU GA 58 50.93 40.21 -154.98
C GLU GA 58 50.60 41.29 -156.00
N GLY GA 59 50.75 42.55 -155.61
CA GLY GA 59 50.58 43.63 -156.56
C GLY GA 59 50.93 44.98 -155.97
N THR GA 60 51.39 45.87 -156.83
CA THR GA 60 51.96 47.16 -156.44
C THR GA 60 51.50 48.24 -157.39
N ILE GA 61 51.11 49.40 -156.86
CA ILE GA 61 50.87 50.60 -157.63
C ILE GA 61 51.96 51.60 -157.31
N THR GA 62 52.57 52.21 -158.32
CA THR GA 62 53.48 53.35 -158.11
C THR GA 62 52.94 54.54 -158.83
N VAL GA 63 53.10 55.72 -158.24
CA VAL GA 63 52.57 56.98 -158.77
C VAL GA 63 53.71 57.98 -158.81
N GLU GA 64 53.86 58.65 -159.95
CA GLU GA 64 54.86 59.68 -160.19
C GLU GA 64 54.15 61.02 -160.31
N ARG GA 65 54.68 62.03 -159.62
CA ARG GA 65 54.00 63.32 -159.54
C ARG GA 65 55.03 64.44 -159.40
N LEU GA 66 54.73 65.58 -160.01
CA LEU GA 66 55.54 66.77 -159.82
C LEU GA 66 55.23 67.39 -158.45
N ARG GA 67 56.27 67.80 -157.74
CA ARG GA 67 56.09 68.36 -156.40
C ARG GA 67 55.27 69.64 -156.48
N MET GA 68 54.04 69.62 -155.97
CA MET GA 68 53.22 70.81 -156.02
C MET GA 68 53.75 71.85 -155.03
N LYS GA 69 53.48 73.12 -155.32
CA LYS GA 69 53.83 74.16 -154.36
C LYS GA 69 52.99 74.05 -153.09
N LYS GA 70 51.78 73.50 -153.21
CA LYS GA 70 50.91 73.25 -152.08
C LYS GA 70 50.19 71.92 -152.31
N GLU GA 71 49.70 71.33 -151.23
CA GLU GA 71 48.96 70.06 -151.26
C GLU GA 71 49.76 68.97 -151.97
N ASN GA 72 51.03 68.82 -151.60
CA ASN GA 72 51.79 67.65 -152.02
C ASN GA 72 51.41 66.49 -151.10
N PHE GA 73 52.00 65.31 -151.32
CA PHE GA 73 51.58 64.12 -150.58
C PHE GA 73 51.79 64.30 -149.08
N ALA GA 74 52.86 64.99 -148.68
CA ALA GA 74 53.10 65.19 -147.25
C ALA GA 74 52.27 66.34 -146.71
N ASP GA 75 52.10 67.39 -147.51
CA ASP GA 75 51.30 68.53 -147.10
C ASP GA 75 49.80 68.22 -147.14
N LEU GA 76 49.37 67.33 -148.03
CA LEU GA 76 47.97 66.95 -148.15
C LEU GA 76 47.52 65.96 -147.09
N GLY GA 77 48.44 65.21 -146.49
CA GLY GA 77 48.12 64.27 -145.44
C GLY GA 77 48.04 62.82 -145.83
N TYR GA 78 48.67 62.42 -146.93
CA TYR GA 78 48.64 61.04 -147.42
C TYR GA 78 49.92 60.33 -146.98
N ALA GA 79 50.70 59.72 -147.89
CA ALA GA 79 51.97 59.16 -147.42
C ALA GA 79 52.91 60.33 -147.17
N SER GA 80 53.63 60.26 -146.05
CA SER GA 80 54.37 61.40 -145.54
C SER GA 80 55.66 60.89 -144.92
N LEU GA 81 56.39 61.80 -144.26
CA LEU GA 81 57.69 61.54 -143.65
C LEU GA 81 57.54 61.42 -142.14
N GLY GA 82 58.47 60.70 -141.51
CA GLY GA 82 58.61 60.71 -140.07
C GLY GA 82 57.61 59.82 -139.34
N GLU GA 83 57.35 60.19 -138.08
CA GLU GA 83 56.54 59.36 -137.19
C GLU GA 83 55.11 59.19 -137.67
N GLU GA 84 54.59 60.17 -138.42
CA GLU GA 84 53.17 60.21 -138.71
C GLU GA 84 52.69 59.04 -139.57
N ILE GA 85 53.60 58.24 -140.13
CA ILE GA 85 53.20 57.10 -140.95
C ILE GA 85 52.42 56.08 -140.12
N LEU GA 86 52.73 55.97 -138.83
CA LEU GA 86 52.03 55.04 -137.96
C LEU GA 86 50.53 55.34 -137.86
N LYS GA 87 50.11 56.56 -138.22
CA LYS GA 87 48.73 57.00 -138.07
C LYS GA 87 48.11 57.40 -139.42
N LYS GA 88 48.60 56.86 -140.53
CA LYS GA 88 47.98 57.05 -141.84
C LYS GA 88 47.18 55.80 -142.17
N ASP GA 89 45.86 55.95 -142.12
CA ASP GA 89 44.93 54.84 -142.25
C ASP GA 89 44.88 54.33 -143.70
N ILE GA 90 44.05 53.30 -143.90
CA ILE GA 90 43.84 52.71 -145.21
C ILE GA 90 43.15 53.73 -146.11
N ILE GA 91 43.63 53.86 -147.35
CA ILE GA 91 43.13 54.83 -148.32
C ILE GA 91 43.05 54.14 -149.68
N ASP GA 92 42.01 54.47 -150.45
CA ASP GA 92 41.76 53.88 -151.76
C ASP GA 92 42.14 54.86 -152.88
N ILE GA 93 42.54 54.29 -154.02
CA ILE GA 93 42.89 55.03 -155.22
C ILE GA 93 42.02 54.56 -156.38
N LEU GA 94 41.67 55.50 -157.27
CA LEU GA 94 40.84 55.21 -158.43
C LEU GA 94 41.47 55.80 -159.69
N VAL GA 95 41.17 55.17 -160.82
CA VAL GA 95 41.48 55.69 -162.14
C VAL GA 95 40.15 55.96 -162.84
N VAL GA 96 40.02 57.15 -163.43
CA VAL GA 96 38.75 57.63 -163.98
C VAL GA 96 38.96 58.17 -165.38
N ASP GA 97 37.89 58.14 -166.16
CA ASP GA 97 37.81 58.83 -167.45
C ASP GA 97 37.23 60.22 -167.23
N ASN GA 98 38.03 61.25 -167.51
CA ASN GA 98 37.59 62.62 -167.29
C ASN GA 98 36.42 63.00 -168.19
N LEU GA 99 36.28 62.34 -169.34
CA LEU GA 99 35.21 62.69 -170.28
C LEU GA 99 33.83 62.45 -169.68
N THR GA 100 33.67 61.32 -169.00
CA THR GA 100 32.40 60.92 -168.42
C THR GA 100 32.43 60.70 -166.91
N LYS GA 101 33.58 60.89 -166.25
CA LYS GA 101 33.75 60.61 -164.83
C LYS GA 101 33.48 59.14 -164.51
N GLN GA 102 33.70 58.26 -165.49
CA GLN GA 102 33.49 56.84 -165.32
C GLN GA 102 34.73 56.19 -164.74
N VAL GA 103 34.55 55.39 -163.71
CA VAL GA 103 35.68 54.70 -163.08
C VAL GA 103 36.23 53.65 -164.03
N ILE GA 104 37.55 53.63 -164.18
CA ILE GA 104 38.21 52.62 -165.00
C ILE GA 104 38.50 51.44 -164.09
N ILE GA 105 39.38 51.63 -163.10
CA ILE GA 105 39.64 50.62 -162.08
C ILE GA 105 39.76 51.28 -160.71
N SER GA 106 39.77 50.44 -159.68
CA SER GA 106 39.97 50.86 -158.30
C SER GA 106 41.04 50.00 -157.65
N TYR GA 107 41.87 50.62 -156.83
CA TYR GA 107 42.85 49.97 -155.99
C TYR GA 107 42.39 50.07 -154.55
N HIS GA 108 41.87 48.96 -154.06
CA HIS GA 108 41.23 48.94 -152.75
C HIS GA 108 42.26 48.82 -151.64
N GLY GA 109 42.34 49.84 -150.80
CA GLY GA 109 43.10 49.77 -149.57
C GLY GA 109 44.60 49.82 -149.76
N CYS GA 110 45.06 50.96 -150.26
CA CYS GA 110 46.47 51.16 -150.49
C CYS GA 110 47.20 51.47 -149.18
N SER GA 111 48.51 51.25 -149.18
CA SER GA 111 49.38 51.57 -148.07
C SER GA 111 50.77 51.84 -148.62
N ALA GA 112 51.51 52.72 -147.95
CA ALA GA 112 52.73 53.25 -148.52
C ALA GA 112 53.87 52.25 -148.39
N ASN GA 113 54.82 52.30 -149.33
CA ASN GA 113 56.01 51.45 -149.32
C ASN GA 113 57.31 52.24 -149.34
N ASN GA 114 57.41 53.22 -150.24
CA ASN GA 114 58.59 54.07 -150.25
C ASN GA 114 58.22 55.39 -150.93
N TYR GA 115 59.00 56.42 -150.60
CA TYR GA 115 58.74 57.78 -151.07
C TYR GA 115 60.07 58.33 -151.57
N ASN GA 116 60.15 58.58 -152.87
CA ASN GA 116 61.31 59.21 -153.51
C ASN GA 116 60.97 60.63 -153.90
N GLU GA 117 61.81 61.57 -153.49
CA GLU GA 117 61.75 62.96 -153.92
C GLU GA 117 63.06 63.30 -154.63
N THR GA 118 62.95 63.90 -155.82
CA THR GA 118 64.09 64.13 -156.70
C THR GA 118 64.20 65.62 -156.99
N TRP GA 119 65.37 66.19 -156.66
CA TRP GA 119 65.73 67.56 -156.99
C TRP GA 119 66.95 67.53 -157.90
N GLN GA 120 66.88 68.25 -159.03
CA GLN GA 120 68.02 68.36 -159.93
C GLN GA 120 68.06 69.77 -160.49
N THR GA 121 69.26 70.34 -160.57
CA THR GA 121 69.41 71.71 -161.05
C THR GA 121 68.94 71.81 -162.50
N ASN GA 122 68.19 72.87 -162.78
CA ASN GA 122 67.61 73.11 -164.10
C ASN GA 122 66.63 72.01 -164.49
N GLU GA 123 65.86 71.53 -163.51
CA GLU GA 123 64.80 70.56 -163.77
C GLU GA 123 63.67 70.75 -162.77
N ILE GA 124 62.48 70.28 -163.15
CA ILE GA 124 61.32 70.36 -162.27
C ILE GA 124 61.48 69.32 -161.16
N VAL GA 125 61.03 69.66 -159.96
CA VAL GA 125 61.06 68.70 -158.86
C VAL GA 125 60.04 67.61 -159.14
N THR GA 126 60.45 66.35 -158.96
CA THR GA 126 59.62 65.19 -159.26
C THR GA 126 59.56 64.29 -158.03
N GLU GA 127 58.55 63.42 -158.00
CA GLU GA 127 58.32 62.50 -156.90
C GLU GA 127 57.89 61.14 -157.44
N GLU GA 128 58.03 60.13 -156.60
CA GLU GA 128 57.77 58.75 -157.00
C GLU GA 128 57.46 57.95 -155.75
N ILE GA 129 56.20 57.58 -155.56
CA ILE GA 129 55.75 56.87 -154.37
C ILE GA 129 55.20 55.51 -154.78
N GLU GA 130 55.57 54.49 -154.03
CA GLU GA 130 55.09 53.13 -154.20
C GLU GA 130 54.06 52.78 -153.12
N PHE GA 131 52.97 52.10 -153.50
CA PHE GA 131 51.98 51.54 -152.59
C PHE GA 131 51.68 50.08 -152.89
N SER GA 132 51.60 49.27 -151.86
CA SER GA 132 50.84 48.02 -151.92
C SER GA 132 49.36 48.33 -151.79
N TYR GA 133 48.49 47.40 -152.18
CA TYR GA 133 47.05 47.52 -151.99
C TYR GA 133 46.38 46.17 -151.84
N LEU GA 134 45.20 46.12 -151.22
CA LEU GA 134 44.54 44.86 -150.92
C LEU GA 134 43.88 44.24 -152.14
N THR GA 135 43.13 44.98 -152.95
CA THR GA 135 42.48 44.39 -154.14
C THR GA 135 42.41 45.32 -155.33
N ALA GA 136 42.40 44.74 -156.52
CA ALA GA 136 41.93 45.41 -157.72
C ALA GA 136 40.50 45.01 -158.00
N SER GA 137 39.69 45.91 -158.58
CA SER GA 137 38.37 45.54 -159.08
C SER GA 137 38.09 46.23 -160.40
N ASP GA 138 37.27 45.57 -161.24
CA ASP GA 138 36.76 46.13 -162.48
C ASP GA 138 35.31 46.57 -162.27
N LYS GA 139 35.02 47.85 -162.51
CA LYS GA 139 33.65 48.34 -162.48
C LYS GA 139 33.40 49.28 -163.65
N ALA GA 140 32.13 49.37 -164.04
CA ALA GA 140 31.72 50.17 -165.19
C ALA GA 140 32.51 49.81 -166.45
N ALA HA 2 53.96 81.14 -164.47
CA ALA HA 2 55.14 81.75 -165.15
C ALA HA 2 56.08 82.43 -164.13
N SER HA 3 55.66 83.57 -163.55
CA SER HA 3 56.47 84.22 -162.53
C SER HA 3 56.60 83.33 -161.30
N GLU HA 4 57.65 83.58 -160.50
CA GLU HA 4 57.99 82.72 -159.37
C GLU HA 4 56.88 82.68 -158.34
N ALA HA 5 56.20 83.80 -158.11
CA ALA HA 5 55.22 83.86 -157.03
C ALA HA 5 53.99 83.03 -157.33
N LYS HA 6 53.71 82.77 -158.62
CA LYS HA 6 52.43 82.21 -159.04
C LYS HA 6 52.51 80.81 -159.64
N GLN HA 7 53.71 80.28 -159.89
CA GLN HA 7 53.82 78.91 -160.39
C GLN HA 7 53.38 77.91 -159.32
N THR HA 8 52.76 76.81 -159.77
CA THR HA 8 52.17 75.80 -158.91
C THR HA 8 53.06 74.59 -158.68
N VAL HA 9 54.31 74.61 -159.17
CA VAL HA 9 55.21 73.47 -159.11
C VAL HA 9 56.59 74.01 -158.76
N HIS HA 10 57.26 73.34 -157.81
CA HIS HA 10 58.61 73.74 -157.45
C HIS HA 10 59.63 73.25 -158.47
N THR HA 11 60.71 74.00 -158.60
CA THR HA 11 61.79 73.72 -159.55
C THR HA 11 63.13 73.86 -158.83
N GLY HA 12 64.18 73.30 -159.44
CA GLY HA 12 65.52 73.56 -158.96
C GLY HA 12 65.90 75.04 -159.04
N ASN HA 13 65.17 75.83 -159.84
CA ASN HA 13 65.49 77.23 -160.01
C ASN HA 13 65.08 78.07 -158.80
N THR HA 14 64.01 77.66 -158.10
CA THR HA 14 63.52 78.42 -156.96
C THR HA 14 64.09 77.93 -155.63
N VAL HA 15 64.32 76.62 -155.50
CA VAL HA 15 64.74 76.03 -154.23
C VAL HA 15 66.18 76.39 -153.89
N LEU HA 16 66.46 76.48 -152.57
CA LEU HA 16 67.81 76.56 -152.04
C LEU HA 16 68.00 75.49 -150.98
N LEU HA 17 69.19 74.89 -150.97
CA LEU HA 17 69.56 73.85 -150.03
C LEU HA 17 70.44 74.43 -148.93
N MET HA 18 70.18 74.02 -147.68
CA MET HA 18 70.80 74.62 -146.51
C MET HA 18 71.30 73.53 -145.58
N ILE HA 19 72.34 73.87 -144.81
CA ILE HA 19 72.96 72.91 -143.89
C ILE HA 19 73.61 73.63 -142.71
N LYS HA 20 73.16 73.29 -141.50
CA LYS HA 20 73.63 73.92 -140.26
C LYS HA 20 73.44 75.43 -140.30
N GLY HA 21 72.36 75.88 -140.93
CA GLY HA 21 72.06 77.30 -140.98
C GLY HA 21 72.91 78.08 -141.95
N LYS HA 22 73.43 77.43 -143.00
CA LYS HA 22 74.26 78.09 -144.00
C LYS HA 22 73.96 77.47 -145.36
N PRO HA 23 73.88 78.24 -146.44
CA PRO HA 23 73.51 77.64 -147.73
C PRO HA 23 74.62 76.77 -148.31
N VAL HA 24 74.20 75.81 -149.14
CA VAL HA 24 75.10 74.94 -149.89
C VAL HA 24 75.51 75.67 -151.17
N GLY HA 25 76.80 75.59 -151.50
CA GLY HA 25 77.33 76.23 -152.69
C GLY HA 25 77.46 75.27 -153.86
N ARG HA 26 76.73 75.59 -154.94
CA ARG HA 26 76.81 74.88 -156.22
C ARG HA 26 76.46 73.40 -156.08
N ALA HA 27 75.30 73.15 -155.48
CA ALA HA 27 74.69 71.82 -155.48
C ALA HA 27 74.15 71.52 -156.87
N GLN HA 28 74.44 70.33 -157.39
CA GLN HA 28 73.92 69.91 -158.69
C GLN HA 28 72.65 69.08 -158.58
N SER HA 29 72.46 68.36 -157.49
CA SER HA 29 71.24 67.59 -157.29
C SER HA 29 71.11 67.21 -155.82
N ALA HA 30 69.89 66.83 -155.43
CA ALA HA 30 69.65 66.21 -154.13
C ALA HA 30 68.51 65.20 -154.31
N SER HA 31 68.79 63.94 -154.01
CA SER HA 31 67.77 62.89 -154.03
C SER HA 31 67.56 62.36 -152.62
N GLY HA 32 66.29 62.13 -152.27
CA GLY HA 32 65.92 61.52 -151.00
C GLY HA 32 65.09 60.27 -151.15
N GLN HA 33 65.66 59.12 -150.79
CA GLN HA 33 65.00 57.82 -150.86
C GLN HA 33 64.64 57.35 -149.47
N ARG HA 34 63.40 56.88 -149.30
CA ARG HA 34 62.87 56.48 -148.01
C ARG HA 34 62.03 55.22 -148.17
N GLU HA 35 62.19 54.28 -147.25
CA GLU HA 35 61.43 53.03 -147.29
C GLU HA 35 60.79 52.76 -145.93
N TYR HA 36 59.64 52.10 -145.99
CA TYR HA 36 58.90 51.67 -144.81
C TYR HA 36 58.89 50.16 -144.61
N GLY HA 37 59.60 49.41 -145.46
CA GLY HA 37 59.69 47.97 -145.34
C GLY HA 37 58.41 47.16 -145.21
N THR HA 38 57.34 47.72 -145.80
CA THR HA 38 55.99 47.19 -145.67
C THR HA 38 55.94 45.72 -146.07
N THR HA 39 55.09 44.96 -145.39
CA THR HA 39 54.92 43.53 -145.61
C THR HA 39 53.44 43.19 -145.51
N GLY HA 40 53.00 42.22 -146.32
CA GLY HA 40 51.62 41.78 -146.31
C GLY HA 40 51.40 40.56 -145.44
N VAL HA 41 50.32 40.60 -144.65
CA VAL HA 41 50.01 39.57 -143.65
C VAL HA 41 49.26 38.45 -144.35
N TYR HA 42 49.95 37.38 -144.74
CA TYR HA 42 49.33 36.23 -145.39
C TYR HA 42 48.90 35.15 -144.39
N GLU HA 43 47.95 34.33 -144.80
CA GLU HA 43 47.34 33.27 -144.01
C GLU HA 43 47.27 31.99 -144.84
N ILE HA 44 47.01 30.88 -144.14
CA ILE HA 44 46.46 29.71 -144.82
C ILE HA 44 44.97 29.92 -144.98
N GLY HA 45 44.40 29.31 -146.03
CA GLY HA 45 43.01 29.52 -146.35
C GLY HA 45 42.69 30.72 -147.20
N SER HA 46 43.66 31.52 -147.62
CA SER HA 46 43.37 32.65 -148.50
C SER HA 46 44.64 33.10 -149.21
N ILE HA 47 44.49 33.60 -150.44
CA ILE HA 47 45.62 33.91 -151.34
C ILE HA 47 46.18 35.34 -151.26
N MET HA 48 45.43 36.32 -150.77
CA MET HA 48 45.87 37.72 -150.73
C MET HA 48 46.01 38.23 -149.30
N PRO HA 49 46.91 39.20 -149.05
CA PRO HA 49 47.22 39.60 -147.70
C PRO HA 49 46.00 40.29 -147.09
N GLN HA 50 45.69 39.99 -145.84
CA GLN HA 50 44.54 40.57 -145.17
C GLN HA 50 44.77 42.05 -144.87
N GLU HA 51 46.02 42.40 -144.56
CA GLU HA 51 46.39 43.79 -144.36
C GLU HA 51 47.92 43.88 -144.36
N HIS HA 52 48.43 45.07 -144.67
CA HIS HA 52 49.85 45.43 -144.61
C HIS HA 52 50.25 45.97 -143.27
N VAL HA 53 51.53 45.89 -142.94
CA VAL HA 53 52.08 46.39 -141.69
C VAL HA 53 53.43 47.04 -141.97
N TYR HA 54 53.66 48.22 -141.39
CA TYR HA 54 54.95 48.90 -141.50
C TYR HA 54 55.92 48.33 -140.49
N LEU HA 55 57.10 47.92 -140.97
CA LEU HA 55 58.07 47.15 -140.17
C LEU HA 55 59.17 48.10 -139.69
N ARG HA 56 59.82 48.82 -140.61
CA ARG HA 56 61.02 49.59 -140.27
C ARG HA 56 61.10 50.88 -141.08
N TYR HA 57 61.75 51.89 -140.49
CA TYR HA 57 62.05 53.15 -141.14
C TYR HA 57 63.46 53.07 -141.71
N GLU HA 58 63.62 53.45 -142.98
CA GLU HA 58 64.91 53.50 -143.64
C GLU HA 58 65.00 54.80 -144.41
N GLY HA 59 66.04 55.57 -144.15
CA GLY HA 59 66.26 56.87 -144.77
C GLY HA 59 67.59 57.02 -145.47
N THR HA 60 67.53 57.55 -146.69
CA THR HA 60 68.72 57.82 -147.49
C THR HA 60 68.55 59.16 -148.18
N ILE HA 61 69.64 59.92 -148.26
CA ILE HA 61 69.70 61.14 -149.05
C ILE HA 61 71.08 61.20 -149.69
N THR HA 62 71.13 61.63 -150.95
CA THR HA 62 72.38 61.85 -151.67
C THR HA 62 72.40 63.27 -152.20
N VAL HA 63 73.56 63.90 -152.10
CA VAL HA 63 73.79 65.27 -152.53
C VAL HA 63 74.98 65.26 -153.47
N GLU HA 64 74.82 65.87 -154.65
CA GLU HA 64 75.88 65.99 -155.64
C GLU HA 64 76.27 67.46 -155.77
N ARG HA 65 77.57 67.74 -155.73
CA ARG HA 65 78.09 69.09 -155.62
C ARG HA 65 79.36 69.24 -156.44
N LEU HA 66 79.58 70.44 -156.96
CA LEU HA 66 80.84 70.78 -157.58
C LEU HA 66 81.88 71.13 -156.52
N ARG HA 67 83.14 70.78 -156.78
CA ARG HA 67 84.18 70.94 -155.77
C ARG HA 67 84.57 72.40 -155.73
N MET HA 68 84.03 73.13 -154.74
CA MET HA 68 84.43 74.51 -154.53
C MET HA 68 85.92 74.58 -154.22
N LYS HA 69 86.54 75.69 -154.61
CA LYS HA 69 87.98 75.85 -154.38
C LYS HA 69 88.26 75.87 -152.88
N LYS HA 70 87.43 76.58 -152.12
CA LYS HA 70 87.42 76.55 -150.66
C LYS HA 70 86.02 76.20 -150.18
N GLU HA 71 85.90 76.01 -148.86
CA GLU HA 71 84.63 75.75 -148.16
C GLU HA 71 83.79 74.66 -148.84
N ASN HA 72 84.44 73.55 -149.19
CA ASN HA 72 83.71 72.34 -149.59
C ASN HA 72 83.31 71.60 -148.32
N PHE HA 73 82.81 70.36 -148.44
CA PHE HA 73 82.35 69.66 -147.24
C PHE HA 73 83.49 69.31 -146.30
N ALA HA 74 84.66 68.96 -146.85
CA ALA HA 74 85.78 68.66 -145.97
C ALA HA 74 86.29 69.93 -145.28
N ASP HA 75 86.41 71.01 -146.04
CA ASP HA 75 86.92 72.26 -145.48
C ASP HA 75 85.95 72.87 -144.47
N LEU HA 76 84.65 72.72 -144.74
CA LEU HA 76 83.63 73.35 -143.92
C LEU HA 76 83.26 72.52 -142.68
N GLY HA 77 83.68 71.26 -142.63
CA GLY HA 77 83.50 70.44 -141.44
C GLY HA 77 82.24 69.60 -141.41
N TYR HA 78 81.39 69.68 -142.42
CA TYR HA 78 80.21 68.81 -142.49
C TYR HA 78 80.57 67.38 -142.86
N ALA HA 79 81.74 67.17 -143.46
CA ALA HA 79 82.25 65.86 -143.80
C ALA HA 79 83.74 65.91 -143.53
N SER HA 80 84.37 64.74 -143.47
CA SER HA 80 85.79 64.73 -143.18
C SER HA 80 86.42 63.43 -143.62
N LEU HA 81 87.71 63.51 -143.90
CA LEU HA 81 88.51 62.39 -144.37
C LEU HA 81 89.16 61.67 -143.21
N GLY HA 82 89.32 60.36 -143.35
CA GLY HA 82 90.21 59.63 -142.46
C GLY HA 82 89.63 59.38 -141.09
N GLU HA 83 90.45 59.68 -140.08
CA GLU HA 83 90.08 59.45 -138.68
C GLU HA 83 88.92 60.35 -138.26
N GLU HA 84 88.77 61.50 -138.90
CA GLU HA 84 88.10 62.64 -138.29
C GLU HA 84 86.59 62.48 -138.17
N ILE HA 85 85.96 61.57 -138.92
CA ILE HA 85 84.50 61.51 -138.94
C ILE HA 85 83.96 61.14 -137.57
N LEU HA 86 84.75 60.41 -136.79
CA LEU HA 86 84.32 59.98 -135.47
C LEU HA 86 84.22 61.15 -134.49
N LYS HA 87 84.92 62.27 -134.78
CA LYS HA 87 84.80 63.47 -133.97
C LYS HA 87 83.59 64.33 -134.31
N LYS HA 88 82.96 64.14 -135.48
CA LYS HA 88 81.97 65.09 -135.97
C LYS HA 88 80.57 64.80 -135.42
N ASP HA 89 79.78 65.87 -135.25
CA ASP HA 89 78.44 65.80 -134.69
C ASP HA 89 77.43 65.34 -135.74
N ILE HA 90 76.19 65.14 -135.29
CA ILE HA 90 75.05 64.95 -136.18
C ILE HA 90 74.69 66.30 -136.79
N ILE HA 91 74.30 66.31 -138.07
CA ILE HA 91 74.11 67.53 -138.83
C ILE HA 91 72.70 67.55 -139.40
N ASP HA 92 72.10 68.74 -139.45
CA ASP HA 92 70.75 68.96 -139.97
C ASP HA 92 70.82 69.60 -141.36
N ILE HA 93 70.06 69.06 -142.30
CA ILE HA 93 69.92 69.58 -143.66
C ILE HA 93 68.45 69.93 -143.87
N LEU HA 94 68.23 71.07 -144.53
CA LEU HA 94 66.91 71.61 -144.84
C LEU HA 94 66.83 71.98 -146.31
N VAL HA 95 65.61 71.91 -146.84
CA VAL HA 95 65.25 72.45 -148.14
C VAL HA 95 64.39 73.69 -147.90
N VAL HA 96 64.63 74.75 -148.66
CA VAL HA 96 64.07 76.07 -148.42
C VAL HA 96 63.83 76.74 -149.76
N ASP HA 97 62.63 77.28 -149.94
CA ASP HA 97 62.34 78.13 -151.08
C ASP HA 97 63.02 79.48 -150.89
N ASN HA 98 63.60 80.00 -151.96
CA ASN HA 98 64.41 81.21 -151.88
C ASN HA 98 63.58 82.43 -151.52
N LEU HA 99 62.45 82.63 -152.21
CA LEU HA 99 61.78 83.93 -152.17
C LEU HA 99 61.29 84.30 -150.78
N THR HA 100 60.95 83.30 -149.97
CA THR HA 100 60.40 83.52 -148.63
C THR HA 100 61.31 82.96 -147.54
N LYS HA 101 62.45 82.33 -147.89
CA LYS HA 101 63.33 81.66 -146.95
C LYS HA 101 62.55 80.68 -146.06
N GLN HA 102 61.65 79.93 -146.68
CA GLN HA 102 60.65 79.13 -145.99
C GLN HA 102 60.95 77.65 -146.17
N VAL HA 103 61.02 76.92 -145.06
CA VAL HA 103 61.39 75.51 -145.11
C VAL HA 103 60.34 74.72 -145.87
N ILE HA 104 60.80 73.89 -146.82
CA ILE HA 104 59.92 72.96 -147.54
C ILE HA 104 59.90 71.60 -146.86
N ILE HA 105 61.07 71.00 -146.66
CA ILE HA 105 61.21 69.79 -145.84
C ILE HA 105 62.48 69.93 -145.00
N SER HA 106 62.74 68.92 -144.17
CA SER HA 106 63.96 68.92 -143.38
C SER HA 106 64.35 67.49 -143.05
N TYR HA 107 65.65 67.22 -143.13
CA TYR HA 107 66.25 65.92 -142.81
C TYR HA 107 66.87 66.03 -141.42
N HIS HA 108 66.07 65.75 -140.39
CA HIS HA 108 66.56 65.95 -139.03
C HIS HA 108 67.72 65.02 -138.69
N GLY HA 109 68.90 65.61 -138.57
CA GLY HA 109 70.06 64.91 -138.04
C GLY HA 109 70.66 63.90 -139.00
N CYS HA 110 71.21 64.39 -140.10
CA CYS HA 110 71.89 63.53 -141.05
C CYS HA 110 73.24 63.08 -140.50
N SER HA 111 73.73 61.96 -141.03
CA SER HA 111 75.07 61.48 -140.74
C SER HA 111 75.60 60.76 -141.97
N ALA HA 112 76.89 60.92 -142.23
CA ALA HA 112 77.47 60.45 -143.48
C ALA HA 112 77.46 58.93 -143.57
N ASN HA 113 77.24 58.41 -144.78
CA ASN HA 113 77.54 57.03 -145.10
C ASN HA 113 78.75 56.94 -146.01
N ASN HA 114 78.68 57.54 -147.20
CA ASN HA 114 79.69 57.27 -148.21
C ASN HA 114 79.91 58.52 -149.06
N TYR HA 115 81.13 58.63 -149.58
CA TYR HA 115 81.71 59.87 -150.09
C TYR HA 115 82.42 59.52 -151.38
N ASN HA 116 82.10 60.24 -152.45
CA ASN HA 116 82.55 59.91 -153.80
C ASN HA 116 82.99 61.18 -154.50
N GLU HA 117 84.17 61.12 -155.13
CA GLU HA 117 84.78 62.29 -155.77
C GLU HA 117 85.35 61.86 -157.12
N THR HA 118 85.58 62.85 -157.97
CA THR HA 118 85.91 62.60 -159.38
C THR HA 118 86.74 63.75 -159.91
N TRP HA 119 87.82 63.43 -160.62
CA TRP HA 119 88.62 64.38 -161.38
C TRP HA 119 88.78 63.83 -162.79
N GLN HA 120 88.73 64.72 -163.77
CA GLN HA 120 88.80 64.30 -165.17
C GLN HA 120 89.47 65.37 -166.02
N THR HA 121 90.03 64.94 -167.14
CA THR HA 121 90.69 65.83 -168.09
C THR HA 121 89.74 66.89 -168.61
N ASN HA 122 90.23 68.15 -168.62
CA ASN HA 122 89.54 69.31 -169.18
C ASN HA 122 88.21 69.64 -168.51
N GLU HA 123 87.84 68.97 -167.43
CA GLU HA 123 86.46 68.92 -167.01
C GLU HA 123 86.30 69.18 -165.51
N ILE HA 124 85.07 69.47 -165.11
CA ILE HA 124 84.84 70.07 -163.80
C ILE HA 124 85.05 69.00 -162.75
N VAL HA 125 85.63 69.37 -161.61
CA VAL HA 125 85.77 68.47 -160.49
C VAL HA 125 84.46 68.47 -159.70
N THR HA 126 83.96 67.27 -159.39
CA THR HA 126 82.66 67.07 -158.79
C THR HA 126 82.78 66.16 -157.57
N GLU HA 127 81.77 66.25 -156.70
CA GLU HA 127 81.71 65.51 -155.45
C GLU HA 127 80.35 64.83 -155.33
N GLU HA 128 80.26 63.92 -154.37
CA GLU HA 128 78.99 63.32 -153.97
C GLU HA 128 79.15 62.82 -152.54
N ILE HA 129 78.11 63.02 -151.72
CA ILE HA 129 78.06 62.46 -150.38
C ILE HA 129 76.69 61.86 -150.16
N GLU HA 130 76.63 60.69 -149.51
CA GLU HA 130 75.38 60.07 -149.09
C GLU HA 130 75.32 60.08 -147.58
N PHE HA 131 74.17 60.51 -147.05
CA PHE HA 131 73.93 60.59 -145.61
C PHE HA 131 72.78 59.67 -145.23
N SER HA 132 72.69 59.41 -143.93
CA SER HA 132 71.51 58.82 -143.31
C SER HA 132 71.11 59.68 -142.13
N TYR HA 133 69.83 59.62 -141.77
CA TYR HA 133 69.21 60.60 -140.88
C TYR HA 133 68.23 59.94 -139.94
N LEU HA 134 68.06 60.57 -138.77
CA LEU HA 134 67.17 60.05 -137.75
C LEU HA 134 65.72 60.11 -138.23
N THR HA 135 65.26 61.31 -138.61
CA THR HA 135 63.90 61.48 -139.10
C THR HA 135 63.89 62.63 -140.12
N ALA HA 136 62.88 62.60 -140.98
CA ALA HA 136 62.57 63.67 -141.93
C ALA HA 136 61.15 64.15 -141.70
N SER HA 137 60.98 65.48 -141.69
CA SER HA 137 59.71 66.09 -141.33
C SER HA 137 59.59 67.46 -141.98
N ASP HA 138 58.37 67.94 -142.12
CA ASP HA 138 58.11 69.30 -142.57
C ASP HA 138 56.99 69.94 -141.76
N LYS HA 139 57.13 71.24 -141.53
CA LYS HA 139 56.13 72.06 -140.84
C LYS HA 139 56.22 73.47 -141.41
N ALA HA 140 55.07 74.11 -141.58
CA ALA HA 140 55.00 75.44 -142.20
C ALA HA 140 55.76 75.52 -143.52
N THR IA 12 123.97 71.51 -148.41
CA THR IA 12 123.98 70.20 -149.06
C THR IA 12 123.59 69.08 -148.12
N ARG IA 13 122.86 69.39 -147.04
CA ARG IA 13 122.42 68.37 -146.11
C ARG IA 13 121.12 68.84 -145.45
N PRO IA 14 120.37 67.92 -144.84
CA PRO IA 14 119.32 68.31 -143.89
C PRO IA 14 119.82 68.27 -142.45
N HIS IA 15 119.20 69.11 -141.62
CA HIS IA 15 119.61 69.29 -140.24
C HIS IA 15 118.39 69.24 -139.32
N ALA IA 16 118.63 68.82 -138.07
CA ALA IA 16 117.58 68.69 -137.07
C ALA IA 16 118.09 69.18 -135.73
N SER IA 17 117.23 69.87 -134.98
CA SER IA 17 117.58 70.46 -133.70
C SER IA 17 116.44 70.24 -132.72
N ILE IA 18 116.79 70.17 -131.44
CA ILE IA 18 115.82 69.93 -130.37
C ILE IA 18 114.79 71.07 -130.37
N SER IA 32 97.03 86.14 -143.13
CA SER IA 32 95.86 86.77 -143.72
C SER IA 32 96.15 88.22 -144.06
N GLU IA 33 95.43 88.76 -145.06
CA GLU IA 33 95.71 90.12 -145.52
C GLU IA 33 95.32 91.18 -144.50
N LYS IA 34 94.59 90.81 -143.45
CA LYS IA 34 94.22 91.74 -142.38
C LYS IA 34 95.37 91.85 -141.37
N VAL IA 35 96.43 92.55 -141.81
CA VAL IA 35 97.70 92.52 -141.10
C VAL IA 35 97.57 93.23 -139.76
N PHE IA 36 98.30 92.71 -138.78
CA PHE IA 36 98.24 93.11 -137.38
C PHE IA 36 99.53 93.82 -137.01
N CYS IA 37 99.43 94.91 -136.23
CA CYS IA 37 100.59 95.68 -135.77
C CYS IA 37 100.65 95.70 -134.25
N LEU IA 38 101.87 95.74 -133.70
CA LEU IA 38 102.08 95.82 -132.26
C LEU IA 38 103.32 96.67 -131.97
N ILE IA 39 103.27 97.34 -130.82
CA ILE IA 39 104.33 98.24 -130.35
C ILE IA 39 104.26 98.27 -128.82
N GLY IA 40 105.42 98.28 -128.19
CA GLY IA 40 105.53 98.17 -126.75
C GLY IA 40 106.93 97.75 -126.33
N GLN IA 41 107.18 97.87 -125.03
CA GLN IA 41 108.54 97.79 -124.51
C GLN IA 41 109.13 96.39 -124.69
N ALA IA 42 110.46 96.34 -124.85
CA ALA IA 42 111.20 95.11 -125.08
C ALA IA 42 112.66 95.40 -124.80
N GLU IA 43 113.23 94.73 -123.80
CA GLU IA 43 114.65 94.88 -123.50
C GLU IA 43 115.49 94.43 -124.68
N GLY IA 44 115.13 93.31 -125.30
CA GLY IA 44 115.71 92.95 -126.57
C GLY IA 44 115.03 93.72 -127.68
N GLY IA 45 115.42 93.39 -128.90
CA GLY IA 45 114.86 94.08 -130.05
C GLY IA 45 115.76 95.21 -130.53
N GLU IA 46 115.79 95.39 -131.85
CA GLU IA 46 116.62 96.41 -132.49
C GLU IA 46 115.74 97.59 -132.87
N PRO IA 47 116.07 98.83 -132.49
CA PRO IA 47 115.10 99.93 -132.66
C PRO IA 47 115.20 100.56 -134.05
N ASN IA 48 114.19 101.37 -134.35
CA ASN IA 48 114.23 102.34 -135.44
C ASN IA 48 114.23 101.70 -136.82
N THR IA 49 113.59 100.54 -136.96
CA THR IA 49 113.40 99.90 -138.25
C THR IA 49 112.12 99.08 -138.18
N VAL IA 50 111.46 98.93 -139.34
CA VAL IA 50 110.26 98.11 -139.40
C VAL IA 50 110.64 96.63 -139.47
N TYR IA 51 109.81 95.79 -138.84
CA TYR IA 51 110.03 94.36 -138.74
C TYR IA 51 108.76 93.61 -139.14
N GLU IA 52 108.95 92.42 -139.68
CA GLU IA 52 107.86 91.50 -140.05
C GLU IA 52 108.03 90.22 -139.25
N LEU IA 53 107.00 89.84 -138.50
CA LEU IA 53 106.98 88.63 -137.70
C LEU IA 53 106.12 87.57 -138.34
N ARG IA 54 106.64 86.34 -138.36
CA ARG IA 54 105.96 85.22 -139.04
C ARG IA 54 105.86 83.99 -138.13
N ASN IA 55 106.81 83.83 -137.21
CA ASN IA 55 106.98 82.62 -136.44
C ASN IA 55 107.31 82.96 -134.99
N TYR IA 56 106.71 82.22 -134.05
CA TYR IA 56 106.88 82.52 -132.63
C TYR IA 56 108.35 82.44 -132.21
N SER IA 57 109.09 81.46 -132.71
CA SER IA 57 110.50 81.38 -132.33
C SER IA 57 111.31 82.52 -132.98
N GLN IA 58 110.96 82.89 -134.22
CA GLN IA 58 111.59 84.04 -134.88
C GLN IA 58 111.40 85.31 -134.07
N ALA IA 59 110.26 85.44 -133.37
CA ALA IA 59 110.07 86.56 -132.46
C ALA IA 59 110.96 86.42 -131.23
N LYS IA 60 111.01 85.22 -130.63
CA LYS IA 60 111.80 85.03 -129.42
C LYS IA 60 113.29 85.21 -129.68
N ARG IA 61 113.74 85.01 -130.92
CA ARG IA 61 115.14 85.22 -131.26
C ARG IA 61 115.58 86.64 -130.96
N LEU IA 62 114.76 87.62 -131.33
CA LEU IA 62 115.17 89.03 -131.29
C LEU IA 62 114.60 89.77 -130.08
N PHE IA 63 113.29 89.70 -129.88
CA PHE IA 63 112.62 90.41 -128.79
C PHE IA 63 112.61 89.55 -127.53
N ARG IA 64 113.80 89.32 -126.97
CA ARG IA 64 113.98 88.30 -125.95
C ARG IA 64 113.12 88.54 -124.71
N SER IA 65 113.05 89.79 -124.25
CA SER IA 65 112.47 90.12 -122.95
C SER IA 65 111.63 91.37 -123.06
N GLY IA 66 110.55 91.42 -122.29
CA GLY IA 66 109.62 92.51 -122.29
C GLY IA 66 108.22 92.09 -122.73
N GLU IA 67 107.24 92.90 -122.31
CA GLU IA 67 105.84 92.62 -122.60
C GLU IA 67 105.51 92.56 -124.09
N LEU IA 68 106.40 93.02 -124.97
CA LEU IA 68 106.10 92.98 -126.40
C LEU IA 68 106.17 91.56 -126.92
N LEU IA 69 107.06 90.73 -126.36
CA LEU IA 69 107.09 89.31 -126.72
C LEU IA 69 105.85 88.60 -126.20
N ASP IA 70 105.44 88.90 -124.96
CA ASP IA 70 104.21 88.30 -124.44
C ASP IA 70 103.01 88.69 -125.30
N ALA IA 71 103.02 89.90 -125.85
CA ALA IA 71 101.97 90.33 -126.77
C ALA IA 71 102.05 89.60 -128.10
N ILE IA 72 103.25 89.54 -128.70
CA ILE IA 72 103.43 88.81 -129.95
C ILE IA 72 103.01 87.35 -129.79
N GLU IA 73 103.38 86.74 -128.66
CA GLU IA 73 102.93 85.38 -128.38
C GLU IA 73 101.42 85.32 -128.25
N LEU IA 74 100.84 86.19 -127.41
CA LEU IA 74 99.41 86.15 -127.14
C LEU IA 74 98.59 86.39 -128.41
N ALA IA 75 99.13 87.15 -129.37
CA ALA IA 75 98.43 87.32 -130.65
C ALA IA 75 98.23 85.98 -131.35
N TRP IA 76 99.18 85.06 -131.21
CA TRP IA 76 99.01 83.68 -131.69
C TRP IA 76 98.45 82.77 -130.61
N GLY IA 77 98.42 83.22 -129.35
CA GLY IA 77 97.64 82.53 -128.35
C GLY IA 77 96.16 82.54 -128.66
N SER IA 78 95.69 83.62 -129.30
CA SER IA 78 94.48 83.70 -130.12
C SER IA 78 93.27 82.91 -129.61
N ASN IA 79 92.78 81.92 -130.38
CA ASN IA 79 91.49 81.27 -130.22
C ASN IA 79 91.68 79.81 -130.59
N PRO IA 80 90.94 78.88 -129.98
CA PRO IA 80 91.29 77.45 -130.17
C PRO IA 80 91.18 76.96 -131.61
N ASN IA 81 90.57 77.72 -132.52
CA ASN IA 81 90.63 77.44 -133.95
C ASN IA 81 91.46 78.45 -134.72
N TYR IA 82 91.15 79.75 -134.60
CA TYR IA 82 91.70 80.80 -135.45
C TYR IA 82 93.06 81.30 -134.97
N THR IA 83 93.86 81.86 -135.90
CA THR IA 83 95.16 82.47 -135.61
C THR IA 83 95.29 83.83 -136.28
N ALA IA 84 96.04 84.73 -135.63
CA ALA IA 84 96.56 85.93 -136.27
C ALA IA 84 97.52 85.57 -137.41
N GLY IA 85 97.62 86.47 -138.38
CA GLY IA 85 98.59 86.35 -139.46
C GLY IA 85 99.96 86.86 -139.06
N ARG IA 86 100.68 87.45 -140.02
CA ARG IA 86 101.97 88.06 -139.71
C ARG IA 86 101.73 89.33 -138.90
N ILE IA 87 102.72 89.70 -138.07
CA ILE IA 87 102.66 90.85 -137.18
C ILE IA 87 103.82 91.78 -137.53
N LEU IA 88 103.51 93.06 -137.73
CA LEU IA 88 104.53 94.10 -137.88
C LEU IA 88 104.83 94.73 -136.53
N ALA IA 89 106.11 94.86 -136.18
CA ALA IA 89 106.52 95.30 -134.85
C ALA IA 89 107.70 96.27 -134.92
N MET IA 90 107.94 96.94 -133.81
CA MET IA 90 109.13 97.76 -133.60
C MET IA 90 109.31 98.02 -132.12
N ARG IA 91 110.57 98.19 -131.71
CA ARG IA 91 110.87 98.64 -130.36
C ARG IA 91 110.43 100.11 -130.20
N ILE IA 92 110.03 100.47 -128.97
CA ILE IA 92 109.57 101.83 -128.67
C ILE IA 92 110.58 102.52 -127.75
N GLU IA 93 111.84 102.49 -128.14
CA GLU IA 93 112.91 103.04 -127.31
C GLU IA 93 114.03 103.54 -128.22
N ASP IA 94 114.72 104.57 -127.75
CA ASP IA 94 115.82 105.19 -128.48
C ASP IA 94 117.16 104.52 -128.11
N ALA IA 95 117.19 103.20 -128.22
CA ALA IA 95 118.30 102.40 -127.72
C ALA IA 95 119.49 102.46 -128.68
N LYS IA 96 120.60 101.93 -128.20
CA LYS IA 96 121.85 101.86 -128.96
C LYS IA 96 122.58 100.57 -128.58
N PRO IA 97 123.50 100.10 -129.42
CA PRO IA 97 124.27 98.91 -129.06
C PRO IA 97 125.46 99.25 -128.17
N ALA IA 98 125.87 98.25 -127.39
CA ALA IA 98 127.02 98.42 -126.53
C ALA IA 98 128.32 98.51 -127.35
N SER IA 99 129.30 99.23 -126.79
CA SER IA 99 130.62 99.34 -127.40
C SER IA 99 131.64 99.62 -126.30
N ALA IA 100 132.84 99.07 -126.45
CA ALA IA 100 133.90 99.24 -125.46
C ALA IA 100 135.23 99.41 -126.17
N GLU IA 101 136.00 100.41 -125.72
CA GLU IA 101 137.35 100.65 -126.21
C GLU IA 101 138.33 100.02 -125.24
N ILE IA 102 139.24 99.20 -125.77
CA ILE IA 102 140.15 98.43 -124.93
C ILE IA 102 141.27 97.92 -125.83
N GLY IA 103 142.50 97.99 -125.34
CA GLY IA 103 143.63 97.74 -126.21
C GLY IA 103 143.60 98.64 -127.43
N GLY IA 104 144.14 98.11 -128.53
CA GLY IA 104 144.03 98.70 -129.85
C GLY IA 104 142.66 98.67 -130.52
N LEU IA 105 141.61 98.21 -129.83
CA LEU IA 105 140.36 97.82 -130.46
C LEU IA 105 139.17 98.56 -129.87
N LYS IA 106 138.15 98.77 -130.71
CA LYS IA 106 136.82 99.17 -130.28
C LYS IA 106 135.83 98.07 -130.66
N ILE IA 107 134.98 97.69 -129.71
CA ILE IA 107 134.04 96.59 -129.90
C ILE IA 107 132.69 97.14 -130.32
N THR IA 108 132.03 96.46 -131.25
CA THR IA 108 130.66 96.75 -131.63
C THR IA 108 129.82 95.48 -131.50
N SER IA 109 128.76 95.54 -130.69
CA SER IA 109 127.89 94.39 -130.50
C SER IA 109 126.67 94.49 -131.42
N LYS IA 110 126.16 93.33 -131.80
CA LYS IA 110 124.98 93.19 -132.66
C LYS IA 110 123.70 93.00 -131.84
N ILE IA 111 123.68 93.45 -130.59
CA ILE IA 111 122.50 93.40 -129.74
C ILE IA 111 122.42 94.74 -129.02
N TYR IA 112 121.19 95.14 -128.65
CA TYR IA 112 120.87 96.52 -128.33
C TYR IA 112 120.24 96.62 -126.95
N GLY IA 113 120.40 97.80 -126.34
CA GLY IA 113 119.83 98.06 -125.04
C GLY IA 113 120.71 97.57 -123.91
N ASN IA 114 120.11 97.46 -122.73
CA ASN IA 114 120.79 96.95 -121.55
C ASN IA 114 121.21 95.49 -121.71
N VAL IA 115 120.51 94.73 -122.57
CA VAL IA 115 120.91 93.35 -122.86
C VAL IA 115 122.33 93.31 -123.38
N ALA IA 116 122.75 94.34 -124.12
CA ALA IA 116 124.07 94.37 -124.70
C ALA IA 116 125.18 94.41 -123.66
N ASN IA 117 124.88 94.89 -122.44
CA ASN IA 117 125.85 94.86 -121.35
C ASN IA 117 126.02 93.48 -120.74
N ASN IA 118 125.17 92.51 -121.10
CA ASN IA 118 125.35 91.13 -120.62
C ASN IA 118 126.45 90.39 -121.38
N ILE IA 119 126.87 90.90 -122.54
CA ILE IA 119 127.92 90.28 -123.35
C ILE IA 119 129.27 90.45 -122.66
N GLN IA 120 130.18 89.49 -122.90
CA GLN IA 120 131.56 89.56 -122.38
C GLN IA 120 132.53 89.10 -123.46
N VAL IA 121 133.51 89.96 -123.78
CA VAL IA 121 134.39 89.77 -124.93
C VAL IA 121 135.86 89.68 -124.51
N GLY IA 122 136.64 88.85 -125.23
CA GLY IA 122 138.06 88.65 -124.99
C GLY IA 122 138.82 88.29 -126.26
N LEU IA 123 140.16 88.25 -126.13
CA LEU IA 123 141.06 87.88 -127.22
C LEU IA 123 142.26 87.13 -126.64
N GLU IA 124 142.90 86.31 -127.48
CA GLU IA 124 144.12 85.61 -127.11
C GLU IA 124 145.01 85.48 -128.34
N LYS IA 125 146.22 84.96 -128.13
CA LYS IA 125 147.12 84.61 -129.23
C LYS IA 125 147.85 83.32 -128.86
N ASN IA 126 147.91 82.38 -129.81
CA ASN IA 126 148.52 81.08 -129.58
C ASN IA 126 149.99 81.14 -129.98
N THR IA 127 150.86 81.04 -128.98
CA THR IA 127 152.30 81.23 -129.20
C THR IA 127 152.88 80.14 -130.09
N LEU IA 128 152.27 78.96 -130.13
CA LEU IA 128 152.81 77.85 -130.91
C LEU IA 128 152.70 78.11 -132.41
N SER IA 129 151.68 78.86 -132.83
CA SER IA 129 151.37 79.01 -134.25
C SER IA 129 151.28 80.49 -134.69
N ASP IA 130 151.67 81.42 -133.84
CA ASP IA 130 151.75 82.85 -134.17
C ASP IA 130 150.40 83.42 -134.62
N SER IA 131 149.31 82.83 -134.15
CA SER IA 131 147.97 83.11 -134.64
C SER IA 131 147.07 83.58 -133.50
N LEU IA 132 146.11 84.45 -133.84
CA LEU IA 132 145.27 85.01 -132.80
C LEU IA 132 144.13 84.04 -132.45
N ARG IA 133 143.36 84.39 -131.42
CA ARG IA 133 142.23 83.59 -130.97
C ARG IA 133 141.18 84.51 -130.39
N LEU IA 134 139.90 84.16 -130.61
CA LEU IA 134 138.80 85.00 -130.17
C LEU IA 134 137.75 84.17 -129.44
N ARG IA 135 137.14 84.81 -128.43
CA ARG IA 135 136.15 84.17 -127.57
C ARG IA 135 135.17 85.23 -127.11
N VAL IA 136 133.93 84.82 -126.84
CA VAL IA 136 132.85 85.73 -126.46
C VAL IA 136 131.84 84.92 -125.66
N ILE IA 137 131.23 85.54 -124.65
CA ILE IA 137 130.15 84.92 -123.89
C ILE IA 137 128.93 85.84 -123.97
N PHE IA 138 127.77 85.25 -124.23
CA PHE IA 138 126.45 85.87 -124.09
C PHE IA 138 125.67 84.83 -123.28
N GLN IA 139 125.68 84.98 -121.96
CA GLN IA 139 125.28 83.89 -121.07
C GLN IA 139 123.80 83.54 -121.19
N ASP IA 140 122.98 84.42 -121.78
CA ASP IA 140 121.55 84.12 -121.89
C ASP IA 140 121.29 83.07 -122.96
N ASP IA 141 122.14 83.00 -123.99
CA ASP IA 141 122.13 81.90 -124.96
C ASP IA 141 123.15 80.82 -124.62
N ARG IA 142 124.01 81.05 -123.63
CA ARG IA 142 125.23 80.26 -123.43
C ARG IA 142 126.02 80.15 -124.73
N PHE IA 143 126.00 81.22 -125.52
CA PHE IA 143 126.85 81.31 -126.70
C PHE IA 143 128.30 81.41 -126.25
N ASN IA 144 129.13 80.50 -126.77
CA ASN IA 144 130.56 80.51 -126.49
C ASN IA 144 131.24 79.59 -127.50
N GLU IA 145 132.14 80.15 -128.29
CA GLU IA 145 132.92 79.42 -129.28
C GLU IA 145 134.34 79.98 -129.27
N VAL IA 146 135.32 79.09 -129.40
CA VAL IA 146 136.73 79.48 -129.46
C VAL IA 146 137.13 79.44 -130.94
N TYR IA 147 137.20 80.62 -131.57
CA TYR IA 147 137.72 80.75 -132.92
C TYR IA 147 139.23 80.83 -132.88
N ASP IA 148 139.91 80.05 -133.73
CA ASP IA 148 141.36 79.90 -133.69
C ASP IA 148 141.91 79.93 -135.11
N ASN IA 149 143.22 79.71 -135.16
CA ASN IA 149 144.01 79.53 -136.38
C ASN IA 149 143.97 80.79 -137.22
N ILE IA 150 143.97 81.93 -136.55
CA ILE IA 150 143.75 83.21 -137.21
C ILE IA 150 145.00 83.64 -137.98
N GLY IA 151 144.84 84.00 -139.25
CA GLY IA 151 145.96 84.52 -140.02
C GLY IA 151 146.86 83.42 -140.57
N ASN IA 152 148.14 83.78 -140.76
CA ASN IA 152 149.17 82.86 -141.26
C ASN IA 152 148.87 82.38 -142.68
N ILE IA 153 148.57 83.34 -143.57
CA ILE IA 153 147.99 83.04 -144.88
C ILE IA 153 148.80 82.00 -145.66
N PHE IA 154 150.12 82.14 -145.70
CA PHE IA 154 150.94 81.19 -146.45
C PHE IA 154 152.36 81.27 -145.93
N THR IA 155 153.14 80.25 -146.31
CA THR IA 155 154.55 80.16 -145.93
C THR IA 155 155.42 80.57 -147.10
N ILE IA 156 156.52 81.26 -146.79
CA ILE IA 156 157.59 81.51 -147.75
C ILE IA 156 158.73 80.59 -147.32
N LYS IA 157 159.02 79.58 -148.15
CA LYS IA 157 160.01 78.57 -147.85
C LYS IA 157 161.15 78.66 -148.86
N TYR IA 158 162.38 78.63 -148.34
CA TYR IA 158 163.58 78.82 -149.14
C TYR IA 158 164.21 77.48 -149.47
N LYS IA 159 164.64 77.33 -150.72
CA LYS IA 159 165.36 76.15 -151.16
C LYS IA 159 166.44 76.53 -152.17
N GLY IA 160 166.98 77.76 -152.07
CA GLY IA 160 168.09 78.19 -152.87
C GLY IA 160 169.42 78.00 -152.16
N GLU IA 161 170.48 78.45 -152.84
CA GLU IA 161 171.84 78.27 -152.34
C GLU IA 161 172.61 79.59 -152.24
N GLU IA 162 171.91 80.72 -152.17
CA GLU IA 162 172.53 82.01 -151.86
C GLU IA 162 172.97 82.02 -150.39
N ALA IA 163 173.49 83.16 -149.91
CA ALA IA 163 173.89 83.22 -148.50
C ALA IA 163 172.67 83.31 -147.58
N ASN IA 164 171.68 84.18 -147.90
CA ASN IA 164 170.52 84.21 -147.02
C ASN IA 164 169.35 84.78 -147.80
N ALA IA 165 168.15 84.65 -147.23
CA ALA IA 165 166.92 85.08 -147.90
C ALA IA 165 165.99 85.74 -146.90
N THR IA 166 165.45 86.92 -147.26
CA THR IA 166 164.52 87.65 -146.40
C THR IA 166 163.34 88.18 -147.24
N PHE IA 167 162.31 88.71 -146.58
CA PHE IA 167 161.14 89.23 -147.28
C PHE IA 167 160.57 90.45 -146.54
N SER IA 168 159.65 91.15 -147.21
CA SER IA 168 158.96 92.27 -146.56
C SER IA 168 157.63 92.56 -147.25
N VAL IA 169 156.75 93.20 -146.49
CA VAL IA 169 155.48 93.72 -146.97
C VAL IA 169 155.33 95.13 -146.40
N GLU IA 170 154.98 96.08 -147.26
CA GLU IA 170 155.03 97.51 -146.93
C GLU IA 170 153.62 98.09 -146.84
N HIS IA 171 153.54 99.28 -146.26
CA HIS IA 171 152.27 99.93 -145.94
C HIS IA 171 152.21 101.33 -146.54
N ASP IA 172 150.99 101.82 -146.72
CA ASP IA 172 150.76 103.25 -146.79
C ASP IA 172 150.68 103.76 -145.35
N GLU IA 173 151.47 104.80 -145.06
CA GLU IA 173 151.65 105.21 -143.66
C GLU IA 173 150.43 105.91 -143.05
N GLU IA 174 149.26 105.95 -143.72
CA GLU IA 174 148.05 106.52 -143.15
C GLU IA 174 146.90 105.53 -143.29
N THR IA 175 146.66 105.04 -144.50
CA THR IA 175 145.59 104.09 -144.76
C THR IA 175 146.00 102.64 -144.57
N GLN IA 176 147.30 102.35 -144.49
CA GLN IA 176 147.79 101.01 -144.18
C GLN IA 176 147.46 100.00 -145.28
N LYS IA 177 147.42 100.44 -146.54
CA LYS IA 177 147.21 99.49 -147.64
C LYS IA 177 148.53 98.83 -148.05
N ALA IA 178 148.41 97.61 -148.55
CA ALA IA 178 149.57 96.82 -148.96
C ALA IA 178 150.18 97.45 -150.20
N SER IA 179 151.21 98.26 -150.01
CA SER IA 179 151.84 98.94 -151.15
C SER IA 179 152.71 97.98 -151.96
N ARG IA 180 153.66 97.30 -151.31
CA ARG IA 180 154.61 96.40 -151.97
C ARG IA 180 154.75 95.12 -151.17
N LEU IA 181 155.10 94.05 -151.88
CA LEU IA 181 155.48 92.78 -151.27
C LEU IA 181 156.76 92.31 -151.95
N VAL IA 182 157.80 91.98 -151.17
CA VAL IA 182 159.11 91.70 -151.77
C VAL IA 182 159.70 90.43 -151.17
N LEU IA 183 160.47 89.72 -151.99
CA LEU IA 183 161.34 88.64 -151.57
C LEU IA 183 162.79 89.03 -151.86
N LYS IA 184 163.68 88.75 -150.92
CA LYS IA 184 165.05 89.26 -150.94
C LYS IA 184 166.06 88.14 -150.80
N VAL IA 185 167.18 88.27 -151.51
CA VAL IA 185 168.39 87.51 -151.22
C VAL IA 185 169.25 88.37 -150.32
N GLY IA 186 169.39 87.97 -149.06
CA GLY IA 186 170.04 88.82 -148.08
C GLY IA 186 169.17 90.00 -147.74
N ASP IA 187 169.52 91.16 -148.29
CA ASP IA 187 168.72 92.38 -148.24
C ASP IA 187 168.47 92.97 -149.62
N GLN IA 188 168.91 92.32 -150.69
CA GLN IA 188 168.73 92.81 -152.05
C GLN IA 188 167.48 92.18 -152.66
N GLU IA 189 166.67 93.01 -153.31
CA GLU IA 189 165.33 92.62 -153.73
C GLU IA 189 165.38 91.75 -154.99
N VAL IA 190 165.01 90.48 -154.85
CA VAL IA 190 164.69 89.59 -155.98
C VAL IA 190 163.70 90.30 -156.92
N LYS IA 191 162.44 90.46 -156.48
CA LYS IA 191 161.42 91.14 -157.28
C LYS IA 191 160.33 91.65 -156.34
N SER IA 192 159.62 92.70 -156.77
CA SER IA 192 158.59 93.35 -155.97
C SER IA 192 157.25 93.31 -156.70
N TYR IA 193 156.19 93.11 -155.93
CA TYR IA 193 154.82 93.08 -156.42
C TYR IA 193 154.05 94.21 -155.75
N ASP IA 194 153.52 95.11 -156.57
CA ASP IA 194 152.80 96.29 -156.12
C ASP IA 194 151.33 95.90 -155.98
N LEU IA 195 150.87 95.72 -154.74
CA LEU IA 195 149.58 95.09 -154.47
C LEU IA 195 148.46 96.09 -154.29
N THR IA 196 148.62 97.31 -154.80
CA THR IA 196 147.58 98.32 -154.64
C THR IA 196 146.37 98.05 -155.52
N GLY IA 197 146.50 97.24 -156.56
CA GLY IA 197 145.37 96.96 -157.42
C GLY IA 197 145.78 96.09 -158.59
N GLY IA 198 144.97 96.14 -159.65
CA GLY IA 198 145.34 95.51 -160.91
C GLY IA 198 145.05 94.02 -160.95
N ALA IA 199 145.84 93.33 -161.77
CA ALA IA 199 145.67 91.91 -162.05
C ALA IA 199 146.22 91.00 -160.95
N TYR IA 200 146.88 91.55 -159.94
CA TYR IA 200 147.43 90.78 -158.82
C TYR IA 200 146.59 90.95 -157.55
N ASP IA 201 145.28 91.12 -157.71
CA ASP IA 201 144.45 91.39 -156.55
C ASP IA 201 144.36 90.20 -155.60
N TYR IA 202 144.47 88.98 -156.12
CA TYR IA 202 144.30 87.76 -155.33
C TYR IA 202 145.64 87.07 -155.11
N THR IA 203 145.80 86.46 -153.93
CA THR IA 203 147.08 85.94 -153.45
C THR IA 203 147.58 84.72 -154.21
N ASN IA 204 146.72 83.99 -154.92
CA ASN IA 204 147.25 82.87 -155.72
C ASN IA 204 148.20 83.36 -156.80
N ALA IA 205 148.07 84.63 -157.22
CA ALA IA 205 149.10 85.20 -158.08
C ALA IA 205 150.42 85.37 -157.34
N ILE IA 206 150.37 85.53 -156.02
CA ILE IA 206 151.61 85.58 -155.23
C ILE IA 206 152.16 84.18 -155.01
N ILE IA 207 151.29 83.22 -154.74
CA ILE IA 207 151.73 81.86 -154.47
C ILE IA 207 152.37 81.26 -155.73
N THR IA 208 151.77 81.48 -156.90
CA THR IA 208 152.34 80.93 -158.12
C THR IA 208 153.71 81.54 -158.41
N ASP IA 209 153.81 82.87 -158.36
CA ASP IA 209 155.07 83.55 -158.65
C ASP IA 209 156.17 83.13 -157.69
N ILE IA 210 155.86 83.00 -156.40
CA ILE IA 210 156.91 82.65 -155.45
C ILE IA 210 157.34 81.19 -155.63
N ASN IA 211 156.50 80.36 -156.26
CA ASN IA 211 156.94 79.04 -156.70
C ASN IA 211 157.73 79.11 -158.01
N GLN IA 212 157.66 80.23 -158.73
CA GLN IA 212 158.43 80.43 -159.96
C GLN IA 212 159.72 81.19 -159.74
N LEU IA 213 159.87 81.86 -158.60
CA LEU IA 213 161.17 82.42 -158.24
C LEU IA 213 162.07 81.26 -157.82
N PRO IA 214 163.18 80.98 -158.51
CA PRO IA 214 163.87 79.69 -158.31
C PRO IA 214 164.31 79.39 -156.87
N ASP IA 215 164.49 80.41 -156.03
CA ASP IA 215 164.96 80.18 -154.67
C ASP IA 215 163.86 79.77 -153.71
N PHE IA 216 162.58 79.97 -154.06
CA PHE IA 216 161.48 79.91 -153.11
C PHE IA 216 160.36 78.98 -153.55
N GLU IA 217 159.61 78.52 -152.56
CA GLU IA 217 158.35 77.81 -152.73
C GLU IA 217 157.35 78.48 -151.78
N ALA IA 218 156.15 78.76 -152.29
CA ALA IA 218 155.06 79.30 -151.47
C ALA IA 218 154.00 78.24 -151.31
N LYS IA 219 153.61 77.96 -150.07
CA LYS IA 219 152.62 76.95 -149.76
C LYS IA 219 151.69 77.45 -148.66
N LEU IA 220 150.41 77.11 -148.79
CA LEU IA 220 149.36 77.74 -148.03
C LEU IA 220 149.46 77.34 -146.56
N SER IA 221 148.72 78.06 -145.72
CA SER IA 221 148.69 77.81 -144.29
C SER IA 221 148.36 76.33 -144.03
N PRO IA 222 148.98 75.70 -143.01
CA PRO IA 222 148.67 74.28 -142.77
C PRO IA 222 147.23 74.00 -142.35
N PHE IA 223 146.41 75.03 -142.01
CA PHE IA 223 145.05 74.76 -141.54
C PHE IA 223 144.08 75.42 -142.52
N GLY IA 224 143.39 74.61 -143.31
CA GLY IA 224 142.24 75.11 -144.05
C GLY IA 224 142.63 75.85 -145.32
N ASP IA 225 141.76 76.78 -145.71
CA ASP IA 225 141.98 77.66 -146.84
C ASP IA 225 141.56 79.06 -146.42
N LYS IA 226 142.50 80.00 -146.47
CA LYS IA 226 142.26 81.35 -145.99
C LYS IA 226 142.07 82.31 -147.15
N ASN IA 227 143.02 82.34 -148.10
CA ASN IA 227 142.83 82.97 -149.40
C ASN IA 227 142.41 84.44 -149.27
N LEU IA 228 143.22 85.21 -148.54
CA LEU IA 228 143.02 86.65 -148.54
C LEU IA 228 143.23 87.21 -149.94
N GLU IA 229 142.73 88.43 -150.14
CA GLU IA 229 143.02 89.21 -151.33
C GLU IA 229 144.26 90.05 -151.06
N SER IA 230 145.16 90.10 -152.05
CA SER IA 230 146.55 90.51 -151.81
C SER IA 230 146.67 91.91 -151.23
N SER IA 231 145.68 92.77 -151.48
CA SER IA 231 145.80 94.15 -151.03
C SER IA 231 145.72 94.30 -149.52
N LYS IA 232 145.34 93.24 -148.81
CA LYS IA 232 145.21 93.24 -147.36
C LYS IA 232 146.49 92.89 -146.62
N LEU IA 233 147.48 92.32 -147.29
CA LEU IA 233 148.63 91.76 -146.59
C LEU IA 233 149.39 92.84 -145.84
N ASP IA 234 149.77 92.52 -144.61
CA ASP IA 234 150.25 93.48 -143.62
C ASP IA 234 151.71 93.22 -143.25
N LYS IA 235 152.24 94.07 -142.36
CA LYS IA 235 153.68 94.24 -142.18
C LYS IA 235 154.30 93.05 -141.44
N ILE IA 236 155.15 92.31 -142.14
CA ILE IA 236 156.27 91.55 -141.56
C ILE IA 236 157.46 91.78 -142.49
N GLU IA 237 158.61 92.15 -141.94
CA GLU IA 237 159.75 92.54 -142.75
C GLU IA 237 161.04 92.00 -142.15
N ASN IA 238 161.97 91.66 -143.05
CA ASN IA 238 163.38 91.40 -142.72
C ASN IA 238 163.55 90.18 -141.83
N ALA IA 239 162.75 89.14 -142.05
CA ALA IA 239 162.87 87.88 -141.32
C ALA IA 239 163.60 86.87 -142.19
N ASN IA 240 164.47 86.08 -141.58
CA ASN IA 240 165.28 85.14 -142.34
C ASN IA 240 164.42 83.97 -142.80
N ILE IA 241 164.76 83.43 -143.97
CA ILE IA 241 163.99 82.34 -144.56
C ILE IA 241 164.81 81.08 -144.76
N LYS IA 242 166.15 81.15 -144.70
CA LYS IA 242 167.00 80.07 -145.18
C LYS IA 242 166.84 78.77 -144.40
N ASP IA 243 166.25 78.80 -143.21
CA ASP IA 243 165.87 77.57 -142.51
C ASP IA 243 164.56 77.74 -141.77
N LYS IA 244 163.66 78.57 -142.30
CA LYS IA 244 162.36 78.80 -141.67
C LYS IA 244 161.31 79.05 -142.73
N ALA IA 245 160.10 78.55 -142.50
CA ALA IA 245 158.98 78.78 -143.42
C ALA IA 245 158.11 79.91 -142.89
N VAL IA 246 158.67 81.12 -142.96
CA VAL IA 246 158.07 82.27 -142.30
C VAL IA 246 156.77 82.65 -143.02
N TYR IA 247 155.80 83.14 -142.25
CA TYR IA 247 154.49 83.48 -142.77
C TYR IA 247 154.40 84.98 -143.07
N VAL IA 248 153.33 85.35 -143.79
CA VAL IA 248 152.79 86.70 -143.75
C VAL IA 248 151.60 86.69 -142.81
N LYS IA 249 151.53 87.72 -141.98
CA LYS IA 249 150.66 87.85 -140.81
C LYS IA 249 149.21 87.53 -141.16
N ALA IA 250 148.54 88.45 -141.86
CA ALA IA 250 147.16 88.30 -142.31
C ALA IA 250 146.17 88.06 -141.17
N VAL IA 251 146.53 88.41 -139.93
CA VAL IA 251 145.64 88.06 -138.82
C VAL IA 251 144.39 88.92 -138.84
N PHE IA 252 144.54 90.20 -139.22
CA PHE IA 252 143.41 91.11 -139.19
C PHE IA 252 142.37 90.72 -140.25
N GLY IA 253 142.82 90.52 -141.49
CA GLY IA 253 141.92 90.12 -142.55
C GLY IA 253 141.19 88.81 -142.29
N ASP IA 254 141.77 87.93 -141.47
CA ASP IA 254 141.06 86.71 -141.09
C ASP IA 254 140.00 86.98 -140.02
N LEU IA 255 140.30 87.86 -139.05
CA LEU IA 255 139.27 88.31 -138.11
C LEU IA 255 138.11 88.98 -138.81
N GLU IA 256 138.38 89.75 -139.87
CA GLU IA 256 137.30 90.40 -140.62
C GLU IA 256 136.32 89.38 -141.16
N LYS IA 257 136.81 88.22 -141.59
CA LYS IA 257 135.93 87.15 -142.05
C LYS IA 257 135.27 86.43 -140.88
N GLN IA 258 136.05 86.10 -139.84
CA GLN IA 258 135.54 85.30 -138.74
C GLN IA 258 134.56 86.03 -137.85
N THR IA 259 134.42 87.36 -137.99
CA THR IA 259 133.47 88.14 -137.19
C THR IA 259 132.23 88.55 -137.97
N ALA IA 260 132.18 88.30 -139.27
CA ALA IA 260 130.96 88.53 -140.05
C ALA IA 260 129.78 87.67 -139.56
N TYR IA 261 129.66 86.46 -140.10
CA TYR IA 261 128.48 85.64 -139.87
C TYR IA 261 128.39 85.14 -138.43
N ASN IA 262 129.53 84.85 -137.80
CA ASN IA 262 129.52 84.21 -136.50
C ASN IA 262 129.29 85.19 -135.36
N GLY IA 263 128.47 84.79 -134.39
CA GLY IA 263 128.47 85.44 -133.11
C GLY IA 263 127.89 86.85 -133.12
N ILE IA 264 127.80 87.40 -131.91
CA ILE IA 264 127.09 88.67 -131.68
C ILE IA 264 127.99 89.89 -131.80
N VAL IA 265 129.32 89.70 -131.84
CA VAL IA 265 130.30 90.75 -131.60
C VAL IA 265 131.15 91.00 -132.84
N SER IA 266 131.59 92.24 -133.00
CA SER IA 266 132.46 92.64 -134.10
C SER IA 266 133.38 93.75 -133.60
N PHE IA 267 134.51 93.91 -134.30
CA PHE IA 267 135.59 94.80 -133.86
C PHE IA 267 136.00 95.76 -134.95
N GLU IA 268 136.65 96.85 -134.52
CA GLU IA 268 137.44 97.72 -135.38
C GLU IA 268 138.85 97.85 -134.81
N GLN IA 269 139.86 97.80 -135.68
CA GLN IA 269 141.21 98.15 -135.28
C GLN IA 269 141.36 99.67 -135.35
N LEU IA 270 141.91 100.25 -134.30
CA LEU IA 270 142.10 101.69 -134.24
C LEU IA 270 143.30 102.11 -135.11
N LYS IA 298 147.98 102.57 -132.76
CA LYS IA 298 147.46 101.40 -132.05
C LYS IA 298 147.67 100.09 -132.78
N THR IA 299 147.51 98.96 -132.09
CA THR IA 299 147.70 97.66 -132.73
C THR IA 299 146.88 96.66 -131.95
N ILE IA 300 146.43 95.60 -132.64
CA ILE IA 300 145.63 94.57 -132.00
C ILE IA 300 146.47 93.91 -130.90
N GLU IA 301 145.83 93.67 -129.75
CA GLU IA 301 146.53 93.11 -128.59
C GLU IA 301 145.62 92.15 -127.83
N PRO IA 302 146.12 91.01 -127.34
CA PRO IA 302 145.28 90.12 -126.54
C PRO IA 302 144.87 90.76 -125.22
N PHE IA 303 143.83 90.21 -124.61
CA PHE IA 303 143.38 90.69 -123.31
C PHE IA 303 142.39 89.69 -122.71
N GLU IA 304 142.03 89.90 -121.43
CA GLU IA 304 141.18 88.95 -120.73
C GLU IA 304 139.71 89.35 -120.89
N LEU IA 305 138.83 88.37 -120.69
CA LEU IA 305 137.39 88.55 -120.92
C LEU IA 305 136.83 89.76 -120.17
N THR IA 306 136.16 90.65 -120.91
CA THR IA 306 135.72 91.95 -120.42
C THR IA 306 134.23 92.11 -120.64
N LYS IA 307 133.53 92.62 -119.63
CA LYS IA 307 132.09 92.84 -119.68
C LYS IA 307 131.78 94.15 -120.43
N LEU IA 308 130.84 94.09 -121.38
CA LEU IA 308 130.58 95.24 -122.23
C LEU IA 308 129.84 96.34 -121.48
N LYS IA 309 129.93 97.55 -122.04
CA LYS IA 309 129.45 98.78 -121.43
C LYS IA 309 128.77 99.60 -122.51
N GLY IA 310 127.95 100.57 -122.07
CA GLY IA 310 127.31 101.49 -122.97
C GLY IA 310 125.99 101.00 -123.56
N GLY IA 311 125.50 99.82 -123.21
CA GLY IA 311 124.20 99.42 -123.73
C GLY IA 311 123.08 100.25 -123.15
N THR IA 312 122.53 101.15 -123.97
CA THR IA 312 121.55 102.15 -123.55
C THR IA 312 120.18 101.87 -124.15
N ASN IA 313 119.13 102.20 -123.38
CA ASN IA 313 117.74 102.04 -123.80
C ASN IA 313 117.08 103.37 -124.19
N GLY IA 314 116.86 104.24 -123.23
CA GLY IA 314 116.33 105.58 -123.42
C GLY IA 314 114.86 105.66 -123.05
N GLU IA 315 114.43 106.90 -122.74
CA GLU IA 315 113.25 107.26 -121.96
C GLU IA 315 111.96 106.63 -122.47
N PRO IA 316 110.84 106.76 -121.76
CA PRO IA 316 109.56 106.37 -122.35
C PRO IA 316 109.15 107.35 -123.44
N PRO IA 317 108.23 106.96 -124.32
CA PRO IA 317 108.00 107.74 -125.55
C PRO IA 317 107.42 109.12 -125.26
N ALA IA 318 108.04 110.15 -125.84
CA ALA IA 318 107.44 111.48 -125.84
C ALA IA 318 106.05 111.45 -126.42
N THR IA 319 105.87 110.72 -127.52
CA THR IA 319 104.56 110.41 -128.07
C THR IA 319 104.66 109.06 -128.77
N TRP IA 320 103.57 108.30 -128.74
CA TRP IA 320 103.52 107.01 -129.43
C TRP IA 320 103.42 107.14 -130.94
N ALA IA 321 103.37 108.36 -131.46
CA ALA IA 321 103.48 108.62 -132.89
C ALA IA 321 104.91 108.71 -133.40
N ASP IA 322 105.91 108.73 -132.51
CA ASP IA 322 107.30 108.94 -132.92
C ASP IA 322 107.76 107.92 -133.96
N LYS IA 323 107.78 106.62 -133.60
CA LYS IA 323 108.16 105.56 -134.51
C LYS IA 323 106.95 104.84 -135.10
N LEU IA 324 105.75 105.11 -134.59
CA LEU IA 324 104.55 104.61 -135.24
C LEU IA 324 104.35 105.29 -136.59
N ASP IA 325 104.92 106.49 -136.76
CA ASP IA 325 104.99 107.13 -138.06
C ASP IA 325 105.73 106.27 -139.09
N LYS IA 326 106.65 105.41 -138.63
CA LYS IA 326 107.32 104.51 -139.56
C LYS IA 326 106.36 103.46 -140.11
N PHE IA 327 105.42 102.99 -139.28
CA PHE IA 327 104.39 102.07 -139.76
C PHE IA 327 103.40 102.74 -140.71
N ALA IA 328 103.42 104.07 -140.82
CA ALA IA 328 102.43 104.83 -141.59
C ALA IA 328 102.62 104.77 -143.10
N HIS IA 329 103.33 103.76 -143.62
CA HIS IA 329 103.48 103.56 -145.07
C HIS IA 329 103.63 102.08 -145.39
N GLU IA 330 103.21 101.18 -144.49
CA GLU IA 330 103.51 99.76 -144.59
C GLU IA 330 102.31 98.91 -144.99
N GLY IA 331 101.10 99.46 -144.93
CA GLY IA 331 99.91 98.75 -145.32
C GLY IA 331 99.21 97.97 -144.23
N GLY IA 332 99.67 98.05 -142.98
CA GLY IA 332 99.00 97.35 -141.92
C GLY IA 332 97.61 97.90 -141.69
N TYR IA 333 96.82 97.12 -140.93
CA TYR IA 333 95.45 97.50 -140.59
C TYR IA 333 95.25 97.55 -139.08
N TYR IA 334 95.28 96.41 -138.40
CA TYR IA 334 94.97 96.37 -136.97
C TYR IA 334 96.18 96.84 -136.15
N ILE IA 335 95.91 97.52 -135.03
CA ILE IA 335 96.96 97.91 -134.10
C ILE IA 335 96.44 97.84 -132.68
N VAL IA 336 97.33 97.52 -131.74
CA VAL IA 336 97.07 97.63 -130.31
C VAL IA 336 98.26 98.30 -129.64
N PRO IA 337 98.12 99.46 -129.00
CA PRO IA 337 99.24 99.99 -128.20
C PRO IA 337 99.30 99.29 -126.85
N LEU IA 338 100.48 98.77 -126.52
CA LEU IA 338 100.69 98.01 -125.28
C LEU IA 338 100.98 98.99 -124.14
N SER IA 339 99.90 99.51 -123.56
CA SER IA 339 100.01 100.62 -122.61
C SER IA 339 98.74 100.77 -121.80
N SER IA 340 98.88 101.49 -120.68
CA SER IA 340 97.79 101.74 -119.75
C SER IA 340 97.56 103.21 -119.44
N LYS IA 341 98.47 104.11 -119.82
CA LYS IA 341 98.29 105.52 -119.52
C LYS IA 341 97.08 106.07 -120.27
N GLN IA 342 96.38 107.01 -119.64
CA GLN IA 342 95.12 107.50 -120.20
C GLN IA 342 95.37 108.33 -121.46
N SER IA 343 96.50 109.05 -121.54
CA SER IA 343 96.76 109.89 -122.71
C SER IA 343 97.01 109.07 -123.97
N VAL IA 344 97.57 107.87 -123.83
CA VAL IA 344 97.98 107.08 -124.99
C VAL IA 344 96.77 106.69 -125.82
N HIS IA 345 95.60 106.52 -125.18
CA HIS IA 345 94.39 106.22 -125.93
C HIS IA 345 94.06 107.36 -126.90
N ALA IA 346 94.22 108.60 -126.45
CA ALA IA 346 93.98 109.74 -127.33
C ALA IA 346 95.04 109.85 -128.42
N GLU IA 347 96.30 109.58 -128.10
CA GLU IA 347 97.37 109.70 -129.08
C GLU IA 347 97.15 108.73 -130.23
N VAL IA 348 96.97 107.45 -129.91
CA VAL IA 348 96.79 106.42 -130.93
C VAL IA 348 95.49 106.62 -131.68
N ALA IA 349 94.43 107.06 -131.00
CA ALA IA 349 93.21 107.42 -131.72
C ALA IA 349 93.44 108.52 -132.73
N SER IA 350 94.25 109.54 -132.38
CA SER IA 350 94.66 110.50 -133.40
C SER IA 350 95.43 109.84 -134.54
N PHE IA 351 96.33 108.89 -134.25
CA PHE IA 351 97.10 108.27 -135.32
C PHE IA 351 96.18 107.54 -136.30
N VAL IA 352 95.29 106.71 -135.76
CA VAL IA 352 94.39 105.90 -136.58
C VAL IA 352 93.51 106.79 -137.45
N LYS IA 353 93.02 107.90 -136.88
CA LYS IA 353 92.27 108.88 -137.65
C LYS IA 353 93.14 109.52 -138.72
N GLU IA 354 94.41 109.79 -138.41
CA GLU IA 354 95.30 110.41 -139.39
C GLU IA 354 95.53 109.49 -140.59
N ARG IA 355 95.76 108.20 -140.33
CA ARG IA 355 95.96 107.23 -141.40
C ARG IA 355 94.67 107.03 -142.19
N SER IA 356 93.53 106.99 -141.50
CA SER IA 356 92.24 106.90 -142.18
C SER IA 356 92.06 108.00 -143.21
N ASP IA 357 92.36 109.24 -142.82
CA ASP IA 357 92.28 110.35 -143.76
C ASP IA 357 93.29 110.19 -144.90
N ALA IA 358 94.41 109.51 -144.64
CA ALA IA 358 95.45 109.28 -145.64
C ALA IA 358 95.14 108.14 -146.61
N GLY IA 359 93.98 107.49 -146.50
CA GLY IA 359 93.64 106.41 -147.40
C GLY IA 359 94.19 105.06 -147.02
N GLU IA 360 94.90 104.95 -145.90
CA GLU IA 360 95.42 103.69 -145.38
C GLU IA 360 94.60 103.36 -144.14
N PRO IA 361 93.38 102.82 -144.30
CA PRO IA 361 92.49 102.66 -143.15
C PRO IA 361 93.08 101.77 -142.07
N MET IA 362 92.78 102.13 -140.81
CA MET IA 362 93.17 101.33 -139.67
C MET IA 362 92.10 101.34 -138.59
N ARG IA 363 92.14 100.31 -137.73
CA ARG IA 363 91.35 100.26 -136.51
C ARG IA 363 92.21 99.70 -135.38
N ALA IA 364 91.71 99.86 -134.16
CA ALA IA 364 92.51 99.57 -132.96
C ALA IA 364 91.61 99.09 -131.83
N ILE IA 365 92.20 98.27 -130.97
CA ILE IA 365 91.59 97.82 -129.72
C ILE IA 365 92.55 98.17 -128.59
N VAL IA 366 91.99 98.59 -127.46
CA VAL IA 366 92.79 99.11 -126.35
C VAL IA 366 92.09 98.75 -125.05
N GLY IA 367 92.88 98.71 -123.96
CA GLY IA 367 92.35 98.48 -122.63
C GLY IA 367 92.90 99.48 -121.63
N GLY IA 368 92.47 99.29 -120.38
CA GLY IA 368 92.79 100.19 -119.30
C GLY IA 368 93.33 99.51 -118.06
N GLY IA 369 94.65 99.45 -117.91
CA GLY IA 369 95.24 99.04 -116.65
C GLY IA 369 94.89 97.63 -116.19
N PHE IA 370 95.00 97.45 -114.88
CA PHE IA 370 94.69 96.20 -114.20
C PHE IA 370 93.36 96.33 -113.46
N ASN IA 371 92.30 95.71 -113.98
CA ASN IA 371 91.02 95.56 -113.29
C ASN IA 371 90.32 96.91 -113.06
N GLU IA 372 90.49 97.85 -113.98
CA GLU IA 372 89.82 99.14 -113.85
C GLU IA 372 88.31 98.97 -113.96
N SER IA 373 87.59 99.69 -113.11
CA SER IA 373 86.17 99.50 -112.87
C SER IA 373 85.34 100.51 -113.66
N LYS IA 374 84.08 100.72 -113.25
CA LYS IA 374 83.22 101.67 -113.97
C LYS IA 374 83.68 103.10 -113.77
N GLU IA 375 84.15 103.43 -112.56
CA GLU IA 375 84.55 104.81 -112.26
C GLU IA 375 85.64 105.29 -113.21
N GLN IA 376 86.57 104.41 -113.56
CA GLN IA 376 87.59 104.77 -114.55
C GLN IA 376 87.05 104.73 -115.97
N LEU IA 377 86.35 103.65 -116.32
CA LEU IA 377 85.96 103.38 -117.70
C LEU IA 377 85.09 104.49 -118.27
N PHE IA 378 84.16 105.01 -117.47
CA PHE IA 378 83.28 106.09 -117.91
C PHE IA 378 83.99 107.43 -118.02
N GLY IA 379 85.19 107.54 -117.43
CA GLY IA 379 86.06 108.68 -117.61
C GLY IA 379 86.93 108.52 -118.84
N ARG IA 380 87.36 107.28 -119.13
CA ARG IA 380 88.14 107.03 -120.33
C ARG IA 380 87.26 107.03 -121.57
N GLN IA 381 86.03 106.53 -121.46
CA GLN IA 381 85.16 106.44 -122.63
C GLN IA 381 84.71 107.82 -123.11
N ALA IA 382 84.33 108.70 -122.18
CA ALA IA 382 83.91 110.06 -122.53
C ALA IA 382 85.05 110.83 -123.19
N SER IA 383 86.30 110.51 -122.86
CA SER IA 383 87.42 111.19 -123.46
C SER IA 383 87.70 110.72 -124.89
N LEU IA 384 87.04 109.67 -125.36
CA LEU IA 384 87.42 108.99 -126.59
C LEU IA 384 86.18 108.42 -127.28
N SER IA 385 85.08 109.17 -127.30
CA SER IA 385 83.83 108.62 -127.82
C SER IA 385 83.80 108.86 -129.33
N ASN IA 386 84.54 108.01 -130.06
CA ASN IA 386 84.64 108.14 -131.50
C ASN IA 386 84.90 106.75 -132.10
N PRO IA 387 84.50 106.52 -133.38
CA PRO IA 387 84.79 105.22 -134.01
C PRO IA 387 86.27 104.94 -134.17
N ARG IA 388 86.58 103.77 -134.73
CA ARG IA 388 87.91 103.25 -135.05
C ARG IA 388 88.74 102.94 -133.82
N VAL IA 389 88.13 102.92 -132.63
CA VAL IA 389 88.78 102.50 -131.40
C VAL IA 389 87.75 101.76 -130.56
N SER IA 390 88.19 100.72 -129.87
CA SER IA 390 87.34 99.96 -128.95
C SER IA 390 88.08 99.76 -127.64
N LEU IA 391 87.32 99.84 -126.54
CA LEU IA 391 87.86 99.78 -125.18
C LEU IA 391 87.44 98.48 -124.52
N VAL IA 392 88.41 97.81 -123.88
CA VAL IA 392 88.22 96.53 -123.21
C VAL IA 392 88.09 96.80 -121.71
N ALA IA 393 87.13 96.15 -121.07
CA ALA IA 393 86.81 96.38 -119.66
C ALA IA 393 87.16 95.20 -118.76
N ASN IA 394 87.98 94.25 -119.23
CA ASN IA 394 88.32 93.06 -118.47
C ASN IA 394 89.83 92.86 -118.42
N SER IA 395 90.27 92.17 -117.37
CA SER IA 395 91.68 91.84 -117.16
C SER IA 395 91.74 90.63 -116.25
N GLY IA 396 92.88 89.93 -116.28
CA GLY IA 396 93.00 88.70 -115.52
C GLY IA 396 94.34 88.04 -115.75
N THR IA 397 94.34 86.71 -115.82
CA THR IA 397 95.56 85.92 -115.99
C THR IA 397 95.41 84.96 -117.16
N PHE IA 398 96.57 84.51 -117.68
CA PHE IA 398 96.65 83.64 -118.84
C PHE IA 398 97.67 82.54 -118.57
N VAL IA 399 97.45 81.37 -119.17
CA VAL IA 399 98.41 80.27 -119.18
C VAL IA 399 98.89 80.11 -120.63
N MET IA 400 100.21 80.20 -120.83
CA MET IA 400 100.76 80.52 -122.14
C MET IA 400 101.97 79.65 -122.44
N ASP IA 401 102.37 79.66 -123.72
CA ASP IA 401 103.54 78.98 -124.26
C ASP IA 401 104.79 79.16 -123.40
N ASP IA 402 104.96 80.36 -122.84
CA ASP IA 402 106.16 80.61 -122.03
C ASP IA 402 106.16 79.82 -120.74
N GLY IA 403 105.03 79.24 -120.34
CA GLY IA 403 104.94 78.53 -119.09
C GLY IA 403 104.67 79.40 -117.88
N ARG IA 404 104.73 80.73 -118.03
CA ARG IA 404 104.54 81.66 -116.93
C ARG IA 404 103.08 82.07 -116.93
N LYS IA 405 102.41 81.80 -115.82
CA LYS IA 405 101.00 82.08 -115.69
C LYS IA 405 100.81 83.57 -115.39
N ASN IA 406 100.95 84.42 -116.41
CA ASN IA 406 101.09 85.85 -116.19
C ASN IA 406 99.81 86.45 -115.62
N HIS IA 407 99.99 87.45 -114.75
CA HIS IA 407 98.89 88.32 -114.38
C HIS IA 407 98.86 89.48 -115.37
N VAL IA 408 97.75 89.60 -116.10
CA VAL IA 408 97.72 90.23 -117.41
C VAL IA 408 96.91 91.52 -117.34
N PRO IA 409 97.38 92.63 -117.92
CA PRO IA 409 96.52 93.82 -118.02
C PRO IA 409 95.60 93.78 -119.23
N ALA IA 410 94.76 94.81 -119.33
CA ALA IA 410 93.70 94.84 -120.34
C ALA IA 410 94.23 95.04 -121.76
N TYR IA 411 95.40 95.68 -121.92
CA TYR IA 411 95.90 95.92 -123.26
C TYR IA 411 96.48 94.66 -123.90
N MET IA 412 96.79 93.62 -123.13
CA MET IA 412 97.12 92.34 -123.75
C MET IA 412 95.84 91.60 -124.14
N VAL IA 413 94.78 91.74 -123.35
CA VAL IA 413 93.50 91.12 -123.72
C VAL IA 413 93.02 91.68 -125.06
N ALA IA 414 93.29 92.97 -125.29
CA ALA IA 414 93.02 93.57 -126.60
C ALA IA 414 93.78 92.84 -127.71
N VAL IA 415 95.03 92.44 -127.46
CA VAL IA 415 95.80 91.74 -128.48
C VAL IA 415 95.20 90.36 -128.74
N ALA IA 416 94.79 89.68 -127.68
CA ALA IA 416 94.05 88.42 -127.78
C ALA IA 416 92.80 88.58 -128.63
N LEU IA 417 92.17 89.76 -128.61
CA LEU IA 417 91.01 90.00 -129.45
C LEU IA 417 91.42 90.42 -130.86
N GLY IA 418 92.37 91.36 -130.98
CA GLY IA 418 92.82 91.77 -132.30
C GLY IA 418 93.34 90.62 -133.14
N GLY IA 419 94.07 89.70 -132.52
CA GLY IA 419 94.57 88.55 -133.25
C GLY IA 419 93.45 87.71 -133.84
N LEU IA 420 92.44 87.41 -133.03
CA LEU IA 420 91.26 86.70 -133.53
C LEU IA 420 90.58 87.47 -134.65
N ALA IA 421 90.49 88.80 -134.53
CA ALA IA 421 89.88 89.61 -135.57
C ALA IA 421 90.65 89.54 -136.88
N SER IA 422 91.98 89.46 -136.80
CA SER IA 422 92.77 89.26 -138.01
C SER IA 422 92.67 87.83 -138.52
N GLY IA 423 92.29 86.89 -137.66
CA GLY IA 423 92.13 85.50 -138.06
C GLY IA 423 90.77 85.20 -138.65
N LEU IA 424 89.75 85.98 -138.27
CA LEU IA 424 88.41 85.76 -138.80
C LEU IA 424 88.33 86.21 -140.25
N GLU IA 425 87.27 85.76 -140.91
CA GLU IA 425 86.98 86.16 -142.28
C GLU IA 425 86.61 87.63 -142.29
N ILE IA 426 86.74 88.26 -143.45
CA ILE IA 426 86.38 89.68 -143.55
C ILE IA 426 84.87 89.81 -143.36
N GLY IA 427 84.47 90.71 -142.47
CA GLY IA 427 83.09 90.90 -142.09
C GLY IA 427 82.59 90.01 -140.97
N GLU IA 428 83.29 88.89 -140.69
CA GLU IA 428 82.82 87.95 -139.68
C GLU IA 428 82.95 88.56 -138.30
N SER IA 429 81.87 88.52 -137.53
CA SER IA 429 81.85 89.14 -136.21
C SER IA 429 82.56 88.28 -135.19
N ILE IA 430 83.33 88.94 -134.32
CA ILE IA 430 83.84 88.29 -133.11
C ILE IA 430 82.73 87.95 -132.12
N THR IA 431 81.53 88.52 -132.30
CA THR IA 431 80.45 88.40 -131.32
C THR IA 431 80.11 86.94 -131.07
N PHE IA 432 80.15 86.55 -129.79
CA PHE IA 432 79.93 85.17 -129.36
C PHE IA 432 80.91 84.21 -130.06
N LYS IA 433 82.21 84.48 -129.90
CA LYS IA 433 83.28 83.58 -130.31
C LYS IA 433 84.14 83.22 -129.09
N PRO IA 434 84.65 81.98 -129.00
CA PRO IA 434 85.46 81.61 -127.83
C PRO IA 434 86.76 82.42 -127.69
N LEU IA 435 87.09 82.78 -126.44
CA LEU IA 435 88.22 83.66 -126.14
C LEU IA 435 89.38 83.01 -125.38
N ARG IA 436 89.28 81.73 -124.98
CA ARG IA 436 90.39 80.88 -124.55
C ARG IA 436 91.21 81.42 -123.36
N VAL IA 437 90.73 82.41 -122.62
CA VAL IA 437 91.51 82.94 -121.49
C VAL IA 437 91.47 81.92 -120.34
N SER IA 438 92.43 82.02 -119.42
CA SER IA 438 92.47 81.11 -118.27
C SER IA 438 91.63 81.65 -117.11
N SER IA 439 92.05 82.76 -116.49
CA SER IA 439 91.28 83.45 -115.47
C SER IA 439 90.98 84.87 -115.92
N LEU IA 440 89.84 85.40 -115.48
CA LEU IA 440 89.39 86.75 -115.84
C LEU IA 440 88.70 87.38 -114.65
N ASP IA 441 89.22 88.53 -114.21
CA ASP IA 441 88.61 89.28 -113.11
C ASP IA 441 87.56 90.23 -113.67
N GLN IA 442 86.33 90.11 -113.16
CA GLN IA 442 85.18 90.77 -113.75
C GLN IA 442 84.28 91.33 -112.64
N ILE IA 443 83.80 92.55 -112.86
CA ILE IA 443 82.86 93.21 -111.96
C ILE IA 443 81.43 93.11 -112.51
N TYR IA 444 81.26 92.72 -113.76
CA TYR IA 444 80.04 93.00 -114.51
C TYR IA 444 79.08 91.83 -114.40
N GLU IA 445 77.82 92.12 -114.05
CA GLU IA 445 76.77 91.14 -113.88
C GLU IA 445 75.76 91.32 -115.02
N SER IA 446 74.53 90.81 -114.81
CA SER IA 446 73.55 90.74 -115.88
C SER IA 446 73.08 92.10 -116.41
N ILE IA 447 73.29 93.17 -115.65
CA ILE IA 447 72.92 94.51 -116.08
C ILE IA 447 74.13 95.38 -116.38
N ASP IA 448 75.28 95.07 -115.79
CA ASP IA 448 76.48 95.88 -116.01
C ASP IA 448 76.99 95.72 -117.43
N LEU IA 449 76.71 94.58 -118.06
CA LEU IA 449 77.07 94.37 -119.45
C LEU IA 449 76.24 95.24 -120.39
N ASP IA 450 75.07 95.71 -119.95
CA ASP IA 450 74.35 96.71 -120.72
C ASP IA 450 75.00 98.07 -120.59
N GLU IA 451 75.43 98.43 -119.37
CA GLU IA 451 76.09 99.72 -119.18
C GLU IA 451 77.38 99.79 -119.99
N LEU IA 452 78.14 98.69 -120.04
CA LEU IA 452 79.35 98.69 -120.87
C LEU IA 452 79.00 98.80 -122.35
N ASN IA 453 78.05 97.99 -122.80
CA ASN IA 453 77.77 97.92 -124.24
C ASN IA 453 77.15 99.22 -124.75
N GLU IA 454 76.19 99.79 -124.01
CA GLU IA 454 75.58 101.05 -124.45
C GLU IA 454 76.60 102.17 -124.53
N ASN IA 455 77.55 102.19 -123.60
CA ASN IA 455 78.63 103.19 -123.62
C ASN IA 455 79.70 102.86 -124.65
N GLY IA 456 79.58 101.74 -125.35
CA GLY IA 456 80.53 101.41 -126.40
C GLY IA 456 81.83 100.84 -125.89
N ILE IA 457 81.76 99.90 -124.96
CA ILE IA 457 82.93 99.29 -124.32
C ILE IA 457 82.84 97.80 -124.52
N ILE IA 458 83.94 97.18 -124.99
CA ILE IA 458 83.94 95.75 -125.22
C ILE IA 458 83.87 95.04 -123.88
N SER IA 459 83.09 93.97 -123.85
CA SER IA 459 82.75 93.23 -122.63
C SER IA 459 83.00 91.75 -122.88
N ILE IA 460 83.76 91.12 -121.99
CA ILE IA 460 84.06 89.69 -122.04
C ILE IA 460 83.41 89.04 -120.83
N GLU IA 461 82.79 87.88 -121.05
CA GLU IA 461 82.03 87.17 -120.02
C GLU IA 461 82.63 85.78 -119.81
N PHE IA 462 82.42 85.25 -118.60
CA PHE IA 462 82.79 83.88 -118.26
C PHE IA 462 81.52 83.03 -118.28
N VAL IA 463 81.53 81.99 -119.11
CA VAL IA 463 80.34 81.20 -119.41
C VAL IA 463 80.43 79.87 -118.68
N ARG IA 464 79.30 79.39 -118.19
CA ARG IA 464 79.19 78.09 -117.54
C ARG IA 464 77.97 77.36 -118.08
N ASN IA 465 78.20 76.19 -118.66
CA ASN IA 465 77.18 75.28 -119.13
C ASN IA 465 77.01 74.16 -118.09
N ARG IA 466 76.09 73.24 -118.38
CA ARG IA 466 75.74 72.17 -117.45
C ARG IA 466 76.95 71.35 -117.00
N THR IA 467 78.00 71.29 -117.82
CA THR IA 467 79.13 70.40 -117.57
C THR IA 467 80.46 71.15 -117.57
N ASN IA 468 80.72 71.96 -118.59
CA ASN IA 468 81.99 72.63 -118.78
C ASN IA 468 81.81 74.14 -118.83
N THR IA 469 82.94 74.84 -118.72
CA THR IA 469 83.01 76.29 -118.69
C THR IA 469 83.96 76.77 -119.77
N PHE IA 470 83.78 78.01 -120.22
CA PHE IA 470 84.68 78.67 -121.15
C PHE IA 470 84.44 80.17 -121.07
N PHE IA 471 84.98 80.91 -122.04
CA PHE IA 471 84.92 82.36 -122.10
C PHE IA 471 84.58 82.79 -123.52
N ARG IA 472 83.70 83.80 -123.64
CA ARG IA 472 83.35 84.36 -124.94
C ARG IA 472 83.00 85.83 -124.81
N ILE IA 473 83.13 86.55 -125.93
CA ILE IA 473 82.84 87.98 -126.03
C ILE IA 473 81.38 88.17 -126.45
N VAL IA 474 80.72 89.18 -125.89
CA VAL IA 474 79.28 89.35 -126.09
C VAL IA 474 78.92 90.38 -127.16
N ASP IA 475 79.84 91.30 -127.49
CA ASP IA 475 79.56 92.29 -128.53
C ASP IA 475 80.87 92.82 -129.09
N ASP IA 476 80.78 93.40 -130.30
CA ASP IA 476 81.90 94.03 -131.00
C ASP IA 476 81.69 95.53 -131.16
N VAL IA 477 81.11 96.18 -130.16
CA VAL IA 477 80.88 97.62 -130.24
C VAL IA 477 82.21 98.37 -130.13
N THR IA 478 82.27 99.51 -130.82
CA THR IA 478 83.41 100.42 -130.77
C THR IA 478 83.15 101.47 -129.69
N THR IA 479 84.07 102.43 -129.58
CA THR IA 479 83.87 103.57 -128.67
C THR IA 479 83.10 104.70 -129.33
N PHE IA 480 82.27 104.43 -130.34
CA PHE IA 480 81.39 105.48 -130.84
C PHE IA 480 80.16 105.59 -129.95
N ASN IA 481 79.66 106.83 -129.82
CA ASN IA 481 78.59 107.12 -128.87
C ASN IA 481 77.28 106.42 -129.27
N ASP IA 482 76.85 106.60 -130.51
CA ASP IA 482 75.49 106.24 -130.90
C ASP IA 482 75.41 104.80 -131.41
N LYS IA 483 74.32 104.13 -131.02
CA LYS IA 483 74.06 102.75 -131.41
C LYS IA 483 73.33 102.63 -132.75
N SER IA 484 72.70 103.71 -133.24
CA SER IA 484 71.84 103.58 -134.42
C SER IA 484 72.63 103.31 -135.69
N ASP IA 485 73.86 103.81 -135.77
CA ASP IA 485 74.65 103.71 -137.00
C ASP IA 485 75.66 102.57 -136.84
N PRO IA 486 75.40 101.37 -137.38
CA PRO IA 486 76.36 100.27 -137.16
C PRO IA 486 77.72 100.50 -137.78
N VAL IA 487 77.77 101.26 -138.88
CA VAL IA 487 79.03 101.43 -139.61
C VAL IA 487 80.08 102.08 -138.71
N LYS IA 488 79.65 102.97 -137.82
CA LYS IA 488 80.51 103.55 -136.80
C LYS IA 488 80.58 102.71 -135.53
N ALA IA 489 79.48 102.03 -135.17
CA ALA IA 489 79.35 101.37 -133.89
C ALA IA 489 79.93 99.96 -133.87
N GLU IA 490 79.65 99.16 -134.88
CA GLU IA 490 79.95 97.73 -134.85
C GLU IA 490 81.22 97.47 -135.65
N MET IA 491 82.17 96.77 -135.01
CA MET IA 491 83.50 96.61 -135.60
C MET IA 491 83.47 95.75 -136.86
N ALA IA 492 82.61 94.72 -136.89
CA ALA IA 492 82.55 93.84 -138.06
C ALA IA 492 81.98 94.58 -139.26
N VAL IA 493 80.95 95.40 -139.03
CA VAL IA 493 80.39 96.20 -140.12
C VAL IA 493 81.39 97.26 -140.56
N GLY IA 494 82.09 97.87 -139.60
CA GLY IA 494 83.09 98.87 -139.95
C GLY IA 494 84.24 98.28 -140.76
N GLU IA 495 84.67 97.06 -140.41
CA GLU IA 495 85.72 96.42 -141.18
C GLU IA 495 85.25 96.08 -142.59
N ALA IA 496 84.04 95.54 -142.71
CA ALA IA 496 83.48 95.24 -144.02
C ALA IA 496 83.33 96.52 -144.85
N ASN IA 497 82.90 97.61 -144.21
CA ASN IA 497 82.73 98.86 -144.95
C ASN IA 497 84.07 99.47 -145.35
N ASP IA 498 85.12 99.25 -144.54
CA ASP IA 498 86.44 99.75 -144.93
C ASP IA 498 87.00 98.95 -146.12
N PHE IA 499 86.83 97.63 -146.10
CA PHE IA 499 87.29 96.83 -147.22
C PHE IA 499 86.48 97.10 -148.49
N LEU IA 500 85.18 97.35 -148.35
CA LEU IA 500 84.36 97.58 -149.53
C LEU IA 500 84.70 98.93 -150.14
N VAL IA 501 84.97 99.93 -149.31
CA VAL IA 501 85.29 101.26 -149.82
C VAL IA 501 86.62 101.24 -150.57
N SER IA 502 87.64 100.62 -149.99
CA SER IA 502 88.91 100.40 -150.68
C SER IA 502 88.70 99.63 -151.98
N GLU IA 503 87.96 98.51 -151.92
CA GLU IA 503 87.82 97.69 -153.12
C GLU IA 503 87.07 98.44 -154.23
N LEU IA 504 86.13 99.30 -153.87
CA LEU IA 504 85.43 100.10 -154.87
C LEU IA 504 86.27 101.28 -155.34
N LYS IA 505 87.15 101.78 -154.48
CA LYS IA 505 87.96 102.93 -154.86
C LYS IA 505 88.96 102.56 -155.94
N VAL IA 506 89.61 101.41 -155.78
CA VAL IA 506 90.63 100.98 -156.73
C VAL IA 506 90.03 100.77 -158.12
N GLN IA 507 88.87 100.08 -158.17
CA GLN IA 507 88.32 99.66 -159.46
C GLN IA 507 87.76 100.84 -160.24
N LEU IA 508 87.06 101.77 -159.55
CA LEU IA 508 86.62 102.99 -160.21
C LEU IA 508 87.80 103.74 -160.83
N GLU IA 509 88.86 103.96 -160.04
CA GLU IA 509 90.03 104.68 -160.53
C GLU IA 509 90.66 103.97 -161.72
N ASP IA 510 90.80 102.65 -161.65
CA ASP IA 510 91.39 101.92 -162.76
C ASP IA 510 90.52 101.93 -164.00
N GLN IA 511 89.23 102.25 -163.88
CA GLN IA 511 88.32 102.27 -165.02
C GLN IA 511 88.29 103.64 -165.70
N PHE IA 512 88.05 104.68 -164.90
CA PHE IA 512 87.62 106.01 -165.37
C PHE IA 512 88.64 107.11 -165.14
N ILE IA 513 89.83 106.80 -164.61
CA ILE IA 513 90.77 107.88 -164.34
C ILE IA 513 91.35 108.44 -165.63
N GLY IA 514 91.27 107.69 -166.74
CA GLY IA 514 91.98 108.10 -167.94
C GLY IA 514 91.45 109.41 -168.53
N THR IA 515 90.13 109.62 -168.46
CA THR IA 515 89.48 110.81 -169.04
C THR IA 515 89.91 111.04 -170.48
N ARG IA 516 90.05 109.95 -171.23
CA ARG IA 516 90.45 110.06 -172.63
C ARG IA 516 89.43 110.88 -173.43
N THR IA 517 88.17 110.41 -173.49
CA THR IA 517 87.11 111.09 -174.22
C THR IA 517 85.95 111.38 -173.27
N ILE IA 518 85.22 112.46 -173.54
CA ILE IA 518 84.04 112.82 -172.76
C ILE IA 518 82.82 112.00 -173.20
N ASN IA 519 82.99 111.16 -174.23
CA ASN IA 519 81.93 110.26 -174.65
C ASN IA 519 81.64 109.19 -173.60
N THR IA 520 82.52 108.99 -172.63
CA THR IA 520 82.30 108.09 -171.50
C THR IA 520 81.35 108.77 -170.51
N SER IA 521 80.10 108.92 -170.94
CA SER IA 521 79.13 109.74 -170.22
C SER IA 521 78.59 108.98 -169.00
N ALA IA 522 77.67 109.62 -168.28
CA ALA IA 522 77.20 109.09 -166.99
C ALA IA 522 76.53 107.73 -167.15
N SER IA 523 75.91 107.49 -168.30
CA SER IA 523 75.19 106.26 -168.59
C SER IA 523 76.14 105.07 -168.60
N ILE IA 524 77.39 105.29 -169.02
CA ILE IA 524 78.40 104.22 -168.96
C ILE IA 524 78.85 104.02 -167.52
N ILE IA 525 79.03 105.11 -166.77
CA ILE IA 525 79.45 104.95 -165.38
C ILE IA 525 78.36 104.25 -164.57
N LYS IA 526 77.10 104.57 -164.87
CA LYS IA 526 75.96 103.87 -164.25
C LYS IA 526 76.03 102.36 -164.48
N ASP IA 527 76.44 101.96 -165.70
CA ASP IA 527 76.54 100.52 -165.99
C ASP IA 527 77.62 99.85 -165.14
N PHE IA 528 78.79 100.50 -165.01
CA PHE IA 528 79.86 99.87 -164.24
C PHE IA 528 79.47 99.72 -162.78
N ILE IA 529 78.70 100.67 -162.26
CA ILE IA 529 78.27 100.56 -160.87
C ILE IA 529 77.31 99.39 -160.71
N GLN IA 530 76.40 99.22 -161.68
CA GLN IA 530 75.49 98.07 -161.69
C GLN IA 530 76.27 96.76 -161.84
N SER IA 531 77.33 96.76 -162.65
CA SER IA 531 78.17 95.58 -162.78
C SER IA 531 78.81 95.23 -161.45
N TYR IA 532 79.50 96.20 -160.85
CA TYR IA 532 80.20 95.99 -159.59
C TYR IA 532 79.24 95.52 -158.51
N LEU IA 533 78.08 96.18 -158.39
CA LEU IA 533 77.12 95.81 -157.36
C LEU IA 533 76.51 94.44 -157.60
N GLY IA 534 76.44 94.00 -158.86
CA GLY IA 534 75.97 92.66 -159.14
C GLY IA 534 77.03 91.60 -158.94
N ARG IA 535 78.31 91.98 -159.06
CA ARG IA 535 79.37 91.10 -158.63
C ARG IA 535 79.36 90.90 -157.12
N LYS IA 536 79.13 91.99 -156.37
CA LYS IA 536 79.11 91.87 -154.91
C LYS IA 536 77.91 91.04 -154.45
N LYS IA 537 76.73 91.31 -154.99
CA LYS IA 537 75.56 90.50 -154.67
C LYS IA 537 75.75 89.04 -155.09
N ARG IA 538 76.58 88.79 -156.11
CA ARG IA 538 76.77 87.40 -156.57
C ARG IA 538 77.44 86.56 -155.49
N ASP IA 539 78.45 87.10 -154.81
CA ASP IA 539 79.13 86.40 -153.74
C ASP IA 539 78.43 86.56 -152.39
N ASN IA 540 77.19 87.07 -152.37
CA ASN IA 540 76.41 87.22 -151.14
C ASN IA 540 77.09 88.18 -150.17
N GLU IA 541 77.84 89.16 -150.68
CA GLU IA 541 78.52 90.13 -149.84
C GLU IA 541 77.65 91.33 -149.45
N ILE IA 542 76.42 91.41 -150.00
CA ILE IA 542 75.44 92.39 -149.56
C ILE IA 542 74.05 91.76 -149.58
N GLN IA 543 73.14 92.36 -148.82
CA GLN IA 543 71.76 91.86 -148.83
C GLN IA 543 71.11 92.09 -150.18
N ASP IA 544 71.16 93.32 -150.68
CA ASP IA 544 70.54 93.68 -151.95
C ASP IA 544 71.09 95.06 -152.33
N PHE IA 545 70.72 95.53 -153.52
CA PHE IA 545 71.05 96.90 -153.88
C PHE IA 545 70.00 97.45 -154.84
N PRO IA 546 69.63 98.73 -154.73
CA PRO IA 546 68.62 99.26 -155.65
C PRO IA 546 69.26 99.58 -157.00
N ALA IA 547 68.62 99.06 -158.05
CA ALA IA 547 69.00 99.23 -159.44
C ALA IA 547 68.65 100.62 -159.96
N GLU IA 548 67.49 101.15 -159.59
CA GLU IA 548 67.07 102.45 -160.11
C GLU IA 548 67.79 103.61 -159.44
N ASP IA 549 68.20 103.44 -158.18
CA ASP IA 549 68.74 104.53 -157.37
C ASP IA 549 70.26 104.65 -157.55
N VAL IA 550 70.68 104.79 -158.80
CA VAL IA 550 72.06 105.11 -159.14
C VAL IA 550 72.05 106.37 -160.00
N GLN IA 551 72.77 107.39 -159.57
CA GLN IA 551 72.89 108.66 -160.29
C GLN IA 551 74.35 109.07 -160.33
N VAL IA 552 74.78 109.59 -161.47
CA VAL IA 552 76.18 109.95 -161.69
C VAL IA 552 76.23 111.26 -162.46
N ILE IA 553 77.17 112.14 -162.07
CA ILE IA 553 77.44 113.40 -162.77
C ILE IA 553 78.96 113.56 -162.80
N VAL IA 554 79.50 113.91 -163.97
CA VAL IA 554 80.94 113.87 -164.22
C VAL IA 554 81.38 115.15 -164.95
N GLU IA 555 82.59 115.62 -164.62
CA GLU IA 555 83.07 116.89 -165.16
C GLU IA 555 84.58 116.92 -165.43
N GLY IA 556 85.30 115.82 -165.28
CA GLY IA 556 86.76 115.84 -165.35
C GLY IA 556 87.35 114.69 -164.56
N ASN IA 557 88.28 114.98 -163.66
CA ASN IA 557 88.65 114.00 -162.64
C ASN IA 557 87.54 113.83 -161.62
N GLU IA 558 86.72 114.86 -161.44
CA GLU IA 558 85.57 114.81 -160.55
C GLU IA 558 84.43 113.99 -161.19
N ALA IA 559 83.79 113.19 -160.35
CA ALA IA 559 82.76 112.24 -160.78
C ALA IA 559 81.92 111.97 -159.55
N ARG IA 560 80.70 112.50 -159.54
CA ARG IA 560 79.83 112.52 -158.37
C ARG IA 560 78.87 111.35 -158.47
N ILE IA 561 79.11 110.33 -157.64
CA ILE IA 561 78.43 109.05 -157.72
C ILE IA 561 77.48 108.93 -156.54
N SER IA 562 76.22 108.59 -156.81
CA SER IA 562 75.20 108.35 -155.79
C SER IA 562 74.77 106.89 -155.84
N MET IA 563 74.88 106.21 -154.70
CA MET IA 563 74.63 104.77 -154.62
C MET IA 563 74.14 104.39 -153.23
N THR IA 564 73.40 103.28 -153.16
CA THR IA 564 72.84 102.79 -151.91
C THR IA 564 72.99 101.27 -151.87
N VAL IA 565 73.13 100.73 -150.66
CA VAL IA 565 73.35 99.30 -150.44
C VAL IA 565 72.54 98.87 -149.22
N TYR IA 566 71.94 97.68 -149.31
CA TYR IA 566 71.30 97.07 -148.14
C TYR IA 566 72.34 96.27 -147.37
N PRO IA 567 72.69 96.64 -146.14
CA PRO IA 567 73.80 95.95 -145.47
C PRO IA 567 73.42 94.55 -144.99
N ILE IA 568 74.43 93.69 -144.90
CA ILE IA 568 74.24 92.34 -144.37
C ILE IA 568 74.11 92.42 -142.85
N ARG IA 569 72.88 92.56 -142.38
CA ARG IA 569 72.58 92.70 -140.96
C ARG IA 569 72.77 91.38 -140.23
N SER IA 570 73.15 91.48 -138.95
CA SER IA 570 73.59 90.35 -138.15
C SER IA 570 72.61 90.10 -137.01
N PHE IA 571 72.09 88.87 -136.93
CA PHE IA 571 71.01 88.53 -136.01
C PHE IA 571 71.55 88.35 -134.59
N LYS IA 572 70.86 88.96 -133.61
CA LYS IA 572 71.48 89.21 -132.31
C LYS IA 572 70.64 88.92 -131.07
N LYS IA 573 69.31 88.78 -131.15
CA LYS IA 573 68.48 88.62 -129.96
C LYS IA 573 67.37 87.60 -130.18
N ILE IA 574 67.08 86.81 -129.14
CA ILE IA 574 65.97 85.85 -129.14
C ILE IA 574 65.22 85.97 -127.81
N SER IA 575 63.90 85.78 -127.86
CA SER IA 575 63.06 85.73 -126.67
C SER IA 575 61.98 84.67 -126.84
N VAL IA 576 62.02 83.65 -126.00
CA VAL IA 576 61.04 82.55 -126.02
C VAL IA 576 60.09 82.69 -124.84
N SER IA 577 58.88 82.16 -125.03
CA SER IA 577 57.82 82.03 -124.02
C SER IA 577 57.51 80.55 -123.84
N LEU IA 578 58.21 79.93 -122.88
CA LEU IA 578 58.02 78.52 -122.61
C LEU IA 578 56.79 78.31 -121.73
N VAL IA 579 56.01 77.29 -122.06
CA VAL IA 579 54.75 76.97 -121.38
C VAL IA 579 54.66 75.45 -121.26
N TYR IA 580 54.09 74.99 -120.15
CA TYR IA 580 53.85 73.59 -119.87
C TYR IA 580 52.35 73.34 -119.88
N LYS IA 581 51.92 72.22 -120.48
CA LYS IA 581 50.51 71.81 -120.46
C LYS IA 581 50.37 70.33 -120.14
N GLN IA 582 49.39 70.03 -119.27
CA GLN IA 582 49.05 68.68 -118.80
C GLN IA 582 50.29 67.87 -118.43
N THR JA 12 71.24 97.91 -125.87
CA THR JA 12 70.62 96.75 -125.24
C THR JA 12 71.48 95.51 -125.53
N ARG JA 13 71.69 94.67 -124.52
CA ARG JA 13 72.63 93.56 -124.64
C ARG JA 13 72.10 92.49 -125.58
N PRO JA 14 72.91 91.96 -126.51
CA PRO JA 14 72.42 90.83 -127.33
C PRO JA 14 72.46 89.54 -126.52
N HIS JA 15 71.30 88.90 -126.37
CA HIS JA 15 71.24 87.67 -125.59
C HIS JA 15 69.99 86.90 -125.96
N ALA JA 16 69.96 85.63 -125.54
CA ALA JA 16 68.76 84.81 -125.63
C ALA JA 16 68.02 84.87 -124.30
N SER JA 17 66.73 84.53 -124.36
CA SER JA 17 65.91 84.56 -123.15
C SER JA 17 64.72 83.64 -123.34
N ILE JA 18 64.27 83.07 -122.22
CA ILE JA 18 63.18 82.09 -122.20
C ILE JA 18 62.21 82.54 -121.11
N SER JA 32 45.73 82.91 -143.10
CA SER JA 32 44.64 82.88 -144.06
C SER JA 32 44.38 84.25 -144.68
N GLU JA 33 43.84 84.23 -145.90
CA GLU JA 33 43.57 85.47 -146.63
C GLU JA 33 42.32 86.17 -146.11
N LYS JA 34 41.41 85.45 -145.44
CA LYS JA 34 40.17 86.00 -144.94
C LYS JA 34 40.39 86.52 -143.52
N VAL JA 35 40.22 87.84 -143.35
CA VAL JA 35 40.43 88.50 -142.07
C VAL JA 35 39.18 88.36 -141.21
N PHE JA 36 39.40 88.18 -139.91
CA PHE JA 36 38.36 88.06 -138.90
C PHE JA 36 38.34 89.32 -138.04
N CYS JA 37 37.15 89.68 -137.57
CA CYS JA 37 36.97 90.89 -136.77
C CYS JA 37 36.04 90.61 -135.60
N LEU JA 38 36.19 91.42 -134.55
CA LEU JA 38 35.43 91.26 -133.30
C LEU JA 38 35.29 92.61 -132.60
N ILE JA 39 34.31 92.68 -131.70
CA ILE JA 39 34.03 93.92 -130.96
C ILE JA 39 33.54 93.55 -129.57
N GLY JA 40 34.11 94.22 -128.56
CA GLY JA 40 33.72 93.99 -127.18
C GLY JA 40 34.32 95.04 -126.26
N GLN JA 41 33.92 94.93 -124.98
CA GLN JA 41 34.34 95.85 -123.91
C GLN JA 41 35.55 95.24 -123.21
N ALA JA 42 36.74 95.61 -123.66
CA ALA JA 42 37.96 94.96 -123.21
C ALA JA 42 38.50 95.61 -121.93
N GLU JA 43 39.12 94.79 -121.09
CA GLU JA 43 39.73 95.25 -119.84
C GLU JA 43 41.20 95.61 -120.06
N GLY JA 44 41.45 96.52 -120.97
CA GLY JA 44 42.81 96.94 -121.26
C GLY JA 44 42.92 97.68 -122.57
N GLY JA 45 44.04 98.38 -122.72
CA GLY JA 45 44.29 99.16 -123.92
C GLY JA 45 43.50 100.47 -123.94
N GLU JA 46 43.63 101.16 -125.09
CA GLU JA 46 43.01 102.46 -125.30
C GLU JA 46 41.63 102.29 -125.95
N PRO JA 47 40.60 103.05 -125.55
CA PRO JA 47 39.28 102.88 -126.18
C PRO JA 47 39.21 103.51 -127.57
N ASN JA 48 38.28 102.96 -128.36
CA ASN JA 48 37.92 103.51 -129.67
C ASN JA 48 39.12 103.51 -130.62
N THR JA 49 39.90 102.43 -130.57
CA THR JA 49 40.98 102.22 -131.53
C THR JA 49 41.00 100.77 -131.97
N VAL JA 50 41.27 100.53 -133.26
CA VAL JA 50 41.31 99.19 -133.81
C VAL JA 50 42.72 98.64 -133.70
N TYR JA 51 42.84 97.39 -133.23
CA TYR JA 51 44.13 96.77 -132.95
C TYR JA 51 44.38 95.58 -133.88
N GLU JA 52 45.61 95.48 -134.39
CA GLU JA 52 46.04 94.30 -135.11
C GLU JA 52 46.53 93.27 -134.09
N LEU JA 53 45.97 92.06 -134.13
CA LEU JA 53 46.20 91.04 -133.12
C LEU JA 53 46.62 89.74 -133.80
N ARG JA 54 47.60 89.07 -133.20
CA ARG JA 54 48.37 88.02 -133.85
C ARG JA 54 48.76 86.86 -132.93
N ASN JA 55 48.94 87.10 -131.64
CA ASN JA 55 49.51 86.15 -130.69
C ASN JA 55 48.77 86.36 -129.37
N TYR JA 56 48.44 85.25 -128.68
CA TYR JA 56 47.70 85.39 -127.42
C TYR JA 56 48.53 86.10 -126.35
N SER JA 57 49.86 85.93 -126.37
CA SER JA 57 50.70 86.67 -125.45
C SER JA 57 50.50 88.18 -125.60
N GLN JA 58 50.50 88.66 -126.85
CA GLN JA 58 50.24 90.07 -127.10
C GLN JA 58 48.85 90.46 -126.60
N ALA JA 59 47.84 89.64 -126.91
CA ALA JA 59 46.50 89.82 -126.36
C ALA JA 59 46.52 89.95 -124.84
N LYS JA 60 47.17 88.99 -124.18
CA LYS JA 60 47.23 89.01 -122.71
C LYS JA 60 47.98 90.23 -122.21
N ARG JA 61 49.03 90.63 -122.92
CA ARG JA 61 49.78 91.82 -122.52
C ARG JA 61 48.88 93.05 -122.59
N LEU JA 62 48.24 93.27 -123.74
CA LEU JA 62 47.47 94.49 -123.96
C LEU JA 62 46.09 94.43 -123.30
N PHE JA 63 45.51 93.24 -123.13
CA PHE JA 63 44.19 93.09 -122.51
C PHE JA 63 44.25 92.04 -121.41
N ARG JA 64 43.42 92.23 -120.39
CA ARG JA 64 43.46 91.47 -119.14
C ARG JA 64 42.32 90.47 -119.00
N SER JA 65 41.12 90.85 -119.40
CA SER JA 65 39.94 90.00 -119.32
C SER JA 65 38.84 90.64 -120.15
N GLY JA 66 37.68 90.01 -120.17
CA GLY JA 66 36.58 90.48 -120.98
C GLY JA 66 36.34 89.54 -122.15
N GLU JA 67 35.11 89.55 -122.65
CA GLU JA 67 34.70 88.51 -123.60
C GLU JA 67 35.47 88.59 -124.91
N LEU JA 68 35.93 89.78 -125.29
CA LEU JA 68 36.80 89.88 -126.47
C LEU JA 68 38.05 89.02 -126.33
N LEU JA 69 38.70 89.05 -125.16
CA LEU JA 69 39.95 88.29 -124.99
C LEU JA 69 39.70 86.79 -125.06
N ASP JA 70 38.68 86.30 -124.32
CA ASP JA 70 38.21 84.92 -124.50
C ASP JA 70 37.94 84.64 -125.97
N ALA JA 71 37.27 85.55 -126.68
CA ALA JA 71 36.89 85.26 -128.06
C ALA JA 71 38.09 85.13 -128.98
N ILE JA 72 39.11 85.98 -128.78
CA ILE JA 72 40.31 85.91 -129.59
C ILE JA 72 40.98 84.55 -129.43
N GLU JA 73 41.15 84.12 -128.18
CA GLU JA 73 41.93 82.92 -127.90
C GLU JA 73 41.18 81.66 -128.31
N LEU JA 74 39.87 81.63 -128.06
CA LEU JA 74 39.09 80.46 -128.47
C LEU JA 74 39.03 80.36 -130.00
N ALA JA 75 39.08 81.50 -130.69
CA ALA JA 75 39.11 81.49 -132.14
C ALA JA 75 40.40 80.87 -132.66
N TRP JA 76 41.52 81.09 -131.96
CA TRP JA 76 42.76 80.41 -132.32
C TRP JA 76 42.73 78.94 -131.92
N GLY JA 77 42.08 78.63 -130.80
CA GLY JA 77 41.91 77.25 -130.36
C GLY JA 77 40.52 76.70 -130.65
N SER JA 78 40.02 76.92 -131.87
CA SER JA 78 38.64 76.61 -132.19
C SER JA 78 38.43 75.23 -132.77
N ASN JA 79 39.38 74.73 -133.58
CA ASN JA 79 39.26 73.49 -134.32
C ASN JA 79 40.53 72.68 -134.11
N PRO JA 80 40.46 71.34 -134.14
CA PRO JA 80 41.68 70.54 -133.95
C PRO JA 80 42.81 70.85 -134.93
N ASN JA 81 42.53 71.44 -136.09
CA ASN JA 81 43.59 71.91 -137.00
C ASN JA 81 43.38 73.37 -137.39
N TYR JA 82 42.16 73.71 -137.78
CA TYR JA 82 41.88 75.02 -138.35
C TYR JA 82 41.91 76.11 -137.28
N THR JA 83 42.10 77.35 -137.72
CA THR JA 83 42.26 78.46 -136.80
C THR JA 83 42.05 79.79 -137.50
N ALA JA 84 41.58 80.76 -136.74
CA ALA JA 84 41.45 82.13 -137.23
C ALA JA 84 42.82 82.73 -137.52
N GLY JA 85 42.87 83.65 -138.48
CA GLY JA 85 44.11 84.32 -138.80
C GLY JA 85 44.28 85.57 -137.96
N ARG JA 86 44.70 86.68 -138.56
CA ARG JA 86 44.76 87.93 -137.83
C ARG JA 86 43.36 88.36 -137.39
N ILE JA 87 43.30 89.06 -136.27
CA ILE JA 87 42.06 89.56 -135.70
C ILE JA 87 42.13 91.08 -135.56
N LEU JA 88 41.07 91.76 -135.96
CA LEU JA 88 40.92 93.20 -135.77
C LEU JA 88 39.82 93.45 -134.75
N ALA JA 89 40.14 94.20 -133.69
CA ALA JA 89 39.18 94.42 -132.61
C ALA JA 89 39.43 95.78 -131.98
N MET JA 90 38.42 96.26 -131.26
CA MET JA 90 38.44 97.59 -130.66
C MET JA 90 37.70 97.57 -129.33
N ARG JA 91 38.21 98.35 -128.38
CA ARG JA 91 37.58 98.52 -127.07
C ARG JA 91 36.47 99.55 -127.15
N ILE JA 92 35.22 99.08 -127.09
CA ILE JA 92 34.05 99.95 -127.29
C ILE JA 92 33.73 100.58 -125.93
N GLU JA 93 34.30 101.75 -125.68
CA GLU JA 93 34.09 102.44 -124.42
C GLU JA 93 34.32 103.93 -124.61
N ASP JA 94 33.77 104.72 -123.70
CA ASP JA 94 34.09 106.14 -123.55
C ASP JA 94 34.96 106.35 -122.32
N ALA JA 95 35.93 105.46 -122.13
CA ALA JA 95 36.63 105.39 -120.86
C ALA JA 95 37.56 106.58 -120.68
N LYS JA 96 38.13 106.69 -119.49
CA LYS JA 96 39.13 107.68 -119.15
C LYS JA 96 40.27 107.03 -118.37
N PRO JA 97 41.47 107.61 -118.37
CA PRO JA 97 42.54 107.12 -117.50
C PRO JA 97 42.55 107.80 -116.15
N ALA JA 98 43.22 107.15 -115.20
CA ALA JA 98 43.37 107.71 -113.86
C ALA JA 98 44.53 108.71 -113.84
N SER JA 99 44.40 109.72 -112.99
CA SER JA 99 45.36 110.81 -112.98
C SER JA 99 45.17 111.63 -111.70
N ALA JA 100 46.22 112.36 -111.34
CA ALA JA 100 46.20 113.23 -110.17
C ALA JA 100 47.17 114.37 -110.39
N GLU JA 101 46.91 115.49 -109.71
CA GLU JA 101 47.70 116.71 -109.85
C GLU JA 101 48.33 117.08 -108.51
N ILE JA 102 49.63 117.36 -108.54
CA ILE JA 102 50.35 117.85 -107.37
C ILE JA 102 51.72 118.36 -107.82
N GLY JA 103 52.09 119.54 -107.35
CA GLY JA 103 53.26 120.18 -107.89
C GLY JA 103 52.97 120.68 -109.30
N GLY JA 104 54.06 120.96 -110.01
CA GLY JA 104 53.97 121.40 -111.39
C GLY JA 104 53.65 120.32 -112.41
N LEU JA 105 53.42 119.09 -111.97
CA LEU JA 105 53.25 117.94 -112.85
C LEU JA 105 51.94 117.23 -112.55
N LYS JA 106 51.34 116.68 -113.60
CA LYS JA 106 50.14 115.85 -113.50
C LYS JA 106 50.53 114.40 -113.73
N ILE JA 107 50.15 113.54 -112.81
CA ILE JA 107 50.47 112.12 -112.90
C ILE JA 107 49.49 111.46 -113.87
N THR JA 108 50.04 110.69 -114.81
CA THR JA 108 49.30 110.15 -115.95
C THR JA 108 49.59 108.66 -116.08
N SER JA 109 48.63 107.92 -116.64
CA SER JA 109 48.74 106.48 -116.71
C SER JA 109 48.09 105.94 -117.98
N LYS JA 110 48.45 104.70 -118.34
CA LYS JA 110 48.00 104.13 -119.61
C LYS JA 110 46.72 103.32 -119.43
N ILE JA 111 46.41 102.92 -118.20
CA ILE JA 111 45.26 102.07 -117.94
C ILE JA 111 44.00 102.93 -118.04
N TYR JA 112 43.10 102.55 -118.93
CA TYR JA 112 41.74 103.10 -118.96
C TYR JA 112 40.80 102.24 -118.12
N GLY JA 113 39.69 102.84 -117.70
CA GLY JA 113 38.67 102.09 -117.00
C GLY JA 113 38.68 102.47 -115.52
N ASN JA 114 37.76 101.85 -114.78
CA ASN JA 114 37.74 102.05 -113.33
C ASN JA 114 38.83 101.25 -112.63
N VAL JA 115 39.48 100.31 -113.33
CA VAL JA 115 40.61 99.57 -112.79
C VAL JA 115 41.81 100.48 -112.53
N ALA JA 116 41.89 101.60 -113.24
CA ALA JA 116 42.98 102.57 -113.10
C ALA JA 116 43.01 103.23 -111.72
N ASN JA 117 41.92 103.15 -110.95
CA ASN JA 117 41.92 103.65 -109.59
C ASN JA 117 42.94 102.95 -108.69
N ASN JA 118 43.34 101.73 -109.05
CA ASN JA 118 44.23 100.92 -108.24
C ASN JA 118 45.70 101.34 -108.37
N ILE JA 119 46.02 102.25 -109.28
CA ILE JA 119 47.41 102.67 -109.49
C ILE JA 119 47.86 103.49 -108.29
N GLN JA 120 49.09 103.26 -107.86
CA GLN JA 120 49.67 103.90 -106.68
C GLN JA 120 50.98 104.57 -107.09
N VAL JA 121 51.12 105.87 -106.78
CA VAL JA 121 52.28 106.64 -107.20
C VAL JA 121 52.74 107.55 -106.07
N GLY JA 122 54.03 107.90 -106.10
CA GLY JA 122 54.62 108.81 -105.15
C GLY JA 122 56.05 109.10 -105.53
N LEU JA 123 56.70 109.94 -104.72
CA LEU JA 123 58.09 110.33 -104.93
C LEU JA 123 58.79 110.44 -103.59
N GLU JA 124 60.09 110.10 -103.57
CA GLU JA 124 60.92 110.20 -102.38
C GLU JA 124 62.25 110.85 -102.71
N LYS JA 125 63.01 111.15 -101.65
CA LYS JA 125 64.24 111.92 -101.72
C LYS JA 125 65.40 111.02 -101.27
N ASN JA 126 66.45 110.98 -102.09
CA ASN JA 126 67.55 110.04 -101.92
C ASN JA 126 68.53 110.54 -100.87
N THR JA 127 69.06 109.61 -100.08
CA THR JA 127 70.00 109.95 -99.01
C THR JA 127 71.44 110.03 -99.49
N LEU JA 128 71.76 109.39 -100.61
CA LEU JA 128 73.13 109.40 -101.11
C LEU JA 128 73.53 110.80 -101.57
N SER JA 129 72.72 111.39 -102.46
CA SER JA 129 73.14 112.60 -103.17
C SER JA 129 71.95 113.54 -103.42
N ASP JA 130 70.94 113.53 -102.57
CA ASP JA 130 69.84 114.50 -102.61
C ASP JA 130 69.03 114.40 -103.91
N SER JA 131 69.05 113.25 -104.56
CA SER JA 131 68.43 113.09 -105.87
C SER JA 131 66.93 112.85 -105.71
N LEU JA 132 66.28 112.53 -106.82
CA LEU JA 132 64.88 112.13 -106.88
C LEU JA 132 64.78 110.65 -107.22
N ARG JA 133 63.65 110.05 -106.88
CA ARG JA 133 63.41 108.64 -107.18
C ARG JA 133 61.92 108.47 -107.48
N LEU JA 134 61.62 107.54 -108.39
CA LEU JA 134 60.23 107.18 -108.69
C LEU JA 134 60.06 105.67 -108.52
N ARG JA 135 59.01 105.28 -107.79
CA ARG JA 135 58.61 103.89 -107.59
C ARG JA 135 57.22 103.73 -108.18
N VAL JA 136 57.13 103.09 -109.35
CA VAL JA 136 55.83 102.84 -109.99
C VAL JA 136 55.26 101.57 -109.39
N ILE JA 137 54.07 101.68 -108.81
CA ILE JA 137 53.51 100.62 -107.98
C ILE JA 137 52.20 100.17 -108.61
N PHE JA 138 52.03 98.86 -108.72
CA PHE JA 138 50.74 98.24 -109.00
C PHE JA 138 50.81 96.86 -108.33
N GLN JA 139 50.34 96.80 -107.09
CA GLN JA 139 50.56 95.60 -106.30
C GLN JA 139 49.58 94.48 -106.66
N ASP JA 140 48.50 94.80 -107.37
CA ASP JA 140 47.60 93.75 -107.83
C ASP JA 140 48.23 92.92 -108.95
N ASP JA 141 49.19 93.48 -109.69
CA ASP JA 141 50.02 92.71 -110.61
C ASP JA 141 51.40 92.41 -110.06
N ARG JA 142 51.69 92.81 -108.81
CA ARG JA 142 53.03 92.71 -108.25
C ARG JA 142 54.04 93.41 -109.17
N PHE JA 143 53.65 94.58 -109.64
CA PHE JA 143 54.49 95.47 -110.43
C PHE JA 143 55.15 96.46 -109.48
N ASN JA 144 56.46 96.59 -109.58
CA ASN JA 144 57.16 97.47 -108.65
C ASN JA 144 58.53 97.88 -109.20
N GLU JA 145 58.51 98.48 -110.38
CA GLU JA 145 59.72 99.04 -110.95
C GLU JA 145 60.12 100.32 -110.24
N VAL JA 146 61.39 100.69 -110.38
CA VAL JA 146 61.99 101.84 -109.72
C VAL JA 146 62.92 102.51 -110.72
N TYR JA 147 62.84 103.85 -110.82
CA TYR JA 147 63.73 104.60 -111.68
C TYR JA 147 64.63 105.34 -110.70
N ASP JA 148 65.92 105.00 -110.71
CA ASP JA 148 66.81 105.29 -109.59
C ASP JA 148 67.67 106.51 -109.91
N ASN JA 149 67.95 107.26 -108.85
CA ASN JA 149 68.75 108.49 -108.85
C ASN JA 149 68.32 109.44 -109.97
N ILE JA 150 67.09 109.93 -109.87
CA ILE JA 150 66.60 110.83 -110.89
C ILE JA 150 67.23 112.20 -110.67
N GLY JA 151 67.80 112.75 -111.73
CA GLY JA 151 68.57 113.96 -111.70
C GLY JA 151 70.05 113.62 -111.70
N ASN JA 152 70.85 114.56 -111.18
CA ASN JA 152 72.25 114.32 -110.84
C ASN JA 152 73.02 113.81 -112.07
N ILE JA 153 73.19 114.70 -113.05
CA ILE JA 153 73.82 114.24 -114.28
C ILE JA 153 75.33 114.18 -114.11
N PHE JA 154 75.95 115.24 -113.58
CA PHE JA 154 77.40 115.23 -113.41
C PHE JA 154 77.81 116.14 -112.27
N THR JA 155 78.95 115.78 -111.68
CA THR JA 155 79.57 116.53 -110.60
C THR JA 155 80.61 117.49 -111.17
N ILE JA 156 80.75 118.63 -110.50
CA ILE JA 156 81.87 119.55 -110.70
C ILE JA 156 82.74 119.46 -109.46
N LYS JA 157 84.05 119.31 -109.67
CA LYS JA 157 85.03 119.31 -108.58
C LYS JA 157 86.09 120.34 -108.84
N TYR JA 158 86.58 120.94 -107.75
CA TYR JA 158 87.50 122.06 -107.76
C TYR JA 158 88.84 121.66 -107.16
N LYS JA 159 89.93 122.27 -107.65
CA LYS JA 159 91.27 121.97 -107.17
C LYS JA 159 92.15 123.20 -107.08
N GLY JA 160 91.61 124.41 -107.24
CA GLY JA 160 92.41 125.61 -107.17
C GLY JA 160 92.73 126.04 -105.74
N GLU JA 161 93.62 127.03 -105.63
CA GLU JA 161 94.10 127.52 -104.35
C GLU JA 161 93.31 128.71 -103.83
N GLU JA 162 92.42 129.30 -104.64
CA GLU JA 162 91.67 130.48 -104.20
C GLU JA 162 90.69 130.11 -103.09
N ALA JA 163 90.00 131.15 -102.60
CA ALA JA 163 89.20 131.08 -101.38
C ALA JA 163 88.10 130.02 -101.50
N ASN JA 164 87.10 130.26 -102.34
CA ASN JA 164 86.03 129.29 -102.57
C ASN JA 164 85.64 129.28 -104.03
N ALA JA 165 84.98 128.20 -104.44
CA ALA JA 165 84.57 127.95 -105.82
C ALA JA 165 83.05 127.93 -105.92
N THR JA 166 82.48 129.10 -106.16
CA THR JA 166 81.05 129.27 -106.38
C THR JA 166 80.71 129.04 -107.85
N PHE JA 167 79.52 128.50 -108.09
CA PHE JA 167 79.04 128.35 -109.45
C PHE JA 167 77.51 128.35 -109.48
N SER JA 168 76.95 128.83 -110.59
CA SER JA 168 75.51 128.88 -110.81
C SER JA 168 75.15 128.30 -112.16
N VAL JA 169 73.90 127.83 -112.26
CA VAL JA 169 73.30 127.40 -113.52
C VAL JA 169 71.91 128.01 -113.52
N GLU JA 170 71.72 129.06 -114.32
CA GLU JA 170 70.61 130.00 -114.12
C GLU JA 170 69.49 129.78 -115.12
N HIS JA 171 68.24 129.93 -114.65
CA HIS JA 171 67.04 129.78 -115.47
C HIS JA 171 66.74 131.05 -116.26
N ASP JA 172 65.99 130.85 -117.34
CA ASP JA 172 65.17 131.90 -117.91
C ASP JA 172 63.87 131.95 -117.10
N GLU JA 173 63.62 133.06 -116.40
CA GLU JA 173 62.48 133.13 -115.50
C GLU JA 173 61.14 133.09 -116.24
N GLU JA 174 61.13 133.41 -117.53
CA GLU JA 174 59.88 133.39 -118.28
C GLU JA 174 59.47 131.96 -118.64
N THR JA 175 60.45 131.05 -118.72
CA THR JA 175 60.22 129.66 -119.11
C THR JA 175 60.77 128.64 -118.12
N GLN JA 176 61.58 129.07 -117.14
CA GLN JA 176 62.23 128.15 -116.20
C GLN JA 176 63.07 127.12 -116.95
N LYS JA 177 63.96 127.61 -117.82
CA LYS JA 177 64.89 126.78 -118.58
C LYS JA 177 66.28 127.39 -118.51
N ALA JA 178 67.29 126.53 -118.53
CA ALA JA 178 68.66 126.95 -118.31
C ALA JA 178 69.18 127.77 -119.49
N SER JA 179 70.12 128.67 -119.20
CA SER JA 179 70.69 129.55 -120.21
C SER JA 179 72.22 129.60 -120.16
N ARG JA 180 72.81 129.38 -118.98
CA ARG JA 180 74.26 129.42 -118.83
C ARG JA 180 74.71 128.50 -117.71
N LEU JA 181 75.96 128.07 -117.81
CA LEU JA 181 76.71 127.49 -116.71
C LEU JA 181 77.91 128.38 -116.43
N VAL JA 182 77.99 128.91 -115.22
CA VAL JA 182 78.95 129.94 -114.84
C VAL JA 182 79.71 129.46 -113.60
N LEU JA 183 81.03 129.37 -113.71
CA LEU JA 183 81.91 129.10 -112.57
C LEU JA 183 82.52 130.42 -112.11
N LYS JA 184 82.37 130.73 -110.82
CA LYS JA 184 82.92 131.95 -110.22
C LYS JA 184 83.83 131.57 -109.07
N VAL JA 185 85.13 131.77 -109.25
CA VAL JA 185 86.12 131.54 -108.20
C VAL JA 185 86.29 132.84 -107.43
N GLY JA 186 86.22 132.75 -106.09
CA GLY JA 186 86.24 133.94 -105.27
C GLY JA 186 85.00 134.79 -105.50
N ASP JA 187 85.05 135.69 -106.48
CA ASP JA 187 83.85 136.42 -106.89
C ASP JA 187 83.98 136.91 -108.32
N GLN JA 188 84.69 136.16 -109.17
CA GLN JA 188 84.84 136.52 -110.57
C GLN JA 188 84.85 135.27 -111.44
N GLU JA 189 84.25 135.39 -112.61
CA GLU JA 189 84.04 134.27 -113.52
C GLU JA 189 85.36 133.86 -114.16
N VAL JA 190 85.76 132.60 -113.94
CA VAL JA 190 86.92 132.06 -114.64
C VAL JA 190 86.57 131.79 -116.11
N LYS JA 191 85.58 130.94 -116.34
CA LYS JA 191 85.06 130.70 -117.67
C LYS JA 191 83.66 130.12 -117.53
N SER JA 192 82.71 130.67 -118.28
CA SER JA 192 81.35 130.18 -118.33
C SER JA 192 81.11 129.48 -119.67
N TYR JA 193 79.98 128.76 -119.72
CA TYR JA 193 79.60 127.97 -120.89
C TYR JA 193 78.12 128.21 -121.13
N ASP JA 194 77.82 128.86 -122.26
CA ASP JA 194 76.51 129.46 -122.50
C ASP JA 194 75.67 128.57 -123.41
N LEU JA 195 74.43 128.29 -122.99
CA LEU JA 195 73.53 127.40 -123.72
C LEU JA 195 72.68 128.12 -124.75
N THR JA 196 73.01 129.37 -125.07
CA THR JA 196 72.18 130.28 -125.87
C THR JA 196 72.18 129.97 -127.37
N GLY JA 197 72.16 128.71 -127.78
CA GLY JA 197 72.16 128.37 -129.19
C GLY JA 197 73.52 128.20 -129.80
N GLY JA 198 74.57 128.06 -129.00
CA GLY JA 198 75.89 127.81 -129.57
C GLY JA 198 76.06 126.33 -129.87
N ALA JA 199 77.24 125.80 -129.58
CA ALA JA 199 77.54 124.38 -129.73
C ALA JA 199 77.07 123.53 -128.56
N TYR JA 200 76.53 124.15 -127.52
CA TYR JA 200 76.44 123.50 -126.21
C TYR JA 200 74.99 123.06 -125.99
N ASP JA 201 74.43 122.44 -127.02
CA ASP JA 201 73.14 121.77 -126.96
C ASP JA 201 73.17 120.47 -126.17
N TYR JA 202 74.36 120.00 -125.78
CA TYR JA 202 74.56 118.74 -125.10
C TYR JA 202 75.34 118.99 -123.82
N THR JA 203 74.97 118.30 -122.74
CA THR JA 203 75.65 118.54 -121.46
C THR JA 203 77.07 117.98 -121.47
N ASN JA 204 77.32 116.90 -122.21
CA ASN JA 204 78.67 116.34 -122.21
C ASN JA 204 79.67 117.21 -122.96
N ALA JA 205 79.21 118.09 -123.85
CA ALA JA 205 80.11 119.11 -124.37
C ALA JA 205 80.51 120.09 -123.29
N ILE JA 206 79.66 120.30 -122.29
CA ILE JA 206 80.04 121.13 -121.15
C ILE JA 206 81.01 120.37 -120.26
N ILE JA 207 80.89 119.04 -120.20
CA ILE JA 207 81.82 118.24 -119.39
C ILE JA 207 83.24 118.39 -119.93
N THR JA 208 83.44 118.07 -121.20
CA THR JA 208 84.77 118.12 -121.81
C THR JA 208 85.40 119.51 -121.71
N ASP JA 209 84.59 120.57 -121.72
CA ASP JA 209 85.12 121.93 -121.67
C ASP JA 209 85.30 122.46 -120.26
N ILE JA 210 84.64 121.85 -119.26
CA ILE JA 210 85.04 122.13 -117.88
C ILE JA 210 86.34 121.41 -117.59
N ASN JA 211 86.53 120.22 -118.17
CA ASN JA 211 87.76 119.48 -117.93
C ASN JA 211 88.98 120.15 -118.56
N GLN JA 212 88.76 120.97 -119.60
CA GLN JA 212 89.81 121.81 -120.16
C GLN JA 212 90.29 122.90 -119.20
N LEU JA 213 89.61 123.14 -118.08
CA LEU JA 213 89.96 124.27 -117.22
C LEU JA 213 91.07 123.83 -116.26
N PRO JA 214 91.94 124.76 -115.80
CA PRO JA 214 92.96 124.32 -114.85
C PRO JA 214 92.42 123.98 -113.47
N ASP JA 215 91.50 124.78 -112.94
CA ASP JA 215 91.06 124.67 -111.55
C ASP JA 215 89.85 123.78 -111.34
N PHE JA 216 89.25 123.24 -112.41
CA PHE JA 216 87.97 122.54 -112.31
C PHE JA 216 87.99 121.27 -113.16
N GLU JA 217 87.22 120.27 -112.73
CA GLU JA 217 86.93 119.08 -113.52
C GLU JA 217 85.45 118.73 -113.43
N ALA JA 218 84.94 118.15 -114.52
CA ALA JA 218 83.57 117.64 -114.61
C ALA JA 218 83.57 116.17 -115.02
N LYS JA 219 82.69 115.39 -114.39
CA LYS JA 219 82.65 113.94 -114.57
C LYS JA 219 81.20 113.47 -114.57
N LEU JA 220 80.80 112.78 -115.64
CA LEU JA 220 79.44 112.27 -115.77
C LEU JA 220 79.15 111.20 -114.73
N SER JA 221 77.89 111.09 -114.34
CA SER JA 221 77.50 110.17 -113.28
C SER JA 221 77.63 108.72 -113.74
N PRO JA 222 78.09 107.80 -112.88
CA PRO JA 222 78.09 106.38 -113.28
C PRO JA 222 76.74 105.70 -113.19
N PHE JA 223 75.71 106.37 -112.66
CA PHE JA 223 74.44 105.71 -112.37
C PHE JA 223 73.57 105.68 -113.62
N GLY JA 224 74.05 104.96 -114.64
CA GLY JA 224 73.35 104.87 -115.91
C GLY JA 224 73.81 105.94 -116.88
N ASP JA 225 73.36 105.77 -118.13
CA ASP JA 225 73.70 106.71 -119.20
C ASP JA 225 72.76 107.90 -119.11
N LYS JA 226 73.27 109.03 -118.59
CA LYS JA 226 72.49 110.25 -118.46
C LYS JA 226 73.05 111.39 -119.29
N ASN JA 227 73.25 111.19 -120.59
CA ASN JA 227 73.45 112.35 -121.44
C ASN JA 227 72.13 113.11 -121.54
N LEU JA 228 72.20 114.44 -121.45
CA LEU JA 228 71.01 115.26 -121.21
C LEU JA 228 71.10 116.49 -122.09
N GLU JA 229 70.01 116.78 -122.79
CA GLU JA 229 69.98 117.97 -123.63
C GLU JA 229 70.01 119.23 -122.76
N SER JA 230 70.93 120.15 -123.09
CA SER JA 230 71.22 121.31 -122.25
C SER JA 230 70.01 122.20 -121.98
N SER JA 231 68.96 122.16 -122.79
CA SER JA 231 67.84 123.08 -122.58
C SER JA 231 66.87 122.61 -121.50
N LYS JA 232 67.21 121.55 -120.76
CA LYS JA 232 66.40 121.01 -119.68
C LYS JA 232 67.14 120.97 -118.35
N LEU JA 233 68.27 121.68 -118.23
CA LEU JA 233 69.00 121.79 -116.98
C LEU JA 233 68.28 122.79 -116.08
N ASP JA 234 68.69 122.84 -114.80
CA ASP JA 234 67.89 123.49 -113.77
C ASP JA 234 68.75 124.39 -112.88
N LYS JA 235 68.07 125.01 -111.91
CA LYS JA 235 68.65 126.10 -111.12
C LYS JA 235 69.79 125.63 -110.22
N ILE JA 236 70.92 126.32 -110.30
CA ILE JA 236 71.92 126.35 -109.24
C ILE JA 236 72.35 127.79 -109.08
N GLU JA 237 72.60 128.21 -107.83
CA GLU JA 237 72.78 129.61 -107.47
C GLU JA 237 73.87 129.73 -106.41
N ASN JA 238 75.11 129.93 -106.88
CA ASN JA 238 76.28 130.13 -106.02
C ASN JA 238 76.46 129.00 -105.02
N ALA JA 239 76.49 127.77 -105.52
CA ALA JA 239 76.81 126.60 -104.71
C ALA JA 239 78.32 126.41 -104.65
N ASN JA 240 78.84 126.06 -103.48
CA ASN JA 240 80.28 125.92 -103.30
C ASN JA 240 80.76 124.52 -103.67
N ILE JA 241 81.82 124.46 -104.49
CA ILE JA 241 82.36 123.18 -104.98
C ILE JA 241 83.59 122.73 -104.18
N LYS JA 242 84.24 123.62 -103.43
CA LYS JA 242 85.65 123.43 -103.06
C LYS JA 242 85.88 122.16 -102.23
N ASP JA 243 84.86 121.69 -101.51
CA ASP JA 243 84.96 120.43 -100.77
C ASP JA 243 83.68 119.63 -100.91
N LYS JA 244 83.11 119.63 -102.12
CA LYS JA 244 81.87 118.91 -102.40
C LYS JA 244 81.89 118.34 -103.80
N ALA JA 245 81.20 117.20 -103.95
CA ALA JA 245 80.87 116.63 -105.26
C ALA JA 245 79.52 117.17 -105.74
N VAL JA 246 79.46 118.49 -105.94
CA VAL JA 246 78.18 119.14 -106.24
C VAL JA 246 77.70 118.67 -107.60
N TYR JA 247 76.54 118.01 -107.60
CA TYR JA 247 75.93 117.56 -108.84
C TYR JA 247 75.12 118.69 -109.47
N VAL JA 248 75.14 118.74 -110.80
CA VAL JA 248 74.18 119.56 -111.53
C VAL JA 248 72.87 118.77 -111.57
N LYS JA 249 71.92 119.22 -110.76
CA LYS JA 249 70.82 118.36 -110.34
C LYS JA 249 69.96 117.92 -111.52
N ALA JA 250 69.48 118.87 -112.32
CA ALA JA 250 68.62 118.61 -113.48
C ALA JA 250 67.47 117.67 -113.15
N VAL JA 251 66.66 118.07 -112.19
CA VAL JA 251 65.62 117.19 -111.68
C VAL JA 251 64.52 116.98 -112.72
N PHE JA 252 64.18 118.03 -113.47
CA PHE JA 252 63.15 117.89 -114.50
C PHE JA 252 63.65 117.15 -115.72
N GLY JA 253 64.82 117.51 -116.21
CA GLY JA 253 65.29 117.03 -117.50
C GLY JA 253 65.55 115.54 -117.53
N ASP JA 254 65.95 114.96 -116.39
CA ASP JA 254 66.13 113.52 -116.26
C ASP JA 254 64.85 112.80 -115.88
N LEU JA 255 63.81 113.51 -115.41
CA LEU JA 255 62.53 112.83 -115.24
C LEU JA 255 62.00 112.34 -116.58
N GLU JA 256 62.05 113.20 -117.60
CA GLU JA 256 61.63 112.82 -118.94
C GLU JA 256 62.45 111.65 -119.48
N LYS JA 257 63.76 111.67 -119.23
CA LYS JA 257 64.66 110.65 -119.78
C LYS JA 257 64.28 109.26 -119.28
N GLN JA 258 64.00 109.12 -117.99
CA GLN JA 258 63.82 107.80 -117.40
C GLN JA 258 62.36 107.35 -117.38
N THR JA 259 61.43 108.24 -117.05
CA THR JA 259 60.06 107.86 -116.78
C THR JA 259 59.14 107.98 -117.99
N ALA JA 260 59.47 108.83 -118.96
CA ALA JA 260 58.54 109.06 -120.07
C ALA JA 260 58.38 107.84 -120.97
N TYR JA 261 59.47 107.13 -121.25
CA TYR JA 261 59.51 106.11 -122.30
C TYR JA 261 59.40 104.69 -121.77
N ASN JA 262 58.97 104.53 -120.52
CA ASN JA 262 58.98 103.24 -119.84
C ASN JA 262 57.75 103.12 -118.94
N GLY JA 263 57.52 101.89 -118.47
CA GLY JA 263 56.52 101.62 -117.45
C GLY JA 263 55.09 102.02 -117.79
N ILE JA 264 54.22 101.82 -116.80
CA ILE JA 264 52.80 102.11 -116.93
C ILE JA 264 52.50 103.60 -116.68
N VAL JA 265 53.28 104.28 -115.84
CA VAL JA 265 52.93 105.60 -115.33
C VAL JA 265 54.01 106.60 -115.77
N SER JA 266 53.57 107.79 -116.16
CA SER JA 266 54.48 108.86 -116.58
C SER JA 266 53.89 110.20 -116.19
N PHE JA 267 54.74 111.22 -116.12
CA PHE JA 267 54.36 112.55 -115.66
C PHE JA 267 54.23 113.53 -116.82
N GLU JA 268 53.10 114.23 -116.86
CA GLU JA 268 52.81 115.33 -117.76
C GLU JA 268 52.81 116.63 -116.96
N GLN JA 269 52.92 117.74 -117.69
CA GLN JA 269 53.16 119.07 -117.13
C GLN JA 269 51.84 119.86 -117.16
N LEU JA 270 51.59 120.59 -116.07
CA LEU JA 270 50.38 121.39 -115.97
C LEU JA 270 50.43 122.57 -116.94
N LYS JA 298 54.13 127.29 -109.68
CA LYS JA 298 54.27 125.96 -109.11
C LYS JA 298 55.63 125.35 -109.48
N THR JA 299 56.00 124.26 -108.82
CA THR JA 299 57.32 123.67 -108.98
C THR JA 299 57.23 122.19 -108.58
N ILE JA 300 58.18 121.37 -109.05
CA ILE JA 300 58.08 119.95 -108.75
C ILE JA 300 58.40 119.73 -107.28
N GLU JA 301 57.65 118.82 -106.63
CA GLU JA 301 57.77 118.61 -105.20
C GLU JA 301 57.61 117.12 -104.90
N PRO JA 302 58.16 116.63 -103.79
CA PRO JA 302 57.82 115.26 -103.36
C PRO JA 302 56.40 115.18 -102.80
N PHE JA 303 55.88 113.94 -102.76
CA PHE JA 303 54.54 113.71 -102.25
C PHE JA 303 54.35 112.24 -101.92
N GLU JA 304 53.36 111.95 -101.07
CA GLU JA 304 53.33 110.64 -100.42
C GLU JA 304 52.54 109.65 -101.28
N LEU JA 305 52.51 108.41 -100.81
CA LEU JA 305 51.85 107.31 -101.53
C LEU JA 305 50.37 107.62 -101.74
N THR JA 306 49.94 107.71 -103.01
CA THR JA 306 48.62 108.22 -103.37
C THR JA 306 48.06 107.36 -104.50
N LYS JA 307 46.75 107.10 -104.42
CA LYS JA 307 46.04 106.36 -105.45
C LYS JA 307 45.47 107.34 -106.49
N LEU JA 308 45.73 107.06 -107.76
CA LEU JA 308 45.20 107.90 -108.83
C LEU JA 308 43.68 107.80 -108.90
N LYS JA 309 43.08 108.85 -109.46
CA LYS JA 309 41.64 109.02 -109.51
C LYS JA 309 41.21 109.42 -110.93
N GLY JA 310 39.90 109.29 -111.16
CA GLY JA 310 39.28 109.68 -112.40
C GLY JA 310 39.03 108.55 -113.39
N GLY JA 311 39.57 107.36 -113.13
CA GLY JA 311 39.36 106.23 -114.01
C GLY JA 311 37.90 105.87 -114.20
N THR JA 312 37.46 105.78 -115.45
CA THR JA 312 36.08 105.52 -115.79
C THR JA 312 36.03 104.54 -116.96
N ASN JA 313 35.11 103.57 -116.90
CA ASN JA 313 34.86 102.66 -118.01
C ASN JA 313 33.80 103.22 -118.95
N GLY JA 314 32.66 103.64 -118.41
CA GLY JA 314 31.52 104.08 -119.19
C GLY JA 314 30.52 102.96 -119.41
N GLU JA 315 29.27 103.35 -119.71
CA GLU JA 315 28.24 102.37 -119.96
C GLU JA 315 28.28 101.94 -121.44
N PRO JA 316 27.73 100.79 -121.79
CA PRO JA 316 27.63 100.43 -123.21
C PRO JA 316 26.63 101.33 -123.92
N PRO JA 317 26.96 101.85 -125.10
CA PRO JA 317 26.02 102.74 -125.79
C PRO JA 317 24.90 101.96 -126.47
N ALA JA 318 23.78 102.65 -126.67
CA ALA JA 318 22.65 102.01 -127.35
C ALA JA 318 23.00 101.66 -128.79
N THR JA 319 23.74 102.53 -129.48
CA THR JA 319 24.15 102.30 -130.86
C THR JA 319 25.66 102.04 -130.94
N TRP JA 320 26.03 100.95 -131.62
CA TRP JA 320 27.42 100.60 -131.89
C TRP JA 320 27.78 100.77 -133.36
N ALA JA 321 27.03 101.58 -134.10
CA ALA JA 321 27.28 101.74 -135.54
C ALA JA 321 28.34 102.78 -135.81
N ASP JA 322 28.34 103.85 -135.01
CA ASP JA 322 29.40 104.86 -135.12
C ASP JA 322 30.76 104.25 -134.86
N LYS JA 323 30.87 103.37 -133.87
CA LYS JA 323 32.14 102.72 -133.57
C LYS JA 323 32.41 101.51 -134.46
N LEU JA 324 31.41 101.03 -135.21
CA LEU JA 324 31.68 99.94 -136.16
C LEU JA 324 32.25 100.46 -137.47
N ASP JA 325 31.84 101.65 -137.92
CA ASP JA 325 32.49 102.34 -139.03
C ASP JA 325 34.00 102.50 -138.87
N LYS JA 326 34.54 102.38 -137.64
CA LYS JA 326 35.99 102.43 -137.46
C LYS JA 326 36.72 101.30 -138.19
N PHE JA 327 36.03 100.20 -138.50
CA PHE JA 327 36.63 99.01 -139.11
C PHE JA 327 36.58 99.05 -140.64
N ALA JA 328 36.14 100.17 -141.22
CA ALA JA 328 35.62 100.15 -142.57
C ALA JA 328 36.74 99.98 -143.61
N HIS JA 329 37.75 100.85 -143.57
CA HIS JA 329 38.86 100.81 -144.51
C HIS JA 329 39.93 99.78 -144.14
N GLU JA 330 39.79 99.07 -143.02
CA GLU JA 330 40.91 98.31 -142.47
C GLU JA 330 41.07 96.92 -143.05
N GLY JA 331 40.20 96.48 -143.95
CA GLY JA 331 40.42 95.24 -144.68
C GLY JA 331 39.71 94.02 -144.16
N GLY JA 332 38.69 94.18 -143.31
CA GLY JA 332 38.05 93.04 -142.68
C GLY JA 332 37.25 92.23 -143.69
N TYR JA 333 36.82 91.04 -143.26
CA TYR JA 333 36.02 90.18 -144.12
C TYR JA 333 34.92 89.45 -143.35
N TYR JA 334 35.26 88.94 -142.17
CA TYR JA 334 34.32 88.29 -141.26
C TYR JA 334 34.26 89.04 -139.94
N ILE JA 335 33.05 89.36 -139.47
CA ILE JA 335 32.92 90.12 -138.24
C ILE JA 335 31.73 89.58 -137.45
N VAL JA 336 31.85 89.57 -136.12
CA VAL JA 336 30.83 88.99 -135.24
C VAL JA 336 30.65 89.93 -134.04
N PRO JA 337 29.43 90.22 -133.59
CA PRO JA 337 29.26 90.99 -132.35
C PRO JA 337 29.20 90.09 -131.13
N LEU JA 338 29.21 90.73 -129.95
CA LEU JA 338 29.16 90.06 -128.66
C LEU JA 338 27.99 90.48 -127.79
N SER JA 339 27.46 91.70 -127.95
CA SER JA 339 26.36 92.12 -127.10
C SER JA 339 25.10 91.31 -127.43
N SER JA 340 24.07 91.50 -126.59
CA SER JA 340 22.86 90.70 -126.64
C SER JA 340 21.72 91.34 -127.44
N LYS JA 341 21.72 92.66 -127.60
CA LYS JA 341 20.57 93.34 -128.20
C LYS JA 341 20.56 93.20 -129.72
N GLN JA 342 19.36 93.03 -130.28
CA GLN JA 342 19.21 92.98 -131.73
C GLN JA 342 19.53 94.31 -132.38
N SER JA 343 19.45 95.41 -131.61
CA SER JA 343 19.79 96.72 -132.14
C SER JA 343 21.19 96.74 -132.75
N VAL JA 344 22.18 96.21 -132.02
CA VAL JA 344 23.55 96.16 -132.53
C VAL JA 344 23.66 95.23 -133.73
N HIS JA 345 22.89 94.13 -133.74
CA HIS JA 345 23.01 93.21 -134.86
C HIS JA 345 22.50 93.85 -136.14
N ALA JA 346 21.51 94.75 -136.03
CA ALA JA 346 21.02 95.39 -137.25
C ALA JA 346 22.05 96.34 -137.81
N GLU JA 347 22.92 96.87 -136.95
CA GLU JA 347 24.00 97.75 -137.40
C GLU JA 347 25.08 96.98 -138.16
N VAL JA 348 25.46 95.80 -137.65
CA VAL JA 348 26.40 94.94 -138.37
C VAL JA 348 25.85 94.61 -139.75
N ALA JA 349 24.54 94.35 -139.85
CA ALA JA 349 23.96 94.00 -141.14
C ALA JA 349 23.94 95.19 -142.09
N SER JA 350 23.85 96.41 -141.54
CA SER JA 350 23.94 97.61 -142.36
C SER JA 350 25.39 97.86 -142.79
N PHE JA 351 26.35 97.64 -141.89
CA PHE JA 351 27.76 97.85 -142.21
C PHE JA 351 28.21 96.89 -143.30
N VAL JA 352 27.79 95.62 -143.24
CA VAL JA 352 28.18 94.65 -144.25
C VAL JA 352 27.62 95.01 -145.61
N LYS JA 353 26.40 95.58 -145.65
CA LYS JA 353 25.84 95.99 -146.94
C LYS JA 353 26.47 97.28 -147.42
N GLU JA 354 26.83 98.17 -146.49
CA GLU JA 354 27.44 99.44 -146.89
C GLU JA 354 28.85 99.25 -147.42
N ARG JA 355 29.62 98.37 -146.79
CA ARG JA 355 30.93 97.97 -147.34
C ARG JA 355 30.78 97.23 -148.66
N SER JA 356 29.77 96.38 -148.80
CA SER JA 356 29.61 95.64 -150.05
C SER JA 356 29.37 96.57 -151.22
N ASP JA 357 28.49 97.56 -151.05
CA ASP JA 357 28.23 98.50 -152.13
C ASP JA 357 29.39 99.46 -152.35
N ALA JA 358 30.26 99.63 -151.35
CA ALA JA 358 31.48 100.39 -151.57
C ALA JA 358 32.41 99.64 -152.54
N GLY JA 359 32.48 98.32 -152.38
CA GLY JA 359 33.31 97.47 -153.22
C GLY JA 359 34.11 96.42 -152.48
N GLU JA 360 33.91 96.33 -151.16
CA GLU JA 360 34.64 95.41 -150.29
C GLU JA 360 33.64 94.57 -149.50
N PRO JA 361 33.00 93.57 -150.12
CA PRO JA 361 31.93 92.85 -149.43
C PRO JA 361 32.44 92.02 -148.25
N MET JA 362 31.57 91.87 -147.26
CA MET JA 362 31.89 91.23 -145.99
C MET JA 362 30.74 90.32 -145.59
N ARG JA 363 30.90 89.61 -144.47
CA ARG JA 363 29.92 88.65 -144.00
C ARG JA 363 29.92 88.66 -142.48
N ALA JA 364 28.78 88.30 -141.87
CA ALA JA 364 28.70 88.30 -140.42
C ALA JA 364 27.86 87.15 -139.91
N ILE JA 365 28.02 86.87 -138.61
CA ILE JA 365 27.27 85.85 -137.87
C ILE JA 365 26.81 86.46 -136.56
N VAL JA 366 25.64 86.01 -136.08
CA VAL JA 366 24.95 86.57 -134.92
C VAL JA 366 24.68 85.43 -133.94
N GLY JA 367 24.89 85.70 -132.64
CA GLY JA 367 24.64 84.73 -131.60
C GLY JA 367 23.28 84.93 -130.94
N GLY JA 368 22.90 83.94 -130.12
CA GLY JA 368 21.59 83.88 -129.49
C GLY JA 368 21.53 83.72 -127.98
N GLY JA 369 22.53 84.20 -127.25
CA GLY JA 369 22.53 84.12 -125.78
C GLY JA 369 22.40 82.69 -125.26
N PHE JA 370 21.77 82.57 -124.09
CA PHE JA 370 21.67 81.31 -123.35
C PHE JA 370 20.28 80.70 -123.54
N ASN JA 371 20.18 79.59 -124.28
CA ASN JA 371 18.96 78.78 -124.29
C ASN JA 371 17.74 79.58 -124.78
N GLU JA 372 17.85 80.11 -126.00
CA GLU JA 372 16.69 80.65 -126.71
C GLU JA 372 16.15 79.58 -127.64
N SER JA 373 14.83 79.48 -127.71
CA SER JA 373 14.16 78.35 -128.33
C SER JA 373 13.65 78.73 -129.71
N LYS JA 374 12.83 77.85 -130.30
CA LYS JA 374 12.31 78.06 -131.64
C LYS JA 374 11.55 79.38 -131.76
N GLU JA 375 10.62 79.63 -130.83
CA GLU JA 375 9.77 80.81 -130.88
C GLU JA 375 10.58 82.10 -130.92
N GLN JA 376 11.65 82.18 -130.15
CA GLN JA 376 12.49 83.37 -130.18
C GLN JA 376 13.34 83.43 -131.43
N LEU JA 377 13.78 82.27 -131.94
CA LEU JA 377 14.68 82.26 -133.07
C LEU JA 377 13.97 82.70 -134.35
N PHE JA 378 12.70 82.33 -134.50
CA PHE JA 378 11.94 82.71 -135.68
C PHE JA 378 11.55 84.18 -135.66
N GLY JA 379 11.61 84.84 -134.50
CA GLY JA 379 11.38 86.27 -134.41
C GLY JA 379 12.64 87.10 -134.61
N ARG JA 380 13.79 86.53 -134.23
CA ARG JA 380 15.07 87.18 -134.47
C ARG JA 380 15.52 87.03 -135.91
N GLN JA 381 15.42 85.82 -136.48
CA GLN JA 381 15.79 85.61 -137.88
C GLN JA 381 14.93 86.45 -138.81
N ALA JA 382 13.63 86.51 -138.56
CA ALA JA 382 12.72 87.21 -139.47
C ALA JA 382 12.99 88.71 -139.45
N SER JA 383 13.29 89.25 -138.27
CA SER JA 383 13.56 90.67 -138.15
C SER JA 383 14.83 91.08 -138.89
N LEU JA 384 15.75 90.14 -139.14
CA LEU JA 384 17.02 90.40 -139.80
C LEU JA 384 17.25 89.41 -140.93
N SER JA 385 16.25 89.24 -141.78
CA SER JA 385 16.21 88.21 -142.81
C SER JA 385 16.96 88.60 -144.09
N ASN JA 386 17.91 89.52 -144.01
CA ASN JA 386 18.78 89.85 -145.13
C ASN JA 386 19.86 88.78 -145.32
N PRO JA 387 20.50 88.73 -146.48
CA PRO JA 387 21.62 87.80 -146.67
C PRO JA 387 22.89 88.33 -146.00
N ARG JA 388 23.95 87.52 -146.04
CA ARG JA 388 25.24 87.80 -145.40
C ARG JA 388 25.12 87.94 -143.88
N VAL JA 389 24.08 87.36 -143.29
CA VAL JA 389 23.96 87.22 -141.85
C VAL JA 389 23.65 85.75 -141.60
N SER JA 390 24.18 85.23 -140.49
CA SER JA 390 23.85 83.90 -140.00
C SER JA 390 23.55 83.92 -138.51
N LEU JA 391 22.46 83.28 -138.12
CA LEU JA 391 22.03 83.20 -136.72
C LEU JA 391 22.35 81.82 -136.15
N VAL JA 392 22.95 81.81 -134.97
CA VAL JA 392 23.35 80.59 -134.26
C VAL JA 392 22.34 80.27 -133.17
N ALA JA 393 21.91 79.00 -133.12
CA ALA JA 393 20.81 78.54 -132.28
C ALA JA 393 21.22 77.63 -131.13
N ASN JA 394 22.50 77.24 -131.00
CA ASN JA 394 22.89 76.21 -130.06
C ASN JA 394 24.04 76.68 -129.18
N SER JA 395 24.00 76.24 -127.91
CA SER JA 395 25.03 76.55 -126.93
C SER JA 395 25.37 75.29 -126.13
N GLY JA 396 26.51 75.36 -125.43
CA GLY JA 396 27.05 74.20 -124.73
C GLY JA 396 28.13 74.52 -123.71
N THR JA 397 29.21 73.73 -123.70
CA THR JA 397 30.34 73.94 -122.79
C THR JA 397 31.64 73.91 -123.59
N PHE JA 398 32.52 74.87 -123.33
CA PHE JA 398 33.87 74.91 -123.92
C PHE JA 398 34.90 74.82 -122.80
N VAL JA 399 35.72 73.76 -122.85
CA VAL JA 399 36.90 73.63 -121.99
C VAL JA 399 37.97 74.53 -122.59
N MET JA 400 38.20 75.70 -122.00
CA MET JA 400 39.03 76.70 -122.65
C MET JA 400 40.51 76.44 -122.39
N ASP JA 401 41.36 76.98 -123.29
CA ASP JA 401 42.80 76.80 -123.23
C ASP JA 401 43.42 77.28 -121.93
N ASP JA 402 42.73 78.12 -121.16
CA ASP JA 402 43.19 78.53 -119.84
C ASP JA 402 42.77 77.56 -118.73
N GLY JA 403 42.22 76.40 -119.09
CA GLY JA 403 41.83 75.38 -118.14
C GLY JA 403 40.42 75.50 -117.60
N ARG JA 404 39.77 76.65 -117.75
CA ARG JA 404 38.47 76.84 -117.11
C ARG JA 404 37.40 76.18 -117.97
N LYS JA 405 36.36 75.70 -117.29
CA LYS JA 405 35.24 75.01 -117.92
C LYS JA 405 34.06 75.97 -117.93
N ASN JA 406 33.94 76.76 -119.00
CA ASN JA 406 32.95 77.82 -119.07
C ASN JA 406 31.66 77.34 -119.71
N HIS JA 407 30.54 77.75 -119.12
CA HIS JA 407 29.25 77.65 -119.79
C HIS JA 407 29.17 78.71 -120.88
N VAL JA 408 28.69 78.33 -122.05
CA VAL JA 408 28.97 79.06 -123.28
C VAL JA 408 27.74 79.88 -123.66
N PRO JA 409 27.86 81.21 -123.77
CA PRO JA 409 26.84 81.95 -124.53
C PRO JA 409 27.04 81.75 -126.02
N ALA JA 410 25.92 81.66 -126.73
CA ALA JA 410 25.93 81.39 -128.17
C ALA JA 410 26.74 82.41 -128.97
N TYR JA 411 27.02 83.59 -128.40
CA TYR JA 411 27.93 84.53 -129.05
C TYR JA 411 29.35 83.98 -129.12
N MET JA 412 29.74 83.14 -128.16
CA MET JA 412 31.04 82.51 -128.24
C MET JA 412 31.06 81.37 -129.26
N VAL JA 413 29.90 80.77 -129.51
CA VAL JA 413 29.79 79.78 -130.58
C VAL JA 413 29.89 80.46 -131.94
N ALA JA 414 29.27 81.63 -132.07
CA ALA JA 414 29.35 82.40 -133.30
C ALA JA 414 30.76 82.88 -133.57
N VAL JA 415 31.49 83.28 -132.52
CA VAL JA 415 32.92 83.56 -132.66
C VAL JA 415 33.63 82.33 -133.21
N ALA JA 416 33.49 81.19 -132.52
CA ALA JA 416 34.21 79.99 -132.90
C ALA JA 416 33.85 79.54 -134.30
N LEU JA 417 32.58 79.74 -134.69
CA LEU JA 417 32.19 79.43 -136.05
C LEU JA 417 32.82 80.41 -137.04
N GLY JA 418 32.84 81.70 -136.71
CA GLY JA 418 33.53 82.68 -137.55
C GLY JA 418 35.00 82.35 -137.75
N GLY JA 419 35.70 82.07 -136.66
CA GLY JA 419 37.10 81.67 -136.75
C GLY JA 419 37.31 80.45 -137.62
N LEU JA 420 36.43 79.45 -137.47
CA LEU JA 420 36.51 78.26 -138.31
C LEU JA 420 36.34 78.62 -139.78
N ALA JA 421 35.39 79.53 -140.07
CA ALA JA 421 35.11 79.87 -141.46
C ALA JA 421 36.24 80.66 -142.08
N SER JA 422 36.94 81.50 -141.30
CA SER JA 422 38.11 82.18 -141.81
C SER JA 422 39.28 81.22 -141.98
N GLY JA 423 39.41 80.25 -141.08
CA GLY JA 423 40.50 79.29 -141.19
C GLY JA 423 40.39 78.41 -142.43
N LEU JA 424 39.17 77.99 -142.77
CA LEU JA 424 38.97 77.16 -143.94
C LEU JA 424 39.28 77.96 -145.21
N GLU JA 425 39.75 77.25 -146.23
CA GLU JA 425 40.19 77.90 -147.45
C GLU JA 425 39.03 78.61 -148.14
N ILE JA 426 39.38 79.45 -149.11
CA ILE JA 426 38.36 80.16 -149.89
C ILE JA 426 37.52 79.13 -150.64
N GLY JA 427 36.21 79.24 -150.49
CA GLY JA 427 35.19 78.41 -151.09
C GLY JA 427 34.96 77.09 -150.38
N GLU JA 428 35.62 76.83 -149.27
CA GLU JA 428 35.38 75.63 -148.48
C GLU JA 428 34.19 75.82 -147.52
N SER JA 429 33.19 74.92 -147.57
CA SER JA 429 32.04 75.02 -146.66
C SER JA 429 32.39 74.61 -145.23
N ILE JA 430 31.90 75.39 -144.27
CA ILE JA 430 31.91 75.03 -142.86
C ILE JA 430 31.10 73.77 -142.55
N THR JA 431 30.31 73.26 -143.49
CA THR JA 431 29.43 72.10 -143.31
C THR JA 431 30.17 70.89 -142.76
N PHE JA 432 29.56 70.26 -141.76
CA PHE JA 432 30.01 69.03 -141.10
C PHE JA 432 31.41 69.08 -140.45
N LYS JA 433 32.09 70.23 -140.47
CA LYS JA 433 33.38 70.39 -139.81
C LYS JA 433 33.22 70.38 -138.28
N PRO JA 434 34.22 69.90 -137.51
CA PRO JA 434 34.17 69.94 -136.04
C PRO JA 434 34.37 71.35 -135.51
N LEU JA 435 33.75 71.61 -134.34
CA LEU JA 435 33.88 72.87 -133.63
C LEU JA 435 34.50 72.74 -132.25
N ARG JA 436 34.75 71.51 -131.77
CA ARG JA 436 35.48 71.25 -130.53
C ARG JA 436 34.70 71.71 -129.29
N VAL JA 437 33.37 71.68 -129.34
CA VAL JA 437 32.57 71.93 -128.15
C VAL JA 437 32.61 70.69 -127.27
N SER JA 438 32.69 70.92 -125.95
CA SER JA 438 32.89 69.81 -125.01
C SER JA 438 31.59 69.05 -124.77
N SER JA 439 30.53 69.76 -124.41
CA SER JA 439 29.20 69.19 -124.27
C SER JA 439 28.21 70.21 -124.82
N LEU JA 440 27.02 69.73 -125.17
CA LEU JA 440 26.05 70.53 -125.91
C LEU JA 440 24.68 70.42 -125.29
N ASP JA 441 23.96 71.54 -125.34
CA ASP JA 441 22.68 71.80 -124.66
C ASP JA 441 21.63 72.04 -125.73
N GLN JA 442 21.17 70.96 -126.37
CA GLN JA 442 20.25 71.05 -127.50
C GLN JA 442 19.02 70.21 -127.24
N ILE JA 443 17.90 70.66 -127.80
CA ILE JA 443 16.62 69.98 -127.68
C ILE JA 443 15.95 70.00 -129.05
N TYR JA 444 16.66 69.50 -130.06
CA TYR JA 444 16.19 69.47 -131.45
C TYR JA 444 16.59 68.14 -132.05
N GLU JA 445 15.61 67.40 -132.57
CA GLU JA 445 15.81 66.08 -133.13
C GLU JA 445 15.99 66.20 -134.64
N SER JA 446 15.87 65.07 -135.35
CA SER JA 446 16.06 65.07 -136.80
C SER JA 446 15.04 65.97 -137.50
N ILE JA 447 13.75 65.78 -137.19
CA ILE JA 447 12.72 66.60 -137.84
C ILE JA 447 12.84 68.07 -137.43
N ASP JA 448 13.04 68.36 -136.14
CA ASP JA 448 13.09 69.75 -135.70
C ASP JA 448 14.28 70.51 -136.26
N LEU JA 449 15.40 69.82 -136.48
CA LEU JA 449 16.54 70.49 -137.11
C LEU JA 449 16.20 70.94 -138.52
N ASP JA 450 15.44 70.12 -139.24
CA ASP JA 450 14.99 70.47 -140.59
C ASP JA 450 14.14 71.73 -140.63
N GLU JA 451 13.42 72.06 -139.54
CA GLU JA 451 12.68 73.32 -139.52
C GLU JA 451 13.61 74.51 -139.30
N LEU JA 452 14.73 74.29 -138.60
CA LEU JA 452 15.72 75.34 -138.46
C LEU JA 452 16.53 75.50 -139.74
N ASN JA 453 16.77 74.38 -140.44
CA ASN JA 453 17.36 74.45 -141.77
C ASN JA 453 16.42 75.15 -142.74
N GLU JA 454 15.12 74.89 -142.64
CA GLU JA 454 14.15 75.61 -143.48
C GLU JA 454 14.17 77.10 -143.18
N ASN JA 455 14.30 77.46 -141.90
CA ASN JA 455 14.26 78.86 -141.49
C ASN JA 455 15.60 79.56 -141.63
N GLY JA 456 16.65 78.85 -142.04
CA GLY JA 456 17.92 79.47 -142.31
C GLY JA 456 18.75 79.71 -141.08
N ILE JA 457 18.55 78.93 -140.02
CA ILE JA 457 19.18 79.14 -138.72
C ILE JA 457 20.18 78.01 -138.53
N ILE JA 458 21.47 78.36 -138.54
CA ILE JA 458 22.54 77.40 -138.32
C ILE JA 458 22.36 76.70 -136.99
N SER JA 459 22.67 75.41 -136.95
CA SER JA 459 22.55 74.63 -135.72
C SER JA 459 23.62 73.54 -135.75
N ILE JA 460 23.83 72.91 -134.60
CA ILE JA 460 24.87 71.91 -134.40
C ILE JA 460 24.21 70.59 -134.03
N GLU JA 461 24.73 69.47 -134.55
CA GLU JA 461 24.21 68.15 -134.23
C GLU JA 461 25.33 67.29 -133.67
N PHE JA 462 25.08 66.71 -132.50
CA PHE JA 462 25.98 65.68 -131.98
C PHE JA 462 25.77 64.39 -132.77
N VAL JA 463 26.88 63.81 -133.23
CA VAL JA 463 26.88 62.58 -134.02
C VAL JA 463 27.53 61.50 -133.19
N ARG JA 464 26.75 60.47 -132.85
CA ARG JA 464 27.28 59.30 -132.16
C ARG JA 464 27.62 58.26 -133.20
N ASN JA 465 28.91 58.13 -133.49
CA ASN JA 465 29.41 56.96 -134.19
C ASN JA 465 29.31 55.75 -133.25
N ARG JA 466 29.80 54.59 -133.68
CA ARG JA 466 29.49 53.32 -133.00
C ARG JA 466 29.84 53.37 -131.52
N THR JA 467 30.99 53.97 -131.17
CA THR JA 467 31.29 54.28 -129.78
C THR JA 467 32.13 55.57 -129.71
N ASN JA 468 31.82 56.53 -130.57
CA ASN JA 468 32.48 57.84 -130.56
C ASN JA 468 31.41 58.90 -130.77
N THR JA 469 31.52 59.99 -130.01
CA THR JA 469 30.62 61.14 -130.10
C THR JA 469 31.41 62.40 -130.41
N PHE JA 470 31.00 63.12 -131.44
CA PHE JA 470 31.56 64.42 -131.71
C PHE JA 470 30.48 65.34 -132.23
N PHE JA 471 30.79 66.62 -132.27
CA PHE JA 471 29.82 67.66 -132.57
C PHE JA 471 30.19 68.32 -133.88
N ARG JA 472 29.26 68.31 -134.84
CA ARG JA 472 29.49 68.92 -136.14
C ARG JA 472 28.25 69.71 -136.54
N ILE JA 473 28.51 70.78 -137.27
CA ILE JA 473 27.48 71.72 -137.73
C ILE JA 473 26.72 71.09 -138.90
N VAL JA 474 25.42 71.36 -138.99
CA VAL JA 474 24.59 70.64 -139.95
C VAL JA 474 24.75 71.21 -141.37
N ASP JA 475 24.77 72.53 -141.51
CA ASP JA 475 24.77 73.12 -142.85
C ASP JA 475 25.11 74.61 -142.74
N ASP JA 476 25.65 75.17 -143.84
CA ASP JA 476 26.09 76.57 -143.90
C ASP JA 476 25.00 77.53 -144.34
N VAL JA 477 23.73 77.18 -144.16
CA VAL JA 477 22.65 78.02 -144.67
C VAL JA 477 22.66 79.36 -143.94
N THR JA 478 22.30 80.41 -144.67
CA THR JA 478 22.32 81.78 -144.18
C THR JA 478 20.91 82.17 -143.75
N THR JA 479 20.77 83.41 -143.24
CA THR JA 479 19.47 83.87 -142.77
C THR JA 479 18.54 84.22 -143.92
N PHE JA 480 19.06 84.43 -145.13
CA PHE JA 480 18.19 84.61 -146.29
C PHE JA 480 17.39 83.32 -146.51
N ASN JA 481 16.12 83.35 -146.14
CA ASN JA 481 15.34 82.12 -146.07
C ASN JA 481 15.14 81.48 -147.45
N ASP JA 482 14.88 82.28 -148.48
CA ASP JA 482 14.44 81.73 -149.75
C ASP JA 482 15.56 80.92 -150.39
N LYS JA 483 15.26 79.66 -150.71
CA LYS JA 483 16.21 78.72 -151.28
C LYS JA 483 16.49 78.99 -152.76
N SER JA 484 15.70 79.83 -153.43
CA SER JA 484 15.83 79.90 -154.88
C SER JA 484 17.05 80.67 -155.36
N ASP JA 485 17.81 81.29 -154.46
CA ASP JA 485 19.08 81.94 -154.80
C ASP JA 485 20.15 81.25 -153.97
N PRO JA 486 20.98 80.37 -154.56
CA PRO JA 486 21.98 79.67 -153.75
C PRO JA 486 23.14 80.55 -153.33
N VAL JA 487 23.44 81.59 -154.10
CA VAL JA 487 24.56 82.46 -153.76
C VAL JA 487 24.25 83.22 -152.47
N LYS JA 488 22.96 83.49 -152.20
CA LYS JA 488 22.55 84.07 -150.92
C LYS JA 488 22.37 83.01 -149.86
N ALA JA 489 21.77 81.86 -150.22
CA ALA JA 489 21.35 80.90 -149.21
C ALA JA 489 22.54 80.28 -148.50
N GLU JA 490 23.63 80.04 -149.20
CA GLU JA 490 24.71 79.19 -148.74
C GLU JA 490 26.00 80.00 -148.62
N MET JA 491 26.65 79.89 -147.45
CA MET JA 491 27.72 80.81 -147.08
C MET JA 491 28.92 80.70 -148.03
N ALA JA 492 29.39 79.47 -148.27
CA ALA JA 492 30.63 79.31 -149.04
C ALA JA 492 30.38 79.55 -150.52
N VAL JA 493 29.18 79.26 -151.03
CA VAL JA 493 28.84 79.62 -152.40
C VAL JA 493 28.93 81.14 -152.59
N GLY JA 494 28.46 81.91 -151.60
CA GLY JA 494 28.55 83.35 -151.75
C GLY JA 494 29.96 83.88 -151.57
N GLU JA 495 30.76 83.22 -150.73
CA GLU JA 495 32.12 83.66 -150.46
C GLU JA 495 32.97 83.50 -151.71
N ALA JA 496 32.78 82.40 -152.44
CA ALA JA 496 33.53 82.26 -153.69
C ALA JA 496 33.11 83.31 -154.71
N ASN JA 497 31.82 83.66 -154.75
CA ASN JA 497 31.37 84.68 -155.69
C ASN JA 497 31.98 86.04 -155.37
N ASP JA 498 32.04 86.41 -154.08
CA ASP JA 498 32.60 87.70 -153.70
C ASP JA 498 34.06 87.81 -154.09
N PHE JA 499 34.82 86.74 -153.87
CA PHE JA 499 36.23 86.74 -154.27
C PHE JA 499 36.36 86.85 -155.79
N LEU JA 500 35.60 86.01 -156.52
CA LEU JA 500 35.65 86.02 -157.98
C LEU JA 500 35.35 87.40 -158.55
N VAL JA 501 34.37 88.12 -157.98
CA VAL JA 501 34.00 89.42 -158.52
C VAL JA 501 35.05 90.47 -158.21
N SER JA 502 35.55 90.49 -156.96
CA SER JA 502 36.62 91.41 -156.59
C SER JA 502 37.84 91.27 -157.50
N GLU JA 503 38.29 90.05 -157.73
CA GLU JA 503 39.50 89.86 -158.51
C GLU JA 503 39.27 90.15 -159.99
N LEU JA 504 38.05 89.90 -160.50
CA LEU JA 504 37.74 90.35 -161.86
C LEU JA 504 37.82 91.87 -161.96
N LYS JA 505 37.29 92.58 -160.96
CA LYS JA 505 37.41 94.04 -160.95
C LYS JA 505 38.87 94.48 -160.83
N VAL JA 506 39.65 93.82 -159.96
CA VAL JA 506 41.05 94.16 -159.77
C VAL JA 506 41.84 94.11 -161.07
N GLN JA 507 41.51 93.17 -161.97
CA GLN JA 507 42.21 93.12 -163.25
C GLN JA 507 41.64 94.12 -164.26
N LEU JA 508 40.31 94.28 -164.30
CA LEU JA 508 39.71 95.29 -165.17
C LEU JA 508 40.18 96.69 -164.81
N GLU JA 509 40.50 96.94 -163.54
CA GLU JA 509 41.03 98.24 -163.13
C GLU JA 509 42.29 98.62 -163.90
N ASP JA 510 43.07 97.65 -164.40
CA ASP JA 510 44.16 97.92 -165.32
C ASP JA 510 43.71 97.89 -166.78
N GLN JA 511 43.07 96.78 -167.18
CA GLN JA 511 42.94 96.43 -168.59
C GLN JA 511 42.15 97.49 -169.37
N PHE JA 512 40.96 97.87 -168.89
CA PHE JA 512 40.08 98.78 -169.61
C PHE JA 512 39.69 100.03 -168.83
N ILE JA 513 39.78 100.02 -167.50
CA ILE JA 513 39.53 101.23 -166.71
C ILE JA 513 40.65 102.26 -166.90
N GLY JA 514 41.79 101.85 -167.45
CA GLY JA 514 42.78 102.81 -167.90
C GLY JA 514 42.34 103.64 -169.10
N THR JA 515 41.28 103.22 -169.80
CA THR JA 515 40.72 103.83 -171.00
C THR JA 515 41.76 104.43 -171.94
N ARG JA 516 42.82 103.66 -172.25
CA ARG JA 516 43.99 104.22 -172.90
C ARG JA 516 43.75 104.60 -174.37
N THR JA 517 42.78 104.00 -175.06
CA THR JA 517 42.47 104.39 -176.43
C THR JA 517 41.05 104.01 -176.78
N ILE JA 518 40.51 104.72 -177.78
CA ILE JA 518 39.21 104.40 -178.39
C ILE JA 518 39.34 103.21 -179.34
N ASN JA 519 40.52 102.58 -179.40
CA ASN JA 519 40.71 101.38 -180.21
C ASN JA 519 40.29 100.11 -179.47
N THR JA 520 39.75 100.22 -178.25
CA THR JA 520 39.35 99.06 -177.44
C THR JA 520 38.01 98.53 -177.93
N SER JA 521 38.08 97.73 -179.00
CA SER JA 521 36.89 97.08 -179.56
C SER JA 521 36.22 96.19 -178.52
N ALA JA 522 34.91 96.01 -178.65
CA ALA JA 522 34.22 95.07 -177.78
C ALA JA 522 34.70 93.64 -177.99
N SER JA 523 35.31 93.35 -179.15
CA SER JA 523 35.79 92.01 -179.42
C SER JA 523 37.00 91.66 -178.55
N ILE JA 524 37.79 92.66 -178.14
CA ILE JA 524 38.86 92.41 -177.18
C ILE JA 524 38.31 92.34 -175.75
N ILE JA 525 37.21 93.02 -175.45
CA ILE JA 525 36.58 92.87 -174.14
C ILE JA 525 36.11 91.42 -173.97
N LYS JA 526 35.45 90.87 -174.99
CA LYS JA 526 35.00 89.49 -174.93
C LYS JA 526 36.16 88.53 -174.72
N ASP JA 527 37.26 88.75 -175.44
CA ASP JA 527 38.44 87.91 -175.29
C ASP JA 527 39.00 87.96 -173.87
N PHE JA 528 39.25 89.18 -173.36
CA PHE JA 528 39.84 89.32 -172.04
C PHE JA 528 39.01 88.61 -170.98
N ILE JA 529 37.68 88.71 -171.07
CA ILE JA 529 36.81 87.97 -170.17
C ILE JA 529 37.09 86.48 -170.27
N GLN JA 530 37.22 85.96 -171.48
CA GLN JA 530 37.45 84.53 -171.63
C GLN JA 530 38.84 84.16 -171.14
N SER JA 531 39.79 85.09 -171.27
CA SER JA 531 41.14 84.87 -170.71
C SER JA 531 41.08 84.75 -169.20
N TYR JA 532 40.33 85.63 -168.53
CA TYR JA 532 40.09 85.50 -167.10
C TYR JA 532 39.40 84.18 -166.78
N LEU JA 533 38.31 83.87 -167.49
CA LEU JA 533 37.59 82.63 -167.25
C LEU JA 533 38.48 81.40 -167.44
N GLY JA 534 39.30 81.41 -168.51
CA GLY JA 534 40.20 80.29 -168.73
C GLY JA 534 41.15 80.04 -167.58
N ARG JA 535 41.67 81.10 -166.97
CA ARG JA 535 42.57 80.92 -165.85
C ARG JA 535 41.83 80.38 -164.62
N LYS JA 536 40.64 80.91 -164.33
CA LYS JA 536 39.84 80.38 -163.23
C LYS JA 536 39.38 78.95 -163.50
N LYS JA 537 39.19 78.58 -164.77
CA LYS JA 537 38.83 77.20 -165.11
C LYS JA 537 40.01 76.25 -164.97
N ARG JA 538 41.24 76.75 -165.12
CA ARG JA 538 42.40 75.88 -165.24
C ARG JA 538 42.81 75.34 -163.86
N ASP JA 539 42.67 76.16 -162.83
CA ASP JA 539 42.98 75.80 -161.44
C ASP JA 539 41.71 75.63 -160.59
N ASN JA 540 40.70 74.98 -161.16
CA ASN JA 540 39.51 74.49 -160.47
C ASN JA 540 38.75 75.58 -159.68
N GLU JA 541 38.91 76.87 -160.00
CA GLU JA 541 38.15 77.89 -159.29
C GLU JA 541 36.71 78.02 -159.80
N ILE JA 542 36.44 77.62 -161.06
CA ILE JA 542 35.09 77.50 -161.59
C ILE JA 542 34.97 76.12 -162.22
N GLN JA 543 33.74 75.59 -162.35
CA GLN JA 543 33.66 74.28 -162.96
C GLN JA 543 33.74 74.36 -164.48
N ASP JA 544 33.09 75.35 -165.08
CA ASP JA 544 33.13 75.53 -166.52
C ASP JA 544 32.58 76.91 -166.85
N PHE JA 545 32.80 77.34 -168.09
CA PHE JA 545 32.19 78.53 -168.65
C PHE JA 545 31.62 78.24 -170.04
N PRO JA 546 30.49 78.87 -170.41
CA PRO JA 546 29.91 78.61 -171.73
C PRO JA 546 30.77 79.20 -172.85
N ALA JA 547 31.41 78.32 -173.62
CA ALA JA 547 32.56 78.65 -174.46
C ALA JA 547 32.30 79.74 -175.50
N GLU JA 548 31.04 80.09 -175.80
CA GLU JA 548 30.73 81.17 -176.73
C GLU JA 548 29.92 82.31 -176.13
N ASP JA 549 29.31 82.11 -174.97
CA ASP JA 549 28.25 83.00 -174.50
C ASP JA 549 28.80 84.09 -173.57
N VAL JA 550 29.62 84.96 -174.15
CA VAL JA 550 30.01 86.24 -173.56
C VAL JA 550 29.56 87.33 -174.52
N GLN JA 551 28.93 88.38 -174.00
CA GLN JA 551 28.44 89.47 -174.83
C GLN JA 551 28.65 90.82 -174.17
N VAL JA 552 28.86 91.84 -175.02
CA VAL JA 552 29.44 93.13 -174.63
C VAL JA 552 28.63 94.23 -175.31
N ILE JA 553 28.45 95.36 -174.63
CA ILE JA 553 27.87 96.58 -175.20
C ILE JA 553 28.86 97.70 -174.92
N VAL JA 554 29.38 98.32 -175.99
CA VAL JA 554 30.40 99.38 -175.91
C VAL JA 554 29.85 100.68 -176.47
N GLU JA 555 30.21 101.79 -175.83
CA GLU JA 555 29.91 103.13 -176.34
C GLU JA 555 31.01 104.16 -176.10
N GLY JA 556 32.08 103.84 -175.39
CA GLY JA 556 33.17 104.78 -175.14
C GLY JA 556 34.03 104.33 -173.98
N ASN JA 557 34.27 105.22 -173.00
CA ASN JA 557 34.76 104.75 -171.71
C ASN JA 557 33.79 103.75 -171.09
N GLU JA 558 32.51 103.94 -171.35
CA GLU JA 558 31.47 103.05 -170.84
C GLU JA 558 31.44 101.77 -171.68
N ALA JA 559 31.41 100.64 -170.99
CA ALA JA 559 31.26 99.33 -171.65
C ALA JA 559 30.55 98.42 -170.67
N ARG JA 560 29.40 97.88 -171.08
CA ARG JA 560 28.58 97.02 -170.23
C ARG JA 560 28.88 95.55 -170.54
N ILE JA 561 29.12 94.77 -169.49
CA ILE JA 561 29.57 93.39 -169.59
C ILE JA 561 28.63 92.51 -168.79
N SER JA 562 28.20 91.40 -169.39
CA SER JA 562 27.49 90.31 -168.72
C SER JA 562 28.20 89.00 -168.97
N MET JA 563 28.09 88.08 -168.02
CA MET JA 563 28.70 86.76 -168.13
C MET JA 563 27.94 85.76 -167.25
N THR JA 564 27.86 84.52 -167.73
CA THR JA 564 27.30 83.39 -166.98
C THR JA 564 28.39 82.34 -166.83
N VAL JA 565 28.55 81.81 -165.61
CA VAL JA 565 29.66 80.92 -165.27
C VAL JA 565 29.13 79.82 -164.37
N TYR JA 566 29.64 78.60 -164.57
CA TYR JA 566 29.14 77.43 -163.85
C TYR JA 566 29.96 77.19 -162.57
N PRO JA 567 29.35 77.31 -161.37
CA PRO JA 567 30.15 77.16 -160.15
C PRO JA 567 30.48 75.71 -159.84
N ILE JA 568 31.32 75.51 -158.83
CA ILE JA 568 31.51 74.22 -158.16
C ILE JA 568 30.29 73.93 -157.26
N ARG JA 569 29.16 73.53 -157.86
CA ARG JA 569 27.96 73.14 -157.09
C ARG JA 569 28.30 71.94 -156.22
N SER JA 570 27.92 71.98 -154.95
CA SER JA 570 28.33 70.98 -153.95
C SER JA 570 27.21 70.01 -153.62
N PHE JA 571 27.56 68.72 -153.58
CA PHE JA 571 26.62 67.64 -153.34
C PHE JA 571 26.12 67.60 -151.88
N LYS JA 572 24.84 67.30 -151.60
CA LYS JA 572 24.27 67.53 -150.24
C LYS JA 572 23.19 66.55 -149.73
N LYS JA 573 22.83 65.45 -150.41
CA LYS JA 573 21.73 64.57 -149.97
C LYS JA 573 21.83 63.13 -150.50
N ILE JA 574 21.72 62.10 -149.64
CA ILE JA 574 21.75 60.67 -150.06
C ILE JA 574 20.60 59.89 -149.44
N SER JA 575 20.12 58.85 -150.13
CA SER JA 575 19.19 57.89 -149.56
C SER JA 575 19.56 56.48 -150.03
N VAL JA 576 19.61 55.53 -149.08
CA VAL JA 576 19.98 54.15 -149.36
C VAL JA 576 18.76 53.26 -149.19
N SER JA 577 18.59 52.32 -150.13
CA SER JA 577 17.63 51.21 -149.98
C SER JA 577 18.41 49.90 -149.85
N LEU JA 578 18.57 49.42 -148.62
CA LEU JA 578 19.25 48.17 -148.34
C LEU JA 578 18.31 46.98 -148.52
N VAL JA 579 18.84 45.86 -149.00
CA VAL JA 579 18.04 44.67 -149.21
C VAL JA 579 18.81 43.44 -148.72
N TYR JA 580 18.07 42.44 -148.21
CA TYR JA 580 18.65 41.22 -147.69
C TYR JA 580 18.00 40.01 -148.37
N LYS JA 581 18.76 38.93 -148.53
CA LYS JA 581 18.20 37.68 -149.04
C LYS JA 581 18.91 36.49 -148.41
N GLN JA 582 18.29 35.33 -148.53
CA GLN JA 582 18.73 34.12 -147.83
C GLN JA 582 18.84 34.38 -146.33
N ALA KA 2 39.99 97.82 -204.82
CA ALA KA 2 39.62 99.14 -204.22
C ALA KA 2 39.78 99.10 -202.68
N SER KA 3 38.74 99.45 -201.91
CA SER KA 3 38.85 99.50 -200.46
C SER KA 3 39.30 98.17 -199.86
N GLU KA 4 40.10 98.25 -198.79
CA GLU KA 4 40.68 97.07 -198.17
C GLU KA 4 39.64 96.20 -197.47
N ALA KA 5 38.45 96.72 -197.19
CA ALA KA 5 37.41 95.97 -196.49
C ALA KA 5 36.62 95.05 -197.40
N LYS KA 6 36.77 95.19 -198.71
CA LYS KA 6 35.93 94.49 -199.68
C LYS KA 6 36.55 93.19 -200.20
N GLN KA 7 37.88 93.07 -200.14
CA GLN KA 7 38.53 91.81 -200.49
C GLN KA 7 38.16 90.72 -199.48
N THR KA 8 38.23 89.48 -199.93
CA THR KA 8 37.87 88.31 -199.13
C THR KA 8 39.08 87.64 -198.48
N VAL KA 9 40.26 88.27 -198.49
CA VAL KA 9 41.51 87.64 -198.05
C VAL KA 9 42.31 88.64 -197.23
N HIS KA 10 43.04 88.13 -196.23
CA HIS KA 10 43.90 88.98 -195.41
C HIS KA 10 45.29 89.14 -196.05
N THR KA 11 45.90 90.30 -195.77
CA THR KA 11 47.26 90.66 -196.14
C THR KA 11 47.87 91.46 -194.99
N GLY KA 12 49.20 91.57 -195.01
CA GLY KA 12 49.94 92.20 -193.93
C GLY KA 12 49.48 93.60 -193.56
N ASN KA 13 49.20 94.45 -194.54
CA ASN KA 13 48.84 95.82 -194.19
C ASN KA 13 47.39 95.99 -193.72
N THR KA 14 46.49 95.02 -193.95
CA THR KA 14 45.15 95.09 -193.38
C THR KA 14 45.05 94.43 -191.99
N VAL KA 15 46.17 94.15 -191.32
CA VAL KA 15 46.17 93.53 -189.99
C VAL KA 15 47.07 94.32 -189.05
N LEU KA 16 46.64 94.38 -187.78
CA LEU KA 16 47.24 95.14 -186.68
C LEU KA 16 47.57 94.16 -185.56
N LEU KA 17 48.84 94.15 -185.14
CA LEU KA 17 49.28 93.37 -184.00
C LEU KA 17 48.94 94.11 -182.71
N MET KA 18 48.25 93.43 -181.78
CA MET KA 18 47.81 94.04 -180.53
C MET KA 18 48.22 93.18 -179.34
N ILE KA 19 48.35 93.85 -178.18
CA ILE KA 19 48.88 93.25 -176.96
C ILE KA 19 48.13 93.93 -175.81
N LYS KA 20 48.25 93.40 -174.58
CA LYS KA 20 47.38 93.79 -173.45
C LYS KA 20 47.25 95.29 -173.29
N GLY KA 21 46.03 95.79 -173.55
CA GLY KA 21 45.72 97.20 -173.46
C GLY KA 21 46.45 98.10 -174.44
N LYS KA 22 47.06 97.54 -175.49
CA LYS KA 22 48.03 98.28 -176.30
C LYS KA 22 48.12 97.84 -177.77
N PRO KA 23 48.06 98.78 -178.74
CA PRO KA 23 48.48 98.41 -180.11
C PRO KA 23 50.00 98.44 -180.26
N VAL KA 24 50.55 97.44 -180.96
CA VAL KA 24 52.01 97.33 -181.11
C VAL KA 24 52.47 98.22 -182.27
N GLY KA 25 52.12 97.84 -183.50
CA GLY KA 25 52.53 98.58 -184.68
C GLY KA 25 54.00 98.49 -185.11
N ARG KA 26 54.22 98.74 -186.41
CA ARG KA 26 55.54 98.65 -187.07
C ARG KA 26 56.23 97.32 -186.81
N ALA KA 27 55.42 96.25 -186.72
CA ALA KA 27 55.91 94.89 -186.74
C ALA KA 27 56.21 94.44 -188.18
N GLN KA 28 57.30 93.67 -188.35
CA GLN KA 28 57.68 93.19 -189.67
C GLN KA 28 56.93 91.90 -190.02
N SER KA 29 57.03 90.88 -189.17
CA SER KA 29 56.33 89.63 -189.41
C SER KA 29 56.12 88.90 -188.08
N ALA KA 30 55.26 87.87 -188.13
CA ALA KA 30 54.99 87.01 -186.99
C ALA KA 30 54.42 85.71 -187.51
N SER KA 31 54.81 84.60 -186.88
CA SER KA 31 54.34 83.27 -187.29
C SER KA 31 53.93 82.47 -186.06
N GLY KA 32 52.77 81.81 -186.15
CA GLY KA 32 52.25 80.96 -185.10
C GLY KA 32 52.24 79.49 -185.45
N GLN KA 33 53.13 78.72 -184.83
CA GLN KA 33 53.26 77.29 -185.07
C GLN KA 33 52.39 76.54 -184.07
N ARG KA 34 51.71 75.50 -184.55
CA ARG KA 34 50.77 74.72 -183.73
C ARG KA 34 50.80 73.25 -184.16
N GLU KA 35 50.94 72.34 -183.20
CA GLU KA 35 51.00 70.91 -183.46
C GLU KA 35 50.15 70.14 -182.45
N TYR KA 36 49.60 69.01 -182.89
CA TYR KA 36 48.77 68.14 -182.05
C TYR KA 36 49.41 66.79 -181.76
N GLY KA 37 50.71 66.65 -182.00
CA GLY KA 37 51.44 65.39 -181.79
C GLY KA 37 50.72 64.11 -182.17
N THR KA 38 50.05 64.12 -183.33
CA THR KA 38 49.16 63.03 -183.69
C THR KA 38 49.95 61.74 -183.93
N THR KA 39 49.40 60.62 -183.43
CA THR KA 39 50.04 59.30 -183.46
C THR KA 39 49.06 58.29 -184.02
N GLY KA 40 49.58 57.33 -184.79
CA GLY KA 40 48.77 56.32 -185.43
C GLY KA 40 48.84 54.98 -184.71
N VAL KA 41 47.67 54.53 -184.24
CA VAL KA 41 47.55 53.21 -183.64
C VAL KA 41 47.75 52.13 -184.70
N TYR KA 42 48.47 51.06 -184.35
CA TYR KA 42 48.79 49.97 -185.27
C TYR KA 42 48.41 48.61 -184.68
N GLU KA 43 48.06 47.69 -185.57
CA GLU KA 43 47.61 46.35 -185.26
C GLU KA 43 48.49 45.30 -185.93
N ILE KA 44 48.50 44.09 -185.35
CA ILE KA 44 48.95 42.93 -186.11
C ILE KA 44 47.86 42.54 -187.10
N GLY KA 45 48.24 41.79 -188.12
CA GLY KA 45 47.30 41.42 -189.16
C GLY KA 45 46.97 42.51 -190.15
N SER KA 46 47.64 43.65 -190.07
CA SER KA 46 47.33 44.83 -190.87
C SER KA 46 48.58 45.69 -190.96
N ILE KA 47 48.67 46.45 -192.05
CA ILE KA 47 49.71 47.44 -192.23
C ILE KA 47 49.20 48.86 -192.12
N MET KA 48 47.90 49.09 -192.28
CA MET KA 48 47.35 50.43 -192.20
C MET KA 48 47.14 50.82 -190.73
N PRO KA 49 47.25 52.10 -190.37
CA PRO KA 49 46.95 52.48 -189.00
C PRO KA 49 45.46 52.43 -188.71
N GLN KA 50 45.11 51.88 -187.54
CA GLN KA 50 43.71 51.65 -187.24
C GLN KA 50 42.98 52.93 -186.90
N GLU KA 51 43.61 53.84 -186.17
CA GLU KA 51 43.11 55.20 -186.09
C GLU KA 51 44.27 56.12 -185.74
N HIS KA 52 43.98 57.42 -185.69
CA HIS KA 52 44.92 58.46 -185.29
C HIS KA 52 44.41 59.14 -184.04
N VAL KA 53 45.29 59.35 -183.06
CA VAL KA 53 44.93 59.87 -181.76
C VAL KA 53 45.73 61.13 -181.50
N TYR KA 54 45.06 62.16 -180.98
CA TYR KA 54 45.73 63.37 -180.55
C TYR KA 54 46.33 63.15 -179.16
N LEU KA 55 47.56 63.60 -178.97
CA LEU KA 55 48.34 63.27 -177.77
C LEU KA 55 48.84 64.48 -177.00
N ARG KA 56 49.29 65.53 -177.68
CA ARG KA 56 49.86 66.69 -176.97
C ARG KA 56 49.74 67.93 -177.84
N TYR KA 57 49.36 69.04 -177.21
CA TYR KA 57 49.23 70.34 -177.88
C TYR KA 57 50.55 71.07 -177.64
N GLU KA 58 51.34 71.20 -178.70
CA GLU KA 58 52.54 72.03 -178.72
C GLU KA 58 52.31 73.21 -179.65
N GLY KA 59 52.94 74.34 -179.34
CA GLY KA 59 52.78 75.52 -180.17
C GLY KA 59 53.71 76.62 -179.72
N THR KA 60 54.07 77.48 -180.69
CA THR KA 60 54.89 78.65 -180.43
C THR KA 60 54.41 79.81 -181.31
N ILE KA 61 54.66 81.04 -180.86
CA ILE KA 61 54.56 82.25 -181.69
C ILE KA 61 55.94 82.91 -181.72
N THR KA 62 56.40 83.23 -182.92
CA THR KA 62 57.62 84.00 -183.16
C THR KA 62 57.22 85.41 -183.62
N VAL KA 63 57.97 86.43 -183.17
CA VAL KA 63 57.70 87.83 -183.49
C VAL KA 63 59.01 88.46 -183.95
N GLU KA 64 58.91 89.40 -184.89
CA GLU KA 64 60.04 89.96 -185.62
C GLU KA 64 59.77 91.44 -185.88
N ARG KA 65 60.59 92.32 -185.30
CA ARG KA 65 60.36 93.76 -185.30
C ARG KA 65 61.68 94.51 -185.43
N LEU KA 66 61.61 95.71 -186.00
CA LEU KA 66 62.72 96.65 -185.96
C LEU KA 66 62.85 97.16 -184.53
N ARG KA 67 64.07 97.49 -184.11
CA ARG KA 67 64.27 98.07 -182.78
C ARG KA 67 63.81 99.53 -182.79
N MET KA 68 62.75 99.82 -182.06
CA MET KA 68 62.22 101.18 -181.99
C MET KA 68 63.14 102.07 -181.16
N LYS KA 69 63.18 103.35 -181.51
CA LYS KA 69 64.04 104.29 -180.80
C LYS KA 69 63.53 104.54 -179.39
N LYS KA 70 62.21 104.49 -179.19
CA LYS KA 70 61.58 104.83 -177.93
C LYS KA 70 60.54 103.79 -177.54
N GLU KA 71 60.39 103.60 -176.22
CA GLU KA 71 59.47 102.64 -175.60
C GLU KA 71 59.50 101.26 -176.29
N ASN KA 72 60.71 100.74 -176.52
CA ASN KA 72 60.88 99.45 -177.17
C ASN KA 72 60.48 98.31 -176.22
N PHE KA 73 60.48 97.09 -176.79
CA PHE KA 73 60.15 95.87 -176.06
C PHE KA 73 60.91 95.75 -174.73
N ALA KA 74 62.20 96.09 -174.72
CA ALA KA 74 62.98 95.97 -173.49
C ALA KA 74 62.54 97.00 -172.46
N ASP KA 75 62.36 98.26 -172.88
CA ASP KA 75 61.92 99.30 -171.96
C ASP KA 75 60.53 99.00 -171.42
N LEU KA 76 59.64 98.53 -172.28
CA LEU KA 76 58.34 98.04 -171.83
C LEU KA 76 58.49 96.76 -171.00
N GLY KA 77 59.50 95.94 -171.31
CA GLY KA 77 59.74 94.70 -170.62
C GLY KA 77 59.01 93.49 -171.17
N TYR KA 78 58.14 93.66 -172.17
CA TYR KA 78 57.33 92.54 -172.65
C TYR KA 78 58.15 91.44 -173.31
N ALA KA 79 59.38 91.72 -173.70
CA ALA KA 79 60.42 90.70 -173.84
C ALA KA 79 61.66 91.25 -173.16
N SER KA 80 62.24 90.50 -172.22
CA SER KA 80 63.20 91.11 -171.31
C SER KA 80 64.21 90.06 -170.82
N LEU KA 81 65.16 90.52 -170.00
CA LEU KA 81 66.49 89.95 -169.87
C LEU KA 81 66.79 89.55 -168.43
N GLY KA 82 67.69 88.58 -168.26
CA GLY KA 82 68.27 88.17 -166.99
C GLY KA 82 67.25 87.66 -165.98
N GLU KA 83 67.65 87.67 -164.71
CA GLU KA 83 66.78 87.20 -163.63
C GLU KA 83 65.73 88.23 -163.20
N GLU KA 84 65.34 89.13 -164.10
CA GLU KA 84 64.06 89.79 -163.99
C GLU KA 84 62.91 88.94 -164.55
N ILE KA 85 63.21 87.94 -165.39
CA ILE KA 85 62.24 87.00 -165.94
C ILE KA 85 61.43 86.31 -164.85
N LEU KA 86 62.03 86.17 -163.66
CA LEU KA 86 61.35 85.62 -162.50
C LEU KA 86 60.09 86.40 -162.12
N LYS KA 87 59.96 87.66 -162.56
CA LYS KA 87 58.82 88.51 -162.25
C LYS KA 87 58.23 89.15 -163.52
N LYS KA 88 58.11 88.36 -164.60
CA LYS KA 88 57.43 88.77 -165.84
C LYS KA 88 56.24 87.85 -166.07
N ASP KA 89 55.04 88.32 -165.75
CA ASP KA 89 53.81 87.54 -165.84
C ASP KA 89 53.41 87.25 -167.30
N ILE KA 90 52.36 86.44 -167.43
CA ILE KA 90 51.81 86.04 -168.72
C ILE KA 90 51.37 87.26 -169.52
N ILE KA 91 51.48 87.15 -170.84
CA ILE KA 91 51.02 88.15 -171.81
C ILE KA 91 50.02 87.48 -172.74
N ASP KA 92 48.99 88.21 -173.16
CA ASP KA 92 48.08 87.79 -174.20
C ASP KA 92 48.34 88.64 -175.44
N ILE KA 93 48.34 87.99 -176.61
CA ILE KA 93 48.72 88.62 -177.88
C ILE KA 93 47.61 88.33 -178.88
N LEU KA 94 47.18 89.37 -179.59
CA LEU KA 94 46.00 89.34 -180.44
C LEU KA 94 46.31 89.90 -181.83
N VAL KA 95 45.67 89.31 -182.86
CA VAL KA 95 45.84 89.69 -184.25
C VAL KA 95 44.49 90.20 -184.75
N VAL KA 96 44.46 91.47 -185.18
CA VAL KA 96 43.25 92.26 -185.26
C VAL KA 96 43.11 92.91 -186.63
N ASP KA 97 41.86 92.99 -187.13
CA ASP KA 97 41.56 93.67 -188.39
C ASP KA 97 41.86 95.16 -188.31
N ASN KA 98 42.77 95.63 -189.18
CA ASN KA 98 43.31 96.98 -189.07
C ASN KA 98 42.21 98.05 -189.25
N LEU KA 99 41.24 97.82 -190.15
CA LEU KA 99 40.20 98.82 -190.39
C LEU KA 99 39.11 98.81 -189.31
N THR KA 100 38.83 97.66 -188.68
CA THR KA 100 37.69 97.50 -187.77
C THR KA 100 38.07 97.39 -186.30
N LYS KA 101 39.32 97.07 -185.99
CA LYS KA 101 39.83 96.79 -184.65
C LYS KA 101 39.21 95.54 -184.02
N GLN KA 102 38.62 94.64 -184.83
CA GLN KA 102 38.03 93.38 -184.37
C GLN KA 102 39.04 92.23 -184.43
N VAL KA 103 38.87 91.27 -183.51
CA VAL KA 103 39.82 90.17 -183.32
C VAL KA 103 39.68 89.16 -184.47
N ILE KA 104 40.82 88.79 -185.06
CA ILE KA 104 40.90 87.64 -185.98
C ILE KA 104 41.25 86.37 -185.21
N ILE KA 105 42.28 86.41 -184.35
CA ILE KA 105 42.63 85.30 -183.48
C ILE KA 105 43.16 85.88 -182.17
N SER KA 106 43.21 85.03 -181.13
CA SER KA 106 43.86 85.35 -179.88
C SER KA 106 44.79 84.22 -179.45
N TYR KA 107 45.94 84.62 -178.91
CA TYR KA 107 46.85 83.73 -178.20
C TYR KA 107 46.72 84.00 -176.70
N HIS KA 108 46.44 82.94 -175.93
CA HIS KA 108 46.34 83.01 -174.47
C HIS KA 108 47.68 82.59 -173.87
N GLY KA 109 48.15 83.33 -172.86
CA GLY KA 109 49.18 82.82 -171.97
C GLY KA 109 50.59 82.74 -172.50
N CYS KA 110 51.02 83.73 -173.29
CA CYS KA 110 52.37 83.72 -173.85
C CYS KA 110 53.43 84.04 -172.79
N SER KA 111 54.58 83.38 -172.91
CA SER KA 111 55.79 83.74 -172.17
C SER KA 111 57.02 83.33 -172.99
N ALA KA 112 58.13 84.02 -172.75
CA ALA KA 112 59.29 84.02 -173.65
C ALA KA 112 59.93 82.64 -173.81
N ASN KA 113 60.58 82.42 -174.99
CA ASN KA 113 61.39 81.23 -175.26
C ASN KA 113 62.79 81.58 -175.76
N ASN KA 114 62.92 82.61 -176.60
CA ASN KA 114 64.22 83.20 -176.94
C ASN KA 114 63.99 84.65 -177.37
N TYR KA 115 65.08 85.44 -177.33
CA TYR KA 115 64.99 86.88 -177.66
C TYR KA 115 66.36 87.29 -178.18
N ASN KA 116 66.42 87.70 -179.45
CA ASN KA 116 67.66 87.93 -180.19
C ASN KA 116 67.60 89.27 -180.92
N GLU KA 117 68.79 89.83 -181.24
CA GLU KA 117 68.91 91.04 -182.05
C GLU KA 117 70.08 90.92 -183.02
N THR KA 118 70.09 91.81 -184.03
CA THR KA 118 71.16 91.92 -185.02
C THR KA 118 71.46 93.39 -185.31
N TRP KA 119 72.76 93.70 -185.49
CA TRP KA 119 73.27 95.01 -185.88
C TRP KA 119 74.20 94.85 -187.09
N GLN KA 120 74.11 95.77 -188.06
CA GLN KA 120 75.02 95.79 -189.21
C GLN KA 120 75.12 97.20 -189.78
N THR KA 121 76.30 97.52 -190.32
CA THR KA 121 76.70 98.90 -190.64
C THR KA 121 75.63 99.64 -191.45
N ASN KA 122 75.25 99.09 -192.61
CA ASN KA 122 74.35 99.78 -193.53
C ASN KA 122 72.88 99.45 -193.29
N GLU KA 123 72.50 98.95 -192.10
CA GLU KA 123 71.17 98.37 -191.91
C GLU KA 123 70.49 98.81 -190.62
N ILE KA 124 69.19 98.52 -190.58
CA ILE KA 124 68.37 98.68 -189.39
C ILE KA 124 68.77 97.68 -188.32
N VAL KA 125 68.67 98.07 -187.05
CA VAL KA 125 68.74 97.12 -185.95
C VAL KA 125 67.41 96.37 -185.85
N THR KA 126 67.49 95.05 -185.92
CA THR KA 126 66.36 94.13 -185.92
C THR KA 126 66.36 93.23 -184.69
N GLU KA 127 65.14 92.82 -184.27
CA GLU KA 127 64.92 91.98 -183.11
C GLU KA 127 63.99 90.81 -183.44
N GLU KA 128 64.35 89.64 -182.90
CA GLU KA 128 63.56 88.41 -182.95
C GLU KA 128 63.14 88.06 -181.54
N ILE KA 129 61.85 87.79 -181.36
CA ILE KA 129 61.26 87.36 -180.09
C ILE KA 129 60.46 86.09 -180.35
N GLU KA 130 60.39 85.23 -179.35
CA GLU KA 130 59.62 84.00 -179.42
C GLU KA 130 59.00 83.72 -178.07
N PHE KA 131 57.69 83.42 -178.08
CA PHE KA 131 56.93 83.02 -176.89
C PHE KA 131 56.32 81.66 -177.10
N SER KA 132 56.14 80.93 -176.00
CA SER KA 132 55.27 79.75 -175.94
C SER KA 132 54.01 80.10 -175.16
N TYR KA 133 52.90 79.48 -175.57
CA TYR KA 133 51.56 79.90 -175.20
C TYR KA 133 50.73 78.66 -174.88
N LEU KA 134 49.61 78.89 -174.17
CA LEU KA 134 48.78 77.78 -173.71
C LEU KA 134 47.78 77.36 -174.78
N THR KA 135 47.01 78.30 -175.32
CA THR KA 135 46.03 77.97 -176.35
C THR KA 135 45.92 79.11 -177.35
N ALA KA 136 45.83 78.74 -178.63
CA ALA KA 136 45.26 79.63 -179.64
C ALA KA 136 43.73 79.59 -179.56
N SER KA 137 43.10 80.59 -180.18
CA SER KA 137 41.65 80.68 -180.14
C SER KA 137 41.17 81.72 -181.15
N ASP KA 138 39.87 81.64 -181.45
CA ASP KA 138 39.17 82.68 -182.21
C ASP KA 138 37.71 82.65 -181.80
N LYS KA 139 37.08 83.82 -181.77
CA LYS KA 139 35.66 83.93 -181.43
C LYS KA 139 35.08 85.16 -182.12
N ALA KA 140 34.11 84.92 -183.01
CA ALA KA 140 33.38 85.97 -183.71
C ALA KA 140 34.31 86.93 -184.45
N ALA LA 2 63.87 109.67 -192.84
CA ALA LA 2 63.62 110.67 -191.76
C ALA LA 2 64.90 111.46 -191.46
N SER LA 3 64.74 112.63 -190.87
CA SER LA 3 65.90 113.46 -190.57
C SER LA 3 66.79 112.77 -189.54
N GLU LA 4 68.04 113.24 -189.46
CA GLU LA 4 69.09 112.50 -188.74
C GLU LA 4 68.73 112.22 -187.29
N ALA LA 5 68.23 113.23 -186.57
CA ALA LA 5 67.94 113.00 -185.15
C ALA LA 5 66.59 112.37 -184.94
N LYS LA 6 65.72 112.41 -185.95
CA LYS LA 6 64.31 112.06 -185.82
C LYS LA 6 64.01 110.59 -186.09
N GLN LA 7 64.99 109.82 -186.57
CA GLN LA 7 64.75 108.44 -186.98
C GLN LA 7 64.26 107.61 -185.81
N THR LA 8 63.07 107.04 -185.95
CA THR LA 8 62.43 106.28 -184.87
C THR LA 8 62.87 104.81 -184.82
N VAL LA 9 63.94 104.44 -185.52
CA VAL LA 9 64.47 103.08 -185.54
C VAL LA 9 65.98 103.17 -185.53
N HIS LA 10 66.64 102.29 -184.74
CA HIS LA 10 68.09 102.31 -184.64
C HIS LA 10 68.73 101.71 -185.89
N THR LA 11 69.95 102.14 -186.19
CA THR LA 11 70.67 101.69 -187.38
C THR LA 11 72.15 101.57 -187.04
N GLY LA 12 72.89 100.85 -187.90
CA GLY LA 12 74.35 100.77 -187.79
C GLY LA 12 75.08 102.09 -187.96
N ASN LA 13 74.43 103.10 -188.54
CA ASN LA 13 75.02 104.42 -188.64
C ASN LA 13 74.98 105.17 -187.31
N THR LA 14 73.99 104.88 -186.45
CA THR LA 14 73.84 105.56 -185.17
C THR LA 14 74.17 104.70 -183.96
N VAL LA 15 74.82 103.54 -184.15
CA VAL LA 15 75.16 102.65 -183.04
C VAL LA 15 76.61 102.19 -183.21
N LEU LA 16 77.31 102.09 -182.07
CA LEU LA 16 78.70 101.63 -182.05
C LEU LA 16 78.95 100.81 -180.79
N LEU LA 17 79.73 99.74 -180.94
CA LEU LA 17 80.00 98.80 -179.86
C LEU LA 17 81.20 99.28 -179.04
N MET LA 18 81.05 99.32 -177.72
CA MET LA 18 82.10 99.74 -176.79
C MET LA 18 82.41 98.59 -175.83
N ILE LA 19 83.69 98.25 -175.73
CA ILE LA 19 84.17 97.13 -174.91
C ILE LA 19 85.29 97.65 -174.01
N LYS LA 20 85.09 97.54 -172.70
CA LYS LA 20 86.05 97.99 -171.69
C LYS LA 20 86.47 99.45 -171.91
N GLY LA 21 85.50 100.27 -172.34
CA GLY LA 21 85.77 101.68 -172.53
C GLY LA 21 86.49 102.02 -173.83
N LYS LA 22 86.40 101.17 -174.85
CA LYS LA 22 87.05 101.38 -176.13
C LYS LA 22 86.04 101.12 -177.24
N PRO LA 23 85.87 102.01 -178.23
CA PRO LA 23 84.91 101.72 -179.31
C PRO LA 23 85.50 100.75 -180.33
N VAL LA 24 84.70 99.76 -180.72
CA VAL LA 24 85.08 98.76 -181.71
C VAL LA 24 84.79 99.30 -183.11
N GLY LA 25 85.66 100.15 -183.62
CA GLY LA 25 85.43 100.75 -184.92
C GLY LA 25 85.58 99.74 -186.04
N ARG LA 26 84.85 100.02 -187.14
CA ARG LA 26 84.82 99.16 -188.32
C ARG LA 26 84.29 97.77 -187.99
N ALA LA 27 83.32 97.68 -187.07
CA ALA LA 27 82.58 96.45 -186.86
C ALA LA 27 81.75 96.12 -188.10
N GLN LA 28 81.78 94.86 -188.52
CA GLN LA 28 80.95 94.44 -189.64
C GLN LA 28 79.52 94.13 -189.19
N SER LA 29 79.38 93.35 -188.12
CA SER LA 29 78.06 93.00 -187.61
C SER LA 29 78.20 92.55 -186.16
N ALA LA 30 77.05 92.41 -185.50
CA ALA LA 30 76.96 91.74 -184.21
C ALA LA 30 75.56 91.17 -184.04
N SER LA 31 75.47 90.02 -183.38
CA SER LA 31 74.21 89.34 -183.10
C SER LA 31 74.14 88.98 -181.63
N GLY LA 32 73.03 89.34 -180.99
CA GLY LA 32 72.76 88.94 -179.62
C GLY LA 32 71.79 87.78 -179.62
N GLN LA 33 72.09 86.76 -178.81
CA GLN LA 33 71.32 85.52 -178.80
C GLN LA 33 71.09 85.03 -177.38
N ARG LA 34 69.84 84.65 -177.08
CA ARG LA 34 69.43 84.27 -175.74
C ARG LA 34 68.38 83.16 -175.77
N GLU LA 35 68.45 82.25 -174.78
CA GLU LA 35 67.47 81.20 -174.53
C GLU LA 35 67.22 81.08 -173.03
N TYR LA 36 65.95 80.85 -172.66
CA TYR LA 36 65.52 80.76 -171.28
C TYR LA 36 65.27 79.31 -170.83
N GLY LA 37 65.52 78.32 -171.69
CA GLY LA 37 65.26 76.95 -171.33
C GLY LA 37 63.83 76.68 -170.90
N THR LA 38 62.88 77.43 -171.45
CA THR LA 38 61.48 77.30 -171.06
C THR LA 38 60.96 75.89 -171.35
N THR LA 39 60.17 75.37 -170.41
CA THR LA 39 59.60 74.03 -170.49
C THR LA 39 58.16 74.06 -170.01
N GLY LA 40 57.32 73.26 -170.65
CA GLY LA 40 55.91 73.17 -170.30
C GLY LA 40 55.62 72.03 -169.34
N VAL LA 41 54.68 72.27 -168.43
CA VAL LA 41 54.21 71.26 -167.48
C VAL LA 41 52.95 70.63 -168.08
N TYR LA 42 52.99 69.32 -168.28
CA TYR LA 42 51.87 68.54 -168.81
C TYR LA 42 51.33 67.60 -167.73
N GLU LA 43 50.16 67.00 -168.02
CA GLU LA 43 49.45 66.15 -167.08
C GLU LA 43 48.73 65.03 -167.84
N ILE LA 44 48.39 63.96 -167.10
CA ILE LA 44 47.30 63.09 -167.53
C ILE LA 44 46.00 63.82 -167.23
N GLY LA 45 45.05 63.71 -168.14
CA GLY LA 45 43.77 64.39 -168.05
C GLY LA 45 43.63 65.65 -168.87
N SER LA 46 44.68 66.06 -169.59
CA SER LA 46 44.61 67.23 -170.44
C SER LA 46 45.73 67.17 -171.48
N ILE LA 47 45.41 67.61 -172.70
CA ILE LA 47 46.36 67.57 -173.81
C ILE LA 47 47.39 68.69 -173.71
N MET LA 48 46.99 69.88 -173.27
CA MET LA 48 47.84 71.05 -173.34
C MET LA 48 48.75 71.15 -172.13
N PRO LA 49 49.85 71.92 -172.21
CA PRO LA 49 50.59 72.24 -171.00
C PRO LA 49 49.82 73.26 -170.18
N GLN LA 50 49.76 73.04 -168.86
CA GLN LA 50 49.02 73.97 -168.02
C GLN LA 50 49.78 75.29 -167.86
N GLU LA 51 51.06 75.23 -167.48
CA GLU LA 51 51.89 76.41 -167.36
C GLU LA 51 53.31 76.06 -167.81
N HIS LA 52 54.08 77.10 -168.15
CA HIS LA 52 55.47 76.98 -168.56
C HIS LA 52 56.36 77.60 -167.49
N VAL LA 53 57.56 77.04 -167.37
CA VAL LA 53 58.54 77.47 -166.38
C VAL LA 53 59.92 77.56 -167.01
N TYR LA 54 60.74 78.45 -166.45
CA TYR LA 54 62.10 78.69 -166.89
C TYR LA 54 63.05 77.83 -166.06
N LEU LA 55 64.09 77.28 -166.70
CA LEU LA 55 64.98 76.34 -166.04
C LEU LA 55 66.46 76.68 -166.16
N ARG LA 56 66.96 77.05 -167.34
CA ARG LA 56 68.36 77.44 -167.48
C ARG LA 56 68.46 78.59 -168.47
N TYR LA 57 69.12 79.66 -168.05
CA TYR LA 57 69.31 80.81 -168.91
C TYR LA 57 70.59 80.60 -169.72
N GLU LA 58 70.53 80.93 -171.01
CA GLU LA 58 71.68 80.95 -171.91
C GLU LA 58 71.82 82.34 -172.52
N GLY LA 59 73.04 82.88 -172.50
CA GLY LA 59 73.35 84.13 -173.16
C GLY LA 59 74.56 84.03 -174.08
N THR LA 60 74.50 84.66 -175.25
CA THR LA 60 75.55 84.57 -176.26
C THR LA 60 75.53 85.83 -177.11
N ILE LA 61 76.70 86.32 -177.53
CA ILE LA 61 76.80 87.45 -178.45
C ILE LA 61 77.89 87.14 -179.47
N THR LA 62 77.63 87.50 -180.72
CA THR LA 62 78.57 87.35 -181.83
C THR LA 62 79.01 88.72 -182.31
N VAL LA 63 80.27 88.83 -182.76
CA VAL LA 63 80.85 90.09 -183.21
C VAL LA 63 81.77 89.80 -184.40
N GLU LA 64 81.64 90.60 -185.46
CA GLU LA 64 82.47 90.55 -186.66
C GLU LA 64 83.13 91.91 -186.85
N ARG LA 65 84.40 91.90 -187.23
CA ARG LA 65 85.22 93.11 -187.22
C ARG LA 65 86.37 92.92 -188.19
N LEU LA 66 86.61 93.96 -189.00
CA LEU LA 66 87.72 93.92 -189.92
C LEU LA 66 89.04 93.85 -189.16
N ARG LA 67 89.96 93.03 -189.64
CA ARG LA 67 91.20 92.81 -188.90
C ARG LA 67 92.01 94.10 -188.97
N MET LA 68 92.20 94.74 -187.81
CA MET LA 68 92.81 96.06 -187.80
C MET LA 68 94.32 95.88 -187.80
N LYS LA 69 95.04 96.78 -188.48
CA LYS LA 69 96.49 96.68 -188.50
C LYS LA 69 97.06 96.75 -187.09
N LYS LA 70 96.52 97.66 -186.27
CA LYS LA 70 96.79 97.71 -184.84
C LYS LA 70 95.46 97.79 -184.11
N GLU LA 71 95.50 97.71 -182.77
CA GLU LA 71 94.31 97.80 -181.93
C GLU LA 71 93.21 96.80 -182.34
N ASN LA 72 93.62 95.66 -182.88
CA ASN LA 72 92.68 94.54 -183.03
C ASN LA 72 92.43 93.94 -181.65
N PHE LA 73 91.53 92.94 -181.58
CA PHE LA 73 91.13 92.41 -180.27
C PHE LA 73 92.30 91.77 -179.53
N ALA LA 74 93.25 91.18 -180.25
CA ALA LA 74 94.44 90.66 -179.59
C ALA LA 74 95.26 91.80 -178.98
N ASP LA 75 95.69 92.74 -179.83
CA ASP LA 75 96.41 93.93 -179.36
C ASP LA 75 95.62 94.70 -178.29
N LEU LA 76 94.30 94.78 -178.43
CA LEU LA 76 93.48 95.46 -177.42
C LEU LA 76 93.71 94.91 -176.02
N GLY LA 77 93.94 93.60 -175.90
CA GLY LA 77 93.95 92.90 -174.63
C GLY LA 77 92.62 92.36 -174.20
N TYR LA 78 91.59 92.41 -175.06
CA TYR LA 78 90.27 91.90 -174.75
C TYR LA 78 90.02 90.54 -175.41
N ALA LA 79 90.98 90.01 -176.15
CA ALA LA 79 90.95 88.63 -176.61
C ALA LA 79 92.38 88.14 -176.74
N SER LA 80 92.57 86.83 -176.75
CA SER LA 80 93.91 86.27 -176.85
C SER LA 80 93.79 84.79 -177.17
N LEU LA 81 94.95 84.14 -177.32
CA LEU LA 81 95.06 82.81 -177.91
C LEU LA 81 95.67 81.84 -176.92
N GLY LA 82 94.99 80.72 -176.72
CA GLY LA 82 95.53 79.60 -175.97
C GLY LA 82 95.71 79.92 -174.50
N GLU LA 83 96.93 79.67 -174.01
CA GLU LA 83 97.26 79.82 -172.60
C GLU LA 83 97.35 81.27 -172.16
N GLU LA 84 97.20 82.22 -173.08
CA GLU LA 84 97.08 83.63 -172.69
C GLU LA 84 95.69 83.95 -172.18
N ILE LA 85 94.67 83.20 -172.63
CA ILE LA 85 93.29 83.47 -172.24
C ILE LA 85 93.12 83.25 -170.74
N LEU LA 86 93.85 82.30 -170.19
CA LEU LA 86 93.72 81.92 -168.78
C LEU LA 86 94.22 82.99 -167.81
N LYS LA 87 94.80 84.08 -168.33
CA LYS LA 87 95.33 85.18 -167.54
C LYS LA 87 94.55 86.48 -167.77
N LYS LA 88 93.32 86.40 -168.27
CA LYS LA 88 92.56 87.58 -168.68
C LYS LA 88 91.25 87.64 -167.91
N ASP LA 89 91.05 88.74 -167.18
CA ASP LA 89 89.93 88.89 -166.28
C ASP LA 89 88.63 89.21 -167.04
N ILE LA 90 87.51 89.02 -166.34
CA ILE LA 90 86.14 89.37 -166.75
C ILE LA 90 86.10 90.62 -167.63
N ILE LA 91 85.39 90.52 -168.76
CA ILE LA 91 85.22 91.61 -169.71
C ILE LA 91 83.74 92.01 -169.71
N ASP LA 92 83.48 93.30 -169.90
CA ASP LA 92 82.14 93.84 -170.04
C ASP LA 92 82.02 94.50 -171.41
N ILE LA 93 80.84 94.37 -172.03
CA ILE LA 93 80.56 94.95 -173.33
C ILE LA 93 79.29 95.80 -173.21
N LEU LA 94 79.30 96.93 -173.91
CA LEU LA 94 78.18 97.87 -173.97
C LEU LA 94 77.91 98.25 -175.42
N VAL LA 95 76.63 98.47 -175.72
CA VAL LA 95 76.17 99.01 -177.00
C VAL LA 95 75.77 100.45 -176.69
N VAL LA 96 76.35 101.39 -177.40
CA VAL LA 96 76.22 102.82 -177.09
C VAL LA 96 75.65 103.56 -178.28
N ASP LA 97 74.77 104.53 -178.01
CA ASP LA 97 74.18 105.34 -179.05
C ASP LA 97 75.21 106.35 -179.55
N ASN LA 98 75.31 106.47 -180.88
CA ASN LA 98 76.29 107.38 -181.46
C ASN LA 98 75.89 108.84 -181.27
N LEU LA 99 74.58 109.15 -181.33
CA LEU LA 99 74.15 110.54 -181.26
C LEU LA 99 73.98 111.04 -179.82
N THR LA 100 73.50 110.18 -178.91
CA THR LA 100 73.17 110.62 -177.55
C THR LA 100 74.18 110.18 -176.49
N LYS LA 101 75.15 109.34 -176.84
CA LYS LA 101 76.14 108.84 -175.88
C LYS LA 101 75.44 108.09 -174.74
N GLN LA 102 74.48 107.25 -175.11
CA GLN LA 102 73.58 106.57 -174.18
C GLN LA 102 73.79 105.07 -174.30
N VAL LA 103 73.75 104.36 -173.17
CA VAL LA 103 73.85 102.90 -173.22
C VAL LA 103 72.55 102.35 -173.78
N ILE LA 104 72.67 101.56 -174.85
CA ILE LA 104 71.51 100.93 -175.48
C ILE LA 104 71.20 99.60 -174.81
N ILE LA 105 72.23 98.78 -174.61
CA ILE LA 105 72.15 97.56 -173.80
C ILE LA 105 73.54 97.30 -173.24
N SER LA 106 73.62 96.43 -172.23
CA SER LA 106 74.91 95.96 -171.74
C SER LA 106 74.86 94.48 -171.42
N TYR LA 107 76.04 93.87 -171.44
CA TYR LA 107 76.27 92.47 -171.15
C TYR LA 107 77.26 92.38 -169.99
N HIS LA 108 76.97 91.49 -169.06
CA HIS LA 108 77.72 91.34 -167.81
C HIS LA 108 78.53 90.06 -167.84
N GLY LA 109 79.82 90.16 -167.53
CA GLY LA 109 80.65 88.99 -167.38
C GLY LA 109 80.90 88.20 -168.65
N CYS LA 110 81.29 88.89 -169.72
CA CYS LA 110 81.55 88.23 -170.98
C CYS LA 110 82.78 87.33 -170.88
N SER LA 111 82.71 86.18 -171.56
CA SER LA 111 83.87 85.32 -171.78
C SER LA 111 83.78 84.70 -173.17
N ALA LA 112 84.95 84.40 -173.74
CA ALA LA 112 85.01 83.96 -175.13
C ALA LA 112 84.57 82.51 -175.27
N ASN LA 113 83.90 82.22 -176.39
CA ASN LA 113 83.48 80.87 -176.76
C ASN LA 113 84.26 80.35 -177.96
N ASN LA 114 84.22 81.08 -179.09
CA ASN LA 114 84.97 80.73 -180.29
C ASN LA 114 85.38 82.02 -180.99
N TYR LA 115 86.49 81.95 -181.73
CA TYR LA 115 87.14 83.15 -182.25
C TYR LA 115 87.91 82.75 -183.50
N ASN LA 116 87.59 83.38 -184.64
CA ASN LA 116 87.78 82.79 -185.96
C ASN LA 116 88.23 83.84 -186.98
N GLU LA 117 89.02 83.40 -187.97
CA GLU LA 117 89.66 84.25 -188.98
C GLU LA 117 89.12 84.00 -190.39
N THR LA 118 89.62 84.81 -191.34
CA THR LA 118 89.27 84.68 -192.77
C THR LA 118 90.35 85.43 -193.57
N TRP LA 119 91.28 84.68 -194.16
CA TRP LA 119 92.38 85.26 -194.96
C TRP LA 119 92.15 84.99 -196.44
N GLN LA 120 91.16 85.66 -197.03
CA GLN LA 120 90.76 85.38 -198.41
C GLN LA 120 91.35 86.39 -199.39
N THR LA 121 91.63 85.91 -200.60
CA THR LA 121 92.10 86.76 -201.68
C THR LA 121 90.95 87.56 -202.27
N ASN LA 122 91.27 88.76 -202.77
CA ASN LA 122 90.28 89.70 -203.30
C ASN LA 122 89.24 90.09 -202.25
N GLU LA 123 89.63 90.14 -200.99
CA GLU LA 123 88.69 90.49 -199.92
C GLU LA 123 89.43 91.11 -198.74
N ILE LA 124 88.63 91.74 -197.87
CA ILE LA 124 89.14 92.32 -196.63
C ILE LA 124 89.08 91.25 -195.55
N VAL LA 125 90.09 91.23 -194.68
CA VAL LA 125 90.16 90.24 -193.61
C VAL LA 125 89.17 90.60 -192.51
N THR LA 126 88.43 89.59 -192.04
CA THR LA 126 87.46 89.73 -190.96
C THR LA 126 87.80 88.79 -189.82
N GLU LA 127 87.73 89.33 -188.61
CA GLU LA 127 87.77 88.57 -187.37
C GLU LA 127 86.34 88.25 -186.96
N GLU LA 128 86.11 87.02 -186.50
CA GLU LA 128 84.78 86.56 -186.13
C GLU LA 128 84.85 85.87 -184.77
N ILE LA 129 84.04 86.35 -183.84
CA ILE LA 129 84.18 86.04 -182.43
C ILE LA 129 82.78 85.80 -181.85
N GLU LA 130 82.72 84.99 -180.80
CA GLU LA 130 81.47 84.67 -180.13
C GLU LA 130 81.75 84.49 -178.65
N PHE LA 131 80.98 85.19 -177.81
CA PHE LA 131 81.16 85.24 -176.37
C PHE LA 131 79.93 84.70 -175.68
N SER LA 132 80.13 84.16 -174.48
CA SER LA 132 79.08 83.94 -173.50
C SER LA 132 79.16 84.99 -172.40
N TYR LA 133 78.02 85.30 -171.79
CA TYR LA 133 77.96 86.24 -170.68
C TYR LA 133 77.00 85.73 -169.62
N LEU LA 134 77.17 86.27 -168.41
CA LEU LA 134 76.34 85.86 -167.28
C LEU LA 134 74.89 86.32 -167.48
N THR LA 135 74.71 87.55 -167.96
CA THR LA 135 73.39 88.14 -168.12
C THR LA 135 73.44 89.21 -169.22
N ALA LA 136 72.27 89.48 -169.80
CA ALA LA 136 72.03 90.64 -170.62
C ALA LA 136 71.21 91.66 -169.83
N SER LA 137 71.33 92.94 -170.21
CA SER LA 137 70.74 94.00 -169.43
C SER LA 137 70.54 95.25 -170.27
N ASP LA 138 69.66 96.13 -169.79
CA ASP LA 138 69.67 97.54 -170.12
C ASP LA 138 69.07 98.31 -168.96
N LYS LA 139 69.58 99.52 -168.74
CA LYS LA 139 69.03 100.43 -167.74
C LYS LA 139 68.98 101.83 -168.35
N ALA LA 140 68.26 101.92 -169.47
CA ALA LA 140 68.17 103.13 -170.31
C ALA LA 140 69.55 103.72 -170.60
N ALA MA 2 -64.68 -62.54 -18.07
CA ALA MA 2 -64.41 -61.30 -17.30
C ALA MA 2 -62.94 -60.88 -17.42
N ILE MA 3 -62.59 -59.74 -16.82
CA ILE MA 3 -61.41 -58.93 -17.18
C ILE MA 3 -60.21 -59.09 -16.20
N ALA MA 4 -59.00 -59.27 -16.75
CA ALA MA 4 -57.72 -59.25 -16.03
C ALA MA 4 -57.39 -57.79 -15.66
N THR MA 5 -56.90 -57.50 -14.45
CA THR MA 5 -56.57 -56.11 -14.08
C THR MA 5 -55.19 -55.69 -14.53
N TYR MA 6 -54.99 -54.39 -14.64
CA TYR MA 6 -53.68 -53.79 -14.89
C TYR MA 6 -52.61 -54.39 -13.98
N ASN MA 7 -52.93 -54.44 -12.69
CA ASN MA 7 -52.04 -54.97 -11.69
C ASN MA 7 -51.86 -56.48 -11.81
N SER MA 8 -52.78 -57.23 -12.37
CA SER MA 8 -52.50 -58.64 -12.65
C SER MA 8 -51.32 -58.77 -13.61
N HIS MA 9 -51.25 -57.93 -14.64
CA HIS MA 9 -50.12 -57.96 -15.57
C HIS MA 9 -48.83 -57.59 -14.83
N VAL MA 10 -48.91 -56.59 -13.94
CA VAL MA 10 -47.81 -56.28 -13.05
C VAL MA 10 -47.42 -57.54 -12.25
N GLU MA 11 -48.34 -58.28 -11.63
CA GLU MA 11 -47.99 -59.45 -10.82
C GLU MA 11 -47.42 -60.60 -11.65
N LEU MA 12 -47.95 -60.83 -12.83
CA LEU MA 12 -47.38 -61.83 -13.73
C LEU MA 12 -45.99 -61.40 -14.18
N ALA MA 13 -45.79 -60.12 -14.42
CA ALA MA 13 -44.47 -59.60 -14.75
C ALA MA 13 -43.48 -59.83 -13.59
N LYS MA 14 -43.91 -59.70 -12.34
CA LYS MA 14 -43.10 -60.05 -11.16
C LYS MA 14 -42.78 -61.53 -11.11
N TYR MA 15 -43.72 -62.39 -11.50
CA TYR MA 15 -43.43 -63.81 -11.68
C TYR MA 15 -42.33 -64.05 -12.73
N LEU MA 16 -42.42 -63.50 -13.95
CA LEU MA 16 -41.37 -63.70 -14.96
C LEU MA 16 -40.01 -63.25 -14.44
N VAL MA 17 -39.92 -62.09 -13.78
CA VAL MA 17 -38.65 -61.63 -13.20
C VAL MA 17 -38.12 -62.59 -12.14
N SER MA 18 -38.99 -63.24 -11.39
CA SER MA 18 -38.53 -64.25 -10.43
C SER MA 18 -37.93 -65.49 -11.13
N LYS MA 19 -38.35 -65.80 -12.36
CA LYS MA 19 -37.88 -66.95 -13.16
C LYS MA 19 -36.47 -66.75 -13.72
N ALA MA 20 -35.84 -65.59 -13.47
CA ALA MA 20 -34.68 -65.08 -14.20
C ALA MA 20 -33.57 -66.08 -14.38
N ASP MA 21 -33.22 -66.85 -13.34
CA ASP MA 21 -32.21 -67.91 -13.45
C ASP MA 21 -32.42 -68.80 -14.69
N SER MA 22 -33.66 -69.20 -14.93
CA SER MA 22 -34.04 -70.11 -16.00
C SER MA 22 -34.13 -69.46 -17.38
N VAL MA 23 -34.06 -68.13 -17.45
CA VAL MA 23 -34.23 -67.40 -18.70
C VAL MA 23 -32.94 -67.44 -19.52
N TYR MA 24 -33.01 -67.97 -20.72
CA TYR MA 24 -31.89 -67.95 -21.67
C TYR MA 24 -32.31 -67.30 -22.97
N LEU MA 25 -31.52 -66.33 -23.43
CA LEU MA 25 -31.46 -65.96 -24.84
C LEU MA 25 -31.03 -67.20 -25.62
N THR MA 26 -31.61 -67.41 -26.79
CA THR MA 26 -31.21 -68.42 -27.75
C THR MA 26 -31.15 -67.78 -29.13
N ILE MA 27 -30.20 -68.28 -29.91
CA ILE MA 27 -29.94 -67.85 -31.28
C ILE MA 27 -30.01 -69.02 -32.22
N GLY MA 28 -30.46 -68.75 -33.45
CA GLY MA 28 -30.61 -69.80 -34.42
C GLY MA 28 -30.77 -69.27 -35.83
N LYS MA 29 -31.19 -70.17 -36.71
CA LYS MA 29 -31.35 -69.93 -38.13
C LYS MA 29 -30.05 -69.50 -38.79
N SER MA 30 -29.03 -70.34 -38.61
CA SER MA 30 -27.69 -70.10 -39.14
C SER MA 30 -27.61 -70.22 -40.67
N THR MA 31 -28.55 -70.88 -41.32
CA THR MA 31 -28.66 -70.89 -42.78
C THR MA 31 -29.71 -69.88 -43.26
N PRO MA 32 -29.73 -69.57 -44.55
CA PRO MA 32 -30.68 -68.65 -45.16
C PRO MA 32 -32.15 -68.92 -44.87
N TRP MA 33 -32.91 -67.85 -44.76
CA TRP MA 33 -34.34 -67.86 -45.00
C TRP MA 33 -34.62 -68.20 -46.46
N SER MA 34 -35.87 -68.56 -46.75
CA SER MA 34 -36.36 -68.61 -48.14
C SER MA 34 -36.35 -67.25 -48.85
N ASN MA 35 -36.34 -66.15 -48.09
CA ASN MA 35 -36.04 -64.84 -48.61
C ASN MA 35 -35.19 -64.11 -47.57
N GLU MA 36 -33.89 -64.04 -47.83
CA GLU MA 36 -32.90 -63.36 -46.98
C GLU MA 36 -33.11 -61.83 -46.91
N THR MA 37 -33.79 -61.26 -47.90
CA THR MA 37 -34.18 -59.84 -47.87
C THR MA 37 -35.34 -59.61 -46.90
N ASN MA 38 -36.19 -60.62 -46.67
CA ASN MA 38 -37.39 -60.49 -45.87
C ASN MA 38 -37.72 -61.82 -45.15
N PRO MA 39 -37.20 -62.01 -43.92
CA PRO MA 39 -37.51 -63.15 -43.05
C PRO MA 39 -39.02 -63.47 -42.94
N PRO MA 40 -39.39 -64.72 -42.67
CA PRO MA 40 -40.78 -65.17 -42.56
C PRO MA 40 -41.42 -64.70 -41.26
N GLN MA 41 -42.72 -64.97 -41.08
CA GLN MA 41 -43.46 -64.56 -39.89
C GLN MA 41 -43.11 -65.39 -38.63
N PRO MA 42 -43.07 -64.76 -37.44
CA PRO MA 42 -42.69 -65.42 -36.20
C PRO MA 42 -43.86 -66.22 -35.62
N ASP MA 43 -44.09 -67.41 -36.14
CA ASP MA 43 -45.21 -68.27 -35.75
C ASP MA 43 -45.21 -68.62 -34.25
N GLU MA 44 -46.16 -68.09 -33.46
CA GLU MA 44 -46.22 -68.33 -32.01
C GLU MA 44 -46.50 -69.79 -31.61
N ASN MA 45 -46.82 -70.67 -32.55
CA ASN MA 45 -46.91 -72.10 -32.30
C ASN MA 45 -45.55 -72.80 -32.33
N ALA MA 46 -44.50 -72.15 -32.83
CA ALA MA 46 -43.14 -72.67 -32.72
C ALA MA 46 -42.74 -72.80 -31.24
N THR MA 47 -42.34 -74.00 -30.82
CA THR MA 47 -41.78 -74.22 -29.47
C THR MA 47 -40.27 -74.00 -29.42
N VAL MA 48 -39.60 -73.87 -30.57
CA VAL MA 48 -38.14 -73.82 -30.69
C VAL MA 48 -37.68 -73.00 -31.90
N LEU MA 49 -36.49 -72.39 -31.80
CA LEU MA 49 -35.83 -71.74 -32.93
C LEU MA 49 -35.36 -72.78 -33.94
N GLN MA 50 -35.34 -72.42 -35.20
CA GLN MA 50 -34.81 -73.31 -36.23
C GLN MA 50 -33.28 -73.31 -36.20
N GLU MA 51 -32.63 -74.41 -36.60
CA GLU MA 51 -31.15 -74.52 -36.65
C GLU MA 51 -30.48 -73.92 -35.41
N VAL MA 52 -30.82 -74.46 -34.24
CA VAL MA 52 -30.43 -73.84 -32.96
C VAL MA 52 -28.90 -73.81 -32.84
N ILE MA 53 -28.32 -72.63 -32.71
CA ILE MA 53 -26.89 -72.48 -32.45
C ILE MA 53 -26.64 -72.78 -30.99
N GLY MA 54 -27.46 -72.22 -30.09
CA GLY MA 54 -27.38 -72.46 -28.66
C GLY MA 54 -28.17 -71.46 -27.83
N TYR MA 55 -27.72 -71.30 -26.60
CA TYR MA 55 -28.40 -70.60 -25.53
C TYR MA 55 -27.39 -69.82 -24.67
N LYS MA 56 -27.77 -68.66 -24.18
CA LYS MA 56 -27.02 -67.86 -23.23
C LYS MA 56 -27.99 -67.38 -22.17
N LYS MA 57 -27.61 -67.47 -20.90
CA LYS MA 57 -28.37 -66.91 -19.77
C LYS MA 57 -28.72 -65.45 -20.01
N ALA MA 58 -29.91 -64.99 -19.68
CA ALA MA 58 -30.16 -63.56 -19.72
C ALA MA 58 -29.22 -62.81 -18.74
N THR MA 59 -28.64 -61.69 -19.18
CA THR MA 59 -27.80 -60.82 -18.32
C THR MA 59 -28.64 -59.87 -17.48
N LYS MA 60 -29.81 -59.47 -17.98
CA LYS MA 60 -30.67 -58.53 -17.27
C LYS MA 60 -32.13 -58.81 -17.59
N VAL MA 61 -32.85 -59.21 -16.56
CA VAL MA 61 -34.29 -59.42 -16.55
C VAL MA 61 -34.86 -58.48 -15.48
N THR MA 62 -35.79 -57.59 -15.81
CA THR MA 62 -36.33 -56.67 -14.80
C THR MA 62 -37.65 -56.05 -15.20
N LEU MA 63 -38.36 -55.49 -14.23
CA LEU MA 63 -39.49 -54.63 -14.50
C LEU MA 63 -38.98 -53.27 -15.00
N VAL MA 64 -39.74 -52.65 -15.89
CA VAL MA 64 -39.49 -51.28 -16.33
C VAL MA 64 -40.80 -50.54 -16.51
N ARG MA 65 -40.70 -49.23 -16.66
CA ARG MA 65 -41.74 -48.39 -17.27
C ARG MA 65 -41.11 -47.37 -18.20
N PRO MA 66 -41.90 -46.71 -19.06
CA PRO MA 66 -41.41 -45.51 -19.71
C PRO MA 66 -40.97 -44.52 -18.65
N SER MA 67 -39.79 -43.95 -18.86
CA SER MA 67 -39.25 -42.92 -17.97
C SER MA 67 -39.96 -41.58 -18.18
N LYS MA 68 -39.75 -40.63 -17.25
CA LYS MA 68 -40.06 -39.21 -17.42
C LYS MA 68 -39.06 -38.28 -16.73
N SER MA 69 -38.85 -37.11 -17.33
CA SER MA 69 -37.84 -36.13 -16.95
C SER MA 69 -38.51 -34.90 -16.34
N PRO MA 70 -37.97 -34.29 -15.28
CA PRO MA 70 -36.63 -34.46 -14.73
C PRO MA 70 -36.45 -35.58 -13.72
N GLU MA 71 -37.52 -36.05 -13.08
CA GLU MA 71 -37.38 -36.81 -11.83
C GLU MA 71 -36.63 -38.14 -12.01
N ASP MA 72 -36.82 -38.86 -13.12
CA ASP MA 72 -36.12 -40.12 -13.35
C ASP MA 72 -34.66 -39.95 -13.79
N ASP MA 73 -34.20 -38.75 -14.17
CA ASP MA 73 -32.93 -38.55 -14.90
C ASP MA 73 -31.72 -39.25 -14.25
N ASN MA 74 -31.78 -39.27 -12.91
CA ASN MA 74 -30.85 -39.75 -11.89
C ASN MA 74 -30.81 -41.29 -11.68
N LYS MA 75 -31.84 -41.99 -12.11
CA LYS MA 75 -32.06 -43.43 -11.93
C LYS MA 75 -31.26 -44.24 -12.96
N ASN MA 76 -31.22 -45.56 -12.84
CA ASN MA 76 -30.66 -46.42 -13.91
C ASN MA 76 -31.60 -46.42 -15.14
N LEU MA 77 -31.10 -45.91 -16.27
CA LEU MA 77 -31.82 -45.72 -17.52
C LEU MA 77 -31.36 -46.70 -18.60
N ILE MA 78 -32.28 -47.13 -19.45
CA ILE MA 78 -31.96 -47.91 -20.65
C ILE MA 78 -32.68 -47.30 -21.83
N SER MA 79 -31.99 -47.29 -22.97
CA SER MA 79 -32.48 -46.73 -24.22
C SER MA 79 -32.97 -47.86 -25.13
N TYR MA 80 -34.22 -47.76 -25.61
CA TYR MA 80 -34.89 -48.77 -26.45
C TYR MA 80 -36.02 -48.11 -27.25
N GLY MA 81 -36.07 -48.38 -28.55
CA GLY MA 81 -37.18 -47.98 -29.42
C GLY MA 81 -37.34 -46.48 -29.62
N ASN MA 82 -36.26 -45.70 -29.65
CA ASN MA 82 -36.27 -44.23 -29.53
C ASN MA 82 -36.83 -43.71 -28.19
N LYS MA 83 -37.11 -44.58 -27.21
CA LYS MA 83 -37.63 -44.15 -25.90
C LYS MA 83 -36.68 -44.56 -24.78
N SER MA 84 -36.77 -43.82 -23.69
CA SER MA 84 -35.96 -44.03 -22.50
C SER MA 84 -36.80 -44.69 -21.43
N TRP MA 85 -36.24 -45.68 -20.76
CA TRP MA 85 -36.91 -46.56 -19.83
C TRP MA 85 -36.14 -46.59 -18.52
N VAL MA 86 -36.84 -46.83 -17.41
CA VAL MA 86 -36.21 -46.91 -16.09
C VAL MA 86 -36.50 -48.25 -15.44
N GLU MA 87 -35.49 -48.81 -14.77
CA GLU MA 87 -35.58 -50.04 -13.97
C GLU MA 87 -36.53 -49.87 -12.78
N VAL MA 88 -37.37 -50.87 -12.53
CA VAL MA 88 -38.27 -50.89 -11.38
C VAL MA 88 -37.97 -52.17 -10.57
N THR MA 89 -38.02 -52.06 -9.24
CA THR MA 89 -37.74 -53.18 -8.30
C THR MA 89 -39.03 -53.87 -7.82
N PRO MA 90 -38.99 -55.18 -7.49
CA PRO MA 90 -40.17 -56.02 -7.35
C PRO MA 90 -41.27 -55.52 -6.40
N GLU MA 91 -40.87 -54.93 -5.28
CA GLU MA 91 -41.80 -54.40 -4.30
C GLU MA 91 -42.39 -53.06 -4.76
N ASN MA 92 -41.65 -52.28 -5.56
CA ASN MA 92 -42.14 -51.00 -6.03
C ASN MA 92 -43.21 -51.13 -7.10
N ALA MA 93 -43.38 -52.32 -7.68
CA ALA MA 93 -44.05 -52.49 -8.97
C ALA MA 93 -45.44 -51.85 -9.05
N LYS MA 94 -46.29 -52.07 -8.05
CA LYS MA 94 -47.64 -51.49 -8.02
C LYS MA 94 -47.64 -50.03 -7.55
N ALA MA 95 -46.55 -49.55 -6.94
CA ALA MA 95 -46.38 -48.12 -6.73
C ALA MA 95 -46.03 -47.40 -8.04
N GLU MA 96 -45.23 -48.02 -8.90
CA GLU MA 96 -44.84 -47.44 -10.20
C GLU MA 96 -45.89 -47.64 -11.31
N GLY MA 97 -46.58 -48.78 -11.33
CA GLY MA 97 -47.41 -49.20 -12.47
C GLY MA 97 -46.69 -50.08 -13.51
N ALA MA 98 -45.60 -50.76 -13.15
CA ALA MA 98 -44.69 -51.43 -14.10
C ALA MA 98 -45.22 -52.79 -14.60
N LYS MA 99 -45.93 -52.82 -15.73
CA LYS MA 99 -46.37 -54.07 -16.41
C LYS MA 99 -45.47 -54.53 -17.56
N TRP MA 100 -44.34 -53.86 -17.77
CA TRP MA 100 -43.40 -54.20 -18.82
C TRP MA 100 -42.17 -54.87 -18.24
N VAL MA 101 -41.76 -55.97 -18.83
CA VAL MA 101 -40.52 -56.65 -18.52
C VAL MA 101 -39.50 -56.33 -19.60
N TYR MA 102 -38.30 -56.00 -19.17
CA TYR MA 102 -37.12 -55.87 -20.01
C TYR MA 102 -36.29 -57.14 -19.88
N LEU MA 103 -35.90 -57.67 -21.03
CA LEU MA 103 -35.04 -58.85 -21.15
C LEU MA 103 -33.85 -58.51 -22.03
N GLU MA 104 -32.68 -59.01 -21.67
CA GLU MA 104 -31.45 -58.82 -22.43
C GLU MA 104 -30.50 -60.02 -22.28
N SER MA 105 -29.71 -60.25 -23.31
CA SER MA 105 -28.41 -60.89 -23.13
C SER MA 105 -27.39 -60.34 -24.12
N SER MA 106 -26.12 -60.61 -23.87
CA SER MA 106 -25.04 -60.40 -24.84
C SER MA 106 -24.27 -61.70 -25.03
N ILE MA 107 -23.87 -61.97 -26.27
CA ILE MA 107 -22.97 -63.07 -26.57
C ILE MA 107 -21.55 -62.51 -26.59
N VAL MA 108 -20.78 -62.79 -25.54
CA VAL MA 108 -19.36 -62.43 -25.42
C VAL MA 108 -18.57 -63.18 -26.48
N GLY MA 109 -18.26 -62.51 -27.59
CA GLY MA 109 -17.37 -62.97 -28.64
C GLY MA 109 -17.43 -64.48 -28.92
N ASP MA 110 -16.43 -65.19 -28.39
CA ASP MA 110 -16.15 -66.61 -28.62
C ASP MA 110 -17.06 -67.61 -27.90
N GLU MA 111 -17.93 -67.21 -26.99
CA GLU MA 111 -18.58 -68.15 -26.05
C GLU MA 111 -19.62 -69.11 -26.68
N LEU MA 112 -19.86 -69.06 -27.98
CA LEU MA 112 -20.69 -70.02 -28.73
C LEU MA 112 -20.06 -70.29 -30.11
N PRO MA 113 -20.45 -71.38 -30.79
CA PRO MA 113 -20.08 -71.61 -32.19
C PRO MA 113 -20.27 -70.38 -33.11
N LEU MA 114 -19.57 -70.39 -34.24
CA LEU MA 114 -19.24 -69.19 -35.02
C LEU MA 114 -20.26 -68.84 -36.13
N GLY MA 115 -20.22 -67.60 -36.60
CA GLY MA 115 -20.93 -67.18 -37.82
C GLY MA 115 -22.34 -66.62 -37.61
N THR MA 116 -23.16 -66.67 -38.68
CA THR MA 116 -24.44 -65.94 -38.76
C THR MA 116 -25.53 -66.53 -37.87
N TYR MA 117 -26.52 -65.70 -37.56
CA TYR MA 117 -27.77 -66.09 -36.94
C TYR MA 117 -28.89 -65.21 -37.50
N ARG MA 118 -30.11 -65.74 -37.55
CA ARG MA 118 -31.31 -65.08 -38.07
C ARG MA 118 -32.54 -65.27 -37.18
N GLN MA 119 -32.44 -66.01 -36.09
CA GLN MA 119 -33.49 -66.07 -35.08
C GLN MA 119 -32.93 -65.78 -33.69
N VAL MA 120 -33.72 -65.07 -32.90
CA VAL MA 120 -33.41 -64.59 -31.56
C VAL MA 120 -34.63 -64.76 -30.68
N GLY MA 121 -34.48 -65.31 -29.49
CA GLY MA 121 -35.58 -65.51 -28.56
C GLY MA 121 -35.14 -65.78 -27.13
N PHE MA 122 -36.03 -65.61 -26.16
CA PHE MA 122 -35.78 -66.04 -24.80
C PHE MA 122 -36.64 -67.25 -24.49
N VAL MA 123 -36.02 -68.35 -24.09
CA VAL MA 123 -36.72 -69.42 -23.38
C VAL MA 123 -36.69 -69.12 -21.89
N MET MA 124 -37.56 -69.79 -21.15
CA MET MA 124 -37.36 -70.03 -19.72
C MET MA 124 -37.32 -71.54 -19.44
N ASP MA 125 -37.07 -71.91 -18.20
CA ASP MA 125 -37.08 -73.31 -17.72
C ASP MA 125 -36.10 -74.23 -18.44
N LEU MA 126 -35.08 -73.67 -19.08
CA LEU MA 126 -33.98 -74.45 -19.57
C LEU MA 126 -33.24 -75.08 -18.38
N VAL MA 127 -33.06 -76.40 -18.42
CA VAL MA 127 -32.30 -77.17 -17.44
C VAL MA 127 -31.12 -77.83 -18.13
N ALA MA 128 -29.91 -77.60 -17.64
CA ALA MA 128 -28.71 -78.21 -18.21
C ALA MA 128 -28.58 -79.69 -17.79
N LYS MA 129 -27.80 -80.45 -18.56
CA LYS MA 129 -27.25 -81.71 -18.08
C LYS MA 129 -26.38 -81.45 -16.85
N SER MA 130 -26.37 -82.39 -15.90
CA SER MA 130 -25.70 -82.26 -14.61
C SER MA 130 -24.21 -81.99 -14.73
N GLY MA 131 -23.62 -81.29 -13.77
CA GLY MA 131 -22.18 -80.97 -13.76
C GLY MA 131 -21.75 -79.93 -14.80
N ILE MA 132 -22.65 -79.56 -15.71
CA ILE MA 132 -22.57 -78.31 -16.48
C ILE MA 132 -23.11 -77.18 -15.59
N SER MA 133 -22.48 -76.01 -15.59
CA SER MA 133 -22.98 -74.81 -14.87
C SER MA 133 -22.81 -73.49 -15.66
N LYS MA 134 -21.95 -73.48 -16.67
CA LYS MA 134 -21.68 -72.31 -17.53
C LYS MA 134 -22.95 -71.70 -18.16
N PHE MA 135 -22.95 -70.38 -18.33
CA PHE MA 135 -24.11 -69.59 -18.80
C PHE MA 135 -24.42 -69.74 -20.30
N ASN MA 136 -23.50 -70.29 -21.08
CA ASN MA 136 -23.60 -70.45 -22.52
C ASN MA 136 -23.64 -71.94 -22.84
N LEU MA 137 -24.69 -72.39 -23.54
CA LEU MA 137 -24.94 -73.80 -23.81
C LEU MA 137 -25.20 -74.01 -25.30
N VAL MA 138 -24.56 -75.00 -25.91
CA VAL MA 138 -25.02 -75.54 -27.20
C VAL MA 138 -26.03 -76.65 -26.93
N PRO MA 139 -26.98 -76.94 -27.85
CA PRO MA 139 -28.09 -77.84 -27.57
C PRO MA 139 -27.70 -79.22 -27.05
N SER MA 140 -26.55 -79.73 -27.47
CA SER MA 140 -26.01 -81.00 -26.97
C SER MA 140 -25.60 -80.99 -25.49
N GLU MA 141 -25.59 -79.86 -24.81
CA GLU MA 141 -25.31 -79.75 -23.38
C GLU MA 141 -26.59 -79.63 -22.53
N VAL MA 142 -27.72 -79.31 -23.15
CA VAL MA 142 -28.99 -79.03 -22.45
C VAL MA 142 -29.68 -80.35 -22.09
N GLU MA 143 -30.35 -80.42 -20.95
CA GLU MA 143 -31.18 -81.57 -20.58
C GLU MA 143 -32.67 -81.34 -20.83
N SER MA 144 -33.21 -80.18 -20.45
CA SER MA 144 -34.50 -79.74 -20.94
C SER MA 144 -34.37 -78.36 -21.52
N THR MA 145 -34.88 -78.17 -22.73
CA THR MA 145 -34.90 -76.83 -23.36
C THR MA 145 -35.89 -75.88 -22.66
N GLY MA 146 -36.76 -76.40 -21.80
CA GLY MA 146 -37.83 -75.59 -21.19
C GLY MA 146 -38.85 -75.11 -22.23
N THR MA 147 -39.22 -73.84 -22.16
CA THR MA 147 -40.27 -73.24 -22.99
C THR MA 147 -39.80 -71.95 -23.66
N LEU MA 148 -40.00 -71.85 -24.98
CA LEU MA 148 -39.75 -70.63 -25.74
C LEU MA 148 -40.83 -69.58 -25.43
N LEU MA 149 -40.46 -68.50 -24.73
CA LEU MA 149 -41.40 -67.48 -24.28
C LEU MA 149 -41.64 -66.40 -25.33
N PHE MA 150 -40.57 -65.80 -25.82
CA PHE MA 150 -40.62 -64.64 -26.70
C PHE MA 150 -39.56 -64.82 -27.76
N PHE MA 151 -39.82 -64.46 -29.02
CA PHE MA 151 -38.81 -64.54 -30.07
C PHE MA 151 -39.11 -63.65 -31.28
N ASP MA 152 -38.12 -63.49 -32.13
CA ASP MA 152 -38.11 -62.61 -33.29
C ASP MA 152 -37.27 -63.20 -34.44
N ASN MA 153 -37.57 -62.77 -35.65
CA ASN MA 153 -36.86 -63.16 -36.87
C ASN MA 153 -36.00 -62.00 -37.39
N LYS MA 154 -34.78 -62.31 -37.80
CA LYS MA 154 -33.66 -61.36 -37.96
C LYS MA 154 -32.94 -61.62 -39.29
N GLN MA 155 -32.13 -60.65 -39.71
CA GLN MA 155 -31.58 -60.54 -41.06
C GLN MA 155 -30.14 -61.08 -41.14
N PHE MA 156 -29.56 -61.08 -42.34
CA PHE MA 156 -28.17 -61.51 -42.55
C PHE MA 156 -27.16 -60.47 -42.01
N GLN MA 157 -26.96 -60.49 -40.70
CA GLN MA 157 -25.85 -59.83 -40.02
C GLN MA 157 -25.12 -60.88 -39.17
N ASN MA 158 -23.79 -60.82 -39.11
CA ASN MA 158 -22.93 -61.96 -38.74
C ASN MA 158 -22.33 -61.85 -37.32
N ARG MA 159 -21.65 -62.89 -36.84
CA ARG MA 159 -20.83 -62.83 -35.61
C ARG MA 159 -19.44 -63.46 -35.77
N SER MA 160 -18.44 -62.78 -35.21
CA SER MA 160 -17.08 -63.27 -34.98
C SER MA 160 -16.50 -62.55 -33.76
N GLU MA 161 -15.28 -62.88 -33.35
CA GLU MA 161 -14.84 -62.74 -31.97
C GLU MA 161 -14.65 -61.32 -31.40
N GLN MA 162 -14.48 -60.28 -32.20
CA GLN MA 162 -14.55 -58.89 -31.70
C GLN MA 162 -15.98 -58.36 -31.57
N THR MA 163 -16.94 -58.91 -32.34
CA THR MA 163 -18.35 -58.49 -32.38
C THR MA 163 -19.18 -59.23 -31.33
N THR MA 164 -19.00 -58.83 -30.07
CA THR MA 164 -19.96 -59.19 -29.03
C THR MA 164 -21.31 -58.59 -29.39
N ALA MA 165 -22.33 -59.43 -29.53
CA ALA MA 165 -23.65 -59.05 -30.00
C ALA MA 165 -24.66 -58.97 -28.85
N LYS MA 166 -25.42 -57.88 -28.80
CA LYS MA 166 -26.36 -57.57 -27.71
C LYS MA 166 -27.77 -57.68 -28.27
N GLU MA 167 -28.59 -58.51 -27.65
CA GLU MA 167 -29.98 -58.71 -28.02
C GLU MA 167 -30.91 -58.51 -26.81
N ARG MA 168 -32.06 -57.86 -27.04
CA ARG MA 168 -32.99 -57.44 -25.98
C ARG MA 168 -34.42 -57.19 -26.47
N PHE MA 169 -35.40 -57.26 -25.58
CA PHE MA 169 -36.80 -56.91 -25.83
C PHE MA 169 -37.35 -56.07 -24.67
N ILE MA 170 -38.40 -55.30 -24.93
CA ILE MA 170 -39.36 -54.92 -23.89
C ILE MA 170 -40.74 -55.45 -24.26
N VAL MA 171 -41.35 -56.20 -23.35
CA VAL MA 171 -42.60 -56.94 -23.57
C VAL MA 171 -43.50 -56.81 -22.35
N GLU MA 172 -44.76 -57.18 -22.56
CA GLU MA 172 -45.75 -57.40 -21.53
C GLU MA 172 -46.56 -58.66 -21.92
N VAL MA 173 -47.20 -59.31 -20.95
CA VAL MA 173 -47.78 -60.66 -21.11
C VAL MA 173 -48.99 -60.74 -22.05
N ASP MA 174 -49.74 -59.65 -22.02
CA ASP MA 174 -50.89 -59.31 -22.83
C ASP MA 174 -50.56 -57.97 -23.48
N PRO MA 175 -49.94 -57.96 -24.66
CA PRO MA 175 -49.57 -56.71 -25.31
C PRO MA 175 -50.75 -55.88 -25.83
N ASN MA 176 -52.03 -56.25 -25.57
CA ASN MA 176 -53.18 -55.66 -26.30
C ASN MA 176 -54.56 -55.71 -25.59
N SER MA 177 -54.63 -55.64 -24.25
CA SER MA 177 -55.88 -55.23 -23.53
C SER MA 177 -56.25 -53.75 -23.70
N ALA NA 2 -43.35 -56.24 -28.25
CA ALA NA 2 -43.17 -57.58 -28.84
C ALA NA 2 -44.14 -58.62 -28.21
N ILE NA 3 -44.24 -59.80 -28.82
CA ILE NA 3 -45.36 -60.76 -28.68
C ILE NA 3 -45.10 -61.93 -27.73
N ALA NA 4 -46.11 -62.23 -26.91
CA ALA NA 4 -46.14 -63.40 -26.04
C ALA NA 4 -46.70 -64.62 -26.77
N THR NA 5 -45.98 -65.75 -26.82
CA THR NA 5 -46.46 -66.96 -27.51
C THR NA 5 -47.70 -67.57 -26.86
N TYR NA 6 -48.43 -68.36 -27.64
CA TYR NA 6 -49.55 -69.17 -27.16
C TYR NA 6 -49.14 -69.98 -25.92
N ASN NA 7 -48.05 -70.73 -26.00
CA ASN NA 7 -47.65 -71.55 -24.85
C ASN NA 7 -47.20 -70.72 -23.65
N SER NA 8 -46.79 -69.46 -23.82
CA SER NA 8 -46.53 -68.62 -22.65
C SER NA 8 -47.79 -68.43 -21.81
N HIS NA 9 -48.95 -68.27 -22.45
CA HIS NA 9 -50.22 -68.10 -21.73
C HIS NA 9 -50.52 -69.36 -20.92
N VAL NA 10 -50.28 -70.51 -21.55
CA VAL NA 10 -50.47 -71.82 -20.94
C VAL NA 10 -49.62 -71.91 -19.66
N GLU NA 11 -48.39 -71.45 -19.72
CA GLU NA 11 -47.50 -71.46 -18.56
C GLU NA 11 -47.93 -70.49 -17.45
N LEU NA 12 -48.38 -69.28 -17.81
CA LEU NA 12 -48.87 -68.34 -16.80
C LEU NA 12 -50.16 -68.85 -16.15
N ALA NA 13 -51.03 -69.48 -16.93
CA ALA NA 13 -52.19 -70.16 -16.40
C ALA NA 13 -51.74 -71.24 -15.39
N LYS NA 14 -50.74 -72.05 -15.75
CA LYS NA 14 -50.14 -73.02 -14.81
C LYS NA 14 -49.65 -72.35 -13.53
N TYR NA 15 -49.06 -71.17 -13.62
CA TYR NA 15 -48.65 -70.46 -12.43
C TYR NA 15 -49.84 -70.05 -11.57
N LEU NA 16 -50.88 -69.45 -12.13
CA LEU NA 16 -52.06 -69.14 -11.33
C LEU NA 16 -52.63 -70.42 -10.70
N VAL NA 17 -52.64 -71.53 -11.42
CA VAL NA 17 -53.07 -72.82 -10.86
C VAL NA 17 -52.12 -73.29 -9.75
N SER NA 18 -50.83 -72.98 -9.80
CA SER NA 18 -49.91 -73.25 -8.69
C SER NA 18 -50.18 -72.39 -7.45
N LYS NA 19 -50.75 -71.20 -7.62
CA LYS NA 19 -51.18 -70.31 -6.50
C LYS NA 19 -52.48 -70.76 -5.83
N ALA NA 20 -53.16 -71.79 -6.36
CA ALA NA 20 -54.51 -72.21 -5.95
C ALA NA 20 -54.70 -72.26 -4.43
N ASP NA 21 -53.68 -72.72 -3.70
CA ASP NA 21 -53.74 -72.83 -2.25
C ASP NA 21 -54.20 -71.52 -1.58
N SER NA 22 -53.65 -70.41 -2.04
CA SER NA 22 -53.95 -69.08 -1.51
C SER NA 22 -55.26 -68.45 -2.00
N VAL NA 23 -55.96 -69.07 -2.96
CA VAL NA 23 -57.05 -68.38 -3.66
C VAL NA 23 -58.31 -68.38 -2.81
N TYR NA 24 -58.96 -67.23 -2.74
CA TYR NA 24 -60.27 -67.06 -2.11
C TYR NA 24 -61.25 -66.36 -3.06
N LEU NA 25 -62.49 -66.83 -3.08
CA LEU NA 25 -63.66 -66.06 -3.52
C LEU NA 25 -63.92 -64.95 -2.50
N THR NA 26 -64.39 -63.81 -2.97
CA THR NA 26 -64.88 -62.71 -2.15
C THR NA 26 -66.13 -62.14 -2.76
N ILE NA 27 -67.07 -61.69 -1.92
CA ILE NA 27 -68.30 -61.06 -2.37
C ILE NA 27 -68.60 -59.77 -1.61
N GLY NA 28 -69.25 -58.83 -2.29
CA GLY NA 28 -69.46 -57.50 -1.76
C GLY NA 28 -70.52 -56.73 -2.53
N LYS NA 29 -70.51 -55.41 -2.32
CA LYS NA 29 -71.54 -54.47 -2.80
C LYS NA 29 -72.96 -54.86 -2.35
N SER NA 30 -73.16 -54.95 -1.04
CA SER NA 30 -74.43 -55.36 -0.41
C SER NA 30 -75.53 -54.28 -0.48
N THR NA 31 -75.16 -53.02 -0.67
CA THR NA 31 -76.11 -51.94 -0.95
C THR NA 31 -76.34 -51.77 -2.44
N PRO NA 32 -77.47 -51.16 -2.86
CA PRO NA 32 -77.74 -50.79 -4.24
C PRO NA 32 -76.65 -50.05 -5.00
N TRP NA 33 -76.68 -50.23 -6.32
CA TRP NA 33 -76.17 -49.26 -7.30
C TRP NA 33 -77.07 -48.00 -7.36
N SER NA 34 -76.77 -47.08 -8.27
CA SER NA 34 -77.71 -46.01 -8.69
C SER NA 34 -78.88 -46.55 -9.53
N ASN NA 35 -78.61 -47.57 -10.35
CA ASN NA 35 -79.58 -48.25 -11.22
C ASN NA 35 -79.39 -49.76 -11.04
N GLU NA 36 -80.26 -50.41 -10.28
CA GLU NA 36 -80.14 -51.84 -9.98
C GLU NA 36 -80.40 -52.74 -11.22
N THR NA 37 -80.86 -52.19 -12.35
CA THR NA 37 -80.94 -52.86 -13.65
C THR NA 37 -79.66 -52.71 -14.50
N ASN NA 38 -78.83 -51.69 -14.25
CA ASN NA 38 -77.58 -51.42 -14.98
C ASN NA 38 -76.45 -51.09 -13.98
N PRO NA 39 -75.71 -52.10 -13.50
CA PRO NA 39 -74.52 -51.87 -12.68
C PRO NA 39 -73.53 -50.92 -13.36
N PRO NA 40 -72.70 -50.17 -12.61
CA PRO NA 40 -71.57 -49.48 -13.19
C PRO NA 40 -70.59 -50.49 -13.75
N GLN NA 41 -69.83 -50.10 -14.76
CA GLN NA 41 -68.82 -50.98 -15.34
C GLN NA 41 -67.73 -51.27 -14.29
N PRO NA 42 -67.16 -52.48 -14.24
CA PRO NA 42 -66.07 -52.77 -13.33
C PRO NA 42 -64.82 -51.94 -13.70
N ASP NA 43 -64.09 -51.47 -12.69
CA ASP NA 43 -62.79 -50.81 -12.85
C ASP NA 43 -61.64 -51.76 -12.45
N GLU NA 44 -60.77 -52.11 -13.39
CA GLU NA 44 -59.61 -52.95 -13.08
C GLU NA 44 -58.63 -52.32 -12.08
N ASN NA 45 -58.60 -51.01 -11.89
CA ASN NA 45 -57.69 -50.41 -10.91
C ASN NA 45 -58.10 -50.70 -9.46
N ALA NA 46 -59.30 -51.22 -9.23
CA ALA NA 46 -59.74 -51.59 -7.90
C ALA NA 46 -58.89 -52.71 -7.30
N THR NA 47 -58.40 -52.51 -6.07
CA THR NA 47 -57.60 -53.50 -5.32
C THR NA 47 -58.44 -54.49 -4.52
N VAL NA 48 -59.73 -54.20 -4.32
CA VAL NA 48 -60.65 -54.94 -3.47
C VAL NA 48 -62.09 -54.59 -3.90
N LEU NA 49 -63.08 -55.40 -3.48
CA LEU NA 49 -64.50 -55.06 -3.64
C LEU NA 49 -64.93 -53.90 -2.73
N GLN NA 50 -65.95 -53.15 -3.11
CA GLN NA 50 -66.65 -52.26 -2.17
C GLN NA 50 -67.48 -53.10 -1.21
N GLU NA 51 -67.65 -52.68 0.05
CA GLU NA 51 -68.58 -53.33 0.98
C GLU NA 51 -68.29 -54.85 1.13
N VAL NA 52 -67.03 -55.24 1.39
CA VAL NA 52 -66.61 -56.66 1.43
C VAL NA 52 -67.33 -57.44 2.53
N ILE NA 53 -68.12 -58.43 2.13
CA ILE NA 53 -68.88 -59.26 3.08
C ILE NA 53 -67.94 -60.29 3.72
N GLY NA 54 -67.07 -60.92 2.93
CA GLY NA 54 -66.09 -61.87 3.42
C GLY NA 54 -65.34 -62.60 2.30
N TYR NA 55 -64.64 -63.66 2.70
CA TYR NA 55 -63.80 -64.50 1.84
C TYR NA 55 -64.16 -65.97 2.03
N LYS NA 56 -64.16 -66.76 0.96
CA LYS NA 56 -64.29 -68.22 1.02
C LYS NA 56 -63.17 -68.87 0.23
N LYS NA 57 -62.46 -69.86 0.77
CA LYS NA 57 -61.36 -70.53 0.03
C LYS NA 57 -61.88 -71.07 -1.30
N ALA NA 58 -61.09 -70.99 -2.36
CA ALA NA 58 -61.50 -71.56 -3.64
C ALA NA 58 -61.70 -73.07 -3.50
N THR NA 59 -62.85 -73.55 -3.94
CA THR NA 59 -63.15 -74.97 -3.89
C THR NA 59 -62.55 -75.69 -5.08
N LYS NA 60 -62.44 -75.02 -6.22
CA LYS NA 60 -61.90 -75.63 -7.43
C LYS NA 60 -61.16 -74.60 -8.25
N VAL NA 61 -59.87 -74.86 -8.44
CA VAL NA 61 -58.98 -74.10 -9.31
C VAL NA 61 -58.33 -75.10 -10.23
N THR NA 62 -58.45 -74.88 -11.53
CA THR NA 62 -57.90 -75.82 -12.50
C THR NA 62 -57.72 -75.16 -13.84
N LEU NA 63 -56.87 -75.75 -14.67
CA LEU NA 63 -56.95 -75.50 -16.09
C LEU NA 63 -58.17 -76.20 -16.66
N VAL NA 64 -58.78 -75.59 -17.67
CA VAL NA 64 -59.89 -76.14 -18.42
C VAL NA 64 -59.68 -75.84 -19.89
N ARG NA 65 -60.44 -76.54 -20.73
CA ARG NA 65 -60.73 -76.06 -22.08
C ARG NA 65 -62.17 -76.32 -22.44
N PRO NA 66 -62.71 -75.71 -23.49
CA PRO NA 66 -64.01 -76.09 -24.01
C PRO NA 66 -64.02 -77.58 -24.33
N SER NA 67 -65.15 -78.24 -24.04
CA SER NA 67 -65.31 -79.66 -24.33
C SER NA 67 -65.83 -79.91 -25.76
N LYS NA 68 -65.58 -81.11 -26.26
CA LYS NA 68 -66.03 -81.63 -27.55
C LYS NA 68 -66.21 -83.16 -27.49
N SER NA 69 -67.01 -83.71 -28.39
CA SER NA 69 -67.39 -85.13 -28.42
C SER NA 69 -66.97 -85.80 -29.73
N PRO NA 70 -66.46 -87.05 -29.74
CA PRO NA 70 -66.46 -88.03 -28.64
C PRO NA 70 -65.27 -87.96 -27.66
N GLU NA 71 -64.27 -87.14 -27.91
CA GLU NA 71 -62.97 -87.24 -27.23
C GLU NA 71 -63.03 -86.93 -25.73
N ASP NA 72 -63.90 -86.01 -25.28
CA ASP NA 72 -64.09 -85.66 -23.86
C ASP NA 72 -65.21 -86.45 -23.17
N ASP NA 73 -65.88 -87.36 -23.89
CA ASP NA 73 -66.92 -88.21 -23.29
C ASP NA 73 -66.34 -89.11 -22.18
N ASN NA 74 -65.05 -89.43 -22.25
CA ASN NA 74 -64.30 -90.21 -21.26
C ASN NA 74 -63.61 -89.33 -20.19
N LYS NA 75 -64.23 -88.20 -19.82
CA LYS NA 75 -63.63 -87.18 -18.94
C LYS NA 75 -64.62 -86.44 -18.02
N ASN NA 76 -64.03 -85.74 -17.07
CA ASN NA 76 -64.67 -84.80 -16.14
C ASN NA 76 -65.27 -83.55 -16.82
N LEU NA 77 -66.58 -83.43 -16.84
CA LEU NA 77 -67.28 -82.28 -17.42
C LEU NA 77 -67.84 -81.33 -16.36
N ILE NA 78 -67.58 -80.03 -16.55
CA ILE NA 78 -68.18 -78.86 -15.87
C ILE NA 78 -69.23 -78.25 -16.79
N SER NA 79 -70.33 -77.78 -16.24
CA SER NA 79 -71.35 -77.05 -17.00
C SER NA 79 -71.32 -75.57 -16.61
N TYR NA 80 -71.13 -74.64 -17.55
CA TYR NA 80 -71.18 -73.19 -17.27
C TYR NA 80 -71.44 -72.32 -18.52
N GLY NA 81 -72.31 -71.32 -18.40
CA GLY NA 81 -72.56 -70.35 -19.48
C GLY NA 81 -73.30 -70.94 -20.68
N ASN NA 82 -74.11 -71.97 -20.43
CA ASN NA 82 -74.67 -72.87 -21.44
C ASN NA 82 -73.62 -73.46 -22.39
N LYS NA 83 -72.38 -73.57 -21.92
CA LYS NA 83 -71.28 -74.32 -22.56
C LYS NA 83 -70.72 -75.36 -21.59
N SER NA 84 -70.22 -76.46 -22.13
CA SER NA 84 -69.64 -77.53 -21.32
C SER NA 84 -68.13 -77.51 -21.45
N TRP NA 85 -67.45 -77.66 -20.32
CA TRP NA 85 -66.03 -77.47 -20.13
C TRP NA 85 -65.40 -78.72 -19.54
N VAL NA 86 -64.12 -78.93 -19.77
CA VAL NA 86 -63.44 -80.12 -19.30
C VAL NA 86 -62.18 -79.76 -18.56
N GLU NA 87 -61.91 -80.50 -17.51
CA GLU NA 87 -60.77 -80.24 -16.63
C GLU NA 87 -59.46 -80.74 -17.25
N VAL NA 88 -58.40 -79.98 -17.01
CA VAL NA 88 -57.04 -80.23 -17.50
C VAL NA 88 -56.02 -80.08 -16.38
N THR NA 89 -54.95 -80.87 -16.46
CA THR NA 89 -53.89 -81.02 -15.46
C THR NA 89 -52.57 -80.39 -15.92
N PRO NA 90 -51.74 -79.87 -15.00
CA PRO NA 90 -50.60 -78.99 -15.34
C PRO NA 90 -49.56 -79.59 -16.30
N GLU NA 91 -49.24 -80.87 -16.17
CA GLU NA 91 -48.30 -81.60 -17.05
C GLU NA 91 -48.90 -81.98 -18.41
N ASN NA 92 -50.16 -81.62 -18.69
CA ASN NA 92 -50.82 -81.83 -19.99
C ASN NA 92 -51.23 -80.51 -20.68
N ALA NA 93 -50.99 -79.37 -20.04
CA ALA NA 93 -51.60 -78.09 -20.42
C ALA NA 93 -51.29 -77.64 -21.86
N LYS NA 94 -50.06 -77.87 -22.33
CA LYS NA 94 -49.63 -77.60 -23.70
C LYS NA 94 -50.30 -78.53 -24.69
N ALA NA 95 -50.32 -79.81 -24.37
CA ALA NA 95 -50.90 -80.87 -25.18
C ALA NA 95 -52.42 -80.72 -25.35
N GLU NA 96 -53.13 -80.15 -24.38
CA GLU NA 96 -54.57 -79.82 -24.45
C GLU NA 96 -54.85 -78.38 -24.94
N GLY NA 97 -53.89 -77.45 -24.89
CA GLY NA 97 -54.07 -76.04 -25.22
C GLY NA 97 -54.89 -75.25 -24.16
N ALA NA 98 -54.77 -75.65 -22.89
CA ALA NA 98 -55.68 -75.24 -21.81
C ALA NA 98 -55.37 -73.89 -21.16
N LYS NA 99 -55.21 -72.82 -21.94
CA LYS NA 99 -54.87 -71.49 -21.41
C LYS NA 99 -55.98 -70.90 -20.50
N TRP NA 100 -57.18 -71.46 -20.49
CA TRP NA 100 -58.23 -71.06 -19.54
C TRP NA 100 -58.03 -71.63 -18.15
N VAL NA 101 -58.30 -70.81 -17.15
CA VAL NA 101 -58.45 -71.19 -15.74
C VAL NA 101 -59.91 -71.14 -15.35
N TYR NA 102 -60.33 -72.18 -14.64
CA TYR NA 102 -61.59 -72.19 -13.92
C TYR NA 102 -61.35 -71.89 -12.46
N LEU NA 103 -62.20 -71.01 -11.93
CA LEU NA 103 -62.29 -70.66 -10.53
C LEU NA 103 -63.71 -70.89 -10.06
N GLU NA 104 -63.89 -71.49 -8.89
CA GLU NA 104 -65.20 -71.70 -8.28
C GLU NA 104 -65.11 -71.79 -6.76
N SER NA 105 -66.09 -71.22 -6.09
CA SER NA 105 -66.30 -71.45 -4.66
C SER NA 105 -67.79 -71.40 -4.34
N SER NA 106 -68.15 -72.01 -3.22
CA SER NA 106 -69.53 -72.15 -2.76
C SER NA 106 -69.64 -71.65 -1.33
N ILE NA 107 -70.68 -70.87 -1.02
CA ILE NA 107 -70.94 -70.44 0.35
C ILE NA 107 -72.20 -71.15 0.82
N VAL NA 108 -72.09 -72.05 1.79
CA VAL NA 108 -73.24 -72.78 2.37
C VAL NA 108 -73.89 -71.95 3.47
N GLY NA 109 -75.13 -71.53 3.27
CA GLY NA 109 -75.89 -70.80 4.29
C GLY NA 109 -75.16 -69.58 4.85
N ASP NA 110 -75.38 -69.31 6.13
CA ASP NA 110 -74.85 -68.14 6.84
C ASP NA 110 -73.39 -68.28 7.26
N GLU NA 111 -72.60 -69.21 6.72
CA GLU NA 111 -71.18 -69.29 7.11
C GLU NA 111 -70.37 -68.03 6.74
N LEU NA 112 -70.96 -67.17 5.90
CA LEU NA 112 -70.70 -65.73 5.89
C LEU NA 112 -72.06 -65.03 6.13
N PRO NA 113 -72.09 -63.84 6.77
CA PRO NA 113 -73.30 -63.05 6.94
C PRO NA 113 -74.18 -63.02 5.69
N LEU NA 114 -75.47 -63.30 5.87
CA LEU NA 114 -76.46 -63.43 4.79
C LEU NA 114 -76.72 -62.09 4.08
N GLY NA 115 -77.63 -62.08 3.12
CA GLY NA 115 -78.06 -60.86 2.44
C GLY NA 115 -77.60 -60.77 0.99
N THR NA 116 -77.80 -59.60 0.40
CA THR NA 116 -77.51 -59.39 -1.02
C THR NA 116 -76.03 -59.10 -1.28
N TYR NA 117 -75.60 -59.39 -2.50
CA TYR NA 117 -74.31 -58.97 -3.02
C TYR NA 117 -74.47 -58.53 -4.48
N ARG NA 118 -73.57 -57.67 -4.97
CA ARG NA 118 -73.49 -57.18 -6.37
C ARG NA 118 -72.05 -57.12 -6.92
N GLN NA 119 -71.07 -57.49 -6.12
CA GLN NA 119 -69.71 -57.73 -6.60
C GLN NA 119 -69.26 -59.14 -6.25
N VAL NA 120 -68.78 -59.87 -7.26
CA VAL NA 120 -68.14 -61.20 -7.14
C VAL NA 120 -66.69 -61.01 -7.57
N GLY NA 121 -65.70 -61.47 -6.81
CA GLY NA 121 -64.29 -61.43 -7.23
C GLY NA 121 -63.42 -62.50 -6.57
N PHE NA 122 -62.22 -62.73 -7.08
CA PHE NA 122 -61.30 -63.76 -6.57
C PHE NA 122 -59.94 -63.16 -6.27
N VAL NA 123 -59.38 -63.55 -5.12
CA VAL NA 123 -58.08 -63.10 -4.65
C VAL NA 123 -57.11 -64.25 -4.60
N MET NA 124 -55.83 -63.95 -4.74
CA MET NA 124 -54.70 -64.82 -4.34
C MET NA 124 -53.94 -64.22 -3.16
N ASP NA 125 -53.00 -64.95 -2.58
CA ASP NA 125 -52.10 -64.52 -1.50
C ASP NA 125 -52.79 -64.06 -0.19
N LEU NA 126 -54.08 -64.33 -0.02
CA LEU NA 126 -54.73 -64.09 1.28
C LEU NA 126 -54.05 -64.93 2.36
N VAL NA 127 -53.89 -64.38 3.56
CA VAL NA 127 -53.43 -65.12 4.75
C VAL NA 127 -54.31 -64.74 5.94
N ALA NA 128 -54.72 -65.72 6.75
CA ALA NA 128 -55.52 -65.50 7.96
C ALA NA 128 -54.65 -65.22 9.19
N LYS NA 129 -55.22 -64.57 10.22
CA LYS NA 129 -54.55 -64.46 11.54
C LYS NA 129 -54.29 -65.85 12.13
N SER NA 130 -53.23 -65.96 12.93
CA SER NA 130 -52.68 -67.26 13.34
C SER NA 130 -53.74 -68.14 14.00
N GLY NA 131 -53.85 -69.38 13.53
CA GLY NA 131 -54.77 -70.41 14.04
C GLY NA 131 -56.17 -70.44 13.41
N ILE NA 132 -56.58 -69.44 12.62
CA ILE NA 132 -57.89 -69.43 11.94
C ILE NA 132 -57.79 -70.19 10.59
N SER NA 133 -58.09 -71.49 10.59
CA SER NA 133 -57.98 -72.36 9.41
C SER NA 133 -59.27 -72.50 8.60
N LYS NA 134 -60.42 -72.12 9.18
CA LYS NA 134 -61.73 -72.23 8.54
C LYS NA 134 -61.78 -71.48 7.22
N PHE NA 135 -62.38 -72.07 6.20
CA PHE NA 135 -62.32 -71.54 4.85
C PHE NA 135 -63.27 -70.39 4.59
N ASN NA 136 -64.20 -70.11 5.50
CA ASN NA 136 -65.04 -68.91 5.50
C ASN NA 136 -64.41 -67.87 6.44
N LEU NA 137 -64.20 -66.65 5.97
CA LEU NA 137 -63.64 -65.56 6.77
C LEU NA 137 -64.44 -64.26 6.59
N VAL NA 138 -64.76 -63.59 7.68
CA VAL NA 138 -65.15 -62.16 7.62
C VAL NA 138 -63.91 -61.29 7.78
N PRO NA 139 -63.85 -60.08 7.20
CA PRO NA 139 -62.58 -59.38 6.94
C PRO NA 139 -61.63 -59.21 8.13
N SER NA 140 -62.17 -59.14 9.34
CA SER NA 140 -61.43 -59.01 10.59
C SER NA 140 -60.56 -60.22 10.96
N GLU NA 141 -60.86 -61.39 10.41
CA GLU NA 141 -60.15 -62.65 10.67
C GLU NA 141 -58.94 -62.84 9.73
N VAL NA 142 -58.90 -62.06 8.65
CA VAL NA 142 -57.80 -62.02 7.68
C VAL NA 142 -56.60 -61.28 8.26
N GLU NA 143 -55.40 -61.83 8.13
CA GLU NA 143 -54.17 -61.10 8.41
C GLU NA 143 -53.78 -60.21 7.21
N SER NA 144 -53.67 -60.78 6.00
CA SER NA 144 -53.40 -60.04 4.76
C SER NA 144 -54.38 -60.43 3.65
N THR NA 145 -54.95 -59.44 2.96
CA THR NA 145 -55.96 -59.66 1.91
C THR NA 145 -55.37 -60.23 0.61
N GLY NA 146 -54.05 -60.23 0.47
CA GLY NA 146 -53.36 -60.76 -0.71
C GLY NA 146 -53.44 -59.83 -1.93
N THR NA 147 -54.18 -60.25 -2.97
CA THR NA 147 -54.42 -59.47 -4.20
C THR NA 147 -55.69 -59.95 -4.89
N LEU NA 148 -56.61 -59.04 -5.21
CA LEU NA 148 -57.73 -59.28 -6.13
C LEU NA 148 -57.24 -59.46 -7.57
N LEU NA 149 -57.43 -60.66 -8.12
CA LEU NA 149 -57.07 -60.99 -9.49
C LEU NA 149 -58.17 -60.68 -10.50
N PHE NA 150 -59.43 -61.03 -10.19
CA PHE NA 150 -60.55 -60.95 -11.12
C PHE NA 150 -61.84 -60.57 -10.37
N PHE NA 151 -62.79 -59.88 -11.01
CA PHE NA 151 -64.10 -59.53 -10.43
C PHE NA 151 -65.13 -59.08 -11.47
N ASP NA 152 -66.38 -58.86 -11.03
CA ASP NA 152 -67.45 -58.26 -11.83
C ASP NA 152 -68.48 -57.50 -10.97
N ASN NA 153 -69.19 -56.53 -11.56
CA ASN NA 153 -70.33 -55.79 -10.99
C ASN NA 153 -71.65 -56.38 -11.52
N LYS NA 154 -72.12 -57.47 -10.93
CA LYS NA 154 -73.40 -58.09 -11.31
C LYS NA 154 -74.58 -57.29 -10.74
N GLN NA 155 -75.77 -57.49 -11.28
CA GLN NA 155 -76.99 -57.14 -10.55
C GLN NA 155 -77.11 -58.04 -9.30
N PHE NA 156 -77.93 -57.63 -8.34
CA PHE NA 156 -77.99 -58.27 -7.04
C PHE NA 156 -78.46 -59.73 -7.10
N GLN NA 157 -78.00 -60.51 -6.13
CA GLN NA 157 -78.56 -61.79 -5.74
C GLN NA 157 -78.58 -61.89 -4.23
N ASN NA 158 -79.53 -62.64 -3.69
CA ASN NA 158 -79.58 -62.91 -2.27
C ASN NA 158 -78.72 -64.12 -1.89
N ARG NA 159 -78.46 -64.25 -0.59
CA ARG NA 159 -78.07 -65.47 0.10
C ARG NA 159 -78.94 -65.67 1.34
N SER NA 160 -79.39 -66.89 1.58
CA SER NA 160 -80.27 -67.28 2.71
C SER NA 160 -79.88 -68.63 3.31
N GLU NA 161 -80.34 -68.99 4.53
CA GLU NA 161 -79.96 -70.25 5.20
C GLU NA 161 -80.18 -71.52 4.34
N GLN NA 162 -81.21 -71.57 3.50
CA GLN NA 162 -81.44 -72.68 2.57
C GLN NA 162 -80.41 -72.77 1.42
N THR NA 163 -79.84 -71.65 1.01
CA THR NA 163 -79.04 -71.53 -0.23
C THR NA 163 -77.61 -72.05 -0.07
N THR NA 164 -76.97 -72.37 -1.20
CA THR NA 164 -75.51 -72.50 -1.27
C THR NA 164 -75.00 -71.75 -2.51
N ALA NA 165 -74.42 -70.57 -2.31
CA ALA NA 165 -74.09 -69.65 -3.39
C ALA NA 165 -72.83 -70.12 -4.11
N LYS NA 166 -73.00 -71.04 -5.08
CA LYS NA 166 -71.93 -71.46 -5.99
C LYS NA 166 -71.67 -70.36 -7.02
N GLU NA 167 -70.60 -69.59 -6.81
CA GLU NA 167 -70.07 -68.68 -7.81
C GLU NA 167 -68.83 -69.28 -8.47
N ARG NA 168 -68.58 -68.82 -9.70
CA ARG NA 168 -67.46 -69.25 -10.54
C ARG NA 168 -67.09 -68.25 -11.62
N PHE NA 169 -65.90 -68.41 -12.19
CA PHE NA 169 -65.40 -67.71 -13.38
C PHE NA 169 -64.62 -68.68 -14.25
N ILE NA 170 -64.81 -68.58 -15.57
CA ILE NA 170 -63.82 -69.06 -16.54
C ILE NA 170 -63.15 -67.82 -17.11
N VAL NA 171 -61.83 -67.78 -16.99
CA VAL NA 171 -60.97 -66.65 -17.37
C VAL NA 171 -59.68 -67.17 -18.01
N GLU NA 172 -58.97 -66.31 -18.71
CA GLU NA 172 -57.66 -66.58 -19.30
C GLU NA 172 -56.83 -65.31 -19.13
N VAL NA 173 -55.51 -65.45 -19.00
CA VAL NA 173 -54.62 -64.32 -18.66
C VAL NA 173 -54.73 -63.17 -19.65
N ASP NA 174 -54.95 -63.54 -20.90
CA ASP NA 174 -55.03 -62.65 -22.02
C ASP NA 174 -56.35 -62.98 -22.74
N PRO NA 175 -57.48 -62.37 -22.35
CA PRO NA 175 -58.77 -62.70 -22.94
C PRO NA 175 -58.95 -62.25 -24.39
N ASN NA 176 -57.90 -61.74 -25.05
CA ASN NA 176 -57.95 -61.10 -26.38
C ASN NA 176 -56.53 -61.09 -27.04
N SER NA 177 -55.95 -62.24 -27.43
CA SER NA 177 -54.84 -62.35 -28.43
C SER NA 177 -54.99 -63.48 -29.45
N ALA OA 2 -110.27 -90.11 14.21
CA ALA OA 2 -109.13 -91.01 14.55
C ALA OA 2 -107.92 -90.80 13.63
N ILE OA 3 -106.75 -91.23 14.07
CA ILE OA 3 -105.45 -90.87 13.50
C ILE OA 3 -105.11 -91.64 12.21
N ALA OA 4 -104.45 -90.94 11.27
CA ALA OA 4 -103.71 -91.55 10.17
C ALA OA 4 -102.36 -92.07 10.68
N THR OA 5 -101.98 -93.30 10.29
CA THR OA 5 -100.72 -93.90 10.76
C THR OA 5 -99.50 -93.37 10.02
N TYR OA 6 -98.33 -93.52 10.63
CA TYR OA 6 -97.04 -93.33 9.98
C TYR OA 6 -96.94 -94.05 8.63
N ASN OA 7 -97.38 -95.30 8.55
CA ASN OA 7 -97.38 -96.02 7.27
C ASN OA 7 -98.44 -95.55 6.26
N SER OA 8 -99.55 -94.94 6.69
CA SER OA 8 -100.47 -94.31 5.75
C SER OA 8 -99.74 -93.21 4.96
N HIS OA 9 -98.93 -92.42 5.66
CA HIS OA 9 -98.16 -91.34 5.05
C HIS OA 9 -97.09 -91.83 4.10
N VAL OA 10 -96.45 -92.94 4.45
CA VAL OA 10 -95.54 -93.64 3.55
C VAL OA 10 -96.27 -94.06 2.25
N GLU OA 11 -97.50 -94.56 2.34
CA GLU OA 11 -98.27 -94.94 1.15
C GLU OA 11 -98.76 -93.74 0.33
N LEU OA 12 -99.22 -92.67 0.97
CA LEU OA 12 -99.60 -91.45 0.27
C LEU OA 12 -98.39 -90.78 -0.39
N ALA OA 13 -97.23 -90.84 0.26
CA ALA OA 13 -95.97 -90.46 -0.36
C ALA OA 13 -95.69 -91.32 -1.60
N LYS OA 14 -95.90 -92.64 -1.53
CA LYS OA 14 -95.81 -93.51 -2.73
C LYS OA 14 -96.80 -93.09 -3.80
N TYR OA 15 -98.03 -92.72 -3.44
CA TYR OA 15 -98.96 -92.17 -4.42
C TYR OA 15 -98.42 -90.89 -5.09
N LEU OA 16 -97.92 -89.92 -4.33
CA LEU OA 16 -97.36 -88.69 -4.91
C LEU OA 16 -96.12 -88.99 -5.77
N VAL OA 17 -95.22 -89.88 -5.33
CA VAL OA 17 -94.08 -90.32 -6.15
C VAL OA 17 -94.54 -90.98 -7.44
N SER OA 18 -95.65 -91.71 -7.41
CA SER OA 18 -96.25 -92.24 -8.63
C SER OA 18 -96.83 -91.15 -9.56
N LYS OA 19 -97.22 -89.96 -9.05
CA LYS OA 19 -97.73 -88.82 -9.86
C LYS OA 19 -96.63 -87.98 -10.52
N ALA OA 20 -95.36 -88.29 -10.27
CA ALA OA 20 -94.17 -87.55 -10.70
C ALA OA 20 -94.22 -87.01 -12.14
N ASP OA 21 -94.79 -87.80 -13.05
CA ASP OA 21 -95.00 -87.52 -14.48
C ASP OA 21 -95.66 -86.14 -14.72
N SER OA 22 -96.75 -85.92 -14.00
CA SER OA 22 -97.57 -84.71 -14.00
C SER OA 22 -97.04 -83.61 -13.08
N VAL OA 23 -95.89 -83.83 -12.40
CA VAL OA 23 -95.30 -82.89 -11.44
C VAL OA 23 -94.40 -81.86 -12.12
N TYR OA 24 -94.66 -80.60 -11.82
CA TYR OA 24 -93.92 -79.44 -12.29
C TYR OA 24 -93.55 -78.54 -11.12
N LEU OA 25 -92.30 -78.07 -11.09
CA LEU OA 25 -91.93 -76.81 -10.44
C LEU OA 25 -92.74 -75.67 -11.10
N THR OA 26 -93.10 -74.66 -10.32
CA THR OA 26 -93.64 -73.38 -10.77
C THR OA 26 -93.09 -72.24 -9.91
N ILE OA 27 -92.95 -71.05 -10.48
CA ILE OA 27 -92.52 -69.86 -9.74
C ILE OA 27 -93.36 -68.65 -10.12
N GLY OA 28 -93.45 -67.68 -9.21
CA GLY OA 28 -94.23 -66.46 -9.36
C GLY OA 28 -93.85 -65.39 -8.34
N LYS OA 29 -94.76 -64.44 -8.12
CA LYS OA 29 -94.57 -63.27 -7.26
C LYS OA 29 -93.36 -62.46 -7.71
N SER OA 30 -93.42 -62.01 -8.96
CA SER OA 30 -92.34 -61.23 -9.58
C SER OA 30 -92.25 -59.81 -9.05
N THR OA 31 -93.33 -59.21 -8.55
CA THR OA 31 -93.27 -57.91 -7.82
C THR OA 31 -92.97 -58.11 -6.34
N PRO OA 32 -92.47 -57.08 -5.64
CA PRO OA 32 -92.15 -57.15 -4.22
C PRO OA 32 -93.20 -57.79 -3.32
N TRP OA 33 -92.76 -58.40 -2.22
CA TRP OA 33 -93.59 -58.53 -1.01
C TRP OA 33 -93.84 -57.14 -0.40
N SER OA 34 -94.45 -57.08 0.79
CA SER OA 34 -94.31 -55.92 1.65
C SER OA 34 -92.84 -55.75 2.05
N ASN OA 35 -92.46 -56.27 3.22
CA ASN OA 35 -91.06 -56.49 3.58
C ASN OA 35 -90.49 -57.60 2.68
N GLU OA 36 -89.65 -57.20 1.72
CA GLU OA 36 -88.93 -58.13 0.83
C GLU OA 36 -88.07 -59.16 1.56
N THR OA 37 -87.53 -58.81 2.73
CA THR OA 37 -86.75 -59.71 3.59
C THR OA 37 -87.64 -60.52 4.55
N ASN OA 38 -88.93 -60.21 4.66
CA ASN OA 38 -89.87 -61.01 5.41
C ASN OA 38 -91.17 -61.28 4.63
N PRO OA 39 -91.14 -62.28 3.74
CA PRO OA 39 -92.32 -62.77 3.04
C PRO OA 39 -93.49 -63.11 3.98
N PRO OA 40 -94.74 -63.05 3.48
CA PRO OA 40 -95.90 -63.53 4.21
C PRO OA 40 -95.90 -65.03 4.42
N GLN OA 41 -96.64 -65.53 5.41
CA GLN OA 41 -96.80 -66.98 5.60
C GLN OA 41 -97.43 -67.65 4.39
N PRO OA 42 -97.12 -68.92 4.12
CA PRO OA 42 -97.85 -69.69 3.14
C PRO OA 42 -99.26 -69.84 3.70
N ASP OA 43 -100.22 -69.28 2.99
CA ASP OA 43 -101.63 -69.65 3.17
C ASP OA 43 -101.96 -70.92 2.36
N GLU OA 44 -102.26 -72.05 3.02
CA GLU OA 44 -102.54 -73.30 2.31
C GLU OA 44 -103.79 -73.25 1.41
N ASN OA 45 -104.71 -72.29 1.54
CA ASN OA 45 -105.95 -72.39 0.76
C ASN OA 45 -105.75 -72.23 -0.77
N ALA OA 46 -105.02 -71.22 -1.23
CA ALA OA 46 -104.87 -70.93 -2.66
C ALA OA 46 -104.19 -72.09 -3.44
N THR OA 47 -104.57 -72.28 -4.71
CA THR OA 47 -104.09 -73.40 -5.57
C THR OA 47 -103.37 -72.96 -6.85
N VAL OA 48 -102.80 -71.76 -6.86
CA VAL OA 48 -101.97 -71.23 -7.95
C VAL OA 48 -101.04 -70.15 -7.39
N LEU OA 49 -99.82 -69.94 -7.91
CA LEU OA 49 -99.01 -68.83 -7.44
C LEU OA 49 -99.59 -67.48 -7.91
N GLN OA 50 -99.36 -66.43 -7.14
CA GLN OA 50 -99.62 -65.04 -7.58
C GLN OA 50 -98.56 -64.66 -8.62
N GLU OA 51 -98.91 -63.87 -9.64
CA GLU OA 51 -97.93 -63.29 -10.59
C GLU OA 51 -96.98 -64.36 -11.21
N VAL OA 52 -97.53 -65.41 -11.80
CA VAL OA 52 -96.77 -66.59 -12.25
C VAL OA 52 -95.80 -66.24 -13.37
N ILE OA 53 -94.57 -66.73 -13.26
CA ILE OA 53 -93.51 -66.54 -14.27
C ILE OA 53 -93.36 -67.78 -15.16
N GLY OA 54 -93.55 -68.99 -14.62
CA GLY OA 54 -93.60 -70.22 -15.42
C GLY OA 54 -93.62 -71.51 -14.60
N TYR OA 55 -93.47 -72.60 -15.33
CA TYR OA 55 -93.50 -73.97 -14.86
C TYR OA 55 -92.33 -74.72 -15.48
N LYS OA 56 -91.63 -75.57 -14.74
CA LYS OA 56 -90.60 -76.48 -15.25
C LYS OA 56 -90.88 -77.87 -14.74
N LYS OA 57 -90.79 -78.90 -15.58
CA LYS OA 57 -91.02 -80.27 -15.13
C LYS OA 57 -90.05 -80.61 -14.00
N ALA OA 58 -90.48 -81.38 -13.00
CA ALA OA 58 -89.55 -81.81 -11.97
C ALA OA 58 -88.37 -82.58 -12.58
N THR OA 59 -87.13 -82.32 -12.16
CA THR OA 59 -85.97 -83.11 -12.59
C THR OA 59 -85.75 -84.37 -11.74
N LYS OA 60 -86.39 -84.44 -10.57
CA LYS OA 60 -86.27 -85.54 -9.61
C LYS OA 60 -87.50 -85.56 -8.72
N VAL OA 61 -88.13 -86.72 -8.60
CA VAL OA 61 -89.17 -87.00 -7.58
C VAL OA 61 -88.82 -88.34 -6.92
N THR OA 62 -88.59 -88.37 -5.60
CA THR OA 62 -88.25 -89.61 -4.86
C THR OA 62 -88.70 -89.59 -3.40
N LEU OA 63 -88.99 -90.75 -2.81
CA LEU OA 63 -89.13 -90.83 -1.34
C LEU OA 63 -87.79 -90.50 -0.68
N VAL OA 64 -87.80 -89.93 0.53
CA VAL OA 64 -86.61 -89.77 1.38
C VAL OA 64 -86.94 -90.02 2.85
N ARG OA 65 -85.90 -90.12 3.67
CA ARG OA 65 -85.94 -89.88 5.13
C ARG OA 65 -84.66 -89.16 5.59
N PRO OA 66 -84.61 -88.61 6.82
CA PRO OA 66 -83.34 -88.19 7.42
C PRO OA 66 -82.33 -89.34 7.36
N SER OA 67 -81.07 -89.01 7.13
CA SER OA 67 -80.00 -90.02 7.05
C SER OA 67 -79.67 -90.61 8.43
N LYS OA 68 -79.04 -91.79 8.46
CA LYS OA 68 -78.28 -92.32 9.59
C LYS OA 68 -77.02 -93.05 9.12
N SER OA 69 -75.99 -93.07 9.96
CA SER OA 69 -74.65 -93.51 9.58
C SER OA 69 -74.09 -94.45 10.66
N PRO OA 70 -73.34 -95.53 10.31
CA PRO OA 70 -72.72 -95.82 9.01
C PRO OA 70 -73.64 -96.42 7.94
N GLU OA 71 -74.76 -97.06 8.27
CA GLU OA 71 -75.44 -97.90 7.27
C GLU OA 71 -75.89 -97.16 6.01
N ASP OA 72 -76.40 -95.92 6.09
CA ASP OA 72 -76.80 -95.17 4.89
C ASP OA 72 -75.61 -94.57 4.13
N ASP OA 73 -74.35 -94.74 4.57
CA ASP OA 73 -73.18 -94.20 3.86
C ASP OA 73 -73.04 -94.81 2.46
N ASN OA 74 -73.61 -95.99 2.23
CA ASN OA 74 -73.76 -96.63 0.93
C ASN OA 74 -75.26 -96.71 0.54
N LYS OA 75 -75.95 -95.56 0.61
CA LYS OA 75 -77.24 -95.24 0.00
C LYS OA 75 -77.21 -93.82 -0.58
N ASN OA 76 -78.13 -93.49 -1.51
CA ASN OA 76 -78.21 -92.16 -2.12
C ASN OA 76 -78.54 -91.07 -1.09
N LEU OA 77 -77.71 -90.03 -0.99
CA LEU OA 77 -77.65 -89.13 0.17
C LEU OA 77 -77.80 -87.64 -0.21
N ILE OA 78 -78.35 -86.84 0.69
CA ILE OA 78 -78.62 -85.39 0.54
C ILE OA 78 -78.13 -84.63 1.78
N SER OA 79 -77.55 -83.46 1.59
CA SER OA 79 -77.45 -82.39 2.62
C SER OA 79 -78.10 -81.10 2.09
N TYR OA 80 -79.02 -80.52 2.86
CA TYR OA 80 -79.83 -79.36 2.50
C TYR OA 80 -80.26 -78.61 3.76
N GLY OA 81 -80.36 -77.28 3.70
CA GLY OA 81 -81.01 -76.47 4.74
C GLY OA 81 -80.55 -76.81 6.15
N ASN OA 82 -79.26 -77.09 6.32
CA ASN OA 82 -78.61 -77.51 7.56
C ASN OA 82 -79.17 -78.83 8.19
N LYS OA 83 -79.63 -79.77 7.36
CA LYS OA 83 -80.02 -81.15 7.71
C LYS OA 83 -79.50 -82.16 6.68
N SER OA 84 -79.49 -83.46 7.01
CA SER OA 84 -79.04 -84.57 6.13
C SER OA 84 -80.09 -85.69 5.98
N TRP OA 85 -80.19 -86.25 4.76
CA TRP OA 85 -81.31 -87.10 4.32
C TRP OA 85 -80.82 -88.20 3.34
N VAL OA 86 -81.61 -89.25 3.13
CA VAL OA 86 -81.34 -90.42 2.28
C VAL OA 86 -82.57 -90.78 1.44
N GLU OA 87 -82.38 -91.14 0.18
CA GLU OA 87 -83.46 -91.46 -0.79
C GLU OA 87 -83.95 -92.90 -0.65
N VAL OA 88 -85.23 -93.19 -0.99
CA VAL OA 88 -85.84 -94.50 -0.75
C VAL OA 88 -86.74 -94.91 -1.93
N THR OA 89 -86.82 -96.23 -2.20
CA THR OA 89 -87.46 -96.84 -3.38
C THR OA 89 -88.86 -97.40 -3.06
N PRO OA 90 -89.82 -97.43 -4.01
CA PRO OA 90 -91.25 -97.67 -3.74
C PRO OA 90 -91.61 -99.01 -3.08
N GLU OA 91 -90.73 -100.00 -3.17
CA GLU OA 91 -90.86 -101.35 -2.58
C GLU OA 91 -90.14 -101.54 -1.22
N ASN OA 92 -89.41 -100.52 -0.74
CA ASN OA 92 -88.77 -100.46 0.59
C ASN OA 92 -89.35 -99.36 1.50
N ALA OA 93 -90.31 -98.57 1.00
CA ALA OA 93 -90.80 -97.37 1.65
C ALA OA 93 -91.20 -97.61 3.11
N LYS OA 94 -91.99 -98.67 3.36
CA LYS OA 94 -92.49 -99.02 4.70
C LYS OA 94 -91.44 -99.60 5.63
N ALA OA 95 -90.49 -100.38 5.12
CA ALA OA 95 -89.37 -100.82 5.93
C ALA OA 95 -88.56 -99.61 6.39
N GLU OA 96 -88.20 -98.70 5.48
CA GLU OA 96 -87.37 -97.53 5.77
C GLU OA 96 -88.08 -96.48 6.62
N GLY OA 97 -89.41 -96.38 6.51
CA GLY OA 97 -90.21 -95.32 7.12
C GLY OA 97 -90.24 -94.01 6.31
N ALA OA 98 -90.00 -94.11 5.00
CA ALA OA 98 -89.87 -92.97 4.12
C ALA OA 98 -91.24 -92.35 3.79
N LYS OA 99 -91.72 -91.52 4.70
CA LYS OA 99 -92.89 -90.66 4.51
C LYS OA 99 -92.58 -89.29 3.89
N TRP OA 100 -91.30 -88.93 3.73
CA TRP OA 100 -90.92 -87.71 3.01
C TRP OA 100 -90.85 -87.93 1.52
N VAL OA 101 -91.17 -86.90 0.75
CA VAL OA 101 -90.92 -86.78 -0.67
C VAL OA 101 -89.94 -85.64 -0.91
N TYR OA 102 -88.91 -85.91 -1.71
CA TYR OA 102 -88.02 -84.90 -2.26
C TYR OA 102 -88.48 -84.56 -3.67
N LEU OA 103 -88.71 -83.29 -3.93
CA LEU OA 103 -88.98 -82.72 -5.24
C LEU OA 103 -87.82 -81.80 -5.60
N GLU OA 104 -87.32 -81.84 -6.83
CA GLU OA 104 -86.38 -80.83 -7.34
C GLU OA 104 -86.68 -80.48 -8.79
N SER OA 105 -86.37 -79.24 -9.16
CA SER OA 105 -86.09 -78.90 -10.54
C SER OA 105 -85.00 -77.81 -10.60
N SER OA 106 -84.34 -77.64 -11.74
CA SER OA 106 -83.44 -76.50 -11.97
C SER OA 106 -83.85 -75.82 -13.26
N ILE OA 107 -83.95 -74.50 -13.21
CA ILE OA 107 -84.13 -73.65 -14.38
C ILE OA 107 -82.75 -73.15 -14.78
N VAL OA 108 -82.20 -73.66 -15.88
CA VAL OA 108 -80.92 -73.20 -16.42
C VAL OA 108 -81.15 -71.91 -17.21
N GLY OA 109 -80.61 -70.79 -16.72
CA GLY OA 109 -80.63 -69.53 -17.45
C GLY OA 109 -82.02 -69.13 -17.99
N ASP OA 110 -82.07 -68.67 -19.23
CA ASP OA 110 -83.29 -68.15 -19.86
C ASP OA 110 -84.22 -69.23 -20.45
N GLU OA 111 -84.19 -70.48 -19.96
CA GLU OA 111 -85.27 -71.42 -20.30
C GLU OA 111 -86.63 -71.08 -19.63
N LEU OA 112 -86.66 -70.05 -18.77
CA LEU OA 112 -87.82 -69.20 -18.50
C LEU OA 112 -87.39 -67.72 -18.55
N PRO OA 113 -88.27 -66.76 -18.89
CA PRO OA 113 -87.89 -65.35 -19.07
C PRO OA 113 -87.17 -64.75 -17.86
N LEU OA 114 -86.25 -63.79 -18.07
CA LEU OA 114 -85.46 -63.18 -17.00
C LEU OA 114 -86.26 -62.17 -16.15
N GLY OA 115 -86.04 -62.21 -14.84
CA GLY OA 115 -86.70 -61.38 -13.85
C GLY OA 115 -86.59 -62.01 -12.46
N THR OA 116 -86.91 -61.23 -11.42
CA THR OA 116 -86.89 -61.71 -10.02
C THR OA 116 -88.09 -62.61 -9.69
N TYR OA 117 -87.95 -63.51 -8.72
CA TYR OA 117 -89.04 -64.37 -8.24
C TYR OA 117 -89.01 -64.54 -6.73
N ARG OA 118 -90.14 -64.95 -6.15
CA ARG OA 118 -90.31 -65.12 -4.70
C ARG OA 118 -91.12 -66.36 -4.33
N GLN OA 119 -92.29 -66.58 -4.92
CA GLN OA 119 -93.03 -67.82 -4.68
C GLN OA 119 -92.41 -68.97 -5.47
N VAL OA 120 -92.20 -70.10 -4.80
CA VAL OA 120 -91.86 -71.37 -5.43
C VAL OA 120 -93.00 -72.33 -5.16
N GLY OA 121 -93.36 -73.18 -6.12
CA GLY OA 121 -94.37 -74.21 -5.92
C GLY OA 121 -94.13 -75.45 -6.76
N PHE OA 122 -94.78 -76.54 -6.42
CA PHE OA 122 -94.94 -77.69 -7.29
C PHE OA 122 -96.44 -78.00 -7.43
N VAL OA 123 -96.90 -78.14 -8.66
CA VAL OA 123 -98.23 -78.68 -9.01
C VAL OA 123 -98.11 -80.18 -9.32
N MET OA 124 -99.23 -80.89 -9.33
CA MET OA 124 -99.37 -82.12 -10.12
C MET OA 124 -100.49 -81.92 -11.15
N ASP OA 125 -100.69 -82.87 -12.07
CA ASP OA 125 -101.76 -82.82 -13.07
C ASP OA 125 -101.72 -81.61 -14.05
N LEU OA 126 -100.57 -80.97 -14.23
CA LEU OA 126 -100.42 -79.99 -15.31
C LEU OA 126 -100.69 -80.65 -16.69
N VAL OA 127 -101.37 -79.96 -17.60
CA VAL OA 127 -101.45 -80.30 -19.04
C VAL OA 127 -101.15 -79.07 -19.89
N ALA OA 128 -100.29 -79.24 -20.89
CA ALA OA 128 -99.91 -78.17 -21.80
C ALA OA 128 -100.90 -78.04 -22.98
N LYS OA 129 -100.77 -76.92 -23.71
CA LYS OA 129 -101.45 -76.68 -25.00
C LYS OA 129 -101.06 -77.70 -26.09
N SER OA 130 -101.85 -77.72 -27.16
CA SER OA 130 -101.82 -78.73 -28.24
C SER OA 130 -100.46 -78.91 -28.92
N GLY OA 131 -99.86 -80.11 -28.79
CA GLY OA 131 -98.55 -80.48 -29.36
C GLY OA 131 -97.29 -80.15 -28.54
N ILE OA 132 -97.44 -79.54 -27.36
CA ILE OA 132 -96.33 -79.11 -26.49
C ILE OA 132 -95.84 -80.25 -25.57
N SER OA 133 -94.55 -80.54 -25.65
CA SER OA 133 -93.86 -81.61 -24.91
C SER OA 133 -92.64 -81.14 -24.09
N LYS OA 134 -92.19 -79.89 -24.30
CA LYS OA 134 -90.99 -79.34 -23.66
C LYS OA 134 -91.16 -79.09 -22.16
N PHE OA 135 -90.10 -79.31 -21.40
CA PHE OA 135 -90.20 -79.36 -19.94
C PHE OA 135 -90.38 -77.99 -19.29
N ASN OA 136 -89.99 -76.90 -19.93
CA ASN OA 136 -90.19 -75.52 -19.47
C ASN OA 136 -91.44 -74.93 -20.16
N LEU OA 137 -92.45 -74.52 -19.38
CA LEU OA 137 -93.73 -73.96 -19.86
C LEU OA 137 -94.01 -72.60 -19.21
N VAL OA 138 -94.14 -71.54 -20.00
CA VAL OA 138 -94.71 -70.28 -19.48
C VAL OA 138 -96.23 -70.44 -19.33
N PRO OA 139 -96.92 -69.57 -18.57
CA PRO OA 139 -98.35 -69.69 -18.38
C PRO OA 139 -99.17 -69.72 -19.68
N SER OA 140 -98.77 -68.95 -20.70
CA SER OA 140 -99.44 -68.98 -22.01
C SER OA 140 -99.29 -70.29 -22.76
N GLU OA 141 -98.42 -71.20 -22.29
CA GLU OA 141 -98.21 -72.55 -22.82
C GLU OA 141 -98.97 -73.64 -22.05
N VAL OA 142 -99.36 -73.37 -20.80
CA VAL OA 142 -100.17 -74.29 -20.01
C VAL OA 142 -101.62 -74.25 -20.50
N GLU OA 143 -102.23 -75.40 -20.75
CA GLU OA 143 -103.67 -75.46 -21.03
C GLU OA 143 -104.47 -75.74 -19.73
N SER OA 144 -103.94 -76.57 -18.84
CA SER OA 144 -104.45 -76.79 -17.49
C SER OA 144 -103.32 -76.84 -16.47
N THR OA 145 -103.46 -76.10 -15.38
CA THR OA 145 -102.44 -76.04 -14.33
C THR OA 145 -102.37 -77.31 -13.48
N GLY OA 146 -103.40 -78.16 -13.53
CA GLY OA 146 -103.63 -79.14 -12.47
C GLY OA 146 -103.78 -78.47 -11.10
N THR OA 147 -103.35 -79.17 -10.05
CA THR OA 147 -103.50 -78.74 -8.65
C THR OA 147 -102.16 -78.36 -8.02
N LEU OA 148 -102.08 -77.20 -7.39
CA LEU OA 148 -100.92 -76.81 -6.57
C LEU OA 148 -100.85 -77.73 -5.33
N LEU OA 149 -99.79 -78.52 -5.21
CA LEU OA 149 -99.58 -79.44 -4.09
C LEU OA 149 -98.86 -78.79 -2.92
N PHE OA 150 -97.67 -78.26 -3.19
CA PHE OA 150 -96.69 -77.75 -2.23
C PHE OA 150 -96.14 -76.40 -2.71
N PHE OA 151 -95.88 -75.44 -1.83
CA PHE OA 151 -95.30 -74.16 -2.22
C PHE OA 151 -94.64 -73.44 -1.04
N ASP OA 152 -93.86 -72.40 -1.34
CA ASP OA 152 -93.16 -71.59 -0.35
C ASP OA 152 -92.93 -70.13 -0.80
N ASN OA 153 -93.16 -69.19 0.12
CA ASN OA 153 -92.98 -67.75 -0.06
C ASN OA 153 -91.58 -67.32 0.38
N LYS OA 154 -90.60 -67.38 -0.52
CA LYS OA 154 -89.19 -67.20 -0.15
C LYS OA 154 -88.77 -65.73 -0.22
N GLN OA 155 -87.60 -65.45 0.34
CA GLN OA 155 -86.88 -64.22 0.04
C GLN OA 155 -86.62 -64.15 -1.47
N PHE OA 156 -86.60 -62.95 -2.05
CA PHE OA 156 -86.44 -62.80 -3.49
C PHE OA 156 -85.14 -63.40 -4.01
N GLN OA 157 -85.18 -63.86 -5.26
CA GLN OA 157 -84.02 -64.20 -6.09
C GLN OA 157 -84.11 -63.41 -7.40
N ASN OA 158 -82.99 -63.12 -8.02
CA ASN OA 158 -82.88 -62.62 -9.40
C ASN OA 158 -82.46 -63.76 -10.36
N ARG OA 159 -82.56 -63.59 -11.68
CA ARG OA 159 -82.16 -64.59 -12.69
C ARG OA 159 -81.47 -63.96 -13.91
N SER OA 160 -80.47 -64.64 -14.46
CA SER OA 160 -79.67 -64.23 -15.63
C SER OA 160 -79.14 -65.46 -16.40
N GLU OA 161 -78.50 -65.26 -17.55
CA GLU OA 161 -78.03 -66.36 -18.42
C GLU OA 161 -77.06 -67.32 -17.72
N GLN OA 162 -76.26 -66.81 -16.79
CA GLN OA 162 -75.22 -67.56 -16.08
C GLN OA 162 -75.72 -68.30 -14.84
N THR OA 163 -76.90 -67.97 -14.33
CA THR OA 163 -77.45 -68.53 -13.09
C THR OA 163 -78.34 -69.74 -13.36
N THR OA 164 -78.00 -70.89 -12.77
CA THR OA 164 -78.92 -72.05 -12.71
C THR OA 164 -79.69 -71.99 -11.40
N ALA OA 165 -80.95 -71.55 -11.46
CA ALA OA 165 -81.84 -71.46 -10.31
C ALA OA 165 -82.36 -72.85 -9.92
N LYS OA 166 -81.58 -73.60 -9.14
CA LYS OA 166 -82.05 -74.81 -8.47
C LYS OA 166 -83.11 -74.45 -7.43
N GLU OA 167 -84.23 -75.15 -7.43
CA GLU OA 167 -85.22 -75.12 -6.37
C GLU OA 167 -85.67 -76.55 -6.06
N ARG OA 168 -85.94 -76.80 -4.79
CA ARG OA 168 -86.26 -78.14 -4.29
C ARG OA 168 -87.05 -78.07 -3.00
N PHE OA 169 -87.82 -79.11 -2.73
CA PHE OA 169 -88.60 -79.30 -1.52
C PHE OA 169 -88.28 -80.66 -0.89
N ILE OA 170 -88.15 -80.69 0.43
CA ILE OA 170 -88.32 -81.91 1.23
C ILE OA 170 -89.63 -81.73 2.02
N VAL OA 171 -90.60 -82.62 1.80
CA VAL OA 171 -91.98 -82.49 2.29
C VAL OA 171 -92.53 -83.82 2.73
N GLU OA 172 -93.61 -83.81 3.48
CA GLU OA 172 -94.40 -84.98 3.84
C GLU OA 172 -95.89 -84.60 3.88
N VAL OA 173 -96.78 -85.56 3.66
CA VAL OA 173 -98.22 -85.30 3.51
C VAL OA 173 -98.88 -84.74 4.78
N ASP OA 174 -98.24 -85.04 5.90
CA ASP OA 174 -98.54 -84.59 7.25
C ASP OA 174 -97.20 -84.28 7.96
N PRO OA 175 -96.77 -83.00 8.01
CA PRO OA 175 -95.51 -82.61 8.62
C PRO OA 175 -95.52 -82.51 10.15
N ASN OA 176 -96.66 -82.48 10.86
CA ASN OA 176 -96.60 -82.22 12.32
C ASN OA 176 -97.15 -83.33 13.24
N SER OA 177 -97.58 -84.48 12.70
CA SER OA 177 -97.89 -85.68 13.51
C SER OA 177 -96.64 -86.42 14.02
N ALA PA 2 -91.22 -77.02 5.74
CA ALA PA 2 -92.11 -77.05 4.54
C ALA PA 2 -93.38 -77.86 4.83
N ILE PA 3 -94.43 -77.72 4.02
CA ILE PA 3 -95.81 -78.10 4.43
C ILE PA 3 -96.65 -78.60 3.26
N ALA PA 4 -97.59 -79.49 3.55
CA ALA PA 4 -98.70 -79.83 2.67
C ALA PA 4 -99.75 -78.70 2.61
N THR PA 5 -100.83 -78.87 1.84
CA THR PA 5 -101.95 -77.91 1.77
C THR PA 5 -103.29 -78.63 1.98
N TYR PA 6 -104.30 -77.87 2.36
CA TYR PA 6 -105.66 -78.37 2.51
C TYR PA 6 -106.10 -79.14 1.26
N ASN PA 7 -105.95 -78.54 0.08
CA ASN PA 7 -106.41 -79.20 -1.13
C ASN PA 7 -105.62 -80.45 -1.46
N SER PA 8 -104.35 -80.55 -1.04
CA SER PA 8 -103.61 -81.81 -1.15
C SER PA 8 -104.33 -82.92 -0.39
N HIS PA 9 -104.75 -82.63 0.84
CA HIS PA 9 -105.47 -83.57 1.65
C HIS PA 9 -106.80 -83.97 1.00
N VAL PA 10 -107.50 -83.01 0.39
CA VAL PA 10 -108.75 -83.27 -0.34
C VAL PA 10 -108.50 -84.26 -1.48
N GLU PA 11 -107.49 -84.03 -2.29
CA GLU PA 11 -107.21 -84.92 -3.42
C GLU PA 11 -106.74 -86.31 -2.93
N LEU PA 12 -105.97 -86.37 -1.85
CA LEU PA 12 -105.58 -87.66 -1.25
C LEU PA 12 -106.81 -88.42 -0.75
N ALA PA 13 -107.79 -87.73 -0.14
CA ALA PA 13 -109.05 -88.37 0.29
C ALA PA 13 -109.82 -88.93 -0.92
N LYS PA 14 -109.85 -88.21 -2.06
CA LYS PA 14 -110.43 -88.73 -3.33
C LYS PA 14 -109.70 -89.97 -3.83
N TYR PA 15 -108.39 -90.06 -3.60
CA TYR PA 15 -107.63 -91.27 -3.85
C TYR PA 15 -108.05 -92.43 -2.93
N LEU PA 16 -108.08 -92.26 -1.60
CA LEU PA 16 -108.53 -93.34 -0.70
C LEU PA 16 -109.98 -93.76 -0.98
N VAL PA 17 -110.88 -92.83 -1.32
CA VAL PA 17 -112.26 -93.17 -1.73
C VAL PA 17 -112.26 -93.97 -3.03
N SER PA 18 -111.38 -93.68 -3.98
CA SER PA 18 -111.28 -94.51 -5.18
C SER PA 18 -110.88 -95.98 -4.89
N LYS PA 19 -110.19 -96.23 -3.77
CA LYS PA 19 -109.80 -97.58 -3.31
C LYS PA 19 -110.92 -98.40 -2.64
N ALA PA 20 -112.08 -97.79 -2.37
CA ALA PA 20 -113.13 -98.25 -1.43
C ALA PA 20 -113.46 -99.75 -1.50
N ASP PA 21 -113.56 -100.31 -2.69
CA ASP PA 21 -113.93 -101.71 -2.90
C ASP PA 21 -112.96 -102.68 -2.19
N SER PA 22 -111.68 -102.30 -2.11
CA SER PA 22 -110.65 -103.05 -1.40
C SER PA 22 -110.67 -102.83 0.12
N VAL PA 23 -111.64 -102.08 0.67
CA VAL PA 23 -111.71 -101.67 2.08
C VAL PA 23 -112.59 -102.61 2.93
N TYR PA 24 -112.08 -103.06 4.08
CA TYR PA 24 -112.78 -103.95 5.02
C TYR PA 24 -112.60 -103.44 6.45
N LEU PA 25 -113.69 -103.42 7.23
CA LEU PA 25 -113.63 -103.48 8.68
C LEU PA 25 -112.86 -104.72 9.11
N THR PA 26 -112.14 -104.65 10.21
CA THR PA 26 -111.57 -105.77 10.94
C THR PA 26 -111.85 -105.58 12.43
N ILE PA 27 -112.16 -106.68 13.13
CA ILE PA 27 -112.29 -106.67 14.59
C ILE PA 27 -111.40 -107.74 15.22
N GLY PA 28 -110.94 -107.44 16.44
CA GLY PA 28 -109.96 -108.25 17.17
C GLY PA 28 -109.90 -107.92 18.66
N LYS PA 29 -108.89 -108.47 19.33
CA LYS PA 29 -108.71 -108.41 20.78
C LYS PA 29 -109.95 -108.93 21.52
N SER PA 30 -110.22 -110.23 21.37
CA SER PA 30 -111.30 -110.95 22.06
C SER PA 30 -110.98 -111.29 23.54
N THR PA 31 -109.71 -111.37 23.95
CA THR PA 31 -109.32 -111.46 25.37
C THR PA 31 -109.07 -110.07 25.98
N PRO PA 32 -109.12 -109.90 27.31
CA PRO PA 32 -108.92 -108.61 28.01
C PRO PA 32 -107.64 -107.82 27.70
N TRP PA 33 -107.75 -106.50 27.85
CA TRP PA 33 -106.64 -105.61 28.21
C TRP PA 33 -106.16 -105.88 29.65
N SER PA 34 -105.19 -105.09 30.14
CA SER PA 34 -104.86 -105.05 31.57
C SER PA 34 -105.92 -104.30 32.40
N ASN PA 35 -106.40 -103.15 31.90
CA ASN PA 35 -107.61 -102.49 32.39
C ASN PA 35 -108.65 -102.43 31.24
N GLU PA 36 -109.83 -103.01 31.45
CA GLU PA 36 -110.88 -103.08 30.43
C GLU PA 36 -111.67 -101.79 30.24
N THR PA 37 -111.70 -100.91 31.25
CA THR PA 37 -112.27 -99.55 31.15
C THR PA 37 -111.31 -98.61 30.42
N ASN PA 38 -109.99 -98.85 30.53
CA ASN PA 38 -108.90 -98.00 30.02
C ASN PA 38 -107.87 -98.77 29.14
N PRO PA 39 -108.20 -99.09 27.86
CA PRO PA 39 -107.28 -99.70 26.88
C PRO PA 39 -105.94 -98.93 26.70
N PRO PA 40 -104.87 -99.56 26.20
CA PRO PA 40 -103.66 -98.85 25.75
C PRO PA 40 -103.93 -98.03 24.47
N GLN PA 41 -103.31 -96.86 24.31
CA GLN PA 41 -103.44 -96.03 23.08
C GLN PA 41 -102.86 -96.73 21.82
N PRO PA 42 -103.47 -96.58 20.63
CA PRO PA 42 -103.13 -97.37 19.46
C PRO PA 42 -101.78 -96.97 18.88
N ASP PA 43 -101.00 -97.95 18.46
CA ASP PA 43 -99.67 -97.78 17.88
C ASP PA 43 -99.72 -97.88 16.35
N GLU PA 44 -99.41 -96.78 15.69
CA GLU PA 44 -99.53 -96.62 14.24
C GLU PA 44 -98.48 -97.39 13.44
N ASN PA 45 -97.46 -97.95 14.09
CA ASN PA 45 -96.52 -98.90 13.49
C ASN PA 45 -97.11 -100.31 13.31
N ALA PA 46 -98.24 -100.60 13.96
CA ALA PA 46 -98.92 -101.88 13.81
C ALA PA 46 -99.36 -102.12 12.36
N THR PA 47 -99.52 -103.40 12.04
CA THR PA 47 -99.81 -103.86 10.68
C THR PA 47 -101.10 -104.68 10.59
N VAL PA 48 -101.53 -105.26 11.71
CA VAL PA 48 -102.75 -106.05 11.88
C VAL PA 48 -103.23 -105.92 13.33
N LEU PA 49 -104.54 -106.08 13.57
CA LEU PA 49 -105.10 -106.14 14.91
C LEU PA 49 -104.58 -107.38 15.68
N GLN PA 50 -104.61 -107.32 17.01
CA GLN PA 50 -104.38 -108.46 17.89
C GLN PA 50 -105.57 -109.43 17.83
N GLU PA 51 -105.33 -110.74 18.03
CA GLU PA 51 -106.37 -111.76 18.25
C GLU PA 51 -107.52 -111.66 17.23
N VAL PA 52 -107.20 -111.57 15.93
CA VAL PA 52 -108.14 -111.16 14.88
C VAL PA 52 -109.36 -112.11 14.82
N ILE PA 53 -110.58 -111.54 14.91
CA ILE PA 53 -111.88 -112.26 14.87
C ILE PA 53 -112.41 -112.38 13.44
N GLY PA 54 -112.19 -111.35 12.62
CA GLY PA 54 -112.45 -111.40 11.19
C GLY PA 54 -112.42 -110.03 10.53
N TYR PA 55 -112.82 -110.01 9.27
CA TYR PA 55 -112.88 -108.85 8.40
C TYR PA 55 -114.27 -108.78 7.79
N LYS PA 56 -114.80 -107.58 7.57
CA LYS PA 56 -116.07 -107.36 6.87
C LYS PA 56 -115.93 -106.23 5.85
N LYS PA 57 -116.38 -106.39 4.62
CA LYS PA 57 -116.24 -105.36 3.57
C LYS PA 57 -116.92 -104.06 3.98
N ALA PA 58 -116.34 -102.93 3.62
CA ALA PA 58 -116.92 -101.62 3.91
C ALA PA 58 -118.26 -101.45 3.18
N THR PA 59 -119.33 -101.56 3.95
CA THR PA 59 -120.71 -101.32 3.50
C THR PA 59 -120.93 -99.86 3.07
N LYS PA 60 -120.07 -98.94 3.53
CA LYS PA 60 -120.05 -97.57 3.04
C LYS PA 60 -118.62 -97.02 3.10
N VAL PA 61 -118.24 -96.31 2.04
CA VAL PA 61 -117.07 -95.43 1.95
C VAL PA 61 -117.48 -94.18 1.17
N THR PA 62 -117.25 -92.98 1.70
CA THR PA 62 -117.56 -91.75 0.96
C THR PA 62 -116.77 -90.58 1.51
N LEU PA 63 -116.59 -89.53 0.71
CA LEU PA 63 -116.23 -88.24 1.27
C LEU PA 63 -117.40 -87.72 2.13
N VAL PA 64 -117.07 -87.05 3.22
CA VAL PA 64 -117.99 -86.31 4.09
C VAL PA 64 -117.31 -85.02 4.54
N ARG PA 65 -118.08 -84.19 5.22
CA ARG PA 65 -117.59 -83.12 6.11
C ARG PA 65 -118.53 -82.94 7.29
N PRO PA 66 -118.10 -82.27 8.37
CA PRO PA 66 -119.02 -81.82 9.40
C PRO PA 66 -120.11 -80.96 8.77
N SER PA 67 -121.35 -81.07 9.24
CA SER PA 67 -122.45 -80.29 8.68
C SER PA 67 -122.45 -78.86 9.21
N LYS PA 68 -122.89 -77.92 8.38
CA LYS PA 68 -122.93 -76.45 8.60
C LYS PA 68 -124.29 -75.88 8.16
N SER PA 69 -124.83 -74.94 8.92
CA SER PA 69 -126.19 -74.40 8.75
C SER PA 69 -126.12 -72.93 8.30
N PRO PA 70 -127.09 -72.41 7.51
CA PRO PA 70 -128.24 -73.12 6.95
C PRO PA 70 -127.93 -74.01 5.73
N GLU PA 71 -126.77 -73.90 5.08
CA GLU PA 71 -126.58 -74.51 3.74
C GLU PA 71 -126.63 -76.04 3.68
N ASP PA 72 -126.46 -76.78 4.79
CA ASP PA 72 -126.69 -78.25 4.82
C ASP PA 72 -128.06 -78.69 5.32
N ASP PA 73 -128.93 -77.77 5.73
CA ASP PA 73 -130.18 -78.13 6.40
C ASP PA 73 -131.11 -79.00 5.52
N ASN PA 74 -130.94 -78.96 4.20
CA ASN PA 74 -131.69 -79.75 3.22
C ASN PA 74 -130.88 -80.92 2.59
N LYS PA 75 -129.72 -81.34 3.14
CA LYS PA 75 -128.81 -82.35 2.56
C LYS PA 75 -128.82 -83.75 3.25
N ASN PA 76 -128.01 -84.68 2.69
CA ASN PA 76 -127.79 -86.08 3.09
C ASN PA 76 -127.05 -86.24 4.43
N LEU PA 77 -127.70 -85.95 5.55
CA LEU PA 77 -127.07 -86.01 6.88
C LEU PA 77 -126.79 -87.46 7.35
N ILE PA 78 -125.66 -87.65 8.03
CA ILE PA 78 -125.29 -88.86 8.78
C ILE PA 78 -125.01 -88.48 10.24
N SER PA 79 -125.38 -89.32 11.20
CA SER PA 79 -125.13 -89.10 12.62
C SER PA 79 -124.07 -90.07 13.15
N TYR PA 80 -123.00 -89.56 13.77
CA TYR PA 80 -121.85 -90.36 14.21
C TYR PA 80 -121.15 -89.76 15.43
N GLY PA 81 -120.97 -90.54 16.49
CA GLY PA 81 -120.13 -90.16 17.62
C GLY PA 81 -120.50 -88.80 18.20
N ASN PA 82 -121.81 -88.59 18.45
CA ASN PA 82 -122.38 -87.35 18.97
C ASN PA 82 -122.32 -86.13 18.01
N LYS PA 83 -121.88 -86.29 16.75
CA LYS PA 83 -121.79 -85.22 15.72
C LYS PA 83 -122.60 -85.53 14.44
N SER PA 84 -122.99 -84.49 13.72
CA SER PA 84 -123.76 -84.55 12.47
C SER PA 84 -122.93 -84.16 11.24
N TRP PA 85 -122.93 -85.03 10.25
CA TRP PA 85 -122.05 -85.03 9.07
C TRP PA 85 -122.87 -85.03 7.79
N VAL PA 86 -122.28 -84.66 6.66
CA VAL PA 86 -122.95 -84.66 5.36
C VAL PA 86 -122.08 -85.36 4.31
N GLU PA 87 -122.67 -86.17 3.44
CA GLU PA 87 -121.97 -86.81 2.31
C GLU PA 87 -121.51 -85.79 1.26
N VAL PA 88 -120.37 -86.03 0.62
CA VAL PA 88 -119.84 -85.23 -0.53
C VAL PA 88 -119.38 -86.17 -1.66
N THR PA 89 -119.35 -85.68 -2.90
CA THR PA 89 -119.01 -86.46 -4.11
C THR PA 89 -117.64 -86.06 -4.67
N PRO PA 90 -116.89 -86.98 -5.31
CA PRO PA 90 -115.48 -86.75 -5.67
C PRO PA 90 -115.21 -85.49 -6.48
N GLU PA 91 -116.03 -85.21 -7.49
CA GLU PA 91 -115.93 -84.06 -8.39
C GLU PA 91 -116.33 -82.71 -7.76
N ASN PA 92 -116.80 -82.71 -6.51
CA ASN PA 92 -117.15 -81.51 -5.72
C ASN PA 92 -116.27 -81.29 -4.49
N ALA PA 93 -115.31 -82.17 -4.23
CA ALA PA 93 -114.61 -82.22 -2.95
C ALA PA 93 -113.87 -80.92 -2.58
N LYS PA 94 -113.27 -80.22 -3.56
CA LYS PA 94 -112.61 -78.91 -3.35
C LYS PA 94 -113.58 -77.73 -3.19
N ALA PA 95 -114.79 -77.81 -3.74
CA ALA PA 95 -115.81 -76.77 -3.57
C ALA PA 95 -116.43 -76.83 -2.17
N GLU PA 96 -116.66 -78.03 -1.65
CA GLU PA 96 -117.18 -78.26 -0.29
C GLU PA 96 -116.09 -78.21 0.81
N GLY PA 97 -114.82 -78.43 0.45
CA GLY PA 97 -113.72 -78.62 1.39
C GLY PA 97 -113.69 -80.00 2.06
N ALA PA 98 -114.28 -81.02 1.44
CA ALA PA 98 -114.39 -82.36 2.01
C ALA PA 98 -113.05 -83.11 1.95
N LYS PA 99 -112.30 -83.10 3.04
CA LYS PA 99 -111.10 -83.95 3.19
C LYS PA 99 -111.32 -85.19 4.08
N TRP PA 100 -112.53 -85.38 4.61
CA TRP PA 100 -112.85 -86.49 5.50
C TRP PA 100 -113.50 -87.63 4.74
N VAL PA 101 -113.08 -88.83 5.09
CA VAL PA 101 -113.60 -90.09 4.57
C VAL PA 101 -114.44 -90.72 5.68
N TYR PA 102 -115.68 -91.09 5.36
CA TYR PA 102 -116.53 -91.93 6.19
C TYR PA 102 -116.31 -93.38 5.79
N LEU PA 103 -116.06 -94.25 6.77
CA LEU PA 103 -115.87 -95.69 6.59
C LEU PA 103 -116.79 -96.46 7.53
N GLU PA 104 -117.56 -97.44 7.04
CA GLU PA 104 -118.49 -98.20 7.87
C GLU PA 104 -118.65 -99.66 7.44
N SER PA 105 -118.77 -100.57 8.41
CA SER PA 105 -119.33 -101.89 8.16
C SER PA 105 -120.09 -102.47 9.35
N SER PA 106 -121.18 -103.18 9.06
CA SER PA 106 -122.03 -103.84 10.08
C SER PA 106 -121.82 -105.34 10.06
N ILE PA 107 -121.39 -105.89 11.19
CA ILE PA 107 -121.35 -107.32 11.42
C ILE PA 107 -122.72 -107.76 11.98
N VAL PA 108 -123.61 -108.25 11.12
CA VAL PA 108 -124.94 -108.76 11.52
C VAL PA 108 -124.75 -110.03 12.32
N GLY PA 109 -125.26 -110.02 13.56
CA GLY PA 109 -125.35 -111.21 14.41
C GLY PA 109 -124.04 -112.01 14.47
N ASP PA 110 -124.15 -113.25 14.04
CA ASP PA 110 -123.13 -114.27 14.00
C ASP PA 110 -122.42 -114.42 12.62
N GLU PA 111 -122.50 -113.46 11.69
CA GLU PA 111 -121.77 -113.63 10.41
C GLU PA 111 -120.25 -113.52 10.54
N LEU PA 112 -119.74 -113.10 11.69
CA LEU PA 112 -118.43 -113.49 12.19
C LEU PA 112 -118.66 -114.25 13.52
N PRO PA 113 -117.79 -115.18 13.92
CA PRO PA 113 -117.86 -115.84 15.23
C PRO PA 113 -118.22 -114.89 16.39
N LEU PA 114 -119.15 -115.32 17.24
CA LEU PA 114 -119.65 -114.55 18.38
C LEU PA 114 -118.60 -114.38 19.50
N GLY PA 115 -118.94 -113.63 20.55
CA GLY PA 115 -118.04 -113.29 21.65
C GLY PA 115 -117.47 -111.88 21.55
N THR PA 116 -116.78 -111.45 22.60
CA THR PA 116 -116.34 -110.05 22.73
C THR PA 116 -115.25 -109.64 21.72
N TYR PA 117 -115.15 -108.33 21.46
CA TYR PA 117 -114.07 -107.70 20.69
C TYR PA 117 -113.72 -106.36 21.32
N ARG PA 118 -112.48 -105.90 21.15
CA ARG PA 118 -112.01 -104.59 21.68
C ARG PA 118 -111.40 -103.73 20.58
N GLN PA 119 -110.66 -104.31 19.64
CA GLN PA 119 -110.10 -103.55 18.52
C GLN PA 119 -111.05 -103.47 17.34
N VAL PA 120 -111.03 -102.30 16.69
CA VAL PA 120 -111.76 -101.97 15.48
C VAL PA 120 -110.79 -101.29 14.53
N GLY PA 121 -110.70 -101.77 13.29
CA GLY PA 121 -109.80 -101.22 12.28
C GLY PA 121 -110.37 -101.31 10.88
N PHE PA 122 -109.85 -100.53 9.95
CA PHE PA 122 -110.18 -100.64 8.54
C PHE PA 122 -108.91 -100.80 7.71
N VAL PA 123 -108.92 -101.83 6.87
CA VAL PA 123 -107.81 -102.21 5.97
C VAL PA 123 -108.21 -101.90 4.52
N MET PA 124 -107.31 -101.40 3.68
CA MET PA 124 -107.48 -101.42 2.20
C MET PA 124 -106.59 -102.47 1.54
N ASP PA 125 -106.76 -102.69 0.23
CA ASP PA 125 -106.00 -103.69 -0.53
C ASP PA 125 -106.10 -105.13 0.02
N LEU PA 126 -107.13 -105.43 0.82
CA LEU PA 126 -107.32 -106.78 1.31
C LEU PA 126 -107.75 -107.71 0.15
N VAL PA 127 -107.13 -108.89 0.06
CA VAL PA 127 -107.40 -109.96 -0.91
C VAL PA 127 -107.65 -111.26 -0.18
N ALA PA 128 -108.79 -111.89 -0.46
CA ALA PA 128 -109.20 -113.15 0.14
C ALA PA 128 -108.60 -114.37 -0.59
N LYS PA 129 -108.62 -115.56 0.05
CA LYS PA 129 -108.21 -116.86 -0.51
C LYS PA 129 -109.22 -117.48 -1.49
N SER PA 130 -108.74 -118.42 -2.29
CA SER PA 130 -109.54 -119.48 -2.95
C SER PA 130 -110.75 -119.02 -3.76
N GLY PA 131 -110.65 -117.86 -4.40
CA GLY PA 131 -111.71 -117.28 -5.25
C GLY PA 131 -112.98 -116.84 -4.50
N ILE PA 132 -112.93 -116.76 -3.17
CA ILE PA 132 -114.10 -116.50 -2.31
C ILE PA 132 -114.77 -115.15 -2.64
N SER PA 133 -116.09 -115.15 -2.73
CA SER PA 133 -116.90 -113.97 -3.03
C SER PA 133 -117.32 -113.17 -1.80
N LYS PA 134 -117.54 -113.83 -0.66
CA LYS PA 134 -118.25 -113.22 0.45
C LYS PA 134 -117.45 -112.12 1.15
N PHE PA 135 -118.22 -111.18 1.72
CA PHE PA 135 -117.75 -109.95 2.36
C PHE PA 135 -117.42 -110.08 3.84
N ASN PA 136 -117.73 -111.19 4.51
CA ASN PA 136 -117.30 -111.54 5.85
C ASN PA 136 -116.23 -112.64 5.76
N LEU PA 137 -115.05 -112.38 6.32
CA LEU PA 137 -113.89 -113.29 6.25
C LEU PA 137 -113.34 -113.53 7.65
N VAL PA 138 -113.10 -114.79 8.01
CA VAL PA 138 -112.25 -115.14 9.14
C VAL PA 138 -110.79 -115.17 8.69
N PRO PA 139 -109.79 -115.05 9.58
CA PRO PA 139 -108.38 -115.01 9.20
C PRO PA 139 -107.93 -116.16 8.29
N SER PA 140 -108.46 -117.37 8.45
CA SER PA 140 -108.14 -118.52 7.57
C SER PA 140 -108.67 -118.38 6.13
N GLU PA 141 -109.43 -117.32 5.81
CA GLU PA 141 -109.85 -117.00 4.44
C GLU PA 141 -109.26 -115.68 3.92
N VAL PA 142 -108.28 -115.05 4.61
CA VAL PA 142 -107.51 -113.91 4.05
C VAL PA 142 -106.14 -114.34 3.51
N GLU PA 143 -105.84 -113.94 2.27
CA GLU PA 143 -104.56 -114.22 1.60
C GLU PA 143 -103.57 -113.09 1.84
N SER PA 144 -103.90 -111.88 1.38
CA SER PA 144 -103.16 -110.66 1.72
C SER PA 144 -104.03 -109.71 2.50
N THR PA 145 -103.55 -109.30 3.65
CA THR PA 145 -104.25 -108.31 4.46
C THR PA 145 -104.16 -106.89 3.88
N GLY PA 146 -103.35 -106.65 2.83
CA GLY PA 146 -103.24 -105.35 2.19
C GLY PA 146 -102.53 -104.32 3.04
N THR PA 147 -103.29 -103.38 3.63
CA THR PA 147 -102.77 -102.30 4.50
C THR PA 147 -103.81 -101.85 5.53
N LEU PA 148 -103.49 -102.02 6.81
CA LEU PA 148 -104.23 -101.43 7.93
C LEU PA 148 -104.11 -99.89 7.91
N LEU PA 149 -105.12 -99.21 7.34
CA LEU PA 149 -105.16 -97.75 7.21
C LEU PA 149 -105.44 -97.02 8.54
N PHE PA 150 -106.52 -97.40 9.23
CA PHE PA 150 -107.03 -96.70 10.42
C PHE PA 150 -107.49 -97.69 11.49
N PHE PA 151 -107.18 -97.48 12.77
CA PHE PA 151 -107.74 -98.32 13.84
C PHE PA 151 -107.79 -97.64 15.20
N ASP PA 152 -108.51 -98.25 16.14
CA ASP PA 152 -108.73 -97.76 17.49
C ASP PA 152 -108.74 -98.94 18.49
N ASN PA 153 -108.33 -98.69 19.75
CA ASN PA 153 -108.34 -99.66 20.86
C ASN PA 153 -109.46 -99.31 21.85
N LYS PA 154 -110.68 -99.79 21.58
CA LYS PA 154 -111.88 -99.53 22.39
C LYS PA 154 -111.89 -100.36 23.69
N GLN PA 155 -112.83 -100.07 24.59
CA GLN PA 155 -113.29 -101.05 25.57
C GLN PA 155 -113.84 -102.30 24.86
N PHE PA 156 -114.08 -103.37 25.62
CA PHE PA 156 -114.78 -104.50 25.04
C PHE PA 156 -116.24 -104.17 24.69
N GLN PA 157 -116.80 -105.00 23.83
CA GLN PA 157 -118.23 -105.11 23.56
C GLN PA 157 -118.56 -106.60 23.41
N ASN PA 158 -119.84 -106.97 23.44
CA ASN PA 158 -120.31 -108.33 23.14
C ASN PA 158 -121.18 -108.34 21.88
N ARG PA 159 -121.24 -109.50 21.22
CA ARG PA 159 -122.08 -109.77 20.05
C ARG PA 159 -122.86 -111.06 20.29
N SER PA 160 -124.12 -111.04 19.93
CA SER PA 160 -125.06 -112.16 20.02
C SER PA 160 -125.77 -112.33 18.67
N GLU PA 161 -126.57 -113.38 18.49
CA GLU PA 161 -127.24 -113.70 17.22
C GLU PA 161 -128.12 -112.54 16.70
N GLN PA 162 -128.80 -111.84 17.61
CA GLN PA 162 -129.70 -110.75 17.27
C GLN PA 162 -128.95 -109.45 16.98
N THR PA 163 -127.97 -109.07 17.82
CA THR PA 163 -127.31 -107.75 17.77
C THR PA 163 -126.45 -107.58 16.52
N THR PA 164 -126.72 -106.56 15.73
CA THR PA 164 -125.78 -106.12 14.70
C THR PA 164 -124.68 -105.28 15.37
N ALA PA 165 -123.41 -105.52 15.04
CA ALA PA 165 -122.28 -104.66 15.39
C ALA PA 165 -121.85 -103.78 14.19
N LYS PA 166 -122.49 -102.63 14.07
CA LYS PA 166 -122.09 -101.54 13.17
C LYS PA 166 -120.88 -100.80 13.76
N GLU PA 167 -119.73 -100.97 13.12
CA GLU PA 167 -118.49 -100.23 13.43
C GLU PA 167 -118.11 -99.32 12.25
N ARG PA 168 -117.65 -98.12 12.58
CA ARG PA 168 -117.41 -97.05 11.61
C ARG PA 168 -116.46 -95.98 12.13
N PHE PA 169 -115.87 -95.24 11.21
CA PHE PA 169 -114.99 -94.10 11.49
C PHE PA 169 -115.30 -92.94 10.55
N ILE PA 170 -114.92 -91.73 10.98
CA ILE PA 170 -114.68 -90.60 10.08
C ILE PA 170 -113.25 -90.12 10.28
N VAL PA 171 -112.47 -90.00 9.18
CA VAL PA 171 -111.01 -89.78 9.20
C VAL PA 171 -110.54 -88.92 8.03
N GLU PA 172 -109.41 -88.25 8.21
CA GLU PA 172 -108.74 -87.42 7.21
C GLU PA 172 -107.23 -87.76 7.17
N VAL PA 173 -106.55 -87.51 6.03
CA VAL PA 173 -105.15 -87.93 5.79
C VAL PA 173 -104.10 -87.18 6.61
N ASP PA 174 -104.49 -86.06 7.19
CA ASP PA 174 -103.72 -85.26 8.12
C ASP PA 174 -104.75 -84.64 9.06
N PRO PA 175 -104.92 -85.21 10.27
CA PRO PA 175 -105.94 -84.75 11.20
C PRO PA 175 -105.51 -83.53 12.05
N ASN PA 176 -104.25 -83.08 11.92
CA ASN PA 176 -103.59 -82.37 13.03
C ASN PA 176 -102.30 -81.56 12.74
N SER PA 177 -101.84 -81.32 11.50
CA SER PA 177 -100.69 -80.39 11.25
C SER PA 177 -101.03 -78.89 11.33
N ALA QA 2 -164.69 -116.14 27.15
CA ALA QA 2 -164.67 -116.14 25.68
C ALA QA 2 -163.35 -115.66 25.13
N ILE QA 3 -163.04 -116.01 23.88
CA ILE QA 3 -161.79 -115.57 23.21
C ILE QA 3 -161.79 -114.07 22.87
N ALA QA 4 -160.60 -113.51 22.68
CA ALA QA 4 -160.41 -112.21 22.08
C ALA QA 4 -160.18 -112.34 20.57
N THR QA 5 -160.62 -111.35 19.81
CA THR QA 5 -160.50 -111.36 18.35
C THR QA 5 -159.17 -110.77 17.86
N TYR QA 6 -158.75 -111.16 16.65
CA TYR QA 6 -157.60 -110.58 15.97
C TYR QA 6 -157.70 -109.04 15.84
N ASN QA 7 -158.87 -108.49 15.48
CA ASN QA 7 -159.07 -107.03 15.41
C ASN QA 7 -159.11 -106.34 16.78
N SER QA 8 -159.48 -107.02 17.86
CA SER QA 8 -159.28 -106.45 19.20
C SER QA 8 -157.78 -106.21 19.44
N HIS QA 9 -156.91 -107.17 19.10
CA HIS QA 9 -155.45 -107.01 19.25
C HIS QA 9 -154.91 -105.84 18.42
N VAL QA 10 -155.45 -105.64 17.22
CA VAL QA 10 -155.13 -104.46 16.41
C VAL QA 10 -155.55 -103.15 17.12
N GLU QA 11 -156.75 -103.07 17.70
CA GLU QA 11 -157.18 -101.88 18.47
C GLU QA 11 -156.35 -101.66 19.75
N LEU QA 12 -155.88 -102.73 20.41
CA LEU QA 12 -155.01 -102.66 21.58
C LEU QA 12 -153.54 -102.29 21.24
N ALA QA 13 -153.04 -102.65 20.05
CA ALA QA 13 -151.81 -102.09 19.49
C ALA QA 13 -151.94 -100.61 19.10
N LYS QA 14 -153.05 -100.16 18.50
CA LYS QA 14 -153.33 -98.73 18.23
C LYS QA 14 -153.35 -97.89 19.53
N TYR QA 15 -153.93 -98.41 20.62
CA TYR QA 15 -153.81 -97.83 21.96
C TYR QA 15 -152.35 -97.75 22.41
N LEU QA 16 -151.53 -98.80 22.28
CA LEU QA 16 -150.11 -98.74 22.62
C LEU QA 16 -149.29 -97.75 21.78
N VAL QA 17 -149.45 -97.72 20.46
CA VAL QA 17 -148.73 -96.77 19.61
C VAL QA 17 -149.11 -95.33 19.92
N SER QA 18 -150.37 -95.07 20.30
CA SER QA 18 -150.83 -93.72 20.67
C SER QA 18 -150.12 -93.15 21.92
N LYS QA 19 -149.58 -94.01 22.80
CA LYS QA 19 -148.86 -93.66 24.03
C LYS QA 19 -147.39 -93.22 23.83
N ALA QA 20 -146.92 -93.17 22.58
CA ALA QA 20 -145.51 -93.10 22.19
C ALA QA 20 -144.67 -92.08 22.97
N ASP QA 21 -145.17 -90.86 23.13
CA ASP QA 21 -144.42 -89.78 23.78
C ASP QA 21 -144.03 -90.16 25.23
N SER QA 22 -144.81 -91.01 25.89
CA SER QA 22 -144.54 -91.50 27.25
C SER QA 22 -143.62 -92.74 27.33
N VAL QA 23 -143.28 -93.36 26.21
CA VAL QA 23 -142.56 -94.63 26.19
C VAL QA 23 -141.08 -94.42 26.49
N TYR QA 24 -140.48 -95.26 27.37
CA TYR QA 24 -139.05 -95.28 27.68
C TYR QA 24 -138.49 -96.70 27.60
N LEU QA 25 -137.39 -96.89 26.88
CA LEU QA 25 -136.43 -97.97 27.15
C LEU QA 25 -135.96 -97.88 28.61
N THR QA 26 -135.72 -99.01 29.26
CA THR QA 26 -134.99 -99.15 30.52
C THR QA 26 -133.98 -100.28 30.42
N ILE QA 27 -132.83 -100.11 31.08
CA ILE QA 27 -131.81 -101.16 31.15
C ILE QA 27 -131.42 -101.46 32.60
N GLY QA 28 -131.07 -102.71 32.84
CA GLY QA 28 -130.73 -103.26 34.17
C GLY QA 28 -129.90 -104.54 34.10
N LYS QA 29 -129.80 -105.23 35.23
CA LYS QA 29 -129.00 -106.46 35.46
C LYS QA 29 -127.52 -106.25 35.08
N SER QA 30 -126.92 -105.27 35.74
CA SER QA 30 -125.52 -104.89 35.51
C SER QA 30 -124.54 -105.92 36.08
N THR QA 31 -124.96 -106.85 36.93
CA THR QA 31 -124.13 -107.99 37.38
C THR QA 31 -124.52 -109.28 36.66
N PRO QA 32 -123.65 -110.32 36.63
CA PRO QA 32 -123.86 -111.55 35.87
C PRO QA 32 -125.15 -112.34 36.16
N TRP QA 33 -125.60 -113.10 35.16
CA TRP QA 33 -126.45 -114.29 35.31
C TRP QA 33 -125.64 -115.47 35.90
N SER QA 34 -126.22 -116.67 35.94
CA SER QA 34 -125.47 -117.93 36.19
C SER QA 34 -124.63 -118.36 34.98
N ASN QA 35 -125.19 -118.25 33.77
CA ASN QA 35 -124.48 -118.38 32.52
C ASN QA 35 -124.70 -117.11 31.69
N GLU QA 36 -123.63 -116.41 31.34
CA GLU QA 36 -123.69 -115.14 30.58
C GLU QA 36 -123.98 -115.33 29.08
N THR QA 37 -123.65 -116.50 28.51
CA THR QA 37 -124.05 -116.86 27.12
C THR QA 37 -125.53 -117.25 27.05
N ASN QA 38 -126.09 -117.79 28.14
CA ASN QA 38 -127.47 -118.27 28.23
C ASN QA 38 -128.25 -117.69 29.43
N PRO QA 39 -128.76 -116.44 29.33
CA PRO QA 39 -129.70 -115.85 30.28
C PRO QA 39 -130.98 -116.70 30.51
N PRO QA 40 -131.65 -116.56 31.66
CA PRO QA 40 -132.95 -117.19 31.90
C PRO QA 40 -134.06 -116.53 31.07
N GLN QA 41 -135.14 -117.24 30.76
CA GLN QA 41 -136.34 -116.63 30.15
C GLN QA 41 -137.02 -115.64 31.14
N PRO QA 42 -137.64 -114.56 30.64
CA PRO QA 42 -138.11 -113.43 31.46
C PRO QA 42 -139.37 -113.73 32.29
N ASP QA 43 -139.56 -113.03 33.41
CA ASP QA 43 -140.72 -113.16 34.31
C ASP QA 43 -141.77 -112.09 34.03
N GLU QA 44 -142.89 -112.46 33.40
CA GLU QA 44 -143.96 -111.53 33.02
C GLU QA 44 -144.67 -110.87 34.22
N ASN QA 45 -144.42 -111.33 35.45
CA ASN QA 45 -144.95 -110.73 36.67
C ASN QA 45 -144.03 -109.63 37.27
N ALA QA 46 -142.82 -109.43 36.73
CA ALA QA 46 -141.91 -108.37 37.14
C ALA QA 46 -142.41 -106.99 36.69
N THR QA 47 -142.46 -106.03 37.61
CA THR QA 47 -142.85 -104.65 37.32
C THR QA 47 -141.67 -103.76 36.94
N VAL QA 48 -140.46 -104.17 37.29
CA VAL QA 48 -139.22 -103.39 37.17
C VAL QA 48 -138.04 -104.32 36.92
N LEU QA 49 -137.02 -103.82 36.21
CA LEU QA 49 -135.79 -104.57 35.99
C LEU QA 49 -135.02 -104.79 37.30
N GLN QA 50 -134.15 -105.80 37.32
CA GLN QA 50 -133.16 -105.97 38.41
C GLN QA 50 -132.04 -104.92 38.27
N GLU QA 51 -131.42 -104.51 39.38
CA GLU QA 51 -130.17 -103.73 39.38
C GLU QA 51 -130.24 -102.51 38.43
N VAL QA 52 -131.33 -101.74 38.48
CA VAL QA 52 -131.70 -100.79 37.41
C VAL QA 52 -130.57 -99.77 37.16
N ILE QA 53 -130.19 -99.61 35.90
CA ILE QA 53 -129.18 -98.61 35.52
C ILE QA 53 -129.88 -97.29 35.21
N GLY QA 54 -130.94 -97.33 34.39
CA GLY QA 54 -131.73 -96.14 34.05
C GLY QA 54 -132.78 -96.37 32.95
N TYR QA 55 -133.24 -95.25 32.38
CA TYR QA 55 -134.32 -95.14 31.41
C TYR QA 55 -133.97 -94.15 30.30
N LYS QA 56 -134.35 -94.44 29.05
CA LYS QA 56 -134.21 -93.54 27.90
C LYS QA 56 -135.51 -93.53 27.09
N LYS QA 57 -136.06 -92.39 26.73
CA LYS QA 57 -137.30 -92.27 25.93
C LYS QA 57 -137.23 -93.10 24.63
N ALA QA 58 -138.34 -93.61 24.13
CA ALA QA 58 -138.34 -94.30 22.84
C ALA QA 58 -138.09 -93.33 21.68
N THR QA 59 -137.11 -93.65 20.84
CA THR QA 59 -136.81 -92.89 19.63
C THR QA 59 -137.81 -93.17 18.49
N LYS QA 60 -138.36 -94.39 18.41
CA LYS QA 60 -139.34 -94.78 17.39
C LYS QA 60 -140.43 -95.66 17.98
N VAL QA 61 -141.67 -95.35 17.63
CA VAL QA 61 -142.86 -96.14 17.95
C VAL QA 61 -143.80 -96.12 16.75
N THR QA 62 -144.30 -97.28 16.32
CA THR QA 62 -145.28 -97.41 15.23
C THR QA 62 -145.91 -98.81 15.24
N LEU QA 63 -147.06 -98.99 14.58
CA LEU QA 63 -147.49 -100.33 14.20
C LEU QA 63 -146.56 -100.87 13.11
N VAL QA 64 -146.46 -102.19 13.02
CA VAL QA 64 -145.79 -102.90 11.91
C VAL QA 64 -146.54 -104.15 11.52
N ARG QA 65 -146.16 -104.74 10.38
CA ARG QA 65 -146.32 -106.17 10.08
C ARG QA 65 -145.13 -106.70 9.26
N PRO QA 66 -144.90 -108.02 9.13
CA PRO QA 66 -143.93 -108.57 8.18
C PRO QA 66 -144.14 -108.00 6.76
N SER QA 67 -143.08 -107.73 5.99
CA SER QA 67 -143.21 -107.20 4.61
C SER QA 67 -143.22 -108.31 3.55
N LYS QA 68 -143.86 -107.99 2.42
CA LYS QA 68 -143.88 -108.80 1.19
C LYS QA 68 -144.04 -107.94 -0.05
N SER QA 69 -143.54 -108.43 -1.17
CA SER QA 69 -143.51 -107.73 -2.46
C SER QA 69 -144.45 -108.41 -3.46
N PRO QA 70 -145.17 -107.69 -4.33
CA PRO QA 70 -145.08 -106.25 -4.62
C PRO QA 70 -145.86 -105.29 -3.71
N GLU QA 71 -146.81 -105.78 -2.91
CA GLU QA 71 -147.83 -104.91 -2.30
C GLU QA 71 -147.31 -103.90 -1.26
N ASP QA 72 -146.12 -104.12 -0.72
CA ASP QA 72 -145.44 -103.20 0.20
C ASP QA 72 -144.40 -102.29 -0.49
N ASP QA 73 -144.15 -102.41 -1.80
CA ASP QA 73 -143.04 -101.71 -2.49
C ASP QA 73 -143.18 -100.17 -2.59
N ASN QA 74 -144.30 -99.60 -2.15
CA ASN QA 74 -144.49 -98.14 -2.03
C ASN QA 74 -144.68 -97.67 -0.57
N LYS QA 75 -144.46 -98.54 0.42
CA LYS QA 75 -144.58 -98.29 1.86
C LYS QA 75 -143.23 -98.20 2.57
N ASN QA 76 -143.29 -97.88 3.85
CA ASN QA 76 -142.14 -97.72 4.75
C ASN QA 76 -141.60 -99.08 5.25
N LEU QA 77 -140.51 -99.60 4.69
CA LEU QA 77 -139.91 -100.85 5.18
C LEU QA 77 -139.03 -100.67 6.42
N ILE QA 78 -138.83 -101.78 7.15
CA ILE QA 78 -137.96 -101.99 8.32
C ILE QA 78 -137.22 -103.33 8.14
N SER QA 79 -136.08 -103.49 8.82
CA SER QA 79 -135.37 -104.77 8.99
C SER QA 79 -135.23 -105.07 10.49
N TYR QA 80 -135.51 -106.30 10.91
CA TYR QA 80 -135.36 -106.76 12.31
C TYR QA 80 -135.42 -108.29 12.41
N GLY QA 81 -134.55 -108.88 13.26
CA GLY QA 81 -134.72 -110.26 13.70
C GLY QA 81 -134.85 -111.23 12.56
N ASN QA 82 -133.94 -111.21 11.58
CA ASN QA 82 -133.96 -112.14 10.44
C ASN QA 82 -135.13 -111.96 9.44
N LYS QA 83 -135.88 -110.85 9.45
CA LYS QA 83 -136.88 -110.51 8.40
C LYS QA 83 -136.97 -109.02 8.09
N SER QA 84 -137.54 -108.68 6.93
CA SER QA 84 -138.07 -107.35 6.65
C SER QA 84 -139.54 -107.19 7.12
N TRP QA 85 -139.87 -105.98 7.59
CA TRP QA 85 -141.13 -105.55 8.19
C TRP QA 85 -141.57 -104.24 7.50
N VAL QA 86 -142.82 -103.83 7.69
CA VAL QA 86 -143.37 -102.58 7.14
C VAL QA 86 -144.11 -101.82 8.25
N GLU QA 87 -143.88 -100.51 8.36
CA GLU QA 87 -144.61 -99.65 9.30
C GLU QA 87 -146.05 -99.50 8.82
N VAL QA 88 -147.02 -99.73 9.69
CA VAL QA 88 -148.43 -99.54 9.35
C VAL QA 88 -148.93 -98.26 10.02
N THR QA 89 -149.55 -97.40 9.23
CA THR QA 89 -150.11 -96.14 9.72
C THR QA 89 -151.42 -96.40 10.50
N PRO QA 90 -151.69 -95.72 11.63
CA PRO QA 90 -152.82 -96.07 12.52
C PRO QA 90 -154.22 -96.19 11.87
N GLU QA 91 -154.52 -95.45 10.80
CA GLU QA 91 -155.81 -95.53 10.09
C GLU QA 91 -156.00 -96.80 9.24
N ASN QA 92 -154.90 -97.45 8.80
CA ASN QA 92 -154.90 -98.69 8.02
C ASN QA 92 -154.87 -99.95 8.88
N ALA QA 93 -154.67 -99.83 10.19
CA ALA QA 93 -154.26 -100.93 11.05
C ALA QA 93 -155.12 -102.19 10.92
N LYS QA 94 -156.46 -102.04 10.93
CA LYS QA 94 -157.41 -103.16 10.81
C LYS QA 94 -157.41 -103.78 9.40
N ALA QA 95 -157.23 -102.97 8.35
CA ALA QA 95 -157.15 -103.47 6.98
C ALA QA 95 -155.86 -104.27 6.73
N GLU QA 96 -154.71 -103.77 7.20
CA GLU QA 96 -153.41 -104.46 7.10
C GLU QA 96 -153.21 -105.58 8.14
N GLY QA 97 -154.07 -105.64 9.16
CA GLY QA 97 -153.98 -106.62 10.24
C GLY QA 97 -152.84 -106.39 11.23
N ALA QA 98 -152.43 -105.14 11.40
CA ALA QA 98 -151.19 -104.75 12.06
C ALA QA 98 -151.31 -104.81 13.60
N LYS QA 99 -151.37 -106.01 14.17
CA LYS QA 99 -151.37 -106.23 15.62
C LYS QA 99 -150.02 -106.00 16.32
N TRP QA 100 -148.95 -105.71 15.57
CA TRP QA 100 -147.60 -105.60 16.09
C TRP QA 100 -147.20 -104.15 16.33
N VAL QA 101 -146.53 -103.90 17.46
CA VAL QA 101 -145.86 -102.63 17.78
C VAL QA 101 -144.36 -102.80 17.59
N TYR QA 102 -143.74 -101.83 16.92
CA TYR QA 102 -142.28 -101.69 16.86
C TYR QA 102 -141.85 -100.62 17.86
N LEU QA 103 -140.93 -100.95 18.74
CA LEU QA 103 -140.38 -100.05 19.76
C LEU QA 103 -138.87 -99.98 19.62
N GLU QA 104 -138.27 -98.78 19.62
CA GLU QA 104 -136.81 -98.62 19.57
C GLU QA 104 -136.30 -97.44 20.38
N SER QA 105 -135.20 -97.64 21.08
CA SER QA 105 -134.37 -96.55 21.56
C SER QA 105 -132.90 -96.88 21.44
N SER QA 106 -132.07 -95.85 21.50
CA SER QA 106 -130.61 -95.94 21.48
C SER QA 106 -130.05 -95.13 22.65
N ILE QA 107 -129.15 -95.70 23.44
CA ILE QA 107 -128.36 -94.94 24.41
C ILE QA 107 -127.06 -94.55 23.70
N VAL QA 108 -126.95 -93.28 23.29
CA VAL QA 108 -125.78 -92.74 22.60
C VAL QA 108 -124.70 -92.51 23.63
N GLY QA 109 -123.64 -93.32 23.62
CA GLY QA 109 -122.50 -93.14 24.50
C GLY QA 109 -122.85 -93.15 26.01
N ASP QA 110 -122.35 -92.14 26.72
CA ASP QA 110 -122.32 -92.01 28.20
C ASP QA 110 -123.51 -91.23 28.82
N GLU QA 111 -124.61 -91.03 28.09
CA GLU QA 111 -125.79 -90.28 28.59
C GLU QA 111 -126.59 -90.99 29.71
N LEU QA 112 -126.25 -92.27 29.97
CA LEU QA 112 -126.44 -92.98 31.25
C LEU QA 112 -125.06 -93.53 31.68
N PRO QA 113 -124.82 -93.78 32.99
CA PRO QA 113 -123.55 -94.31 33.49
C PRO QA 113 -122.96 -95.45 32.64
N LEU QA 114 -121.70 -95.31 32.18
CA LEU QA 114 -121.00 -96.32 31.38
C LEU QA 114 -120.73 -97.59 32.21
N GLY QA 115 -121.00 -98.76 31.63
CA GLY QA 115 -120.87 -100.09 32.23
C GLY QA 115 -121.58 -101.16 31.40
N THR QA 116 -122.15 -102.17 32.06
CA THR QA 116 -122.82 -103.29 31.39
C THR QA 116 -124.28 -103.46 31.81
N TYR QA 117 -125.11 -104.00 30.91
CA TYR QA 117 -126.52 -104.33 31.14
C TYR QA 117 -126.87 -105.70 30.54
N ARG QA 118 -127.90 -106.36 31.09
CA ARG QA 118 -128.42 -107.66 30.59
C ARG QA 118 -129.94 -107.71 30.43
N GLN QA 119 -130.65 -106.78 31.05
CA GLN QA 119 -132.10 -106.66 30.88
C GLN QA 119 -132.40 -105.40 30.10
N VAL QA 120 -133.30 -105.53 29.12
CA VAL QA 120 -133.81 -104.44 28.28
C VAL QA 120 -135.32 -104.48 28.41
N GLY QA 121 -135.95 -103.35 28.71
CA GLY QA 121 -137.41 -103.26 28.71
C GLY QA 121 -137.92 -101.93 28.20
N PHE QA 122 -139.20 -101.85 27.89
CA PHE QA 122 -139.88 -100.60 27.55
C PHE QA 122 -141.07 -100.36 28.49
N VAL QA 123 -141.07 -99.23 29.17
CA VAL QA 123 -142.11 -98.76 30.08
C VAL QA 123 -142.95 -97.70 29.38
N MET QA 124 -144.20 -97.50 29.81
CA MET QA 124 -145.05 -96.37 29.38
C MET QA 124 -145.68 -95.70 30.59
N ASP QA 125 -146.15 -94.47 30.42
CA ASP QA 125 -146.57 -93.61 31.53
C ASP QA 125 -145.45 -93.31 32.55
N LEU QA 126 -144.18 -93.35 32.12
CA LEU QA 126 -143.07 -92.86 32.94
C LEU QA 126 -143.22 -91.35 33.15
N VAL QA 127 -143.16 -90.91 34.41
CA VAL QA 127 -143.29 -89.51 34.83
C VAL QA 127 -142.01 -89.07 35.53
N ALA QA 128 -141.29 -88.12 34.94
CA ALA QA 128 -140.10 -87.55 35.55
C ALA QA 128 -140.46 -86.47 36.58
N LYS QA 129 -139.54 -86.20 37.52
CA LYS QA 129 -139.70 -85.13 38.50
C LYS QA 129 -139.83 -83.77 37.81
N SER QA 130 -140.43 -82.79 38.49
CA SER QA 130 -140.58 -81.43 37.96
C SER QA 130 -139.23 -80.77 37.69
N GLY QA 131 -139.12 -80.03 36.57
CA GLY QA 131 -137.87 -79.45 36.08
C GLY QA 131 -136.95 -80.44 35.35
N ILE QA 132 -137.36 -81.71 35.18
CA ILE QA 132 -136.63 -82.75 34.45
C ILE QA 132 -137.44 -83.24 33.23
N SER QA 133 -137.40 -82.48 32.13
CA SER QA 133 -138.00 -82.87 30.85
C SER QA 133 -137.10 -83.78 29.98
N LYS QA 134 -135.82 -83.97 30.34
CA LYS QA 134 -134.85 -84.72 29.52
C LYS QA 134 -135.26 -86.18 29.32
N PHE QA 135 -134.76 -86.74 28.23
CA PHE QA 135 -135.16 -88.05 27.75
C PHE QA 135 -134.30 -89.22 28.31
N ASN QA 136 -133.18 -88.94 29.00
CA ASN QA 136 -132.26 -89.91 29.65
C ASN QA 136 -132.28 -89.76 31.18
N LEU QA 137 -132.62 -90.81 31.92
CA LEU QA 137 -132.95 -90.73 33.35
C LEU QA 137 -132.31 -91.87 34.18
N VAL QA 138 -131.69 -91.55 35.32
CA VAL QA 138 -131.39 -92.53 36.40
C VAL QA 138 -132.55 -92.59 37.42
N PRO QA 139 -132.73 -93.69 38.19
CA PRO QA 139 -133.94 -93.92 38.98
C PRO QA 139 -134.33 -92.81 39.98
N SER QA 140 -133.39 -92.01 40.47
CA SER QA 140 -133.65 -90.89 41.38
C SER QA 140 -134.20 -89.62 40.72
N GLU QA 141 -134.15 -89.49 39.38
CA GLU QA 141 -134.69 -88.35 38.62
C GLU QA 141 -136.17 -88.55 38.23
N VAL QA 142 -136.70 -89.74 38.53
CA VAL QA 142 -138.01 -90.23 38.10
C VAL QA 142 -139.04 -90.15 39.24
N GLU QA 143 -140.18 -89.52 38.97
CA GLU QA 143 -141.28 -89.41 39.93
C GLU QA 143 -142.11 -90.70 39.97
N SER QA 144 -142.41 -91.28 38.81
CA SER QA 144 -142.96 -92.63 38.68
C SER QA 144 -142.38 -93.34 37.46
N THR QA 145 -141.99 -94.61 37.58
CA THR QA 145 -141.43 -95.40 36.48
C THR QA 145 -142.47 -95.81 35.43
N GLY QA 146 -143.77 -95.59 35.70
CA GLY QA 146 -144.87 -96.04 34.84
C GLY QA 146 -145.02 -97.56 34.83
N THR QA 147 -145.59 -98.09 33.75
CA THR QA 147 -145.88 -99.52 33.56
C THR QA 147 -144.87 -100.14 32.61
N LEU QA 148 -144.12 -101.16 33.06
CA LEU QA 148 -143.19 -101.96 32.25
C LEU QA 148 -143.97 -102.87 31.28
N LEU QA 149 -144.14 -102.43 30.04
CA LEU QA 149 -144.96 -103.10 29.04
C LEU QA 149 -144.32 -104.42 28.61
N PHE QA 150 -143.03 -104.34 28.26
CA PHE QA 150 -142.27 -105.42 27.65
C PHE QA 150 -140.86 -105.44 28.21
N PHE QA 151 -140.26 -106.62 28.35
CA PHE QA 151 -138.83 -106.76 28.60
C PHE QA 151 -138.30 -108.13 28.18
N ASP QA 152 -136.99 -108.21 28.04
CA ASP QA 152 -136.26 -109.41 27.67
C ASP QA 152 -135.00 -109.55 28.53
N ASN QA 153 -134.64 -110.79 28.85
CA ASN QA 153 -133.34 -111.10 29.39
C ASN QA 153 -132.41 -111.44 28.22
N LYS QA 154 -131.42 -110.59 28.00
CA LYS QA 154 -130.42 -110.75 26.94
C LYS QA 154 -129.06 -111.13 27.53
N GLN QA 155 -128.17 -111.55 26.63
CA GLN QA 155 -126.72 -111.59 26.86
C GLN QA 155 -126.17 -110.17 27.08
N PHE QA 156 -125.10 -110.03 27.87
CA PHE QA 156 -124.67 -108.71 28.32
C PHE QA 156 -124.13 -107.85 27.18
N GLN QA 157 -124.19 -106.54 27.38
CA GLN QA 157 -123.63 -105.54 26.48
C GLN QA 157 -122.85 -104.50 27.30
N ASN QA 158 -121.69 -104.09 26.83
CA ASN QA 158 -120.93 -102.96 27.37
C ASN QA 158 -121.40 -101.67 26.68
N ARG QA 159 -121.16 -100.52 27.32
CA ARG QA 159 -121.34 -99.19 26.72
C ARG QA 159 -120.08 -98.33 26.88
N SER QA 160 -119.68 -97.63 25.82
CA SER QA 160 -118.57 -96.66 25.73
C SER QA 160 -118.97 -95.48 24.83
N GLU QA 161 -118.24 -94.36 24.90
CA GLU QA 161 -118.60 -93.08 24.24
C GLU QA 161 -118.82 -93.21 22.72
N GLN QA 162 -118.02 -94.04 22.04
CA GLN QA 162 -118.16 -94.34 20.61
C GLN QA 162 -119.39 -95.16 20.28
N THR QA 163 -119.64 -96.20 21.07
CA THR QA 163 -120.74 -97.14 20.83
C THR QA 163 -122.08 -96.44 20.95
N THR QA 164 -123.05 -96.79 20.10
CA THR QA 164 -124.45 -96.46 20.34
C THR QA 164 -125.22 -97.76 20.62
N ALA QA 165 -125.83 -97.87 21.81
CA ALA QA 165 -126.52 -99.07 22.27
C ALA QA 165 -127.98 -99.04 21.79
N LYS QA 166 -128.20 -99.42 20.53
CA LYS QA 166 -129.54 -99.57 19.94
C LYS QA 166 -130.22 -100.81 20.51
N GLU QA 167 -131.41 -100.63 21.06
CA GLU QA 167 -132.28 -101.71 21.52
C GLU QA 167 -133.71 -101.51 21.03
N ARG QA 168 -134.33 -102.59 20.54
CA ARG QA 168 -135.65 -102.58 19.92
C ARG QA 168 -136.38 -103.91 19.98
N PHE QA 169 -137.68 -103.82 19.94
CA PHE QA 169 -138.57 -104.97 19.97
C PHE QA 169 -139.70 -104.84 18.95
N ILE QA 170 -140.08 -105.97 18.35
CA ILE QA 170 -141.38 -106.17 17.73
C ILE QA 170 -142.17 -107.12 18.62
N VAL QA 171 -143.34 -106.67 19.05
CA VAL QA 171 -144.20 -107.37 19.99
C VAL QA 171 -145.67 -107.20 19.62
N GLU QA 172 -146.49 -108.11 20.11
CA GLU QA 172 -147.95 -108.07 19.97
C GLU QA 172 -148.60 -108.39 21.33
N VAL QA 173 -149.84 -107.94 21.56
CA VAL QA 173 -150.51 -108.08 22.87
C VAL QA 173 -150.86 -109.52 23.27
N ASP QA 174 -150.88 -110.41 22.28
CA ASP QA 174 -151.15 -111.84 22.40
C ASP QA 174 -150.40 -112.55 21.27
N PRO QA 175 -149.29 -113.25 21.55
CA PRO QA 175 -148.50 -113.95 20.53
C PRO QA 175 -149.17 -115.10 19.72
N ASN QA 176 -150.48 -115.40 19.88
CA ASN QA 176 -151.16 -116.37 19.00
C ASN QA 176 -152.71 -116.37 18.94
N SER QA 177 -153.48 -116.11 20.02
CA SER QA 177 -154.89 -116.56 20.12
C SER QA 177 -155.96 -115.68 19.46
N ALA RA 2 -140.68 -111.77 23.37
CA ALA RA 2 -141.87 -111.40 22.58
C ALA RA 2 -143.20 -111.30 23.37
N ILE RA 3 -143.34 -111.88 24.57
CA ILE RA 3 -144.60 -111.90 25.36
C ILE RA 3 -145.07 -110.55 25.88
N ALA RA 4 -146.36 -110.48 26.18
CA ALA RA 4 -146.97 -109.47 27.04
C ALA RA 4 -146.68 -109.74 28.54
N THR RA 5 -147.19 -108.88 29.42
CA THR RA 5 -147.20 -109.09 30.89
C THR RA 5 -148.62 -109.06 31.44
N TYR RA 6 -148.85 -109.75 32.56
CA TYR RA 6 -150.14 -109.76 33.22
C TYR RA 6 -150.67 -108.34 33.51
N ASN RA 7 -149.81 -107.42 33.94
CA ASN RA 7 -150.25 -106.04 34.19
C ASN RA 7 -150.58 -105.26 32.92
N SER RA 8 -150.00 -105.59 31.76
CA SER RA 8 -150.47 -105.02 30.50
C SER RA 8 -151.95 -105.38 30.28
N HIS RA 9 -152.36 -106.61 30.56
CA HIS RA 9 -153.75 -107.06 30.46
C HIS RA 9 -154.69 -106.29 31.41
N VAL RA 10 -154.20 -105.89 32.59
CA VAL RA 10 -154.96 -105.04 33.51
C VAL RA 10 -155.18 -103.63 32.93
N GLU RA 11 -154.12 -103.00 32.43
CA GLU RA 11 -154.23 -101.67 31.80
C GLU RA 11 -155.09 -101.68 30.53
N LEU RA 12 -155.20 -102.83 29.87
CA LEU RA 12 -156.07 -103.03 28.71
C LEU RA 12 -157.53 -103.29 29.13
N ALA RA 13 -157.78 -103.98 30.25
CA ALA RA 13 -159.13 -104.11 30.80
C ALA RA 13 -159.70 -102.76 31.31
N LYS RA 14 -158.87 -101.92 31.98
CA LYS RA 14 -159.24 -100.55 32.40
C LYS RA 14 -159.75 -99.70 31.23
N TYR RA 15 -159.04 -99.72 30.11
CA TYR RA 15 -159.42 -98.98 28.91
C TYR RA 15 -160.82 -99.37 28.43
N LEU RA 16 -161.09 -100.68 28.31
CA LEU RA 16 -162.39 -101.21 27.85
C LEU RA 16 -163.57 -100.82 28.76
N VAL RA 17 -163.36 -100.78 30.08
CA VAL RA 17 -164.35 -100.27 31.06
C VAL RA 17 -164.52 -98.74 30.99
N SER RA 18 -163.44 -97.98 30.72
CA SER RA 18 -163.51 -96.51 30.66
C SER RA 18 -164.48 -95.96 29.59
N LYS RA 19 -164.78 -96.77 28.58
CA LYS RA 19 -165.62 -96.43 27.42
C LYS RA 19 -167.15 -96.50 27.68
N ALA RA 20 -167.57 -96.93 28.88
CA ALA RA 20 -168.90 -97.49 29.21
C ALA RA 20 -170.16 -96.79 28.65
N ASP RA 21 -170.18 -95.47 28.56
CA ASP RA 21 -171.35 -94.72 28.04
C ASP RA 21 -171.64 -95.03 26.55
N SER RA 22 -170.59 -95.27 25.74
CA SER RA 22 -170.70 -95.65 24.31
C SER RA 22 -170.96 -97.16 24.08
N VAL RA 23 -171.23 -97.92 25.15
CA VAL RA 23 -171.35 -99.39 25.08
C VAL RA 23 -172.80 -99.81 24.90
N TYR RA 24 -173.05 -100.72 23.97
CA TYR RA 24 -174.36 -101.30 23.72
C TYR RA 24 -174.24 -102.82 23.68
N LEU RA 25 -175.25 -103.50 24.22
CA LEU RA 25 -175.61 -104.87 23.88
C LEU RA 25 -176.11 -104.90 22.42
N THR RA 26 -175.96 -106.05 21.74
CA THR RA 26 -176.64 -106.39 20.49
C THR RA 26 -177.09 -107.86 20.53
N ILE RA 27 -178.15 -108.22 19.81
CA ILE RA 27 -178.71 -109.60 19.78
C ILE RA 27 -179.04 -110.10 18.36
N GLY RA 28 -178.90 -111.42 18.13
CA GLY RA 28 -179.04 -112.04 16.81
C GLY RA 28 -179.18 -113.57 16.82
N LYS RA 29 -178.98 -114.22 15.66
CA LYS RA 29 -179.18 -115.65 15.35
C LYS RA 29 -180.59 -116.15 15.68
N SER RA 30 -181.57 -115.54 15.02
CA SER RA 30 -182.99 -115.86 15.17
C SER RA 30 -183.39 -117.22 14.58
N THR RA 31 -182.51 -117.92 13.85
CA THR RA 31 -182.70 -119.27 13.26
C THR RA 31 -181.74 -120.33 13.84
N PRO RA 32 -182.07 -121.65 13.84
CA PRO RA 32 -181.38 -122.67 14.64
C PRO RA 32 -179.86 -122.85 14.47
N TRP RA 33 -179.23 -123.41 15.51
CA TRP RA 33 -178.00 -124.20 15.42
C TRP RA 33 -178.27 -125.63 14.91
N SER RA 34 -177.21 -126.36 14.57
CA SER RA 34 -177.29 -127.79 14.25
C SER RA 34 -177.60 -128.66 15.47
N ASN RA 35 -177.15 -128.26 16.66
CA ASN RA 35 -177.57 -128.82 17.95
C ASN RA 35 -177.97 -127.68 18.88
N GLU RA 36 -179.28 -127.49 19.08
CA GLU RA 36 -179.81 -126.39 19.89
C GLU RA 36 -179.47 -126.50 21.39
N THR RA 37 -179.14 -127.68 21.90
CA THR RA 37 -178.68 -127.87 23.30
C THR RA 37 -177.23 -127.41 23.47
N ASN RA 38 -176.40 -127.63 22.44
CA ASN RA 38 -174.92 -127.50 22.48
C ASN RA 38 -174.39 -126.61 21.32
N PRO RA 39 -174.51 -125.28 21.46
CA PRO RA 39 -174.05 -124.31 20.46
C PRO RA 39 -172.56 -124.44 20.11
N PRO RA 40 -172.15 -124.05 18.89
CA PRO RA 40 -170.75 -124.10 18.45
C PRO RA 40 -169.91 -122.95 19.04
N GLN RA 41 -168.58 -123.09 19.00
CA GLN RA 41 -167.70 -121.96 19.29
C GLN RA 41 -167.93 -120.76 18.34
N PRO RA 42 -167.85 -119.52 18.83
CA PRO RA 42 -168.00 -118.30 18.02
C PRO RA 42 -166.80 -117.97 17.11
N ASP RA 43 -167.03 -117.09 16.13
CA ASP RA 43 -166.05 -116.64 15.11
C ASP RA 43 -165.48 -115.24 15.42
N GLU RA 44 -164.22 -115.16 15.83
CA GLU RA 44 -163.57 -113.90 16.17
C GLU RA 44 -163.52 -112.88 15.02
N ASN RA 45 -163.56 -113.29 13.76
CA ASN RA 45 -163.43 -112.37 12.63
C ASN RA 45 -164.70 -111.54 12.35
N ALA RA 46 -165.82 -111.86 12.99
CA ALA RA 46 -167.05 -111.11 12.86
C ALA RA 46 -166.88 -109.60 13.17
N THR RA 47 -167.64 -108.76 12.47
CA THR RA 47 -167.77 -107.31 12.75
C THR RA 47 -169.17 -106.90 13.26
N VAL RA 48 -170.14 -107.82 13.21
CA VAL RA 48 -171.55 -107.65 13.60
C VAL RA 48 -172.18 -109.04 13.81
N LEU RA 49 -173.27 -109.17 14.57
CA LEU RA 49 -173.90 -110.49 14.79
C LEU RA 49 -174.46 -111.12 13.51
N GLN RA 50 -174.57 -112.46 13.48
CA GLN RA 50 -175.39 -113.17 12.50
C GLN RA 50 -176.87 -112.86 12.77
N GLU RA 51 -177.64 -112.60 11.72
CA GLU RA 51 -179.08 -112.36 11.81
C GLU RA 51 -179.42 -111.24 12.81
N VAL RA 52 -178.84 -110.05 12.62
CA VAL RA 52 -179.00 -108.94 13.59
C VAL RA 52 -180.46 -108.63 13.83
N ILE RA 53 -180.81 -108.51 15.10
CA ILE RA 53 -182.11 -108.02 15.52
C ILE RA 53 -181.97 -106.51 15.88
N GLY RA 54 -181.05 -106.11 16.77
CA GLY RA 54 -180.77 -104.70 17.08
C GLY RA 54 -179.75 -104.45 18.20
N TYR RA 55 -179.73 -103.24 18.78
CA TYR RA 55 -178.80 -102.74 19.80
C TYR RA 55 -179.51 -102.05 21.00
N LYS RA 56 -179.01 -102.22 22.24
CA LYS RA 56 -179.54 -101.56 23.47
C LYS RA 56 -178.37 -101.05 24.35
N LYS RA 57 -178.45 -99.84 24.90
CA LYS RA 57 -177.40 -99.23 25.74
C LYS RA 57 -177.08 -100.06 27.00
N ALA RA 58 -175.80 -100.21 27.35
CA ALA RA 58 -175.40 -100.99 28.51
C ALA RA 58 -175.94 -100.39 29.80
N THR RA 59 -176.43 -101.24 30.68
CA THR RA 59 -176.95 -100.87 32.01
C THR RA 59 -175.88 -100.96 33.10
N LYS RA 60 -174.89 -101.84 32.94
CA LYS RA 60 -173.82 -102.08 33.92
C LYS RA 60 -172.56 -102.48 33.15
N VAL RA 61 -171.45 -101.77 33.39
CA VAL RA 61 -170.09 -102.11 32.91
C VAL RA 61 -169.13 -101.96 34.10
N THR RA 62 -168.29 -102.96 34.38
CA THR RA 62 -167.37 -102.95 35.54
C THR RA 62 -166.18 -103.86 35.28
N LEU RA 63 -165.07 -103.70 36.01
CA LEU RA 63 -164.11 -104.79 36.10
C LEU RA 63 -164.64 -105.85 37.09
N VAL RA 64 -164.16 -107.08 36.98
CA VAL RA 64 -164.43 -108.21 37.87
C VAL RA 64 -163.18 -109.08 37.99
N ARG RA 65 -163.18 -110.03 38.91
CA ARG RA 65 -162.27 -111.19 38.89
C ARG RA 65 -162.94 -112.47 39.45
N PRO RA 66 -162.40 -113.68 39.22
CA PRO RA 66 -162.91 -114.92 39.81
C PRO RA 66 -162.90 -114.85 41.34
N SER RA 67 -164.00 -115.21 42.01
CA SER RA 67 -164.11 -115.04 43.47
C SER RA 67 -163.44 -116.16 44.27
N LYS RA 68 -162.89 -115.77 45.43
CA LYS RA 68 -162.22 -116.65 46.38
C LYS RA 68 -162.46 -116.19 47.83
N SER RA 69 -162.85 -117.15 48.65
CA SER RA 69 -162.88 -117.00 50.11
C SER RA 69 -161.47 -117.23 50.69
N PRO RA 70 -161.07 -116.60 51.80
CA PRO RA 70 -161.83 -115.66 52.61
C PRO RA 70 -161.86 -114.23 52.07
N GLU RA 71 -160.89 -113.85 51.25
CA GLU RA 71 -160.62 -112.43 50.97
C GLU RA 71 -161.73 -111.69 50.19
N ASP RA 72 -162.64 -112.41 49.54
CA ASP RA 72 -163.81 -111.82 48.89
C ASP RA 72 -165.11 -111.90 49.71
N ASP RA 73 -165.09 -112.49 50.92
CA ASP RA 73 -166.31 -112.78 51.69
C ASP RA 73 -167.17 -111.53 52.00
N ASN RA 74 -166.52 -110.37 52.12
CA ASN RA 74 -167.18 -109.10 52.39
C ASN RA 74 -167.48 -108.28 51.10
N LYS RA 75 -167.25 -108.82 49.90
CA LYS RA 75 -167.44 -108.10 48.62
C LYS RA 75 -168.73 -108.49 47.88
N ASN RA 76 -169.04 -107.73 46.83
CA ASN RA 76 -170.20 -107.86 45.93
C ASN RA 76 -170.02 -108.99 44.90
N LEU RA 77 -170.62 -110.16 45.15
CA LEU RA 77 -170.48 -111.36 44.31
C LEU RA 77 -171.54 -111.47 43.18
N ILE RA 78 -171.12 -112.06 42.05
CA ILE RA 78 -171.91 -112.36 40.82
C ILE RA 78 -171.84 -113.89 40.57
N SER RA 79 -172.88 -114.52 40.01
CA SER RA 79 -172.86 -115.93 39.53
C SER RA 79 -173.09 -116.03 38.02
N TYR RA 80 -172.11 -116.54 37.28
CA TYR RA 80 -172.09 -116.45 35.81
C TYR RA 80 -171.16 -117.48 35.17
N GLY RA 81 -171.54 -118.04 34.02
CA GLY RA 81 -170.65 -118.83 33.17
C GLY RA 81 -170.06 -120.07 33.84
N ASN RA 82 -170.81 -120.68 34.76
CA ASN RA 82 -170.38 -121.80 35.61
C ASN RA 82 -169.31 -121.45 36.68
N LYS RA 83 -169.15 -120.16 37.03
CA LYS RA 83 -168.23 -119.64 38.06
C LYS RA 83 -168.84 -118.50 38.89
N SER RA 84 -168.21 -118.20 40.03
CA SER RA 84 -168.52 -117.05 40.89
C SER RA 84 -167.44 -115.96 40.79
N TRP RA 85 -167.86 -114.70 40.86
CA TRP RA 85 -167.09 -113.53 40.48
C TRP RA 85 -167.29 -112.41 41.50
N VAL RA 86 -166.42 -111.40 41.53
CA VAL RA 86 -166.55 -110.21 42.40
C VAL RA 86 -166.32 -108.92 41.61
N GLU RA 87 -167.12 -107.87 41.85
CA GLU RA 87 -166.93 -106.56 41.18
C GLU RA 87 -165.63 -105.86 41.63
N VAL RA 88 -164.95 -105.18 40.69
CA VAL RA 88 -163.72 -104.39 40.92
C VAL RA 88 -163.82 -103.00 40.25
N THR RA 89 -163.32 -101.95 40.91
CA THR RA 89 -163.22 -100.57 40.38
C THR RA 89 -161.86 -100.29 39.69
N PRO RA 90 -161.79 -99.34 38.72
CA PRO RA 90 -160.58 -99.02 37.96
C PRO RA 90 -159.31 -98.76 38.79
N GLU RA 91 -159.37 -98.01 39.89
CA GLU RA 91 -158.22 -97.73 40.77
C GLU RA 91 -157.76 -98.92 41.64
N ASN RA 92 -158.58 -99.98 41.75
CA ASN RA 92 -158.23 -101.24 42.40
C ASN RA 92 -157.68 -102.29 41.42
N ALA RA 93 -157.64 -102.03 40.11
CA ALA RA 93 -157.43 -103.06 39.10
C ALA RA 93 -156.11 -103.85 39.24
N LYS RA 94 -154.95 -103.17 39.36
CA LYS RA 94 -153.65 -103.87 39.55
C LYS RA 94 -153.54 -104.56 40.91
N ALA RA 95 -154.15 -104.02 41.96
CA ALA RA 95 -154.14 -104.63 43.29
C ALA RA 95 -154.90 -105.95 43.31
N GLU RA 96 -156.09 -105.97 42.69
CA GLU RA 96 -156.92 -107.17 42.59
C GLU RA 96 -156.45 -108.15 41.48
N GLY RA 97 -155.69 -107.65 40.51
CA GLY RA 97 -155.34 -108.41 39.31
C GLY RA 97 -156.51 -108.54 38.34
N ALA RA 98 -157.41 -107.55 38.31
CA ALA RA 98 -158.69 -107.55 37.59
C ALA RA 98 -158.57 -107.24 36.09
N LYS RA 99 -157.94 -108.16 35.36
CA LYS RA 99 -157.93 -108.17 33.89
C LYS RA 99 -159.26 -108.59 33.23
N TRP RA 100 -160.37 -108.72 33.99
CA TRP RA 100 -161.69 -109.09 33.44
C TRP RA 100 -162.71 -107.96 33.50
N VAL RA 101 -163.51 -107.86 32.45
CA VAL RA 101 -164.61 -106.90 32.29
C VAL RA 101 -165.94 -107.65 32.38
N TYR RA 102 -166.90 -107.14 33.16
CA TYR RA 102 -168.32 -107.51 33.15
C TYR RA 102 -169.13 -106.47 32.37
N LEU RA 103 -169.99 -106.90 31.46
CA LEU RA 103 -170.89 -106.06 30.63
C LEU RA 103 -172.33 -106.58 30.77
N GLU RA 104 -173.35 -105.70 30.84
CA GLU RA 104 -174.76 -106.11 30.89
C GLU RA 104 -175.74 -105.08 30.29
N SER RA 105 -176.76 -105.56 29.58
CA SER RA 105 -177.98 -104.81 29.28
C SER RA 105 -179.21 -105.73 29.22
N SER RA 106 -180.40 -105.14 29.30
CA SER RA 106 -181.68 -105.85 29.28
C SER RA 106 -182.62 -105.28 28.21
N ILE RA 107 -183.15 -106.15 27.35
CA ILE RA 107 -184.11 -105.76 26.29
C ILE RA 107 -185.51 -106.10 26.76
N VAL RA 108 -186.35 -105.08 26.91
CA VAL RA 108 -187.69 -105.18 27.49
C VAL RA 108 -188.74 -105.30 26.39
N GLY RA 109 -189.32 -106.49 26.25
CA GLY RA 109 -190.38 -106.74 25.29
C GLY RA 109 -189.99 -106.36 23.86
N ASP RA 110 -190.91 -105.71 23.17
CA ASP RA 110 -190.79 -105.33 21.75
C ASP RA 110 -190.10 -103.97 21.53
N GLU RA 111 -189.27 -103.48 22.46
CA GLU RA 111 -188.45 -102.29 22.19
C GLU RA 111 -187.41 -102.50 21.06
N LEU RA 112 -187.19 -103.75 20.66
CA LEU RA 112 -186.55 -104.25 19.43
C LEU RA 112 -187.38 -105.45 18.89
N PRO RA 113 -187.43 -105.74 17.57
CA PRO RA 113 -188.28 -106.78 16.95
C PRO RA 113 -188.27 -108.19 17.60
N LEU RA 114 -189.45 -108.83 17.69
CA LEU RA 114 -189.72 -110.07 18.46
C LEU RA 114 -189.39 -111.39 17.72
N GLY RA 115 -189.32 -112.50 18.47
CA GLY RA 115 -188.94 -113.84 18.00
C GLY RA 115 -187.94 -114.55 18.93
N THR RA 116 -187.23 -115.57 18.44
CA THR RA 116 -186.10 -116.20 19.17
C THR RA 116 -184.77 -115.49 18.91
N TYR RA 117 -183.79 -115.62 19.81
CA TYR RA 117 -182.39 -115.23 19.61
C TYR RA 117 -181.40 -116.21 20.28
N ARG RA 118 -180.19 -116.31 19.70
CA ARG RA 118 -179.10 -117.26 20.07
C ARG RA 118 -177.70 -116.63 20.09
N GLN RA 119 -177.54 -115.40 19.60
CA GLN RA 119 -176.31 -114.63 19.73
C GLN RA 119 -176.53 -113.36 20.51
N VAL RA 120 -175.46 -113.03 21.22
CA VAL RA 120 -175.32 -111.93 22.14
C VAL RA 120 -173.97 -111.32 21.83
N GLY RA 121 -173.86 -110.00 21.82
CA GLY RA 121 -172.60 -109.30 21.58
C GLY RA 121 -172.59 -107.92 22.23
N PHE RA 122 -171.40 -107.34 22.39
CA PHE RA 122 -171.28 -105.97 22.88
C PHE RA 122 -170.35 -105.14 21.99
N VAL RA 123 -170.77 -103.90 21.76
CA VAL RA 123 -170.11 -102.93 20.89
C VAL RA 123 -169.83 -101.63 21.66
N MET RA 124 -168.67 -101.02 21.43
CA MET RA 124 -168.31 -99.68 21.91
C MET RA 124 -168.31 -98.68 20.75
N ASP RA 125 -168.24 -97.39 21.04
CA ASP RA 125 -168.22 -96.32 20.02
C ASP RA 125 -169.46 -96.31 19.08
N LEU RA 126 -170.59 -96.87 19.52
CA LEU RA 126 -171.82 -96.80 18.74
C LEU RA 126 -172.44 -95.39 18.75
N VAL RA 127 -172.57 -94.78 17.58
CA VAL RA 127 -173.06 -93.40 17.39
C VAL RA 127 -174.39 -93.41 16.65
N ALA RA 128 -175.45 -92.86 17.26
CA ALA RA 128 -176.77 -92.74 16.62
C ALA RA 128 -176.86 -91.51 15.70
N LYS RA 129 -177.77 -91.57 14.72
CA LYS RA 129 -178.04 -90.49 13.77
C LYS RA 129 -178.61 -89.23 14.45
N SER RA 130 -178.28 -88.04 13.93
CA SER RA 130 -178.64 -86.76 14.57
C SER RA 130 -180.16 -86.60 14.74
N GLY RA 131 -180.57 -86.14 15.93
CA GLY RA 131 -181.97 -86.09 16.40
C GLY RA 131 -182.48 -87.39 17.05
N ILE RA 132 -181.71 -88.48 16.99
CA ILE RA 132 -182.02 -89.72 17.71
C ILE RA 132 -181.21 -89.74 19.00
N SER RA 133 -181.90 -89.74 20.14
CA SER RA 133 -181.26 -89.79 21.46
C SER RA 133 -181.55 -91.09 22.23
N LYS RA 134 -182.53 -91.90 21.80
CA LYS RA 134 -182.99 -93.10 22.52
C LYS RA 134 -181.97 -94.24 22.59
N PHE RA 135 -182.06 -95.02 23.67
CA PHE RA 135 -181.09 -96.06 24.03
C PHE RA 135 -181.33 -97.42 23.35
N ASN RA 136 -182.48 -97.64 22.71
CA ASN RA 136 -182.77 -98.80 21.86
C ASN RA 136 -182.68 -98.38 20.38
N LEU RA 137 -181.88 -99.10 19.58
CA LEU RA 137 -181.65 -98.77 18.17
C LEU RA 137 -181.77 -100.03 17.31
N VAL RA 138 -182.53 -99.95 16.21
CA VAL RA 138 -182.46 -100.92 15.10
C VAL RA 138 -181.34 -100.51 14.11
N PRO RA 139 -180.80 -101.43 13.29
CA PRO RA 139 -179.60 -101.15 12.50
C PRO RA 139 -179.66 -99.90 11.58
N SER RA 140 -180.84 -99.38 11.23
CA SER RA 140 -181.01 -98.18 10.40
C SER RA 140 -180.86 -96.83 11.11
N GLU RA 141 -181.10 -96.74 12.43
CA GLU RA 141 -181.01 -95.49 13.23
C GLU RA 141 -179.58 -95.17 13.72
N VAL RA 142 -178.67 -96.12 13.51
CA VAL RA 142 -177.27 -96.09 13.90
C VAL RA 142 -176.41 -95.44 12.79
N GLU RA 143 -175.69 -94.34 13.08
CA GLU RA 143 -174.77 -93.70 12.12
C GLU RA 143 -173.47 -94.49 11.98
N SER RA 144 -172.92 -94.96 13.09
CA SER RA 144 -171.82 -95.92 13.11
C SER RA 144 -172.07 -96.96 14.18
N THR RA 145 -172.00 -98.24 13.83
CA THR RA 145 -172.14 -99.34 14.79
C THR RA 145 -170.94 -99.45 15.74
N GLY RA 146 -169.90 -98.63 15.53
CA GLY RA 146 -168.67 -98.68 16.32
C GLY RA 146 -167.89 -99.97 16.03
N THR RA 147 -167.46 -100.67 17.07
CA THR RA 147 -166.71 -101.92 16.97
C THR RA 147 -167.31 -103.02 17.84
N LEU RA 148 -167.60 -104.19 17.29
CA LEU RA 148 -167.96 -105.37 18.09
C LEU RA 148 -166.71 -105.89 18.82
N LEU RA 149 -166.72 -105.78 20.15
CA LEU RA 149 -165.59 -106.16 21.02
C LEU RA 149 -165.60 -107.64 21.39
N PHE RA 150 -166.75 -108.15 21.86
CA PHE RA 150 -166.93 -109.51 22.36
C PHE RA 150 -168.31 -110.01 21.97
N PHE RA 151 -168.45 -111.32 21.74
CA PHE RA 151 -169.73 -111.94 21.49
C PHE RA 151 -169.70 -113.43 21.82
N ASP RA 152 -170.88 -114.06 21.94
CA ASP RA 152 -171.06 -115.49 22.28
C ASP RA 152 -172.19 -116.15 21.47
N ASN RA 153 -172.17 -117.47 21.42
CA ASN RA 153 -173.24 -118.31 20.92
C ASN RA 153 -173.92 -119.05 22.10
N LYS RA 154 -175.24 -118.95 22.22
CA LYS RA 154 -176.05 -119.45 23.35
C LYS RA 154 -177.15 -120.41 22.89
N GLN RA 155 -177.73 -121.16 23.82
CA GLN RA 155 -179.04 -121.78 23.61
C GLN RA 155 -180.12 -120.72 23.37
N PHE RA 156 -181.14 -121.08 22.57
CA PHE RA 156 -182.15 -120.11 22.14
C PHE RA 156 -183.04 -119.62 23.30
N GLN RA 157 -183.37 -118.33 23.27
CA GLN RA 157 -184.38 -117.72 24.13
C GLN RA 157 -185.47 -117.04 23.27
N ASN RA 158 -186.72 -117.15 23.69
CA ASN RA 158 -187.88 -116.62 22.98
C ASN RA 158 -188.39 -115.31 23.61
N ARG RA 159 -188.52 -114.27 22.79
CA ARG RA 159 -188.95 -112.94 23.22
C ARG RA 159 -190.38 -112.65 22.77
N SER RA 160 -191.21 -112.24 23.73
CA SER RA 160 -192.61 -111.75 23.61
C SER RA 160 -192.77 -110.46 24.44
N GLU RA 161 -193.85 -109.70 24.25
CA GLU RA 161 -193.99 -108.36 24.84
C GLU RA 161 -193.79 -108.33 26.37
N GLN RA 162 -194.12 -109.42 27.08
CA GLN RA 162 -194.04 -109.56 28.53
C GLN RA 162 -192.63 -109.96 29.06
N THR RA 163 -191.65 -110.25 28.19
CA THR RA 163 -190.33 -110.82 28.58
C THR RA 163 -189.19 -109.81 28.54
N THR RA 164 -188.40 -109.79 29.62
CA THR RA 164 -187.16 -109.00 29.72
C THR RA 164 -185.94 -109.89 29.49
N ALA RA 165 -185.37 -109.79 28.29
CA ALA RA 165 -184.15 -110.49 27.89
C ALA RA 165 -182.90 -109.79 28.43
N LYS RA 166 -182.50 -110.09 29.68
CA LYS RA 166 -181.16 -109.68 30.17
C LYS RA 166 -180.07 -110.46 29.45
N GLU RA 167 -179.02 -109.77 29.05
CA GLU RA 167 -177.82 -110.39 28.52
C GLU RA 167 -176.53 -109.72 29.00
N ARG RA 168 -175.51 -110.55 29.28
CA ARG RA 168 -174.29 -110.16 29.98
C ARG RA 168 -173.09 -111.05 29.66
N PHE RA 169 -171.90 -110.52 29.90
CA PHE RA 169 -170.61 -111.21 29.71
C PHE RA 169 -169.64 -110.98 30.86
N ILE RA 170 -168.67 -111.91 30.99
CA ILE RA 170 -167.38 -111.69 31.64
C ILE RA 170 -166.22 -112.15 30.73
N VAL RA 171 -165.23 -111.30 30.50
CA VAL RA 171 -164.17 -111.52 29.49
C VAL RA 171 -162.85 -110.90 29.90
N GLU RA 172 -161.74 -111.39 29.35
CA GLU RA 172 -160.38 -110.87 29.52
C GLU RA 172 -159.71 -110.70 28.15
N VAL RA 173 -158.61 -109.95 28.08
CA VAL RA 173 -157.94 -109.61 26.80
C VAL RA 173 -156.96 -110.68 26.27
N ASP RA 174 -156.61 -111.68 27.08
CA ASP RA 174 -155.73 -112.83 26.76
C ASP RA 174 -155.97 -114.03 27.73
N PRO RA 175 -156.91 -114.94 27.43
CA PRO RA 175 -157.34 -115.98 28.37
C PRO RA 175 -156.43 -117.23 28.42
N ASN RA 176 -155.39 -117.35 27.57
CA ASN RA 176 -154.65 -118.61 27.40
C ASN RA 176 -153.09 -118.50 27.36
N SER RA 177 -152.44 -117.32 27.25
CA SER RA 177 -150.95 -117.19 27.31
C SER RA 177 -150.38 -117.04 28.73
N ILE SA 3 -8.45 -73.72 -1.60
CA ILE SA 3 -8.51 -72.82 -2.80
C ILE SA 3 -7.16 -72.10 -2.98
N ASN SA 4 -6.51 -72.13 -4.15
CA ASN SA 4 -5.26 -71.41 -4.40
C ASN SA 4 -5.54 -69.98 -4.91
N PHE SA 5 -5.56 -69.02 -3.99
CA PHE SA 5 -5.88 -67.62 -4.31
C PHE SA 5 -4.80 -66.84 -5.08
N LYS SA 6 -3.63 -67.41 -5.36
CA LYS SA 6 -2.62 -66.73 -6.19
C LYS SA 6 -2.90 -66.81 -7.70
N GLY SA 7 -3.79 -67.71 -8.12
CA GLY SA 7 -4.42 -67.62 -9.44
C GLY SA 7 -5.40 -66.44 -9.52
N SER SA 8 -5.58 -65.88 -10.70
CA SER SA 8 -6.38 -64.66 -10.87
C SER SA 8 -7.91 -64.93 -10.82
N PRO SA 9 -8.75 -63.88 -10.64
CA PRO SA 9 -8.43 -62.43 -10.56
C PRO SA 9 -7.82 -62.04 -9.23
N TYR SA 10 -8.04 -62.86 -8.20
CA TYR SA 10 -7.63 -62.62 -6.82
C TYR SA 10 -6.10 -62.51 -6.75
N LEU SA 11 -5.38 -63.39 -7.47
CA LEU SA 11 -4.02 -63.13 -7.89
C LEU SA 11 -3.05 -62.84 -6.72
N ASP SA 12 -3.37 -63.32 -5.52
CA ASP SA 12 -2.93 -62.77 -4.24
C ASP SA 12 -1.45 -63.06 -3.96
N ARG SA 13 -0.55 -62.13 -4.33
CA ARG SA 13 0.89 -62.34 -4.19
C ARG SA 13 1.42 -62.16 -2.76
N PHE SA 14 0.58 -62.19 -1.74
CA PHE SA 14 1.06 -62.37 -0.38
C PHE SA 14 1.69 -63.76 -0.20
N ASP SA 15 2.71 -63.82 0.65
CA ASP SA 15 3.51 -65.01 0.94
C ASP SA 15 4.27 -64.66 2.22
N PRO SA 16 3.95 -65.25 3.38
CA PRO SA 16 4.29 -64.64 4.66
C PRO SA 16 5.76 -64.22 4.84
N SER SA 17 6.72 -64.99 4.33
CA SER SA 17 8.15 -64.62 4.41
C SER SA 17 8.58 -63.53 3.42
N LYS SA 18 7.64 -62.80 2.81
CA LYS SA 18 7.86 -61.43 2.30
C LYS SA 18 8.00 -60.40 3.42
N ASP SA 19 7.30 -60.61 4.54
CA ASP SA 19 7.15 -59.63 5.62
C ASP SA 19 6.37 -58.38 5.16
N ARG SA 20 5.38 -58.55 4.28
CA ARG SA 20 4.38 -57.50 4.00
C ARG SA 20 3.44 -57.29 5.20
N THR SA 21 2.98 -56.06 5.41
CA THR SA 21 2.26 -55.68 6.64
C THR SA 21 1.14 -54.66 6.45
N LYS SA 22 1.19 -53.78 5.45
CA LYS SA 22 0.11 -52.83 5.12
C LYS SA 22 -0.11 -52.76 3.62
N VAL SA 23 -1.29 -52.35 3.17
CA VAL SA 23 -1.54 -51.93 1.79
C VAL SA 23 -1.88 -50.42 1.79
N LEU SA 24 -1.38 -49.67 0.81
CA LEU SA 24 -1.46 -48.21 0.61
C LEU SA 24 -1.89 -47.92 -0.84
N PHE SA 25 -2.16 -46.68 -1.26
CA PHE SA 25 -3.13 -46.48 -2.36
C PHE SA 25 -3.08 -45.21 -3.26
N ASN SA 26 -3.77 -45.32 -4.40
CA ASN SA 26 -4.40 -44.28 -5.26
C ASN SA 26 -5.93 -44.57 -5.41
N PRO SA 27 -6.83 -43.57 -5.50
CA PRO SA 27 -8.27 -43.63 -5.09
C PRO SA 27 -9.16 -44.51 -5.98
N ASP SA 28 -10.46 -44.67 -5.63
CA ASP SA 28 -11.42 -45.44 -6.45
C ASP SA 28 -11.39 -44.97 -7.93
N ARG SA 29 -11.45 -45.94 -8.82
CA ARG SA 29 -11.66 -45.85 -10.26
C ARG SA 29 -12.33 -47.17 -10.66
N PRO SA 30 -12.82 -47.36 -11.90
CA PRO SA 30 -13.02 -48.71 -12.42
C PRO SA 30 -11.63 -49.35 -12.51
N LEU SA 31 -11.26 -50.26 -11.59
CA LEU SA 31 -9.83 -50.44 -11.22
C LEU SA 31 -9.34 -51.90 -11.14
N GLN SA 32 -8.52 -52.25 -10.14
CA GLN SA 32 -7.52 -53.33 -10.26
C GLN SA 32 -7.66 -54.56 -9.34
N GLN SA 33 -7.96 -54.35 -8.06
CA GLN SA 33 -8.20 -55.36 -7.01
C GLN SA 33 -7.10 -56.40 -6.67
N ALA SA 34 -6.36 -56.98 -7.62
CA ALA SA 34 -5.45 -58.11 -7.39
C ALA SA 34 -4.53 -57.83 -6.19
N GLU SA 35 -4.00 -56.62 -6.11
CA GLU SA 35 -3.08 -56.12 -5.09
C GLU SA 35 -3.61 -56.21 -3.65
N LEU SA 36 -4.91 -56.31 -3.50
CA LEU SA 36 -5.61 -55.98 -2.26
C LEU SA 36 -6.09 -57.23 -1.54
N ASN SA 37 -6.23 -58.35 -2.26
CA ASN SA 37 -6.40 -59.68 -1.69
C ASN SA 37 -5.35 -59.92 -0.61
N GLU SA 38 -4.16 -59.37 -0.88
CA GLU SA 38 -3.02 -59.35 0.01
C GLU SA 38 -3.35 -58.77 1.40
N MET SA 39 -4.22 -57.75 1.53
CA MET SA 39 -4.50 -57.14 2.84
C MET SA 39 -5.05 -58.20 3.80
N GLN SA 40 -6.18 -58.80 3.44
CA GLN SA 40 -6.79 -59.84 4.27
C GLN SA 40 -5.92 -61.10 4.34
N SER SA 41 -5.03 -61.31 3.37
CA SER SA 41 -4.02 -62.37 3.43
C SER SA 41 -3.00 -62.12 4.54
N ILE SA 42 -2.42 -60.91 4.55
CA ILE SA 42 -1.43 -60.43 5.52
C ILE SA 42 -2.01 -60.59 6.92
N ASP SA 43 -3.24 -60.11 7.09
CA ASP SA 43 -3.93 -60.22 8.35
C ASP SA 43 -4.11 -61.69 8.77
N GLN SA 44 -4.66 -62.54 7.91
CA GLN SA 44 -5.01 -63.89 8.32
C GLN SA 44 -3.81 -64.78 8.60
N TYR SA 45 -2.64 -64.51 8.03
CA TYR SA 45 -1.40 -65.13 8.49
C TYR SA 45 -1.26 -64.97 10.01
N TYR SA 46 -1.35 -63.74 10.51
CA TYR SA 46 -1.23 -63.51 11.94
C TYR SA 46 -2.39 -64.10 12.73
N LEU SA 47 -3.61 -64.05 12.23
CA LEU SA 47 -4.76 -64.70 12.88
C LEU SA 47 -4.42 -66.17 13.17
N LYS SA 48 -3.85 -66.88 12.19
CA LYS SA 48 -3.38 -68.25 12.38
C LYS SA 48 -2.22 -68.33 13.36
N ASN SA 49 -1.18 -67.51 13.19
CA ASN SA 49 0.06 -67.58 13.99
C ASN SA 49 -0.25 -67.61 15.49
N LEU SA 50 -0.97 -66.60 15.98
CA LEU SA 50 -1.16 -66.44 17.42
C LEU SA 50 -2.06 -67.54 17.98
N GLY SA 51 -2.98 -68.07 17.18
CA GLY SA 51 -3.79 -69.22 17.53
C GLY SA 51 -2.89 -70.45 17.76
N ASP SA 52 -2.03 -70.77 16.81
CA ASP SA 52 -1.23 -72.00 16.86
C ASP SA 52 -0.17 -71.99 17.97
N ALA SA 53 0.31 -70.82 18.39
CA ALA SA 53 1.18 -70.70 19.56
C ALA SA 53 0.43 -71.03 20.88
N ILE SA 54 -0.91 -71.15 20.88
CA ILE SA 54 -1.74 -71.37 22.09
C ILE SA 54 -2.57 -72.67 22.01
N PHE SA 55 -3.19 -72.96 20.87
CA PHE SA 55 -4.08 -74.10 20.61
C PHE SA 55 -3.51 -75.02 19.54
N LYS SA 56 -3.84 -76.31 19.63
CA LYS SA 56 -3.72 -77.28 18.54
C LYS SA 56 -5.08 -77.37 17.82
N ASP SA 57 -5.09 -77.79 16.55
CA ASP SA 57 -6.34 -78.22 15.92
C ASP SA 57 -7.02 -79.36 16.68
N GLY SA 58 -8.34 -79.26 16.80
CA GLY SA 58 -9.17 -80.22 17.51
C GLY SA 58 -9.38 -79.89 18.97
N ASP SA 59 -8.87 -78.76 19.46
CA ASP SA 59 -9.07 -78.35 20.85
C ASP SA 59 -10.52 -77.89 21.06
N LYS SA 60 -11.33 -78.73 21.69
CA LYS SA 60 -12.75 -78.51 22.01
C LYS SA 60 -12.91 -77.42 23.08
N GLN SA 61 -14.03 -76.72 23.04
CA GLN SA 61 -14.22 -75.49 23.83
C GLN SA 61 -15.58 -75.42 24.51
N SER SA 62 -16.69 -75.82 23.86
CA SER SA 62 -18.03 -75.76 24.47
C SER SA 62 -18.94 -76.85 23.95
N GLY SA 63 -20.06 -77.09 24.62
CA GLY SA 63 -21.07 -78.06 24.16
C GLY SA 63 -20.50 -79.48 24.04
N LEU SA 64 -20.79 -80.19 22.95
CA LEU SA 64 -20.17 -81.48 22.59
C LEU SA 64 -20.42 -82.73 23.47
N GLY SA 65 -20.91 -82.62 24.73
CA GLY SA 65 -21.14 -83.73 25.71
C GLY SA 65 -22.02 -84.84 25.17
N PHE SA 66 -21.38 -85.94 24.75
CA PHE SA 66 -21.90 -86.81 23.68
C PHE SA 66 -23.41 -87.08 23.65
N THR SA 67 -24.00 -87.12 22.44
CA THR SA 67 -25.18 -87.95 22.19
C THR SA 67 -24.70 -89.21 21.48
N LEU SA 68 -23.94 -90.01 22.23
CA LEU SA 68 -23.52 -91.36 21.86
C LEU SA 68 -24.77 -92.30 21.89
N SER SA 69 -24.65 -93.51 21.34
CA SER SA 69 -25.74 -94.47 21.22
C SER SA 69 -25.24 -95.92 21.09
N GLU SA 70 -26.15 -96.87 21.27
CA GLU SA 70 -25.95 -98.31 21.01
C GLU SA 70 -25.87 -98.63 19.51
N ASP SA 71 -26.42 -97.75 18.68
CA ASP SA 71 -26.15 -97.69 17.26
C ASP SA 71 -24.71 -97.23 16.98
N ASN SA 72 -23.97 -96.85 18.04
CA ASN SA 72 -22.62 -96.31 18.03
C ASN SA 72 -22.53 -95.00 17.22
N VAL SA 73 -23.66 -94.42 16.83
CA VAL SA 73 -23.76 -93.02 16.46
C VAL SA 73 -23.33 -92.19 17.65
N LEU SA 74 -22.35 -91.34 17.42
CA LEU SA 74 -22.22 -90.14 18.23
C LEU SA 74 -22.73 -88.98 17.39
N THR SA 75 -23.85 -88.42 17.81
CA THR SA 75 -24.24 -87.07 17.39
C THR SA 75 -23.43 -86.11 18.27
N VAL SA 76 -22.36 -85.55 17.69
CA VAL SA 76 -21.43 -84.67 18.40
C VAL SA 76 -22.10 -83.32 18.62
N ASN SA 77 -22.40 -82.99 19.87
CA ASN SA 77 -23.35 -81.94 20.23
C ASN SA 77 -22.78 -80.55 19.83
N PRO SA 78 -23.48 -79.70 19.04
CA PRO SA 78 -23.02 -78.37 18.68
C PRO SA 78 -22.38 -77.56 19.82
N GLY SA 79 -21.30 -76.85 19.50
CA GLY SA 79 -20.29 -76.40 20.46
C GLY SA 79 -19.06 -75.78 19.75
N TYR SA 80 -18.13 -75.15 20.46
CA TYR SA 80 -16.93 -74.57 19.86
C TYR SA 80 -15.72 -75.52 19.79
N VAL SA 81 -14.85 -75.33 18.79
CA VAL SA 81 -13.57 -76.04 18.59
C VAL SA 81 -12.50 -75.15 17.94
N TYR SA 82 -11.21 -75.30 18.26
CA TYR SA 82 -10.11 -74.71 17.48
C TYR SA 82 -9.83 -75.58 16.26
N ILE SA 83 -9.94 -75.04 15.04
CA ILE SA 83 -9.51 -75.70 13.81
C ILE SA 83 -8.84 -74.69 12.88
N ASN SA 84 -7.78 -75.09 12.21
CA ASN SA 84 -7.17 -74.39 11.06
C ASN SA 84 -6.87 -72.92 11.37
N GLY SA 85 -6.26 -72.64 12.53
CA GLY SA 85 -5.88 -71.27 12.88
C GLY SA 85 -6.99 -70.43 13.48
N LYS SA 86 -8.16 -71.00 13.78
CA LYS SA 86 -9.34 -70.23 14.18
C LYS SA 86 -10.19 -71.03 15.18
N ILE SA 87 -10.82 -70.36 16.14
CA ILE SA 87 -11.86 -70.98 16.97
C ILE SA 87 -13.21 -70.89 16.23
N ARG SA 88 -13.94 -72.00 16.11
CA ARG SA 88 -15.09 -72.17 15.19
C ARG SA 88 -16.27 -72.82 15.88
N TYR SA 89 -17.46 -72.25 15.70
CA TYR SA 89 -18.64 -72.87 16.27
C TYR SA 89 -19.10 -73.99 15.37
N TYR SA 90 -19.08 -75.22 15.86
CA TYR SA 90 -19.66 -76.39 15.20
C TYR SA 90 -21.17 -76.46 15.42
N ASP SA 91 -21.90 -76.63 14.31
CA ASP SA 91 -23.33 -76.38 14.21
C ASP SA 91 -24.01 -77.31 13.21
N ASN SA 92 -23.36 -78.42 12.91
CA ASN SA 92 -23.96 -79.51 12.17
C ASN SA 92 -24.47 -80.63 13.08
N ASP SA 93 -25.42 -81.36 12.54
CA ASP SA 93 -26.08 -82.52 13.16
C ASP SA 93 -25.83 -83.79 12.34
N ASP SA 94 -24.67 -83.85 11.69
CA ASP SA 94 -24.16 -85.09 11.13
C ASP SA 94 -23.98 -86.13 12.26
N SER SA 95 -24.52 -87.31 12.05
CA SER SA 95 -24.36 -88.46 12.93
C SER SA 95 -23.48 -89.49 12.25
N VAL SA 96 -22.36 -89.83 12.89
CA VAL SA 96 -21.42 -90.86 12.41
C VAL SA 96 -21.31 -91.94 13.46
N LYS SA 97 -21.13 -93.19 13.04
CA LYS SA 97 -21.08 -94.33 13.97
C LYS SA 97 -19.78 -95.13 13.97
N ILE SA 98 -19.37 -95.57 15.16
CA ILE SA 98 -18.19 -96.43 15.38
C ILE SA 98 -18.53 -97.92 15.39
N THR SA 99 -17.52 -98.78 15.33
CA THR SA 99 -17.68 -100.24 15.38
C THR SA 99 -17.76 -100.80 16.81
N GLY SA 100 -17.38 -100.01 17.82
CA GLY SA 100 -17.29 -100.45 19.21
C GLY SA 100 -16.11 -101.36 19.57
N VAL SA 101 -15.15 -101.59 18.68
CA VAL SA 101 -14.00 -102.46 18.95
C VAL SA 101 -12.69 -101.78 18.58
N GLY SA 102 -11.66 -102.01 19.39
CA GLY SA 102 -10.37 -101.37 19.18
C GLY SA 102 -10.47 -99.84 19.33
N LYS SA 103 -9.43 -99.14 18.87
CA LYS SA 103 -9.39 -97.67 18.88
C LYS SA 103 -10.35 -97.09 17.85
N GLU SA 104 -11.05 -96.00 18.21
CA GLU SA 104 -11.82 -95.21 17.26
C GLU SA 104 -11.63 -93.72 17.54
N THR SA 105 -11.41 -92.90 16.53
CA THR SA 105 -11.20 -91.45 16.70
C THR SA 105 -12.22 -90.66 15.92
N ILE SA 106 -12.92 -89.79 16.62
CA ILE SA 106 -13.91 -88.90 16.04
C ILE SA 106 -13.26 -87.58 15.75
N GLY SA 107 -13.35 -87.11 14.51
CA GLY SA 107 -12.73 -85.86 14.09
C GLY SA 107 -13.58 -85.01 13.16
N ILE SA 108 -13.29 -83.71 13.15
CA ILE SA 108 -13.92 -82.75 12.26
C ILE SA 108 -13.01 -82.51 11.04
N LYS SA 109 -13.59 -82.52 9.84
CA LYS SA 109 -12.92 -82.13 8.59
C LYS SA 109 -13.65 -80.97 7.93
N LEU SA 110 -12.97 -79.81 7.88
CA LEU SA 110 -13.43 -78.61 7.18
C LEU SA 110 -13.17 -78.72 5.68
N THR SA 111 -14.05 -78.11 4.89
CA THR SA 111 -13.97 -78.07 3.44
C THR SA 111 -14.18 -76.61 3.02
N GLU SA 112 -13.56 -76.17 1.92
CA GLU SA 112 -13.55 -74.78 1.46
C GLU SA 112 -14.25 -74.58 0.11
N ARG SA 113 -14.84 -73.40 -0.08
CA ARG SA 113 -15.43 -72.98 -1.37
C ARG SA 113 -15.17 -71.52 -1.75
N ILE SA 114 -15.01 -71.26 -3.06
CA ILE SA 114 -15.38 -69.96 -3.63
C ILE SA 114 -16.89 -70.03 -3.89
N VAL SA 115 -17.64 -68.99 -3.55
CA VAL SA 115 -19.08 -68.90 -3.77
C VAL SA 115 -19.46 -67.55 -4.38
N THR SA 116 -20.32 -67.55 -5.38
CA THR SA 116 -20.54 -66.43 -6.30
C THR SA 116 -21.93 -65.80 -6.18
N PRO SA 117 -22.11 -64.50 -6.50
CA PRO SA 117 -23.42 -63.83 -6.52
C PRO SA 117 -24.43 -64.44 -7.50
N ASP SA 118 -24.01 -65.38 -8.34
CA ASP SA 118 -24.93 -66.19 -9.14
C ASP SA 118 -25.61 -67.28 -8.31
N GLU SA 119 -24.92 -67.78 -7.30
CA GLU SA 119 -25.43 -68.76 -6.34
C GLU SA 119 -26.12 -68.07 -5.17
N ASP SA 120 -25.82 -66.78 -5.00
CA ASP SA 120 -26.19 -65.96 -3.86
C ASP SA 120 -26.85 -64.63 -4.27
N ALA SA 121 -28.18 -64.57 -4.23
CA ALA SA 121 -28.90 -63.30 -4.40
C ALA SA 121 -28.50 -62.24 -3.36
N SER SA 122 -27.91 -62.66 -2.24
CA SER SA 122 -27.36 -61.76 -1.21
C SER SA 122 -26.11 -61.03 -1.67
N LEU SA 123 -25.28 -61.58 -2.57
CA LEU SA 123 -24.08 -60.88 -3.02
C LEU SA 123 -24.38 -59.79 -4.07
N LEU SA 124 -25.63 -59.33 -4.13
CA LEU SA 124 -26.14 -58.37 -5.09
C LEU SA 124 -26.40 -57.02 -4.41
N ASP SA 125 -25.74 -56.02 -4.94
CA ASP SA 125 -25.50 -54.69 -4.37
C ASP SA 125 -26.67 -53.95 -3.71
N GLN SA 126 -26.49 -53.46 -2.47
CA GLN SA 126 -27.50 -52.60 -1.87
C GLN SA 126 -27.49 -51.14 -2.37
N THR SA 127 -26.45 -50.68 -3.11
CA THR SA 127 -26.50 -49.37 -3.80
C THR SA 127 -27.73 -49.28 -4.72
N SER SA 128 -27.95 -50.33 -5.51
CA SER SA 128 -29.16 -50.57 -6.31
C SER SA 128 -30.04 -51.66 -5.68
N GLY SA 129 -29.85 -52.94 -6.01
CA GLY SA 129 -30.55 -54.06 -5.37
C GLY SA 129 -30.13 -55.47 -5.80
N VAL SA 130 -31.15 -56.20 -6.26
CA VAL SA 130 -31.11 -57.62 -6.68
C VAL SA 130 -30.33 -57.75 -8.02
N PRO SA 131 -30.54 -58.71 -8.96
CA PRO SA 131 -29.86 -58.63 -10.25
C PRO SA 131 -30.19 -57.30 -10.95
N SER SA 132 -29.24 -56.36 -10.93
CA SER SA 132 -29.44 -54.96 -11.32
C SER SA 132 -28.08 -54.32 -11.60
N TYR SA 133 -28.04 -53.15 -12.22
CA TYR SA 133 -26.74 -52.50 -12.40
C TYR SA 133 -26.18 -52.00 -11.08
N PHE SA 134 -24.85 -52.00 -11.06
CA PHE SA 134 -23.98 -52.13 -9.89
C PHE SA 134 -23.92 -53.55 -9.25
N SER SA 135 -24.80 -54.52 -9.57
CA SER SA 135 -25.06 -55.58 -8.59
C SER SA 135 -24.16 -56.81 -8.51
N LYS SA 136 -23.69 -57.41 -9.61
CA LYS SA 136 -22.92 -58.67 -9.53
C LYS SA 136 -21.42 -58.42 -9.42
N GLY SA 137 -20.95 -58.31 -8.17
CA GLY SA 137 -19.56 -58.03 -7.79
C GLY SA 137 -18.72 -59.25 -7.40
N ALA SA 138 -18.06 -59.18 -6.24
CA ALA SA 138 -17.15 -60.20 -5.71
C ALA SA 138 -17.81 -61.53 -5.33
N ASP SA 139 -17.01 -62.59 -5.36
CA ASP SA 139 -17.33 -63.89 -4.76
C ASP SA 139 -16.78 -63.96 -3.32
N ARG SA 140 -16.87 -65.11 -2.66
CA ARG SA 140 -16.44 -65.29 -1.27
C ARG SA 140 -15.67 -66.57 -1.08
N LEU SA 141 -14.65 -66.56 -0.24
CA LEU SA 141 -14.24 -67.80 0.41
C LEU SA 141 -15.23 -68.11 1.53
N GLU SA 142 -15.53 -69.39 1.74
CA GLU SA 142 -16.28 -69.85 2.90
C GLU SA 142 -15.74 -71.22 3.35
N GLU SA 143 -15.71 -71.48 4.66
CA GLU SA 143 -15.13 -72.69 5.31
C GLU SA 143 -16.17 -73.33 6.26
N LYS SA 144 -16.53 -74.61 6.06
CA LYS SA 144 -17.53 -75.28 6.92
C LYS SA 144 -17.16 -76.73 7.24
N MET SA 145 -17.62 -77.21 8.40
CA MET SA 145 -17.17 -78.42 9.10
C MET SA 145 -18.02 -79.67 8.76
N SER SA 146 -17.45 -80.87 8.91
CA SER SA 146 -18.13 -82.19 8.79
C SER SA 146 -17.52 -83.26 9.72
N LEU SA 147 -18.32 -84.22 10.21
CA LEU SA 147 -17.88 -85.23 11.18
C LEU SA 147 -17.32 -86.47 10.48
N THR SA 148 -16.26 -87.07 11.02
CA THR SA 148 -15.55 -88.18 10.38
C THR SA 148 -15.00 -89.19 11.40
N VAL SA 149 -14.92 -90.47 11.04
CA VAL SA 149 -14.35 -91.54 11.87
C VAL SA 149 -13.08 -92.12 11.26
N ASN SA 150 -12.01 -92.23 12.04
CA ASN SA 150 -10.75 -92.94 11.72
C ASN SA 150 -9.97 -92.50 10.47
N ASP SA 151 -9.91 -91.20 10.16
CA ASP SA 151 -8.74 -90.66 9.44
C ASP SA 151 -8.09 -89.58 10.29
N PRO SA 152 -6.85 -89.77 10.75
CA PRO SA 152 -6.18 -88.82 11.64
C PRO SA 152 -5.86 -87.48 10.97
N THR SA 153 -6.13 -87.34 9.68
CA THR SA 153 -6.07 -86.05 8.99
C THR SA 153 -7.16 -85.08 9.47
N SER SA 154 -8.35 -85.57 9.88
CA SER SA 154 -9.34 -84.79 10.63
C SER SA 154 -8.77 -84.25 11.92
N ALA SA 155 -9.27 -83.09 12.35
CA ALA SA 155 -8.96 -82.58 13.67
C ALA SA 155 -9.72 -83.45 14.69
N THR SA 156 -9.03 -84.39 15.34
CA THR SA 156 -9.68 -85.33 16.28
C THR SA 156 -10.13 -84.62 17.56
N ILE SA 157 -11.32 -84.98 18.04
CA ILE SA 157 -12.04 -84.33 19.14
C ILE SA 157 -12.49 -85.33 20.20
N TYR SA 158 -12.86 -86.55 19.85
CA TYR SA 158 -13.06 -87.64 20.81
C TYR SA 158 -12.27 -88.87 20.37
N THR SA 159 -11.84 -89.71 21.32
CA THR SA 159 -11.28 -91.02 21.02
C THR SA 159 -11.82 -92.08 21.96
N PHE SA 160 -12.05 -93.25 21.40
CA PHE SA 160 -12.80 -94.35 21.99
C PHE SA 160 -11.95 -95.61 21.98
N MET SA 161 -12.24 -96.52 22.90
CA MET SA 161 -11.58 -97.82 22.95
C MET SA 161 -12.57 -98.88 23.39
N ASP SA 162 -12.81 -99.89 22.56
CA ASP SA 162 -13.86 -100.87 22.82
C ASP SA 162 -15.24 -100.22 23.08
N GLY SA 163 -15.53 -99.08 22.44
CA GLY SA 163 -16.76 -98.31 22.70
C GLY SA 163 -16.73 -97.47 23.99
N ASP SA 164 -15.67 -97.54 24.80
CA ASP SA 164 -15.43 -96.61 25.92
C ASP SA 164 -14.94 -95.27 25.39
N LEU SA 165 -15.54 -94.17 25.84
CA LEU SA 165 -14.81 -92.91 25.79
C LEU SA 165 -13.75 -92.93 26.91
N TYR SA 166 -12.65 -93.65 26.68
CA TYR SA 166 -11.59 -93.90 27.68
C TYR SA 166 -10.80 -92.61 28.00
N ILE SA 167 -10.62 -91.75 27.00
CA ILE SA 167 -10.21 -90.37 27.21
C ILE SA 167 -11.30 -89.59 27.92
N GLN SA 168 -10.92 -88.58 28.68
CA GLN SA 168 -11.79 -87.43 28.86
C GLN SA 168 -10.96 -86.24 29.36
N SER SA 169 -10.52 -85.38 28.44
CA SER SA 169 -9.68 -84.20 28.73
C SER SA 169 -10.50 -83.07 29.34
N THR SA 170 -11.09 -83.33 30.51
CA THR SA 170 -12.05 -82.44 31.17
C THR SA 170 -11.45 -81.07 31.55
N ASN SA 171 -10.14 -80.98 31.78
CA ASN SA 171 -9.47 -79.74 32.19
C ASN SA 171 -8.27 -79.32 31.33
N ALA SA 172 -8.16 -78.02 31.05
CA ALA SA 172 -6.93 -77.43 30.53
C ALA SA 172 -5.86 -77.26 31.63
N GLU SA 173 -6.27 -77.19 32.90
CA GLU SA 173 -5.41 -76.78 34.00
C GLU SA 173 -5.19 -77.85 35.07
N MET SA 174 -6.16 -78.10 35.95
CA MET SA 174 -5.97 -79.01 37.10
C MET SA 174 -5.59 -80.44 36.69
N ASP SA 175 -6.02 -80.86 35.50
CA ASP SA 175 -5.53 -82.06 34.82
C ASP SA 175 -4.00 -82.02 34.59
N LYS SA 176 -3.52 -81.00 33.86
CA LYS SA 176 -2.11 -80.80 33.50
C LYS SA 176 -1.24 -80.63 34.73
N ILE SA 177 -1.79 -79.97 35.74
CA ILE SA 177 -1.13 -79.76 37.02
C ILE SA 177 -1.08 -81.06 37.83
N ASN SA 178 -2.15 -81.85 37.96
CA ASN SA 178 -2.07 -83.07 38.78
C ASN SA 178 -1.15 -84.14 38.19
N LYS SA 179 -1.02 -84.12 36.85
CA LYS SA 179 0.00 -84.87 36.12
C LYS SA 179 1.42 -84.59 36.63
N VAL SA 180 1.64 -83.43 37.27
CA VAL SA 180 2.75 -83.21 38.21
C VAL SA 180 2.42 -83.77 39.61
N LEU SA 181 1.43 -83.21 40.30
CA LEU SA 181 1.33 -83.33 41.76
C LEU SA 181 1.19 -84.77 42.30
N ALA SA 182 0.11 -85.49 42.02
CA ALA SA 182 -0.06 -86.83 42.60
C ALA SA 182 1.03 -87.80 42.07
N GLU SA 183 1.63 -87.49 40.92
CA GLU SA 183 2.85 -88.18 40.46
C GLU SA 183 4.07 -87.88 41.36
N ARG SA 184 4.34 -86.63 41.75
CA ARG SA 184 5.35 -86.34 42.81
C ARG SA 184 4.99 -86.95 44.16
N THR SA 185 3.71 -87.16 44.41
CA THR SA 185 3.20 -87.88 45.59
C THR SA 185 3.42 -89.39 45.47
N TYR SA 186 3.89 -89.90 44.32
CA TYR SA 186 4.55 -91.20 44.18
C TYR SA 186 6.07 -91.01 44.43
N ASP SA 187 6.66 -90.16 43.60
CA ASP SA 187 8.07 -90.18 43.16
C ASP SA 187 9.21 -90.26 44.18
N GLU SA 188 10.06 -89.22 44.29
CA GLU SA 188 11.33 -89.32 45.04
C GLU SA 188 11.11 -89.51 46.56
N SER SA 189 9.88 -89.26 47.01
CA SER SA 189 9.23 -89.84 48.20
C SER SA 189 7.73 -89.87 47.92
N GLY SA 190 7.01 -90.84 48.50
CA GLY SA 190 5.57 -91.01 48.27
C GLY SA 190 5.14 -92.47 48.07
N SER SA 191 3.99 -92.62 47.42
CA SER SA 191 3.43 -93.86 46.88
C SER SA 191 2.78 -94.83 47.88
N TYR SA 192 2.28 -94.34 49.03
CA TYR SA 192 2.06 -95.17 50.22
C TYR SA 192 0.65 -95.16 50.86
N LYS SA 193 0.37 -96.21 51.65
CA LYS SA 193 -0.73 -96.33 52.62
C LYS SA 193 -0.65 -95.19 53.61
N VAL SA 194 -1.63 -94.29 53.62
CA VAL SA 194 -1.65 -93.28 54.69
C VAL SA 194 -2.38 -93.85 55.90
N ASN SA 195 -3.60 -94.37 55.73
CA ASN SA 195 -4.43 -94.87 56.82
C ASN SA 195 -5.52 -95.88 56.41
N GLY SA 196 -5.90 -96.76 57.33
CA GLY SA 196 -7.03 -97.67 57.15
C GLY SA 196 -6.73 -98.86 56.25
N PHE SA 197 -7.74 -99.33 55.51
CA PHE SA 197 -7.67 -100.42 54.53
C PHE SA 197 -7.20 -101.80 55.04
N GLU SA 198 -7.12 -102.07 56.35
CA GLU SA 198 -6.59 -103.35 56.86
C GLU SA 198 -7.63 -104.48 56.90
N LEU SA 199 -7.13 -105.67 57.23
CA LEU SA 199 -7.64 -106.96 56.82
C LEU SA 199 -8.25 -107.71 58.01
N PHE SA 200 -9.47 -108.21 57.83
CA PHE SA 200 -10.23 -108.97 58.81
C PHE SA 200 -11.04 -110.08 58.16
N SER SA 201 -11.50 -111.09 58.90
CA SER SA 201 -12.37 -112.16 58.36
C SER SA 201 -13.58 -112.46 59.27
N GLU SA 202 -14.71 -112.77 58.64
CA GLU SA 202 -16.00 -113.13 59.23
C GLU SA 202 -16.82 -114.00 58.24
N GLY SA 203 -17.94 -114.60 58.68
CA GLY SA 203 -18.60 -115.70 57.95
C GLY SA 203 -19.25 -115.36 56.60
N ASN SA 204 -19.06 -116.21 55.58
CA ASN SA 204 -19.90 -116.23 54.37
C ASN SA 204 -20.60 -117.59 54.22
N ALA SA 205 -21.92 -117.52 54.21
CA ALA SA 205 -22.81 -118.52 53.62
C ALA SA 205 -23.75 -117.88 52.58
N GLU SA 206 -23.84 -116.55 52.59
CA GLU SA 206 -24.37 -115.71 51.51
C GLU SA 206 -23.69 -116.06 50.18
N ASP SA 207 -22.41 -116.41 50.25
CA ASP SA 207 -21.71 -117.29 49.33
C ASP SA 207 -20.92 -118.32 50.16
N ASP SA 208 -21.50 -119.50 50.35
CA ASP SA 208 -20.85 -120.54 51.15
C ASP SA 208 -19.66 -121.24 50.46
N ASP SA 209 -19.16 -120.72 49.34
CA ASP SA 209 -17.81 -121.05 48.84
C ASP SA 209 -16.78 -119.98 49.22
N HIS SA 210 -17.15 -118.95 49.98
CA HIS SA 210 -16.32 -117.79 50.27
C HIS SA 210 -16.18 -117.51 51.78
N VAL SA 211 -15.10 -116.90 52.25
CA VAL SA 211 -15.05 -116.12 53.51
C VAL SA 211 -15.74 -114.77 53.25
N SER SA 212 -16.31 -114.13 54.27
CA SER SA 212 -16.67 -112.72 54.17
C SER SA 212 -15.49 -111.97 54.76
N VAL SA 213 -14.54 -111.53 53.93
CA VAL SA 213 -13.44 -110.66 54.39
C VAL SA 213 -14.04 -109.30 54.79
N VAL SA 214 -13.47 -108.57 55.77
CA VAL SA 214 -13.69 -107.11 55.86
C VAL SA 214 -12.39 -106.38 55.60
N VAL SA 215 -12.36 -105.52 54.57
CA VAL SA 215 -11.24 -104.61 54.27
C VAL SA 215 -11.65 -103.20 54.69
N ASP SA 216 -10.88 -102.61 55.59
CA ASP SA 216 -11.31 -101.44 56.35
C ASP SA 216 -11.57 -100.20 55.50
N ALA SA 217 -12.34 -99.24 56.02
CA ALA SA 217 -12.31 -97.86 55.56
C ALA SA 217 -10.86 -97.35 55.54
N GLY SA 218 -10.49 -96.43 54.65
CA GLY SA 218 -9.15 -95.84 54.63
C GLY SA 218 -8.94 -94.79 53.54
N LYS SA 219 -7.74 -94.20 53.54
CA LYS SA 219 -7.24 -93.23 52.52
C LYS SA 219 -5.73 -93.42 52.32
N ALA SA 220 -5.21 -93.12 51.12
CA ALA SA 220 -3.79 -93.30 50.81
C ALA SA 220 -3.37 -92.55 49.53
N TYR SA 221 -2.06 -92.50 49.28
CA TYR SA 221 -1.45 -92.10 48.00
C TYR SA 221 -0.67 -93.26 47.38
N VAL SA 222 -1.26 -94.46 47.37
CA VAL SA 222 -0.69 -95.63 46.68
C VAL SA 222 -0.43 -95.29 45.22
N LYS SA 223 0.73 -95.68 44.68
CA LYS SA 223 1.19 -95.25 43.34
C LYS SA 223 1.28 -93.71 43.20
N GLY SA 224 1.18 -92.98 44.30
CA GLY SA 224 1.07 -91.53 44.40
C GLY SA 224 -0.34 -90.96 44.29
N PHE SA 225 -1.34 -91.76 43.90
CA PHE SA 225 -2.68 -91.29 43.58
C PHE SA 225 -3.67 -91.62 44.68
N LYS SA 226 -4.68 -90.75 44.82
CA LYS SA 226 -5.54 -90.75 45.99
C LYS SA 226 -6.43 -92.00 46.04
N VAL SA 227 -6.06 -92.97 46.86
CA VAL SA 227 -6.97 -94.04 47.30
C VAL SA 227 -7.96 -93.41 48.27
N ASP SA 228 -9.26 -93.67 48.09
CA ASP SA 228 -10.26 -93.23 49.06
C ASP SA 228 -11.51 -94.11 49.02
N LYS SA 229 -11.68 -94.93 50.05
CA LYS SA 229 -12.81 -95.85 50.23
C LYS SA 229 -13.17 -95.84 51.72
N PRO SA 230 -14.10 -95.01 52.17
CA PRO SA 230 -14.32 -94.76 53.60
C PRO SA 230 -15.36 -95.70 54.19
N VAL SA 231 -15.44 -96.95 53.74
CA VAL SA 231 -16.35 -97.93 54.32
C VAL SA 231 -15.61 -99.24 54.60
N SER SA 232 -15.78 -99.82 55.78
CA SER SA 232 -15.19 -101.13 56.09
C SER SA 232 -16.04 -102.21 55.42
N THR SA 233 -15.48 -102.81 54.38
CA THR SA 233 -16.24 -103.44 53.29
C THR SA 233 -16.26 -104.97 53.43
N ARG SA 234 -17.44 -105.59 53.48
CA ARG SA 234 -17.60 -107.07 53.41
C ARG SA 234 -17.33 -107.60 51.98
N ILE SA 235 -16.55 -108.66 51.82
CA ILE SA 235 -16.23 -109.23 50.49
C ILE SA 235 -16.31 -110.77 50.52
N SER SA 236 -17.01 -111.39 49.57
CA SER SA 236 -16.88 -112.82 49.25
C SER SA 236 -15.51 -113.06 48.57
N VAL SA 237 -14.57 -113.68 49.30
CA VAL SA 237 -13.28 -114.20 48.79
C VAL SA 237 -13.23 -115.72 49.01
N PRO SA 238 -12.79 -116.57 48.07
CA PRO SA 238 -13.09 -118.00 48.17
C PRO SA 238 -12.52 -118.66 49.44
N LYS SA 239 -13.26 -119.60 50.04
CA LYS SA 239 -12.86 -120.44 51.20
C LYS SA 239 -11.62 -121.23 50.84
N SER SA 240 -10.88 -121.71 51.84
CA SER SA 240 -9.80 -122.66 51.59
C SER SA 240 -10.35 -124.08 51.45
N TYR SA 241 -11.29 -124.26 50.50
CA TYR SA 241 -11.80 -125.55 50.02
C TYR SA 241 -10.78 -126.28 49.11
N ASP SA 242 -9.56 -125.76 49.06
CA ASP SA 242 -8.32 -126.42 48.64
C ASP SA 242 -8.05 -127.70 49.44
N LEU SA 243 -7.57 -128.79 48.82
CA LEU SA 243 -7.39 -130.10 49.49
C LEU SA 243 -6.01 -130.71 49.21
N GLY SA 244 -5.39 -131.34 50.21
CA GLY SA 244 -4.18 -132.15 50.06
C GLY SA 244 -4.43 -133.61 50.43
N THR SA 245 -3.71 -134.58 49.85
CA THR SA 245 -3.72 -136.01 50.25
C THR SA 245 -2.59 -136.33 51.24
N ALA SA 246 -2.78 -137.38 52.02
CA ALA SA 246 -1.87 -137.94 53.03
C ALA SA 246 -1.90 -139.46 52.91
N GLU SA 247 -1.56 -139.95 51.71
CA GLU SA 247 -1.55 -141.38 51.37
C GLU SA 247 -0.27 -142.03 51.89
N ASN SA 248 -0.41 -143.21 52.51
CA ASN SA 248 0.57 -143.72 53.46
C ASN SA 248 1.00 -142.66 54.50
N GLU SA 249 0.02 -142.03 55.17
CA GLU SA 249 0.22 -141.51 56.53
C GLU SA 249 0.46 -142.74 57.43
N SER SA 250 1.68 -143.25 57.33
CA SER SA 250 2.10 -144.46 58.01
C SER SA 250 2.29 -144.17 59.48
N THR SA 251 1.95 -145.10 60.36
CA THR SA 251 2.29 -145.05 61.78
C THR SA 251 2.36 -146.47 62.31
N ILE SA 252 3.34 -146.78 63.17
CA ILE SA 252 3.38 -148.04 63.90
C ILE SA 252 2.09 -148.14 64.71
N PHE SA 253 1.22 -149.08 64.34
CA PHE SA 253 0.24 -149.54 65.29
C PHE SA 253 0.95 -150.17 66.48
N ASN SA 254 0.47 -149.75 67.62
CA ASN SA 254 1.00 -150.02 68.91
C ASN SA 254 -0.29 -150.11 69.75
N LYS SA 255 -0.47 -151.11 70.63
CA LYS SA 255 -1.72 -151.27 71.37
C LYS SA 255 -1.90 -150.32 72.58
N SER SA 256 -1.06 -149.27 72.65
CA SER SA 256 -1.31 -147.99 73.33
C SER SA 256 -1.49 -146.81 72.36
N ASN SA 257 -1.17 -147.01 71.08
CA ASN SA 257 -1.53 -146.18 69.93
C ASN SA 257 -2.85 -146.69 69.30
N ASN SA 258 -3.88 -146.93 70.14
CA ASN SA 258 -5.24 -147.26 69.69
C ASN SA 258 -5.96 -146.01 69.16
N SER SA 259 -5.26 -145.18 68.39
CA SER SA 259 -5.61 -143.83 67.93
C SER SA 259 -4.52 -143.30 66.99
N ILE SA 260 -4.39 -143.86 65.78
CA ILE SA 260 -3.41 -143.33 64.81
C ILE SA 260 -3.91 -142.01 64.24
N SER SA 261 -3.23 -140.92 64.61
CA SER SA 261 -3.59 -139.54 64.28
C SER SA 261 -3.34 -139.21 62.81
N LEU SA 262 -4.30 -138.50 62.21
CA LEU SA 262 -4.29 -138.00 60.84
C LEU SA 262 -3.98 -136.51 60.85
N ALA SA 263 -2.68 -136.23 60.99
CA ALA SA 263 -2.14 -134.96 61.47
C ALA SA 263 -2.29 -133.79 60.48
N ASN SA 264 -2.31 -134.09 59.18
CA ASN SA 264 -2.76 -133.15 58.17
C ASN SA 264 -4.28 -132.97 58.39
N SER SA 265 -4.80 -131.76 58.61
CA SER SA 265 -6.22 -131.60 58.99
C SER SA 265 -6.74 -130.16 58.79
N PRO SA 266 -8.07 -129.93 58.80
CA PRO SA 266 -9.16 -130.92 58.98
C PRO SA 266 -9.24 -131.97 57.86
N VAL SA 267 -9.33 -133.26 58.21
CA VAL SA 267 -9.45 -134.37 57.24
C VAL SA 267 -10.82 -134.28 56.54
N LYS SA 268 -10.83 -134.28 55.21
CA LYS SA 268 -12.05 -134.33 54.39
C LYS SA 268 -12.56 -135.76 54.24
N GLU SA 269 -11.69 -136.71 53.90
CA GLU SA 269 -12.09 -138.11 53.65
C GLU SA 269 -10.93 -139.11 53.67
N ILE SA 270 -11.09 -140.22 54.40
CA ILE SA 270 -10.21 -141.40 54.32
C ILE SA 270 -10.38 -142.09 52.96
N ARG SA 271 -9.35 -142.78 52.46
CA ARG SA 271 -9.44 -143.74 51.34
C ARG SA 271 -9.23 -145.19 51.80
N ARG SA 272 -8.26 -145.37 52.69
CA ARG SA 272 -7.70 -146.68 53.08
C ARG SA 272 -7.08 -146.63 54.48
N VAL SA 273 -7.05 -147.78 55.14
CA VAL SA 273 -6.03 -148.10 56.14
C VAL SA 273 -5.46 -149.48 55.80
N THR SA 274 -4.21 -149.75 56.09
CA THR SA 274 -3.60 -151.09 55.97
C THR SA 274 -2.59 -151.28 57.09
N GLY SA 275 -2.27 -152.51 57.50
CA GLY SA 275 -1.33 -152.72 58.60
C GLY SA 275 -1.10 -154.18 58.98
N GLN SA 276 -0.07 -154.36 59.79
CA GLN SA 276 0.63 -155.61 60.00
C GLN SA 276 -0.01 -156.54 61.05
N VAL SA 277 -1.17 -157.13 60.78
CA VAL SA 277 -1.81 -158.14 61.66
C VAL SA 277 -1.05 -159.47 61.61
N LEU SA 278 -1.33 -160.41 62.53
CA LEU SA 278 -0.91 -161.81 62.47
C LEU SA 278 -2.12 -162.72 62.22
N ILE SA 279 -2.10 -163.54 61.18
CA ILE SA 279 -2.97 -164.73 61.09
C ILE SA 279 -2.43 -165.76 62.09
N GLU SA 280 -3.22 -166.13 63.10
CA GLU SA 280 -2.69 -166.66 64.37
C GLU SA 280 -2.33 -168.15 64.37
N LYS SA 281 -3.28 -169.04 64.01
CA LYS SA 281 -3.13 -170.51 63.99
C LYS SA 281 -4.15 -171.15 63.00
N GLU SA 282 -4.02 -170.81 61.72
CA GLU SA 282 -4.81 -171.37 60.62
C GLU SA 282 -4.42 -172.84 60.40
N ARG SA 283 -5.31 -173.84 60.54
CA ARG SA 283 -4.99 -175.22 60.11
C ARG SA 283 -5.26 -175.40 58.63
N VAL SA 284 -4.23 -175.11 57.83
CA VAL SA 284 -4.18 -175.44 56.40
C VAL SA 284 -4.22 -176.96 56.24
N THR SA 285 -4.70 -177.47 55.11
CA THR SA 285 -4.47 -178.87 54.73
C THR SA 285 -3.50 -178.96 53.59
N ARG SA 286 -2.47 -179.78 53.80
CA ARG SA 286 -1.37 -180.06 52.90
C ARG SA 286 -1.91 -180.61 51.59
N GLY SA 287 -1.56 -179.99 50.47
CA GLY SA 287 -1.87 -180.50 49.14
C GLY SA 287 -1.28 -181.90 48.95
N ALA SA 288 -1.90 -182.73 48.11
CA ALA SA 288 -1.40 -184.09 47.87
C ALA SA 288 -0.07 -184.13 47.07
N GLN SA 289 0.35 -182.99 46.51
CA GLN SA 289 1.63 -182.84 45.81
C GLN SA 289 2.79 -182.74 46.81
N GLY SA 290 3.41 -183.87 47.20
CA GLY SA 290 4.52 -183.93 48.16
C GLY SA 290 5.70 -183.03 47.81
N ASP SA 291 6.27 -182.34 48.80
CA ASP SA 291 7.15 -181.18 48.63
C ASP SA 291 6.64 -180.20 47.55
N GLY SA 292 5.53 -179.53 47.84
CA GLY SA 292 4.81 -178.62 46.94
C GLY SA 292 3.94 -177.59 47.68
N GLN SA 293 3.13 -176.85 46.94
CA GLN SA 293 2.28 -175.75 47.41
C GLN SA 293 1.08 -176.18 48.30
N ASP SA 294 0.72 -175.34 49.28
CA ASP SA 294 -0.66 -175.23 49.82
C ASP SA 294 -0.96 -173.77 50.26
N PHE SA 295 -2.20 -173.32 50.16
CA PHE SA 295 -2.50 -171.88 50.28
C PHE SA 295 -2.65 -171.37 51.72
N LEU SA 296 -2.18 -170.14 51.92
CA LEU SA 296 -2.56 -169.25 53.00
C LEU SA 296 -3.99 -168.71 52.84
N SER SA 297 -4.48 -167.98 53.85
CA SER SA 297 -5.55 -167.00 53.68
C SER SA 297 -5.04 -165.69 53.08
N ASN SA 298 -4.10 -165.02 53.76
CA ASN SA 298 -3.79 -163.63 53.45
C ASN SA 298 -2.38 -163.38 52.94
N ASN SA 299 -2.22 -163.68 51.66
CA ASN SA 299 -1.34 -163.15 50.63
C ASN SA 299 -0.42 -161.96 50.93
N THR SA 300 -0.81 -161.02 51.79
CA THR SA 300 0.09 -159.95 52.26
C THR SA 300 1.03 -160.44 53.38
N ALA SA 301 1.14 -161.77 53.54
CA ALA SA 301 1.82 -162.53 54.59
C ALA SA 301 3.33 -162.29 54.66
N PHE SA 302 3.73 -161.05 54.94
CA PHE SA 302 5.09 -160.57 54.82
C PHE SA 302 6.11 -161.34 55.68
N GLU SA 303 5.68 -162.04 56.74
CA GLU SA 303 6.50 -163.12 57.32
C GLU SA 303 5.67 -164.26 57.94
N ILE SA 304 6.08 -165.51 57.74
CA ILE SA 304 5.37 -166.69 58.25
C ILE SA 304 5.97 -167.07 59.61
N VAL SA 305 5.25 -166.65 60.66
CA VAL SA 305 5.60 -166.74 62.10
C VAL SA 305 5.83 -168.18 62.58
N LYS SA 306 4.96 -169.10 62.17
CA LYS SA 306 5.04 -170.53 62.51
C LYS SA 306 4.37 -171.36 61.41
N VAL SA 307 4.93 -172.50 61.06
CA VAL SA 307 4.22 -173.53 60.31
C VAL SA 307 4.54 -174.88 60.94
N TRP SA 308 3.55 -175.69 61.31
CA TRP SA 308 3.81 -176.84 62.15
C TRP SA 308 2.72 -177.90 62.09
N THR SA 309 3.09 -179.16 61.94
CA THR SA 309 2.18 -180.28 62.15
C THR SA 309 1.95 -180.43 63.65
N GLU SA 310 0.73 -180.82 64.02
CA GLU SA 310 0.40 -181.15 65.41
C GLU SA 310 -0.30 -182.50 65.52
N THR SA 311 0.13 -183.28 66.50
CA THR SA 311 -0.50 -184.57 66.85
C THR SA 311 -1.90 -184.34 67.46
N SER SA 312 -1.99 -183.30 68.27
CA SER SA 312 -3.16 -182.77 68.97
C SER SA 312 -2.84 -181.34 69.41
N PRO SA 313 -3.80 -180.52 69.87
CA PRO SA 313 -3.57 -179.10 70.12
C PRO SA 313 -2.34 -178.81 71.02
N GLY SA 314 -1.36 -178.07 70.49
CA GLY SA 314 -0.10 -177.72 71.15
C GLY SA 314 1.04 -178.74 70.98
N VAL SA 315 0.71 -180.01 70.69
CA VAL SA 315 1.67 -181.11 70.53
C VAL SA 315 2.32 -181.04 69.15
N THR SA 316 3.27 -180.13 68.99
CA THR SA 316 4.01 -179.90 67.76
C THR SA 316 4.72 -181.19 67.35
N THR SA 317 4.20 -181.84 66.32
CA THR SA 317 4.81 -182.99 65.65
C THR SA 317 6.16 -182.57 65.04
N LYS SA 318 6.15 -181.46 64.29
CA LYS SA 318 7.32 -180.78 63.73
C LYS SA 318 6.94 -179.32 63.47
N GLU SA 319 7.70 -178.36 63.98
CA GLU SA 319 7.66 -176.99 63.48
C GLU SA 319 8.66 -176.82 62.33
N TYR SA 320 8.12 -176.53 61.16
CA TYR SA 320 8.82 -176.23 59.93
C TYR SA 320 9.34 -174.79 59.90
N LYS SA 321 10.25 -174.46 58.97
CA LYS SA 321 10.73 -173.09 58.76
C LYS SA 321 10.73 -172.63 57.30
N GLN SA 322 10.71 -171.32 57.12
CA GLN SA 322 10.39 -170.58 55.89
C GLN SA 322 11.58 -170.39 54.93
N GLY SA 323 12.02 -171.46 54.28
CA GLY SA 323 13.08 -171.45 53.25
C GLY SA 323 13.78 -172.79 53.01
N GLU SA 324 13.33 -173.88 53.65
CA GLU SA 324 13.90 -175.23 53.54
C GLU SA 324 12.82 -176.29 53.73
N ASP SA 325 12.24 -176.40 54.91
CA ASP SA 325 11.09 -177.25 55.17
C ASP SA 325 9.92 -176.84 54.26
N PHE SA 326 9.37 -175.65 54.50
CA PHE SA 326 8.59 -174.94 53.52
C PHE SA 326 9.36 -173.72 53.02
N ARG SA 327 8.76 -172.91 52.17
CA ARG SA 327 9.02 -171.47 52.01
C ARG SA 327 7.70 -170.74 51.79
N LEU SA 328 7.69 -169.42 51.98
CA LEU SA 328 6.59 -168.61 51.50
C LEU SA 328 6.68 -168.51 49.96
N THR SA 329 5.64 -168.95 49.29
CA THR SA 329 5.44 -168.79 47.84
C THR SA 329 4.17 -167.96 47.63
N ASP SA 330 4.01 -167.33 46.47
CA ASP SA 330 2.86 -166.49 46.12
C ASP SA 330 2.63 -165.22 47.01
N GLY SA 331 3.40 -165.07 48.09
CA GLY SA 331 2.97 -164.34 49.30
C GLY SA 331 1.76 -165.01 49.99
N GLN SA 332 1.21 -166.07 49.41
CA GLN SA 332 -0.17 -166.57 49.55
C GLN SA 332 -0.20 -168.11 49.63
N THR SA 333 0.95 -168.78 49.62
CA THR SA 333 1.08 -170.22 49.80
C THR SA 333 2.25 -170.56 50.70
N ILE SA 334 2.07 -171.54 51.58
CA ILE SA 334 3.17 -172.35 52.10
C ILE SA 334 3.65 -173.24 50.97
N ASP SA 335 4.94 -173.51 50.87
CA ASP SA 335 5.48 -174.32 49.78
C ASP SA 335 6.60 -175.25 50.23
N TRP SA 336 6.30 -176.53 50.28
CA TRP SA 336 7.17 -177.58 50.74
C TRP SA 336 8.24 -177.95 49.70
N SER SA 337 8.19 -177.39 48.49
CA SER SA 337 9.15 -177.68 47.41
C SER SA 337 10.62 -177.20 47.56
N PRO SA 338 11.08 -176.50 48.61
CA PRO SA 338 12.51 -176.43 48.97
C PRO SA 338 13.03 -177.75 49.60
N GLN SA 339 12.11 -178.65 49.95
CA GLN SA 339 12.30 -180.09 50.23
C GLN SA 339 13.03 -180.46 51.54
N GLY SA 340 12.86 -179.67 52.60
CA GLY SA 340 13.14 -180.02 54.00
C GLY SA 340 12.08 -180.96 54.58
N GLN SA 341 11.81 -180.94 55.89
CA GLN SA 341 10.68 -181.69 56.44
C GLN SA 341 9.38 -181.05 55.93
N GLU SA 342 8.31 -181.85 55.78
CA GLU SA 342 6.98 -181.36 55.40
C GLU SA 342 5.88 -182.10 56.18
N PRO SA 343 4.69 -181.50 56.35
CA PRO SA 343 3.47 -182.27 56.50
C PRO SA 343 3.35 -183.19 55.27
N SER SA 344 3.09 -184.48 55.46
CA SER SA 344 2.90 -185.42 54.35
C SER SA 344 1.65 -185.05 53.55
N GLY SA 345 1.65 -185.28 52.23
CA GLY SA 345 0.55 -184.89 51.34
C GLY SA 345 -0.83 -185.26 51.90
N GLY SA 346 -1.74 -184.28 51.98
CA GLY SA 346 -3.08 -184.48 52.54
C GLY SA 346 -3.24 -184.42 54.07
N THR SA 347 -2.18 -184.15 54.87
CA THR SA 347 -2.28 -183.85 56.33
C THR SA 347 -2.78 -182.45 56.63
N SER SA 348 -3.59 -182.27 57.67
CA SER SA 348 -3.85 -180.92 58.20
C SER SA 348 -2.69 -180.49 59.11
N TYR SA 349 -2.28 -179.23 59.04
CA TYR SA 349 -1.18 -178.68 59.83
C TYR SA 349 -1.39 -177.16 60.04
N TYR SA 350 -0.83 -176.61 61.10
CA TYR SA 350 -1.04 -175.22 61.50
C TYR SA 350 -0.06 -174.25 60.82
N VAL SA 351 -0.55 -173.04 60.62
CA VAL SA 351 0.09 -171.93 59.91
C VAL SA 351 -0.17 -170.62 60.64
N SER SA 352 0.84 -169.79 60.76
CA SER SA 352 0.81 -168.50 61.44
C SER SA 352 1.64 -167.50 60.66
N TYR SA 353 1.15 -166.28 60.37
CA TYR SA 353 1.89 -165.31 59.54
C TYR SA 353 1.47 -163.86 59.69
N LYS SA 354 2.46 -162.99 59.84
CA LYS SA 354 2.29 -161.54 59.84
C LYS SA 354 1.92 -161.11 58.43
N TYR SA 355 0.89 -160.28 58.30
CA TYR SA 355 0.35 -159.87 57.01
C TYR SA 355 -0.16 -158.43 57.05
N ASN SA 356 0.02 -157.68 55.97
CA ASN SA 356 -0.52 -156.33 55.83
C ASN SA 356 -2.01 -156.38 55.47
N LYS SA 357 -2.86 -156.70 56.46
CA LYS SA 357 -4.32 -156.57 56.36
C LYS SA 357 -4.71 -155.15 55.90
N ARG SA 358 -5.63 -155.00 54.95
CA ARG SA 358 -6.38 -153.72 54.81
C ARG SA 358 -7.30 -153.56 56.04
N MET SA 359 -6.78 -152.91 57.07
CA MET SA 359 -7.52 -152.56 58.30
C MET SA 359 -8.78 -151.74 57.98
N GLU SA 360 -9.89 -151.92 58.71
CA GLU SA 360 -11.17 -151.32 58.37
C GLU SA 360 -11.93 -150.61 59.50
N ALA SA 361 -12.81 -149.69 59.07
CA ALA SA 361 -13.56 -148.75 59.90
C ALA SA 361 -14.77 -149.41 60.58
N GLY SA 362 -14.82 -149.37 61.92
CA GLY SA 362 -15.66 -150.22 62.77
C GLY SA 362 -15.29 -151.70 62.76
N LYS SA 363 -14.10 -152.06 62.24
CA LYS SA 363 -13.47 -153.39 62.34
C LYS SA 363 -12.23 -153.35 63.25
N ASP SA 364 -11.16 -152.78 62.73
CA ASP SA 364 -9.83 -152.68 63.31
C ASP SA 364 -9.58 -151.29 63.92
N TYR SA 365 -10.39 -150.31 63.52
CA TYR SA 365 -10.49 -149.01 64.18
C TYR SA 365 -11.89 -148.44 63.99
N GLU SA 366 -12.37 -147.64 64.93
CA GLU SA 366 -13.34 -146.61 64.61
C GLU SA 366 -12.56 -145.38 64.12
N VAL SA 367 -12.97 -144.76 63.00
CA VAL SA 367 -12.45 -143.43 62.67
C VAL SA 367 -13.12 -142.43 63.61
N THR SA 368 -12.32 -141.49 64.11
CA THR SA 368 -12.69 -140.53 65.16
C THR SA 368 -11.99 -139.19 64.91
N THR SA 369 -12.20 -138.19 65.76
CA THR SA 369 -11.26 -137.05 65.88
C THR SA 369 -10.94 -136.74 67.34
N GLN SA 370 -9.77 -136.17 67.58
CA GLN SA 370 -9.35 -135.62 68.86
C GLN SA 370 -8.69 -134.25 68.62
N GLY SA 371 -8.94 -133.29 69.52
CA GLY SA 371 -8.50 -131.89 69.41
C GLY SA 371 -9.54 -130.91 68.87
N GLU SA 372 -9.40 -129.61 69.18
CA GLU SA 372 -10.24 -128.51 68.65
C GLU SA 372 -9.99 -128.27 67.16
N GLY SA 373 -10.98 -127.82 66.39
CA GLY SA 373 -10.83 -127.12 65.09
C GLY SA 373 -9.73 -127.65 64.16
N LEU SA 374 -8.49 -127.13 64.29
CA LEU SA 374 -7.32 -127.52 63.49
C LEU SA 374 -6.34 -128.45 64.25
N SER SA 375 -6.36 -128.44 65.58
CA SER SA 375 -5.81 -129.50 66.42
C SER SA 375 -6.60 -130.82 66.30
N LYS SA 376 -7.85 -130.75 65.80
CA LYS SA 376 -8.76 -131.84 65.45
C LYS SA 376 -8.14 -132.70 64.36
N LYS SA 377 -7.18 -133.52 64.74
CA LYS SA 377 -6.71 -134.57 63.83
C LYS SA 377 -7.80 -135.62 63.81
N TRP SA 378 -8.02 -136.28 62.68
CA TRP SA 378 -8.83 -137.49 62.71
C TRP SA 378 -7.98 -138.58 63.36
N TYR SA 379 -8.56 -139.59 64.00
CA TYR SA 379 -7.79 -140.69 64.57
C TYR SA 379 -8.43 -142.04 64.28
N ILE SA 380 -7.60 -142.99 63.86
CA ILE SA 380 -7.86 -144.40 63.61
C ILE SA 380 -7.83 -145.09 64.98
N ASN SA 381 -8.92 -145.03 65.73
CA ASN SA 381 -8.93 -145.49 67.11
C ASN SA 381 -9.21 -146.99 67.15
N PHE SA 382 -8.26 -147.82 67.58
CA PHE SA 382 -8.30 -149.25 67.28
C PHE SA 382 -9.38 -150.06 68.02
N THR SA 383 -10.56 -150.20 67.39
CA THR SA 383 -11.50 -151.31 67.57
C THR SA 383 -10.72 -152.63 67.39
N PRO SA 384 -10.54 -153.49 68.40
CA PRO SA 384 -9.90 -154.82 68.22
C PRO SA 384 -10.89 -155.90 67.72
N SER SA 385 -12.14 -155.51 67.46
CA SER SA 385 -13.31 -156.38 67.54
C SER SA 385 -13.65 -157.10 66.23
N ASN SA 386 -14.28 -156.41 65.26
CA ASN SA 386 -14.67 -157.00 63.97
C ASN SA 386 -13.47 -157.17 62.99
N GLY SA 387 -12.32 -156.64 63.39
CA GLY SA 387 -11.00 -156.82 62.80
C GLY SA 387 -9.90 -156.63 63.87
N ALA SA 388 -8.78 -157.34 63.78
CA ALA SA 388 -7.76 -157.28 64.83
C ALA SA 388 -6.98 -155.95 64.87
N LYS SA 389 -6.55 -155.56 66.07
CA LYS SA 389 -5.35 -154.71 66.21
C LYS SA 389 -4.20 -155.42 65.43
N PRO SA 390 -3.37 -154.70 64.66
CA PRO SA 390 -2.11 -155.22 64.14
C PRO SA 390 -1.22 -155.83 65.23
N ILE SA 391 -0.17 -156.53 64.84
CA ILE SA 391 0.84 -156.99 65.78
C ILE SA 391 1.36 -155.78 66.55
N ASP SA 392 1.60 -155.92 67.85
CA ASP SA 392 2.00 -154.77 68.63
C ASP SA 392 3.36 -154.21 68.17
N GLN SA 393 3.43 -152.88 68.05
CA GLN SA 393 4.55 -152.09 67.55
C GLN SA 393 4.92 -152.42 66.07
N THR SA 394 3.92 -152.62 65.20
CA THR SA 394 4.07 -152.92 63.77
C THR SA 394 3.23 -152.00 62.89
N VAL SA 395 3.61 -151.87 61.61
CA VAL SA 395 3.19 -150.77 60.74
C VAL SA 395 1.68 -150.75 60.44
N VAL SA 396 1.11 -149.53 60.39
CA VAL SA 396 -0.19 -149.16 59.78
C VAL SA 396 0.00 -148.02 58.78
N LEU SA 397 -0.87 -147.95 57.77
CA LEU SA 397 -0.74 -147.27 56.48
C LEU SA 397 -2.07 -146.58 56.14
N VAL SA 398 -2.27 -145.33 56.56
CA VAL SA 398 -3.54 -144.61 56.31
C VAL SA 398 -3.47 -143.78 55.01
N ASP SA 399 -4.59 -143.62 54.33
CA ASP SA 399 -4.79 -142.67 53.23
C ASP SA 399 -5.95 -141.73 53.52
N TYR SA 400 -5.80 -140.42 53.29
CA TYR SA 400 -6.89 -139.45 53.41
C TYR SA 400 -6.59 -138.13 52.67
N THR SA 401 -7.60 -137.31 52.33
CA THR SA 401 -7.39 -135.86 52.15
C THR SA 401 -7.82 -135.05 53.36
N TYR SA 402 -7.31 -133.83 53.42
CA TYR SA 402 -7.57 -132.80 54.40
C TYR SA 402 -7.49 -131.45 53.69
N TYR SA 403 -8.19 -130.45 54.20
CA TYR SA 403 -8.18 -129.15 53.55
C TYR SA 403 -6.84 -128.40 53.74
N LEU SA 404 -6.37 -127.73 52.69
CA LEU SA 404 -5.22 -126.83 52.69
C LEU SA 404 -5.68 -125.44 53.15
N ALA SA 405 -4.77 -124.64 53.72
CA ALA SA 405 -4.95 -123.20 53.82
C ALA SA 405 -4.59 -122.50 52.49
N ARG SA 406 -4.82 -121.18 52.41
CA ARG SA 406 -4.40 -120.37 51.25
C ARG SA 406 -4.10 -118.91 51.66
N LYS SA 407 -2.87 -118.44 51.44
CA LYS SA 407 -2.26 -117.25 52.08
C LYS SA 407 -2.48 -115.97 51.25
N ASP SA 408 -3.74 -115.68 50.94
CA ASP SA 408 -4.08 -114.69 49.91
C ASP SA 408 -3.63 -113.27 50.26
N SER SA 409 -2.60 -112.73 49.58
CA SER SA 409 -2.29 -111.30 49.68
C SER SA 409 -3.48 -110.50 49.18
N VAL SA 410 -4.18 -109.82 50.08
CA VAL SA 410 -5.04 -108.69 49.72
C VAL SA 410 -4.16 -107.50 49.37
N PHE SA 411 -4.61 -106.74 48.40
CA PHE SA 411 -3.97 -105.55 47.88
C PHE SA 411 -5.00 -104.43 47.68
N ILE SA 412 -4.58 -103.18 47.49
CA ILE SA 412 -5.50 -102.14 47.03
C ILE SA 412 -4.90 -101.24 45.95
N ASN SA 413 -5.64 -101.01 44.86
CA ASN SA 413 -5.15 -100.17 43.76
C ASN SA 413 -5.13 -98.68 44.11
N LYS SA 414 -4.44 -97.87 43.28
CA LYS SA 414 -4.28 -96.41 43.47
C LYS SA 414 -5.54 -95.55 43.61
N TYR SA 415 -6.74 -96.13 43.51
CA TYR SA 415 -8.03 -95.48 43.83
C TYR SA 415 -8.93 -96.34 44.73
N GLY SA 416 -8.88 -97.67 44.59
CA GLY SA 416 -9.47 -98.62 45.54
C GLY SA 416 -9.64 -100.09 45.05
N ASP SA 417 -9.15 -100.43 43.87
CA ASP SA 417 -9.60 -101.61 43.12
C ASP SA 417 -8.85 -102.89 43.53
N ILE SA 418 -9.16 -103.38 44.73
CA ILE SA 418 -8.49 -104.47 45.44
C ILE SA 418 -8.24 -105.74 44.60
N ALA SA 419 -6.97 -106.15 44.51
CA ALA SA 419 -6.52 -107.51 44.11
C ALA SA 419 -6.36 -108.42 45.35
N ILE SA 420 -6.47 -109.75 45.21
CA ILE SA 420 -6.43 -110.71 46.33
C ILE SA 420 -5.68 -111.99 45.92
N LEU SA 421 -4.44 -111.85 45.43
CA LEU SA 421 -3.67 -112.99 44.89
C LEU SA 421 -3.45 -114.09 45.95
N PRO SA 422 -3.83 -115.35 45.69
CA PRO SA 422 -3.60 -116.43 46.65
C PRO SA 422 -2.11 -116.64 46.93
N GLY SA 423 -1.76 -116.79 48.21
CA GLY SA 423 -0.54 -117.44 48.63
C GLY SA 423 -0.77 -118.95 48.50
N GLU SA 424 -0.06 -119.58 47.56
CA GLU SA 424 -0.56 -120.79 46.90
C GLU SA 424 -0.89 -121.95 47.85
N PRO SA 425 -1.95 -122.74 47.56
CA PRO SA 425 -2.61 -123.58 48.55
C PRO SA 425 -1.69 -124.69 49.07
N ASN SA 426 -1.58 -124.76 50.39
CA ASN SA 426 -0.87 -125.76 51.19
C ASN SA 426 -1.42 -125.67 52.62
N ILE SA 427 -1.20 -126.66 53.48
CA ILE SA 427 -1.36 -126.40 54.92
C ILE SA 427 -0.27 -125.43 55.40
N MET SA 428 -0.45 -124.86 56.58
CA MET SA 428 0.06 -123.55 57.03
C MET SA 428 1.59 -123.30 56.88
N ARG SA 429 2.41 -124.33 56.62
CA ARG SA 429 3.84 -124.19 56.35
C ARG SA 429 4.13 -123.46 55.05
N LEU SA 430 3.93 -124.13 53.91
CA LEU SA 430 4.30 -123.60 52.60
C LEU SA 430 3.13 -122.92 51.88
N VAL SA 431 2.06 -122.60 52.61
CA VAL SA 431 1.02 -121.71 52.10
C VAL SA 431 1.68 -120.34 51.87
N THR SA 432 1.83 -119.92 50.62
CA THR SA 432 2.93 -119.02 50.22
C THR SA 432 2.84 -117.57 50.74
N PRO SA 433 3.87 -116.97 51.36
CA PRO SA 433 3.88 -115.54 51.71
C PRO SA 433 4.24 -114.63 50.50
N PRO SA 434 3.31 -113.86 49.92
CA PRO SA 434 3.51 -113.05 48.71
C PRO SA 434 3.90 -111.59 49.06
N LEU SA 435 5.13 -111.37 49.57
CA LEU SA 435 5.75 -110.03 49.64
C LEU SA 435 6.23 -109.66 48.22
N ASN SA 436 5.53 -108.68 47.64
CA ASN SA 436 5.34 -108.54 46.19
C ASN SA 436 5.76 -107.15 45.60
N THR SA 437 6.04 -107.10 44.28
CA THR SA 437 6.56 -105.93 43.54
C THR SA 437 5.53 -105.00 42.88
N ASP SA 438 4.25 -105.37 42.86
CA ASP SA 438 3.23 -104.69 42.05
C ASP SA 438 3.04 -103.18 42.39
N PRO SA 439 3.18 -102.25 41.42
CA PRO SA 439 2.90 -100.82 41.63
C PRO SA 439 1.41 -100.49 41.69
N GLU SA 440 0.56 -101.21 40.97
CA GLU SA 440 -0.86 -100.87 40.83
C GLU SA 440 -1.58 -101.04 42.16
N ASN SA 441 -1.53 -102.26 42.71
CA ASN SA 441 -2.20 -102.70 43.91
C ASN SA 441 -1.13 -102.77 45.04
N LEU SA 442 -1.31 -101.96 46.08
CA LEU SA 442 -0.49 -101.97 47.32
C LEU SA 442 -0.61 -103.36 47.96
N GLN SA 443 0.49 -104.08 48.25
CA GLN SA 443 0.44 -105.31 49.05
C GLN SA 443 -0.01 -105.02 50.50
N LEU SA 444 -1.31 -105.07 50.78
CA LEU SA 444 -1.86 -104.76 52.11
C LEU SA 444 -1.39 -105.81 53.12
N GLY SA 445 -1.41 -107.08 52.73
CA GLY SA 445 -1.09 -108.20 53.60
C GLY SA 445 -1.87 -109.44 53.21
N THR SA 446 -1.69 -110.56 53.92
CA THR SA 446 -2.37 -111.81 53.58
C THR SA 446 -3.61 -112.04 54.44
N VAL SA 447 -4.75 -112.27 53.80
CA VAL SA 447 -5.90 -112.95 54.39
C VAL SA 447 -5.65 -114.44 54.18
N THR SA 448 -4.94 -115.09 55.11
CA THR SA 448 -4.64 -116.53 55.02
C THR SA 448 -5.87 -117.36 55.32
N VAL SA 449 -6.63 -117.64 54.28
CA VAL SA 449 -7.85 -118.42 54.36
C VAL SA 449 -7.55 -119.78 54.96
N LEU SA 450 -8.25 -120.09 56.05
CA LEU SA 450 -8.10 -121.30 56.83
C LEU SA 450 -8.71 -122.51 56.13
N PRO SA 451 -8.19 -123.73 56.39
CA PRO SA 451 -8.58 -124.93 55.69
C PRO SA 451 -10.05 -125.27 55.97
N ASP SA 452 -10.77 -125.62 54.90
CA ASP SA 452 -12.23 -125.82 54.83
C ASP SA 452 -13.05 -124.54 55.13
N SER SA 453 -12.39 -123.39 55.26
CA SER SA 453 -12.93 -122.35 56.12
C SER SA 453 -13.33 -121.08 55.41
N ASP SA 454 -14.35 -120.47 55.99
CA ASP SA 454 -15.00 -119.19 55.73
C ASP SA 454 -14.32 -118.10 56.60
N GLU SA 455 -13.06 -118.32 56.97
CA GLU SA 455 -12.30 -117.66 58.02
C GLU SA 455 -10.83 -117.53 57.60
N ALA SA 456 -10.08 -116.53 58.08
CA ALA SA 456 -8.69 -116.30 57.67
C ALA SA 456 -7.77 -115.64 58.73
N VAL SA 457 -6.54 -116.14 58.82
CA VAL SA 457 -5.43 -115.54 59.60
C VAL SA 457 -4.85 -114.35 58.81
N CYS SA 458 -5.09 -113.12 59.26
CA CYS SA 458 -4.82 -111.90 58.49
C CYS SA 458 -3.39 -111.33 58.74
N ILE SA 459 -2.32 -112.10 58.45
CA ILE SA 459 -0.89 -111.74 58.64
C ILE SA 459 -0.33 -110.87 57.48
N SER SA 460 0.13 -109.64 57.77
CA SER SA 460 0.68 -108.67 56.78
C SER SA 460 2.21 -108.68 56.73
N PHE SA 461 2.81 -109.73 56.18
CA PHE SA 461 4.27 -109.84 55.95
C PHE SA 461 4.72 -108.86 54.84
N ALA SA 462 5.01 -107.63 55.25
CA ALA SA 462 5.00 -106.43 54.40
C ALA SA 462 5.91 -105.32 54.97
N ILE SA 463 5.88 -104.12 54.37
CA ILE SA 463 6.50 -102.88 54.90
C ILE SA 463 5.50 -101.70 54.67
N THR SA 464 5.49 -100.68 55.54
CA THR SA 464 4.47 -99.59 55.57
C THR SA 464 5.08 -98.19 55.53
N ARG SA 465 4.53 -97.31 54.67
CA ARG SA 465 4.99 -95.93 54.35
C ARG SA 465 6.49 -95.66 54.59
N LEU SA 466 6.88 -94.64 55.36
CA LEU SA 466 8.30 -94.27 55.58
C LEU SA 466 9.07 -95.24 56.53
N SER SA 467 8.84 -96.55 56.38
CA SER SA 467 9.03 -97.57 57.43
C SER SA 467 8.50 -97.12 58.80
N MET SA 468 7.39 -96.37 58.79
CA MET SA 468 6.55 -96.16 59.98
C MET SA 468 6.12 -97.50 60.58
N GLU SA 469 6.08 -98.53 59.71
CA GLU SA 469 6.21 -99.96 60.01
C GLU SA 469 6.95 -100.28 61.32
N ASP SA 470 8.12 -99.68 61.54
CA ASP SA 470 9.02 -99.96 62.66
C ASP SA 470 8.51 -99.44 64.00
N LEU SA 471 7.70 -98.39 63.97
CA LEU SA 471 7.57 -97.47 65.10
C LEU SA 471 6.64 -98.00 66.19
N GLN SA 472 5.56 -98.68 65.81
CA GLN SA 472 4.79 -99.43 66.79
C GLN SA 472 5.61 -100.58 67.36
N LYS SA 473 6.53 -101.19 66.60
CA LYS SA 473 7.41 -102.26 67.14
C LYS SA 473 8.22 -101.75 68.33
N VAL SA 474 8.68 -100.50 68.24
CA VAL SA 474 9.29 -99.82 69.38
C VAL SA 474 8.28 -99.60 70.52
N LYS SA 475 7.12 -98.94 70.31
CA LYS SA 475 6.12 -98.73 71.40
C LYS SA 475 5.70 -100.03 72.07
N THR SA 476 5.46 -101.06 71.28
CA THR SA 476 5.20 -102.42 71.74
C THR SA 476 6.32 -102.98 72.62
N ARG SA 477 7.58 -102.90 72.21
CA ARG SA 477 8.71 -103.41 73.01
C ARG SA 477 8.95 -102.57 74.26
N VAL SA 478 8.77 -101.26 74.17
CA VAL SA 478 8.75 -100.37 75.32
C VAL SA 478 7.66 -100.80 76.29
N ASP SA 479 6.40 -100.89 75.87
CA ASP SA 479 5.29 -101.37 76.71
C ASP SA 479 5.63 -102.74 77.31
N ASN SA 480 6.16 -103.67 76.52
CA ASN SA 480 6.50 -104.97 77.04
C ASN SA 480 7.52 -104.86 78.18
N LEU SA 481 8.71 -104.31 77.95
CA LEU SA 481 9.74 -104.30 79.01
C LEU SA 481 9.46 -103.30 80.12
N GLU SA 482 8.82 -102.15 79.87
CA GLU SA 482 8.41 -101.20 80.92
C GLU SA 482 7.26 -101.71 81.77
N TYR SA 483 6.29 -102.41 81.18
CA TYR SA 483 5.17 -102.96 81.94
C TYR SA 483 5.47 -104.36 82.50
N ASN SA 484 6.42 -105.11 81.95
CA ASN SA 484 7.06 -106.22 82.68
C ASN SA 484 7.92 -105.67 83.85
N GLN SA 485 8.65 -104.56 83.68
CA GLN SA 485 9.34 -103.87 84.78
C GLN SA 485 8.38 -103.29 85.83
N ALA SA 486 7.25 -102.73 85.41
CA ALA SA 486 6.15 -102.38 86.30
C ALA SA 486 5.66 -103.62 87.05
N VAL SA 487 5.43 -104.74 86.35
CA VAL SA 487 5.15 -106.04 86.98
C VAL SA 487 6.24 -106.45 87.98
N ASN SA 488 7.52 -106.19 87.73
CA ASN SA 488 8.55 -106.41 88.75
C ASN SA 488 8.31 -105.54 89.99
N ALA SA 489 7.93 -104.27 89.87
CA ALA SA 489 7.50 -103.48 91.04
C ALA SA 489 6.25 -104.08 91.73
N LEU SA 490 5.36 -104.75 90.97
CA LEU SA 490 4.22 -105.50 91.50
C LEU SA 490 4.60 -106.86 92.11
N ASP SA 491 5.75 -107.44 91.75
CA ASP SA 491 6.41 -108.42 92.60
C ASP SA 491 6.90 -107.71 93.85
N ASP SA 492 7.62 -106.58 93.72
CA ASP SA 492 8.56 -106.08 94.73
C ASP SA 492 7.94 -105.56 96.04
N GLY SA 493 6.63 -105.34 96.11
CA GLY SA 493 5.94 -105.23 97.40
C GLY SA 493 5.83 -106.56 98.17
N ALA SA 494 6.22 -107.67 97.54
CA ALA SA 494 5.88 -109.05 97.91
C ALA SA 494 6.96 -110.13 97.62
N MET SA 495 7.89 -109.83 96.72
CA MET SA 495 9.00 -110.58 96.08
C MET SA 495 9.81 -111.66 96.80
N GLU SA 496 9.68 -111.86 98.11
CA GLU SA 496 10.57 -112.73 98.91
C GLU SA 496 12.02 -112.22 98.99
N GLY SA 497 12.30 -111.31 99.91
CA GLY SA 497 13.66 -110.83 100.19
C GLY SA 497 14.21 -109.85 99.16
N GLN SA 498 14.18 -110.23 97.88
CA GLN SA 498 14.90 -109.66 96.70
C GLN SA 498 16.44 -109.67 96.91
N ASN SA 499 16.84 -108.96 97.94
CA ASN SA 499 18.02 -109.17 98.77
C ASN SA 499 17.81 -110.49 99.58
N PRO SA 500 18.58 -110.78 100.66
CA PRO SA 500 18.05 -111.63 101.71
C PRO SA 500 16.80 -110.90 102.28
N LEU SA 501 16.99 -109.64 102.67
CA LEU SA 501 16.05 -108.51 102.71
C LEU SA 501 16.78 -107.18 103.05
N THR SA 502 18.12 -107.17 103.01
CA THR SA 502 18.97 -106.21 103.74
C THR SA 502 18.86 -104.76 103.28
N LEU SA 503 18.78 -104.46 101.97
CA LEU SA 503 18.56 -103.11 101.42
C LEU SA 503 17.74 -102.15 102.31
N ARG SA 504 18.36 -101.06 102.77
CA ARG SA 504 17.61 -99.88 103.23
C ARG SA 504 17.09 -99.05 102.04
N SER SA 505 17.87 -98.09 101.54
CA SER SA 505 17.59 -97.31 100.31
C SER SA 505 18.83 -96.63 99.73
N VAL SA 506 18.82 -96.25 98.45
CA VAL SA 506 19.98 -95.68 97.74
C VAL SA 506 19.79 -94.20 97.44
N PHE SA 507 20.81 -93.41 97.74
CA PHE SA 507 21.00 -92.09 97.12
C PHE SA 507 21.99 -92.25 95.97
N SER SA 508 21.65 -91.76 94.78
CA SER SA 508 22.47 -91.97 93.58
C SER SA 508 22.39 -90.79 92.61
N GLU SA 509 23.47 -90.55 91.87
CA GLU SA 509 23.63 -89.35 91.06
C GLU SA 509 24.37 -89.65 89.77
N GLY SA 510 23.77 -89.22 88.67
CA GLY SA 510 24.29 -89.32 87.30
C GLY SA 510 24.63 -87.98 86.64
N PHE SA 511 24.58 -86.85 87.37
CA PHE SA 511 25.11 -85.54 86.92
C PHE SA 511 24.44 -85.00 85.63
N ILE SA 512 23.12 -85.19 85.53
CA ILE SA 512 22.25 -84.51 84.55
C ILE SA 512 21.02 -83.86 85.24
N SER SA 513 21.09 -83.55 86.53
CA SER SA 513 19.96 -82.99 87.30
C SER SA 513 20.40 -82.14 88.50
N LEU SA 514 19.50 -81.30 89.02
CA LEU SA 514 19.70 -80.44 90.20
C LEU SA 514 19.06 -80.99 91.49
N ASP SA 515 18.30 -82.09 91.40
CA ASP SA 515 17.38 -82.59 92.44
C ASP SA 515 18.05 -83.33 93.62
N LYS SA 516 19.09 -84.12 93.35
CA LYS SA 516 19.96 -84.74 94.37
C LYS SA 516 21.15 -83.83 94.76
N ALA SA 517 21.52 -82.87 93.91
CA ALA SA 517 22.54 -81.86 94.16
C ALA SA 517 22.14 -80.86 95.24
N ASP SA 518 22.95 -80.72 96.28
CA ASP SA 518 22.78 -79.64 97.23
C ASP SA 518 23.58 -78.42 96.84
N ILE SA 519 23.19 -77.80 95.74
CA ILE SA 519 23.64 -76.45 95.40
C ILE SA 519 23.30 -75.39 96.48
N THR SA 520 22.43 -75.69 97.45
CA THR SA 520 22.08 -74.76 98.55
C THR SA 520 23.13 -74.76 99.67
N HIS SA 521 23.88 -75.86 99.76
CA HIS SA 521 25.20 -75.92 100.39
C HIS SA 521 26.17 -75.07 99.55
N PRO SA 522 26.59 -73.88 99.99
CA PRO SA 522 27.17 -72.87 99.09
C PRO SA 522 28.64 -73.15 98.71
N ASP SA 523 29.25 -74.12 99.39
CA ASP SA 523 30.50 -74.79 99.05
C ASP SA 523 30.37 -75.74 97.85
N PHE SA 524 29.14 -76.08 97.45
CA PHE SA 524 28.87 -76.87 96.25
C PHE SA 524 29.38 -76.16 95.00
N GLY SA 525 29.99 -76.89 94.07
CA GLY SA 525 30.58 -76.28 92.88
C GLY SA 525 30.96 -77.27 91.80
N ILE SA 526 29.99 -78.00 91.25
CA ILE SA 526 30.18 -78.88 90.09
C ILE SA 526 29.32 -78.51 88.88
N VAL SA 527 29.76 -78.96 87.71
CA VAL SA 527 29.20 -78.67 86.38
C VAL SA 527 28.90 -79.97 85.64
N PHE SA 528 27.92 -80.68 86.18
CA PHE SA 528 27.08 -81.62 85.46
C PHE SA 528 26.84 -81.22 83.99
N SER SA 529 26.78 -82.23 83.14
CA SER SA 529 26.74 -82.12 81.69
C SER SA 529 25.57 -83.01 81.25
N PHE SA 530 24.49 -82.34 80.89
CA PHE SA 530 23.11 -82.81 81.00
C PHE SA 530 22.51 -83.82 80.01
N GLU SA 531 23.27 -84.35 79.06
CA GLU SA 531 22.97 -85.71 78.54
C GLU SA 531 24.20 -86.63 78.64
N ASP SA 532 25.33 -86.03 78.99
CA ASP SA 532 26.67 -86.57 79.01
C ASP SA 532 26.93 -87.41 80.29
N ALA SA 533 26.15 -87.14 81.35
CA ALA SA 533 26.08 -87.89 82.61
C ALA SA 533 27.37 -87.93 83.46
N GLU SA 534 28.07 -86.81 83.48
CA GLU SA 534 29.30 -86.60 84.23
C GLU SA 534 29.43 -85.12 84.63
N ALA SA 535 30.20 -84.84 85.67
CA ALA SA 535 30.51 -83.48 86.09
C ALA SA 535 32.00 -83.31 86.38
N THR SA 536 32.42 -82.06 86.44
CA THR SA 536 33.70 -81.63 87.01
C THR SA 536 33.51 -80.38 87.87
N LEU SA 537 34.58 -79.79 88.38
CA LEU SA 537 34.53 -78.55 89.14
C LEU SA 537 33.91 -77.41 88.34
N ALA SA 538 33.13 -76.56 89.01
CA ALA SA 538 32.46 -75.42 88.42
C ALA SA 538 33.45 -74.46 87.74
N TYR SA 539 32.95 -73.72 86.75
CA TYR SA 539 33.78 -72.86 85.91
C TYR SA 539 33.33 -71.41 85.89
N THR SA 540 34.33 -70.56 85.75
CA THR SA 540 34.24 -69.14 85.49
C THR SA 540 34.06 -68.90 83.97
N GLU SA 541 32.83 -68.66 83.48
CA GLU SA 541 32.49 -68.51 82.03
C GLU SA 541 32.88 -67.20 81.32
N ALA SA 542 34.16 -66.97 81.14
CA ALA SA 542 34.72 -65.76 80.53
C ALA SA 542 34.42 -65.55 79.02
N VAL SA 543 33.19 -65.16 78.64
CA VAL SA 543 32.78 -64.84 77.26
C VAL SA 543 33.48 -63.59 76.73
N ASN SA 544 33.91 -63.67 75.46
CA ASN SA 544 34.53 -62.58 74.73
C ASN SA 544 33.97 -62.50 73.29
N GLN SA 545 33.63 -61.30 72.80
CA GLN SA 545 33.53 -61.03 71.35
C GLN SA 545 34.89 -60.42 70.89
N PRO SA 546 35.74 -61.13 70.10
CA PRO SA 546 36.90 -60.57 69.43
C PRO SA 546 36.67 -59.21 68.74
N LYS SA 547 37.76 -58.45 68.59
CA LYS SA 547 37.75 -57.05 68.07
C LYS SA 547 38.70 -56.97 66.87
N ILE SA 548 38.50 -56.10 65.88
CA ILE SA 548 39.11 -56.28 64.55
C ILE SA 548 40.22 -55.24 64.28
N ILE SA 549 41.37 -55.67 63.77
CA ILE SA 549 42.49 -54.83 63.27
C ILE SA 549 42.18 -54.46 61.81
N PRO SA 550 41.61 -53.28 61.52
CA PRO SA 550 40.87 -53.11 60.28
C PRO SA 550 41.73 -53.04 59.02
N GLY SA 551 43.02 -52.69 59.10
CA GLY SA 551 43.91 -52.71 57.93
C GLY SA 551 44.38 -54.12 57.59
N ASP SA 552 45.00 -54.79 58.56
CA ASP SA 552 45.50 -56.17 58.46
C ASP SA 552 44.36 -57.14 58.11
N THR SA 553 43.17 -56.84 58.62
CA THR SA 553 41.92 -57.39 58.14
C THR SA 553 41.66 -56.90 56.71
N THR SA 554 42.02 -57.72 55.72
CA THR SA 554 41.69 -57.42 54.31
C THR SA 554 40.18 -57.47 54.06
N ALA SA 555 39.44 -58.26 54.84
CA ALA SA 555 37.99 -58.38 54.78
C ALA SA 555 37.29 -57.02 54.88
N HIS SA 556 36.38 -56.68 53.97
CA HIS SA 556 35.50 -55.55 54.20
C HIS SA 556 34.54 -55.85 55.37
N ILE SA 557 34.50 -54.97 56.38
CA ILE SA 557 33.53 -55.07 57.47
C ILE SA 557 32.18 -54.53 56.97
N TRP SA 558 31.40 -55.42 56.32
CA TRP SA 558 30.07 -55.15 55.76
C TRP SA 558 29.03 -54.80 56.84
N GLY SA 559 29.05 -53.55 57.29
CA GLY SA 559 28.13 -53.04 58.31
C GLY SA 559 28.40 -53.69 59.67
N ARG SA 560 27.46 -54.50 60.17
CA ARG SA 560 27.70 -55.43 61.30
C ARG SA 560 28.44 -56.70 60.85
N LEU SA 561 28.20 -57.12 59.61
CA LEU SA 561 28.83 -58.29 59.03
C LEU SA 561 30.27 -57.99 58.61
N ILE SA 562 31.00 -59.03 58.29
CA ILE SA 562 32.39 -59.02 57.85
C ILE SA 562 32.46 -59.98 56.67
N SER SA 563 33.13 -59.56 55.60
CA SER SA 563 33.03 -60.08 54.22
C SER SA 563 34.40 -59.96 53.54
N ALA SA 564 34.74 -60.68 52.47
CA ALA SA 564 36.05 -60.49 51.82
C ALA SA 564 36.35 -59.05 51.37
N PRO SA 565 37.61 -58.71 51.08
CA PRO SA 565 37.92 -57.52 50.29
C PRO SA 565 37.13 -57.56 48.97
N PHE SA 566 36.59 -56.42 48.53
CA PHE SA 566 35.88 -56.31 47.25
C PHE SA 566 36.11 -54.95 46.58
N THR SA 567 35.91 -54.90 45.27
CA THR SA 567 35.46 -53.68 44.57
C THR SA 567 33.95 -53.77 44.35
N GLU SA 568 33.26 -52.72 43.94
CA GLU SA 568 31.93 -52.95 43.33
C GLU SA 568 32.08 -53.38 41.87
N GLU SA 569 31.00 -53.91 41.29
CA GLU SA 569 30.72 -53.83 39.85
C GLU SA 569 29.24 -53.52 39.56
N ARG SA 570 28.93 -52.76 38.50
CA ARG SA 570 27.53 -52.50 38.07
C ARG SA 570 26.99 -53.75 37.38
N THR SA 571 26.41 -54.66 38.14
CA THR SA 571 25.94 -55.94 37.58
C THR SA 571 24.77 -55.77 36.62
N ILE SA 572 23.91 -54.77 36.83
CA ILE SA 572 22.71 -54.52 36.02
C ILE SA 572 22.55 -53.04 35.76
N TYR SA 573 22.13 -52.64 34.56
CA TYR SA 573 21.65 -51.28 34.31
C TYR SA 573 20.57 -51.27 33.22
N GLN SA 574 19.53 -50.47 33.42
CA GLN SA 574 18.57 -50.10 32.39
C GLN SA 574 18.63 -48.57 32.26
N GLY SA 575 18.96 -48.12 31.06
CA GLY SA 575 19.29 -46.74 30.73
C GLY SA 575 18.33 -46.11 29.74
N GLN SA 576 17.04 -46.39 29.87
CA GLN SA 576 15.97 -45.84 29.05
C GLN SA 576 14.84 -45.36 29.98
N ALA SA 577 14.86 -44.10 30.42
CA ALA SA 577 13.72 -43.43 31.07
C ALA SA 577 12.92 -42.67 30.00
N SER SA 578 11.62 -42.48 30.18
CA SER SA 578 10.74 -41.68 29.33
C SER SA 578 10.01 -40.57 30.09
N GLU SA 579 9.82 -40.67 31.40
CA GLU SA 579 9.15 -39.62 32.20
C GLU SA 579 9.52 -39.68 33.68
N THR SA 580 9.22 -38.62 34.45
CA THR SA 580 9.45 -38.67 35.90
C THR SA 580 8.60 -39.77 36.52
N LEU SA 581 8.87 -40.15 37.77
CA LEU SA 581 7.77 -40.70 38.57
C LEU SA 581 7.69 -40.19 40.00
N ASN SA 582 6.71 -39.31 40.23
CA ASN SA 582 6.15 -39.01 41.55
C ASN SA 582 5.85 -40.31 42.31
N VAL SA 583 6.60 -40.59 43.38
CA VAL SA 583 6.60 -41.90 44.09
C VAL SA 583 5.28 -42.16 44.82
N ASN SA 584 4.74 -41.16 45.51
CA ASN SA 584 3.46 -41.24 46.22
C ASN SA 584 2.55 -40.11 45.75
N PRO SA 585 1.88 -40.24 44.59
CA PRO SA 585 0.98 -39.21 44.06
C PRO SA 585 -0.32 -39.11 44.88
N TYR SA 586 -0.61 -40.14 45.66
CA TYR SA 586 -1.61 -40.20 46.73
C TYR SA 586 -1.24 -39.21 47.86
N ASN SA 587 0.06 -38.98 48.02
CA ASN SA 587 0.77 -38.17 49.00
C ASN SA 587 0.40 -38.55 50.44
N ILE SA 588 0.35 -39.87 50.73
CA ILE SA 588 -0.15 -40.44 52.01
C ILE SA 588 0.89 -41.26 52.78
N PRO SA 589 1.11 -40.96 54.06
CA PRO SA 589 2.10 -41.64 54.90
C PRO SA 589 1.55 -42.94 55.53
N ASN SA 590 2.49 -43.71 56.08
CA ASN SA 590 2.31 -44.62 57.22
C ASN SA 590 3.63 -44.56 58.01
N LYS SA 591 3.62 -44.15 59.28
CA LYS SA 591 4.83 -43.58 59.90
C LYS SA 591 5.76 -44.61 60.55
N GLN SA 592 6.38 -45.49 59.76
CA GLN SA 592 7.52 -46.31 60.21
C GLN SA 592 8.87 -45.67 59.86
N GLY SA 593 9.54 -45.02 60.81
CA GLY SA 593 10.96 -44.70 60.68
C GLY SA 593 11.82 -45.97 60.79
N VAL SA 594 13.14 -45.87 60.66
CA VAL SA 594 14.02 -47.05 60.48
C VAL SA 594 15.13 -47.18 61.54
N LEU SA 595 14.99 -48.13 62.46
CA LEU SA 595 15.89 -48.40 63.59
C LEU SA 595 17.05 -49.33 63.21
N LYS SA 596 18.21 -49.15 63.86
CA LYS SA 596 19.43 -49.98 63.81
C LYS SA 596 19.89 -50.41 65.20
N LEU SA 597 20.55 -51.56 65.29
CA LEU SA 597 21.07 -52.13 66.55
C LEU SA 597 22.59 -52.34 66.49
N THR SA 598 23.30 -51.83 67.49
CA THR SA 598 24.77 -51.82 67.56
C THR SA 598 25.24 -52.11 69.00
N PRO SA 599 25.53 -53.37 69.41
CA PRO SA 599 25.47 -54.62 68.66
C PRO SA 599 24.06 -55.01 68.21
N SER SA 600 23.96 -55.83 67.17
CA SER SA 600 22.71 -56.43 66.70
C SER SA 600 22.52 -57.88 67.17
N GLU SA 601 23.55 -58.56 67.68
CA GLU SA 601 23.45 -59.95 68.16
C GLU SA 601 24.27 -60.19 69.45
N ASP SA 602 24.18 -61.41 69.98
CA ASP SA 602 25.03 -61.89 71.08
C ASP SA 602 25.48 -63.36 70.88
N ASN SA 603 26.62 -63.73 71.47
CA ASN SA 603 26.94 -65.10 71.89
C ASN SA 603 27.48 -65.00 73.33
N TRP SA 604 27.03 -65.88 74.23
CA TRP SA 604 27.28 -65.78 75.67
C TRP SA 604 26.91 -67.08 76.42
N ILE SA 605 27.19 -67.13 77.73
CA ILE SA 605 26.73 -68.12 78.71
C ILE SA 605 26.46 -67.31 80.02
N ASP SA 606 25.68 -67.83 80.96
CA ASP SA 606 25.25 -67.09 82.16
C ASP SA 606 24.91 -68.01 83.34
N THR SA 607 25.54 -67.82 84.50
CA THR SA 607 25.14 -68.39 85.80
C THR SA 607 23.82 -67.78 86.25
N GLU SA 608 22.74 -68.32 85.67
CA GLU SA 608 21.37 -67.77 85.62
C GLU SA 608 20.55 -67.95 86.92
N ASN SA 609 21.23 -68.07 88.06
CA ASN SA 609 20.75 -68.82 89.22
C ASN SA 609 20.43 -67.93 90.44
N LEU SA 678 19.18 -80.22 80.40
CA LEU SA 678 19.82 -80.60 79.10
C LEU SA 678 20.98 -79.63 78.77
N GLU SA 679 21.91 -79.99 77.88
CA GLU SA 679 22.84 -79.05 77.23
C GLU SA 679 21.96 -78.17 76.29
N GLU SA 680 21.69 -76.92 76.70
CA GLU SA 680 20.53 -76.12 76.26
C GLU SA 680 20.92 -74.81 75.58
N MET SA 681 20.02 -74.32 74.72
CA MET SA 681 20.00 -72.90 74.32
C MET SA 681 20.11 -71.96 75.53
N ILE SA 682 20.52 -70.71 75.28
CA ILE SA 682 21.20 -69.87 76.28
C ILE SA 682 20.22 -69.08 77.19
N GLU SA 683 19.08 -69.67 77.53
CA GLU SA 683 18.23 -69.30 78.67
C GLU SA 683 17.73 -67.85 78.69
N PHE SA 684 18.35 -66.93 79.43
CA PHE SA 684 18.13 -65.51 79.16
C PHE SA 684 19.34 -64.90 78.46
N ILE SA 685 19.05 -64.02 77.50
CA ILE SA 685 20.05 -63.10 76.97
C ILE SA 685 20.58 -62.28 78.15
N ARG SA 686 21.89 -62.29 78.33
CA ARG SA 686 22.51 -61.46 79.35
C ARG SA 686 22.12 -60.02 79.14
N ILE SA 687 21.84 -59.35 80.25
CA ILE SA 687 21.57 -57.92 80.29
C ILE SA 687 22.80 -57.22 79.69
N ARG SA 688 22.60 -56.42 78.66
CA ARG SA 688 23.66 -55.84 77.81
C ARG SA 688 23.16 -54.51 77.25
N ASP SA 689 24.02 -53.60 76.84
CA ASP SA 689 23.57 -52.36 76.19
C ASP SA 689 23.77 -52.36 74.68
N VAL SA 690 22.78 -51.84 73.99
CA VAL SA 690 22.74 -51.67 72.54
C VAL SA 690 22.65 -50.18 72.24
N SER SA 691 23.61 -49.66 71.48
CA SER SA 691 23.48 -48.35 70.86
C SER SA 691 22.62 -48.42 69.60
N PHE SA 692 22.11 -47.29 69.13
CA PHE SA 692 21.20 -47.22 67.97
C PHE SA 692 21.27 -45.90 67.19
N GLU SA 693 20.73 -45.96 65.98
CA GLU SA 693 20.19 -44.84 65.22
C GLU SA 693 18.79 -45.24 64.70
N VAL SA 694 17.84 -44.32 64.70
CA VAL SA 694 16.56 -44.42 63.99
C VAL SA 694 16.41 -43.18 63.10
N LYS SA 695 15.74 -43.32 61.95
CA LYS SA 695 15.65 -42.28 60.90
C LYS SA 695 14.22 -42.08 60.38
N GLY SA 696 13.99 -40.92 59.76
CA GLY SA 696 12.79 -40.63 58.96
C GLY SA 696 11.48 -40.64 59.76
N LEU SA 697 11.52 -40.47 61.09
CA LEU SA 697 10.36 -40.25 61.97
C LEU SA 697 9.73 -38.85 61.73
N ASN SA 698 8.82 -38.38 62.59
CA ASN SA 698 8.36 -37.00 62.51
C ASN SA 698 9.51 -35.99 62.72
N PRO SA 699 9.46 -34.78 62.16
CA PRO SA 699 10.31 -33.70 62.63
C PRO SA 699 10.20 -33.49 64.15
N ASN SA 700 11.33 -33.55 64.86
CA ASN SA 700 11.42 -33.50 66.33
C ASN SA 700 10.35 -34.35 67.01
N ASP SA 701 10.09 -35.53 66.43
CA ASP SA 701 9.31 -36.59 67.02
C ASP SA 701 9.73 -36.80 68.48
N ASN SA 702 8.79 -37.01 69.41
CA ASN SA 702 8.97 -36.80 70.83
C ASN SA 702 8.33 -37.91 71.65
N ASN SA 703 8.87 -38.23 72.83
CA ASN SA 703 8.44 -39.35 73.68
C ASN SA 703 8.71 -40.72 73.05
N LEU SA 704 9.63 -40.82 72.08
CA LEU SA 704 9.96 -42.08 71.41
C LEU SA 704 10.65 -43.00 72.43
N TYR SA 705 9.89 -43.81 73.16
CA TYR SA 705 10.41 -44.87 74.02
C TYR SA 705 10.89 -46.06 73.18
N LEU SA 706 11.54 -47.03 73.81
CA LEU SA 706 11.93 -48.27 73.14
C LEU SA 706 11.38 -49.49 73.88
N LEU SA 707 10.91 -50.49 73.12
CA LEU SA 707 10.55 -51.81 73.66
C LEU SA 707 11.44 -52.89 73.03
N PHE SA 708 12.22 -53.64 73.80
CA PHE SA 708 13.11 -54.69 73.32
C PHE SA 708 12.50 -56.07 73.59
N ASP SA 709 12.41 -56.92 72.57
CA ASP SA 709 11.47 -58.06 72.57
C ASP SA 709 10.00 -57.66 72.84
N GLY SA 710 9.65 -56.40 72.59
CA GLY SA 710 8.39 -55.81 73.04
C GLY SA 710 8.27 -55.54 74.56
N VAL SA 711 9.37 -55.50 75.32
CA VAL SA 711 9.44 -55.11 76.76
C VAL SA 711 10.04 -53.71 76.94
N ARG SA 712 9.44 -52.81 77.74
CA ARG SA 712 9.88 -51.41 77.88
C ARG SA 712 11.32 -51.30 78.39
N CYS SA 713 12.12 -50.50 77.69
CA CYS SA 713 13.54 -50.19 77.96
C CYS SA 713 13.77 -48.68 78.03
N ALA SA 714 14.72 -48.25 78.84
CA ALA SA 714 15.06 -46.84 78.94
C ALA SA 714 16.14 -46.46 77.95
N ILE SA 715 15.77 -45.64 76.96
CA ILE SA 715 16.72 -44.93 76.09
C ILE SA 715 17.51 -43.90 76.89
N THR SA 716 18.80 -43.80 76.59
CA THR SA 716 19.54 -42.55 76.75
C THR SA 716 19.76 -41.96 75.36
N PRO SA 717 19.38 -40.69 75.11
CA PRO SA 717 19.75 -39.98 73.88
C PRO SA 717 21.27 -39.78 73.75
N ALA SA 718 21.83 -40.04 72.58
CA ALA SA 718 23.11 -39.48 72.17
C ALA SA 718 22.97 -37.98 71.90
N THR SA 719 24.06 -37.22 71.99
CA THR SA 719 24.01 -35.78 71.71
C THR SA 719 23.66 -35.48 70.26
N GLY SA 720 22.98 -34.35 70.01
CA GLY SA 720 22.10 -34.11 68.86
C GLY SA 720 20.63 -34.31 69.22
N TYR SA 721 20.36 -35.11 70.25
CA TYR SA 721 19.02 -35.56 70.63
C TYR SA 721 18.74 -35.28 72.11
N ARG SA 722 17.52 -34.83 72.38
CA ARG SA 722 17.00 -34.65 73.75
C ARG SA 722 16.34 -35.96 74.21
N LYS SA 723 15.98 -36.06 75.49
CA LYS SA 723 14.91 -37.00 75.85
C LYS SA 723 13.62 -36.62 75.11
N GLY SA 724 12.62 -37.49 75.15
CA GLY SA 724 11.28 -37.01 74.93
C GLY SA 724 10.89 -36.00 76.02
N SER SA 725 9.64 -35.56 76.06
CA SER SA 725 9.09 -35.04 77.31
C SER SA 725 9.01 -36.19 78.34
N GLU SA 726 8.49 -37.34 77.94
CA GLU SA 726 8.75 -38.62 78.58
C GLU SA 726 10.25 -38.93 78.60
N ASP SA 727 10.77 -39.75 79.52
CA ASP SA 727 12.14 -40.29 79.39
C ASP SA 727 12.22 -41.83 79.47
N GLY SA 728 13.44 -42.34 79.38
CA GLY SA 728 13.65 -43.67 78.82
C GLY SA 728 13.29 -43.58 77.33
N THR SA 729 13.29 -42.37 76.75
CA THR SA 729 12.79 -42.02 75.42
C THR SA 729 13.62 -40.91 74.80
N ILE SA 730 13.46 -40.68 73.51
CA ILE SA 730 14.18 -39.66 72.74
C ILE SA 730 13.23 -38.65 72.10
N MET SA 731 13.72 -37.43 71.88
CA MET SA 731 13.18 -36.56 70.86
C MET SA 731 14.18 -36.37 69.74
N THR SA 732 13.75 -36.58 68.50
CA THR SA 732 14.58 -36.56 67.28
C THR SA 732 15.04 -35.13 66.94
N ASP SA 733 15.87 -35.04 65.91
CA ASP SA 733 16.00 -33.82 65.11
C ASP SA 733 14.84 -33.69 64.11
N ALA SA 734 14.84 -32.62 63.33
CA ALA SA 734 13.78 -32.30 62.39
C ALA SA 734 13.62 -33.35 61.27
N LYS SA 735 14.59 -34.24 61.01
CA LYS SA 735 14.43 -35.32 60.01
C LYS SA 735 13.61 -36.49 60.56
N GLY SA 736 13.30 -36.47 61.86
CA GLY SA 736 12.98 -37.68 62.59
C GLY SA 736 14.20 -38.61 62.76
N THR SA 737 15.42 -38.09 62.80
CA THR SA 737 16.58 -38.89 63.24
C THR SA 737 16.64 -38.89 64.76
N ALA SA 738 16.94 -40.02 65.37
CA ALA SA 738 17.28 -40.09 66.78
C ALA SA 738 18.42 -41.11 66.95
N LYS SA 739 19.34 -40.91 67.90
CA LYS SA 739 20.48 -41.80 68.19
C LYS SA 739 20.71 -41.90 69.69
N GLY SA 740 21.38 -42.94 70.16
CA GLY SA 740 21.61 -43.14 71.58
C GLY SA 740 21.92 -44.58 71.94
N LYS SA 741 21.55 -45.00 73.14
CA LYS SA 741 21.64 -46.39 73.58
C LYS SA 741 20.58 -46.76 74.61
N PHE SA 742 20.34 -48.04 74.82
CA PHE SA 742 19.42 -48.58 75.81
C PHE SA 742 19.96 -49.91 76.38
N THR SA 743 19.33 -50.45 77.40
CA THR SA 743 19.72 -51.74 78.01
C THR SA 743 18.72 -52.86 77.71
N ILE SA 744 19.21 -53.99 77.19
CA ILE SA 744 18.47 -55.27 77.02
C ILE SA 744 18.02 -55.72 78.42
N PRO SA 745 16.70 -55.80 78.71
CA PRO SA 745 16.19 -56.13 80.03
C PRO SA 745 16.61 -57.50 80.57
N ALA SA 746 16.39 -57.72 81.86
CA ALA SA 746 16.29 -59.09 82.37
C ALA SA 746 14.94 -59.73 81.99
N GLY SA 747 14.88 -61.06 82.03
CA GLY SA 747 13.70 -61.83 81.55
C GLY SA 747 13.59 -61.89 80.02
N ILE SA 748 14.61 -61.39 79.31
CA ILE SA 748 14.71 -61.50 77.86
C ILE SA 748 15.21 -62.89 77.57
N ARG SA 749 14.29 -63.74 77.14
CA ARG SA 749 14.53 -65.13 76.78
C ARG SA 749 15.53 -65.22 75.61
N CYS SA 750 16.29 -66.30 75.51
CA CYS SA 750 17.16 -66.60 74.37
C CYS SA 750 16.37 -66.61 73.05
N GLY SA 751 17.02 -66.39 71.92
CA GLY SA 751 16.44 -66.30 70.57
C GLY SA 751 16.38 -64.88 70.00
N ASN SA 752 15.85 -64.69 68.79
CA ASN SA 752 15.71 -63.35 68.19
C ASN SA 752 14.61 -62.50 68.87
N ARG SA 753 14.77 -61.18 68.91
CA ARG SA 753 14.00 -60.22 69.74
C ARG SA 753 13.60 -59.01 68.91
N GLU SA 754 12.40 -58.46 69.03
CA GLU SA 754 12.04 -57.25 68.27
C GLU SA 754 12.21 -56.00 69.09
N VAL SA 755 13.06 -55.15 68.58
CA VAL SA 755 13.43 -53.89 69.19
C VAL SA 755 12.59 -52.81 68.53
N THR SA 756 11.93 -51.96 69.32
CA THR SA 756 10.71 -51.25 68.89
C THR SA 756 10.78 -49.78 69.33
N LEU SA 757 11.63 -48.98 68.68
CA LEU SA 757 11.78 -47.55 69.01
C LEU SA 757 10.57 -46.76 68.47
N LYS SA 758 9.65 -46.36 69.35
CA LYS SA 758 8.38 -45.78 68.93
C LYS SA 758 7.72 -44.88 69.97
N ASN SA 759 6.72 -44.16 69.49
CA ASN SA 759 5.60 -43.62 70.25
C ASN SA 759 4.35 -43.84 69.37
N ALA SA 760 3.29 -43.05 69.53
CA ALA SA 760 2.16 -43.05 68.60
C ALA SA 760 2.33 -42.17 67.35
N ASN SA 761 3.33 -41.28 67.38
CA ASN SA 761 3.60 -40.29 66.36
C ASN SA 761 4.31 -40.94 65.15
N SER SA 762 5.39 -41.68 65.42
CA SER SA 762 6.02 -42.67 64.54
C SER SA 762 6.20 -43.99 65.28
N THR SA 763 6.08 -45.10 64.55
CA THR SA 763 6.72 -46.35 64.96
C THR SA 763 8.12 -46.48 64.36
N SER SA 764 8.94 -47.37 64.92
CA SER SA 764 10.02 -48.06 64.22
C SER SA 764 10.27 -49.41 64.89
N ALA SA 765 10.78 -50.40 64.14
CA ALA SA 765 11.21 -51.66 64.73
C ALA SA 765 12.27 -52.45 63.92
N THR SA 766 13.15 -53.20 64.60
CA THR SA 766 14.10 -54.14 63.98
C THR SA 766 14.61 -55.21 64.99
N THR SA 767 15.19 -56.30 64.50
CA THR SA 767 15.43 -57.54 65.28
C THR SA 767 16.85 -57.67 65.87
N TYR SA 768 16.99 -57.96 67.17
CA TYR SA 768 18.24 -58.46 67.80
C TYR SA 768 18.30 -60.00 67.78
N THR SA 769 19.48 -60.62 67.80
CA THR SA 769 19.65 -62.09 67.61
C THR SA 769 20.51 -62.77 68.69
N ALA SA 770 20.15 -63.97 69.17
CA ALA SA 770 20.86 -64.57 70.31
C ALA SA 770 20.64 -66.09 70.51
N GLN SA 771 21.50 -66.97 69.98
CA GLN SA 771 21.35 -68.45 70.01
C GLN SA 771 22.73 -69.19 70.12
N GLY SA 772 22.78 -70.43 70.64
CA GLY SA 772 24.01 -71.23 70.86
C GLY SA 772 23.79 -72.32 71.94
N ARG SA 773 24.82 -72.79 72.69
CA ARG SA 773 24.61 -73.81 73.76
C ARG SA 773 25.40 -73.62 75.08
N LYS SA 774 24.72 -73.71 76.24
CA LYS SA 774 25.29 -73.85 77.62
C LYS SA 774 25.69 -75.31 77.90
N LYS SA 775 26.81 -75.53 78.60
CA LYS SA 775 27.29 -76.85 79.08
C LYS SA 775 26.68 -77.31 80.41
N THR SA 776 25.95 -76.45 81.12
CA THR SA 776 25.24 -76.80 82.37
C THR SA 776 23.89 -76.08 82.43
N ALA SA 777 22.82 -76.82 82.78
CA ALA SA 777 21.42 -76.52 82.38
C ALA SA 777 20.73 -75.32 83.13
N GLN SA 778 20.15 -75.58 84.30
CA GLN SA 778 19.00 -74.86 84.84
C GLN SA 778 17.78 -74.90 83.90
N ASP SA 779 17.54 -73.89 83.04
CA ASP SA 779 16.33 -73.76 82.21
C ASP SA 779 16.63 -73.40 80.72
N ILE SA 780 15.74 -73.75 79.78
CA ILE SA 780 15.99 -73.59 78.33
C ILE SA 780 15.62 -72.19 77.80
N ILE SA 781 14.37 -71.73 78.03
CA ILE SA 781 13.86 -70.35 77.91
C ILE SA 781 14.00 -69.63 76.53
N ILE SA 782 12.93 -69.51 75.71
CA ILE SA 782 12.88 -68.72 74.43
C ILE SA 782 11.52 -67.94 74.26
N ARG SA 783 11.48 -66.82 73.50
CA ARG SA 783 10.24 -66.02 73.18
C ARG SA 783 10.11 -65.53 71.71
N THR SA 784 11.20 -65.42 70.96
CA THR SA 784 11.24 -65.01 69.53
C THR SA 784 10.63 -63.62 69.25
N ARG SA 785 10.22 -63.22 68.02
CA ARG SA 785 9.78 -61.86 67.59
C ARG SA 785 9.24 -61.84 66.14
N VAL SA 786 8.70 -60.75 65.55
CA VAL SA 786 8.43 -60.65 64.07
C VAL SA 786 8.50 -59.21 63.48
N THR SA 787 8.72 -59.01 62.15
CA THR SA 787 8.93 -57.69 61.47
C THR SA 787 8.36 -57.57 60.03
N VAL SA 788 7.61 -56.49 59.66
CA VAL SA 788 6.98 -56.17 58.32
C VAL SA 788 6.60 -54.66 58.21
N ASN SA 789 6.38 -54.05 57.02
CA ASN SA 789 5.71 -52.72 56.92
C ASN SA 789 5.00 -52.33 55.58
N LEU SA 790 4.18 -51.26 55.56
CA LEU SA 790 3.25 -50.80 54.47
C LEU SA 790 3.16 -49.25 54.34
N VAL SA 791 2.69 -48.67 53.22
CA VAL SA 791 2.65 -47.19 52.90
C VAL SA 791 1.65 -46.90 51.73
N ASP SA 792 1.67 -45.71 51.11
CA ASP SA 792 1.15 -45.46 49.73
C ASP SA 792 2.29 -45.29 48.69
N PRO SA 793 3.11 -46.31 48.35
CA PRO SA 793 4.45 -46.11 47.79
C PRO SA 793 4.54 -46.39 46.27
N LEU SA 794 5.76 -46.31 45.73
CA LEU SA 794 6.16 -46.95 44.47
C LEU SA 794 6.86 -48.28 44.80
N ALA SA 795 6.93 -49.19 43.85
CA ALA SA 795 7.66 -50.45 43.97
C ALA SA 795 8.13 -50.88 42.58
N GLN SA 796 9.05 -51.84 42.53
CA GLN SA 796 9.66 -52.27 41.28
C GLN SA 796 10.19 -53.70 41.46
N SER SA 797 9.59 -54.70 40.82
CA SER SA 797 10.21 -56.01 40.71
C SER SA 797 11.48 -55.92 39.87
N PHE SA 798 12.51 -56.66 40.26
CA PHE SA 798 13.76 -56.79 39.52
C PHE SA 798 14.35 -58.16 39.83
N GLN SA 799 15.02 -58.82 38.89
CA GLN SA 799 15.67 -60.10 39.18
C GLN SA 799 17.18 -60.08 39.06
N TYR SA 800 17.79 -60.94 39.89
CA TYR SA 800 19.15 -61.40 39.69
C TYR SA 800 19.15 -62.79 39.07
N ASP SA 801 20.13 -63.02 38.20
CA ASP SA 801 20.25 -64.19 37.34
C ASP SA 801 21.24 -65.23 37.87
N GLU SA 802 22.21 -64.77 38.64
CA GLU SA 802 23.18 -65.55 39.40
C GLU SA 802 23.35 -64.90 40.77
N ASN SA 803 23.89 -65.62 41.75
CA ASN SA 803 23.98 -65.13 43.12
C ASN SA 803 25.10 -64.07 43.25
N ARG SA 804 24.72 -62.85 43.69
CA ARG SA 804 25.60 -61.66 43.77
C ARG SA 804 25.30 -60.80 44.99
N THR SA 805 26.33 -60.31 45.66
CA THR SA 805 26.16 -59.62 46.95
C THR SA 805 25.88 -58.14 46.74
N ILE SA 806 24.62 -57.70 46.58
CA ILE SA 806 24.30 -56.28 46.30
C ILE SA 806 24.91 -55.38 47.35
N SER SA 807 25.72 -54.45 46.88
CA SER SA 807 26.37 -53.40 47.66
C SER SA 807 25.57 -52.11 47.53
N SER SA 808 25.07 -51.75 46.34
CA SER SA 808 24.08 -50.66 46.22
C SER SA 808 23.32 -50.64 44.89
N LEU SA 809 22.18 -49.94 44.85
CA LEU SA 809 21.51 -49.59 43.59
C LEU SA 809 22.13 -48.31 43.00
N GLY SA 810 21.53 -47.80 41.94
CA GLY SA 810 21.80 -46.49 41.34
C GLY SA 810 20.57 -46.04 40.52
N LEU SA 811 20.18 -44.75 40.57
CA LEU SA 811 18.86 -44.21 40.17
C LEU SA 811 18.96 -42.72 39.78
N TYR SA 812 17.94 -42.15 39.15
CA TYR SA 812 17.99 -40.75 38.68
C TYR SA 812 16.67 -40.06 38.97
N PHE SA 813 16.67 -38.85 39.53
CA PHE SA 813 15.41 -38.12 39.78
C PHE SA 813 15.25 -36.96 38.81
N ALA SA 814 14.00 -36.60 38.60
CA ALA SA 814 13.59 -35.34 37.99
C ALA SA 814 13.50 -34.22 39.05
N SER SA 815 12.97 -34.56 40.23
CA SER SA 815 12.74 -33.61 41.33
C SER SA 815 12.60 -34.33 42.65
N LYS SA 816 12.63 -33.59 43.75
CA LYS SA 816 12.60 -34.15 45.11
C LYS SA 816 11.82 -33.26 46.08
N GLY SA 817 11.31 -33.88 47.14
CA GLY SA 817 10.57 -33.21 48.22
C GLY SA 817 11.48 -32.45 49.21
N ASP SA 818 11.10 -32.45 50.47
CA ASP SA 818 11.84 -31.81 51.56
C ASP SA 818 12.89 -32.73 52.22
N LYS SA 819 13.73 -32.14 53.07
CA LYS SA 819 14.85 -32.80 53.74
C LYS SA 819 14.45 -33.79 54.85
N GLN SA 820 13.17 -33.90 55.23
CA GLN SA 820 12.73 -34.59 56.44
C GLN SA 820 11.68 -35.67 56.19
N SER SA 821 10.86 -35.52 55.15
CA SER SA 821 10.30 -36.69 54.45
C SER SA 821 11.44 -37.43 53.74
N ASN SA 822 11.18 -38.66 53.31
CA ASN SA 822 12.18 -39.47 52.63
C ASN SA 822 11.53 -40.56 51.77
N VAL SA 823 12.28 -40.99 50.77
CA VAL SA 823 12.13 -42.35 50.30
C VAL SA 823 12.80 -43.22 51.34
N VAL SA 824 12.20 -44.32 51.72
CA VAL SA 824 13.00 -45.44 52.23
C VAL SA 824 13.00 -46.48 51.14
N ILE SA 825 14.17 -46.93 50.70
CA ILE SA 825 14.17 -48.16 49.91
C ILE SA 825 14.15 -49.32 50.88
N GLN SA 826 13.13 -50.17 50.78
CA GLN SA 826 13.30 -51.56 51.16
C GLN SA 826 13.57 -52.43 49.94
N ILE SA 827 14.16 -53.59 50.17
CA ILE SA 827 14.11 -54.70 49.22
C ILE SA 827 13.34 -55.85 49.87
N ARG SA 828 12.56 -56.56 49.04
CA ARG SA 828 11.54 -57.56 49.37
C ARG SA 828 11.52 -58.67 48.32
N GLY SA 829 10.80 -59.76 48.56
CA GLY SA 829 10.55 -60.79 47.54
C GLY SA 829 9.26 -60.50 46.77
N MET SA 830 8.59 -61.53 46.28
CA MET SA 830 7.31 -61.44 45.55
C MET SA 830 6.19 -62.24 46.24
N GLY SA 831 4.96 -61.76 46.18
CA GLY SA 831 3.77 -62.48 46.63
C GLY SA 831 2.87 -62.87 45.46
N ASP SA 832 1.93 -63.78 45.68
CA ASP SA 832 0.90 -64.21 44.70
C ASP SA 832 -0.21 -63.18 44.45
N GLN SA 833 0.15 -61.90 44.50
CA GLN SA 833 -0.53 -60.85 43.75
C GLN SA 833 0.26 -60.54 42.46
N GLY SA 834 1.44 -61.13 42.28
CA GLY SA 834 2.51 -60.68 41.40
C GLY SA 834 3.28 -59.46 41.93
N TYR SA 835 2.66 -58.69 42.82
CA TYR SA 835 3.28 -57.61 43.58
C TYR SA 835 4.30 -58.11 44.62
N PRO SA 836 5.09 -57.23 45.27
CA PRO SA 836 6.09 -57.63 46.25
C PRO SA 836 5.50 -58.43 47.43
N ASN SA 837 6.30 -59.28 48.08
CA ASN SA 837 5.99 -59.74 49.43
C ASN SA 837 6.22 -58.61 50.44
N LYS SA 838 5.84 -58.80 51.70
CA LYS SA 838 5.94 -57.78 52.75
C LYS SA 838 7.28 -57.78 53.51
N THR SA 839 8.20 -58.67 53.18
CA THR SA 839 9.35 -58.98 54.04
C THR SA 839 10.46 -57.94 53.93
N ILE SA 840 11.00 -57.50 55.07
CA ILE SA 840 12.10 -56.53 55.12
C ILE SA 840 13.44 -57.22 54.76
N TYR SA 841 13.77 -57.45 53.49
CA TYR SA 841 15.08 -58.06 53.14
C TYR SA 841 16.25 -57.10 53.35
N ALA SA 842 16.03 -55.82 53.04
CA ALA SA 842 16.99 -54.74 53.21
C ALA SA 842 16.23 -53.42 53.41
N GLU SA 843 16.84 -52.41 54.01
CA GLU SA 843 16.21 -51.10 54.22
C GLU SA 843 17.23 -49.96 54.24
N THR SA 844 16.89 -48.76 53.75
CA THR SA 844 17.78 -47.57 53.76
C THR SA 844 16.99 -46.27 53.53
N VAL SA 845 17.18 -45.25 54.38
CA VAL SA 845 16.39 -43.98 54.39
C VAL SA 845 17.09 -42.90 53.55
N MET SA 846 16.31 -42.17 52.77
CA MET SA 846 16.77 -41.33 51.68
C MET SA 846 15.86 -40.09 51.55
N ASN SA 847 16.16 -39.05 52.32
CA ASN SA 847 15.53 -37.73 52.27
C ASN SA 847 15.91 -37.00 50.97
N ALA SA 848 15.39 -35.78 50.76
CA ALA SA 848 15.81 -34.96 49.63
C ALA SA 848 17.30 -34.65 49.65
N ASP SA 849 17.91 -34.55 50.84
CA ASP SA 849 19.36 -34.44 51.01
C ASP SA 849 20.11 -35.59 50.31
N ASP SA 850 19.49 -36.76 50.31
CA ASP SA 850 20.05 -38.02 49.87
C ASP SA 850 19.77 -38.30 48.39
N ILE SA 851 19.04 -37.41 47.70
CA ILE SA 851 18.50 -37.64 46.35
C ILE SA 851 19.04 -36.60 45.33
N LYS SA 852 19.37 -37.03 44.10
CA LYS SA 852 20.02 -36.22 43.06
C LYS SA 852 19.13 -36.07 41.83
N VAL SA 853 19.05 -34.86 41.27
CA VAL SA 853 18.07 -34.50 40.22
C VAL SA 853 18.75 -34.09 38.90
N SER SA 854 18.07 -34.38 37.78
CA SER SA 854 18.52 -34.35 36.37
C SER SA 854 17.29 -34.25 35.46
N ASN SA 855 17.44 -33.89 34.19
CA ASN SA 855 16.33 -33.88 33.21
C ASN SA 855 16.62 -34.61 31.89
N ASN SA 856 17.51 -35.60 31.99
CA ASN SA 856 17.90 -36.64 31.02
C ASN SA 856 18.14 -37.97 31.79
N ALA SA 857 17.50 -38.10 32.97
CA ALA SA 857 17.67 -39.17 33.93
C ALA SA 857 19.14 -39.59 34.12
N SER SA 858 19.99 -38.70 34.62
CA SER SA 858 21.45 -38.94 34.75
C SER SA 858 22.02 -38.76 36.16
N ALA SA 859 21.26 -38.16 37.08
CA ALA SA 859 21.72 -37.81 38.43
C ALA SA 859 21.77 -39.03 39.34
N GLU SA 860 22.89 -39.75 39.29
CA GLU SA 860 23.13 -41.08 39.85
C GLU SA 860 23.04 -41.14 41.39
N THR SA 861 21.80 -41.26 41.85
CA THR SA 861 21.31 -41.37 43.22
C THR SA 861 21.51 -42.81 43.73
N ARG SA 862 22.53 -43.03 44.57
CA ARG SA 862 22.94 -44.37 45.02
C ARG SA 862 22.18 -44.80 46.26
N VAL SA 863 21.74 -46.05 46.25
CA VAL SA 863 20.98 -46.71 47.32
C VAL SA 863 21.90 -47.74 47.97
N TYR SA 864 22.75 -47.31 48.90
CA TYR SA 864 23.53 -48.22 49.73
C TYR SA 864 22.69 -48.77 50.89
N PHE SA 865 22.95 -50.02 51.24
CA PHE SA 865 22.40 -50.65 52.44
C PHE SA 865 23.49 -50.76 53.52
N ASP SA 866 23.08 -51.14 54.74
CA ASP SA 866 23.93 -51.08 55.93
C ASP SA 866 24.99 -52.21 55.93
N ASP SA 867 24.57 -53.47 55.88
CA ASP SA 867 25.35 -54.60 55.30
C ASP SA 867 24.92 -54.73 53.81
N PRO SA 868 25.40 -55.71 53.01
CA PRO SA 868 24.89 -55.89 51.64
C PRO SA 868 23.55 -56.64 51.70
N MET SA 869 22.89 -56.83 50.55
CA MET SA 869 21.87 -57.88 50.41
C MET SA 869 22.27 -58.87 49.31
N MET SA 870 22.42 -60.16 49.61
CA MET SA 870 22.76 -61.12 48.57
C MET SA 870 21.55 -61.35 47.66
N ALA SA 871 21.58 -60.85 46.43
CA ALA SA 871 20.57 -61.16 45.42
C ALA SA 871 20.94 -62.49 44.76
N GLU SA 872 20.23 -63.54 45.11
CA GLU SA 872 20.35 -64.85 44.52
C GLU SA 872 19.92 -64.83 43.06
N GLY SA 873 20.47 -65.76 42.26
CA GLY SA 873 20.16 -65.92 40.84
C GLY SA 873 18.82 -66.59 40.56
N GLY SA 874 18.33 -66.46 39.33
CA GLY SA 874 17.03 -66.97 38.91
C GLY SA 874 15.83 -66.37 39.65
N LYS SA 875 15.97 -65.23 40.34
CA LYS SA 875 14.92 -64.72 41.25
C LYS SA 875 14.65 -63.24 41.09
N GLU SA 876 13.37 -62.90 40.98
CA GLU SA 876 12.84 -61.58 41.23
C GLU SA 876 12.85 -61.28 42.73
N TYR SA 877 13.47 -60.17 43.07
CA TYR SA 877 13.20 -59.35 44.24
C TYR SA 877 12.20 -58.27 43.82
N ALA SA 878 11.75 -57.47 44.78
CA ALA SA 878 11.21 -56.16 44.48
C ALA SA 878 11.80 -55.10 45.39
N ILE SA 879 12.15 -53.97 44.79
CA ILE SA 879 12.32 -52.71 45.50
C ILE SA 879 10.93 -52.34 46.01
N VAL SA 880 10.80 -52.00 47.28
CA VAL SA 880 9.69 -51.13 47.71
C VAL SA 880 10.29 -49.77 47.98
N ILE SA 881 9.69 -48.78 47.35
CA ILE SA 881 10.14 -47.39 47.34
C ILE SA 881 9.12 -46.66 48.22
N ILE SA 882 9.27 -46.91 49.52
CA ILE SA 882 8.45 -46.34 50.58
C ILE SA 882 8.52 -44.83 50.49
N THR SA 883 7.39 -44.13 50.48
CA THR SA 883 7.36 -42.75 50.95
C THR SA 883 5.96 -42.32 51.34
N GLU SA 884 5.89 -41.28 52.15
CA GLU SA 884 4.71 -40.44 52.35
C GLU SA 884 4.54 -39.39 51.24
N ASN SA 885 5.59 -39.04 50.49
CA ASN SA 885 5.67 -37.81 49.73
C ASN SA 885 5.65 -38.02 48.21
N SER SA 886 4.76 -37.32 47.51
CA SER SA 886 4.71 -37.23 46.04
C SER SA 886 5.93 -36.60 45.40
N ASP SA 887 6.54 -35.64 46.08
CA ASP SA 887 7.46 -34.65 45.50
C ASP SA 887 8.82 -35.25 45.14
N TYR SA 888 9.10 -36.44 45.66
CA TYR SA 888 10.07 -37.35 45.08
C TYR SA 888 9.56 -37.83 43.72
N THR SA 889 10.01 -37.20 42.66
CA THR SA 889 9.67 -37.62 41.31
C THR SA 889 10.92 -38.17 40.62
N MET SA 890 10.97 -39.49 40.44
CA MET SA 890 12.13 -40.21 39.89
C MET SA 890 12.22 -40.06 38.35
N TRP SA 891 12.80 -41.03 37.63
CA TRP SA 891 12.78 -41.19 36.15
C TRP SA 891 12.51 -42.64 35.71
N VAL SA 892 11.27 -42.96 35.38
CA VAL SA 892 10.89 -44.28 34.84
C VAL SA 892 10.99 -44.28 33.34
N GLY SA 893 11.11 -45.47 32.76
CA GLY SA 893 10.83 -45.77 31.36
C GLY SA 893 9.57 -46.62 31.19
N THR SA 894 8.87 -46.40 30.09
CA THR SA 894 7.60 -47.06 29.79
C THR SA 894 7.43 -47.34 28.30
N ARG SA 895 6.65 -48.37 28.02
CA ARG SA 895 6.35 -49.00 26.74
C ARG SA 895 6.27 -48.00 25.58
N THR SA 896 7.22 -48.10 24.67
CA THR SA 896 7.30 -47.37 23.40
C THR SA 896 7.11 -45.86 23.53
N LYS SA 897 7.63 -45.27 24.61
CA LYS SA 897 7.65 -43.81 24.80
C LYS SA 897 8.98 -43.14 24.42
N PRO SA 898 8.93 -41.95 23.82
CA PRO SA 898 10.00 -40.95 23.83
C PRO SA 898 10.78 -40.93 25.13
N LYS SA 899 12.09 -41.18 25.08
CA LYS SA 899 12.93 -41.20 26.29
C LYS SA 899 13.07 -39.78 26.86
N ILE SA 900 13.09 -39.56 28.19
CA ILE SA 900 13.56 -38.29 28.76
C ILE SA 900 15.01 -38.05 28.31
N ASP SA 901 15.77 -39.14 28.24
CA ASP SA 901 17.15 -39.18 27.78
C ASP SA 901 17.28 -38.68 26.32
N LYS SA 902 16.33 -39.10 25.47
CA LYS SA 902 16.34 -39.12 23.99
C LYS SA 902 14.92 -39.14 23.41
N PRO SA 903 14.20 -38.02 23.39
CA PRO SA 903 12.75 -38.02 23.13
C PRO SA 903 12.37 -38.36 21.68
N ASN SA 904 13.30 -38.30 20.72
CA ASN SA 904 13.06 -38.67 19.31
C ASN SA 904 13.08 -40.20 19.08
N GLU SA 905 13.36 -40.94 20.15
CA GLU SA 905 13.64 -42.35 20.22
C GLU SA 905 12.80 -42.97 21.32
N VAL SA 906 12.35 -44.21 21.15
CA VAL SA 906 11.33 -44.77 22.05
C VAL SA 906 11.69 -46.15 22.59
N ILE SA 907 11.15 -46.41 23.77
CA ILE SA 907 11.46 -47.57 24.64
C ILE SA 907 10.98 -48.91 24.03
N SER SA 908 11.46 -50.03 24.60
CA SER SA 908 10.91 -51.39 24.52
C SER SA 908 9.47 -51.48 25.11
N GLY SA 909 9.07 -52.58 25.75
CA GLY SA 909 7.88 -52.60 26.64
C GLY SA 909 8.26 -52.05 27.99
N ASN SA 910 8.29 -52.92 29.00
CA ASN SA 910 9.18 -52.71 30.13
C ASN SA 910 10.60 -52.39 29.59
N PRO SA 911 11.25 -51.30 30.01
CA PRO SA 911 12.67 -51.06 29.73
C PRO SA 911 13.60 -52.21 30.18
N TYR SA 912 13.15 -53.01 31.14
CA TYR SA 912 13.85 -54.08 31.81
C TYR SA 912 12.82 -55.14 32.22
N LEU SA 913 12.35 -55.89 31.22
CA LEU SA 913 11.23 -56.85 31.32
C LEU SA 913 11.46 -57.99 32.29
N GLN SA 914 12.70 -58.12 32.75
CA GLN SA 914 13.20 -58.91 33.84
C GLN SA 914 12.89 -58.23 35.18
N GLY SA 915 11.70 -57.62 35.27
CA GLY SA 915 11.31 -56.60 36.22
C GLY SA 915 9.96 -55.98 35.86
N VAL SA 916 9.32 -55.31 36.82
CA VAL SA 916 8.00 -54.67 36.70
C VAL SA 916 7.86 -53.50 37.69
N LEU SA 917 7.50 -52.31 37.21
CA LEU SA 917 7.10 -51.18 38.05
C LEU SA 917 5.72 -51.39 38.71
N PHE SA 918 5.53 -50.80 39.89
CA PHE SA 918 4.23 -50.65 40.55
C PHE SA 918 4.09 -49.30 41.28
N SER SA 919 2.88 -48.75 41.34
CA SER SA 919 2.53 -47.60 42.20
C SER SA 919 1.27 -47.94 43.00
N SER SA 920 1.15 -47.59 44.28
CA SER SA 920 -0.03 -47.97 45.07
C SER SA 920 -0.45 -47.01 46.18
N SER SA 921 -1.72 -46.62 46.14
CA SER SA 921 -2.47 -45.96 47.22
C SER SA 921 -2.84 -46.87 48.43
N ASN SA 922 -2.12 -47.96 48.69
CA ASN SA 922 -2.01 -48.62 50.02
C ASN SA 922 -0.92 -49.73 50.12
N ALA SA 923 0.07 -49.75 49.21
CA ALA SA 923 1.01 -50.87 48.99
C ALA SA 923 0.30 -52.22 48.63
N SER SA 924 -0.88 -52.16 47.98
CA SER SA 924 -1.66 -53.33 47.50
C SER SA 924 -2.59 -53.01 46.31
N THR SA 925 -3.04 -51.76 46.17
CA THR SA 925 -3.64 -51.23 44.93
C THR SA 925 -2.68 -51.19 43.72
N TRP SA 926 -1.50 -51.82 43.80
CA TRP SA 926 -0.32 -51.72 42.92
C TRP SA 926 -0.66 -51.75 41.44
N THR SA 927 -0.23 -50.73 40.69
CA THR SA 927 -0.36 -50.66 39.23
C THR SA 927 0.53 -51.73 38.59
N PRO SA 928 0.03 -52.85 38.05
CA PRO SA 928 0.86 -53.82 37.34
C PRO SA 928 1.46 -53.23 36.06
N HIS SA 929 2.68 -52.68 36.10
CA HIS SA 929 3.35 -52.26 34.87
C HIS SA 929 4.03 -53.41 34.15
N GLN SA 930 3.24 -54.21 33.44
CA GLN SA 930 3.71 -54.92 32.25
C GLN SA 930 3.95 -53.92 31.08
N ASN SA 931 4.20 -52.64 31.41
CA ASN SA 931 4.58 -51.55 30.53
C ASN SA 931 5.90 -50.84 30.91
N SER SA 932 6.44 -50.99 32.11
CA SER SA 932 7.34 -49.95 32.65
C SER SA 932 8.32 -50.44 33.70
N ASP SA 933 9.41 -49.69 33.84
CA ASP SA 933 10.42 -49.86 34.89
C ASP SA 933 11.04 -48.51 35.27
N LEU SA 934 11.65 -48.40 36.44
CA LEU SA 934 12.64 -47.35 36.75
C LEU SA 934 13.74 -47.29 35.68
N LYS SA 935 14.38 -46.15 35.42
CA LYS SA 935 15.76 -46.14 34.92
C LYS SA 935 16.70 -46.28 36.11
N PHE SA 936 17.65 -47.21 36.05
CA PHE SA 936 18.46 -47.59 37.21
C PHE SA 936 19.73 -48.32 36.79
N GLY SA 937 20.69 -48.51 37.70
CA GLY SA 937 21.60 -49.65 37.60
C GLY SA 937 22.10 -50.13 38.96
N ILE SA 938 22.06 -51.45 39.15
CA ILE SA 938 22.42 -52.13 40.38
C ILE SA 938 23.91 -52.51 40.40
N TYR SA 939 24.48 -52.66 41.59
CA TYR SA 939 25.87 -53.05 41.80
C TYR SA 939 26.03 -54.12 42.90
N THR SA 940 27.09 -54.94 42.83
CA THR SA 940 27.43 -55.91 43.90
C THR SA 940 28.90 -55.88 44.33
N SER SA 941 29.22 -56.49 45.47
CA SER SA 941 30.60 -56.75 45.87
C SER SA 941 31.20 -57.71 44.83
N LYS SA 942 32.11 -57.18 44.02
CA LYS SA 942 33.15 -57.89 43.29
C LYS SA 942 34.25 -58.29 44.28
N PHE SA 943 33.97 -59.27 45.13
CA PHE SA 943 34.93 -59.82 46.08
C PHE SA 943 36.16 -60.36 45.38
N ASN SA 944 37.28 -60.33 46.11
CA ASN SA 944 38.48 -61.11 45.84
C ASN SA 944 38.36 -62.47 46.58
N GLU SA 945 39.07 -63.51 46.12
CA GLU SA 945 38.69 -64.91 46.38
C GLU SA 945 39.01 -65.44 47.80
N THR SA 946 39.52 -64.59 48.69
CA THR SA 946 39.86 -64.91 50.08
C THR SA 946 39.83 -63.64 50.95
N ALA SA 947 39.94 -63.80 52.27
CA ALA SA 947 40.12 -62.68 53.19
C ALA SA 947 40.94 -63.10 54.43
N THR SA 948 41.50 -62.10 55.11
CA THR SA 948 41.97 -62.16 56.50
C THR SA 948 41.04 -61.33 57.37
N ILE SA 949 40.54 -61.91 58.47
CA ILE SA 949 39.87 -61.17 59.55
C ILE SA 949 40.81 -61.19 60.74
N GLU SA 950 41.81 -60.30 60.70
CA GLU SA 950 42.83 -60.18 61.73
C GLU SA 950 42.22 -59.51 62.97
N PHE SA 951 41.90 -60.31 63.99
CA PHE SA 951 41.39 -59.79 65.25
C PHE SA 951 42.50 -59.28 66.17
N GLU SA 952 42.25 -58.12 66.77
CA GLU SA 952 42.93 -57.61 67.95
C GLU SA 952 42.81 -58.66 69.07
N PRO SA 953 43.89 -58.99 69.79
CA PRO SA 953 43.82 -60.07 70.77
C PRO SA 953 42.81 -59.82 71.88
N ILE SA 954 42.23 -60.90 72.38
CA ILE SA 954 41.74 -60.92 73.77
C ILE SA 954 43.00 -60.91 74.65
N LYS SA 955 43.03 -60.24 75.82
CA LYS SA 955 44.23 -60.10 76.67
C LYS SA 955 43.95 -60.27 78.17
N ASP SA 956 45.00 -60.60 78.93
CA ASP SA 956 44.94 -61.16 80.29
C ASP SA 956 43.79 -62.17 80.43
N VAL SA 957 43.71 -63.04 79.42
CA VAL SA 957 42.57 -63.94 79.14
C VAL SA 957 42.27 -64.83 80.36
N SER SA 958 43.33 -65.32 80.98
CA SER SA 958 43.39 -65.97 82.28
C SER SA 958 42.28 -67.01 82.43
N ALA SA 959 42.30 -67.98 81.52
CA ALA SA 959 41.25 -68.96 81.28
C ALA SA 959 41.81 -70.28 80.75
N ASP SA 960 41.65 -71.37 81.50
CA ASP SA 960 42.10 -72.71 81.12
C ASP SA 960 41.21 -73.42 80.09
N ARG SA 961 40.08 -72.84 79.67
CA ARG SA 961 39.15 -73.43 78.70
C ARG SA 961 38.65 -72.41 77.66
N ILE SA 962 38.10 -72.89 76.54
CA ILE SA 962 37.70 -72.07 75.39
C ILE SA 962 36.47 -72.63 74.64
N VAL SA 963 35.83 -71.77 73.86
CA VAL SA 963 34.71 -72.07 72.95
C VAL SA 963 34.90 -71.19 71.71
N LEU SA 964 34.59 -71.69 70.52
CA LEU SA 964 34.16 -70.79 69.45
C LEU SA 964 32.64 -70.91 69.33
N MET SA 965 31.98 -69.76 69.50
CA MET SA 965 30.59 -69.51 69.13
C MET SA 965 30.59 -68.10 68.54
N SER SA 966 31.35 -67.97 67.45
CA SER SA 966 31.16 -66.91 66.46
C SER SA 966 30.02 -67.33 65.53
N THR SA 967 29.45 -66.44 64.71
CA THR SA 967 28.43 -66.87 63.76
C THR SA 967 28.51 -66.11 62.45
N TYR SA 968 28.29 -66.87 61.39
CA TYR SA 968 28.45 -66.49 59.99
C TYR SA 968 27.75 -67.51 59.09
N LEU SA 969 27.44 -67.09 57.87
CA LEU SA 969 27.28 -68.05 56.79
C LEU SA 969 28.57 -68.04 55.96
N THR SA 970 29.08 -69.21 55.64
CA THR SA 970 29.88 -69.47 54.44
C THR SA 970 28.89 -69.93 53.36
N PRO SA 971 28.47 -69.09 52.42
CA PRO SA 971 27.80 -69.58 51.21
C PRO SA 971 28.58 -70.71 50.55
N GLU SA 972 27.96 -71.42 49.61
CA GLU SA 972 28.70 -72.21 48.62
C GLU SA 972 29.77 -71.35 47.91
N ARG SA 973 30.85 -72.00 47.43
CA ARG SA 973 32.00 -71.31 46.83
C ARG SA 973 32.63 -70.27 47.79
N THR SA 974 32.61 -70.54 49.10
CA THR SA 974 33.24 -69.75 50.18
C THR SA 974 33.77 -70.72 51.24
N GLY SA 975 34.49 -70.20 52.23
CA GLY SA 975 34.95 -70.96 53.41
C GLY SA 975 35.32 -70.01 54.55
N CYS SA 976 35.18 -70.43 55.81
CA CYS SA 976 35.51 -69.64 57.01
C CYS SA 976 36.26 -70.56 57.99
N THR SA 977 37.59 -70.50 57.91
CA THR SA 977 38.48 -71.08 58.92
C THR SA 977 38.54 -70.14 60.13
N TRP SA 978 38.64 -70.71 61.32
CA TRP SA 978 38.80 -69.95 62.56
C TRP SA 978 40.08 -70.37 63.27
N GLU SA 979 40.94 -69.42 63.58
CA GLU SA 979 42.23 -69.70 64.21
C GLU SA 979 42.61 -68.66 65.26
N MET SA 980 43.46 -69.09 66.16
CA MET SA 980 44.08 -68.25 67.15
C MET SA 980 45.59 -68.39 67.09
N LYS SA 981 46.25 -67.36 67.58
CA LYS SA 981 47.64 -67.38 68.04
C LYS SA 981 47.55 -67.17 69.54
N LEU SA 982 47.58 -68.27 70.29
CA LEU SA 982 47.41 -68.27 71.76
C LEU SA 982 48.70 -68.01 72.53
N ILE SA 983 48.91 -66.76 72.97
CA ILE SA 983 49.80 -66.48 74.11
C ILE SA 983 49.08 -67.00 75.37
N LEU SA 984 49.79 -67.73 76.24
CA LEU SA 984 49.21 -68.31 77.47
C LEU SA 984 49.77 -67.66 78.75
N ASP SA 985 48.99 -67.65 79.82
CA ASP SA 985 49.52 -67.53 81.17
C ASP SA 985 50.39 -68.76 81.50
N ASP SA 986 50.19 -69.89 80.79
CA ASP SA 986 51.13 -71.02 80.66
C ASP SA 986 52.41 -70.73 79.82
N MET SA 987 52.64 -69.51 79.29
CA MET SA 987 53.79 -69.20 78.41
C MET SA 987 54.68 -68.07 78.95
N ALA SA 988 55.92 -68.04 78.48
CA ALA SA 988 56.89 -66.98 78.78
C ALA SA 988 56.46 -65.61 78.24
N SER SA 989 57.20 -64.57 78.64
CA SER SA 989 56.90 -63.17 78.30
C SER SA 989 57.09 -62.80 76.84
N SER SA 990 58.16 -63.23 76.19
CA SER SA 990 58.47 -62.90 74.79
C SER SA 990 57.60 -63.66 73.78
N THR SA 991 56.89 -64.72 74.19
CA THR SA 991 56.06 -65.53 73.30
C THR SA 991 54.89 -64.71 72.81
N THR SA 992 54.91 -64.39 71.53
CA THR SA 992 53.97 -63.50 70.89
C THR SA 992 53.49 -64.11 69.57
N PHE SA 993 52.53 -63.44 68.93
CA PHE SA 993 51.82 -63.98 67.78
C PHE SA 993 52.70 -64.18 66.52
N ASP SA 994 53.92 -63.67 66.53
CA ASP SA 994 54.94 -64.05 65.57
C ASP SA 994 55.30 -65.53 65.74
N GLN SA 995 55.66 -65.93 66.96
CA GLN SA 995 56.12 -67.28 67.31
C GLN SA 995 54.97 -68.29 67.24
N LEU SA 996 53.78 -67.88 67.68
CA LEU SA 996 52.54 -68.65 67.57
C LEU SA 996 52.14 -68.81 66.11
N LYS SA 997 51.50 -69.92 65.77
CA LYS SA 997 50.93 -70.17 64.43
C LYS SA 997 49.43 -70.01 64.45
N TRP SA 998 48.80 -69.97 63.28
CA TRP SA 998 47.35 -70.08 63.27
C TRP SA 998 47.01 -71.52 63.65
N GLU SA 999 46.58 -71.65 64.89
CA GLU SA 999 46.11 -72.86 65.56
C GLU SA 999 44.56 -72.86 65.48
N PRO SA 1000 43.89 -73.83 64.84
CA PRO SA 1000 42.46 -73.70 64.52
C PRO SA 1000 41.50 -74.10 65.67
N ILE SA 1001 40.26 -73.55 65.67
CA ILE SA 1001 39.16 -73.83 66.63
C ILE SA 1001 37.82 -74.15 65.93
N GLY SA 1002 37.13 -75.20 66.38
CA GLY SA 1002 35.80 -75.57 65.86
C GLY SA 1002 34.63 -74.79 66.48
N ASN SA 1003 33.69 -74.31 65.65
CA ASN SA 1003 32.51 -73.56 66.09
C ASN SA 1003 31.45 -74.47 66.73
N TYR SA 1004 30.65 -73.89 67.63
CA TYR SA 1004 29.53 -74.57 68.31
C TYR SA 1004 29.91 -75.88 69.03
N GLN SA 1005 31.18 -76.00 69.42
CA GLN SA 1005 31.67 -77.13 70.17
C GLN SA 1005 32.77 -76.62 71.12
N ASP SA 1006 32.82 -77.15 72.35
CA ASP SA 1006 33.73 -76.72 73.42
C ASP SA 1006 35.20 -77.15 73.16
N LEU SA 1007 36.18 -76.43 73.71
CA LEU SA 1007 37.61 -76.74 73.54
C LEU SA 1007 38.43 -76.38 74.80
N ASP SA 1008 39.58 -77.02 75.03
CA ASP SA 1008 40.40 -76.84 76.23
C ASP SA 1008 41.67 -76.00 75.98
N VAL SA 1009 42.06 -75.15 76.95
CA VAL SA 1009 43.41 -74.56 77.02
C VAL SA 1009 44.30 -75.38 77.97
N LEU SA 1010 43.72 -76.21 78.85
CA LEU SA 1010 44.41 -77.06 79.83
C LEU SA 1010 45.35 -76.25 80.74
N GLY SA 1011 44.97 -75.03 81.07
CA GLY SA 1011 45.83 -74.05 81.73
C GLY SA 1011 45.74 -72.69 81.04
N LEU SA 1012 45.92 -71.62 81.81
CA LEU SA 1012 45.28 -70.37 81.47
C LEU SA 1012 45.85 -69.74 80.19
N ALA SA 1013 44.98 -69.32 79.28
CA ALA SA 1013 45.36 -68.39 78.23
C ALA SA 1013 45.79 -67.04 78.82
N ARG SA 1014 46.46 -66.16 78.04
CA ARG SA 1014 46.65 -64.74 78.42
C ARG SA 1014 46.56 -63.73 77.29
N GLN SA 1015 46.91 -64.05 76.04
CA GLN SA 1015 46.44 -63.26 74.88
C GLN SA 1015 46.10 -64.17 73.69
N VAL SA 1016 44.84 -64.19 73.30
CA VAL SA 1016 44.41 -64.86 72.08
C VAL SA 1016 44.43 -63.81 71.00
N LYS SA 1017 45.48 -63.69 70.17
CA LYS SA 1017 45.25 -63.03 68.87
C LYS SA 1017 44.44 -64.01 68.04
N LEU SA 1018 43.54 -63.52 67.20
CA LEU SA 1018 42.67 -64.39 66.44
C LEU SA 1018 42.72 -63.98 64.96
N ARG SA 1019 42.57 -64.94 64.06
CA ARG SA 1019 42.16 -64.64 62.72
C ARG SA 1019 41.23 -65.70 62.21
N ALA SA 1020 40.10 -65.29 61.65
CA ALA SA 1020 39.38 -66.15 60.74
C ALA SA 1020 39.89 -65.88 59.33
N THR SA 1021 40.34 -66.89 58.61
CA THR SA 1021 40.53 -66.70 57.17
C THR SA 1021 39.17 -66.86 56.49
N PHE SA 1022 38.92 -66.13 55.41
CA PHE SA 1022 37.84 -66.48 54.47
C PHE SA 1022 38.41 -67.00 53.14
N GLU SA 1023 37.62 -67.84 52.50
CA GLU SA 1023 37.69 -68.19 51.09
C GLU SA 1023 36.39 -67.74 50.41
N SER SA 1024 36.41 -67.34 49.14
CA SER SA 1024 35.34 -66.56 48.49
C SER SA 1024 35.40 -66.70 46.96
N ASN SA 1025 34.37 -66.22 46.27
CA ASN SA 1025 34.28 -66.20 44.81
C ASN SA 1025 34.04 -64.74 44.35
N ARG SA 1026 33.97 -64.49 43.03
CA ARG SA 1026 33.94 -63.11 42.51
C ARG SA 1026 32.82 -62.27 43.09
N TYR SA 1027 31.67 -62.85 43.44
CA TYR SA 1027 30.45 -62.10 43.76
C TYR SA 1027 29.92 -62.34 45.16
N ILE SA 1028 30.46 -63.34 45.86
CA ILE SA 1028 30.00 -63.81 47.17
C ILE SA 1028 31.20 -64.23 48.05
N SER SA 1029 31.02 -64.11 49.36
CA SER SA 1029 32.01 -64.35 50.40
C SER SA 1029 31.29 -64.81 51.69
N PRO SA 1030 31.93 -65.43 52.71
CA PRO SA 1030 31.29 -65.63 53.99
C PRO SA 1030 30.92 -64.27 54.62
N LEU SA 1031 29.85 -64.23 55.40
CA LEU SA 1031 29.36 -63.02 56.05
C LEU SA 1031 29.21 -63.30 57.55
N MET SA 1032 30.16 -62.81 58.36
CA MET SA 1032 30.22 -63.01 59.82
C MET SA 1032 29.82 -61.76 60.59
N SER SA 1033 28.86 -61.79 61.52
CA SER SA 1033 28.65 -60.55 62.33
C SER SA 1033 29.71 -60.42 63.41
N SER SA 1034 30.30 -59.23 63.47
CA SER SA 1034 31.08 -58.76 64.61
C SER SA 1034 30.35 -58.78 65.97
N SER SA 1035 29.03 -59.02 66.04
CA SER SA 1035 28.30 -59.33 67.28
C SER SA 1035 27.57 -60.69 67.31
N ASP SA 1036 27.60 -61.47 66.23
CA ASP SA 1036 27.45 -62.94 66.23
C ASP SA 1036 28.67 -63.62 66.89
N LEU SA 1037 29.77 -62.89 66.90
CA LEU SA 1037 31.14 -63.26 67.19
C LEU SA 1037 31.41 -63.60 68.66
N THR SA 1038 31.81 -64.84 69.01
CA THR SA 1038 32.64 -65.06 70.21
C THR SA 1038 33.75 -66.04 69.97
N PHE SA 1039 34.89 -65.70 70.56
CA PHE SA 1039 35.89 -66.64 71.02
C PHE SA 1039 35.82 -66.58 72.53
N THR SA 1040 34.91 -67.39 73.08
CA THR SA 1040 34.63 -67.41 74.52
C THR SA 1040 35.73 -68.18 75.23
N THR SA 1041 35.99 -67.85 76.49
CA THR SA 1041 37.03 -68.47 77.32
C THR SA 1041 36.43 -68.84 78.68
N PHE SA 1042 37.10 -69.67 79.48
CA PHE SA 1042 36.68 -70.00 80.84
C PHE SA 1042 37.90 -70.21 81.76
N LEU SA 1043 37.82 -69.76 83.01
CA LEU SA 1043 38.61 -70.36 84.10
C LEU SA 1043 37.80 -71.53 84.70
N THR SA 1044 38.45 -72.49 85.35
CA THR SA 1044 37.79 -73.47 86.23
C THR SA 1044 38.18 -73.20 87.69
N GLU SA 1045 37.29 -73.46 88.63
CA GLU SA 1045 37.57 -73.31 90.06
C GLU SA 1045 38.55 -74.40 90.58
N LEU SA 1046 39.24 -74.17 91.72
CA LEU SA 1046 40.12 -75.18 92.37
C LEU SA 1046 39.40 -76.06 93.40
N THR SA 1047 38.22 -75.65 93.88
CA THR SA 1047 37.34 -76.43 94.79
C THR SA 1047 35.86 -76.13 94.49
N GLY SA 1048 34.98 -77.08 94.80
CA GLY SA 1048 33.56 -76.99 94.47
C GLY SA 1048 32.90 -78.35 94.65
N SER SA 1049 32.42 -78.64 95.84
CA SER SA 1049 31.98 -79.99 96.17
C SER SA 1049 30.73 -80.41 95.40
N TYR SA 1050 30.52 -81.70 95.17
CA TYR SA 1050 29.16 -82.22 95.03
C TYR SA 1050 28.71 -82.51 96.46
N VAL SA 1051 28.17 -81.51 97.14
CA VAL SA 1051 27.38 -81.81 98.33
C VAL SA 1051 26.07 -82.40 97.82
N GLY SA 1052 25.74 -83.65 98.11
CA GLY SA 1052 24.41 -84.22 97.85
C GLY SA 1052 23.41 -83.69 98.89
N ARG SA 1053 22.12 -83.59 98.57
CA ARG SA 1053 21.11 -83.10 99.54
C ARG SA 1053 20.92 -84.08 100.69
N ALA SA 1054 20.32 -83.59 101.76
CA ALA SA 1054 19.97 -84.42 102.90
C ALA SA 1054 18.97 -85.53 102.48
N ILE SA 1055 19.18 -86.74 102.99
CA ILE SA 1055 18.44 -87.93 102.60
C ILE SA 1055 17.61 -88.45 103.78
N ASP SA 1056 16.29 -88.41 103.67
CA ASP SA 1056 15.42 -89.03 104.67
C ASP SA 1056 15.54 -90.54 104.54
N MET SA 1057 15.82 -91.16 105.67
CA MET SA 1057 15.89 -92.60 105.83
C MET SA 1057 14.94 -93.12 106.92
N THR SA 1058 13.98 -92.32 107.35
CA THR SA 1058 12.86 -92.76 108.21
C THR SA 1058 11.97 -93.79 107.49
N GLU SA 1059 12.12 -93.92 106.17
CA GLU SA 1059 11.57 -95.00 105.34
C GLU SA 1059 12.33 -96.32 105.51
N ALA SA 1060 13.64 -96.28 105.84
CA ALA SA 1060 14.48 -97.47 106.03
C ALA SA 1060 15.75 -97.12 106.84
N PRO SA 1061 15.67 -96.94 108.16
CA PRO SA 1061 16.78 -96.39 108.94
C PRO SA 1061 18.04 -97.25 108.80
N TYR SA 1062 19.19 -96.59 108.70
CA TYR SA 1062 20.45 -97.18 108.31
C TYR SA 1062 21.50 -97.09 109.43
N ASN SA 1063 22.10 -98.22 109.82
CA ASN SA 1063 23.30 -98.19 110.66
C ASN SA 1063 24.56 -98.00 109.77
N THR SA 1064 24.46 -98.33 108.48
CA THR SA 1064 25.57 -98.48 107.56
C THR SA 1064 25.36 -97.66 106.30
N VAL SA 1065 26.43 -97.19 105.66
CA VAL SA 1065 26.38 -96.62 104.31
C VAL SA 1065 27.49 -97.25 103.48
N ARG SA 1066 27.11 -97.77 102.32
CA ARG SA 1066 28.02 -98.05 101.22
C ARG SA 1066 28.18 -96.81 100.38
N PHE SA 1067 29.08 -95.90 100.72
CA PHE SA 1067 29.31 -94.72 99.87
C PHE SA 1067 30.12 -95.11 98.64
N SER SA 1068 29.51 -95.92 97.78
CA SER SA 1068 30.06 -96.23 96.47
C SER SA 1068 29.83 -95.03 95.54
N TYR SA 1069 30.86 -94.62 94.82
CA TYR SA 1069 30.84 -93.51 93.87
C TYR SA 1069 31.91 -93.72 92.80
N GLU SA 1070 31.87 -92.95 91.71
CA GLU SA 1070 32.83 -93.10 90.63
C GLU SA 1070 33.45 -91.75 90.25
N ALA SA 1071 34.77 -91.70 90.19
CA ALA SA 1071 35.50 -90.52 89.76
C ALA SA 1071 36.75 -90.86 88.94
N PHE SA 1072 36.93 -90.21 87.80
CA PHE SA 1072 38.26 -90.04 87.23
C PHE SA 1072 38.86 -88.77 87.83
N LEU SA 1073 39.81 -88.96 88.73
CA LEU SA 1073 40.64 -87.91 89.26
C LEU SA 1073 41.90 -87.83 88.39
N PRO SA 1074 42.10 -86.78 87.57
CA PRO SA 1074 43.43 -86.46 87.05
C PRO SA 1074 44.48 -86.40 88.17
N LYS SA 1075 45.76 -86.39 87.78
CA LYS SA 1075 46.91 -86.27 88.70
C LYS SA 1075 46.59 -85.27 89.82
N GLY SA 1076 46.76 -85.68 91.07
CA GLY SA 1076 46.70 -84.83 92.26
C GLY SA 1076 45.35 -84.15 92.59
N THR SA 1077 44.38 -84.19 91.69
CA THR SA 1077 43.01 -83.84 92.02
C THR SA 1077 42.45 -84.79 93.06
N LYS SA 1078 41.42 -84.36 93.80
CA LYS SA 1078 40.77 -85.17 94.84
C LYS SA 1078 39.25 -85.05 94.81
N VAL SA 1079 38.65 -86.08 95.36
CA VAL SA 1079 37.35 -86.02 96.01
C VAL SA 1079 37.59 -86.45 97.46
N VAL SA 1080 37.13 -85.70 98.46
CA VAL SA 1080 36.93 -86.29 99.80
C VAL SA 1080 35.52 -86.84 99.85
N PRO SA 1081 35.33 -88.15 100.05
CA PRO SA 1081 34.01 -88.72 100.26
C PRO SA 1081 33.58 -88.52 101.73
N LYS SA 1082 32.41 -87.95 101.96
CA LYS SA 1082 31.93 -87.57 103.29
C LYS SA 1082 30.46 -87.90 103.55
N TYR SA 1083 30.12 -88.11 104.81
CA TYR SA 1083 28.76 -88.07 105.33
C TYR SA 1083 28.65 -87.00 106.40
N SER SA 1084 27.45 -86.51 106.54
CA SER SA 1084 27.01 -85.80 107.71
C SER SA 1084 25.65 -86.43 108.03
N ALA SA 1085 25.67 -87.54 108.78
CA ALA SA 1085 24.46 -88.29 109.18
C ALA SA 1085 23.47 -87.39 109.94
N ASP SA 1086 24.01 -86.35 110.57
CA ASP SA 1086 23.37 -85.15 111.07
C ASP SA 1086 22.86 -84.18 109.98
N ASP SA 1087 22.52 -84.68 108.78
CA ASP SA 1087 21.99 -83.93 107.64
C ASP SA 1087 22.78 -82.65 107.28
N GLY SA 1088 24.07 -82.81 107.00
CA GLY SA 1088 24.92 -81.77 106.39
C GLY SA 1088 25.58 -80.77 107.37
N LYS SA 1089 25.54 -81.07 108.66
CA LYS SA 1089 26.04 -80.28 109.79
C LYS SA 1089 27.52 -80.49 110.04
N THR SA 1090 27.91 -81.69 110.46
CA THR SA 1090 29.31 -82.09 110.56
C THR SA 1090 29.68 -83.01 109.43
N TRP SA 1091 30.51 -82.50 108.52
CA TRP SA 1091 30.99 -83.29 107.41
C TRP SA 1091 32.13 -84.21 107.84
N LYS SA 1092 31.72 -85.38 108.31
CA LYS SA 1092 32.54 -86.55 108.61
C LYS SA 1092 33.07 -87.16 107.31
N THR SA 1093 34.39 -87.33 107.14
CA THR SA 1093 34.90 -88.20 106.06
C THR SA 1093 34.49 -89.64 106.35
N PHE SA 1094 34.15 -90.44 105.33
CA PHE SA 1094 33.86 -91.87 105.54
C PHE SA 1094 35.08 -92.54 106.20
N THR SA 1095 34.88 -93.03 107.43
CA THR SA 1095 35.89 -93.62 108.31
C THR SA 1095 36.24 -95.07 107.97
N LYS SA 1096 35.45 -95.76 107.13
CA LYS SA 1096 35.86 -97.03 106.49
C LYS SA 1096 36.16 -96.79 105.01
N SER SA 1097 37.32 -97.26 104.56
CA SER SA 1097 37.94 -96.87 103.26
C SER SA 1097 37.17 -97.36 102.03
N PRO SA 1098 37.18 -96.60 100.91
CA PRO SA 1098 36.61 -97.06 99.66
C PRO SA 1098 37.46 -98.16 99.06
N THR SA 1099 36.79 -99.20 98.54
CA THR SA 1099 37.42 -100.09 97.58
C THR SA 1099 37.63 -99.32 96.28
N THR SA 1100 38.83 -98.77 96.08
CA THR SA 1100 39.18 -97.92 94.92
C THR SA 1100 39.49 -98.79 93.69
N THR SA 1101 38.52 -99.57 93.24
CA THR SA 1101 38.62 -100.42 92.04
C THR SA 1101 38.66 -99.57 90.79
N ARG SA 1102 39.40 -99.94 89.74
CA ARG SA 1102 39.18 -99.28 88.45
C ARG SA 1102 37.78 -99.64 87.93
N ALA SA 1103 37.00 -98.63 87.58
CA ALA SA 1103 35.60 -98.77 87.20
C ALA SA 1103 35.43 -99.42 85.82
N ASN SA 1104 36.24 -98.97 84.86
CA ASN SA 1104 36.17 -99.28 83.45
C ASN SA 1104 37.54 -98.96 82.80
N ASN SA 1105 37.57 -98.66 81.51
CA ASN SA 1105 38.76 -98.20 80.79
C ASN SA 1105 39.26 -96.77 81.17
N GLU SA 1106 38.71 -96.12 82.21
CA GLU SA 1106 39.14 -94.80 82.69
C GLU SA 1106 39.00 -94.62 84.21
N PHE SA 1107 37.77 -94.50 84.71
CA PHE SA 1107 37.44 -94.01 86.04
C PHE SA 1107 37.94 -94.97 87.14
N THR SA 1108 38.05 -94.46 88.36
CA THR SA 1108 38.06 -95.29 89.58
C THR SA 1108 36.64 -95.30 90.17
N ARG SA 1109 36.13 -96.46 90.58
CA ARG SA 1109 34.98 -96.58 91.51
C ARG SA 1109 35.53 -96.70 92.93
N TYR SA 1110 34.79 -96.22 93.92
CA TYR SA 1110 35.26 -96.02 95.28
C TYR SA 1110 34.22 -96.55 96.27
N VAL SA 1111 34.18 -97.87 96.45
CA VAL SA 1111 33.16 -98.52 97.27
C VAL SA 1111 33.47 -98.38 98.76
N ILE SA 1112 33.12 -97.26 99.39
CA ILE SA 1112 33.03 -97.27 100.88
C ILE SA 1112 31.94 -98.27 101.30
N ASP SA 1113 32.12 -98.90 102.46
CA ASP SA 1113 31.02 -99.50 103.22
C ASP SA 1113 31.33 -99.41 104.71
N GLU SA 1114 30.40 -98.88 105.52
CA GLU SA 1114 30.73 -98.28 106.81
C GLU SA 1114 29.53 -98.22 107.76
N LYS SA 1115 29.67 -98.67 109.01
CA LYS SA 1115 28.60 -98.52 110.03
C LYS SA 1115 28.50 -97.09 110.60
N VAL SA 1116 28.10 -96.15 109.75
CA VAL SA 1116 27.95 -94.71 109.98
C VAL SA 1116 27.07 -94.29 111.18
N LYS SA 1117 26.13 -95.12 111.61
CA LYS SA 1117 25.67 -95.12 113.01
C LYS SA 1117 26.18 -96.42 113.59
N SER SA 1118 27.04 -96.35 114.58
CA SER SA 1118 27.67 -97.52 115.19
C SER SA 1118 26.73 -98.33 116.12
N SER SA 1119 25.51 -97.83 116.31
CA SER SA 1119 24.67 -98.07 117.50
C SER SA 1119 23.20 -97.83 117.16
N GLY SA 1120 22.53 -98.86 116.64
CA GLY SA 1120 21.25 -98.70 115.94
C GLY SA 1120 21.40 -97.88 114.67
N THR SA 1121 20.35 -97.19 114.25
CA THR SA 1121 20.30 -96.58 112.92
C THR SA 1121 20.25 -95.07 112.98
N ASN SA 1122 20.85 -94.44 111.98
CA ASN SA 1122 20.41 -93.13 111.54
C ASN SA 1122 19.04 -93.26 110.85
N THR SA 1123 18.09 -92.36 111.09
CA THR SA 1123 16.88 -92.22 110.25
C THR SA 1123 17.05 -91.15 109.17
N LYS SA 1124 18.19 -90.46 109.10
CA LYS SA 1124 18.38 -89.29 108.24
C LYS SA 1124 19.87 -89.01 108.01
N LEU SA 1125 20.24 -88.20 107.03
CA LEU SA 1125 21.58 -88.21 106.44
C LEU SA 1125 21.90 -86.99 105.57
N GLN SA 1126 23.17 -86.78 105.25
CA GLN SA 1126 23.60 -86.10 104.03
C GLN SA 1126 24.96 -86.72 103.57
N VAL SA 1127 25.25 -86.81 102.27
CA VAL SA 1127 26.50 -87.38 101.72
C VAL SA 1127 27.09 -86.52 100.61
N ARG SA 1128 28.39 -86.65 100.33
CA ARG SA 1128 29.14 -85.57 99.68
C ARG SA 1128 30.43 -86.05 99.03
N LEU SA 1129 30.87 -85.31 98.01
CA LEU SA 1129 32.14 -85.46 97.33
C LEU SA 1129 32.83 -84.09 97.31
N ASP SA 1130 33.91 -83.90 98.06
CA ASP SA 1130 34.66 -82.64 98.03
C ASP SA 1130 35.64 -82.59 96.86
N LEU SA 1131 35.12 -82.32 95.67
CA LEU SA 1131 35.96 -82.09 94.49
C LEU SA 1131 36.92 -80.94 94.75
N SER SA 1132 38.19 -81.17 94.47
CA SER SA 1132 39.29 -80.25 94.80
C SER SA 1132 40.53 -80.51 93.94
N THR SA 1133 41.38 -79.51 93.70
CA THR SA 1133 42.56 -79.65 92.81
C THR SA 1133 43.65 -78.61 93.05
N GLU SA 1134 44.85 -78.90 92.51
CA GLU SA 1134 46.03 -78.03 92.47
C GLU SA 1134 46.00 -76.98 91.35
N ASN SA 1135 45.29 -77.22 90.24
CA ASN SA 1135 45.10 -76.20 89.22
C ASN SA 1135 43.82 -76.43 88.40
N SER SA 1136 43.33 -75.38 87.74
CA SER SA 1136 41.99 -75.34 87.11
C SER SA 1136 41.85 -76.28 85.91
N PHE SA 1137 42.85 -77.11 85.60
CA PHE SA 1137 42.95 -77.90 84.39
C PHE SA 1137 43.26 -79.37 84.71
N LEU SA 1138 43.88 -79.66 85.85
CA LEU SA 1138 43.70 -80.93 86.55
C LEU SA 1138 42.30 -80.90 87.15
N ARG SA 1139 41.28 -81.33 86.40
CA ARG SA 1139 39.89 -81.19 86.87
C ARG SA 1139 39.34 -82.55 87.32
N PRO SA 1140 38.97 -82.75 88.60
CA PRO SA 1140 38.40 -84.03 89.06
C PRO SA 1140 37.05 -84.25 88.37
N ARG SA 1141 36.78 -85.46 87.88
CA ARG SA 1141 35.54 -85.77 87.16
C ARG SA 1141 34.78 -86.89 87.83
N VAL SA 1142 33.46 -86.75 87.91
CA VAL SA 1142 32.60 -87.55 88.80
C VAL SA 1142 31.32 -87.99 88.10
N ARG SA 1143 30.86 -89.21 88.40
CA ARG SA 1143 29.62 -89.82 87.89
C ARG SA 1143 29.18 -90.97 88.80
N ARG SA 1144 28.08 -91.64 88.47
CA ARG SA 1144 27.68 -92.94 89.06
C ARG SA 1144 27.83 -93.01 90.59
N LEU SA 1145 27.27 -92.05 91.30
CA LEU SA 1145 27.13 -92.15 92.75
C LEU SA 1145 26.13 -93.30 93.07
N MET SA 1146 26.45 -94.20 94.00
CA MET SA 1146 25.80 -95.50 94.25
C MET SA 1146 25.68 -95.76 95.76
N VAL SA 1147 25.04 -94.87 96.51
CA VAL SA 1147 25.10 -94.87 97.98
C VAL SA 1147 23.96 -95.66 98.59
N THR SA 1148 24.10 -96.98 98.76
CA THR SA 1148 23.17 -97.68 99.65
C THR SA 1148 23.40 -97.17 101.06
N THR SA 1149 22.37 -96.57 101.61
CA THR SA 1149 22.21 -96.60 103.05
C THR SA 1149 21.89 -98.08 103.35
N ARG SA 1150 22.32 -98.60 104.50
CA ARG SA 1150 22.40 -100.02 104.84
C ARG SA 1150 22.19 -100.26 106.32
N ASP SA 1151 21.86 -101.47 106.72
CA ASP SA 1151 21.55 -101.72 108.14
C ASP SA 1151 22.08 -103.08 108.59
N GLU SA 1152 23.41 -103.13 108.69
CA GLU SA 1152 24.28 -104.31 108.79
C GLU SA 1152 25.47 -104.08 109.75
N ILE TA 3 -24.85 -54.71 15.00
CA ILE TA 3 -25.67 -53.67 14.35
C ILE TA 3 -26.09 -54.11 12.94
N ASN TA 4 -27.29 -53.75 12.49
CA ASN TA 4 -27.74 -53.95 11.10
C ASN TA 4 -27.03 -53.02 10.10
N PHE TA 5 -25.70 -52.98 10.11
CA PHE TA 5 -24.91 -52.33 9.08
C PHE TA 5 -25.16 -52.96 7.69
N LYS TA 6 -25.84 -54.11 7.60
CA LYS TA 6 -26.32 -54.77 6.38
C LYS TA 6 -27.06 -53.79 5.46
N GLY TA 7 -27.85 -52.89 6.03
CA GLY TA 7 -28.52 -51.84 5.30
C GLY TA 7 -27.53 -50.83 4.70
N SER TA 8 -27.85 -50.25 3.55
CA SER TA 8 -27.15 -49.04 3.08
C SER TA 8 -27.31 -47.85 4.07
N PRO TA 9 -26.33 -46.93 4.16
CA PRO TA 9 -25.12 -46.84 3.34
C PRO TA 9 -24.11 -47.95 3.62
N TYR TA 10 -24.27 -48.71 4.70
CA TYR TA 10 -23.25 -49.62 5.20
C TYR TA 10 -23.25 -51.04 4.61
N LEU TA 11 -24.28 -51.50 3.89
CA LEU TA 11 -24.23 -52.69 2.98
C LEU TA 11 -23.75 -54.03 3.60
N ASP TA 12 -23.46 -54.12 4.90
CA ASP TA 12 -22.52 -55.07 5.52
C ASP TA 12 -23.03 -56.51 5.54
N ARG TA 13 -22.83 -57.25 4.45
CA ARG TA 13 -23.39 -58.60 4.21
C ARG TA 13 -22.80 -59.75 5.00
N PHE TA 14 -21.88 -59.51 5.93
CA PHE TA 14 -21.16 -60.59 6.62
C PHE TA 14 -22.12 -61.51 7.39
N ASP TA 15 -21.78 -62.81 7.41
CA ASP TA 15 -22.47 -63.86 8.15
C ASP TA 15 -21.53 -64.81 8.92
N PRO TA 16 -21.33 -64.60 10.24
CA PRO TA 16 -20.53 -65.48 11.09
C PRO TA 16 -21.00 -66.94 11.08
N SER TA 17 -22.26 -67.20 10.75
CA SER TA 17 -22.86 -68.54 10.78
C SER TA 17 -22.93 -69.22 9.42
N LYS TA 18 -22.59 -68.52 8.35
CA LYS TA 18 -22.06 -69.17 7.14
C LYS TA 18 -20.58 -69.49 7.29
N ASP TA 19 -19.93 -68.76 8.19
CA ASP TA 19 -18.48 -68.70 8.26
C ASP TA 19 -17.91 -68.33 6.87
N ARG TA 20 -18.31 -67.14 6.42
CA ARG TA 20 -17.68 -66.39 5.33
C ARG TA 20 -16.28 -65.93 5.74
N THR TA 21 -15.27 -66.05 4.89
CA THR TA 21 -13.85 -65.96 5.32
C THR TA 21 -12.90 -65.24 4.37
N LYS TA 22 -13.34 -64.86 3.17
CA LYS TA 22 -12.63 -63.88 2.34
C LYS TA 22 -13.55 -63.28 1.29
N VAL TA 23 -13.19 -62.13 0.76
CA VAL TA 23 -13.91 -61.51 -0.35
C VAL TA 23 -13.01 -61.45 -1.58
N LEU TA 24 -13.60 -61.75 -2.74
CA LEU TA 24 -12.91 -62.25 -3.93
C LEU TA 24 -13.32 -61.51 -5.19
N PHE TA 25 -12.51 -60.53 -5.56
CA PHE TA 25 -12.96 -59.37 -6.29
C PHE TA 25 -12.77 -59.42 -7.82
N ASN TA 26 -13.34 -58.43 -8.53
CA ASN TA 26 -13.16 -58.24 -9.99
C ASN TA 26 -12.79 -56.79 -10.34
N PRO TA 27 -12.00 -56.56 -11.40
CA PRO TA 27 -11.52 -55.23 -11.79
C PRO TA 27 -12.61 -54.31 -12.39
N ASP TA 28 -12.25 -53.11 -12.84
CA ASP TA 28 -13.06 -52.22 -13.70
C ASP TA 28 -14.42 -51.74 -13.11
N ARG TA 29 -14.71 -52.04 -11.85
CA ARG TA 29 -16.09 -52.21 -11.35
C ARG TA 29 -16.82 -50.93 -10.89
N PRO TA 30 -18.17 -50.92 -10.86
CA PRO TA 30 -18.97 -50.10 -9.92
C PRO TA 30 -18.91 -50.72 -8.50
N LEU TA 31 -18.99 -49.90 -7.45
CA LEU TA 31 -18.49 -50.27 -6.11
C LEU TA 31 -19.58 -50.62 -5.09
N GLN TA 32 -20.12 -51.83 -5.22
CA GLN TA 32 -21.02 -52.45 -4.25
C GLN TA 32 -20.32 -52.81 -2.90
N GLN TA 33 -19.87 -51.80 -2.15
CA GLN TA 33 -18.89 -51.93 -1.07
C GLN TA 33 -19.24 -52.75 0.18
N ALA TA 34 -20.39 -53.42 0.23
CA ALA TA 34 -20.68 -54.48 1.20
C ALA TA 34 -19.43 -55.28 1.53
N GLU TA 35 -18.71 -55.68 0.47
CA GLU TA 35 -17.46 -56.42 0.42
C GLU TA 35 -16.44 -55.91 1.44
N LEU TA 36 -16.33 -54.60 1.64
CA LEU TA 36 -15.33 -54.00 2.52
C LEU TA 36 -15.77 -54.06 3.97
N ASN TA 37 -17.01 -53.61 4.20
CA ASN TA 37 -17.68 -53.73 5.48
C ASN TA 37 -17.62 -55.18 5.99
N GLU TA 38 -17.85 -56.13 5.08
CA GLU TA 38 -17.88 -57.57 5.29
C GLU TA 38 -16.50 -58.13 5.51
N MET TA 39 -15.53 -57.84 4.64
CA MET TA 39 -14.14 -58.30 4.79
C MET TA 39 -13.60 -57.93 6.17
N GLN TA 40 -13.83 -56.70 6.65
CA GLN TA 40 -13.41 -56.36 8.00
C GLN TA 40 -14.11 -57.25 9.03
N SER TA 41 -15.45 -57.33 8.99
CA SER TA 41 -16.20 -58.04 10.03
C SER TA 41 -15.94 -59.55 10.04
N ILE TA 42 -15.68 -60.12 8.86
CA ILE TA 42 -15.23 -61.51 8.65
C ILE TA 42 -14.09 -61.80 9.63
N ASP TA 43 -13.03 -60.99 9.61
CA ASP TA 43 -11.89 -61.29 10.47
C ASP TA 43 -12.22 -61.08 11.96
N GLN TA 44 -13.03 -60.08 12.26
CA GLN TA 44 -13.36 -59.71 13.63
C GLN TA 44 -14.19 -60.76 14.37
N TYR TA 45 -15.04 -61.54 13.69
CA TYR TA 45 -15.69 -62.72 14.29
C TYR TA 45 -14.69 -63.79 14.71
N TYR TA 46 -13.73 -64.15 13.85
CA TYR TA 46 -12.73 -65.14 14.21
C TYR TA 46 -11.80 -64.65 15.31
N LEU TA 47 -11.37 -63.39 15.24
CA LEU TA 47 -10.75 -62.69 16.36
C LEU TA 47 -11.55 -62.86 17.63
N LYS TA 48 -12.85 -62.60 17.57
CA LYS TA 48 -13.72 -62.69 18.73
C LYS TA 48 -13.73 -64.11 19.31
N ASN TA 49 -13.98 -65.11 18.47
CA ASN TA 49 -14.00 -66.51 18.91
C ASN TA 49 -12.70 -66.84 19.64
N LEU TA 50 -11.56 -66.40 19.10
CA LEU TA 50 -10.24 -66.73 19.64
C LEU TA 50 -9.96 -66.01 20.95
N GLY TA 51 -10.16 -64.69 21.01
CA GLY TA 51 -9.86 -63.91 22.21
C GLY TA 51 -10.71 -64.34 23.42
N ASP TA 52 -12.00 -64.59 23.18
CA ASP TA 52 -12.94 -64.86 24.27
C ASP TA 52 -12.69 -66.24 24.93
N ALA TA 53 -11.99 -67.14 24.25
CA ALA TA 53 -11.53 -68.38 24.85
C ALA TA 53 -10.45 -68.12 25.94
N ILE TA 54 -9.79 -66.96 25.93
CA ILE TA 54 -8.76 -66.61 26.92
C ILE TA 54 -9.36 -65.86 28.11
N PHE TA 55 -10.27 -64.89 27.89
CA PHE TA 55 -10.63 -63.87 28.88
C PHE TA 55 -12.14 -63.66 29.04
N LYS TA 56 -12.51 -62.92 30.09
CA LYS TA 56 -13.78 -62.25 30.36
C LYS TA 56 -13.69 -60.74 30.10
N ASP TA 57 -14.80 -60.12 29.69
CA ASP TA 57 -14.89 -58.65 29.55
C ASP TA 57 -14.69 -57.96 30.91
N GLY TA 58 -13.63 -57.17 31.02
CA GLY TA 58 -13.12 -56.58 32.26
C GLY TA 58 -11.80 -57.21 32.75
N ASP TA 59 -11.23 -58.22 32.08
CA ASP TA 59 -9.94 -58.78 32.47
C ASP TA 59 -8.79 -57.77 32.34
N LYS TA 60 -8.28 -57.31 33.47
CA LYS TA 60 -7.21 -56.32 33.62
C LYS TA 60 -5.84 -56.90 33.22
N GLN TA 61 -4.95 -56.14 32.58
CA GLN TA 61 -3.68 -56.65 32.03
C GLN TA 61 -2.44 -55.87 32.48
N SER TA 62 -2.40 -54.56 32.28
CA SER TA 62 -1.24 -53.73 32.61
C SER TA 62 -1.67 -52.29 32.88
N GLY TA 63 -0.89 -51.49 33.61
CA GLY TA 63 -1.36 -50.22 34.16
C GLY TA 63 -2.26 -50.52 35.36
N LEU TA 64 -3.52 -50.08 35.40
CA LEU TA 64 -4.63 -50.71 36.16
C LEU TA 64 -4.42 -51.01 37.65
N GLY TA 65 -3.67 -50.17 38.36
CA GLY TA 65 -3.81 -50.08 39.83
C GLY TA 65 -5.16 -49.47 40.23
N PHE TA 66 -5.34 -49.07 41.48
CA PHE TA 66 -6.44 -48.17 41.81
C PHE TA 66 -6.10 -47.12 42.89
N THR TA 67 -7.01 -46.17 43.04
CA THR TA 67 -6.91 -44.99 43.88
C THR TA 67 -8.31 -44.66 44.38
N LEU TA 68 -8.75 -45.34 45.42
CA LEU TA 68 -10.06 -45.05 46.01
C LEU TA 68 -10.00 -43.78 46.87
N SER TA 69 -10.75 -42.75 46.48
CA SER TA 69 -10.91 -41.53 47.27
C SER TA 69 -11.73 -41.76 48.54
N GLU TA 70 -11.67 -40.80 49.45
CA GLU TA 70 -12.20 -40.90 50.81
C GLU TA 70 -13.72 -40.72 50.87
N ASP TA 71 -14.29 -39.94 49.96
CA ASP TA 71 -15.73 -39.93 49.69
C ASP TA 71 -16.18 -41.17 48.90
N ASN TA 72 -15.21 -41.97 48.43
CA ASN TA 72 -15.33 -43.21 47.68
C ASN TA 72 -15.65 -43.11 46.18
N VAL TA 73 -15.38 -41.98 45.53
CA VAL TA 73 -15.07 -42.04 44.11
C VAL TA 73 -13.85 -42.93 43.94
N LEU TA 74 -14.03 -44.10 43.34
CA LEU TA 74 -12.96 -44.98 42.92
C LEU TA 74 -12.37 -44.43 41.63
N THR TA 75 -11.17 -43.87 41.72
CA THR TA 75 -10.28 -43.83 40.56
C THR TA 75 -9.70 -45.21 40.39
N VAL TA 76 -9.77 -45.75 39.17
CA VAL TA 76 -8.88 -46.85 38.75
C VAL TA 76 -7.76 -46.22 37.91
N ASN TA 77 -6.54 -46.69 38.10
CA ASN TA 77 -5.40 -46.10 37.41
C ASN TA 77 -5.42 -46.59 35.94
N PRO TA 78 -5.20 -45.76 34.91
CA PRO TA 78 -5.31 -46.16 33.50
C PRO TA 78 -4.50 -47.41 33.10
N GLY TA 79 -4.94 -48.17 32.06
CA GLY TA 79 -4.27 -49.41 31.61
C GLY TA 79 -5.01 -50.33 30.60
N TYR TA 80 -4.36 -51.41 30.13
CA TYR TA 80 -4.95 -52.42 29.22
C TYR TA 80 -5.99 -53.32 29.93
N VAL TA 81 -7.17 -53.47 29.34
CA VAL TA 81 -8.28 -54.32 29.80
C VAL TA 81 -8.95 -55.07 28.64
N TYR TA 82 -9.36 -56.31 28.87
CA TYR TA 82 -10.01 -57.13 27.88
C TYR TA 82 -11.49 -56.78 27.69
N ILE TA 83 -11.99 -56.68 26.46
CA ILE TA 83 -13.43 -56.75 26.18
C ILE TA 83 -13.74 -57.53 24.89
N ASN TA 84 -14.57 -58.55 25.04
CA ASN TA 84 -15.47 -59.13 24.04
C ASN TA 84 -14.80 -59.36 22.68
N GLY TA 85 -13.87 -60.29 22.69
CA GLY TA 85 -13.04 -60.72 21.58
C GLY TA 85 -11.65 -60.08 21.58
N LYS TA 86 -11.39 -58.98 22.30
CA LYS TA 86 -10.18 -58.16 22.10
C LYS TA 86 -9.68 -57.44 23.36
N ILE TA 87 -8.40 -57.09 23.41
CA ILE TA 87 -7.92 -56.16 24.42
C ILE TA 87 -8.13 -54.72 23.96
N ARG TA 88 -8.43 -53.80 24.88
CA ARG TA 88 -8.61 -52.35 24.69
C ARG TA 88 -7.82 -51.62 25.76
N TYR TA 89 -7.40 -50.38 25.54
CA TYR TA 89 -6.75 -49.63 26.61
C TYR TA 89 -7.79 -48.74 27.29
N TYR TA 90 -8.01 -48.95 28.59
CA TYR TA 90 -8.71 -48.01 29.45
C TYR TA 90 -7.75 -46.84 29.67
N ASP TA 91 -7.64 -46.01 28.64
CA ASP TA 91 -6.87 -44.77 28.68
C ASP TA 91 -7.48 -43.78 29.69
N ASN TA 92 -8.77 -43.94 30.00
CA ASN TA 92 -9.45 -43.15 31.00
C ASN TA 92 -8.84 -43.39 32.39
N ASP TA 93 -8.90 -42.38 33.24
CA ASP TA 93 -8.90 -42.57 34.70
C ASP TA 93 -10.35 -42.72 35.25
N ASP TA 94 -11.35 -42.73 34.35
CA ASP TA 94 -12.78 -42.45 34.58
C ASP TA 94 -13.26 -43.03 35.91
N SER TA 95 -13.54 -42.15 36.87
CA SER TA 95 -13.62 -42.44 38.30
C SER TA 95 -15.04 -42.32 38.82
N VAL TA 96 -15.51 -43.33 39.56
CA VAL TA 96 -16.93 -43.55 39.86
C VAL TA 96 -17.21 -43.59 41.36
N LYS TA 97 -18.28 -42.98 41.86
CA LYS TA 97 -18.69 -43.13 43.26
C LYS TA 97 -19.09 -44.58 43.51
N ILE TA 98 -18.30 -45.30 44.30
CA ILE TA 98 -18.72 -46.54 44.95
C ILE TA 98 -19.38 -46.17 46.30
N THR TA 99 -20.27 -47.00 46.81
CA THR TA 99 -20.91 -46.78 48.12
C THR TA 99 -19.96 -46.97 49.29
N GLY TA 100 -18.99 -47.89 49.17
CA GLY TA 100 -18.17 -48.35 50.29
C GLY TA 100 -18.91 -49.28 51.27
N VAL TA 101 -20.04 -49.86 50.89
CA VAL TA 101 -20.74 -50.89 51.68
C VAL TA 101 -21.29 -52.02 50.78
N GLY TA 102 -21.16 -53.27 51.22
CA GLY TA 102 -21.45 -54.45 50.39
C GLY TA 102 -20.54 -54.52 49.17
N LYS TA 103 -20.88 -55.37 48.20
CA LYS TA 103 -20.19 -55.51 46.90
C LYS TA 103 -20.58 -54.41 45.91
N GLU TA 104 -19.62 -53.98 45.11
CA GLU TA 104 -19.69 -52.85 44.20
C GLU TA 104 -19.21 -53.29 42.82
N THR TA 105 -20.08 -53.76 41.91
CA THR TA 105 -19.64 -54.34 40.62
C THR TA 105 -19.11 -53.26 39.68
N ILE TA 106 -17.82 -52.90 39.81
CA ILE TA 106 -17.20 -51.90 38.96
C ILE TA 106 -16.98 -52.50 37.58
N GLY TA 107 -17.43 -51.84 36.51
CA GLY TA 107 -17.29 -52.41 35.18
C GLY TA 107 -17.67 -51.46 34.04
N ILE TA 108 -17.21 -51.81 32.85
CA ILE TA 108 -17.12 -50.88 31.72
C ILE TA 108 -18.28 -51.03 30.74
N LYS TA 109 -18.62 -49.91 30.13
CA LYS TA 109 -19.35 -49.78 28.86
C LYS TA 109 -18.38 -49.27 27.80
N LEU TA 110 -18.12 -50.03 26.75
CA LEU TA 110 -17.55 -49.49 25.51
C LEU TA 110 -18.69 -48.76 24.76
N THR TA 111 -18.48 -47.51 24.36
CA THR TA 111 -19.59 -46.55 24.23
C THR TA 111 -19.94 -46.24 22.77
N GLU TA 112 -20.86 -47.02 22.17
CA GLU TA 112 -21.15 -46.94 20.73
C GLU TA 112 -21.59 -45.58 20.22
N ARG TA 113 -20.74 -45.00 19.38
CA ARG TA 113 -21.00 -43.85 18.55
C ARG TA 113 -20.74 -44.21 17.09
N ILE TA 114 -21.71 -44.09 16.20
CA ILE TA 114 -21.42 -44.16 14.76
C ILE TA 114 -20.94 -42.78 14.30
N VAL TA 115 -19.97 -42.80 13.40
CA VAL TA 115 -19.04 -41.73 13.06
C VAL TA 115 -19.12 -41.48 11.57
N THR TA 116 -19.95 -40.56 11.11
CA THR TA 116 -19.73 -40.06 9.77
C THR TA 116 -18.57 -39.05 9.74
N PRO TA 117 -17.81 -38.96 8.63
CA PRO TA 117 -16.95 -37.80 8.36
C PRO TA 117 -17.72 -36.46 8.41
N ASP TA 118 -19.05 -36.53 8.35
CA ASP TA 118 -19.95 -35.40 8.31
C ASP TA 118 -20.09 -34.81 9.72
N GLU TA 119 -20.08 -35.66 10.75
CA GLU TA 119 -19.73 -35.19 12.08
C GLU TA 119 -18.23 -34.84 12.15
N ASP TA 120 -17.40 -35.71 11.60
CA ASP TA 120 -15.95 -35.71 11.80
C ASP TA 120 -15.22 -35.28 10.53
N ALA TA 121 -15.19 -33.97 10.27
CA ALA TA 121 -14.51 -33.42 9.10
C ALA TA 121 -13.01 -33.77 9.06
N SER TA 122 -12.45 -34.15 10.21
CA SER TA 122 -11.16 -34.85 10.36
C SER TA 122 -11.04 -36.12 9.52
N LEU TA 123 -12.14 -36.61 8.93
CA LEU TA 123 -12.20 -37.79 8.07
C LEU TA 123 -12.70 -37.43 6.66
N LEU TA 124 -12.78 -36.16 6.26
CA LEU TA 124 -13.13 -35.74 4.89
C LEU TA 124 -11.85 -35.44 4.08
N ASP TA 125 -11.57 -36.24 3.06
CA ASP TA 125 -10.58 -36.16 1.94
C ASP TA 125 -9.49 -35.06 1.96
N GLN TA 126 -8.74 -34.88 3.06
CA GLN TA 126 -7.66 -33.87 3.14
C GLN TA 126 -6.40 -34.18 2.27
N THR TA 127 -6.39 -35.31 1.57
CA THR TA 127 -5.48 -35.62 0.45
C THR TA 127 -5.78 -34.72 -0.78
N SER TA 128 -6.96 -34.10 -0.82
CA SER TA 128 -7.33 -32.97 -1.70
C SER TA 128 -8.04 -31.90 -0.87
N GLY TA 129 -8.99 -31.15 -1.42
CA GLY TA 129 -9.72 -30.09 -0.71
C GLY TA 129 -10.77 -30.62 0.27
N VAL TA 130 -10.33 -31.27 1.35
CA VAL TA 130 -11.09 -31.73 2.53
C VAL TA 130 -12.46 -32.35 2.18
N PRO TA 131 -13.60 -31.65 2.07
CA PRO TA 131 -14.82 -32.31 1.61
C PRO TA 131 -14.81 -32.76 0.13
N SER TA 132 -13.73 -32.55 -0.64
CA SER TA 132 -13.56 -32.98 -2.04
C SER TA 132 -14.11 -34.40 -2.31
N TYR TA 133 -14.87 -34.61 -3.40
CA TYR TA 133 -15.61 -35.87 -3.51
C TYR TA 133 -14.75 -37.11 -3.82
N PHE TA 134 -14.87 -38.02 -2.85
CA PHE TA 134 -13.97 -39.06 -2.36
C PHE TA 134 -14.25 -39.16 -0.84
N SER TA 135 -14.45 -37.99 -0.21
CA SER TA 135 -14.64 -37.67 1.23
C SER TA 135 -15.81 -38.34 1.97
N LYS TA 136 -16.72 -39.04 1.27
CA LYS TA 136 -17.75 -39.89 1.89
C LYS TA 136 -17.50 -41.37 1.58
N GLY TA 137 -16.24 -41.76 1.35
CA GLY TA 137 -15.79 -43.16 1.25
C GLY TA 137 -16.47 -44.09 2.28
N ALA TA 138 -16.40 -43.71 3.55
CA ALA TA 138 -16.86 -44.53 4.64
C ALA TA 138 -17.09 -43.69 5.91
N ASP TA 139 -17.85 -44.27 6.83
CA ASP TA 139 -18.09 -43.83 8.20
C ASP TA 139 -17.39 -44.81 9.16
N ARG TA 140 -17.56 -44.70 10.47
CA ARG TA 140 -16.97 -45.63 11.46
C ARG TA 140 -17.96 -45.96 12.55
N LEU TA 141 -17.72 -47.03 13.30
CA LEU TA 141 -18.17 -47.10 14.68
C LEU TA 141 -17.00 -46.67 15.56
N GLU TA 142 -17.32 -46.22 16.75
CA GLU TA 142 -16.38 -45.94 17.82
C GLU TA 142 -17.01 -46.30 19.14
N GLU TA 143 -16.24 -46.83 20.08
CA GLU TA 143 -16.76 -47.30 21.36
C GLU TA 143 -15.77 -47.08 22.51
N LYS TA 144 -15.33 -45.84 22.83
CA LYS TA 144 -14.41 -45.71 23.96
C LYS TA 144 -15.05 -46.20 25.25
N MET TA 145 -14.32 -47.04 25.94
CA MET TA 145 -14.62 -47.51 27.29
C MET TA 145 -14.95 -46.35 28.25
N SER TA 146 -15.90 -46.60 29.15
CA SER TA 146 -16.44 -45.70 30.17
C SER TA 146 -16.89 -46.54 31.38
N LEU TA 147 -16.83 -46.01 32.61
CA LEU TA 147 -16.96 -46.82 33.82
C LEU TA 147 -18.34 -46.74 34.52
N THR TA 148 -18.77 -47.83 35.15
CA THR TA 148 -20.08 -48.03 35.82
C THR TA 148 -19.91 -48.82 37.13
N VAL TA 149 -20.89 -48.80 38.04
CA VAL TA 149 -20.88 -49.59 39.29
C VAL TA 149 -22.25 -50.21 39.57
N ASN TA 150 -22.26 -51.47 40.01
CA ASN TA 150 -23.46 -52.27 40.30
C ASN TA 150 -24.37 -52.56 39.08
N ASP TA 151 -23.90 -52.25 37.87
CA ASP TA 151 -24.27 -52.91 36.63
C ASP TA 151 -23.35 -54.14 36.41
N PRO TA 152 -23.75 -55.37 36.80
CA PRO TA 152 -22.93 -56.56 36.58
C PRO TA 152 -22.82 -56.94 35.08
N THR TA 153 -23.78 -56.52 34.26
CA THR TA 153 -23.76 -56.67 32.80
C THR TA 153 -22.79 -55.72 32.10
N SER TA 154 -22.25 -54.72 32.80
CA SER TA 154 -21.03 -54.00 32.36
C SER TA 154 -19.81 -54.94 32.45
N ALA TA 155 -18.80 -54.72 31.61
CA ALA TA 155 -17.56 -55.50 31.58
C ALA TA 155 -16.82 -55.38 32.94
N THR TA 156 -17.03 -56.31 33.87
CA THR TA 156 -16.80 -56.07 35.30
C THR TA 156 -15.34 -56.29 35.71
N ILE TA 157 -14.61 -55.19 35.95
CA ILE TA 157 -13.16 -55.13 36.22
C ILE TA 157 -12.78 -55.37 37.68
N TYR TA 158 -13.72 -55.18 38.59
CA TYR TA 158 -13.51 -55.25 40.01
C TYR TA 158 -14.84 -55.44 40.73
N THR TA 159 -14.74 -55.87 41.98
CA THR TA 159 -15.75 -55.54 42.96
C THR TA 159 -15.08 -55.09 44.24
N PHE TA 160 -15.60 -54.04 44.85
CA PHE TA 160 -15.15 -53.56 46.14
C PHE TA 160 -16.11 -54.05 47.19
N MET TA 161 -15.61 -54.52 48.32
CA MET TA 161 -16.42 -54.99 49.44
C MET TA 161 -16.21 -54.09 50.66
N ASP TA 162 -17.27 -53.49 51.19
CA ASP TA 162 -17.22 -52.60 52.37
C ASP TA 162 -16.12 -51.51 52.29
N GLY TA 163 -15.86 -51.02 51.08
CA GLY TA 163 -14.82 -50.04 50.77
C GLY TA 163 -13.44 -50.64 50.53
N ASP TA 164 -13.18 -51.88 50.95
CA ASP TA 164 -12.02 -52.63 50.48
C ASP TA 164 -12.17 -52.90 49.00
N LEU TA 165 -11.07 -53.02 48.26
CA LEU TA 165 -11.13 -53.87 47.08
C LEU TA 165 -11.40 -55.29 47.62
N TYR TA 166 -12.37 -56.02 47.09
CA TYR TA 166 -12.80 -57.27 47.75
C TYR TA 166 -11.75 -58.40 47.63
N ILE TA 167 -10.95 -58.42 46.56
CA ILE TA 167 -10.01 -59.50 46.21
C ILE TA 167 -8.70 -58.95 45.66
N GLN TA 168 -7.55 -59.48 46.08
CA GLN TA 168 -6.26 -58.79 45.89
C GLN TA 168 -5.18 -59.56 45.10
N SER TA 169 -5.41 -60.83 44.75
CA SER TA 169 -4.43 -61.62 43.95
C SER TA 169 -4.49 -61.18 42.49
N THR TA 170 -3.86 -60.06 42.19
CA THR TA 170 -3.94 -59.42 40.88
C THR TA 170 -3.48 -60.31 39.73
N ASN TA 171 -2.20 -60.70 39.75
CA ASN TA 171 -1.72 -61.85 39.00
C ASN TA 171 -2.15 -63.11 39.74
N ALA TA 172 -2.85 -64.02 39.07
CA ALA TA 172 -3.75 -64.94 39.77
C ALA TA 172 -3.57 -66.43 39.43
N GLU TA 173 -2.82 -66.84 38.42
CA GLU TA 173 -2.83 -68.26 38.02
C GLU TA 173 -2.04 -69.13 38.99
N MET TA 174 -0.94 -68.60 39.53
CA MET TA 174 -0.26 -69.18 40.68
C MET TA 174 -1.17 -69.35 41.90
N ASP TA 175 -2.26 -68.58 42.04
CA ASP TA 175 -3.10 -68.73 43.23
C ASP TA 175 -3.93 -70.02 43.20
N LYS TA 176 -4.22 -70.57 42.02
CA LYS TA 176 -4.83 -71.90 41.88
C LYS TA 176 -3.87 -72.96 42.39
N ILE TA 177 -2.63 -72.90 41.93
CA ILE TA 177 -1.54 -73.74 42.38
C ILE TA 177 -1.38 -73.63 43.89
N ASN TA 178 -1.43 -72.43 44.46
CA ASN TA 178 -1.34 -72.21 45.91
C ASN TA 178 -2.52 -72.83 46.65
N LYS TA 179 -3.77 -72.47 46.30
CA LYS TA 179 -4.99 -73.03 46.91
C LYS TA 179 -4.94 -74.55 46.91
N VAL TA 180 -4.57 -75.13 45.78
CA VAL TA 180 -4.32 -76.56 45.63
C VAL TA 180 -3.22 -77.04 46.58
N LEU TA 181 -2.00 -76.51 46.55
CA LEU TA 181 -0.91 -77.00 47.40
C LEU TA 181 -1.19 -76.82 48.89
N ALA TA 182 -1.71 -75.68 49.34
CA ALA TA 182 -2.13 -75.50 50.72
C ALA TA 182 -3.16 -76.56 51.08
N GLU TA 183 -4.12 -76.84 50.20
CA GLU TA 183 -5.09 -77.88 50.43
C GLU TA 183 -4.51 -79.31 50.29
N ARG TA 184 -3.43 -79.56 49.55
CA ARG TA 184 -2.73 -80.86 49.62
C ARG TA 184 -1.98 -80.99 50.95
N THR TA 185 -1.51 -79.89 51.51
CA THR TA 185 -1.10 -79.72 52.92
C THR TA 185 -2.30 -79.80 53.87
N TYR TA 186 -3.46 -80.35 53.45
CA TYR TA 186 -4.69 -80.54 54.22
C TYR TA 186 -5.35 -81.91 53.91
N ASP TA 187 -5.28 -82.34 52.65
CA ASP TA 187 -5.82 -83.61 52.14
C ASP TA 187 -5.16 -84.84 52.76
N GLU TA 188 -3.84 -84.81 52.99
CA GLU TA 188 -3.19 -85.77 53.90
C GLU TA 188 -3.62 -85.45 55.34
N SER TA 189 -3.25 -84.28 55.81
CA SER TA 189 -3.72 -83.60 57.01
C SER TA 189 -3.25 -82.14 56.93
N GLY TA 190 -3.79 -81.21 57.72
CA GLY TA 190 -3.41 -79.78 57.60
C GLY TA 190 -3.84 -78.83 58.70
N SER TA 191 -4.07 -79.27 59.92
CA SER TA 191 -4.35 -78.34 61.04
C SER TA 191 -3.40 -78.60 62.18
N TYR TA 192 -2.14 -78.21 61.99
CA TYR TA 192 -1.05 -78.62 62.86
C TYR TA 192 -0.01 -77.55 63.14
N LYS TA 193 0.41 -77.55 64.41
CA LYS TA 193 1.71 -77.11 64.91
C LYS TA 193 2.79 -77.87 64.13
N VAL TA 194 3.47 -77.23 63.19
CA VAL TA 194 4.78 -77.75 62.74
C VAL TA 194 5.77 -77.54 63.90
N ASN TA 195 5.80 -76.33 64.50
CA ASN TA 195 6.58 -75.97 65.69
C ASN TA 195 5.96 -74.81 66.52
N GLY TA 196 6.25 -74.74 67.83
CA GLY TA 196 6.06 -73.55 68.70
C GLY TA 196 4.70 -73.42 69.42
N PHE TA 197 4.21 -72.18 69.55
CA PHE TA 197 2.86 -71.75 70.01
C PHE TA 197 2.41 -72.11 71.45
N GLU TA 198 3.11 -72.99 72.17
CA GLU TA 198 2.48 -73.70 73.30
C GLU TA 198 2.10 -72.86 74.53
N LEU TA 199 1.10 -73.38 75.23
CA LEU TA 199 0.21 -72.55 76.04
C LEU TA 199 0.80 -72.26 77.43
N PHE TA 200 1.70 -71.29 77.46
CA PHE TA 200 2.22 -70.68 78.68
C PHE TA 200 1.24 -69.68 79.31
N SER TA 201 1.71 -68.87 80.27
CA SER TA 201 0.95 -67.76 80.86
C SER TA 201 1.84 -66.64 81.42
N GLU TA 202 1.29 -65.42 81.50
CA GLU TA 202 1.91 -64.19 82.00
C GLU TA 202 0.79 -63.24 82.41
N GLY TA 203 0.81 -62.69 83.61
CA GLY TA 203 -0.17 -61.66 83.97
C GLY TA 203 0.04 -60.38 83.17
N ASN TA 204 -1.01 -59.86 82.53
CA ASN TA 204 -1.06 -58.43 82.26
C ASN TA 204 -1.09 -57.80 83.66
N ALA TA 205 -0.18 -56.87 83.90
CA ALA TA 205 -0.03 -56.17 85.16
C ALA TA 205 -0.22 -54.66 84.97
N GLU TA 206 -0.13 -54.22 83.71
CA GLU TA 206 -0.36 -52.85 83.26
C GLU TA 206 -1.88 -52.57 83.25
N ASP TA 207 -2.58 -53.46 82.56
CA ASP TA 207 -3.97 -53.87 82.78
C ASP TA 207 -3.87 -55.08 83.74
N ASP TA 208 -3.86 -54.84 85.04
CA ASP TA 208 -3.77 -55.94 86.02
C ASP TA 208 -5.10 -56.72 86.16
N ASP TA 209 -5.91 -56.79 85.10
CA ASP TA 209 -7.18 -57.50 85.07
C ASP TA 209 -7.24 -58.60 84.01
N HIS TA 210 -6.12 -58.87 83.33
CA HIS TA 210 -6.00 -59.88 82.28
C HIS TA 210 -4.68 -60.67 82.34
N VAL TA 211 -4.65 -61.88 81.79
CA VAL TA 211 -3.44 -62.60 81.44
C VAL TA 211 -2.92 -62.00 80.14
N SER TA 212 -1.76 -61.36 80.15
CA SER TA 212 -1.01 -60.94 78.96
C SER TA 212 -0.34 -62.19 78.43
N VAL TA 213 -1.07 -63.09 77.78
CA VAL TA 213 -0.57 -64.44 77.49
C VAL TA 213 0.77 -64.40 76.77
N VAL TA 214 1.83 -64.82 77.47
CA VAL TA 214 3.17 -64.99 76.90
C VAL TA 214 3.13 -66.18 75.94
N VAL TA 215 3.59 -65.96 74.71
CA VAL TA 215 3.84 -67.02 73.72
C VAL TA 215 5.14 -66.74 72.96
N ASP TA 216 5.89 -67.80 72.69
CA ASP TA 216 6.99 -67.78 71.74
C ASP TA 216 6.49 -67.69 70.29
N ALA TA 217 7.40 -67.77 69.32
CA ALA TA 217 7.09 -68.17 67.95
C ALA TA 217 6.29 -69.48 67.82
N GLY TA 218 5.73 -69.62 66.63
CA GLY TA 218 5.44 -70.91 66.00
C GLY TA 218 5.36 -70.77 64.49
N LYS TA 219 5.51 -71.90 63.79
CA LYS TA 219 5.22 -72.04 62.35
C LYS TA 219 4.53 -73.39 62.13
N ALA TA 220 3.71 -73.48 61.09
CA ALA TA 220 2.64 -74.48 61.00
C ALA TA 220 1.94 -74.44 59.63
N TYR TA 221 0.94 -75.30 59.45
CA TYR TA 221 -0.14 -75.06 58.51
C TYR TA 221 -1.47 -75.42 59.17
N VAL TA 222 -2.49 -74.59 58.96
CA VAL TA 222 -3.87 -74.81 59.44
C VAL TA 222 -4.83 -74.56 58.29
N LYS TA 223 -5.84 -75.42 58.12
CA LYS TA 223 -6.50 -75.62 56.81
C LYS TA 223 -5.52 -76.04 55.69
N GLY TA 224 -4.28 -76.38 56.05
CA GLY TA 224 -3.13 -76.53 55.16
C GLY TA 224 -2.59 -75.22 54.56
N PHE TA 225 -3.20 -74.08 54.90
CA PHE TA 225 -2.65 -72.76 54.57
C PHE TA 225 -1.56 -72.40 55.59
N LYS TA 226 -0.54 -71.65 55.14
CA LYS TA 226 0.66 -71.42 55.94
C LYS TA 226 0.30 -70.64 57.20
N VAL TA 227 0.73 -71.17 58.33
CA VAL TA 227 0.60 -70.53 59.66
C VAL TA 227 1.99 -70.14 60.13
N ASP TA 228 2.19 -68.86 60.41
CA ASP TA 228 3.53 -68.37 60.67
C ASP TA 228 3.47 -67.10 61.53
N LYS TA 229 3.66 -67.27 62.84
CA LYS TA 229 3.51 -66.22 63.87
C LYS TA 229 4.71 -66.29 64.83
N PRO TA 230 5.86 -65.73 64.43
CA PRO TA 230 7.10 -65.90 65.19
C PRO TA 230 7.23 -65.03 66.46
N VAL TA 231 6.19 -64.30 66.88
CA VAL TA 231 6.37 -63.17 67.81
C VAL TA 231 6.46 -63.53 69.31
N SER TA 232 7.30 -62.78 70.02
CA SER TA 232 7.22 -62.53 71.46
C SER TA 232 5.88 -61.87 71.80
N THR TA 233 4.93 -62.71 72.18
CA THR TA 233 3.51 -62.38 72.36
C THR TA 233 3.18 -62.02 73.82
N ARG TA 234 2.19 -61.12 74.07
CA ARG TA 234 1.55 -60.77 75.37
C ARG TA 234 0.14 -60.22 75.05
N ILE TA 235 -0.88 -61.07 74.91
CA ILE TA 235 -2.26 -60.64 74.60
C ILE TA 235 -3.14 -60.77 75.84
N SER TA 236 -3.92 -59.75 76.23
CA SER TA 236 -4.85 -59.79 77.39
C SER TA 236 -6.11 -60.66 77.18
N VAL TA 237 -6.38 -61.62 78.08
CA VAL TA 237 -7.70 -62.27 78.33
C VAL TA 237 -8.02 -62.15 79.82
N PRO TA 238 -9.27 -61.94 80.28
CA PRO TA 238 -9.54 -61.47 81.64
C PRO TA 238 -9.09 -62.44 82.71
N LYS TA 239 -8.66 -61.97 83.89
CA LYS TA 239 -8.26 -62.84 85.00
C LYS TA 239 -9.39 -63.77 85.40
N SER TA 240 -9.10 -64.94 85.96
CA SER TA 240 -10.16 -65.78 86.52
C SER TA 240 -10.57 -65.30 87.90
N TYR TA 241 -11.01 -64.04 87.90
CA TYR TA 241 -11.87 -63.45 88.90
C TYR TA 241 -13.23 -64.16 89.00
N ASP TA 242 -13.46 -65.16 88.17
CA ASP TA 242 -14.54 -66.12 88.29
C ASP TA 242 -14.53 -66.84 89.65
N LEU TA 243 -15.71 -67.15 90.20
CA LEU TA 243 -15.90 -67.52 91.62
C LEU TA 243 -16.84 -68.71 91.84
N GLY TA 244 -16.49 -69.56 92.81
CA GLY TA 244 -17.35 -70.61 93.38
C GLY TA 244 -17.81 -70.25 94.78
N THR TA 245 -19.01 -70.70 95.16
CA THR TA 245 -19.52 -70.65 96.55
C THR TA 245 -19.16 -71.95 97.31
N ALA TA 246 -19.10 -71.93 98.65
CA ALA TA 246 -18.62 -73.04 99.51
C ALA TA 246 -19.56 -73.35 100.68
N GLU TA 247 -20.86 -73.29 100.43
CA GLU TA 247 -21.85 -73.16 101.49
C GLU TA 247 -22.00 -74.45 102.30
N ASN TA 248 -22.22 -74.32 103.60
CA ASN TA 248 -22.07 -75.37 104.62
C ASN TA 248 -20.68 -76.03 104.68
N GLU TA 249 -19.62 -75.34 104.25
CA GLU TA 249 -18.25 -75.77 104.53
C GLU TA 249 -18.08 -76.00 106.05
N SER TA 250 -17.65 -77.17 106.48
CA SER TA 250 -17.99 -77.67 107.81
C SER TA 250 -16.78 -77.76 108.73
N THR TA 251 -17.04 -77.66 110.02
CA THR TA 251 -16.25 -78.28 111.08
C THR TA 251 -17.16 -78.49 112.28
N ILE TA 252 -17.35 -79.73 112.71
CA ILE TA 252 -18.02 -80.01 114.00
C ILE TA 252 -17.13 -79.30 115.04
N PHE TA 253 -17.68 -78.23 115.61
CA PHE TA 253 -16.91 -77.09 116.10
C PHE TA 253 -15.69 -77.38 116.93
N ASN TA 254 -14.53 -77.25 116.31
CA ASN TA 254 -13.27 -77.45 116.99
C ASN TA 254 -12.96 -76.19 117.82
N LYS TA 255 -13.36 -76.17 119.10
CA LYS TA 255 -13.05 -75.04 120.00
C LYS TA 255 -11.60 -75.07 120.53
N SER TA 256 -10.88 -76.17 120.31
CA SER TA 256 -9.46 -76.33 120.69
C SER TA 256 -8.52 -75.89 119.56
N ASN TA 257 -8.70 -76.40 118.32
CA ASN TA 257 -8.19 -75.77 117.10
C ASN TA 257 -9.21 -74.77 116.53
N ASN TA 258 -9.17 -73.51 116.98
CA ASN TA 258 -10.14 -72.52 116.52
C ASN TA 258 -9.98 -72.16 115.03
N SER TA 259 -8.85 -72.43 114.37
CA SER TA 259 -8.67 -72.15 112.94
C SER TA 259 -9.48 -73.12 112.06
N ILE TA 260 -10.72 -72.75 111.72
CA ILE TA 260 -11.65 -73.64 111.00
C ILE TA 260 -11.46 -73.50 109.49
N SER TA 261 -10.87 -74.52 108.88
CA SER TA 261 -10.39 -74.50 107.50
C SER TA 261 -11.50 -74.30 106.46
N LEU TA 262 -11.43 -73.18 105.73
CA LEU TA 262 -12.13 -72.91 104.48
C LEU TA 262 -11.26 -73.40 103.32
N ALA TA 263 -11.43 -74.68 102.99
CA ALA TA 263 -10.51 -75.36 102.11
C ALA TA 263 -10.73 -75.02 100.61
N ASN TA 264 -11.94 -74.58 100.22
CA ASN TA 264 -12.15 -73.93 98.92
C ASN TA 264 -11.47 -72.56 98.94
N SER TA 265 -10.76 -72.19 97.87
CA SER TA 265 -9.86 -71.02 97.92
C SER TA 265 -9.34 -70.67 96.53
N PRO TA 266 -8.81 -69.46 96.34
CA PRO TA 266 -8.62 -68.42 97.35
C PRO TA 266 -9.92 -67.68 97.68
N VAL TA 267 -10.27 -67.57 98.97
CA VAL TA 267 -11.56 -66.98 99.41
C VAL TA 267 -11.63 -65.49 99.09
N LYS TA 268 -12.63 -65.13 98.30
CA LYS TA 268 -12.98 -63.73 98.02
C LYS TA 268 -13.68 -63.11 99.23
N GLU TA 269 -14.74 -63.76 99.71
CA GLU TA 269 -15.67 -63.14 100.66
C GLU TA 269 -16.48 -64.17 101.47
N ILE TA 270 -16.54 -63.94 102.79
CA ILE TA 270 -17.30 -64.74 103.76
C ILE TA 270 -18.76 -64.28 103.81
N ARG TA 271 -19.68 -65.24 103.85
CA ARG TA 271 -21.14 -65.03 103.80
C ARG TA 271 -21.88 -65.40 105.08
N ARG TA 272 -21.50 -66.51 105.73
CA ARG TA 272 -22.20 -67.07 106.91
C ARG TA 272 -21.27 -67.97 107.73
N VAL TA 273 -21.55 -68.11 109.02
CA VAL TA 273 -21.24 -69.30 109.81
C VAL TA 273 -22.45 -69.65 110.69
N THR TA 274 -22.73 -70.90 111.01
CA THR TA 274 -23.87 -71.32 111.84
C THR TA 274 -23.52 -72.56 112.64
N GLY TA 275 -23.98 -72.66 113.90
CA GLY TA 275 -23.57 -73.74 114.79
C GLY TA 275 -24.15 -73.74 116.21
N GLN TA 276 -23.76 -74.75 116.99
CA GLN TA 276 -24.41 -75.23 118.23
C GLN TA 276 -23.94 -74.57 119.54
N VAL TA 277 -24.11 -73.25 119.69
CA VAL TA 277 -23.94 -72.56 120.99
C VAL TA 277 -24.90 -73.15 122.02
N LEU TA 278 -24.52 -73.21 123.30
CA LEU TA 278 -25.39 -73.60 124.41
C LEU TA 278 -25.81 -72.34 125.20
N ILE TA 279 -27.12 -72.10 125.34
CA ILE TA 279 -27.69 -71.27 126.40
C ILE TA 279 -27.45 -72.01 127.71
N GLU TA 280 -26.42 -71.63 128.45
CA GLU TA 280 -26.09 -72.26 129.73
C GLU TA 280 -27.20 -72.02 130.78
N LYS TA 281 -27.93 -70.89 130.65
CA LYS TA 281 -29.04 -70.45 131.50
C LYS TA 281 -29.85 -69.30 130.85
N GLU TA 282 -31.16 -69.42 130.72
CA GLU TA 282 -32.12 -68.41 130.21
C GLU TA 282 -33.39 -68.38 131.10
N ARG TA 283 -33.90 -67.18 131.49
CA ARG TA 283 -35.17 -67.10 132.25
C ARG TA 283 -36.39 -67.11 131.34
N VAL TA 284 -36.84 -68.29 130.94
CA VAL TA 284 -38.23 -68.45 130.52
C VAL TA 284 -39.11 -68.39 131.76
N THR TA 285 -39.49 -67.19 132.21
CA THR TA 285 -40.65 -67.09 133.12
C THR TA 285 -41.88 -67.62 132.39
N ARG TA 286 -42.76 -68.29 133.12
CA ARG TA 286 -43.95 -68.91 132.60
C ARG TA 286 -44.96 -67.86 132.10
N GLY TA 287 -45.26 -67.85 130.81
CA GLY TA 287 -46.39 -67.11 130.28
C GLY TA 287 -47.72 -67.70 130.76
N ALA TA 288 -48.83 -66.99 130.64
CA ALA TA 288 -50.15 -67.42 131.15
C ALA TA 288 -50.85 -68.51 130.30
N GLN TA 289 -50.14 -69.17 129.39
CA GLN TA 289 -50.58 -70.25 128.52
C GLN TA 289 -50.65 -71.60 129.25
N GLY TA 290 -51.22 -71.67 130.47
CA GLY TA 290 -51.10 -72.76 131.47
C GLY TA 290 -51.27 -74.16 130.88
N ASP TA 291 -50.33 -75.07 131.16
CA ASP TA 291 -50.05 -76.30 130.42
C ASP TA 291 -50.01 -76.09 128.88
N GLY TA 292 -49.04 -75.30 128.42
CA GLY TA 292 -48.85 -74.92 127.02
C GLY TA 292 -47.60 -74.03 126.78
N GLN TA 293 -47.51 -73.34 125.65
CA GLN TA 293 -46.30 -72.65 125.17
C GLN TA 293 -45.72 -71.62 126.14
N ASP TA 294 -44.39 -71.52 126.17
CA ASP TA 294 -43.54 -70.37 126.54
C ASP TA 294 -42.37 -70.25 125.58
N PHE TA 295 -42.00 -69.06 125.15
CA PHE TA 295 -41.01 -68.90 124.08
C PHE TA 295 -39.55 -68.81 124.58
N LEU TA 296 -38.59 -69.22 123.75
CA LEU TA 296 -37.13 -69.23 123.94
C LEU TA 296 -36.45 -67.95 123.37
N SER TA 297 -35.16 -67.72 123.63
CA SER TA 297 -34.37 -66.71 122.86
C SER TA 297 -34.12 -67.08 121.40
N ASN TA 298 -34.21 -68.37 121.08
CA ASN TA 298 -33.87 -68.93 119.78
C ASN TA 298 -35.01 -69.80 119.21
N ASN TA 299 -35.33 -69.62 117.95
CA ASN TA 299 -36.02 -70.59 117.08
C ASN TA 299 -35.09 -71.70 116.57
N THR TA 300 -33.78 -71.44 116.66
CA THR TA 300 -32.73 -72.36 116.31
C THR TA 300 -32.45 -73.35 117.44
N ALA TA 301 -33.15 -73.27 118.58
CA ALA TA 301 -32.98 -74.21 119.69
C ALA TA 301 -33.41 -75.61 119.22
N PHE TA 302 -32.59 -76.61 119.53
CA PHE TA 302 -32.79 -77.95 118.99
C PHE TA 302 -32.52 -79.06 120.03
N GLU TA 303 -31.98 -78.71 121.19
CA GLU TA 303 -31.61 -79.65 122.25
C GLU TA 303 -31.65 -79.00 123.63
N ILE TA 304 -32.71 -79.24 124.41
CA ILE TA 304 -32.96 -78.52 125.66
C ILE TA 304 -32.24 -79.19 126.85
N VAL TA 305 -31.03 -78.71 127.12
CA VAL TA 305 -30.15 -79.13 128.21
C VAL TA 305 -30.86 -79.21 129.58
N LYS TA 306 -31.66 -78.20 129.96
CA LYS TA 306 -32.41 -78.23 131.23
C LYS TA 306 -33.66 -77.35 131.14
N VAL TA 307 -34.75 -77.77 131.79
CA VAL TA 307 -35.92 -76.91 132.05
C VAL TA 307 -36.31 -77.07 133.52
N TRP TA 308 -36.37 -75.99 134.30
CA TRP TA 308 -36.51 -76.12 135.75
C TRP TA 308 -37.08 -74.89 136.46
N THR TA 309 -37.94 -75.11 137.45
CA THR TA 309 -38.30 -74.09 138.46
C THR TA 309 -37.14 -73.95 139.43
N GLU TA 310 -36.86 -72.73 139.90
CA GLU TA 310 -35.62 -72.45 140.63
C GLU TA 310 -35.86 -72.44 142.14
N THR TA 311 -35.08 -73.26 142.86
CA THR TA 311 -34.88 -73.15 144.31
C THR TA 311 -33.83 -72.08 144.61
N SER TA 312 -32.84 -71.96 143.73
CA SER TA 312 -31.97 -70.81 143.54
C SER TA 312 -31.36 -70.93 142.12
N PRO TA 313 -30.48 -70.04 141.63
CA PRO TA 313 -29.89 -70.17 140.30
C PRO TA 313 -29.32 -71.57 140.00
N GLY TA 314 -29.93 -72.26 139.04
CA GLY TA 314 -29.63 -73.65 138.65
C GLY TA 314 -30.17 -74.71 139.63
N VAL TA 315 -30.01 -74.49 140.94
CA VAL TA 315 -30.50 -75.39 141.98
C VAL TA 315 -32.02 -75.50 141.89
N THR TA 316 -32.52 -76.72 141.77
CA THR TA 316 -33.82 -76.94 141.12
C THR TA 316 -34.95 -77.29 142.08
N THR TA 317 -36.10 -76.64 141.90
CA THR TA 317 -37.36 -77.00 142.52
C THR TA 317 -37.90 -78.28 141.87
N LYS TA 318 -38.35 -78.22 140.60
CA LYS TA 318 -38.61 -79.38 139.71
C LYS TA 318 -37.77 -79.20 138.45
N GLU TA 319 -37.03 -80.22 138.04
CA GLU TA 319 -36.51 -80.27 136.66
C GLU TA 319 -37.52 -81.07 135.85
N TYR TA 320 -38.01 -80.45 134.78
CA TYR TA 320 -39.14 -80.95 134.04
C TYR TA 320 -38.70 -81.97 133.01
N LYS TA 321 -39.60 -82.92 132.72
CA LYS TA 321 -39.34 -84.05 131.83
C LYS TA 321 -39.86 -83.76 130.40
N GLN TA 322 -39.00 -83.94 129.40
CA GLN TA 322 -39.21 -83.51 128.00
C GLN TA 322 -40.09 -84.48 127.18
N GLY TA 323 -41.37 -84.10 127.03
CA GLY TA 323 -42.46 -84.88 126.42
C GLY TA 323 -43.51 -85.31 127.45
N GLU TA 324 -43.37 -84.92 128.72
CA GLU TA 324 -44.24 -85.34 129.83
C GLU TA 324 -44.76 -84.14 130.62
N ASP TA 325 -43.85 -83.23 130.98
CA ASP TA 325 -44.10 -82.02 131.73
C ASP TA 325 -44.17 -80.86 130.75
N PHE TA 326 -43.01 -80.42 130.26
CA PHE TA 326 -42.86 -79.66 129.02
C PHE TA 326 -42.57 -80.61 127.87
N ARG TA 327 -42.47 -80.06 126.66
CA ARG TA 327 -41.73 -80.58 125.50
C ARG TA 327 -40.99 -79.40 124.83
N LEU TA 328 -39.95 -79.64 124.03
CA LEU TA 328 -39.54 -78.59 123.08
C LEU TA 328 -40.64 -78.49 122.01
N THR TA 329 -41.08 -77.28 121.73
CA THR TA 329 -42.01 -76.96 120.63
C THR TA 329 -41.40 -75.85 119.79
N ASP TA 330 -41.82 -75.72 118.54
CA ASP TA 330 -41.38 -74.70 117.57
C ASP TA 330 -39.89 -74.71 117.19
N GLY TA 331 -39.04 -75.47 117.90
CA GLY TA 331 -37.62 -75.12 118.07
C GLY TA 331 -37.45 -73.78 118.81
N GLN TA 332 -38.53 -73.23 119.37
CA GLN TA 332 -38.68 -71.83 119.79
C GLN TA 332 -39.45 -71.72 121.10
N THR TA 333 -39.98 -72.82 121.65
CA THR TA 333 -40.77 -72.82 122.89
C THR TA 333 -40.45 -74.00 123.81
N ILE TA 334 -40.45 -73.73 125.12
CA ILE TA 334 -40.69 -74.73 126.16
C ILE TA 334 -42.21 -74.80 126.34
N ASP TA 335 -42.80 -75.98 126.25
CA ASP TA 335 -44.24 -76.07 126.04
C ASP TA 335 -44.88 -77.12 126.93
N TRP TA 336 -45.66 -76.65 127.90
CA TRP TA 336 -46.25 -77.43 128.98
C TRP TA 336 -47.54 -78.18 128.57
N SER TA 337 -47.88 -78.17 127.29
CA SER TA 337 -49.00 -78.94 126.76
C SER TA 337 -48.93 -80.48 126.95
N PRO TA 338 -47.77 -81.12 127.27
CA PRO TA 338 -47.76 -82.50 127.77
C PRO TA 338 -48.56 -82.69 129.08
N GLN TA 339 -48.82 -81.61 129.82
CA GLN TA 339 -49.70 -81.51 131.00
C GLN TA 339 -49.28 -82.35 132.22
N GLY TA 340 -47.98 -82.63 132.37
CA GLY TA 340 -47.40 -83.26 133.55
C GLY TA 340 -47.20 -82.27 134.69
N GLN TA 341 -46.01 -82.25 135.28
CA GLN TA 341 -45.58 -81.13 136.11
C GLN TA 341 -45.37 -79.88 135.23
N GLU TA 342 -45.65 -78.67 135.72
CA GLU TA 342 -45.22 -77.46 135.03
C GLU TA 342 -44.96 -76.33 136.03
N PRO TA 343 -44.08 -75.38 135.68
CA PRO TA 343 -44.19 -74.02 136.18
C PRO TA 343 -45.54 -73.53 135.59
N SER TA 344 -46.53 -73.06 136.36
CA SER TA 344 -47.78 -72.49 135.80
C SER TA 344 -47.75 -70.96 135.72
N GLY TA 345 -48.73 -70.34 135.06
CA GLY TA 345 -48.74 -68.91 134.69
C GLY TA 345 -48.07 -67.95 135.69
N GLY TA 346 -47.04 -67.23 135.25
CA GLY TA 346 -46.29 -66.27 136.06
C GLY TA 346 -45.24 -66.84 137.02
N THR TA 347 -44.98 -68.15 137.08
CA THR TA 347 -43.79 -68.72 137.76
C THR TA 347 -42.48 -68.41 137.00
N SER TA 348 -41.47 -67.85 137.66
CA SER TA 348 -40.26 -67.36 137.00
C SER TA 348 -39.16 -68.43 136.89
N TYR TA 349 -39.49 -69.54 136.27
CA TYR TA 349 -38.58 -70.68 136.07
C TYR TA 349 -37.45 -70.38 135.05
N TYR TA 350 -36.59 -71.37 134.78
CA TYR TA 350 -35.40 -71.24 133.93
C TYR TA 350 -35.21 -72.40 132.95
N VAL TA 351 -34.36 -72.16 131.95
CA VAL TA 351 -34.20 -72.91 130.71
C VAL TA 351 -32.74 -72.91 130.25
N SER TA 352 -32.29 -73.94 129.52
CA SER TA 352 -30.93 -74.07 128.97
C SER TA 352 -30.95 -75.02 127.77
N TYR TA 353 -30.24 -74.69 126.68
CA TYR TA 353 -30.32 -75.46 125.43
C TYR TA 353 -29.19 -75.18 124.43
N LYS TA 354 -28.77 -76.18 123.63
CA LYS TA 354 -28.05 -75.87 122.39
C LYS TA 354 -29.01 -75.34 121.32
N TYR TA 355 -28.51 -74.39 120.54
CA TYR TA 355 -29.21 -73.76 119.43
C TYR TA 355 -28.25 -73.56 118.26
N ASN TA 356 -28.77 -73.69 117.05
CA ASN TA 356 -28.02 -73.45 115.83
C ASN TA 356 -27.87 -71.93 115.57
N LYS TA 357 -27.18 -71.17 116.43
CA LYS TA 357 -26.87 -69.74 116.19
C LYS TA 357 -26.23 -69.58 114.82
N ARG TA 358 -26.58 -68.55 114.06
CA ARG TA 358 -25.66 -68.02 113.05
C ARG TA 358 -24.44 -67.47 113.78
N MET TA 359 -23.36 -68.23 113.82
CA MET TA 359 -22.11 -67.75 114.41
C MET TA 359 -21.69 -66.48 113.66
N GLU TA 360 -21.68 -65.35 114.34
CA GLU TA 360 -21.88 -64.05 113.73
C GLU TA 360 -20.67 -63.55 112.91
N ALA TA 361 -20.94 -62.78 111.86
CA ALA TA 361 -20.04 -62.54 110.72
C ALA TA 361 -18.69 -61.84 111.04
N GLY TA 362 -17.63 -62.64 111.25
CA GLY TA 362 -16.35 -62.16 111.79
C GLY TA 362 -16.41 -61.78 113.27
N LYS TA 363 -17.59 -61.88 113.89
CA LYS TA 363 -17.83 -61.64 115.32
C LYS TA 363 -17.35 -62.81 116.14
N ASP TA 364 -17.80 -64.00 115.75
CA ASP TA 364 -17.51 -65.27 116.40
C ASP TA 364 -16.20 -65.90 115.90
N TYR TA 365 -15.50 -65.22 114.99
CA TYR TA 365 -14.25 -65.69 114.39
C TYR TA 365 -13.44 -64.55 113.83
N GLU TA 366 -12.22 -64.37 114.33
CA GLU TA 366 -11.14 -63.79 113.52
C GLU TA 366 -10.79 -64.76 112.36
N VAL TA 367 -9.85 -64.42 111.48
CA VAL TA 367 -9.58 -65.22 110.27
C VAL TA 367 -8.06 -65.28 109.97
N THR TA 368 -7.56 -66.41 109.45
CA THR TA 368 -6.17 -66.61 108.99
C THR TA 368 -6.14 -67.38 107.66
N THR TA 369 -4.99 -67.39 106.98
CA THR TA 369 -4.84 -68.10 105.70
C THR TA 369 -3.43 -68.68 105.57
N GLN TA 370 -3.30 -69.75 104.78
CA GLN TA 370 -2.06 -70.48 104.52
C GLN TA 370 -2.06 -71.03 103.07
N GLY TA 371 -0.92 -71.11 102.40
CA GLY TA 371 -0.83 -71.55 100.99
C GLY TA 371 -1.12 -70.45 99.97
N GLU TA 372 -1.24 -70.82 98.69
CA GLU TA 372 -1.30 -69.88 97.54
C GLU TA 372 -2.27 -70.33 96.42
N GLY TA 373 -3.05 -69.41 95.83
CA GLY TA 373 -3.98 -69.74 94.73
C GLY TA 373 -5.08 -70.76 95.10
N LEU TA 374 -5.42 -71.70 94.20
CA LEU TA 374 -6.26 -72.87 94.56
C LEU TA 374 -5.54 -73.77 95.62
N SER TA 375 -4.22 -73.66 95.82
CA SER TA 375 -3.44 -74.29 96.92
C SER TA 375 -3.43 -73.50 98.24
N LYS TA 376 -4.12 -72.35 98.29
CA LYS TA 376 -4.40 -71.61 99.53
C LYS TA 376 -5.58 -72.22 100.28
N LYS TA 377 -5.69 -71.93 101.56
CA LYS TA 377 -6.80 -72.26 102.45
C LYS TA 377 -7.06 -71.05 103.33
N TRP TA 378 -8.30 -70.68 103.56
CA TRP TA 378 -8.64 -69.72 104.63
C TRP TA 378 -8.96 -70.50 105.92
N TYR TA 379 -9.07 -69.82 107.05
CA TYR TA 379 -9.42 -70.43 108.32
C TYR TA 379 -10.24 -69.45 109.14
N ILE TA 380 -11.47 -69.81 109.46
CA ILE TA 380 -12.39 -69.09 110.35
C ILE TA 380 -11.86 -69.32 111.77
N ASN TA 381 -10.95 -68.48 112.23
CA ASN TA 381 -10.33 -68.63 113.54
C ASN TA 381 -11.32 -68.18 114.64
N PHE TA 382 -12.06 -69.10 115.25
CA PHE TA 382 -13.07 -68.76 116.25
C PHE TA 382 -12.58 -67.91 117.43
N THR TA 383 -13.21 -66.75 117.54
CA THR TA 383 -13.22 -65.86 118.69
C THR TA 383 -13.92 -66.58 119.87
N PRO TA 384 -13.57 -66.29 121.13
CA PRO TA 384 -14.18 -66.90 122.33
C PRO TA 384 -15.16 -65.97 123.09
N SER TA 385 -15.21 -64.70 122.71
CA SER TA 385 -15.82 -63.59 123.44
C SER TA 385 -17.36 -63.54 123.30
N ASN TA 386 -17.94 -62.33 123.23
CA ASN TA 386 -19.23 -62.11 122.56
C ASN TA 386 -19.20 -62.64 121.11
N GLY TA 387 -18.00 -62.69 120.51
CA GLY TA 387 -17.66 -63.66 119.49
C GLY TA 387 -17.82 -65.09 120.01
N ALA TA 388 -19.03 -65.61 119.91
CA ALA TA 388 -19.49 -66.80 120.61
C ALA TA 388 -18.86 -68.11 120.08
N LYS TA 389 -19.02 -69.20 120.86
CA LYS TA 389 -18.55 -70.55 120.52
C LYS TA 389 -19.62 -71.62 120.75
N PRO TA 390 -19.87 -72.55 119.81
CA PRO TA 390 -20.41 -73.87 120.17
C PRO TA 390 -19.50 -74.56 121.19
N ILE TA 391 -19.95 -75.63 121.82
CA ILE TA 391 -19.07 -76.47 122.65
C ILE TA 391 -18.12 -77.24 121.70
N ASP TA 392 -16.93 -77.66 122.16
CA ASP TA 392 -16.01 -78.41 121.30
C ASP TA 392 -16.66 -79.69 120.74
N GLN TA 393 -16.59 -79.88 119.43
CA GLN TA 393 -17.25 -80.92 118.63
C GLN TA 393 -18.81 -80.85 118.65
N THR TA 394 -19.37 -79.65 118.53
CA THR TA 394 -20.82 -79.43 118.30
C THR TA 394 -20.98 -78.57 117.03
N VAL TA 395 -21.94 -78.86 116.15
CA VAL TA 395 -21.85 -78.53 114.69
C VAL TA 395 -21.50 -77.07 114.38
N VAL TA 396 -20.61 -76.82 113.40
CA VAL TA 396 -20.38 -75.54 112.71
C VAL TA 396 -20.31 -75.72 111.18
N LEU TA 397 -20.98 -74.82 110.45
CA LEU TA 397 -21.10 -74.79 108.98
C LEU TA 397 -20.91 -73.36 108.47
N VAL TA 398 -20.24 -73.17 107.33
CA VAL TA 398 -19.71 -71.89 106.84
C VAL TA 398 -20.08 -71.65 105.37
N ASP TA 399 -20.32 -70.40 104.97
CA ASP TA 399 -20.57 -69.99 103.57
C ASP TA 399 -19.63 -68.86 103.14
N TYR TA 400 -19.19 -68.87 101.88
CA TYR TA 400 -18.26 -67.92 101.27
C TYR TA 400 -18.17 -68.12 99.76
N THR TA 401 -17.58 -67.18 99.01
CA THR TA 401 -16.99 -67.51 97.70
C THR TA 401 -15.48 -67.41 97.69
N TYR TA 402 -14.90 -68.13 96.74
CA TYR TA 402 -13.47 -68.19 96.45
C TYR TA 402 -13.31 -68.24 94.94
N TYR TA 403 -12.22 -67.67 94.45
CA TYR TA 403 -11.95 -67.65 93.02
C TYR TA 403 -11.61 -69.02 92.44
N LEU TA 404 -11.77 -69.17 91.13
CA LEU TA 404 -11.67 -70.43 90.39
C LEU TA 404 -10.59 -70.35 89.34
N ALA TA 405 -9.96 -71.46 88.98
CA ALA TA 405 -9.24 -71.50 87.70
C ALA TA 405 -10.27 -71.40 86.56
N ARG TA 406 -9.80 -71.19 85.33
CA ARG TA 406 -10.62 -71.18 84.12
C ARG TA 406 -9.79 -71.73 82.98
N LYS TA 407 -10.24 -72.80 82.33
CA LYS TA 407 -9.33 -73.64 81.52
C LYS TA 407 -9.11 -73.08 80.12
N ASP TA 408 -8.51 -71.90 80.12
CA ASP TA 408 -8.30 -71.08 78.96
C ASP TA 408 -7.33 -71.73 77.99
N SER TA 409 -7.34 -71.25 76.74
CA SER TA 409 -6.34 -71.60 75.73
C SER TA 409 -6.21 -70.47 74.71
N VAL TA 410 -4.99 -70.08 74.31
CA VAL TA 410 -4.80 -69.53 72.97
C VAL TA 410 -5.26 -70.63 72.00
N PHE TA 411 -6.34 -70.39 71.27
CA PHE TA 411 -6.77 -71.23 70.19
C PHE TA 411 -6.46 -70.45 68.91
N ILE TA 412 -5.88 -71.13 67.91
CA ILE TA 412 -5.08 -70.43 66.88
C ILE TA 412 -5.13 -71.13 65.50
N ASN TA 413 -5.15 -70.36 64.41
CA ASN TA 413 -5.80 -70.81 63.18
C ASN TA 413 -4.96 -70.91 61.88
N LYS TA 414 -5.64 -70.96 60.71
CA LYS TA 414 -5.13 -71.06 59.31
C LYS TA 414 -4.04 -70.09 58.85
N TYR TA 415 -3.85 -68.97 59.55
CA TYR TA 415 -2.64 -68.13 59.46
C TYR TA 415 -2.00 -67.84 60.83
N GLY TA 416 -2.56 -68.37 61.90
CA GLY TA 416 -2.13 -68.17 63.28
C GLY TA 416 -2.75 -66.95 63.94
N ASP TA 417 -3.86 -66.45 63.40
CA ASP TA 417 -4.75 -65.55 64.14
C ASP TA 417 -5.37 -66.32 65.31
N ILE TA 418 -5.66 -65.61 66.40
CA ILE TA 418 -6.03 -66.22 67.68
C ILE TA 418 -7.49 -65.93 68.04
N ALA TA 419 -8.24 -66.98 68.33
CA ALA TA 419 -9.42 -66.93 69.20
C ALA TA 419 -9.01 -67.43 70.60
N ILE TA 420 -8.78 -66.55 71.60
CA ILE TA 420 -8.47 -67.04 72.95
C ILE TA 420 -9.74 -67.60 73.59
N LEU TA 421 -9.72 -68.89 73.93
CA LEU TA 421 -10.69 -69.57 74.78
C LEU TA 421 -10.54 -69.07 76.23
N PRO TA 422 -11.53 -68.38 76.82
CA PRO TA 422 -11.69 -68.46 78.26
C PRO TA 422 -12.39 -69.80 78.49
N GLY TA 423 -11.77 -70.71 79.25
CA GLY TA 423 -12.35 -72.00 79.57
C GLY TA 423 -13.65 -71.85 80.37
N GLU TA 424 -14.30 -72.95 80.72
CA GLU TA 424 -15.25 -72.84 81.82
C GLU TA 424 -14.51 -72.65 83.15
N PRO TA 425 -15.05 -71.86 84.10
CA PRO TA 425 -14.38 -71.51 85.35
C PRO TA 425 -14.79 -72.45 86.49
N ASN TA 426 -13.82 -73.10 87.10
CA ASN TA 426 -13.98 -74.11 88.16
C ASN TA 426 -12.66 -74.24 88.95
N ILE TA 427 -12.69 -74.85 90.13
CA ILE TA 427 -11.48 -75.49 90.69
C ILE TA 427 -11.01 -76.58 89.70
N MET TA 428 -9.80 -77.08 89.91
CA MET TA 428 -9.13 -77.92 88.91
C MET TA 428 -9.86 -79.22 88.53
N ARG TA 429 -10.84 -79.69 89.33
CA ARG TA 429 -11.67 -80.87 89.03
C ARG TA 429 -12.43 -80.76 87.71
N LEU TA 430 -13.09 -79.63 87.47
CA LEU TA 430 -14.06 -79.48 86.36
C LEU TA 430 -13.73 -78.36 85.36
N VAL TA 431 -12.60 -77.69 85.56
CA VAL TA 431 -12.14 -76.61 84.70
C VAL TA 431 -11.78 -77.22 83.31
N THR TA 432 -12.47 -76.81 82.23
CA THR TA 432 -12.69 -77.60 80.97
C THR TA 432 -11.47 -78.26 80.28
N PRO TA 433 -11.37 -79.61 80.23
CA PRO TA 433 -10.21 -80.29 79.65
C PRO TA 433 -10.19 -80.35 78.10
N PRO TA 434 -9.01 -80.55 77.47
CA PRO TA 434 -8.82 -80.48 76.02
C PRO TA 434 -9.46 -81.63 75.19
N LEU TA 435 -10.56 -81.35 74.48
CA LEU TA 435 -11.17 -82.26 73.48
C LEU TA 435 -11.98 -81.42 72.42
N ASN TA 436 -11.48 -80.24 72.02
CA ASN TA 436 -12.30 -79.10 71.54
C ASN TA 436 -12.85 -79.18 70.09
N THR TA 437 -13.91 -78.40 69.82
CA THR TA 437 -14.81 -78.48 68.64
C THR TA 437 -14.61 -77.41 67.54
N ASP TA 438 -13.62 -76.50 67.65
CA ASP TA 438 -13.35 -75.53 66.58
C ASP TA 438 -12.42 -76.12 65.51
N PRO TA 439 -12.85 -76.22 64.24
CA PRO TA 439 -11.98 -76.61 63.15
C PRO TA 439 -10.95 -75.52 62.76
N GLU TA 440 -11.27 -74.24 62.94
CA GLU TA 440 -10.39 -73.13 62.56
C GLU TA 440 -9.17 -73.06 63.49
N ASN TA 441 -9.42 -73.15 64.82
CA ASN TA 441 -8.46 -72.89 65.87
C ASN TA 441 -7.95 -74.16 66.61
N LEU TA 442 -6.63 -74.26 66.77
CA LEU TA 442 -5.91 -75.48 67.13
C LEU TA 442 -5.95 -75.84 68.63
N GLN TA 443 -6.22 -77.13 68.93
CA GLN TA 443 -5.93 -77.78 70.22
C GLN TA 443 -4.43 -78.03 70.41
N LEU TA 444 -3.76 -76.93 70.75
CA LEU TA 444 -2.54 -76.95 71.56
C LEU TA 444 -2.96 -77.42 72.98
N GLY TA 445 -2.29 -77.00 74.06
CA GLY TA 445 -2.75 -77.25 75.43
C GLY TA 445 -3.74 -76.25 76.04
N THR TA 446 -3.53 -75.89 77.31
CA THR TA 446 -4.36 -74.89 78.02
C THR TA 446 -3.53 -73.85 78.77
N VAL TA 447 -3.91 -72.58 78.61
CA VAL TA 447 -3.45 -71.38 79.31
C VAL TA 447 -4.05 -71.29 80.71
N THR TA 448 -5.20 -71.90 80.96
CA THR TA 448 -5.74 -72.28 82.27
C THR TA 448 -5.94 -71.20 83.35
N VAL TA 449 -5.93 -69.93 82.96
CA VAL TA 449 -6.19 -68.73 83.78
C VAL TA 449 -6.63 -68.98 85.24
N LEU TA 450 -5.70 -68.78 86.18
CA LEU TA 450 -5.87 -69.06 87.61
C LEU TA 450 -6.90 -68.21 88.37
N PRO TA 451 -7.35 -68.69 89.55
CA PRO TA 451 -8.19 -67.90 90.46
C PRO TA 451 -7.59 -66.54 90.78
N ASP TA 452 -8.43 -65.53 90.67
CA ASP TA 452 -8.08 -64.13 90.87
C ASP TA 452 -6.90 -63.68 89.97
N SER TA 453 -6.57 -64.47 88.94
CA SER TA 453 -5.25 -64.47 88.31
C SER TA 453 -5.26 -65.06 86.87
N ASP TA 454 -4.16 -65.66 86.42
CA ASP TA 454 -3.77 -65.71 85.01
C ASP TA 454 -3.23 -67.05 84.47
N GLU TA 455 -2.81 -68.00 85.31
CA GLU TA 455 -1.76 -68.97 84.91
C GLU TA 455 -2.15 -70.42 84.53
N ALA TA 456 -1.23 -71.13 83.84
CA ALA TA 456 -1.47 -72.36 83.04
C ALA TA 456 -1.14 -73.71 83.72
N VAL TA 457 -2.01 -74.71 83.54
CA VAL TA 457 -1.82 -76.14 83.93
C VAL TA 457 -2.61 -77.06 82.99
N CYS TA 458 -2.08 -78.21 82.60
CA CYS TA 458 -2.75 -79.12 81.65
C CYS TA 458 -2.46 -80.59 81.94
N ILE TA 459 -2.52 -80.99 83.21
CA ILE TA 459 -2.51 -82.40 83.62
C ILE TA 459 -3.90 -82.98 83.26
N SER TA 460 -4.08 -83.36 81.99
CA SER TA 460 -5.39 -83.56 81.31
C SER TA 460 -5.23 -84.37 80.00
N PHE TA 461 -6.32 -84.86 79.41
CA PHE TA 461 -6.28 -85.50 78.08
C PHE TA 461 -5.99 -84.52 76.94
N ALA TA 462 -5.61 -85.02 75.76
CA ALA TA 462 -5.13 -84.20 74.64
C ALA TA 462 -5.28 -84.94 73.29
N ILE TA 463 -5.09 -84.19 72.20
CA ILE TA 463 -5.07 -84.63 70.79
C ILE TA 463 -3.88 -83.95 70.09
N THR TA 464 -3.27 -84.59 69.08
CA THR TA 464 -2.21 -84.03 68.22
C THR TA 464 -2.11 -84.75 66.84
N ARG TA 465 -1.61 -84.08 65.79
CA ARG TA 465 -1.49 -84.64 64.42
C ARG TA 465 -0.66 -85.94 64.36
N LEU TA 466 -1.07 -86.94 63.58
CA LEU TA 466 -0.50 -88.30 63.49
C LEU TA 466 -0.22 -88.98 64.84
N SER TA 467 -0.76 -88.40 65.91
CA SER TA 467 -0.23 -88.42 67.27
C SER TA 467 1.29 -88.48 67.38
N MET TA 468 1.98 -87.43 66.93
CA MET TA 468 3.33 -87.11 67.43
C MET TA 468 3.41 -87.20 68.96
N GLU TA 469 2.31 -86.86 69.65
CA GLU TA 469 2.12 -87.05 71.08
C GLU TA 469 2.36 -88.52 71.47
N ASP TA 470 1.68 -89.49 70.86
CA ASP TA 470 1.97 -90.92 71.08
C ASP TA 470 3.43 -91.26 70.75
N LEU TA 471 3.99 -90.70 69.70
CA LEU TA 471 5.37 -90.95 69.25
C LEU TA 471 6.44 -90.33 70.18
N GLN TA 472 6.04 -89.28 70.90
CA GLN TA 472 6.75 -88.77 72.08
C GLN TA 472 6.43 -89.56 73.36
N LYS TA 473 5.24 -90.15 73.56
CA LYS TA 473 5.02 -91.09 74.69
C LYS TA 473 6.06 -92.21 74.66
N VAL TA 474 6.40 -92.73 73.47
CA VAL TA 474 7.47 -93.71 73.28
C VAL TA 474 8.80 -93.17 73.81
N LYS TA 475 9.25 -92.01 73.31
CA LYS TA 475 10.45 -91.36 73.84
C LYS TA 475 10.37 -91.13 75.36
N THR TA 476 9.20 -90.70 75.86
CA THR TA 476 8.94 -90.40 77.28
C THR TA 476 9.07 -91.66 78.15
N ARG TA 477 8.43 -92.77 77.78
CA ARG TA 477 8.61 -94.06 78.46
C ARG TA 477 10.03 -94.60 78.32
N VAL TA 478 10.80 -94.17 77.32
CA VAL TA 478 12.25 -94.45 77.26
C VAL TA 478 13.07 -93.48 78.14
N ASP TA 479 12.55 -92.30 78.45
CA ASP TA 479 13.06 -91.52 79.57
C ASP TA 479 12.72 -92.20 80.92
N ASN TA 480 11.51 -92.74 81.13
CA ASN TA 480 11.23 -93.62 82.28
C ASN TA 480 12.17 -94.84 82.33
N LEU TA 481 12.39 -95.49 81.18
CA LEU TA 481 13.35 -96.59 81.04
C LEU TA 481 14.78 -96.13 81.40
N GLU TA 482 15.16 -94.88 81.16
CA GLU TA 482 16.43 -94.28 81.62
C GLU TA 482 16.45 -93.94 83.12
N TYR TA 483 15.33 -93.55 83.73
CA TYR TA 483 15.23 -93.44 85.21
C TYR TA 483 15.49 -94.81 85.83
N ASN TA 484 14.82 -95.81 85.27
CA ASN TA 484 14.95 -97.21 85.65
C ASN TA 484 16.37 -97.76 85.34
N GLN TA 485 17.02 -97.35 84.23
CA GLN TA 485 18.43 -97.64 83.93
C GLN TA 485 19.39 -97.04 84.97
N ALA TA 486 19.18 -95.79 85.43
CA ALA TA 486 19.95 -95.19 86.52
C ALA TA 486 19.71 -95.91 87.85
N VAL TA 487 18.45 -96.23 88.19
CA VAL TA 487 18.13 -97.06 89.36
C VAL TA 487 18.87 -98.39 89.31
N ASN TA 488 18.83 -99.11 88.19
CA ASN TA 488 19.51 -100.40 88.10
C ASN TA 488 21.04 -100.22 88.16
N ALA TA 489 21.63 -99.42 87.27
CA ALA TA 489 23.07 -99.24 87.22
C ALA TA 489 23.68 -98.68 88.52
N LEU TA 490 22.99 -97.79 89.24
CA LEU TA 490 23.49 -97.10 90.45
C LEU TA 490 23.00 -97.69 91.77
N ASP TA 491 21.76 -98.21 91.82
CA ASP TA 491 21.13 -98.69 93.04
C ASP TA 491 21.18 -100.21 93.15
N ASP TA 492 20.95 -100.97 92.07
CA ASP TA 492 21.53 -102.32 92.02
C ASP TA 492 23.08 -102.20 92.09
N GLY TA 493 23.66 -101.13 91.50
CA GLY TA 493 25.08 -100.74 91.68
C GLY TA 493 25.50 -100.70 93.15
N ALA TA 494 24.62 -100.19 94.00
CA ALA TA 494 24.81 -100.10 95.42
C ALA TA 494 24.50 -101.40 96.20
N MET TA 495 23.90 -102.41 95.56
CA MET TA 495 23.47 -103.72 96.12
C MET TA 495 22.78 -103.70 97.51
N GLU TA 496 23.47 -104.13 98.57
CA GLU TA 496 22.87 -104.68 99.80
C GLU TA 496 21.85 -105.81 99.48
N GLY TA 497 22.15 -106.60 98.43
CA GLY TA 497 21.19 -107.36 97.61
C GLY TA 497 21.42 -108.88 97.54
N GLN TA 498 20.93 -109.53 96.45
CA GLN TA 498 21.00 -110.98 96.13
C GLN TA 498 20.89 -111.79 97.44
N ASN TA 499 21.79 -112.75 97.66
CA ASN TA 499 22.20 -113.12 99.02
C ASN TA 499 23.61 -112.51 98.95
N PRO TA 500 23.89 -111.36 99.58
CA PRO TA 500 24.90 -110.38 99.18
C PRO TA 500 25.64 -110.63 97.84
N LEU TA 501 26.71 -111.42 97.77
CA LEU TA 501 27.32 -111.79 96.49
C LEU TA 501 27.62 -113.29 96.46
N THR TA 502 26.57 -114.10 96.63
CA THR TA 502 26.58 -115.54 96.32
C THR TA 502 26.84 -115.78 94.84
N LEU TA 503 25.90 -115.32 94.00
CA LEU TA 503 26.14 -115.08 92.58
C LEU TA 503 27.22 -114.01 92.43
N ARG TA 504 28.34 -114.39 91.83
CA ARG TA 504 29.49 -113.59 91.45
C ARG TA 504 29.24 -112.76 90.18
N SER TA 505 28.84 -113.42 89.09
CA SER TA 505 28.84 -112.84 87.74
C SER TA 505 27.96 -113.62 86.75
N VAL TA 506 27.66 -113.05 85.58
CA VAL TA 506 26.75 -113.63 84.58
C VAL TA 506 27.32 -113.51 83.15
N PHE TA 507 26.98 -114.48 82.31
CA PHE TA 507 27.11 -114.47 80.85
C PHE TA 507 25.72 -114.69 80.25
N SER TA 508 25.38 -114.02 79.15
CA SER TA 508 24.09 -114.20 78.45
C SER TA 508 24.26 -114.17 76.93
N GLU TA 509 23.40 -114.90 76.22
CA GLU TA 509 23.48 -115.12 74.78
C GLU TA 509 22.09 -115.37 74.20
N GLY TA 510 21.60 -114.43 73.37
CA GLY TA 510 20.36 -114.62 72.62
C GLY TA 510 20.52 -115.60 71.44
N PHE TA 511 21.75 -116.01 71.13
CA PHE TA 511 22.21 -116.52 69.84
C PHE TA 511 22.19 -115.40 68.79
N ILE TA 512 22.75 -114.24 69.16
CA ILE TA 512 22.64 -112.99 68.37
C ILE TA 512 23.90 -112.11 68.34
N SER TA 513 24.81 -112.14 69.33
CA SER TA 513 25.87 -111.11 69.43
C SER TA 513 27.27 -111.64 69.08
N LEU TA 514 27.96 -110.96 68.15
CA LEU TA 514 29.27 -111.40 67.64
C LEU TA 514 30.32 -111.51 68.74
N ASP TA 515 30.22 -110.65 69.75
CA ASP TA 515 31.10 -110.59 70.92
C ASP TA 515 30.83 -111.66 71.99
N LYS TA 516 29.73 -112.42 71.90
CA LYS TA 516 29.44 -113.52 72.80
C LYS TA 516 29.48 -114.86 72.07
N ALA TA 517 29.28 -114.89 70.75
CA ALA TA 517 29.70 -116.01 69.89
C ALA TA 517 31.21 -116.21 69.94
N ASP TA 518 31.67 -117.43 70.21
CA ASP TA 518 33.06 -117.80 69.95
C ASP TA 518 33.26 -118.58 68.65
N ILE TA 519 33.12 -117.88 67.54
CA ILE TA 519 33.60 -118.33 66.24
C ILE TA 519 35.12 -118.57 66.18
N THR TA 520 35.92 -118.08 67.13
CA THR TA 520 37.36 -118.38 67.24
C THR TA 520 37.60 -119.78 67.81
N HIS TA 521 36.55 -120.38 68.38
CA HIS TA 521 36.32 -121.82 68.44
C HIS TA 521 35.57 -122.19 67.14
N PRO TA 522 36.25 -122.43 66.00
CA PRO TA 522 35.58 -122.66 64.72
C PRO TA 522 34.80 -123.98 64.69
N ASP TA 523 34.85 -124.73 65.79
CA ASP TA 523 33.86 -125.67 66.30
C ASP TA 523 32.39 -125.21 66.09
N PHE TA 524 32.16 -123.89 65.96
CA PHE TA 524 30.93 -123.12 65.70
C PHE TA 524 30.18 -123.52 64.41
N GLY TA 525 29.91 -124.82 64.21
CA GLY TA 525 29.11 -125.40 63.11
C GLY TA 525 27.62 -125.08 63.25
N ILE TA 526 27.30 -123.84 63.61
CA ILE TA 526 25.99 -123.34 63.99
C ILE TA 526 25.74 -121.98 63.33
N VAL TA 527 24.48 -121.58 63.17
CA VAL TA 527 24.09 -120.28 62.59
C VAL TA 527 23.00 -119.58 63.42
N PHE TA 528 23.21 -118.30 63.73
CA PHE TA 528 22.32 -117.42 64.52
C PHE TA 528 21.10 -116.90 63.72
N SER TA 529 20.04 -116.50 64.42
CA SER TA 529 19.03 -115.53 63.97
C SER TA 529 18.95 -114.37 64.95
N PHE TA 530 19.16 -113.15 64.44
CA PHE TA 530 19.72 -112.06 65.24
C PHE TA 530 18.71 -111.13 65.93
N GLU TA 531 17.45 -111.14 65.49
CA GLU TA 531 16.34 -110.49 66.22
C GLU TA 531 15.16 -111.43 66.57
N ASP TA 532 15.09 -112.61 65.92
CA ASP TA 532 14.32 -113.76 66.43
C ASP TA 532 14.90 -114.27 67.78
N ALA TA 533 16.25 -114.24 67.91
CA ALA TA 533 17.07 -114.78 69.00
C ALA TA 533 17.05 -116.32 69.10
N GLU TA 534 17.73 -116.98 68.16
CA GLU TA 534 17.81 -118.45 68.02
C GLU TA 534 19.09 -118.88 67.28
N ALA TA 535 19.48 -120.15 67.38
CA ALA TA 535 20.37 -120.81 66.43
C ALA TA 535 19.95 -122.25 66.13
N THR TA 536 20.58 -122.79 65.08
CA THR TA 536 20.60 -124.23 64.75
C THR TA 536 21.93 -124.63 64.10
N LEU TA 537 22.05 -125.84 63.56
CA LEU TA 537 23.22 -126.31 62.81
C LEU TA 537 23.49 -125.45 61.54
N ALA TA 538 24.76 -125.17 61.25
CA ALA TA 538 25.18 -124.43 60.06
C ALA TA 538 24.85 -125.18 58.77
N TYR TA 539 24.73 -124.44 57.66
CA TYR TA 539 24.29 -125.01 56.38
C TYR TA 539 25.12 -124.59 55.16
N THR TA 540 25.46 -125.61 54.38
CA THR TA 540 26.18 -125.65 53.10
C THR TA 540 25.38 -124.97 51.99
N GLU TA 541 25.86 -123.85 51.44
CA GLU TA 541 25.16 -123.04 50.43
C GLU TA 541 25.22 -123.67 49.01
N ALA TA 542 24.56 -124.83 48.86
CA ALA TA 542 24.45 -125.65 47.64
C ALA TA 542 23.58 -125.03 46.51
N VAL TA 543 23.79 -123.75 46.16
CA VAL TA 543 22.89 -122.90 45.33
C VAL TA 543 22.36 -123.62 44.08
N ASN TA 544 21.07 -123.43 43.79
CA ASN TA 544 20.54 -123.51 42.44
C ASN TA 544 20.10 -122.14 41.94
N GLN TA 545 20.70 -121.69 40.84
CA GLN TA 545 20.06 -120.78 39.91
C GLN TA 545 19.26 -121.59 38.87
N PRO TA 546 17.91 -121.67 38.90
CA PRO TA 546 17.14 -122.56 38.01
C PRO TA 546 17.40 -122.33 36.52
N LYS TA 547 17.31 -123.42 35.74
CA LYS TA 547 17.70 -123.48 34.33
C LYS TA 547 16.53 -123.98 33.48
N ILE TA 548 16.36 -123.54 32.24
CA ILE TA 548 15.06 -123.60 31.52
C ILE TA 548 14.97 -124.78 30.54
N ILE TA 549 13.88 -125.58 30.61
CA ILE TA 549 13.51 -126.45 29.49
C ILE TA 549 12.87 -125.56 28.41
N PRO TA 550 13.43 -125.51 27.19
CA PRO TA 550 13.10 -124.50 26.17
C PRO TA 550 11.61 -124.26 25.84
N GLY TA 551 11.00 -124.86 24.81
CA GLY TA 551 9.64 -124.48 24.39
C GLY TA 551 8.58 -124.72 25.46
N ASP TA 552 8.83 -125.72 26.28
CA ASP TA 552 8.12 -126.08 27.50
C ASP TA 552 7.98 -124.86 28.41
N THR TA 553 9.07 -124.12 28.60
CA THR TA 553 9.05 -122.73 29.04
C THR TA 553 8.54 -121.85 27.91
N THR TA 554 7.21 -121.75 27.78
CA THR TA 554 6.60 -120.88 26.77
C THR TA 554 6.92 -119.38 26.99
N ALA TA 555 7.40 -118.97 28.17
CA ALA TA 555 7.86 -117.59 28.41
C ALA TA 555 8.95 -117.11 27.43
N HIS TA 556 8.68 -116.03 26.69
CA HIS TA 556 9.70 -115.36 25.90
C HIS TA 556 10.73 -114.68 26.81
N ILE TA 557 12.01 -114.90 26.54
CA ILE TA 557 13.10 -114.27 27.30
C ILE TA 557 13.70 -113.12 26.52
N TRP TA 558 13.90 -112.01 27.22
CA TRP TA 558 14.32 -110.72 26.70
C TRP TA 558 15.58 -110.28 27.42
N GLY TA 559 16.74 -110.61 26.85
CA GLY TA 559 18.02 -110.29 27.48
C GLY TA 559 18.10 -110.89 28.88
N ARG TA 560 18.43 -110.06 29.89
CA ARG TA 560 18.52 -110.51 31.28
C ARG TA 560 17.16 -110.87 31.91
N LEU TA 561 16.00 -110.43 31.37
CA LEU TA 561 14.68 -110.59 32.00
C LEU TA 561 13.67 -111.46 31.17
N ILE TA 562 12.67 -112.05 31.83
CA ILE TA 562 11.85 -113.14 31.27
C ILE TA 562 10.36 -112.82 31.37
N SER TA 563 9.61 -113.02 30.29
CA SER TA 563 8.21 -112.60 30.14
C SER TA 563 7.36 -113.70 29.49
N ALA TA 564 6.03 -113.63 29.45
CA ALA TA 564 5.20 -114.62 28.79
C ALA TA 564 5.50 -114.83 27.29
N PRO TA 565 4.98 -115.90 26.66
CA PRO TA 565 4.90 -115.95 25.20
C PRO TA 565 4.07 -114.75 24.73
N PHE TA 566 4.40 -114.16 23.58
CA PHE TA 566 3.63 -113.04 23.01
C PHE TA 566 3.56 -113.11 21.48
N THR TA 567 2.58 -112.37 20.97
CA THR TA 567 2.43 -112.00 19.56
C THR TA 567 2.91 -110.57 19.39
N GLU TA 568 3.83 -110.34 18.46
CA GLU TA 568 4.42 -109.02 18.27
C GLU TA 568 3.45 -108.15 17.46
N GLU TA 569 2.99 -107.05 18.05
CA GLU TA 569 1.70 -106.46 17.68
C GLU TA 569 1.76 -104.92 17.53
N ARG TA 570 1.54 -104.43 16.30
CA ARG TA 570 1.56 -103.02 15.85
C ARG TA 570 0.44 -102.14 16.46
N THR TA 571 0.51 -101.90 17.75
CA THR TA 571 -0.35 -100.94 18.47
C THR TA 571 -0.43 -99.53 17.88
N ILE TA 572 0.58 -99.09 17.12
CA ILE TA 572 0.66 -97.74 16.55
C ILE TA 572 0.99 -97.87 15.07
N TYR TA 573 0.28 -97.15 14.20
CA TYR TA 573 0.85 -96.80 12.92
C TYR TA 573 0.44 -95.40 12.46
N GLN TA 574 1.42 -94.64 11.98
CA GLN TA 574 1.18 -93.48 11.13
C GLN TA 574 2.13 -93.51 9.91
N GLY TA 575 1.54 -93.17 8.76
CA GLY TA 575 2.18 -93.35 7.47
C GLY TA 575 2.74 -92.06 6.87
N GLN TA 576 2.25 -90.91 7.31
CA GLN TA 576 2.36 -89.67 6.57
C GLN TA 576 3.81 -89.21 6.41
N ALA TA 577 4.10 -88.55 5.29
CA ALA TA 577 5.42 -88.04 4.95
C ALA TA 577 5.33 -86.57 4.53
N SER TA 578 6.27 -85.73 4.99
CA SER TA 578 6.33 -84.27 4.81
C SER TA 578 7.48 -83.65 5.67
N GLU TA 579 8.37 -82.86 5.06
CA GLU TA 579 9.45 -82.10 5.70
C GLU TA 579 10.40 -82.87 6.65
N THR TA 580 11.49 -83.48 6.16
CA THR TA 580 12.64 -83.84 7.03
C THR TA 580 14.01 -83.67 6.39
N LEU TA 581 15.02 -83.65 7.27
CA LEU TA 581 16.40 -83.31 7.00
C LEU TA 581 17.27 -84.60 7.02
N ASN TA 582 18.04 -84.83 8.07
CA ASN TA 582 18.96 -85.97 8.18
C ASN TA 582 19.29 -86.25 9.68
N VAL TA 583 19.86 -87.41 10.06
CA VAL TA 583 19.74 -87.83 11.47
C VAL TA 583 20.88 -87.33 12.37
N ASN TA 584 21.99 -86.85 11.81
CA ASN TA 584 22.90 -85.96 12.53
C ASN TA 584 23.49 -84.94 11.54
N PRO TA 585 22.79 -83.83 11.27
CA PRO TA 585 23.22 -82.80 10.33
C PRO TA 585 24.36 -81.95 10.90
N TYR TA 586 24.53 -81.94 12.21
CA TYR TA 586 25.73 -81.43 12.88
C TYR TA 586 26.94 -82.37 12.64
N ASN TA 587 26.65 -83.64 12.33
CA ASN TA 587 27.52 -84.80 12.10
C ASN TA 587 28.57 -85.01 13.21
N ILE TA 588 28.25 -84.64 14.46
CA ILE TA 588 29.18 -84.67 15.60
C ILE TA 588 28.82 -85.80 16.59
N PRO TA 589 29.75 -86.72 16.92
CA PRO TA 589 29.46 -87.99 17.63
C PRO TA 589 29.81 -88.05 19.13
N ASN TA 590 29.54 -89.21 19.73
CA ASN TA 590 30.24 -89.80 20.88
C ASN TA 590 30.07 -91.32 20.84
N LYS TA 591 31.16 -92.06 21.07
CA LYS TA 591 31.20 -93.53 21.04
C LYS TA 591 30.86 -94.16 22.40
N GLN TA 592 29.70 -93.82 22.95
CA GLN TA 592 29.02 -94.66 23.92
C GLN TA 592 28.34 -95.84 23.19
N GLY TA 593 29.02 -96.97 23.14
CA GLY TA 593 28.46 -98.24 22.71
C GLY TA 593 27.44 -98.77 23.72
N VAL TA 594 26.94 -100.00 23.52
CA VAL TA 594 25.83 -100.63 24.30
C VAL TA 594 26.27 -102.00 24.81
N LEU TA 595 26.06 -102.36 26.09
CA LEU TA 595 26.75 -103.50 26.72
C LEU TA 595 25.89 -104.27 27.74
N LYS TA 596 26.08 -105.59 27.81
CA LYS TA 596 25.43 -106.51 28.75
C LYS TA 596 26.44 -107.24 29.60
N LEU TA 597 26.32 -107.18 30.92
CA LEU TA 597 26.81 -108.28 31.75
C LEU TA 597 25.85 -109.45 31.60
N THR TA 598 26.41 -110.65 31.71
CA THR TA 598 25.83 -111.88 31.18
C THR TA 598 26.33 -113.06 32.04
N PRO TA 599 25.90 -113.25 33.32
CA PRO TA 599 24.77 -112.64 34.07
C PRO TA 599 24.94 -111.18 34.53
N SER TA 600 23.84 -110.54 34.92
CA SER TA 600 23.78 -109.11 35.26
C SER TA 600 22.93 -108.80 36.51
N GLU TA 601 22.48 -109.82 37.24
CA GLU TA 601 21.80 -109.76 38.55
C GLU TA 601 22.19 -111.00 39.37
N ASP TA 602 21.86 -111.12 40.67
CA ASP TA 602 22.26 -112.31 41.44
C ASP TA 602 21.38 -112.65 42.65
N ASN TA 603 21.30 -113.96 42.95
CA ASN TA 603 21.08 -114.49 44.30
C ASN TA 603 22.11 -115.57 44.57
N TRP TA 604 22.70 -115.50 45.76
CA TRP TA 604 23.92 -116.20 46.15
C TRP TA 604 24.07 -116.08 47.68
N ILE TA 605 25.10 -116.73 48.25
CA ILE TA 605 25.70 -116.32 49.53
C ILE TA 605 27.22 -116.16 49.34
N ASP TA 606 27.79 -115.09 49.90
CA ASP TA 606 29.24 -114.86 49.99
C ASP TA 606 29.60 -114.69 51.48
N THR TA 607 30.63 -115.41 51.95
CA THR TA 607 30.74 -115.85 53.34
C THR TA 607 32.03 -115.36 54.00
N GLU TA 608 31.86 -114.52 55.02
CA GLU TA 608 32.81 -114.42 56.14
C GLU TA 608 32.49 -115.51 57.20
N ASN TA 609 31.21 -115.94 57.29
CA ASN TA 609 30.65 -116.96 58.19
C ASN TA 609 31.60 -118.16 58.42
N LEU TA 678 19.53 -107.15 63.04
CA LEU TA 678 18.13 -107.23 62.53
C LEU TA 678 17.89 -108.56 61.80
N GLU TA 679 17.04 -108.61 60.75
CA GLU TA 679 17.08 -109.61 59.67
C GLU TA 679 17.43 -108.91 58.33
N GLU TA 680 18.48 -109.36 57.62
CA GLU TA 680 19.29 -108.48 56.76
C GLU TA 680 19.80 -109.14 55.45
N MET TA 681 20.18 -108.30 54.47
CA MET TA 681 20.84 -108.67 53.20
C MET TA 681 22.34 -108.96 53.39
N ILE TA 682 23.07 -109.23 52.29
CA ILE TA 682 24.39 -109.86 52.34
C ILE TA 682 25.52 -108.83 52.24
N GLU TA 683 26.47 -108.93 53.17
CA GLU TA 683 27.67 -108.10 53.32
C GLU TA 683 28.56 -108.01 52.06
N PHE TA 684 28.49 -108.98 51.15
CA PHE TA 684 29.34 -109.09 49.96
C PHE TA 684 28.57 -109.68 48.76
N ILE TA 685 28.70 -109.17 47.52
CA ILE TA 685 28.37 -109.95 46.31
C ILE TA 685 29.54 -110.89 45.99
N ARG TA 686 29.21 -112.17 45.73
CA ARG TA 686 30.21 -113.17 45.34
C ARG TA 686 31.02 -112.76 44.11
N ILE TA 687 32.24 -113.27 44.08
CA ILE TA 687 33.14 -113.33 42.94
C ILE TA 687 32.58 -114.38 41.94
N ARG TA 688 31.43 -114.06 41.33
CA ARG TA 688 30.87 -114.79 40.16
C ARG TA 688 31.74 -114.50 38.94
N ASP TA 689 31.87 -115.43 38.00
CA ASP TA 689 32.23 -115.06 36.63
C ASP TA 689 31.09 -114.32 35.96
N VAL TA 690 31.43 -113.39 35.09
CA VAL TA 690 30.47 -112.60 34.32
C VAL TA 690 30.95 -112.54 32.88
N SER TA 691 30.25 -113.25 31.98
CA SER TA 691 30.39 -113.02 30.55
C SER TA 691 29.80 -111.67 30.17
N PHE TA 692 30.15 -111.15 29.00
CA PHE TA 692 29.61 -109.88 28.55
C PHE TA 692 29.64 -109.78 27.02
N GLU TA 693 28.86 -108.83 26.51
CA GLU TA 693 28.96 -108.32 25.15
C GLU TA 693 28.81 -106.79 25.15
N VAL TA 694 29.65 -106.09 24.37
CA VAL TA 694 29.50 -104.69 24.00
C VAL TA 694 29.33 -104.58 22.49
N LYS TA 695 28.60 -103.57 22.01
CA LYS TA 695 28.34 -103.17 20.61
C LYS TA 695 28.69 -101.71 20.39
N GLY TA 696 28.80 -101.29 19.12
CA GLY TA 696 28.73 -99.89 18.72
C GLY TA 696 29.96 -99.01 19.03
N LEU TA 697 31.03 -99.60 19.55
CA LEU TA 697 32.33 -98.91 19.71
C LEU TA 697 32.94 -98.60 18.30
N ASN TA 698 34.17 -98.10 18.22
CA ASN TA 698 34.80 -97.83 16.91
C ASN TA 698 35.14 -99.12 16.14
N PRO TA 699 35.31 -99.06 14.80
CA PRO TA 699 35.73 -100.21 14.00
C PRO TA 699 37.12 -100.76 14.40
N ASN TA 700 37.14 -101.98 14.92
CA ASN TA 700 38.30 -102.64 15.53
C ASN TA 700 39.01 -101.75 16.56
N ASP TA 701 38.21 -101.13 17.44
CA ASP TA 701 38.69 -100.39 18.60
C ASP TA 701 39.45 -101.31 19.57
N ASN TA 702 40.38 -100.74 20.34
CA ASN TA 702 41.54 -101.44 20.92
C ASN TA 702 41.83 -101.00 22.37
N ASN TA 703 42.58 -101.78 23.16
CA ASN TA 703 42.86 -101.47 24.57
C ASN TA 703 41.60 -101.28 25.41
N LEU TA 704 40.49 -101.94 25.06
CA LEU TA 704 39.21 -101.76 25.74
C LEU TA 704 39.27 -102.45 27.12
N TYR TA 705 39.62 -101.71 28.16
CA TYR TA 705 39.68 -102.17 29.54
C TYR TA 705 38.29 -102.27 30.16
N LEU TA 706 38.08 -103.37 30.89
CA LEU TA 706 36.89 -103.56 31.70
C LEU TA 706 37.13 -102.97 33.09
N LEU TA 707 36.13 -102.25 33.56
CA LEU TA 707 36.14 -101.39 34.72
C LEU TA 707 34.91 -101.69 35.57
N PHE TA 708 34.94 -102.81 36.31
CA PHE TA 708 33.89 -103.15 37.25
C PHE TA 708 33.80 -102.09 38.34
N ASP TA 709 32.66 -101.44 38.50
CA ASP TA 709 32.45 -100.29 39.39
C ASP TA 709 33.49 -99.17 39.13
N GLY TA 710 33.92 -99.05 37.87
CA GLY TA 710 35.02 -98.18 37.46
C GLY TA 710 36.43 -98.73 37.77
N VAL TA 711 36.55 -99.81 38.55
CA VAL TA 711 37.79 -100.52 38.91
C VAL TA 711 38.22 -101.50 37.85
N ARG TA 712 39.46 -101.40 37.39
CA ARG TA 712 40.02 -102.29 36.36
C ARG TA 712 39.96 -103.76 36.79
N CYS TA 713 39.42 -104.60 35.89
CA CYS TA 713 39.31 -106.05 36.03
C CYS TA 713 39.70 -106.73 34.69
N ALA TA 714 39.95 -108.04 34.71
CA ALA TA 714 40.63 -108.74 33.62
C ALA TA 714 39.71 -109.41 32.61
N ILE TA 715 39.73 -108.94 31.36
CA ILE TA 715 38.94 -109.52 30.28
C ILE TA 715 39.59 -110.81 29.78
N THR TA 716 38.76 -111.82 29.55
CA THR TA 716 38.98 -112.92 28.61
C THR TA 716 38.60 -112.48 27.20
N PRO TA 717 39.53 -112.13 26.29
CA PRO TA 717 39.16 -111.74 24.93
C PRO TA 717 38.64 -112.99 24.20
N ALA TA 718 37.36 -113.02 23.83
CA ALA TA 718 36.81 -114.13 23.08
C ALA TA 718 37.25 -114.00 21.61
N THR TA 719 38.37 -114.63 21.26
CA THR TA 719 39.11 -114.48 19.99
C THR TA 719 38.21 -114.45 18.74
N GLY TA 720 38.52 -113.51 17.84
CA GLY TA 720 37.54 -112.87 16.93
C GLY TA 720 37.23 -111.49 17.52
N TYR TA 721 37.09 -111.47 18.84
CA TYR TA 721 37.38 -110.36 19.76
C TYR TA 721 38.66 -110.71 20.54
N ARG TA 722 39.80 -110.69 19.82
CA ARG TA 722 41.18 -110.91 20.34
C ARG TA 722 41.54 -109.83 21.37
N LYS TA 723 42.71 -109.93 22.04
CA LYS TA 723 43.14 -108.90 23.01
C LYS TA 723 43.07 -107.49 22.45
N GLY TA 724 42.81 -106.50 23.30
CA GLY TA 724 43.30 -105.16 23.04
C GLY TA 724 44.80 -105.17 23.39
N SER TA 725 45.61 -104.27 22.86
CA SER TA 725 47.07 -104.41 22.93
C SER TA 725 47.62 -104.49 24.36
N GLU TA 726 47.00 -103.75 25.28
CA GLU TA 726 47.06 -103.97 26.72
C GLU TA 726 46.33 -105.28 27.09
N ASP TA 727 46.93 -106.47 27.07
CA ASP TA 727 46.09 -107.69 27.20
C ASP TA 727 45.40 -107.79 28.58
N GLY TA 728 44.25 -108.46 28.61
CA GLY TA 728 43.24 -108.29 29.64
C GLY TA 728 42.30 -107.13 29.33
N THR TA 729 42.58 -106.33 28.31
CA THR TA 729 41.60 -105.60 27.51
C THR TA 729 41.24 -106.43 26.28
N ILE TA 730 40.33 -105.91 25.45
CA ILE TA 730 39.84 -106.55 24.23
C ILE TA 730 39.94 -105.59 23.03
N MET TA 731 39.91 -106.15 21.83
CA MET TA 731 39.75 -105.39 20.59
C MET TA 731 38.48 -105.83 19.90
N THR TA 732 37.71 -104.90 19.33
CA THR TA 732 36.42 -105.20 18.69
C THR TA 732 36.57 -105.77 17.29
N ASP TA 733 35.43 -106.16 16.71
CA ASP TA 733 35.27 -106.18 15.25
C ASP TA 733 35.05 -104.76 14.68
N ALA TA 734 34.88 -104.68 13.37
CA ALA TA 734 34.65 -103.46 12.64
C ALA TA 734 33.31 -102.76 12.97
N LYS TA 735 32.37 -103.38 13.69
CA LYS TA 735 31.12 -102.71 14.14
C LYS TA 735 31.27 -102.07 15.52
N GLY TA 736 32.41 -102.27 16.17
CA GLY TA 736 32.57 -101.91 17.57
C GLY TA 736 32.00 -102.94 18.54
N THR TA 737 31.87 -104.20 18.13
CA THR TA 737 31.44 -105.29 19.01
C THR TA 737 32.64 -105.89 19.71
N ALA TA 738 32.58 -106.20 21.00
CA ALA TA 738 33.56 -107.04 21.68
C ALA TA 738 32.86 -107.91 22.73
N LYS TA 739 33.38 -109.10 23.03
CA LYS TA 739 32.71 -110.08 23.90
C LYS TA 739 33.68 -110.98 24.63
N GLY TA 740 33.22 -111.61 25.70
CA GLY TA 740 34.01 -112.58 26.46
C GLY TA 740 33.51 -112.62 27.90
N LYS TA 741 34.41 -112.64 28.87
CA LYS TA 741 34.05 -112.54 30.29
C LYS TA 741 35.09 -111.82 31.13
N PHE TA 742 34.74 -111.51 32.35
CA PHE TA 742 35.67 -111.28 33.44
C PHE TA 742 35.10 -112.00 34.69
N THR TA 743 35.58 -111.67 35.88
CA THR TA 743 35.04 -112.15 37.16
C THR TA 743 34.86 -110.98 38.12
N ILE TA 744 33.75 -110.93 38.84
CA ILE TA 744 33.48 -109.91 39.88
C ILE TA 744 34.68 -109.91 40.87
N PRO TA 745 35.43 -108.81 41.04
CA PRO TA 745 36.47 -108.72 42.05
C PRO TA 745 35.90 -108.70 43.48
N ALA TA 746 36.77 -108.77 44.47
CA ALA TA 746 36.43 -109.21 45.82
C ALA TA 746 35.19 -108.55 46.48
N GLY TA 747 34.13 -109.33 46.64
CA GLY TA 747 33.12 -109.20 47.71
C GLY TA 747 32.39 -107.85 47.84
N ILE TA 748 32.14 -107.09 46.77
CA ILE TA 748 31.46 -105.81 46.95
C ILE TA 748 29.96 -106.01 47.16
N ARG TA 749 29.49 -105.80 48.40
CA ARG TA 749 28.17 -105.34 48.94
C ARG TA 749 26.90 -105.52 48.08
N CYS TA 750 25.73 -105.71 48.69
CA CYS TA 750 24.44 -105.76 47.98
C CYS TA 750 24.15 -104.48 47.14
N GLY TA 751 23.10 -104.46 46.33
CA GLY TA 751 22.86 -103.42 45.33
C GLY TA 751 23.69 -103.55 44.06
N ASN TA 752 23.50 -102.63 43.12
CA ASN TA 752 24.10 -102.71 41.79
C ASN TA 752 25.60 -102.43 41.80
N ARG TA 753 26.40 -103.35 41.29
CA ARG TA 753 27.70 -103.01 40.69
C ARG TA 753 27.40 -102.33 39.36
N GLU TA 754 28.03 -101.21 39.13
CA GLU TA 754 28.37 -100.74 37.79
C GLU TA 754 29.40 -101.72 37.20
N VAL TA 755 29.44 -101.90 35.88
CA VAL TA 755 30.65 -102.33 35.16
C VAL TA 755 30.71 -101.59 33.84
N THR TA 756 31.88 -101.10 33.47
CA THR TA 756 32.15 -100.45 32.18
C THR TA 756 33.11 -101.27 31.35
N LEU TA 757 32.94 -101.29 30.03
CA LEU TA 757 34.01 -101.67 29.10
C LEU TA 757 34.32 -100.43 28.26
N LYS TA 758 35.56 -99.96 28.24
CA LYS TA 758 35.96 -98.77 27.48
C LYS TA 758 37.44 -98.81 27.13
N ASN TA 759 37.85 -97.96 26.20
CA ASN TA 759 39.20 -97.43 26.14
C ASN TA 759 39.06 -95.88 26.10
N ALA TA 760 40.02 -95.14 25.58
CA ALA TA 760 39.83 -93.72 25.34
C ALA TA 760 38.87 -93.40 24.19
N ASN TA 761 38.84 -94.24 23.15
CA ASN TA 761 38.14 -93.94 21.90
C ASN TA 761 36.63 -94.27 21.96
N SER TA 762 36.23 -95.27 22.76
CA SER TA 762 34.83 -95.67 23.02
C SER TA 762 34.60 -96.15 24.46
N THR TA 763 33.34 -96.17 24.90
CA THR TA 763 32.92 -96.67 26.20
C THR TA 763 31.58 -97.38 26.14
N SER TA 764 31.27 -98.24 27.10
CA SER TA 764 29.90 -98.62 27.42
C SER TA 764 29.81 -99.08 28.87
N ALA TA 765 28.62 -99.05 29.46
CA ALA TA 765 28.40 -99.29 30.89
C ALA TA 765 27.16 -100.16 31.13
N THR TA 766 27.20 -101.02 32.16
CA THR TA 766 26.25 -102.12 32.33
C THR TA 766 26.18 -102.65 33.77
N THR TA 767 25.15 -103.44 34.08
CA THR TA 767 24.66 -103.68 35.46
C THR TA 767 25.04 -105.04 36.06
N TYR TA 768 25.42 -105.08 37.33
CA TYR TA 768 25.37 -106.30 38.14
C TYR TA 768 24.53 -106.13 39.43
N THR TA 769 23.25 -106.52 39.42
CA THR TA 769 22.26 -106.24 40.49
C THR TA 769 22.32 -107.20 41.70
N ALA TA 770 21.98 -106.72 42.92
CA ALA TA 770 21.85 -107.55 44.13
C ALA TA 770 20.92 -107.00 45.27
N GLN TA 771 20.33 -107.90 46.07
CA GLN TA 771 19.58 -107.69 47.34
C GLN TA 771 19.76 -108.97 48.22
N GLY TA 772 18.92 -109.29 49.22
CA GLY TA 772 18.79 -110.69 49.68
C GLY TA 772 18.06 -111.02 50.99
N ARG TA 773 17.40 -112.19 51.05
CA ARG TA 773 16.72 -112.72 52.25
C ARG TA 773 17.58 -113.84 52.85
N LYS TA 774 17.92 -113.70 54.15
CA LYS TA 774 18.53 -114.74 54.99
C LYS TA 774 18.22 -114.50 56.49
N LYS TA 775 18.14 -115.57 57.29
CA LYS TA 775 18.17 -115.64 58.78
C LYS TA 775 19.53 -115.16 59.37
N THR TA 776 19.90 -113.88 59.22
CA THR TA 776 21.18 -113.29 59.66
C THR TA 776 21.08 -111.75 59.78
N ALA TA 777 21.94 -111.09 60.59
CA ALA TA 777 22.12 -109.62 60.65
C ALA TA 777 23.44 -109.16 60.00
N GLN TA 778 24.53 -109.14 60.77
CA GLN TA 778 25.70 -108.28 60.55
C GLN TA 778 25.23 -106.83 60.30
N ASP TA 779 25.18 -106.39 59.04
CA ASP TA 779 24.26 -105.36 58.56
C ASP TA 779 23.87 -105.65 57.09
N ILE TA 780 22.77 -105.05 56.60
CA ILE TA 780 22.25 -105.19 55.23
C ILE TA 780 23.31 -104.92 54.11
N ILE TA 781 24.11 -103.84 54.23
CA ILE TA 781 25.35 -103.47 53.47
C ILE TA 781 25.26 -103.45 51.90
N ILE TA 782 25.17 -102.26 51.28
CA ILE TA 782 24.82 -102.03 49.85
C ILE TA 782 25.68 -100.95 49.14
N ARG TA 783 25.89 -101.02 47.80
CA ARG TA 783 26.52 -99.97 46.92
C ARG TA 783 25.97 -99.95 45.47
N THR TA 784 26.02 -98.82 44.73
CA THR TA 784 25.34 -98.70 43.38
C THR TA 784 25.94 -98.15 42.03
N ARG TA 785 25.10 -97.59 41.12
CA ARG TA 785 25.34 -97.41 39.65
C ARG TA 785 24.49 -96.27 39.00
N VAL TA 786 24.92 -95.70 37.84
CA VAL TA 786 24.15 -94.79 36.94
C VAL TA 786 24.23 -94.78 35.36
N THR TA 787 23.22 -94.24 34.64
CA THR TA 787 23.15 -94.21 33.13
C THR TA 787 22.46 -92.99 32.46
N VAL TA 788 23.26 -92.19 31.76
CA VAL TA 788 22.92 -91.00 30.94
C VAL TA 788 23.97 -90.88 29.83
N ASN TA 789 23.67 -90.25 28.67
CA ASN TA 789 24.68 -89.96 27.63
C ASN TA 789 24.27 -88.90 26.57
N LEU TA 790 25.18 -88.48 25.67
CA LEU TA 790 24.98 -87.37 24.70
C LEU TA 790 25.62 -87.65 23.30
N VAL TA 791 25.13 -87.04 22.20
CA VAL TA 791 25.83 -86.78 20.89
C VAL TA 791 25.28 -85.45 20.31
N ASP TA 792 25.26 -85.26 18.98
CA ASP TA 792 24.39 -84.27 18.31
C ASP TA 792 23.14 -84.89 17.64
N PRO TA 793 22.22 -85.48 18.43
CA PRO TA 793 21.15 -86.35 17.97
C PRO TA 793 19.99 -85.63 17.27
N LEU TA 794 19.10 -86.43 16.71
CA LEU TA 794 17.69 -86.09 16.50
C LEU TA 794 16.81 -86.79 17.56
N ALA TA 795 15.55 -86.39 17.66
CA ALA TA 795 14.57 -86.97 18.57
C ALA TA 795 13.13 -86.78 18.10
N GLN TA 796 12.19 -87.46 18.75
CA GLN TA 796 10.76 -87.30 18.56
C GLN TA 796 10.04 -87.57 19.86
N SER TA 797 9.34 -86.59 20.40
CA SER TA 797 8.52 -86.87 21.56
C SER TA 797 7.37 -87.80 21.18
N PHE TA 798 7.05 -88.75 22.05
CA PHE TA 798 5.92 -89.64 21.82
C PHE TA 798 5.41 -90.21 23.14
N GLN TA 799 4.18 -90.67 23.15
CA GLN TA 799 3.55 -91.36 24.28
C GLN TA 799 2.85 -92.62 23.78
N TYR TA 800 2.51 -93.49 24.73
CA TYR TA 800 1.39 -94.41 24.53
C TYR TA 800 0.14 -93.85 25.20
N ASP TA 801 -1.03 -94.34 24.81
CA ASP TA 801 -2.29 -94.05 25.52
C ASP TA 801 -2.39 -94.74 26.90
N GLU TA 802 -1.83 -95.94 26.96
CA GLU TA 802 -1.95 -96.94 28.03
C GLU TA 802 -0.64 -97.70 28.21
N ASN TA 803 -0.52 -98.46 29.30
CA ASN TA 803 0.66 -99.27 29.52
C ASN TA 803 0.81 -100.34 28.44
N ARG TA 804 1.99 -100.39 27.81
CA ARG TA 804 2.33 -101.24 26.67
C ARG TA 804 3.82 -101.61 26.65
N THR TA 805 4.11 -102.91 26.68
CA THR TA 805 5.45 -103.49 26.44
C THR TA 805 5.88 -103.34 24.98
N ILE TA 806 6.59 -102.27 24.62
CA ILE TA 806 7.10 -102.05 23.25
C ILE TA 806 8.19 -103.06 22.93
N SER TA 807 7.91 -103.93 21.98
CA SER TA 807 8.86 -104.89 21.44
C SER TA 807 9.69 -104.27 20.32
N SER TA 808 9.11 -103.40 19.48
CA SER TA 808 9.87 -102.70 18.43
C SER TA 808 9.14 -101.50 17.81
N LEU TA 809 9.90 -100.70 17.06
CA LEU TA 809 9.39 -99.70 16.14
C LEU TA 809 9.51 -100.17 14.69
N GLY TA 810 8.92 -99.41 13.78
CA GLY TA 810 9.19 -99.39 12.33
C GLY TA 810 9.41 -97.95 11.87
N LEU TA 811 10.45 -97.73 11.07
CA LEU TA 811 10.98 -96.43 10.60
C LEU TA 811 11.47 -96.54 9.14
N TYR TA 812 11.76 -95.43 8.44
CA TYR TA 812 11.93 -95.44 6.98
C TYR TA 812 12.95 -94.38 6.59
N PHE TA 813 13.75 -94.59 5.56
CA PHE TA 813 14.84 -93.68 5.19
C PHE TA 813 14.77 -93.34 3.72
N ALA TA 814 15.44 -92.27 3.31
CA ALA TA 814 15.80 -92.03 1.91
C ALA TA 814 17.23 -92.51 1.61
N SER TA 815 18.10 -92.49 2.62
CA SER TA 815 19.54 -92.76 2.52
C SER TA 815 20.14 -93.11 3.89
N LYS TA 816 21.35 -93.69 3.85
CA LYS TA 816 22.05 -94.26 5.01
C LYS TA 816 23.58 -94.09 4.93
N GLY TA 817 24.26 -94.17 6.08
CA GLY TA 817 25.72 -94.07 6.23
C GLY TA 817 26.46 -95.32 5.73
N ASP TA 818 27.53 -95.71 6.42
CA ASP TA 818 28.29 -96.95 6.14
C ASP TA 818 27.95 -98.12 7.10
N LYS TA 819 28.48 -99.30 6.82
CA LYS TA 819 28.17 -100.55 7.54
C LYS TA 819 28.72 -100.61 8.97
N GLN TA 820 29.50 -99.62 9.41
CA GLN TA 820 30.35 -99.71 10.61
C GLN TA 820 30.20 -98.52 11.55
N SER TA 821 29.74 -97.36 11.05
CA SER TA 821 28.99 -96.43 11.90
C SER TA 821 27.67 -97.12 12.31
N ASN TA 822 27.09 -96.76 13.44
CA ASN TA 822 25.79 -97.31 13.82
C ASN TA 822 25.00 -96.32 14.69
N VAL TA 823 23.90 -95.85 14.12
CA VAL TA 823 22.87 -95.14 14.86
C VAL TA 823 22.57 -95.90 16.14
N VAL TA 824 22.43 -95.21 17.26
CA VAL TA 824 21.90 -95.78 18.51
C VAL TA 824 20.56 -95.13 18.81
N ILE TA 825 19.49 -95.85 18.54
CA ILE TA 825 18.16 -95.42 18.93
C ILE TA 825 18.04 -95.62 20.45
N GLN TA 826 17.47 -94.66 21.16
CA GLN TA 826 17.15 -94.77 22.58
C GLN TA 826 15.75 -94.28 22.87
N ILE TA 827 15.24 -94.60 24.06
CA ILE TA 827 14.07 -93.95 24.64
C ILE TA 827 14.49 -93.22 25.91
N ARG TA 828 13.94 -92.02 26.12
CA ARG TA 828 14.19 -91.13 27.27
C ARG TA 828 12.91 -90.40 27.67
N GLY TA 829 12.91 -89.65 28.76
CA GLY TA 829 11.79 -88.79 29.18
C GLY TA 829 12.08 -87.34 28.84
N MET TA 830 11.32 -86.41 29.38
CA MET TA 830 11.51 -84.98 29.09
C MET TA 830 12.20 -84.26 30.25
N GLY TA 831 12.74 -83.06 30.04
CA GLY TA 831 13.31 -82.18 31.10
C GLY TA 831 12.68 -80.78 31.05
N ASP TA 832 12.80 -79.92 32.08
CA ASP TA 832 12.13 -78.58 32.14
C ASP TA 832 12.53 -77.58 31.04
N GLN TA 833 13.55 -77.92 30.26
CA GLN TA 833 13.77 -77.41 28.90
C GLN TA 833 12.57 -77.62 27.95
N GLY TA 834 11.52 -78.32 28.39
CA GLY TA 834 10.54 -79.00 27.55
C GLY TA 834 11.13 -80.27 26.94
N TYR TA 835 12.31 -80.15 26.33
CA TYR TA 835 12.92 -81.13 25.44
C TYR TA 835 13.37 -82.45 26.12
N PRO TA 836 13.79 -83.46 25.36
CA PRO TA 836 14.19 -84.77 25.88
C PRO TA 836 15.28 -84.69 26.94
N ASN TA 837 15.02 -85.23 28.13
CA ASN TA 837 16.02 -85.53 29.15
C ASN TA 837 17.02 -86.61 28.65
N LYS TA 838 18.09 -86.86 29.40
CA LYS TA 838 19.27 -87.60 28.90
C LYS TA 838 19.51 -89.01 29.50
N THR TA 839 18.56 -89.51 30.30
CA THR TA 839 18.57 -90.84 30.95
C THR TA 839 18.06 -91.93 30.03
N ILE TA 840 18.88 -92.97 29.77
CA ILE TA 840 18.53 -94.04 28.84
C ILE TA 840 17.58 -95.05 29.48
N TYR TA 841 16.33 -95.05 29.04
CA TYR TA 841 15.34 -96.02 29.49
C TYR TA 841 15.42 -97.36 28.73
N ALA TA 842 15.75 -97.29 27.43
CA ALA TA 842 15.94 -98.42 26.53
C ALA TA 842 16.75 -97.99 25.28
N GLU TA 843 17.30 -98.95 24.51
CA GLU TA 843 18.39 -98.69 23.55
C GLU TA 843 18.62 -99.79 22.51
N THR TA 844 18.93 -99.46 21.24
CA THR TA 844 19.35 -100.42 20.18
C THR TA 844 20.31 -99.83 19.13
N VAL TA 845 21.20 -100.65 18.55
CA VAL TA 845 22.33 -100.22 17.71
C VAL TA 845 22.14 -100.66 16.27
N MET TA 846 22.33 -99.77 15.30
CA MET TA 846 21.93 -99.96 13.90
C MET TA 846 22.89 -99.27 12.91
N ASN TA 847 23.64 -100.06 12.16
CA ASN TA 847 24.51 -99.65 11.05
C ASN TA 847 23.74 -99.45 9.75
N ALA TA 848 24.41 -99.09 8.65
CA ALA TA 848 23.78 -99.12 7.33
C ALA TA 848 23.29 -100.53 6.94
N ASP TA 849 23.85 -101.59 7.51
CA ASP TA 849 23.33 -102.96 7.38
C ASP TA 849 21.87 -103.07 7.82
N ASP TA 850 21.54 -102.32 8.84
CA ASP TA 850 20.34 -102.47 9.65
C ASP TA 850 19.19 -101.56 9.19
N ILE TA 851 19.44 -100.69 8.20
CA ILE TA 851 18.61 -99.52 7.87
C ILE TA 851 18.13 -99.59 6.42
N LYS TA 852 16.88 -99.16 6.17
CA LYS TA 852 16.14 -99.44 4.93
C LYS TA 852 15.62 -98.17 4.26
N VAL TA 853 15.84 -98.04 2.94
CA VAL TA 853 15.76 -96.75 2.24
C VAL TA 853 14.70 -96.76 1.12
N SER TA 854 14.14 -95.58 0.85
CA SER TA 854 12.88 -95.34 0.14
C SER TA 854 12.72 -93.87 -0.24
N ASN TA 855 12.35 -93.62 -1.50
CA ASN TA 855 12.16 -92.29 -2.08
C ASN TA 855 10.81 -91.65 -1.70
N ASN TA 856 10.04 -92.34 -0.88
CA ASN TA 856 8.62 -92.14 -0.66
C ASN TA 856 8.21 -92.73 0.71
N ALA TA 857 9.12 -92.65 1.69
CA ALA TA 857 8.88 -93.06 3.09
C ALA TA 857 8.41 -94.51 3.30
N SER TA 858 8.73 -95.39 2.36
CA SER TA 858 8.13 -96.74 2.29
C SER TA 858 8.95 -97.89 2.92
N ALA TA 859 10.23 -97.71 3.21
CA ALA TA 859 11.10 -98.80 3.64
C ALA TA 859 11.12 -99.01 5.16
N GLU TA 860 10.23 -99.85 5.67
CA GLU TA 860 10.10 -100.14 7.10
C GLU TA 860 11.31 -100.86 7.74
N THR TA 861 12.34 -100.09 8.03
CA THR TA 861 13.41 -100.35 8.99
C THR TA 861 12.79 -100.68 10.37
N ARG TA 862 12.74 -101.97 10.73
CA ARG TA 862 12.29 -102.41 12.08
C ARG TA 862 13.34 -102.13 13.15
N VAL TA 863 12.91 -101.89 14.38
CA VAL TA 863 13.78 -101.39 15.45
C VAL TA 863 13.46 -102.13 16.73
N TYR TA 864 14.15 -103.25 16.95
CA TYR TA 864 13.94 -104.13 18.11
C TYR TA 864 14.87 -103.80 19.27
N PHE TA 865 14.43 -104.17 20.48
CA PHE TA 865 15.13 -103.93 21.73
C PHE TA 865 15.40 -105.26 22.47
N ASP TA 866 16.50 -105.33 23.23
CA ASP TA 866 16.93 -106.55 23.92
C ASP TA 866 16.07 -106.84 25.17
N ASP TA 867 15.69 -105.79 25.90
CA ASP TA 867 14.57 -105.79 26.87
C ASP TA 867 13.45 -104.84 26.38
N PRO TA 868 12.20 -105.31 26.20
CA PRO TA 868 11.16 -104.53 25.57
C PRO TA 868 10.68 -103.50 26.58
N MET TA 869 10.77 -102.23 26.25
CA MET TA 869 10.43 -101.18 27.19
C MET TA 869 8.91 -101.10 27.39
N MET TA 870 8.39 -101.28 28.60
CA MET TA 870 7.00 -100.93 28.86
C MET TA 870 6.88 -99.42 28.85
N ALA TA 871 6.13 -98.88 27.89
CA ALA TA 871 5.69 -97.50 27.85
C ALA TA 871 4.36 -97.39 28.61
N GLU TA 872 4.36 -96.64 29.70
CA GLU TA 872 3.17 -96.23 30.42
C GLU TA 872 2.25 -95.36 29.55
N GLY TA 873 0.97 -95.34 29.87
CA GLY TA 873 0.04 -94.42 29.21
C GLY TA 873 0.33 -92.95 29.51
N GLY TA 874 -0.07 -92.07 28.59
CA GLY TA 874 -0.11 -90.61 28.71
C GLY TA 874 1.24 -89.88 28.61
N LYS TA 875 2.27 -90.40 29.29
CA LYS TA 875 3.60 -89.81 29.36
C LYS TA 875 4.24 -89.65 27.97
N GLU TA 876 4.54 -88.42 27.55
CA GLU TA 876 5.46 -88.24 26.44
C GLU TA 876 6.86 -88.62 26.91
N TYR TA 877 7.33 -89.75 26.41
CA TYR TA 877 8.75 -90.02 26.27
C TYR TA 877 9.31 -89.18 25.13
N ALA TA 878 10.55 -89.43 24.76
CA ALA TA 878 10.98 -89.17 23.40
C ALA TA 878 11.74 -90.38 22.89
N ILE TA 879 11.63 -90.62 21.58
CA ILE TA 879 12.66 -91.36 20.85
C ILE TA 879 13.85 -90.42 20.77
N VAL TA 880 15.03 -90.88 21.13
CA VAL TA 880 16.23 -90.05 21.08
C VAL TA 880 17.27 -90.78 20.25
N ILE TA 881 17.50 -90.29 19.05
CA ILE TA 881 18.35 -90.96 18.09
C ILE TA 881 19.73 -90.39 18.26
N ILE TA 882 20.54 -91.08 19.04
CA ILE TA 882 21.98 -90.91 18.99
C ILE TA 882 22.44 -91.37 17.59
N THR TA 883 23.12 -90.53 16.83
CA THR TA 883 24.03 -91.04 15.81
C THR TA 883 25.17 -90.08 15.59
N GLU TA 884 26.31 -90.61 15.17
CA GLU TA 884 27.42 -89.88 14.62
C GLU TA 884 27.11 -89.14 13.31
N ASN TA 885 26.18 -89.62 12.48
CA ASN TA 885 26.22 -89.37 11.03
C ASN TA 885 24.89 -88.87 10.39
N SER TA 886 25.03 -87.88 9.53
CA SER TA 886 24.01 -87.25 8.69
C SER TA 886 23.45 -88.12 7.56
N ASP TA 887 24.27 -89.02 7.03
CA ASP TA 887 23.97 -89.81 5.84
C ASP TA 887 22.74 -90.69 6.06
N TYR TA 888 22.56 -91.15 7.28
CA TYR TA 888 21.31 -91.68 7.78
N THR TA 889 19.35 -90.66 6.70
CA THR TA 889 18.23 -89.72 6.56
C THR TA 889 16.91 -90.45 6.74
N MET TA 890 16.13 -90.09 7.75
CA MET TA 890 14.82 -90.69 8.01
C MET TA 890 13.69 -90.01 7.20
N TRP TA 891 12.43 -90.32 7.53
CA TRP TA 891 11.21 -89.64 7.04
C TRP TA 891 10.29 -89.22 8.20
N VAL TA 892 9.56 -88.12 8.03
CA VAL TA 892 8.68 -87.49 9.03
C VAL TA 892 7.55 -86.79 8.28
N GLY TA 893 6.50 -86.28 8.94
CA GLY TA 893 5.48 -85.41 8.32
C GLY TA 893 5.21 -84.08 9.03
N THR TA 894 5.18 -82.95 8.29
CA THR TA 894 4.65 -81.64 8.73
C THR TA 894 3.29 -81.29 8.06
N ARG TA 895 2.62 -80.20 8.47
CA ARG TA 895 1.30 -79.83 7.92
C ARG TA 895 1.41 -79.40 6.45
N THR TA 896 0.64 -80.04 5.56
CA THR TA 896 0.86 -80.02 4.10
C THR TA 896 2.29 -80.45 3.75
N LYS TA 897 2.94 -79.83 2.75
CA LYS TA 897 4.26 -80.22 2.24
C LYS TA 897 4.51 -81.73 1.99
N PRO TA 898 3.59 -82.53 1.39
CA PRO TA 898 3.75 -83.97 1.22
C PRO TA 898 5.14 -84.50 0.83
N LYS TA 899 5.52 -85.66 1.36
CA LYS TA 899 6.72 -86.46 1.06
C LYS TA 899 8.04 -85.68 1.16
N ILE TA 900 8.62 -85.63 2.37
CA ILE TA 900 9.85 -84.90 2.77
C ILE TA 900 9.74 -83.40 2.39
N ASP TA 901 10.80 -82.60 2.43
CA ASP TA 901 10.72 -81.13 2.38
C ASP TA 901 10.53 -80.50 0.97
N LYS TA 902 9.62 -81.04 0.13
CA LYS TA 902 9.51 -80.62 -1.30
C LYS TA 902 8.07 -80.56 -1.89
N PRO TA 903 7.32 -81.65 -2.21
CA PRO TA 903 5.95 -81.56 -2.71
C PRO TA 903 5.00 -80.83 -1.77
N ASN TA 904 3.81 -80.49 -2.28
CA ASN TA 904 2.79 -79.75 -1.52
C ASN TA 904 1.35 -80.26 -1.80
N GLU TA 905 1.05 -80.73 -3.01
CA GLU TA 905 -0.29 -81.17 -3.44
C GLU TA 905 -0.73 -82.49 -2.78
N VAL TA 906 -1.76 -82.45 -1.91
CA VAL TA 906 -2.74 -83.54 -1.58
C VAL TA 906 -2.21 -84.96 -1.27
N ILE TA 907 -0.91 -85.12 -1.07
CA ILE TA 907 -0.23 -86.43 -0.99
C ILE TA 907 0.17 -86.83 0.44
N SER TA 908 0.05 -85.93 1.43
CA SER TA 908 0.20 -86.15 2.89
C SER TA 908 0.05 -84.85 3.71
N GLY TA 909 0.17 -84.95 5.04
CA GLY TA 909 0.28 -83.86 6.02
C GLY TA 909 1.04 -84.29 7.28
N ASN TA 910 0.65 -83.83 8.47
CA ASN TA 910 1.29 -84.27 9.73
C ASN TA 910 0.71 -85.60 10.24
N PRO TA 911 1.55 -86.53 10.78
CA PRO TA 911 1.09 -87.79 11.33
C PRO TA 911 0.68 -87.73 12.82
N TYR TA 912 1.35 -86.89 13.63
CA TYR TA 912 1.47 -87.15 15.05
C TYR TA 912 1.65 -85.88 15.92
N LEU TA 913 0.80 -84.87 15.75
CA LEU TA 913 0.80 -83.67 16.61
C LEU TA 913 0.57 -83.94 18.12
N GLN TA 914 0.46 -85.20 18.56
CA GLN TA 914 0.70 -85.65 19.93
C GLN TA 914 2.13 -85.36 20.39
N GLY TA 915 3.10 -85.51 19.50
CA GLY TA 915 4.50 -85.22 19.74
C GLY TA 915 5.00 -83.97 19.02
N VAL TA 916 6.32 -83.81 19.05
CA VAL TA 916 7.11 -82.94 18.19
C VAL TA 916 8.45 -83.62 17.91
N LEU TA 917 9.02 -83.33 16.75
CA LEU TA 917 10.35 -83.73 16.31
C LEU TA 917 11.45 -82.75 16.79
N PHE TA 918 12.68 -83.19 17.10
CA PHE TA 918 13.73 -82.29 17.54
C PHE TA 918 15.08 -82.65 16.93
N SER TA 919 15.96 -81.68 16.76
CA SER TA 919 17.40 -81.89 16.49
C SER TA 919 18.25 -81.10 17.48
N SER TA 920 19.40 -81.61 17.92
CA SER TA 920 20.30 -80.86 18.79
C SER TA 920 21.79 -81.05 18.48
N SER TA 921 22.54 -79.95 18.45
CA SER TA 921 24.01 -79.92 18.44
C SER TA 921 24.70 -80.29 19.79
N ASN TA 922 23.99 -80.81 20.80
CA ASN TA 922 24.61 -81.41 22.00
C ASN TA 922 23.66 -82.29 22.85
N ALA TA 923 22.59 -82.83 22.26
CA ALA TA 923 21.49 -83.49 22.96
C ALA TA 923 20.85 -82.59 24.06
N SER TA 924 20.85 -81.27 23.90
CA SER TA 924 20.10 -80.30 24.73
C SER TA 924 19.65 -79.03 23.99
N THR TA 925 20.41 -78.56 23.00
CA THR TA 925 20.01 -77.54 21.98
C THR TA 925 18.88 -78.01 21.05
N TRP TA 926 17.94 -78.80 21.57
CA TRP TA 926 16.85 -79.39 20.83
C TRP TA 926 16.04 -78.31 20.12
N THR TA 927 15.68 -78.62 18.89
CA THR TA 927 15.13 -77.70 17.92
C THR TA 927 13.69 -78.13 17.68
N PRO TA 928 12.67 -77.62 18.39
CA PRO TA 928 11.33 -78.21 18.40
C PRO TA 928 10.60 -77.92 17.10
N HIS TA 929 10.57 -78.87 16.17
CA HIS TA 929 10.14 -78.68 14.77
C HIS TA 929 8.63 -78.49 14.56
N GLN TA 930 7.98 -77.74 15.44
CA GLN TA 930 6.61 -77.22 15.31
C GLN TA 930 5.64 -78.31 14.86
N ASN TA 931 5.04 -78.18 13.67
CA ASN TA 931 4.01 -79.09 13.17
C ASN TA 931 4.56 -80.37 12.52
N SER TA 932 5.83 -80.72 12.76
CA SER TA 932 6.54 -81.83 12.11
C SER TA 932 6.80 -82.98 13.06
N ASP TA 933 6.43 -84.19 12.70
CA ASP TA 933 6.60 -85.40 13.52
C ASP TA 933 7.16 -86.60 12.76
N LEU TA 934 8.12 -87.29 13.38
CA LEU TA 934 8.81 -88.47 12.87
C LEU TA 934 7.84 -89.54 12.36
N LYS TA 935 8.06 -90.10 11.17
CA LYS TA 935 7.20 -91.15 10.67
C LYS TA 935 7.48 -92.43 11.45
N PHE TA 936 6.44 -93.03 12.02
CA PHE TA 936 6.56 -94.32 12.67
C PHE TA 936 5.25 -95.10 12.72
N GLY TA 937 5.44 -96.40 12.83
CA GLY TA 937 4.55 -97.35 13.46
C GLY TA 937 5.31 -98.16 14.51
N ILE TA 938 4.61 -98.60 15.55
CA ILE TA 938 5.23 -99.14 16.75
C ILE TA 938 4.44 -100.36 17.22
N TYR TA 939 5.15 -101.29 17.84
CA TYR TA 939 4.73 -102.67 18.09
C TYR TA 939 5.06 -103.15 19.52
N THR TA 940 4.25 -104.08 20.05
CA THR TA 940 4.30 -104.53 21.45
C THR TA 940 4.30 -106.04 21.58
N SER TA 941 4.71 -106.55 22.74
CA SER TA 941 4.28 -107.88 23.15
C SER TA 941 2.78 -107.86 23.50
N LYS TA 942 1.91 -108.27 22.57
CA LYS TA 942 0.60 -108.81 22.95
C LYS TA 942 0.88 -110.14 23.61
N PHE TA 943 1.02 -110.14 24.93
CA PHE TA 943 1.31 -111.37 25.66
C PHE TA 943 0.09 -112.28 25.65
N ASN TA 944 0.34 -113.59 25.64
CA ASN TA 944 -0.64 -114.57 26.10
C ASN TA 944 -0.91 -114.29 27.58
N GLU TA 945 -2.13 -114.51 28.05
CA GLU TA 945 -2.52 -113.97 29.37
C GLU TA 945 -1.90 -114.76 30.54
N THR TA 946 -1.08 -115.78 30.25
CA THR TA 946 -0.28 -116.60 31.18
C THR TA 946 1.00 -117.11 30.50
N ALA TA 947 1.91 -117.73 31.26
CA ALA TA 947 3.02 -118.50 30.69
C ALA TA 947 3.42 -119.70 31.54
N THR TA 948 3.95 -120.75 30.91
CA THR TA 948 4.72 -121.80 31.59
C THR TA 948 6.20 -121.45 31.55
N ILE TA 949 6.90 -121.73 32.66
CA ILE TA 949 8.34 -121.58 32.81
C ILE TA 949 8.86 -122.88 33.41
N GLU TA 950 8.75 -123.93 32.62
CA GLU TA 950 9.25 -125.27 32.88
C GLU TA 950 10.77 -125.24 33.00
N PHE TA 951 11.28 -125.06 34.21
CA PHE TA 951 12.69 -125.27 34.47
C PHE TA 951 13.02 -126.77 34.41
N GLU TA 952 14.28 -127.04 34.15
CA GLU TA 952 14.85 -128.37 34.01
C GLU TA 952 14.86 -129.16 35.31
N PRO TA 953 14.80 -130.50 35.22
CA PRO TA 953 15.39 -131.33 36.24
C PRO TA 953 16.88 -130.95 36.48
N ILE TA 954 17.19 -130.28 37.58
CA ILE TA 954 18.53 -130.34 38.20
C ILE TA 954 18.61 -131.68 38.97
N LYS TA 955 19.76 -132.35 39.04
CA LYS TA 955 19.86 -133.73 39.57
C LYS TA 955 20.81 -133.85 40.77
N ASP TA 956 20.49 -134.79 41.66
CA ASP TA 956 21.13 -135.15 42.93
C ASP TA 956 21.93 -134.00 43.59
N VAL TA 957 21.19 -132.94 43.96
CA VAL TA 957 21.57 -131.75 44.75
C VAL TA 957 21.78 -132.11 46.22
N SER TA 958 20.96 -133.02 46.74
CA SER TA 958 21.01 -133.53 48.11
C SER TA 958 20.84 -132.44 49.15
N ALA TA 959 19.84 -131.59 48.93
CA ALA TA 959 19.54 -130.45 49.79
C ALA TA 959 18.40 -130.73 50.75
N ASP TA 960 18.59 -130.39 52.01
CA ASP TA 960 17.53 -130.31 53.02
C ASP TA 960 17.01 -128.87 53.16
N ARG TA 961 17.73 -127.82 52.68
CA ARG TA 961 17.35 -126.40 52.85
C ARG TA 961 17.30 -125.55 51.57
N ILE TA 962 16.64 -124.38 51.61
CA ILE TA 962 16.44 -123.50 50.45
C ILE TA 962 16.37 -122.00 50.81
N VAL TA 963 16.55 -121.12 49.83
CA VAL TA 963 16.08 -119.73 49.80
C VAL TA 963 15.47 -119.53 48.41
N LEU TA 964 14.15 -119.40 48.25
CA LEU TA 964 13.60 -118.96 46.95
C LEU TA 964 13.75 -117.44 46.90
N MET TA 965 14.80 -117.05 46.21
CA MET TA 965 15.01 -115.69 45.79
C MET TA 965 15.42 -115.77 44.32
N SER TA 966 14.42 -115.79 43.47
CA SER TA 966 14.53 -115.27 42.11
C SER TA 966 14.30 -113.74 42.19
N THR TA 967 13.87 -113.09 41.11
CA THR TA 967 13.31 -111.73 41.12
C THR TA 967 12.26 -111.65 39.99
N TYR TA 968 11.08 -112.22 40.21
CA TYR TA 968 9.95 -112.19 39.27
C TYR TA 968 9.24 -110.82 39.17
N LEU TA 969 10.00 -109.77 38.82
CA LEU TA 969 9.54 -108.38 38.72
C LEU TA 969 8.22 -108.26 37.92
N THR TA 970 7.15 -107.79 38.55
CA THR TA 970 5.78 -107.92 38.03
C THR TA 970 4.79 -106.91 38.64
N PRO TA 971 3.92 -106.28 37.85
CA PRO TA 971 2.62 -105.77 38.30
C PRO TA 971 1.58 -106.89 38.41
N GLU TA 972 0.51 -106.71 39.17
CA GLU TA 972 -0.61 -107.66 39.16
C GLU TA 972 -1.41 -107.57 37.86
N ARG TA 973 -2.47 -108.37 37.67
CA ARG TA 973 -3.05 -108.75 36.36
C ARG TA 973 -2.05 -109.58 35.55
N THR TA 974 -0.86 -109.03 35.33
CA THR TA 974 0.36 -109.81 35.17
C THR TA 974 0.65 -110.54 36.50
N GLY TA 975 1.56 -111.51 36.52
CA GLY TA 975 1.87 -112.23 37.75
C GLY TA 975 2.82 -113.39 37.54
N CYS TA 976 3.25 -114.02 38.63
CA CYS TA 976 4.15 -115.17 38.62
C CYS TA 976 3.91 -116.08 39.82
N THR TA 977 3.20 -117.19 39.61
CA THR TA 977 3.26 -118.34 40.52
C THR TA 977 4.60 -119.07 40.35
N TRP TA 978 5.04 -119.74 41.41
CA TRP TA 978 6.32 -120.44 41.44
C TRP TA 978 6.18 -121.81 42.13
N GLU TA 979 6.78 -122.86 41.56
CA GLU TA 979 6.52 -124.25 41.94
C GLU TA 979 7.77 -125.15 41.81
N MET TA 980 7.79 -126.29 42.50
CA MET TA 980 8.83 -127.31 42.35
C MET TA 980 8.23 -128.71 42.25
N LYS TA 981 9.04 -129.64 41.73
CA LYS TA 981 8.79 -131.07 41.60
C LYS TA 981 10.09 -131.75 41.98
N LEU TA 982 10.20 -132.19 43.22
CA LEU TA 982 11.48 -132.69 43.74
C LEU TA 982 11.47 -134.21 43.83
N ILE TA 983 12.42 -134.89 43.15
CA ILE TA 983 12.76 -136.30 43.40
C ILE TA 983 13.68 -136.32 44.62
N LEU TA 984 13.36 -137.06 45.66
CA LEU TA 984 14.15 -137.04 46.89
C LEU TA 984 15.30 -138.04 46.87
N ASP TA 985 16.38 -137.75 47.57
CA ASP TA 985 17.40 -138.76 47.87
C ASP TA 985 16.80 -139.88 48.73
N ASP TA 986 15.72 -139.57 49.46
CA ASP TA 986 14.92 -140.53 50.24
C ASP TA 986 13.77 -141.20 49.45
N MET TA 987 13.50 -140.80 48.19
CA MET TA 987 12.50 -141.43 47.31
C MET TA 987 12.89 -142.87 46.90
N ALA TA 988 12.02 -143.57 46.19
CA ALA TA 988 12.45 -144.70 45.37
C ALA TA 988 13.36 -144.23 44.21
N SER TA 989 14.09 -145.14 43.58
CA SER TA 989 14.90 -144.84 42.38
C SER TA 989 14.02 -144.40 41.19
N SER TA 990 12.77 -144.87 41.14
CA SER TA 990 11.79 -144.70 40.05
C SER TA 990 10.94 -143.42 40.08
N THR TA 991 10.89 -142.68 41.20
CA THR TA 991 9.99 -141.51 41.35
C THR TA 991 10.42 -140.36 40.42
N THR TA 992 9.51 -139.79 39.62
CA THR TA 992 9.82 -138.78 38.58
C THR TA 992 8.76 -137.69 38.48
N PHE TA 993 9.11 -136.57 37.83
CA PHE TA 993 8.40 -135.29 37.92
C PHE TA 993 6.96 -135.31 37.40
N ASP TA 994 6.63 -136.22 36.49
CA ASP TA 994 5.26 -136.57 36.09
C ASP TA 994 4.41 -137.04 37.29
N GLN TA 995 5.03 -137.82 38.18
CA GLN TA 995 4.43 -138.32 39.43
C GLN TA 995 4.45 -137.26 40.54
N LEU TA 996 5.34 -136.26 40.45
CA LEU TA 996 5.47 -135.14 41.40
C LEU TA 996 4.45 -134.04 41.05
N LYS TA 997 3.95 -133.32 42.05
CA LYS TA 997 2.99 -132.24 41.83
C LYS TA 997 3.69 -130.92 41.58
N TRP TA 998 3.06 -129.91 41.01
CA TRP TA 998 3.66 -128.57 41.04
C TRP TA 998 3.49 -127.91 42.41
N GLU TA 999 4.31 -128.38 43.35
CA GLU TA 999 4.38 -127.98 44.76
C GLU TA 999 4.74 -126.49 44.85
N PRO TA 1000 3.85 -125.59 45.29
CA PRO TA 1000 4.11 -124.15 45.21
C PRO TA 1000 5.13 -123.56 46.21
N ILE TA 1001 5.63 -122.35 45.94
CA ILE TA 1001 6.65 -121.63 46.72
C ILE TA 1001 6.67 -120.12 46.35
N GLY TA 1002 7.26 -119.22 47.17
CA GLY TA 1002 7.30 -117.77 46.93
C GLY TA 1002 8.64 -117.09 47.24
N ASN TA 1003 8.73 -115.78 47.04
CA ASN TA 1003 9.95 -114.95 47.21
C ASN TA 1003 9.90 -114.10 48.51
N TYR TA 1004 11.00 -113.39 48.79
CA TYR TA 1004 11.33 -112.81 50.11
C TYR TA 1004 11.52 -113.92 51.16
N GLN TA 1005 12.15 -115.02 50.73
CA GLN TA 1005 11.88 -116.34 51.29
C GLN TA 1005 13.16 -117.14 51.60
N ASP TA 1006 13.64 -117.07 52.85
CA ASP TA 1006 14.56 -118.06 53.42
C ASP TA 1006 13.74 -119.26 53.97
N LEU TA 1007 14.11 -120.52 53.60
CA LEU TA 1007 13.23 -121.69 53.49
C LEU TA 1007 13.93 -123.06 53.76
N ASP TA 1008 13.17 -124.17 53.74
CA ASP TA 1008 13.67 -125.54 53.92
C ASP TA 1008 13.01 -126.55 52.97
N VAL TA 1009 13.74 -127.56 52.49
CA VAL TA 1009 13.25 -128.59 51.56
C VAL TA 1009 12.37 -129.66 52.26
N LEU TA 1010 12.80 -130.11 53.45
CA LEU TA 1010 12.38 -131.30 54.19
C LEU TA 1010 12.60 -132.64 53.47
N GLY TA 1011 12.96 -133.68 54.24
CA GLY TA 1011 13.69 -134.82 53.68
C GLY TA 1011 14.96 -134.32 52.99
N LEU TA 1012 15.38 -134.98 51.92
CA LEU TA 1012 16.50 -134.49 51.11
C LEU TA 1012 16.09 -134.55 49.64
N ALA TA 1013 16.24 -133.45 48.88
CA ALA TA 1013 15.97 -133.46 47.44
C ALA TA 1013 17.21 -133.91 46.65
N ARG TA 1014 17.09 -135.03 45.91
CA ARG TA 1014 18.08 -135.42 44.92
C ARG TA 1014 17.83 -134.62 43.67
N GLN TA 1015 16.80 -134.94 42.89
CA GLN TA 1015 16.48 -134.20 41.68
C GLN TA 1015 15.39 -133.17 41.93
N VAL TA 1016 15.33 -132.21 41.04
CA VAL TA 1016 14.83 -130.87 41.32
C VAL TA 1016 14.35 -130.32 39.98
N LYS TA 1017 13.20 -130.77 39.48
CA LYS TA 1017 12.54 -130.05 38.41
C LYS TA 1017 11.79 -128.87 39.02
N LEU TA 1018 11.87 -127.71 38.41
CA LEU TA 1018 11.32 -126.46 38.95
C LEU TA 1018 10.37 -125.84 37.92
N ARG TA 1019 9.47 -124.97 38.36
CA ARG TA 1019 8.64 -124.18 37.45
C ARG TA 1019 8.34 -122.78 37.99
N ALA TA 1020 8.12 -121.84 37.08
CA ALA TA 1020 7.24 -120.70 37.36
C ALA TA 1020 6.06 -120.74 36.39
N THR TA 1021 4.92 -120.18 36.77
CA THR TA 1021 3.78 -120.08 35.88
C THR TA 1021 3.23 -118.66 35.95
N PHE TA 1022 3.47 -117.86 34.89
CA PHE TA 1022 3.09 -116.44 34.85
C PHE TA 1022 1.61 -116.23 34.59
N GLU TA 1023 1.16 -115.04 34.96
CA GLU TA 1023 0.01 -114.34 34.45
C GLU TA 1023 0.48 -113.11 33.67
N SER TA 1024 -0.33 -112.67 32.72
CA SER TA 1024 -0.13 -111.45 31.97
C SER TA 1024 -1.47 -110.76 31.81
N ASN TA 1025 -1.49 -109.43 31.85
CA ASN TA 1025 -2.54 -108.77 31.09
C ASN TA 1025 -2.15 -108.88 29.60
N ARG TA 1026 -2.97 -108.36 28.70
CA ARG TA 1026 -2.70 -108.50 27.26
C ARG TA 1026 -1.39 -107.87 26.76
N TYR TA 1027 -0.83 -106.89 27.49
CA TYR TA 1027 0.32 -106.08 27.07
C TYR TA 1027 1.54 -106.18 28.01
N ILE TA 1028 1.42 -106.85 29.14
CA ILE TA 1028 2.43 -106.91 30.20
C ILE TA 1028 2.34 -108.26 30.96
N SER TA 1029 3.46 -108.97 31.03
CA SER TA 1029 3.74 -110.10 31.91
C SER TA 1029 4.78 -109.66 32.96
N PRO TA 1030 5.30 -110.49 33.88
CA PRO TA 1030 6.58 -110.18 34.49
C PRO TA 1030 7.68 -109.91 33.46
N LEU TA 1031 8.79 -109.37 33.95
CA LEU TA 1031 10.12 -109.49 33.34
C LEU TA 1031 11.08 -110.07 34.38
N MET TA 1032 10.92 -111.35 34.69
CA MET TA 1032 11.65 -112.01 35.77
C MET TA 1032 13.14 -112.06 35.46
N SER TA 1033 14.00 -111.62 36.38
CA SER TA 1033 15.45 -111.70 36.21
C SER TA 1033 15.98 -113.14 36.16
N SER TA 1034 16.53 -113.51 35.01
CA SER TA 1034 17.26 -114.75 34.79
C SER TA 1034 18.59 -114.84 35.57
N SER TA 1035 19.15 -113.71 36.06
CA SER TA 1035 20.44 -113.71 36.77
C SER TA 1035 20.23 -113.72 38.30
N ASP TA 1036 19.14 -113.12 38.79
CA ASP TA 1036 18.68 -113.21 40.18
C ASP TA 1036 18.03 -114.55 40.49
N LEU TA 1037 17.59 -115.23 39.43
CA LEU TA 1037 16.87 -116.49 39.47
C LEU TA 1037 17.50 -117.51 40.42
N THR TA 1038 17.02 -117.66 41.67
CA THR TA 1038 17.41 -118.80 42.51
C THR TA 1038 16.30 -119.46 43.27
N PHE TA 1039 16.39 -120.78 43.24
CA PHE TA 1039 15.92 -121.69 44.25
C PHE TA 1039 17.18 -122.10 45.02
N THR TA 1040 17.77 -121.20 45.81
CA THR TA 1040 19.11 -121.40 46.40
C THR TA 1040 19.07 -122.55 47.41
N THR TA 1041 19.33 -123.78 46.96
CA THR TA 1041 19.39 -125.02 47.76
C THR TA 1041 20.54 -125.05 48.76
N PHE TA 1042 20.42 -125.91 49.77
CA PHE TA 1042 21.42 -126.12 50.80
C PHE TA 1042 21.41 -127.55 51.32
N LEU TA 1043 22.59 -128.07 51.68
CA LEU TA 1043 22.73 -129.13 52.69
C LEU TA 1043 22.89 -128.47 54.09
N THR TA 1044 22.56 -129.16 55.17
CA THR TA 1044 22.95 -128.77 56.53
C THR TA 1044 23.99 -129.73 57.10
N GLU TA 1045 24.99 -129.19 57.77
CA GLU TA 1045 25.96 -129.93 58.59
C GLU TA 1045 25.27 -130.76 59.70
N LEU TA 1046 25.80 -131.93 60.10
CA LEU TA 1046 25.18 -132.71 61.19
C LEU TA 1046 25.60 -132.22 62.60
N THR TA 1047 26.70 -131.47 62.74
CA THR TA 1047 27.21 -131.07 64.08
C THR TA 1047 27.81 -129.68 64.13
N GLY TA 1048 27.73 -129.05 65.30
CA GLY TA 1048 28.40 -127.79 65.59
C GLY TA 1048 28.42 -127.56 67.09
N SER TA 1049 29.60 -127.36 67.65
CA SER TA 1049 29.69 -126.75 68.96
C SER TA 1049 29.47 -125.26 68.82
N TYR TA 1050 28.28 -124.77 69.16
CA TYR TA 1050 28.27 -123.40 69.65
C TYR TA 1050 29.25 -123.35 70.81
N VAL TA 1051 30.20 -122.44 70.74
CA VAL TA 1051 31.02 -122.05 71.88
C VAL TA 1051 30.72 -120.58 72.09
N GLY TA 1052 30.44 -120.20 73.33
CA GLY TA 1052 30.36 -118.81 73.74
C GLY TA 1052 31.73 -118.32 74.20
N ARG TA 1053 32.04 -117.04 73.99
CA ARG TA 1053 33.38 -116.46 74.26
C ARG TA 1053 33.85 -116.69 75.69
N ALA TA 1054 35.17 -116.67 75.88
CA ALA TA 1054 35.81 -116.91 77.17
C ALA TA 1054 35.28 -115.93 78.26
N ILE TA 1055 35.05 -116.47 79.46
CA ILE TA 1055 34.49 -115.76 80.60
C ILE TA 1055 35.52 -115.83 81.73
N ASP TA 1056 36.56 -114.98 81.65
CA ASP TA 1056 37.50 -114.85 82.76
C ASP TA 1056 36.70 -114.41 83.99
N MET TA 1057 37.01 -115.03 85.10
CA MET TA 1057 36.29 -114.90 86.34
C MET TA 1057 37.21 -114.64 87.53
N THR TA 1058 38.50 -114.42 87.27
CA THR TA 1058 39.51 -114.01 88.25
C THR TA 1058 39.06 -112.75 88.99
N GLU TA 1059 38.27 -111.94 88.30
CA GLU TA 1059 37.55 -110.74 88.75
C GLU TA 1059 36.66 -111.02 89.97
N ALA TA 1060 35.89 -112.11 89.94
CA ALA TA 1060 34.92 -112.48 90.97
C ALA TA 1060 34.83 -114.00 91.07
N PRO TA 1061 35.90 -114.69 91.49
CA PRO TA 1061 36.00 -116.13 91.32
C PRO TA 1061 34.79 -116.84 91.93
N TYR TA 1062 34.26 -117.75 91.14
CA TYR TA 1062 33.03 -118.48 91.37
C TYR TA 1062 33.39 -119.96 91.33
N ASN TA 1063 32.49 -120.87 91.64
CA ASN TA 1063 32.65 -122.25 91.19
C ASN TA 1063 31.31 -122.97 90.93
N THR TA 1064 30.16 -122.43 91.33
CA THR TA 1064 28.87 -122.75 90.69
C THR TA 1064 28.79 -122.12 89.31
N VAL TA 1065 28.73 -122.92 88.25
CA VAL TA 1065 28.04 -122.51 87.03
C VAL TA 1065 26.57 -122.85 87.25
N ARG TA 1066 25.68 -121.86 87.18
CA ARG TA 1066 24.27 -122.09 86.91
C ARG TA 1066 24.00 -121.66 85.49
N PHE TA 1067 24.31 -122.58 84.61
CA PHE TA 1067 23.92 -122.54 83.22
C PHE TA 1067 22.40 -122.66 83.14
N SER TA 1068 21.79 -122.06 82.14
CA SER TA 1068 20.49 -122.47 81.66
C SER TA 1068 20.37 -122.11 80.19
N TYR TA 1069 19.79 -122.98 79.39
CA TYR TA 1069 19.55 -122.73 77.98
C TYR TA 1069 18.20 -123.30 77.59
N GLU TA 1070 17.60 -122.80 76.52
CA GLU TA 1070 16.46 -123.46 75.91
C GLU TA 1070 16.94 -124.18 74.65
N ALA TA 1071 16.52 -125.44 74.49
CA ALA TA 1071 16.52 -126.10 73.20
C ALA TA 1071 15.22 -126.85 72.94
N PHE TA 1072 14.73 -126.74 71.71
CA PHE TA 1072 13.80 -127.71 71.16
C PHE TA 1072 14.65 -128.67 70.34
N LEU TA 1073 14.55 -129.94 70.65
CA LEU TA 1073 15.32 -130.98 69.98
C LEU TA 1073 14.35 -131.86 69.15
N PRO TA 1074 14.31 -131.69 67.82
CA PRO TA 1074 13.68 -132.65 66.91
C PRO TA 1074 14.28 -134.06 67.02
N LYS TA 1075 13.62 -135.07 66.42
CA LYS TA 1075 14.08 -136.47 66.45
C LYS TA 1075 15.56 -136.60 66.13
N GLY TA 1076 16.31 -137.37 66.91
CA GLY TA 1076 17.72 -137.67 66.62
C GLY TA 1076 18.68 -136.49 66.78
N THR TA 1077 18.18 -135.30 67.09
CA THR TA 1077 19.00 -134.15 67.45
C THR TA 1077 19.37 -134.17 68.94
N LYS TA 1078 20.50 -133.54 69.29
CA LYS TA 1078 20.99 -133.33 70.65
C LYS TA 1078 21.65 -131.97 70.74
N VAL TA 1079 21.79 -131.49 71.97
CA VAL TA 1079 22.85 -130.55 72.38
C VAL TA 1079 23.62 -131.21 73.51
N VAL TA 1080 24.94 -131.32 73.41
CA VAL TA 1080 25.75 -131.70 74.57
C VAL TA 1080 26.34 -130.43 75.16
N PRO TA 1081 25.82 -129.94 76.30
CA PRO TA 1081 26.34 -128.74 76.93
C PRO TA 1081 27.66 -129.06 77.67
N LYS TA 1082 28.64 -128.16 77.59
CA LYS TA 1082 30.01 -128.39 78.08
C LYS TA 1082 30.62 -127.15 78.70
N TYR TA 1083 31.64 -127.35 79.52
CA TYR TA 1083 32.47 -126.30 80.07
C TYR TA 1083 33.97 -126.59 80.01
N SER TA 1084 34.69 -125.53 79.66
CA SER TA 1084 36.06 -125.30 80.07
C SER TA 1084 36.06 -124.74 81.49
N ALA TA 1085 36.92 -125.23 82.38
CA ALA TA 1085 37.16 -124.62 83.70
C ALA TA 1085 38.35 -123.62 83.63
N ASP TA 1086 38.66 -123.08 82.46
CA ASP TA 1086 40.00 -122.57 82.15
C ASP TA 1086 40.08 -121.66 80.90
N ASP TA 1087 38.99 -121.01 80.50
CA ASP TA 1087 38.92 -120.08 79.36
C ASP TA 1087 39.23 -120.73 77.99
N GLY TA 1088 38.68 -121.93 77.76
CA GLY TA 1088 38.51 -122.64 76.47
C GLY TA 1088 39.37 -123.90 76.25
N LYS TA 1089 40.14 -124.35 77.26
CA LYS TA 1089 41.11 -125.46 77.13
C LYS TA 1089 40.44 -126.82 77.28
N THR TA 1090 39.82 -127.07 78.44
CA THR TA 1090 39.03 -128.28 78.71
C THR TA 1090 37.64 -128.15 78.13
N TRP TA 1091 36.97 -129.27 77.87
CA TRP TA 1091 35.56 -129.30 77.47
C TRP TA 1091 34.86 -130.50 78.10
N LYS TA 1092 34.72 -130.39 79.42
CA LYS TA 1092 33.94 -131.27 80.29
C LYS TA 1092 32.46 -131.18 79.87
N THR TA 1093 31.75 -132.29 79.69
CA THR TA 1093 30.27 -132.23 79.69
C THR TA 1093 29.78 -132.02 81.11
N PHE TA 1094 28.76 -131.19 81.29
CA PHE TA 1094 28.26 -130.86 82.62
C PHE TA 1094 27.98 -132.13 83.43
N THR TA 1095 28.58 -132.20 84.62
CA THR TA 1095 28.56 -133.34 85.53
C THR TA 1095 27.28 -133.40 86.38
N LYS TA 1096 26.52 -132.29 86.49
CA LYS TA 1096 25.19 -132.20 87.13
C LYS TA 1096 24.06 -132.12 86.09
N SER TA 1097 22.79 -132.22 86.54
CA SER TA 1097 21.58 -132.19 85.70
C SER TA 1097 21.47 -130.90 84.88
N PRO TA 1098 21.35 -130.97 83.54
CA PRO TA 1098 20.96 -129.82 82.71
C PRO TA 1098 19.45 -129.58 82.80
N THR TA 1099 19.00 -129.27 84.01
CA THR TA 1099 17.64 -129.55 84.54
C THR TA 1099 16.52 -129.24 83.56
N THR TA 1100 15.89 -130.29 83.02
CA THR TA 1100 15.16 -130.33 81.73
C THR TA 1100 13.71 -129.83 81.81
N THR TA 1101 13.48 -128.76 82.56
CA THR TA 1101 12.16 -128.11 82.73
C THR TA 1101 11.59 -127.66 81.38
N ARG TA 1102 10.37 -128.05 80.96
CA ARG TA 1102 9.83 -127.57 79.68
C ARG TA 1102 9.70 -126.04 79.70
N ALA TA 1103 10.29 -125.38 78.71
CA ALA TA 1103 10.49 -123.95 78.73
C ALA TA 1103 9.15 -123.21 78.69
N ASN TA 1104 8.25 -123.69 77.83
CA ASN TA 1104 6.93 -123.15 77.48
C ASN TA 1104 6.11 -124.27 76.83
N ASN TA 1105 5.13 -123.95 75.99
CA ASN TA 1105 4.53 -124.91 75.06
C ASN TA 1105 5.37 -125.17 73.78
N GLU TA 1106 6.70 -125.20 73.90
CA GLU TA 1106 7.61 -125.45 72.77
C GLU TA 1106 8.94 -126.09 73.22
N PHE TA 1107 9.98 -125.29 73.51
CA PHE TA 1107 11.32 -125.77 73.84
C PHE TA 1107 11.35 -126.49 75.19
N THR TA 1108 12.39 -127.30 75.45
CA THR TA 1108 12.83 -127.58 76.82
C THR TA 1108 13.83 -126.52 77.27
N ARG TA 1109 13.84 -126.18 78.55
CA ARG TA 1109 14.87 -125.40 79.22
C ARG TA 1109 15.70 -126.33 80.08
N TYR TA 1110 16.97 -126.00 80.29
CA TYR TA 1110 17.97 -126.94 80.78
C TYR TA 1110 18.86 -126.28 81.85
N VAL TA 1111 18.36 -126.12 83.08
CA VAL TA 1111 19.10 -125.40 84.12
C VAL TA 1111 20.24 -126.26 84.63
N ILE TA 1112 21.41 -126.15 84.01
CA ILE TA 1112 22.63 -126.84 84.41
C ILE TA 1112 23.28 -126.12 85.58
N ASP TA 1113 22.91 -126.49 86.80
CA ASP TA 1113 23.41 -125.87 88.02
C ASP TA 1113 24.44 -126.80 88.69
N GLU TA 1114 25.69 -126.34 88.82
CA GLU TA 1114 26.87 -127.20 88.97
C GLU TA 1114 28.07 -126.51 89.63
N LYS TA 1115 28.60 -127.05 90.74
CA LYS TA 1115 29.97 -126.72 91.16
C LYS TA 1115 30.96 -127.31 90.15
N VAL TA 1116 31.31 -126.55 89.12
CA VAL TA 1116 32.28 -126.89 88.06
C VAL TA 1116 33.73 -126.82 88.56
N LYS TA 1117 34.02 -125.95 89.53
CA LYS TA 1117 35.33 -125.89 90.18
C LYS TA 1117 35.25 -126.12 91.68
N SER TA 1118 34.76 -127.29 92.03
CA SER TA 1118 34.99 -127.94 93.34
C SER TA 1118 36.48 -127.90 93.77
N SER TA 1119 37.39 -127.95 92.78
CA SER TA 1119 38.84 -127.75 92.87
C SER TA 1119 39.28 -126.32 93.22
N GLY TA 1120 38.76 -125.76 94.31
CA GLY TA 1120 39.04 -124.38 94.75
C GLY TA 1120 38.00 -123.37 94.24
N THR TA 1121 38.39 -122.42 93.40
CA THR TA 1121 37.45 -121.53 92.69
C THR TA 1121 37.77 -121.44 91.20
N ASN TA 1122 36.74 -121.46 90.37
CA ASN TA 1122 36.84 -120.98 89.01
C ASN TA 1122 36.96 -119.46 89.01
N THR TA 1123 38.21 -119.07 88.94
CA THR TA 1123 38.65 -117.83 88.34
C THR TA 1123 38.40 -117.87 86.81
N LYS TA 1124 37.87 -118.96 86.22
CA LYS TA 1124 37.85 -119.19 84.76
C LYS TA 1124 36.62 -119.95 84.27
N LEU TA 1125 36.29 -119.82 82.99
CA LEU TA 1125 35.16 -120.49 82.34
C LEU TA 1125 35.18 -120.31 80.81
N GLN TA 1126 34.84 -121.36 80.08
CA GLN TA 1126 34.22 -121.18 78.76
C GLN TA 1126 33.04 -122.12 78.58
N VAL TA 1127 32.04 -121.68 77.81
CA VAL TA 1127 30.70 -122.29 77.71
C VAL TA 1127 30.46 -122.84 76.31
N ARG TA 1128 29.81 -124.00 76.19
CA ARG TA 1128 29.68 -124.74 74.94
C ARG TA 1128 28.40 -125.57 74.86
N LEU TA 1129 27.92 -125.78 73.65
CA LEU TA 1129 26.72 -126.51 73.31
C LEU TA 1129 26.97 -127.24 71.98
N ASP TA 1130 27.26 -128.53 72.05
CA ASP TA 1130 27.47 -129.37 70.87
C ASP TA 1130 26.13 -129.75 70.23
N LEU TA 1131 25.57 -128.83 69.45
CA LEU TA 1131 24.47 -129.12 68.53
C LEU TA 1131 24.91 -130.32 67.65
N SER TA 1132 24.07 -131.35 67.57
CA SER TA 1132 24.37 -132.60 66.88
C SER TA 1132 23.10 -133.32 66.43
N THR TA 1133 23.13 -134.14 65.36
CA THR TA 1133 21.95 -134.82 64.78
C THR TA 1133 22.28 -136.06 63.94
N GLU TA 1134 21.24 -136.85 63.61
CA GLU TA 1134 21.30 -138.03 62.72
C GLU TA 1134 21.03 -137.78 61.23
N ASN TA 1135 20.36 -136.68 60.85
CA ASN TA 1135 20.30 -136.24 59.46
C ASN TA 1135 20.12 -134.73 59.33
N SER TA 1136 20.52 -134.18 58.19
CA SER TA 1136 20.66 -132.72 57.99
C SER TA 1136 19.32 -131.99 58.09
N PHE TA 1137 18.21 -132.64 57.73
CA PHE TA 1137 16.86 -132.08 57.81
C PHE TA 1137 16.21 -132.19 59.20
N LEU TA 1138 16.88 -132.77 60.20
CA LEU TA 1138 16.49 -132.68 61.61
C LEU TA 1138 17.60 -131.94 62.35
N ARG TA 1139 17.32 -130.81 63.01
CA ARG TA 1139 18.37 -129.98 63.64
C ARG TA 1139 17.98 -129.52 65.04
N PRO TA 1140 18.89 -129.53 66.03
CA PRO TA 1140 18.61 -128.97 67.32
C PRO TA 1140 18.35 -127.47 67.15
N ARG TA 1141 17.32 -126.96 67.81
CA ARG TA 1141 16.89 -125.55 67.76
C ARG TA 1141 17.20 -124.95 69.12
N VAL TA 1142 17.98 -123.87 69.22
CA VAL TA 1142 18.48 -123.34 70.51
C VAL TA 1142 18.26 -121.84 70.67
N ARG TA 1143 17.96 -121.38 71.88
CA ARG TA 1143 17.64 -119.97 72.21
C ARG TA 1143 17.90 -119.66 73.69
N ARG TA 1144 17.95 -118.38 74.08
CA ARG TA 1144 17.96 -117.91 75.49
C ARG TA 1144 19.00 -118.62 76.37
N LEU TA 1145 20.27 -118.66 75.94
CA LEU TA 1145 21.37 -119.18 76.74
C LEU TA 1145 21.82 -118.16 77.81
N MET TA 1146 22.15 -118.64 79.00
CA MET TA 1146 22.98 -117.95 79.99
C MET TA 1146 23.84 -118.90 80.83
N VAL TA 1147 24.86 -118.33 81.47
CA VAL TA 1147 25.41 -118.83 82.74
C VAL TA 1147 25.30 -117.73 83.79
N THR TA 1148 24.55 -117.93 84.88
CA THR TA 1148 24.87 -117.22 86.14
C THR TA 1148 25.96 -118.01 86.88
N THR TA 1149 26.77 -117.34 87.67
CA THR TA 1149 27.86 -117.96 88.41
C THR TA 1149 27.85 -117.55 89.87
N ARG TA 1150 28.06 -118.50 90.79
CA ARG TA 1150 28.19 -118.28 92.25
C ARG TA 1150 29.49 -118.89 92.74
N ASP TA 1151 30.02 -118.38 93.85
CA ASP TA 1151 31.11 -119.08 94.54
C ASP TA 1151 30.58 -119.83 95.76
N GLU TA 1152 31.07 -121.06 95.93
CA GLU TA 1152 30.64 -122.04 96.95
C GLU TA 1152 31.73 -123.05 97.32
N ILE UA 3 7.90 -45.00 8.73
CA ILE UA 3 6.79 -44.95 7.73
C ILE UA 3 5.49 -44.47 8.41
N ASN UA 4 4.70 -43.59 7.78
CA ASN UA 4 3.47 -43.01 8.33
C ASN UA 4 2.40 -42.79 7.26
N PHE UA 5 1.39 -43.64 7.29
CA PHE UA 5 0.22 -43.56 6.39
C PHE UA 5 -0.80 -42.51 6.84
N LYS UA 6 -0.59 -41.82 7.98
CA LYS UA 6 -1.33 -40.58 8.28
C LYS UA 6 -0.87 -39.42 7.40
N GLY UA 7 0.32 -39.56 6.81
CA GLY UA 7 0.76 -38.81 5.65
C GLY UA 7 -0.06 -39.14 4.40
N SER UA 8 -0.19 -38.19 3.48
CA SER UA 8 -0.98 -38.36 2.24
C SER UA 8 -0.28 -39.29 1.22
N PRO UA 9 -1.02 -39.83 0.20
CA PRO UA 9 -2.48 -39.72 0.01
C PRO UA 9 -3.26 -40.61 1.01
N TYR UA 10 -2.54 -41.52 1.67
CA TYR UA 10 -2.99 -42.62 2.53
C TYR UA 10 -3.74 -42.20 3.81
N LEU UA 11 -3.45 -41.00 4.33
CA LEU UA 11 -4.15 -40.21 5.34
C LEU UA 11 -4.51 -40.80 6.71
N ASP UA 12 -4.76 -42.11 6.86
CA ASP UA 12 -4.89 -42.91 8.10
C ASP UA 12 -5.39 -42.11 9.34
N ARG UA 13 -6.61 -41.54 9.31
CA ARG UA 13 -7.15 -40.71 10.42
C ARG UA 13 -7.69 -41.55 11.58
N PHE UA 14 -7.28 -42.81 11.68
CA PHE UA 14 -7.62 -43.69 12.79
C PHE UA 14 -7.13 -43.11 14.14
N ASP UA 15 -7.87 -43.43 15.20
CA ASP UA 15 -7.64 -43.04 16.58
C ASP UA 15 -7.89 -44.22 17.55
N PRO UA 16 -6.82 -44.82 18.11
CA PRO UA 16 -6.95 -45.92 19.07
C PRO UA 16 -7.49 -45.38 20.41
N SER UA 17 -7.16 -44.14 20.76
CA SER UA 17 -7.51 -43.51 22.02
C SER UA 17 -9.01 -43.23 22.14
N LYS UA 18 -9.69 -42.99 21.02
CA LYS UA 18 -11.16 -43.01 20.90
C LYS UA 18 -11.79 -44.41 20.94
N ASP UA 19 -10.99 -45.47 20.83
CA ASP UA 19 -11.47 -46.77 20.37
C ASP UA 19 -12.38 -46.61 19.13
N ARG UA 20 -11.84 -46.05 18.04
CA ARG UA 20 -12.49 -46.20 16.74
C ARG UA 20 -12.56 -47.69 16.41
N THR UA 21 -13.75 -48.25 16.24
CA THR UA 21 -13.95 -49.70 16.32
C THR UA 21 -14.22 -50.40 14.99
N LYS UA 22 -14.91 -49.76 14.04
CA LYS UA 22 -15.37 -50.42 12.80
C LYS UA 22 -15.43 -49.45 11.63
N VAL UA 23 -15.29 -49.87 10.38
CA VAL UA 23 -15.46 -49.00 9.22
C VAL UA 23 -16.75 -49.32 8.49
N LEU UA 24 -17.51 -48.27 8.23
CA LEU UA 24 -18.87 -48.29 7.71
C LEU UA 24 -18.88 -47.65 6.32
N PHE UA 25 -18.28 -48.33 5.35
CA PHE UA 25 -18.15 -47.86 3.98
C PHE UA 25 -19.50 -47.51 3.36
N ASN UA 26 -19.53 -46.56 2.42
CA ASN UA 26 -20.75 -45.98 1.82
C ASN UA 26 -20.85 -46.26 0.30
N PRO UA 27 -22.04 -46.44 -0.30
CA PRO UA 27 -22.28 -47.17 -1.57
C PRO UA 27 -21.68 -46.59 -2.87
N ASP UA 28 -21.57 -47.40 -3.94
CA ASP UA 28 -20.85 -47.17 -5.23
C ASP UA 28 -20.07 -45.85 -5.26
N ARG UA 29 -18.79 -45.97 -4.90
CA ARG UA 29 -18.05 -44.90 -4.27
C ARG UA 29 -16.77 -44.42 -4.94
N PRO UA 30 -16.75 -43.25 -5.60
CA PRO UA 30 -15.52 -42.48 -5.68
C PRO UA 30 -14.99 -42.26 -4.24
N LEU UA 31 -13.74 -42.59 -3.98
CA LEU UA 31 -13.30 -42.94 -2.62
C LEU UA 31 -12.03 -42.19 -2.24
N GLN UA 32 -12.04 -41.59 -1.05
CA GLN UA 32 -10.82 -41.16 -0.40
C GLN UA 32 -10.06 -42.43 0.04
N GLN UA 33 -8.98 -42.81 -0.66
CA GLN UA 33 -8.17 -43.93 -0.20
C GLN UA 33 -7.48 -43.68 1.17
N ALA UA 34 -7.53 -42.43 1.60
CA ALA UA 34 -7.49 -41.97 2.98
C ALA UA 34 -8.16 -42.94 3.99
N GLU UA 35 -9.37 -43.44 3.71
CA GLU UA 35 -10.08 -44.30 4.68
C GLU UA 35 -9.31 -45.58 5.00
N LEU UA 36 -8.53 -46.05 4.04
CA LEU UA 36 -8.24 -47.47 3.90
C LEU UA 36 -7.08 -47.96 4.74
N ASN UA 37 -6.03 -47.18 4.78
CA ASN UA 37 -4.94 -47.39 5.72
C ASN UA 37 -5.56 -47.45 7.11
N GLU UA 38 -6.43 -46.47 7.37
CA GLU UA 38 -7.15 -46.28 8.63
C GLU UA 38 -8.06 -47.47 8.97
N MET UA 39 -8.68 -48.16 8.00
CA MET UA 39 -9.41 -49.39 8.32
C MET UA 39 -8.47 -50.44 8.88
N GLN UA 40 -7.37 -50.73 8.20
CA GLN UA 40 -6.46 -51.75 8.74
C GLN UA 40 -5.87 -51.26 10.06
N SER UA 41 -5.69 -49.95 10.22
CA SER UA 41 -5.21 -49.29 11.43
C SER UA 41 -6.12 -49.56 12.63
N ILE UA 42 -7.44 -49.49 12.41
CA ILE UA 42 -8.45 -49.92 13.37
C ILE UA 42 -8.17 -51.38 13.78
N ASP UA 43 -8.11 -52.31 12.83
CA ASP UA 43 -7.87 -53.71 13.15
C ASP UA 43 -6.48 -53.97 13.78
N GLN UA 44 -5.48 -53.18 13.40
CA GLN UA 44 -4.12 -53.27 13.92
C GLN UA 44 -4.00 -52.88 15.38
N TYR UA 45 -4.72 -51.88 15.86
CA TYR UA 45 -4.76 -51.52 17.28
C TYR UA 45 -5.21 -52.72 18.10
N TYR UA 46 -6.42 -53.22 17.89
CA TYR UA 46 -6.93 -54.37 18.64
C TYR UA 46 -6.09 -55.64 18.48
N LEU UA 47 -5.56 -55.93 17.29
CA LEU UA 47 -4.61 -57.01 17.10
C LEU UA 47 -3.37 -56.81 17.95
N LYS UA 48 -2.74 -55.64 17.81
CA LYS UA 48 -1.53 -55.29 18.54
C LYS UA 48 -1.77 -55.45 20.03
N ASN UA 49 -2.88 -54.92 20.52
CA ASN UA 49 -3.26 -55.01 21.92
C ASN UA 49 -3.24 -56.48 22.38
N LEU UA 50 -3.91 -57.35 21.64
CA LEU UA 50 -4.08 -58.75 22.03
C LEU UA 50 -2.73 -59.51 22.01
N GLY UA 51 -1.70 -58.97 21.34
CA GLY UA 51 -0.30 -59.42 21.47
C GLY UA 51 0.42 -58.77 22.63
N ASP UA 52 0.56 -57.44 22.59
CA ASP UA 52 1.52 -56.74 23.45
C ASP UA 52 1.11 -56.79 24.92
N ALA UA 53 -0.18 -56.86 25.23
CA ALA UA 53 -0.63 -57.12 26.61
C ALA UA 53 -0.19 -58.52 27.11
N ILE UA 54 0.35 -59.39 26.24
CA ILE UA 54 0.59 -60.81 26.51
C ILE UA 54 2.05 -61.26 26.28
N PHE UA 55 2.85 -60.57 25.46
CA PHE UA 55 4.22 -61.02 25.06
C PHE UA 55 5.30 -59.92 25.12
N LYS UA 56 6.57 -60.36 25.12
CA LYS UA 56 7.83 -59.58 24.99
C LYS UA 56 8.49 -59.84 23.65
N ASP UA 57 9.06 -58.82 23.01
CA ASP UA 57 9.80 -59.04 21.76
C ASP UA 57 11.02 -59.93 22.05
N GLY UA 58 11.16 -61.03 21.30
CA GLY UA 58 12.12 -62.11 21.58
C GLY UA 58 11.56 -63.29 22.38
N ASP UA 59 10.27 -63.29 22.73
CA ASP UA 59 9.60 -64.52 23.16
C ASP UA 59 9.66 -65.55 22.03
N LYS UA 60 10.43 -66.62 22.21
CA LYS UA 60 10.56 -67.71 21.22
C LYS UA 60 9.34 -68.62 21.30
N GLN UA 61 8.75 -69.01 20.18
CA GLN UA 61 7.50 -69.79 20.19
C GLN UA 61 7.68 -71.20 19.59
N SER UA 62 8.68 -71.44 18.76
CA SER UA 62 8.93 -72.76 18.16
C SER UA 62 10.40 -72.89 17.78
N GLY UA 63 10.84 -74.09 17.43
CA GLY UA 63 11.98 -74.31 16.53
C GLY UA 63 13.35 -74.08 17.14
N LEU UA 64 13.55 -73.00 17.90
CA LEU UA 64 14.82 -72.31 18.18
C LEU UA 64 15.82 -73.01 19.14
N GLY UA 65 16.08 -74.30 18.94
CA GLY UA 65 17.36 -74.95 19.30
C GLY UA 65 18.54 -74.34 18.49
N PHE UA 66 19.77 -74.87 18.55
CA PHE UA 66 20.92 -74.14 17.98
C PHE UA 66 22.16 -74.98 17.66
N THR UA 67 23.06 -74.37 16.90
CA THR UA 67 24.50 -74.69 16.87
C THR UA 67 25.27 -73.40 17.11
N LEU UA 68 26.22 -73.37 18.03
CA LEU UA 68 27.22 -72.30 18.02
C LEU UA 68 28.28 -72.69 17.01
N SER UA 69 28.40 -71.94 15.92
CA SER UA 69 29.57 -72.06 15.05
C SER UA 69 30.82 -71.75 15.89
N GLU UA 70 31.86 -72.56 15.72
CA GLU UA 70 32.93 -72.70 16.70
C GLU UA 70 34.11 -71.73 16.48
N ASP UA 71 33.90 -70.77 15.60
CA ASP UA 71 34.51 -69.44 15.58
C ASP UA 71 33.76 -68.44 16.51
N ASN UA 72 32.67 -68.90 17.14
CA ASN UA 72 31.64 -68.17 17.86
C ASN UA 72 30.57 -67.47 16.98
N VAL UA 73 30.35 -67.82 15.72
CA VAL UA 73 29.11 -67.41 15.04
C VAL UA 73 27.92 -68.22 15.54
N LEU UA 74 27.07 -67.65 16.39
CA LEU UA 74 25.90 -68.41 16.82
C LEU UA 74 24.99 -68.63 15.62
N THR UA 75 24.53 -69.86 15.45
CA THR UA 75 23.55 -70.25 14.43
C THR UA 75 22.36 -70.89 15.15
N VAL UA 76 21.41 -70.07 15.58
CA VAL UA 76 20.16 -70.62 16.13
C VAL UA 76 19.42 -71.32 14.98
N ASN UA 77 19.02 -72.56 15.21
CA ASN UA 77 18.28 -73.37 14.27
C ASN UA 77 16.84 -72.80 14.24
N PRO UA 78 16.33 -72.17 13.16
CA PRO UA 78 15.17 -71.25 13.21
C PRO UA 78 13.84 -71.75 13.83
N GLY UA 79 12.89 -70.82 14.04
CA GLY UA 79 11.55 -71.11 14.59
C GLY UA 79 10.62 -69.88 14.60
N TYR UA 80 9.51 -69.90 15.34
CA TYR UA 80 8.69 -68.71 15.61
C TYR UA 80 9.25 -67.79 16.72
N VAL UA 81 8.89 -66.51 16.64
CA VAL UA 81 9.22 -65.49 17.62
C VAL UA 81 8.12 -64.43 17.76
N TYR UA 82 8.04 -63.77 18.90
CA TYR UA 82 7.28 -62.54 19.03
C TYR UA 82 8.16 -61.35 18.64
N ILE UA 83 7.57 -60.38 17.96
CA ILE UA 83 8.04 -58.99 17.93
C ILE UA 83 6.77 -58.13 18.08
N ASN UA 84 6.86 -56.83 18.35
CA ASN UA 84 5.70 -56.04 18.77
C ASN UA 84 4.44 -56.23 17.92
N GLY UA 85 3.31 -56.20 18.62
CA GLY UA 85 1.97 -56.57 18.18
C GLY UA 85 1.72 -58.07 17.92
N LYS UA 86 2.71 -58.89 17.50
CA LYS UA 86 2.42 -60.20 16.86
C LYS UA 86 3.49 -61.30 16.96
N ILE UA 87 3.00 -62.53 17.07
CA ILE UA 87 3.76 -63.77 16.82
C ILE UA 87 3.93 -63.97 15.30
N ARG UA 88 5.13 -64.33 14.89
CA ARG UA 88 5.60 -64.40 13.50
C ARG UA 88 6.67 -65.48 13.40
N TYR UA 89 6.86 -66.11 12.25
CA TYR UA 89 8.06 -66.94 12.13
C TYR UA 89 9.32 -66.07 12.08
N TYR UA 90 10.36 -66.36 12.87
CA TYR UA 90 11.60 -65.62 12.69
C TYR UA 90 12.18 -65.98 11.32
N ASP UA 91 12.37 -64.97 10.48
CA ASP UA 91 12.56 -65.15 9.05
C ASP UA 91 13.80 -65.98 8.64
N ASN UA 92 14.82 -66.08 9.51
CA ASN UA 92 16.17 -66.56 9.17
C ASN UA 92 16.79 -67.40 10.32
N ASP UA 93 18.00 -67.92 10.12
CA ASP UA 93 18.94 -68.17 11.25
C ASP UA 93 19.79 -66.89 11.48
N ASP UA 94 20.05 -66.14 10.40
CA ASP UA 94 20.87 -64.91 10.31
C ASP UA 94 22.16 -64.97 11.15
N SER UA 95 22.87 -66.12 11.16
CA SER UA 95 23.97 -66.41 12.11
C SER UA 95 25.09 -65.36 12.11
N VAL UA 96 25.47 -64.87 13.29
CA VAL UA 96 26.44 -63.76 13.48
C VAL UA 96 27.39 -64.03 14.64
N LYS UA 97 28.54 -63.35 14.62
CA LYS UA 97 29.61 -63.56 15.61
C LYS UA 97 29.17 -63.03 16.97
N ILE UA 98 28.95 -63.98 17.88
CA ILE UA 98 29.01 -63.73 19.32
C ILE UA 98 30.51 -63.72 19.70
N THR UA 99 30.90 -63.02 20.74
CA THR UA 99 32.30 -62.97 21.18
C THR UA 99 32.76 -64.26 21.86
N GLY UA 100 31.82 -65.03 22.41
CA GLY UA 100 32.11 -66.16 23.31
C GLY UA 100 32.63 -65.75 24.70
N VAL UA 101 32.47 -64.49 25.14
CA VAL UA 101 32.89 -63.98 26.47
C VAL UA 101 31.88 -62.98 27.10
N GLY UA 102 31.55 -63.15 28.38
CA GLY UA 102 30.48 -62.35 29.02
C GLY UA 102 29.08 -62.61 28.44
N LYS UA 103 28.07 -61.82 28.83
CA LYS UA 103 26.64 -62.09 28.51
C LYS UA 103 26.29 -61.64 27.09
N GLU UA 104 26.44 -62.53 26.11
CA GLU UA 104 26.21 -62.21 24.69
C GLU UA 104 24.71 -62.04 24.35
N THR UA 105 24.13 -60.84 24.40
CA THR UA 105 22.65 -60.68 24.26
C THR UA 105 22.18 -60.80 22.81
N ILE UA 106 21.74 -62.00 22.43
CA ILE UA 106 21.20 -62.33 21.12
C ILE UA 106 19.77 -61.78 20.99
N GLY UA 107 19.51 -60.91 20.02
CA GLY UA 107 18.14 -60.41 19.81
C GLY UA 107 17.86 -59.76 18.47
N ILE UA 108 16.59 -59.83 18.08
CA ILE UA 108 16.10 -59.59 16.72
C ILE UA 108 15.69 -58.12 16.49
N LYS UA 109 15.46 -57.79 15.20
CA LYS UA 109 14.96 -56.52 14.66
C LYS UA 109 14.19 -56.75 13.34
N LEU UA 110 13.30 -55.84 12.94
CA LEU UA 110 12.72 -55.85 11.59
C LEU UA 110 12.62 -54.43 11.00
N THR UA 111 12.39 -54.33 9.69
CA THR UA 111 12.89 -53.18 8.92
C THR UA 111 11.97 -52.71 7.78
N GLU UA 112 11.34 -51.54 7.94
CA GLU UA 112 10.27 -51.06 7.05
C GLU UA 112 10.71 -50.64 5.64
N ARG UA 113 9.75 -50.70 4.72
CA ARG UA 113 9.81 -50.41 3.28
C ARG UA 113 8.53 -49.77 2.79
N ILE UA 114 8.56 -49.23 1.57
CA ILE UA 114 7.36 -49.16 0.75
C ILE UA 114 7.54 -49.90 -0.59
N VAL UA 115 6.48 -50.57 -1.03
CA VAL UA 115 6.31 -51.12 -2.39
C VAL UA 115 5.40 -50.15 -3.16
N THR UA 116 5.84 -49.61 -4.29
CA THR UA 116 5.02 -48.83 -5.21
C THR UA 116 4.40 -49.70 -6.33
N PRO UA 117 3.48 -49.17 -7.20
CA PRO UA 117 3.12 -49.71 -8.53
C PRO UA 117 4.28 -50.01 -9.48
N ASP UA 118 5.51 -50.05 -8.96
CA ASP UA 118 6.76 -50.01 -9.65
C ASP UA 118 7.81 -50.87 -8.90
N GLU UA 119 7.69 -51.07 -7.57
CA GLU UA 119 8.24 -52.27 -6.90
C GLU UA 119 7.45 -53.53 -7.32
N ASP UA 120 6.12 -53.39 -7.43
CA ASP UA 120 5.24 -54.37 -8.07
C ASP UA 120 4.57 -53.74 -9.29
N ALA UA 121 4.80 -54.24 -10.51
CA ALA UA 121 4.03 -53.74 -11.65
C ALA UA 121 2.53 -54.05 -11.53
N SER UA 122 2.14 -55.05 -10.74
CA SER UA 122 0.74 -55.45 -10.54
C SER UA 122 -0.14 -54.34 -9.98
N LEU UA 123 0.39 -53.21 -9.48
CA LEU UA 123 -0.42 -52.12 -8.89
C LEU UA 123 -0.72 -51.05 -9.96
N LEU UA 124 -0.86 -51.52 -11.21
CA LEU UA 124 -1.23 -50.80 -12.42
C LEU UA 124 -2.53 -51.40 -13.07
N ASP UA 125 -3.27 -50.64 -13.89
CA ASP UA 125 -4.72 -50.81 -14.20
C ASP UA 125 -5.27 -52.22 -14.63
N GLN UA 126 -6.61 -52.49 -14.60
CA GLN UA 126 -7.17 -53.79 -15.06
C GLN UA 126 -8.29 -53.93 -16.15
N THR UA 127 -9.04 -52.91 -16.64
CA THR UA 127 -9.80 -53.12 -17.91
C THR UA 127 -8.86 -52.97 -19.11
N SER UA 128 -7.94 -52.00 -19.03
CA SER UA 128 -6.77 -51.94 -19.91
C SER UA 128 -5.80 -53.09 -19.58
N GLY UA 129 -4.61 -53.08 -20.18
CA GLY UA 129 -3.48 -53.89 -19.75
C GLY UA 129 -2.74 -53.24 -18.57
N VAL UA 130 -2.24 -54.08 -17.65
CA VAL UA 130 -1.60 -53.64 -16.39
C VAL UA 130 -0.37 -52.71 -16.65
N PRO UA 131 0.78 -53.15 -17.19
CA PRO UA 131 2.06 -52.43 -16.98
C PRO UA 131 2.32 -51.19 -17.86
N SER UA 132 2.22 -50.00 -17.27
CA SER UA 132 2.48 -48.72 -17.93
C SER UA 132 2.71 -47.59 -16.92
N TYR UA 133 3.22 -46.46 -17.40
CA TYR UA 133 2.99 -45.12 -16.83
C TYR UA 133 1.47 -44.86 -16.69
N PHE UA 134 1.04 -43.86 -15.90
CA PHE UA 134 -0.30 -43.25 -16.05
C PHE UA 134 -1.47 -44.25 -15.96
N SER UA 135 -1.49 -45.11 -14.93
CA SER UA 135 -2.43 -46.25 -14.82
C SER UA 135 -2.62 -46.78 -13.39
N LYS UA 136 -2.46 -45.96 -12.35
CA LYS UA 136 -2.04 -46.42 -10.99
C LYS UA 136 -3.18 -46.69 -9.97
N GLY UA 137 -2.83 -47.52 -8.98
CA GLY UA 137 -3.63 -47.99 -7.84
C GLY UA 137 -2.74 -48.24 -6.61
N ALA UA 138 -2.66 -49.48 -6.10
CA ALA UA 138 -2.10 -49.81 -4.77
C ALA UA 138 -0.58 -49.49 -4.53
N ASP UA 139 -0.12 -49.68 -3.29
CA ASP UA 139 1.25 -49.63 -2.73
C ASP UA 139 1.31 -50.57 -1.47
N ARG UA 140 2.46 -50.92 -0.85
CA ARG UA 140 2.51 -51.70 0.43
C ARG UA 140 3.49 -51.14 1.46
N LEU UA 141 3.31 -51.51 2.74
CA LEU UA 141 4.37 -51.57 3.76
C LEU UA 141 4.89 -53.01 3.87
N GLU UA 142 6.20 -53.15 3.94
CA GLU UA 142 6.90 -54.43 4.07
C GLU UA 142 8.10 -54.20 5.03
N GLU UA 143 8.54 -55.20 5.77
CA GLU UA 143 9.19 -54.95 7.07
C GLU UA 143 10.34 -55.89 7.48
N LYS UA 144 11.26 -56.25 6.60
CA LYS UA 144 12.18 -57.40 6.76
C LYS UA 144 12.84 -57.62 8.14
N MET UA 145 12.66 -58.82 8.70
CA MET UA 145 13.32 -59.38 9.91
C MET UA 145 14.83 -59.57 9.74
N SER UA 146 15.54 -59.62 10.88
CA SER UA 146 17.01 -59.62 11.00
C SER UA 146 17.46 -59.95 12.43
N LEU UA 147 18.74 -60.26 12.65
CA LEU UA 147 19.29 -60.57 13.98
C LEU UA 147 20.41 -59.59 14.38
N THR UA 148 20.56 -59.42 15.69
CA THR UA 148 21.56 -58.58 16.37
C THR UA 148 22.12 -59.32 17.59
N VAL UA 149 23.29 -58.90 18.09
CA VAL UA 149 23.91 -59.42 19.33
C VAL UA 149 24.53 -58.27 20.12
N ASN UA 150 24.49 -58.38 21.44
CA ASN UA 150 24.97 -57.39 22.43
C ASN UA 150 24.20 -56.06 22.46
N ASP UA 151 23.17 -55.89 21.62
CA ASP UA 151 22.07 -54.97 21.90
C ASP UA 151 21.06 -55.69 22.83
N PRO UA 152 20.95 -55.32 24.11
CA PRO UA 152 19.96 -55.91 25.01
C PRO UA 152 18.54 -55.39 24.73
N THR UA 153 18.43 -54.24 24.06
CA THR UA 153 17.14 -53.62 23.75
C THR UA 153 16.57 -54.22 22.45
N SER UA 154 17.40 -54.90 21.65
CA SER UA 154 16.94 -55.79 20.58
C SER UA 154 16.02 -56.87 21.15
N ALA UA 155 15.19 -57.49 20.30
CA ALA UA 155 14.20 -58.48 20.70
C ALA UA 155 14.91 -59.74 21.25
N THR UA 156 15.30 -59.71 22.52
CA THR UA 156 16.40 -60.53 23.02
C THR UA 156 15.95 -61.95 23.35
N ILE UA 157 16.11 -62.83 22.36
CA ILE UA 157 15.80 -64.25 22.44
C ILE UA 157 16.72 -65.00 23.39
N TYR UA 158 17.97 -64.56 23.59
CA TYR UA 158 18.93 -65.28 24.41
C TYR UA 158 20.02 -64.37 24.95
N THR UA 159 20.73 -64.83 25.99
CA THR UA 159 22.10 -64.38 26.23
C THR UA 159 23.06 -65.55 26.42
N PHE UA 160 24.20 -65.49 25.75
CA PHE UA 160 25.18 -66.57 25.78
C PHE UA 160 26.38 -66.16 26.65
N MET UA 161 26.28 -66.41 27.95
CA MET UA 161 27.37 -66.20 28.89
C MET UA 161 28.62 -67.00 28.54
N ASP UA 162 29.74 -66.34 28.23
CA ASP UA 162 30.98 -67.04 27.91
C ASP UA 162 30.85 -68.04 26.75
N GLY UA 163 29.89 -67.78 25.86
CA GLY UA 163 29.53 -68.68 24.77
C GLY UA 163 28.77 -69.97 25.20
N ASP UA 164 28.59 -70.23 26.49
CA ASP UA 164 27.49 -71.06 26.98
C ASP UA 164 26.18 -70.43 26.54
N LEU UA 165 25.08 -71.17 26.34
CA LEU UA 165 23.83 -70.48 26.59
C LEU UA 165 23.80 -70.28 28.11
N TYR UA 166 23.56 -69.06 28.59
CA TYR UA 166 23.71 -68.73 30.02
C TYR UA 166 22.79 -69.57 30.92
N ILE UA 167 21.75 -70.14 30.32
CA ILE UA 167 20.72 -70.95 30.94
C ILE UA 167 20.14 -71.93 29.89
N GLN UA 168 18.97 -72.54 30.08
CA GLN UA 168 18.16 -73.14 29.02
C GLN UA 168 16.69 -73.31 29.51
N SER UA 169 16.02 -72.19 29.82
CA SER UA 169 14.70 -72.12 30.49
C SER UA 169 13.48 -72.51 29.64
N THR UA 170 13.67 -73.44 28.71
CA THR UA 170 12.91 -73.52 27.44
C THR UA 170 11.51 -74.15 27.50
N ASN UA 171 10.85 -74.13 28.66
CA ASN UA 171 9.40 -74.34 28.77
C ASN UA 171 8.75 -73.21 29.59
N ALA UA 172 7.56 -72.79 29.19
CA ALA UA 172 6.86 -71.68 29.83
C ALA UA 172 6.24 -72.02 31.20
N GLU UA 173 6.05 -73.29 31.55
CA GLU UA 173 5.17 -73.69 32.64
C GLU UA 173 5.76 -74.70 33.63
N MET UA 174 6.24 -75.85 33.15
CA MET UA 174 6.80 -76.88 34.03
C MET UA 174 7.95 -76.31 34.89
N ASP UA 175 8.80 -75.49 34.26
CA ASP UA 175 9.88 -74.75 34.91
C ASP UA 175 9.35 -73.88 36.07
N LYS UA 176 8.23 -73.20 35.82
CA LYS UA 176 7.59 -72.28 36.75
C LYS UA 176 6.90 -73.03 37.90
N ILE UA 177 6.34 -74.20 37.59
CA ILE UA 177 5.76 -75.12 38.58
C ILE UA 177 6.86 -75.73 39.44
N ASN UA 178 8.02 -76.06 38.89
CA ASN UA 178 9.17 -76.51 39.67
C ASN UA 178 9.64 -75.42 40.65
N LYS UA 179 9.73 -74.18 40.16
CA LYS UA 179 9.99 -72.99 40.99
C LYS UA 179 8.95 -72.78 42.09
N VAL UA 180 7.82 -73.50 42.05
CA VAL UA 180 6.97 -73.73 43.22
C VAL UA 180 7.36 -74.99 43.98
N LEU UA 181 7.17 -76.20 43.44
CA LEU UA 181 7.16 -77.42 44.27
C LEU UA 181 8.51 -77.70 44.95
N ALA UA 182 9.60 -77.82 44.19
CA ALA UA 182 10.90 -78.11 44.78
C ALA UA 182 11.35 -76.96 45.70
N GLU UA 183 10.86 -75.75 45.43
CA GLU UA 183 11.05 -74.61 46.30
C GLU UA 183 10.32 -74.80 47.65
N ARG UA 184 9.00 -75.13 47.68
CA ARG UA 184 8.30 -75.52 48.93
C ARG UA 184 9.01 -76.66 49.62
N THR UA 185 9.51 -77.60 48.82
CA THR UA 185 10.22 -78.74 49.33
C THR UA 185 11.44 -78.27 50.09
N TYR UA 186 12.23 -77.34 49.57
CA TYR UA 186 13.30 -76.74 50.37
C TYR UA 186 12.75 -76.03 51.62
N ASP UA 187 11.65 -75.28 51.49
CA ASP UA 187 11.04 -74.53 52.59
C ASP UA 187 10.59 -75.42 53.77
N GLU UA 188 10.10 -76.62 53.49
CA GLU UA 188 9.64 -77.59 54.50
C GLU UA 188 10.68 -78.70 54.78
N SER UA 189 11.70 -78.84 53.91
CA SER UA 189 12.72 -79.89 53.91
C SER UA 189 13.96 -79.54 53.07
N GLY UA 190 14.84 -78.67 53.60
CA GLY UA 190 15.89 -77.96 52.85
C GLY UA 190 16.99 -78.80 52.18
N SER UA 191 18.23 -78.58 52.57
CA SER UA 191 19.34 -79.45 52.17
C SER UA 191 19.45 -80.52 53.22
N TYR UA 192 18.80 -81.64 52.94
CA TYR UA 192 18.51 -82.72 53.89
C TYR UA 192 18.61 -84.07 53.19
N LYS UA 193 18.68 -85.15 53.96
CA LYS UA 193 18.79 -86.52 53.48
C LYS UA 193 17.49 -87.32 53.68
N VAL UA 194 17.04 -88.06 52.67
CA VAL UA 194 16.08 -89.17 52.86
C VAL UA 194 16.82 -90.45 53.24
N ASN UA 195 17.94 -90.76 52.57
CA ASN UA 195 18.75 -91.92 52.88
C ASN UA 195 20.17 -91.85 52.30
N GLY UA 196 21.04 -92.70 52.84
CA GLY UA 196 22.35 -93.01 52.29
C GLY UA 196 23.49 -92.04 52.62
N PHE UA 197 24.39 -91.81 51.66
CA PHE UA 197 25.43 -90.78 51.68
C PHE UA 197 26.40 -90.81 52.88
N GLU UA 198 26.52 -91.91 53.63
CA GLU UA 198 27.27 -91.94 54.91
C GLU UA 198 28.77 -92.23 54.84
N LEU UA 199 29.47 -91.78 55.88
CA LEU UA 199 30.88 -91.36 55.85
C LEU UA 199 31.88 -92.43 56.26
N PHE UA 200 31.83 -93.57 55.57
CA PHE UA 200 32.98 -94.48 55.49
C PHE UA 200 33.99 -94.02 54.42
N SER UA 201 34.96 -94.86 54.07
CA SER UA 201 36.17 -94.47 53.31
C SER UA 201 36.83 -95.66 52.59
N GLU UA 202 37.76 -95.36 51.69
CA GLU UA 202 38.56 -96.33 50.91
C GLU UA 202 39.89 -95.66 50.57
N GLY UA 203 40.98 -96.42 50.45
CA GLY UA 203 42.34 -95.84 50.26
C GLY UA 203 42.70 -95.61 48.78
N ASN UA 204 43.35 -94.50 48.47
CA ASN UA 204 43.79 -94.15 47.12
C ASN UA 204 45.12 -94.82 46.81
N ALA UA 205 45.17 -96.14 46.75
CA ALA UA 205 46.37 -96.85 46.34
C ALA UA 205 46.92 -96.31 44.98
N GLU UA 206 46.01 -95.81 44.15
CA GLU UA 206 46.26 -95.15 42.87
C GLU UA 206 47.09 -93.85 42.99
N ASP UA 207 47.06 -93.18 44.15
CA ASP UA 207 47.70 -91.90 44.45
C ASP UA 207 47.88 -91.78 45.98
N ASP UA 208 48.73 -92.63 46.55
CA ASP UA 208 48.62 -93.02 47.98
C ASP UA 208 49.07 -91.98 49.01
N ASP UA 209 49.10 -90.71 48.63
CA ASP UA 209 48.93 -89.57 49.52
C ASP UA 209 47.47 -89.19 49.70
N HIS UA 210 46.52 -89.96 49.15
CA HIS UA 210 45.10 -89.65 49.16
C HIS UA 210 44.24 -90.78 49.74
N VAL UA 211 43.07 -90.43 50.28
CA VAL UA 211 41.92 -91.32 50.39
C VAL UA 211 41.23 -91.37 49.02
N SER UA 212 40.63 -92.51 48.65
CA SER UA 212 39.76 -92.70 47.49
C SER UA 212 38.35 -93.00 48.00
N VAL UA 213 37.76 -92.03 48.69
CA VAL UA 213 36.57 -92.15 49.54
C VAL UA 213 35.46 -92.94 48.85
N VAL UA 214 35.19 -94.16 49.31
CA VAL UA 214 33.88 -94.76 49.13
C VAL UA 214 32.96 -94.22 50.22
N VAL UA 215 31.92 -93.55 49.77
CA VAL UA 215 30.78 -93.05 50.54
C VAL UA 215 29.52 -93.56 49.85
N ASP UA 216 28.49 -93.81 50.63
CA ASP UA 216 27.27 -94.45 50.18
C ASP UA 216 26.55 -93.65 49.06
N ALA UA 217 25.81 -94.35 48.19
CA ALA UA 217 24.72 -93.76 47.39
C ALA UA 217 23.62 -93.24 48.32
N GLY UA 218 22.60 -92.58 47.80
CA GLY UA 218 21.50 -92.08 48.64
C GLY UA 218 20.56 -91.15 47.92
N LYS UA 219 19.58 -90.62 48.65
CA LYS UA 219 18.51 -89.77 48.11
C LYS UA 219 18.06 -88.73 49.09
N ALA UA 220 17.43 -87.69 48.54
CA ALA UA 220 16.45 -86.81 49.15
C ALA UA 220 15.93 -85.85 48.07
N TYR UA 221 14.91 -85.07 48.36
CA TYR UA 221 14.79 -83.78 47.69
C TYR UA 221 15.90 -82.80 48.19
N VAL UA 222 17.19 -83.13 48.02
CA VAL UA 222 18.31 -82.33 48.54
C VAL UA 222 18.25 -80.92 47.95
N LYS UA 223 18.37 -79.90 48.79
CA LYS UA 223 18.15 -78.50 48.42
C LYS UA 223 16.69 -78.26 47.98
N GLY UA 224 15.74 -79.02 48.52
CA GLY UA 224 14.37 -79.12 48.02
C GLY UA 224 14.25 -79.85 46.67
N PHE UA 225 15.33 -80.30 46.04
CA PHE UA 225 15.38 -80.71 44.65
C PHE UA 225 15.64 -82.22 44.53
N LYS UA 226 15.03 -82.85 43.54
CA LYS UA 226 14.82 -84.31 43.26
C LYS UA 226 15.99 -85.33 43.34
N VAL UA 227 16.96 -85.19 44.24
CA VAL UA 227 18.18 -86.00 44.29
C VAL UA 227 17.98 -87.48 44.57
N ASP UA 228 18.61 -88.27 43.70
CA ASP UA 228 19.12 -89.60 44.01
C ASP UA 228 20.51 -89.65 43.35
N LYS UA 229 21.55 -89.93 44.14
CA LYS UA 229 22.92 -90.15 43.62
C LYS UA 229 23.30 -91.61 43.85
N PRO UA 230 23.00 -92.50 42.88
CA PRO UA 230 23.48 -93.88 42.86
C PRO UA 230 24.83 -93.98 42.10
N VAL UA 231 25.90 -94.36 42.81
CA VAL UA 231 27.28 -94.19 42.33
C VAL UA 231 28.19 -95.35 42.71
N SER UA 232 29.24 -95.60 41.92
CA SER UA 232 30.43 -96.36 42.32
C SER UA 232 31.54 -95.42 42.87
N THR UA 233 31.24 -94.81 44.02
CA THR UA 233 32.01 -93.72 44.66
C THR UA 233 33.41 -94.15 45.08
N ARG UA 234 34.49 -93.48 44.66
CA ARG UA 234 35.89 -93.66 45.16
C ARG UA 234 36.69 -92.35 45.03
N ILE UA 235 36.29 -91.33 45.78
CA ILE UA 235 36.69 -89.94 45.54
C ILE UA 235 38.07 -89.59 46.12
N SER UA 236 39.01 -89.12 45.30
CA SER UA 236 40.31 -88.64 45.77
C SER UA 236 40.18 -87.43 46.71
N VAL UA 237 40.71 -87.51 47.93
CA VAL UA 237 40.94 -86.40 48.91
C VAL UA 237 42.30 -86.67 49.56
N PRO UA 238 43.06 -85.72 50.11
CA PRO UA 238 44.33 -86.03 50.77
C PRO UA 238 44.22 -87.04 51.92
N LYS UA 239 45.32 -87.71 52.27
CA LYS UA 239 45.49 -88.44 53.53
C LYS UA 239 45.73 -87.51 54.69
N SER UA 240 45.65 -88.00 55.93
CA SER UA 240 46.30 -87.31 57.03
C SER UA 240 47.70 -87.89 57.20
N TYR UA 241 48.46 -87.80 56.11
CA TYR UA 241 49.92 -87.69 56.18
C TYR UA 241 50.32 -86.28 56.68
N ASP UA 242 49.35 -85.44 57.02
CA ASP UA 242 49.48 -84.22 57.81
C ASP UA 242 50.26 -84.52 59.09
N LEU UA 243 51.27 -83.71 59.40
CA LEU UA 243 52.23 -84.00 60.46
C LEU UA 243 52.44 -82.84 61.42
N GLY UA 244 52.55 -83.22 62.69
CA GLY UA 244 52.96 -82.40 63.81
C GLY UA 244 54.20 -82.97 64.49
N THR UA 245 54.51 -82.38 65.64
CA THR UA 245 55.64 -82.81 66.46
C THR UA 245 55.45 -82.32 67.89
N ALA UA 246 55.76 -83.19 68.85
CA ALA UA 246 55.47 -83.02 70.28
C ALA UA 246 56.76 -83.12 71.10
N GLU UA 247 57.13 -82.05 71.79
CA GLU UA 247 58.52 -81.80 72.17
C GLU UA 247 58.73 -81.72 73.69
N ASN UA 248 59.86 -82.23 74.18
CA ASN UA 248 60.14 -82.51 75.58
C ASN UA 248 59.00 -83.26 76.34
N GLU UA 249 58.24 -84.11 75.65
CA GLU UA 249 57.19 -84.96 76.24
C GLU UA 249 57.77 -85.82 77.36
N SER UA 250 57.16 -85.77 78.55
CA SER UA 250 57.88 -85.99 79.79
C SER UA 250 57.40 -87.20 80.60
N THR UA 251 58.34 -87.79 81.33
CA THR UA 251 58.04 -88.51 82.58
C THR UA 251 59.16 -88.22 83.58
N ILE UA 252 58.84 -88.17 84.86
CA ILE UA 252 59.85 -88.34 85.92
C ILE UA 252 60.26 -89.81 85.82
N PHE UA 253 61.21 -90.08 84.91
CA PHE UA 253 61.33 -91.36 84.21
C PHE UA 253 61.26 -92.57 85.13
N ASN UA 254 60.65 -93.65 84.63
CA ASN UA 254 60.48 -94.84 85.43
C ASN UA 254 61.37 -95.97 84.89
N LYS UA 255 62.30 -96.48 85.72
CA LYS UA 255 63.19 -97.59 85.29
C LYS UA 255 62.50 -98.96 85.30
N SER UA 256 61.30 -99.07 85.89
CA SER UA 256 60.43 -100.26 85.81
C SER UA 256 59.35 -100.15 84.73
N ASN UA 257 58.68 -99.00 84.61
CA ASN UA 257 57.79 -98.65 83.50
C ASN UA 257 58.57 -97.87 82.42
N ASN UA 258 59.56 -98.53 81.83
CA ASN UA 258 60.46 -97.90 80.86
C ASN UA 258 59.70 -97.31 79.67
N SER UA 259 58.60 -97.96 79.25
CA SER UA 259 57.59 -97.51 78.27
C SER UA 259 56.91 -96.20 78.71
N ILE UA 260 57.58 -95.09 78.43
CA ILE UA 260 57.08 -93.74 78.64
C ILE UA 260 56.17 -93.36 77.47
N SER UA 261 54.88 -93.21 77.71
CA SER UA 261 53.88 -93.07 76.66
C SER UA 261 54.08 -91.80 75.82
N LEU UA 262 54.07 -91.98 74.49
CA LEU UA 262 53.89 -90.93 73.51
C LEU UA 262 52.44 -90.95 73.04
N ALA UA 263 51.79 -89.81 73.20
CA ALA UA 263 50.37 -89.67 72.94
C ALA UA 263 50.03 -89.26 71.49
N ASN UA 264 50.78 -88.32 70.92
CA ASN UA 264 50.53 -87.74 69.60
C ASN UA 264 50.94 -88.73 68.49
N SER UA 265 50.03 -89.21 67.61
CA SER UA 265 50.34 -90.43 66.83
C SER UA 265 49.49 -90.76 65.59
N PRO UA 266 49.97 -91.67 64.70
CA PRO UA 266 51.25 -92.40 64.73
C PRO UA 266 52.51 -91.55 64.88
N VAL UA 267 53.46 -91.96 65.74
CA VAL UA 267 54.77 -91.28 65.81
C VAL UA 267 55.53 -91.54 64.51
N LYS UA 268 56.00 -90.45 63.90
CA LYS UA 268 56.76 -90.46 62.65
C LYS UA 268 58.24 -90.73 62.97
N GLU UA 269 58.88 -89.91 63.81
CA GLU UA 269 60.25 -90.18 64.28
C GLU UA 269 60.60 -89.45 65.59
N ILE UA 270 61.61 -89.94 66.33
CA ILE UA 270 62.14 -89.31 67.56
C ILE UA 270 63.43 -88.51 67.23
N ARG UA 271 63.42 -87.21 67.57
CA ARG UA 271 64.44 -86.21 67.18
C ARG UA 271 65.60 -86.09 68.16
N ARG UA 272 65.26 -86.06 69.45
CA ARG UA 272 66.08 -85.67 70.61
C ARG UA 272 65.35 -86.02 71.91
N VAL UA 273 66.05 -86.46 72.93
CA VAL UA 273 65.46 -86.70 74.26
C VAL UA 273 66.50 -86.28 75.32
N THR UA 274 66.13 -85.97 76.55
CA THR UA 274 67.09 -85.63 77.62
C THR UA 274 66.62 -86.21 78.97
N GLY UA 275 67.56 -86.60 79.84
CA GLY UA 275 67.22 -87.20 81.14
C GLY UA 275 68.36 -87.48 82.11
N GLN UA 276 67.98 -87.64 83.39
CA GLN UA 276 68.81 -87.48 84.61
C GLN UA 276 69.62 -88.74 85.03
N VAL UA 277 70.59 -89.15 84.21
CA VAL UA 277 71.55 -90.23 84.54
C VAL UA 277 72.46 -89.81 85.70
N LEU UA 278 73.10 -90.72 86.47
CA LEU UA 278 74.05 -90.35 87.55
C LEU UA 278 75.50 -90.71 87.22
N ILE UA 279 76.38 -89.71 87.22
CA ILE UA 279 77.82 -89.90 87.44
C ILE UA 279 78.00 -90.11 88.96
N GLU UA 280 78.14 -91.37 89.38
CA GLU UA 280 78.32 -91.76 90.78
C GLU UA 280 79.65 -91.21 91.37
N LYS UA 281 80.68 -91.18 90.52
CA LYS UA 281 82.07 -90.91 90.82
C LYS UA 281 82.86 -90.98 89.51
N GLU UA 282 82.91 -89.89 88.73
CA GLU UA 282 83.97 -89.77 87.72
C GLU UA 282 85.30 -89.50 88.43
N ARG UA 283 86.42 -90.04 87.95
CA ARG UA 283 87.73 -89.52 88.36
C ARG UA 283 87.91 -88.15 87.72
N VAL UA 284 88.27 -87.19 88.56
CA VAL UA 284 88.99 -86.00 88.13
C VAL UA 284 90.18 -85.87 89.08
N THR UA 285 91.40 -85.64 88.60
CA THR UA 285 92.55 -85.48 89.51
C THR UA 285 93.48 -84.37 89.05
N ARG UA 286 94.11 -83.71 90.02
CA ARG UA 286 94.54 -82.32 89.89
C ARG UA 286 95.60 -82.13 88.78
N GLY UA 287 95.35 -81.16 87.90
CA GLY UA 287 96.30 -80.67 86.91
C GLY UA 287 97.51 -79.95 87.53
N ALA UA 288 98.28 -79.22 86.71
CA ALA UA 288 99.64 -78.79 87.05
C ALA UA 288 99.79 -77.53 87.93
N GLN UA 289 99.42 -76.36 87.39
CA GLN UA 289 99.47 -75.06 88.09
C GLN UA 289 98.43 -75.04 89.22
N GLY UA 290 98.81 -74.73 90.46
CA GLY UA 290 97.82 -74.49 91.53
C GLY UA 290 96.94 -73.28 91.19
N ASP UA 291 95.64 -73.34 91.44
CA ASP UA 291 94.67 -72.37 90.91
C ASP UA 291 94.59 -72.37 89.36
N GLY UA 292 94.95 -73.51 88.74
CA GLY UA 292 94.82 -73.84 87.31
C GLY UA 292 93.53 -74.65 87.00
N GLN UA 293 93.58 -75.72 86.20
CA GLN UA 293 92.35 -76.44 85.75
C GLN UA 293 92.44 -77.98 85.70
N ASP UA 294 91.27 -78.64 85.76
CA ASP UA 294 90.96 -80.06 85.47
C ASP UA 294 89.63 -80.14 84.65
N PHE UA 295 88.95 -81.30 84.45
CA PHE UA 295 87.68 -81.39 83.65
C PHE UA 295 86.63 -82.47 84.07
N LEU UA 296 85.33 -82.13 84.01
CA LEU UA 296 84.17 -83.00 84.24
C LEU UA 296 83.85 -83.88 83.02
N SER UA 297 83.06 -84.92 83.25
CA SER UA 297 82.51 -85.77 82.21
C SER UA 297 81.32 -85.10 81.46
N ASN UA 298 80.50 -84.26 82.12
CA ASN UA 298 79.40 -83.50 81.49
C ASN UA 298 79.48 -82.01 81.82
N ASN UA 299 79.07 -81.17 80.88
CA ASN UA 299 78.52 -79.83 81.14
C ASN UA 299 77.10 -79.94 81.74
N THR UA 300 76.28 -80.89 81.29
CA THR UA 300 74.93 -81.18 81.81
C THR UA 300 74.94 -81.82 83.21
N ALA UA 301 76.08 -81.84 83.91
CA ALA UA 301 76.31 -82.20 85.31
C ALA UA 301 75.52 -81.25 86.24
N PHE UA 302 74.19 -81.32 86.21
CA PHE UA 302 73.26 -80.35 86.82
C PHE UA 302 73.25 -80.42 88.36
N GLU UA 303 73.35 -81.64 88.91
CA GLU UA 303 73.31 -81.93 90.33
C GLU UA 303 74.70 -82.23 90.89
N ILE UA 304 75.68 -81.30 90.93
CA ILE UA 304 77.01 -81.62 91.51
C ILE UA 304 76.84 -82.15 92.94
N VAL UA 305 76.94 -83.47 93.07
CA VAL UA 305 76.90 -84.23 94.33
C VAL UA 305 78.10 -83.83 95.18
N LYS UA 306 79.26 -83.70 94.52
CA LYS UA 306 80.58 -83.33 95.07
C LYS UA 306 81.64 -83.23 93.97
N VAL UA 307 82.47 -82.20 93.96
CA VAL UA 307 83.84 -82.28 93.41
C VAL UA 307 84.68 -82.59 94.64
N TRP UA 308 85.24 -83.80 94.81
CA TRP UA 308 85.81 -84.15 96.13
C TRP UA 308 86.91 -85.21 96.14
N THR UA 309 87.80 -85.10 97.13
CA THR UA 309 88.56 -86.24 97.60
C THR UA 309 87.68 -87.15 98.45
N GLU UA 310 87.75 -88.42 98.14
CA GLU UA 310 87.53 -89.46 99.12
C GLU UA 310 88.88 -89.88 99.72
N THR UA 311 88.87 -90.86 100.61
CA THR UA 311 90.02 -91.77 100.81
C THR UA 311 89.82 -93.03 99.94
N SER UA 312 88.58 -93.53 99.94
CA SER UA 312 88.03 -94.74 99.32
C SER UA 312 86.48 -94.62 99.31
N PRO UA 313 85.72 -95.47 98.58
CA PRO UA 313 84.29 -95.25 98.30
C PRO UA 313 83.41 -94.79 99.48
N GLY UA 314 82.83 -93.60 99.35
CA GLY UA 314 81.99 -92.94 100.34
C GLY UA 314 82.74 -92.21 101.47
N VAL UA 315 84.04 -92.47 101.67
CA VAL UA 315 84.86 -91.89 102.77
C VAL UA 315 85.27 -90.45 102.45
N THR UA 316 84.39 -89.49 102.76
CA THR UA 316 84.54 -88.08 102.37
C THR UA 316 85.78 -87.48 103.04
N THR UA 317 86.83 -87.24 102.25
CA THR UA 317 88.03 -86.55 102.73
C THR UA 317 87.78 -85.04 102.74
N LYS UA 318 87.49 -84.45 101.57
CA LYS UA 318 87.27 -83.01 101.38
C LYS UA 318 86.50 -82.79 100.08
N GLU UA 319 85.27 -82.28 100.16
CA GLU UA 319 84.63 -81.68 99.00
C GLU UA 319 85.26 -80.32 98.73
N TYR UA 320 85.88 -80.21 97.57
CA TYR UA 320 86.16 -78.94 96.98
C TYR UA 320 84.83 -78.29 96.64
N LYS UA 321 84.46 -77.24 97.37
CA LYS UA 321 83.16 -76.62 97.16
C LYS UA 321 83.17 -75.90 95.81
N GLN UA 322 82.14 -76.13 95.01
CA GLN UA 322 81.89 -75.40 93.77
C GLN UA 322 81.70 -73.91 94.13
N GLY UA 323 82.76 -73.08 93.96
CA GLY UA 323 82.92 -71.87 94.80
C GLY UA 323 84.24 -71.08 94.63
N GLU UA 324 84.87 -70.72 95.75
CA GLU UA 324 86.23 -70.15 95.77
C GLU UA 324 87.30 -71.21 95.49
N ASP UA 325 87.14 -72.47 95.92
CA ASP UA 325 88.03 -73.59 95.53
C ASP UA 325 88.22 -73.62 93.99
N PHE UA 326 87.12 -73.58 93.25
CA PHE UA 326 87.11 -73.46 91.78
C PHE UA 326 85.76 -72.92 91.27
N ARG UA 327 85.79 -72.30 90.09
CA ARG UA 327 84.61 -72.07 89.24
C ARG UA 327 84.46 -73.24 88.28
N LEU UA 328 83.23 -73.66 87.98
CA LEU UA 328 82.95 -74.74 87.02
C LEU UA 328 82.78 -74.17 85.59
N THR UA 329 83.86 -73.60 85.05
CA THR UA 329 83.95 -73.07 83.67
C THR UA 329 83.44 -74.11 82.66
N ASP UA 330 82.80 -73.72 81.55
CA ASP UA 330 82.08 -74.60 80.58
C ASP UA 330 80.84 -75.35 81.13
N GLY UA 331 80.60 -75.32 82.44
CA GLY UA 331 79.89 -76.42 83.12
C GLY UA 331 80.76 -77.68 83.28
N GLN UA 332 82.02 -77.72 82.79
CA GLN UA 332 82.87 -78.91 82.84
C GLN UA 332 84.39 -78.67 82.95
N THR UA 333 85.03 -77.60 82.45
CA THR UA 333 86.40 -77.25 82.90
C THR UA 333 86.39 -76.83 84.37
N ILE UA 334 86.78 -77.74 85.27
CA ILE UA 334 87.04 -77.41 86.67
C ILE UA 334 88.19 -76.42 86.68
N ASP UA 335 88.01 -75.26 87.29
CA ASP UA 335 88.90 -74.12 87.10
C ASP UA 335 89.14 -73.41 88.44
N TRP UA 336 90.23 -73.81 89.10
CA TRP UA 336 90.64 -73.43 90.45
C TRP UA 336 91.09 -71.97 90.54
N SER UA 337 91.12 -71.23 89.42
CA SER UA 337 91.58 -69.83 89.35
C SER UA 337 90.92 -68.82 90.29
N PRO UA 338 89.76 -69.05 90.95
CA PRO UA 338 89.30 -68.22 92.06
C PRO UA 338 90.12 -68.34 93.35
N GLN UA 339 91.05 -69.29 93.44
CA GLN UA 339 92.09 -69.34 94.47
C GLN UA 339 91.59 -69.69 95.90
N GLY UA 340 90.66 -70.63 96.05
CA GLY UA 340 90.37 -71.33 97.30
C GLY UA 340 91.30 -72.53 97.51
N GLN UA 341 90.76 -73.63 98.01
CA GLN UA 341 91.50 -74.86 98.30
C GLN UA 341 91.33 -75.92 97.18
N GLU UA 342 92.24 -76.87 97.03
CA GLU UA 342 92.26 -77.80 95.89
C GLU UA 342 92.85 -79.19 96.27
N PRO UA 343 92.54 -80.27 95.52
CA PRO UA 343 93.13 -81.60 95.66
C PRO UA 343 94.58 -81.62 95.14
N SER UA 344 95.24 -82.75 95.35
CA SER UA 344 96.52 -83.08 94.71
C SER UA 344 96.33 -83.96 93.47
N GLY UA 345 97.38 -84.02 92.66
CA GLY UA 345 97.59 -85.08 91.68
C GLY UA 345 98.04 -86.35 92.38
N GLY UA 346 97.08 -87.23 92.69
CA GLY UA 346 97.29 -88.47 93.42
C GLY UA 346 96.63 -88.54 94.80
N THR UA 347 96.07 -87.44 95.31
CA THR UA 347 94.95 -87.59 96.26
C THR UA 347 93.79 -88.26 95.52
N SER UA 348 93.15 -89.22 96.17
CA SER UA 348 91.98 -89.96 95.69
C SER UA 348 90.77 -89.05 95.46
N TYR UA 349 90.72 -88.34 94.33
CA TYR UA 349 89.73 -87.31 94.02
C TYR UA 349 88.96 -87.54 92.70
N TYR UA 350 87.74 -87.01 92.68
CA TYR UA 350 86.62 -87.42 91.86
C TYR UA 350 85.59 -86.28 91.70
N VAL UA 351 84.66 -86.38 90.75
CA VAL UA 351 83.43 -85.55 90.71
C VAL UA 351 82.19 -86.43 90.53
N SER UA 352 81.03 -86.00 91.01
CA SER UA 352 79.78 -86.76 90.93
C SER UA 352 78.59 -85.84 90.78
N TYR UA 353 77.56 -86.31 90.08
CA TYR UA 353 76.33 -85.60 89.80
C TYR UA 353 75.29 -86.42 89.04
N LYS UA 354 73.99 -86.19 89.22
CA LYS UA 354 73.08 -86.46 88.12
C LYS UA 354 73.34 -85.47 86.99
N TYR UA 355 73.44 -85.99 85.79
CA TYR UA 355 73.63 -85.24 84.56
C TYR UA 355 72.44 -85.46 83.64
N ASN UA 356 72.00 -84.40 82.97
CA ASN UA 356 70.95 -84.50 81.96
C ASN UA 356 71.62 -84.89 80.65
N LYS UA 357 71.91 -86.17 80.50
CA LYS UA 357 72.44 -86.72 79.24
C LYS UA 357 71.44 -86.41 78.12
N ARG UA 358 71.88 -86.06 76.91
CA ARG UA 358 70.98 -86.17 75.74
C ARG UA 358 70.75 -87.66 75.47
N MET UA 359 69.62 -88.18 75.91
CA MET UA 359 69.29 -89.59 75.78
C MET UA 359 69.23 -89.94 74.28
N GLU UA 360 69.81 -91.07 73.87
CA GLU UA 360 69.99 -91.43 72.47
C GLU UA 360 69.00 -92.49 71.95
N ALA UA 361 68.57 -92.38 70.69
CA ALA UA 361 67.57 -93.27 70.11
C ALA UA 361 68.11 -94.71 69.94
N GLY UA 362 67.28 -95.70 70.28
CA GLY UA 362 67.61 -97.12 70.41
C GLY UA 362 68.52 -97.45 71.60
N LYS UA 363 69.55 -96.62 71.82
CA LYS UA 363 70.52 -96.70 72.93
C LYS UA 363 69.88 -96.47 74.30
N ASP UA 364 69.12 -95.40 74.45
CA ASP UA 364 68.48 -94.99 75.70
C ASP UA 364 66.95 -95.03 75.65
N TYR UA 365 66.33 -95.04 74.46
CA TYR UA 365 64.95 -95.50 74.30
C TYR UA 365 64.80 -96.31 73.02
N GLU UA 366 64.21 -97.50 73.10
CA GLU UA 366 63.49 -98.01 71.94
C GLU UA 366 62.12 -97.31 71.86
N VAL UA 367 61.41 -97.45 70.75
CA VAL UA 367 59.98 -97.16 70.71
C VAL UA 367 59.20 -98.45 70.50
N THR UA 368 58.11 -98.62 71.25
CA THR UA 368 57.15 -99.72 71.09
C THR UA 368 55.72 -99.18 71.12
N THR UA 369 54.72 -99.97 70.68
CA THR UA 369 53.31 -99.55 70.67
C THR UA 369 52.50 -100.38 71.67
N GLN UA 370 51.52 -99.76 72.33
CA GLN UA 370 50.56 -100.43 73.22
C GLN UA 370 49.20 -99.73 73.07
N GLY UA 371 48.08 -100.44 73.33
CA GLY UA 371 46.75 -99.97 72.91
C GLY UA 371 46.61 -99.94 71.38
N GLU UA 372 45.42 -100.20 70.84
CA GLU UA 372 45.21 -100.30 69.39
C GLU UA 372 43.76 -99.98 68.99
N GLY UA 373 43.52 -99.77 67.69
CA GLY UA 373 42.23 -99.29 67.18
C GLY UA 373 41.92 -97.88 67.67
N LEU UA 374 40.75 -97.69 68.29
CA LEU UA 374 40.35 -96.44 68.96
C LEU UA 374 41.28 -96.02 70.12
N SER UA 375 42.29 -96.83 70.44
CA SER UA 375 43.30 -96.62 71.51
C SER UA 375 44.77 -96.75 71.05
N LYS UA 376 45.08 -96.63 69.74
CA LYS UA 376 46.45 -96.91 69.26
C LYS UA 376 47.47 -95.88 69.74
N LYS UA 377 48.52 -96.34 70.45
CA LYS UA 377 49.52 -95.45 71.11
C LYS UA 377 50.96 -95.98 71.03
N TRP UA 378 51.90 -95.07 71.22
CA TRP UA 378 53.35 -95.27 71.11
C TRP UA 378 54.05 -95.05 72.45
N TYR UA 379 55.21 -95.66 72.67
CA TYR UA 379 55.91 -95.72 73.97
C TYR UA 379 57.40 -95.63 73.76
N ILE UA 380 58.00 -94.56 74.26
CA ILE UA 380 59.44 -94.34 74.45
C ILE UA 380 59.88 -95.27 75.58
N ASN UA 381 60.09 -96.52 75.25
CA ASN UA 381 60.63 -97.49 76.18
C ASN UA 381 62.07 -97.12 76.45
N PHE UA 382 62.37 -96.45 77.58
CA PHE UA 382 63.72 -96.14 78.02
C PHE UA 382 64.54 -97.43 78.08
N THR UA 383 65.28 -97.69 76.99
CA THR UA 383 65.65 -99.00 76.48
C THR UA 383 65.84 -100.07 77.55
N PRO UA 384 64.81 -100.90 77.84
CA PRO UA 384 64.98 -102.09 78.65
C PRO UA 384 66.06 -103.03 78.07
N SER UA 385 66.36 -102.93 76.77
CA SER UA 385 67.49 -103.61 76.09
C SER UA 385 68.89 -102.98 76.30
N ASN UA 386 69.00 -101.64 76.29
CA ASN UA 386 70.27 -100.91 76.03
C ASN UA 386 70.53 -99.72 76.99
N GLY UA 387 69.58 -99.31 77.82
CA GLY UA 387 69.48 -97.93 78.31
C GLY UA 387 70.56 -97.50 79.31
N ALA UA 388 71.28 -96.42 78.99
CA ALA UA 388 71.98 -95.61 80.00
C ALA UA 388 70.99 -94.66 80.68
N LYS UA 389 69.88 -95.20 81.20
CA LYS UA 389 68.68 -94.46 81.61
C LYS UA 389 68.96 -93.46 82.77
N PRO UA 390 68.06 -92.50 83.07
CA PRO UA 390 68.13 -91.77 84.34
C PRO UA 390 68.05 -92.70 85.56
N ILE UA 391 68.20 -92.13 86.75
CA ILE UA 391 67.82 -92.84 87.99
C ILE UA 391 66.31 -92.97 88.05
N ASP UA 392 65.79 -94.03 88.66
CA ASP UA 392 64.34 -94.21 88.75
C ASP UA 392 63.69 -93.01 89.46
N GLN UA 393 62.62 -92.50 88.87
CA GLN UA 393 61.95 -91.25 89.22
C GLN UA 393 62.87 -90.01 89.20
N THR UA 394 63.68 -89.89 88.14
CA THR UA 394 64.42 -88.68 87.71
C THR UA 394 64.23 -88.50 86.19
N VAL UA 395 64.14 -87.27 85.71
CA VAL UA 395 63.40 -86.90 84.48
C VAL UA 395 63.86 -87.53 83.16
N VAL UA 396 62.89 -87.69 82.25
CA VAL UA 396 62.96 -87.85 80.79
C VAL UA 396 62.09 -86.83 80.09
N LEU UA 397 62.57 -86.27 78.98
CA LEU UA 397 61.86 -85.31 78.11
C LEU UA 397 62.12 -85.65 76.63
N VAL UA 398 61.09 -85.86 75.80
CA VAL UA 398 61.18 -86.41 74.43
C VAL UA 398 60.75 -85.44 73.32
N ASP UA 399 61.52 -85.31 72.25
CA ASP UA 399 61.12 -84.67 70.99
C ASP UA 399 60.82 -85.67 69.87
N TYR UA 400 59.71 -85.51 69.16
CA TYR UA 400 59.34 -86.39 68.04
C TYR UA 400 58.36 -85.74 67.06
N THR UA 401 58.43 -86.09 65.77
CA THR UA 401 57.29 -85.89 64.86
C THR UA 401 56.30 -87.02 64.99
N TYR UA 402 55.04 -86.71 64.67
CA TYR UA 402 53.94 -87.65 64.60
C TYR UA 402 52.89 -87.12 63.63
N TYR UA 403 52.04 -87.99 63.10
CA TYR UA 403 50.95 -87.59 62.21
C TYR UA 403 49.76 -86.99 62.95
N LEU UA 404 49.29 -85.84 62.48
CA LEU UA 404 47.95 -85.35 62.76
C LEU UA 404 46.96 -86.33 62.12
N ALA UA 405 45.79 -86.55 62.71
CA ALA UA 405 44.64 -87.05 61.95
C ALA UA 405 44.02 -85.86 61.18
N ARG UA 406 43.02 -86.07 60.32
CA ARG UA 406 42.25 -84.95 59.77
C ARG UA 406 40.75 -85.29 59.69
N LYS UA 407 39.90 -84.43 60.25
CA LYS UA 407 38.45 -84.68 60.46
C LYS UA 407 37.60 -84.12 59.33
N ASP UA 408 37.71 -84.74 58.16
CA ASP UA 408 37.20 -84.16 56.93
C ASP UA 408 35.67 -84.17 56.95
N SER UA 409 35.05 -83.03 57.26
CA SER UA 409 33.60 -82.90 57.23
C SER UA 409 33.14 -83.10 55.80
N VAL UA 410 32.23 -84.03 55.55
CA VAL UA 410 31.74 -84.32 54.19
C VAL UA 410 30.25 -84.05 54.13
N PHE UA 411 29.82 -83.51 53.00
CA PHE UA 411 28.47 -83.03 52.78
C PHE UA 411 28.09 -83.26 51.33
N ILE UA 412 26.80 -83.37 51.03
CA ILE UA 412 26.30 -83.62 49.65
C ILE UA 412 25.18 -82.67 49.24
N ASN UA 413 25.10 -82.34 47.95
CA ASN UA 413 24.29 -81.23 47.43
C ASN UA 413 23.35 -81.67 46.29
N LYS UA 414 22.56 -80.72 45.76
CA LYS UA 414 21.46 -80.90 44.78
C LYS UA 414 21.77 -81.69 43.48
N TYR UA 415 23.03 -82.03 43.20
CA TYR UA 415 23.39 -83.07 42.22
C TYR UA 415 24.83 -83.62 42.40
N GLY UA 416 25.32 -83.76 43.64
CA GLY UA 416 26.60 -84.44 43.97
C GLY UA 416 27.88 -83.60 43.80
N ASP UA 417 27.76 -82.27 43.83
CA ASP UA 417 28.87 -81.36 44.15
C ASP UA 417 29.17 -81.44 45.69
N ILE UA 418 29.67 -82.59 46.13
CA ILE UA 418 29.94 -82.91 47.54
C ILE UA 418 30.99 -81.89 48.07
N ALA UA 419 30.71 -81.21 49.20
CA ALA UA 419 31.75 -80.51 49.96
C ALA UA 419 32.57 -81.59 50.69
N ILE UA 420 33.52 -82.24 49.99
CA ILE UA 420 34.41 -83.30 50.54
C ILE UA 420 35.48 -82.67 51.47
N LEU UA 421 35.07 -81.74 52.34
CA LEU UA 421 35.93 -80.71 52.93
C LEU UA 421 37.02 -81.29 53.86
N PRO UA 422 38.32 -81.28 53.45
CA PRO UA 422 39.39 -81.83 54.28
C PRO UA 422 39.46 -81.10 55.63
N GLY UA 423 39.59 -81.86 56.72
CA GLY UA 423 39.27 -81.45 58.08
C GLY UA 423 40.28 -80.54 58.78
N GLU UA 424 40.07 -80.23 60.06
CA GLU UA 424 41.14 -79.58 60.85
C GLU UA 424 42.21 -80.63 61.19
N PRO UA 425 43.48 -80.48 60.75
CA PRO UA 425 44.53 -81.41 61.13
C PRO UA 425 44.92 -81.21 62.61
N ASN UA 426 44.69 -82.24 63.41
CA ASN UA 426 45.11 -82.38 64.81
C ASN UA 426 45.17 -83.89 65.11
N ILE UA 427 45.81 -84.29 66.20
CA ILE UA 427 45.72 -85.67 66.67
C ILE UA 427 44.27 -86.10 66.91
N MET UA 428 43.98 -87.41 66.76
CA MET UA 428 42.61 -87.95 66.77
C MET UA 428 41.75 -87.56 67.99
N ARG UA 429 42.37 -87.40 69.16
CA ARG UA 429 41.81 -86.83 70.40
C ARG UA 429 40.74 -85.74 70.18
N LEU UA 430 41.13 -84.64 69.52
CA LEU UA 430 40.30 -83.53 69.04
C LEU UA 430 40.75 -83.14 67.63
N VAL UA 431 40.84 -84.13 66.76
CA VAL UA 431 40.79 -83.86 65.33
C VAL UA 431 39.37 -83.40 65.04
N THR UA 432 39.21 -82.23 64.42
CA THR UA 432 38.01 -81.39 64.57
C THR UA 432 37.36 -80.97 63.24
N PRO UA 433 36.02 -80.82 63.23
CA PRO UA 433 35.27 -80.61 61.99
C PRO UA 433 35.34 -79.16 61.52
N PRO UA 434 35.71 -78.89 60.26
CA PRO UA 434 35.31 -77.66 59.62
C PRO UA 434 33.79 -77.69 59.45
N LEU UA 435 33.09 -76.80 60.16
CA LEU UA 435 31.64 -76.76 60.30
C LEU UA 435 30.97 -76.01 59.12
N ASN UA 436 31.11 -76.54 57.89
CA ASN UA 436 30.71 -75.90 56.64
C ASN UA 436 29.23 -75.48 56.63
N THR UA 437 28.92 -74.31 56.03
CA THR UA 437 27.55 -73.80 55.89
C THR UA 437 27.14 -73.49 54.44
N ASP UA 438 27.76 -74.13 53.43
CA ASP UA 438 27.21 -74.18 52.06
C ASP UA 438 25.74 -74.66 52.14
N PRO UA 439 24.74 -73.84 51.76
CA PRO UA 439 23.32 -74.15 51.96
C PRO UA 439 22.78 -75.25 51.06
N GLU UA 440 23.56 -75.82 50.15
CA GLU UA 440 23.22 -77.02 49.38
C GLU UA 440 23.82 -78.28 50.02
N ASN UA 441 25.04 -78.19 50.53
CA ASN UA 441 25.79 -79.33 51.04
C ASN UA 441 25.34 -79.77 52.45
N LEU UA 442 24.59 -80.87 52.54
CA LEU UA 442 23.95 -81.36 53.78
C LEU UA 442 24.89 -82.06 54.79
N GLN UA 443 24.68 -81.84 56.09
CA GLN UA 443 25.53 -82.37 57.18
C GLN UA 443 25.39 -83.90 57.29
N LEU UA 444 26.35 -84.61 56.72
CA LEU UA 444 26.52 -86.06 56.86
C LEU UA 444 27.50 -86.43 57.99
N GLY UA 445 28.21 -85.47 58.57
CA GLY UA 445 29.28 -85.73 59.52
C GLY UA 445 30.67 -85.61 58.86
N THR UA 446 31.62 -86.45 59.28
CA THR UA 446 33.02 -86.42 58.83
C THR UA 446 33.58 -87.78 58.35
N VAL UA 447 34.23 -87.78 57.18
CA VAL UA 447 35.22 -88.78 56.78
C VAL UA 447 36.54 -88.42 57.46
N THR UA 448 36.71 -88.73 58.74
CA THR UA 448 37.99 -88.41 59.42
C THR UA 448 39.15 -89.24 58.87
N VAL UA 449 39.78 -88.71 57.83
CA VAL UA 449 40.96 -89.24 57.19
C VAL UA 449 42.05 -89.48 58.23
N LEU UA 450 42.43 -90.74 58.39
CA LEU UA 450 43.23 -91.20 59.55
C LEU UA 450 44.69 -90.70 59.59
N PRO UA 451 45.29 -90.59 60.78
CA PRO UA 451 46.67 -90.15 60.93
C PRO UA 451 47.61 -91.21 60.34
N ASP UA 452 48.63 -90.76 59.63
CA ASP UA 452 49.49 -91.59 58.79
C ASP UA 452 48.71 -92.43 57.75
N SER UA 453 47.50 -92.00 57.38
CA SER UA 453 46.55 -92.88 56.69
C SER UA 453 45.37 -92.08 56.10
N ASP UA 454 44.19 -92.69 55.90
CA ASP UA 454 43.22 -92.29 54.88
C ASP UA 454 41.76 -92.24 55.37
N GLU UA 455 41.39 -92.86 56.48
CA GLU UA 455 40.02 -93.36 56.63
C GLU UA 455 38.92 -92.47 57.27
N ALA UA 456 38.12 -92.94 58.25
CA ALA UA 456 36.96 -92.18 58.78
C ALA UA 456 36.52 -92.46 60.24
N VAL UA 457 36.01 -91.42 60.90
CA VAL UA 457 35.46 -91.39 62.29
C VAL UA 457 34.42 -90.26 62.38
N CYS UA 458 33.42 -90.32 63.28
CA CYS UA 458 32.27 -89.39 63.35
C CYS UA 458 31.77 -88.91 64.74
N ILE UA 459 32.47 -89.14 65.87
CA ILE UA 459 32.07 -88.67 67.22
C ILE UA 459 32.02 -87.12 67.26
N SER UA 460 30.80 -86.57 67.33
CA SER UA 460 30.60 -85.15 67.03
C SER UA 460 29.34 -84.50 67.65
N PHE UA 461 29.37 -83.16 67.79
CA PHE UA 461 28.16 -82.31 67.99
C PHE UA 461 27.32 -82.22 66.68
N ALA UA 462 27.92 -82.45 65.51
CA ALA UA 462 27.26 -82.49 64.19
C ALA UA 462 25.93 -83.28 64.20
N ILE UA 463 24.90 -82.69 63.57
CA ILE UA 463 23.52 -83.18 63.50
C ILE UA 463 23.14 -83.51 62.03
N THR UA 464 22.71 -84.74 61.70
CA THR UA 464 22.19 -85.07 60.35
C THR UA 464 20.66 -84.92 60.24
N ARG UA 465 20.05 -85.32 59.12
CA ARG UA 465 18.69 -84.89 58.66
C ARG UA 465 17.60 -84.81 59.76
N LEU UA 466 17.11 -83.59 60.00
CA LEU UA 466 16.02 -83.19 60.92
C LEU UA 466 16.02 -83.87 62.30
N SER UA 467 17.19 -84.21 62.82
CA SER UA 467 17.36 -85.05 64.01
C SER UA 467 16.61 -86.39 63.93
N MET UA 468 16.27 -86.95 62.77
CA MET UA 468 15.61 -88.26 62.73
C MET UA 468 16.51 -89.38 63.27
N GLU UA 469 17.81 -89.12 63.36
CA GLU UA 469 18.74 -89.82 64.25
C GLU UA 469 18.23 -90.05 65.70
N ASP UA 470 17.27 -89.27 66.20
CA ASP UA 470 16.45 -89.54 67.39
C ASP UA 470 16.02 -91.00 67.50
N LEU UA 471 15.65 -91.64 66.39
CA LEU UA 471 15.23 -93.03 66.34
C LEU UA 471 16.27 -93.94 66.98
N GLN UA 472 17.55 -93.73 66.64
CA GLN UA 472 18.63 -94.48 67.24
C GLN UA 472 19.06 -93.96 68.62
N LYS UA 473 18.90 -92.67 68.92
CA LYS UA 473 19.08 -92.14 70.30
C LYS UA 473 18.23 -92.93 71.30
N VAL UA 474 16.95 -93.10 70.96
CA VAL UA 474 15.96 -93.94 71.67
C VAL UA 474 16.37 -95.41 71.67
N LYS UA 475 16.53 -96.03 70.49
CA LYS UA 475 16.83 -97.47 70.37
C LYS UA 475 18.13 -97.88 71.08
N THR UA 476 19.13 -97.00 71.13
CA THR UA 476 20.36 -97.25 71.90
C THR UA 476 20.06 -97.46 73.40
N ARG UA 477 19.36 -96.51 74.06
CA ARG UA 477 19.07 -96.60 75.51
C ARG UA 477 18.11 -97.74 75.84
N VAL UA 478 17.17 -98.02 74.93
CA VAL UA 478 16.40 -99.27 74.96
C VAL UA 478 17.35 -100.46 74.93
N ASP UA 479 18.29 -100.52 73.99
CA ASP UA 479 19.18 -101.65 73.86
C ASP UA 479 20.20 -101.78 75.01
N ASN UA 480 20.58 -100.70 75.69
CA ASN UA 480 21.27 -100.80 76.97
C ASN UA 480 20.43 -101.60 77.98
N LEU UA 481 19.11 -101.40 77.99
CA LEU UA 481 18.19 -102.16 78.82
C LEU UA 481 17.70 -103.47 78.16
N GLU UA 482 18.00 -103.73 76.89
CA GLU UA 482 18.06 -105.10 76.34
C GLU UA 482 19.32 -105.87 76.84
N TYR UA 483 20.45 -105.22 77.18
CA TYR UA 483 21.60 -105.88 77.85
C TYR UA 483 21.24 -106.36 79.24
N ASN UA 484 20.41 -105.55 79.90
CA ASN UA 484 19.77 -105.92 81.14
C ASN UA 484 18.68 -106.99 80.92
N GLN UA 485 17.73 -106.82 79.99
CA GLN UA 485 16.64 -107.79 79.76
C GLN UA 485 17.09 -109.18 79.31
N ALA UA 486 18.11 -109.28 78.46
CA ALA UA 486 18.69 -110.57 78.04
C ALA UA 486 19.43 -111.32 79.18
N VAL UA 487 19.90 -110.60 80.21
CA VAL UA 487 20.40 -111.17 81.47
C VAL UA 487 19.22 -111.53 82.37
N ASN UA 488 18.42 -110.53 82.74
CA ASN UA 488 17.29 -110.62 83.66
C ASN UA 488 16.27 -111.73 83.31
N ALA UA 489 16.04 -112.04 82.02
CA ALA UA 489 15.12 -113.09 81.57
C ALA UA 489 15.38 -114.49 82.18
N LEU UA 490 16.64 -114.84 82.46
CA LEU UA 490 17.03 -116.02 83.23
C LEU UA 490 17.59 -115.64 84.62
N ASP UA 491 18.34 -114.54 84.74
CA ASP UA 491 19.01 -114.10 85.98
C ASP UA 491 18.03 -113.86 87.15
N ASP UA 492 16.86 -113.29 86.88
CA ASP UA 492 15.85 -112.97 87.91
C ASP UA 492 15.31 -114.19 88.67
N GLY UA 493 15.55 -115.41 88.17
CA GLY UA 493 15.40 -116.65 88.93
C GLY UA 493 16.72 -117.37 89.17
N ALA UA 494 17.71 -117.22 88.30
CA ALA UA 494 19.04 -117.80 88.42
C ALA UA 494 20.00 -117.02 89.37
N MET UA 495 19.47 -116.19 90.30
CA MET UA 495 20.19 -115.32 91.23
C MET UA 495 21.02 -116.01 92.33
N GLU UA 496 20.88 -117.33 92.54
CA GLU UA 496 21.67 -118.15 93.49
C GLU UA 496 21.75 -117.59 94.94
N GLY UA 497 20.71 -116.88 95.39
CA GLY UA 497 20.75 -115.95 96.53
C GLY UA 497 19.35 -115.53 96.99
N GLN UA 498 19.01 -114.23 96.94
CA GLN UA 498 17.69 -113.67 97.32
C GLN UA 498 17.19 -114.19 98.70
N ASN UA 499 15.88 -114.30 98.91
CA ASN UA 499 15.33 -115.29 99.83
C ASN UA 499 15.25 -116.60 98.99
N PRO UA 500 16.25 -117.48 99.09
CA PRO UA 500 16.51 -118.59 98.17
C PRO UA 500 15.92 -118.43 96.76
N LEU UA 501 14.94 -119.25 96.38
CA LEU UA 501 13.93 -118.82 95.41
C LEU UA 501 12.58 -119.19 96.01
N THR UA 502 12.34 -118.77 97.25
CA THR UA 502 11.09 -119.08 97.95
C THR UA 502 9.92 -118.54 97.13
N LEU UA 503 10.11 -117.35 96.52
CA LEU UA 503 9.30 -116.79 95.43
C LEU UA 503 8.89 -117.89 94.43
N ARG UA 504 7.59 -118.20 94.42
CA ARG UA 504 7.00 -119.24 93.59
C ARG UA 504 6.56 -118.67 92.23
N SER UA 505 5.72 -117.64 92.27
CA SER UA 505 5.17 -116.90 91.11
C SER UA 505 4.54 -115.59 91.59
N VAL UA 506 4.25 -114.61 90.73
CA VAL UA 506 3.52 -113.38 91.13
C VAL UA 506 2.25 -113.21 90.29
N PHE UA 507 1.15 -112.81 90.91
CA PHE UA 507 0.01 -112.22 90.21
C PHE UA 507 -0.04 -110.72 90.52
N SER UA 508 -0.44 -109.91 89.54
CA SER UA 508 -0.53 -108.46 89.68
C SER UA 508 -1.56 -107.85 88.76
N GLU UA 509 -1.99 -106.61 89.03
CA GLU UA 509 -2.87 -105.87 88.13
C GLU UA 509 -2.53 -104.38 88.05
N GLY UA 510 -2.34 -103.89 86.81
CA GLY UA 510 -2.06 -102.50 86.47
C GLY UA 510 -3.25 -101.79 85.80
N PHE UA 511 -4.38 -102.46 85.54
CA PHE UA 511 -5.65 -101.87 85.06
C PHE UA 511 -5.56 -101.16 83.68
N ILE UA 512 -4.75 -101.73 82.77
CA ILE UA 512 -4.48 -101.27 81.39
C ILE UA 512 -4.41 -102.45 80.37
N SER UA 513 -5.08 -103.58 80.65
CA SER UA 513 -5.05 -104.77 79.78
C SER UA 513 -6.35 -105.61 79.86
N LEU UA 514 -6.60 -106.45 78.84
CA LEU UA 514 -7.77 -107.34 78.74
C LEU UA 514 -7.63 -108.69 79.49
N ASP UA 515 -6.39 -109.08 79.86
CA ASP UA 515 -6.04 -110.47 80.15
C ASP UA 515 -6.05 -110.88 81.63
N LYS UA 516 -5.63 -110.04 82.58
CA LYS UA 516 -5.48 -110.46 83.98
C LYS UA 516 -6.77 -110.33 84.80
N ALA UA 517 -7.67 -109.42 84.45
CA ALA UA 517 -9.01 -109.31 85.02
C ALA UA 517 -9.90 -110.54 84.76
N ASP UA 518 -10.35 -111.21 85.81
CA ASP UA 518 -11.39 -112.22 85.75
C ASP UA 518 -12.76 -111.60 86.00
N ILE UA 519 -13.23 -110.73 85.10
CA ILE UA 519 -14.63 -110.26 85.09
C ILE UA 519 -15.59 -111.46 85.19
N THR UA 520 -15.25 -112.52 84.47
CA THR UA 520 -15.82 -113.87 84.46
C THR UA 520 -15.75 -114.62 85.81
N HIS UA 521 -15.21 -113.99 86.85
CA HIS UA 521 -15.41 -114.30 88.26
C HIS UA 521 -16.23 -113.17 88.87
N PRO UA 522 -17.54 -113.06 88.57
CA PRO UA 522 -18.30 -111.81 88.64
C PRO UA 522 -18.62 -111.26 90.05
N ASP UA 523 -17.95 -111.72 91.10
CA ASP UA 523 -17.73 -110.85 92.27
C ASP UA 523 -16.98 -109.59 91.79
N PHE UA 524 -16.13 -109.78 90.77
CA PHE UA 524 -15.58 -108.74 89.93
C PHE UA 524 -16.65 -107.77 89.44
N GLY UA 525 -16.39 -106.48 89.64
CA GLY UA 525 -17.20 -105.37 89.14
C GLY UA 525 -16.47 -104.03 89.22
N ILE UA 526 -15.23 -103.94 88.71
CA ILE UA 526 -14.58 -102.65 88.44
C ILE UA 526 -14.62 -102.26 86.96
N VAL UA 527 -14.30 -100.99 86.69
CA VAL UA 527 -13.95 -100.43 85.38
C VAL UA 527 -12.69 -99.56 85.47
N PHE UA 528 -11.96 -99.50 84.37
CA PHE UA 528 -10.51 -99.28 84.35
C PHE UA 528 -10.13 -97.83 83.96
N SER UA 529 -8.91 -97.65 83.42
CA SER UA 529 -8.47 -96.48 82.63
C SER UA 529 -7.28 -96.91 81.74
N PHE UA 530 -7.56 -97.23 80.47
CA PHE UA 530 -6.78 -98.19 79.64
C PHE UA 530 -5.33 -97.85 79.22
N GLU UA 531 -4.77 -96.71 79.57
CA GLU UA 531 -3.29 -96.59 79.54
C GLU UA 531 -2.76 -95.77 80.74
N ASP UA 532 -3.61 -95.61 81.75
CA ASP UA 532 -3.44 -94.62 82.82
C ASP UA 532 -3.22 -95.29 84.18
N ALA UA 533 -3.61 -96.58 84.28
CA ALA UA 533 -3.37 -97.49 85.40
C ALA UA 533 -4.12 -97.23 86.73
N GLU UA 534 -5.44 -97.04 86.68
CA GLU UA 534 -6.28 -97.02 87.89
C GLU UA 534 -7.72 -97.46 87.58
N ALA UA 535 -8.41 -98.04 88.56
CA ALA UA 535 -9.75 -98.60 88.41
C ALA UA 535 -10.64 -98.35 89.64
N THR UA 536 -11.95 -98.53 89.45
CA THR UA 536 -12.97 -98.25 90.48
C THR UA 536 -14.24 -99.05 90.22
N LEU UA 537 -15.20 -99.03 91.15
CA LEU UA 537 -16.49 -99.70 90.98
C LEU UA 537 -17.10 -99.42 89.60
N ALA UA 538 -17.47 -100.47 88.89
CA ALA UA 538 -18.22 -100.46 87.63
C ALA UA 538 -19.59 -99.79 87.82
N TYR UA 539 -20.17 -99.31 86.71
CA TYR UA 539 -21.33 -98.44 86.80
C TYR UA 539 -22.41 -98.66 85.73
N THR UA 540 -23.62 -98.83 86.23
CA THR UA 540 -24.90 -98.76 85.54
C THR UA 540 -25.08 -97.41 84.82
N GLU UA 541 -24.68 -97.37 83.57
CA GLU UA 541 -24.68 -96.21 82.69
C GLU UA 541 -26.10 -95.93 82.14
N ALA UA 542 -26.91 -95.18 82.89
CA ALA UA 542 -28.12 -94.48 82.42
C ALA UA 542 -27.80 -93.41 81.32
N VAL UA 543 -27.40 -93.83 80.10
CA VAL UA 543 -27.09 -92.94 78.95
C VAL UA 543 -28.32 -92.13 78.53
N ASN UA 544 -28.18 -90.84 78.19
CA ASN UA 544 -29.29 -90.00 77.72
C ASN UA 544 -28.91 -89.16 76.48
N GLN UA 545 -29.92 -88.79 75.70
CA GLN UA 545 -29.87 -87.58 74.89
C GLN UA 545 -30.74 -86.59 75.66
N PRO UA 546 -30.21 -85.41 76.02
CA PRO UA 546 -31.04 -84.26 76.34
C PRO UA 546 -32.03 -84.00 75.19
N LYS UA 547 -33.05 -83.16 75.41
CA LYS UA 547 -34.01 -82.74 74.39
C LYS UA 547 -34.16 -81.24 74.39
N ILE UA 548 -34.68 -80.63 73.34
CA ILE UA 548 -34.78 -79.16 73.19
C ILE UA 548 -36.16 -78.67 73.62
N ILE UA 549 -36.21 -77.70 74.54
CA ILE UA 549 -37.44 -76.91 74.70
C ILE UA 549 -37.53 -76.01 73.45
N PRO UA 550 -38.53 -76.17 72.56
CA PRO UA 550 -38.46 -75.65 71.19
C PRO UA 550 -38.21 -74.14 71.00
N GLY UA 551 -39.05 -73.26 71.54
CA GLY UA 551 -38.87 -71.81 71.35
C GLY UA 551 -37.77 -71.22 72.23
N ASP UA 552 -37.65 -71.75 73.45
CA ASP UA 552 -36.67 -71.38 74.48
C ASP UA 552 -35.24 -71.76 74.07
N THR UA 553 -35.09 -72.77 73.22
CA THR UA 553 -33.97 -72.90 72.29
C THR UA 553 -34.16 -71.87 71.17
N THR UA 554 -33.74 -70.62 71.40
CA THR UA 554 -33.85 -69.54 70.40
C THR UA 554 -32.99 -69.81 69.18
N ALA UA 555 -32.01 -70.69 69.31
CA ALA UA 555 -31.24 -71.26 68.23
C ALA UA 555 -32.22 -71.92 67.21
N HIS UA 556 -32.31 -71.39 65.98
CA HIS UA 556 -33.24 -71.88 64.97
C HIS UA 556 -32.97 -73.34 64.59
N ILE UA 557 -33.94 -74.22 64.81
CA ILE UA 557 -33.80 -75.65 64.48
C ILE UA 557 -34.00 -75.86 62.96
N TRP UA 558 -32.98 -76.40 62.31
CA TRP UA 558 -32.85 -76.58 60.86
C TRP UA 558 -32.77 -78.06 60.51
N GLY UA 559 -33.82 -78.64 59.91
CA GLY UA 559 -33.77 -80.06 59.55
C GLY UA 559 -33.55 -80.94 60.79
N ARG UA 560 -32.33 -81.48 60.95
CA ARG UA 560 -31.89 -82.13 62.21
C ARG UA 560 -30.82 -81.34 62.95
N LEU UA 561 -30.05 -80.50 62.25
CA LEU UA 561 -29.15 -79.49 62.80
C LEU UA 561 -29.89 -78.28 63.40
N ILE UA 562 -29.13 -77.33 63.92
CA ILE UA 562 -29.60 -76.11 64.57
C ILE UA 562 -28.64 -74.97 64.17
N SER UA 563 -29.10 -73.73 64.15
CA SER UA 563 -28.27 -72.51 64.10
C SER UA 563 -28.70 -71.52 65.17
N ALA UA 564 -28.13 -70.32 65.24
CA ALA UA 564 -28.72 -69.20 65.94
C ALA UA 564 -30.11 -68.85 65.36
N PRO UA 565 -30.92 -68.00 66.02
CA PRO UA 565 -32.04 -67.37 65.34
C PRO UA 565 -31.50 -66.61 64.11
N PHE UA 566 -32.29 -66.46 63.05
CA PHE UA 566 -31.76 -66.06 61.74
C PHE UA 566 -32.77 -65.34 60.82
N THR UA 567 -32.26 -64.68 59.78
CA THR UA 567 -32.98 -63.98 58.71
C THR UA 567 -32.41 -64.37 57.33
N GLU UA 568 -33.21 -64.52 56.27
CA GLU UA 568 -32.70 -64.89 54.92
C GLU UA 568 -32.20 -63.66 54.12
N GLU UA 569 -31.14 -63.84 53.33
CA GLU UA 569 -30.67 -62.94 52.27
C GLU UA 569 -30.64 -63.66 50.91
N ARG UA 570 -30.90 -63.01 49.77
CA ARG UA 570 -30.38 -63.51 48.47
C ARG UA 570 -28.91 -63.11 48.34
N THR UA 571 -28.01 -64.05 48.54
CA THR UA 571 -26.58 -63.78 48.42
C THR UA 571 -26.09 -63.77 46.97
N ILE UA 572 -26.71 -64.52 46.07
CA ILE UA 572 -26.26 -64.65 44.65
C ILE UA 572 -27.46 -64.58 43.70
N TYR UA 573 -27.33 -63.96 42.54
CA TYR UA 573 -28.37 -63.99 41.51
C TYR UA 573 -27.81 -63.81 40.10
N GLN UA 574 -28.18 -64.70 39.18
CA GLN UA 574 -28.11 -64.47 37.74
C GLN UA 574 -29.55 -64.37 37.23
N GLY UA 575 -29.92 -63.19 36.73
CA GLY UA 575 -31.29 -62.86 36.32
C GLY UA 575 -31.58 -62.98 34.82
N GLN UA 576 -30.58 -63.30 34.02
CA GLN UA 576 -30.75 -63.47 32.59
C GLN UA 576 -31.36 -64.84 32.31
N ALA UA 577 -32.49 -64.90 31.61
CA ALA UA 577 -32.87 -66.08 30.85
C ALA UA 577 -32.93 -65.70 29.36
N SER UA 578 -32.69 -66.63 28.46
CA SER UA 578 -32.76 -66.44 27.01
C SER UA 578 -33.42 -67.65 26.32
N GLU UA 579 -33.46 -68.82 26.96
CA GLU UA 579 -34.08 -70.04 26.44
C GLU UA 579 -34.51 -70.99 27.55
N THR UA 580 -35.36 -71.98 27.24
CA THR UA 580 -35.61 -73.08 28.17
C THR UA 580 -34.39 -73.98 28.27
N LEU UA 581 -34.38 -74.91 29.22
CA LEU UA 581 -33.64 -76.16 29.02
C LEU UA 581 -34.29 -77.34 29.76
N ASN UA 582 -34.67 -78.40 29.04
CA ASN UA 582 -35.03 -79.71 29.60
C ASN UA 582 -33.90 -80.16 30.55
N VAL UA 583 -34.27 -80.38 31.81
CA VAL UA 583 -33.36 -80.75 32.91
C VAL UA 583 -32.66 -82.11 32.66
N ASN UA 584 -33.05 -82.88 31.66
CA ASN UA 584 -32.37 -84.09 31.20
C ASN UA 584 -32.68 -84.21 29.69
N PRO UA 585 -31.88 -83.61 28.78
CA PRO UA 585 -32.24 -83.51 27.36
C PRO UA 585 -32.15 -84.85 26.61
N TYR UA 586 -31.44 -85.82 27.16
CA TYR UA 586 -31.50 -87.24 26.77
C TYR UA 586 -32.77 -87.93 27.31
N ASN UA 587 -33.34 -87.35 28.39
CA ASN UA 587 -34.37 -87.85 29.32
C ASN UA 587 -34.09 -89.28 29.82
N ILE UA 588 -32.88 -89.48 30.37
CA ILE UA 588 -32.36 -90.75 30.92
C ILE UA 588 -31.98 -90.58 32.40
N PRO UA 589 -32.87 -90.86 33.36
CA PRO UA 589 -32.59 -90.81 34.80
C PRO UA 589 -32.05 -92.16 35.32
N ASN UA 590 -31.71 -92.23 36.62
CA ASN UA 590 -31.79 -93.45 37.43
C ASN UA 590 -32.55 -93.12 38.71
N LYS UA 591 -33.45 -94.01 39.16
CA LYS UA 591 -34.29 -93.72 40.32
C LYS UA 591 -33.56 -94.02 41.62
N GLN UA 592 -32.64 -93.12 41.97
CA GLN UA 592 -32.30 -92.90 43.37
C GLN UA 592 -33.47 -92.12 44.00
N GLY UA 593 -34.06 -92.63 45.08
CA GLY UA 593 -35.07 -91.90 45.86
C GLY UA 593 -34.49 -91.55 47.21
N VAL UA 594 -34.47 -90.27 47.59
CA VAL UA 594 -33.61 -89.73 48.67
C VAL UA 594 -34.07 -90.15 50.08
N LEU UA 595 -33.22 -90.85 50.83
CA LEU UA 595 -33.49 -91.49 52.13
C LEU UA 595 -32.83 -90.72 53.31
N LYS UA 596 -33.50 -90.66 54.47
CA LYS UA 596 -33.06 -90.02 55.73
C LYS UA 596 -33.38 -90.91 56.94
N LEU UA 597 -32.65 -90.74 58.05
CA LEU UA 597 -32.92 -91.41 59.33
C LEU UA 597 -33.53 -90.45 60.37
N THR UA 598 -34.05 -91.00 61.46
CA THR UA 598 -34.52 -90.31 62.69
C THR UA 598 -34.57 -91.26 63.89
N PRO UA 599 -33.73 -91.15 64.95
CA PRO UA 599 -32.62 -90.21 65.14
C PRO UA 599 -31.49 -90.39 64.12
N SER UA 600 -30.47 -89.54 64.20
CA SER UA 600 -29.33 -89.55 63.27
C SER UA 600 -27.97 -89.61 63.97
N GLU UA 601 -27.83 -89.31 65.28
CA GLU UA 601 -26.52 -89.36 65.97
C GLU UA 601 -26.58 -89.89 67.43
N ASP UA 602 -25.43 -90.23 68.02
CA ASP UA 602 -25.31 -90.76 69.40
C ASP UA 602 -23.89 -90.63 69.99
N ASN UA 603 -23.74 -90.62 71.32
CA ASN UA 603 -22.52 -90.96 72.08
C ASN UA 603 -22.93 -91.68 73.39
N TRP UA 604 -22.26 -92.77 73.74
CA TRP UA 604 -22.69 -93.75 74.75
C TRP UA 604 -21.46 -94.47 75.35
N ILE UA 605 -21.63 -95.27 76.40
CA ILE UA 605 -20.58 -96.04 77.09
C ILE UA 605 -21.12 -97.45 77.41
N ASP UA 606 -20.25 -98.43 77.65
CA ASP UA 606 -20.64 -99.81 77.97
C ASP UA 606 -19.66 -100.49 78.95
N THR UA 607 -20.15 -100.88 80.14
CA THR UA 607 -19.52 -101.83 81.07
C THR UA 607 -19.55 -103.23 80.44
N GLU UA 608 -18.60 -103.51 79.55
CA GLU UA 608 -18.56 -104.75 78.74
C GLU UA 608 -18.43 -106.05 79.59
N ASN UA 609 -18.14 -105.91 80.88
CA ASN UA 609 -17.98 -106.96 81.88
C ASN UA 609 -19.13 -107.98 81.81
N LEU UA 678 -6.36 -95.04 76.98
CA LEU UA 678 -7.01 -95.22 75.65
C LEU UA 678 -8.54 -95.17 75.79
N GLU UA 679 -9.16 -94.04 75.47
CA GLU UA 679 -10.64 -93.87 75.45
C GLU UA 679 -11.25 -94.32 74.10
N GLU UA 680 -11.05 -95.59 73.77
CA GLU UA 680 -11.45 -96.20 72.49
C GLU UA 680 -12.99 -96.19 72.32
N MET UA 681 -13.50 -96.31 71.10
CA MET UA 681 -14.92 -96.12 70.77
C MET UA 681 -15.67 -97.41 70.41
N ILE UA 682 -16.91 -97.55 70.90
CA ILE UA 682 -17.54 -98.85 71.15
C ILE UA 682 -17.88 -99.65 69.87
N GLU UA 683 -17.43 -100.90 69.81
CA GLU UA 683 -17.67 -101.91 68.76
C GLU UA 683 -19.11 -102.42 68.65
N PHE UA 684 -20.00 -101.91 69.51
CA PHE UA 684 -21.42 -101.80 69.22
C PHE UA 684 -21.83 -100.34 69.41
N ILE UA 685 -22.34 -99.71 68.35
CA ILE UA 685 -23.20 -98.55 68.51
C ILE UA 685 -24.43 -99.07 69.26
N ARG UA 686 -24.82 -98.41 70.36
CA ARG UA 686 -25.89 -98.91 71.23
C ARG UA 686 -27.19 -99.21 70.47
N ILE UA 687 -27.82 -100.31 70.87
CA ILE UA 687 -28.87 -100.99 70.12
C ILE UA 687 -30.17 -100.18 70.22
N ARG UA 688 -30.55 -99.54 69.11
CA ARG UA 688 -31.50 -98.42 69.12
C ARG UA 688 -32.40 -98.48 67.90
N ASP UA 689 -33.71 -98.29 68.05
CA ASP UA 689 -34.59 -98.19 66.89
C ASP UA 689 -34.43 -96.86 66.19
N VAL UA 690 -34.45 -96.92 64.86
CA VAL UA 690 -34.28 -95.78 63.97
C VAL UA 690 -35.36 -95.79 62.91
N SER UA 691 -36.11 -94.71 62.85
CA SER UA 691 -37.10 -94.48 61.81
C SER UA 691 -36.43 -93.92 60.58
N PHE UA 692 -37.13 -93.98 59.47
CA PHE UA 692 -36.67 -93.44 58.22
C PHE UA 692 -37.82 -92.80 57.43
N GLU UA 693 -37.44 -91.94 56.51
CA GLU UA 693 -38.25 -91.45 55.42
C GLU UA 693 -37.44 -91.45 54.12
N VAL UA 694 -38.08 -91.76 52.99
CA VAL UA 694 -37.46 -91.71 51.67
C VAL UA 694 -38.42 -91.10 50.65
N LYS UA 695 -37.93 -90.22 49.77
CA LYS UA 695 -38.70 -89.56 48.70
C LYS UA 695 -38.43 -90.14 47.31
N GLY UA 696 -39.30 -89.85 46.35
CA GLY UA 696 -39.04 -90.00 44.90
C GLY UA 696 -38.34 -91.30 44.49
N LEU UA 697 -38.79 -92.43 45.04
CA LEU UA 697 -38.70 -93.75 44.41
C LEU UA 697 -39.79 -93.84 43.30
N ASN UA 698 -40.14 -95.00 42.76
CA ASN UA 698 -41.26 -95.06 41.80
C ASN UA 698 -42.65 -94.89 42.47
N PRO UA 699 -43.71 -94.51 41.72
CA PRO UA 699 -45.10 -94.57 42.19
C PRO UA 699 -45.49 -95.98 42.68
N ASN UA 700 -45.80 -96.11 43.98
CA ASN UA 700 -46.13 -97.38 44.63
C ASN UA 700 -45.13 -98.52 44.30
N ASP UA 701 -43.85 -98.16 44.25
CA ASP UA 701 -42.70 -99.03 44.24
C ASP UA 701 -42.69 -99.94 45.48
N ASN UA 702 -42.12 -101.13 45.38
CA ASN UA 702 -42.52 -102.28 46.20
C ASN UA 702 -41.33 -103.20 46.54
N ASN UA 703 -41.40 -103.97 47.62
CA ASN UA 703 -40.30 -104.82 48.10
C ASN UA 703 -39.04 -104.02 48.49
N LEU UA 704 -39.20 -102.74 48.84
CA LEU UA 704 -38.09 -101.83 49.14
C LEU UA 704 -37.40 -102.21 50.45
N TYR UA 705 -36.39 -103.06 50.41
CA TYR UA 705 -35.61 -103.48 51.57
C TYR UA 705 -34.71 -102.37 52.11
N LEU UA 706 -34.85 -102.13 53.40
CA LEU UA 706 -33.86 -101.36 54.15
C LEU UA 706 -32.69 -102.32 54.44
N LEU UA 707 -31.47 -101.87 54.14
CA LEU UA 707 -30.22 -102.58 54.44
C LEU UA 707 -29.32 -101.68 55.30
N PHE UA 708 -29.50 -101.73 56.62
CA PHE UA 708 -28.65 -100.99 57.54
C PHE UA 708 -27.19 -101.43 57.35
N ASP UA 709 -26.26 -100.50 57.15
CA ASP UA 709 -24.87 -100.76 56.72
C ASP UA 709 -24.74 -101.65 55.45
N GLY UA 710 -25.79 -101.70 54.62
CA GLY UA 710 -25.90 -102.65 53.51
C GLY UA 710 -26.35 -104.07 53.93
N VAL UA 711 -26.80 -104.26 55.17
CA VAL UA 711 -27.28 -105.51 55.77
C VAL UA 711 -28.78 -105.43 56.06
N ARG UA 712 -29.57 -106.36 55.51
CA ARG UA 712 -31.07 -106.39 55.53
C ARG UA 712 -31.64 -106.35 56.96
N CYS UA 713 -32.29 -105.24 57.30
CA CYS UA 713 -32.95 -105.02 58.59
C CYS UA 713 -34.43 -104.70 58.35
N ALA UA 714 -35.32 -105.25 59.19
CA ALA UA 714 -36.75 -105.30 58.88
C ALA UA 714 -37.43 -103.93 59.02
N ILE UA 715 -38.03 -103.47 57.92
CA ILE UA 715 -38.92 -102.32 57.93
C ILE UA 715 -40.23 -102.66 58.63
N THR UA 716 -40.52 -101.88 59.66
CA THR UA 716 -41.87 -101.55 60.14
C THR UA 716 -42.45 -100.51 59.18
N PRO UA 717 -43.39 -100.83 58.28
CA PRO UA 717 -43.87 -99.87 57.29
C PRO UA 717 -44.85 -98.91 58.00
N ALA UA 718 -44.58 -97.60 57.95
CA ALA UA 718 -45.34 -96.57 58.66
C ALA UA 718 -46.71 -96.30 58.02
N THR UA 719 -47.43 -95.31 58.55
CA THR UA 719 -48.76 -94.87 58.10
C THR UA 719 -48.88 -94.68 56.59
N GLY UA 720 -49.93 -95.22 55.97
CA GLY UA 720 -50.18 -95.15 54.53
C GLY UA 720 -49.32 -96.11 53.68
N TYR UA 721 -48.22 -96.62 54.21
CA TYR UA 721 -47.32 -97.54 53.51
C TYR UA 721 -47.62 -98.98 53.93
N ARG UA 722 -47.89 -99.82 52.93
CA ARG UA 722 -47.90 -101.26 53.12
C ARG UA 722 -46.48 -101.72 53.44
N LYS UA 723 -46.32 -102.95 53.89
CA LYS UA 723 -45.08 -103.66 53.61
C LYS UA 723 -44.81 -103.61 52.10
N GLY UA 724 -43.56 -103.65 51.69
CA GLY UA 724 -43.27 -104.16 50.37
C GLY UA 724 -43.69 -105.64 50.40
N SER UA 725 -44.12 -106.22 49.27
CA SER UA 725 -44.72 -107.56 49.30
C SER UA 725 -43.76 -108.63 49.87
N GLU UA 726 -42.46 -108.43 49.74
CA GLU UA 726 -41.46 -108.98 50.66
C GLU UA 726 -41.62 -108.35 52.07
N ASP UA 727 -42.24 -108.99 53.06
CA ASP UA 727 -42.38 -108.32 54.37
C ASP UA 727 -41.03 -108.01 55.06
N GLY UA 728 -40.99 -106.97 55.92
CA GLY UA 728 -39.76 -106.32 56.39
C GLY UA 728 -39.18 -105.36 55.34
N THR UA 729 -39.94 -105.05 54.29
CA THR UA 729 -39.63 -104.02 53.31
C THR UA 729 -40.83 -103.09 53.19
N ILE UA 730 -40.78 -102.06 52.33
CA ILE UA 730 -41.89 -101.10 52.17
C ILE UA 730 -42.43 -101.08 50.74
N MET UA 731 -43.70 -100.68 50.61
CA MET UA 731 -44.29 -100.20 49.37
C MET UA 731 -44.59 -98.68 49.48
N THR UA 732 -44.13 -97.86 48.54
CA THR UA 732 -44.28 -96.39 48.57
C THR UA 732 -45.71 -95.92 48.26
N ASP UA 733 -45.93 -94.60 48.33
CA ASP UA 733 -47.07 -93.95 47.68
C ASP UA 733 -46.76 -93.64 46.21
N ALA UA 734 -47.74 -93.04 45.52
CA ALA UA 734 -47.64 -92.72 44.10
C ALA UA 734 -46.56 -91.68 43.76
N LYS UA 735 -46.07 -90.87 44.71
CA LYS UA 735 -44.88 -90.03 44.43
C LYS UA 735 -43.59 -90.85 44.50
N GLY UA 736 -43.64 -92.05 45.07
CA GLY UA 736 -42.47 -92.76 45.54
C GLY UA 736 -41.96 -92.30 46.90
N THR UA 737 -42.80 -91.77 47.79
CA THR UA 737 -42.42 -91.58 49.19
C THR UA 737 -42.65 -92.89 49.95
N ALA UA 738 -41.83 -93.18 50.95
CA ALA UA 738 -42.08 -94.23 51.93
C ALA UA 738 -41.51 -93.79 53.31
N LYS UA 739 -42.03 -94.34 54.41
CA LYS UA 739 -41.53 -94.09 55.77
C LYS UA 739 -41.70 -95.30 56.67
N GLY UA 740 -40.92 -95.45 57.73
CA GLY UA 740 -40.96 -96.66 58.57
C GLY UA 740 -39.87 -96.66 59.63
N LYS UA 741 -39.51 -97.82 60.19
CA LYS UA 741 -38.37 -97.99 61.11
C LYS UA 741 -37.78 -99.40 61.15
N PHE UA 742 -36.59 -99.52 61.72
CA PHE UA 742 -35.86 -100.76 62.01
C PHE UA 742 -35.06 -100.60 63.32
N THR UA 743 -34.04 -101.45 63.59
CA THR UA 743 -33.15 -101.33 64.76
C THR UA 743 -31.65 -101.40 64.42
N ILE UA 744 -30.83 -100.56 65.06
CA ILE UA 744 -29.36 -100.63 65.12
C ILE UA 744 -28.92 -101.92 65.86
N PRO UA 745 -28.25 -102.91 65.21
CA PRO UA 745 -27.80 -104.16 65.85
C PRO UA 745 -26.69 -104.01 66.93
N ALA UA 746 -26.28 -105.14 67.53
CA ALA UA 746 -25.07 -105.26 68.37
C ALA UA 746 -23.83 -105.69 67.56
N GLY UA 747 -22.62 -105.57 68.11
CA GLY UA 747 -21.37 -105.80 67.34
C GLY UA 747 -21.17 -104.83 66.17
N ILE UA 748 -21.86 -103.68 66.21
CA ILE UA 748 -21.78 -102.62 65.21
C ILE UA 748 -20.57 -101.74 65.48
N ARG UA 749 -19.51 -101.95 64.68
CA ARG UA 749 -18.31 -101.09 64.55
C ARG UA 749 -18.73 -99.63 64.64
N CYS UA 750 -18.11 -98.81 65.48
CA CYS UA 750 -18.41 -97.41 65.80
C CYS UA 750 -18.40 -96.46 64.59
N GLY UA 751 -18.61 -95.17 64.77
CA GLY UA 751 -18.59 -94.17 63.69
C GLY UA 751 -19.82 -94.25 62.79
N ASN UA 752 -19.78 -93.55 61.65
CA ASN UA 752 -20.99 -93.32 60.84
C ASN UA 752 -21.61 -94.60 60.25
N ARG UA 753 -22.93 -94.62 60.01
CA ARG UA 753 -23.65 -95.74 59.36
C ARG UA 753 -24.06 -95.40 57.95
N GLU UA 754 -24.02 -96.41 57.11
CA GLU UA 754 -24.91 -96.47 55.95
C GLU UA 754 -26.26 -96.96 56.47
N VAL UA 755 -27.33 -96.56 55.80
CA VAL UA 755 -28.52 -97.39 55.77
C VAL UA 755 -29.01 -97.32 54.35
N THR UA 756 -29.06 -98.45 53.67
CA THR UA 756 -29.65 -98.54 52.34
C THR UA 756 -31.17 -98.54 52.46
N LEU UA 757 -31.90 -98.00 51.48
CA LEU UA 757 -33.29 -98.37 51.26
C LEU UA 757 -33.53 -98.46 49.76
N LYS UA 758 -33.74 -99.68 49.27
CA LYS UA 758 -33.81 -99.96 47.84
C LYS UA 758 -34.65 -101.19 47.58
N ASN UA 759 -35.05 -101.38 46.36
CA ASN UA 759 -35.31 -102.70 45.81
C ASN UA 759 -34.38 -102.78 44.59
N ALA UA 760 -34.78 -103.41 43.49
CA ALA UA 760 -34.08 -103.23 42.22
C ALA UA 760 -34.56 -101.99 41.42
N ASN UA 761 -35.85 -101.64 41.56
CA ASN UA 761 -36.62 -100.68 40.77
C ASN UA 761 -36.23 -99.23 41.07
N SER UA 762 -35.89 -98.96 42.33
CA SER UA 762 -35.34 -97.71 42.86
C SER UA 762 -34.33 -98.03 43.97
N THR UA 763 -33.44 -97.09 44.28
CA THR UA 763 -32.38 -97.32 45.27
C THR UA 763 -32.07 -96.10 46.16
N SER UA 764 -31.46 -96.30 47.32
CA SER UA 764 -31.05 -95.23 48.24
C SER UA 764 -30.11 -95.69 49.35
N ALA UA 765 -29.43 -94.73 50.00
CA ALA UA 765 -28.39 -94.86 51.02
C ALA UA 765 -28.41 -93.63 51.96
N THR UA 766 -28.00 -93.72 53.22
CA THR UA 766 -28.16 -92.57 54.16
C THR UA 766 -27.27 -92.62 55.41
N THR UA 767 -27.27 -91.51 56.19
CA THR UA 767 -26.30 -91.22 57.28
C THR UA 767 -26.83 -91.38 58.72
N TYR UA 768 -26.05 -92.08 59.58
CA TYR UA 768 -26.09 -91.97 61.05
C TYR UA 768 -24.66 -91.67 61.57
N THR UA 769 -24.46 -91.05 62.74
CA THR UA 769 -23.14 -90.72 63.32
C THR UA 769 -22.99 -91.20 64.77
N ALA UA 770 -21.81 -91.67 65.19
CA ALA UA 770 -21.66 -92.34 66.49
C ALA UA 770 -20.22 -92.34 67.02
N GLN UA 771 -19.89 -91.71 68.16
CA GLN UA 771 -18.49 -91.60 68.67
C GLN UA 771 -18.39 -91.55 70.21
N GLY UA 772 -18.98 -92.52 70.92
CA GLY UA 772 -18.91 -92.63 72.40
C GLY UA 772 -17.52 -93.05 72.94
N ARG UA 773 -16.95 -92.31 73.89
CA ARG UA 773 -15.60 -92.55 74.45
C ARG UA 773 -15.66 -93.56 75.60
N LYS UA 774 -15.36 -94.85 75.32
CA LYS UA 774 -15.37 -95.98 76.30
C LYS UA 774 -14.23 -95.83 77.32
N LYS UA 775 -14.41 -96.32 78.56
CA LYS UA 775 -13.35 -96.34 79.61
C LYS UA 775 -12.35 -97.51 79.48
N THR UA 776 -12.59 -98.47 78.59
CA THR UA 776 -11.84 -99.74 78.51
C THR UA 776 -11.88 -100.32 77.06
N ALA UA 777 -10.88 -101.11 76.64
CA ALA UA 777 -10.70 -101.60 75.26
C ALA UA 777 -11.56 -102.84 74.91
N GLN UA 778 -11.00 -103.75 74.10
CA GLN UA 778 -11.63 -104.88 73.40
C GLN UA 778 -12.65 -104.43 72.35
N ASP UA 779 -13.75 -103.79 72.76
CA ASP UA 779 -14.64 -103.08 71.84
C ASP UA 779 -13.94 -101.84 71.23
N ILE UA 780 -13.58 -101.91 69.95
CA ILE UA 780 -13.00 -100.79 69.18
C ILE UA 780 -13.73 -100.74 67.78
N ILE UA 781 -13.03 -100.39 66.68
CA ILE UA 781 -13.45 -100.53 65.26
C ILE UA 781 -14.55 -99.56 64.76
N ILE UA 782 -14.45 -99.04 63.53
CA ILE UA 782 -15.43 -98.12 62.87
C ILE UA 782 -15.81 -98.58 61.45
N ARG UA 783 -17.04 -98.31 60.97
CA ARG UA 783 -17.53 -98.67 59.60
C ARG UA 783 -17.64 -97.51 58.57
N THR UA 784 -18.54 -96.54 58.73
CA THR UA 784 -18.76 -95.35 57.84
C THR UA 784 -19.38 -95.66 56.44
N ARG UA 785 -19.81 -94.65 55.64
CA ARG UA 785 -20.92 -94.77 54.63
C ARG UA 785 -20.82 -94.27 53.15
N VAL UA 786 -20.18 -93.12 52.87
CA VAL UA 786 -20.02 -92.40 51.56
C VAL UA 786 -21.31 -91.89 50.85
N THR UA 787 -21.18 -90.87 49.95
CA THR UA 787 -22.23 -90.41 49.01
C THR UA 787 -21.71 -90.35 47.55
N VAL UA 788 -22.45 -90.87 46.57
CA VAL UA 788 -22.17 -90.84 45.11
C VAL UA 788 -23.48 -90.99 44.30
N ASN UA 789 -23.62 -90.40 43.09
CA ASN UA 789 -24.52 -90.91 42.03
C ASN UA 789 -24.27 -90.39 40.58
N LEU UA 790 -24.82 -91.10 39.56
CA LEU UA 790 -24.69 -90.85 38.10
C LEU UA 790 -26.02 -91.12 37.30
N VAL UA 791 -26.39 -90.23 36.37
CA VAL UA 791 -27.55 -90.29 35.43
C VAL UA 791 -27.20 -89.48 34.15
N ASP UA 792 -28.14 -89.08 33.27
CA ASP UA 792 -27.87 -88.11 32.17
C ASP UA 792 -28.38 -86.65 32.45
N PRO UA 793 -28.02 -86.00 33.57
CA PRO UA 793 -28.76 -84.84 34.12
C PRO UA 793 -28.43 -83.51 33.42
N LEU UA 794 -28.98 -82.43 33.96
CA LEU UA 794 -28.44 -81.08 33.90
C LEU UA 794 -27.55 -80.80 35.11
N ALA UA 795 -26.58 -79.92 34.96
CA ALA UA 795 -25.86 -79.33 36.06
C ALA UA 795 -25.43 -77.89 35.75
N GLN UA 796 -25.03 -77.19 36.80
CA GLN UA 796 -24.59 -75.80 36.79
C GLN UA 796 -23.40 -75.62 37.75
N SER UA 797 -22.20 -75.37 37.24
CA SER UA 797 -21.08 -74.93 38.07
C SER UA 797 -21.42 -73.62 38.77
N PHE UA 798 -21.01 -73.44 40.03
CA PHE UA 798 -21.15 -72.20 40.77
C PHE UA 798 -20.14 -72.07 41.92
N GLN UA 799 -19.94 -70.85 42.44
CA GLN UA 799 -19.02 -70.56 43.53
C GLN UA 799 -19.60 -69.64 44.60
N TYR UA 800 -19.21 -69.89 45.86
CA TYR UA 800 -19.34 -68.95 46.97
C TYR UA 800 -17.93 -68.46 47.32
N ASP UA 801 -17.75 -67.15 47.37
CA ASP UA 801 -16.49 -66.51 47.75
C ASP UA 801 -16.41 -66.21 49.26
N GLU UA 802 -17.54 -66.12 49.96
CA GLU UA 802 -17.65 -65.99 51.44
C GLU UA 802 -18.42 -67.13 52.10
N ASN UA 803 -18.11 -67.36 53.38
CA ASN UA 803 -18.90 -68.21 54.25
C ASN UA 803 -20.32 -67.66 54.42
N ARG UA 804 -21.35 -68.46 54.10
CA ARG UA 804 -22.76 -68.06 54.14
C ARG UA 804 -23.65 -69.29 54.28
N THR UA 805 -24.58 -69.29 55.23
CA THR UA 805 -25.44 -70.47 55.43
C THR UA 805 -26.60 -70.55 54.46
N ILE UA 806 -26.56 -71.42 53.45
CA ILE UA 806 -27.64 -71.57 52.46
C ILE UA 806 -28.93 -71.98 53.14
N SER UA 807 -29.96 -71.17 52.92
CA SER UA 807 -31.35 -71.60 53.11
C SER UA 807 -31.79 -72.36 51.84
N SER UA 808 -31.57 -71.79 50.66
CA SER UA 808 -32.25 -72.23 49.45
C SER UA 808 -31.67 -71.68 48.15
N LEU UA 809 -32.10 -72.25 47.03
CA LEU UA 809 -32.04 -71.65 45.69
C LEU UA 809 -33.36 -70.98 45.33
N GLY UA 810 -33.31 -70.23 44.24
CA GLY UA 810 -34.43 -69.89 43.38
C GLY UA 810 -33.99 -70.13 41.94
N LEU UA 811 -34.91 -70.65 41.14
CA LEU UA 811 -34.68 -71.12 39.77
C LEU UA 811 -35.90 -70.81 38.90
N TYR UA 812 -35.75 -70.12 37.77
CA TYR UA 812 -36.90 -69.83 36.92
C TYR UA 812 -37.26 -71.03 36.04
N PHE UA 813 -38.53 -71.37 35.87
CA PHE UA 813 -38.90 -72.50 35.01
C PHE UA 813 -39.77 -72.13 33.82
N ALA UA 814 -39.47 -72.76 32.68
CA ALA UA 814 -40.23 -72.67 31.44
C ALA UA 814 -41.33 -73.73 31.34
N SER UA 815 -41.16 -74.88 31.96
CA SER UA 815 -42.20 -75.89 32.15
C SER UA 815 -41.81 -76.90 33.24
N LYS UA 816 -42.78 -77.66 33.75
CA LYS UA 816 -42.61 -78.74 34.75
C LYS UA 816 -43.19 -80.07 34.18
N GLY UA 817 -42.68 -81.21 34.65
CA GLY UA 817 -43.04 -82.56 34.18
C GLY UA 817 -44.43 -83.03 34.63
N ASP UA 818 -44.51 -83.71 35.77
CA ASP UA 818 -45.78 -84.19 36.35
C ASP UA 818 -45.69 -84.39 37.87
N LYS UA 819 -46.82 -84.69 38.49
CA LYS UA 819 -46.98 -84.67 39.95
C LYS UA 819 -46.29 -85.85 40.67
N GLN UA 820 -45.78 -86.86 39.97
CA GLN UA 820 -45.23 -88.11 40.55
C GLN UA 820 -43.81 -88.39 40.06
N SER UA 821 -43.44 -87.84 38.90
CA SER UA 821 -42.02 -87.53 38.69
C SER UA 821 -41.62 -86.49 39.75
N ASN UA 822 -40.35 -86.43 40.13
CA ASN UA 822 -39.87 -85.48 41.12
C ASN UA 822 -38.39 -85.25 40.87
N VAL UA 823 -38.08 -84.05 40.40
CA VAL UA 823 -36.74 -83.65 40.02
C VAL UA 823 -35.83 -83.63 41.24
N VAL UA 824 -34.78 -84.46 41.23
CA VAL UA 824 -33.80 -84.47 42.31
C VAL UA 824 -32.79 -83.36 42.08
N ILE UA 825 -33.00 -82.24 42.76
CA ILE UA 825 -32.09 -81.10 42.80
C ILE UA 825 -31.02 -81.40 43.85
N GLN UA 826 -29.76 -81.12 43.55
CA GLN UA 826 -28.61 -81.50 44.37
C GLN UA 826 -27.53 -80.42 44.36
N ILE UA 827 -26.81 -80.29 45.45
CA ILE UA 827 -25.55 -79.55 45.54
C ILE UA 827 -24.42 -80.54 45.61
N ARG UA 828 -23.40 -80.33 44.77
CA ARG UA 828 -22.21 -81.16 44.63
C ARG UA 828 -20.96 -80.28 44.65
N GLY UA 829 -19.82 -80.91 44.88
CA GLY UA 829 -18.53 -80.30 44.64
C GLY UA 829 -18.16 -80.42 43.16
N MET UA 830 -16.88 -80.29 42.87
CA MET UA 830 -16.34 -80.30 41.53
C MET UA 830 -15.18 -81.29 41.44
N GLY UA 831 -15.01 -81.93 40.28
CA GLY UA 831 -13.80 -82.68 39.94
C GLY UA 831 -12.88 -81.92 38.95
N ASP UA 832 -11.77 -82.54 38.53
CA ASP UA 832 -11.03 -82.06 37.34
C ASP UA 832 -11.92 -81.99 36.10
N GLN UA 833 -13.08 -82.68 36.17
CA GLN UA 833 -14.32 -82.38 35.48
C GLN UA 833 -14.40 -80.90 35.02
N GLY UA 834 -14.20 -79.94 35.91
CA GLY UA 834 -14.77 -78.60 35.68
C GLY UA 834 -16.32 -78.62 35.63
N TYR UA 835 -16.86 -79.71 36.17
CA TYR UA 835 -18.24 -80.16 36.23
C TYR UA 835 -18.41 -80.92 37.57
N PRO UA 836 -19.63 -81.27 37.99
CA PRO UA 836 -19.88 -81.82 39.31
C PRO UA 836 -19.04 -83.06 39.67
N ASN UA 837 -18.59 -83.14 40.92
CA ASN UA 837 -18.21 -84.41 41.52
C ASN UA 837 -19.45 -85.30 41.74
N LYS UA 838 -19.26 -86.49 42.32
CA LYS UA 838 -20.37 -87.41 42.61
C LYS UA 838 -20.98 -87.19 43.99
N THR UA 839 -20.24 -86.61 44.94
CA THR UA 839 -20.70 -86.36 46.32
C THR UA 839 -21.87 -85.38 46.33
N ILE UA 840 -22.84 -85.57 47.22
CA ILE UA 840 -23.99 -84.68 47.37
C ILE UA 840 -23.95 -84.03 48.77
N TYR UA 841 -24.32 -82.75 48.88
CA TYR UA 841 -24.02 -81.88 50.03
C TYR UA 841 -25.28 -81.24 50.64
N ALA UA 842 -26.28 -80.94 49.80
CA ALA UA 842 -27.69 -80.75 50.15
C ALA UA 842 -28.55 -81.08 48.91
N GLU UA 843 -29.83 -81.39 49.06
CA GLU UA 843 -30.65 -82.00 48.00
C GLU UA 843 -32.15 -81.92 48.29
N THR UA 844 -33.01 -81.98 47.28
CA THR UA 844 -34.48 -82.09 47.43
C THR UA 844 -35.11 -82.65 46.16
N VAL UA 845 -36.35 -83.15 46.26
CA VAL UA 845 -36.97 -84.09 45.30
C VAL UA 845 -38.35 -83.53 44.93
N MET UA 846 -38.41 -82.78 43.84
CA MET UA 846 -39.47 -81.80 43.58
C MET UA 846 -40.34 -82.19 42.38
N ASN UA 847 -41.59 -82.53 42.67
CA ASN UA 847 -42.65 -82.87 41.72
C ASN UA 847 -43.20 -81.65 40.99
N ALA UA 848 -44.11 -81.83 40.02
CA ALA UA 848 -44.82 -80.69 39.43
C ALA UA 848 -45.65 -79.94 40.48
N ASP UA 849 -45.98 -80.58 41.59
CA ASP UA 849 -46.55 -79.94 42.76
C ASP UA 849 -45.62 -78.87 43.34
N ASP UA 850 -44.31 -79.11 43.29
CA ASP UA 850 -43.24 -78.34 43.93
C ASP UA 850 -42.59 -77.30 42.99
N ILE UA 851 -42.75 -77.47 41.67
CA ILE UA 851 -42.08 -76.69 40.63
C ILE UA 851 -43.02 -75.66 39.98
N LYS UA 852 -42.48 -74.47 39.72
CA LYS UA 852 -43.17 -73.18 39.59
C LYS UA 852 -42.63 -72.42 38.37
N VAL UA 853 -43.46 -72.18 37.36
CA VAL UA 853 -43.02 -72.01 35.96
C VAL UA 853 -43.75 -70.85 35.25
N SER UA 854 -43.23 -70.40 34.10
CA SER UA 854 -43.53 -69.13 33.42
C SER UA 854 -43.10 -69.15 31.95
N ASN UA 855 -43.46 -68.13 31.17
CA ASN UA 855 -43.22 -68.10 29.73
C ASN UA 855 -41.99 -67.27 29.31
N ASN UA 856 -41.38 -66.60 30.27
CA ASN UA 856 -40.53 -65.40 30.12
C ASN UA 856 -39.56 -65.23 31.31
N ALA UA 857 -39.32 -66.33 32.04
CA ALA UA 857 -38.55 -66.37 33.28
C ALA UA 857 -39.00 -65.40 34.38
N SER UA 858 -40.32 -65.26 34.56
CA SER UA 858 -40.92 -64.50 35.68
C SER UA 858 -41.16 -65.34 36.96
N ALA UA 859 -41.51 -66.63 36.81
CA ALA UA 859 -41.78 -67.54 37.95
C ALA UA 859 -40.50 -68.19 38.42
N GLU UA 860 -40.16 -68.00 39.68
CA GLU UA 860 -39.06 -68.69 40.30
C GLU UA 860 -39.59 -69.83 41.17
N THR UA 861 -39.19 -71.06 40.85
CA THR UA 861 -39.25 -72.21 41.74
C THR UA 861 -38.27 -71.96 42.90
N ARG UA 862 -38.67 -72.18 44.15
CA ARG UA 862 -37.78 -72.05 45.31
C ARG UA 862 -37.43 -73.42 45.88
N VAL UA 863 -36.17 -73.62 46.18
CA VAL UA 863 -35.60 -74.95 46.46
C VAL UA 863 -34.88 -74.88 47.80
N TYR UA 864 -35.52 -75.33 48.87
CA TYR UA 864 -35.00 -75.18 50.22
C TYR UA 864 -34.26 -76.41 50.72
N PHE UA 865 -33.22 -76.17 51.52
CA PHE UA 865 -32.41 -77.20 52.17
C PHE UA 865 -32.54 -77.14 53.69
N ASP UA 866 -32.54 -78.32 54.32
CA ASP UA 866 -33.15 -78.53 55.63
C ASP UA 866 -32.24 -78.12 56.80
N ASP UA 867 -31.02 -78.65 56.84
CA ASP UA 867 -29.94 -78.24 57.75
C ASP UA 867 -29.37 -76.85 57.38
N PRO UA 868 -28.71 -76.12 58.32
CA PRO UA 868 -28.08 -74.84 58.03
C PRO UA 868 -26.77 -75.09 57.24
N MET UA 869 -26.82 -75.55 55.98
CA MET UA 869 -25.63 -75.84 55.15
C MET UA 869 -24.81 -74.55 54.93
N MET UA 870 -23.62 -74.46 55.52
CA MET UA 870 -22.76 -73.29 55.33
C MET UA 870 -21.97 -73.44 54.04
N ALA UA 871 -22.37 -72.70 53.00
CA ALA UA 871 -21.59 -72.52 51.78
C ALA UA 871 -20.35 -71.71 52.11
N GLU UA 872 -19.23 -72.41 52.08
CA GLU UA 872 -17.92 -71.89 52.40
C GLU UA 872 -17.44 -70.89 51.36
N GLY UA 873 -16.72 -69.88 51.83
CA GLY UA 873 -16.05 -68.94 50.96
C GLY UA 873 -14.90 -69.58 50.18
N GLY UA 874 -14.52 -68.94 49.07
CA GLY UA 874 -13.44 -69.37 48.19
C GLY UA 874 -13.62 -70.75 47.53
N LYS UA 875 -14.86 -71.22 47.35
CA LYS UA 875 -15.18 -72.60 46.94
C LYS UA 875 -16.01 -72.65 45.66
N GLU UA 876 -15.73 -73.67 44.85
CA GLU UA 876 -16.50 -74.05 43.66
C GLU UA 876 -17.29 -75.34 43.94
N TYR UA 877 -18.42 -75.44 43.28
CA TYR UA 877 -19.50 -76.38 43.51
C TYR UA 877 -20.17 -76.62 42.16
N ALA UA 878 -21.02 -77.62 42.04
CA ALA UA 878 -22.05 -77.58 41.01
C ALA UA 878 -23.40 -78.01 41.56
N ILE UA 879 -24.45 -77.39 41.05
CA ILE UA 879 -25.81 -77.91 41.20
C ILE UA 879 -25.97 -79.08 40.24
N VAL UA 880 -26.43 -80.25 40.69
CA VAL UA 880 -26.86 -81.37 39.80
C VAL UA 880 -28.37 -81.47 39.87
N ILE UA 881 -29.01 -81.64 38.72
CA ILE UA 881 -30.46 -81.59 38.61
C ILE UA 881 -30.92 -82.76 37.76
N ILE UA 882 -31.58 -83.73 38.37
CA ILE UA 882 -32.00 -84.96 37.73
C ILE UA 882 -33.51 -84.88 37.50
N THR UA 883 -33.94 -84.87 36.24
CA THR UA 883 -35.33 -85.15 35.87
C THR UA 883 -35.45 -86.49 35.15
N GLU UA 884 -36.52 -87.22 35.48
CA GLU UA 884 -37.04 -88.37 34.75
C GLU UA 884 -38.07 -87.99 33.65
N ASN UA 885 -38.56 -86.74 33.67
CA ASN UA 885 -39.53 -86.20 32.72
C ASN UA 885 -38.92 -84.99 31.97
N SER UA 886 -38.88 -85.03 30.64
CA SER UA 886 -38.26 -83.98 29.80
C SER UA 886 -38.87 -82.59 30.06
N ASP UA 887 -40.15 -82.56 30.41
CA ASP UA 887 -40.94 -81.34 30.45
C ASP UA 887 -40.75 -80.58 31.75
N TYR UA 888 -39.83 -81.01 32.62
CA TYR UA 888 -39.18 -80.05 33.51
C TYR UA 888 -38.12 -79.33 32.67
N THR UA 889 -38.50 -78.21 32.07
CA THR UA 889 -37.57 -77.35 31.36
C THR UA 889 -37.40 -76.08 32.20
N MET UA 890 -36.18 -75.76 32.63
CA MET UA 890 -35.89 -74.49 33.28
C MET UA 890 -35.95 -73.31 32.31
N TRP UA 891 -35.79 -72.10 32.80
CA TRP UA 891 -35.35 -70.92 32.05
C TRP UA 891 -33.87 -70.66 32.33
N VAL UA 892 -33.06 -70.50 31.28
CA VAL UA 892 -31.61 -70.40 31.37
C VAL UA 892 -31.13 -69.27 30.46
N GLY UA 893 -30.12 -68.51 30.89
CA GLY UA 893 -29.54 -67.36 30.20
C GLY UA 893 -28.22 -67.69 29.49
N THR UA 894 -27.84 -66.92 28.46
CA THR UA 894 -26.61 -67.17 27.69
C THR UA 894 -25.96 -65.89 27.14
N ARG UA 895 -24.63 -65.86 27.05
CA ARG UA 895 -23.76 -64.85 26.45
C ARG UA 895 -24.26 -64.41 25.08
N THR UA 896 -24.23 -63.12 24.78
CA THR UA 896 -24.82 -62.44 23.58
C THR UA 896 -26.35 -62.50 23.43
N LYS UA 897 -27.06 -63.51 23.96
CA LYS UA 897 -28.39 -63.87 23.45
C LYS UA 897 -29.51 -62.88 23.80
N PRO UA 898 -30.47 -62.64 22.90
CA PRO UA 898 -31.77 -62.05 23.22
C PRO UA 898 -32.41 -62.71 24.44
N LYS UA 899 -32.74 -61.95 25.50
CA LYS UA 899 -33.36 -62.55 26.70
C LYS UA 899 -34.74 -63.10 26.35
N ILE UA 900 -35.21 -64.11 27.07
CA ILE UA 900 -36.59 -64.59 27.00
C ILE UA 900 -37.50 -63.57 27.72
N ASP UA 901 -36.98 -62.97 28.79
CA ASP UA 901 -37.55 -61.83 29.47
C ASP UA 901 -37.72 -60.64 28.51
N LYS UA 902 -36.71 -60.36 27.68
CA LYS UA 902 -36.63 -59.23 26.73
C LYS UA 902 -35.68 -59.56 25.57
N PRO UA 903 -36.15 -60.07 24.43
CA PRO UA 903 -35.27 -60.40 23.30
C PRO UA 903 -34.50 -59.20 22.72
N ASN UA 904 -35.06 -58.01 22.88
CA ASN UA 904 -34.41 -56.74 22.59
C ASN UA 904 -33.15 -56.53 23.45
N GLU UA 905 -33.13 -57.03 24.68
CA GLU UA 905 -31.91 -57.17 25.47
C GLU UA 905 -31.14 -58.39 24.98
N VAL UA 906 -30.17 -58.17 24.12
CA VAL UA 906 -29.06 -59.10 23.96
C VAL UA 906 -28.21 -59.10 25.21
N ILE UA 907 -28.09 -60.26 25.86
CA ILE UA 907 -27.21 -60.49 27.02
C ILE UA 907 -25.77 -60.11 26.66
N SER UA 908 -24.98 -59.55 27.57
CA SER UA 908 -23.52 -59.39 27.36
C SER UA 908 -22.77 -60.70 27.67
N GLY UA 909 -22.21 -60.87 28.87
CA GLY UA 909 -21.39 -62.04 29.27
C GLY UA 909 -22.15 -63.35 29.42
N ASN UA 910 -21.42 -64.46 29.56
CA ASN UA 910 -22.02 -65.68 30.11
C ASN UA 910 -22.66 -65.28 31.46
N PRO UA 911 -23.95 -65.58 31.73
CA PRO UA 911 -24.71 -64.80 32.71
C PRO UA 911 -24.09 -64.70 34.11
N TYR UA 912 -23.35 -65.73 34.50
CA TYR UA 912 -22.66 -65.89 35.76
C TYR UA 912 -21.40 -66.71 35.47
N LEU UA 913 -20.41 -66.06 34.85
CA LEU UA 913 -19.13 -66.67 34.42
C LEU UA 913 -18.36 -67.36 35.55
N GLN UA 914 -18.70 -66.99 36.76
CA GLN UA 914 -18.40 -67.60 38.04
C GLN UA 914 -19.08 -68.98 38.17
N GLY UA 915 -19.23 -69.69 37.05
CA GLY UA 915 -20.26 -70.70 36.81
C GLY UA 915 -20.32 -71.08 35.32
N VAL UA 916 -20.97 -72.20 35.01
CA VAL UA 916 -21.09 -72.81 33.67
C VAL UA 916 -22.29 -73.77 33.65
N LEU UA 917 -23.13 -73.71 32.63
CA LEU UA 917 -24.19 -74.70 32.41
C LEU UA 917 -23.71 -75.93 31.63
N PHE UA 918 -24.30 -77.10 31.90
CA PHE UA 918 -24.07 -78.30 31.11
C PHE UA 918 -25.12 -79.41 31.37
N SER UA 919 -25.73 -79.97 30.33
CA SER UA 919 -26.27 -81.33 30.42
C SER UA 919 -25.13 -82.35 30.34
N SER UA 920 -25.30 -83.60 30.79
CA SER UA 920 -24.35 -84.68 30.50
C SER UA 920 -25.03 -86.00 30.15
N SER UA 921 -24.42 -86.75 29.24
CA SER UA 921 -24.81 -88.09 28.82
C SER UA 921 -24.61 -89.21 29.86
N ASN UA 922 -23.99 -88.92 31.02
CA ASN UA 922 -23.63 -89.90 32.09
C ASN UA 922 -23.15 -89.23 33.41
N ALA UA 923 -23.45 -87.94 33.61
CA ALA UA 923 -22.84 -87.07 34.63
C ALA UA 923 -21.30 -87.02 34.57
N SER UA 924 -20.70 -87.18 33.37
CA SER UA 924 -19.28 -86.87 33.09
C SER UA 924 -19.05 -86.29 31.70
N THR UA 925 -19.65 -86.81 30.63
CA THR UA 925 -19.64 -86.16 29.30
C THR UA 925 -20.64 -85.02 29.28
N TRP UA 926 -20.33 -84.00 30.09
CA TRP UA 926 -21.03 -82.72 30.20
C TRP UA 926 -20.91 -81.91 28.92
N THR UA 927 -21.84 -80.98 28.73
CA THR UA 927 -22.06 -80.20 27.52
C THR UA 927 -21.79 -78.74 27.84
N PRO UA 928 -20.52 -78.32 27.95
CA PRO UA 928 -20.14 -77.17 28.75
C PRO UA 928 -20.36 -75.91 27.92
N HIS UA 929 -21.58 -75.41 27.94
CA HIS UA 929 -21.86 -74.04 27.56
C HIS UA 929 -21.43 -73.13 28.71
N GLN UA 930 -20.14 -72.88 28.75
CA GLN UA 930 -19.51 -71.68 29.34
C GLN UA 930 -19.95 -70.37 28.65
N ASN UA 931 -20.96 -70.43 27.78
CA ASN UA 931 -21.78 -69.30 27.38
C ASN UA 931 -23.04 -69.15 28.23
N SER UA 932 -23.49 -70.19 28.95
CA SER UA 932 -24.81 -70.27 29.55
C SER UA 932 -24.79 -70.46 31.08
N ASP UA 933 -25.86 -70.01 31.74
CA ASP UA 933 -26.21 -70.40 33.11
C ASP UA 933 -27.74 -70.54 33.27
N LEU UA 934 -28.18 -71.37 34.21
CA LEU UA 934 -29.56 -71.37 34.71
C LEU UA 934 -29.97 -69.94 35.06
N LYS UA 935 -31.21 -69.48 34.85
CA LYS UA 935 -31.63 -68.25 35.54
C LYS UA 935 -31.91 -68.64 36.99
N PHE UA 936 -31.13 -68.11 37.93
CA PHE UA 936 -31.07 -68.62 39.30
C PHE UA 936 -30.68 -67.53 40.29
N GLY UA 937 -30.94 -67.75 41.57
CA GLY UA 937 -30.17 -67.11 42.63
C GLY UA 937 -30.22 -67.87 43.94
N ILE UA 938 -29.24 -67.66 44.79
CA ILE UA 938 -29.03 -68.47 45.98
C ILE UA 938 -29.20 -67.58 47.22
N TYR UA 939 -29.75 -68.17 48.28
CA TYR UA 939 -30.14 -67.46 49.48
C TYR UA 939 -29.56 -68.11 50.72
N THR UA 940 -29.15 -67.28 51.67
CA THR UA 940 -28.42 -67.71 52.86
C THR UA 940 -28.92 -66.99 54.11
N SER UA 941 -28.35 -67.31 55.27
CA SER UA 941 -28.76 -66.78 56.57
C SER UA 941 -27.86 -65.65 57.06
N LYS UA 942 -28.39 -64.44 57.22
CA LYS UA 942 -27.85 -63.53 58.22
C LYS UA 942 -28.32 -64.04 59.57
N PHE UA 943 -27.44 -64.62 60.36
CA PHE UA 943 -27.76 -65.04 61.72
C PHE UA 943 -27.79 -63.89 62.73
N ASN UA 944 -28.48 -64.12 63.84
CA ASN UA 944 -28.21 -63.51 65.13
C ASN UA 944 -26.85 -64.03 65.67
N GLU UA 945 -25.99 -63.18 66.24
CA GLU UA 945 -24.60 -63.57 66.53
C GLU UA 945 -24.45 -64.64 67.65
N THR UA 946 -25.50 -64.92 68.45
CA THR UA 946 -25.52 -65.93 69.53
C THR UA 946 -26.94 -66.47 69.77
N ALA UA 947 -27.11 -67.54 70.55
CA ALA UA 947 -28.40 -68.13 70.88
C ALA UA 947 -28.42 -69.03 72.15
N THR UA 948 -29.61 -69.24 72.72
CA THR UA 948 -29.89 -70.26 73.76
C THR UA 948 -30.31 -71.60 73.17
N ILE UA 949 -30.01 -72.67 73.89
CA ILE UA 949 -30.46 -74.04 73.65
C ILE UA 949 -30.95 -74.60 74.99
N GLU UA 950 -32.08 -74.08 75.46
CA GLU UA 950 -32.68 -74.50 76.72
C GLU UA 950 -33.15 -75.96 76.59
N PHE UA 951 -32.49 -76.90 77.25
CA PHE UA 951 -32.89 -78.31 77.15
C PHE UA 951 -34.03 -78.65 78.10
N GLU UA 952 -34.88 -79.57 77.68
CA GLU UA 952 -36.02 -80.06 78.46
C GLU UA 952 -35.51 -80.78 79.72
N PRO UA 953 -36.10 -80.55 80.91
CA PRO UA 953 -35.69 -81.22 82.13
C PRO UA 953 -35.59 -82.75 82.02
N ILE UA 954 -34.36 -83.27 82.04
CA ILE UA 954 -34.02 -84.67 82.27
C ILE UA 954 -34.28 -85.01 83.75
N LYS UA 955 -35.54 -84.95 84.19
CA LYS UA 955 -35.94 -85.29 85.58
C LYS UA 955 -35.74 -86.78 85.90
N ASP UA 956 -35.56 -87.11 87.18
CA ASP UA 956 -35.42 -88.48 87.72
C ASP UA 956 -34.25 -89.29 87.10
N VAL UA 957 -33.11 -88.60 86.95
CA VAL UA 957 -31.76 -89.11 86.65
C VAL UA 957 -31.20 -89.89 87.84
N SER UA 958 -31.39 -89.40 89.06
CA SER UA 958 -30.85 -89.93 90.33
C SER UA 958 -29.43 -90.53 90.23
N ALA UA 959 -28.48 -89.77 89.68
CA ALA UA 959 -27.16 -90.28 89.28
C ALA UA 959 -26.03 -89.82 90.20
N ASP UA 960 -25.07 -90.72 90.47
CA ASP UA 960 -23.83 -90.42 91.19
C ASP UA 960 -22.70 -89.92 90.27
N ARG UA 961 -22.81 -90.14 88.96
CA ARG UA 961 -21.84 -89.69 87.94
C ARG UA 961 -22.57 -89.29 86.68
N ILE UA 962 -21.95 -88.46 85.86
CA ILE UA 962 -22.40 -88.07 84.52
C ILE UA 962 -21.18 -87.88 83.61
N VAL UA 963 -21.38 -88.02 82.31
CA VAL UA 963 -20.37 -87.83 81.25
C VAL UA 963 -21.06 -87.09 80.13
N LEU UA 964 -20.83 -85.79 79.98
CA LEU UA 964 -21.34 -85.10 78.80
C LEU UA 964 -20.55 -85.59 77.59
N MET UA 965 -21.24 -85.91 76.52
CA MET UA 965 -20.65 -86.25 75.23
C MET UA 965 -21.56 -85.68 74.14
N SER UA 966 -21.91 -84.41 74.26
CA SER UA 966 -22.71 -83.77 73.21
C SER UA 966 -21.79 -83.35 72.05
N THR UA 967 -22.36 -83.03 70.90
CA THR UA 967 -21.57 -82.79 69.68
C THR UA 967 -22.02 -81.48 69.04
N TYR UA 968 -21.09 -80.62 68.68
CA TYR UA 968 -21.40 -79.28 68.22
C TYR UA 968 -20.16 -78.77 67.51
N LEU UA 969 -20.03 -78.91 66.20
CA LEU UA 969 -18.83 -78.36 65.55
C LEU UA 969 -18.92 -76.84 65.53
N THR UA 970 -17.90 -76.15 66.07
CA THR UA 970 -17.96 -74.70 66.34
C THR UA 970 -16.81 -73.95 65.66
N PRO UA 971 -16.90 -73.65 64.34
CA PRO UA 971 -16.04 -72.68 63.68
C PRO UA 971 -15.86 -71.41 64.52
N GLU UA 972 -14.73 -70.70 64.38
CA GLU UA 972 -14.44 -69.49 65.15
C GLU UA 972 -15.58 -68.46 65.23
N ARG UA 973 -15.66 -67.71 66.33
CA ARG UA 973 -16.83 -66.91 66.74
C ARG UA 973 -18.09 -67.74 67.03
N THR UA 974 -18.35 -68.81 66.29
CA THR UA 974 -19.29 -69.83 66.74
C THR UA 974 -18.70 -70.67 67.88
N GLY UA 975 -19.56 -71.21 68.72
CA GLY UA 975 -19.18 -71.81 70.00
C GLY UA 975 -20.42 -72.41 70.66
N CYS UA 976 -20.25 -73.22 71.69
CA CYS UA 976 -21.36 -73.83 72.40
C CYS UA 976 -20.99 -73.97 73.87
N THR UA 977 -21.00 -72.87 74.62
CA THR UA 977 -20.94 -72.96 76.10
C THR UA 977 -22.09 -73.86 76.59
N TRP UA 978 -21.85 -74.58 77.68
CA TRP UA 978 -22.71 -75.66 78.14
C TRP UA 978 -22.97 -75.50 79.62
N GLU UA 979 -24.22 -75.69 80.05
CA GLU UA 979 -24.69 -75.35 81.40
C GLU UA 979 -25.64 -76.38 82.01
N MET UA 980 -25.64 -76.43 83.35
CA MET UA 980 -26.40 -77.40 84.12
C MET UA 980 -27.15 -76.76 85.27
N LYS UA 981 -28.29 -77.36 85.59
CA LYS UA 981 -29.11 -77.10 86.75
C LYS UA 981 -29.50 -78.46 87.36
N LEU UA 982 -28.53 -79.16 87.97
CA LEU UA 982 -28.82 -80.47 88.58
C LEU UA 982 -29.59 -80.24 89.89
N ILE UA 983 -30.85 -80.68 90.00
CA ILE UA 983 -31.45 -80.92 91.31
C ILE UA 983 -30.87 -82.24 91.82
N LEU UA 984 -30.45 -82.28 93.08
CA LEU UA 984 -29.93 -83.48 93.73
C LEU UA 984 -31.00 -84.21 94.56
N ASP UA 985 -30.97 -85.55 94.61
CA ASP UA 985 -31.77 -86.35 95.55
C ASP UA 985 -31.55 -85.84 96.99
N ASP UA 986 -30.33 -85.38 97.28
CA ASP UA 986 -29.91 -84.81 98.56
C ASP UA 986 -30.09 -83.28 98.68
N MET UA 987 -30.50 -82.55 97.64
CA MET UA 987 -30.87 -81.13 97.75
C MET UA 987 -32.18 -80.95 98.54
N ALA UA 988 -32.46 -79.74 99.01
CA ALA UA 988 -33.78 -79.44 99.59
C ALA UA 988 -34.92 -79.78 98.61
N SER UA 989 -36.07 -80.21 99.13
CA SER UA 989 -37.23 -80.61 98.33
C SER UA 989 -37.80 -79.47 97.47
N SER UA 990 -37.52 -78.22 97.84
CA SER UA 990 -37.82 -77.00 97.10
C SER UA 990 -36.97 -76.80 95.84
N THR UA 991 -35.74 -77.34 95.78
CA THR UA 991 -34.75 -76.94 94.76
C THR UA 991 -35.18 -77.33 93.34
N THR UA 992 -35.17 -76.34 92.44
CA THR UA 992 -35.56 -76.45 91.03
C THR UA 992 -34.70 -75.52 90.16
N PHE UA 993 -34.86 -75.62 88.83
CA PHE UA 993 -34.11 -74.88 87.81
C PHE UA 993 -34.34 -73.35 87.79
N ASP UA 994 -35.10 -72.79 88.75
CA ASP UA 994 -35.19 -71.37 89.11
C ASP UA 994 -34.12 -70.97 90.17
N GLN UA 995 -33.91 -71.82 91.17
CA GLN UA 995 -32.92 -71.68 92.25
C GLN UA 995 -31.53 -72.08 91.80
N LEU UA 996 -31.44 -73.18 91.06
CA LEU UA 996 -30.27 -73.58 90.31
C LEU UA 996 -30.06 -72.59 89.16
N LYS UA 997 -28.84 -72.07 88.99
CA LYS UA 997 -28.47 -71.16 87.88
C LYS UA 997 -27.72 -71.92 86.79
N TRP UA 998 -27.59 -71.33 85.61
CA TRP UA 998 -26.83 -71.91 84.50
C TRP UA 998 -25.31 -71.81 84.74
N GLU UA 999 -24.84 -72.48 85.79
CA GLU UA 999 -23.43 -72.84 85.95
C GLU UA 999 -22.98 -73.81 84.84
N PRO UA 1000 -21.68 -73.92 84.52
CA PRO UA 1000 -21.27 -74.51 83.26
C PRO UA 1000 -20.77 -75.96 83.42
N ILE UA 1001 -21.09 -76.83 82.46
CA ILE UA 1001 -20.64 -78.22 82.35
C ILE UA 1001 -19.73 -78.37 81.13
N GLY UA 1002 -18.67 -79.18 81.25
CA GLY UA 1002 -17.73 -79.47 80.14
C GLY UA 1002 -17.83 -80.91 79.61
N ASN UA 1003 -17.19 -81.17 78.46
CA ASN UA 1003 -17.62 -82.21 77.51
C ASN UA 1003 -16.53 -83.22 77.13
N TYR UA 1004 -16.95 -84.44 76.78
CA TYR UA 1004 -16.11 -85.64 76.73
C TYR UA 1004 -15.40 -85.93 78.08
N GLN UA 1005 -15.98 -85.40 79.15
CA GLN UA 1005 -15.47 -85.19 80.51
C GLN UA 1005 -16.31 -85.99 81.50
N ASP UA 1006 -15.66 -86.59 82.49
CA ASP UA 1006 -16.30 -87.50 83.45
C ASP UA 1006 -16.43 -86.81 84.81
N LEU UA 1007 -17.66 -86.82 85.35
CA LEU UA 1007 -18.13 -85.89 86.40
C LEU UA 1007 -18.97 -86.63 87.45
N ASP UA 1008 -18.37 -86.92 88.61
CA ASP UA 1008 -19.10 -87.39 89.81
C ASP UA 1008 -19.93 -86.26 90.45
N VAL UA 1009 -21.18 -86.56 90.80
CA VAL UA 1009 -22.18 -85.61 91.24
C VAL UA 1009 -21.94 -85.12 92.69
N LEU UA 1010 -21.04 -85.74 93.45
CA LEU UA 1010 -20.67 -85.40 94.85
C LEU UA 1010 -21.90 -85.31 95.78
N GLY UA 1011 -22.77 -86.30 95.60
CA GLY UA 1011 -24.20 -86.31 95.89
C GLY UA 1011 -24.88 -87.20 94.84
N LEU UA 1012 -26.20 -87.17 94.75
CA LEU UA 1012 -26.95 -87.91 93.73
C LEU UA 1012 -27.89 -86.95 93.00
N ALA UA 1013 -27.95 -86.96 91.67
CA ALA UA 1013 -28.69 -85.95 90.87
C ALA UA 1013 -30.12 -86.39 90.57
N ARG UA 1014 -31.11 -86.12 91.46
CA ARG UA 1014 -32.50 -86.56 91.25
C ARG UA 1014 -33.03 -86.11 89.91
N GLN UA 1015 -33.09 -84.81 89.65
CA GLN UA 1015 -33.85 -84.24 88.53
C GLN UA 1015 -33.05 -83.12 87.88
N VAL UA 1016 -32.85 -83.15 86.57
CA VAL UA 1016 -31.88 -82.30 85.89
C VAL UA 1016 -32.57 -81.43 84.86
N LYS UA 1017 -32.09 -80.21 84.67
CA LYS UA 1017 -32.25 -79.49 83.42
C LYS UA 1017 -30.84 -79.14 82.94
N LEU UA 1018 -30.64 -79.16 81.63
CA LEU UA 1018 -29.39 -78.68 81.03
C LEU UA 1018 -29.70 -77.50 80.11
N ARG UA 1019 -28.67 -76.75 79.78
CA ARG UA 1019 -28.69 -75.79 78.69
C ARG UA 1019 -27.37 -75.87 77.93
N ALA UA 1020 -27.41 -75.42 76.69
CA ALA UA 1020 -26.24 -74.92 76.03
C ALA UA 1020 -26.53 -73.50 75.54
N THR UA 1021 -25.48 -72.76 75.24
CA THR UA 1021 -25.54 -71.43 74.67
C THR UA 1021 -24.64 -71.37 73.43
N PHE UA 1022 -25.26 -71.30 72.26
CA PHE UA 1022 -24.57 -71.17 70.98
C PHE UA 1022 -23.94 -69.77 70.90
N GLU UA 1023 -22.63 -69.68 70.89
CA GLU UA 1023 -21.99 -68.57 70.21
C GLU UA 1023 -22.10 -68.82 68.69
N SER UA 1024 -22.26 -67.80 67.87
CA SER UA 1024 -22.38 -67.92 66.41
C SER UA 1024 -21.64 -66.75 65.74
N ASN UA 1025 -21.88 -66.54 64.46
CA ASN UA 1025 -21.63 -65.26 63.82
C ASN UA 1025 -22.64 -65.04 62.70
N ARG UA 1026 -22.67 -63.84 62.12
CA ARG UA 1026 -23.53 -63.36 61.03
C ARG UA 1026 -23.72 -64.28 59.81
N TYR UA 1027 -22.94 -65.35 59.65
CA TYR UA 1027 -22.98 -66.23 58.47
C TYR UA 1027 -22.90 -67.72 58.80
N ILE UA 1028 -22.44 -68.06 60.00
CA ILE UA 1028 -22.08 -69.40 60.46
C ILE UA 1028 -22.65 -69.63 61.87
N SER UA 1029 -23.08 -70.85 62.19
CA SER UA 1029 -23.54 -71.24 63.52
C SER UA 1029 -23.24 -72.73 63.77
N PRO UA 1030 -23.02 -73.20 65.01
CA PRO UA 1030 -22.45 -74.53 65.26
C PRO UA 1030 -23.28 -75.72 64.82
N LEU UA 1031 -22.59 -76.79 64.42
CA LEU UA 1031 -23.21 -78.02 63.93
C LEU UA 1031 -23.59 -78.94 65.10
N MET UA 1032 -24.57 -78.56 65.90
CA MET UA 1032 -25.23 -79.49 66.82
C MET UA 1032 -26.54 -79.96 66.20
N SER UA 1033 -26.70 -81.26 66.04
CA SER UA 1033 -27.98 -81.90 65.75
C SER UA 1033 -28.77 -82.20 67.03
N SER UA 1034 -30.09 -82.22 66.88
CA SER UA 1034 -31.12 -82.85 67.73
C SER UA 1034 -30.85 -84.32 68.15
N SER UA 1035 -29.85 -85.00 67.59
CA SER UA 1035 -29.28 -86.23 68.16
C SER UA 1035 -27.74 -86.29 68.23
N ASP UA 1036 -27.02 -85.23 67.82
CA ASP UA 1036 -25.68 -84.93 68.34
C ASP UA 1036 -25.76 -84.53 69.81
N LEU UA 1037 -26.95 -84.18 70.27
CA LEU UA 1037 -27.31 -83.79 71.61
C LEU UA 1037 -27.19 -84.96 72.61
N THR UA 1038 -26.07 -85.10 73.35
CA THR UA 1038 -25.85 -86.32 74.17
C THR UA 1038 -25.17 -86.13 75.54
N PHE UA 1039 -25.60 -86.94 76.51
CA PHE UA 1039 -25.31 -86.79 77.93
C PHE UA 1039 -25.54 -88.10 78.71
N THR UA 1040 -24.48 -88.81 79.09
CA THR UA 1040 -24.61 -90.01 79.93
C THR UA 1040 -24.80 -89.62 81.40
N THR UA 1041 -25.59 -90.39 82.14
CA THR UA 1041 -25.70 -90.35 83.61
C THR UA 1041 -25.46 -91.75 84.16
N PHE UA 1042 -25.12 -91.89 85.43
CA PHE UA 1042 -24.74 -93.18 86.00
C PHE UA 1042 -25.30 -93.43 87.41
N LEU UA 1043 -25.73 -94.66 87.63
CA LEU UA 1043 -25.74 -95.31 88.93
C LEU UA 1043 -24.43 -96.14 89.01
N THR UA 1044 -23.73 -96.13 90.13
CA THR UA 1044 -22.59 -97.04 90.37
C THR UA 1044 -22.96 -98.17 91.32
N GLU UA 1045 -22.50 -99.38 91.03
CA GLU UA 1045 -22.63 -100.56 91.88
C GLU UA 1045 -21.97 -100.37 93.27
N LEU UA 1046 -22.65 -100.71 94.38
CA LEU UA 1046 -22.11 -100.53 95.75
C LEU UA 1046 -21.07 -101.59 96.17
N THR UA 1047 -21.01 -102.73 95.47
CA THR UA 1047 -19.90 -103.71 95.53
C THR UA 1047 -19.53 -104.14 94.12
N GLY UA 1048 -18.25 -104.34 93.85
CA GLY UA 1048 -17.79 -104.64 92.50
C GLY UA 1048 -16.28 -104.82 92.48
N SER UA 1049 -15.83 -106.02 92.84
CA SER UA 1049 -14.44 -106.33 93.16
C SER UA 1049 -13.49 -106.24 91.97
N TYR UA 1050 -12.18 -106.28 92.24
CA TYR UA 1050 -11.26 -106.83 91.25
C TYR UA 1050 -11.16 -108.33 91.60
N VAL UA 1051 -11.13 -109.19 90.60
CA VAL UA 1051 -10.71 -110.59 90.76
C VAL UA 1051 -9.69 -110.88 89.67
N GLY UA 1052 -8.48 -111.26 90.04
CA GLY UA 1052 -7.44 -111.63 89.08
C GLY UA 1052 -7.63 -113.08 88.65
N ARG UA 1053 -7.29 -113.47 87.41
CA ARG UA 1053 -7.56 -114.82 86.87
C ARG UA 1053 -6.84 -115.92 87.65
N ALA UA 1054 -7.50 -117.06 87.81
CA ALA UA 1054 -7.06 -118.18 88.63
C ALA UA 1054 -5.64 -118.64 88.23
N ILE UA 1055 -4.81 -118.97 89.22
CA ILE UA 1055 -3.42 -119.36 89.04
C ILE UA 1055 -3.22 -120.78 89.60
N ASP UA 1056 -3.02 -121.76 88.73
CA ASP UA 1056 -2.48 -123.05 89.16
C ASP UA 1056 -1.06 -122.83 89.71
N MET UA 1057 -0.87 -123.09 91.00
CA MET UA 1057 0.40 -122.96 91.70
C MET UA 1057 1.08 -124.32 91.94
N THR UA 1058 0.65 -125.40 91.28
CA THR UA 1058 1.25 -126.72 91.42
C THR UA 1058 2.67 -126.81 90.83
N GLU UA 1059 3.04 -125.92 89.89
CA GLU UA 1059 4.40 -125.77 89.39
C GLU UA 1059 5.36 -125.10 90.39
N ALA UA 1060 4.80 -124.33 91.32
CA ALA UA 1060 5.49 -123.57 92.36
C ALA UA 1060 4.61 -123.52 93.64
N PRO UA 1061 4.43 -124.65 94.36
CA PRO UA 1061 3.49 -124.74 95.47
C PRO UA 1061 3.77 -123.69 96.55
N TYR UA 1062 2.77 -122.94 96.98
CA TYR UA 1062 2.96 -121.75 97.80
C TYR UA 1062 2.45 -121.92 99.25
N ASN UA 1063 3.37 -121.86 100.22
CA ASN UA 1063 3.01 -121.85 101.63
C ASN UA 1063 2.63 -120.42 102.06
N THR UA 1064 3.19 -119.40 101.42
CA THR UA 1064 2.95 -117.99 101.70
C THR UA 1064 2.37 -117.28 100.47
N VAL UA 1065 1.65 -116.20 100.69
CA VAL UA 1065 1.55 -115.11 99.73
C VAL UA 1065 1.89 -113.83 100.50
N ARG UA 1066 2.67 -112.94 99.89
CA ARG UA 1066 2.70 -111.53 100.31
C ARG UA 1066 1.82 -110.81 99.29
N PHE UA 1067 0.68 -110.32 99.76
CA PHE UA 1067 -0.34 -109.65 98.98
C PHE UA 1067 -0.24 -108.16 99.29
N SER UA 1068 0.52 -107.41 98.52
CA SER UA 1068 0.37 -105.96 98.54
C SER UA 1068 -0.59 -105.53 97.44
N TYR UA 1069 -1.13 -104.32 97.56
CA TYR UA 1069 -1.96 -103.66 96.57
C TYR UA 1069 -1.95 -102.15 96.86
N GLU UA 1070 -2.38 -101.32 95.92
CA GLU UA 1070 -2.45 -99.87 96.10
C GLU UA 1070 -3.86 -99.31 95.83
N ALA UA 1071 -4.42 -98.59 96.78
CA ALA UA 1071 -5.77 -98.05 96.68
C ALA UA 1071 -5.91 -96.70 97.38
N PHE UA 1072 -6.71 -95.82 96.82
CA PHE UA 1072 -7.31 -94.77 97.61
C PHE UA 1072 -8.76 -95.15 97.86
N LEU UA 1073 -9.13 -95.24 99.12
CA LEU UA 1073 -10.47 -95.55 99.53
C LEU UA 1073 -11.06 -94.23 100.04
N PRO UA 1074 -11.98 -93.57 99.33
CA PRO UA 1074 -12.75 -92.46 99.86
C PRO UA 1074 -13.48 -92.81 101.15
N LYS UA 1075 -14.05 -91.79 101.79
CA LYS UA 1075 -14.77 -91.87 103.07
C LYS UA 1075 -15.53 -93.18 103.16
N GLY UA 1076 -15.25 -93.97 104.18
CA GLY UA 1076 -15.95 -95.23 104.49
C GLY UA 1076 -15.70 -96.39 103.53
N THR UA 1077 -15.46 -96.13 102.24
CA THR UA 1077 -15.29 -97.16 101.20
C THR UA 1077 -14.21 -98.17 101.60
N LYS UA 1078 -14.25 -99.38 101.04
CA LYS UA 1078 -13.39 -100.51 101.43
C LYS UA 1078 -12.86 -101.27 100.22
N VAL UA 1079 -11.82 -102.05 100.46
CA VAL UA 1079 -11.37 -103.16 99.59
C VAL UA 1079 -11.06 -104.35 100.48
N VAL UA 1080 -11.57 -105.53 100.11
CA VAL UA 1080 -11.23 -106.77 100.81
C VAL UA 1080 -10.13 -107.49 100.04
N PRO UA 1081 -8.86 -107.48 100.47
CA PRO UA 1081 -7.83 -108.29 99.87
C PRO UA 1081 -8.10 -109.77 100.16
N LYS UA 1082 -8.17 -110.60 99.13
CA LYS UA 1082 -8.65 -111.99 99.22
C LYS UA 1082 -7.75 -112.95 98.46
N TYR UA 1083 -7.54 -114.13 99.04
CA TYR UA 1083 -7.13 -115.31 98.29
C TYR UA 1083 -8.15 -116.44 98.41
N SER UA 1084 -8.56 -116.97 97.27
CA SER UA 1084 -8.98 -118.36 97.25
C SER UA 1084 -7.69 -119.17 97.28
N ALA UA 1085 -7.57 -120.12 98.19
CA ALA UA 1085 -6.44 -121.05 98.23
C ALA UA 1085 -6.52 -122.15 97.14
N ASP UA 1086 -7.29 -121.91 96.09
CA ASP UA 1086 -7.88 -122.94 95.25
C ASP UA 1086 -8.66 -122.38 94.03
N ASP UA 1087 -8.04 -121.63 93.12
CA ASP UA 1087 -8.62 -121.26 91.80
C ASP UA 1087 -10.07 -120.72 91.86
N GLY UA 1088 -10.34 -119.80 92.79
CA GLY UA 1088 -11.61 -119.09 92.95
C GLY UA 1088 -12.64 -119.75 93.87
N LYS UA 1089 -12.27 -120.77 94.67
CA LYS UA 1089 -13.20 -121.56 95.49
C LYS UA 1089 -13.33 -121.07 96.94
N THR UA 1090 -12.48 -121.50 97.88
CA THR UA 1090 -12.49 -121.12 99.30
C THR UA 1090 -11.82 -119.76 99.55
N TRP UA 1091 -12.49 -118.70 99.09
CA TRP UA 1091 -12.07 -117.30 99.23
C TRP UA 1091 -11.90 -116.86 100.68
N LYS UA 1092 -10.70 -117.04 101.22
CA LYS UA 1092 -10.24 -116.41 102.45
C LYS UA 1092 -9.98 -114.94 102.14
N THR UA 1093 -10.35 -114.04 103.04
CA THR UA 1093 -9.64 -112.75 103.10
C THR UA 1093 -8.16 -113.05 103.41
N PHE UA 1094 -7.24 -112.20 102.98
CA PHE UA 1094 -5.89 -112.21 103.56
C PHE UA 1094 -6.01 -112.00 105.07
N THR UA 1095 -5.81 -113.10 105.79
CA THR UA 1095 -6.05 -113.23 107.21
C THR UA 1095 -4.97 -112.52 108.04
N LYS UA 1096 -3.80 -112.20 107.46
CA LYS UA 1096 -2.78 -111.31 108.05
C LYS UA 1096 -3.00 -109.85 107.63
N SER UA 1097 -2.53 -108.91 108.44
CA SER UA 1097 -2.80 -107.46 108.28
C SER UA 1097 -2.08 -106.82 107.09
N PRO UA 1098 -2.72 -105.95 106.28
CA PRO UA 1098 -1.99 -105.09 105.34
C PRO UA 1098 -1.24 -103.99 106.10
N THR UA 1099 0.05 -103.83 105.80
CA THR UA 1099 0.79 -102.61 106.17
C THR UA 1099 0.29 -101.47 105.28
N THR UA 1100 -0.58 -100.61 105.82
CA THR UA 1100 -1.31 -99.55 105.07
C THR UA 1100 -0.46 -98.27 104.92
N THR UA 1101 0.72 -98.37 104.32
CA THR UA 1101 1.65 -97.25 104.10
C THR UA 1101 1.08 -96.21 103.12
N ARG UA 1102 1.27 -94.90 103.32
CA ARG UA 1102 0.87 -93.90 102.29
C ARG UA 1102 1.71 -94.09 101.03
N ALA UA 1103 1.05 -94.47 99.94
CA ALA UA 1103 1.67 -94.83 98.67
C ALA UA 1103 2.33 -93.59 98.03
N ASN UA 1104 1.58 -92.49 97.90
CA ASN UA 1104 2.01 -91.25 97.25
C ASN UA 1104 1.11 -90.07 97.70
N ASN UA 1105 1.09 -88.97 96.93
CA ASN UA 1105 0.25 -87.80 97.20
C ASN UA 1105 -1.24 -88.10 97.43
N GLU UA 1106 -1.79 -89.26 97.04
CA GLU UA 1106 -3.16 -89.68 97.35
C GLU UA 1106 -3.30 -91.08 97.96
N PHE UA 1107 -2.76 -92.09 97.28
CA PHE UA 1107 -3.10 -93.48 97.57
C PHE UA 1107 -2.46 -93.98 98.88
N THR UA 1108 -2.95 -95.12 99.35
CA THR UA 1108 -2.30 -95.96 100.34
C THR UA 1108 -1.91 -97.28 99.69
N ARG UA 1109 -0.87 -97.93 100.17
CA ARG UA 1109 -0.42 -99.25 99.74
C ARG UA 1109 -0.52 -100.20 100.93
N TYR UA 1110 -0.83 -101.46 100.71
CA TYR UA 1110 -1.46 -102.34 101.71
C TYR UA 1110 -0.79 -103.72 101.80
N VAL UA 1111 0.43 -103.79 102.34
CA VAL UA 1111 1.28 -105.01 102.26
C VAL UA 1111 0.88 -106.10 103.27
N ILE UA 1112 0.01 -107.06 102.92
CA ILE UA 1112 -0.14 -108.27 103.74
C ILE UA 1112 1.06 -109.19 103.46
N ASP UA 1113 1.70 -109.75 104.48
CA ASP UA 1113 2.50 -110.99 104.34
C ASP UA 1113 1.88 -112.14 105.13
N GLU UA 1114 1.58 -113.27 104.47
CA GLU UA 1114 0.76 -114.33 105.02
C GLU UA 1114 1.20 -115.74 104.63
N LYS UA 1115 1.50 -116.59 105.61
CA LYS UA 1115 1.55 -118.03 105.37
C LYS UA 1115 0.12 -118.56 105.18
N VAL UA 1116 -0.34 -118.50 103.92
CA VAL UA 1116 -1.64 -118.89 103.38
C VAL UA 1116 -1.89 -120.41 103.36
N LYS UA 1117 -0.84 -121.22 103.29
CA LYS UA 1117 -0.77 -122.60 103.81
C LYS UA 1117 0.42 -122.63 104.77
N SER UA 1118 0.21 -122.75 106.07
CA SER UA 1118 1.27 -122.54 107.08
C SER UA 1118 2.50 -123.47 106.92
N SER UA 1119 2.26 -124.73 106.62
CA SER UA 1119 3.26 -125.76 106.27
C SER UA 1119 2.61 -126.76 105.31
N GLY UA 1120 3.42 -127.40 104.48
CA GLY UA 1120 2.89 -127.84 103.20
C GLY UA 1120 2.61 -126.61 102.34
N THR UA 1121 1.87 -126.73 101.26
CA THR UA 1121 1.67 -125.63 100.29
C THR UA 1121 0.29 -125.66 99.64
N ASN UA 1122 -0.25 -124.48 99.32
CA ASN UA 1122 -1.34 -124.35 98.38
C ASN UA 1122 -0.79 -124.54 96.95
N THR UA 1123 -1.62 -124.98 96.01
CA THR UA 1123 -1.20 -125.32 94.61
C THR UA 1123 -2.22 -124.89 93.56
N LYS UA 1124 -3.22 -124.14 93.97
CA LYS UA 1124 -4.21 -123.46 93.16
C LYS UA 1124 -4.54 -122.15 93.87
N LEU UA 1125 -4.91 -121.09 93.17
CA LEU UA 1125 -5.05 -119.76 93.77
C LEU UA 1125 -6.05 -118.95 92.97
N GLN UA 1126 -6.71 -118.01 93.62
CA GLN UA 1126 -7.18 -116.82 92.93
C GLN UA 1126 -7.05 -115.59 93.85
N VAL UA 1127 -6.84 -114.41 93.27
CA VAL UA 1127 -6.52 -113.17 94.01
C VAL UA 1127 -7.61 -112.14 93.78
N ARG UA 1128 -7.92 -111.28 94.76
CA ARG UA 1128 -9.12 -110.42 94.70
C ARG UA 1128 -9.09 -109.22 95.64
N LEU UA 1129 -9.87 -108.20 95.29
CA LEU UA 1129 -10.02 -106.94 96.02
C LEU UA 1129 -11.50 -106.57 96.03
N ASP UA 1130 -12.26 -106.87 97.09
CA ASP UA 1130 -13.68 -106.53 97.12
C ASP UA 1130 -13.92 -105.04 97.39
N LEU UA 1131 -13.77 -104.24 96.34
CA LEU UA 1131 -14.29 -102.88 96.31
C LEU UA 1131 -15.76 -102.89 96.78
N SER UA 1132 -16.02 -102.10 97.80
CA SER UA 1132 -17.28 -102.10 98.52
C SER UA 1132 -17.52 -100.73 99.17
N THR UA 1133 -18.76 -100.26 99.21
CA THR UA 1133 -19.09 -98.90 99.66
C THR UA 1133 -20.52 -98.76 100.19
N GLU UA 1134 -20.72 -97.71 100.98
CA GLU UA 1134 -22.02 -97.26 101.47
C GLU UA 1134 -22.84 -96.57 100.36
N ASN UA 1135 -22.22 -95.78 99.48
CA ASN UA 1135 -22.95 -95.05 98.43
C ASN UA 1135 -22.20 -94.99 97.11
N SER UA 1136 -22.96 -94.81 96.05
CA SER UA 1136 -22.48 -95.04 94.70
C SER UA 1136 -21.57 -93.93 94.17
N PHE UA 1137 -21.59 -92.71 94.73
CA PHE UA 1137 -20.55 -91.73 94.41
C PHE UA 1137 -19.26 -92.01 95.21
N LEU UA 1138 -19.36 -92.56 96.42
CA LEU UA 1138 -18.22 -92.99 97.24
C LEU UA 1138 -17.61 -94.24 96.61
N ARG UA 1139 -16.62 -94.12 95.72
CA ARG UA 1139 -15.99 -95.29 95.06
C ARG UA 1139 -14.53 -95.55 95.49
N PRO UA 1140 -14.20 -96.71 96.06
CA PRO UA 1140 -12.82 -97.06 96.28
C PRO UA 1140 -12.12 -97.14 94.92
N ARG UA 1141 -10.86 -96.74 94.87
CA ARG UA 1141 -10.06 -96.67 93.66
C ARG UA 1141 -8.77 -97.43 93.83
N VAL UA 1142 -8.41 -98.24 92.85
CA VAL UA 1142 -7.42 -99.31 92.97
C VAL UA 1142 -6.46 -99.36 91.78
N ARG UA 1143 -5.23 -99.78 92.07
CA ARG UA 1143 -4.13 -99.92 91.12
C ARG UA 1143 -3.06 -100.81 91.71
N ARG UA 1144 -2.10 -101.26 90.91
CA ARG UA 1144 -0.84 -101.86 91.41
C ARG UA 1144 -1.09 -103.01 92.41
N LEU UA 1145 -1.99 -103.94 92.09
CA LEU UA 1145 -2.13 -105.23 92.80
C LEU UA 1145 -0.81 -105.99 92.63
N MET UA 1146 -0.26 -106.55 93.70
CA MET UA 1146 1.18 -106.75 93.85
C MET UA 1146 1.46 -107.99 94.72
N VAL UA 1147 1.18 -109.18 94.15
CA VAL UA 1147 0.91 -110.41 94.92
C VAL UA 1147 1.88 -111.53 94.57
N THR UA 1148 2.98 -111.56 95.31
CA THR UA 1148 3.94 -112.67 95.21
C THR UA 1148 3.38 -113.88 95.99
N THR UA 1149 3.24 -115.00 95.30
CA THR UA 1149 3.06 -116.35 95.85
C THR UA 1149 4.43 -116.93 96.21
N ARG UA 1150 4.51 -117.62 97.34
CA ARG UA 1150 5.72 -117.71 98.16
C ARG UA 1150 5.83 -119.06 98.85
N ASP UA 1151 7.03 -119.53 99.15
CA ASP UA 1151 7.18 -120.84 99.75
C ASP UA 1151 8.51 -120.97 100.51
N GLU UA 1152 8.39 -121.04 101.83
CA GLU UA 1152 9.39 -120.66 102.83
C GLU UA 1152 9.54 -121.69 103.96
N ILE VA 3 -115.51 -67.02 -24.89
CA ILE VA 3 -115.69 -68.00 -23.78
C ILE VA 3 -117.14 -68.47 -23.71
N ASN VA 4 -117.40 -69.75 -23.45
CA ASN VA 4 -118.77 -70.25 -23.22
C ASN VA 4 -119.33 -69.90 -21.82
N PHE VA 5 -119.29 -68.62 -21.44
CA PHE VA 5 -119.91 -68.12 -20.21
C PHE VA 5 -121.42 -68.46 -20.14
N LYS VA 6 -122.02 -68.84 -21.27
CA LYS VA 6 -123.38 -69.38 -21.43
C LYS VA 6 -123.64 -70.57 -20.52
N GLY VA 7 -122.61 -71.37 -20.25
CA GLY VA 7 -122.70 -72.47 -19.31
C GLY VA 7 -122.70 -71.97 -17.88
N SER VA 8 -123.43 -72.65 -17.00
CA SER VA 8 -123.26 -72.48 -15.55
C SER VA 8 -121.78 -72.76 -15.16
N PRO VA 9 -121.24 -72.08 -14.13
CA PRO VA 9 -121.94 -71.19 -13.20
C PRO VA 9 -122.39 -69.87 -13.84
N TYR VA 10 -121.85 -69.49 -15.01
CA TYR VA 10 -121.95 -68.15 -15.58
C TYR VA 10 -123.20 -67.86 -16.45
N LEU VA 11 -123.96 -68.86 -16.89
CA LEU VA 11 -125.32 -68.69 -17.45
C LEU VA 11 -125.49 -67.65 -18.62
N ASP VA 12 -124.44 -67.06 -19.19
CA ASP VA 12 -124.44 -65.85 -20.02
C ASP VA 12 -125.17 -65.97 -21.37
N ARG VA 13 -126.49 -65.76 -21.38
CA ARG VA 13 -127.37 -65.95 -22.56
C ARG VA 13 -127.36 -64.85 -23.62
N PHE VA 14 -126.53 -63.81 -23.50
CA PHE VA 14 -126.57 -62.68 -24.45
C PHE VA 14 -126.30 -63.11 -25.89
N ASP VA 15 -127.00 -62.50 -26.84
CA ASP VA 15 -126.83 -62.68 -28.28
C ASP VA 15 -126.70 -61.33 -29.02
N PRO VA 16 -125.48 -60.88 -29.33
CA PRO VA 16 -125.24 -59.69 -30.14
C PRO VA 16 -126.03 -59.72 -31.45
N SER VA 17 -126.16 -60.90 -32.07
CA SER VA 17 -126.72 -61.08 -33.41
C SER VA 17 -128.24 -61.23 -33.42
N LYS VA 18 -128.88 -61.45 -32.25
CA LYS VA 18 -130.28 -61.06 -32.04
C LYS VA 18 -130.44 -59.56 -31.85
N ASP VA 19 -129.35 -58.89 -31.48
CA ASP VA 19 -129.35 -57.55 -30.95
C ASP VA 19 -130.38 -57.42 -29.81
N ARG VA 20 -130.19 -58.27 -28.80
CA ARG VA 20 -130.85 -58.17 -27.48
C ARG VA 20 -130.34 -56.91 -26.77
N THR VA 21 -131.24 -56.15 -26.11
CA THR VA 21 -130.95 -54.77 -25.67
C THR VA 21 -131.44 -54.39 -24.28
N LYS VA 22 -132.20 -55.26 -23.59
CA LYS VA 22 -132.49 -55.11 -22.15
C LYS VA 22 -132.94 -56.42 -21.55
N VAL VA 23 -132.92 -56.51 -20.23
CA VAL VA 23 -133.51 -57.63 -19.47
C VAL VA 23 -134.64 -57.15 -18.55
N LEU VA 24 -135.74 -57.89 -18.48
CA LEU VA 24 -137.06 -57.39 -18.07
C LEU VA 24 -137.73 -58.28 -17.01
N PHE VA 25 -137.62 -57.90 -15.74
CA PHE VA 25 -137.63 -58.84 -14.60
C PHE VA 25 -138.96 -58.98 -13.83
N ASN VA 26 -139.01 -59.99 -12.95
CA ASN VA 26 -140.13 -60.33 -12.05
C ASN VA 26 -139.70 -60.46 -10.56
N PRO VA 27 -140.52 -60.03 -9.58
CA PRO VA 27 -140.19 -59.99 -8.13
C PRO VA 27 -140.17 -61.38 -7.47
N ASP VA 28 -140.03 -61.42 -6.14
CA ASP VA 28 -140.17 -62.64 -5.32
C ASP VA 28 -139.13 -63.73 -5.73
N ARG VA 29 -137.97 -63.30 -6.26
CA ARG VA 29 -137.12 -64.06 -7.20
C ARG VA 29 -136.18 -65.17 -6.65
N PRO VA 30 -136.32 -66.43 -7.09
CA PRO VA 30 -135.22 -67.40 -7.19
C PRO VA 30 -134.40 -67.10 -8.46
N LEU VA 31 -133.08 -67.09 -8.35
CA LEU VA 31 -132.21 -66.27 -9.20
C LEU VA 31 -131.51 -66.96 -10.39
N GLN VA 32 -132.21 -67.08 -11.51
CA GLN VA 32 -131.69 -67.59 -12.80
C GLN VA 32 -130.73 -66.60 -13.51
N GLN VA 33 -129.64 -66.20 -12.84
CA GLN VA 33 -128.83 -64.99 -13.11
C GLN VA 33 -128.15 -64.79 -14.49
N ALA VA 34 -128.43 -65.63 -15.50
CA ALA VA 34 -128.07 -65.39 -16.90
C ALA VA 34 -128.26 -63.93 -17.31
N GLU VA 35 -129.41 -63.40 -16.90
CA GLU VA 35 -129.90 -62.03 -17.00
C GLU VA 35 -128.86 -60.96 -16.67
N LEU VA 36 -127.99 -61.20 -15.69
CA LEU VA 36 -127.01 -60.22 -15.19
C LEU VA 36 -125.71 -60.27 -15.98
N ASN VA 37 -125.26 -61.51 -16.26
CA ASN VA 37 -124.19 -61.79 -17.21
C ASN VA 37 -124.50 -61.16 -18.57
N GLU VA 38 -125.77 -61.27 -18.96
CA GLU VA 38 -126.35 -60.82 -20.21
C GLU VA 38 -126.58 -59.32 -20.27
N MET VA 39 -127.27 -58.71 -19.28
CA MET VA 39 -127.52 -57.28 -19.20
C MET VA 39 -126.22 -56.47 -19.36
N GLN VA 40 -125.12 -56.90 -18.73
CA GLN VA 40 -123.81 -56.30 -18.96
C GLN VA 40 -123.38 -56.43 -20.43
N SER VA 41 -123.29 -57.66 -20.92
CA SER VA 41 -122.69 -57.92 -22.24
C SER VA 41 -123.48 -57.28 -23.38
N ILE VA 42 -124.82 -57.19 -23.22
CA ILE VA 42 -125.75 -56.43 -24.08
C ILE VA 42 -125.17 -55.04 -24.36
N ASP VA 43 -124.89 -54.25 -23.32
CA ASP VA 43 -124.38 -52.90 -23.50
C ASP VA 43 -122.99 -52.89 -24.13
N GLN VA 44 -122.15 -53.83 -23.70
CA GLN VA 44 -120.75 -53.92 -24.13
C GLN VA 44 -120.61 -54.19 -25.63
N TYR VA 45 -121.53 -54.92 -26.27
CA TYR VA 45 -121.50 -55.10 -27.72
C TYR VA 45 -121.79 -53.79 -28.47
N TYR VA 46 -122.80 -53.02 -28.06
CA TYR VA 46 -123.06 -51.72 -28.71
C TYR VA 46 -121.93 -50.74 -28.45
N LEU VA 47 -121.39 -50.69 -27.23
CA LEU VA 47 -120.14 -49.99 -26.89
C LEU VA 47 -119.03 -50.36 -27.87
N LYS VA 48 -118.84 -51.66 -28.11
CA LYS VA 48 -117.83 -52.17 -29.02
C LYS VA 48 -118.03 -51.64 -30.43
N ASN VA 49 -119.24 -51.78 -30.96
CA ASN VA 49 -119.60 -51.28 -32.27
C ASN VA 49 -119.33 -49.78 -32.42
N LEU VA 50 -119.64 -49.00 -31.39
CA LEU VA 50 -119.48 -47.55 -31.41
C LEU VA 50 -118.01 -47.12 -31.35
N GLY VA 51 -117.23 -47.69 -30.44
CA GLY VA 51 -115.81 -47.35 -30.26
C GLY VA 51 -114.95 -47.72 -31.48
N ASP VA 52 -115.18 -48.91 -32.06
CA ASP VA 52 -114.33 -49.41 -33.14
C ASP VA 52 -114.54 -48.70 -34.48
N ALA VA 53 -115.55 -47.84 -34.59
CA ALA VA 53 -115.70 -46.89 -35.70
C ALA VA 53 -114.70 -45.71 -35.60
N ILE VA 54 -114.24 -45.40 -34.40
CA ILE VA 54 -113.34 -44.28 -34.14
C ILE VA 54 -111.88 -44.71 -34.20
N PHE VA 55 -111.55 -45.87 -33.62
CA PHE VA 55 -110.17 -46.22 -33.29
C PHE VA 55 -109.79 -47.68 -33.55
N LYS VA 56 -108.52 -47.88 -33.90
CA LYS VA 56 -107.81 -49.16 -33.97
C LYS VA 56 -107.25 -49.53 -32.60
N ASP VA 57 -107.17 -50.82 -32.30
CA ASP VA 57 -106.51 -51.33 -31.10
C ASP VA 57 -105.03 -50.90 -31.08
N GLY VA 58 -104.62 -50.20 -30.02
CA GLY VA 58 -103.33 -49.52 -29.95
C GLY VA 58 -103.39 -48.01 -30.24
N ASP VA 59 -104.55 -47.41 -30.51
CA ASP VA 59 -104.63 -45.96 -30.71
C ASP VA 59 -104.37 -45.17 -29.43
N LYS VA 60 -103.20 -44.53 -29.38
CA LYS VA 60 -102.61 -43.74 -28.30
C LYS VA 60 -103.39 -42.43 -28.08
N GLN VA 61 -103.56 -41.99 -26.82
CA GLN VA 61 -104.43 -40.85 -26.49
C GLN VA 61 -103.73 -39.76 -25.65
N SER VA 62 -103.20 -40.10 -24.47
CA SER VA 62 -102.59 -39.14 -23.53
C SER VA 62 -101.60 -39.80 -22.59
N GLY VA 63 -100.61 -39.07 -22.09
CA GLY VA 63 -99.37 -39.68 -21.59
C GLY VA 63 -98.55 -40.12 -22.81
N LEU VA 64 -98.06 -41.36 -22.92
CA LEU VA 64 -97.63 -41.96 -24.22
C LEU VA 64 -96.62 -41.14 -25.05
N GLY VA 65 -95.55 -40.65 -24.41
CA GLY VA 65 -94.28 -40.27 -25.06
C GLY VA 65 -93.47 -41.51 -25.49
N PHE VA 66 -92.14 -41.45 -25.48
CA PHE VA 66 -91.29 -42.66 -25.29
C PHE VA 66 -89.85 -42.33 -24.83
N THR VA 67 -89.17 -43.37 -24.35
CA THR VA 67 -87.80 -43.30 -23.82
C THR VA 67 -87.06 -44.57 -24.26
N LEU VA 68 -86.61 -44.60 -25.50
CA LEU VA 68 -85.85 -45.75 -26.00
C LEU VA 68 -84.49 -45.76 -25.30
N SER VA 69 -84.21 -46.83 -24.59
CA SER VA 69 -82.88 -47.05 -24.03
C SER VA 69 -81.86 -47.39 -25.12
N GLU VA 70 -80.57 -47.21 -24.82
CA GLU VA 70 -79.48 -47.35 -25.78
C GLU VA 70 -79.26 -48.82 -26.19
N ASP VA 71 -79.41 -49.75 -25.26
CA ASP VA 71 -79.47 -51.20 -25.54
C ASP VA 71 -80.74 -51.59 -26.33
N ASN VA 72 -81.68 -50.66 -26.40
CA ASN VA 72 -82.96 -50.72 -27.11
C ASN VA 72 -84.11 -51.45 -26.40
N VAL VA 73 -84.09 -51.62 -25.09
CA VAL VA 73 -85.36 -51.69 -24.37
C VAL VA 73 -86.10 -50.37 -24.63
N LEU VA 74 -87.21 -50.42 -25.36
CA LEU VA 74 -88.12 -49.30 -25.50
C LEU VA 74 -88.97 -49.19 -24.23
N THR VA 75 -88.67 -48.24 -23.37
CA THR VA 75 -89.71 -47.69 -22.51
C THR VA 75 -90.64 -46.86 -23.36
N VAL VA 76 -91.94 -47.14 -23.27
CA VAL VA 76 -92.96 -46.17 -23.62
C VAL VA 76 -93.46 -45.54 -22.31
N ASN VA 77 -93.54 -44.22 -22.26
CA ASN VA 77 -94.00 -43.49 -21.09
C ASN VA 77 -95.52 -43.81 -20.91
N PRO VA 78 -96.03 -44.27 -19.75
CA PRO VA 78 -97.44 -44.70 -19.55
C PRO VA 78 -98.51 -43.75 -20.10
N GLY VA 79 -99.74 -44.25 -20.32
CA GLY VA 79 -100.84 -43.41 -20.82
C GLY VA 79 -102.13 -44.13 -21.28
N TYR VA 80 -103.16 -43.37 -21.68
CA TYR VA 80 -104.39 -43.92 -22.25
C TYR VA 80 -104.19 -44.45 -23.69
N VAL VA 81 -104.71 -45.65 -23.98
CA VAL VA 81 -104.68 -46.32 -25.28
C VAL VA 81 -106.02 -47.01 -25.58
N TYR VA 82 -106.45 -47.00 -26.83
CA TYR VA 82 -107.66 -47.66 -27.28
C TYR VA 82 -107.48 -49.18 -27.45
N ILE VA 83 -108.44 -50.03 -27.10
CA ILE VA 83 -108.52 -51.43 -27.56
C ILE VA 83 -109.98 -51.87 -27.77
N ASN VA 84 -110.28 -52.39 -28.97
CA ASN VA 84 -111.35 -53.34 -29.33
C ASN VA 84 -112.71 -53.05 -28.69
N GLY VA 85 -113.19 -51.85 -28.95
CA GLY VA 85 -114.45 -51.27 -28.52
C GLY VA 85 -114.30 -50.10 -27.54
N LYS VA 86 -113.15 -49.95 -26.86
CA LYS VA 86 -113.03 -49.19 -25.60
C LYS VA 86 -111.69 -48.49 -25.43
N ILE VA 87 -111.56 -47.59 -24.45
CA ILE VA 87 -110.23 -47.09 -24.01
C ILE VA 87 -109.82 -47.73 -22.67
N ARG VA 88 -108.54 -48.09 -22.56
CA ARG VA 88 -107.87 -48.77 -21.45
C ARG VA 88 -106.63 -47.95 -21.11
N TYR VA 89 -106.20 -47.90 -19.86
CA TYR VA 89 -104.95 -47.21 -19.54
C TYR VA 89 -103.81 -48.24 -19.62
N TYR VA 90 -102.82 -47.96 -20.46
CA TYR VA 90 -101.49 -48.57 -20.34
C TYR VA 90 -100.83 -47.92 -19.11
N ASP VA 91 -101.30 -48.36 -17.94
CA ASP VA 91 -100.77 -48.02 -16.63
C ASP VA 91 -99.31 -48.46 -16.53
N ASN VA 92 -99.04 -49.62 -17.14
CA ASN VA 92 -97.72 -50.21 -17.29
C ASN VA 92 -96.78 -49.23 -17.99
N ASP VA 93 -95.55 -49.11 -17.50
CA ASP VA 93 -94.41 -48.66 -18.32
C ASP VA 93 -93.76 -49.85 -19.06
N ASP VA 94 -94.44 -51.01 -19.13
CA ASP VA 94 -93.92 -52.31 -19.58
C ASP VA 94 -93.06 -52.17 -20.85
N SER VA 95 -91.74 -52.23 -20.67
CA SER VA 95 -90.73 -51.79 -21.63
C SER VA 95 -90.05 -53.00 -22.29
N VAL VA 96 -89.88 -52.99 -23.62
CA VAL VA 96 -89.58 -54.19 -24.42
C VAL VA 96 -88.31 -54.04 -25.25
N LYS VA 97 -87.47 -55.08 -25.33
CA LYS VA 97 -86.26 -55.06 -26.18
C LYS VA 97 -86.69 -55.08 -27.66
N ILE VA 98 -86.77 -53.90 -28.27
CA ILE VA 98 -86.82 -53.79 -29.73
C ILE VA 98 -85.43 -54.18 -30.28
N THR VA 99 -85.36 -54.63 -31.52
CA THR VA 99 -84.09 -54.91 -32.18
C THR VA 99 -83.26 -53.63 -32.41
N GLY VA 100 -83.91 -52.52 -32.77
CA GLY VA 100 -83.26 -51.31 -33.29
C GLY VA 100 -82.83 -51.40 -34.77
N VAL VA 101 -83.28 -52.41 -35.50
CA VAL VA 101 -83.04 -52.61 -36.95
C VAL VA 101 -84.34 -52.99 -37.69
N GLY VA 102 -84.59 -52.37 -38.85
CA GLY VA 102 -85.84 -52.57 -39.58
C GLY VA 102 -87.05 -52.08 -38.78
N LYS VA 103 -88.27 -52.41 -39.23
CA LYS VA 103 -89.52 -52.11 -38.51
C LYS VA 103 -89.72 -52.99 -37.27
N GLU VA 104 -90.37 -52.46 -36.24
CA GLU VA 104 -90.57 -53.11 -34.95
C GLU VA 104 -92.01 -52.89 -34.50
N THR VA 105 -92.95 -53.78 -34.82
CA THR VA 105 -94.38 -53.57 -34.51
C THR VA 105 -94.67 -53.67 -33.01
N ILE VA 106 -94.47 -52.58 -32.27
CA ILE VA 106 -94.76 -52.51 -30.85
C ILE VA 106 -96.27 -52.56 -30.67
N GLY VA 107 -96.80 -53.46 -29.83
CA GLY VA 107 -98.24 -53.57 -29.63
C GLY VA 107 -98.67 -54.49 -28.50
N ILE VA 108 -99.93 -54.39 -28.12
CA ILE VA 108 -100.40 -54.86 -26.82
C ILE VA 108 -101.26 -56.13 -26.91
N LYS VA 109 -101.14 -56.98 -25.90
CA LYS VA 109 -102.03 -58.08 -25.55
C LYS VA 109 -102.82 -57.70 -24.30
N LEU VA 110 -104.15 -57.55 -24.39
CA LEU VA 110 -105.01 -57.62 -23.19
C LEU VA 110 -105.06 -59.10 -22.76
N THR VA 111 -104.87 -59.38 -21.47
CA THR VA 111 -104.35 -60.67 -21.00
C THR VA 111 -105.39 -61.49 -20.18
N GLU VA 112 -106.24 -62.31 -20.84
CA GLU VA 112 -107.40 -62.98 -20.19
C GLU VA 112 -107.05 -63.84 -18.96
N ARG VA 113 -107.78 -63.60 -17.87
CA ARG VA 113 -107.76 -64.35 -16.62
C ARG VA 113 -109.16 -64.31 -16.01
N ILE VA 114 -109.82 -65.46 -15.87
CA ILE VA 114 -111.08 -65.55 -15.10
C ILE VA 114 -110.75 -65.58 -13.60
N VAL VA 115 -111.64 -65.00 -12.81
CA VAL VA 115 -111.42 -64.50 -11.47
C VAL VA 115 -112.53 -65.03 -10.57
N THR VA 116 -112.37 -66.22 -10.01
CA THR VA 116 -113.29 -66.60 -8.96
C THR VA 116 -112.90 -65.86 -7.67
N PRO VA 117 -113.85 -65.50 -6.78
CA PRO VA 117 -113.52 -65.12 -5.41
C PRO VA 117 -112.72 -66.22 -4.67
N ASP VA 118 -112.71 -67.46 -5.19
CA ASP VA 118 -112.08 -68.67 -4.68
C ASP VA 118 -110.54 -68.70 -4.88
N GLU VA 119 -110.05 -67.98 -5.89
CA GLU VA 119 -108.70 -67.40 -5.86
C GLU VA 119 -108.69 -66.09 -5.07
N ASP VA 120 -109.57 -65.15 -5.46
CA ASP VA 120 -109.56 -63.77 -4.98
C ASP VA 120 -110.45 -63.60 -3.76
N ALA VA 121 -109.95 -63.97 -2.59
CA ALA VA 121 -110.68 -63.80 -1.33
C ALA VA 121 -111.02 -62.33 -0.99
N SER VA 122 -110.37 -61.36 -1.65
CA SER VA 122 -110.77 -59.95 -1.71
C SER VA 122 -112.14 -59.72 -2.37
N LEU VA 123 -112.75 -60.74 -2.98
CA LEU VA 123 -114.11 -60.70 -3.51
C LEU VA 123 -115.10 -61.57 -2.69
N LEU VA 124 -114.72 -62.16 -1.55
CA LEU VA 124 -115.60 -63.01 -0.71
C LEU VA 124 -116.26 -62.18 0.42
N ASP VA 125 -117.55 -61.90 0.28
CA ASP VA 125 -118.52 -61.26 1.21
C ASP VA 125 -118.00 -60.61 2.53
N GLN VA 126 -117.09 -59.62 2.47
CA GLN VA 126 -116.59 -58.92 3.68
C GLN VA 126 -117.64 -58.03 4.36
N THR VA 127 -118.81 -57.82 3.74
CA THR VA 127 -120.00 -57.26 4.41
C THR VA 127 -120.70 -58.26 5.35
N SER VA 128 -120.17 -59.48 5.47
CA SER VA 128 -120.41 -60.40 6.59
C SER VA 128 -119.06 -61.00 7.02
N GLY VA 129 -119.04 -62.22 7.56
CA GLY VA 129 -117.84 -62.99 7.91
C GLY VA 129 -117.02 -63.51 6.72
N VAL VA 130 -116.73 -62.66 5.73
CA VAL VA 130 -115.83 -62.90 4.58
C VAL VA 130 -116.28 -64.09 3.70
N PRO VA 131 -115.79 -65.34 3.81
CA PRO VA 131 -116.37 -66.43 3.02
C PRO VA 131 -117.74 -66.89 3.55
N SER VA 132 -118.15 -66.49 4.77
CA SER VA 132 -119.45 -66.83 5.39
C SER VA 132 -120.55 -66.77 4.34
N TYR VA 133 -121.32 -67.85 4.15
CA TYR VA 133 -121.87 -68.05 2.80
C TYR VA 133 -122.98 -67.09 2.28
N PHE VA 134 -122.53 -66.06 1.55
CA PHE VA 134 -123.18 -65.30 0.45
C PHE VA 134 -122.11 -64.92 -0.61
N SER VA 135 -120.89 -65.47 -0.47
CA SER VA 135 -119.60 -65.00 -1.02
C SER VA 135 -119.23 -65.52 -2.42
N LYS VA 136 -120.10 -66.31 -3.04
CA LYS VA 136 -119.95 -66.83 -4.40
C LYS VA 136 -120.99 -66.19 -5.32
N GLY VA 137 -121.38 -64.94 -5.09
CA GLY VA 137 -122.39 -64.22 -5.89
C GLY VA 137 -122.05 -64.19 -7.39
N ALA VA 138 -120.79 -63.90 -7.69
CA ALA VA 138 -120.23 -63.83 -9.02
C ALA VA 138 -118.71 -64.01 -9.00
N ASP VA 139 -118.18 -64.34 -10.16
CA ASP VA 139 -116.76 -64.33 -10.52
C ASP VA 139 -116.48 -63.15 -11.50
N ARG VA 140 -115.30 -63.04 -12.12
CA ARG VA 140 -114.99 -61.99 -13.13
C ARG VA 140 -114.14 -62.52 -14.30
N LEU VA 141 -114.10 -61.85 -15.44
CA LEU VA 141 -112.93 -61.88 -16.33
C LEU VA 141 -112.08 -60.66 -16.01
N GLU VA 142 -110.79 -60.76 -16.30
CA GLU VA 142 -109.79 -59.70 -16.27
C GLU VA 142 -108.84 -59.83 -17.46
N GLU VA 143 -108.42 -58.70 -18.04
CA GLU VA 143 -107.51 -58.68 -19.19
C GLU VA 143 -106.56 -57.46 -19.17
N LYS VA 144 -105.60 -57.34 -18.23
CA LYS VA 144 -104.66 -56.20 -18.34
C LYS VA 144 -103.83 -56.29 -19.60
N MET VA 145 -103.74 -55.19 -20.31
CA MET VA 145 -102.75 -54.94 -21.32
C MET VA 145 -101.33 -55.30 -20.86
N SER VA 146 -100.55 -55.84 -21.78
CA SER VA 146 -99.13 -56.24 -21.67
C SER VA 146 -98.47 -56.01 -23.04
N LEU VA 147 -97.19 -55.64 -23.10
CA LEU VA 147 -96.55 -55.22 -24.36
C LEU VA 147 -95.92 -56.39 -25.15
N THR VA 148 -95.75 -56.22 -26.46
CA THR VA 148 -95.16 -57.18 -27.41
C THR VA 148 -94.45 -56.43 -28.55
N VAL VA 149 -93.58 -57.06 -29.33
CA VAL VA 149 -92.95 -56.45 -30.53
C VAL VA 149 -92.86 -57.44 -31.68
N ASN VA 150 -93.12 -56.97 -32.90
CA ASN VA 150 -93.19 -57.76 -34.14
C ASN VA 150 -94.24 -58.88 -34.14
N ASP VA 151 -95.17 -58.83 -33.18
CA ASP VA 151 -96.51 -59.37 -33.37
C ASP VA 151 -97.38 -58.24 -33.96
N PRO VA 152 -97.67 -58.22 -35.28
CA PRO VA 152 -98.50 -57.17 -35.89
C PRO VA 152 -100.00 -57.35 -35.57
N THR VA 153 -100.37 -58.56 -35.14
CA THR VA 153 -101.70 -58.90 -34.64
C THR VA 153 -101.91 -58.50 -33.17
N SER VA 154 -100.87 -58.09 -32.43
CA SER VA 154 -101.03 -57.34 -31.17
C SER VA 154 -101.58 -55.93 -31.43
N ALA VA 155 -102.24 -55.32 -30.44
CA ALA VA 155 -102.82 -53.97 -30.53
C ALA VA 155 -101.69 -52.95 -30.77
N THR VA 156 -101.34 -52.69 -32.04
CA THR VA 156 -100.05 -52.11 -32.44
C THR VA 156 -100.00 -50.60 -32.24
N ILE VA 157 -99.29 -50.17 -31.18
CA ILE VA 157 -99.17 -48.78 -30.72
C ILE VA 157 -98.18 -47.96 -31.56
N TYR VA 158 -97.13 -48.59 -32.08
CA TYR VA 158 -96.00 -47.94 -32.76
C TYR VA 158 -95.36 -48.91 -33.75
N THR VA 159 -94.57 -48.38 -34.68
CA THR VA 159 -93.45 -49.17 -35.23
C THR VA 159 -92.18 -48.34 -35.20
N PHE VA 160 -91.07 -48.97 -34.83
CA PHE VA 160 -89.76 -48.30 -34.81
C PHE VA 160 -89.00 -48.79 -36.03
N MET VA 161 -88.37 -47.89 -36.80
CA MET VA 161 -87.53 -48.23 -37.96
C MET VA 161 -86.04 -47.91 -37.69
N ASP VA 162 -85.15 -48.91 -37.77
CA ASP VA 162 -83.71 -48.73 -37.55
C ASP VA 162 -83.39 -48.04 -36.21
N GLY VA 163 -84.20 -48.31 -35.19
CA GLY VA 163 -84.11 -47.70 -33.88
C GLY VA 163 -84.70 -46.28 -33.81
N ASP VA 164 -85.06 -45.66 -34.94
CA ASP VA 164 -85.97 -44.51 -34.92
C ASP VA 164 -87.37 -44.98 -34.50
N LEU VA 165 -88.15 -44.15 -33.81
CA LEU VA 165 -89.60 -44.29 -33.97
C LEU VA 165 -89.88 -44.03 -35.46
N TYR VA 166 -90.52 -44.94 -36.20
CA TYR VA 166 -90.51 -44.80 -37.66
C TYR VA 166 -91.25 -43.52 -38.14
N ILE VA 167 -92.28 -43.06 -37.42
CA ILE VA 167 -93.13 -41.91 -37.82
C ILE VA 167 -93.54 -41.03 -36.63
N GLN VA 168 -93.54 -39.70 -36.79
CA GLN VA 168 -93.55 -38.71 -35.69
C GLN VA 168 -94.70 -37.66 -35.71
N SER VA 169 -95.65 -37.71 -36.66
CA SER VA 169 -96.89 -36.93 -36.52
C SER VA 169 -97.80 -37.64 -35.48
N THR VA 170 -97.61 -37.29 -34.20
CA THR VA 170 -98.34 -37.91 -33.08
C THR VA 170 -99.81 -37.51 -33.04
N ASN VA 171 -100.05 -36.20 -33.07
CA ASN VA 171 -101.30 -35.64 -33.59
C ASN VA 171 -101.19 -35.66 -35.13
N ALA VA 172 -102.30 -35.91 -35.83
CA ALA VA 172 -102.24 -36.34 -37.22
C ALA VA 172 -103.40 -35.85 -38.14
N GLU VA 173 -104.49 -35.28 -37.62
CA GLU VA 173 -105.66 -35.00 -38.48
C GLU VA 173 -105.48 -33.74 -39.33
N MET VA 174 -104.66 -32.81 -38.88
CA MET VA 174 -104.10 -31.77 -39.74
C MET VA 174 -103.20 -32.32 -40.85
N ASP VA 175 -102.61 -33.51 -40.69
CA ASP VA 175 -101.60 -33.98 -41.64
C ASP VA 175 -102.25 -34.50 -42.92
N LYS VA 176 -103.46 -35.07 -42.84
CA LYS VA 176 -104.27 -35.36 -44.04
C LYS VA 176 -104.51 -34.11 -44.87
N ILE VA 177 -104.83 -33.03 -44.17
CA ILE VA 177 -105.10 -31.71 -44.75
C ILE VA 177 -103.81 -31.13 -45.34
N ASN VA 178 -102.67 -31.28 -44.67
CA ASN VA 178 -101.36 -30.90 -45.21
C ASN VA 178 -101.03 -31.66 -46.52
N LYS VA 179 -101.11 -33.00 -46.52
CA LYS VA 179 -100.86 -33.86 -47.70
C LYS VA 179 -101.71 -33.43 -48.89
N VAL VA 180 -103.00 -33.21 -48.64
CA VAL VA 180 -103.98 -32.69 -49.60
C VAL VA 180 -103.56 -31.34 -50.14
N LEU VA 181 -103.35 -30.33 -49.29
CA LEU VA 181 -103.05 -28.97 -49.73
C LEU VA 181 -101.71 -28.89 -50.47
N ALA VA 182 -100.68 -29.57 -50.00
CA ALA VA 182 -99.41 -29.67 -50.70
C ALA VA 182 -99.62 -30.28 -52.11
N GLU VA 183 -100.34 -31.39 -52.21
CA GLU VA 183 -100.70 -31.97 -53.51
C GLU VA 183 -101.63 -31.05 -54.32
N ARG VA 184 -102.47 -30.19 -53.73
CA ARG VA 184 -103.21 -29.16 -54.51
C ARG VA 184 -102.30 -28.03 -54.98
N THR VA 185 -101.22 -27.81 -54.24
CA THR VA 185 -100.04 -27.06 -54.68
C THR VA 185 -99.20 -27.90 -55.66
N TYR VA 186 -99.75 -28.98 -56.23
CA TYR VA 186 -99.20 -29.79 -57.31
C TYR VA 186 -100.19 -30.00 -58.47
N ASP VA 187 -101.46 -30.21 -58.15
CA ASP VA 187 -102.57 -30.49 -59.08
C ASP VA 187 -102.94 -29.34 -60.03
N GLU VA 188 -102.72 -28.08 -59.64
CA GLU VA 188 -102.61 -26.97 -60.60
C GLU VA 188 -101.23 -27.03 -61.27
N SER VA 189 -100.18 -26.86 -60.47
CA SER VA 189 -98.78 -27.14 -60.76
C SER VA 189 -98.04 -27.13 -59.43
N GLY VA 190 -96.84 -27.70 -59.33
CA GLY VA 190 -96.14 -27.83 -58.04
C GLY VA 190 -94.70 -28.27 -58.03
N SER VA 191 -93.94 -28.12 -59.11
CA SER VA 191 -92.49 -28.22 -59.02
C SER VA 191 -91.88 -26.91 -59.47
N TYR VA 192 -91.82 -25.94 -58.55
CA TYR VA 192 -91.41 -24.58 -58.86
C TYR VA 192 -90.70 -23.82 -57.74
N LYS VA 193 -89.75 -23.01 -58.21
CA LYS VA 193 -89.24 -21.78 -57.62
C LYS VA 193 -90.40 -20.78 -57.49
N VAL VA 194 -90.86 -20.51 -56.26
CA VAL VA 194 -91.64 -19.29 -55.98
C VAL VA 194 -90.70 -18.08 -55.90
N ASN VA 195 -89.53 -18.24 -55.27
CA ASN VA 195 -88.40 -17.29 -55.27
C ASN VA 195 -87.04 -17.99 -55.00
N GLY VA 196 -85.94 -17.41 -55.49
CA GLY VA 196 -84.56 -17.73 -55.05
C GLY VA 196 -83.85 -18.88 -55.80
N PHE VA 197 -82.96 -19.57 -55.08
CA PHE VA 197 -82.25 -20.82 -55.44
C PHE VA 197 -81.30 -20.84 -56.67
N GLU VA 198 -81.24 -19.81 -57.51
CA GLU VA 198 -80.58 -19.90 -58.84
C GLU VA 198 -79.05 -20.18 -58.89
N LEU VA 199 -78.58 -20.63 -60.06
CA LEU VA 199 -77.34 -21.40 -60.17
C LEU VA 199 -76.11 -20.54 -60.45
N PHE VA 200 -75.65 -19.86 -59.41
CA PHE VA 200 -74.39 -19.11 -59.33
C PHE VA 200 -73.15 -20.05 -59.19
N SER VA 201 -71.98 -19.50 -58.80
CA SER VA 201 -70.79 -20.31 -58.41
C SER VA 201 -69.68 -19.59 -57.61
N GLU VA 202 -69.09 -20.31 -56.65
CA GLU VA 202 -68.04 -19.88 -55.71
C GLU VA 202 -67.08 -21.06 -55.47
N GLY VA 203 -65.77 -20.89 -55.60
CA GLY VA 203 -64.84 -21.93 -55.20
C GLY VA 203 -64.86 -22.14 -53.69
N ASN VA 204 -65.03 -23.39 -53.25
CA ASN VA 204 -64.47 -23.75 -51.96
C ASN VA 204 -62.95 -23.54 -52.14
N ALA VA 205 -62.36 -22.81 -51.21
CA ALA VA 205 -60.94 -22.43 -51.19
C ALA VA 205 -60.32 -22.72 -49.81
N GLU VA 206 -61.12 -23.33 -48.94
CA GLU VA 206 -60.74 -23.89 -47.66
C GLU VA 206 -60.45 -25.38 -47.88
N ASP VA 207 -61.48 -26.08 -48.35
CA ASP VA 207 -61.42 -27.27 -49.19
C ASP VA 207 -61.23 -26.76 -50.63
N ASP VA 208 -59.99 -26.50 -51.04
CA ASP VA 208 -59.73 -25.93 -52.37
C ASP VA 208 -59.92 -26.95 -53.51
N ASP VA 209 -60.70 -28.00 -53.30
CA ASP VA 209 -60.96 -29.08 -54.25
C ASP VA 209 -62.42 -29.13 -54.71
N HIS VA 210 -63.27 -28.22 -54.24
CA HIS VA 210 -64.69 -28.17 -54.54
C HIS VA 210 -65.16 -26.75 -54.83
N VAL VA 211 -66.26 -26.60 -55.57
CA VAL VA 211 -67.07 -25.38 -55.68
C VAL VA 211 -67.95 -25.34 -54.42
N SER VA 212 -67.72 -24.36 -53.54
CA SER VA 212 -68.60 -24.02 -52.41
C SER VA 212 -69.83 -23.28 -52.96
N VAL VA 213 -70.73 -23.96 -53.68
CA VAL VA 213 -71.71 -23.29 -54.55
C VAL VA 213 -72.46 -22.20 -53.81
N VAL VA 214 -72.22 -20.93 -54.17
CA VAL VA 214 -72.88 -19.79 -53.54
C VAL VA 214 -74.34 -19.84 -53.94
N VAL VA 215 -75.23 -19.85 -52.93
CA VAL VA 215 -76.67 -19.68 -53.15
C VAL VA 215 -77.26 -18.88 -52.00
N ASP VA 216 -78.21 -18.03 -52.35
CA ASP VA 216 -79.11 -17.33 -51.45
C ASP VA 216 -80.20 -18.26 -50.87
N ALA VA 217 -81.11 -17.68 -50.08
CA ALA VA 217 -82.43 -18.23 -49.83
C ALA VA 217 -83.15 -18.69 -51.11
N GLY VA 218 -84.15 -19.55 -50.92
CA GLY VA 218 -85.31 -19.66 -51.78
C GLY VA 218 -86.48 -20.30 -51.03
N LYS VA 219 -87.70 -19.96 -51.45
CA LYS VA 219 -88.95 -20.57 -51.00
C LYS VA 219 -89.79 -20.91 -52.23
N ALA VA 220 -90.57 -21.98 -52.13
CA ALA VA 220 -91.04 -22.73 -53.28
C ALA VA 220 -92.05 -23.80 -52.85
N TYR VA 221 -92.53 -24.57 -53.82
CA TYR VA 221 -93.07 -25.90 -53.57
C TYR VA 221 -92.55 -26.84 -54.64
N VAL VA 222 -92.15 -28.06 -54.28
CA VAL VA 222 -91.75 -29.12 -55.22
C VAL VA 222 -92.50 -30.39 -54.82
N LYS VA 223 -93.04 -31.14 -55.79
CA LYS VA 223 -94.17 -32.09 -55.56
C LYS VA 223 -95.42 -31.40 -54.95
N GLY VA 224 -95.44 -30.07 -54.94
CA GLY VA 224 -96.35 -29.22 -54.18
C GLY VA 224 -96.14 -29.24 -52.66
N PHE VA 225 -95.17 -30.00 -52.14
CA PHE VA 225 -94.77 -29.94 -50.74
C PHE VA 225 -93.83 -28.75 -50.51
N LYS VA 226 -93.89 -28.15 -49.32
CA LYS VA 226 -93.28 -26.84 -49.12
C LYS VA 226 -91.77 -26.96 -49.19
N VAL VA 227 -91.21 -26.17 -50.08
CA VAL VA 227 -89.77 -26.00 -50.23
C VAL VA 227 -89.42 -24.67 -49.59
N ASP VA 228 -88.47 -24.68 -48.67
CA ASP VA 228 -88.16 -23.50 -47.88
C ASP VA 228 -86.77 -23.60 -47.24
N LYS VA 229 -85.78 -23.03 -47.94
CA LYS VA 229 -84.37 -23.11 -47.57
C LYS VA 229 -83.74 -21.71 -47.63
N PRO VA 230 -83.91 -20.86 -46.59
CA PRO VA 230 -83.48 -19.46 -46.61
C PRO VA 230 -81.96 -19.21 -46.48
N VAL VA 231 -81.09 -20.23 -46.52
CA VAL VA 231 -79.73 -20.13 -45.99
C VAL VA 231 -78.66 -19.55 -46.94
N SER VA 232 -77.68 -18.88 -46.35
CA SER VA 232 -76.39 -18.49 -46.95
C SER VA 232 -75.55 -19.71 -47.31
N THR VA 233 -75.76 -20.23 -48.51
CA THR VA 233 -75.28 -21.55 -48.91
C THR VA 233 -73.87 -21.48 -49.51
N ARG VA 234 -73.02 -22.49 -49.26
CA ARG VA 234 -71.67 -22.70 -49.86
C ARG VA 234 -71.30 -24.20 -50.02
N ILE VA 235 -72.21 -25.01 -50.56
CA ILE VA 235 -72.06 -26.47 -50.58
C ILE VA 235 -70.96 -26.91 -51.55
N SER VA 236 -69.98 -27.69 -51.08
CA SER VA 236 -68.89 -28.28 -51.88
C SER VA 236 -69.39 -29.39 -52.85
N VAL VA 237 -69.24 -29.18 -54.17
CA VAL VA 237 -69.14 -30.24 -55.22
C VAL VA 237 -67.76 -30.16 -55.87
N PRO VA 238 -67.09 -31.25 -56.27
CA PRO VA 238 -65.67 -31.19 -56.62
C PRO VA 238 -65.38 -30.24 -57.79
N LYS VA 239 -64.18 -29.68 -57.84
CA LYS VA 239 -63.70 -28.90 -58.99
C LYS VA 239 -63.69 -29.75 -60.26
N SER VA 240 -63.85 -29.17 -61.46
CA SER VA 240 -63.70 -29.93 -62.72
C SER VA 240 -62.23 -30.04 -63.10
N TYR VA 241 -61.52 -30.60 -62.12
CA TYR VA 241 -60.31 -31.35 -62.29
C TYR VA 241 -60.51 -32.54 -63.29
N ASP VA 242 -61.72 -32.79 -63.78
CA ASP VA 242 -62.00 -33.65 -64.93
C ASP VA 242 -61.20 -33.23 -66.17
N LEU VA 243 -60.65 -34.20 -66.93
CA LEU VA 243 -59.63 -33.96 -67.96
C LEU VA 243 -60.00 -34.65 -69.27
N GLY VA 244 -59.68 -33.99 -70.38
CA GLY VA 244 -59.65 -34.59 -71.70
C GLY VA 244 -58.23 -34.79 -72.19
N THR VA 245 -57.99 -35.82 -73.00
CA THR VA 245 -56.75 -35.92 -73.80
C THR VA 245 -56.93 -35.20 -75.13
N ALA VA 246 -55.82 -34.81 -75.77
CA ALA VA 246 -55.74 -34.18 -77.08
C ALA VA 246 -54.52 -34.77 -77.82
N GLU VA 247 -54.71 -35.96 -78.38
CA GLU VA 247 -53.65 -36.79 -78.99
C GLU VA 247 -53.71 -36.71 -80.51
N ASN VA 248 -52.54 -36.64 -81.15
CA ASN VA 248 -52.39 -36.18 -82.53
C ASN VA 248 -53.12 -34.84 -82.78
N GLU VA 249 -53.12 -33.93 -81.80
CA GLU VA 249 -53.37 -32.51 -82.01
C GLU VA 249 -52.33 -32.00 -83.02
N SER VA 250 -52.79 -31.61 -84.19
CA SER VA 250 -51.89 -31.45 -85.34
C SER VA 250 -51.44 -30.02 -85.54
N THR VA 251 -50.34 -29.90 -86.28
CA THR VA 251 -50.04 -28.77 -87.11
C THR VA 251 -49.04 -29.27 -88.12
N ILE VA 252 -49.41 -29.34 -89.40
CA ILE VA 252 -48.48 -29.56 -90.51
C ILE VA 252 -47.41 -28.48 -90.34
N PHE VA 253 -46.21 -28.91 -89.96
CA PHE VA 253 -45.26 -28.14 -89.18
C PHE VA 253 -45.01 -26.72 -89.63
N ASN VA 254 -45.49 -25.77 -88.84
CA ASN VA 254 -45.51 -24.37 -89.22
C ASN VA 254 -44.19 -23.67 -88.84
N LYS VA 255 -43.08 -24.06 -89.49
CA LYS VA 255 -41.73 -23.53 -89.12
C LYS VA 255 -41.61 -22.01 -89.24
N SER VA 256 -42.52 -21.38 -89.97
CA SER VA 256 -42.87 -19.97 -89.84
C SER VA 256 -43.58 -19.68 -88.49
N ASN VA 257 -44.89 -19.97 -88.31
CA ASN VA 257 -45.54 -19.84 -86.98
C ASN VA 257 -45.18 -21.01 -86.05
N ASN VA 258 -44.02 -20.90 -85.40
CA ASN VA 258 -43.54 -21.95 -84.49
C ASN VA 258 -44.44 -22.18 -83.27
N SER VA 259 -45.32 -21.25 -82.87
CA SER VA 259 -46.32 -21.41 -81.78
C SER VA 259 -47.43 -22.40 -82.19
N ILE VA 260 -47.18 -23.70 -81.99
CA ILE VA 260 -48.11 -24.76 -82.42
C ILE VA 260 -49.23 -24.96 -81.40
N SER VA 261 -50.41 -24.43 -81.75
CA SER VA 261 -51.58 -24.24 -80.88
C SER VA 261 -52.18 -25.54 -80.37
N LEU VA 262 -51.97 -25.80 -79.09
CA LEU VA 262 -52.71 -26.77 -78.31
C LEU VA 262 -53.99 -26.08 -77.86
N ALA VA 263 -55.03 -26.25 -78.68
CA ALA VA 263 -56.24 -25.46 -78.57
C ALA VA 263 -57.26 -26.06 -77.57
N ASN VA 264 -57.09 -27.32 -77.18
CA ASN VA 264 -57.75 -27.86 -76.01
C ASN VA 264 -57.05 -27.33 -74.75
N SER VA 265 -57.77 -26.89 -73.74
CA SER VA 265 -57.15 -26.19 -72.60
C SER VA 265 -58.11 -26.04 -71.44
N PRO VA 266 -57.64 -25.72 -70.21
CA PRO VA 266 -56.24 -25.46 -69.85
C PRO VA 266 -55.43 -26.76 -69.74
N VAL VA 267 -54.31 -26.84 -70.46
CA VAL VA 267 -53.46 -28.03 -70.52
C VAL VA 267 -52.88 -28.33 -69.14
N LYS VA 268 -53.18 -29.52 -68.64
CA LYS VA 268 -52.58 -30.07 -67.43
C LYS VA 268 -51.15 -30.54 -67.69
N GLU VA 269 -50.91 -31.25 -68.79
CA GLU VA 269 -49.64 -31.97 -69.02
C GLU VA 269 -49.42 -32.41 -70.49
N ILE VA 270 -48.25 -32.08 -71.05
CA ILE VA 270 -47.80 -32.52 -72.39
C ILE VA 270 -47.26 -33.95 -72.34
N ARG VA 271 -47.59 -34.75 -73.36
CA ARG VA 271 -47.26 -36.18 -73.47
C ARG VA 271 -46.26 -36.49 -74.59
N ARG VA 272 -46.44 -35.90 -75.77
CA ARG VA 272 -45.65 -36.20 -76.99
C ARG VA 272 -45.69 -35.02 -77.95
N VAL VA 273 -44.67 -34.89 -78.80
CA VAL VA 273 -44.77 -34.28 -80.14
C VAL VA 273 -43.98 -35.15 -81.12
N THR VA 274 -44.36 -35.23 -82.39
CA THR VA 274 -43.67 -36.05 -83.41
C THR VA 274 -43.80 -35.41 -84.78
N GLY VA 275 -42.79 -35.51 -85.65
CA GLY VA 275 -42.81 -34.82 -86.93
C GLY VA 275 -41.57 -34.96 -87.81
N GLN VA 276 -41.69 -34.42 -89.02
CA GLN VA 276 -40.94 -34.82 -90.21
C GLN VA 276 -39.61 -34.10 -90.40
N VAL VA 277 -38.67 -34.27 -89.46
CA VAL VA 277 -37.29 -33.78 -89.64
C VAL VA 277 -36.66 -34.42 -90.88
N LEU VA 278 -35.83 -33.69 -91.64
CA LEU VA 278 -35.03 -34.24 -92.74
C LEU VA 278 -33.58 -34.47 -92.28
N ILE VA 279 -33.08 -35.70 -92.42
CA ILE VA 279 -31.65 -36.01 -92.55
C ILE VA 279 -31.19 -35.42 -93.87
N GLU VA 280 -30.52 -34.27 -93.83
CA GLU VA 280 -30.01 -33.62 -95.03
C GLU VA 280 -28.86 -34.44 -95.68
N LYS VA 281 -28.03 -35.14 -94.87
CA LYS VA 281 -26.92 -36.01 -95.32
C LYS VA 281 -26.44 -36.94 -94.17
N GLU VA 282 -26.46 -38.27 -94.39
CA GLU VA 282 -26.05 -39.36 -93.45
C GLU VA 282 -25.17 -40.40 -94.18
N ARG VA 283 -24.05 -40.85 -93.59
CA ARG VA 283 -23.22 -41.92 -94.21
C ARG VA 283 -23.73 -43.31 -93.85
N VAL VA 284 -24.68 -43.83 -94.63
CA VAL VA 284 -24.85 -45.29 -94.69
C VAL VA 284 -23.72 -45.87 -95.54
N THR VA 285 -22.57 -46.19 -94.93
CA THR VA 285 -21.59 -47.07 -95.60
C THR VA 285 -22.25 -48.45 -95.78
N ARG VA 286 -22.04 -49.08 -96.95
CA ARG VA 286 -22.62 -50.38 -97.30
C ARG VA 286 -22.12 -51.49 -96.38
N GLY VA 287 -23.04 -52.12 -95.64
CA GLY VA 287 -22.78 -53.39 -94.97
C GLY VA 287 -22.65 -54.54 -95.98
N ALA VA 288 -22.09 -55.68 -95.60
CA ALA VA 288 -21.78 -56.81 -96.49
C ALA VA 288 -23.00 -57.63 -97.00
N GLN VA 289 -24.22 -57.09 -96.86
CA GLN VA 289 -25.50 -57.70 -97.26
C GLN VA 289 -25.75 -57.58 -98.78
N GLY VA 290 -24.74 -57.83 -99.64
CA GLY VA 290 -24.70 -57.50 -101.08
C GLY VA 290 -26.01 -57.77 -101.83
N ASP VA 291 -26.58 -56.75 -102.48
CA ASP VA 291 -27.98 -56.64 -102.90
C ASP VA 291 -29.00 -57.04 -101.79
N GLY VA 292 -29.07 -56.23 -100.73
CA GLY VA 292 -29.87 -56.44 -99.53
C GLY VA 292 -29.68 -55.29 -98.50
N GLN VA 293 -30.08 -55.47 -97.24
CA GLN VA 293 -30.21 -54.43 -96.19
C GLN VA 293 -28.92 -53.63 -95.90
N ASP VA 294 -29.08 -52.35 -95.48
CA ASP VA 294 -28.19 -51.50 -94.67
C ASP VA 294 -29.02 -50.60 -93.75
N PHE VA 295 -28.54 -50.24 -92.56
CA PHE VA 295 -29.39 -49.69 -91.50
C PHE VA 295 -29.20 -48.16 -91.27
N LEU VA 296 -30.32 -47.43 -91.22
CA LEU VA 296 -30.46 -45.98 -91.06
C LEU VA 296 -30.17 -45.51 -89.61
N SER VA 297 -30.04 -44.19 -89.36
CA SER VA 297 -30.13 -43.64 -87.99
C SER VA 297 -31.53 -43.79 -87.36
N ASN VA 298 -32.59 -43.80 -88.18
CA ASN VA 298 -33.99 -43.77 -87.75
C ASN VA 298 -34.74 -45.01 -88.24
N ASN VA 299 -35.57 -45.59 -87.37
CA ASN VA 299 -36.72 -46.47 -87.70
C ASN VA 299 -37.97 -45.65 -88.11
N THR VA 300 -37.97 -44.36 -87.79
CA THR VA 300 -39.02 -43.39 -88.14
C THR VA 300 -38.80 -42.80 -89.54
N ALA VA 301 -37.75 -43.20 -90.27
CA ALA VA 301 -37.53 -42.79 -91.65
C ALA VA 301 -38.70 -43.29 -92.52
N PHE VA 302 -39.24 -42.42 -93.36
CA PHE VA 302 -40.46 -42.72 -94.11
C PHE VA 302 -40.43 -42.21 -95.56
N GLU VA 303 -39.46 -41.36 -95.91
CA GLU VA 303 -39.35 -40.73 -97.22
C GLU VA 303 -37.88 -40.42 -97.55
N ILE VA 304 -37.25 -41.27 -98.38
CA ILE VA 304 -35.81 -41.19 -98.65
C ILE VA 304 -35.54 -40.17 -99.76
N VAL VA 305 -34.88 -39.07 -99.40
CA VAL VA 305 -34.58 -37.98 -100.38
C VAL VA 305 -33.42 -38.34 -101.31
N LYS VA 306 -32.18 -38.47 -100.78
CA LYS VA 306 -31.03 -38.67 -101.69
C LYS VA 306 -30.32 -40.02 -101.52
N VAL VA 307 -30.15 -40.77 -102.61
CA VAL VA 307 -29.42 -42.06 -102.60
C VAL VA 307 -28.08 -41.89 -103.36
N TRP VA 308 -27.64 -40.65 -103.58
CA TRP VA 308 -26.46 -40.39 -104.46
C TRP VA 308 -25.13 -40.99 -103.99
N THR VA 309 -24.30 -41.44 -104.95
CA THR VA 309 -22.96 -42.03 -104.68
C THR VA 309 -21.98 -40.93 -104.28
N GLU VA 310 -20.83 -41.28 -103.68
CA GLU VA 310 -19.94 -40.20 -103.18
C GLU VA 310 -18.72 -39.88 -104.05
N THR VA 311 -18.87 -39.57 -105.35
CA THR VA 311 -17.69 -39.10 -106.07
C THR VA 311 -16.94 -38.08 -105.18
N SER VA 312 -17.68 -37.23 -104.46
CA SER VA 312 -17.27 -36.40 -103.31
C SER VA 312 -18.56 -35.97 -102.54
N PRO VA 313 -18.53 -35.24 -101.41
CA PRO VA 313 -19.74 -34.93 -100.61
C PRO VA 313 -20.93 -34.39 -101.42
N GLY VA 314 -22.00 -35.19 -101.53
CA GLY VA 314 -23.18 -34.93 -102.35
C GLY VA 314 -22.96 -35.10 -103.87
N VAL VA 315 -21.73 -34.87 -104.37
CA VAL VA 315 -21.34 -35.12 -105.77
C VAL VA 315 -21.36 -36.62 -106.05
N THR VA 316 -22.23 -37.05 -106.94
CA THR VA 316 -22.73 -38.43 -106.92
C THR VA 316 -22.12 -39.32 -108.03
N THR VA 317 -21.65 -40.50 -107.62
CA THR VA 317 -21.20 -41.60 -108.50
C THR VA 317 -22.39 -42.30 -109.19
N LYS VA 318 -23.31 -42.89 -108.42
CA LYS VA 318 -24.68 -43.26 -108.81
C LYS VA 318 -25.65 -42.75 -107.76
N GLU VA 319 -26.74 -42.10 -108.15
CA GLU VA 319 -27.87 -41.89 -107.25
C GLU VA 319 -28.88 -42.99 -107.56
N TYR VA 320 -29.24 -43.75 -106.54
CA TYR VA 320 -29.97 -45.00 -106.67
C TYR VA 320 -31.48 -44.78 -106.68
N LYS VA 321 -32.21 -45.68 -107.37
CA LYS VA 321 -33.64 -45.55 -107.68
C LYS VA 321 -34.49 -46.46 -106.77
N GLN VA 322 -35.48 -45.86 -106.09
CA GLN VA 322 -36.19 -46.45 -104.95
C GLN VA 322 -37.27 -47.48 -105.38
N GLY VA 323 -36.99 -48.75 -105.12
CA GLY VA 323 -37.75 -49.91 -105.60
C GLY VA 323 -37.10 -50.60 -106.81
N GLU VA 324 -35.91 -50.16 -107.23
CA GLU VA 324 -35.18 -50.67 -108.41
C GLU VA 324 -33.73 -51.04 -108.10
N ASP VA 325 -33.03 -50.16 -107.38
CA ASP VA 325 -31.64 -50.28 -106.98
C ASP VA 325 -31.58 -50.64 -105.47
N PHE VA 326 -31.85 -49.65 -104.62
CA PHE VA 326 -32.33 -49.85 -103.26
C PHE VA 326 -33.86 -49.81 -103.22
N ARG VA 327 -34.43 -50.07 -102.05
CA ARG VA 327 -35.75 -49.62 -101.58
C ARG VA 327 -35.63 -49.17 -100.11
N LEU VA 328 -36.58 -48.38 -99.61
CA LEU VA 328 -36.72 -48.26 -98.14
C LEU VA 328 -37.34 -49.56 -97.61
N THR VA 329 -36.71 -50.15 -96.60
CA THR VA 329 -37.17 -51.33 -95.86
C THR VA 329 -37.19 -50.99 -94.37
N ASP VA 330 -37.98 -51.70 -93.55
CA ASP VA 330 -38.10 -51.52 -92.10
C ASP VA 330 -38.61 -50.14 -91.59
N GLY VA 331 -38.72 -49.12 -92.46
CA GLY VA 331 -38.58 -47.71 -92.06
C GLY VA 331 -37.20 -47.42 -91.42
N GLN VA 332 -36.26 -48.37 -91.51
CA GLN VA 332 -35.01 -48.45 -90.76
C GLN VA 332 -33.83 -48.85 -91.67
N THR VA 333 -34.05 -49.21 -92.95
CA THR VA 333 -32.98 -49.67 -93.84
C THR VA 333 -33.05 -49.10 -95.27
N ILE VA 334 -31.89 -48.72 -95.82
CA ILE VA 334 -31.68 -48.67 -97.27
C ILE VA 334 -31.35 -50.09 -97.72
N ASP VA 335 -32.09 -50.65 -98.66
CA ASP VA 335 -32.06 -52.09 -98.90
C ASP VA 335 -31.95 -52.43 -100.39
N TRP VA 336 -30.82 -53.00 -100.78
CA TRP VA 336 -30.41 -53.27 -102.16
C TRP VA 336 -30.98 -54.58 -102.72
N SER VA 337 -31.90 -55.21 -102.00
CA SER VA 337 -32.66 -56.36 -102.49
C SER VA 337 -33.52 -56.13 -103.75
N PRO VA 338 -33.78 -54.91 -104.26
CA PRO VA 338 -34.24 -54.71 -105.64
C PRO VA 338 -33.22 -55.08 -106.73
N GLN VA 339 -31.95 -55.29 -106.40
CA GLN VA 339 -30.93 -55.90 -107.30
C GLN VA 339 -30.64 -55.16 -108.62
N GLY VA 340 -30.98 -53.88 -108.74
CA GLY VA 340 -30.54 -53.04 -109.87
C GLY VA 340 -29.08 -52.62 -109.71
N GLN VA 341 -28.82 -51.31 -109.75
CA GLN VA 341 -27.55 -50.75 -109.27
C GLN VA 341 -27.46 -50.89 -107.73
N GLU VA 342 -26.26 -50.97 -107.15
CA GLU VA 342 -26.06 -50.77 -105.70
C GLU VA 342 -24.63 -50.29 -105.36
N PRO VA 343 -24.43 -49.60 -104.23
CA PRO VA 343 -23.16 -49.64 -103.50
C PRO VA 343 -23.02 -51.12 -103.04
N SER VA 344 -21.94 -51.83 -103.35
CA SER VA 344 -21.74 -53.21 -102.84
C SER VA 344 -20.79 -53.26 -101.63
N GLY VA 345 -20.70 -54.41 -100.94
CA GLY VA 345 -20.16 -54.55 -99.58
C GLY VA 345 -18.93 -53.69 -99.27
N GLY VA 346 -19.06 -52.77 -98.31
CA GLY VA 346 -18.00 -51.87 -97.82
C GLY VA 346 -17.80 -50.55 -98.58
N THR VA 347 -18.56 -50.27 -99.64
CA THR VA 347 -18.59 -48.95 -100.29
C THR VA 347 -19.16 -47.87 -99.35
N SER VA 348 -18.43 -46.80 -99.09
CA SER VA 348 -18.81 -45.75 -98.11
C SER VA 348 -19.76 -44.67 -98.68
N TYR VA 349 -20.91 -45.11 -99.19
CA TYR VA 349 -21.96 -44.28 -99.80
C TYR VA 349 -22.74 -43.42 -98.75
N TYR VA 350 -23.72 -42.62 -99.20
CA TYR VA 350 -24.49 -41.66 -98.40
C TYR VA 350 -26.01 -41.67 -98.68
N VAL VA 351 -26.76 -41.08 -97.74
CA VAL VA 351 -28.21 -41.22 -97.56
C VAL VA 351 -28.82 -39.91 -97.03
N SER VA 352 -30.09 -39.62 -97.32
CA SER VA 352 -30.84 -38.44 -96.86
C SER VA 352 -32.34 -38.73 -96.87
N TYR VA 353 -33.12 -38.31 -95.86
CA TYR VA 353 -34.53 -38.70 -95.71
C TYR VA 353 -35.33 -37.87 -94.70
N LYS VA 354 -36.64 -37.69 -94.91
CA LYS VA 354 -37.52 -37.29 -93.80
C LYS VA 354 -37.81 -38.48 -92.89
N TYR VA 355 -37.84 -38.21 -91.60
CA TYR VA 355 -38.17 -39.17 -90.55
C TYR VA 355 -39.08 -38.49 -89.53
N ASN VA 356 -40.05 -39.26 -89.04
CA ASN VA 356 -40.98 -38.84 -87.99
C ASN VA 356 -40.28 -38.85 -86.62
N LYS VA 357 -39.28 -37.98 -86.39
CA LYS VA 357 -38.67 -37.82 -85.06
C LYS VA 357 -39.79 -37.57 -84.03
N ARG VA 358 -39.69 -38.15 -82.84
CA ARG VA 358 -40.40 -37.58 -81.69
C ARG VA 358 -39.81 -36.20 -81.46
N MET VA 359 -40.50 -35.15 -81.86
CA MET VA 359 -39.99 -33.80 -81.65
C MET VA 359 -39.92 -33.60 -80.12
N GLU VA 360 -38.71 -33.39 -79.60
CA GLU VA 360 -38.45 -33.79 -78.23
C GLU VA 360 -39.05 -32.83 -77.19
N ALA VA 361 -39.55 -33.41 -76.09
CA ALA VA 361 -40.32 -32.78 -75.03
C ALA VA 361 -39.64 -31.52 -74.46
N GLY VA 362 -40.06 -30.34 -74.90
CA GLY VA 362 -39.50 -29.06 -74.48
C GLY VA 362 -38.09 -28.75 -75.01
N LYS VA 363 -37.46 -29.71 -75.71
CA LYS VA 363 -36.18 -29.60 -76.42
C LYS VA 363 -36.39 -28.89 -77.75
N ASP VA 364 -37.29 -29.44 -78.56
CA ASP VA 364 -37.63 -28.96 -79.89
C ASP VA 364 -38.62 -27.79 -79.88
N TYR VA 365 -39.09 -27.41 -78.68
CA TYR VA 365 -40.06 -26.35 -78.49
C TYR VA 365 -39.94 -25.75 -77.10
N GLU VA 366 -39.67 -24.45 -77.03
CA GLU VA 366 -40.13 -23.66 -75.90
C GLU VA 366 -41.68 -23.65 -75.93
N VAL VA 367 -42.38 -23.22 -74.87
CA VAL VA 367 -43.88 -23.24 -74.85
C VAL VA 367 -44.41 -21.89 -74.42
N THR VA 368 -45.55 -21.48 -74.98
CA THR VA 368 -46.28 -20.29 -74.55
C THR VA 368 -47.75 -20.65 -74.30
N THR VA 369 -48.48 -19.80 -73.58
CA THR VA 369 -49.92 -19.95 -73.41
C THR VA 369 -50.61 -18.59 -73.42
N GLN VA 370 -51.81 -18.52 -73.97
CA GLN VA 370 -52.58 -17.29 -74.14
C GLN VA 370 -54.06 -17.55 -73.82
N GLY VA 371 -54.75 -16.60 -73.21
CA GLY VA 371 -56.11 -16.76 -72.69
C GLY VA 371 -56.17 -17.35 -71.28
N GLU VA 372 -57.40 -17.67 -70.81
CA GLU VA 372 -57.72 -18.05 -69.43
C GLU VA 372 -58.85 -19.13 -69.34
N GLY VA 373 -58.76 -20.08 -68.41
CA GLY VA 373 -59.71 -21.19 -68.30
C GLY VA 373 -59.83 -22.01 -69.59
N LEU VA 374 -61.04 -22.45 -70.00
CA LEU VA 374 -61.23 -23.07 -71.33
C LEU VA 374 -60.96 -22.06 -72.48
N SER VA 375 -60.97 -20.75 -72.23
CA SER VA 375 -60.57 -19.74 -73.23
C SER VA 375 -59.06 -19.73 -73.48
N LYS VA 376 -58.26 -20.35 -72.58
CA LYS VA 376 -56.81 -20.49 -72.72
C LYS VA 376 -56.45 -21.41 -73.88
N LYS VA 377 -55.25 -21.25 -74.41
CA LYS VA 377 -54.61 -22.09 -75.44
C LYS VA 377 -53.15 -22.21 -75.04
N TRP VA 378 -52.60 -23.41 -75.13
CA TRP VA 378 -51.15 -23.64 -75.06
C TRP VA 378 -50.57 -23.56 -76.47
N TYR VA 379 -49.26 -23.38 -76.59
CA TYR VA 379 -48.58 -23.31 -77.87
C TYR VA 379 -47.18 -23.93 -77.73
N ILE VA 380 -46.94 -25.00 -78.48
CA ILE VA 380 -45.64 -25.67 -78.63
C ILE VA 380 -44.78 -24.80 -79.56
N ASN VA 381 -44.14 -23.76 -79.02
CA ASN VA 381 -43.31 -22.81 -79.74
C ASN VA 381 -41.98 -23.46 -80.18
N PHE VA 382 -41.92 -24.01 -81.38
CA PHE VA 382 -40.74 -24.74 -81.87
C PHE VA 382 -39.41 -23.96 -81.83
N THR VA 383 -38.51 -24.45 -80.99
CA THR VA 383 -37.07 -24.18 -80.99
C THR VA 383 -36.50 -24.50 -82.38
N PRO VA 384 -35.48 -23.77 -82.88
CA PRO VA 384 -34.83 -24.06 -84.18
C PRO VA 384 -33.53 -24.89 -84.08
N SER VA 385 -32.94 -24.96 -82.89
CA SER VA 385 -31.59 -25.40 -82.54
C SER VA 385 -31.35 -26.92 -82.63
N ASN VA 386 -30.58 -27.51 -81.70
CA ASN VA 386 -30.68 -28.93 -81.33
C ASN VA 386 -32.10 -29.30 -80.83
N GLY VA 387 -32.87 -28.30 -80.41
CA GLY VA 387 -34.33 -28.35 -80.50
C GLY VA 387 -34.75 -28.35 -81.98
N ALA VA 388 -34.97 -29.53 -82.54
CA ALA VA 388 -35.00 -29.75 -83.98
C ALA VA 388 -36.30 -29.27 -84.66
N LYS VA 389 -36.30 -29.20 -86.00
CA LYS VA 389 -37.44 -28.78 -86.83
C LYS VA 389 -37.68 -29.69 -88.04
N PRO VA 390 -38.93 -30.12 -88.30
CA PRO VA 390 -39.39 -30.50 -89.64
C PRO VA 390 -39.23 -29.31 -90.62
N ILE VA 391 -39.37 -29.59 -91.91
CA ILE VA 391 -39.45 -28.57 -92.95
C ILE VA 391 -40.84 -27.87 -92.86
N ASP VA 392 -40.99 -26.59 -93.28
CA ASP VA 392 -42.31 -25.93 -93.15
C ASP VA 392 -43.37 -26.69 -93.94
N GLN VA 393 -44.52 -26.85 -93.33
CA GLN VA 393 -45.63 -27.68 -93.79
C GLN VA 393 -45.22 -29.13 -94.11
N THR VA 394 -44.41 -29.75 -93.24
CA THR VA 394 -44.23 -31.22 -93.15
C THR VA 394 -44.72 -31.69 -91.78
N VAL VA 395 -45.39 -32.83 -91.66
CA VAL VA 395 -46.31 -33.12 -90.53
C VAL VA 395 -45.71 -32.90 -89.11
N VAL VA 396 -46.51 -32.35 -88.19
CA VAL VA 396 -46.30 -32.43 -86.72
C VAL VA 396 -47.60 -32.84 -86.03
N LEU VA 397 -47.50 -33.73 -85.03
CA LEU VA 397 -48.62 -34.25 -84.23
C LEU VA 397 -48.23 -34.23 -82.73
N VAL VA 398 -49.18 -33.87 -81.86
CA VAL VA 398 -48.98 -33.57 -80.42
C VAL VA 398 -49.97 -34.35 -79.53
N ASP VA 399 -49.57 -34.68 -78.29
CA ASP VA 399 -50.42 -35.33 -77.26
C ASP VA 399 -50.34 -34.59 -75.91
N TYR VA 400 -51.44 -34.49 -75.17
CA TYR VA 400 -51.50 -33.83 -73.85
C TYR VA 400 -52.85 -34.09 -73.17
N THR VA 401 -53.00 -33.78 -71.87
CA THR VA 401 -54.35 -33.51 -71.31
C THR VA 401 -54.51 -32.06 -70.90
N TYR VA 402 -55.78 -31.67 -70.82
CA TYR VA 402 -56.27 -30.37 -70.39
C TYR VA 402 -57.58 -30.56 -69.62
N TYR VA 403 -57.78 -29.74 -68.60
CA TYR VA 403 -58.98 -29.82 -67.79
C TYR VA 403 -60.23 -29.41 -68.57
N LEU VA 404 -61.40 -29.81 -68.08
CA LEU VA 404 -62.68 -29.68 -68.75
C LEU VA 404 -63.65 -28.87 -67.90
N ALA VA 405 -64.61 -28.16 -68.51
CA ALA VA 405 -65.78 -27.78 -67.74
C ALA VA 405 -66.61 -29.04 -67.46
N ARG VA 406 -67.60 -28.90 -66.60
CA ARG VA 406 -68.54 -29.96 -66.27
C ARG VA 406 -69.86 -29.30 -65.96
N LYS VA 407 -70.93 -29.67 -66.66
CA LYS VA 407 -72.14 -28.82 -66.68
C LYS VA 407 -73.06 -29.11 -65.49
N ASP VA 408 -72.51 -28.77 -64.34
CA ASP VA 408 -73.05 -29.00 -63.02
C ASP VA 408 -74.30 -28.17 -62.75
N SER VA 409 -75.05 -28.56 -61.71
CA SER VA 409 -76.24 -27.83 -61.23
C SER VA 409 -76.59 -28.23 -59.80
N VAL VA 410 -76.85 -27.27 -58.90
CA VAL VA 410 -77.78 -27.51 -57.78
C VAL VA 410 -79.11 -27.95 -58.39
N PHE VA 411 -79.45 -29.21 -58.22
CA PHE VA 411 -80.76 -29.75 -58.55
C PHE VA 411 -81.42 -30.03 -57.20
N ILE VA 412 -82.64 -29.53 -57.01
CA ILE VA 412 -83.17 -29.28 -55.66
C ILE VA 412 -84.66 -29.63 -55.58
N ASN VA 413 -85.11 -30.18 -54.44
CA ASN VA 413 -86.30 -31.03 -54.42
C ASN VA 413 -87.52 -30.55 -53.60
N LYS VA 414 -88.46 -31.49 -53.31
CA LYS VA 414 -89.73 -31.35 -52.55
C LYS VA 414 -89.69 -30.70 -51.17
N TYR VA 415 -88.50 -30.55 -50.55
CA TYR VA 415 -88.28 -29.65 -49.39
C TYR VA 415 -87.15 -28.65 -49.63
N GLY VA 416 -86.44 -28.81 -50.74
CA GLY VA 416 -85.22 -28.11 -51.06
C GLY VA 416 -83.97 -28.83 -50.58
N ASP VA 417 -84.05 -30.11 -50.23
CA ASP VA 417 -82.85 -30.95 -50.16
C ASP VA 417 -82.25 -31.07 -51.56
N ILE VA 418 -80.93 -31.13 -51.64
CA ILE VA 418 -80.21 -30.92 -52.89
C ILE VA 418 -79.54 -32.20 -53.36
N ALA VA 419 -79.80 -32.59 -54.61
CA ALA VA 419 -78.90 -33.43 -55.40
C ALA VA 419 -78.09 -32.49 -56.34
N ILE VA 420 -76.85 -32.15 -56.02
CA ILE VA 420 -76.01 -31.42 -56.98
C ILE VA 420 -75.62 -32.38 -58.10
N LEU VA 421 -75.99 -32.05 -59.33
CA LEU VA 421 -75.47 -32.62 -60.58
C LEU VA 421 -74.01 -32.21 -60.77
N PRO VA 422 -73.04 -33.14 -60.82
CA PRO VA 422 -71.84 -32.90 -61.60
C PRO VA 422 -72.23 -33.26 -63.05
N GLY VA 423 -72.15 -32.32 -64.02
CA GLY VA 423 -72.53 -32.55 -65.42
C GLY VA 423 -71.68 -33.64 -66.12
N GLU VA 424 -71.94 -34.02 -67.38
CA GLU VA 424 -70.87 -34.74 -68.11
C GLU VA 424 -69.71 -33.76 -68.34
N PRO VA 425 -68.45 -34.18 -68.20
CA PRO VA 425 -67.29 -33.28 -68.25
C PRO VA 425 -66.78 -33.16 -69.69
N ASN VA 426 -66.69 -31.92 -70.17
CA ASN VA 426 -66.31 -31.56 -71.52
C ASN VA 426 -65.91 -30.09 -71.57
N ILE VA 427 -65.27 -29.71 -72.66
CA ILE VA 427 -65.29 -28.31 -73.06
C ILE VA 427 -66.72 -27.86 -73.37
N MET VA 428 -66.95 -26.55 -73.48
CA MET VA 428 -68.29 -25.95 -73.60
C MET VA 428 -69.14 -26.52 -74.77
N ARG VA 429 -68.52 -27.04 -75.85
CA ARG VA 429 -69.17 -27.70 -77.02
C ARG VA 429 -70.10 -28.87 -76.67
N LEU VA 430 -69.79 -29.68 -75.65
CA LEU VA 430 -70.53 -30.90 -75.31
C LEU VA 430 -70.80 -31.06 -73.79
N VAL VA 431 -70.47 -30.06 -72.99
CA VAL VA 431 -70.72 -30.06 -71.53
C VAL VA 431 -72.25 -29.94 -71.34
N THR VA 432 -72.88 -30.91 -70.66
CA THR VA 432 -74.34 -31.22 -70.76
C THR VA 432 -75.36 -30.07 -70.57
N PRO VA 433 -76.05 -29.58 -71.63
CA PRO VA 433 -76.98 -28.44 -71.54
C PRO VA 433 -78.36 -28.80 -70.92
N PRO VA 434 -79.12 -27.82 -70.38
CA PRO VA 434 -80.29 -28.07 -69.53
C PRO VA 434 -81.55 -28.60 -70.25
N LEU VA 435 -81.79 -29.91 -70.20
CA LEU VA 435 -83.06 -30.53 -70.61
C LEU VA 435 -83.28 -31.82 -69.80
N ASN VA 436 -83.00 -31.75 -68.49
CA ASN VA 436 -82.77 -32.90 -67.62
C ASN VA 436 -84.00 -33.76 -67.26
N THR VA 437 -83.73 -34.95 -66.70
CA THR VA 437 -84.70 -36.04 -66.49
C THR VA 437 -85.06 -36.33 -65.03
N ASP VA 438 -84.60 -35.56 -64.04
CA ASP VA 438 -84.98 -35.80 -62.64
C ASP VA 438 -86.32 -35.11 -62.29
N PRO VA 439 -87.38 -35.86 -61.91
CA PRO VA 439 -88.65 -35.30 -61.41
C PRO VA 439 -88.63 -34.86 -59.93
N GLU VA 440 -87.73 -35.37 -59.09
CA GLU VA 440 -87.60 -34.93 -57.69
C GLU VA 440 -86.90 -33.59 -57.62
N ASN VA 441 -85.86 -33.39 -58.44
CA ASN VA 441 -85.00 -32.20 -58.41
C ASN VA 441 -85.18 -31.26 -59.61
N LEU VA 442 -85.38 -29.98 -59.32
CA LEU VA 442 -85.76 -28.92 -60.27
C LEU VA 442 -84.65 -28.56 -61.27
N GLN VA 443 -85.00 -28.43 -62.56
CA GLN VA 443 -84.20 -27.70 -63.56
C GLN VA 443 -84.25 -26.17 -63.34
N LEU VA 444 -83.37 -25.64 -62.46
CA LEU VA 444 -83.16 -24.19 -62.28
C LEU VA 444 -82.27 -23.60 -63.38
N GLY VA 445 -81.06 -24.14 -63.55
CA GLY VA 445 -80.03 -23.62 -64.46
C GLY VA 445 -78.79 -24.52 -64.40
N THR VA 446 -77.58 -23.99 -64.64
CA THR VA 446 -76.32 -24.72 -64.42
C THR VA 446 -75.24 -23.93 -63.66
N VAL VA 447 -74.58 -24.61 -62.72
CA VAL VA 447 -73.40 -24.25 -61.92
C VAL VA 447 -72.09 -24.48 -62.70
N THR VA 448 -72.09 -25.38 -63.68
CA THR VA 448 -71.12 -25.48 -64.80
C THR VA 448 -69.63 -25.59 -64.48
N VAL VA 449 -69.29 -26.02 -63.26
CA VAL VA 449 -67.95 -26.28 -62.73
C VAL VA 449 -66.81 -26.28 -63.76
N LEU VA 450 -66.00 -25.21 -63.73
CA LEU VA 450 -64.93 -24.98 -64.70
C LEU VA 450 -63.78 -25.99 -64.65
N PRO VA 451 -62.99 -26.08 -65.74
CA PRO VA 451 -61.72 -26.78 -65.76
C PRO VA 451 -60.84 -26.34 -64.60
N ASP VA 452 -60.27 -27.34 -63.92
CA ASP VA 452 -59.37 -27.16 -62.79
C ASP VA 452 -60.00 -26.30 -61.68
N SER VA 453 -61.34 -26.14 -61.69
CA SER VA 453 -62.03 -25.02 -61.06
C SER VA 453 -63.53 -25.26 -60.86
N ASP VA 454 -64.37 -24.21 -60.81
CA ASP VA 454 -65.62 -24.19 -60.07
C ASP VA 454 -66.83 -23.55 -60.77
N GLU VA 455 -66.66 -22.78 -61.84
CA GLU VA 455 -67.61 -21.70 -62.12
C GLU VA 455 -68.71 -21.89 -63.19
N ALA VA 456 -69.76 -21.08 -63.07
CA ALA VA 456 -71.02 -21.20 -63.83
C ALA VA 456 -71.03 -20.47 -65.18
N VAL VA 457 -71.73 -21.06 -66.16
CA VAL VA 457 -72.10 -20.53 -67.50
C VAL VA 457 -73.38 -21.22 -68.00
N CYS VA 458 -74.40 -20.50 -68.47
CA CYS VA 458 -75.64 -21.10 -68.98
C CYS VA 458 -76.19 -20.41 -70.25
N ILE VA 459 -75.31 -20.18 -71.23
CA ILE VA 459 -75.66 -19.82 -72.62
C ILE VA 459 -76.18 -21.08 -73.31
N SER VA 460 -77.41 -21.47 -72.98
CA SER VA 460 -77.99 -22.79 -73.21
C SER VA 460 -79.53 -22.79 -73.10
N PHE VA 461 -80.22 -23.83 -73.60
CA PHE VA 461 -81.69 -23.94 -73.43
C PHE VA 461 -82.14 -24.17 -71.98
N ALA VA 462 -83.44 -24.07 -71.72
CA ALA VA 462 -84.00 -24.16 -70.37
C ALA VA 462 -85.53 -24.45 -70.38
N ILE VA 463 -86.10 -24.67 -69.19
CA ILE VA 463 -87.53 -24.93 -68.90
C ILE VA 463 -87.95 -24.21 -67.59
N THR VA 464 -89.21 -23.79 -67.41
CA THR VA 464 -89.75 -23.15 -66.17
C THR VA 464 -91.30 -23.20 -66.06
N ARG VA 465 -91.86 -23.10 -64.84
CA ARG VA 465 -93.32 -23.09 -64.57
C ARG VA 465 -94.06 -21.95 -65.27
N LEU VA 466 -95.25 -22.20 -65.81
CA LEU VA 466 -96.04 -21.29 -66.68
C LEU VA 466 -95.20 -20.51 -67.72
N SER VA 467 -94.03 -21.01 -68.03
CA SER VA 467 -92.87 -20.25 -68.49
C SER VA 467 -92.80 -18.79 -68.03
N MET VA 468 -92.58 -18.58 -66.73
CA MET VA 468 -92.05 -17.31 -66.19
C MET VA 468 -90.76 -16.89 -66.93
N GLU VA 469 -90.04 -17.86 -67.49
CA GLU VA 469 -88.96 -17.70 -68.46
C GLU VA 469 -89.44 -16.95 -69.73
N ASP VA 470 -90.49 -17.41 -70.42
CA ASP VA 470 -91.06 -16.69 -71.57
C ASP VA 470 -91.51 -15.29 -71.16
N LEU VA 471 -92.17 -15.20 -70.00
CA LEU VA 471 -92.66 -13.94 -69.46
C LEU VA 471 -91.49 -12.98 -69.12
N GLN VA 472 -90.33 -13.52 -68.74
CA GLN VA 472 -89.08 -12.79 -68.66
C GLN VA 472 -88.49 -12.49 -70.05
N LYS VA 473 -88.60 -13.35 -71.06
CA LYS VA 473 -88.19 -13.03 -72.45
C LYS VA 473 -88.90 -11.77 -72.95
N VAL VA 474 -90.20 -11.59 -72.63
CA VAL VA 474 -90.93 -10.37 -72.97
C VAL VA 474 -90.24 -9.15 -72.35
N LYS VA 475 -90.02 -9.16 -71.02
CA LYS VA 475 -89.28 -8.12 -70.29
C LYS VA 475 -87.88 -7.91 -70.88
N THR VA 476 -87.19 -8.97 -71.23
CA THR VA 476 -85.84 -8.92 -71.81
C THR VA 476 -85.82 -8.28 -73.20
N ARG VA 477 -86.77 -8.62 -74.08
CA ARG VA 477 -86.89 -7.95 -75.38
C ARG VA 477 -87.43 -6.54 -75.27
N VAL VA 478 -88.17 -6.20 -74.22
CA VAL VA 478 -88.47 -4.80 -73.90
C VAL VA 478 -87.23 -4.05 -73.36
N ASP VA 479 -86.26 -4.74 -72.73
CA ASP VA 479 -84.94 -4.17 -72.47
C ASP VA 479 -84.16 -3.96 -73.78
N ASN VA 480 -84.25 -4.87 -74.75
CA ASN VA 480 -83.74 -4.57 -76.10
C ASN VA 480 -84.49 -3.37 -76.73
N LEU VA 481 -85.81 -3.30 -76.56
CA LEU VA 481 -86.64 -2.18 -77.03
C LEU VA 481 -86.23 -0.87 -76.35
N GLU VA 482 -85.68 -0.90 -75.13
CA GLU VA 482 -85.05 0.23 -74.42
C GLU VA 482 -83.58 0.51 -74.79
N TYR VA 483 -82.81 -0.46 -75.32
CA TYR VA 483 -81.58 -0.15 -76.07
C TYR VA 483 -81.98 0.67 -77.31
N ASN VA 484 -82.98 0.17 -78.04
CA ASN VA 484 -83.45 0.74 -79.29
C ASN VA 484 -84.16 2.10 -79.08
N GLN VA 485 -84.91 2.27 -77.98
CA GLN VA 485 -85.47 3.55 -77.53
C GLN VA 485 -84.39 4.60 -77.25
N ALA VA 486 -83.28 4.19 -76.60
CA ALA VA 486 -82.13 5.05 -76.39
C ALA VA 486 -81.44 5.40 -77.73
N VAL VA 487 -81.18 4.42 -78.61
CA VAL VA 487 -80.67 4.70 -79.97
C VAL VA 487 -81.58 5.68 -80.71
N ASN VA 488 -82.90 5.52 -80.70
CA ASN VA 488 -83.79 6.45 -81.42
C ASN VA 488 -83.82 7.82 -80.74
N ALA VA 489 -84.24 7.88 -79.48
CA ALA VA 489 -84.38 9.13 -78.74
C ALA VA 489 -83.08 9.93 -78.67
N LEU VA 490 -81.92 9.25 -78.66
CA LEU VA 490 -80.62 9.88 -78.52
C LEU VA 490 -79.81 9.97 -79.82
N ASP VA 491 -79.84 8.97 -80.70
CA ASP VA 491 -79.02 8.94 -81.92
C ASP VA 491 -79.83 9.39 -83.16
N ASP VA 492 -81.15 9.19 -83.21
CA ASP VA 492 -82.01 10.07 -84.03
C ASP VA 492 -82.06 11.47 -83.40
N GLY VA 493 -81.99 11.54 -82.06
CA GLY VA 493 -81.82 12.78 -81.30
C GLY VA 493 -80.53 13.57 -81.64
N ALA VA 494 -79.53 12.90 -82.19
CA ALA VA 494 -78.28 13.48 -82.66
C ALA VA 494 -78.26 13.79 -84.18
N MET VA 495 -79.21 13.25 -84.96
CA MET VA 495 -79.37 13.36 -86.42
C MET VA 495 -78.09 13.19 -87.30
N GLU VA 496 -77.56 14.28 -87.86
CA GLU VA 496 -76.79 14.28 -89.12
C GLU VA 496 -77.53 13.50 -90.24
N GLY VA 497 -78.87 13.50 -90.20
CA GLY VA 497 -79.84 12.61 -90.89
C GLY VA 497 -80.95 13.29 -91.70
N GLN VA 498 -82.07 12.61 -92.02
CA GLN VA 498 -83.06 13.03 -93.05
C GLN VA 498 -82.35 13.47 -94.33
N ASN VA 499 -82.80 14.54 -94.99
CA ASN VA 499 -81.93 15.40 -95.79
C ASN VA 499 -81.76 16.62 -94.88
N PRO VA 500 -80.72 16.64 -94.02
CA PRO VA 500 -80.63 17.35 -92.75
C PRO VA 500 -81.96 17.72 -92.08
N LEU VA 501 -82.56 18.85 -92.44
CA LEU VA 501 -83.85 19.28 -91.95
C LEU VA 501 -84.75 19.88 -93.06
N THR VA 502 -84.87 19.18 -94.20
CA THR VA 502 -85.92 19.44 -95.22
C THR VA 502 -87.29 19.33 -94.55
N LEU VA 503 -87.61 18.15 -94.04
CA LEU VA 503 -88.67 17.94 -93.08
C LEU VA 503 -88.29 18.72 -91.82
N ARG VA 504 -89.09 19.74 -91.53
CA ARG VA 504 -89.10 20.55 -90.33
C ARG VA 504 -89.61 19.77 -89.10
N SER VA 505 -90.83 19.21 -89.19
CA SER VA 505 -91.56 18.68 -88.01
C SER VA 505 -92.67 17.66 -88.36
N VAL VA 506 -93.21 16.89 -87.39
CA VAL VA 506 -94.26 15.86 -87.62
C VAL VA 506 -95.40 15.89 -86.60
N PHE VA 507 -96.63 15.70 -87.07
CA PHE VA 507 -97.83 15.40 -86.28
C PHE VA 507 -98.33 13.99 -86.61
N SER VA 508 -98.89 13.26 -85.64
CA SER VA 508 -99.52 11.93 -85.86
C SER VA 508 -100.81 11.71 -85.03
N GLU VA 509 -101.64 10.78 -85.49
CA GLU VA 509 -102.93 10.41 -84.90
C GLU VA 509 -103.37 8.99 -85.34
N GLY VA 510 -103.52 8.06 -84.40
CA GLY VA 510 -104.16 6.76 -84.63
C GLY VA 510 -105.70 6.84 -84.71
N PHE VA 511 -106.29 8.00 -84.44
CA PHE VA 511 -107.67 8.21 -84.00
C PHE VA 511 -107.88 7.55 -82.64
N ILE VA 512 -106.98 7.86 -81.69
CA ILE VA 512 -106.93 7.24 -80.36
C ILE VA 512 -106.57 8.19 -79.21
N SER VA 513 -105.96 9.36 -79.46
CA SER VA 513 -105.35 10.16 -78.38
C SER VA 513 -106.08 11.49 -78.07
N LEU VA 514 -106.47 11.64 -76.81
CA LEU VA 514 -107.20 12.79 -76.29
C LEU VA 514 -106.44 14.12 -76.48
N ASP VA 515 -105.10 14.06 -76.54
CA ASP VA 515 -104.19 15.20 -76.71
C ASP VA 515 -103.94 15.58 -78.18
N LYS VA 516 -104.26 14.72 -79.14
CA LYS VA 516 -104.15 15.07 -80.56
C LYS VA 516 -105.53 15.26 -81.18
N ALA VA 517 -106.57 14.66 -80.60
CA ALA VA 517 -107.94 15.09 -80.79
C ALA VA 517 -108.11 16.58 -80.44
N ASP VA 518 -108.55 17.41 -81.39
CA ASP VA 518 -109.07 18.72 -81.08
C ASP VA 518 -110.58 18.72 -80.88
N ILE VA 519 -111.03 18.09 -79.80
CA ILE VA 519 -112.38 18.31 -79.30
C ILE VA 519 -112.69 19.78 -78.95
N THR VA 520 -111.67 20.65 -78.81
CA THR VA 520 -111.87 22.11 -78.61
C THR VA 520 -112.26 22.81 -79.91
N HIS VA 521 -112.13 22.12 -81.06
CA HIS VA 521 -112.94 22.30 -82.25
C HIS VA 521 -114.11 21.29 -82.13
N PRO VA 522 -115.19 21.59 -81.36
CA PRO VA 522 -116.32 20.67 -81.12
C PRO VA 522 -117.12 20.30 -82.40
N ASP VA 523 -116.68 20.86 -83.52
CA ASP VA 523 -116.78 20.36 -84.89
C ASP VA 523 -116.53 18.83 -84.99
N PHE VA 524 -115.83 18.26 -84.00
CA PHE VA 524 -115.49 16.86 -83.69
C PHE VA 524 -116.70 15.89 -83.63
N GLY VA 525 -117.57 15.93 -84.64
CA GLY VA 525 -118.67 15.00 -84.91
C GLY VA 525 -118.20 13.61 -85.36
N ILE VA 526 -117.17 13.07 -84.71
CA ILE VA 526 -116.50 11.80 -85.01
C ILE VA 526 -116.32 11.00 -83.73
N VAL VA 527 -116.15 9.69 -83.83
CA VAL VA 527 -115.82 8.81 -82.70
C VAL VA 527 -114.69 7.84 -83.01
N PHE VA 528 -113.68 7.86 -82.14
CA PHE VA 528 -112.51 7.00 -82.15
C PHE VA 528 -112.85 5.52 -81.95
N SER VA 529 -111.88 4.65 -82.18
CA SER VA 529 -111.74 3.35 -81.54
C SER VA 529 -110.27 3.22 -81.17
N PHE VA 530 -109.97 2.85 -79.91
CA PHE VA 530 -108.73 3.28 -79.26
C PHE VA 530 -107.59 2.25 -79.26
N GLU VA 531 -107.88 0.97 -79.50
CA GLU VA 531 -106.87 -0.08 -79.82
C GLU VA 531 -107.21 -0.89 -81.10
N ASP VA 532 -108.31 -0.56 -81.78
CA ASP VA 532 -108.48 -0.78 -83.23
C ASP VA 532 -107.79 0.32 -84.09
N ALA VA 533 -107.47 1.47 -83.47
CA ALA VA 533 -106.96 2.71 -84.07
C ALA VA 533 -107.76 3.15 -85.32
N GLU VA 534 -108.97 3.68 -85.11
CA GLU VA 534 -109.90 4.08 -86.18
C GLU VA 534 -110.80 5.24 -85.73
N ALA VA 535 -111.41 5.97 -86.67
CA ALA VA 535 -112.63 6.69 -86.40
C ALA VA 535 -113.68 6.50 -87.50
N THR VA 536 -114.90 6.87 -87.13
CA THR VA 536 -115.97 7.18 -88.08
C THR VA 536 -116.85 8.29 -87.51
N LEU VA 537 -117.89 8.72 -88.22
CA LEU VA 537 -118.81 9.76 -87.76
C LEU VA 537 -119.37 9.47 -86.36
N ALA VA 538 -119.52 10.51 -85.51
CA ALA VA 538 -120.11 10.38 -84.18
C ALA VA 538 -121.56 9.94 -84.28
N TYR VA 539 -122.06 9.43 -83.16
CA TYR VA 539 -123.40 8.87 -83.15
C TYR VA 539 -124.26 9.30 -81.96
N THR VA 540 -125.47 9.75 -82.29
CA THR VA 540 -126.65 9.96 -81.47
C THR VA 540 -127.02 8.66 -80.73
N GLU VA 541 -126.83 8.63 -79.43
CA GLU VA 541 -127.14 7.49 -78.53
C GLU VA 541 -128.67 7.33 -78.30
N ALA VA 542 -129.40 7.08 -79.38
CA ALA VA 542 -130.86 6.86 -79.48
C ALA VA 542 -131.33 5.55 -78.80
N VAL VA 543 -130.96 5.33 -77.52
CA VAL VA 543 -131.19 4.10 -76.75
C VAL VA 543 -132.62 3.59 -76.86
N ASN VA 544 -132.75 2.27 -77.02
CA ASN VA 544 -133.94 1.56 -76.60
C ASN VA 544 -133.64 0.67 -75.40
N GLN VA 545 -134.40 0.84 -74.34
CA GLN VA 545 -134.67 -0.25 -73.41
C GLN VA 545 -135.95 -0.97 -73.93
N PRO VA 546 -135.86 -2.18 -74.53
CA PRO VA 546 -137.00 -2.89 -75.09
C PRO VA 546 -138.16 -3.04 -74.11
N LYS VA 547 -139.38 -2.98 -74.64
CA LYS VA 547 -140.61 -2.94 -73.84
C LYS VA 547 -141.43 -4.19 -74.18
N ILE VA 548 -142.21 -4.75 -73.25
CA ILE VA 548 -142.76 -6.12 -73.39
C ILE VA 548 -144.19 -6.14 -73.95
N ILE VA 549 -144.41 -6.93 -75.00
CA ILE VA 549 -145.76 -7.34 -75.39
C ILE VA 549 -146.19 -8.45 -74.41
N PRO VA 550 -147.26 -8.29 -73.63
CA PRO VA 550 -147.56 -9.12 -72.46
C PRO VA 550 -147.55 -10.64 -72.61
N GLY VA 551 -148.67 -11.30 -72.91
CA GLY VA 551 -148.73 -12.77 -72.94
C GLY VA 551 -147.84 -13.36 -74.04
N ASP VA 552 -147.63 -12.58 -75.10
CA ASP VA 552 -146.70 -12.85 -76.18
C ASP VA 552 -145.29 -13.07 -75.63
N THR VA 553 -144.88 -12.26 -74.65
CA THR VA 553 -143.81 -12.60 -73.73
C THR VA 553 -144.30 -13.65 -72.72
N THR VA 554 -144.32 -14.92 -73.11
CA THR VA 554 -144.72 -16.02 -72.21
C THR VA 554 -143.77 -16.16 -71.00
N ALA VA 555 -142.56 -15.59 -71.06
CA ALA VA 555 -141.65 -15.50 -69.92
C ALA VA 555 -142.32 -14.86 -68.69
N HIS VA 556 -142.31 -15.57 -67.55
CA HIS VA 556 -142.72 -15.03 -66.26
C HIS VA 556 -141.67 -14.04 -65.72
N ILE VA 557 -142.10 -12.82 -65.41
CA ILE VA 557 -141.21 -11.78 -64.86
C ILE VA 557 -141.24 -11.82 -63.34
N TRP VA 558 -140.05 -11.75 -62.75
CA TRP VA 558 -139.78 -11.87 -61.32
C TRP VA 558 -138.97 -10.66 -60.87
N GLY VA 559 -139.67 -9.62 -60.43
CA GLY VA 559 -139.04 -8.41 -59.95
C GLY VA 559 -138.22 -7.70 -61.02
N ARG VA 560 -136.90 -7.58 -60.81
CA ARG VA 560 -136.00 -6.99 -61.81
C ARG VA 560 -135.59 -7.94 -62.92
N LEU VA 561 -135.83 -9.24 -62.78
CA LEU VA 561 -135.32 -10.28 -63.67
C LEU VA 561 -136.45 -11.11 -64.34
N ILE VA 562 -136.17 -11.72 -65.49
CA ILE VA 562 -137.19 -12.32 -66.38
C ILE VA 562 -136.84 -13.78 -66.73
N SER VA 563 -137.81 -14.68 -66.61
CA SER VA 563 -137.64 -16.15 -66.69
C SER VA 563 -138.71 -16.78 -67.57
N ALA VA 564 -138.59 -18.03 -67.99
CA ALA VA 564 -139.62 -18.68 -68.79
C ALA VA 564 -141.00 -18.72 -68.14
N PRO VA 565 -142.07 -19.04 -68.89
CA PRO VA 565 -143.31 -19.52 -68.27
C PRO VA 565 -142.98 -20.76 -67.42
N PHE VA 566 -143.69 -20.94 -66.30
CA PHE VA 566 -143.53 -22.11 -65.44
C PHE VA 566 -144.84 -22.53 -64.79
N THR VA 567 -144.81 -23.76 -64.27
CA THR VA 567 -145.80 -24.39 -63.38
C THR VA 567 -145.22 -24.44 -61.96
N GLU VA 568 -145.97 -23.97 -60.97
CA GLU VA 568 -145.44 -23.76 -59.60
C GLU VA 568 -145.51 -25.08 -58.80
N GLU VA 569 -144.38 -25.74 -58.63
CA GLU VA 569 -144.29 -27.19 -58.49
C GLU VA 569 -143.77 -27.61 -57.11
N ARG VA 570 -144.55 -28.43 -56.39
CA ARG VA 570 -144.34 -28.95 -55.03
C ARG VA 570 -143.16 -29.93 -54.92
N THR VA 571 -141.95 -29.43 -55.08
CA THR VA 571 -140.74 -30.27 -55.03
C THR VA 571 -140.54 -31.00 -53.70
N ILE VA 572 -140.81 -30.32 -52.58
CA ILE VA 572 -140.45 -30.77 -51.22
C ILE VA 572 -141.70 -30.75 -50.36
N TYR VA 573 -141.84 -31.73 -49.49
CA TYR VA 573 -142.69 -31.66 -48.31
C TYR VA 573 -142.16 -32.62 -47.23
N GLN VA 574 -141.17 -32.17 -46.45
CA GLN VA 574 -140.93 -32.78 -45.15
C GLN VA 574 -142.03 -32.28 -44.21
N GLY VA 575 -143.13 -33.04 -44.21
CA GLY VA 575 -144.36 -32.63 -43.55
C GLY VA 575 -144.37 -32.91 -42.04
N GLN VA 576 -143.20 -33.13 -41.44
CA GLN VA 576 -143.04 -33.65 -40.10
C GLN VA 576 -143.03 -32.53 -39.07
N ALA VA 577 -143.63 -32.74 -37.91
CA ALA VA 577 -143.65 -31.77 -36.80
C ALA VA 577 -144.10 -32.50 -35.52
N SER VA 578 -143.92 -31.85 -34.37
CA SER VA 578 -144.52 -32.26 -33.08
C SER VA 578 -144.74 -31.12 -32.09
N GLU VA 579 -144.40 -29.87 -32.42
CA GLU VA 579 -144.73 -28.68 -31.62
C GLU VA 579 -144.77 -27.38 -32.42
N THR VA 580 -145.56 -26.41 -31.99
CA THR VA 580 -145.45 -25.03 -32.48
C THR VA 580 -144.16 -24.37 -31.95
N LEU VA 581 -143.58 -23.39 -32.63
CA LEU VA 581 -142.47 -22.61 -32.08
C LEU VA 581 -142.48 -21.14 -32.45
N ASN VA 582 -142.54 -20.32 -31.41
CA ASN VA 582 -142.25 -18.89 -31.33
C ASN VA 582 -141.02 -18.45 -32.17
N VAL VA 583 -141.18 -17.47 -33.06
CA VAL VA 583 -140.21 -17.14 -34.14
C VAL VA 583 -139.23 -16.00 -33.82
N ASN VA 584 -139.50 -15.21 -32.78
CA ASN VA 584 -138.53 -14.36 -32.08
C ASN VA 584 -138.84 -14.36 -30.57
N PRO VA 585 -138.37 -15.37 -29.81
CA PRO VA 585 -138.72 -15.49 -28.39
C PRO VA 585 -138.09 -14.39 -27.53
N TYR VA 586 -136.93 -13.91 -27.97
CA TYR VA 586 -136.24 -12.71 -27.49
C TYR VA 586 -137.07 -11.43 -27.70
N ASN VA 587 -137.95 -11.46 -28.72
CA ASN VA 587 -138.87 -10.44 -29.22
C ASN VA 587 -138.19 -9.10 -29.51
N ILE VA 588 -136.93 -9.14 -29.92
CA ILE VA 588 -136.12 -7.94 -30.16
C ILE VA 588 -135.94 -7.71 -31.67
N PRO VA 589 -136.32 -6.54 -32.21
CA PRO VA 589 -136.28 -6.23 -33.63
C PRO VA 589 -135.11 -5.36 -34.06
N ASN VA 590 -134.95 -5.25 -35.38
CA ASN VA 590 -134.35 -4.12 -36.08
C ASN VA 590 -135.19 -3.93 -37.35
N LYS VA 591 -135.50 -2.71 -37.75
CA LYS VA 591 -136.38 -2.48 -38.91
C LYS VA 591 -135.62 -2.29 -40.21
N GLN VA 592 -134.76 -3.25 -40.55
CA GLN VA 592 -134.38 -3.47 -41.95
C GLN VA 592 -135.60 -4.07 -42.68
N GLY VA 593 -136.28 -3.22 -43.47
CA GLY VA 593 -137.26 -3.59 -44.48
C GLY VA 593 -136.59 -4.02 -45.80
N VAL VA 594 -137.39 -4.15 -46.86
CA VAL VA 594 -137.00 -4.84 -48.12
C VAL VA 594 -137.30 -3.94 -49.32
N LEU VA 595 -136.37 -3.70 -50.25
CA LEU VA 595 -136.51 -2.62 -51.23
C LEU VA 595 -135.96 -2.96 -52.61
N LYS VA 596 -136.64 -2.43 -53.63
CA LYS VA 596 -136.31 -2.56 -55.06
C LYS VA 596 -136.07 -1.20 -55.69
N LEU VA 597 -134.90 -0.95 -56.28
CA LEU VA 597 -134.88 0.02 -57.38
C LEU VA 597 -135.60 -0.60 -58.55
N THR VA 598 -136.20 0.25 -59.37
CA THR VA 598 -137.25 -0.11 -60.33
C THR VA 598 -137.23 0.91 -61.48
N PRO VA 599 -136.22 0.96 -62.38
CA PRO VA 599 -135.16 -0.01 -62.69
C PRO VA 599 -134.00 -0.12 -61.68
N SER VA 600 -133.30 -1.26 -61.69
CA SER VA 600 -132.25 -1.65 -60.72
C SER VA 600 -130.97 -2.18 -61.38
N GLU VA 601 -130.89 -2.05 -62.69
CA GLU VA 601 -129.73 -2.34 -63.54
C GLU VA 601 -129.77 -1.38 -64.76
N ASP VA 602 -128.76 -1.34 -65.64
CA ASP VA 602 -128.80 -0.44 -66.81
C ASP VA 602 -127.93 -0.83 -68.00
N ASN VA 603 -128.40 -0.42 -69.18
CA ASN VA 603 -127.54 -0.13 -70.32
C ASN VA 603 -127.98 1.20 -70.94
N TRP VA 604 -127.00 2.00 -71.33
CA TRP VA 604 -127.13 3.42 -71.65
C TRP VA 604 -125.82 3.90 -72.33
N ILE VA 605 -125.74 5.21 -72.63
CA ILE VA 605 -124.46 5.94 -72.70
C ILE VA 605 -124.64 7.27 -71.93
N ASP VA 606 -123.60 7.69 -71.20
CA ASP VA 606 -123.50 9.01 -70.56
C ASP VA 606 -122.18 9.65 -70.96
N THR VA 607 -122.25 10.89 -71.43
CA THR VA 607 -121.30 11.44 -72.39
C THR VA 607 -120.58 12.65 -71.81
N GLU VA 608 -119.26 12.53 -71.69
CA GLU VA 608 -118.28 13.63 -71.77
C GLU VA 608 -117.95 13.93 -73.24
N ASN VA 609 -118.13 12.93 -74.13
CA ASN VA 609 -117.92 12.97 -75.58
C ASN VA 609 -118.50 14.24 -76.22
N LEU VA 678 -107.79 1.02 -74.51
CA LEU VA 678 -108.20 -0.38 -74.84
C LEU VA 678 -109.58 -0.42 -75.55
N GLU VA 679 -110.38 -1.49 -75.42
CA GLU VA 679 -111.83 -1.44 -75.63
C GLU VA 679 -112.55 -1.68 -74.28
N GLU VA 680 -113.38 -0.72 -73.84
CA GLU VA 680 -113.64 -0.48 -72.41
C GLU VA 680 -115.10 -0.17 -72.08
N MET VA 681 -115.48 -0.30 -70.80
CA MET VA 681 -116.79 0.08 -70.26
C MET VA 681 -116.91 1.62 -70.09
N ILE VA 682 -117.98 2.11 -69.44
CA ILE VA 682 -118.43 3.50 -69.53
C ILE VA 682 -118.00 4.32 -68.29
N GLU VA 683 -117.43 5.50 -68.52
CA GLU VA 683 -116.93 6.40 -67.46
C GLU VA 683 -118.00 6.83 -66.44
N PHE VA 684 -119.27 6.90 -66.85
CA PHE VA 684 -120.38 7.39 -66.03
C PHE VA 684 -121.65 6.54 -66.22
N ILE VA 685 -122.38 6.16 -65.15
CA ILE VA 685 -123.81 5.79 -65.29
C ILE VA 685 -124.66 7.07 -65.40
N ARG VA 686 -125.58 7.11 -66.39
CA ARG VA 686 -126.52 8.22 -66.62
C ARG VA 686 -127.33 8.59 -65.39
N ILE VA 687 -127.78 9.84 -65.37
CA ILE VA 687 -128.81 10.36 -64.45
C ILE VA 687 -130.20 9.79 -64.85
N ARG VA 688 -130.40 8.45 -64.77
CA ARG VA 688 -131.72 7.80 -65.04
C ARG VA 688 -132.68 8.06 -63.90
N ASP VA 689 -133.96 8.29 -64.20
CA ASP VA 689 -135.00 8.16 -63.16
C ASP VA 689 -135.14 6.70 -62.74
N VAL VA 690 -135.30 6.48 -61.44
CA VAL VA 690 -135.39 5.17 -60.82
C VAL VA 690 -136.61 5.12 -59.93
N SER VA 691 -137.69 4.46 -60.39
CA SER VA 691 -138.80 4.15 -59.49
C SER VA 691 -138.34 3.18 -58.39
N PHE VA 692 -139.11 3.02 -57.32
CA PHE VA 692 -138.78 2.06 -56.28
C PHE VA 692 -140.01 1.59 -55.49
N GLU VA 693 -139.84 0.47 -54.79
CA GLU VA 693 -140.72 0.05 -53.69
C GLU VA 693 -139.90 -0.49 -52.52
N VAL VA 694 -140.22 -0.08 -51.29
CA VAL VA 694 -139.77 -0.67 -50.03
C VAL VA 694 -140.97 -1.25 -49.27
N LYS VA 695 -140.73 -2.29 -48.45
CA LYS VA 695 -141.67 -3.04 -47.61
C LYS VA 695 -141.10 -3.25 -46.21
N GLY VA 696 -141.95 -3.54 -45.23
CA GLY VA 696 -141.51 -4.03 -43.91
C GLY VA 696 -140.69 -3.06 -43.07
N LEU VA 697 -140.78 -1.76 -43.34
CA LEU VA 697 -140.43 -0.69 -42.40
C LEU VA 697 -141.48 -0.63 -41.24
N ASN VA 698 -141.42 0.33 -40.33
CA ASN VA 698 -142.45 0.49 -39.28
C ASN VA 698 -143.81 0.93 -39.88
N PRO VA 699 -144.94 0.63 -39.21
CA PRO VA 699 -146.26 1.14 -39.62
C PRO VA 699 -146.28 2.67 -39.76
N ASN VA 700 -146.63 3.15 -40.95
CA ASN VA 700 -146.59 4.55 -41.36
C ASN VA 700 -145.26 5.25 -41.00
N ASP VA 701 -144.13 4.56 -41.12
CA ASP VA 701 -142.81 5.14 -40.85
C ASP VA 701 -142.52 6.32 -41.77
N ASN VA 702 -141.73 7.27 -41.29
CA ASN VA 702 -141.79 8.67 -41.70
C ASN VA 702 -140.38 9.25 -41.95
N ASN VA 703 -140.25 10.37 -42.64
CA ASN VA 703 -138.95 10.99 -42.92
C ASN VA 703 -137.98 10.07 -43.66
N LEU VA 704 -138.47 9.07 -44.41
CA LEU VA 704 -137.64 8.04 -45.06
C LEU VA 704 -136.86 8.64 -46.25
N TYR VA 705 -135.60 9.05 -46.05
CA TYR VA 705 -134.68 9.55 -47.08
C TYR VA 705 -134.08 8.44 -47.94
N LEU VA 706 -133.92 8.72 -49.24
CA LEU VA 706 -133.22 7.83 -50.16
C LEU VA 706 -131.76 8.26 -50.26
N LEU VA 707 -130.86 7.29 -50.22
CA LEU VA 707 -129.41 7.42 -50.03
C LEU VA 707 -128.70 6.61 -51.13
N PHE VA 708 -128.64 7.15 -52.34
CA PHE VA 708 -127.94 6.53 -53.47
C PHE VA 708 -126.44 6.51 -53.20
N ASP VA 709 -125.83 5.34 -53.23
CA ASP VA 709 -124.45 5.15 -52.81
C ASP VA 709 -124.16 5.72 -51.41
N GLY VA 710 -125.20 5.73 -50.56
CA GLY VA 710 -125.25 6.39 -49.24
C GLY VA 710 -125.46 7.92 -49.29
N VAL VA 711 -125.34 8.55 -50.47
CA VAL VA 711 -125.57 9.99 -50.72
C VAL VA 711 -127.06 10.32 -50.82
N ARG VA 712 -127.53 11.29 -50.03
CA ARG VA 712 -128.92 11.74 -50.06
C ARG VA 712 -129.36 12.18 -51.47
N CYS VA 713 -130.43 11.58 -51.99
CA CYS VA 713 -131.04 11.85 -53.30
C CYS VA 713 -132.58 11.88 -53.21
N ALA VA 714 -133.27 12.53 -54.16
CA ALA VA 714 -134.62 13.05 -53.92
C ALA VA 714 -135.77 12.11 -54.35
N ILE VA 715 -136.56 11.66 -53.37
CA ILE VA 715 -137.77 10.86 -53.56
C ILE VA 715 -138.93 11.68 -54.16
N THR VA 716 -139.71 11.05 -55.04
CA THR VA 716 -141.10 11.36 -55.37
C THR VA 716 -142.04 10.49 -54.52
N PRO VA 717 -142.67 11.00 -53.45
CA PRO VA 717 -143.62 10.22 -52.66
C PRO VA 717 -144.82 9.88 -53.55
N ALA VA 718 -145.04 8.60 -53.88
CA ALA VA 718 -146.25 8.20 -54.62
C ALA VA 718 -147.48 8.18 -53.69
N THR VA 719 -148.16 9.33 -53.56
CA THR VA 719 -149.21 9.61 -52.56
C THR VA 719 -150.17 8.43 -52.38
N GLY VA 720 -150.45 8.15 -51.10
CA GLY VA 720 -150.79 6.83 -50.59
C GLY VA 720 -149.55 6.36 -49.81
N TYR VA 721 -148.38 6.60 -50.40
CA TYR VA 721 -147.08 6.82 -49.75
C TYR VA 721 -146.72 8.31 -49.86
N ARG VA 722 -147.39 9.14 -49.05
CA ARG VA 722 -147.21 10.62 -49.04
C ARG VA 722 -145.79 10.98 -48.55
N LYS VA 723 -145.43 12.27 -48.50
CA LYS VA 723 -144.12 12.69 -47.96
C LYS VA 723 -143.84 12.09 -46.58
N GLY VA 724 -142.58 11.85 -46.30
CA GLY VA 724 -142.11 11.89 -44.92
C GLY VA 724 -141.97 13.38 -44.51
N SER VA 725 -142.11 13.73 -43.24
CA SER VA 725 -142.29 15.14 -42.82
C SER VA 725 -141.18 16.08 -43.29
N GLU VA 726 -139.96 15.57 -43.40
CA GLU VA 726 -138.89 16.05 -44.29
C GLU VA 726 -139.21 15.78 -45.78
N ASP VA 727 -139.91 16.64 -46.53
CA ASP VA 727 -140.29 16.26 -47.91
C ASP VA 727 -139.07 16.08 -48.86
N GLY VA 728 -139.22 15.29 -49.92
CA GLY VA 728 -138.11 14.59 -50.58
C GLY VA 728 -137.67 13.35 -49.80
N THR VA 729 -138.28 13.08 -48.65
CA THR VA 729 -138.44 11.76 -48.03
C THR VA 729 -139.89 11.28 -48.19
N ILE VA 730 -140.14 10.01 -47.86
CA ILE VA 730 -141.46 9.36 -47.97
C ILE VA 730 -141.99 8.91 -46.59
N MET VA 731 -143.29 8.71 -46.49
CA MET VA 731 -143.93 7.99 -45.39
C MET VA 731 -144.61 6.73 -45.92
N THR VA 732 -144.48 5.60 -45.21
CA THR VA 732 -145.08 4.32 -45.59
C THR VA 732 -146.59 4.28 -45.34
N ASP VA 733 -147.21 3.17 -45.73
CA ASP VA 733 -148.46 2.70 -45.13
C ASP VA 733 -148.23 1.97 -43.80
N ALA VA 734 -149.29 1.47 -43.18
CA ALA VA 734 -149.28 0.76 -41.91
C ALA VA 734 -148.54 -0.60 -41.95
N LYS VA 735 -148.14 -1.12 -43.12
CA LYS VA 735 -147.34 -2.36 -43.24
C LYS VA 735 -145.84 -2.09 -43.42
N GLY VA 736 -145.42 -0.83 -43.42
CA GLY VA 736 -144.04 -0.42 -43.71
C GLY VA 736 -143.72 -0.45 -45.20
N THR VA 737 -144.72 -0.30 -46.08
CA THR VA 737 -144.53 -0.17 -47.53
C THR VA 737 -144.39 1.30 -47.94
N ALA VA 738 -143.40 1.67 -48.76
CA ALA VA 738 -143.30 3.00 -49.39
C ALA VA 738 -142.82 2.89 -50.84
N LYS VA 739 -143.28 3.75 -51.75
CA LYS VA 739 -143.02 3.61 -53.19
C LYS VA 739 -142.98 4.96 -53.92
N GLY VA 740 -142.37 4.99 -55.10
CA GLY VA 740 -142.30 6.19 -55.94
C GLY VA 740 -141.10 6.14 -56.87
N LYS VA 741 -140.31 7.21 -56.93
CA LYS VA 741 -139.05 7.26 -57.68
C LYS VA 741 -138.01 8.22 -57.08
N PHE VA 742 -136.78 8.16 -57.57
CA PHE VA 742 -135.83 9.26 -57.52
C PHE VA 742 -135.14 9.39 -58.90
N THR VA 743 -134.00 10.06 -58.99
CA THR VA 743 -133.10 10.06 -60.15
C THR VA 743 -131.66 9.82 -59.70
N ILE VA 744 -130.93 8.95 -60.39
CA ILE VA 744 -129.49 8.75 -60.16
C ILE VA 744 -128.77 10.12 -60.17
N PRO VA 745 -127.97 10.52 -59.15
CA PRO VA 745 -127.17 11.74 -59.17
C PRO VA 745 -125.90 11.58 -60.03
N ALA VA 746 -125.15 12.67 -60.22
CA ALA VA 746 -124.29 12.89 -61.38
C ALA VA 746 -123.24 11.81 -61.73
N GLY VA 747 -123.56 10.97 -62.72
CA GLY VA 747 -122.58 10.32 -63.58
C GLY VA 747 -121.69 9.24 -62.92
N ILE VA 748 -122.10 8.55 -61.87
CA ILE VA 748 -121.18 7.62 -61.20
C ILE VA 748 -121.01 6.33 -62.01
N ARG VA 749 -119.82 6.16 -62.63
CA ARG VA 749 -119.06 4.93 -63.01
C ARG VA 749 -119.79 3.59 -63.20
N CYS VA 750 -119.30 2.71 -64.08
CA CYS VA 750 -119.83 1.33 -64.17
C CYS VA 750 -119.76 0.56 -62.84
N GLY VA 751 -120.31 -0.66 -62.81
CA GLY VA 751 -120.48 -1.42 -61.57
C GLY VA 751 -121.68 -0.95 -60.74
N ASN VA 752 -121.97 -1.65 -59.65
CA ASN VA 752 -123.16 -1.39 -58.86
C ASN VA 752 -123.13 -0.03 -58.15
N ARG VA 753 -124.16 0.78 -58.35
CA ARG VA 753 -124.57 1.76 -57.33
C ARG VA 753 -125.29 0.98 -56.22
N GLU VA 754 -124.86 1.19 -54.99
CA GLU VA 754 -125.74 1.05 -53.83
C GLU VA 754 -126.89 2.06 -53.95
N VAL VA 755 -128.07 1.79 -53.38
CA VAL VA 755 -129.02 2.81 -52.93
C VAL VA 755 -129.73 2.30 -51.68
N THR VA 756 -129.97 3.18 -50.71
CA THR VA 756 -130.71 2.87 -49.48
C THR VA 756 -131.97 3.73 -49.39
N LEU VA 757 -133.06 3.23 -48.80
CA LEU VA 757 -134.20 4.05 -48.37
C LEU VA 757 -134.37 3.86 -46.86
N LYS VA 758 -134.22 4.92 -46.07
CA LYS VA 758 -134.24 4.83 -44.60
C LYS VA 758 -134.63 6.14 -43.92
N ASN VA 759 -135.08 6.07 -42.68
CA ASN VA 759 -135.00 7.16 -41.71
C ASN VA 759 -134.13 6.68 -40.53
N ALA VA 760 -134.34 7.18 -39.33
CA ALA VA 760 -133.75 6.56 -38.15
C ALA VA 760 -134.44 5.24 -37.72
N ASN VA 761 -135.77 5.16 -37.85
CA ASN VA 761 -136.58 4.08 -37.29
C ASN VA 761 -136.54 2.78 -38.12
N SER VA 762 -136.39 2.88 -39.44
CA SER VA 762 -136.26 1.78 -40.39
C SER VA 762 -135.29 2.09 -41.53
N THR VA 763 -134.81 1.05 -42.22
CA THR VA 763 -133.94 1.15 -43.40
C THR VA 763 -134.21 0.05 -44.41
N SER VA 764 -133.79 0.20 -45.65
CA SER VA 764 -133.59 -0.90 -46.58
C SER VA 764 -132.54 -0.52 -47.62
N ALA VA 765 -131.89 -1.48 -48.28
CA ALA VA 765 -130.84 -1.26 -49.26
C ALA VA 765 -131.04 -2.14 -50.52
N THR VA 766 -130.61 -1.64 -51.67
CA THR VA 766 -131.01 -2.13 -53.00
C THR VA 766 -130.02 -1.72 -54.11
N THR VA 767 -130.19 -2.22 -55.33
CA THR VA 767 -129.12 -2.25 -56.34
C THR VA 767 -129.41 -1.40 -57.56
N TYR VA 768 -128.41 -0.69 -58.08
CA TYR VA 768 -128.36 -0.21 -59.47
C TYR VA 768 -127.12 -0.75 -60.23
N THR VA 769 -127.25 -1.90 -60.87
CA THR VA 769 -126.16 -2.62 -61.56
C THR VA 769 -125.73 -1.97 -62.88
N ALA VA 770 -124.45 -2.10 -63.25
CA ALA VA 770 -123.89 -1.66 -64.56
C ALA VA 770 -122.63 -2.42 -64.99
N GLN VA 771 -122.50 -2.63 -66.30
CA GLN VA 771 -121.28 -2.98 -67.05
C GLN VA 771 -121.40 -2.28 -68.42
N GLY VA 772 -120.63 -2.65 -69.45
CA GLY VA 772 -120.86 -2.10 -70.79
C GLY VA 772 -120.04 -2.75 -71.90
N ARG VA 773 -120.46 -2.54 -73.15
CA ARG VA 773 -119.66 -2.76 -74.38
C ARG VA 773 -119.76 -1.52 -75.28
N LYS VA 774 -118.62 -0.96 -75.70
CA LYS VA 774 -118.57 0.13 -76.71
C LYS VA 774 -117.21 0.16 -77.43
N LYS VA 775 -117.19 0.63 -78.68
CA LYS VA 775 -116.04 1.10 -79.45
C LYS VA 775 -115.42 2.35 -78.82
N THR VA 776 -114.79 2.24 -77.64
CA THR VA 776 -114.18 3.36 -76.86
C THR VA 776 -113.16 2.89 -75.80
N ALA VA 777 -112.18 3.70 -75.43
CA ALA VA 777 -111.34 3.51 -74.24
C ALA VA 777 -111.74 4.48 -73.09
N GLN VA 778 -111.20 5.72 -73.08
CA GLN VA 778 -111.01 6.54 -71.87
C GLN VA 778 -110.32 5.68 -70.80
N ASP VA 779 -111.08 5.12 -69.86
CA ASP VA 779 -110.78 3.86 -69.17
C ASP VA 779 -112.11 3.17 -68.75
N ILE VA 780 -112.08 1.87 -68.44
CA ILE VA 780 -113.25 1.03 -68.04
C ILE VA 780 -114.10 1.66 -66.91
N ILE VA 781 -113.46 2.19 -65.86
CA ILE VA 781 -114.02 3.07 -64.79
C ILE VA 781 -115.26 2.50 -64.04
N ILE VA 782 -115.05 1.98 -62.82
CA ILE VA 782 -116.03 1.24 -62.01
C ILE VA 782 -116.04 1.67 -60.50
N ARG VA 783 -117.19 1.53 -59.79
CA ARG VA 783 -117.37 1.67 -58.31
C ARG VA 783 -118.54 0.80 -57.76
N THR VA 784 -118.54 0.37 -56.49
CA THR VA 784 -119.49 -0.68 -55.99
C THR VA 784 -120.36 -0.68 -54.69
N ARG VA 785 -120.80 -1.85 -54.13
CA ARG VA 785 -121.92 -2.08 -53.18
C ARG VA 785 -121.80 -3.40 -52.32
N VAL VA 786 -122.44 -3.49 -51.12
CA VAL VA 786 -122.66 -4.73 -50.30
C VAL VA 786 -123.94 -4.96 -49.42
N THR VA 787 -124.27 -6.23 -49.02
CA THR VA 787 -125.52 -6.59 -48.30
C THR VA 787 -125.42 -7.68 -47.21
N VAL VA 788 -125.84 -7.35 -45.98
CA VAL VA 788 -125.90 -8.19 -44.75
C VAL VA 788 -126.95 -7.59 -43.76
N ASN VA 789 -127.62 -8.33 -42.86
CA ASN VA 789 -128.42 -7.74 -41.73
C ASN VA 789 -128.82 -8.67 -40.55
N LEU VA 790 -129.35 -8.11 -39.45
CA LEU VA 790 -129.61 -8.80 -38.16
C LEU VA 790 -130.99 -8.46 -37.54
N VAL VA 791 -131.55 -9.36 -36.70
CA VAL VA 791 -132.54 -9.08 -35.60
C VAL VA 791 -132.23 -10.09 -34.48
N ASP VA 792 -133.22 -10.51 -33.70
CA ASP VA 792 -133.16 -11.76 -32.93
C ASP VA 792 -133.97 -12.91 -33.63
N PRO VA 793 -133.51 -13.49 -34.75
CA PRO VA 793 -134.28 -14.40 -35.62
C PRO VA 793 -134.36 -15.86 -35.16
N LEU VA 794 -135.26 -16.63 -35.78
CA LEU VA 794 -135.16 -18.09 -35.91
C LEU VA 794 -134.59 -18.52 -37.28
N ALA VA 795 -134.25 -19.78 -37.46
CA ALA VA 795 -133.67 -20.34 -38.68
C ALA VA 795 -133.85 -21.86 -38.81
N GLN VA 796 -133.62 -22.37 -40.02
CA GLN VA 796 -133.51 -23.77 -40.37
C GLN VA 796 -132.38 -23.99 -41.37
N SER VA 797 -131.27 -24.66 -41.02
CA SER VA 797 -130.34 -25.08 -42.08
C SER VA 797 -131.01 -26.10 -42.98
N PHE VA 798 -130.83 -26.00 -44.30
CA PHE VA 798 -131.42 -26.92 -45.26
C PHE VA 798 -130.70 -26.89 -46.60
N GLN VA 799 -130.84 -27.95 -47.38
CA GLN VA 799 -130.30 -28.07 -48.73
C GLN VA 799 -131.40 -28.50 -49.72
N TYR VA 800 -131.26 -28.12 -50.99
CA TYR VA 800 -131.88 -28.84 -52.11
C TYR VA 800 -130.96 -29.97 -52.60
N ASP VA 801 -131.49 -31.00 -53.26
CA ASP VA 801 -130.68 -32.04 -53.91
C ASP VA 801 -129.95 -31.57 -55.16
N GLU VA 802 -130.59 -30.70 -55.92
CA GLU VA 802 -130.22 -30.30 -57.28
C GLU VA 802 -130.51 -28.81 -57.47
N ASN VA 803 -130.03 -28.23 -58.58
CA ASN VA 803 -130.30 -26.83 -58.85
C ASN VA 803 -131.79 -26.58 -59.19
N ARG VA 804 -132.50 -25.85 -58.31
CA ARG VA 804 -133.96 -25.63 -58.33
C ARG VA 804 -134.35 -24.17 -58.08
N THR VA 805 -135.20 -23.60 -58.93
CA THR VA 805 -135.70 -22.21 -58.78
C THR VA 805 -136.85 -22.13 -57.79
N ILE VA 806 -136.57 -21.80 -56.51
CA ILE VA 806 -137.58 -21.74 -55.46
C ILE VA 806 -138.52 -20.57 -55.71
N SER VA 807 -139.75 -20.86 -56.13
CA SER VA 807 -140.82 -19.87 -56.30
C SER VA 807 -141.41 -19.49 -54.94
N SER VA 808 -141.64 -20.49 -54.07
CA SER VA 808 -142.16 -20.27 -52.71
C SER VA 808 -141.92 -21.42 -51.74
N LEU VA 809 -142.04 -21.13 -50.44
CA LEU VA 809 -142.18 -22.16 -49.41
C LEU VA 809 -143.65 -22.35 -49.00
N GLY VA 810 -143.89 -23.34 -48.15
CA GLY VA 810 -145.08 -23.53 -47.34
C GLY VA 810 -144.66 -23.95 -45.92
N LEU VA 811 -145.20 -23.24 -44.91
CA LEU VA 811 -144.86 -23.28 -43.47
C LEU VA 811 -146.14 -23.21 -42.59
N TYR VA 812 -146.09 -23.43 -41.29
CA TYR VA 812 -147.30 -23.71 -40.50
C TYR VA 812 -147.14 -23.17 -39.08
N PHE VA 813 -148.21 -22.69 -38.46
CA PHE VA 813 -148.16 -22.01 -37.16
C PHE VA 813 -149.17 -22.63 -36.20
N ALA VA 814 -149.07 -22.46 -34.89
CA ALA VA 814 -150.25 -22.55 -34.00
C ALA VA 814 -150.80 -21.14 -33.62
N SER VA 815 -150.03 -20.06 -33.85
CA SER VA 815 -150.41 -18.67 -33.51
C SER VA 815 -149.57 -17.63 -34.28
N LYS VA 816 -150.00 -16.37 -34.31
CA LYS VA 816 -149.38 -15.28 -35.10
C LYS VA 816 -149.48 -13.91 -34.41
N GLY VA 817 -148.62 -12.95 -34.81
CA GLY VA 817 -148.60 -11.56 -34.34
C GLY VA 817 -149.78 -10.71 -34.83
N ASP VA 818 -149.54 -9.43 -35.13
CA ASP VA 818 -150.54 -8.48 -35.65
C ASP VA 818 -150.42 -8.21 -37.16
N LYS VA 819 -151.37 -7.46 -37.72
CA LYS VA 819 -151.50 -7.20 -39.16
C LYS VA 819 -150.52 -6.15 -39.71
N GLN VA 820 -149.54 -5.70 -38.93
CA GLN VA 820 -148.69 -4.55 -39.29
C GLN VA 820 -147.21 -4.75 -38.89
N SER VA 821 -146.92 -5.60 -37.90
CA SER VA 821 -145.64 -6.33 -37.84
C SER VA 821 -145.58 -7.25 -39.07
N ASN VA 822 -144.38 -7.62 -39.51
CA ASN VA 822 -144.26 -8.62 -40.57
C ASN VA 822 -142.94 -9.36 -40.51
N VAL VA 823 -143.04 -10.67 -40.28
CA VAL VA 823 -141.96 -11.62 -40.44
C VAL VA 823 -141.28 -11.42 -41.80
N VAL VA 824 -139.97 -11.17 -41.80
CA VAL VA 824 -139.15 -11.16 -43.01
C VAL VA 824 -138.42 -12.48 -43.16
N ILE VA 825 -138.98 -13.38 -43.96
CA ILE VA 825 -138.30 -14.62 -44.33
C ILE VA 825 -137.11 -14.26 -45.23
N GLN VA 826 -135.97 -14.89 -45.02
CA GLN VA 826 -134.80 -14.79 -45.89
C GLN VA 826 -134.18 -16.17 -46.12
N ILE VA 827 -133.35 -16.29 -47.16
CA ILE VA 827 -132.42 -17.41 -47.30
C ILE VA 827 -130.99 -16.86 -47.18
N ARG VA 828 -130.13 -17.59 -46.47
CA ARG VA 828 -128.72 -17.25 -46.24
C ARG VA 828 -127.88 -18.54 -46.28
N GLY VA 829 -126.56 -18.40 -46.23
CA GLY VA 829 -125.66 -19.54 -46.04
C GLY VA 829 -125.31 -19.73 -44.57
N MET VA 830 -124.11 -20.26 -44.30
CA MET VA 830 -123.56 -20.62 -42.98
C MET VA 830 -122.20 -19.91 -42.78
N GLY VA 831 -121.82 -19.58 -41.54
CA GLY VA 831 -120.53 -18.93 -41.21
C GLY VA 831 -119.62 -19.83 -40.37
N ASP VA 832 -118.37 -19.42 -40.04
CA ASP VA 832 -117.43 -20.28 -39.25
C ASP VA 832 -117.84 -20.52 -37.78
N GLN VA 833 -118.84 -19.78 -37.33
CA GLN VA 833 -119.67 -20.15 -36.20
C GLN VA 833 -120.40 -21.51 -36.38
N GLY VA 834 -120.41 -22.13 -37.56
CA GLY VA 834 -121.22 -23.29 -37.95
C GLY VA 834 -122.64 -22.89 -38.36
N TYR VA 835 -123.19 -21.89 -37.68
CA TYR VA 835 -124.54 -21.36 -37.77
C TYR VA 835 -124.80 -20.45 -39.00
N PRO VA 836 -126.07 -20.06 -39.32
CA PRO VA 836 -126.40 -19.24 -40.49
C PRO VA 836 -125.60 -17.93 -40.60
N ASN VA 837 -124.93 -17.73 -41.75
CA ASN VA 837 -124.29 -16.45 -42.07
C ASN VA 837 -125.34 -15.36 -42.35
N LYS VA 838 -124.87 -14.11 -42.46
CA LYS VA 838 -125.75 -12.93 -42.38
C LYS VA 838 -125.99 -12.26 -43.73
N THR VA 839 -125.48 -12.83 -44.82
CA THR VA 839 -125.66 -12.35 -46.20
C THR VA 839 -127.05 -12.74 -46.75
N ILE VA 840 -127.90 -11.76 -47.08
CA ILE VA 840 -129.23 -12.00 -47.65
C ILE VA 840 -129.08 -12.52 -49.09
N TYR VA 841 -129.46 -13.77 -49.34
CA TYR VA 841 -129.53 -14.30 -50.71
C TYR VA 841 -130.88 -13.98 -51.40
N ALA VA 842 -131.97 -14.04 -50.63
CA ALA VA 842 -133.36 -13.81 -51.04
C ALA VA 842 -134.23 -13.45 -49.82
N GLU VA 843 -135.42 -12.88 -50.05
CA GLU VA 843 -136.20 -12.21 -48.99
C GLU VA 843 -137.69 -11.95 -49.32
N THR VA 844 -138.60 -12.14 -48.36
CA THR VA 844 -140.04 -11.81 -48.47
C THR VA 844 -140.67 -11.43 -47.13
N VAL VA 845 -141.74 -10.64 -47.15
CA VAL VA 845 -142.30 -9.92 -45.98
C VAL VA 845 -143.75 -10.38 -45.70
N MET VA 846 -144.06 -10.75 -44.46
CA MET VA 846 -145.30 -11.46 -44.10
C MET VA 846 -145.88 -11.07 -42.71
N ASN VA 847 -147.01 -10.37 -42.69
CA ASN VA 847 -147.78 -9.98 -41.51
C ASN VA 847 -148.66 -11.13 -40.96
N ALA VA 848 -149.41 -10.90 -39.88
CA ALA VA 848 -150.50 -11.80 -39.46
C ALA VA 848 -151.64 -11.93 -40.49
N ASP VA 849 -151.68 -11.03 -41.48
CA ASP VA 849 -152.48 -11.19 -42.69
C ASP VA 849 -152.06 -12.43 -43.50
N ASP VA 850 -150.74 -12.65 -43.59
CA ASP VA 850 -150.06 -13.53 -44.54
C ASP VA 850 -149.84 -14.97 -43.99
N ILE VA 851 -150.08 -15.17 -42.68
CA ILE VA 851 -149.63 -16.32 -41.86
C ILE VA 851 -150.81 -17.16 -41.34
N LYS VA 852 -150.61 -18.48 -41.25
CA LYS VA 852 -151.71 -19.47 -41.13
C LYS VA 852 -151.49 -20.47 -40.01
N VAL VA 853 -152.53 -20.76 -39.23
CA VAL VA 853 -152.41 -21.35 -37.88
C VAL VA 853 -153.24 -22.64 -37.67
N SER VA 854 -152.70 -23.57 -36.86
CA SER VA 854 -152.99 -25.01 -36.78
C SER VA 854 -152.44 -25.63 -35.50
N ASN VA 855 -153.20 -26.50 -34.84
CA ASN VA 855 -152.79 -27.14 -33.57
C ASN VA 855 -151.78 -28.30 -33.72
N ASN VA 856 -151.25 -28.50 -34.92
CA ASN VA 856 -150.61 -29.72 -35.37
C ASN VA 856 -149.72 -29.53 -36.62
N ALA VA 857 -149.27 -28.29 -36.86
CA ALA VA 857 -148.52 -27.87 -38.05
C ALA VA 857 -149.20 -28.17 -39.41
N SER VA 858 -150.53 -28.11 -39.51
CA SER VA 858 -151.24 -28.35 -40.78
C SER VA 858 -151.41 -27.09 -41.67
N ALA VA 859 -151.37 -25.88 -41.11
CA ALA VA 859 -151.82 -24.67 -41.82
C ALA VA 859 -150.76 -24.06 -42.75
N GLU VA 860 -150.72 -24.50 -44.00
CA GLU VA 860 -149.64 -24.13 -44.92
C GLU VA 860 -149.72 -22.66 -45.40
N THR VA 861 -149.06 -21.83 -44.60
CA THR VA 861 -148.55 -20.47 -44.83
C THR VA 861 -147.59 -20.44 -46.00
N ARG VA 862 -148.04 -20.01 -47.19
CA ARG VA 862 -147.19 -19.96 -48.38
C ARG VA 862 -146.29 -18.72 -48.37
N VAL VA 863 -145.11 -18.86 -48.95
CA VAL VA 863 -144.00 -17.92 -48.77
C VAL VA 863 -143.35 -17.61 -50.12
N TYR VA 864 -143.92 -16.66 -50.88
CA TYR VA 864 -143.46 -16.33 -52.24
C TYR VA 864 -142.37 -15.24 -52.26
N PHE VA 865 -141.48 -15.30 -53.26
CA PHE VA 865 -140.36 -14.38 -53.41
C PHE VA 865 -140.39 -13.59 -54.72
N ASP VA 866 -140.06 -12.30 -54.65
CA ASP VA 866 -140.11 -11.38 -55.80
C ASP VA 866 -139.08 -11.70 -56.88
N ASP VA 867 -137.89 -12.18 -56.48
CA ASP VA 867 -137.02 -13.00 -57.31
C ASP VA 867 -136.95 -14.42 -56.73
N PRO VA 868 -137.26 -15.48 -57.49
CA PRO VA 868 -137.28 -16.85 -57.00
C PRO VA 868 -135.85 -17.36 -56.87
N MET VA 869 -135.41 -17.68 -55.65
CA MET VA 869 -133.99 -18.00 -55.43
C MET VA 869 -133.66 -19.38 -55.97
N MET VA 870 -132.63 -19.47 -56.82
CA MET VA 870 -132.19 -20.76 -57.33
C MET VA 870 -131.30 -21.46 -56.30
N ALA VA 871 -131.87 -22.37 -55.52
CA ALA VA 871 -131.13 -23.22 -54.62
C ALA VA 871 -130.38 -24.26 -55.42
N GLU VA 872 -129.06 -24.13 -55.42
CA GLU VA 872 -128.13 -25.15 -55.89
C GLU VA 872 -128.24 -26.45 -55.07
N GLY VA 873 -127.92 -27.58 -55.70
CA GLY VA 873 -127.97 -28.91 -55.10
C GLY VA 873 -126.75 -29.32 -54.26
N GLY VA 874 -126.98 -29.76 -53.02
CA GLY VA 874 -125.94 -30.22 -52.08
C GLY VA 874 -125.27 -29.13 -51.23
N LYS VA 875 -125.87 -27.93 -51.15
CA LYS VA 875 -125.49 -26.85 -50.22
C LYS VA 875 -126.53 -26.76 -49.10
N GLU VA 876 -126.13 -26.89 -47.84
CA GLU VA 876 -126.96 -26.38 -46.74
C GLU VA 876 -126.89 -24.85 -46.74
N TYR VA 877 -127.94 -24.23 -47.25
CA TYR VA 877 -128.38 -22.90 -46.86
C TYR VA 877 -128.91 -22.93 -45.42
N ALA VA 878 -129.43 -21.80 -44.98
CA ALA VA 878 -130.47 -21.78 -43.97
C ALA VA 878 -131.62 -20.89 -44.43
N ILE VA 879 -132.84 -21.33 -44.12
CA ILE VA 879 -133.97 -20.41 -43.96
C ILE VA 879 -133.61 -19.53 -42.78
N VAL VA 880 -133.58 -18.21 -42.92
CA VAL VA 880 -133.31 -17.29 -41.80
C VAL VA 880 -134.52 -16.37 -41.66
N ILE VA 881 -135.27 -16.55 -40.58
CA ILE VA 881 -136.50 -15.83 -40.32
C ILE VA 881 -136.18 -14.64 -39.45
N ILE VA 882 -135.94 -13.50 -40.09
CA ILE VA 882 -136.03 -12.23 -39.38
C ILE VA 882 -137.50 -12.06 -38.98
N THR VA 883 -137.75 -11.85 -37.69
CA THR VA 883 -138.97 -11.16 -37.26
C THR VA 883 -138.70 -10.38 -35.99
N GLU VA 884 -139.46 -9.34 -35.82
CA GLU VA 884 -139.61 -8.62 -34.58
C GLU VA 884 -140.24 -9.47 -33.45
N ASN VA 885 -141.09 -10.45 -33.77
CA ASN VA 885 -142.12 -10.88 -32.81
C ASN VA 885 -142.23 -12.39 -32.61
N SER VA 886 -142.31 -12.75 -31.34
CA SER VA 886 -142.56 -14.07 -30.80
C SER VA 886 -143.88 -14.69 -31.20
N ASP VA 887 -144.94 -13.87 -31.27
CA ASP VA 887 -146.34 -14.27 -31.44
C ASP VA 887 -146.57 -15.10 -32.70
N TYR VA 888 -145.75 -14.86 -33.72
CA TYR VA 888 -145.53 -15.78 -34.81
C TYR VA 888 -144.93 -17.07 -34.26
N THR VA 889 -145.75 -18.06 -33.91
CA THR VA 889 -145.27 -19.41 -33.53
C THR VA 889 -145.47 -20.37 -34.71
N MET VA 890 -144.41 -20.63 -35.50
CA MET VA 890 -144.38 -21.59 -36.62
C MET VA 890 -144.47 -23.02 -36.08
N TRP VA 891 -144.00 -24.06 -36.78
CA TRP VA 891 -144.06 -25.45 -36.29
C TRP VA 891 -142.81 -26.21 -36.63
N VAL VA 892 -142.48 -27.08 -35.70
CA VAL VA 892 -141.21 -27.74 -35.55
C VAL VA 892 -141.48 -29.10 -34.92
N GLY VA 893 -140.46 -29.90 -34.66
CA GLY VA 893 -140.68 -31.14 -33.94
C GLY VA 893 -139.41 -31.76 -33.38
N THR VA 894 -139.58 -32.77 -32.52
CA THR VA 894 -138.54 -33.60 -31.92
C THR VA 894 -139.11 -35.00 -31.63
N ARG VA 895 -138.22 -35.97 -31.40
CA ARG VA 895 -138.53 -37.31 -30.89
C ARG VA 895 -139.73 -37.38 -29.93
N THR VA 896 -140.50 -38.47 -30.00
CA THR VA 896 -141.51 -38.95 -29.01
C THR VA 896 -142.81 -38.16 -28.74
N LYS VA 897 -142.87 -36.85 -29.02
CA LYS VA 897 -143.92 -35.95 -28.54
C LYS VA 897 -145.32 -36.20 -29.14
N PRO VA 898 -146.31 -36.70 -28.38
CA PRO VA 898 -147.64 -37.14 -28.87
C PRO VA 898 -148.75 -36.06 -28.79
N LYS VA 899 -150.02 -36.44 -28.96
CA LYS VA 899 -151.19 -35.55 -29.12
C LYS VA 899 -152.08 -35.39 -27.88
N ILE VA 900 -153.12 -34.55 -28.03
CA ILE VA 900 -154.04 -34.12 -26.98
C ILE VA 900 -155.46 -33.75 -27.47
N ASP VA 901 -155.86 -34.05 -28.72
CA ASP VA 901 -157.29 -33.97 -29.14
C ASP VA 901 -158.16 -34.94 -28.30
N LYS VA 902 -157.53 -36.07 -27.96
CA LYS VA 902 -157.76 -36.90 -26.79
C LYS VA 902 -156.36 -37.20 -26.23
N PRO VA 903 -156.10 -37.25 -24.91
CA PRO VA 903 -154.74 -37.26 -24.31
C PRO VA 903 -153.83 -38.47 -24.60
N ASN VA 904 -154.10 -39.22 -25.67
CA ASN VA 904 -153.65 -40.59 -25.92
C ASN VA 904 -153.27 -40.92 -27.38
N GLU VA 905 -153.59 -40.03 -28.32
CA GLU VA 905 -153.18 -40.15 -29.72
C GLU VA 905 -151.74 -39.67 -29.91
N VAL VA 906 -151.05 -40.06 -30.99
CA VAL VA 906 -149.58 -40.01 -31.03
C VAL VA 906 -148.96 -39.36 -32.29
N ILE VA 907 -147.78 -38.80 -32.06
CA ILE VA 907 -146.81 -38.12 -32.95
C ILE VA 907 -145.42 -38.40 -32.31
N SER VA 908 -144.32 -38.26 -33.04
CA SER VA 908 -142.98 -38.47 -32.47
C SER VA 908 -141.80 -37.86 -33.28
N GLY VA 909 -142.04 -36.97 -34.24
CA GLY VA 909 -141.04 -36.64 -35.27
C GLY VA 909 -140.26 -35.34 -35.10
N ASN VA 910 -138.93 -35.46 -35.06
CA ASN VA 910 -138.03 -34.39 -35.51
C ASN VA 910 -138.17 -34.18 -37.03
N PRO VA 911 -138.48 -32.97 -37.52
CA PRO VA 911 -138.85 -32.77 -38.93
C PRO VA 911 -137.76 -33.17 -39.94
N TYR VA 912 -136.53 -32.69 -39.73
CA TYR VA 912 -135.55 -32.57 -40.79
C TYR VA 912 -134.12 -32.61 -40.28
N LEU VA 913 -133.80 -33.73 -39.65
CA LEU VA 913 -132.58 -34.03 -38.92
C LEU VA 913 -131.29 -33.67 -39.68
N GLN VA 914 -131.38 -33.65 -41.01
CA GLN VA 914 -130.35 -33.29 -41.96
C GLN VA 914 -129.99 -31.80 -41.89
N GLY VA 915 -131.01 -30.98 -41.74
CA GLY VA 915 -130.95 -29.62 -41.23
C GLY VA 915 -130.80 -29.58 -39.70
N VAL VA 916 -130.72 -28.37 -39.16
CA VAL VA 916 -130.99 -28.08 -37.75
C VAL VA 916 -131.81 -26.78 -37.71
N LEU VA 917 -132.83 -26.70 -36.86
CA LEU VA 917 -133.48 -25.45 -36.48
C LEU VA 917 -132.53 -24.65 -35.57
N PHE VA 918 -132.42 -23.33 -35.75
CA PHE VA 918 -131.64 -22.48 -34.85
C PHE VA 918 -132.44 -21.26 -34.40
N SER VA 919 -132.14 -20.73 -33.21
CA SER VA 919 -132.69 -19.44 -32.73
C SER VA 919 -131.57 -18.53 -32.25
N SER VA 920 -131.61 -17.22 -32.51
CA SER VA 920 -130.57 -16.31 -32.03
C SER VA 920 -131.11 -14.99 -31.51
N SER VA 921 -130.61 -14.58 -30.35
CA SER VA 921 -130.72 -13.24 -29.75
C SER VA 921 -129.84 -12.15 -30.40
N ASN VA 922 -129.21 -12.39 -31.56
CA ASN VA 922 -128.57 -11.34 -32.39
C ASN VA 922 -128.26 -11.77 -33.85
N ALA VA 923 -128.97 -12.77 -34.40
CA ALA VA 923 -128.63 -13.45 -35.66
C ALA VA 923 -127.17 -13.99 -35.69
N SER VA 924 -126.59 -14.28 -34.51
CA SER VA 924 -125.29 -14.93 -34.35
C SER VA 924 -125.22 -15.89 -33.16
N THR VA 925 -125.88 -15.62 -32.05
CA THR VA 925 -126.09 -16.53 -30.90
C THR VA 925 -126.93 -17.79 -31.22
N TRP VA 926 -126.86 -18.29 -32.45
CA TRP VA 926 -127.70 -19.33 -33.02
C TRP VA 926 -127.61 -20.69 -32.30
N THR VA 927 -128.73 -21.06 -31.74
CA THR VA 927 -128.96 -22.16 -30.82
C THR VA 927 -129.22 -23.43 -31.62
N PRO VA 928 -128.25 -24.34 -31.87
CA PRO VA 928 -128.43 -25.43 -32.84
C PRO VA 928 -129.27 -26.56 -32.25
N HIS VA 929 -130.57 -26.56 -32.54
CA HIS VA 929 -131.57 -27.36 -31.84
C HIS VA 929 -131.56 -28.88 -32.13
N GLN VA 930 -130.44 -29.46 -32.53
CA GLN VA 930 -130.18 -30.92 -32.50
C GLN VA 930 -131.26 -31.77 -33.18
N ASN VA 931 -131.96 -32.63 -32.44
CA ASN VA 931 -133.14 -33.38 -32.88
C ASN VA 931 -134.36 -32.45 -33.06
N SER VA 932 -134.18 -31.22 -33.52
CA SER VA 932 -135.26 -30.28 -33.81
C SER VA 932 -135.02 -29.53 -35.10
N ASP VA 933 -136.10 -29.39 -35.87
CA ASP VA 933 -136.18 -28.67 -37.12
C ASP VA 933 -137.57 -28.07 -37.23
N LEU VA 934 -137.70 -26.96 -37.96
CA LEU VA 934 -138.97 -26.46 -38.45
C LEU VA 934 -139.49 -27.41 -39.54
N LYS VA 935 -140.80 -27.63 -39.59
CA LYS VA 935 -141.46 -28.39 -40.68
C LYS VA 935 -141.45 -27.56 -41.98
N PHE VA 936 -141.43 -28.17 -43.17
CA PHE VA 936 -141.64 -27.42 -44.43
C PHE VA 936 -142.07 -28.26 -45.63
N GLY VA 937 -142.76 -27.63 -46.57
CA GLY VA 937 -142.82 -28.05 -47.96
C GLY VA 937 -142.45 -26.85 -48.85
N ILE VA 938 -141.85 -27.10 -50.00
CA ILE VA 938 -141.17 -26.07 -50.79
C ILE VA 938 -141.37 -26.35 -52.28
N TYR VA 939 -141.44 -25.28 -53.06
CA TYR VA 939 -141.97 -25.30 -54.41
C TYR VA 939 -141.05 -24.55 -55.37
N THR VA 940 -141.19 -24.84 -56.65
CA THR VA 940 -140.29 -24.31 -57.69
C THR VA 940 -141.02 -23.88 -58.95
N SER VA 941 -140.40 -23.01 -59.74
CA SER VA 941 -140.69 -22.95 -61.16
C SER VA 941 -140.25 -24.25 -61.87
N LYS VA 942 -141.20 -25.18 -62.09
CA LYS VA 942 -141.12 -26.16 -63.18
C LYS VA 942 -141.34 -25.38 -64.47
N PHE VA 943 -140.27 -24.81 -65.00
CA PHE VA 943 -140.28 -24.05 -66.23
C PHE VA 943 -140.66 -24.92 -67.41
N ASN VA 944 -141.35 -24.29 -68.36
CA ASN VA 944 -141.37 -24.76 -69.72
C ASN VA 944 -139.92 -24.73 -70.24
N GLU VA 945 -139.51 -25.73 -71.02
CA GLU VA 945 -138.12 -25.91 -71.44
C GLU VA 945 -137.60 -24.79 -72.38
N THR VA 946 -138.43 -23.78 -72.67
CA THR VA 946 -138.13 -22.57 -73.46
C THR VA 946 -139.07 -21.41 -73.06
N ALA VA 947 -138.94 -20.23 -73.67
CA ALA VA 947 -139.90 -19.13 -73.57
C ALA VA 947 -139.89 -18.23 -74.80
N THR VA 948 -140.94 -17.44 -74.94
CA THR VA 948 -140.97 -16.26 -75.80
C THR VA 948 -140.90 -14.99 -74.95
N ILE VA 949 -140.15 -14.00 -75.41
CA ILE VA 949 -140.01 -12.67 -74.81
C ILE VA 949 -140.21 -11.66 -75.93
N GLU VA 950 -141.42 -11.68 -76.46
CA GLU VA 950 -141.87 -10.79 -77.51
C GLU VA 950 -141.89 -9.34 -76.97
N PHE VA 951 -140.83 -8.61 -77.24
CA PHE VA 951 -140.83 -7.19 -77.04
C PHE VA 951 -141.59 -6.49 -78.17
N GLU VA 952 -142.05 -5.29 -77.85
CA GLU VA 952 -142.90 -4.46 -78.68
C GLU VA 952 -142.21 -3.93 -79.93
N PRO VA 953 -142.97 -3.67 -80.99
CA PRO VA 953 -142.61 -2.64 -81.95
C PRO VA 953 -142.36 -1.32 -81.21
N ILE VA 954 -141.11 -0.91 -81.08
CA ILE VA 954 -140.76 0.50 -80.89
C ILE VA 954 -140.75 1.18 -82.28
N LYS VA 955 -141.22 2.42 -82.45
CA LYS VA 955 -141.53 2.96 -83.79
C LYS VA 955 -140.70 4.18 -84.16
N ASP VA 956 -140.39 4.32 -85.45
CA ASP VA 956 -139.57 5.33 -86.12
C ASP VA 956 -138.41 5.92 -85.29
N VAL VA 957 -137.63 5.00 -84.71
CA VAL VA 957 -136.38 5.21 -83.98
C VAL VA 957 -135.33 5.89 -84.86
N SER VA 958 -135.32 5.51 -86.14
CA SER VA 958 -134.40 6.00 -87.16
C SER VA 958 -132.93 5.72 -86.82
N ALA VA 959 -132.64 4.46 -86.42
CA ALA VA 959 -131.31 4.04 -86.01
C ALA VA 959 -130.55 3.25 -87.08
N ASP VA 960 -129.31 3.66 -87.35
CA ASP VA 960 -128.32 2.91 -88.15
C ASP VA 960 -127.33 2.13 -87.26
N ARG VA 961 -127.27 2.38 -85.94
CA ARG VA 961 -126.35 1.69 -85.04
C ARG VA 961 -127.01 1.15 -83.79
N ILE VA 962 -126.35 0.22 -83.12
CA ILE VA 962 -126.91 -0.51 -81.98
C ILE VA 962 -125.85 -0.92 -80.95
N VAL VA 963 -126.28 -1.16 -79.73
CA VAL VA 963 -125.57 -1.97 -78.75
C VAL VA 963 -126.63 -2.92 -78.17
N LEU VA 964 -126.64 -4.22 -78.51
CA LEU VA 964 -127.43 -5.15 -77.69
C LEU VA 964 -126.62 -5.43 -76.43
N MET VA 965 -127.00 -4.69 -75.40
CA MET VA 965 -126.62 -4.99 -74.04
C MET VA 965 -127.90 -4.92 -73.23
N SER VA 966 -128.60 -6.06 -73.20
CA SER VA 966 -129.49 -6.40 -72.11
C SER VA 966 -128.61 -6.96 -70.98
N THR VA 967 -129.15 -7.79 -70.10
CA THR VA 967 -128.36 -8.83 -69.41
C THR VA 967 -129.23 -10.07 -69.18
N TYR VA 968 -129.24 -10.99 -70.14
CA TYR VA 968 -129.87 -12.32 -70.01
C TYR VA 968 -129.02 -13.29 -69.18
N LEU VA 969 -128.97 -13.03 -67.86
CA LEU VA 969 -128.31 -13.87 -66.87
C LEU VA 969 -128.88 -15.30 -66.91
N THR VA 970 -128.05 -16.27 -67.30
CA THR VA 970 -128.48 -17.64 -67.66
C THR VA 970 -127.36 -18.67 -67.55
N PRO VA 971 -127.60 -19.83 -66.91
CA PRO VA 971 -126.84 -21.06 -67.17
C PRO VA 971 -127.26 -21.70 -68.50
N GLU VA 972 -126.41 -22.56 -69.09
CA GLU VA 972 -126.80 -23.38 -70.24
C GLU VA 972 -127.79 -24.50 -69.87
N ARG VA 973 -128.30 -25.27 -70.87
CA ARG VA 973 -129.55 -26.06 -70.78
C ARG VA 973 -130.78 -25.11 -70.64
N THR VA 974 -130.71 -24.21 -69.67
CA THR VA 974 -131.39 -22.92 -69.73
C THR VA 974 -130.69 -22.10 -70.82
N GLY VA 975 -131.24 -20.95 -71.22
CA GLY VA 975 -130.59 -20.17 -72.27
C GLY VA 975 -131.41 -18.98 -72.72
N CYS VA 976 -130.81 -18.17 -73.57
CA CYS VA 976 -131.47 -17.04 -74.19
C CYS VA 976 -130.87 -16.84 -75.57
N THR VA 977 -131.67 -17.14 -76.59
CA THR VA 977 -131.47 -16.56 -77.92
C THR VA 977 -132.06 -15.17 -77.97
N TRP VA 978 -131.48 -14.28 -78.78
CA TRP VA 978 -131.95 -12.90 -78.91
C TRP VA 978 -132.09 -12.54 -80.39
N GLU VA 979 -133.15 -11.82 -80.74
CA GLU VA 979 -133.60 -11.63 -82.11
C GLU VA 979 -134.23 -10.23 -82.29
N MET VA 980 -134.27 -9.72 -83.51
CA MET VA 980 -134.98 -8.50 -83.85
C MET VA 980 -135.82 -8.70 -85.11
N LYS VA 981 -136.79 -7.81 -85.32
CA LYS VA 981 -137.60 -7.67 -86.54
C LYS VA 981 -137.70 -6.16 -86.78
N LEU VA 982 -136.92 -5.63 -87.71
CA LEU VA 982 -136.80 -4.18 -87.88
C LEU VA 982 -137.51 -3.72 -89.17
N ILE VA 983 -138.53 -2.86 -89.05
CA ILE VA 983 -139.07 -2.10 -90.17
C ILE VA 983 -138.12 -0.95 -90.42
N LEU VA 984 -137.52 -0.87 -91.59
CA LEU VA 984 -136.56 0.17 -91.87
C LEU VA 984 -137.18 1.51 -92.29
N ASP VA 985 -136.54 2.64 -91.99
CA ASP VA 985 -136.92 3.93 -92.58
C ASP VA 985 -136.76 3.91 -94.11
N ASP VA 986 -135.92 3.00 -94.62
CA ASP VA 986 -135.70 2.75 -96.05
C ASP VA 986 -136.56 1.60 -96.63
N MET VA 987 -137.27 0.84 -95.78
CA MET VA 987 -138.34 -0.08 -96.20
C MET VA 987 -139.56 0.70 -96.73
N ALA VA 988 -140.50 0.00 -97.35
CA ALA VA 988 -141.78 0.61 -97.72
C ALA VA 988 -142.59 1.00 -96.47
N SER VA 989 -143.50 1.96 -96.62
CA SER VA 989 -144.45 2.35 -95.55
C SER VA 989 -145.28 1.18 -95.00
N SER VA 990 -145.45 0.12 -95.81
CA SER VA 990 -146.21 -1.11 -95.53
C SER VA 990 -145.44 -2.27 -94.88
N THR VA 991 -144.10 -2.23 -94.78
CA THR VA 991 -143.33 -3.40 -94.31
C THR VA 991 -143.52 -3.59 -92.81
N THR VA 992 -143.79 -4.81 -92.35
CA THR VA 992 -144.16 -5.12 -90.96
C THR VA 992 -143.56 -6.44 -90.46
N PHE VA 993 -143.60 -6.65 -89.14
CA PHE VA 993 -142.91 -7.74 -88.43
C PHE VA 993 -143.39 -9.16 -88.79
N ASP VA 994 -144.59 -9.32 -89.36
CA ASP VA 994 -145.06 -10.57 -89.99
C ASP VA 994 -144.33 -10.89 -91.32
N GLN VA 995 -143.71 -9.89 -91.93
CA GLN VA 995 -142.87 -9.98 -93.14
C GLN VA 995 -141.37 -10.11 -92.79
N LEU VA 996 -140.99 -9.60 -91.61
CA LEU VA 996 -139.64 -9.65 -91.02
C LEU VA 996 -139.38 -11.02 -90.39
N LYS VA 997 -138.12 -11.45 -90.37
CA LYS VA 997 -137.70 -12.70 -89.71
C LYS VA 997 -137.18 -12.40 -88.31
N TRP VA 998 -137.18 -13.36 -87.39
CA TRP VA 998 -136.47 -13.20 -86.10
C TRP VA 998 -134.96 -13.26 -86.31
N GLU VA 999 -134.43 -12.19 -86.89
CA GLU VA 999 -133.04 -11.92 -87.20
C GLU VA 999 -132.19 -11.94 -85.91
N PRO VA 1000 -131.32 -12.94 -85.70
CA PRO VA 1000 -130.68 -13.10 -84.39
C PRO VA 1000 -129.57 -12.08 -84.07
N ILE VA 1001 -129.21 -11.99 -82.79
CA ILE VA 1001 -128.26 -11.03 -82.18
C ILE VA 1001 -127.81 -11.53 -80.80
N GLY VA 1002 -126.70 -11.03 -80.24
CA GLY VA 1002 -126.18 -11.43 -78.91
C GLY VA 1002 -125.74 -10.27 -78.02
N ASN VA 1003 -125.20 -10.56 -76.83
CA ASN VA 1003 -124.77 -9.56 -75.84
C ASN VA 1003 -123.22 -9.47 -75.78
N TYR VA 1004 -122.69 -8.65 -74.88
CA TYR VA 1004 -121.29 -8.19 -74.92
C TYR VA 1004 -121.03 -7.48 -76.26
N GLN VA 1005 -122.00 -6.69 -76.74
CA GLN VA 1005 -122.20 -6.43 -78.17
C GLN VA 1005 -122.49 -4.96 -78.47
N ASP VA 1006 -121.45 -4.23 -78.88
CA ASP VA 1006 -121.58 -3.02 -79.71
C ASP VA 1006 -121.70 -3.43 -81.19
N LEU VA 1007 -122.53 -2.72 -81.96
CA LEU VA 1007 -123.17 -3.25 -83.16
C LEU VA 1007 -123.69 -2.19 -84.16
N ASP VA 1008 -124.07 -2.58 -85.37
CA ASP VA 1008 -124.68 -1.68 -86.37
C ASP VA 1008 -125.97 -2.28 -87.03
N VAL VA 1009 -127.00 -1.45 -87.23
CA VAL VA 1009 -128.31 -1.85 -87.77
C VAL VA 1009 -128.24 -2.18 -89.27
N LEU VA 1010 -127.45 -1.40 -90.03
CA LEU VA 1010 -127.45 -1.27 -91.50
C LEU VA 1010 -128.80 -0.87 -92.13
N GLY VA 1011 -128.70 0.00 -93.15
CA GLY VA 1011 -129.81 0.89 -93.46
C GLY VA 1011 -130.20 1.73 -92.22
N LEU VA 1012 -131.48 2.07 -92.09
CA LEU VA 1012 -132.02 2.72 -90.90
C LEU VA 1012 -133.24 1.96 -90.41
N ALA VA 1013 -133.29 1.61 -89.12
CA ALA VA 1013 -134.50 1.05 -88.54
C ALA VA 1013 -135.45 2.14 -88.07
N ARG VA 1014 -136.62 2.20 -88.72
CA ARG VA 1014 -137.72 3.01 -88.25
C ARG VA 1014 -138.36 2.25 -87.10
N GLN VA 1015 -139.08 1.18 -87.38
CA GLN VA 1015 -139.73 0.40 -86.34
C GLN VA 1015 -138.93 -0.85 -86.03
N VAL VA 1016 -139.15 -1.34 -84.83
CA VAL VA 1016 -138.16 -2.10 -84.08
C VAL VA 1016 -138.94 -3.03 -83.15
N LYS VA 1017 -139.48 -4.13 -83.69
CA LYS VA 1017 -139.97 -5.23 -82.85
C LYS VA 1017 -138.77 -6.08 -82.44
N LEU VA 1018 -138.74 -6.49 -81.19
CA LEU VA 1018 -137.57 -7.15 -80.63
C LEU VA 1018 -138.02 -8.44 -79.95
N ARG VA 1019 -137.09 -9.38 -79.77
CA ARG VA 1019 -137.38 -10.61 -79.05
C ARG VA 1019 -136.17 -11.18 -78.31
N ALA VA 1020 -136.45 -11.82 -77.20
CA ALA VA 1020 -135.62 -12.91 -76.71
C ALA VA 1020 -136.43 -14.20 -76.73
N THR VA 1021 -135.76 -15.33 -76.90
CA THR VA 1021 -136.40 -16.64 -76.86
C THR VA 1021 -135.52 -17.54 -76.00
N PHE VA 1022 -135.99 -17.77 -74.76
CA PHE VA 1022 -135.24 -18.55 -73.78
C PHE VA 1022 -135.23 -20.03 -74.08
N GLU VA 1023 -134.26 -20.70 -73.50
CA GLU VA 1023 -134.27 -22.11 -73.16
C GLU VA 1023 -134.37 -22.23 -71.64
N SER VA 1024 -134.84 -23.36 -71.15
CA SER VA 1024 -134.84 -23.70 -69.74
C SER VA 1024 -134.41 -25.15 -69.59
N ASN VA 1025 -133.75 -25.51 -68.50
CA ASN VA 1025 -133.92 -26.89 -68.05
C ASN VA 1025 -135.29 -26.93 -67.32
N ARG VA 1026 -135.73 -28.07 -66.80
CA ARG VA 1026 -137.05 -28.16 -66.17
C ARG VA 1026 -137.23 -27.18 -64.99
N TYR VA 1027 -136.16 -26.84 -64.27
CA TYR VA 1027 -136.20 -26.10 -63.00
C TYR VA 1027 -135.64 -24.68 -63.07
N ILE VA 1028 -134.97 -24.30 -64.18
CA ILE VA 1028 -134.21 -23.05 -64.33
C ILE VA 1028 -134.30 -22.55 -65.77
N SER VA 1029 -134.66 -21.29 -65.94
CA SER VA 1029 -134.54 -20.51 -67.18
C SER VA 1029 -133.49 -19.39 -66.96
N PRO VA 1030 -133.25 -18.43 -67.87
CA PRO VA 1030 -132.66 -17.16 -67.45
C PRO VA 1030 -133.44 -16.49 -66.32
N LEU VA 1031 -132.78 -15.56 -65.65
CA LEU VA 1031 -133.42 -14.45 -65.00
C LEU VA 1031 -132.80 -13.18 -65.63
N MET VA 1032 -133.25 -12.87 -66.85
CA MET VA 1032 -132.78 -11.72 -67.63
C MET VA 1032 -133.15 -10.41 -66.96
N SER VA 1033 -132.18 -9.55 -66.70
CA SER VA 1033 -132.43 -8.21 -66.20
C SER VA 1033 -133.27 -7.38 -67.15
N SER VA 1034 -134.46 -7.02 -66.68
CA SER VA 1034 -135.38 -6.05 -67.30
C SER VA 1034 -134.88 -4.61 -67.23
N SER VA 1035 -133.86 -4.29 -66.42
CA SER VA 1035 -133.33 -2.93 -66.29
C SER VA 1035 -132.05 -2.73 -67.10
N ASP VA 1036 -131.20 -3.75 -67.19
CA ASP VA 1036 -130.07 -3.80 -68.11
C ASP VA 1036 -130.54 -3.86 -69.56
N LEU VA 1037 -131.75 -4.36 -69.75
CA LEU VA 1037 -132.43 -4.57 -71.02
C LEU VA 1037 -132.26 -3.41 -71.98
N THR VA 1038 -131.28 -3.47 -72.89
CA THR VA 1038 -131.26 -2.61 -74.05
C THR VA 1038 -130.92 -3.27 -75.35
N PHE VA 1039 -131.67 -2.84 -76.36
CA PHE VA 1039 -131.24 -2.82 -77.74
C PHE VA 1039 -130.91 -1.36 -78.00
N THR VA 1040 -129.80 -0.88 -77.44
CA THR VA 1040 -129.42 0.55 -77.39
C THR VA 1040 -129.17 1.05 -78.80
N THR VA 1041 -130.24 1.48 -79.46
CA THR VA 1041 -130.22 2.03 -80.81
C THR VA 1041 -129.44 3.33 -80.89
N PHE VA 1042 -129.03 3.69 -82.10
CA PHE VA 1042 -128.32 4.93 -82.43
C PHE VA 1042 -128.62 5.42 -83.84
N LEU VA 1043 -128.72 6.73 -83.97
CA LEU VA 1043 -128.46 7.42 -85.23
C LEU VA 1043 -126.96 7.77 -85.27
N THR VA 1044 -126.38 7.85 -86.45
CA THR VA 1044 -125.06 8.48 -86.67
C THR VA 1044 -125.22 9.86 -87.30
N GLU VA 1045 -124.44 10.83 -86.84
CA GLU VA 1045 -124.41 12.17 -87.42
C GLU VA 1045 -123.90 12.09 -88.88
N LEU VA 1046 -124.45 12.86 -89.83
CA LEU VA 1046 -123.98 12.81 -91.23
C LEU VA 1046 -122.62 13.48 -91.44
N THR VA 1047 -122.15 14.26 -90.47
CA THR VA 1047 -120.90 15.03 -90.58
C THR VA 1047 -120.18 15.19 -89.24
N GLY VA 1048 -118.86 15.28 -89.33
CA GLY VA 1048 -117.97 15.65 -88.25
C GLY VA 1048 -116.61 15.97 -88.78
N SER VA 1049 -116.15 17.18 -88.53
CA SER VA 1049 -114.75 17.51 -88.66
C SER VA 1049 -113.99 16.91 -87.49
N TYR VA 1050 -113.35 15.75 -87.70
CA TYR VA 1050 -112.17 15.48 -86.90
C TYR VA 1050 -111.23 16.67 -87.15
N VAL VA 1051 -110.89 17.40 -86.09
CA VAL VA 1051 -109.84 18.42 -86.14
C VAL VA 1051 -108.75 17.92 -85.21
N GLY VA 1052 -107.50 17.88 -85.66
CA GLY VA 1052 -106.37 17.56 -84.80
C GLY VA 1052 -105.81 18.83 -84.18
N ARG VA 1053 -105.26 18.76 -82.97
CA ARG VA 1053 -104.87 19.95 -82.17
C ARG VA 1053 -103.88 20.86 -82.92
N ALA VA 1054 -103.98 22.17 -82.68
CA ALA VA 1054 -103.22 23.20 -83.36
C ALA VA 1054 -101.72 22.86 -83.33
N ILE VA 1055 -101.09 22.89 -84.51
CA ILE VA 1055 -99.66 22.65 -84.67
C ILE VA 1055 -99.03 23.99 -85.06
N ASP VA 1056 -98.76 24.83 -84.05
CA ASP VA 1056 -97.81 25.95 -84.25
C ASP VA 1056 -96.55 25.37 -84.86
N MET VA 1057 -96.00 26.09 -85.83
CA MET VA 1057 -94.83 25.70 -86.58
C MET VA 1057 -93.79 26.82 -86.66
N THR VA 1058 -93.99 27.90 -85.91
CA THR VA 1058 -93.04 29.00 -85.76
C THR VA 1058 -91.68 28.50 -85.22
N GLU VA 1059 -91.66 27.33 -84.58
CA GLU VA 1059 -90.46 26.60 -84.15
C GLU VA 1059 -89.57 26.10 -85.30
N ALA VA 1060 -90.17 25.81 -86.46
CA ALA VA 1060 -89.46 25.32 -87.63
C ALA VA 1060 -90.28 25.59 -88.90
N PRO VA 1061 -90.56 26.85 -89.28
CA PRO VA 1061 -91.57 27.18 -90.26
C PRO VA 1061 -91.38 26.36 -91.54
N TYR VA 1062 -92.44 25.66 -91.90
CA TYR VA 1062 -92.50 24.75 -93.02
C TYR VA 1062 -93.44 25.36 -94.06
N ASN VA 1063 -93.62 24.76 -95.23
CA ASN VA 1063 -94.81 25.04 -96.02
C ASN VA 1063 -95.32 23.85 -96.84
N THR VA 1064 -94.55 22.77 -96.99
CA THR VA 1064 -95.08 21.45 -97.33
C THR VA 1064 -95.85 20.83 -96.14
N VAL VA 1065 -97.16 20.68 -96.22
CA VAL VA 1065 -97.84 19.60 -95.49
C VAL VA 1065 -97.67 18.34 -96.35
N ARG VA 1066 -96.94 17.33 -95.89
CA ARG VA 1066 -97.11 15.94 -96.35
C ARG VA 1066 -97.99 15.21 -95.35
N PHE VA 1067 -99.26 15.53 -95.45
CA PHE VA 1067 -100.30 14.72 -94.86
C PHE VA 1067 -100.23 13.29 -95.42
N SER VA 1068 -100.60 12.32 -94.61
CA SER VA 1068 -101.11 11.05 -95.12
C SER VA 1068 -102.11 10.50 -94.12
N TYR VA 1069 -103.20 9.93 -94.58
CA TYR VA 1069 -104.21 9.25 -93.75
C TYR VA 1069 -104.71 8.00 -94.45
N GLU VA 1070 -105.32 7.07 -93.74
CA GLU VA 1070 -106.10 6.01 -94.37
C GLU VA 1070 -107.61 6.25 -94.20
N ALA VA 1071 -108.38 6.03 -95.26
CA ALA VA 1071 -109.81 5.87 -95.18
C ALA VA 1071 -110.31 4.79 -96.13
N PHE VA 1072 -111.26 4.00 -95.69
CA PHE VA 1072 -112.21 3.39 -96.61
C PHE VA 1072 -113.44 4.29 -96.67
N LEU VA 1073 -113.96 4.58 -97.86
CA LEU VA 1073 -115.09 5.53 -98.07
C LEU VA 1073 -116.29 4.80 -98.72
N PRO VA 1074 -117.23 4.24 -97.93
CA PRO VA 1074 -118.49 3.69 -98.41
C PRO VA 1074 -119.30 4.64 -99.32
N LYS VA 1075 -120.34 4.13 -100.01
CA LYS VA 1075 -121.20 4.91 -100.92
C LYS VA 1075 -121.67 6.24 -100.30
N GLY VA 1076 -121.54 7.35 -101.03
CA GLY VA 1076 -122.00 8.67 -100.57
C GLY VA 1076 -121.23 9.30 -99.38
N THR VA 1077 -120.27 8.60 -98.78
CA THR VA 1077 -119.36 9.15 -97.78
C THR VA 1077 -118.23 9.92 -98.42
N LYS VA 1078 -117.71 10.88 -97.66
CA LYS VA 1078 -116.50 11.61 -98.00
C LYS VA 1078 -115.70 11.86 -96.73
N VAL VA 1079 -114.43 12.12 -96.93
CA VAL VA 1079 -113.63 12.95 -96.05
C VAL VA 1079 -113.23 14.15 -96.89
N VAL VA 1080 -113.56 15.35 -96.43
CA VAL VA 1080 -112.92 16.56 -96.98
C VAL VA 1080 -111.73 16.86 -96.09
N PRO VA 1081 -110.51 16.45 -96.45
CA PRO VA 1081 -109.34 16.77 -95.67
C PRO VA 1081 -109.03 18.26 -95.85
N LYS VA 1082 -108.69 18.92 -94.75
CA LYS VA 1082 -108.56 20.37 -94.73
C LYS VA 1082 -107.39 20.79 -93.86
N TYR VA 1083 -106.96 22.00 -94.11
CA TYR VA 1083 -105.94 22.68 -93.35
C TYR VA 1083 -106.34 24.11 -93.01
N SER VA 1084 -106.06 24.47 -91.78
CA SER VA 1084 -105.78 25.83 -91.41
C SER VA 1084 -104.31 26.09 -91.73
N ALA VA 1085 -104.00 27.21 -92.38
CA ALA VA 1085 -102.64 27.70 -92.52
C ALA VA 1085 -102.25 28.66 -91.39
N ASP VA 1086 -102.90 28.54 -90.23
CA ASP VA 1086 -102.97 29.62 -89.23
C ASP VA 1086 -103.38 29.18 -87.79
N ASP VA 1087 -103.26 27.90 -87.42
CA ASP VA 1087 -103.66 27.33 -86.11
C ASP VA 1087 -105.20 27.40 -85.81
N GLY VA 1088 -106.01 26.97 -86.78
CA GLY VA 1088 -107.46 26.69 -86.69
C GLY VA 1088 -108.41 27.67 -87.38
N LYS VA 1089 -107.91 28.73 -88.04
CA LYS VA 1089 -108.73 29.91 -88.44
C LYS VA 1089 -109.34 29.76 -89.85
N THR VA 1090 -108.47 29.53 -90.84
CA THR VA 1090 -108.86 29.04 -92.18
C THR VA 1090 -109.12 27.55 -92.15
N TRP VA 1091 -109.90 27.06 -93.12
CA TRP VA 1091 -110.08 25.63 -93.35
C TRP VA 1091 -110.16 25.39 -94.87
N LYS VA 1092 -109.00 25.56 -95.52
CA LYS VA 1092 -108.76 25.22 -96.92
C LYS VA 1092 -108.88 23.72 -97.09
N THR VA 1093 -109.59 23.27 -98.11
CA THR VA 1093 -109.44 21.89 -98.56
C THR VA 1093 -108.07 21.72 -99.21
N PHE VA 1094 -107.43 20.56 -99.00
CA PHE VA 1094 -106.18 20.26 -99.71
C PHE VA 1094 -106.34 20.40 -101.22
N THR VA 1095 -105.44 21.20 -101.78
CA THR VA 1095 -105.41 21.66 -103.17
C THR VA 1095 -104.64 20.68 -104.10
N LYS VA 1096 -103.66 19.92 -103.57
CA LYS VA 1096 -102.96 18.80 -104.23
C LYS VA 1096 -103.72 17.48 -104.03
N SER VA 1097 -103.21 16.40 -104.63
CA SER VA 1097 -103.73 15.03 -104.50
C SER VA 1097 -103.62 14.47 -103.08
N PRO VA 1098 -104.72 14.06 -102.44
CA PRO VA 1098 -104.68 13.27 -101.22
C PRO VA 1098 -104.32 11.84 -101.62
N THR VA 1099 -103.07 11.64 -102.05
CA THR VA 1099 -102.65 10.60 -103.02
C THR VA 1099 -103.19 9.20 -102.66
N THR VA 1100 -104.24 8.80 -103.38
CA THR VA 1100 -105.18 7.72 -103.07
C THR VA 1100 -104.62 6.32 -103.34
N THR VA 1101 -103.39 6.04 -102.90
CA THR VA 1101 -102.75 4.70 -102.95
C THR VA 1101 -103.59 3.70 -102.14
N ARG VA 1102 -103.98 2.50 -102.63
CA ARG VA 1102 -104.72 1.58 -101.73
C ARG VA 1102 -103.83 1.16 -100.55
N ALA VA 1103 -104.33 1.29 -99.33
CA ALA VA 1103 -103.57 1.13 -98.09
C ALA VA 1103 -103.10 -0.33 -97.88
N ASN VA 1104 -104.05 -1.24 -98.01
CA ASN VA 1104 -103.99 -2.68 -97.77
C ASN VA 1104 -105.10 -3.34 -98.59
N ASN VA 1105 -105.45 -4.59 -98.29
CA ASN VA 1105 -106.65 -5.23 -98.80
C ASN VA 1105 -107.95 -4.73 -98.12
N GLU VA 1106 -108.04 -3.41 -97.88
CA GLU VA 1106 -109.27 -2.74 -97.43
C GLU VA 1106 -109.31 -1.23 -97.75
N PHE VA 1107 -108.64 -0.38 -96.96
CA PHE VA 1107 -108.72 1.09 -97.03
C PHE VA 1107 -107.94 1.63 -98.23
N THR VA 1108 -108.24 2.86 -98.63
CA THR VA 1108 -107.28 3.70 -99.35
C THR VA 1108 -106.43 4.47 -98.35
N ARG VA 1109 -105.20 4.79 -98.73
CA ARG VA 1109 -104.30 5.74 -98.06
C ARG VA 1109 -104.14 6.95 -98.97
N TYR VA 1110 -103.95 8.10 -98.37
CA TYR VA 1110 -104.18 9.40 -98.98
C TYR VA 1110 -103.01 10.33 -98.69
N VAL VA 1111 -101.86 10.11 -99.31
CA VAL VA 1111 -100.66 10.96 -99.11
C VAL VA 1111 -100.90 12.35 -99.69
N ILE VA 1112 -101.59 13.22 -98.97
CA ILE VA 1112 -101.75 14.62 -99.34
C ILE VA 1112 -100.41 15.34 -99.16
N ASP VA 1113 -99.63 15.48 -100.23
CA ASP VA 1113 -98.33 16.18 -100.20
C ASP VA 1113 -98.44 17.52 -100.96
N GLU VA 1114 -98.25 18.63 -100.24
CA GLU VA 1114 -98.80 19.94 -100.60
C GLU VA 1114 -98.04 21.12 -99.97
N LYS VA 1115 -97.57 22.07 -100.80
CA LYS VA 1115 -97.09 23.39 -100.32
C LYS VA 1115 -98.23 24.30 -99.82
N VAL VA 1116 -98.92 23.89 -98.74
CA VAL VA 1116 -100.08 24.60 -98.16
C VAL VA 1116 -99.81 26.07 -97.92
N LYS VA 1117 -98.55 26.44 -97.66
CA LYS VA 1117 -98.12 27.85 -97.56
C LYS VA 1117 -97.04 28.21 -98.57
N SER VA 1118 -97.35 28.00 -99.83
CA SER VA 1118 -96.79 28.76 -100.96
C SER VA 1118 -96.74 30.28 -100.71
N SER VA 1119 -97.70 30.80 -99.94
CA SER VA 1119 -97.76 32.14 -99.35
C SER VA 1119 -96.76 32.37 -98.20
N GLY VA 1120 -95.46 32.28 -98.49
CA GLY VA 1120 -94.38 32.51 -97.51
C GLY VA 1120 -93.96 31.22 -96.82
N THR VA 1121 -94.05 31.17 -95.49
CA THR VA 1121 -93.89 29.91 -94.73
C THR VA 1121 -95.04 29.75 -93.73
N ASN VA 1122 -95.55 28.53 -93.60
CA ASN VA 1122 -96.37 28.11 -92.48
C ASN VA 1122 -95.52 27.94 -91.21
N THR VA 1123 -95.41 29.05 -90.52
CA THR VA 1123 -95.23 29.14 -89.08
C THR VA 1123 -96.41 28.53 -88.31
N LYS VA 1124 -97.44 28.02 -89.00
CA LYS VA 1124 -98.72 27.66 -88.41
C LYS VA 1124 -99.36 26.47 -89.13
N LEU VA 1125 -100.28 25.78 -88.46
CA LEU VA 1125 -101.07 24.70 -89.05
C LEU VA 1125 -102.19 24.31 -88.08
N GLN VA 1126 -103.33 23.96 -88.65
CA GLN VA 1126 -104.20 23.01 -87.99
C GLN VA 1126 -104.75 22.03 -89.01
N VAL VA 1127 -104.94 20.77 -88.60
CA VAL VA 1127 -105.23 19.64 -89.48
C VAL VA 1127 -106.65 19.15 -89.26
N ARG VA 1128 -107.32 18.71 -90.33
CA ARG VA 1128 -108.76 18.40 -90.30
C ARG VA 1128 -109.15 17.35 -91.34
N LEU VA 1129 -110.18 16.59 -90.99
CA LEU VA 1129 -110.86 15.62 -91.84
C LEU VA 1129 -112.35 15.79 -91.60
N ASP VA 1130 -113.05 16.43 -92.54
CA ASP VA 1130 -114.52 16.50 -92.53
C ASP VA 1130 -115.13 15.20 -93.01
N LEU VA 1131 -115.16 14.24 -92.10
CA LEU VA 1131 -115.96 13.05 -92.26
C LEU VA 1131 -117.39 13.53 -92.57
N SER VA 1132 -117.97 13.04 -93.64
CA SER VA 1132 -119.27 13.49 -94.13
C SER VA 1132 -119.94 12.40 -94.97
N THR VA 1133 -121.26 12.46 -95.12
CA THR VA 1133 -122.02 11.43 -95.86
C THR VA 1133 -123.41 11.88 -96.29
N GLU VA 1134 -124.06 11.13 -97.17
CA GLU VA 1134 -125.47 11.28 -97.57
C GLU VA 1134 -126.48 10.61 -96.63
N ASN VA 1135 -126.08 9.59 -95.86
CA ASN VA 1135 -126.93 8.94 -94.88
C ASN VA 1135 -126.10 8.34 -93.74
N SER VA 1136 -126.71 8.15 -92.57
CA SER VA 1136 -125.98 7.87 -91.33
C SER VA 1136 -125.36 6.46 -91.25
N PHE VA 1137 -125.90 5.50 -92.00
CA PHE VA 1137 -125.38 4.13 -92.06
C PHE VA 1137 -124.15 4.01 -92.97
N LEU VA 1138 -124.04 4.83 -94.01
CA LEU VA 1138 -122.83 4.95 -94.81
C LEU VA 1138 -121.89 5.97 -94.16
N ARG VA 1139 -120.73 5.57 -93.64
CA ARG VA 1139 -119.83 6.49 -92.93
C ARG VA 1139 -118.42 6.34 -93.46
N PRO VA 1140 -117.67 7.43 -93.60
CA PRO VA 1140 -116.25 7.33 -93.92
C PRO VA 1140 -115.54 6.61 -92.76
N ARG VA 1141 -114.77 5.55 -93.05
CA ARG VA 1141 -114.06 4.74 -92.08
C ARG VA 1141 -112.60 5.17 -92.14
N VAL VA 1142 -112.04 5.78 -91.10
CA VAL VA 1142 -110.72 6.48 -91.13
C VAL VA 1142 -109.72 5.90 -90.12
N ARG VA 1143 -108.42 5.90 -90.42
CA ARG VA 1143 -107.35 5.42 -89.52
C ARG VA 1143 -105.99 5.98 -89.94
N ARG VA 1144 -104.96 5.80 -89.11
CA ARG VA 1144 -103.53 6.07 -89.41
C ARG VA 1144 -103.27 7.46 -90.07
N LEU VA 1145 -103.62 8.54 -89.36
CA LEU VA 1145 -103.37 9.92 -89.78
C LEU VA 1145 -101.96 10.39 -89.36
N MET VA 1146 -101.25 11.11 -90.25
CA MET VA 1146 -100.11 11.99 -89.96
C MET VA 1146 -100.04 13.24 -90.84
N VAL VA 1147 -99.30 14.24 -90.39
CA VAL VA 1147 -98.62 15.21 -91.25
C VAL VA 1147 -97.14 15.21 -90.93
N THR VA 1148 -96.27 14.79 -91.87
CA THR VA 1148 -94.88 15.28 -91.88
C THR VA 1148 -94.85 16.67 -92.52
N THR VA 1149 -93.90 17.53 -92.16
CA THR VA 1149 -93.83 18.88 -92.73
C THR VA 1149 -92.43 19.25 -93.18
N ARG VA 1150 -92.28 19.83 -94.37
CA ARG VA 1150 -91.03 20.37 -94.94
C ARG VA 1150 -91.15 21.85 -95.29
N ASP VA 1151 -90.06 22.61 -95.28
CA ASP VA 1151 -90.06 23.99 -95.84
C ASP VA 1151 -89.46 24.03 -97.23
N GLU VA 1152 -90.10 24.78 -98.14
CA GLU VA 1152 -89.82 24.80 -99.58
C GLU VA 1152 -90.32 26.06 -100.35
N ILE WA 3 -119.08 -39.62 -2.45
CA ILE WA 3 -119.74 -40.94 -2.21
C ILE WA 3 -118.74 -42.08 -2.59
N ASN WA 4 -118.81 -43.29 -2.00
CA ASN WA 4 -117.99 -44.45 -2.37
C ASN WA 4 -118.66 -45.81 -2.07
N PHE WA 5 -118.92 -46.62 -3.11
CA PHE WA 5 -119.54 -47.96 -3.05
C PHE WA 5 -118.52 -49.08 -2.79
N LYS WA 6 -117.21 -48.81 -2.71
CA LYS WA 6 -116.24 -49.79 -2.16
C LYS WA 6 -116.44 -50.01 -0.66
N GLY WA 7 -117.08 -49.06 0.04
CA GLY WA 7 -117.57 -49.21 1.40
C GLY WA 7 -118.73 -50.19 1.53
N SER WA 8 -119.02 -50.64 2.75
CA SER WA 8 -120.09 -51.60 3.04
C SER WA 8 -121.51 -51.00 2.92
N PRO WA 9 -122.55 -51.77 2.54
CA PRO WA 9 -122.54 -53.18 2.12
C PRO WA 9 -122.14 -53.37 0.66
N TYR WA 10 -122.19 -52.31 -0.13
CA TYR WA 10 -122.06 -52.24 -1.60
C TYR WA 10 -120.73 -52.78 -2.15
N LEU WA 11 -119.68 -52.71 -1.33
CA LEU WA 11 -118.33 -53.31 -1.39
C LEU WA 11 -117.46 -53.13 -2.65
N ASP WA 12 -118.02 -53.06 -3.86
CA ASP WA 12 -117.41 -52.64 -5.12
C ASP WA 12 -115.88 -52.96 -5.24
N ARG WA 13 -115.48 -54.24 -5.20
CA ARG WA 13 -114.05 -54.66 -5.23
C ARG WA 13 -113.48 -54.76 -6.65
N PHE WA 14 -114.07 -54.00 -7.56
CA PHE WA 14 -113.55 -53.75 -8.90
C PHE WA 14 -112.11 -53.17 -8.86
N ASP WA 15 -111.34 -53.47 -9.90
CA ASP WA 15 -109.96 -53.05 -10.09
C ASP WA 15 -109.74 -52.62 -11.56
N PRO WA 16 -109.72 -51.30 -11.84
CA PRO WA 16 -109.45 -50.80 -13.19
C PRO WA 16 -107.98 -51.02 -13.61
N SER WA 17 -107.06 -51.00 -12.66
CA SER WA 17 -105.63 -51.13 -12.92
C SER WA 17 -105.27 -52.52 -13.41
N LYS WA 18 -105.99 -53.55 -12.94
CA LYS WA 18 -105.95 -54.91 -13.51
C LYS WA 18 -106.64 -55.05 -14.87
N ASP WA 19 -107.38 -54.05 -15.34
CA ASP WA 19 -108.46 -54.24 -16.32
C ASP WA 19 -109.33 -55.44 -15.96
N ARG WA 20 -109.98 -55.42 -14.78
CA ARG WA 20 -111.09 -56.35 -14.54
C ARG WA 20 -112.16 -56.08 -15.60
N THR WA 21 -112.52 -57.06 -16.41
CA THR WA 21 -113.23 -56.86 -17.68
C THR WA 21 -114.65 -57.36 -17.75
N LYS WA 22 -115.05 -58.37 -16.97
CA LYS WA 22 -116.43 -58.90 -17.04
C LYS WA 22 -116.91 -59.48 -15.74
N VAL WA 23 -118.21 -59.49 -15.45
CA VAL WA 23 -118.76 -60.17 -14.27
C VAL WA 23 -119.47 -61.46 -14.66
N LEU WA 24 -119.12 -62.51 -13.94
CA LEU WA 24 -119.47 -63.89 -14.19
C LEU WA 24 -120.32 -64.42 -13.03
N PHE WA 25 -121.53 -63.88 -12.90
CA PHE WA 25 -122.50 -64.21 -11.84
C PHE WA 25 -122.79 -65.72 -11.73
N ASN WA 26 -123.10 -66.22 -10.53
CA ASN WA 26 -123.20 -67.67 -10.22
C ASN WA 26 -124.62 -68.03 -9.72
N PRO WA 27 -125.11 -69.27 -9.92
CA PRO WA 27 -126.56 -69.59 -10.04
C PRO WA 27 -127.43 -69.62 -8.75
N ASP WA 28 -128.70 -69.18 -8.84
CA ASP WA 28 -129.78 -69.14 -7.82
C ASP WA 28 -129.33 -68.69 -6.41
N ARG WA 29 -128.58 -67.60 -6.36
CA ARG WA 29 -127.60 -67.44 -5.27
C ARG WA 29 -128.01 -66.44 -4.19
N PRO WA 30 -128.02 -66.84 -2.90
CA PRO WA 30 -127.78 -65.92 -1.79
C PRO WA 30 -126.49 -65.14 -2.07
N LEU WA 31 -126.67 -63.85 -2.33
CA LEU WA 31 -125.76 -63.01 -3.09
C LEU WA 31 -125.16 -61.93 -2.21
N GLN WA 32 -123.83 -61.84 -2.18
CA GLN WA 32 -123.15 -60.61 -1.79
C GLN WA 32 -123.51 -59.48 -2.77
N GLN WA 33 -124.38 -58.54 -2.40
CA GLN WA 33 -124.65 -57.39 -3.27
C GLN WA 33 -123.39 -56.52 -3.51
N ALA WA 34 -122.34 -56.80 -2.72
CA ALA WA 34 -120.93 -56.48 -2.92
C ALA WA 34 -120.44 -56.59 -4.40
N GLU WA 35 -120.90 -57.60 -5.15
CA GLU WA 35 -120.50 -57.78 -6.55
C GLU WA 35 -121.02 -56.66 -7.48
N LEU WA 36 -122.15 -56.08 -7.12
CA LEU WA 36 -123.08 -55.50 -8.10
C LEU WA 36 -122.70 -54.09 -8.50
N ASN WA 37 -122.38 -53.26 -7.50
CA ASN WA 37 -121.75 -51.94 -7.68
C ASN WA 37 -120.50 -52.12 -8.55
N GLU WA 38 -119.70 -53.15 -8.23
CA GLU WA 38 -118.50 -53.59 -8.94
C GLU WA 38 -118.75 -54.05 -10.38
N MET WA 39 -119.93 -54.59 -10.75
CA MET WA 39 -120.27 -54.79 -12.15
C MET WA 39 -120.36 -53.46 -12.90
N GLN WA 40 -121.23 -52.54 -12.45
CA GLN WA 40 -121.34 -51.26 -13.14
C GLN WA 40 -120.03 -50.48 -13.09
N SER WA 41 -119.20 -50.73 -12.06
CA SER WA 41 -117.86 -50.19 -11.86
C SER WA 41 -116.87 -50.65 -12.93
N ILE WA 42 -116.89 -51.94 -13.25
CA ILE WA 42 -116.19 -52.51 -14.41
C ILE WA 42 -116.59 -51.75 -15.67
N ASP WA 43 -117.90 -51.60 -15.94
CA ASP WA 43 -118.39 -50.84 -17.10
C ASP WA 43 -117.96 -49.36 -17.05
N GLN WA 44 -118.08 -48.73 -15.88
CA GLN WA 44 -117.81 -47.31 -15.64
C GLN WA 44 -116.36 -46.92 -15.91
N TYR WA 45 -115.38 -47.78 -15.60
CA TYR WA 45 -114.00 -47.54 -16.04
C TYR WA 45 -113.95 -47.41 -17.55
N TYR WA 46 -114.36 -48.42 -18.30
CA TYR WA 46 -114.20 -48.38 -19.75
C TYR WA 46 -115.04 -47.28 -20.43
N LEU WA 47 -116.25 -47.03 -19.93
CA LEU WA 47 -117.07 -45.90 -20.36
C LEU WA 47 -116.37 -44.56 -20.09
N LYS WA 48 -115.95 -44.35 -18.83
CA LYS WA 48 -115.27 -43.13 -18.39
C LYS WA 48 -114.05 -42.87 -19.26
N ASN WA 49 -113.24 -43.91 -19.49
CA ASN WA 49 -112.08 -43.86 -20.36
C ASN WA 49 -112.47 -43.37 -21.77
N LEU WA 50 -113.48 -44.00 -22.37
CA LEU WA 50 -113.92 -43.61 -23.72
C LEU WA 50 -114.48 -42.18 -23.78
N GLY WA 51 -114.85 -41.57 -22.65
CA GLY WA 51 -115.02 -40.12 -22.55
C GLY WA 51 -113.71 -39.37 -22.32
N ASP WA 52 -113.04 -39.60 -21.19
CA ASP WA 52 -112.00 -38.72 -20.65
C ASP WA 52 -110.69 -38.72 -21.46
N ALA WA 53 -110.47 -39.70 -22.32
CA ALA WA 53 -109.36 -39.63 -23.27
C ALA WA 53 -109.66 -38.65 -24.44
N ILE WA 54 -110.94 -38.31 -24.64
CA ILE WA 54 -111.45 -37.63 -25.84
C ILE WA 54 -111.89 -36.18 -25.55
N PHE WA 55 -112.45 -35.92 -24.36
CA PHE WA 55 -113.15 -34.66 -24.05
C PHE WA 55 -112.70 -33.93 -22.76
N LYS WA 56 -112.91 -32.60 -22.76
CA LYS WA 56 -112.73 -31.63 -21.67
C LYS WA 56 -114.10 -31.29 -21.05
N ASP WA 57 -114.18 -31.20 -19.73
CA ASP WA 57 -115.44 -30.80 -19.06
C ASP WA 57 -115.79 -29.35 -19.47
N GLY WA 58 -116.96 -29.16 -20.09
CA GLY WA 58 -117.36 -27.92 -20.78
C GLY WA 58 -117.23 -27.97 -22.31
N ASP WA 59 -116.83 -29.09 -22.91
CA ASP WA 59 -116.97 -29.32 -24.35
C ASP WA 59 -118.46 -29.34 -24.75
N LYS WA 60 -118.94 -28.27 -25.39
CA LYS WA 60 -120.31 -28.11 -25.90
C LYS WA 60 -120.55 -29.03 -27.10
N GLN WA 61 -121.70 -29.68 -27.18
CA GLN WA 61 -122.01 -30.68 -28.20
C GLN WA 61 -123.28 -30.40 -29.01
N SER WA 62 -124.20 -29.58 -28.48
CA SER WA 62 -125.42 -29.15 -29.18
C SER WA 62 -125.93 -27.83 -28.61
N GLY WA 63 -126.93 -27.23 -29.26
CA GLY WA 63 -127.94 -26.34 -28.65
C GLY WA 63 -127.48 -24.96 -28.20
N LEU WA 64 -126.28 -24.82 -27.63
CA LEU WA 64 -125.84 -23.74 -26.74
C LEU WA 64 -125.54 -22.37 -27.40
N GLY WA 65 -126.48 -21.89 -28.23
CA GLY WA 65 -126.65 -20.46 -28.50
C GLY WA 65 -127.10 -19.72 -27.23
N PHE WA 66 -127.37 -18.43 -27.26
CA PHE WA 66 -127.59 -17.71 -25.98
C PHE WA 66 -128.40 -16.43 -26.06
N THR WA 67 -128.89 -16.02 -24.89
CA THR WA 67 -129.31 -14.66 -24.57
C THR WA 67 -128.46 -14.22 -23.39
N LEU WA 68 -127.84 -13.05 -23.43
CA LEU WA 68 -127.43 -12.42 -22.18
C LEU WA 68 -128.64 -11.65 -21.62
N SER WA 69 -129.18 -12.06 -20.46
CA SER WA 69 -130.14 -11.20 -19.74
C SER WA 69 -129.42 -9.92 -19.36
N GLU WA 70 -130.11 -8.80 -19.44
CA GLU WA 70 -129.49 -7.50 -19.72
C GLU WA 70 -129.12 -6.74 -18.44
N ASP WA 71 -129.53 -7.28 -17.29
CA ASP WA 71 -128.88 -7.16 -15.99
C ASP WA 71 -127.52 -7.87 -15.90
N ASN WA 72 -127.14 -8.58 -16.96
CA ASN WA 72 -126.03 -9.51 -17.14
C ASN WA 72 -126.28 -10.96 -16.65
N VAL WA 73 -127.51 -11.43 -16.43
CA VAL WA 73 -127.77 -12.87 -16.20
C VAL WA 73 -127.67 -13.69 -17.49
N LEU WA 74 -126.50 -14.27 -17.80
CA LEU WA 74 -126.35 -15.06 -19.02
C LEU WA 74 -127.28 -16.25 -19.00
N THR WA 75 -128.06 -16.35 -20.06
CA THR WA 75 -129.04 -17.41 -20.29
C THR WA 75 -128.62 -18.13 -21.57
N VAL WA 76 -127.65 -19.04 -21.46
CA VAL WA 76 -127.29 -19.89 -22.60
C VAL WA 76 -128.49 -20.79 -22.90
N ASN WA 77 -128.97 -20.71 -24.14
CA ASN WA 77 -130.14 -21.42 -24.66
C ASN WA 77 -129.76 -22.91 -24.78
N PRO WA 78 -130.32 -23.82 -23.97
CA PRO WA 78 -129.66 -25.09 -23.61
C PRO WA 78 -129.25 -26.05 -24.73
N GLY WA 79 -128.35 -26.97 -24.38
CA GLY WA 79 -127.81 -28.00 -25.26
C GLY WA 79 -126.82 -28.95 -24.57
N TYR WA 80 -126.31 -29.95 -25.30
CA TYR WA 80 -125.37 -30.95 -24.78
C TYR WA 80 -124.00 -30.39 -24.40
N VAL WA 81 -123.37 -31.04 -23.44
CA VAL WA 81 -122.04 -30.75 -22.91
C VAL WA 81 -121.30 -32.04 -22.53
N TYR WA 82 -119.99 -31.98 -22.38
CA TYR WA 82 -119.22 -32.97 -21.65
C TYR WA 82 -118.99 -32.56 -20.19
N ILE WA 83 -119.03 -33.54 -19.28
CA ILE WA 83 -118.40 -33.48 -17.97
C ILE WA 83 -117.74 -34.85 -17.75
N ASN WA 84 -116.83 -35.01 -16.78
CA ASN WA 84 -115.98 -36.19 -16.64
C ASN WA 84 -116.68 -37.55 -16.89
N GLY WA 85 -115.98 -38.42 -17.59
CA GLY WA 85 -116.44 -39.70 -18.15
C GLY WA 85 -117.39 -39.62 -19.36
N LYS WA 86 -118.26 -38.59 -19.50
CA LYS WA 86 -119.45 -38.69 -20.36
C LYS WA 86 -119.99 -37.38 -20.98
N ILE WA 87 -120.48 -37.49 -22.22
CA ILE WA 87 -121.38 -36.51 -22.88
C ILE WA 87 -122.82 -36.65 -22.33
N ARG WA 88 -123.43 -35.52 -22.02
CA ARG WA 88 -124.70 -35.39 -21.29
C ARG WA 88 -125.42 -34.16 -21.82
N TYR WA 89 -126.75 -34.16 -21.82
CA TYR WA 89 -127.44 -32.89 -22.07
C TYR WA 89 -127.08 -31.93 -20.92
N TYR WA 90 -126.64 -30.68 -21.17
CA TYR WA 90 -126.51 -29.80 -20.01
C TYR WA 90 -127.93 -29.55 -19.47
N ASP WA 91 -128.12 -29.81 -18.18
CA ASP WA 91 -129.41 -30.11 -17.58
C ASP WA 91 -130.43 -28.95 -17.66
N ASN WA 92 -129.94 -27.74 -17.90
CA ASN WA 92 -130.60 -26.48 -17.62
C ASN WA 92 -130.13 -25.38 -18.60
N ASP WA 93 -130.73 -24.19 -18.53
CA ASP WA 93 -130.02 -22.95 -18.89
C ASP WA 93 -129.19 -22.49 -17.65
N ASP WA 94 -129.77 -22.65 -16.46
CA ASP WA 94 -129.29 -22.26 -15.12
C ASP WA 94 -128.75 -20.83 -15.10
N SER WA 95 -129.53 -19.90 -15.63
CA SER WA 95 -129.02 -18.57 -15.94
C SER WA 95 -128.62 -17.81 -14.67
N VAL WA 96 -127.35 -17.39 -14.62
CA VAL WA 96 -126.76 -16.68 -13.48
C VAL WA 96 -126.06 -15.41 -13.92
N LYS WA 97 -125.94 -14.47 -12.99
CA LYS WA 97 -125.29 -13.18 -13.21
C LYS WA 97 -123.84 -13.43 -13.66
N ILE WA 98 -123.53 -13.02 -14.88
CA ILE WA 98 -122.17 -12.62 -15.27
C ILE WA 98 -122.01 -11.13 -14.90
N THR WA 99 -120.81 -10.67 -14.61
CA THR WA 99 -120.57 -9.25 -14.25
C THR WA 99 -120.70 -8.28 -15.43
N GLY WA 100 -120.61 -8.80 -16.66
CA GLY WA 100 -120.51 -7.98 -17.87
C GLY WA 100 -119.22 -7.17 -17.97
N VAL WA 101 -118.17 -7.47 -17.19
CA VAL WA 101 -116.85 -6.83 -17.25
C VAL WA 101 -115.72 -7.85 -17.11
N GLY WA 102 -114.64 -7.76 -17.90
CA GLY WA 102 -113.55 -8.74 -17.89
C GLY WA 102 -113.94 -10.14 -18.38
N LYS WA 103 -113.05 -11.13 -18.29
CA LYS WA 103 -113.23 -12.49 -18.88
C LYS WA 103 -114.17 -13.36 -18.03
N GLU WA 104 -115.49 -13.25 -18.25
CA GLU WA 104 -116.49 -14.00 -17.47
C GLU WA 104 -116.48 -15.52 -17.75
N THR WA 105 -115.68 -16.34 -17.04
CA THR WA 105 -115.51 -17.78 -17.34
C THR WA 105 -116.74 -18.61 -16.98
N ILE WA 106 -117.62 -18.87 -17.94
CA ILE WA 106 -118.85 -19.64 -17.74
C ILE WA 106 -118.49 -21.12 -17.68
N GLY WA 107 -118.86 -21.85 -16.63
CA GLY WA 107 -118.57 -23.28 -16.55
C GLY WA 107 -119.32 -24.08 -15.49
N ILE WA 108 -119.55 -25.35 -15.78
CA ILE WA 108 -120.57 -26.22 -15.16
C ILE WA 108 -120.00 -27.10 -14.02
N LYS WA 109 -120.90 -27.72 -13.25
CA LYS WA 109 -120.69 -28.55 -12.06
C LYS WA 109 -121.82 -29.59 -11.90
N LEU WA 110 -121.59 -30.67 -11.17
CA LEU WA 110 -122.64 -31.62 -10.78
C LEU WA 110 -122.45 -32.18 -9.36
N THR WA 111 -123.51 -32.74 -8.74
CA THR WA 111 -123.64 -32.72 -7.27
C THR WA 111 -124.26 -34.00 -6.67
N GLU WA 112 -123.51 -34.84 -5.93
CA GLU WA 112 -123.88 -36.21 -5.48
C GLU WA 112 -124.92 -36.33 -4.33
N ARG WA 113 -125.73 -37.40 -4.37
CA ARG WA 113 -126.75 -37.79 -3.38
C ARG WA 113 -126.93 -39.32 -3.37
N ILE WA 114 -127.38 -39.90 -2.25
CA ILE WA 114 -127.94 -41.26 -2.20
C ILE WA 114 -129.47 -41.22 -2.08
N VAL WA 115 -130.12 -42.15 -2.79
CA VAL WA 115 -131.54 -42.49 -2.67
C VAL WA 115 -131.64 -43.82 -1.92
N THR WA 116 -132.24 -43.85 -0.74
CA THR WA 116 -132.53 -45.08 0.00
C THR WA 116 -133.87 -45.70 -0.43
N PRO WA 117 -134.24 -46.89 0.10
CA PRO WA 117 -135.62 -47.40 0.18
C PRO WA 117 -136.67 -46.48 0.83
N ASP WA 118 -136.32 -45.22 1.07
CA ASP WA 118 -137.05 -44.24 1.86
C ASP WA 118 -136.94 -42.83 1.25
N GLU WA 119 -135.98 -42.54 0.37
CA GLU WA 119 -136.20 -41.52 -0.66
C GLU WA 119 -137.08 -42.08 -1.80
N ASP WA 120 -136.91 -43.36 -2.16
CA ASP WA 120 -137.88 -44.09 -2.98
C ASP WA 120 -138.52 -45.22 -2.15
N ALA WA 121 -139.83 -45.19 -1.89
CA ALA WA 121 -140.53 -46.31 -1.24
C ALA WA 121 -140.50 -47.59 -2.09
N SER WA 122 -140.32 -47.47 -3.41
CA SER WA 122 -140.18 -48.59 -4.36
C SER WA 122 -138.99 -49.55 -4.12
N LEU WA 123 -138.01 -49.20 -3.27
CA LEU WA 123 -136.87 -50.09 -2.94
C LEU WA 123 -137.14 -50.94 -1.68
N LEU WA 124 -138.42 -51.01 -1.29
CA LEU WA 124 -138.96 -51.94 -0.32
C LEU WA 124 -139.62 -53.16 -1.01
N ASP WA 125 -139.95 -54.21 -0.25
CA ASP WA 125 -140.08 -55.60 -0.73
C ASP WA 125 -141.07 -55.91 -1.88
N GLN WA 126 -140.78 -56.96 -2.67
CA GLN WA 126 -141.83 -57.68 -3.41
C GLN WA 126 -141.72 -59.22 -3.38
N THR WA 127 -141.08 -59.89 -2.42
CA THR WA 127 -141.55 -61.24 -2.09
C THR WA 127 -143.01 -61.22 -1.61
N SER WA 128 -143.51 -60.08 -1.12
CA SER WA 128 -144.94 -59.76 -1.12
C SER WA 128 -145.32 -58.35 -1.60
N GLY WA 129 -145.06 -57.32 -0.79
CA GLY WA 129 -145.55 -55.98 -1.07
C GLY WA 129 -144.75 -54.88 -0.38
N VAL WA 130 -144.82 -53.67 -0.95
CA VAL WA 130 -143.74 -52.68 -0.90
C VAL WA 130 -143.59 -51.95 0.46
N PRO WA 131 -144.38 -50.90 0.77
CA PRO WA 131 -144.03 -49.99 1.86
C PRO WA 131 -144.25 -50.60 3.26
N SER WA 132 -143.17 -50.77 4.03
CA SER WA 132 -143.22 -51.22 5.43
C SER WA 132 -141.89 -51.02 6.15
N TYR WA 133 -141.91 -51.38 7.43
CA TYR WA 133 -140.74 -51.81 8.18
C TYR WA 133 -140.11 -53.09 7.59
N PHE WA 134 -138.79 -53.27 7.76
CA PHE WA 134 -138.08 -54.56 7.67
C PHE WA 134 -138.19 -55.30 6.31
N SER WA 135 -137.99 -54.57 5.21
CA SER WA 135 -138.41 -54.98 3.87
C SER WA 135 -137.52 -54.42 2.76
N LYS WA 136 -136.20 -54.34 2.96
CA LYS WA 136 -135.33 -53.40 2.23
C LYS WA 136 -134.36 -54.03 1.20
N GLY WA 137 -134.30 -53.41 0.02
CA GLY WA 137 -133.54 -53.85 -1.16
C GLY WA 137 -132.66 -52.75 -1.75
N ALA WA 138 -132.94 -52.25 -2.97
CA ALA WA 138 -132.08 -51.30 -3.69
C ALA WA 138 -131.82 -49.93 -3.01
N ASP WA 139 -130.92 -49.14 -3.60
CA ASP WA 139 -130.55 -47.73 -3.32
C ASP WA 139 -130.09 -47.08 -4.65
N ARG WA 140 -129.74 -45.77 -4.70
CA ARG WA 140 -129.06 -45.13 -5.88
C ARG WA 140 -127.93 -44.18 -5.50
N LEU WA 141 -127.10 -43.83 -6.48
CA LEU WA 141 -126.36 -42.55 -6.57
C LEU WA 141 -127.10 -41.63 -7.55
N GLU WA 142 -127.22 -40.34 -7.21
CA GLU WA 142 -127.81 -39.32 -8.08
C GLU WA 142 -127.01 -38.00 -8.01
N GLU WA 143 -126.80 -37.29 -9.12
CA GLU WA 143 -125.67 -36.34 -9.27
C GLU WA 143 -126.02 -35.05 -10.04
N LYS WA 144 -126.80 -34.13 -9.45
CA LYS WA 144 -127.44 -33.01 -10.18
C LYS WA 144 -126.48 -31.98 -10.79
N MET WA 145 -126.62 -31.72 -12.08
CA MET WA 145 -125.91 -30.67 -12.83
C MET WA 145 -126.32 -29.25 -12.41
N SER WA 146 -125.48 -28.29 -12.77
CA SER WA 146 -125.56 -26.88 -12.33
C SER WA 146 -124.50 -26.03 -13.05
N LEU WA 147 -124.73 -24.72 -13.19
CA LEU WA 147 -123.78 -23.79 -13.79
C LEU WA 147 -122.97 -23.02 -12.72
N THR WA 148 -121.84 -22.45 -13.12
CA THR WA 148 -120.99 -21.50 -12.40
C THR WA 148 -120.43 -20.45 -13.37
N VAL WA 149 -119.95 -19.33 -12.85
CA VAL WA 149 -119.25 -18.31 -13.63
C VAL WA 149 -118.03 -17.82 -12.85
N ASN WA 150 -116.97 -17.36 -13.53
CA ASN WA 150 -115.71 -16.88 -12.98
C ASN WA 150 -114.89 -17.90 -12.18
N ASP WA 151 -115.40 -19.11 -11.98
CA ASP WA 151 -114.59 -20.28 -11.68
C ASP WA 151 -114.03 -20.84 -12.99
N PRO WA 152 -112.75 -20.65 -13.34
CA PRO WA 152 -112.18 -21.24 -14.55
C PRO WA 152 -111.97 -22.76 -14.42
N THR WA 153 -112.01 -23.27 -13.18
CA THR WA 153 -111.79 -24.70 -12.85
C THR WA 153 -113.10 -25.48 -12.89
N SER WA 154 -114.24 -24.78 -12.90
CA SER WA 154 -115.52 -25.30 -13.35
C SER WA 154 -115.44 -25.76 -14.82
N ALA WA 155 -116.38 -26.59 -15.25
CA ALA WA 155 -116.41 -27.18 -16.59
C ALA WA 155 -116.65 -26.10 -17.67
N THR WA 156 -115.61 -25.37 -18.07
CA THR WA 156 -115.75 -24.04 -18.68
C THR WA 156 -116.14 -24.14 -20.16
N ILE WA 157 -117.42 -23.86 -20.46
CA ILE WA 157 -118.02 -23.84 -21.81
C ILE WA 157 -117.66 -22.58 -22.60
N TYR WA 158 -117.38 -21.46 -21.91
CA TYR WA 158 -117.21 -20.13 -22.50
C TYR WA 158 -116.42 -19.17 -21.60
N THR WA 159 -115.92 -18.06 -22.14
CA THR WA 159 -115.68 -16.84 -21.35
C THR WA 159 -116.26 -15.59 -22.03
N PHE WA 160 -116.99 -14.78 -21.27
CA PHE WA 160 -117.66 -13.59 -21.78
C PHE WA 160 -116.89 -12.31 -21.43
N MET WA 161 -115.84 -12.00 -22.20
CA MET WA 161 -115.08 -10.75 -22.09
C MET WA 161 -115.99 -9.52 -22.17
N ASP WA 162 -116.06 -8.69 -21.12
CA ASP WA 162 -116.91 -7.48 -21.05
C ASP WA 162 -118.42 -7.73 -21.31
N GLY WA 163 -118.90 -8.94 -21.07
CA GLY WA 163 -120.23 -9.38 -21.47
C GLY WA 163 -120.37 -9.65 -22.99
N ASP WA 164 -119.38 -9.32 -23.83
CA ASP WA 164 -119.23 -9.99 -25.12
C ASP WA 164 -119.00 -11.46 -24.83
N LEU WA 165 -119.47 -12.40 -25.66
CA LEU WA 165 -118.70 -13.64 -25.70
C LEU WA 165 -117.30 -13.22 -26.20
N TYR WA 166 -116.21 -13.68 -25.62
CA TYR WA 166 -114.90 -13.13 -25.97
C TYR WA 166 -114.49 -13.36 -27.43
N ILE WA 167 -115.20 -14.24 -28.12
CA ILE WA 167 -115.05 -14.61 -29.54
C ILE WA 167 -116.39 -15.25 -30.02
N GLN WA 168 -116.49 -15.87 -31.19
CA GLN WA 168 -117.53 -16.88 -31.44
C GLN WA 168 -116.94 -17.90 -32.43
N SER WA 169 -116.24 -18.88 -31.88
CA SER WA 169 -115.46 -19.90 -32.61
C SER WA 169 -116.27 -21.20 -32.85
N THR WA 170 -117.61 -21.11 -32.94
CA THR WA 170 -118.52 -22.21 -32.55
C THR WA 170 -118.51 -23.50 -33.38
N ASN WA 171 -117.74 -23.59 -34.47
CA ASN WA 171 -117.55 -24.84 -35.20
C ASN WA 171 -116.16 -25.45 -34.97
N ALA WA 172 -116.08 -26.75 -34.69
CA ALA WA 172 -114.82 -27.47 -34.45
C ALA WA 172 -113.88 -27.60 -35.66
N GLU WA 173 -114.37 -27.39 -36.87
CA GLU WA 173 -113.75 -27.85 -38.12
C GLU WA 173 -113.58 -26.76 -39.18
N MET WA 174 -114.63 -26.11 -39.67
CA MET WA 174 -114.51 -25.07 -40.71
C MET WA 174 -113.65 -23.89 -40.25
N ASP WA 175 -113.71 -23.56 -38.97
CA ASP WA 175 -112.83 -22.58 -38.32
C ASP WA 175 -111.37 -23.04 -38.37
N LYS WA 176 -111.12 -24.32 -38.09
CA LYS WA 176 -109.78 -24.93 -38.03
C LYS WA 176 -109.20 -25.12 -39.44
N ILE WA 177 -110.01 -25.53 -40.40
CA ILE WA 177 -109.70 -25.54 -41.82
C ILE WA 177 -109.41 -24.13 -42.33
N ASN WA 178 -110.13 -23.10 -41.85
CA ASN WA 178 -109.80 -21.72 -42.18
C ASN WA 178 -108.45 -21.28 -41.58
N LYS WA 179 -108.19 -21.65 -40.31
CA LYS WA 179 -106.86 -21.55 -39.67
C LYS WA 179 -105.79 -22.38 -40.37
N VAL WA 180 -106.16 -23.28 -41.27
CA VAL WA 180 -105.27 -23.78 -42.34
C VAL WA 180 -105.28 -22.84 -43.53
N LEU WA 181 -106.30 -22.88 -44.40
CA LEU WA 181 -106.26 -22.33 -45.75
C LEU WA 181 -105.87 -20.88 -45.77
N ALA WA 182 -106.66 -20.03 -45.15
CA ALA WA 182 -106.39 -18.61 -45.16
C ALA WA 182 -105.10 -18.26 -44.38
N GLU WA 183 -104.65 -19.14 -43.48
CA GLU WA 183 -103.33 -19.00 -42.87
C GLU WA 183 -102.20 -19.33 -43.86
N ARG WA 184 -102.26 -20.46 -44.60
CA ARG WA 184 -101.34 -20.78 -45.72
C ARG WA 184 -101.33 -19.67 -46.75
N THR WA 185 -102.53 -19.17 -47.04
CA THR WA 185 -102.73 -18.06 -47.94
C THR WA 185 -101.97 -16.83 -47.44
N TYR WA 186 -101.94 -16.53 -46.13
CA TYR WA 186 -101.04 -15.50 -45.64
C TYR WA 186 -99.60 -15.93 -45.89
N ASP WA 187 -99.24 -17.13 -45.43
CA ASP WA 187 -97.90 -17.70 -45.51
C ASP WA 187 -97.28 -17.70 -46.93
N GLU WA 188 -98.12 -17.61 -47.95
CA GLU WA 188 -97.73 -17.58 -49.36
C GLU WA 188 -98.11 -16.30 -50.11
N SER WA 189 -99.04 -15.52 -49.55
CA SER WA 189 -99.59 -14.28 -50.12
C SER WA 189 -100.26 -13.46 -49.02
N GLY WA 190 -99.45 -12.82 -48.18
CA GLY WA 190 -99.82 -12.20 -46.90
C GLY WA 190 -100.83 -11.06 -47.01
N SER WA 191 -100.39 -9.86 -46.65
CA SER WA 191 -101.21 -8.67 -46.81
C SER WA 191 -100.81 -7.98 -48.12
N TYR WA 192 -101.55 -8.33 -49.18
CA TYR WA 192 -101.29 -8.08 -50.60
C TYR WA 192 -102.61 -7.83 -51.34
N LYS WA 193 -102.56 -7.28 -52.55
CA LYS WA 193 -103.74 -7.01 -53.40
C LYS WA 193 -103.87 -8.00 -54.59
N VAL WA 194 -105.09 -8.41 -54.93
CA VAL WA 194 -105.43 -9.00 -56.25
C VAL WA 194 -105.75 -7.88 -57.24
N ASN WA 195 -106.63 -6.95 -56.84
CA ASN WA 195 -107.02 -5.80 -57.66
C ASN WA 195 -107.55 -4.63 -56.82
N GLY WA 196 -107.60 -3.44 -57.43
CA GLY WA 196 -108.43 -2.33 -56.96
C GLY WA 196 -107.82 -1.42 -55.89
N PHE WA 197 -108.61 -0.99 -54.91
CA PHE WA 197 -108.21 -0.32 -53.67
C PHE WA 197 -107.34 0.94 -53.86
N GLU WA 198 -107.26 1.52 -55.06
CA GLU WA 198 -106.31 2.61 -55.35
C GLU WA 198 -106.79 4.01 -54.97
N LEU WA 199 -105.80 4.89 -54.85
CA LEU WA 199 -105.84 6.05 -53.98
C LEU WA 199 -106.08 7.36 -54.74
N PHE WA 200 -107.34 7.59 -55.03
CA PHE WA 200 -107.90 8.91 -55.30
C PHE WA 200 -108.64 9.46 -54.06
N SER WA 201 -109.63 10.34 -54.25
CA SER WA 201 -110.28 11.06 -53.15
C SER WA 201 -111.61 11.72 -53.54
N GLU WA 202 -112.29 12.30 -52.55
CA GLU WA 202 -113.52 13.11 -52.62
C GLU WA 202 -113.62 13.96 -51.34
N GLY WA 203 -114.22 15.15 -51.37
CA GLY WA 203 -114.24 16.08 -50.21
C GLY WA 203 -115.44 15.90 -49.28
N ASN WA 204 -115.25 16.02 -47.96
CA ASN WA 204 -116.33 15.86 -46.98
C ASN WA 204 -117.13 17.16 -46.86
N ALA WA 205 -117.82 17.58 -47.91
CA ALA WA 205 -118.74 18.70 -47.79
C ALA WA 205 -119.72 18.52 -46.61
N GLU WA 206 -120.04 17.25 -46.28
CA GLU WA 206 -120.86 16.83 -45.13
C GLU WA 206 -120.26 17.17 -43.75
N ASP WA 207 -118.96 17.43 -43.67
CA ASP WA 207 -118.21 17.64 -42.43
C ASP WA 207 -116.87 18.32 -42.78
N ASP WA 208 -116.93 19.52 -43.37
CA ASP WA 208 -115.85 20.02 -44.26
C ASP WA 208 -114.53 20.45 -43.58
N ASP WA 209 -114.24 19.94 -42.38
CA ASP WA 209 -112.88 19.72 -41.88
C ASP WA 209 -112.32 18.37 -42.31
N HIS WA 210 -113.03 17.59 -43.13
CA HIS WA 210 -112.67 16.23 -43.51
C HIS WA 210 -112.61 16.03 -45.03
N VAL WA 211 -111.81 15.07 -45.47
CA VAL WA 211 -111.95 14.38 -46.75
C VAL WA 211 -113.07 13.35 -46.58
N SER WA 212 -113.80 13.06 -47.66
CA SER WA 212 -114.74 11.95 -47.74
C SER WA 212 -114.24 10.99 -48.82
N VAL WA 213 -113.08 10.37 -48.56
CA VAL WA 213 -112.26 9.65 -49.52
C VAL WA 213 -113.08 8.67 -50.34
N VAL WA 214 -113.29 8.95 -51.63
CA VAL WA 214 -113.52 7.88 -52.59
C VAL WA 214 -112.17 7.21 -52.90
N VAL WA 215 -112.08 5.91 -52.62
CA VAL WA 215 -111.03 4.96 -52.97
C VAL WA 215 -111.71 3.76 -53.59
N ASP WA 216 -111.06 3.15 -54.56
CA ASP WA 216 -111.62 2.02 -55.30
C ASP WA 216 -112.02 0.83 -54.39
N ALA WA 217 -113.05 0.10 -54.82
CA ALA WA 217 -113.26 -1.28 -54.36
C ALA WA 217 -112.09 -2.14 -54.83
N GLY WA 218 -112.05 -3.40 -54.40
CA GLY WA 218 -111.01 -4.32 -54.82
C GLY WA 218 -111.05 -5.63 -54.06
N LYS WA 219 -110.02 -6.45 -54.26
CA LYS WA 219 -109.93 -7.76 -53.65
C LYS WA 219 -108.49 -8.15 -53.33
N ALA WA 220 -108.36 -9.15 -52.47
CA ALA WA 220 -107.26 -10.13 -52.40
C ALA WA 220 -107.65 -11.18 -51.35
N TYR WA 221 -106.91 -12.27 -51.21
CA TYR WA 221 -106.88 -12.91 -49.88
C TYR WA 221 -106.02 -12.05 -48.93
N VAL WA 222 -106.41 -10.79 -48.64
CA VAL WA 222 -105.67 -9.82 -47.81
C VAL WA 222 -105.49 -10.37 -46.40
N LYS WA 223 -104.28 -10.28 -45.84
CA LYS WA 223 -103.90 -10.99 -44.60
C LYS WA 223 -104.20 -12.50 -44.74
N GLY WA 224 -103.96 -13.06 -45.92
CA GLY WA 224 -104.34 -14.43 -46.26
C GLY WA 224 -105.85 -14.69 -46.32
N PHE WA 225 -106.69 -13.70 -46.00
CA PHE WA 225 -108.11 -13.88 -45.70
C PHE WA 225 -108.99 -13.24 -46.76
N LYS WA 226 -110.15 -13.85 -46.99
CA LYS WA 226 -111.05 -13.82 -48.17
C LYS WA 226 -111.59 -12.47 -48.70
N VAL WA 227 -110.78 -11.43 -48.72
CA VAL WA 227 -111.20 -10.05 -48.96
C VAL WA 227 -111.68 -9.75 -50.39
N ASP WA 228 -112.92 -9.27 -50.45
CA ASP WA 228 -113.41 -8.37 -51.47
C ASP WA 228 -114.11 -7.27 -50.69
N LYS WA 229 -113.69 -6.02 -50.86
CA LYS WA 229 -114.44 -4.88 -50.30
C LYS WA 229 -115.09 -4.11 -51.44
N PRO WA 230 -116.31 -4.50 -51.85
CA PRO WA 230 -117.12 -3.73 -52.78
C PRO WA 230 -117.95 -2.70 -51.99
N VAL WA 231 -117.73 -1.41 -52.21
CA VAL WA 231 -118.24 -0.35 -51.31
C VAL WA 231 -118.61 0.91 -52.09
N SER WA 232 -119.57 1.68 -51.58
CA SER WA 232 -119.76 3.07 -52.00
C SER WA 232 -118.86 4.03 -51.21
N THR WA 233 -117.55 3.87 -51.40
CA THR WA 233 -116.51 4.50 -50.57
C THR WA 233 -116.58 6.03 -50.63
N ARG WA 234 -116.69 6.70 -49.48
CA ARG WA 234 -116.54 8.15 -49.29
C ARG WA 234 -116.09 8.43 -47.85
N ILE WA 235 -114.96 7.85 -47.46
CA ILE WA 235 -114.52 7.72 -46.05
C ILE WA 235 -114.13 9.05 -45.41
N SER WA 236 -114.74 9.39 -44.28
CA SER WA 236 -114.31 10.54 -43.48
C SER WA 236 -112.89 10.34 -42.94
N VAL WA 237 -111.96 11.25 -43.25
CA VAL WA 237 -110.61 11.45 -42.61
C VAL WA 237 -110.41 12.96 -42.49
N PRO WA 238 -109.58 13.50 -41.59
CA PRO WA 238 -109.34 14.95 -41.56
C PRO WA 238 -108.84 15.53 -42.86
N LYS WA 239 -109.04 16.83 -43.05
CA LYS WA 239 -108.37 17.61 -44.08
C LYS WA 239 -106.93 17.87 -43.71
N SER WA 240 -106.11 18.34 -44.65
CA SER WA 240 -104.87 19.04 -44.29
C SER WA 240 -105.14 20.55 -44.14
N TYR WA 241 -106.14 20.83 -43.28
CA TYR WA 241 -106.28 22.08 -42.54
C TYR WA 241 -105.16 22.21 -41.47
N ASP WA 242 -104.27 21.23 -41.42
CA ASP WA 242 -102.95 21.21 -40.80
C ASP WA 242 -102.14 22.41 -41.29
N LEU WA 243 -101.52 23.16 -40.36
CA LEU WA 243 -100.91 24.46 -40.66
C LEU WA 243 -99.49 24.60 -40.14
N GLY WA 244 -98.66 25.22 -40.95
CA GLY WA 244 -97.32 25.67 -40.63
C GLY WA 244 -97.18 27.18 -40.78
N THR WA 245 -95.94 27.65 -40.80
CA THR WA 245 -95.59 29.01 -41.23
C THR WA 245 -94.20 29.05 -41.86
N ALA WA 246 -94.04 29.91 -42.86
CA ALA WA 246 -92.81 30.09 -43.61
C ALA WA 246 -92.42 31.57 -43.59
N GLU WA 247 -91.13 31.81 -43.41
CA GLU WA 247 -90.63 33.05 -42.82
C GLU WA 247 -89.46 33.59 -43.62
N ASN WA 248 -89.44 34.91 -43.80
CA ASN WA 248 -88.55 35.67 -44.68
C ASN WA 248 -88.33 35.01 -46.05
N GLU WA 249 -89.38 34.43 -46.61
CA GLU WA 249 -89.41 33.86 -47.95
C GLU WA 249 -89.13 34.94 -49.02
N SER WA 250 -88.17 34.71 -49.91
CA SER WA 250 -87.44 35.83 -50.51
C SER WA 250 -87.65 36.00 -52.02
N THR WA 251 -87.42 37.22 -52.51
CA THR WA 251 -86.97 37.54 -53.88
C THR WA 251 -86.04 38.76 -53.80
N ILE WA 252 -85.06 38.89 -54.69
CA ILE WA 252 -84.48 40.21 -55.02
C ILE WA 252 -85.58 40.95 -55.82
N PHE WA 253 -86.53 41.57 -55.09
CA PHE WA 253 -87.92 41.80 -55.53
C PHE WA 253 -88.02 42.38 -56.93
N ASN WA 254 -89.07 41.97 -57.66
CA ASN WA 254 -89.24 42.38 -59.02
C ASN WA 254 -90.45 43.30 -59.14
N LYS WA 255 -90.24 44.55 -59.58
CA LYS WA 255 -91.32 45.54 -59.74
C LYS WA 255 -92.14 45.35 -61.03
N SER WA 256 -91.69 44.46 -61.92
CA SER WA 256 -92.48 43.97 -63.07
C SER WA 256 -93.22 42.67 -62.72
N ASN WA 257 -92.48 41.61 -62.34
CA ASN WA 257 -93.02 40.39 -61.75
C ASN WA 257 -93.35 40.59 -60.25
N ASN WA 258 -94.31 41.48 -59.97
CA ASN WA 258 -94.70 41.82 -58.61
C ASN WA 258 -95.15 40.59 -57.82
N SER WA 259 -95.81 39.64 -58.49
CA SER WA 259 -96.17 38.30 -58.05
C SER WA 259 -94.94 37.48 -57.61
N ILE WA 260 -94.42 37.76 -56.42
CA ILE WA 260 -93.34 37.05 -55.74
C ILE WA 260 -93.86 35.75 -55.17
N SER WA 261 -93.32 34.62 -55.64
CA SER WA 261 -93.88 33.31 -55.35
C SER WA 261 -93.72 32.90 -53.88
N LEU WA 262 -94.83 32.51 -53.25
CA LEU WA 262 -94.89 31.83 -51.96
C LEU WA 262 -95.10 30.35 -52.20
N ALA WA 263 -94.17 29.55 -51.71
CA ALA WA 263 -94.07 28.13 -52.03
C ALA WA 263 -94.81 27.22 -51.04
N ASN WA 264 -94.87 27.61 -49.78
CA ASN WA 264 -95.53 26.86 -48.71
C ASN WA 264 -97.04 27.18 -48.71
N SER WA 265 -97.96 26.22 -48.89
CA SER WA 265 -99.31 26.59 -49.32
C SER WA 265 -100.41 25.52 -49.27
N PRO WA 266 -101.71 25.90 -49.34
CA PRO WA 266 -102.22 27.26 -49.46
C PRO WA 266 -101.78 28.19 -48.36
N VAL WA 267 -101.57 29.45 -48.67
CA VAL WA 267 -101.21 30.45 -47.67
C VAL WA 267 -102.44 30.76 -46.81
N LYS WA 268 -102.30 30.68 -45.48
CA LYS WA 268 -103.36 30.99 -44.52
C LYS WA 268 -103.40 32.50 -44.23
N GLU WA 269 -102.28 33.09 -43.82
CA GLU WA 269 -102.16 34.56 -43.74
C GLU WA 269 -100.72 35.03 -43.85
N ILE WA 270 -100.53 36.29 -44.23
CA ILE WA 270 -99.23 36.95 -44.25
C ILE WA 270 -99.06 37.75 -42.96
N ARG WA 271 -97.97 37.52 -42.22
CA ARG WA 271 -97.71 38.07 -40.88
C ARG WA 271 -97.00 39.42 -40.89
N ARG WA 272 -95.89 39.44 -41.60
CA ARG WA 272 -94.85 40.48 -41.60
C ARG WA 272 -94.05 40.28 -42.89
N VAL WA 273 -93.63 41.34 -43.54
CA VAL WA 273 -92.75 41.23 -44.73
C VAL WA 273 -91.74 42.37 -44.64
N THR WA 274 -90.58 42.28 -45.27
CA THR WA 274 -89.58 43.36 -45.25
C THR WA 274 -88.86 43.50 -46.59
N GLY WA 275 -88.60 44.73 -47.06
CA GLY WA 275 -88.10 44.96 -48.41
C GLY WA 275 -87.61 46.37 -48.71
N GLN WA 276 -86.77 46.46 -49.74
CA GLN WA 276 -85.81 47.54 -50.02
C GLN WA 276 -86.39 48.83 -50.68
N VAL WA 277 -87.40 49.43 -50.06
CA VAL WA 277 -88.01 50.71 -50.50
C VAL WA 277 -87.01 51.86 -50.42
N LEU WA 278 -87.25 53.00 -51.08
CA LEU WA 278 -86.38 54.17 -51.03
C LEU WA 278 -87.05 55.32 -50.25
N ILE WA 279 -86.40 55.74 -49.17
CA ILE WA 279 -86.56 57.08 -48.60
C ILE WA 279 -85.85 58.01 -49.59
N GLU WA 280 -86.62 58.56 -50.54
CA GLU WA 280 -86.09 59.51 -51.53
C GLU WA 280 -85.46 60.73 -50.83
N LYS WA 281 -86.08 61.17 -49.72
CA LYS WA 281 -85.70 62.31 -48.89
C LYS WA 281 -86.59 62.36 -47.63
N GLU WA 282 -86.12 61.84 -46.50
CA GLU WA 282 -86.69 62.19 -45.19
C GLU WA 282 -86.11 63.52 -44.73
N ARG WA 283 -86.87 64.35 -44.01
CA ARG WA 283 -86.26 65.44 -43.24
C ARG WA 283 -85.56 64.83 -42.03
N VAL WA 284 -84.30 65.22 -41.83
CA VAL WA 284 -83.63 65.19 -40.52
C VAL WA 284 -83.01 66.57 -40.34
N THR WA 285 -83.13 67.23 -39.20
CA THR WA 285 -82.54 68.57 -39.00
C THR WA 285 -81.99 68.78 -37.60
N ARG WA 286 -80.85 69.48 -37.51
CA ARG WA 286 -79.85 69.30 -36.44
C ARG WA 286 -80.42 69.48 -35.03
N GLY WA 287 -80.13 68.53 -34.14
CA GLY WA 287 -80.36 68.60 -32.69
C GLY WA 287 -79.50 69.64 -31.95
N ALA WA 288 -79.48 69.56 -30.62
CA ALA WA 288 -78.98 70.64 -29.75
C ALA WA 288 -77.45 70.75 -29.64
N GLN WA 289 -76.79 69.81 -28.94
CA GLN WA 289 -75.34 69.83 -28.72
C GLN WA 289 -74.60 69.59 -30.04
N GLY WA 290 -73.62 70.43 -30.40
CA GLY WA 290 -72.69 70.14 -31.50
C GLY WA 290 -71.85 68.88 -31.19
N ASP WA 291 -71.66 68.00 -32.16
CA ASP WA 291 -71.15 66.63 -31.93
C ASP WA 291 -72.08 65.76 -31.03
N GLY WA 292 -73.37 66.13 -30.96
CA GLY WA 292 -74.47 65.41 -30.31
C GLY WA 292 -75.19 64.44 -31.26
N GLN WA 293 -76.54 64.41 -31.28
CA GLN WA 293 -77.30 63.42 -32.09
C GLN WA 293 -78.59 63.96 -32.76
N ASP WA 294 -78.95 63.37 -33.91
CA ASP WA 294 -80.24 63.42 -34.62
C ASP WA 294 -80.77 61.97 -34.89
N PHE WA 295 -81.81 61.76 -35.71
CA PHE WA 295 -82.36 60.41 -35.96
C PHE WA 295 -82.93 60.16 -37.38
N LEU WA 296 -82.75 58.95 -37.92
CA LEU WA 296 -83.27 58.47 -39.20
C LEU WA 296 -84.68 57.89 -39.10
N SER WA 297 -85.44 57.93 -40.18
CA SER WA 297 -86.73 57.26 -40.32
C SER WA 297 -86.59 55.73 -40.21
N ASN WA 298 -85.42 55.11 -40.47
CA ASN WA 298 -85.17 53.68 -40.31
C ASN WA 298 -83.78 53.33 -39.75
N ASN WA 299 -83.69 52.34 -38.86
CA ASN WA 299 -82.45 51.56 -38.64
C ASN WA 299 -82.12 50.73 -39.88
N THR WA 300 -83.16 50.28 -40.58
CA THR WA 300 -83.12 49.47 -41.80
C THR WA 300 -82.70 50.28 -43.06
N ALA WA 301 -82.32 51.55 -42.89
CA ALA WA 301 -81.74 52.50 -43.86
C ALA WA 301 -80.41 52.00 -44.47
N PHE WA 302 -80.45 50.85 -45.13
CA PHE WA 302 -79.29 50.02 -45.43
C PHE WA 302 -78.39 50.55 -46.56
N GLU WA 303 -78.91 51.46 -47.36
CA GLU WA 303 -78.21 52.09 -48.47
C GLU WA 303 -78.31 53.60 -48.31
N ILE WA 304 -77.56 54.20 -47.38
CA ILE WA 304 -77.51 55.66 -47.22
C ILE WA 304 -77.06 56.30 -48.53
N VAL WA 305 -78.03 56.85 -49.25
CA VAL WA 305 -77.86 57.66 -50.45
C VAL WA 305 -77.10 58.93 -50.10
N LYS WA 306 -77.48 59.56 -48.98
CA LYS WA 306 -76.92 60.80 -48.41
C LYS WA 306 -77.55 61.11 -47.04
N VAL WA 307 -76.77 61.47 -46.03
CA VAL WA 307 -77.21 62.35 -44.93
C VAL WA 307 -76.76 63.75 -45.33
N TRP WA 308 -77.64 64.67 -45.76
CA TRP WA 308 -77.15 65.86 -46.47
C TRP WA 308 -78.04 67.11 -46.41
N THR WA 309 -77.39 68.28 -46.49
CA THR WA 309 -78.07 69.49 -46.93
C THR WA 309 -78.25 69.47 -48.45
N GLU WA 310 -79.46 69.75 -48.91
CA GLU WA 310 -79.67 70.37 -50.22
C GLU WA 310 -79.70 71.90 -50.07
N THR WA 311 -79.95 72.61 -51.16
CA THR WA 311 -80.62 73.93 -51.12
C THR WA 311 -82.12 73.75 -51.38
N SER WA 312 -82.44 72.87 -52.34
CA SER WA 312 -83.76 72.54 -52.88
C SER WA 312 -83.64 71.22 -53.68
N PRO WA 313 -84.73 70.54 -54.09
CA PRO WA 313 -84.69 69.19 -54.66
C PRO WA 313 -83.61 68.95 -55.72
N GLY WA 314 -82.66 68.07 -55.41
CA GLY WA 314 -81.52 67.70 -56.27
C GLY WA 314 -80.29 68.62 -56.19
N VAL WA 315 -80.42 69.82 -55.63
CA VAL WA 315 -79.31 70.78 -55.43
C VAL WA 315 -78.48 70.37 -54.21
N THR WA 316 -77.48 69.52 -54.40
CA THR WA 316 -76.61 69.03 -53.32
C THR WA 316 -75.76 70.17 -52.73
N THR WA 317 -75.96 70.51 -51.45
CA THR WA 317 -75.16 71.53 -50.75
C THR WA 317 -73.95 70.92 -50.05
N LYS WA 318 -74.18 69.94 -49.15
CA LYS WA 318 -73.15 69.20 -48.40
C LYS WA 318 -73.72 67.87 -47.92
N GLU WA 319 -73.22 66.75 -48.42
CA GLU WA 319 -73.39 65.45 -47.75
C GLU WA 319 -72.50 65.41 -46.51
N TYR WA 320 -73.13 65.33 -45.34
CA TYR WA 320 -72.47 64.89 -44.14
C TYR WA 320 -72.10 63.42 -44.35
N LYS WA 321 -70.82 63.15 -44.54
CA LYS WA 321 -70.38 61.81 -44.90
C LYS WA 321 -70.56 60.92 -43.68
N GLN WA 322 -71.22 59.77 -43.85
CA GLN WA 322 -71.35 58.73 -42.83
C GLN WA 322 -69.91 58.30 -42.45
N GLY WA 323 -69.34 58.82 -41.34
CA GLY WA 323 -67.90 59.01 -41.22
C GLY WA 323 -67.40 59.74 -39.96
N GLU WA 324 -66.53 60.75 -40.09
CA GLU WA 324 -66.13 61.62 -38.96
C GLU WA 324 -67.15 62.72 -38.66
N ASP WA 325 -67.91 63.19 -39.65
CA ASP WA 325 -69.09 64.05 -39.43
C ASP WA 325 -69.99 63.45 -38.36
N PHE WA 326 -70.39 62.18 -38.53
CA PHE WA 326 -71.14 61.39 -37.55
C PHE WA 326 -70.93 59.89 -37.77
N ARG WA 327 -71.10 59.10 -36.71
CA ARG WA 327 -71.35 57.65 -36.77
C ARG WA 327 -72.86 57.38 -36.83
N LEU WA 328 -73.32 56.38 -37.57
CA LEU WA 328 -74.74 55.99 -37.62
C LEU WA 328 -75.06 54.96 -36.51
N THR WA 329 -75.08 55.44 -35.26
CA THR WA 329 -75.45 54.65 -34.08
C THR WA 329 -76.90 54.12 -34.22
N ASP WA 330 -77.26 52.98 -33.63
CA ASP WA 330 -78.56 52.27 -33.82
C ASP WA 330 -78.90 51.84 -35.26
N GLY WA 331 -78.07 52.16 -36.25
CA GLY WA 331 -78.53 52.27 -37.64
C GLY WA 331 -79.46 53.47 -37.90
N GLN WA 332 -79.79 54.27 -36.88
CA GLN WA 332 -80.71 55.40 -37.01
C GLN WA 332 -80.45 56.60 -36.09
N THR WA 333 -79.88 56.49 -34.89
CA THR WA 333 -79.34 57.68 -34.22
C THR WA 333 -78.13 58.19 -35.00
N ILE WA 334 -78.33 59.24 -35.79
CA ILE WA 334 -77.26 60.02 -36.39
C ILE WA 334 -76.49 60.65 -35.22
N ASP WA 335 -75.21 60.34 -35.08
CA ASP WA 335 -74.46 60.62 -33.85
C ASP WA 335 -73.11 61.27 -34.19
N TRP WA 336 -73.11 62.61 -34.12
CA TRP WA 336 -72.04 63.53 -34.53
C TRP WA 336 -70.83 63.49 -33.59
N SER WA 337 -70.84 62.66 -32.54
CA SER WA 337 -69.78 62.57 -31.54
C SER WA 337 -68.37 62.20 -32.04
N PRO WA 338 -68.13 61.68 -33.26
CA PRO WA 338 -66.78 61.62 -33.85
C PRO WA 338 -66.17 62.98 -34.28
N GLN WA 339 -66.93 64.07 -34.19
CA GLN WA 339 -66.44 65.48 -34.20
C GLN WA 339 -65.89 66.03 -35.53
N GLY WA 340 -66.45 65.59 -36.67
CA GLY WA 340 -66.22 66.19 -37.99
C GLY WA 340 -67.01 67.50 -38.20
N GLN WA 341 -67.89 67.52 -39.21
CA GLN WA 341 -68.70 68.65 -39.64
C GLN WA 341 -70.20 68.30 -39.67
N GLU WA 342 -71.11 69.26 -39.47
CA GLU WA 342 -72.54 68.99 -39.25
C GLU WA 342 -73.48 70.11 -39.79
N PRO WA 343 -74.76 69.81 -40.14
CA PRO WA 343 -75.77 70.78 -40.57
C PRO WA 343 -76.23 71.67 -39.41
N SER WA 344 -76.98 72.71 -39.70
CA SER WA 344 -77.70 73.54 -38.72
C SER WA 344 -79.12 73.07 -38.49
N GLY WA 345 -79.74 73.52 -37.39
CA GLY WA 345 -81.19 73.62 -37.33
C GLY WA 345 -81.64 74.70 -38.33
N GLY WA 346 -82.46 74.34 -39.31
CA GLY WA 346 -82.92 75.25 -40.37
C GLY WA 346 -81.98 75.44 -41.57
N THR WA 347 -80.82 74.78 -41.62
CA THR WA 347 -80.27 74.45 -42.96
C THR WA 347 -81.20 73.41 -43.60
N SER WA 348 -81.45 73.52 -44.89
CA SER WA 348 -82.25 72.58 -45.68
C SER WA 348 -81.59 71.19 -45.75
N TYR WA 349 -81.75 70.37 -44.70
CA TYR WA 349 -81.10 69.06 -44.53
C TYR WA 349 -82.06 67.90 -44.25
N TYR WA 350 -81.62 66.72 -44.65
CA TYR WA 350 -82.40 65.53 -44.99
C TYR WA 350 -81.55 64.26 -44.87
N VAL WA 351 -82.15 63.08 -44.87
CA VAL WA 351 -81.44 61.81 -45.14
C VAL WA 351 -82.20 61.02 -46.20
N SER WA 352 -81.50 60.20 -46.97
CA SER WA 352 -82.08 59.35 -47.99
C SER WA 352 -81.35 58.01 -48.05
N TYR WA 353 -82.10 56.97 -48.37
CA TYR WA 353 -81.58 55.62 -48.50
C TYR WA 353 -82.59 54.65 -49.08
N LYS WA 354 -82.13 53.53 -49.65
CA LYS WA 354 -83.04 52.38 -49.59
C LYS WA 354 -83.05 51.85 -48.18
N TYR WA 355 -84.24 51.56 -47.69
CA TYR WA 355 -84.50 50.97 -46.40
C TYR WA 355 -85.25 49.66 -46.59
N ASN WA 356 -84.91 48.69 -45.75
CA ASN WA 356 -85.69 47.47 -45.64
C ASN WA 356 -86.94 47.76 -44.77
N LYS WA 357 -87.93 48.47 -45.34
CA LYS WA 357 -89.23 48.77 -44.70
C LYS WA 357 -89.83 47.47 -44.23
N ARG WA 358 -90.59 47.49 -43.13
CA ARG WA 358 -91.58 46.44 -42.93
C ARG WA 358 -92.74 46.60 -43.93
N MET WA 359 -92.69 45.87 -45.04
CA MET WA 359 -93.72 45.85 -46.08
C MET WA 359 -95.08 45.42 -45.49
N GLU WA 360 -96.13 46.17 -45.78
CA GLU WA 360 -97.46 46.05 -45.17
C GLU WA 360 -98.45 45.21 -46.03
N ALA WA 361 -99.34 44.44 -45.41
CA ALA WA 361 -100.28 43.57 -46.13
C ALA WA 361 -101.40 44.35 -46.85
N GLY WA 362 -101.73 43.95 -48.09
CA GLY WA 362 -102.60 44.64 -49.05
C GLY WA 362 -102.06 45.99 -49.54
N LYS WA 363 -101.42 46.79 -48.68
CA LYS WA 363 -100.68 48.02 -49.01
C LYS WA 363 -99.45 47.73 -49.89
N ASP WA 364 -98.55 46.85 -49.46
CA ASP WA 364 -97.31 46.54 -50.19
C ASP WA 364 -97.31 45.18 -50.86
N TYR WA 365 -98.16 44.24 -50.49
CA TYR WA 365 -98.45 43.04 -51.28
C TYR WA 365 -99.93 42.65 -51.19
N GLU WA 366 -100.60 42.41 -52.32
CA GLU WA 366 -101.77 41.52 -52.28
C GLU WA 366 -101.28 40.07 -52.41
N VAL WA 367 -102.20 39.12 -52.35
CA VAL WA 367 -101.90 37.74 -52.71
C VAL WA 367 -102.85 37.21 -53.79
N THR WA 368 -102.28 36.49 -54.75
CA THR WA 368 -103.00 35.81 -55.84
C THR WA 368 -102.41 34.39 -56.05
N THR WA 369 -103.04 33.49 -56.83
CA THR WA 369 -102.48 32.14 -57.15
C THR WA 369 -102.18 31.97 -58.64
N GLN WA 370 -101.09 31.28 -58.98
CA GLN WA 370 -100.66 30.96 -60.34
C GLN WA 370 -100.03 29.56 -60.38
N GLY WA 371 -100.37 28.74 -61.38
CA GLY WA 371 -100.09 27.31 -61.33
C GLY WA 371 -101.06 26.55 -60.40
N GLU WA 372 -101.39 25.31 -60.73
CA GLU WA 372 -102.31 24.44 -59.97
C GLU WA 372 -101.90 22.95 -60.07
N GLY WA 373 -102.44 22.07 -59.21
CA GLY WA 373 -102.23 20.63 -59.27
C GLY WA 373 -100.84 20.16 -58.80
N LEU WA 374 -100.01 19.69 -59.73
CA LEU WA 374 -98.56 19.54 -59.51
C LEU WA 374 -97.82 20.88 -59.37
N SER WA 375 -98.47 21.99 -59.69
CA SER WA 375 -97.87 23.33 -59.66
C SER WA 375 -98.64 24.35 -58.77
N LYS WA 376 -99.54 23.94 -57.84
CA LYS WA 376 -100.38 24.91 -57.08
C LYS WA 376 -99.55 25.81 -56.18
N LYS WA 377 -99.65 27.12 -56.40
CA LYS WA 377 -98.81 28.15 -55.77
C LYS WA 377 -99.49 29.51 -55.60
N TRP WA 378 -98.94 30.28 -54.67
CA TRP WA 378 -99.40 31.60 -54.26
C TRP WA 378 -98.32 32.62 -54.54
N TYR WA 379 -98.73 33.86 -54.62
CA TYR WA 379 -97.89 34.95 -55.07
C TYR WA 379 -98.23 36.16 -54.24
N ILE WA 380 -97.27 36.54 -53.39
CA ILE WA 380 -97.14 37.86 -52.81
C ILE WA 380 -96.95 38.79 -53.99
N ASN WA 381 -98.05 39.26 -54.55
CA ASN WA 381 -98.04 40.28 -55.57
C ASN WA 381 -97.71 41.60 -54.87
N PHE WA 382 -96.43 42.04 -54.89
CA PHE WA 382 -95.99 43.32 -54.37
C PHE WA 382 -96.90 44.38 -55.01
N THR WA 383 -97.87 44.82 -54.22
CA THR WA 383 -99.16 45.29 -54.70
C THR WA 383 -99.13 46.07 -56.01
N PRO WA 384 -99.44 45.43 -57.16
CA PRO WA 384 -99.62 46.14 -58.42
C PRO WA 384 -100.81 47.11 -58.37
N SER WA 385 -101.65 46.96 -57.34
CA SER WA 385 -102.69 47.91 -56.93
C SER WA 385 -102.19 49.09 -56.05
N ASN WA 386 -101.27 48.88 -55.09
CA ASN WA 386 -101.08 49.78 -53.93
C ASN WA 386 -99.61 50.07 -53.49
N GLY WA 387 -98.62 49.36 -54.05
CA GLY WA 387 -97.36 49.11 -53.33
C GLY WA 387 -96.46 50.31 -53.11
N ALA WA 388 -96.03 50.53 -51.85
CA ALA WA 388 -94.75 51.19 -51.53
C ALA WA 388 -93.61 50.16 -51.64
N LYS WA 389 -93.53 49.45 -52.77
CA LYS WA 389 -92.63 48.33 -53.07
C LYS WA 389 -91.14 48.75 -52.95
N PRO WA 390 -90.20 47.80 -52.86
CA PRO WA 390 -88.80 48.11 -53.08
C PRO WA 390 -88.52 48.76 -54.45
N ILE WA 391 -87.27 49.13 -54.69
CA ILE WA 391 -86.79 49.44 -56.04
C ILE WA 391 -86.58 48.13 -56.81
N ASP WA 392 -86.69 48.13 -58.16
CA ASP WA 392 -86.59 46.87 -58.90
C ASP WA 392 -85.24 46.20 -58.68
N GLN WA 393 -85.30 44.88 -58.47
CA GLN WA 393 -84.19 44.02 -58.07
C GLN WA 393 -83.50 44.50 -56.78
N THR WA 394 -84.32 44.87 -55.79
CA THR WA 394 -83.92 45.12 -54.41
C THR WA 394 -84.92 44.39 -53.49
N VAL WA 395 -84.45 43.72 -52.44
CA VAL WA 395 -85.07 42.53 -51.81
C VAL WA 395 -86.49 42.69 -51.23
N VAL WA 396 -87.19 41.54 -51.15
CA VAL WA 396 -88.40 41.24 -50.37
C VAL WA 396 -88.21 39.96 -49.56
N LEU WA 397 -88.74 39.89 -48.34
CA LEU WA 397 -88.65 38.75 -47.43
C LEU WA 397 -89.99 38.58 -46.69
N VAL WA 398 -90.69 37.46 -46.82
CA VAL WA 398 -92.10 37.26 -46.38
C VAL WA 398 -92.30 36.25 -45.24
N ASP WA 399 -92.98 36.65 -44.17
CA ASP WA 399 -93.53 35.77 -43.13
C ASP WA 399 -95.02 35.49 -43.33
N TYR WA 400 -95.44 34.23 -43.26
CA TYR WA 400 -96.85 33.85 -43.44
C TYR WA 400 -97.18 32.48 -42.82
N THR WA 401 -98.36 32.29 -42.22
CA THR WA 401 -98.89 30.93 -42.03
C THR WA 401 -99.44 30.40 -43.34
N TYR WA 402 -99.41 29.08 -43.45
CA TYR WA 402 -99.88 28.36 -44.62
C TYR WA 402 -100.26 26.95 -44.19
N TYR WA 403 -101.03 26.27 -45.02
CA TYR WA 403 -101.41 24.90 -44.80
C TYR WA 403 -100.31 23.93 -45.23
N LEU WA 404 -99.90 23.08 -44.30
CA LEU WA 404 -99.22 21.85 -44.64
C LEU WA 404 -100.16 21.04 -45.55
N ALA WA 405 -99.62 20.22 -46.44
CA ALA WA 405 -100.34 19.08 -46.97
C ALA WA 405 -100.19 17.91 -46.00
N ARG WA 406 -100.97 16.85 -46.16
CA ARG WA 406 -100.77 15.64 -45.37
C ARG WA 406 -100.82 14.39 -46.25
N LYS WA 407 -99.75 13.59 -46.25
CA LYS WA 407 -99.58 12.45 -47.19
C LYS WA 407 -100.13 11.19 -46.55
N ASP WA 408 -101.45 11.11 -46.51
CA ASP WA 408 -102.15 10.09 -45.74
C ASP WA 408 -101.94 8.72 -46.38
N SER WA 409 -100.99 7.95 -45.85
CA SER WA 409 -100.70 6.62 -46.38
C SER WA 409 -101.94 5.77 -46.18
N VAL WA 410 -102.55 5.31 -47.26
CA VAL WA 410 -103.74 4.48 -47.19
C VAL WA 410 -103.38 3.05 -47.55
N PHE WA 411 -103.96 2.14 -46.78
CA PHE WA 411 -103.71 0.71 -46.85
C PHE WA 411 -105.04 -0.01 -46.77
N ILE WA 412 -105.09 -1.32 -47.01
CA ILE WA 412 -106.31 -2.07 -46.69
C ILE WA 412 -106.03 -3.46 -46.13
N ASN WA 413 -106.94 -3.93 -45.28
CA ASN WA 413 -106.76 -5.05 -44.35
C ASN WA 413 -107.84 -6.13 -44.56
N LYS WA 414 -107.78 -7.16 -43.71
CA LYS WA 414 -108.57 -8.40 -43.78
C LYS WA 414 -110.10 -8.28 -43.77
N TYR WA 415 -110.66 -7.12 -43.42
CA TYR WA 415 -112.07 -6.78 -43.73
C TYR WA 415 -112.32 -5.26 -43.76
N GLY WA 416 -111.42 -4.50 -44.37
CA GLY WA 416 -111.64 -3.07 -44.59
C GLY WA 416 -111.55 -2.20 -43.33
N ASP WA 417 -110.86 -2.66 -42.28
CA ASP WA 417 -110.18 -1.77 -41.32
C ASP WA 417 -108.96 -1.13 -42.00
N ILE WA 418 -109.23 -0.35 -43.05
CA ILE WA 418 -108.25 0.42 -43.79
C ILE WA 418 -107.46 1.23 -42.76
N ALA WA 419 -106.15 1.09 -42.74
CA ALA WA 419 -105.31 2.14 -42.18
C ALA WA 419 -105.43 3.30 -43.16
N ILE WA 420 -106.37 4.23 -42.92
CA ILE WA 420 -106.56 5.42 -43.78
C ILE WA 420 -105.55 6.49 -43.30
N LEU WA 421 -104.35 6.05 -42.91
CA LEU WA 421 -103.48 6.68 -41.92
C LEU WA 421 -103.14 8.13 -42.26
N PRO WA 422 -103.71 9.11 -41.53
CA PRO WA 422 -103.45 10.50 -41.82
C PRO WA 422 -101.94 10.78 -41.73
N GLY WA 423 -101.42 11.48 -42.74
CA GLY WA 423 -100.01 11.52 -43.13
C GLY WA 423 -99.06 12.30 -42.20
N GLU WA 424 -97.80 12.42 -42.62
CA GLU WA 424 -96.91 13.47 -42.09
C GLU WA 424 -97.35 14.82 -42.65
N PRO WA 425 -97.73 15.78 -41.80
CA PRO WA 425 -98.08 17.10 -42.29
C PRO WA 425 -96.78 17.85 -42.65
N ASN WA 426 -96.63 18.17 -43.93
CA ASN WA 426 -95.59 19.06 -44.49
C ASN WA 426 -96.13 19.64 -45.79
N ILE WA 427 -95.52 20.69 -46.31
CA ILE WA 427 -95.86 21.16 -47.64
C ILE WA 427 -95.73 20.08 -48.72
N MET WA 428 -96.54 20.17 -49.77
CA MET WA 428 -96.64 19.16 -50.82
C MET WA 428 -95.28 18.78 -51.44
N ARG WA 429 -94.31 19.71 -51.49
CA ARG WA 429 -92.92 19.48 -51.92
C ARG WA 429 -92.38 18.13 -51.46
N LEU WA 430 -92.51 17.87 -50.16
CA LEU WA 430 -92.27 16.58 -49.50
C LEU WA 430 -93.20 16.40 -48.31
N VAL WA 431 -94.49 16.47 -48.61
CA VAL WA 431 -95.50 15.83 -47.79
C VAL WA 431 -95.31 14.32 -47.95
N THR WA 432 -95.22 13.59 -46.84
CA THR WA 432 -94.47 12.32 -46.79
C THR WA 432 -95.17 11.17 -46.06
N PRO WA 433 -94.92 9.92 -46.49
CA PRO WA 433 -95.77 8.81 -46.12
C PRO WA 433 -95.39 8.33 -44.72
N PRO WA 434 -96.34 8.27 -43.77
CA PRO WA 434 -96.14 7.44 -42.60
C PRO WA 434 -96.07 6.00 -43.11
N LEU WA 435 -94.88 5.38 -43.04
CA LEU WA 435 -94.62 4.07 -43.62
C LEU WA 435 -95.08 2.96 -42.65
N ASN WA 436 -96.40 2.88 -42.45
CA ASN WA 436 -97.10 1.94 -41.57
C ASN WA 436 -96.73 0.48 -41.86
N THR WA 437 -96.38 -0.28 -40.81
CA THR WA 437 -96.06 -1.71 -40.91
C THR WA 437 -97.12 -2.64 -40.31
N ASP WA 438 -98.35 -2.16 -40.09
CA ASP WA 438 -99.48 -3.00 -39.65
C ASP WA 438 -99.51 -4.21 -40.59
N PRO WA 439 -99.37 -5.43 -40.04
CA PRO WA 439 -99.15 -6.62 -40.84
C PRO WA 439 -100.41 -7.07 -41.60
N GLU WA 440 -101.56 -6.41 -41.38
CA GLU WA 440 -102.82 -6.58 -42.13
C GLU WA 440 -102.97 -5.56 -43.27
N ASN WA 441 -102.52 -4.34 -43.06
CA ASN WA 441 -102.81 -3.20 -43.94
C ASN WA 441 -101.75 -3.09 -45.05
N LEU WA 442 -102.12 -3.45 -46.28
CA LEU WA 442 -101.23 -3.53 -47.45
C LEU WA 442 -100.88 -2.18 -48.09
N GLN WA 443 -99.66 -2.06 -48.63
CA GLN WA 443 -99.18 -0.84 -49.29
C GLN WA 443 -99.89 -0.56 -50.63
N LEU WA 444 -100.97 0.22 -50.59
CA LEU WA 444 -101.61 0.76 -51.78
C LEU WA 444 -100.85 1.99 -52.26
N GLY WA 445 -100.50 2.89 -51.33
CA GLY WA 445 -99.84 4.17 -51.58
C GLY WA 445 -100.32 5.26 -50.60
N THR WA 446 -100.57 6.48 -51.09
CA THR WA 446 -101.09 7.60 -50.27
C THR WA 446 -102.27 8.35 -50.86
N VAL WA 447 -103.33 8.57 -50.07
CA VAL WA 447 -104.31 9.62 -50.32
C VAL WA 447 -103.73 10.90 -49.72
N THR WA 448 -102.89 11.60 -50.46
CA THR WA 448 -102.30 12.84 -49.95
C THR WA 448 -103.33 13.95 -49.80
N VAL WA 449 -104.01 13.97 -48.65
CA VAL WA 449 -105.04 14.93 -48.28
C VAL WA 449 -104.45 16.32 -48.44
N LEU WA 450 -105.00 17.01 -49.43
CA LEU WA 450 -104.41 18.22 -49.95
C LEU WA 450 -104.40 19.35 -48.90
N PRO WA 451 -103.46 20.28 -49.03
CA PRO WA 451 -103.32 21.40 -48.09
C PRO WA 451 -104.49 22.39 -48.20
N ASP WA 452 -104.98 22.91 -47.06
CA ASP WA 452 -106.25 23.65 -46.95
C ASP WA 452 -107.44 22.87 -47.57
N SER WA 453 -107.32 21.55 -47.69
CA SER WA 453 -108.22 20.77 -48.52
C SER WA 453 -108.13 19.28 -48.17
N ASP WA 454 -108.36 18.40 -49.13
CA ASP WA 454 -108.90 17.08 -48.85
C ASP WA 454 -108.25 15.95 -49.65
N GLU WA 455 -107.68 16.22 -50.84
CA GLU WA 455 -107.61 15.22 -51.93
C GLU WA 455 -106.44 14.18 -51.95
N ALA WA 456 -105.73 13.96 -53.06
CA ALA WA 456 -104.70 12.90 -53.17
C ALA WA 456 -103.57 13.19 -54.18
N VAL WA 457 -102.42 12.55 -53.96
CA VAL WA 457 -101.21 12.46 -54.81
C VAL WA 457 -100.49 11.16 -54.44
N CYS WA 458 -99.79 10.49 -55.38
CA CYS WA 458 -99.17 9.16 -55.14
C CYS WA 458 -97.72 8.95 -55.62
N ILE WA 459 -97.02 9.93 -56.20
CA ILE WA 459 -95.59 9.79 -56.57
C ILE WA 459 -94.78 9.47 -55.31
N SER WA 460 -94.15 8.29 -55.30
CA SER WA 460 -93.60 7.66 -54.09
C SER WA 460 -92.51 6.62 -54.38
N PHE WA 461 -91.71 6.25 -53.37
CA PHE WA 461 -90.98 4.97 -53.38
C PHE WA 461 -91.94 3.77 -53.24
N ALA WA 462 -93.12 3.98 -52.62
CA ALA WA 462 -94.10 2.96 -52.21
C ALA WA 462 -94.48 1.94 -53.30
N ILE WA 463 -94.24 0.67 -53.01
CA ILE WA 463 -94.40 -0.46 -53.94
C ILE WA 463 -95.66 -1.24 -53.60
N THR WA 464 -96.50 -1.54 -54.59
CA THR WA 464 -97.70 -2.36 -54.37
C THR WA 464 -97.50 -3.84 -54.75
N ARG WA 465 -98.59 -4.63 -54.71
CA ARG WA 465 -98.58 -6.10 -54.63
C ARG WA 465 -97.54 -6.80 -55.50
N LEU WA 466 -96.60 -7.49 -54.85
CA LEU WA 466 -95.55 -8.34 -55.44
C LEU WA 466 -94.95 -7.84 -56.77
N SER WA 467 -94.80 -6.51 -56.90
CA SER WA 467 -94.36 -5.81 -58.11
C SER WA 467 -95.06 -6.27 -59.40
N MET WA 468 -96.30 -6.76 -59.36
CA MET WA 468 -97.02 -7.03 -60.61
C MET WA 468 -97.40 -5.76 -61.40
N GLU WA 469 -97.30 -4.60 -60.77
CA GLU WA 469 -97.12 -3.30 -61.44
C GLU WA 469 -96.03 -3.32 -62.56
N ASP WA 470 -95.08 -4.28 -62.53
CA ASP WA 470 -94.17 -4.65 -63.63
C ASP WA 470 -94.87 -4.78 -64.99
N LEU WA 471 -96.10 -5.29 -65.03
CA LEU WA 471 -96.91 -5.36 -66.26
C LEU WA 471 -97.03 -4.00 -66.95
N GLN WA 472 -97.22 -2.94 -66.16
CA GLN WA 472 -97.27 -1.57 -66.64
C GLN WA 472 -95.89 -0.93 -66.73
N LYS WA 473 -94.88 -1.35 -65.95
CA LYS WA 473 -93.48 -0.93 -66.18
C LYS WA 473 -93.06 -1.28 -67.62
N VAL WA 474 -93.26 -2.54 -68.00
CA VAL WA 474 -93.05 -3.07 -69.36
C VAL WA 474 -93.88 -2.28 -70.38
N LYS WA 475 -95.21 -2.25 -70.23
CA LYS WA 475 -96.13 -1.60 -71.18
C LYS WA 475 -95.89 -0.09 -71.32
N THR WA 476 -95.46 0.62 -70.29
CA THR WA 476 -95.08 2.04 -70.37
C THR WA 476 -93.90 2.26 -71.32
N ARG WA 477 -92.83 1.46 -71.21
CA ARG WA 477 -91.66 1.63 -72.10
C ARG WA 477 -91.97 1.20 -73.53
N VAL WA 478 -92.77 0.13 -73.70
CA VAL WA 478 -93.38 -0.23 -74.99
C VAL WA 478 -94.13 0.96 -75.57
N ASP WA 479 -95.02 1.59 -74.82
CA ASP WA 479 -95.84 2.71 -75.27
C ASP WA 479 -95.03 3.99 -75.59
N ASN WA 480 -93.92 4.25 -74.92
CA ASN WA 480 -92.98 5.29 -75.36
C ASN WA 480 -92.48 5.03 -76.79
N LEU WA 481 -92.33 3.74 -77.16
CA LEU WA 481 -92.02 3.31 -78.51
C LEU WA 481 -93.27 3.07 -79.38
N GLU WA 482 -94.49 3.04 -78.83
CA GLU WA 482 -95.72 3.23 -79.61
C GLU WA 482 -95.92 4.68 -80.03
N TYR WA 483 -95.48 5.67 -79.24
CA TYR WA 483 -95.38 7.06 -79.70
C TYR WA 483 -94.53 7.13 -80.98
N ASN WA 484 -93.37 6.46 -80.97
CA ASN WA 484 -92.49 6.35 -82.12
C ASN WA 484 -93.18 5.55 -83.24
N GLN WA 485 -93.67 4.33 -82.99
CA GLN WA 485 -94.30 3.51 -84.03
C GLN WA 485 -95.46 4.23 -84.73
N ALA WA 486 -96.32 4.93 -84.01
CA ALA WA 486 -97.43 5.66 -84.60
C ALA WA 486 -96.99 6.81 -85.52
N VAL WA 487 -95.80 7.35 -85.30
CA VAL WA 487 -95.11 8.27 -86.22
C VAL WA 487 -94.45 7.48 -87.36
N ASN WA 488 -93.53 6.57 -87.02
CA ASN WA 488 -92.67 5.80 -87.94
C ASN WA 488 -93.47 5.06 -89.04
N ALA WA 489 -94.67 4.55 -88.72
CA ALA WA 489 -95.55 3.83 -89.66
C ALA WA 489 -95.80 4.60 -90.98
N LEU WA 490 -95.85 5.94 -90.91
CA LEU WA 490 -95.90 6.82 -92.08
C LEU WA 490 -94.58 7.59 -92.25
N ASP WA 491 -93.97 8.11 -91.18
CA ASP WA 491 -92.78 8.99 -91.19
C ASP WA 491 -91.57 8.37 -91.91
N ASP WA 492 -91.34 7.06 -91.74
CA ASP WA 492 -90.19 6.36 -92.33
C ASP WA 492 -90.15 6.42 -93.87
N GLY WA 493 -91.29 6.69 -94.52
CA GLY WA 493 -91.41 6.98 -95.96
C GLY WA 493 -92.14 8.30 -96.29
N ALA WA 494 -92.32 9.16 -95.30
CA ALA WA 494 -92.82 10.53 -95.45
C ALA WA 494 -91.76 11.57 -95.05
N MET WA 495 -90.50 11.15 -94.93
CA MET WA 495 -89.35 11.91 -94.43
C MET WA 495 -88.91 13.13 -95.28
N GLU WA 496 -89.50 13.36 -96.47
CA GLU WA 496 -89.25 14.52 -97.33
C GLU WA 496 -87.75 14.82 -97.57
N GLY WA 497 -86.87 13.82 -97.53
CA GLY WA 497 -85.42 13.97 -97.34
C GLY WA 497 -84.63 12.71 -97.73
N GLN WA 498 -83.87 12.10 -96.80
CA GLN WA 498 -83.10 10.84 -97.01
C GLN WA 498 -82.23 10.93 -98.29
N ASN WA 499 -81.85 9.82 -98.93
CA ASN WA 499 -81.64 9.86 -100.37
C ASN WA 499 -83.08 9.84 -100.96
N PRO WA 500 -83.67 11.02 -101.30
CA PRO WA 500 -85.09 11.24 -101.60
C PRO WA 500 -86.04 10.17 -101.05
N LEU WA 501 -86.59 9.34 -101.92
CA LEU WA 501 -86.97 7.98 -101.54
C LEU WA 501 -86.49 7.06 -102.68
N THR WA 502 -85.21 7.17 -103.05
CA THR WA 502 -84.58 6.33 -104.09
C THR WA 502 -84.62 4.86 -103.67
N LEU WA 503 -84.58 4.60 -102.36
CA LEU WA 503 -85.09 3.37 -101.73
C LEU WA 503 -86.46 3.00 -102.33
N ARG WA 504 -86.50 1.93 -103.12
CA ARG WA 504 -87.71 1.48 -103.81
C ARG WA 504 -88.55 0.59 -102.90
N SER WA 505 -87.90 -0.44 -102.36
CA SER WA 505 -88.43 -1.44 -101.43
C SER WA 505 -87.25 -2.21 -100.82
N VAL WA 506 -87.47 -3.04 -99.80
CA VAL WA 506 -86.44 -3.92 -99.24
C VAL WA 506 -86.94 -5.35 -99.20
N PHE WA 507 -86.11 -6.34 -99.52
CA PHE WA 507 -86.33 -7.73 -99.10
C PHE WA 507 -85.31 -8.09 -98.02
N SER WA 508 -85.73 -8.89 -97.04
CA SER WA 508 -84.86 -9.30 -95.96
C SER WA 508 -85.25 -10.64 -95.34
N GLU WA 509 -84.33 -11.25 -94.59
CA GLU WA 509 -84.57 -12.49 -93.85
C GLU WA 509 -83.82 -12.50 -92.51
N GLY WA 510 -84.52 -12.92 -91.45
CA GLY WA 510 -83.97 -13.09 -90.09
C GLY WA 510 -84.02 -14.53 -89.58
N PHE WA 511 -84.63 -15.45 -90.33
CA PHE WA 511 -84.67 -16.88 -90.05
C PHE WA 511 -85.43 -17.30 -88.76
N ILE WA 512 -86.41 -16.49 -88.34
CA ILE WA 512 -87.32 -16.77 -87.21
C ILE WA 512 -88.81 -16.58 -87.61
N SER WA 513 -89.13 -16.81 -88.89
CA SER WA 513 -90.49 -16.72 -89.45
C SER WA 513 -90.72 -17.79 -90.52
N LEU WA 514 -91.99 -18.05 -90.82
CA LEU WA 514 -92.45 -19.07 -91.78
C LEU WA 514 -92.57 -18.55 -93.22
N ASP WA 515 -92.69 -17.23 -93.40
CA ASP WA 515 -93.17 -16.59 -94.63
C ASP WA 515 -92.08 -16.39 -95.71
N LYS WA 516 -91.09 -15.53 -95.47
CA LYS WA 516 -90.16 -15.00 -96.49
C LYS WA 516 -89.34 -16.07 -97.22
N ALA WA 517 -89.14 -17.25 -96.62
CA ALA WA 517 -88.50 -18.41 -97.24
C ALA WA 517 -89.29 -19.02 -98.42
N ASP WA 518 -88.74 -18.90 -99.63
CA ASP WA 518 -89.25 -19.58 -100.81
C ASP WA 518 -88.68 -21.00 -100.95
N ILE WA 519 -88.99 -21.90 -100.02
CA ILE WA 519 -88.64 -23.35 -100.13
C ILE WA 519 -89.23 -23.98 -101.41
N THR WA 520 -90.31 -23.37 -101.88
CA THR WA 520 -90.97 -23.58 -103.15
C THR WA 520 -90.17 -23.13 -104.38
N HIS WA 521 -89.02 -22.48 -104.17
CA HIS WA 521 -87.94 -22.20 -105.14
C HIS WA 521 -86.70 -23.09 -104.83
N PRO WA 522 -86.76 -24.42 -105.04
CA PRO WA 522 -85.99 -25.44 -104.30
C PRO WA 522 -84.49 -25.56 -104.59
N ASP WA 523 -83.88 -24.54 -105.20
CA ASP WA 523 -82.46 -24.25 -104.97
C ASP WA 523 -82.28 -24.01 -103.46
N PHE WA 524 -83.31 -23.42 -102.85
CA PHE WA 524 -83.53 -23.37 -101.41
C PHE WA 524 -83.32 -24.73 -100.74
N GLY WA 525 -82.56 -24.74 -99.66
CA GLY WA 525 -82.38 -25.89 -98.77
C GLY WA 525 -81.65 -25.53 -97.48
N ILE WA 526 -82.08 -24.49 -96.75
CA ILE WA 526 -81.65 -24.27 -95.35
C ILE WA 526 -82.69 -24.74 -94.33
N VAL WA 527 -82.23 -24.79 -93.08
CA VAL WA 527 -83.00 -24.95 -91.84
C VAL WA 527 -82.48 -23.95 -90.78
N PHE WA 528 -83.38 -23.57 -89.87
CA PHE WA 528 -83.37 -22.27 -89.18
C PHE WA 528 -82.90 -22.37 -87.72
N SER WA 529 -83.27 -21.39 -86.89
CA SER WA 529 -83.25 -21.47 -85.43
C SER WA 529 -84.27 -20.44 -84.86
N PHE WA 530 -85.48 -20.91 -84.52
CA PHE WA 530 -86.72 -20.12 -84.56
C PHE WA 530 -86.92 -18.90 -83.63
N GLU WA 531 -86.01 -18.57 -82.72
CA GLU WA 531 -86.04 -17.26 -82.00
C GLU WA 531 -84.62 -16.77 -81.69
N ASP WA 532 -83.65 -17.23 -82.49
CA ASP WA 532 -82.21 -17.11 -82.26
C ASP WA 532 -81.51 -16.43 -83.46
N ALA WA 533 -82.21 -16.37 -84.60
CA ALA WA 533 -81.91 -15.65 -85.84
C ALA WA 533 -80.66 -16.10 -86.62
N GLU WA 534 -80.62 -17.37 -87.00
CA GLU WA 534 -79.61 -17.93 -87.90
C GLU WA 534 -80.17 -19.15 -88.65
N ALA WA 535 -79.61 -19.47 -89.81
CA ALA WA 535 -79.93 -20.68 -90.56
C ALA WA 535 -78.69 -21.31 -91.16
N THR WA 536 -78.84 -22.54 -91.61
CA THR WA 536 -77.76 -23.37 -92.15
C THR WA 536 -78.31 -24.44 -93.08
N LEU WA 537 -77.43 -25.15 -93.79
CA LEU WA 537 -77.81 -26.19 -94.73
C LEU WA 537 -78.80 -27.19 -94.09
N ALA WA 538 -79.93 -27.39 -94.77
CA ALA WA 538 -80.89 -28.42 -94.45
C ALA WA 538 -80.25 -29.81 -94.47
N TYR WA 539 -80.83 -30.74 -93.72
CA TYR WA 539 -80.20 -32.03 -93.46
C TYR WA 539 -81.16 -33.22 -93.60
N THR WA 540 -80.68 -34.23 -94.32
CA THR WA 540 -81.14 -35.61 -94.35
C THR WA 540 -81.04 -36.25 -92.98
N GLU WA 541 -82.11 -36.13 -92.22
CA GLU WA 541 -82.28 -36.68 -90.89
C GLU WA 541 -82.56 -38.20 -90.91
N ALA WA 542 -81.48 -38.99 -90.94
CA ALA WA 542 -81.46 -40.41 -90.64
C ALA WA 542 -81.81 -40.67 -89.14
N VAL WA 543 -83.09 -40.54 -88.76
CA VAL WA 543 -83.58 -40.76 -87.37
C VAL WA 543 -83.44 -42.25 -87.00
N ASN WA 544 -82.95 -42.57 -85.79
CA ASN WA 544 -82.82 -43.95 -85.30
C ASN WA 544 -83.34 -44.11 -83.87
N GLN WA 545 -83.68 -45.34 -83.52
CA GLN WA 545 -83.71 -45.81 -82.13
C GLN WA 545 -82.51 -46.74 -81.94
N PRO WA 546 -81.63 -46.48 -80.98
CA PRO WA 546 -80.68 -47.48 -80.54
C PRO WA 546 -81.43 -48.75 -80.06
N LYS WA 547 -80.69 -49.85 -79.88
CA LYS WA 547 -81.21 -51.16 -79.47
C LYS WA 547 -80.33 -51.74 -78.37
N ILE WA 548 -80.76 -52.75 -77.61
CA ILE WA 548 -80.04 -53.30 -76.45
C ILE WA 548 -79.31 -54.62 -76.79
N ILE WA 549 -78.00 -54.71 -76.50
CA ILE WA 549 -77.31 -56.01 -76.48
C ILE WA 549 -77.75 -56.73 -75.19
N PRO WA 550 -78.41 -57.90 -75.24
CA PRO WA 550 -79.28 -58.36 -74.14
C PRO WA 550 -78.70 -58.61 -72.74
N GLY WA 551 -77.56 -59.30 -72.61
CA GLY WA 551 -76.92 -59.55 -71.31
C GLY WA 551 -75.93 -58.45 -70.93
N ASP WA 552 -75.19 -57.97 -71.93
CA ASP WA 552 -74.24 -56.89 -71.81
C ASP WA 552 -74.91 -55.61 -71.31
N THR WA 553 -76.15 -55.39 -71.70
CA THR WA 553 -77.10 -54.57 -70.94
C THR WA 553 -77.45 -55.32 -69.64
N THR WA 554 -76.62 -55.15 -68.60
CA THR WA 554 -76.88 -55.75 -67.28
C THR WA 554 -78.14 -55.17 -66.65
N ALA WA 555 -78.51 -53.94 -67.02
CA ALA WA 555 -79.76 -53.29 -66.66
C ALA WA 555 -80.93 -54.21 -67.04
N HIS WA 556 -81.60 -54.79 -66.04
CA HIS WA 556 -82.67 -55.75 -66.27
C HIS WA 556 -83.77 -55.14 -67.16
N ILE WA 557 -84.04 -55.75 -68.30
CA ILE WA 557 -85.12 -55.34 -69.18
C ILE WA 557 -86.44 -55.86 -68.62
N TRP WA 558 -87.40 -54.95 -68.48
CA TRP WA 558 -88.69 -55.12 -67.80
C TRP WA 558 -89.81 -54.71 -68.75
N GLY WA 559 -90.52 -55.65 -69.37
CA GLY WA 559 -91.56 -55.28 -70.34
C GLY WA 559 -90.96 -54.48 -71.48
N ARG WA 560 -91.45 -53.26 -71.72
CA ARG WA 560 -90.79 -52.31 -72.65
C ARG WA 560 -89.74 -51.43 -71.93
N LEU WA 561 -89.88 -51.18 -70.63
CA LEU WA 561 -88.90 -50.47 -69.78
C LEU WA 561 -87.67 -51.33 -69.41
N ILE WA 562 -86.78 -50.74 -68.63
CA ILE WA 562 -85.54 -51.32 -68.12
C ILE WA 562 -85.35 -50.83 -66.67
N SER WA 563 -84.62 -51.56 -65.83
CA SER WA 563 -84.07 -51.10 -64.53
C SER WA 563 -82.60 -51.48 -64.44
N ALA WA 564 -81.93 -51.23 -63.33
CA ALA WA 564 -80.69 -51.91 -62.99
C ALA WA 564 -80.88 -53.44 -62.90
N PRO WA 565 -79.81 -54.27 -62.92
CA PRO WA 565 -79.95 -55.63 -62.46
C PRO WA 565 -80.45 -55.57 -61.03
N PHE WA 566 -81.16 -56.61 -60.64
CA PHE WA 566 -82.01 -56.54 -59.49
C PHE WA 566 -82.16 -57.92 -58.84
N THR WA 567 -82.68 -57.90 -57.63
CA THR WA 567 -83.06 -59.08 -56.83
C THR WA 567 -84.45 -58.80 -56.21
N GLU WA 568 -85.33 -59.81 -56.10
CA GLU WA 568 -86.65 -59.60 -55.47
C GLU WA 568 -86.59 -59.66 -53.92
N GLU WA 569 -87.44 -58.87 -53.26
CA GLU WA 569 -87.79 -58.95 -51.85
C GLU WA 569 -89.32 -59.12 -51.73
N ARG WA 570 -89.84 -59.80 -50.70
CA ARG WA 570 -91.21 -59.48 -50.24
C ARG WA 570 -91.13 -58.23 -49.37
N THR WA 571 -91.73 -57.13 -49.81
CA THR WA 571 -91.80 -55.89 -49.04
C THR WA 571 -93.05 -55.73 -48.20
N ILE WA 572 -94.18 -56.36 -48.57
CA ILE WA 572 -95.45 -56.31 -47.81
C ILE WA 572 -96.05 -57.71 -47.68
N TYR WA 573 -96.71 -58.03 -46.57
CA TYR WA 573 -97.47 -59.28 -46.43
C TYR WA 573 -98.60 -59.14 -45.41
N GLN WA 574 -99.79 -59.63 -45.76
CA GLN WA 574 -100.85 -59.97 -44.83
C GLN WA 574 -101.16 -61.47 -45.02
N GLY WA 575 -100.83 -62.28 -44.01
CA GLY WA 575 -100.88 -63.74 -44.13
C GLY WA 575 -102.17 -64.37 -43.60
N GLN WA 576 -103.21 -63.58 -43.31
CA GLN WA 576 -104.50 -64.08 -42.80
C GLN WA 576 -105.45 -64.30 -43.97
N ALA WA 577 -106.01 -65.49 -44.10
CA ALA WA 577 -107.27 -65.67 -44.80
C ALA WA 577 -108.30 -66.20 -43.79
N SER WA 578 -109.57 -65.93 -44.00
CA SER WA 578 -110.71 -66.43 -43.21
C SER WA 578 -111.91 -66.83 -44.07
N GLU WA 579 -111.93 -66.45 -45.36
CA GLU WA 579 -113.02 -66.75 -46.28
C GLU WA 579 -112.58 -66.63 -47.75
N THR WA 580 -113.35 -67.20 -48.69
CA THR WA 580 -113.16 -66.87 -50.11
C THR WA 580 -113.76 -65.50 -50.43
N LEU WA 581 -113.33 -64.91 -51.54
CA LEU WA 581 -114.15 -63.90 -52.22
C LEU WA 581 -114.04 -64.04 -53.75
N ASN WA 582 -115.18 -64.33 -54.41
CA ASN WA 582 -115.36 -64.14 -55.85
C ASN WA 582 -114.95 -62.72 -56.26
N VAL WA 583 -113.96 -62.61 -57.13
CA VAL WA 583 -113.34 -61.36 -57.60
C VAL WA 583 -114.31 -60.40 -58.34
N ASN WA 584 -115.54 -60.83 -58.57
CA ASN WA 584 -116.63 -60.02 -59.07
C ASN WA 584 -117.89 -60.69 -58.55
N PRO WA 585 -118.35 -60.37 -57.33
CA PRO WA 585 -119.42 -61.13 -56.68
C PRO WA 585 -120.81 -60.91 -57.31
N TYR WA 586 -120.95 -59.88 -58.14
CA TYR WA 586 -122.06 -59.67 -59.07
C TYR WA 586 -121.92 -60.53 -60.35
N ASN WA 587 -120.68 -60.99 -60.60
CA ASN WA 587 -120.10 -61.54 -61.82
C ASN WA 587 -120.51 -60.77 -63.08
N ILE WA 588 -120.40 -59.43 -63.01
CA ILE WA 588 -120.66 -58.47 -64.10
C ILE WA 588 -119.33 -57.79 -64.50
N PRO WA 589 -118.57 -58.37 -65.44
CA PRO WA 589 -117.42 -57.70 -66.03
C PRO WA 589 -117.88 -56.71 -67.12
N ASN WA 590 -116.90 -56.02 -67.72
CA ASN WA 590 -116.95 -55.52 -69.09
C ASN WA 590 -115.65 -56.03 -69.72
N LYS WA 591 -115.68 -56.59 -70.93
CA LYS WA 591 -114.50 -57.28 -71.46
C LYS WA 591 -113.45 -56.32 -72.05
N GLN WA 592 -112.85 -55.50 -71.20
CA GLN WA 592 -111.63 -54.81 -71.60
C GLN WA 592 -110.51 -55.86 -71.67
N GLY WA 593 -109.96 -56.07 -72.86
CA GLY WA 593 -108.78 -56.88 -73.05
C GLY WA 593 -107.55 -55.99 -73.23
N VAL WA 594 -106.46 -56.21 -72.49
CA VAL WA 594 -105.37 -55.22 -72.33
C VAL WA 594 -104.48 -55.14 -73.57
N LEU WA 595 -104.54 -54.03 -74.30
CA LEU WA 595 -103.78 -53.73 -75.52
C LEU WA 595 -102.43 -53.03 -75.22
N LYS WA 596 -101.44 -53.29 -76.08
CA LYS WA 596 -100.10 -52.72 -76.06
C LYS WA 596 -99.68 -52.38 -77.50
N LEU WA 597 -98.71 -51.50 -77.65
CA LEU WA 597 -98.03 -51.22 -78.93
C LEU WA 597 -96.61 -51.73 -78.92
N THR WA 598 -96.04 -51.80 -80.12
CA THR WA 598 -94.65 -52.12 -80.39
C THR WA 598 -94.30 -51.52 -81.74
N PRO WA 599 -93.46 -50.47 -81.81
CA PRO WA 599 -92.85 -49.70 -80.72
C PRO WA 599 -93.87 -48.86 -79.94
N SER WA 600 -93.43 -48.26 -78.85
CA SER WA 600 -94.25 -47.44 -77.96
C SER WA 600 -93.82 -45.97 -77.87
N GLU WA 601 -92.60 -45.59 -78.23
CA GLU WA 601 -92.17 -44.20 -78.08
C GLU WA 601 -91.24 -43.73 -79.19
N ASP WA 602 -91.08 -42.41 -79.32
CA ASP WA 602 -90.26 -41.77 -80.35
C ASP WA 602 -89.81 -40.35 -79.98
N ASN WA 603 -88.72 -39.87 -80.58
CA ASN WA 603 -88.32 -38.46 -80.64
C ASN WA 603 -87.54 -38.26 -81.96
N TRP WA 604 -88.00 -37.36 -82.83
CA TRP WA 604 -87.60 -37.22 -84.23
C TRP WA 604 -87.47 -35.75 -84.61
N ILE WA 605 -87.06 -35.48 -85.86
CA ILE WA 605 -86.98 -34.15 -86.47
C ILE WA 605 -87.46 -34.24 -87.93
N ASP WA 606 -87.81 -33.10 -88.54
CA ASP WA 606 -88.33 -33.01 -89.91
C ASP WA 606 -87.94 -31.70 -90.61
N THR WA 607 -87.16 -31.80 -91.69
CA THR WA 607 -86.95 -30.76 -92.71
C THR WA 607 -88.27 -30.54 -93.47
N GLU WA 608 -89.18 -29.76 -92.88
CA GLU WA 608 -90.57 -29.58 -93.37
C GLU WA 608 -90.65 -29.00 -94.80
N ASN WA 609 -89.57 -28.35 -95.26
CA ASN WA 609 -89.39 -27.69 -96.54
C ASN WA 609 -90.09 -28.40 -97.71
N LEU WA 678 -87.13 -21.24 -80.56
CA LEU WA 678 -88.30 -22.05 -80.20
C LEU WA 678 -88.15 -23.49 -80.75
N GLU WA 679 -87.60 -24.42 -79.96
CA GLU WA 679 -87.59 -25.85 -80.29
C GLU WA 679 -88.96 -26.50 -80.01
N GLU WA 680 -89.96 -26.10 -80.81
CA GLU WA 680 -91.33 -26.62 -80.78
C GLU WA 680 -91.40 -28.08 -81.24
N MET WA 681 -92.51 -28.79 -80.99
CA MET WA 681 -92.57 -30.24 -81.22
C MET WA 681 -93.53 -30.63 -82.36
N ILE WA 682 -93.15 -31.65 -83.12
CA ILE WA 682 -93.63 -31.82 -84.51
C ILE WA 682 -95.14 -32.20 -84.58
N GLU WA 683 -95.89 -31.47 -85.41
CA GLU WA 683 -97.33 -31.64 -85.71
C GLU WA 683 -97.68 -32.88 -86.56
N PHE WA 684 -96.68 -33.58 -87.07
CA PHE WA 684 -96.80 -35.01 -87.33
C PHE WA 684 -95.77 -35.74 -86.48
N ILE WA 685 -96.25 -36.63 -85.64
CA ILE WA 685 -95.45 -37.73 -85.13
C ILE WA 685 -95.06 -38.55 -86.36
N ARG WA 686 -93.75 -38.78 -86.57
CA ARG WA 686 -93.27 -39.29 -87.85
C ARG WA 686 -94.00 -40.56 -88.24
N ILE WA 687 -94.37 -40.62 -89.52
CA ILE WA 687 -95.18 -41.72 -90.06
C ILE WA 687 -94.40 -43.03 -89.89
N ARG WA 688 -95.00 -44.01 -89.20
CA ARG WA 688 -94.30 -45.19 -88.68
C ARG WA 688 -95.26 -46.38 -88.59
N ASP WA 689 -94.83 -47.60 -88.87
CA ASP WA 689 -95.70 -48.77 -88.69
C ASP WA 689 -95.56 -49.38 -87.31
N VAL WA 690 -96.66 -49.44 -86.59
CA VAL WA 690 -96.72 -49.89 -85.20
C VAL WA 690 -97.48 -51.19 -85.15
N SER WA 691 -96.80 -52.23 -84.65
CA SER WA 691 -97.43 -53.49 -84.28
C SER WA 691 -98.16 -53.36 -82.93
N PHE WA 692 -99.06 -54.28 -82.64
CA PHE WA 692 -99.78 -54.35 -81.39
C PHE WA 692 -99.89 -55.79 -80.88
N GLU WA 693 -100.14 -55.95 -79.58
CA GLU WA 693 -100.68 -57.16 -78.96
C GLU WA 693 -101.78 -56.73 -77.97
N VAL WA 694 -102.85 -57.52 -77.87
CA VAL WA 694 -103.93 -57.34 -76.89
C VAL WA 694 -104.27 -58.66 -76.23
N LYS WA 695 -104.39 -58.69 -74.90
CA LYS WA 695 -104.76 -59.89 -74.12
C LYS WA 695 -106.24 -59.91 -73.78
N GLY WA 696 -106.76 -61.09 -73.46
CA GLY WA 696 -108.00 -61.27 -72.70
C GLY WA 696 -109.22 -60.49 -73.19
N LEU WA 697 -109.47 -60.51 -74.49
CA LEU WA 697 -110.78 -60.25 -75.08
C LEU WA 697 -111.65 -61.54 -74.92
N ASN WA 698 -112.78 -61.70 -75.61
CA ASN WA 698 -113.49 -62.99 -75.64
C ASN WA 698 -112.71 -64.09 -76.44
N PRO WA 699 -112.94 -65.40 -76.21
CA PRO WA 699 -112.39 -66.48 -77.03
C PRO WA 699 -112.74 -66.31 -78.52
N ASN WA 700 -111.74 -66.21 -79.39
CA ASN WA 700 -111.89 -66.02 -80.84
C ASN WA 700 -112.87 -64.87 -81.21
N ASP WA 701 -112.92 -63.84 -80.37
CA ASP WA 701 -113.61 -62.57 -80.59
C ASP WA 701 -113.17 -61.90 -81.91
N ASN WA 702 -114.09 -61.21 -82.58
CA ASN WA 702 -114.05 -61.07 -84.02
C ASN WA 702 -114.52 -59.68 -84.50
N ASN WA 703 -114.01 -59.19 -85.63
CA ASN WA 703 -114.24 -57.82 -86.15
C ASN WA 703 -113.53 -56.71 -85.35
N LEU WA 704 -112.52 -57.06 -84.54
CA LEU WA 704 -111.88 -56.16 -83.58
C LEU WA 704 -111.11 -55.05 -84.30
N TYR WA 705 -111.73 -53.91 -84.55
CA TYR WA 705 -111.17 -52.74 -85.21
C TYR WA 705 -110.17 -51.99 -84.32
N LEU WA 706 -108.95 -51.80 -84.84
CA LEU WA 706 -107.96 -50.91 -84.27
C LEU WA 706 -108.32 -49.48 -84.65
N LEU WA 707 -108.36 -48.58 -83.67
CA LEU WA 707 -108.62 -47.15 -83.87
C LEU WA 707 -107.46 -46.32 -83.30
N PHE WA 708 -106.41 -46.09 -84.07
CA PHE WA 708 -105.29 -45.22 -83.69
C PHE WA 708 -105.82 -43.81 -83.32
N ASP WA 709 -105.48 -43.27 -82.14
CA ASP WA 709 -106.09 -42.06 -81.54
C ASP WA 709 -107.63 -42.07 -81.37
N GLY WA 710 -108.30 -43.22 -81.52
CA GLY WA 710 -109.75 -43.35 -81.69
C GLY WA 710 -110.22 -43.24 -83.16
N VAL WA 711 -109.30 -43.33 -84.12
CA VAL WA 711 -109.50 -43.28 -85.60
C VAL WA 711 -109.15 -44.62 -86.24
N ARG WA 712 -110.12 -45.22 -86.95
CA ARG WA 712 -110.00 -46.53 -87.63
C ARG WA 712 -108.75 -46.58 -88.53
N CYS WA 713 -107.81 -47.45 -88.17
CA CYS WA 713 -106.60 -47.74 -88.96
C CYS WA 713 -106.45 -49.26 -89.11
N ALA WA 714 -106.11 -49.68 -90.33
CA ALA WA 714 -106.27 -51.07 -90.76
C ALA WA 714 -105.30 -52.03 -90.08
N ILE WA 715 -105.85 -52.99 -89.33
CA ILE WA 715 -105.08 -54.11 -88.81
C ILE WA 715 -104.56 -54.99 -89.95
N THR WA 716 -103.24 -55.15 -90.00
CA THR WA 716 -102.56 -56.33 -90.53
C THR WA 716 -102.64 -57.41 -89.45
N PRO WA 717 -103.50 -58.45 -89.54
CA PRO WA 717 -103.66 -59.44 -88.47
C PRO WA 717 -102.43 -60.37 -88.45
N ALA WA 718 -101.76 -60.51 -87.30
CA ALA WA 718 -100.50 -61.26 -87.18
C ALA WA 718 -100.71 -62.78 -87.08
N THR WA 719 -99.60 -63.53 -87.01
CA THR WA 719 -99.53 -65.00 -87.03
C THR WA 719 -100.56 -65.66 -86.12
N GLY WA 720 -101.26 -66.68 -86.64
CA GLY WA 720 -102.39 -67.35 -85.98
C GLY WA 720 -103.71 -66.61 -86.15
N TYR WA 721 -103.71 -65.29 -86.00
CA TYR WA 721 -104.91 -64.44 -86.06
C TYR WA 721 -105.40 -64.31 -87.51
N ARG WA 722 -106.68 -64.64 -87.71
CA ARG WA 722 -107.41 -64.22 -88.90
C ARG WA 722 -107.58 -62.71 -88.89
N LYS WA 723 -107.94 -62.11 -90.01
CA LYS WA 723 -108.70 -60.86 -89.92
C LYS WA 723 -109.92 -61.08 -89.01
N GLY WA 724 -110.37 -60.03 -88.34
CA GLY WA 724 -111.75 -59.99 -87.92
C GLY WA 724 -112.58 -59.97 -89.21
N SER WA 725 -113.77 -60.57 -89.24
CA SER WA 725 -114.45 -60.81 -90.52
C SER WA 725 -114.67 -59.52 -91.34
N GLU WA 726 -114.97 -58.42 -90.67
CA GLU WA 726 -114.70 -57.04 -91.11
C GLU WA 726 -113.19 -56.84 -91.36
N ASP WA 727 -112.67 -56.86 -92.60
CA ASP WA 727 -111.21 -56.76 -92.77
C ASP WA 727 -110.63 -55.38 -92.36
N GLY WA 728 -109.33 -55.32 -92.03
CA GLY WA 728 -108.69 -54.21 -91.32
C GLY WA 728 -108.97 -54.24 -89.82
N THR WA 729 -109.46 -55.37 -89.33
CA THR WA 729 -109.71 -55.70 -87.92
C THR WA 729 -109.10 -57.07 -87.61
N ILE WA 730 -109.20 -57.58 -86.37
CA ILE WA 730 -108.66 -58.89 -85.98
C ILE WA 730 -109.71 -59.85 -85.40
N MET WA 731 -109.45 -61.16 -85.55
CA MET WA 731 -110.07 -62.20 -84.76
C MET WA 731 -109.04 -62.80 -83.79
N THR WA 732 -109.34 -62.91 -82.50
CA THR WA 732 -108.42 -63.42 -81.46
C THR WA 732 -108.15 -64.93 -81.54
N ASP WA 733 -107.30 -65.44 -80.66
CA ASP WA 733 -107.31 -66.85 -80.24
C ASP WA 733 -108.31 -67.10 -79.11
N ALA WA 734 -108.43 -68.36 -78.66
CA ALA WA 734 -109.39 -68.75 -77.62
C ALA WA 734 -109.11 -68.14 -76.23
N LYS WA 735 -107.93 -67.57 -75.93
CA LYS WA 735 -107.74 -66.76 -74.71
C LYS WA 735 -108.22 -65.33 -74.88
N GLY WA 736 -108.64 -64.95 -76.08
CA GLY WA 736 -108.87 -63.56 -76.43
C GLY WA 736 -107.59 -62.77 -76.65
N THR WA 737 -106.46 -63.42 -76.93
CA THR WA 737 -105.26 -62.68 -77.38
C THR WA 737 -105.44 -62.33 -78.86
N ALA WA 738 -104.98 -61.16 -79.30
CA ALA WA 738 -104.85 -60.80 -80.71
C ALA WA 738 -103.62 -59.92 -80.95
N LYS WA 739 -103.06 -59.94 -82.14
CA LYS WA 739 -101.81 -59.22 -82.49
C LYS WA 739 -101.84 -58.81 -83.96
N GLY WA 740 -101.13 -57.75 -84.33
CA GLY WA 740 -101.13 -57.25 -85.71
C GLY WA 740 -100.35 -55.95 -85.83
N LYS WA 741 -100.55 -55.17 -86.89
CA LYS WA 741 -99.98 -53.81 -87.03
C LYS WA 741 -100.83 -52.86 -87.89
N PHE WA 742 -100.51 -51.57 -87.82
CA PHE WA 742 -101.09 -50.47 -88.62
C PHE WA 742 -99.99 -49.41 -88.84
N THR WA 743 -100.36 -48.20 -89.29
CA THR WA 743 -99.41 -47.07 -89.46
C THR WA 743 -99.89 -45.78 -88.76
N ILE WA 744 -98.98 -45.11 -88.02
CA ILE WA 744 -99.09 -43.73 -87.52
C ILE WA 744 -99.21 -42.78 -88.73
N PRO WA 745 -100.33 -42.07 -88.94
CA PRO WA 745 -100.51 -41.11 -90.03
C PRO WA 745 -99.69 -39.80 -89.96
N ALA WA 746 -99.88 -38.90 -90.95
CA ALA WA 746 -99.39 -37.52 -90.98
C ALA WA 746 -100.42 -36.52 -90.44
N GLY WA 747 -100.02 -35.27 -90.20
CA GLY WA 747 -100.82 -34.26 -89.49
C GLY WA 747 -101.12 -34.59 -88.02
N ILE WA 748 -100.47 -35.64 -87.49
CA ILE WA 748 -100.63 -36.16 -86.12
C ILE WA 748 -99.91 -35.27 -85.11
N ARG WA 749 -100.71 -34.42 -84.44
CA ARG WA 749 -100.35 -33.59 -83.27
C ARG WA 749 -99.38 -34.35 -82.35
N CYS WA 750 -98.32 -33.72 -81.86
CA CYS WA 750 -97.25 -34.33 -81.07
C CYS WA 750 -97.75 -34.93 -79.72
N GLY WA 751 -96.86 -35.43 -78.87
CA GLY WA 751 -97.24 -36.01 -77.57
C GLY WA 751 -97.90 -37.39 -77.67
N ASN WA 752 -98.50 -37.87 -76.59
CA ASN WA 752 -98.90 -39.28 -76.48
C ASN WA 752 -100.04 -39.67 -77.44
N ARG WA 753 -100.10 -40.94 -77.86
CA ARG WA 753 -101.20 -41.49 -78.67
C ARG WA 753 -102.09 -42.41 -77.86
N GLU WA 754 -103.39 -42.31 -78.11
CA GLU WA 754 -104.28 -43.46 -77.93
C GLU WA 754 -104.02 -44.42 -79.10
N VAL WA 755 -104.27 -45.70 -78.92
CA VAL WA 755 -104.68 -46.59 -80.01
C VAL WA 755 -105.75 -47.51 -79.43
N THR WA 756 -106.98 -47.41 -79.92
CA THR WA 756 -108.05 -48.31 -79.51
C THR WA 756 -107.83 -49.68 -80.18
N LEU WA 757 -108.27 -50.78 -79.55
CA LEU WA 757 -108.54 -52.04 -80.26
C LEU WA 757 -109.78 -52.71 -79.66
N LYS WA 758 -110.88 -52.71 -80.42
CA LYS WA 758 -112.19 -53.11 -79.93
C LYS WA 758 -113.07 -53.63 -81.05
N ASN WA 759 -114.12 -54.35 -80.72
CA ASN WA 759 -115.35 -54.41 -81.50
C ASN WA 759 -116.46 -53.89 -80.56
N ALA WA 760 -117.66 -54.47 -80.56
CA ALA WA 760 -118.61 -54.24 -79.46
C ALA WA 760 -118.53 -55.27 -78.31
N ASN WA 761 -117.96 -56.44 -78.60
CA ASN WA 761 -117.97 -57.64 -77.77
C ASN WA 761 -116.83 -57.64 -76.72
N SER WA 762 -115.68 -57.06 -77.10
CA SER WA 762 -114.57 -56.68 -76.23
C SER WA 762 -113.96 -55.35 -76.68
N THR WA 763 -113.21 -54.69 -75.80
CA THR WA 763 -112.67 -53.36 -76.07
C THR WA 763 -111.29 -53.13 -75.47
N SER WA 764 -110.56 -52.12 -75.95
CA SER WA 764 -109.26 -51.75 -75.41
C SER WA 764 -108.78 -50.37 -75.87
N ALA WA 765 -107.76 -49.85 -75.21
CA ALA WA 765 -107.07 -48.57 -75.44
C ALA WA 765 -105.58 -48.77 -75.11
N THR WA 766 -104.66 -47.96 -75.62
CA THR WA 766 -103.23 -48.13 -75.30
C THR WA 766 -102.35 -46.92 -75.61
N THR WA 767 -101.08 -47.01 -75.20
CA THR WA 767 -100.13 -45.89 -75.14
C THR WA 767 -99.09 -45.90 -76.26
N TYR WA 768 -98.87 -44.73 -76.86
CA TYR WA 768 -97.60 -44.33 -77.49
C TYR WA 768 -97.12 -42.95 -76.97
N THR WA 769 -95.82 -42.62 -76.97
CA THR WA 769 -95.27 -41.33 -76.45
C THR WA 769 -94.36 -40.64 -77.47
N ALA WA 770 -94.39 -39.30 -77.58
CA ALA WA 770 -93.71 -38.60 -78.69
C ALA WA 770 -93.37 -37.15 -78.32
N GLN WA 771 -92.11 -36.72 -78.27
CA GLN WA 771 -91.71 -35.33 -77.92
C GLN WA 771 -90.44 -34.83 -78.66
N GLY WA 772 -90.34 -35.03 -79.98
CA GLY WA 772 -89.17 -34.58 -80.76
C GLY WA 772 -89.04 -33.05 -80.76
N ARG WA 773 -87.84 -32.52 -80.48
CA ARG WA 773 -87.55 -31.08 -80.53
C ARG WA 773 -87.17 -30.70 -81.97
N LYS WA 774 -88.10 -30.10 -82.72
CA LYS WA 774 -87.86 -29.58 -84.09
C LYS WA 774 -86.89 -28.36 -84.03
N LYS WA 775 -86.17 -28.04 -85.13
CA LYS WA 775 -85.33 -26.82 -85.29
C LYS WA 775 -86.11 -25.56 -85.74
N THR WA 776 -87.40 -25.71 -86.05
CA THR WA 776 -88.22 -24.72 -86.79
C THR WA 776 -89.72 -24.91 -86.43
N ALA WA 777 -90.58 -23.88 -86.54
CA ALA WA 777 -92.00 -23.92 -86.14
C ALA WA 777 -92.96 -24.48 -87.22
N GLN WA 778 -94.11 -23.82 -87.44
CA GLN WA 778 -95.30 -24.23 -88.20
C GLN WA 778 -95.90 -25.53 -87.67
N ASP WA 779 -95.14 -26.61 -87.71
CA ASP WA 779 -95.45 -27.83 -86.97
C ASP WA 779 -95.27 -27.63 -85.44
N ILE WA 780 -96.40 -27.66 -84.71
CA ILE WA 780 -96.52 -27.58 -83.25
C ILE WA 780 -97.61 -28.61 -82.77
N ILE WA 781 -98.44 -28.31 -81.75
CA ILE WA 781 -99.65 -29.03 -81.28
C ILE WA 781 -99.42 -30.43 -80.65
N ILE WA 782 -100.28 -30.87 -79.72
CA ILE WA 782 -100.24 -32.18 -79.03
C ILE WA 782 -101.64 -32.88 -79.00
N ARG WA 783 -101.73 -34.22 -78.77
CA ARG WA 783 -103.02 -34.96 -78.59
C ARG WA 783 -103.22 -35.65 -77.22
N THR WA 784 -102.48 -36.73 -76.89
CA THR WA 784 -102.50 -37.49 -75.60
C THR WA 784 -103.76 -38.33 -75.29
N ARG WA 785 -103.68 -39.30 -74.31
CA ARG WA 785 -104.50 -40.54 -74.32
C ARG WA 785 -105.32 -40.98 -73.09
N VAL WA 786 -104.94 -40.61 -71.86
CA VAL WA 786 -105.50 -41.05 -70.54
C VAL WA 786 -105.52 -42.57 -70.25
N THR WA 787 -105.85 -42.98 -69.01
CA THR WA 787 -106.26 -44.37 -68.66
C THR WA 787 -107.46 -44.34 -67.69
N VAL WA 788 -108.49 -45.19 -67.90
CA VAL WA 788 -109.71 -45.36 -67.07
C VAL WA 788 -110.29 -46.76 -67.32
N ASN WA 789 -110.96 -47.40 -66.35
CA ASN WA 789 -112.03 -48.36 -66.65
C ASN WA 789 -113.00 -48.67 -65.47
N LEU WA 790 -114.21 -49.17 -65.80
CA LEU WA 790 -115.32 -49.50 -64.87
C LEU WA 790 -115.98 -50.85 -65.20
N VAL WA 791 -116.24 -51.66 -64.16
CA VAL WA 791 -116.97 -52.94 -64.18
C VAL WA 791 -117.63 -53.14 -62.80
N ASP WA 792 -118.03 -54.36 -62.38
CA ASP WA 792 -118.41 -54.65 -60.99
C ASP WA 792 -117.32 -55.42 -60.20
N PRO WA 793 -116.07 -54.93 -60.05
CA PRO WA 793 -114.90 -55.75 -59.69
C PRO WA 793 -114.75 -55.99 -58.19
N LEU WA 794 -113.68 -56.68 -57.79
CA LEU WA 794 -113.06 -56.55 -56.47
C LEU WA 794 -111.98 -55.47 -56.49
N ALA WA 795 -111.69 -54.90 -55.32
CA ALA WA 795 -110.53 -54.05 -55.09
C ALA WA 795 -110.05 -54.10 -53.65
N GLN WA 796 -108.82 -53.60 -53.45
CA GLN WA 796 -108.11 -53.63 -52.17
C GLN WA 796 -107.30 -52.34 -52.04
N SER WA 797 -107.72 -51.42 -51.18
CA SER WA 797 -106.85 -50.32 -50.75
C SER WA 797 -105.57 -50.87 -50.12
N PHE WA 798 -104.44 -50.23 -50.38
CA PHE WA 798 -103.13 -50.60 -49.85
C PHE WA 798 -102.19 -49.39 -49.83
N GLN WA 799 -101.07 -49.51 -49.13
CA GLN WA 799 -100.05 -48.45 -49.05
C GLN WA 799 -98.63 -49.02 -49.14
N TYR WA 800 -97.71 -48.19 -49.65
CA TYR WA 800 -96.25 -48.32 -49.48
C TYR WA 800 -95.78 -47.13 -48.65
N ASP WA 801 -94.95 -47.39 -47.64
CA ASP WA 801 -94.38 -46.34 -46.78
C ASP WA 801 -92.96 -45.93 -47.22
N GLU WA 802 -92.28 -46.79 -47.99
CA GLU WA 802 -90.99 -46.52 -48.63
C GLU WA 802 -91.03 -46.73 -50.15
N ASN WA 803 -90.23 -45.95 -50.88
CA ASN WA 803 -90.00 -46.13 -52.31
C ASN WA 803 -89.45 -47.53 -52.57
N ARG WA 804 -90.05 -48.28 -53.50
CA ARG WA 804 -89.74 -49.69 -53.80
C ARG WA 804 -90.26 -50.10 -55.18
N THR WA 805 -89.44 -50.71 -56.05
CA THR WA 805 -89.93 -51.13 -57.37
C THR WA 805 -90.62 -52.48 -57.39
N ILE WA 806 -91.93 -52.52 -57.60
CA ILE WA 806 -92.70 -53.77 -57.61
C ILE WA 806 -92.15 -54.68 -58.70
N SER WA 807 -91.92 -55.93 -58.33
CA SER WA 807 -91.82 -57.06 -59.26
C SER WA 807 -93.19 -57.71 -59.46
N SER WA 808 -93.92 -57.91 -58.35
CA SER WA 808 -95.12 -58.73 -58.37
C SER WA 808 -95.94 -58.61 -57.11
N LEU WA 809 -97.20 -59.06 -57.16
CA LEU WA 809 -97.92 -59.52 -55.97
C LEU WA 809 -97.74 -61.04 -55.77
N GLY WA 810 -98.07 -61.51 -54.57
CA GLY WA 810 -98.55 -62.86 -54.31
C GLY WA 810 -99.94 -62.76 -53.69
N LEU WA 811 -100.87 -63.61 -54.09
CA LEU WA 811 -102.28 -63.60 -53.69
C LEU WA 811 -102.76 -65.04 -53.50
N TYR WA 812 -103.38 -65.39 -52.37
CA TYR WA 812 -103.88 -66.76 -52.17
C TYR WA 812 -105.24 -66.94 -52.83
N PHE WA 813 -105.52 -68.10 -53.45
CA PHE WA 813 -106.82 -68.34 -54.10
C PHE WA 813 -107.55 -69.56 -53.59
N ALA WA 814 -108.86 -69.42 -53.43
CA ALA WA 814 -109.80 -70.46 -53.04
C ALA WA 814 -110.31 -71.27 -54.24
N SER WA 815 -110.44 -70.62 -55.41
CA SER WA 815 -110.75 -71.28 -56.69
C SER WA 815 -110.36 -70.37 -57.85
N LYS WA 816 -110.18 -70.94 -59.05
CA LYS WA 816 -109.93 -70.20 -60.31
C LYS WA 816 -111.07 -70.49 -61.30
N GLY WA 817 -111.37 -69.52 -62.18
CA GLY WA 817 -112.31 -69.68 -63.27
C GLY WA 817 -111.75 -70.68 -64.29
N ASP WA 818 -111.44 -70.25 -65.50
CA ASP WA 818 -111.07 -71.18 -66.58
C ASP WA 818 -109.94 -70.65 -67.45
N LYS WA 819 -109.40 -71.50 -68.32
CA LYS WA 819 -108.17 -71.23 -69.07
C LYS WA 819 -108.33 -70.11 -70.11
N GLN WA 820 -109.53 -69.61 -70.35
CA GLN WA 820 -109.86 -68.67 -71.44
C GLN WA 820 -110.63 -67.45 -70.94
N SER WA 821 -111.23 -67.52 -69.75
CA SER WA 821 -111.43 -66.32 -68.93
C SER WA 821 -110.04 -65.90 -68.44
N ASN WA 822 -109.85 -64.63 -68.10
CA ASN WA 822 -108.57 -64.14 -67.64
C ASN WA 822 -108.80 -62.87 -66.81
N VAL WA 823 -108.56 -63.01 -65.52
CA VAL WA 823 -108.82 -61.97 -64.53
C VAL WA 823 -107.86 -60.81 -64.76
N VAL WA 824 -108.40 -59.60 -64.98
CA VAL WA 824 -107.57 -58.41 -65.15
C VAL WA 824 -107.25 -57.84 -63.77
N ILE WA 825 -106.10 -58.21 -63.22
CA ILE WA 825 -105.52 -57.60 -62.03
C ILE WA 825 -104.93 -56.24 -62.44
N GLN WA 826 -105.06 -55.23 -61.58
CA GLN WA 826 -104.66 -53.86 -61.86
C GLN WA 826 -104.14 -53.18 -60.58
N ILE WA 827 -103.22 -52.24 -60.73
CA ILE WA 827 -102.82 -51.29 -59.70
C ILE WA 827 -103.37 -49.91 -60.06
N ARG WA 828 -103.96 -49.23 -59.08
CA ARG WA 828 -104.63 -47.92 -59.23
C ARG WA 828 -104.27 -47.00 -58.05
N GLY WA 829 -104.50 -45.70 -58.21
CA GLY WA 829 -104.44 -44.73 -57.10
C GLY WA 829 -105.75 -44.73 -56.31
N MET WA 830 -106.03 -43.65 -55.57
CA MET WA 830 -107.23 -43.52 -54.73
C MET WA 830 -107.96 -42.18 -54.97
N GLY WA 831 -109.29 -42.18 -54.81
CA GLY WA 831 -110.15 -40.97 -54.87
C GLY WA 831 -110.75 -40.58 -53.50
N ASP WA 832 -111.60 -39.54 -53.42
CA ASP WA 832 -112.49 -39.32 -52.24
C ASP WA 832 -113.43 -40.48 -51.99
N GLN WA 833 -113.53 -41.35 -52.98
CA GLN WA 833 -113.82 -42.76 -52.83
C GLN WA 833 -113.42 -43.27 -51.41
N GLY WA 834 -112.17 -43.06 -50.98
CA GLY WA 834 -111.56 -43.97 -49.99
C GLY WA 834 -111.38 -45.39 -50.57
N TYR WA 835 -111.42 -45.50 -51.91
CA TYR WA 835 -111.45 -46.68 -52.79
C TYR WA 835 -110.64 -46.35 -54.08
N PRO WA 836 -110.33 -47.29 -54.99
CA PRO WA 836 -109.55 -47.02 -56.19
C PRO WA 836 -110.01 -45.84 -57.05
N ASN WA 837 -109.04 -45.13 -57.63
CA ASN WA 837 -109.31 -44.26 -58.76
C ASN WA 837 -109.56 -45.11 -60.04
N LYS WA 838 -109.81 -44.48 -61.19
CA LYS WA 838 -109.99 -45.19 -62.48
C LYS WA 838 -108.70 -45.45 -63.24
N THR WA 839 -107.63 -44.70 -62.95
CA THR WA 839 -106.32 -44.78 -63.64
C THR WA 839 -105.59 -46.09 -63.35
N ILE WA 840 -104.90 -46.69 -64.32
CA ILE WA 840 -104.23 -47.99 -64.14
C ILE WA 840 -102.73 -47.83 -64.42
N TYR WA 841 -101.90 -48.37 -63.50
CA TYR WA 841 -100.48 -48.06 -63.33
C TYR WA 841 -99.58 -49.26 -63.67
N ALA WA 842 -100.01 -50.45 -63.25
CA ALA WA 842 -99.58 -51.74 -63.79
C ALA WA 842 -100.73 -52.76 -63.72
N GLU WA 843 -100.68 -53.82 -64.52
CA GLU WA 843 -101.85 -54.67 -64.79
C GLU WA 843 -101.45 -56.01 -65.46
N THR WA 844 -102.24 -57.07 -65.27
CA THR WA 844 -102.05 -58.38 -65.91
C THR WA 844 -103.36 -59.14 -66.03
N VAL WA 845 -103.42 -60.12 -66.91
CA VAL WA 845 -104.65 -60.68 -67.49
C VAL WA 845 -104.58 -62.19 -67.38
N MET WA 846 -104.98 -62.68 -66.21
CA MET WA 846 -104.55 -63.96 -65.69
C MET WA 846 -105.65 -65.01 -65.80
N ASN WA 847 -105.39 -66.00 -66.64
CA ASN WA 847 -106.23 -67.16 -66.86
C ASN WA 847 -106.13 -68.18 -65.71
N ALA WA 848 -106.92 -69.25 -65.74
CA ALA WA 848 -106.70 -70.40 -64.87
C ALA WA 848 -105.34 -71.11 -65.15
N ASP WA 849 -104.67 -70.80 -66.25
CA ASP WA 849 -103.27 -71.12 -66.51
C ASP WA 849 -102.28 -70.35 -65.58
N ASP WA 850 -102.68 -69.15 -65.20
CA ASP WA 850 -101.89 -68.20 -64.44
C ASP WA 850 -102.19 -68.25 -62.93
N ILE WA 851 -103.44 -68.56 -62.59
CA ILE WA 851 -103.98 -68.57 -61.21
C ILE WA 851 -103.88 -69.96 -60.56
N LYS WA 852 -103.65 -69.94 -59.24
CA LYS WA 852 -103.00 -71.01 -58.46
C LYS WA 852 -103.65 -71.09 -57.08
N VAL WA 853 -104.36 -72.16 -56.78
CA VAL WA 853 -105.47 -72.13 -55.78
C VAL WA 853 -105.47 -73.36 -54.84
N SER WA 854 -106.22 -73.27 -53.74
CA SER WA 854 -106.07 -74.07 -52.51
C SER WA 854 -107.32 -74.07 -51.66
N ASN WA 855 -107.41 -74.92 -50.63
CA ASN WA 855 -108.63 -75.11 -49.81
C ASN WA 855 -108.61 -74.39 -48.45
N ASN WA 856 -107.55 -73.60 -48.22
CA ASN WA 856 -107.08 -73.19 -46.89
C ASN WA 856 -106.06 -72.01 -46.95
N ALA WA 857 -106.05 -71.25 -48.05
CA ALA WA 857 -105.05 -70.22 -48.34
C ALA WA 857 -103.58 -70.66 -48.22
N SER WA 858 -103.28 -71.84 -48.77
CA SER WA 858 -101.90 -72.35 -48.90
C SER WA 858 -101.27 -72.11 -50.28
N ALA WA 859 -102.06 -71.99 -51.36
CA ALA WA 859 -101.52 -71.71 -52.70
C ALA WA 859 -101.55 -70.22 -52.95
N GLU WA 860 -100.40 -69.63 -53.25
CA GLU WA 860 -100.28 -68.22 -53.63
C GLU WA 860 -100.07 -68.14 -55.15
N THR WA 861 -101.02 -67.51 -55.80
CA THR WA 861 -100.91 -67.00 -57.16
C THR WA 861 -99.91 -65.85 -57.18
N ARG WA 862 -98.91 -65.89 -58.07
CA ARG WA 862 -97.92 -64.81 -58.20
C ARG WA 862 -98.25 -63.95 -59.41
N VAL WA 863 -98.29 -62.65 -59.22
CA VAL WA 863 -98.83 -61.66 -60.16
C VAL WA 863 -97.73 -60.69 -60.56
N TYR WA 864 -96.93 -61.06 -61.54
CA TYR WA 864 -95.85 -60.20 -62.01
C TYR WA 864 -96.32 -59.10 -62.93
N PHE WA 865 -95.59 -58.00 -62.85
CA PHE WA 865 -95.75 -56.83 -63.72
C PHE WA 865 -94.54 -56.74 -64.66
N ASP WA 866 -94.77 -56.10 -65.81
CA ASP WA 866 -93.83 -56.18 -66.93
C ASP WA 866 -92.74 -55.11 -66.82
N ASP WA 867 -93.12 -53.84 -66.81
CA ASP WA 867 -92.23 -52.70 -66.54
C ASP WA 867 -91.81 -52.65 -65.04
N PRO WA 868 -90.66 -52.02 -64.68
CA PRO WA 868 -90.24 -51.80 -63.30
C PRO WA 868 -91.06 -50.65 -62.68
N MET WA 869 -92.29 -50.92 -62.22
CA MET WA 869 -93.19 -49.94 -61.57
C MET WA 869 -92.74 -49.60 -60.13
N MET WA 870 -92.35 -48.35 -59.84
CA MET WA 870 -91.96 -47.94 -58.48
C MET WA 870 -93.17 -47.51 -57.64
N ALA WA 871 -93.44 -48.27 -56.57
CA ALA WA 871 -94.37 -47.92 -55.52
C ALA WA 871 -93.72 -46.93 -54.54
N GLU WA 872 -94.09 -45.65 -54.65
CA GLU WA 872 -93.61 -44.55 -53.83
C GLU WA 872 -93.90 -44.72 -52.32
N GLY WA 873 -93.06 -44.14 -51.47
CA GLY WA 873 -93.17 -44.18 -50.01
C GLY WA 873 -93.98 -43.03 -49.40
N GLY WA 874 -94.86 -43.36 -48.45
CA GLY WA 874 -95.83 -42.45 -47.83
C GLY WA 874 -97.14 -42.32 -48.64
N LYS WA 875 -97.53 -43.39 -49.36
CA LYS WA 875 -98.59 -43.36 -50.38
C LYS WA 875 -99.57 -44.54 -50.27
N GLU WA 876 -100.87 -44.23 -50.43
CA GLU WA 876 -102.01 -45.15 -50.67
C GLU WA 876 -102.32 -45.39 -52.16
N TYR WA 877 -102.98 -46.51 -52.44
CA TYR WA 877 -103.25 -47.11 -53.74
C TYR WA 877 -104.44 -48.03 -53.55
N ALA WA 878 -105.00 -48.55 -54.65
CA ALA WA 878 -105.77 -49.78 -54.55
C ALA WA 878 -105.47 -50.74 -55.71
N ILE WA 879 -105.43 -52.03 -55.40
CA ILE WA 879 -105.54 -53.07 -56.40
C ILE WA 879 -106.97 -53.04 -56.95
N VAL WA 880 -107.19 -53.18 -58.25
CA VAL WA 880 -108.51 -53.50 -58.85
C VAL WA 880 -108.42 -54.83 -59.59
N ILE WA 881 -109.42 -55.68 -59.42
CA ILE WA 881 -109.35 -57.06 -59.86
C ILE WA 881 -110.68 -57.40 -60.53
N ILE WA 882 -110.64 -57.57 -61.86
CA ILE WA 882 -111.81 -57.81 -62.70
C ILE WA 882 -111.86 -59.28 -63.06
N THR WA 883 -112.91 -60.01 -62.66
CA THR WA 883 -113.21 -61.33 -63.21
C THR WA 883 -114.53 -61.33 -63.95
N GLU WA 884 -114.58 -62.13 -65.02
CA GLU WA 884 -115.77 -62.50 -65.78
C GLU WA 884 -116.38 -63.82 -65.34
N ASN WA 885 -115.61 -64.59 -64.55
CA ASN WA 885 -115.98 -65.90 -64.06
C ASN WA 885 -115.99 -65.86 -62.52
N SER WA 886 -117.13 -66.15 -61.91
CA SER WA 886 -117.34 -66.09 -60.45
C SER WA 886 -116.38 -66.99 -59.69
N ASP WA 887 -115.85 -68.01 -60.36
CA ASP WA 887 -115.04 -69.05 -59.76
C ASP WA 887 -113.57 -68.68 -59.72
N TYR WA 888 -113.18 -67.46 -60.11
CA TYR WA 888 -111.98 -66.86 -59.52
C TYR WA 888 -112.37 -66.28 -58.16
N THR WA 889 -112.31 -67.12 -57.13
CA THR WA 889 -112.48 -66.68 -55.75
C THR WA 889 -111.10 -66.62 -55.09
N MET WA 890 -110.68 -65.46 -54.62
CA MET WA 890 -109.48 -65.35 -53.78
C MET WA 890 -109.71 -65.94 -52.38
N TRP WA 891 -108.64 -66.06 -51.60
CA TRP WA 891 -108.68 -66.23 -50.13
C TRP WA 891 -108.40 -64.88 -49.49
N VAL WA 892 -109.28 -64.43 -48.60
CA VAL WA 892 -109.21 -63.10 -47.99
C VAL WA 892 -109.41 -63.21 -46.49
N GLY WA 893 -108.69 -62.40 -45.71
CA GLY WA 893 -108.72 -62.36 -44.25
C GLY WA 893 -109.65 -61.25 -43.75
N THR WA 894 -110.11 -61.37 -42.49
CA THR WA 894 -111.00 -60.38 -41.88
C THR WA 894 -110.88 -60.33 -40.35
N ARG WA 895 -111.02 -59.13 -39.80
CA ARG WA 895 -111.08 -58.78 -38.38
C ARG WA 895 -112.00 -59.74 -37.61
N THR WA 896 -111.62 -60.13 -36.40
CA THR WA 896 -112.28 -61.14 -35.52
C THR WA 896 -112.36 -62.58 -36.06
N LYS WA 897 -112.24 -62.82 -37.38
CA LYS WA 897 -112.71 -64.08 -37.96
C LYS WA 897 -111.79 -65.28 -37.75
N PRO WA 898 -112.33 -66.47 -37.43
CA PRO WA 898 -111.68 -67.77 -37.63
C PRO WA 898 -110.96 -67.84 -38.99
N LYS WA 899 -109.64 -68.07 -39.00
CA LYS WA 899 -108.88 -68.19 -40.25
C LYS WA 899 -109.38 -69.39 -41.07
N ILE WA 900 -109.23 -69.35 -42.38
CA ILE WA 900 -109.49 -70.53 -43.23
C ILE WA 900 -108.33 -71.51 -43.07
N ASP WA 901 -107.12 -70.96 -42.95
CA ASP WA 901 -105.88 -71.65 -42.58
C ASP WA 901 -106.06 -72.40 -41.25
N LYS WA 902 -106.69 -71.73 -40.27
CA LYS WA 902 -106.97 -72.22 -38.90
C LYS WA 902 -108.21 -71.54 -38.26
N PRO WA 903 -109.40 -72.15 -38.27
CA PRO WA 903 -110.59 -71.50 -37.68
C PRO WA 903 -110.47 -71.28 -36.17
N ASN WA 904 -109.71 -72.14 -35.48
CA ASN WA 904 -109.30 -71.95 -34.10
C ASN WA 904 -108.50 -70.64 -33.88
N GLU WA 905 -107.79 -70.13 -34.89
CA GLU WA 905 -107.24 -68.78 -34.88
C GLU WA 905 -108.33 -67.79 -35.28
N VAL WA 906 -108.97 -67.15 -34.30
CA VAL WA 906 -109.67 -65.90 -34.59
C VAL WA 906 -108.64 -64.81 -34.89
N ILE WA 907 -108.73 -64.17 -36.06
CA ILE WA 907 -107.97 -62.97 -36.43
C ILE WA 907 -108.30 -61.81 -35.46
N SER WA 908 -107.35 -60.93 -35.10
CA SER WA 908 -107.64 -59.71 -34.29
C SER WA 908 -108.16 -58.57 -35.18
N GLY WA 909 -107.30 -57.60 -35.53
CA GLY WA 909 -107.62 -56.46 -36.37
C GLY WA 909 -107.97 -56.82 -37.80
N ASN WA 910 -108.47 -55.83 -38.54
CA ASN WA 910 -108.52 -55.94 -40.01
C ASN WA 910 -107.09 -56.33 -40.50
N PRO WA 911 -106.92 -57.40 -41.30
CA PRO WA 911 -105.62 -58.06 -41.44
C PRO WA 911 -104.43 -57.13 -41.73
N TYR WA 912 -104.67 -56.08 -42.51
CA TYR WA 912 -103.77 -55.03 -42.94
C TYR WA 912 -104.59 -53.72 -42.94
N LEU WA 913 -104.78 -53.12 -41.75
CA LEU WA 913 -105.56 -51.87 -41.53
C LEU WA 913 -105.08 -50.69 -42.38
N GLN WA 914 -103.85 -50.81 -42.86
CA GLN WA 914 -103.11 -50.07 -43.87
C GLN WA 914 -103.67 -50.28 -45.31
N GLY WA 915 -104.97 -50.55 -45.38
CA GLY WA 915 -105.64 -51.22 -46.48
C GLY WA 915 -107.11 -51.51 -46.13
N VAL WA 916 -107.94 -51.78 -47.15
CA VAL WA 916 -109.37 -52.11 -47.04
C VAL WA 916 -109.78 -52.96 -48.25
N LEU WA 917 -110.63 -53.96 -48.05
CA LEU WA 917 -111.21 -54.79 -49.12
C LEU WA 917 -112.62 -54.34 -49.50
N PHE WA 918 -112.93 -54.36 -50.79
CA PHE WA 918 -114.27 -54.02 -51.29
C PHE WA 918 -114.53 -54.60 -52.68
N SER WA 919 -115.63 -55.34 -52.87
CA SER WA 919 -116.26 -55.42 -54.19
C SER WA 919 -116.98 -54.10 -54.52
N SER WA 920 -117.31 -53.83 -55.79
CA SER WA 920 -118.21 -52.74 -56.16
C SER WA 920 -119.13 -53.11 -57.30
N SER WA 921 -120.35 -52.60 -57.25
CA SER WA 921 -121.39 -52.67 -58.26
C SER WA 921 -121.14 -51.92 -59.58
N ASN WA 922 -120.04 -51.14 -59.67
CA ASN WA 922 -119.75 -50.22 -60.80
C ASN WA 922 -118.34 -49.57 -60.69
N ALA WA 923 -117.45 -50.14 -59.88
CA ALA WA 923 -116.17 -49.55 -59.45
C ALA WA 923 -116.31 -48.15 -58.80
N SER WA 924 -117.42 -47.89 -58.10
CA SER WA 924 -117.61 -46.70 -57.24
C SER WA 924 -118.52 -46.93 -56.01
N THR WA 925 -119.64 -47.66 -56.12
CA THR WA 925 -120.41 -48.14 -54.95
C THR WA 925 -119.74 -49.35 -54.34
N TRP WA 926 -118.53 -49.13 -53.82
CA TRP WA 926 -117.70 -50.14 -53.17
C TRP WA 926 -118.36 -50.63 -51.88
N THR WA 927 -117.93 -51.80 -51.42
CA THR WA 927 -118.48 -52.58 -50.30
C THR WA 927 -117.44 -52.64 -49.19
N PRO WA 928 -117.20 -51.55 -48.44
CA PRO WA 928 -115.93 -51.29 -47.76
C PRO WA 928 -115.81 -52.04 -46.45
N HIS WA 929 -115.48 -53.33 -46.54
CA HIS WA 929 -115.01 -54.07 -45.38
C HIS WA 929 -113.60 -53.61 -45.05
N GLN WA 930 -113.55 -52.48 -44.35
CA GLN WA 930 -112.46 -52.04 -43.47
C GLN WA 930 -112.24 -52.99 -42.26
N ASN WA 931 -112.93 -54.13 -42.27
CA ASN WA 931 -112.67 -55.35 -41.51
C ASN WA 931 -111.76 -56.33 -42.29
N SER WA 932 -111.70 -56.31 -43.62
CA SER WA 932 -111.15 -57.36 -44.48
C SER WA 932 -109.99 -56.89 -45.36
N ASP WA 933 -109.11 -57.83 -45.71
CA ASP WA 933 -108.09 -57.70 -46.77
C ASP WA 933 -107.97 -58.99 -47.56
N LEU WA 934 -107.54 -58.91 -48.81
CA LEU WA 934 -107.00 -60.05 -49.55
C LEU WA 934 -105.93 -60.74 -48.71
N LYS WA 935 -105.77 -62.07 -48.72
CA LYS WA 935 -104.53 -62.68 -48.22
C LYS WA 935 -103.48 -62.48 -49.32
N PHE WA 936 -102.48 -61.66 -49.04
CA PHE WA 936 -101.61 -61.08 -50.07
C PHE WA 936 -100.20 -60.80 -49.55
N GLY WA 937 -99.25 -60.66 -50.46
CA GLY WA 937 -98.01 -59.95 -50.14
C GLY WA 937 -97.27 -59.46 -51.38
N ILE WA 938 -96.72 -58.26 -51.31
CA ILE WA 938 -96.17 -57.53 -52.45
C ILE WA 938 -94.66 -57.50 -52.40
N TYR WA 939 -94.09 -57.74 -53.57
CA TYR WA 939 -92.68 -57.96 -53.78
C TYR WA 939 -92.08 -56.88 -54.65
N THR WA 940 -90.88 -56.46 -54.33
CA THR WA 940 -90.19 -55.36 -54.99
C THR WA 940 -88.72 -55.66 -55.20
N SER WA 941 -88.02 -54.74 -55.85
CA SER WA 941 -86.65 -54.94 -56.31
C SER WA 941 -85.64 -54.31 -55.36
N LYS WA 942 -84.80 -55.13 -54.73
CA LYS WA 942 -83.48 -54.65 -54.34
C LYS WA 942 -82.65 -54.61 -55.63
N PHE WA 943 -82.58 -53.43 -56.23
CA PHE WA 943 -81.70 -53.16 -57.35
C PHE WA 943 -80.23 -53.12 -56.94
N ASN WA 944 -79.38 -53.47 -57.88
CA ASN WA 944 -78.03 -52.98 -57.97
C ASN WA 944 -78.07 -51.44 -58.14
N GLU WA 945 -77.20 -50.70 -57.46
CA GLU WA 945 -77.25 -49.22 -57.45
C GLU WA 945 -76.96 -48.60 -58.82
N THR WA 946 -76.44 -49.34 -59.80
CA THR WA 946 -76.15 -48.88 -61.16
C THR WA 946 -76.18 -50.05 -62.15
N ALA WA 947 -76.14 -49.77 -63.45
CA ALA WA 947 -76.11 -50.80 -64.49
C ALA WA 947 -75.59 -50.35 -65.85
N THR WA 948 -75.04 -51.28 -66.63
CA THR WA 948 -74.74 -51.06 -68.05
C THR WA 948 -75.98 -51.23 -68.92
N ILE WA 949 -76.05 -50.43 -69.99
CA ILE WA 949 -76.94 -50.54 -71.14
C ILE WA 949 -76.09 -50.45 -72.40
N GLU WA 950 -75.34 -51.52 -72.65
CA GLU WA 950 -74.56 -51.68 -73.87
C GLU WA 950 -75.52 -51.81 -75.07
N PHE WA 951 -75.61 -50.76 -75.90
CA PHE WA 951 -76.50 -50.79 -77.06
C PHE WA 951 -75.90 -51.60 -78.21
N GLU WA 952 -76.76 -52.17 -79.04
CA GLU WA 952 -76.34 -52.81 -80.28
C GLU WA 952 -75.78 -51.76 -81.25
N PRO WA 953 -74.79 -52.11 -82.08
CA PRO WA 953 -74.29 -51.21 -83.10
C PRO WA 953 -75.40 -50.62 -83.99
N ILE WA 954 -75.29 -49.33 -84.23
CA ILE WA 954 -76.03 -48.51 -85.19
C ILE WA 954 -75.12 -48.28 -86.40
N LYS WA 955 -74.85 -49.35 -87.16
CA LYS WA 955 -73.87 -49.32 -88.25
C LYS WA 955 -74.47 -48.64 -89.50
N ASP WA 956 -73.57 -48.03 -90.29
CA ASP WA 956 -73.83 -47.35 -91.56
C ASP WA 956 -74.75 -46.13 -91.39
N VAL WA 957 -74.46 -45.39 -90.33
CA VAL WA 957 -74.93 -44.04 -89.97
C VAL WA 957 -74.37 -42.99 -90.95
N SER WA 958 -73.08 -43.05 -91.25
CA SER WA 958 -72.31 -42.14 -92.12
C SER WA 958 -72.75 -40.69 -92.03
N ALA WA 959 -72.81 -40.20 -90.79
CA ALA WA 959 -73.42 -38.93 -90.42
C ALA WA 959 -72.41 -37.83 -90.06
N ASP WA 960 -72.67 -36.60 -90.51
CA ASP WA 960 -71.94 -35.39 -90.12
C ASP WA 960 -72.47 -34.78 -88.81
N ARG WA 961 -73.66 -35.21 -88.37
CA ARG WA 961 -74.31 -34.71 -87.17
C ARG WA 961 -75.14 -35.82 -86.54
N ILE WA 962 -75.38 -35.71 -85.24
CA ILE WA 962 -76.29 -36.56 -84.49
C ILE WA 962 -76.99 -35.72 -83.41
N VAL WA 963 -78.18 -36.16 -83.00
CA VAL WA 963 -79.03 -35.55 -81.97
C VAL WA 963 -79.55 -36.70 -81.13
N LEU WA 964 -78.94 -36.94 -79.98
CA LEU WA 964 -79.52 -37.85 -79.00
C LEU WA 964 -80.80 -37.20 -78.49
N MET WA 965 -81.91 -37.93 -78.55
CA MET WA 965 -83.18 -37.54 -77.94
C MET WA 965 -83.75 -38.79 -77.28
N SER WA 966 -82.90 -39.48 -76.53
CA SER WA 966 -83.35 -40.65 -75.81
C SER WA 966 -84.15 -40.22 -74.57
N THR WA 967 -84.85 -41.14 -73.94
CA THR WA 967 -85.75 -40.82 -72.82
C THR WA 967 -85.47 -41.79 -71.68
N TYR WA 968 -85.28 -41.25 -70.49
CA TYR WA 968 -84.86 -41.99 -69.31
C TYR WA 968 -85.25 -41.16 -68.10
N LEU WA 969 -86.47 -41.27 -67.59
CA LEU WA 969 -86.83 -40.48 -66.41
C LEU WA 969 -85.97 -40.95 -65.23
N THR WA 970 -85.21 -40.06 -64.60
CA THR WA 970 -84.20 -40.43 -63.60
C THR WA 970 -84.46 -39.72 -62.27
N PRO WA 971 -85.37 -40.23 -61.42
CA PRO WA 971 -85.47 -39.85 -60.01
C PRO WA 971 -84.11 -39.77 -59.32
N GLU WA 972 -84.02 -39.01 -58.22
CA GLU WA 972 -82.79 -38.73 -57.51
C GLU WA 972 -81.97 -40.00 -57.17
N ARG WA 973 -80.64 -39.88 -57.17
CA ARG WA 973 -79.66 -41.00 -57.20
C ARG WA 973 -79.70 -41.80 -58.50
N THR WA 974 -80.90 -42.12 -59.02
CA THR WA 974 -81.03 -42.65 -60.39
C THR WA 974 -80.61 -41.58 -61.41
N GLY WA 975 -80.14 -42.04 -62.56
CA GLY WA 975 -79.46 -41.21 -63.54
C GLY WA 975 -79.15 -42.07 -64.76
N CYS WA 976 -78.70 -41.47 -65.84
CA CYS WA 976 -78.39 -42.24 -67.04
C CYS WA 976 -77.24 -41.49 -67.73
N THR WA 977 -76.00 -41.74 -67.30
CA THR WA 977 -74.85 -41.36 -68.13
C THR WA 977 -74.91 -42.10 -69.45
N TRP WA 978 -74.44 -41.45 -70.51
CA TRP WA 978 -74.67 -41.89 -71.88
C TRP WA 978 -73.35 -41.79 -72.61
N GLU WA 979 -73.02 -42.75 -73.46
CA GLU WA 979 -71.68 -42.89 -74.01
C GLU WA 979 -71.68 -43.32 -75.48
N MET WA 980 -70.60 -43.03 -76.20
CA MET WA 980 -70.50 -43.30 -77.63
C MET WA 980 -69.19 -43.97 -78.06
N LYS WA 981 -69.26 -44.77 -79.13
CA LYS WA 981 -68.14 -45.40 -79.83
C LYS WA 981 -68.39 -45.27 -81.33
N LEU WA 982 -68.17 -44.06 -81.87
CA LEU WA 982 -68.39 -43.80 -83.30
C LEU WA 982 -67.17 -44.32 -84.10
N ILE WA 983 -67.35 -45.32 -84.95
CA ILE WA 983 -66.43 -45.53 -86.08
C ILE WA 983 -66.74 -44.48 -87.13
N LEU WA 984 -65.74 -43.75 -87.60
CA LEU WA 984 -65.91 -42.72 -88.62
C LEU WA 984 -65.70 -43.26 -90.03
N ASP WA 985 -66.39 -42.74 -91.04
CA ASP WA 985 -66.01 -42.93 -92.44
C ASP WA 985 -64.56 -42.46 -92.66
N ASP WA 986 -64.07 -41.52 -91.84
CA ASP WA 986 -62.69 -41.00 -91.85
C ASP WA 986 -61.71 -41.73 -90.90
N MET WA 987 -62.15 -42.73 -90.12
CA MET WA 987 -61.26 -43.63 -89.39
C MET WA 987 -60.60 -44.68 -90.30
N ALA WA 988 -59.66 -45.45 -89.75
CA ALA WA 988 -59.13 -46.66 -90.39
C ALA WA 988 -60.21 -47.73 -90.56
N SER WA 989 -60.07 -48.61 -91.56
CA SER WA 989 -60.96 -49.76 -91.78
C SER WA 989 -60.92 -50.82 -90.66
N SER WA 990 -59.89 -50.79 -89.81
CA SER WA 990 -59.73 -51.61 -88.61
C SER WA 990 -60.55 -51.12 -87.42
N THR WA 991 -60.88 -49.82 -87.36
CA THR WA 991 -61.47 -49.23 -86.16
C THR WA 991 -62.88 -49.78 -85.90
N THR WA 992 -63.09 -50.31 -84.69
CA THR WA 992 -64.35 -50.90 -84.21
C THR WA 992 -64.56 -50.62 -82.72
N PHE WA 993 -65.71 -50.98 -82.17
CA PHE WA 993 -66.11 -50.66 -80.78
C PHE WA 993 -65.30 -51.42 -79.69
N ASP WA 994 -64.27 -52.14 -80.09
CA ASP WA 994 -63.16 -52.53 -79.22
C ASP WA 994 -62.16 -51.38 -79.04
N GLN WA 995 -61.70 -50.78 -80.14
CA GLN WA 995 -60.68 -49.72 -80.18
C GLN WA 995 -61.25 -48.38 -79.71
N LEU WA 996 -62.53 -48.13 -79.98
CA LEU WA 996 -63.29 -47.00 -79.47
C LEU WA 996 -63.70 -47.24 -78.01
N LYS WA 997 -63.68 -46.22 -77.14
CA LYS WA 997 -63.99 -46.31 -75.69
C LYS WA 997 -65.20 -45.45 -75.31
N TRP WA 998 -65.89 -45.78 -74.21
CA TRP WA 998 -67.16 -45.15 -73.80
C TRP WA 998 -67.01 -43.71 -73.26
N GLU WA 999 -66.54 -42.81 -74.10
CA GLU WA 999 -66.62 -41.36 -73.88
C GLU WA 999 -68.10 -40.88 -73.82
N PRO WA 1000 -68.43 -39.77 -73.15
CA PRO WA 1000 -69.83 -39.43 -72.85
C PRO WA 1000 -70.55 -38.55 -73.89
N ILE WA 1001 -71.77 -38.93 -74.24
CA ILE WA 1001 -72.72 -38.18 -75.09
C ILE WA 1001 -73.86 -37.61 -74.24
N GLY WA 1002 -74.21 -36.33 -74.43
CA GLY WA 1002 -75.37 -35.70 -73.79
C GLY WA 1002 -76.65 -35.67 -74.65
N ASN WA 1003 -77.79 -35.28 -74.08
CA ASN WA 1003 -79.13 -35.57 -74.62
C ASN WA 1003 -80.00 -34.33 -74.87
N TYR WA 1004 -80.94 -34.43 -75.81
CA TYR WA 1004 -81.61 -33.31 -76.50
C TYR WA 1004 -80.59 -32.30 -77.03
N GLN WA 1005 -79.42 -32.81 -77.38
CA GLN WA 1005 -78.21 -32.05 -77.64
C GLN WA 1005 -77.70 -32.34 -79.05
N ASP WA 1006 -77.60 -31.30 -79.85
CA ASP WA 1006 -77.12 -31.40 -81.22
C ASP WA 1006 -75.58 -31.44 -81.27
N LEU WA 1007 -75.04 -32.36 -82.08
CA LEU WA 1007 -73.65 -32.81 -82.03
C LEU WA 1007 -73.13 -33.09 -83.46
N ASP WA 1008 -72.39 -32.13 -84.03
CA ASP WA 1008 -71.62 -32.38 -85.25
C ASP WA 1008 -70.51 -33.40 -84.96
N VAL WA 1009 -70.30 -34.33 -85.88
CA VAL WA 1009 -69.38 -35.46 -85.77
C VAL WA 1009 -67.90 -35.05 -85.95
N LEU WA 1010 -67.61 -33.83 -86.44
CA LEU WA 1010 -66.26 -33.33 -86.73
C LEU WA 1010 -65.51 -34.27 -87.66
N GLY WA 1011 -66.19 -34.66 -88.73
CA GLY WA 1011 -65.93 -35.89 -89.48
C GLY WA 1011 -67.25 -36.50 -89.93
N LEU WA 1012 -67.25 -37.77 -90.31
CA LEU WA 1012 -68.47 -38.47 -90.70
C LEU WA 1012 -68.50 -39.84 -90.01
N ALA WA 1013 -69.62 -40.24 -89.42
CA ALA WA 1013 -69.69 -41.41 -88.53
C ALA WA 1013 -70.16 -42.69 -89.23
N ARG WA 1014 -69.30 -43.43 -89.94
CA ARG WA 1014 -69.73 -44.59 -90.72
C ARG WA 1014 -70.57 -45.54 -89.91
N GLN WA 1015 -70.08 -46.02 -88.79
CA GLN WA 1015 -70.70 -47.13 -88.09
C GLN WA 1015 -70.58 -46.88 -86.59
N VAL WA 1016 -71.67 -47.01 -85.85
CA VAL WA 1016 -71.69 -46.55 -84.47
C VAL WA 1016 -72.01 -47.69 -83.53
N LYS WA 1017 -71.52 -47.64 -82.30
CA LYS WA 1017 -72.18 -48.28 -81.17
C LYS WA 1017 -72.37 -47.20 -80.10
N LEU WA 1018 -73.43 -47.30 -79.32
CA LEU WA 1018 -73.68 -46.43 -78.18
C LEU WA 1018 -73.73 -47.28 -76.90
N ARG WA 1019 -73.65 -46.61 -75.76
CA ARG WA 1019 -73.99 -47.20 -74.48
C ARG WA 1019 -74.77 -46.15 -73.68
N ALA WA 1020 -75.52 -46.62 -72.71
CA ALA WA 1020 -75.81 -45.83 -71.54
C ALA WA 1020 -75.36 -46.59 -70.29
N THR WA 1021 -75.16 -45.86 -69.21
CA THR WA 1021 -74.97 -46.42 -67.89
C THR WA 1021 -76.03 -45.83 -66.96
N PHE WA 1022 -76.96 -46.67 -66.50
CA PHE WA 1022 -77.96 -46.31 -65.51
C PHE WA 1022 -77.27 -46.08 -64.17
N GLU WA 1023 -77.39 -44.87 -63.62
CA GLU WA 1023 -77.36 -44.72 -62.17
C GLU WA 1023 -78.76 -45.09 -61.67
N SER WA 1024 -78.85 -45.72 -60.50
CA SER WA 1024 -80.10 -46.18 -59.88
C SER WA 1024 -79.95 -46.00 -58.36
N ASN WA 1025 -80.84 -46.58 -57.59
CA ASN WA 1025 -80.62 -46.81 -56.17
C ASN WA 1025 -81.23 -48.16 -55.82
N ARG WA 1026 -80.97 -48.65 -54.61
CA ARG WA 1026 -81.52 -49.88 -54.02
C ARG WA 1026 -83.01 -50.12 -54.25
N TYR WA 1027 -83.82 -49.13 -54.59
CA TYR WA 1027 -85.28 -49.27 -54.71
C TYR WA 1027 -85.88 -48.76 -56.01
N ILE WA 1028 -85.18 -47.86 -56.70
CA ILE WA 1028 -85.66 -47.08 -57.86
C ILE WA 1028 -84.63 -47.15 -59.01
N SER WA 1029 -85.07 -47.18 -60.26
CA SER WA 1029 -84.21 -47.17 -61.44
C SER WA 1029 -84.89 -46.43 -62.61
N PRO WA 1030 -84.16 -45.84 -63.58
CA PRO WA 1030 -84.73 -44.89 -64.54
C PRO WA 1030 -85.77 -45.45 -65.55
N LEU WA 1031 -86.78 -44.64 -65.89
CA LEU WA 1031 -87.78 -44.99 -66.92
C LEU WA 1031 -87.23 -44.75 -68.33
N MET WA 1032 -86.33 -45.64 -68.78
CA MET WA 1032 -86.00 -45.81 -70.19
C MET WA 1032 -86.70 -47.05 -70.75
N SER WA 1033 -87.53 -46.85 -71.77
CA SER WA 1033 -88.05 -47.89 -72.66
C SER WA 1033 -87.10 -48.21 -73.81
N SER WA 1034 -87.12 -49.47 -74.21
CA SER WA 1034 -86.71 -49.99 -75.51
C SER WA 1034 -87.11 -49.15 -76.74
N SER WA 1035 -88.09 -48.25 -76.65
CA SER WA 1035 -88.39 -47.21 -77.66
C SER WA 1035 -88.47 -45.78 -77.12
N ASP WA 1036 -88.31 -45.54 -75.81
CA ASP WA 1036 -87.80 -44.26 -75.32
C ASP WA 1036 -86.36 -44.05 -75.78
N LEU WA 1037 -85.69 -45.16 -76.07
CA LEU WA 1037 -84.37 -45.23 -76.61
C LEU WA 1037 -84.30 -44.55 -77.99
N THR WA 1038 -83.83 -43.31 -78.10
CA THR WA 1038 -83.84 -42.57 -79.39
C THR WA 1038 -82.62 -41.70 -79.68
N PHE WA 1039 -82.24 -41.65 -80.96
CA PHE WA 1039 -80.99 -41.08 -81.46
C PHE WA 1039 -81.10 -40.73 -82.94
N THR WA 1040 -81.29 -39.45 -83.25
CA THR WA 1040 -81.24 -38.99 -84.64
C THR WA 1040 -79.78 -38.90 -85.11
N THR WA 1041 -79.55 -39.19 -86.38
CA THR WA 1041 -78.27 -38.99 -87.08
C THR WA 1041 -78.56 -38.26 -88.37
N PHE WA 1042 -77.58 -37.58 -88.96
CA PHE WA 1042 -77.85 -36.74 -90.11
C PHE WA 1042 -76.75 -36.80 -91.17
N LEU WA 1043 -77.18 -36.88 -92.42
CA LEU WA 1043 -76.43 -36.35 -93.53
C LEU WA 1043 -76.90 -34.89 -93.71
N THR WA 1044 -76.02 -33.91 -93.90
CA THR WA 1044 -76.42 -32.54 -94.29
C THR WA 1044 -76.22 -32.33 -95.78
N GLU WA 1045 -77.15 -31.66 -96.44
CA GLU WA 1045 -77.11 -31.42 -97.89
C GLU WA 1045 -75.93 -30.51 -98.28
N LEU WA 1046 -75.06 -30.91 -99.21
CA LEU WA 1046 -73.86 -30.12 -99.55
C LEU WA 1046 -74.19 -28.79 -100.24
N THR WA 1047 -75.37 -28.66 -100.82
CA THR WA 1047 -75.91 -27.38 -101.29
C THR WA 1047 -77.35 -27.25 -100.82
N GLY WA 1048 -77.75 -26.04 -100.42
CA GLY WA 1048 -79.09 -25.81 -99.91
C GLY WA 1048 -79.27 -24.34 -99.61
N SER WA 1049 -79.58 -23.56 -100.62
CA SER WA 1049 -79.62 -22.11 -100.57
C SER WA 1049 -80.64 -21.54 -99.59
N TYR WA 1050 -80.57 -20.23 -99.37
CA TYR WA 1050 -81.76 -19.46 -99.02
C TYR WA 1050 -82.26 -18.82 -100.31
N VAL WA 1051 -83.54 -18.97 -100.63
CA VAL WA 1051 -84.21 -18.18 -101.67
C VAL WA 1051 -85.30 -17.39 -100.97
N GLY WA 1052 -85.22 -16.07 -100.98
CA GLY WA 1052 -86.31 -15.24 -100.48
C GLY WA 1052 -87.42 -15.15 -101.53
N ARG WA 1053 -88.69 -15.09 -101.12
CA ARG WA 1053 -89.80 -15.05 -102.08
C ARG WA 1053 -89.66 -13.88 -103.06
N ALA WA 1054 -90.22 -14.08 -104.24
CA ALA WA 1054 -90.18 -13.11 -105.34
C ALA WA 1054 -90.80 -11.75 -104.92
N ILE WA 1055 -90.33 -10.67 -105.55
CA ILE WA 1055 -90.72 -9.29 -105.27
C ILE WA 1055 -91.07 -8.57 -106.57
N ASP WA 1056 -92.35 -8.36 -106.82
CA ASP WA 1056 -92.79 -7.40 -107.83
C ASP WA 1056 -92.29 -6.01 -107.41
N MET WA 1057 -91.45 -5.41 -108.24
CA MET WA 1057 -90.89 -4.08 -108.05
C MET WA 1057 -91.51 -3.05 -108.99
N THR WA 1058 -92.64 -3.34 -109.62
CA THR WA 1058 -93.31 -2.40 -110.55
C THR WA 1058 -93.88 -1.16 -109.84
N GLU WA 1059 -94.24 -1.25 -108.55
CA GLU WA 1059 -94.64 -0.09 -107.75
C GLU WA 1059 -93.48 0.84 -107.37
N ALA WA 1060 -92.24 0.36 -107.49
CA ALA WA 1060 -91.01 1.07 -107.16
C ALA WA 1060 -89.87 0.53 -108.05
N PRO WA 1061 -89.87 0.83 -109.36
CA PRO WA 1061 -88.93 0.22 -110.30
C PRO WA 1061 -87.47 0.45 -109.90
N TYR WA 1062 -86.63 -0.60 -109.82
CA TYR WA 1062 -85.30 -0.52 -109.23
C TYR WA 1062 -84.18 -0.57 -110.28
N ASN WA 1063 -83.35 0.47 -110.35
CA ASN WA 1063 -82.14 0.47 -111.17
C ASN WA 1063 -80.94 -0.11 -110.39
N THR WA 1064 -81.00 -0.09 -109.06
CA THR WA 1064 -79.99 -0.63 -108.14
C THR WA 1064 -80.61 -1.64 -107.18
N VAL WA 1065 -79.80 -2.57 -106.69
CA VAL WA 1065 -80.00 -3.18 -105.38
C VAL WA 1065 -78.69 -3.08 -104.62
N ARG WA 1066 -78.75 -2.73 -103.33
CA ARG WA 1066 -77.61 -2.87 -102.41
C ARG WA 1066 -77.71 -4.13 -101.57
N PHE WA 1067 -77.50 -5.28 -102.18
CA PHE WA 1067 -77.66 -6.56 -101.50
C PHE WA 1067 -76.60 -6.73 -100.41
N SER WA 1068 -76.92 -6.39 -99.17
CA SER WA 1068 -76.17 -6.89 -98.03
C SER WA 1068 -76.83 -8.16 -97.50
N TYR WA 1069 -76.06 -8.95 -96.77
CA TYR WA 1069 -76.46 -10.15 -96.08
C TYR WA 1069 -75.40 -10.45 -95.02
N GLU WA 1070 -75.70 -11.35 -94.09
CA GLU WA 1070 -74.74 -11.76 -93.07
C GLU WA 1070 -74.54 -13.28 -93.09
N ALA WA 1071 -73.28 -13.71 -92.98
CA ALA WA 1071 -72.92 -15.11 -92.89
C ALA WA 1071 -71.62 -15.35 -92.11
N PHE WA 1072 -71.54 -16.44 -91.37
CA PHE WA 1072 -70.27 -17.06 -91.11
C PHE WA 1072 -70.16 -18.25 -92.05
N LEU WA 1073 -69.06 -18.30 -92.77
CA LEU WA 1073 -68.77 -19.39 -93.66
C LEU WA 1073 -67.57 -20.12 -93.03
N PRO WA 1074 -67.76 -21.32 -92.45
CA PRO WA 1074 -66.66 -22.20 -92.04
C PRO WA 1074 -65.71 -22.54 -93.18
N LYS WA 1075 -64.58 -23.16 -92.84
CA LYS WA 1075 -63.51 -23.57 -93.77
C LYS WA 1075 -64.09 -24.01 -95.12
N GLY WA 1076 -63.71 -23.29 -96.18
CA GLY WA 1076 -64.09 -23.54 -97.57
C GLY WA 1076 -65.57 -23.46 -97.93
N THR WA 1077 -66.50 -23.32 -96.97
CA THR WA 1077 -67.93 -23.16 -97.27
C THR WA 1077 -68.20 -21.82 -97.97
N LYS WA 1078 -69.34 -21.71 -98.67
CA LYS WA 1078 -69.69 -20.56 -99.53
C LYS WA 1078 -71.15 -20.15 -99.38
N VAL WA 1079 -71.47 -18.92 -99.78
CA VAL WA 1079 -72.83 -18.43 -100.11
C VAL WA 1079 -72.78 -17.66 -101.44
N VAL WA 1080 -73.63 -17.98 -102.42
CA VAL WA 1080 -73.71 -17.18 -103.67
C VAL WA 1080 -74.81 -16.14 -103.53
N PRO WA 1081 -74.49 -14.86 -103.35
CA PRO WA 1081 -75.50 -13.81 -103.35
C PRO WA 1081 -76.04 -13.64 -104.77
N LYS WA 1082 -77.35 -13.76 -104.96
CA LYS WA 1082 -77.99 -13.85 -106.27
C LYS WA 1082 -79.18 -12.91 -106.37
N TYR WA 1083 -79.37 -12.30 -107.55
CA TYR WA 1083 -80.68 -11.79 -107.97
C TYR WA 1083 -81.11 -12.41 -109.28
N SER WA 1084 -82.31 -12.94 -109.28
CA SER WA 1084 -83.08 -12.99 -110.50
C SER WA 1084 -83.57 -11.56 -110.72
N ALA WA 1085 -83.39 -10.99 -111.91
CA ALA WA 1085 -83.92 -9.66 -112.25
C ALA WA 1085 -85.43 -9.67 -112.55
N ASP WA 1086 -86.16 -10.69 -112.07
CA ASP WA 1086 -87.39 -11.15 -112.70
C ASP WA 1086 -88.08 -12.31 -111.93
N ASP WA 1087 -88.44 -12.14 -110.66
CA ASP WA 1087 -89.28 -13.09 -109.88
C ASP WA 1087 -88.83 -14.58 -109.93
N GLY WA 1088 -87.51 -14.83 -109.90
CA GLY WA 1088 -86.89 -16.15 -109.83
C GLY WA 1088 -86.49 -16.79 -111.16
N LYS WA 1089 -86.35 -16.01 -112.24
CA LYS WA 1089 -86.13 -16.53 -113.61
C LYS WA 1089 -84.65 -16.46 -114.06
N THR WA 1090 -84.16 -15.29 -114.49
CA THR WA 1090 -82.75 -15.09 -114.90
C THR WA 1090 -81.86 -14.79 -113.70
N TRP WA 1091 -81.55 -15.82 -112.91
CA TRP WA 1091 -80.69 -15.75 -111.73
C TRP WA 1091 -79.24 -15.33 -112.06
N LYS WA 1092 -78.98 -14.04 -112.02
CA LYS WA 1092 -77.64 -13.47 -111.92
C LYS WA 1092 -77.10 -13.72 -110.50
N THR WA 1093 -75.80 -13.95 -110.37
CA THR WA 1093 -75.09 -13.61 -109.11
C THR WA 1093 -75.06 -12.10 -108.97
N PHE WA 1094 -75.01 -11.54 -107.75
CA PHE WA 1094 -74.72 -10.12 -107.59
C PHE WA 1094 -73.37 -9.82 -108.27
N THR WA 1095 -73.43 -9.12 -109.40
CA THR WA 1095 -72.32 -8.88 -110.35
C THR WA 1095 -71.36 -7.76 -109.88
N LYS WA 1096 -71.61 -7.16 -108.72
CA LYS WA 1096 -70.70 -6.30 -107.96
C LYS WA 1096 -70.28 -6.97 -106.65
N SER WA 1097 -69.12 -6.58 -106.14
CA SER WA 1097 -68.45 -7.20 -104.99
C SER WA 1097 -69.14 -6.94 -103.65
N PRO WA 1098 -69.31 -7.94 -102.76
CA PRO WA 1098 -69.72 -7.69 -101.39
C PRO WA 1098 -68.55 -7.05 -100.64
N THR WA 1099 -68.82 -5.97 -99.90
CA THR WA 1099 -67.92 -5.45 -98.88
C THR WA 1099 -67.93 -6.37 -97.65
N THR WA 1100 -67.00 -7.31 -97.54
CA THR WA 1100 -67.01 -8.43 -96.57
C THR WA 1100 -66.53 -8.00 -95.17
N THR WA 1101 -67.20 -7.00 -94.62
CA THR WA 1101 -66.97 -6.47 -93.27
C THR WA 1101 -67.17 -7.51 -92.16
N ARG WA 1102 -66.48 -7.45 -91.01
CA ARG WA 1102 -66.89 -8.27 -89.86
C ARG WA 1102 -68.26 -7.79 -89.35
N ALA WA 1103 -69.22 -8.70 -89.24
CA ALA WA 1103 -70.58 -8.41 -88.85
C ALA WA 1103 -70.77 -8.26 -87.32
N ASN WA 1104 -70.21 -9.21 -86.55
CA ASN WA 1104 -70.32 -9.30 -85.10
C ASN WA 1104 -69.15 -10.15 -84.54
N ASN WA 1105 -69.27 -10.60 -83.29
CA ASN WA 1105 -68.31 -11.48 -82.60
C ASN WA 1105 -67.95 -12.79 -83.35
N GLU WA 1106 -68.64 -13.15 -84.45
CA GLU WA 1106 -68.28 -14.26 -85.34
C GLU WA 1106 -68.42 -13.89 -86.83
N PHE WA 1107 -69.63 -13.52 -87.25
CA PHE WA 1107 -70.03 -13.49 -88.66
C PHE WA 1107 -69.29 -12.40 -89.46
N THR WA 1108 -69.35 -12.52 -90.79
CA THR WA 1108 -69.02 -11.46 -91.74
C THR WA 1108 -70.31 -10.97 -92.43
N ARG WA 1109 -70.38 -9.70 -92.83
CA ARG WA 1109 -71.50 -9.07 -93.55
C ARG WA 1109 -71.01 -8.54 -94.89
N TYR WA 1110 -71.84 -8.65 -95.92
CA TYR WA 1110 -71.38 -8.79 -97.30
C TYR WA 1110 -72.08 -7.82 -98.24
N VAL WA 1111 -71.84 -6.53 -98.04
CA VAL WA 1111 -72.58 -5.45 -98.73
C VAL WA 1111 -72.23 -5.37 -100.21
N ILE WA 1112 -72.96 -6.02 -101.11
CA ILE WA 1112 -72.94 -5.62 -102.53
C ILE WA 1112 -73.72 -4.30 -102.65
N ASP WA 1113 -73.20 -3.33 -103.40
CA ASP WA 1113 -73.99 -2.25 -104.02
C ASP WA 1113 -73.90 -2.39 -105.56
N GLU WA 1114 -75.03 -2.60 -106.24
CA GLU WA 1114 -75.09 -2.96 -107.65
C GLU WA 1114 -76.23 -2.25 -108.41
N LYS WA 1115 -75.91 -1.54 -109.50
CA LYS WA 1115 -76.93 -1.07 -110.46
C LYS WA 1115 -77.43 -2.25 -111.34
N VAL WA 1116 -78.23 -3.12 -110.72
CA VAL WA 1116 -78.86 -4.37 -111.22
C VAL WA 1116 -79.74 -4.19 -112.45
N LYS WA 1117 -80.15 -2.95 -112.74
CA LYS WA 1117 -80.50 -2.51 -114.08
C LYS WA 1117 -79.80 -1.18 -114.29
N SER WA 1118 -78.67 -1.19 -114.99
CA SER WA 1118 -77.74 -0.05 -115.06
C SER WA 1118 -78.41 1.28 -115.46
N SER WA 1119 -79.39 1.19 -116.37
CA SER WA 1119 -80.28 2.28 -116.76
C SER WA 1119 -81.64 1.75 -117.21
N GLY WA 1120 -82.68 2.58 -117.08
CA GLY WA 1120 -84.00 2.02 -116.86
C GLY WA 1120 -84.05 1.34 -115.49
N THR WA 1121 -84.96 0.38 -115.29
CA THR WA 1121 -85.19 -0.23 -113.98
C THR WA 1121 -85.68 -1.67 -114.14
N ASN WA 1122 -85.31 -2.56 -113.22
CA ASN WA 1122 -85.99 -3.83 -113.04
C ASN WA 1122 -87.33 -3.58 -112.30
N THR WA 1123 -88.36 -4.37 -112.57
CA THR WA 1123 -89.71 -4.24 -111.94
C THR WA 1123 -90.23 -5.56 -111.40
N LYS WA 1124 -89.38 -6.58 -111.35
CA LYS WA 1124 -89.59 -7.91 -110.79
C LYS WA 1124 -88.24 -8.39 -110.24
N LEU WA 1125 -88.21 -9.26 -109.24
CA LEU WA 1125 -86.97 -9.62 -108.55
C LEU WA 1125 -87.14 -10.96 -107.85
N GLN WA 1126 -86.06 -11.73 -107.69
CA GLN WA 1126 -85.96 -12.66 -106.57
C GLN WA 1126 -84.55 -12.64 -105.99
N VAL WA 1127 -84.41 -12.94 -104.70
CA VAL WA 1127 -83.17 -12.78 -103.92
C VAL WA 1127 -82.75 -14.11 -103.31
N ARG WA 1128 -81.45 -14.37 -103.23
CA ARG WA 1128 -80.94 -15.72 -102.90
C ARG WA 1128 -79.50 -15.74 -102.43
N LEU WA 1129 -79.17 -16.77 -101.66
CA LEU WA 1129 -77.89 -17.03 -101.03
C LEU WA 1129 -77.57 -18.52 -101.21
N ASP WA 1130 -76.73 -18.92 -102.17
CA ASP WA 1130 -76.47 -20.36 -102.37
C ASP WA 1130 -75.46 -20.95 -101.38
N LEU WA 1131 -75.95 -21.27 -100.17
CA LEU WA 1131 -75.21 -22.07 -99.20
C LEU WA 1131 -74.72 -23.35 -99.88
N SER WA 1132 -73.41 -23.53 -99.82
CA SER WA 1132 -72.72 -24.56 -100.53
C SER WA 1132 -71.45 -24.94 -99.77
N THR WA 1133 -70.99 -26.19 -99.90
CA THR WA 1133 -69.85 -26.70 -99.14
C THR WA 1133 -69.15 -27.90 -99.79
N GLU WA 1134 -67.95 -28.18 -99.31
CA GLU WA 1134 -67.13 -29.34 -99.63
C GLU WA 1134 -67.56 -30.60 -98.87
N ASN WA 1135 -68.03 -30.46 -97.63
CA ASN WA 1135 -68.54 -31.58 -96.85
C ASN WA 1135 -69.67 -31.14 -95.91
N SER WA 1136 -70.50 -32.09 -95.51
CA SER WA 1136 -71.76 -31.82 -94.84
C SER WA 1136 -71.60 -31.38 -93.37
N PHE WA 1137 -70.46 -31.65 -92.72
CA PHE WA 1137 -70.15 -31.09 -91.39
C PHE WA 1137 -69.73 -29.60 -91.49
N LEU WA 1138 -69.01 -29.22 -92.54
CA LEU WA 1138 -68.72 -27.84 -92.90
C LEU WA 1138 -70.00 -27.20 -93.43
N ARG WA 1139 -70.74 -26.48 -92.58
CA ARG WA 1139 -71.97 -25.80 -93.01
C ARG WA 1139 -71.80 -24.29 -92.99
N PRO WA 1140 -71.98 -23.56 -94.11
CA PRO WA 1140 -72.13 -22.12 -94.05
C PRO WA 1140 -73.38 -21.82 -93.21
N ARG WA 1141 -73.35 -20.68 -92.52
CA ARG WA 1141 -74.36 -20.26 -91.56
C ARG WA 1141 -74.70 -18.81 -91.83
N VAL WA 1142 -75.99 -18.49 -91.85
CA VAL WA 1142 -76.50 -17.27 -92.49
C VAL WA 1142 -77.56 -16.61 -91.66
N ARG WA 1143 -77.69 -15.29 -91.82
CA ARG WA 1143 -78.67 -14.45 -91.15
C ARG WA 1143 -78.74 -13.07 -91.81
N ARG WA 1144 -79.72 -12.25 -91.39
CA ARG WA 1144 -79.78 -10.80 -91.66
C ARG WA 1144 -79.56 -10.45 -93.13
N LEU WA 1145 -80.22 -11.16 -94.04
CA LEU WA 1145 -80.32 -10.78 -95.46
C LEU WA 1145 -80.96 -9.38 -95.52
N MET WA 1146 -80.36 -8.48 -96.29
CA MET WA 1146 -80.45 -7.04 -96.06
C MET WA 1146 -80.40 -6.32 -97.42
N VAL WA 1147 -81.49 -6.45 -98.21
CA VAL WA 1147 -81.54 -6.16 -99.67
C VAL WA 1147 -82.46 -4.99 -100.00
N THR WA 1148 -81.95 -3.76 -99.86
CA THR WA 1148 -82.67 -2.59 -100.39
C THR WA 1148 -82.58 -2.58 -101.90
N THR WA 1149 -83.73 -2.67 -102.54
CA THR WA 1149 -83.95 -2.30 -103.94
C THR WA 1149 -84.02 -0.77 -104.03
N ARG WA 1150 -83.50 -0.23 -105.13
CA ARG WA 1150 -82.97 1.13 -105.21
C ARG WA 1150 -83.12 1.71 -106.60
N ASP WA 1151 -83.18 3.02 -106.72
CA ASP WA 1151 -83.41 3.65 -108.01
C ASP WA 1151 -82.91 5.09 -108.04
N GLU WA 1152 -81.76 5.27 -108.65
CA GLU WA 1152 -80.82 6.35 -108.39
C GLU WA 1152 -80.43 7.10 -109.67
N ILE XA 3 -140.78 -49.31 -26.74
CA ILE XA 3 -141.47 -49.97 -25.59
C ILE XA 3 -141.45 -49.08 -24.33
N ASN XA 4 -142.60 -48.87 -23.67
CA ASN XA 4 -142.70 -48.09 -22.44
C ASN XA 4 -142.40 -48.92 -21.18
N PHE XA 5 -141.13 -48.93 -20.75
CA PHE XA 5 -140.68 -49.75 -19.64
C PHE XA 5 -141.03 -49.25 -18.22
N LYS XA 6 -141.71 -48.11 -18.11
CA LYS XA 6 -142.11 -47.53 -16.82
C LYS XA 6 -143.41 -48.11 -16.26
N GLY XA 7 -144.19 -48.81 -17.07
CA GLY XA 7 -145.23 -49.70 -16.54
C GLY XA 7 -144.60 -50.87 -15.77
N SER XA 8 -145.32 -51.45 -14.81
CA SER XA 8 -144.80 -52.60 -14.05
C SER XA 8 -144.91 -53.94 -14.83
N PRO XA 9 -144.11 -54.98 -14.48
CA PRO XA 9 -143.21 -55.04 -13.32
C PRO XA 9 -141.90 -54.26 -13.49
N TYR XA 10 -141.45 -54.02 -14.72
CA TYR XA 10 -140.16 -53.38 -15.01
C TYR XA 10 -140.08 -51.98 -14.36
N LEU XA 11 -141.19 -51.23 -14.39
CA LEU XA 11 -141.47 -50.13 -13.45
C LEU XA 11 -140.28 -49.17 -13.33
N ASP XA 12 -139.62 -48.92 -14.46
CA ASP XA 12 -138.27 -48.37 -14.53
C ASP XA 12 -138.28 -46.85 -14.36
N ARG XA 13 -138.25 -46.37 -13.10
CA ARG XA 13 -138.46 -44.94 -12.81
C ARG XA 13 -137.31 -44.00 -13.20
N PHE XA 14 -136.28 -44.53 -13.86
CA PHE XA 14 -135.25 -43.71 -14.48
C PHE XA 14 -135.88 -42.73 -15.49
N ASP XA 15 -135.35 -41.53 -15.50
CA ASP XA 15 -135.74 -40.43 -16.36
C ASP XA 15 -134.48 -39.57 -16.48
N PRO XA 16 -133.85 -39.41 -17.66
CA PRO XA 16 -132.48 -38.91 -17.76
C PRO XA 16 -132.19 -37.64 -16.97
N SER XA 17 -133.07 -36.65 -17.01
CA SER XA 17 -132.91 -35.41 -16.23
C SER XA 17 -133.20 -35.55 -14.72
N LYS XA 18 -133.21 -36.77 -14.16
CA LYS XA 18 -132.93 -37.02 -12.73
C LYS XA 18 -131.43 -36.89 -12.39
N ASP XA 19 -130.55 -37.15 -13.35
CA ASP XA 19 -129.11 -37.36 -13.14
C ASP XA 19 -128.78 -38.51 -12.17
N ARG XA 20 -129.61 -39.57 -12.13
CA ARG XA 20 -129.20 -40.83 -11.48
C ARG XA 20 -127.95 -41.39 -12.17
N THR XA 21 -127.10 -42.08 -11.42
CA THR XA 21 -125.84 -42.60 -11.96
C THR XA 21 -125.48 -44.01 -11.49
N LYS XA 22 -125.86 -44.44 -10.28
CA LYS XA 22 -125.60 -45.82 -9.78
C LYS XA 22 -126.82 -46.43 -9.10
N VAL XA 23 -126.94 -47.75 -9.11
CA VAL XA 23 -127.83 -48.52 -8.22
C VAL XA 23 -126.97 -49.24 -7.17
N LEU XA 24 -127.39 -49.15 -5.91
CA LEU XA 24 -126.78 -49.74 -4.70
C LEU XA 24 -127.83 -50.63 -3.99
N PHE XA 25 -127.55 -51.31 -2.86
CA PHE XA 25 -128.27 -52.56 -2.52
C PHE XA 25 -128.35 -53.04 -1.04
N ASN XA 26 -129.28 -53.98 -0.84
CA ASN XA 26 -129.33 -55.00 0.21
C ASN XA 26 -129.47 -56.39 -0.48
N PRO XA 27 -128.94 -57.51 0.08
CA PRO XA 27 -128.56 -58.75 -0.64
C PRO XA 27 -129.72 -59.57 -1.25
N ASP XA 28 -129.41 -60.70 -1.89
CA ASP XA 28 -130.44 -61.59 -2.47
C ASP XA 28 -131.36 -62.20 -1.40
N ARG XA 29 -132.63 -62.12 -1.74
CA ARG XA 29 -133.82 -62.70 -1.14
C ARG XA 29 -134.77 -63.04 -2.31
N PRO XA 30 -135.91 -63.69 -2.08
CA PRO XA 30 -137.05 -63.47 -2.97
C PRO XA 30 -137.41 -61.97 -2.84
N LEU XA 31 -137.37 -61.18 -3.92
CA LEU XA 31 -137.18 -59.72 -3.76
C LEU XA 31 -137.98 -58.82 -4.76
N GLN XA 32 -137.37 -57.78 -5.36
CA GLN XA 32 -138.13 -56.57 -5.76
C GLN XA 32 -138.06 -56.18 -7.26
N GLN XA 33 -136.87 -56.21 -7.84
CA GLN XA 33 -136.52 -55.91 -9.23
C GLN XA 33 -136.86 -54.53 -9.85
N ALA XA 34 -138.02 -53.91 -9.60
CA ALA XA 34 -138.48 -52.69 -10.30
C ALA XA 34 -137.41 -51.59 -10.34
N GLU XA 35 -136.70 -51.44 -9.22
CA GLU XA 35 -135.61 -50.49 -8.95
C GLU XA 35 -134.41 -50.66 -9.90
N LEU XA 36 -134.24 -51.84 -10.49
CA LEU XA 36 -132.96 -52.31 -11.07
C LEU XA 36 -132.94 -52.27 -12.60
N ASN XA 37 -134.13 -52.25 -13.22
CA ASN XA 37 -134.33 -51.81 -14.60
C ASN XA 37 -133.60 -50.48 -14.87
N GLU XA 38 -133.66 -49.58 -13.88
CA GLU XA 38 -133.02 -48.27 -13.90
C GLU XA 38 -131.52 -48.34 -14.17
N MET XA 39 -130.81 -49.40 -13.76
CA MET XA 39 -129.37 -49.50 -13.96
C MET XA 39 -129.02 -49.49 -15.45
N GLN XA 40 -129.58 -50.43 -16.22
CA GLN XA 40 -129.37 -50.45 -17.66
C GLN XA 40 -129.98 -49.20 -18.35
N SER XA 41 -131.03 -48.63 -17.76
CA SER XA 41 -131.65 -47.39 -18.21
C SER XA 41 -130.70 -46.18 -18.13
N ILE XA 42 -130.08 -45.98 -16.97
CA ILE XA 42 -129.04 -44.98 -16.70
C ILE XA 42 -127.88 -45.14 -17.69
N ASP XA 43 -127.39 -46.37 -17.84
CA ASP XA 43 -126.25 -46.67 -18.71
C ASP XA 43 -126.56 -46.35 -20.17
N GLN XA 44 -127.72 -46.77 -20.64
CA GLN XA 44 -128.07 -46.63 -22.05
C GLN XA 44 -128.40 -45.18 -22.47
N TYR XA 45 -128.79 -44.30 -21.55
CA TYR XA 45 -128.91 -42.86 -21.86
C TYR XA 45 -127.60 -42.31 -22.42
N TYR XA 46 -126.51 -42.60 -21.72
CA TYR XA 46 -125.16 -42.20 -22.12
C TYR XA 46 -124.66 -42.91 -23.38
N LEU XA 47 -125.00 -44.19 -23.57
CA LEU XA 47 -124.72 -44.92 -24.80
C LEU XA 47 -125.22 -44.13 -26.03
N LYS XA 48 -126.49 -43.69 -26.00
CA LYS XA 48 -127.07 -42.85 -27.07
C LYS XA 48 -126.44 -41.44 -27.13
N ASN XA 49 -126.22 -40.79 -25.98
CA ASN XA 49 -125.63 -39.45 -25.95
C ASN XA 49 -124.30 -39.36 -26.74
N LEU XA 50 -123.34 -40.23 -26.40
CA LEU XA 50 -122.00 -40.19 -26.99
C LEU XA 50 -121.98 -40.70 -28.45
N GLY XA 51 -122.99 -41.45 -28.86
CA GLY XA 51 -123.23 -41.71 -30.27
C GLY XA 51 -123.68 -40.46 -31.02
N ASP XA 52 -124.77 -39.83 -30.58
CA ASP XA 52 -125.42 -38.73 -31.30
C ASP XA 52 -124.57 -37.46 -31.37
N ALA XA 53 -123.60 -37.30 -30.48
CA ALA XA 53 -122.58 -36.25 -30.55
C ALA XA 53 -121.57 -36.41 -31.69
N ILE XA 54 -121.50 -37.59 -32.34
CA ILE XA 54 -120.56 -37.96 -33.41
C ILE XA 54 -121.31 -38.34 -34.70
N PHE XA 55 -122.28 -39.25 -34.59
CA PHE XA 55 -123.05 -39.81 -35.70
C PHE XA 55 -124.48 -39.24 -35.74
N LYS XA 56 -125.12 -39.44 -36.89
CA LYS XA 56 -126.55 -39.28 -37.14
C LYS XA 56 -127.08 -40.66 -37.56
N ASP XA 57 -128.34 -40.92 -37.26
CA ASP XA 57 -129.00 -42.15 -37.77
C ASP XA 57 -128.91 -42.25 -39.29
N GLY XA 58 -128.57 -43.44 -39.78
CA GLY XA 58 -128.36 -43.70 -41.19
C GLY XA 58 -126.94 -43.43 -41.70
N ASP XA 59 -126.00 -43.10 -40.81
CA ASP XA 59 -124.59 -43.06 -41.17
C ASP XA 59 -124.07 -44.48 -41.41
N LYS XA 60 -123.99 -44.89 -42.69
CA LYS XA 60 -123.37 -46.15 -43.15
C LYS XA 60 -121.87 -46.19 -42.82
N GLN XA 61 -121.33 -47.40 -42.63
CA GLN XA 61 -119.98 -47.61 -42.11
C GLN XA 61 -119.17 -48.60 -42.98
N SER XA 62 -119.66 -49.83 -43.16
CA SER XA 62 -118.95 -50.90 -43.88
C SER XA 62 -119.90 -51.64 -44.82
N GLY XA 63 -119.38 -52.47 -45.73
CA GLY XA 63 -120.21 -53.26 -46.67
C GLY XA 63 -121.13 -52.41 -47.56
N LEU XA 64 -122.40 -52.77 -47.74
CA LEU XA 64 -123.47 -51.95 -48.36
C LEU XA 64 -123.34 -51.50 -49.84
N GLY XA 65 -122.20 -51.68 -50.53
CA GLY XA 65 -121.96 -51.27 -51.95
C GLY XA 65 -122.93 -51.94 -52.91
N PHE XA 66 -123.98 -51.21 -53.33
CA PHE XA 66 -125.26 -51.79 -53.71
C PHE XA 66 -125.27 -53.14 -54.47
N THR XA 67 -126.20 -54.04 -54.14
CA THR XA 67 -126.72 -55.01 -55.11
C THR XA 67 -128.07 -54.53 -55.61
N LEU XA 68 -128.01 -53.36 -56.27
CA LEU XA 68 -129.06 -52.83 -57.12
C LEU XA 68 -129.27 -53.75 -58.33
N SER XA 69 -130.39 -53.60 -59.04
CA SER XA 69 -130.74 -54.42 -60.21
C SER XA 69 -131.66 -53.70 -61.19
N GLU XA 70 -131.74 -54.23 -62.40
CA GLU XA 70 -132.69 -53.85 -63.45
C GLU XA 70 -134.14 -54.18 -63.08
N ASP XA 71 -134.31 -55.18 -62.21
CA ASP XA 71 -135.55 -55.49 -61.49
C ASP XA 71 -135.89 -54.42 -60.44
N ASN XA 72 -134.96 -53.49 -60.25
CA ASN XA 72 -134.98 -52.42 -59.28
C ASN XA 72 -135.02 -52.89 -57.81
N VAL XA 73 -134.82 -54.19 -57.56
CA VAL XA 73 -134.34 -54.67 -56.26
C VAL XA 73 -133.01 -54.02 -55.93
N LEU XA 74 -132.92 -53.35 -54.78
CA LEU XA 74 -131.65 -53.10 -54.10
C LEU XA 74 -131.52 -54.02 -52.90
N THR XA 75 -130.85 -55.16 -53.09
CA THR XA 75 -130.37 -55.97 -51.98
C THR XA 75 -129.23 -55.21 -51.30
N VAL XA 76 -129.57 -54.41 -50.30
CA VAL XA 76 -128.60 -53.58 -49.55
C VAL XA 76 -127.63 -54.53 -48.82
N ASN XA 77 -126.34 -54.45 -49.16
CA ASN XA 77 -125.37 -55.48 -48.82
C ASN XA 77 -124.99 -55.41 -47.32
N PRO XA 78 -125.02 -56.51 -46.55
CA PRO XA 78 -124.59 -56.52 -45.15
C PRO XA 78 -123.31 -55.75 -44.79
N GLY XA 79 -123.35 -55.02 -43.67
CA GLY XA 79 -122.38 -54.00 -43.28
C GLY XA 79 -122.88 -53.12 -42.12
N TYR XA 80 -122.00 -52.34 -41.48
CA TYR XA 80 -122.37 -51.53 -40.32
C TYR XA 80 -123.09 -50.22 -40.66
N VAL XA 81 -123.97 -49.76 -39.76
CA VAL XA 81 -124.69 -48.47 -39.84
C VAL XA 81 -124.97 -47.94 -38.43
N TYR XA 82 -125.00 -46.62 -38.22
CA TYR XA 82 -125.48 -46.05 -36.94
C TYR XA 82 -126.99 -45.89 -36.98
N ILE XA 83 -127.71 -46.54 -36.06
CA ILE XA 83 -129.16 -46.34 -35.91
C ILE XA 83 -129.52 -46.28 -34.42
N ASN XA 84 -130.36 -45.32 -34.04
CA ASN XA 84 -130.95 -45.13 -32.72
C ASN XA 84 -129.93 -45.25 -31.57
N GLY XA 85 -128.96 -44.33 -31.52
CA GLY XA 85 -128.00 -44.24 -30.42
C GLY XA 85 -126.80 -45.18 -30.50
N LYS XA 86 -126.73 -46.04 -31.52
CA LYS XA 86 -125.88 -47.24 -31.53
C LYS XA 86 -125.37 -47.56 -32.93
N ILE XA 87 -124.13 -48.02 -33.04
CA ILE XA 87 -123.62 -48.66 -34.28
C ILE XA 87 -124.10 -50.12 -34.31
N ARG XA 88 -124.63 -50.56 -35.45
CA ARG XA 88 -125.39 -51.82 -35.62
C ARG XA 88 -124.93 -52.54 -36.88
N TYR XA 89 -124.70 -53.84 -36.80
CA TYR XA 89 -124.33 -54.59 -37.99
C TYR XA 89 -125.57 -55.00 -38.75
N TYR XA 90 -125.80 -54.41 -39.92
CA TYR XA 90 -126.85 -54.87 -40.79
C TYR XA 90 -126.45 -56.18 -41.49
N ASP XA 91 -127.27 -57.19 -41.29
CA ASP XA 91 -126.96 -58.58 -41.58
C ASP XA 91 -128.08 -59.29 -42.38
N ASN XA 92 -129.19 -58.58 -42.66
CA ASN XA 92 -130.30 -59.08 -43.47
C ASN XA 92 -130.04 -59.00 -44.98
N ASP XA 93 -130.74 -59.85 -45.72
CA ASP XA 93 -130.78 -59.97 -47.18
C ASP XA 93 -132.16 -59.57 -47.74
N ASP XA 94 -132.82 -58.57 -47.13
CA ASP XA 94 -134.13 -58.09 -47.59
C ASP XA 94 -133.99 -57.34 -48.91
N SER XA 95 -134.81 -57.72 -49.88
CA SER XA 95 -134.83 -57.16 -51.22
C SER XA 95 -136.12 -56.35 -51.44
N VAL XA 96 -135.96 -55.04 -51.56
CA VAL XA 96 -137.05 -54.09 -51.84
C VAL XA 96 -136.88 -53.52 -53.24
N LYS XA 97 -137.94 -53.53 -54.06
CA LYS XA 97 -137.87 -53.09 -55.46
C LYS XA 97 -138.35 -51.65 -55.61
N ILE XA 98 -137.59 -50.85 -56.34
CA ILE XA 98 -137.94 -49.48 -56.69
C ILE XA 98 -138.65 -49.36 -58.04
N THR XA 99 -139.17 -48.18 -58.39
CA THR XA 99 -139.82 -47.94 -59.69
C THR XA 99 -138.85 -47.53 -60.80
N GLY XA 100 -137.72 -46.88 -60.45
CA GLY XA 100 -136.77 -46.34 -61.42
C GLY XA 100 -137.16 -45.01 -62.06
N VAL XA 101 -138.17 -44.32 -61.53
CA VAL XA 101 -138.59 -43.00 -62.01
C VAL XA 101 -138.70 -42.05 -60.83
N GLY XA 102 -138.25 -40.81 -60.97
CA GLY XA 102 -138.29 -39.84 -59.85
C GLY XA 102 -137.44 -40.22 -58.64
N LYS XA 103 -137.63 -39.50 -57.53
CA LYS XA 103 -136.91 -39.74 -56.28
C LYS XA 103 -137.36 -41.00 -55.58
N GLU XA 104 -136.39 -41.79 -55.12
CA GLU XA 104 -136.61 -43.01 -54.33
C GLU XA 104 -135.61 -43.17 -53.17
N THR XA 105 -136.06 -43.01 -51.93
CA THR XA 105 -135.20 -43.06 -50.74
C THR XA 105 -135.26 -44.43 -50.08
N ILE XA 106 -134.09 -45.02 -49.85
CA ILE XA 106 -133.93 -46.32 -49.21
C ILE XA 106 -133.49 -46.12 -47.78
N GLY XA 107 -134.23 -46.69 -46.83
CA GLY XA 107 -133.91 -46.52 -45.43
C GLY XA 107 -134.18 -47.73 -44.55
N ILE XA 108 -133.35 -47.90 -43.53
CA ILE XA 108 -133.49 -49.00 -42.59
C ILE XA 108 -134.49 -48.61 -41.51
N LYS XA 109 -135.45 -49.48 -41.21
CA LYS XA 109 -136.42 -49.34 -40.11
C LYS XA 109 -136.24 -50.42 -39.07
N LEU XA 110 -135.82 -50.04 -37.85
CA LEU XA 110 -135.74 -50.96 -36.72
C LEU XA 110 -137.11 -51.14 -36.04
N THR XA 111 -137.40 -52.34 -35.54
CA THR XA 111 -138.67 -52.66 -34.87
C THR XA 111 -138.42 -53.32 -33.51
N GLU XA 112 -138.87 -52.69 -32.42
CA GLU XA 112 -138.66 -53.18 -31.03
C GLU XA 112 -139.67 -54.22 -30.55
N ARG XA 113 -139.22 -55.08 -29.62
CA ARG XA 113 -140.08 -56.05 -28.93
C ARG XA 113 -139.70 -56.34 -27.49
N ILE XA 114 -140.70 -56.56 -26.63
CA ILE XA 114 -140.52 -57.43 -25.46
C ILE XA 114 -140.58 -58.85 -25.99
N VAL XA 115 -139.65 -59.71 -25.58
CA VAL XA 115 -139.67 -61.14 -25.91
C VAL XA 115 -139.51 -61.99 -24.66
N THR XA 116 -140.38 -62.98 -24.48
CA THR XA 116 -140.58 -63.68 -23.20
C THR XA 116 -140.01 -65.11 -23.21
N PRO XA 117 -139.67 -65.71 -22.06
CA PRO XA 117 -139.25 -67.10 -22.00
C PRO XA 117 -140.29 -68.10 -22.49
N ASP XA 118 -141.56 -67.69 -22.61
CA ASP XA 118 -142.59 -68.50 -23.27
C ASP XA 118 -142.35 -68.67 -24.77
N GLU XA 119 -141.81 -67.63 -25.41
CA GLU XA 119 -141.44 -67.62 -26.82
C GLU XA 119 -139.99 -68.10 -27.06
N ASP XA 120 -139.23 -68.26 -25.97
CA ASP XA 120 -137.80 -68.51 -25.95
C ASP XA 120 -137.40 -69.57 -24.90
N ALA XA 121 -137.26 -70.84 -25.28
CA ALA XA 121 -136.73 -71.86 -24.35
C ALA XA 121 -135.30 -71.53 -23.86
N SER XA 122 -134.59 -70.66 -24.58
CA SER XA 122 -133.31 -70.10 -24.12
C SER XA 122 -133.44 -69.31 -22.82
N LEU XA 123 -134.53 -68.55 -22.60
CA LEU XA 123 -134.70 -67.73 -21.38
C LEU XA 123 -135.15 -68.57 -20.14
N LEU XA 124 -134.93 -69.90 -20.18
CA LEU XA 124 -135.34 -70.87 -19.18
C LEU XA 124 -134.14 -71.50 -18.43
N ASP XA 125 -133.43 -70.66 -17.69
CA ASP XA 125 -132.67 -70.97 -16.48
C ASP XA 125 -131.69 -72.17 -16.44
N GLN XA 126 -130.37 -71.90 -16.56
CA GLN XA 126 -129.29 -72.88 -16.32
C GLN XA 126 -128.84 -73.00 -14.84
N THR XA 127 -129.54 -72.36 -13.89
CA THR XA 127 -129.58 -72.88 -12.52
C THR XA 127 -130.35 -74.23 -12.50
N SER XA 128 -131.17 -74.50 -13.53
CA SER XA 128 -132.25 -75.49 -13.50
C SER XA 128 -132.34 -76.42 -14.72
N GLY XA 129 -133.14 -77.47 -14.61
CA GLY XA 129 -133.80 -78.04 -15.78
C GLY XA 129 -134.72 -77.01 -16.41
N VAL XA 130 -134.85 -77.01 -17.73
CA VAL XA 130 -135.60 -75.98 -18.48
C VAL XA 130 -137.07 -75.84 -18.06
N PRO XA 131 -137.91 -76.88 -18.11
CA PRO XA 131 -139.37 -76.68 -18.20
C PRO XA 131 -140.12 -76.37 -16.89
N SER XA 132 -139.42 -76.01 -15.81
CA SER XA 132 -139.92 -76.11 -14.43
C SER XA 132 -140.17 -74.74 -13.77
N TYR XA 133 -140.59 -74.78 -12.49
CA TYR XA 133 -140.51 -73.66 -11.54
C TYR XA 133 -139.04 -73.14 -11.45
N PHE XA 134 -138.83 -71.92 -10.95
CA PHE XA 134 -137.70 -71.00 -11.23
C PHE XA 134 -137.59 -70.48 -12.68
N SER XA 135 -137.81 -71.33 -13.68
CA SER XA 135 -137.17 -71.15 -14.99
C SER XA 135 -137.55 -69.91 -15.81
N LYS XA 136 -138.84 -69.57 -15.88
CA LYS XA 136 -139.42 -68.47 -16.66
C LYS XA 136 -139.23 -67.10 -15.99
N GLY XA 137 -137.97 -66.68 -15.85
CA GLY XA 137 -137.61 -65.42 -15.17
C GLY XA 137 -137.94 -64.17 -15.97
N ALA XA 138 -136.93 -63.41 -16.37
CA ALA XA 138 -137.09 -62.18 -17.12
C ALA XA 138 -137.46 -62.36 -18.60
N ASP XA 139 -138.13 -61.36 -19.18
CA ASP XA 139 -138.28 -61.13 -20.63
C ASP XA 139 -137.12 -60.25 -21.14
N ARG XA 140 -137.10 -59.88 -22.43
CA ARG XA 140 -136.02 -59.07 -23.02
C ARG XA 140 -136.56 -57.93 -23.85
N LEU XA 141 -135.87 -56.79 -23.91
CA LEU XA 141 -136.00 -55.93 -25.10
C LEU XA 141 -135.12 -56.47 -26.22
N GLU XA 142 -135.55 -56.27 -27.46
CA GLU XA 142 -134.76 -56.53 -28.64
C GLU XA 142 -135.02 -55.46 -29.70
N GLU XA 143 -134.06 -55.22 -30.60
CA GLU XA 143 -134.08 -54.15 -31.62
C GLU XA 143 -133.40 -54.55 -32.95
N LYS XA 144 -134.18 -54.98 -33.97
CA LYS XA 144 -133.71 -55.49 -35.26
C LYS XA 144 -134.19 -54.70 -36.48
N MET XA 145 -133.35 -54.68 -37.50
CA MET XA 145 -133.43 -53.86 -38.72
C MET XA 145 -134.26 -54.50 -39.86
N SER XA 146 -134.84 -53.68 -40.74
CA SER XA 146 -135.50 -54.10 -42.00
C SER XA 146 -135.34 -53.01 -43.07
N LEU XA 147 -135.46 -53.36 -44.36
CA LEU XA 147 -135.28 -52.42 -45.48
C LEU XA 147 -136.64 -51.90 -45.98
N THR XA 148 -136.68 -50.62 -46.37
CA THR XA 148 -137.93 -49.91 -46.70
C THR XA 148 -137.71 -48.90 -47.85
N VAL XA 149 -138.76 -48.60 -48.62
CA VAL XA 149 -138.74 -47.66 -49.75
C VAL XA 149 -139.70 -46.49 -49.52
N ASN XA 150 -139.19 -45.27 -49.61
CA ASN XA 150 -139.92 -44.02 -49.39
C ASN XA 150 -140.58 -43.84 -48.00
N ASP XA 151 -140.23 -44.66 -47.01
CA ASP XA 151 -140.77 -44.55 -45.64
C ASP XA 151 -140.09 -43.43 -44.84
N PRO XA 152 -140.78 -42.33 -44.51
CA PRO XA 152 -140.14 -41.22 -43.81
C PRO XA 152 -139.68 -41.55 -42.38
N THR XA 153 -140.16 -42.66 -41.80
CA THR XA 153 -139.72 -43.17 -40.48
C THR XA 153 -138.29 -43.69 -40.52
N SER XA 154 -137.85 -44.12 -41.70
CA SER XA 154 -136.66 -44.95 -41.86
C SER XA 154 -135.38 -44.12 -41.80
N ALA XA 155 -134.31 -44.67 -41.22
CA ALA XA 155 -132.97 -44.06 -41.29
C ALA XA 155 -132.48 -44.18 -42.75
N THR XA 156 -132.58 -43.10 -43.55
CA THR XA 156 -132.30 -43.16 -45.01
C THR XA 156 -130.81 -43.29 -45.29
N ILE XA 157 -130.44 -44.35 -45.99
CA ILE XA 157 -129.07 -44.79 -46.28
C ILE XA 157 -128.70 -44.61 -47.77
N TYR XA 158 -129.67 -44.59 -48.70
CA TYR XA 158 -129.44 -44.30 -50.12
C TYR XA 158 -130.60 -43.50 -50.71
N THR XA 159 -130.35 -42.67 -51.73
CA THR XA 159 -131.41 -41.98 -52.49
C THR XA 159 -131.13 -41.97 -53.97
N PHE XA 160 -132.17 -42.24 -54.74
CA PHE XA 160 -132.11 -42.50 -56.18
C PHE XA 160 -132.89 -41.46 -56.97
N MET XA 161 -132.54 -41.27 -58.24
CA MET XA 161 -133.25 -40.40 -59.17
C MET XA 161 -133.23 -40.98 -60.58
N ASP XA 162 -134.39 -41.34 -61.14
CA ASP XA 162 -134.48 -42.03 -62.44
C ASP XA 162 -133.68 -43.37 -62.51
N GLY XA 163 -133.58 -44.07 -61.38
CA GLY XA 163 -132.75 -45.27 -61.19
C GLY XA 163 -131.26 -44.96 -60.91
N ASP XA 164 -130.81 -43.72 -61.04
CA ASP XA 164 -129.46 -43.28 -60.64
C ASP XA 164 -129.33 -43.24 -59.13
N LEU XA 165 -128.29 -43.84 -58.56
CA LEU XA 165 -127.78 -43.42 -57.25
C LEU XA 165 -127.04 -42.08 -57.40
N TYR XA 166 -127.81 -41.02 -57.63
CA TYR XA 166 -127.26 -39.69 -57.95
C TYR XA 166 -126.40 -39.17 -56.79
N ILE XA 167 -126.76 -39.50 -55.54
CA ILE XA 167 -125.91 -39.32 -54.37
C ILE XA 167 -124.74 -40.30 -54.40
N GLN XA 168 -123.55 -39.86 -53.97
CA GLN XA 168 -122.60 -40.81 -53.37
C GLN XA 168 -121.67 -40.12 -52.36
N SER XA 169 -122.01 -40.27 -51.07
CA SER XA 169 -121.25 -39.77 -49.92
C SER XA 169 -120.10 -40.73 -49.58
N THR XA 170 -119.12 -40.85 -50.48
CA THR XA 170 -117.97 -41.76 -50.30
C THR XA 170 -117.10 -41.38 -49.11
N ASN XA 171 -117.10 -40.11 -48.69
CA ASN XA 171 -116.29 -39.64 -47.56
C ASN XA 171 -117.07 -38.79 -46.55
N ALA XA 172 -116.79 -38.99 -45.27
CA ALA XA 172 -117.16 -38.03 -44.21
C ALA XA 172 -116.22 -36.81 -44.16
N GLU XA 173 -114.99 -36.94 -44.69
CA GLU XA 173 -113.91 -35.95 -44.54
C GLU XA 173 -113.46 -35.31 -45.86
N MET XA 174 -112.73 -36.03 -46.72
CA MET XA 174 -112.15 -35.42 -47.93
C MET XA 174 -113.19 -34.83 -48.88
N ASP XA 175 -114.39 -35.43 -48.94
CA ASP XA 175 -115.57 -34.87 -49.59
C ASP XA 175 -115.96 -33.48 -49.02
N LYS XA 176 -116.11 -33.41 -47.69
CA LYS XA 176 -116.47 -32.18 -46.95
C LYS XA 176 -115.36 -31.15 -47.09
N ILE XA 177 -114.11 -31.60 -47.08
CA ILE XA 177 -112.94 -30.76 -47.27
C ILE XA 177 -112.90 -30.21 -48.69
N ASN XA 178 -113.18 -30.99 -49.73
CA ASN XA 178 -113.19 -30.44 -51.09
C ASN XA 178 -114.39 -29.51 -51.37
N LYS XA 179 -115.52 -29.71 -50.65
CA LYS XA 179 -116.62 -28.74 -50.62
C LYS XA 179 -116.17 -27.38 -50.07
N VAL XA 180 -115.05 -27.32 -49.32
CA VAL XA 180 -114.24 -26.11 -49.18
C VAL XA 180 -113.30 -25.92 -50.38
N LEU XA 181 -112.30 -26.78 -50.59
CA LEU XA 181 -111.14 -26.46 -51.43
C LEU XA 181 -111.46 -26.11 -52.89
N ALA XA 182 -112.03 -27.00 -53.69
CA ALA XA 182 -112.37 -26.65 -55.07
C ALA XA 182 -113.40 -25.50 -55.13
N GLU XA 183 -114.26 -25.35 -54.12
CA GLU XA 183 -115.13 -24.18 -54.03
C GLU XA 183 -114.30 -22.89 -53.83
N ARG XA 184 -113.33 -22.84 -52.92
CA ARG XA 184 -112.35 -21.73 -52.87
C ARG XA 184 -111.55 -21.61 -54.17
N THR XA 185 -111.48 -22.68 -54.95
CA THR XA 185 -110.90 -22.67 -56.28
C THR XA 185 -111.87 -22.14 -57.34
N TYR XA 186 -113.14 -21.90 -57.00
CA TYR XA 186 -114.05 -20.97 -57.68
C TYR XA 186 -113.78 -19.54 -57.17
N ASP XA 187 -113.90 -19.36 -55.86
CA ASP XA 187 -114.26 -18.10 -55.18
C ASP XA 187 -113.33 -16.88 -55.36
N GLU XA 188 -112.57 -16.46 -54.32
CA GLU XA 188 -111.93 -15.14 -54.27
C GLU XA 188 -110.69 -14.96 -55.16
N SER XA 189 -110.31 -16.07 -55.81
CA SER XA 189 -109.63 -16.14 -57.08
C SER XA 189 -109.83 -17.57 -57.58
N GLY XA 190 -110.24 -17.77 -58.83
CA GLY XA 190 -110.53 -19.11 -59.30
C GLY XA 190 -111.48 -19.18 -60.49
N SER XA 191 -112.16 -20.32 -60.58
CA SER XA 191 -113.29 -20.64 -61.47
C SER XA 191 -112.98 -20.75 -62.96
N TYR XA 192 -111.70 -20.84 -63.33
CA TYR XA 192 -111.25 -20.63 -64.70
C TYR XA 192 -110.59 -21.83 -65.39
N LYS XA 193 -110.47 -21.70 -66.71
CA LYS XA 193 -109.50 -22.42 -67.53
C LYS XA 193 -108.10 -22.30 -66.92
N VAL XA 194 -107.40 -23.42 -66.73
CA VAL XA 194 -105.97 -23.39 -66.42
C VAL XA 194 -105.13 -23.56 -67.69
N ASN XA 195 -105.38 -24.63 -68.46
CA ASN XA 195 -104.65 -24.95 -69.68
C ASN XA 195 -105.48 -25.79 -70.65
N GLY XA 196 -105.19 -25.68 -71.94
CA GLY XA 196 -105.81 -26.52 -72.95
C GLY XA 196 -107.30 -26.25 -73.13
N PHE XA 197 -108.04 -27.24 -73.64
CA PHE XA 197 -109.45 -27.18 -74.07
C PHE XA 197 -109.79 -26.15 -75.18
N GLU XA 198 -108.80 -25.67 -75.92
CA GLU XA 198 -109.07 -24.82 -77.07
C GLU XA 198 -109.66 -25.55 -78.28
N LEU XA 199 -109.98 -24.77 -79.30
CA LEU XA 199 -110.97 -25.12 -80.30
C LEU XA 199 -110.32 -25.21 -81.69
N PHE XA 200 -110.71 -26.23 -82.44
CA PHE XA 200 -110.23 -26.47 -83.80
C PHE XA 200 -111.31 -27.16 -84.64
N SER XA 201 -111.16 -27.15 -85.96
CA SER XA 201 -112.05 -27.90 -86.84
C SER XA 201 -111.26 -28.72 -87.87
N GLU XA 202 -111.83 -29.85 -88.26
CA GLU XA 202 -111.33 -30.76 -89.29
C GLU XA 202 -112.49 -31.61 -89.88
N GLY XA 203 -112.29 -32.31 -91.00
CA GLY XA 203 -113.40 -32.85 -91.80
C GLY XA 203 -114.29 -33.90 -91.13
N ASN XA 204 -115.62 -33.81 -91.29
CA ASN XA 204 -116.54 -34.93 -91.04
C ASN XA 204 -117.26 -35.29 -92.34
N ALA XA 205 -117.10 -36.55 -92.70
CA ALA XA 205 -117.98 -37.27 -93.62
C ALA XA 205 -118.35 -38.66 -93.02
N GLU XA 206 -117.76 -39.01 -91.87
CA GLU XA 206 -118.21 -40.07 -90.96
C GLU XA 206 -119.64 -39.79 -90.52
N ASP XA 207 -119.90 -38.51 -90.22
CA ASP XA 207 -121.17 -37.81 -90.24
C ASP XA 207 -121.11 -36.58 -91.17
N ASP XA 208 -121.47 -36.75 -92.44
CA ASP XA 208 -121.41 -35.68 -93.44
C ASP XA 208 -122.51 -34.62 -93.27
N ASP XA 209 -123.20 -34.58 -92.13
CA ASP XA 209 -123.97 -33.40 -91.70
C ASP XA 209 -123.25 -32.62 -90.60
N HIS XA 210 -122.02 -33.02 -90.24
CA HIS XA 210 -121.25 -32.44 -89.14
C HIS XA 210 -119.84 -31.95 -89.57
N VAL XA 211 -119.25 -31.00 -88.86
CA VAL XA 211 -117.80 -30.78 -88.79
C VAL XA 211 -117.24 -31.76 -87.74
N SER XA 212 -116.01 -32.23 -87.90
CA SER XA 212 -115.29 -32.95 -86.84
C SER XA 212 -114.50 -31.91 -86.04
N VAL XA 213 -115.15 -31.34 -85.03
CA VAL XA 213 -114.50 -30.39 -84.13
C VAL XA 213 -113.46 -31.13 -83.32
N VAL XA 214 -112.29 -30.53 -83.11
CA VAL XA 214 -111.40 -30.96 -82.04
C VAL XA 214 -111.56 -29.99 -80.88
N VAL XA 215 -111.81 -30.50 -79.68
CA VAL XA 215 -111.60 -29.77 -78.43
C VAL XA 215 -110.35 -30.33 -77.77
N ASP XA 216 -109.38 -29.48 -77.46
CA ASP XA 216 -108.04 -29.88 -77.07
C ASP XA 216 -108.02 -30.72 -75.78
N ALA XA 217 -106.91 -31.42 -75.57
CA ALA XA 217 -106.52 -31.80 -74.23
C ALA XA 217 -106.47 -30.58 -73.31
N GLY XA 218 -106.71 -30.73 -72.02
CA GLY XA 218 -106.56 -29.63 -71.06
C GLY XA 218 -106.86 -30.04 -69.63
N LYS XA 219 -106.68 -29.09 -68.71
CA LYS XA 219 -107.10 -29.14 -67.31
C LYS XA 219 -107.58 -27.76 -66.88
N ALA XA 220 -108.51 -27.69 -65.94
CA ALA XA 220 -109.03 -26.41 -65.46
C ALA XA 220 -109.73 -26.53 -64.10
N TYR XA 221 -110.03 -25.39 -63.48
CA TYR XA 221 -110.91 -25.29 -62.34
C TYR XA 221 -112.17 -24.50 -62.67
N VAL XA 222 -112.83 -24.84 -63.79
CA VAL XA 222 -114.09 -24.21 -64.20
C VAL XA 222 -115.15 -24.39 -63.12
N LYS XA 223 -115.90 -23.34 -62.78
CA LYS XA 223 -116.83 -23.38 -61.62
C LYS XA 223 -116.10 -23.76 -60.31
N GLY XA 224 -114.78 -23.62 -60.30
CA GLY XA 224 -113.84 -24.06 -59.27
C GLY XA 224 -113.46 -25.53 -59.30
N PHE XA 225 -114.23 -26.39 -59.97
CA PHE XA 225 -114.05 -27.84 -59.91
C PHE XA 225 -113.18 -28.37 -61.06
N LYS XA 226 -112.46 -29.47 -60.78
CA LYS XA 226 -111.36 -29.97 -61.62
C LYS XA 226 -111.85 -30.56 -62.95
N VAL XA 227 -111.83 -29.76 -64.01
CA VAL XA 227 -111.93 -30.24 -65.37
C VAL XA 227 -110.63 -31.00 -65.71
N ASP XA 228 -110.71 -32.23 -66.22
CA ASP XA 228 -109.53 -32.99 -66.64
C ASP XA 228 -109.84 -34.00 -67.76
N LYS XA 229 -109.60 -33.56 -69.01
CA LYS XA 229 -109.79 -34.36 -70.24
C LYS XA 229 -108.52 -34.16 -71.08
N PRO XA 230 -107.46 -34.95 -70.87
CA PRO XA 230 -106.15 -34.75 -71.50
C PRO XA 230 -106.05 -35.38 -72.90
N VAL XA 231 -107.13 -35.37 -73.69
CA VAL XA 231 -107.10 -35.84 -75.08
C VAL XA 231 -107.74 -34.85 -76.02
N SER XA 232 -107.06 -34.48 -77.10
CA SER XA 232 -107.62 -33.57 -78.10
C SER XA 232 -108.65 -34.32 -78.95
N THR XA 233 -109.93 -34.13 -78.63
CA THR XA 233 -111.05 -35.05 -78.92
C THR XA 233 -111.84 -34.68 -80.17
N ARG XA 234 -112.05 -35.60 -81.11
CA ARG XA 234 -112.91 -35.39 -82.29
C ARG XA 234 -114.39 -35.50 -81.95
N ILE XA 235 -115.21 -34.54 -82.40
CA ILE XA 235 -116.67 -34.47 -82.16
C ILE XA 235 -117.44 -34.11 -83.42
N SER XA 236 -118.48 -34.88 -83.77
CA SER XA 236 -119.49 -34.49 -84.77
C SER XA 236 -120.37 -33.36 -84.23
N VAL XA 237 -120.15 -32.11 -84.69
CA VAL XA 237 -120.99 -30.91 -84.44
C VAL XA 237 -121.62 -30.45 -85.77
N PRO XA 238 -122.89 -30.07 -85.91
CA PRO XA 238 -123.52 -29.98 -87.24
C PRO XA 238 -122.89 -28.89 -88.13
N LYS XA 239 -122.76 -29.19 -89.43
CA LYS XA 239 -122.27 -28.27 -90.48
C LYS XA 239 -123.11 -27.01 -90.50
N SER XA 240 -122.58 -25.89 -91.02
CA SER XA 240 -123.39 -24.70 -91.24
C SER XA 240 -124.15 -24.82 -92.58
N TYR XA 241 -124.91 -25.91 -92.71
CA TYR XA 241 -125.93 -26.10 -93.75
C TYR XA 241 -127.11 -25.11 -93.60
N ASP XA 242 -127.09 -24.24 -92.56
CA ASP XA 242 -127.93 -23.05 -92.37
C ASP XA 242 -127.96 -22.14 -93.61
N LEU XA 243 -129.11 -21.56 -93.97
CA LEU XA 243 -129.28 -20.78 -95.22
C LEU XA 243 -130.01 -19.43 -95.02
N GLY XA 244 -129.49 -18.39 -95.66
CA GLY XA 244 -130.01 -17.01 -95.72
C GLY XA 244 -130.31 -16.60 -97.16
N THR XA 245 -131.30 -15.72 -97.37
CA THR XA 245 -131.60 -15.16 -98.69
C THR XA 245 -130.96 -13.78 -98.87
N ALA XA 246 -130.80 -13.36 -100.13
CA ALA XA 246 -130.21 -12.10 -100.57
C ALA XA 246 -131.06 -11.47 -101.69
N GLU XA 247 -132.36 -11.41 -101.43
CA GLU XA 247 -133.33 -10.96 -102.40
C GLU XA 247 -133.16 -9.45 -102.62
N ASN XA 248 -133.21 -9.01 -103.86
CA ASN XA 248 -132.68 -7.71 -104.28
C ASN XA 248 -131.24 -7.42 -103.78
N GLU XA 249 -130.36 -8.41 -103.91
CA GLU XA 249 -128.92 -8.13 -104.08
C GLU XA 249 -128.76 -7.29 -105.35
N SER XA 250 -128.93 -5.98 -105.19
CA SER XA 250 -129.06 -5.03 -106.29
C SER XA 250 -127.71 -4.44 -106.67
N THR XA 251 -127.49 -4.15 -107.95
CA THR XA 251 -126.27 -3.49 -108.48
C THR XA 251 -126.59 -2.79 -109.81
N ILE XA 252 -125.88 -1.74 -110.22
CA ILE XA 252 -125.97 -1.25 -111.61
C ILE XA 252 -125.36 -2.28 -112.56
N PHE XA 253 -126.15 -2.84 -113.47
CA PHE XA 253 -125.60 -3.46 -114.66
C PHE XA 253 -124.90 -2.38 -115.48
N ASN XA 254 -123.70 -2.71 -115.88
CA ASN XA 254 -122.76 -1.86 -116.56
C ASN XA 254 -122.05 -2.83 -117.52
N LYS XA 255 -121.85 -2.51 -118.81
CA LYS XA 255 -121.27 -3.45 -119.79
C LYS XA 255 -119.74 -3.63 -119.72
N SER XA 256 -119.13 -3.20 -118.61
CA SER XA 256 -117.89 -3.75 -118.04
C SER XA 256 -118.16 -4.60 -116.77
N ASN XA 257 -119.17 -4.24 -115.95
CA ASN XA 257 -119.84 -5.06 -114.91
C ASN XA 257 -120.67 -6.21 -115.50
N ASN XA 258 -120.10 -6.94 -116.47
CA ASN XA 258 -120.64 -8.20 -116.96
C ASN XA 258 -120.41 -9.31 -115.91
N SER XA 259 -120.66 -9.04 -114.63
CA SER XA 259 -120.33 -9.87 -113.46
C SER XA 259 -120.91 -9.25 -112.19
N ILE XA 260 -122.23 -9.25 -112.02
CA ILE XA 260 -122.83 -8.72 -110.79
C ILE XA 260 -122.66 -9.73 -109.64
N SER XA 261 -121.85 -9.35 -108.65
CA SER XA 261 -121.38 -10.19 -107.55
C SER XA 261 -122.46 -10.46 -106.50
N LEU XA 262 -122.56 -11.72 -106.07
CA LEU XA 262 -123.45 -12.28 -105.08
C LEU XA 262 -122.67 -12.48 -103.78
N ALA XA 263 -122.50 -11.36 -103.06
CA ALA XA 263 -121.53 -11.17 -101.99
C ALA XA 263 -121.83 -11.97 -100.72
N ASN XA 264 -123.12 -12.22 -100.47
CA ASN XA 264 -123.54 -13.22 -99.50
C ASN XA 264 -123.17 -14.60 -100.08
N SER XA 265 -122.42 -15.45 -99.38
CA SER XA 265 -121.88 -16.67 -100.01
C SER XA 265 -121.37 -17.69 -98.98
N PRO XA 266 -121.11 -18.96 -99.37
CA PRO XA 266 -121.28 -19.54 -100.71
C PRO XA 266 -122.74 -19.61 -101.13
N VAL XA 267 -123.05 -19.14 -102.34
CA VAL XA 267 -124.43 -19.13 -102.84
C VAL XA 267 -124.88 -20.57 -103.08
N LYS XA 268 -126.04 -20.94 -102.53
CA LYS XA 268 -126.70 -22.21 -102.78
C LYS XA 268 -127.43 -22.16 -104.14
N GLU XA 269 -128.32 -21.17 -104.31
CA GLU XA 269 -129.29 -21.14 -105.43
C GLU XA 269 -129.86 -19.75 -105.66
N ILE XA 270 -129.91 -19.33 -106.93
CA ILE XA 270 -130.58 -18.11 -107.38
C ILE XA 270 -132.08 -18.35 -107.49
N ARG XA 271 -132.91 -17.41 -107.00
CA ARG XA 271 -134.35 -17.39 -107.28
C ARG XA 271 -134.73 -16.60 -108.52
N ARG XA 272 -134.11 -15.43 -108.67
CA ARG XA 272 -134.51 -14.41 -109.62
C ARG XA 272 -133.33 -13.54 -109.99
N VAL XA 273 -133.35 -13.01 -111.19
CA VAL XA 273 -132.69 -11.74 -111.47
C VAL XA 273 -133.73 -10.87 -112.17
N THR XA 274 -133.69 -9.56 -111.97
CA THR XA 274 -134.52 -8.58 -112.70
C THR XA 274 -133.67 -7.37 -113.01
N GLY XA 275 -133.94 -6.60 -114.06
CA GLY XA 275 -133.05 -5.51 -114.46
C GLY XA 275 -133.45 -4.78 -115.72
N GLN XA 276 -132.86 -3.60 -115.87
CA GLN XA 276 -133.40 -2.49 -116.65
C GLN XA 276 -133.07 -2.56 -118.16
N VAL XA 277 -133.63 -3.55 -118.85
CA VAL XA 277 -133.52 -3.71 -120.32
C VAL XA 277 -134.39 -2.66 -121.04
N LEU XA 278 -134.21 -2.52 -122.35
CA LEU XA 278 -135.11 -1.80 -123.25
C LEU XA 278 -135.83 -2.81 -124.17
N ILE XA 279 -137.18 -2.80 -124.22
CA ILE XA 279 -137.91 -3.40 -125.36
C ILE XA 279 -137.68 -2.48 -126.56
N GLU XA 280 -137.10 -3.02 -127.63
CA GLU XA 280 -136.37 -2.19 -128.60
C GLU XA 280 -137.27 -1.51 -129.63
N LYS XA 281 -138.09 -2.31 -130.35
CA LYS XA 281 -138.95 -1.90 -131.47
C LYS XA 281 -140.06 -2.94 -131.69
N GLU XA 282 -140.98 -3.01 -130.75
CA GLU XA 282 -142.19 -3.86 -130.79
C GLU XA 282 -143.25 -3.24 -131.74
N ARG XA 283 -143.64 -3.88 -132.85
CA ARG XA 283 -144.76 -3.36 -133.68
C ARG XA 283 -146.11 -3.79 -133.12
N VAL XA 284 -146.63 -3.01 -132.16
CA VAL XA 284 -147.99 -3.15 -131.62
C VAL XA 284 -149.02 -2.91 -132.74
N THR XA 285 -150.19 -3.54 -132.66
CA THR XA 285 -151.34 -3.14 -133.51
C THR XA 285 -152.37 -2.40 -132.66
N ARG XA 286 -152.68 -1.19 -133.12
CA ARG XA 286 -153.62 -0.21 -132.58
C ARG XA 286 -155.01 -0.85 -132.44
N GLY XA 287 -155.63 -0.76 -131.27
CA GLY XA 287 -157.03 -1.15 -131.07
C GLY XA 287 -157.98 -0.30 -131.92
N ALA XA 288 -159.14 -0.82 -132.28
CA ALA XA 288 -160.09 -0.08 -133.14
C ALA XA 288 -160.75 1.14 -132.45
N GLN XA 289 -160.70 1.22 -131.11
CA GLN XA 289 -161.23 2.34 -130.32
C GLN XA 289 -160.38 3.60 -130.50
N GLY XA 290 -160.73 4.48 -131.44
CA GLY XA 290 -159.99 5.73 -131.76
C GLY XA 290 -159.77 6.61 -130.53
N ASP XA 291 -158.54 7.10 -130.35
CA ASP XA 291 -157.99 7.65 -129.11
C ASP XA 291 -158.30 6.76 -127.87
N GLY XA 292 -157.64 5.60 -127.77
CA GLY XA 292 -157.88 4.57 -126.74
C GLY XA 292 -156.70 3.62 -126.47
N GLN XA 293 -156.95 2.54 -125.72
CA GLN XA 293 -155.96 1.55 -125.24
C GLN XA 293 -155.46 0.54 -126.31
N ASP XA 294 -154.15 0.21 -126.30
CA ASP XA 294 -153.57 -1.03 -126.87
C ASP XA 294 -152.35 -1.52 -126.06
N PHE XA 295 -152.07 -2.83 -126.03
CA PHE XA 295 -151.13 -3.42 -125.06
C PHE XA 295 -149.65 -3.43 -125.47
N LEU XA 296 -148.79 -3.22 -124.47
CA LEU XA 296 -147.36 -3.57 -124.45
C LEU XA 296 -147.14 -5.09 -124.30
N SER XA 297 -145.90 -5.54 -124.45
CA SER XA 297 -145.45 -6.84 -123.94
C SER XA 297 -145.06 -6.83 -122.46
N ASN XA 298 -144.31 -5.80 -122.02
CA ASN XA 298 -143.70 -5.80 -120.69
C ASN XA 298 -144.02 -4.58 -119.84
N ASN XA 299 -145.21 -4.64 -119.25
CA ASN XA 299 -145.72 -4.06 -118.02
C ASN XA 299 -144.76 -3.46 -116.97
N THR XA 300 -143.51 -3.94 -116.86
CA THR XA 300 -142.49 -3.26 -116.06
C THR XA 300 -141.88 -2.05 -116.80
N ALA XA 301 -142.47 -1.65 -117.92
CA ALA XA 301 -142.16 -0.51 -118.77
C ALA XA 301 -142.11 0.79 -117.94
N PHE XA 302 -140.96 1.09 -117.34
CA PHE XA 302 -140.79 2.20 -116.43
C PHE XA 302 -140.63 3.54 -117.18
N GLU XA 303 -140.26 3.52 -118.47
CA GLU XA 303 -140.42 4.65 -119.39
C GLU XA 303 -140.52 4.21 -120.87
N ILE XA 304 -141.42 4.85 -121.64
CA ILE XA 304 -141.66 4.52 -123.04
C ILE XA 304 -140.75 5.36 -123.96
N VAL XA 305 -139.58 4.81 -124.26
CA VAL XA 305 -138.49 5.39 -125.06
C VAL XA 305 -138.95 6.02 -126.39
N LYS XA 306 -139.77 5.31 -127.17
CA LYS XA 306 -140.31 5.82 -128.46
C LYS XA 306 -141.66 5.14 -128.74
N VAL XA 307 -142.61 5.86 -129.30
CA VAL XA 307 -143.81 5.29 -129.93
C VAL XA 307 -144.00 5.97 -131.28
N TRP XA 308 -144.16 5.23 -132.38
CA TRP XA 308 -144.14 5.83 -133.71
C TRP XA 308 -144.77 4.96 -134.81
N THR XA 309 -145.61 5.56 -135.65
CA THR XA 309 -146.04 4.94 -136.92
C THR XA 309 -144.87 4.99 -137.89
N GLU XA 310 -144.72 3.97 -138.75
CA GLU XA 310 -143.73 3.98 -139.83
C GLU XA 310 -144.34 3.62 -141.18
N THR XA 311 -143.92 4.36 -142.21
CA THR XA 311 -144.27 4.10 -143.63
C THR XA 311 -143.56 2.84 -144.12
N SER XA 312 -142.30 2.68 -143.71
CA SER XA 312 -141.39 1.57 -143.95
C SER XA 312 -140.25 1.64 -142.93
N PRO XA 313 -139.42 0.59 -142.73
CA PRO XA 313 -138.42 0.55 -141.66
C PRO XA 313 -137.51 1.78 -141.56
N GLY XA 314 -137.65 2.54 -140.47
CA GLY XA 314 -136.93 3.78 -140.16
C GLY XA 314 -137.63 5.07 -140.65
N VAL XA 315 -138.60 4.96 -141.56
CA VAL XA 315 -139.37 6.09 -142.11
C VAL XA 315 -140.52 6.43 -141.15
N THR XA 316 -140.22 7.22 -140.13
CA THR XA 316 -141.18 7.68 -139.11
C THR XA 316 -142.29 8.50 -139.77
N THR XA 317 -143.51 7.95 -139.80
CA THR XA 317 -144.73 8.61 -140.25
C THR XA 317 -145.12 9.72 -139.26
N LYS XA 318 -145.11 9.38 -137.96
CA LYS XA 318 -145.26 10.27 -136.80
C LYS XA 318 -144.63 9.58 -135.60
N GLU XA 319 -143.72 10.24 -134.90
CA GLU XA 319 -143.33 9.82 -133.54
C GLU XA 319 -144.21 10.56 -132.53
N TYR XA 320 -144.94 9.76 -131.75
CA TYR XA 320 -145.85 10.14 -130.69
C TYR XA 320 -145.11 10.30 -129.35
N LYS XA 321 -145.67 11.07 -128.41
CA LYS XA 321 -145.05 11.34 -127.09
C LYS XA 321 -145.95 11.01 -125.88
N GLN XA 322 -145.31 10.68 -124.75
CA GLN XA 322 -145.89 10.02 -123.57
C GLN XA 322 -146.63 11.02 -122.64
N GLY XA 323 -147.84 11.41 -123.03
CA GLY XA 323 -148.79 12.18 -122.21
C GLY XA 323 -149.79 13.05 -122.98
N GLU XA 324 -149.83 12.97 -124.32
CA GLU XA 324 -150.73 13.76 -125.18
C GLU XA 324 -151.15 12.96 -126.43
N ASP XA 325 -150.20 12.63 -127.31
CA ASP XA 325 -150.41 11.73 -128.42
C ASP XA 325 -150.86 10.35 -127.92
N PHE XA 326 -149.98 9.67 -127.18
CA PHE XA 326 -150.35 8.58 -126.28
C PHE XA 326 -150.10 9.00 -124.83
N ARG XA 327 -150.31 8.09 -123.88
CA ARG XA 327 -149.67 8.05 -122.55
C ARG XA 327 -149.34 6.59 -122.22
N LEU XA 328 -148.46 6.33 -121.26
CA LEU XA 328 -148.41 5.01 -120.64
C LEU XA 328 -149.66 4.81 -119.77
N THR XA 329 -150.34 3.67 -119.95
CA THR XA 329 -151.47 3.19 -119.14
C THR XA 329 -151.18 1.74 -118.73
N ASP XA 330 -151.81 1.23 -117.66
CA ASP XA 330 -151.58 -0.13 -117.10
C ASP XA 330 -150.12 -0.45 -116.65
N GLY XA 331 -149.16 0.46 -116.86
CA GLY XA 331 -147.74 0.12 -117.07
C GLY XA 331 -147.50 -0.78 -118.30
N GLN XA 332 -148.56 -1.19 -119.00
CA GLN XA 332 -148.69 -2.38 -119.85
C GLN XA 332 -149.57 -2.09 -121.10
N THR XA 333 -149.99 -0.84 -121.30
CA THR XA 333 -150.67 -0.37 -122.51
C THR XA 333 -150.12 0.99 -122.99
N ILE XA 334 -150.00 1.16 -124.30
CA ILE XA 334 -150.02 2.47 -124.94
C ILE XA 334 -151.48 2.94 -124.98
N ASP XA 335 -151.74 4.22 -124.76
CA ASP XA 335 -153.12 4.73 -124.69
C ASP XA 335 -153.26 6.09 -125.35
N TRP XA 336 -153.99 6.12 -126.47
CA TRP XA 336 -154.22 7.26 -127.35
C TRP XA 336 -155.32 8.21 -126.84
N SER XA 337 -156.02 7.84 -125.75
CA SER XA 337 -157.09 8.65 -125.13
C SER XA 337 -156.70 9.99 -124.48
N PRO XA 338 -155.42 10.42 -124.34
CA PRO XA 338 -155.09 11.84 -124.14
C PRO XA 338 -155.27 12.70 -125.41
N GLN XA 339 -155.53 12.06 -126.58
CA GLN XA 339 -156.12 12.65 -127.79
C GLN XA 339 -155.25 13.68 -128.56
N GLY XA 340 -153.93 13.48 -128.61
CA GLY XA 340 -153.00 14.13 -129.54
C GLY XA 340 -153.10 13.52 -130.96
N GLN XA 341 -151.97 13.30 -131.65
CA GLN XA 341 -151.93 12.43 -132.84
C GLN XA 341 -151.95 10.95 -132.41
N GLU XA 342 -152.49 10.05 -133.23
CA GLU XA 342 -152.50 8.60 -132.96
C GLU XA 342 -152.23 7.77 -134.25
N PRO XA 343 -151.72 6.53 -134.15
CA PRO XA 343 -151.97 5.51 -135.16
C PRO XA 343 -153.49 5.35 -135.29
N SER XA 344 -154.04 5.36 -136.49
CA SER XA 344 -155.49 5.23 -136.70
C SER XA 344 -155.99 3.83 -136.28
N GLY XA 345 -157.23 3.72 -135.77
CA GLY XA 345 -157.76 2.47 -135.19
C GLY XA 345 -157.52 1.24 -136.10
N GLY XA 346 -156.80 0.23 -135.61
CA GLY XA 346 -156.42 -0.98 -136.36
C GLY XA 346 -155.07 -0.98 -137.12
N THR XA 347 -154.32 0.14 -137.13
CA THR XA 347 -152.96 0.22 -137.73
C THR XA 347 -151.88 -0.52 -136.92
N SER XA 348 -150.81 -1.01 -137.55
CA SER XA 348 -149.62 -1.50 -136.83
C SER XA 348 -148.53 -0.42 -136.78
N TYR XA 349 -147.95 -0.20 -135.60
CA TYR XA 349 -147.01 0.90 -135.31
C TYR XA 349 -145.97 0.47 -134.26
N TYR XA 350 -144.79 1.10 -134.23
CA TYR XA 350 -143.67 0.68 -133.37
C TYR XA 350 -143.69 1.31 -131.96
N VAL XA 351 -143.18 0.54 -131.00
CA VAL XA 351 -143.14 0.83 -129.57
C VAL XA 351 -141.79 0.41 -128.96
N SER XA 352 -141.23 1.26 -128.11
CA SER XA 352 -139.92 1.07 -127.47
C SER XA 352 -140.00 1.56 -126.01
N TYR XA 353 -139.48 0.81 -125.03
CA TYR XA 353 -139.64 1.13 -123.59
C TYR XA 353 -138.64 0.46 -122.66
N LYS XA 354 -138.05 1.23 -121.74
CA LYS XA 354 -137.20 0.70 -120.67
C LYS XA 354 -138.07 -0.07 -119.70
N TYR XA 355 -137.69 -1.26 -119.28
CA TYR XA 355 -138.51 -2.12 -118.45
C TYR XA 355 -137.61 -2.96 -117.54
N ASN XA 356 -138.08 -3.29 -116.34
CA ASN XA 356 -137.36 -4.18 -115.43
C ASN XA 356 -137.64 -5.65 -115.82
N LYS XA 357 -136.99 -6.11 -116.90
CA LYS XA 357 -136.99 -7.51 -117.34
C LYS XA 357 -136.64 -8.45 -116.20
N ARG XA 358 -137.29 -9.60 -116.07
CA ARG XA 358 -136.73 -10.71 -115.28
C ARG XA 358 -135.57 -11.39 -116.03
N MET XA 359 -134.35 -10.89 -115.79
CA MET XA 359 -133.10 -11.41 -116.37
C MET XA 359 -132.89 -12.89 -115.99
N GLU XA 360 -132.28 -13.69 -116.86
CA GLU XA 360 -132.20 -15.16 -116.72
C GLU XA 360 -130.86 -15.82 -117.05
N ALA XA 361 -130.67 -17.01 -116.46
CA ALA XA 361 -129.43 -17.77 -116.50
C ALA XA 361 -129.21 -18.46 -117.86
N GLY XA 362 -128.02 -18.28 -118.43
CA GLY XA 362 -127.67 -18.54 -119.82
C GLY XA 362 -128.44 -17.64 -120.82
N LYS XA 363 -129.26 -16.68 -120.36
CA LYS XA 363 -129.92 -15.67 -121.19
C LYS XA 363 -129.16 -14.36 -121.15
N ASP XA 364 -129.34 -13.63 -120.05
CA ASP XA 364 -128.81 -12.30 -119.75
C ASP XA 364 -127.55 -12.36 -118.87
N TYR XA 365 -127.28 -13.52 -118.27
CA TYR XA 365 -126.03 -13.86 -117.60
C TYR XA 365 -125.79 -15.35 -117.60
N GLU XA 366 -124.54 -15.78 -117.65
CA GLU XA 366 -124.12 -17.05 -117.08
C GLU XA 366 -123.90 -16.83 -115.57
N VAL XA 367 -124.42 -17.70 -114.70
CA VAL XA 367 -124.04 -17.66 -113.28
C VAL XA 367 -122.64 -18.28 -113.14
N THR XA 368 -121.78 -17.66 -112.34
CA THR XA 368 -120.35 -18.01 -112.19
C THR XA 368 -119.90 -17.81 -110.72
N THR XA 369 -118.60 -17.93 -110.42
CA THR XA 369 -117.99 -17.42 -109.17
C THR XA 369 -116.64 -16.73 -109.42
N GLN XA 370 -116.26 -15.78 -108.56
CA GLN XA 370 -114.90 -15.25 -108.51
C GLN XA 370 -114.47 -15.05 -107.03
N GLY XA 371 -113.20 -15.37 -106.68
CA GLY XA 371 -112.67 -15.36 -105.30
C GLY XA 371 -112.52 -16.75 -104.63
N GLU XA 372 -111.70 -16.88 -103.59
CA GLU XA 372 -111.53 -18.13 -102.81
C GLU XA 372 -112.75 -18.50 -101.95
N GLY XA 373 -113.08 -19.77 -101.71
CA GLY XA 373 -113.90 -20.25 -100.57
C GLY XA 373 -115.14 -19.43 -100.18
N LEU XA 374 -114.97 -18.39 -99.33
CA LEU XA 374 -116.03 -17.43 -98.93
C LEU XA 374 -115.92 -16.05 -99.61
N SER XA 375 -114.73 -15.66 -100.06
CA SER XA 375 -114.52 -14.58 -101.04
C SER XA 375 -115.04 -14.94 -102.44
N LYS XA 376 -115.30 -16.24 -102.68
CA LYS XA 376 -116.01 -16.88 -103.82
C LYS XA 376 -117.45 -16.42 -103.86
N LYS XA 377 -117.65 -15.16 -104.24
CA LYS XA 377 -118.99 -14.67 -104.52
C LYS XA 377 -119.44 -15.39 -105.78
N TRP XA 378 -120.71 -15.75 -105.89
CA TRP XA 378 -121.21 -16.08 -107.22
C TRP XA 378 -121.26 -14.80 -108.04
N TYR XA 379 -121.17 -14.85 -109.37
CA TYR XA 379 -121.35 -13.65 -110.20
C TYR XA 379 -122.27 -13.93 -111.39
N ILE XA 380 -123.19 -13.01 -111.58
CA ILE XA 380 -124.13 -12.88 -112.70
C ILE XA 380 -123.33 -12.31 -113.87
N ASN XA 381 -122.60 -13.17 -114.59
CA ASN XA 381 -121.69 -12.71 -115.63
C ASN XA 381 -122.43 -12.57 -116.96
N PHE XA 382 -122.54 -11.36 -117.52
CA PHE XA 382 -123.61 -11.05 -118.47
C PHE XA 382 -123.42 -11.63 -119.89
N THR XA 383 -123.99 -12.82 -120.15
CA THR XA 383 -124.45 -13.27 -121.46
C THR XA 383 -125.32 -12.16 -122.10
N PRO XA 384 -124.98 -11.60 -123.27
CA PRO XA 384 -125.87 -10.66 -123.98
C PRO XA 384 -126.86 -11.37 -124.94
N SER XA 385 -126.87 -12.71 -124.92
CA SER XA 385 -127.73 -13.47 -125.86
C SER XA 385 -129.21 -13.38 -125.46
N ASN XA 386 -129.62 -14.19 -124.48
CA ASN XA 386 -131.07 -14.23 -124.08
C ASN XA 386 -131.52 -12.87 -123.54
N GLY XA 387 -130.68 -12.19 -122.76
CA GLY XA 387 -131.11 -10.92 -122.14
C GLY XA 387 -130.36 -9.72 -122.66
N ALA XA 388 -131.09 -8.69 -123.12
CA ALA XA 388 -130.47 -7.45 -123.64
C ALA XA 388 -129.83 -6.64 -122.50
N LYS XA 389 -128.73 -5.95 -122.77
CA LYS XA 389 -128.10 -5.07 -121.76
C LYS XA 389 -129.08 -3.95 -121.40
N PRO XA 390 -129.84 -3.40 -122.39
CA PRO XA 390 -130.74 -2.28 -122.12
C PRO XA 390 -130.06 -1.01 -121.59
N ILE XA 391 -130.59 -0.42 -120.50
CA ILE XA 391 -130.04 0.90 -120.04
C ILE XA 391 -128.58 0.76 -119.59
N ASP XA 392 -127.75 1.74 -119.94
CA ASP XA 392 -126.34 1.76 -119.47
C ASP XA 392 -126.34 2.08 -117.97
N GLN XA 393 -125.40 1.52 -117.20
CA GLN XA 393 -125.43 1.73 -115.73
C GLN XA 393 -126.87 1.51 -115.27
N THR XA 394 -127.58 0.57 -115.90
CA THR XA 394 -129.02 0.36 -115.57
C THR XA 394 -129.12 -0.67 -114.45
N VAL XA 395 -130.05 -0.48 -113.51
CA VAL XA 395 -130.15 -1.39 -112.35
C VAL XA 395 -130.39 -2.87 -112.73
N VAL XA 396 -129.80 -3.77 -111.92
CA VAL XA 396 -130.07 -5.21 -111.83
C VAL XA 396 -130.31 -5.62 -110.36
N LEU XA 397 -131.14 -6.65 -110.18
CA LEU XA 397 -131.86 -7.00 -108.96
C LEU XA 397 -131.78 -8.52 -108.82
N VAL XA 398 -130.86 -9.05 -108.02
CA VAL XA 398 -130.67 -10.50 -107.90
C VAL XA 398 -131.32 -11.05 -106.62
N ASP XA 399 -131.82 -12.28 -106.67
CA ASP XA 399 -132.29 -13.07 -105.53
C ASP XA 399 -131.57 -14.41 -105.47
N TYR XA 400 -131.16 -14.83 -104.27
CA TYR XA 400 -130.55 -16.13 -104.04
C TYR XA 400 -130.58 -16.52 -102.55
N THR XA 401 -130.47 -17.81 -102.20
CA THR XA 401 -129.89 -18.18 -100.91
C THR XA 401 -128.42 -18.52 -101.01
N TYR XA 402 -127.74 -18.36 -99.89
CA TYR XA 402 -126.34 -18.69 -99.62
C TYR XA 402 -126.29 -19.27 -98.22
N TYR XA 403 -125.33 -20.13 -97.97
CA TYR XA 403 -125.21 -20.69 -96.64
C TYR XA 403 -124.76 -19.63 -95.64
N LEU XA 404 -125.29 -19.69 -94.42
CA LEU XA 404 -124.91 -18.89 -93.26
C LEU XA 404 -123.78 -19.58 -92.52
N ALA XA 405 -122.88 -18.83 -91.87
CA ALA XA 405 -122.06 -19.39 -90.80
C ALA XA 405 -122.90 -19.63 -89.54
N ARG XA 406 -122.34 -20.26 -88.53
CA ARG XA 406 -122.97 -20.39 -87.22
C ARG XA 406 -121.91 -20.42 -86.12
N LYS XA 407 -121.90 -19.39 -85.26
CA LYS XA 407 -120.82 -18.99 -84.35
C LYS XA 407 -120.89 -19.76 -83.04
N ASP XA 408 -120.88 -21.09 -83.10
CA ASP XA 408 -121.19 -21.93 -81.95
C ASP XA 408 -120.18 -21.70 -80.82
N SER XA 409 -120.58 -21.09 -79.69
CA SER XA 409 -119.74 -21.12 -78.49
C SER XA 409 -119.63 -22.56 -78.03
N VAL XA 410 -118.45 -23.14 -78.17
CA VAL XA 410 -118.14 -24.37 -77.46
C VAL XA 410 -117.83 -23.98 -76.03
N PHE XA 411 -118.21 -24.86 -75.12
CA PHE XA 411 -118.03 -24.72 -73.70
C PHE XA 411 -117.42 -25.98 -73.11
N ILE XA 412 -117.01 -25.96 -71.84
CA ILE XA 412 -116.72 -27.20 -71.13
C ILE XA 412 -117.23 -27.18 -69.70
N ASN XA 413 -117.94 -28.23 -69.26
CA ASN XA 413 -118.48 -28.22 -67.90
C ASN XA 413 -117.36 -28.42 -66.86
N LYS XA 414 -117.68 -28.18 -65.58
CA LYS XA 414 -116.76 -28.31 -64.44
C LYS XA 414 -116.03 -29.65 -64.22
N TYR XA 415 -116.23 -30.63 -65.11
CA TYR XA 415 -115.48 -31.89 -65.19
C TYR XA 415 -115.07 -32.26 -66.62
N GLY XA 416 -115.92 -31.94 -67.60
CA GLY XA 416 -115.58 -32.00 -69.03
C GLY XA 416 -116.77 -32.03 -70.01
N ASP XA 417 -118.00 -31.81 -69.55
CA ASP XA 417 -119.21 -32.14 -70.29
C ASP XA 417 -119.62 -31.01 -71.24
N ILE XA 418 -118.91 -30.89 -72.36
CA ILE XA 418 -119.03 -29.81 -73.36
C ILE XA 418 -120.48 -29.56 -73.85
N ALA XA 419 -120.95 -28.32 -73.69
CA ALA XA 419 -122.07 -27.69 -74.41
C ALA XA 419 -121.60 -26.94 -75.68
N ILE XA 420 -122.46 -26.77 -76.69
CA ILE XA 420 -122.07 -26.20 -78.00
C ILE XA 420 -123.20 -25.29 -78.54
N LEU XA 421 -123.47 -24.18 -77.84
CA LEU XA 421 -124.58 -23.28 -78.16
C LEU XA 421 -124.33 -22.50 -79.46
N PRO XA 422 -125.21 -22.60 -80.47
CA PRO XA 422 -124.99 -21.90 -81.72
C PRO XA 422 -125.10 -20.39 -81.56
N GLY XA 423 -123.98 -19.68 -81.76
CA GLY XA 423 -124.02 -18.29 -82.17
C GLY XA 423 -124.86 -18.19 -83.43
N GLU XA 424 -126.03 -17.58 -83.31
CA GLU XA 424 -127.16 -17.92 -84.16
C GLU XA 424 -126.90 -17.67 -85.66
N PRO XA 425 -127.50 -18.48 -86.53
CA PRO XA 425 -127.03 -18.59 -87.91
C PRO XA 425 -127.20 -17.27 -88.68
N ASN XA 426 -126.07 -16.81 -89.23
CA ASN XA 426 -125.91 -15.65 -90.12
C ASN XA 426 -124.56 -15.80 -90.84
N ILE XA 427 -124.26 -15.06 -91.91
CA ILE XA 427 -122.87 -14.94 -92.38
C ILE XA 427 -122.05 -14.08 -91.42
N MET XA 428 -120.73 -14.01 -91.66
CA MET XA 428 -119.71 -13.76 -90.64
C MET XA 428 -119.73 -12.39 -89.90
N ARG XA 429 -120.68 -11.50 -90.20
CA ARG XA 429 -120.93 -10.29 -89.38
C ARG XA 429 -121.78 -10.54 -88.11
N LEU XA 430 -123.06 -10.89 -88.29
CA LEU XA 430 -124.04 -11.05 -87.21
C LEU XA 430 -124.19 -12.50 -86.75
N VAL XA 431 -123.34 -13.40 -87.22
CA VAL XA 431 -123.28 -14.75 -86.66
C VAL XA 431 -122.86 -14.60 -85.20
N THR XA 432 -123.77 -14.90 -84.27
CA THR XA 432 -123.76 -14.23 -82.97
C THR XA 432 -122.54 -14.59 -82.12
N PRO XA 433 -121.77 -13.63 -81.60
CA PRO XA 433 -120.71 -13.90 -80.64
C PRO XA 433 -121.32 -14.14 -79.25
N PRO XA 434 -121.37 -15.38 -78.73
CA PRO XA 434 -121.97 -15.70 -77.45
C PRO XA 434 -120.89 -15.64 -76.33
N LEU XA 435 -120.46 -14.43 -75.95
CA LEU XA 435 -119.72 -14.18 -74.70
C LEU XA 435 -120.77 -14.20 -73.57
N ASN XA 436 -120.83 -15.34 -72.87
CA ASN XA 436 -122.03 -15.88 -72.21
C ASN XA 436 -121.88 -16.15 -70.70
N THR XA 437 -122.95 -15.94 -69.92
CA THR XA 437 -122.96 -15.93 -68.44
C THR XA 437 -122.93 -17.29 -67.73
N ASP XA 438 -122.98 -18.41 -68.46
CA ASP XA 438 -123.18 -19.74 -67.87
C ASP XA 438 -122.08 -20.13 -66.86
N PRO XA 439 -122.42 -20.48 -65.60
CA PRO XA 439 -121.47 -21.06 -64.66
C PRO XA 439 -121.12 -22.53 -64.96
N GLU XA 440 -122.03 -23.35 -65.49
CA GLU XA 440 -121.80 -24.79 -65.64
C GLU XA 440 -120.70 -25.10 -66.64
N ASN XA 441 -120.87 -24.60 -67.86
CA ASN XA 441 -120.02 -24.83 -69.01
C ASN XA 441 -119.24 -23.54 -69.26
N LEU XA 442 -117.90 -23.60 -69.11
CA LEU XA 442 -117.00 -22.47 -69.37
C LEU XA 442 -117.18 -22.03 -70.81
N GLN XA 443 -117.44 -20.75 -71.08
CA GLN XA 443 -117.33 -20.24 -72.45
C GLN XA 443 -115.86 -20.36 -72.93
N LEU XA 444 -115.55 -21.41 -73.70
CA LEU XA 444 -114.22 -21.63 -74.26
C LEU XA 444 -113.94 -20.61 -75.35
N GLY XA 445 -114.87 -20.50 -76.28
CA GLY XA 445 -114.78 -19.66 -77.47
C GLY XA 445 -115.76 -20.14 -78.52
N THR XA 446 -115.67 -19.62 -79.73
CA THR XA 446 -116.64 -19.97 -80.78
C THR XA 446 -116.00 -20.86 -81.84
N VAL XA 447 -116.54 -22.07 -82.02
CA VAL XA 447 -116.40 -22.85 -83.25
C VAL XA 447 -117.40 -22.25 -84.24
N THR XA 448 -116.96 -21.22 -84.97
CA THR XA 448 -117.80 -20.61 -86.02
C THR XA 448 -117.85 -21.51 -87.24
N VAL XA 449 -118.79 -22.48 -87.22
CA VAL XA 449 -119.04 -23.41 -88.32
C VAL XA 449 -119.33 -22.63 -89.59
N LEU XA 450 -118.50 -22.92 -90.59
CA LEU XA 450 -118.49 -22.17 -91.82
C LEU XA 450 -119.66 -22.55 -92.71
N PRO XA 451 -120.14 -21.60 -93.51
CA PRO XA 451 -121.30 -21.78 -94.37
C PRO XA 451 -121.11 -22.94 -95.35
N ASP XA 452 -122.12 -23.81 -95.46
CA ASP XA 452 -122.12 -25.08 -96.21
C ASP XA 452 -121.12 -26.13 -95.68
N SER XA 453 -120.46 -25.89 -94.55
CA SER XA 453 -119.14 -26.45 -94.32
C SER XA 453 -119.00 -27.35 -93.09
N ASP XA 454 -118.09 -28.31 -93.25
CA ASP XA 454 -117.58 -29.31 -92.33
C ASP XA 454 -116.35 -28.76 -91.57
N GLU XA 455 -116.34 -27.44 -91.39
CA GLU XA 455 -115.18 -26.61 -91.09
C GLU XA 455 -115.64 -25.44 -90.20
N ALA XA 456 -114.76 -24.81 -89.42
CA ALA XA 456 -115.13 -23.71 -88.52
C ALA XA 456 -113.97 -22.75 -88.17
N VAL XA 457 -114.23 -21.43 -88.20
CA VAL XA 457 -113.33 -20.39 -87.68
C VAL XA 457 -113.44 -20.29 -86.15
N CYS XA 458 -112.40 -20.73 -85.45
CA CYS XA 458 -112.47 -21.04 -84.02
C CYS XA 458 -112.22 -19.80 -83.11
N ILE XA 459 -112.72 -18.62 -83.49
CA ILE XA 459 -112.43 -17.34 -82.79
C ILE XA 459 -113.00 -17.35 -81.36
N SER XA 460 -112.14 -17.09 -80.37
CA SER XA 460 -112.51 -17.06 -78.96
C SER XA 460 -112.68 -15.63 -78.45
N PHE XA 461 -113.79 -14.99 -78.80
CA PHE XA 461 -114.18 -13.70 -78.20
C PHE XA 461 -114.60 -13.96 -76.75
N ALA XA 462 -113.62 -13.91 -75.85
CA ALA XA 462 -113.63 -14.46 -74.50
C ALA XA 462 -112.45 -13.87 -73.69
N ILE XA 463 -112.38 -14.22 -72.40
CA ILE XA 463 -111.29 -13.78 -71.53
C ILE XA 463 -110.78 -14.95 -70.68
N THR XA 464 -109.45 -15.12 -70.62
CA THR XA 464 -108.75 -16.31 -70.10
C THR XA 464 -108.11 -16.04 -68.73
N ARG XA 465 -108.54 -16.81 -67.73
CA ARG XA 465 -108.15 -16.72 -66.31
C ARG XA 465 -107.91 -15.30 -65.77
N LEU XA 466 -106.71 -14.98 -65.31
CA LEU XA 466 -106.34 -13.67 -64.73
C LEU XA 466 -106.09 -12.58 -65.79
N SER XA 467 -106.87 -12.60 -66.88
CA SER XA 467 -106.55 -11.99 -68.18
C SER XA 467 -105.14 -12.31 -68.68
N MET XA 468 -104.69 -13.53 -68.40
CA MET XA 468 -103.52 -14.15 -69.06
C MET XA 468 -103.68 -14.22 -70.59
N GLU XA 469 -104.95 -14.18 -71.01
CA GLU XA 469 -105.46 -13.66 -72.28
C GLU XA 469 -104.53 -12.61 -72.95
N ASP XA 470 -104.14 -11.57 -72.21
CA ASP XA 470 -103.44 -10.39 -72.70
C ASP XA 470 -101.97 -10.67 -73.06
N LEU XA 471 -101.36 -11.64 -72.39
CA LEU XA 471 -99.92 -11.62 -72.19
C LEU XA 471 -99.16 -12.08 -73.44
N GLN XA 472 -99.71 -13.02 -74.21
CA GLN XA 472 -99.20 -13.27 -75.57
C GLN XA 472 -99.49 -12.09 -76.51
N LYS XA 473 -100.55 -11.32 -76.32
CA LYS XA 473 -100.77 -10.12 -77.16
C LYS XA 473 -99.66 -9.09 -76.96
N VAL XA 474 -99.10 -8.97 -75.74
CA VAL XA 474 -97.85 -8.21 -75.48
C VAL XA 474 -96.65 -8.81 -76.22
N LYS XA 475 -96.35 -10.11 -76.05
CA LYS XA 475 -95.22 -10.78 -76.72
C LYS XA 475 -95.29 -10.64 -78.24
N THR XA 476 -96.47 -10.84 -78.81
CA THR XA 476 -96.74 -10.61 -80.22
C THR XA 476 -96.48 -9.17 -80.63
N ARG XA 477 -96.93 -8.17 -79.87
CA ARG XA 477 -96.67 -6.74 -80.16
C ARG XA 477 -95.18 -6.38 -80.02
N VAL XA 478 -94.51 -6.92 -79.01
CA VAL XA 478 -93.05 -6.81 -78.83
C VAL XA 478 -92.31 -7.40 -80.02
N ASP XA 479 -92.59 -8.64 -80.39
CA ASP XA 479 -92.02 -9.25 -81.58
C ASP XA 479 -92.31 -8.40 -82.80
N ASN XA 480 -93.57 -7.99 -83.00
CA ASN XA 480 -93.94 -7.21 -84.18
C ASN XA 480 -93.06 -5.96 -84.26
N LEU XA 481 -93.07 -5.09 -83.27
CA LEU XA 481 -92.32 -3.85 -83.42
C LEU XA 481 -90.80 -4.09 -83.30
N GLU XA 482 -90.31 -4.97 -82.43
CA GLU XA 482 -88.87 -5.29 -82.37
C GLU XA 482 -88.36 -5.86 -83.68
N TYR XA 483 -89.15 -6.69 -84.35
CA TYR XA 483 -88.71 -7.42 -85.55
C TYR XA 483 -89.04 -6.69 -86.84
N ASN XA 484 -90.03 -5.79 -86.84
CA ASN XA 484 -90.10 -4.76 -87.86
C ASN XA 484 -88.89 -3.81 -87.71
N GLN XA 485 -88.48 -3.50 -86.47
CA GLN XA 485 -87.29 -2.70 -86.21
C GLN XA 485 -86.00 -3.43 -86.61
N ALA XA 486 -85.94 -4.73 -86.40
CA ALA XA 486 -84.87 -5.56 -86.97
C ALA XA 486 -84.93 -5.53 -88.52
N VAL XA 487 -86.10 -5.65 -89.14
CA VAL XA 487 -86.29 -5.46 -90.58
C VAL XA 487 -85.75 -4.09 -91.02
N ASN XA 488 -85.93 -3.02 -90.25
CA ASN XA 488 -85.33 -1.74 -90.56
C ASN XA 488 -83.80 -1.83 -90.58
N ALA XA 489 -83.18 -2.55 -89.64
CA ALA XA 489 -81.75 -2.83 -89.73
C ALA XA 489 -81.38 -3.64 -91.00
N LEU XA 490 -82.31 -4.46 -91.54
CA LEU XA 490 -82.18 -5.17 -92.82
C LEU XA 490 -82.51 -4.29 -94.05
N ASP XA 491 -83.14 -3.14 -93.88
CA ASP XA 491 -82.99 -2.04 -94.83
C ASP XA 491 -81.58 -1.46 -94.70
N ASP XA 492 -81.14 -1.13 -93.49
CA ASP XA 492 -80.06 -0.19 -93.17
C ASP XA 492 -78.60 -0.59 -93.54
N GLY XA 493 -78.32 -1.84 -93.93
CA GLY XA 493 -77.10 -2.13 -94.70
C GLY XA 493 -77.17 -1.74 -96.18
N ALA XA 494 -78.30 -1.20 -96.64
CA ALA XA 494 -78.66 -1.01 -98.05
C ALA XA 494 -79.59 0.21 -98.35
N MET XA 495 -80.27 0.75 -97.33
CA MET XA 495 -81.31 1.80 -97.18
C MET XA 495 -81.38 3.06 -98.06
N GLU XA 496 -80.37 3.37 -98.87
CA GLU XA 496 -80.25 4.66 -99.61
C GLU XA 496 -80.14 5.90 -98.72
N GLY XA 497 -78.91 6.28 -98.35
CA GLY XA 497 -78.60 7.50 -97.59
C GLY XA 497 -78.94 7.40 -96.09
N GLN XA 498 -80.21 7.08 -95.77
CA GLN XA 498 -80.93 7.25 -94.48
C GLN XA 498 -80.97 8.73 -94.04
N ASN XA 499 -79.77 9.25 -93.87
CA ASN XA 499 -79.36 10.63 -94.04
C ASN XA 499 -79.42 11.01 -95.55
N PRO XA 500 -78.79 12.12 -96.03
CA PRO XA 500 -78.37 12.16 -97.43
C PRO XA 500 -77.33 11.05 -97.62
N LEU XA 501 -76.29 11.10 -96.77
CA LEU XA 501 -75.44 10.02 -96.23
C LEU XA 501 -74.48 10.56 -95.13
N THR XA 502 -74.76 11.74 -94.53
CA THR XA 502 -73.77 12.56 -93.78
C THR XA 502 -73.25 11.97 -92.45
N LEU XA 503 -74.12 11.31 -91.66
CA LEU XA 503 -73.80 10.67 -90.38
C LEU XA 503 -72.37 10.08 -90.29
N ARG XA 504 -71.53 10.52 -89.32
CA ARG XA 504 -70.32 9.78 -88.92
C ARG XA 504 -70.64 8.65 -87.91
N SER XA 505 -70.89 8.99 -86.65
CA SER XA 505 -71.38 8.07 -85.59
C SER XA 505 -71.88 8.82 -84.34
N VAL XA 506 -72.66 8.19 -83.45
CA VAL XA 506 -73.17 8.79 -82.19
C VAL XA 506 -72.52 8.18 -80.93
N PHE XA 507 -72.24 9.03 -79.94
CA PHE XA 507 -72.07 8.65 -78.53
C PHE XA 507 -73.25 9.20 -77.68
N SER XA 508 -73.86 8.39 -76.80
CA SER XA 508 -75.09 8.78 -76.11
C SER XA 508 -75.25 8.06 -74.76
N GLU XA 509 -76.04 8.65 -73.85
CA GLU XA 509 -76.17 8.19 -72.45
C GLU XA 509 -77.58 8.45 -71.88
N GLY XA 510 -78.05 7.60 -70.96
CA GLY XA 510 -79.34 7.71 -70.26
C GLY XA 510 -79.27 7.58 -68.72
N PHE XA 511 -78.10 7.39 -68.11
CA PHE XA 511 -77.89 7.46 -66.64
C PHE XA 511 -78.64 6.40 -65.82
N ILE XA 512 -78.73 5.18 -66.35
CA ILE XA 512 -78.99 3.93 -65.59
C ILE XA 512 -77.87 2.88 -65.82
N SER XA 513 -76.67 3.32 -66.25
CA SER XA 513 -75.57 2.42 -66.66
C SER XA 513 -74.14 2.98 -66.48
N LEU XA 514 -73.18 2.07 -66.31
CA LEU XA 514 -71.76 2.35 -66.07
C LEU XA 514 -70.90 2.30 -67.35
N ASP XA 515 -71.50 1.97 -68.50
CA ASP XA 515 -70.84 1.44 -69.70
C ASP XA 515 -70.28 2.49 -70.68
N LYS XA 516 -71.01 3.59 -70.91
CA LYS XA 516 -70.50 4.77 -71.61
C LYS XA 516 -69.86 5.77 -70.63
N ALA XA 517 -70.20 5.68 -69.35
CA ALA XA 517 -69.63 6.45 -68.25
C ALA XA 517 -68.13 6.20 -68.11
N ASP XA 518 -67.31 7.23 -68.26
CA ASP XA 518 -65.89 7.14 -67.94
C ASP XA 518 -65.61 7.42 -66.46
N ILE XA 519 -66.15 6.58 -65.58
CA ILE XA 519 -65.74 6.51 -64.18
C ILE XA 519 -64.22 6.30 -64.02
N THR XA 520 -63.55 5.79 -65.07
CA THR XA 520 -62.09 5.60 -65.10
C THR XA 520 -61.34 6.92 -65.28
N HIS XA 521 -61.99 7.96 -65.83
CA HIS XA 521 -61.60 9.36 -65.66
C HIS XA 521 -61.92 9.71 -64.20
N PRO XA 522 -60.93 9.89 -63.32
CA PRO XA 522 -61.17 9.87 -61.88
C PRO XA 522 -61.86 11.15 -61.33
N ASP XA 523 -61.96 12.18 -62.18
CA ASP XA 523 -62.73 13.42 -62.04
C ASP XA 523 -64.22 13.23 -62.37
N PHE XA 524 -64.61 12.08 -62.92
CA PHE XA 524 -66.00 11.68 -63.01
C PHE XA 524 -66.64 11.65 -61.61
N GLY XA 525 -67.92 11.98 -61.49
CA GLY XA 525 -68.58 12.03 -60.19
C GLY XA 525 -70.06 12.27 -60.32
N ILE XA 526 -70.77 11.37 -60.97
CA ILE XA 526 -72.24 11.41 -61.02
C ILE XA 526 -72.90 10.17 -60.44
N VAL XA 527 -74.12 10.36 -59.97
CA VAL XA 527 -74.98 9.37 -59.34
C VAL XA 527 -76.27 9.22 -60.16
N PHE XA 528 -76.10 8.65 -61.35
CA PHE XA 528 -77.11 7.91 -62.08
C PHE XA 528 -78.09 7.17 -61.16
N SER XA 529 -79.36 7.20 -61.52
CA SER XA 529 -80.46 6.72 -60.70
C SER XA 529 -81.18 5.68 -61.59
N PHE XA 530 -81.03 4.41 -61.21
CA PHE XA 530 -81.07 3.27 -62.15
C PHE XA 530 -82.39 2.68 -62.66
N GLU XA 531 -83.55 3.26 -62.39
CA GLU XA 531 -84.70 3.12 -63.32
C GLU XA 531 -85.22 4.49 -63.77
N ASP XA 532 -84.83 5.51 -63.01
CA ASP XA 532 -85.20 6.90 -63.05
C ASP XA 532 -84.58 7.63 -64.27
N ALA XA 533 -83.45 7.12 -64.81
CA ALA XA 533 -82.76 7.57 -66.03
C ALA XA 533 -82.32 9.05 -66.03
N GLU XA 534 -81.68 9.45 -64.93
CA GLU XA 534 -81.10 10.79 -64.67
C GLU XA 534 -79.99 10.66 -63.61
N ALA XA 535 -79.08 11.63 -63.54
CA ALA XA 535 -78.05 11.70 -62.52
C ALA XA 535 -77.88 13.11 -61.96
N THR XA 536 -77.33 13.20 -60.76
CA THR XA 536 -76.77 14.44 -60.20
C THR XA 536 -75.31 14.24 -59.78
N LEU XA 537 -74.70 15.24 -59.19
CA LEU XA 537 -73.37 15.12 -58.59
C LEU XA 537 -73.30 14.02 -57.54
N ALA XA 538 -72.19 13.26 -57.56
CA ALA XA 538 -71.90 12.23 -56.58
C ALA XA 538 -71.93 12.77 -55.15
N TYR XA 539 -72.17 11.86 -54.20
CA TYR XA 539 -72.39 12.21 -52.80
C TYR XA 539 -71.41 11.50 -51.86
N THR XA 540 -71.12 12.19 -50.75
CA THR XA 540 -70.43 11.75 -49.56
C THR XA 540 -71.44 11.10 -48.61
N GLU XA 541 -71.54 9.78 -48.59
CA GLU XA 541 -72.48 9.07 -47.71
C GLU XA 541 -72.05 9.17 -46.23
N ALA XA 542 -72.93 9.66 -45.37
CA ALA XA 542 -72.66 9.96 -43.96
C ALA XA 542 -73.73 9.31 -43.06
N VAL XA 543 -73.72 7.98 -43.03
CA VAL XA 543 -74.65 7.16 -42.22
C VAL XA 543 -74.51 7.48 -40.74
N ASN XA 544 -75.62 7.53 -40.00
CA ASN XA 544 -75.60 7.67 -38.54
C ASN XA 544 -76.66 6.77 -37.92
N GLN XA 545 -76.36 6.09 -36.81
CA GLN XA 545 -77.38 5.52 -35.90
C GLN XA 545 -77.51 6.45 -34.68
N PRO XA 546 -78.65 7.15 -34.51
CA PRO XA 546 -78.97 7.94 -33.32
C PRO XA 546 -78.79 7.22 -31.98
N LYS XA 547 -78.70 8.00 -30.89
CA LYS XA 547 -78.39 7.58 -29.51
C LYS XA 547 -79.45 8.12 -28.55
N ILE XA 548 -79.80 7.45 -27.46
CA ILE XA 548 -81.07 7.70 -26.76
C ILE XA 548 -80.89 8.42 -25.40
N ILE XA 549 -81.71 9.44 -25.11
CA ILE XA 549 -81.83 10.12 -23.82
C ILE XA 549 -82.88 9.37 -22.96
N PRO XA 550 -82.52 8.43 -22.06
CA PRO XA 550 -83.44 7.41 -21.54
C PRO XA 550 -84.49 7.87 -20.51
N GLY XA 551 -84.37 9.08 -19.97
CA GLY XA 551 -85.38 9.66 -19.06
C GLY XA 551 -86.48 10.36 -19.85
N ASP XA 552 -86.08 11.35 -20.66
CA ASP XA 552 -86.92 12.06 -21.62
C ASP XA 552 -87.55 11.09 -22.64
N THR XA 553 -86.82 10.03 -22.99
CA THR XA 553 -87.34 8.84 -23.64
C THR XA 553 -88.23 8.08 -22.66
N THR XA 554 -89.52 8.39 -22.67
CA THR XA 554 -90.51 7.66 -21.88
C THR XA 554 -90.60 6.20 -22.32
N ALA XA 555 -90.22 5.89 -23.57
CA ALA XA 555 -90.19 4.53 -24.12
C ALA XA 555 -89.35 3.57 -23.24
N HIS XA 556 -89.85 2.37 -22.91
CA HIS XA 556 -88.98 1.33 -22.41
C HIS XA 556 -88.08 0.82 -23.54
N ILE XA 557 -86.76 0.85 -23.36
CA ILE XA 557 -85.82 0.29 -24.33
C ILE XA 557 -85.79 -1.24 -24.14
N TRP XA 558 -86.72 -1.94 -24.82
CA TRP XA 558 -86.93 -3.40 -24.78
C TRP XA 558 -85.74 -4.17 -25.37
N GLY XA 559 -84.67 -4.32 -24.59
CA GLY XA 559 -83.44 -4.94 -25.07
C GLY XA 559 -82.81 -4.14 -26.20
N ARG XA 560 -82.61 -4.77 -27.38
CA ARG XA 560 -82.14 -4.06 -28.60
C ARG XA 560 -83.25 -3.18 -29.15
N LEU XA 561 -84.48 -3.63 -29.01
CA LEU XA 561 -85.68 -2.92 -29.40
C LEU XA 561 -85.94 -1.76 -28.43
N ILE XA 562 -86.86 -0.89 -28.85
CA ILE XA 562 -87.34 0.29 -28.14
C ILE XA 562 -88.87 0.26 -28.26
N SER XA 563 -89.59 0.53 -27.16
CA SER XA 563 -91.02 0.21 -26.97
C SER XA 563 -91.67 1.23 -26.04
N ALA XA 564 -92.98 1.42 -26.00
CA ALA XA 564 -93.56 2.42 -25.12
C ALA XA 564 -93.22 2.25 -23.61
N PRO XA 565 -93.44 3.29 -22.76
CA PRO XA 565 -93.53 3.09 -21.32
C PRO XA 565 -94.58 2.01 -21.01
N PHE XA 566 -94.28 1.04 -20.14
CA PHE XA 566 -95.27 0.00 -19.75
C PHE XA 566 -95.21 -0.34 -18.27
N THR XA 567 -96.35 -0.71 -17.69
CA THR XA 567 -96.36 -1.63 -16.54
C THR XA 567 -96.41 -3.05 -17.07
N GLU XA 568 -96.11 -4.05 -16.26
CA GLU XA 568 -96.61 -5.39 -16.59
C GLU XA 568 -98.10 -5.51 -16.24
N GLU XA 569 -98.70 -6.59 -16.69
CA GLU XA 569 -99.85 -7.19 -16.03
C GLU XA 569 -99.68 -8.72 -16.06
N ARG XA 570 -100.28 -9.47 -15.14
CA ARG XA 570 -100.37 -10.94 -15.23
C ARG XA 570 -101.54 -11.30 -16.12
N THR XA 571 -101.32 -11.44 -17.42
CA THR XA 571 -102.40 -11.76 -18.37
C THR XA 571 -103.03 -13.12 -18.06
N ILE XA 572 -102.20 -14.10 -17.68
CA ILE XA 572 -102.59 -15.51 -17.46
C ILE XA 572 -101.94 -16.06 -16.18
N TYR XA 573 -102.60 -16.94 -15.43
CA TYR XA 573 -101.95 -17.79 -14.43
C TYR XA 573 -102.77 -19.03 -14.14
N GLN XA 574 -102.13 -20.18 -14.22
CA GLN XA 574 -102.66 -21.43 -13.74
C GLN XA 574 -101.95 -21.77 -12.44
N GLY XA 575 -102.70 -21.89 -11.36
CA GLY XA 575 -102.16 -22.01 -10.01
C GLY XA 575 -102.14 -23.43 -9.45
N GLN XA 576 -102.64 -24.41 -10.19
CA GLN XA 576 -102.83 -25.78 -9.73
C GLN XA 576 -101.67 -26.67 -10.20
N ALA XA 577 -100.56 -26.76 -9.46
CA ALA XA 577 -99.59 -27.85 -9.62
C ALA XA 577 -100.02 -29.05 -8.76
N SER XA 578 -99.59 -30.26 -9.10
CA SER XA 578 -99.73 -31.49 -8.32
C SER XA 578 -98.41 -32.20 -8.01
N GLU XA 579 -97.35 -32.07 -8.83
CA GLU XA 579 -96.05 -32.73 -8.60
C GLU XA 579 -94.87 -31.98 -9.20
N THR XA 580 -93.63 -32.29 -8.78
CA THR XA 580 -92.44 -31.69 -9.41
C THR XA 580 -92.39 -32.07 -10.89
N LEU XA 581 -91.63 -31.33 -11.70
CA LEU XA 581 -91.13 -31.96 -12.94
C LEU XA 581 -89.66 -31.69 -13.24
N ASN XA 582 -88.84 -32.69 -12.94
CA ASN XA 582 -87.53 -32.93 -13.51
C ASN XA 582 -87.57 -32.69 -15.03
N VAL XA 583 -86.92 -31.62 -15.51
CA VAL XA 583 -87.08 -31.11 -16.90
C VAL XA 583 -86.35 -31.98 -17.92
N ASN XA 584 -85.33 -32.71 -17.50
CA ASN XA 584 -84.61 -33.63 -18.36
C ASN XA 584 -84.27 -34.88 -17.54
N PRO XA 585 -85.21 -35.81 -17.31
CA PRO XA 585 -84.95 -37.02 -16.50
C PRO XA 585 -84.03 -38.00 -17.23
N TYR XA 586 -84.04 -37.89 -18.55
CA TYR XA 586 -83.06 -38.43 -19.47
C TYR XA 586 -81.63 -37.91 -19.14
N ASN XA 587 -81.54 -36.72 -18.50
CA ASN XA 587 -80.37 -35.96 -18.10
C ASN XA 587 -79.38 -35.85 -19.28
N ILE XA 588 -79.88 -35.55 -20.50
CA ILE XA 588 -79.08 -35.52 -21.75
C ILE XA 588 -79.04 -34.11 -22.41
N PRO XA 589 -77.84 -33.53 -22.60
CA PRO XA 589 -77.66 -32.20 -23.22
C PRO XA 589 -77.81 -32.18 -24.74
N ASN XA 590 -77.87 -30.96 -25.25
CA ASN XA 590 -77.41 -30.59 -26.59
C ASN XA 590 -76.94 -29.14 -26.47
N LYS XA 591 -75.65 -28.91 -26.74
CA LYS XA 591 -74.94 -27.79 -26.14
C LYS XA 591 -75.03 -26.51 -26.96
N GLN XA 592 -76.24 -26.00 -27.17
CA GLN XA 592 -76.45 -24.66 -27.71
C GLN XA 592 -76.54 -23.62 -26.59
N GLY XA 593 -75.41 -23.00 -26.25
CA GLY XA 593 -75.42 -21.75 -25.48
C GLY XA 593 -76.07 -20.62 -26.31
N VAL XA 594 -76.27 -19.45 -25.72
CA VAL XA 594 -77.17 -18.42 -26.28
C VAL XA 594 -76.49 -17.10 -26.59
N LEU XA 595 -76.21 -16.84 -27.88
CA LEU XA 595 -75.52 -15.65 -28.40
C LEU XA 595 -76.47 -14.44 -28.54
N LYS XA 596 -75.91 -13.25 -28.36
CA LYS XA 596 -76.50 -11.92 -28.58
C LYS XA 596 -75.57 -11.07 -29.43
N LEU XA 597 -76.15 -10.21 -30.25
CA LEU XA 597 -75.40 -9.33 -31.16
C LEU XA 597 -75.67 -7.87 -30.80
N THR XA 598 -74.62 -7.07 -30.66
CA THR XA 598 -74.68 -5.67 -30.18
C THR XA 598 -73.72 -4.79 -30.97
N PRO XA 599 -74.14 -4.15 -32.09
CA PRO XA 599 -75.48 -4.16 -32.70
C PRO XA 599 -75.95 -5.52 -33.23
N SER XA 600 -77.27 -5.71 -33.33
CA SER XA 600 -77.90 -6.88 -33.96
C SER XA 600 -78.32 -6.61 -35.40
N GLU XA 601 -78.30 -5.37 -35.87
CA GLU XA 601 -78.69 -5.02 -37.24
C GLU XA 601 -77.84 -3.90 -37.82
N ASP XA 602 -78.04 -3.57 -39.10
CA ASP XA 602 -77.48 -2.38 -39.73
C ASP XA 602 -78.49 -1.60 -40.57
N ASN XA 603 -78.20 -0.31 -40.75
CA ASN XA 603 -78.64 0.47 -41.89
C ASN XA 603 -77.45 1.32 -42.37
N TRP XA 604 -77.22 1.37 -43.69
CA TRP XA 604 -76.00 1.91 -44.30
C TRP XA 604 -76.13 2.13 -45.82
N ILE XA 605 -75.14 2.78 -46.44
CA ILE XA 605 -74.91 2.82 -47.90
C ILE XA 605 -73.40 2.59 -48.12
N ASP XA 606 -72.98 2.15 -49.32
CA ASP XA 606 -71.57 1.82 -49.63
C ASP XA 606 -71.21 2.05 -51.11
N THR XA 607 -70.18 2.87 -51.39
CA THR XA 607 -69.51 2.99 -52.70
C THR XA 607 -68.63 1.76 -52.96
N GLU XA 608 -69.29 0.68 -53.34
CA GLU XA 608 -68.84 -0.74 -53.34
C GLU XA 608 -67.81 -1.12 -54.42
N ASN XA 609 -67.01 -0.16 -54.88
CA ASN XA 609 -66.45 -0.16 -56.23
C ASN XA 609 -64.94 -0.34 -56.25
N LEU XA 678 -80.04 -1.16 -61.08
CA LEU XA 678 -81.35 -0.71 -60.53
C LEU XA 678 -81.16 0.10 -59.22
N GLU XA 679 -82.22 0.67 -58.62
CA GLU XA 679 -82.13 1.33 -57.30
C GLU XA 679 -82.19 0.27 -56.16
N GLU XA 680 -81.06 -0.43 -55.96
CA GLU XA 680 -80.97 -1.80 -55.37
C GLU XA 680 -80.86 -1.88 -53.84
N MET XA 681 -81.14 -3.07 -53.28
CA MET XA 681 -80.75 -3.44 -51.91
C MET XA 681 -79.23 -3.28 -51.69
N ILE XA 682 -78.81 -3.21 -50.43
CA ILE XA 682 -77.53 -2.61 -50.02
C ILE XA 682 -76.31 -3.55 -50.18
N GLU XA 683 -76.31 -4.34 -51.25
CA GLU XA 683 -75.14 -4.95 -51.88
C GLU XA 683 -74.22 -5.77 -50.96
N PHE XA 684 -73.13 -5.24 -50.40
CA PHE XA 684 -72.52 -5.86 -49.21
C PHE XA 684 -72.89 -5.10 -47.94
N ILE XA 685 -73.14 -5.83 -46.85
CA ILE XA 685 -73.12 -5.23 -45.52
C ILE XA 685 -71.74 -4.62 -45.32
N ARG XA 686 -71.68 -3.35 -44.96
CA ARG XA 686 -70.41 -2.69 -44.67
C ARG XA 686 -69.66 -3.42 -43.55
N ILE XA 687 -68.33 -3.40 -43.63
CA ILE XA 687 -67.45 -4.09 -42.69
C ILE XA 687 -67.43 -3.32 -41.36
N ARG XA 688 -68.17 -3.83 -40.36
CA ARG XA 688 -68.59 -3.12 -39.13
C ARG XA 688 -68.39 -4.02 -37.92
N ASP XA 689 -68.16 -3.50 -36.72
CA ASP XA 689 -67.93 -4.38 -35.56
C ASP XA 689 -69.17 -4.59 -34.70
N VAL XA 690 -69.35 -5.85 -34.30
CA VAL XA 690 -70.42 -6.34 -33.42
C VAL XA 690 -69.79 -6.86 -32.14
N SER XA 691 -70.13 -6.24 -31.02
CA SER XA 691 -69.91 -6.83 -29.70
C SER XA 691 -70.96 -7.91 -29.43
N PHE XA 692 -70.70 -8.80 -28.48
CA PHE XA 692 -71.57 -9.92 -28.12
C PHE XA 692 -71.50 -10.28 -26.63
N GLU XA 693 -72.50 -11.04 -26.22
CA GLU XA 693 -72.43 -11.99 -25.12
C GLU XA 693 -72.92 -13.34 -25.66
N VAL XA 694 -72.43 -14.43 -25.10
CA VAL XA 694 -73.00 -15.76 -25.23
C VAL XA 694 -73.05 -16.37 -23.82
N LYS XA 695 -74.05 -17.21 -23.51
CA LYS XA 695 -74.29 -17.81 -22.17
C LYS XA 695 -74.45 -19.32 -22.20
N GLY XA 696 -74.27 -19.95 -21.05
CA GLY XA 696 -74.66 -21.35 -20.79
C GLY XA 696 -73.84 -22.42 -21.53
N LEU XA 697 -72.71 -22.04 -22.15
CA LEU XA 697 -71.76 -22.96 -22.81
C LEU XA 697 -71.10 -23.91 -21.77
N ASN XA 698 -70.10 -24.69 -22.14
CA ASN XA 698 -69.38 -25.52 -21.16
C ASN XA 698 -68.64 -24.67 -20.11
N PRO XA 699 -68.33 -25.19 -18.91
CA PRO XA 699 -67.52 -24.46 -17.94
C PRO XA 699 -66.12 -24.21 -18.49
N ASN XA 700 -65.76 -22.93 -18.62
CA ASN XA 700 -64.54 -22.48 -19.31
C ASN XA 700 -64.37 -23.21 -20.66
N ASP XA 701 -65.48 -23.31 -21.38
CA ASP XA 701 -65.52 -23.68 -22.79
C ASP XA 701 -64.50 -22.85 -23.57
N ASN XA 702 -63.84 -23.44 -24.57
CA ASN XA 702 -62.54 -23.02 -25.07
C ASN XA 702 -62.48 -23.16 -26.59
N ASN XA 703 -61.70 -22.33 -27.30
CA ASN XA 703 -61.63 -22.31 -28.78
C ASN XA 703 -62.94 -21.91 -29.48
N LEU XA 704 -63.88 -21.27 -28.78
CA LEU XA 704 -65.14 -20.83 -29.36
C LEU XA 704 -64.87 -19.76 -30.43
N TYR XA 705 -64.73 -20.16 -31.69
CA TYR XA 705 -64.63 -19.23 -32.81
C TYR XA 705 -66.01 -18.69 -33.20
N LEU XA 706 -66.06 -17.70 -34.09
CA LEU XA 706 -67.33 -17.13 -34.55
C LEU XA 706 -67.42 -17.13 -36.07
N LEU XA 707 -68.59 -17.47 -36.60
CA LEU XA 707 -68.87 -17.35 -38.03
C LEU XA 707 -70.06 -16.41 -38.25
N PHE XA 708 -69.92 -15.33 -39.03
CA PHE XA 708 -71.00 -14.40 -39.37
C PHE XA 708 -71.48 -14.68 -40.80
N ASP XA 709 -72.79 -14.83 -41.02
CA ASP XA 709 -73.34 -15.48 -42.23
C ASP XA 709 -72.83 -16.92 -42.44
N GLY XA 710 -72.25 -17.54 -41.40
CA GLY XA 710 -71.43 -18.74 -41.55
C GLY XA 710 -70.01 -18.54 -42.15
N VAL XA 711 -69.49 -17.30 -42.18
CA VAL XA 711 -68.11 -16.96 -42.60
C VAL XA 711 -67.24 -16.66 -41.37
N ARG XA 712 -66.06 -17.29 -41.24
CA ARG XA 712 -65.15 -17.16 -40.07
C ARG XA 712 -64.77 -15.70 -39.79
N CYS XA 713 -65.01 -15.26 -38.57
CA CYS XA 713 -64.73 -13.92 -38.04
C CYS XA 713 -63.86 -14.01 -36.79
N ALA XA 714 -62.90 -13.11 -36.65
CA ALA XA 714 -62.01 -13.14 -35.50
C ALA XA 714 -62.64 -12.45 -34.29
N ILE XA 715 -62.97 -13.23 -33.26
CA ILE XA 715 -63.28 -12.69 -31.95
C ILE XA 715 -62.06 -12.03 -31.31
N THR XA 716 -62.32 -10.92 -30.64
CA THR XA 716 -61.54 -10.45 -29.50
C THR XA 716 -62.41 -10.68 -28.25
N PRO XA 717 -61.95 -11.46 -27.26
CA PRO XA 717 -62.64 -11.60 -25.97
C PRO XA 717 -62.79 -10.22 -25.30
N ALA XA 718 -63.88 -10.03 -24.55
CA ALA XA 718 -63.93 -9.02 -23.49
C ALA XA 718 -63.23 -9.55 -22.24
N THR XA 719 -62.77 -8.66 -21.37
CA THR XA 719 -62.20 -9.06 -20.09
C THR XA 719 -63.23 -9.84 -19.26
N GLY XA 720 -62.77 -10.70 -18.35
CA GLY XA 720 -63.55 -11.83 -17.81
C GLY XA 720 -63.31 -13.10 -18.63
N TYR XA 721 -62.93 -12.93 -19.90
CA TYR XA 721 -62.75 -13.99 -20.87
C TYR XA 721 -61.34 -13.94 -21.46
N ARG XA 722 -60.79 -15.11 -21.73
CA ARG XA 722 -59.51 -15.28 -22.44
C ARG XA 722 -59.78 -15.50 -23.91
N LYS XA 723 -58.75 -15.54 -24.75
CA LYS XA 723 -58.90 -16.28 -26.02
C LYS XA 723 -59.19 -17.76 -25.75
N GLY XA 724 -59.48 -18.54 -26.78
CA GLY XA 724 -59.39 -19.98 -26.64
C GLY XA 724 -57.94 -20.46 -26.39
N SER XA 725 -57.63 -21.72 -26.68
CA SER XA 725 -56.28 -22.11 -27.07
C SER XA 725 -56.04 -21.60 -28.50
N GLU XA 726 -57.01 -21.84 -29.38
CA GLU XA 726 -57.22 -21.15 -30.66
C GLU XA 726 -57.44 -19.64 -30.45
N ASP XA 727 -57.21 -18.77 -31.43
CA ASP XA 727 -57.62 -17.35 -31.35
C ASP XA 727 -58.42 -16.84 -32.57
N GLY XA 728 -58.90 -15.59 -32.50
CA GLY XA 728 -60.13 -15.21 -33.19
C GLY XA 728 -61.29 -15.94 -32.49
N THR XA 729 -61.10 -16.36 -31.24
CA THR XA 729 -61.96 -17.23 -30.46
C THR XA 729 -61.91 -16.85 -28.99
N ILE XA 730 -62.86 -17.35 -28.20
CA ILE XA 730 -62.97 -17.07 -26.78
C ILE XA 730 -62.90 -18.36 -25.93
N MET XA 731 -62.41 -18.21 -24.70
CA MET XA 731 -62.70 -19.13 -23.62
C MET XA 731 -63.59 -18.47 -22.54
N THR XA 732 -64.70 -19.12 -22.20
CA THR XA 732 -65.74 -18.60 -21.28
C THR XA 732 -65.27 -18.53 -19.85
N ASP XA 733 -66.11 -18.02 -18.98
CA ASP XA 733 -66.11 -18.39 -17.56
C ASP XA 733 -66.75 -19.77 -17.31
N ALA XA 734 -66.82 -20.16 -16.04
CA ALA XA 734 -67.34 -21.45 -15.62
C ALA XA 734 -68.83 -21.65 -15.91
N LYS XA 735 -69.63 -20.60 -16.16
CA LYS XA 735 -71.03 -20.76 -16.61
C LYS XA 735 -71.14 -21.09 -18.10
N GLY XA 736 -70.02 -21.09 -18.81
CA GLY XA 736 -70.04 -20.95 -20.26
C GLY XA 736 -70.56 -19.57 -20.68
N THR XA 737 -70.32 -18.50 -19.90
CA THR XA 737 -70.49 -17.12 -20.38
C THR XA 737 -69.24 -16.69 -21.14
N ALA XA 738 -69.39 -16.07 -22.30
CA ALA XA 738 -68.32 -15.41 -23.00
C ALA XA 738 -68.85 -14.09 -23.54
N LYS XA 739 -68.00 -13.09 -23.63
CA LYS XA 739 -68.33 -11.77 -24.16
C LYS XA 739 -67.16 -11.24 -24.96
N GLY XA 740 -67.36 -10.25 -25.79
CA GLY XA 740 -66.29 -9.72 -26.64
C GLY XA 740 -66.86 -9.06 -27.87
N LYS XA 741 -66.07 -8.94 -28.92
CA LYS XA 741 -66.48 -8.34 -30.19
C LYS XA 741 -65.76 -8.96 -31.37
N PHE XA 742 -66.34 -8.83 -32.55
CA PHE XA 742 -65.81 -9.33 -33.80
C PHE XA 742 -66.21 -8.36 -34.93
N THR XA 743 -65.62 -8.53 -36.11
CA THR XA 743 -65.92 -7.72 -37.30
C THR XA 743 -66.78 -8.49 -38.30
N ILE XA 744 -67.86 -7.87 -38.80
CA ILE XA 744 -68.64 -8.34 -39.95
C ILE XA 744 -67.71 -8.35 -41.18
N PRO XA 745 -67.38 -9.52 -41.79
CA PRO XA 745 -66.41 -9.63 -42.88
C PRO XA 745 -66.77 -8.85 -44.16
N ALA XA 746 -65.83 -8.78 -45.09
CA ALA XA 746 -66.13 -8.46 -46.49
C ALA XA 746 -66.73 -9.66 -47.25
N GLY XA 747 -67.39 -9.41 -48.40
CA GLY XA 747 -68.14 -10.44 -49.15
C GLY XA 747 -69.49 -10.83 -48.52
N ILE XA 748 -69.79 -10.32 -47.32
CA ILE XA 748 -71.06 -10.46 -46.63
C ILE XA 748 -72.13 -9.69 -47.42
N ARG XA 749 -72.88 -10.43 -48.22
CA ARG XA 749 -73.99 -9.90 -49.01
C ARG XA 749 -75.06 -9.25 -48.09
N CYS XA 750 -75.80 -8.26 -48.59
CA CYS XA 750 -76.95 -7.65 -47.92
C CYS XA 750 -78.00 -8.71 -47.52
N GLY XA 751 -78.84 -8.41 -46.54
CA GLY XA 751 -79.88 -9.29 -45.97
C GLY XA 751 -79.55 -9.81 -44.58
N ASN XA 752 -80.42 -10.62 -44.00
CA ASN XA 752 -80.19 -11.26 -42.70
C ASN XA 752 -79.09 -12.34 -42.76
N ARG XA 753 -78.28 -12.46 -41.69
CA ARG XA 753 -77.03 -13.25 -41.64
C ARG XA 753 -76.99 -14.10 -40.37
N GLU XA 754 -76.54 -15.34 -40.41
CA GLU XA 754 -76.46 -16.14 -39.18
C GLU XA 754 -75.09 -16.02 -38.54
N VAL XA 755 -75.08 -15.48 -37.34
CA VAL XA 755 -73.88 -15.31 -36.53
C VAL XA 755 -73.76 -16.48 -35.57
N THR XA 756 -72.55 -17.01 -35.41
CA THR XA 756 -72.38 -18.41 -35.04
C THR XA 756 -71.14 -18.56 -34.15
N LEU XA 757 -71.26 -18.15 -32.88
CA LEU XA 757 -70.22 -18.29 -31.86
C LEU XA 757 -70.15 -19.73 -31.32
N LYS XA 758 -69.19 -20.53 -31.80
CA LYS XA 758 -69.12 -21.96 -31.51
C LYS XA 758 -67.73 -22.56 -31.56
N ASN XA 759 -67.67 -23.77 -31.03
CA ASN XA 759 -66.67 -24.79 -31.35
C ASN XA 759 -67.45 -26.10 -31.55
N ALA XA 760 -66.80 -27.25 -31.35
CA ALA XA 760 -67.51 -28.53 -31.22
C ALA XA 760 -68.16 -28.72 -29.83
N ASN XA 761 -67.52 -28.19 -28.78
CA ASN XA 761 -67.87 -28.36 -27.37
C ASN XA 761 -69.28 -27.80 -27.06
N SER XA 762 -69.52 -26.54 -27.43
CA SER XA 762 -70.82 -25.90 -27.52
C SER XA 762 -70.95 -25.21 -28.87
N THR XA 763 -72.17 -25.21 -29.40
CA THR XA 763 -72.56 -24.23 -30.40
C THR XA 763 -73.21 -22.99 -29.75
N SER XA 764 -73.31 -21.89 -30.49
CA SER XA 764 -74.35 -20.89 -30.30
C SER XA 764 -74.55 -20.11 -31.59
N ALA XA 765 -75.77 -19.65 -31.86
CA ALA XA 765 -76.05 -18.83 -33.04
C ALA XA 765 -77.24 -17.89 -32.84
N THR XA 766 -77.28 -16.82 -33.62
CA THR XA 766 -78.45 -15.92 -33.76
C THR XA 766 -78.30 -15.01 -35.00
N THR XA 767 -79.38 -14.37 -35.42
CA THR XA 767 -79.42 -13.63 -36.70
C THR XA 767 -79.07 -12.14 -36.56
N TYR XA 768 -78.15 -11.66 -37.40
CA TYR XA 768 -77.98 -10.24 -37.70
C TYR XA 768 -78.90 -9.80 -38.85
N THR XA 769 -79.36 -8.55 -38.90
CA THR XA 769 -80.32 -8.07 -39.94
C THR XA 769 -79.78 -6.88 -40.73
N ALA XA 770 -80.00 -6.83 -42.05
CA ALA XA 770 -79.41 -5.77 -42.89
C ALA XA 770 -80.17 -5.57 -44.24
N GLN XA 771 -81.12 -4.64 -44.33
CA GLN XA 771 -81.89 -4.36 -45.57
C GLN XA 771 -82.25 -2.85 -45.73
N GLY XA 772 -82.36 -2.39 -46.98
CA GLY XA 772 -82.68 -1.00 -47.35
C GLY XA 772 -82.44 -0.71 -48.83
N ARG XA 773 -82.07 0.52 -49.24
CA ARG XA 773 -81.74 0.81 -50.66
C ARG XA 773 -80.51 1.70 -50.86
N LYS XA 774 -79.82 1.55 -52.00
CA LYS XA 774 -78.84 2.48 -52.56
C LYS XA 774 -79.45 3.22 -53.76
N LYS XA 775 -79.35 4.55 -53.82
CA LYS XA 775 -79.80 5.40 -54.96
C LYS XA 775 -79.00 5.19 -56.27
N THR XA 776 -77.88 4.46 -56.23
CA THR XA 776 -76.95 4.17 -57.35
C THR XA 776 -76.48 2.71 -57.30
N ALA XA 777 -76.41 2.03 -58.44
CA ALA XA 777 -76.50 0.56 -58.51
C ALA XA 777 -75.23 -0.25 -58.13
N GLN XA 778 -74.32 -0.41 -59.11
CA GLN XA 778 -73.40 -1.54 -59.23
C GLN XA 778 -74.17 -2.88 -59.13
N ASP XA 779 -74.13 -3.59 -58.00
CA ASP XA 779 -74.70 -4.94 -57.86
C ASP XA 779 -75.73 -5.07 -56.71
N ILE XA 780 -76.67 -6.03 -56.82
CA ILE XA 780 -77.81 -6.21 -55.89
C ILE XA 780 -77.42 -7.01 -54.63
N ILE XA 781 -76.74 -8.15 -54.82
CA ILE XA 781 -76.00 -8.93 -53.82
C ILE XA 781 -76.78 -9.22 -52.51
N ILE XA 782 -77.36 -10.43 -52.39
CA ILE XA 782 -77.92 -10.98 -51.13
C ILE XA 782 -77.51 -12.48 -50.96
N ARG XA 783 -77.51 -13.00 -49.71
CA ARG XA 783 -77.25 -14.44 -49.39
C ARG XA 783 -78.17 -15.05 -48.32
N THR XA 784 -78.76 -14.24 -47.44
CA THR XA 784 -79.72 -14.68 -46.40
C THR XA 784 -79.09 -15.67 -45.39
N ARG XA 785 -79.86 -16.43 -44.57
CA ARG XA 785 -79.44 -17.34 -43.47
C ARG XA 785 -80.67 -18.13 -42.91
N VAL XA 786 -80.53 -19.07 -41.97
CA VAL XA 786 -81.71 -19.66 -41.24
C VAL XA 786 -81.36 -20.12 -39.78
N THR XA 787 -82.29 -20.23 -38.81
CA THR XA 787 -82.01 -20.52 -37.35
C THR XA 787 -83.00 -21.47 -36.58
N VAL XA 788 -82.52 -22.53 -35.88
CA VAL XA 788 -83.27 -23.64 -35.19
C VAL XA 788 -82.44 -24.40 -34.10
N ASN XA 789 -83.05 -25.12 -33.13
CA ASN XA 789 -82.35 -26.06 -32.20
C ASN XA 789 -83.17 -27.21 -31.53
N LEU XA 790 -82.49 -28.17 -30.87
CA LEU XA 790 -82.98 -29.40 -30.18
C LEU XA 790 -82.21 -29.77 -28.85
N VAL XA 791 -82.72 -30.72 -28.01
CA VAL XA 791 -82.22 -31.15 -26.65
C VAL XA 791 -82.91 -32.50 -26.21
N ASP XA 792 -82.79 -32.95 -24.95
CA ASP XA 792 -83.77 -33.84 -24.27
C ASP XA 792 -84.66 -33.08 -23.23
N PRO XA 793 -85.55 -32.17 -23.63
CA PRO XA 793 -86.08 -31.14 -22.74
C PRO XA 793 -87.50 -31.42 -22.21
N LEU XA 794 -88.04 -30.47 -21.47
CA LEU XA 794 -89.48 -30.32 -21.26
C LEU XA 794 -90.02 -29.29 -22.27
N ALA XA 795 -91.32 -29.31 -22.54
CA ALA XA 795 -92.01 -28.29 -23.32
C ALA XA 795 -93.45 -28.12 -22.82
N GLN XA 796 -94.08 -27.02 -23.18
CA GLN XA 796 -95.44 -26.70 -22.77
C GLN XA 796 -96.10 -25.86 -23.85
N SER XA 797 -97.06 -26.42 -24.58
CA SER XA 797 -97.94 -25.58 -25.37
C SER XA 797 -98.70 -24.64 -24.46
N PHE XA 798 -98.93 -23.42 -24.91
CA PHE XA 798 -99.80 -22.47 -24.24
C PHE XA 798 -100.44 -21.55 -25.29
N GLN XA 799 -101.69 -21.10 -25.14
CA GLN XA 799 -102.27 -20.10 -26.07
C GLN XA 799 -102.42 -18.70 -25.49
N TYR XA 800 -102.13 -17.71 -26.33
CA TYR XA 800 -102.72 -16.39 -26.18
C TYR XA 800 -103.95 -16.28 -27.08
N ASP XA 801 -104.87 -15.43 -26.64
CA ASP XA 801 -106.25 -15.34 -27.11
C ASP XA 801 -106.48 -14.11 -28.01
N GLU XA 802 -105.77 -13.04 -27.67
CA GLU XA 802 -105.57 -11.82 -28.42
C GLU XA 802 -104.08 -11.48 -28.38
N ASN XA 803 -103.63 -10.58 -29.26
CA ASN XA 803 -102.23 -10.21 -29.32
C ASN XA 803 -101.81 -9.42 -28.07
N ARG XA 804 -100.74 -9.87 -27.38
CA ARG XA 804 -100.16 -9.23 -26.18
C ARG XA 804 -98.61 -9.33 -26.16
N THR XA 805 -97.89 -8.29 -25.73
CA THR XA 805 -96.41 -8.26 -25.74
C THR XA 805 -95.79 -8.91 -24.48
N ILE XA 806 -95.58 -10.24 -24.44
CA ILE XA 806 -95.03 -10.93 -23.26
C ILE XA 806 -93.73 -10.28 -22.81
N SER XA 807 -93.71 -9.86 -21.55
CA SER XA 807 -92.55 -9.27 -20.89
C SER XA 807 -91.81 -10.31 -20.05
N SER XA 808 -92.55 -11.21 -19.40
CA SER XA 808 -91.98 -12.41 -18.79
C SER XA 808 -93.04 -13.46 -18.51
N LEU XA 809 -92.59 -14.72 -18.33
CA LEU XA 809 -93.37 -15.76 -17.65
C LEU XA 809 -93.08 -15.73 -16.14
N GLY XA 810 -93.84 -16.50 -15.38
CA GLY XA 810 -93.60 -16.81 -13.99
C GLY XA 810 -93.89 -18.29 -13.69
N LEU XA 811 -93.08 -18.93 -12.86
CA LEU XA 811 -92.97 -20.39 -12.70
C LEU XA 811 -92.45 -20.78 -11.31
N TYR XA 812 -92.58 -22.04 -10.89
CA TYR XA 812 -92.22 -22.46 -9.52
C TYR XA 812 -91.45 -23.77 -9.59
N PHE XA 813 -90.34 -23.88 -8.85
CA PHE XA 813 -89.55 -25.11 -8.81
C PHE XA 813 -89.66 -25.82 -7.46
N ALA XA 814 -89.58 -27.15 -7.53
CA ALA XA 814 -89.34 -27.98 -6.37
C ALA XA 814 -87.84 -28.01 -6.01
N SER XA 815 -86.97 -28.04 -7.02
CA SER XA 815 -85.52 -28.12 -6.85
C SER XA 815 -84.77 -27.65 -8.11
N LYS XA 816 -83.47 -27.37 -7.99
CA LYS XA 816 -82.65 -26.82 -9.08
C LYS XA 816 -81.25 -27.39 -9.06
N GLY XA 817 -80.62 -27.40 -10.24
CA GLY XA 817 -79.28 -27.97 -10.43
C GLY XA 817 -78.16 -27.04 -9.92
N ASP XA 818 -77.01 -27.08 -10.60
CA ASP XA 818 -75.86 -26.21 -10.35
C ASP XA 818 -75.93 -24.86 -11.11
N LYS XA 819 -74.95 -24.00 -10.86
CA LYS XA 819 -74.91 -22.62 -11.36
C LYS XA 819 -74.47 -22.44 -12.83
N GLN XA 820 -74.12 -23.52 -13.54
CA GLN XA 820 -73.42 -23.47 -14.84
C GLN XA 820 -74.13 -24.30 -15.91
N SER XA 821 -74.85 -25.36 -15.49
CA SER XA 821 -76.02 -25.84 -16.23
C SER XA 821 -77.16 -24.84 -16.08
N ASN XA 822 -78.14 -24.90 -16.96
CA ASN XA 822 -79.26 -23.98 -16.98
C ASN XA 822 -80.50 -24.60 -17.63
N VAL XA 823 -81.67 -24.07 -17.29
CA VAL XA 823 -82.81 -24.08 -18.20
C VAL XA 823 -82.57 -22.97 -19.20
N VAL XA 824 -82.73 -23.22 -20.50
CA VAL XA 824 -82.99 -22.13 -21.43
C VAL XA 824 -84.46 -22.21 -21.76
N ILE XA 825 -85.20 -21.15 -21.51
CA ILE XA 825 -86.54 -21.07 -22.11
C ILE XA 825 -86.37 -20.53 -23.52
N GLN XA 826 -86.69 -21.34 -24.52
CA GLN XA 826 -87.17 -20.78 -25.76
C GLN XA 826 -88.69 -20.67 -25.76
N ILE XA 827 -89.21 -19.78 -26.59
CA ILE XA 827 -90.60 -19.88 -27.04
C ILE XA 827 -90.59 -20.15 -28.54
N ARG XA 828 -91.58 -20.92 -28.97
CA ARG XA 828 -91.78 -21.52 -30.29
C ARG XA 828 -93.27 -21.51 -30.62
N GLY XA 829 -93.63 -21.87 -31.84
CA GLY XA 829 -95.00 -22.21 -32.21
C GLY XA 829 -95.26 -23.70 -32.09
N MET XA 830 -96.15 -24.22 -32.93
CA MET XA 830 -96.58 -25.64 -32.98
C MET XA 830 -96.36 -26.24 -34.37
N GLY XA 831 -96.04 -27.54 -34.40
CA GLY XA 831 -95.94 -28.35 -35.61
C GLY XA 831 -97.07 -29.38 -35.68
N ASP XA 832 -97.25 -29.99 -36.85
CA ASP XA 832 -98.35 -30.95 -37.10
C ASP XA 832 -98.28 -32.24 -36.28
N GLN XA 833 -97.16 -32.50 -35.60
CA GLN XA 833 -97.09 -33.50 -34.53
C GLN XA 833 -98.08 -33.19 -33.41
N GLY XA 834 -98.58 -31.95 -33.34
CA GLY XA 834 -99.17 -31.39 -32.13
C GLY XA 834 -98.15 -31.36 -30.98
N TYR XA 835 -96.87 -31.22 -31.33
CA TYR XA 835 -95.76 -30.84 -30.44
C TYR XA 835 -95.25 -29.44 -30.89
N PRO XA 836 -94.31 -28.79 -30.19
CA PRO XA 836 -93.77 -27.50 -30.62
C PRO XA 836 -93.16 -27.53 -32.02
N ASN XA 837 -93.21 -26.41 -32.75
CA ASN XA 837 -92.35 -26.24 -33.91
C ASN XA 837 -90.89 -26.04 -33.47
N LYS XA 838 -89.95 -26.00 -34.43
CA LYS XA 838 -88.52 -25.86 -34.14
C LYS XA 838 -88.03 -24.40 -34.12
N THR XA 839 -88.94 -23.42 -34.27
CA THR XA 839 -88.59 -22.02 -34.53
C THR XA 839 -88.23 -21.26 -33.26
N ILE XA 840 -87.10 -20.54 -33.28
CA ILE XA 840 -86.69 -19.69 -32.18
C ILE XA 840 -87.51 -18.38 -32.20
N TYR XA 841 -88.67 -18.32 -31.53
CA TYR XA 841 -89.44 -17.07 -31.34
C TYR XA 841 -88.81 -16.15 -30.26
N ALA XA 842 -88.33 -16.76 -29.17
CA ALA XA 842 -87.66 -16.08 -28.04
C ALA XA 842 -86.69 -17.03 -27.35
N GLU XA 843 -85.70 -16.53 -26.60
CA GLU XA 843 -84.73 -17.36 -25.89
C GLU XA 843 -84.14 -16.67 -24.64
N THR XA 844 -83.95 -17.38 -23.52
CA THR XA 844 -83.42 -16.83 -22.24
C THR XA 844 -82.77 -17.88 -21.32
N VAL XA 845 -81.51 -17.67 -20.91
CA VAL XA 845 -80.73 -18.64 -20.10
C VAL XA 845 -80.98 -18.43 -18.62
N MET XA 846 -81.16 -19.53 -17.90
CA MET XA 846 -81.62 -19.58 -16.51
C MET XA 846 -80.91 -20.71 -15.73
N ASN XA 847 -79.73 -20.41 -15.21
CA ASN XA 847 -78.93 -21.29 -14.32
C ASN XA 847 -79.64 -21.48 -12.97
N ALA XA 848 -79.10 -22.29 -12.07
CA ALA XA 848 -79.67 -22.41 -10.71
C ALA XA 848 -79.61 -21.09 -9.92
N ASP XA 849 -78.69 -20.21 -10.27
CA ASP XA 849 -78.67 -18.81 -9.79
C ASP XA 849 -79.99 -18.08 -10.09
N ASP XA 850 -80.56 -18.37 -11.27
CA ASP XA 850 -81.68 -17.69 -11.89
C ASP XA 850 -83.05 -18.31 -11.52
N ILE XA 851 -83.07 -19.36 -10.70
CA ILE XA 851 -84.24 -20.23 -10.44
C ILE XA 851 -84.58 -20.25 -8.93
N LYS XA 852 -85.87 -20.28 -8.57
CA LYS XA 852 -86.38 -20.20 -7.18
C LYS XA 852 -87.19 -21.45 -6.81
N VAL XA 853 -87.00 -21.99 -5.61
CA VAL XA 853 -87.53 -23.31 -5.20
C VAL XA 853 -88.41 -23.22 -3.94
N SER XA 854 -89.38 -24.13 -3.79
CA SER XA 854 -90.32 -24.17 -2.66
C SER XA 854 -90.88 -25.56 -2.43
N ASN XA 855 -91.28 -25.89 -1.20
CA ASN XA 855 -91.89 -27.19 -0.88
C ASN XA 855 -93.43 -27.24 -1.11
N ASN XA 856 -93.98 -26.19 -1.73
CA ASN XA 856 -95.42 -25.96 -1.95
C ASN XA 856 -95.72 -25.18 -3.25
N ALA XA 857 -94.83 -25.24 -4.24
CA ALA XA 857 -95.06 -24.72 -5.60
C ALA XA 857 -95.42 -23.22 -5.71
N SER XA 858 -94.61 -22.37 -5.09
CA SER XA 858 -94.88 -20.93 -4.92
C SER XA 858 -93.72 -20.00 -5.29
N ALA XA 859 -92.50 -20.54 -5.41
CA ALA XA 859 -91.28 -19.76 -5.61
C ALA XA 859 -91.19 -19.18 -7.04
N GLU XA 860 -91.78 -17.99 -7.22
CA GLU XA 860 -92.08 -17.34 -8.50
C GLU XA 860 -90.82 -16.91 -9.30
N THR XA 861 -90.27 -17.88 -9.99
CA THR XA 861 -89.17 -17.86 -10.93
C THR XA 861 -89.59 -17.18 -12.24
N ARG XA 862 -89.26 -15.89 -12.39
CA ARG XA 862 -89.67 -15.11 -13.56
C ARG XA 862 -88.77 -15.37 -14.77
N VAL XA 863 -89.38 -15.70 -15.90
CA VAL XA 863 -88.72 -15.92 -17.20
C VAL XA 863 -88.80 -14.63 -18.01
N TYR XA 864 -87.89 -13.69 -17.77
CA TYR XA 864 -87.72 -12.53 -18.66
C TYR XA 864 -86.96 -12.92 -19.93
N PHE XA 865 -87.37 -12.34 -21.05
CA PHE XA 865 -86.62 -12.36 -22.30
C PHE XA 865 -85.85 -11.04 -22.48
N ASP XA 866 -84.93 -10.97 -23.44
CA ASP XA 866 -84.04 -9.81 -23.62
C ASP XA 866 -84.80 -8.57 -24.18
N ASP XA 867 -85.48 -8.75 -25.32
CA ASP XA 867 -86.64 -7.96 -25.75
C ASP XA 867 -87.93 -8.69 -25.25
N PRO XA 868 -89.17 -8.29 -25.60
CA PRO XA 868 -90.36 -9.09 -25.23
C PRO XA 868 -90.57 -10.23 -26.23
N MET XA 869 -91.63 -11.03 -26.07
CA MET XA 869 -92.20 -11.79 -27.20
C MET XA 869 -93.69 -11.51 -27.38
N MET XA 870 -94.11 -11.09 -28.56
CA MET XA 870 -95.52 -10.81 -28.80
C MET XA 870 -96.29 -12.10 -29.07
N ALA XA 871 -96.94 -12.61 -28.02
CA ALA XA 871 -97.86 -13.72 -28.10
C ALA XA 871 -99.16 -13.25 -28.77
N GLU XA 872 -99.28 -13.53 -30.05
CA GLU XA 872 -100.47 -13.29 -30.86
C GLU XA 872 -101.70 -14.04 -30.31
N GLY XA 873 -102.90 -13.51 -30.59
CA GLY XA 873 -104.14 -14.15 -30.18
C GLY XA 873 -104.55 -15.36 -31.01
N GLY XA 874 -105.54 -16.10 -30.49
CA GLY XA 874 -106.10 -17.31 -31.10
C GLY XA 874 -105.12 -18.46 -31.29
N LYS XA 875 -103.90 -18.39 -30.72
CA LYS XA 875 -102.77 -19.24 -31.10
C LYS XA 875 -102.10 -19.89 -29.91
N GLU XA 876 -101.89 -21.20 -30.01
CA GLU XA 876 -100.96 -22.01 -29.21
C GLU XA 876 -99.51 -21.76 -29.67
N TYR XA 877 -98.73 -21.14 -28.79
CA TYR XA 877 -97.28 -21.21 -28.74
C TYR XA 877 -96.89 -22.54 -28.10
N ALA XA 878 -95.59 -22.79 -28.03
CA ALA XA 878 -95.05 -23.61 -26.98
C ALA XA 878 -93.80 -22.99 -26.38
N ILE XA 879 -93.72 -23.05 -25.06
CA ILE XA 879 -92.45 -22.96 -24.37
C ILE XA 879 -91.69 -24.22 -24.75
N VAL XA 880 -90.42 -24.07 -25.11
CA VAL XA 880 -89.48 -25.17 -24.96
C VAL XA 880 -88.60 -24.85 -23.79
N ILE XA 881 -88.51 -25.81 -22.88
CA ILE XA 881 -87.86 -25.69 -21.61
C ILE XA 881 -86.60 -26.53 -21.76
N ILE XA 882 -85.66 -25.97 -22.53
CA ILE XA 882 -84.38 -26.58 -22.84
C ILE XA 882 -83.66 -26.83 -21.54
N THR XA 883 -83.25 -28.07 -21.32
CA THR XA 883 -82.08 -28.29 -20.49
C THR XA 883 -81.47 -29.62 -20.79
N GLU XA 884 -80.20 -29.72 -20.44
CA GLU XA 884 -79.40 -30.89 -20.20
C GLU XA 884 -79.68 -31.56 -18.84
N ASN XA 885 -80.13 -30.81 -17.84
CA ASN XA 885 -80.06 -31.24 -16.45
C ASN XA 885 -81.42 -31.58 -15.83
N SER XA 886 -81.56 -32.82 -15.37
CA SER XA 886 -82.71 -33.32 -14.61
C SER XA 886 -83.07 -32.48 -13.38
N ASP XA 887 -82.04 -31.98 -12.70
CA ASP XA 887 -82.12 -31.48 -11.34
C ASP XA 887 -82.94 -30.19 -11.22
N TYR XA 888 -83.12 -29.51 -12.35
CA TYR XA 888 -84.19 -28.54 -12.52
C TYR XA 888 -85.53 -29.29 -12.48
N THR XA 889 -86.11 -29.41 -11.29
CA THR XA 889 -87.42 -30.03 -11.12
C THR XA 889 -88.46 -28.96 -10.85
N MET XA 890 -89.34 -28.68 -11.82
CA MET XA 890 -90.35 -27.60 -11.72
C MET XA 890 -91.53 -27.98 -10.81
N TRP XA 891 -92.71 -27.42 -11.04
CA TRP XA 891 -93.97 -27.92 -10.51
C TRP XA 891 -95.06 -27.95 -11.59
N VAL XA 892 -95.46 -29.14 -12.03
CA VAL XA 892 -96.58 -29.35 -12.97
C VAL XA 892 -97.85 -29.72 -12.24
N GLY XA 893 -99.00 -29.48 -12.87
CA GLY XA 893 -100.31 -29.97 -12.52
C GLY XA 893 -100.85 -30.95 -13.55
N THR XA 894 -101.60 -31.96 -13.09
CA THR XA 894 -102.05 -33.09 -13.93
C THR XA 894 -103.42 -33.60 -13.51
N ARG XA 895 -104.15 -34.17 -14.47
CA ARG XA 895 -105.51 -34.68 -14.38
C ARG XA 895 -105.86 -35.32 -13.04
N THR XA 896 -106.84 -34.72 -12.36
CA THR XA 896 -107.45 -35.19 -11.09
C THR XA 896 -106.45 -35.58 -10.01
N LYS XA 897 -105.29 -34.93 -9.99
CA LYS XA 897 -104.29 -35.14 -8.95
C LYS XA 897 -104.41 -34.16 -7.79
N PRO XA 898 -104.17 -34.64 -6.55
CA PRO XA 898 -103.81 -33.81 -5.40
C PRO XA 898 -102.88 -32.66 -5.78
N LYS XA 899 -103.30 -31.41 -5.57
CA LYS XA 899 -102.42 -30.27 -5.78
C LYS XA 899 -101.25 -30.32 -4.80
N ILE XA 900 -100.07 -29.87 -5.17
CA ILE XA 900 -98.92 -29.80 -4.24
C ILE XA 900 -99.21 -28.83 -3.08
N ASP XA 901 -99.65 -27.61 -3.38
CA ASP XA 901 -99.97 -26.64 -2.31
C ASP XA 901 -101.12 -27.12 -1.41
N LYS XA 902 -101.96 -28.04 -1.90
CA LYS XA 902 -103.21 -28.47 -1.29
C LYS XA 902 -103.63 -29.87 -1.79
N PRO XA 903 -103.04 -30.95 -1.28
CA PRO XA 903 -103.25 -32.29 -1.80
C PRO XA 903 -104.55 -32.92 -1.31
N ASN XA 904 -105.23 -32.26 -0.37
CA ASN XA 904 -106.61 -32.55 -0.02
C ASN XA 904 -107.59 -32.11 -1.14
N GLU XA 905 -107.08 -31.55 -2.24
CA GLU XA 905 -107.81 -30.96 -3.36
C GLU XA 905 -107.17 -31.32 -4.70
N VAL XA 906 -107.98 -31.63 -5.73
CA VAL XA 906 -107.47 -32.25 -6.98
C VAL XA 906 -107.81 -31.46 -8.24
N ILE XA 907 -106.92 -31.57 -9.22
CA ILE XA 907 -106.93 -30.79 -10.47
C ILE XA 907 -108.12 -31.14 -11.41
N SER XA 908 -108.38 -30.29 -12.41
CA SER XA 908 -109.17 -30.57 -13.63
C SER XA 908 -108.54 -31.70 -14.45
N GLY XA 909 -108.63 -31.70 -15.79
CA GLY XA 909 -107.75 -32.51 -16.65
C GLY XA 909 -106.34 -31.89 -16.71
N ASN XA 910 -105.98 -31.38 -17.89
CA ASN XA 910 -105.02 -30.26 -17.99
C ASN XA 910 -105.43 -29.14 -16.99
N PRO XA 911 -104.54 -28.66 -16.11
CA PRO XA 911 -104.80 -27.47 -15.28
C PRO XA 911 -105.23 -26.23 -16.08
N TYR XA 912 -104.76 -26.15 -17.32
CA TYR XA 912 -104.87 -25.03 -18.23
C TYR XA 912 -105.01 -25.62 -19.63
N LEU XA 913 -106.20 -26.15 -19.91
CA LEU XA 913 -106.52 -26.89 -21.15
C LEU XA 913 -106.33 -26.07 -22.43
N GLN XA 914 -106.18 -24.76 -22.26
CA GLN XA 914 -105.70 -23.77 -23.20
C GLN XA 914 -104.15 -23.89 -23.40
N GLY XA 915 -103.63 -25.12 -23.34
CA GLY XA 915 -102.23 -25.51 -23.21
C GLY XA 915 -102.07 -27.04 -23.04
N VAL XA 916 -100.85 -27.56 -23.22
CA VAL XA 916 -100.49 -28.98 -23.10
C VAL XA 916 -99.02 -29.12 -22.75
N LEU XA 917 -98.71 -29.84 -21.68
CA LEU XA 917 -97.34 -30.22 -21.32
C LEU XA 917 -96.74 -31.26 -22.27
N PHE XA 918 -95.41 -31.27 -22.42
CA PHE XA 918 -94.66 -32.34 -23.07
C PHE XA 918 -93.32 -32.59 -22.37
N SER XA 919 -92.83 -33.84 -22.38
CA SER XA 919 -91.46 -34.23 -21.99
C SER XA 919 -90.81 -35.09 -23.06
N SER XA 920 -89.53 -34.92 -23.38
CA SER XA 920 -88.92 -35.72 -24.46
C SER XA 920 -87.43 -36.01 -24.32
N SER XA 921 -87.10 -37.30 -24.35
CA SER XA 921 -85.78 -37.87 -24.61
C SER XA 921 -85.22 -37.64 -26.03
N ASN XA 922 -85.72 -36.67 -26.83
CA ASN XA 922 -84.98 -36.03 -27.95
C ASN XA 922 -85.60 -34.71 -28.50
N ALA XA 923 -86.47 -34.01 -27.75
CA ALA XA 923 -87.34 -32.92 -28.26
C ALA XA 923 -88.26 -33.34 -29.44
N SER XA 924 -88.64 -34.62 -29.50
CA SER XA 924 -89.61 -35.18 -30.45
C SER XA 924 -90.32 -36.43 -29.91
N THR XA 925 -89.72 -37.21 -28.99
CA THR XA 925 -90.38 -38.29 -28.21
C THR XA 925 -91.48 -37.77 -27.25
N TRP XA 926 -91.97 -36.56 -27.47
CA TRP XA 926 -92.81 -35.74 -26.59
C TRP XA 926 -94.01 -36.51 -26.04
N THR XA 927 -94.19 -36.48 -24.73
CA THR XA 927 -95.35 -37.04 -24.01
C THR XA 927 -96.60 -36.15 -24.20
N PRO XA 928 -97.60 -36.49 -25.04
CA PRO XA 928 -98.82 -35.68 -25.20
C PRO XA 928 -99.67 -35.65 -23.93
N HIS XA 929 -99.47 -34.64 -23.10
CA HIS XA 929 -100.29 -34.44 -21.93
C HIS XA 929 -101.60 -33.72 -22.23
N GLN XA 930 -102.54 -34.47 -22.83
CA GLN XA 930 -103.97 -34.22 -22.67
C GLN XA 930 -104.44 -34.44 -21.19
N ASN XA 931 -103.49 -34.72 -20.30
CA ASN XA 931 -103.62 -34.75 -18.85
C ASN XA 931 -103.05 -33.51 -18.10
N SER XA 932 -102.12 -32.69 -18.63
CA SER XA 932 -101.19 -31.93 -17.75
C SER XA 932 -100.65 -30.60 -18.31
N ASP XA 933 -100.27 -29.69 -17.40
CA ASP XA 933 -99.63 -28.39 -17.65
C ASP XA 933 -98.63 -28.01 -16.55
N LEU XA 934 -97.65 -27.13 -16.83
CA LEU XA 934 -96.89 -26.40 -15.79
C LEU XA 934 -97.85 -25.67 -14.83
N LYS XA 935 -97.46 -25.41 -13.58
CA LYS XA 935 -98.03 -24.28 -12.84
C LYS XA 935 -97.23 -23.04 -13.18
N PHE XA 936 -97.90 -21.98 -13.60
CA PHE XA 936 -97.26 -20.79 -14.17
C PHE XA 936 -98.18 -19.55 -14.09
N GLY XA 937 -97.61 -18.36 -14.30
CA GLY XA 937 -98.32 -17.22 -14.86
C GLY XA 937 -97.55 -16.64 -16.03
N ILE XA 938 -98.22 -15.80 -16.81
CA ILE XA 938 -97.61 -15.09 -17.91
C ILE XA 938 -98.04 -13.63 -17.82
N TYR XA 939 -97.13 -12.74 -18.20
CA TYR XA 939 -97.27 -11.32 -18.04
C TYR XA 939 -96.84 -10.59 -19.30
N THR XA 940 -97.48 -9.46 -19.60
CA THR XA 940 -97.15 -8.68 -20.80
C THR XA 940 -96.89 -7.22 -20.47
N SER XA 941 -96.20 -6.52 -21.37
CA SER XA 941 -96.13 -5.07 -21.33
C SER XA 941 -97.53 -4.47 -21.48
N LYS XA 942 -98.13 -4.11 -20.36
CA LYS XA 942 -99.24 -3.16 -20.27
C LYS XA 942 -98.68 -1.78 -20.63
N PHE XA 943 -98.41 -1.58 -21.92
CA PHE XA 943 -97.95 -0.32 -22.50
C PHE XA 943 -98.96 0.80 -22.28
N ASN XA 944 -98.43 2.02 -22.16
CA ASN XA 944 -99.21 3.24 -22.30
C ASN XA 944 -99.34 3.62 -23.78
N GLU XA 945 -100.34 4.41 -24.13
CA GLU XA 945 -100.81 4.54 -25.53
C GLU XA 945 -99.87 5.37 -26.43
N THR XA 946 -98.78 5.92 -25.89
CA THR XA 946 -97.74 6.63 -26.65
C THR XA 946 -96.37 6.56 -25.96
N ALA XA 947 -95.31 6.90 -26.71
CA ALA XA 947 -93.96 7.05 -26.19
C ALA XA 947 -93.20 8.17 -26.87
N THR XA 948 -92.23 8.72 -26.16
CA THR XA 948 -91.18 9.59 -26.70
C THR XA 948 -89.90 8.77 -26.76
N ILE XA 949 -89.21 8.76 -27.91
CA ILE XA 949 -87.86 8.22 -28.04
C ILE XA 949 -86.97 9.41 -28.35
N GLU XA 950 -86.68 10.17 -27.30
CA GLU XA 950 -85.86 11.38 -27.35
C GLU XA 950 -84.40 10.96 -27.58
N PHE XA 951 -83.88 11.23 -28.76
CA PHE XA 951 -82.49 10.96 -29.08
C PHE XA 951 -81.59 12.14 -28.68
N GLU XA 952 -80.41 11.78 -28.19
CA GLU XA 952 -79.24 12.64 -28.07
C GLU XA 952 -78.84 13.10 -29.49
N PRO XA 953 -78.49 14.36 -29.74
CA PRO XA 953 -78.25 14.80 -31.11
C PRO XA 953 -77.08 14.08 -31.81
N ILE XA 954 -77.15 13.95 -33.14
CA ILE XA 954 -75.95 13.87 -33.99
C ILE XA 954 -75.33 15.29 -34.01
N LYS XA 955 -74.01 15.50 -34.01
CA LYS XA 955 -73.36 16.84 -34.02
C LYS XA 955 -72.17 16.95 -34.98
N ASP XA 956 -71.84 18.18 -35.41
CA ASP XA 956 -71.03 18.50 -36.61
C ASP XA 956 -71.40 17.61 -37.80
N VAL XA 957 -72.71 17.55 -38.04
CA VAL XA 957 -73.35 16.64 -39.00
C VAL XA 957 -72.84 16.90 -40.43
N SER XA 958 -72.76 18.19 -40.80
CA SER XA 958 -72.09 18.75 -41.98
C SER XA 958 -72.45 18.06 -43.30
N ALA XA 959 -73.76 17.97 -43.55
CA ALA XA 959 -74.39 17.15 -44.58
C ALA XA 959 -75.68 17.83 -45.11
N ASP XA 960 -75.71 18.13 -46.41
CA ASP XA 960 -76.82 18.78 -47.11
C ASP XA 960 -77.99 17.84 -47.42
N ARG XA 961 -77.86 16.54 -47.15
CA ARG XA 961 -78.89 15.53 -47.42
C ARG XA 961 -79.03 14.56 -46.27
N ILE XA 962 -80.14 13.85 -46.24
CA ILE XA 962 -80.57 12.98 -45.16
C ILE XA 962 -81.39 11.79 -45.66
N VAL XA 963 -81.50 10.78 -44.82
CA VAL XA 963 -82.32 9.61 -45.02
C VAL XA 963 -82.81 9.21 -43.64
N LEU XA 964 -84.07 8.76 -43.52
CA LEU XA 964 -84.37 7.82 -42.45
C LEU XA 964 -84.42 6.44 -43.05
N MET XA 965 -83.54 5.60 -42.54
CA MET XA 965 -83.60 4.16 -42.66
C MET XA 965 -83.30 3.66 -41.26
N SER XA 966 -84.20 4.01 -40.33
CA SER XA 966 -84.39 3.28 -39.10
C SER XA 966 -85.22 2.05 -39.42
N THR XA 967 -85.44 1.16 -38.46
CA THR XA 967 -86.40 0.08 -38.68
C THR XA 967 -87.03 -0.36 -37.36
N TYR XA 968 -88.25 -0.85 -37.48
CA TYR XA 968 -89.15 -1.16 -36.41
C TYR XA 968 -90.30 -1.98 -36.98
N LEU XA 969 -91.06 -2.67 -36.14
CA LEU XA 969 -92.45 -2.98 -36.49
C LEU XA 969 -93.32 -2.01 -35.72
N THR XA 970 -94.18 -1.30 -36.41
CA THR XA 970 -95.43 -0.83 -35.83
C THR XA 970 -96.40 -1.99 -36.08
N PRO XA 971 -96.74 -2.82 -35.10
CA PRO XA 971 -97.98 -3.58 -35.15
C PRO XA 971 -99.18 -2.73 -35.54
N GLU XA 972 -100.26 -3.41 -35.87
CA GLU XA 972 -101.56 -2.79 -35.87
C GLU XA 972 -101.86 -2.11 -34.51
N ARG XA 973 -102.64 -1.02 -34.52
CA ARG XA 973 -102.92 -0.20 -33.33
C ARG XA 973 -101.64 0.37 -32.70
N THR XA 974 -100.65 0.70 -33.52
CA THR XA 974 -99.43 1.37 -33.11
C THR XA 974 -98.95 2.27 -34.24
N GLY XA 975 -98.09 3.23 -33.93
CA GLY XA 975 -97.48 4.14 -34.90
C GLY XA 975 -96.10 4.61 -34.49
N CYS XA 976 -95.25 4.94 -35.45
CA CYS XA 976 -93.86 5.32 -35.21
C CYS XA 976 -93.56 6.56 -36.05
N THR XA 977 -93.87 7.75 -35.52
CA THR XA 977 -93.38 8.99 -36.13
C THR XA 977 -91.88 9.06 -35.95
N TRP XA 978 -91.21 9.77 -36.84
CA TRP XA 978 -89.79 10.05 -36.73
C TRP XA 978 -89.53 11.53 -37.00
N GLU XA 979 -88.77 12.20 -36.15
CA GLU XA 979 -88.57 13.64 -36.21
C GLU XA 979 -87.18 14.09 -35.81
N MET XA 980 -86.83 15.30 -36.22
CA MET XA 980 -85.65 16.03 -35.83
C MET XA 980 -85.97 17.47 -35.45
N LYS XA 981 -85.09 18.04 -34.62
CA LYS XA 981 -84.88 19.47 -34.45
C LYS XA 981 -83.50 19.75 -35.06
N LEU XA 982 -83.45 20.30 -36.28
CA LEU XA 982 -82.21 20.49 -37.03
C LEU XA 982 -81.55 21.85 -36.81
N ILE XA 983 -80.50 21.88 -36.00
CA ILE XA 983 -79.51 22.96 -36.03
C ILE XA 983 -78.64 22.75 -37.28
N LEU XA 984 -78.49 23.73 -38.16
CA LEU XA 984 -77.77 23.56 -39.43
C LEU XA 984 -76.40 24.25 -39.46
N ASP XA 985 -75.45 23.74 -40.23
CA ASP XA 985 -74.26 24.51 -40.67
C ASP XA 985 -74.70 25.70 -41.57
N ASP XA 986 -75.90 25.63 -42.15
CA ASP XA 986 -76.61 26.77 -42.77
C ASP XA 986 -77.09 27.85 -41.74
N MET XA 987 -77.30 27.48 -40.47
CA MET XA 987 -77.95 28.32 -39.45
C MET XA 987 -76.97 29.17 -38.64
N ALA XA 988 -77.51 30.18 -37.97
CA ALA XA 988 -76.79 30.95 -36.95
C ALA XA 988 -76.53 30.15 -35.66
N SER XA 989 -75.71 30.71 -34.77
CA SER XA 989 -75.20 30.06 -33.56
C SER XA 989 -76.27 29.82 -32.49
N SER XA 990 -77.15 30.80 -32.25
CA SER XA 990 -78.14 30.76 -31.18
C SER XA 990 -79.29 29.81 -31.46
N THR XA 991 -79.54 29.46 -32.72
CA THR XA 991 -80.59 28.52 -33.15
C THR XA 991 -80.36 27.16 -32.49
N THR XA 992 -81.20 26.81 -31.51
CA THR XA 992 -81.07 25.56 -30.75
C THR XA 992 -82.40 24.81 -30.71
N PHE XA 993 -82.39 23.57 -30.23
CA PHE XA 993 -83.55 22.66 -30.26
C PHE XA 993 -84.78 23.19 -29.50
N ASP XA 994 -84.63 24.22 -28.67
CA ASP XA 994 -85.74 24.97 -28.06
C ASP XA 994 -86.51 25.83 -29.07
N GLN XA 995 -85.80 26.45 -30.02
CA GLN XA 995 -86.38 27.26 -31.09
C GLN XA 995 -86.95 26.36 -32.20
N LEU XA 996 -86.21 25.30 -32.55
CA LEU XA 996 -86.58 24.29 -33.54
C LEU XA 996 -87.86 23.53 -33.17
N LYS XA 997 -88.50 22.90 -34.16
CA LYS XA 997 -89.72 22.08 -34.00
C LYS XA 997 -89.43 20.63 -34.38
N TRP XA 998 -90.30 19.69 -34.01
CA TRP XA 998 -90.16 18.28 -34.39
C TRP XA 998 -90.50 18.06 -35.86
N GLU XA 999 -89.59 18.50 -36.71
CA GLU XA 999 -89.56 18.40 -38.16
C GLU XA 999 -89.47 16.90 -38.54
N PRO XA 1000 -90.47 16.28 -39.20
CA PRO XA 1000 -90.50 14.82 -39.39
C PRO XA 1000 -89.70 14.32 -40.61
N ILE XA 1001 -89.37 13.02 -40.60
CA ILE XA 1001 -88.67 12.29 -41.66
C ILE XA 1001 -89.32 10.92 -41.96
N GLY XA 1002 -89.44 10.56 -43.24
CA GLY XA 1002 -90.01 9.28 -43.70
C GLY XA 1002 -88.98 8.22 -44.01
N ASN XA 1003 -89.30 7.01 -43.59
CA ASN XA 1003 -88.38 5.90 -43.65
C ASN XA 1003 -88.21 5.38 -45.09
N TYR XA 1004 -87.07 4.74 -45.38
CA TYR XA 1004 -86.74 4.13 -46.68
C TYR XA 1004 -86.80 5.06 -47.90
N GLN XA 1005 -86.87 6.37 -47.67
CA GLN XA 1005 -86.99 7.34 -48.74
C GLN XA 1005 -86.11 8.57 -48.47
N ASP XA 1006 -85.39 9.00 -49.50
CA ASP XA 1006 -84.37 10.04 -49.43
C ASP XA 1006 -84.97 11.39 -49.03
N LEU XA 1007 -84.27 12.20 -48.22
CA LEU XA 1007 -84.71 13.53 -47.77
C LEU XA 1007 -83.57 14.56 -47.84
N ASP XA 1008 -83.90 15.83 -48.02
CA ASP XA 1008 -82.92 16.88 -48.25
C ASP XA 1008 -82.80 17.79 -47.04
N VAL XA 1009 -81.56 18.16 -46.69
CA VAL XA 1009 -81.31 19.30 -45.81
C VAL XA 1009 -81.22 20.60 -46.61
N LEU XA 1010 -80.94 20.49 -47.92
CA LEU XA 1010 -80.70 21.61 -48.83
C LEU XA 1010 -79.65 22.57 -48.24
N GLY XA 1011 -78.51 21.99 -47.87
CA GLY XA 1011 -77.43 22.68 -47.19
C GLY XA 1011 -77.22 22.13 -45.80
N LEU XA 1012 -75.99 22.26 -45.31
CA LEU XA 1012 -75.45 21.32 -44.35
C LEU XA 1012 -76.16 21.40 -43.00
N ALA XA 1013 -76.53 20.26 -42.46
CA ALA XA 1013 -76.87 20.13 -41.05
C ALA XA 1013 -75.65 20.41 -40.14
N ARG XA 1014 -75.83 20.68 -38.83
CA ARG XA 1014 -74.73 20.64 -37.85
C ARG XA 1014 -75.06 20.04 -36.50
N GLN XA 1015 -76.26 20.16 -35.95
CA GLN XA 1015 -76.75 19.21 -34.95
C GLN XA 1015 -78.19 18.77 -35.24
N VAL XA 1016 -78.45 17.49 -35.22
CA VAL XA 1016 -79.80 16.95 -35.34
C VAL XA 1016 -80.17 16.42 -33.96
N LYS XA 1017 -80.90 17.14 -33.11
CA LYS XA 1017 -81.61 16.42 -32.04
C LYS XA 1017 -82.74 15.66 -32.71
N LEU XA 1018 -83.05 14.45 -32.27
CA LEU XA 1018 -84.07 13.61 -32.90
C LEU XA 1018 -85.10 13.14 -31.88
N ARG XA 1019 -86.34 12.89 -32.31
CA ARG XA 1019 -87.26 12.04 -31.56
C ARG XA 1019 -88.09 11.20 -32.51
N ALA XA 1020 -88.25 9.92 -32.24
CA ALA XA 1020 -89.40 9.18 -32.73
C ALA XA 1020 -90.50 9.25 -31.66
N THR XA 1021 -91.71 9.64 -32.02
CA THR XA 1021 -92.87 9.43 -31.14
C THR XA 1021 -93.51 8.09 -31.49
N PHE XA 1022 -93.81 7.28 -30.48
CA PHE XA 1022 -94.69 6.13 -30.66
C PHE XA 1022 -96.14 6.47 -30.32
N GLU XA 1023 -97.02 5.74 -30.97
CA GLU XA 1023 -98.41 5.54 -30.60
C GLU XA 1023 -98.60 4.05 -30.38
N SER XA 1024 -99.49 3.65 -29.50
CA SER XA 1024 -99.51 2.30 -28.93
C SER XA 1024 -100.90 1.99 -28.38
N ASN XA 1025 -101.16 0.71 -28.11
CA ASN XA 1025 -102.35 0.24 -27.43
C ASN XA 1025 -101.97 -0.40 -26.09
N ARG XA 1026 -102.96 -0.77 -25.25
CA ARG XA 1026 -102.73 -1.30 -23.90
C ARG XA 1026 -101.71 -2.42 -23.80
N TYR XA 1027 -101.58 -3.26 -24.82
CA TYR XA 1027 -100.81 -4.51 -24.77
C TYR XA 1027 -99.72 -4.61 -25.83
N ILE XA 1028 -99.68 -3.69 -26.80
CA ILE XA 1028 -98.76 -3.71 -27.93
C ILE XA 1028 -98.34 -2.29 -28.35
N SER XA 1029 -97.09 -2.15 -28.77
CA SER XA 1029 -96.39 -0.89 -29.05
C SER XA 1029 -95.38 -1.14 -30.18
N PRO XA 1030 -94.94 -0.12 -30.96
CA PRO XA 1030 -93.91 -0.34 -31.95
C PRO XA 1030 -92.63 -0.81 -31.25
N LEU XA 1031 -91.87 -1.63 -31.95
CA LEU XA 1031 -90.62 -2.18 -31.46
C LEU XA 1031 -89.53 -1.89 -32.49
N MET XA 1032 -88.69 -0.92 -32.16
CA MET XA 1032 -87.62 -0.35 -33.02
C MET XA 1032 -86.25 -0.77 -32.53
N SER XA 1033 -85.42 -1.43 -33.31
CA SER XA 1033 -84.07 -1.67 -32.79
C SER XA 1033 -83.24 -0.39 -32.84
N SER XA 1034 -82.56 -0.11 -31.73
CA SER XA 1034 -81.42 0.80 -31.62
C SER XA 1034 -80.25 0.50 -32.57
N SER XA 1035 -80.25 -0.62 -33.29
CA SER XA 1035 -79.36 -0.84 -34.46
C SER XA 1035 -80.06 -1.18 -35.78
N ASP XA 1036 -81.38 -1.27 -35.83
CA ASP XA 1036 -82.14 -1.04 -37.05
C ASP XA 1036 -82.10 0.44 -37.47
N LEU XA 1037 -81.83 1.28 -36.48
CA LEU XA 1037 -81.85 2.71 -36.42
C LEU XA 1037 -80.84 3.42 -37.34
N THR XA 1038 -81.24 4.15 -38.38
CA THR XA 1038 -80.46 5.29 -38.89
C THR XA 1038 -81.29 6.51 -39.16
N PHE XA 1039 -80.73 7.63 -38.74
CA PHE XA 1039 -80.96 8.92 -39.35
C PHE XA 1039 -79.71 9.23 -40.14
N THR XA 1040 -79.64 8.69 -41.34
CA THR XA 1040 -78.47 8.84 -42.20
C THR XA 1040 -78.43 10.22 -42.80
N THR XA 1041 -77.23 10.69 -43.09
CA THR XA 1041 -76.95 12.00 -43.64
C THR XA 1041 -76.04 11.85 -44.86
N PHE XA 1042 -75.93 12.88 -45.70
CA PHE XA 1042 -74.97 12.94 -46.80
C PHE XA 1042 -74.50 14.38 -46.99
N LEU XA 1043 -73.23 14.54 -47.32
CA LEU XA 1043 -72.77 15.68 -48.11
C LEU XA 1043 -72.91 15.33 -49.61
N THR XA 1044 -73.14 16.30 -50.48
CA THR XA 1044 -72.99 16.13 -51.94
C THR XA 1044 -71.68 16.79 -52.41
N GLU XA 1045 -71.02 16.27 -53.43
CA GLU XA 1045 -69.84 16.93 -54.02
C GLU XA 1045 -70.24 18.24 -54.75
N LEU XA 1046 -69.28 19.19 -54.84
CA LEU XA 1046 -69.42 20.44 -55.63
C LEU XA 1046 -69.07 20.26 -57.12
N THR XA 1047 -68.32 19.21 -57.46
CA THR XA 1047 -67.92 18.89 -58.83
C THR XA 1047 -67.78 17.38 -59.00
N GLY XA 1048 -68.05 16.88 -60.19
CA GLY XA 1048 -68.14 15.45 -60.44
C GLY XA 1048 -68.73 15.22 -61.82
N SER XA 1049 -67.85 15.24 -62.81
CA SER XA 1049 -68.27 15.27 -64.20
C SER XA 1049 -68.96 13.98 -64.64
N TYR XA 1050 -69.88 14.05 -65.59
CA TYR XA 1050 -70.10 12.89 -66.44
C TYR XA 1050 -69.02 13.01 -67.54
N VAL XA 1051 -67.85 12.45 -67.30
CA VAL XA 1051 -66.90 12.24 -68.39
C VAL XA 1051 -67.37 11.02 -69.18
N GLY XA 1052 -67.74 11.15 -70.45
CA GLY XA 1052 -68.09 10.00 -71.30
C GLY XA 1052 -66.81 9.36 -71.87
N ARG XA 1053 -66.76 8.04 -72.07
CA ARG XA 1053 -65.53 7.30 -72.46
C ARG XA 1053 -64.93 7.75 -73.79
N ALA XA 1054 -63.63 7.53 -74.01
CA ALA XA 1054 -62.97 7.91 -75.27
C ALA XA 1054 -63.57 7.11 -76.42
N ILE XA 1055 -63.82 7.81 -77.52
CA ILE XA 1055 -64.63 7.35 -78.64
C ILE XA 1055 -63.67 7.19 -79.82
N ASP XA 1056 -63.55 5.98 -80.38
CA ASP XA 1056 -62.92 5.84 -81.69
C ASP XA 1056 -63.86 6.42 -82.77
N MET XA 1057 -63.28 7.19 -83.69
CA MET XA 1057 -63.96 7.69 -84.89
C MET XA 1057 -63.22 7.32 -86.17
N THR XA 1058 -62.20 6.46 -86.11
CA THR XA 1058 -61.44 6.01 -87.28
C THR XA 1058 -62.37 5.31 -88.29
N GLU XA 1059 -63.52 4.78 -87.82
CA GLU XA 1059 -64.59 4.20 -88.63
C GLU XA 1059 -65.26 5.26 -89.50
N ALA XA 1060 -65.37 6.49 -88.99
CA ALA XA 1060 -66.03 7.63 -89.61
C ALA XA 1060 -65.42 8.96 -89.13
N PRO XA 1061 -64.19 9.35 -89.53
CA PRO XA 1061 -63.53 10.55 -89.01
C PRO XA 1061 -64.37 11.82 -89.18
N TYR XA 1062 -64.35 12.67 -88.15
CA TYR XA 1062 -65.31 13.75 -87.96
C TYR XA 1062 -64.61 15.12 -87.96
N ASN XA 1063 -65.01 16.03 -88.84
CA ASN XA 1063 -64.60 17.42 -88.71
C ASN XA 1063 -65.47 18.13 -87.66
N THR XA 1064 -66.63 17.56 -87.33
CA THR XA 1064 -67.70 18.20 -86.57
C THR XA 1064 -68.20 17.31 -85.46
N VAL XA 1065 -68.70 17.90 -84.38
CA VAL XA 1065 -69.51 17.24 -83.37
C VAL XA 1065 -70.77 18.06 -83.16
N ARG XA 1066 -71.93 17.42 -83.20
CA ARG XA 1066 -73.11 17.87 -82.48
C ARG XA 1066 -72.94 17.35 -81.05
N PHE XA 1067 -72.80 18.21 -80.05
CA PHE XA 1067 -72.85 17.78 -78.66
C PHE XA 1067 -74.21 18.14 -78.09
N SER XA 1068 -75.24 17.47 -78.58
CA SER XA 1068 -76.56 17.62 -78.00
C SER XA 1068 -76.62 16.85 -76.68
N TYR XA 1069 -77.22 17.43 -75.64
CA TYR XA 1069 -77.35 16.86 -74.29
C TYR XA 1069 -78.50 17.51 -73.50
N GLU XA 1070 -78.88 16.96 -72.34
CA GLU XA 1070 -80.00 17.47 -71.54
C GLU XA 1070 -79.60 17.62 -70.07
N ALA XA 1071 -79.94 18.75 -69.46
CA ALA XA 1071 -79.73 19.02 -68.03
C ALA XA 1071 -80.77 19.98 -67.45
N PHE XA 1072 -81.20 19.71 -66.21
CA PHE XA 1072 -81.77 20.72 -65.35
C PHE XA 1072 -80.67 21.21 -64.40
N LEU XA 1073 -80.32 22.47 -64.53
CA LEU XA 1073 -79.35 23.13 -63.68
C LEU XA 1073 -80.09 24.06 -62.70
N PRO XA 1074 -80.19 23.71 -61.39
CA PRO XA 1074 -80.61 24.66 -60.35
C PRO XA 1074 -79.79 25.95 -60.40
N LYS XA 1075 -80.24 26.99 -59.70
CA LYS XA 1075 -79.61 28.33 -59.68
C LYS XA 1075 -78.08 28.29 -59.56
N GLY XA 1076 -77.38 28.92 -60.49
CA GLY XA 1076 -75.91 29.01 -60.51
C GLY XA 1076 -75.12 27.70 -60.64
N THR XA 1077 -75.77 26.53 -60.64
CA THR XA 1077 -75.09 25.27 -60.99
C THR XA 1077 -74.70 25.30 -62.46
N LYS XA 1078 -73.81 24.39 -62.86
CA LYS XA 1078 -73.36 24.30 -64.23
C LYS XA 1078 -73.18 22.86 -64.68
N VAL XA 1079 -73.31 22.67 -65.99
CA VAL XA 1079 -72.63 21.63 -66.77
C VAL XA 1079 -71.75 22.41 -67.73
N VAL XA 1080 -70.44 22.17 -67.74
CA VAL XA 1080 -69.65 22.61 -68.89
C VAL XA 1080 -69.69 21.49 -69.93
N PRO XA 1081 -70.34 21.67 -71.08
CA PRO XA 1081 -70.28 20.68 -72.15
C PRO XA 1081 -68.88 20.76 -72.79
N LYS XA 1082 -68.14 19.65 -72.83
CA LYS XA 1082 -66.74 19.63 -73.29
C LYS XA 1082 -66.41 18.48 -74.23
N TYR XA 1083 -65.44 18.71 -75.11
CA TYR XA 1083 -64.72 17.69 -75.86
C TYR XA 1083 -63.26 17.70 -75.44
N SER XA 1084 -62.63 16.57 -75.60
CA SER XA 1084 -61.20 16.49 -75.70
C SER XA 1084 -61.00 15.58 -76.89
N ALA XA 1085 -60.94 16.18 -78.10
CA ALA XA 1085 -60.77 15.43 -79.34
C ALA XA 1085 -59.53 14.53 -79.25
N ASP XA 1086 -58.52 15.03 -78.55
CA ASP XA 1086 -57.32 14.37 -78.01
C ASP XA 1086 -57.62 13.23 -76.99
N ASP XA 1087 -58.79 12.57 -77.04
CA ASP XA 1087 -59.20 11.46 -76.18
C ASP XA 1087 -59.01 11.72 -74.66
N GLY XA 1088 -59.58 12.82 -74.17
CA GLY XA 1088 -59.72 13.10 -72.73
C GLY XA 1088 -58.48 13.67 -72.04
N LYS XA 1089 -57.65 14.38 -72.81
CA LYS XA 1089 -56.46 15.12 -72.39
C LYS XA 1089 -56.84 16.59 -72.15
N THR XA 1090 -56.79 17.46 -73.16
CA THR XA 1090 -57.27 18.84 -73.04
C THR XA 1090 -58.78 18.89 -73.14
N TRP XA 1091 -59.43 19.16 -72.02
CA TRP XA 1091 -60.87 19.32 -72.00
C TRP XA 1091 -61.25 20.75 -72.45
N LYS XA 1092 -61.51 20.82 -73.76
CA LYS XA 1092 -62.01 21.95 -74.55
C LYS XA 1092 -63.51 22.11 -74.34
N THR XA 1093 -63.98 23.27 -73.87
CA THR XA 1093 -65.42 23.58 -73.85
C THR XA 1093 -65.94 23.72 -75.28
N PHE XA 1094 -67.13 23.20 -75.62
CA PHE XA 1094 -67.70 23.37 -76.96
C PHE XA 1094 -67.82 24.87 -77.29
N THR XA 1095 -67.00 25.28 -78.26
CA THR XA 1095 -66.74 26.65 -78.71
C THR XA 1095 -67.88 27.20 -79.59
N LYS XA 1096 -68.76 26.34 -80.11
CA LYS XA 1096 -70.04 26.70 -80.73
C LYS XA 1096 -71.20 26.37 -79.80
N SER XA 1097 -72.08 27.34 -79.62
CA SER XA 1097 -73.06 27.37 -78.53
C SER XA 1097 -74.19 26.35 -78.69
N PRO XA 1098 -74.70 25.76 -77.59
CA PRO XA 1098 -75.82 24.85 -77.66
C PRO XA 1098 -77.12 25.60 -77.99
N THR XA 1099 -77.98 25.01 -78.81
CA THR XA 1099 -79.39 25.37 -78.84
C THR XA 1099 -80.02 24.94 -77.51
N THR XA 1100 -80.13 25.87 -76.56
CA THR XA 1100 -80.65 25.65 -75.19
C THR XA 1100 -82.18 25.65 -75.16
N THR XA 1101 -82.80 24.71 -75.88
CA THR XA 1101 -84.26 24.51 -75.90
C THR XA 1101 -84.77 23.93 -74.57
N ARG XA 1102 -85.84 24.44 -73.97
CA ARG XA 1102 -86.44 23.72 -72.83
C ARG XA 1102 -86.95 22.35 -73.30
N ALA XA 1103 -86.40 21.30 -72.72
CA ALA XA 1103 -86.63 19.90 -73.07
C ALA XA 1103 -88.08 19.48 -72.82
N ASN XA 1104 -88.64 19.90 -71.69
CA ASN XA 1104 -89.93 19.48 -71.14
C ASN XA 1104 -90.36 20.44 -70.01
N ASN XA 1105 -91.27 20.00 -69.13
CA ASN XA 1105 -91.69 20.74 -67.94
C ASN XA 1105 -90.57 20.98 -66.89
N GLU XA 1106 -89.30 20.68 -67.18
CA GLU XA 1106 -88.17 20.95 -66.29
C GLU XA 1106 -86.84 21.25 -67.00
N PHE XA 1107 -86.27 20.25 -67.65
CA PHE XA 1107 -84.91 20.27 -68.17
C PHE XA 1107 -84.71 21.26 -69.30
N THR XA 1108 -83.47 21.65 -69.53
CA THR XA 1108 -83.02 22.23 -70.80
C THR XA 1108 -82.31 21.15 -71.62
N ARG XA 1109 -82.57 21.06 -72.92
CA ARG XA 1109 -81.73 20.37 -73.90
C ARG XA 1109 -80.82 21.39 -74.58
N TYR XA 1110 -79.64 20.97 -75.00
CA TYR XA 1110 -78.52 21.87 -75.30
C TYR XA 1110 -77.81 21.40 -76.58
N VAL XA 1111 -78.38 21.66 -77.75
CA VAL XA 1111 -77.87 21.14 -79.03
C VAL XA 1111 -76.64 21.94 -79.53
N ILE XA 1112 -75.42 21.65 -79.06
CA ILE XA 1112 -74.18 22.15 -79.71
C ILE XA 1112 -74.08 21.57 -81.11
N ASP XA 1113 -73.55 22.31 -82.08
CA ASP XA 1113 -73.02 21.72 -83.30
C ASP XA 1113 -71.84 22.52 -83.89
N GLU XA 1114 -70.68 21.86 -84.00
CA GLU XA 1114 -69.36 22.49 -83.92
C GLU XA 1114 -68.33 21.77 -84.78
N LYS XA 1115 -67.62 22.49 -85.65
CA LYS XA 1115 -66.51 21.94 -86.45
C LYS XA 1115 -65.19 21.78 -85.64
N VAL XA 1116 -65.26 20.91 -84.63
CA VAL XA 1116 -64.22 20.52 -83.63
C VAL XA 1116 -62.85 20.16 -84.22
N LYS XA 1117 -62.79 19.65 -85.47
CA LYS XA 1117 -61.61 19.80 -86.32
C LYS XA 1117 -62.02 20.73 -87.47
N SER XA 1118 -61.54 21.96 -87.44
CA SER XA 1118 -61.81 23.00 -88.46
C SER XA 1118 -61.29 22.67 -89.88
N SER XA 1119 -60.48 21.62 -90.00
CA SER XA 1119 -59.45 21.47 -91.03
C SER XA 1119 -59.22 19.98 -91.28
N GLY XA 1120 -60.08 19.37 -92.10
CA GLY XA 1120 -60.18 17.91 -92.20
C GLY XA 1120 -60.80 17.30 -90.95
N THR XA 1121 -60.48 16.05 -90.63
CA THR XA 1121 -61.18 15.29 -89.58
C THR XA 1121 -60.29 14.98 -88.39
N ASN XA 1122 -60.91 14.91 -87.21
CA ASN XA 1122 -60.45 14.08 -86.11
C ASN XA 1122 -60.75 12.60 -86.43
N THR XA 1123 -59.85 11.65 -86.14
CA THR XA 1123 -60.15 10.20 -86.15
C THR XA 1123 -60.54 9.67 -84.77
N LYS XA 1124 -60.45 10.47 -83.70
CA LYS XA 1124 -60.65 9.99 -82.32
C LYS XA 1124 -61.01 11.14 -81.36
N LEU XA 1125 -61.50 10.84 -80.14
CA LEU XA 1125 -62.31 11.77 -79.34
C LEU XA 1125 -62.47 11.35 -77.86
N GLN XA 1126 -62.89 12.30 -77.01
CA GLN XA 1126 -63.66 12.06 -75.79
C GLN XA 1126 -64.64 13.23 -75.54
N VAL XA 1127 -65.81 12.99 -74.92
CA VAL XA 1127 -66.79 14.06 -74.67
C VAL XA 1127 -67.37 13.97 -73.26
N ARG XA 1128 -67.89 15.09 -72.72
CA ARG XA 1128 -68.01 15.33 -71.27
C ARG XA 1128 -69.06 16.38 -70.88
N LEU XA 1129 -69.64 16.20 -69.70
CA LEU XA 1129 -70.45 17.18 -68.95
C LEU XA 1129 -69.77 17.46 -67.61
N ASP XA 1130 -69.21 18.65 -67.39
CA ASP XA 1130 -68.67 19.00 -66.09
C ASP XA 1130 -69.78 19.52 -65.18
N LEU XA 1131 -70.51 18.58 -64.55
CA LEU XA 1131 -71.41 18.90 -63.45
C LEU XA 1131 -70.62 19.59 -62.33
N SER XA 1132 -71.07 20.78 -61.97
CA SER XA 1132 -70.38 21.65 -61.03
C SER XA 1132 -71.36 22.61 -60.37
N THR XA 1133 -71.04 23.10 -59.18
CA THR XA 1133 -71.92 23.98 -58.39
C THR XA 1133 -71.14 24.83 -57.40
N GLU XA 1134 -71.78 25.89 -56.94
CA GLU XA 1134 -71.32 26.70 -55.82
C GLU XA 1134 -71.44 25.93 -54.49
N ASN XA 1135 -72.49 25.10 -54.34
CA ASN XA 1135 -72.81 24.39 -53.10
C ASN XA 1135 -73.50 23.03 -53.31
N SER XA 1136 -73.39 22.14 -52.33
CA SER XA 1136 -73.78 20.73 -52.38
C SER XA 1136 -75.30 20.48 -52.37
N PHE XA 1137 -76.12 21.48 -52.68
CA PHE XA 1137 -77.59 21.46 -52.57
C PHE XA 1137 -78.28 22.18 -53.73
N LEU XA 1138 -77.62 23.16 -54.31
CA LEU XA 1138 -77.80 23.53 -55.70
C LEU XA 1138 -77.17 22.40 -56.52
N ARG XA 1139 -77.89 21.31 -56.82
CA ARG XA 1139 -77.29 20.10 -57.42
C ARG XA 1139 -77.65 19.99 -58.91
N PRO XA 1140 -76.70 20.17 -59.84
CA PRO XA 1140 -76.99 20.05 -61.27
C PRO XA 1140 -77.47 18.63 -61.62
N ARG XA 1141 -78.45 18.49 -62.51
CA ARG XA 1141 -79.09 17.21 -62.89
C ARG XA 1141 -79.06 17.00 -64.41
N VAL XA 1142 -78.81 15.78 -64.86
CA VAL XA 1142 -78.45 15.48 -66.26
C VAL XA 1142 -79.12 14.19 -66.79
N ARG XA 1143 -79.42 14.17 -68.09
CA ARG XA 1143 -79.85 12.98 -68.84
C ARG XA 1143 -79.62 13.15 -70.35
N ARG XA 1144 -80.12 12.21 -71.17
CA ARG XA 1144 -80.28 12.28 -72.65
C ARG XA 1144 -79.13 12.94 -73.44
N LEU XA 1145 -77.92 12.38 -73.35
CA LEU XA 1145 -76.76 12.78 -74.15
C LEU XA 1145 -76.91 12.25 -75.59
N MET XA 1146 -76.64 13.05 -76.62
CA MET XA 1146 -77.03 12.84 -78.02
C MET XA 1146 -75.94 13.27 -79.02
N VAL XA 1147 -74.73 12.72 -78.93
CA VAL XA 1147 -73.52 13.31 -79.57
C VAL XA 1147 -73.20 12.68 -80.92
N THR XA 1148 -73.76 13.17 -82.03
CA THR XA 1148 -73.21 12.84 -83.35
C THR XA 1148 -71.84 13.49 -83.47
N THR XA 1149 -70.84 12.65 -83.72
CA THR XA 1149 -69.66 13.08 -84.45
C THR XA 1149 -70.12 13.19 -85.91
N ARG XA 1150 -69.51 14.09 -86.66
CA ARG XA 1150 -70.05 14.62 -87.92
C ARG XA 1150 -68.94 15.05 -88.86
N ASP XA 1151 -69.22 15.16 -90.15
CA ASP XA 1151 -68.20 15.57 -91.12
C ASP XA 1151 -68.80 16.51 -92.17
N GLU XA 1152 -69.03 17.75 -91.72
CA GLU XA 1152 -69.82 18.82 -92.35
C GLU XA 1152 -69.14 20.21 -92.30
N MET YA 1 -130.43 -135.27 -5.85
CA MET YA 1 -130.97 -134.95 -4.49
C MET YA 1 -132.50 -134.82 -4.54
N ALA YA 2 -133.21 -135.10 -3.43
CA ALA YA 2 -134.66 -134.92 -3.33
C ALA YA 2 -135.15 -134.96 -1.87
N LEU YA 3 -136.30 -134.33 -1.56
CA LEU YA 3 -137.03 -134.49 -0.29
C LEU YA 3 -138.29 -135.38 -0.48
N ASN YA 4 -138.43 -136.40 0.37
CA ASN YA 4 -139.65 -137.18 0.52
C ASN YA 4 -140.60 -136.49 1.50
N PHE YA 5 -141.66 -135.82 1.01
CA PHE YA 5 -142.61 -135.08 1.83
C PHE YA 5 -144.06 -135.39 1.47
N THR YA 6 -144.89 -135.62 2.48
CA THR YA 6 -146.35 -135.79 2.32
C THR YA 6 -147.09 -134.65 3.04
N THR YA 7 -147.96 -133.91 2.32
CA THR YA 7 -148.73 -132.80 2.90
C THR YA 7 -149.60 -133.29 4.04
N ILE YA 8 -149.55 -132.58 5.16
CA ILE YA 8 -150.18 -132.97 6.42
C ILE YA 8 -151.55 -132.30 6.48
N THR YA 9 -152.57 -133.08 6.83
CA THR YA 9 -154.01 -132.71 6.82
C THR YA 9 -154.61 -132.73 8.23
N GLU YA 10 -155.89 -132.37 8.36
CA GLU YA 10 -156.64 -132.50 9.61
C GLU YA 10 -156.76 -133.96 10.12
N ASN YA 11 -156.71 -134.93 9.22
CA ASN YA 11 -156.68 -136.37 9.51
C ASN YA 11 -155.29 -136.90 9.93
N ASN YA 12 -154.29 -136.02 10.10
CA ASN YA 12 -152.97 -136.39 10.59
C ASN YA 12 -152.79 -136.01 12.05
N VAL YA 13 -152.31 -136.97 12.83
CA VAL YA 13 -151.94 -136.81 14.24
C VAL YA 13 -150.52 -136.26 14.40
N ILE YA 14 -150.18 -135.78 15.60
CA ILE YA 14 -148.87 -135.19 15.91
C ILE YA 14 -147.69 -136.09 15.51
N ARG YA 15 -147.82 -137.42 15.66
CA ARG YA 15 -146.79 -138.38 15.25
C ARG YA 15 -146.46 -138.29 13.77
N ASP YA 16 -147.44 -138.00 12.92
CA ASP YA 16 -147.25 -137.84 11.46
C ASP YA 16 -146.50 -136.53 11.12
N LEU YA 17 -146.88 -135.42 11.78
CA LEU YA 17 -146.18 -134.14 11.70
C LEU YA 17 -144.71 -134.30 12.14
N THR YA 18 -144.47 -134.96 13.27
CA THR YA 18 -143.14 -135.35 13.76
C THR YA 18 -142.38 -136.15 12.69
N THR YA 19 -143.02 -137.13 12.04
CA THR YA 19 -142.39 -137.88 10.94
C THR YA 19 -142.00 -136.98 9.76
N GLN YA 20 -142.84 -136.02 9.34
CA GLN YA 20 -142.48 -135.11 8.24
C GLN YA 20 -141.39 -134.07 8.59
N VAL YA 21 -141.43 -133.48 9.79
CA VAL YA 21 -140.38 -132.55 10.25
C VAL YA 21 -139.02 -133.24 10.31
N ASN YA 22 -139.00 -134.48 10.80
CA ASN YA 22 -137.82 -135.34 10.72
C ASN YA 22 -137.37 -135.54 9.25
N ASN YA 23 -138.26 -135.91 8.32
CA ASN YA 23 -137.90 -136.09 6.89
C ASN YA 23 -137.26 -134.86 6.25
N ILE YA 24 -137.78 -133.67 6.56
CA ILE YA 24 -137.19 -132.40 6.12
C ILE YA 24 -135.80 -132.22 6.73
N GLY YA 25 -135.69 -132.26 8.06
CA GLY YA 25 -134.44 -132.04 8.77
C GLY YA 25 -133.34 -132.98 8.29
N GLU YA 26 -133.63 -134.28 8.15
CA GLU YA 26 -132.65 -135.26 7.68
C GLU YA 26 -132.17 -135.01 6.24
N GLU YA 27 -133.05 -134.66 5.29
CA GLU YA 27 -132.61 -134.35 3.91
C GLU YA 27 -131.75 -133.09 3.85
N LEU YA 28 -132.02 -132.11 4.70
CA LEU YA 28 -131.27 -130.85 4.77
C LEU YA 28 -129.96 -130.96 5.59
N THR YA 29 -129.74 -132.02 6.39
CA THR YA 29 -128.55 -132.16 7.27
C THR YA 29 -127.71 -133.43 7.10
N LYS YA 30 -128.14 -134.39 6.26
CA LYS YA 30 -127.35 -135.58 5.90
C LYS YA 30 -125.95 -135.22 5.36
N GLU YA 31 -125.08 -136.23 5.27
CA GLU YA 31 -123.80 -136.08 4.57
C GLU YA 31 -124.03 -135.70 3.08
N ARG YA 32 -123.25 -134.75 2.58
CA ARG YA 32 -123.40 -134.09 1.27
C ARG YA 32 -124.84 -133.61 0.98
N ASN YA 33 -125.41 -132.87 1.93
CA ASN YA 33 -126.69 -132.15 1.74
C ASN YA 33 -126.58 -131.00 0.71
N ILE YA 34 -127.73 -130.43 0.35
CA ILE YA 34 -127.86 -129.35 -0.65
C ILE YA 34 -127.06 -128.09 -0.34
N PHE YA 35 -126.88 -127.75 0.94
CA PHE YA 35 -126.03 -126.65 1.36
C PHE YA 35 -124.54 -126.92 1.05
N ASP YA 36 -124.06 -128.13 1.38
CA ASP YA 36 -122.68 -128.56 1.10
C ASP YA 36 -122.38 -128.60 -0.40
N ILE YA 37 -123.27 -129.17 -1.22
CA ILE YA 37 -123.05 -129.24 -2.68
C ILE YA 37 -123.06 -127.84 -3.31
N THR YA 38 -123.91 -126.93 -2.81
CA THR YA 38 -123.96 -125.55 -3.31
C THR YA 38 -122.72 -124.75 -2.91
N ASP YA 39 -122.24 -124.88 -1.67
CA ASP YA 39 -120.97 -124.30 -1.26
C ASP YA 39 -119.80 -124.87 -2.09
N ASP YA 40 -119.78 -126.17 -2.44
CA ASP YA 40 -118.77 -126.71 -3.37
C ASP YA 40 -118.90 -126.14 -4.77
N LEU YA 41 -120.11 -125.91 -5.28
CA LEU YA 41 -120.28 -125.20 -6.55
C LEU YA 41 -119.81 -123.74 -6.44
N VAL YA 42 -119.94 -123.09 -5.29
CA VAL YA 42 -119.25 -121.81 -5.04
C VAL YA 42 -117.71 -122.05 -5.08
N TYR YA 43 -117.18 -123.16 -4.52
CA TYR YA 43 -115.75 -123.55 -4.62
C TYR YA 43 -115.27 -123.76 -6.06
N ASN YA 44 -116.16 -124.32 -6.89
CA ASN YA 44 -115.88 -124.82 -8.22
C ASN YA 44 -115.98 -123.70 -9.24
N PHE YA 45 -117.07 -122.94 -9.21
CA PHE YA 45 -117.28 -121.81 -10.09
C PHE YA 45 -116.14 -120.77 -9.94
N ASN YA 46 -115.53 -120.69 -8.76
CA ASN YA 46 -114.37 -119.83 -8.49
C ASN YA 46 -112.98 -120.45 -8.70
N LYS YA 47 -112.87 -121.71 -9.16
CA LYS YA 47 -111.65 -122.20 -9.84
C LYS YA 47 -111.56 -121.64 -11.27
N SER YA 48 -112.71 -121.59 -11.95
CA SER YA 48 -112.85 -121.50 -13.40
C SER YA 48 -112.18 -120.30 -14.06
N GLN YA 49 -111.91 -120.44 -15.36
CA GLN YA 49 -111.77 -119.27 -16.23
C GLN YA 49 -113.14 -118.57 -16.32
N LYS YA 50 -113.31 -117.54 -15.51
CA LYS YA 50 -114.64 -117.02 -15.17
C LYS YA 50 -115.19 -115.96 -16.16
N ILE YA 51 -114.55 -115.79 -17.32
CA ILE YA 51 -115.01 -114.89 -18.38
C ILE YA 51 -114.99 -115.62 -19.74
N LYS YA 52 -115.89 -115.24 -20.65
CA LYS YA 52 -116.00 -115.82 -22.01
C LYS YA 52 -114.81 -115.42 -22.88
N LEU YA 53 -114.10 -116.39 -23.42
CA LEU YA 53 -113.14 -116.21 -24.50
C LEU YA 53 -113.72 -116.67 -25.85
N THR YA 54 -114.44 -117.79 -25.83
CA THR YA 54 -115.30 -118.23 -26.94
C THR YA 54 -116.75 -117.80 -26.70
N ASP YA 55 -117.66 -118.07 -27.63
CA ASP YA 55 -119.08 -118.23 -27.24
C ASP YA 55 -119.32 -119.60 -26.57
N ASP YA 56 -120.54 -119.85 -26.09
CA ASP YA 56 -120.91 -121.10 -25.42
C ASP YA 56 -120.76 -122.34 -26.33
N LYS YA 57 -120.82 -122.18 -27.64
CA LYS YA 57 -120.71 -123.25 -28.64
C LYS YA 57 -119.27 -123.54 -29.08
N GLY YA 58 -118.27 -122.88 -28.48
CA GLY YA 58 -116.86 -123.00 -28.89
C GLY YA 58 -116.56 -122.32 -30.23
N LEU YA 59 -117.39 -121.34 -30.60
CA LEU YA 59 -117.20 -120.44 -31.73
C LEU YA 59 -116.68 -119.08 -31.21
N THR YA 60 -116.51 -118.13 -32.12
CA THR YA 60 -116.20 -116.73 -31.78
C THR YA 60 -117.30 -116.06 -30.98
N LYS YA 61 -116.89 -115.09 -30.17
CA LYS YA 61 -117.75 -114.15 -29.47
C LYS YA 61 -118.45 -113.19 -30.43
N SER YA 62 -119.65 -112.77 -30.06
CA SER YA 62 -120.33 -111.62 -30.67
C SER YA 62 -119.69 -110.30 -30.25
N TYR YA 63 -120.00 -109.24 -30.99
CA TYR YA 63 -119.65 -107.85 -30.69
C TYR YA 63 -120.82 -106.95 -31.13
N GLY YA 64 -120.91 -105.75 -30.55
CA GLY YA 64 -121.95 -104.79 -30.93
C GLY YA 64 -121.72 -104.19 -32.34
N ASN YA 65 -122.57 -103.26 -32.74
CA ASN YA 65 -122.21 -102.35 -33.84
C ASN YA 65 -120.99 -101.52 -33.40
N ILE YA 66 -120.01 -101.36 -34.30
CA ILE YA 66 -118.72 -100.72 -34.04
C ILE YA 66 -118.40 -99.74 -35.19
N THR YA 67 -117.54 -98.74 -34.92
CA THR YA 67 -116.95 -97.89 -35.96
C THR YA 67 -115.59 -98.42 -36.42
N ALA YA 68 -114.92 -99.19 -35.57
CA ALA YA 68 -113.53 -99.62 -35.78
C ALA YA 68 -113.22 -100.91 -35.00
N LEU YA 69 -112.21 -101.67 -35.43
CA LEU YA 69 -111.72 -102.88 -34.75
C LEU YA 69 -111.18 -102.59 -33.35
N ARG YA 70 -110.67 -101.37 -33.12
CA ARG YA 70 -110.29 -100.88 -31.77
C ARG YA 70 -111.46 -100.76 -30.79
N ASP YA 71 -112.70 -100.81 -31.29
CA ASP YA 71 -113.93 -100.83 -30.47
C ASP YA 71 -114.28 -102.25 -29.94
N ILE YA 72 -113.42 -103.25 -30.15
CA ILE YA 72 -113.51 -104.56 -29.50
C ILE YA 72 -112.34 -104.67 -28.51
N LYS YA 73 -112.65 -104.65 -27.21
CA LYS YA 73 -111.66 -104.62 -26.11
C LYS YA 73 -111.89 -105.65 -24.99
N GLU YA 74 -113.05 -106.29 -24.87
CA GLU YA 74 -113.14 -107.56 -24.13
C GLU YA 74 -112.24 -108.61 -24.79
N PRO YA 75 -111.57 -109.50 -24.04
CA PRO YA 75 -110.69 -110.53 -24.64
C PRO YA 75 -111.47 -111.64 -25.34
N GLY YA 76 -110.76 -112.40 -26.18
CA GLY YA 76 -111.34 -113.52 -26.92
C GLY YA 76 -111.32 -113.33 -28.43
N TYR YA 77 -112.02 -114.22 -29.13
CA TYR YA 77 -111.95 -114.36 -30.59
C TYR YA 77 -113.27 -113.91 -31.23
N TYR YA 78 -113.23 -113.06 -32.24
CA TYR YA 78 -114.41 -112.45 -32.89
C TYR YA 78 -114.37 -112.71 -34.39
N TYR YA 79 -115.45 -113.22 -34.97
CA TYR YA 79 -115.57 -113.32 -36.43
C TYR YA 79 -116.12 -112.01 -37.00
N ILE YA 80 -115.53 -111.51 -38.07
CA ILE YA 80 -116.03 -110.32 -38.78
C ILE YA 80 -116.19 -110.68 -40.25
N GLY YA 81 -117.38 -110.47 -40.80
CA GLY YA 81 -117.65 -110.71 -42.22
C GLY YA 81 -117.06 -109.59 -43.09
N ALA YA 82 -116.59 -109.93 -44.28
CA ALA YA 82 -115.92 -109.02 -45.21
C ALA YA 82 -116.71 -107.73 -45.46
N ARG YA 83 -118.03 -107.85 -45.60
CA ARG YA 83 -118.95 -106.73 -45.82
C ARG YA 83 -118.91 -105.73 -44.67
N THR YA 84 -118.82 -106.21 -43.43
CA THR YA 84 -118.64 -105.38 -42.25
C THR YA 84 -117.29 -104.70 -42.32
N LEU YA 85 -116.22 -105.49 -42.51
CA LEU YA 85 -114.85 -104.98 -42.51
C LEU YA 85 -114.65 -103.88 -43.58
N ALA YA 86 -115.37 -103.97 -44.70
CA ALA YA 86 -115.47 -102.95 -45.75
C ALA YA 86 -116.14 -101.63 -45.35
N THR YA 87 -116.36 -101.38 -44.07
CA THR YA 87 -116.91 -100.13 -43.55
C THR YA 87 -116.16 -99.60 -42.32
N LEU YA 88 -115.35 -100.43 -41.61
CA LEU YA 88 -114.66 -100.06 -40.36
C LEU YA 88 -113.49 -99.08 -40.58
N LEU YA 89 -113.36 -98.04 -39.77
CA LEU YA 89 -112.46 -96.92 -40.07
C LEU YA 89 -110.96 -97.22 -39.91
N ASP YA 90 -110.61 -98.23 -39.13
CA ASP YA 90 -109.24 -98.70 -38.93
C ASP YA 90 -108.96 -100.03 -39.64
N ARG YA 91 -109.80 -100.41 -40.61
CA ARG YA 91 -109.60 -101.62 -41.41
C ARG YA 91 -108.18 -101.62 -41.99
N PRO YA 92 -107.45 -102.74 -41.93
CA PRO YA 92 -106.15 -102.83 -42.57
C PRO YA 92 -106.30 -102.60 -44.08
N ASP YA 93 -105.26 -102.04 -44.70
CA ASP YA 93 -105.30 -101.48 -46.06
C ASP YA 93 -105.28 -102.55 -47.17
N MET YA 94 -106.27 -103.45 -47.18
CA MET YA 94 -106.27 -104.67 -47.98
C MET YA 94 -107.64 -104.96 -48.63
N GLU YA 95 -107.71 -106.02 -49.45
CA GLU YA 95 -108.97 -106.53 -49.98
C GLU YA 95 -109.93 -106.91 -48.84
N SER YA 96 -111.24 -106.81 -49.10
CA SER YA 96 -112.23 -107.23 -48.09
C SER YA 96 -112.33 -108.76 -48.08
N LEU YA 97 -112.13 -109.34 -46.90
CA LEU YA 97 -112.21 -110.76 -46.60
C LEU YA 97 -112.91 -110.94 -45.26
N ASP YA 98 -113.48 -112.11 -45.02
CA ASP YA 98 -113.80 -112.49 -43.64
C ASP YA 98 -112.52 -112.69 -42.84
N VAL YA 99 -112.58 -112.39 -41.55
CA VAL YA 99 -111.43 -112.40 -40.65
C VAL YA 99 -111.86 -112.95 -39.31
N VAL YA 100 -110.89 -113.46 -38.55
CA VAL YA 100 -110.97 -113.53 -37.10
C VAL YA 100 -110.04 -112.50 -36.47
N LEU YA 101 -110.62 -111.68 -35.63
CA LEU YA 101 -109.90 -110.82 -34.70
C LEU YA 101 -109.67 -111.61 -33.42
N HIS YA 102 -108.45 -111.62 -32.92
CA HIS YA 102 -108.11 -112.16 -31.61
C HIS YA 102 -107.67 -110.97 -30.76
N VAL YA 103 -108.38 -110.73 -29.67
CA VAL YA 103 -108.14 -109.61 -28.76
C VAL YA 103 -107.42 -110.13 -27.53
N VAL YA 104 -106.12 -109.85 -27.47
CA VAL YA 104 -105.25 -110.24 -26.35
C VAL YA 104 -105.44 -109.24 -25.20
N PRO YA 105 -105.70 -109.71 -23.98
CA PRO YA 105 -105.87 -108.82 -22.84
C PRO YA 105 -104.53 -108.25 -22.38
N LEU YA 106 -104.61 -107.07 -21.75
CA LEU YA 106 -103.51 -106.36 -21.07
C LEU YA 106 -103.88 -106.08 -19.60
N ASP YA 107 -103.11 -105.21 -18.93
CA ASP YA 107 -103.40 -104.78 -17.57
C ASP YA 107 -104.75 -104.05 -17.42
N THR YA 108 -105.35 -103.57 -18.51
CA THR YA 108 -106.47 -102.64 -18.49
C THR YA 108 -107.46 -102.95 -19.61
N SER YA 109 -108.73 -102.59 -19.41
CA SER YA 109 -109.81 -102.82 -20.39
C SER YA 109 -109.85 -101.80 -21.53
N SER YA 110 -109.14 -100.68 -21.40
CA SER YA 110 -108.95 -99.65 -22.43
C SER YA 110 -107.85 -99.97 -23.44
N LYS YA 111 -106.96 -100.92 -23.16
CA LYS YA 111 -105.84 -101.31 -24.03
C LYS YA 111 -105.91 -102.79 -24.37
N VAL YA 112 -105.55 -103.15 -25.59
CA VAL YA 112 -105.41 -104.55 -26.03
C VAL YA 112 -104.34 -104.66 -27.14
N VAL YA 113 -103.58 -105.76 -27.18
CA VAL YA 113 -102.93 -106.15 -28.45
C VAL YA 113 -103.98 -106.85 -29.29
N GLN YA 114 -103.97 -106.57 -30.58
CA GLN YA 114 -104.88 -107.21 -31.51
C GLN YA 114 -104.07 -108.02 -32.51
N HIS YA 115 -104.66 -109.13 -32.92
CA HIS YA 115 -104.24 -109.90 -34.07
C HIS YA 115 -105.42 -110.05 -35.03
N LEU YA 116 -105.12 -110.11 -36.33
CA LEU YA 116 -106.10 -110.34 -37.39
C LEU YA 116 -105.65 -111.43 -38.37
N TYR YA 117 -106.52 -112.40 -38.62
CA TYR YA 117 -106.29 -113.51 -39.53
C TYR YA 117 -107.41 -113.61 -40.57
N THR YA 118 -107.08 -113.45 -41.85
CA THR YA 118 -108.03 -113.61 -42.96
C THR YA 118 -108.42 -115.08 -43.18
N LEU YA 119 -109.68 -115.30 -43.53
CA LEU YA 119 -110.26 -116.63 -43.69
C LEU YA 119 -110.31 -117.03 -45.17
N SER YA 120 -109.18 -117.51 -45.69
CA SER YA 120 -109.00 -117.94 -47.08
C SER YA 120 -108.04 -119.11 -47.20
N THR YA 121 -108.29 -120.07 -48.08
CA THR YA 121 -107.31 -121.11 -48.44
C THR YA 121 -106.26 -120.62 -49.45
N ASN YA 122 -106.42 -119.43 -50.05
CA ASN YA 122 -105.52 -118.91 -51.07
C ASN YA 122 -104.26 -118.32 -50.42
N ASN YA 123 -103.07 -118.79 -50.82
CA ASN YA 123 -101.80 -118.41 -50.19
C ASN YA 123 -101.44 -116.93 -50.38
N ASN YA 124 -101.94 -116.29 -51.45
CA ASN YA 124 -101.78 -114.86 -51.69
C ASN YA 124 -102.76 -114.02 -50.86
N GLN YA 125 -103.72 -114.65 -50.18
CA GLN YA 125 -104.77 -113.98 -49.40
C GLN YA 125 -104.75 -114.29 -47.90
N ILE YA 126 -104.22 -115.44 -47.45
CA ILE YA 126 -104.02 -115.70 -46.02
C ILE YA 126 -102.96 -114.78 -45.41
N LYS YA 127 -103.41 -113.75 -44.70
CA LYS YA 127 -102.57 -112.74 -44.04
C LYS YA 127 -102.71 -112.85 -42.52
N MET YA 128 -101.59 -112.67 -41.84
CA MET YA 128 -101.52 -112.44 -40.41
C MET YA 128 -101.11 -110.99 -40.17
N LEU YA 129 -101.82 -110.30 -39.29
CA LEU YA 129 -101.51 -108.92 -38.93
C LEU YA 129 -101.55 -108.78 -37.41
N TYR YA 130 -100.77 -107.87 -36.84
CA TYR YA 130 -100.87 -107.55 -35.41
C TYR YA 130 -100.63 -106.07 -35.15
N ARG YA 131 -101.13 -105.57 -34.01
CA ARG YA 131 -100.93 -104.18 -33.59
C ARG YA 131 -101.18 -104.03 -32.09
N PHE YA 132 -100.76 -102.90 -31.52
CA PHE YA 132 -101.07 -102.49 -30.15
C PHE YA 132 -102.11 -101.37 -30.12
N VAL YA 133 -103.18 -101.52 -29.32
CA VAL YA 133 -104.29 -100.56 -29.19
C VAL YA 133 -104.34 -99.96 -27.78
N SER YA 134 -104.56 -98.65 -27.69
CA SER YA 134 -104.73 -97.92 -26.44
C SER YA 134 -105.82 -96.86 -26.56
N GLY YA 135 -106.98 -97.09 -25.95
CA GLY YA 135 -108.13 -96.19 -26.04
C GLY YA 135 -108.60 -96.06 -27.48
N ASN YA 136 -108.45 -94.89 -28.10
CA ASN YA 136 -108.64 -94.70 -29.53
C ASN YA 136 -107.37 -94.97 -30.38
N SER YA 137 -106.17 -94.77 -29.83
CA SER YA 137 -104.91 -94.86 -30.58
C SER YA 137 -104.46 -96.29 -30.80
N SER YA 138 -103.58 -96.49 -31.77
CA SER YA 138 -102.90 -97.76 -31.98
C SER YA 138 -101.59 -97.54 -32.73
N SER YA 139 -100.72 -98.55 -32.75
CA SER YA 139 -99.79 -98.67 -33.89
C SER YA 139 -100.57 -98.87 -35.19
N GLU YA 140 -99.88 -98.78 -36.31
CA GLU YA 140 -100.39 -99.39 -37.55
C GLU YA 140 -100.50 -100.92 -37.39
N TRP YA 141 -101.25 -101.53 -38.31
CA TRP YA 141 -101.17 -102.95 -38.56
C TRP YA 141 -99.76 -103.32 -39.07
N GLN YA 142 -99.00 -104.05 -38.27
CA GLN YA 142 -97.80 -104.72 -38.73
C GLN YA 142 -98.22 -105.93 -39.55
N PHE YA 143 -97.97 -105.89 -40.86
CA PHE YA 143 -98.21 -107.03 -41.72
C PHE YA 143 -97.08 -108.05 -41.62
N ILE YA 144 -97.46 -109.33 -41.54
CA ILE YA 144 -96.54 -110.48 -41.62
C ILE YA 144 -96.81 -111.26 -42.91
N GLN YA 145 -95.72 -111.63 -43.57
CA GLN YA 145 -95.72 -112.52 -44.73
C GLN YA 145 -95.17 -113.89 -44.28
N GLY YA 146 -95.93 -114.95 -44.46
CA GLY YA 146 -95.43 -116.31 -44.29
C GLY YA 146 -94.70 -116.82 -45.54
N LEU YA 147 -93.98 -117.94 -45.42
CA LEU YA 147 -93.51 -118.70 -46.59
C LEU YA 147 -94.41 -119.90 -46.86
N PRO YA 148 -95.19 -119.91 -47.96
CA PRO YA 148 -96.04 -121.04 -48.30
C PRO YA 148 -95.15 -122.26 -48.55
N SER YA 149 -95.36 -123.32 -47.77
CA SER YA 149 -94.56 -124.55 -47.85
C SER YA 149 -93.04 -124.32 -47.74
N ASN YA 150 -92.62 -123.28 -47.00
CA ASN YA 150 -91.21 -122.86 -46.92
C ASN YA 150 -90.62 -122.37 -48.26
N LYS YA 151 -91.43 -121.78 -49.15
CA LYS YA 151 -91.02 -121.26 -50.47
C LYS YA 151 -91.38 -119.77 -50.66
N ASN YA 152 -90.61 -119.05 -51.46
CA ASN YA 152 -90.95 -117.68 -51.85
C ASN YA 152 -92.25 -117.66 -52.68
N ALA YA 153 -93.10 -116.65 -52.49
CA ALA YA 153 -94.45 -116.63 -53.07
C ALA YA 153 -94.42 -116.39 -54.59
N VAL YA 154 -94.96 -117.33 -55.37
CA VAL YA 154 -94.98 -117.22 -56.82
C VAL YA 154 -96.03 -116.20 -57.24
N ILE YA 155 -95.72 -115.40 -58.25
CA ILE YA 155 -96.71 -114.53 -58.91
C ILE YA 155 -96.68 -114.83 -60.41
N SER YA 156 -97.86 -115.02 -60.99
CA SER YA 156 -98.06 -115.26 -62.42
C SER YA 156 -99.33 -114.66 -62.95
N GLY YA 157 -99.34 -114.35 -64.23
CA GLY YA 157 -100.50 -113.78 -64.90
C GLY YA 157 -100.87 -112.37 -64.45
N THR YA 158 -99.85 -111.53 -64.29
CA THR YA 158 -100.05 -110.11 -64.05
C THR YA 158 -98.92 -109.32 -64.69
N ASN YA 159 -99.13 -108.04 -64.90
CA ASN YA 159 -98.05 -107.11 -65.19
C ASN YA 159 -97.19 -106.95 -63.91
N ILE YA 160 -95.88 -107.08 -64.01
CA ILE YA 160 -94.98 -107.00 -62.84
C ILE YA 160 -95.05 -105.64 -62.13
N LEU YA 161 -95.40 -104.58 -62.87
CA LEU YA 161 -95.61 -103.23 -62.36
C LEU YA 161 -96.99 -103.05 -61.68
N ASP YA 162 -97.73 -104.14 -61.49
CA ASP YA 162 -98.94 -104.19 -60.64
C ASP YA 162 -98.66 -104.88 -59.30
N ILE YA 163 -97.42 -105.29 -59.05
CA ILE YA 163 -96.97 -105.69 -57.71
C ILE YA 163 -96.68 -104.41 -56.90
N ALA YA 164 -97.38 -104.22 -55.77
CA ALA YA 164 -97.25 -103.05 -54.89
C ALA YA 164 -97.26 -103.46 -53.42
N SER YA 165 -96.58 -104.57 -53.12
CA SER YA 165 -96.28 -105.03 -51.77
C SER YA 165 -94.80 -105.43 -51.72
N PRO YA 166 -94.03 -105.07 -50.68
CA PRO YA 166 -92.65 -105.52 -50.51
C PRO YA 166 -92.51 -107.05 -50.44
N GLY YA 167 -91.29 -107.55 -50.60
CA GLY YA 167 -90.95 -108.97 -50.42
C GLY YA 167 -90.21 -109.57 -51.62
N VAL YA 168 -89.91 -110.86 -51.53
CA VAL YA 168 -89.24 -111.62 -52.59
C VAL YA 168 -90.21 -112.62 -53.23
N TYR YA 169 -90.42 -112.50 -54.53
CA TYR YA 169 -91.41 -113.29 -55.27
C TYR YA 169 -90.79 -113.93 -56.50
N PHE YA 170 -91.02 -115.22 -56.71
CA PHE YA 170 -90.70 -115.80 -58.01
C PHE YA 170 -91.76 -115.36 -59.01
N VAL YA 171 -91.36 -114.57 -59.99
CA VAL YA 171 -92.26 -114.02 -61.01
C VAL YA 171 -92.09 -114.83 -62.29
N MET YA 172 -93.20 -115.27 -62.89
CA MET YA 172 -93.19 -116.02 -64.16
C MET YA 172 -94.49 -115.77 -64.93
N GLY YA 173 -94.47 -115.91 -66.26
CA GLY YA 173 -95.68 -115.73 -67.07
C GLY YA 173 -96.28 -114.34 -67.03
N MET YA 174 -95.49 -113.34 -66.63
CA MET YA 174 -95.97 -111.98 -66.40
C MET YA 174 -96.45 -111.37 -67.71
N THR YA 175 -97.66 -110.84 -67.74
CA THR YA 175 -98.29 -110.37 -69.00
C THR YA 175 -97.59 -109.15 -69.57
N GLY YA 176 -96.89 -108.40 -68.73
CA GLY YA 176 -96.14 -107.24 -69.16
C GLY YA 176 -95.28 -106.63 -68.06
N GLY YA 177 -94.60 -105.56 -68.45
CA GLY YA 177 -93.70 -104.78 -67.60
C GLY YA 177 -92.34 -105.41 -67.33
N MET YA 178 -92.08 -106.65 -67.75
CA MET YA 178 -90.76 -107.28 -67.61
C MET YA 178 -89.71 -106.54 -68.45
N PRO YA 179 -88.41 -106.61 -68.11
CA PRO YA 179 -87.34 -106.31 -69.07
C PRO YA 179 -87.46 -107.20 -70.31
N SER YA 180 -87.17 -106.65 -71.50
CA SER YA 180 -87.34 -107.39 -72.75
C SER YA 180 -86.53 -108.68 -72.75
N GLY YA 181 -87.19 -109.79 -73.07
CA GLY YA 181 -86.55 -111.11 -73.05
C GLY YA 181 -86.40 -111.75 -71.67
N VAL YA 182 -86.70 -111.07 -70.56
CA VAL YA 182 -86.74 -111.73 -69.23
C VAL YA 182 -88.11 -112.34 -68.99
N SER YA 183 -88.21 -113.66 -69.01
CA SER YA 183 -89.48 -114.38 -68.84
C SER YA 183 -89.84 -114.64 -67.38
N SER YA 184 -88.85 -114.92 -66.54
CA SER YA 184 -89.07 -115.32 -65.16
C SER YA 184 -87.85 -115.04 -64.30
N GLY YA 185 -88.03 -115.00 -62.98
CA GLY YA 185 -86.97 -114.59 -62.08
C GLY YA 185 -87.40 -114.49 -60.64
N PHE YA 186 -86.47 -114.12 -59.77
CA PHE YA 186 -86.78 -113.65 -58.43
C PHE YA 186 -86.87 -112.12 -58.44
N LEU YA 187 -88.01 -111.56 -58.01
CA LEU YA 187 -88.21 -110.13 -57.79
C LEU YA 187 -88.05 -109.83 -56.29
N ASP YA 188 -87.10 -108.98 -55.92
CA ASP YA 188 -87.00 -108.32 -54.61
C ASP YA 188 -87.49 -106.88 -54.72
N LEU YA 189 -88.63 -106.59 -54.11
CA LEU YA 189 -89.27 -105.29 -54.12
C LEU YA 189 -89.21 -104.64 -52.73
N SER YA 190 -88.81 -103.38 -52.70
CA SER YA 190 -88.94 -102.49 -51.53
C SER YA 190 -89.87 -101.32 -51.86
N VAL YA 191 -90.70 -100.92 -50.88
CA VAL YA 191 -91.70 -99.83 -50.97
C VAL YA 191 -91.82 -99.16 -49.60
N ASP YA 192 -91.36 -97.92 -49.42
CA ASP YA 192 -91.44 -97.23 -48.12
C ASP YA 192 -92.81 -96.58 -47.86
N ALA YA 193 -93.01 -96.05 -46.64
CA ALA YA 193 -94.25 -95.36 -46.28
C ALA YA 193 -94.65 -94.23 -47.27
N ASN YA 194 -93.69 -93.49 -47.84
CA ASN YA 194 -93.95 -92.42 -48.80
C ASN YA 194 -94.28 -92.92 -50.22
N ASP YA 195 -94.17 -94.23 -50.51
CA ASP YA 195 -94.20 -94.82 -51.85
C ASP YA 195 -92.99 -94.48 -52.75
N ASN YA 196 -91.82 -94.25 -52.16
CA ASN YA 196 -90.60 -94.56 -52.90
C ASN YA 196 -90.67 -96.07 -53.16
N ARG YA 197 -90.19 -96.55 -54.31
CA ARG YA 197 -89.97 -97.98 -54.55
C ARG YA 197 -88.63 -98.24 -55.19
N LEU YA 198 -88.08 -99.38 -54.82
CA LEU YA 198 -86.96 -100.02 -55.47
C LEU YA 198 -87.36 -101.45 -55.87
N ALA YA 199 -87.35 -101.75 -57.16
CA ALA YA 199 -87.49 -103.10 -57.65
C ALA YA 199 -86.12 -103.63 -58.13
N ARG YA 200 -85.70 -104.80 -57.66
CA ARG YA 200 -84.63 -105.61 -58.28
C ARG YA 200 -85.17 -106.97 -58.73
N LEU YA 201 -85.05 -107.30 -60.01
CA LEU YA 201 -85.43 -108.58 -60.61
C LEU YA 201 -84.18 -109.33 -61.07
N THR YA 202 -84.01 -110.57 -60.64
CA THR YA 202 -82.94 -111.44 -61.13
C THR YA 202 -83.53 -112.55 -61.99
N ASP YA 203 -83.12 -112.59 -63.26
CA ASP YA 203 -83.61 -113.49 -64.31
C ASP YA 203 -83.23 -114.96 -64.06
N ALA YA 204 -84.22 -115.85 -63.96
CA ALA YA 204 -84.04 -117.26 -63.64
C ALA YA 204 -83.27 -118.05 -64.71
N GLU YA 205 -83.24 -117.59 -65.96
CA GLU YA 205 -82.44 -118.25 -66.99
C GLU YA 205 -80.94 -117.97 -66.83
N THR YA 206 -80.56 -116.78 -66.34
CA THR YA 206 -79.18 -116.28 -66.49
C THR YA 206 -78.52 -115.83 -65.20
N GLY YA 207 -79.30 -115.58 -64.15
CA GLY YA 207 -78.83 -114.96 -62.91
C GLY YA 207 -78.57 -113.45 -63.02
N LYS YA 208 -78.90 -112.81 -64.15
CA LYS YA 208 -78.70 -111.36 -64.37
C LYS YA 208 -79.68 -110.55 -63.58
N GLU YA 209 -79.16 -109.58 -62.85
CA GLU YA 209 -79.98 -108.58 -62.21
C GLU YA 209 -80.44 -107.47 -63.18
N TYR YA 210 -81.67 -107.03 -62.96
CA TYR YA 210 -82.30 -105.84 -63.51
C TYR YA 210 -82.90 -105.03 -62.37
N THR YA 211 -82.93 -103.71 -62.53
CA THR YA 211 -83.42 -102.81 -61.51
C THR YA 211 -84.34 -101.79 -62.15
N SER YA 212 -85.32 -101.34 -61.38
CA SER YA 212 -86.18 -100.20 -61.68
C SER YA 212 -86.56 -99.49 -60.37
N ILE YA 213 -86.86 -98.20 -60.46
CA ILE YA 213 -87.10 -97.34 -59.30
C ILE YA 213 -88.36 -96.47 -59.50
N LYS YA 214 -89.05 -96.16 -58.40
CA LYS YA 214 -90.22 -95.27 -58.40
C LYS YA 214 -90.06 -94.23 -57.30
N LYS YA 215 -90.44 -92.99 -57.60
CA LYS YA 215 -90.54 -91.85 -56.68
C LYS YA 215 -91.98 -91.73 -56.15
N PRO YA 216 -92.23 -91.06 -55.01
CA PRO YA 216 -93.58 -90.87 -54.50
C PRO YA 216 -94.55 -90.37 -55.58
N THR YA 217 -94.21 -89.27 -56.26
CA THR YA 217 -95.08 -88.57 -57.23
C THR YA 217 -94.91 -89.01 -58.69
N GLY YA 218 -94.27 -90.16 -58.95
CA GLY YA 218 -94.00 -90.69 -60.30
C GLY YA 218 -94.28 -92.19 -60.41
N THR YA 219 -94.25 -92.74 -61.61
CA THR YA 219 -94.38 -94.20 -61.86
C THR YA 219 -92.99 -94.87 -61.84
N TYR YA 220 -92.90 -96.20 -61.98
CA TYR YA 220 -91.61 -96.86 -62.17
C TYR YA 220 -90.86 -96.37 -63.43
N THR YA 221 -89.53 -96.32 -63.36
CA THR YA 221 -88.66 -96.23 -64.54
C THR YA 221 -88.67 -97.52 -65.38
N ALA YA 222 -88.14 -97.43 -66.61
CA ALA YA 222 -87.69 -98.61 -67.36
C ALA YA 222 -86.66 -99.42 -66.54
N TRP YA 223 -86.32 -100.63 -67.02
CA TRP YA 223 -85.30 -101.48 -66.40
C TRP YA 223 -83.87 -101.11 -66.84
N LYS YA 224 -83.03 -100.80 -65.86
CA LYS YA 224 -81.57 -100.92 -66.00
C LYS YA 224 -81.19 -102.42 -65.88
N LYS YA 225 -80.10 -102.87 -66.51
CA LYS YA 225 -79.48 -104.23 -66.41
C LYS YA 225 -78.13 -104.11 -65.67
N GLU YA 226 -77.67 -105.14 -64.98
CA GLU YA 226 -76.26 -105.24 -64.54
C GLU YA 226 -75.28 -105.09 -65.72
N PHE YA 227 -74.06 -104.60 -65.49
CA PHE YA 227 -73.08 -104.54 -66.58
C PHE YA 227 -72.44 -105.93 -66.85
N GLU YA 228 -71.89 -106.17 -68.04
CA GLU YA 228 -71.36 -107.48 -68.46
C GLU YA 228 -70.02 -107.36 -69.20
N PRO YA 229 -69.09 -108.32 -69.04
CA PRO YA 229 -67.79 -108.30 -69.73
C PRO YA 229 -67.84 -108.08 -71.27
N LYS YA 230 -68.91 -108.51 -71.94
CA LYS YA 230 -69.05 -108.42 -73.40
C LYS YA 230 -69.23 -107.00 -73.95
N ASP YA 231 -70.10 -106.18 -73.36
CA ASP YA 231 -70.46 -104.84 -73.90
C ASP YA 231 -69.35 -103.79 -73.75
N MET YA 232 -68.23 -104.15 -73.12
CA MET YA 232 -66.94 -103.46 -73.25
C MET YA 232 -66.51 -103.28 -74.73
N GLU YA 233 -67.06 -104.08 -75.64
CA GLU YA 233 -66.92 -103.91 -77.09
C GLU YA 233 -67.37 -102.55 -77.60
N LYS YA 234 -68.10 -101.74 -76.82
CA LYS YA 234 -68.36 -100.35 -77.19
C LYS YA 234 -67.09 -99.47 -77.17
N TYR YA 235 -66.04 -99.87 -76.45
CA TYR YA 235 -64.91 -98.99 -76.13
C TYR YA 235 -63.51 -99.58 -76.34
N LEU YA 236 -63.36 -100.91 -76.27
CA LEU YA 236 -62.07 -101.62 -76.45
C LEU YA 236 -61.52 -101.57 -77.89
N LEU YA 237 -60.22 -101.90 -78.02
CA LEU YA 237 -59.61 -102.28 -79.31
C LEU YA 237 -59.93 -103.72 -79.77
N SER YA 238 -60.30 -104.61 -78.86
CA SER YA 238 -60.50 -106.05 -79.10
C SER YA 238 -61.98 -106.45 -78.93
N SER YA 239 -62.43 -107.44 -79.69
CA SER YA 239 -63.66 -108.18 -79.37
C SER YA 239 -63.47 -109.19 -78.24
N ILE YA 240 -64.57 -109.73 -77.72
CA ILE YA 240 -64.54 -110.82 -76.75
C ILE YA 240 -65.42 -111.98 -77.24
N ARG YA 241 -64.82 -113.17 -77.44
CA ARG YA 241 -65.52 -114.43 -77.77
C ARG YA 241 -66.28 -114.95 -76.57
N ASP YA 242 -67.20 -115.89 -76.78
CA ASP YA 242 -67.97 -116.52 -75.70
C ASP YA 242 -67.18 -117.53 -74.85
N ASP YA 243 -65.88 -117.76 -75.11
CA ASP YA 243 -65.01 -118.36 -74.09
C ASP YA 243 -64.27 -117.28 -73.26
N GLY YA 244 -64.47 -115.99 -73.58
CA GLY YA 244 -63.73 -114.84 -73.06
C GLY YA 244 -62.35 -114.66 -73.71
N SER YA 245 -62.03 -115.27 -74.86
CA SER YA 245 -60.79 -114.96 -75.60
C SER YA 245 -60.89 -113.64 -76.37
N ALA YA 246 -59.76 -112.94 -76.45
CA ALA YA 246 -59.68 -111.69 -77.20
C ALA YA 246 -59.52 -111.98 -78.70
N SER YA 247 -60.02 -111.10 -79.56
CA SER YA 247 -59.73 -111.10 -81.01
C SER YA 247 -60.00 -109.73 -81.64
N PHE YA 248 -59.77 -109.55 -82.93
CA PHE YA 248 -60.07 -108.25 -83.56
C PHE YA 248 -61.60 -108.08 -83.72
N PRO YA 249 -62.13 -106.87 -83.50
CA PRO YA 249 -63.54 -106.58 -83.69
C PRO YA 249 -63.94 -106.53 -85.16
N LEU YA 250 -63.02 -106.27 -86.08
CA LEU YA 250 -63.26 -106.36 -87.53
C LEU YA 250 -62.32 -107.39 -88.19
N LEU YA 251 -62.91 -108.39 -88.83
CA LEU YA 251 -62.19 -109.33 -89.70
C LEU YA 251 -62.79 -109.21 -91.11
N VAL YA 252 -61.95 -109.14 -92.14
CA VAL YA 252 -62.37 -109.02 -93.54
C VAL YA 252 -61.63 -110.06 -94.40
N TYR YA 253 -62.38 -110.81 -95.20
CA TYR YA 253 -61.89 -111.92 -96.03
C TYR YA 253 -62.28 -111.73 -97.49
N THR YA 254 -61.51 -112.29 -98.42
CA THR YA 254 -61.85 -112.19 -99.86
C THR YA 254 -63.20 -112.85 -100.17
N SER YA 255 -63.55 -113.93 -99.45
CA SER YA 255 -64.86 -114.59 -99.54
C SER YA 255 -66.04 -113.65 -99.26
N ASP YA 256 -65.87 -112.62 -98.41
CA ASP YA 256 -66.91 -111.64 -98.08
C ASP YA 256 -67.36 -110.80 -99.28
N SER YA 257 -66.56 -110.76 -100.35
CA SER YA 257 -66.80 -110.00 -101.57
C SER YA 257 -66.77 -108.46 -101.42
N LYS YA 258 -66.91 -107.93 -100.21
CA LYS YA 258 -66.89 -106.50 -99.88
C LYS YA 258 -65.54 -105.84 -100.16
N THR YA 259 -65.55 -104.53 -100.32
CA THR YA 259 -64.35 -103.71 -100.21
C THR YA 259 -63.99 -103.49 -98.74
N PHE YA 260 -62.74 -103.11 -98.48
CA PHE YA 260 -62.30 -102.68 -97.15
C PHE YA 260 -63.16 -101.53 -96.63
N GLN YA 261 -63.50 -100.58 -97.51
CA GLN YA 261 -64.26 -99.37 -97.18
C GLN YA 261 -65.65 -99.70 -96.68
N GLN YA 262 -66.36 -100.60 -97.37
CA GLN YA 262 -67.67 -101.04 -96.91
C GLN YA 262 -67.55 -101.80 -95.58
N ALA YA 263 -66.53 -102.65 -95.41
CA ALA YA 263 -66.36 -103.41 -94.17
C ALA YA 263 -66.13 -102.51 -92.94
N ILE YA 264 -65.42 -101.40 -93.09
CA ILE YA 264 -65.30 -100.37 -92.04
C ILE YA 264 -66.64 -99.71 -91.75
N ILE YA 265 -67.38 -99.26 -92.77
CA ILE YA 265 -68.68 -98.62 -92.57
C ILE YA 265 -69.65 -99.55 -91.87
N ASP YA 266 -69.81 -100.79 -92.36
CA ASP YA 266 -70.68 -101.81 -91.74
C ASP YA 266 -70.36 -101.98 -90.26
N HIS YA 267 -69.07 -102.05 -89.92
CA HIS YA 267 -68.62 -102.23 -88.56
C HIS YA 267 -69.01 -101.05 -87.67
N ILE YA 268 -68.81 -99.83 -88.14
CA ILE YA 268 -69.14 -98.63 -87.39
C ILE YA 268 -70.67 -98.50 -87.23
N ASP YA 269 -71.47 -98.85 -88.26
CA ASP YA 269 -72.93 -98.89 -88.14
C ASP YA 269 -73.38 -99.92 -87.09
N ARG YA 270 -72.87 -101.16 -87.17
CA ARG YA 270 -73.28 -102.27 -86.29
C ARG YA 270 -72.90 -102.12 -84.82
N THR YA 271 -71.86 -101.33 -84.55
CA THR YA 271 -71.24 -101.26 -83.21
C THR YA 271 -71.16 -99.86 -82.62
N GLY YA 272 -71.14 -98.82 -83.44
CA GLY YA 272 -70.81 -97.45 -83.03
C GLY YA 272 -69.34 -97.21 -82.64
N GLN YA 273 -68.44 -98.21 -82.74
CA GLN YA 273 -67.02 -98.05 -82.40
C GLN YA 273 -66.39 -96.98 -83.29
N THR YA 274 -65.51 -96.16 -82.73
CA THR YA 274 -64.78 -95.12 -83.49
C THR YA 274 -63.29 -95.43 -83.66
N THR YA 275 -62.68 -96.10 -82.68
CA THR YA 275 -61.29 -96.55 -82.70
C THR YA 275 -61.21 -98.06 -82.42
N PHE YA 276 -60.67 -98.86 -83.34
CA PHE YA 276 -60.71 -100.33 -83.23
C PHE YA 276 -59.65 -101.00 -84.12
N THR YA 277 -59.26 -102.22 -83.79
CA THR YA 277 -58.32 -103.01 -84.63
C THR YA 277 -59.06 -103.81 -85.70
N PHE YA 278 -58.33 -104.17 -86.76
CA PHE YA 278 -58.85 -104.96 -87.86
C PHE YA 278 -57.81 -105.94 -88.41
N TYR YA 279 -58.31 -106.99 -89.06
CA TYR YA 279 -57.56 -107.84 -89.99
C TYR YA 279 -58.19 -107.75 -91.37
N VAL YA 280 -57.34 -107.69 -92.41
CA VAL YA 280 -57.76 -107.71 -93.81
C VAL YA 280 -56.94 -108.80 -94.50
N GLN YA 281 -57.62 -109.73 -95.14
CA GLN YA 281 -56.95 -110.73 -95.96
C GLN YA 281 -56.32 -110.10 -97.21
N GLY YA 282 -55.23 -110.68 -97.70
CA GLY YA 282 -54.65 -110.29 -98.98
C GLY YA 282 -55.63 -110.51 -100.13
N GLY YA 283 -55.65 -109.59 -101.10
CA GLY YA 283 -56.58 -109.63 -102.24
C GLY YA 283 -57.91 -108.88 -102.04
N VAL YA 284 -58.26 -108.47 -100.83
CA VAL YA 284 -59.48 -107.69 -100.58
C VAL YA 284 -59.42 -106.38 -101.37
N SER YA 285 -60.44 -106.09 -102.17
CA SER YA 285 -60.50 -104.86 -102.98
C SER YA 285 -60.52 -103.61 -102.09
N GLY YA 286 -59.73 -102.62 -102.48
CA GLY YA 286 -59.56 -101.40 -101.69
C GLY YA 286 -58.80 -101.62 -100.38
N SER YA 287 -58.22 -102.81 -100.13
CA SER YA 287 -57.32 -103.02 -99.01
C SER YA 287 -56.18 -102.00 -99.05
N PRO YA 288 -55.64 -101.59 -97.88
CA PRO YA 288 -54.45 -100.74 -97.81
C PRO YA 288 -53.29 -101.27 -98.67
N MET YA 289 -53.12 -102.59 -98.71
CA MET YA 289 -52.03 -103.29 -99.41
C MET YA 289 -52.49 -104.65 -99.97
N SER YA 290 -51.76 -105.17 -100.95
CA SER YA 290 -52.12 -106.41 -101.63
C SER YA 290 -52.03 -107.63 -100.70
N ASN YA 291 -51.00 -107.69 -99.86
CA ASN YA 291 -50.82 -108.78 -98.89
C ASN YA 291 -51.81 -108.68 -97.73
N SER YA 292 -51.96 -109.77 -96.96
CA SER YA 292 -52.71 -109.72 -95.72
C SER YA 292 -52.08 -108.70 -94.76
N CYS YA 293 -52.92 -108.01 -94.00
CA CYS YA 293 -52.48 -106.99 -93.07
C CYS YA 293 -53.34 -107.00 -91.80
N ARG YA 294 -52.82 -106.33 -90.78
CA ARG YA 294 -53.51 -106.01 -89.54
C ARG YA 294 -53.33 -104.52 -89.27
N GLY YA 295 -54.24 -103.88 -88.56
CA GLY YA 295 -54.13 -102.44 -88.37
C GLY YA 295 -55.16 -101.85 -87.42
N LEU YA 296 -54.97 -100.57 -87.13
CA LEU YA 296 -55.82 -99.76 -86.25
C LEU YA 296 -56.58 -98.73 -87.07
N PHE YA 297 -57.88 -98.60 -86.86
CA PHE YA 297 -58.67 -97.47 -87.36
C PHE YA 297 -58.92 -96.50 -86.20
N MET YA 298 -58.80 -95.19 -86.42
CA MET YA 298 -59.06 -94.13 -85.45
C MET YA 298 -60.10 -93.15 -86.00
N SER YA 299 -61.07 -92.76 -85.17
CA SER YA 299 -61.98 -91.62 -85.36
C SER YA 299 -62.58 -91.19 -84.02
N ASP YA 300 -63.16 -89.99 -83.97
CA ASP YA 300 -63.74 -89.38 -82.77
C ASP YA 300 -65.28 -89.32 -82.75
N THR YA 301 -65.92 -89.74 -83.85
CA THR YA 301 -67.37 -89.62 -84.15
C THR YA 301 -67.80 -90.75 -85.12
N PRO YA 302 -68.79 -91.61 -84.78
CA PRO YA 302 -69.20 -92.77 -85.59
C PRO YA 302 -70.21 -92.47 -86.73
N ASN YA 303 -70.21 -91.26 -87.27
CA ASN YA 303 -71.13 -90.84 -88.33
C ASN YA 303 -70.75 -91.41 -89.72
N THR YA 304 -71.24 -92.60 -90.05
CA THR YA 304 -70.98 -93.25 -91.37
C THR YA 304 -71.54 -92.49 -92.57
N SER YA 305 -72.51 -91.60 -92.38
CA SER YA 305 -72.97 -90.69 -93.43
C SER YA 305 -71.98 -89.55 -93.73
N SER YA 306 -70.94 -89.34 -92.91
CA SER YA 306 -69.87 -88.36 -93.19
C SER YA 306 -68.58 -88.72 -92.45
N LEU YA 307 -68.05 -89.92 -92.71
CA LEU YA 307 -67.01 -90.50 -91.89
C LEU YA 307 -65.68 -89.73 -91.99
N HIS YA 308 -65.09 -89.38 -90.84
CA HIS YA 308 -63.76 -88.78 -90.75
C HIS YA 308 -62.86 -89.60 -89.83
N GLY YA 309 -61.74 -90.12 -90.33
CA GLY YA 309 -60.88 -91.02 -89.57
C GLY YA 309 -59.66 -91.52 -90.34
N VAL YA 310 -58.74 -92.18 -89.67
CA VAL YA 310 -57.43 -92.58 -90.21
C VAL YA 310 -57.14 -94.05 -89.89
N TYR YA 311 -56.31 -94.71 -90.70
CA TYR YA 311 -55.88 -96.08 -90.43
C TYR YA 311 -54.39 -96.26 -90.64
N ASN YA 312 -53.80 -97.10 -89.79
CA ASN YA 312 -52.41 -97.54 -89.89
C ASN YA 312 -52.38 -99.07 -89.99
N ALA YA 313 -51.78 -99.58 -91.05
CA ALA YA 313 -51.73 -101.00 -91.36
C ALA YA 313 -50.29 -101.52 -91.53
N ILE YA 314 -50.06 -102.77 -91.14
CA ILE YA 314 -48.78 -103.45 -91.27
C ILE YA 314 -49.01 -104.78 -91.96
N GLY YA 315 -48.21 -105.06 -92.97
CA GLY YA 315 -48.31 -106.29 -93.77
C GLY YA 315 -47.51 -107.46 -93.21
N THR YA 316 -47.73 -108.66 -93.76
CA THR YA 316 -46.96 -109.86 -93.39
C THR YA 316 -45.47 -109.73 -93.69
N ASP YA 317 -45.04 -108.72 -94.45
CA ASP YA 317 -43.62 -108.42 -94.70
C ASP YA 317 -43.07 -107.31 -93.79
N GLY YA 318 -43.90 -106.74 -92.93
CA GLY YA 318 -43.52 -105.60 -92.10
C GLY YA 318 -43.55 -104.25 -92.81
N ARG YA 319 -44.10 -104.15 -94.03
CA ARG YA 319 -44.37 -102.85 -94.68
C ARG YA 319 -45.41 -102.06 -93.90
N ASN YA 320 -45.28 -100.75 -93.91
CA ASN YA 320 -46.24 -99.85 -93.30
C ASN YA 320 -47.03 -99.12 -94.39
N VAL YA 321 -48.36 -99.06 -94.21
CA VAL YA 321 -49.27 -98.26 -95.02
C VAL YA 321 -50.20 -97.44 -94.14
N THR YA 322 -50.43 -96.20 -94.53
CA THR YA 322 -51.29 -95.26 -93.79
C THR YA 322 -52.23 -94.56 -94.75
N GLY YA 323 -53.32 -94.04 -94.22
CA GLY YA 323 -54.37 -93.44 -95.03
C GLY YA 323 -55.48 -92.85 -94.17
N SER YA 324 -56.46 -92.27 -94.85
CA SER YA 324 -57.55 -91.54 -94.21
C SER YA 324 -58.85 -91.62 -95.01
N VAL YA 325 -59.97 -91.50 -94.30
CA VAL YA 325 -61.30 -91.22 -94.83
C VAL YA 325 -61.74 -89.85 -94.34
N VAL YA 326 -62.25 -89.03 -95.25
CA VAL YA 326 -62.62 -87.63 -95.01
C VAL YA 326 -64.01 -87.39 -95.62
N GLY YA 327 -65.03 -87.12 -94.81
CA GLY YA 327 -66.42 -86.97 -95.27
C GLY YA 327 -66.88 -88.17 -96.09
N SER YA 328 -66.57 -89.38 -95.64
CA SER YA 328 -66.82 -90.65 -96.36
C SER YA 328 -66.14 -90.78 -97.72
N ASN YA 329 -65.15 -89.93 -98.02
CA ASN YA 329 -64.28 -90.07 -99.19
C ASN YA 329 -62.92 -90.65 -98.76
N TRP YA 330 -62.43 -91.66 -99.48
CA TRP YA 330 -61.28 -92.45 -99.05
C TRP YA 330 -59.99 -92.14 -99.81
N THR YA 331 -58.98 -91.62 -99.10
CA THR YA 331 -57.69 -91.22 -99.69
C THR YA 331 -56.91 -92.42 -100.20
N SER YA 332 -56.06 -92.16 -101.19
CA SER YA 332 -55.10 -93.16 -101.67
C SER YA 332 -54.12 -93.57 -100.56
N PRO YA 333 -53.80 -94.88 -100.45
CA PRO YA 333 -52.98 -95.38 -99.36
C PRO YA 333 -51.53 -94.94 -99.55
N LYS YA 334 -50.90 -94.45 -98.48
CA LYS YA 334 -49.51 -93.99 -98.46
C LYS YA 334 -48.63 -95.08 -97.88
N THR YA 335 -47.69 -95.59 -98.70
CA THR YA 335 -46.78 -96.66 -98.34
C THR YA 335 -45.41 -96.09 -98.03
N SER YA 336 -44.86 -96.40 -96.86
CA SER YA 336 -43.52 -95.98 -96.51
C SER YA 336 -42.49 -96.81 -97.25
N PRO YA 337 -41.38 -96.24 -97.72
CA PRO YA 337 -40.19 -97.01 -98.03
C PRO YA 337 -39.48 -97.46 -96.75
N SER YA 338 -38.50 -98.37 -96.86
CA SER YA 338 -37.62 -98.78 -95.76
C SER YA 338 -36.20 -99.06 -96.26
N HIS YA 339 -35.22 -98.99 -95.37
CA HIS YA 339 -33.80 -99.12 -95.73
C HIS YA 339 -33.00 -99.93 -94.70
N LYS YA 340 -31.86 -100.45 -95.13
CA LYS YA 340 -30.86 -101.02 -94.23
C LYS YA 340 -29.46 -100.68 -94.73
N GLU YA 341 -28.55 -100.34 -93.81
CA GLU YA 341 -27.15 -100.08 -94.18
C GLU YA 341 -26.44 -101.41 -94.41
N LEU YA 342 -26.14 -101.70 -95.66
CA LEU YA 342 -25.58 -103.01 -95.98
C LEU YA 342 -24.08 -103.03 -95.80
N TRP YA 343 -23.39 -102.00 -96.25
CA TRP YA 343 -21.94 -101.92 -96.14
C TRP YA 343 -21.45 -100.49 -96.12
N THR YA 344 -20.32 -100.26 -95.45
CA THR YA 344 -19.59 -99.00 -95.47
C THR YA 344 -18.10 -99.28 -95.45
N GLY YA 345 -17.30 -98.36 -96.00
CA GLY YA 345 -15.84 -98.43 -95.95
C GLY YA 345 -15.17 -97.52 -96.98
N ALA YA 346 -14.03 -97.97 -97.48
CA ALA YA 346 -13.28 -97.30 -98.53
C ALA YA 346 -12.59 -98.34 -99.41
N GLN YA 347 -13.21 -98.68 -100.53
CA GLN YA 347 -12.64 -99.55 -101.54
C GLN YA 347 -12.21 -98.72 -102.72
N SER YA 348 -10.92 -98.77 -103.04
CA SER YA 348 -10.37 -98.07 -104.18
C SER YA 348 -10.92 -98.62 -105.48
N PHE YA 349 -11.25 -97.72 -106.41
CA PHE YA 349 -11.70 -98.10 -107.74
C PHE YA 349 -10.71 -99.05 -108.45
N LEU YA 350 -9.42 -98.97 -108.12
CA LEU YA 350 -8.43 -99.83 -108.76
C LEU YA 350 -8.55 -101.30 -108.33
N SER YA 351 -9.17 -101.58 -107.19
CA SER YA 351 -9.22 -102.92 -106.56
C SER YA 351 -10.22 -103.89 -107.21
N THR YA 352 -10.26 -103.92 -108.55
CA THR YA 352 -11.21 -104.74 -109.31
C THR YA 352 -11.09 -106.23 -108.99
N GLY YA 353 -12.22 -106.94 -109.00
CA GLY YA 353 -12.36 -108.34 -108.56
C GLY YA 353 -12.59 -108.51 -107.04
N THR YA 354 -12.37 -107.47 -106.23
CA THR YA 354 -12.49 -107.57 -104.77
C THR YA 354 -13.95 -107.72 -104.34
N THR YA 355 -14.21 -108.62 -103.38
CA THR YA 355 -15.55 -108.93 -102.86
C THR YA 355 -15.68 -108.70 -101.35
N LYS YA 356 -16.69 -107.95 -100.91
CA LYS YA 356 -16.93 -107.59 -99.51
C LYS YA 356 -18.31 -108.06 -99.06
N ASN YA 357 -18.46 -108.43 -97.79
CA ASN YA 357 -19.72 -108.92 -97.21
C ASN YA 357 -20.70 -107.79 -96.92
N LEU YA 358 -21.96 -107.97 -97.32
CA LEU YA 358 -23.09 -107.13 -96.95
C LEU YA 358 -23.65 -107.57 -95.60
N SER YA 359 -24.32 -106.67 -94.88
CA SER YA 359 -24.97 -106.99 -93.60
C SER YA 359 -26.25 -107.80 -93.75
N ASP YA 360 -26.80 -107.92 -94.97
CA ASP YA 360 -27.99 -108.72 -95.29
C ASP YA 360 -27.96 -109.20 -96.75
N ASP YA 361 -28.71 -110.24 -97.08
CA ASP YA 361 -28.83 -110.70 -98.45
C ASP YA 361 -29.50 -109.65 -99.35
N ILE YA 362 -28.88 -109.34 -100.48
CA ILE YA 362 -29.34 -108.34 -101.43
C ILE YA 362 -30.77 -108.62 -101.94
N SER YA 363 -31.18 -109.88 -102.01
CA SER YA 363 -32.53 -110.25 -102.43
C SER YA 363 -33.61 -109.77 -101.45
N ASN YA 364 -33.28 -109.41 -100.20
CA ASN YA 364 -34.21 -108.72 -99.31
C ASN YA 364 -34.42 -107.24 -99.69
N TYR YA 365 -33.87 -106.78 -100.82
CA TYR YA 365 -34.01 -105.42 -101.30
C TYR YA 365 -34.45 -105.38 -102.76
N SER YA 366 -35.29 -104.41 -103.09
CA SER YA 366 -35.72 -104.16 -104.47
C SER YA 366 -34.88 -103.05 -105.14
N TYR YA 367 -34.28 -102.20 -104.33
CA TYR YA 367 -33.49 -101.07 -104.78
C TYR YA 367 -32.20 -100.99 -103.95
N VAL YA 368 -31.19 -100.30 -104.49
CA VAL YA 368 -29.91 -100.09 -103.80
C VAL YA 368 -29.39 -98.69 -104.08
N GLU YA 369 -28.73 -98.06 -103.10
CA GLU YA 369 -27.93 -96.86 -103.31
C GLU YA 369 -26.45 -97.15 -103.07
N VAL YA 370 -25.64 -96.91 -104.08
CA VAL YA 370 -24.19 -97.05 -104.04
C VAL YA 370 -23.62 -95.67 -103.93
N TYR YA 371 -22.78 -95.46 -102.92
CA TYR YA 371 -22.15 -94.17 -102.67
C TYR YA 371 -20.69 -94.17 -103.03
N THR YA 372 -20.31 -93.12 -103.73
CA THR YA 372 -18.97 -92.96 -104.27
C THR YA 372 -18.42 -91.63 -103.83
N THR YA 373 -17.14 -91.59 -103.49
CA THR YA 373 -16.45 -90.41 -102.98
C THR YA 373 -15.24 -90.17 -103.86
N HIS YA 374 -15.09 -88.95 -104.35
CA HIS YA 374 -14.08 -88.65 -105.36
C HIS YA 374 -13.24 -87.43 -105.04
N LYS YA 375 -11.96 -87.50 -105.42
CA LYS YA 375 -11.12 -86.34 -105.63
C LYS YA 375 -11.09 -86.00 -107.11
N THR YA 376 -11.49 -84.79 -107.47
CA THR YA 376 -11.38 -84.33 -108.84
C THR YA 376 -9.92 -84.16 -109.24
N THR YA 377 -9.67 -84.11 -110.55
CA THR YA 377 -8.36 -83.96 -111.14
C THR YA 377 -7.72 -82.68 -110.65
N GLU YA 378 -8.27 -81.54 -111.02
CA GLU YA 378 -7.79 -80.26 -110.52
C GLU YA 378 -8.52 -79.86 -109.25
N LYS YA 379 -7.87 -79.05 -108.42
CA LYS YA 379 -8.55 -78.32 -107.34
C LYS YA 379 -9.40 -77.20 -107.91
N THR YA 380 -10.58 -77.01 -107.34
CA THR YA 380 -11.46 -75.87 -107.61
C THR YA 380 -11.48 -75.00 -106.37
N LYS YA 381 -11.15 -73.72 -106.47
CA LYS YA 381 -11.01 -72.83 -105.29
C LYS YA 381 -10.15 -73.45 -104.17
N GLY YA 382 -9.16 -74.23 -104.56
CA GLY YA 382 -8.28 -74.93 -103.63
C GLY YA 382 -8.76 -76.32 -103.17
N ASN YA 383 -10.03 -76.70 -103.38
CA ASN YA 383 -10.58 -77.99 -102.91
C ASN YA 383 -10.81 -78.97 -104.06
N ASP YA 384 -10.37 -80.22 -103.93
CA ASP YA 384 -10.67 -81.29 -104.91
C ASP YA 384 -11.65 -82.36 -104.40
N ASN YA 385 -12.10 -82.28 -103.15
CA ASN YA 385 -13.15 -83.16 -102.65
C ASN YA 385 -14.51 -82.83 -103.27
N THR YA 386 -15.26 -83.87 -103.59
CA THR YA 386 -16.58 -83.76 -104.22
C THR YA 386 -17.75 -83.84 -103.24
N GLY YA 387 -17.51 -84.30 -102.01
CA GLY YA 387 -18.55 -84.93 -101.21
C GLY YA 387 -18.69 -86.42 -101.52
N THR YA 388 -19.77 -87.05 -101.06
CA THR YA 388 -20.05 -88.47 -101.29
C THR YA 388 -21.39 -88.57 -102.01
N ILE YA 389 -21.39 -89.16 -103.21
CA ILE YA 389 -22.42 -89.04 -104.24
C ILE YA 389 -23.22 -90.33 -104.33
N CYS YA 390 -24.54 -90.20 -104.29
CA CYS YA 390 -25.49 -91.29 -104.47
C CYS YA 390 -25.65 -91.72 -105.94
N HIS YA 391 -25.52 -93.01 -106.22
CA HIS YA 391 -26.05 -93.69 -107.40
C HIS YA 391 -27.13 -94.67 -106.98
N LYS YA 392 -28.36 -94.50 -107.45
CA LYS YA 392 -29.50 -95.33 -107.08
C LYS YA 392 -29.87 -96.24 -108.24
N PHE YA 393 -30.06 -97.51 -107.95
CA PHE YA 393 -30.50 -98.49 -108.92
C PHE YA 393 -31.74 -99.23 -108.45
N TYR YA 394 -32.59 -99.60 -109.39
CA TYR YA 394 -33.47 -100.75 -109.23
C TYR YA 394 -32.68 -102.03 -109.47
N LEU YA 395 -32.87 -103.00 -108.58
CA LEU YA 395 -32.21 -104.30 -108.68
C LEU YA 395 -32.90 -105.15 -109.74
N ASP YA 396 -32.49 -104.96 -110.99
CA ASP YA 396 -32.96 -105.73 -112.16
C ASP YA 396 -32.26 -107.10 -112.32
N GLY YA 397 -31.25 -107.40 -111.50
CA GLY YA 397 -30.46 -108.62 -111.61
C GLY YA 397 -29.32 -108.57 -112.65
N SER YA 398 -28.92 -107.38 -113.11
CA SER YA 398 -27.74 -107.23 -113.97
C SER YA 398 -26.46 -107.76 -113.34
N GLY YA 399 -25.56 -108.32 -114.17
CA GLY YA 399 -24.21 -108.72 -113.73
C GLY YA 399 -23.28 -107.55 -113.39
N THR YA 400 -23.61 -106.32 -113.81
CA THR YA 400 -22.91 -105.10 -113.36
C THR YA 400 -23.92 -103.95 -113.19
N TYR YA 401 -23.77 -103.20 -112.11
CA TYR YA 401 -24.42 -101.91 -111.88
C TYR YA 401 -23.34 -100.85 -112.07
N VAL YA 402 -23.60 -99.88 -112.95
CA VAL YA 402 -22.56 -99.01 -113.50
C VAL YA 402 -22.74 -97.59 -113.02
N CYS YA 403 -22.04 -97.24 -111.95
CA CYS YA 403 -21.84 -95.86 -111.58
C CYS YA 403 -20.87 -95.26 -112.57
N SER YA 404 -21.34 -94.42 -113.49
CA SER YA 404 -20.47 -93.68 -114.40
C SER YA 404 -20.90 -92.23 -114.52
N GLY YA 405 -19.96 -91.31 -114.53
CA GLY YA 405 -20.29 -89.90 -114.54
C GLY YA 405 -19.08 -89.03 -114.82
N THR YA 406 -19.25 -87.74 -114.56
CA THR YA 406 -18.28 -86.72 -114.94
C THR YA 406 -18.17 -85.62 -113.89
N PHE YA 407 -16.97 -85.06 -113.81
CA PHE YA 407 -16.71 -83.85 -113.06
C PHE YA 407 -16.16 -82.78 -113.96
N VAL YA 408 -16.51 -81.54 -113.62
CA VAL YA 408 -15.84 -80.36 -114.13
C VAL YA 408 -14.91 -79.90 -113.00
N SER YA 409 -13.62 -79.68 -113.22
CA SER YA 409 -12.70 -79.24 -112.15
C SER YA 409 -11.59 -78.29 -112.62
N GLY YA 410 -11.09 -77.47 -111.69
CA GLY YA 410 -10.22 -76.34 -112.02
C GLY YA 410 -10.98 -75.01 -112.13
N ASP YA 411 -10.32 -73.93 -111.72
CA ASP YA 411 -10.86 -72.56 -111.78
C ASP YA 411 -10.81 -72.01 -113.22
N ARG YA 412 -11.87 -71.32 -113.65
CA ARG YA 412 -11.94 -70.66 -114.96
C ARG YA 412 -11.14 -69.36 -114.96
N THR YA 413 -10.14 -69.28 -115.82
CA THR YA 413 -9.53 -68.00 -116.25
C THR YA 413 -9.91 -67.71 -117.71
N ASP YA 414 -9.48 -66.57 -118.27
CA ASP YA 414 -9.67 -66.28 -119.70
C ASP YA 414 -8.96 -67.33 -120.58
N THR YA 415 -7.73 -67.71 -120.20
CA THR YA 415 -6.85 -68.61 -120.96
C THR YA 415 -7.19 -70.10 -120.76
N LYS YA 416 -7.72 -70.47 -119.58
CA LYS YA 416 -7.96 -71.86 -119.19
C LYS YA 416 -9.40 -72.08 -118.70
N PRO YA 417 -10.28 -72.71 -119.50
CA PRO YA 417 -11.57 -73.17 -119.01
C PRO YA 417 -11.34 -74.35 -118.06
N PRO YA 418 -12.22 -74.57 -117.08
CA PRO YA 418 -12.19 -75.77 -116.28
C PRO YA 418 -12.08 -77.03 -117.14
N ILE YA 419 -11.34 -78.02 -116.67
CA ILE YA 419 -11.25 -79.30 -117.36
C ILE YA 419 -12.44 -80.19 -117.02
N THR YA 420 -12.64 -81.22 -117.84
CA THR YA 420 -13.66 -82.25 -117.63
C THR YA 420 -12.99 -83.60 -117.46
N GLU YA 421 -13.56 -84.46 -116.65
CA GLU YA 421 -13.15 -85.85 -116.56
C GLU YA 421 -14.36 -86.78 -116.56
N PHE YA 422 -14.09 -88.04 -116.85
CA PHE YA 422 -15.04 -89.14 -116.78
C PHE YA 422 -14.55 -90.11 -115.73
N TYR YA 423 -15.47 -90.84 -115.11
CA TYR YA 423 -15.14 -91.96 -114.24
C TYR YA 423 -16.15 -93.10 -114.45
N ARG YA 424 -15.75 -94.31 -114.09
CA ARG YA 424 -16.67 -95.41 -113.92
C ARG YA 424 -16.24 -96.30 -112.78
N VAL YA 425 -17.19 -96.83 -112.03
CA VAL YA 425 -17.03 -98.07 -111.28
C VAL YA 425 -18.22 -98.98 -111.56
N GLY YA 426 -17.95 -100.22 -111.91
CA GLY YA 426 -18.97 -101.25 -112.02
C GLY YA 426 -18.99 -102.10 -110.76
N VAL YA 427 -20.17 -102.36 -110.21
CA VAL YA 427 -20.32 -103.20 -109.02
C VAL YA 427 -21.35 -104.29 -109.26
N SER YA 428 -21.26 -105.40 -108.54
CA SER YA 428 -22.23 -106.50 -108.63
C SER YA 428 -22.58 -107.01 -107.26
N PHE YA 429 -23.72 -107.71 -107.14
CA PHE YA 429 -24.17 -108.30 -105.88
C PHE YA 429 -24.39 -109.79 -106.06
N LYS YA 430 -24.18 -110.56 -104.99
CA LYS YA 430 -24.49 -111.98 -104.92
C LYS YA 430 -24.77 -112.33 -103.46
N GLY YA 431 -26.01 -112.67 -103.15
CA GLY YA 431 -26.45 -113.02 -101.79
C GLY YA 431 -26.06 -111.95 -100.78
N SER YA 432 -25.30 -112.33 -99.76
CA SER YA 432 -24.76 -111.40 -98.76
C SER YA 432 -23.37 -110.81 -99.13
N THR YA 433 -23.08 -110.56 -100.40
CA THR YA 433 -21.80 -109.99 -100.85
C THR YA 433 -21.93 -109.03 -102.02
N TRP YA 434 -20.97 -108.12 -102.14
CA TRP YA 434 -20.82 -107.25 -103.30
C TRP YA 434 -19.38 -107.22 -103.80
N THR YA 435 -19.22 -107.02 -105.10
CA THR YA 435 -17.92 -107.06 -105.76
C THR YA 435 -17.70 -105.82 -106.58
N LEU YA 436 -16.51 -105.26 -106.50
CA LEU YA 436 -16.08 -104.18 -107.39
C LEU YA 436 -15.60 -104.81 -108.70
N VAL YA 437 -16.45 -104.80 -109.72
CA VAL YA 437 -16.19 -105.56 -110.95
C VAL YA 437 -15.11 -104.91 -111.81
N ASP YA 438 -15.19 -103.61 -112.03
CA ASP YA 438 -14.32 -102.90 -112.96
C ASP YA 438 -14.29 -101.40 -112.63
N SER YA 439 -13.36 -100.66 -113.23
CA SER YA 439 -13.38 -99.20 -113.12
C SER YA 439 -12.62 -98.51 -114.25
N ALA YA 440 -12.86 -97.20 -114.37
CA ALA YA 440 -12.06 -96.28 -115.15
C ALA YA 440 -11.84 -94.98 -114.38
N VAL YA 441 -10.60 -94.49 -114.37
CA VAL YA 441 -10.20 -93.24 -113.73
C VAL YA 441 -9.23 -92.45 -114.65
N GLN YA 442 -9.45 -91.13 -114.75
CA GLN YA 442 -8.72 -90.20 -115.64
C GLN YA 442 -7.78 -89.24 -114.88
N ASN YA 443 -7.37 -89.59 -113.66
CA ASN YA 443 -6.38 -88.86 -112.88
C ASN YA 443 -5.59 -89.81 -111.98
N SER YA 444 -4.49 -89.33 -111.43
CA SER YA 444 -3.62 -90.12 -110.55
C SER YA 444 -4.13 -90.24 -109.11
N LYS YA 445 -5.29 -89.67 -108.78
CA LYS YA 445 -5.87 -89.70 -107.43
C LYS YA 445 -6.74 -90.94 -107.23
N THR YA 446 -7.03 -91.24 -105.98
CA THR YA 446 -7.82 -92.43 -105.63
C THR YA 446 -9.28 -92.05 -105.43
N GLN YA 447 -10.15 -92.85 -106.04
CA GLN YA 447 -11.59 -92.71 -105.99
C GLN YA 447 -12.16 -93.94 -105.29
N TYR YA 448 -13.24 -93.78 -104.51
CA TYR YA 448 -13.65 -94.82 -103.60
C TYR YA 448 -15.14 -95.11 -103.65
N VAL YA 449 -15.47 -96.40 -103.62
CA VAL YA 449 -16.80 -96.84 -103.18
C VAL YA 449 -16.80 -96.76 -101.67
N THR YA 450 -17.88 -96.28 -101.05
CA THR YA 450 -17.87 -96.00 -99.62
C THR YA 450 -19.12 -96.41 -98.85
N ARG YA 451 -20.30 -96.48 -99.45
CA ARG YA 451 -21.51 -96.93 -98.75
C ARG YA 451 -22.42 -97.67 -99.69
N ILE YA 452 -23.08 -98.72 -99.20
CA ILE YA 452 -24.15 -99.42 -99.91
C ILE YA 452 -25.36 -99.52 -98.99
N ILE YA 453 -26.47 -98.92 -99.40
CA ILE YA 453 -27.73 -98.95 -98.67
C ILE YA 453 -28.70 -99.79 -99.44
N GLY YA 454 -29.29 -100.78 -98.78
CA GLY YA 454 -30.43 -101.51 -99.31
C GLY YA 454 -31.69 -100.65 -99.13
N ILE YA 455 -32.54 -100.59 -100.16
CA ILE YA 455 -33.80 -99.86 -100.18
C ILE YA 455 -34.97 -100.77 -100.63
N ASN YA 456 -36.08 -100.65 -99.90
CA ASN YA 456 -37.35 -101.25 -100.23
C ASN YA 456 -38.43 -100.19 -100.40
N MET YA 457 -39.15 -100.27 -101.50
CA MET YA 457 -40.26 -99.39 -101.87
C MET YA 457 -41.50 -100.23 -102.15
N PRO YA 458 -42.06 -100.91 -101.13
CA PRO YA 458 -43.04 -101.99 -101.31
C PRO YA 458 -44.44 -101.48 -101.71
N MET ZA 1 -136.25 -118.59 -6.74
CA MET ZA 1 -136.77 -119.58 -5.77
C MET ZA 1 -136.91 -118.95 -4.37
N ALA ZA 2 -137.93 -119.31 -3.57
CA ALA ZA 2 -138.15 -118.70 -2.22
C ALA ZA 2 -139.25 -119.40 -1.36
N LEU ZA 3 -138.90 -119.76 -0.12
CA LEU ZA 3 -139.87 -120.19 0.91
C LEU ZA 3 -140.69 -119.01 1.47
N ASN ZA 4 -141.97 -119.24 1.79
CA ASN ZA 4 -142.80 -118.29 2.56
C ASN ZA 4 -143.11 -118.82 3.98
N PHE ZA 5 -142.38 -118.36 4.99
CA PHE ZA 5 -142.42 -118.90 6.35
C PHE ZA 5 -142.84 -117.83 7.38
N THR ZA 6 -143.60 -118.23 8.40
CA THR ZA 6 -143.95 -117.41 9.59
C THR ZA 6 -143.54 -118.15 10.87
N THR ZA 7 -142.79 -117.50 11.76
CA THR ZA 7 -142.30 -118.10 13.02
C THR ZA 7 -143.45 -118.42 13.99
N ILE ZA 8 -143.35 -119.54 14.70
CA ILE ZA 8 -144.44 -120.14 15.50
C ILE ZA 8 -144.16 -120.02 17.02
N THR ZA 9 -145.18 -119.78 17.85
CA THR ZA 9 -145.06 -119.76 19.33
C THR ZA 9 -145.87 -120.88 20.04
N GLU ZA 10 -145.86 -120.93 21.38
CA GLU ZA 10 -146.45 -121.99 22.22
C GLU ZA 10 -147.90 -122.36 21.88
N ASN ZA 11 -148.78 -121.37 21.72
CA ASN ZA 11 -150.22 -121.57 21.49
C ASN ZA 11 -150.70 -121.10 20.13
N ASN ZA 12 -149.75 -120.94 19.22
CA ASN ZA 12 -150.15 -121.14 17.85
C ASN ZA 12 -150.60 -122.60 17.84
N VAL ZA 13 -151.84 -122.86 17.44
CA VAL ZA 13 -152.41 -124.20 17.50
C VAL ZA 13 -151.73 -125.14 16.49
N ILE ZA 14 -151.93 -126.45 16.64
CA ILE ZA 14 -151.19 -127.45 15.85
C ILE ZA 14 -151.34 -127.26 14.34
N ARG ZA 15 -152.53 -126.81 13.88
CA ARG ZA 15 -152.82 -126.41 12.49
C ARG ZA 15 -151.85 -125.35 11.94
N ASP ZA 16 -151.39 -124.41 12.75
CA ASP ZA 16 -150.42 -123.39 12.32
C ASP ZA 16 -149.00 -123.99 12.14
N LEU ZA 17 -148.57 -124.84 13.07
CA LEU ZA 17 -147.32 -125.62 12.98
C LEU ZA 17 -147.32 -126.55 11.76
N THR ZA 18 -148.44 -127.21 11.52
CA THR ZA 18 -148.70 -127.99 10.30
C THR ZA 18 -148.62 -127.12 9.03
N THR ZA 19 -149.21 -125.93 9.02
CA THR ZA 19 -149.19 -125.00 7.87
C THR ZA 19 -147.76 -124.67 7.47
N GLN ZA 20 -146.90 -124.32 8.42
CA GLN ZA 20 -145.50 -124.01 8.14
C GLN ZA 20 -144.71 -125.24 7.63
N VAL ZA 21 -144.91 -126.41 8.24
CA VAL ZA 21 -144.30 -127.67 7.77
C VAL ZA 21 -144.76 -128.01 6.34
N ASN ZA 22 -146.02 -127.75 6.01
CA ASN ZA 22 -146.51 -127.83 4.64
C ASN ZA 22 -145.84 -126.80 3.72
N ASN ZA 23 -145.72 -125.53 4.10
CA ASN ZA 23 -145.03 -124.52 3.26
C ASN ZA 23 -143.58 -124.96 2.93
N ILE ZA 24 -142.85 -125.44 3.93
CA ILE ZA 24 -141.48 -125.93 3.77
C ILE ZA 24 -141.43 -127.12 2.83
N GLY ZA 25 -142.24 -128.14 3.10
CA GLY ZA 25 -142.26 -129.36 2.31
C GLY ZA 25 -142.63 -129.10 0.85
N GLU ZA 26 -143.63 -128.25 0.58
CA GLU ZA 26 -144.02 -127.89 -0.78
C GLU ZA 26 -142.90 -127.18 -1.55
N GLU ZA 27 -142.26 -126.16 -0.98
CA GLU ZA 27 -141.20 -125.42 -1.69
C GLU ZA 27 -140.00 -126.31 -2.04
N LEU ZA 28 -139.63 -127.23 -1.14
CA LEU ZA 28 -138.57 -128.21 -1.35
C LEU ZA 28 -138.98 -129.37 -2.29
N THR ZA 29 -140.23 -129.48 -2.73
CA THR ZA 29 -140.70 -130.62 -3.56
C THR ZA 29 -141.55 -130.23 -4.76
N LYS ZA 30 -141.68 -128.93 -5.08
CA LYS ZA 30 -142.32 -128.48 -6.33
C LYS ZA 30 -141.50 -128.80 -7.59
N GLU ZA 31 -142.09 -128.62 -8.78
CA GLU ZA 31 -141.36 -128.81 -10.05
C GLU ZA 31 -140.24 -127.76 -10.21
N ARG ZA 32 -139.07 -128.21 -10.72
CA ARG ZA 32 -137.80 -127.46 -10.71
C ARG ZA 32 -137.51 -126.84 -9.33
N ASN ZA 33 -137.56 -127.67 -8.29
CA ASN ZA 33 -137.10 -127.29 -6.96
C ASN ZA 33 -135.55 -127.11 -6.95
N ILE ZA 34 -135.06 -126.67 -5.79
CA ILE ZA 34 -133.65 -126.36 -5.51
C ILE ZA 34 -132.68 -127.55 -5.73
N PHE ZA 35 -133.14 -128.78 -5.54
CA PHE ZA 35 -132.32 -129.97 -5.72
C PHE ZA 35 -132.08 -130.25 -7.21
N ASP ZA 36 -133.12 -130.18 -8.03
CA ASP ZA 36 -133.04 -130.37 -9.49
C ASP ZA 36 -132.09 -129.36 -10.15
N ILE ZA 37 -132.28 -128.08 -9.83
CA ILE ZA 37 -131.47 -127.00 -10.40
C ILE ZA 37 -129.98 -127.14 -10.02
N THR ZA 38 -129.70 -127.60 -8.81
CA THR ZA 38 -128.32 -127.80 -8.33
C THR ZA 38 -127.66 -129.01 -9.01
N ASP ZA 39 -128.38 -130.10 -9.24
CA ASP ZA 39 -127.87 -131.25 -10.03
C ASP ZA 39 -127.59 -130.85 -11.50
N ASP ZA 40 -128.43 -129.99 -12.11
CA ASP ZA 40 -128.15 -129.36 -13.42
C ASP ZA 40 -126.82 -128.58 -13.42
N LEU ZA 41 -126.61 -127.72 -12.41
CA LEU ZA 41 -125.39 -126.91 -12.29
C LEU ZA 41 -124.12 -127.76 -12.12
N VAL ZA 42 -124.12 -128.79 -11.28
CA VAL ZA 42 -122.98 -129.72 -11.14
C VAL ZA 42 -122.62 -130.32 -12.50
N TYR ZA 43 -123.63 -130.74 -13.27
CA TYR ZA 43 -123.41 -131.31 -14.58
C TYR ZA 43 -122.79 -130.33 -15.59
N ASN ZA 44 -123.38 -129.15 -15.76
CA ASN ZA 44 -122.84 -128.17 -16.70
C ASN ZA 44 -121.43 -127.69 -16.26
N PHE ZA 45 -121.11 -127.74 -14.96
CA PHE ZA 45 -119.82 -127.30 -14.42
C PHE ZA 45 -118.62 -128.19 -14.79
N ASN ZA 46 -118.69 -129.52 -14.69
CA ASN ZA 46 -117.49 -130.36 -14.89
C ASN ZA 46 -116.94 -130.37 -16.34
N LYS ZA 47 -117.71 -129.89 -17.34
CA LYS ZA 47 -117.28 -129.61 -18.73
C LYS ZA 47 -116.49 -128.30 -18.88
N SER ZA 48 -116.39 -127.49 -17.83
CA SER ZA 48 -115.77 -126.16 -17.83
C SER ZA 48 -114.24 -126.18 -17.82
N GLN ZA 49 -113.66 -125.06 -18.26
CA GLN ZA 49 -112.25 -124.70 -18.12
C GLN ZA 49 -111.89 -124.50 -16.63
N LYS ZA 50 -111.33 -125.53 -15.97
CA LYS ZA 50 -111.09 -125.53 -14.50
C LYS ZA 50 -110.22 -124.38 -14.03
N ILE ZA 51 -109.32 -123.87 -14.87
CA ILE ZA 51 -108.23 -122.99 -14.45
C ILE ZA 51 -108.22 -121.67 -15.23
N LYS ZA 52 -107.79 -120.60 -14.58
CA LYS ZA 52 -107.74 -119.23 -15.14
C LYS ZA 52 -106.84 -119.14 -16.36
N LEU ZA 53 -107.30 -118.41 -17.36
CA LEU ZA 53 -106.56 -117.92 -18.53
C LEU ZA 53 -106.44 -116.39 -18.55
N THR ZA 54 -107.42 -115.67 -18.00
CA THR ZA 54 -107.40 -114.22 -17.71
C THR ZA 54 -107.58 -113.98 -16.21
N ASP ZA 55 -107.67 -112.72 -15.77
CA ASP ZA 55 -108.37 -112.41 -14.52
C ASP ZA 55 -109.90 -112.44 -14.68
N ASP ZA 56 -110.62 -112.22 -13.58
CA ASP ZA 56 -112.10 -112.18 -13.51
C ASP ZA 56 -112.77 -111.13 -14.40
N LYS ZA 57 -112.03 -110.16 -14.92
CA LYS ZA 57 -112.50 -109.04 -15.75
C LYS ZA 57 -112.15 -109.20 -17.22
N GLY ZA 58 -111.51 -110.31 -17.58
CA GLY ZA 58 -110.95 -110.51 -18.91
C GLY ZA 58 -109.68 -109.68 -19.17
N LEU ZA 59 -108.97 -109.29 -18.12
CA LEU ZA 59 -107.65 -108.67 -18.23
C LEU ZA 59 -106.57 -109.72 -17.98
N THR ZA 60 -105.31 -109.34 -18.07
CA THR ZA 60 -104.23 -110.28 -17.82
C THR ZA 60 -104.23 -110.79 -16.38
N LYS ZA 61 -103.86 -112.07 -16.22
CA LYS ZA 61 -103.61 -112.68 -14.92
C LYS ZA 61 -102.48 -111.93 -14.20
N SER ZA 62 -102.59 -111.86 -12.88
CA SER ZA 62 -101.46 -111.53 -12.01
C SER ZA 62 -100.45 -112.68 -11.95
N TYR ZA 63 -99.24 -112.38 -11.51
CA TYR ZA 63 -98.13 -113.30 -11.31
C TYR ZA 63 -97.51 -112.99 -9.96
N GLY ZA 64 -96.82 -113.97 -9.37
CA GLY ZA 64 -95.98 -113.72 -8.19
C GLY ZA 64 -94.77 -112.86 -8.54
N ASN ZA 65 -93.88 -112.62 -7.58
CA ASN ZA 65 -92.55 -112.13 -7.93
C ASN ZA 65 -91.76 -113.22 -8.66
N ILE ZA 66 -91.01 -112.81 -9.70
CA ILE ZA 66 -90.38 -113.70 -10.69
C ILE ZA 66 -88.94 -113.23 -10.97
N THR ZA 67 -88.00 -114.16 -11.08
CA THR ZA 67 -86.60 -113.82 -11.41
C THR ZA 67 -86.42 -113.66 -12.91
N ALA ZA 68 -87.24 -114.38 -13.68
CA ALA ZA 68 -87.10 -114.54 -15.11
C ALA ZA 68 -88.48 -114.76 -15.74
N LEU ZA 69 -88.63 -114.41 -17.00
CA LEU ZA 69 -89.80 -114.74 -17.80
C LEU ZA 69 -90.02 -116.25 -17.84
N ARG ZA 70 -88.95 -117.07 -17.84
CA ARG ZA 70 -89.03 -118.56 -17.73
C ARG ZA 70 -89.62 -119.08 -16.41
N ASP ZA 71 -89.94 -118.20 -15.45
CA ASP ZA 71 -90.63 -118.55 -14.20
C ASP ZA 71 -92.16 -118.42 -14.32
N ILE ZA 72 -92.69 -117.71 -15.33
CA ILE ZA 72 -94.12 -117.77 -15.65
C ILE ZA 72 -94.35 -118.97 -16.58
N LYS ZA 73 -94.75 -120.11 -15.99
CA LYS ZA 73 -95.10 -121.34 -16.73
C LYS ZA 73 -96.60 -121.61 -16.80
N GLU ZA 74 -97.43 -121.02 -15.95
CA GLU ZA 74 -98.88 -121.26 -15.96
C GLU ZA 74 -99.53 -120.67 -17.23
N PRO ZA 75 -100.53 -121.32 -17.83
CA PRO ZA 75 -101.13 -120.87 -19.10
C PRO ZA 75 -102.07 -119.67 -18.94
N GLY ZA 76 -102.24 -118.92 -20.03
CA GLY ZA 76 -102.98 -117.67 -20.04
C GLY ZA 76 -102.15 -116.46 -20.45
N TYR ZA 77 -102.61 -115.26 -20.10
CA TYR ZA 77 -101.96 -114.01 -20.51
C TYR ZA 77 -101.55 -113.17 -19.30
N TYR ZA 78 -100.39 -112.52 -19.38
CA TYR ZA 78 -99.83 -111.73 -18.29
C TYR ZA 78 -99.28 -110.40 -18.81
N TYR ZA 79 -99.61 -109.27 -18.18
CA TYR ZA 79 -98.99 -107.98 -18.50
C TYR ZA 79 -97.67 -107.88 -17.77
N ILE ZA 80 -96.69 -107.15 -18.33
CA ILE ZA 80 -95.43 -106.86 -17.65
C ILE ZA 80 -95.06 -105.42 -17.97
N GLY ZA 81 -94.98 -104.55 -16.97
CA GLY ZA 81 -94.61 -103.16 -17.18
C GLY ZA 81 -93.11 -103.01 -17.42
N ALA ZA 82 -92.68 -101.97 -18.12
CA ALA ZA 82 -91.28 -101.75 -18.51
C ALA ZA 82 -90.31 -101.86 -17.33
N ARG ZA 83 -90.69 -101.27 -16.18
CA ARG ZA 83 -89.89 -101.27 -14.95
C ARG ZA 83 -89.69 -102.66 -14.34
N THR ZA 84 -90.62 -103.60 -14.58
CA THR ZA 84 -90.45 -105.01 -14.24
C THR ZA 84 -89.59 -105.71 -15.27
N LEU ZA 85 -89.87 -105.53 -16.56
CA LEU ZA 85 -89.13 -106.17 -17.65
C LEU ZA 85 -87.62 -105.88 -17.59
N ALA ZA 86 -87.25 -104.66 -17.22
CA ALA ZA 86 -85.86 -104.26 -16.98
C ALA ZA 86 -85.22 -104.91 -15.73
N THR ZA 87 -85.82 -105.95 -15.13
CA THR ZA 87 -85.29 -106.65 -13.93
C THR ZA 87 -85.38 -108.18 -14.01
N LEU ZA 88 -85.64 -108.72 -15.20
CA LEU ZA 88 -85.80 -110.16 -15.43
C LEU ZA 88 -84.58 -110.74 -16.14
N LEU ZA 89 -84.04 -111.84 -15.62
CA LEU ZA 89 -82.73 -112.38 -16.03
C LEU ZA 89 -82.63 -112.85 -17.50
N ASP ZA 90 -83.77 -113.12 -18.16
CA ASP ZA 90 -83.88 -113.61 -19.54
C ASP ZA 90 -84.81 -112.75 -20.42
N ARG ZA 91 -84.97 -111.46 -20.06
CA ARG ZA 91 -85.57 -110.45 -20.96
C ARG ZA 91 -84.98 -110.57 -22.37
N PRO ZA 92 -85.75 -110.42 -23.45
CA PRO ZA 92 -85.18 -110.31 -24.79
C PRO ZA 92 -84.25 -109.09 -24.90
N ASP ZA 93 -83.24 -109.18 -25.76
CA ASP ZA 93 -82.38 -108.05 -26.13
C ASP ZA 93 -83.16 -107.00 -26.94
N MET ZA 94 -83.90 -106.15 -26.24
CA MET ZA 94 -84.66 -105.04 -26.82
C MET ZA 94 -84.84 -103.91 -25.81
N GLU ZA 95 -85.19 -102.73 -26.30
CA GLU ZA 95 -85.51 -101.55 -25.49
C GLU ZA 95 -86.56 -101.86 -24.40
N SER ZA 96 -86.40 -101.29 -23.19
CA SER ZA 96 -87.37 -101.51 -22.10
C SER ZA 96 -88.70 -100.79 -22.41
N LEU ZA 97 -89.77 -101.58 -22.57
CA LEU ZA 97 -91.14 -101.17 -22.87
C LEU ZA 97 -92.11 -102.07 -22.10
N ASP ZA 98 -93.36 -101.63 -21.95
CA ASP ZA 98 -94.42 -102.53 -21.49
C ASP ZA 98 -94.65 -103.66 -22.52
N VAL ZA 99 -95.02 -104.84 -22.03
CA VAL ZA 99 -95.25 -106.04 -22.85
C VAL ZA 99 -96.47 -106.81 -22.35
N VAL ZA 100 -96.99 -107.70 -23.19
CA VAL ZA 100 -97.82 -108.85 -22.74
C VAL ZA 100 -97.13 -110.15 -23.11
N LEU ZA 101 -97.13 -111.07 -22.16
CA LEU ZA 101 -96.59 -112.41 -22.26
C LEU ZA 101 -97.79 -113.37 -22.42
N HIS ZA 102 -97.81 -114.17 -23.47
CA HIS ZA 102 -98.75 -115.30 -23.59
C HIS ZA 102 -97.96 -116.59 -23.39
N VAL ZA 103 -98.39 -117.37 -22.40
CA VAL ZA 103 -97.77 -118.63 -22.04
C VAL ZA 103 -98.66 -119.75 -22.52
N VAL ZA 104 -98.09 -120.59 -23.36
CA VAL ZA 104 -98.78 -121.67 -24.05
C VAL ZA 104 -98.40 -122.99 -23.37
N PRO ZA 105 -99.38 -123.75 -22.89
CA PRO ZA 105 -99.14 -125.03 -22.25
C PRO ZA 105 -98.69 -126.08 -23.28
N LEU ZA 106 -98.08 -127.19 -22.84
CA LEU ZA 106 -97.63 -128.30 -23.72
C LEU ZA 106 -98.08 -129.67 -23.19
N ASP ZA 107 -97.30 -130.74 -23.39
CA ASP ZA 107 -97.54 -132.05 -22.79
C ASP ZA 107 -97.19 -132.09 -21.29
N THR ZA 108 -96.41 -131.11 -20.78
CA THR ZA 108 -95.85 -131.08 -19.42
C THR ZA 108 -95.78 -129.64 -18.89
N SER ZA 109 -95.96 -129.46 -17.58
CA SER ZA 109 -95.93 -128.13 -16.96
C SER ZA 109 -94.55 -127.50 -17.07
N SER ZA 110 -93.50 -128.32 -16.97
CA SER ZA 110 -92.11 -127.92 -17.08
C SER ZA 110 -91.77 -127.23 -18.42
N LYS ZA 111 -92.55 -127.46 -19.48
CA LYS ZA 111 -92.34 -126.90 -20.82
C LYS ZA 111 -93.46 -125.96 -21.23
N VAL ZA 112 -93.11 -124.86 -21.89
CA VAL ZA 112 -94.05 -123.89 -22.44
C VAL ZA 112 -93.49 -123.20 -23.68
N VAL ZA 113 -94.37 -122.66 -24.52
CA VAL ZA 113 -94.01 -121.65 -25.52
C VAL ZA 113 -94.45 -120.29 -24.98
N GLN ZA 114 -93.58 -119.29 -25.10
CA GLN ZA 114 -93.90 -117.92 -24.71
C GLN ZA 114 -93.92 -117.04 -25.94
N HIS ZA 115 -95.04 -116.38 -26.22
CA HIS ZA 115 -95.05 -115.22 -27.10
C HIS ZA 115 -94.84 -113.96 -26.26
N LEU ZA 116 -94.18 -112.96 -26.83
CA LEU ZA 116 -94.08 -111.63 -26.24
C LEU ZA 116 -94.40 -110.57 -27.29
N TYR ZA 117 -95.15 -109.55 -26.89
CA TYR ZA 117 -95.57 -108.45 -27.75
C TYR ZA 117 -95.20 -107.14 -27.09
N THR ZA 118 -94.46 -106.27 -27.78
CA THR ZA 118 -94.17 -104.94 -27.20
C THR ZA 118 -95.39 -104.02 -27.32
N LEU ZA 119 -95.55 -103.17 -26.31
CA LEU ZA 119 -96.65 -102.24 -26.24
C LEU ZA 119 -96.06 -100.85 -26.44
N SER ZA 120 -96.39 -100.29 -27.58
CA SER ZA 120 -96.08 -98.93 -28.00
C SER ZA 120 -96.88 -98.65 -29.26
N THR ZA 121 -97.44 -97.45 -29.39
CA THR ZA 121 -98.05 -97.05 -30.66
C THR ZA 121 -97.01 -96.66 -31.71
N ASN ZA 122 -95.73 -96.48 -31.35
CA ASN ZA 122 -94.71 -96.14 -32.34
C ASN ZA 122 -94.42 -97.34 -33.25
N ASN ZA 123 -94.62 -97.19 -34.56
CA ASN ZA 123 -94.44 -98.24 -35.57
C ASN ZA 123 -93.03 -98.84 -35.64
N ASN ZA 124 -92.03 -98.12 -35.13
CA ASN ZA 124 -90.66 -98.61 -35.01
C ASN ZA 124 -90.46 -99.54 -33.79
N GLN ZA 125 -91.11 -99.27 -32.66
CA GLN ZA 125 -90.96 -99.99 -31.40
C GLN ZA 125 -91.84 -101.24 -31.27
N ILE ZA 126 -92.95 -101.31 -32.01
CA ILE ZA 126 -93.88 -102.45 -31.93
C ILE ZA 126 -93.27 -103.71 -32.57
N LYS ZA 127 -93.18 -104.78 -31.77
CA LYS ZA 127 -92.58 -106.06 -32.09
C LYS ZA 127 -93.44 -107.23 -31.59
N MET ZA 128 -93.15 -108.39 -32.16
CA MET ZA 128 -93.63 -109.70 -31.75
C MET ZA 128 -92.44 -110.67 -31.66
N LEU ZA 129 -92.35 -111.42 -30.57
CA LEU ZA 129 -91.29 -112.39 -30.28
C LEU ZA 129 -91.91 -113.69 -29.81
N TYR ZA 130 -91.20 -114.80 -30.00
CA TYR ZA 130 -91.56 -116.04 -29.34
C TYR ZA 130 -90.32 -116.87 -28.98
N ARG ZA 131 -90.45 -117.78 -28.02
CA ARG ZA 131 -89.45 -118.80 -27.71
C ARG ZA 131 -90.07 -120.05 -27.14
N PHE ZA 132 -89.35 -121.15 -27.21
CA PHE ZA 132 -89.66 -122.37 -26.47
C PHE ZA 132 -88.86 -122.39 -25.17
N VAL ZA 133 -89.48 -122.82 -24.07
CA VAL ZA 133 -88.91 -122.91 -22.72
C VAL ZA 133 -89.06 -124.34 -22.22
N SER ZA 134 -88.02 -124.87 -21.56
CA SER ZA 134 -88.01 -126.24 -21.04
C SER ZA 134 -87.22 -126.32 -19.73
N GLY ZA 135 -87.92 -126.40 -18.60
CA GLY ZA 135 -87.28 -126.31 -17.27
C GLY ZA 135 -86.64 -124.92 -17.08
N ASN ZA 136 -85.33 -124.86 -16.92
CA ASN ZA 136 -84.56 -123.61 -16.91
C ASN ZA 136 -84.12 -123.15 -18.31
N SER ZA 137 -83.89 -124.07 -19.24
CA SER ZA 137 -83.42 -123.74 -20.58
C SER ZA 137 -84.51 -123.10 -21.44
N SER ZA 138 -84.10 -122.41 -22.51
CA SER ZA 138 -84.99 -121.98 -23.59
C SER ZA 138 -84.26 -121.94 -24.93
N SER ZA 139 -84.98 -121.87 -26.05
CA SER ZA 139 -84.38 -121.32 -27.27
C SER ZA 139 -84.02 -119.85 -27.04
N GLU ZA 140 -83.29 -119.24 -27.98
CA GLU ZA 140 -83.25 -117.79 -28.08
C GLU ZA 140 -84.67 -117.23 -28.36
N TRP ZA 141 -84.90 -115.97 -28.03
CA TRP ZA 141 -86.04 -115.23 -28.56
C TRP ZA 141 -85.95 -115.14 -30.07
N GLN ZA 142 -86.94 -115.68 -30.76
CA GLN ZA 142 -87.10 -115.59 -32.20
C GLN ZA 142 -87.93 -114.35 -32.51
N PHE ZA 143 -87.25 -113.29 -32.92
CA PHE ZA 143 -87.90 -112.02 -33.27
C PHE ZA 143 -88.69 -112.21 -34.57
N ILE ZA 144 -89.95 -111.76 -34.64
CA ILE ZA 144 -90.73 -111.71 -35.88
C ILE ZA 144 -90.76 -110.27 -36.40
N GLN ZA 145 -90.21 -110.02 -37.59
CA GLN ZA 145 -90.18 -108.67 -38.15
C GLN ZA 145 -91.49 -108.35 -38.87
N GLY ZA 146 -92.01 -107.13 -38.69
CA GLY ZA 146 -93.22 -106.66 -39.33
C GLY ZA 146 -93.00 -105.47 -40.25
N LEU ZA 147 -93.88 -105.32 -41.24
CA LEU ZA 147 -93.92 -104.16 -42.14
C LEU ZA 147 -95.14 -103.26 -41.78
N PRO ZA 148 -94.91 -102.02 -41.33
CA PRO ZA 148 -95.99 -101.13 -40.91
C PRO ZA 148 -96.87 -100.81 -42.12
N SER ZA 149 -98.14 -101.17 -42.01
CA SER ZA 149 -99.11 -101.13 -43.13
C SER ZA 149 -98.58 -101.78 -44.42
N ASN ZA 150 -97.75 -102.85 -44.33
CA ASN ZA 150 -97.16 -103.52 -45.50
C ASN ZA 150 -96.27 -102.57 -46.33
N LYS ZA 151 -95.49 -101.70 -45.65
CA LYS ZA 151 -94.49 -100.78 -46.23
C LYS ZA 151 -93.17 -100.86 -45.44
N ASN ZA 152 -92.05 -100.51 -46.06
CA ASN ZA 152 -90.75 -100.44 -45.41
C ASN ZA 152 -90.68 -99.24 -44.46
N ALA ZA 153 -90.08 -99.46 -43.28
CA ALA ZA 153 -89.90 -98.43 -42.26
C ALA ZA 153 -88.83 -97.41 -42.64
N VAL ZA 154 -88.94 -96.18 -42.11
CA VAL ZA 154 -88.05 -95.03 -42.41
C VAL ZA 154 -87.17 -94.68 -41.20
N ILE ZA 155 -85.87 -94.46 -41.38
CA ILE ZA 155 -84.94 -93.99 -40.34
C ILE ZA 155 -84.21 -92.72 -40.82
N SER ZA 156 -83.95 -91.78 -39.90
CA SER ZA 156 -83.28 -90.51 -40.22
C SER ZA 156 -82.65 -89.86 -38.98
N GLY ZA 157 -81.73 -88.91 -39.19
CA GLY ZA 157 -81.10 -88.12 -38.11
C GLY ZA 157 -80.01 -88.84 -37.31
N THR ZA 158 -79.54 -90.01 -37.74
CA THR ZA 158 -78.52 -90.82 -37.06
C THR ZA 158 -77.43 -91.20 -38.04
N ASN ZA 159 -76.27 -91.60 -37.53
CA ASN ZA 159 -75.27 -92.27 -38.33
C ASN ZA 159 -75.86 -93.61 -38.78
N ILE ZA 160 -75.81 -93.91 -40.07
CA ILE ZA 160 -76.35 -95.16 -40.61
C ILE ZA 160 -75.62 -96.39 -40.04
N LEU ZA 161 -74.36 -96.26 -39.61
CA LEU ZA 161 -73.56 -97.35 -39.03
C LEU ZA 161 -73.89 -97.67 -37.58
N ASP ZA 162 -74.70 -96.84 -36.91
CA ASP ZA 162 -75.28 -97.19 -35.62
C ASP ZA 162 -76.49 -98.14 -35.75
N ILE ZA 163 -77.07 -98.26 -36.95
CA ILE ZA 163 -78.10 -99.25 -37.21
C ILE ZA 163 -77.48 -100.64 -37.04
N ALA ZA 164 -78.10 -101.52 -36.24
CA ALA ZA 164 -77.59 -102.86 -35.93
C ALA ZA 164 -78.65 -103.99 -36.00
N SER ZA 165 -79.95 -103.65 -36.05
CA SER ZA 165 -81.05 -104.61 -36.21
C SER ZA 165 -81.21 -105.03 -37.69
N PRO ZA 166 -81.05 -106.31 -38.05
CA PRO ZA 166 -81.29 -106.76 -39.41
C PRO ZA 166 -82.66 -106.37 -39.93
N GLY ZA 167 -82.74 -105.88 -41.16
CA GLY ZA 167 -83.99 -105.52 -41.82
C GLY ZA 167 -83.81 -104.53 -42.97
N VAL ZA 168 -84.94 -104.16 -43.57
CA VAL ZA 168 -84.99 -103.26 -44.71
C VAL ZA 168 -85.68 -101.96 -44.35
N TYR ZA 169 -84.96 -100.85 -44.51
CA TYR ZA 169 -85.38 -99.53 -44.08
C TYR ZA 169 -85.10 -98.52 -45.18
N PHE ZA 170 -86.01 -97.57 -45.40
CA PHE ZA 170 -85.64 -96.37 -46.13
C PHE ZA 170 -84.81 -95.48 -45.20
N VAL ZA 171 -83.73 -94.89 -45.71
CA VAL ZA 171 -82.83 -94.01 -44.93
C VAL ZA 171 -82.69 -92.65 -45.60
N MET ZA 172 -82.72 -91.57 -44.83
CA MET ZA 172 -82.61 -90.20 -45.35
C MET ZA 172 -82.07 -89.25 -44.27
N GLY ZA 173 -81.40 -88.17 -44.69
CA GLY ZA 173 -80.90 -87.13 -43.77
C GLY ZA 173 -79.85 -87.59 -42.74
N MET ZA 174 -79.16 -88.70 -43.00
CA MET ZA 174 -78.28 -89.38 -42.04
C MET ZA 174 -77.05 -88.55 -41.70
N THR ZA 175 -76.61 -88.62 -40.43
CA THR ZA 175 -75.55 -87.74 -39.84
C THR ZA 175 -74.12 -88.25 -40.00
N GLY ZA 176 -73.94 -89.33 -40.76
CA GLY ZA 176 -72.65 -89.92 -41.08
C GLY ZA 176 -72.77 -91.35 -41.61
N GLY ZA 177 -71.70 -91.85 -42.24
CA GLY ZA 177 -71.63 -93.21 -42.75
C GLY ZA 177 -72.38 -93.49 -44.06
N MET ZA 178 -73.10 -92.54 -44.65
CA MET ZA 178 -73.62 -92.69 -46.03
C MET ZA 178 -72.45 -92.73 -47.03
N PRO ZA 179 -72.60 -93.39 -48.19
CA PRO ZA 179 -71.74 -93.11 -49.32
C PRO ZA 179 -71.81 -91.61 -49.66
N SER ZA 180 -70.70 -90.99 -50.06
CA SER ZA 180 -70.79 -89.68 -50.72
C SER ZA 180 -71.60 -89.81 -52.03
N GLY ZA 181 -72.31 -88.75 -52.44
CA GLY ZA 181 -73.19 -88.78 -53.62
C GLY ZA 181 -74.53 -89.49 -53.42
N VAL ZA 182 -74.89 -89.80 -52.17
CA VAL ZA 182 -76.19 -90.37 -51.80
C VAL ZA 182 -76.82 -89.57 -50.66
N SER ZA 183 -78.10 -89.27 -50.79
CA SER ZA 183 -78.87 -88.50 -49.80
C SER ZA 183 -80.02 -89.30 -49.19
N SER ZA 184 -80.62 -90.22 -49.96
CA SER ZA 184 -81.67 -91.13 -49.47
C SER ZA 184 -81.74 -92.41 -50.30
N GLY ZA 185 -82.36 -93.45 -49.75
CA GLY ZA 185 -82.27 -94.79 -50.33
C GLY ZA 185 -82.94 -95.87 -49.50
N PHE ZA 186 -82.80 -97.12 -49.93
CA PHE ZA 186 -83.16 -98.29 -49.15
C PHE ZA 186 -81.90 -98.95 -48.62
N LEU ZA 187 -81.76 -98.99 -47.31
CA LEU ZA 187 -80.81 -99.83 -46.61
C LEU ZA 187 -81.43 -101.23 -46.43
N ASP ZA 188 -80.71 -102.25 -46.83
CA ASP ZA 188 -80.92 -103.62 -46.35
C ASP ZA 188 -79.71 -104.02 -45.50
N LEU ZA 189 -79.98 -104.39 -44.26
CA LEU ZA 189 -78.95 -104.77 -43.29
C LEU ZA 189 -79.13 -106.23 -42.84
N SER ZA 190 -78.03 -106.98 -42.86
CA SER ZA 190 -77.92 -108.33 -42.32
C SER ZA 190 -76.78 -108.38 -41.29
N VAL ZA 191 -77.01 -109.01 -40.14
CA VAL ZA 191 -76.06 -109.11 -39.02
C VAL ZA 191 -76.10 -110.50 -38.42
N ASP ZA 192 -74.98 -111.15 -38.15
CA ASP ZA 192 -74.96 -112.45 -37.48
C ASP ZA 192 -74.80 -112.36 -35.95
N ALA ZA 193 -74.89 -113.50 -35.27
CA ALA ZA 193 -74.62 -113.63 -33.84
C ALA ZA 193 -73.16 -113.39 -33.40
N ASN ZA 194 -72.24 -113.00 -34.30
CA ASN ZA 194 -70.87 -112.61 -34.01
C ASN ZA 194 -70.54 -111.20 -34.55
N ASP ZA 195 -71.56 -110.42 -34.91
CA ASP ZA 195 -71.41 -109.07 -35.45
C ASP ZA 195 -70.61 -108.98 -36.75
N ASN ZA 196 -70.57 -110.06 -37.53
CA ASN ZA 196 -70.40 -109.90 -38.96
C ASN ZA 196 -71.60 -109.12 -39.48
N ARG ZA 197 -71.41 -108.29 -40.50
CA ARG ZA 197 -72.52 -107.59 -41.15
C ARG ZA 197 -72.34 -107.46 -42.63
N LEU ZA 198 -73.46 -107.44 -43.34
CA LEU ZA 198 -73.58 -106.93 -44.68
C LEU ZA 198 -74.59 -105.77 -44.65
N ALA ZA 199 -74.19 -104.60 -45.11
CA ALA ZA 199 -75.10 -103.54 -45.47
C ALA ZA 199 -75.07 -103.35 -46.98
N ARG ZA 200 -76.23 -103.39 -47.60
CA ARG ZA 200 -76.43 -102.93 -48.97
C ARG ZA 200 -77.27 -101.66 -48.89
N LEU ZA 201 -76.85 -100.61 -49.55
CA LEU ZA 201 -77.63 -99.38 -49.69
C LEU ZA 201 -77.82 -99.07 -51.17
N THR ZA 202 -79.07 -98.88 -51.59
CA THR ZA 202 -79.39 -98.41 -52.94
C THR ZA 202 -79.87 -96.98 -52.86
N ASP ZA 203 -79.22 -96.09 -53.61
CA ASP ZA 203 -79.64 -94.70 -53.76
C ASP ZA 203 -81.00 -94.59 -54.45
N ALA ZA 204 -81.98 -93.97 -53.80
CA ALA ZA 204 -83.32 -93.79 -54.34
C ALA ZA 204 -83.34 -92.96 -55.63
N GLU ZA 205 -82.35 -92.10 -55.84
CA GLU ZA 205 -82.36 -91.17 -56.95
C GLU ZA 205 -81.92 -91.83 -58.26
N THR ZA 206 -80.79 -92.54 -58.24
CA THR ZA 206 -80.17 -93.15 -59.43
C THR ZA 206 -80.40 -94.64 -59.54
N GLY ZA 207 -80.82 -95.30 -58.45
CA GLY ZA 207 -80.90 -96.77 -58.41
C GLY ZA 207 -79.53 -97.44 -58.33
N LYS ZA 208 -78.44 -96.68 -58.06
CA LYS ZA 208 -77.11 -97.26 -57.83
C LYS ZA 208 -77.02 -97.97 -56.49
N GLU ZA 209 -76.52 -99.19 -56.54
CA GLU ZA 209 -76.17 -99.96 -55.37
C GLU ZA 209 -74.82 -99.54 -54.81
N TYR ZA 210 -74.74 -99.59 -53.48
CA TYR ZA 210 -73.54 -99.45 -52.70
C TYR ZA 210 -73.53 -100.56 -51.67
N THR ZA 211 -72.36 -101.10 -51.37
CA THR ZA 211 -72.23 -102.19 -50.39
C THR ZA 211 -71.12 -101.91 -49.40
N SER ZA 212 -71.33 -102.27 -48.14
CA SER ZA 212 -70.35 -102.20 -47.06
C SER ZA 212 -70.48 -103.43 -46.15
N ILE ZA 213 -69.36 -103.91 -45.62
CA ILE ZA 213 -69.29 -105.10 -44.76
C ILE ZA 213 -68.56 -104.77 -43.47
N LYS ZA 214 -68.79 -105.59 -42.45
CA LYS ZA 214 -68.07 -105.50 -41.18
C LYS ZA 214 -67.69 -106.91 -40.69
N LYS ZA 215 -66.49 -107.02 -40.12
CA LYS ZA 215 -65.98 -108.21 -39.43
C LYS ZA 215 -66.11 -108.06 -37.91
N PRO ZA 216 -66.06 -109.13 -37.11
CA PRO ZA 216 -66.35 -109.06 -35.67
C PRO ZA 216 -65.49 -108.02 -34.95
N THR ZA 217 -64.18 -108.03 -35.20
CA THR ZA 217 -63.22 -107.10 -34.60
C THR ZA 217 -63.03 -105.79 -35.38
N GLY ZA 218 -63.43 -105.72 -36.66
CA GLY ZA 218 -63.34 -104.50 -37.48
C GLY ZA 218 -64.57 -103.61 -37.35
N THR ZA 219 -64.48 -102.35 -37.73
CA THR ZA 219 -65.68 -101.52 -38.03
C THR ZA 219 -66.12 -101.74 -39.47
N TYR ZA 220 -67.23 -101.12 -39.90
CA TYR ZA 220 -67.63 -101.16 -41.31
C TYR ZA 220 -66.55 -100.64 -42.25
N THR ZA 221 -66.43 -101.28 -43.42
CA THR ZA 221 -65.65 -100.75 -44.54
C THR ZA 221 -66.27 -99.47 -45.09
N ALA ZA 222 -65.46 -98.70 -45.81
CA ALA ZA 222 -66.01 -97.73 -46.75
C ALA ZA 222 -66.90 -98.41 -47.81
N TRP ZA 223 -67.84 -97.65 -48.36
CA TRP ZA 223 -68.75 -98.12 -49.39
C TRP ZA 223 -68.02 -98.43 -50.67
N LYS ZA 224 -68.41 -99.54 -51.29
CA LYS ZA 224 -68.07 -99.87 -52.67
C LYS ZA 224 -69.31 -99.59 -53.51
N LYS ZA 225 -69.17 -98.77 -54.56
CA LYS ZA 225 -70.19 -98.58 -55.60
C LYS ZA 225 -70.25 -99.85 -56.48
N GLU ZA 226 -71.39 -100.11 -57.10
CA GLU ZA 226 -71.49 -100.99 -58.29
C GLU ZA 226 -70.51 -100.55 -59.42
N PHE ZA 227 -70.47 -101.26 -60.55
CA PHE ZA 227 -69.57 -100.92 -61.67
C PHE ZA 227 -70.33 -100.39 -62.90
N GLU ZA 228 -69.80 -99.36 -63.56
CA GLU ZA 228 -70.39 -98.73 -64.76
C GLU ZA 228 -69.26 -98.33 -65.75
N PRO ZA 229 -69.47 -98.29 -67.09
CA PRO ZA 229 -68.42 -97.98 -68.07
C PRO ZA 229 -67.64 -96.69 -67.82
N LYS ZA 230 -68.24 -95.69 -67.18
CA LYS ZA 230 -67.55 -94.44 -66.83
C LYS ZA 230 -66.35 -94.67 -65.90
N ASP ZA 231 -66.36 -95.72 -65.10
CA ASP ZA 231 -65.28 -96.13 -64.20
C ASP ZA 231 -64.03 -96.65 -64.94
N MET ZA 232 -64.17 -97.00 -66.22
CA MET ZA 232 -63.07 -97.38 -67.13
C MET ZA 232 -62.43 -96.17 -67.83
N GLU ZA 233 -63.01 -94.98 -67.76
CA GLU ZA 233 -62.48 -93.81 -68.49
C GLU ZA 233 -61.07 -93.36 -68.00
N LYS ZA 234 -60.62 -93.87 -66.86
CA LYS ZA 234 -59.24 -93.78 -66.36
C LYS ZA 234 -58.19 -94.49 -67.25
N TYR ZA 235 -58.61 -95.29 -68.23
CA TYR ZA 235 -57.70 -96.19 -68.95
C TYR ZA 235 -57.92 -96.24 -70.47
N LEU ZA 236 -59.15 -96.15 -70.95
CA LEU ZA 236 -59.50 -96.38 -72.35
C LEU ZA 236 -58.77 -95.47 -73.34
N LEU ZA 237 -58.47 -95.96 -74.57
CA LEU ZA 237 -58.09 -95.09 -75.68
C LEU ZA 237 -59.11 -94.00 -75.98
N SER ZA 238 -60.37 -94.24 -75.64
CA SER ZA 238 -61.53 -93.41 -75.98
C SER ZA 238 -62.13 -92.84 -74.70
N SER ZA 239 -62.66 -91.63 -74.78
CA SER ZA 239 -63.62 -91.11 -73.80
C SER ZA 239 -65.04 -91.64 -74.06
N ILE ZA 240 -65.90 -91.69 -73.06
CA ILE ZA 240 -67.31 -92.03 -73.26
C ILE ZA 240 -68.13 -90.76 -73.05
N ARG ZA 241 -68.80 -90.27 -74.09
CA ARG ZA 241 -69.75 -89.16 -74.01
C ARG ZA 241 -70.96 -89.54 -73.16
N ASP ZA 242 -71.74 -88.57 -72.71
CA ASP ZA 242 -72.89 -88.80 -71.81
C ASP ZA 242 -74.08 -89.57 -72.43
N ASP ZA 243 -74.10 -89.79 -73.74
CA ASP ZA 243 -74.99 -90.71 -74.45
C ASP ZA 243 -74.35 -92.10 -74.66
N GLY ZA 244 -73.20 -92.38 -74.06
CA GLY ZA 244 -72.44 -93.59 -74.25
C GLY ZA 244 -71.62 -93.65 -75.55
N SER ZA 245 -71.65 -92.60 -76.40
CA SER ZA 245 -70.84 -92.60 -77.63
C SER ZA 245 -69.34 -92.46 -77.34
N ALA ZA 246 -68.51 -93.11 -78.15
CA ALA ZA 246 -67.06 -93.06 -78.02
C ALA ZA 246 -66.47 -91.80 -78.71
N SER ZA 247 -65.46 -91.16 -78.12
CA SER ZA 247 -64.69 -90.08 -78.76
C SER ZA 247 -63.23 -90.08 -78.29
N PHE ZA 248 -62.38 -89.19 -78.80
CA PHE ZA 248 -61.02 -89.04 -78.27
C PHE ZA 248 -61.01 -88.33 -76.91
N PRO ZA 249 -60.23 -88.80 -75.93
CA PRO ZA 249 -60.08 -88.16 -74.64
C PRO ZA 249 -59.30 -86.85 -74.73
N LEU ZA 250 -58.56 -86.61 -75.83
CA LEU ZA 250 -57.90 -85.34 -76.12
C LEU ZA 250 -58.29 -84.80 -77.52
N LEU ZA 251 -58.69 -83.54 -77.56
CA LEU ZA 251 -58.96 -82.74 -78.76
C LEU ZA 251 -58.21 -81.42 -78.58
N VAL ZA 252 -57.50 -80.94 -79.62
CA VAL ZA 252 -56.70 -79.71 -79.56
C VAL ZA 252 -56.98 -78.84 -80.78
N TYR ZA 253 -57.38 -77.60 -80.54
CA TYR ZA 253 -57.79 -76.64 -81.57
C TYR ZA 253 -56.92 -75.39 -81.51
N THR ZA 254 -56.65 -74.75 -82.66
CA THR ZA 254 -55.78 -73.55 -82.72
C THR ZA 254 -56.31 -72.41 -81.86
N SER ZA 255 -57.63 -72.36 -81.69
CA SER ZA 255 -58.32 -71.45 -80.79
C SER ZA 255 -57.94 -71.65 -79.32
N ASP ZA 256 -57.42 -72.81 -78.94
CA ASP ZA 256 -57.02 -73.08 -77.55
C ASP ZA 256 -55.76 -72.30 -77.12
N SER ZA 257 -54.94 -71.83 -78.07
CA SER ZA 257 -53.68 -71.15 -77.78
C SER ZA 257 -52.79 -71.93 -76.81
N LYS ZA 258 -52.74 -73.25 -76.98
CA LYS ZA 258 -51.83 -74.16 -76.29
C LYS ZA 258 -51.00 -74.92 -77.30
N THR ZA 259 -49.75 -75.20 -76.96
CA THR ZA 259 -48.95 -76.13 -77.77
C THR ZA 259 -49.50 -77.55 -77.67
N PHE ZA 260 -49.21 -78.38 -78.67
CA PHE ZA 260 -49.52 -79.81 -78.59
C PHE ZA 260 -48.93 -80.43 -77.33
N GLN ZA 261 -47.68 -80.09 -77.03
CA GLN ZA 261 -46.98 -80.53 -75.84
C GLN ZA 261 -47.75 -80.16 -74.57
N GLN ZA 262 -48.21 -78.91 -74.42
CA GLN ZA 262 -48.93 -78.53 -73.22
C GLN ZA 262 -50.32 -79.19 -73.14
N ALA ZA 263 -51.00 -79.37 -74.27
CA ALA ZA 263 -52.26 -80.08 -74.28
C ALA ZA 263 -52.08 -81.52 -73.75
N ILE ZA 264 -51.02 -82.20 -74.17
CA ILE ZA 264 -50.64 -83.54 -73.67
C ILE ZA 264 -50.42 -83.50 -72.15
N ILE ZA 265 -49.54 -82.61 -71.67
CA ILE ZA 265 -49.18 -82.50 -70.24
C ILE ZA 265 -50.41 -82.19 -69.37
N ASP ZA 266 -51.23 -81.22 -69.77
CA ASP ZA 266 -52.50 -80.95 -69.11
C ASP ZA 266 -53.38 -82.21 -69.07
N HIS ZA 267 -53.49 -82.92 -70.20
CA HIS ZA 267 -54.31 -84.10 -70.28
C HIS ZA 267 -53.87 -85.21 -69.31
N ILE ZA 268 -52.56 -85.47 -69.22
CA ILE ZA 268 -51.99 -86.47 -68.28
C ILE ZA 268 -52.14 -86.01 -66.83
N ASP ZA 269 -51.82 -84.75 -66.52
CA ASP ZA 269 -51.99 -84.21 -65.17
C ASP ZA 269 -53.45 -84.32 -64.70
N ARG ZA 270 -54.41 -84.01 -65.58
CA ARG ZA 270 -55.85 -84.07 -65.28
C ARG ZA 270 -56.35 -85.51 -65.08
N THR ZA 271 -56.05 -86.39 -66.03
CA THR ZA 271 -56.70 -87.73 -66.09
C THR ZA 271 -55.88 -88.87 -65.49
N GLY ZA 272 -54.55 -88.75 -65.43
CA GLY ZA 272 -53.67 -89.89 -65.11
C GLY ZA 272 -53.64 -90.98 -66.19
N GLN ZA 273 -54.25 -90.75 -67.36
CA GLN ZA 273 -54.05 -91.62 -68.52
C GLN ZA 273 -52.60 -91.55 -68.99
N THR ZA 274 -52.07 -92.67 -69.48
CA THR ZA 274 -50.69 -92.78 -70.00
C THR ZA 274 -50.69 -93.03 -71.51
N THR ZA 275 -51.64 -93.82 -72.00
CA THR ZA 275 -51.84 -94.13 -73.41
C THR ZA 275 -53.22 -93.68 -73.83
N PHE ZA 276 -53.32 -92.85 -74.87
CA PHE ZA 276 -54.60 -92.29 -75.30
C PHE ZA 276 -54.54 -91.79 -76.74
N THR ZA 277 -55.70 -91.72 -77.39
CA THR ZA 277 -55.81 -91.09 -78.71
C THR ZA 277 -56.00 -89.58 -78.60
N PHE ZA 278 -55.75 -88.87 -79.70
CA PHE ZA 278 -55.93 -87.42 -79.81
C PHE ZA 278 -56.34 -86.96 -81.22
N TYR ZA 279 -56.98 -85.80 -81.31
CA TYR ZA 279 -57.09 -85.00 -82.53
C TYR ZA 279 -56.37 -83.66 -82.33
N VAL ZA 280 -55.64 -83.21 -83.34
CA VAL ZA 280 -55.00 -81.89 -83.37
C VAL ZA 280 -55.42 -81.16 -84.64
N GLN ZA 281 -55.86 -79.91 -84.51
CA GLN ZA 281 -56.18 -79.07 -85.66
C GLN ZA 281 -54.93 -78.62 -86.42
N GLY ZA 282 -55.05 -78.47 -87.73
CA GLY ZA 282 -54.00 -77.87 -88.53
C GLY ZA 282 -53.59 -76.48 -88.05
N GLY ZA 283 -52.29 -76.18 -87.98
CA GLY ZA 283 -51.75 -74.90 -87.50
C GLY ZA 283 -51.35 -74.88 -86.01
N VAL ZA 284 -51.74 -75.86 -85.18
CA VAL ZA 284 -51.42 -75.86 -83.73
C VAL ZA 284 -49.90 -75.92 -83.55
N SER ZA 285 -49.36 -75.06 -82.67
CA SER ZA 285 -47.93 -74.98 -82.39
C SER ZA 285 -47.41 -76.25 -81.72
N GLY ZA 286 -46.22 -76.68 -82.13
CA GLY ZA 286 -45.68 -77.98 -81.76
C GLY ZA 286 -46.47 -79.21 -82.26
N SER ZA 287 -47.48 -79.03 -83.12
CA SER ZA 287 -48.18 -80.17 -83.75
C SER ZA 287 -47.19 -81.06 -84.49
N PRO ZA 288 -47.47 -82.37 -84.58
CA PRO ZA 288 -46.73 -83.28 -85.45
C PRO ZA 288 -46.69 -82.86 -86.93
N MET ZA 289 -47.71 -82.14 -87.42
CA MET ZA 289 -47.77 -81.73 -88.83
C MET ZA 289 -48.64 -80.49 -89.05
N SER ZA 290 -48.51 -79.90 -90.24
CA SER ZA 290 -49.21 -78.67 -90.63
C SER ZA 290 -50.72 -78.87 -90.73
N ASN ZA 291 -51.16 -79.95 -91.38
CA ASN ZA 291 -52.59 -80.28 -91.51
C ASN ZA 291 -53.20 -80.78 -90.19
N SER ZA 292 -54.53 -80.85 -90.14
CA SER ZA 292 -55.23 -81.57 -89.07
C SER ZA 292 -54.81 -83.04 -89.05
N CYS ZA 293 -54.65 -83.60 -87.86
CA CYS ZA 293 -54.19 -84.96 -87.69
C CYS ZA 293 -54.84 -85.65 -86.48
N ARG ZA 294 -54.91 -86.97 -86.57
CA ARG ZA 294 -55.38 -87.87 -85.52
C ARG ZA 294 -54.24 -88.82 -85.19
N GLY ZA 295 -54.13 -89.22 -83.93
CA GLY ZA 295 -52.97 -90.02 -83.52
C GLY ZA 295 -53.10 -90.67 -82.15
N LEU ZA 296 -52.06 -91.41 -81.81
CA LEU ZA 296 -51.89 -92.16 -80.56
C LEU ZA 296 -50.64 -91.65 -79.83
N PHE ZA 297 -50.81 -91.31 -78.56
CA PHE ZA 297 -49.72 -91.06 -77.63
C PHE ZA 297 -49.57 -92.29 -76.73
N MET ZA 298 -48.34 -92.77 -76.53
CA MET ZA 298 -48.04 -93.93 -75.68
C MET ZA 298 -47.05 -93.56 -74.58
N SER ZA 299 -47.37 -93.96 -73.36
CA SER ZA 299 -46.46 -93.94 -72.21
C SER ZA 299 -46.93 -94.92 -71.13
N ASP ZA 300 -46.03 -95.23 -70.19
CA ASP ZA 300 -46.24 -96.24 -69.13
C ASP ZA 300 -46.33 -95.67 -67.72
N THR ZA 301 -46.06 -94.37 -67.57
CA THR ZA 301 -45.94 -93.68 -66.28
C THR ZA 301 -46.44 -92.25 -66.43
N PRO ZA 302 -47.48 -91.83 -65.68
CA PRO ZA 302 -47.99 -90.46 -65.73
C PRO ZA 302 -47.12 -89.56 -64.84
N ASN ZA 303 -45.90 -89.25 -65.29
CA ASN ZA 303 -45.03 -88.27 -64.66
C ASN ZA 303 -44.77 -87.14 -65.66
N THR ZA 304 -45.31 -85.95 -65.44
CA THR ZA 304 -45.22 -84.80 -66.36
C THR ZA 304 -43.98 -83.93 -66.13
N SER ZA 305 -43.30 -84.06 -64.98
CA SER ZA 305 -42.01 -83.41 -64.73
C SER ZA 305 -40.84 -84.08 -65.45
N SER ZA 306 -40.99 -85.34 -65.87
CA SER ZA 306 -39.99 -86.13 -66.60
C SER ZA 306 -40.61 -87.11 -67.60
N LEU ZA 307 -41.49 -86.59 -68.46
CA LEU ZA 307 -42.35 -87.40 -69.30
C LEU ZA 307 -41.54 -88.17 -70.32
N HIS ZA 308 -41.77 -89.47 -70.33
CA HIS ZA 308 -41.20 -90.40 -71.28
C HIS ZA 308 -42.33 -91.04 -72.11
N GLY ZA 309 -42.26 -90.90 -73.42
CA GLY ZA 309 -43.34 -91.30 -74.33
C GLY ZA 309 -43.05 -91.11 -75.81
N VAL ZA 310 -43.97 -91.56 -76.65
CA VAL ZA 310 -43.90 -91.46 -78.11
C VAL ZA 310 -45.28 -91.21 -78.69
N TYR ZA 311 -45.33 -90.64 -79.90
CA TYR ZA 311 -46.58 -90.48 -80.64
C TYR ZA 311 -46.43 -90.88 -82.09
N ASN ZA 312 -47.52 -91.40 -82.63
CA ASN ZA 312 -47.71 -91.65 -84.05
C ASN ZA 312 -48.95 -90.86 -84.49
N ALA ZA 313 -48.87 -90.13 -85.60
CA ALA ZA 313 -49.96 -89.30 -86.11
C ALA ZA 313 -50.14 -89.47 -87.63
N ILE ZA 314 -51.39 -89.38 -88.09
CA ILE ZA 314 -51.76 -89.44 -89.51
C ILE ZA 314 -52.58 -88.20 -89.88
N GLY ZA 315 -52.25 -87.59 -91.02
CA GLY ZA 315 -52.89 -86.38 -91.53
C GLY ZA 315 -54.22 -86.66 -92.25
N THR ZA 316 -54.83 -85.61 -92.78
CA THR ZA 316 -55.95 -85.72 -93.73
C THR ZA 316 -55.52 -86.14 -95.14
N ASP ZA 317 -54.23 -86.05 -95.48
CA ASP ZA 317 -53.66 -86.59 -96.74
C ASP ZA 317 -53.03 -87.98 -96.57
N GLY ZA 318 -53.13 -88.55 -95.38
CA GLY ZA 318 -52.53 -89.85 -95.06
C GLY ZA 318 -51.03 -89.80 -94.77
N ARG ZA 319 -50.36 -88.64 -94.74
CA ARG ZA 319 -48.93 -88.60 -94.36
C ARG ZA 319 -48.73 -89.19 -92.98
N ASN ZA 320 -47.61 -89.87 -92.75
CA ASN ZA 320 -47.27 -90.39 -91.43
C ASN ZA 320 -46.15 -89.58 -90.77
N VAL ZA 321 -46.32 -89.26 -89.49
CA VAL ZA 321 -45.33 -88.59 -88.66
C VAL ZA 321 -45.16 -89.33 -87.34
N THR ZA 322 -43.93 -89.49 -86.88
CA THR ZA 322 -43.62 -90.03 -85.55
C THR ZA 322 -42.70 -89.12 -84.77
N GLY ZA 323 -42.79 -89.17 -83.45
CA GLY ZA 323 -41.88 -88.44 -82.57
C GLY ZA 323 -41.98 -88.91 -81.12
N SER ZA 324 -41.17 -88.29 -80.26
CA SER ZA 324 -40.92 -88.76 -78.89
C SER ZA 324 -40.79 -87.61 -77.87
N VAL ZA 325 -41.00 -87.97 -76.60
CA VAL ZA 325 -40.67 -87.13 -75.45
C VAL ZA 325 -39.85 -87.95 -74.45
N VAL ZA 326 -38.77 -87.40 -73.93
CA VAL ZA 326 -37.70 -88.15 -73.21
C VAL ZA 326 -37.14 -87.36 -72.02
N GLY ZA 327 -37.83 -87.42 -70.88
CA GLY ZA 327 -37.55 -86.53 -69.76
C GLY ZA 327 -38.13 -85.14 -70.03
N SER ZA 328 -39.37 -85.11 -70.52
CA SER ZA 328 -40.12 -83.92 -70.99
C SER ZA 328 -39.53 -83.15 -72.18
N ASN ZA 329 -38.27 -83.38 -72.55
CA ASN ZA 329 -37.72 -82.87 -73.80
C ASN ZA 329 -38.39 -83.55 -75.01
N TRP ZA 330 -38.78 -82.76 -76.02
CA TRP ZA 330 -39.50 -83.19 -77.22
C TRP ZA 330 -38.56 -83.21 -78.43
N THR ZA 331 -38.60 -84.29 -79.20
CA THR ZA 331 -37.77 -84.44 -80.41
C THR ZA 331 -38.42 -83.87 -81.67
N SER ZA 332 -37.61 -83.47 -82.65
CA SER ZA 332 -38.12 -82.96 -83.93
C SER ZA 332 -38.95 -84.05 -84.61
N PRO ZA 333 -40.19 -83.76 -85.08
CA PRO ZA 333 -41.08 -84.75 -85.69
C PRO ZA 333 -40.46 -85.31 -86.96
N LYS ZA 334 -40.48 -86.63 -87.08
CA LYS ZA 334 -39.93 -87.35 -88.22
C LYS ZA 334 -41.06 -87.62 -89.19
N THR ZA 335 -41.16 -86.84 -90.26
CA THR ZA 335 -42.10 -87.11 -91.35
C THR ZA 335 -41.55 -88.24 -92.21
N SER ZA 336 -42.33 -89.28 -92.44
CA SER ZA 336 -41.96 -90.32 -93.39
C SER ZA 336 -42.33 -89.89 -94.82
N PRO ZA 337 -41.49 -90.15 -95.83
CA PRO ZA 337 -41.90 -90.05 -97.22
C PRO ZA 337 -42.84 -91.20 -97.61
N SER ZA 338 -43.47 -91.12 -98.77
CA SER ZA 338 -44.22 -92.26 -99.34
C SER ZA 338 -44.07 -92.32 -100.85
N HIS ZA 339 -44.41 -93.46 -101.43
CA HIS ZA 339 -44.27 -93.71 -102.85
C HIS ZA 339 -45.40 -94.56 -103.42
N LYS ZA 340 -45.52 -94.56 -104.75
CA LYS ZA 340 -46.36 -95.50 -105.53
C LYS ZA 340 -45.65 -95.86 -106.84
N GLU ZA 341 -45.73 -97.10 -107.26
CA GLU ZA 341 -45.38 -97.47 -108.63
C GLU ZA 341 -46.45 -96.92 -109.59
N LEU ZA 342 -46.07 -96.02 -110.49
CA LEU ZA 342 -47.00 -95.43 -111.45
C LEU ZA 342 -47.02 -96.14 -112.77
N TRP ZA 343 -45.85 -96.60 -113.22
CA TRP ZA 343 -45.75 -97.39 -114.42
C TRP ZA 343 -44.51 -98.30 -114.41
N THR ZA 344 -44.60 -99.43 -115.12
CA THR ZA 344 -43.48 -100.35 -115.40
C THR ZA 344 -43.61 -101.00 -116.77
N GLY ZA 345 -42.47 -101.40 -117.32
CA GLY ZA 345 -42.36 -102.10 -118.60
C GLY ZA 345 -40.94 -101.99 -119.18
N ALA ZA 346 -40.83 -101.86 -120.50
CA ALA ZA 346 -39.59 -101.65 -121.25
C ALA ZA 346 -39.86 -100.84 -122.53
N GLN ZA 347 -40.08 -99.53 -122.40
CA GLN ZA 347 -40.33 -98.63 -123.53
C GLN ZA 347 -39.01 -98.15 -124.16
N SER ZA 348 -38.76 -98.51 -125.42
CA SER ZA 348 -37.53 -98.13 -126.13
C SER ZA 348 -37.39 -96.61 -126.26
N PHE ZA 349 -36.18 -96.11 -126.10
CA PHE ZA 349 -35.84 -94.70 -126.32
C PHE ZA 349 -36.22 -94.23 -127.73
N LEU ZA 350 -36.19 -95.11 -128.72
CA LEU ZA 350 -36.56 -94.73 -130.07
C LEU ZA 350 -38.07 -94.52 -130.23
N SER ZA 351 -38.91 -95.04 -129.33
CA SER ZA 351 -40.39 -94.98 -129.40
C SER ZA 351 -40.95 -93.59 -129.07
N THR ZA 352 -40.23 -92.54 -129.43
CA THR ZA 352 -40.61 -91.14 -129.22
C THR ZA 352 -42.04 -90.88 -129.74
N GLY ZA 353 -42.82 -90.10 -129.00
CA GLY ZA 353 -44.26 -89.86 -129.24
C GLY ZA 353 -45.21 -90.89 -128.59
N THR ZA 354 -44.72 -91.94 -127.93
CA THR ZA 354 -45.57 -92.96 -127.28
C THR ZA 354 -46.03 -92.55 -125.89
N THR ZA 355 -47.35 -92.55 -125.67
CA THR ZA 355 -48.00 -92.22 -124.39
C THR ZA 355 -48.58 -93.45 -123.71
N LYS ZA 356 -48.32 -93.57 -122.41
CA LYS ZA 356 -48.76 -94.67 -121.55
C LYS ZA 356 -49.45 -94.12 -120.31
N ASN ZA 357 -50.44 -94.85 -119.80
CA ASN ZA 357 -51.14 -94.48 -118.58
C ASN ZA 357 -50.25 -94.67 -117.35
N LEU ZA 358 -50.40 -93.77 -116.39
CA LEU ZA 358 -49.93 -93.94 -115.02
C LEU ZA 358 -51.06 -94.54 -114.17
N SER ZA 359 -50.73 -95.33 -113.14
CA SER ZA 359 -51.72 -95.93 -112.23
C SER ZA 359 -52.51 -94.90 -111.40
N ASP ZA 360 -52.11 -93.63 -111.45
CA ASP ZA 360 -52.63 -92.53 -110.64
C ASP ZA 360 -52.37 -91.20 -111.36
N ASP ZA 361 -53.00 -90.10 -110.93
CA ASP ZA 361 -52.67 -88.77 -111.43
C ASP ZA 361 -51.33 -88.28 -110.88
N ILE ZA 362 -50.46 -87.81 -111.78
CA ILE ZA 362 -49.14 -87.25 -111.43
C ILE ZA 362 -49.25 -86.10 -110.39
N SER ZA 363 -50.35 -85.33 -110.40
CA SER ZA 363 -50.58 -84.24 -109.44
C SER ZA 363 -50.75 -84.72 -107.99
N ASN ZA 364 -50.92 -86.02 -107.74
CA ASN ZA 364 -50.86 -86.60 -106.39
C ASN ZA 364 -49.42 -86.73 -105.85
N TYR ZA 365 -48.42 -86.35 -106.64
CA TYR ZA 365 -47.01 -86.48 -106.29
C TYR ZA 365 -46.28 -85.14 -106.46
N SER ZA 366 -45.35 -84.84 -105.54
CA SER ZA 366 -44.51 -83.63 -105.61
C SER ZA 366 -43.11 -83.91 -106.20
N TYR ZA 367 -42.74 -85.19 -106.28
CA TYR ZA 367 -41.50 -85.69 -106.83
C TYR ZA 367 -41.74 -86.97 -107.64
N VAL ZA 368 -40.89 -87.28 -108.61
CA VAL ZA 368 -40.96 -88.49 -109.43
C VAL ZA 368 -39.59 -89.09 -109.57
N GLU ZA 369 -39.53 -90.42 -109.62
CA GLU ZA 369 -38.35 -91.12 -110.08
C GLU ZA 369 -38.65 -91.78 -111.42
N VAL ZA 370 -37.85 -91.43 -112.42
CA VAL ZA 370 -37.79 -92.15 -113.69
C VAL ZA 370 -36.68 -93.20 -113.58
N TYR ZA 371 -36.82 -94.36 -114.23
CA TYR ZA 371 -35.75 -95.35 -114.32
C TYR ZA 371 -35.42 -95.70 -115.75
N THR ZA 372 -34.13 -95.84 -116.04
CA THR ZA 372 -33.63 -96.14 -117.38
C THR ZA 372 -32.59 -97.27 -117.35
N THR ZA 373 -32.69 -98.20 -118.30
CA THR ZA 373 -31.87 -99.42 -118.37
C THR ZA 373 -31.09 -99.46 -119.70
N HIS ZA 374 -29.75 -99.51 -119.65
CA HIS ZA 374 -28.94 -99.24 -120.84
C HIS ZA 374 -27.94 -100.34 -121.19
N LYS ZA 375 -27.59 -100.42 -122.48
CA LYS ZA 375 -26.41 -101.13 -123.02
C LYS ZA 375 -25.36 -100.12 -123.49
N THR ZA 376 -24.11 -100.28 -123.07
CA THR ZA 376 -22.99 -99.43 -123.49
C THR ZA 376 -22.43 -99.81 -124.86
N THR ZA 377 -21.79 -98.86 -125.55
CA THR ZA 377 -21.26 -99.03 -126.91
C THR ZA 377 -20.34 -100.24 -127.02
N GLU ZA 378 -19.27 -100.27 -126.24
CA GLU ZA 378 -18.43 -101.46 -126.10
C GLU ZA 378 -18.85 -102.28 -124.87
N LYS ZA 379 -18.39 -103.52 -124.80
CA LYS ZA 379 -18.37 -104.31 -123.57
C LYS ZA 379 -17.19 -103.91 -122.71
N THR ZA 380 -17.29 -104.16 -121.42
CA THR ZA 380 -16.20 -104.08 -120.45
C THR ZA 380 -16.18 -105.38 -119.67
N LYS ZA 381 -15.04 -106.06 -119.62
CA LYS ZA 381 -14.96 -107.42 -119.07
C LYS ZA 381 -16.07 -108.35 -119.60
N GLY ZA 382 -16.44 -108.20 -120.87
CA GLY ZA 382 -17.46 -109.01 -121.56
C GLY ZA 382 -18.92 -108.53 -121.46
N ASN ZA 383 -19.29 -107.69 -120.49
CA ASN ZA 383 -20.67 -107.21 -120.27
C ASN ZA 383 -20.86 -105.79 -120.84
N ASP ZA 384 -22.04 -105.47 -121.35
CA ASP ZA 384 -22.42 -104.09 -121.74
C ASP ZA 384 -23.70 -103.60 -121.02
N ASN ZA 385 -24.36 -104.43 -120.21
CA ASN ZA 385 -25.51 -104.01 -119.42
C ASN ZA 385 -25.09 -103.10 -118.27
N THR ZA 386 -25.83 -102.01 -118.06
CA THR ZA 386 -25.55 -101.02 -117.02
C THR ZA 386 -26.25 -101.28 -115.69
N GLY ZA 387 -27.29 -102.11 -115.66
CA GLY ZA 387 -28.29 -102.09 -114.57
C GLY ZA 387 -29.44 -101.13 -114.89
N THR ZA 388 -30.26 -100.82 -113.90
CA THR ZA 388 -31.41 -99.91 -114.07
C THR ZA 388 -31.25 -98.72 -113.15
N ILE ZA 389 -30.95 -97.58 -113.75
CA ILE ZA 389 -30.52 -96.34 -113.10
C ILE ZA 389 -31.72 -95.46 -112.79
N CYS ZA 390 -31.72 -94.80 -111.63
CA CYS ZA 390 -32.71 -93.80 -111.25
C CYS ZA 390 -32.40 -92.39 -111.83
N HIS ZA 391 -33.44 -91.57 -112.05
CA HIS ZA 391 -33.37 -90.12 -112.22
C HIS ZA 391 -34.53 -89.52 -111.42
N LYS ZA 392 -34.23 -88.73 -110.37
CA LYS ZA 392 -35.24 -88.15 -109.46
C LYS ZA 392 -35.45 -86.67 -109.77
N PHE ZA 393 -36.71 -86.26 -109.88
CA PHE ZA 393 -37.11 -84.89 -110.17
C PHE ZA 393 -38.13 -84.39 -109.17
N TYR ZA 394 -38.02 -83.11 -108.83
CA TYR ZA 394 -39.14 -82.35 -108.30
C TYR ZA 394 -40.08 -81.96 -109.43
N LEU ZA 395 -41.39 -82.11 -109.24
CA LEU ZA 395 -42.37 -81.93 -110.32
C LEU ZA 395 -42.70 -80.44 -110.56
N ASP ZA 396 -41.74 -79.69 -111.07
CA ASP ZA 396 -41.82 -78.26 -111.36
C ASP ZA 396 -42.83 -77.86 -112.46
N GLY ZA 397 -43.44 -78.83 -113.14
CA GLY ZA 397 -44.41 -78.59 -114.22
C GLY ZA 397 -43.79 -78.41 -115.61
N SER ZA 398 -42.48 -78.67 -115.77
CA SER ZA 398 -41.81 -78.65 -117.08
C SER ZA 398 -42.49 -79.56 -118.12
N GLY ZA 399 -42.51 -79.11 -119.38
CA GLY ZA 399 -43.01 -79.92 -120.49
C GLY ZA 399 -42.10 -81.12 -120.85
N THR ZA 400 -40.84 -81.12 -120.42
CA THR ZA 400 -39.95 -82.28 -120.54
C THR ZA 400 -39.16 -82.45 -119.25
N TYR ZA 401 -39.05 -83.67 -118.76
CA TYR ZA 401 -38.08 -84.05 -117.73
C TYR ZA 401 -37.00 -84.86 -118.43
N VAL ZA 402 -35.75 -84.43 -118.27
CA VAL ZA 402 -34.65 -84.91 -119.10
C VAL ZA 402 -33.74 -85.79 -118.26
N CYS ZA 403 -33.72 -87.07 -118.61
CA CYS ZA 403 -32.75 -88.03 -118.09
C CYS ZA 403 -31.58 -88.06 -119.08
N SER ZA 404 -30.39 -87.61 -118.67
CA SER ZA 404 -29.21 -87.54 -119.52
C SER ZA 404 -27.96 -87.87 -118.71
N GLY ZA 405 -26.93 -88.37 -119.36
CA GLY ZA 405 -25.71 -88.82 -118.70
C GLY ZA 405 -24.69 -89.43 -119.66
N THR ZA 406 -23.76 -90.20 -119.11
CA THR ZA 406 -22.62 -90.76 -119.86
C THR ZA 406 -22.22 -92.15 -119.42
N PHE ZA 407 -21.64 -92.93 -120.32
CA PHE ZA 407 -20.91 -94.14 -119.97
C PHE ZA 407 -19.49 -94.15 -120.53
N VAL ZA 408 -18.59 -94.78 -119.77
CA VAL ZA 408 -17.25 -95.15 -120.21
C VAL ZA 408 -17.31 -96.64 -120.53
N SER ZA 409 -16.88 -97.10 -121.70
CA SER ZA 409 -16.97 -98.53 -122.07
C SER ZA 409 -15.75 -98.99 -122.88
N GLY ZA 410 -15.54 -100.30 -122.97
CA GLY ZA 410 -14.29 -100.89 -123.47
C GLY ZA 410 -13.37 -101.40 -122.35
N ASP ZA 411 -12.19 -101.93 -122.70
CA ASP ZA 411 -11.13 -102.37 -121.76
C ASP ZA 411 -9.78 -101.74 -122.12
N ARG ZA 412 -9.11 -101.09 -121.15
CA ARG ZA 412 -7.94 -100.24 -121.41
C ARG ZA 412 -6.70 -101.03 -121.80
N THR ZA 413 -6.03 -100.56 -122.84
CA THR ZA 413 -4.70 -100.99 -123.28
C THR ZA 413 -3.86 -99.74 -123.55
N ASP ZA 414 -2.53 -99.87 -123.73
CA ASP ZA 414 -1.63 -98.75 -124.03
C ASP ZA 414 -1.99 -98.01 -125.33
N THR ZA 415 -2.48 -98.75 -126.32
CA THR ZA 415 -2.90 -98.20 -127.61
C THR ZA 415 -4.35 -97.68 -127.57
N LYS ZA 416 -5.24 -98.31 -126.80
CA LYS ZA 416 -6.66 -97.98 -126.78
C LYS ZA 416 -7.15 -97.65 -125.38
N PRO ZA 417 -7.54 -96.40 -125.11
CA PRO ZA 417 -8.31 -96.06 -123.93
C PRO ZA 417 -9.76 -96.53 -124.09
N PRO ZA 418 -10.48 -96.76 -122.98
CA PRO ZA 418 -11.93 -96.92 -123.02
C PRO ZA 418 -12.57 -95.75 -123.77
N ILE ZA 419 -13.60 -96.03 -124.55
CA ILE ZA 419 -14.40 -94.98 -125.20
C ILE ZA 419 -15.40 -94.35 -124.22
N THR ZA 420 -15.89 -93.17 -124.57
CA THR ZA 420 -16.94 -92.45 -123.84
C THR ZA 420 -18.17 -92.25 -124.73
N GLU ZA 421 -19.36 -92.28 -124.14
CA GLU ZA 421 -20.61 -92.02 -124.84
C GLU ZA 421 -21.57 -91.23 -123.95
N PHE ZA 422 -22.50 -90.52 -124.58
CA PHE ZA 422 -23.53 -89.70 -123.96
C PHE ZA 422 -24.91 -90.28 -124.31
N TYR ZA 423 -25.91 -90.11 -123.44
CA TYR ZA 423 -27.29 -90.54 -123.71
C TYR ZA 423 -28.31 -89.51 -123.23
N ARG ZA 424 -29.54 -89.59 -123.77
CA ARG ZA 424 -30.69 -88.87 -123.22
C ARG ZA 424 -31.99 -89.63 -123.47
N VAL ZA 425 -32.94 -89.47 -122.55
CA VAL ZA 425 -34.38 -89.55 -122.83
C VAL ZA 425 -35.08 -88.35 -122.19
N GLY ZA 426 -36.03 -87.77 -122.91
CA GLY ZA 426 -36.97 -86.78 -122.40
C GLY ZA 426 -38.34 -87.43 -122.23
N VAL ZA 427 -38.91 -87.36 -121.04
CA VAL ZA 427 -40.28 -87.80 -120.75
C VAL ZA 427 -41.15 -86.61 -120.42
N SER ZA 428 -42.46 -86.81 -120.40
CA SER ZA 428 -43.40 -85.81 -119.90
C SER ZA 428 -44.56 -86.50 -119.21
N PHE ZA 429 -45.27 -85.74 -118.39
CA PHE ZA 429 -46.46 -86.19 -117.67
C PHE ZA 429 -47.64 -85.29 -117.99
N LYS ZA 430 -48.83 -85.86 -117.98
CA LYS ZA 430 -50.09 -85.09 -118.05
C LYS ZA 430 -51.19 -85.89 -117.35
N GLY ZA 431 -51.65 -85.42 -116.20
CA GLY ZA 431 -52.64 -86.12 -115.37
C GLY ZA 431 -52.25 -87.56 -115.07
N SER ZA 432 -53.10 -88.52 -115.44
CA SER ZA 432 -52.80 -89.95 -115.33
C SER ZA 432 -52.08 -90.57 -116.53
N THR ZA 433 -51.19 -89.81 -117.20
CA THR ZA 433 -50.42 -90.29 -118.36
C THR ZA 433 -48.99 -89.77 -118.39
N TRP ZA 434 -48.11 -90.52 -119.05
CA TRP ZA 434 -46.76 -90.09 -119.40
C TRP ZA 434 -46.45 -90.36 -120.86
N THR ZA 435 -45.57 -89.56 -121.46
CA THR ZA 435 -45.18 -89.67 -122.86
C THR ZA 435 -43.66 -89.67 -122.95
N LEU ZA 436 -43.09 -90.62 -123.70
CA LEU ZA 436 -41.69 -90.57 -124.09
C LEU ZA 436 -41.54 -89.54 -125.21
N VAL ZA 437 -41.01 -88.36 -124.89
CA VAL ZA 437 -41.03 -87.19 -125.79
C VAL ZA 437 -39.92 -87.26 -126.83
N ASP ZA 438 -38.70 -87.59 -126.40
CA ASP ZA 438 -37.49 -87.55 -127.23
C ASP ZA 438 -36.39 -88.46 -126.67
N SER ZA 439 -35.34 -88.68 -127.44
CA SER ZA 439 -34.15 -89.38 -126.96
C SER ZA 439 -32.91 -89.04 -127.78
N ALA ZA 440 -31.74 -89.35 -127.23
CA ALA ZA 440 -30.49 -89.38 -127.94
C ALA ZA 440 -29.70 -90.63 -127.56
N VAL ZA 441 -29.15 -91.29 -128.58
CA VAL ZA 441 -28.36 -92.51 -128.43
C VAL ZA 441 -27.14 -92.45 -129.34
N GLN ZA 442 -25.94 -92.64 -128.80
CA GLN ZA 442 -24.70 -92.59 -129.59
C GLN ZA 442 -24.28 -93.96 -130.16
N ASN ZA 443 -25.05 -95.02 -129.92
CA ASN ZA 443 -24.75 -96.40 -130.31
C ASN ZA 443 -25.96 -97.10 -130.94
N SER ZA 444 -25.72 -98.21 -131.62
CA SER ZA 444 -26.75 -99.00 -132.30
C SER ZA 444 -27.51 -100.00 -131.39
N LYS ZA 445 -27.41 -99.88 -130.05
CA LYS ZA 445 -28.04 -100.79 -129.07
C LYS ZA 445 -29.27 -100.15 -128.43
N THR ZA 446 -30.33 -100.91 -128.19
CA THR ZA 446 -31.58 -100.36 -127.66
C THR ZA 446 -31.49 -100.00 -126.18
N GLN ZA 447 -32.01 -98.84 -125.82
CA GLN ZA 447 -32.03 -98.29 -124.46
C GLN ZA 447 -33.50 -98.13 -124.00
N TYR ZA 448 -33.83 -98.30 -122.72
CA TYR ZA 448 -35.24 -98.38 -122.27
C TYR ZA 448 -35.57 -97.51 -121.07
N VAL ZA 449 -36.76 -96.90 -121.09
CA VAL ZA 449 -37.48 -96.50 -119.85
C VAL ZA 449 -38.16 -97.75 -119.29
N THR ZA 450 -38.04 -97.99 -117.98
CA THR ZA 450 -38.47 -99.27 -117.39
C THR ZA 450 -39.32 -99.16 -116.15
N ARG ZA 451 -39.23 -98.05 -115.40
CA ARG ZA 451 -40.10 -97.77 -114.24
C ARG ZA 451 -40.33 -96.27 -114.08
N ILE ZA 452 -41.47 -95.90 -113.53
CA ILE ZA 452 -41.77 -94.55 -113.04
C ILE ZA 452 -42.41 -94.70 -111.67
N ILE ZA 453 -41.83 -94.05 -110.66
CA ILE ZA 453 -42.33 -94.08 -109.28
C ILE ZA 453 -42.75 -92.67 -108.89
N GLY ZA 454 -43.97 -92.51 -108.39
CA GLY ZA 454 -44.43 -91.26 -107.80
C GLY ZA 454 -43.98 -91.17 -106.36
N ILE ZA 455 -43.46 -90.02 -105.95
CA ILE ZA 455 -42.87 -89.81 -104.64
C ILE ZA 455 -43.47 -88.57 -103.98
N ASN ZA 456 -43.83 -88.74 -102.72
CA ASN ZA 456 -44.24 -87.67 -101.84
C ASN ZA 456 -43.25 -87.54 -100.70
N MET ZA 457 -42.70 -86.34 -100.55
CA MET ZA 457 -41.95 -85.92 -99.36
C MET ZA 457 -42.73 -84.77 -98.70
N PRO ZA 458 -43.83 -85.10 -97.98
CA PRO ZA 458 -44.78 -84.11 -97.47
C PRO ZA 458 -44.17 -83.11 -96.46
N MET AB 1 -123.22 -122.63 4.22
CA MET AB 1 -124.64 -122.73 4.67
C MET AB 1 -124.87 -124.04 5.42
N ALA AB 2 -125.70 -124.03 6.47
CA ALA AB 2 -126.02 -125.22 7.28
C ALA AB 2 -127.24 -125.02 8.20
N LEU AB 3 -128.22 -125.92 8.09
CA LEU AB 3 -129.30 -126.08 9.07
C LEU AB 3 -128.76 -126.68 10.38
N ASN AB 4 -129.23 -126.20 11.52
CA ASN AB 4 -129.08 -126.92 12.79
C ASN AB 4 -130.38 -127.69 13.08
N PHE AB 5 -130.34 -129.03 13.01
CA PHE AB 5 -131.50 -129.91 13.23
C PHE AB 5 -131.19 -131.03 14.23
N THR AB 6 -132.20 -131.42 14.99
CA THR AB 6 -132.20 -132.58 15.90
C THR AB 6 -133.46 -133.41 15.64
N THR AB 7 -133.32 -134.72 15.44
CA THR AB 7 -134.47 -135.62 15.21
C THR AB 7 -135.38 -135.68 16.43
N ILE AB 8 -136.67 -135.41 16.22
CA ILE AB 8 -137.69 -135.37 17.28
C ILE AB 8 -138.19 -136.78 17.62
N THR AB 9 -138.38 -137.06 18.92
CA THR AB 9 -138.78 -138.36 19.49
C THR AB 9 -140.04 -138.22 20.39
N GLU AB 10 -140.63 -139.33 20.90
CA GLU AB 10 -141.81 -139.31 21.81
C GLU AB 10 -141.59 -138.53 23.13
N ASN AB 11 -140.34 -138.44 23.61
CA ASN AB 11 -139.96 -137.66 24.77
C ASN AB 11 -140.11 -136.15 24.53
N ASN AB 12 -140.10 -135.71 23.26
CA ASN AB 12 -140.20 -134.30 22.90
C ASN AB 12 -141.66 -133.81 22.88
N VAL AB 13 -141.90 -132.71 23.58
CA VAL AB 13 -143.20 -132.02 23.63
C VAL AB 13 -143.44 -131.15 22.41
N ILE AB 14 -144.67 -130.64 22.20
CA ILE AB 14 -145.03 -129.79 21.06
C ILE AB 14 -144.22 -128.47 20.97
N ARG AB 15 -143.61 -128.01 22.07
CA ARG AB 15 -142.61 -126.94 22.07
C ARG AB 15 -141.34 -127.28 21.26
N ASP AB 16 -140.77 -128.47 21.42
CA ASP AB 16 -139.51 -128.86 20.76
C ASP AB 16 -139.68 -129.02 19.25
N LEU AB 17 -140.79 -129.66 18.84
CA LEU AB 17 -141.23 -129.75 17.45
C LEU AB 17 -141.36 -128.34 16.84
N THR AB 18 -141.99 -127.41 17.58
CA THR AB 18 -142.10 -125.99 17.18
C THR AB 18 -140.72 -125.34 16.98
N THR AB 19 -139.76 -125.61 17.87
CA THR AB 19 -138.35 -125.11 17.79
C THR AB 19 -137.63 -125.65 16.55
N GLN AB 20 -137.71 -126.94 16.23
CA GLN AB 20 -137.08 -127.46 14.99
C GLN AB 20 -137.73 -126.91 13.71
N VAL AB 21 -139.05 -126.72 13.70
CA VAL AB 21 -139.73 -126.06 12.56
C VAL AB 21 -139.30 -124.60 12.40
N ASN AB 22 -139.23 -123.84 13.51
CA ASN AB 22 -138.64 -122.51 13.48
C ASN AB 22 -137.18 -122.53 12.98
N ASN AB 23 -136.33 -123.50 13.38
CA ASN AB 23 -134.96 -123.62 12.86
C ASN AB 23 -134.94 -123.80 11.34
N ILE AB 24 -135.71 -124.75 10.81
CA ILE AB 24 -135.80 -125.01 9.36
C ILE AB 24 -136.26 -123.75 8.62
N GLY AB 25 -137.34 -123.12 9.08
CA GLY AB 25 -137.89 -121.94 8.41
C GLY AB 25 -136.91 -120.77 8.39
N GLU AB 26 -136.28 -120.48 9.52
CA GLU AB 26 -135.32 -119.39 9.61
C GLU AB 26 -134.11 -119.61 8.67
N GLU AB 27 -133.50 -120.80 8.64
CA GLU AB 27 -132.38 -121.07 7.71
C GLU AB 27 -132.80 -120.94 6.23
N LEU AB 28 -134.00 -121.40 5.87
CA LEU AB 28 -134.47 -121.34 4.49
C LEU AB 28 -134.98 -119.96 4.07
N THR AB 29 -135.10 -119.00 4.99
CA THR AB 29 -135.58 -117.63 4.70
C THR AB 29 -134.62 -116.50 5.08
N LYS AB 30 -133.42 -116.80 5.61
CA LYS AB 30 -132.41 -115.76 5.89
C LYS AB 30 -131.99 -114.98 4.65
N GLU AB 31 -131.43 -113.80 4.86
CA GLU AB 31 -130.90 -112.99 3.77
C GLU AB 31 -129.74 -113.72 3.07
N ARG AB 32 -129.78 -113.87 1.74
CA ARG AB 32 -128.88 -114.74 0.96
C ARG AB 32 -128.87 -116.19 1.47
N ASN AB 33 -130.07 -116.77 1.54
CA ASN AB 33 -130.34 -118.19 1.78
C ASN AB 33 -129.90 -119.07 0.59
N ILE AB 34 -130.10 -120.40 0.68
CA ILE AB 34 -129.77 -121.39 -0.36
C ILE AB 34 -130.39 -121.05 -1.73
N PHE AB 35 -131.65 -120.64 -1.77
CA PHE AB 35 -132.33 -120.34 -3.02
C PHE AB 35 -131.65 -119.19 -3.77
N ASP AB 36 -131.35 -118.09 -3.05
CA ASP AB 36 -130.70 -116.92 -3.63
C ASP AB 36 -129.33 -117.27 -4.22
N ILE AB 37 -128.51 -118.02 -3.47
CA ILE AB 37 -127.16 -118.38 -3.91
C ILE AB 37 -127.20 -119.27 -5.16
N THR AB 38 -128.16 -120.20 -5.25
CA THR AB 38 -128.28 -121.05 -6.44
C THR AB 38 -128.77 -120.26 -7.66
N ASP AB 39 -129.72 -119.32 -7.50
CA ASP AB 39 -130.12 -118.42 -8.59
C ASP AB 39 -128.93 -117.54 -9.05
N ASP AB 40 -128.07 -117.09 -8.12
CA ASP AB 40 -126.82 -116.41 -8.46
C ASP AB 40 -125.83 -117.30 -9.23
N LEU AB 41 -125.66 -118.57 -8.83
CA LEU AB 41 -124.82 -119.50 -9.59
C LEU AB 41 -125.33 -119.69 -11.03
N VAL AB 42 -126.65 -119.86 -11.23
CA VAL AB 42 -127.22 -119.98 -12.59
C VAL AB 42 -126.92 -118.73 -13.43
N TYR AB 43 -127.11 -117.53 -12.86
CA TYR AB 43 -126.85 -116.28 -13.57
C TYR AB 43 -125.38 -116.07 -13.93
N ASN AB 44 -124.48 -116.30 -12.97
CA ASN AB 44 -123.07 -115.96 -13.12
C ASN AB 44 -122.25 -117.03 -13.86
N PHE AB 45 -122.56 -118.32 -13.73
CA PHE AB 45 -121.84 -119.36 -14.49
C PHE AB 45 -121.98 -119.16 -16.01
N ASN AB 46 -123.06 -118.51 -16.48
CA ASN AB 46 -123.33 -118.16 -17.87
C ASN AB 46 -122.39 -117.10 -18.51
N LYS AB 47 -121.40 -116.56 -17.81
CA LYS AB 47 -120.27 -115.83 -18.44
C LYS AB 47 -118.90 -116.47 -18.18
N SER AB 48 -118.81 -117.64 -17.56
CA SER AB 48 -117.55 -118.39 -17.55
C SER AB 48 -117.15 -118.84 -18.96
N GLN AB 49 -115.89 -119.26 -19.13
CA GLN AB 49 -115.47 -120.06 -20.28
C GLN AB 49 -116.01 -121.49 -20.14
N LYS AB 50 -117.29 -121.69 -20.49
CA LYS AB 50 -118.03 -122.93 -20.23
C LYS AB 50 -117.46 -124.16 -20.92
N ILE AB 51 -116.65 -124.00 -21.95
CA ILE AB 51 -116.00 -125.08 -22.69
C ILE AB 51 -114.48 -125.07 -22.45
N LYS AB 52 -113.88 -126.23 -22.13
CA LYS AB 52 -112.43 -126.36 -21.84
C LYS AB 52 -111.56 -125.91 -23.01
N LEU AB 53 -110.48 -125.20 -22.68
CA LEU AB 53 -109.42 -124.75 -23.59
C LEU AB 53 -108.05 -125.38 -23.22
N THR AB 54 -107.80 -125.66 -21.94
CA THR AB 54 -106.71 -126.53 -21.45
C THR AB 54 -107.28 -127.84 -20.91
N ASP AB 55 -106.43 -128.71 -20.35
CA ASP AB 55 -106.90 -129.69 -19.38
C ASP AB 55 -107.06 -129.07 -17.99
N ASP AB 56 -107.56 -129.85 -17.04
CA ASP AB 56 -107.83 -129.39 -15.67
C ASP AB 56 -106.57 -128.95 -14.88
N LYS AB 57 -105.37 -129.34 -15.29
CA LYS AB 57 -104.09 -128.97 -14.64
C LYS AB 57 -103.41 -127.77 -15.30
N GLY AB 58 -103.98 -127.25 -16.40
CA GLY AB 58 -103.36 -126.21 -17.22
C GLY AB 58 -102.29 -126.72 -18.19
N LEU AB 59 -102.45 -127.94 -18.72
CA LEU AB 59 -101.69 -128.50 -19.85
C LEU AB 59 -102.55 -128.54 -21.14
N THR AB 60 -101.99 -128.97 -22.27
CA THR AB 60 -102.76 -129.14 -23.51
C THR AB 60 -103.91 -130.14 -23.39
N LYS AB 61 -105.01 -129.88 -24.11
CA LYS AB 61 -106.15 -130.81 -24.22
C LYS AB 61 -105.68 -132.09 -24.90
N SER AB 62 -106.22 -133.20 -24.45
CA SER AB 62 -106.08 -134.47 -25.17
C SER AB 62 -106.89 -134.43 -26.48
N TYR AB 63 -106.58 -135.40 -27.35
CA TYR AB 63 -107.29 -135.68 -28.61
C TYR AB 63 -107.52 -137.20 -28.77
N GLY AB 64 -108.39 -137.60 -29.69
CA GLY AB 64 -108.46 -138.98 -30.17
C GLY AB 64 -107.45 -139.24 -31.31
N ASN AB 65 -107.35 -140.49 -31.77
CA ASN AB 65 -106.45 -140.93 -32.85
C ASN AB 65 -106.93 -140.48 -34.25
N ILE AB 66 -106.79 -139.18 -34.52
CA ILE AB 66 -107.09 -138.47 -35.77
C ILE AB 66 -106.40 -139.06 -36.99
N THR AB 67 -106.82 -138.63 -38.19
CA THR AB 67 -106.17 -138.96 -39.46
C THR AB 67 -105.34 -137.78 -40.04
N ALA AB 68 -105.75 -136.54 -39.73
CA ALA AB 68 -105.15 -135.32 -40.22
C ALA AB 68 -105.31 -134.20 -39.18
N LEU AB 69 -104.40 -133.22 -39.13
CA LEU AB 69 -104.45 -132.12 -38.16
C LEU AB 69 -105.76 -131.33 -38.25
N ARG AB 70 -106.35 -131.29 -39.45
CA ARG AB 70 -107.65 -130.65 -39.73
C ARG AB 70 -108.85 -131.32 -39.01
N ASP AB 71 -108.66 -132.50 -38.42
CA ASP AB 71 -109.72 -133.23 -37.68
C ASP AB 71 -109.97 -132.65 -36.27
N ILE AB 72 -108.94 -132.07 -35.62
CA ILE AB 72 -109.07 -131.34 -34.35
C ILE AB 72 -109.63 -129.93 -34.61
N LYS AB 73 -110.96 -129.77 -34.62
CA LYS AB 73 -111.59 -128.45 -34.85
C LYS AB 73 -112.04 -127.72 -33.58
N GLU AB 74 -112.16 -128.38 -32.44
CA GLU AB 74 -112.48 -127.70 -31.18
C GLU AB 74 -111.38 -126.67 -30.84
N PRO AB 75 -111.73 -125.53 -30.23
CA PRO AB 75 -110.75 -124.53 -29.81
C PRO AB 75 -109.87 -124.99 -28.62
N GLY AB 76 -108.70 -124.36 -28.45
CA GLY AB 76 -107.76 -124.69 -27.36
C GLY AB 76 -106.41 -125.21 -27.87
N TYR AB 77 -105.60 -125.74 -26.97
CA TYR AB 77 -104.20 -126.13 -27.24
C TYR AB 77 -103.99 -127.64 -27.24
N TYR AB 78 -103.28 -128.18 -28.22
CA TYR AB 78 -103.07 -129.61 -28.44
C TYR AB 78 -101.59 -129.98 -28.70
N TYR AB 79 -100.93 -130.63 -27.74
CA TYR AB 79 -99.64 -131.27 -28.01
C TYR AB 79 -99.82 -132.43 -28.97
N ILE AB 80 -99.00 -132.50 -30.02
CA ILE AB 80 -98.91 -133.62 -30.96
C ILE AB 80 -97.48 -134.15 -30.98
N GLY AB 81 -97.34 -135.46 -30.72
CA GLY AB 81 -96.02 -136.09 -30.78
C GLY AB 81 -95.51 -136.28 -32.21
N ALA AB 82 -94.18 -136.29 -32.40
CA ALA AB 82 -93.51 -136.45 -33.70
C ALA AB 82 -93.97 -137.68 -34.48
N ARG AB 83 -94.11 -138.83 -33.80
CA ARG AB 83 -94.53 -140.12 -34.37
C ARG AB 83 -95.93 -140.04 -34.96
N THR AB 84 -96.82 -139.35 -34.26
CA THR AB 84 -98.20 -139.04 -34.68
C THR AB 84 -98.20 -138.13 -35.89
N LEU AB 85 -97.59 -136.95 -35.77
CA LEU AB 85 -97.49 -135.99 -36.87
C LEU AB 85 -96.94 -136.64 -38.16
N ALA AB 86 -95.92 -137.49 -38.06
CA ALA AB 86 -95.30 -138.22 -39.19
C ALA AB 86 -96.25 -139.13 -39.98
N THR AB 87 -97.42 -139.45 -39.44
CA THR AB 87 -98.42 -140.31 -40.09
C THR AB 87 -99.69 -139.57 -40.48
N LEU AB 88 -99.81 -138.29 -40.13
CA LEU AB 88 -100.96 -137.47 -40.56
C LEU AB 88 -100.87 -137.20 -42.07
N LEU AB 89 -102.03 -137.21 -42.73
CA LEU AB 89 -102.08 -137.09 -44.19
C LEU AB 89 -101.69 -135.69 -44.69
N ASP AB 90 -101.91 -134.64 -43.87
CA ASP AB 90 -101.79 -133.21 -44.19
C ASP AB 90 -100.61 -132.49 -43.50
N ARG AB 91 -99.71 -133.21 -42.82
CA ARG AB 91 -98.54 -132.65 -42.13
C ARG AB 91 -97.67 -131.77 -43.04
N PRO AB 92 -97.08 -130.67 -42.54
CA PRO AB 92 -96.16 -129.83 -43.31
C PRO AB 92 -94.91 -130.61 -43.70
N ASP AB 93 -94.30 -130.21 -44.81
CA ASP AB 93 -93.02 -130.76 -45.25
C ASP AB 93 -91.91 -130.13 -44.41
N MET AB 94 -91.56 -130.82 -43.33
CA MET AB 94 -90.49 -130.49 -42.41
C MET AB 94 -90.07 -131.75 -41.63
N GLU AB 95 -89.01 -131.62 -40.84
CA GLU AB 95 -88.65 -132.66 -39.89
C GLU AB 95 -89.82 -132.92 -38.95
N SER AB 96 -90.17 -134.19 -38.77
CA SER AB 96 -91.11 -134.57 -37.72
C SER AB 96 -90.44 -134.34 -36.36
N LEU AB 97 -90.99 -133.39 -35.60
CA LEU AB 97 -90.67 -133.07 -34.21
C LEU AB 97 -91.99 -133.03 -33.43
N ASP AB 98 -91.91 -133.12 -32.11
CA ASP AB 98 -93.11 -132.82 -31.33
C ASP AB 98 -93.54 -131.37 -31.59
N VAL AB 99 -94.85 -131.15 -31.68
CA VAL AB 99 -95.44 -129.85 -32.02
C VAL AB 99 -96.61 -129.55 -31.08
N VAL AB 100 -96.96 -128.27 -30.91
CA VAL AB 100 -98.28 -127.90 -30.39
C VAL AB 100 -99.09 -127.30 -31.52
N LEU AB 101 -100.36 -127.65 -31.54
CA LEU AB 101 -101.40 -127.01 -32.34
C LEU AB 101 -102.30 -126.17 -31.42
N HIS AB 102 -102.37 -124.87 -31.70
CA HIS AB 102 -103.42 -124.00 -31.16
C HIS AB 102 -104.54 -123.90 -32.19
N VAL AB 103 -105.76 -124.21 -31.76
CA VAL AB 103 -106.97 -124.07 -32.57
C VAL AB 103 -107.72 -122.84 -32.10
N VAL AB 104 -108.02 -121.96 -33.06
CA VAL AB 104 -108.73 -120.68 -32.90
C VAL AB 104 -110.16 -120.80 -33.47
N PRO AB 105 -111.19 -120.44 -32.71
CA PRO AB 105 -112.57 -120.58 -33.15
C PRO AB 105 -112.99 -119.50 -34.15
N LEU AB 106 -113.95 -119.79 -35.02
CA LEU AB 106 -114.48 -118.92 -36.07
C LEU AB 106 -116.01 -118.82 -35.98
N ASP AB 107 -116.69 -118.58 -37.09
CA ASP AB 107 -118.15 -118.49 -37.22
C ASP AB 107 -118.84 -119.86 -37.32
N THR AB 108 -118.12 -120.90 -37.72
CA THR AB 108 -118.67 -122.25 -37.85
C THR AB 108 -117.66 -123.28 -37.34
N SER AB 109 -118.13 -124.44 -36.88
CA SER AB 109 -117.27 -125.52 -36.39
C SER AB 109 -116.60 -126.32 -37.51
N SER AB 110 -117.08 -126.17 -38.75
CA SER AB 110 -116.44 -126.72 -39.95
C SER AB 110 -115.20 -125.94 -40.43
N LYS AB 111 -114.97 -124.70 -39.95
CA LYS AB 111 -113.77 -123.88 -40.24
C LYS AB 111 -113.03 -123.56 -38.95
N VAL AB 112 -111.72 -123.41 -39.06
CA VAL AB 112 -110.87 -122.91 -37.98
C VAL AB 112 -109.60 -122.28 -38.56
N VAL AB 113 -108.91 -121.49 -37.75
CA VAL AB 113 -107.50 -121.20 -38.00
C VAL AB 113 -106.65 -122.11 -37.10
N GLN AB 114 -105.57 -122.67 -37.64
CA GLN AB 114 -104.69 -123.58 -36.93
C GLN AB 114 -103.24 -123.06 -36.93
N HIS AB 115 -102.64 -122.93 -35.74
CA HIS AB 115 -101.24 -122.50 -35.58
C HIS AB 115 -100.40 -123.66 -35.04
N LEU AB 116 -99.31 -124.02 -35.72
CA LEU AB 116 -98.42 -125.15 -35.39
C LEU AB 116 -97.04 -124.66 -34.93
N TYR AB 117 -96.54 -125.14 -33.79
CA TYR AB 117 -95.26 -124.71 -33.22
C TYR AB 117 -94.38 -125.90 -32.87
N THR AB 118 -93.13 -125.93 -33.35
CA THR AB 118 -92.20 -127.01 -33.03
C THR AB 118 -91.54 -126.81 -31.67
N LEU AB 119 -91.31 -127.92 -30.96
CA LEU AB 119 -90.95 -127.91 -29.54
C LEU AB 119 -89.48 -128.29 -29.37
N SER AB 120 -88.62 -127.37 -29.80
CA SER AB 120 -87.16 -127.52 -29.76
C SER AB 120 -86.46 -126.26 -29.26
N THR AB 121 -85.44 -126.45 -28.42
CA THR AB 121 -84.52 -125.38 -28.00
C THR AB 121 -83.47 -125.06 -29.08
N ASN AB 122 -83.21 -125.95 -30.05
CA ASN AB 122 -82.29 -125.70 -31.16
C ASN AB 122 -82.83 -124.58 -32.05
N ASN AB 123 -82.06 -123.50 -32.21
CA ASN AB 123 -82.52 -122.26 -32.83
C ASN AB 123 -82.84 -122.37 -34.33
N ASN AB 124 -82.40 -123.44 -34.99
CA ASN AB 124 -82.74 -123.72 -36.39
C ASN AB 124 -84.03 -124.56 -36.56
N GLN AB 125 -84.37 -125.36 -35.55
CA GLN AB 125 -85.53 -126.26 -35.55
C GLN AB 125 -86.82 -125.64 -35.03
N ILE AB 126 -86.71 -124.65 -34.14
CA ILE AB 126 -87.89 -123.93 -33.67
C ILE AB 126 -88.55 -123.18 -34.85
N LYS AB 127 -89.81 -123.51 -35.11
CA LYS AB 127 -90.62 -123.04 -36.25
C LYS AB 127 -92.02 -122.69 -35.78
N MET AB 128 -92.54 -121.57 -36.31
CA MET AB 128 -93.96 -121.25 -36.30
C MET AB 128 -94.54 -121.45 -37.70
N LEU AB 129 -95.67 -122.13 -37.78
CA LEU AB 129 -96.46 -122.27 -38.99
C LEU AB 129 -97.90 -121.91 -38.69
N TYR AB 130 -98.65 -121.44 -39.67
CA TYR AB 130 -100.10 -121.31 -39.54
C TYR AB 130 -100.83 -121.65 -40.83
N ARG AB 131 -102.13 -121.93 -40.73
CA ARG AB 131 -102.99 -122.11 -41.88
C ARG AB 131 -104.46 -121.86 -41.55
N PHE AB 132 -105.27 -121.64 -42.59
CA PHE AB 132 -106.73 -121.59 -42.50
C PHE AB 132 -107.37 -122.89 -43.04
N VAL AB 133 -108.33 -123.44 -42.31
CA VAL AB 133 -108.99 -124.72 -42.61
C VAL AB 133 -110.46 -124.49 -42.87
N SER AB 134 -110.98 -125.10 -43.94
CA SER AB 134 -112.40 -125.06 -44.32
C SER AB 134 -112.89 -126.45 -44.76
N GLY AB 135 -113.63 -127.12 -43.88
CA GLY AB 135 -114.04 -128.51 -44.06
C GLY AB 135 -112.84 -129.44 -44.01
N ASN AB 136 -112.61 -130.13 -45.11
CA ASN AB 136 -111.42 -130.94 -45.35
C ASN AB 136 -110.33 -130.19 -46.14
N SER AB 137 -110.61 -129.01 -46.72
CA SER AB 137 -109.62 -128.21 -47.43
C SER AB 137 -108.85 -127.25 -46.50
N SER AB 138 -107.71 -126.74 -46.94
CA SER AB 138 -106.94 -125.73 -46.18
C SER AB 138 -106.09 -124.83 -47.08
N SER AB 139 -105.56 -123.72 -46.54
CA SER AB 139 -104.37 -123.12 -47.15
C SER AB 139 -103.18 -124.07 -47.05
N GLU AB 140 -102.08 -123.72 -47.71
CA GLU AB 140 -100.79 -124.29 -47.34
C GLU AB 140 -100.40 -123.85 -45.93
N TRP AB 141 -99.47 -124.59 -45.34
CA TRP AB 141 -98.75 -124.16 -44.15
C TRP AB 141 -97.88 -122.92 -44.47
N GLN AB 142 -98.13 -121.83 -43.78
CA GLN AB 142 -97.35 -120.59 -43.84
C GLN AB 142 -96.21 -120.60 -42.83
N PHE AB 143 -95.02 -121.03 -43.26
CA PHE AB 143 -93.81 -121.13 -42.45
C PHE AB 143 -93.26 -119.74 -42.15
N ILE AB 144 -93.33 -119.31 -40.90
CA ILE AB 144 -92.79 -118.02 -40.48
C ILE AB 144 -91.29 -118.14 -40.20
N GLN AB 145 -90.54 -117.12 -40.59
CA GLN AB 145 -89.13 -116.98 -40.28
C GLN AB 145 -88.94 -115.97 -39.15
N GLY AB 146 -88.38 -116.42 -38.03
CA GLY AB 146 -87.99 -115.58 -36.91
C GLY AB 146 -86.47 -115.47 -36.82
N LEU AB 147 -85.96 -114.36 -36.30
CA LEU AB 147 -84.51 -114.16 -36.17
C LEU AB 147 -84.03 -114.47 -34.74
N PRO AB 148 -83.15 -115.46 -34.53
CA PRO AB 148 -82.61 -115.82 -33.22
C PRO AB 148 -81.72 -114.70 -32.68
N SER AB 149 -82.06 -114.22 -31.48
CA SER AB 149 -81.49 -113.01 -30.87
C SER AB 149 -81.48 -111.82 -31.85
N ASN AB 150 -82.52 -111.70 -32.67
CA ASN AB 150 -82.68 -110.68 -33.71
C ASN AB 150 -81.66 -110.78 -34.85
N LYS AB 151 -80.77 -111.79 -34.88
CA LYS AB 151 -79.70 -111.93 -35.87
C LYS AB 151 -80.07 -112.86 -37.02
N ASN AB 152 -79.30 -112.80 -38.10
CA ASN AB 152 -79.21 -113.82 -39.14
C ASN AB 152 -78.55 -115.09 -38.59
N ALA AB 153 -79.21 -116.23 -38.79
CA ALA AB 153 -78.79 -117.49 -38.20
C ALA AB 153 -77.45 -117.94 -38.78
N VAL AB 154 -76.67 -118.65 -37.96
CA VAL AB 154 -75.34 -119.13 -38.33
C VAL AB 154 -75.41 -120.59 -38.77
N ILE AB 155 -74.67 -120.90 -39.84
CA ILE AB 155 -74.44 -122.27 -40.33
C ILE AB 155 -72.91 -122.46 -40.52
N SER AB 156 -72.37 -123.61 -40.11
CA SER AB 156 -70.94 -123.90 -40.13
C SER AB 156 -70.67 -125.42 -40.20
N GLY AB 157 -69.46 -125.82 -40.58
CA GLY AB 157 -69.07 -127.25 -40.62
C GLY AB 157 -69.75 -128.07 -41.72
N THR AB 158 -70.40 -127.45 -42.71
CA THR AB 158 -71.18 -128.12 -43.77
C THR AB 158 -70.79 -127.62 -45.14
N ASN AB 159 -71.15 -128.37 -46.17
CA ASN AB 159 -71.09 -127.92 -47.54
C ASN AB 159 -72.21 -126.91 -47.76
N ILE AB 160 -71.88 -125.71 -48.25
CA ILE AB 160 -72.88 -124.67 -48.46
C ILE AB 160 -74.00 -125.08 -49.44
N LEU AB 161 -73.72 -125.96 -50.41
CA LEU AB 161 -74.71 -126.44 -51.40
C LEU AB 161 -75.75 -127.39 -50.81
N ASP AB 162 -75.58 -127.85 -49.58
CA ASP AB 162 -76.58 -128.67 -48.89
C ASP AB 162 -77.74 -127.83 -48.32
N ILE AB 163 -77.54 -126.51 -48.15
CA ILE AB 163 -78.54 -125.59 -47.60
C ILE AB 163 -79.68 -125.38 -48.63
N ALA AB 164 -80.95 -125.48 -48.21
CA ALA AB 164 -82.11 -125.54 -49.12
C ALA AB 164 -83.36 -124.72 -48.72
N SER AB 165 -83.51 -124.29 -47.47
CA SER AB 165 -84.59 -123.36 -47.13
C SER AB 165 -84.27 -121.95 -47.65
N PRO AB 166 -85.25 -121.15 -48.12
CA PRO AB 166 -85.02 -119.72 -48.30
C PRO AB 166 -84.49 -119.09 -47.01
N GLY AB 167 -83.72 -118.01 -47.12
CA GLY AB 167 -83.34 -117.17 -46.00
C GLY AB 167 -81.93 -116.62 -46.07
N VAL AB 168 -81.64 -115.72 -45.15
CA VAL AB 168 -80.37 -115.04 -45.05
C VAL AB 168 -79.62 -115.56 -43.85
N TYR AB 169 -78.63 -116.39 -44.12
CA TYR AB 169 -77.76 -116.94 -43.12
C TYR AB 169 -76.43 -116.18 -43.03
N PHE AB 170 -75.66 -116.46 -41.99
CA PHE AB 170 -74.20 -116.31 -42.03
C PHE AB 170 -73.57 -117.69 -42.13
N VAL AB 171 -72.66 -117.87 -43.08
CA VAL AB 171 -71.93 -119.11 -43.33
C VAL AB 171 -70.46 -118.93 -42.96
N MET AB 172 -69.90 -119.82 -42.13
CA MET AB 172 -68.49 -119.76 -41.71
C MET AB 172 -67.88 -121.15 -41.40
N GLY AB 173 -66.58 -121.33 -41.67
CA GLY AB 173 -65.89 -122.62 -41.49
C GLY AB 173 -66.40 -123.75 -42.40
N MET AB 174 -67.05 -123.43 -43.53
CA MET AB 174 -67.73 -124.40 -44.39
C MET AB 174 -66.76 -125.46 -44.92
N THR AB 175 -67.23 -126.69 -45.17
CA THR AB 175 -66.39 -127.82 -45.61
C THR AB 175 -66.19 -127.88 -47.13
N GLY AB 176 -67.07 -127.26 -47.90
CA GLY AB 176 -66.98 -127.24 -49.37
C GLY AB 176 -68.11 -126.48 -50.02
N GLY AB 177 -68.05 -126.40 -51.36
CA GLY AB 177 -69.05 -125.72 -52.18
C GLY AB 177 -69.02 -124.20 -52.09
N MET AB 178 -68.20 -123.59 -51.22
CA MET AB 178 -67.92 -122.16 -51.26
C MET AB 178 -67.25 -121.81 -52.60
N PRO AB 179 -67.27 -120.54 -53.03
CA PRO AB 179 -66.27 -120.05 -53.98
C PRO AB 179 -64.85 -120.24 -53.41
N SER AB 180 -63.85 -120.47 -54.27
CA SER AB 180 -62.47 -120.66 -53.81
C SER AB 180 -61.98 -119.44 -53.02
N GLY AB 181 -61.22 -119.66 -51.95
CA GLY AB 181 -60.66 -118.60 -51.10
C GLY AB 181 -61.66 -117.88 -50.17
N VAL AB 182 -62.96 -117.92 -50.46
CA VAL AB 182 -63.99 -117.34 -49.58
C VAL AB 182 -64.10 -118.19 -48.32
N SER AB 183 -63.99 -117.58 -47.13
CA SER AB 183 -63.95 -118.32 -45.84
C SER AB 183 -65.16 -118.10 -44.92
N SER AB 184 -65.93 -117.05 -45.13
CA SER AB 184 -67.20 -116.80 -44.44
C SER AB 184 -67.99 -115.69 -45.14
N GLY AB 185 -69.29 -115.59 -44.89
CA GLY AB 185 -70.10 -114.64 -45.65
C GLY AB 185 -71.59 -114.70 -45.36
N PHE AB 186 -72.32 -113.69 -45.80
CA PHE AB 186 -73.78 -113.74 -45.78
C PHE AB 186 -74.31 -114.48 -46.99
N LEU AB 187 -75.19 -115.45 -46.77
CA LEU AB 187 -75.87 -116.24 -47.81
C LEU AB 187 -77.37 -115.91 -47.83
N ASP AB 188 -77.78 -115.11 -48.81
CA ASP AB 188 -79.17 -114.88 -49.18
C ASP AB 188 -79.65 -115.96 -50.18
N LEU AB 189 -80.41 -116.93 -49.68
CA LEU AB 189 -80.96 -118.02 -50.48
C LEU AB 189 -82.45 -117.81 -50.74
N SER AB 190 -82.88 -117.91 -52.00
CA SER AB 190 -84.29 -117.92 -52.41
C SER AB 190 -84.63 -119.21 -53.17
N VAL AB 191 -85.80 -119.80 -52.91
CA VAL AB 191 -86.24 -121.11 -53.45
C VAL AB 191 -87.77 -121.09 -53.70
N ASP AB 192 -88.22 -121.45 -54.91
CA ASP AB 192 -89.66 -121.56 -55.25
C ASP AB 192 -90.18 -123.01 -55.18
N ALA AB 193 -91.49 -123.21 -55.30
CA ALA AB 193 -92.13 -124.54 -55.27
C ALA AB 193 -91.73 -125.45 -56.44
N ASN AB 194 -91.34 -124.91 -57.59
CA ASN AB 194 -90.78 -125.69 -58.69
C ASN AB 194 -89.32 -126.11 -58.46
N ASP AB 195 -88.68 -125.61 -57.40
CA ASP AB 195 -87.27 -125.76 -57.08
C ASP AB 195 -86.31 -124.96 -57.98
N ASN AB 196 -86.77 -123.82 -58.53
CA ASN AB 196 -85.87 -122.73 -58.89
C ASN AB 196 -85.16 -122.28 -57.62
N ARG AB 197 -83.84 -122.07 -57.64
CA ARG AB 197 -83.08 -121.49 -56.53
C ARG AB 197 -82.21 -120.31 -56.97
N LEU AB 198 -82.02 -119.36 -56.07
CA LEU AB 198 -81.08 -118.25 -56.20
C LEU AB 198 -80.28 -118.05 -54.90
N ALA AB 199 -79.02 -118.49 -54.91
CA ALA AB 199 -78.05 -118.23 -53.86
C ALA AB 199 -77.25 -116.97 -54.18
N ARG AB 200 -77.22 -116.00 -53.26
CA ARG AB 200 -76.27 -114.87 -53.31
C ARG AB 200 -75.39 -114.84 -52.06
N LEU AB 201 -74.18 -115.42 -52.14
CA LEU AB 201 -73.17 -115.29 -51.09
C LEU AB 201 -72.46 -113.93 -51.19
N THR AB 202 -72.08 -113.31 -50.07
CA THR AB 202 -71.10 -112.20 -50.04
C THR AB 202 -69.92 -112.52 -49.13
N ASP AB 203 -68.69 -112.50 -49.66
CA ASP AB 203 -67.48 -112.73 -48.88
C ASP AB 203 -67.28 -111.68 -47.79
N ALA AB 204 -67.28 -112.12 -46.54
CA ALA AB 204 -67.06 -111.26 -45.39
C ALA AB 204 -65.65 -110.65 -45.31
N GLU AB 205 -64.67 -111.06 -46.12
CA GLU AB 205 -63.35 -110.42 -46.16
C GLU AB 205 -63.29 -109.27 -47.20
N THR AB 206 -63.61 -109.56 -48.47
CA THR AB 206 -63.45 -108.60 -49.57
C THR AB 206 -64.73 -107.87 -49.95
N GLY AB 207 -65.88 -108.29 -49.43
CA GLY AB 207 -67.16 -107.77 -49.88
C GLY AB 207 -67.53 -108.20 -51.31
N LYS AB 208 -66.93 -109.27 -51.84
CA LYS AB 208 -67.27 -109.77 -53.17
C LYS AB 208 -68.50 -110.68 -53.13
N GLU AB 209 -69.51 -110.33 -53.91
CA GLU AB 209 -70.66 -111.20 -54.15
C GLU AB 209 -70.29 -112.35 -55.10
N TYR AB 210 -70.91 -113.51 -54.84
CA TYR AB 210 -70.92 -114.66 -55.71
C TYR AB 210 -72.35 -115.20 -55.85
N THR AB 211 -72.78 -115.50 -57.07
CA THR AB 211 -74.15 -115.98 -57.36
C THR AB 211 -74.14 -117.38 -57.96
N SER AB 212 -75.13 -118.19 -57.60
CA SER AB 212 -75.36 -119.52 -58.15
C SER AB 212 -76.85 -119.80 -58.21
N ILE AB 213 -77.29 -120.48 -59.26
CA ILE AB 213 -78.69 -120.80 -59.47
C ILE AB 213 -78.88 -122.29 -59.77
N LYS AB 214 -80.00 -122.84 -59.32
CA LYS AB 214 -80.45 -124.18 -59.68
C LYS AB 214 -81.78 -124.05 -60.41
N LYS AB 215 -81.87 -124.61 -61.62
CA LYS AB 215 -83.15 -124.77 -62.32
C LYS AB 215 -83.91 -126.03 -61.86
N PRO AB 216 -85.22 -126.14 -62.08
CA PRO AB 216 -86.02 -127.27 -61.60
C PRO AB 216 -85.42 -128.63 -61.96
N THR AB 217 -84.98 -128.82 -63.21
CA THR AB 217 -84.37 -130.08 -63.69
C THR AB 217 -82.86 -130.18 -63.52
N GLY AB 218 -82.17 -129.11 -63.09
CA GLY AB 218 -80.70 -129.04 -62.96
C GLY AB 218 -80.18 -129.28 -61.54
N THR AB 219 -78.85 -129.25 -61.36
CA THR AB 219 -78.19 -128.95 -60.07
C THR AB 219 -77.85 -127.45 -59.98
N TYR AB 220 -77.23 -127.01 -58.89
CA TYR AB 220 -76.67 -125.65 -58.81
C TYR AB 220 -75.59 -125.47 -59.88
N THR AB 221 -75.56 -124.32 -60.55
CA THR AB 221 -74.39 -123.87 -61.31
C THR AB 221 -73.18 -123.61 -60.39
N ALA AB 222 -71.96 -123.54 -60.93
CA ALA AB 222 -70.82 -122.97 -60.21
C ALA AB 222 -71.07 -121.48 -59.85
N TRP AB 223 -70.27 -120.95 -58.93
CA TRP AB 223 -70.31 -119.54 -58.55
C TRP AB 223 -69.86 -118.60 -59.67
N LYS AB 224 -70.64 -117.54 -59.90
CA LYS AB 224 -70.30 -116.41 -60.75
C LYS AB 224 -69.94 -115.24 -59.84
N LYS AB 225 -68.72 -114.71 -59.96
CA LYS AB 225 -68.31 -113.49 -59.24
C LYS AB 225 -69.00 -112.28 -59.87
N GLU AB 226 -69.18 -111.22 -59.06
CA GLU AB 226 -69.55 -109.87 -59.52
C GLU AB 226 -68.55 -109.27 -60.54
N PHE AB 227 -68.79 -108.04 -60.99
CA PHE AB 227 -67.94 -107.34 -61.95
C PHE AB 227 -67.08 -106.26 -61.27
N GLU AB 228 -65.78 -106.24 -61.54
CA GLU AB 228 -64.83 -105.24 -61.06
C GLU AB 228 -63.86 -104.79 -62.17
N PRO AB 229 -63.40 -103.53 -62.21
CA PRO AB 229 -62.54 -103.02 -63.28
C PRO AB 229 -61.33 -103.90 -63.61
N LYS AB 230 -60.71 -104.51 -62.59
CA LYS AB 230 -59.53 -105.39 -62.75
C LYS AB 230 -59.80 -106.62 -63.61
N ASP AB 231 -61.06 -107.00 -63.74
CA ASP AB 231 -61.47 -108.20 -64.47
C ASP AB 231 -61.23 -108.08 -65.99
N MET AB 232 -61.23 -106.86 -66.53
CA MET AB 232 -61.10 -106.62 -67.96
C MET AB 232 -59.65 -106.40 -68.42
N GLU AB 233 -58.65 -106.60 -67.55
CA GLU AB 233 -57.25 -106.35 -67.88
C GLU AB 233 -56.69 -107.25 -69.00
N LYS AB 234 -57.37 -108.37 -69.28
CA LYS AB 234 -57.11 -109.18 -70.47
C LYS AB 234 -57.33 -108.42 -71.80
N TYR AB 235 -58.01 -107.27 -71.79
CA TYR AB 235 -58.45 -106.56 -73.00
C TYR AB 235 -58.03 -105.08 -73.08
N LEU AB 236 -57.60 -104.42 -72.01
CA LEU AB 236 -56.99 -103.08 -72.14
C LEU AB 236 -55.60 -103.13 -72.81
N LEU AB 237 -55.23 -102.06 -73.50
CA LEU AB 237 -53.84 -101.77 -73.88
C LEU AB 237 -52.90 -101.56 -72.68
N SER AB 238 -53.44 -101.24 -71.52
CA SER AB 238 -52.72 -100.91 -70.28
C SER AB 238 -52.95 -101.98 -69.22
N SER AB 239 -51.95 -102.24 -68.40
CA SER AB 239 -52.16 -102.92 -67.12
C SER AB 239 -52.73 -101.98 -66.07
N ILE AB 240 -53.37 -102.49 -65.03
CA ILE AB 240 -53.67 -101.71 -63.84
C ILE AB 240 -52.69 -102.17 -62.74
N ARG AB 241 -51.85 -101.25 -62.25
CA ARG AB 241 -50.99 -101.49 -61.08
C ARG AB 241 -51.83 -101.55 -59.80
N ASP AB 242 -51.29 -102.02 -58.68
CA ASP AB 242 -52.07 -102.21 -57.44
C ASP AB 242 -52.70 -100.90 -56.88
N ASP AB 243 -52.06 -99.78 -57.14
CA ASP AB 243 -52.53 -98.42 -56.83
C ASP AB 243 -53.57 -97.89 -57.85
N GLY AB 244 -54.05 -98.76 -58.73
CA GLY AB 244 -55.00 -98.42 -59.78
C GLY AB 244 -54.42 -97.60 -60.91
N SER AB 245 -53.14 -97.22 -60.87
CA SER AB 245 -52.49 -96.47 -61.95
C SER AB 245 -52.36 -97.36 -63.21
N ALA AB 246 -52.45 -96.73 -64.38
CA ALA AB 246 -52.22 -97.40 -65.64
C ALA AB 246 -50.72 -97.66 -65.86
N SER AB 247 -50.35 -98.70 -66.62
CA SER AB 247 -49.00 -98.86 -67.17
C SER AB 247 -49.00 -99.72 -68.45
N PHE AB 248 -47.86 -99.90 -69.10
CA PHE AB 248 -47.79 -100.92 -70.14
C PHE AB 248 -47.83 -102.32 -69.53
N PRO AB 249 -48.58 -103.25 -70.12
CA PRO AB 249 -48.64 -104.64 -69.67
C PRO AB 249 -47.35 -105.42 -69.97
N LEU AB 250 -46.53 -104.97 -70.93
CA LEU AB 250 -45.20 -105.51 -71.20
C LEU AB 250 -44.11 -104.45 -71.02
N LEU AB 251 -43.15 -104.73 -70.14
CA LEU AB 251 -41.94 -103.95 -69.94
C LEU AB 251 -40.73 -104.87 -70.06
N VAL AB 252 -39.80 -104.57 -70.97
CA VAL AB 252 -38.63 -105.42 -71.25
C VAL AB 252 -37.37 -104.65 -70.89
N TYR AB 253 -36.54 -105.25 -70.05
CA TYR AB 253 -35.33 -104.66 -69.52
C TYR AB 253 -34.11 -105.54 -69.80
N THR AB 254 -32.93 -104.94 -69.97
CA THR AB 254 -31.69 -105.69 -70.19
C THR AB 254 -31.38 -106.62 -69.01
N SER AB 255 -31.84 -106.27 -67.80
CA SER AB 255 -31.76 -107.12 -66.62
C SER AB 255 -32.61 -108.38 -66.70
N ASP AB 256 -33.51 -108.49 -67.66
CA ASP AB 256 -34.33 -109.69 -67.84
C ASP AB 256 -33.57 -110.85 -68.50
N SER AB 257 -32.45 -110.57 -69.19
CA SER AB 257 -31.67 -111.57 -69.95
C SER AB 257 -32.58 -112.39 -70.87
N LYS AB 258 -33.39 -111.70 -71.66
CA LYS AB 258 -34.34 -112.26 -72.64
C LYS AB 258 -34.27 -111.48 -73.96
N THR AB 259 -34.69 -112.11 -75.04
CA THR AB 259 -34.92 -111.41 -76.31
C THR AB 259 -36.29 -110.76 -76.32
N PHE AB 260 -36.47 -109.75 -77.17
CA PHE AB 260 -37.76 -109.14 -77.42
C PHE AB 260 -38.81 -110.18 -77.84
N GLN AB 261 -38.41 -111.13 -78.69
CA GLN AB 261 -39.25 -112.21 -79.14
C GLN AB 261 -39.71 -113.06 -77.95
N GLN AB 262 -38.80 -113.49 -77.08
CA GLN AB 262 -39.17 -114.30 -75.93
C GLN AB 262 -40.08 -113.55 -74.97
N ALA AB 263 -39.79 -112.27 -74.74
CA ALA AB 263 -40.62 -111.44 -73.88
C ALA AB 263 -42.05 -111.32 -74.42
N ILE AB 264 -42.22 -111.20 -75.74
CA ILE AB 264 -43.55 -111.21 -76.36
C ILE AB 264 -44.26 -112.55 -76.07
N ILE AB 265 -43.57 -113.67 -76.29
CA ILE AB 265 -44.15 -115.01 -76.10
C ILE AB 265 -44.55 -115.24 -74.63
N ASP AB 266 -43.66 -115.00 -73.68
CA ASP AB 266 -43.97 -115.11 -72.25
C ASP AB 266 -45.18 -114.27 -71.87
N HIS AB 267 -45.26 -113.05 -72.42
CA HIS AB 267 -46.37 -112.14 -72.16
C HIS AB 267 -47.69 -112.73 -72.64
N ILE AB 268 -47.72 -113.30 -73.84
CA ILE AB 268 -48.94 -113.88 -74.41
C ILE AB 268 -49.33 -115.18 -73.69
N ASP AB 269 -48.37 -116.02 -73.29
CA ASP AB 269 -48.65 -117.24 -72.51
C ASP AB 269 -49.19 -116.97 -71.10
N ARG AB 270 -48.60 -116.01 -70.38
CA ARG AB 270 -49.05 -115.58 -69.05
C ARG AB 270 -50.47 -115.00 -69.09
N THR AB 271 -50.72 -114.06 -70.01
CA THR AB 271 -51.94 -113.22 -69.99
C THR AB 271 -53.06 -113.70 -70.91
N GLY AB 272 -52.74 -114.31 -72.04
CA GLY AB 272 -53.68 -114.47 -73.15
C GLY AB 272 -53.99 -113.17 -73.92
N GLN AB 273 -53.32 -112.04 -73.67
CA GLN AB 273 -53.52 -110.80 -74.45
C GLN AB 273 -53.00 -110.97 -75.88
N THR AB 274 -53.72 -110.40 -76.84
CA THR AB 274 -53.37 -110.43 -78.27
C THR AB 274 -52.90 -109.07 -78.79
N THR AB 275 -53.48 -107.98 -78.31
CA THR AB 275 -53.10 -106.62 -78.68
C THR AB 275 -52.69 -105.84 -77.42
N PHE AB 276 -51.46 -105.34 -77.36
CA PHE AB 276 -50.97 -104.66 -76.16
C PHE AB 276 -49.76 -103.75 -76.42
N THR AB 277 -49.57 -102.79 -75.52
CA THR AB 277 -48.45 -101.85 -75.59
C THR AB 277 -47.23 -102.36 -74.85
N PHE AB 278 -46.05 -101.92 -75.28
CA PHE AB 278 -44.78 -102.37 -74.73
C PHE AB 278 -43.73 -101.27 -74.71
N TYR AB 279 -42.79 -101.44 -73.78
CA TYR AB 279 -41.55 -100.67 -73.65
C TYR AB 279 -40.35 -101.60 -73.67
N VAL AB 280 -39.37 -101.32 -74.52
CA VAL AB 280 -38.14 -102.09 -74.59
C VAL AB 280 -36.99 -101.16 -74.26
N GLN AB 281 -36.21 -101.54 -73.25
CA GLN AB 281 -34.98 -100.84 -72.90
C GLN AB 281 -33.90 -101.03 -73.98
N GLY AB 282 -33.20 -99.96 -74.36
CA GLY AB 282 -32.10 -100.02 -75.32
C GLY AB 282 -30.98 -100.95 -74.85
N GLY AB 283 -30.54 -101.82 -75.76
CA GLY AB 283 -29.58 -102.90 -75.51
C GLY AB 283 -30.20 -104.31 -75.39
N VAL AB 284 -31.52 -104.45 -75.27
CA VAL AB 284 -32.21 -105.76 -75.29
C VAL AB 284 -31.98 -106.49 -76.62
N SER AB 285 -31.58 -107.76 -76.56
CA SER AB 285 -31.31 -108.57 -77.75
C SER AB 285 -32.57 -108.76 -78.62
N GLY AB 286 -32.42 -108.66 -79.93
CA GLY AB 286 -33.53 -108.83 -80.88
C GLY AB 286 -34.60 -107.73 -80.81
N SER AB 287 -34.35 -106.64 -80.09
CA SER AB 287 -35.24 -105.48 -80.06
C SER AB 287 -35.43 -104.87 -81.47
N PRO AB 288 -36.60 -104.31 -81.81
CA PRO AB 288 -36.87 -103.68 -83.11
C PRO AB 288 -35.83 -102.67 -83.56
N MET AB 289 -35.16 -102.07 -82.60
CA MET AB 289 -34.06 -101.15 -82.81
C MET AB 289 -33.10 -101.18 -81.61
N SER AB 290 -31.91 -100.61 -81.78
CA SER AB 290 -30.90 -100.55 -80.73
C SER AB 290 -31.33 -99.70 -79.54
N ASN AB 291 -31.95 -98.54 -79.78
CA ASN AB 291 -32.32 -97.59 -78.74
C ASN AB 291 -33.53 -98.09 -77.94
N SER AB 292 -33.77 -97.50 -76.76
CA SER AB 292 -35.05 -97.74 -76.07
C SER AB 292 -36.21 -97.33 -76.97
N CYS AB 293 -37.29 -98.08 -76.94
CA CYS AB 293 -38.43 -97.87 -77.82
C CYS AB 293 -39.74 -98.21 -77.12
N ARG AB 294 -40.83 -97.65 -77.63
CA ARG AB 294 -42.19 -97.97 -77.20
C ARG AB 294 -43.06 -98.24 -78.41
N GLY AB 295 -43.99 -99.19 -78.26
CA GLY AB 295 -44.76 -99.69 -79.38
C GLY AB 295 -46.02 -100.45 -79.00
N LEU AB 296 -46.74 -100.84 -80.03
CA LEU AB 296 -47.99 -101.58 -79.96
C LEU AB 296 -47.85 -102.89 -80.74
N PHE AB 297 -48.01 -104.01 -80.07
CA PHE AB 297 -48.13 -105.30 -80.74
C PHE AB 297 -49.61 -105.59 -81.01
N MET AB 298 -49.95 -106.07 -82.20
CA MET AB 298 -51.32 -106.44 -82.61
C MET AB 298 -51.37 -107.88 -83.11
N SER AB 299 -52.37 -108.63 -82.66
CA SER AB 299 -52.73 -109.97 -83.15
C SER AB 299 -54.19 -110.27 -82.80
N ASP AB 300 -54.75 -111.29 -83.44
CA ASP AB 300 -56.15 -111.69 -83.27
C ASP AB 300 -56.31 -113.02 -82.51
N THR AB 301 -55.21 -113.72 -82.22
CA THR AB 301 -55.22 -115.10 -81.69
C THR AB 301 -53.98 -115.31 -80.80
N PRO AB 302 -54.10 -115.71 -79.52
CA PRO AB 302 -52.97 -115.83 -78.58
C PRO AB 302 -52.18 -117.16 -78.67
N ASN AB 303 -52.14 -117.77 -79.85
CA ASN AB 303 -51.41 -119.01 -80.08
C ASN AB 303 -49.90 -118.75 -80.22
N THR AB 304 -49.13 -118.89 -79.14
CA THR AB 304 -47.66 -118.76 -79.15
C THR AB 304 -46.94 -119.88 -79.91
N SER AB 305 -47.57 -121.04 -80.14
CA SER AB 305 -46.99 -122.09 -80.98
C SER AB 305 -47.03 -121.78 -82.48
N SER AB 306 -47.86 -120.81 -82.90
CA SER AB 306 -47.95 -120.33 -84.28
C SER AB 306 -48.42 -118.87 -84.28
N LEU AB 307 -47.59 -118.01 -83.69
CA LEU AB 307 -47.96 -116.63 -83.44
C LEU AB 307 -48.03 -115.85 -84.74
N HIS AB 308 -49.17 -115.25 -85.01
CA HIS AB 308 -49.33 -114.32 -86.12
C HIS AB 308 -49.65 -112.93 -85.59
N GLY AB 309 -48.85 -111.94 -85.95
CA GLY AB 309 -49.02 -110.57 -85.46
C GLY AB 309 -48.02 -109.57 -86.04
N VAL AB 310 -48.23 -108.32 -85.71
CA VAL AB 310 -47.45 -107.18 -86.20
C VAL AB 310 -47.13 -106.22 -85.06
N TYR AB 311 -46.08 -105.43 -85.23
CA TYR AB 311 -45.74 -104.36 -84.32
C TYR AB 311 -45.32 -103.11 -85.06
N ASN AB 312 -45.70 -101.99 -84.47
CA ASN AB 312 -45.15 -100.68 -84.73
C ASN AB 312 -44.37 -100.23 -83.48
N ALA AB 313 -43.14 -99.77 -83.65
CA ALA AB 313 -42.28 -99.26 -82.59
C ALA AB 313 -41.65 -97.91 -82.97
N ILE AB 314 -41.56 -97.03 -81.99
CA ILE AB 314 -40.92 -95.72 -82.12
C ILE AB 314 -39.74 -95.63 -81.15
N GLY AB 315 -38.63 -95.04 -81.63
CA GLY AB 315 -37.41 -94.86 -80.86
C GLY AB 315 -37.32 -93.55 -80.11
N THR AB 316 -36.35 -93.44 -79.21
CA THR AB 316 -36.07 -92.18 -78.49
C THR AB 316 -35.79 -91.01 -79.43
N ASP AB 317 -35.15 -91.22 -80.59
CA ASP AB 317 -34.93 -90.17 -81.61
C ASP AB 317 -36.14 -89.95 -82.53
N GLY AB 318 -37.25 -90.67 -82.32
CA GLY AB 318 -38.45 -90.60 -83.15
C GLY AB 318 -38.41 -91.47 -84.42
N ARG AB 319 -37.39 -92.31 -84.65
CA ARG AB 319 -37.38 -93.25 -85.78
C ARG AB 319 -38.55 -94.22 -85.67
N ASN AB 320 -39.15 -94.58 -86.80
CA ASN AB 320 -40.22 -95.60 -86.85
C ASN AB 320 -39.69 -96.91 -87.44
N VAL AB 321 -40.03 -98.00 -86.77
CA VAL AB 321 -39.75 -99.36 -87.23
C VAL AB 321 -41.03 -100.17 -87.16
N THR AB 322 -41.31 -100.95 -88.19
CA THR AB 322 -42.43 -101.91 -88.21
C THR AB 322 -41.93 -103.31 -88.52
N GLY AB 323 -42.60 -104.32 -87.97
CA GLY AB 323 -42.27 -105.70 -88.27
C GLY AB 323 -43.39 -106.66 -87.91
N SER AB 324 -43.20 -107.92 -88.26
CA SER AB 324 -44.24 -108.94 -88.12
C SER AB 324 -43.67 -110.28 -87.71
N VAL AB 325 -44.50 -111.03 -87.02
CA VAL AB 325 -44.29 -112.43 -86.70
C VAL AB 325 -45.35 -113.23 -87.45
N VAL AB 326 -44.93 -114.25 -88.17
CA VAL AB 326 -45.80 -115.11 -88.97
C VAL AB 326 -45.44 -116.55 -88.65
N GLY AB 327 -46.39 -117.35 -88.17
CA GLY AB 327 -46.10 -118.70 -87.68
C GLY AB 327 -44.94 -118.76 -86.67
N SER AB 328 -44.86 -117.77 -85.79
CA SER AB 328 -43.73 -117.58 -84.86
C SER AB 328 -42.37 -117.30 -85.53
N ASN AB 329 -42.29 -117.21 -86.86
CA ASN AB 329 -41.11 -116.72 -87.56
C ASN AB 329 -41.09 -115.19 -87.56
N TRP AB 330 -39.97 -114.57 -87.19
CA TRP AB 330 -39.86 -113.12 -87.03
C TRP AB 330 -39.18 -112.48 -88.23
N THR AB 331 -39.90 -111.57 -88.87
CA THR AB 331 -39.43 -110.85 -90.07
C THR AB 331 -38.40 -109.77 -89.75
N SER AB 332 -37.55 -109.40 -90.72
CA SER AB 332 -36.57 -108.31 -90.53
C SER AB 332 -37.26 -106.97 -90.27
N PRO AB 333 -36.89 -106.23 -89.21
CA PRO AB 333 -37.52 -104.96 -88.87
C PRO AB 333 -37.29 -103.92 -89.96
N LYS AB 334 -38.37 -103.28 -90.41
CA LYS AB 334 -38.36 -102.31 -91.53
C LYS AB 334 -38.24 -100.89 -90.99
N THR AB 335 -37.04 -100.35 -91.04
CA THR AB 335 -36.81 -98.97 -90.60
C THR AB 335 -37.27 -98.01 -91.68
N SER AB 336 -38.17 -97.10 -91.33
CA SER AB 336 -38.55 -96.02 -92.24
C SER AB 336 -37.48 -94.91 -92.25
N PRO AB 337 -37.15 -94.28 -93.39
CA PRO AB 337 -36.42 -93.01 -93.42
C PRO AB 337 -37.27 -91.82 -92.91
N SER AB 338 -36.71 -90.62 -92.88
CA SER AB 338 -37.47 -89.38 -92.68
C SER AB 338 -36.78 -88.15 -93.27
N HIS AB 339 -37.49 -87.05 -93.42
CA HIS AB 339 -36.98 -85.83 -94.07
C HIS AB 339 -37.52 -84.54 -93.46
N LYS AB 340 -36.84 -83.43 -93.70
CA LYS AB 340 -37.35 -82.06 -93.57
C LYS AB 340 -36.88 -81.16 -94.71
N GLU AB 341 -37.75 -80.32 -95.27
CA GLU AB 341 -37.35 -79.26 -96.19
C GLU AB 341 -36.55 -78.17 -95.46
N LEU AB 342 -35.30 -77.94 -95.86
CA LEU AB 342 -34.44 -76.96 -95.18
C LEU AB 342 -34.45 -75.60 -95.84
N TRP AB 343 -34.42 -75.57 -97.17
CA TRP AB 343 -34.49 -74.33 -97.93
C TRP AB 343 -35.15 -74.55 -99.30
N THR AB 344 -35.80 -73.52 -99.81
CA THR AB 344 -36.25 -73.43 -101.21
C THR AB 344 -36.00 -72.03 -101.73
N GLY AB 345 -35.86 -71.89 -103.06
CA GLY AB 345 -35.75 -70.59 -103.71
C GLY AB 345 -35.30 -70.73 -105.17
N ALA AB 346 -34.54 -69.74 -105.64
CA ALA AB 346 -33.89 -69.75 -106.94
C ALA AB 346 -32.56 -68.97 -106.89
N GLN AB 347 -31.47 -69.65 -106.56
CA GLN AB 347 -30.15 -69.04 -106.49
C GLN AB 347 -29.38 -69.37 -107.77
N SER AB 348 -28.90 -68.34 -108.47
CA SER AB 348 -28.16 -68.54 -109.71
C SER AB 348 -26.83 -69.20 -109.43
N PHE AB 349 -26.44 -70.15 -110.29
CA PHE AB 349 -25.11 -70.75 -110.27
C PHE AB 349 -24.00 -69.71 -110.30
N LEU AB 350 -24.22 -68.55 -110.92
CA LEU AB 350 -23.20 -67.50 -110.94
C LEU AB 350 -23.03 -66.79 -109.58
N SER AB 351 -24.00 -66.89 -108.66
CA SER AB 351 -24.02 -66.18 -107.36
C SER AB 351 -23.06 -66.78 -106.32
N THR AB 352 -21.84 -67.14 -106.73
CA THR AB 352 -20.81 -67.77 -105.89
C THR AB 352 -20.33 -66.83 -104.77
N GLY AB 353 -20.15 -67.35 -103.56
CA GLY AB 353 -19.93 -66.56 -102.34
C GLY AB 353 -21.18 -65.94 -101.70
N THR AB 354 -22.39 -66.43 -102.04
CA THR AB 354 -23.66 -66.04 -101.40
C THR AB 354 -24.10 -67.09 -100.40
N THR AB 355 -24.41 -66.66 -99.16
CA THR AB 355 -24.87 -67.53 -98.07
C THR AB 355 -26.36 -67.34 -97.85
N LYS AB 356 -27.09 -68.44 -97.67
CA LYS AB 356 -28.52 -68.48 -97.31
C LYS AB 356 -28.73 -69.33 -96.04
N ASN AB 357 -29.76 -69.00 -95.28
CA ASN AB 357 -30.13 -69.78 -94.09
C ASN AB 357 -30.71 -71.17 -94.46
N LEU AB 358 -30.88 -72.02 -93.45
CA LEU AB 358 -31.61 -73.29 -93.43
C LEU AB 358 -32.65 -73.25 -92.29
N SER AB 359 -33.73 -74.01 -92.44
CA SER AB 359 -34.85 -74.07 -91.47
C SER AB 359 -34.55 -74.88 -90.18
N ASP AB 360 -33.40 -75.53 -90.09
CA ASP AB 360 -32.96 -76.37 -88.97
C ASP AB 360 -31.42 -76.29 -88.88
N ASP AB 361 -30.73 -77.18 -88.21
CA ASP AB 361 -29.28 -77.33 -88.30
C ASP AB 361 -28.91 -78.55 -89.15
N ILE AB 362 -27.96 -78.41 -90.08
CA ILE AB 362 -27.55 -79.50 -90.99
C ILE AB 362 -27.10 -80.76 -90.23
N SER AB 363 -26.60 -80.63 -88.99
CA SER AB 363 -26.22 -81.77 -88.17
C SER AB 363 -27.39 -82.69 -87.81
N ASN AB 364 -28.64 -82.18 -87.82
CA ASN AB 364 -29.84 -83.00 -87.58
C ASN AB 364 -30.15 -83.94 -88.76
N TYR AB 365 -29.23 -84.09 -89.72
CA TYR AB 365 -29.36 -84.94 -90.90
C TYR AB 365 -28.10 -85.77 -91.14
N SER AB 366 -28.26 -86.89 -91.84
CA SER AB 366 -27.13 -87.69 -92.30
C SER AB 366 -26.95 -87.62 -93.81
N TYR AB 367 -27.97 -87.13 -94.52
CA TYR AB 367 -28.01 -87.08 -95.96
C TYR AB 367 -28.64 -85.76 -96.42
N VAL AB 368 -28.28 -85.28 -97.61
CA VAL AB 368 -28.87 -84.07 -98.18
C VAL AB 368 -29.20 -84.26 -99.64
N GLU AB 369 -30.35 -83.72 -100.06
CA GLU AB 369 -30.70 -83.55 -101.47
C GLU AB 369 -30.63 -82.08 -101.86
N VAL AB 370 -29.87 -81.80 -102.92
CA VAL AB 370 -29.73 -80.49 -103.55
C VAL AB 370 -30.44 -80.58 -104.89
N TYR AB 371 -31.38 -79.68 -105.16
CA TYR AB 371 -32.10 -79.66 -106.43
C TYR AB 371 -31.65 -78.52 -107.32
N THR AB 372 -31.48 -78.82 -108.61
CA THR AB 372 -30.97 -77.88 -109.61
C THR AB 372 -31.88 -77.85 -110.83
N THR AB 373 -32.15 -76.66 -111.35
CA THR AB 373 -33.09 -76.44 -112.46
C THR AB 373 -32.36 -75.76 -113.63
N HIS AB 374 -32.44 -76.35 -114.82
CA HIS AB 374 -31.58 -75.99 -115.94
C HIS AB 374 -32.34 -75.69 -117.23
N LYS AB 375 -31.69 -74.89 -118.07
CA LYS AB 375 -31.95 -74.74 -119.50
C LYS AB 375 -30.77 -75.28 -120.31
N THR AB 376 -31.03 -76.17 -121.26
CA THR AB 376 -30.01 -76.73 -122.18
C THR AB 376 -29.56 -75.71 -123.23
N THR AB 377 -28.39 -75.92 -123.82
CA THR AB 377 -27.83 -75.04 -124.85
C THR AB 377 -28.73 -74.91 -126.07
N GLU AB 378 -28.97 -76.00 -126.77
CA GLU AB 378 -29.95 -76.06 -127.86
C GLU AB 378 -31.32 -76.50 -127.37
N LYS AB 379 -32.34 -76.21 -128.19
CA LYS AB 379 -33.70 -76.75 -128.00
C LYS AB 379 -33.81 -78.11 -128.68
N THR AB 380 -34.49 -79.02 -128.01
CA THR AB 380 -34.89 -80.32 -128.53
C THR AB 380 -36.40 -80.36 -128.65
N LYS AB 381 -36.91 -80.61 -129.86
CA LYS AB 381 -38.34 -80.54 -130.21
C LYS AB 381 -39.05 -79.23 -129.80
N GLY AB 382 -38.30 -78.14 -129.69
CA GLY AB 382 -38.77 -76.79 -129.34
C GLY AB 382 -38.70 -76.38 -127.86
N ASN AB 383 -38.20 -77.25 -126.97
CA ASN AB 383 -38.05 -76.99 -125.54
C ASN AB 383 -36.56 -77.05 -125.14
N ASP AB 384 -36.13 -76.26 -124.15
CA ASP AB 384 -34.79 -76.36 -123.54
C ASP AB 384 -34.80 -76.61 -122.00
N ASN AB 385 -35.97 -76.71 -121.35
CA ASN AB 385 -36.11 -76.96 -119.90
C ASN AB 385 -35.87 -78.45 -119.54
N THR AB 386 -35.02 -78.72 -118.55
CA THR AB 386 -34.65 -80.09 -118.12
C THR AB 386 -35.60 -80.72 -117.12
N GLY AB 387 -36.44 -79.89 -116.46
CA GLY AB 387 -37.05 -80.22 -115.18
C GLY AB 387 -36.01 -80.19 -114.05
N THR AB 388 -36.48 -80.07 -112.80
CA THR AB 388 -35.64 -79.86 -111.61
C THR AB 388 -35.03 -81.16 -111.08
N ILE AB 389 -33.72 -81.31 -111.22
CA ILE AB 389 -33.00 -82.57 -110.97
C ILE AB 389 -32.43 -82.63 -109.57
N CYS AB 390 -32.59 -83.78 -108.91
CA CYS AB 390 -31.99 -84.09 -107.62
C CYS AB 390 -30.51 -84.46 -107.73
N HIS AB 391 -29.69 -83.97 -106.80
CA HIS AB 391 -28.38 -84.48 -106.45
C HIS AB 391 -28.35 -84.85 -104.97
N LYS AB 392 -28.10 -86.12 -104.63
CA LYS AB 392 -28.18 -86.64 -103.27
C LYS AB 392 -26.78 -86.98 -102.77
N PHE AB 393 -26.47 -86.55 -101.56
CA PHE AB 393 -25.19 -86.77 -100.91
C PHE AB 393 -25.33 -87.29 -99.49
N TYR AB 394 -24.39 -88.15 -99.11
CA TYR AB 394 -24.11 -88.42 -97.70
C TYR AB 394 -23.31 -87.26 -97.10
N LEU AB 395 -23.69 -86.82 -95.90
CA LEU AB 395 -23.03 -85.71 -95.21
C LEU AB 395 -21.74 -86.23 -94.57
N ASP AB 396 -20.71 -86.37 -95.39
CA ASP AB 396 -19.32 -86.72 -95.05
C ASP AB 396 -18.46 -85.54 -94.50
N GLY AB 397 -19.06 -84.38 -94.23
CA GLY AB 397 -18.35 -83.20 -93.74
C GLY AB 397 -17.47 -82.48 -94.76
N SER AB 398 -17.50 -82.83 -96.05
CA SER AB 398 -16.72 -82.15 -97.09
C SER AB 398 -16.89 -80.64 -97.03
N GLY AB 399 -15.83 -79.88 -97.31
CA GLY AB 399 -15.96 -78.43 -97.49
C GLY AB 399 -16.84 -78.08 -98.69
N THR AB 400 -16.92 -78.95 -99.72
CA THR AB 400 -17.79 -78.73 -100.88
C THR AB 400 -18.50 -80.01 -101.27
N TYR AB 401 -19.79 -79.89 -101.55
CA TYR AB 401 -20.62 -80.90 -102.19
C TYR AB 401 -20.83 -80.49 -103.63
N VAL AB 402 -20.49 -81.37 -104.57
CA VAL AB 402 -20.37 -81.02 -105.98
C VAL AB 402 -21.47 -81.68 -106.81
N CYS AB 403 -22.31 -80.87 -107.44
CA CYS AB 403 -23.47 -81.28 -108.24
C CYS AB 403 -23.13 -81.14 -109.73
N SER AB 404 -22.50 -82.15 -110.33
CA SER AB 404 -21.89 -82.08 -111.68
C SER AB 404 -22.56 -83.07 -112.62
N GLY AB 405 -22.67 -82.73 -113.89
CA GLY AB 405 -23.34 -83.58 -114.86
C GLY AB 405 -23.32 -83.04 -116.28
N THR AB 406 -24.01 -83.74 -117.18
CA THR AB 406 -24.09 -83.39 -118.60
C THR AB 406 -25.52 -83.42 -119.14
N PHE AB 407 -25.72 -82.67 -120.23
CA PHE AB 407 -26.89 -82.79 -121.10
C PHE AB 407 -26.46 -83.03 -122.55
N VAL AB 408 -27.25 -83.82 -123.27
CA VAL AB 408 -27.24 -83.82 -124.73
C VAL AB 408 -28.40 -82.92 -125.19
N SER AB 409 -28.20 -81.98 -126.11
CA SER AB 409 -29.30 -81.15 -126.60
C SER AB 409 -29.16 -80.85 -128.08
N GLY AB 410 -30.28 -80.49 -128.69
CA GLY AB 410 -30.40 -80.36 -130.14
C GLY AB 410 -30.93 -81.64 -130.83
N ASP AB 411 -31.77 -81.44 -131.83
CA ASP AB 411 -32.33 -82.48 -132.70
C ASP AB 411 -31.23 -82.95 -133.67
N ARG AB 412 -31.12 -84.27 -133.91
CA ARG AB 412 -30.17 -84.81 -134.91
C ARG AB 412 -30.69 -84.64 -136.32
N THR AB 413 -29.81 -84.20 -137.22
CA THR AB 413 -29.98 -84.27 -138.67
C THR AB 413 -28.78 -85.00 -139.28
N ASP AB 414 -28.72 -85.19 -140.60
CA ASP AB 414 -27.56 -85.77 -141.31
C ASP AB 414 -26.35 -84.80 -141.32
N THR AB 415 -26.61 -83.49 -141.27
CA THR AB 415 -25.59 -82.43 -141.28
C THR AB 415 -25.18 -81.99 -139.87
N LYS AB 416 -26.11 -82.02 -138.89
CA LYS AB 416 -25.89 -81.57 -137.51
C LYS AB 416 -26.17 -82.67 -136.48
N PRO AB 417 -25.17 -83.07 -135.68
CA PRO AB 417 -25.41 -83.94 -134.53
C PRO AB 417 -25.95 -83.12 -133.35
N PRO AB 418 -26.60 -83.75 -132.37
CA PRO AB 418 -26.84 -83.12 -131.07
C PRO AB 418 -25.53 -82.72 -130.39
N ILE AB 419 -25.56 -81.59 -129.69
CA ILE AB 419 -24.43 -81.10 -128.89
C ILE AB 419 -24.46 -81.67 -127.47
N THR AB 420 -23.31 -81.64 -126.80
CA THR AB 420 -23.15 -82.04 -125.40
C THR AB 420 -22.61 -80.88 -124.57
N GLU AB 421 -23.08 -80.78 -123.32
CA GLU AB 421 -22.70 -79.72 -122.40
C GLU AB 421 -22.50 -80.29 -120.99
N PHE AB 422 -21.62 -79.64 -120.23
CA PHE AB 422 -21.30 -80.00 -118.85
C PHE AB 422 -21.74 -78.84 -117.95
N TYR AB 423 -22.15 -79.19 -116.74
CA TYR AB 423 -22.50 -78.22 -115.70
C TYR AB 423 -22.00 -78.67 -114.32
N ARG AB 424 -21.77 -77.71 -113.42
CA ARG AB 424 -21.42 -77.96 -112.02
C ARG AB 424 -21.98 -76.87 -111.11
N VAL AB 425 -22.36 -77.21 -109.89
CA VAL AB 425 -22.43 -76.27 -108.74
C VAL AB 425 -21.86 -76.92 -107.48
N GLY AB 426 -21.03 -76.20 -106.74
CA GLY AB 426 -20.43 -76.65 -105.48
C GLY AB 426 -21.00 -75.87 -104.30
N VAL AB 427 -21.58 -76.56 -103.32
CA VAL AB 427 -22.25 -75.96 -102.15
C VAL AB 427 -21.58 -76.42 -100.87
N SER AB 428 -21.71 -75.65 -99.81
CA SER AB 428 -21.23 -76.02 -98.47
C SER AB 428 -22.26 -75.72 -97.41
N PHE AB 429 -22.14 -76.37 -96.27
CA PHE AB 429 -23.07 -76.25 -95.16
C PHE AB 429 -22.32 -75.91 -93.90
N LYS AB 430 -22.90 -75.08 -93.05
CA LYS AB 430 -22.37 -74.72 -91.74
C LYS AB 430 -23.53 -74.41 -90.81
N GLY AB 431 -23.79 -75.34 -89.87
CA GLY AB 431 -24.93 -75.28 -88.97
C GLY AB 431 -26.25 -75.08 -89.71
N SER AB 432 -26.96 -73.99 -89.39
CA SER AB 432 -28.22 -73.57 -90.04
C SER AB 432 -27.99 -72.71 -91.29
N THR AB 433 -26.90 -72.85 -92.03
CA THR AB 433 -26.64 -72.07 -93.25
C THR AB 433 -26.04 -72.92 -94.36
N TRP AB 434 -26.25 -72.49 -95.59
CA TRP AB 434 -25.59 -73.04 -96.77
C TRP AB 434 -25.03 -71.93 -97.65
N THR AB 435 -23.95 -72.23 -98.35
CA THR AB 435 -23.28 -71.27 -99.23
C THR AB 435 -23.08 -71.85 -100.61
N LEU AB 436 -23.32 -71.06 -101.64
CA LEU AB 436 -22.93 -71.40 -103.00
C LEU AB 436 -21.44 -71.10 -103.19
N VAL AB 437 -20.59 -72.11 -103.14
CA VAL AB 437 -19.13 -71.95 -103.20
C VAL AB 437 -18.64 -71.70 -104.62
N ASP AB 438 -19.08 -72.48 -105.61
CA ASP AB 438 -18.57 -72.43 -106.98
C ASP AB 438 -19.58 -72.97 -108.01
N SER AB 439 -19.30 -72.76 -109.31
CA SER AB 439 -20.09 -73.35 -110.40
C SER AB 439 -19.34 -73.42 -111.72
N ALA AB 440 -19.90 -74.16 -112.67
CA ALA AB 440 -19.54 -74.10 -114.07
C ALA AB 440 -20.79 -74.23 -114.94
N VAL AB 441 -20.84 -73.44 -116.01
CA VAL AB 441 -21.92 -73.40 -117.01
C VAL AB 441 -21.33 -73.33 -118.43
N GLN AB 442 -21.91 -74.03 -119.40
CA GLN AB 442 -21.44 -74.08 -120.79
C GLN AB 442 -22.43 -73.49 -121.82
N ASN AB 443 -23.31 -72.61 -121.37
CA ASN AB 443 -24.23 -71.88 -122.24
C ASN AB 443 -24.57 -70.52 -121.62
N SER AB 444 -25.18 -69.64 -122.39
CA SER AB 444 -25.54 -68.28 -121.94
C SER AB 444 -26.80 -68.21 -121.07
N LYS AB 445 -27.38 -69.35 -120.67
CA LYS AB 445 -28.68 -69.43 -119.99
C LYS AB 445 -28.51 -69.71 -118.51
N THR AB 446 -29.29 -69.02 -117.67
CA THR AB 446 -29.09 -69.13 -116.23
C THR AB 446 -29.58 -70.47 -115.67
N GLN AB 447 -28.78 -71.06 -114.81
CA GLN AB 447 -29.03 -72.33 -114.14
C GLN AB 447 -29.15 -72.08 -112.62
N TYR AB 448 -30.00 -72.83 -111.90
CA TYR AB 448 -30.39 -72.48 -110.52
C TYR AB 448 -30.33 -73.60 -109.51
N VAL AB 449 -29.82 -73.31 -108.29
CA VAL AB 449 -30.09 -74.12 -107.09
C VAL AB 449 -31.47 -73.73 -106.55
N THR AB 450 -32.36 -74.70 -106.39
CA THR AB 450 -33.78 -74.40 -106.16
C THR AB 450 -34.38 -75.05 -104.92
N ARG AB 451 -33.86 -76.19 -104.43
CA ARG AB 451 -34.34 -76.83 -103.18
C ARG AB 451 -33.24 -77.56 -102.42
N ILE AB 452 -33.26 -77.54 -101.09
CA ILE AB 452 -32.39 -78.35 -100.21
C ILE AB 452 -33.28 -79.09 -99.20
N ILE AB 453 -33.13 -80.42 -99.15
CA ILE AB 453 -33.88 -81.30 -98.25
C ILE AB 453 -32.89 -82.05 -97.36
N GLY AB 454 -33.12 -82.00 -96.05
CA GLY AB 454 -32.34 -82.76 -95.08
C GLY AB 454 -32.97 -84.13 -94.84
N ILE AB 455 -32.20 -85.20 -95.00
CA ILE AB 455 -32.67 -86.58 -94.98
C ILE AB 455 -31.99 -87.33 -93.82
N ASN AB 456 -32.75 -88.20 -93.17
CA ASN AB 456 -32.27 -89.19 -92.23
C ASN AB 456 -32.65 -90.58 -92.68
N MET AB 457 -31.66 -91.45 -92.71
CA MET AB 457 -31.82 -92.88 -92.96
C MET AB 457 -31.25 -93.60 -91.74
N PRO AB 458 -31.95 -93.58 -90.58
CA PRO AB 458 -31.40 -94.00 -89.28
C PRO AB 458 -31.03 -95.49 -89.23
N MET BB 1 -149.67 -24.42 3.84
CA MET BB 1 -150.56 -23.60 2.98
C MET BB 1 -151.87 -23.30 3.72
N ALA BB 2 -152.39 -22.08 3.61
CA ALA BB 2 -153.72 -21.72 4.09
C ALA BB 2 -154.83 -22.31 3.19
N PHE BB 3 -155.96 -22.78 3.75
CA PHE BB 3 -157.05 -23.36 2.93
C PHE BB 3 -157.73 -22.32 2.01
N ASN BB 4 -158.29 -22.78 0.89
CA ASN BB 4 -158.94 -21.94 -0.11
C ASN BB 4 -160.39 -22.41 -0.35
N TYR BB 5 -161.38 -21.50 -0.33
CA TYR BB 5 -162.82 -21.82 -0.34
C TYR BB 5 -163.68 -20.75 -1.07
N THR BB 6 -164.91 -21.09 -1.47
CA THR BB 6 -165.95 -20.17 -2.00
C THR BB 6 -167.40 -20.69 -1.70
N PRO BB 7 -168.21 -19.99 -0.87
CA PRO BB 7 -169.55 -20.42 -0.43
C PRO BB 7 -170.62 -20.75 -1.51
N LEU BB 8 -171.45 -21.74 -1.17
CA LEU BB 8 -172.70 -22.18 -1.81
C LEU BB 8 -173.90 -21.29 -1.41
N THR BB 9 -175.04 -21.46 -2.09
CA THR BB 9 -176.31 -20.72 -1.93
C THR BB 9 -177.52 -21.65 -1.97
N GLU BB 10 -178.72 -21.18 -1.58
CA GLU BB 10 -179.96 -22.00 -1.59
C GLU BB 10 -180.36 -22.61 -2.95
N THR BB 11 -180.15 -21.85 -4.03
CA THR BB 11 -180.56 -22.24 -5.37
C THR BB 11 -179.63 -23.28 -6.00
N GLN BB 12 -178.39 -23.41 -5.52
CA GLN BB 12 -177.43 -24.38 -6.06
C GLN BB 12 -177.90 -25.81 -5.79
N LYS BB 13 -178.05 -26.58 -6.88
CA LYS BB 13 -178.51 -27.97 -6.90
C LYS BB 13 -177.48 -28.88 -6.18
N LEU BB 14 -177.89 -30.09 -5.82
CA LEU BB 14 -177.06 -31.04 -5.07
C LEU BB 14 -175.68 -31.33 -5.74
N LYS BB 15 -175.66 -31.35 -7.07
CA LYS BB 15 -174.50 -31.48 -7.97
C LYS BB 15 -173.41 -30.43 -7.75
N ASP BB 16 -173.75 -29.26 -7.21
CA ASP BB 16 -172.80 -28.17 -6.99
C ASP BB 16 -172.10 -28.27 -5.63
N MET BB 17 -172.64 -29.03 -4.67
CA MET BB 17 -172.14 -29.12 -3.28
C MET BB 17 -171.08 -30.20 -3.05
N TYR BB 18 -171.26 -31.40 -3.60
CA TYR BB 18 -170.29 -32.48 -3.42
C TYR BB 18 -168.82 -32.13 -3.76
N PRO BB 19 -168.48 -31.26 -4.73
CA PRO BB 19 -167.08 -30.93 -5.00
C PRO BB 19 -166.44 -30.17 -3.83
N LYS BB 20 -167.22 -29.35 -3.15
CA LYS BB 20 -166.75 -28.52 -2.03
C LYS BB 20 -166.41 -29.37 -0.81
N VAL BB 21 -167.31 -30.31 -0.48
CA VAL BB 21 -167.11 -31.34 0.56
C VAL BB 21 -165.81 -32.14 0.31
N ASN BB 22 -165.53 -32.49 -0.94
CA ASN BB 22 -164.29 -33.19 -1.28
C ASN BB 22 -163.02 -32.36 -1.01
N ASP BB 23 -163.02 -31.09 -1.38
CA ASP BB 23 -161.86 -30.22 -1.20
C ASP BB 23 -161.45 -30.06 0.27
N ILE BB 24 -162.43 -29.80 1.13
CA ILE BB 24 -162.31 -29.62 2.59
C ILE BB 24 -161.66 -30.83 3.27
N GLY BB 25 -162.11 -32.04 2.94
CA GLY BB 25 -161.64 -33.30 3.52
C GLY BB 25 -160.24 -33.73 3.02
N ASN BB 26 -159.92 -33.48 1.76
CA ASN BB 26 -158.57 -33.63 1.26
C ASN BB 26 -157.58 -32.73 2.01
N PHE BB 27 -157.85 -31.43 2.19
CA PHE BB 27 -156.97 -30.56 2.98
C PHE BB 27 -156.79 -31.06 4.43
N LEU BB 28 -157.85 -31.57 5.06
CA LEU BB 28 -157.79 -32.19 6.38
C LEU BB 28 -156.95 -33.47 6.40
N LYS BB 29 -156.83 -34.20 5.28
CA LYS BB 29 -155.96 -35.37 5.10
C LYS BB 29 -154.49 -35.05 4.82
N THR BB 30 -154.18 -33.85 4.31
CA THR BB 30 -152.83 -33.52 3.78
C THR BB 30 -152.09 -32.37 4.48
N GLU BB 31 -152.76 -31.50 5.24
CA GLU BB 31 -152.13 -30.33 5.91
C GLU BB 31 -152.38 -30.26 7.42
N VAL BB 32 -153.55 -30.73 7.88
CA VAL BB 32 -154.06 -30.51 9.23
C VAL BB 32 -153.87 -31.75 10.11
N ASN BB 33 -153.44 -31.53 11.36
CA ASN BB 33 -153.21 -32.58 12.37
C ASN BB 33 -152.37 -33.77 11.82
N LEU BB 34 -151.24 -33.42 11.21
CA LEU BB 34 -150.25 -34.37 10.71
C LEU BB 34 -149.53 -35.06 11.88
N SER BB 35 -149.37 -36.38 11.80
CA SER BB 35 -148.65 -37.13 12.82
C SER BB 35 -147.15 -36.77 12.84
N ASP BB 36 -146.56 -36.71 11.65
CA ASP BB 36 -145.18 -36.31 11.40
C ASP BB 36 -145.14 -34.89 10.83
N VAL BB 37 -144.27 -34.03 11.35
CA VAL BB 37 -144.13 -32.65 10.84
C VAL BB 37 -143.71 -32.65 9.36
N LYS BB 38 -144.24 -31.72 8.57
CA LYS BB 38 -143.99 -31.68 7.10
C LYS BB 38 -142.48 -31.61 6.82
N GLN BB 39 -141.99 -32.50 5.97
CA GLN BB 39 -140.59 -32.48 5.59
C GLN BB 39 -140.35 -31.45 4.47
N ILE BB 40 -139.23 -30.73 4.52
CA ILE BB 40 -138.77 -29.77 3.49
C ILE BB 40 -137.31 -30.05 3.16
N SER BB 41 -136.98 -30.10 1.87
CA SER BB 41 -135.67 -30.59 1.41
C SER BB 41 -134.78 -29.49 0.84
N GLN BB 42 -133.53 -29.44 1.33
CA GLN BB 42 -132.50 -28.44 1.02
C GLN BB 42 -132.89 -26.94 1.21
N PRO BB 43 -133.56 -26.54 2.32
CA PRO BB 43 -133.89 -25.12 2.54
C PRO BB 43 -132.66 -24.28 2.92
N ASP BB 44 -132.69 -22.97 2.67
CA ASP BB 44 -131.63 -22.04 3.10
C ASP BB 44 -132.12 -21.12 4.22
N PHE BB 45 -131.51 -21.18 5.40
CA PHE BB 45 -131.88 -20.35 6.54
C PHE BB 45 -131.71 -18.84 6.28
N ASN BB 46 -130.84 -18.43 5.35
CA ASN BB 46 -130.64 -17.01 4.97
C ASN BB 46 -131.77 -16.45 4.10
N ASN BB 47 -132.68 -17.31 3.63
CA ASN BB 47 -133.78 -16.92 2.75
C ASN BB 47 -135.01 -17.82 3.00
N ILE BB 48 -135.22 -18.28 4.25
CA ILE BB 48 -136.00 -19.49 4.56
C ILE BB 48 -137.43 -19.47 3.96
N LEU BB 49 -138.03 -18.29 3.81
CA LEU BB 49 -139.35 -18.14 3.23
C LEU BB 49 -139.47 -18.72 1.81
N ALA BB 50 -138.40 -18.67 1.01
CA ALA BB 50 -138.38 -19.25 -0.32
C ALA BB 50 -138.53 -20.79 -0.33
N SER BB 51 -138.39 -21.46 0.82
CA SER BB 51 -138.62 -22.92 0.99
C SER BB 51 -139.64 -23.27 2.10
N ILE BB 52 -139.91 -22.35 3.02
CA ILE BB 52 -140.87 -22.47 4.12
C ILE BB 52 -141.59 -21.11 4.24
N PRO BB 53 -142.57 -20.82 3.37
CA PRO BB 53 -143.21 -19.50 3.32
C PRO BB 53 -144.24 -19.25 4.42
N ASP BB 54 -144.71 -20.31 5.10
CA ASP BB 54 -145.79 -20.25 6.09
C ASP BB 54 -145.28 -20.55 7.49
N SER BB 55 -145.85 -19.87 8.48
CA SER BB 55 -145.76 -20.26 9.89
C SER BB 55 -146.26 -21.69 10.09
N GLY BB 56 -145.66 -22.44 11.01
CA GLY BB 56 -145.99 -23.84 11.25
C GLY BB 56 -144.80 -24.66 11.73
N ASN BB 57 -144.91 -25.98 11.63
CA ASN BB 57 -143.90 -26.91 12.14
C ASN BB 57 -143.45 -27.93 11.07
N TYR BB 58 -142.13 -28.15 10.98
CA TYR BB 58 -141.43 -28.77 9.85
C TYR BB 58 -140.25 -29.63 10.33
N TYR BB 59 -139.80 -30.57 9.51
CA TYR BB 59 -138.44 -31.14 9.62
C TYR BB 59 -137.67 -30.77 8.36
N VAL BB 60 -136.48 -30.19 8.52
CA VAL BB 60 -135.64 -29.81 7.39
C VAL BB 60 -134.56 -30.85 7.17
N THR BB 61 -134.34 -31.20 5.91
CA THR BB 61 -133.25 -32.08 5.51
C THR BB 61 -132.23 -31.30 4.67
N ASN BB 62 -130.94 -31.59 4.87
CA ASN BB 62 -129.85 -31.12 4.00
C ASN BB 62 -129.79 -29.57 3.81
N SER BB 63 -130.19 -28.79 4.82
CA SER BB 63 -130.28 -27.30 4.78
C SER BB 63 -128.92 -26.58 4.65
N LYS BB 64 -128.97 -25.29 4.34
CA LYS BB 64 -127.81 -24.38 4.22
C LYS BB 64 -127.93 -23.23 5.22
N GLY BB 65 -126.80 -22.69 5.70
CA GLY BB 65 -126.80 -21.58 6.66
C GLY BB 65 -127.33 -21.95 8.05
N ALA BB 66 -127.22 -23.22 8.41
CA ALA BB 66 -127.48 -23.70 9.75
C ALA BB 66 -126.51 -23.02 10.75
N PRO BB 67 -126.76 -23.09 12.06
CA PRO BB 67 -125.84 -22.58 13.06
C PRO BB 67 -124.41 -23.11 12.88
N SER BB 68 -123.40 -22.31 13.20
CA SER BB 68 -121.99 -22.73 13.10
C SER BB 68 -121.72 -23.93 14.03
N GLY BB 69 -121.08 -24.98 13.52
CA GLY BB 69 -120.79 -26.20 14.29
C GLY BB 69 -122.03 -27.03 14.63
N GLU BB 70 -122.95 -27.21 13.68
CA GLU BB 70 -124.18 -28.03 13.81
C GLU BB 70 -124.46 -28.93 12.60
N ALA BB 71 -125.39 -29.87 12.79
CA ALA BB 71 -126.03 -30.59 11.70
C ALA BB 71 -126.92 -29.67 10.83
N THR BB 72 -127.11 -30.07 9.56
CA THR BB 72 -128.03 -29.48 8.57
C THR BB 72 -129.44 -30.08 8.58
N ALA BB 73 -129.64 -31.24 9.22
CA ALA BB 73 -130.94 -31.85 9.39
C ALA BB 73 -131.46 -31.68 10.83
N GLY BB 74 -132.74 -31.36 10.96
CA GLY BB 74 -133.38 -31.17 12.26
C GLY BB 74 -134.80 -30.64 12.16
N PHE BB 75 -135.42 -30.47 13.30
CA PHE BB 75 -136.74 -29.87 13.40
C PHE BB 75 -136.63 -28.35 13.27
N VAL BB 76 -137.58 -27.75 12.56
CA VAL BB 76 -137.73 -26.29 12.48
C VAL BB 76 -139.14 -25.91 12.86
N ARG BB 77 -139.26 -24.88 13.68
CA ARG BB 77 -140.46 -24.07 13.77
C ARG BB 77 -140.19 -22.75 13.05
N LEU BB 78 -141.16 -22.27 12.28
CA LEU BB 78 -141.17 -20.89 11.79
C LEU BB 78 -142.38 -20.16 12.36
N ASP BB 79 -142.15 -19.00 12.99
CA ASP BB 79 -143.21 -18.05 13.33
C ASP BB 79 -143.02 -16.80 12.49
N LYS BB 80 -144.04 -16.39 11.73
CA LYS BB 80 -143.98 -15.23 10.82
C LYS BB 80 -145.13 -14.24 11.08
N ARG BB 81 -144.84 -12.95 10.86
CA ARG BB 81 -145.76 -11.80 11.00
C ARG BB 81 -145.97 -11.10 9.64
N ASN BB 82 -144.89 -10.98 8.86
CA ASN BB 82 -144.86 -10.68 7.42
C ASN BB 82 -143.44 -10.95 6.88
N VAL BB 83 -143.14 -10.69 5.60
CA VAL BB 83 -141.79 -10.88 5.02
C VAL BB 83 -140.70 -9.96 5.62
N ASN BB 84 -141.07 -8.91 6.37
CA ASN BB 84 -140.12 -8.08 7.12
C ASN BB 84 -139.89 -8.59 8.55
N TYR BB 85 -140.74 -9.47 9.09
CA TYR BB 85 -140.71 -9.87 10.49
C TYR BB 85 -141.06 -11.36 10.69
N TYR BB 86 -140.09 -12.15 11.16
CA TYR BB 86 -140.26 -13.56 11.52
C TYR BB 86 -139.16 -14.07 12.46
N LYS BB 87 -139.39 -15.23 13.09
CA LYS BB 87 -138.44 -15.97 13.94
C LYS BB 87 -138.30 -17.40 13.47
N ILE BB 88 -137.05 -17.83 13.28
CA ILE BB 88 -136.72 -19.22 13.00
C ILE BB 88 -136.22 -19.87 14.31
N TYR BB 89 -136.69 -21.08 14.61
CA TYR BB 89 -136.15 -21.90 15.71
C TYR BB 89 -135.77 -23.27 15.17
N TYR BB 90 -134.53 -23.70 15.46
CA TYR BB 90 -133.94 -24.91 14.90
C TYR BB 90 -133.37 -25.81 15.99
N SER BB 91 -133.75 -27.08 15.96
CA SER BB 91 -133.18 -28.10 16.85
C SER BB 91 -132.58 -29.24 16.02
N PRO BB 92 -131.24 -29.36 15.96
CA PRO BB 92 -130.53 -30.41 15.24
C PRO BB 92 -131.03 -31.81 15.61
N TYR BB 93 -131.05 -32.73 14.65
CA TYR BB 93 -131.47 -34.11 14.91
C TYR BB 93 -130.57 -34.86 15.91
N SER BB 94 -129.30 -34.48 16.02
CA SER BB 94 -128.24 -35.21 16.74
C SER BB 94 -127.87 -34.64 18.11
N SER BB 95 -128.71 -33.78 18.68
CA SER BB 95 -128.51 -33.26 20.03
C SER BB 95 -129.80 -32.65 20.59
N ASN BB 96 -129.84 -32.40 21.89
CA ASN BB 96 -130.91 -31.68 22.58
C ASN BB 96 -130.81 -30.14 22.45
N LYS BB 97 -129.92 -29.61 21.61
CA LYS BB 97 -129.73 -28.16 21.47
C LYS BB 97 -130.95 -27.49 20.81
N MET BB 98 -131.16 -26.21 21.08
CA MET BB 98 -132.16 -25.37 20.41
C MET BB 98 -131.55 -24.01 20.05
N TYR BB 99 -131.69 -23.57 18.80
CA TYR BB 99 -131.16 -22.33 18.24
C TYR BB 99 -132.25 -21.37 17.80
N ILE BB 100 -132.00 -20.06 17.92
CA ILE BB 100 -132.94 -19.01 17.54
C ILE BB 100 -132.28 -17.97 16.63
N LYS BB 101 -133.05 -17.48 15.64
CA LYS BB 101 -132.65 -16.43 14.69
C LYS BB 101 -133.87 -15.57 14.31
N THR BB 102 -133.84 -14.29 14.66
CA THR BB 102 -134.96 -13.33 14.49
C THR BB 102 -134.67 -12.37 13.33
N TYR BB 103 -135.59 -12.28 12.37
CA TYR BB 103 -135.51 -11.37 11.21
C TYR BB 103 -136.43 -10.19 11.44
N ALA BB 104 -135.87 -8.99 11.28
CA ALA BB 104 -136.49 -7.74 11.69
C ALA BB 104 -136.13 -6.61 10.71
N ASN BB 105 -137.06 -6.27 9.81
CA ASN BB 105 -136.99 -5.14 8.89
C ASN BB 105 -135.68 -5.07 8.09
N GLY BB 106 -135.20 -6.23 7.63
CA GLY BB 106 -133.93 -6.41 6.92
C GLY BB 106 -132.73 -6.69 7.82
N THR BB 107 -132.80 -6.39 9.12
CA THR BB 107 -131.79 -6.79 10.12
C THR BB 107 -132.00 -8.23 10.56
N VAL BB 108 -130.90 -8.94 10.81
CA VAL BB 108 -130.89 -10.35 11.22
C VAL BB 108 -130.21 -10.46 12.58
N TYR BB 109 -130.92 -10.96 13.59
CA TYR BB 109 -130.30 -11.36 14.85
C TYR BB 109 -129.86 -12.83 14.73
N ASP BB 110 -128.60 -13.06 14.35
CA ASP BB 110 -128.06 -14.35 13.90
C ASP BB 110 -128.05 -15.47 14.98
N TRP BB 111 -127.83 -16.71 14.55
CA TRP BB 111 -127.94 -17.92 15.39
C TRP BB 111 -127.14 -17.88 16.68
N ILE BB 112 -127.83 -18.23 17.75
CA ILE BB 112 -127.27 -18.51 19.06
C ILE BB 112 -128.19 -19.56 19.70
N SER BB 113 -127.64 -20.52 20.43
CA SER BB 113 -128.44 -21.51 21.14
C SER BB 113 -128.94 -20.98 22.48
N PHE BB 114 -130.09 -21.47 22.94
CA PHE BB 114 -130.35 -21.47 24.37
C PHE BB 114 -129.39 -22.44 25.07
N LYS BB 115 -128.77 -22.00 26.17
CA LYS BB 115 -127.76 -22.77 26.88
C LYS BB 115 -128.42 -23.93 27.63
N LEU BB 116 -127.99 -25.16 27.40
CA LEU BB 116 -128.30 -26.28 28.29
C LEU BB 116 -127.42 -26.21 29.54
N ASP BB 117 -128.01 -26.43 30.71
CA ASP BB 117 -127.23 -26.67 31.91
C ASP BB 117 -126.80 -28.15 31.89
N GLU BB 118 -125.53 -28.42 31.57
CA GLU BB 118 -124.92 -29.77 31.43
C GLU BB 118 -124.79 -30.49 32.79
N GLY BB 119 -125.71 -30.20 33.71
CA GLY BB 119 -125.50 -30.26 35.15
C GLY BB 119 -124.62 -29.08 35.58
N SER BB 120 -124.66 -28.69 36.86
CA SER BB 120 -123.50 -28.00 37.45
C SER BB 120 -122.26 -28.91 37.48
N LEU BB 121 -122.44 -30.22 37.32
CA LEU BB 121 -121.39 -31.22 37.08
C LEU BB 121 -120.44 -30.77 35.95
N TYR BB 122 -119.21 -31.27 35.95
CA TYR BB 122 -118.26 -30.97 34.88
C TYR BB 122 -117.66 -32.21 34.23
N ASN BB 123 -117.47 -32.09 32.91
CA ASN BB 123 -117.00 -33.13 31.99
C ASN BB 123 -115.61 -33.65 32.42
N GLU BB 124 -115.38 -34.96 32.24
CA GLU BB 124 -114.35 -35.67 33.01
C GLU BB 124 -113.50 -36.63 32.16
N GLY BB 125 -112.24 -36.84 32.53
CA GLY BB 125 -111.34 -37.84 31.94
C GLY BB 125 -110.72 -37.50 30.56
N ASN BB 126 -111.01 -36.32 29.98
CA ASN BB 126 -110.35 -35.84 28.76
C ASN BB 126 -108.85 -35.54 29.03
N THR BB 127 -107.99 -35.65 28.02
CA THR BB 127 -106.55 -35.43 28.16
C THR BB 127 -106.10 -34.24 27.31
N LEU BB 128 -105.49 -33.25 27.95
CA LEU BB 128 -105.42 -31.87 27.48
C LEU BB 128 -103.98 -31.36 27.29
N ASN BB 129 -103.77 -30.56 26.26
CA ASN BB 129 -102.65 -29.63 26.23
C ASN BB 129 -102.87 -28.51 27.28
N VAL BB 130 -101.84 -27.74 27.68
CA VAL BB 130 -102.04 -26.47 28.42
C VAL BB 130 -102.59 -25.36 27.50
N LYS BB 131 -102.41 -25.52 26.18
CA LYS BB 131 -102.67 -24.55 25.11
C LYS BB 131 -103.92 -24.89 24.29
N GLU BB 132 -104.97 -25.37 24.96
CA GLU BB 132 -106.12 -26.08 24.37
C GLU BB 132 -107.08 -25.24 23.51
N LEU BB 133 -108.11 -25.91 22.97
CA LEU BB 133 -109.11 -25.40 22.00
C LEU BB 133 -109.81 -24.07 22.39
N THR BB 134 -110.51 -23.52 21.39
CA THR BB 134 -110.90 -22.10 21.25
C THR BB 134 -111.85 -21.50 22.30
N GLU BB 135 -112.26 -22.24 23.34
CA GLU BB 135 -113.19 -21.78 24.40
C GLU BB 135 -112.63 -22.04 25.79
N SER BB 136 -112.98 -21.18 26.75
CA SER BB 136 -112.82 -21.48 28.17
C SER BB 136 -113.52 -22.81 28.53
N THR BB 137 -112.98 -23.61 29.45
CA THR BB 137 -113.64 -24.85 29.90
C THR BB 137 -113.24 -25.22 31.33
N THR BB 138 -114.12 -25.89 32.06
CA THR BB 138 -113.79 -26.49 33.37
C THR BB 138 -114.07 -27.98 33.32
N GLN BB 139 -113.11 -28.79 33.76
CA GLN BB 139 -113.14 -30.24 33.62
C GLN BB 139 -112.41 -30.92 34.76
N TYR BB 140 -112.87 -32.09 35.20
CA TYR BB 140 -112.03 -32.99 35.98
C TYR BB 140 -111.17 -33.76 34.98
N ALA BB 141 -110.05 -33.17 34.57
CA ALA BB 141 -109.30 -33.53 33.38
C ALA BB 141 -107.84 -33.94 33.64
N THR BB 142 -107.20 -34.39 32.59
CA THR BB 142 -105.83 -34.90 32.57
C THR BB 142 -104.97 -34.06 31.65
N LEU BB 143 -103.69 -33.93 31.98
CA LEU BB 143 -102.78 -32.99 31.34
C LEU BB 143 -101.64 -33.74 30.62
N VAL BB 144 -101.42 -33.44 29.34
CA VAL BB 144 -100.15 -33.75 28.65
C VAL BB 144 -99.05 -32.79 29.11
N ASN BB 145 -99.43 -31.60 29.59
CA ASN BB 145 -98.55 -30.53 30.10
C ASN BB 145 -98.75 -30.26 31.61
N PRO BB 146 -98.52 -31.26 32.47
CA PRO BB 146 -98.73 -31.14 33.90
C PRO BB 146 -97.62 -30.29 34.56
N PRO BB 147 -97.81 -29.86 35.81
CA PRO BB 147 -96.74 -29.29 36.62
C PRO BB 147 -95.66 -30.32 36.95
N LYS BB 148 -96.05 -31.56 37.28
CA LYS BB 148 -95.16 -32.68 37.55
C LYS BB 148 -95.72 -33.94 36.92
N GLU BB 149 -94.85 -34.81 36.44
CA GLU BB 149 -95.20 -36.00 35.63
C GLU BB 149 -96.25 -36.90 36.29
N ASN BB 150 -96.10 -37.12 37.59
CA ASN BB 150 -96.96 -37.99 38.40
C ASN BB 150 -98.20 -37.28 38.97
N LEU BB 151 -98.47 -36.03 38.60
CA LEU BB 151 -99.63 -35.27 39.07
C LEU BB 151 -100.69 -35.02 37.99
N ASN BB 152 -100.69 -35.74 36.86
CA ASN BB 152 -101.37 -35.27 35.66
C ASN BB 152 -102.92 -35.26 35.65
N THR BB 153 -103.65 -35.76 36.67
CA THR BB 153 -105.14 -35.85 36.68
C THR BB 153 -105.80 -35.12 37.86
N GLY BB 154 -106.85 -34.34 37.59
CA GLY BB 154 -107.61 -33.65 38.64
C GLY BB 154 -108.47 -32.50 38.12
N TRP BB 155 -108.89 -31.59 38.99
CA TRP BB 155 -109.78 -30.48 38.60
C TRP BB 155 -109.03 -29.37 37.87
N VAL BB 156 -109.48 -29.07 36.66
CA VAL BB 156 -108.96 -28.04 35.76
C VAL BB 156 -110.01 -26.96 35.52
N ASN BB 157 -109.58 -25.71 35.47
CA ASN BB 157 -110.40 -24.57 35.03
C ASN BB 157 -109.58 -23.66 34.08
N TYR BB 158 -109.95 -23.66 32.80
CA TYR BB 158 -109.34 -22.91 31.71
C TYR BB 158 -110.17 -21.71 31.25
N LYS BB 159 -109.54 -20.53 31.13
CA LYS BB 159 -110.18 -19.27 30.69
C LYS BB 159 -109.47 -18.67 29.48
N GLU BB 160 -110.17 -18.00 28.57
CA GLU BB 160 -109.60 -17.38 27.38
C GLU BB 160 -110.11 -15.94 27.13
N SER BB 161 -109.22 -15.02 26.74
CA SER BB 161 -109.57 -13.62 26.47
C SER BB 161 -110.16 -13.41 25.06
N LYS BB 162 -111.11 -12.48 24.90
CA LYS BB 162 -111.84 -12.29 23.64
C LYS BB 162 -110.98 -12.06 22.39
N ASN BB 163 -109.84 -11.36 22.47
CA ASN BB 163 -108.97 -11.12 21.31
C ASN BB 163 -107.84 -12.17 21.16
N GLY BB 164 -107.81 -13.25 21.95
CA GLY BB 164 -106.74 -14.26 21.90
C GLY BB 164 -105.41 -13.79 22.51
N VAL BB 165 -105.40 -12.74 23.34
CA VAL BB 165 -104.17 -12.17 23.93
C VAL BB 165 -103.64 -13.00 25.08
N SER BB 166 -104.53 -13.46 25.97
CA SER BB 166 -104.13 -14.18 27.18
C SER BB 166 -105.19 -15.20 27.63
N SER BB 167 -104.75 -16.08 28.52
CA SER BB 167 -105.54 -17.15 29.14
C SER BB 167 -105.01 -17.41 30.54
N LEU BB 168 -105.85 -18.06 31.34
CA LEU BB 168 -105.57 -18.40 32.73
C LEU BB 168 -106.02 -19.83 32.99
N VAL BB 169 -105.21 -20.60 33.69
CA VAL BB 169 -105.50 -22.00 34.00
C VAL BB 169 -105.29 -22.24 35.47
N GLU BB 170 -106.23 -22.94 36.11
CA GLU BB 170 -106.05 -23.48 37.46
C GLU BB 170 -106.19 -24.99 37.42
N PHE BB 171 -105.37 -25.68 38.20
CA PHE BB 171 -105.31 -27.13 38.28
C PHE BB 171 -105.18 -27.62 39.73
N ASN BB 172 -105.80 -28.74 40.07
CA ASN BB 172 -105.75 -29.38 41.38
C ASN BB 172 -105.67 -30.89 41.19
N PRO BB 173 -104.49 -31.50 41.36
CA PRO BB 173 -104.33 -32.94 41.23
C PRO BB 173 -105.05 -33.68 42.34
N VAL BB 174 -105.64 -34.81 41.99
CA VAL BB 174 -106.38 -35.69 42.93
C VAL BB 174 -105.49 -36.28 44.04
N ASN BB 175 -104.21 -36.48 43.74
CA ASN BB 175 -103.20 -37.12 44.58
C ASN BB 175 -102.30 -36.12 45.33
N SER BB 176 -102.66 -34.83 45.36
CA SER BB 176 -101.82 -33.78 45.93
C SER BB 176 -102.56 -32.81 46.86
N THR BB 177 -101.92 -32.45 47.98
CA THR BB 177 -102.26 -31.34 48.88
C THR BB 177 -101.74 -29.98 48.36
N SER BB 178 -101.81 -29.73 47.04
CA SER BB 178 -101.35 -28.52 46.38
C SER BB 178 -102.32 -28.07 45.28
N THR BB 179 -102.21 -26.81 44.85
CA THR BB 179 -102.88 -26.23 43.67
C THR BB 179 -101.82 -25.75 42.68
N PHE BB 180 -102.15 -25.69 41.39
CA PHE BB 180 -101.25 -25.15 40.39
C PHE BB 180 -101.97 -24.12 39.52
N LYS BB 181 -101.29 -23.02 39.17
CA LYS BB 181 -101.81 -22.02 38.21
C LYS BB 181 -100.82 -21.71 37.09
N MET BB 182 -101.34 -21.32 35.92
CA MET BB 182 -100.56 -20.99 34.72
C MET BB 182 -101.23 -19.89 33.89
N ILE BB 183 -100.43 -19.14 33.12
CA ILE BB 183 -100.92 -18.06 32.24
C ILE BB 183 -100.25 -18.18 30.85
N ARG BB 184 -100.98 -17.90 29.77
CA ARG BB 184 -100.38 -17.54 28.47
C ARG BB 184 -100.07 -16.05 28.42
N LYS BB 185 -98.79 -15.70 28.27
CA LYS BB 185 -98.30 -14.31 28.18
C LYS BB 185 -98.34 -13.73 26.76
N LEU BB 186 -98.30 -14.55 25.70
CA LEU BB 186 -98.32 -14.08 24.31
C LEU BB 186 -99.39 -14.78 23.45
N PRO BB 187 -99.99 -14.12 22.44
CA PRO BB 187 -100.82 -14.77 21.42
C PRO BB 187 -100.09 -15.95 20.78
N VAL BB 188 -100.79 -17.10 20.62
CA VAL BB 188 -100.17 -18.38 20.22
C VAL BB 188 -99.80 -18.45 18.73
N GLN BB 189 -98.57 -18.85 18.45
CA GLN BB 189 -97.86 -18.54 17.19
C GLN BB 189 -96.74 -19.53 16.88
N GLU BB 190 -96.23 -19.42 15.66
CA GLU BB 190 -94.97 -20.02 15.22
C GLU BB 190 -93.78 -19.60 16.11
N GLN BB 191 -93.28 -20.49 16.99
CA GLN BB 191 -92.11 -20.27 17.88
C GLN BB 191 -91.00 -21.28 17.59
N LYS BB 192 -89.82 -20.86 17.09
CA LYS BB 192 -88.72 -21.79 16.74
C LYS BB 192 -87.99 -22.29 17.98
N PRO BB 193 -87.51 -23.54 17.97
CA PRO BB 193 -86.80 -24.13 19.09
C PRO BB 193 -85.40 -23.54 19.17
N ASN BB 194 -84.98 -23.18 20.39
CA ASN BB 194 -83.63 -22.74 20.61
C ASN BB 194 -82.70 -23.95 20.54
N LEU BB 195 -81.80 -23.96 19.57
CA LEU BB 195 -80.83 -25.05 19.42
C LEU BB 195 -79.79 -25.06 20.55
N LEU BB 196 -79.71 -23.97 21.34
CA LEU BB 196 -78.72 -23.78 22.41
C LEU BB 196 -79.25 -24.29 23.77
N LYS BB 197 -78.66 -25.39 24.27
CA LYS BB 197 -78.83 -25.89 25.65
C LYS BB 197 -78.25 -24.90 26.67
N ASP BB 198 -78.74 -24.97 27.91
CA ASP BB 198 -78.39 -24.07 29.02
C ASP BB 198 -78.41 -22.58 28.65
N SER BB 199 -79.46 -22.12 27.96
CA SER BB 199 -79.57 -20.70 27.59
C SER BB 199 -79.87 -19.75 28.78
N LEU BB 200 -79.80 -20.23 30.03
CA LEU BB 200 -79.90 -19.44 31.26
C LEU BB 200 -78.61 -19.47 32.11
N PHE BB 201 -77.56 -20.13 31.62
CA PHE BB 201 -76.19 -20.17 32.16
C PHE BB 201 -76.03 -20.84 33.55
N VAL BB 202 -76.85 -21.83 33.86
CA VAL BB 202 -76.89 -22.46 35.19
C VAL BB 202 -75.74 -23.42 35.43
N TYR BB 203 -75.12 -23.97 34.38
CA TYR BB 203 -73.95 -24.81 34.60
C TYR BB 203 -72.72 -23.99 35.05
N PRO BB 204 -71.85 -24.58 35.90
CA PRO BB 204 -70.55 -24.02 36.23
C PRO BB 204 -69.74 -23.58 35.01
N GLU BB 205 -68.95 -22.52 35.20
CA GLU BB 205 -68.13 -21.91 34.14
C GLU BB 205 -67.15 -22.91 33.51
N THR BB 206 -66.68 -22.61 32.29
CA THR BB 206 -65.45 -23.22 31.77
C THR BB 206 -64.77 -22.30 30.78
N SER BB 207 -63.49 -22.56 30.50
CA SER BB 207 -62.72 -21.77 29.54
C SER BB 207 -63.23 -22.01 28.12
N TYR BB 208 -63.20 -20.98 27.29
CA TYR BB 208 -63.36 -21.14 25.82
C TYR BB 208 -62.29 -22.05 25.16
N SER BB 209 -61.21 -22.43 25.85
CA SER BB 209 -60.25 -23.47 25.40
C SER BB 209 -60.80 -24.91 25.45
N ASN BB 210 -61.90 -25.12 26.19
CA ASN BB 210 -62.42 -26.46 26.50
C ASN BB 210 -63.69 -26.79 25.67
N ILE BB 211 -64.51 -25.78 25.32
CA ILE BB 211 -65.77 -25.95 24.56
C ILE BB 211 -65.56 -26.19 23.04
N LYS BB 212 -64.31 -26.39 22.58
CA LYS BB 212 -63.95 -26.66 21.17
C LYS BB 212 -64.28 -28.11 20.76
N THR BB 213 -65.56 -28.43 20.86
CA THR BB 213 -66.10 -29.79 20.74
C THR BB 213 -67.53 -29.71 20.19
N ASP BB 214 -67.99 -30.72 19.44
CA ASP BB 214 -69.37 -30.81 18.96
C ASP BB 214 -70.28 -31.65 19.88
N ASN BB 215 -69.82 -31.94 21.10
CA ASN BB 215 -70.59 -32.62 22.13
C ASN BB 215 -71.80 -31.79 22.61
N TRP BB 216 -72.99 -32.36 22.48
CA TRP BB 216 -74.25 -31.84 23.03
C TRP BB 216 -74.93 -32.84 23.99
N ASP BB 217 -74.12 -33.65 24.69
CA ASP BB 217 -74.55 -34.66 25.67
C ASP BB 217 -74.02 -34.42 27.10
N THR BB 218 -73.07 -33.48 27.30
CA THR BB 218 -72.49 -33.19 28.62
C THR BB 218 -72.23 -31.69 28.79
N PRO BB 219 -72.61 -31.07 29.92
CA PRO BB 219 -72.30 -29.68 30.25
C PRO BB 219 -70.85 -29.52 30.72
N PRO BB 220 -70.35 -28.27 30.82
CA PRO BB 220 -71.00 -27.03 30.43
C PRO BB 220 -70.93 -26.76 28.92
N PHE BB 221 -72.04 -26.27 28.37
CA PHE BB 221 -72.19 -25.93 26.94
C PHE BB 221 -71.70 -24.50 26.60
N TRP BB 222 -71.11 -23.77 27.56
CA TRP BB 222 -70.80 -22.33 27.47
C TRP BB 222 -69.46 -21.93 28.09
N GLY BB 223 -68.50 -21.56 27.23
CA GLY BB 223 -67.15 -21.21 27.64
C GLY BB 223 -66.89 -19.70 27.64
N TYR BB 224 -66.00 -19.28 28.51
CA TYR BB 224 -65.66 -17.90 28.80
C TYR BB 224 -64.21 -17.61 28.39
N SER BB 225 -63.95 -16.44 27.81
CA SER BB 225 -62.58 -15.91 27.68
C SER BB 225 -62.10 -15.27 28.98
N SER BB 226 -60.81 -14.89 29.03
CA SER BB 226 -60.35 -13.86 29.97
C SER BB 226 -61.25 -12.62 29.88
N ASN BB 227 -61.48 -11.94 31.01
CA ASN BB 227 -62.37 -10.78 31.09
C ASN BB 227 -63.84 -11.11 30.76
N SER BB 228 -64.31 -12.33 31.04
CA SER BB 228 -65.71 -12.74 30.81
C SER BB 228 -66.19 -13.76 31.86
N GLY BB 229 -67.51 -13.86 32.09
CA GLY BB 229 -68.08 -14.73 33.13
C GLY BB 229 -69.61 -14.74 33.21
N ARG BB 230 -70.18 -15.57 34.10
CA ARG BB 230 -71.57 -15.41 34.58
C ARG BB 230 -71.63 -14.15 35.44
N SER BB 231 -72.52 -13.22 35.11
CA SER BB 231 -72.64 -11.95 35.82
C SER BB 231 -73.57 -12.04 37.03
N GLY BB 232 -73.29 -11.24 38.07
CA GLY BB 232 -74.22 -11.05 39.19
C GLY BB 232 -75.52 -10.35 38.78
N VAL BB 233 -75.47 -9.53 37.73
CA VAL BB 233 -76.66 -8.91 37.15
C VAL BB 233 -77.58 -10.01 36.63
N ARG BB 234 -78.83 -9.98 37.05
CA ARG BB 234 -79.88 -10.90 36.56
C ARG BB 234 -80.75 -10.22 35.50
N PHE BB 235 -81.52 -11.01 34.75
CA PHE BB 235 -82.52 -10.53 33.79
C PHE BB 235 -83.81 -11.33 33.91
N ARG BB 236 -84.92 -10.65 34.25
CA ARG BB 236 -86.27 -11.25 34.36
C ARG BB 236 -86.35 -12.43 35.35
N GLY BB 237 -85.48 -12.41 36.36
CA GLY BB 237 -85.29 -13.49 37.34
C GLY BB 237 -84.28 -14.57 36.94
N GLU BB 238 -83.80 -14.57 35.69
CA GLU BB 238 -82.83 -15.55 35.16
C GLU BB 238 -81.39 -14.98 35.13
N ASN BB 239 -80.36 -15.83 35.06
CA ASN BB 239 -78.95 -15.41 35.08
C ASN BB 239 -78.46 -14.84 33.73
N THR BB 240 -77.29 -14.19 33.74
CA THR BB 240 -76.71 -13.52 32.56
C THR BB 240 -75.19 -13.65 32.54
N VAL BB 241 -74.56 -13.30 31.42
CA VAL BB 241 -73.10 -13.22 31.28
C VAL BB 241 -72.65 -11.79 31.02
N GLN BB 242 -71.34 -11.56 31.07
CA GLN BB 242 -70.72 -10.26 30.85
C GLN BB 242 -69.40 -10.35 30.09
N ILE BB 243 -69.10 -9.28 29.36
CA ILE BB 243 -67.87 -9.02 28.63
C ILE BB 243 -67.21 -7.74 29.16
N ASP BB 244 -66.03 -7.88 29.75
CA ASP BB 244 -65.24 -6.80 30.35
C ASP BB 244 -64.03 -6.44 29.46
N ASP BB 245 -63.77 -5.16 29.22
CA ASP BB 245 -62.79 -4.71 28.20
C ASP BB 245 -61.29 -4.87 28.57
N GLY BB 246 -60.95 -5.74 29.52
CA GLY BB 246 -59.73 -5.59 30.32
C GLY BB 246 -58.41 -5.64 29.55
N SER BB 247 -58.12 -6.75 28.86
CA SER BB 247 -56.84 -6.94 28.14
C SER BB 247 -56.86 -8.04 27.06
N ASP BB 248 -57.85 -8.94 27.01
CA ASP BB 248 -58.20 -9.66 25.80
C ASP BB 248 -58.62 -8.62 24.72
N THR BB 249 -58.17 -8.76 23.48
CA THR BB 249 -58.58 -7.86 22.39
C THR BB 249 -60.01 -8.14 21.92
N TYR BB 250 -60.49 -9.35 22.10
CA TYR BB 250 -61.84 -9.74 21.72
C TYR BB 250 -62.46 -10.67 22.76
N PRO BB 251 -62.68 -10.20 23.99
CA PRO BB 251 -63.32 -10.98 25.04
C PRO BB 251 -64.68 -11.48 24.58
N SER BB 252 -64.95 -12.75 24.88
CA SER BB 252 -66.04 -13.51 24.28
C SER BB 252 -66.65 -14.55 25.22
N VAL BB 253 -67.96 -14.76 25.08
CA VAL BB 253 -68.61 -15.99 25.50
C VAL BB 253 -68.85 -16.83 24.25
N VAL BB 254 -68.64 -18.13 24.36
CA VAL BB 254 -68.60 -19.04 23.21
C VAL BB 254 -69.40 -20.31 23.53
N SER BB 255 -70.34 -20.72 22.68
CA SER BB 255 -71.06 -21.97 22.89
C SER BB 255 -70.19 -23.17 22.54
N ASN BB 256 -70.61 -24.38 22.90
CA ASN BB 256 -70.19 -25.59 22.19
C ASN BB 256 -70.46 -25.49 20.68
N ARG BB 257 -69.79 -26.34 19.90
CA ARG BB 257 -69.81 -26.27 18.44
C ARG BB 257 -70.91 -27.16 17.88
N PHE BB 258 -71.44 -26.79 16.72
CA PHE BB 258 -72.28 -27.63 15.88
C PHE BB 258 -71.48 -28.05 14.66
N LYS BB 259 -71.46 -29.33 14.33
CA LYS BB 259 -70.97 -29.77 13.01
C LYS BB 259 -71.99 -29.45 11.91
N MET BB 260 -71.52 -29.10 10.71
CA MET BB 260 -72.39 -28.89 9.54
C MET BB 260 -72.90 -30.19 8.91
N GLY BB 261 -74.23 -30.24 8.67
CA GLY BB 261 -74.97 -31.40 8.16
C GLY BB 261 -75.91 -32.05 9.18
N LYS BB 262 -75.82 -31.67 10.47
CA LYS BB 262 -76.62 -32.25 11.57
C LYS BB 262 -77.89 -31.44 11.84
N GLU BB 263 -78.01 -30.75 12.98
CA GLU BB 263 -79.12 -29.80 13.24
C GLU BB 263 -79.03 -28.58 12.31
N LEU BB 264 -77.80 -28.11 12.04
CA LEU BB 264 -77.44 -26.93 11.23
C LEU BB 264 -76.57 -27.33 10.03
N SER BB 265 -76.75 -26.62 8.91
CA SER BB 265 -75.98 -26.82 7.68
C SER BB 265 -75.63 -25.50 7.01
N VAL BB 266 -74.53 -25.53 6.26
CA VAL BB 266 -74.27 -24.61 5.15
C VAL BB 266 -75.49 -24.55 4.23
N GLY BB 267 -75.90 -23.34 3.85
CA GLY BB 267 -77.11 -23.09 3.05
C GLY BB 267 -78.42 -23.05 3.86
N ASP BB 268 -78.45 -23.44 5.13
CA ASP BB 268 -79.59 -23.09 5.97
C ASP BB 268 -79.67 -21.57 6.13
N THR BB 269 -80.89 -21.05 6.18
CA THR BB 269 -81.11 -19.68 6.62
C THR BB 269 -81.36 -19.70 8.12
N VAL BB 270 -80.68 -18.81 8.84
CA VAL BB 270 -80.71 -18.77 10.30
C VAL BB 270 -80.81 -17.35 10.81
N THR BB 271 -81.19 -17.23 12.08
CA THR BB 271 -81.24 -16.00 12.85
C THR BB 271 -80.58 -16.22 14.21
N VAL BB 272 -79.85 -15.22 14.69
CA VAL BB 272 -79.36 -15.18 16.07
C VAL BB 272 -80.04 -14.02 16.78
N SER BB 273 -80.41 -14.20 18.06
CA SER BB 273 -80.86 -13.09 18.89
C SER BB 273 -80.45 -13.25 20.35
N VAL BB 274 -80.37 -12.11 21.04
CA VAL BB 274 -79.83 -11.95 22.40
C VAL BB 274 -80.44 -10.69 23.03
N TYR BB 275 -80.42 -10.59 24.36
CA TYR BB 275 -80.68 -9.34 25.08
C TYR BB 275 -79.38 -8.78 25.67
N ALA BB 276 -79.15 -7.46 25.57
CA ALA BB 276 -77.91 -6.86 26.07
C ALA BB 276 -78.10 -5.49 26.73
N LYS BB 277 -77.06 -5.05 27.46
CA LYS BB 277 -76.86 -3.72 28.07
C LYS BB 277 -75.38 -3.44 28.40
N ILE BB 278 -75.03 -2.22 28.78
CA ILE BB 278 -73.68 -1.83 29.27
C ILE BB 278 -73.73 -1.21 30.67
N ASN BB 279 -72.63 -1.23 31.41
CA ASN BB 279 -72.49 -0.49 32.67
C ASN BB 279 -72.43 1.04 32.48
N ASP BB 280 -71.67 1.54 31.49
CA ASP BB 280 -71.58 2.95 31.11
C ASP BB 280 -71.09 3.10 29.65
N PRO BB 281 -71.88 3.69 28.74
CA PRO BB 281 -71.51 3.92 27.35
C PRO BB 281 -70.16 4.62 27.15
N ALA BB 282 -69.77 5.57 28.01
CA ALA BB 282 -68.56 6.38 27.82
C ALA BB 282 -67.24 5.66 28.09
N LEU BB 283 -67.29 4.48 28.72
CA LEU BB 283 -66.13 3.61 28.93
C LEU BB 283 -65.75 2.84 27.68
N LEU BB 284 -66.71 2.63 26.76
CA LEU BB 284 -66.46 1.90 25.53
C LEU BB 284 -65.52 2.68 24.57
N LYS BB 285 -65.48 4.01 24.65
CA LYS BB 285 -64.66 4.90 23.82
C LYS BB 285 -64.87 4.62 22.33
N ASP BB 286 -63.83 4.12 21.65
CA ASP BB 286 -63.77 3.83 20.21
C ASP BB 286 -63.79 2.30 19.90
N ASN BB 287 -64.12 1.48 20.91
CA ASN BB 287 -64.42 0.06 20.79
C ASN BB 287 -65.81 -0.15 20.16
N LEU BB 288 -66.20 -1.41 20.00
CA LEU BB 288 -67.49 -1.78 19.44
C LEU BB 288 -67.99 -3.08 20.09
N VAL BB 289 -69.30 -3.27 20.12
CA VAL BB 289 -69.96 -4.43 20.74
C VAL BB 289 -70.57 -5.29 19.64
N TYR BB 290 -70.41 -6.61 19.68
CA TYR BB 290 -70.89 -7.47 18.58
C TYR BB 290 -71.07 -8.93 18.96
N PHE BB 291 -71.81 -9.64 18.12
CA PHE BB 291 -71.91 -11.08 18.19
C PHE BB 291 -71.93 -11.64 16.77
N GLU BB 292 -71.39 -12.84 16.61
CA GLU BB 292 -71.28 -13.47 15.31
C GLU BB 292 -71.35 -14.99 15.43
N LEU BB 293 -71.92 -15.64 14.41
CA LEU BB 293 -71.74 -17.07 14.26
C LEU BB 293 -70.39 -17.27 13.59
N ALA BB 294 -69.45 -17.96 14.25
CA ALA BB 294 -68.12 -18.22 13.70
C ALA BB 294 -67.97 -19.67 13.23
N GLY BB 295 -67.27 -19.85 12.11
CA GLY BB 295 -67.00 -21.18 11.55
C GLY BB 295 -65.63 -21.74 11.96
N TYR BB 296 -65.40 -23.04 11.72
CA TYR BB 296 -64.10 -23.70 11.85
C TYR BB 296 -63.95 -24.84 10.86
N ASP BB 297 -62.71 -25.13 10.47
CA ASP BB 297 -62.37 -26.27 9.60
C ASP BB 297 -62.20 -27.59 10.39
N THR BB 298 -61.78 -27.53 11.66
CA THR BB 298 -61.77 -28.70 12.57
C THR BB 298 -62.39 -28.36 13.91
N VAL BB 299 -62.95 -29.35 14.59
CA VAL BB 299 -63.67 -29.12 15.84
C VAL BB 299 -62.81 -28.52 16.94
N ASP BB 300 -61.51 -28.87 16.94
CA ASP BB 300 -60.48 -28.48 17.90
C ASP BB 300 -59.69 -27.24 17.48
N ASP BB 301 -59.96 -26.67 16.30
CA ASP BB 301 -59.14 -25.63 15.68
C ASP BB 301 -58.88 -24.44 16.63
N THR BB 302 -57.60 -24.09 16.80
CA THR BB 302 -57.12 -22.95 17.59
C THR BB 302 -57.28 -21.59 16.87
N SER BB 303 -57.67 -21.57 15.59
CA SER BB 303 -57.89 -20.32 14.83
C SER BB 303 -58.93 -19.39 15.50
N LYS BB 304 -58.75 -18.07 15.32
CA LYS BB 304 -59.49 -17.01 16.05
C LYS BB 304 -60.90 -16.76 15.52
N ASN BB 305 -61.69 -17.83 15.44
CA ASN BB 305 -63.11 -17.83 15.09
C ASN BB 305 -63.39 -17.21 13.69
N PRO BB 306 -62.87 -17.82 12.60
CA PRO BB 306 -63.02 -17.33 11.22
C PRO BB 306 -64.43 -16.83 10.83
N TYR BB 307 -64.46 -15.64 10.25
CA TYR BB 307 -65.66 -14.84 9.99
C TYR BB 307 -66.56 -15.42 8.89
N THR BB 308 -67.87 -15.44 9.14
CA THR BB 308 -68.86 -16.08 8.24
C THR BB 308 -69.76 -15.09 7.50
N GLY BB 309 -69.67 -13.78 7.78
CA GLY BB 309 -70.67 -12.80 7.33
C GLY BB 309 -71.91 -12.67 8.23
N GLY BB 310 -72.22 -13.67 9.05
CA GLY BB 310 -73.30 -13.63 10.04
C GLY BB 310 -72.84 -12.92 11.32
N ARG BB 311 -72.99 -11.59 11.34
CA ARG BB 311 -72.59 -10.74 12.47
C ARG BB 311 -73.62 -9.64 12.73
N ARG BB 312 -73.89 -9.32 14.00
CA ARG BB 312 -74.50 -8.05 14.45
C ARG BB 312 -73.43 -7.22 15.17
N GLU BB 313 -73.36 -5.93 14.84
CA GLU BB 313 -72.52 -4.95 15.53
C GLU BB 313 -73.42 -3.91 16.22
N ILE BB 314 -72.99 -3.39 17.37
CA ILE BB 314 -73.71 -2.50 18.29
C ILE BB 314 -72.76 -1.37 18.68
N THR BB 315 -73.25 -0.13 18.71
CA THR BB 315 -72.41 1.07 18.88
C THR BB 315 -72.57 1.75 20.25
N ALA BB 316 -71.64 2.65 20.60
CA ALA BB 316 -71.63 3.43 21.84
C ALA BB 316 -72.85 4.37 22.01
N SER BB 317 -73.58 4.71 20.93
CA SER BB 317 -74.83 5.49 20.96
C SER BB 317 -76.10 4.65 20.98
N GLU BB 318 -76.11 3.47 20.33
CA GLU BB 318 -77.23 2.52 20.37
C GLU BB 318 -77.33 1.88 21.76
N ILE BB 319 -76.21 1.44 22.32
CA ILE BB 319 -76.19 0.68 23.57
C ILE BB 319 -76.51 1.57 24.75
N THR BB 320 -77.11 0.98 25.76
CA THR BB 320 -77.58 1.68 26.95
C THR BB 320 -77.47 0.80 28.17
N THR BB 321 -77.79 1.38 29.31
CA THR BB 321 -77.89 0.72 30.60
C THR BB 321 -79.07 -0.26 30.73
N GLU BB 322 -79.97 -0.39 29.74
CA GLU BB 322 -81.21 -1.20 29.86
C GLU BB 322 -81.17 -2.44 28.96
N TRP BB 323 -81.73 -3.56 29.43
CA TRP BB 323 -81.89 -4.77 28.62
C TRP BB 323 -82.82 -4.55 27.42
N LYS BB 324 -82.28 -4.79 26.22
CA LYS BB 324 -82.98 -4.65 24.94
C LYS BB 324 -82.63 -5.82 24.03
N LYS BB 325 -83.53 -6.27 23.15
CA LYS BB 325 -83.22 -7.35 22.18
C LYS BB 325 -82.38 -6.83 21.02
N TYR BB 326 -81.45 -7.66 20.56
CA TYR BB 326 -80.65 -7.47 19.36
C TYR BB 326 -80.59 -8.78 18.56
N SER BB 327 -80.32 -8.73 17.24
CA SER BB 327 -80.34 -9.90 16.33
C SER BB 327 -79.56 -9.72 15.02
N PHE BB 328 -79.37 -10.80 14.25
CA PHE BB 328 -79.16 -10.77 12.79
C PHE BB 328 -79.72 -12.04 12.10
N THR BB 329 -79.95 -11.97 10.79
CA THR BB 329 -80.43 -13.09 9.96
C THR BB 329 -79.59 -13.22 8.66
N PHE BB 330 -79.20 -14.43 8.27
CA PHE BB 330 -78.36 -14.72 7.09
C PHE BB 330 -78.44 -16.17 6.62
N THR BB 331 -77.82 -16.48 5.48
CA THR BB 331 -77.59 -17.87 5.03
C THR BB 331 -76.17 -18.32 5.37
N ILE BB 332 -75.99 -19.48 6.02
CA ILE BB 332 -74.66 -19.99 6.39
C ILE BB 332 -73.85 -20.30 5.12
N PRO BB 333 -72.64 -19.72 4.90
CA PRO BB 333 -71.82 -19.99 3.71
C PRO BB 333 -70.94 -21.26 3.85
N GLU BB 334 -70.43 -21.74 2.71
CA GLU BB 334 -69.48 -22.87 2.65
C GLU BB 334 -68.09 -22.50 3.16
N ASN BB 335 -67.58 -21.35 2.72
CA ASN BB 335 -66.29 -20.84 3.13
C ASN BB 335 -66.43 -19.55 3.92
N THR BB 336 -65.63 -19.48 4.97
CA THR BB 336 -65.38 -18.26 5.73
C THR BB 336 -64.72 -17.18 4.87
N ILE BB 337 -64.92 -15.91 5.24
CA ILE BB 337 -64.62 -14.74 4.40
C ILE BB 337 -63.32 -14.07 4.89
N GLY BB 338 -62.42 -13.75 3.95
CA GLY BB 338 -61.16 -13.02 4.20
C GLY BB 338 -59.89 -13.90 4.11
N ALA BB 339 -58.87 -13.54 4.89
CA ALA BB 339 -57.53 -14.12 4.87
C ALA BB 339 -57.41 -15.57 5.39
N SER BB 340 -58.39 -16.07 6.15
CA SER BB 340 -58.46 -17.51 6.49
C SER BB 340 -58.92 -18.35 5.26
N GLY BB 341 -59.99 -17.94 4.59
CA GLY BB 341 -60.61 -18.63 3.44
C GLY BB 341 -61.20 -20.01 3.74
N VAL BB 342 -61.17 -20.43 5.00
CA VAL BB 342 -61.36 -21.82 5.45
C VAL BB 342 -62.80 -22.33 5.33
N LYS BB 343 -62.95 -23.64 5.17
CA LYS BB 343 -64.24 -24.33 5.15
C LYS BB 343 -64.94 -24.26 6.50
N VAL BB 344 -66.24 -23.98 6.50
CA VAL BB 344 -67.11 -24.06 7.67
C VAL BB 344 -67.51 -25.53 7.90
N ASN BB 345 -66.68 -26.35 8.55
CA ASN BB 345 -67.08 -27.70 8.98
C ASN BB 345 -67.82 -27.68 10.31
N TYR BB 346 -67.49 -26.73 11.18
CA TYR BB 346 -68.12 -26.53 12.48
C TYR BB 346 -68.51 -25.06 12.68
N VAL BB 347 -69.52 -24.77 13.51
CA VAL BB 347 -69.87 -23.39 13.95
C VAL BB 347 -70.12 -23.31 15.45
N SER BB 348 -70.01 -22.10 16.01
CA SER BB 348 -70.42 -21.76 17.38
C SER BB 348 -70.81 -20.29 17.45
N LEU BB 349 -71.63 -19.91 18.43
CA LEU BB 349 -72.03 -18.52 18.63
C LEU BB 349 -71.07 -17.82 19.58
N LEU BB 350 -70.64 -16.61 19.22
CA LEU BB 350 -69.79 -15.76 20.05
C LEU BB 350 -70.41 -14.41 20.38
N LEU BB 351 -70.47 -14.08 21.67
CA LEU BB 351 -70.97 -12.83 22.20
C LEU BB 351 -69.77 -12.01 22.69
N ARG BB 352 -69.53 -10.81 22.17
CA ARG BB 352 -68.18 -10.21 22.16
C ARG BB 352 -68.13 -8.70 22.24
N MET BB 353 -66.95 -8.16 22.51
CA MET BB 353 -66.59 -6.75 22.29
C MET BB 353 -65.29 -6.70 21.49
N ASN BB 354 -65.17 -5.78 20.53
CA ASN BB 354 -63.89 -5.46 19.91
C ASN BB 354 -63.16 -4.39 20.73
N CYS BB 355 -62.17 -4.79 21.52
CA CYS BB 355 -61.43 -3.89 22.39
C CYS BB 355 -60.13 -3.35 21.75
N SER BB 356 -59.94 -3.55 20.45
CA SER BB 356 -58.70 -3.15 19.75
C SER BB 356 -58.36 -1.66 19.91
N SER BB 357 -59.36 -0.78 19.74
CA SER BB 357 -59.18 0.67 19.82
C SER BB 357 -58.64 1.08 21.19
N SER BB 358 -59.23 0.58 22.28
CA SER BB 358 -58.79 0.83 23.66
C SER BB 358 -59.13 -0.34 24.59
N LYS BB 359 -58.28 -0.61 25.59
CA LYS BB 359 -58.45 -1.70 26.56
C LYS BB 359 -58.35 -1.21 27.99
N GLY BB 360 -59.03 -1.90 28.89
CA GLY BB 360 -58.91 -1.66 30.32
C GLY BB 360 -59.66 -0.42 30.78
N ASN BB 361 -60.62 0.07 30.02
CA ASN BB 361 -61.39 1.26 30.33
C ASN BB 361 -62.56 0.97 31.28
N GLY BB 362 -62.75 -0.28 31.69
CA GLY BB 362 -63.76 -0.66 32.68
C GLY BB 362 -65.18 -0.75 32.11
N ALA BB 363 -65.30 -0.81 30.78
CA ALA BB 363 -66.56 -1.13 30.10
C ALA BB 363 -66.95 -2.60 30.32
N VAL BB 364 -68.23 -2.82 30.63
CA VAL BB 364 -68.81 -4.14 30.83
C VAL BB 364 -70.11 -4.21 30.09
N VAL BB 365 -70.14 -4.96 28.99
CA VAL BB 365 -71.37 -5.35 28.31
C VAL BB 365 -71.91 -6.61 28.95
N TYR BB 366 -73.23 -6.78 28.95
CA TYR BB 366 -73.90 -7.92 29.49
C TYR BB 366 -74.77 -8.58 28.41
N TYR BB 367 -74.93 -9.91 28.48
CA TYR BB 367 -75.77 -10.68 27.57
C TYR BB 367 -76.62 -11.73 28.30
N ALA BB 368 -77.83 -11.97 27.81
CA ALA BB 368 -78.82 -12.86 28.42
C ALA BB 368 -79.70 -13.57 27.39
N LEU BB 369 -80.25 -14.73 27.77
CA LEU BB 369 -81.24 -15.54 27.03
C LEU BB 369 -80.90 -15.74 25.53
N PRO BB 370 -79.70 -16.22 25.17
CA PRO BB 370 -79.27 -16.28 23.79
C PRO BB 370 -80.10 -17.28 23.02
N LYS BB 371 -80.33 -16.98 21.75
CA LYS BB 371 -81.04 -17.86 20.83
C LYS BB 371 -80.28 -17.98 19.51
N LEU BB 372 -80.14 -19.21 19.03
CA LEU BB 372 -79.88 -19.55 17.64
C LEU BB 372 -81.10 -20.29 17.08
N GLU BB 373 -81.63 -19.85 15.95
CA GLU BB 373 -82.84 -20.42 15.36
C GLU BB 373 -82.76 -20.52 13.82
N LYS BB 374 -83.24 -21.63 13.23
CA LYS BB 374 -83.41 -21.79 11.77
C LYS BB 374 -84.69 -21.09 11.33
N SER BB 375 -84.55 -19.97 10.64
CA SER BB 375 -85.63 -19.00 10.34
C SER BB 375 -85.09 -17.79 9.56
N SER BB 376 -85.92 -17.18 8.70
CA SER BB 376 -85.64 -15.87 8.10
C SER BB 376 -86.12 -14.66 8.95
N LYS BB 377 -86.45 -14.87 10.23
CA LYS BB 377 -86.80 -13.82 11.23
C LYS BB 377 -86.60 -14.28 12.68
N VAL BB 378 -86.56 -13.34 13.63
CA VAL BB 378 -86.51 -13.64 15.09
C VAL BB 378 -87.83 -14.26 15.57
N THR BB 379 -87.82 -15.18 16.56
CA THR BB 379 -89.06 -15.68 17.21
C THR BB 379 -88.93 -15.82 18.72
N PRO BB 380 -90.03 -15.79 19.51
CA PRO BB 380 -89.99 -15.74 20.98
C PRO BB 380 -89.05 -16.76 21.64
N PHE BB 381 -88.32 -16.33 22.66
CA PHE BB 381 -87.35 -17.18 23.35
C PHE BB 381 -88.06 -18.34 24.04
N ILE BB 382 -87.37 -19.46 24.10
CA ILE BB 382 -87.68 -20.57 24.98
C ILE BB 382 -86.36 -21.21 25.38
N THR BB 383 -86.25 -21.73 26.60
CA THR BB 383 -85.16 -22.65 26.92
C THR BB 383 -85.30 -23.91 26.08
N HIS BB 384 -84.21 -24.68 25.90
CA HIS BB 384 -84.31 -25.97 25.24
C HIS BB 384 -85.29 -26.85 26.03
N GLU BB 385 -86.08 -27.66 25.35
CA GLU BB 385 -87.08 -28.54 25.99
C GLU BB 385 -86.49 -29.33 27.17
N ASN BB 386 -85.23 -29.74 27.08
CA ASN BB 386 -84.57 -30.64 28.03
C ASN BB 386 -83.78 -29.97 29.17
N ASP BB 387 -83.59 -28.65 29.17
CA ASP BB 387 -82.72 -27.95 30.15
C ASP BB 387 -83.18 -28.10 31.62
N VAL BB 388 -82.28 -27.88 32.60
CA VAL BB 388 -82.57 -28.06 34.06
C VAL BB 388 -83.22 -26.86 34.75
N ARG BB 389 -83.21 -25.68 34.11
CA ARG BB 389 -84.06 -24.53 34.43
C ARG BB 389 -84.85 -24.19 33.16
N LYS BB 390 -86.18 -24.10 33.29
CA LYS BB 390 -87.10 -23.87 32.17
C LYS BB 390 -87.57 -22.43 32.16
N TYR BB 391 -87.66 -21.84 30.98
CA TYR BB 391 -88.40 -20.60 30.77
C TYR BB 391 -89.03 -20.56 29.37
N ASP BB 392 -90.17 -19.89 29.22
CA ASP BB 392 -90.85 -19.63 27.94
C ASP BB 392 -91.40 -18.19 27.90
N GLU BB 393 -91.26 -17.52 26.76
CA GLU BB 393 -91.89 -16.22 26.55
C GLU BB 393 -93.41 -16.32 26.31
N ILE BB 394 -93.93 -17.44 25.78
CA ILE BB 394 -95.38 -17.56 25.47
C ILE BB 394 -96.22 -18.01 26.67
N TRP BB 395 -95.73 -18.89 27.55
CA TRP BB 395 -96.43 -19.35 28.78
C TRP BB 395 -95.63 -19.11 30.05
N SER BB 396 -96.31 -18.86 31.17
CA SER BB 396 -95.66 -18.95 32.48
C SER BB 396 -95.20 -20.39 32.78
N ASN BB 397 -94.33 -20.58 33.76
CA ASN BB 397 -94.13 -21.89 34.39
C ASN BB 397 -95.28 -22.15 35.41
N TRP BB 398 -95.56 -23.41 35.75
CA TRP BB 398 -96.62 -23.78 36.68
C TRP BB 398 -96.32 -23.34 38.13
N GLN BB 399 -97.20 -22.55 38.71
CA GLN BB 399 -97.08 -22.06 40.08
C GLN BB 399 -97.79 -22.97 41.09
N GLU BB 400 -97.03 -23.83 41.78
CA GLU BB 400 -97.49 -24.66 42.91
C GLU BB 400 -97.78 -23.83 44.18
N VAL BB 401 -98.97 -23.93 44.73
CA VAL BB 401 -99.32 -23.39 46.05
C VAL BB 401 -99.54 -24.58 47.00
N ILE BB 402 -98.94 -24.56 48.20
CA ILE BB 402 -98.97 -25.66 49.20
C ILE BB 402 -99.87 -25.36 50.41
N SER BB 403 -100.15 -26.38 51.23
CA SER BB 403 -100.92 -26.22 52.48
C SER BB 403 -100.08 -25.86 53.71
N LYS BB 404 -100.76 -25.44 54.78
CA LYS BB 404 -100.12 -24.98 56.02
C LYS BB 404 -99.44 -26.11 56.81
N ASP BB 405 -99.87 -27.36 56.69
CA ASP BB 405 -99.17 -28.51 57.30
C ASP BB 405 -97.81 -28.73 56.61
N GLU BB 406 -97.78 -28.67 55.27
CA GLU BB 406 -96.53 -28.76 54.51
C GLU BB 406 -95.61 -27.55 54.80
N LEU BB 407 -96.18 -26.34 54.79
CA LEU BB 407 -95.50 -25.11 55.16
C LEU BB 407 -94.97 -25.10 56.60
N LYS BB 408 -95.73 -25.67 57.54
CA LYS BB 408 -95.29 -25.93 58.92
C LYS BB 408 -94.10 -26.88 58.94
N GLY BB 409 -94.09 -27.88 58.06
CA GLY BB 409 -92.91 -28.70 57.78
C GLY BB 409 -91.70 -27.82 57.53
N HIS BB 410 -91.82 -26.89 56.59
CA HIS BB 410 -90.76 -25.99 56.16
C HIS BB 410 -90.34 -24.90 57.19
N SER BB 411 -91.25 -24.34 57.99
CA SER BB 411 -90.98 -23.20 58.90
C SER BB 411 -90.07 -23.54 60.10
N PRO BB 412 -89.30 -22.58 60.63
CA PRO BB 412 -88.58 -22.74 61.90
C PRO BB 412 -89.46 -22.64 63.16
N VAL BB 413 -90.75 -22.30 63.02
CA VAL BB 413 -91.70 -22.08 64.13
C VAL BB 413 -93.06 -22.73 63.88
N ASP BB 414 -93.83 -23.01 64.93
CA ASP BB 414 -95.17 -23.60 64.78
C ASP BB 414 -96.20 -22.53 64.37
N ILE BB 415 -96.28 -22.34 63.07
CA ILE BB 415 -97.21 -21.44 62.41
C ILE BB 415 -98.68 -21.86 62.53
N GLU BB 416 -99.02 -23.05 63.03
CA GLU BB 416 -100.40 -23.39 63.43
C GLU BB 416 -100.70 -22.96 64.87
N TYR BB 417 -99.66 -22.72 65.66
CA TYR BB 417 -99.75 -22.41 67.08
C TYR BB 417 -98.97 -21.13 67.39
N ASN BB 418 -99.32 -20.07 66.65
CA ASN BB 418 -98.98 -18.66 66.87
C ASN BB 418 -97.46 -18.37 66.98
N ASP BB 419 -96.66 -19.10 66.21
CA ASP BB 419 -95.20 -18.99 66.13
C ASP BB 419 -94.45 -19.51 67.37
N TYR BB 420 -95.11 -20.33 68.18
CA TYR BB 420 -94.51 -21.07 69.30
C TYR BB 420 -93.43 -22.06 68.81
N PHE BB 421 -92.73 -22.72 69.73
CA PHE BB 421 -91.63 -23.61 69.37
C PHE BB 421 -92.05 -24.67 68.36
N LYS BB 422 -91.23 -24.91 67.33
CA LYS BB 422 -91.46 -25.96 66.33
C LYS BB 422 -91.44 -27.36 66.94
N TYR BB 423 -90.81 -27.55 68.11
CA TYR BB 423 -91.05 -28.70 69.00
C TYR BB 423 -91.23 -28.25 70.44
N GLN BB 424 -92.23 -28.80 71.15
CA GLN BB 424 -92.38 -28.65 72.61
C GLN BB 424 -92.46 -30.04 73.27
N TRP BB 425 -91.83 -30.19 74.43
CA TRP BB 425 -91.83 -31.45 75.18
C TRP BB 425 -92.13 -31.22 76.67
N TRP BB 426 -92.98 -32.07 77.25
CA TRP BB 426 -93.30 -32.10 78.67
C TRP BB 426 -93.10 -33.52 79.21
N LYS BB 427 -92.43 -33.67 80.36
CA LYS BB 427 -91.87 -34.95 80.86
C LYS BB 427 -92.92 -36.06 80.99
N SER BB 428 -94.09 -35.70 81.50
CA SER BB 428 -95.22 -36.61 81.67
C SER BB 428 -95.79 -37.13 80.34
N GLU BB 429 -95.40 -36.55 79.21
CA GLU BB 429 -95.94 -36.82 77.88
C GLU BB 429 -94.92 -37.48 76.94
N VAL BB 430 -93.79 -38.03 77.46
CA VAL BB 430 -92.65 -38.48 76.63
C VAL BB 430 -92.11 -39.90 76.91
N ASN BB 431 -92.83 -40.81 77.58
CA ASN BB 431 -92.43 -42.24 77.72
C ASN BB 431 -90.99 -42.46 78.25
N GLU BB 432 -90.51 -41.58 79.12
CA GLU BB 432 -89.11 -41.60 79.55
C GLU BB 432 -88.09 -41.48 78.41
N LYS BB 433 -88.43 -40.85 77.28
CA LYS BB 433 -87.48 -40.35 76.28
C LYS BB 433 -86.70 -39.16 76.82
N SER BB 434 -85.37 -39.23 76.71
CA SER BB 434 -84.47 -38.14 77.03
C SER BB 434 -84.52 -37.03 75.97
N LEU BB 435 -83.85 -35.91 76.23
CA LEU BB 435 -83.63 -34.85 75.25
C LEU BB 435 -83.00 -35.40 73.96
N LYS BB 436 -82.00 -36.28 74.08
CA LYS BB 436 -81.37 -36.96 72.94
C LYS BB 436 -82.42 -37.74 72.12
N ASP BB 437 -83.29 -38.49 72.79
CA ASP BB 437 -84.32 -39.31 72.14
C ASP BB 437 -85.41 -38.51 71.42
N LEU BB 438 -85.80 -37.37 71.97
CA LEU BB 438 -86.74 -36.44 71.33
C LEU BB 438 -86.09 -35.55 70.26
N ALA BB 439 -84.80 -35.23 70.38
CA ALA BB 439 -84.03 -34.63 69.29
C ALA BB 439 -83.93 -35.58 68.08
N MET BB 440 -83.85 -36.90 68.31
CA MET BB 440 -83.72 -37.87 67.21
C MET BB 440 -84.94 -37.98 66.29
N THR BB 441 -86.16 -37.77 66.76
CA THR BB 441 -87.36 -37.89 65.90
C THR BB 441 -87.57 -36.70 64.94
N VAL BB 442 -86.94 -35.55 65.18
CA VAL BB 442 -87.17 -34.31 64.41
C VAL BB 442 -86.77 -34.51 62.94
N PRO BB 443 -87.61 -34.09 61.97
CA PRO BB 443 -87.32 -34.20 60.54
C PRO BB 443 -86.26 -33.19 60.06
N GLN BB 444 -85.74 -33.42 58.85
CA GLN BB 444 -84.71 -32.59 58.23
C GLN BB 444 -85.10 -31.11 58.13
N GLY BB 445 -84.11 -30.22 58.23
CA GLY BB 445 -84.30 -28.77 58.18
C GLY BB 445 -83.79 -28.04 59.42
N TYR BB 446 -84.43 -26.92 59.73
CA TYR BB 446 -84.05 -26.03 60.82
C TYR BB 446 -85.25 -25.55 61.63
N HIS BB 447 -85.14 -25.60 62.97
CA HIS BB 447 -86.30 -25.56 63.86
C HIS BB 447 -85.98 -24.92 65.21
N THR BB 448 -86.97 -24.33 65.86
CA THR BB 448 -86.96 -23.98 67.29
C THR BB 448 -87.52 -25.10 68.16
N PHE BB 449 -87.11 -25.21 69.42
CA PHE BB 449 -87.65 -26.21 70.33
C PHE BB 449 -87.69 -25.78 71.80
N TYR BB 450 -88.46 -26.50 72.61
CA TYR BB 450 -88.48 -26.41 74.07
C TYR BB 450 -88.40 -27.79 74.72
N CYS BB 451 -87.58 -27.94 75.76
CA CYS BB 451 -87.51 -29.15 76.58
C CYS BB 451 -87.55 -28.80 78.08
N GLN BB 452 -88.42 -29.49 78.82
CA GLN BB 452 -88.61 -29.36 80.27
C GLN BB 452 -87.46 -30.04 81.07
N GLY BB 453 -86.91 -29.40 82.12
CA GLY BB 453 -85.65 -29.81 82.79
C GLY BB 453 -85.67 -31.13 83.56
N SER BB 454 -86.84 -31.64 83.91
CA SER BB 454 -87.02 -33.01 84.41
C SER BB 454 -86.83 -34.09 83.33
N ILE BB 455 -86.78 -33.73 82.04
CA ILE BB 455 -86.41 -34.63 80.95
C ILE BB 455 -84.90 -34.98 81.03
N ALA BB 456 -84.54 -36.27 80.89
CA ALA BB 456 -83.16 -36.76 81.04
C ALA BB 456 -82.20 -36.23 79.96
N GLY BB 457 -80.92 -36.07 80.28
CA GLY BB 457 -79.91 -35.51 79.39
C GLY BB 457 -80.02 -34.00 79.17
N THR BB 458 -81.00 -33.31 79.77
CA THR BB 458 -81.00 -31.84 79.84
C THR BB 458 -79.83 -31.35 80.74
N PRO BB 459 -79.11 -30.27 80.39
CA PRO BB 459 -77.86 -29.89 81.06
C PRO BB 459 -78.10 -29.53 82.52
N LYS BB 460 -77.41 -30.19 83.43
CA LYS BB 460 -77.56 -29.97 84.88
C LYS BB 460 -79.01 -30.10 85.38
N GLY BB 461 -79.91 -30.72 84.61
CA GLY BB 461 -81.36 -30.83 84.91
C GLY BB 461 -82.24 -29.59 84.63
N ARG BB 462 -81.74 -28.56 83.93
CA ARG BB 462 -82.51 -27.32 83.64
C ARG BB 462 -83.36 -27.47 82.38
N SER BB 463 -84.54 -26.84 82.31
CA SER BB 463 -85.24 -26.71 81.02
C SER BB 463 -84.36 -25.95 80.03
N ILE BB 464 -84.53 -26.21 78.75
CA ILE BB 464 -83.74 -25.55 77.70
C ILE BB 464 -84.64 -25.03 76.57
N ARG BB 465 -84.18 -23.92 75.98
CA ARG BB 465 -84.71 -23.34 74.75
C ARG BB 465 -83.57 -23.19 73.75
N GLY BB 466 -83.87 -23.34 72.47
CA GLY BB 466 -82.84 -23.25 71.45
C GLY BB 466 -83.31 -23.59 70.05
N THR BB 467 -82.34 -23.95 69.22
CA THR BB 467 -82.51 -24.27 67.80
C THR BB 467 -81.87 -25.61 67.49
N ILE BB 468 -82.49 -26.36 66.58
CA ILE BB 468 -82.07 -27.70 66.16
C ILE BB 468 -82.02 -27.79 64.64
N GLN BB 469 -81.00 -28.48 64.13
CA GLN BB 469 -80.68 -28.57 62.72
C GLN BB 469 -80.45 -30.04 62.39
N VAL BB 470 -81.06 -30.51 61.30
CA VAL BB 470 -81.16 -31.94 60.98
C VAL BB 470 -80.87 -32.20 59.52
N ASP BB 471 -80.05 -33.20 59.22
CA ASP BB 471 -79.78 -33.68 57.86
C ASP BB 471 -79.70 -35.21 57.77
N TYR BB 472 -80.33 -35.81 56.76
CA TYR BB 472 -80.08 -37.18 56.37
C TYR BB 472 -78.89 -37.28 55.42
N ASP BB 473 -78.18 -38.39 55.48
CA ASP BB 473 -77.06 -38.69 54.58
C ASP BB 473 -77.52 -38.63 53.12
N LYS BB 474 -76.85 -37.78 52.34
CA LYS BB 474 -77.16 -37.46 50.93
C LYS BB 474 -78.61 -37.06 50.66
N CYS BB 475 -79.35 -36.60 51.68
CA CYS BB 475 -80.78 -36.29 51.59
C CYS BB 475 -81.62 -37.46 51.04
N ASP BB 476 -81.63 -38.56 51.80
CA ASP BB 476 -82.55 -39.69 51.61
C ASP BB 476 -83.15 -40.17 52.95
N PRO BB 477 -84.26 -39.57 53.40
CA PRO BB 477 -84.88 -39.93 54.67
C PRO BB 477 -85.48 -41.35 54.68
N TYR BB 478 -85.60 -42.03 53.53
CA TYR BB 478 -86.29 -43.32 53.41
C TYR BB 478 -85.37 -44.54 53.39
N ARG BB 479 -84.05 -44.35 53.40
CA ARG BB 479 -83.09 -45.43 53.65
C ARG BB 479 -81.91 -45.01 54.54
N ALA BB 480 -81.57 -43.71 54.57
CA ALA BB 480 -80.29 -43.26 55.05
C ALA BB 480 -80.22 -42.97 56.58
N ASN BB 481 -79.03 -42.60 57.04
CA ASN BB 481 -78.72 -42.17 58.39
C ASN BB 481 -78.97 -40.67 58.62
N LYS BB 482 -79.03 -40.27 59.88
CA LYS BB 482 -79.48 -38.94 60.35
C LYS BB 482 -78.39 -38.28 61.19
N PHE BB 483 -78.17 -36.99 60.95
CA PHE BB 483 -77.23 -36.13 61.67
C PHE BB 483 -77.97 -34.96 62.31
N VAL BB 484 -77.71 -34.70 63.59
CA VAL BB 484 -78.48 -33.75 64.40
C VAL BB 484 -77.54 -32.85 65.18
N LYS BB 485 -77.83 -31.55 65.18
CA LYS BB 485 -77.06 -30.52 65.89
C LYS BB 485 -78.01 -29.63 66.67
N LEU BB 486 -77.64 -29.32 67.92
CA LEU BB 486 -78.38 -28.44 68.81
C LEU BB 486 -77.47 -27.31 69.29
N LEU BB 487 -77.95 -26.07 69.20
CA LEU BB 487 -77.40 -24.93 69.95
C LEU BB 487 -78.49 -24.36 70.85
N PHE BB 488 -78.21 -24.27 72.14
CA PHE BB 488 -79.25 -24.05 73.15
C PHE BB 488 -78.74 -23.43 74.42
N THR BB 489 -79.69 -22.93 75.18
CA THR BB 489 -79.49 -22.13 76.37
C THR BB 489 -80.43 -22.64 77.46
N ASP BB 490 -79.93 -22.78 78.68
CA ASP BB 490 -80.76 -23.17 79.83
C ASP BB 490 -81.60 -21.99 80.36
N THR BB 491 -82.10 -22.11 81.58
CA THR BB 491 -82.84 -21.03 82.26
C THR BB 491 -81.97 -19.84 82.74
N GLU BB 492 -80.63 -19.95 82.82
CA GLU BB 492 -79.77 -18.85 83.30
C GLU BB 492 -79.14 -18.01 82.17
N GLY BB 493 -79.44 -18.29 80.91
CA GLY BB 493 -78.84 -17.60 79.77
C GLY BB 493 -77.50 -18.21 79.28
N ILE BB 494 -77.06 -19.34 79.86
CA ILE BB 494 -75.78 -20.01 79.53
C ILE BB 494 -75.85 -20.81 78.21
N PRO BB 495 -74.93 -20.62 77.25
CA PRO BB 495 -74.93 -21.36 75.99
C PRO BB 495 -74.13 -22.69 75.99
N TYR BB 496 -74.79 -23.73 75.47
CA TYR BB 496 -74.30 -25.11 75.31
C TYR BB 496 -74.47 -25.61 73.87
N THR BB 497 -73.62 -26.54 73.44
CA THR BB 497 -73.79 -27.28 72.17
C THR BB 497 -73.87 -28.78 72.42
N LEU BB 498 -74.65 -29.47 71.57
CA LEU BB 498 -74.74 -30.93 71.54
C LEU BB 498 -74.90 -31.40 70.08
N TYR BB 499 -74.27 -32.52 69.71
CA TYR BB 499 -74.15 -32.97 68.32
C TYR BB 499 -74.26 -34.49 68.21
N TYR BB 500 -74.94 -34.98 67.17
CA TYR BB 500 -75.12 -36.41 66.89
C TYR BB 500 -74.64 -36.73 65.49
N GLY BB 501 -73.70 -37.67 65.39
CA GLY BB 501 -73.29 -38.24 64.12
C GLY BB 501 -74.21 -39.42 63.73
N GLY BB 502 -74.50 -39.55 62.43
CA GLY BB 502 -75.15 -40.74 61.87
C GLY BB 502 -74.25 -41.99 61.88
N TYR BB 503 -74.72 -43.09 61.28
CA TYR BB 503 -74.04 -44.39 61.24
C TYR BB 503 -73.62 -44.84 62.64
N ASN BB 504 -74.50 -44.54 63.61
CA ASN BB 504 -74.32 -44.75 65.03
C ASN BB 504 -73.03 -44.17 65.64
N GLN BB 505 -72.38 -43.17 65.03
CA GLN BB 505 -71.30 -42.41 65.68
C GLN BB 505 -71.81 -41.78 66.99
N GLY BB 506 -73.09 -41.39 67.00
CA GLY BB 506 -73.77 -40.99 68.19
C GLY BB 506 -73.35 -39.60 68.70
N TRP BB 507 -73.67 -39.38 69.97
CA TRP BB 507 -73.53 -38.11 70.65
C TRP BB 507 -72.06 -37.75 70.91
N LYS BB 508 -71.63 -36.59 70.43
CA LYS BB 508 -70.35 -35.97 70.81
C LYS BB 508 -70.49 -35.24 72.16
N PRO BB 509 -69.48 -35.24 73.05
CA PRO BB 509 -69.62 -34.82 74.45
C PRO BB 509 -70.27 -33.46 74.70
N LEU BB 510 -71.06 -33.32 75.77
CA LEU BB 510 -71.72 -32.06 76.11
C LEU BB 510 -70.70 -30.96 76.39
N LYS BB 511 -70.76 -29.86 75.64
CA LYS BB 511 -69.86 -28.72 75.76
C LYS BB 511 -70.62 -27.53 76.35
N GLN BB 512 -70.16 -26.96 77.48
CA GLN BB 512 -70.65 -25.66 77.96
C GLN BB 512 -69.65 -24.57 77.56
N SER BB 513 -70.09 -23.46 77.00
CA SER BB 513 -69.21 -22.29 76.84
C SER BB 513 -68.87 -21.71 78.21
N GLU BB 514 -67.61 -21.38 78.50
CA GLU BB 514 -67.35 -20.57 79.69
C GLU BB 514 -67.78 -19.14 79.44
N THR BB 515 -68.31 -18.48 80.46
CA THR BB 515 -68.88 -17.12 80.39
C THR BB 515 -68.58 -16.39 81.69
N SER BB 516 -68.58 -15.06 81.66
CA SER BB 516 -68.24 -14.22 82.81
C SER BB 516 -69.15 -12.99 82.90
N THR BB 517 -69.24 -12.41 84.10
CA THR BB 517 -70.01 -11.18 84.37
C THR BB 517 -69.28 -10.32 85.42
N LEU BB 518 -69.33 -8.99 85.28
CA LEU BB 518 -68.76 -8.05 86.26
C LEU BB 518 -69.59 -7.98 87.55
N LEU BB 519 -68.95 -8.12 88.70
CA LEU BB 519 -69.60 -8.03 90.01
C LEU BB 519 -69.19 -6.81 90.83
N TRP BB 520 -67.98 -6.24 90.68
CA TRP BB 520 -67.65 -4.97 91.33
C TRP BB 520 -66.48 -4.22 90.68
N LYS BB 521 -66.43 -2.89 90.88
CA LYS BB 521 -65.32 -1.97 90.57
C LYS BB 521 -65.27 -0.78 91.52
N GLY BB 522 -64.08 -0.25 91.79
CA GLY BB 522 -63.83 0.88 92.68
C GLY BB 522 -62.42 0.77 93.30
N THR BB 523 -62.30 1.06 94.59
CA THR BB 523 -61.06 0.94 95.38
C THR BB 523 -61.11 -0.18 96.41
N LEU BB 524 -60.14 -1.12 96.40
CA LEU BB 524 -60.01 -2.17 97.43
C LEU BB 524 -58.51 -2.47 97.71
N ASP BB 525 -57.90 -1.79 98.69
CA ASP BB 525 -56.51 -2.00 99.14
C ASP BB 525 -56.48 -2.85 100.42
N PHE BB 526 -55.63 -3.88 100.46
CA PHE BB 526 -55.58 -4.80 101.60
C PHE BB 526 -55.06 -4.15 102.89
N GLY BB 527 -54.44 -2.96 102.82
CA GLY BB 527 -54.08 -2.11 103.96
C GLY BB 527 -55.18 -1.10 104.37
N SER BB 528 -56.31 -1.03 103.65
CA SER BB 528 -57.52 -0.28 104.03
C SER BB 528 -58.46 -1.07 104.98
N THR BB 529 -59.67 -0.58 105.27
CA THR BB 529 -60.62 -1.24 106.19
C THR BB 529 -62.09 -1.23 105.71
N GLU BB 530 -62.41 -0.61 104.58
CA GLU BB 530 -63.77 -0.48 104.04
C GLU BB 530 -64.34 -1.80 103.43
N ALA BB 531 -65.66 -2.02 103.53
CA ALA BB 531 -66.41 -3.09 102.83
C ALA BB 531 -67.18 -2.55 101.60
N VAL BB 532 -67.13 -3.29 100.50
CA VAL BB 532 -67.71 -2.90 99.20
C VAL BB 532 -68.86 -3.83 98.82
N ASN BB 533 -69.85 -3.31 98.09
CA ASN BB 533 -71.05 -4.07 97.67
C ASN BB 533 -70.94 -4.58 96.23
N LEU BB 534 -71.22 -5.87 96.05
CA LEU BB 534 -71.22 -6.60 94.77
C LEU BB 534 -72.59 -6.48 94.06
N ASN BB 535 -72.59 -6.55 92.73
CA ASN BB 535 -73.79 -6.43 91.88
C ASN BB 535 -74.55 -7.76 91.64
N ASP BB 536 -74.00 -8.91 92.04
CA ASP BB 536 -74.73 -10.18 92.12
C ASP BB 536 -74.15 -11.10 93.20
N SER BB 537 -74.92 -12.09 93.64
CA SER BB 537 -74.53 -13.05 94.68
C SER BB 537 -73.50 -14.05 94.18
N LEU BB 538 -72.52 -14.35 95.03
CA LEU BB 538 -71.46 -15.35 94.79
C LEU BB 538 -72.01 -16.76 94.48
N ASP BB 539 -73.26 -17.06 94.87
CA ASP BB 539 -73.94 -18.34 94.62
C ASP BB 539 -74.43 -18.54 93.16
N ASN BB 540 -74.50 -17.52 92.31
CA ASN BB 540 -74.91 -17.67 90.90
C ASN BB 540 -73.77 -18.13 89.98
N TYR BB 541 -72.60 -18.42 90.53
CA TYR BB 541 -71.33 -18.62 89.82
C TYR BB 541 -70.56 -19.82 90.39
N ASP BB 542 -69.65 -20.37 89.59
CA ASP BB 542 -68.87 -21.55 89.95
C ASP BB 542 -67.43 -21.20 90.36
N LEU BB 543 -66.89 -20.13 89.77
CA LEU BB 543 -65.61 -19.52 90.12
C LEU BB 543 -65.83 -18.02 90.19
N ILE BB 544 -65.21 -17.35 91.15
CA ILE BB 544 -64.84 -15.95 90.90
C ILE BB 544 -63.48 -15.92 90.24
N GLU BB 545 -63.23 -14.79 89.59
CA GLU BB 545 -61.89 -14.32 89.30
C GLU BB 545 -61.81 -12.84 89.70
N VAL BB 546 -60.69 -12.44 90.29
CA VAL BB 546 -60.46 -11.05 90.65
C VAL BB 546 -59.21 -10.52 89.96
N THR BB 547 -59.24 -9.30 89.42
CA THR BB 547 -58.01 -8.63 88.97
C THR BB 547 -57.33 -7.98 90.17
N TYR BB 548 -56.02 -8.20 90.28
CA TYR BB 548 -55.22 -7.69 91.38
C TYR BB 548 -53.83 -7.21 90.94
N TRP BB 549 -53.21 -6.45 91.83
CA TRP BB 549 -51.98 -5.69 91.65
C TRP BB 549 -51.08 -5.87 92.86
N THR BB 550 -49.80 -6.06 92.65
CA THR BB 550 -48.77 -6.11 93.71
C THR BB 550 -47.61 -5.19 93.41
N ARG BB 551 -47.00 -4.60 94.45
CA ARG BB 551 -46.08 -3.45 94.30
C ARG BB 551 -44.89 -3.71 93.37
N SER BB 552 -44.31 -4.92 93.36
CA SER BB 552 -43.11 -5.22 92.56
C SER BB 552 -43.36 -5.14 91.04
N ALA BB 553 -42.54 -4.34 90.31
CA ALA BB 553 -42.69 -4.01 88.89
C ALA BB 553 -44.08 -3.45 88.48
N GLY BB 554 -44.92 -3.06 89.45
CA GLY BB 554 -46.33 -2.71 89.26
C GLY BB 554 -47.20 -3.87 88.75
N HIS BB 555 -46.78 -5.11 88.98
CA HIS BB 555 -47.33 -6.29 88.33
C HIS BB 555 -48.82 -6.50 88.60
N PHE BB 556 -49.55 -6.69 87.51
CA PHE BB 556 -50.95 -7.10 87.52
C PHE BB 556 -51.09 -8.58 87.15
N SER BB 557 -51.99 -9.26 87.87
CA SER BB 557 -52.40 -10.64 87.61
C SER BB 557 -53.82 -10.87 88.13
N THR BB 558 -54.36 -12.07 87.95
CA THR BB 558 -55.73 -12.41 88.36
C THR BB 558 -55.74 -13.63 89.28
N LYS BB 559 -56.64 -13.61 90.28
CA LYS BB 559 -56.78 -14.69 91.27
C LYS BB 559 -58.14 -15.38 91.09
N ARG BB 560 -58.12 -16.71 90.86
CA ARG BB 560 -59.30 -17.56 90.68
C ARG BB 560 -59.60 -18.32 91.97
N LEU BB 561 -60.83 -18.20 92.43
CA LEU BB 561 -61.32 -18.92 93.60
C LEU BB 561 -62.60 -19.69 93.22
N ASP BB 562 -62.57 -21.01 93.37
CA ASP BB 562 -63.74 -21.89 93.34
C ASP BB 562 -64.61 -21.61 94.57
N ILE BB 563 -65.79 -21.06 94.33
CA ILE BB 563 -66.67 -20.55 95.38
C ILE BB 563 -67.32 -21.72 96.15
N LYS BB 564 -67.34 -22.93 95.57
CA LYS BB 564 -67.95 -24.13 96.14
C LYS BB 564 -66.94 -24.93 96.98
N ASN BB 565 -65.68 -24.99 96.56
CA ASN BB 565 -64.58 -25.64 97.31
C ASN BB 565 -63.64 -24.58 97.93
N THR BB 566 -63.97 -24.06 99.11
CA THR BB 566 -63.21 -22.95 99.75
C THR BB 566 -63.40 -22.83 101.27
N SER BB 567 -62.49 -22.10 101.93
CA SER BB 567 -62.60 -21.59 103.30
C SER BB 567 -63.35 -20.25 103.39
N ASN BB 568 -63.87 -19.71 102.28
CA ASN BB 568 -64.53 -18.41 102.19
C ASN BB 568 -63.63 -17.26 102.71
N LEU BB 569 -62.32 -17.42 102.56
CA LEU BB 569 -61.32 -16.35 102.65
C LEU BB 569 -60.59 -16.21 101.31
N LEU BB 570 -60.66 -15.01 100.72
CA LEU BB 570 -59.92 -14.68 99.51
C LEU BB 570 -58.52 -14.25 99.94
N TYR BB 571 -57.59 -15.20 100.01
CA TYR BB 571 -56.15 -14.91 100.15
C TYR BB 571 -55.57 -14.43 98.82
N ILE BB 572 -54.70 -13.41 98.85
CA ILE BB 572 -53.82 -13.08 97.72
C ILE BB 572 -52.38 -13.37 98.13
N ARG BB 573 -51.70 -14.16 97.31
CA ARG BB 573 -50.29 -14.59 97.43
C ARG BB 573 -49.59 -14.44 96.10
N ASP BB 574 -48.39 -13.87 96.12
CA ASP BB 574 -47.60 -13.60 94.93
C ASP BB 574 -46.12 -13.51 95.29
N PHE BB 575 -45.24 -13.56 94.28
CA PHE BB 575 -43.83 -13.32 94.48
C PHE BB 575 -43.20 -12.55 93.34
N ASN BB 576 -42.03 -11.98 93.61
CA ASN BB 576 -41.19 -11.37 92.62
C ASN BB 576 -39.73 -11.78 92.88
N ILE BB 577 -38.98 -12.17 91.86
CA ILE BB 577 -37.51 -12.30 91.96
C ILE BB 577 -36.84 -11.01 91.47
N SER BB 578 -35.61 -10.75 91.89
CA SER BB 578 -34.80 -9.65 91.35
C SER BB 578 -34.55 -9.78 89.83
N ASN BB 579 -34.87 -8.75 89.03
CA ASN BB 579 -34.82 -8.78 87.56
C ASN BB 579 -33.41 -9.01 86.97
N ASP BB 580 -32.36 -8.56 87.66
CA ASP BB 580 -30.97 -8.61 87.16
C ASP BB 580 -30.36 -10.02 87.21
N SER BB 581 -29.30 -10.25 86.43
CA SER BB 581 -28.68 -11.56 86.28
C SER BB 581 -28.01 -12.11 87.54
N THR BB 582 -27.52 -11.26 88.45
CA THR BB 582 -26.74 -11.64 89.64
C THR BB 582 -27.58 -11.86 90.90
N GLY BB 583 -28.62 -11.06 91.11
CA GLY BB 583 -29.45 -11.15 92.32
C GLY BB 583 -30.19 -12.47 92.40
N SER BB 584 -30.15 -13.10 93.56
CA SER BB 584 -30.78 -14.41 93.81
C SER BB 584 -31.89 -14.34 94.88
N SER BB 585 -32.27 -13.13 95.26
CA SER BB 585 -33.32 -12.85 96.25
C SER BB 585 -34.73 -13.16 95.71
N VAL BB 586 -35.68 -13.47 96.62
CA VAL BB 586 -37.11 -13.66 96.30
C VAL BB 586 -38.00 -12.87 97.28
N ASP BB 587 -38.93 -12.05 96.77
CA ASP BB 587 -39.91 -11.32 97.57
C ASP BB 587 -41.26 -12.01 97.49
N PHE BB 588 -41.83 -12.36 98.65
CA PHE BB 588 -43.14 -12.98 98.81
C PHE BB 588 -44.12 -11.95 99.38
N PHE BB 589 -45.28 -11.79 98.75
CA PHE BB 589 -46.40 -10.94 99.19
C PHE BB 589 -47.55 -11.83 99.66
N GLU BB 590 -48.23 -11.49 100.75
CA GLU BB 590 -49.46 -12.16 101.15
C GLU BB 590 -50.48 -11.20 101.76
N GLY BB 591 -51.77 -11.51 101.66
CA GLY BB 591 -52.84 -10.92 102.44
C GLY BB 591 -54.11 -11.75 102.35
N TYR BB 592 -55.18 -11.33 103.03
CA TYR BB 592 -56.52 -11.88 102.82
C TYR BB 592 -57.65 -10.86 102.99
N CYS BB 593 -58.79 -11.23 102.44
CA CYS BB 593 -60.08 -10.57 102.63
C CYS BB 593 -61.11 -11.62 103.03
N THR BB 594 -62.24 -11.14 103.54
CA THR BB 594 -63.36 -11.94 104.04
C THR BB 594 -64.60 -11.65 103.21
N PHE BB 595 -65.56 -12.58 103.25
CA PHE BB 595 -66.92 -12.37 102.79
C PHE BB 595 -67.86 -12.13 103.99
N PRO BB 596 -68.21 -10.88 104.34
CA PRO BB 596 -69.23 -10.61 105.35
C PRO BB 596 -70.60 -11.15 104.96
N THR BB 597 -70.95 -11.03 103.67
CA THR BB 597 -72.15 -11.61 103.03
C THR BB 597 -71.79 -12.18 101.66
N ARG BB 598 -72.70 -12.98 101.06
CA ARG BB 598 -72.59 -13.43 99.66
C ARG BB 598 -72.65 -12.29 98.62
N THR BB 599 -72.72 -11.02 99.06
CA THR BB 599 -72.88 -9.80 98.26
C THR BB 599 -71.93 -8.67 98.66
N SER BB 600 -70.87 -8.95 99.41
CA SER BB 600 -69.85 -7.96 99.82
C SER BB 600 -68.47 -8.59 100.06
N VAL BB 601 -67.40 -7.79 100.11
CA VAL BB 601 -66.04 -8.24 100.46
C VAL BB 601 -65.38 -7.22 101.39
N GLN BB 602 -64.52 -7.62 102.32
CA GLN BB 602 -63.80 -6.69 103.20
C GLN BB 602 -62.34 -7.12 103.51
N PRO BB 603 -61.34 -6.22 103.58
CA PRO BB 603 -59.94 -6.55 103.92
C PRO BB 603 -59.66 -7.07 105.34
N GLY BB 604 -58.73 -8.04 105.45
CA GLY BB 604 -58.28 -8.65 106.71
C GLY BB 604 -56.81 -8.38 107.10
N MET BB 605 -55.83 -8.61 106.20
CA MET BB 605 -54.38 -8.43 106.47
C MET BB 605 -53.57 -8.25 105.17
N VAL BB 606 -52.40 -7.62 105.23
CA VAL BB 606 -51.38 -7.66 104.16
C VAL BB 606 -49.94 -7.67 104.72
N LYS BB 607 -49.00 -8.36 104.07
CA LYS BB 607 -47.57 -8.53 104.44
C LYS BB 607 -46.68 -8.73 103.20
N SER BB 608 -45.38 -8.46 103.37
CA SER BB 608 -44.34 -8.97 102.46
C SER BB 608 -43.05 -9.43 103.18
N ILE BB 609 -42.41 -10.51 102.69
CA ILE BB 609 -41.17 -11.13 103.20
C ILE BB 609 -40.15 -11.35 102.06
N THR BB 610 -38.91 -10.92 102.24
CA THR BB 610 -37.82 -11.13 101.26
C THR BB 610 -36.86 -12.19 101.76
N LEU BB 611 -36.63 -13.25 100.98
CA LEU BB 611 -35.41 -14.05 101.07
C LEU BB 611 -34.27 -13.24 100.41
N ASP BB 612 -33.35 -12.68 101.20
CA ASP BB 612 -32.15 -12.01 100.68
C ASP BB 612 -31.15 -13.04 100.18
N GLY BB 613 -30.75 -12.97 98.91
CA GLY BB 613 -29.81 -13.91 98.33
C GLY BB 613 -28.37 -13.81 98.84
N SER BB 614 -27.97 -12.66 99.43
CA SER BB 614 -26.57 -12.37 99.81
C SER BB 614 -26.18 -12.90 101.19
N THR BB 615 -27.13 -12.89 102.14
CA THR BB 615 -27.06 -13.57 103.44
C THR BB 615 -27.80 -14.92 103.46
N ASN BB 616 -28.69 -15.18 102.49
CA ASN BB 616 -29.62 -16.33 102.43
C ASN BB 616 -30.60 -16.39 103.60
N THR BB 617 -31.04 -15.23 104.08
CA THR BB 617 -31.91 -15.04 105.26
C THR BB 617 -33.19 -14.28 104.91
N THR BB 618 -34.31 -14.58 105.58
CA THR BB 618 -35.60 -13.91 105.31
C THR BB 618 -35.89 -12.77 106.28
N LYS BB 619 -36.29 -11.61 105.77
CA LYS BB 619 -36.61 -10.38 106.54
C LYS BB 619 -38.01 -9.82 106.28
N VAL BB 620 -38.61 -9.12 107.25
CA VAL BB 620 -39.89 -8.40 107.06
C VAL BB 620 -39.66 -7.23 106.10
N ALA BB 621 -40.32 -7.23 104.95
CA ALA BB 621 -40.32 -6.11 104.02
C ALA BB 621 -41.48 -5.10 104.30
N SER BB 622 -42.68 -5.56 104.71
CA SER BB 622 -43.79 -4.71 105.19
C SER BB 622 -44.86 -5.48 105.99
N TRP BB 623 -45.68 -4.77 106.78
CA TRP BB 623 -46.86 -5.29 107.49
C TRP BB 623 -48.03 -4.26 107.54
N ASN BB 624 -49.23 -4.65 107.11
CA ASN BB 624 -50.45 -3.83 106.97
C ASN BB 624 -50.32 -2.47 106.22
N GLU BB 625 -49.20 -2.19 105.54
CA GLU BB 625 -49.03 -0.96 104.76
C GLU BB 625 -49.90 -0.93 103.48
N LYS BB 626 -50.46 0.25 103.19
CA LYS BB 626 -51.17 0.54 101.93
C LYS BB 626 -50.21 0.62 100.74
N GLU BB 627 -50.75 0.37 99.55
CA GLU BB 627 -50.06 0.27 98.24
C GLU BB 627 -49.29 -1.05 97.97
N ARG BB 628 -49.42 -2.09 98.81
CA ARG BB 628 -48.76 -3.42 98.65
C ARG BB 628 -49.56 -4.39 97.77
N ILE BB 629 -50.84 -4.57 98.08
CA ILE BB 629 -51.76 -5.42 97.33
C ILE BB 629 -53.11 -4.69 97.18
N LYS BB 630 -53.65 -4.61 95.95
CA LYS BB 630 -54.98 -4.04 95.61
C LYS BB 630 -55.80 -4.99 94.73
N VAL BB 631 -57.12 -4.96 94.89
CA VAL BB 631 -58.12 -5.55 93.97
C VAL BB 631 -58.94 -4.41 93.34
N TYR BB 632 -59.18 -4.48 92.03
CA TYR BB 632 -59.81 -3.38 91.27
C TYR BB 632 -61.14 -3.77 90.62
N ASN BB 633 -61.36 -5.06 90.43
CA ASN BB 633 -62.65 -5.57 89.99
C ASN BB 633 -62.90 -6.96 90.58
N ILE BB 634 -64.15 -7.39 90.55
CA ILE BB 634 -64.51 -8.79 90.83
C ILE BB 634 -65.39 -9.29 89.70
N MET BB 635 -65.15 -10.53 89.23
CA MET BB 635 -65.93 -11.20 88.18
C MET BB 635 -66.57 -12.49 88.70
N GLY BB 636 -67.77 -12.82 88.23
CA GLY BB 636 -68.41 -14.12 88.42
C GLY BB 636 -68.33 -14.97 87.15
N ILE BB 637 -67.99 -16.26 87.26
CA ILE BB 637 -67.78 -17.16 86.14
C ILE BB 637 -68.66 -18.41 86.28
N ASN BB 638 -69.21 -18.84 85.15
CA ASN BB 638 -70.01 -20.06 85.01
C ASN BB 638 -69.24 -21.12 84.19
N ARG BB 639 -69.21 -22.38 84.62
CA ARG BB 639 -68.51 -23.49 83.95
C ARG BB 639 -69.24 -24.84 84.03
N GLY BB 640 -68.90 -25.76 83.10
CA GLY BB 640 -69.59 -27.04 82.86
C GLY BB 640 -69.46 -28.12 83.94
N MET CB 1 -159.63 -20.44 17.76
CA MET CB 1 -161.02 -20.57 18.26
C MET CB 1 -161.58 -21.96 17.93
N ALA CB 2 -162.53 -22.44 18.74
CA ALA CB 2 -163.21 -23.72 18.53
C ALA CB 2 -164.17 -23.74 17.32
N PHE CB 3 -164.11 -24.79 16.49
CA PHE CB 3 -165.02 -24.98 15.35
C PHE CB 3 -166.42 -25.40 15.80
N ASN CB 4 -167.45 -24.74 15.29
CA ASN CB 4 -168.84 -25.00 15.62
C ASN CB 4 -169.47 -25.99 14.63
N TYR CB 5 -169.58 -27.27 14.99
CA TYR CB 5 -170.21 -28.33 14.17
C TYR CB 5 -171.17 -29.23 14.97
N THR CB 6 -172.31 -29.57 14.37
CA THR CB 6 -173.18 -30.68 14.82
C THR CB 6 -173.78 -31.40 13.60
N PRO CB 7 -173.67 -32.74 13.53
CA PRO CB 7 -174.05 -33.57 12.39
C PRO CB 7 -175.38 -33.31 11.66
N LEU CB 8 -175.40 -33.71 10.39
CA LEU CB 8 -176.58 -33.94 9.53
C LEU CB 8 -177.06 -35.41 9.59
N THR CB 9 -178.10 -35.76 8.81
CA THR CB 9 -178.73 -37.10 8.75
C THR CB 9 -179.14 -37.53 7.32
N GLU CB 10 -179.72 -38.73 7.15
CA GLU CB 10 -180.30 -39.25 5.90
C GLU CB 10 -181.62 -38.58 5.45
N THR CB 11 -182.50 -38.21 6.41
CA THR CB 11 -183.88 -37.72 6.15
C THR CB 11 -183.98 -36.22 5.86
N GLN CB 12 -182.89 -35.47 6.03
CA GLN CB 12 -182.80 -34.06 5.70
C GLN CB 12 -182.95 -33.85 4.17
N LYS CB 13 -183.05 -32.59 3.72
CA LYS CB 13 -183.19 -32.18 2.31
C LYS CB 13 -182.10 -31.19 1.91
N LEU CB 14 -181.91 -30.98 0.61
CA LEU CB 14 -180.80 -30.20 0.03
C LEU CB 14 -180.60 -28.83 0.71
N LYS CB 15 -181.71 -28.21 1.11
CA LYS CB 15 -181.75 -26.97 1.88
C LYS CB 15 -180.99 -27.04 3.21
N ASP CB 16 -180.99 -28.17 3.89
CA ASP CB 16 -180.43 -28.32 5.23
C ASP CB 16 -178.89 -28.45 5.24
N MET CB 17 -178.32 -28.87 4.11
CA MET CB 17 -176.91 -29.30 3.99
C MET CB 17 -175.97 -28.15 3.61
N TYR CB 18 -176.37 -27.31 2.65
CA TYR CB 18 -175.53 -26.22 2.14
C TYR CB 18 -175.03 -25.24 3.23
N PRO CB 19 -175.79 -24.91 4.30
CA PRO CB 19 -175.30 -24.06 5.37
C PRO CB 19 -174.15 -24.69 6.16
N LYS CB 20 -174.11 -26.02 6.30
CA LYS CB 20 -173.09 -26.72 7.11
C LYS CB 20 -171.84 -27.07 6.32
N VAL CB 21 -171.94 -27.34 5.02
CA VAL CB 21 -170.77 -27.41 4.10
C VAL CB 21 -170.07 -26.04 3.99
N ASN CB 22 -170.85 -24.96 3.82
CA ASN CB 22 -170.33 -23.59 3.87
C ASN CB 22 -169.51 -23.30 5.11
N ASP CB 23 -170.10 -23.51 6.29
CA ASP CB 23 -169.45 -23.21 7.57
C ASP CB 23 -168.13 -23.96 7.75
N ILE CB 24 -168.03 -25.20 7.27
CA ILE CB 24 -166.74 -25.90 7.30
C ILE CB 24 -165.72 -25.16 6.47
N GLY CB 25 -166.02 -24.88 5.20
CA GLY CB 25 -165.05 -24.26 4.29
C GLY CB 25 -164.59 -22.88 4.78
N ASN CB 26 -165.51 -22.08 5.33
CA ASN CB 26 -165.19 -20.78 5.92
C ASN CB 26 -164.27 -20.92 7.16
N PHE CB 27 -164.44 -21.94 8.00
CA PHE CB 27 -163.56 -22.12 9.17
C PHE CB 27 -162.13 -22.45 8.78
N LEU CB 28 -161.94 -23.48 7.91
CA LEU CB 28 -160.61 -23.81 7.39
C LEU CB 28 -159.95 -22.58 6.75
N LYS CB 29 -160.71 -21.77 6.00
CA LYS CB 29 -160.25 -20.53 5.34
C LYS CB 29 -159.88 -19.40 6.32
N THR CB 30 -160.37 -19.40 7.55
CA THR CB 30 -160.19 -18.27 8.48
C THR CB 30 -159.42 -18.59 9.75
N GLU CB 31 -159.16 -19.87 10.08
CA GLU CB 31 -158.54 -20.26 11.37
C GLU CB 31 -157.39 -21.28 11.29
N VAL CB 32 -157.13 -21.91 10.15
CA VAL CB 32 -156.30 -23.14 10.11
C VAL CB 32 -155.07 -22.99 9.21
N ASN CB 33 -153.90 -23.37 9.75
CA ASN CB 33 -152.60 -23.37 9.06
C ASN CB 33 -152.21 -22.03 8.40
N LEU CB 34 -152.52 -20.90 9.05
CA LEU CB 34 -152.30 -19.55 8.52
C LEU CB 34 -150.80 -19.21 8.43
N SER CB 35 -150.43 -18.52 7.32
CA SER CB 35 -149.05 -18.17 6.97
C SER CB 35 -148.38 -17.25 7.99
N ASP CB 36 -149.18 -16.44 8.66
CA ASP CB 36 -148.79 -15.61 9.80
C ASP CB 36 -149.55 -16.10 11.05
N VAL CB 37 -148.96 -16.06 12.24
CA VAL CB 37 -149.70 -16.38 13.49
C VAL CB 37 -150.79 -15.35 13.76
N LYS CB 38 -151.91 -15.78 14.34
CA LYS CB 38 -153.04 -14.88 14.63
C LYS CB 38 -152.62 -13.77 15.62
N GLN CB 39 -152.84 -12.52 15.22
CA GLN CB 39 -152.59 -11.36 16.09
C GLN CB 39 -153.71 -11.18 17.13
N ILE CB 40 -153.33 -11.04 18.40
CA ILE CB 40 -154.20 -10.79 19.57
C ILE CB 40 -153.88 -9.42 20.17
N SER CB 41 -154.87 -8.54 20.30
CA SER CB 41 -154.64 -7.14 20.68
C SER CB 41 -154.97 -6.85 22.15
N GLN CB 42 -154.08 -6.12 22.83
CA GLN CB 42 -154.16 -5.71 24.24
C GLN CB 42 -154.30 -6.87 25.27
N PRO CB 43 -153.64 -8.04 25.11
CA PRO CB 43 -153.79 -9.11 26.10
C PRO CB 43 -153.08 -8.74 27.41
N ASP CB 44 -153.58 -9.24 28.53
CA ASP CB 44 -152.96 -9.06 29.85
C ASP CB 44 -152.30 -10.37 30.28
N PHE CB 45 -150.98 -10.40 30.38
CA PHE CB 45 -150.24 -11.63 30.72
C PHE CB 45 -150.58 -12.15 32.11
N ASN CB 46 -150.99 -11.29 33.05
CA ASN CB 46 -151.41 -11.71 34.38
C ASN CB 46 -152.79 -12.40 34.39
N ASN CB 47 -153.49 -12.47 33.24
CA ASN CB 47 -154.74 -13.22 33.05
C ASN CB 47 -154.90 -13.63 31.56
N ILE CB 48 -153.84 -14.16 30.95
CA ILE CB 48 -153.73 -14.26 29.49
C ILE CB 48 -154.89 -15.03 28.83
N LEU CB 49 -155.47 -16.00 29.55
CA LEU CB 49 -156.57 -16.85 29.10
C LEU CB 49 -157.82 -16.06 28.65
N ALA CB 50 -158.01 -14.83 29.17
CA ALA CB 50 -159.13 -13.96 28.77
C ALA CB 50 -159.02 -13.47 27.32
N SER CB 51 -157.80 -13.41 26.77
CA SER CB 51 -157.50 -13.00 25.40
C SER CB 51 -156.94 -14.14 24.54
N ILE CB 52 -156.37 -15.16 25.18
CA ILE CB 52 -155.75 -16.35 24.56
C ILE CB 52 -156.23 -17.60 25.31
N PRO CB 53 -157.46 -18.09 25.10
CA PRO CB 53 -157.97 -19.28 25.79
C PRO CB 53 -157.45 -20.61 25.22
N ASP CB 54 -156.99 -20.63 23.96
CA ASP CB 54 -156.67 -21.88 23.23
C ASP CB 54 -155.15 -22.12 23.09
N SER CB 55 -154.70 -23.36 23.35
CA SER CB 55 -153.29 -23.73 23.51
C SER CB 55 -152.51 -23.75 22.18
N GLY CB 56 -151.82 -22.66 21.86
CA GLY CB 56 -151.15 -22.51 20.58
C GLY CB 56 -150.25 -21.28 20.49
N ASN CB 57 -149.85 -20.95 19.26
CA ASN CB 57 -148.91 -19.88 18.93
C ASN CB 57 -149.63 -18.66 18.34
N TYR CB 58 -149.25 -17.48 18.80
CA TYR CB 58 -149.94 -16.20 18.60
C TYR CB 58 -148.93 -15.04 18.52
N TYR CB 59 -149.38 -13.86 18.06
CA TYR CB 59 -148.62 -12.61 18.19
C TYR CB 59 -149.44 -11.59 18.98
N VAL CB 60 -148.77 -10.68 19.70
CA VAL CB 60 -149.41 -9.74 20.64
C VAL CB 60 -148.98 -8.28 20.43
N THR CB 61 -149.91 -7.32 20.61
CA THR CB 61 -149.68 -5.85 20.57
C THR CB 61 -150.29 -5.16 21.79
N ASN CB 62 -149.70 -4.03 22.21
CA ASN CB 62 -150.14 -3.22 23.37
C ASN CB 62 -150.33 -4.02 24.68
N SER CB 63 -149.71 -5.19 24.80
CA SER CB 63 -149.99 -6.15 25.87
C SER CB 63 -149.62 -5.60 27.25
N LYS CB 64 -150.44 -5.89 28.25
CA LYS CB 64 -150.17 -5.53 29.66
C LYS CB 64 -149.47 -6.70 30.36
N GLY CB 65 -148.57 -6.42 31.29
CA GLY CB 65 -147.88 -7.46 32.08
C GLY CB 65 -146.73 -8.17 31.36
N ALA CB 66 -146.21 -7.62 30.27
CA ALA CB 66 -145.00 -8.12 29.62
C ALA CB 66 -143.73 -7.90 30.49
N PRO CB 67 -142.62 -8.64 30.29
CA PRO CB 67 -141.36 -8.40 31.01
C PRO CB 67 -140.96 -6.92 30.89
N SER CB 68 -140.80 -6.22 32.00
CA SER CB 68 -140.63 -4.75 31.96
C SER CB 68 -139.37 -4.32 31.18
N GLY CB 69 -139.47 -3.25 30.41
CA GLY CB 69 -138.36 -2.72 29.58
C GLY CB 69 -138.15 -3.43 28.24
N GLU CB 70 -138.74 -4.61 28.03
CA GLU CB 70 -138.91 -5.18 26.69
C GLU CB 70 -140.05 -4.49 25.92
N ALA CB 71 -140.17 -4.76 24.62
CA ALA CB 71 -141.32 -4.35 23.83
C ALA CB 71 -142.62 -4.97 24.39
N THR CB 72 -143.73 -4.23 24.41
CA THR CB 72 -145.08 -4.78 24.68
C THR CB 72 -145.71 -5.46 23.46
N ALA CB 73 -144.95 -5.69 22.39
CA ALA CB 73 -145.36 -6.47 21.21
C ALA CB 73 -144.38 -7.64 20.91
N GLY CB 74 -144.93 -8.80 20.51
CA GLY CB 74 -144.09 -9.98 20.26
C GLY CB 74 -144.87 -11.27 20.05
N PHE CB 75 -144.14 -12.38 19.97
CA PHE CB 75 -144.68 -13.71 19.72
C PHE CB 75 -144.93 -14.44 21.05
N VAL CB 76 -146.02 -15.19 21.12
CA VAL CB 76 -146.51 -15.86 22.33
C VAL CB 76 -146.77 -17.34 22.05
N ARG CB 77 -146.54 -18.20 23.05
CA ARG CB 77 -147.15 -19.54 23.12
C ARG CB 77 -147.86 -19.73 24.45
N LEU CB 78 -149.00 -20.43 24.40
CA LEU CB 78 -149.74 -20.93 25.57
C LEU CB 78 -149.84 -22.47 25.56
N ASP CB 79 -149.35 -23.14 26.61
CA ASP CB 79 -149.72 -24.54 26.89
C ASP CB 79 -150.64 -24.57 28.10
N LYS CB 80 -151.87 -25.05 27.92
CA LYS CB 80 -152.89 -25.04 28.99
C LYS CB 80 -153.58 -26.39 29.12
N ARG CB 81 -153.54 -26.94 30.33
CA ARG CB 81 -154.21 -28.19 30.75
C ARG CB 81 -155.57 -27.86 31.35
N ASN CB 82 -155.57 -26.87 32.25
CA ASN CB 82 -156.73 -26.28 32.91
C ASN CB 82 -156.32 -24.93 33.55
N VAL CB 83 -157.26 -24.16 34.09
CA VAL CB 83 -156.98 -22.85 34.69
C VAL CB 83 -156.05 -22.90 35.93
N ASN CB 84 -155.83 -24.07 36.53
CA ASN CB 84 -154.82 -24.23 37.60
C ASN CB 84 -153.38 -24.38 37.05
N TYR CB 85 -153.22 -25.02 35.90
CA TYR CB 85 -151.93 -25.41 35.32
C TYR CB 85 -151.83 -24.82 33.90
N TYR CB 86 -151.03 -23.76 33.73
CA TYR CB 86 -150.75 -23.24 32.38
C TYR CB 86 -149.37 -22.54 32.28
N LYS CB 87 -148.75 -22.59 31.10
CA LYS CB 87 -147.43 -22.00 30.83
C LYS CB 87 -147.50 -21.04 29.67
N ILE CB 88 -147.02 -19.83 29.92
CA ILE CB 88 -146.92 -18.75 28.94
C ILE CB 88 -145.46 -18.61 28.52
N TYR CB 89 -145.22 -18.51 27.23
CA TYR CB 89 -143.93 -18.19 26.69
C TYR CB 89 -144.04 -16.90 25.86
N TYR CB 90 -143.13 -15.94 26.02
CA TYR CB 90 -143.12 -14.68 25.28
C TYR CB 90 -141.75 -14.35 24.70
N SER CB 91 -141.70 -14.00 23.41
CA SER CB 91 -140.47 -13.66 22.68
C SER CB 91 -140.68 -12.33 21.93
N PRO CB 92 -140.16 -11.22 22.47
CA PRO CB 92 -140.24 -9.89 21.85
C PRO CB 92 -139.84 -9.89 20.37
N TYR CB 93 -140.51 -9.09 19.54
CA TYR CB 93 -140.28 -9.10 18.08
C TYR CB 93 -138.89 -8.62 17.68
N SER CB 94 -138.21 -7.90 18.59
CA SER CB 94 -136.97 -7.15 18.37
C SER CB 94 -135.73 -7.76 19.04
N SER CB 95 -135.79 -9.00 19.56
CA SER CB 95 -134.64 -9.68 20.18
C SER CB 95 -134.73 -11.20 20.05
N ASN CB 96 -133.60 -11.90 20.23
CA ASN CB 96 -133.54 -13.37 20.29
C ASN CB 96 -133.92 -13.97 21.65
N LYS CB 97 -134.37 -13.18 22.63
CA LYS CB 97 -134.76 -13.73 23.95
C LYS CB 97 -135.97 -14.66 23.84
N MET CB 98 -136.17 -15.52 24.84
CA MET CB 98 -137.50 -16.08 25.14
C MET CB 98 -137.77 -16.15 26.65
N TYR CB 99 -138.90 -15.59 27.08
CA TYR CB 99 -139.39 -15.59 28.46
C TYR CB 99 -140.42 -16.68 28.70
N ILE CB 100 -140.44 -17.25 29.90
CA ILE CB 100 -141.47 -18.17 30.37
C ILE CB 100 -142.07 -17.70 31.68
N LYS CB 101 -143.36 -18.00 31.86
CA LYS CB 101 -144.15 -17.75 33.06
C LYS CB 101 -145.11 -18.93 33.30
N THR CB 102 -144.97 -19.63 34.43
CA THR CB 102 -145.70 -20.88 34.74
C THR CB 102 -146.70 -20.67 35.89
N TYR CB 103 -147.96 -21.00 35.67
CA TYR CB 103 -149.04 -21.03 36.66
C TYR CB 103 -149.29 -22.48 37.09
N ALA CB 104 -149.27 -22.74 38.39
CA ALA CB 104 -149.24 -24.09 38.92
C ALA CB 104 -149.90 -24.17 40.28
N ASN CB 105 -151.11 -24.71 40.32
CA ASN CB 105 -151.80 -25.12 41.55
C ASN CB 105 -151.92 -23.98 42.59
N GLY CB 106 -152.24 -22.76 42.11
CA GLY CB 106 -152.37 -21.52 42.88
C GLY CB 106 -151.11 -20.64 42.92
N THR CB 107 -149.92 -21.25 42.76
CA THR CB 107 -148.63 -20.52 42.66
C THR CB 107 -148.46 -19.95 41.23
N VAL CB 108 -147.72 -18.85 41.11
CA VAL CB 108 -147.30 -18.27 39.82
C VAL CB 108 -145.76 -18.20 39.80
N TYR CB 109 -145.14 -18.54 38.68
CA TYR CB 109 -143.71 -18.37 38.45
C TYR CB 109 -143.47 -17.31 37.38
N ASP CB 110 -143.43 -16.05 37.85
CA ASP CB 110 -143.35 -14.82 37.07
C ASP CB 110 -142.06 -14.69 36.24
N TRP CB 111 -141.99 -13.72 35.34
CA TRP CB 111 -141.08 -13.71 34.19
C TRP CB 111 -139.62 -14.07 34.48
N ILE CB 112 -139.13 -15.04 33.70
CA ILE CB 112 -137.70 -15.41 33.56
C ILE CB 112 -137.42 -15.76 32.10
N SER CB 113 -136.22 -15.45 31.60
CA SER CB 113 -135.79 -15.83 30.24
C SER CB 113 -134.89 -17.06 30.24
N PHE CB 114 -135.03 -17.89 29.21
CA PHE CB 114 -134.03 -18.92 28.94
C PHE CB 114 -132.69 -18.26 28.57
N LYS CB 115 -131.61 -18.68 29.23
CA LYS CB 115 -130.27 -18.15 29.00
C LYS CB 115 -129.82 -18.47 27.57
N LEU CB 116 -129.29 -17.48 26.86
CA LEU CB 116 -128.62 -17.65 25.57
C LEU CB 116 -127.12 -17.89 25.78
N ASP CB 117 -126.57 -18.86 25.05
CA ASP CB 117 -125.18 -19.26 25.17
C ASP CB 117 -124.24 -18.28 24.47
N GLU CB 118 -123.97 -17.13 25.09
CA GLU CB 118 -123.10 -16.09 24.53
C GLU CB 118 -121.62 -16.51 24.40
N GLY CB 119 -121.24 -17.70 24.86
CA GLY CB 119 -119.89 -18.23 24.79
C GLY CB 119 -119.05 -17.92 26.05
N SER CB 120 -118.03 -18.74 26.29
CA SER CB 120 -117.27 -18.75 27.56
C SER CB 120 -116.04 -17.84 27.58
N LEU CB 121 -115.76 -17.11 26.49
CA LEU CB 121 -114.70 -16.10 26.46
C LEU CB 121 -115.05 -14.93 27.40
N TYR CB 122 -114.03 -14.20 27.85
CA TYR CB 122 -114.19 -13.06 28.74
C TYR CB 122 -113.66 -11.78 28.12
N ASN CB 123 -114.31 -10.66 28.47
CA ASN CB 123 -113.96 -9.32 28.00
C ASN CB 123 -112.52 -8.96 28.35
N GLU CB 124 -111.93 -8.08 27.55
CA GLU CB 124 -110.57 -7.60 27.76
C GLU CB 124 -110.41 -6.13 27.36
N GLY CB 125 -109.34 -5.50 27.84
CA GLY CB 125 -108.96 -4.15 27.41
C GLY CB 125 -109.78 -3.03 28.04
N ASN CB 126 -110.74 -3.34 28.92
CA ASN CB 126 -111.44 -2.36 29.75
C ASN CB 126 -110.59 -1.87 30.95
N THR CB 127 -111.03 -0.75 31.51
CA THR CB 127 -110.49 -0.16 32.74
C THR CB 127 -111.56 -0.16 33.83
N LEU CB 128 -111.24 -0.72 35.01
CA LEU CB 128 -112.14 -0.81 36.17
C LEU CB 128 -111.52 -0.27 37.46
N ASN CB 129 -112.35 0.30 38.33
CA ASN CB 129 -112.05 0.41 39.75
C ASN CB 129 -112.90 -0.64 40.51
N VAL CB 130 -112.30 -1.69 41.08
CA VAL CB 130 -113.07 -2.79 41.69
C VAL CB 130 -113.91 -2.38 42.90
N LYS CB 131 -113.52 -1.34 43.65
CA LYS CB 131 -114.26 -0.84 44.83
C LYS CB 131 -115.53 -0.07 44.45
N GLU CB 132 -115.67 0.33 43.18
CA GLU CB 132 -116.90 0.89 42.60
C GLU CB 132 -117.79 -0.19 41.95
N LEU CB 133 -117.36 -1.46 41.89
CA LEU CB 133 -118.17 -2.51 41.25
C LEU CB 133 -119.37 -2.93 42.12
N THR CB 134 -120.48 -3.16 41.43
CA THR CB 134 -121.79 -3.55 41.99
C THR CB 134 -122.27 -4.89 41.42
N GLU CB 135 -122.00 -5.18 40.16
CA GLU CB 135 -122.22 -6.49 39.55
C GLU CB 135 -120.97 -7.36 39.68
N SER CB 136 -121.14 -8.68 39.69
CA SER CB 136 -120.00 -9.57 39.45
C SER CB 136 -119.36 -9.26 38.08
N THR CB 137 -118.10 -9.57 37.86
CA THR CB 137 -117.55 -9.67 36.49
C THR CB 137 -116.35 -10.62 36.41
N THR CB 138 -116.03 -11.13 35.23
CA THR CB 138 -114.66 -11.58 34.96
C THR CB 138 -114.19 -10.94 33.67
N GLN CB 139 -113.07 -10.22 33.72
CA GLN CB 139 -112.46 -9.55 32.55
C GLN CB 139 -110.93 -9.59 32.66
N TYR CB 140 -110.23 -9.63 31.52
CA TYR CB 140 -108.83 -9.24 31.46
C TYR CB 140 -108.77 -7.70 31.40
N ALA CB 141 -108.78 -7.05 32.56
CA ALA CB 141 -108.95 -5.61 32.68
C ALA CB 141 -107.77 -4.95 33.38
N THR CB 142 -107.45 -3.73 32.97
CA THR CB 142 -106.57 -2.90 33.77
C THR CB 142 -107.32 -2.45 35.01
N LEU CB 143 -106.63 -2.48 36.16
CA LEU CB 143 -107.12 -2.02 37.45
C LEU CB 143 -106.62 -0.58 37.73
N VAL CB 144 -107.53 0.30 38.12
CA VAL CB 144 -107.20 1.62 38.66
C VAL CB 144 -106.57 1.48 40.07
N ASN CB 145 -107.03 0.51 40.86
CA ASN CB 145 -106.54 0.23 42.23
C ASN CB 145 -106.15 -1.26 42.37
N PRO CB 146 -105.02 -1.66 41.78
CA PRO CB 146 -104.37 -2.97 41.97
C PRO CB 146 -103.85 -3.21 43.40
N PRO CB 147 -103.34 -4.41 43.71
CA PRO CB 147 -102.65 -4.68 44.98
C PRO CB 147 -101.32 -3.92 45.13
N LYS CB 148 -100.60 -3.68 44.02
CA LYS CB 148 -99.32 -2.96 43.92
C LYS CB 148 -99.28 -2.24 42.56
N GLU CB 149 -98.57 -1.12 42.42
CA GLU CB 149 -98.72 -0.25 41.24
C GLU CB 149 -98.23 -0.86 39.92
N ASN CB 150 -97.16 -1.67 39.95
CA ASN CB 150 -96.64 -2.40 38.79
C ASN CB 150 -97.38 -3.72 38.47
N LEU CB 151 -98.36 -4.10 39.29
CA LEU CB 151 -99.22 -5.27 39.10
C LEU CB 151 -100.67 -4.83 38.77
N ASN CB 152 -100.86 -4.09 37.65
CA ASN CB 152 -102.14 -3.44 37.31
C ASN CB 152 -102.88 -3.94 36.06
N THR CB 153 -102.30 -4.85 35.26
CA THR CB 153 -103.04 -5.50 34.16
C THR CB 153 -102.95 -7.01 34.31
N GLY CB 154 -104.05 -7.69 34.05
CA GLY CB 154 -104.21 -9.12 34.30
C GLY CB 154 -105.65 -9.59 34.31
N TRP CB 155 -105.86 -10.80 34.80
CA TRP CB 155 -107.19 -11.39 34.96
C TRP CB 155 -107.85 -10.94 36.26
N VAL CB 156 -108.99 -10.25 36.15
CA VAL CB 156 -109.83 -9.78 37.28
C VAL CB 156 -111.11 -10.61 37.33
N ASN CB 157 -111.42 -11.22 38.49
CA ASN CB 157 -112.70 -11.84 38.82
C ASN CB 157 -113.30 -11.16 40.07
N TYR CB 158 -114.54 -10.67 39.98
CA TYR CB 158 -115.27 -9.98 41.04
C TYR CB 158 -116.64 -10.63 41.24
N LYS CB 159 -117.00 -10.95 42.48
CA LYS CB 159 -118.20 -11.69 42.86
C LYS CB 159 -119.04 -10.87 43.81
N GLU CB 160 -120.25 -10.48 43.42
CA GLU CB 160 -121.19 -9.76 44.29
C GLU CB 160 -122.28 -10.72 44.77
N SER CB 161 -122.58 -10.77 46.06
CA SER CB 161 -123.68 -11.60 46.54
C SER CB 161 -125.06 -10.99 46.23
N LYS CB 162 -126.10 -11.84 46.08
CA LYS CB 162 -127.42 -11.46 45.56
C LYS CB 162 -128.21 -10.45 46.41
N ASN CB 163 -128.34 -10.66 47.72
CA ASN CB 163 -129.03 -9.69 48.59
C ASN CB 163 -128.15 -8.44 48.83
N GLY CB 164 -126.82 -8.57 48.74
CA GLY CB 164 -125.84 -7.49 48.94
C GLY CB 164 -124.94 -7.69 50.16
N VAL CB 165 -124.96 -8.87 50.78
CA VAL CB 165 -124.26 -9.17 52.05
C VAL CB 165 -122.72 -9.22 51.95
N SER CB 166 -122.13 -9.54 50.80
CA SER CB 166 -120.66 -9.52 50.61
C SER CB 166 -120.25 -9.41 49.14
N SER CB 167 -118.99 -9.10 48.88
CA SER CB 167 -118.35 -9.36 47.59
C SER CB 167 -116.95 -9.96 47.78
N LEU CB 168 -116.42 -10.68 46.79
CA LEU CB 168 -115.03 -11.18 46.75
C LEU CB 168 -114.37 -10.73 45.43
N VAL CB 169 -113.07 -10.48 45.46
CA VAL CB 169 -112.25 -10.21 44.28
C VAL CB 169 -111.05 -11.16 44.27
N GLU CB 170 -110.70 -11.70 43.13
CA GLU CB 170 -109.46 -12.46 42.93
C GLU CB 170 -108.73 -11.93 41.69
N PHE CB 171 -107.41 -11.70 41.79
CA PHE CB 171 -106.61 -11.10 40.72
C PHE CB 171 -105.30 -11.84 40.47
N ASN CB 172 -104.92 -11.92 39.19
CA ASN CB 172 -103.71 -12.61 38.72
C ASN CB 172 -103.03 -11.71 37.66
N PRO CB 173 -102.00 -10.92 38.04
CA PRO CB 173 -101.27 -10.09 37.09
C PRO CB 173 -100.51 -10.96 36.08
N VAL CB 174 -100.45 -10.51 34.83
CA VAL CB 174 -99.72 -11.24 33.76
C VAL CB 174 -98.21 -11.27 34.02
N ASN CB 175 -97.66 -10.20 34.61
CA ASN CB 175 -96.26 -10.03 34.93
C ASN CB 175 -95.86 -10.58 36.32
N SER CB 176 -96.63 -11.48 36.92
CA SER CB 176 -96.37 -12.02 38.27
C SER CB 176 -96.72 -13.50 38.42
N THR CB 177 -96.05 -14.17 39.36
CA THR CB 177 -96.35 -15.53 39.82
C THR CB 177 -97.54 -15.58 40.79
N SER CB 178 -97.81 -14.47 41.49
CA SER CB 178 -98.74 -14.42 42.63
C SER CB 178 -100.22 -14.54 42.26
N THR CB 179 -101.06 -14.66 43.29
CA THR CB 179 -102.50 -14.37 43.26
C THR CB 179 -102.81 -13.31 44.33
N PHE CB 180 -103.86 -12.52 44.17
CA PHE CB 180 -104.31 -11.52 45.15
C PHE CB 180 -105.81 -11.65 45.44
N LYS CB 181 -106.22 -11.44 46.69
CA LYS CB 181 -107.61 -11.63 47.14
C LYS CB 181 -108.11 -10.46 48.00
N MET CB 182 -109.38 -10.06 47.86
CA MET CB 182 -110.07 -8.98 48.64
C MET CB 182 -111.56 -9.30 48.87
N ILE CB 183 -112.17 -8.84 49.97
CA ILE CB 183 -113.59 -9.08 50.29
C ILE CB 183 -114.32 -7.78 50.69
N ARG CB 184 -115.52 -7.49 50.16
CA ARG CB 184 -116.48 -6.61 50.85
C ARG CB 184 -117.07 -7.41 51.99
N LYS CB 185 -116.61 -7.12 53.21
CA LYS CB 185 -116.99 -7.76 54.47
C LYS CB 185 -118.36 -7.32 55.00
N LEU CB 186 -118.81 -6.10 54.68
CA LEU CB 186 -120.04 -5.52 55.24
C LEU CB 186 -121.06 -5.08 54.16
N PRO CB 187 -122.38 -5.27 54.40
CA PRO CB 187 -123.45 -4.71 53.57
C PRO CB 187 -123.38 -3.19 53.46
N VAL CB 188 -123.97 -2.63 52.41
CA VAL CB 188 -123.83 -1.20 52.08
C VAL CB 188 -124.40 -0.31 53.21
N GLN CB 189 -123.55 0.58 53.75
CA GLN CB 189 -123.84 1.51 54.86
C GLN CB 189 -122.98 2.80 54.78
N GLU CB 190 -123.40 3.93 55.34
CA GLU CB 190 -122.63 5.20 55.29
C GLU CB 190 -121.27 5.11 56.01
N GLN CB 191 -120.23 5.79 55.51
CA GLN CB 191 -118.87 5.83 56.07
C GLN CB 191 -118.21 7.20 55.89
N LYS CB 192 -118.03 7.95 56.98
CA LYS CB 192 -117.23 9.20 57.02
C LYS CB 192 -115.73 8.87 57.08
N PRO CB 193 -114.86 9.81 56.66
CA PRO CB 193 -113.41 9.73 56.87
C PRO CB 193 -112.97 9.76 58.33
N ASN CB 194 -111.67 9.68 58.57
CA ASN CB 194 -111.02 9.77 59.87
C ASN CB 194 -109.96 10.89 59.85
N LEU CB 195 -110.03 11.83 60.80
CA LEU CB 195 -109.07 12.93 60.89
C LEU CB 195 -107.72 12.47 61.44
N LEU CB 196 -107.71 11.42 62.26
CA LEU CB 196 -106.52 10.94 62.98
C LEU CB 196 -105.52 10.26 62.05
N LYS CB 197 -104.43 10.95 61.67
CA LYS CB 197 -103.30 10.28 61.00
C LYS CB 197 -102.69 9.25 61.93
N ASP CB 198 -102.16 8.17 61.36
CA ASP CB 198 -101.50 7.07 62.08
C ASP CB 198 -102.34 6.35 63.16
N SER CB 199 -103.64 6.11 62.96
CA SER CB 199 -104.40 5.23 63.86
C SER CB 199 -103.90 3.77 63.88
N LEU CB 200 -103.05 3.36 62.92
CA LEU CB 200 -102.34 2.09 62.92
C LEU CB 200 -100.94 2.17 63.60
N PHE CB 201 -100.59 3.29 64.23
CA PHE CB 201 -99.43 3.48 65.11
C PHE CB 201 -98.05 3.14 64.49
N VAL CB 202 -97.85 3.24 63.18
CA VAL CB 202 -96.58 2.88 62.52
C VAL CB 202 -95.50 3.96 62.64
N TYR CB 203 -95.75 5.19 63.14
CA TYR CB 203 -94.67 6.13 63.51
C TYR CB 203 -94.11 5.84 64.92
N PRO CB 204 -92.86 6.26 65.25
CA PRO CB 204 -92.22 5.99 66.52
C PRO CB 204 -93.02 6.42 67.76
N GLU CB 205 -92.86 5.68 68.85
CA GLU CB 205 -93.35 6.04 70.19
C GLU CB 205 -92.55 7.19 70.79
N THR CB 206 -93.22 8.11 71.48
CA THR CB 206 -92.54 9.23 72.17
C THR CB 206 -93.27 9.61 73.46
N SER CB 207 -92.63 10.43 74.30
CA SER CB 207 -93.28 10.99 75.48
C SER CB 207 -94.50 11.84 75.09
N TYR CB 208 -95.62 11.68 75.80
CA TYR CB 208 -96.78 12.58 75.73
C TYR CB 208 -96.38 14.07 75.87
N SER CB 209 -95.24 14.39 76.49
CA SER CB 209 -94.75 15.78 76.59
C SER CB 209 -94.42 16.41 75.23
N ASN CB 210 -93.87 15.64 74.28
CA ASN CB 210 -93.48 16.15 72.96
C ASN CB 210 -94.67 16.49 72.06
N ILE CB 211 -95.78 15.75 72.19
CA ILE CB 211 -97.00 15.93 71.37
C ILE CB 211 -97.87 17.09 71.83
N LYS CB 212 -97.37 17.92 72.77
CA LYS CB 212 -97.90 19.24 73.08
C LYS CB 212 -97.64 20.24 71.93
N THR CB 213 -98.26 19.97 70.78
CA THR CB 213 -98.22 20.75 69.55
C THR CB 213 -99.45 20.44 68.71
N ASP CB 214 -99.80 21.31 67.76
CA ASP CB 214 -100.92 21.15 66.83
C ASP CB 214 -100.50 20.80 65.39
N ASN CB 215 -99.23 20.46 65.16
CA ASN CB 215 -98.77 20.03 63.84
C ASN CB 215 -99.37 18.66 63.47
N TRP CB 216 -99.62 18.43 62.17
CA TRP CB 216 -100.08 17.15 61.60
C TRP CB 216 -99.40 16.77 60.27
N ASP CB 217 -98.19 17.30 60.00
CA ASP CB 217 -97.36 16.93 58.83
C ASP CB 217 -96.06 16.20 59.21
N THR CB 218 -95.50 16.50 60.38
CA THR CB 218 -94.21 15.98 60.82
C THR CB 218 -94.41 15.04 62.02
N PRO CB 219 -94.12 13.74 61.88
CA PRO CB 219 -94.39 12.72 62.91
C PRO CB 219 -93.37 12.76 64.07
N PRO CB 220 -93.66 12.09 65.20
CA PRO CB 220 -94.86 11.29 65.45
C PRO CB 220 -96.11 12.14 65.68
N PHE CB 221 -97.29 11.55 65.45
CA PHE CB 221 -98.58 12.18 65.78
C PHE CB 221 -99.21 11.67 67.08
N TRP CB 222 -98.57 10.72 67.78
CA TRP CB 222 -99.08 10.08 69.00
C TRP CB 222 -98.02 10.00 70.09
N GLY CB 223 -98.42 10.35 71.31
CA GLY CB 223 -97.58 10.34 72.50
C GLY CB 223 -98.12 9.41 73.57
N TYR CB 224 -97.21 8.88 74.37
CA TYR CB 224 -97.46 7.83 75.35
C TYR CB 224 -97.08 8.39 76.72
N SER CB 225 -97.94 8.24 77.71
CA SER CB 225 -97.53 8.47 79.10
C SER CB 225 -96.52 7.39 79.56
N SER CB 226 -96.10 7.46 80.81
CA SER CB 226 -95.64 6.24 81.50
C SER CB 226 -96.77 5.19 81.50
N ASN CB 227 -96.42 3.91 81.44
CA ASN CB 227 -97.39 2.80 81.43
C ASN CB 227 -98.40 2.82 80.25
N SER CB 228 -97.92 3.19 79.04
CA SER CB 228 -98.60 2.94 77.76
C SER CB 228 -97.60 2.77 76.59
N GLY CB 229 -98.02 2.14 75.48
CA GLY CB 229 -97.14 1.79 74.36
C GLY CB 229 -97.78 0.93 73.25
N ARG CB 230 -97.06 0.65 72.16
CA ARG CB 230 -97.46 -0.30 71.10
C ARG CB 230 -97.30 -1.75 71.57
N SER CB 231 -98.33 -2.57 71.36
CA SER CB 231 -98.38 -3.95 71.83
C SER CB 231 -97.76 -4.95 70.84
N GLY CB 232 -97.32 -6.11 71.33
CA GLY CB 232 -97.10 -7.30 70.51
C GLY CB 232 -98.41 -7.99 70.09
N VAL CB 233 -99.55 -7.65 70.72
CA VAL CB 233 -100.90 -8.16 70.38
C VAL CB 233 -101.46 -7.46 69.15
N ARG CB 234 -102.13 -8.25 68.29
CA ARG CB 234 -102.66 -7.79 66.99
C ARG CB 234 -104.15 -8.10 66.84
N PHE CB 235 -104.88 -7.16 66.26
CA PHE CB 235 -106.27 -7.28 65.85
C PHE CB 235 -106.35 -7.12 64.33
N ARG CB 236 -106.96 -8.09 63.64
CA ARG CB 236 -107.08 -8.11 62.16
C ARG CB 236 -105.71 -7.90 61.45
N GLY CB 237 -104.64 -8.40 62.05
CA GLY CB 237 -103.24 -8.27 61.59
C GLY CB 237 -102.58 -6.91 61.89
N GLU CB 238 -103.36 -5.83 61.97
CA GLU CB 238 -102.83 -4.48 62.25
C GLU CB 238 -102.28 -4.33 63.69
N ASN CB 239 -101.52 -3.26 63.94
CA ASN CB 239 -100.96 -2.98 65.27
C ASN CB 239 -102.02 -2.52 66.27
N THR CB 240 -101.70 -2.62 67.57
CA THR CB 240 -102.56 -2.13 68.65
C THR CB 240 -101.73 -1.35 69.67
N VAL CB 241 -102.38 -0.50 70.47
CA VAL CB 241 -101.78 0.14 71.65
C VAL CB 241 -102.43 -0.40 72.91
N GLN CB 242 -101.60 -0.75 73.89
CA GLN CB 242 -102.06 -1.26 75.17
C GLN CB 242 -102.00 -0.17 76.26
N ILE CB 243 -102.74 -0.41 77.34
CA ILE CB 243 -102.70 0.36 78.58
C ILE CB 243 -102.52 -0.61 79.74
N ASP CB 244 -101.54 -0.35 80.60
CA ASP CB 244 -101.20 -1.15 81.77
C ASP CB 244 -101.61 -0.40 83.05
N ASP CB 245 -102.28 -1.04 84.03
CA ASP CB 245 -102.75 -0.39 85.27
C ASP CB 245 -101.67 0.03 86.29
N GLY CB 246 -100.48 0.42 85.82
CA GLY CB 246 -99.24 0.58 86.59
C GLY CB 246 -99.15 1.82 87.49
N SER CB 247 -97.94 2.38 87.58
CA SER CB 247 -97.62 3.50 88.48
C SER CB 247 -98.38 4.80 88.19
N ASP CB 248 -98.77 5.07 86.94
CA ASP CB 248 -99.45 6.31 86.57
C ASP CB 248 -100.90 6.38 87.10
N THR CB 249 -101.35 7.56 87.51
CA THR CB 249 -102.73 7.79 87.93
C THR CB 249 -103.70 7.63 86.76
N TYR CB 250 -103.27 7.99 85.55
CA TYR CB 250 -104.12 7.99 84.36
C TYR CB 250 -103.34 7.53 83.11
N PRO CB 251 -102.87 6.27 83.01
CA PRO CB 251 -102.06 5.82 81.88
C PRO CB 251 -102.84 6.01 80.56
N SER CB 252 -102.18 6.63 79.59
CA SER CB 252 -102.82 7.24 78.43
C SER CB 252 -101.94 7.18 77.20
N VAL CB 253 -102.56 7.09 76.05
CA VAL CB 253 -101.99 7.53 74.76
C VAL CB 253 -102.75 8.77 74.35
N VAL CB 254 -102.05 9.78 73.85
CA VAL CB 254 -102.58 11.13 73.62
C VAL CB 254 -102.17 11.61 72.22
N SER CB 255 -103.08 12.16 71.43
CA SER CB 255 -102.73 12.65 70.09
C SER CB 255 -102.07 14.03 70.16
N ASN CB 256 -101.42 14.47 69.08
CA ASN CB 256 -101.20 15.91 68.88
C ASN CB 256 -102.52 16.66 69.05
N ARG CB 257 -102.43 17.94 69.43
CA ARG CB 257 -103.60 18.78 69.60
C ARG CB 257 -104.19 19.17 68.25
N PHE CB 258 -105.47 19.44 68.22
CA PHE CB 258 -106.16 20.11 67.13
C PHE CB 258 -106.61 21.48 67.68
N LYS CB 259 -106.16 22.58 67.05
CA LYS CB 259 -106.57 23.94 67.43
C LYS CB 259 -107.99 24.24 66.94
N MET CB 260 -108.82 24.82 67.81
CA MET CB 260 -110.17 25.23 67.42
C MET CB 260 -110.14 26.33 66.37
N GLY CB 261 -110.61 26.00 65.17
CA GLY CB 261 -110.57 26.85 63.98
C GLY CB 261 -109.69 26.31 62.85
N LYS CB 262 -109.19 25.07 62.99
CA LYS CB 262 -108.51 24.35 61.91
C LYS CB 262 -109.36 23.17 61.42
N GLU CB 263 -109.00 21.94 61.72
CA GLU CB 263 -109.77 20.75 61.32
C GLU CB 263 -110.98 20.47 62.22
N LEU CB 264 -111.01 21.06 63.42
CA LEU CB 264 -112.11 21.03 64.39
C LEU CB 264 -112.36 22.43 64.94
N SER CB 265 -113.58 22.67 65.41
CA SER CB 265 -114.03 23.95 65.96
C SER CB 265 -115.04 23.75 67.08
N VAL CB 266 -115.14 24.72 67.99
CA VAL CB 266 -116.24 24.75 68.97
C VAL CB 266 -117.59 24.84 68.26
N GLY CB 267 -118.56 24.08 68.74
CA GLY CB 267 -119.85 23.93 68.08
C GLY CB 267 -119.88 22.88 66.97
N ASP CB 268 -118.74 22.29 66.56
CA ASP CB 268 -118.80 21.07 65.76
C ASP CB 268 -119.26 19.89 66.62
N THR CB 269 -120.29 19.18 66.15
CA THR CB 269 -120.66 17.86 66.69
C THR CB 269 -119.78 16.78 66.05
N VAL CB 270 -119.28 15.85 66.86
CA VAL CB 270 -118.22 14.92 66.47
C VAL CB 270 -118.40 13.57 67.15
N THR CB 271 -117.85 12.52 66.54
CA THR CB 271 -117.86 11.16 67.06
C THR CB 271 -116.46 10.58 67.14
N VAL CB 272 -116.18 9.81 68.19
CA VAL CB 272 -114.97 9.00 68.34
C VAL CB 272 -115.34 7.53 68.52
N SER CB 273 -114.53 6.58 68.01
CA SER CB 273 -114.73 5.15 68.26
C SER CB 273 -113.43 4.35 68.23
N VAL CB 274 -113.41 3.20 68.91
CA VAL CB 274 -112.27 2.27 69.05
C VAL CB 274 -112.77 0.83 69.09
N TYR CB 275 -111.93 -0.13 68.73
CA TYR CB 275 -112.05 -1.49 69.29
C TYR CB 275 -111.37 -1.55 70.66
N ALA CB 276 -111.86 -2.36 71.59
CA ALA CB 276 -111.16 -2.62 72.84
C ALA CB 276 -111.40 -4.02 73.42
N LYS CB 277 -110.45 -4.48 74.25
CA LYS CB 277 -110.56 -5.63 75.17
C LYS CB 277 -109.63 -5.51 76.38
N ILE CB 278 -109.83 -6.31 77.41
CA ILE CB 278 -108.97 -6.40 78.61
C ILE CB 278 -108.47 -7.84 78.83
N ASN CB 279 -107.35 -8.05 79.53
CA ASN CB 279 -106.85 -9.38 79.86
C ASN CB 279 -107.71 -10.13 80.91
N ASP CB 280 -108.26 -9.44 81.91
CA ASP CB 280 -109.30 -9.97 82.82
C ASP CB 280 -110.12 -8.82 83.47
N PRO CB 281 -111.45 -8.72 83.24
CA PRO CB 281 -112.29 -7.71 83.87
C PRO CB 281 -112.21 -7.65 85.41
N ALA CB 282 -112.03 -8.78 86.09
CA ALA CB 282 -112.06 -8.83 87.56
C ALA CB 282 -110.93 -7.99 88.17
N LEU CB 283 -109.76 -7.97 87.51
CA LEU CB 283 -108.59 -7.16 87.88
C LEU CB 283 -108.83 -5.64 87.78
N LEU CB 284 -109.90 -5.18 87.12
CA LEU CB 284 -110.16 -3.75 87.02
C LEU CB 284 -110.69 -3.18 88.36
N LYS CB 285 -111.41 -3.96 89.18
CA LYS CB 285 -111.97 -3.48 90.47
C LYS CB 285 -112.68 -2.12 90.31
N ASP CB 286 -112.31 -1.12 91.11
CA ASP CB 286 -112.81 0.25 91.03
C ASP CB 286 -112.02 1.17 90.06
N ASN CB 287 -111.10 0.65 89.24
CA ASN CB 287 -110.54 1.43 88.14
C ASN CB 287 -111.58 1.59 87.04
N LEU CB 288 -111.39 2.60 86.18
CA LEU CB 288 -112.32 2.90 85.09
C LEU CB 288 -111.58 2.90 83.75
N VAL CB 289 -111.92 1.98 82.86
CA VAL CB 289 -111.45 2.09 81.47
C VAL CB 289 -112.23 3.23 80.81
N TYR CB 290 -111.57 4.06 80.01
CA TYR CB 290 -112.26 5.14 79.31
C TYR CB 290 -111.43 5.70 78.14
N PHE CB 291 -112.10 6.41 77.24
CA PHE CB 291 -111.44 7.24 76.21
C PHE CB 291 -112.24 8.53 76.00
N GLU CB 292 -111.55 9.62 75.66
CA GLU CB 292 -112.14 10.97 75.66
C GLU CB 292 -111.41 12.00 74.79
N LEU CB 293 -112.14 13.04 74.37
CA LEU CB 293 -111.63 14.15 73.58
C LEU CB 293 -111.53 15.39 74.50
N ALA CB 294 -110.41 15.53 75.21
CA ALA CB 294 -110.19 16.61 76.20
C ALA CB 294 -110.13 18.02 75.57
N GLY CB 295 -110.14 19.07 76.41
CA GLY CB 295 -110.00 20.46 75.97
C GLY CB 295 -108.96 21.29 76.75
N TYR CB 296 -108.19 22.14 76.06
CA TYR CB 296 -107.10 22.93 76.65
C TYR CB 296 -107.24 24.43 76.38
N ASP CB 297 -106.86 25.26 77.34
CA ASP CB 297 -106.83 26.72 77.14
C ASP CB 297 -105.63 27.14 76.27
N THR CB 298 -104.52 26.41 76.31
CA THR CB 298 -103.30 26.67 75.51
C THR CB 298 -102.73 25.37 74.91
N VAL CB 299 -101.96 25.48 73.82
CA VAL CB 299 -101.37 24.31 73.14
C VAL CB 299 -100.39 23.52 74.03
N ASP CB 300 -99.73 24.23 74.96
CA ASP CB 300 -98.73 23.73 75.90
C ASP CB 300 -99.30 23.28 77.25
N ASP CB 301 -100.62 23.39 77.46
CA ASP CB 301 -101.29 23.34 78.76
C ASP CB 301 -100.92 22.12 79.63
N THR CB 302 -100.46 22.39 80.85
CA THR CB 302 -100.07 21.40 81.87
C THR CB 302 -101.26 20.77 82.60
N SER CB 303 -102.50 21.18 82.30
CA SER CB 303 -103.71 20.68 82.96
C SER CB 303 -103.96 19.18 82.76
N LYS CB 304 -104.73 18.61 83.71
CA LYS CB 304 -105.03 17.17 83.83
C LYS CB 304 -106.11 16.71 82.84
N ASN CB 305 -105.90 17.04 81.57
CA ASN CB 305 -106.75 16.73 80.42
C ASN CB 305 -108.24 17.01 80.68
N PRO CB 306 -108.62 18.30 80.81
CA PRO CB 306 -109.96 18.73 81.16
C PRO CB 306 -111.06 18.09 80.31
N TYR CB 307 -112.08 17.56 80.98
CA TYR CB 307 -113.23 16.91 80.36
C TYR CB 307 -114.15 17.91 79.62
N THR CB 308 -114.61 17.54 78.42
CA THR CB 308 -115.38 18.40 77.50
C THR CB 308 -116.84 17.96 77.34
N GLY CB 309 -117.27 16.94 78.08
CA GLY CB 309 -118.48 16.17 77.78
C GLY CB 309 -118.21 14.97 76.85
N GLY CB 310 -117.17 15.02 76.01
CA GLY CB 310 -116.82 13.97 75.04
C GLY CB 310 -115.95 12.83 75.58
N ARG CB 311 -116.58 11.77 76.11
CA ARG CB 311 -115.92 10.59 76.66
C ARG CB 311 -116.83 9.38 76.47
N ARG CB 312 -116.26 8.19 76.34
CA ARG CB 312 -116.95 6.95 76.74
C ARG CB 312 -116.19 6.32 77.90
N GLU CB 313 -116.89 6.18 79.01
CA GLU CB 313 -116.44 5.36 80.13
C GLU CB 313 -116.79 3.90 79.83
N ILE CB 314 -116.04 2.96 80.40
CA ILE CB 314 -116.26 1.53 80.25
C ILE CB 314 -116.01 0.90 81.61
N THR CB 315 -117.09 0.53 82.30
CA THR CB 315 -117.00 -0.06 83.64
C THR CB 315 -116.47 -1.50 83.58
N ALA CB 316 -115.95 -2.01 84.70
CA ALA CB 316 -115.54 -3.41 84.85
C ALA CB 316 -116.65 -4.39 84.48
N SER CB 317 -117.90 -4.03 84.83
CA SER CB 317 -119.10 -4.78 84.46
C SER CB 317 -119.41 -4.76 82.95
N GLU CB 318 -118.84 -3.83 82.16
CA GLU CB 318 -119.11 -3.74 80.72
C GLU CB 318 -118.06 -4.44 79.86
N ILE CB 319 -116.78 -4.23 80.15
CA ILE CB 319 -115.69 -4.76 79.31
C ILE CB 319 -115.62 -6.29 79.37
N THR CB 320 -115.04 -6.90 78.34
CA THR CB 320 -114.90 -8.35 78.19
C THR CB 320 -113.49 -8.69 77.74
N THR CB 321 -113.12 -9.97 77.83
CA THR CB 321 -111.87 -10.43 77.21
C THR CB 321 -111.90 -10.42 75.69
N GLU CB 322 -113.00 -10.03 75.04
CA GLU CB 322 -113.17 -10.13 73.58
C GLU CB 322 -113.30 -8.76 72.92
N TRP CB 323 -112.77 -8.67 71.71
CA TRP CB 323 -112.81 -7.47 70.91
C TRP CB 323 -114.25 -7.06 70.59
N LYS CB 324 -114.69 -5.92 71.13
CA LYS CB 324 -115.94 -5.22 70.78
C LYS CB 324 -115.63 -3.74 70.45
N LYS CB 325 -116.46 -3.09 69.63
CA LYS CB 325 -116.36 -1.65 69.34
C LYS CB 325 -117.09 -0.80 70.39
N TYR CB 326 -116.47 0.32 70.77
CA TYR CB 326 -116.97 1.33 71.71
C TYR CB 326 -116.94 2.72 71.06
N SER CB 327 -117.80 3.65 71.49
CA SER CB 327 -117.91 4.97 70.86
C SER CB 327 -118.50 6.07 71.73
N PHE CB 328 -118.32 7.33 71.35
CA PHE CB 328 -119.14 8.47 71.84
C PHE CB 328 -119.33 9.56 70.78
N THR CB 329 -120.43 10.31 70.90
CA THR CB 329 -120.73 11.53 70.12
C THR CB 329 -121.04 12.70 71.05
N PHE CB 330 -120.57 13.90 70.72
CA PHE CB 330 -120.83 15.13 71.50
C PHE CB 330 -120.52 16.41 70.69
N THR CB 331 -120.88 17.59 71.21
CA THR CB 331 -120.49 18.88 70.60
C THR CB 331 -119.33 19.51 71.35
N ILE CB 332 -118.23 19.82 70.67
CA ILE CB 332 -117.03 20.44 71.26
C ILE CB 332 -117.44 21.75 71.93
N PRO CB 333 -117.36 21.89 73.26
CA PRO CB 333 -117.84 23.08 73.93
C PRO CB 333 -116.81 24.21 73.90
N GLU CB 334 -117.26 25.45 74.13
CA GLU CB 334 -116.39 26.62 74.32
C GLU CB 334 -115.60 26.55 75.65
N ASN CB 335 -116.18 25.90 76.66
CA ASN CB 335 -115.60 25.67 77.98
C ASN CB 335 -115.73 24.20 78.39
N THR CB 336 -114.74 23.71 79.11
CA THR CB 336 -114.73 22.38 79.74
C THR CB 336 -115.80 22.24 80.85
N ILE CB 337 -116.10 21.00 81.27
CA ILE CB 337 -117.30 20.63 82.04
C ILE CB 337 -116.93 19.92 83.34
N GLY CB 338 -117.64 20.24 84.43
CA GLY CB 338 -117.45 19.61 85.74
C GLY CB 338 -116.49 20.39 86.65
N ALA CB 339 -115.27 19.87 86.86
CA ALA CB 339 -114.27 20.40 87.80
C ALA CB 339 -113.37 21.52 87.23
N SER CB 340 -112.95 21.47 85.96
CA SER CB 340 -111.95 22.41 85.43
C SER CB 340 -112.50 23.77 85.00
N GLY CB 341 -113.52 23.80 84.14
CA GLY CB 341 -114.17 25.06 83.71
C GLY CB 341 -113.31 26.00 82.86
N VAL CB 342 -112.15 25.56 82.38
CA VAL CB 342 -111.29 26.32 81.46
C VAL CB 342 -111.85 26.37 80.03
N LYS CB 343 -111.53 27.42 79.27
CA LYS CB 343 -111.88 27.58 77.85
C LYS CB 343 -111.20 26.52 76.97
N VAL CB 344 -111.90 26.04 75.94
CA VAL CB 344 -111.42 25.08 74.94
C VAL CB 344 -110.85 25.82 73.70
N ASN CB 345 -109.57 26.14 73.69
CA ASN CB 345 -108.89 26.57 72.46
C ASN CB 345 -108.31 25.40 71.64
N TYR CB 346 -108.07 24.24 72.26
CA TYR CB 346 -107.48 23.06 71.63
C TYR CB 346 -108.17 21.80 72.15
N VAL CB 347 -108.11 20.70 71.38
CA VAL CB 347 -108.53 19.36 71.81
C VAL CB 347 -107.50 18.30 71.40
N SER CB 348 -107.52 17.13 72.03
CA SER CB 348 -106.72 15.97 71.64
C SER CB 348 -107.40 14.68 72.11
N LEU CB 349 -107.26 13.59 71.36
CA LEU CB 349 -107.79 12.29 71.73
C LEU CB 349 -106.92 11.65 72.82
N LEU CB 350 -107.55 11.05 73.83
CA LEU CB 350 -106.90 10.21 74.83
C LEU CB 350 -107.48 8.79 74.86
N LEU CB 351 -106.62 7.77 74.71
CA LEU CB 351 -106.94 6.35 74.91
C LEU CB 351 -106.41 5.95 76.28
N ARG CB 352 -107.27 5.56 77.25
CA ARG CB 352 -106.89 5.66 78.67
C ARG CB 352 -107.36 4.51 79.55
N MET CB 353 -106.84 4.53 80.77
CA MET CB 353 -107.44 3.94 81.96
C MET CB 353 -107.26 4.93 83.12
N ASN CB 354 -108.21 5.00 84.06
CA ASN CB 354 -108.04 5.69 85.35
C ASN CB 354 -107.64 4.67 86.43
N CYS CB 355 -106.49 4.91 87.08
CA CYS CB 355 -105.93 4.07 88.15
C CYS CB 355 -105.92 4.77 89.53
N SER CB 356 -106.64 5.89 89.71
CA SER CB 356 -106.72 6.59 91.01
C SER CB 356 -107.25 5.71 92.15
N SER CB 357 -108.11 4.75 91.82
CA SER CB 357 -108.70 3.84 92.79
C SER CB 357 -107.70 2.76 93.25
N SER CB 358 -107.06 2.06 92.31
CA SER CB 358 -106.07 1.00 92.59
C SER CB 358 -105.01 0.94 91.49
N LYS CB 359 -103.80 0.52 91.84
CA LYS CB 359 -102.67 0.38 90.90
C LYS CB 359 -102.02 -0.99 91.00
N GLY CB 360 -101.52 -1.50 89.89
CA GLY CB 360 -100.74 -2.73 89.87
C GLY CB 360 -101.56 -3.98 90.19
N ASN CB 361 -102.82 -4.04 89.78
CA ASN CB 361 -103.58 -5.29 89.86
C ASN CB 361 -103.18 -6.26 88.72
N GLY CB 362 -102.59 -5.76 87.64
CA GLY CB 362 -102.29 -6.56 86.46
C GLY CB 362 -103.35 -6.45 85.35
N ALA CB 363 -104.24 -5.46 85.41
CA ALA CB 363 -105.15 -5.14 84.31
C ALA CB 363 -104.38 -4.55 83.11
N VAL CB 364 -104.39 -5.26 81.98
CA VAL CB 364 -103.89 -4.79 80.67
C VAL CB 364 -105.06 -4.66 79.69
N VAL CB 365 -105.27 -3.47 79.17
CA VAL CB 365 -106.31 -3.11 78.19
C VAL CB 365 -105.65 -2.96 76.81
N TYR CB 366 -106.33 -3.36 75.74
CA TYR CB 366 -105.81 -3.29 74.36
C TYR CB 366 -106.75 -2.48 73.47
N TYR CB 367 -106.24 -1.45 72.78
CA TYR CB 367 -106.95 -0.58 71.84
C TYR CB 367 -106.43 -0.75 70.40
N ALA CB 368 -107.36 -0.90 69.46
CA ALA CB 368 -107.12 -0.99 68.03
C ALA CB 368 -108.09 -0.08 67.27
N LEU CB 369 -107.69 0.46 66.14
CA LEU CB 369 -108.56 1.23 65.23
C LEU CB 369 -109.32 2.43 65.88
N PRO CB 370 -108.62 3.41 66.50
CA PRO CB 370 -109.25 4.65 66.95
C PRO CB 370 -109.58 5.59 65.79
N LYS CB 371 -110.77 6.19 65.79
CA LYS CB 371 -111.25 7.15 64.79
C LYS CB 371 -111.81 8.41 65.46
N LEU CB 372 -111.60 9.59 64.86
CA LEU CB 372 -112.38 10.82 65.13
C LEU CB 372 -112.96 11.34 63.82
N GLU CB 373 -114.26 11.64 63.81
CA GLU CB 373 -114.97 12.06 62.60
C GLU CB 373 -115.98 13.17 62.90
N LYS CB 374 -116.13 14.11 61.94
CA LYS CB 374 -117.12 15.19 61.97
C LYS CB 374 -118.50 14.70 61.50
N SER CB 375 -119.29 14.23 62.47
CA SER CB 375 -120.50 13.43 62.30
C SER CB 375 -121.38 13.56 63.55
N SER CB 376 -122.67 13.27 63.42
CA SER CB 376 -123.59 13.06 64.55
C SER CB 376 -123.71 11.59 65.00
N LYS CB 377 -123.00 10.66 64.35
CA LYS CB 377 -123.02 9.21 64.63
C LYS CB 377 -121.72 8.48 64.27
N VAL CB 378 -121.54 7.29 64.86
CA VAL CB 378 -120.53 6.33 64.41
C VAL CB 378 -120.81 5.94 62.95
N THR CB 379 -119.73 5.70 62.20
CA THR CB 379 -119.74 4.98 60.92
C THR CB 379 -118.49 4.09 60.88
N PRO CB 380 -118.41 3.07 60.00
CA PRO CB 380 -117.26 2.15 59.93
C PRO CB 380 -115.87 2.84 59.95
N PHE CB 381 -114.89 2.19 60.60
CA PHE CB 381 -113.54 2.71 60.65
C PHE CB 381 -112.96 2.85 59.23
N ILE CB 382 -112.06 3.82 59.06
CA ILE CB 382 -111.12 3.88 57.95
C ILE CB 382 -109.84 4.61 58.47
N THR CB 383 -108.67 4.30 57.94
CA THR CB 383 -107.46 5.11 58.19
C THR CB 383 -107.60 6.51 57.63
N HIS CB 384 -106.70 7.43 57.98
CA HIS CB 384 -106.66 8.70 57.26
C HIS CB 384 -106.26 8.48 55.79
N GLU CB 385 -106.81 9.29 54.90
CA GLU CB 385 -106.72 9.13 53.44
C GLU CB 385 -105.28 8.99 52.93
N ASN CB 386 -104.35 9.79 53.45
CA ASN CB 386 -102.94 9.73 53.06
C ASN CB 386 -102.09 8.68 53.83
N ASP CB 387 -102.63 7.98 54.84
CA ASP CB 387 -101.83 7.15 55.78
C ASP CB 387 -100.92 6.12 55.08
N VAL CB 388 -99.75 5.84 55.65
CA VAL CB 388 -98.69 5.00 55.06
C VAL CB 388 -98.93 3.48 55.15
N ARG CB 389 -99.95 3.05 55.90
CA ARG CB 389 -100.47 1.68 55.94
C ARG CB 389 -102.00 1.75 56.12
N LYS CB 390 -102.78 1.57 55.04
CA LYS CB 390 -104.24 1.78 55.06
C LYS CB 390 -104.97 0.71 55.88
N TYR CB 391 -106.20 1.01 56.28
CA TYR CB 391 -107.22 0.00 56.59
C TYR CB 391 -108.65 0.53 56.40
N ASP CB 392 -109.60 -0.37 56.15
CA ASP CB 392 -111.04 -0.14 55.99
C ASP CB 392 -111.77 -1.33 56.64
N GLU CB 393 -113.03 -1.15 57.06
CA GLU CB 393 -113.89 -2.21 57.58
C GLU CB 393 -114.94 -2.73 56.57
N ILE CB 394 -115.38 -1.93 55.59
CA ILE CB 394 -116.35 -2.40 54.57
C ILE CB 394 -115.66 -3.39 53.62
N TRP CB 395 -114.45 -3.08 53.17
CA TRP CB 395 -113.64 -3.91 52.26
C TRP CB 395 -112.60 -4.76 53.03
N SER CB 396 -111.52 -5.15 52.37
CA SER CB 396 -110.23 -5.54 52.97
C SER CB 396 -109.13 -4.89 52.13
N ASN CB 397 -107.90 -4.89 52.62
CA ASN CB 397 -106.75 -4.77 51.71
C ASN CB 397 -106.62 -6.02 50.83
N TRP CB 398 -105.81 -5.93 49.77
CA TRP CB 398 -105.43 -7.09 48.98
C TRP CB 398 -104.47 -8.00 49.74
N GLN CB 399 -104.91 -9.21 50.06
CA GLN CB 399 -104.11 -10.27 50.65
C GLN CB 399 -103.36 -11.03 49.54
N GLU CB 400 -102.03 -10.94 49.45
CA GLU CB 400 -101.26 -11.67 48.41
C GLU CB 400 -101.14 -13.17 48.75
N VAL CB 401 -101.02 -14.07 47.77
CA VAL CB 401 -100.67 -15.50 47.93
C VAL CB 401 -99.61 -15.91 46.90
N ILE CB 402 -98.71 -16.84 47.23
CA ILE CB 402 -97.46 -17.11 46.52
C ILE CB 402 -97.25 -18.56 46.11
N SER CB 403 -96.26 -18.79 45.22
CA SER CB 403 -95.83 -20.12 44.78
C SER CB 403 -94.70 -20.72 45.64
N LYS CB 404 -94.52 -22.05 45.55
CA LYS CB 404 -93.46 -22.76 46.26
C LYS CB 404 -92.06 -22.31 45.84
N ASP CB 405 -91.84 -21.86 44.60
CA ASP CB 405 -90.55 -21.28 44.18
C ASP CB 405 -90.25 -19.96 44.92
N GLU CB 406 -91.26 -19.10 45.02
CA GLU CB 406 -91.16 -17.87 45.78
C GLU CB 406 -90.90 -18.14 47.27
N LEU CB 407 -91.57 -19.14 47.83
CA LEU CB 407 -91.31 -19.61 49.19
C LEU CB 407 -89.90 -20.20 49.33
N LYS CB 408 -89.42 -20.95 48.32
CA LYS CB 408 -88.05 -21.47 48.26
C LYS CB 408 -87.02 -20.34 48.15
N GLY CB 409 -87.44 -19.15 47.74
CA GLY CB 409 -86.71 -17.90 47.97
C GLY CB 409 -86.63 -17.52 49.45
N HIS CB 410 -87.75 -17.32 50.12
CA HIS CB 410 -87.77 -16.83 51.50
C HIS CB 410 -87.25 -17.84 52.54
N SER CB 411 -87.38 -19.13 52.28
CA SER CB 411 -87.08 -20.21 53.24
C SER CB 411 -85.59 -20.32 53.61
N PRO CB 412 -85.25 -20.67 54.87
CA PRO CB 412 -83.88 -20.98 55.27
C PRO CB 412 -83.39 -22.36 54.79
N VAL CB 413 -84.24 -23.20 54.18
CA VAL CB 413 -83.99 -24.61 53.79
C VAL CB 413 -84.58 -24.94 52.40
N ASP CB 414 -84.04 -25.93 51.69
CA ASP CB 414 -84.56 -26.39 50.39
C ASP CB 414 -85.85 -27.21 50.53
N ILE CB 415 -86.95 -26.50 50.51
CA ILE CB 415 -88.32 -27.03 50.61
C ILE CB 415 -88.77 -27.89 49.44
N GLU CB 416 -88.07 -27.86 48.30
CA GLU CB 416 -88.33 -28.80 47.19
C GLU CB 416 -87.56 -30.12 47.38
N TYR CB 417 -86.45 -30.10 48.12
CA TYR CB 417 -85.65 -31.28 48.39
C TYR CB 417 -85.63 -31.63 49.89
N ASN CB 418 -86.80 -32.06 50.39
CA ASN CB 418 -86.97 -32.58 51.74
C ASN CB 418 -86.37 -31.66 52.84
N ASP CB 419 -86.44 -30.34 52.70
CA ASP CB 419 -85.95 -29.36 53.70
C ASP CB 419 -84.42 -29.37 53.93
N TYR CB 420 -83.60 -29.77 52.93
CA TYR CB 420 -82.14 -29.80 53.11
C TYR CB 420 -81.54 -28.39 53.31
N PHE CB 421 -80.23 -28.34 53.59
CA PHE CB 421 -79.50 -27.08 53.70
C PHE CB 421 -79.78 -26.18 52.49
N LYS CB 422 -80.05 -24.88 52.70
CA LYS CB 422 -80.23 -23.96 51.57
C LYS CB 422 -78.93 -23.73 50.80
N TYR CB 423 -77.78 -23.75 51.47
CA TYR CB 423 -76.46 -23.80 50.83
C TYR CB 423 -75.68 -25.04 51.22
N GLN CB 424 -75.24 -25.82 50.25
CA GLN CB 424 -74.43 -27.00 50.46
C GLN CB 424 -73.17 -26.88 49.58
N TRP CB 425 -72.01 -27.10 50.17
CA TRP CB 425 -70.72 -26.82 49.54
C TRP CB 425 -69.78 -28.03 49.67
N TRP CB 426 -69.86 -28.88 48.65
CA TRP CB 426 -68.96 -30.00 48.40
C TRP CB 426 -67.78 -29.56 47.51
N LYS CB 427 -66.57 -30.09 47.70
CA LYS CB 427 -65.34 -29.63 47.00
C LYS CB 427 -65.38 -29.82 45.47
N SER CB 428 -66.18 -30.75 44.97
CA SER CB 428 -66.46 -30.98 43.55
C SER CB 428 -67.51 -30.03 42.94
N GLU CB 429 -68.12 -29.13 43.72
CA GLU CB 429 -69.23 -28.26 43.30
C GLU CB 429 -68.99 -26.73 43.49
N VAL CB 430 -67.84 -26.32 44.04
CA VAL CB 430 -67.56 -24.92 44.47
C VAL CB 430 -66.68 -24.07 43.54
N ASN CB 431 -66.15 -24.66 42.46
CA ASN CB 431 -65.31 -23.98 41.47
C ASN CB 431 -64.08 -23.27 42.09
N GLU CB 432 -63.44 -23.92 43.06
CA GLU CB 432 -62.14 -23.57 43.67
C GLU CB 432 -62.11 -22.26 44.48
N LYS CB 433 -63.28 -21.85 44.96
CA LYS CB 433 -63.48 -20.81 45.99
C LYS CB 433 -63.12 -21.28 47.41
N SER CB 434 -62.60 -20.40 48.28
CA SER CB 434 -62.44 -20.68 49.73
C SER CB 434 -63.77 -20.59 50.47
N LEU CB 435 -63.80 -21.04 51.74
CA LEU CB 435 -64.96 -20.83 52.61
C LEU CB 435 -65.36 -19.34 52.69
N LYS CB 436 -64.39 -18.44 52.83
CA LYS CB 436 -64.63 -16.99 52.86
C LYS CB 436 -65.19 -16.47 51.53
N ASP CB 437 -64.74 -16.99 50.40
CA ASP CB 437 -65.28 -16.60 49.09
C ASP CB 437 -66.70 -17.12 48.86
N LEU CB 438 -66.97 -18.37 49.23
CA LEU CB 438 -68.30 -18.96 49.15
C LEU CB 438 -69.32 -18.16 49.93
N ALA CB 439 -68.94 -17.71 51.13
CA ALA CB 439 -69.75 -16.82 51.94
C ALA CB 439 -70.10 -15.49 51.23
N MET CB 440 -69.16 -14.85 50.51
CA MET CB 440 -69.46 -13.62 49.77
C MET CB 440 -70.43 -13.83 48.60
N THR CB 441 -70.58 -15.06 48.10
CA THR CB 441 -71.56 -15.36 47.04
C THR CB 441 -73.01 -15.22 47.50
N VAL CB 442 -73.31 -15.48 48.79
CA VAL CB 442 -74.69 -15.61 49.30
C VAL CB 442 -75.46 -14.28 49.26
N PRO CB 443 -76.77 -14.28 48.91
CA PRO CB 443 -77.59 -13.07 48.84
C PRO CB 443 -78.17 -12.66 50.19
N GLN CB 444 -78.65 -11.42 50.26
CA GLN CB 444 -79.29 -10.83 51.44
C GLN CB 444 -80.38 -11.74 52.02
N GLY CB 445 -80.42 -11.86 53.35
CA GLY CB 445 -81.34 -12.73 54.09
C GLY CB 445 -80.64 -13.67 55.07
N TYR CB 446 -81.36 -14.69 55.54
CA TYR CB 446 -80.87 -15.76 56.42
C TYR CB 446 -80.98 -17.14 55.74
N HIS CB 447 -79.92 -17.95 55.69
CA HIS CB 447 -79.90 -19.27 55.04
C HIS CB 447 -79.18 -20.34 55.89
N THR CB 448 -79.66 -21.58 55.93
CA THR CB 448 -78.85 -22.69 56.48
C THR CB 448 -77.73 -23.08 55.53
N PHE CB 449 -76.60 -23.58 56.04
CA PHE CB 449 -75.55 -24.12 55.18
C PHE CB 449 -74.79 -25.35 55.74
N TYR CB 450 -74.13 -26.07 54.83
CA TYR CB 450 -73.14 -27.13 55.07
C TYR CB 450 -71.89 -26.89 54.19
N CYS CB 451 -70.67 -27.07 54.72
CA CYS CB 451 -69.43 -26.91 53.98
C CYS CB 451 -68.41 -28.04 54.24
N GLN CB 452 -67.83 -28.60 53.18
CA GLN CB 452 -66.96 -29.78 53.25
C GLN CB 452 -65.52 -29.46 53.72
N GLY CB 453 -64.97 -30.26 54.64
CA GLY CB 453 -63.68 -30.00 55.31
C GLY CB 453 -62.39 -29.98 54.44
N SER CB 454 -62.44 -30.33 53.17
CA SER CB 454 -61.33 -30.16 52.21
C SER CB 454 -61.33 -28.77 51.57
N ILE CB 455 -62.42 -28.00 51.68
CA ILE CB 455 -62.50 -26.63 51.20
C ILE CB 455 -61.64 -25.70 52.10
N ALA CB 456 -60.91 -24.77 51.49
CA ALA CB 456 -59.91 -23.94 52.15
C ALA CB 456 -60.50 -23.09 53.29
N GLY CB 457 -59.74 -22.97 54.36
CA GLY CB 457 -60.08 -22.19 55.55
C GLY CB 457 -60.93 -22.93 56.60
N THR CB 458 -61.47 -24.12 56.30
CA THR CB 458 -62.35 -24.87 57.22
C THR CB 458 -61.59 -25.44 58.44
N PRO CB 459 -62.22 -25.50 59.63
CA PRO CB 459 -61.49 -25.76 60.87
C PRO CB 459 -61.02 -27.20 60.99
N LYS CB 460 -59.74 -27.40 61.35
CA LYS CB 460 -59.11 -28.71 61.57
C LYS CB 460 -59.35 -29.70 60.41
N GLY CB 461 -59.54 -29.20 59.20
CA GLY CB 461 -59.90 -29.99 58.00
C GLY CB 461 -61.24 -30.74 58.09
N ARG CB 462 -62.06 -30.47 59.10
CA ARG CB 462 -63.40 -31.06 59.30
C ARG CB 462 -64.45 -30.33 58.46
N SER CB 463 -65.48 -31.05 58.06
CA SER CB 463 -66.70 -30.41 57.55
C SER CB 463 -67.43 -29.63 58.64
N ILE CB 464 -68.23 -28.65 58.22
CA ILE CB 464 -68.99 -27.77 59.12
C ILE CB 464 -70.46 -27.67 58.70
N ARG CB 465 -71.34 -27.66 59.70
CA ARG CB 465 -72.78 -27.36 59.57
C ARG CB 465 -73.02 -25.98 60.17
N GLY CB 466 -73.84 -25.11 59.58
CA GLY CB 466 -74.11 -23.81 60.19
C GLY CB 466 -75.25 -23.01 59.56
N THR CB 467 -75.28 -21.72 59.85
CA THR CB 467 -76.22 -20.74 59.27
C THR CB 467 -75.49 -19.47 58.87
N ILE CB 468 -75.95 -18.84 57.79
CA ILE CB 468 -75.38 -17.64 57.22
C ILE CB 468 -76.43 -16.52 57.07
N GLN CB 469 -76.10 -15.32 57.55
CA GLN CB 469 -76.91 -14.11 57.46
C GLN CB 469 -76.17 -13.05 56.63
N VAL CB 470 -76.88 -12.37 55.73
CA VAL CB 470 -76.32 -11.38 54.81
C VAL CB 470 -77.21 -10.15 54.75
N ASP CB 471 -76.61 -8.97 54.71
CA ASP CB 471 -77.30 -7.73 54.37
C ASP CB 471 -76.37 -6.76 53.63
N TYR CB 472 -76.99 -5.79 52.97
CA TYR CB 472 -76.30 -4.58 52.51
C TYR CB 472 -76.68 -3.43 53.40
N ASP CB 473 -75.73 -2.52 53.63
CA ASP CB 473 -75.98 -1.31 54.38
C ASP CB 473 -77.23 -0.56 53.82
N LYS CB 474 -78.21 -0.31 54.69
CA LYS CB 474 -79.55 0.21 54.37
C LYS CB 474 -80.22 -0.44 53.13
N CYS CB 475 -80.09 -1.76 52.95
CA CYS CB 475 -80.78 -2.55 51.91
C CYS CB 475 -80.59 -1.98 50.49
N ASP CB 476 -79.44 -1.35 50.24
CA ASP CB 476 -79.07 -0.83 48.93
C ASP CB 476 -77.88 -1.62 48.36
N PRO CB 477 -78.13 -2.74 47.65
CA PRO CB 477 -77.09 -3.55 47.07
C PRO CB 477 -76.38 -2.83 45.89
N TYR CB 478 -76.88 -1.69 45.39
CA TYR CB 478 -76.23 -0.98 44.29
C TYR CB 478 -75.07 -0.12 44.75
N ARG CB 479 -75.24 0.63 45.86
CA ARG CB 479 -74.27 1.62 46.35
C ARG CB 479 -73.65 1.34 47.71
N ALA CB 480 -74.16 0.39 48.47
CA ALA CB 480 -73.81 0.23 49.86
C ALA CB 480 -72.94 -1.00 50.16
N ASN CB 481 -72.20 -0.95 51.26
CA ASN CB 481 -71.30 -2.02 51.67
C ASN CB 481 -72.04 -3.24 52.22
N LYS CB 482 -71.53 -4.42 51.88
CA LYS CB 482 -72.07 -5.71 52.31
C LYS CB 482 -71.61 -6.07 53.73
N PHE CB 483 -72.40 -6.88 54.42
CA PHE CB 483 -72.09 -7.54 55.69
C PHE CB 483 -72.47 -9.01 55.59
N VAL CB 484 -71.70 -9.89 56.23
CA VAL CB 484 -71.99 -11.34 56.27
C VAL CB 484 -71.65 -11.93 57.63
N LYS CB 485 -72.39 -12.94 58.09
CA LYS CB 485 -72.17 -13.61 59.37
C LYS CB 485 -72.37 -15.10 59.16
N LEU CB 486 -71.49 -15.93 59.73
CA LEU CB 486 -71.62 -17.38 59.79
C LEU CB 486 -71.46 -17.89 61.23
N LEU CB 487 -72.38 -18.73 61.67
CA LEU CB 487 -72.29 -19.48 62.93
C LEU CB 487 -72.38 -20.97 62.61
N PHE CB 488 -71.42 -21.76 63.08
CA PHE CB 488 -71.27 -23.13 62.61
C PHE CB 488 -70.49 -24.01 63.59
N THR CB 489 -70.63 -25.30 63.38
CA THR CB 489 -70.10 -26.37 64.21
C THR CB 489 -69.40 -27.38 63.30
N ASP CB 490 -68.27 -27.91 63.74
CA ASP CB 490 -67.46 -28.88 63.01
C ASP CB 490 -68.08 -30.29 63.02
N THR CB 491 -67.30 -31.32 63.37
CA THR CB 491 -67.79 -32.68 63.62
C THR CB 491 -67.72 -33.11 65.09
N GLU CB 492 -67.05 -32.36 65.98
CA GLU CB 492 -66.97 -32.70 67.42
C GLU CB 492 -68.05 -31.99 68.26
N GLY CB 493 -68.98 -31.26 67.63
CA GLY CB 493 -69.96 -30.43 68.34
C GLY CB 493 -69.42 -29.08 68.83
N ILE CB 494 -68.20 -28.65 68.44
CA ILE CB 494 -67.54 -27.41 68.89
C ILE CB 494 -68.08 -26.17 68.14
N PRO CB 495 -68.47 -25.07 68.83
CA PRO CB 495 -68.98 -23.84 68.20
C PRO CB 495 -67.91 -22.86 67.71
N TYR CB 496 -68.13 -22.34 66.50
CA TYR CB 496 -67.25 -21.41 65.80
C TYR CB 496 -68.05 -20.29 65.14
N THR CB 497 -67.42 -19.12 64.99
CA THR CB 497 -67.99 -17.95 64.30
C THR CB 497 -66.98 -17.29 63.39
N LEU CB 498 -67.53 -16.75 62.31
CA LEU CB 498 -66.84 -15.99 61.30
C LEU CB 498 -67.75 -14.85 60.83
N TYR CB 499 -67.23 -13.65 60.62
CA TYR CB 499 -68.05 -12.47 60.34
C TYR CB 499 -67.32 -11.49 59.39
N TYR CB 500 -68.07 -10.79 58.55
CA TYR CB 500 -67.62 -9.80 57.58
C TYR CB 500 -68.35 -8.47 57.80
N GLY CB 501 -67.58 -7.38 57.95
CA GLY CB 501 -68.07 -6.03 58.21
C GLY CB 501 -67.77 -5.02 57.09
N GLY CB 502 -68.78 -4.27 56.64
CA GLY CB 502 -68.67 -3.30 55.54
C GLY CB 502 -67.79 -2.08 55.86
N TYR CB 503 -67.60 -1.19 54.88
CA TYR CB 503 -66.75 0.02 54.90
C TYR CB 503 -65.27 -0.25 55.20
N ASN CB 504 -64.59 -0.83 54.21
CA ASN CB 504 -63.16 -1.17 54.19
C ASN CB 504 -62.76 -2.28 55.20
N GLN CB 505 -63.47 -2.44 56.32
CA GLN CB 505 -63.15 -3.40 57.39
C GLN CB 505 -63.18 -4.88 56.94
N GLY CB 506 -63.85 -5.19 55.82
CA GLY CB 506 -63.75 -6.50 55.18
C GLY CB 506 -63.86 -7.69 56.15
N TRP CB 507 -62.93 -8.63 55.99
CA TRP CB 507 -62.88 -9.86 56.76
C TRP CB 507 -62.28 -9.73 58.17
N LYS CB 508 -63.01 -10.19 59.19
CA LYS CB 508 -62.54 -10.37 60.58
C LYS CB 508 -62.45 -11.89 60.92
N PRO CB 509 -61.27 -12.45 61.25
CA PRO CB 509 -61.05 -13.91 61.23
C PRO CB 509 -61.80 -14.77 62.27
N LEU CB 510 -61.53 -16.08 62.19
CA LEU CB 510 -62.23 -17.18 62.87
C LEU CB 510 -62.12 -17.17 64.39
N LYS CB 511 -63.28 -17.23 65.05
CA LYS CB 511 -63.43 -17.40 66.51
C LYS CB 511 -63.86 -18.83 66.83
N GLN CB 512 -63.14 -19.53 67.70
CA GLN CB 512 -63.64 -20.73 68.37
C GLN CB 512 -63.99 -20.37 69.82
N SER CB 513 -65.18 -20.66 70.30
CA SER CB 513 -65.44 -20.43 71.73
C SER CB 513 -64.55 -21.34 72.60
N GLU CB 514 -64.05 -20.87 73.73
CA GLU CB 514 -63.63 -21.82 74.75
C GLU CB 514 -64.88 -22.61 75.18
N THR CB 515 -64.78 -23.93 75.30
CA THR CB 515 -65.85 -24.72 75.93
C THR CB 515 -65.27 -25.78 76.86
N SER CB 516 -66.01 -26.13 77.90
CA SER CB 516 -65.54 -27.00 78.98
C SER CB 516 -66.51 -28.13 79.28
N THR CB 517 -65.94 -29.26 79.69
CA THR CB 517 -66.66 -30.48 80.08
C THR CB 517 -66.09 -31.00 81.40
N LEU CB 518 -66.96 -31.25 82.40
CA LEU CB 518 -66.56 -31.83 83.69
C LEU CB 518 -66.18 -33.29 83.48
N LEU CB 519 -64.90 -33.60 83.66
CA LEU CB 519 -64.37 -34.95 83.50
C LEU CB 519 -64.43 -35.75 84.80
N TRP CB 520 -64.33 -35.10 85.97
CA TRP CB 520 -64.43 -35.75 87.28
C TRP CB 520 -64.72 -34.74 88.40
N LYS CB 521 -65.48 -35.13 89.43
CA LYS CB 521 -65.63 -34.36 90.69
C LYS CB 521 -65.57 -35.27 91.92
N GLY CB 522 -64.89 -34.79 92.97
CA GLY CB 522 -64.88 -35.45 94.28
C GLY CB 522 -63.82 -34.87 95.18
N THR CB 523 -62.87 -35.70 95.59
CA THR CB 523 -61.57 -35.31 96.13
C THR CB 523 -60.50 -36.33 95.70
N LEU CB 524 -59.27 -35.88 95.51
CA LEU CB 524 -58.09 -36.69 95.18
C LEU CB 524 -56.95 -36.21 96.07
N ASP CB 525 -56.17 -37.12 96.65
CA ASP CB 525 -55.03 -36.79 97.52
C ASP CB 525 -53.70 -37.24 96.90
N PHE CB 526 -52.76 -36.31 96.69
CA PHE CB 526 -51.54 -36.64 95.95
C PHE CB 526 -50.58 -37.56 96.71
N GLY CB 527 -50.81 -37.83 97.99
CA GLY CB 527 -50.05 -38.82 98.74
C GLY CB 527 -50.44 -40.27 98.40
N SER CB 528 -51.67 -40.46 97.94
CA SER CB 528 -52.23 -41.78 97.62
C SER CB 528 -51.54 -42.47 96.41
N THR CB 529 -51.97 -43.69 96.10
CA THR CB 529 -51.46 -44.48 94.95
C THR CB 529 -52.57 -44.97 94.01
N GLU CB 530 -53.79 -44.47 94.19
CA GLU CB 530 -54.97 -44.85 93.41
C GLU CB 530 -55.35 -43.76 92.41
N ALA CB 531 -55.63 -44.22 91.19
CA ALA CB 531 -56.12 -43.39 90.10
C ALA CB 531 -57.56 -42.91 90.36
N VAL CB 532 -58.02 -41.97 89.56
CA VAL CB 532 -59.46 -41.70 89.34
C VAL CB 532 -59.75 -41.80 87.85
N ASN CB 533 -60.90 -42.37 87.51
CA ASN CB 533 -61.40 -42.40 86.15
C ASN CB 533 -62.17 -41.12 85.81
N LEU CB 534 -62.05 -40.73 84.55
CA LEU CB 534 -62.69 -39.58 83.95
C LEU CB 534 -63.94 -40.01 83.16
N ASN CB 535 -64.99 -39.20 83.18
CA ASN CB 535 -66.23 -39.40 82.42
C ASN CB 535 -66.04 -39.33 80.89
N ASP CB 536 -64.91 -38.83 80.38
CA ASP CB 536 -64.57 -38.79 78.95
C ASP CB 536 -63.04 -38.83 78.70
N SER CB 537 -62.62 -39.16 77.48
CA SER CB 537 -61.19 -39.27 77.11
C SER CB 537 -60.48 -37.93 76.96
N LEU CB 538 -59.28 -37.84 77.52
CA LEU CB 538 -58.34 -36.71 77.43
C LEU CB 538 -57.91 -36.41 75.99
N ASP CB 539 -58.11 -37.33 75.04
CA ASP CB 539 -57.90 -37.03 73.62
C ASP CB 539 -58.86 -35.94 73.09
N ASN CB 540 -60.07 -35.83 73.63
CA ASN CB 540 -61.10 -34.91 73.14
C ASN CB 540 -60.87 -33.44 73.58
N TYR CB 541 -59.80 -33.13 74.32
CA TYR CB 541 -59.59 -31.82 74.96
C TYR CB 541 -58.17 -31.25 74.74
N ASP CB 542 -58.10 -29.94 74.56
CA ASP CB 542 -56.87 -29.19 74.30
C ASP CB 542 -56.13 -28.83 75.59
N LEU CB 543 -56.89 -28.76 76.69
CA LEU CB 543 -56.43 -28.38 78.03
C LEU CB 543 -57.23 -29.13 79.12
N ILE CB 544 -56.67 -29.16 80.32
CA ILE CB 544 -57.42 -29.40 81.56
C ILE CB 544 -57.28 -28.21 82.53
N GLU CB 545 -58.33 -27.94 83.30
CA GLU CB 545 -58.30 -27.07 84.49
C GLU CB 545 -58.75 -27.83 85.73
N VAL CB 546 -58.03 -27.68 86.85
CA VAL CB 546 -58.33 -28.39 88.11
C VAL CB 546 -58.42 -27.40 89.29
N THR CB 547 -59.45 -27.48 90.14
CA THR CB 547 -59.44 -26.83 91.47
C THR CB 547 -58.64 -27.67 92.47
N TYR CB 548 -57.73 -27.06 93.23
CA TYR CB 548 -56.90 -27.73 94.23
C TYR CB 548 -56.74 -26.96 95.54
N TRP CB 549 -56.29 -27.67 96.57
CA TRP CB 549 -56.09 -27.23 97.95
C TRP CB 549 -54.69 -27.63 98.44
N THR CB 550 -54.20 -26.91 99.44
CA THR CB 550 -52.98 -27.21 100.19
C THR CB 550 -53.21 -26.94 101.67
N ARG CB 551 -52.41 -27.57 102.54
CA ARG CB 551 -52.72 -27.63 103.98
C ARG CB 551 -52.76 -26.27 104.71
N SER CB 552 -51.72 -25.44 104.59
CA SER CB 552 -51.55 -24.22 105.40
C SER CB 552 -52.56 -23.12 105.07
N ALA CB 553 -53.06 -22.45 106.12
CA ALA CB 553 -54.13 -21.43 106.13
C ALA CB 553 -55.45 -21.79 105.39
N GLY CB 554 -55.64 -23.01 104.87
CA GLY CB 554 -56.88 -23.43 104.15
C GLY CB 554 -57.10 -22.74 102.80
N HIS CB 555 -56.04 -22.68 102.00
CA HIS CB 555 -56.00 -22.08 100.66
C HIS CB 555 -56.73 -22.96 99.62
N PHE CB 556 -57.43 -22.36 98.65
CA PHE CB 556 -58.02 -23.06 97.50
C PHE CB 556 -57.77 -22.26 96.19
N SER CB 557 -57.47 -22.94 95.08
CA SER CB 557 -56.96 -22.33 93.82
C SER CB 557 -57.26 -23.18 92.57
N THR CB 558 -56.94 -22.71 91.36
CA THR CB 558 -56.96 -23.53 90.10
C THR CB 558 -55.63 -23.51 89.31
N LYS CB 559 -55.34 -24.60 88.59
CA LYS CB 559 -54.16 -24.81 87.72
C LYS CB 559 -54.63 -25.23 86.33
N ARG CB 560 -53.96 -24.80 85.25
CA ARG CB 560 -54.21 -25.26 83.87
C ARG CB 560 -53.01 -26.05 83.31
N LEU CB 561 -53.28 -27.00 82.41
CA LEU CB 561 -52.28 -27.82 81.71
C LEU CB 561 -52.76 -28.13 80.29
N ASP CB 562 -51.83 -28.29 79.36
CA ASP CB 562 -52.07 -28.59 77.93
C ASP CB 562 -51.78 -30.05 77.60
N ILE CB 563 -52.82 -30.80 77.25
CA ILE CB 563 -52.72 -32.26 77.19
C ILE CB 563 -52.08 -32.77 75.92
N LYS CB 564 -51.99 -31.91 74.89
CA LYS CB 564 -51.36 -32.23 73.62
C LYS CB 564 -49.86 -31.94 73.68
N ASN CB 565 -49.50 -30.88 74.40
CA ASN CB 565 -48.13 -30.42 74.55
C ASN CB 565 -47.72 -30.62 76.02
N THR CB 566 -47.33 -31.85 76.38
CA THR CB 566 -46.94 -32.19 77.76
C THR CB 566 -46.02 -33.41 77.85
N SER CB 567 -45.30 -33.49 78.97
CA SER CB 567 -44.58 -34.68 79.47
C SER CB 567 -45.52 -35.79 79.97
N ASN CB 568 -46.85 -35.60 79.88
CA ASN CB 568 -47.91 -36.42 80.46
C ASN CB 568 -47.99 -36.36 82.00
N LEU CB 569 -47.39 -35.35 82.63
CA LEU CB 569 -47.49 -35.09 84.07
C LEU CB 569 -48.33 -33.84 84.36
N LEU CB 570 -49.32 -33.96 85.26
CA LEU CB 570 -50.00 -32.83 85.92
C LEU CB 570 -49.30 -32.51 87.24
N TYR CB 571 -48.39 -31.55 87.22
CA TYR CB 571 -47.81 -30.95 88.41
C TYR CB 571 -48.78 -30.00 89.12
N ILE CB 572 -48.60 -29.82 90.43
CA ILE CB 572 -49.15 -28.73 91.25
C ILE CB 572 -48.01 -28.17 92.14
N ARG CB 573 -47.91 -26.84 92.30
CA ARG CB 573 -46.92 -26.10 93.13
C ARG CB 573 -47.57 -24.93 93.87
N ASP CB 574 -47.21 -24.68 95.13
CA ASP CB 574 -47.84 -23.64 95.98
C ASP CB 574 -46.98 -23.24 97.22
N PHE CB 575 -47.30 -22.14 97.92
CA PHE CB 575 -46.58 -21.66 99.11
C PHE CB 575 -47.46 -20.97 100.16
N ASN CB 576 -47.02 -20.94 101.42
CA ASN CB 576 -47.63 -20.21 102.53
C ASN CB 576 -46.55 -19.37 103.28
N ILE CB 577 -46.81 -18.09 103.59
CA ILE CB 577 -45.93 -17.27 104.46
C ILE CB 577 -46.63 -16.84 105.74
N SER CB 578 -45.86 -16.86 106.83
CA SER CB 578 -46.33 -16.46 108.17
C SER CB 578 -47.24 -15.24 108.17
N ASN CB 579 -48.44 -15.40 108.75
CA ASN CB 579 -49.57 -14.47 108.71
C ASN CB 579 -49.49 -13.31 109.76
N ASP CB 580 -48.32 -13.02 110.34
CA ASP CB 580 -48.06 -11.99 111.38
C ASP CB 580 -47.12 -10.83 110.92
N SER CB 581 -46.79 -9.88 111.79
CA SER CB 581 -45.92 -8.76 111.40
C SER CB 581 -44.41 -9.04 111.42
N THR CB 582 -43.92 -10.21 111.86
CA THR CB 582 -42.48 -10.42 112.19
C THR CB 582 -41.86 -11.77 111.85
N GLY CB 583 -42.64 -12.85 111.74
CA GLY CB 583 -42.13 -14.15 111.33
C GLY CB 583 -41.66 -14.08 109.89
N SER CB 584 -40.66 -14.86 109.52
CA SER CB 584 -40.07 -14.79 108.19
C SER CB 584 -40.08 -16.15 107.49
N SER CB 585 -40.81 -17.13 108.03
CA SER CB 585 -40.90 -18.49 107.49
C SER CB 585 -41.81 -18.61 106.26
N VAL CB 586 -41.40 -19.48 105.34
CA VAL CB 586 -42.08 -19.82 104.08
C VAL CB 586 -42.18 -21.34 103.90
N ASP CB 587 -43.40 -21.89 103.81
CA ASP CB 587 -43.65 -23.32 103.54
C ASP CB 587 -44.11 -23.51 102.09
N PHE CB 588 -43.37 -24.31 101.33
CA PHE CB 588 -43.60 -24.66 99.92
C PHE CB 588 -44.23 -26.06 99.79
N PHE CB 589 -45.09 -26.24 98.78
CA PHE CB 589 -45.75 -27.50 98.43
C PHE CB 589 -45.54 -27.79 96.94
N GLU CB 590 -45.28 -29.04 96.57
CA GLU CB 590 -45.26 -29.51 95.18
C GLU CB 590 -45.81 -30.94 95.10
N GLY CB 591 -46.32 -31.34 93.96
CA GLY CB 591 -46.57 -32.74 93.61
C GLY CB 591 -46.95 -32.91 92.15
N TYR CB 592 -47.20 -34.15 91.72
CA TYR CB 592 -47.72 -34.41 90.38
C TYR CB 592 -48.56 -35.68 90.30
N CYS CB 593 -49.33 -35.78 89.23
CA CYS CB 593 -50.02 -36.99 88.78
C CYS CB 593 -49.55 -37.44 87.38
N THR CB 594 -49.59 -38.75 87.11
CA THR CB 594 -49.41 -39.36 85.77
C THR CB 594 -50.76 -39.61 85.08
N PHE CB 595 -50.75 -40.07 83.80
CA PHE CB 595 -51.95 -40.55 83.09
C PHE CB 595 -51.77 -42.04 82.69
N PRO CB 596 -52.30 -42.99 83.48
CA PRO CB 596 -52.25 -44.43 83.20
C PRO CB 596 -53.02 -44.87 81.94
N THR CB 597 -54.11 -44.18 81.62
CA THR CB 597 -54.91 -44.32 80.39
C THR CB 597 -55.40 -42.92 79.97
N ARG CB 598 -55.80 -42.73 78.71
CA ARG CB 598 -56.42 -41.46 78.28
C ARG CB 598 -57.82 -41.23 78.92
N THR CB 599 -58.27 -42.09 79.83
CA THR CB 599 -59.47 -41.91 80.68
C THR CB 599 -59.16 -41.95 82.19
N SER CB 600 -57.91 -41.73 82.63
CA SER CB 600 -57.56 -41.76 84.07
C SER CB 600 -56.39 -40.82 84.46
N VAL CB 601 -56.34 -40.44 85.75
CA VAL CB 601 -55.27 -39.62 86.41
C VAL CB 601 -54.83 -40.33 87.68
N GLN CB 602 -53.52 -40.39 87.99
CA GLN CB 602 -53.02 -41.09 89.19
C GLN CB 602 -51.91 -40.29 89.89
N PRO CB 603 -51.95 -40.08 91.21
CA PRO CB 603 -50.85 -39.47 91.95
C PRO CB 603 -49.51 -40.18 91.78
N GLY CB 604 -48.45 -39.41 91.54
CA GLY CB 604 -47.08 -39.92 91.38
C GLY CB 604 -46.06 -39.35 92.35
N MET CB 605 -46.24 -38.13 92.87
CA MET CB 605 -45.42 -37.57 93.97
C MET CB 605 -46.11 -36.44 94.73
N VAL CB 606 -45.77 -36.24 96.00
CA VAL CB 606 -46.00 -34.98 96.74
C VAL CB 606 -44.89 -34.69 97.75
N LYS CB 607 -44.58 -33.41 97.98
CA LYS CB 607 -43.53 -32.98 98.90
C LYS CB 607 -43.86 -31.59 99.48
N SER CB 608 -43.41 -31.32 100.72
CA SER CB 608 -43.40 -29.97 101.29
C SER CB 608 -42.03 -29.61 101.86
N ILE CB 609 -41.62 -28.35 101.67
CA ILE CB 609 -40.33 -27.78 102.08
C ILE CB 609 -40.58 -26.55 102.96
N THR CB 610 -39.93 -26.49 104.12
CA THR CB 610 -40.00 -25.34 105.02
C THR CB 610 -38.67 -24.59 104.99
N LEU CB 611 -38.67 -23.34 104.49
CA LEU CB 611 -37.60 -22.37 104.69
C LEU CB 611 -37.81 -21.74 106.06
N ASP CB 612 -37.24 -22.34 107.09
CA ASP CB 612 -37.47 -21.93 108.46
C ASP CB 612 -36.79 -20.59 108.74
N GLY CB 613 -37.55 -19.51 108.88
CA GLY CB 613 -37.02 -18.16 109.00
C GLY CB 613 -36.30 -17.89 110.33
N SER CB 614 -36.30 -18.88 111.23
CA SER CB 614 -35.57 -18.83 112.50
C SER CB 614 -34.17 -19.45 112.43
N THR CB 615 -33.91 -20.33 111.44
CA THR CB 615 -32.60 -21.02 111.26
C THR CB 615 -31.92 -20.67 109.93
N ASN CB 616 -32.69 -20.15 108.97
CA ASN CB 616 -32.23 -19.91 107.60
C ASN CB 616 -31.76 -21.23 106.95
N THR CB 617 -32.56 -22.30 107.10
CA THR CB 617 -32.30 -23.62 106.49
C THR CB 617 -33.53 -24.20 105.78
N THR CB 618 -33.40 -24.70 104.54
CA THR CB 618 -34.49 -25.43 103.87
C THR CB 618 -34.42 -26.92 104.19
N LYS CB 619 -35.48 -27.46 104.78
CA LYS CB 619 -35.63 -28.88 105.15
C LYS CB 619 -36.83 -29.51 104.46
N VAL CB 620 -36.76 -30.80 104.17
CA VAL CB 620 -37.94 -31.53 103.73
C VAL CB 620 -38.86 -31.77 104.93
N ALA CB 621 -40.02 -31.11 104.92
CA ALA CB 621 -41.02 -31.29 105.97
C ALA CB 621 -41.88 -32.54 105.71
N SER CB 622 -42.12 -32.91 104.44
CA SER CB 622 -42.80 -34.17 104.10
C SER CB 622 -42.44 -34.71 102.70
N TRP CB 623 -42.46 -36.04 102.50
CA TRP CB 623 -42.30 -36.71 101.19
C TRP CB 623 -43.31 -37.86 101.03
N ASN CB 624 -44.12 -37.80 99.97
CA ASN CB 624 -45.24 -38.68 99.67
C ASN CB 624 -46.26 -38.87 100.83
N GLU CB 625 -46.38 -37.88 101.72
CA GLU CB 625 -47.39 -37.83 102.78
C GLU CB 625 -48.68 -37.15 102.30
N LYS CB 626 -49.80 -37.61 102.87
CA LYS CB 626 -51.17 -37.30 102.45
C LYS CB 626 -51.63 -36.01 103.14
N GLU CB 627 -52.77 -35.45 102.76
CA GLU CB 627 -53.29 -34.18 103.29
C GLU CB 627 -52.34 -32.97 103.07
N ARG CB 628 -51.42 -33.05 102.10
CA ARG CB 628 -50.53 -31.94 101.74
C ARG CB 628 -51.05 -31.18 100.53
N ILE CB 629 -51.53 -31.89 99.50
CA ILE CB 629 -52.16 -31.35 98.28
C ILE CB 629 -53.39 -32.20 97.93
N LYS CB 630 -54.50 -31.58 97.53
CA LYS CB 630 -55.74 -32.27 97.07
C LYS CB 630 -56.39 -31.61 95.87
N VAL CB 631 -56.98 -32.40 94.96
CA VAL CB 631 -57.73 -31.91 93.78
C VAL CB 631 -59.23 -32.21 93.94
N TYR CB 632 -60.10 -31.27 93.57
CA TYR CB 632 -61.56 -31.34 93.84
C TYR CB 632 -62.42 -31.52 92.59
N ASN CB 633 -61.94 -31.06 91.44
CA ASN CB 633 -62.57 -31.31 90.14
C ASN CB 633 -61.51 -31.34 89.03
N ILE CB 634 -61.84 -32.01 87.92
CA ILE CB 634 -61.08 -31.94 86.66
C ILE CB 634 -62.02 -31.53 85.54
N MET CB 635 -61.74 -30.40 84.91
CA MET CB 635 -62.44 -29.88 83.75
C MET CB 635 -61.57 -30.09 82.51
N GLY CB 636 -62.08 -30.78 81.50
CA GLY CB 636 -61.49 -30.73 80.17
C GLY CB 636 -61.94 -29.47 79.45
N ILE CB 637 -61.07 -28.86 78.65
CA ILE CB 637 -61.38 -27.64 77.91
C ILE CB 637 -60.98 -27.76 76.44
N ASN CB 638 -61.85 -27.27 75.58
CA ASN CB 638 -61.58 -27.03 74.18
C ASN CB 638 -61.32 -25.55 73.94
N ARG CB 639 -60.31 -25.25 73.13
CA ARG CB 639 -59.91 -23.91 72.66
C ARG CB 639 -59.43 -23.96 71.20
N GLY CB 640 -59.53 -22.83 70.50
CA GLY CB 640 -58.90 -22.65 69.19
C GLY CB 640 -57.41 -22.52 69.35
N MET DB 1 -154.77 -37.12 16.04
CA MET DB 1 -155.06 -38.21 15.09
C MET DB 1 -155.19 -37.65 13.68
N ALA DB 2 -154.65 -38.33 12.68
CA ALA DB 2 -154.73 -37.89 11.29
C ALA DB 2 -156.11 -38.16 10.66
N PHE DB 3 -156.47 -37.42 9.61
CA PHE DB 3 -157.69 -37.67 8.81
C PHE DB 3 -157.46 -38.69 7.66
N ASN DB 4 -158.53 -39.17 7.03
CA ASN DB 4 -158.51 -40.33 6.11
C ASN DB 4 -159.58 -40.22 4.99
N TYR DB 5 -159.57 -39.12 4.20
CA TYR DB 5 -160.64 -38.79 3.23
C TYR DB 5 -160.66 -39.56 1.89
N THR DB 6 -161.87 -39.83 1.36
CA THR DB 6 -162.13 -40.33 0.00
C THR DB 6 -163.38 -39.66 -0.63
N PRO DB 7 -163.32 -39.14 -1.88
CA PRO DB 7 -164.38 -38.38 -2.57
C PRO DB 7 -165.79 -38.98 -2.80
N LEU DB 8 -166.74 -38.11 -3.21
CA LEU DB 8 -168.13 -38.36 -3.68
C LEU DB 8 -168.31 -38.07 -5.19
N THR DB 9 -169.50 -38.35 -5.74
CA THR DB 9 -169.86 -38.22 -7.18
C THR DB 9 -171.18 -37.47 -7.42
N GLU DB 10 -171.42 -36.95 -8.63
CA GLU DB 10 -172.60 -36.11 -8.93
C GLU DB 10 -173.94 -36.86 -8.84
N THR DB 11 -173.94 -38.14 -9.20
CA THR DB 11 -175.13 -38.99 -9.21
C THR DB 11 -175.52 -39.50 -7.82
N GLN DB 12 -174.63 -39.42 -6.83
CA GLN DB 12 -174.95 -39.72 -5.42
C GLN DB 12 -176.01 -38.74 -4.91
N LYS DB 13 -176.93 -39.23 -4.08
CA LYS DB 13 -178.00 -38.42 -3.49
C LYS DB 13 -177.56 -37.84 -2.13
N LEU DB 14 -178.37 -36.94 -1.58
CA LEU DB 14 -178.09 -36.26 -0.31
C LEU DB 14 -177.79 -37.24 0.84
N LYS DB 15 -178.50 -38.39 0.84
CA LYS DB 15 -178.33 -39.54 1.74
C LYS DB 15 -176.91 -40.15 1.78
N ASP DB 16 -176.12 -39.94 0.74
CA ASP DB 16 -174.76 -40.46 0.61
C ASP DB 16 -173.68 -39.44 1.05
N MET DB 17 -174.00 -38.14 1.07
CA MET DB 17 -173.07 -37.04 1.38
C MET DB 17 -172.99 -36.72 2.88
N TYR DB 18 -174.10 -36.86 3.60
CA TYR DB 18 -174.18 -36.66 5.07
C TYR DB 18 -173.14 -37.44 5.89
N PRO DB 19 -172.87 -38.74 5.63
CA PRO DB 19 -171.87 -39.49 6.40
C PRO DB 19 -170.48 -38.85 6.28
N LYS DB 20 -170.13 -38.34 5.09
CA LYS DB 20 -168.83 -37.72 4.83
C LYS DB 20 -168.74 -36.29 5.35
N VAL DB 21 -169.78 -35.48 5.19
CA VAL DB 21 -169.84 -34.13 5.78
C VAL DB 21 -169.71 -34.23 7.31
N ASN DB 22 -170.34 -35.22 7.93
CA ASN DB 22 -170.14 -35.50 9.35
C ASN DB 22 -168.72 -35.94 9.68
N ASP DB 23 -168.10 -36.84 8.93
CA ASP DB 23 -166.73 -37.30 9.23
C ASP DB 23 -165.76 -36.10 9.28
N ILE DB 24 -165.81 -35.24 8.27
CA ILE DB 24 -165.09 -33.98 8.23
C ILE DB 24 -165.39 -33.10 9.47
N GLY DB 25 -166.66 -32.84 9.75
CA GLY DB 25 -167.09 -31.93 10.83
C GLY DB 25 -166.72 -32.42 12.22
N ASN DB 26 -166.91 -33.72 12.50
CA ASN DB 26 -166.48 -34.34 13.75
C ASN DB 26 -164.96 -34.25 13.89
N PHE DB 27 -164.21 -34.51 12.81
CA PHE DB 27 -162.76 -34.36 12.85
C PHE DB 27 -162.37 -32.93 13.22
N LEU DB 28 -162.87 -31.92 12.51
CA LEU DB 28 -162.59 -30.51 12.82
C LEU DB 28 -162.90 -30.17 14.31
N LYS DB 29 -164.06 -30.59 14.81
CA LYS DB 29 -164.51 -30.32 16.17
C LYS DB 29 -163.62 -30.95 17.25
N THR DB 30 -163.29 -32.24 17.13
CA THR DB 30 -162.55 -32.96 18.17
C THR DB 30 -161.03 -32.82 18.07
N GLU DB 31 -160.49 -32.39 16.92
CA GLU DB 31 -159.04 -32.38 16.68
C GLU DB 31 -158.45 -31.01 16.39
N VAL DB 32 -159.20 -30.06 15.84
CA VAL DB 32 -158.58 -28.88 15.22
C VAL DB 32 -158.63 -27.65 16.12
N ASN DB 33 -157.46 -27.07 16.38
CA ASN DB 33 -157.23 -25.91 17.24
C ASN DB 33 -157.89 -26.05 18.63
N LEU DB 34 -157.56 -27.14 19.33
CA LEU DB 34 -158.06 -27.43 20.69
C LEU DB 34 -157.78 -26.29 21.68
N SER DB 35 -158.66 -26.11 22.67
CA SER DB 35 -158.47 -25.05 23.67
C SER DB 35 -157.49 -25.45 24.75
N ASP DB 36 -157.75 -26.59 25.41
CA ASP DB 36 -156.76 -27.24 26.27
C ASP DB 36 -155.93 -28.23 25.45
N VAL DB 37 -154.68 -28.42 25.84
CA VAL DB 37 -153.87 -29.52 25.33
C VAL DB 37 -154.51 -30.84 25.72
N LYS DB 38 -154.36 -31.87 24.88
CA LYS DB 38 -154.86 -33.21 25.21
C LYS DB 38 -154.17 -33.73 26.48
N GLN DB 39 -154.89 -34.54 27.24
CA GLN DB 39 -154.35 -35.19 28.43
C GLN DB 39 -154.07 -36.68 28.16
N ILE DB 40 -152.90 -37.16 28.59
CA ILE DB 40 -152.36 -38.48 28.27
C ILE DB 40 -151.94 -39.21 29.55
N SER DB 41 -152.44 -40.44 29.77
CA SER DB 41 -152.24 -41.22 31.00
C SER DB 41 -151.25 -42.38 30.82
N GLN DB 42 -150.38 -42.61 31.81
CA GLN DB 42 -149.35 -43.66 31.84
C GLN DB 42 -148.33 -43.71 30.67
N PRO DB 43 -147.86 -42.59 30.09
CA PRO DB 43 -146.82 -42.64 29.07
C PRO DB 43 -145.44 -42.99 29.67
N ASP DB 44 -144.72 -43.93 29.08
CA ASP DB 44 -143.27 -44.11 29.30
C ASP DB 44 -142.50 -43.14 28.41
N PHE DB 45 -141.75 -42.20 28.97
CA PHE DB 45 -141.01 -41.22 28.18
C PHE DB 45 -140.02 -41.89 27.20
N ASN DB 46 -139.52 -43.09 27.50
CA ASN DB 46 -138.58 -43.83 26.63
C ASN DB 46 -139.27 -44.56 25.45
N ASN DB 47 -140.61 -44.65 25.47
CA ASN DB 47 -141.50 -45.25 24.44
C ASN DB 47 -142.76 -44.37 24.25
N ILE DB 48 -142.57 -43.04 24.29
CA ILE DB 48 -143.66 -42.06 24.36
C ILE DB 48 -144.57 -42.11 23.14
N LEU DB 49 -144.06 -42.51 21.97
CA LEU DB 49 -144.84 -42.61 20.74
C LEU DB 49 -145.98 -43.63 20.81
N ALA DB 50 -145.97 -44.53 21.81
CA ALA DB 50 -147.07 -45.44 22.09
C ALA DB 50 -148.30 -44.72 22.71
N SER DB 51 -148.07 -43.55 23.29
CA SER DB 51 -149.07 -42.75 24.01
C SER DB 51 -149.31 -41.37 23.37
N ILE DB 52 -148.32 -40.85 22.64
CA ILE DB 52 -148.31 -39.56 21.95
C ILE DB 52 -147.70 -39.78 20.55
N PRO DB 53 -148.48 -40.26 19.57
CA PRO DB 53 -147.93 -40.60 18.25
C PRO DB 53 -147.75 -39.38 17.36
N ASP DB 54 -148.51 -38.30 17.61
CA ASP DB 54 -148.66 -37.17 16.69
C ASP DB 54 -147.95 -35.91 17.21
N SER DB 55 -147.35 -35.13 16.31
CA SER DB 55 -146.63 -33.89 16.64
C SER DB 55 -147.56 -32.79 17.15
N GLY DB 56 -147.47 -32.43 18.44
CA GLY DB 56 -148.37 -31.46 19.09
C GLY DB 56 -148.02 -31.20 20.56
N ASN DB 57 -148.88 -30.49 21.29
CA ASN DB 57 -148.69 -30.14 22.70
C ASN DB 57 -149.71 -30.87 23.59
N TYR DB 58 -149.27 -31.32 24.75
CA TYR DB 58 -149.89 -32.36 25.59
C TYR DB 58 -149.66 -32.08 27.09
N TYR DB 59 -150.46 -32.70 27.94
CA TYR DB 59 -150.21 -32.80 29.38
C TYR DB 59 -150.25 -34.27 29.80
N VAL DB 60 -149.31 -34.72 30.65
CA VAL DB 60 -149.12 -36.14 30.99
C VAL DB 60 -149.30 -36.41 32.48
N THR DB 61 -149.72 -37.63 32.81
CA THR DB 61 -149.86 -38.11 34.19
C THR DB 61 -149.35 -39.53 34.36
N ASN DB 62 -148.92 -39.85 35.59
CA ASN DB 62 -148.48 -41.18 36.01
C ASN DB 62 -147.33 -41.74 35.14
N SER DB 63 -146.54 -40.86 34.52
CA SER DB 63 -145.54 -41.26 33.53
C SER DB 63 -144.44 -42.14 34.13
N LYS DB 64 -143.64 -42.79 33.26
CA LYS DB 64 -142.42 -43.51 33.64
C LYS DB 64 -141.19 -42.90 32.93
N GLY DB 65 -140.04 -42.89 33.58
CA GLY DB 65 -138.79 -42.39 32.98
C GLY DB 65 -138.70 -40.87 32.81
N ALA DB 66 -139.25 -40.11 33.77
CA ALA DB 66 -139.07 -38.66 33.86
C ALA DB 66 -137.62 -38.29 34.28
N PRO DB 67 -137.13 -37.06 34.00
CA PRO DB 67 -135.80 -36.58 34.42
C PRO DB 67 -135.48 -36.75 35.92
N SER DB 68 -134.20 -36.65 36.30
CA SER DB 68 -133.78 -36.64 37.72
C SER DB 68 -134.49 -35.53 38.51
N GLY DB 69 -135.21 -35.91 39.57
CA GLY DB 69 -135.81 -34.96 40.52
C GLY DB 69 -137.06 -34.20 40.07
N GLU DB 70 -137.80 -34.67 39.05
CA GLU DB 70 -138.98 -33.98 38.51
C GLU DB 70 -140.30 -34.76 38.61
N ALA DB 71 -141.41 -34.01 38.69
CA ALA DB 71 -142.78 -34.53 38.82
C ALA DB 71 -143.14 -35.54 37.71
N THR DB 72 -143.93 -36.59 38.00
CA THR DB 72 -144.43 -37.55 36.99
C THR DB 72 -145.53 -36.97 36.08
N ALA DB 73 -145.93 -35.71 36.34
CA ALA DB 73 -146.90 -34.96 35.55
C ALA DB 73 -146.33 -33.60 35.09
N GLY DB 74 -146.75 -33.16 33.90
CA GLY DB 74 -146.28 -31.91 33.32
C GLY DB 74 -146.68 -31.76 31.86
N PHE DB 75 -146.35 -30.60 31.30
CA PHE DB 75 -146.58 -30.33 29.88
C PHE DB 75 -145.51 -30.99 29.03
N VAL DB 76 -145.95 -31.61 27.94
CA VAL DB 76 -145.08 -32.27 26.97
C VAL DB 76 -145.37 -31.71 25.57
N ARG DB 77 -144.32 -31.47 24.80
CA ARG DB 77 -144.41 -31.29 23.34
C ARG DB 77 -143.70 -32.45 22.66
N LEU DB 78 -144.22 -32.87 21.52
CA LEU DB 78 -143.56 -33.79 20.61
C LEU DB 78 -143.36 -33.16 19.22
N ASP DB 79 -142.13 -33.14 18.73
CA ASP DB 79 -141.82 -32.91 17.30
C ASP DB 79 -141.26 -34.21 16.69
N LYS DB 80 -141.85 -34.73 15.61
CA LYS DB 80 -141.51 -36.05 15.05
C LYS DB 80 -141.45 -36.04 13.52
N ARG DB 81 -140.39 -36.61 12.95
CA ARG DB 81 -140.17 -36.79 11.49
C ARG DB 81 -140.70 -38.16 11.03
N ASN DB 82 -140.47 -39.18 11.85
CA ASN DB 82 -141.00 -40.53 11.78
C ASN DB 82 -140.66 -41.21 13.12
N VAL DB 83 -141.04 -42.47 13.33
CA VAL DB 83 -140.80 -43.17 14.61
C VAL DB 83 -139.34 -43.26 15.07
N ASN DB 84 -138.34 -43.13 14.18
CA ASN DB 84 -136.91 -43.21 14.51
C ASN DB 84 -136.20 -41.83 14.63
N TYR DB 85 -136.93 -40.74 14.51
CA TYR DB 85 -136.38 -39.38 14.52
C TYR DB 85 -137.37 -38.41 15.16
N TYR DB 86 -137.18 -38.08 16.43
CA TYR DB 86 -138.11 -37.22 17.16
C TYR DB 86 -137.50 -36.56 18.39
N LYS DB 87 -138.21 -35.54 18.91
CA LYS DB 87 -137.85 -34.72 20.07
C LYS DB 87 -139.00 -34.55 21.05
N ILE DB 88 -138.70 -34.79 22.32
CA ILE DB 88 -139.61 -34.61 23.46
C ILE DB 88 -139.13 -33.40 24.24
N TYR DB 89 -140.04 -32.50 24.58
CA TYR DB 89 -139.76 -31.37 25.46
C TYR DB 89 -140.69 -31.49 26.66
N TYR DB 90 -140.14 -31.58 27.86
CA TYR DB 90 -140.90 -31.71 29.10
C TYR DB 90 -140.71 -30.46 29.96
N SER DB 91 -141.80 -29.76 30.26
CA SER DB 91 -141.80 -28.70 31.27
C SER DB 91 -142.74 -29.13 32.39
N PRO DB 92 -142.20 -29.56 33.55
CA PRO DB 92 -142.99 -30.00 34.70
C PRO DB 92 -144.06 -28.97 35.04
N TYR DB 93 -145.23 -29.41 35.50
CA TYR DB 93 -146.31 -28.47 35.80
C TYR DB 93 -145.88 -27.42 36.86
N SER DB 94 -145.12 -27.87 37.86
CA SER DB 94 -144.72 -27.14 39.08
C SER DB 94 -143.49 -26.22 38.94
N SER DB 95 -142.95 -25.98 37.72
CA SER DB 95 -141.72 -25.18 37.56
C SER DB 95 -141.60 -24.46 36.20
N ASN DB 96 -140.83 -23.37 36.11
CA ASN DB 96 -140.47 -22.75 34.81
C ASN DB 96 -139.42 -23.56 34.02
N LYS DB 97 -138.87 -24.65 34.59
CA LYS DB 97 -137.82 -25.45 33.94
C LYS DB 97 -138.31 -26.12 32.66
N MET DB 98 -137.36 -26.51 31.83
CA MET DB 98 -137.63 -27.12 30.54
C MET DB 98 -136.52 -28.13 30.24
N TYR DB 99 -136.89 -29.39 30.09
CA TYR DB 99 -136.02 -30.52 29.80
C TYR DB 99 -136.27 -31.10 28.40
N ILE DB 100 -135.23 -31.60 27.74
CA ILE DB 100 -135.32 -32.14 26.39
C ILE DB 100 -134.55 -33.47 26.28
N LYS DB 101 -135.06 -34.33 25.39
CA LYS DB 101 -134.49 -35.60 25.02
C LYS DB 101 -134.76 -35.83 23.53
N THR DB 102 -133.82 -36.43 22.81
CA THR DB 102 -133.86 -36.56 21.34
C THR DB 102 -133.52 -37.98 20.91
N TYR DB 103 -134.29 -38.54 19.99
CA TYR DB 103 -134.05 -39.86 19.38
C TYR DB 103 -133.64 -39.69 17.92
N ALA DB 104 -132.58 -40.40 17.51
CA ALA DB 104 -131.98 -40.30 16.19
C ALA DB 104 -131.43 -41.65 15.71
N ASN DB 105 -132.21 -42.38 14.91
CA ASN DB 105 -131.73 -43.52 14.12
C ASN DB 105 -130.96 -44.58 14.94
N GLY DB 106 -131.46 -44.98 16.10
CA GLY DB 106 -130.78 -45.96 16.97
C GLY DB 106 -129.74 -45.36 17.92
N THR DB 107 -129.69 -44.02 18.07
CA THR DB 107 -128.95 -43.29 19.12
C THR DB 107 -129.89 -42.34 19.88
N VAL DB 108 -129.61 -42.14 21.17
CA VAL DB 108 -130.46 -41.32 22.06
C VAL DB 108 -129.61 -40.24 22.76
N TYR DB 109 -130.14 -39.02 22.85
CA TYR DB 109 -129.58 -37.92 23.63
C TYR DB 109 -130.49 -37.66 24.83
N ASP DB 110 -130.14 -38.21 25.99
CA ASP DB 110 -130.98 -38.31 27.19
C ASP DB 110 -131.29 -36.94 27.86
N TRP DB 111 -132.19 -36.95 28.83
CA TRP DB 111 -132.73 -35.77 29.48
C TRP DB 111 -131.66 -34.77 30.00
N ILE DB 112 -131.88 -33.49 29.69
CA ILE DB 112 -131.10 -32.33 30.16
C ILE DB 112 -131.99 -31.07 30.20
N SER DB 113 -131.76 -30.11 31.11
CA SER DB 113 -132.56 -28.86 31.21
C SER DB 113 -131.87 -27.63 30.62
N PHE DB 114 -132.64 -26.76 29.96
CA PHE DB 114 -132.18 -25.41 29.61
C PHE DB 114 -131.95 -24.54 30.86
N LYS DB 115 -130.92 -23.69 30.78
CA LYS DB 115 -130.51 -22.75 31.84
C LYS DB 115 -131.34 -21.47 31.75
N LEU DB 116 -131.56 -20.82 32.88
CA LEU DB 116 -132.38 -19.61 32.99
C LEU DB 116 -131.45 -18.41 33.23
N ASP DB 117 -131.63 -17.28 32.53
CA ASP DB 117 -130.76 -16.09 32.66
C ASP DB 117 -130.96 -15.39 34.01
N GLU DB 118 -129.88 -15.24 34.77
CA GLU DB 118 -129.90 -14.76 36.15
C GLU DB 118 -128.85 -13.67 36.40
N GLY DB 119 -128.42 -12.95 35.37
CA GLY DB 119 -127.42 -11.89 35.52
C GLY DB 119 -126.08 -12.42 36.05
N SER DB 120 -125.43 -11.70 36.97
CA SER DB 120 -124.03 -11.98 37.38
C SER DB 120 -123.85 -12.33 38.86
N LEU DB 121 -124.80 -12.00 39.73
CA LEU DB 121 -124.69 -12.09 41.19
C LEU DB 121 -124.59 -13.55 41.69
N TYR DB 122 -123.99 -13.77 42.86
CA TYR DB 122 -123.83 -15.09 43.51
C TYR DB 122 -124.77 -15.26 44.74
N ASN DB 123 -125.32 -16.46 44.96
CA ASN DB 123 -126.20 -16.74 46.11
C ASN DB 123 -125.46 -16.53 47.45
N GLU DB 124 -126.21 -16.37 48.55
CA GLU DB 124 -125.62 -16.05 49.85
C GLU DB 124 -126.42 -16.45 51.08
N GLY DB 125 -125.75 -16.60 52.23
CA GLY DB 125 -126.39 -16.89 53.51
C GLY DB 125 -126.91 -18.33 53.66
N ASN DB 126 -126.68 -19.22 52.69
CA ASN DB 126 -127.00 -20.65 52.80
C ASN DB 126 -126.11 -21.36 53.83
N THR DB 127 -126.55 -22.54 54.31
CA THR DB 127 -125.77 -23.41 55.18
C THR DB 127 -125.62 -24.81 54.54
N LEU DB 128 -124.42 -25.11 54.05
CA LEU DB 128 -124.14 -26.20 53.10
C LEU DB 128 -123.41 -27.37 53.78
N ASN DB 129 -123.81 -28.62 53.55
CA ASN DB 129 -122.91 -29.75 53.77
C ASN DB 129 -122.16 -30.12 52.49
N VAL DB 130 -120.93 -29.67 52.35
CA VAL DB 130 -120.07 -29.94 51.19
C VAL DB 130 -119.67 -31.43 51.04
N LYS DB 131 -119.95 -32.30 52.00
CA LYS DB 131 -119.81 -33.76 51.82
C LYS DB 131 -121.07 -34.46 51.32
N GLU DB 132 -122.15 -33.71 51.09
CA GLU DB 132 -123.40 -34.21 50.51
C GLU DB 132 -123.85 -33.45 49.25
N LEU DB 133 -123.31 -32.25 48.95
CA LEU DB 133 -123.62 -31.53 47.72
C LEU DB 133 -123.37 -32.41 46.48
N THR DB 134 -124.44 -32.67 45.71
CA THR DB 134 -124.40 -33.40 44.43
C THR DB 134 -124.18 -32.48 43.20
N GLU DB 135 -124.13 -31.17 43.40
CA GLU DB 135 -124.03 -30.13 42.36
C GLU DB 135 -122.85 -29.20 42.65
N SER DB 136 -122.01 -28.89 41.66
CA SER DB 136 -121.00 -27.83 41.76
C SER DB 136 -121.64 -26.47 42.05
N THR DB 137 -120.95 -25.55 42.74
CA THR DB 137 -121.54 -24.22 43.02
C THR DB 137 -120.49 -23.16 43.34
N THR DB 138 -120.85 -21.87 43.27
CA THR DB 138 -120.11 -20.75 43.88
C THR DB 138 -121.07 -19.82 44.61
N GLN DB 139 -120.78 -19.47 45.88
CA GLN DB 139 -121.69 -18.77 46.81
C GLN DB 139 -120.93 -18.03 47.91
N TYR DB 140 -121.61 -17.10 48.61
CA TYR DB 140 -121.17 -16.60 49.92
C TYR DB 140 -121.95 -17.29 51.06
N ALA DB 141 -121.43 -18.40 51.58
CA ALA DB 141 -122.20 -19.38 52.36
C ALA DB 141 -121.51 -19.83 53.66
N THR DB 142 -122.32 -20.40 54.54
CA THR DB 142 -121.85 -21.09 55.74
C THR DB 142 -121.69 -22.59 55.48
N LEU DB 143 -120.75 -23.25 56.16
CA LEU DB 143 -120.51 -24.68 56.08
C LEU DB 143 -120.99 -25.43 57.33
N VAL DB 144 -121.67 -26.56 57.14
CA VAL DB 144 -122.08 -27.47 58.23
C VAL DB 144 -120.87 -28.13 58.89
N ASN DB 145 -119.89 -28.55 58.09
CA ASN DB 145 -118.63 -29.16 58.52
C ASN DB 145 -117.45 -28.21 58.21
N PRO DB 146 -117.30 -27.11 58.98
CA PRO DB 146 -116.25 -26.13 58.71
C PRO DB 146 -114.87 -26.64 59.18
N PRO DB 147 -113.78 -26.19 58.54
CA PRO DB 147 -112.41 -26.67 58.81
C PRO DB 147 -112.01 -26.52 60.29
N LYS DB 148 -112.46 -25.42 60.89
CA LYS DB 148 -112.39 -25.08 62.30
C LYS DB 148 -113.76 -24.48 62.63
N GLU DB 149 -114.34 -24.75 63.79
CA GLU DB 149 -115.74 -24.35 64.09
C GLU DB 149 -115.97 -22.83 63.92
N ASN DB 150 -114.99 -22.00 64.27
CA ASN DB 150 -115.08 -20.55 64.09
C ASN DB 150 -115.01 -20.11 62.61
N LEU DB 151 -114.42 -20.90 61.72
CA LEU DB 151 -114.26 -20.60 60.30
C LEU DB 151 -115.43 -21.15 59.48
N ASN DB 152 -116.66 -20.84 59.88
CA ASN DB 152 -117.84 -21.44 59.28
C ASN DB 152 -118.49 -20.66 58.13
N THR DB 153 -118.26 -19.36 57.91
CA THR DB 153 -118.93 -18.59 56.83
C THR DB 153 -117.96 -17.88 55.91
N GLY DB 154 -118.19 -17.95 54.60
CA GLY DB 154 -117.44 -17.20 53.60
C GLY DB 154 -117.67 -17.67 52.17
N TRP DB 155 -116.81 -17.25 51.26
CA TRP DB 155 -116.91 -17.60 49.85
C TRP DB 155 -116.57 -19.08 49.63
N VAL DB 156 -117.38 -19.79 48.84
CA VAL DB 156 -117.24 -21.24 48.56
C VAL DB 156 -117.21 -21.47 47.05
N ASN DB 157 -116.45 -22.47 46.60
CA ASN DB 157 -116.44 -22.98 45.22
C ASN DB 157 -116.30 -24.53 45.22
N TYR DB 158 -117.40 -25.22 44.90
CA TYR DB 158 -117.51 -26.69 44.91
C TYR DB 158 -117.59 -27.23 43.48
N LYS DB 159 -116.89 -28.33 43.21
CA LYS DB 159 -116.80 -28.97 41.89
C LYS DB 159 -117.05 -30.48 41.99
N GLU DB 160 -117.92 -31.03 41.14
CA GLU DB 160 -118.35 -32.44 41.16
C GLU DB 160 -118.17 -33.07 39.77
N SER DB 161 -117.52 -34.23 39.68
CA SER DB 161 -117.18 -34.85 38.39
C SER DB 161 -118.38 -35.54 37.73
N LYS DB 162 -118.47 -35.58 36.40
CA LYS DB 162 -119.70 -35.97 35.70
C LYS DB 162 -120.28 -37.37 35.99
N ASN DB 163 -119.53 -38.31 36.58
CA ASN DB 163 -120.11 -39.57 37.13
C ASN DB 163 -119.89 -39.74 38.64
N GLY DB 164 -119.52 -38.68 39.36
CA GLY DB 164 -119.37 -38.71 40.81
C GLY DB 164 -118.10 -39.42 41.28
N VAL DB 165 -117.11 -39.62 40.42
CA VAL DB 165 -115.83 -40.24 40.79
C VAL DB 165 -115.09 -39.42 41.85
N SER DB 166 -115.24 -38.09 41.83
CA SER DB 166 -114.56 -37.18 42.76
C SER DB 166 -115.29 -35.85 42.92
N SER DB 167 -114.96 -35.12 43.98
CA SER DB 167 -115.31 -33.71 44.11
C SER DB 167 -114.22 -32.91 44.83
N LEU DB 168 -114.24 -31.60 44.63
CA LEU DB 168 -113.31 -30.65 45.23
C LEU DB 168 -114.13 -29.51 45.84
N VAL DB 169 -113.79 -29.14 47.07
CA VAL DB 169 -114.23 -27.93 47.76
C VAL DB 169 -113.08 -26.93 47.83
N GLU DB 170 -113.30 -25.68 47.45
CA GLU DB 170 -112.52 -24.52 47.89
C GLU DB 170 -113.38 -23.58 48.73
N PHE DB 171 -112.77 -23.01 49.77
CA PHE DB 171 -113.46 -22.19 50.76
C PHE DB 171 -112.57 -21.05 51.30
N ASN DB 172 -113.15 -19.86 51.46
CA ASN DB 172 -112.51 -18.64 51.94
C ASN DB 172 -113.41 -17.98 52.99
N PRO DB 173 -113.22 -18.25 54.30
CA PRO DB 173 -114.04 -17.66 55.35
C PRO DB 173 -113.99 -16.10 55.34
N VAL DB 174 -115.08 -15.40 55.69
CA VAL DB 174 -115.08 -13.93 55.81
C VAL DB 174 -114.17 -13.46 56.95
N ASN DB 175 -114.18 -14.21 58.05
CA ASN DB 175 -113.35 -13.97 59.23
C ASN DB 175 -111.94 -14.62 59.10
N SER DB 176 -111.46 -14.88 57.89
CA SER DB 176 -110.08 -15.34 57.63
C SER DB 176 -109.49 -14.85 56.30
N THR DB 177 -108.18 -14.62 56.26
CA THR DB 177 -107.43 -14.41 55.01
C THR DB 177 -107.20 -15.72 54.25
N SER DB 178 -107.22 -16.88 54.91
CA SER DB 178 -106.79 -18.17 54.36
C SER DB 178 -107.78 -18.75 53.34
N THR DB 179 -107.25 -19.44 52.33
CA THR DB 179 -108.04 -20.40 51.54
C THR DB 179 -108.01 -21.77 52.20
N PHE DB 180 -109.07 -22.55 52.05
CA PHE DB 180 -109.14 -23.95 52.43
C PHE DB 180 -109.56 -24.80 51.25
N LYS DB 181 -109.09 -26.05 51.21
CA LYS DB 181 -109.54 -27.02 50.22
C LYS DB 181 -109.77 -28.42 50.80
N MET DB 182 -110.69 -29.16 50.19
CA MET DB 182 -110.96 -30.57 50.54
C MET DB 182 -111.45 -31.41 49.33
N ILE DB 183 -110.86 -32.59 49.08
CA ILE DB 183 -111.13 -33.43 47.90
C ILE DB 183 -111.74 -34.78 48.31
N ARG DB 184 -112.88 -35.14 47.71
CA ARG DB 184 -113.37 -36.52 47.70
C ARG DB 184 -112.56 -37.33 46.71
N LYS DB 185 -111.55 -38.05 47.20
CA LYS DB 185 -110.65 -38.89 46.41
C LYS DB 185 -111.29 -40.14 45.81
N LEU DB 186 -112.29 -40.73 46.46
CA LEU DB 186 -112.90 -42.00 46.01
C LEU DB 186 -114.43 -41.91 45.81
N PRO DB 187 -115.01 -42.69 44.87
CA PRO DB 187 -116.46 -42.77 44.71
C PRO DB 187 -117.17 -43.18 46.00
N VAL DB 188 -118.40 -42.68 46.19
CA VAL DB 188 -119.26 -42.92 47.37
C VAL DB 188 -119.44 -44.43 47.62
N GLN DB 189 -118.95 -44.95 48.74
CA GLN DB 189 -118.84 -46.39 48.97
C GLN DB 189 -118.78 -46.79 50.44
N GLU DB 190 -118.91 -48.09 50.70
CA GLU DB 190 -118.69 -48.72 52.01
C GLU DB 190 -117.27 -48.50 52.55
N GLN DB 191 -117.22 -48.09 53.80
CA GLN DB 191 -116.00 -47.87 54.54
C GLN DB 191 -116.33 -48.12 56.01
N LYS DB 192 -116.19 -49.38 56.43
CA LYS DB 192 -116.35 -49.78 57.84
C LYS DB 192 -115.43 -48.92 58.72
N PRO DB 193 -115.78 -48.72 59.99
CA PRO DB 193 -114.94 -47.98 60.90
C PRO DB 193 -113.58 -48.67 61.12
N ASN DB 194 -112.63 -47.92 61.68
CA ASN DB 194 -111.41 -48.50 62.21
C ASN DB 194 -111.52 -48.61 63.72
N LEU DB 195 -111.41 -49.83 64.24
CA LEU DB 195 -111.51 -50.10 65.66
C LEU DB 195 -110.24 -49.63 66.44
N LEU DB 196 -109.11 -49.44 65.76
CA LEU DB 196 -107.83 -49.05 66.35
C LEU DB 196 -107.73 -47.53 66.57
N LYS DB 197 -108.00 -47.07 67.80
CA LYS DB 197 -107.63 -45.71 68.16
C LYS DB 197 -106.15 -45.45 67.93
N ASP DB 198 -105.85 -44.20 67.58
CA ASP DB 198 -104.54 -43.63 67.33
C ASP DB 198 -103.75 -44.25 66.17
N SER DB 199 -104.42 -44.62 65.07
CA SER DB 199 -103.74 -45.20 63.90
C SER DB 199 -102.81 -44.22 63.15
N LEU DB 200 -102.81 -42.94 63.52
CA LEU DB 200 -101.83 -41.93 63.09
C LEU DB 200 -100.80 -41.61 64.18
N PHE DB 201 -100.81 -42.35 65.29
CA PHE DB 201 -99.77 -42.32 66.30
C PHE DB 201 -99.42 -40.90 66.76
N VAL DB 202 -100.36 -40.21 67.38
CA VAL DB 202 -100.17 -38.86 67.95
C VAL DB 202 -100.14 -38.85 69.49
N TYR DB 203 -100.72 -39.85 70.18
CA TYR DB 203 -100.58 -39.94 71.64
C TYR DB 203 -99.13 -40.28 72.04
N PRO DB 204 -98.70 -39.90 73.25
CA PRO DB 204 -97.42 -40.33 73.80
C PRO DB 204 -97.18 -41.83 73.61
N GLU DB 205 -95.91 -42.18 73.40
CA GLU DB 205 -95.46 -43.57 73.43
C GLU DB 205 -95.67 -44.18 74.83
N THR DB 206 -95.57 -45.50 74.97
CA THR DB 206 -95.58 -46.16 76.27
C THR DB 206 -94.97 -47.56 76.19
N SER DB 207 -94.66 -48.17 77.32
CA SER DB 207 -94.30 -49.58 77.36
C SER DB 207 -95.42 -50.48 76.87
N TYR DB 208 -95.08 -51.51 76.09
CA TYR DB 208 -96.00 -52.61 75.79
C TYR DB 208 -96.59 -53.30 77.04
N SER DB 209 -96.06 -53.08 78.26
CA SER DB 209 -96.69 -53.56 79.50
C SER DB 209 -97.99 -52.81 79.82
N ASN DB 210 -98.03 -51.48 79.63
CA ASN DB 210 -99.19 -50.65 79.99
C ASN DB 210 -100.43 -50.94 79.15
N ILE DB 211 -100.25 -51.50 77.96
CA ILE DB 211 -101.33 -51.84 77.03
C ILE DB 211 -101.92 -53.26 77.23
N LYS DB 212 -101.51 -53.99 78.28
CA LYS DB 212 -102.17 -55.21 78.76
C LYS DB 212 -103.49 -54.88 79.48
N THR DB 213 -104.38 -54.20 78.76
CA THR DB 213 -105.71 -53.71 79.19
C THR DB 213 -106.65 -53.69 77.99
N ASP DB 214 -107.95 -53.84 78.20
CA ASP DB 214 -108.99 -53.71 77.18
C ASP DB 214 -109.65 -52.32 77.13
N ASN DB 215 -109.09 -51.33 77.85
CA ASN DB 215 -109.56 -49.95 77.93
C ASN DB 215 -109.30 -49.20 76.59
N TRP DB 216 -110.32 -49.08 75.74
CA TRP DB 216 -110.27 -48.25 74.53
C TRP DB 216 -110.80 -46.82 74.73
N ASP DB 217 -111.11 -46.46 75.97
CA ASP DB 217 -111.53 -45.10 76.31
C ASP DB 217 -110.32 -44.17 76.51
N THR DB 218 -109.27 -44.63 77.22
CA THR DB 218 -108.14 -43.77 77.65
C THR DB 218 -106.81 -44.12 76.96
N PRO DB 219 -106.13 -43.16 76.30
CA PRO DB 219 -104.82 -43.37 75.70
C PRO DB 219 -103.70 -43.60 76.74
N PRO DB 220 -102.48 -43.96 76.31
CA PRO DB 220 -102.11 -44.34 74.94
C PRO DB 220 -102.48 -45.79 74.59
N PHE DB 221 -103.17 -45.98 73.46
CA PHE DB 221 -103.66 -47.29 73.03
C PHE DB 221 -102.60 -48.20 72.41
N TRP DB 222 -101.47 -47.64 72.00
CA TRP DB 222 -100.33 -48.38 71.45
C TRP DB 222 -99.18 -48.40 72.47
N GLY DB 223 -98.70 -49.60 72.77
CA GLY DB 223 -97.47 -49.82 73.52
C GLY DB 223 -96.34 -50.28 72.62
N TYR DB 224 -95.12 -50.07 73.08
CA TYR DB 224 -93.90 -50.24 72.33
C TYR DB 224 -92.98 -51.19 73.11
N SER DB 225 -92.42 -52.17 72.42
CA SER DB 225 -91.44 -53.12 72.96
C SER DB 225 -90.08 -52.44 73.13
N SER DB 226 -89.03 -53.23 73.38
CA SER DB 226 -87.71 -52.77 72.94
C SER DB 226 -87.66 -52.73 71.40
N ASN DB 227 -86.95 -51.77 70.81
CA ASN DB 227 -86.78 -51.59 69.36
C ASN DB 227 -88.06 -51.34 68.51
N SER DB 228 -89.01 -50.54 69.02
CA SER DB 228 -90.13 -49.99 68.24
C SER DB 228 -90.56 -48.58 68.73
N GLY DB 229 -91.15 -47.76 67.84
CA GLY DB 229 -91.51 -46.36 68.16
C GLY DB 229 -92.13 -45.56 66.99
N ARG DB 230 -92.51 -44.31 67.24
CA ARG DB 230 -92.93 -43.34 66.20
C ARG DB 230 -91.71 -42.80 65.43
N SER DB 231 -91.74 -42.85 64.10
CA SER DB 231 -90.61 -42.49 63.24
C SER DB 231 -90.51 -41.00 62.93
N GLY DB 232 -89.31 -40.52 62.60
CA GLY DB 232 -89.10 -39.25 61.89
C GLY DB 232 -89.40 -39.31 60.39
N VAL DB 233 -89.87 -40.44 59.87
CA VAL DB 233 -90.35 -40.63 58.49
C VAL DB 233 -91.87 -40.46 58.44
N ARG DB 234 -92.34 -39.73 57.43
CA ARG DB 234 -93.76 -39.46 57.13
C ARG DB 234 -94.17 -40.19 55.84
N PHE DB 235 -95.42 -40.66 55.76
CA PHE DB 235 -96.02 -41.24 54.54
C PHE DB 235 -97.25 -40.45 54.10
N ARG DB 236 -97.27 -39.95 52.86
CA ARG DB 236 -98.39 -39.14 52.30
C ARG DB 236 -98.78 -37.90 53.12
N GLY DB 237 -97.91 -37.44 54.03
CA GLY DB 237 -98.14 -36.33 54.95
C GLY DB 237 -98.30 -36.72 56.43
N GLU DB 238 -98.70 -37.95 56.77
CA GLU DB 238 -98.98 -38.35 58.16
C GLU DB 238 -97.78 -38.98 58.89
N ASN DB 239 -97.88 -39.13 60.22
CA ASN DB 239 -96.87 -39.84 61.02
C ASN DB 239 -96.76 -41.32 60.62
N THR DB 240 -95.67 -41.96 61.02
CA THR DB 240 -95.51 -43.42 60.91
C THR DB 240 -94.85 -43.99 62.16
N VAL DB 241 -94.98 -45.30 62.36
CA VAL DB 241 -94.10 -46.06 63.25
C VAL DB 241 -93.01 -46.75 62.46
N GLN DB 242 -91.91 -47.07 63.14
CA GLN DB 242 -90.90 -47.99 62.64
C GLN DB 242 -90.69 -49.12 63.65
N ILE DB 243 -90.36 -50.29 63.12
CA ILE DB 243 -89.81 -51.42 63.86
C ILE DB 243 -88.34 -51.56 63.42
N ASP DB 244 -87.45 -51.67 64.39
CA ASP DB 244 -86.01 -51.79 64.17
C ASP DB 244 -85.57 -53.19 64.56
N ASP DB 245 -84.70 -53.84 63.80
CA ASP DB 245 -84.27 -55.22 64.06
C ASP DB 245 -83.33 -55.43 65.26
N GLY DB 246 -83.36 -54.56 66.26
CA GLY DB 246 -82.49 -54.61 67.44
C GLY DB 246 -82.72 -55.81 68.36
N SER DB 247 -82.26 -55.70 69.60
CA SER DB 247 -82.08 -56.82 70.53
C SER DB 247 -83.32 -57.63 70.88
N ASP DB 248 -84.53 -57.14 70.68
CA ASP DB 248 -85.74 -57.93 70.91
C ASP DB 248 -85.90 -59.04 69.87
N THR DB 249 -86.34 -60.23 70.28
CA THR DB 249 -86.67 -61.31 69.34
C THR DB 249 -87.93 -60.97 68.52
N TYR DB 250 -88.86 -60.21 69.08
CA TYR DB 250 -90.14 -59.86 68.44
C TYR DB 250 -90.46 -58.36 68.67
N PRO DB 251 -89.67 -57.41 68.14
CA PRO DB 251 -89.97 -56.00 68.31
C PRO DB 251 -91.33 -55.71 67.69
N SER DB 252 -92.16 -55.02 68.47
CA SER DB 252 -93.58 -54.91 68.22
C SER DB 252 -94.13 -53.55 68.67
N VAL DB 253 -95.09 -53.05 67.92
CA VAL DB 253 -96.02 -52.03 68.37
C VAL DB 253 -97.32 -52.76 68.62
N VAL DB 254 -97.85 -52.66 69.83
CA VAL DB 254 -98.93 -53.55 70.32
C VAL DB 254 -100.14 -52.74 70.78
N SER DB 255 -101.34 -53.03 70.29
CA SER DB 255 -102.55 -52.32 70.73
C SER DB 255 -103.03 -52.79 72.10
N ASN DB 256 -103.87 -51.99 72.75
CA ASN DB 256 -104.75 -52.47 73.82
C ASN DB 256 -105.54 -53.70 73.35
N ARG DB 257 -105.98 -54.53 74.30
CA ARG DB 257 -106.74 -55.74 73.98
C ARG DB 257 -108.19 -55.44 73.63
N PHE DB 258 -108.82 -56.34 72.91
CA PHE DB 258 -110.26 -56.37 72.71
C PHE DB 258 -110.79 -57.61 73.42
N LYS DB 259 -111.72 -57.43 74.36
CA LYS DB 259 -112.40 -58.53 75.05
C LYS DB 259 -113.41 -59.19 74.12
N MET DB 260 -113.34 -60.50 73.97
CA MET DB 260 -114.33 -61.24 73.19
C MET DB 260 -115.72 -61.15 73.83
N GLY DB 261 -116.66 -60.59 73.08
CA GLY DB 261 -118.02 -60.20 73.50
C GLY DB 261 -118.27 -58.68 73.45
N LYS DB 262 -117.24 -57.82 73.40
CA LYS DB 262 -117.38 -56.38 73.09
C LYS DB 262 -117.36 -56.13 71.58
N GLU DB 263 -116.38 -55.38 71.04
CA GLU DB 263 -116.31 -55.03 69.63
C GLU DB 263 -116.11 -56.27 68.74
N LEU DB 264 -115.47 -57.31 69.25
CA LEU DB 264 -115.06 -58.51 68.53
C LEU DB 264 -115.50 -59.77 69.30
N SER DB 265 -115.63 -60.90 68.62
CA SER DB 265 -115.96 -62.19 69.23
C SER DB 265 -115.27 -63.35 68.51
N VAL DB 266 -115.13 -64.52 69.16
CA VAL DB 266 -114.84 -65.78 68.45
C VAL DB 266 -115.95 -66.07 67.43
N GLY DB 267 -115.58 -66.36 66.18
CA GLY DB 267 -116.52 -66.53 65.07
C GLY DB 267 -116.89 -65.25 64.32
N ASP DB 268 -116.50 -64.05 64.78
CA ASP DB 268 -116.54 -62.87 63.91
C ASP DB 268 -115.41 -62.94 62.87
N THR DB 269 -115.74 -62.67 61.62
CA THR DB 269 -114.75 -62.37 60.59
C THR DB 269 -114.28 -60.92 60.69
N VAL DB 270 -112.96 -60.72 60.66
CA VAL DB 270 -112.33 -59.41 60.77
C VAL DB 270 -111.28 -59.22 59.70
N THR DB 271 -111.01 -57.98 59.34
CA THR DB 271 -109.95 -57.58 58.42
C THR DB 271 -109.01 -56.58 59.09
N VAL DB 272 -107.72 -56.73 58.77
CA VAL DB 272 -106.63 -55.84 59.17
C VAL DB 272 -105.85 -55.41 57.93
N SER DB 273 -105.47 -54.15 57.78
CA SER DB 273 -104.65 -53.68 56.63
C SER DB 273 -103.65 -52.58 57.00
N VAL DB 274 -102.54 -52.49 56.26
CA VAL DB 274 -101.40 -51.58 56.51
C VAL DB 274 -100.67 -51.19 55.22
N TYR DB 275 -99.97 -50.06 55.22
CA TYR DB 275 -98.82 -49.82 54.34
C TYR DB 275 -97.52 -50.16 55.06
N ALA DB 276 -96.53 -50.72 54.35
CA ALA DB 276 -95.20 -51.01 54.90
C ALA DB 276 -94.06 -50.74 53.91
N LYS DB 277 -92.85 -50.49 54.40
CA LYS DB 277 -91.62 -50.56 53.60
C LYS DB 277 -90.36 -50.76 54.44
N ILE DB 278 -89.25 -51.17 53.82
CA ILE DB 278 -87.96 -51.41 54.50
C ILE DB 278 -86.90 -50.43 54.00
N ASN DB 279 -85.95 -50.10 54.86
CA ASN DB 279 -84.78 -49.31 54.48
C ASN DB 279 -83.89 -50.02 53.44
N ASP DB 280 -83.70 -51.35 53.52
CA ASP DB 280 -82.94 -52.13 52.55
C ASP DB 280 -83.32 -53.64 52.58
N PRO DB 281 -83.90 -54.22 51.50
CA PRO DB 281 -84.25 -55.64 51.44
C PRO DB 281 -83.09 -56.64 51.64
N ALA DB 282 -81.85 -56.21 51.46
CA ALA DB 282 -80.67 -57.03 51.75
C ALA DB 282 -80.37 -57.15 53.25
N LEU DB 283 -80.94 -56.30 54.11
CA LEU DB 283 -80.72 -56.33 55.56
C LEU DB 283 -81.75 -57.15 56.35
N LEU DB 284 -82.90 -57.51 55.77
CA LEU DB 284 -83.89 -58.34 56.48
C LEU DB 284 -83.42 -59.79 56.72
N LYS DB 285 -82.62 -60.37 55.80
CA LYS DB 285 -82.15 -61.77 55.87
C LYS DB 285 -83.32 -62.75 55.98
N ASP DB 286 -83.25 -63.70 56.93
CA ASP DB 286 -84.30 -64.69 57.21
C ASP DB 286 -85.33 -64.22 58.27
N ASN DB 287 -85.31 -62.96 58.68
CA ASN DB 287 -86.39 -62.39 59.51
C ASN DB 287 -87.68 -62.30 58.68
N LEU DB 288 -88.77 -61.98 59.36
CA LEU DB 288 -90.08 -61.86 58.74
C LEU DB 288 -90.68 -60.49 59.07
N VAL DB 289 -91.33 -59.87 58.09
CA VAL DB 289 -92.13 -58.66 58.29
C VAL DB 289 -93.60 -59.06 58.22
N TYR DB 290 -94.37 -58.73 59.25
CA TYR DB 290 -95.72 -59.24 59.45
C TYR DB 290 -96.48 -58.36 60.43
N PHE DB 291 -97.80 -58.51 60.43
CA PHE DB 291 -98.68 -57.90 61.39
C PHE DB 291 -99.83 -58.88 61.63
N GLU DB 292 -100.37 -58.88 62.85
CA GLU DB 292 -101.25 -59.96 63.30
C GLU DB 292 -102.13 -59.58 64.46
N LEU DB 293 -103.24 -60.31 64.60
CA LEU DB 293 -103.99 -60.33 65.83
C LEU DB 293 -103.42 -61.47 66.69
N ALA DB 294 -102.74 -61.14 67.79
CA ALA DB 294 -102.35 -62.10 68.83
C ALA DB 294 -103.49 -62.32 69.84
N GLY DB 295 -103.59 -63.53 70.39
CA GLY DB 295 -104.74 -64.01 71.16
C GLY DB 295 -104.35 -64.46 72.55
N TYR DB 296 -105.20 -64.18 73.53
CA TYR DB 296 -104.87 -64.27 74.93
C TYR DB 296 -106.06 -64.80 75.72
N ASP DB 297 -105.79 -65.59 76.75
CA ASP DB 297 -106.80 -66.22 77.58
C ASP DB 297 -107.30 -65.29 78.70
N THR DB 298 -106.49 -64.30 79.11
CA THR DB 298 -106.87 -63.27 80.09
C THR DB 298 -106.37 -61.88 79.63
N VAL DB 299 -106.96 -60.80 80.18
CA VAL DB 299 -106.66 -59.41 79.77
C VAL DB 299 -105.23 -58.99 80.11
N ASP DB 300 -104.70 -59.54 81.19
CA ASP DB 300 -103.39 -59.30 81.75
C ASP DB 300 -102.33 -60.31 81.28
N ASP DB 301 -102.69 -61.33 80.48
CA ASP DB 301 -101.87 -62.51 80.16
C ASP DB 301 -100.41 -62.15 79.81
N THR DB 302 -99.47 -62.70 80.60
CA THR DB 302 -98.01 -62.53 80.49
C THR DB 302 -97.35 -63.40 79.41
N SER DB 303 -98.11 -64.27 78.73
CA SER DB 303 -97.63 -65.10 77.62
C SER DB 303 -97.05 -64.28 76.45
N LYS DB 304 -96.16 -64.89 75.65
CA LYS DB 304 -95.44 -64.21 74.56
C LYS DB 304 -96.23 -64.21 73.26
N ASN DB 305 -97.36 -63.53 73.34
CA ASN DB 305 -98.24 -63.09 72.25
C ASN DB 305 -98.67 -64.23 71.29
N PRO DB 306 -99.54 -65.14 71.75
CA PRO DB 306 -99.97 -66.31 70.98
C PRO DB 306 -100.57 -65.95 69.62
N TYR DB 307 -100.24 -66.71 68.58
CA TYR DB 307 -100.74 -66.49 67.22
C TYR DB 307 -102.17 -67.01 67.04
N THR DB 308 -103.09 -66.20 66.50
CA THR DB 308 -104.46 -66.66 66.20
C THR DB 308 -104.64 -67.27 64.80
N GLY DB 309 -103.65 -67.25 63.89
CA GLY DB 309 -103.92 -67.45 62.46
C GLY DB 309 -104.19 -66.13 61.69
N GLY DB 310 -104.64 -65.09 62.39
CA GLY DB 310 -104.90 -63.76 61.84
C GLY DB 310 -103.61 -62.98 61.61
N ARG DB 311 -102.92 -63.25 60.49
CA ARG DB 311 -101.62 -62.65 60.14
C ARG DB 311 -101.47 -62.51 58.64
N ARG DB 312 -100.72 -61.49 58.22
CA ARG DB 312 -100.09 -61.41 56.89
C ARG DB 312 -98.57 -61.58 57.04
N GLU DB 313 -97.93 -62.41 56.22
CA GLU DB 313 -96.49 -62.65 56.26
C GLU DB 313 -95.79 -62.14 54.99
N ILE DB 314 -94.65 -61.47 55.17
CA ILE DB 314 -93.91 -60.76 54.12
C ILE DB 314 -92.40 -61.10 54.23
N THR DB 315 -91.78 -61.44 53.10
CA THR DB 315 -90.39 -61.93 53.01
C THR DB 315 -89.43 -60.89 52.39
N ALA DB 316 -88.12 -61.16 52.44
CA ALA DB 316 -87.04 -60.28 51.93
C ALA DB 316 -87.07 -60.03 50.42
N SER DB 317 -87.72 -60.88 49.63
CA SER DB 317 -88.01 -60.62 48.23
C SER DB 317 -89.34 -59.87 48.03
N GLU DB 318 -90.26 -59.93 48.99
CA GLU DB 318 -91.65 -59.46 48.87
C GLU DB 318 -91.93 -58.09 49.51
N ILE DB 319 -91.12 -57.69 50.50
CA ILE DB 319 -90.96 -56.28 50.93
C ILE DB 319 -89.96 -55.55 50.03
N THR DB 320 -90.11 -54.24 49.90
CA THR DB 320 -89.26 -53.40 49.05
C THR DB 320 -89.00 -52.06 49.71
N THR DB 321 -88.15 -51.25 49.09
CA THR DB 321 -88.04 -49.82 49.40
C THR DB 321 -89.26 -48.99 48.95
N GLU DB 322 -90.28 -49.56 48.30
CA GLU DB 322 -91.51 -48.86 47.90
C GLU DB 322 -92.71 -49.21 48.80
N TRP DB 323 -93.38 -48.20 49.37
CA TRP DB 323 -94.57 -48.39 50.21
C TRP DB 323 -95.66 -49.18 49.46
N LYS DB 324 -96.07 -50.34 50.00
CA LYS DB 324 -96.97 -51.31 49.36
C LYS DB 324 -98.07 -51.74 50.32
N LYS DB 325 -99.34 -51.84 49.88
CA LYS DB 325 -100.45 -52.24 50.78
C LYS DB 325 -100.47 -53.75 50.98
N TYR DB 326 -100.52 -54.12 52.25
CA TYR DB 326 -100.63 -55.47 52.75
C TYR DB 326 -101.85 -55.56 53.68
N SER DB 327 -102.45 -56.74 53.78
CA SER DB 327 -103.63 -56.94 54.61
C SER DB 327 -103.83 -58.40 54.97
N PHE DB 328 -104.71 -58.67 55.93
CA PHE DB 328 -105.33 -59.99 56.08
C PHE DB 328 -106.77 -59.87 56.55
N THR DB 329 -107.56 -60.88 56.20
CA THR DB 329 -108.87 -61.13 56.79
C THR DB 329 -108.80 -62.49 57.44
N PHE DB 330 -109.52 -62.71 58.54
CA PHE DB 330 -109.64 -64.03 59.14
C PHE DB 330 -110.91 -64.18 59.96
N THR DB 331 -111.28 -65.40 60.30
CA THR DB 331 -112.30 -65.66 61.32
C THR DB 331 -111.60 -65.92 62.65
N ILE DB 332 -111.98 -65.17 63.69
CA ILE DB 332 -111.38 -65.24 65.02
C ILE DB 332 -111.64 -66.64 65.61
N PRO DB 333 -110.61 -67.50 65.79
CA PRO DB 333 -110.82 -68.89 66.18
C PRO DB 333 -111.12 -69.03 67.67
N GLU DB 334 -111.50 -70.25 68.07
CA GLU DB 334 -111.63 -70.67 69.47
C GLU DB 334 -110.26 -70.82 70.19
N ASN DB 335 -109.27 -71.44 69.55
CA ASN DB 335 -107.91 -71.67 70.09
C ASN DB 335 -106.80 -71.22 69.13
N THR DB 336 -105.71 -70.73 69.72
CA THR DB 336 -104.50 -70.23 69.04
C THR DB 336 -103.62 -71.34 68.45
N ILE DB 337 -102.66 -70.93 67.62
CA ILE DB 337 -101.98 -71.74 66.58
C ILE DB 337 -100.46 -71.69 66.78
N GLY DB 338 -99.74 -72.77 66.49
CA GLY DB 338 -98.28 -72.80 66.51
C GLY DB 338 -97.69 -73.33 67.81
N ALA DB 339 -97.09 -72.46 68.63
CA ALA DB 339 -96.37 -72.83 69.86
C ALA DB 339 -96.98 -72.19 71.13
N SER DB 340 -98.28 -72.39 71.36
CA SER DB 340 -99.03 -71.98 72.57
C SER DB 340 -100.36 -72.73 72.75
N GLY DB 341 -101.24 -72.71 71.74
CA GLY DB 341 -102.49 -73.49 71.73
C GLY DB 341 -103.59 -72.98 72.67
N VAL DB 342 -103.37 -71.90 73.42
CA VAL DB 342 -104.33 -71.30 74.35
C VAL DB 342 -105.63 -70.83 73.67
N LYS DB 343 -106.71 -70.72 74.44
CA LYS DB 343 -108.01 -70.17 73.99
C LYS DB 343 -107.85 -68.74 73.44
N VAL DB 344 -108.85 -68.27 72.70
CA VAL DB 344 -109.02 -66.84 72.43
C VAL DB 344 -110.18 -66.31 73.30
N ASN DB 345 -109.87 -65.37 74.21
CA ASN DB 345 -110.84 -64.60 75.03
C ASN DB 345 -110.56 -63.09 74.98
N TYR DB 346 -109.32 -62.72 74.69
CA TYR DB 346 -108.92 -61.37 74.34
C TYR DB 346 -107.96 -61.43 73.15
N VAL DB 347 -107.89 -60.36 72.39
CA VAL DB 347 -106.95 -60.24 71.25
C VAL DB 347 -106.35 -58.84 71.23
N SER DB 348 -105.30 -58.61 70.46
CA SER DB 348 -104.70 -57.27 70.22
C SER DB 348 -104.08 -57.24 68.81
N LEU DB 349 -104.00 -56.08 68.15
CA LEU DB 349 -103.20 -55.92 66.93
C LEU DB 349 -101.75 -55.62 67.25
N LEU DB 350 -100.87 -56.43 66.70
CA LEU DB 350 -99.44 -56.23 66.73
C LEU DB 350 -98.94 -55.91 65.33
N LEU DB 351 -98.19 -54.82 65.21
CA LEU DB 351 -97.33 -54.55 64.04
C LEU DB 351 -95.90 -54.95 64.43
N ARG DB 352 -95.28 -55.86 63.68
CA ARG DB 352 -94.12 -56.62 64.17
C ARG DB 352 -93.03 -56.74 63.14
N MET DB 353 -91.86 -57.10 63.64
CA MET DB 353 -90.83 -57.78 62.88
C MET DB 353 -90.39 -59.00 63.69
N ASN DB 354 -90.21 -60.15 63.05
CA ASN DB 354 -89.76 -61.34 63.76
C ASN DB 354 -88.26 -61.43 63.59
N CYS DB 355 -87.56 -61.19 64.68
CA CYS DB 355 -86.11 -61.25 64.82
C CYS DB 355 -85.68 -62.48 65.61
N SER DB 356 -86.40 -63.60 65.47
CA SER DB 356 -85.88 -64.93 65.84
C SER DB 356 -84.63 -65.24 65.01
N SER DB 357 -84.73 -65.17 63.68
CA SER DB 357 -83.68 -65.61 62.75
C SER DB 357 -82.36 -64.82 62.88
N SER DB 358 -82.43 -63.50 62.93
CA SER DB 358 -81.26 -62.61 63.06
C SER DB 358 -81.63 -61.31 63.77
N LYS DB 359 -80.62 -60.62 64.33
CA LYS DB 359 -80.80 -59.37 65.10
C LYS DB 359 -79.67 -58.38 64.79
N GLY DB 360 -79.95 -57.10 64.94
CA GLY DB 360 -78.99 -56.01 64.78
C GLY DB 360 -78.40 -55.91 63.37
N ASN DB 361 -79.10 -56.39 62.33
CA ASN DB 361 -78.62 -56.22 60.95
C ASN DB 361 -78.76 -54.77 60.46
N GLY DB 362 -79.52 -53.95 61.18
CA GLY DB 362 -79.84 -52.57 60.80
C GLY DB 362 -81.10 -52.48 59.93
N ALA DB 363 -81.85 -53.57 59.77
CA ALA DB 363 -83.14 -53.51 59.11
C ALA DB 363 -84.09 -52.60 59.91
N VAL DB 364 -84.54 -51.53 59.26
CA VAL DB 364 -85.63 -50.67 59.73
C VAL DB 364 -86.80 -50.89 58.80
N VAL DB 365 -87.93 -51.28 59.38
CA VAL DB 365 -89.20 -51.46 58.68
C VAL DB 365 -90.19 -50.43 59.18
N TYR DB 366 -90.73 -49.63 58.29
CA TYR DB 366 -91.79 -48.67 58.58
C TYR DB 366 -93.18 -49.33 58.41
N TYR DB 367 -94.11 -48.99 59.29
CA TYR DB 367 -95.53 -49.28 59.10
C TYR DB 367 -96.36 -48.00 59.22
N ALA DB 368 -97.39 -47.89 58.37
CA ALA DB 368 -98.26 -46.74 58.28
C ALA DB 368 -99.73 -47.14 58.11
N LEU DB 369 -100.62 -46.26 58.59
CA LEU DB 369 -102.07 -46.30 58.39
C LEU DB 369 -102.69 -47.69 58.63
N PRO DB 370 -102.55 -48.30 59.83
CA PRO DB 370 -103.17 -49.56 60.17
C PRO DB 370 -104.69 -49.45 60.37
N LYS DB 371 -105.44 -50.44 59.92
CA LYS DB 371 -106.89 -50.53 60.09
C LYS DB 371 -107.28 -51.88 60.67
N LEU DB 372 -108.22 -51.93 61.62
CA LEU DB 372 -108.98 -53.14 62.03
C LEU DB 372 -110.49 -52.90 61.85
N GLU DB 373 -111.17 -53.85 61.22
CA GLU DB 373 -112.60 -53.71 60.88
C GLU DB 373 -113.34 -55.08 60.86
N LYS DB 374 -114.63 -55.12 61.19
CA LYS DB 374 -115.50 -56.30 61.04
C LYS DB 374 -116.05 -56.36 59.62
N SER DB 375 -115.27 -56.97 58.74
CA SER DB 375 -115.56 -57.02 57.30
C SER DB 375 -114.87 -58.23 56.67
N SER DB 376 -115.49 -58.80 55.64
CA SER DB 376 -114.90 -59.90 54.86
C SER DB 376 -113.78 -59.47 53.91
N LYS DB 377 -113.55 -58.17 53.78
CA LYS DB 377 -112.60 -57.55 52.86
C LYS DB 377 -111.96 -56.33 53.48
N VAL DB 378 -110.86 -55.86 52.91
CA VAL DB 378 -110.36 -54.50 53.18
C VAL DB 378 -111.35 -53.47 52.65
N THR DB 379 -111.79 -52.55 53.51
CA THR DB 379 -112.48 -51.31 53.07
C THR DB 379 -111.54 -50.11 53.30
N PRO DB 380 -111.76 -48.96 52.62
CA PRO DB 380 -110.79 -47.87 52.61
C PRO DB 380 -110.31 -47.44 54.03
N PHE DB 381 -109.05 -47.06 54.22
CA PHE DB 381 -108.55 -46.60 55.53
C PHE DB 381 -109.37 -45.40 56.04
N ILE DB 382 -109.63 -45.39 57.34
CA ILE DB 382 -110.05 -44.22 58.11
C ILE DB 382 -109.41 -44.33 59.51
N THR DB 383 -109.14 -43.21 60.15
CA THR DB 383 -108.89 -43.15 61.60
C THR DB 383 -110.09 -43.67 62.41
N HIS DB 384 -109.92 -43.87 63.71
CA HIS DB 384 -111.10 -43.93 64.57
C HIS DB 384 -111.76 -42.55 64.68
N GLU DB 385 -113.09 -42.47 64.81
CA GLU DB 385 -113.83 -41.19 64.82
C GLU DB 385 -113.39 -40.23 65.92
N ASN DB 386 -112.83 -40.77 67.00
CA ASN DB 386 -112.37 -40.02 68.16
C ASN DB 386 -110.84 -40.14 68.40
N ASP DB 387 -110.09 -40.15 67.32
CA ASP DB 387 -108.69 -39.69 67.25
C ASP DB 387 -108.62 -38.15 67.17
N VAL DB 388 -107.66 -37.48 67.83
CA VAL DB 388 -107.52 -36.00 67.76
C VAL DB 388 -106.86 -35.49 66.46
N ARG DB 389 -106.40 -36.43 65.60
CA ARG DB 389 -106.05 -36.22 64.19
C ARG DB 389 -106.80 -37.27 63.36
N LYS DB 390 -107.40 -36.84 62.25
CA LYS DB 390 -108.14 -37.69 61.31
C LYS DB 390 -107.33 -37.91 60.04
N TYR DB 391 -107.49 -39.05 59.36
CA TYR DB 391 -107.16 -39.24 57.94
C TYR DB 391 -108.06 -40.29 57.32
N ASP DB 392 -108.32 -40.17 56.03
CA ASP DB 392 -109.36 -40.90 55.33
C ASP DB 392 -108.92 -41.19 53.89
N GLU DB 393 -109.21 -42.38 53.37
CA GLU DB 393 -108.95 -42.70 51.96
C GLU DB 393 -110.07 -42.22 51.00
N ILE DB 394 -111.31 -41.99 51.45
CA ILE DB 394 -112.37 -41.43 50.60
C ILE DB 394 -112.27 -39.90 50.48
N TRP DB 395 -112.05 -39.16 51.57
CA TRP DB 395 -111.90 -37.70 51.59
C TRP DB 395 -110.52 -37.29 52.09
N SER DB 396 -109.93 -36.25 51.52
CA SER DB 396 -108.85 -35.53 52.20
C SER DB 396 -109.35 -34.91 53.51
N ASN DB 397 -108.43 -34.50 54.39
CA ASN DB 397 -108.76 -33.47 55.39
C ASN DB 397 -109.00 -32.10 54.71
N TRP DB 398 -109.41 -31.10 55.48
CA TRP DB 398 -109.25 -29.71 55.07
C TRP DB 398 -107.76 -29.30 55.07
N GLN DB 399 -107.33 -28.68 53.98
CA GLN DB 399 -105.98 -28.13 53.83
C GLN DB 399 -106.05 -26.61 53.84
N GLU DB 400 -105.40 -25.96 54.80
CA GLU DB 400 -105.28 -24.49 54.86
C GLU DB 400 -104.19 -23.98 53.92
N VAL DB 401 -104.37 -22.82 53.30
CA VAL DB 401 -103.40 -22.12 52.45
C VAL DB 401 -103.43 -20.63 52.79
N ILE DB 402 -102.28 -19.99 52.91
CA ILE DB 402 -102.14 -18.68 53.55
C ILE DB 402 -101.72 -17.55 52.61
N SER DB 403 -101.87 -16.30 53.08
CA SER DB 403 -101.37 -15.10 52.40
C SER DB 403 -99.92 -14.77 52.77
N LYS DB 404 -99.27 -13.96 51.95
CA LYS DB 404 -97.91 -13.46 52.19
C LYS DB 404 -97.84 -12.55 53.41
N ASP DB 405 -98.91 -11.84 53.73
CA ASP DB 405 -99.00 -10.99 54.94
C ASP DB 405 -99.03 -11.85 56.23
N GLU DB 406 -99.77 -12.96 56.23
CA GLU DB 406 -99.67 -13.98 57.30
C GLU DB 406 -98.28 -14.65 57.33
N LEU DB 407 -97.71 -15.02 56.18
CA LEU DB 407 -96.34 -15.52 56.14
C LEU DB 407 -95.36 -14.48 56.70
N LYS DB 408 -95.57 -13.18 56.46
CA LYS DB 408 -94.78 -12.06 57.01
C LYS DB 408 -95.03 -11.82 58.50
N GLY DB 409 -96.17 -12.27 59.03
CA GLY DB 409 -96.32 -12.54 60.45
C GLY DB 409 -95.34 -13.62 60.91
N HIS DB 410 -95.40 -14.83 60.33
CA HIS DB 410 -94.57 -15.95 60.77
C HIS DB 410 -93.04 -15.74 60.60
N SER DB 411 -92.63 -15.11 59.49
CA SER DB 411 -91.27 -15.21 58.98
C SER DB 411 -90.23 -14.53 59.89
N PRO DB 412 -89.00 -15.07 59.96
CA PRO DB 412 -87.87 -14.42 60.62
C PRO DB 412 -87.33 -13.17 59.90
N VAL DB 413 -87.82 -12.82 58.71
CA VAL DB 413 -87.34 -11.66 57.92
C VAL DB 413 -88.50 -10.91 57.27
N ASP DB 414 -88.30 -9.67 56.84
CA ASP DB 414 -89.30 -8.96 56.04
C ASP DB 414 -89.32 -9.47 54.60
N ILE DB 415 -90.20 -10.43 54.33
CA ILE DB 415 -90.29 -11.08 53.02
C ILE DB 415 -90.81 -10.16 51.90
N GLU DB 416 -91.56 -9.11 52.21
CA GLU DB 416 -91.97 -8.15 51.17
C GLU DB 416 -90.85 -7.17 50.83
N TYR DB 417 -89.94 -6.94 51.79
CA TYR DB 417 -88.74 -6.12 51.65
C TYR DB 417 -87.46 -6.97 51.62
N ASN DB 418 -87.39 -7.84 50.61
CA ASN DB 418 -86.17 -8.49 50.13
C ASN DB 418 -85.38 -9.22 51.24
N ASP DB 419 -86.09 -9.92 52.12
CA ASP DB 419 -85.55 -10.70 53.24
C ASP DB 419 -84.68 -9.87 54.22
N TYR DB 420 -84.87 -8.55 54.28
CA TYR DB 420 -84.17 -7.70 55.25
C TYR DB 420 -84.67 -7.88 56.70
N PHE DB 421 -83.97 -7.36 57.71
CA PHE DB 421 -84.24 -7.70 59.12
C PHE DB 421 -85.70 -7.48 59.49
N LYS DB 422 -86.29 -8.44 60.23
CA LYS DB 422 -87.67 -8.30 60.72
C LYS DB 422 -87.79 -7.15 61.73
N TYR DB 423 -86.68 -6.77 62.38
CA TYR DB 423 -86.55 -5.50 63.11
C TYR DB 423 -85.18 -4.86 62.86
N GLN DB 424 -85.15 -3.53 62.80
CA GLN DB 424 -83.94 -2.75 62.53
C GLN DB 424 -83.88 -1.47 63.39
N TRP DB 425 -83.03 -1.47 64.43
CA TRP DB 425 -82.93 -0.41 65.43
C TRP DB 425 -81.72 0.47 65.14
N TRP DB 426 -82.01 1.73 64.83
CA TRP DB 426 -81.06 2.80 64.58
C TRP DB 426 -81.24 3.86 65.65
N LYS DB 427 -80.15 4.52 66.05
CA LYS DB 427 -80.12 5.45 67.18
C LYS DB 427 -81.11 6.61 67.03
N SER DB 428 -81.25 7.16 65.82
CA SER DB 428 -82.23 8.21 65.50
C SER DB 428 -83.68 7.72 65.43
N GLU DB 429 -83.99 6.45 65.71
CA GLU DB 429 -85.32 5.85 65.46
C GLU DB 429 -85.93 5.10 66.67
N VAL DB 430 -85.32 5.19 67.85
CA VAL DB 430 -85.72 4.41 69.04
C VAL DB 430 -86.19 5.23 70.24
N ASN DB 431 -86.30 6.55 70.07
CA ASN DB 431 -86.62 7.50 71.14
C ASN DB 431 -85.80 7.24 72.42
N GLU DB 432 -84.49 7.08 72.24
CA GLU DB 432 -83.47 6.89 73.28
C GLU DB 432 -83.64 5.64 74.18
N LYS DB 433 -84.54 4.72 73.85
CA LYS DB 433 -84.67 3.43 74.55
C LYS DB 433 -83.37 2.60 74.46
N SER DB 434 -82.99 1.88 75.51
CA SER DB 434 -81.83 0.97 75.50
C SER DB 434 -82.12 -0.31 74.73
N LEU DB 435 -81.10 -1.14 74.49
CA LEU DB 435 -81.28 -2.49 73.94
C LEU DB 435 -82.22 -3.33 74.80
N LYS DB 436 -82.09 -3.28 76.14
CA LYS DB 436 -82.95 -4.04 77.06
C LYS DB 436 -84.40 -3.54 77.08
N ASP DB 437 -84.60 -2.25 76.81
CA ASP DB 437 -85.95 -1.72 76.57
C ASP DB 437 -86.52 -2.22 75.23
N LEU DB 438 -85.79 -2.00 74.13
CA LEU DB 438 -86.24 -2.34 72.79
C LEU DB 438 -86.58 -3.83 72.70
N ALA DB 439 -85.72 -4.70 73.24
CA ALA DB 439 -85.95 -6.12 73.14
C ALA DB 439 -87.29 -6.56 73.76
N MET DB 440 -87.75 -5.89 74.84
CA MET DB 440 -89.04 -6.22 75.44
C MET DB 440 -90.25 -5.94 74.52
N THR DB 441 -90.10 -5.06 73.51
CA THR DB 441 -91.19 -4.67 72.59
C THR DB 441 -91.48 -5.70 71.49
N VAL DB 442 -90.58 -6.66 71.26
CA VAL DB 442 -90.68 -7.65 70.17
C VAL DB 442 -91.72 -8.75 70.50
N PRO DB 443 -92.59 -9.16 69.56
CA PRO DB 443 -93.62 -10.18 69.77
C PRO DB 443 -93.08 -11.62 69.79
N GLN DB 444 -93.93 -12.59 70.16
CA GLN DB 444 -93.67 -14.03 70.01
C GLN DB 444 -93.13 -14.40 68.63
N GLY DB 445 -92.35 -15.48 68.54
CA GLY DB 445 -91.76 -15.99 67.31
C GLY DB 445 -90.24 -15.91 67.31
N TYR DB 446 -89.68 -16.33 66.18
CA TYR DB 446 -88.26 -16.26 65.93
C TYR DB 446 -88.02 -15.12 64.92
N HIS DB 447 -87.32 -14.05 65.31
CA HIS DB 447 -87.11 -12.87 64.46
C HIS DB 447 -85.63 -12.59 64.27
N THR DB 448 -85.24 -12.16 63.08
CA THR DB 448 -83.95 -11.49 62.88
C THR DB 448 -84.04 -10.03 63.32
N PHE DB 449 -82.96 -9.52 63.90
CA PHE DB 449 -82.87 -8.13 64.29
C PHE DB 449 -81.49 -7.54 64.01
N TYR DB 450 -81.46 -6.23 63.88
CA TYR DB 450 -80.24 -5.43 63.88
C TYR DB 450 -80.31 -4.32 64.94
N CYS DB 451 -79.20 -4.06 65.65
CA CYS DB 451 -79.08 -2.94 66.57
C CYS DB 451 -77.78 -2.16 66.36
N GLN DB 452 -77.90 -0.83 66.25
CA GLN DB 452 -76.79 0.08 66.13
C GLN DB 452 -76.06 0.30 67.47
N GLY DB 453 -74.73 0.28 67.48
CA GLY DB 453 -73.89 0.33 68.71
C GLY DB 453 -73.97 1.61 69.54
N SER DB 454 -74.41 2.72 68.92
CA SER DB 454 -74.72 3.97 69.61
C SER DB 454 -76.04 3.94 70.39
N ILE DB 455 -76.83 2.86 70.29
CA ILE DB 455 -77.89 2.54 71.26
C ILE DB 455 -77.25 1.98 72.56
N ALA DB 456 -77.71 2.49 73.71
CA ALA DB 456 -77.16 2.14 75.03
C ALA DB 456 -77.29 0.65 75.37
N GLY DB 457 -76.30 0.09 76.07
CA GLY DB 457 -76.30 -1.30 76.56
C GLY DB 457 -75.80 -2.38 75.59
N THR DB 458 -75.53 -2.01 74.34
CA THR DB 458 -74.84 -2.88 73.37
C THR DB 458 -73.41 -3.23 73.86
N PRO DB 459 -72.81 -4.37 73.48
CA PRO DB 459 -71.54 -4.83 74.07
C PRO DB 459 -70.39 -3.88 73.70
N LYS DB 460 -69.80 -3.25 74.70
CA LYS DB 460 -68.77 -2.19 74.58
C LYS DB 460 -69.17 -1.04 73.61
N GLY DB 461 -70.47 -0.82 73.39
CA GLY DB 461 -70.98 0.14 72.41
C GLY DB 461 -70.96 -0.32 70.93
N ARG DB 462 -70.78 -1.62 70.64
CA ARG DB 462 -70.73 -2.18 69.27
C ARG DB 462 -72.11 -2.48 68.71
N SER DB 463 -72.32 -2.24 67.43
CA SER DB 463 -73.53 -2.73 66.74
C SER DB 463 -73.60 -4.26 66.79
N ILE DB 464 -74.81 -4.82 66.82
CA ILE DB 464 -75.04 -6.28 66.86
C ILE DB 464 -76.08 -6.73 65.82
N ARG DB 465 -75.92 -7.97 65.35
CA ARG DB 465 -76.81 -8.68 64.41
C ARG DB 465 -77.06 -10.07 64.97
N GLY DB 466 -78.30 -10.51 64.97
CA GLY DB 466 -78.66 -11.75 65.66
C GLY DB 466 -80.12 -12.13 65.54
N THR DB 467 -80.53 -13.14 66.31
CA THR DB 467 -81.90 -13.62 66.33
C THR DB 467 -82.49 -13.64 67.73
N ILE DB 468 -83.75 -13.23 67.82
CA ILE DB 468 -84.52 -13.11 69.05
C ILE DB 468 -85.66 -14.13 69.00
N GLN DB 469 -85.67 -15.01 69.99
CA GLN DB 469 -86.61 -16.12 70.15
C GLN DB 469 -87.53 -15.82 71.34
N VAL DB 470 -88.79 -15.49 71.03
CA VAL DB 470 -89.80 -14.99 71.99
C VAL DB 470 -90.96 -15.95 72.06
N ASP DB 471 -91.45 -16.19 73.26
CA ASP DB 471 -92.66 -16.96 73.48
C ASP DB 471 -93.40 -16.48 74.72
N TYR DB 472 -94.71 -16.71 74.74
CA TYR DB 472 -95.57 -16.62 75.91
C TYR DB 472 -96.01 -18.04 76.33
N ASP DB 473 -95.87 -18.37 77.61
CA ASP DB 473 -96.09 -19.76 78.05
C ASP DB 473 -97.52 -20.23 77.77
N LYS DB 474 -97.67 -21.50 77.38
CA LYS DB 474 -98.92 -22.09 76.85
C LYS DB 474 -99.56 -21.26 75.71
N CYS DB 475 -98.75 -20.42 75.03
CA CYS DB 475 -99.09 -19.60 73.87
C CYS DB 475 -100.22 -18.55 74.09
N ASP DB 476 -100.35 -18.06 75.33
CA ASP DB 476 -101.29 -17.00 75.72
C ASP DB 476 -100.57 -15.64 75.80
N PRO DB 477 -100.76 -14.69 74.87
CA PRO DB 477 -100.09 -13.39 74.92
C PRO DB 477 -100.72 -12.42 75.93
N TYR DB 478 -101.94 -12.67 76.43
CA TYR DB 478 -102.68 -11.68 77.24
C TYR DB 478 -102.30 -11.70 78.72
N ARG DB 479 -101.90 -12.86 79.29
CA ARG DB 479 -101.49 -12.95 80.71
C ARG DB 479 -100.15 -13.63 80.96
N ALA DB 480 -99.76 -14.62 80.14
CA ALA DB 480 -98.72 -15.58 80.50
C ALA DB 480 -97.30 -14.99 80.58
N ASN DB 481 -96.44 -15.74 81.27
CA ASN DB 481 -95.02 -15.48 81.41
C ASN DB 481 -94.35 -15.30 80.04
N LYS DB 482 -93.72 -14.14 79.81
CA LYS DB 482 -92.93 -13.87 78.61
C LYS DB 482 -91.52 -14.46 78.74
N PHE DB 483 -90.97 -14.90 77.63
CA PHE DB 483 -89.57 -15.26 77.50
C PHE DB 483 -88.98 -14.56 76.29
N VAL DB 484 -87.76 -14.04 76.41
CA VAL DB 484 -87.05 -13.33 75.34
C VAL DB 484 -85.58 -13.78 75.32
N LYS DB 485 -85.20 -14.64 74.37
CA LYS DB 485 -83.80 -15.10 74.21
C LYS DB 485 -83.17 -14.49 72.97
N LEU DB 486 -82.07 -13.77 73.14
CA LEU DB 486 -81.27 -13.19 72.07
C LEU DB 486 -79.95 -13.97 71.94
N LEU DB 487 -79.63 -14.41 70.72
CA LEU DB 487 -78.32 -14.89 70.31
C LEU DB 487 -77.75 -13.92 69.29
N PHE DB 488 -76.59 -13.33 69.59
CA PHE DB 488 -76.03 -12.27 68.75
C PHE DB 488 -74.52 -12.17 68.81
N THR DB 489 -74.00 -11.47 67.81
CA THR DB 489 -72.59 -11.28 67.54
C THR DB 489 -72.33 -9.78 67.39
N ASP DB 490 -71.14 -9.31 67.74
CA ASP DB 490 -70.70 -7.95 67.42
C ASP DB 490 -69.94 -7.86 66.07
N THR DB 491 -69.49 -6.67 65.67
CA THR DB 491 -68.75 -6.49 64.40
C THR DB 491 -67.42 -7.25 64.32
N GLU DB 492 -66.89 -7.78 65.43
CA GLU DB 492 -65.61 -8.50 65.45
C GLU DB 492 -65.79 -10.01 65.61
N GLY DB 493 -67.03 -10.51 65.48
CA GLY DB 493 -67.32 -11.94 65.47
C GLY DB 493 -67.47 -12.57 66.84
N ILE DB 494 -67.49 -11.79 67.92
CA ILE DB 494 -67.55 -12.36 69.27
C ILE DB 494 -69.00 -12.70 69.63
N PRO DB 495 -69.34 -13.95 70.01
CA PRO DB 495 -70.70 -14.35 70.40
C PRO DB 495 -71.10 -13.98 71.85
N TYR DB 496 -72.37 -13.63 71.99
CA TYR DB 496 -73.04 -13.27 73.23
C TYR DB 496 -74.41 -13.94 73.33
N THR DB 497 -74.91 -14.15 74.55
CA THR DB 497 -76.33 -14.45 74.84
C THR DB 497 -76.90 -13.45 75.84
N LEU DB 498 -78.13 -13.02 75.58
CA LEU DB 498 -78.97 -12.29 76.54
C LEU DB 498 -80.29 -13.05 76.67
N TYR DB 499 -80.86 -13.06 77.86
CA TYR DB 499 -82.05 -13.85 78.15
C TYR DB 499 -82.92 -13.13 79.17
N TYR DB 500 -84.18 -12.87 78.84
CA TYR DB 500 -85.20 -12.54 79.83
C TYR DB 500 -86.01 -13.80 80.13
N GLY DB 501 -86.00 -14.24 81.37
CA GLY DB 501 -86.77 -15.41 81.78
C GLY DB 501 -88.15 -15.03 82.25
N GLY DB 502 -89.16 -15.84 81.88
CA GLY DB 502 -90.47 -15.83 82.53
C GLY DB 502 -90.40 -16.27 84.01
N TYR DB 503 -91.55 -16.29 84.69
CA TYR DB 503 -91.65 -16.55 86.13
C TYR DB 503 -90.80 -15.57 86.97
N ASN DB 504 -90.78 -14.30 86.54
CA ASN DB 504 -90.06 -13.18 87.16
C ASN DB 504 -88.54 -13.39 87.38
N GLN DB 505 -87.93 -14.31 86.63
CA GLN DB 505 -86.47 -14.48 86.50
C GLN DB 505 -85.78 -13.24 85.89
N GLY DB 506 -86.50 -12.40 85.15
CA GLY DB 506 -86.05 -11.10 84.66
C GLY DB 506 -84.98 -11.20 83.59
N TRP DB 507 -84.35 -10.05 83.26
CA TRP DB 507 -83.11 -10.05 82.48
C TRP DB 507 -81.99 -10.74 83.26
N LYS DB 508 -81.55 -11.89 82.78
CA LYS DB 508 -80.25 -12.42 83.17
C LYS DB 508 -79.15 -11.47 82.68
N PRO DB 509 -77.99 -11.45 83.35
CA PRO DB 509 -76.84 -10.73 82.85
C PRO DB 509 -76.55 -11.06 81.38
N LEU DB 510 -76.08 -10.08 80.61
CA LEU DB 510 -75.45 -10.36 79.32
C LEU DB 510 -74.25 -11.30 79.53
N LYS DB 511 -74.24 -12.44 78.86
CA LYS DB 511 -73.11 -13.37 78.88
C LYS DB 511 -72.34 -13.25 77.57
N GLN DB 512 -71.01 -13.14 77.67
CA GLN DB 512 -70.12 -13.28 76.52
C GLN DB 512 -69.46 -14.64 76.61
N SER DB 513 -69.59 -15.49 75.59
CA SER DB 513 -68.85 -16.75 75.56
C SER DB 513 -67.38 -16.41 75.50
N GLU DB 514 -66.58 -16.89 76.44
CA GLU DB 514 -65.15 -16.74 76.32
C GLU DB 514 -64.71 -17.44 75.03
N THR DB 515 -63.96 -16.76 74.16
CA THR DB 515 -63.57 -17.34 72.85
C THR DB 515 -62.06 -17.29 72.64
N SER DB 516 -61.56 -18.00 71.63
CA SER DB 516 -60.20 -18.51 71.55
C SER DB 516 -59.76 -18.75 70.10
N THR DB 517 -58.51 -18.46 69.76
CA THR DB 517 -57.92 -18.77 68.43
C THR DB 517 -56.39 -18.98 68.51
N LEU DB 518 -55.83 -19.89 67.69
CA LEU DB 518 -54.39 -20.17 67.69
C LEU DB 518 -53.60 -19.02 67.08
N LEU DB 519 -52.77 -18.35 67.88
CA LEU DB 519 -51.89 -17.29 67.37
C LEU DB 519 -50.52 -17.83 66.93
N TRP DB 520 -50.00 -18.90 67.56
CA TRP DB 520 -48.74 -19.55 67.15
C TRP DB 520 -48.53 -20.92 67.81
N LYS DB 521 -47.81 -21.82 67.14
CA LYS DB 521 -47.34 -23.13 67.65
C LYS DB 521 -45.90 -23.40 67.17
N GLY DB 522 -45.10 -24.10 67.98
CA GLY DB 522 -43.76 -24.60 67.58
C GLY DB 522 -42.91 -25.10 68.76
N THR DB 523 -41.68 -24.58 68.90
CA THR DB 523 -40.86 -24.74 70.11
C THR DB 523 -39.97 -23.51 70.30
N LEU DB 524 -40.33 -22.65 71.27
CA LEU DB 524 -39.78 -21.33 71.53
C LEU DB 524 -38.94 -21.37 72.81
N ASP DB 525 -37.70 -21.83 72.67
CA ASP DB 525 -36.73 -21.84 73.76
C ASP DB 525 -36.25 -20.40 74.05
N PHE DB 526 -36.36 -19.92 75.29
CA PHE DB 526 -36.00 -18.53 75.62
C PHE DB 526 -34.51 -18.19 75.44
N GLY DB 527 -33.61 -19.18 75.39
CA GLY DB 527 -32.18 -18.97 75.08
C GLY DB 527 -31.90 -18.73 73.59
N SER DB 528 -32.85 -19.04 72.69
CA SER DB 528 -32.64 -19.12 71.22
C SER DB 528 -32.69 -17.76 70.50
N THR DB 529 -31.91 -17.59 69.42
CA THR DB 529 -32.01 -16.40 68.53
C THR DB 529 -33.05 -16.55 67.41
N GLU DB 530 -33.58 -17.75 67.20
CA GLU DB 530 -34.62 -18.08 66.21
C GLU DB 530 -35.77 -18.85 66.82
N ALA DB 531 -36.93 -18.76 66.17
CA ALA DB 531 -38.14 -19.49 66.50
C ALA DB 531 -39.00 -19.68 65.22
N VAL DB 532 -39.98 -20.58 65.27
CA VAL DB 532 -40.87 -20.90 64.13
C VAL DB 532 -41.80 -19.72 63.78
N ASN DB 533 -42.08 -19.49 62.50
CA ASN DB 533 -42.85 -18.33 62.01
C ASN DB 533 -44.39 -18.42 62.25
N LEU DB 534 -45.12 -17.45 61.68
CA LEU DB 534 -46.45 -16.93 62.07
C LEU DB 534 -47.61 -17.94 62.22
N ASN DB 535 -48.71 -17.50 62.84
CA ASN DB 535 -50.07 -18.03 62.60
C ASN DB 535 -51.26 -17.02 62.71
N ASP DB 536 -51.36 -16.12 63.71
CA ASP DB 536 -52.37 -15.02 63.73
C ASP DB 536 -51.92 -13.72 64.49
N SER DB 537 -52.73 -13.11 65.38
CA SER DB 537 -52.74 -11.65 65.73
C SER DB 537 -52.70 -11.29 67.24
N LEU DB 538 -51.98 -10.23 67.65
CA LEU DB 538 -51.54 -10.06 69.03
C LEU DB 538 -51.21 -8.62 69.47
N ASP DB 539 -52.07 -7.64 69.16
CA ASP DB 539 -51.83 -6.20 69.44
C ASP DB 539 -53.12 -5.49 69.89
N ASN DB 540 -54.08 -6.22 70.47
CA ASN DB 540 -55.45 -5.76 70.30
C ASN DB 540 -56.55 -6.00 71.38
N TYR DB 541 -56.46 -6.87 72.42
CA TYR DB 541 -57.53 -6.95 73.47
C TYR DB 541 -57.19 -7.77 74.73
N ASP DB 542 -58.19 -7.92 75.61
CA ASP DB 542 -58.46 -8.99 76.58
C ASP DB 542 -57.27 -9.85 77.06
N LEU DB 543 -57.06 -11.04 76.47
CA LEU DB 543 -56.35 -12.17 77.07
C LEU DB 543 -55.46 -12.92 76.06
N ILE DB 544 -54.37 -13.49 76.58
CA ILE DB 544 -53.69 -14.64 75.98
C ILE DB 544 -53.41 -15.72 77.03
N GLU DB 545 -53.21 -16.93 76.54
CA GLU DB 545 -52.67 -18.04 77.29
C GLU DB 545 -51.45 -18.55 76.53
N VAL DB 546 -50.47 -19.11 77.21
CA VAL DB 546 -49.36 -19.84 76.56
C VAL DB 546 -49.12 -21.16 77.29
N THR DB 547 -48.71 -22.20 76.57
CA THR DB 547 -48.21 -23.45 77.19
C THR DB 547 -46.68 -23.46 77.23
N TYR DB 548 -46.13 -23.77 78.39
CA TYR DB 548 -44.70 -23.68 78.64
C TYR DB 548 -44.15 -24.91 79.39
N TRP DB 549 -42.83 -25.08 79.34
CA TRP DB 549 -42.07 -26.10 80.05
C TRP DB 549 -40.84 -25.50 80.71
N THR DB 550 -40.38 -26.15 81.78
CA THR DB 550 -39.10 -25.85 82.44
C THR DB 550 -38.31 -27.12 82.72
N ARG DB 551 -36.98 -26.97 82.73
CA ARG DB 551 -36.03 -28.10 82.66
C ARG DB 551 -36.33 -29.21 83.68
N SER DB 552 -36.38 -28.82 84.95
CA SER DB 552 -36.41 -29.75 86.07
C SER DB 552 -37.64 -30.63 86.04
N ALA DB 553 -37.42 -31.94 86.14
CA ALA DB 553 -38.46 -32.96 86.23
C ALA DB 553 -39.49 -33.00 85.07
N GLY DB 554 -39.25 -32.32 83.95
CA GLY DB 554 -40.22 -32.31 82.85
C GLY DB 554 -41.55 -31.65 83.25
N HIS DB 555 -41.53 -30.50 83.91
CA HIS DB 555 -42.76 -29.77 84.20
C HIS DB 555 -43.31 -29.03 82.99
N PHE DB 556 -44.63 -29.18 82.76
CA PHE DB 556 -45.43 -28.40 81.82
C PHE DB 556 -46.57 -27.71 82.57
N SER DB 557 -46.92 -26.50 82.15
CA SER DB 557 -48.14 -25.81 82.57
C SER DB 557 -48.42 -24.60 81.68
N THR DB 558 -49.36 -23.72 82.07
CA THR DB 558 -49.78 -22.57 81.28
C THR DB 558 -49.77 -21.29 82.10
N LYS DB 559 -49.59 -20.16 81.41
CA LYS DB 559 -49.67 -18.83 82.01
C LYS DB 559 -50.69 -18.01 81.22
N ARG DB 560 -51.64 -17.38 81.93
CA ARG DB 560 -52.64 -16.47 81.36
C ARG DB 560 -52.23 -15.03 81.66
N LEU DB 561 -52.13 -14.24 80.61
CA LEU DB 561 -51.81 -12.82 80.67
C LEU DB 561 -53.04 -12.09 80.14
N ASP DB 562 -53.69 -11.32 80.99
CA ASP DB 562 -54.49 -10.21 80.47
C ASP DB 562 -53.53 -9.23 79.79
N ILE DB 563 -53.80 -8.87 78.56
CA ILE DB 563 -52.97 -7.91 77.82
C ILE DB 563 -53.81 -6.77 77.24
N LYS DB 564 -54.91 -6.42 77.93
CA LYS DB 564 -55.42 -5.05 77.91
C LYS DB 564 -54.88 -4.21 79.07
N ASN DB 565 -54.72 -4.80 80.25
CA ASN DB 565 -54.16 -4.15 81.45
C ASN DB 565 -52.60 -4.16 81.52
N THR DB 566 -51.95 -4.81 80.57
CA THR DB 566 -50.56 -5.31 80.61
C THR DB 566 -50.14 -5.66 79.16
N SER DB 567 -48.85 -5.88 78.85
CA SER DB 567 -48.37 -5.95 77.47
C SER DB 567 -47.53 -7.20 77.20
N ASN DB 568 -48.20 -8.36 77.16
CA ASN DB 568 -47.64 -9.67 77.51
C ASN DB 568 -47.07 -9.65 78.95
N LEU DB 569 -45.95 -8.92 79.17
CA LEU DB 569 -45.19 -8.89 80.44
C LEU DB 569 -44.88 -10.34 80.91
N LEU DB 570 -44.46 -11.17 79.93
CA LEU DB 570 -44.25 -12.62 80.01
C LEU DB 570 -42.94 -12.96 80.77
N TYR DB 571 -42.86 -12.45 81.99
CA TYR DB 571 -42.09 -13.10 83.02
C TYR DB 571 -42.73 -14.45 83.32
N ILE DB 572 -42.37 -15.48 82.55
CA ILE DB 572 -42.62 -16.85 82.99
C ILE DB 572 -41.79 -17.05 84.27
N ARG DB 573 -42.48 -17.15 85.39
CA ARG DB 573 -41.90 -17.41 86.71
C ARG DB 573 -42.41 -18.76 87.20
N ASP DB 574 -41.50 -19.71 87.27
CA ASP DB 574 -41.74 -21.09 87.70
C ASP DB 574 -40.60 -21.51 88.62
N PHE DB 575 -40.85 -22.51 89.44
CA PHE DB 575 -39.85 -23.07 90.32
C PHE DB 575 -40.01 -24.57 90.40
N ASN DB 576 -38.99 -25.28 90.81
CA ASN DB 576 -39.06 -26.72 91.05
C ASN DB 576 -38.49 -27.05 92.43
N ILE DB 577 -39.10 -28.01 93.12
CA ILE DB 577 -38.49 -28.63 94.30
C ILE DB 577 -38.02 -30.07 93.99
N SER DB 578 -36.88 -30.44 94.55
CA SER DB 578 -36.28 -31.79 94.45
C SER DB 578 -37.26 -32.94 94.70
N ASN DB 579 -37.32 -33.95 93.82
CA ASN DB 579 -38.32 -35.04 93.88
C ASN DB 579 -37.98 -36.21 94.84
N ASP DB 580 -37.48 -35.95 96.04
CA ASP DB 580 -37.07 -36.99 97.01
C ASP DB 580 -36.98 -36.43 98.44
N SER DB 581 -36.83 -37.27 99.47
CA SER DB 581 -36.76 -36.82 100.88
C SER DB 581 -35.41 -36.24 101.31
N THR DB 582 -34.40 -36.18 100.43
CA THR DB 582 -32.96 -35.97 100.77
C THR DB 582 -32.30 -34.75 100.11
N GLY DB 583 -32.71 -34.37 98.90
CA GLY DB 583 -32.55 -33.00 98.41
C GLY DB 583 -33.57 -32.06 99.09
N SER DB 584 -33.16 -30.85 99.48
CA SER DB 584 -34.06 -29.80 99.99
C SER DB 584 -33.98 -28.50 99.17
N SER DB 585 -33.45 -28.63 97.95
CA SER DB 585 -33.21 -27.50 97.06
C SER DB 585 -34.49 -27.00 96.38
N VAL DB 586 -34.49 -25.71 96.01
CA VAL DB 586 -35.51 -25.05 95.17
C VAL DB 586 -34.86 -24.35 93.98
N ASP DB 587 -35.32 -24.61 92.75
CA ASP DB 587 -34.82 -23.98 91.51
C ASP DB 587 -35.85 -23.03 90.91
N PHE DB 588 -35.52 -21.76 90.69
CA PHE DB 588 -36.41 -20.69 90.19
C PHE DB 588 -36.03 -20.29 88.75
N PHE DB 589 -36.99 -19.99 87.87
CA PHE DB 589 -36.79 -19.75 86.42
C PHE DB 589 -37.50 -18.47 85.91
N GLU DB 590 -36.87 -17.62 85.09
CA GLU DB 590 -37.36 -16.25 84.69
C GLU DB 590 -36.59 -15.62 83.49
N GLY DB 591 -37.01 -14.48 82.88
CA GLY DB 591 -36.17 -13.62 82.01
C GLY DB 591 -36.84 -12.49 81.21
N TYR DB 592 -36.04 -11.61 80.56
CA TYR DB 592 -36.52 -10.65 79.52
C TYR DB 592 -36.76 -11.32 78.16
N CYS DB 593 -37.98 -11.82 77.98
CA CYS DB 593 -38.58 -11.95 76.64
C CYS DB 593 -38.93 -10.56 76.06
N THR DB 594 -38.93 -10.42 74.73
CA THR DB 594 -38.62 -9.12 74.07
C THR DB 594 -39.62 -8.70 72.96
N PHE DB 595 -39.89 -7.38 72.72
CA PHE DB 595 -41.22 -6.98 72.17
C PHE DB 595 -41.47 -5.96 71.00
N PRO DB 596 -40.53 -5.51 70.12
CA PRO DB 596 -40.82 -4.51 69.06
C PRO DB 596 -41.94 -4.80 68.01
N THR DB 597 -42.06 -6.01 67.42
CA THR DB 597 -43.16 -6.47 66.49
C THR DB 597 -43.52 -7.92 66.83
N ARG DB 598 -44.44 -8.17 67.78
CA ARG DB 598 -44.78 -9.51 68.29
C ARG DB 598 -45.95 -10.21 67.60
N THR DB 599 -45.88 -11.54 67.54
CA THR DB 599 -46.95 -12.48 67.11
C THR DB 599 -46.54 -13.88 67.61
N SER DB 600 -45.31 -14.28 67.28
CA SER DB 600 -44.52 -15.20 68.11
C SER DB 600 -43.52 -14.28 68.84
N VAL DB 601 -42.27 -14.70 69.06
CA VAL DB 601 -41.23 -13.79 69.55
C VAL DB 601 -39.91 -14.09 68.87
N GLN DB 602 -38.98 -13.14 68.87
CA GLN DB 602 -37.55 -13.46 68.76
C GLN DB 602 -36.92 -13.38 70.17
N PRO DB 603 -36.45 -14.49 70.79
CA PRO DB 603 -36.07 -14.50 72.20
C PRO DB 603 -34.81 -13.70 72.53
N GLY DB 604 -34.68 -13.33 73.81
CA GLY DB 604 -33.60 -12.51 74.36
C GLY DB 604 -32.88 -13.17 75.55
N MET DB 605 -33.61 -13.29 76.67
CA MET DB 605 -33.05 -13.54 78.00
C MET DB 605 -33.82 -14.62 78.80
N VAL DB 606 -33.07 -15.51 79.47
CA VAL DB 606 -33.57 -16.52 80.44
C VAL DB 606 -32.52 -16.84 81.51
N LYS DB 607 -32.99 -17.13 82.72
CA LYS DB 607 -32.18 -17.29 83.93
C LYS DB 607 -32.73 -18.42 84.77
N SER DB 608 -31.88 -18.99 85.63
CA SER DB 608 -32.38 -19.73 86.78
C SER DB 608 -31.53 -19.46 88.02
N ILE DB 609 -32.12 -19.64 89.20
CA ILE DB 609 -31.52 -19.51 90.54
C ILE DB 609 -31.75 -20.83 91.29
N THR DB 610 -30.76 -21.30 92.06
CA THR DB 610 -30.93 -22.46 92.95
C THR DB 610 -30.71 -22.06 94.41
N LEU DB 611 -31.71 -22.23 95.27
CA LEU DB 611 -31.51 -22.36 96.72
C LEU DB 611 -31.01 -23.79 96.98
N ASP DB 612 -29.70 -23.93 97.08
CA ASP DB 612 -29.00 -25.19 97.28
C ASP DB 612 -29.19 -25.71 98.72
N GLY DB 613 -30.01 -26.73 98.88
CA GLY DB 613 -30.33 -27.30 100.19
C GLY DB 613 -29.17 -28.02 100.85
N SER DB 614 -28.12 -28.36 100.08
CA SER DB 614 -26.89 -29.00 100.61
C SER DB 614 -25.92 -28.00 101.27
N THR DB 615 -26.16 -26.70 101.07
CA THR DB 615 -25.42 -25.60 101.71
C THR DB 615 -26.32 -24.61 102.46
N ASN DB 616 -27.64 -24.66 102.20
CA ASN DB 616 -28.68 -23.68 102.54
C ASN DB 616 -28.57 -22.33 101.78
N THR DB 617 -27.81 -22.26 100.67
CA THR DB 617 -27.46 -21.01 99.97
C THR DB 617 -28.15 -20.82 98.62
N THR DB 618 -28.57 -19.61 98.28
CA THR DB 618 -28.95 -19.26 96.90
C THR DB 618 -27.71 -18.99 96.03
N LYS DB 619 -27.75 -19.39 94.75
CA LYS DB 619 -26.83 -18.93 93.68
C LYS DB 619 -27.60 -18.71 92.38
N VAL DB 620 -27.10 -17.86 91.49
CA VAL DB 620 -27.52 -17.93 90.08
C VAL DB 620 -27.11 -19.32 89.58
N ALA DB 621 -28.01 -20.03 88.89
CA ALA DB 621 -27.78 -21.39 88.37
C ALA DB 621 -27.68 -21.46 86.84
N SER DB 622 -28.28 -20.51 86.14
CA SER DB 622 -28.01 -20.29 84.72
C SER DB 622 -28.21 -18.84 84.32
N TRP DB 623 -27.56 -18.49 83.22
CA TRP DB 623 -27.67 -17.17 82.60
C TRP DB 623 -27.62 -17.29 81.05
N ASN DB 624 -28.74 -17.02 80.39
CA ASN DB 624 -28.97 -17.09 78.93
C ASN DB 624 -28.51 -18.40 78.28
N GLU DB 625 -29.11 -19.51 78.72
CA GLU DB 625 -28.85 -20.89 78.26
C GLU DB 625 -30.08 -21.56 77.63
N LYS DB 626 -29.94 -22.33 76.53
CA LYS DB 626 -31.02 -23.17 76.00
C LYS DB 626 -31.41 -24.30 76.97
N GLU DB 627 -32.61 -24.85 76.79
CA GLU DB 627 -33.21 -25.95 77.55
C GLU DB 627 -33.64 -25.61 78.99
N ARG DB 628 -33.80 -24.31 79.33
CA ARG DB 628 -34.28 -23.84 80.64
C ARG DB 628 -35.78 -23.58 80.72
N ILE DB 629 -36.29 -22.78 79.78
CA ILE DB 629 -37.72 -22.44 79.60
C ILE DB 629 -38.07 -22.58 78.12
N LYS DB 630 -39.18 -23.26 77.81
CA LYS DB 630 -39.73 -23.36 76.45
C LYS DB 630 -41.20 -22.96 76.44
N VAL DB 631 -41.65 -22.27 75.41
CA VAL DB 631 -43.07 -22.07 75.10
C VAL DB 631 -43.41 -22.89 73.85
N TYR DB 632 -44.57 -23.54 73.83
CA TYR DB 632 -44.99 -24.38 72.71
C TYR DB 632 -46.16 -23.82 71.90
N ASN DB 633 -47.01 -23.00 72.51
CA ASN DB 633 -48.09 -22.33 71.80
C ASN DB 633 -48.48 -21.02 72.48
N ILE DB 634 -49.11 -20.15 71.69
CA ILE DB 634 -49.67 -18.88 72.13
C ILE DB 634 -51.12 -18.80 71.66
N MET DB 635 -52.06 -18.65 72.59
CA MET DB 635 -53.50 -18.73 72.36
C MET DB 635 -54.13 -17.38 72.66
N GLY DB 636 -54.82 -16.80 71.69
CA GLY DB 636 -55.59 -15.57 71.92
C GLY DB 636 -56.91 -15.92 72.56
N ILE DB 637 -57.30 -15.25 73.64
CA ILE DB 637 -58.54 -15.56 74.38
C ILE DB 637 -59.31 -14.27 74.70
N ASN DB 638 -60.63 -14.38 74.80
CA ASN DB 638 -61.60 -13.29 74.73
C ASN DB 638 -62.59 -13.31 75.91
N ARG DB 639 -62.84 -12.18 76.59
CA ARG DB 639 -63.74 -12.10 77.76
C ARG DB 639 -64.56 -10.80 77.88
N GLY DB 640 -65.70 -10.88 78.57
CA GLY DB 640 -66.57 -9.75 78.96
C GLY DB 640 -67.73 -9.44 78.01
N ALA EB 2 14.63 37.86 47.70
CA ALA EB 2 15.95 38.50 47.88
C ALA EB 2 17.05 37.84 47.02
N ILE EB 3 18.28 38.36 47.06
CA ILE EB 3 19.33 38.10 46.04
C ILE EB 3 20.49 37.21 46.57
N ALA EB 4 20.95 36.25 45.75
CA ALA EB 4 22.13 35.41 46.00
C ALA EB 4 23.42 36.13 45.58
N THR EB 5 24.39 36.27 46.49
CA THR EB 5 25.60 37.05 46.22
C THR EB 5 26.57 36.37 45.27
N TYR EB 6 27.51 37.16 44.73
CA TYR EB 6 28.66 36.66 43.98
C TYR EB 6 29.38 35.55 44.75
N ASN EB 7 29.71 35.80 46.02
CA ASN EB 7 30.41 34.81 46.81
C ASN EB 7 29.56 33.58 47.11
N SER EB 8 28.23 33.68 47.15
CA SER EB 8 27.40 32.47 47.26
C SER EB 8 27.69 31.53 46.09
N HIS EB 9 27.78 32.04 44.86
CA HIS EB 9 28.16 31.23 43.70
C HIS EB 9 29.56 30.69 43.88
N VAL EB 10 30.49 31.49 44.40
CA VAL EB 10 31.85 31.01 44.72
C VAL EB 10 31.80 29.84 45.70
N GLU EB 11 30.97 29.91 46.72
CA GLU EB 11 30.86 28.84 47.71
C GLU EB 11 30.18 27.60 47.14
N LEU EB 12 29.12 27.77 46.36
CA LEU EB 12 28.47 26.65 45.67
C LEU EB 12 29.44 25.99 44.69
N ALA EB 13 30.28 26.76 44.00
CA ALA EB 13 31.34 26.19 43.18
C ALA EB 13 32.34 25.39 44.04
N LYS EB 14 32.80 25.92 45.18
CA LYS EB 14 33.65 25.14 46.10
C LYS EB 14 32.97 23.82 46.48
N TYR EB 15 31.66 23.84 46.74
CA TYR EB 15 30.91 22.62 47.00
C TYR EB 15 30.93 21.64 45.82
N LEU EB 16 30.67 22.06 44.58
CA LEU EB 16 30.72 21.14 43.43
C LEU EB 16 32.13 20.57 43.31
N VAL EB 17 33.13 21.42 43.46
CA VAL EB 17 34.52 20.98 43.43
C VAL EB 17 34.81 19.97 44.53
N SER EB 18 34.20 20.14 45.70
CA SER EB 18 34.35 19.16 46.77
C SER EB 18 33.70 17.79 46.45
N LYS EB 19 32.76 17.70 45.52
CA LYS EB 19 32.14 16.41 45.13
C LYS EB 19 32.92 15.64 44.08
N ALA EB 20 34.04 16.20 43.60
CA ALA EB 20 34.78 15.73 42.44
C ALA EB 20 34.99 14.22 42.41
N ASP EB 21 35.21 13.58 43.55
CA ASP EB 21 35.41 12.15 43.63
C ASP EB 21 34.27 11.34 42.98
N SER EB 22 33.03 11.80 43.16
CA SER EB 22 31.85 11.15 42.56
C SER EB 22 31.51 11.64 41.15
N VAL EB 23 32.28 12.58 40.61
CA VAL EB 23 32.02 13.19 39.30
C VAL EB 23 32.55 12.32 38.17
N TYR EB 24 31.68 11.95 37.24
CA TYR EB 24 32.06 11.18 36.05
C TYR EB 24 31.57 11.88 34.81
N LEU EB 25 32.47 12.01 33.84
CA LEU EB 25 32.10 12.22 32.45
C LEU EB 25 31.21 11.06 32.04
N THR EB 26 30.23 11.34 31.22
CA THR EB 26 29.40 10.36 30.58
C THR EB 26 29.09 10.80 29.17
N ILE EB 27 28.95 9.84 28.27
CA ILE EB 27 28.64 10.09 26.87
C ILE EB 27 27.52 9.17 26.39
N GLY EB 28 26.78 9.60 25.38
CA GLY EB 28 25.62 8.88 24.89
C GLY EB 28 25.19 9.31 23.50
N LYS EB 29 23.98 8.87 23.11
CA LYS EB 29 23.33 9.13 21.83
C LYS EB 29 24.17 8.63 20.64
N SER EB 30 24.36 7.32 20.62
CA SER EB 30 25.11 6.59 19.60
C SER EB 30 24.31 6.36 18.32
N THR EB 31 23.00 6.53 18.33
CA THR EB 31 22.18 6.55 17.12
C THR EB 31 21.79 7.99 16.74
N PRO EB 32 21.31 8.25 15.52
CA PRO EB 32 21.04 9.60 15.01
C PRO EB 32 20.10 10.47 15.82
N TRP EB 33 20.28 11.78 15.68
CA TRP EB 33 19.19 12.75 15.82
C TRP EB 33 18.21 12.62 14.65
N SER EB 34 17.09 13.34 14.73
CA SER EB 34 16.21 13.53 13.57
C SER EB 34 16.92 14.28 12.45
N ASN EB 35 17.44 15.47 12.75
CA ASN EB 35 18.35 16.17 11.87
C ASN EB 35 19.77 16.06 12.44
N GLU EB 36 20.61 15.22 11.84
CA GLU EB 36 22.00 15.03 12.33
C GLU EB 36 22.83 16.31 12.21
N THR EB 37 22.44 17.27 11.36
CA THR EB 37 23.09 18.58 11.26
C THR EB 37 22.66 19.51 12.38
N ASN EB 38 21.44 19.36 12.89
CA ASN EB 38 20.90 20.19 13.95
C ASN EB 38 20.31 19.38 15.12
N PRO EB 39 21.14 19.05 16.13
CA PRO EB 39 20.71 18.40 17.36
C PRO EB 39 19.56 19.14 18.05
N PRO EB 40 18.65 18.45 18.74
CA PRO EB 40 17.66 19.08 19.59
C PRO EB 40 18.35 19.77 20.77
N GLN EB 41 17.79 20.86 21.28
CA GLN EB 41 18.35 21.58 22.42
C GLN EB 41 18.25 20.76 23.73
N PRO EB 42 19.20 20.88 24.66
CA PRO EB 42 19.27 20.04 25.85
C PRO EB 42 18.13 20.35 26.83
N ASP EB 43 17.24 19.40 27.10
CA ASP EB 43 16.20 19.54 28.12
C ASP EB 43 16.75 19.37 29.55
N GLU EB 44 16.80 20.43 30.35
CA GLU EB 44 17.34 20.42 31.73
C GLU EB 44 16.58 19.53 32.71
N ASN EB 45 15.40 19.07 32.34
CA ASN EB 45 14.67 18.09 33.12
C ASN EB 45 15.31 16.69 33.03
N ALA EB 46 16.15 16.44 32.01
CA ALA EB 46 16.75 15.13 31.80
C ALA EB 46 17.52 14.68 33.04
N THR EB 47 17.34 13.42 33.42
CA THR EB 47 18.08 12.78 34.52
C THR EB 47 19.31 12.01 34.04
N VAL EB 48 19.35 11.62 32.76
CA VAL EB 48 20.36 10.71 32.19
C VAL EB 48 20.56 10.97 30.69
N LEU EB 49 21.73 10.66 30.14
CA LEU EB 49 21.92 10.67 28.68
C LEU EB 49 21.08 9.58 27.99
N GLN EB 50 20.65 9.82 26.76
CA GLN EB 50 20.05 8.77 25.94
C GLN EB 50 21.15 7.80 25.51
N GLU EB 51 20.83 6.51 25.37
CA GLU EB 51 21.75 5.53 24.76
C GLU EB 51 23.15 5.62 25.40
N VAL EB 52 23.19 5.59 26.74
CA VAL EB 52 24.40 5.85 27.52
C VAL EB 52 25.53 4.90 27.14
N ILE EB 53 26.61 5.43 26.59
CA ILE EB 53 27.76 4.61 26.20
C ILE EB 53 28.58 4.22 27.43
N GLY EB 54 28.60 5.06 28.45
CA GLY EB 54 29.26 4.76 29.70
C GLY EB 54 29.65 6.00 30.48
N TYR EB 55 30.64 5.82 31.33
CA TYR EB 55 31.11 6.82 32.26
C TYR EB 55 32.63 6.72 32.39
N LYS EB 56 33.30 7.85 32.55
CA LYS EB 56 34.72 7.91 32.89
C LYS EB 56 34.84 8.89 34.05
N LYS EB 57 35.65 8.59 35.05
CA LYS EB 57 35.87 9.51 36.18
C LYS EB 57 36.41 10.83 35.63
N ALA EB 58 36.02 11.94 36.22
CA ALA EB 58 36.63 13.20 35.82
C ALA EB 58 38.16 13.14 36.08
N THR EB 59 38.92 13.64 35.13
CA THR EB 59 40.37 13.78 35.26
C THR EB 59 40.76 15.10 35.92
N LYS EB 60 40.06 16.20 35.61
CA LYS EB 60 40.26 17.46 36.31
C LYS EB 60 38.96 18.23 36.55
N VAL EB 61 38.65 18.32 37.84
CA VAL EB 61 37.67 19.23 38.46
C VAL EB 61 38.47 20.27 39.25
N THR EB 62 38.18 21.56 39.08
CA THR EB 62 38.83 22.65 39.81
C THR EB 62 38.00 23.90 39.73
N LEU EB 63 38.29 24.90 40.56
CA LEU EB 63 37.85 26.25 40.26
C LEU EB 63 38.77 26.86 39.18
N VAL EB 64 38.22 27.77 38.37
CA VAL EB 64 38.92 28.56 37.34
C VAL EB 64 38.35 29.97 37.32
N ARG EB 65 39.04 30.86 36.61
CA ARG EB 65 38.47 32.09 36.08
C ARG EB 65 39.05 32.35 34.69
N PRO EB 66 38.42 33.20 33.87
CA PRO EB 66 39.11 33.75 32.70
C PRO EB 66 40.45 34.31 33.14
N SER EB 67 41.52 33.90 32.47
CA SER EB 67 42.85 34.43 32.78
C SER EB 67 42.95 35.90 32.40
N LYS EB 68 43.99 36.57 32.88
CA LYS EB 68 44.45 37.87 32.39
C LYS EB 68 45.97 37.98 32.41
N SER EB 69 46.52 38.64 31.40
CA SER EB 69 47.91 39.11 31.39
C SER EB 69 48.03 40.41 32.22
N PRO EB 70 49.18 40.73 32.84
CA PRO EB 70 50.43 39.96 32.88
C PRO EB 70 50.50 38.89 33.98
N GLU EB 71 49.74 39.04 35.05
CA GLU EB 71 49.92 38.29 36.29
C GLU EB 71 49.78 36.77 36.09
N ASP EB 72 48.89 36.33 35.20
CA ASP EB 72 48.65 34.90 34.97
C ASP EB 72 49.64 34.26 33.97
N ASP EB 73 50.51 35.02 33.31
CA ASP EB 73 51.38 34.51 32.26
C ASP EB 73 52.37 33.43 32.76
N ASN EB 74 52.56 33.32 34.06
CA ASN EB 74 53.39 32.31 34.72
C ASN EB 74 52.56 31.43 35.69
N LYS EB 75 51.41 30.94 35.21
CA LYS EB 75 50.57 29.96 35.93
C LYS EB 75 49.99 28.90 34.99
N ASN EB 76 49.37 27.86 35.56
CA ASN EB 76 48.67 26.81 34.81
C ASN EB 76 47.57 27.42 33.93
N LEU EB 77 47.82 27.53 32.64
CA LEU EB 77 46.85 28.05 31.70
C LEU EB 77 46.11 26.95 30.97
N ILE EB 78 44.79 27.08 30.90
CA ILE EB 78 43.88 26.21 30.14
C ILE EB 78 43.32 27.00 28.96
N SER EB 79 43.33 26.48 27.73
CA SER EB 79 42.65 27.16 26.62
C SER EB 79 41.34 26.45 26.27
N TYR EB 80 40.23 27.19 26.37
CA TYR EB 80 38.83 26.73 26.25
C TYR EB 80 37.96 27.83 25.63
N GLY EB 81 37.06 27.48 24.71
CA GLY EB 81 36.09 28.42 24.16
C GLY EB 81 36.73 29.62 23.44
N ASN EB 82 37.91 29.43 22.83
CA ASN EB 82 38.73 30.48 22.22
C ASN EB 82 39.10 31.59 23.22
N LYS EB 83 39.14 31.24 24.50
CA LYS EB 83 39.66 32.05 25.61
C LYS EB 83 40.65 31.23 26.44
N SER EB 84 41.44 31.95 27.23
CA SER EB 84 42.41 31.38 28.16
C SER EB 84 41.97 31.56 29.61
N TRP EB 85 42.10 30.51 30.41
CA TRP EB 85 41.60 30.35 31.77
C TRP EB 85 42.77 29.97 32.68
N VAL EB 86 42.70 30.27 33.97
CA VAL EB 86 43.72 29.82 34.93
C VAL EB 86 43.08 29.02 36.04
N GLU EB 87 43.78 28.02 36.55
CA GLU EB 87 43.32 27.23 37.69
C GLU EB 87 43.35 28.05 38.98
N VAL EB 88 42.31 27.86 39.80
CA VAL EB 88 42.17 28.50 41.10
C VAL EB 88 41.89 27.44 42.15
N THR EB 89 42.57 27.52 43.28
CA THR EB 89 42.47 26.51 44.32
C THR EB 89 41.47 26.90 45.40
N PRO EB 90 40.85 25.93 46.11
CA PRO EB 90 39.72 26.21 46.99
C PRO EB 90 39.92 27.27 48.10
N GLU EB 91 41.13 27.49 48.60
CA GLU EB 91 41.43 28.52 49.61
C GLU EB 91 41.66 29.92 49.02
N ASN EB 92 41.95 30.02 47.72
CA ASN EB 92 42.10 31.28 46.99
C ASN EB 92 40.79 31.80 46.40
N ALA EB 93 39.71 31.01 46.47
CA ALA EB 93 38.54 31.20 45.62
C ALA EB 93 38.01 32.65 45.69
N LYS EB 94 37.71 33.14 46.90
CA LYS EB 94 37.17 34.50 47.09
C LYS EB 94 38.17 35.59 46.71
N ALA EB 95 39.48 35.33 46.81
CA ALA EB 95 40.53 36.31 46.46
C ALA EB 95 40.74 36.44 44.96
N GLU EB 96 40.58 35.35 44.22
CA GLU EB 96 40.64 35.35 42.76
C GLU EB 96 39.30 35.72 42.11
N GLY EB 97 38.18 35.53 42.82
CA GLY EB 97 36.83 35.71 42.29
C GLY EB 97 36.29 34.51 41.49
N ALA EB 98 36.86 33.33 41.72
CA ALA EB 98 36.55 32.13 40.95
C ALA EB 98 35.17 31.56 41.27
N LYS EB 99 34.15 31.91 40.48
CA LYS EB 99 32.84 31.26 40.52
C LYS EB 99 32.64 30.23 39.38
N TRP EB 100 33.71 29.85 38.67
CA TRP EB 100 33.64 28.93 37.55
C TRP EB 100 34.30 27.61 37.90
N VAL EB 101 33.71 26.52 37.44
CA VAL EB 101 34.24 25.17 37.57
C VAL EB 101 34.61 24.65 36.20
N TYR EB 102 35.79 24.04 36.12
CA TYR EB 102 36.31 23.37 34.92
C TYR EB 102 36.25 21.86 35.08
N LEU EB 103 35.55 21.20 34.16
CA LEU EB 103 35.30 19.76 34.19
C LEU EB 103 35.90 19.11 32.97
N GLU EB 104 36.74 18.09 33.12
CA GLU EB 104 37.39 17.41 31.99
C GLU EB 104 37.64 15.91 32.23
N SER EB 105 37.45 15.10 31.18
CA SER EB 105 37.92 13.71 31.12
C SER EB 105 38.27 13.30 29.70
N SER EB 106 39.05 12.23 29.57
CA SER EB 106 39.43 11.63 28.28
C SER EB 106 39.15 10.13 28.27
N ILE EB 107 38.56 9.65 27.19
CA ILE EB 107 38.33 8.23 26.93
C ILE EB 107 39.33 7.83 25.87
N VAL EB 108 40.27 6.97 26.23
CA VAL EB 108 41.28 6.44 25.31
C VAL EB 108 40.73 5.23 24.58
N GLY EB 109 40.65 5.32 23.26
CA GLY EB 109 40.30 4.20 22.40
C GLY EB 109 39.03 3.50 22.86
N ASP EB 110 39.12 2.20 23.08
CA ASP EB 110 37.99 1.33 23.40
C ASP EB 110 37.79 1.04 24.90
N GLU EB 111 38.29 1.88 25.82
CA GLU EB 111 38.08 1.64 27.26
C GLU EB 111 36.61 1.81 27.72
N LEU EB 112 35.78 2.36 26.85
CA LEU EB 112 34.33 2.20 26.78
C LEU EB 112 34.01 1.73 25.35
N PRO EB 113 32.89 1.04 25.07
CA PRO EB 113 32.59 0.51 23.74
C PRO EB 113 32.75 1.57 22.64
N LEU EB 114 33.28 1.19 21.48
CA LEU EB 114 33.50 2.08 20.32
C LEU EB 114 32.19 2.53 19.65
N GLY EB 115 32.31 3.19 18.49
CA GLY EB 115 31.18 3.65 17.68
C GLY EB 115 31.03 5.16 17.76
N THR EB 116 29.84 5.68 17.44
CA THR EB 116 29.59 7.12 17.52
C THR EB 116 28.97 7.54 18.85
N TYR EB 117 29.03 8.84 19.15
CA TYR EB 117 28.31 9.48 20.25
C TYR EB 117 27.89 10.88 19.84
N ARG EB 118 26.89 11.43 20.51
CA ARG EB 118 26.38 12.79 20.26
C ARG EB 118 26.14 13.58 21.56
N GLN EB 119 25.88 12.90 22.67
CA GLN EB 119 25.67 13.57 23.98
C GLN EB 119 26.86 13.40 24.89
N VAL EB 120 27.14 14.46 25.65
CA VAL EB 120 28.25 14.56 26.59
C VAL EB 120 27.71 15.19 27.86
N GLY EB 121 28.06 14.66 29.02
CA GLY EB 121 27.67 15.27 30.30
C GLY EB 121 28.52 14.84 31.47
N PHE EB 122 28.31 15.47 32.61
CA PHE EB 122 28.93 15.10 33.86
C PHE EB 122 27.85 14.79 34.89
N VAL EB 123 27.90 13.59 35.46
CA VAL EB 123 27.12 13.26 36.64
C VAL EB 123 27.93 13.53 37.90
N MET EB 124 27.27 13.58 39.04
CA MET EB 124 27.88 13.36 40.35
C MET EB 124 27.11 12.24 41.07
N ASP EB 125 27.61 11.79 42.21
CA ASP EB 125 27.00 10.74 43.02
C ASP EB 125 26.82 9.41 42.28
N LEU EB 126 27.56 9.22 41.19
CA LEU EB 126 27.70 7.90 40.60
C LEU EB 126 28.31 6.95 41.62
N VAL EB 127 27.72 5.79 41.78
CA VAL EB 127 28.22 4.70 42.62
C VAL EB 127 28.47 3.49 41.74
N ALA EB 128 29.71 3.01 41.65
CA ALA EB 128 30.02 1.76 40.97
C ALA EB 128 29.44 0.54 41.72
N LYS EB 129 29.29 -0.59 41.05
CA LYS EB 129 29.10 -1.88 41.73
C LYS EB 129 30.38 -2.23 42.51
N SER EB 130 30.22 -2.91 43.65
CA SER EB 130 31.30 -3.06 44.62
C SER EB 130 32.57 -3.68 44.02
N GLY EB 131 33.73 -3.22 44.50
CA GLY EB 131 35.03 -3.69 44.05
C GLY EB 131 35.46 -3.17 42.67
N ILE EB 132 34.58 -2.56 41.88
CA ILE EB 132 34.97 -1.95 40.61
C ILE EB 132 35.68 -0.62 40.88
N SER EB 133 37.02 -0.60 40.89
CA SER EB 133 37.83 0.60 41.19
C SER EB 133 38.19 1.46 39.98
N LYS EB 134 38.22 0.86 38.80
CA LYS EB 134 38.62 1.51 37.56
C LYS EB 134 37.80 2.76 37.26
N PHE EB 135 38.45 3.75 36.65
CA PHE EB 135 37.82 5.03 36.30
C PHE EB 135 36.89 4.95 35.11
N ASN EB 136 36.97 3.92 34.27
CA ASN EB 136 36.12 3.75 33.09
C ASN EB 136 35.06 2.66 33.34
N LEU EB 137 33.78 2.98 33.15
CA LEU EB 137 32.65 2.13 33.54
C LEU EB 137 31.56 2.13 32.47
N VAL EB 138 30.97 0.98 32.15
CA VAL EB 138 29.71 0.93 31.38
C VAL EB 138 28.51 0.97 32.33
N PRO EB 139 27.30 1.33 31.88
CA PRO EB 139 26.13 1.46 32.75
C PRO EB 139 25.89 0.23 33.62
N SER EB 140 26.10 -0.97 33.07
CA SER EB 140 25.90 -2.21 33.83
C SER EB 140 26.90 -2.38 34.99
N GLU EB 141 28.07 -1.73 34.95
CA GLU EB 141 29.05 -1.71 36.05
C GLU EB 141 28.71 -0.67 37.12
N VAL EB 142 27.73 0.18 36.85
CA VAL EB 142 27.30 1.23 37.75
C VAL EB 142 26.09 0.74 38.57
N GLU EB 143 26.19 0.86 39.89
CA GLU EB 143 25.16 0.46 40.85
C GLU EB 143 24.07 1.53 40.98
N SER EB 144 24.47 2.79 41.10
CA SER EB 144 23.56 3.93 41.02
C SER EB 144 24.19 5.03 40.19
N THR EB 145 23.45 5.57 39.23
CA THR EB 145 23.99 6.60 38.34
C THR EB 145 24.11 7.96 39.03
N GLY EB 146 23.59 8.13 40.24
CA GLY EB 146 23.56 9.44 40.89
C GLY EB 146 22.74 10.47 40.10
N THR EB 147 23.29 11.67 39.95
CA THR EB 147 22.61 12.81 39.33
C THR EB 147 23.41 13.34 38.14
N LEU EB 148 22.79 13.43 36.96
CA LEU EB 148 23.30 14.24 35.86
C LEU EB 148 23.22 15.72 36.20
N LEU EB 149 24.37 16.31 36.46
CA LEU EB 149 24.54 17.76 36.48
C LEU EB 149 24.58 18.18 34.98
N PHE EB 150 25.70 18.69 34.50
CA PHE EB 150 25.79 19.46 33.27
C PHE EB 150 25.92 18.59 32.01
N PHE EB 151 25.40 19.04 30.88
CA PHE EB 151 25.46 18.28 29.62
C PHE EB 151 25.20 19.14 28.40
N ASP EB 152 25.38 18.54 27.22
CA ASP EB 152 25.07 19.17 25.96
C ASP EB 152 24.79 18.14 24.84
N ASN EB 153 24.12 18.60 23.78
CA ASN EB 153 23.76 17.81 22.61
C ASN EB 153 24.57 18.29 21.40
N LYS EB 154 25.57 17.52 20.98
CA LYS EB 154 26.44 17.83 19.85
C LYS EB 154 26.10 17.04 18.60
N GLN EB 155 26.72 17.38 17.47
CA GLN EB 155 26.71 16.52 16.27
C GLN EB 155 27.49 15.23 16.57
N PHE EB 156 27.31 14.20 15.77
CA PHE EB 156 27.98 12.93 16.05
C PHE EB 156 29.51 13.03 15.89
N GLN EB 157 30.22 12.29 16.72
CA GLN EB 157 31.60 11.92 16.42
C GLN EB 157 31.72 10.42 16.46
N ASN EB 158 32.65 9.90 15.69
CA ASN EB 158 33.10 8.52 15.79
C ASN EB 158 34.22 8.36 16.84
N ARG EB 159 34.33 7.19 17.46
CA ARG EB 159 35.52 6.71 18.15
C ARG EB 159 36.04 5.38 17.58
N SER EB 160 37.36 5.24 17.53
CA SER EB 160 38.10 4.04 17.12
C SER EB 160 39.28 3.77 18.07
N GLU EB 161 39.91 2.60 17.99
CA GLU EB 161 40.96 2.24 18.95
C GLU EB 161 42.09 3.28 19.02
N GLN EB 162 42.36 3.86 17.84
CA GLN EB 162 43.44 4.80 17.60
C GLN EB 162 43.03 6.23 17.96
N THR EB 163 41.74 6.51 18.10
CA THR EB 163 41.27 7.83 18.57
C THR EB 163 41.27 7.93 20.09
N THR EB 164 41.37 9.14 20.60
CA THR EB 164 41.03 9.45 21.98
C THR EB 164 40.13 10.66 21.98
N ALA EB 165 39.08 10.62 22.79
CA ALA EB 165 38.17 11.74 22.97
C ALA EB 165 38.52 12.49 24.26
N LYS EB 166 38.70 13.80 24.17
CA LYS EB 166 38.74 14.72 25.32
C LYS EB 166 37.46 15.52 25.34
N GLU EB 167 36.77 15.48 26.47
CA GLU EB 167 35.54 16.23 26.73
C GLU EB 167 35.69 17.15 27.91
N ARG EB 168 35.06 18.34 27.84
CA ARG EB 168 35.15 19.33 28.91
C ARG EB 168 34.07 20.41 28.88
N PHE EB 169 33.83 21.05 30.01
CA PHE EB 169 33.02 22.27 30.14
C PHE EB 169 33.60 23.25 31.15
N ILE EB 170 33.37 24.55 30.95
CA ILE EB 170 33.44 25.57 32.02
C ILE EB 170 32.04 26.09 32.30
N VAL EB 171 31.64 26.07 33.57
CA VAL EB 171 30.28 26.38 34.01
C VAL EB 171 30.29 27.15 35.33
N GLU EB 172 29.16 27.76 35.63
CA GLU EB 172 28.87 28.35 36.92
C GLU EB 172 27.40 28.12 37.22
N VAL EB 173 27.06 28.07 38.50
CA VAL EB 173 25.78 27.53 38.97
C VAL EB 173 24.56 28.30 38.45
N ASP EB 174 24.70 29.61 38.43
CA ASP EB 174 23.73 30.60 38.02
C ASP EB 174 24.38 31.36 36.88
N PRO EB 175 24.27 30.90 35.63
CA PRO EB 175 24.93 31.57 34.52
C PRO EB 175 24.26 32.88 34.08
N ASN EB 176 23.32 33.49 34.83
CA ASN EB 176 22.70 34.74 34.35
C ASN EB 176 22.16 35.78 35.38
N SER EB 177 22.49 35.71 36.67
CA SER EB 177 22.26 36.82 37.64
C SER EB 177 22.87 38.17 37.26
N ALA FB 2 27.74 28.42 29.74
CA ALA FB 2 27.16 27.06 29.60
C ALA FB 2 26.22 26.73 30.77
N ILE FB 3 25.16 25.92 30.57
CA ILE FB 3 23.96 25.99 31.46
C ILE FB 3 23.99 25.00 32.64
N ALA FB 4 23.45 25.42 33.80
CA ALA FB 4 23.03 24.53 34.89
C ALA FB 4 21.69 23.83 34.53
N THR FB 5 21.35 22.70 35.18
CA THR FB 5 20.04 22.05 35.03
C THR FB 5 19.13 22.30 36.21
N TYR FB 6 17.84 22.08 36.02
CA TYR FB 6 16.87 22.23 37.08
C TYR FB 6 17.25 21.38 38.31
N ASN FB 7 17.58 20.11 38.09
CA ASN FB 7 17.98 19.24 39.18
C ASN FB 7 19.27 19.73 39.85
N SER FB 8 20.15 20.46 39.17
CA SER FB 8 21.30 21.05 39.84
C SER FB 8 20.86 22.09 40.89
N HIS FB 9 19.84 22.91 40.63
CA HIS FB 9 19.30 23.83 41.64
C HIS FB 9 18.68 23.07 42.81
N VAL FB 10 17.97 21.98 42.51
CA VAL FB 10 17.42 21.06 43.52
C VAL FB 10 18.54 20.53 44.42
N GLU FB 11 19.63 20.04 43.83
CA GLU FB 11 20.77 19.56 44.58
C GLU FB 11 21.45 20.69 45.38
N LEU FB 12 21.61 21.89 44.81
CA LEU FB 12 22.21 23.00 45.53
C LEU FB 12 21.33 23.43 46.70
N ALA FB 13 20.01 23.45 46.51
CA ALA FB 13 19.09 23.73 47.60
C ALA FB 13 19.23 22.69 48.73
N LYS FB 14 19.28 21.39 48.40
CA LYS FB 14 19.51 20.32 49.38
C LYS FB 14 20.79 20.56 50.16
N TYR FB 15 21.85 20.97 49.47
CA TYR FB 15 23.09 21.29 50.14
C TYR FB 15 22.95 22.41 51.15
N LEU FB 16 22.28 23.53 50.82
CA LEU FB 16 22.00 24.57 51.81
C LEU FB 16 21.17 24.01 52.98
N VAL FB 17 20.17 23.18 52.71
CA VAL FB 17 19.37 22.56 53.78
C VAL FB 17 20.18 21.57 54.62
N SER FB 18 21.27 21.01 54.09
CA SER FB 18 22.23 20.25 54.89
C SER FB 18 23.07 21.13 55.82
N LYS FB 19 23.20 22.44 55.53
CA LYS FB 19 23.96 23.39 56.35
C LYS FB 19 23.20 24.01 57.51
N ALA FB 20 21.90 23.74 57.63
CA ALA FB 20 20.94 24.36 58.58
C ALA FB 20 21.43 24.50 60.02
N ASP FB 21 22.17 23.52 60.52
CA ASP FB 21 22.67 23.55 61.89
C ASP FB 21 23.62 24.72 62.15
N SER FB 22 24.44 25.05 61.15
CA SER FB 22 25.37 26.19 61.18
C SER FB 22 24.75 27.55 60.79
N VAL FB 23 23.43 27.60 60.54
CA VAL FB 23 22.77 28.78 59.96
C VAL FB 23 22.19 29.70 61.03
N TYR FB 24 22.45 30.99 60.91
CA TYR FB 24 21.99 32.01 61.84
C TYR FB 24 21.36 33.16 61.07
N LEU FB 25 20.28 33.72 61.60
CA LEU FB 25 19.81 35.06 61.25
C LEU FB 25 20.83 36.07 61.79
N THR FB 26 21.08 37.15 61.06
CA THR FB 26 21.79 38.35 61.50
C THR FB 26 20.99 39.60 61.16
N ILE FB 27 21.00 40.60 62.06
CA ILE FB 27 20.29 41.89 61.89
C ILE FB 27 21.21 43.05 62.22
N GLY FB 28 20.99 44.18 61.56
CA GLY FB 28 21.90 45.32 61.64
C GLY FB 28 21.27 46.61 61.14
N LYS FB 29 22.10 47.59 60.81
CA LYS FB 29 21.71 48.92 60.36
C LYS FB 29 20.73 49.57 61.34
N SER FB 30 21.22 49.76 62.57
CA SER FB 30 20.49 50.35 63.70
C SER FB 30 20.39 51.89 63.65
N THR FB 31 21.16 52.57 62.80
CA THR FB 31 21.02 54.00 62.50
C THR FB 31 20.33 54.20 61.14
N PRO FB 32 19.83 55.40 60.82
CA PRO FB 32 19.13 55.69 59.59
C PRO FB 32 19.83 55.33 58.28
N TRP FB 33 19.04 55.10 57.23
CA TRP FB 33 19.46 55.33 55.85
C TRP FB 33 19.62 56.82 55.53
N SER FB 34 20.05 57.13 54.31
CA SER FB 34 19.95 58.48 53.73
C SER FB 34 18.51 58.97 53.69
N ASN FB 35 17.56 58.05 53.46
CA ASN FB 35 16.13 58.28 53.49
C ASN FB 35 15.47 57.04 54.07
N GLU FB 36 14.86 57.14 55.24
CA GLU FB 36 14.29 55.99 55.94
C GLU FB 36 13.10 55.33 55.22
N THR FB 37 12.53 56.00 54.21
CA THR FB 37 11.49 55.45 53.31
C THR FB 37 12.08 54.71 52.10
N ASN FB 38 13.35 54.94 51.76
CA ASN FB 38 13.96 54.45 50.53
C ASN FB 38 15.36 53.90 50.80
N PRO FB 39 15.47 52.72 51.41
CA PRO FB 39 16.74 52.04 51.63
C PRO FB 39 17.55 51.90 50.34
N PRO FB 40 18.89 51.88 50.40
CA PRO FB 40 19.74 51.59 49.24
C PRO FB 40 19.56 50.15 48.79
N GLN FB 41 19.91 49.87 47.53
CA GLN FB 41 19.77 48.52 47.01
C GLN FB 41 20.98 47.67 47.45
N PRO FB 42 20.74 46.45 47.94
CA PRO FB 42 21.74 45.67 48.67
C PRO FB 42 22.88 45.25 47.76
N ASP FB 43 24.11 45.57 48.14
CA ASP FB 43 25.33 45.20 47.44
C ASP FB 43 25.72 43.74 47.72
N GLU FB 44 25.74 42.90 46.68
CA GLU FB 44 26.10 41.49 46.75
C GLU FB 44 27.61 41.24 47.03
N ASN FB 45 28.40 42.26 47.35
CA ASN FB 45 29.77 42.13 47.83
C ASN FB 45 29.92 42.47 49.33
N ALA FB 46 28.85 42.84 50.03
CA ALA FB 46 28.88 42.96 51.48
C ALA FB 46 29.11 41.58 52.11
N THR FB 47 30.23 41.38 52.81
CA THR FB 47 30.47 40.14 53.56
C THR FB 47 29.64 40.05 54.83
N VAL FB 48 29.19 41.19 55.36
CA VAL FB 48 28.49 41.29 56.65
C VAL FB 48 27.62 42.54 56.68
N LEU FB 49 26.58 42.55 57.53
CA LEU FB 49 25.72 43.72 57.70
C LEU FB 49 26.52 44.92 58.21
N GLN FB 50 26.05 46.12 57.88
CA GLN FB 50 26.48 47.34 58.53
C GLN FB 50 25.86 47.39 59.93
N GLU FB 51 26.56 47.90 60.93
CA GLU FB 51 26.03 48.12 62.29
C GLU FB 51 25.45 46.85 62.92
N VAL FB 52 26.24 45.77 62.91
CA VAL FB 52 25.76 44.43 63.28
C VAL FB 52 25.29 44.41 64.71
N ILE FB 53 24.04 44.02 64.93
CA ILE FB 53 23.46 43.87 66.27
C ILE FB 53 23.85 42.51 66.84
N GLY FB 54 23.72 41.45 66.05
CA GLY FB 54 24.16 40.11 66.45
C GLY FB 54 23.74 39.02 65.48
N TYR FB 55 23.62 37.81 66.01
CA TYR FB 55 23.27 36.58 65.30
C TYR FB 55 22.30 35.76 66.15
N LYS FB 56 21.31 35.10 65.55
CA LYS FB 56 20.41 34.16 66.23
C LYS FB 56 20.31 32.87 65.42
N LYS FB 57 20.46 31.70 66.04
CA LYS FB 57 20.41 30.41 65.33
C LYS FB 57 19.10 30.26 64.58
N ALA FB 58 19.12 29.75 63.36
CA ALA FB 58 17.89 29.49 62.64
C ALA FB 58 16.98 28.53 63.43
N THR FB 59 15.66 28.76 63.36
CA THR FB 59 14.64 27.89 63.97
C THR FB 59 14.08 26.85 62.99
N LYS FB 60 14.05 27.16 61.70
CA LYS FB 60 13.61 26.23 60.65
C LYS FB 60 14.32 26.53 59.34
N VAL FB 61 14.89 25.49 58.74
CA VAL FB 61 15.47 25.52 57.38
C VAL FB 61 14.98 24.30 56.60
N THR FB 62 14.40 24.49 55.42
CA THR FB 62 13.82 23.38 54.65
C THR FB 62 13.69 23.73 53.18
N LEU FB 63 13.55 22.69 52.37
CA LEU FB 63 12.97 22.82 51.04
C LEU FB 63 11.48 23.13 51.16
N VAL FB 64 10.98 23.99 50.28
CA VAL FB 64 9.56 24.23 50.03
C VAL FB 64 9.30 24.30 48.54
N ARG FB 65 8.04 24.21 48.15
CA ARG FB 65 7.55 24.75 46.88
C ARG FB 65 6.26 25.52 47.12
N PRO FB 66 5.86 26.45 46.24
CA PRO FB 66 4.49 26.97 46.28
C PRO FB 66 3.49 25.82 46.35
N SER FB 67 2.45 25.97 47.15
CA SER FB 67 1.40 24.98 47.25
C SER FB 67 0.38 25.12 46.12
N LYS FB 68 -0.42 24.07 45.92
CA LYS FB 68 -1.68 24.08 45.16
C LYS FB 68 -2.72 23.09 45.70
N SER FB 69 -3.99 23.47 45.55
CA SER FB 69 -5.16 22.79 46.09
C SER FB 69 -5.95 22.09 44.98
N PRO FB 70 -6.56 20.89 45.18
CA PRO FB 70 -6.71 20.15 46.44
C PRO FB 70 -5.53 19.28 46.85
N GLU FB 71 -4.60 18.96 45.95
CA GLU FB 71 -3.63 17.90 46.16
C GLU FB 71 -2.69 18.15 47.36
N ASP FB 72 -2.23 19.39 47.58
CA ASP FB 72 -1.39 19.72 48.72
C ASP FB 72 -2.17 19.95 50.01
N ASP FB 73 -3.52 19.98 50.00
CA ASP FB 73 -4.31 20.33 51.18
C ASP FB 73 -3.91 19.47 52.41
N ASN FB 74 -3.67 18.18 52.17
CA ASN FB 74 -3.31 17.20 53.19
C ASN FB 74 -1.80 17.07 53.47
N LYS FB 75 -0.99 18.04 53.06
CA LYS FB 75 0.46 18.07 53.29
C LYS FB 75 0.88 19.18 54.29
N ASN FB 76 2.18 19.27 54.54
CA ASN FB 76 2.84 20.21 55.46
C ASN FB 76 2.87 21.65 54.88
N LEU FB 77 1.83 22.45 55.14
CA LEU FB 77 1.72 23.82 54.63
C LEU FB 77 2.35 24.89 55.52
N ILE FB 78 2.73 25.98 54.86
CA ILE FB 78 3.35 27.19 55.39
C ILE FB 78 2.63 28.38 54.78
N SER FB 79 2.34 29.38 55.59
CA SER FB 79 1.75 30.63 55.12
C SER FB 79 2.78 31.75 55.25
N TYR FB 80 3.25 32.31 54.12
CA TYR FB 80 4.23 33.42 54.09
C TYR FB 80 3.84 34.45 53.03
N GLY FB 81 3.92 35.73 53.38
CA GLY FB 81 3.78 36.83 52.42
C GLY FB 81 2.53 36.71 51.56
N ASN FB 82 1.39 36.44 52.19
CA ASN FB 82 0.07 36.32 51.55
C ASN FB 82 -0.03 35.16 50.51
N LYS FB 83 0.91 34.18 50.54
CA LYS FB 83 0.94 32.94 49.72
C LYS FB 83 1.09 31.69 50.59
N SER FB 84 0.59 30.57 50.08
CA SER FB 84 0.69 29.28 50.75
C SER FB 84 1.70 28.36 50.08
N TRP FB 85 2.58 27.76 50.88
CA TRP FB 85 3.76 26.98 50.50
C TRP FB 85 3.67 25.59 51.11
N VAL FB 86 4.28 24.58 50.51
CA VAL FB 86 4.37 23.24 51.09
C VAL FB 86 5.83 22.88 51.31
N GLU FB 87 6.14 22.31 52.48
CA GLU FB 87 7.47 21.76 52.76
C GLU FB 87 7.74 20.50 51.95
N VAL FB 88 9.01 20.28 51.64
CA VAL FB 88 9.46 19.08 50.95
C VAL FB 88 10.65 18.48 51.69
N THR FB 89 10.75 17.15 51.72
CA THR FB 89 11.85 16.43 52.38
C THR FB 89 13.02 16.17 51.42
N PRO FB 90 14.28 16.18 51.91
CA PRO FB 90 15.49 15.98 51.09
C PRO FB 90 15.53 14.79 50.11
N GLU FB 91 14.92 13.66 50.39
CA GLU FB 91 14.87 12.52 49.45
C GLU FB 91 13.80 12.66 48.35
N ASN FB 92 12.71 13.38 48.60
CA ASN FB 92 11.66 13.66 47.60
C ASN FB 92 11.96 14.88 46.74
N ALA FB 93 13.03 15.64 47.02
CA ALA FB 93 13.27 16.96 46.46
C ALA FB 93 13.22 17.01 44.94
N LYS FB 94 13.74 16.00 44.25
CA LYS FB 94 13.68 15.92 42.78
C LYS FB 94 12.26 15.64 42.25
N ALA FB 95 11.50 14.79 42.92
CA ALA FB 95 10.12 14.43 42.54
C ALA FB 95 9.13 15.58 42.74
N GLU FB 96 9.34 16.38 43.79
CA GLU FB 96 8.58 17.60 44.06
C GLU FB 96 9.31 18.88 43.61
N GLY FB 97 10.40 18.76 42.85
CA GLY FB 97 11.03 19.88 42.15
C GLY FB 97 11.48 21.04 43.05
N ALA FB 98 11.77 20.77 44.33
CA ALA FB 98 11.66 21.73 45.43
C ALA FB 98 12.87 22.67 45.63
N LYS FB 99 13.27 23.40 44.58
CA LYS FB 99 14.46 24.25 44.59
C LYS FB 99 14.37 25.52 45.46
N TRP FB 100 13.33 25.73 46.27
CA TRP FB 100 13.23 26.89 47.19
C TRP FB 100 13.63 26.50 48.59
N VAL FB 101 14.43 27.35 49.23
CA VAL FB 101 14.76 27.22 50.63
C VAL FB 101 13.98 28.25 51.43
N TYR FB 102 13.36 27.76 52.50
CA TYR FB 102 12.69 28.55 53.51
C TYR FB 102 13.63 28.67 54.71
N LEU FB 103 13.87 29.91 55.16
CA LEU FB 103 14.72 30.22 56.31
C LEU FB 103 13.92 31.04 57.29
N GLU FB 104 13.95 30.65 58.56
CA GLU FB 104 13.28 31.41 59.62
C GLU FB 104 14.05 31.43 60.95
N SER FB 105 14.10 32.59 61.60
CA SER FB 105 14.46 32.69 63.01
C SER FB 105 13.70 33.79 63.72
N SER FB 106 13.72 33.74 65.05
CA SER FB 106 13.01 34.67 65.91
C SER FB 106 13.89 35.10 67.06
N ILE FB 107 13.93 36.39 67.35
CA ILE FB 107 14.70 36.94 68.50
C ILE FB 107 13.70 37.39 69.58
N VAL FB 108 13.71 36.75 70.76
CA VAL FB 108 12.73 37.03 71.83
C VAL FB 108 13.21 38.20 72.67
N GLY FB 109 12.54 39.35 72.53
CA GLY FB 109 12.78 40.53 73.35
C GLY FB 109 14.27 40.91 73.37
N ASP FB 110 14.78 41.13 74.57
CA ASP FB 110 16.10 41.73 74.85
C ASP FB 110 17.27 40.73 74.84
N GLU FB 111 17.11 39.51 74.31
CA GLU FB 111 18.22 38.54 74.24
C GLU FB 111 19.37 38.98 73.32
N LEU FB 112 19.09 39.88 72.37
CA LEU FB 112 20.07 40.76 71.71
C LEU FB 112 19.70 42.20 72.09
N PRO FB 113 20.66 43.14 72.11
CA PRO FB 113 20.44 44.53 72.54
C PRO FB 113 19.21 45.23 71.89
N LEU FB 114 18.47 46.07 72.63
CA LEU FB 114 17.21 46.69 72.16
C LEU FB 114 17.39 48.01 71.39
N GLY FB 115 16.64 48.17 70.30
CA GLY FB 115 16.70 49.31 69.39
C GLY FB 115 16.14 48.99 68.00
N THR FB 116 16.43 49.85 67.02
CA THR FB 116 16.02 49.62 65.62
C THR FB 116 17.01 48.80 64.80
N TYR FB 117 16.52 48.24 63.69
CA TYR FB 117 17.29 47.57 62.65
C TYR FB 117 16.67 47.87 61.29
N ARG FB 118 17.49 47.86 60.23
CA ARG FB 118 17.06 48.06 58.82
C ARG FB 118 17.62 47.01 57.87
N GLN FB 119 18.47 46.13 58.36
CA GLN FB 119 19.00 45.01 57.60
C GLN FB 119 18.64 43.69 58.28
N VAL FB 120 18.33 42.71 57.45
CA VAL FB 120 18.01 41.34 57.83
C VAL FB 120 18.80 40.44 56.90
N GLY FB 121 19.45 39.40 57.41
CA GLY FB 121 20.14 38.41 56.57
C GLY FB 121 20.41 37.09 57.27
N PHE FB 122 20.80 36.07 56.52
CA PHE FB 122 21.16 34.76 57.05
C PHE FB 122 22.60 34.42 56.68
N VAL FB 123 23.33 33.86 57.65
CA VAL FB 123 24.70 33.34 57.49
C VAL FB 123 24.71 31.83 57.67
N MET FB 124 25.62 31.12 57.00
CA MET FB 124 25.99 29.73 57.30
C MET FB 124 27.43 29.68 57.82
N ASP FB 125 27.87 28.51 58.32
CA ASP FB 125 29.24 28.30 58.83
C ASP FB 125 29.63 29.24 59.98
N LEU FB 126 28.65 29.86 60.63
CA LEU FB 126 28.91 30.66 61.81
C LEU FB 126 29.39 29.72 62.91
N VAL FB 127 30.48 30.10 63.59
CA VAL FB 127 31.01 29.37 64.74
C VAL FB 127 31.32 30.35 65.86
N ALA FB 128 30.86 30.04 67.07
CA ALA FB 128 31.11 30.82 68.28
C ALA FB 128 32.48 30.50 68.89
N LYS FB 129 33.03 31.44 69.68
CA LYS FB 129 34.20 31.16 70.52
C LYS FB 129 33.87 30.05 71.50
N SER FB 130 34.87 29.25 71.84
CA SER FB 130 34.67 28.10 72.71
C SER FB 130 34.07 28.49 74.07
N GLY FB 131 33.25 27.59 74.60
CA GLY FB 131 32.45 27.82 75.80
C GLY FB 131 31.08 28.42 75.52
N ILE FB 132 30.93 29.25 74.48
CA ILE FB 132 29.64 29.84 74.14
C ILE FB 132 28.77 28.81 73.42
N SER FB 133 27.64 28.46 74.04
CA SER FB 133 26.67 27.47 73.55
C SER FB 133 25.28 28.06 73.23
N LYS FB 134 24.94 29.19 73.86
CA LYS FB 134 23.71 29.94 73.63
C LYS FB 134 23.54 30.33 72.16
N PHE FB 135 22.30 30.42 71.71
CA PHE FB 135 21.97 30.59 70.29
C PHE FB 135 21.81 32.06 69.85
N ASN FB 136 21.86 33.02 70.76
CA ASN FB 136 21.89 34.46 70.51
C ASN FB 136 23.31 34.96 70.75
N LEU FB 137 23.93 35.63 69.77
CA LEU FB 137 25.35 36.01 69.82
C LEU FB 137 25.58 37.46 69.40
N VAL FB 138 26.37 38.23 70.13
CA VAL FB 138 26.87 39.53 69.66
C VAL FB 138 28.24 39.34 69.00
N PRO FB 139 28.72 40.28 68.15
CA PRO FB 139 29.92 40.07 67.33
C PRO FB 139 31.21 39.71 68.07
N SER FB 140 31.41 40.17 69.30
CA SER FB 140 32.59 39.78 70.09
C SER FB 140 32.56 38.29 70.50
N GLU FB 141 31.39 37.67 70.58
CA GLU FB 141 31.24 36.26 70.98
C GLU FB 141 31.58 35.30 69.85
N VAL FB 142 31.44 35.73 68.59
CA VAL FB 142 31.62 34.90 67.39
C VAL FB 142 33.10 34.64 67.08
N GLU FB 143 33.48 33.38 66.84
CA GLU FB 143 34.85 33.03 66.45
C GLU FB 143 35.04 33.22 64.94
N SER FB 144 34.13 32.64 64.15
CA SER FB 144 34.04 32.85 62.71
C SER FB 144 32.62 33.22 62.34
N THR FB 145 32.47 34.31 61.61
CA THR FB 145 31.16 34.72 61.11
C THR FB 145 30.67 33.81 59.99
N GLY FB 146 31.46 32.83 59.54
CA GLY FB 146 31.08 31.97 58.43
C GLY FB 146 30.92 32.76 57.13
N THR FB 147 29.77 32.66 56.47
CA THR FB 147 29.47 33.48 55.27
C THR FB 147 28.04 34.02 55.29
N LEU FB 148 27.84 35.30 54.95
CA LEU FB 148 26.53 35.88 54.68
C LEU FB 148 25.97 35.39 53.35
N LEU FB 149 24.93 34.59 53.41
CA LEU FB 149 24.30 34.04 52.23
C LEU FB 149 23.30 35.02 51.62
N PHE FB 150 22.31 35.43 52.42
CA PHE FB 150 21.18 36.21 51.94
C PHE FB 150 20.94 37.39 52.86
N PHE FB 151 20.58 38.55 52.34
CA PHE FB 151 20.18 39.71 53.14
C PHE FB 151 19.36 40.73 52.35
N ASP FB 152 18.80 41.70 53.04
CA ASP FB 152 18.00 42.75 52.44
C ASP FB 152 18.14 44.07 53.22
N ASN FB 153 17.97 45.20 52.53
CA ASN FB 153 17.88 46.52 53.15
C ASN FB 153 16.41 46.94 53.28
N LYS FB 154 15.78 46.58 54.39
CA LYS FB 154 14.40 46.96 54.69
C LYS FB 154 14.30 48.42 55.15
N GLN FB 155 13.07 48.93 55.25
CA GLN FB 155 12.77 50.04 56.18
C GLN FB 155 12.93 49.60 57.63
N PHE FB 156 13.13 50.53 58.56
CA PHE FB 156 13.41 50.17 59.95
C PHE FB 156 12.26 49.42 60.63
N GLN FB 157 12.60 48.70 61.70
CA GLN FB 157 11.71 48.29 62.79
C GLN FB 157 12.39 48.56 64.12
N ASN FB 158 11.64 48.65 65.22
CA ASN FB 158 12.18 48.70 66.58
C ASN FB 158 11.89 47.42 67.36
N ARG FB 159 12.87 46.93 68.10
CA ARG FB 159 12.74 45.81 69.04
C ARG FB 159 12.67 46.33 70.48
N SER FB 160 11.70 45.84 71.26
CA SER FB 160 11.48 46.17 72.67
C SER FB 160 11.33 44.89 73.49
N GLU FB 161 11.24 44.98 74.82
CA GLU FB 161 11.11 43.81 75.70
C GLU FB 161 9.95 42.87 75.33
N GLN FB 162 8.83 43.41 74.84
CA GLN FB 162 7.64 42.63 74.47
C GLN FB 162 7.69 41.97 73.09
N THR FB 163 8.60 42.40 72.21
CA THR FB 163 8.55 42.02 70.79
C THR FB 163 9.50 40.86 70.50
N THR FB 164 8.96 39.75 70.02
CA THR FB 164 9.78 38.71 69.39
C THR FB 164 9.94 39.05 67.91
N ALA FB 165 11.11 39.52 67.48
CA ALA FB 165 11.38 39.80 66.06
C ALA FB 165 11.57 38.48 65.30
N LYS FB 166 10.47 37.89 64.82
CA LYS FB 166 10.49 36.89 63.76
C LYS FB 166 10.86 37.56 62.45
N GLU FB 167 11.76 36.96 61.71
CA GLU FB 167 12.05 37.27 60.30
C GLU FB 167 12.22 35.96 59.54
N ARG FB 168 11.80 35.93 58.27
CA ARG FB 168 11.99 34.77 57.42
C ARG FB 168 12.09 35.13 55.95
N PHE FB 169 12.76 34.28 55.19
CA PHE FB 169 12.87 34.40 53.75
C PHE FB 169 12.46 33.10 53.08
N ILE FB 170 11.78 33.21 51.94
CA ILE FB 170 11.76 32.18 50.90
C ILE FB 170 12.63 32.71 49.77
N VAL FB 171 13.60 31.91 49.35
CA VAL FB 171 14.63 32.21 48.35
C VAL FB 171 14.96 30.94 47.55
N GLU FB 172 15.55 31.07 46.37
CA GLU FB 172 16.16 29.97 45.60
C GLU FB 172 17.52 30.42 45.10
N VAL FB 173 18.40 29.46 44.82
CA VAL FB 173 19.81 29.73 44.51
C VAL FB 173 20.04 30.57 43.25
N ASP FB 174 19.10 30.48 42.33
CA ASP FB 174 19.14 31.11 41.02
C ASP FB 174 17.73 31.65 40.79
N PRO FB 175 17.40 32.83 41.33
CA PRO FB 175 16.04 33.33 41.30
C PRO FB 175 15.55 33.72 39.90
N ASN FB 176 16.34 33.55 38.83
CA ASN FB 176 16.03 34.13 37.51
C ASN FB 176 16.59 33.38 36.26
N SER FB 177 16.88 32.07 36.30
CA SER FB 177 16.97 31.28 35.05
C SER FB 177 15.62 31.05 34.39
N ALA GB 2 -17.53 47.71 100.08
CA ALA GB 2 -17.15 46.30 100.31
C ALA GB 2 -16.52 45.65 99.07
N ILE GB 3 -15.63 44.66 99.23
CA ILE GB 3 -14.76 44.12 98.16
C ILE GB 3 -15.47 43.24 97.13
N ALA GB 4 -15.06 43.34 95.87
CA ALA GB 4 -15.33 42.34 94.83
C ALA GB 4 -14.57 41.04 95.14
N THR GB 5 -15.04 39.88 94.68
CA THR GB 5 -14.36 38.59 94.90
C THR GB 5 -13.55 38.14 93.68
N TYR GB 6 -12.64 37.16 93.85
CA TYR GB 6 -11.85 36.64 92.73
C TYR GB 6 -12.77 36.02 91.67
N ASN GB 7 -13.78 35.24 92.08
CA ASN GB 7 -14.74 34.65 91.15
C ASN GB 7 -15.68 35.69 90.50
N SER GB 8 -15.88 36.86 91.11
CA SER GB 8 -16.52 37.98 90.40
C SER GB 8 -15.68 38.40 89.20
N HIS GB 9 -14.35 38.50 89.35
CA HIS GB 9 -13.44 38.82 88.26
C HIS GB 9 -13.40 37.72 87.20
N VAL GB 10 -13.57 36.44 87.59
CA VAL GB 10 -13.78 35.33 86.64
C VAL GB 10 -15.07 35.46 85.82
N GLU GB 11 -16.20 35.75 86.47
CA GLU GB 11 -17.47 35.97 85.77
C GLU GB 11 -17.45 37.19 84.85
N LEU GB 12 -16.81 38.27 85.28
CA LEU GB 12 -16.62 39.48 84.48
C LEU GB 12 -15.66 39.24 83.30
N ALA GB 13 -14.65 38.39 83.47
CA ALA GB 13 -13.85 37.90 82.36
C ALA GB 13 -14.68 37.01 81.39
N LYS GB 14 -15.50 36.07 81.90
CA LYS GB 14 -16.44 35.30 81.05
C LYS GB 14 -17.37 36.22 80.28
N TYR GB 15 -17.88 37.27 80.92
CA TYR GB 15 -18.71 38.28 80.25
C TYR GB 15 -17.96 38.95 79.10
N LEU GB 16 -16.74 39.44 79.32
CA LEU GB 16 -15.91 39.96 78.24
C LEU GB 16 -15.66 38.93 77.13
N VAL GB 17 -15.25 37.72 77.48
CA VAL GB 17 -14.96 36.70 76.47
C VAL GB 17 -16.24 36.25 75.73
N SER GB 18 -17.40 36.30 76.37
CA SER GB 18 -18.68 36.10 75.68
C SER GB 18 -18.94 37.18 74.61
N LYS GB 19 -18.45 38.41 74.82
CA LYS GB 19 -18.54 39.51 73.84
C LYS GB 19 -17.60 39.36 72.63
N ALA GB 20 -16.80 38.29 72.55
CA ALA GB 20 -15.72 38.08 71.57
C ALA GB 20 -16.07 38.45 70.12
N ASP GB 21 -17.25 38.13 69.63
CA ASP GB 21 -17.61 38.40 68.22
C ASP GB 21 -17.58 39.90 67.88
N SER GB 22 -17.86 40.74 68.86
CA SER GB 22 -17.79 42.19 68.71
C SER GB 22 -16.41 42.81 68.95
N VAL GB 23 -15.39 41.99 69.23
CA VAL GB 23 -14.07 42.48 69.64
C VAL GB 23 -13.16 42.77 68.46
N TYR GB 24 -12.57 43.95 68.44
CA TYR GB 24 -11.61 44.40 67.44
C TYR GB 24 -10.33 44.92 68.10
N LEU GB 25 -9.18 44.57 67.54
CA LEU GB 25 -7.94 45.33 67.68
C LEU GB 25 -8.13 46.70 67.03
N THR GB 26 -7.50 47.72 67.58
CA THR GB 26 -7.35 49.05 67.00
C THR GB 26 -5.93 49.58 67.18
N ILE GB 27 -5.47 50.36 66.21
CA ILE GB 27 -4.14 50.97 66.23
C ILE GB 27 -4.21 52.42 65.77
N GLY GB 28 -3.27 53.21 66.25
CA GLY GB 28 -3.25 54.66 66.06
C GLY GB 28 -1.91 55.27 66.43
N LYS GB 29 -1.91 56.59 66.59
CA LYS GB 29 -0.73 57.40 66.89
C LYS GB 29 0.34 57.17 65.83
N SER GB 30 -0.01 57.50 64.59
CA SER GB 30 0.84 57.32 63.41
C SER GB 30 1.98 58.34 63.31
N THR GB 31 1.91 59.48 63.99
CA THR GB 31 3.02 60.42 64.13
C THR GB 31 3.77 60.20 65.44
N PRO GB 32 5.02 60.70 65.57
CA PRO GB 32 5.80 60.59 66.78
C PRO GB 32 5.11 61.02 68.07
N TRP GB 33 5.53 60.41 69.16
CA TRP GB 33 5.52 61.00 70.50
C TRP GB 33 6.54 62.16 70.59
N SER GB 34 6.44 63.00 71.61
CA SER GB 34 7.52 63.95 71.91
C SER GB 34 8.82 63.19 72.15
N ASN GB 35 8.75 62.06 72.86
CA ASN GB 35 9.84 61.10 72.94
C ASN GB 35 9.42 59.72 72.45
N GLU GB 36 10.04 59.28 71.36
CA GLU GB 36 9.78 57.99 70.71
C GLU GB 36 10.49 56.82 71.42
N THR GB 37 11.50 57.07 72.25
CA THR GB 37 12.18 56.05 73.06
C THR GB 37 11.37 55.67 74.30
N ASN GB 38 10.40 56.50 74.68
CA ASN GB 38 9.58 56.30 75.87
C ASN GB 38 8.20 56.95 75.66
N PRO GB 39 7.23 56.18 75.15
CA PRO GB 39 5.85 56.61 75.03
C PRO GB 39 5.31 57.08 76.38
N PRO GB 40 4.38 58.04 76.38
CA PRO GB 40 3.74 58.49 77.61
C PRO GB 40 2.92 57.36 78.25
N GLN GB 41 2.91 57.24 79.58
CA GLN GB 41 2.00 56.30 80.24
C GLN GB 41 0.55 56.63 79.90
N PRO GB 42 -0.30 55.61 79.77
CA PRO GB 42 -1.64 55.80 79.24
C PRO GB 42 -2.60 56.48 80.24
N ASP GB 43 -3.73 56.98 79.74
CA ASP GB 43 -4.82 57.64 80.49
C ASP GB 43 -6.12 56.82 80.40
N GLU GB 44 -6.66 56.30 81.51
CA GLU GB 44 -7.87 55.47 81.45
C GLU GB 44 -9.18 56.22 81.14
N ASN GB 45 -9.17 57.55 81.10
CA ASN GB 45 -10.36 58.32 80.74
C ASN GB 45 -10.58 58.41 79.23
N ALA GB 46 -9.66 57.91 78.41
CA ALA GB 46 -9.82 57.88 76.96
C ALA GB 46 -11.02 57.04 76.50
N THR GB 47 -11.53 57.38 75.32
CA THR GB 47 -12.67 56.70 74.67
C THR GB 47 -12.31 56.09 73.30
N VAL GB 48 -11.15 56.48 72.75
CA VAL GB 48 -10.61 56.14 71.43
C VAL GB 48 -9.09 56.34 71.42
N LEU GB 49 -8.37 55.78 70.44
CA LEU GB 49 -6.96 56.10 70.21
C LEU GB 49 -6.79 57.53 69.63
N GLN GB 50 -5.63 58.15 69.82
CA GLN GB 50 -5.23 59.33 69.05
C GLN GB 50 -4.83 58.92 67.63
N GLU GB 51 -5.04 59.78 66.62
CA GLU GB 51 -4.58 59.55 65.23
C GLU GB 51 -4.89 58.12 64.73
N VAL GB 52 -6.15 57.70 64.84
CA VAL GB 52 -6.52 56.30 64.62
C VAL GB 52 -6.26 55.89 63.17
N ILE GB 53 -5.59 54.76 62.98
CA ILE GB 53 -5.35 54.19 61.65
C ILE GB 53 -6.49 53.23 61.29
N GLY GB 54 -6.97 52.43 62.25
CA GLY GB 54 -8.13 51.58 62.01
C GLY GB 54 -8.38 50.52 63.07
N TYR GB 55 -9.14 49.53 62.64
CA TYR GB 55 -9.63 48.41 63.43
C TYR GB 55 -9.51 47.11 62.64
N LYS GB 56 -9.18 46.03 63.34
CA LYS GB 56 -9.14 44.67 62.79
C LYS GB 56 -9.86 43.74 63.76
N LYS GB 57 -10.78 42.89 63.29
CA LYS GB 57 -11.47 41.92 64.14
C LYS GB 57 -10.47 41.03 64.88
N ALA GB 58 -10.74 40.71 66.15
CA ALA GB 58 -9.83 39.90 66.94
C ALA GB 58 -9.68 38.51 66.32
N THR GB 59 -8.45 38.02 66.23
CA THR GB 59 -8.24 36.62 65.88
C THR GB 59 -8.32 35.73 67.11
N LYS GB 60 -7.96 36.24 68.30
CA LYS GB 60 -7.92 35.46 69.53
C LYS GB 60 -8.43 36.26 70.71
N VAL GB 61 -9.65 35.96 71.15
CA VAL GB 61 -10.16 36.31 72.48
C VAL GB 61 -10.27 35.01 73.28
N THR GB 62 -9.60 34.93 74.44
CA THR GB 62 -9.72 33.76 75.34
C THR GB 62 -9.46 34.12 76.81
N LEU GB 63 -10.04 33.36 77.75
CA LEU GB 63 -9.55 33.37 79.12
C LEU GB 63 -8.16 32.74 79.17
N VAL GB 64 -7.35 33.17 80.13
CA VAL GB 64 -6.04 32.57 80.44
C VAL GB 64 -5.78 32.58 81.95
N ARG GB 65 -4.73 31.87 82.37
CA ARG GB 65 -4.07 31.95 83.67
C ARG GB 65 -2.59 31.53 83.52
N PRO GB 66 -1.67 31.87 84.44
CA PRO GB 66 -0.34 31.24 84.48
C PRO GB 66 -0.46 29.72 84.42
N SER GB 67 0.38 29.04 83.67
CA SER GB 67 0.41 27.57 83.62
C SER GB 67 0.95 26.95 84.92
N LYS GB 68 0.68 25.65 85.15
CA LYS GB 68 1.27 24.85 86.24
C LYS GB 68 1.52 23.40 85.80
N SER GB 69 2.77 22.98 85.86
CA SER GB 69 3.25 21.65 85.47
C SER GB 69 3.16 20.68 86.65
N PRO GB 70 2.93 19.36 86.46
CA PRO GB 70 2.73 18.63 85.21
C PRO GB 70 1.29 18.65 84.63
N GLU GB 71 0.27 19.00 85.40
CA GLU GB 71 -1.12 18.86 84.96
C GLU GB 71 -1.47 19.71 83.73
N ASP GB 72 -0.93 20.94 83.59
CA ASP GB 72 -1.14 21.75 82.40
C ASP GB 72 -0.29 21.35 81.19
N ASP GB 73 0.67 20.43 81.32
CA ASP GB 73 1.61 20.14 80.23
C ASP GB 73 0.89 19.69 78.94
N ASN GB 74 -0.33 19.17 79.07
CA ASN GB 74 -1.20 18.78 77.98
C ASN GB 74 -2.43 19.70 77.84
N LYS GB 75 -2.22 21.00 78.09
CA LYS GB 75 -3.10 22.13 77.71
C LYS GB 75 -2.38 23.11 76.78
N ASN GB 76 -3.11 24.12 76.30
CA ASN GB 76 -2.65 25.06 75.29
C ASN GB 76 -1.78 26.16 75.89
N LEU GB 77 -0.45 26.04 75.81
CA LEU GB 77 0.47 27.01 76.41
C LEU GB 77 0.75 28.21 75.52
N ILE GB 78 0.94 29.36 76.16
CA ILE GB 78 1.24 30.65 75.54
C ILE GB 78 2.45 31.26 76.24
N SER GB 79 3.35 31.82 75.45
CA SER GB 79 4.53 32.53 75.93
C SER GB 79 4.37 34.02 75.60
N TYR GB 80 4.32 34.86 76.63
CA TYR GB 80 4.04 36.31 76.54
C TYR GB 80 4.74 37.06 77.67
N GLY GB 81 5.20 38.29 77.41
CA GLY GB 81 5.61 39.20 78.48
C GLY GB 81 6.62 38.61 79.47
N ASN GB 82 7.57 37.80 78.99
CA ASN GB 82 8.59 37.05 79.75
C ASN GB 82 8.10 35.77 80.49
N LYS GB 83 6.82 35.38 80.39
CA LYS GB 83 6.14 34.35 81.23
C LYS GB 83 5.40 33.27 80.40
N SER GB 84 5.09 32.13 81.03
CA SER GB 84 4.25 31.06 80.47
C SER GB 84 2.81 31.12 81.03
N TRP GB 85 1.84 30.93 80.16
CA TRP GB 85 0.41 31.03 80.42
C TRP GB 85 -0.33 29.84 79.79
N VAL GB 86 -1.57 29.57 80.18
CA VAL GB 86 -2.47 28.62 79.52
C VAL GB 86 -3.80 29.28 79.22
N GLU GB 87 -4.37 28.98 78.06
CA GLU GB 87 -5.76 29.31 77.77
C GLU GB 87 -6.73 28.59 78.71
N VAL GB 88 -7.93 29.12 78.84
CA VAL GB 88 -9.05 28.46 79.49
C VAL GB 88 -10.31 28.71 78.67
N THR GB 89 -11.18 27.70 78.51
CA THR GB 89 -12.48 27.85 77.84
C THR GB 89 -13.59 28.33 78.79
N PRO GB 90 -14.62 29.05 78.30
CA PRO GB 90 -15.69 29.62 79.12
C PRO GB 90 -16.35 28.67 80.11
N GLU GB 91 -16.68 27.45 79.70
CA GLU GB 91 -17.31 26.44 80.55
C GLU GB 91 -16.38 25.81 81.59
N ASN GB 92 -15.11 26.21 81.64
CA ASN GB 92 -14.13 25.76 82.64
C ASN GB 92 -13.54 26.92 83.47
N ALA GB 93 -14.00 28.15 83.28
CA ALA GB 93 -13.40 29.33 83.91
C ALA GB 93 -13.31 29.26 85.44
N LYS GB 94 -14.43 29.02 86.15
CA LYS GB 94 -14.46 28.94 87.61
C LYS GB 94 -13.79 27.67 88.15
N ALA GB 95 -13.76 26.59 87.39
CA ALA GB 95 -12.97 25.44 87.79
C ALA GB 95 -11.45 25.71 87.71
N GLU GB 96 -11.00 26.65 86.86
CA GLU GB 96 -9.58 26.96 86.64
C GLU GB 96 -9.08 28.24 87.36
N GLY GB 97 -9.96 29.17 87.72
CA GLY GB 97 -9.58 30.48 88.28
C GLY GB 97 -9.13 31.51 87.22
N ALA GB 98 -9.67 31.42 86.00
CA ALA GB 98 -9.21 32.15 84.81
C ALA GB 98 -9.73 33.60 84.68
N LYS GB 99 -9.32 34.48 85.59
CA LYS GB 99 -9.67 35.92 85.60
C LYS GB 99 -8.90 36.80 84.59
N TRP GB 100 -7.83 36.29 84.00
CA TRP GB 100 -7.15 37.01 82.93
C TRP GB 100 -7.88 36.78 81.60
N VAL GB 101 -7.76 37.75 80.72
CA VAL GB 101 -8.16 37.64 79.31
C VAL GB 101 -6.91 37.82 78.45
N TYR GB 102 -6.78 37.01 77.41
CA TYR GB 102 -5.83 37.17 76.32
C TYR GB 102 -6.57 37.70 75.10
N LEU GB 103 -6.05 38.79 74.56
CA LEU GB 103 -6.52 39.41 73.34
C LEU GB 103 -5.38 39.42 72.33
N GLU GB 104 -5.65 39.01 71.09
CA GLU GB 104 -4.74 39.20 69.96
C GLU GB 104 -5.49 39.39 68.64
N SER GB 105 -4.86 40.18 67.77
CA SER GB 105 -5.13 40.17 66.34
C SER GB 105 -3.82 40.36 65.57
N SER GB 106 -3.92 40.15 64.27
CA SER GB 106 -2.84 40.33 63.33
C SER GB 106 -3.40 41.10 62.13
N ILE GB 107 -2.63 42.07 61.62
CA ILE GB 107 -2.98 42.81 60.39
C ILE GB 107 -2.10 42.28 59.29
N VAL GB 108 -2.69 41.64 58.29
CA VAL GB 108 -1.98 41.09 57.13
C VAL GB 108 -1.75 42.21 56.14
N GLY GB 109 -0.52 42.72 56.09
CA GLY GB 109 -0.11 43.65 55.06
C GLY GB 109 -0.95 44.93 55.05
N ASP GB 110 -1.25 45.43 53.86
CA ASP GB 110 -1.89 46.73 53.65
C ASP GB 110 -3.42 46.74 53.84
N GLU GB 111 -4.00 45.75 54.51
CA GLU GB 111 -5.46 45.74 54.77
C GLU GB 111 -5.91 46.88 55.69
N LEU GB 112 -4.97 47.52 56.37
CA LEU GB 112 -5.12 48.93 56.76
C LEU GB 112 -4.04 49.73 56.03
N PRO GB 113 -4.24 51.00 55.68
CA PRO GB 113 -3.22 51.83 55.05
C PRO GB 113 -1.86 51.70 55.76
N LEU GB 114 -0.77 51.61 54.99
CA LEU GB 114 0.57 51.39 55.55
C LEU GB 114 1.11 52.63 56.23
N GLY GB 115 2.17 52.46 57.01
CA GLY GB 115 2.81 53.50 57.81
C GLY GB 115 3.34 52.93 59.12
N THR GB 116 3.41 53.78 60.15
CA THR GB 116 3.69 53.34 61.54
C THR GB 116 2.48 53.52 62.46
N TYR GB 117 2.48 52.77 63.57
CA TYR GB 117 1.53 52.94 64.67
C TYR GB 117 2.26 52.90 66.00
N ARG GB 118 1.70 53.52 67.03
CA ARG GB 118 2.25 53.58 68.38
C ARG GB 118 1.24 53.22 69.45
N GLN GB 119 -0.03 53.59 69.27
CA GLN GB 119 -1.07 53.08 70.14
C GLN GB 119 -1.59 51.75 69.63
N VAL GB 120 -1.99 50.93 70.60
CA VAL GB 120 -2.66 49.66 70.41
C VAL GB 120 -3.83 49.66 71.37
N GLY GB 121 -5.02 49.20 70.96
CA GLY GB 121 -6.16 49.06 71.85
C GLY GB 121 -7.11 47.97 71.41
N PHE GB 122 -8.01 47.55 72.28
CA PHE GB 122 -9.10 46.65 71.92
C PHE GB 122 -10.42 47.27 72.34
N VAL GB 123 -11.40 47.13 71.45
CA VAL GB 123 -12.78 47.58 71.64
C VAL GB 123 -13.70 46.37 71.63
N MET GB 124 -14.79 46.41 72.39
CA MET GB 124 -15.93 45.52 72.17
C MET GB 124 -17.13 46.32 71.63
N ASP GB 125 -18.16 45.65 71.12
CA ASP GB 125 -19.38 46.26 70.53
C ASP GB 125 -19.10 47.19 69.32
N LEU GB 126 -17.99 46.99 68.61
CA LEU GB 126 -17.75 47.67 67.33
C LEU GB 126 -18.79 47.23 66.29
N VAL GB 127 -19.33 48.18 65.53
CA VAL GB 127 -20.24 47.90 64.41
C VAL GB 127 -19.84 48.72 63.17
N ALA GB 128 -19.77 48.08 62.01
CA ALA GB 128 -19.45 48.72 60.74
C ALA GB 128 -20.68 49.35 60.06
N LYS GB 129 -20.44 50.26 59.12
CA LYS GB 129 -21.50 50.87 58.30
C LYS GB 129 -22.24 49.84 57.44
N SER GB 130 -23.49 50.14 57.12
CA SER GB 130 -24.47 49.18 56.58
C SER GB 130 -23.94 48.37 55.39
N GLY GB 131 -23.89 47.06 55.53
CA GLY GB 131 -23.45 46.10 54.49
C GLY GB 131 -21.94 45.85 54.39
N ILE GB 132 -21.08 46.59 55.12
CA ILE GB 132 -19.65 46.28 55.18
C ILE GB 132 -19.46 44.99 55.99
N SER GB 133 -18.69 44.03 55.45
CA SER GB 133 -18.43 42.73 56.10
C SER GB 133 -16.94 42.43 56.34
N LYS GB 134 -16.06 43.15 55.66
CA LYS GB 134 -14.61 42.98 55.78
C LYS GB 134 -14.10 43.30 57.19
N PHE GB 135 -13.18 42.49 57.70
CA PHE GB 135 -12.70 42.56 59.09
C PHE GB 135 -11.75 43.70 59.39
N ASN GB 136 -11.21 44.35 58.37
CA ASN GB 136 -10.38 45.53 58.49
C ASN GB 136 -11.25 46.77 58.23
N LEU GB 137 -11.17 47.76 59.10
CA LEU GB 137 -11.95 48.98 58.98
C LEU GB 137 -11.06 50.18 59.27
N VAL GB 138 -10.97 51.14 58.35
CA VAL GB 138 -10.51 52.49 58.71
C VAL GB 138 -11.64 53.18 59.47
N PRO GB 139 -11.37 54.20 60.30
CA PRO GB 139 -12.38 54.82 61.15
C PRO GB 139 -13.66 55.25 60.42
N SER GB 140 -13.52 55.81 59.22
CA SER GB 140 -14.64 56.24 58.41
C SER GB 140 -15.55 55.10 57.92
N GLU GB 141 -15.14 53.83 58.02
CA GLU GB 141 -15.96 52.64 57.71
C GLU GB 141 -16.70 52.09 58.94
N VAL GB 142 -16.33 52.52 60.15
CA VAL GB 142 -17.02 52.17 61.40
C VAL GB 142 -18.27 53.04 61.57
N GLU GB 143 -19.38 52.44 62.01
CA GLU GB 143 -20.63 53.17 62.35
C GLU GB 143 -20.66 53.53 63.84
N SER GB 144 -20.42 52.53 64.69
CA SER GB 144 -20.28 52.67 66.13
C SER GB 144 -18.96 52.03 66.55
N THR GB 145 -18.16 52.77 67.30
CA THR GB 145 -16.86 52.32 67.80
C THR GB 145 -16.98 51.41 69.01
N GLY GB 146 -18.20 51.09 69.44
CA GLY GB 146 -18.44 50.26 70.61
C GLY GB 146 -17.97 50.89 71.92
N THR GB 147 -17.21 50.16 72.73
CA THR GB 147 -16.49 50.71 73.87
C THR GB 147 -15.01 50.35 73.82
N LEU GB 148 -14.11 51.34 73.94
CA LEU GB 148 -12.69 51.10 74.15
C LEU GB 148 -12.45 50.52 75.56
N LEU GB 149 -12.17 49.22 75.63
CA LEU GB 149 -11.97 48.47 76.87
C LEU GB 149 -10.57 48.71 77.42
N PHE GB 150 -9.56 48.35 76.63
CA PHE GB 150 -8.13 48.30 77.00
C PHE GB 150 -7.29 48.99 75.92
N PHE GB 151 -6.18 49.61 76.30
CA PHE GB 151 -5.19 50.10 75.35
C PHE GB 151 -3.82 50.33 76.01
N ASP GB 152 -2.80 50.54 75.17
CA ASP GB 152 -1.42 50.84 75.56
C ASP GB 152 -0.77 51.86 74.61
N ASN GB 153 0.25 52.52 75.13
CA ASN GB 153 1.15 53.36 74.39
C ASN GB 153 2.48 52.60 74.25
N LYS GB 154 2.93 52.34 73.02
CA LYS GB 154 4.14 51.57 72.70
C LYS GB 154 5.09 52.41 71.84
N GLN GB 155 6.35 51.98 71.73
CA GLN GB 155 7.21 52.50 70.66
C GLN GB 155 6.61 52.14 69.30
N PHE GB 156 7.00 52.86 68.27
CA PHE GB 156 6.43 52.67 66.94
C PHE GB 156 6.74 51.27 66.38
N GLN GB 157 5.84 50.76 65.56
CA GLN GB 157 6.12 49.69 64.60
C GLN GB 157 5.70 50.17 63.23
N ASN GB 158 6.47 49.83 62.19
CA ASN GB 158 6.09 50.09 60.82
C ASN GB 158 5.36 48.90 60.25
N ARG GB 159 4.63 49.12 59.15
CA ARG GB 159 3.92 48.10 58.39
C ARG GB 159 4.23 48.22 56.90
N SER GB 160 4.37 47.08 56.23
CA SER GB 160 4.53 46.95 54.78
C SER GB 160 3.70 45.78 54.27
N GLU GB 161 3.50 45.62 52.96
CA GLU GB 161 2.69 44.53 52.40
C GLU GB 161 3.11 43.13 52.92
N GLN GB 162 4.41 42.88 53.09
CA GLN GB 162 4.87 41.57 53.56
C GLN GB 162 4.43 41.25 54.99
N THR GB 163 4.51 42.25 55.87
CA THR GB 163 4.55 42.05 57.30
C THR GB 163 3.16 41.83 57.87
N THR GB 164 2.95 40.74 58.61
CA THR GB 164 1.68 40.51 59.34
C THR GB 164 1.78 41.04 60.78
N ALA GB 165 1.27 42.26 61.07
CA ALA GB 165 1.47 42.95 62.36
C ALA GB 165 0.64 42.33 63.48
N LYS GB 166 1.22 41.40 64.21
CA LYS GB 166 0.61 40.84 65.41
C LYS GB 166 0.62 41.88 66.53
N GLU GB 167 -0.49 42.05 67.24
CA GLU GB 167 -0.55 42.79 68.51
C GLU GB 167 -1.42 42.09 69.52
N ARG GB 168 -1.03 42.15 70.80
CA ARG GB 168 -1.63 41.35 71.86
C ARG GB 168 -1.58 41.97 73.25
N PHE GB 169 -2.51 41.56 74.11
CA PHE GB 169 -2.54 41.88 75.54
C PHE GB 169 -2.90 40.65 76.36
N ILE GB 170 -2.32 40.51 77.55
CA ILE GB 170 -2.94 39.81 78.67
C ILE GB 170 -3.37 40.86 79.70
N VAL GB 171 -4.59 40.73 80.23
CA VAL GB 171 -5.21 41.70 81.16
C VAL GB 171 -6.11 41.01 82.17
N GLU GB 172 -6.45 41.71 83.24
CA GLU GB 172 -7.49 41.36 84.20
C GLU GB 172 -8.32 42.60 84.56
N VAL GB 173 -9.62 42.42 84.85
CA VAL GB 173 -10.61 43.52 85.05
C VAL GB 173 -10.27 44.45 86.21
N ASP GB 174 -9.46 43.96 87.15
CA ASP GB 174 -8.85 44.66 88.28
C ASP GB 174 -7.38 44.15 88.38
N PRO GB 175 -6.36 44.91 87.97
CA PRO GB 175 -4.95 44.50 88.05
C PRO GB 175 -4.21 44.80 89.36
N ASN GB 176 -4.85 45.44 90.36
CA ASN GB 176 -4.17 45.91 91.57
C ASN GB 176 -4.66 45.26 92.89
N SER GB 177 -5.81 44.58 92.92
CA SER GB 177 -6.39 44.04 94.17
C SER GB 177 -5.46 43.05 94.86
N ALA HB 2 -1.41 44.38 81.44
CA ALA HB 2 -1.97 45.67 81.01
C ALA HB 2 -3.05 46.16 82.01
N ILE HB 3 -3.97 47.05 81.62
CA ILE HB 3 -4.96 47.64 82.55
C ILE HB 3 -6.35 47.75 81.94
N ALA HB 4 -7.37 47.70 82.78
CA ALA HB 4 -8.74 48.11 82.46
C ALA HB 4 -8.86 49.65 82.39
N THR HB 5 -10.05 50.18 82.11
CA THR HB 5 -10.33 51.63 82.11
C THR HB 5 -11.57 51.95 82.95
N TYR HB 6 -11.67 53.20 83.40
CA TYR HB 6 -12.84 53.68 84.12
C TYR HB 6 -14.13 53.34 83.39
N ASN HB 7 -14.22 53.65 82.09
CA ASN HB 7 -15.46 53.41 81.37
C ASN HB 7 -15.74 51.92 81.21
N SER HB 8 -14.73 51.05 81.20
CA SER HB 8 -14.98 49.60 81.27
C SER HB 8 -15.76 49.24 82.52
N HIS HB 9 -15.33 49.78 83.66
CA HIS HB 9 -16.01 49.53 84.92
C HIS HB 9 -17.44 50.07 84.90
N VAL HB 10 -17.66 51.23 84.27
CA VAL HB 10 -19.01 51.80 84.11
C VAL HB 10 -19.90 50.85 83.32
N GLU HB 11 -19.42 50.34 82.19
CA GLU HB 11 -20.24 49.44 81.37
C GLU HB 11 -20.48 48.09 82.08
N LEU HB 12 -19.49 47.58 82.83
CA LEU HB 12 -19.66 46.38 83.63
C LEU HB 12 -20.72 46.59 84.72
N ALA HB 13 -20.75 47.77 85.37
CA ALA HB 13 -21.79 48.10 86.35
C ALA HB 13 -23.19 48.12 85.70
N LYS HB 14 -23.32 48.66 84.47
CA LYS HB 14 -24.57 48.59 83.68
C LYS HB 14 -24.99 47.15 83.39
N TYR HB 15 -24.03 46.26 83.19
CA TYR HB 15 -24.29 44.83 83.10
C TYR HB 15 -24.81 44.24 84.42
N LEU HB 16 -24.15 44.43 85.57
CA LEU HB 16 -24.67 43.92 86.85
C LEU HB 16 -26.04 44.52 87.20
N VAL HB 17 -26.29 45.79 86.90
CA VAL HB 17 -27.61 46.40 87.09
C VAL HB 17 -28.66 45.76 86.18
N SER HB 18 -28.31 45.37 84.95
CA SER HB 18 -29.24 44.63 84.10
C SER HB 18 -29.66 43.27 84.70
N LYS HB 19 -28.82 42.66 85.55
CA LYS HB 19 -29.10 41.40 86.26
C LYS HB 19 -30.03 41.52 87.47
N ALA HB 20 -30.38 42.74 87.90
CA ALA HB 20 -30.94 43.07 89.22
C ALA HB 20 -32.05 42.15 89.74
N ASP HB 21 -32.97 41.73 88.89
CA ASP HB 21 -34.10 40.89 89.25
C ASP HB 21 -33.65 39.54 89.86
N SER HB 22 -32.51 39.02 89.40
CA SER HB 22 -31.89 37.80 89.94
C SER HB 22 -31.09 38.04 91.24
N VAL HB 23 -31.11 39.26 91.80
CA VAL HB 23 -30.30 39.67 92.96
C VAL HB 23 -31.05 39.53 94.30
N TYR HB 24 -30.43 38.91 95.31
CA TYR HB 24 -31.00 38.71 96.65
C TYR HB 24 -29.95 39.03 97.72
N LEU HB 25 -30.34 39.77 98.74
CA LEU HB 25 -29.68 39.75 100.05
C LEU HB 25 -29.66 38.31 100.57
N THR HB 26 -28.62 37.95 101.28
CA THR HB 26 -28.52 36.75 102.10
C THR HB 26 -27.95 37.12 103.48
N ILE HB 27 -28.46 36.50 104.54
CA ILE HB 27 -27.89 36.64 105.89
C ILE HB 27 -27.58 35.27 106.49
N GLY HB 28 -26.55 35.25 107.33
CA GLY HB 28 -26.00 34.04 107.93
C GLY HB 28 -25.10 34.30 109.14
N LYS HB 29 -24.41 33.26 109.58
CA LYS HB 29 -23.59 33.23 110.79
C LYS HB 29 -24.42 33.66 112.02
N SER HB 30 -25.40 32.83 112.38
CA SER HB 30 -26.25 32.98 113.57
C SER HB 30 -25.57 32.57 114.89
N THR HB 31 -24.53 31.72 114.87
CA THR HB 31 -23.67 31.45 116.05
C THR HB 31 -22.45 32.38 116.07
N PRO HB 32 -21.78 32.59 117.23
CA PRO HB 32 -20.62 33.47 117.38
C PRO HB 32 -19.42 33.25 116.44
N TRP HB 33 -18.70 34.33 116.20
CA TRP HB 33 -17.25 34.32 115.87
C TRP HB 33 -16.42 33.85 117.09
N SER HB 34 -15.09 33.86 116.98
CA SER HB 34 -14.19 33.72 118.13
C SER HB 34 -14.13 35.01 118.98
N ASN HB 35 -14.05 36.18 118.33
CA ASN HB 35 -14.31 37.49 118.95
C ASN HB 35 -15.50 38.16 118.26
N GLU HB 36 -16.56 38.47 119.01
CA GLU HB 36 -17.79 39.05 118.46
C GLU HB 36 -17.70 40.55 118.13
N THR HB 37 -16.78 41.27 118.78
CA THR HB 37 -16.46 42.68 118.45
C THR HB 37 -15.59 42.76 117.19
N ASN HB 38 -14.76 41.74 116.93
CA ASN HB 38 -13.76 41.67 115.86
C ASN HB 38 -13.86 40.38 114.97
N PRO HB 39 -14.84 40.31 114.04
CA PRO HB 39 -14.99 39.21 113.06
C PRO HB 39 -13.70 38.94 112.23
N PRO HB 40 -13.53 37.75 111.63
CA PRO HB 40 -12.49 37.51 110.61
C PRO HB 40 -12.80 38.27 109.31
N GLN HB 41 -11.77 38.76 108.59
CA GLN HB 41 -11.95 39.44 107.28
C GLN HB 41 -12.51 38.49 106.18
N PRO HB 42 -13.38 38.96 105.26
CA PRO HB 42 -14.12 38.08 104.36
C PRO HB 42 -13.21 37.52 103.27
N ASP HB 43 -13.42 36.23 102.96
CA ASP HB 43 -12.64 35.50 101.95
C ASP HB 43 -13.41 35.39 100.64
N GLU HB 44 -12.89 36.02 99.60
CA GLU HB 44 -13.53 36.16 98.30
C GLU HB 44 -13.59 34.87 97.48
N ASN HB 45 -12.91 33.82 97.91
CA ASN HB 45 -13.05 32.46 97.36
C ASN HB 45 -14.33 31.75 97.83
N ALA HB 46 -15.00 32.28 98.86
CA ALA HB 46 -16.25 31.73 99.37
C ALA HB 46 -17.34 31.77 98.29
N THR HB 47 -18.31 30.89 98.44
CA THR HB 47 -19.38 30.67 97.47
C THR HB 47 -20.78 30.87 98.06
N VAL HB 48 -20.90 30.74 99.38
CA VAL HB 48 -22.11 30.92 100.18
C VAL HB 48 -21.73 31.39 101.59
N LEU HB 49 -22.62 32.10 102.27
CA LEU HB 49 -22.44 32.45 103.68
C LEU HB 49 -22.44 31.20 104.58
N GLN HB 50 -21.83 31.31 105.75
CA GLN HB 50 -21.90 30.31 106.82
C GLN HB 50 -23.30 30.33 107.45
N GLU HB 51 -23.78 29.20 107.96
CA GLU HB 51 -24.99 29.08 108.81
C GLU HB 51 -26.19 29.86 108.24
N VAL HB 52 -26.49 29.67 106.96
CA VAL HB 52 -27.40 30.56 106.20
C VAL HB 52 -28.80 30.60 106.84
N ILE HB 53 -29.29 31.82 107.13
CA ILE HB 53 -30.60 32.11 107.75
C ILE HB 53 -31.69 32.29 106.68
N GLY HB 54 -31.33 32.92 105.55
CA GLY HB 54 -32.19 33.00 104.38
C GLY HB 54 -31.69 34.01 103.35
N TYR HB 55 -32.52 34.24 102.34
CA TYR HB 55 -32.30 35.14 101.23
C TYR HB 55 -33.51 36.06 101.12
N LYS HB 56 -33.30 37.31 100.71
CA LYS HB 56 -34.38 38.26 100.44
C LYS HB 56 -34.10 39.00 99.12
N LYS HB 57 -35.06 39.13 98.22
CA LYS HB 57 -34.86 39.79 96.92
C LYS HB 57 -34.42 41.24 97.09
N ALA HB 58 -33.53 41.73 96.23
CA ALA HB 58 -33.07 43.11 96.28
C ALA HB 58 -34.24 44.07 95.99
N THR HB 59 -34.70 44.71 97.07
CA THR HB 59 -35.72 45.76 97.03
C THR HB 59 -35.26 47.00 96.27
N LYS HB 60 -33.94 47.17 96.12
CA LYS HB 60 -33.38 48.19 95.25
C LYS HB 60 -32.05 47.70 94.67
N VAL HB 61 -31.85 47.96 93.38
CA VAL HB 61 -30.59 47.88 92.65
C VAL HB 61 -30.52 49.07 91.70
N THR HB 62 -29.46 49.87 91.71
CA THR HB 62 -29.32 50.99 90.77
C THR HB 62 -27.86 51.40 90.64
N LEU HB 63 -27.50 52.06 89.55
CA LEU HB 63 -26.27 52.84 89.52
C LEU HB 63 -26.42 54.02 90.50
N VAL HB 64 -25.32 54.36 91.16
CA VAL HB 64 -25.16 55.55 92.00
C VAL HB 64 -23.77 56.11 91.78
N ARG HB 65 -23.52 57.26 92.39
CA ARG HB 65 -22.19 57.80 92.68
C ARG HB 65 -22.21 58.58 93.99
N PRO HB 66 -21.05 58.87 94.60
CA PRO HB 66 -20.98 59.83 95.69
C PRO HB 66 -21.53 61.18 95.21
N SER HB 67 -22.25 61.90 96.06
CA SER HB 67 -22.83 63.18 95.67
C SER HB 67 -21.78 64.30 95.71
N LYS HB 68 -21.93 65.27 94.80
CA LYS HB 68 -21.06 66.44 94.57
C LYS HB 68 -21.87 67.73 94.44
N SER HB 69 -21.37 68.82 95.00
CA SER HB 69 -22.10 70.10 95.11
C SER HB 69 -21.42 71.17 94.24
N PRO HB 70 -22.16 72.15 93.68
CA PRO HB 70 -23.62 72.33 93.77
C PRO HB 70 -24.45 71.41 92.86
N GLU HB 71 -23.86 70.72 91.87
CA GLU HB 71 -24.68 70.09 90.81
C GLU HB 71 -25.61 68.94 91.25
N ASP HB 72 -25.40 68.31 92.42
CA ASP HB 72 -26.36 67.33 92.97
C ASP HB 72 -27.34 67.89 94.00
N ASP HB 73 -27.24 69.17 94.36
CA ASP HB 73 -28.02 69.71 95.47
C ASP HB 73 -29.55 69.61 95.27
N ASN HB 74 -30.00 69.49 94.01
CA ASN HB 74 -31.40 69.33 93.63
C ASN HB 74 -31.79 67.89 93.17
N LYS HB 75 -30.96 66.84 93.42
CA LYS HB 75 -31.16 65.45 92.92
C LYS HB 75 -31.64 64.42 93.97
N ASN HB 76 -31.85 63.17 93.50
CA ASN HB 76 -32.30 61.97 94.23
C ASN HB 76 -31.27 61.41 95.23
N LEU HB 77 -31.06 62.09 96.35
CA LEU HB 77 -30.06 61.69 97.34
C LEU HB 77 -30.47 60.42 98.13
N ILE HB 78 -29.48 59.58 98.43
CA ILE HB 78 -29.57 58.43 99.36
C ILE HB 78 -28.49 58.60 100.45
N SER HB 79 -28.80 58.22 101.69
CA SER HB 79 -27.86 58.28 102.82
C SER HB 79 -27.44 56.88 103.25
N TYR HB 80 -26.12 56.60 103.29
CA TYR HB 80 -25.57 55.26 103.57
C TYR HB 80 -24.20 55.32 104.22
N GLY HB 81 -24.04 54.65 105.37
CA GLY HB 81 -22.73 54.44 105.99
C GLY HB 81 -21.97 55.75 106.20
N ASN HB 82 -22.65 56.75 106.78
CA ASN HB 82 -22.12 58.09 107.05
C ASN HB 82 -21.83 58.95 105.79
N LYS HB 83 -22.17 58.50 104.57
CA LYS HB 83 -21.97 59.22 103.28
C LYS HB 83 -23.28 59.46 102.50
N SER HB 84 -23.29 60.49 101.65
CA SER HB 84 -24.42 60.89 100.82
C SER HB 84 -24.18 60.61 99.33
N TRP HB 85 -25.12 59.90 98.71
CA TRP HB 85 -25.03 59.30 97.38
C TRP HB 85 -26.17 59.78 96.50
N VAL HB 86 -26.06 59.65 95.17
CA VAL HB 86 -27.11 60.04 94.23
C VAL HB 86 -27.36 58.90 93.23
N GLU HB 87 -28.63 58.62 92.91
CA GLU HB 87 -29.01 57.64 91.87
C GLU HB 87 -28.58 58.11 90.47
N VAL HB 88 -28.22 57.17 89.59
CA VAL HB 88 -27.91 57.39 88.15
C VAL HB 88 -28.63 56.34 87.28
N THR HB 89 -28.89 56.65 86.01
CA THR HB 89 -29.63 55.80 85.07
C THR HB 89 -28.70 55.21 83.99
N PRO HB 90 -28.98 54.00 83.46
CA PRO HB 90 -28.04 53.26 82.63
C PRO HB 90 -27.49 54.02 81.42
N GLU HB 91 -28.37 54.73 80.69
CA GLU HB 91 -28.06 55.51 79.49
C GLU HB 91 -27.31 56.83 79.76
N ASN HB 92 -27.06 57.18 81.04
CA ASN HB 92 -26.28 58.35 81.47
C ASN HB 92 -24.99 58.00 82.22
N ALA HB 93 -24.70 56.71 82.42
CA ALA HB 93 -23.67 56.26 83.34
C ALA HB 93 -22.26 56.81 83.03
N LYS HB 94 -21.88 56.93 81.75
CA LYS HB 94 -20.59 57.51 81.30
C LYS HB 94 -20.54 59.05 81.41
N ALA HB 95 -21.68 59.74 81.32
CA ALA HB 95 -21.74 61.20 81.48
C ALA HB 95 -21.56 61.60 82.96
N GLU HB 96 -22.17 60.84 83.88
CA GLU HB 96 -22.04 61.05 85.33
C GLU HB 96 -20.76 60.43 85.93
N GLY HB 97 -20.17 59.43 85.27
CA GLY HB 97 -19.08 58.62 85.82
C GLY HB 97 -19.54 57.57 86.83
N ALA HB 98 -20.80 57.13 86.78
CA ALA HB 98 -21.37 56.19 87.74
C ALA HB 98 -20.89 54.76 87.49
N LYS HB 99 -19.87 54.32 88.23
CA LYS HB 99 -19.45 52.91 88.24
C LYS HB 99 -19.90 52.14 89.48
N TRP HB 100 -20.60 52.79 90.40
CA TRP HB 100 -21.05 52.17 91.65
C TRP HB 100 -22.48 51.68 91.54
N VAL HB 101 -22.71 50.50 92.09
CA VAL HB 101 -24.00 49.85 92.20
C VAL HB 101 -24.45 49.95 93.65
N TYR HB 102 -25.65 50.44 93.88
CA TYR HB 102 -26.36 50.38 95.16
C TYR HB 102 -27.18 49.10 95.19
N LEU HB 103 -27.06 48.31 96.25
CA LEU HB 103 -27.82 47.07 96.48
C LEU HB 103 -28.47 47.11 97.86
N GLU HB 104 -29.77 46.83 97.97
CA GLU HB 104 -30.48 46.89 99.26
C GLU HB 104 -31.60 45.85 99.38
N SER HB 105 -31.76 45.26 100.57
CA SER HB 105 -32.99 44.59 100.94
C SER HB 105 -33.32 44.68 102.42
N SER HB 106 -34.61 44.83 102.75
CA SER HB 106 -35.11 44.89 104.13
C SER HB 106 -35.81 43.61 104.51
N ILE HB 107 -35.31 42.96 105.56
CA ILE HB 107 -35.99 41.83 106.20
C ILE HB 107 -36.93 42.40 107.27
N VAL HB 108 -38.21 42.57 106.95
CA VAL HB 108 -39.24 43.03 107.88
C VAL HB 108 -39.47 41.98 108.96
N GLY HB 109 -39.27 42.35 110.22
CA GLY HB 109 -39.61 41.52 111.37
C GLY HB 109 -39.12 40.08 111.25
N ASP HB 110 -40.09 39.17 111.30
CA ASP HB 110 -39.96 37.73 111.24
C ASP HB 110 -40.18 37.13 109.84
N GLU HB 111 -40.10 37.87 108.73
CA GLU HB 111 -40.26 37.24 107.40
C GLU HB 111 -39.08 36.35 106.98
N LEU HB 112 -37.99 36.38 107.72
CA LEU HB 112 -37.07 35.25 107.86
C LEU HB 112 -37.05 34.87 109.35
N PRO HB 113 -36.79 33.61 109.72
CA PRO HB 113 -36.62 33.20 111.12
C PRO HB 113 -35.83 34.19 111.98
N LEU HB 114 -36.32 34.49 113.18
CA LEU HB 114 -35.73 35.45 114.12
C LEU HB 114 -34.40 34.94 114.73
N GLY HB 115 -33.75 35.77 115.54
CA GLY HB 115 -32.43 35.50 116.12
C GLY HB 115 -31.30 36.22 115.40
N THR HB 116 -30.10 36.14 115.98
CA THR HB 116 -28.96 36.94 115.53
C THR HB 116 -28.42 36.52 114.14
N TYR HB 117 -27.74 37.44 113.47
CA TYR HB 117 -26.97 37.21 112.23
C TYR HB 117 -25.69 38.04 112.27
N ARG HB 118 -24.65 37.60 111.57
CA ARG HB 118 -23.35 38.30 111.48
C ARG HB 118 -22.94 38.55 110.03
N GLN HB 119 -23.17 37.59 109.13
CA GLN HB 119 -22.85 37.78 107.71
C GLN HB 119 -24.00 38.41 106.94
N VAL HB 120 -23.62 39.26 105.99
CA VAL HB 120 -24.49 39.95 105.04
C VAL HB 120 -23.86 39.81 103.67
N GLY HB 121 -24.62 39.34 102.67
CA GLY HB 121 -24.13 39.15 101.31
C GLY HB 121 -25.22 39.40 100.28
N PHE HB 122 -24.83 39.63 99.04
CA PHE HB 122 -25.76 39.71 97.91
C PHE HB 122 -25.34 38.74 96.81
N VAL HB 123 -26.29 37.92 96.38
CA VAL HB 123 -26.14 36.90 95.35
C VAL HB 123 -26.90 37.33 94.08
N MET HB 124 -26.37 37.11 92.88
CA MET HB 124 -27.16 37.16 91.63
C MET HB 124 -27.42 35.76 91.07
N ASP HB 125 -28.25 35.64 90.02
CA ASP HB 125 -28.64 34.37 89.42
C ASP HB 125 -29.26 33.35 90.38
N LEU HB 126 -29.77 33.81 91.52
CA LEU HB 126 -30.46 32.90 92.44
C LEU HB 126 -31.79 32.44 91.85
N VAL HB 127 -32.06 31.13 91.93
CA VAL HB 127 -33.29 30.45 91.48
C VAL HB 127 -33.87 29.63 92.63
N ALA HB 128 -35.13 29.88 92.94
CA ALA HB 128 -35.86 29.19 94.00
C ALA HB 128 -36.45 27.84 93.54
N LYS HB 129 -36.84 26.97 94.49
CA LYS HB 129 -37.54 25.68 94.25
C LYS HB 129 -39.02 25.83 93.91
N SER HB 130 -39.58 24.77 93.33
CA SER HB 130 -41.03 24.43 93.32
C SER HB 130 -41.98 25.54 92.85
N GLY HB 131 -41.55 26.35 91.88
CA GLY HB 131 -42.33 27.43 91.28
C GLY HB 131 -42.64 28.61 92.23
N ILE HB 132 -41.97 28.70 93.38
CA ILE HB 132 -42.24 29.67 94.45
C ILE HB 132 -42.09 31.12 93.94
N SER HB 133 -43.06 31.96 94.30
CA SER HB 133 -43.10 33.38 93.91
C SER HB 133 -42.39 34.30 94.91
N LYS HB 134 -42.40 33.97 96.20
CA LYS HB 134 -42.05 34.94 97.24
C LYS HB 134 -40.57 35.30 97.26
N PHE HB 135 -40.31 36.53 97.72
CA PHE HB 135 -39.02 37.19 97.76
C PHE HB 135 -38.19 36.94 99.01
N ASN HB 136 -38.74 36.32 100.05
CA ASN HB 136 -38.04 35.81 101.23
C ASN HB 136 -37.95 34.28 101.14
N LEU HB 137 -36.72 33.73 101.18
CA LEU HB 137 -36.46 32.30 101.01
C LEU HB 137 -35.59 31.81 102.17
N VAL HB 138 -35.97 30.71 102.80
CA VAL HB 138 -35.05 29.93 103.64
C VAL HB 138 -34.25 28.95 102.78
N PRO HB 139 -33.09 28.44 103.21
CA PRO HB 139 -32.27 27.55 102.40
C PRO HB 139 -33.00 26.36 101.80
N SER HB 140 -33.98 25.76 102.50
CA SER HB 140 -34.80 24.65 101.97
C SER HB 140 -35.73 25.05 100.80
N GLU HB 141 -35.82 26.33 100.44
CA GLU HB 141 -36.53 26.80 99.25
C GLU HB 141 -35.62 27.42 98.17
N VAL HB 142 -34.28 27.29 98.28
CA VAL HB 142 -33.35 27.66 97.18
C VAL HB 142 -32.89 26.43 96.38
N GLU HB 143 -33.00 26.50 95.06
CA GLU HB 143 -32.58 25.44 94.13
C GLU HB 143 -31.14 25.69 93.67
N SER HB 144 -30.90 26.82 92.99
CA SER HB 144 -29.55 27.28 92.68
C SER HB 144 -29.28 28.60 93.35
N THR HB 145 -28.19 28.65 94.10
CA THR HB 145 -27.75 29.89 94.74
C THR HB 145 -27.16 30.89 93.75
N GLY HB 146 -26.93 30.51 92.48
CA GLY HB 146 -26.41 31.43 91.46
C GLY HB 146 -24.96 31.80 91.67
N THR HB 147 -24.70 33.01 92.15
CA THR HB 147 -23.35 33.54 92.42
C THR HB 147 -23.36 34.58 93.54
N LEU HB 148 -22.65 34.30 94.64
CA LEU HB 148 -22.33 35.27 95.69
C LEU HB 148 -21.40 36.37 95.14
N LEU HB 149 -21.97 37.52 94.76
CA LEU HB 149 -21.24 38.67 94.20
C LEU HB 149 -20.43 39.45 95.25
N PHE HB 150 -21.08 39.88 96.33
CA PHE HB 150 -20.52 40.78 97.33
C PHE HB 150 -20.91 40.35 98.75
N PHE HB 151 -20.00 40.36 99.73
CA PHE HB 151 -20.38 40.11 101.13
C PHE HB 151 -19.42 40.72 102.14
N ASP HB 152 -19.85 40.74 103.42
CA ASP HB 152 -19.12 41.30 104.54
C ASP HB 152 -19.33 40.44 105.80
N ASN HB 153 -18.35 40.41 106.71
CA ASN HB 153 -18.39 39.71 108.01
C ASN HB 153 -18.54 40.73 109.15
N LYS HB 154 -19.78 41.14 109.45
CA LYS HB 154 -20.09 42.13 110.49
C LYS HB 154 -20.01 41.55 111.91
N GLN HB 155 -20.08 42.40 112.92
CA GLN HB 155 -20.51 41.98 114.26
C GLN HB 155 -21.91 41.35 114.20
N PHE HB 156 -22.33 40.70 115.28
CA PHE HB 156 -23.72 40.26 115.35
C PHE HB 156 -24.71 41.44 115.40
N GLN HB 157 -25.95 41.14 115.07
CA GLN HB 157 -27.12 41.96 115.34
C GLN HB 157 -28.27 41.03 115.77
N ASN HB 158 -29.35 41.56 116.33
CA ASN HB 158 -30.57 40.81 116.64
C ASN HB 158 -31.76 41.31 115.80
N ARG HB 159 -32.74 40.44 115.59
CA ARG HB 159 -33.99 40.72 114.91
C ARG HB 159 -35.14 40.25 115.78
N SER HB 160 -36.18 41.06 115.86
CA SER HB 160 -37.42 40.80 116.59
C SER HB 160 -38.62 41.08 115.67
N GLU HB 161 -39.85 40.79 116.09
CA GLU HB 161 -41.06 40.92 115.28
C GLU HB 161 -41.25 42.35 114.73
N GLN HB 162 -40.93 43.35 115.54
CA GLN HB 162 -41.09 44.76 115.20
C GLN HB 162 -39.97 45.28 114.29
N THR HB 163 -38.71 44.96 114.60
CA THR HB 163 -37.52 45.55 113.92
C THR HB 163 -37.39 45.08 112.49
N THR HB 164 -37.38 46.01 111.55
CA THR HB 164 -36.92 45.71 110.19
C THR HB 164 -35.39 45.68 110.17
N ALA HB 165 -34.79 44.66 109.53
CA ALA HB 165 -33.35 44.61 109.21
C ALA HB 165 -33.11 44.96 107.73
N LYS HB 166 -32.96 46.26 107.46
CA LYS HB 166 -32.46 46.81 106.20
C LYS HB 166 -30.96 46.62 106.09
N GLU HB 167 -30.53 45.72 105.20
CA GLU HB 167 -29.12 45.52 104.85
C GLU HB 167 -28.87 45.93 103.40
N ARG HB 168 -27.72 46.57 103.16
CA ARG HB 168 -27.40 47.19 101.88
C ARG HB 168 -25.91 47.44 101.71
N PHE HB 169 -25.49 47.59 100.46
CA PHE HB 169 -24.12 47.90 100.07
C PHE HB 169 -24.10 48.97 98.97
N ILE HB 170 -22.96 49.67 98.85
CA ILE HB 170 -22.57 50.35 97.62
C ILE HB 170 -21.21 49.80 97.18
N VAL HB 171 -21.10 49.37 95.91
CA VAL HB 171 -19.96 48.60 95.39
C VAL HB 171 -19.66 48.91 93.93
N GLU HB 172 -18.41 48.71 93.51
CA GLU HB 172 -17.94 48.87 92.14
C GLU HB 172 -17.10 47.64 91.71
N VAL HB 173 -17.00 47.37 90.41
CA VAL HB 173 -16.36 46.14 89.87
C VAL HB 173 -14.84 46.06 90.03
N ASP HB 174 -14.23 47.19 90.31
CA ASP HB 174 -12.83 47.35 90.64
C ASP HB 174 -12.78 48.53 91.62
N PRO HB 175 -12.67 48.24 92.93
CA PRO HB 175 -12.70 49.27 93.95
C PRO HB 175 -11.35 49.96 94.19
N ASN HB 176 -10.27 49.50 93.54
CA ASN HB 176 -8.91 49.66 94.10
C ASN HB 176 -7.68 49.45 93.16
N SER HB 177 -7.79 49.28 91.82
CA SER HB 177 -6.59 49.25 90.93
C SER HB 177 -5.95 50.63 90.66
N ALA IB 2 -62.70 64.92 139.10
CA ALA IB 2 -63.30 64.94 137.75
C ALA IB 2 -62.40 64.31 136.70
N ILE IB 3 -62.96 63.89 135.56
CA ILE IB 3 -62.24 63.27 134.43
C ILE IB 3 -61.43 64.26 133.58
N ALA IB 4 -60.36 63.79 132.93
CA ALA IB 4 -59.71 64.51 131.84
C ALA IB 4 -60.54 64.43 130.56
N THR IB 5 -60.20 65.25 129.56
CA THR IB 5 -60.89 65.30 128.27
C THR IB 5 -59.96 64.97 127.13
N TYR IB 6 -60.52 64.44 126.05
CA TYR IB 6 -59.79 64.17 124.83
C TYR IB 6 -58.96 65.38 124.34
N ASN IB 7 -59.52 66.59 124.33
CA ASN IB 7 -58.76 67.77 123.92
C ASN IB 7 -57.69 68.16 124.94
N SER IB 8 -57.81 67.78 126.21
CA SER IB 8 -56.69 67.90 127.14
C SER IB 8 -55.53 67.02 126.69
N HIS IB 9 -55.75 65.76 126.29
CA HIS IB 9 -54.66 64.90 125.79
C HIS IB 9 -53.95 65.51 124.59
N VAL IB 10 -54.71 66.13 123.68
CA VAL IB 10 -54.18 66.82 122.50
C VAL IB 10 -53.33 68.02 122.89
N GLU IB 11 -53.80 68.91 123.77
CA GLU IB 11 -53.04 70.10 124.19
C GLU IB 11 -51.74 69.76 124.93
N LEU IB 12 -51.77 68.67 125.69
CA LEU IB 12 -50.58 68.11 126.34
C LEU IB 12 -49.60 67.50 125.32
N ALA IB 13 -50.09 66.82 124.27
CA ALA IB 13 -49.25 66.38 123.16
C ALA IB 13 -48.63 67.59 122.41
N LYS IB 14 -49.40 68.63 122.09
CA LYS IB 14 -48.88 69.90 121.51
C LYS IB 14 -47.78 70.54 122.38
N TYR IB 15 -47.99 70.57 123.69
CA TYR IB 15 -46.96 71.04 124.61
C TYR IB 15 -45.70 70.18 124.51
N LEU IB 16 -45.81 68.84 124.56
CA LEU IB 16 -44.66 67.93 124.38
C LEU IB 16 -43.91 68.21 123.08
N VAL IB 17 -44.61 68.33 121.95
CA VAL IB 17 -43.99 68.63 120.66
C VAL IB 17 -43.38 70.04 120.60
N SER IB 18 -43.91 71.04 121.34
CA SER IB 18 -43.29 72.38 121.44
C SER IB 18 -41.94 72.38 122.18
N LYS IB 19 -41.56 71.26 122.82
CA LYS IB 19 -40.29 71.08 123.54
C LYS IB 19 -39.21 70.34 122.71
N ALA IB 20 -39.51 69.97 121.46
CA ALA IB 20 -38.72 69.06 120.58
C ALA IB 20 -37.22 69.32 120.53
N ASP IB 21 -36.81 70.58 120.53
CA ASP IB 21 -35.41 70.95 120.39
C ASP IB 21 -34.55 70.41 121.55
N SER IB 22 -35.14 70.40 122.75
CA SER IB 22 -34.55 69.80 123.96
C SER IB 22 -34.68 68.27 124.04
N VAL IB 23 -35.32 67.62 123.07
CA VAL IB 23 -35.59 66.18 123.14
C VAL IB 23 -34.40 65.38 122.69
N TYR IB 24 -34.10 64.34 123.44
CA TYR IB 24 -33.08 63.36 123.14
C TYR IB 24 -33.65 61.94 123.30
N LEU IB 25 -33.32 61.06 122.35
CA LEU IB 25 -33.33 59.62 122.52
C LEU IB 25 -32.25 59.24 123.53
N THR IB 26 -32.52 58.34 124.44
CA THR IB 26 -31.55 57.75 125.34
C THR IB 26 -31.60 56.24 125.26
N ILE IB 27 -30.44 55.61 125.40
CA ILE IB 27 -30.31 54.16 125.38
C ILE IB 27 -29.51 53.68 126.58
N GLY IB 28 -29.91 52.53 127.10
CA GLY IB 28 -29.32 51.93 128.28
C GLY IB 28 -29.55 50.43 128.33
N LYS IB 29 -29.29 49.86 129.50
CA LYS IB 29 -29.32 48.42 129.76
C LYS IB 29 -28.38 47.66 128.81
N SER IB 30 -27.09 48.00 128.90
CA SER IB 30 -26.03 47.46 128.05
C SER IB 30 -25.59 46.05 128.44
N THR IB 31 -25.70 45.64 129.71
CA THR IB 31 -25.57 44.21 130.07
C THR IB 31 -26.90 43.49 129.82
N PRO IB 32 -26.91 42.15 129.76
CA PRO IB 32 -28.13 41.36 129.69
C PRO IB 32 -29.21 41.73 130.73
N TRP IB 33 -30.49 41.51 130.39
CA TRP IB 33 -31.52 41.22 131.38
C TRP IB 33 -31.20 39.92 132.14
N SER IB 34 -32.00 39.54 133.13
CA SER IB 34 -31.95 38.15 133.61
C SER IB 34 -32.31 37.16 132.48
N ASN IB 35 -33.34 37.48 131.67
CA ASN IB 35 -33.75 36.75 130.47
C ASN IB 35 -33.74 37.66 129.22
N GLU IB 36 -32.85 37.39 128.26
CA GLU IB 36 -32.67 38.22 127.06
C GLU IB 36 -33.76 38.05 125.99
N THR IB 37 -34.53 36.96 126.03
CA THR IB 37 -35.70 36.78 125.16
C THR IB 37 -36.91 37.50 125.75
N ASN IB 38 -37.03 37.50 127.08
CA ASN IB 38 -38.12 38.14 127.81
C ASN IB 38 -37.61 39.17 128.84
N PRO IB 39 -37.36 40.42 128.41
CA PRO IB 39 -37.23 41.57 129.29
C PRO IB 39 -38.40 41.65 130.29
N PRO IB 40 -38.19 42.25 131.47
CA PRO IB 40 -39.28 42.55 132.40
C PRO IB 40 -40.18 43.67 131.86
N GLN IB 41 -41.49 43.64 132.11
CA GLN IB 41 -42.40 44.73 131.69
C GLN IB 41 -42.02 46.07 132.35
N PRO IB 42 -42.17 47.22 131.65
CA PRO IB 42 -41.50 48.44 132.05
C PRO IB 42 -42.13 49.11 133.27
N ASP IB 43 -41.30 49.37 134.27
CA ASP IB 43 -41.61 50.11 135.51
C ASP IB 43 -41.75 51.62 135.25
N GLU IB 44 -42.99 52.13 135.17
CA GLU IB 44 -43.24 53.55 134.96
C GLU IB 44 -42.50 54.45 135.97
N ASN IB 45 -42.20 54.01 137.20
CA ASN IB 45 -41.55 54.88 138.19
C ASN IB 45 -40.08 55.20 137.85
N ALA IB 46 -39.47 54.51 136.88
CA ALA IB 46 -38.11 54.78 136.46
C ALA IB 46 -37.93 56.26 136.03
N THR IB 47 -36.93 56.93 136.61
CA THR IB 47 -36.53 58.32 136.28
C THR IB 47 -35.40 58.42 135.26
N VAL IB 48 -34.72 57.30 135.03
CA VAL IB 48 -33.53 57.16 134.21
C VAL IB 48 -33.47 55.72 133.67
N LEU IB 49 -32.83 55.50 132.53
CA LEU IB 49 -32.57 54.14 132.06
C LEU IB 49 -31.50 53.47 132.92
N GLN IB 50 -31.59 52.15 133.13
CA GLN IB 50 -30.52 51.39 133.77
C GLN IB 50 -29.25 51.50 132.92
N GLU IB 51 -28.06 51.55 133.54
CA GLU IB 51 -26.77 51.48 132.83
C GLU IB 51 -26.60 52.50 131.68
N VAL IB 52 -27.06 53.75 131.85
CA VAL IB 52 -27.19 54.73 130.74
C VAL IB 52 -25.91 54.81 129.90
N ILE IB 53 -26.05 54.55 128.60
CA ILE IB 53 -24.97 54.64 127.61
C ILE IB 53 -24.81 56.10 127.17
N GLY IB 54 -25.93 56.74 126.83
CA GLY IB 54 -25.96 58.13 126.40
C GLY IB 54 -27.30 58.58 125.81
N TYR IB 55 -27.23 59.76 125.23
CA TYR IB 55 -28.32 60.52 124.68
C TYR IB 55 -27.96 60.94 123.26
N LYS IB 56 -28.91 60.87 122.33
CA LYS IB 56 -28.81 61.44 120.99
C LYS IB 56 -30.02 62.32 120.70
N LYS IB 57 -29.82 63.58 120.26
CA LYS IB 57 -30.90 64.54 119.98
C LYS IB 57 -31.95 63.94 119.05
N ALA IB 58 -33.24 64.22 119.25
CA ALA IB 58 -34.27 63.65 118.39
C ALA IB 58 -34.14 64.16 116.96
N THR IB 59 -34.15 63.25 116.00
CA THR IB 59 -34.13 63.63 114.56
C THR IB 59 -35.50 64.06 114.08
N LYS IB 60 -36.55 63.48 114.65
CA LYS IB 60 -37.93 63.80 114.33
C LYS IB 60 -38.76 63.81 115.61
N VAL IB 61 -39.56 64.87 115.77
CA VAL IB 61 -40.64 64.98 116.75
C VAL IB 61 -41.84 65.62 116.05
N THR IB 62 -43.00 64.99 116.15
CA THR IB 62 -44.22 65.50 115.55
C THR IB 62 -45.41 64.87 116.23
N LEU IB 63 -46.57 65.51 116.14
CA LEU IB 63 -47.81 64.81 116.46
C LEU IB 63 -48.08 63.79 115.34
N VAL IB 64 -48.78 62.72 115.68
CA VAL IB 64 -49.30 61.74 114.71
C VAL IB 64 -50.70 61.29 115.11
N ARG IB 65 -51.37 60.56 114.22
CA ARG IB 65 -52.56 59.76 114.53
C ARG IB 65 -52.58 58.49 113.66
N PRO IB 66 -53.28 57.39 114.03
CA PRO IB 66 -53.59 56.28 113.11
C PRO IB 66 -54.20 56.80 111.80
N SER IB 67 -53.70 56.37 110.64
CA SER IB 67 -54.21 56.86 109.35
C SER IB 67 -55.57 56.24 108.98
N LYS IB 68 -56.32 56.90 108.09
CA LYS IB 68 -57.57 56.43 107.45
C LYS IB 68 -57.77 57.06 106.07
N SER IB 69 -58.46 56.33 105.20
CA SER IB 69 -58.75 56.75 103.83
C SER IB 69 -60.24 57.09 103.68
N PRO IB 70 -60.65 58.18 103.01
CA PRO IB 70 -59.88 59.00 102.05
C PRO IB 70 -59.01 60.15 102.62
N GLU IB 71 -59.32 60.69 103.80
CA GLU IB 71 -58.75 61.99 104.23
C GLU IB 71 -57.23 62.02 104.38
N ASP IB 72 -56.57 60.87 104.53
CA ASP IB 72 -55.12 60.80 104.69
C ASP IB 72 -54.37 60.38 103.41
N ASP IB 73 -55.06 60.15 102.30
CA ASP IB 73 -54.44 59.66 101.08
C ASP IB 73 -53.24 60.53 100.63
N ASN IB 74 -53.41 61.86 100.54
CA ASN IB 74 -52.38 62.78 100.05
C ASN IB 74 -51.31 63.18 101.10
N LYS IB 75 -51.48 62.77 102.36
CA LYS IB 75 -50.66 63.20 103.50
C LYS IB 75 -49.37 62.39 103.69
N ASN IB 76 -48.55 62.86 104.63
CA ASN IB 76 -47.33 62.20 105.12
C ASN IB 76 -47.66 60.94 105.94
N LEU IB 77 -47.84 59.79 105.30
CA LEU IB 77 -48.00 58.53 106.03
C LEU IB 77 -46.73 58.08 106.75
N ILE IB 78 -46.94 57.27 107.78
CA ILE IB 78 -45.91 56.54 108.54
C ILE IB 78 -46.41 55.11 108.74
N SER IB 79 -45.50 54.14 108.66
CA SER IB 79 -45.75 52.73 108.99
C SER IB 79 -45.01 52.39 110.27
N TYR IB 80 -45.68 51.87 111.30
CA TYR IB 80 -45.02 51.40 112.52
C TYR IB 80 -45.85 50.32 113.24
N GLY IB 81 -45.20 49.34 113.87
CA GLY IB 81 -45.82 48.28 114.70
C GLY IB 81 -47.00 47.57 114.05
N ASN IB 82 -46.88 47.17 112.78
CA ASN IB 82 -47.95 46.51 112.01
C ASN IB 82 -49.23 47.39 111.85
N LYS IB 83 -49.09 48.72 111.91
CA LYS IB 83 -50.15 49.77 111.74
C LYS IB 83 -49.67 50.93 110.87
N SER IB 84 -50.61 51.70 110.30
CA SER IB 84 -50.32 52.92 109.55
C SER IB 84 -50.82 54.17 110.29
N TRP IB 85 -50.07 55.25 110.12
CA TRP IB 85 -50.10 56.50 110.88
C TRP IB 85 -49.93 57.68 109.93
N VAL IB 86 -50.22 58.90 110.40
CA VAL IB 86 -49.98 60.16 109.66
C VAL IB 86 -49.43 61.22 110.60
N GLU IB 87 -48.50 62.04 110.10
CA GLU IB 87 -47.99 63.21 110.82
C GLU IB 87 -49.03 64.33 110.89
N VAL IB 88 -48.99 65.09 111.99
CA VAL IB 88 -49.84 66.24 112.23
C VAL IB 88 -49.00 67.40 112.75
N THR IB 89 -49.19 68.59 112.19
CA THR IB 89 -48.52 69.84 112.63
C THR IB 89 -49.24 70.47 113.82
N PRO IB 90 -48.55 71.24 114.69
CA PRO IB 90 -49.13 71.73 115.94
C PRO IB 90 -50.44 72.51 115.78
N GLU IB 91 -50.54 73.37 114.77
CA GLU IB 91 -51.68 74.27 114.57
C GLU IB 91 -52.97 73.55 114.14
N ASN IB 92 -52.85 72.30 113.69
CA ASN IB 92 -53.98 71.45 113.29
C ASN IB 92 -54.45 70.51 114.42
N ALA IB 93 -53.76 70.47 115.57
CA ALA IB 93 -53.79 69.31 116.46
C ALA IB 93 -55.19 68.90 116.93
N LYS IB 94 -56.03 69.85 117.35
CA LYS IB 94 -57.43 69.63 117.77
C LYS IB 94 -58.38 69.31 116.61
N ALA IB 95 -58.12 69.84 115.42
CA ALA IB 95 -58.90 69.56 114.21
C ALA IB 95 -58.67 68.11 113.74
N GLU IB 96 -57.43 67.61 113.81
CA GLU IB 96 -57.07 66.23 113.45
C GLU IB 96 -57.38 65.22 114.58
N GLY IB 97 -57.40 65.65 115.85
CA GLY IB 97 -57.49 64.77 117.03
C GLY IB 97 -56.14 64.13 117.42
N ALA IB 98 -55.03 64.83 117.18
CA ALA IB 98 -53.70 64.25 117.19
C ALA IB 98 -53.11 64.13 118.61
N LYS IB 99 -53.68 63.25 119.42
CA LYS IB 99 -53.22 62.97 120.79
C LYS IB 99 -51.99 62.06 120.87
N TRP IB 100 -51.38 61.70 119.74
CA TRP IB 100 -50.14 60.92 119.73
C TRP IB 100 -48.95 61.78 119.33
N VAL IB 101 -47.81 61.46 119.93
CA VAL IB 101 -46.49 61.97 119.56
C VAL IB 101 -45.73 60.83 118.87
N TYR IB 102 -45.08 61.13 117.74
CA TYR IB 102 -44.06 60.27 117.15
C TYR IB 102 -42.69 60.86 117.52
N LEU IB 103 -41.81 60.00 118.01
CA LEU IB 103 -40.45 60.35 118.42
C LEU IB 103 -39.48 59.43 117.69
N GLU IB 104 -38.44 59.99 117.06
CA GLU IB 104 -37.41 59.19 116.40
C GLU IB 104 -36.01 59.84 116.52
N SER IB 105 -35.00 58.99 116.71
CA SER IB 105 -33.62 59.35 116.48
C SER IB 105 -32.81 58.18 115.96
N SER IB 106 -31.75 58.48 115.20
CA SER IB 106 -30.83 57.51 114.62
C SER IB 106 -29.41 57.75 115.10
N ILE IB 107 -28.85 56.78 115.83
CA ILE IB 107 -27.45 56.82 116.29
C ILE IB 107 -26.59 56.26 115.16
N VAL IB 108 -25.92 57.14 114.42
CA VAL IB 108 -25.05 56.78 113.30
C VAL IB 108 -23.75 56.20 113.86
N GLY IB 109 -23.54 54.90 113.69
CA GLY IB 109 -22.25 54.28 113.94
C GLY IB 109 -21.79 54.39 115.39
N ASP IB 110 -20.54 54.86 115.56
CA ASP IB 110 -19.79 54.96 116.83
C ASP IB 110 -19.93 56.31 117.60
N GLU IB 111 -20.90 57.17 117.25
CA GLU IB 111 -21.05 58.49 117.90
C GLU IB 111 -21.55 58.43 119.36
N LEU IB 112 -21.99 57.26 119.81
CA LEU IB 112 -21.97 56.85 121.21
C LEU IB 112 -21.12 55.57 121.30
N PRO IB 113 -20.52 55.23 122.46
CA PRO IB 113 -19.71 54.02 122.60
C PRO IB 113 -20.35 52.76 121.98
N LEU IB 114 -19.61 51.97 121.18
CA LEU IB 114 -20.13 50.75 120.52
C LEU IB 114 -20.32 49.56 121.47
N GLY IB 115 -21.32 48.70 121.23
CA GLY IB 115 -21.76 47.66 122.17
C GLY IB 115 -23.18 47.16 121.93
N THR IB 116 -23.97 46.97 122.98
CA THR IB 116 -25.41 46.62 122.90
C THR IB 116 -26.25 47.50 123.80
N TYR IB 117 -27.56 47.56 123.53
CA TYR IB 117 -28.57 48.28 124.32
C TYR IB 117 -29.90 47.50 124.32
N ARG IB 118 -30.71 47.73 125.36
CA ARG IB 118 -32.00 47.04 125.58
C ARG IB 118 -33.12 48.01 126.02
N GLN IB 119 -32.84 48.95 126.91
CA GLN IB 119 -33.77 50.04 127.17
C GLN IB 119 -33.61 51.15 126.14
N VAL IB 120 -34.74 51.58 125.60
CA VAL IB 120 -34.89 52.73 124.72
C VAL IB 120 -35.87 53.69 125.36
N GLY IB 121 -35.50 54.95 125.53
CA GLY IB 121 -36.35 55.98 126.15
C GLY IB 121 -36.09 57.36 125.57
N PHE IB 122 -36.97 58.33 125.84
CA PHE IB 122 -36.81 59.70 125.37
C PHE IB 122 -36.95 60.65 126.55
N VAL IB 123 -36.12 61.69 126.57
CA VAL IB 123 -36.14 62.74 127.58
C VAL IB 123 -36.42 64.09 126.93
N MET IB 124 -37.14 64.99 127.59
CA MET IB 124 -37.07 66.42 127.26
C MET IB 124 -36.23 67.15 128.29
N ASP IB 125 -35.99 68.45 128.06
CA ASP IB 125 -35.29 69.34 128.99
C ASP IB 125 -33.88 68.87 129.38
N LEU IB 126 -33.23 68.05 128.55
CA LEU IB 126 -31.81 67.76 128.72
C LEU IB 126 -30.99 69.04 128.51
N VAL IB 127 -30.10 69.35 129.45
CA VAL IB 127 -29.14 70.46 129.38
C VAL IB 127 -27.70 69.92 129.54
N ALA IB 128 -26.81 70.25 128.60
CA ALA IB 128 -25.41 69.77 128.57
C ALA IB 128 -24.47 70.65 129.42
N LYS IB 129 -23.30 70.11 129.79
CA LYS IB 129 -22.28 70.86 130.55
C LYS IB 129 -21.63 71.95 129.69
N SER IB 130 -21.25 73.06 130.32
CA SER IB 130 -20.72 74.24 129.62
C SER IB 130 -19.45 73.91 128.84
N GLY IB 131 -19.40 74.36 127.58
CA GLY IB 131 -18.39 73.98 126.59
C GLY IB 131 -18.75 72.73 125.75
N ILE IB 132 -19.85 72.04 126.03
CA ILE IB 132 -20.35 70.94 125.21
C ILE IB 132 -21.59 71.39 124.45
N SER IB 133 -21.59 71.28 123.12
CA SER IB 133 -22.70 71.68 122.24
C SER IB 133 -23.24 70.54 121.35
N LYS IB 134 -22.54 69.40 121.30
CA LYS IB 134 -22.82 68.29 120.38
C LYS IB 134 -24.08 67.51 120.72
N PHE IB 135 -24.70 66.92 119.69
CA PHE IB 135 -26.01 66.24 119.78
C PHE IB 135 -25.96 64.78 120.23
N ASN IB 136 -24.77 64.21 120.37
CA ASN IB 136 -24.50 62.91 120.99
C ASN IB 136 -23.80 63.17 122.34
N LEU IB 137 -24.40 62.76 123.45
CA LEU IB 137 -23.86 62.98 124.80
C LEU IB 137 -23.80 61.67 125.58
N VAL IB 138 -22.65 61.35 126.19
CA VAL IB 138 -22.62 60.36 127.28
C VAL IB 138 -23.03 61.05 128.58
N PRO IB 139 -23.53 60.34 129.60
CA PRO IB 139 -24.01 60.94 130.84
C PRO IB 139 -23.04 61.90 131.51
N SER IB 140 -21.72 61.61 131.48
CA SER IB 140 -20.69 62.47 132.06
C SER IB 140 -20.53 63.84 131.36
N GLU IB 141 -21.11 64.02 130.19
CA GLU IB 141 -21.17 65.29 129.45
C GLU IB 141 -22.47 66.09 129.74
N VAL IB 142 -23.42 65.50 130.49
CA VAL IB 142 -24.78 66.04 130.73
C VAL IB 142 -24.85 66.78 132.08
N GLU IB 143 -25.35 68.02 132.08
CA GLU IB 143 -25.48 68.86 133.28
C GLU IB 143 -26.76 68.52 134.05
N SER IB 144 -27.88 68.42 133.34
CA SER IB 144 -29.14 67.91 133.86
C SER IB 144 -29.78 66.99 132.83
N THR IB 145 -30.24 65.82 133.26
CA THR IB 145 -30.88 64.83 132.37
C THR IB 145 -32.34 65.19 132.07
N GLY IB 146 -32.81 66.38 132.46
CA GLY IB 146 -34.15 66.84 132.12
C GLY IB 146 -35.22 65.94 132.71
N THR IB 147 -36.17 65.48 131.89
CA THR IB 147 -37.17 64.48 132.31
C THR IB 147 -37.37 63.36 131.30
N LEU IB 148 -37.28 62.10 131.77
CA LEU IB 148 -37.68 60.88 131.05
C LEU IB 148 -39.20 60.83 130.89
N LEU IB 149 -39.65 61.05 129.66
CA LEU IB 149 -41.07 61.04 129.29
C LEU IB 149 -41.59 59.61 129.09
N PHE IB 150 -40.91 58.82 128.25
CA PHE IB 150 -41.35 57.51 127.76
C PHE IB 150 -40.16 56.56 127.62
N PHE IB 151 -40.37 55.24 127.79
CA PHE IB 151 -39.37 54.19 127.49
C PHE IB 151 -40.00 52.79 127.30
N ASP IB 152 -39.23 51.84 126.75
CA ASP IB 152 -39.59 50.42 126.70
C ASP IB 152 -38.37 49.50 126.99
N ASN IB 153 -38.63 48.35 127.62
CA ASN IB 153 -37.66 47.30 127.86
C ASN IB 153 -37.70 46.31 126.68
N LYS IB 154 -36.78 46.48 125.73
CA LYS IB 154 -36.70 45.63 124.53
C LYS IB 154 -35.66 44.49 124.66
N GLN IB 155 -35.80 43.48 123.81
CA GLN IB 155 -34.74 42.53 123.50
C GLN IB 155 -33.54 43.29 122.90
N PHE IB 156 -32.32 42.81 123.16
CA PHE IB 156 -31.11 43.57 122.83
C PHE IB 156 -30.95 43.84 121.32
N GLN IB 157 -30.21 44.89 121.02
CA GLN IB 157 -29.64 45.19 119.72
C GLN IB 157 -28.16 45.53 119.92
N ASN IB 158 -27.35 45.35 118.88
CA ASN IB 158 -25.95 45.76 118.85
C ASN IB 158 -25.76 47.07 118.06
N ARG IB 159 -24.58 47.69 118.17
CA ARG IB 159 -24.13 48.81 117.34
C ARG IB 159 -22.69 48.62 116.88
N SER IB 160 -22.44 48.91 115.60
CA SER IB 160 -21.13 48.93 114.90
C SER IB 160 -21.02 50.12 113.93
N GLU IB 161 -19.80 50.44 113.46
CA GLU IB 161 -19.49 51.67 112.69
C GLU IB 161 -20.38 51.85 111.43
N GLN IB 162 -20.67 50.77 110.71
CA GLN IB 162 -21.52 50.81 109.54
C GLN IB 162 -23.01 51.00 109.87
N THR IB 163 -23.46 50.42 110.98
CA THR IB 163 -24.87 50.42 111.36
C THR IB 163 -25.32 51.79 111.84
N THR IB 164 -26.52 52.20 111.44
CA THR IB 164 -27.19 53.37 112.02
C THR IB 164 -28.35 52.86 112.87
N ALA IB 165 -28.27 53.00 114.18
CA ALA IB 165 -29.34 52.55 115.09
C ALA IB 165 -30.48 53.56 115.14
N LYS IB 166 -31.40 53.44 114.19
CA LYS IB 166 -32.73 54.03 114.27
C LYS IB 166 -33.47 53.43 115.46
N GLU IB 167 -33.99 54.28 116.34
CA GLU IB 167 -35.07 53.92 117.27
C GLU IB 167 -36.20 54.93 117.19
N ARG IB 168 -37.42 54.45 117.45
CA ARG IB 168 -38.61 55.32 117.47
C ARG IB 168 -39.75 54.79 118.32
N PHE IB 169 -40.63 55.69 118.73
CA PHE IB 169 -41.88 55.41 119.44
C PHE IB 169 -43.04 56.21 118.86
N ILE IB 170 -44.22 55.63 119.01
CA ILE IB 170 -45.48 56.36 118.99
C ILE IB 170 -46.16 56.13 120.33
N VAL IB 171 -46.68 57.19 120.95
CA VAL IB 171 -47.27 57.16 122.29
C VAL IB 171 -48.35 58.24 122.43
N GLU IB 172 -49.20 58.11 123.44
CA GLU IB 172 -50.23 59.07 123.86
C GLU IB 172 -50.20 59.23 125.38
N VAL IB 173 -50.68 60.38 125.89
CA VAL IB 173 -50.58 60.72 127.33
C VAL IB 173 -51.48 59.87 128.25
N ASP IB 174 -52.55 59.28 127.71
CA ASP IB 174 -53.46 58.37 128.40
C ASP IB 174 -53.99 57.31 127.41
N PRO IB 175 -53.41 56.10 127.37
CA PRO IB 175 -53.80 55.02 126.46
C PRO IB 175 -54.99 54.17 126.93
N ASN IB 176 -55.59 54.43 128.10
CA ASN IB 176 -56.71 53.62 128.63
C ASN IB 176 -57.77 54.39 129.49
N SER IB 177 -58.19 55.59 129.06
CA SER IB 177 -59.47 56.21 129.48
C SER IB 177 -60.74 55.59 128.86
N ALA JB 2 -45.67 51.31 125.37
CA ALA JB 2 -46.88 52.11 125.09
C ALA JB 2 -47.40 52.92 126.31
N ILE JB 3 -47.30 52.41 127.55
CA ILE JB 3 -47.82 53.10 128.76
C ILE JB 3 -47.16 54.46 129.04
N ALA JB 4 -47.94 55.39 129.61
CA ALA JB 4 -47.42 56.58 130.30
C ALA JB 4 -46.80 56.23 131.66
N THR JB 5 -46.17 57.19 132.32
CA THR JB 5 -45.55 56.99 133.64
C THR JB 5 -46.11 57.95 134.67
N TYR JB 6 -46.07 57.51 135.92
CA TYR JB 6 -46.47 58.32 137.05
C TYR JB 6 -45.87 59.73 136.96
N ASN JB 7 -44.56 59.87 136.70
CA ASN JB 7 -43.98 61.22 136.59
C ASN JB 7 -44.32 61.98 135.31
N SER JB 8 -44.72 61.31 134.23
CA SER JB 8 -45.27 62.05 133.09
C SER JB 8 -46.48 62.84 133.53
N HIS JB 9 -47.38 62.20 134.30
CA HIS JB 9 -48.58 62.86 134.84
C HIS JB 9 -48.21 64.09 135.68
N VAL JB 10 -47.16 63.97 136.50
CA VAL JB 10 -46.65 65.07 137.33
C VAL JB 10 -46.23 66.27 136.46
N GLU JB 11 -45.52 66.04 135.36
CA GLU JB 11 -45.03 67.12 134.49
C GLU JB 11 -46.12 67.82 133.72
N LEU JB 12 -47.11 67.05 133.30
CA LEU JB 12 -48.31 67.57 132.66
C LEU JB 12 -49.11 68.45 133.64
N ALA JB 13 -49.30 67.99 134.89
CA ALA JB 13 -49.92 68.84 135.92
C ALA JB 13 -49.10 70.11 136.17
N LYS JB 14 -47.76 70.02 136.25
CA LYS JB 14 -46.87 71.19 136.36
C LYS JB 14 -47.13 72.20 135.25
N TYR JB 15 -47.22 71.74 134.00
CA TYR JB 15 -47.52 72.63 132.89
C TYR JB 15 -48.81 73.42 133.10
N LEU JB 16 -49.91 72.75 133.44
CA LEU JB 16 -51.20 73.41 133.65
C LEU JB 16 -51.10 74.52 134.71
N VAL JB 17 -50.28 74.31 135.75
CA VAL JB 17 -50.04 75.32 136.78
C VAL JB 17 -49.20 76.50 136.28
N SER JB 18 -48.26 76.29 135.35
CA SER JB 18 -47.47 77.38 134.76
C SER JB 18 -48.28 78.39 133.92
N LYS JB 19 -49.49 78.01 133.48
CA LYS JB 19 -50.43 78.80 132.63
C LYS JB 19 -51.39 79.69 133.38
N ALA JB 20 -51.25 79.76 134.71
CA ALA JB 20 -52.18 80.39 135.64
C ALA JB 20 -52.69 81.79 135.19
N ASP JB 21 -51.84 82.64 134.58
CA ASP JB 21 -52.24 83.97 134.08
C ASP JB 21 -53.40 83.96 133.07
N SER JB 22 -53.52 82.91 132.24
CA SER JB 22 -54.60 82.75 131.25
C SER JB 22 -55.80 81.94 131.77
N VAL JB 23 -55.77 81.46 133.02
CA VAL JB 23 -56.81 80.57 133.55
C VAL JB 23 -58.00 81.38 134.05
N TYR JB 24 -59.21 80.99 133.67
CA TYR JB 24 -60.47 81.59 134.13
C TYR JB 24 -61.45 80.51 134.60
N LEU JB 25 -62.12 80.74 135.73
CA LEU JB 25 -63.39 80.08 136.06
C LEU JB 25 -64.43 80.45 135.00
N THR JB 26 -65.42 79.59 134.80
CA THR JB 26 -66.66 79.90 134.08
C THR JB 26 -67.86 79.25 134.77
N ILE JB 27 -69.04 79.88 134.72
CA ILE JB 27 -70.29 79.38 135.33
C ILE JB 27 -71.48 79.44 134.37
N GLY JB 28 -72.41 78.50 134.51
CA GLY JB 28 -73.53 78.32 133.57
C GLY JB 28 -74.65 77.42 134.10
N LYS JB 29 -75.53 76.99 133.19
CA LYS JB 29 -76.76 76.22 133.41
C LYS JB 29 -77.72 76.91 134.41
N SER JB 30 -78.15 78.12 134.04
CA SER JB 30 -79.05 78.96 134.84
C SER JB 30 -80.51 78.46 134.87
N THR JB 31 -80.90 77.54 133.96
CA THR JB 31 -82.21 76.84 134.00
C THR JB 31 -82.08 75.40 134.56
N PRO JB 32 -83.16 74.79 135.09
CA PRO JB 32 -83.12 73.50 135.78
C PRO JB 32 -82.50 72.32 135.02
N TRP JB 33 -82.07 71.31 135.77
CA TRP JB 33 -81.94 69.93 135.33
C TRP JB 33 -83.30 69.21 135.29
N SER JB 34 -83.37 68.00 134.71
CA SER JB 34 -84.57 67.14 134.72
C SER JB 34 -84.97 66.63 136.13
N ASN JB 35 -83.98 66.41 137.00
CA ASN JB 35 -84.13 66.22 138.44
C ASN JB 35 -83.10 67.09 139.19
N GLU JB 36 -83.54 68.15 139.86
CA GLU JB 36 -82.66 69.13 140.53
C GLU JB 36 -81.91 68.59 141.77
N THR JB 37 -82.28 67.41 142.28
CA THR JB 37 -81.55 66.67 143.33
C THR JB 37 -80.42 65.82 142.72
N ASN JB 38 -80.59 65.34 141.49
CA ASN JB 38 -79.74 64.37 140.81
C ASN JB 38 -79.31 64.85 139.40
N PRO JB 39 -78.36 65.80 139.30
CA PRO JB 39 -77.77 66.26 138.04
C PRO JB 39 -77.21 65.13 137.15
N PRO JB 40 -77.11 65.33 135.82
CA PRO JB 40 -76.55 64.36 134.88
C PRO JB 40 -75.01 64.27 134.94
N GLN JB 41 -74.45 63.20 134.37
CA GLN JB 41 -73.00 63.02 134.25
C GLN JB 41 -72.39 64.01 133.22
N PRO JB 42 -71.23 64.62 133.51
CA PRO JB 42 -70.58 65.56 132.60
C PRO JB 42 -69.87 64.89 131.41
N ASP JB 43 -69.76 65.64 130.32
CA ASP JB 43 -69.33 65.17 129.00
C ASP JB 43 -67.96 65.75 128.61
N GLU JB 44 -66.92 64.91 128.56
CA GLU JB 44 -65.56 65.37 128.27
C GLU JB 44 -65.41 66.05 126.90
N ASN JB 45 -66.30 65.79 125.94
CA ASN JB 45 -66.24 66.40 124.61
C ASN JB 45 -66.79 67.85 124.59
N ALA JB 46 -67.26 68.39 125.72
CA ALA JB 46 -67.71 69.78 125.81
C ALA JB 46 -66.57 70.80 125.64
N THR JB 47 -66.76 71.81 124.79
CA THR JB 47 -65.82 72.94 124.60
C THR JB 47 -66.14 74.15 125.49
N VAL JB 48 -67.35 74.21 126.07
CA VAL JB 48 -67.86 75.33 126.88
C VAL JB 48 -69.09 74.84 127.70
N LEU JB 49 -69.48 75.57 128.75
CA LEU JB 49 -70.69 75.26 129.55
C LEU JB 49 -72.01 75.54 128.80
N GLN JB 50 -73.10 74.87 129.19
CA GLN JB 50 -74.44 75.23 128.75
C GLN JB 50 -74.87 76.54 129.42
N GLU JB 51 -75.68 77.36 128.73
CA GLU JB 51 -76.27 78.60 129.27
C GLU JB 51 -75.21 79.47 130.01
N VAL JB 52 -74.05 79.75 129.39
CA VAL JB 52 -72.92 80.43 130.03
C VAL JB 52 -73.35 81.78 130.59
N ILE JB 53 -73.14 82.00 131.90
CA ILE JB 53 -73.33 83.31 132.53
C ILE JB 53 -72.07 84.16 132.37
N GLY JB 54 -70.86 83.59 132.57
CA GLY JB 54 -69.60 84.34 132.33
C GLY JB 54 -68.32 83.64 132.73
N TYR JB 55 -67.25 84.44 132.85
CA TYR JB 55 -65.88 84.07 133.17
C TYR JB 55 -65.31 84.98 134.25
N LYS JB 56 -64.48 84.41 135.15
CA LYS JB 56 -63.74 85.17 136.17
C LYS JB 56 -62.29 84.67 136.27
N LYS JB 57 -61.28 85.56 136.24
CA LYS JB 57 -59.85 85.16 136.26
C LYS JB 57 -59.56 84.25 137.46
N ALA JB 58 -58.75 83.22 137.32
CA ALA JB 58 -58.36 82.39 138.45
C ALA JB 58 -57.56 83.21 139.47
N THR JB 59 -57.94 83.06 140.74
CA THR JB 59 -57.32 83.72 141.89
C THR JB 59 -56.20 82.86 142.50
N LYS JB 60 -56.26 81.55 142.32
CA LYS JB 60 -55.35 80.57 142.88
C LYS JB 60 -55.26 79.37 141.94
N VAL JB 61 -54.05 79.12 141.43
CA VAL JB 61 -53.71 77.92 140.67
C VAL JB 61 -52.44 77.34 141.29
N THR JB 62 -52.47 76.07 141.68
CA THR JB 62 -51.37 75.41 142.39
C THR JB 62 -51.42 73.91 142.11
N LEU JB 63 -50.31 73.20 142.30
CA LEU JB 63 -50.44 71.76 142.50
C LEU JB 63 -51.03 71.49 143.89
N VAL JB 64 -51.67 70.34 144.06
CA VAL JB 64 -52.08 69.78 145.36
C VAL JB 64 -51.80 68.28 145.39
N ARG JB 65 -51.91 67.67 146.56
CA ARG JB 65 -52.06 66.21 146.72
C ARG JB 65 -53.01 65.92 147.88
N PRO JB 66 -53.58 64.71 147.98
CA PRO JB 66 -54.20 64.25 149.22
C PRO JB 66 -53.28 64.47 150.43
N SER JB 67 -53.80 65.01 151.52
CA SER JB 67 -53.01 65.22 152.73
C SER JB 67 -52.78 63.91 153.50
N LYS JB 68 -51.75 63.86 154.35
CA LYS JB 68 -51.53 62.82 155.37
C LYS JB 68 -51.13 63.42 156.72
N SER JB 69 -51.75 62.93 157.78
CA SER JB 69 -51.43 63.30 159.18
C SER JB 69 -50.30 62.39 159.72
N PRO JB 70 -49.46 62.82 160.67
CA PRO JB 70 -49.35 64.16 161.26
C PRO JB 70 -48.56 65.18 160.43
N GLU JB 71 -47.76 64.75 159.46
CA GLU JB 71 -46.74 65.61 158.82
C GLU JB 71 -47.31 66.78 158.00
N ASP JB 72 -48.56 66.69 157.51
CA ASP JB 72 -49.26 67.80 156.86
C ASP JB 72 -50.22 68.58 157.79
N ASP JB 73 -50.29 68.29 159.09
CA ASP JB 73 -51.16 69.01 160.05
C ASP JB 73 -50.81 70.51 160.18
N ASN JB 74 -49.55 70.86 159.90
CA ASN JB 74 -49.01 72.22 159.82
C ASN JB 74 -48.51 72.53 158.39
N LYS JB 75 -49.44 72.41 157.45
CA LYS JB 75 -49.38 72.93 156.08
C LYS JB 75 -50.74 73.54 155.67
N ASN JB 76 -50.74 74.22 154.53
CA ASN JB 76 -51.91 74.75 153.83
C ASN JB 76 -52.87 73.64 153.38
N LEU JB 77 -53.73 73.17 154.29
CA LEU JB 77 -54.76 72.18 153.98
C LEU JB 77 -55.97 72.79 153.27
N ILE JB 78 -56.51 72.01 152.35
CA ILE JB 78 -57.70 72.32 151.57
C ILE JB 78 -58.73 71.20 151.80
N SER JB 79 -59.99 71.56 152.05
CA SER JB 79 -61.11 70.63 152.21
C SER JB 79 -62.00 70.67 150.97
N TYR JB 80 -62.00 69.57 150.20
CA TYR JB 80 -62.65 69.52 148.89
C TYR JB 80 -63.19 68.14 148.49
N GLY JB 81 -64.38 68.08 147.87
CA GLY JB 81 -64.93 66.86 147.28
C GLY JB 81 -64.99 65.69 148.27
N ASN JB 82 -65.43 65.96 149.50
CA ASN JB 82 -65.49 65.04 150.64
C ASN JB 82 -64.11 64.59 151.22
N LYS JB 83 -62.98 65.16 150.78
CA LYS JB 83 -61.58 64.78 151.10
C LYS JB 83 -60.70 65.96 151.54
N SER JB 84 -59.50 65.64 152.04
CA SER JB 84 -58.50 66.62 152.50
C SER JB 84 -57.22 66.56 151.67
N TRP JB 85 -56.67 67.73 151.38
CA TRP JB 85 -55.62 67.99 150.38
C TRP JB 85 -54.60 68.98 150.94
N VAL JB 86 -53.40 69.06 150.36
CA VAL JB 86 -52.38 70.05 150.69
C VAL JB 86 -51.79 70.67 149.43
N GLU JB 87 -51.45 71.96 149.48
CA GLU JB 87 -50.81 72.68 148.37
C GLU JB 87 -49.33 72.29 148.20
N VAL JB 88 -48.87 72.22 146.95
CA VAL JB 88 -47.51 71.83 146.56
C VAL JB 88 -46.96 72.82 145.53
N THR JB 89 -45.67 73.21 145.62
CA THR JB 89 -45.05 74.12 144.63
C THR JB 89 -44.42 73.36 143.44
N PRO JB 90 -44.31 73.97 142.25
CA PRO JB 90 -43.96 73.28 141.02
C PRO JB 90 -42.67 72.46 141.04
N GLU JB 91 -41.63 72.95 141.70
CA GLU JB 91 -40.34 72.25 141.78
C GLU JB 91 -40.37 71.09 142.79
N ASN JB 92 -41.28 71.10 143.76
CA ASN JB 92 -41.47 69.99 144.70
C ASN JB 92 -42.26 68.82 144.08
N ALA JB 93 -42.92 69.02 142.94
CA ALA JB 93 -44.01 68.15 142.51
C ALA JB 93 -43.63 66.68 142.49
N LYS JB 94 -42.53 66.31 141.83
CA LYS JB 94 -42.09 64.90 141.71
C LYS JB 94 -41.77 64.28 143.07
N ALA JB 95 -41.24 65.05 144.01
CA ALA JB 95 -40.93 64.54 145.35
C ALA JB 95 -42.22 64.27 146.13
N GLU JB 96 -43.20 65.18 146.01
CA GLU JB 96 -44.52 65.05 146.63
C GLU JB 96 -45.48 64.12 145.84
N GLY JB 97 -45.09 63.70 144.64
CA GLY JB 97 -45.93 62.92 143.72
C GLY JB 97 -47.12 63.70 143.14
N ALA JB 98 -47.08 65.03 143.19
CA ALA JB 98 -48.22 65.95 143.02
C ALA JB 98 -48.74 66.06 141.57
N LYS JB 99 -49.35 64.99 141.08
CA LYS JB 99 -50.00 64.93 139.77
C LYS JB 99 -51.35 65.65 139.71
N TRP JB 100 -51.81 66.27 140.80
CA TRP JB 100 -53.07 67.01 140.82
C TRP JB 100 -52.88 68.51 140.67
N VAL JB 101 -53.88 69.15 140.08
CA VAL JB 101 -53.99 70.61 140.01
C VAL JB 101 -55.18 71.08 140.86
N TYR JB 102 -55.01 72.16 141.62
CA TYR JB 102 -56.10 72.92 142.25
C TYR JB 102 -56.30 74.24 141.51
N LEU JB 103 -57.56 74.59 141.26
CA LEU JB 103 -57.99 75.76 140.51
C LEU JB 103 -59.12 76.49 141.27
N GLU JB 104 -59.09 77.82 141.40
CA GLU JB 104 -60.15 78.57 142.09
C GLU JB 104 -60.39 79.96 141.52
N SER JB 105 -61.65 80.40 141.56
CA SER JB 105 -62.00 81.81 141.52
C SER JB 105 -63.25 82.10 142.35
N SER JB 106 -63.50 83.38 142.62
CA SER JB 106 -64.70 83.86 143.32
C SER JB 106 -65.43 84.89 142.49
N ILE JB 107 -66.75 84.75 142.38
CA ILE JB 107 -67.63 85.74 141.76
C ILE JB 107 -68.36 86.46 142.89
N VAL JB 108 -68.18 87.78 142.99
CA VAL JB 108 -68.61 88.57 144.14
C VAL JB 108 -69.87 89.34 143.81
N GLY JB 109 -70.93 89.13 144.59
CA GLY JB 109 -72.22 89.80 144.38
C GLY JB 109 -72.62 89.73 142.91
N ASP JB 110 -72.81 90.90 142.30
CA ASP JB 110 -73.37 91.09 140.95
C ASP JB 110 -72.34 91.49 139.86
N GLU JB 111 -71.02 91.28 140.03
CA GLU JB 111 -70.00 91.60 138.98
C GLU JB 111 -70.14 90.76 137.69
N LEU JB 112 -70.82 89.61 137.78
CA LEU JB 112 -71.47 88.90 136.68
C LEU JB 112 -73.00 88.85 136.97
N PRO JB 113 -73.89 88.84 135.96
CA PRO JB 113 -75.34 88.81 136.15
C PRO JB 113 -75.82 87.79 137.21
N LEU JB 114 -76.69 88.22 138.12
CA LEU JB 114 -77.22 87.39 139.23
C LEU JB 114 -78.16 86.29 138.73
N GLY JB 115 -78.51 85.35 139.62
CA GLY JB 115 -79.40 84.22 139.33
C GLY JB 115 -78.83 82.89 139.84
N THR JB 116 -79.49 81.79 139.52
CA THR JB 116 -78.96 80.45 139.84
C THR JB 116 -77.88 80.01 138.84
N TYR JB 117 -77.01 79.10 139.28
CA TYR JB 117 -76.06 78.40 138.41
C TYR JB 117 -75.90 76.94 138.85
N ARG JB 118 -75.59 76.04 137.91
CA ARG JB 118 -75.49 74.57 138.09
C ARG JB 118 -74.28 73.95 137.42
N GLN JB 119 -73.61 74.65 136.50
CA GLN JB 119 -72.33 74.21 135.92
C GLN JB 119 -71.21 75.16 136.27
N VAL JB 120 -70.05 74.56 136.44
CA VAL JB 120 -68.81 75.20 136.87
C VAL JB 120 -67.67 74.60 136.05
N GLY JB 121 -66.77 75.42 135.51
CA GLY JB 121 -65.67 74.96 134.63
C GLY JB 121 -64.40 75.82 134.77
N PHE JB 122 -63.25 75.30 134.34
CA PHE JB 122 -62.02 76.11 134.21
C PHE JB 122 -61.37 75.94 132.85
N VAL JB 123 -60.98 77.08 132.28
CA VAL JB 123 -60.34 77.19 130.98
C VAL JB 123 -58.87 77.59 131.13
N MET JB 124 -58.12 77.55 130.04
CA MET JB 124 -56.86 78.28 129.87
C MET JB 124 -56.83 78.97 128.50
N ASP JB 125 -55.87 79.86 128.27
CA ASP JB 125 -55.69 80.65 127.03
C ASP JB 125 -56.87 81.57 126.66
N LEU JB 126 -57.70 81.96 127.64
CA LEU JB 126 -58.70 83.00 127.40
C LEU JB 126 -58.03 84.35 127.09
N VAL JB 127 -58.58 85.06 126.09
CA VAL JB 127 -58.17 86.42 125.70
C VAL JB 127 -59.42 87.28 125.48
N ALA JB 128 -59.50 88.46 126.10
CA ALA JB 128 -60.62 89.40 125.92
C ALA JB 128 -60.53 90.21 124.62
N LYS JB 129 -61.65 90.84 124.21
CA LYS JB 129 -61.71 91.80 123.09
C LYS JB 129 -60.86 93.07 123.38
N SER JB 130 -60.42 93.75 122.32
CA SER JB 130 -59.44 94.85 122.40
C SER JB 130 -59.85 95.99 123.35
N GLY JB 131 -58.97 96.36 124.29
CA GLY JB 131 -59.19 97.41 125.30
C GLY JB 131 -59.89 96.97 126.60
N ILE JB 132 -60.58 95.83 126.60
CA ILE JB 132 -61.10 95.22 127.83
C ILE JB 132 -59.94 94.53 128.58
N SER JB 133 -59.67 94.92 129.83
CA SER JB 133 -58.66 94.24 130.68
C SER JB 133 -59.25 93.55 131.90
N LYS JB 134 -60.51 93.83 132.22
CA LYS JB 134 -61.11 93.41 133.49
C LYS JB 134 -61.22 91.89 133.65
N PHE JB 135 -61.10 91.43 134.89
CA PHE JB 135 -61.05 90.01 135.23
C PHE JB 135 -62.42 89.33 135.29
N ASN JB 136 -63.53 90.07 135.37
CA ASN JB 136 -64.92 89.58 135.20
C ASN JB 136 -65.39 89.84 133.75
N LEU JB 137 -65.68 88.79 132.98
CA LEU JB 137 -66.10 88.88 131.58
C LEU JB 137 -67.43 88.15 131.36
N VAL JB 138 -68.40 88.81 130.74
CA VAL JB 138 -69.51 88.08 130.09
C VAL JB 138 -69.04 87.57 128.73
N PRO JB 139 -69.68 86.53 128.16
CA PRO JB 139 -69.20 85.89 126.93
C PRO JB 139 -68.92 86.84 125.76
N SER JB 140 -69.75 87.86 125.55
CA SER JB 140 -69.58 88.83 124.46
C SER JB 140 -68.39 89.78 124.63
N GLU JB 141 -67.73 89.82 125.78
CA GLU JB 141 -66.49 90.57 126.01
C GLU JB 141 -65.24 89.72 125.77
N VAL JB 142 -65.39 88.40 125.63
CA VAL JB 142 -64.30 87.46 125.30
C VAL JB 142 -64.02 87.45 123.78
N GLU JB 143 -62.76 87.52 123.36
CA GLU JB 143 -62.35 87.36 121.94
C GLU JB 143 -62.14 85.87 121.63
N SER JB 144 -61.34 85.18 122.43
CA SER JB 144 -61.19 83.72 122.38
C SER JB 144 -61.32 83.15 123.78
N THR JB 145 -62.17 82.13 123.97
CA THR JB 145 -62.35 81.47 125.29
C THR JB 145 -61.23 80.46 125.58
N GLY JB 146 -60.23 80.38 124.71
CA GLY JB 146 -59.13 79.44 124.88
C GLY JB 146 -59.65 78.00 124.84
N THR JB 147 -59.39 77.23 125.89
CA THR JB 147 -59.75 75.80 125.99
C THR JB 147 -60.37 75.46 127.35
N LEU JB 148 -61.52 74.79 127.40
CA LEU JB 148 -62.09 74.25 128.64
C LEU JB 148 -61.37 72.96 129.05
N LEU JB 149 -60.62 73.01 130.15
CA LEU JB 149 -59.80 71.90 130.63
C LEU JB 149 -60.61 70.90 131.46
N PHE JB 150 -61.42 71.41 132.38
CA PHE JB 150 -62.18 70.63 133.36
C PHE JB 150 -63.51 71.32 133.68
N PHE JB 151 -64.57 70.54 133.99
CA PHE JB 151 -65.85 71.07 134.44
C PHE JB 151 -66.68 70.02 135.19
N ASP JB 152 -67.73 70.48 135.87
CA ASP JB 152 -68.71 69.66 136.58
C ASP JB 152 -70.16 70.17 136.43
N ASN JB 153 -71.09 69.26 136.67
CA ASN JB 153 -72.50 69.54 136.89
C ASN JB 153 -72.76 69.46 138.42
N LYS JB 154 -73.51 70.41 138.97
CA LYS JB 154 -73.81 70.54 140.40
C LYS JB 154 -75.30 70.77 140.65
N GLN JB 155 -75.76 70.53 141.88
CA GLN JB 155 -77.04 71.06 142.36
C GLN JB 155 -77.02 72.60 142.44
N PHE JB 156 -78.17 73.26 142.21
CA PHE JB 156 -78.20 74.72 142.00
C PHE JB 156 -77.79 75.49 143.26
N GLN JB 157 -77.03 76.56 143.06
CA GLN JB 157 -76.82 77.62 144.03
C GLN JB 157 -77.39 78.94 143.47
N ASN JB 158 -77.87 79.81 144.35
CA ASN JB 158 -78.45 81.11 144.02
C ASN JB 158 -77.47 82.25 144.37
N ARG JB 159 -77.22 83.16 143.43
CA ARG JB 159 -76.38 84.36 143.63
C ARG JB 159 -77.21 85.64 143.76
N SER JB 160 -76.91 86.40 144.80
CA SER JB 160 -77.51 87.69 145.19
C SER JB 160 -76.41 88.70 145.60
N GLU JB 161 -76.70 90.02 145.70
CA GLU JB 161 -75.70 91.11 145.93
C GLU JB 161 -74.79 90.89 147.17
N GLN JB 162 -75.28 90.18 148.20
CA GLN JB 162 -74.57 89.86 149.45
C GLN JB 162 -73.81 88.54 149.45
N THR JB 163 -74.01 87.71 148.43
CA THR JB 163 -73.34 86.41 148.33
C THR JB 163 -72.05 86.54 147.51
N THR JB 164 -71.00 85.80 147.92
CA THR JB 164 -69.84 85.51 147.07
C THR JB 164 -69.84 84.04 146.69
N ALA JB 165 -69.83 83.74 145.40
CA ALA JB 165 -69.79 82.40 144.86
C ALA JB 165 -68.36 81.99 144.55
N LYS JB 166 -67.64 81.47 145.55
CA LYS JB 166 -66.37 80.79 145.32
C LYS JB 166 -66.62 79.46 144.64
N GLU JB 167 -65.85 79.16 143.60
CA GLU JB 167 -65.82 77.84 142.97
C GLU JB 167 -64.41 77.39 142.64
N ARG JB 168 -64.20 76.08 142.73
CA ARG JB 168 -62.88 75.47 142.62
C ARG JB 168 -62.96 73.98 142.25
N PHE JB 169 -61.85 73.45 141.75
CA PHE JB 169 -61.70 72.02 141.43
C PHE JB 169 -60.36 71.42 141.86
N ILE JB 170 -60.35 70.08 142.02
CA ILE JB 170 -59.14 69.27 142.06
C ILE JB 170 -59.24 68.08 141.09
N VAL JB 171 -58.18 67.86 140.31
CA VAL JB 171 -58.14 66.97 139.13
C VAL JB 171 -56.71 66.48 138.85
N GLU JB 172 -56.57 65.38 138.10
CA GLU JB 172 -55.30 64.81 137.61
C GLU JB 172 -55.45 64.33 136.15
N VAL JB 173 -54.34 64.27 135.40
CA VAL JB 173 -54.38 64.06 133.93
C VAL JB 173 -54.66 62.61 133.50
N ASP JB 174 -54.65 61.67 134.44
CA ASP JB 174 -55.03 60.28 134.24
C ASP JB 174 -55.47 59.68 135.60
N PRO JB 175 -56.75 59.82 135.99
CA PRO JB 175 -57.21 59.37 137.29
C PRO JB 175 -57.32 57.84 137.43
N ASN JB 176 -57.01 57.02 136.40
CA ASN JB 176 -57.36 55.58 136.43
C ASN JB 176 -56.39 54.58 135.78
N SER JB 177 -55.17 54.96 135.41
CA SER JB 177 -54.10 53.97 135.28
C SER JB 177 -53.86 53.16 136.55
N ILE KB 3 55.35 -6.46 47.24
CA ILE KB 3 55.20 -5.90 45.87
C ILE KB 3 56.32 -6.44 44.96
N ASN KB 4 55.99 -7.05 43.82
CA ASN KB 4 56.98 -7.47 42.81
C ASN KB 4 57.39 -6.32 41.87
N PHE KB 5 58.42 -5.56 42.23
CA PHE KB 5 58.78 -4.38 41.42
C PHE KB 5 59.46 -4.68 40.08
N LYS KB 6 59.72 -5.95 39.72
CA LYS KB 6 60.27 -6.27 38.39
C LYS KB 6 59.21 -6.31 37.28
N GLY KB 7 57.92 -6.23 37.64
CA GLY KB 7 56.85 -5.86 36.70
C GLY KB 7 56.81 -4.35 36.42
N SER KB 8 56.47 -3.95 35.20
CA SER KB 8 56.62 -2.56 34.75
C SER KB 8 55.57 -1.62 35.38
N PRO KB 9 55.71 -0.27 35.28
CA PRO KB 9 56.79 0.50 34.62
C PRO KB 9 58.07 0.47 35.44
N TYR KB 10 58.01 0.16 36.73
CA TYR KB 10 59.17 0.16 37.63
C TYR KB 10 60.20 -0.87 37.16
N LEU KB 11 59.75 -2.04 36.70
CA LEU KB 11 60.53 -2.89 35.80
C LEU KB 11 61.94 -3.21 36.33
N ASP KB 12 62.09 -3.27 37.65
CA ASP KB 12 63.38 -3.08 38.32
C ASP KB 12 64.21 -4.36 38.24
N ARG KB 13 65.16 -4.45 37.29
CA ARG KB 13 65.90 -5.69 37.04
C ARG KB 13 67.02 -6.00 38.03
N PHE KB 14 67.17 -5.21 39.09
CA PHE KB 14 68.14 -5.52 40.15
C PHE KB 14 67.88 -6.90 40.78
N ASP KB 15 68.93 -7.59 41.13
CA ASP KB 15 68.92 -8.96 41.61
C ASP KB 15 70.26 -9.12 42.30
N PRO KB 16 70.34 -9.34 43.62
CA PRO KB 16 71.54 -8.97 44.34
C PRO KB 16 72.82 -9.65 43.83
N SER KB 17 72.77 -10.93 43.45
CA SER KB 17 73.93 -11.65 42.93
C SER KB 17 74.37 -11.25 41.52
N LYS KB 18 73.77 -10.24 40.90
CA LYS KB 18 74.44 -9.51 39.81
C LYS KB 18 75.68 -8.78 40.31
N ASP KB 19 75.68 -8.36 41.57
CA ASP KB 19 76.69 -7.48 42.15
C ASP KB 19 76.67 -6.10 41.46
N ARG KB 20 75.48 -5.57 41.13
CA ARG KB 20 75.35 -4.17 40.68
C ARG KB 20 75.57 -3.21 41.84
N THR KB 21 76.13 -2.05 41.54
CA THR KB 21 76.61 -1.13 42.58
C THR KB 21 76.38 0.35 42.31
N LYS KB 22 76.30 0.77 41.04
CA LYS KB 22 76.05 2.16 40.63
C LYS KB 22 75.20 2.22 39.37
N VAL KB 23 74.41 3.27 39.21
CA VAL KB 23 73.72 3.61 37.96
C VAL KB 23 74.45 4.82 37.34
N LEU KB 24 74.69 4.81 36.03
CA LEU KB 24 75.37 5.88 35.27
C LEU KB 24 74.48 6.29 34.07
N PHE KB 25 74.82 7.31 33.26
CA PHE KB 25 73.76 8.05 32.54
C PHE KB 25 74.09 8.81 31.23
N ASN KB 26 73.02 9.07 30.47
CA ASN KB 26 72.79 10.15 29.49
C ASN KB 26 71.65 11.10 30.02
N PRO KB 27 71.64 12.41 29.72
CA PRO KB 27 70.96 13.48 30.52
C PRO KB 27 69.41 13.48 30.45
N ASP KB 28 68.73 14.39 31.19
CA ASP KB 28 67.26 14.50 31.14
C ASP KB 28 66.75 14.72 29.71
N ARG KB 29 65.73 13.96 29.35
CA ARG KB 29 64.83 14.12 28.21
C ARG KB 29 63.43 13.73 28.71
N PRO KB 30 62.33 13.90 27.95
CA PRO KB 30 61.20 13.00 28.14
C PRO KB 30 61.79 11.59 27.94
N LEU KB 31 61.75 10.71 28.95
CA LEU KB 31 62.66 9.55 28.94
C LEU KB 31 62.11 8.24 29.56
N GLN KB 32 62.92 7.46 30.28
CA GLN KB 32 62.77 5.98 30.39
C GLN KB 32 62.46 5.37 31.77
N GLN KB 33 63.10 5.86 32.83
CA GLN KB 33 62.90 5.50 34.23
C GLN KB 33 63.13 4.04 34.72
N ALA KB 34 62.74 3.00 33.97
CA ALA KB 34 62.79 1.59 34.42
C ALA KB 34 64.16 1.22 35.03
N GLU KB 35 65.23 1.67 34.39
CA GLU KB 35 66.64 1.41 34.74
C GLU KB 35 67.02 1.90 36.15
N LEU KB 36 66.23 2.80 36.72
CA LEU KB 36 66.68 3.66 37.80
C LEU KB 36 66.04 3.28 39.14
N ASN KB 37 64.91 2.57 39.10
CA ASN KB 37 64.38 1.79 40.21
C ASN KB 37 65.51 0.98 40.87
N GLU KB 38 66.38 0.44 40.02
CA GLU KB 38 67.56 -0.34 40.40
C GLU KB 38 68.46 0.44 41.35
N MET KB 39 68.59 1.77 41.28
CA MET KB 39 69.50 2.51 42.17
C MET KB 39 69.08 2.33 43.63
N GLN KB 40 67.84 2.68 43.98
CA GLN KB 40 67.38 2.47 45.35
C GLN KB 40 67.31 0.98 45.69
N SER KB 41 67.10 0.10 44.70
CA SER KB 41 67.10 -1.36 44.86
C SER KB 41 68.44 -1.91 45.31
N ILE KB 42 69.49 -1.50 44.62
CA ILE KB 42 70.88 -1.76 44.94
C ILE KB 42 71.09 -1.34 46.39
N ASP KB 43 70.78 -0.08 46.70
CA ASP KB 43 71.02 0.51 48.01
C ASP KB 43 70.31 -0.26 49.15
N GLN KB 44 69.05 -0.60 48.95
CA GLN KB 44 68.28 -1.25 49.99
C GLN KB 44 68.62 -2.73 50.22
N TYR KB 45 69.21 -3.45 49.24
CA TYR KB 45 69.78 -4.77 49.51
C TYR KB 45 70.78 -4.65 50.66
N TYR KB 46 71.68 -3.68 50.56
CA TYR KB 46 72.66 -3.44 51.60
C TYR KB 46 72.06 -2.90 52.90
N LEU KB 47 71.08 -2.01 52.86
CA LEU KB 47 70.38 -1.57 54.08
C LEU KB 47 69.96 -2.82 54.89
N LYS KB 48 69.32 -3.79 54.23
CA LYS KB 48 68.93 -5.04 54.87
C LYS KB 48 70.13 -5.89 55.27
N ASN KB 49 71.13 -6.05 54.41
CA ASN KB 49 72.29 -6.90 54.73
C ASN KB 49 72.93 -6.54 56.08
N LEU KB 50 73.26 -5.26 56.27
CA LEU KB 50 73.98 -4.84 57.47
C LEU KB 50 73.08 -4.98 58.70
N GLY KB 51 71.80 -4.64 58.59
CA GLY KB 51 70.85 -4.86 59.68
C GLY KB 51 70.80 -6.32 60.13
N ASP KB 52 70.65 -7.27 59.21
CA ASP KB 52 70.48 -8.68 59.57
C ASP KB 52 71.72 -9.27 60.22
N ALA KB 53 72.90 -8.75 59.91
CA ALA KB 53 74.13 -9.19 60.57
C ALA KB 53 74.11 -8.83 62.08
N ILE KB 54 73.42 -7.74 62.46
CA ILE KB 54 73.35 -7.26 63.83
C ILE KB 54 72.05 -7.72 64.51
N PHE KB 55 70.90 -7.48 63.89
CA PHE KB 55 69.54 -7.66 64.42
C PHE KB 55 68.76 -8.77 63.74
N LYS KB 56 67.98 -9.47 64.53
CA LYS KB 56 66.92 -10.39 64.09
C LYS KB 56 65.57 -9.66 64.08
N ASP KB 57 64.67 -10.03 63.17
CA ASP KB 57 63.32 -9.45 63.17
C ASP KB 57 62.61 -9.65 64.52
N GLY KB 58 62.02 -8.58 65.04
CA GLY KB 58 61.34 -8.57 66.32
C GLY KB 58 62.22 -8.09 67.47
N ASP KB 59 63.46 -7.70 67.22
CA ASP KB 59 64.27 -7.04 68.24
C ASP KB 59 63.69 -5.64 68.56
N LYS KB 60 62.99 -5.52 69.71
CA LYS KB 60 62.41 -4.27 70.24
C LYS KB 60 63.53 -3.30 70.68
N GLN KB 61 63.24 -1.99 70.79
CA GLN KB 61 64.29 -0.95 70.94
C GLN KB 61 63.95 0.31 71.77
N SER KB 62 62.69 0.74 71.86
CA SER KB 62 62.25 1.83 72.75
C SER KB 62 60.75 1.72 73.03
N GLY KB 63 60.22 2.45 74.02
CA GLY KB 63 58.79 2.41 74.30
C GLY KB 63 58.27 0.99 74.62
N LEU KB 64 57.10 0.58 74.12
CA LEU KB 64 56.55 -0.81 74.18
C LEU KB 64 56.28 -1.44 75.58
N GLY KB 65 56.43 -0.75 76.70
CA GLY KB 65 56.16 -1.29 78.04
C GLY KB 65 54.65 -1.48 78.32
N PHE KB 66 54.14 -2.71 78.25
CA PHE KB 66 52.75 -3.02 77.89
C PHE KB 66 51.64 -2.08 78.40
N THR KB 67 50.64 -1.80 77.57
CA THR KB 67 49.27 -1.48 78.04
C THR KB 67 48.39 -2.73 77.89
N LEU KB 68 48.74 -3.75 78.67
CA LEU KB 68 47.98 -5.00 78.84
C LEU KB 68 46.68 -4.71 79.61
N SER KB 69 45.75 -5.66 79.66
CA SER KB 69 44.43 -5.47 80.28
C SER KB 69 43.76 -6.77 80.70
N GLU KB 70 42.73 -6.65 81.52
CA GLU KB 70 41.80 -7.72 81.93
C GLU KB 70 40.79 -8.06 80.84
N ASP KB 71 40.70 -7.20 79.82
CA ASP KB 71 40.10 -7.48 78.52
C ASP KB 71 41.00 -8.35 77.64
N ASN KB 72 42.25 -8.56 78.10
CA ASN KB 72 43.35 -9.24 77.43
C ASN KB 72 43.74 -8.59 76.10
N VAL KB 73 43.24 -7.38 75.83
CA VAL KB 73 43.92 -6.44 74.95
C VAL KB 73 45.34 -6.23 75.48
N LEU KB 74 46.33 -6.27 74.59
CA LEU KB 74 47.57 -5.52 74.81
C LEU KB 74 47.64 -4.42 73.75
N THR KB 75 47.45 -3.17 74.16
CA THR KB 75 47.77 -2.04 73.29
C THR KB 75 49.28 -1.85 73.35
N VAL KB 76 49.99 -2.42 72.37
CA VAL KB 76 51.45 -2.40 72.35
C VAL KB 76 51.92 -0.95 72.17
N ASN KB 77 52.67 -0.46 73.15
CA ASN KB 77 52.91 0.95 73.31
C ASN KB 77 53.87 1.47 72.22
N PRO KB 78 53.57 2.55 71.51
CA PRO KB 78 54.49 3.20 70.59
C PRO KB 78 55.97 3.31 71.03
N GLY KB 79 56.89 2.97 70.12
CA GLY KB 79 58.28 2.60 70.41
C GLY KB 79 58.99 1.96 69.19
N TYR KB 80 60.31 1.84 69.19
CA TYR KB 80 61.08 1.29 68.06
C TYR KB 80 61.23 -0.25 68.05
N VAL KB 81 61.36 -0.85 66.87
CA VAL KB 81 61.58 -2.30 66.64
C VAL KB 81 62.44 -2.52 65.38
N TYR KB 82 63.23 -3.59 65.29
CA TYR KB 82 63.85 -4.03 64.03
C TYR KB 82 62.92 -5.02 63.34
N ILE KB 83 62.45 -4.70 62.13
CA ILE KB 83 61.65 -5.58 61.28
C ILE KB 83 62.12 -5.44 59.84
N ASN KB 84 62.20 -6.56 59.11
CA ASN KB 84 62.48 -6.64 57.68
C ASN KB 84 63.58 -5.68 57.24
N GLY KB 85 64.81 -5.93 57.70
CA GLY KB 85 65.98 -5.17 57.30
C GLY KB 85 66.16 -3.83 57.99
N LYS KB 86 65.18 -3.33 58.74
CA LYS KB 86 65.12 -1.90 59.13
C LYS KB 86 64.68 -1.73 60.58
N ILE KB 87 65.28 -0.77 61.29
CA ILE KB 87 64.73 -0.27 62.56
C ILE KB 87 63.58 0.73 62.26
N ARG KB 88 62.43 0.59 62.94
CA ARG KB 88 61.12 1.19 62.58
C ARG KB 88 60.42 1.73 63.82
N TYR KB 89 59.88 2.93 63.77
CA TYR KB 89 59.14 3.49 64.89
C TYR KB 89 57.68 3.08 64.83
N TYR KB 90 57.30 2.11 65.65
CA TYR KB 90 55.90 1.73 65.78
C TYR KB 90 55.12 2.84 66.46
N ASP KB 91 54.02 3.24 65.83
CA ASP KB 91 53.24 4.41 66.22
C ASP KB 91 51.74 4.17 66.09
N ASN KB 92 51.32 2.92 65.92
CA ASN KB 92 49.92 2.54 65.94
C ASN KB 92 49.36 2.33 67.36
N ASP KB 93 48.04 2.26 67.40
CA ASP KB 93 47.18 2.09 68.57
C ASP KB 93 46.17 0.96 68.39
N ASP KB 94 46.46 0.03 67.48
CA ASP KB 94 45.72 -1.21 67.36
C ASP KB 94 45.70 -1.98 68.71
N SER KB 95 44.63 -2.75 68.98
CA SER KB 95 44.36 -3.35 70.31
C SER KB 95 43.79 -4.77 70.19
N VAL KB 96 44.69 -5.71 69.95
CA VAL KB 96 44.36 -7.12 69.79
C VAL KB 96 44.17 -7.81 71.14
N LYS KB 97 43.15 -8.67 71.27
CA LYS KB 97 42.80 -9.34 72.54
C LYS KB 97 43.21 -10.82 72.57
N ILE KB 98 43.76 -11.24 73.70
CA ILE KB 98 44.19 -12.62 73.94
C ILE KB 98 43.14 -13.42 74.73
N THR KB 99 43.35 -14.74 74.81
CA THR KB 99 42.50 -15.69 75.57
C THR KB 99 42.93 -15.93 77.02
N GLY KB 100 44.21 -15.70 77.33
CA GLY KB 100 44.77 -15.94 78.65
C GLY KB 100 45.05 -17.40 78.99
N VAL KB 101 45.00 -18.31 78.02
CA VAL KB 101 45.30 -19.75 78.21
C VAL KB 101 46.33 -20.22 77.20
N GLY KB 102 47.28 -21.05 77.63
CA GLY KB 102 48.37 -21.52 76.75
C GLY KB 102 49.37 -20.45 76.38
N LYS KB 103 50.24 -20.74 75.41
CA LYS KB 103 51.18 -19.76 74.84
C LYS KB 103 50.50 -18.81 73.87
N GLU KB 104 50.58 -17.52 74.16
CA GLU KB 104 50.11 -16.46 73.26
C GLU KB 104 51.27 -15.56 72.84
N THR KB 105 51.53 -15.47 71.54
CA THR KB 105 52.61 -14.63 71.01
C THR KB 105 52.06 -13.41 70.33
N ILE KB 106 52.57 -12.25 70.73
CA ILE KB 106 52.22 -10.98 70.14
C ILE KB 106 53.32 -10.61 69.16
N GLY KB 107 52.94 -10.32 67.92
CA GLY KB 107 53.89 -9.94 66.89
C GLY KB 107 53.39 -8.84 65.98
N ILE KB 108 54.33 -8.06 65.44
CA ILE KB 108 54.04 -7.06 64.43
C ILE KB 108 54.17 -7.68 63.04
N LYS KB 109 53.27 -7.29 62.15
CA LYS KB 109 53.24 -7.65 60.73
C LYS KB 109 53.20 -6.37 59.91
N LEU KB 110 54.09 -6.21 58.93
CA LEU KB 110 54.13 -5.03 58.07
C LEU KB 110 53.51 -5.32 56.70
N THR KB 111 52.64 -4.42 56.25
CA THR KB 111 51.92 -4.55 54.98
C THR KB 111 52.38 -3.45 54.02
N GLU KB 112 52.83 -3.83 52.83
CA GLU KB 112 53.30 -2.91 51.79
C GLU KB 112 52.19 -2.37 50.91
N ARG KB 113 52.47 -1.23 50.29
CA ARG KB 113 51.67 -0.70 49.19
C ARG KB 113 52.49 0.10 48.19
N ILE KB 114 52.09 0.02 46.92
CA ILE KB 114 52.30 1.12 45.98
C ILE KB 114 51.20 2.16 46.31
N VAL KB 115 51.51 3.44 46.38
CA VAL KB 115 50.53 4.52 46.59
C VAL KB 115 50.76 5.64 45.60
N THR KB 116 49.68 6.14 45.01
CA THR KB 116 49.72 6.92 43.79
C THR KB 116 49.33 8.39 44.02
N PRO KB 117 49.77 9.33 43.17
CA PRO KB 117 49.30 10.71 43.26
C PRO KB 117 47.78 10.82 43.13
N ASP KB 118 47.12 9.83 42.54
CA ASP KB 118 45.66 9.82 42.46
C ASP KB 118 44.98 9.58 43.82
N GLU KB 119 45.72 9.13 44.83
CA GLU KB 119 45.28 9.09 46.23
C GLU KB 119 45.87 10.25 47.07
N ASP KB 120 46.91 10.88 46.54
CA ASP KB 120 47.80 11.78 47.27
C ASP KB 120 48.00 13.08 46.53
N ALA KB 121 47.24 14.13 46.89
CA ALA KB 121 47.50 15.46 46.34
C ALA KB 121 48.93 15.96 46.66
N SER KB 122 49.61 15.39 47.65
CA SER KB 122 51.02 15.65 47.92
C SER KB 122 51.94 15.18 46.80
N LEU KB 123 51.62 14.11 46.05
CA LEU KB 123 52.47 13.63 44.96
C LEU KB 123 52.22 14.39 43.65
N LEU KB 124 51.66 15.59 43.74
CA LEU KB 124 51.37 16.46 42.62
C LEU KB 124 52.21 17.75 42.67
N ASP KB 125 53.50 17.60 42.38
CA ASP KB 125 54.39 18.60 41.78
C ASP KB 125 54.42 20.08 42.25
N GLN KB 126 55.53 20.48 42.88
CA GLN KB 126 55.85 21.90 43.18
C GLN KB 126 56.70 22.60 42.10
N THR KB 127 56.99 21.96 40.95
CA THR KB 127 57.39 22.66 39.70
C THR KB 127 56.24 23.52 39.12
N SER KB 128 55.05 23.44 39.73
CA SER KB 128 53.78 23.85 39.17
C SER KB 128 52.82 24.44 40.18
N GLY KB 129 51.72 25.01 39.70
CA GLY KB 129 50.50 25.03 40.49
C GLY KB 129 50.08 23.56 40.65
N VAL KB 130 50.01 23.07 41.88
CA VAL KB 130 50.09 21.63 42.22
C VAL KB 130 49.32 20.68 41.28
N PRO KB 131 48.02 20.86 41.01
CA PRO KB 131 47.24 19.84 40.29
C PRO KB 131 47.56 19.62 38.81
N SER KB 132 48.49 20.38 38.22
CA SER KB 132 48.58 20.60 36.77
C SER KB 132 48.82 19.37 35.90
N TYR KB 133 48.74 19.50 34.57
CA TYR KB 133 49.55 18.60 33.72
C TYR KB 133 51.04 18.84 34.11
N PHE KB 134 51.89 17.82 33.93
CA PHE KB 134 53.11 17.54 34.70
C PHE KB 134 52.80 16.73 35.97
N SER KB 135 51.82 17.15 36.78
CA SER KB 135 51.89 16.86 38.20
C SER KB 135 51.70 15.40 38.61
N LYS KB 136 51.00 14.58 37.82
CA LYS KB 136 50.72 13.15 38.06
C LYS KB 136 51.94 12.26 37.81
N GLY KB 137 53.03 12.56 38.50
CA GLY KB 137 54.30 11.84 38.40
C GLY KB 137 54.30 10.53 39.19
N ALA KB 138 55.42 10.19 39.82
CA ALA KB 138 55.65 8.86 40.43
C ALA KB 138 54.68 8.48 41.57
N ASP KB 139 54.48 7.18 41.73
CA ASP KB 139 53.90 6.53 42.90
C ASP KB 139 54.98 6.23 43.96
N ARG KB 140 54.62 5.60 45.07
CA ARG KB 140 55.51 5.30 46.19
C ARG KB 140 55.33 3.91 46.72
N LEU KB 141 56.42 3.24 47.09
CA LEU KB 141 56.28 2.17 48.06
C LEU KB 141 56.13 2.77 49.45
N GLU KB 142 55.34 2.12 50.28
CA GLU KB 142 55.19 2.43 51.69
C GLU KB 142 55.01 1.13 52.48
N GLU KB 143 55.54 1.05 53.71
CA GLU KB 143 55.57 -0.17 54.53
C GLU KB 143 55.11 0.16 55.95
N LYS KB 144 53.88 -0.19 56.34
CA LYS KB 144 53.34 0.13 57.70
C LYS KB 144 52.88 -1.10 58.49
N MET KB 145 53.10 -0.99 59.79
CA MET KB 145 52.98 -2.03 60.81
C MET KB 145 51.50 -2.23 61.22
N SER KB 146 51.22 -3.40 61.79
CA SER KB 146 49.96 -3.80 62.45
C SER KB 146 50.26 -4.82 63.54
N LEU KB 147 49.33 -5.04 64.47
CA LEU KB 147 49.52 -5.93 65.62
C LEU KB 147 48.79 -7.25 65.42
N THR KB 148 49.39 -8.37 65.81
CA THR KB 148 48.85 -9.70 65.52
C THR KB 148 49.10 -10.70 66.65
N VAL KB 149 48.15 -11.63 66.83
CA VAL KB 149 48.12 -12.66 67.88
C VAL KB 149 48.31 -14.03 67.25
N ASN KB 150 49.27 -14.82 67.74
CA ASN KB 150 49.52 -16.19 67.26
C ASN KB 150 49.60 -16.32 65.73
N ASP KB 151 50.16 -15.32 65.07
CA ASP KB 151 50.45 -15.36 63.64
C ASP KB 151 51.92 -15.73 63.42
N PRO KB 152 52.24 -16.97 63.04
CA PRO KB 152 53.64 -17.41 62.89
C PRO KB 152 54.44 -16.65 61.82
N THR KB 153 53.80 -15.78 61.02
CA THR KB 153 54.49 -14.84 60.14
C THR KB 153 55.12 -13.68 60.92
N SER KB 154 54.46 -13.28 62.00
CA SER KB 154 54.68 -11.99 62.65
C SER KB 154 55.98 -12.00 63.44
N ALA KB 155 56.75 -10.91 63.33
CA ALA KB 155 57.93 -10.67 64.13
C ALA KB 155 57.47 -10.60 65.60
N THR KB 156 57.64 -11.67 66.36
CA THR KB 156 57.05 -11.78 67.71
C THR KB 156 57.84 -10.97 68.73
N ILE KB 157 57.16 -10.05 69.38
CA ILE KB 157 57.71 -9.01 70.26
C ILE KB 157 57.30 -9.23 71.73
N TYR KB 158 56.25 -9.98 72.02
CA TYR KB 158 55.98 -10.49 73.36
C TYR KB 158 55.46 -11.91 73.27
N THR KB 159 55.59 -12.65 74.36
CA THR KB 159 54.97 -13.95 74.51
C THR KB 159 54.45 -14.11 75.92
N PHE KB 160 53.31 -14.77 76.00
CA PHE KB 160 52.50 -14.88 77.19
C PHE KB 160 52.22 -16.34 77.47
N MET KB 161 51.94 -16.67 78.72
CA MET KB 161 51.63 -18.03 79.14
C MET KB 161 50.59 -18.00 80.24
N ASP KB 162 49.42 -18.56 79.98
CA ASP KB 162 48.29 -18.43 80.91
C ASP KB 162 48.00 -16.95 81.28
N GLY KB 163 48.27 -16.02 80.35
CA GLY KB 163 48.17 -14.57 80.57
C GLY KB 163 49.38 -13.93 81.26
N ASP KB 164 50.33 -14.72 81.75
CA ASP KB 164 51.58 -14.19 82.30
C ASP KB 164 52.48 -13.66 81.18
N LEU KB 165 53.03 -12.45 81.29
CA LEU KB 165 54.26 -12.13 80.56
C LEU KB 165 55.42 -12.84 81.29
N TYR KB 166 55.53 -14.14 81.05
CA TYR KB 166 56.49 -15.03 81.70
C TYR KB 166 57.92 -14.78 81.20
N ILE KB 167 58.05 -14.37 79.94
CA ILE KB 167 59.28 -13.84 79.37
C ILE KB 167 59.58 -12.46 79.95
N GLN KB 168 60.86 -12.09 80.07
CA GLN KB 168 61.21 -10.67 80.00
C GLN KB 168 62.69 -10.50 79.63
N SER KB 169 63.01 -10.41 78.33
CA SER KB 169 64.36 -10.23 77.79
C SER KB 169 64.83 -8.77 77.88
N THR KB 170 65.00 -8.28 79.10
CA THR KB 170 65.29 -6.86 79.38
C THR KB 170 66.65 -6.38 78.87
N ASN KB 171 67.57 -7.28 78.49
CA ASN KB 171 68.89 -6.90 78.01
C ASN KB 171 69.33 -7.69 76.76
N ALA KB 172 70.08 -7.02 75.88
CA ALA KB 172 70.95 -7.69 74.91
C ALA KB 172 72.33 -8.07 75.50
N GLU KB 173 72.78 -7.45 76.60
CA GLU KB 173 74.15 -7.60 77.13
C GLU KB 173 74.21 -8.30 78.49
N MET KB 174 73.86 -7.60 79.58
CA MET KB 174 74.10 -8.13 80.94
C MET KB 174 73.29 -9.40 81.26
N ASP KB 175 72.13 -9.57 80.61
CA ASP KB 175 71.40 -10.84 80.53
C ASP KB 175 72.30 -11.94 79.95
N LYS KB 176 72.82 -11.70 78.73
CA LYS KB 176 73.64 -12.65 77.97
C LYS KB 176 74.96 -12.94 78.68
N ILE KB 177 75.48 -11.97 79.43
CA ILE KB 177 76.64 -12.10 80.30
C ILE KB 177 76.32 -12.92 81.56
N ASN KB 178 75.23 -12.65 82.29
CA ASN KB 178 74.94 -13.46 83.48
C ASN KB 178 74.53 -14.90 83.17
N LYS KB 179 74.00 -15.17 81.97
CA LYS KB 179 73.85 -16.55 81.49
C LYS KB 179 75.16 -17.34 81.49
N VAL KB 180 76.30 -16.63 81.47
CA VAL KB 180 77.59 -17.18 81.85
C VAL KB 180 77.79 -17.13 83.36
N LEU KB 181 77.83 -15.94 83.98
CA LEU KB 181 78.45 -15.79 85.31
C LEU KB 181 77.78 -16.58 86.45
N ALA KB 182 76.51 -16.35 86.79
CA ALA KB 182 75.88 -17.10 87.88
C ALA KB 182 75.78 -18.60 87.54
N GLU KB 183 75.77 -18.94 86.26
CA GLU KB 183 75.93 -20.32 85.83
C GLU KB 183 77.35 -20.86 86.18
N ARG KB 184 78.46 -20.17 85.88
CA ARG KB 184 79.79 -20.57 86.38
C ARG KB 184 79.86 -20.61 87.90
N THR KB 185 79.00 -19.85 88.58
CA THR KB 185 78.83 -19.84 90.03
C THR KB 185 78.01 -21.04 90.53
N TYR KB 186 77.40 -21.84 89.64
CA TYR KB 186 76.99 -23.23 89.85
C TYR KB 186 78.19 -24.16 89.55
N ASP KB 187 78.78 -24.01 88.36
CA ASP KB 187 79.48 -25.05 87.61
C ASP KB 187 80.74 -25.71 88.23
N GLU KB 188 81.94 -25.57 87.64
CA GLU KB 188 83.09 -26.43 88.00
C GLU KB 188 83.61 -26.17 89.44
N SER KB 189 83.12 -25.12 90.10
CA SER KB 189 83.02 -25.02 91.58
C SER KB 189 81.98 -23.96 91.95
N GLY KB 190 80.97 -24.28 92.77
CA GLY KB 190 79.83 -23.39 93.01
C GLY KB 190 78.62 -24.05 93.65
N SER KB 191 77.46 -23.42 93.46
CA SER KB 191 76.11 -23.98 93.66
C SER KB 191 75.61 -24.12 95.11
N TYR KB 192 76.14 -23.32 96.04
CA TYR KB 192 76.05 -23.60 97.48
C TYR KB 192 75.54 -22.47 98.38
N LYS KB 193 75.15 -22.87 99.60
CA LYS KB 193 74.98 -22.01 100.79
C LYS KB 193 76.24 -21.20 101.08
N VAL KB 194 76.19 -19.87 101.00
CA VAL KB 194 77.31 -19.03 101.43
C VAL KB 194 77.18 -18.76 102.93
N ASN KB 195 76.02 -18.28 103.39
CA ASN KB 195 75.79 -17.93 104.80
C ASN KB 195 74.30 -17.88 105.20
N GLY KB 196 74.00 -18.03 106.49
CA GLY KB 196 72.65 -17.93 107.02
C GLY KB 196 71.72 -19.08 106.61
N PHE KB 197 70.41 -18.80 106.52
CA PHE KB 197 69.35 -19.75 106.17
C PHE KB 197 69.19 -21.01 107.07
N GLU KB 198 69.72 -21.05 108.29
CA GLU KB 198 69.53 -22.20 109.20
C GLU KB 198 68.18 -22.24 109.95
N LEU KB 199 67.93 -23.35 110.64
CA LEU KB 199 66.63 -23.88 110.97
C LEU KB 199 66.35 -23.81 112.48
N PHE KB 200 65.18 -23.31 112.84
CA PHE KB 200 64.73 -23.14 114.23
C PHE KB 200 63.23 -23.45 114.37
N SER KB 201 62.74 -23.72 115.59
CA SER KB 201 61.30 -23.85 115.90
C SER KB 201 60.84 -23.05 117.14
N GLU KB 202 59.70 -22.36 117.00
CA GLU KB 202 59.03 -21.59 118.05
C GLU KB 202 57.48 -21.66 117.87
N GLY KB 203 56.71 -21.25 118.88
CA GLY KB 203 55.30 -21.63 119.01
C GLY KB 203 54.36 -21.07 117.94
N ASN KB 204 53.44 -21.90 117.42
CA ASN KB 204 52.27 -21.43 116.68
C ASN KB 204 50.98 -21.88 117.40
N ALA KB 205 50.20 -20.88 117.79
CA ALA KB 205 48.77 -21.00 118.09
C ALA KB 205 47.97 -19.94 117.31
N GLU KB 206 48.67 -19.00 116.66
CA GLU KB 206 48.15 -18.16 115.59
C GLU KB 206 47.53 -19.06 114.52
N ASP KB 207 48.30 -20.08 114.11
CA ASP KB 207 47.83 -21.29 113.45
C ASP KB 207 48.17 -22.51 114.32
N ASP KB 208 47.25 -22.87 115.21
CA ASP KB 208 47.43 -23.97 116.14
C ASP KB 208 47.35 -25.36 115.47
N ASP KB 209 47.38 -25.44 114.14
CA ASP KB 209 47.74 -26.66 113.43
C ASP KB 209 49.20 -26.67 112.98
N HIS KB 210 49.99 -25.64 113.32
CA HIS KB 210 51.36 -25.43 112.84
C HIS KB 210 52.40 -25.22 113.97
N VAL KB 211 53.67 -25.52 113.73
CA VAL KB 211 54.84 -24.92 114.39
C VAL KB 211 55.09 -23.54 113.73
N SER KB 212 55.63 -22.56 114.46
CA SER KB 212 56.17 -21.31 113.87
C SER KB 212 57.68 -21.52 113.68
N VAL KB 213 58.07 -22.14 112.57
CA VAL KB 213 59.49 -22.34 112.22
C VAL KB 213 60.10 -20.96 112.01
N VAL KB 214 61.36 -20.74 112.41
CA VAL KB 214 62.13 -19.62 111.86
C VAL KB 214 63.18 -20.20 110.92
N VAL KB 215 63.25 -19.70 109.69
CA VAL KB 215 64.38 -19.95 108.77
C VAL KB 215 65.18 -18.66 108.69
N ASP KB 216 66.48 -18.73 108.98
CA ASP KB 216 67.29 -17.55 109.20
C ASP KB 216 67.40 -16.60 107.99
N ALA KB 217 67.79 -15.34 108.24
CA ALA KB 217 68.39 -14.49 107.22
C ALA KB 217 69.57 -15.21 106.54
N GLY KB 218 69.96 -14.84 105.33
CA GLY KB 218 71.16 -15.39 104.70
C GLY KB 218 71.42 -14.89 103.28
N LYS KB 219 72.49 -15.40 102.66
CA LYS KB 219 72.80 -15.26 101.23
C LYS KB 219 73.46 -16.55 100.72
N ALA KB 220 73.34 -16.84 99.43
CA ALA KB 220 73.95 -18.00 98.80
C ALA KB 220 73.98 -17.92 97.27
N TYR KB 221 74.69 -18.85 96.63
CA TYR KB 221 74.59 -19.13 95.21
C TYR KB 221 74.04 -20.53 94.97
N VAL KB 222 72.93 -20.90 95.61
CA VAL KB 222 72.28 -22.22 95.40
C VAL KB 222 71.91 -22.35 93.92
N LYS KB 223 72.14 -23.52 93.32
CA LYS KB 223 72.01 -23.69 91.86
C LYS KB 223 72.88 -22.70 91.05
N GLY KB 224 73.85 -22.06 91.69
CA GLY KB 224 74.71 -21.01 91.19
C GLY KB 224 74.11 -19.60 91.27
N PHE KB 225 72.80 -19.47 91.49
CA PHE KB 225 72.08 -18.20 91.40
C PHE KB 225 71.89 -17.56 92.78
N LYS KB 226 71.87 -16.22 92.82
CA LYS KB 226 71.98 -15.43 94.05
C LYS KB 226 70.73 -15.54 94.94
N VAL KB 227 70.76 -16.46 95.88
CA VAL KB 227 69.85 -16.47 97.04
C VAL KB 227 70.19 -15.27 97.91
N ASP KB 228 69.18 -14.47 98.28
CA ASP KB 228 69.39 -13.32 99.14
C ASP KB 228 68.11 -12.92 99.89
N LYS KB 229 67.87 -13.57 101.04
CA LYS KB 229 66.75 -13.30 101.93
C LYS KB 229 67.30 -12.89 103.30
N PRO KB 230 67.49 -11.58 103.54
CA PRO KB 230 68.15 -11.11 104.75
C PRO KB 230 67.15 -10.88 105.90
N VAL KB 231 66.13 -11.73 106.06
CA VAL KB 231 65.19 -11.67 107.19
C VAL KB 231 64.98 -13.08 107.78
N SER KB 232 65.19 -13.25 109.09
CA SER KB 232 64.96 -14.55 109.76
C SER KB 232 63.44 -14.79 109.91
N THR KB 233 62.88 -15.60 109.01
CA THR KB 233 61.45 -15.58 108.63
C THR KB 233 60.61 -16.59 109.43
N ARG KB 234 59.53 -16.11 110.09
CA ARG KB 234 58.52 -16.96 110.78
C ARG KB 234 57.60 -17.65 109.77
N ILE KB 235 57.33 -18.93 109.99
CA ILE KB 235 56.56 -19.77 109.06
C ILE KB 235 55.69 -20.76 109.82
N SER KB 236 54.38 -20.70 109.62
CA SER KB 236 53.44 -21.78 109.98
C SER KB 236 53.76 -23.02 109.13
N VAL KB 237 54.39 -24.04 109.72
CA VAL KB 237 54.60 -25.38 109.12
C VAL KB 237 53.81 -26.42 109.92
N PRO KB 238 53.05 -27.37 109.35
CA PRO KB 238 52.05 -28.11 110.13
C PRO KB 238 52.65 -28.93 111.27
N LYS KB 239 51.94 -29.01 112.40
CA LYS KB 239 52.31 -29.76 113.62
C LYS KB 239 52.47 -31.24 113.31
N SER KB 240 53.20 -32.01 114.15
CA SER KB 240 53.21 -33.47 114.01
C SER KB 240 51.99 -34.08 114.73
N TYR KB 241 50.81 -33.61 114.33
CA TYR KB 241 49.51 -34.19 114.64
C TYR KB 241 49.28 -35.57 113.96
N ASP KB 242 50.28 -36.07 113.21
CA ASP KB 242 50.44 -37.43 112.69
C ASP KB 242 50.35 -38.51 113.79
N LEU KB 243 49.71 -39.66 113.57
CA LEU KB 243 49.43 -40.66 114.64
C LEU KB 243 49.78 -42.10 114.26
N GLY KB 244 50.30 -42.87 115.22
CA GLY KB 244 50.59 -44.31 115.15
C GLY KB 244 49.90 -45.09 116.27
N THR KB 245 49.62 -46.38 116.06
CA THR KB 245 49.02 -47.27 117.09
C THR KB 245 50.08 -48.13 117.78
N ALA KB 246 49.75 -48.63 118.98
CA ALA KB 246 50.54 -49.50 119.83
C ALA KB 246 49.57 -50.45 120.51
N GLU KB 247 49.14 -51.44 119.71
CA GLU KB 247 48.13 -52.42 120.08
C GLU KB 247 48.82 -53.73 120.53
N ASN KB 248 48.43 -54.30 121.66
CA ASN KB 248 49.30 -55.20 122.45
C ASN KB 248 50.71 -54.62 122.67
N GLU KB 249 50.76 -53.38 123.15
CA GLU KB 249 51.85 -52.86 123.99
C GLU KB 249 51.87 -53.67 125.30
N SER KB 250 52.30 -54.93 125.19
CA SER KB 250 52.29 -55.92 126.26
C SER KB 250 53.39 -55.64 127.28
N THR KB 251 53.18 -56.04 128.54
CA THR KB 251 54.18 -56.01 129.62
C THR KB 251 53.76 -57.03 130.68
N ILE KB 252 54.67 -57.59 131.51
CA ILE KB 252 54.24 -58.32 132.72
C ILE KB 252 53.69 -57.30 133.74
N PHE KB 253 52.40 -57.41 134.10
CA PHE KB 253 51.91 -56.81 135.34
C PHE KB 253 52.57 -57.50 136.52
N ASN KB 254 53.03 -56.65 137.42
CA ASN KB 254 53.90 -56.98 138.51
C ASN KB 254 53.47 -55.96 139.57
N LYS KB 255 53.21 -56.35 140.81
CA LYS KB 255 52.67 -55.42 141.81
C LYS KB 255 53.70 -54.44 142.41
N SER KB 256 54.89 -54.36 141.80
CA SER KB 256 55.77 -53.17 141.79
C SER KB 256 55.66 -52.38 140.48
N ASN KB 257 55.44 -53.05 139.34
CA ASN KB 257 54.98 -52.49 138.05
C ASN KB 257 53.51 -52.04 138.11
N ASN KB 258 53.11 -51.30 139.15
CA ASN KB 258 51.84 -50.60 139.21
C ASN KB 258 51.86 -49.37 138.29
N SER KB 259 52.40 -49.50 137.07
CA SER KB 259 52.68 -48.43 136.11
C SER KB 259 53.18 -49.02 134.80
N ILE KB 260 52.32 -49.67 134.03
CA ILE KB 260 52.71 -50.21 132.73
C ILE KB 260 52.82 -49.07 131.70
N SER KB 261 54.07 -48.81 131.28
CA SER KB 261 54.46 -47.68 130.43
C SER KB 261 54.01 -47.88 128.98
N LEU KB 262 53.53 -46.80 128.36
CA LEU KB 262 53.07 -46.69 126.99
C LEU KB 262 54.13 -45.92 126.20
N ALA KB 263 55.13 -46.68 125.73
CA ALA KB 263 56.46 -46.22 125.36
C ALA KB 263 56.50 -45.46 124.02
N ASN KB 264 55.61 -45.81 123.11
CA ASN KB 264 55.28 -44.96 121.98
C ASN KB 264 54.52 -43.74 122.54
N SER KB 265 54.92 -42.50 122.24
CA SER KB 265 54.33 -41.33 122.93
C SER KB 265 54.66 -40.01 122.22
N PRO KB 266 53.99 -38.88 122.55
CA PRO KB 266 52.90 -38.73 123.52
C PRO KB 266 51.67 -39.51 123.10
N VAL KB 267 51.07 -40.25 124.03
CA VAL KB 267 49.86 -41.02 123.76
C VAL KB 267 48.67 -40.08 123.56
N LYS KB 268 47.97 -40.25 122.44
CA LYS KB 268 46.70 -39.58 122.15
C LYS KB 268 45.56 -40.27 122.89
N GLU KB 269 45.38 -41.57 122.72
CA GLU KB 269 44.21 -42.30 123.26
C GLU KB 269 44.44 -43.80 123.39
N ILE KB 270 44.06 -44.36 124.53
CA ILE KB 270 44.00 -45.80 124.78
C ILE KB 270 42.79 -46.41 124.04
N ARG KB 271 42.89 -47.62 123.47
CA ARG KB 271 41.72 -48.39 123.01
C ARG KB 271 41.26 -49.45 124.01
N ARG KB 272 42.24 -50.02 124.73
CA ARG KB 272 42.07 -51.21 125.58
C ARG KB 272 43.22 -51.35 126.57
N VAL KB 273 42.97 -52.04 127.67
CA VAL KB 273 43.99 -52.80 128.41
C VAL KB 273 43.40 -54.18 128.65
N THR KB 274 44.21 -55.22 128.70
CA THR KB 274 43.79 -56.59 129.03
C THR KB 274 44.89 -57.25 129.86
N GLY KB 275 44.61 -58.27 130.66
CA GLY KB 275 45.63 -58.82 131.57
C GLY KB 275 45.16 -59.89 132.54
N GLN KB 276 46.14 -60.57 133.12
CA GLN KB 276 46.02 -61.91 133.69
C GLN KB 276 45.55 -61.90 135.16
N VAL KB 277 44.32 -61.43 135.39
CA VAL KB 277 43.63 -61.51 136.69
C VAL KB 277 43.23 -62.96 137.02
N LEU KB 278 42.81 -63.23 138.24
CA LEU KB 278 42.17 -64.48 138.64
C LEU KB 278 40.67 -64.25 138.92
N ILE KB 279 39.76 -64.98 138.25
CA ILE KB 279 38.37 -65.10 138.76
C ILE KB 279 38.45 -65.96 140.02
N GLU KB 280 38.11 -65.38 141.16
CA GLU KB 280 38.57 -65.93 142.45
C GLU KB 280 37.80 -67.17 142.94
N LYS KB 281 36.48 -67.04 143.04
CA LYS KB 281 35.59 -68.03 143.67
C LYS KB 281 34.16 -67.80 143.17
N GLU KB 282 33.98 -68.11 141.89
CA GLU KB 282 32.73 -68.13 141.15
C GLU KB 282 31.94 -69.40 141.50
N ARG KB 283 30.80 -69.32 142.18
CA ARG KB 283 29.94 -70.50 142.37
C ARG KB 283 29.16 -70.78 141.09
N VAL KB 284 29.73 -71.57 140.20
CA VAL KB 284 29.01 -72.08 139.03
C VAL KB 284 27.89 -73.00 139.51
N THR KB 285 26.81 -73.12 138.73
CA THR KB 285 25.87 -74.23 138.91
C THR KB 285 26.11 -75.30 137.84
N ARG KB 286 26.33 -76.52 138.33
CA ARG KB 286 26.51 -77.75 137.58
C ARG KB 286 25.30 -77.99 136.69
N GLY KB 287 25.50 -78.20 135.40
CA GLY KB 287 24.44 -78.65 134.51
C GLY KB 287 23.89 -80.01 134.95
N ALA KB 288 22.61 -80.26 134.72
CA ALA KB 288 22.00 -81.53 135.11
C ALA KB 288 22.64 -82.75 134.41
N GLN KB 289 23.33 -82.55 133.29
CA GLN KB 289 24.00 -83.61 132.53
C GLN KB 289 25.18 -84.20 133.31
N GLY KB 290 24.93 -85.14 134.21
CA GLY KB 290 25.92 -85.86 135.02
C GLY KB 290 27.11 -86.35 134.20
N ASP KB 291 28.30 -86.03 134.67
CA ASP KB 291 29.55 -85.97 133.93
C ASP KB 291 29.41 -85.26 132.55
N GLY KB 292 29.41 -83.92 132.55
CA GLY KB 292 29.18 -83.05 131.38
C GLY KB 292 29.53 -81.56 131.54
N GLN KB 293 29.14 -80.71 130.57
CA GLN KB 293 29.41 -79.26 130.53
C GLN KB 293 28.60 -78.37 131.50
N ASP KB 294 29.26 -77.36 132.09
CA ASP KB 294 28.69 -76.11 132.64
C ASP KB 294 29.62 -74.89 132.42
N PHE KB 295 29.09 -73.68 132.31
CA PHE KB 295 29.85 -72.50 131.85
C PHE KB 295 30.57 -71.71 132.94
N LEU KB 296 31.75 -71.21 132.59
CA LEU KB 296 32.50 -70.14 133.26
C LEU KB 296 31.81 -68.77 133.06
N SER KB 297 32.36 -67.71 133.66
CA SER KB 297 32.18 -66.32 133.21
C SER KB 297 33.19 -65.84 132.16
N ASN KB 298 34.47 -66.16 132.33
CA ASN KB 298 35.53 -65.57 131.51
C ASN KB 298 36.46 -66.57 130.85
N ASN KB 299 35.93 -67.15 129.78
CA ASN KB 299 36.53 -67.70 128.57
C ASN KB 299 38.02 -67.45 128.27
N THR KB 300 38.59 -66.31 128.66
CA THR KB 300 40.05 -66.10 128.62
C THR KB 300 40.78 -66.87 129.73
N ALA KB 301 40.08 -67.80 130.42
CA ALA KB 301 40.46 -68.64 131.57
C ALA KB 301 41.66 -69.57 131.30
N PHE KB 302 42.81 -68.97 131.03
CA PHE KB 302 44.00 -69.64 130.56
C PHE KB 302 44.52 -70.76 131.49
N GLU KB 303 44.12 -70.78 132.77
CA GLU KB 303 44.13 -72.00 133.59
C GLU KB 303 43.05 -71.97 134.67
N ILE KB 304 42.51 -73.11 135.07
CA ILE KB 304 41.51 -73.20 136.14
C ILE KB 304 42.23 -73.56 137.45
N VAL KB 305 42.28 -72.59 138.35
CA VAL KB 305 43.04 -72.56 139.58
C VAL KB 305 42.50 -73.55 140.61
N LYS KB 306 41.17 -73.59 140.82
CA LYS KB 306 40.52 -74.51 141.75
C LYS KB 306 39.07 -74.71 141.36
N VAL KB 307 38.62 -75.96 141.31
CA VAL KB 307 37.20 -76.28 141.17
C VAL KB 307 36.80 -77.19 142.30
N TRP KB 308 35.78 -76.82 143.09
CA TRP KB 308 35.45 -77.53 144.30
C TRP KB 308 34.01 -77.34 144.78
N THR KB 309 33.34 -78.44 145.09
CA THR KB 309 32.10 -78.38 145.85
C THR KB 309 32.43 -77.97 147.27
N GLU KB 310 31.48 -77.29 147.91
CA GLU KB 310 31.57 -76.92 149.32
C GLU KB 310 30.29 -77.28 150.09
N THR KB 311 30.47 -77.74 151.33
CA THR KB 311 29.39 -77.98 152.30
C THR KB 311 28.87 -76.65 152.85
N SER KB 312 29.77 -75.71 153.02
CA SER KB 312 29.57 -74.32 153.42
C SER KB 312 30.87 -73.56 153.10
N PRO KB 313 30.91 -72.22 153.08
CA PRO KB 313 32.10 -71.45 152.67
C PRO KB 313 33.42 -71.91 153.32
N GLY KB 314 34.32 -72.45 152.51
CA GLY KB 314 35.64 -72.96 152.92
C GLY KB 314 35.67 -74.45 153.31
N VAL KB 315 34.51 -75.09 153.45
CA VAL KB 315 34.38 -76.51 153.79
C VAL KB 315 34.33 -77.32 152.50
N THR KB 316 35.49 -77.63 151.92
CA THR KB 316 35.60 -78.35 150.65
C THR KB 316 34.95 -79.74 150.76
N THR KB 317 33.84 -79.95 150.03
CA THR KB 317 33.17 -81.27 149.90
C THR KB 317 33.97 -82.20 149.01
N LYS KB 318 34.49 -81.66 147.90
CA LYS KB 318 35.46 -82.27 147.00
C LYS KB 318 36.12 -81.17 146.18
N GLU KB 319 37.45 -81.02 146.27
CA GLU KB 319 38.21 -80.30 145.24
C GLU KB 319 38.48 -81.26 144.09
N TYR KB 320 37.97 -80.87 142.94
CA TYR KB 320 38.12 -81.52 141.65
C TYR KB 320 39.37 -80.98 140.92
N LYS KB 321 39.92 -81.77 139.99
CA LYS KB 321 41.15 -81.43 139.24
C LYS KB 321 40.96 -81.45 137.72
N GLN KB 322 41.74 -80.61 137.04
CA GLN KB 322 41.54 -80.16 135.66
C GLN KB 322 42.06 -81.20 134.65
N GLY KB 323 41.33 -82.30 134.50
CA GLY KB 323 41.48 -83.28 133.42
C GLY KB 323 40.75 -84.61 133.60
N GLU KB 324 40.16 -84.87 134.77
CA GLU KB 324 39.60 -86.19 135.15
C GLU KB 324 38.29 -86.01 135.89
N ASP KB 325 38.31 -85.35 137.03
CA ASP KB 325 37.11 -84.94 137.76
C ASP KB 325 36.29 -83.97 136.91
N PHE KB 326 36.83 -82.78 136.64
CA PHE KB 326 36.42 -81.96 135.50
C PHE KB 326 37.54 -81.90 134.47
N ARG KB 327 37.34 -81.11 133.42
CA ARG KB 327 38.39 -80.48 132.61
C ARG KB 327 37.94 -79.07 132.22
N LEU KB 328 38.88 -78.17 131.89
CA LEU KB 328 38.50 -77.00 131.10
C LEU KB 328 38.05 -77.47 129.71
N THR KB 329 36.88 -77.02 129.29
CA THR KB 329 36.32 -77.13 127.94
C THR KB 329 36.00 -75.69 127.44
N ASP KB 330 35.97 -75.44 126.13
CA ASP KB 330 35.69 -74.10 125.55
C ASP KB 330 36.72 -72.98 125.86
N GLY KB 331 37.65 -73.18 126.79
CA GLY KB 331 38.22 -72.07 127.56
C GLY KB 331 37.20 -71.41 128.52
N GLN KB 332 35.93 -71.85 128.50
CA GLN KB 332 34.73 -71.11 128.93
C GLN KB 332 33.68 -72.04 129.56
N THR KB 333 33.98 -73.34 129.74
CA THR KB 333 33.17 -74.29 130.51
C THR KB 333 34.02 -75.18 131.41
N ILE KB 334 33.53 -75.46 132.61
CA ILE KB 334 33.93 -76.62 133.40
C ILE KB 334 33.18 -77.82 132.83
N ASP KB 335 33.84 -78.97 132.71
CA ASP KB 335 33.25 -80.14 132.06
C ASP KB 335 33.59 -81.42 132.81
N TRP KB 336 32.57 -82.10 133.30
CA TRP KB 336 32.65 -83.27 134.17
C TRP KB 336 32.64 -84.57 133.36
N SER KB 337 32.51 -84.49 132.04
CA SER KB 337 32.59 -85.65 131.15
C SER KB 337 33.93 -86.39 131.07
N PRO KB 338 35.06 -85.99 131.71
CA PRO KB 338 36.19 -86.89 131.98
C PRO KB 338 35.94 -87.86 133.16
N GLN KB 339 34.78 -87.75 133.83
CA GLN KB 339 34.15 -88.81 134.63
C GLN KB 339 34.96 -89.32 135.84
N GLY KB 340 35.67 -88.41 136.51
CA GLY KB 340 36.27 -88.56 137.85
C GLY KB 340 35.22 -88.51 138.97
N GLN KB 341 35.39 -87.63 139.94
CA GLN KB 341 34.28 -87.11 140.78
C GLN KB 341 33.72 -85.82 140.15
N GLU KB 342 32.47 -85.49 140.47
CA GLU KB 342 31.83 -84.26 140.01
C GLU KB 342 30.87 -83.67 141.05
N PRO KB 343 30.58 -82.35 141.00
CA PRO KB 343 29.36 -81.81 141.56
C PRO KB 343 28.21 -82.56 140.89
N SER KB 344 27.27 -83.09 141.66
CA SER KB 344 26.16 -83.85 141.11
C SER KB 344 25.22 -82.95 140.29
N GLY KB 345 24.57 -83.48 139.25
CA GLY KB 345 23.85 -82.68 138.24
C GLY KB 345 22.81 -81.71 138.82
N GLY KB 346 23.07 -80.41 138.68
CA GLY KB 346 22.28 -79.31 139.26
C GLY KB 346 22.84 -78.63 140.52
N THR KB 347 23.91 -79.16 141.13
CA THR KB 347 24.55 -78.54 142.32
C THR KB 347 25.32 -77.26 142.02
N SER KB 348 25.35 -76.29 142.95
CA SER KB 348 26.23 -75.10 142.84
C SER KB 348 27.57 -75.37 143.55
N TYR KB 349 28.69 -75.09 142.87
CA TYR KB 349 30.05 -75.45 143.29
C TYR KB 349 31.04 -74.37 142.85
N TYR KB 350 32.13 -74.20 143.60
CA TYR KB 350 33.05 -73.09 143.39
C TYR KB 350 34.07 -73.35 142.29
N VAL KB 351 34.42 -72.27 141.61
CA VAL KB 351 35.31 -72.21 140.45
C VAL KB 351 36.24 -71.01 140.55
N SER KB 352 37.52 -71.23 140.28
CA SER KB 352 38.59 -70.24 140.33
C SER KB 352 39.49 -70.39 139.10
N TYR KB 353 39.85 -69.32 138.38
CA TYR KB 353 40.61 -69.43 137.13
C TYR KB 353 41.32 -68.15 136.69
N LYS KB 354 42.59 -68.29 136.30
CA LYS KB 354 43.43 -67.22 135.75
C LYS KB 354 42.92 -66.88 134.37
N TYR KB 355 42.67 -65.61 134.09
CA TYR KB 355 42.05 -65.20 132.85
C TYR KB 355 42.57 -63.81 132.42
N ASN KB 356 42.69 -63.60 131.13
CA ASN KB 356 43.07 -62.31 130.56
C ASN KB 356 41.86 -61.34 130.59
N LYS KB 357 41.50 -60.81 131.76
CA LYS KB 357 40.50 -59.75 131.91
C LYS KB 357 40.76 -58.57 130.97
N ARG KB 358 39.74 -57.93 130.40
CA ARG KB 358 39.89 -56.52 129.97
C ARG KB 358 40.01 -55.57 131.19
N MET KB 359 41.24 -55.31 131.64
CA MET KB 359 41.57 -54.33 132.69
C MET KB 359 40.98 -52.93 132.34
N GLU KB 360 40.61 -52.11 133.33
CA GLU KB 360 39.91 -50.84 133.09
C GLU KB 360 40.38 -49.61 133.87
N ALA KB 361 40.03 -48.44 133.33
CA ALA KB 361 40.51 -47.11 133.72
C ALA KB 361 39.71 -46.50 134.90
N GLY KB 362 40.42 -46.23 136.01
CA GLY KB 362 39.88 -46.04 137.35
C GLY KB 362 39.43 -47.34 138.02
N LYS KB 363 39.78 -48.52 137.47
CA LYS KB 363 39.37 -49.85 137.98
C LYS KB 363 40.59 -50.63 138.38
N ASP KB 364 41.30 -51.11 137.37
CA ASP KB 364 42.51 -51.90 137.46
C ASP KB 364 43.76 -51.03 137.22
N TYR KB 365 43.58 -49.83 136.66
CA TYR KB 365 44.60 -48.79 136.64
C TYR KB 365 43.95 -47.41 136.59
N GLU KB 366 44.62 -46.40 137.14
CA GLU KB 366 44.44 -45.02 136.70
C GLU KB 366 45.39 -44.80 135.50
N VAL KB 367 44.92 -44.18 134.40
CA VAL KB 367 45.85 -43.80 133.32
C VAL KB 367 46.55 -42.51 133.71
N THR KB 368 47.87 -42.46 133.54
CA THR KB 368 48.76 -41.39 134.02
C THR KB 368 49.85 -41.09 132.99
N THR KB 369 50.84 -40.26 133.33
CA THR KB 369 52.13 -40.19 132.60
C THR KB 369 53.32 -40.05 133.54
N GLN KB 370 54.50 -40.54 133.15
CA GLN KB 370 55.75 -40.30 133.88
C GLN KB 370 56.89 -39.96 132.92
N GLY KB 371 57.69 -38.93 133.21
CA GLY KB 371 58.74 -38.40 132.32
C GLY KB 371 58.42 -37.03 131.70
N GLU KB 372 59.45 -36.37 131.15
CA GLU KB 372 59.30 -35.12 130.37
C GLU KB 372 58.73 -35.38 128.97
N GLY KB 373 58.01 -34.42 128.37
CA GLY KB 373 57.72 -34.31 126.93
C GLY KB 373 57.50 -35.60 126.13
N LEU KB 374 58.57 -36.24 125.67
CA LEU KB 374 58.53 -37.49 124.90
C LEU KB 374 58.96 -38.72 125.72
N SER KB 375 59.78 -38.52 126.75
CA SER KB 375 60.01 -39.51 127.82
C SER KB 375 58.76 -39.74 128.66
N LYS KB 376 57.80 -38.81 128.61
CA LYS KB 376 56.41 -38.83 129.10
C LYS KB 376 55.63 -39.95 128.44
N LYS KB 377 55.98 -41.17 128.80
CA LYS KB 377 55.14 -42.31 128.45
C LYS KB 377 53.85 -42.13 129.21
N TRP KB 378 52.72 -42.52 128.63
CA TRP KB 378 51.56 -42.72 129.50
C TRP KB 378 51.81 -43.96 130.35
N TYR KB 379 51.21 -44.07 131.53
CA TYR KB 379 51.33 -45.28 132.34
C TYR KB 379 49.98 -45.71 132.91
N ILE KB 380 49.76 -47.00 132.78
CA ILE KB 380 48.66 -47.77 133.33
C ILE KB 380 49.02 -48.03 134.79
N ASN KB 381 48.71 -47.08 135.68
CA ASN KB 381 49.17 -47.17 137.06
C ASN KB 381 48.14 -47.93 137.88
N PHE KB 382 48.47 -49.09 138.44
CA PHE KB 382 47.47 -50.09 138.82
C PHE KB 382 46.66 -49.75 140.08
N THR KB 383 45.53 -49.05 139.94
CA THR KB 383 44.36 -49.12 140.83
C THR KB 383 44.04 -50.60 141.13
N PRO KB 384 44.10 -51.07 142.38
CA PRO KB 384 43.70 -52.46 142.71
C PRO KB 384 42.19 -52.59 143.00
N SER KB 385 41.46 -51.48 142.99
CA SER KB 385 40.20 -51.25 143.70
C SER KB 385 38.94 -51.73 142.94
N ASN KB 386 38.41 -50.92 142.00
CA ASN KB 386 37.19 -51.26 141.24
C ASN KB 386 37.41 -52.42 140.26
N GLY KB 387 38.67 -52.72 139.96
CA GLY KB 387 39.15 -53.90 139.26
C GLY KB 387 40.51 -54.38 139.81
N ALA KB 388 40.72 -55.68 139.92
CA ALA KB 388 41.92 -56.24 140.57
C ALA KB 388 43.23 -55.96 139.80
N LYS KB 389 44.34 -55.81 140.55
CA LYS KB 389 45.68 -56.07 139.98
C LYS KB 389 45.69 -57.49 139.41
N PRO KB 390 46.24 -57.71 138.21
CA PRO KB 390 46.48 -59.05 137.71
C PRO KB 390 47.26 -59.91 138.72
N ILE KB 391 47.29 -61.22 138.49
CA ILE KB 391 48.10 -62.16 139.25
C ILE KB 391 49.57 -61.68 139.19
N ASP KB 392 50.31 -61.72 140.29
CA ASP KB 392 51.58 -61.00 140.29
C ASP KB 392 52.57 -61.62 139.30
N GLN KB 393 53.32 -60.78 138.59
CA GLN KB 393 54.25 -61.15 137.52
C GLN KB 393 53.55 -61.85 136.33
N THR KB 394 52.33 -61.45 135.97
CA THR KB 394 51.57 -62.03 134.85
C THR KB 394 51.09 -60.97 133.88
N VAL KB 395 50.86 -61.36 132.62
CA VAL KB 395 50.82 -60.44 131.47
C VAL KB 395 49.72 -59.35 131.57
N VAL KB 396 50.01 -58.19 131.00
CA VAL KB 396 49.08 -57.14 130.61
C VAL KB 396 49.37 -56.71 129.17
N LEU KB 397 48.32 -56.24 128.49
CA LEU KB 397 48.16 -56.08 127.04
C LEU KB 397 47.48 -54.71 126.79
N VAL KB 398 48.21 -53.68 126.36
CA VAL KB 398 47.65 -52.33 126.20
C VAL KB 398 47.53 -51.93 124.73
N ASP KB 399 46.47 -51.21 124.38
CA ASP KB 399 46.25 -50.60 123.06
C ASP KB 399 46.14 -49.09 123.18
N TYR KB 400 46.78 -48.34 122.29
CA TYR KB 400 46.64 -46.89 122.20
C TYR KB 400 47.14 -46.30 120.87
N THR KB 401 46.73 -45.08 120.47
CA THR KB 401 47.55 -44.25 119.57
C THR KB 401 48.33 -43.21 120.33
N TYR KB 402 49.40 -42.77 119.69
CA TYR KB 402 50.35 -41.76 120.08
C TYR KB 402 50.73 -41.00 118.83
N TYR KB 403 51.16 -39.77 119.01
CA TYR KB 403 51.60 -38.97 117.88
C TYR KB 403 52.96 -39.43 117.38
N LEU KB 404 53.13 -39.38 116.08
CA LEU KB 404 54.38 -39.60 115.36
C LEU KB 404 55.14 -38.27 115.28
N ALA KB 405 56.47 -38.29 115.21
CA ALA KB 405 57.24 -37.16 114.71
C ALA KB 405 57.17 -37.11 113.17
N ARG KB 406 57.73 -36.05 112.57
CA ARG KB 406 57.82 -35.93 111.11
C ARG KB 406 59.03 -35.10 110.70
N LYS KB 407 59.95 -35.71 109.97
CA LYS KB 407 61.36 -35.29 109.82
C LYS KB 407 61.53 -34.35 108.61
N ASP KB 408 60.73 -33.30 108.57
CA ASP KB 408 60.60 -32.42 107.40
C ASP KB 408 61.93 -31.77 107.01
N SER KB 409 62.53 -32.16 105.88
CA SER KB 409 63.64 -31.39 105.30
C SER KB 409 63.12 -30.02 104.89
N VAL KB 410 63.60 -28.96 105.52
CA VAL KB 410 63.50 -27.61 104.98
C VAL KB 410 64.57 -27.47 103.89
N PHE KB 411 64.28 -26.66 102.91
CA PHE KB 411 65.16 -26.39 101.79
C PHE KB 411 65.12 -24.91 101.40
N ILE KB 412 66.04 -24.40 100.57
CA ILE KB 412 65.87 -23.06 99.99
C ILE KB 412 66.16 -22.99 98.49
N ASN KB 413 65.25 -22.40 97.69
CA ASN KB 413 65.45 -22.27 96.24
C ASN KB 413 66.49 -21.21 95.88
N LYS KB 414 66.89 -21.21 94.62
CA LYS KB 414 67.94 -20.35 94.06
C LYS KB 414 67.74 -18.83 94.20
N TYR KB 415 66.60 -18.36 94.72
CA TYR KB 415 66.33 -16.96 95.09
C TYR KB 415 65.66 -16.80 96.47
N GLY KB 416 65.06 -17.86 97.02
CA GLY KB 416 64.57 -17.94 98.39
C GLY KB 416 63.32 -18.81 98.63
N ASP KB 417 62.80 -19.46 97.60
CA ASP KB 417 61.48 -20.12 97.58
C ASP KB 417 61.47 -21.50 98.29
N ILE KB 418 61.63 -21.48 99.62
CA ILE KB 418 61.78 -22.62 100.53
C ILE KB 418 60.78 -23.77 100.32
N ALA KB 419 61.27 -25.00 100.09
CA ALA KB 419 60.48 -26.23 100.23
C ALA KB 419 60.58 -26.80 101.66
N ILE KB 420 59.62 -27.63 102.13
CA ILE KB 420 59.61 -28.22 103.50
C ILE KB 420 59.11 -29.69 103.52
N LEU KB 421 59.62 -30.53 102.61
CA LEU KB 421 59.13 -31.90 102.37
C LEU KB 421 59.17 -32.75 103.66
N PRO KB 422 58.12 -33.53 104.00
CA PRO KB 422 58.12 -34.28 105.24
C PRO KB 422 59.00 -35.53 105.21
N GLY KB 423 59.89 -35.66 106.19
CA GLY KB 423 60.51 -36.94 106.55
C GLY KB 423 59.41 -37.77 107.18
N GLU KB 424 59.06 -38.85 106.51
CA GLU KB 424 57.72 -39.39 106.59
C GLU KB 424 57.32 -39.85 108.01
N PRO KB 425 56.03 -39.72 108.37
CA PRO KB 425 55.63 -39.67 109.77
C PRO KB 425 55.81 -41.00 110.47
N ASN KB 426 56.58 -40.96 111.56
CA ASN KB 426 56.92 -42.05 112.48
C ASN KB 426 57.41 -41.42 113.80
N ILE KB 427 57.44 -42.16 114.91
CA ILE KB 427 58.24 -41.71 116.06
C ILE KB 427 59.73 -41.76 115.73
N MET KB 428 60.58 -41.18 116.58
CA MET KB 428 61.95 -40.72 116.26
C MET KB 428 62.99 -41.84 116.00
N ARG KB 429 62.58 -43.02 115.50
CA ARG KB 429 63.44 -43.97 114.77
C ARG KB 429 63.32 -43.82 113.26
N LEU KB 430 62.23 -44.29 112.67
CA LEU KB 430 62.05 -44.29 111.21
C LEU KB 430 61.33 -43.04 110.70
N VAL KB 431 61.29 -41.96 111.48
CA VAL KB 431 60.90 -40.67 110.92
C VAL KB 431 61.97 -40.22 109.92
N THR KB 432 61.65 -40.18 108.63
CA THR KB 432 62.68 -40.39 107.59
C THR KB 432 63.75 -39.30 107.49
N PRO KB 433 65.07 -39.60 107.39
CA PRO KB 433 66.11 -38.61 107.07
C PRO KB 433 66.22 -38.36 105.55
N PRO KB 434 65.68 -37.25 104.99
CA PRO KB 434 65.65 -36.96 103.54
C PRO KB 434 66.94 -36.23 103.09
N LEU KB 435 68.11 -36.87 103.19
CA LEU KB 435 69.32 -36.36 102.52
C LEU KB 435 69.07 -36.53 101.01
N ASN KB 436 68.81 -35.41 100.31
CA ASN KB 436 67.98 -35.36 99.08
C ASN KB 436 68.68 -34.75 97.85
N THR KB 437 68.34 -35.21 96.64
CA THR KB 437 69.02 -34.88 95.35
C THR KB 437 68.60 -33.56 94.69
N ASP KB 438 67.64 -32.82 95.22
CA ASP KB 438 67.02 -31.71 94.49
C ASP KB 438 67.96 -30.51 94.17
N PRO KB 439 68.11 -30.11 92.90
CA PRO KB 439 68.89 -28.93 92.53
C PRO KB 439 68.22 -27.60 92.86
N GLU KB 440 66.89 -27.52 92.72
CA GLU KB 440 66.17 -26.26 92.84
C GLU KB 440 66.34 -25.71 94.25
N ASN KB 441 65.94 -26.52 95.24
CA ASN KB 441 65.90 -26.17 96.64
C ASN KB 441 67.09 -26.89 97.31
N LEU KB 442 68.00 -26.13 97.90
CA LEU KB 442 69.11 -26.63 98.73
C LEU KB 442 68.54 -27.37 99.94
N GLN KB 443 68.88 -28.64 100.19
CA GLN KB 443 68.54 -29.35 101.43
C GLN KB 443 69.25 -28.70 102.62
N LEU KB 444 68.58 -27.75 103.29
CA LEU KB 444 69.16 -27.04 104.43
C LEU KB 444 69.35 -27.97 105.64
N GLY KB 445 68.39 -28.88 105.85
CA GLY KB 445 68.32 -29.77 107.03
C GLY KB 445 66.88 -30.03 107.49
N THR KB 446 66.67 -30.87 108.51
CA THR KB 446 65.32 -31.32 108.89
C THR KB 446 64.82 -30.57 110.11
N VAL KB 447 63.70 -29.87 109.95
CA VAL KB 447 62.83 -29.45 111.04
C VAL KB 447 61.99 -30.68 111.39
N THR KB 448 62.50 -31.52 112.30
CA THR KB 448 61.76 -32.71 112.73
C THR KB 448 60.63 -32.32 113.65
N VAL KB 449 59.45 -32.09 113.08
CA VAL KB 449 58.25 -31.69 113.82
C VAL KB 449 57.90 -32.74 114.84
N LEU KB 450 57.78 -32.30 116.07
CA LEU KB 450 57.60 -33.16 117.21
C LEU KB 450 56.16 -33.63 117.34
N PRO KB 451 55.97 -34.83 117.88
CA PRO KB 451 54.67 -35.50 117.96
C PRO KB 451 53.69 -34.70 118.82
N ASP KB 452 52.49 -34.47 118.31
CA ASP KB 452 51.44 -33.58 118.84
C ASP KB 452 51.81 -32.08 118.86
N SER KB 453 52.93 -31.70 118.22
CA SER KB 453 53.67 -30.51 118.65
C SER KB 453 53.85 -29.44 117.60
N ASP KB 454 53.91 -28.23 118.13
CA ASP KB 454 54.13 -26.93 117.52
C ASP KB 454 55.63 -26.58 117.56
N GLU KB 455 56.47 -27.62 117.58
CA GLU KB 455 57.86 -27.61 118.01
C GLU KB 455 58.64 -28.65 117.17
N ALA KB 456 59.94 -28.47 116.95
CA ALA KB 456 60.69 -29.34 116.03
C ALA KB 456 62.19 -29.45 116.28
N VAL KB 457 62.72 -30.67 116.25
CA VAL KB 457 64.16 -30.98 116.36
C VAL KB 457 64.86 -30.70 115.02
N CYS KB 458 65.66 -29.62 114.97
CA CYS KB 458 66.25 -29.07 113.73
C CYS KB 458 67.59 -29.76 113.31
N ILE KB 459 67.63 -31.10 113.20
CA ILE KB 459 68.83 -31.87 112.78
C ILE KB 459 69.09 -31.71 111.28
N SER KB 460 70.26 -31.15 110.89
CA SER KB 460 70.73 -31.02 109.48
C SER KB 460 71.66 -32.17 109.04
N PHE KB 461 71.11 -33.36 108.76
CA PHE KB 461 71.86 -34.49 108.16
C PHE KB 461 72.12 -34.20 106.66
N ALA KB 462 73.25 -33.55 106.38
CA ALA KB 462 73.45 -32.77 105.16
C ALA KB 462 74.94 -32.43 104.93
N ILE KB 463 75.22 -31.62 103.89
CA ILE KB 463 76.54 -31.15 103.49
C ILE KB 463 76.47 -29.62 103.21
N THR KB 464 77.60 -28.89 103.33
CA THR KB 464 77.69 -27.41 103.25
C THR KB 464 78.96 -26.91 102.53
N ARG KB 465 78.79 -26.00 101.55
CA ARG KB 465 79.77 -25.51 100.54
C ARG KB 465 80.99 -26.40 100.29
N LEU KB 466 82.24 -25.97 100.46
CA LEU KB 466 83.44 -26.76 100.10
C LEU KB 466 83.76 -27.90 101.10
N SER KB 467 82.72 -28.67 101.45
CA SER KB 467 82.53 -29.39 102.72
C SER KB 467 83.10 -28.62 103.89
N MET KB 468 82.85 -27.30 103.91
CA MET KB 468 83.10 -26.46 105.09
C MET KB 468 82.25 -26.93 106.29
N GLU KB 469 81.19 -27.67 105.97
CA GLU KB 469 80.56 -28.70 106.79
C GLU KB 469 81.50 -29.37 107.81
N ASP KB 470 82.66 -29.85 107.36
CA ASP KB 470 83.62 -30.65 108.13
C ASP KB 470 84.43 -29.82 109.14
N LEU KB 471 84.57 -28.52 108.90
CA LEU KB 471 85.66 -27.74 109.48
C LEU KB 471 85.31 -27.21 110.87
N GLN KB 472 84.04 -26.91 111.13
CA GLN KB 472 83.57 -26.82 112.52
C GLN KB 472 83.61 -28.20 113.20
N LYS KB 473 83.50 -29.33 112.48
CA LYS KB 473 83.68 -30.64 113.13
C LYS KB 473 85.11 -30.84 113.61
N VAL KB 474 86.10 -30.32 112.87
CA VAL KB 474 87.48 -30.19 113.36
C VAL KB 474 87.58 -29.20 114.54
N LYS KB 475 87.12 -27.95 114.43
CA LYS KB 475 87.17 -26.97 115.55
C LYS KB 475 86.48 -27.53 116.80
N THR KB 476 85.32 -28.15 116.68
CA THR KB 476 84.63 -28.85 117.75
C THR KB 476 85.45 -29.99 118.35
N ARG KB 477 86.05 -30.88 117.55
CA ARG KB 477 86.89 -31.97 118.08
C ARG KB 477 88.15 -31.41 118.75
N VAL KB 478 88.74 -30.37 118.18
CA VAL KB 478 89.87 -29.64 118.78
C VAL KB 478 89.44 -29.05 120.12
N ASP KB 479 88.37 -28.26 120.18
CA ASP KB 479 87.83 -27.72 121.44
C ASP KB 479 87.44 -28.84 122.40
N ASN KB 480 86.90 -29.96 121.93
CA ASN KB 480 86.60 -31.08 122.81
C ASN KB 480 87.89 -31.66 123.39
N LEU KB 481 88.86 -32.14 122.59
CA LEU KB 481 90.04 -32.80 123.15
C LEU KB 481 90.98 -31.79 123.84
N GLU KB 482 91.24 -30.61 123.28
CA GLU KB 482 92.00 -29.54 123.97
C GLU KB 482 91.32 -29.07 125.26
N TYR KB 483 90.00 -28.90 125.31
CA TYR KB 483 89.39 -28.37 126.52
C TYR KB 483 89.01 -29.48 127.49
N ASN KB 484 88.90 -30.74 127.06
CA ASN KB 484 89.01 -31.87 127.98
C ASN KB 484 90.45 -31.95 128.53
N GLN KB 485 91.48 -31.70 127.73
CA GLN KB 485 92.86 -31.59 128.21
C GLN KB 485 93.06 -30.39 129.15
N ALA KB 486 92.38 -29.27 128.92
CA ALA KB 486 92.32 -28.14 129.85
C ALA KB 486 91.61 -28.53 131.17
N VAL KB 487 90.47 -29.22 131.11
CA VAL KB 487 89.80 -29.82 132.29
C VAL KB 487 90.73 -30.80 132.99
N ASN KB 488 91.52 -31.62 132.28
CA ASN KB 488 92.58 -32.43 132.90
C ASN KB 488 93.60 -31.50 133.61
N ALA KB 489 94.01 -30.35 133.06
CA ALA KB 489 94.78 -29.37 133.83
C ALA KB 489 94.03 -28.81 135.06
N LEU KB 490 92.70 -28.70 135.00
CA LEU KB 490 91.87 -28.34 136.16
C LEU KB 490 91.66 -29.52 137.15
N ASP KB 491 91.88 -30.76 136.76
CA ASP KB 491 92.22 -31.83 137.71
C ASP KB 491 93.63 -31.60 138.24
N ASP KB 492 94.62 -31.38 137.36
CA ASP KB 492 96.04 -31.64 137.63
C ASP KB 492 96.77 -30.63 138.54
N GLY KB 493 96.16 -29.53 138.94
CA GLY KB 493 96.56 -28.80 140.16
C GLY KB 493 96.10 -29.47 141.49
N ALA KB 494 95.43 -30.63 141.42
CA ALA KB 494 94.70 -31.24 142.52
C ALA KB 494 94.62 -32.80 142.49
N MET KB 495 94.75 -33.39 141.31
CA MET KB 495 94.58 -34.76 140.81
C MET KB 495 94.82 -36.03 141.65
N GLU KB 496 95.41 -35.97 142.84
CA GLU KB 496 95.85 -37.15 143.63
C GLU KB 496 97.01 -37.95 143.05
N GLY KB 497 98.23 -37.59 143.43
CA GLY KB 497 99.45 -38.23 142.96
C GLY KB 497 99.78 -37.94 141.50
N GLN KB 498 98.88 -38.33 140.60
CA GLN KB 498 99.02 -38.54 139.14
C GLN KB 498 100.09 -39.62 138.83
N ASN KB 499 101.27 -39.36 139.37
CA ASN KB 499 102.30 -40.28 139.81
C ASN KB 499 101.81 -40.96 141.13
N PRO KB 500 102.67 -41.61 141.94
CA PRO KB 500 102.39 -41.71 143.38
C PRO KB 500 102.36 -40.28 143.95
N LEU KB 501 103.44 -39.53 143.67
CA LEU KB 501 103.54 -38.06 143.51
C LEU KB 501 104.93 -37.68 142.92
N THR KB 502 105.72 -38.67 142.47
CA THR KB 502 107.17 -38.61 142.36
C THR KB 502 107.75 -37.57 141.41
N LEU KB 503 107.11 -37.29 140.27
CA LEU KB 503 107.57 -36.34 139.24
C LEU KB 503 108.28 -35.11 139.82
N ARG KB 504 109.56 -34.86 139.49
CA ARG KB 504 110.20 -33.55 139.64
C ARG KB 504 109.84 -32.65 138.47
N SER KB 505 110.64 -32.58 137.39
CA SER KB 505 110.24 -31.83 136.19
C SER KB 505 110.94 -32.34 134.92
N VAL KB 506 110.36 -32.15 133.72
CA VAL KB 506 110.90 -32.65 132.45
C VAL KB 506 111.58 -31.57 131.61
N PHE KB 507 112.78 -31.86 131.12
CA PHE KB 507 113.40 -31.15 129.98
C PHE KB 507 113.28 -32.03 128.72
N SER KB 508 112.76 -31.49 127.61
CA SER KB 508 112.44 -32.28 126.41
C SER KB 508 112.66 -31.47 125.12
N GLU KB 509 112.91 -32.15 123.99
CA GLU KB 509 113.29 -31.53 122.70
C GLU KB 509 112.82 -32.37 121.52
N GLY KB 510 112.41 -31.67 120.47
CA GLY KB 510 111.79 -32.20 119.25
C GLY KB 510 112.38 -31.64 117.95
N PHE KB 511 113.41 -30.80 117.99
CA PHE KB 511 114.23 -30.44 116.83
C PHE KB 511 113.44 -29.72 115.71
N ILE KB 512 112.50 -28.86 116.14
CA ILE KB 512 111.85 -27.78 115.34
C ILE KB 512 111.95 -26.40 116.03
N SER KB 513 112.88 -26.19 116.98
CA SER KB 513 113.00 -24.92 117.75
C SER KB 513 114.41 -24.63 118.27
N LEU KB 514 114.67 -23.36 118.63
CA LEU KB 514 115.97 -22.85 119.18
C LEU KB 514 115.94 -22.61 120.72
N ASP KB 515 114.82 -22.87 121.39
CA ASP KB 515 114.54 -22.43 122.77
C ASP KB 515 115.15 -23.32 123.88
N LYS KB 516 115.06 -24.64 123.76
CA LYS KB 516 115.74 -25.59 124.67
C LYS KB 516 117.16 -25.89 124.23
N ALA KB 517 117.47 -25.66 122.95
CA ALA KB 517 118.82 -25.72 122.39
C ALA KB 517 119.78 -24.73 123.07
N ASP KB 518 120.88 -25.20 123.65
CA ASP KB 518 121.98 -24.34 124.09
C ASP KB 518 123.01 -24.12 122.99
N ILE KB 519 122.59 -23.49 121.90
CA ILE KB 519 123.50 -22.96 120.88
C ILE KB 519 124.55 -21.98 121.44
N THR KB 520 124.37 -21.46 122.66
CA THR KB 520 125.35 -20.60 123.34
C THR KB 520 126.49 -21.40 123.96
N HIS KB 521 126.26 -22.69 124.26
CA HIS KB 521 127.31 -23.70 124.45
C HIS KB 521 127.97 -23.90 123.08
N PRO KB 522 129.19 -23.42 122.84
CA PRO KB 522 129.67 -23.19 121.47
C PRO KB 522 130.09 -24.48 120.75
N ASP KB 523 130.26 -25.55 121.51
CA ASP KB 523 130.38 -26.94 121.08
C ASP KB 523 129.06 -27.52 120.51
N PHE KB 524 127.94 -26.81 120.68
CA PHE KB 524 126.65 -27.13 120.05
C PHE KB 524 126.76 -27.07 118.51
N GLY KB 525 126.06 -27.95 117.79
CA GLY KB 525 126.09 -27.93 116.32
C GLY KB 525 125.15 -28.93 115.64
N ILE KB 526 123.84 -28.70 115.69
CA ILE KB 526 122.83 -29.57 115.03
C ILE KB 526 121.91 -28.82 114.06
N VAL KB 527 121.28 -29.57 113.13
CA VAL KB 527 120.41 -29.09 112.03
C VAL KB 527 119.03 -29.72 112.09
N PHE KB 528 118.32 -29.35 113.14
CA PHE KB 528 116.87 -29.42 113.25
C PHE KB 528 116.15 -29.10 111.93
N SER KB 529 115.02 -29.78 111.69
CA SER KB 529 114.27 -29.82 110.43
C SER KB 529 112.83 -29.55 110.87
N PHE KB 530 112.38 -28.33 110.56
CA PHE KB 530 111.36 -27.60 111.32
C PHE KB 530 109.85 -27.85 111.17
N GLU KB 531 109.41 -28.86 110.44
CA GLU KB 531 108.13 -29.53 110.76
C GLU KB 531 108.34 -31.03 111.00
N ASP KB 532 109.44 -31.52 110.45
CA ASP KB 532 109.92 -32.88 110.34
C ASP KB 532 110.32 -33.49 111.70
N ALA KB 533 110.70 -32.62 112.64
CA ALA KB 533 111.02 -32.95 114.03
C ALA KB 533 112.19 -33.93 114.21
N GLU KB 534 113.33 -33.67 113.55
CA GLU KB 534 114.58 -34.45 113.67
C GLU KB 534 115.79 -33.58 113.32
N ALA KB 535 116.98 -33.89 113.86
CA ALA KB 535 118.23 -33.20 113.54
C ALA KB 535 119.41 -34.16 113.34
N THR KB 536 120.45 -33.70 112.63
CA THR KB 536 121.78 -34.32 112.59
C THR KB 536 122.86 -33.31 112.98
N LEU KB 537 124.14 -33.63 112.82
CA LEU KB 537 125.24 -32.66 112.90
C LEU KB 537 125.13 -31.52 111.90
N ALA KB 538 125.48 -30.31 112.33
CA ALA KB 538 125.42 -29.13 111.50
C ALA KB 538 126.30 -29.24 110.25
N TYR KB 539 125.95 -28.51 109.19
CA TYR KB 539 126.63 -28.58 107.90
C TYR KB 539 127.22 -27.24 107.43
N THR KB 540 128.39 -27.34 106.84
CA THR KB 540 129.11 -26.35 106.05
C THR KB 540 128.43 -26.25 104.68
N GLU KB 541 127.53 -25.31 104.49
CA GLU KB 541 126.97 -25.00 103.17
C GLU KB 541 128.08 -24.50 102.23
N ALA KB 542 128.09 -25.03 101.00
CA ALA KB 542 129.10 -24.79 99.97
C ALA KB 542 128.38 -24.56 98.62
N VAL KB 543 127.59 -23.49 98.56
CA VAL KB 543 126.84 -23.04 97.38
C VAL KB 543 127.76 -22.80 96.18
N ASN KB 544 127.36 -23.26 94.99
CA ASN KB 544 128.10 -22.95 93.77
C ASN KB 544 127.10 -22.59 92.65
N GLN KB 545 127.35 -21.53 91.87
CA GLN KB 545 126.70 -21.29 90.57
C GLN KB 545 127.65 -21.80 89.46
N PRO KB 546 127.36 -22.93 88.78
CA PRO KB 546 128.16 -23.43 87.65
C PRO KB 546 128.50 -22.39 86.56
N LYS KB 547 129.53 -22.71 85.78
CA LYS KB 547 130.15 -21.88 84.75
C LYS KB 547 130.18 -22.65 83.43
N ILE KB 548 130.09 -22.01 82.25
CA ILE KB 548 129.68 -22.70 81.01
C ILE KB 548 130.86 -22.90 80.04
N ILE KB 549 131.07 -24.12 79.51
CA ILE KB 549 132.00 -24.43 78.40
C ILE KB 549 131.29 -24.12 77.08
N PRO KB 550 131.50 -22.96 76.43
CA PRO KB 550 130.49 -22.43 75.51
C PRO KB 550 130.38 -23.21 74.20
N GLY KB 551 131.46 -23.80 73.70
CA GLY KB 551 131.40 -24.56 72.45
C GLY KB 551 130.78 -25.94 72.62
N ASP KB 552 131.04 -26.57 73.76
CA ASP KB 552 130.47 -27.88 74.11
C ASP KB 552 129.00 -27.72 74.56
N THR KB 553 128.70 -26.56 75.11
CA THR KB 553 127.34 -26.08 75.32
C THR KB 553 126.69 -25.71 73.98
N THR KB 554 126.04 -26.64 73.28
CA THR KB 554 125.32 -26.31 72.04
C THR KB 554 124.19 -25.29 72.27
N ALA KB 555 123.68 -25.19 73.49
CA ALA KB 555 122.69 -24.18 73.85
C ALA KB 555 123.16 -22.77 73.45
N HIS KB 556 122.31 -22.00 72.76
CA HIS KB 556 122.51 -20.56 72.65
C HIS KB 556 122.34 -19.91 74.03
N ILE KB 557 123.39 -19.26 74.55
CA ILE KB 557 123.33 -18.50 75.81
C ILE KB 557 122.55 -17.21 75.54
N TRP KB 558 121.22 -17.30 75.63
CA TRP KB 558 120.23 -16.22 75.43
C TRP KB 558 120.34 -15.12 76.51
N GLY KB 559 121.33 -14.23 76.40
CA GLY KB 559 121.58 -13.18 77.38
C GLY KB 559 122.03 -13.73 78.75
N ARG KB 560 121.32 -13.39 79.85
CA ARG KB 560 121.48 -14.09 81.14
C ARG KB 560 120.97 -15.54 81.04
N LEU KB 561 119.92 -15.78 80.25
CA LEU KB 561 119.30 -17.08 80.03
C LEU KB 561 120.15 -17.93 79.11
N ILE KB 562 119.81 -19.21 79.06
CA ILE KB 562 120.47 -20.25 78.28
C ILE KB 562 119.34 -21.02 77.59
N SER KB 563 119.47 -21.35 76.31
CA SER KB 563 118.37 -21.81 75.43
C SER KB 563 118.91 -22.76 74.38
N ALA KB 564 118.12 -23.61 73.72
CA ALA KB 564 118.68 -24.52 72.72
C ALA KB 564 119.43 -23.81 71.57
N PRO KB 565 120.31 -24.50 70.83
CA PRO KB 565 120.80 -24.02 69.54
C PRO KB 565 119.61 -23.69 68.62
N PHE KB 566 119.59 -22.52 67.98
CA PHE KB 566 118.52 -22.10 67.06
C PHE KB 566 119.05 -21.40 65.80
N THR KB 567 118.27 -21.45 64.72
CA THR KB 567 118.29 -20.41 63.67
C THR KB 567 117.20 -19.38 63.98
N GLU KB 568 117.15 -18.21 63.32
CA GLU KB 568 115.89 -17.45 63.31
C GLU KB 568 115.02 -17.85 62.12
N GLU KB 569 113.70 -17.67 62.25
CA GLU KB 569 112.77 -17.53 61.13
C GLU KB 569 111.96 -16.21 61.24
N ARG KB 570 111.59 -15.54 60.14
CA ARG KB 570 110.58 -14.47 60.16
C ARG KB 570 109.20 -15.10 60.35
N THR KB 571 108.67 -15.10 61.57
CA THR KB 571 107.35 -15.68 61.86
C THR KB 571 106.20 -14.77 61.42
N ILE KB 572 106.36 -13.44 61.40
CA ILE KB 572 105.30 -12.49 61.02
C ILE KB 572 105.86 -11.37 60.15
N TYR KB 573 105.17 -10.90 59.12
CA TYR KB 573 105.55 -9.68 58.40
C TYR KB 573 104.36 -8.97 57.72
N GLN KB 574 104.26 -7.65 57.91
CA GLN KB 574 103.40 -6.75 57.16
C GLN KB 574 104.29 -5.77 56.37
N GLY KB 575 104.15 -5.79 55.06
CA GLY KB 575 105.05 -5.16 54.09
C GLY KB 575 104.49 -3.92 53.40
N GLN KB 576 103.42 -3.34 53.90
CA GLN KB 576 102.69 -2.25 53.25
C GLN KB 576 102.79 -1.00 54.13
N ALA KB 577 103.81 -0.16 53.93
CA ALA KB 577 103.85 1.19 54.51
C ALA KB 577 103.27 2.20 53.51
N SER KB 578 102.72 3.33 53.96
CA SER KB 578 102.21 4.43 53.13
C SER KB 578 102.81 5.80 53.50
N GLU KB 579 103.44 5.96 54.67
CA GLU KB 579 104.11 7.21 55.06
C GLU KB 579 105.08 6.99 56.23
N THR KB 580 105.93 7.98 56.52
CA THR KB 580 106.80 7.87 57.71
C THR KB 580 105.96 7.82 58.98
N LEU KB 581 106.57 7.52 60.13
CA LEU KB 581 106.02 8.07 61.36
C LEU KB 581 107.06 8.56 62.37
N ASN KB 582 107.20 9.87 62.44
CA ASN KB 582 107.74 10.61 63.59
C ASN KB 582 107.14 10.03 64.90
N VAL KB 583 107.99 9.39 65.72
CA VAL KB 583 107.58 8.55 66.86
C VAL KB 583 107.06 9.41 68.02
N ASN KB 584 107.64 10.59 68.21
CA ASN KB 584 107.26 11.54 69.27
C ASN KB 584 107.17 12.95 68.66
N PRO KB 585 106.11 13.29 67.90
CA PRO KB 585 106.00 14.62 67.29
C PRO KB 585 105.86 15.70 68.36
N TYR KB 586 105.36 15.29 69.52
CA TYR KB 586 105.29 16.05 70.78
C TYR KB 586 106.71 16.46 71.25
N ASN KB 587 107.70 15.64 70.87
CA ASN KB 587 109.12 15.68 71.15
C ASN KB 587 109.46 15.75 72.64
N ILE KB 588 108.66 15.06 73.48
CA ILE KB 588 108.65 15.15 74.95
C ILE KB 588 109.11 13.86 75.66
N PRO KB 589 110.10 13.93 76.55
CA PRO KB 589 110.70 12.77 77.22
C PRO KB 589 109.93 12.32 78.46
N ASN KB 590 110.45 11.23 79.02
CA ASN KB 590 110.39 10.84 80.44
C ASN KB 590 111.68 10.04 80.68
N LYS KB 591 112.56 10.50 81.59
CA LYS KB 591 113.98 10.12 81.55
C LYS KB 591 114.35 8.80 82.24
N GLN KB 592 113.68 7.71 81.88
CA GLN KB 592 114.07 6.35 82.27
C GLN KB 592 115.06 5.76 81.26
N GLY KB 593 116.36 5.84 81.54
CA GLY KB 593 117.36 4.96 80.90
C GLY KB 593 117.17 3.49 81.33
N VAL KB 594 118.00 2.57 80.83
CA VAL KB 594 117.70 1.12 80.90
C VAL KB 594 118.83 0.31 81.54
N LEU KB 595 118.68 -0.06 82.82
CA LEU KB 595 119.62 -0.82 83.66
C LEU KB 595 119.57 -2.34 83.38
N LYS KB 596 120.70 -3.00 83.56
CA LYS KB 596 120.93 -4.46 83.49
C LYS KB 596 121.72 -4.91 84.74
N LEU KB 597 121.51 -6.14 85.17
CA LEU KB 597 122.11 -6.71 86.37
C LEU KB 597 122.89 -7.97 86.01
N THR KB 598 124.10 -8.07 86.50
CA THR KB 598 125.04 -9.14 86.14
C THR KB 598 125.88 -9.53 87.37
N PRO KB 599 125.45 -10.51 88.17
CA PRO KB 599 124.26 -11.37 88.01
C PRO KB 599 122.93 -10.63 88.14
N SER KB 600 121.87 -11.22 87.62
CA SER KB 600 120.48 -10.78 87.80
C SER KB 600 119.74 -11.59 88.87
N GLU KB 601 120.26 -12.73 89.35
CA GLU KB 601 119.58 -13.56 90.35
C GLU KB 601 120.53 -14.29 91.33
N ASP KB 602 119.99 -14.86 92.42
CA ASP KB 602 120.72 -15.75 93.34
C ASP KB 602 119.99 -17.06 93.66
N ASN KB 603 120.76 -18.12 93.88
CA ASN KB 603 120.36 -19.30 94.65
C ASN KB 603 121.45 -19.59 95.69
N TRP KB 604 121.06 -19.86 96.94
CA TRP KB 604 121.98 -19.91 98.07
C TRP KB 604 121.33 -20.61 99.28
N ILE KB 605 122.11 -20.87 100.33
CA ILE KB 605 121.65 -21.07 101.71
C ILE KB 605 122.61 -20.25 102.59
N ASP KB 606 122.14 -19.77 103.75
CA ASP KB 606 122.92 -18.93 104.67
C ASP KB 606 122.65 -19.30 106.14
N THR KB 607 123.71 -19.59 106.91
CA THR KB 607 123.71 -19.60 108.38
C THR KB 607 123.63 -18.16 108.88
N GLU KB 608 122.40 -17.69 109.07
CA GLU KB 608 121.99 -16.29 109.13
C GLU KB 608 122.09 -15.65 110.54
N ASN KB 609 122.96 -16.21 111.38
CA ASN KB 609 122.77 -16.20 112.82
C ASN KB 609 123.71 -15.24 113.57
N LEU KB 678 110.24 -23.24 110.70
CA LEU KB 678 109.69 -24.03 109.57
C LEU KB 678 110.77 -24.27 108.49
N GLU KB 679 110.55 -25.14 107.51
CA GLU KB 679 111.48 -25.41 106.40
C GLU KB 679 111.35 -24.32 105.30
N GLU KB 680 111.92 -23.16 105.59
CA GLU KB 680 111.52 -21.84 105.05
C GLU KB 680 112.19 -21.43 103.73
N MET KB 681 111.71 -20.32 103.13
CA MET KB 681 112.44 -19.51 102.14
C MET KB 681 113.79 -18.99 102.69
N ILE KB 682 114.61 -18.41 101.81
CA ILE KB 682 116.04 -18.22 102.08
C ILE KB 682 116.40 -16.96 102.88
N GLU KB 683 115.45 -16.41 103.65
CA GLU KB 683 115.70 -15.46 104.73
C GLU KB 683 116.33 -14.11 104.30
N PHE KB 684 117.64 -13.86 104.41
CA PHE KB 684 118.24 -12.72 103.70
C PHE KB 684 118.99 -13.18 102.46
N ILE KB 685 118.87 -12.42 101.37
CA ILE KB 685 119.80 -12.56 100.25
C ILE KB 685 121.19 -12.27 100.79
N ARG KB 686 122.08 -13.25 100.64
CA ARG KB 686 123.47 -13.14 101.06
C ARG KB 686 124.13 -11.93 100.39
N ILE KB 687 124.96 -11.21 101.14
CA ILE KB 687 125.59 -9.97 100.68
C ILE KB 687 126.55 -10.32 99.54
N ARG KB 688 126.26 -9.78 98.36
CA ARG KB 688 126.77 -10.24 97.08
C ARG KB 688 126.86 -9.04 96.15
N ASP KB 689 127.82 -8.99 95.24
CA ASP KB 689 127.93 -7.85 94.30
C ASP KB 689 127.31 -8.14 92.94
N VAL KB 690 126.85 -7.07 92.31
CA VAL KB 690 126.24 -7.06 90.98
C VAL KB 690 126.95 -6.03 90.11
N SER KB 691 127.51 -6.48 88.98
CA SER KB 691 127.93 -5.60 87.90
C SER KB 691 126.72 -5.16 87.07
N PHE KB 692 126.84 -4.08 86.32
CA PHE KB 692 125.75 -3.49 85.54
C PHE KB 692 126.21 -2.76 84.29
N GLU KB 693 125.26 -2.56 83.40
CA GLU KB 693 125.22 -1.48 82.43
C GLU KB 693 123.86 -0.78 82.54
N VAL KB 694 123.82 0.53 82.34
CA VAL KB 694 122.62 1.33 82.10
C VAL KB 694 122.84 2.13 80.82
N LYS KB 695 121.77 2.39 80.04
CA LYS KB 695 121.81 3.05 78.72
C LYS KB 695 120.81 4.21 78.57
N GLY KB 696 121.05 5.09 77.61
CA GLY KB 696 120.09 6.10 77.14
C GLY KB 696 119.69 7.13 78.22
N LEU KB 697 120.52 7.33 79.25
CA LEU KB 697 120.43 8.43 80.22
C LEU KB 697 120.80 9.78 79.56
N ASN KB 698 120.99 10.86 80.31
CA ASN KB 698 121.47 12.13 79.73
C ASN KB 698 122.92 12.01 79.18
N PRO KB 699 123.39 12.86 78.25
CA PRO KB 699 124.80 12.92 77.88
C PRO KB 699 125.75 13.31 79.03
N ASN KB 700 126.64 12.39 79.43
CA ASN KB 700 127.47 12.47 80.64
C ASN KB 700 126.65 12.78 81.91
N ASP KB 701 125.49 12.12 82.02
CA ASP KB 701 124.60 12.13 83.16
C ASP KB 701 125.36 11.75 84.44
N ASN KB 702 125.21 12.56 85.48
CA ASN KB 702 126.13 12.72 86.60
C ASN KB 702 125.43 12.54 87.96
N ASN KB 703 126.13 12.00 88.97
CA ASN KB 703 125.59 11.69 90.31
C ASN KB 703 124.62 10.51 90.33
N LEU KB 704 124.64 9.64 89.33
CA LEU KB 704 123.73 8.49 89.25
C LEU KB 704 124.04 7.48 90.37
N TYR KB 705 123.46 7.63 91.56
CA TYR KB 705 123.55 6.66 92.66
C TYR KB 705 122.68 5.42 92.36
N LEU KB 706 122.73 4.41 93.23
CA LEU KB 706 121.95 3.19 93.06
C LEU KB 706 121.26 2.75 94.36
N LEU KB 707 119.99 2.38 94.27
CA LEU KB 707 119.23 1.83 95.39
C LEU KB 707 118.79 0.38 95.09
N PHE KB 708 119.26 -0.64 95.83
CA PHE KB 708 118.95 -2.07 95.62
C PHE KB 708 117.87 -2.52 96.60
N ASP KB 709 116.80 -3.11 96.10
CA ASP KB 709 115.53 -3.20 96.84
C ASP KB 709 115.04 -1.83 97.38
N GLY KB 710 115.39 -0.74 96.67
CA GLY KB 710 115.18 0.62 97.13
C GLY KB 710 116.07 1.07 98.33
N VAL KB 711 117.12 0.31 98.69
CA VAL KB 711 118.12 0.64 99.75
C VAL KB 711 119.39 1.23 99.11
N ARG KB 712 119.87 2.40 99.56
CA ARG KB 712 121.09 3.02 98.98
C ARG KB 712 122.27 2.04 99.01
N CYS KB 713 122.99 1.98 97.90
CA CYS KB 713 124.18 1.16 97.68
C CYS KB 713 125.31 2.06 97.18
N ALA KB 714 126.52 1.53 97.06
CA ALA KB 714 127.65 2.23 96.45
C ALA KB 714 128.07 1.62 95.11
N ILE KB 715 127.82 2.36 94.02
CA ILE KB 715 128.45 2.07 92.73
C ILE KB 715 129.95 2.28 92.83
N THR KB 716 130.69 1.38 92.21
CA THR KB 716 132.01 1.63 91.65
C THR KB 716 131.86 1.70 90.13
N PRO KB 717 132.20 2.82 89.48
CA PRO KB 717 132.22 2.90 88.03
C PRO KB 717 133.17 1.87 87.42
N ALA KB 718 132.78 1.27 86.31
CA ALA KB 718 133.72 0.69 85.38
C ALA KB 718 134.48 1.82 84.67
N THR KB 719 135.64 1.49 84.09
CA THR KB 719 136.32 2.42 83.19
C THR KB 719 135.45 2.73 81.95
N GLY KB 720 135.72 3.84 81.27
CA GLY KB 720 134.74 4.51 80.40
C GLY KB 720 133.87 5.47 81.21
N TYR KB 721 133.78 5.26 82.52
CA TYR KB 721 132.90 5.99 83.42
C TYR KB 721 133.68 6.54 84.62
N ARG KB 722 133.23 7.70 85.08
CA ARG KB 722 133.73 8.34 86.30
C ARG KB 722 132.74 8.11 87.42
N LYS KB 723 133.08 8.46 88.66
CA LYS KB 723 132.04 8.68 89.66
C LYS KB 723 131.12 9.82 89.21
N GLY KB 724 130.02 10.10 89.91
CA GLY KB 724 129.35 11.38 89.73
C GLY KB 724 130.24 12.56 90.20
N SER KB 725 129.67 13.73 90.49
CA SER KB 725 130.24 14.65 91.50
C SER KB 725 130.03 14.06 92.90
N GLU KB 726 128.85 13.46 93.11
CA GLU KB 726 128.53 12.49 94.16
C GLU KB 726 129.22 11.12 93.93
N ASP KB 727 129.41 10.28 94.97
CA ASP KB 727 129.96 8.92 94.82
C ASP KB 727 129.15 7.82 95.55
N GLY KB 728 129.53 6.57 95.30
CA GLY KB 728 128.58 5.47 95.35
C GLY KB 728 127.70 5.60 94.08
N THR KB 729 128.17 6.37 93.10
CA THR KB 729 127.45 6.86 91.93
C THR KB 729 128.35 6.85 90.69
N ILE KB 730 127.76 7.03 89.53
CA ILE KB 730 128.47 7.09 88.26
C ILE KB 730 128.18 8.39 87.51
N MET KB 731 129.11 8.79 86.65
CA MET KB 731 128.86 9.67 85.51
C MET KB 731 129.04 8.90 84.18
N THR KB 732 128.03 8.98 83.31
CA THR KB 732 127.95 8.24 82.04
C THR KB 732 128.96 8.75 80.99
N ASP KB 733 128.98 8.11 79.83
CA ASP KB 733 129.42 8.74 78.59
C ASP KB 733 128.33 9.63 77.97
N ALA KB 734 128.59 10.19 76.79
CA ALA KB 734 127.66 11.08 76.10
C ALA KB 734 126.37 10.38 75.63
N LYS KB 735 126.24 9.04 75.55
CA LYS KB 735 124.95 8.37 75.24
C LYS KB 735 124.03 8.25 76.45
N GLY KB 736 124.49 8.67 77.63
CA GLY KB 736 123.91 8.21 78.89
C GLY KB 736 124.13 6.71 79.08
N THR KB 737 125.25 6.14 78.62
CA THR KB 737 125.70 4.80 79.06
C THR KB 737 126.50 4.92 80.34
N ALA KB 738 126.26 4.07 81.33
CA ALA KB 738 127.12 3.93 82.49
C ALA KB 738 127.25 2.45 82.84
N LYS KB 739 128.41 2.04 83.36
CA LYS KB 739 128.73 0.63 83.64
C LYS KB 739 129.57 0.55 84.89
N GLY KB 740 129.55 -0.57 85.60
CA GLY KB 740 130.25 -0.70 86.87
C GLY KB 740 129.69 -1.83 87.70
N LYS KB 741 129.81 -1.74 89.02
CA LYS KB 741 129.26 -2.71 89.97
C LYS KB 741 128.92 -2.08 91.31
N PHE KB 742 128.16 -2.78 92.13
CA PHE KB 742 127.76 -2.35 93.47
C PHE KB 742 127.51 -3.58 94.37
N THR KB 743 127.25 -3.38 95.67
CA THR KB 743 126.94 -4.47 96.61
C THR KB 743 125.46 -4.53 96.99
N ILE KB 744 124.87 -5.73 96.93
CA ILE KB 744 123.58 -6.09 97.55
C ILE KB 744 123.74 -5.98 99.08
N PRO KB 745 123.05 -5.05 99.74
CA PRO KB 745 123.20 -4.84 101.18
C PRO KB 745 122.83 -6.05 102.06
N ALA KB 746 123.18 -5.97 103.35
CA ALA KB 746 122.53 -6.76 104.40
C ALA KB 746 121.09 -6.29 104.63
N GLY KB 747 120.31 -7.08 105.37
CA GLY KB 747 118.90 -6.77 105.62
C GLY KB 747 118.01 -6.90 104.38
N ILE KB 748 118.60 -7.20 103.22
CA ILE KB 748 117.89 -7.49 101.97
C ILE KB 748 117.21 -8.84 102.08
N ARG KB 749 115.90 -8.80 102.28
CA ARG KB 749 115.06 -9.99 102.55
C ARG KB 749 115.00 -10.87 101.31
N CYS KB 750 114.80 -12.18 101.42
CA CYS KB 750 114.68 -13.09 100.28
C CYS KB 750 113.57 -12.64 99.32
N GLY KB 751 113.61 -13.06 98.06
CA GLY KB 751 112.67 -12.66 97.00
C GLY KB 751 113.27 -11.78 95.91
N ASN KB 752 112.47 -11.36 94.94
CA ASN KB 752 112.89 -10.37 93.92
C ASN KB 752 113.07 -8.94 94.49
N ARG KB 753 114.00 -8.13 93.96
CA ARG KB 753 114.46 -6.84 94.52
C ARG KB 753 114.56 -5.78 93.44
N GLU KB 754 114.17 -4.52 93.67
CA GLU KB 754 114.28 -3.50 92.60
C GLU KB 754 115.57 -2.69 92.74
N VAL KB 755 116.36 -2.71 91.68
CA VAL KB 755 117.67 -2.07 91.61
C VAL KB 755 117.53 -0.80 90.78
N THR KB 756 117.91 0.33 91.35
CA THR KB 756 117.37 1.64 90.99
C THR KB 756 118.52 2.63 90.68
N LEU KB 757 119.23 2.42 89.56
CA LEU KB 757 120.36 3.28 89.13
C LEU KB 757 119.86 4.63 88.63
N LYS KB 758 119.94 5.68 89.45
CA LYS KB 758 119.29 6.96 89.15
C LYS KB 758 119.97 8.17 89.75
N ASN KB 759 119.54 9.32 89.26
CA ASN KB 759 119.52 10.58 89.96
C ASN KB 759 118.19 11.26 89.59
N ALA KB 760 118.07 12.58 89.81
CA ALA KB 760 116.93 13.36 89.31
C ALA KB 760 116.95 13.62 87.80
N ASN KB 761 118.12 13.49 87.17
CA ASN KB 761 118.37 13.81 85.76
C ASN KB 761 117.81 12.70 84.86
N SER KB 762 118.17 11.45 85.15
CA SER KB 762 117.54 10.24 84.66
C SER KB 762 117.29 9.30 85.82
N THR KB 763 116.13 8.65 85.80
CA THR KB 763 115.97 7.37 86.50
C THR KB 763 116.45 6.21 85.63
N SER KB 764 116.68 5.07 86.27
CA SER KB 764 116.59 3.75 85.68
C SER KB 764 116.30 2.73 86.76
N ALA KB 765 115.70 1.60 86.40
CA ALA KB 765 115.56 0.49 87.32
C ALA KB 765 115.39 -0.84 86.58
N THR KB 766 115.68 -1.95 87.26
CA THR KB 766 115.26 -3.30 86.87
C THR KB 766 115.40 -4.25 88.07
N THR KB 767 114.81 -5.44 87.97
CA THR KB 767 114.67 -6.39 89.09
C THR KB 767 115.85 -7.36 89.20
N TYR KB 768 116.32 -7.64 90.44
CA TYR KB 768 117.08 -8.84 90.80
C TYR KB 768 116.15 -9.99 91.31
N THR KB 769 116.50 -11.28 91.19
CA THR KB 769 115.64 -12.43 91.65
C THR KB 769 116.31 -13.34 92.69
N ALA KB 770 115.58 -13.89 93.68
CA ALA KB 770 116.18 -14.71 94.76
C ALA KB 770 115.16 -15.58 95.57
N GLN KB 771 114.91 -16.87 95.26
CA GLN KB 771 113.92 -17.75 95.97
C GLN KB 771 114.31 -19.25 96.02
N GLY KB 772 113.87 -20.01 97.04
CA GLY KB 772 114.11 -21.47 97.23
C GLY KB 772 113.78 -21.97 98.64
N ARG KB 773 114.52 -22.93 99.24
CA ARG KB 773 114.30 -23.34 100.66
C ARG KB 773 115.58 -23.62 101.47
N LYS KB 774 115.52 -23.36 102.78
CA LYS KB 774 116.50 -23.78 103.81
C LYS KB 774 115.94 -24.97 104.62
N LYS KB 775 116.72 -26.06 104.75
CA LYS KB 775 116.40 -27.25 105.58
C LYS KB 775 116.43 -26.98 107.10
N THR KB 776 116.89 -25.81 107.53
CA THR KB 776 116.96 -25.38 108.94
C THR KB 776 116.51 -23.90 109.02
N ALA KB 777 115.73 -23.52 110.05
CA ALA KB 777 114.85 -22.32 110.06
C ALA KB 777 115.53 -20.96 110.32
N GLN KB 778 115.67 -20.60 111.60
CA GLN KB 778 115.70 -19.22 112.09
C GLN KB 778 114.44 -18.43 111.61
N ASP KB 779 114.56 -17.48 110.67
CA ASP KB 779 113.48 -16.55 110.24
C ASP KB 779 113.14 -16.65 108.73
N ILE KB 780 111.89 -16.37 108.33
CA ILE KB 780 111.40 -16.61 106.94
C ILE KB 780 111.85 -15.53 105.93
N ILE KB 781 111.55 -14.27 106.26
CA ILE KB 781 112.13 -13.01 105.73
C ILE KB 781 112.04 -12.81 104.19
N ILE KB 782 111.08 -11.98 103.72
CA ILE KB 782 110.92 -11.51 102.32
C ILE KB 782 110.53 -10.01 102.28
N ARG KB 783 110.80 -9.26 101.19
CA ARG KB 783 110.31 -7.86 100.96
C ARG KB 783 109.82 -7.53 99.53
N THR KB 784 110.20 -8.32 98.50
CA THR KB 784 109.73 -8.14 97.10
C THR KB 784 110.03 -6.73 96.52
N ARG KB 785 109.39 -6.27 95.42
CA ARG KB 785 109.71 -5.06 94.58
C ARG KB 785 108.62 -4.82 93.45
N VAL KB 786 108.64 -3.77 92.60
CA VAL KB 786 107.76 -3.64 91.38
C VAL KB 786 108.34 -2.77 90.22
N THR KB 787 107.94 -2.94 88.93
CA THR KB 787 108.58 -2.27 87.73
C THR KB 787 107.64 -1.92 86.52
N VAL KB 788 107.62 -0.66 86.01
CA VAL KB 788 106.75 -0.06 84.93
C VAL KB 788 107.36 1.26 84.36
N ASN KB 789 106.98 1.79 83.19
CA ASN KB 789 107.33 3.17 82.76
C ASN KB 789 106.39 3.84 81.70
N LEU KB 790 106.57 5.15 81.41
CA LEU KB 790 105.75 6.04 80.52
C LEU KB 790 106.60 7.00 79.65
N VAL KB 791 106.03 7.67 78.63
CA VAL KB 791 106.70 8.69 77.75
C VAL KB 791 105.67 9.55 76.94
N ASP KB 792 106.05 10.33 75.90
CA ASP KB 792 105.16 10.76 74.78
C ASP KB 792 105.41 9.95 73.49
N PRO KB 793 105.11 8.65 73.41
CA PRO KB 793 105.74 7.73 72.46
C PRO KB 793 104.83 7.37 71.29
N LEU KB 794 105.33 6.47 70.44
CA LEU KB 794 104.49 5.67 69.57
C LEU KB 794 104.25 4.30 70.22
N ALA KB 795 103.22 3.59 69.82
CA ALA KB 795 102.97 2.21 70.22
C ALA KB 795 102.29 1.46 69.09
N GLN KB 796 102.26 0.14 69.19
CA GLN KB 796 101.65 -0.71 68.18
C GLN KB 796 101.21 -2.02 68.82
N SER KB 797 99.92 -2.31 68.89
CA SER KB 797 99.47 -3.66 69.24
C SER KB 797 99.85 -4.64 68.12
N PHE KB 798 100.20 -5.87 68.48
CA PHE KB 798 100.49 -6.95 67.54
C PHE KB 798 100.24 -8.31 68.23
N GLN KB 799 99.69 -9.32 67.56
CA GLN KB 799 99.47 -10.61 68.22
C GLN KB 799 100.48 -11.69 67.80
N TYR KB 800 100.55 -12.76 68.60
CA TYR KB 800 101.04 -14.09 68.17
C TYR KB 800 99.90 -15.11 68.28
N ASP KB 801 99.91 -16.10 67.40
CA ASP KB 801 98.79 -17.01 67.18
C ASP KB 801 99.04 -18.41 67.74
N GLU KB 802 100.31 -18.81 67.88
CA GLU KB 802 100.80 -19.96 68.65
C GLU KB 802 102.06 -19.53 69.39
N ASN KB 803 102.51 -20.30 70.38
CA ASN KB 803 103.60 -19.89 71.26
C ASN KB 803 104.96 -19.95 70.54
N ARG KB 804 105.72 -18.85 70.49
CA ARG KB 804 107.00 -18.72 69.76
C ARG KB 804 108.00 -17.83 70.50
N THR KB 805 109.28 -18.20 70.49
CA THR KB 805 110.30 -17.48 71.28
C THR KB 805 110.88 -16.28 70.50
N ILE KB 806 110.26 -15.10 70.56
CA ILE KB 806 110.75 -13.94 69.80
C ILE KB 806 112.20 -13.67 70.11
N SER KB 807 112.99 -13.67 69.05
CA SER KB 807 114.41 -13.33 69.06
C SER KB 807 114.63 -11.86 68.69
N SER KB 808 113.86 -11.32 67.73
CA SER KB 808 113.84 -9.88 67.44
C SER KB 808 112.66 -9.45 66.56
N LEU KB 809 112.40 -8.14 66.50
CA LEU KB 809 111.56 -7.54 65.45
C LEU KB 809 112.42 -7.11 64.25
N GLY KB 810 111.75 -6.55 63.24
CA GLY KB 810 112.33 -5.90 62.08
C GLY KB 810 111.38 -4.82 61.54
N LEU KB 811 111.91 -3.69 61.08
CA LEU KB 811 111.24 -2.40 60.89
C LEU KB 811 112.01 -1.53 59.89
N TYR KB 812 111.43 -0.42 59.43
CA TYR KB 812 112.06 0.45 58.42
C TYR KB 812 111.83 1.91 58.78
N PHE KB 813 112.87 2.74 58.76
CA PHE KB 813 112.69 4.17 59.01
C PHE KB 813 112.71 4.98 57.72
N ALA KB 814 112.03 6.12 57.73
CA ALA KB 814 112.26 7.20 56.79
C ALA KB 814 113.44 8.11 57.22
N SER KB 815 113.62 8.35 58.53
CA SER KB 815 114.68 9.23 59.07
C SER KB 815 114.94 8.99 60.57
N LYS KB 816 116.02 9.54 61.12
CA LYS KB 816 116.46 9.33 62.53
C LYS KB 816 117.08 10.57 63.20
N GLY KB 817 117.05 10.60 64.53
CA GLY KB 817 117.62 11.67 65.39
C GLY KB 817 119.13 11.54 65.60
N ASP KB 818 119.61 11.93 66.78
CA ASP KB 818 121.03 11.89 67.16
C ASP KB 818 121.45 10.56 67.84
N LYS KB 819 122.76 10.40 68.09
CA LYS KB 819 123.39 9.18 68.66
C LYS KB 819 123.17 8.95 70.16
N GLN KB 820 122.54 9.85 70.90
CA GLN KB 820 122.52 9.84 72.37
C GLN KB 820 121.08 9.91 72.92
N SER KB 821 120.15 10.52 72.19
CA SER KB 821 118.72 10.13 72.28
C SER KB 821 118.53 8.73 71.67
N ASN KB 822 117.38 8.13 71.89
CA ASN KB 822 117.11 6.79 71.38
C ASN KB 822 115.60 6.51 71.32
N VAL KB 823 115.23 5.57 70.46
CA VAL KB 823 114.03 4.78 70.69
C VAL KB 823 114.42 3.76 71.77
N VAL KB 824 113.55 3.49 72.73
CA VAL KB 824 113.60 2.22 73.45
C VAL KB 824 112.40 1.42 72.97
N ILE KB 825 112.59 0.22 72.48
CA ILE KB 825 111.43 -0.66 72.33
C ILE KB 825 111.21 -1.36 73.65
N GLN KB 826 110.02 -1.20 74.22
CA GLN KB 826 109.46 -2.21 75.10
C GLN KB 826 108.47 -3.09 74.36
N ILE KB 827 108.23 -4.28 74.89
CA ILE KB 827 107.05 -5.06 74.57
C ILE KB 827 106.20 -5.20 75.85
N ARG KB 828 104.87 -5.22 75.66
CA ARG KB 828 103.81 -5.12 76.66
C ARG KB 828 102.60 -5.96 76.27
N GLY KB 829 101.61 -6.04 77.15
CA GLY KB 829 100.26 -6.56 76.85
C GLY KB 829 99.28 -5.43 76.55
N MET KB 830 97.99 -5.62 76.80
CA MET KB 830 96.92 -4.64 76.48
C MET KB 830 96.05 -4.30 77.68
N GLY KB 831 95.73 -3.02 77.88
CA GLY KB 831 94.92 -2.52 78.99
C GLY KB 831 93.49 -2.17 78.56
N ASP KB 832 92.58 -1.98 79.52
CA ASP KB 832 91.17 -1.60 79.27
C ASP KB 832 91.00 -0.10 78.90
N GLN KB 833 91.99 0.46 78.21
CA GLN KB 833 91.80 1.58 77.29
C GLN KB 833 91.73 1.09 75.83
N GLY KB 834 92.02 -0.19 75.58
CA GLY KB 834 92.35 -0.80 74.29
C GLY KB 834 93.81 -0.57 73.88
N TYR KB 835 94.42 0.50 74.39
CA TYR KB 835 95.84 0.78 74.34
C TYR KB 835 96.69 -0.29 75.08
N PRO KB 836 98.04 -0.24 75.02
CA PRO KB 836 98.89 -1.19 75.74
C PRO KB 836 98.61 -1.23 77.25
N ASN KB 837 98.97 -2.32 77.93
CA ASN KB 837 99.21 -2.25 79.37
C ASN KB 837 100.54 -1.52 79.65
N LYS KB 838 100.95 -1.39 80.92
CA LYS KB 838 102.21 -0.74 81.31
C LYS KB 838 103.36 -1.70 81.60
N THR KB 839 103.13 -2.99 81.50
CA THR KB 839 104.07 -4.03 81.93
C THR KB 839 105.31 -4.07 81.06
N ILE KB 840 106.48 -4.13 81.68
CA ILE KB 840 107.72 -4.40 80.98
C ILE KB 840 107.77 -5.91 80.66
N TYR KB 841 107.30 -6.37 79.49
CA TYR KB 841 107.56 -7.76 79.02
C TYR KB 841 109.00 -7.90 78.49
N ALA KB 842 109.47 -6.89 77.77
CA ALA KB 842 110.80 -6.82 77.20
C ALA KB 842 111.22 -5.34 77.05
N GLU KB 843 112.51 -5.05 76.92
CA GLU KB 843 113.04 -3.69 76.69
C GLU KB 843 114.38 -3.68 75.90
N THR KB 844 114.69 -2.67 75.07
CA THR KB 844 115.95 -2.57 74.30
C THR KB 844 116.21 -1.13 73.79
N VAL KB 845 117.41 -0.56 74.00
CA VAL KB 845 117.73 0.87 73.68
C VAL KB 845 118.39 1.00 72.32
N MET KB 846 117.90 1.94 71.52
CA MET KB 846 118.17 2.08 70.10
C MET KB 846 118.35 3.56 69.72
N ASN KB 847 119.57 4.06 69.82
CA ASN KB 847 120.00 5.38 69.37
C ASN KB 847 119.99 5.49 67.83
N ALA KB 848 120.27 6.66 67.26
CA ALA KB 848 120.40 6.77 65.80
C ALA KB 848 121.50 5.87 65.21
N ASP KB 849 122.53 5.54 66.00
CA ASP KB 849 123.53 4.52 65.65
C ASP KB 849 122.88 3.17 65.34
N ASP KB 850 121.78 2.89 66.02
CA ASP KB 850 121.10 1.60 66.06
C ASP KB 850 119.94 1.52 65.05
N ILE KB 851 119.74 2.55 64.22
CA ILE KB 851 118.55 2.74 63.36
C ILE KB 851 118.93 2.95 61.86
N LYS KB 852 118.21 2.30 60.93
CA LYS KB 852 118.49 2.29 59.48
C LYS KB 852 117.36 2.96 58.67
N VAL KB 853 117.70 3.79 57.68
CA VAL KB 853 116.72 4.67 56.97
C VAL KB 853 116.61 4.37 55.46
N SER KB 854 115.43 4.57 54.88
CA SER KB 854 114.98 4.16 53.53
C SER KB 854 113.79 5.00 53.05
N ASN KB 855 113.46 5.00 51.75
CA ASN KB 855 112.32 5.75 51.17
C ASN KB 855 111.49 4.90 50.20
N ASN KB 856 111.27 3.65 50.64
CA ASN KB 856 110.42 2.55 50.14
C ASN KB 856 110.21 1.56 51.32
N ALA KB 857 110.36 2.06 52.56
CA ALA KB 857 110.34 1.31 53.82
C ALA KB 857 111.09 -0.04 53.76
N SER KB 858 112.39 0.00 53.46
CA SER KB 858 113.21 -1.21 53.23
C SER KB 858 114.42 -1.38 54.17
N ALA KB 859 114.84 -0.33 54.87
CA ALA KB 859 116.02 -0.34 55.75
C ALA KB 859 115.76 -1.09 57.06
N GLU KB 860 115.98 -2.41 57.00
CA GLU KB 860 115.58 -3.42 57.99
C GLU KB 860 116.30 -3.27 59.34
N THR KB 861 115.76 -2.34 60.12
CA THR KB 861 116.12 -1.97 61.48
C THR KB 861 115.58 -3.04 62.45
N ARG KB 862 116.47 -3.97 62.82
CA ARG KB 862 116.17 -5.05 63.75
C ARG KB 862 116.04 -4.54 65.18
N VAL KB 863 115.19 -5.21 65.96
CA VAL KB 863 114.94 -4.91 67.37
C VAL KB 863 115.26 -6.17 68.15
N TYR KB 864 116.50 -6.35 68.55
CA TYR KB 864 116.88 -7.49 69.39
C TYR KB 864 116.71 -7.17 70.88
N PHE KB 865 116.29 -8.17 71.65
CA PHE KB 865 116.19 -8.12 73.11
C PHE KB 865 117.32 -8.92 73.76
N ASP KB 866 117.65 -8.61 75.02
CA ASP KB 866 118.86 -9.11 75.70
C ASP KB 866 118.86 -10.65 75.85
N ASP KB 867 117.75 -11.19 76.37
CA ASP KB 867 117.29 -12.57 76.19
C ASP KB 867 116.12 -12.53 75.17
N PRO KB 868 115.40 -13.62 74.81
CA PRO KB 868 114.24 -13.52 73.94
C PRO KB 868 113.02 -13.01 74.72
N MET KB 869 111.88 -12.89 74.06
CA MET KB 869 110.57 -12.79 74.72
C MET KB 869 109.64 -13.88 74.16
N MET KB 870 109.01 -14.73 74.98
CA MET KB 870 108.10 -15.75 74.44
C MET KB 870 106.72 -15.14 74.17
N ALA KB 871 106.43 -14.87 72.90
CA ALA KB 871 105.10 -14.45 72.46
C ALA KB 871 104.22 -15.70 72.41
N GLU KB 872 103.35 -15.83 73.39
CA GLU KB 872 102.32 -16.85 73.44
C GLU KB 872 101.28 -16.66 72.33
N GLY KB 873 100.66 -17.77 71.91
CA GLY KB 873 99.60 -17.74 70.91
C GLY KB 873 98.29 -17.19 71.45
N GLY KB 874 97.45 -16.73 70.53
CA GLY KB 874 96.10 -16.24 70.80
C GLY KB 874 96.05 -14.90 71.54
N LYS KB 875 97.12 -14.08 71.47
CA LYS KB 875 97.27 -12.87 72.28
C LYS KB 875 97.88 -11.69 71.56
N GLU KB 876 97.23 -10.52 71.68
CA GLU KB 876 97.85 -9.24 71.38
C GLU KB 876 98.83 -8.88 72.49
N TYR KB 877 100.07 -8.66 72.09
CA TYR KB 877 101.04 -7.83 72.78
C TYR KB 877 100.86 -6.38 72.29
N ALA KB 878 101.64 -5.47 72.83
CA ALA KB 878 101.96 -4.23 72.14
C ALA KB 878 103.44 -3.89 72.26
N ILE KB 879 104.00 -3.45 71.14
CA ILE KB 879 105.23 -2.67 71.15
C ILE KB 879 104.89 -1.33 71.81
N VAL KB 880 105.68 -0.90 72.78
CA VAL KB 880 105.79 0.53 73.09
C VAL KB 880 107.11 1.01 72.54
N ILE KB 881 107.03 2.07 71.76
CA ILE KB 881 108.12 2.59 70.97
C ILE KB 881 108.50 3.88 71.67
N ILE KB 882 109.12 3.71 72.82
CA ILE KB 882 109.49 4.79 73.74
C ILE KB 882 110.42 5.72 73.00
N THR KB 883 110.10 6.99 72.93
CA THR KB 883 111.17 7.96 72.76
C THR KB 883 110.75 9.31 73.27
N GLU KB 884 111.75 10.11 73.61
CA GLU KB 884 111.71 11.56 73.75
C GLU KB 884 111.73 12.29 72.40
N ASN KB 885 112.22 11.66 71.32
CA ASN KB 885 112.62 12.36 70.10
C ASN KB 885 111.72 12.09 68.88
N SER KB 886 111.15 13.15 68.32
CA SER KB 886 110.42 13.15 67.05
C SER KB 886 111.18 12.59 65.86
N ASP KB 887 112.47 12.90 65.80
CA ASP KB 887 113.29 12.82 64.60
C ASP KB 887 113.51 11.38 64.13
N TYR KB 888 113.29 10.42 65.03
CA TYR KB 888 112.98 9.05 64.67
C TYR KB 888 111.64 9.03 63.94
N THR KB 889 111.68 8.97 62.60
CA THR KB 889 110.47 8.83 61.78
C THR KB 889 110.48 7.47 61.08
N MET KB 890 109.57 6.56 61.47
CA MET KB 890 109.52 5.18 60.99
C MET KB 890 108.90 5.07 59.57
N TRP KB 891 108.23 3.95 59.25
CA TRP KB 891 107.34 3.77 58.07
C TRP KB 891 106.06 2.99 58.45
N VAL KB 892 104.96 3.70 58.67
CA VAL KB 892 103.64 3.10 58.90
C VAL KB 892 102.90 2.89 57.60
N GLY KB 893 101.93 2.00 57.61
CA GLY KB 893 100.85 1.86 56.63
C GLY KB 893 99.46 2.18 57.20
N THR KB 894 98.60 2.81 56.40
CA THR KB 894 97.28 3.29 56.84
C THR KB 894 96.22 3.12 55.75
N ARG KB 895 94.99 2.93 56.22
CA ARG KB 895 93.74 2.67 55.52
C ARG KB 895 93.71 3.34 54.15
N THR KB 896 93.67 2.50 53.11
CA THR KB 896 93.50 2.90 51.72
C THR KB 896 94.44 4.02 51.23
N LYS KB 897 95.66 4.07 51.77
CA LYS KB 897 96.68 5.00 51.27
C LYS KB 897 97.63 4.39 50.23
N PRO KB 898 98.04 5.17 49.22
CA PRO KB 898 99.28 5.01 48.45
C PRO KB 898 100.46 4.50 49.28
N LYS KB 899 101.01 3.34 48.96
CA LYS KB 899 102.14 2.80 49.72
C LYS KB 899 103.42 3.63 49.48
N ILE KB 900 104.27 3.88 50.48
CA ILE KB 900 105.62 4.45 50.26
C ILE KB 900 106.36 3.52 49.29
N ASP KB 901 106.24 2.23 49.58
CA ASP KB 901 106.75 1.10 48.79
C ASP KB 901 106.25 1.17 47.33
N LYS KB 902 104.98 1.58 47.11
CA LYS KB 902 104.19 1.42 45.89
C LYS KB 902 103.03 2.43 45.85
N PRO KB 903 103.27 3.69 45.49
CA PRO KB 903 102.29 4.76 45.68
C PRO KB 903 101.06 4.68 44.77
N ASN KB 904 101.14 3.99 43.64
CA ASN KB 904 99.98 3.83 42.75
C ASN KB 904 98.89 2.98 43.44
N GLU KB 905 99.33 2.07 44.30
CA GLU KB 905 98.61 1.02 45.00
C GLU KB 905 98.29 1.42 46.44
N VAL KB 906 97.13 0.98 46.95
CA VAL KB 906 96.67 1.47 48.25
C VAL KB 906 96.27 0.37 49.23
N ILE KB 907 96.56 0.65 50.50
CA ILE KB 907 96.51 -0.29 51.62
C ILE KB 907 95.06 -0.85 51.86
N SER KB 908 94.97 -1.91 52.65
CA SER KB 908 93.77 -2.45 53.32
C SER KB 908 93.12 -1.40 54.28
N GLY KB 909 92.59 -1.77 55.45
CA GLY KB 909 92.41 -0.83 56.58
C GLY KB 909 93.72 -0.63 57.33
N ASN KB 910 93.74 -1.10 58.58
CA ASN KB 910 95.00 -1.56 59.18
C ASN KB 910 95.75 -2.46 58.17
N PRO KB 911 97.03 -2.18 57.82
CA PRO KB 911 97.86 -3.13 57.08
C PRO KB 911 97.96 -4.52 57.73
N TYR KB 912 97.81 -4.60 59.06
CA TYR KB 912 97.95 -5.77 59.90
C TYR KB 912 96.92 -5.65 61.02
N LEU KB 913 95.66 -5.91 60.66
CA LEU KB 913 94.46 -5.76 61.48
C LEU KB 913 94.47 -6.58 62.77
N GLN KB 914 95.42 -7.52 62.86
CA GLN KB 914 95.83 -8.36 63.98
C GLN KB 914 96.80 -7.57 64.90
N GLY KB 915 96.56 -6.26 64.98
CA GLY KB 915 97.46 -5.24 65.46
C GLY KB 915 96.77 -3.86 65.29
N VAL KB 916 97.26 -2.83 66.00
CA VAL KB 916 96.73 -1.43 65.96
C VAL KB 916 97.86 -0.46 66.30
N LEU KB 917 98.09 0.54 65.45
CA LEU KB 917 99.00 1.65 65.74
C LEU KB 917 98.45 2.60 66.83
N PHE KB 918 99.32 3.24 67.60
CA PHE KB 918 98.94 4.35 68.47
C PHE KB 918 100.03 5.41 68.52
N SER KB 919 99.65 6.68 68.69
CA SER KB 919 100.56 7.80 68.98
C SER KB 919 100.03 8.60 70.15
N SER KB 920 100.88 9.03 71.10
CA SER KB 920 100.40 9.70 72.31
C SER KB 920 101.34 10.71 72.96
N SER KB 921 100.85 11.95 73.08
CA SER KB 921 101.38 13.05 73.89
C SER KB 921 101.37 12.85 75.44
N ASN KB 922 101.29 11.60 75.94
CA ASN KB 922 101.62 11.19 77.33
C ASN KB 922 101.60 9.65 77.58
N ALA KB 923 101.72 8.80 76.53
CA ALA KB 923 101.47 7.35 76.61
C ALA KB 923 100.08 7.03 77.24
N SER KB 924 99.07 7.85 76.94
CA SER KB 924 97.66 7.60 77.30
C SER KB 924 96.69 8.34 76.39
N THR KB 925 97.04 9.52 75.85
CA THR KB 925 96.33 10.20 74.74
C THR KB 925 96.36 9.41 73.40
N TRP KB 926 96.60 8.10 73.45
CA TRP KB 926 96.86 7.21 72.33
C TRP KB 926 95.78 7.33 71.24
N THR KB 927 96.22 7.64 70.02
CA THR KB 927 95.39 7.61 68.82
C THR KB 927 94.94 6.18 68.53
N PRO KB 928 93.66 5.79 68.67
CA PRO KB 928 93.18 4.48 68.22
C PRO KB 928 93.21 4.36 66.70
N HIS KB 929 94.27 3.80 66.13
CA HIS KB 929 94.28 3.46 64.71
C HIS KB 929 93.62 2.13 64.41
N GLN KB 930 92.29 2.13 64.43
CA GLN KB 930 91.53 1.19 63.60
C GLN KB 930 91.65 1.59 62.11
N ASN KB 931 92.78 2.23 61.74
CA ASN KB 931 93.18 2.62 60.40
C ASN KB 931 94.59 2.16 60.02
N SER KB 932 95.48 1.75 60.94
CA SER KB 932 96.91 1.82 60.65
C SER KB 932 97.77 0.86 61.45
N ASP KB 933 98.92 0.49 60.89
CA ASP KB 933 99.98 -0.29 61.53
C ASP KB 933 101.37 0.10 61.01
N LEU KB 934 102.42 -0.12 61.81
CA LEU KB 934 103.81 -0.13 61.31
C LEU KB 934 103.93 -1.04 60.07
N LYS KB 935 104.86 -0.78 59.16
CA LYS KB 935 105.43 -1.85 58.32
C LYS KB 935 106.54 -2.54 59.10
N PHE KB 936 106.50 -3.86 59.21
CA PHE KB 936 107.36 -4.63 60.10
C PHE KB 936 107.45 -6.10 59.71
N GLY KB 937 108.41 -6.83 60.28
CA GLY KB 937 108.26 -8.28 60.45
C GLY KB 937 109.01 -8.83 61.66
N ILE KB 938 108.36 -9.68 62.44
CA ILE KB 938 108.87 -10.30 63.66
C ILE KB 938 109.46 -11.69 63.39
N TYR KB 939 110.41 -12.11 64.21
CA TYR KB 939 111.17 -13.34 64.07
C TYR KB 939 111.24 -14.09 65.41
N THR KB 940 111.42 -15.41 65.38
CA THR KB 940 111.65 -16.20 66.61
C THR KB 940 112.84 -17.16 66.50
N SER KB 941 113.31 -17.67 67.65
CA SER KB 941 114.24 -18.79 67.68
C SER KB 941 113.56 -20.02 67.07
N LYS KB 942 113.92 -20.37 65.85
CA LYS KB 942 113.79 -21.69 65.24
C LYS KB 942 114.81 -22.61 65.91
N PHE KB 943 114.52 -22.96 67.16
CA PHE KB 943 115.27 -23.92 67.96
C PHE KB 943 115.37 -25.29 67.30
N ASN KB 944 116.49 -25.95 67.58
CA ASN KB 944 116.67 -27.36 67.37
C ASN KB 944 116.20 -28.11 68.62
N GLU KB 945 115.85 -29.38 68.43
CA GLU KB 945 114.95 -30.10 69.34
C GLU KB 945 115.61 -30.53 70.67
N THR KB 946 116.89 -30.20 70.90
CA THR KB 946 117.65 -30.50 72.12
C THR KB 946 118.74 -29.47 72.34
N ALA KB 947 119.40 -29.50 73.50
CA ALA KB 947 120.65 -28.79 73.74
C ALA KB 947 121.52 -29.50 74.78
N THR KB 948 122.79 -29.18 74.78
CA THR KB 948 123.74 -29.44 75.86
C THR KB 948 124.15 -28.14 76.51
N ILE KB 949 124.15 -28.10 77.83
CA ILE KB 949 124.70 -27.00 78.64
C ILE KB 949 125.86 -27.58 79.43
N GLU KB 950 126.99 -27.75 78.75
CA GLU KB 950 128.20 -28.36 79.29
C GLU KB 950 128.87 -27.36 80.23
N PHE KB 951 128.67 -27.54 81.52
CA PHE KB 951 129.31 -26.72 82.50
C PHE KB 951 130.75 -27.15 82.71
N GLU KB 952 131.59 -26.15 82.89
CA GLU KB 952 132.93 -26.26 83.46
C GLU KB 952 132.79 -26.88 84.85
N PRO KB 953 133.68 -27.80 85.25
CA PRO KB 953 133.50 -28.39 86.55
C PRO KB 953 133.60 -27.38 87.68
N ILE KB 954 132.91 -27.65 88.80
CA ILE KB 954 133.39 -27.16 90.11
C ILE KB 954 134.58 -28.07 90.49
N LYS KB 955 135.65 -27.61 91.16
CA LYS KB 955 136.86 -28.42 91.48
C LYS KB 955 137.37 -28.22 92.92
N ASP KB 956 138.12 -29.18 93.47
CA ASP KB 956 138.40 -29.36 94.91
C ASP KB 956 137.17 -29.16 95.79
N VAL KB 957 136.06 -29.73 95.30
CA VAL KB 957 134.68 -29.49 95.76
C VAL KB 957 134.59 -29.82 97.26
N SER KB 958 135.18 -30.94 97.69
CA SER KB 958 135.44 -31.30 99.08
C SER KB 958 134.21 -31.19 99.98
N ALA KB 959 133.11 -31.84 99.55
CA ALA KB 959 131.76 -31.69 100.10
C ALA KB 959 131.03 -33.02 100.03
N ASP KB 960 130.66 -33.60 101.17
CA ASP KB 960 129.91 -34.87 101.30
C ASP KB 960 128.41 -34.76 100.93
N ARG KB 961 127.88 -33.57 100.64
CA ARG KB 961 126.46 -33.35 100.29
C ARG KB 961 126.27 -32.35 99.14
N ILE KB 962 125.10 -32.35 98.49
CA ILE KB 962 124.77 -31.57 97.28
C ILE KB 962 123.29 -31.14 97.19
N VAL KB 963 123.01 -30.10 96.39
CA VAL KB 963 121.66 -29.60 96.08
C VAL KB 963 121.68 -29.15 94.62
N LEU KB 964 120.60 -29.36 93.87
CA LEU KB 964 120.32 -28.47 92.75
C LEU KB 964 119.25 -27.47 93.20
N MET KB 965 119.59 -26.20 93.08
CA MET KB 965 118.65 -25.11 93.00
C MET KB 965 119.18 -24.19 91.91
N SER KB 966 119.22 -24.72 90.68
CA SER KB 966 119.22 -23.91 89.47
C SER KB 966 117.77 -23.46 89.20
N THR KB 967 117.54 -22.53 88.28
CA THR KB 967 116.18 -22.14 87.93
C THR KB 967 116.06 -21.81 86.46
N TYR KB 968 114.92 -22.16 85.91
CA TYR KB 968 114.59 -22.11 84.50
C TYR KB 968 113.08 -22.24 84.35
N LEU KB 969 112.54 -21.94 83.17
CA LEU KB 969 111.30 -22.59 82.75
C LEU KB 969 111.64 -23.67 81.71
N THR KB 970 111.13 -24.89 81.86
CA THR KB 970 110.84 -25.79 80.75
C THR KB 970 109.37 -25.55 80.35
N PRO KB 971 109.09 -24.83 79.27
CA PRO KB 971 107.78 -24.87 78.63
C PRO KB 971 107.33 -26.31 78.37
N GLU KB 972 106.05 -26.47 78.09
CA GLU KB 972 105.52 -27.67 77.46
C GLU KB 972 106.33 -27.99 76.20
N ARG KB 973 106.45 -29.27 75.83
CA ARG KB 973 107.31 -29.72 74.71
C ARG KB 973 108.76 -29.27 74.86
N THR KB 974 109.23 -29.17 76.10
CA THR KB 974 110.65 -28.97 76.44
C THR KB 974 111.00 -29.77 77.70
N GLY KB 975 112.28 -30.03 77.91
CA GLY KB 975 112.80 -30.77 79.05
C GLY KB 975 114.17 -30.22 79.44
N CYS KB 976 114.54 -30.30 80.70
CA CYS KB 976 115.80 -29.77 81.24
C CYS KB 976 116.29 -30.82 82.23
N THR KB 977 116.92 -31.89 81.72
CA THR KB 977 117.65 -32.81 82.60
C THR KB 977 118.84 -32.10 83.18
N TRP KB 978 119.16 -32.39 84.43
CA TRP KB 978 120.31 -31.82 85.12
C TRP KB 978 121.20 -32.95 85.60
N GLU KB 979 122.48 -32.91 85.27
CA GLU KB 979 123.41 -34.00 85.53
C GLU KB 979 124.78 -33.49 85.97
N MET KB 980 125.53 -34.40 86.59
CA MET KB 980 126.93 -34.25 86.91
C MET KB 980 127.72 -35.49 86.52
N LYS KB 981 129.03 -35.31 86.32
CA LYS KB 981 130.06 -36.34 86.32
C LYS KB 981 130.94 -36.05 87.52
N LEU KB 982 130.62 -36.71 88.63
CA LEU KB 982 131.22 -36.47 89.94
C LEU KB 982 132.51 -37.25 90.15
N ILE KB 983 133.63 -36.59 89.89
CA ILE KB 983 134.89 -36.98 90.48
C ILE KB 983 134.79 -36.67 91.98
N LEU KB 984 135.17 -37.61 92.84
CA LEU KB 984 135.06 -37.48 94.30
C LEU KB 984 136.43 -37.38 94.99
N ASP KB 985 136.52 -36.69 96.11
CA ASP KB 985 137.61 -36.89 97.07
C ASP KB 985 137.57 -38.34 97.61
N ASP KB 986 136.40 -38.99 97.63
CA ASP KB 986 136.24 -40.44 97.87
C ASP KB 986 136.85 -41.32 96.78
N MET KB 987 137.09 -40.76 95.58
CA MET KB 987 137.57 -41.48 94.40
C MET KB 987 139.10 -41.38 94.23
N ALA KB 988 139.62 -42.28 93.41
CA ALA KB 988 141.02 -42.30 93.01
C ALA KB 988 141.37 -41.21 91.96
N SER KB 989 142.66 -41.07 91.70
CA SER KB 989 143.28 -39.98 90.92
C SER KB 989 143.01 -40.02 89.41
N SER KB 990 143.03 -41.20 88.80
CA SER KB 990 142.73 -41.36 87.38
C SER KB 990 141.24 -41.20 87.06
N THR KB 991 140.34 -41.25 88.04
CA THR KB 991 138.88 -41.17 87.81
C THR KB 991 138.49 -39.80 87.30
N THR KB 992 138.09 -39.73 86.04
CA THR KB 992 137.79 -38.48 85.34
C THR KB 992 136.43 -38.58 84.64
N PHE KB 993 135.94 -37.47 84.09
CA PHE KB 993 134.59 -37.38 83.52
C PHE KB 993 134.33 -38.38 82.36
N ASP KB 994 135.37 -38.93 81.74
CA ASP KB 994 135.27 -40.05 80.80
C ASP KB 994 134.76 -41.36 81.44
N GLN KB 995 135.25 -41.68 82.65
CA GLN KB 995 134.83 -42.88 83.39
C GLN KB 995 133.47 -42.68 84.07
N LEU KB 996 133.18 -41.44 84.46
CA LEU KB 996 131.93 -41.01 85.08
C LEU KB 996 130.77 -40.98 84.07
N LYS KB 997 129.53 -41.09 84.55
CA LYS KB 997 128.30 -41.00 83.73
C LYS KB 997 127.58 -39.71 84.06
N TRP KB 998 126.65 -39.29 83.22
CA TRP KB 998 125.84 -38.11 83.52
C TRP KB 998 124.78 -38.44 84.58
N GLU KB 999 125.27 -38.54 85.81
CA GLU KB 999 124.55 -38.83 87.04
C GLU KB 999 123.56 -37.68 87.31
N PRO KB 1000 122.24 -37.91 87.27
CA PRO KB 1000 121.27 -36.81 87.31
C PRO KB 1000 121.09 -36.20 88.73
N ILE KB 1001 120.65 -34.94 88.81
CA ILE KB 1001 120.25 -34.25 90.06
C ILE KB 1001 118.89 -33.53 89.92
N GLY KB 1002 118.06 -33.70 90.95
CA GLY KB 1002 116.75 -33.05 91.08
C GLY KB 1002 116.83 -31.67 91.72
N ASN KB 1003 116.03 -30.74 91.20
CA ASN KB 1003 115.97 -29.35 91.65
C ASN KB 1003 115.14 -29.17 92.95
N TYR KB 1004 115.38 -28.07 93.69
CA TYR KB 1004 114.64 -27.65 94.89
C TYR KB 1004 114.53 -28.71 95.99
N GLN KB 1005 115.49 -29.64 96.03
CA GLN KB 1005 115.50 -30.75 96.97
C GLN KB 1005 116.95 -31.13 97.30
N ASP KB 1006 117.20 -31.69 98.48
CA ASP KB 1006 118.55 -32.07 98.92
C ASP KB 1006 119.05 -33.39 98.27
N LEU KB 1007 120.37 -33.59 98.16
CA LEU KB 1007 121.00 -34.81 97.61
C LEU KB 1007 122.33 -35.13 98.33
N ASP KB 1008 122.74 -36.41 98.43
CA ASP KB 1008 123.97 -36.81 99.16
C ASP KB 1008 125.13 -37.17 98.22
N VAL KB 1009 126.35 -36.81 98.61
CA VAL KB 1009 127.59 -37.39 98.06
C VAL KB 1009 128.10 -38.55 98.97
N LEU KB 1010 127.65 -38.64 100.24
CA LEU KB 1010 128.03 -39.64 101.24
C LEU KB 1010 129.54 -39.75 101.44
N GLY KB 1011 130.21 -38.62 101.31
CA GLY KB 1011 131.66 -38.51 101.27
C GLY KB 1011 132.10 -37.62 100.12
CA LEU KB 1012 133.46 -35.67 99.70
C LEU KB 1012 133.58 -35.77 98.15
N ALA KB 1013 132.91 -34.85 97.44
CA ALA KB 1013 133.18 -34.60 96.02
C ALA KB 1013 134.62 -34.06 95.80
N ARG KB 1014 135.15 -34.06 94.57
CA ARG KB 1014 136.34 -33.24 94.24
C ARG KB 1014 136.37 -32.60 92.86
N GLN KB 1015 135.71 -33.14 91.83
CA GLN KB 1015 135.30 -32.30 90.70
C GLN KB 1015 133.91 -32.69 90.26
N VAL KB 1016 133.06 -31.70 90.01
CA VAL KB 1016 131.73 -31.93 89.46
C VAL KB 1016 131.78 -31.34 88.06
N LYS KB 1017 132.08 -32.09 87.00
CA LYS KB 1017 131.66 -31.60 85.68
C LYS KB 1017 130.16 -31.68 85.64
N LEU KB 1018 129.46 -30.69 85.10
CA LEU KB 1018 128.01 -30.67 85.10
C LEU KB 1018 127.51 -30.54 83.67
N ARG KB 1019 126.36 -31.13 83.36
CA ARG KB 1019 125.62 -30.75 82.17
C ARG KB 1019 124.14 -30.80 82.45
N ALA KB 1020 123.45 -29.74 82.06
CA ALA KB 1020 122.02 -29.86 81.82
C ALA KB 1020 121.81 -30.23 80.34
N THR KB 1021 121.06 -31.29 80.06
CA THR KB 1021 120.57 -31.51 78.69
C THR KB 1021 119.18 -30.88 78.56
N PHE KB 1022 119.01 -30.03 77.55
CA PHE KB 1022 117.69 -29.60 77.15
C PHE KB 1022 117.10 -30.53 76.09
N GLU KB 1023 115.78 -30.60 76.11
CA GLU KB 1023 114.90 -31.10 75.06
C GLU KB 1023 113.96 -29.95 74.69
N SER KB 1024 113.54 -29.85 73.44
CA SER KB 1024 112.96 -28.64 72.86
C SER KB 1024 112.11 -28.98 71.62
N ASN KB 1025 111.30 -28.03 71.16
CA ASN KB 1025 110.52 -28.10 69.91
C ASN KB 1025 110.97 -26.99 68.95
N ARG KB 1026 110.39 -26.90 67.76
CA ARG KB 1026 110.86 -25.97 66.72
C ARG KB 1026 110.97 -24.53 67.21
N TYR KB 1027 110.01 -24.05 68.00
CA TYR KB 1027 109.88 -22.63 68.33
C TYR KB 1027 110.17 -22.30 69.79
N ILE KB 1028 110.29 -23.31 70.64
CA ILE KB 1028 110.40 -23.13 72.08
C ILE KB 1028 111.36 -24.18 72.69
N SER KB 1029 112.06 -23.76 73.72
CA SER KB 1029 113.13 -24.47 74.42
C SER KB 1029 113.07 -24.08 75.91
N PRO KB 1030 113.66 -24.84 76.85
CA PRO KB 1030 113.83 -24.33 78.19
C PRO KB 1030 114.73 -23.08 78.18
N LEU KB 1031 114.56 -22.24 79.20
CA LEU KB 1031 115.29 -20.98 79.34
C LEU KB 1031 115.79 -20.82 80.79
N MET KB 1032 117.09 -21.05 80.99
CA MET KB 1032 117.75 -21.12 82.31
C MET KB 1032 118.68 -19.95 82.55
N SER KB 1033 118.52 -19.17 83.62
CA SER KB 1033 119.53 -18.15 83.91
C SER KB 1033 120.78 -18.76 84.49
N SER KB 1034 121.90 -18.34 83.93
CA SER KB 1034 123.25 -18.46 84.47
C SER KB 1034 123.45 -17.81 85.86
N SER KB 1035 122.46 -17.10 86.45
CA SER KB 1035 122.47 -16.70 87.87
C SER KB 1035 121.21 -17.08 88.67
N ASP KB 1036 120.19 -17.66 88.04
CA ASP KB 1036 119.24 -18.57 88.72
C ASP KB 1036 119.94 -19.84 89.22
N LEU KB 1037 121.01 -20.18 88.51
CA LEU KB 1037 121.81 -21.38 88.54
C LEU KB 1037 122.49 -21.70 89.91
N THR KB 1038 122.16 -22.79 90.60
CA THR KB 1038 123.13 -23.45 91.50
C THR KB 1038 123.14 -24.95 91.39
N PHE KB 1039 124.37 -25.46 91.34
CA PHE KB 1039 124.70 -26.78 91.82
C PHE KB 1039 125.41 -26.53 93.14
N THR KB 1040 124.65 -26.51 94.22
CA THR KB 1040 125.16 -26.26 95.56
C THR KB 1040 125.76 -27.55 96.14
N THR KB 1041 126.75 -27.41 97.02
CA THR KB 1041 127.44 -28.52 97.69
C THR KB 1041 127.49 -28.23 99.19
N PHE KB 1042 127.88 -29.21 100.01
CA PHE KB 1042 128.03 -29.06 101.45
C PHE KB 1042 129.13 -29.98 101.99
N LEU KB 1043 129.89 -29.52 102.98
CA LEU KB 1043 130.55 -30.39 103.95
C LEU KB 1043 129.63 -30.56 105.18
N THR KB 1044 129.77 -31.63 105.96
CA THR KB 1044 129.12 -31.75 107.29
C THR KB 1044 130.17 -31.68 108.40
N GLU KB 1045 129.85 -31.06 109.54
CA GLU KB 1045 130.72 -31.06 110.70
C GLU KB 1045 130.87 -32.46 111.32
N LEU KB 1046 132.03 -32.78 111.90
CA LEU KB 1046 132.29 -34.06 112.57
C LEU KB 1046 131.79 -34.11 114.04
N THR KB 1047 131.62 -32.96 114.66
CA THR KB 1047 131.10 -32.83 116.04
C THR KB 1047 130.32 -31.51 116.18
N GLY KB 1048 129.30 -31.52 117.03
CA GLY KB 1048 128.28 -30.48 117.04
C GLY KB 1048 127.13 -30.93 117.92
N SER KB 1049 127.31 -30.85 119.23
CA SER KB 1049 126.39 -31.45 120.19
C SER KB 1049 125.01 -30.81 120.11
N TYR KB 1050 123.97 -31.54 120.52
CA TYR KB 1050 122.80 -30.86 121.08
C TYR KB 1050 123.14 -30.69 122.56
N VAL KB 1051 123.77 -29.59 122.93
CA VAL KB 1051 123.78 -29.21 124.34
C VAL KB 1051 122.38 -28.62 124.65
N GLY KB 1052 121.63 -29.15 125.60
CA GLY KB 1052 120.39 -28.51 126.08
C GLY KB 1052 120.72 -27.42 127.12
N ARG KB 1053 119.95 -26.34 127.26
CA ARG KB 1053 120.24 -25.21 128.19
C ARG KB 1053 120.21 -25.62 129.68
N ALA KB 1054 120.85 -24.85 130.58
CA ALA KB 1054 120.88 -25.14 132.03
C ALA KB 1054 119.47 -25.04 132.66
N ILE KB 1055 119.10 -26.06 133.41
CA ILE KB 1055 117.77 -26.35 133.93
C ILE KB 1055 117.76 -26.11 135.45
N ASP KB 1056 116.97 -25.14 135.92
CA ASP KB 1056 116.66 -25.00 137.34
C ASP KB 1056 115.75 -26.13 137.80
N MET KB 1057 116.05 -26.67 138.97
CA MET KB 1057 115.29 -27.69 139.65
C MET KB 1057 115.06 -27.32 141.13
N THR KB 1058 115.27 -26.08 141.53
CA THR KB 1058 114.97 -25.53 142.87
C THR KB 1058 113.47 -25.57 143.16
N GLU KB 1059 112.65 -25.68 142.13
CA GLU KB 1059 111.21 -25.95 142.17
C GLU KB 1059 110.91 -27.38 142.65
N ALA KB 1060 111.76 -28.34 142.25
CA ALA KB 1060 111.58 -29.78 142.45
C ALA KB 1060 112.95 -30.50 142.46
N PRO KB 1061 113.79 -30.35 143.50
CA PRO KB 1061 115.14 -30.87 143.49
C PRO KB 1061 115.18 -32.39 143.26
N TYR KB 1062 116.15 -32.83 142.48
CA TYR KB 1062 116.19 -34.17 141.89
C TYR KB 1062 117.41 -34.95 142.37
N ASN KB 1063 117.21 -36.12 142.98
CA ASN KB 1063 118.32 -37.04 143.18
C ASN KB 1063 118.61 -37.84 141.89
N THR KB 1064 117.64 -37.92 140.97
CA THR KB 1064 117.60 -38.85 139.84
C THR KB 1064 117.34 -38.13 138.51
N VAL KB 1065 117.82 -38.65 137.38
CA VAL KB 1065 117.39 -38.25 136.02
C VAL KB 1065 117.14 -39.49 135.18
N ARG KB 1066 115.98 -39.53 134.52
CA ARG KB 1066 115.70 -40.43 133.40
C ARG KB 1066 116.10 -39.76 132.09
N PHE KB 1067 117.36 -39.85 131.66
CA PHE KB 1067 117.72 -39.28 130.35
C PHE KB 1067 117.25 -40.18 129.22
N SER KB 1068 115.93 -40.28 129.05
CA SER KB 1068 115.37 -40.94 127.88
C SER KB 1068 115.52 -40.03 126.67
N TYR KB 1069 115.92 -40.57 125.52
CA TYR KB 1069 116.12 -39.83 124.25
C TYR KB 1069 116.00 -40.77 123.03
N GLU KB 1070 115.92 -40.24 121.81
CA GLU KB 1070 115.84 -41.08 120.60
C GLU KB 1070 116.90 -40.66 119.56
N ALA KB 1071 117.67 -41.62 119.04
CA ALA KB 1071 118.64 -41.40 117.96
C ALA KB 1071 118.75 -42.60 117.02
N PHE KB 1072 118.83 -42.33 115.72
CA PHE KB 1072 119.45 -43.25 114.77
C PHE KB 1072 120.93 -42.83 114.62
N LEU KB 1073 121.85 -43.66 115.08
CA LEU KB 1073 123.28 -43.45 114.88
C LEU KB 1073 123.71 -44.35 113.71
N PRO KB 1074 124.12 -43.80 112.54
CA PRO KB 1074 124.89 -44.54 111.56
C PRO KB 1074 126.10 -45.25 112.19
N LYS KB 1075 126.69 -46.21 111.47
CA LYS KB 1075 127.91 -46.91 111.88
C LYS KB 1075 128.91 -45.95 112.55
N GLY KB 1076 129.40 -46.31 113.74
CA GLY KB 1076 130.48 -45.62 114.47
C GLY KB 1076 130.17 -44.21 114.97
N THR KB 1077 129.22 -43.49 114.37
CA THR KB 1077 128.72 -42.22 114.90
C THR KB 1077 128.24 -42.36 116.33
N LYS KB 1078 128.22 -41.26 117.06
CA LYS KB 1078 127.83 -41.29 118.46
C LYS KB 1078 126.98 -40.11 118.81
N VAL KB 1079 126.17 -40.37 119.82
CA VAL KB 1079 125.69 -39.39 120.78
C VAL KB 1079 126.28 -39.87 122.10
N VAL KB 1080 126.95 -39.00 122.83
CA VAL KB 1080 127.16 -39.30 124.25
C VAL KB 1080 126.02 -38.63 125.02
N PRO KB 1081 125.16 -39.40 125.71
CA PRO KB 1081 124.16 -38.82 126.57
C PRO KB 1081 124.84 -38.34 127.86
N LYS KB 1082 124.72 -37.06 128.20
CA LYS KB 1082 125.45 -36.45 129.33
C LYS KB 1082 124.59 -35.54 130.19
N TYR KB 1083 124.95 -35.42 131.46
CA TYR KB 1083 124.54 -34.39 132.40
C TYR KB 1083 125.74 -33.62 132.86
N SER KB 1084 125.50 -32.37 133.20
CA SER KB 1084 126.37 -31.60 134.04
C SER KB 1084 125.44 -31.00 135.08
N ALA KB 1085 125.18 -31.77 136.15
CA ALA KB 1085 124.32 -31.33 137.25
C ALA KB 1085 124.81 -29.98 137.81
N ASP KB 1086 126.11 -29.72 137.68
CA ASP KB 1086 126.81 -28.45 137.86
C ASP KB 1086 126.48 -27.36 136.81
N ASP KB 1087 125.39 -27.49 136.05
CA ASP KB 1087 124.95 -26.53 135.04
C ASP KB 1087 125.97 -26.31 133.90
N GLY KB 1088 126.40 -27.40 133.26
CA GLY KB 1088 127.14 -27.38 131.98
C GLY KB 1088 128.67 -27.23 132.07
N LYS KB 1089 129.25 -27.59 133.23
CA LYS KB 1089 130.66 -27.47 133.63
C LYS KB 1089 131.43 -28.78 133.46
N THR KB 1090 131.20 -29.76 134.34
CA THR KB 1090 131.66 -31.13 134.12
C THR KB 1090 130.59 -31.95 133.43
N TRP KB 1091 130.81 -32.23 132.15
CA TRP KB 1091 129.91 -33.04 131.36
C TRP KB 1091 130.14 -34.52 131.65
N LYS KB 1092 129.44 -34.97 132.70
CA LYS KB 1092 129.33 -36.36 133.14
C LYS KB 1092 128.47 -37.14 132.14
N THR KB 1093 129.00 -38.21 131.57
CA THR KB 1093 128.18 -39.21 130.86
C THR KB 1093 127.17 -39.79 131.83
N PHE KB 1094 125.93 -40.07 131.39
CA PHE KB 1094 124.97 -40.78 132.24
C PHE KB 1094 125.53 -42.15 132.65
N THR KB 1095 125.93 -42.24 133.93
CA THR KB 1095 126.65 -43.34 134.55
C THR KB 1095 125.81 -44.62 134.66
N LYS KB 1096 124.47 -44.51 134.58
CA LYS KB 1096 123.53 -45.64 134.48
C LYS KB 1096 123.03 -45.76 133.04
N SER KB 1097 122.96 -46.99 132.51
CA SER KB 1097 122.84 -47.26 131.06
C SER KB 1097 121.44 -47.09 130.48
N PRO KB 1098 121.32 -46.60 129.23
CA PRO KB 1098 120.04 -46.44 128.56
C PRO KB 1098 119.46 -47.78 128.11
N THR KB 1099 118.14 -47.98 128.31
CA THR KB 1099 117.40 -49.06 127.63
C THR KB 1099 117.33 -48.71 126.14
N THR KB 1100 118.23 -49.26 125.35
CA THR KB 1100 118.41 -48.91 123.93
C THR KB 1100 117.44 -49.67 123.01
N THR KB 1101 116.13 -49.50 123.24
CA THR KB 1101 115.04 -50.13 122.48
C THR KB 1101 114.94 -49.59 121.05
N ARG KB 1102 114.68 -50.40 120.02
CA ARG KB 1102 114.35 -49.82 118.70
C ARG KB 1102 113.03 -49.06 118.80
N ALA KB 1103 113.08 -47.79 118.40
CA ALA KB 1103 112.02 -46.83 118.63
C ALA KB 1103 110.81 -47.11 117.72
N ASN KB 1104 111.08 -47.30 116.44
CA ASN KB 1104 110.12 -47.36 115.35
C ASN KB 1104 110.70 -48.23 114.20
N ASN KB 1105 110.40 -47.90 112.95
CA ASN KB 1105 111.02 -48.56 111.78
C ASN KB 1105 112.48 -48.11 111.47
N GLU KB 1106 113.12 -47.22 112.27
CA GLU KB 1106 114.51 -46.75 112.10
C GLU KB 1106 115.32 -46.57 113.40
N PHE KB 1107 114.93 -45.59 114.22
CA PHE KB 1107 115.68 -45.05 115.35
C PHE KB 1107 115.85 -46.04 116.50
N THR KB 1108 116.81 -45.75 117.39
CA THR KB 1108 116.90 -46.33 118.74
C THR KB 1108 116.43 -45.29 119.77
N ARG KB 1109 115.56 -45.67 120.70
CA ARG KB 1109 115.26 -44.90 121.92
C ARG KB 1109 116.12 -45.42 123.05
N TYR KB 1110 116.57 -44.55 123.94
CA TYR KB 1110 117.65 -44.78 124.89
C TYR KB 1110 117.19 -44.34 126.28
N VAL KB 1111 116.53 -45.20 127.05
CA VAL KB 1111 115.99 -44.85 128.37
C VAL KB 1111 117.04 -44.95 129.49
N ILE KB 1112 117.93 -43.96 129.66
CA ILE KB 1112 118.70 -43.87 130.91
C ILE KB 1112 117.72 -43.67 132.07
N ASP KB 1113 117.98 -44.28 133.22
CA ASP KB 1113 117.51 -43.72 134.49
C ASP KB 1113 118.56 -43.87 135.61
N GLU KB 1114 118.77 -42.83 136.39
CA GLU KB 1114 120.05 -42.62 137.08
C GLU KB 1114 119.94 -41.73 138.31
N LYS KB 1115 120.36 -42.19 139.50
CA LYS KB 1115 120.49 -41.34 140.69
C LYS KB 1115 121.72 -40.43 140.59
N VAL KB 1116 121.60 -39.40 139.74
CA VAL KB 1116 122.58 -38.37 139.39
C VAL KB 1116 123.14 -37.58 140.58
N LYS KB 1117 122.31 -37.24 141.57
CA LYS KB 1117 122.79 -36.96 142.93
C LYS KB 1117 122.54 -38.21 143.75
N SER KB 1118 123.58 -38.98 144.01
CA SER KB 1118 123.53 -40.23 144.81
C SER KB 1118 123.12 -40.04 146.28
N SER KB 1119 122.92 -38.80 146.71
CA SER KB 1119 123.11 -38.34 148.11
C SER KB 1119 122.29 -37.07 148.41
N GLY KB 1120 120.96 -37.23 148.53
CA GLY KB 1120 120.01 -36.11 148.49
C GLY KB 1120 119.83 -35.58 147.06
N THR KB 1121 119.51 -34.30 146.89
CA THR KB 1121 119.12 -33.76 145.56
C THR KB 1121 120.13 -32.76 144.99
N ASN KB 1122 120.22 -32.74 143.65
CA ASN KB 1122 120.60 -31.56 142.90
C ASN KB 1122 119.41 -30.57 142.86
N THR KB 1123 119.64 -29.27 143.08
CA THR KB 1123 118.62 -28.21 142.82
C THR KB 1123 118.74 -27.63 141.41
N LYS KB 1124 119.72 -28.04 140.60
CA LYS KB 1124 120.04 -27.40 139.33
C LYS KB 1124 120.82 -28.35 138.40
N LEU KB 1125 120.92 -28.03 137.09
CA LEU KB 1125 121.31 -29.01 136.06
C LEU KB 1125 121.71 -28.42 134.70
N GLN KB 1126 122.37 -29.22 133.86
CA GLN KB 1126 122.31 -29.10 132.40
C GLN KB 1126 122.33 -30.53 131.79
N VAL KB 1127 121.71 -30.79 130.63
CA VAL KB 1127 121.73 -32.12 129.93
C VAL KB 1127 122.00 -32.00 128.41
N ARG KB 1128 122.54 -33.06 127.79
CA ARG KB 1128 123.28 -32.97 126.51
C ARG KB 1128 123.35 -34.27 125.72
N LEU KB 1129 123.40 -34.14 124.40
CA LEU KB 1129 123.69 -35.20 123.43
C LEU KB 1129 124.96 -34.80 122.65
N ASP KB 1130 126.09 -35.46 122.84
CA ASP KB 1130 127.29 -35.19 122.04
C ASP KB 1130 127.27 -35.91 120.70
N LEU KB 1131 126.51 -35.34 119.75
CA LEU KB 1131 126.60 -35.74 118.37
C LEU KB 1131 128.04 -35.61 117.88
N SER KB 1132 128.57 -36.72 117.38
CA SER KB 1132 129.97 -36.85 116.99
C SER KB 1132 130.14 -37.99 116.00
N THR KB 1133 131.14 -37.88 115.14
CA THR KB 1133 131.42 -38.87 114.10
C THR KB 1133 132.88 -38.84 113.65
N GLU KB 1134 133.30 -39.95 113.05
CA GLU KB 1134 134.58 -40.14 112.39
C GLU KB 1134 134.69 -39.30 111.11
N ASN KB 1135 133.58 -39.17 110.36
CA ASN KB 1135 133.53 -38.52 109.05
C ASN KB 1135 132.19 -37.84 108.76
N SER KB 1136 132.18 -36.89 107.83
CA SER KB 1136 131.05 -35.97 107.61
C SER KB 1136 129.83 -36.63 106.96
N PHE KB 1137 129.80 -37.95 106.81
CA PHE KB 1137 128.79 -38.69 106.05
C PHE KB 1137 128.24 -39.89 106.84
N LEU KB 1138 128.99 -40.42 107.80
CA LEU KB 1138 128.43 -41.07 108.97
C LEU KB 1138 127.86 -39.92 109.82
N ARG KB 1139 126.56 -39.61 109.74
CA ARG KB 1139 125.97 -38.45 110.46
C ARG KB 1139 124.93 -38.92 111.52
N PRO KB 1140 125.17 -38.74 112.83
CA PRO KB 1140 124.25 -39.16 113.90
C PRO KB 1140 122.95 -38.34 113.85
N ARG KB 1141 121.79 -38.98 114.04
CA ARG KB 1141 120.46 -38.35 113.90
C ARG KB 1141 119.64 -38.51 115.17
N VAL KB 1142 118.92 -37.46 115.56
CA VAL KB 1142 118.37 -37.31 116.91
C VAL KB 1142 116.97 -36.71 116.91
N ARG KB 1143 116.12 -37.16 117.84
CA ARG KB 1143 114.78 -36.63 118.12
C ARG KB 1143 114.29 -37.04 119.51
N ARG KB 1144 113.09 -36.58 119.91
CA ARG KB 1144 112.32 -37.05 121.07
C ARG KB 1144 113.14 -37.21 122.37
N LEU KB 1145 113.71 -36.11 122.83
CA LEU KB 1145 114.36 -36.05 124.15
C LEU KB 1145 113.30 -35.99 125.27
N MET KB 1146 113.45 -36.80 126.31
CA MET KB 1146 112.43 -37.14 127.31
C MET KB 1146 113.07 -37.20 128.71
N VAL KB 1147 113.55 -36.08 129.24
CA VAL KB 1147 114.39 -36.08 130.45
C VAL KB 1147 113.59 -35.69 131.71
N THR KB 1148 112.94 -36.64 132.40
CA THR KB 1148 112.48 -36.36 133.77
C THR KB 1148 113.70 -36.24 134.66
N THR KB 1149 113.88 -35.08 135.25
CA THR KB 1149 114.55 -35.02 136.55
C THR KB 1149 113.60 -35.69 137.53
N ARG KB 1150 114.14 -36.35 138.53
CA ARG KB 1150 113.47 -37.32 139.38
C ARG KB 1150 114.02 -37.31 140.80
N ASP KB 1151 113.26 -37.80 141.76
CA ASP KB 1151 113.71 -37.83 143.14
C ASP KB 1151 113.24 -39.13 143.80
N GLU KB 1152 114.03 -40.18 143.55
CA GLU KB 1152 113.79 -41.58 143.87
C GLU KB 1152 115.05 -42.33 144.32
#